data_6Q1F
#
_entry.id   6Q1F
#
loop_
_entity.id
_entity.type
_entity.pdbx_description
1 polymer 'Major capsid protein'
2 polymer 'Large structural phosphoprotein'
3 polymer 'Small capsomere-interacting protein'
4 polymer 'Triplex capsid protein 1'
5 polymer 'Triplex capsid protein 2'
#
loop_
_entity_poly.entity_id
_entity_poly.type
_entity_poly.pdbx_seq_one_letter_code
_entity_poly.pdbx_strand_id
1 'polypeptide(L)'
;MENWQATEILPKIEAPLNIFNDIKTYTAEQLFDNLRIYFGDDPSRYNISFEALLGIYCNKIEWINFFTTPIAVAANVIRF
NDVSRMTLGKVLFFIQLPRVATGNDVTAPKETTIMVAKHSEKHPINISFDLSAACLEHLENTFKNTVIDQILNINALHTV
LRSLKNSADSLERGLIHAFMQTLLRKSPPQFIVLTMNENKVHNKQALSRVQRSNMFQSLKNRLLTSLFFLNRNNNSSYIY
RILNDMMESVTESILNDTNNYTSKENIPLDGVLLGPIGSIQKLTNILSQYISTQVVSAPISYGHFIMGKENAVTAIAYRA
IMADFTQFTVNAGTEQQDTNNKSEIFDKSRAYADLKLNTLKLGDKLVAFDHLHKVYKNTDVNDPLEQSLQLTFFFPLGIY
IPTETGFSTMETRVKLNDTMENNLPTSVFFHNKDQVVQRIDFADILPSVCHPIVHDSTIVERLMKNEPLPTGHRFSQLCQ
LKITRENPTRILQTLYNLYESRQEVPKNTNVLKNELNVEDFYKPDNPTLPTERHPFFDLTYIQKNRATEVLCTPRIMIGN
MPLPLAPISFHEARTNQMLEHAKTNSHNYDFTLKIVTESLTSGSYPELAYVIEILVHGNKHAFMILKQVISQCISYWFNM
KHILLFCNSFEMIMLISNHMGDELIPGAAFAHYRNLVSLIRLVKRTISISNINEQLCGEPLVNFANALFDGRLFCPFVHT
MPRNDTNAKITADDTPLTQNTVRVRNYEISDVQRMNLIDSSVVFTDNDRPSNENTILSKIFYFCVLPALSNNKACGAGVN
VKELVLDLFYTEPFICPDDCFQENPISSDVLMSLIREAMGPGYTVANTSSIAKQLFKSLIYINENTKILEVEVSLDPAQR
HGNSVHFQSLQHILYNGLCLISPITTLRRYYQPIPFHRFFSDPGICGTMNADIQVFLNTFPHYQRNDGGFPLPPPLALEF
YNWQRTPFSVYSAFCPNSLLSIMTLAAMHSKLSPVAIAIQSKSKIHPGFAATLVRTDNFDVECLLYSSRAATSIILDDPT
VTAEAKDIVTTYNFTQHLSFVDMGLGFSSTTATANLKRIKSDMGSKIQNLFSAFPIHAFTNTDINTWIRHHVGIEKPNPS
EGEALNIITFGGINKNPPSILLHGQQAICEVILTPVTTNINFFKLPHNPRGRESCMMGTDPHNEEAARKALYDHTQTDSD
TFAATTNPWASLPGSLGDILYNTAHREQLCYNPKTYSPNAQFFTESDILKTNKMMYKVINEYCMKSNSCLNSDSEIQYSC
SEGTDSFVSRPCQFLQNALPLHCSSNQALLESRSKTGNTQISETHYCNYAIGETIPLQLIIESSI
;
A,B,C,D,E,F,G,H,I,q,r,s,t,u,v,w
2 'polypeptide(L)'
;MDLKAQSIPFAWLDRDKVQRLTNFLSNLENLENVDLREHPYVTNSCVVREGEDVDELKTLYNTFILWLMYHYVLSKRKPD
YNAIWQDITKLQNVVNEYLKSKGLNKGNFENMFTNKEKFESQFSDIHRALLRLGNSIRWGSNVPIDTPYVNLTAEDSSEI
ENNLQDAEKNMLWYTVYNINDPWDENGYLVTSINKLVYLGKLFVTLNQSWSKLEKVAMSQIVTTQNHLSGHLRKNENFNA
VYSQRVLQTPLTGQRVESFLKIITSDYEIIKSSLESYSASKAFSVPENGPHSLMDFASLDGRMPSDLSLPSISIDTKRPS
ADLARLKISQPKSLDAPLKTQRRHKFPESDSVDNAGGKILIKKETLGGRDVRATTPVSSVSLMSGVEPLSSLTSTNLDLR
DKSHGNYRIGPSGILDFGVKLPAEAQSNTGDVDLLQDKTSIRSPSSGITDVVNGLANLNLRQNKSDVSRPWSKNTAANAD
VFDPVHRLVSEQTGTPFVLNNSDVAGSEAKLTTHSTETGVSPHNVSLIKDLRDKDGFRKQKKLDLLGSWTKEKNDKAIVH
SREVTGDSGDATETVTARDSPVLRKTKHANDIFAGLNKKYARDVSRGGKGNSRDLYSGGNAEKKETSGKFNVDKEMTQNE
QEPLPNLMEAARNAGEEQYVQAGLGQRVNKILAEFTNLISLGEKGIQDILHNQSGTELKLPTENKLGRESEEANVERILE
VSDPQNLFKNFKLQNDLDSVQSPFRLPNADLSRDLDSVSFKDALDVKLPGNGEREIDLALQKVKAGERETSDFKVGQDET
LIPTQLMKVETPEEKDDVIEKMVLRIRQDGETDEETVPGPGVAESLGIAAKDKSVIAS
;
e,f,g,h,i,j,k,l,m,n,o,p
3 'polypeptide(L)'
;MTTIRGDDLSNQITQISGSSSKKEEEKKKQQMLTGVLGLQPTMANHPVLGVFLPKYAKQNGGNVDKTAFRLDLIRMLALH
RLNTKTGSD
;
J,K,L,M,N,O,P,Q,R,x,y,z,1,2,3,4
4 'polypeptide(L)'
;MNSKSSARAAIVDTVEAVKKRKYISIEAGTLNNVVEKERKFLKQFLSGRENLRIAARVFTPCELLAPELENLGMLMYRFE
TDVDNPKILFVGLFFLCSNAFNVSACVRTALTTMYTNSMVDNVLSMINTCKYLEDKVSLFGVTSLVSCGSSCLLSCVMQG
NVYDANKENIHGLTVLKEIFLEPDWEPRQHSTQYVYVVHVYKEVLSKLQYGIYVVLTSFQNEDLVVDILRQYFEKERFLF
LNYLINSNTTLSYFGSVQRIGRCATEDIKSGFLQYRGITLPVIKLENIFVDLSEKKVFV
;
5,S,T,U,V
5 'polypeptide(L)'
;METVYCTFDHKLSLSDISTLCKLMNIVIPIPAHHHLIGSGNLGLYPIVSSNKDYVHIRNVLRTMVVTILQKVEGNQLVLR
KPMTGQQYAIKNTGPFPWEKGDTLTLIPPLSTHSEEKLLKLGDWELTVPLVVPTAIAAEINIRLLCIGLIAVHREYNEMQ
TIIDELCSIQYRDVLIKLPDIVNDKQSMYSMKTACISLSMITAMAPDIVRTYIDRLTLEDHSMLLIKCQELLSKRTTLST
QRCGQLHATDIKDELKKIKSVLTMIDQINSLTNEKTYFVVCDVSADNRMATCIYKN
;
6,W,X,Y,Z,7,a,b,c,d
#
# COMPACT_ATOMS: atom_id res chain seq x y z
N GLU A 2 59.43 135.73 -28.03
CA GLU A 2 60.03 137.06 -27.94
C GLU A 2 60.52 137.32 -26.52
N ASN A 3 61.79 137.06 -26.26
CA ASN A 3 62.34 137.33 -24.94
C ASN A 3 63.47 138.36 -25.02
N TRP A 4 63.13 139.56 -24.57
CA TRP A 4 64.09 140.64 -24.62
C TRP A 4 65.20 140.43 -23.60
N GLN A 5 65.00 139.57 -22.59
CA GLN A 5 66.13 139.23 -21.71
C GLN A 5 67.19 138.46 -22.48
N ALA A 6 66.79 137.63 -23.43
CA ALA A 6 67.77 137.00 -24.31
C ALA A 6 68.42 138.04 -25.19
N THR A 7 67.61 138.99 -25.70
CA THR A 7 68.13 140.06 -26.53
C THR A 7 69.17 140.91 -25.80
N GLU A 8 68.96 141.14 -24.52
CA GLU A 8 69.83 142.01 -23.74
C GLU A 8 71.08 141.28 -23.28
N ILE A 9 70.94 140.06 -22.79
CA ILE A 9 72.07 139.38 -22.19
C ILE A 9 73.02 138.86 -23.25
N LEU A 10 72.49 138.28 -24.34
CA LEU A 10 73.32 137.56 -25.29
C LEU A 10 74.25 138.51 -26.05
N PRO A 11 75.46 138.05 -26.40
CA PRO A 11 76.46 138.96 -26.95
C PRO A 11 76.10 139.40 -28.36
N LYS A 12 76.44 140.65 -28.66
CA LYS A 12 75.85 141.40 -29.77
C LYS A 12 76.94 141.84 -30.74
N ILE A 13 76.49 142.34 -31.89
CA ILE A 13 77.38 142.75 -32.97
C ILE A 13 77.12 144.23 -33.22
N GLU A 14 78.13 145.06 -33.00
CA GLU A 14 77.98 146.48 -33.22
C GLU A 14 77.90 146.79 -34.70
N ALA A 15 77.31 147.94 -35.02
CA ALA A 15 77.14 148.33 -36.40
C ALA A 15 77.21 149.85 -36.51
N PRO A 16 77.96 150.38 -37.48
CA PRO A 16 78.14 151.84 -37.56
C PRO A 16 77.01 152.54 -38.31
N LEU A 17 76.39 153.51 -37.63
CA LEU A 17 75.54 154.55 -38.22
C LEU A 17 74.27 153.99 -38.86
N ASN A 18 73.70 152.97 -38.23
CA ASN A 18 72.41 152.46 -38.69
C ASN A 18 71.26 153.36 -38.26
N ILE A 19 71.43 154.10 -37.18
CA ILE A 19 70.38 154.99 -36.66
C ILE A 19 70.92 156.41 -36.79
N PHE A 20 70.72 156.97 -37.98
CA PHE A 20 71.30 158.26 -38.28
C PHE A 20 70.36 159.39 -37.86
N ASN A 21 69.06 159.14 -37.94
CA ASN A 21 68.04 160.06 -37.48
C ASN A 21 67.77 159.86 -36.00
N ASP A 22 66.78 160.60 -35.50
CA ASP A 22 66.37 160.43 -34.13
C ASP A 22 65.66 159.10 -33.95
N ILE A 23 66.12 158.34 -32.96
CA ILE A 23 65.38 157.15 -32.57
C ILE A 23 64.20 157.52 -31.71
N LYS A 24 64.22 158.70 -31.08
CA LYS A 24 63.11 159.06 -30.21
C LYS A 24 61.88 159.47 -31.00
N THR A 25 62.05 160.12 -32.16
CA THR A 25 60.90 160.41 -32.99
C THR A 25 60.37 159.14 -33.64
N TYR A 26 61.25 158.18 -33.94
CA TYR A 26 60.81 156.89 -34.44
C TYR A 26 59.97 156.15 -33.41
N THR A 27 60.48 156.07 -32.19
CA THR A 27 59.79 155.37 -31.12
C THR A 27 58.50 156.08 -30.74
N ALA A 28 58.49 157.42 -30.84
CA ALA A 28 57.30 158.17 -30.52
C ALA A 28 56.23 158.03 -31.59
N GLU A 29 56.62 158.09 -32.86
CA GLU A 29 55.66 158.05 -33.94
C GLU A 29 55.36 156.64 -34.41
N GLN A 30 55.94 155.63 -33.75
CA GLN A 30 55.60 154.22 -33.92
C GLN A 30 55.81 153.76 -35.37
N LEU A 31 57.07 153.82 -35.78
CA LEU A 31 57.46 153.23 -37.04
C LEU A 31 57.70 151.73 -36.93
N PHE A 32 57.83 151.20 -35.73
CA PHE A 32 58.10 149.79 -35.56
C PHE A 32 56.86 149.09 -35.05
N ASP A 33 56.87 147.76 -35.10
CA ASP A 33 55.83 146.96 -34.48
C ASP A 33 56.29 146.42 -33.13
N ASN A 34 57.49 145.87 -33.08
CA ASN A 34 58.00 145.22 -31.89
C ASN A 34 59.12 146.07 -31.33
N LEU A 35 58.79 146.92 -30.37
CA LEU A 35 59.79 147.64 -29.62
C LEU A 35 59.42 147.61 -28.16
N ARG A 36 60.42 147.44 -27.31
CA ARG A 36 60.25 147.54 -25.88
C ARG A 36 61.36 148.44 -25.37
N ILE A 37 60.99 149.56 -24.79
CA ILE A 37 61.95 150.53 -24.27
C ILE A 37 61.66 150.76 -22.79
N TYR A 38 62.73 150.82 -22.01
CA TYR A 38 62.63 151.04 -20.59
C TYR A 38 63.69 152.05 -20.17
N PHE A 39 63.31 152.97 -19.31
CA PHE A 39 64.14 154.14 -19.08
C PHE A 39 65.21 153.90 -18.04
N GLY A 40 64.81 153.59 -16.82
CA GLY A 40 65.76 153.26 -15.77
C GLY A 40 66.11 151.80 -15.98
N ASP A 41 67.21 151.36 -15.39
CA ASP A 41 67.64 149.98 -15.59
C ASP A 41 66.65 149.02 -14.93
N ASP A 42 66.28 147.98 -15.68
CA ASP A 42 65.17 147.12 -15.35
C ASP A 42 65.69 145.80 -14.85
N PRO A 43 65.30 145.33 -13.67
CA PRO A 43 65.70 143.99 -13.22
C PRO A 43 64.97 142.86 -13.91
N SER A 44 64.18 143.11 -14.96
CA SER A 44 63.44 142.06 -15.64
C SER A 44 64.36 141.09 -16.38
N ARG A 45 65.58 141.47 -16.63
CA ARG A 45 66.53 140.58 -17.27
C ARG A 45 67.30 139.75 -16.34
N TYR A 46 67.09 139.62 -15.03
CA TYR A 46 67.96 138.78 -14.23
C TYR A 46 67.27 137.56 -13.67
N ASN A 47 65.97 137.41 -13.84
CA ASN A 47 65.29 136.18 -13.47
C ASN A 47 65.31 135.22 -14.66
N ILE A 48 66.16 134.21 -14.56
CA ILE A 48 66.28 133.21 -15.61
C ILE A 48 65.65 131.96 -15.06
N SER A 49 64.47 131.65 -15.55
CA SER A 49 63.69 130.51 -15.10
C SER A 49 63.53 129.59 -16.28
N PHE A 50 63.86 128.32 -16.10
CA PHE A 50 63.83 127.39 -17.20
C PHE A 50 63.04 126.14 -16.87
N GLU A 51 62.40 125.63 -17.89
CA GLU A 51 61.64 124.39 -17.85
C GLU A 51 62.57 123.27 -18.27
N ALA A 52 62.69 122.24 -17.44
CA ALA A 52 63.77 121.28 -17.56
C ALA A 52 63.26 119.98 -18.13
N LEU A 53 63.43 119.78 -19.43
CA LEU A 53 63.14 118.51 -20.05
C LEU A 53 64.31 117.57 -19.79
N LEU A 54 64.05 116.52 -19.04
CA LEU A 54 65.03 115.51 -18.70
C LEU A 54 64.99 114.45 -19.81
N GLY A 55 65.51 113.26 -19.55
CA GLY A 55 65.58 112.25 -20.59
C GLY A 55 64.20 111.80 -21.05
N ILE A 56 64.14 111.32 -22.29
CA ILE A 56 62.97 110.69 -22.85
C ILE A 56 63.17 109.19 -22.73
N TYR A 57 62.18 108.47 -22.21
CA TYR A 57 62.27 107.03 -22.13
C TYR A 57 61.24 106.37 -23.02
N CYS A 58 61.60 105.23 -23.58
CA CYS A 58 60.70 104.46 -24.43
C CYS A 58 60.44 103.12 -23.78
N ASN A 59 59.89 102.20 -24.55
CA ASN A 59 59.60 100.86 -24.07
C ASN A 59 60.45 99.84 -24.80
N LYS A 60 60.60 98.67 -24.19
CA LYS A 60 61.45 97.61 -24.73
C LYS A 60 60.69 96.32 -25.00
N ILE A 61 59.57 96.43 -25.75
CA ILE A 61 58.51 95.42 -25.88
C ILE A 61 59.05 94.03 -26.21
N GLU A 62 58.69 93.05 -25.39
CA GLU A 62 59.27 91.71 -25.49
C GLU A 62 58.65 90.95 -26.65
N TRP A 63 59.49 90.17 -27.33
CA TRP A 63 59.10 89.50 -28.57
C TRP A 63 58.74 88.07 -28.26
N ILE A 64 57.77 87.53 -28.99
CA ILE A 64 57.24 86.20 -28.72
C ILE A 64 57.44 85.34 -29.95
N ASN A 65 58.25 84.30 -29.81
CA ASN A 65 58.26 83.25 -30.80
C ASN A 65 57.25 82.20 -30.40
N PHE A 66 56.72 81.51 -31.40
CA PHE A 66 55.72 80.49 -31.12
C PHE A 66 56.35 79.29 -30.43
N PHE A 67 57.57 78.93 -30.83
CA PHE A 67 58.17 77.72 -30.31
C PHE A 67 58.79 77.91 -28.95
N THR A 68 58.77 79.12 -28.40
CA THR A 68 59.26 79.31 -27.05
C THR A 68 58.14 79.13 -26.04
N THR A 69 56.93 79.59 -26.36
CA THR A 69 55.81 79.45 -25.45
C THR A 69 55.35 78.01 -25.40
N PRO A 70 54.85 77.56 -24.24
CA PRO A 70 54.50 76.14 -24.10
C PRO A 70 53.16 75.73 -24.68
N ILE A 71 52.59 76.50 -25.60
CA ILE A 71 51.47 75.99 -26.37
C ILE A 71 51.99 75.18 -27.57
N ALA A 72 53.25 75.37 -27.94
CA ALA A 72 53.78 74.71 -29.11
C ALA A 72 54.04 73.23 -28.88
N VAL A 73 53.98 72.78 -27.63
CA VAL A 73 54.03 71.34 -27.38
C VAL A 73 52.68 70.72 -27.69
N ALA A 74 51.60 71.50 -27.59
CA ALA A 74 50.34 71.03 -28.13
C ALA A 74 50.31 71.15 -29.64
N ALA A 75 51.10 72.06 -30.20
CA ALA A 75 51.05 72.25 -31.64
C ALA A 75 51.94 71.26 -32.39
N ASN A 76 51.86 71.33 -33.74
CA ASN A 76 52.79 70.65 -34.64
C ASN A 76 52.72 71.40 -35.97
N VAL A 77 53.71 72.26 -36.23
CA VAL A 77 53.53 73.34 -37.21
C VAL A 77 54.40 73.12 -38.44
N ILE A 78 53.78 73.16 -39.62
CA ILE A 78 54.43 72.94 -40.90
C ILE A 78 53.93 73.97 -41.90
N ARG A 79 54.85 74.66 -42.60
CA ARG A 79 54.45 75.51 -43.72
C ARG A 79 53.95 74.70 -44.90
N PHE A 80 52.91 75.22 -45.55
CA PHE A 80 52.49 74.76 -46.86
C PHE A 80 52.01 75.98 -47.63
N ASN A 81 52.77 76.39 -48.64
CA ASN A 81 52.62 77.74 -49.22
C ASN A 81 51.36 77.92 -50.07
N ASP A 82 50.48 76.92 -50.17
CA ASP A 82 49.32 76.96 -51.06
C ASP A 82 48.05 76.56 -50.32
N VAL A 83 48.03 76.80 -49.01
CA VAL A 83 46.86 76.50 -48.21
C VAL A 83 45.76 77.51 -48.46
N SER A 84 46.09 78.68 -49.01
CA SER A 84 45.05 79.59 -49.46
C SER A 84 44.32 79.00 -50.65
N ARG A 85 45.03 78.29 -51.51
CA ARG A 85 44.40 77.55 -52.59
C ARG A 85 43.86 76.21 -52.12
N MET A 86 44.12 75.82 -50.88
CA MET A 86 43.47 74.63 -50.32
C MET A 86 42.07 74.98 -49.83
N THR A 87 41.08 74.23 -50.31
CA THR A 87 39.74 74.35 -49.72
C THR A 87 39.66 73.54 -48.44
N LEU A 88 39.62 72.21 -48.57
CA LEU A 88 39.53 71.32 -47.43
C LEU A 88 40.67 70.34 -47.49
N GLY A 89 41.10 69.95 -46.29
CA GLY A 89 42.06 68.91 -46.11
C GLY A 89 41.47 67.87 -45.21
N LYS A 90 41.75 66.60 -45.51
CA LYS A 90 41.22 65.55 -44.66
C LYS A 90 42.29 64.49 -44.47
N VAL A 91 42.24 63.86 -43.32
CA VAL A 91 43.07 62.71 -43.01
C VAL A 91 42.17 61.50 -42.87
N LEU A 92 42.68 60.33 -43.26
CA LEU A 92 41.84 59.15 -43.28
C LEU A 92 42.40 58.11 -42.34
N PHE A 93 41.59 57.75 -41.38
CA PHE A 93 41.92 56.78 -40.35
C PHE A 93 41.30 55.46 -40.76
N PHE A 94 42.00 54.39 -40.46
CA PHE A 94 41.51 53.04 -40.71
C PHE A 94 41.54 52.31 -39.38
N ILE A 95 40.39 52.24 -38.71
CA ILE A 95 40.31 51.62 -37.40
C ILE A 95 39.68 50.24 -37.51
N GLN A 96 40.36 49.23 -36.99
CA GLN A 96 39.77 47.92 -36.84
C GLN A 96 39.99 47.33 -35.46
N LEU A 97 39.02 46.51 -35.06
CA LEU A 97 38.83 46.10 -33.69
C LEU A 97 39.11 44.61 -33.58
N PRO A 98 39.58 44.13 -32.44
CA PRO A 98 39.60 42.69 -32.22
C PRO A 98 38.26 42.19 -31.71
N ARG A 99 38.02 40.92 -31.93
CA ARG A 99 36.81 40.29 -31.46
C ARG A 99 37.11 39.33 -30.31
N VAL A 100 36.09 38.57 -29.96
CA VAL A 100 36.17 37.57 -28.92
C VAL A 100 35.18 36.47 -29.26
N ALA A 101 35.60 35.23 -29.13
CA ALA A 101 34.73 34.13 -29.48
C ALA A 101 33.72 33.86 -28.41
N THR A 102 32.44 33.95 -28.79
CA THR A 102 31.45 33.54 -27.83
C THR A 102 31.27 32.04 -27.88
N GLY A 103 31.01 31.48 -26.72
CA GLY A 103 30.76 30.06 -26.64
C GLY A 103 29.39 29.69 -27.04
N ASN A 104 28.89 28.72 -26.29
CA ASN A 104 27.61 28.10 -26.49
C ASN A 104 26.46 29.10 -26.39
N ASP A 105 25.48 28.93 -27.29
CA ASP A 105 24.18 29.60 -27.33
C ASP A 105 24.24 31.07 -27.70
N VAL A 106 25.42 31.68 -27.83
CA VAL A 106 25.49 33.12 -28.07
C VAL A 106 26.10 33.33 -29.44
N THR A 107 25.47 34.19 -30.23
CA THR A 107 25.82 34.35 -31.63
C THR A 107 27.21 34.97 -31.82
N ALA A 108 27.98 34.42 -32.76
CA ALA A 108 29.37 34.84 -32.99
C ALA A 108 29.39 36.26 -33.52
N PRO A 109 30.39 37.05 -33.17
CA PRO A 109 30.49 38.43 -33.69
C PRO A 109 30.82 38.48 -35.16
N LYS A 110 30.19 39.42 -35.85
CA LYS A 110 30.61 39.69 -37.22
C LYS A 110 31.81 40.62 -37.24
N GLU A 111 32.46 40.68 -38.38
CA GLU A 111 33.72 41.41 -38.52
C GLU A 111 33.48 42.90 -38.72
N THR A 112 34.29 43.73 -38.07
CA THR A 112 34.07 45.18 -37.99
C THR A 112 35.19 45.92 -38.69
N THR A 113 34.84 46.77 -39.65
CA THR A 113 35.79 47.69 -40.30
C THR A 113 35.23 49.10 -40.19
N ILE A 114 35.98 49.98 -39.54
CA ILE A 114 35.55 51.34 -39.29
C ILE A 114 36.48 52.27 -40.04
N MET A 115 35.89 53.13 -40.86
CA MET A 115 36.61 54.16 -41.60
C MET A 115 36.02 55.50 -41.23
N VAL A 116 36.80 56.35 -40.58
CA VAL A 116 36.36 57.70 -40.29
C VAL A 116 37.31 58.66 -40.98
N ALA A 117 36.91 59.94 -41.04
CA ALA A 117 37.71 60.95 -41.70
C ALA A 117 37.41 62.29 -41.06
N LYS A 118 38.34 62.81 -40.27
CA LYS A 118 38.24 64.16 -39.77
C LYS A 118 38.62 65.13 -40.88
N HIS A 119 38.08 66.34 -40.82
CA HIS A 119 38.39 67.37 -41.81
C HIS A 119 39.31 68.42 -41.20
N SER A 120 39.65 69.41 -42.01
CA SER A 120 40.48 70.53 -41.60
C SER A 120 39.60 71.75 -41.41
N GLU A 121 39.69 72.34 -40.23
CA GLU A 121 39.14 73.67 -40.08
C GLU A 121 40.13 74.65 -40.70
N LYS A 122 39.64 75.79 -41.18
CA LYS A 122 40.57 76.77 -41.72
C LYS A 122 40.24 78.14 -41.17
N HIS A 123 41.25 78.97 -41.07
CA HIS A 123 41.16 80.17 -40.25
C HIS A 123 42.22 81.17 -40.68
N PRO A 124 41.87 82.28 -41.30
CA PRO A 124 42.88 83.27 -41.67
C PRO A 124 43.02 84.33 -40.61
N ILE A 125 44.17 85.00 -40.62
CA ILE A 125 44.46 86.09 -39.69
C ILE A 125 45.06 87.24 -40.47
N ASN A 126 44.95 88.44 -39.88
CA ASN A 126 45.46 89.63 -40.55
C ASN A 126 45.79 90.73 -39.55
N ILE A 127 46.74 91.56 -39.94
CA ILE A 127 47.17 92.73 -39.20
C ILE A 127 47.42 93.87 -40.16
N SER A 128 46.79 95.00 -39.91
CA SER A 128 47.00 96.20 -40.71
C SER A 128 47.75 97.25 -39.91
N PHE A 129 48.57 98.02 -40.60
CA PHE A 129 49.16 99.21 -40.01
C PHE A 129 49.29 100.26 -41.10
N ASP A 130 49.24 101.53 -40.72
CA ASP A 130 49.08 102.61 -41.69
C ASP A 130 50.25 103.60 -41.66
N LEU A 131 50.42 104.30 -42.77
CA LEU A 131 51.42 105.35 -42.88
C LEU A 131 50.79 106.64 -43.33
N SER A 132 51.11 107.73 -42.65
CA SER A 132 50.50 108.99 -43.01
C SER A 132 51.13 109.53 -44.28
N ALA A 133 50.47 110.53 -44.88
CA ALA A 133 50.96 111.07 -46.14
C ALA A 133 52.24 111.86 -45.95
N ALA A 134 52.42 112.48 -44.78
CA ALA A 134 53.63 113.26 -44.54
C ALA A 134 54.82 112.35 -44.32
N CYS A 135 54.64 111.33 -43.49
CA CYS A 135 55.67 110.31 -43.30
C CYS A 135 55.97 109.60 -44.60
N LEU A 136 54.95 109.43 -45.45
CA LEU A 136 55.14 108.81 -46.75
C LEU A 136 55.90 109.72 -47.71
N GLU A 137 55.73 111.05 -47.61
CA GLU A 137 56.59 111.92 -48.41
C GLU A 137 58.03 111.88 -47.93
N HIS A 138 58.24 112.08 -46.64
CA HIS A 138 59.61 112.21 -46.16
C HIS A 138 60.32 110.88 -46.03
N LEU A 139 59.66 109.74 -46.33
CA LEU A 139 60.37 108.48 -46.54
C LEU A 139 61.49 108.65 -47.54
N GLU A 140 61.20 109.21 -48.66
CA GLU A 140 62.11 108.84 -49.73
C GLU A 140 62.80 109.98 -50.45
N ASN A 141 62.11 111.04 -50.82
CA ASN A 141 62.83 112.11 -51.51
C ASN A 141 63.28 113.14 -50.49
N THR A 142 64.55 113.03 -50.09
CA THR A 142 65.20 114.12 -49.40
C THR A 142 65.27 115.33 -50.34
N PHE A 143 64.62 116.42 -49.96
CA PHE A 143 64.43 117.50 -50.92
C PHE A 143 65.69 118.32 -51.07
N LYS A 144 66.05 119.02 -50.01
CA LYS A 144 67.36 119.64 -49.88
C LYS A 144 68.13 118.70 -48.97
N ASN A 145 69.39 118.96 -48.76
CA ASN A 145 70.14 118.16 -47.80
C ASN A 145 70.31 118.96 -46.51
N THR A 146 69.18 119.26 -45.88
CA THR A 146 69.22 119.95 -44.61
C THR A 146 69.22 118.93 -43.49
N VAL A 147 69.67 119.38 -42.32
CA VAL A 147 69.63 118.57 -41.12
C VAL A 147 68.18 118.28 -40.74
N ILE A 148 67.28 119.23 -41.01
CA ILE A 148 65.85 119.03 -40.79
C ILE A 148 65.34 117.89 -41.66
N ASP A 149 65.74 117.87 -42.93
CA ASP A 149 65.26 116.86 -43.84
C ASP A 149 65.85 115.50 -43.52
N GLN A 150 67.10 115.45 -43.05
CA GLN A 150 67.68 114.17 -42.68
C GLN A 150 67.04 113.63 -41.39
N ILE A 151 66.75 114.51 -40.43
CA ILE A 151 66.03 114.11 -39.22
C ILE A 151 64.68 113.49 -39.55
N LEU A 152 63.93 114.15 -40.44
CA LEU A 152 62.61 113.62 -40.78
C LEU A 152 62.71 112.35 -41.62
N ASN A 153 63.72 112.24 -42.48
CA ASN A 153 63.97 111.01 -43.23
C ASN A 153 64.24 109.83 -42.28
N ILE A 154 65.08 110.04 -41.27
CA ILE A 154 65.43 108.91 -40.43
C ILE A 154 64.32 108.56 -39.45
N ASN A 155 63.61 109.56 -38.91
CA ASN A 155 62.43 109.25 -38.08
C ASN A 155 61.36 108.55 -38.89
N ALA A 156 61.21 108.88 -40.19
CA ALA A 156 60.24 108.20 -41.02
C ALA A 156 60.62 106.75 -41.25
N LEU A 157 61.89 106.51 -41.56
CA LEU A 157 62.37 105.16 -41.81
C LEU A 157 62.28 104.29 -40.57
N HIS A 158 62.64 104.84 -39.41
CA HIS A 158 62.58 104.06 -38.18
C HIS A 158 61.15 103.80 -37.74
N THR A 159 60.24 104.73 -38.02
CA THR A 159 58.81 104.47 -37.82
C THR A 159 58.35 103.29 -38.66
N VAL A 160 58.80 103.23 -39.91
CA VAL A 160 58.40 102.13 -40.79
C VAL A 160 58.94 100.79 -40.30
N LEU A 161 60.23 100.76 -39.93
CA LEU A 161 60.85 99.50 -39.46
C LEU A 161 60.25 99.03 -38.15
N ARG A 162 59.96 99.95 -37.24
CA ARG A 162 59.45 99.54 -35.94
C ARG A 162 57.99 99.13 -36.03
N SER A 163 57.23 99.72 -36.95
CA SER A 163 55.89 99.21 -37.21
C SER A 163 55.93 97.84 -37.86
N LEU A 164 56.95 97.55 -38.67
CA LEU A 164 57.04 96.19 -39.22
C LEU A 164 57.36 95.16 -38.15
N LYS A 165 58.25 95.50 -37.23
CA LYS A 165 58.55 94.59 -36.13
C LYS A 165 57.32 94.33 -35.27
N ASN A 166 56.54 95.38 -35.00
CA ASN A 166 55.30 95.22 -34.24
C ASN A 166 54.30 94.36 -35.00
N SER A 167 54.25 94.47 -36.33
CA SER A 167 53.31 93.67 -37.10
C SER A 167 53.69 92.19 -37.11
N ALA A 168 54.99 91.87 -37.19
CA ALA A 168 55.40 90.47 -37.15
C ALA A 168 55.15 89.86 -35.76
N ASP A 169 55.41 90.65 -34.72
CA ASP A 169 55.06 90.24 -33.36
C ASP A 169 53.55 89.97 -33.23
N SER A 170 52.74 90.80 -33.87
CA SER A 170 51.30 90.61 -33.78
C SER A 170 50.84 89.38 -34.54
N LEU A 171 51.54 89.01 -35.61
CA LEU A 171 51.19 87.75 -36.29
C LEU A 171 51.52 86.54 -35.43
N GLU A 172 52.65 86.57 -34.72
CA GLU A 172 52.98 85.45 -33.85
C GLU A 172 51.98 85.32 -32.70
N ARG A 173 51.61 86.45 -32.10
CA ARG A 173 50.62 86.39 -31.03
C ARG A 173 49.24 86.04 -31.54
N GLY A 174 48.94 86.37 -32.80
CA GLY A 174 47.70 85.93 -33.39
C GLY A 174 47.65 84.44 -33.62
N LEU A 175 48.79 83.84 -33.94
CA LEU A 175 48.87 82.38 -34.02
C LEU A 175 48.57 81.74 -32.68
N ILE A 176 49.18 82.28 -31.60
CA ILE A 176 48.90 81.84 -30.24
C ILE A 176 47.40 81.89 -29.95
N HIS A 177 46.80 83.04 -30.25
CA HIS A 177 45.41 83.27 -29.85
C HIS A 177 44.43 82.42 -30.66
N ALA A 178 44.67 82.28 -31.97
CA ALA A 178 43.74 81.52 -32.79
C ALA A 178 43.82 80.04 -32.47
N PHE A 179 45.03 79.54 -32.19
CA PHE A 179 45.16 78.15 -31.82
C PHE A 179 44.50 77.87 -30.47
N MET A 180 44.60 78.82 -29.53
CA MET A 180 43.93 78.65 -28.25
C MET A 180 42.41 78.69 -28.41
N GLN A 181 41.93 79.54 -29.33
CA GLN A 181 40.50 79.62 -29.66
C GLN A 181 39.98 78.28 -30.16
N THR A 182 40.73 77.65 -31.06
CA THR A 182 40.27 76.40 -31.65
C THR A 182 40.33 75.25 -30.65
N LEU A 183 41.35 75.22 -29.79
CA LEU A 183 41.36 74.20 -28.75
C LEU A 183 40.20 74.36 -27.78
N LEU A 184 39.84 75.60 -27.44
CA LEU A 184 38.69 75.77 -26.55
C LEU A 184 37.38 75.42 -27.24
N ARG A 185 37.29 75.56 -28.56
CA ARG A 185 36.09 75.03 -29.20
C ARG A 185 36.11 73.50 -29.28
N LYS A 186 37.28 72.89 -29.27
CA LYS A 186 37.31 71.43 -29.28
C LYS A 186 37.00 70.83 -27.91
N SER A 187 37.53 71.42 -26.85
CA SER A 187 37.61 70.75 -25.54
C SER A 187 36.26 70.64 -24.84
N PRO A 188 35.77 69.43 -24.58
CA PRO A 188 34.58 69.30 -23.77
C PRO A 188 34.92 69.39 -22.30
N PRO A 189 33.99 69.82 -21.46
CA PRO A 189 34.30 69.99 -20.04
C PRO A 189 34.39 68.67 -19.30
N GLN A 190 35.00 68.76 -18.11
CA GLN A 190 35.56 67.60 -17.44
C GLN A 190 34.49 66.66 -16.91
N PHE A 191 33.34 67.19 -16.51
CA PHE A 191 32.30 66.31 -15.98
C PHE A 191 31.69 65.45 -17.08
N ILE A 192 31.55 65.99 -18.28
CA ILE A 192 31.15 65.20 -19.43
C ILE A 192 32.21 64.18 -19.79
N VAL A 193 33.49 64.59 -19.75
CA VAL A 193 34.57 63.68 -20.16
C VAL A 193 34.68 62.51 -19.20
N LEU A 194 34.58 62.76 -17.90
CA LEU A 194 34.64 61.66 -16.95
C LEU A 194 33.39 60.83 -16.96
N THR A 195 32.24 61.41 -17.32
CA THR A 195 31.03 60.61 -17.29
C THR A 195 30.94 59.65 -18.47
N MET A 196 31.42 60.06 -19.65
CA MET A 196 31.39 59.16 -20.81
C MET A 196 32.33 57.97 -20.62
N ASN A 197 33.50 58.23 -20.05
CA ASN A 197 34.52 57.19 -19.88
C ASN A 197 34.05 56.12 -18.91
N GLU A 198 33.24 56.49 -17.93
CA GLU A 198 32.65 55.49 -17.06
C GLU A 198 31.47 54.80 -17.75
N ASN A 199 30.62 55.58 -18.39
CA ASN A 199 29.46 55.02 -19.11
C ASN A 199 29.78 54.75 -20.58
N LYS A 200 30.85 54.00 -20.82
CA LYS A 200 31.11 53.46 -22.15
C LYS A 200 29.95 52.60 -22.65
N VAL A 201 29.81 52.57 -23.96
CA VAL A 201 28.67 51.93 -24.61
C VAL A 201 28.87 50.43 -24.69
N HIS A 202 27.80 49.69 -24.44
CA HIS A 202 27.75 48.24 -24.74
C HIS A 202 27.65 48.03 -26.24
N ASN A 203 28.51 47.18 -26.77
CA ASN A 203 28.68 47.18 -28.23
C ASN A 203 27.65 46.31 -28.97
N LYS A 204 26.77 45.57 -28.28
CA LYS A 204 25.72 44.87 -29.00
C LYS A 204 24.69 45.82 -29.59
N GLN A 205 24.53 46.99 -28.99
CA GLN A 205 23.45 47.86 -29.44
C GLN A 205 23.98 49.27 -29.67
N ALA A 206 23.02 50.16 -29.86
CA ALA A 206 23.21 51.57 -29.58
C ALA A 206 23.21 51.78 -28.05
N LEU A 207 23.57 52.99 -27.62
CA LEU A 207 23.67 53.23 -26.20
C LEU A 207 22.28 53.26 -25.56
N SER A 208 22.12 52.50 -24.48
CA SER A 208 20.81 52.11 -23.98
C SER A 208 20.15 53.26 -23.22
N ARG A 209 18.82 53.15 -23.10
CA ARG A 209 18.05 54.24 -22.49
C ARG A 209 18.33 54.33 -21.00
N VAL A 210 18.39 53.17 -20.32
CA VAL A 210 18.70 53.15 -18.89
C VAL A 210 20.11 53.66 -18.65
N GLN A 211 21.03 53.29 -19.54
CA GLN A 211 22.41 53.76 -19.50
C GLN A 211 22.49 55.26 -19.55
N ARG A 212 21.82 55.87 -20.51
CA ARG A 212 22.00 57.30 -20.65
C ARG A 212 21.21 58.08 -19.61
N SER A 213 20.12 57.51 -19.08
CA SER A 213 19.42 58.21 -18.00
C SER A 213 20.26 58.22 -16.74
N ASN A 214 20.90 57.09 -16.40
CA ASN A 214 21.85 57.09 -15.29
C ASN A 214 23.03 58.00 -15.56
N MET A 215 23.45 58.09 -16.82
CA MET A 215 24.57 58.95 -17.21
C MET A 215 24.23 60.40 -16.97
N PHE A 216 22.97 60.76 -17.21
CA PHE A 216 22.48 62.10 -16.91
C PHE A 216 22.50 62.41 -15.43
N GLN A 217 22.05 61.46 -14.62
CA GLN A 217 22.05 61.71 -13.18
C GLN A 217 23.47 61.85 -12.64
N SER A 218 24.38 61.05 -13.19
CA SER A 218 25.78 61.20 -12.84
C SER A 218 26.34 62.53 -13.30
N LEU A 219 25.86 63.06 -14.43
CA LEU A 219 26.31 64.38 -14.87
C LEU A 219 25.89 65.46 -13.90
N LYS A 220 24.66 65.39 -13.39
CA LYS A 220 24.22 66.33 -12.36
C LYS A 220 25.14 66.28 -11.14
N ASN A 221 25.45 65.07 -10.69
CA ASN A 221 26.22 64.94 -9.46
C ASN A 221 27.67 65.39 -9.64
N ARG A 222 28.28 65.05 -10.77
CA ARG A 222 29.62 65.55 -11.10
C ARG A 222 29.65 67.07 -11.17
N LEU A 223 28.61 67.65 -11.76
CA LEU A 223 28.55 69.11 -11.89
C LEU A 223 28.45 69.78 -10.53
N LEU A 224 27.54 69.31 -9.69
CA LEU A 224 27.35 69.98 -8.41
C LEU A 224 28.46 69.71 -7.41
N THR A 225 29.27 68.67 -7.60
CA THR A 225 30.39 68.48 -6.69
C THR A 225 31.67 69.15 -7.19
N SER A 226 32.04 68.90 -8.44
CA SER A 226 33.35 69.33 -8.93
C SER A 226 33.28 70.60 -9.75
N LEU A 227 32.42 71.55 -9.39
CA LEU A 227 32.34 72.76 -10.20
C LEU A 227 33.49 73.69 -9.91
N PHE A 228 33.58 74.18 -8.69
CA PHE A 228 34.63 75.13 -8.32
C PHE A 228 35.68 74.35 -7.56
N PHE A 229 36.80 74.12 -8.22
CA PHE A 229 37.73 73.05 -7.89
C PHE A 229 38.86 73.49 -6.97
N LEU A 230 39.62 74.53 -7.34
CA LEU A 230 40.62 75.04 -6.43
C LEU A 230 40.04 75.67 -5.19
N ASN A 231 38.80 76.11 -5.25
CA ASN A 231 38.33 77.06 -4.27
C ASN A 231 37.68 76.39 -3.08
N ARG A 232 37.14 75.20 -3.27
CA ARG A 232 36.40 74.55 -2.19
C ARG A 232 37.35 73.79 -1.26
N ASN A 233 38.24 72.97 -1.83
CA ASN A 233 39.07 72.06 -1.05
C ASN A 233 40.43 72.65 -0.75
N ASN A 234 41.29 71.81 -0.17
CA ASN A 234 42.70 72.16 0.06
C ASN A 234 43.65 70.98 0.05
N ASN A 235 43.16 69.75 -0.10
CA ASN A 235 44.00 68.57 0.00
C ASN A 235 44.84 68.44 -1.26
N SER A 236 46.16 68.47 -1.09
CA SER A 236 47.07 68.27 -2.20
C SER A 236 46.91 66.91 -2.83
N SER A 237 46.59 65.88 -2.02
CA SER A 237 46.24 64.58 -2.55
C SER A 237 45.00 64.66 -3.43
N TYR A 238 44.02 65.47 -3.04
CA TYR A 238 42.78 65.54 -3.81
C TYR A 238 42.98 66.27 -5.12
N ILE A 239 43.69 67.39 -5.10
CA ILE A 239 43.88 68.16 -6.34
C ILE A 239 44.83 67.42 -7.28
N TYR A 240 45.82 66.72 -6.72
CA TYR A 240 46.64 65.80 -7.49
C TYR A 240 45.80 64.70 -8.13
N ARG A 241 44.79 64.20 -7.40
CA ARG A 241 43.94 63.16 -7.96
C ARG A 241 43.08 63.67 -9.10
N ILE A 242 42.59 64.91 -8.99
CA ILE A 242 41.75 65.46 -10.06
C ILE A 242 42.57 65.71 -11.33
N LEU A 243 43.77 66.27 -11.18
CA LEU A 243 44.61 66.50 -12.36
C LEU A 243 45.06 65.18 -12.98
N ASN A 244 45.27 64.17 -12.14
CA ASN A 244 45.57 62.83 -12.63
C ASN A 244 44.38 62.25 -13.39
N ASP A 245 43.15 62.58 -12.96
CA ASP A 245 41.98 62.13 -13.69
C ASP A 245 41.88 62.79 -15.06
N MET A 246 42.28 64.06 -15.16
CA MET A 246 42.36 64.70 -16.48
C MET A 246 43.34 63.98 -17.38
N MET A 247 44.54 63.73 -16.87
CA MET A 247 45.61 63.16 -17.69
C MET A 247 45.34 61.72 -18.05
N GLU A 248 44.45 61.05 -17.34
CA GLU A 248 44.03 59.75 -17.81
C GLU A 248 42.83 59.82 -18.75
N SER A 249 41.96 60.81 -18.59
CA SER A 249 40.75 60.83 -19.38
C SER A 249 40.99 61.33 -20.80
N VAL A 250 42.04 62.10 -21.00
CA VAL A 250 42.33 62.63 -22.34
C VAL A 250 42.93 61.55 -23.22
N THR A 251 42.43 61.45 -24.46
CA THR A 251 42.99 60.54 -25.44
C THR A 251 44.25 61.10 -26.08
N GLU A 252 45.18 60.21 -26.39
CA GLU A 252 46.46 60.56 -26.98
C GLU A 252 46.29 60.81 -28.48
N SER A 253 47.24 61.55 -29.07
CA SER A 253 47.26 61.81 -30.49
C SER A 253 47.82 60.60 -31.24
N ILE A 254 47.90 60.67 -32.56
CA ILE A 254 48.25 59.51 -33.35
C ILE A 254 49.72 59.50 -33.75
N LEU A 255 50.32 60.66 -34.01
CA LEU A 255 51.71 60.69 -34.44
C LEU A 255 52.62 60.87 -33.24
N ASN A 256 53.63 60.01 -33.17
CA ASN A 256 54.59 59.97 -32.08
C ASN A 256 55.95 60.18 -32.71
N ASP A 257 56.43 61.40 -32.69
CA ASP A 257 57.77 61.68 -33.18
C ASP A 257 58.75 61.49 -32.04
N THR A 258 59.91 60.93 -32.38
CA THR A 258 60.86 60.49 -31.38
C THR A 258 61.52 61.66 -30.66
N ASN A 259 61.70 62.79 -31.35
CA ASN A 259 62.46 63.88 -30.76
C ASN A 259 61.63 65.10 -30.42
N ASN A 260 60.41 65.22 -30.92
CA ASN A 260 59.60 66.41 -30.66
C ASN A 260 59.15 66.42 -29.21
N TYR A 261 59.65 67.41 -28.46
CA TYR A 261 59.37 67.63 -27.04
C TYR A 261 59.76 66.42 -26.22
N THR A 262 60.88 65.85 -26.61
CA THR A 262 61.48 64.72 -25.95
C THR A 262 62.47 65.23 -24.93
N SER A 263 62.46 64.64 -23.74
CA SER A 263 63.40 65.03 -22.71
C SER A 263 64.73 64.32 -22.92
N LYS A 264 65.56 64.33 -21.88
CA LYS A 264 66.76 63.51 -21.90
C LYS A 264 66.38 62.03 -21.92
N GLU A 265 67.27 61.24 -22.52
CA GLU A 265 67.22 59.77 -22.54
C GLU A 265 65.97 59.24 -23.24
N ASN A 266 65.42 60.07 -24.13
CA ASN A 266 64.28 59.75 -24.98
C ASN A 266 63.05 59.32 -24.17
N ILE A 267 62.70 60.10 -23.17
CA ILE A 267 61.39 60.02 -22.54
C ILE A 267 60.58 61.22 -23.03
N PRO A 268 59.47 61.01 -23.74
CA PRO A 268 58.71 62.15 -24.27
C PRO A 268 57.93 62.83 -23.16
N LEU A 269 58.01 64.15 -23.13
CA LEU A 269 57.06 64.95 -22.35
C LEU A 269 55.68 64.73 -22.95
N ASP A 270 54.68 64.68 -22.09
CA ASP A 270 53.35 64.19 -22.46
C ASP A 270 52.32 65.23 -22.10
N GLY A 271 52.05 66.13 -23.04
CA GLY A 271 50.90 67.00 -22.93
C GLY A 271 51.22 68.25 -22.12
N VAL A 272 50.28 69.19 -22.19
CA VAL A 272 50.47 70.50 -21.60
C VAL A 272 49.25 70.89 -20.78
N LEU A 273 49.49 71.37 -19.57
CA LEU A 273 48.49 71.93 -18.68
C LEU A 273 48.78 73.42 -18.59
N LEU A 274 47.87 74.21 -19.10
CA LEU A 274 48.05 75.63 -19.08
C LEU A 274 46.80 76.29 -18.57
N GLY A 275 46.99 77.32 -17.76
CA GLY A 275 45.85 78.02 -17.22
C GLY A 275 46.09 79.51 -17.18
N PRO A 276 45.28 80.19 -16.39
CA PRO A 276 45.57 81.58 -16.06
C PRO A 276 46.45 81.66 -14.83
N ILE A 277 47.10 82.82 -14.68
CA ILE A 277 48.16 82.92 -13.68
C ILE A 277 47.58 82.92 -12.27
N GLY A 278 46.32 83.33 -12.12
CA GLY A 278 45.69 83.28 -10.81
C GLY A 278 45.46 81.87 -10.32
N SER A 279 45.10 80.97 -11.22
CA SER A 279 45.02 79.56 -10.85
C SER A 279 46.40 78.97 -10.65
N ILE A 280 47.35 79.37 -11.49
CA ILE A 280 48.64 78.71 -11.44
C ILE A 280 49.49 79.11 -10.24
N GLN A 281 49.31 80.31 -9.68
CA GLN A 281 49.97 80.61 -8.42
C GLN A 281 49.46 79.71 -7.30
N LYS A 282 48.14 79.47 -7.27
CA LYS A 282 47.57 78.57 -6.29
C LYS A 282 48.05 77.14 -6.50
N LEU A 283 48.14 76.70 -7.77
CA LEU A 283 48.59 75.34 -8.05
C LEU A 283 50.05 75.15 -7.69
N THR A 284 50.89 76.16 -7.91
CA THR A 284 52.28 76.04 -7.50
C THR A 284 52.43 76.00 -5.99
N ASN A 285 51.63 76.81 -5.29
CA ASN A 285 51.70 76.82 -3.82
C ASN A 285 51.23 75.50 -3.23
N ILE A 286 50.26 74.85 -3.85
CA ILE A 286 49.77 73.59 -3.30
C ILE A 286 50.45 72.36 -3.89
N LEU A 287 51.24 72.52 -4.95
CA LEU A 287 51.88 71.37 -5.59
C LEU A 287 53.36 71.60 -5.83
N SER A 288 54.01 72.37 -4.96
CA SER A 288 55.45 72.61 -5.10
C SER A 288 56.31 71.37 -4.89
N GLN A 289 55.73 70.26 -4.41
CA GLN A 289 56.44 68.99 -4.40
C GLN A 289 56.74 68.49 -5.80
N TYR A 290 55.85 68.79 -6.75
CA TYR A 290 55.81 68.07 -8.01
C TYR A 290 56.28 68.91 -9.18
N ILE A 291 56.84 70.09 -8.92
CA ILE A 291 57.14 71.04 -9.96
C ILE A 291 58.64 71.15 -10.14
N SER A 292 59.10 70.92 -11.36
CA SER A 292 60.50 71.01 -11.69
C SER A 292 60.66 71.86 -12.94
N THR A 293 61.91 72.10 -13.32
CA THR A 293 62.24 72.79 -14.55
C THR A 293 63.34 72.02 -15.23
N GLN A 294 63.09 71.60 -16.46
CA GLN A 294 64.04 70.73 -17.15
C GLN A 294 64.21 71.18 -18.58
N VAL A 295 65.22 70.59 -19.22
CA VAL A 295 65.62 70.93 -20.57
C VAL A 295 65.02 69.91 -21.50
N VAL A 296 64.28 70.38 -22.51
CA VAL A 296 63.52 69.52 -23.40
C VAL A 296 63.97 69.79 -24.82
N SER A 297 64.28 68.73 -25.56
CA SER A 297 64.67 68.85 -26.96
C SER A 297 63.44 69.22 -27.79
N ALA A 298 63.30 70.50 -28.09
CA ALA A 298 62.11 71.05 -28.73
C ALA A 298 62.42 71.57 -30.14
N PRO A 299 61.44 71.56 -31.03
CA PRO A 299 61.66 72.11 -32.37
C PRO A 299 61.65 73.63 -32.36
N ILE A 300 62.26 74.20 -33.40
CA ILE A 300 62.43 75.65 -33.47
C ILE A 300 62.04 76.24 -34.82
N SER A 301 61.94 75.47 -35.89
CA SER A 301 61.45 75.97 -37.16
C SER A 301 60.22 75.18 -37.61
N TYR A 302 59.54 75.73 -38.60
CA TYR A 302 58.39 75.05 -39.17
C TYR A 302 58.86 73.91 -40.06
N GLY A 303 57.99 72.92 -40.24
CA GLY A 303 58.26 71.95 -41.29
C GLY A 303 57.99 72.51 -42.67
N HIS A 304 58.35 71.74 -43.69
CA HIS A 304 58.02 72.06 -45.07
C HIS A 304 56.98 71.10 -45.63
N PHE A 305 56.19 71.59 -46.57
CA PHE A 305 55.64 70.70 -47.58
C PHE A 305 55.60 71.41 -48.92
N ILE A 306 56.34 70.91 -49.88
CA ILE A 306 56.33 71.43 -51.24
C ILE A 306 55.65 70.40 -52.13
N MET A 307 54.79 70.86 -53.04
CA MET A 307 54.24 69.97 -54.05
C MET A 307 55.33 69.41 -54.95
N GLY A 308 55.00 68.31 -55.61
CA GLY A 308 55.72 67.86 -56.77
C GLY A 308 54.95 68.21 -58.04
N LYS A 309 55.58 67.88 -59.17
CA LYS A 309 54.92 68.03 -60.46
C LYS A 309 53.65 67.18 -60.54
N GLU A 310 53.69 65.99 -59.93
CA GLU A 310 52.52 65.11 -59.88
C GLU A 310 51.37 65.78 -59.14
N ASN A 311 51.67 66.40 -57.99
CA ASN A 311 50.62 67.07 -57.24
C ASN A 311 50.12 68.32 -57.93
N ALA A 312 50.98 69.04 -58.65
CA ALA A 312 50.52 70.20 -59.41
C ALA A 312 49.57 69.79 -60.52
N VAL A 313 49.90 68.72 -61.24
CA VAL A 313 49.06 68.26 -62.33
C VAL A 313 47.73 67.73 -61.80
N THR A 314 47.75 67.01 -60.67
CA THR A 314 46.48 66.53 -60.13
C THR A 314 45.67 67.66 -59.51
N ALA A 315 46.31 68.68 -58.96
CA ALA A 315 45.56 69.82 -58.44
C ALA A 315 44.92 70.62 -59.56
N ILE A 316 45.56 70.66 -60.73
CA ILE A 316 44.91 71.32 -61.86
C ILE A 316 43.79 70.47 -62.43
N ALA A 317 44.07 69.22 -62.79
CA ALA A 317 43.09 68.45 -63.54
C ALA A 317 42.04 67.82 -62.63
N TYR A 318 42.49 67.11 -61.61
CA TYR A 318 41.61 66.36 -60.74
C TYR A 318 41.21 67.13 -59.50
N ARG A 319 41.62 68.40 -59.37
CA ARG A 319 41.31 69.28 -58.25
C ARG A 319 41.71 68.70 -56.89
N ALA A 320 42.79 67.93 -56.79
CA ALA A 320 43.07 67.27 -55.53
C ALA A 320 44.55 67.08 -55.34
N ILE A 321 44.94 66.80 -54.09
CA ILE A 321 46.29 66.43 -53.74
C ILE A 321 46.24 65.11 -53.00
N MET A 322 46.88 64.09 -53.57
CA MET A 322 47.30 62.98 -52.75
C MET A 322 48.59 63.43 -52.08
N ALA A 323 48.55 63.60 -50.77
CA ALA A 323 49.80 63.76 -50.05
C ALA A 323 50.42 62.39 -49.92
N ASP A 324 51.76 62.35 -49.89
CA ASP A 324 52.56 61.13 -50.04
C ASP A 324 52.18 60.39 -51.32
N PHE A 325 52.03 61.15 -52.41
CA PHE A 325 51.66 60.56 -53.69
C PHE A 325 52.78 59.68 -54.22
N THR A 326 54.03 60.08 -54.02
CA THR A 326 55.13 59.27 -54.49
C THR A 326 55.30 57.99 -53.69
N GLN A 327 54.96 58.01 -52.40
CA GLN A 327 55.01 56.77 -51.63
C GLN A 327 53.84 55.86 -51.94
N PHE A 328 52.65 56.43 -52.12
CA PHE A 328 51.50 55.64 -52.51
C PHE A 328 51.63 55.14 -53.95
N THR A 329 52.54 55.74 -54.73
CA THR A 329 52.87 55.23 -56.05
C THR A 329 53.92 54.13 -56.01
N VAL A 330 55.03 54.36 -55.33
CA VAL A 330 56.10 53.36 -55.31
C VAL A 330 55.80 52.16 -54.44
N ASN A 331 54.77 52.24 -53.59
CA ASN A 331 54.30 51.05 -52.90
C ASN A 331 52.98 50.53 -53.46
N ALA A 332 52.80 50.64 -54.77
CA ALA A 332 51.55 50.14 -55.32
C ALA A 332 51.62 48.62 -55.52
N GLY A 333 52.36 48.17 -56.53
CA GLY A 333 52.28 46.76 -56.86
C GLY A 333 53.06 45.85 -55.93
N THR A 334 53.87 46.42 -55.05
CA THR A 334 54.69 45.62 -54.16
C THR A 334 53.84 45.08 -53.01
N GLU A 335 54.49 44.26 -52.19
CA GLU A 335 53.80 43.57 -51.11
C GLU A 335 53.40 44.54 -50.00
N GLN A 336 54.24 45.53 -49.75
CA GLN A 336 54.04 46.48 -48.66
C GLN A 336 53.20 47.67 -49.13
N GLN A 337 51.92 47.40 -49.39
CA GLN A 337 50.99 48.46 -49.72
C GLN A 337 50.55 49.21 -48.48
N ASP A 338 50.25 48.47 -47.42
CA ASP A 338 49.56 49.04 -46.27
C ASP A 338 50.52 49.80 -45.37
N THR A 339 51.76 49.32 -45.27
CA THR A 339 52.74 49.98 -44.42
C THR A 339 53.26 51.25 -45.07
N ASN A 340 53.36 52.30 -44.28
CA ASN A 340 53.95 53.55 -44.71
C ASN A 340 54.64 54.16 -43.50
N ASN A 341 55.90 54.55 -43.67
CA ASN A 341 56.73 54.86 -42.51
C ASN A 341 56.53 56.30 -42.04
N LYS A 342 56.79 57.26 -42.92
CA LYS A 342 56.67 58.66 -42.59
C LYS A 342 55.60 59.29 -43.47
N SER A 343 54.89 60.27 -42.91
CA SER A 343 53.91 61.05 -43.66
C SER A 343 54.48 62.43 -43.89
N GLU A 344 54.76 62.75 -45.16
CA GLU A 344 55.55 63.93 -45.50
C GLU A 344 54.83 65.23 -45.19
N ILE A 345 53.50 65.24 -45.12
CA ILE A 345 52.80 66.47 -44.75
C ILE A 345 52.76 66.72 -43.26
N PHE A 346 52.91 65.68 -42.43
CA PHE A 346 52.88 65.85 -40.97
C PHE A 346 54.17 65.48 -40.28
N ASP A 347 55.01 64.67 -40.89
CA ASP A 347 56.35 64.45 -40.39
C ASP A 347 57.33 64.93 -41.44
N LYS A 348 58.11 65.94 -41.11
CA LYS A 348 59.08 66.51 -42.01
C LYS A 348 60.26 66.94 -41.16
N SER A 349 61.46 66.81 -41.72
CA SER A 349 62.68 67.15 -41.00
C SER A 349 62.73 68.64 -40.70
N ARG A 350 62.78 68.97 -39.41
CA ARG A 350 62.81 70.36 -38.99
C ARG A 350 63.86 70.52 -37.89
N ALA A 351 64.25 71.75 -37.64
CA ALA A 351 65.37 72.02 -36.76
C ALA A 351 64.97 71.87 -35.30
N TYR A 352 65.92 71.44 -34.48
CA TYR A 352 65.70 71.16 -33.08
C TYR A 352 66.59 72.03 -32.21
N ALA A 353 66.10 72.34 -31.02
CA ALA A 353 66.82 73.16 -30.06
C ALA A 353 66.47 72.68 -28.66
N ASP A 354 67.03 73.34 -27.66
CA ASP A 354 66.78 72.99 -26.28
C ASP A 354 66.24 74.19 -25.54
N LEU A 355 65.20 73.98 -24.76
CA LEU A 355 64.59 75.06 -24.00
C LEU A 355 64.06 74.51 -22.69
N LYS A 356 63.64 75.42 -21.83
CA LYS A 356 63.20 75.06 -20.49
C LYS A 356 61.69 75.19 -20.36
N LEU A 357 61.10 74.24 -19.64
CA LEU A 357 59.66 74.19 -19.42
C LEU A 357 59.43 73.82 -17.96
N ASN A 358 58.35 74.34 -17.40
CA ASN A 358 57.95 73.96 -16.05
C ASN A 358 57.11 72.70 -16.12
N THR A 359 57.56 71.63 -15.47
CA THR A 359 56.92 70.34 -15.60
C THR A 359 56.31 69.89 -14.28
N LEU A 360 55.30 69.04 -14.40
CA LEU A 360 54.71 68.31 -13.30
C LEU A 360 54.83 66.83 -13.54
N LYS A 361 54.94 66.08 -12.46
CA LYS A 361 55.02 64.62 -12.54
C LYS A 361 53.76 64.04 -11.93
N LEU A 362 52.98 63.32 -12.73
CA LEU A 362 51.75 62.67 -12.26
C LEU A 362 51.79 61.22 -12.76
N GLY A 363 52.42 60.35 -11.97
CA GLY A 363 52.51 58.95 -12.33
C GLY A 363 53.35 58.68 -13.55
N ASP A 364 54.63 59.05 -13.47
CA ASP A 364 55.61 58.94 -14.54
C ASP A 364 55.17 59.67 -15.81
N LYS A 365 54.49 60.79 -15.65
CA LYS A 365 54.05 61.59 -16.77
C LYS A 365 54.55 63.01 -16.57
N LEU A 366 55.40 63.46 -17.47
CA LEU A 366 55.93 64.81 -17.41
C LEU A 366 55.05 65.68 -18.28
N VAL A 367 54.41 66.66 -17.67
CA VAL A 367 53.41 67.49 -18.33
C VAL A 367 53.86 68.93 -18.21
N ALA A 368 53.90 69.65 -19.34
CA ALA A 368 54.23 71.07 -19.30
C ALA A 368 53.14 71.82 -18.54
N PHE A 369 53.47 72.98 -17.99
CA PHE A 369 52.60 73.60 -16.99
C PHE A 369 52.90 75.09 -16.92
N ASP A 370 52.08 75.89 -17.59
CA ASP A 370 52.32 77.34 -17.58
C ASP A 370 51.06 78.13 -17.91
N HIS A 371 51.25 79.44 -18.01
CA HIS A 371 50.24 80.42 -18.30
C HIS A 371 50.63 81.23 -19.53
N LEU A 372 49.63 81.76 -20.22
CA LEU A 372 49.84 82.58 -21.40
C LEU A 372 49.72 84.06 -21.07
N HIS A 373 49.89 84.41 -19.80
CA HIS A 373 49.78 85.79 -19.37
C HIS A 373 50.87 86.65 -19.97
N LYS A 374 52.04 86.07 -20.22
CA LYS A 374 53.13 86.83 -20.81
C LYS A 374 52.92 87.11 -22.28
N VAL A 375 52.03 86.39 -22.96
CA VAL A 375 51.70 86.78 -24.32
C VAL A 375 50.43 87.61 -24.37
N TYR A 376 49.66 87.66 -23.29
CA TYR A 376 48.56 88.60 -23.20
C TYR A 376 48.81 89.71 -22.19
N LYS A 377 50.07 90.12 -22.00
CA LYS A 377 50.40 91.10 -20.97
C LYS A 377 49.77 92.45 -21.24
N ASN A 378 49.96 92.99 -22.43
CA ASN A 378 49.39 94.31 -22.69
C ASN A 378 48.89 94.28 -24.12
N THR A 379 47.61 93.93 -24.27
CA THR A 379 46.99 93.65 -25.55
C THR A 379 45.56 94.17 -25.49
N ASP A 380 44.85 94.01 -26.60
CA ASP A 380 43.45 94.38 -26.65
C ASP A 380 42.54 93.19 -26.34
N VAL A 381 43.10 92.02 -26.10
CA VAL A 381 42.30 90.81 -25.92
C VAL A 381 42.55 90.24 -24.54
N ASN A 382 41.57 89.49 -24.05
CA ASN A 382 41.73 88.76 -22.81
C ASN A 382 42.56 87.50 -23.04
N ASP A 383 43.06 86.97 -21.94
CA ASP A 383 43.40 85.57 -21.93
C ASP A 383 42.11 84.80 -22.03
N PRO A 384 41.94 83.94 -23.04
CA PRO A 384 40.63 83.34 -23.29
C PRO A 384 40.24 82.25 -22.29
N LEU A 385 41.08 81.97 -21.31
CA LEU A 385 40.71 81.05 -20.25
C LEU A 385 39.84 81.70 -19.19
N GLU A 386 39.83 83.02 -19.11
CA GLU A 386 38.92 83.75 -18.24
C GLU A 386 37.60 83.88 -18.96
N GLN A 387 36.69 82.94 -18.67
CA GLN A 387 35.40 82.83 -19.34
C GLN A 387 34.29 82.83 -18.30
N SER A 388 33.06 82.95 -18.75
CA SER A 388 31.94 83.15 -17.82
C SER A 388 30.99 81.97 -17.80
N LEU A 389 30.32 81.78 -16.67
CA LEU A 389 29.23 80.84 -16.50
C LEU A 389 27.88 81.53 -16.62
N GLN A 390 26.83 80.72 -16.72
CA GLN A 390 25.47 81.17 -16.47
C GLN A 390 24.75 80.06 -15.71
N LEU A 391 24.79 80.13 -14.38
CA LEU A 391 23.99 79.25 -13.53
C LEU A 391 22.64 79.89 -13.32
N THR A 392 21.58 79.09 -13.48
CA THR A 392 20.21 79.58 -13.43
C THR A 392 19.55 79.15 -12.14
N PHE A 393 19.04 80.12 -11.38
CA PHE A 393 18.47 79.88 -10.07
C PHE A 393 16.97 80.08 -10.11
N PHE A 394 16.23 79.24 -9.39
CA PHE A 394 14.78 79.39 -9.36
C PHE A 394 14.31 79.18 -7.94
N PHE A 395 13.24 79.88 -7.57
CA PHE A 395 12.80 79.90 -6.18
C PHE A 395 11.32 80.27 -6.14
N PRO A 396 10.58 79.78 -5.16
CA PRO A 396 9.13 80.03 -5.11
C PRO A 396 8.79 81.31 -4.35
N LEU A 397 7.50 81.67 -4.42
CA LEU A 397 6.89 82.47 -3.37
C LEU A 397 5.42 82.15 -3.30
N GLY A 398 4.84 82.32 -2.12
CA GLY A 398 3.42 82.14 -1.96
C GLY A 398 2.94 80.72 -2.09
N ILE A 399 3.83 79.73 -2.08
CA ILE A 399 3.39 78.34 -2.08
C ILE A 399 2.69 78.06 -0.77
N TYR A 400 1.42 77.66 -0.87
CA TYR A 400 0.63 77.30 0.30
C TYR A 400 0.89 75.85 0.63
N ILE A 401 1.71 75.63 1.65
CA ILE A 401 1.80 74.30 2.27
C ILE A 401 0.48 74.01 2.96
N PRO A 402 -0.11 72.84 2.77
CA PRO A 402 -1.41 72.55 3.37
C PRO A 402 -1.33 72.46 4.88
N THR A 403 -2.26 73.14 5.55
CA THR A 403 -2.35 73.00 7.00
C THR A 403 -2.88 71.62 7.37
N GLU A 404 -3.62 70.99 6.46
CA GLU A 404 -4.20 69.69 6.70
C GLU A 404 -3.14 68.60 6.91
N THR A 405 -1.91 68.80 6.42
CA THR A 405 -0.78 67.97 6.85
C THR A 405 0.27 68.78 7.59
N GLY A 406 -0.14 69.84 8.28
CA GLY A 406 0.81 70.79 8.81
C GLY A 406 1.63 70.21 9.95
N PHE A 407 2.89 70.60 9.95
CA PHE A 407 3.81 70.21 10.99
C PHE A 407 4.89 71.25 11.05
N SER A 408 5.81 71.02 11.97
CA SER A 408 7.00 71.84 12.09
C SER A 408 8.05 71.07 12.83
N THR A 409 9.23 70.99 12.24
CA THR A 409 10.46 70.84 12.98
C THR A 409 10.92 72.24 13.35
N MET A 410 12.12 72.33 13.94
CA MET A 410 12.73 73.48 14.60
C MET A 410 11.74 74.31 15.42
N GLU A 411 10.94 73.60 16.22
CA GLU A 411 10.10 74.29 17.19
C GLU A 411 10.95 74.92 18.27
N THR A 412 12.13 74.34 18.55
CA THR A 412 13.04 74.90 19.53
C THR A 412 13.77 76.12 18.99
N ARG A 413 14.02 76.18 17.68
CA ARG A 413 14.91 77.20 17.15
C ARG A 413 14.20 78.52 16.96
N VAL A 414 13.16 78.54 16.14
CA VAL A 414 12.39 79.75 15.92
C VAL A 414 11.08 79.63 16.67
N LYS A 415 10.42 80.76 16.83
CA LYS A 415 9.05 80.76 17.34
C LYS A 415 8.38 82.02 16.85
N LEU A 416 7.38 81.86 16.00
CA LEU A 416 6.72 82.99 15.37
C LEU A 416 5.83 83.70 16.36
N ASN A 417 5.52 84.94 16.05
CA ASN A 417 4.51 85.66 16.81
C ASN A 417 3.21 85.54 16.02
N ASP A 418 2.15 85.11 16.70
CA ASP A 418 0.97 84.58 16.02
C ASP A 418 0.16 85.65 15.32
N THR A 419 0.39 85.81 14.04
CA THR A 419 -0.36 86.73 13.19
C THR A 419 -0.45 86.06 11.83
N MET A 420 -1.55 86.27 11.11
CA MET A 420 -1.75 85.58 9.84
C MET A 420 -0.77 86.04 8.76
N GLU A 421 -0.19 87.24 8.88
CA GLU A 421 0.90 87.59 7.98
C GLU A 421 2.15 86.76 8.23
N ASN A 422 2.34 86.24 9.44
CA ASN A 422 3.38 85.24 9.63
C ASN A 422 2.90 83.83 9.31
N ASN A 423 1.61 83.58 9.44
CA ASN A 423 1.10 82.24 9.18
C ASN A 423 0.88 81.95 7.72
N LEU A 424 0.95 82.97 6.86
CA LEU A 424 0.95 82.69 5.44
C LEU A 424 2.20 83.24 4.79
N PRO A 425 2.83 82.49 3.90
CA PRO A 425 3.82 83.10 3.03
C PRO A 425 3.12 84.02 2.03
N THR A 426 3.61 85.23 1.96
CA THR A 426 3.25 86.17 0.92
C THR A 426 4.49 86.76 0.28
N SER A 427 5.64 86.66 0.95
CA SER A 427 6.89 87.24 0.50
C SER A 427 8.01 86.22 0.67
N VAL A 428 9.11 86.44 -0.03
CA VAL A 428 10.24 85.53 0.02
C VAL A 428 11.54 86.31 0.23
N PHE A 429 12.40 85.79 1.10
CA PHE A 429 13.57 86.48 1.61
C PHE A 429 14.82 85.69 1.27
N PHE A 430 15.80 86.35 0.66
CA PHE A 430 17.04 85.68 0.30
C PHE A 430 18.18 86.67 0.23
N HIS A 431 19.40 86.18 0.34
CA HIS A 431 20.54 87.09 0.32
C HIS A 431 20.93 87.47 -1.10
N ASN A 432 21.55 88.65 -1.24
CA ASN A 432 22.12 89.13 -2.49
C ASN A 432 23.53 88.59 -2.71
N LYS A 433 24.24 89.21 -3.65
CA LYS A 433 25.67 88.96 -3.85
C LYS A 433 26.45 89.14 -2.56
N ASP A 434 26.54 90.37 -2.07
CA ASP A 434 26.92 90.55 -0.69
C ASP A 434 25.70 90.30 0.18
N GLN A 435 25.93 90.09 1.47
CA GLN A 435 24.90 89.52 2.34
C GLN A 435 23.85 90.56 2.73
N VAL A 436 23.08 90.97 1.72
CA VAL A 436 21.97 91.89 1.91
C VAL A 436 20.69 91.10 1.84
N VAL A 437 19.87 91.18 2.88
CA VAL A 437 18.59 90.47 2.89
C VAL A 437 17.64 91.18 1.95
N GLN A 438 17.10 90.43 1.00
CA GLN A 438 16.40 90.96 -0.15
C GLN A 438 15.03 90.31 -0.22
N ARG A 439 14.00 91.12 -0.39
CA ARG A 439 12.65 90.65 -0.21
C ARG A 439 11.81 90.86 -1.47
N ILE A 440 11.13 89.82 -1.89
CA ILE A 440 10.28 89.88 -3.07
C ILE A 440 8.84 89.64 -2.65
N ASP A 441 7.93 90.39 -3.28
CA ASP A 441 6.56 90.60 -2.86
C ASP A 441 5.61 90.43 -4.04
N PHE A 442 4.32 90.49 -3.73
CA PHE A 442 3.33 90.54 -4.79
C PHE A 442 3.21 91.92 -5.41
N ALA A 443 3.38 92.97 -4.63
CA ALA A 443 3.45 94.30 -5.22
C ALA A 443 4.69 94.43 -6.11
N ASP A 444 5.74 93.70 -5.80
CA ASP A 444 6.91 93.65 -6.67
C ASP A 444 6.70 92.76 -7.87
N ILE A 445 5.83 91.76 -7.77
CA ILE A 445 5.66 90.84 -8.89
C ILE A 445 4.67 91.38 -9.90
N LEU A 446 3.94 92.44 -9.54
CA LEU A 446 2.98 93.09 -10.44
C LEU A 446 3.42 93.42 -11.87
N PRO A 447 4.61 93.97 -12.15
CA PRO A 447 4.88 94.40 -13.55
C PRO A 447 5.11 93.27 -14.52
N SER A 448 5.12 92.02 -14.09
CA SER A 448 5.17 90.90 -15.02
C SER A 448 3.89 90.08 -15.02
N VAL A 449 3.01 90.32 -14.07
CA VAL A 449 1.80 89.52 -13.94
C VAL A 449 0.55 90.32 -14.25
N CYS A 450 0.63 91.64 -14.28
CA CYS A 450 -0.54 92.47 -14.56
C CYS A 450 -0.58 92.89 -16.03
N HIS A 451 0.11 92.19 -16.89
CA HIS A 451 0.21 92.59 -18.28
C HIS A 451 -1.02 92.10 -19.04
N PRO A 452 -1.44 92.80 -20.10
CA PRO A 452 -2.62 92.34 -20.86
C PRO A 452 -2.42 91.06 -21.60
N ILE A 453 -1.18 90.66 -21.90
CA ILE A 453 -0.96 89.42 -22.60
C ILE A 453 -1.26 88.22 -21.69
N VAL A 454 -1.24 88.43 -20.38
CA VAL A 454 -1.68 87.38 -19.47
C VAL A 454 -3.20 87.24 -19.55
N HIS A 455 -3.92 88.33 -19.42
CA HIS A 455 -5.37 88.23 -19.36
C HIS A 455 -6.02 88.14 -20.72
N ASP A 456 -5.25 88.13 -21.79
CA ASP A 456 -5.81 87.81 -23.09
C ASP A 456 -6.07 86.31 -23.17
N SER A 457 -7.09 85.95 -23.93
CA SER A 457 -7.47 84.56 -24.10
C SER A 457 -7.23 84.05 -25.50
N THR A 458 -6.70 84.88 -26.40
CA THR A 458 -6.77 84.59 -27.82
C THR A 458 -5.85 83.45 -28.22
N ILE A 459 -4.61 83.48 -27.74
CA ILE A 459 -3.62 82.49 -28.17
C ILE A 459 -3.94 81.13 -27.58
N VAL A 460 -4.43 81.12 -26.34
CA VAL A 460 -4.81 79.88 -25.68
C VAL A 460 -6.00 79.26 -26.39
N GLU A 461 -6.94 80.11 -26.82
CA GLU A 461 -8.08 79.67 -27.61
C GLU A 461 -7.63 79.04 -28.92
N ARG A 462 -6.68 79.68 -29.62
CA ARG A 462 -6.23 79.17 -30.91
C ARG A 462 -5.50 77.85 -30.76
N LEU A 463 -4.57 77.77 -29.81
CA LEU A 463 -3.76 76.56 -29.69
C LEU A 463 -4.57 75.39 -29.15
N MET A 464 -5.42 75.64 -28.16
CA MET A 464 -6.23 74.57 -27.60
C MET A 464 -7.36 74.17 -28.54
N LYS A 465 -7.70 75.03 -29.50
CA LYS A 465 -8.63 74.63 -30.55
C LYS A 465 -7.94 73.76 -31.58
N ASN A 466 -6.71 74.10 -31.97
CA ASN A 466 -6.00 73.30 -32.96
C ASN A 466 -5.44 72.01 -32.38
N GLU A 467 -5.38 71.88 -31.08
CA GLU A 467 -5.01 70.61 -30.47
C GLU A 467 -6.08 69.56 -30.76
N PRO A 468 -5.72 68.31 -31.07
CA PRO A 468 -6.71 67.34 -31.52
C PRO A 468 -7.70 66.94 -30.44
N LEU A 469 -8.78 66.32 -30.89
CA LEU A 469 -9.84 65.84 -30.02
C LEU A 469 -9.33 64.68 -29.17
N PRO A 470 -9.92 64.47 -27.99
CA PRO A 470 -9.53 63.30 -27.18
C PRO A 470 -10.02 61.99 -27.75
N THR A 471 -9.56 60.88 -27.16
CA THR A 471 -9.95 59.55 -27.57
C THR A 471 -11.34 59.20 -27.02
N GLY A 472 -11.72 57.92 -27.10
CA GLY A 472 -13.11 57.55 -26.88
C GLY A 472 -13.54 57.54 -25.42
N HIS A 473 -12.76 56.90 -24.55
CA HIS A 473 -13.15 56.76 -23.15
C HIS A 473 -13.11 58.09 -22.41
N ARG A 474 -12.22 58.99 -22.83
CA ARG A 474 -12.23 60.34 -22.31
C ARG A 474 -13.22 61.22 -23.04
N PHE A 475 -13.57 60.86 -24.27
CA PHE A 475 -14.47 61.68 -25.06
C PHE A 475 -15.89 61.58 -24.56
N SER A 476 -16.32 60.37 -24.18
CA SER A 476 -17.65 60.22 -23.61
C SER A 476 -17.71 60.80 -22.20
N GLN A 477 -16.56 60.97 -21.56
CA GLN A 477 -16.52 61.42 -20.18
C GLN A 477 -16.47 62.94 -20.08
N LEU A 478 -15.72 63.57 -20.96
CA LEU A 478 -15.33 64.95 -20.79
C LEU A 478 -15.98 65.90 -21.79
N CYS A 479 -16.34 65.40 -22.97
CA CYS A 479 -16.67 66.26 -24.10
C CYS A 479 -18.17 66.23 -24.41
N GLN A 480 -19.00 65.94 -23.43
CA GLN A 480 -20.37 65.53 -23.76
C GLN A 480 -21.42 66.60 -23.46
N LEU A 481 -21.10 67.64 -22.70
CA LEU A 481 -22.14 68.54 -22.23
C LEU A 481 -22.62 69.46 -23.36
N LYS A 482 -23.68 70.21 -23.07
CA LYS A 482 -24.37 70.95 -24.12
C LYS A 482 -25.07 72.14 -23.50
N ILE A 483 -25.08 73.27 -24.21
CA ILE A 483 -25.76 74.46 -23.74
C ILE A 483 -27.05 74.68 -24.52
N THR A 484 -28.05 75.21 -23.82
CA THR A 484 -29.39 75.39 -24.36
C THR A 484 -29.99 76.62 -23.70
N ARG A 485 -30.56 77.53 -24.50
CA ARG A 485 -31.09 78.76 -23.97
C ARG A 485 -32.48 79.03 -24.51
N GLU A 486 -33.39 79.45 -23.64
CA GLU A 486 -34.72 79.89 -24.02
C GLU A 486 -35.03 81.17 -23.28
N ASN A 487 -36.23 81.68 -23.50
CA ASN A 487 -36.70 82.89 -22.85
C ASN A 487 -37.51 82.56 -21.62
N PRO A 488 -37.43 83.42 -20.59
CA PRO A 488 -38.04 83.10 -19.29
C PRO A 488 -39.56 83.06 -19.29
N THR A 489 -40.23 83.51 -20.35
CA THR A 489 -41.64 83.19 -20.47
C THR A 489 -41.82 81.71 -20.73
N ARG A 490 -41.03 81.15 -21.65
CA ARG A 490 -41.19 79.75 -21.97
C ARG A 490 -40.59 78.84 -20.90
N ILE A 491 -39.56 79.28 -20.18
CA ILE A 491 -38.94 78.31 -19.29
C ILE A 491 -39.73 78.08 -18.02
N LEU A 492 -40.53 79.05 -17.57
CA LEU A 492 -41.26 78.81 -16.32
C LEU A 492 -42.45 77.89 -16.57
N GLN A 493 -42.91 77.80 -17.81
CA GLN A 493 -43.98 76.87 -18.14
C GLN A 493 -43.48 75.55 -18.71
N THR A 494 -42.25 75.49 -19.21
CA THR A 494 -41.66 74.24 -19.66
C THR A 494 -40.58 73.76 -18.71
N LEU A 495 -40.58 74.28 -17.48
CA LEU A 495 -39.52 74.04 -16.51
C LEU A 495 -39.44 72.56 -16.12
N TYR A 496 -40.58 71.94 -15.90
CA TYR A 496 -40.57 70.60 -15.35
C TYR A 496 -40.42 69.52 -16.41
N ASN A 497 -40.16 69.88 -17.67
CA ASN A 497 -40.16 68.86 -18.72
C ASN A 497 -38.95 67.94 -18.63
N LEU A 498 -37.79 68.47 -18.27
CA LEU A 498 -36.62 67.62 -18.16
C LEU A 498 -36.49 66.98 -16.78
N TYR A 499 -37.55 67.06 -15.99
CA TYR A 499 -37.76 66.21 -14.84
C TYR A 499 -38.86 65.19 -15.08
N GLU A 500 -39.81 65.52 -15.95
CA GLU A 500 -40.79 64.54 -16.38
C GLU A 500 -40.16 63.50 -17.29
N SER A 501 -39.21 63.91 -18.12
CA SER A 501 -38.45 62.97 -18.92
C SER A 501 -37.41 62.27 -18.05
N ARG A 502 -36.78 61.24 -18.62
CA ARG A 502 -35.73 60.53 -17.93
C ARG A 502 -34.36 60.80 -18.54
N GLN A 503 -34.23 61.89 -19.29
CA GLN A 503 -32.96 62.25 -19.89
C GLN A 503 -31.99 62.71 -18.81
N GLU A 504 -30.70 62.50 -19.05
CA GLU A 504 -29.65 62.68 -18.05
C GLU A 504 -28.71 63.80 -18.47
N VAL A 505 -28.57 64.79 -17.63
CA VAL A 505 -27.51 65.77 -17.86
C VAL A 505 -26.17 65.13 -17.51
N PRO A 506 -25.18 65.18 -18.39
CA PRO A 506 -23.88 64.59 -18.06
C PRO A 506 -23.14 65.45 -17.06
N LYS A 507 -22.04 64.91 -16.54
CA LYS A 507 -21.16 65.71 -15.70
C LYS A 507 -20.55 66.82 -16.53
N ASN A 508 -20.52 68.01 -15.96
CA ASN A 508 -19.69 69.07 -16.51
C ASN A 508 -18.22 68.80 -16.20
N THR A 509 -17.36 69.49 -16.96
CA THR A 509 -15.94 69.38 -16.73
C THR A 509 -15.55 69.93 -15.37
N ASN A 510 -16.18 71.02 -14.97
CA ASN A 510 -15.81 71.68 -13.73
C ASN A 510 -16.25 70.86 -12.51
N VAL A 511 -17.44 70.24 -12.60
CA VAL A 511 -17.85 69.37 -11.50
C VAL A 511 -17.12 68.03 -11.55
N LEU A 512 -16.62 67.62 -12.71
CA LEU A 512 -15.74 66.46 -12.75
C LEU A 512 -14.41 66.77 -12.09
N LYS A 513 -13.96 68.01 -12.24
CA LYS A 513 -12.66 68.44 -11.75
C LYS A 513 -12.67 68.66 -10.25
N ASN A 514 -13.78 69.17 -9.71
CA ASN A 514 -13.87 69.42 -8.29
C ASN A 514 -14.12 68.17 -7.45
N GLU A 515 -14.33 67.02 -8.07
CA GLU A 515 -14.45 65.81 -7.26
C GLU A 515 -13.11 65.25 -6.80
N LEU A 516 -12.02 65.60 -7.48
CA LEU A 516 -10.73 64.96 -7.27
C LEU A 516 -9.99 65.64 -6.12
N ASN A 517 -8.83 65.11 -5.78
CA ASN A 517 -8.11 65.53 -4.58
C ASN A 517 -6.94 66.42 -5.00
N VAL A 518 -6.26 67.03 -4.01
CA VAL A 518 -5.20 68.02 -4.22
C VAL A 518 -3.91 67.43 -4.76
N GLU A 519 -3.69 66.11 -4.61
CA GLU A 519 -2.56 65.49 -5.30
C GLU A 519 -3.00 64.44 -6.31
N ASP A 520 -4.21 63.93 -6.17
CA ASP A 520 -4.80 63.15 -7.24
C ASP A 520 -5.02 64.00 -8.49
N PHE A 521 -5.11 65.32 -8.36
CA PHE A 521 -5.25 66.17 -9.53
C PHE A 521 -4.02 66.13 -10.42
N TYR A 522 -2.84 66.06 -9.82
CA TYR A 522 -1.64 66.04 -10.65
C TYR A 522 -1.33 64.65 -11.19
N LYS A 523 -2.05 63.64 -10.73
CA LYS A 523 -1.80 62.31 -11.21
C LYS A 523 -2.43 62.15 -12.59
N PRO A 524 -1.80 61.39 -13.49
CA PRO A 524 -2.34 61.23 -14.86
C PRO A 524 -3.69 60.55 -14.97
N ASP A 525 -4.27 60.05 -13.87
CA ASP A 525 -5.63 59.52 -13.95
C ASP A 525 -6.66 60.62 -14.14
N ASN A 526 -6.31 61.85 -13.83
CA ASN A 526 -7.20 62.98 -14.07
C ASN A 526 -7.43 63.15 -15.57
N PRO A 527 -8.68 63.14 -16.02
CA PRO A 527 -8.96 63.45 -17.42
C PRO A 527 -9.04 64.94 -17.72
N THR A 528 -8.73 65.79 -16.76
CA THR A 528 -8.77 67.23 -16.94
C THR A 528 -7.42 67.90 -16.71
N LEU A 529 -6.32 67.16 -16.84
CA LEU A 529 -5.06 67.89 -16.92
C LEU A 529 -4.86 68.61 -18.25
N PRO A 530 -5.32 68.12 -19.42
CA PRO A 530 -5.34 69.02 -20.58
C PRO A 530 -6.37 70.14 -20.51
N THR A 531 -7.19 70.18 -19.47
CA THR A 531 -8.20 71.23 -19.37
C THR A 531 -7.60 72.53 -18.86
N GLU A 532 -6.81 72.46 -17.80
CA GLU A 532 -6.25 73.66 -17.18
C GLU A 532 -5.19 74.28 -18.07
N ARG A 533 -5.43 75.49 -18.57
CA ARG A 533 -4.40 76.08 -19.38
C ARG A 533 -3.96 77.42 -18.82
N HIS A 534 -4.88 78.13 -18.19
CA HIS A 534 -4.62 79.47 -17.84
C HIS A 534 -5.46 79.63 -16.58
N PRO A 535 -4.93 80.27 -15.54
CA PRO A 535 -5.67 80.35 -14.28
C PRO A 535 -6.91 81.21 -14.35
N PHE A 536 -6.92 82.21 -15.22
CA PHE A 536 -8.04 83.12 -15.27
C PHE A 536 -9.14 82.63 -16.17
N PHE A 537 -8.89 81.56 -16.90
CA PHE A 537 -9.73 81.11 -17.99
C PHE A 537 -10.04 79.63 -17.79
N ASP A 538 -11.28 79.34 -17.45
CA ASP A 538 -11.73 77.96 -17.46
C ASP A 538 -12.02 77.57 -18.90
N LEU A 539 -11.43 76.48 -19.35
CA LEU A 539 -11.62 75.99 -20.70
C LEU A 539 -12.35 74.67 -20.64
N THR A 540 -13.08 74.35 -21.71
CA THR A 540 -13.91 73.15 -21.73
C THR A 540 -14.28 72.81 -23.17
N TYR A 541 -15.11 71.78 -23.31
CA TYR A 541 -15.60 71.30 -24.60
C TYR A 541 -17.12 71.35 -24.58
N ILE A 542 -17.73 71.86 -25.64
CA ILE A 542 -19.19 71.79 -25.76
C ILE A 542 -19.59 71.34 -27.16
N GLN A 543 -20.82 70.85 -27.23
CA GLN A 543 -21.44 70.30 -28.43
C GLN A 543 -22.45 71.28 -28.96
N LYS A 544 -22.17 71.89 -30.11
CA LYS A 544 -23.20 72.48 -30.96
C LYS A 544 -23.12 71.84 -32.33
N ASN A 545 -24.26 71.30 -32.78
CA ASN A 545 -24.42 70.65 -34.08
C ASN A 545 -23.46 69.48 -34.24
N ARG A 546 -23.24 68.78 -33.13
CA ARG A 546 -22.38 67.60 -33.02
C ARG A 546 -20.93 67.91 -33.42
N ALA A 547 -20.49 69.13 -33.14
CA ALA A 547 -19.09 69.50 -33.18
C ALA A 547 -18.63 69.79 -31.77
N THR A 548 -17.40 69.41 -31.45
CA THR A 548 -16.98 69.33 -30.05
C THR A 548 -16.73 70.69 -29.41
N GLU A 549 -16.56 71.73 -30.23
CA GLU A 549 -16.59 73.16 -29.97
C GLU A 549 -15.93 73.62 -28.67
N VAL A 550 -14.60 73.74 -28.65
CA VAL A 550 -13.87 74.25 -27.50
C VAL A 550 -14.40 75.59 -27.02
N LEU A 551 -14.29 75.84 -25.71
CA LEU A 551 -14.95 76.98 -25.09
C LEU A 551 -14.07 77.52 -23.98
N CYS A 552 -13.57 78.73 -24.18
CA CYS A 552 -12.78 79.43 -23.19
C CYS A 552 -13.64 80.49 -22.53
N THR A 553 -13.56 80.57 -21.21
CA THR A 553 -14.53 81.31 -20.45
C THR A 553 -13.90 81.79 -19.16
N PRO A 554 -13.93 83.09 -18.85
CA PRO A 554 -13.19 83.60 -17.69
C PRO A 554 -13.79 83.17 -16.37
N ARG A 555 -12.97 82.57 -15.53
CA ARG A 555 -13.34 82.44 -14.12
C ARG A 555 -13.37 83.84 -13.54
N ILE A 556 -14.51 84.23 -13.02
CA ILE A 556 -14.66 85.61 -12.60
C ILE A 556 -14.02 85.76 -11.24
N MET A 557 -14.48 84.97 -10.29
CA MET A 557 -14.08 85.12 -8.91
C MET A 557 -13.00 84.12 -8.53
N ILE A 558 -12.27 84.45 -7.46
CA ILE A 558 -11.22 83.58 -6.93
C ILE A 558 -11.81 82.30 -6.37
N GLY A 559 -13.11 82.29 -6.07
CA GLY A 559 -13.73 81.04 -5.71
C GLY A 559 -13.81 80.04 -6.84
N ASN A 560 -13.92 80.52 -8.08
CA ASN A 560 -14.23 79.63 -9.18
C ASN A 560 -13.04 78.81 -9.67
N MET A 561 -11.85 79.05 -9.14
CA MET A 561 -10.74 78.17 -9.40
C MET A 561 -11.02 76.81 -8.79
N PRO A 562 -10.53 75.74 -9.40
CA PRO A 562 -10.87 74.40 -8.93
C PRO A 562 -10.25 74.13 -7.57
N LEU A 563 -11.03 73.47 -6.73
CA LEU A 563 -10.58 73.18 -5.37
C LEU A 563 -9.29 72.37 -5.25
N PRO A 564 -8.88 71.50 -6.18
CA PRO A 564 -7.52 71.01 -6.08
C PRO A 564 -6.46 72.02 -6.45
N LEU A 565 -6.79 73.09 -7.17
CA LEU A 565 -5.84 74.16 -7.37
C LEU A 565 -5.99 75.29 -6.37
N ALA A 566 -6.97 75.20 -5.48
CA ALA A 566 -7.10 76.12 -4.36
C ALA A 566 -7.93 75.41 -3.30
N PRO A 567 -7.30 74.85 -2.28
CA PRO A 567 -8.05 74.08 -1.28
C PRO A 567 -8.89 74.99 -0.39
N ILE A 568 -9.74 74.37 0.40
CA ILE A 568 -10.65 75.17 1.22
C ILE A 568 -9.96 75.67 2.47
N SER A 569 -8.93 74.98 2.94
CA SER A 569 -8.13 75.51 4.03
C SER A 569 -7.38 76.75 3.58
N PHE A 570 -7.01 76.81 2.31
CA PHE A 570 -6.45 78.04 1.73
C PHE A 570 -7.44 79.19 1.78
N HIS A 571 -8.72 78.94 1.47
CA HIS A 571 -9.68 80.02 1.51
C HIS A 571 -9.95 80.46 2.94
N GLU A 572 -9.92 79.52 3.89
CA GLU A 572 -10.07 79.90 5.28
C GLU A 572 -8.87 80.69 5.80
N ALA A 573 -7.67 80.37 5.32
CA ALA A 573 -6.50 81.12 5.76
C ALA A 573 -6.48 82.52 5.16
N ARG A 574 -6.90 82.63 3.90
CA ARG A 574 -7.03 83.93 3.25
C ARG A 574 -8.07 84.78 3.95
N THR A 575 -9.14 84.13 4.41
CA THR A 575 -10.17 84.83 5.17
C THR A 575 -9.64 85.26 6.53
N ASN A 576 -8.80 84.45 7.16
CA ASN A 576 -8.18 84.90 8.40
C ASN A 576 -7.27 86.11 8.18
N GLN A 577 -6.61 86.20 7.02
CA GLN A 577 -5.88 87.42 6.72
C GLN A 577 -6.81 88.62 6.60
N MET A 578 -7.95 88.46 5.90
CA MET A 578 -8.84 89.61 5.80
C MET A 578 -9.52 89.96 7.11
N LEU A 579 -9.85 88.98 7.94
CA LEU A 579 -10.43 89.27 9.24
C LEU A 579 -9.44 89.96 10.17
N GLU A 580 -8.20 89.48 10.20
CA GLU A 580 -7.21 90.11 11.05
C GLU A 580 -6.84 91.49 10.53
N HIS A 581 -6.80 91.65 9.21
CA HIS A 581 -6.49 92.95 8.64
C HIS A 581 -7.62 93.95 8.84
N ALA A 582 -8.85 93.47 8.98
CA ALA A 582 -9.96 94.35 9.32
C ALA A 582 -10.10 94.56 10.82
N LYS A 583 -9.46 93.70 11.61
CA LYS A 583 -9.52 93.71 13.09
C LYS A 583 -10.95 93.56 13.60
N THR A 584 -11.78 92.79 12.88
CA THR A 584 -13.18 92.57 13.25
C THR A 584 -13.44 91.07 13.30
N ASN A 585 -13.18 90.46 14.46
CA ASN A 585 -13.20 89.02 14.58
C ASN A 585 -13.89 88.58 15.86
N SER A 586 -15.07 89.15 16.11
CA SER A 586 -15.76 88.91 17.37
C SER A 586 -16.43 87.55 17.39
N HIS A 587 -16.40 86.90 18.56
CA HIS A 587 -17.08 85.62 18.77
C HIS A 587 -18.45 85.80 19.41
N ASN A 588 -19.07 86.96 19.23
CA ASN A 588 -20.34 87.22 19.87
C ASN A 588 -21.50 86.53 19.18
N TYR A 589 -21.30 86.01 17.98
CA TYR A 589 -22.40 85.66 17.11
C TYR A 589 -22.68 84.18 17.03
N ASP A 590 -21.84 83.34 17.64
CA ASP A 590 -21.95 81.90 17.48
C ASP A 590 -23.23 81.36 18.11
N PHE A 591 -23.63 81.95 19.22
CA PHE A 591 -24.86 81.55 19.87
C PHE A 591 -26.08 81.92 19.05
N THR A 592 -25.99 82.98 18.26
CA THR A 592 -27.08 83.32 17.35
C THR A 592 -27.11 82.37 16.17
N LEU A 593 -25.93 82.03 15.65
CA LEU A 593 -25.84 81.16 14.49
C LEU A 593 -26.32 79.75 14.79
N LYS A 594 -26.17 79.29 16.03
CA LYS A 594 -26.70 77.98 16.41
C LYS A 594 -28.21 77.92 16.26
N ILE A 595 -28.90 78.94 16.80
CA ILE A 595 -30.35 78.98 16.76
C ILE A 595 -30.85 79.17 15.35
N VAL A 596 -30.15 79.98 14.56
CA VAL A 596 -30.54 80.18 13.17
C VAL A 596 -30.37 78.90 12.37
N THR A 597 -29.29 78.16 12.61
CA THR A 597 -29.06 76.92 11.87
C THR A 597 -30.08 75.85 12.25
N GLU A 598 -30.40 75.75 13.53
CA GLU A 598 -31.37 74.76 13.96
C GLU A 598 -32.71 75.04 13.30
N SER A 599 -33.10 76.31 13.27
CA SER A 599 -34.37 76.69 12.67
C SER A 599 -34.46 76.40 11.19
N LEU A 600 -33.42 76.76 10.44
CA LEU A 600 -33.37 76.51 8.99
C LEU A 600 -33.36 75.02 8.68
N THR A 601 -32.59 74.27 9.46
CA THR A 601 -32.45 72.83 9.29
C THR A 601 -33.69 72.01 9.65
N SER A 602 -34.37 72.37 10.74
CA SER A 602 -35.53 71.60 11.17
C SER A 602 -36.73 71.95 10.29
N GLY A 603 -37.25 70.96 9.58
CA GLY A 603 -38.31 71.19 8.62
C GLY A 603 -39.69 71.28 9.21
N SER A 604 -39.86 72.07 10.28
CA SER A 604 -41.14 72.26 10.93
C SER A 604 -41.70 73.65 10.69
N TYR A 605 -41.33 74.27 9.59
CA TYR A 605 -41.60 75.69 9.37
C TYR A 605 -43.06 75.88 9.01
N PRO A 606 -43.72 76.91 9.53
CA PRO A 606 -45.15 77.08 9.32
C PRO A 606 -45.45 77.55 7.91
N GLU A 607 -46.73 77.44 7.55
CA GLU A 607 -47.16 77.72 6.19
C GLU A 607 -47.53 79.17 5.99
N LEU A 608 -47.99 79.84 7.05
CA LEU A 608 -48.44 81.23 6.95
C LEU A 608 -47.27 82.18 6.74
N ALA A 609 -46.05 81.75 7.07
CA ALA A 609 -44.89 82.61 6.94
C ALA A 609 -44.62 82.94 5.48
N TYR A 610 -44.83 81.97 4.59
CA TYR A 610 -44.65 82.22 3.16
C TYR A 610 -45.73 83.16 2.63
N VAL A 611 -46.95 82.99 3.12
CA VAL A 611 -48.06 83.84 2.71
C VAL A 611 -47.82 85.28 3.16
N ILE A 612 -47.25 85.45 4.35
CA ILE A 612 -46.90 86.78 4.82
C ILE A 612 -45.76 87.35 3.99
N GLU A 613 -44.76 86.51 3.67
CA GLU A 613 -43.61 86.98 2.90
C GLU A 613 -43.96 87.33 1.46
N ILE A 614 -45.10 86.85 0.95
CA ILE A 614 -45.52 87.28 -0.38
C ILE A 614 -46.64 88.29 -0.34
N LEU A 615 -47.29 88.50 0.80
CA LEU A 615 -48.16 89.66 0.91
C LEU A 615 -47.33 90.91 1.14
N VAL A 616 -46.61 90.96 2.25
CA VAL A 616 -45.69 92.07 2.44
C VAL A 616 -44.45 91.78 1.63
N HIS A 617 -43.79 92.83 1.19
CA HIS A 617 -42.57 92.67 0.40
C HIS A 617 -41.61 93.80 0.71
N GLY A 618 -41.55 94.20 1.97
CA GLY A 618 -40.59 95.16 2.44
C GLY A 618 -41.01 96.60 2.30
N ASN A 619 -42.20 96.88 1.76
CA ASN A 619 -42.63 98.26 1.59
C ASN A 619 -43.19 98.87 2.87
N LYS A 620 -43.34 98.08 3.93
CA LYS A 620 -43.40 98.40 5.35
C LYS A 620 -44.66 99.11 5.82
N HIS A 621 -45.49 99.63 4.93
CA HIS A 621 -46.81 100.01 5.42
C HIS A 621 -47.65 98.74 5.59
N ALA A 622 -47.41 97.78 4.71
CA ALA A 622 -47.98 96.44 4.90
C ALA A 622 -47.43 95.79 6.16
N PHE A 623 -46.18 96.05 6.49
CA PHE A 623 -45.62 95.50 7.71
C PHE A 623 -46.24 96.13 8.94
N MET A 624 -46.44 97.46 8.93
CA MET A 624 -47.10 98.10 10.05
C MET A 624 -48.58 97.75 10.13
N ILE A 625 -49.19 97.31 9.04
CA ILE A 625 -50.51 96.71 9.16
C ILE A 625 -50.41 95.34 9.80
N LEU A 626 -49.52 94.50 9.30
CA LEU A 626 -49.37 93.15 9.85
C LEU A 626 -48.45 93.07 11.03
N LYS A 627 -48.28 94.15 11.78
CA LYS A 627 -47.34 94.12 12.89
C LYS A 627 -47.79 93.18 14.00
N GLN A 628 -49.10 93.06 14.23
CA GLN A 628 -49.57 92.21 15.31
C GLN A 628 -49.72 90.75 14.91
N VAL A 629 -50.04 90.47 13.65
CA VAL A 629 -50.11 89.10 13.19
C VAL A 629 -48.73 88.46 13.23
N ILE A 630 -47.73 89.18 12.73
CA ILE A 630 -46.35 88.70 12.77
C ILE A 630 -45.85 88.65 14.21
N SER A 631 -46.36 89.54 15.07
CA SER A 631 -46.06 89.48 16.49
C SER A 631 -46.52 88.17 17.10
N GLN A 632 -47.77 87.79 16.83
CA GLN A 632 -48.29 86.55 17.40
C GLN A 632 -47.62 85.33 16.78
N CYS A 633 -47.30 85.40 15.48
CA CYS A 633 -46.57 84.33 14.80
C CYS A 633 -45.23 84.06 15.45
N ILE A 634 -44.37 85.08 15.50
CA ILE A 634 -43.01 84.91 16.00
C ILE A 634 -43.04 84.64 17.50
N SER A 635 -44.01 85.22 18.21
CA SER A 635 -44.05 85.05 19.66
C SER A 635 -44.42 83.62 20.02
N TYR A 636 -45.46 83.07 19.39
CA TYR A 636 -45.75 81.64 19.56
C TYR A 636 -44.60 80.78 19.10
N TRP A 637 -44.04 81.08 17.93
CA TRP A 637 -43.20 80.11 17.27
C TRP A 637 -41.81 80.07 17.87
N PHE A 638 -41.37 81.13 18.55
CA PHE A 638 -40.13 81.08 19.31
C PHE A 638 -40.36 80.80 20.78
N ASN A 639 -41.52 81.11 21.34
CA ASN A 639 -41.66 80.88 22.77
C ASN A 639 -42.08 79.44 23.05
N MET A 640 -42.65 78.77 22.06
CA MET A 640 -43.05 77.39 22.24
C MET A 640 -42.17 76.44 21.45
N LYS A 641 -42.21 76.51 20.11
CA LYS A 641 -41.37 75.66 19.26
C LYS A 641 -39.89 75.95 19.45
N HIS A 642 -39.56 77.15 19.93
CA HIS A 642 -38.23 77.76 20.02
C HIS A 642 -37.37 77.51 18.79
N ILE A 643 -37.94 77.72 17.61
CA ILE A 643 -37.15 77.99 16.42
C ILE A 643 -37.57 79.36 15.93
N LEU A 644 -36.60 80.09 15.39
CA LEU A 644 -36.83 81.47 15.03
C LEU A 644 -37.52 81.52 13.67
N LEU A 645 -38.18 82.63 13.41
CA LEU A 645 -39.12 82.72 12.32
C LEU A 645 -38.75 83.86 11.38
N PHE A 646 -39.16 83.74 10.12
CA PHE A 646 -38.93 84.72 9.05
C PHE A 646 -37.44 84.96 8.82
N CYS A 647 -36.65 83.90 8.95
CA CYS A 647 -35.24 83.91 8.64
C CYS A 647 -34.96 83.45 7.21
N ASN A 648 -35.88 83.71 6.30
CA ASN A 648 -35.68 83.47 4.87
C ASN A 648 -35.44 84.75 4.11
N SER A 649 -36.21 85.78 4.39
CA SER A 649 -36.22 86.98 3.57
C SER A 649 -35.43 88.07 4.26
N PHE A 650 -34.54 88.70 3.51
CA PHE A 650 -33.72 89.77 4.07
C PHE A 650 -34.54 90.99 4.42
N GLU A 651 -35.53 91.32 3.61
CA GLU A 651 -36.35 92.49 3.90
C GLU A 651 -37.19 92.28 5.14
N MET A 652 -37.63 91.05 5.39
CA MET A 652 -38.32 90.75 6.64
C MET A 652 -37.35 90.81 7.81
N ILE A 653 -36.17 90.22 7.65
CA ILE A 653 -35.27 90.09 8.79
C ILE A 653 -34.58 91.40 9.11
N MET A 654 -34.63 92.37 8.19
CA MET A 654 -34.22 93.74 8.46
C MET A 654 -35.37 94.57 9.00
N LEU A 655 -36.58 94.29 8.52
CA LEU A 655 -37.72 95.12 8.87
C LEU A 655 -38.17 94.81 10.30
N ILE A 656 -37.96 93.57 10.74
CA ILE A 656 -38.11 93.21 12.14
C ILE A 656 -37.12 93.98 13.00
N SER A 657 -35.87 94.07 12.56
CA SER A 657 -34.85 94.70 13.39
C SER A 657 -35.07 96.20 13.47
N ASN A 658 -35.58 96.80 12.40
CA ASN A 658 -35.83 98.24 12.43
C ASN A 658 -37.14 98.58 13.14
N HIS A 659 -38.26 98.12 12.61
CA HIS A 659 -39.54 98.64 13.04
C HIS A 659 -40.20 97.82 14.13
N MET A 660 -39.94 96.52 14.18
CA MET A 660 -40.55 95.70 15.19
C MET A 660 -39.75 95.85 16.47
N GLY A 661 -40.46 96.00 17.57
CA GLY A 661 -39.78 96.28 18.81
C GLY A 661 -39.66 95.03 19.63
N ASP A 662 -39.79 95.17 20.95
CA ASP A 662 -39.87 94.05 21.86
C ASP A 662 -41.28 93.86 22.41
N GLU A 663 -42.17 94.82 22.20
CA GLU A 663 -43.55 94.64 22.57
C GLU A 663 -44.18 93.56 21.70
N LEU A 664 -44.83 92.58 22.34
CA LEU A 664 -45.48 91.44 21.70
C LEU A 664 -44.48 90.58 20.93
N ILE A 665 -43.26 90.48 21.43
CA ILE A 665 -42.27 89.54 20.91
C ILE A 665 -41.30 89.24 22.04
N PRO A 666 -40.68 88.06 22.03
CA PRO A 666 -39.70 87.78 23.08
C PRO A 666 -38.38 88.50 22.88
N GLY A 667 -37.87 89.04 23.99
CA GLY A 667 -36.60 89.72 23.99
C GLY A 667 -35.42 88.80 23.75
N ALA A 668 -35.60 87.51 23.99
CA ALA A 668 -34.60 86.55 23.54
C ALA A 668 -34.54 86.51 22.02
N ALA A 669 -35.70 86.57 21.37
CA ALA A 669 -35.72 86.43 19.92
C ALA A 669 -35.28 87.70 19.21
N PHE A 670 -35.67 88.86 19.74
CA PHE A 670 -35.40 90.12 19.05
C PHE A 670 -33.91 90.44 18.96
N ALA A 671 -33.15 90.02 19.98
CA ALA A 671 -31.71 90.21 19.96
C ALA A 671 -31.04 89.42 18.85
N HIS A 672 -31.61 88.27 18.47
CA HIS A 672 -31.00 87.50 17.39
C HIS A 672 -31.23 88.14 16.03
N TYR A 673 -32.38 88.79 15.84
CA TYR A 673 -32.58 89.57 14.63
C TYR A 673 -31.58 90.72 14.55
N ARG A 674 -31.41 91.43 15.67
CA ARG A 674 -30.49 92.55 15.68
C ARG A 674 -29.05 92.08 15.48
N ASN A 675 -28.72 90.89 16.00
CA ASN A 675 -27.39 90.34 15.79
C ASN A 675 -27.18 89.85 14.36
N LEU A 676 -28.21 89.32 13.69
CA LEU A 676 -28.03 88.93 12.30
C LEU A 676 -27.80 90.13 11.40
N VAL A 677 -28.54 91.22 11.64
CA VAL A 677 -28.32 92.41 10.83
C VAL A 677 -26.94 93.01 11.11
N SER A 678 -26.49 92.93 12.38
CA SER A 678 -25.13 93.39 12.69
C SER A 678 -24.07 92.47 12.09
N LEU A 679 -24.39 91.19 11.93
CA LEU A 679 -23.49 90.26 11.25
C LEU A 679 -23.32 90.64 9.79
N ILE A 680 -24.41 91.03 9.14
CA ILE A 680 -24.31 91.45 7.75
C ILE A 680 -23.53 92.76 7.64
N ARG A 681 -23.68 93.64 8.63
CA ARG A 681 -22.85 94.85 8.71
C ARG A 681 -21.37 94.50 8.80
N LEU A 682 -21.01 93.54 9.65
CA LEU A 682 -19.60 93.20 9.83
C LEU A 682 -19.00 92.56 8.60
N VAL A 683 -19.78 91.72 7.91
CA VAL A 683 -19.24 91.11 6.68
C VAL A 683 -18.98 92.18 5.63
N LYS A 684 -19.90 93.16 5.53
CA LYS A 684 -19.69 94.26 4.60
C LYS A 684 -18.44 95.05 4.91
N ARG A 685 -18.19 95.30 6.20
CA ARG A 685 -16.96 95.99 6.61
C ARG A 685 -15.71 95.19 6.22
N THR A 686 -15.72 93.89 6.52
CA THR A 686 -14.55 93.03 6.33
C THR A 686 -14.16 92.94 4.88
N ILE A 687 -15.11 92.84 3.96
CA ILE A 687 -14.70 92.79 2.57
C ILE A 687 -14.84 94.16 1.91
N SER A 688 -15.06 95.21 2.70
CA SER A 688 -14.87 96.57 2.22
C SER A 688 -13.61 97.20 2.78
N ILE A 689 -12.73 96.38 3.36
CA ILE A 689 -11.33 96.80 3.52
C ILE A 689 -10.77 97.36 2.23
N SER A 690 -10.94 96.63 1.12
CA SER A 690 -10.31 97.01 -0.15
C SER A 690 -11.08 98.17 -0.77
N ASN A 691 -10.98 99.33 -0.14
CA ASN A 691 -11.75 100.51 -0.52
C ASN A 691 -10.78 101.66 -0.74
N ILE A 692 -10.81 102.22 -1.95
CA ILE A 692 -9.88 103.24 -2.37
C ILE A 692 -10.68 104.31 -3.12
N ASN A 693 -10.43 105.59 -2.79
CA ASN A 693 -11.10 106.71 -3.46
C ASN A 693 -10.61 106.83 -4.91
N GLU A 694 -11.09 105.92 -5.76
CA GLU A 694 -10.84 106.11 -7.17
C GLU A 694 -11.90 105.38 -7.98
N GLN A 695 -12.41 106.05 -9.00
CA GLN A 695 -13.25 105.45 -10.02
C GLN A 695 -12.45 105.36 -11.30
N LEU A 696 -12.75 104.35 -12.11
CA LEU A 696 -11.98 104.11 -13.33
C LEU A 696 -12.80 104.32 -14.59
N CYS A 697 -13.95 103.69 -14.74
CA CYS A 697 -14.81 104.02 -15.84
C CYS A 697 -16.04 104.80 -15.38
N GLY A 698 -16.88 104.20 -14.55
CA GLY A 698 -17.82 104.96 -13.76
C GLY A 698 -17.98 104.24 -12.45
N GLU A 699 -17.28 103.12 -12.33
CA GLU A 699 -17.41 102.18 -11.24
C GLU A 699 -16.36 102.46 -10.18
N PRO A 700 -16.69 102.27 -8.92
CA PRO A 700 -15.67 102.39 -7.87
C PRO A 700 -14.70 101.23 -7.89
N LEU A 701 -13.60 101.42 -7.17
CA LEU A 701 -12.53 100.45 -7.28
C LEU A 701 -12.85 99.19 -6.49
N VAL A 702 -13.75 99.28 -5.52
CA VAL A 702 -14.15 98.07 -4.83
C VAL A 702 -15.10 97.26 -5.70
N ASN A 703 -15.89 97.96 -6.51
CA ASN A 703 -16.67 97.32 -7.55
C ASN A 703 -15.75 96.58 -8.51
N PHE A 704 -14.55 97.10 -8.77
CA PHE A 704 -13.57 96.27 -9.47
C PHE A 704 -13.01 95.16 -8.61
N ALA A 705 -12.88 95.36 -7.30
CA ALA A 705 -12.16 94.41 -6.45
C ALA A 705 -12.97 93.15 -6.20
N ASN A 706 -14.16 93.29 -5.65
CA ASN A 706 -14.93 92.18 -5.15
C ASN A 706 -16.24 92.14 -5.90
N ALA A 707 -16.55 90.99 -6.52
CA ALA A 707 -17.74 90.86 -7.37
C ALA A 707 -19.03 90.90 -6.59
N LEU A 708 -18.98 91.01 -5.29
CA LEU A 708 -20.17 91.13 -4.50
C LEU A 708 -20.63 92.58 -4.36
N PHE A 709 -19.82 93.53 -4.79
CA PHE A 709 -20.25 94.92 -4.77
C PHE A 709 -20.60 95.45 -6.15
N ASP A 710 -20.91 94.59 -7.10
CA ASP A 710 -21.07 95.13 -8.44
C ASP A 710 -22.53 95.36 -8.76
N GLY A 711 -22.74 96.06 -9.87
CA GLY A 711 -24.06 96.18 -10.41
C GLY A 711 -24.33 95.08 -11.41
N ARG A 712 -23.52 94.02 -11.36
CA ARG A 712 -23.72 92.85 -12.20
C ARG A 712 -24.33 91.69 -11.43
N LEU A 713 -23.94 91.49 -10.18
CA LEU A 713 -24.58 90.42 -9.40
C LEU A 713 -25.85 90.95 -8.78
N PHE A 714 -26.96 90.27 -8.99
CA PHE A 714 -28.26 90.94 -8.85
C PHE A 714 -29.21 90.44 -7.76
N CYS A 715 -28.73 89.90 -6.66
CA CYS A 715 -29.57 89.61 -5.48
C CYS A 715 -30.74 88.66 -5.67
N PRO A 716 -30.51 87.35 -5.73
CA PRO A 716 -31.42 86.35 -6.39
C PRO A 716 -32.93 86.43 -6.20
N PHE A 717 -33.38 86.95 -5.08
CA PHE A 717 -34.81 87.11 -4.86
C PHE A 717 -35.07 88.60 -4.71
N VAL A 718 -35.65 89.22 -5.73
CA VAL A 718 -35.95 90.65 -5.64
C VAL A 718 -37.45 90.84 -5.64
N HIS A 719 -37.87 92.09 -5.50
CA HIS A 719 -39.30 92.38 -5.54
C HIS A 719 -39.67 93.62 -6.31
N THR A 720 -38.77 94.58 -6.54
CA THR A 720 -39.12 95.70 -7.40
C THR A 720 -38.28 95.69 -8.68
N MET A 721 -37.00 95.94 -8.57
CA MET A 721 -36.07 96.05 -9.66
C MET A 721 -34.72 96.23 -8.99
N PRO A 722 -33.68 95.59 -9.46
CA PRO A 722 -32.37 95.85 -8.88
C PRO A 722 -31.79 97.15 -9.40
N ARG A 723 -30.71 97.55 -8.75
CA ARG A 723 -30.16 98.87 -8.92
C ARG A 723 -29.27 98.94 -10.16
N ASN A 724 -29.32 100.07 -10.87
CA ASN A 724 -28.46 100.40 -12.02
C ASN A 724 -28.60 99.34 -13.13
N ASP A 725 -29.80 99.27 -13.67
CA ASP A 725 -30.12 98.23 -14.63
C ASP A 725 -29.50 98.51 -15.99
N THR A 726 -29.16 99.79 -16.28
CA THR A 726 -28.65 100.19 -17.59
C THR A 726 -27.32 99.52 -17.96
N ASN A 727 -26.60 98.97 -16.98
CA ASN A 727 -25.47 98.12 -17.30
C ASN A 727 -25.94 96.85 -17.99
N ALA A 728 -26.85 96.13 -17.35
CA ALA A 728 -27.24 94.80 -17.79
C ALA A 728 -28.36 94.84 -18.82
N LYS A 729 -28.86 93.66 -19.16
CA LYS A 729 -30.07 93.48 -19.95
C LYS A 729 -30.98 92.49 -19.24
N ILE A 730 -31.97 93.01 -18.54
CA ILE A 730 -32.92 92.18 -17.81
C ILE A 730 -34.13 91.92 -18.68
N THR A 731 -34.47 90.65 -18.88
CA THR A 731 -35.55 90.25 -19.78
C THR A 731 -36.52 89.31 -19.09
N ALA A 732 -37.77 89.35 -19.52
CA ALA A 732 -38.72 88.28 -19.27
C ALA A 732 -39.34 87.77 -20.56
N ASP A 733 -39.35 88.59 -21.59
CA ASP A 733 -39.64 88.30 -22.98
C ASP A 733 -38.41 88.73 -23.77
N ASP A 734 -38.56 88.90 -25.09
CA ASP A 734 -37.50 89.57 -25.83
C ASP A 734 -37.31 91.02 -25.41
N THR A 735 -38.35 91.66 -24.90
CA THR A 735 -38.23 93.05 -24.47
C THR A 735 -37.34 93.12 -23.24
N PRO A 736 -36.37 94.03 -23.19
CA PRO A 736 -35.64 94.28 -21.96
C PRO A 736 -36.48 95.10 -21.00
N LEU A 737 -36.34 94.78 -19.73
CA LEU A 737 -37.09 95.47 -18.69
C LEU A 737 -36.23 96.57 -18.12
N THR A 738 -36.56 97.80 -18.47
CA THR A 738 -35.79 98.97 -18.07
C THR A 738 -36.65 99.78 -17.12
N GLN A 739 -36.23 101.00 -16.83
CA GLN A 739 -37.15 101.92 -16.19
C GLN A 739 -38.33 102.22 -17.09
N ASN A 740 -38.07 102.37 -18.39
CA ASN A 740 -39.09 102.86 -19.30
C ASN A 740 -40.05 101.76 -19.73
N THR A 741 -39.57 100.52 -19.93
CA THR A 741 -40.49 99.45 -20.34
C THR A 741 -41.48 99.12 -19.23
N VAL A 742 -41.05 99.24 -17.98
CA VAL A 742 -41.85 98.91 -16.82
C VAL A 742 -42.85 100.02 -16.51
N ARG A 743 -44.13 99.65 -16.40
CA ARG A 743 -45.10 100.51 -15.74
C ARG A 743 -44.96 100.44 -14.23
N VAL A 744 -45.00 101.60 -13.60
CA VAL A 744 -44.82 101.75 -12.17
C VAL A 744 -46.05 101.19 -11.45
N ARG A 745 -45.82 100.53 -10.33
CA ARG A 745 -46.95 100.00 -9.56
C ARG A 745 -47.64 101.12 -8.83
N ASN A 746 -48.95 101.20 -8.96
CA ASN A 746 -49.73 102.19 -8.24
C ASN A 746 -50.58 101.45 -7.24
N TYR A 747 -50.35 101.70 -5.96
CA TYR A 747 -50.94 100.90 -4.91
C TYR A 747 -52.32 101.37 -4.50
N GLU A 748 -52.75 102.55 -4.92
CA GLU A 748 -54.02 103.11 -4.47
C GLU A 748 -55.10 103.04 -5.52
N ILE A 749 -54.78 103.30 -6.78
CA ILE A 749 -55.84 103.42 -7.77
C ILE A 749 -56.27 102.05 -8.27
N SER A 750 -55.38 101.06 -8.22
CA SER A 750 -55.64 99.64 -8.49
C SER A 750 -56.21 99.44 -9.89
N ASP A 751 -55.36 99.74 -10.87
CA ASP A 751 -55.73 99.59 -12.26
C ASP A 751 -56.05 98.15 -12.61
N VAL A 752 -56.96 98.01 -13.58
CA VAL A 752 -57.38 96.70 -14.04
C VAL A 752 -56.32 96.10 -14.96
N GLN A 753 -55.54 96.96 -15.61
CA GLN A 753 -54.53 96.52 -16.56
C GLN A 753 -53.44 95.72 -15.85
N ARG A 754 -52.99 96.20 -14.69
CA ARG A 754 -52.00 95.46 -13.92
C ARG A 754 -52.58 94.15 -13.40
N MET A 755 -53.88 94.09 -13.16
CA MET A 755 -54.51 92.84 -12.77
C MET A 755 -54.54 91.84 -13.91
N ASN A 756 -54.69 92.31 -15.15
CA ASN A 756 -54.50 91.42 -16.30
C ASN A 756 -53.04 91.00 -16.44
N LEU A 757 -52.13 91.89 -16.11
CA LEU A 757 -50.75 91.56 -16.38
C LEU A 757 -50.05 90.88 -15.21
N ILE A 758 -50.76 90.57 -14.13
CA ILE A 758 -50.17 89.61 -13.21
C ILE A 758 -50.30 88.20 -13.78
N ASP A 759 -51.31 87.96 -14.61
CA ASP A 759 -51.28 86.73 -15.39
C ASP A 759 -50.28 86.84 -16.53
N SER A 760 -50.25 87.96 -17.25
CA SER A 760 -49.30 88.02 -18.35
C SER A 760 -47.87 88.29 -17.86
N SER A 761 -46.94 88.35 -18.80
CA SER A 761 -45.51 88.48 -18.50
C SER A 761 -45.02 89.92 -18.70
N VAL A 762 -45.48 90.80 -17.83
CA VAL A 762 -45.01 92.19 -17.80
C VAL A 762 -44.55 92.50 -16.38
N VAL A 763 -43.36 93.06 -16.26
CA VAL A 763 -42.79 93.32 -14.94
C VAL A 763 -43.12 94.74 -14.49
N PHE A 764 -43.34 94.90 -13.18
CA PHE A 764 -43.89 96.10 -12.56
C PHE A 764 -43.07 96.49 -11.34
N THR A 765 -42.72 97.77 -11.22
CA THR A 765 -41.85 98.25 -10.14
C THR A 765 -42.49 99.30 -9.25
N ASP A 766 -41.88 99.51 -8.08
CA ASP A 766 -42.43 100.42 -7.09
C ASP A 766 -41.94 101.85 -7.24
N ASN A 767 -40.96 102.09 -8.11
CA ASN A 767 -40.25 103.36 -8.36
C ASN A 767 -39.39 103.75 -7.18
N ASP A 768 -39.20 102.87 -6.20
CA ASP A 768 -38.41 103.29 -5.05
C ASP A 768 -36.92 103.10 -5.31
N ARG A 769 -36.54 102.04 -6.06
CA ARG A 769 -35.16 101.68 -6.41
C ARG A 769 -34.24 101.61 -5.21
N PRO A 770 -34.35 100.55 -4.40
CA PRO A 770 -33.78 100.57 -3.05
C PRO A 770 -32.26 100.65 -3.05
N SER A 771 -31.72 101.16 -1.95
CA SER A 771 -30.41 101.78 -1.90
C SER A 771 -29.27 100.83 -2.24
N ASN A 772 -28.13 101.45 -2.55
CA ASN A 772 -26.92 100.71 -2.86
C ASN A 772 -26.45 99.92 -1.64
N GLU A 773 -26.53 100.54 -0.45
CA GLU A 773 -26.18 99.86 0.79
C GLU A 773 -27.04 98.62 1.01
N ASN A 774 -28.35 98.77 0.89
CA ASN A 774 -29.25 97.63 1.11
C ASN A 774 -29.11 96.58 0.04
N THR A 775 -28.74 96.98 -1.18
CA THR A 775 -28.50 96.01 -2.23
C THR A 775 -27.28 95.15 -1.92
N ILE A 776 -26.21 95.79 -1.44
CA ILE A 776 -25.03 95.08 -0.97
C ILE A 776 -25.36 94.12 0.16
N LEU A 777 -26.16 94.59 1.12
CA LEU A 777 -26.50 93.72 2.24
C LEU A 777 -27.42 92.58 1.81
N SER A 778 -28.26 92.81 0.79
CA SER A 778 -29.08 91.73 0.27
C SER A 778 -28.24 90.67 -0.43
N LYS A 779 -27.23 91.09 -1.19
CA LYS A 779 -26.25 90.15 -1.72
C LYS A 779 -25.56 89.35 -0.63
N ILE A 780 -25.10 90.02 0.44
CA ILE A 780 -24.39 89.35 1.51
C ILE A 780 -25.27 88.31 2.17
N PHE A 781 -26.52 88.68 2.48
CA PHE A 781 -27.45 87.71 3.11
C PHE A 781 -27.76 86.56 2.17
N TYR A 782 -28.47 86.85 1.08
CA TYR A 782 -28.92 85.81 0.14
C TYR A 782 -27.79 85.12 -0.60
N PHE A 783 -26.54 85.42 -0.34
CA PHE A 783 -25.54 84.93 -1.23
C PHE A 783 -24.30 84.47 -0.49
N CYS A 784 -24.18 84.75 0.79
CA CYS A 784 -23.19 84.15 1.65
C CYS A 784 -23.80 83.58 2.92
N VAL A 785 -24.84 84.21 3.48
CA VAL A 785 -25.27 83.84 4.81
C VAL A 785 -26.16 82.60 4.78
N LEU A 786 -27.20 82.60 3.95
CA LEU A 786 -28.01 81.39 3.78
C LEU A 786 -27.27 80.18 3.23
N PRO A 787 -26.43 80.24 2.17
CA PRO A 787 -25.76 79.01 1.75
C PRO A 787 -24.72 78.51 2.74
N ALA A 788 -24.21 79.38 3.61
CA ALA A 788 -23.40 78.86 4.69
C ALA A 788 -24.25 78.16 5.74
N LEU A 789 -25.32 78.80 6.17
CA LEU A 789 -26.00 78.31 7.34
C LEU A 789 -26.98 77.20 7.04
N SER A 790 -27.68 77.26 5.92
CA SER A 790 -28.60 76.19 5.58
C SER A 790 -27.86 74.96 5.07
N ASN A 791 -26.60 75.15 4.61
CA ASN A 791 -25.86 74.18 3.80
C ASN A 791 -26.65 73.76 2.58
N ASN A 792 -27.03 74.77 1.79
CA ASN A 792 -27.69 74.60 0.50
C ASN A 792 -29.03 73.90 0.63
N LYS A 793 -29.70 74.08 1.76
CA LYS A 793 -30.96 73.38 1.98
C LYS A 793 -32.15 74.30 1.77
N ALA A 794 -32.06 75.15 0.75
CA ALA A 794 -33.15 76.04 0.39
C ALA A 794 -33.63 75.71 -1.01
N CYS A 795 -34.77 76.27 -1.38
CA CYS A 795 -35.26 76.11 -2.74
C CYS A 795 -36.08 77.32 -3.12
N GLY A 796 -35.90 77.81 -4.35
CA GLY A 796 -36.65 78.96 -4.78
C GLY A 796 -38.11 78.64 -4.99
N ALA A 797 -38.97 79.65 -4.97
CA ALA A 797 -40.37 79.34 -5.11
C ALA A 797 -41.15 80.49 -5.73
N GLY A 798 -42.16 80.10 -6.52
CA GLY A 798 -43.05 81.03 -7.16
C GLY A 798 -44.50 80.75 -6.83
N VAL A 799 -45.35 81.74 -7.13
CA VAL A 799 -46.71 81.80 -6.60
C VAL A 799 -47.66 82.34 -7.66
N ASN A 800 -48.83 81.71 -7.78
CA ASN A 800 -49.97 82.27 -8.50
C ASN A 800 -50.83 83.04 -7.50
N VAL A 801 -50.56 84.35 -7.38
CA VAL A 801 -51.23 85.15 -6.36
C VAL A 801 -52.72 85.31 -6.65
N LYS A 802 -53.12 85.23 -7.92
CA LYS A 802 -54.51 85.39 -8.28
C LYS A 802 -55.37 84.25 -7.76
N GLU A 803 -54.97 83.03 -8.09
CA GLU A 803 -55.66 81.86 -7.56
C GLU A 803 -55.45 81.74 -6.06
N LEU A 804 -54.35 82.27 -5.53
CA LEU A 804 -54.14 82.26 -4.10
C LEU A 804 -55.17 83.11 -3.37
N VAL A 805 -55.36 84.36 -3.79
CA VAL A 805 -56.32 85.21 -3.11
C VAL A 805 -57.74 84.73 -3.35
N LEU A 806 -58.04 84.23 -4.56
CA LEU A 806 -59.41 83.81 -4.82
C LEU A 806 -59.72 82.45 -4.25
N ASP A 807 -58.72 81.69 -3.82
CA ASP A 807 -59.06 80.50 -3.08
C ASP A 807 -59.09 80.74 -1.58
N LEU A 808 -58.17 81.57 -1.07
CA LEU A 808 -58.16 81.86 0.36
C LEU A 808 -59.44 82.57 0.78
N PHE A 809 -59.92 83.48 -0.06
CA PHE A 809 -61.09 84.24 0.33
C PHE A 809 -61.94 84.68 -0.84
N TYR A 810 -62.73 85.74 -0.59
CA TYR A 810 -63.74 86.24 -1.51
C TYR A 810 -64.80 85.15 -1.75
N THR A 811 -65.31 84.56 -0.65
CA THR A 811 -66.66 84.02 -0.77
C THR A 811 -67.66 84.56 0.25
N GLU A 812 -67.51 84.21 1.54
CA GLU A 812 -68.57 84.56 2.50
C GLU A 812 -68.38 85.77 3.44
N PRO A 813 -67.30 85.85 4.25
CA PRO A 813 -67.31 86.86 5.33
C PRO A 813 -67.08 88.25 4.82
N PHE A 814 -66.04 88.39 4.01
CA PHE A 814 -65.50 89.69 3.65
C PHE A 814 -66.43 90.44 2.72
N ILE A 815 -67.03 89.74 1.78
CA ILE A 815 -67.66 90.42 0.66
C ILE A 815 -69.05 90.88 1.06
N CYS A 816 -69.52 90.41 2.21
CA CYS A 816 -70.63 91.02 2.90
C CYS A 816 -70.29 92.44 3.35
N PRO A 817 -71.29 93.27 3.61
CA PRO A 817 -71.03 94.58 4.19
C PRO A 817 -70.56 94.52 5.64
N ASP A 818 -70.03 95.67 6.08
CA ASP A 818 -69.50 95.95 7.41
C ASP A 818 -70.26 95.45 8.64
N ASP A 819 -71.58 95.61 8.68
CA ASP A 819 -72.41 94.98 9.72
C ASP A 819 -72.17 93.49 9.86
N CYS A 820 -72.12 92.77 8.74
CA CYS A 820 -71.77 91.35 8.78
C CYS A 820 -70.27 91.12 8.89
N PHE A 821 -69.46 91.98 8.26
CA PHE A 821 -68.01 91.78 8.25
C PHE A 821 -67.39 91.94 9.63
N GLN A 822 -67.89 92.88 10.42
CA GLN A 822 -67.24 93.28 11.66
C GLN A 822 -67.46 92.26 12.76
N GLU A 823 -68.52 91.45 12.67
CA GLU A 823 -68.84 90.46 13.68
C GLU A 823 -68.79 89.03 13.18
N ASN A 824 -68.75 88.82 11.88
CA ASN A 824 -69.02 87.50 11.34
C ASN A 824 -67.75 86.66 11.35
N PRO A 825 -67.76 85.46 11.92
CA PRO A 825 -66.61 84.57 11.80
C PRO A 825 -66.37 84.07 10.38
N ILE A 826 -65.25 83.39 10.18
CA ILE A 826 -64.77 83.00 8.87
C ILE A 826 -65.65 81.85 8.35
N SER A 827 -65.49 81.48 7.08
CA SER A 827 -66.33 80.46 6.46
C SER A 827 -66.10 79.06 7.00
N SER A 828 -65.15 78.89 7.94
CA SER A 828 -64.67 77.59 8.42
C SER A 828 -64.24 76.72 7.24
N ASP A 829 -63.48 77.34 6.33
CA ASP A 829 -62.99 76.65 5.16
C ASP A 829 -61.91 75.65 5.54
N VAL A 830 -61.59 74.78 4.58
CA VAL A 830 -60.59 73.74 4.79
C VAL A 830 -59.21 74.36 4.91
N LEU A 831 -58.97 75.47 4.21
CA LEU A 831 -57.59 75.88 4.01
C LEU A 831 -57.17 76.90 5.08
N MET A 832 -57.86 78.03 5.11
CA MET A 832 -57.26 79.24 5.67
C MET A 832 -57.34 79.26 7.18
N SER A 833 -58.47 78.81 7.72
CA SER A 833 -58.59 78.68 9.17
C SER A 833 -57.61 77.64 9.70
N LEU A 834 -57.38 76.58 8.92
CA LEU A 834 -56.40 75.59 9.32
C LEU A 834 -54.97 76.14 9.27
N ILE A 835 -54.67 76.99 8.28
CA ILE A 835 -53.38 77.68 8.24
C ILE A 835 -53.17 78.49 9.50
N ARG A 836 -54.20 79.24 9.89
CA ARG A 836 -54.04 80.10 11.06
C ARG A 836 -54.02 79.27 12.34
N GLU A 837 -54.71 78.13 12.34
CA GLU A 837 -54.62 77.21 13.46
C GLU A 837 -53.23 76.59 13.56
N ALA A 838 -52.60 76.37 12.41
CA ALA A 838 -51.24 75.86 12.42
C ALA A 838 -50.28 76.89 12.97
N MET A 839 -50.57 78.18 12.74
CA MET A 839 -49.71 79.19 13.34
C MET A 839 -50.04 79.42 14.82
N GLY A 840 -51.24 79.05 15.27
CA GLY A 840 -51.55 79.11 16.68
C GLY A 840 -52.63 78.11 17.12
N PRO A 841 -52.29 77.24 18.07
CA PRO A 841 -53.28 76.27 18.56
C PRO A 841 -54.11 76.76 19.73
N GLY A 842 -55.42 76.66 19.61
CA GLY A 842 -56.28 77.13 20.67
C GLY A 842 -56.32 78.64 20.73
N TYR A 843 -56.66 79.15 21.91
CA TYR A 843 -56.73 80.56 22.34
C TYR A 843 -57.57 81.45 21.41
N THR A 844 -58.37 80.85 20.53
CA THR A 844 -59.01 81.56 19.43
C THR A 844 -60.42 81.03 19.35
N VAL A 845 -61.38 81.79 19.87
CA VAL A 845 -62.74 81.30 19.98
C VAL A 845 -63.40 81.27 18.61
N ALA A 846 -63.37 82.39 17.89
CA ALA A 846 -63.91 82.39 16.55
C ALA A 846 -62.95 81.80 15.54
N ASN A 847 -61.67 81.68 15.92
CA ASN A 847 -60.46 81.28 15.19
C ASN A 847 -59.99 82.41 14.26
N THR A 848 -60.74 83.50 14.14
CA THR A 848 -60.24 84.71 13.51
C THR A 848 -60.35 85.88 14.48
N SER A 849 -59.70 85.76 15.64
CA SER A 849 -59.76 86.83 16.64
C SER A 849 -59.01 88.03 16.09
N SER A 850 -59.70 88.80 15.24
CA SER A 850 -59.26 89.92 14.43
C SER A 850 -58.20 89.56 13.38
N ILE A 851 -57.84 88.29 13.23
CA ILE A 851 -56.66 88.00 12.42
C ILE A 851 -57.00 87.98 10.94
N ALA A 852 -58.20 87.54 10.56
CA ALA A 852 -58.58 87.63 9.16
C ALA A 852 -58.87 89.07 8.79
N LYS A 853 -59.33 89.86 9.77
CA LYS A 853 -59.45 91.29 9.55
C LYS A 853 -58.09 91.93 9.28
N GLN A 854 -57.08 91.61 10.08
CA GLN A 854 -55.77 92.21 9.89
C GLN A 854 -55.13 91.78 8.57
N LEU A 855 -55.24 90.51 8.21
CA LEU A 855 -54.68 90.04 6.94
C LEU A 855 -55.43 90.66 5.75
N PHE A 856 -56.75 90.71 5.82
CA PHE A 856 -57.51 91.28 4.71
C PHE A 856 -57.31 92.78 4.61
N LYS A 857 -57.13 93.46 5.74
CA LYS A 857 -56.74 94.86 5.70
C LYS A 857 -55.35 95.02 5.10
N SER A 858 -54.50 94.02 5.26
CA SER A 858 -53.13 94.14 4.78
C SER A 858 -53.03 93.99 3.27
N LEU A 859 -53.88 93.18 2.68
CA LEU A 859 -53.57 92.76 1.31
C LEU A 859 -53.95 93.78 0.23
N ILE A 860 -54.01 95.08 0.52
CA ILE A 860 -54.00 96.09 -0.54
C ILE A 860 -52.66 96.14 -1.25
N TYR A 861 -51.59 95.72 -0.61
CA TYR A 861 -50.26 95.76 -1.20
C TYR A 861 -49.92 94.42 -1.84
N ILE A 862 -50.59 94.13 -2.95
CA ILE A 862 -50.33 92.89 -3.69
C ILE A 862 -49.57 93.22 -4.96
N ASN A 863 -49.09 92.17 -5.61
CA ASN A 863 -48.03 92.27 -6.61
C ASN A 863 -48.32 91.34 -7.78
N GLU A 864 -47.26 91.01 -8.50
CA GLU A 864 -47.31 90.16 -9.67
C GLU A 864 -47.26 88.68 -9.27
N ASN A 865 -47.45 87.83 -10.26
CA ASN A 865 -46.97 86.47 -10.14
C ASN A 865 -45.46 86.45 -10.27
N THR A 866 -44.84 85.39 -9.77
CA THR A 866 -43.41 85.27 -9.81
C THR A 866 -42.91 84.97 -11.22
N LYS A 867 -41.88 85.69 -11.64
CA LYS A 867 -41.33 85.60 -12.98
C LYS A 867 -39.83 85.33 -12.92
N ILE A 868 -39.34 84.55 -13.86
CA ILE A 868 -37.90 84.41 -14.08
C ILE A 868 -37.42 85.62 -14.88
N LEU A 869 -36.23 86.13 -14.56
CA LEU A 869 -35.61 87.14 -15.40
C LEU A 869 -34.22 86.66 -15.80
N GLU A 870 -33.90 86.73 -17.09
CA GLU A 870 -32.51 86.57 -17.49
C GLU A 870 -31.78 87.89 -17.41
N VAL A 871 -30.46 87.79 -17.33
CA VAL A 871 -29.57 88.93 -17.36
C VAL A 871 -28.43 88.58 -18.30
N GLU A 872 -28.28 89.34 -19.37
CA GLU A 872 -27.13 89.10 -20.26
C GLU A 872 -26.16 90.26 -20.12
N VAL A 873 -25.42 90.29 -19.01
CA VAL A 873 -24.55 91.43 -18.71
C VAL A 873 -23.13 91.06 -19.13
N SER A 874 -22.41 92.04 -19.67
CA SER A 874 -21.02 91.89 -19.98
C SER A 874 -20.21 92.26 -18.75
N LEU A 875 -18.94 91.89 -18.75
CA LEU A 875 -18.15 91.98 -17.53
C LEU A 875 -17.70 93.42 -17.31
N ASP A 876 -16.95 93.60 -16.22
CA ASP A 876 -16.20 94.82 -15.99
C ASP A 876 -15.15 94.98 -17.08
N PRO A 877 -14.75 96.22 -17.40
CA PRO A 877 -13.98 96.42 -18.63
C PRO A 877 -12.56 95.85 -18.58
N ALA A 878 -11.96 95.79 -17.40
CA ALA A 878 -10.62 95.25 -17.24
C ALA A 878 -10.57 93.75 -17.48
N GLN A 879 -11.70 93.05 -17.39
CA GLN A 879 -11.82 91.66 -17.79
C GLN A 879 -12.46 91.52 -19.16
N ARG A 880 -13.17 92.55 -19.61
CA ARG A 880 -13.74 92.59 -20.96
C ARG A 880 -12.64 92.58 -22.02
N HIS A 881 -11.46 93.11 -21.67
CA HIS A 881 -10.35 93.27 -22.62
C HIS A 881 -9.98 92.00 -23.40
N GLY A 882 -9.60 90.93 -22.71
CA GLY A 882 -8.82 89.91 -23.40
C GLY A 882 -9.54 88.89 -24.25
N ASN A 883 -10.08 89.32 -25.40
CA ASN A 883 -10.99 88.53 -26.25
C ASN A 883 -12.14 87.98 -25.43
N SER A 884 -12.59 88.78 -24.48
CA SER A 884 -13.76 88.49 -23.67
C SER A 884 -14.82 89.56 -23.88
N VAL A 885 -14.69 90.32 -24.96
CA VAL A 885 -15.63 91.40 -25.27
C VAL A 885 -17.00 90.81 -25.55
N HIS A 886 -17.04 89.74 -26.33
CA HIS A 886 -18.25 88.99 -26.61
C HIS A 886 -18.27 87.78 -25.67
N PHE A 887 -18.64 88.04 -24.42
CA PHE A 887 -18.74 86.96 -23.44
C PHE A 887 -20.13 86.80 -22.86
N GLN A 888 -20.76 87.87 -22.37
CA GLN A 888 -22.19 87.89 -22.05
C GLN A 888 -22.56 86.91 -20.93
N SER A 889 -22.18 87.27 -19.70
CA SER A 889 -22.58 86.53 -18.50
C SER A 889 -24.09 86.37 -18.40
N LEU A 890 -24.52 85.18 -18.01
CA LEU A 890 -25.94 84.86 -17.93
C LEU A 890 -26.34 84.65 -16.48
N GLN A 891 -27.25 85.49 -15.99
CA GLN A 891 -27.74 85.43 -14.63
C GLN A 891 -29.26 85.29 -14.60
N HIS A 892 -29.74 84.28 -13.90
CA HIS A 892 -31.15 84.13 -13.61
C HIS A 892 -31.46 84.66 -12.22
N ILE A 893 -32.54 85.40 -12.11
CA ILE A 893 -32.96 86.06 -10.88
C ILE A 893 -34.45 85.83 -10.70
N LEU A 894 -34.83 85.31 -9.53
CA LEU A 894 -36.21 84.92 -9.27
C LEU A 894 -36.95 86.18 -8.86
N TYR A 895 -37.56 86.83 -9.84
CA TYR A 895 -38.26 88.08 -9.59
C TYR A 895 -39.56 87.82 -8.88
N ASN A 896 -39.75 88.52 -7.75
CA ASN A 896 -41.03 88.57 -7.03
C ASN A 896 -41.45 87.17 -6.57
N GLY A 897 -40.48 86.41 -6.09
CA GLY A 897 -40.71 85.09 -5.55
C GLY A 897 -40.14 85.05 -4.16
N LEU A 898 -39.82 83.86 -3.66
CA LEU A 898 -39.30 83.81 -2.31
C LEU A 898 -38.42 82.58 -2.12
N CYS A 899 -37.53 82.67 -1.15
CA CYS A 899 -36.83 81.47 -0.70
C CYS A 899 -37.81 80.58 0.07
N LEU A 900 -37.53 79.28 0.06
CA LEU A 900 -38.41 78.32 0.68
C LEU A 900 -37.55 77.28 1.36
N ILE A 901 -38.03 76.77 2.49
CA ILE A 901 -37.13 76.12 3.42
C ILE A 901 -37.66 74.77 3.88
N SER A 902 -38.94 74.51 3.67
CA SER A 902 -39.56 73.36 4.30
C SER A 902 -40.71 72.93 3.42
N PRO A 903 -40.97 71.63 3.31
CA PRO A 903 -41.98 71.13 2.37
C PRO A 903 -43.39 71.62 2.64
N ILE A 904 -43.88 72.42 1.71
CA ILE A 904 -45.22 72.97 1.81
C ILE A 904 -46.23 71.90 1.43
N THR A 905 -47.23 71.71 2.29
CA THR A 905 -48.19 70.62 2.15
C THR A 905 -49.60 71.12 1.90
N THR A 906 -50.03 72.15 2.62
CA THR A 906 -51.39 72.66 2.44
C THR A 906 -51.54 73.40 1.13
N LEU A 907 -50.51 74.14 0.74
CA LEU A 907 -50.54 75.04 -0.40
C LEU A 907 -49.78 74.47 -1.59
N ARG A 908 -49.86 73.15 -1.77
CA ARG A 908 -49.21 72.50 -2.91
C ARG A 908 -49.82 72.91 -4.23
N ARG A 909 -51.04 73.45 -4.22
CA ARG A 909 -51.71 73.82 -5.44
C ARG A 909 -51.16 75.12 -6.00
N TYR A 910 -50.62 76.01 -5.15
CA TYR A 910 -50.40 77.40 -5.51
C TYR A 910 -48.94 77.82 -5.50
N TYR A 911 -48.02 76.92 -5.21
CA TYR A 911 -46.61 77.23 -5.15
C TYR A 911 -45.84 76.31 -6.08
N GLN A 912 -45.12 76.86 -6.96
CA GLN A 912 -44.19 76.04 -7.70
C GLN A 912 -42.83 76.13 -7.06
N PRO A 913 -42.22 75.00 -6.70
CA PRO A 913 -40.79 75.02 -6.38
C PRO A 913 -39.98 75.24 -7.65
N ILE A 914 -39.15 76.26 -7.63
CA ILE A 914 -38.32 76.61 -8.78
C ILE A 914 -36.87 76.43 -8.39
N PRO A 915 -36.26 75.29 -8.66
CA PRO A 915 -34.80 75.16 -8.51
C PRO A 915 -34.11 75.85 -9.68
N PHE A 916 -33.44 76.95 -9.39
CA PHE A 916 -32.91 77.74 -10.50
C PHE A 916 -31.42 78.04 -10.39
N HIS A 917 -30.91 78.17 -9.18
CA HIS A 917 -29.56 78.66 -8.97
C HIS A 917 -28.63 77.52 -8.54
N ARG A 918 -27.33 77.83 -8.44
CA ARG A 918 -26.38 76.90 -7.84
C ARG A 918 -26.77 76.57 -6.41
N PHE A 919 -27.00 77.61 -5.61
CA PHE A 919 -27.61 77.41 -4.31
C PHE A 919 -29.11 77.27 -4.53
N PHE A 920 -29.89 77.26 -3.44
CA PHE A 920 -31.35 77.43 -3.46
C PHE A 920 -32.04 76.38 -4.31
N SER A 921 -31.52 75.16 -4.30
CA SER A 921 -32.01 74.13 -5.19
C SER A 921 -32.11 72.78 -4.49
N ASP A 922 -32.69 72.76 -3.28
CA ASP A 922 -32.65 71.55 -2.45
C ASP A 922 -33.63 70.51 -2.99
N PRO A 923 -33.15 69.35 -3.45
CA PRO A 923 -34.09 68.40 -4.06
C PRO A 923 -34.96 67.70 -3.04
N GLY A 924 -34.45 67.50 -1.82
CA GLY A 924 -35.29 66.99 -0.74
C GLY A 924 -36.41 67.91 -0.34
N ILE A 925 -36.29 69.21 -0.65
CA ILE A 925 -37.41 70.11 -0.53
C ILE A 925 -38.30 70.05 -1.76
N CYS A 926 -37.70 70.05 -2.95
CA CYS A 926 -38.48 70.24 -4.17
C CYS A 926 -39.31 69.00 -4.52
N GLY A 927 -38.77 67.81 -4.28
CA GLY A 927 -39.48 66.57 -4.59
C GLY A 927 -40.63 66.27 -3.65
N THR A 928 -40.76 67.02 -2.57
CA THR A 928 -41.91 66.87 -1.72
C THR A 928 -43.09 67.68 -2.22
N MET A 929 -42.84 68.89 -2.72
CA MET A 929 -43.93 69.65 -3.33
C MET A 929 -44.34 69.03 -4.66
N ASN A 930 -43.37 68.69 -5.50
CA ASN A 930 -43.72 68.18 -6.82
C ASN A 930 -43.38 66.71 -6.91
N ALA A 931 -44.32 65.94 -7.44
CA ALA A 931 -44.11 64.52 -7.62
C ALA A 931 -43.22 64.22 -8.80
N ASP A 932 -43.13 65.13 -9.77
CA ASP A 932 -42.32 64.87 -10.95
C ASP A 932 -40.84 64.92 -10.64
N ILE A 933 -40.45 65.79 -9.71
CA ILE A 933 -39.08 65.76 -9.22
C ILE A 933 -38.84 64.51 -8.40
N GLN A 934 -39.84 64.07 -7.64
CA GLN A 934 -39.66 62.91 -6.76
C GLN A 934 -39.50 61.62 -7.56
N VAL A 935 -40.32 61.44 -8.60
CA VAL A 935 -40.15 60.23 -9.41
C VAL A 935 -38.91 60.33 -10.28
N PHE A 936 -38.42 61.54 -10.52
CA PHE A 936 -37.09 61.69 -11.07
C PHE A 936 -36.03 61.28 -10.06
N LEU A 937 -36.31 61.46 -8.77
CA LEU A 937 -35.38 61.03 -7.72
C LEU A 937 -35.67 59.61 -7.25
N ASN A 938 -36.88 59.10 -7.49
CA ASN A 938 -37.16 57.71 -7.19
C ASN A 938 -36.34 56.76 -8.05
N THR A 939 -36.06 57.15 -9.30
CA THR A 939 -35.30 56.31 -10.22
C THR A 939 -33.81 56.57 -10.11
N PHE A 940 -33.44 57.80 -9.77
CA PHE A 940 -32.08 58.32 -9.93
C PHE A 940 -31.67 58.93 -8.60
N PRO A 941 -31.17 58.11 -7.66
CA PRO A 941 -31.03 58.59 -6.28
C PRO A 941 -29.86 59.52 -6.07
N HIS A 942 -28.94 59.60 -7.01
CA HIS A 942 -27.75 60.40 -6.81
C HIS A 942 -27.92 61.84 -7.24
N TYR A 943 -29.11 62.25 -7.57
CA TYR A 943 -29.38 63.67 -7.69
C TYR A 943 -30.09 64.21 -6.47
N GLN A 944 -30.21 63.42 -5.42
CA GLN A 944 -30.76 63.91 -4.15
C GLN A 944 -29.72 64.72 -3.37
N ARG A 945 -28.51 64.87 -3.89
CA ARG A 945 -27.40 65.37 -3.11
C ARG A 945 -27.42 66.90 -2.99
N ASN A 946 -27.26 67.38 -1.76
CA ASN A 946 -27.25 68.81 -1.47
C ASN A 946 -26.05 69.54 -2.03
N ASP A 947 -25.01 68.78 -2.36
CA ASP A 947 -23.65 69.33 -2.32
C ASP A 947 -23.31 70.13 -3.57
N GLY A 948 -23.18 69.45 -4.69
CA GLY A 948 -22.77 70.07 -5.91
C GLY A 948 -23.97 70.53 -6.70
N GLY A 949 -23.88 70.32 -7.99
CA GLY A 949 -25.02 70.55 -8.84
C GLY A 949 -25.70 69.27 -9.22
N PHE A 950 -26.86 69.02 -8.66
CA PHE A 950 -27.77 68.14 -9.36
C PHE A 950 -28.40 68.98 -10.47
N PRO A 951 -28.85 68.37 -11.58
CA PRO A 951 -29.17 69.17 -12.76
C PRO A 951 -30.38 70.07 -12.56
N LEU A 952 -30.20 71.31 -12.98
CA LEU A 952 -31.27 72.25 -13.12
C LEU A 952 -31.96 71.95 -14.45
N PRO A 953 -33.09 72.58 -14.75
CA PRO A 953 -33.61 72.54 -16.12
C PRO A 953 -32.62 73.15 -17.07
N PRO A 954 -32.43 72.57 -18.26
CA PRO A 954 -31.28 72.90 -19.13
C PRO A 954 -31.18 74.37 -19.57
N PRO A 955 -32.26 75.14 -19.70
CA PRO A 955 -32.03 76.58 -19.84
C PRO A 955 -31.52 77.25 -18.58
N LEU A 956 -31.73 76.66 -17.42
CA LEU A 956 -31.17 77.22 -16.20
C LEU A 956 -29.79 76.68 -15.88
N ALA A 957 -29.48 75.47 -16.34
CA ALA A 957 -28.21 74.81 -16.04
C ALA A 957 -27.17 75.26 -17.05
N LEU A 958 -26.63 76.45 -16.82
CA LEU A 958 -25.59 77.02 -17.68
C LEU A 958 -24.40 77.33 -16.80
N GLU A 959 -23.53 76.33 -16.59
CA GLU A 959 -22.51 76.46 -15.55
C GLU A 959 -21.43 77.45 -15.93
N PHE A 960 -20.94 77.40 -17.16
CA PHE A 960 -19.84 78.29 -17.51
C PHE A 960 -20.30 79.73 -17.71
N TYR A 961 -21.57 79.95 -17.98
CA TYR A 961 -22.06 81.30 -18.15
C TYR A 961 -22.57 81.92 -16.86
N ASN A 962 -22.70 81.14 -15.79
CA ASN A 962 -23.02 81.75 -14.53
C ASN A 962 -21.78 82.38 -13.91
N TRP A 963 -22.00 83.03 -12.80
CA TRP A 963 -20.93 83.65 -12.02
C TRP A 963 -20.34 82.70 -11.01
N GLN A 964 -21.13 81.79 -10.47
CA GLN A 964 -20.74 80.95 -9.36
C GLN A 964 -20.67 79.55 -9.89
N ARG A 965 -19.51 78.94 -9.81
CA ARG A 965 -19.36 77.62 -10.34
C ARG A 965 -19.49 76.63 -9.21
N THR A 966 -19.22 75.38 -9.55
CA THR A 966 -19.21 74.24 -8.64
C THR A 966 -18.50 74.41 -7.29
N PRO A 967 -17.28 74.98 -7.18
CA PRO A 967 -16.62 74.98 -5.86
C PRO A 967 -17.30 75.81 -4.80
N PHE A 968 -18.13 76.78 -5.16
CA PHE A 968 -18.92 77.48 -4.15
C PHE A 968 -19.90 76.55 -3.47
N SER A 969 -20.65 75.77 -4.25
CA SER A 969 -21.56 74.81 -3.67
C SER A 969 -20.83 73.68 -2.99
N VAL A 970 -19.66 73.29 -3.51
CA VAL A 970 -18.95 72.16 -2.92
C VAL A 970 -18.40 72.54 -1.55
N TYR A 971 -17.93 73.77 -1.38
CA TYR A 971 -17.60 74.23 -0.04
C TYR A 971 -18.85 74.40 0.81
N SER A 972 -19.91 74.97 0.23
CA SER A 972 -21.12 75.28 0.98
C SER A 972 -21.86 74.04 1.45
N ALA A 973 -21.56 72.87 0.90
CA ALA A 973 -22.14 71.63 1.40
C ALA A 973 -21.71 71.32 2.82
N PHE A 974 -20.40 71.40 3.08
CA PHE A 974 -19.85 70.89 4.32
C PHE A 974 -19.16 71.98 5.11
N CYS A 975 -19.45 73.23 4.80
CA CYS A 975 -18.92 74.33 5.57
C CYS A 975 -19.41 74.27 7.01
N PRO A 976 -18.58 74.62 7.99
CA PRO A 976 -19.07 74.67 9.37
C PRO A 976 -19.72 76.01 9.63
N ASN A 977 -20.74 75.98 10.47
CA ASN A 977 -21.66 77.10 10.58
C ASN A 977 -21.19 78.13 11.62
N SER A 978 -19.95 78.59 11.51
CA SER A 978 -19.35 79.31 12.64
C SER A 978 -18.63 80.56 12.18
N LEU A 979 -19.28 81.31 11.28
CA LEU A 979 -18.93 82.68 10.85
C LEU A 979 -17.65 82.75 10.02
N LEU A 980 -16.80 81.73 10.08
CA LEU A 980 -15.70 81.69 9.14
C LEU A 980 -16.19 81.26 7.78
N SER A 981 -17.26 80.47 7.75
CA SER A 981 -17.84 80.12 6.46
C SER A 981 -18.49 81.33 5.81
N ILE A 982 -19.19 82.14 6.60
CA ILE A 982 -19.83 83.34 6.08
C ILE A 982 -18.79 84.33 5.60
N MET A 983 -17.81 84.63 6.46
CA MET A 983 -16.70 85.49 6.06
C MET A 983 -15.90 84.88 4.92
N THR A 984 -15.86 83.55 4.81
CA THR A 984 -15.01 83.01 3.77
C THR A 984 -15.73 82.94 2.45
N LEU A 985 -17.05 82.93 2.43
CA LEU A 985 -17.74 83.08 1.15
C LEU A 985 -17.62 84.50 0.67
N ALA A 986 -17.72 85.47 1.60
CA ALA A 986 -17.42 86.84 1.21
C ALA A 986 -15.98 87.03 0.76
N ALA A 987 -15.05 86.25 1.32
CA ALA A 987 -13.67 86.32 0.84
C ALA A 987 -13.54 85.70 -0.53
N MET A 988 -14.19 84.56 -0.74
CA MET A 988 -14.10 83.83 -2.00
C MET A 988 -14.76 84.55 -3.15
N HIS A 989 -15.63 85.52 -2.90
CA HIS A 989 -16.17 86.21 -4.07
C HIS A 989 -15.26 87.29 -4.63
N SER A 990 -14.02 87.44 -4.15
CA SER A 990 -13.11 88.43 -4.70
C SER A 990 -12.69 88.06 -6.12
N LYS A 991 -12.36 89.07 -6.91
CA LYS A 991 -12.25 88.84 -8.35
C LYS A 991 -10.82 88.56 -8.77
N LEU A 992 -10.69 88.12 -10.02
CA LEU A 992 -9.41 87.80 -10.64
C LEU A 992 -9.03 88.80 -11.71
N SER A 993 -9.47 90.00 -11.56
CA SER A 993 -9.12 91.05 -12.48
C SER A 993 -7.67 91.48 -12.28
N PRO A 994 -7.02 92.01 -13.31
CA PRO A 994 -5.72 92.64 -13.08
C PRO A 994 -5.74 93.79 -12.09
N VAL A 995 -6.78 94.62 -12.08
CA VAL A 995 -6.82 95.66 -11.06
C VAL A 995 -7.14 95.06 -9.69
N ALA A 996 -7.81 93.91 -9.67
CA ALA A 996 -8.07 93.23 -8.41
C ALA A 996 -6.77 92.69 -7.83
N ILE A 997 -5.93 92.11 -8.68
CA ILE A 997 -4.59 91.69 -8.28
C ILE A 997 -3.78 92.89 -7.82
N ALA A 998 -3.94 94.03 -8.50
CA ALA A 998 -3.20 95.25 -8.15
C ALA A 998 -3.54 95.73 -6.74
N ILE A 999 -4.83 95.85 -6.43
CA ILE A 999 -5.11 96.42 -5.12
C ILE A 999 -5.10 95.38 -4.01
N GLN A 1000 -5.21 94.08 -4.33
CA GLN A 1000 -4.92 93.09 -3.30
C GLN A 1000 -3.44 93.05 -2.99
N SER A 1001 -2.59 93.25 -3.99
CA SER A 1001 -1.17 93.40 -3.75
C SER A 1001 -0.87 94.65 -2.95
N LYS A 1002 -1.68 95.69 -3.14
CA LYS A 1002 -1.55 96.88 -2.30
C LYS A 1002 -1.91 96.58 -0.85
N SER A 1003 -2.99 95.85 -0.63
CA SER A 1003 -3.48 95.61 0.72
C SER A 1003 -2.81 94.43 1.40
N LYS A 1004 -1.86 93.77 0.73
CA LYS A 1004 -1.17 92.57 1.22
C LYS A 1004 -2.16 91.47 1.58
N ILE A 1005 -3.07 91.19 0.65
CA ILE A 1005 -3.94 90.04 0.74
C ILE A 1005 -3.40 89.04 -0.27
N HIS A 1006 -3.14 87.82 0.17
CA HIS A 1006 -2.54 86.83 -0.72
C HIS A 1006 -3.53 86.40 -1.79
N PRO A 1007 -3.25 86.65 -3.06
CA PRO A 1007 -4.15 86.21 -4.12
C PRO A 1007 -3.96 84.72 -4.35
N GLY A 1008 -4.82 84.16 -5.19
CA GLY A 1008 -4.81 82.72 -5.38
C GLY A 1008 -3.77 82.23 -6.35
N PHE A 1009 -2.52 82.62 -6.17
CA PHE A 1009 -1.45 82.20 -7.06
C PHE A 1009 -0.20 81.94 -6.26
N ALA A 1010 0.75 81.34 -6.94
CA ALA A 1010 2.11 81.29 -6.49
C ALA A 1010 2.95 81.47 -7.73
N ALA A 1011 4.26 81.38 -7.58
CA ALA A 1011 5.12 81.70 -8.70
C ALA A 1011 6.46 81.03 -8.50
N THR A 1012 7.09 80.67 -9.60
CA THR A 1012 8.45 80.16 -9.59
C THR A 1012 9.30 81.24 -10.23
N LEU A 1013 9.89 82.09 -9.43
CA LEU A 1013 10.76 83.14 -9.97
C LEU A 1013 12.07 82.52 -10.38
N VAL A 1014 12.40 82.59 -11.66
CA VAL A 1014 13.67 82.07 -12.13
C VAL A 1014 14.60 83.26 -12.34
N ARG A 1015 15.90 82.99 -12.25
CA ARG A 1015 16.91 84.03 -12.36
C ARG A 1015 18.21 83.39 -12.78
N THR A 1016 18.92 84.02 -13.69
CA THR A 1016 20.23 83.51 -14.05
C THR A 1016 21.30 84.46 -13.55
N ASP A 1017 22.49 83.93 -13.37
CA ASP A 1017 23.57 84.69 -12.79
C ASP A 1017 24.83 84.36 -13.55
N ASN A 1018 25.62 85.38 -13.83
CA ASN A 1018 26.82 85.22 -14.64
C ASN A 1018 28.05 85.60 -13.84
N PHE A 1019 29.03 84.71 -13.87
CA PHE A 1019 30.14 84.66 -12.93
C PHE A 1019 31.43 84.85 -13.71
N ASP A 1020 32.45 85.37 -13.06
CA ASP A 1020 33.77 85.40 -13.66
C ASP A 1020 34.53 84.16 -13.23
N VAL A 1021 34.83 83.28 -14.17
CA VAL A 1021 35.50 82.02 -13.90
C VAL A 1021 36.85 82.03 -14.60
N GLU A 1022 37.90 81.77 -13.85
CA GLU A 1022 39.13 81.38 -14.50
C GLU A 1022 39.13 79.86 -14.59
N CYS A 1023 39.59 79.34 -15.72
CA CYS A 1023 39.23 77.98 -16.10
C CYS A 1023 40.33 77.40 -16.96
N LEU A 1024 41.05 76.41 -16.41
CA LEU A 1024 42.27 75.93 -17.03
C LEU A 1024 42.00 74.81 -18.03
N LEU A 1025 42.93 74.65 -18.97
CA LEU A 1025 42.83 73.70 -20.06
C LEU A 1025 44.03 72.77 -20.09
N TYR A 1026 43.80 71.53 -20.49
CA TYR A 1026 44.83 70.53 -20.74
C TYR A 1026 44.67 69.98 -22.15
N SER A 1027 45.76 69.59 -22.77
CA SER A 1027 45.69 68.92 -24.06
C SER A 1027 46.86 67.97 -24.17
N SER A 1028 46.64 66.83 -24.79
CA SER A 1028 47.74 65.93 -25.06
C SER A 1028 48.64 66.54 -26.13
N ARG A 1029 49.90 66.12 -26.14
CA ARG A 1029 50.88 66.76 -26.99
C ARG A 1029 50.67 66.32 -28.43
N ALA A 1030 50.96 67.23 -29.36
CA ALA A 1030 50.83 67.03 -30.81
C ALA A 1030 49.42 66.59 -31.20
N ALA A 1031 48.42 67.10 -30.50
CA ALA A 1031 47.06 66.68 -30.75
C ALA A 1031 46.50 67.29 -32.02
N THR A 1032 47.07 68.40 -32.47
CA THR A 1032 46.52 69.13 -33.60
C THR A 1032 47.63 69.90 -34.32
N SER A 1033 47.55 69.90 -35.64
CA SER A 1033 48.58 70.49 -36.47
C SER A 1033 48.08 71.72 -37.20
N ILE A 1034 49.03 72.57 -37.56
CA ILE A 1034 48.79 73.87 -38.17
C ILE A 1034 49.58 73.92 -39.46
N ILE A 1035 48.89 74.08 -40.58
CA ILE A 1035 49.56 74.29 -41.85
C ILE A 1035 49.25 75.70 -42.32
N LEU A 1036 50.31 76.46 -42.62
CA LEU A 1036 50.21 77.92 -42.73
C LEU A 1036 51.04 78.51 -43.85
N ASP A 1037 50.59 79.67 -44.33
CA ASP A 1037 51.24 80.45 -45.37
C ASP A 1037 52.46 81.21 -44.87
N ASP A 1038 53.31 81.56 -45.82
CA ASP A 1038 54.18 82.71 -45.67
C ASP A 1038 53.29 83.97 -45.64
N PRO A 1039 53.47 84.88 -44.68
CA PRO A 1039 52.58 86.04 -44.58
C PRO A 1039 52.61 86.98 -45.78
N THR A 1040 51.46 87.09 -46.45
CA THR A 1040 51.28 87.85 -47.67
C THR A 1040 50.96 89.31 -47.35
N VAL A 1041 51.30 90.19 -48.29
CA VAL A 1041 51.31 91.64 -48.08
C VAL A 1041 50.44 92.30 -49.12
N THR A 1042 49.56 93.22 -48.70
CA THR A 1042 48.83 94.02 -49.66
C THR A 1042 48.70 95.44 -49.14
N ALA A 1043 48.31 96.35 -50.03
CA ALA A 1043 48.30 97.78 -49.74
C ALA A 1043 47.03 98.41 -50.26
N GLU A 1044 46.39 99.23 -49.43
CA GLU A 1044 45.29 100.10 -49.90
C GLU A 1044 45.67 101.53 -49.57
N ALA A 1045 45.87 102.33 -50.61
CA ALA A 1045 46.29 103.72 -50.47
C ALA A 1045 45.05 104.58 -50.41
N LYS A 1046 44.77 105.13 -49.25
CA LYS A 1046 43.89 106.27 -49.16
C LYS A 1046 44.70 107.52 -49.46
N ASP A 1047 44.16 108.68 -49.10
CA ASP A 1047 44.72 109.95 -49.51
C ASP A 1047 45.72 110.50 -48.52
N ILE A 1048 45.41 110.41 -47.24
CA ILE A 1048 46.32 110.87 -46.22
C ILE A 1048 47.04 109.70 -45.55
N VAL A 1049 46.58 108.47 -45.73
CA VAL A 1049 47.19 107.27 -45.17
C VAL A 1049 47.29 106.20 -46.24
N THR A 1050 48.17 105.22 -46.01
CA THR A 1050 48.22 103.97 -46.77
C THR A 1050 48.22 102.82 -45.76
N THR A 1051 47.31 101.87 -45.93
CA THR A 1051 47.16 100.76 -45.01
C THR A 1051 47.83 99.54 -45.59
N TYR A 1052 48.79 99.00 -44.86
CA TYR A 1052 49.49 97.80 -45.26
C TYR A 1052 48.92 96.66 -44.45
N ASN A 1053 48.45 95.64 -45.15
CA ASN A 1053 47.69 94.55 -44.57
C ASN A 1053 48.48 93.27 -44.75
N PHE A 1054 48.74 92.58 -43.65
CA PHE A 1054 49.46 91.32 -43.65
C PHE A 1054 48.46 90.23 -43.35
N THR A 1055 48.26 89.32 -44.29
CA THR A 1055 47.39 88.18 -44.08
C THR A 1055 48.20 86.89 -44.00
N GLN A 1056 47.60 85.90 -43.36
CA GLN A 1056 48.25 84.61 -43.20
C GLN A 1056 47.15 83.59 -43.00
N HIS A 1057 47.07 82.61 -43.90
CA HIS A 1057 46.06 81.57 -43.75
C HIS A 1057 46.58 80.52 -42.79
N LEU A 1058 45.70 80.01 -41.96
CA LEU A 1058 46.02 78.89 -41.12
C LEU A 1058 45.03 77.78 -41.43
N SER A 1059 45.46 76.54 -41.23
CA SER A 1059 44.55 75.43 -41.32
C SER A 1059 44.86 74.50 -40.16
N PHE A 1060 43.82 74.10 -39.44
CA PHE A 1060 43.93 73.34 -38.22
C PHE A 1060 43.38 71.94 -38.44
N VAL A 1061 44.20 70.94 -38.21
CA VAL A 1061 43.76 69.55 -38.30
C VAL A 1061 43.85 68.90 -36.93
N ASP A 1062 42.87 68.07 -36.63
CA ASP A 1062 42.65 67.54 -35.29
C ASP A 1062 42.96 66.06 -35.37
N MET A 1063 44.15 65.66 -34.96
CA MET A 1063 44.63 64.35 -35.36
C MET A 1063 44.27 63.23 -34.38
N GLY A 1064 43.58 63.53 -33.29
CA GLY A 1064 43.09 62.49 -32.42
C GLY A 1064 41.69 62.02 -32.80
N LEU A 1065 41.39 60.77 -32.48
CA LEU A 1065 40.00 60.32 -32.56
C LEU A 1065 39.17 60.91 -31.43
N GLY A 1066 39.54 60.59 -30.20
CA GLY A 1066 38.78 61.01 -29.04
C GLY A 1066 38.97 62.49 -28.72
N PHE A 1067 38.52 62.86 -27.53
CA PHE A 1067 38.70 64.24 -27.09
C PHE A 1067 40.10 64.36 -26.51
N SER A 1068 41.00 64.91 -27.31
CA SER A 1068 42.41 65.00 -26.96
C SER A 1068 42.73 66.25 -26.15
N SER A 1069 41.71 66.94 -25.64
CA SER A 1069 41.92 68.19 -24.93
C SER A 1069 40.74 68.37 -23.98
N THR A 1070 41.01 68.60 -22.71
CA THR A 1070 39.96 68.69 -21.70
C THR A 1070 40.05 70.03 -20.98
N THR A 1071 39.00 70.32 -20.22
CA THR A 1071 38.82 71.63 -19.60
C THR A 1071 38.01 71.46 -18.33
N ALA A 1072 38.49 71.99 -17.22
CA ALA A 1072 37.72 71.99 -16.00
C ALA A 1072 37.67 73.38 -15.41
N THR A 1073 36.51 73.73 -14.88
CA THR A 1073 36.35 74.97 -14.14
C THR A 1073 37.18 74.93 -12.87
N ALA A 1074 37.98 75.98 -12.64
CA ALA A 1074 38.93 75.97 -11.53
C ALA A 1074 38.58 76.95 -10.44
N ASN A 1075 38.36 78.22 -10.75
CA ASN A 1075 38.26 79.22 -9.69
C ASN A 1075 37.37 80.37 -10.14
N LEU A 1076 36.50 80.83 -9.24
CA LEU A 1076 35.85 82.12 -9.44
C LEU A 1076 36.84 83.25 -9.26
N LYS A 1077 36.71 84.28 -10.09
CA LYS A 1077 37.27 85.57 -9.74
C LYS A 1077 36.24 86.40 -9.00
N ARG A 1078 35.12 86.68 -9.65
CA ARG A 1078 34.09 87.57 -9.13
C ARG A 1078 32.76 87.10 -9.67
N ILE A 1079 31.70 87.52 -9.02
CA ILE A 1079 30.36 87.34 -9.55
C ILE A 1079 29.92 88.66 -10.18
N LYS A 1080 29.62 88.64 -11.48
CA LYS A 1080 29.17 89.88 -12.10
C LYS A 1080 27.68 90.06 -12.01
N SER A 1081 26.94 89.04 -11.59
CA SER A 1081 25.53 89.26 -11.38
C SER A 1081 25.28 89.99 -10.07
N ASP A 1082 24.13 90.64 -10.00
CA ASP A 1082 23.68 91.21 -8.73
C ASP A 1082 23.22 90.12 -7.79
N MET A 1083 22.60 89.07 -8.34
CA MET A 1083 21.61 88.26 -7.65
C MET A 1083 20.58 89.17 -6.99
N GLY A 1084 20.12 90.17 -7.74
CA GLY A 1084 19.24 91.17 -7.19
C GLY A 1084 17.80 90.74 -7.21
N SER A 1085 16.90 91.69 -7.46
CA SER A 1085 15.50 91.32 -7.59
C SER A 1085 14.73 92.08 -8.66
N LYS A 1086 15.39 92.83 -9.54
CA LYS A 1086 14.65 93.65 -10.50
C LYS A 1086 14.01 92.74 -11.54
N ILE A 1087 12.71 92.50 -11.38
CA ILE A 1087 11.96 91.52 -12.15
C ILE A 1087 11.70 91.99 -13.58
N GLN A 1088 11.30 91.06 -14.43
CA GLN A 1088 11.21 91.35 -15.86
C GLN A 1088 9.99 92.20 -16.15
N ASN A 1089 10.21 93.40 -16.65
CA ASN A 1089 9.13 94.35 -16.92
C ASN A 1089 8.51 94.01 -18.27
N LEU A 1090 7.40 93.28 -18.25
CA LEU A 1090 6.76 92.87 -19.49
C LEU A 1090 6.09 94.04 -20.21
N PHE A 1091 5.82 95.13 -19.50
CA PHE A 1091 5.36 96.33 -20.17
C PHE A 1091 6.46 96.99 -21.00
N SER A 1092 7.71 96.63 -20.76
CA SER A 1092 8.80 96.98 -21.66
C SER A 1092 9.23 95.81 -22.52
N ALA A 1093 8.72 94.62 -22.26
CA ALA A 1093 9.12 93.47 -23.07
C ALA A 1093 8.17 93.17 -24.22
N PHE A 1094 6.86 93.19 -23.99
CA PHE A 1094 5.87 92.92 -25.03
C PHE A 1094 5.02 94.17 -25.21
N PRO A 1095 5.65 95.30 -25.56
CA PRO A 1095 5.08 96.60 -25.16
C PRO A 1095 4.00 97.11 -26.07
N ILE A 1096 3.85 96.60 -27.29
CA ILE A 1096 2.73 97.04 -28.10
C ILE A 1096 1.39 96.53 -27.58
N HIS A 1097 1.42 95.44 -26.80
CA HIS A 1097 0.21 94.96 -26.16
C HIS A 1097 -0.24 95.90 -25.05
N ALA A 1098 -1.55 96.17 -25.02
CA ALA A 1098 -2.15 97.08 -24.07
C ALA A 1098 -3.66 96.87 -24.10
N PHE A 1099 -4.33 97.39 -23.10
CA PHE A 1099 -5.74 97.07 -22.92
C PHE A 1099 -6.61 97.78 -23.93
N THR A 1100 -7.91 97.47 -23.88
CA THR A 1100 -8.85 98.09 -24.78
C THR A 1100 -9.20 99.50 -24.31
N ASN A 1101 -9.49 99.67 -23.03
CA ASN A 1101 -9.88 100.98 -22.53
C ASN A 1101 -8.69 101.78 -22.02
N THR A 1102 -8.61 103.02 -22.49
CA THR A 1102 -7.48 103.90 -22.17
C THR A 1102 -7.45 104.27 -20.70
N ASP A 1103 -8.61 104.33 -20.03
CA ASP A 1103 -8.64 104.61 -18.60
C ASP A 1103 -7.96 103.51 -17.81
N ILE A 1104 -8.31 102.25 -18.11
CA ILE A 1104 -7.70 101.13 -17.42
C ILE A 1104 -6.23 101.01 -17.77
N ASN A 1105 -5.89 101.26 -19.03
CA ASN A 1105 -4.50 101.16 -19.44
C ASN A 1105 -3.63 102.18 -18.73
N THR A 1106 -4.10 103.42 -18.66
CA THR A 1106 -3.39 104.46 -17.95
C THR A 1106 -3.33 104.17 -16.46
N TRP A 1107 -4.38 103.55 -15.91
CA TRP A 1107 -4.34 103.23 -14.48
C TRP A 1107 -3.35 102.12 -14.20
N ILE A 1108 -3.25 101.13 -15.08
CA ILE A 1108 -2.31 100.04 -14.87
C ILE A 1108 -0.88 100.55 -15.01
N ARG A 1109 -0.62 101.39 -16.02
CA ARG A 1109 0.71 101.98 -16.16
C ARG A 1109 1.07 102.88 -14.99
N HIS A 1110 0.09 103.62 -14.46
CA HIS A 1110 0.28 104.35 -13.22
C HIS A 1110 0.66 103.43 -12.07
N HIS A 1111 -0.16 102.43 -11.82
CA HIS A 1111 -0.03 101.70 -10.57
C HIS A 1111 1.15 100.74 -10.56
N VAL A 1112 1.52 100.15 -11.69
CA VAL A 1112 2.73 99.34 -11.68
C VAL A 1112 3.99 100.20 -11.79
N GLY A 1113 3.84 101.51 -11.91
CA GLY A 1113 4.97 102.40 -11.88
C GLY A 1113 5.70 102.58 -13.18
N ILE A 1114 5.10 102.17 -14.29
CA ILE A 1114 5.78 102.22 -15.58
C ILE A 1114 5.13 103.32 -16.41
N GLU A 1115 5.83 104.42 -16.58
CA GLU A 1115 5.26 105.54 -17.29
C GLU A 1115 5.65 105.43 -18.77
N LYS A 1116 5.64 106.56 -19.49
CA LYS A 1116 6.02 106.73 -20.90
C LYS A 1116 5.28 105.78 -21.83
N PRO A 1117 4.00 106.03 -22.11
CA PRO A 1117 3.26 105.21 -23.09
C PRO A 1117 3.84 105.32 -24.49
N ASN A 1118 3.37 104.42 -25.37
CA ASN A 1118 4.05 104.14 -26.62
C ASN A 1118 4.01 105.33 -27.56
N PRO A 1119 5.18 105.83 -28.00
CA PRO A 1119 5.22 107.15 -28.66
C PRO A 1119 4.63 107.13 -30.05
N SER A 1120 4.67 105.98 -30.72
CA SER A 1120 4.01 105.79 -32.00
C SER A 1120 3.70 104.32 -32.16
N GLU A 1121 2.54 104.01 -32.73
CA GLU A 1121 2.34 102.67 -33.25
C GLU A 1121 3.17 102.43 -34.50
N GLY A 1122 3.51 103.48 -35.23
CA GLY A 1122 4.36 103.35 -36.39
C GLY A 1122 5.81 103.11 -36.02
N GLU A 1123 6.31 103.84 -35.03
CA GLU A 1123 7.67 103.64 -34.58
C GLU A 1123 7.77 102.60 -33.50
N ALA A 1124 6.66 101.94 -33.16
CA ALA A 1124 6.72 100.79 -32.28
C ALA A 1124 7.49 99.65 -32.90
N LEU A 1125 7.24 99.37 -34.18
CA LEU A 1125 8.05 98.37 -34.87
C LEU A 1125 9.46 98.85 -35.10
N ASN A 1126 9.68 100.17 -35.10
CA ASN A 1126 11.02 100.70 -35.33
C ASN A 1126 11.87 100.57 -34.08
N ILE A 1127 11.34 101.03 -32.95
CA ILE A 1127 12.05 100.95 -31.68
C ILE A 1127 12.12 99.51 -31.23
N ILE A 1128 10.96 98.88 -31.20
CA ILE A 1128 10.76 97.70 -30.40
C ILE A 1128 11.14 96.46 -31.19
N THR A 1129 10.49 96.24 -32.32
CA THR A 1129 10.64 94.98 -33.02
C THR A 1129 11.98 94.91 -33.73
N PHE A 1130 12.58 96.06 -34.01
CA PHE A 1130 13.94 96.07 -34.53
C PHE A 1130 14.96 95.96 -33.42
N GLY A 1131 14.62 96.42 -32.22
CA GLY A 1131 15.47 96.17 -31.07
C GLY A 1131 16.06 97.41 -30.45
N GLY A 1132 15.49 97.88 -29.35
CA GLY A 1132 15.88 99.14 -28.77
C GLY A 1132 15.45 99.27 -27.33
N ILE A 1133 16.17 100.11 -26.58
CA ILE A 1133 15.86 100.44 -25.18
C ILE A 1133 16.02 101.94 -25.02
N ASN A 1134 14.90 102.65 -24.79
CA ASN A 1134 14.92 104.09 -24.55
C ASN A 1134 15.26 104.44 -23.11
N LYS A 1135 15.33 103.45 -22.24
CA LYS A 1135 15.31 103.69 -20.80
C LYS A 1135 16.62 104.31 -20.31
N ASN A 1136 16.49 105.32 -19.45
CA ASN A 1136 17.63 105.86 -18.73
C ASN A 1136 18.24 104.76 -17.87
N PRO A 1137 19.55 104.49 -17.99
CA PRO A 1137 20.19 103.54 -17.10
C PRO A 1137 20.18 104.06 -15.67
N PRO A 1138 20.33 103.17 -14.68
CA PRO A 1138 20.28 103.59 -13.28
C PRO A 1138 21.42 104.55 -12.94
N SER A 1139 21.04 105.66 -12.31
CA SER A 1139 22.03 106.64 -11.89
C SER A 1139 22.97 106.09 -10.84
N ILE A 1140 22.50 105.17 -10.01
CA ILE A 1140 23.37 104.48 -9.08
C ILE A 1140 23.21 102.97 -9.30
N LEU A 1141 24.31 102.25 -9.10
CA LEU A 1141 24.38 100.82 -9.36
C LEU A 1141 25.56 100.30 -8.56
N LEU A 1142 25.36 99.23 -7.81
CA LEU A 1142 26.38 98.75 -6.91
C LEU A 1142 26.78 97.30 -7.09
N HIS A 1143 26.02 96.49 -7.83
CA HIS A 1143 26.33 95.06 -7.84
C HIS A 1143 26.29 94.45 -9.24
N GLY A 1144 26.12 95.25 -10.28
CA GLY A 1144 26.13 94.69 -11.61
C GLY A 1144 24.76 94.36 -12.18
N GLN A 1145 24.68 93.24 -12.89
CA GLN A 1145 23.54 92.88 -13.72
C GLN A 1145 22.50 92.06 -12.96
N GLN A 1146 21.23 92.23 -13.37
CA GLN A 1146 20.11 91.56 -12.73
C GLN A 1146 18.90 91.53 -13.66
N ALA A 1147 18.15 90.42 -13.63
CA ALA A 1147 16.86 90.24 -14.32
C ALA A 1147 16.18 88.97 -13.84
N ILE A 1148 14.88 89.03 -13.56
CA ILE A 1148 14.16 87.90 -12.96
C ILE A 1148 12.87 87.70 -13.74
N CYS A 1149 12.72 86.51 -14.31
CA CYS A 1149 11.53 86.17 -15.07
C CYS A 1149 10.44 85.68 -14.11
N GLU A 1150 9.45 84.99 -14.64
CA GLU A 1150 8.21 84.81 -13.91
C GLU A 1150 7.37 83.71 -14.51
N VAL A 1151 7.06 82.69 -13.72
CA VAL A 1151 6.06 81.69 -14.11
C VAL A 1151 4.98 81.71 -13.05
N ILE A 1152 3.73 81.80 -13.46
CA ILE A 1152 2.61 81.85 -12.55
C ILE A 1152 2.19 80.43 -12.24
N LEU A 1153 1.75 80.18 -11.01
CA LEU A 1153 1.58 78.83 -10.52
C LEU A 1153 0.47 78.74 -9.48
N THR A 1154 -0.24 77.59 -9.49
CA THR A 1154 -1.13 77.05 -8.49
C THR A 1154 -0.49 77.11 -7.11
N PRO A 1155 -1.19 77.52 -6.06
CA PRO A 1155 -0.58 77.58 -4.73
C PRO A 1155 -0.50 76.24 -4.02
N VAL A 1156 -0.75 75.14 -4.73
CA VAL A 1156 -0.80 73.82 -4.13
C VAL A 1156 0.46 73.01 -4.44
N THR A 1157 1.22 73.44 -5.44
CA THR A 1157 2.41 72.73 -5.92
C THR A 1157 3.44 72.56 -4.82
N THR A 1158 3.83 71.31 -4.58
CA THR A 1158 4.52 70.95 -3.35
C THR A 1158 5.98 71.38 -3.38
N ASN A 1159 6.48 71.94 -2.26
CA ASN A 1159 7.89 72.31 -2.20
C ASN A 1159 8.78 71.08 -2.26
N ILE A 1160 8.54 70.12 -1.35
CA ILE A 1160 9.47 69.03 -1.10
C ILE A 1160 9.58 68.12 -2.31
N ASN A 1161 8.51 68.04 -3.10
CA ASN A 1161 8.60 67.41 -4.39
C ASN A 1161 9.40 68.25 -5.39
N PHE A 1162 9.36 69.57 -5.27
CA PHE A 1162 9.81 70.39 -6.39
C PHE A 1162 10.95 71.32 -6.08
N PHE A 1163 10.79 72.26 -5.16
CA PHE A 1163 11.72 73.38 -5.10
C PHE A 1163 13.03 73.07 -4.41
N LYS A 1164 13.15 71.92 -3.79
CA LYS A 1164 14.33 71.59 -3.01
C LYS A 1164 15.36 70.84 -3.81
N LEU A 1165 15.21 70.78 -5.11
CA LEU A 1165 16.10 70.00 -5.95
C LEU A 1165 16.37 70.75 -7.25
N PRO A 1166 17.51 70.49 -7.87
CA PRO A 1166 17.70 70.94 -9.24
C PRO A 1166 16.68 70.28 -10.15
N HIS A 1167 15.84 71.11 -10.75
CA HIS A 1167 14.61 70.62 -11.34
C HIS A 1167 14.14 71.67 -12.33
N ASN A 1168 13.41 71.25 -13.35
CA ASN A 1168 13.02 72.19 -14.40
C ASN A 1168 11.87 73.06 -13.91
N PRO A 1169 11.99 74.38 -13.97
CA PRO A 1169 10.84 75.23 -13.60
C PRO A 1169 9.73 75.29 -14.64
N ARG A 1170 9.75 74.41 -15.64
CA ARG A 1170 8.55 74.14 -16.41
C ARG A 1170 7.58 73.30 -15.60
N GLY A 1171 8.06 72.66 -14.55
CA GLY A 1171 7.28 71.67 -13.85
C GLY A 1171 7.54 70.30 -14.44
N ARG A 1172 7.04 70.04 -15.64
CA ARG A 1172 7.35 68.78 -16.30
C ARG A 1172 8.75 68.83 -16.85
N GLU A 1173 9.59 67.92 -16.38
CA GLU A 1173 11.02 68.06 -16.61
C GLU A 1173 11.36 67.61 -18.03
N SER A 1174 12.26 68.34 -18.67
CA SER A 1174 12.44 68.32 -20.11
C SER A 1174 13.89 68.11 -20.48
N CYS A 1175 14.51 67.10 -19.90
CA CYS A 1175 15.89 66.78 -20.20
C CYS A 1175 15.91 65.75 -21.32
N MET A 1176 16.64 66.04 -22.38
CA MET A 1176 16.64 65.14 -23.50
C MET A 1176 17.69 64.06 -23.39
N MET A 1177 18.28 63.89 -22.22
CA MET A 1177 19.15 62.79 -21.94
C MET A 1177 18.40 61.51 -21.61
N GLY A 1178 17.08 61.50 -21.67
CA GLY A 1178 16.35 60.29 -21.40
C GLY A 1178 15.40 59.86 -22.49
N THR A 1179 15.18 60.73 -23.47
CA THR A 1179 14.26 60.42 -24.55
C THR A 1179 15.01 59.60 -25.59
N ASP A 1180 14.28 58.74 -26.30
CA ASP A 1180 14.80 58.08 -27.48
C ASP A 1180 15.25 59.12 -28.51
N PRO A 1181 16.53 59.16 -28.85
CA PRO A 1181 16.98 60.10 -29.88
C PRO A 1181 16.45 59.74 -31.26
N HIS A 1182 16.39 60.76 -32.12
CA HIS A 1182 15.85 60.68 -33.48
C HIS A 1182 14.42 60.18 -33.49
N ASN A 1183 13.64 60.62 -32.51
CA ASN A 1183 12.23 60.24 -32.43
C ASN A 1183 11.48 61.51 -31.99
N GLU A 1184 11.11 62.34 -32.96
CA GLU A 1184 10.48 63.62 -32.63
C GLU A 1184 9.06 63.45 -32.12
N GLU A 1185 8.41 62.34 -32.46
CA GLU A 1185 7.09 62.07 -31.92
C GLU A 1185 7.17 61.76 -30.44
N ALA A 1186 8.07 60.87 -30.05
CA ALA A 1186 8.31 60.60 -28.63
C ALA A 1186 8.84 61.82 -27.91
N ALA A 1187 9.56 62.70 -28.63
CA ALA A 1187 10.02 63.94 -28.04
C ALA A 1187 8.85 64.84 -27.66
N ARG A 1188 7.96 65.13 -28.61
CA ARG A 1188 6.85 66.02 -28.32
C ARG A 1188 5.87 65.40 -27.34
N LYS A 1189 5.75 64.07 -27.34
CA LYS A 1189 4.94 63.42 -26.30
C LYS A 1189 5.59 63.54 -24.93
N ALA A 1190 6.92 63.49 -24.87
CA ALA A 1190 7.59 63.63 -23.58
C ALA A 1190 7.51 65.03 -23.04
N LEU A 1191 7.48 66.02 -23.92
CA LEU A 1191 7.30 67.38 -23.42
C LEU A 1191 5.85 67.73 -23.17
N TYR A 1192 4.89 67.09 -23.85
CA TYR A 1192 3.54 67.57 -23.61
C TYR A 1192 2.56 66.58 -23.04
N ASP A 1193 2.68 65.30 -23.37
CA ASP A 1193 1.60 64.37 -23.08
C ASP A 1193 1.50 64.09 -21.58
N HIS A 1194 0.27 64.14 -21.08
CA HIS A 1194 -0.04 63.94 -19.68
C HIS A 1194 -0.91 62.71 -19.49
N THR A 1195 -1.19 61.99 -20.58
CA THR A 1195 -1.56 60.60 -20.44
C THR A 1195 -0.46 59.82 -19.73
N GLN A 1196 0.77 60.01 -20.18
CA GLN A 1196 1.91 59.42 -19.49
C GLN A 1196 2.23 60.21 -18.24
N THR A 1197 2.91 59.56 -17.32
CA THR A 1197 3.41 60.21 -16.12
C THR A 1197 4.82 60.71 -16.36
N ASP A 1198 5.21 61.70 -15.58
CA ASP A 1198 6.60 62.06 -15.52
C ASP A 1198 7.31 61.06 -14.62
N SER A 1199 8.63 61.07 -14.67
CA SER A 1199 9.41 60.35 -13.69
C SER A 1199 9.39 61.08 -12.34
N ASP A 1200 10.02 60.44 -11.36
CA ASP A 1200 10.25 60.92 -10.00
C ASP A 1200 8.99 61.01 -9.14
N THR A 1201 7.79 60.86 -9.69
CA THR A 1201 6.60 61.20 -8.90
C THR A 1201 5.43 60.39 -9.46
N PHE A 1202 4.33 60.38 -8.71
CA PHE A 1202 3.03 60.17 -9.34
C PHE A 1202 2.44 61.51 -9.77
N ALA A 1203 3.16 62.26 -10.60
CA ALA A 1203 2.62 63.50 -11.12
C ALA A 1203 3.21 63.70 -12.50
N ALA A 1204 2.33 63.78 -13.50
CA ALA A 1204 2.77 64.15 -14.83
C ALA A 1204 3.16 65.61 -14.94
N THR A 1205 2.75 66.43 -13.99
CA THR A 1205 2.95 67.87 -14.06
C THR A 1205 2.95 68.40 -12.63
N THR A 1206 3.84 69.34 -12.36
CA THR A 1206 3.68 70.16 -11.18
C THR A 1206 3.33 71.62 -11.47
N ASN A 1207 3.65 72.17 -12.64
CA ASN A 1207 3.15 73.50 -12.99
C ASN A 1207 2.21 73.36 -14.18
N PRO A 1208 0.91 73.28 -13.94
CA PRO A 1208 -0.03 73.07 -15.03
C PRO A 1208 -0.29 74.30 -15.87
N TRP A 1209 0.13 75.48 -15.46
CA TRP A 1209 0.12 76.60 -16.39
C TRP A 1209 1.51 76.91 -16.90
N ALA A 1210 2.40 75.93 -16.88
CA ALA A 1210 3.67 76.04 -17.57
C ALA A 1210 3.96 74.85 -18.47
N SER A 1211 3.50 73.65 -18.15
CA SER A 1211 3.87 72.48 -18.93
C SER A 1211 3.05 72.35 -20.21
N LEU A 1212 1.76 72.58 -20.12
CA LEU A 1212 0.82 72.30 -21.20
C LEU A 1212 1.07 73.18 -22.41
N PRO A 1213 0.82 72.67 -23.61
CA PRO A 1213 0.91 73.51 -24.80
C PRO A 1213 -0.25 74.50 -24.83
N GLY A 1214 0.08 75.76 -25.03
CA GLY A 1214 -0.93 76.77 -24.85
C GLY A 1214 -1.26 77.06 -23.41
N SER A 1215 -0.36 76.72 -22.52
CA SER A 1215 -0.56 77.08 -21.14
C SER A 1215 -0.06 78.50 -20.99
N LEU A 1216 0.00 79.00 -19.77
CA LEU A 1216 0.44 80.36 -19.62
C LEU A 1216 1.87 80.49 -20.09
N GLY A 1217 2.72 79.55 -19.69
CA GLY A 1217 4.10 79.58 -20.08
C GLY A 1217 4.37 79.42 -21.56
N ASP A 1218 3.75 78.45 -22.20
CA ASP A 1218 4.10 78.23 -23.58
C ASP A 1218 3.84 79.49 -24.39
N ILE A 1219 2.73 80.15 -24.15
CA ILE A 1219 2.44 81.39 -24.84
C ILE A 1219 3.40 82.53 -24.45
N LEU A 1220 3.80 82.54 -23.19
CA LEU A 1220 4.62 83.61 -22.64
C LEU A 1220 6.15 83.53 -22.74
N TYR A 1221 6.74 82.51 -23.32
CA TYR A 1221 8.18 82.49 -23.38
C TYR A 1221 8.74 81.62 -24.50
N ASN A 1222 7.95 80.71 -25.03
CA ASN A 1222 8.36 79.93 -26.18
C ASN A 1222 8.48 80.84 -27.39
N THR A 1223 9.62 80.76 -28.09
CA THR A 1223 9.91 81.73 -29.14
C THR A 1223 9.03 81.55 -30.37
N ALA A 1224 8.44 80.37 -30.52
CA ALA A 1224 7.49 80.13 -31.61
C ALA A 1224 6.25 81.00 -31.48
N HIS A 1225 5.92 81.44 -30.27
CA HIS A 1225 4.87 82.44 -30.10
C HIS A 1225 5.40 83.82 -29.82
N ARG A 1226 6.64 83.91 -29.29
CA ARG A 1226 7.27 85.21 -29.10
C ARG A 1226 7.45 85.94 -30.43
N GLU A 1227 7.67 85.24 -31.53
CA GLU A 1227 7.79 85.98 -32.77
C GLU A 1227 6.46 86.49 -33.31
N GLN A 1228 5.34 85.90 -32.90
CA GLN A 1228 4.05 86.47 -33.27
C GLN A 1228 3.72 87.66 -32.40
N LEU A 1229 3.91 87.52 -31.09
CA LEU A 1229 3.50 88.52 -30.12
C LEU A 1229 4.67 89.48 -29.98
N CYS A 1230 4.54 90.66 -30.62
CA CYS A 1230 5.67 91.55 -30.89
C CYS A 1230 6.40 91.96 -29.63
N TYR A 1231 7.72 92.13 -29.75
CA TYR A 1231 8.53 92.01 -28.55
C TYR A 1231 9.88 92.66 -28.80
N ASN A 1232 10.54 93.05 -27.72
CA ASN A 1232 11.92 93.47 -27.79
C ASN A 1232 12.85 92.28 -27.89
N PRO A 1233 13.63 92.14 -28.96
CA PRO A 1233 14.63 91.08 -29.00
C PRO A 1233 15.84 91.35 -28.14
N LYS A 1234 15.98 92.54 -27.59
CA LYS A 1234 17.07 92.75 -26.66
C LYS A 1234 16.68 92.41 -25.23
N THR A 1235 15.40 92.16 -24.97
CA THR A 1235 14.98 91.75 -23.63
C THR A 1235 15.47 90.34 -23.36
N TYR A 1236 16.38 90.22 -22.41
CA TYR A 1236 16.88 88.92 -22.02
C TYR A 1236 15.83 88.24 -21.17
N SER A 1237 15.43 87.05 -21.58
CA SER A 1237 14.48 86.26 -20.82
C SER A 1237 15.18 84.99 -20.39
N PRO A 1238 15.40 84.79 -19.09
CA PRO A 1238 16.18 83.64 -18.64
C PRO A 1238 15.43 82.32 -18.69
N ASN A 1239 14.21 82.29 -19.23
CA ASN A 1239 13.33 81.15 -19.21
C ASN A 1239 13.16 80.51 -20.58
N ALA A 1240 13.62 81.20 -21.63
CA ALA A 1240 13.49 80.67 -22.98
C ALA A 1240 14.32 79.40 -23.16
N GLN A 1241 15.42 79.29 -22.43
CA GLN A 1241 16.25 78.09 -22.46
C GLN A 1241 15.52 76.86 -21.95
N PHE A 1242 14.41 77.03 -21.26
CA PHE A 1242 13.60 75.94 -20.78
C PHE A 1242 12.32 75.76 -21.57
N PHE A 1243 11.79 76.83 -22.15
CA PHE A 1243 10.50 76.71 -22.81
C PHE A 1243 10.56 76.60 -24.32
N THR A 1244 11.67 76.96 -24.96
CA THR A 1244 11.73 76.91 -26.41
C THR A 1244 11.92 75.48 -26.88
N GLU A 1245 10.89 74.91 -27.48
CA GLU A 1245 10.96 73.51 -27.84
C GLU A 1245 11.61 73.28 -29.18
N SER A 1246 11.58 74.26 -30.07
CA SER A 1246 12.34 74.14 -31.30
C SER A 1246 13.83 74.18 -31.04
N ASP A 1247 14.25 74.75 -29.91
CA ASP A 1247 15.63 74.66 -29.46
C ASP A 1247 15.85 73.51 -28.49
N ILE A 1248 14.96 72.52 -28.47
CA ILE A 1248 15.22 71.31 -27.69
C ILE A 1248 14.95 70.03 -28.48
N LEU A 1249 14.13 70.08 -29.53
CA LEU A 1249 14.03 68.93 -30.40
C LEU A 1249 15.26 68.78 -31.26
N LYS A 1250 16.06 69.83 -31.41
CA LYS A 1250 17.39 69.67 -31.97
C LYS A 1250 18.42 69.32 -30.92
N THR A 1251 18.02 69.19 -29.66
CA THR A 1251 18.87 68.57 -28.66
C THR A 1251 18.59 67.08 -28.56
N ASN A 1252 17.41 66.64 -28.95
CA ASN A 1252 17.18 65.19 -29.07
C ASN A 1252 17.95 64.61 -30.24
N LYS A 1253 19.23 64.38 -30.02
CA LYS A 1253 20.10 63.72 -30.99
C LYS A 1253 20.94 62.69 -30.26
N MET A 1254 21.90 62.11 -30.96
CA MET A 1254 22.87 61.26 -30.29
C MET A 1254 23.76 62.10 -29.39
N MET A 1255 24.31 61.45 -28.37
CA MET A 1255 24.87 62.17 -27.23
C MET A 1255 26.16 62.88 -27.59
N TYR A 1256 26.97 62.28 -28.48
CA TYR A 1256 28.19 62.97 -28.89
C TYR A 1256 27.89 64.18 -29.76
N LYS A 1257 26.86 64.11 -30.61
CA LYS A 1257 26.44 65.30 -31.33
C LYS A 1257 25.90 66.35 -30.39
N VAL A 1258 25.25 65.93 -29.29
CA VAL A 1258 24.79 66.87 -28.27
C VAL A 1258 25.96 67.61 -27.65
N ILE A 1259 27.01 66.88 -27.27
CA ILE A 1259 28.07 67.58 -26.57
C ILE A 1259 29.00 68.34 -27.53
N ASN A 1260 29.10 67.92 -28.79
CA ASN A 1260 29.82 68.76 -29.74
C ASN A 1260 29.04 70.02 -30.06
N GLU A 1261 27.71 69.93 -30.16
CA GLU A 1261 26.91 71.13 -30.33
C GLU A 1261 27.00 72.04 -29.12
N TYR A 1262 27.08 71.48 -27.92
CA TYR A 1262 27.23 72.31 -26.73
C TYR A 1262 28.60 72.97 -26.67
N CYS A 1263 29.68 72.23 -26.97
CA CYS A 1263 30.98 72.87 -26.89
C CYS A 1263 31.23 73.81 -28.05
N MET A 1264 30.51 73.65 -29.17
CA MET A 1264 30.63 74.58 -30.27
C MET A 1264 29.77 75.82 -30.04
N LYS A 1265 28.67 75.69 -29.30
CA LYS A 1265 27.86 76.84 -28.93
C LYS A 1265 28.53 77.55 -27.75
N SER A 1266 29.65 78.18 -28.07
CA SER A 1266 30.37 79.03 -27.12
C SER A 1266 30.99 80.20 -27.85
N ASN A 1267 30.34 80.68 -28.91
CA ASN A 1267 30.67 81.96 -29.50
C ASN A 1267 30.38 83.10 -28.53
N SER A 1268 29.47 82.86 -27.57
CA SER A 1268 29.22 83.69 -26.39
C SER A 1268 28.72 85.07 -26.77
N CYS A 1269 27.50 85.08 -27.32
CA CYS A 1269 26.86 86.34 -27.67
C CYS A 1269 26.49 87.16 -26.45
N LEU A 1270 26.29 86.52 -25.29
CA LEU A 1270 25.73 87.21 -24.13
C LEU A 1270 26.78 88.10 -23.47
N ASN A 1271 26.44 89.37 -23.32
CA ASN A 1271 27.34 90.34 -22.72
C ASN A 1271 27.16 90.36 -21.21
N SER A 1272 28.20 90.82 -20.54
CA SER A 1272 28.17 91.00 -19.10
C SER A 1272 28.52 92.43 -18.77
N ASP A 1273 27.99 93.34 -19.57
CA ASP A 1273 28.18 94.77 -19.42
C ASP A 1273 26.82 95.46 -19.50
N SER A 1274 26.83 96.77 -19.30
CA SER A 1274 25.69 97.67 -19.48
C SER A 1274 24.55 97.34 -18.53
N GLU A 1275 24.85 97.38 -17.22
CA GLU A 1275 23.96 97.69 -16.09
C GLU A 1275 22.76 96.77 -15.87
N ILE A 1276 22.46 95.86 -16.80
CA ILE A 1276 21.29 95.00 -16.72
C ILE A 1276 21.49 93.90 -17.74
N GLN A 1277 20.74 92.82 -17.61
CA GLN A 1277 20.87 91.70 -18.53
C GLN A 1277 20.07 91.99 -19.79
N TYR A 1278 20.75 92.27 -20.90
CA TYR A 1278 20.12 92.26 -22.20
C TYR A 1278 20.55 91.01 -22.94
N SER A 1279 20.10 90.87 -24.18
CA SER A 1279 20.48 89.75 -25.02
C SER A 1279 20.96 90.28 -26.36
N CYS A 1280 22.25 90.56 -26.45
CA CYS A 1280 22.83 90.85 -27.75
C CYS A 1280 23.30 89.57 -28.41
N SER A 1281 23.56 89.66 -29.73
CA SER A 1281 23.68 88.45 -30.54
C SER A 1281 24.84 88.48 -31.53
N GLU A 1282 25.91 89.22 -31.24
CA GLU A 1282 27.01 89.31 -32.19
C GLU A 1282 28.14 88.32 -31.92
N GLY A 1283 28.34 87.92 -30.68
CA GLY A 1283 29.37 86.93 -30.39
C GLY A 1283 30.78 87.48 -30.43
N THR A 1284 30.99 88.62 -29.76
CA THR A 1284 32.29 89.28 -29.72
C THR A 1284 33.15 88.74 -28.58
N ASP A 1285 32.52 88.46 -27.44
CA ASP A 1285 33.20 87.88 -26.28
C ASP A 1285 33.78 86.53 -26.65
N SER A 1286 34.85 86.16 -25.92
CA SER A 1286 35.52 84.91 -26.17
C SER A 1286 34.64 83.70 -25.89
N PHE A 1287 34.24 83.49 -24.64
CA PHE A 1287 33.64 82.21 -24.30
C PHE A 1287 32.71 82.31 -23.10
N VAL A 1288 31.61 81.57 -23.18
CA VAL A 1288 30.68 81.36 -22.07
C VAL A 1288 30.41 79.87 -22.02
N SER A 1289 29.96 79.38 -20.86
CA SER A 1289 29.63 77.98 -20.69
C SER A 1289 28.37 77.86 -19.83
N ARG A 1290 27.39 77.11 -20.31
CA ARG A 1290 26.03 77.16 -19.75
C ARG A 1290 25.52 75.79 -19.34
N PRO A 1291 25.83 75.35 -18.12
CA PRO A 1291 25.42 74.01 -17.69
C PRO A 1291 23.93 73.89 -17.47
N CYS A 1292 23.25 74.96 -17.07
CA CYS A 1292 21.81 74.89 -16.89
C CYS A 1292 21.11 74.77 -18.23
N GLN A 1293 21.63 75.45 -19.26
CA GLN A 1293 21.22 75.19 -20.63
C GLN A 1293 21.42 73.75 -21.01
N PHE A 1294 22.57 73.18 -20.64
CA PHE A 1294 22.91 71.85 -21.12
C PHE A 1294 22.09 70.76 -20.43
N LEU A 1295 21.83 70.93 -19.14
CA LEU A 1295 21.09 69.93 -18.38
C LEU A 1295 19.61 70.22 -18.29
N GLN A 1296 19.16 71.35 -18.85
CA GLN A 1296 17.75 71.69 -19.02
C GLN A 1296 16.99 71.78 -17.73
N ASN A 1297 17.65 72.20 -16.66
CA ASN A 1297 16.99 72.49 -15.40
C ASN A 1297 17.78 73.52 -14.64
N ALA A 1298 17.12 74.16 -13.70
CA ALA A 1298 17.70 75.24 -12.95
C ALA A 1298 18.20 74.71 -11.63
N LEU A 1299 18.74 75.60 -10.81
CA LEU A 1299 19.20 75.21 -9.50
C LEU A 1299 18.38 75.97 -8.45
N PRO A 1300 18.21 75.42 -7.26
CA PRO A 1300 17.54 76.19 -6.21
C PRO A 1300 18.55 76.98 -5.39
N LEU A 1301 18.10 78.10 -4.86
CA LEU A 1301 18.95 78.89 -3.99
C LEU A 1301 18.28 79.12 -2.65
N HIS A 1302 19.10 79.60 -1.71
CA HIS A 1302 18.75 79.70 -0.31
C HIS A 1302 17.72 80.79 -0.06
N CYS A 1303 16.44 80.46 -0.26
CA CYS A 1303 15.35 81.36 0.03
C CYS A 1303 14.50 80.77 1.13
N SER A 1304 13.67 81.60 1.73
CA SER A 1304 12.80 81.14 2.81
C SER A 1304 11.58 82.03 2.87
N SER A 1305 10.61 81.62 3.68
CA SER A 1305 9.36 82.34 3.71
C SER A 1305 9.40 83.52 4.68
N ASN A 1306 10.20 83.46 5.73
CA ASN A 1306 10.39 84.66 6.54
C ASN A 1306 11.77 84.71 7.19
N GLN A 1307 12.06 85.91 7.66
CA GLN A 1307 13.32 86.27 8.28
C GLN A 1307 13.57 85.49 9.55
N ALA A 1308 12.51 85.01 10.18
CA ALA A 1308 12.63 84.11 11.32
C ALA A 1308 13.44 82.87 10.96
N LEU A 1309 13.14 82.26 9.83
CA LEU A 1309 13.91 81.10 9.44
C LEU A 1309 15.28 81.52 8.94
N LEU A 1310 15.35 82.69 8.31
CA LEU A 1310 16.62 83.10 7.73
C LEU A 1310 17.66 83.45 8.81
N GLU A 1311 17.22 83.93 9.97
CA GLU A 1311 18.18 84.21 11.04
C GLU A 1311 18.75 82.94 11.65
N SER A 1312 17.93 81.89 11.75
CA SER A 1312 18.46 80.62 12.23
C SER A 1312 19.40 79.99 11.23
N ARG A 1313 19.13 80.20 9.95
CA ARG A 1313 20.09 79.81 8.93
C ARG A 1313 21.40 80.58 9.08
N SER A 1314 21.32 81.86 9.41
CA SER A 1314 22.54 82.64 9.60
C SER A 1314 23.26 82.25 10.89
N LYS A 1315 22.55 81.70 11.87
CA LYS A 1315 23.21 81.21 13.06
C LYS A 1315 23.99 79.93 12.77
N THR A 1316 23.30 78.91 12.28
CA THR A 1316 23.96 77.62 12.15
C THR A 1316 24.81 77.51 10.89
N GLY A 1317 24.64 78.41 9.92
CA GLY A 1317 25.32 78.26 8.65
C GLY A 1317 24.79 77.15 7.77
N ASN A 1318 23.71 76.48 8.17
CA ASN A 1318 23.23 75.28 7.50
C ASN A 1318 22.42 75.70 6.29
N THR A 1319 23.15 76.09 5.24
CA THR A 1319 22.48 76.51 4.02
C THR A 1319 22.13 75.35 3.12
N GLN A 1320 22.57 74.14 3.44
CA GLN A 1320 22.30 73.01 2.59
C GLN A 1320 20.96 72.36 2.89
N ILE A 1321 20.68 72.13 4.17
CA ILE A 1321 19.53 71.36 4.58
C ILE A 1321 18.29 72.24 4.56
N SER A 1322 17.25 71.76 3.90
CA SER A 1322 16.02 72.51 3.76
C SER A 1322 15.08 72.18 4.90
N GLU A 1323 14.37 73.19 5.39
CA GLU A 1323 13.68 73.11 6.66
C GLU A 1323 12.30 73.72 6.50
N THR A 1324 11.32 73.19 7.24
CA THR A 1324 9.94 73.66 7.15
C THR A 1324 9.37 73.91 8.53
N HIS A 1325 8.75 75.07 8.71
CA HIS A 1325 7.92 75.30 9.88
C HIS A 1325 6.48 74.99 9.47
N TYR A 1326 5.51 75.60 10.15
CA TYR A 1326 4.09 75.31 9.93
C TYR A 1326 3.64 75.57 8.49
N CYS A 1327 3.54 76.82 8.10
CA CYS A 1327 3.30 77.12 6.70
C CYS A 1327 4.45 77.85 6.03
N ASN A 1328 5.48 78.19 6.79
CA ASN A 1328 6.68 78.78 6.24
C ASN A 1328 7.65 77.68 5.87
N TYR A 1329 8.41 77.91 4.82
CA TYR A 1329 9.38 76.93 4.35
C TYR A 1329 10.71 77.60 4.10
N ALA A 1330 11.77 76.81 4.20
CA ALA A 1330 13.11 77.29 3.85
C ALA A 1330 13.73 76.29 2.91
N ILE A 1331 14.21 76.77 1.77
CA ILE A 1331 14.76 75.94 0.72
C ILE A 1331 16.27 75.94 0.86
N GLY A 1332 16.87 74.76 0.88
CA GLY A 1332 18.30 74.66 1.04
C GLY A 1332 19.04 74.98 -0.25
N GLU A 1333 20.14 75.70 -0.10
CA GLU A 1333 21.00 76.04 -1.23
C GLU A 1333 21.72 74.79 -1.70
N THR A 1334 21.93 74.70 -3.02
CA THR A 1334 22.54 73.50 -3.57
C THR A 1334 24.00 73.68 -3.95
N ILE A 1335 24.49 74.92 -4.07
CA ILE A 1335 25.91 75.19 -4.23
C ILE A 1335 26.27 76.34 -3.28
N PRO A 1336 27.06 76.10 -2.25
CA PRO A 1336 27.34 77.14 -1.25
C PRO A 1336 28.36 78.16 -1.75
N LEU A 1337 27.89 79.00 -2.68
CA LEU A 1337 28.80 79.92 -3.35
C LEU A 1337 29.26 81.04 -2.43
N GLN A 1338 28.54 81.32 -1.35
CA GLN A 1338 29.05 82.27 -0.37
C GLN A 1338 30.29 81.72 0.33
N LEU A 1339 30.27 80.42 0.65
CA LEU A 1339 31.47 79.78 1.18
C LEU A 1339 32.57 79.72 0.14
N ILE A 1340 32.20 79.62 -1.14
CA ILE A 1340 33.20 79.65 -2.21
C ILE A 1340 33.92 80.99 -2.25
N ILE A 1341 33.16 82.08 -2.21
CA ILE A 1341 33.74 83.43 -2.27
C ILE A 1341 34.54 83.71 -1.02
N GLU A 1342 34.07 83.26 0.15
CA GLU A 1342 34.84 83.44 1.37
C GLU A 1342 36.12 82.62 1.36
N SER A 1343 36.10 81.47 0.67
CA SER A 1343 37.30 80.66 0.60
C SER A 1343 38.33 81.24 -0.35
N SER A 1344 37.91 82.00 -1.36
CA SER A 1344 38.87 82.85 -2.07
C SER A 1344 38.65 84.31 -1.76
N GLU B 2 77.60 131.43 55.36
CA GLU B 2 78.96 131.61 55.85
C GLU B 2 79.54 130.32 56.39
N ASN B 3 80.84 130.15 56.25
CA ASN B 3 81.53 129.10 56.99
C ASN B 3 82.63 129.72 57.84
N TRP B 4 82.84 129.14 59.02
CA TRP B 4 83.87 129.60 59.91
C TRP B 4 84.92 128.54 60.19
N GLN B 5 84.65 127.28 59.85
CA GLN B 5 85.65 126.25 60.03
C GLN B 5 86.78 126.39 59.03
N ALA B 6 86.55 127.12 57.93
CA ALA B 6 87.64 127.49 57.04
C ALA B 6 88.66 128.34 57.78
N THR B 7 88.20 129.33 58.55
CA THR B 7 89.08 130.12 59.40
C THR B 7 89.68 129.24 60.50
N GLU B 8 88.86 128.41 61.13
CA GLU B 8 89.29 127.65 62.29
C GLU B 8 90.28 126.53 61.95
N ILE B 9 90.38 126.12 60.68
CA ILE B 9 91.27 125.04 60.28
C ILE B 9 92.39 125.53 59.38
N LEU B 10 92.06 126.25 58.31
CA LEU B 10 92.94 126.48 57.17
C LEU B 10 94.14 127.36 57.55
N PRO B 11 95.25 127.30 56.79
CA PRO B 11 96.44 128.05 57.19
C PRO B 11 96.25 129.54 57.07
N LYS B 12 96.95 130.27 57.94
CA LYS B 12 96.72 131.68 58.14
C LYS B 12 98.01 132.45 57.95
N ILE B 13 97.87 133.76 57.82
CA ILE B 13 98.98 134.69 57.62
C ILE B 13 98.98 135.63 58.81
N GLU B 14 100.09 135.67 59.55
CA GLU B 14 100.18 136.54 60.71
C GLU B 14 100.27 137.99 60.28
N ALA B 15 99.88 138.89 61.19
CA ALA B 15 99.96 140.29 60.85
C ALA B 15 100.18 141.13 62.10
N PRO B 16 101.18 142.00 62.11
CA PRO B 16 101.46 142.78 63.32
C PRO B 16 100.61 144.04 63.43
N LEU B 17 100.03 144.24 64.61
CA LEU B 17 99.18 145.39 64.95
C LEU B 17 98.03 145.54 63.96
N ASN B 18 97.17 144.52 63.92
CA ASN B 18 95.91 144.66 63.22
C ASN B 18 95.04 145.68 63.92
N ILE B 19 94.68 145.37 65.14
CA ILE B 19 93.96 146.29 65.99
C ILE B 19 94.97 146.96 66.90
N PHE B 20 94.66 148.20 67.27
CA PHE B 20 95.38 148.89 68.33
C PHE B 20 94.56 149.03 69.59
N ASN B 21 93.27 149.36 69.48
CA ASN B 21 92.53 149.75 70.67
C ASN B 21 91.99 148.55 71.45
N ASP B 22 90.91 147.93 70.96
CA ASP B 22 90.27 146.86 71.73
C ASP B 22 89.24 146.04 70.95
N ILE B 23 89.52 144.77 70.72
CA ILE B 23 88.51 143.93 70.09
C ILE B 23 87.46 143.45 71.05
N LYS B 24 87.69 143.55 72.36
CA LYS B 24 86.62 143.27 73.31
C LYS B 24 85.49 144.29 73.15
N THR B 25 85.83 145.58 73.10
CA THR B 25 84.81 146.60 72.86
C THR B 25 84.28 146.53 71.44
N TYR B 26 85.13 146.17 70.46
CA TYR B 26 84.62 146.04 69.09
C TYR B 26 83.59 144.94 68.95
N THR B 27 83.89 143.76 69.51
CA THR B 27 82.96 142.64 69.50
C THR B 27 81.71 142.93 70.32
N ALA B 28 81.88 143.58 71.48
CA ALA B 28 80.73 143.85 72.34
C ALA B 28 79.80 144.87 71.72
N GLU B 29 80.31 146.03 71.35
CA GLU B 29 79.46 147.08 70.81
C GLU B 29 79.28 146.97 69.29
N GLN B 30 79.67 145.83 68.70
CA GLN B 30 79.21 145.36 67.39
C GLN B 30 79.59 146.31 66.26
N LEU B 31 80.90 146.41 66.04
CA LEU B 31 81.39 147.22 64.93
C LEU B 31 81.21 146.54 63.59
N PHE B 32 80.91 145.26 63.58
CA PHE B 32 80.99 144.46 62.36
C PHE B 32 79.62 143.91 61.98
N ASP B 33 79.63 143.13 60.90
CA ASP B 33 78.45 142.45 60.40
C ASP B 33 78.55 140.94 60.62
N ASN B 34 79.67 140.33 60.23
CA ASN B 34 79.85 138.90 60.35
C ASN B 34 81.00 138.62 61.30
N LEU B 35 80.67 138.19 62.51
CA LEU B 35 81.67 137.74 63.46
C LEU B 35 81.15 136.50 64.15
N ARG B 36 82.07 135.78 64.76
CA ARG B 36 81.72 134.61 65.54
C ARG B 36 82.77 134.43 66.64
N ILE B 37 82.30 134.28 67.87
CA ILE B 37 83.18 134.09 69.01
C ILE B 37 82.84 132.77 69.66
N TYR B 38 83.80 132.23 70.38
CA TYR B 38 83.52 131.13 71.29
C TYR B 38 84.46 131.24 72.47
N PHE B 39 83.91 131.15 73.68
CA PHE B 39 84.73 131.22 74.89
C PHE B 39 85.23 129.83 75.27
N GLY B 40 84.32 128.91 75.53
CA GLY B 40 84.69 127.51 75.63
C GLY B 40 85.07 126.99 74.26
N ASP B 41 86.11 126.16 74.23
CA ASP B 41 86.74 125.78 72.97
C ASP B 41 85.83 124.87 72.15
N ASP B 42 85.44 125.37 70.98
CA ASP B 42 84.30 124.84 70.24
C ASP B 42 84.73 123.63 69.43
N PRO B 43 84.09 122.47 69.60
CA PRO B 43 84.40 121.34 68.73
C PRO B 43 83.61 121.35 67.44
N SER B 44 83.04 122.50 67.07
CA SER B 44 82.24 122.55 65.85
C SER B 44 83.07 122.57 64.59
N ARG B 45 84.38 122.67 64.69
CA ARG B 45 85.24 122.69 63.52
C ARG B 45 85.63 121.30 63.05
N TYR B 46 84.94 120.26 63.51
CA TYR B 46 85.31 118.90 63.15
C TYR B 46 84.29 118.16 62.32
N ASN B 47 83.05 118.62 62.26
CA ASN B 47 82.05 117.89 61.46
C ASN B 47 82.11 118.36 60.01
N ILE B 48 83.23 118.03 59.37
CA ILE B 48 83.47 118.44 58.01
C ILE B 48 82.61 117.60 57.09
N SER B 49 81.68 118.23 56.40
CA SER B 49 80.72 117.55 55.57
C SER B 49 80.90 118.03 54.14
N PHE B 50 80.59 117.21 53.15
CA PHE B 50 80.77 117.73 51.80
C PHE B 50 79.76 117.22 50.79
N GLU B 51 79.53 118.09 49.86
CA GLU B 51 78.74 117.82 48.69
C GLU B 51 79.66 117.22 47.64
N ALA B 52 79.52 115.93 47.41
CA ALA B 52 80.46 115.18 46.60
C ALA B 52 80.05 115.14 45.13
N LEU B 53 80.96 115.49 44.24
CA LEU B 53 80.65 115.49 42.82
C LEU B 53 81.45 114.39 42.17
N LEU B 54 80.82 113.65 41.26
CA LEU B 54 81.42 112.53 40.58
C LEU B 54 81.48 112.86 39.09
N GLY B 55 81.81 111.86 38.27
CA GLY B 55 82.14 112.11 36.88
C GLY B 55 80.99 112.66 36.06
N ILE B 56 81.36 113.28 34.95
CA ILE B 56 80.40 113.95 34.08
C ILE B 56 80.41 113.25 32.73
N TYR B 57 79.29 112.63 32.39
CA TYR B 57 79.18 111.81 31.19
C TYR B 57 78.30 112.51 30.16
N CYS B 58 78.68 112.39 28.89
CA CYS B 58 77.98 113.07 27.81
C CYS B 58 77.41 112.06 26.83
N ASN B 59 76.21 112.35 26.36
CA ASN B 59 75.60 111.52 25.33
C ASN B 59 76.33 111.72 24.02
N LYS B 60 76.69 110.62 23.38
CA LYS B 60 77.27 110.67 22.05
C LYS B 60 76.14 110.60 21.03
N ILE B 61 76.05 111.61 20.18
CA ILE B 61 75.02 111.64 19.14
C ILE B 61 75.50 110.76 18.00
N GLU B 62 74.81 109.66 17.76
CA GLU B 62 75.17 108.81 16.63
C GLU B 62 74.82 109.50 15.33
N TRP B 63 75.68 109.35 14.34
CA TRP B 63 75.62 110.12 13.12
C TRP B 63 74.98 109.31 12.01
N ILE B 64 74.18 109.98 11.18
CA ILE B 64 73.42 109.33 10.14
C ILE B 64 73.86 109.85 8.79
N ASN B 65 74.48 108.98 8.00
CA ASN B 65 74.66 109.24 6.58
C ASN B 65 73.42 108.78 5.85
N PHE B 66 73.13 109.43 4.72
CA PHE B 66 71.95 109.07 3.95
C PHE B 66 72.11 107.69 3.33
N PHE B 67 73.29 107.38 2.84
CA PHE B 67 73.51 106.12 2.13
C PHE B 67 73.76 104.96 3.07
N THR B 68 73.76 105.19 4.37
CA THR B 68 73.83 104.08 5.32
C THR B 68 72.46 103.45 5.52
N THR B 69 71.43 104.28 5.68
CA THR B 69 70.08 103.80 5.91
C THR B 69 69.52 103.17 4.65
N PRO B 70 68.63 102.17 4.78
CA PRO B 70 68.15 101.46 3.59
C PRO B 70 67.00 102.14 2.89
N ILE B 71 66.78 103.42 3.19
CA ILE B 71 65.83 104.18 2.38
C ILE B 71 66.47 104.60 1.07
N ALA B 72 67.80 104.58 0.99
CA ALA B 72 68.48 105.01 -0.20
C ALA B 72 68.49 103.95 -1.29
N VAL B 73 67.98 102.75 -1.03
CA VAL B 73 67.76 101.85 -2.15
C VAL B 73 66.48 102.24 -2.88
N ALA B 74 65.53 102.87 -2.18
CA ALA B 74 64.42 103.48 -2.88
C ALA B 74 64.81 104.80 -3.48
N ALA B 75 65.79 105.48 -2.88
CA ALA B 75 66.23 106.76 -3.41
C ALA B 75 67.23 106.60 -4.56
N ASN B 76 67.43 107.69 -5.30
CA ASN B 76 68.50 107.80 -6.29
C ASN B 76 68.82 109.28 -6.44
N VAL B 77 69.90 109.73 -5.81
CA VAL B 77 70.05 111.14 -5.43
C VAL B 77 71.21 111.77 -6.19
N ILE B 78 70.94 112.88 -6.84
CA ILE B 78 71.90 113.58 -7.67
C ILE B 78 71.87 115.08 -7.34
N ARG B 79 73.05 115.66 -7.13
CA ARG B 79 73.19 117.09 -6.92
C ARG B 79 73.00 117.84 -8.23
N PHE B 80 72.40 119.02 -8.10
CA PHE B 80 72.13 119.91 -9.22
C PHE B 80 71.99 121.29 -8.64
N ASN B 81 72.96 122.15 -8.88
CA ASN B 81 73.10 123.37 -8.09
C ASN B 81 72.10 124.46 -8.47
N ASP B 82 71.20 124.23 -9.40
CA ASP B 82 70.27 125.27 -9.84
C ASP B 82 68.82 124.80 -9.85
N VAL B 83 68.49 123.81 -9.02
CA VAL B 83 67.11 123.37 -8.91
C VAL B 83 66.26 124.42 -8.18
N SER B 84 66.92 125.33 -7.46
CA SER B 84 66.22 126.51 -6.94
C SER B 84 65.70 127.36 -8.08
N ARG B 85 66.42 127.39 -9.21
CA ARG B 85 65.94 128.08 -10.39
C ARG B 85 65.13 127.20 -11.33
N MET B 86 65.14 125.88 -11.14
CA MET B 86 64.32 125.01 -11.98
C MET B 86 62.84 125.21 -11.69
N THR B 87 62.08 125.48 -12.75
CA THR B 87 60.64 125.65 -12.56
C THR B 87 59.93 124.30 -12.52
N LEU B 88 60.00 123.53 -13.60
CA LEU B 88 59.37 122.22 -13.67
C LEU B 88 60.35 121.25 -14.30
N GLY B 89 60.80 120.26 -13.53
CA GLY B 89 61.48 119.13 -14.12
C GLY B 89 60.43 118.12 -14.53
N LYS B 90 60.57 117.57 -15.73
CA LYS B 90 59.65 116.52 -16.16
C LYS B 90 60.41 115.43 -16.89
N VAL B 91 59.78 114.26 -17.00
CA VAL B 91 60.28 113.16 -17.82
C VAL B 91 59.19 112.80 -18.81
N LEU B 92 59.59 112.31 -19.98
CA LEU B 92 58.67 111.98 -21.06
C LEU B 92 58.82 110.52 -21.43
N PHE B 93 57.69 109.82 -21.46
CA PHE B 93 57.65 108.41 -21.81
C PHE B 93 56.88 108.23 -23.11
N PHE B 94 57.44 107.40 -23.97
CA PHE B 94 56.92 107.12 -25.31
C PHE B 94 56.57 105.64 -25.39
N ILE B 95 55.31 105.30 -25.15
CA ILE B 95 54.84 103.93 -25.06
C ILE B 95 54.10 103.59 -26.34
N GLN B 96 54.31 102.39 -26.86
CA GLN B 96 53.48 101.92 -27.96
C GLN B 96 52.95 100.53 -27.65
N LEU B 97 51.84 100.18 -28.29
CA LEU B 97 51.19 98.95 -27.85
C LEU B 97 51.28 97.85 -28.89
N PRO B 98 51.66 96.64 -28.49
CA PRO B 98 51.63 95.51 -29.41
C PRO B 98 50.22 95.00 -29.61
N ARG B 99 50.03 94.22 -30.68
CA ARG B 99 48.68 93.82 -31.08
C ARG B 99 48.63 92.32 -31.31
N VAL B 100 47.44 91.86 -31.66
CA VAL B 100 47.15 90.45 -31.89
C VAL B 100 46.24 90.39 -33.11
N ALA B 101 46.37 89.32 -33.90
CA ALA B 101 45.66 89.25 -35.15
C ALA B 101 44.22 88.79 -34.94
N THR B 102 43.31 89.39 -35.70
CA THR B 102 41.88 89.22 -35.49
C THR B 102 41.31 88.14 -36.38
N GLY B 103 40.13 87.67 -36.01
CA GLY B 103 39.44 86.64 -36.77
C GLY B 103 38.92 87.14 -38.10
N ASN B 104 38.23 86.23 -38.78
CA ASN B 104 37.64 86.46 -40.10
C ASN B 104 36.75 87.70 -40.13
N ASP B 105 37.22 88.71 -40.86
CA ASP B 105 36.48 89.95 -41.16
C ASP B 105 36.02 90.67 -39.90
N VAL B 106 36.88 90.68 -38.88
CA VAL B 106 36.62 91.34 -37.61
C VAL B 106 37.54 92.57 -37.55
N THR B 107 37.02 93.67 -37.03
CA THR B 107 37.77 94.92 -36.89
C THR B 107 39.00 94.73 -36.02
N ALA B 108 40.15 95.15 -36.54
CA ALA B 108 41.38 95.14 -35.79
C ALA B 108 41.58 96.47 -35.08
N PRO B 109 42.12 96.47 -33.87
CA PRO B 109 42.51 97.72 -33.24
C PRO B 109 43.67 98.35 -34.01
N LYS B 110 43.64 99.68 -34.11
CA LYS B 110 44.69 100.35 -34.85
C LYS B 110 45.93 100.52 -33.99
N GLU B 111 46.97 101.07 -34.60
CA GLU B 111 48.22 101.24 -33.88
C GLU B 111 48.12 102.37 -32.86
N THR B 112 48.52 102.07 -31.63
CA THR B 112 48.35 102.99 -30.52
C THR B 112 49.69 103.47 -30.00
N THR B 113 49.88 104.78 -30.06
CA THR B 113 51.07 105.48 -29.61
C THR B 113 50.66 106.44 -28.50
N ILE B 114 51.20 106.23 -27.32
CA ILE B 114 50.86 107.00 -26.13
C ILE B 114 52.10 107.75 -25.69
N MET B 115 51.92 109.02 -25.34
CA MET B 115 53.00 109.83 -24.78
C MET B 115 52.53 110.39 -23.46
N VAL B 116 53.27 110.10 -22.39
CA VAL B 116 52.95 110.67 -21.09
C VAL B 116 54.15 111.47 -20.60
N ALA B 117 53.91 112.29 -19.58
CA ALA B 117 54.96 113.14 -19.05
C ALA B 117 54.75 113.27 -17.55
N LYS B 118 55.64 112.67 -16.77
CA LYS B 118 55.59 112.81 -15.33
C LYS B 118 56.30 114.09 -14.92
N HIS B 119 55.81 114.70 -13.85
CA HIS B 119 56.31 115.99 -13.40
C HIS B 119 57.12 115.84 -12.12
N SER B 120 57.71 116.94 -11.69
CA SER B 120 58.55 116.98 -10.49
C SER B 120 57.86 117.78 -9.39
N GLU B 121 57.78 117.19 -8.21
CA GLU B 121 57.47 117.98 -7.02
C GLU B 121 58.75 118.63 -6.55
N LYS B 122 58.65 119.74 -5.83
CA LYS B 122 59.84 120.25 -5.17
C LYS B 122 59.48 120.76 -3.79
N HIS B 123 60.44 120.64 -2.88
CA HIS B 123 60.21 120.64 -1.45
C HIS B 123 61.48 121.10 -0.72
N PRO B 124 61.41 122.17 0.05
CA PRO B 124 62.59 122.64 0.78
C PRO B 124 62.66 122.12 2.21
N ILE B 125 63.86 122.16 2.77
CA ILE B 125 64.09 121.90 4.19
C ILE B 125 65.04 122.98 4.72
N ASN B 126 64.96 123.21 6.03
CA ASN B 126 65.88 124.16 6.64
C ASN B 126 66.18 123.80 8.10
N ILE B 127 67.28 124.35 8.60
CA ILE B 127 67.69 124.25 9.99
C ILE B 127 68.20 125.61 10.43
N SER B 128 67.65 126.13 11.52
CA SER B 128 68.17 127.36 12.12
C SER B 128 68.80 127.03 13.47
N PHE B 129 69.90 127.71 13.77
CA PHE B 129 70.53 127.60 15.08
C PHE B 129 71.26 128.89 15.35
N ASP B 130 71.35 129.27 16.62
CA ASP B 130 71.87 130.58 16.96
C ASP B 130 73.17 130.48 17.77
N LEU B 131 73.86 131.61 17.82
CA LEU B 131 74.98 131.83 18.71
C LEU B 131 74.71 133.13 19.46
N SER B 132 74.91 133.11 20.77
CA SER B 132 74.64 134.30 21.55
C SER B 132 75.74 135.34 21.35
N ALA B 133 75.47 136.56 21.79
CA ALA B 133 76.46 137.63 21.67
C ALA B 133 77.63 137.39 22.60
N ALA B 134 77.37 136.85 23.79
CA ALA B 134 78.45 136.57 24.73
C ALA B 134 79.36 135.47 24.20
N CYS B 135 78.77 134.42 23.64
CA CYS B 135 79.54 133.36 23.01
C CYS B 135 80.33 133.89 21.83
N LEU B 136 79.70 134.75 21.02
CA LEU B 136 80.36 135.32 19.85
C LEU B 136 81.51 136.23 20.23
N GLU B 137 81.43 136.86 21.39
CA GLU B 137 82.59 137.56 21.93
C GLU B 137 83.68 136.59 22.33
N HIS B 138 83.32 135.49 22.98
CA HIS B 138 84.38 134.57 23.37
C HIS B 138 84.88 133.70 22.22
N LEU B 139 84.29 133.80 21.02
CA LEU B 139 84.77 133.06 19.85
C LEU B 139 86.21 133.34 19.48
N GLU B 140 86.55 134.58 19.09
CA GLU B 140 87.93 134.65 18.60
C GLU B 140 88.75 135.77 19.21
N ASN B 141 88.17 136.93 19.48
CA ASN B 141 89.01 138.01 19.98
C ASN B 141 89.22 137.80 21.47
N THR B 142 90.38 137.24 21.82
CA THR B 142 90.75 137.13 23.22
C THR B 142 91.00 138.52 23.79
N PHE B 143 90.27 138.84 24.86
CA PHE B 143 90.44 140.15 25.49
C PHE B 143 91.76 140.23 26.23
N LYS B 144 91.97 139.31 27.18
CA LYS B 144 93.23 139.17 27.86
C LYS B 144 93.72 137.75 27.71
N ASN B 145 94.96 137.53 28.11
CA ASN B 145 95.51 136.18 28.19
C ASN B 145 95.34 135.63 29.60
N THR B 146 94.09 135.51 30.01
CA THR B 146 93.78 134.90 31.30
C THR B 146 93.28 133.47 31.09
N VAL B 147 93.45 132.66 32.14
CA VAL B 147 93.12 131.25 32.06
C VAL B 147 91.62 131.06 31.88
N ILE B 148 90.82 131.92 32.51
CA ILE B 148 89.36 131.86 32.39
C ILE B 148 88.93 132.22 30.97
N ASP B 149 89.60 133.21 30.37
CA ASP B 149 89.32 133.54 28.97
C ASP B 149 89.71 132.40 28.06
N GLN B 150 90.76 131.65 28.40
CA GLN B 150 91.11 130.49 27.61
C GLN B 150 90.05 129.40 27.72
N ILE B 151 89.50 129.23 28.93
CA ILE B 151 88.38 128.30 29.16
C ILE B 151 87.21 128.64 28.25
N LEU B 152 86.79 129.90 28.28
CA LEU B 152 85.58 130.27 27.57
C LEU B 152 85.78 130.33 26.06
N ASN B 153 86.99 130.71 25.63
CA ASN B 153 87.35 130.62 24.21
C ASN B 153 87.23 129.19 23.71
N ILE B 154 87.77 128.23 24.45
CA ILE B 154 87.77 126.85 23.98
C ILE B 154 86.37 126.25 24.05
N ASN B 155 85.58 126.66 25.06
CA ASN B 155 84.19 126.24 25.12
C ASN B 155 83.37 126.78 23.94
N ALA B 156 83.58 128.04 23.57
CA ALA B 156 82.81 128.61 22.48
C ALA B 156 83.20 127.99 21.14
N LEU B 157 84.49 127.70 20.98
CA LEU B 157 84.93 127.04 19.75
C LEU B 157 84.31 125.65 19.61
N HIS B 158 84.25 124.90 20.71
CA HIS B 158 83.63 123.58 20.63
C HIS B 158 82.12 123.65 20.48
N THR B 159 81.49 124.69 21.04
CA THR B 159 80.06 124.89 20.83
C THR B 159 79.74 125.16 19.37
N VAL B 160 80.54 125.99 18.71
CA VAL B 160 80.32 126.30 17.29
C VAL B 160 80.54 125.06 16.43
N LEU B 161 81.67 124.37 16.62
CA LEU B 161 81.97 123.19 15.80
C LEU B 161 80.94 122.10 15.99
N ARG B 162 80.51 121.88 17.23
CA ARG B 162 79.56 120.82 17.49
C ARG B 162 78.16 121.19 16.99
N SER B 163 77.80 122.46 17.04
CA SER B 163 76.50 122.86 16.50
C SER B 163 76.47 122.78 14.98
N LEU B 164 77.58 123.09 14.31
CA LEU B 164 77.64 122.90 12.87
C LEU B 164 77.49 121.43 12.49
N LYS B 165 78.16 120.55 13.25
CA LYS B 165 77.99 119.11 13.03
C LYS B 165 76.55 118.66 13.23
N ASN B 166 75.91 119.17 14.29
CA ASN B 166 74.52 118.82 14.58
C ASN B 166 73.58 119.30 13.49
N SER B 167 73.86 120.49 12.94
CA SER B 167 73.03 121.02 11.87
C SER B 167 73.17 120.20 10.59
N ALA B 168 74.38 119.72 10.30
CA ALA B 168 74.55 118.85 9.13
C ALA B 168 73.81 117.53 9.30
N ASP B 169 73.83 116.99 10.53
CA ASP B 169 73.06 115.78 10.82
C ASP B 169 71.57 116.04 10.63
N SER B 170 71.11 117.21 11.05
CA SER B 170 69.69 117.50 10.94
C SER B 170 69.26 117.69 9.49
N LEU B 171 70.15 118.23 8.65
CA LEU B 171 69.87 118.25 7.22
C LEU B 171 69.77 116.85 6.63
N GLU B 172 70.65 115.95 7.06
CA GLU B 172 70.57 114.56 6.58
C GLU B 172 69.28 113.90 7.01
N ARG B 173 68.90 114.09 8.28
CA ARG B 173 67.71 113.43 8.78
C ARG B 173 66.46 114.07 8.23
N GLY B 174 66.52 115.34 7.85
CA GLY B 174 65.38 115.94 7.19
C GLY B 174 65.27 115.52 5.75
N LEU B 175 66.39 115.17 5.12
CA LEU B 175 66.31 114.52 3.81
C LEU B 175 65.62 113.18 3.93
N ILE B 176 65.97 112.40 4.96
CA ILE B 176 65.26 111.16 5.28
C ILE B 176 63.76 111.41 5.45
N HIS B 177 63.43 112.40 6.27
CA HIS B 177 62.04 112.63 6.63
C HIS B 177 61.21 113.16 5.48
N ALA B 178 61.79 114.03 4.66
CA ALA B 178 61.06 114.58 3.52
C ALA B 178 60.86 113.53 2.44
N PHE B 179 61.85 112.66 2.23
CA PHE B 179 61.67 111.59 1.27
C PHE B 179 60.65 110.57 1.75
N MET B 180 60.63 110.29 3.06
CA MET B 180 59.63 109.39 3.62
C MET B 180 58.23 110.03 3.55
N GLN B 181 58.18 111.34 3.76
CA GLN B 181 56.95 112.13 3.61
C GLN B 181 56.36 111.98 2.21
N THR B 182 57.20 112.10 1.19
CA THR B 182 56.70 112.03 -0.17
C THR B 182 56.32 110.61 -0.57
N LEU B 183 57.05 109.59 -0.09
CA LEU B 183 56.64 108.21 -0.35
C LEU B 183 55.28 107.92 0.27
N LEU B 184 55.05 108.41 1.49
CA LEU B 184 53.74 108.21 2.10
C LEU B 184 52.65 109.05 1.42
N ARG B 185 53.01 110.19 0.82
CA ARG B 185 52.02 110.91 0.04
C ARG B 185 51.71 110.21 -1.27
N LYS B 186 52.67 109.49 -1.83
CA LYS B 186 52.46 108.82 -3.11
C LYS B 186 51.71 107.52 -2.97
N SER B 187 51.99 106.75 -1.92
CA SER B 187 51.63 105.34 -1.88
C SER B 187 50.14 105.12 -1.67
N PRO B 188 49.44 104.50 -2.61
CA PRO B 188 48.06 104.15 -2.37
C PRO B 188 47.99 102.91 -1.50
N PRO B 189 46.91 102.69 -0.78
CA PRO B 189 46.86 101.56 0.14
C PRO B 189 46.66 100.23 -0.58
N GLN B 190 46.89 99.17 0.19
CA GLN B 190 47.09 97.84 -0.36
C GLN B 190 45.82 97.26 -0.95
N PHE B 191 44.66 97.57 -0.37
CA PHE B 191 43.43 97.00 -0.90
C PHE B 191 43.07 97.60 -2.25
N ILE B 192 43.35 98.90 -2.43
CA ILE B 192 43.18 99.52 -3.74
C ILE B 192 44.17 98.94 -4.75
N VAL B 193 45.42 98.74 -4.33
CA VAL B 193 46.44 98.23 -5.26
C VAL B 193 46.13 96.79 -5.68
N LEU B 194 45.64 95.98 -4.75
CA LEU B 194 45.24 94.62 -5.12
C LEU B 194 43.99 94.61 -5.98
N THR B 195 43.09 95.58 -5.79
CA THR B 195 41.83 95.54 -6.51
C THR B 195 41.97 95.98 -7.96
N MET B 196 42.82 97.00 -8.21
CA MET B 196 42.92 97.56 -9.56
C MET B 196 43.53 96.56 -10.54
N ASN B 197 44.54 95.81 -10.10
CA ASN B 197 45.21 94.85 -10.97
C ASN B 197 44.29 93.69 -11.34
N GLU B 198 43.36 93.35 -10.46
CA GLU B 198 42.33 92.38 -10.86
C GLU B 198 41.33 93.00 -11.81
N ASN B 199 41.04 94.29 -11.65
CA ASN B 199 40.03 94.95 -12.45
C ASN B 199 40.62 95.80 -13.57
N LYS B 200 41.72 95.36 -14.15
CA LYS B 200 42.28 96.04 -15.33
C LYS B 200 41.30 96.09 -16.49
N VAL B 201 41.34 97.21 -17.19
CA VAL B 201 40.34 97.56 -18.20
C VAL B 201 40.71 96.92 -19.53
N HIS B 202 39.70 96.57 -20.30
CA HIS B 202 39.96 96.19 -21.68
C HIS B 202 40.25 97.44 -22.50
N ASN B 203 40.81 97.24 -23.68
CA ASN B 203 41.27 98.38 -24.45
C ASN B 203 40.32 98.75 -25.59
N LYS B 204 39.30 97.92 -25.84
CA LYS B 204 38.23 98.31 -26.74
C LYS B 204 37.48 99.53 -26.21
N GLN B 205 37.28 99.60 -24.90
CA GLN B 205 36.43 100.62 -24.32
C GLN B 205 37.02 101.08 -23.00
N ALA B 206 36.49 102.19 -22.46
CA ALA B 206 36.86 102.63 -21.12
C ALA B 206 36.19 101.75 -20.07
N LEU B 207 36.48 102.06 -18.80
CA LEU B 207 36.11 101.17 -17.71
C LEU B 207 34.61 101.14 -17.50
N SER B 208 34.02 99.95 -17.54
CA SER B 208 32.59 99.81 -17.53
C SER B 208 32.00 100.06 -16.15
N ARG B 209 30.72 100.45 -16.14
CA ARG B 209 30.02 100.71 -14.90
C ARG B 209 29.91 99.46 -14.04
N VAL B 210 29.66 98.32 -14.67
CA VAL B 210 29.61 97.05 -13.96
C VAL B 210 30.96 96.72 -13.37
N GLN B 211 32.02 96.98 -14.14
CA GLN B 211 33.40 96.78 -13.67
C GLN B 211 33.69 97.59 -12.42
N ARG B 212 33.35 98.88 -12.45
CA ARG B 212 33.70 99.70 -11.30
C ARG B 212 32.78 99.47 -10.10
N SER B 213 31.54 99.03 -10.34
CA SER B 213 30.67 98.72 -9.22
C SER B 213 31.13 97.46 -8.49
N ASN B 214 31.46 96.41 -9.24
CA ASN B 214 32.02 95.22 -8.61
C ASN B 214 33.40 95.49 -8.03
N MET B 215 34.12 96.44 -8.60
CA MET B 215 35.38 96.90 -8.01
C MET B 215 35.15 97.53 -6.65
N PHE B 216 34.10 98.33 -6.53
CA PHE B 216 33.76 98.93 -5.24
C PHE B 216 33.38 97.88 -4.20
N GLN B 217 32.63 96.87 -4.63
CA GLN B 217 32.27 95.81 -3.69
C GLN B 217 33.48 94.98 -3.29
N SER B 218 34.43 94.79 -4.20
CA SER B 218 35.68 94.16 -3.86
C SER B 218 36.50 95.01 -2.89
N LEU B 219 36.43 96.34 -3.03
CA LEU B 219 37.11 97.21 -2.09
C LEU B 219 36.56 97.07 -0.68
N LYS B 220 35.22 96.99 -0.56
CA LYS B 220 34.57 96.69 0.71
C LYS B 220 35.11 95.40 1.31
N ASN B 221 35.18 94.34 0.52
CA ASN B 221 35.58 93.04 1.06
C ASN B 221 37.05 93.01 1.46
N ARG B 222 37.94 93.56 0.62
CA ARG B 222 39.36 93.59 0.94
C ARG B 222 39.63 94.41 2.19
N LEU B 223 38.91 95.53 2.33
CA LEU B 223 39.08 96.36 3.51
C LEU B 223 38.61 95.65 4.76
N LEU B 224 37.43 95.04 4.72
CA LEU B 224 36.90 94.43 5.93
C LEU B 224 37.55 93.11 6.27
N THR B 225 38.32 92.50 5.37
CA THR B 225 39.08 91.31 5.73
C THR B 225 40.52 91.62 6.11
N SER B 226 41.27 92.26 5.22
CA SER B 226 42.72 92.36 5.37
C SER B 226 43.13 93.67 6.02
N LEU B 227 42.36 94.18 6.98
CA LEU B 227 42.67 95.48 7.55
C LEU B 227 43.80 95.40 8.57
N PHE B 228 43.58 94.69 9.67
CA PHE B 228 44.54 94.62 10.75
C PHE B 228 45.33 93.35 10.57
N PHE B 229 46.57 93.51 10.17
CA PHE B 229 47.25 92.47 9.42
C PHE B 229 48.12 91.57 10.28
N LEU B 230 49.05 92.16 11.04
CA LEU B 230 49.88 91.37 11.93
C LEU B 230 49.11 90.82 13.11
N ASN B 231 47.93 91.35 13.38
CA ASN B 231 47.29 91.12 14.65
C ASN B 231 46.31 89.96 14.62
N ARG B 232 45.64 89.76 13.49
CA ARG B 232 44.55 88.79 13.42
C ARG B 232 45.06 87.36 13.33
N ASN B 233 45.83 87.04 12.29
CA ASN B 233 46.27 85.67 12.05
C ASN B 233 47.60 85.40 12.74
N ASN B 234 48.08 84.17 12.59
CA ASN B 234 49.45 83.84 12.96
C ASN B 234 50.15 82.98 11.92
N ASN B 235 49.51 82.70 10.79
CA ASN B 235 50.10 81.86 9.76
C ASN B 235 51.24 82.62 9.09
N SER B 236 52.47 82.12 9.30
CA SER B 236 53.62 82.64 8.59
C SER B 236 53.47 82.47 7.09
N SER B 237 52.81 81.39 6.66
CA SER B 237 52.49 81.20 5.26
C SER B 237 51.58 82.30 4.73
N TYR B 238 50.56 82.66 5.50
CA TYR B 238 49.61 83.68 5.02
C TYR B 238 50.23 85.06 5.00
N ILE B 239 51.02 85.40 6.03
CA ILE B 239 51.64 86.71 6.07
C ILE B 239 52.73 86.83 5.02
N TYR B 240 53.46 85.74 4.80
CA TYR B 240 54.41 85.66 3.69
C TYR B 240 53.71 85.79 2.35
N ARG B 241 52.50 85.24 2.23
CA ARG B 241 51.73 85.32 1.01
C ARG B 241 51.32 86.75 0.71
N ILE B 242 50.90 87.49 1.73
CA ILE B 242 50.46 88.87 1.48
C ILE B 242 51.66 89.78 1.21
N LEU B 243 52.81 89.52 1.84
CA LEU B 243 54.01 90.30 1.50
C LEU B 243 54.45 90.01 0.07
N ASN B 244 54.31 88.76 -0.36
CA ASN B 244 54.53 88.42 -1.76
C ASN B 244 53.53 89.12 -2.67
N ASP B 245 52.30 89.30 -2.19
CA ASP B 245 51.30 89.99 -2.98
C ASP B 245 51.64 91.46 -3.14
N MET B 246 52.23 92.07 -2.11
CA MET B 246 52.75 93.43 -2.23
C MET B 246 53.84 93.51 -3.29
N MET B 247 54.83 92.62 -3.19
CA MET B 247 55.98 92.70 -4.07
C MET B 247 55.65 92.31 -5.50
N GLU B 248 54.55 91.60 -5.72
CA GLU B 248 54.10 91.36 -7.07
C GLU B 248 53.20 92.47 -7.58
N SER B 249 52.46 93.13 -6.70
CA SER B 249 51.54 94.16 -7.14
C SER B 249 52.24 95.48 -7.44
N VAL B 250 53.37 95.74 -6.79
CA VAL B 250 54.09 96.99 -6.99
C VAL B 250 54.84 96.95 -8.31
N THR B 251 54.70 98.00 -9.10
CA THR B 251 55.38 98.08 -10.39
C THR B 251 56.84 98.46 -10.24
N GLU B 252 57.63 98.04 -11.21
CA GLU B 252 59.07 98.25 -11.24
C GLU B 252 59.38 99.66 -11.73
N SER B 253 60.52 100.20 -11.29
CA SER B 253 61.02 101.48 -11.78
C SER B 253 61.71 101.29 -13.13
N ILE B 254 62.20 102.38 -13.71
CA ILE B 254 62.61 102.37 -15.10
C ILE B 254 64.12 102.21 -15.26
N LEU B 255 64.94 102.80 -14.39
CA LEU B 255 66.37 102.74 -14.60
C LEU B 255 66.95 101.48 -13.99
N ASN B 256 67.74 100.75 -14.78
CA ASN B 256 68.33 99.49 -14.39
C ASN B 256 69.84 99.70 -14.43
N ASP B 257 70.43 100.03 -13.29
CA ASP B 257 71.87 100.11 -13.19
C ASP B 257 72.41 98.76 -12.75
N THR B 258 73.53 98.37 -13.37
CA THR B 258 74.18 97.11 -13.03
C THR B 258 74.78 97.17 -11.63
N ASN B 259 75.17 98.35 -11.17
CA ASN B 259 75.96 98.46 -9.95
C ASN B 259 75.26 99.10 -8.77
N ASN B 260 74.12 99.76 -8.96
CA ASN B 260 73.40 100.34 -7.83
C ASN B 260 72.67 99.23 -7.08
N TYR B 261 73.07 99.02 -5.81
CA TYR B 261 72.46 98.06 -4.89
C TYR B 261 72.51 96.65 -5.44
N THR B 262 73.69 96.27 -5.90
CA THR B 262 73.92 95.01 -6.55
C THR B 262 74.54 94.04 -5.57
N SER B 263 73.94 92.85 -5.46
CA SER B 263 74.52 91.84 -4.58
C SER B 263 75.68 91.16 -5.27
N LYS B 264 76.22 90.14 -4.61
CA LYS B 264 77.31 89.37 -5.19
C LYS B 264 76.84 88.61 -6.41
N GLU B 265 77.72 88.53 -7.41
CA GLU B 265 77.47 87.92 -8.72
C GLU B 265 76.32 88.59 -9.45
N ASN B 266 76.19 89.91 -9.26
CA ASN B 266 75.34 90.79 -10.07
C ASN B 266 73.85 90.43 -10.03
N ILE B 267 73.36 90.04 -8.86
CA ILE B 267 71.93 89.88 -8.63
C ILE B 267 71.41 91.16 -8.00
N PRO B 268 70.50 91.88 -8.64
CA PRO B 268 70.06 93.17 -8.10
C PRO B 268 69.07 93.01 -6.96
N LEU B 269 69.32 93.74 -5.87
CA LEU B 269 68.34 93.84 -4.81
C LEU B 269 67.14 94.64 -5.32
N ASP B 270 65.94 94.20 -4.95
CA ASP B 270 64.73 94.72 -5.57
C ASP B 270 63.79 95.23 -4.49
N GLY B 271 64.03 96.45 -4.02
CA GLY B 271 63.07 97.15 -3.19
C GLY B 271 63.37 97.04 -1.70
N VAL B 272 62.63 97.83 -0.95
CA VAL B 272 62.77 97.89 0.49
C VAL B 272 61.40 97.77 1.14
N LEU B 273 61.34 96.97 2.19
CA LEU B 273 60.19 96.87 3.07
C LEU B 273 60.65 97.47 4.40
N LEU B 274 60.10 98.62 4.71
CA LEU B 274 60.47 99.29 5.94
C LEU B 274 59.22 99.61 6.73
N GLY B 275 59.32 99.40 8.02
CA GLY B 275 58.20 99.67 8.90
C GLY B 275 58.67 100.35 10.16
N PRO B 276 57.84 100.33 11.18
CA PRO B 276 58.31 100.66 12.52
C PRO B 276 58.71 99.40 13.28
N ILE B 277 59.48 99.63 14.34
CA ILE B 277 60.13 98.53 15.04
C ILE B 277 59.12 97.64 15.75
N GLY B 278 57.97 98.19 16.13
CA GLY B 278 56.93 97.39 16.74
C GLY B 278 56.33 96.37 15.79
N SER B 279 56.23 96.72 14.51
CA SER B 279 55.86 95.71 13.52
C SER B 279 57.01 94.73 13.29
N ILE B 280 58.22 95.25 13.16
CA ILE B 280 59.30 94.43 12.63
C ILE B 280 59.85 93.42 13.66
N GLN B 281 59.68 93.67 14.96
CA GLN B 281 59.99 92.64 15.94
C GLN B 281 59.08 91.42 15.76
N LYS B 282 57.78 91.66 15.59
CA LYS B 282 56.84 90.58 15.32
C LYS B 282 57.14 89.92 13.98
N LEU B 283 57.56 90.71 12.99
CA LEU B 283 57.85 90.16 11.67
C LEU B 283 59.06 89.24 11.70
N THR B 284 60.11 89.61 12.45
CA THR B 284 61.24 88.72 12.61
C THR B 284 60.86 87.46 13.38
N ASN B 285 60.01 87.61 14.40
CA ASN B 285 59.60 86.45 15.19
C ASN B 285 58.78 85.46 14.36
N ILE B 286 57.98 85.94 13.43
CA ILE B 286 57.17 85.03 12.64
C ILE B 286 57.83 84.61 11.33
N LEU B 287 58.86 85.32 10.87
CA LEU B 287 59.48 85.01 9.59
C LEU B 287 60.99 84.92 9.69
N SER B 288 61.50 84.43 10.82
CA SER B 288 62.94 84.31 10.99
C SER B 288 63.57 83.23 10.10
N GLN B 289 62.77 82.40 9.42
CA GLN B 289 63.31 81.45 8.46
C GLN B 289 63.89 82.14 7.24
N TYR B 290 63.33 83.30 6.86
CA TYR B 290 63.57 83.90 5.57
C TYR B 290 64.40 85.17 5.63
N ILE B 291 64.95 85.50 6.80
CA ILE B 291 65.66 86.76 7.00
C ILE B 291 67.15 86.47 6.99
N SER B 292 67.87 87.17 6.13
CA SER B 292 69.32 87.04 6.07
C SER B 292 69.93 88.42 6.07
N THR B 293 71.26 88.45 6.26
CA THR B 293 72.04 89.67 6.16
C THR B 293 73.16 89.43 5.17
N GLN B 294 73.27 90.28 4.16
CA GLN B 294 74.28 90.09 3.13
C GLN B 294 74.88 91.42 2.73
N VAL B 295 76.00 91.33 2.00
CA VAL B 295 76.80 92.49 1.64
C VAL B 295 76.40 92.92 0.24
N VAL B 296 76.02 94.19 0.11
CA VAL B 296 75.45 94.73 -1.12
C VAL B 296 76.28 95.91 -1.57
N SER B 297 76.68 95.92 -2.84
CA SER B 297 77.46 97.00 -3.42
C SER B 297 76.60 98.25 -3.56
N ALA B 298 76.74 99.16 -2.63
CA ALA B 298 75.90 100.34 -2.52
C ALA B 298 76.65 101.59 -2.95
N PRO B 299 75.95 102.61 -3.42
CA PRO B 299 76.60 103.89 -3.66
C PRO B 299 76.85 104.62 -2.35
N ILE B 300 77.82 105.54 -2.40
CA ILE B 300 78.20 106.30 -1.21
C ILE B 300 78.15 107.80 -1.43
N SER B 301 78.23 108.30 -2.65
CA SER B 301 78.24 109.73 -2.90
C SER B 301 77.06 110.13 -3.78
N TYR B 302 76.79 111.42 -3.80
CA TYR B 302 75.74 111.95 -4.65
C TYR B 302 76.17 111.94 -6.10
N GLY B 303 75.20 111.88 -7.01
CA GLY B 303 75.53 112.07 -8.40
C GLY B 303 75.76 113.54 -8.71
N HIS B 304 76.29 113.81 -9.89
CA HIS B 304 76.43 115.16 -10.40
C HIS B 304 75.48 115.40 -11.56
N PHE B 305 75.03 116.64 -11.72
CA PHE B 305 74.68 117.12 -13.05
C PHE B 305 75.02 118.60 -13.13
N ILE B 306 76.07 118.91 -13.88
CA ILE B 306 76.51 120.27 -14.13
C ILE B 306 76.03 120.66 -15.53
N MET B 307 75.53 121.88 -15.68
CA MET B 307 75.18 122.37 -17.01
C MET B 307 76.42 122.50 -17.89
N GLY B 308 76.17 122.51 -19.19
CA GLY B 308 77.11 123.04 -20.15
C GLY B 308 76.75 124.46 -20.53
N LYS B 309 77.62 125.04 -21.36
CA LYS B 309 77.32 126.34 -21.95
C LYS B 309 76.12 126.26 -22.87
N GLU B 310 75.92 125.10 -23.49
CA GLU B 310 74.73 124.86 -24.30
C GLU B 310 73.45 125.00 -23.48
N ASN B 311 73.40 124.34 -22.33
CA ASN B 311 72.24 124.42 -21.45
C ASN B 311 72.09 125.82 -20.87
N ALA B 312 73.21 126.51 -20.65
CA ALA B 312 73.13 127.90 -20.19
C ALA B 312 72.47 128.80 -21.24
N VAL B 313 72.89 128.66 -22.50
CA VAL B 313 72.33 129.49 -23.57
C VAL B 313 70.86 129.15 -23.79
N THR B 314 70.50 127.87 -23.72
CA THR B 314 69.08 127.53 -23.90
C THR B 314 68.25 127.98 -22.71
N ALA B 315 68.81 127.97 -21.50
CA ALA B 315 68.07 128.44 -20.33
C ALA B 315 67.80 129.93 -20.41
N ILE B 316 68.78 130.70 -20.86
CA ILE B 316 68.59 132.13 -21.02
C ILE B 316 67.65 132.41 -22.19
N ALA B 317 67.90 131.74 -23.32
CA ALA B 317 67.30 132.15 -24.58
C ALA B 317 65.86 131.65 -24.72
N TYR B 318 65.62 130.38 -24.40
CA TYR B 318 64.33 129.76 -24.68
C TYR B 318 63.59 129.25 -23.45
N ARG B 319 64.03 129.61 -22.24
CA ARG B 319 63.48 129.25 -20.93
C ARG B 319 63.29 127.75 -20.72
N ALA B 320 63.93 126.90 -21.52
CA ALA B 320 63.83 125.46 -21.41
C ALA B 320 65.19 124.84 -21.67
N ILE B 321 65.52 123.79 -20.91
CA ILE B 321 66.77 123.07 -21.11
C ILE B 321 66.44 121.62 -21.44
N MET B 322 67.21 121.07 -22.37
CA MET B 322 67.18 119.65 -22.69
C MET B 322 68.21 118.95 -21.82
N ALA B 323 67.83 117.85 -21.22
CA ALA B 323 68.82 116.98 -20.63
C ALA B 323 69.33 116.03 -21.71
N ASP B 324 70.61 115.66 -21.58
CA ASP B 324 71.38 115.00 -22.64
C ASP B 324 71.27 115.79 -23.94
N PHE B 325 71.51 117.10 -23.83
CA PHE B 325 71.47 117.94 -25.01
C PHE B 325 72.58 117.59 -25.97
N THR B 326 73.76 117.25 -25.44
CA THR B 326 74.86 116.91 -26.34
C THR B 326 74.67 115.54 -26.99
N GLN B 327 73.99 114.60 -26.33
CA GLN B 327 73.76 113.32 -26.98
C GLN B 327 72.64 113.42 -28.00
N PHE B 328 71.55 114.12 -27.65
CA PHE B 328 70.47 114.40 -28.58
C PHE B 328 70.91 115.31 -29.71
N THR B 329 72.04 116.00 -29.53
CA THR B 329 72.69 116.77 -30.59
C THR B 329 73.54 115.88 -31.50
N VAL B 330 74.46 115.10 -30.93
CA VAL B 330 75.42 114.40 -31.79
C VAL B 330 74.85 113.15 -32.42
N ASN B 331 73.69 112.67 -31.98
CA ASN B 331 73.04 111.55 -32.64
C ASN B 331 71.96 112.02 -33.62
N ALA B 332 72.15 113.18 -34.23
CA ALA B 332 71.09 113.77 -35.04
C ALA B 332 71.06 113.20 -36.46
N GLY B 333 72.11 113.46 -37.23
CA GLY B 333 72.09 113.05 -38.62
C GLY B 333 72.46 111.62 -38.87
N THR B 334 72.97 110.93 -37.85
CA THR B 334 73.32 109.54 -38.00
C THR B 334 72.08 108.67 -37.87
N GLU B 335 72.27 107.37 -38.11
CA GLU B 335 71.15 106.43 -38.07
C GLU B 335 70.61 106.27 -36.66
N GLN B 336 71.47 106.34 -35.64
CA GLN B 336 71.05 106.01 -34.29
C GLN B 336 70.46 107.24 -33.59
N GLN B 337 69.29 107.64 -34.07
CA GLN B 337 68.58 108.74 -33.41
C GLN B 337 67.83 108.27 -32.18
N ASP B 338 67.05 107.20 -32.33
CA ASP B 338 66.16 106.81 -31.25
C ASP B 338 66.91 106.15 -30.10
N THR B 339 68.00 105.45 -30.40
CA THR B 339 68.76 104.79 -29.37
C THR B 339 69.59 105.79 -28.59
N ASN B 340 69.59 105.62 -27.27
CA ASN B 340 70.39 106.44 -26.38
C ASN B 340 70.73 105.56 -25.19
N ASN B 341 71.98 105.61 -24.77
CA ASN B 341 72.46 104.62 -23.80
C ASN B 341 72.27 105.08 -22.36
N LYS B 342 72.87 106.21 -22.00
CA LYS B 342 72.87 106.65 -20.62
C LYS B 342 72.21 108.02 -20.53
N SER B 343 71.51 108.24 -19.42
CA SER B 343 70.88 109.51 -19.15
C SER B 343 71.66 110.20 -18.05
N GLU B 344 72.33 111.30 -18.40
CA GLU B 344 73.26 111.96 -17.48
C GLU B 344 72.56 112.58 -16.28
N ILE B 345 71.28 112.91 -16.40
CA ILE B 345 70.57 113.46 -15.26
C ILE B 345 70.14 112.39 -14.26
N PHE B 346 70.08 111.12 -14.67
CA PHE B 346 69.73 110.03 -13.77
C PHE B 346 70.83 108.99 -13.61
N ASP B 347 71.79 108.94 -14.52
CA ASP B 347 72.91 108.00 -14.43
C ASP B 347 74.18 108.81 -14.52
N LYS B 348 75.04 108.68 -13.51
CA LYS B 348 76.27 109.44 -13.44
C LYS B 348 77.26 108.63 -12.62
N SER B 349 78.54 108.70 -12.97
CA SER B 349 79.56 107.96 -12.26
C SER B 349 79.72 108.48 -10.84
N ARG B 350 79.64 107.58 -9.87
CA ARG B 350 79.73 107.94 -8.47
C ARG B 350 80.44 106.81 -7.73
N ALA B 351 80.94 107.11 -6.55
CA ALA B 351 81.73 106.14 -5.81
C ALA B 351 80.82 105.13 -5.13
N TYR B 352 81.34 103.90 -5.01
CA TYR B 352 80.58 102.76 -4.52
C TYR B 352 81.27 102.16 -3.30
N ALA B 353 80.47 101.58 -2.42
CA ALA B 353 80.97 100.95 -1.21
C ALA B 353 80.17 99.68 -0.96
N ASP B 354 80.53 98.98 0.12
CA ASP B 354 79.85 97.76 0.50
C ASP B 354 79.31 97.92 1.91
N LEU B 355 78.09 97.42 2.13
CA LEU B 355 77.50 97.47 3.46
C LEU B 355 76.54 96.31 3.61
N LYS B 356 76.02 96.16 4.82
CA LYS B 356 75.12 95.07 5.15
C LYS B 356 73.68 95.58 5.24
N LEU B 357 72.74 94.73 4.83
CA LEU B 357 71.32 95.03 4.91
C LEU B 357 70.57 93.80 5.35
N ASN B 358 69.51 94.01 6.12
CA ASN B 358 68.63 92.91 6.49
C ASN B 358 67.72 92.60 5.32
N THR B 359 67.81 91.37 4.81
CA THR B 359 67.16 91.00 3.57
C THR B 359 66.10 89.93 3.81
N LEU B 360 65.14 89.88 2.89
CA LEU B 360 64.12 88.85 2.84
C LEU B 360 64.10 88.24 1.46
N LYS B 361 63.85 86.93 1.39
CA LYS B 361 63.71 86.24 0.12
C LYS B 361 62.25 85.87 -0.10
N LEU B 362 61.64 86.44 -1.13
CA LEU B 362 60.23 86.19 -1.46
C LEU B 362 60.14 85.78 -2.93
N GLY B 363 60.33 84.49 -3.20
CA GLY B 363 60.25 84.00 -4.56
C GLY B 363 61.33 84.58 -5.45
N ASP B 364 62.59 84.34 -5.06
CA ASP B 364 63.78 84.86 -5.73
C ASP B 364 63.78 86.37 -5.84
N LYS B 365 63.24 87.05 -4.84
CA LYS B 365 63.27 88.51 -4.76
C LYS B 365 63.91 88.90 -3.44
N LEU B 366 65.05 89.58 -3.52
CA LEU B 366 65.79 89.99 -2.34
C LEU B 366 65.45 91.44 -2.04
N VAL B 367 64.91 91.68 -0.85
CA VAL B 367 64.33 92.97 -0.47
C VAL B 367 64.94 93.40 0.85
N ALA B 368 65.45 94.63 0.90
CA ALA B 368 65.94 95.17 2.16
C ALA B 368 64.79 95.36 3.11
N PHE B 369 65.06 95.29 4.41
CA PHE B 369 63.95 95.17 5.35
C PHE B 369 64.38 95.76 6.68
N ASP B 370 63.94 96.99 6.96
CA ASP B 370 64.39 97.65 8.19
C ASP B 370 63.35 98.61 8.74
N HIS B 371 63.70 99.18 9.89
CA HIS B 371 62.95 100.24 10.53
C HIS B 371 63.79 101.50 10.59
N LEU B 372 63.13 102.65 10.53
CA LEU B 372 63.80 103.93 10.62
C LEU B 372 63.82 104.47 12.03
N HIS B 373 63.62 103.61 13.03
CA HIS B 373 63.64 104.08 14.41
C HIS B 373 65.02 104.54 14.82
N LYS B 374 66.09 104.04 14.19
CA LYS B 374 67.42 104.49 14.56
C LYS B 374 67.72 105.91 14.09
N VAL B 375 66.92 106.46 13.18
CA VAL B 375 67.01 107.89 12.90
C VAL B 375 65.88 108.67 13.53
N TYR B 376 64.83 108.01 13.99
CA TYR B 376 63.81 108.68 14.77
C TYR B 376 63.88 108.32 16.25
N LYS B 377 65.09 108.04 16.77
CA LYS B 377 65.23 107.70 18.20
C LYS B 377 64.91 108.90 19.07
N ASN B 378 65.46 110.04 18.71
CA ASN B 378 65.55 111.13 19.66
C ASN B 378 65.53 112.40 18.80
N THR B 379 64.34 112.95 18.60
CA THR B 379 64.09 113.94 17.56
C THR B 379 63.16 115.00 18.09
N ASP B 380 62.50 115.71 17.20
CA ASP B 380 61.29 116.40 17.58
C ASP B 380 60.05 115.73 16.99
N VAL B 381 60.22 114.76 16.10
CA VAL B 381 59.11 114.27 15.29
C VAL B 381 58.83 112.80 15.59
N ASN B 382 57.64 112.38 15.20
CA ASN B 382 57.25 110.98 15.24
C ASN B 382 57.92 110.22 14.11
N ASP B 383 57.87 108.91 14.21
CA ASP B 383 58.06 108.11 13.03
C ASP B 383 56.79 108.24 12.19
N PRO B 384 56.90 108.61 10.92
CA PRO B 384 55.69 108.89 10.13
C PRO B 384 54.91 107.66 9.73
N LEU B 385 55.40 106.46 9.99
CA LEU B 385 54.60 105.27 9.71
C LEU B 385 53.58 104.98 10.81
N GLU B 386 53.80 105.48 12.02
CA GLU B 386 52.78 105.37 13.05
C GLU B 386 51.71 106.42 12.74
N GLN B 387 50.68 106.01 12.02
CA GLN B 387 49.66 106.91 11.53
C GLN B 387 48.30 106.49 12.04
N SER B 388 47.34 107.39 11.97
CA SER B 388 46.05 107.17 12.61
C SER B 388 44.98 106.83 11.59
N LEU B 389 44.04 105.98 12.00
CA LEU B 389 42.85 105.71 11.23
C LEU B 389 41.70 106.59 11.70
N GLN B 390 40.63 106.62 10.93
CA GLN B 390 39.33 107.14 11.39
C GLN B 390 38.28 106.17 10.89
N LEU B 391 37.79 105.30 11.76
CA LEU B 391 36.67 104.45 11.41
C LEU B 391 35.40 105.07 11.97
N THR B 392 34.40 105.20 11.11
CA THR B 392 33.13 105.82 11.49
C THR B 392 32.12 104.71 11.72
N PHE B 393 31.43 104.78 12.86
CA PHE B 393 30.46 103.77 13.26
C PHE B 393 29.06 104.37 13.30
N PHE B 394 28.05 103.55 13.01
CA PHE B 394 26.66 103.99 13.18
C PHE B 394 25.86 102.89 13.86
N PHE B 395 24.83 103.31 14.59
CA PHE B 395 23.98 102.39 15.32
C PHE B 395 22.64 103.05 15.61
N PRO B 396 21.55 102.29 15.63
CA PRO B 396 20.22 102.86 15.79
C PRO B 396 19.82 102.99 17.25
N LEU B 397 18.73 103.73 17.48
CA LEU B 397 17.97 103.55 18.70
C LEU B 397 16.52 103.89 18.41
N GLY B 398 15.61 103.28 19.16
CA GLY B 398 14.20 103.55 19.00
C GLY B 398 13.56 102.99 17.75
N ILE B 399 14.23 102.09 17.04
CA ILE B 399 13.63 101.44 15.88
C ILE B 399 12.51 100.54 16.35
N TYR B 400 11.30 100.78 15.87
CA TYR B 400 10.17 99.93 16.19
C TYR B 400 10.11 98.83 15.14
N ILE B 401 10.52 97.64 15.52
CA ILE B 401 10.26 96.46 14.70
C ILE B 401 8.75 96.22 14.68
N PRO B 402 8.15 96.00 13.52
CA PRO B 402 6.70 95.76 13.46
C PRO B 402 6.33 94.46 14.16
N THR B 403 5.39 94.57 15.10
CA THR B 403 4.87 93.43 15.83
C THR B 403 4.14 92.47 14.90
N GLU B 404 3.57 93.02 13.82
CA GLU B 404 2.73 92.26 12.91
C GLU B 404 3.51 91.18 12.17
N THR B 405 4.78 91.41 11.87
CA THR B 405 5.62 90.37 11.28
C THR B 405 6.77 90.00 12.21
N GLY B 406 6.63 90.27 13.50
CA GLY B 406 7.71 90.04 14.43
C GLY B 406 7.90 88.56 14.73
N PHE B 407 9.03 88.27 15.36
CA PHE B 407 9.41 86.91 15.71
C PHE B 407 10.45 87.00 16.80
N SER B 408 10.94 85.84 17.23
CA SER B 408 12.20 85.80 17.95
C SER B 408 12.90 84.49 17.72
N THR B 409 14.17 84.57 17.37
CA THR B 409 15.10 83.49 17.62
C THR B 409 15.61 83.63 19.05
N MET B 410 16.61 82.82 19.42
CA MET B 410 17.23 82.70 20.74
C MET B 410 16.27 82.80 21.93
N GLU B 411 15.12 82.15 21.82
CA GLU B 411 14.14 82.18 22.90
C GLU B 411 14.63 81.38 24.12
N THR B 412 15.46 80.37 23.89
CA THR B 412 15.95 79.55 25.00
C THR B 412 16.97 80.30 25.85
N ARG B 413 17.66 81.28 25.26
CA ARG B 413 18.76 81.92 25.96
C ARG B 413 18.25 82.96 26.94
N VAL B 414 17.49 83.94 26.46
CA VAL B 414 16.97 85.00 27.30
C VAL B 414 15.49 84.80 27.50
N LYS B 415 14.97 85.47 28.51
CA LYS B 415 13.53 85.61 28.68
C LYS B 415 13.28 86.89 29.43
N LEU B 416 12.57 87.82 28.79
CA LEU B 416 12.29 89.09 29.42
C LEU B 416 11.18 88.95 30.45
N ASN B 417 11.12 89.95 31.32
CA ASN B 417 9.99 90.11 32.21
C ASN B 417 8.99 91.02 31.50
N ASP B 418 7.73 90.63 31.52
CA ASP B 418 6.72 91.25 30.68
C ASP B 418 6.36 92.65 31.16
N THR B 419 7.00 93.65 30.57
CA THR B 419 6.69 95.05 30.82
C THR B 419 6.89 95.77 29.50
N MET B 420 6.08 96.80 29.24
CA MET B 420 6.17 97.49 27.97
C MET B 420 7.48 98.25 27.80
N GLU B 421 8.19 98.57 28.90
CA GLU B 421 9.52 99.11 28.74
C GLU B 421 10.51 98.07 28.24
N ASN B 422 10.26 96.79 28.47
CA ASN B 422 11.04 95.75 27.81
C ASN B 422 10.50 95.40 26.45
N ASN B 423 9.22 95.64 26.21
CA ASN B 423 8.59 95.28 24.95
C ASN B 423 8.69 96.37 23.89
N LEU B 424 9.16 97.55 24.24
CA LEU B 424 9.58 98.51 23.23
C LEU B 424 11.02 98.91 23.47
N PRO B 425 11.84 98.97 22.43
CA PRO B 425 13.18 99.55 22.58
C PRO B 425 13.07 101.06 22.77
N THR B 426 13.79 101.56 23.78
CA THR B 426 13.80 102.98 24.07
C THR B 426 15.25 103.43 24.26
N SER B 427 16.11 102.50 24.64
CA SER B 427 17.50 102.83 24.91
C SER B 427 18.38 101.88 24.11
N VAL B 428 19.66 102.21 24.02
CA VAL B 428 20.61 101.31 23.39
C VAL B 428 21.82 101.14 24.29
N PHE B 429 22.23 99.88 24.48
CA PHE B 429 23.33 99.52 25.35
C PHE B 429 24.45 98.99 24.47
N PHE B 430 25.67 99.47 24.68
CA PHE B 430 26.80 98.96 23.93
C PHE B 430 28.04 99.07 24.79
N HIS B 431 29.07 98.34 24.42
CA HIS B 431 30.28 98.38 25.23
C HIS B 431 31.14 99.56 24.86
N ASN B 432 31.92 100.03 25.84
CA ASN B 432 32.90 101.09 25.62
C ASN B 432 34.18 100.54 25.04
N LYS B 433 35.24 101.33 25.11
CA LYS B 433 36.59 100.87 24.77
C LYS B 433 36.98 99.65 25.60
N ASP B 434 37.06 99.82 26.91
CA ASP B 434 37.05 98.64 27.75
C ASP B 434 35.62 98.18 27.94
N GLN B 435 35.44 97.02 28.54
CA GLN B 435 34.12 96.42 28.61
C GLN B 435 33.23 97.08 29.66
N VAL B 436 32.87 98.34 29.46
CA VAL B 436 31.96 99.05 30.34
C VAL B 436 30.66 99.28 29.57
N VAL B 437 29.54 98.85 30.15
CA VAL B 437 28.25 98.98 29.49
C VAL B 437 27.85 100.46 29.49
N GLN B 438 27.70 101.03 28.30
CA GLN B 438 27.41 102.43 28.09
C GLN B 438 26.03 102.54 27.43
N ARG B 439 25.27 103.56 27.83
CA ARG B 439 23.84 103.61 27.57
C ARG B 439 23.46 104.93 26.92
N ILE B 440 22.61 104.87 25.89
CA ILE B 440 22.13 106.08 25.24
C ILE B 440 20.61 106.10 25.28
N ASP B 441 20.07 107.32 25.47
CA ASP B 441 18.69 107.61 25.85
C ASP B 441 18.10 108.68 24.94
N PHE B 442 16.80 108.86 25.12
CA PHE B 442 16.17 110.05 24.59
C PHE B 442 16.50 111.27 25.43
N ALA B 443 16.60 111.09 26.75
CA ALA B 443 17.05 112.17 27.63
C ALA B 443 18.49 112.55 27.34
N ASP B 444 19.26 111.64 26.77
CA ASP B 444 20.59 111.98 26.31
C ASP B 444 20.59 112.53 24.89
N ILE B 445 19.57 112.19 24.08
CA ILE B 445 19.55 112.69 22.71
C ILE B 445 19.00 114.10 22.62
N LEU B 446 18.34 114.58 23.69
CA LEU B 446 17.77 115.92 23.74
C LEU B 446 18.66 117.10 23.33
N PRO B 447 19.94 117.21 23.70
CA PRO B 447 20.70 118.41 23.27
C PRO B 447 21.05 118.43 21.80
N SER B 448 20.76 117.36 21.06
CA SER B 448 20.95 117.34 19.62
C SER B 448 19.66 117.44 18.85
N VAL B 449 18.51 117.25 19.49
CA VAL B 449 17.23 117.23 18.80
C VAL B 449 16.35 118.41 19.22
N CYS B 450 16.60 119.04 20.36
CA CYS B 450 15.72 120.09 20.84
C CYS B 450 16.19 121.48 20.42
N HIS B 451 16.97 121.57 19.38
CA HIS B 451 17.55 122.82 18.89
C HIS B 451 16.55 123.56 18.00
N PRO B 452 16.60 124.90 17.98
CA PRO B 452 15.64 125.67 17.16
C PRO B 452 15.77 125.48 15.67
N ILE B 453 16.93 125.05 15.17
CA ILE B 453 17.06 124.88 13.73
C ILE B 453 16.31 123.65 13.25
N VAL B 454 15.95 122.74 14.16
CA VAL B 454 15.08 121.63 13.81
C VAL B 454 13.66 122.12 13.61
N HIS B 455 13.13 122.85 14.57
CA HIS B 455 11.75 123.30 14.48
C HIS B 455 11.59 124.55 13.63
N ASP B 456 12.65 125.05 13.01
CA ASP B 456 12.48 126.09 12.00
C ASP B 456 12.01 125.46 10.70
N SER B 457 11.21 126.23 9.95
CA SER B 457 10.73 125.78 8.65
C SER B 457 11.25 126.63 7.51
N THR B 458 12.08 127.63 7.77
CA THR B 458 12.40 128.63 6.76
C THR B 458 13.26 128.04 5.64
N ILE B 459 14.28 127.27 6.00
CA ILE B 459 15.20 126.75 5.00
C ILE B 459 14.54 125.65 4.18
N VAL B 460 13.69 124.84 4.82
CA VAL B 460 12.96 123.79 4.11
C VAL B 460 11.98 124.42 3.13
N GLU B 461 11.30 125.50 3.56
CA GLU B 461 10.41 126.24 2.69
C GLU B 461 11.15 126.82 1.49
N ARG B 462 12.33 127.41 1.72
CA ARG B 462 13.10 128.02 0.63
C ARG B 462 13.58 126.97 -0.37
N LEU B 463 14.21 125.91 0.11
CA LEU B 463 14.79 124.91 -0.78
C LEU B 463 13.71 124.13 -1.52
N MET B 464 12.62 123.79 -0.84
CA MET B 464 11.55 123.06 -1.49
C MET B 464 10.74 123.96 -2.41
N LYS B 465 10.78 125.27 -2.17
CA LYS B 465 10.20 126.22 -3.11
C LYS B 465 11.03 126.31 -4.38
N ASN B 466 12.35 126.43 -4.24
CA ASN B 466 13.20 126.60 -5.40
C ASN B 466 13.50 125.30 -6.12
N GLU B 467 13.23 124.16 -5.52
CA GLU B 467 13.31 122.90 -6.25
C GLU B 467 12.17 122.87 -7.27
N PRO B 468 12.44 122.48 -8.52
CA PRO B 468 11.46 122.67 -9.58
C PRO B 468 10.23 121.79 -9.45
N LEU B 469 9.22 122.16 -10.23
CA LEU B 469 7.90 121.55 -10.19
C LEU B 469 7.96 120.13 -10.75
N PRO B 470 7.05 119.24 -10.32
CA PRO B 470 7.06 117.88 -10.86
C PRO B 470 6.57 117.79 -12.29
N THR B 471 6.59 116.58 -12.85
CA THR B 471 6.15 116.37 -14.22
C THR B 471 4.63 116.40 -14.31
N GLY B 472 4.11 116.10 -15.50
CA GLY B 472 2.68 116.19 -15.72
C GLY B 472 1.90 115.07 -15.05
N HIS B 473 2.41 113.84 -15.11
CA HIS B 473 1.65 112.70 -14.60
C HIS B 473 1.58 112.70 -13.08
N ARG B 474 2.62 113.18 -12.40
CA ARG B 474 2.54 113.38 -10.98
C ARG B 474 1.93 114.73 -10.62
N PHE B 475 1.96 115.66 -11.56
CA PHE B 475 1.40 117.00 -11.36
C PHE B 475 -0.12 116.94 -11.28
N SER B 476 -0.72 116.09 -12.11
CA SER B 476 -2.17 115.93 -12.06
C SER B 476 -2.61 115.22 -10.77
N GLN B 477 -1.76 114.35 -10.24
CA GLN B 477 -2.14 113.56 -9.07
C GLN B 477 -1.87 114.31 -7.77
N LEU B 478 -0.82 115.11 -7.75
CA LEU B 478 -0.27 115.59 -6.49
C LEU B 478 -0.50 117.07 -6.24
N CYS B 479 -0.57 117.87 -7.30
CA CYS B 479 -0.51 119.33 -7.18
C CYS B 479 -1.88 119.98 -7.38
N GLN B 480 -2.96 119.21 -7.22
CA GLN B 480 -4.24 119.67 -7.73
C GLN B 480 -5.11 120.39 -6.70
N LEU B 481 -4.88 120.15 -5.40
CA LEU B 481 -5.82 120.58 -4.37
C LEU B 481 -5.81 122.11 -4.20
N LYS B 482 -6.86 122.60 -3.55
CA LYS B 482 -7.14 124.03 -3.52
C LYS B 482 -7.89 124.37 -2.24
N ILE B 483 -7.56 125.50 -1.64
CA ILE B 483 -8.19 125.94 -0.41
C ILE B 483 -9.20 127.04 -0.72
N THR B 484 -10.23 127.14 0.11
CA THR B 484 -11.29 128.13 -0.07
C THR B 484 -11.85 128.49 1.30
N ARG B 485 -11.95 129.79 1.58
CA ARG B 485 -12.42 130.26 2.87
C ARG B 485 -13.54 131.28 2.70
N GLU B 486 -14.59 131.14 3.51
CA GLU B 486 -15.70 132.09 3.54
C GLU B 486 -16.08 132.33 4.99
N ASN B 487 -17.15 133.13 5.22
CA ASN B 487 -17.46 133.28 6.63
C ASN B 487 -18.60 132.35 7.06
N PRO B 488 -18.67 131.99 8.35
CA PRO B 488 -19.71 131.06 8.81
C PRO B 488 -21.14 131.55 8.63
N THR B 489 -21.37 132.83 8.39
CA THR B 489 -22.72 133.27 8.03
C THR B 489 -23.11 132.76 6.66
N ARG B 490 -22.20 132.89 5.68
CA ARG B 490 -22.53 132.45 4.33
C ARG B 490 -22.44 130.95 4.17
N ILE B 491 -21.57 130.27 4.91
CA ILE B 491 -21.42 128.84 4.58
C ILE B 491 -22.56 127.99 5.11
N LEU B 492 -23.29 128.47 6.12
CA LEU B 492 -24.42 127.70 6.61
C LEU B 492 -25.55 127.70 5.60
N GLN B 493 -25.68 128.75 4.80
CA GLN B 493 -26.68 128.77 3.74
C GLN B 493 -26.14 128.28 2.41
N THR B 494 -24.83 128.26 2.22
CA THR B 494 -24.24 127.78 0.97
C THR B 494 -23.50 126.46 1.16
N LEU B 495 -23.90 125.68 2.17
CA LEU B 495 -23.29 124.39 2.42
C LEU B 495 -23.52 123.41 1.26
N TYR B 496 -24.78 123.15 0.94
CA TYR B 496 -25.12 122.05 0.05
C TYR B 496 -24.90 122.35 -1.43
N ASN B 497 -24.34 123.51 -1.78
CA ASN B 497 -24.21 123.88 -3.19
C ASN B 497 -23.19 123.02 -3.89
N LEU B 498 -22.10 122.68 -3.22
CA LEU B 498 -21.07 121.88 -3.85
C LEU B 498 -21.36 120.38 -3.77
N TYR B 499 -22.53 120.01 -3.27
CA TYR B 499 -23.07 118.67 -3.44
C TYR B 499 -24.21 118.63 -4.42
N GLU B 500 -24.96 119.72 -4.55
CA GLU B 500 -25.93 119.84 -5.63
C GLU B 500 -25.21 119.91 -6.97
N SER B 501 -24.11 120.64 -7.03
CA SER B 501 -23.24 120.56 -8.18
C SER B 501 -22.49 119.23 -8.17
N ARG B 502 -21.93 118.88 -9.33
CA ARG B 502 -21.20 117.63 -9.49
C ARG B 502 -19.69 117.83 -9.49
N GLN B 503 -19.22 118.93 -8.90
CA GLN B 503 -17.81 119.25 -8.87
C GLN B 503 -17.07 118.27 -7.97
N GLU B 504 -15.84 117.91 -8.36
CA GLU B 504 -15.14 116.83 -7.69
C GLU B 504 -13.88 117.35 -7.00
N VAL B 505 -13.86 117.21 -5.68
CA VAL B 505 -12.69 117.55 -4.89
C VAL B 505 -11.67 116.44 -5.07
N PRO B 506 -10.46 116.75 -5.48
CA PRO B 506 -9.46 115.72 -5.73
C PRO B 506 -8.88 115.15 -4.44
N LYS B 507 -8.01 114.16 -4.56
CA LYS B 507 -7.31 113.63 -3.39
C LYS B 507 -6.33 114.64 -2.85
N ASN B 508 -6.36 114.83 -1.54
CA ASN B 508 -5.28 115.56 -0.89
C ASN B 508 -4.02 114.70 -0.85
N THR B 509 -2.90 115.37 -0.60
CA THR B 509 -1.62 114.68 -0.50
C THR B 509 -1.61 113.73 0.67
N ASN B 510 -2.23 114.12 1.79
CA ASN B 510 -2.19 113.28 2.98
C ASN B 510 -3.09 112.07 2.84
N VAL B 511 -4.28 112.24 2.26
CA VAL B 511 -5.15 111.08 2.08
C VAL B 511 -4.65 110.18 0.95
N LEU B 512 -3.88 110.74 0.02
CA LEU B 512 -3.20 109.90 -0.96
C LEU B 512 -2.09 109.12 -0.29
N LYS B 513 -1.40 109.72 0.67
CA LYS B 513 -0.23 109.12 1.29
C LYS B 513 -0.60 108.05 2.28
N ASN B 514 -1.64 108.26 3.08
CA ASN B 514 -1.96 107.35 4.16
C ASN B 514 -2.58 106.04 3.69
N GLU B 515 -2.97 105.94 2.41
CA GLU B 515 -3.41 104.66 1.89
C GLU B 515 -2.26 103.69 1.71
N LEU B 516 -1.04 104.19 1.55
CA LEU B 516 0.10 103.33 1.31
C LEU B 516 0.48 102.59 2.59
N ASN B 517 1.40 101.65 2.43
CA ASN B 517 1.80 100.81 3.53
C ASN B 517 3.23 101.15 3.93
N VAL B 518 3.67 100.58 5.05
CA VAL B 518 4.96 100.92 5.64
C VAL B 518 6.14 100.41 4.82
N GLU B 519 5.87 99.69 3.76
CA GLU B 519 6.88 99.15 2.88
C GLU B 519 6.73 99.63 1.45
N ASP B 520 5.50 99.76 0.96
CA ASP B 520 5.24 100.38 -0.31
C ASP B 520 5.53 101.88 -0.28
N PHE B 521 5.66 102.46 0.92
CA PHE B 521 5.94 103.88 1.05
C PHE B 521 7.31 104.24 0.49
N TYR B 522 8.33 103.46 0.82
CA TYR B 522 9.68 103.78 0.37
C TYR B 522 9.93 103.38 -1.07
N LYS B 523 9.01 102.67 -1.68
CA LYS B 523 9.19 102.25 -3.05
C LYS B 523 9.00 103.45 -3.97
N PRO B 524 9.69 103.49 -5.12
CA PRO B 524 9.44 104.57 -6.08
C PRO B 524 8.07 104.64 -6.72
N ASP B 525 7.16 103.72 -6.39
CA ASP B 525 5.79 103.88 -6.84
C ASP B 525 5.06 104.98 -6.09
N ASN B 526 5.56 105.38 -4.93
CA ASN B 526 4.95 106.46 -4.15
C ASN B 526 5.05 107.77 -4.91
N PRO B 527 3.93 108.48 -5.12
CA PRO B 527 4.01 109.83 -5.65
C PRO B 527 4.31 110.89 -4.60
N THR B 528 4.46 110.51 -3.33
CA THR B 528 4.66 111.46 -2.26
C THR B 528 5.98 111.26 -1.53
N LEU B 529 6.98 110.73 -2.21
CA LEU B 529 8.28 110.68 -1.57
C LEU B 529 8.99 112.03 -1.47
N PRO B 530 9.01 112.91 -2.49
CA PRO B 530 9.56 114.25 -2.22
C PRO B 530 8.64 115.15 -1.41
N THR B 531 7.50 114.65 -0.96
CA THR B 531 6.65 115.42 -0.07
C THR B 531 7.24 115.51 1.34
N GLU B 532 7.74 114.39 1.86
CA GLU B 532 8.27 114.38 3.23
C GLU B 532 9.62 115.08 3.28
N ARG B 533 9.71 116.17 4.03
CA ARG B 533 10.99 116.87 4.10
C ARG B 533 11.40 117.08 5.55
N HIS B 534 10.43 117.22 6.45
CA HIS B 534 10.74 117.46 7.83
C HIS B 534 9.67 116.72 8.61
N PRO B 535 10.03 115.95 9.63
CA PRO B 535 9.02 115.09 10.29
C PRO B 535 8.04 115.87 11.11
N PHE B 536 8.36 117.08 11.50
CA PHE B 536 7.41 117.92 12.19
C PHE B 536 6.53 118.71 11.24
N PHE B 537 6.89 118.78 9.96
CA PHE B 537 6.27 119.72 9.02
C PHE B 537 5.71 118.96 7.83
N ASP B 538 4.40 118.95 7.70
CA ASP B 538 3.74 118.46 6.49
C ASP B 538 3.86 119.53 5.40
N LEU B 539 4.31 119.11 4.22
CA LEU B 539 4.50 120.00 3.08
C LEU B 539 3.58 119.56 1.96
N THR B 540 3.19 120.50 1.10
CA THR B 540 2.27 120.19 0.01
C THR B 540 2.35 121.25 -1.06
N TYR B 541 1.51 121.09 -2.08
CA TYR B 541 1.36 122.03 -3.18
C TYR B 541 -0.08 122.51 -3.21
N ILE B 542 -0.28 123.83 -3.25
CA ILE B 542 -1.61 124.38 -3.36
C ILE B 542 -1.67 125.41 -4.47
N GLN B 543 -2.88 125.63 -4.96
CA GLN B 543 -3.18 126.43 -6.14
C GLN B 543 -3.86 127.73 -5.73
N LYS B 544 -3.12 128.83 -5.78
CA LYS B 544 -3.74 130.17 -5.78
C LYS B 544 -3.46 130.84 -7.11
N ASN B 545 -4.55 131.17 -7.82
CA ASN B 545 -4.53 131.87 -9.10
C ASN B 545 -3.74 131.10 -10.15
N ARG B 546 -3.90 129.78 -10.13
CA ARG B 546 -3.24 128.82 -11.02
C ARG B 546 -1.72 128.91 -10.92
N ALA B 547 -1.22 129.21 -9.73
CA ALA B 547 0.18 129.05 -9.38
C ALA B 547 0.28 127.98 -8.31
N THR B 548 1.33 127.17 -8.35
CA THR B 548 1.31 125.88 -7.70
C THR B 548 1.59 125.92 -6.21
N GLU B 549 2.16 127.01 -5.71
CA GLU B 549 2.28 127.45 -4.32
C GLU B 549 2.68 126.38 -3.29
N VAL B 550 3.97 126.07 -3.18
CA VAL B 550 4.49 125.21 -2.11
C VAL B 550 4.03 125.69 -0.74
N LEU B 551 3.83 124.78 0.20
CA LEU B 551 3.18 125.13 1.46
C LEU B 551 3.72 124.25 2.57
N CYS B 552 4.29 124.87 3.59
CA CYS B 552 4.74 124.18 4.78
C CYS B 552 3.73 124.41 5.90
N THR B 553 3.52 123.39 6.71
CA THR B 553 2.48 123.38 7.70
C THR B 553 2.88 122.45 8.82
N PRO B 554 2.98 122.92 10.07
CA PRO B 554 3.41 122.03 11.14
C PRO B 554 2.35 120.98 11.46
N ARG B 555 2.74 119.72 11.29
CA ARG B 555 2.09 118.63 12.01
C ARG B 555 2.20 118.94 13.48
N ILE B 556 1.08 119.13 14.17
CA ILE B 556 1.16 119.41 15.59
C ILE B 556 1.17 118.13 16.40
N MET B 557 0.16 117.30 16.22
CA MET B 557 0.03 116.15 17.09
C MET B 557 0.80 114.97 16.50
N ILE B 558 1.15 114.02 17.37
CA ILE B 558 1.96 112.88 16.98
C ILE B 558 1.22 111.99 15.99
N GLY B 559 -0.11 111.98 16.06
CA GLY B 559 -0.87 111.14 15.15
C GLY B 559 -0.94 111.67 13.74
N ASN B 560 -0.69 112.95 13.53
CA ASN B 560 -0.77 113.50 12.19
C ASN B 560 0.46 113.21 11.35
N MET B 561 1.44 112.51 11.91
CA MET B 561 2.46 111.86 11.10
C MET B 561 1.78 110.81 10.23
N PRO B 562 2.31 110.54 9.04
CA PRO B 562 1.68 109.56 8.16
C PRO B 562 1.81 108.16 8.71
N LEU B 563 0.73 107.39 8.53
CA LEU B 563 0.69 106.02 9.03
C LEU B 563 1.75 105.06 8.48
N PRO B 564 2.28 105.20 7.26
CA PRO B 564 3.50 104.44 6.93
C PRO B 564 4.71 104.85 7.76
N LEU B 565 4.73 106.03 8.35
CA LEU B 565 5.84 106.50 9.13
C LEU B 565 5.59 106.34 10.63
N ALA B 566 4.38 106.01 11.02
CA ALA B 566 4.06 105.62 12.40
C ALA B 566 2.83 104.74 12.31
N PRO B 567 3.00 103.42 12.33
CA PRO B 567 1.85 102.52 12.15
C PRO B 567 0.97 102.53 13.39
N ILE B 568 -0.22 101.95 13.23
CA ILE B 568 -1.19 102.04 14.30
C ILE B 568 -0.84 101.08 15.43
N SER B 569 -0.11 100.00 15.13
CA SER B 569 0.40 99.14 16.18
C SER B 569 1.47 99.85 16.99
N PHE B 570 2.20 100.76 16.37
CA PHE B 570 3.15 101.57 17.10
C PHE B 570 2.45 102.51 18.08
N HIS B 571 1.33 103.11 17.65
CA HIS B 571 0.59 103.96 18.56
C HIS B 571 -0.03 103.17 19.69
N GLU B 572 -0.47 101.93 19.41
CA GLU B 572 -1.00 101.10 20.49
C GLU B 572 0.10 100.66 21.45
N ALA B 573 1.31 100.46 20.95
CA ALA B 573 2.41 100.07 21.84
C ALA B 573 2.84 101.24 22.73
N ARG B 574 2.94 102.44 22.15
CA ARG B 574 3.18 103.64 22.92
C ARG B 574 2.05 103.89 23.93
N THR B 575 0.83 103.53 23.54
CA THR B 575 -0.31 103.67 24.43
C THR B 575 -0.20 102.73 25.61
N ASN B 576 0.20 101.49 25.36
CA ASN B 576 0.37 100.54 26.44
C ASN B 576 1.53 100.92 27.35
N GLN B 577 2.55 101.60 26.80
CA GLN B 577 3.56 102.22 27.66
C GLN B 577 2.93 103.20 28.63
N MET B 578 2.09 104.10 28.11
CA MET B 578 1.48 105.08 29.01
C MET B 578 0.46 104.45 29.96
N LEU B 579 -0.21 103.38 29.53
CA LEU B 579 -1.12 102.68 30.42
C LEU B 579 -0.38 101.99 31.55
N GLU B 580 0.73 101.33 31.24
CA GLU B 580 1.53 100.67 32.26
C GLU B 580 2.17 101.68 33.18
N HIS B 581 2.57 102.83 32.66
CA HIS B 581 3.13 103.87 33.52
C HIS B 581 2.06 104.54 34.35
N ALA B 582 0.81 104.54 33.89
CA ALA B 582 -0.30 105.05 34.69
C ALA B 582 -0.80 104.03 35.69
N LYS B 583 -0.49 102.74 35.47
CA LYS B 583 -1.01 101.60 36.24
C LYS B 583 -2.54 101.57 36.26
N THR B 584 -3.17 101.99 35.16
CA THR B 584 -4.62 102.00 35.02
C THR B 584 -4.97 101.23 33.74
N ASN B 585 -5.14 99.93 33.88
CA ASN B 585 -5.46 99.04 32.77
C ASN B 585 -6.59 98.09 33.17
N SER B 586 -7.66 98.67 33.71
CA SER B 586 -8.77 97.87 34.18
C SER B 586 -9.60 97.32 33.02
N HIS B 587 -9.98 96.05 33.13
CA HIS B 587 -10.85 95.41 32.14
C HIS B 587 -12.32 95.46 32.54
N ASN B 588 -12.69 96.43 33.38
CA ASN B 588 -14.05 96.48 33.88
C ASN B 588 -15.06 96.98 32.86
N TYR B 589 -14.60 97.61 31.78
CA TYR B 589 -15.48 98.42 30.96
C TYR B 589 -15.83 97.80 29.62
N ASP B 590 -15.30 96.62 29.30
CA ASP B 590 -15.57 96.02 28.01
C ASP B 590 -17.03 95.62 27.88
N PHE B 591 -17.64 95.19 28.99
CA PHE B 591 -19.05 94.87 28.99
C PHE B 591 -19.92 96.11 28.82
N THR B 592 -19.44 97.26 29.26
CA THR B 592 -20.14 98.51 28.98
C THR B 592 -19.99 98.89 27.52
N LEU B 593 -18.77 98.81 26.99
CA LEU B 593 -18.49 99.29 25.65
C LEU B 593 -19.16 98.43 24.58
N LYS B 594 -19.45 97.16 24.89
CA LYS B 594 -20.25 96.34 23.99
C LYS B 594 -21.64 96.94 23.78
N ILE B 595 -22.32 97.28 24.87
CA ILE B 595 -23.67 97.81 24.79
C ILE B 595 -23.67 99.22 24.21
N VAL B 596 -22.64 100.00 24.51
CA VAL B 596 -22.53 101.34 23.94
C VAL B 596 -22.29 101.25 22.43
N THR B 597 -21.48 100.28 21.99
CA THR B 597 -21.26 100.09 20.57
C THR B 597 -22.53 99.64 19.85
N GLU B 598 -23.30 98.74 20.48
CA GLU B 598 -24.57 98.31 19.89
C GLU B 598 -25.55 99.47 19.79
N SER B 599 -25.58 100.34 20.81
CA SER B 599 -26.45 101.50 20.80
C SER B 599 -26.02 102.52 19.76
N LEU B 600 -24.71 102.65 19.52
CA LEU B 600 -24.28 103.61 18.53
C LEU B 600 -24.43 103.07 17.11
N THR B 601 -24.37 101.75 16.94
CA THR B 601 -24.43 101.19 15.61
C THR B 601 -25.86 100.98 15.13
N SER B 602 -26.72 100.44 15.98
CA SER B 602 -28.08 100.11 15.58
C SER B 602 -28.88 101.38 15.31
N GLY B 603 -29.27 101.56 14.06
CA GLY B 603 -29.84 102.82 13.62
C GLY B 603 -31.34 102.97 13.81
N SER B 604 -31.87 102.45 14.92
CA SER B 604 -33.28 102.58 15.22
C SER B 604 -33.54 103.62 16.30
N TYR B 605 -32.62 104.57 16.47
CA TYR B 605 -32.63 105.51 17.59
C TYR B 605 -33.82 106.47 17.46
N PRO B 606 -34.53 106.74 18.55
CA PRO B 606 -35.83 107.41 18.44
C PRO B 606 -35.68 108.90 18.23
N GLU B 607 -36.80 109.55 17.93
CA GLU B 607 -36.78 110.91 17.45
C GLU B 607 -36.91 111.95 18.55
N LEU B 608 -37.59 111.62 19.64
CA LEU B 608 -37.76 112.56 20.75
C LEU B 608 -36.44 112.86 21.45
N ALA B 609 -35.45 111.97 21.33
CA ALA B 609 -34.18 112.15 22.02
C ALA B 609 -33.42 113.35 21.50
N TYR B 610 -33.48 113.59 20.19
CA TYR B 610 -32.86 114.78 19.62
C TYR B 610 -33.60 116.03 20.08
N VAL B 611 -34.93 115.95 20.17
CA VAL B 611 -35.74 117.07 20.63
C VAL B 611 -35.40 117.43 22.06
N ILE B 612 -35.20 116.41 22.91
CA ILE B 612 -34.82 116.66 24.29
C ILE B 612 -33.40 117.23 24.37
N GLU B 613 -32.49 116.72 23.53
CA GLU B 613 -31.12 117.20 23.55
C GLU B 613 -30.99 118.62 23.02
N ILE B 614 -31.96 119.13 22.27
CA ILE B 614 -31.94 120.54 21.92
C ILE B 614 -32.85 121.40 22.78
N LEU B 615 -33.75 120.79 23.56
CA LEU B 615 -34.47 121.59 24.54
C LEU B 615 -33.62 121.82 25.78
N VAL B 616 -33.26 120.75 26.46
CA VAL B 616 -32.30 120.91 27.55
C VAL B 616 -30.93 121.08 26.90
N HIS B 617 -30.08 121.85 27.54
CA HIS B 617 -28.71 121.99 27.06
C HIS B 617 -27.75 122.04 28.25
N GLY B 618 -28.05 121.23 29.26
CA GLY B 618 -27.16 121.09 30.38
C GLY B 618 -27.33 122.12 31.47
N ASN B 619 -28.32 123.00 31.37
CA ASN B 619 -28.54 123.93 32.47
C ASN B 619 -29.29 123.31 33.64
N LYS B 620 -29.74 122.07 33.48
CA LYS B 620 -30.11 121.06 34.49
C LYS B 620 -31.38 121.38 35.25
N HIS B 621 -31.88 122.60 35.17
CA HIS B 621 -33.21 122.85 35.70
C HIS B 621 -34.26 122.31 34.75
N ALA B 622 -34.02 122.46 33.45
CA ALA B 622 -34.88 121.82 32.46
C ALA B 622 -34.78 120.32 32.53
N PHE B 623 -33.61 119.81 32.91
CA PHE B 623 -33.49 118.37 33.15
C PHE B 623 -34.32 117.93 34.34
N MET B 624 -34.33 118.73 35.41
CA MET B 624 -35.18 118.42 36.55
C MET B 624 -36.66 118.61 36.23
N ILE B 625 -36.98 119.41 35.22
CA ILE B 625 -38.35 119.44 34.72
C ILE B 625 -38.65 118.15 33.95
N LEU B 626 -37.79 117.78 33.02
CA LEU B 626 -37.96 116.60 32.18
C LEU B 626 -37.46 115.34 32.82
N LYS B 627 -37.35 115.31 34.15
CA LYS B 627 -36.75 114.17 34.83
C LYS B 627 -37.57 112.90 34.64
N GLN B 628 -38.89 113.03 34.48
CA GLN B 628 -39.72 111.84 34.32
C GLN B 628 -39.95 111.47 32.86
N VAL B 629 -39.86 112.43 31.95
CA VAL B 629 -40.01 112.14 30.52
C VAL B 629 -38.84 111.30 30.04
N ILE B 630 -37.63 111.80 30.30
CA ILE B 630 -36.38 111.12 30.01
C ILE B 630 -36.31 109.79 30.74
N SER B 631 -36.91 109.73 31.94
CA SER B 631 -37.02 108.49 32.68
C SER B 631 -37.81 107.45 31.91
N GLN B 632 -38.99 107.82 31.43
CA GLN B 632 -39.82 106.85 30.71
C GLN B 632 -39.18 106.46 29.38
N CYS B 633 -38.52 107.42 28.73
CA CYS B 633 -37.81 107.14 27.48
C CYS B 633 -36.69 106.13 27.68
N ILE B 634 -35.79 106.40 28.62
CA ILE B 634 -34.67 105.50 28.87
C ILE B 634 -35.16 104.17 29.43
N SER B 635 -36.19 104.18 30.27
CA SER B 635 -36.67 102.96 30.90
C SER B 635 -37.28 102.01 29.89
N TYR B 636 -38.19 102.51 29.04
CA TYR B 636 -38.71 101.68 27.96
C TYR B 636 -37.62 101.28 26.99
N TRP B 637 -36.73 102.22 26.68
CA TRP B 637 -35.78 102.02 25.60
C TRP B 637 -34.66 101.06 25.95
N PHE B 638 -34.34 100.90 27.23
CA PHE B 638 -33.43 99.85 27.66
C PHE B 638 -34.15 98.59 28.10
N ASN B 639 -35.38 98.70 28.61
CA ASN B 639 -36.04 97.52 29.08
C ASN B 639 -36.52 96.66 27.92
N MET B 640 -36.86 97.28 26.80
CA MET B 640 -37.42 96.53 25.69
C MET B 640 -36.49 96.46 24.50
N LYS B 641 -36.06 97.60 23.98
CA LYS B 641 -35.14 97.60 22.84
C LYS B 641 -33.75 97.13 23.23
N HIS B 642 -33.39 97.29 24.51
CA HIS B 642 -32.08 97.04 25.12
C HIS B 642 -30.91 97.54 24.28
N ILE B 643 -31.05 98.76 23.76
CA ILE B 643 -29.91 99.57 23.38
C ILE B 643 -30.04 100.86 24.17
N LEU B 644 -28.91 101.55 24.35
CA LEU B 644 -28.86 102.65 25.28
C LEU B 644 -29.36 103.93 24.60
N LEU B 645 -29.75 104.90 25.42
CA LEU B 645 -30.30 106.15 24.94
C LEU B 645 -29.46 107.31 25.46
N PHE B 646 -29.50 108.42 24.72
CA PHE B 646 -28.77 109.66 25.03
C PHE B 646 -27.27 109.44 25.14
N CYS B 647 -26.75 108.55 24.31
CA CYS B 647 -25.31 108.28 24.28
C CYS B 647 -24.59 109.16 23.27
N ASN B 648 -25.11 110.34 22.98
CA ASN B 648 -24.51 111.26 22.03
C ASN B 648 -23.95 112.51 22.69
N SER B 649 -24.71 113.13 23.57
CA SER B 649 -24.31 114.41 24.15
C SER B 649 -23.60 114.20 25.48
N PHE B 650 -22.47 114.88 25.66
CA PHE B 650 -21.68 114.67 26.86
C PHE B 650 -22.34 115.26 28.10
N GLU B 651 -22.95 116.44 27.96
CA GLU B 651 -23.63 117.02 29.11
C GLU B 651 -24.85 116.21 29.51
N MET B 652 -25.49 115.54 28.55
CA MET B 652 -26.56 114.62 28.87
C MET B 652 -26.02 113.40 29.61
N ILE B 653 -24.94 112.82 29.10
CA ILE B 653 -24.44 111.57 29.66
C ILE B 653 -23.75 111.82 31.01
N MET B 654 -23.36 113.06 31.29
CA MET B 654 -22.85 113.42 32.60
C MET B 654 -23.98 113.80 33.54
N LEU B 655 -25.03 114.38 32.99
CA LEU B 655 -26.19 114.79 33.76
C LEU B 655 -26.97 113.59 34.27
N ILE B 656 -27.00 112.51 33.49
CA ILE B 656 -27.61 111.27 33.95
C ILE B 656 -26.83 110.70 35.14
N SER B 657 -25.51 110.83 35.12
CA SER B 657 -24.73 110.34 36.25
C SER B 657 -24.91 111.23 37.48
N ASN B 658 -25.05 112.54 37.27
CA ASN B 658 -25.13 113.44 38.41
C ASN B 658 -26.51 113.45 39.04
N HIS B 659 -27.52 113.89 38.29
CA HIS B 659 -28.80 114.22 38.90
C HIS B 659 -29.85 113.14 38.72
N MET B 660 -29.63 112.22 37.81
CA MET B 660 -30.56 111.12 37.61
C MET B 660 -30.15 109.98 38.52
N GLY B 661 -31.14 109.27 39.06
CA GLY B 661 -30.90 108.17 39.96
C GLY B 661 -31.18 106.82 39.31
N ASP B 662 -31.47 105.84 40.16
CA ASP B 662 -32.00 104.55 39.72
C ASP B 662 -33.52 104.54 39.73
N GLU B 663 -34.13 105.43 40.50
CA GLU B 663 -35.56 105.62 40.44
C GLU B 663 -35.97 106.02 39.04
N LEU B 664 -36.96 105.31 38.51
CA LEU B 664 -37.55 105.54 37.18
C LEU B 664 -36.53 105.30 36.07
N ILE B 665 -35.65 104.32 36.28
CA ILE B 665 -34.70 103.90 35.25
C ILE B 665 -34.32 102.47 35.64
N PRO B 666 -33.82 101.65 34.73
CA PRO B 666 -33.28 100.35 35.17
C PRO B 666 -31.87 100.46 35.73
N GLY B 667 -31.64 99.67 36.79
CA GLY B 667 -30.36 99.71 37.49
C GLY B 667 -29.21 99.17 36.68
N ALA B 668 -29.50 98.29 35.72
CA ALA B 668 -28.47 97.86 34.80
C ALA B 668 -28.03 99.01 33.91
N ALA B 669 -28.99 99.79 33.42
CA ALA B 669 -28.66 100.86 32.48
C ALA B 669 -28.00 102.04 33.17
N PHE B 670 -28.34 102.30 34.43
CA PHE B 670 -27.71 103.42 35.15
C PHE B 670 -26.22 103.19 35.38
N ALA B 671 -25.85 101.93 35.60
CA ALA B 671 -24.45 101.58 35.79
C ALA B 671 -23.62 101.88 34.56
N HIS B 672 -24.23 101.81 33.37
CA HIS B 672 -23.45 102.08 32.16
C HIS B 672 -23.13 103.56 32.02
N TYR B 673 -24.07 104.44 32.39
CA TYR B 673 -23.78 105.87 32.36
C TYR B 673 -22.70 106.23 33.38
N ARG B 674 -22.81 105.65 34.58
CA ARG B 674 -21.79 105.92 35.59
C ARG B 674 -20.43 105.36 35.18
N ASN B 675 -20.40 104.22 34.50
CA ASN B 675 -19.16 103.67 34.01
C ASN B 675 -18.56 104.48 32.89
N LEU B 676 -19.38 105.09 32.04
CA LEU B 676 -18.82 105.94 30.99
C LEU B 676 -18.21 107.21 31.55
N VAL B 677 -18.86 107.78 32.59
CA VAL B 677 -18.25 108.94 33.25
C VAL B 677 -16.94 108.56 33.92
N SER B 678 -16.89 107.37 34.53
CA SER B 678 -15.64 106.94 35.15
C SER B 678 -14.58 106.59 34.12
N LEU B 679 -14.99 106.10 32.95
CA LEU B 679 -14.06 105.86 31.85
C LEU B 679 -13.42 107.15 31.37
N ILE B 680 -14.21 108.21 31.24
CA ILE B 680 -13.65 109.48 30.82
C ILE B 680 -12.75 110.07 31.91
N ARG B 681 -13.07 109.81 33.19
CA ARG B 681 -12.13 110.12 34.26
C ARG B 681 -10.81 109.40 34.11
N LEU B 682 -10.86 108.11 33.75
CA LEU B 682 -9.63 107.34 33.60
C LEU B 682 -8.80 107.79 32.41
N VAL B 683 -9.46 108.20 31.32
CA VAL B 683 -8.73 108.72 30.18
C VAL B 683 -8.03 110.02 30.54
N LYS B 684 -8.71 110.87 31.31
CA LYS B 684 -8.09 112.11 31.77
C LYS B 684 -6.89 111.84 32.67
N ARG B 685 -6.97 110.80 33.51
CA ARG B 685 -5.82 110.41 34.32
C ARG B 685 -4.66 109.93 33.46
N THR B 686 -4.97 109.05 32.50
CA THR B 686 -3.96 108.33 31.74
C THR B 686 -3.19 109.26 30.81
N ILE B 687 -3.83 110.29 30.27
CA ILE B 687 -3.06 111.26 29.50
C ILE B 687 -2.94 112.60 30.25
N SER B 688 -3.15 112.60 31.57
CA SER B 688 -2.65 113.64 32.45
C SER B 688 -1.55 113.11 33.36
N ILE B 689 -0.93 111.99 32.98
CA ILE B 689 0.35 111.61 33.57
C ILE B 689 1.34 112.77 33.59
N SER B 690 1.55 113.40 32.44
CA SER B 690 2.66 114.33 32.24
C SER B 690 2.34 115.72 32.79
N ASN B 691 2.06 115.75 34.08
CA ASN B 691 1.63 116.97 34.75
C ASN B 691 2.69 117.33 35.78
N ILE B 692 3.31 118.48 35.56
CA ILE B 692 4.46 118.95 36.33
C ILE B 692 4.17 120.41 36.69
N ASN B 693 4.53 120.82 37.90
CA ASN B 693 4.23 122.18 38.34
C ASN B 693 5.09 123.23 37.66
N GLU B 694 4.91 123.44 36.36
CA GLU B 694 5.58 124.58 35.75
C GLU B 694 4.72 125.14 34.64
N GLN B 695 4.52 126.45 34.68
CA GLN B 695 4.01 127.20 33.55
C GLN B 695 5.19 127.87 32.84
N LEU B 696 4.98 128.21 31.57
CA LEU B 696 6.05 128.83 30.79
C LEU B 696 5.68 130.24 30.35
N CYS B 697 4.57 130.40 29.63
CA CYS B 697 4.10 131.74 29.32
C CYS B 697 2.89 132.09 30.17
N GLY B 698 1.80 131.33 30.04
CA GLY B 698 0.74 131.34 31.03
C GLY B 698 0.13 129.97 31.11
N GLU B 699 0.62 129.08 30.26
CA GLU B 699 0.00 127.78 30.07
C GLU B 699 0.67 126.75 30.96
N PRO B 700 -0.09 125.80 31.50
CA PRO B 700 0.55 124.69 32.21
C PRO B 700 1.31 123.78 31.26
N LEU B 701 2.18 122.98 31.86
CA LEU B 701 3.07 122.16 31.04
C LEU B 701 2.33 121.05 30.31
N VAL B 702 1.14 120.65 30.77
CA VAL B 702 0.41 119.62 30.03
C VAL B 702 -0.31 120.25 28.85
N ASN B 703 -0.71 121.51 28.99
CA ASN B 703 -1.14 122.32 27.86
C ASN B 703 -0.03 122.40 26.82
N PHE B 704 1.22 122.46 27.27
CA PHE B 704 2.31 122.33 26.30
C PHE B 704 2.46 120.91 25.77
N ALA B 705 2.11 119.91 26.58
CA ALA B 705 2.37 118.52 26.22
C ALA B 705 1.38 117.99 25.20
N ASN B 706 0.10 118.00 25.56
CA ASN B 706 -0.94 117.25 24.86
C ASN B 706 -1.99 118.24 24.41
N ALA B 707 -2.25 118.30 23.11
CA ALA B 707 -3.19 119.25 22.54
C ALA B 707 -4.63 118.98 22.92
N LEU B 708 -4.89 117.89 23.61
CA LEU B 708 -6.22 117.67 24.11
C LEU B 708 -6.50 118.49 25.36
N PHE B 709 -5.46 118.99 26.03
CA PHE B 709 -5.61 119.79 27.25
C PHE B 709 -5.32 121.28 27.04
N ASP B 710 -5.64 121.81 25.86
CA ASP B 710 -5.33 123.22 25.63
C ASP B 710 -6.48 124.04 25.04
N GLY B 711 -6.32 125.35 25.13
CA GLY B 711 -7.31 126.29 24.65
C GLY B 711 -7.60 126.17 23.17
N ARG B 712 -6.57 125.88 22.39
CA ARG B 712 -6.69 125.77 20.95
C ARG B 712 -7.65 124.67 20.51
N LEU B 713 -7.68 123.56 21.23
CA LEU B 713 -8.61 122.49 20.88
C LEU B 713 -9.95 122.84 21.54
N PHE B 714 -10.72 123.69 20.86
CA PHE B 714 -12.02 124.15 21.36
C PHE B 714 -13.11 123.11 21.52
N CYS B 715 -13.12 122.18 20.55
CA CYS B 715 -14.02 121.01 20.33
C CYS B 715 -15.22 121.37 19.46
N PRO B 716 -15.80 120.35 18.82
CA PRO B 716 -16.91 120.47 17.87
C PRO B 716 -18.25 120.98 18.39
N PHE B 717 -18.70 120.53 19.56
CA PHE B 717 -20.00 120.98 20.05
C PHE B 717 -19.94 121.79 21.33
N VAL B 718 -20.54 122.96 21.30
CA VAL B 718 -20.59 123.83 22.47
C VAL B 718 -21.97 124.46 22.54
N HIS B 719 -22.43 124.75 23.75
CA HIS B 719 -23.73 125.37 23.91
C HIS B 719 -23.69 126.77 24.48
N THR B 720 -22.65 127.19 25.18
CA THR B 720 -22.59 128.58 25.65
C THR B 720 -21.44 129.33 24.98
N MET B 721 -20.21 129.00 25.30
CA MET B 721 -18.99 129.62 24.82
C MET B 721 -17.87 128.76 25.37
N PRO B 722 -16.85 128.44 24.60
CA PRO B 722 -15.75 127.65 25.14
C PRO B 722 -14.89 128.50 26.06
N ARG B 723 -14.09 127.79 26.84
CA ARG B 723 -13.23 128.40 27.83
C ARG B 723 -12.05 129.08 27.16
N ASN B 724 -11.69 130.26 27.66
CA ASN B 724 -10.46 130.99 27.32
C ASN B 724 -10.44 131.36 25.84
N ASP B 725 -11.41 132.18 25.46
CA ASP B 725 -11.49 132.71 24.11
C ASP B 725 -10.37 133.72 23.84
N THR B 726 -9.86 134.38 24.88
CA THR B 726 -8.98 135.54 24.73
C THR B 726 -7.67 135.22 24.04
N ASN B 727 -7.25 133.95 24.05
CA ASN B 727 -6.20 133.51 23.15
C ASN B 727 -6.68 133.52 21.71
N ALA B 728 -7.83 132.91 21.46
CA ALA B 728 -8.27 132.57 20.12
C ALA B 728 -9.06 133.72 19.51
N LYS B 729 -9.75 133.43 18.41
CA LYS B 729 -10.55 134.41 17.68
C LYS B 729 -11.74 133.67 17.08
N ILE B 730 -12.86 133.69 17.80
CA ILE B 730 -14.09 133.03 17.35
C ILE B 730 -14.87 134.00 16.49
N THR B 731 -15.24 133.57 15.29
CA THR B 731 -15.96 134.42 14.35
C THR B 731 -17.27 133.74 13.92
N ALA B 732 -18.27 134.56 13.66
CA ALA B 732 -19.46 134.13 12.93
C ALA B 732 -19.62 135.09 11.77
N ASP B 733 -19.16 136.32 11.99
CA ASP B 733 -19.08 137.37 10.99
C ASP B 733 -17.65 137.87 10.98
N ASP B 734 -17.40 139.01 10.35
CA ASP B 734 -16.08 139.62 10.41
C ASP B 734 -15.71 140.09 11.82
N THR B 735 -16.69 140.31 12.68
CA THR B 735 -16.42 140.76 14.04
C THR B 735 -15.98 139.57 14.89
N PRO B 736 -14.83 139.63 15.54
CA PRO B 736 -14.44 138.55 16.47
C PRO B 736 -15.30 138.56 17.71
N LEU B 737 -15.74 137.37 18.12
CA LEU B 737 -16.63 137.25 19.26
C LEU B 737 -15.81 137.32 20.54
N THR B 738 -16.09 138.31 21.37
CA THR B 738 -15.40 138.51 22.63
C THR B 738 -16.39 138.33 23.78
N GLN B 739 -15.93 138.62 24.99
CA GLN B 739 -16.86 138.77 26.10
C GLN B 739 -17.73 140.01 25.90
N ASN B 740 -17.16 141.04 25.29
CA ASN B 740 -17.90 142.29 25.10
C ASN B 740 -18.97 142.15 24.03
N THR B 741 -18.67 141.43 22.95
CA THR B 741 -19.56 141.38 21.79
C THR B 741 -20.83 140.59 22.11
N VAL B 742 -20.70 139.53 22.89
CA VAL B 742 -21.83 138.62 23.11
C VAL B 742 -22.75 139.22 24.16
N ARG B 743 -24.06 139.26 23.85
CA ARG B 743 -25.04 139.64 24.85
C ARG B 743 -25.42 138.42 25.67
N VAL B 744 -25.62 138.66 26.96
CA VAL B 744 -25.84 137.59 27.92
C VAL B 744 -27.28 137.08 27.80
N ARG B 745 -27.48 135.80 28.08
CA ARG B 745 -28.81 135.21 28.08
C ARG B 745 -29.45 135.37 29.45
N ASN B 746 -30.70 135.81 29.45
CA ASN B 746 -31.51 135.90 30.66
C ASN B 746 -32.77 135.10 30.42
N TYR B 747 -32.99 134.09 31.25
CA TYR B 747 -34.11 133.18 31.02
C TYR B 747 -35.42 133.69 31.57
N GLU B 748 -35.38 134.65 32.50
CA GLU B 748 -36.61 135.09 33.14
C GLU B 748 -37.26 136.27 32.42
N ILE B 749 -36.48 137.30 32.08
CA ILE B 749 -37.09 138.51 31.56
C ILE B 749 -37.47 138.36 30.09
N SER B 750 -36.73 137.56 29.33
CA SER B 750 -37.08 137.10 27.99
C SER B 750 -37.35 138.20 26.96
N ASP B 751 -36.30 138.91 26.57
CA ASP B 751 -36.40 139.94 25.55
C ASP B 751 -36.92 139.40 24.20
N VAL B 752 -37.54 140.28 23.43
CA VAL B 752 -37.89 140.03 22.05
C VAL B 752 -36.66 140.08 21.16
N GLN B 753 -35.63 140.81 21.60
CA GLN B 753 -34.54 141.11 20.71
C GLN B 753 -33.69 139.88 20.43
N ARG B 754 -33.36 139.13 21.49
CA ARG B 754 -32.65 137.86 21.30
C ARG B 754 -33.48 136.88 20.49
N MET B 755 -34.81 136.97 20.56
CA MET B 755 -35.66 136.12 19.73
C MET B 755 -35.56 136.48 18.24
N ASN B 756 -35.42 137.77 17.92
CA ASN B 756 -35.08 138.19 16.55
C ASN B 756 -33.71 137.64 16.15
N LEU B 757 -32.78 137.68 17.06
CA LEU B 757 -31.43 137.35 16.67
C LEU B 757 -31.15 135.85 16.74
N ILE B 758 -32.15 135.01 17.05
CA ILE B 758 -31.98 133.57 16.79
C ILE B 758 -32.05 133.30 15.30
N ASP B 759 -32.82 134.08 14.54
CA ASP B 759 -32.70 134.01 13.10
C ASP B 759 -31.44 134.70 12.63
N SER B 760 -31.13 135.87 13.21
CA SER B 760 -29.89 136.52 12.77
C SER B 760 -28.64 135.86 13.35
N SER B 761 -27.49 136.39 12.99
CA SER B 761 -26.20 135.76 13.27
C SER B 761 -25.48 136.44 14.44
N VAL B 762 -26.04 136.28 15.64
CA VAL B 762 -25.43 136.81 16.86
C VAL B 762 -25.38 135.70 17.91
N VAL B 763 -24.23 135.55 18.56
CA VAL B 763 -24.02 134.56 19.60
C VAL B 763 -24.57 135.07 20.93
N PHE B 764 -25.09 134.16 21.75
CA PHE B 764 -25.60 134.50 23.08
C PHE B 764 -25.20 133.44 24.08
N THR B 765 -24.67 133.88 25.23
CA THR B 765 -24.16 132.99 26.25
C THR B 765 -24.93 133.14 27.56
N ASP B 766 -24.98 132.05 28.31
CA ASP B 766 -25.49 132.10 29.68
C ASP B 766 -24.52 132.84 30.59
N ASN B 767 -23.31 132.31 30.67
CA ASN B 767 -22.30 132.59 31.67
C ASN B 767 -21.14 131.71 31.24
N ASP B 768 -20.00 131.85 31.91
CA ASP B 768 -18.91 130.90 31.68
C ASP B 768 -19.21 129.62 32.44
N ARG B 769 -20.16 128.85 31.88
CA ARG B 769 -20.44 127.51 32.37
C ARG B 769 -19.24 126.56 32.31
N PRO B 770 -18.46 126.43 31.18
CA PRO B 770 -17.43 125.38 31.18
C PRO B 770 -16.28 125.66 32.11
N SER B 771 -16.21 124.85 33.16
CA SER B 771 -15.00 124.74 33.95
C SER B 771 -13.89 124.10 33.12
N ASN B 772 -12.67 124.19 33.64
CA ASN B 772 -11.53 123.56 32.98
C ASN B 772 -11.71 122.06 32.92
N GLU B 773 -12.21 121.47 34.00
CA GLU B 773 -12.44 120.03 34.05
C GLU B 773 -13.48 119.61 33.01
N ASN B 774 -14.63 120.27 33.00
CA ASN B 774 -15.70 119.87 32.08
C ASN B 774 -15.35 120.17 30.63
N THR B 775 -14.52 121.19 30.39
CA THR B 775 -14.02 121.44 29.04
C THR B 775 -13.15 120.30 28.57
N ILE B 776 -12.20 119.88 29.41
CA ILE B 776 -11.34 118.74 29.13
C ILE B 776 -12.15 117.49 28.85
N LEU B 777 -13.15 117.21 29.67
CA LEU B 777 -13.89 115.97 29.53
C LEU B 777 -14.82 115.99 28.34
N SER B 778 -15.35 117.16 27.99
CA SER B 778 -16.13 117.28 26.76
C SER B 778 -15.26 117.04 25.54
N LYS B 779 -14.03 117.56 25.57
CA LYS B 779 -13.06 117.22 24.52
C LYS B 779 -12.82 115.73 24.44
N ILE B 780 -12.59 115.08 25.60
CA ILE B 780 -12.31 113.64 25.64
C ILE B 780 -13.45 112.85 25.04
N PHE B 781 -14.68 113.17 25.45
CA PHE B 781 -15.84 112.43 24.96
C PHE B 781 -16.06 112.66 23.46
N TYR B 782 -16.36 113.87 23.03
CA TYR B 782 -16.58 114.01 21.60
C TYR B 782 -15.34 113.63 20.78
N PHE B 783 -14.18 114.15 21.17
CA PHE B 783 -12.92 113.85 20.46
C PHE B 783 -12.34 112.42 20.49
N CYS B 784 -12.38 111.76 21.64
CA CYS B 784 -11.81 110.41 21.75
C CYS B 784 -12.71 109.24 22.11
N VAL B 785 -14.00 109.44 22.32
CA VAL B 785 -14.80 108.29 22.69
C VAL B 785 -15.84 107.97 21.62
N LEU B 786 -16.61 108.97 21.20
CA LEU B 786 -17.55 108.78 20.09
C LEU B 786 -16.90 108.33 18.78
N PRO B 787 -15.73 108.82 18.34
CA PRO B 787 -15.14 108.18 17.16
C PRO B 787 -14.65 106.77 17.41
N ALA B 788 -14.03 106.49 18.56
CA ALA B 788 -13.47 105.16 18.80
C ALA B 788 -14.55 104.09 18.94
N LEU B 789 -15.74 104.48 19.38
CA LEU B 789 -16.83 103.53 19.55
C LEU B 789 -17.85 103.61 18.43
N SER B 790 -17.79 104.63 17.59
CA SER B 790 -18.78 104.77 16.53
C SER B 790 -18.26 104.36 15.17
N ASN B 791 -16.94 104.38 14.97
CA ASN B 791 -16.28 104.17 13.68
C ASN B 791 -16.85 105.14 12.64
N ASN B 792 -16.73 106.44 12.94
CA ASN B 792 -17.06 107.55 12.04
C ASN B 792 -18.53 107.58 11.64
N LYS B 793 -19.40 106.99 12.44
CA LYS B 793 -20.81 106.86 12.07
C LYS B 793 -21.69 107.84 12.80
N ALA B 794 -21.18 109.05 13.01
CA ALA B 794 -21.97 110.16 13.54
C ALA B 794 -22.05 111.26 12.48
N CYS B 795 -22.90 112.24 12.75
CA CYS B 795 -23.01 113.41 11.88
C CYS B 795 -23.52 114.59 12.67
N GLY B 796 -22.86 115.74 12.54
CA GLY B 796 -23.37 116.92 13.19
C GLY B 796 -24.65 117.42 12.55
N ALA B 797 -25.43 118.19 13.31
CA ALA B 797 -26.70 118.65 12.76
C ALA B 797 -27.14 119.94 13.41
N GLY B 798 -27.94 120.69 12.65
CA GLY B 798 -28.50 121.93 13.11
C GLY B 798 -30.01 121.94 12.98
N VAL B 799 -30.62 122.91 13.65
CA VAL B 799 -32.06 122.93 13.88
C VAL B 799 -32.57 124.35 13.77
N ASN B 800 -33.69 124.52 13.06
CA ASN B 800 -34.50 125.73 13.18
C ASN B 800 -35.41 125.53 14.38
N VAL B 801 -34.97 126.04 15.53
CA VAL B 801 -35.77 125.91 16.74
C VAL B 801 -37.06 126.70 16.64
N LYS B 802 -37.07 127.78 15.84
CA LYS B 802 -38.25 128.63 15.72
C LYS B 802 -39.39 127.91 15.02
N GLU B 803 -39.14 127.47 13.78
CA GLU B 803 -40.16 126.75 13.04
C GLU B 803 -40.46 125.41 13.68
N LEU B 804 -39.48 124.83 14.37
CA LEU B 804 -39.70 123.60 15.12
C LEU B 804 -40.75 123.79 16.21
N VAL B 805 -40.57 124.79 17.08
CA VAL B 805 -41.52 124.95 18.18
C VAL B 805 -42.88 125.43 17.67
N LEU B 806 -42.89 126.26 16.63
CA LEU B 806 -44.14 126.78 16.11
C LEU B 806 -44.90 125.75 15.28
N ASP B 807 -44.26 124.67 14.88
CA ASP B 807 -44.97 123.56 14.27
C ASP B 807 -45.38 122.52 15.31
N LEU B 808 -44.51 122.27 16.29
CA LEU B 808 -44.80 121.29 17.33
C LEU B 808 -46.01 121.68 18.13
N PHE B 809 -46.12 122.96 18.46
CA PHE B 809 -47.22 123.42 19.29
C PHE B 809 -47.60 124.80 18.79
N TYR B 810 -48.26 125.57 19.67
CA TYR B 810 -48.73 126.95 19.53
C TYR B 810 -50.06 126.89 18.77
N THR B 811 -50.60 125.70 18.52
CA THR B 811 -51.87 125.67 17.82
C THR B 811 -53.06 125.84 18.76
N GLU B 812 -53.51 124.76 19.41
CA GLU B 812 -54.64 124.95 20.31
C GLU B 812 -54.33 125.06 21.80
N PRO B 813 -53.79 124.01 22.46
CA PRO B 813 -54.02 123.89 23.90
C PRO B 813 -53.19 124.84 24.70
N PHE B 814 -52.00 125.16 24.19
CA PHE B 814 -51.17 126.09 24.91
C PHE B 814 -51.75 127.49 24.83
N ILE B 815 -52.34 127.85 23.70
CA ILE B 815 -53.00 129.14 23.62
C ILE B 815 -54.23 129.19 24.51
N CYS B 816 -54.97 128.07 24.59
CA CYS B 816 -56.22 127.99 25.33
C CYS B 816 -56.01 128.23 26.84
N PRO B 817 -57.09 128.62 27.55
CA PRO B 817 -57.00 128.77 29.01
C PRO B 817 -56.63 127.49 29.74
N ASP B 818 -56.02 127.66 30.92
CA ASP B 818 -55.49 126.51 31.62
C ASP B 818 -56.59 125.64 32.22
N ASP B 819 -57.82 126.16 32.29
CA ASP B 819 -58.98 125.35 32.64
C ASP B 819 -59.19 124.22 31.63
N CYS B 820 -59.16 124.54 30.34
CA CYS B 820 -59.23 123.49 29.33
C CYS B 820 -57.94 122.71 29.27
N PHE B 821 -56.84 123.39 29.52
CA PHE B 821 -55.52 122.82 29.31
C PHE B 821 -55.15 121.75 30.32
N GLN B 822 -55.61 121.87 31.56
CA GLN B 822 -55.30 120.89 32.59
C GLN B 822 -55.99 119.55 32.35
N GLU B 823 -57.14 119.56 31.69
CA GLU B 823 -57.88 118.34 31.37
C GLU B 823 -57.78 117.98 29.90
N ASN B 824 -57.14 118.78 29.11
CA ASN B 824 -57.23 118.74 27.66
C ASN B 824 -56.21 117.75 27.11
N PRO B 825 -56.61 116.84 26.23
CA PRO B 825 -55.64 116.11 25.43
C PRO B 825 -55.04 117.00 24.36
N ILE B 826 -54.08 116.43 23.64
CA ILE B 826 -53.43 117.10 22.51
C ILE B 826 -54.44 117.15 21.37
N SER B 827 -54.17 117.98 20.37
CA SER B 827 -54.94 118.13 19.15
C SER B 827 -54.84 116.93 18.21
N SER B 828 -54.20 115.84 18.63
CA SER B 828 -53.97 114.64 17.82
C SER B 828 -53.24 115.00 16.53
N ASP B 829 -52.15 115.75 16.69
CA ASP B 829 -51.47 116.27 15.51
C ASP B 829 -50.67 115.18 14.82
N VAL B 830 -50.28 115.49 13.58
CA VAL B 830 -49.65 114.49 12.73
C VAL B 830 -48.24 114.18 13.23
N LEU B 831 -47.58 115.17 13.80
CA LEU B 831 -46.17 114.99 14.12
C LEU B 831 -45.96 114.57 15.58
N MET B 832 -46.34 115.42 16.52
CA MET B 832 -45.83 115.33 17.89
C MET B 832 -46.42 114.15 18.66
N SER B 833 -47.72 113.88 18.48
CA SER B 833 -48.34 112.70 19.05
C SER B 833 -47.71 111.42 18.52
N LEU B 834 -47.26 111.43 17.27
CA LEU B 834 -46.61 110.25 16.71
C LEU B 834 -45.16 110.13 17.16
N ILE B 835 -44.49 111.24 17.44
CA ILE B 835 -43.18 111.20 18.10
C ILE B 835 -43.33 110.54 19.46
N ARG B 836 -44.38 110.94 20.17
CA ARG B 836 -44.65 110.41 21.48
C ARG B 836 -45.00 108.92 21.44
N GLU B 837 -45.79 108.51 20.45
CA GLU B 837 -46.07 107.09 20.26
C GLU B 837 -44.81 106.32 19.87
N ALA B 838 -43.89 106.95 19.14
CA ALA B 838 -42.65 106.28 18.79
C ALA B 838 -41.75 106.07 20.01
N MET B 839 -41.75 107.03 20.95
CA MET B 839 -40.95 106.78 22.14
C MET B 839 -41.64 105.83 23.11
N GLY B 840 -42.97 105.76 23.10
CA GLY B 840 -43.67 104.79 23.91
C GLY B 840 -44.94 104.27 23.29
N PRO B 841 -45.05 102.95 23.11
CA PRO B 841 -46.28 102.38 22.55
C PRO B 841 -47.31 101.98 23.61
N GLY B 842 -48.54 102.43 23.44
CA GLY B 842 -49.58 102.08 24.37
C GLY B 842 -49.50 102.88 25.66
N TYR B 843 -50.13 102.30 26.70
CA TYR B 843 -50.12 102.72 28.11
C TYR B 843 -50.52 104.18 28.35
N THR B 844 -51.11 104.84 27.36
CA THR B 844 -51.45 106.26 27.43
C THR B 844 -52.82 106.44 26.78
N VAL B 845 -53.82 106.78 27.60
CA VAL B 845 -55.18 106.89 27.06
C VAL B 845 -55.35 108.17 26.27
N ALA B 846 -54.95 109.31 26.85
CA ALA B 846 -55.00 110.59 26.16
C ALA B 846 -53.92 110.72 25.10
N ASN B 847 -53.02 109.72 25.04
CA ASN B 847 -51.73 109.55 24.36
C ASN B 847 -50.65 110.34 25.09
N THR B 848 -51.07 111.28 25.91
CA THR B 848 -50.25 112.42 26.30
C THR B 848 -50.37 112.70 27.79
N SER B 849 -50.62 111.68 28.59
CA SER B 849 -51.00 111.81 29.99
C SER B 849 -49.83 112.36 30.81
N SER B 850 -49.87 113.69 31.05
CA SER B 850 -48.96 114.60 31.77
C SER B 850 -47.66 114.92 31.01
N ILE B 851 -47.36 114.13 29.97
CA ILE B 851 -46.06 114.19 29.31
C ILE B 851 -46.12 115.14 28.13
N ALA B 852 -47.32 115.50 27.69
CA ALA B 852 -47.46 116.58 26.71
C ALA B 852 -47.01 117.89 27.29
N LYS B 853 -47.58 118.26 28.42
CA LYS B 853 -47.48 119.59 28.99
C LYS B 853 -46.24 119.72 29.87
N GLN B 854 -45.68 118.57 30.27
CA GLN B 854 -44.39 118.55 30.94
C GLN B 854 -43.29 119.15 30.07
N LEU B 855 -43.28 118.81 28.78
CA LEU B 855 -42.30 119.34 27.86
C LEU B 855 -42.45 120.85 27.69
N PHE B 856 -43.68 121.35 27.78
CA PHE B 856 -43.92 122.77 27.65
C PHE B 856 -43.43 123.52 28.86
N LYS B 857 -43.62 122.92 30.05
CA LYS B 857 -42.99 123.47 31.25
C LYS B 857 -41.48 123.50 31.13
N SER B 858 -40.91 122.55 30.38
CA SER B 858 -39.46 122.58 30.18
C SER B 858 -39.01 123.63 29.19
N LEU B 859 -39.84 123.97 28.20
CA LEU B 859 -39.29 124.73 27.08
C LEU B 859 -39.16 126.23 27.34
N ILE B 860 -39.15 126.68 28.60
CA ILE B 860 -38.70 128.04 28.86
C ILE B 860 -37.22 128.22 28.56
N TYR B 861 -36.44 127.13 28.59
CA TYR B 861 -35.00 127.20 28.37
C TYR B 861 -34.69 126.80 26.93
N ILE B 862 -35.04 127.67 25.99
CA ILE B 862 -34.74 127.44 24.61
C ILE B 862 -33.59 128.35 24.20
N ASN B 863 -33.11 128.16 22.98
CA ASN B 863 -31.83 128.73 22.60
C ASN B 863 -31.92 129.25 21.16
N GLU B 864 -30.76 129.46 20.57
CA GLU B 864 -30.56 129.99 19.23
C GLU B 864 -30.86 128.95 18.17
N ASN B 865 -30.87 129.41 16.93
CA ASN B 865 -30.64 128.49 15.83
C ASN B 865 -29.17 128.14 15.78
N THR B 866 -28.89 127.02 15.17
CA THR B 866 -27.52 126.49 15.11
C THR B 866 -26.66 127.35 14.21
N LYS B 867 -25.45 127.66 14.66
CA LYS B 867 -24.50 128.46 13.91
C LYS B 867 -23.20 127.70 13.74
N ILE B 868 -22.56 127.92 12.60
CA ILE B 868 -21.15 127.59 12.42
C ILE B 868 -20.35 128.70 13.06
N LEU B 869 -19.22 128.34 13.67
CA LEU B 869 -18.24 129.32 14.12
C LEU B 869 -16.86 128.88 13.65
N GLU B 870 -16.11 129.80 13.06
CA GLU B 870 -14.72 129.52 12.82
C GLU B 870 -13.88 129.92 14.01
N VAL B 871 -12.72 129.32 14.12
CA VAL B 871 -11.71 129.74 15.08
C VAL B 871 -10.41 129.92 14.33
N GLU B 872 -9.95 131.17 14.22
CA GLU B 872 -8.58 131.44 13.80
C GLU B 872 -7.76 131.55 15.07
N VAL B 873 -7.19 130.44 15.51
CA VAL B 873 -6.24 130.46 16.62
C VAL B 873 -4.91 130.01 16.05
N SER B 874 -3.82 130.59 16.55
CA SER B 874 -2.51 130.07 16.23
C SER B 874 -2.02 129.20 17.38
N LEU B 875 -0.84 128.61 17.19
CA LEU B 875 -0.38 127.46 17.97
C LEU B 875 0.05 127.90 19.37
N ASP B 876 0.61 126.95 20.12
CA ASP B 876 1.39 127.30 21.29
C ASP B 876 2.66 128.01 20.81
N PRO B 877 3.29 128.82 21.67
CA PRO B 877 4.44 129.61 21.18
C PRO B 877 5.64 128.78 20.77
N ALA B 878 5.84 127.61 21.38
CA ALA B 878 6.99 126.77 21.10
C ALA B 878 6.89 126.09 19.74
N GLN B 879 5.71 126.02 19.14
CA GLN B 879 5.61 125.67 17.73
C GLN B 879 5.36 126.89 16.86
N ARG B 880 4.97 128.02 17.46
CA ARG B 880 4.82 129.27 16.73
C ARG B 880 6.15 129.78 16.22
N HIS B 881 7.25 129.40 16.88
CA HIS B 881 8.58 129.97 16.59
C HIS B 881 9.03 129.86 15.13
N GLY B 882 9.22 128.65 14.63
CA GLY B 882 9.98 128.51 13.40
C GLY B 882 9.22 128.78 12.12
N ASN B 883 8.98 130.08 11.83
CA ASN B 883 8.24 130.54 10.64
C ASN B 883 6.83 129.95 10.61
N SER B 884 6.27 129.70 11.78
CA SER B 884 4.85 129.43 11.97
C SER B 884 4.20 130.58 12.71
N VAL B 885 4.84 131.74 12.71
CA VAL B 885 4.32 132.92 13.38
C VAL B 885 3.02 133.35 12.75
N HIS B 886 2.94 133.29 11.43
CA HIS B 886 1.69 133.53 10.71
C HIS B 886 1.17 132.17 10.26
N PHE B 887 0.47 131.48 11.17
CA PHE B 887 -0.09 130.21 10.76
C PHE B 887 -1.61 130.20 10.78
N GLN B 888 -2.23 130.53 11.92
CA GLN B 888 -3.68 130.67 12.07
C GLN B 888 -4.42 129.37 11.71
N SER B 889 -4.28 128.38 12.60
CA SER B 889 -5.06 127.16 12.52
C SER B 889 -6.55 127.47 12.45
N LEU B 890 -7.26 126.69 11.65
CA LEU B 890 -8.67 126.95 11.35
C LEU B 890 -9.53 125.86 11.96
N GLN B 891 -10.38 126.24 12.90
CA GLN B 891 -11.25 125.30 13.60
C GLN B 891 -12.71 125.68 13.41
N HIS B 892 -13.47 124.77 12.83
CA HIS B 892 -14.90 124.90 12.76
C HIS B 892 -15.52 124.21 13.96
N ILE B 893 -16.46 124.88 14.60
CA ILE B 893 -17.14 124.39 15.78
C ILE B 893 -18.64 124.61 15.59
N LEU B 894 -19.43 123.59 15.90
CA LEU B 894 -20.86 123.61 15.63
C LEU B 894 -21.56 124.16 16.86
N TYR B 895 -21.77 125.46 16.89
CA TYR B 895 -22.41 126.10 18.02
C TYR B 895 -23.90 125.83 18.00
N ASN B 896 -24.39 125.33 19.15
CA ASN B 896 -25.80 125.08 19.40
C ASN B 896 -26.38 124.10 18.37
N GLY B 897 -25.59 123.10 18.03
CA GLY B 897 -26.05 122.02 17.19
C GLY B 897 -26.05 120.77 18.02
N LEU B 898 -26.12 119.62 17.38
CA LEU B 898 -26.10 118.39 18.14
C LEU B 898 -25.59 117.27 17.26
N CYS B 899 -24.96 116.29 17.90
CA CYS B 899 -24.55 115.08 17.20
C CYS B 899 -25.77 114.29 16.74
N LEU B 900 -25.56 113.43 15.76
CA LEU B 900 -26.66 112.72 15.16
C LEU B 900 -26.15 111.34 14.81
N ILE B 901 -27.03 110.35 14.94
CA ILE B 901 -26.55 108.98 14.87
C ILE B 901 -27.45 108.12 13.98
N SER B 902 -28.66 108.59 13.68
CA SER B 902 -29.60 107.71 13.05
C SER B 902 -30.51 108.53 12.17
N PRO B 903 -30.91 108.01 10.99
CA PRO B 903 -31.63 108.83 10.01
C PRO B 903 -32.98 109.35 10.50
N ILE B 904 -33.03 110.67 10.68
CA ILE B 904 -34.23 111.33 11.15
C ILE B 904 -35.22 111.42 10.01
N THR B 905 -36.44 110.95 10.25
CA THR B 905 -37.47 110.79 9.24
C THR B 905 -38.65 111.73 9.42
N THR B 906 -39.14 111.84 10.65
CA THR B 906 -40.31 112.68 10.91
C THR B 906 -39.97 114.16 10.79
N LEU B 907 -38.80 114.56 11.28
CA LEU B 907 -38.39 115.95 11.32
C LEU B 907 -37.36 116.28 10.25
N ARG B 908 -37.50 115.70 9.05
CA ARG B 908 -36.64 116.03 7.93
C ARG B 908 -36.77 117.49 7.51
N ARG B 909 -37.92 118.11 7.80
CA ARG B 909 -38.13 119.49 7.43
C ARG B 909 -37.30 120.44 8.28
N TYR B 910 -36.97 120.08 9.50
CA TYR B 910 -36.44 121.02 10.49
C TYR B 910 -35.01 120.74 10.92
N TYR B 911 -34.39 119.65 10.49
CA TYR B 911 -33.05 119.27 10.91
C TYR B 911 -32.16 119.20 9.69
N GLN B 912 -31.10 119.97 9.69
CA GLN B 912 -30.16 119.88 8.59
C GLN B 912 -28.91 119.14 9.02
N PRO B 913 -28.49 118.13 8.26
CA PRO B 913 -27.19 117.53 8.53
C PRO B 913 -26.06 118.46 8.12
N ILE B 914 -25.14 118.70 9.04
CA ILE B 914 -24.01 119.59 8.82
C ILE B 914 -22.73 118.78 8.96
N PRO B 915 -22.20 118.22 7.89
CA PRO B 915 -20.89 117.54 7.97
C PRO B 915 -19.76 118.55 7.95
N PHE B 916 -19.03 118.65 9.06
CA PHE B 916 -18.06 119.73 9.17
C PHE B 916 -16.67 119.25 9.54
N HIS B 917 -16.58 118.19 10.34
CA HIS B 917 -15.31 117.76 10.89
C HIS B 917 -14.82 116.53 10.12
N ARG B 918 -13.56 116.15 10.39
CA ARG B 918 -13.06 114.83 10.00
C ARG B 918 -13.98 113.74 10.49
N PHE B 919 -14.30 113.76 11.77
CA PHE B 919 -15.33 112.93 12.34
C PHE B 919 -16.68 113.60 12.15
N PHE B 920 -17.73 112.97 12.71
CA PHE B 920 -19.09 113.49 12.71
C PHE B 920 -19.59 113.77 11.29
N SER B 921 -19.22 112.90 10.37
CA SER B 921 -19.43 113.11 8.95
C SER B 921 -19.80 111.79 8.27
N ASP B 922 -20.88 111.14 8.67
CA ASP B 922 -21.27 109.87 8.02
C ASP B 922 -22.10 110.13 6.76
N PRO B 923 -21.68 109.62 5.60
CA PRO B 923 -22.52 109.72 4.41
C PRO B 923 -23.79 108.90 4.50
N GLY B 924 -23.68 107.68 5.03
CA GLY B 924 -24.85 106.83 5.21
C GLY B 924 -25.88 107.38 6.16
N ILE B 925 -25.49 108.35 6.98
CA ILE B 925 -26.45 109.12 7.74
C ILE B 925 -26.95 110.30 6.93
N CYS B 926 -26.02 111.05 6.32
CA CYS B 926 -26.35 112.38 5.79
C CYS B 926 -27.22 112.29 4.54
N GLY B 927 -26.95 111.32 3.67
CA GLY B 927 -27.71 111.13 2.46
C GLY B 927 -29.09 110.53 2.67
N THR B 928 -29.44 110.17 3.89
CA THR B 928 -30.80 109.79 4.21
C THR B 928 -31.65 111.00 4.54
N MET B 929 -31.09 111.99 5.23
CA MET B 929 -31.85 113.21 5.48
C MET B 929 -31.94 114.05 4.21
N ASN B 930 -30.84 114.20 3.48
CA ASN B 930 -30.87 114.99 2.27
C ASN B 930 -30.71 114.11 1.05
N ALA B 931 -31.50 114.40 0.02
CA ALA B 931 -31.41 113.68 -1.25
C ALA B 931 -30.29 114.21 -2.13
N ASP B 932 -29.78 115.41 -1.85
CA ASP B 932 -28.71 115.95 -2.67
C ASP B 932 -27.40 115.23 -2.42
N ILE B 933 -27.16 114.82 -1.17
CA ILE B 933 -26.01 113.96 -0.88
C ILE B 933 -26.26 112.58 -1.44
N GLN B 934 -27.52 112.13 -1.40
CA GLN B 934 -27.86 110.82 -1.92
C GLN B 934 -27.61 110.73 -3.42
N VAL B 935 -28.05 111.73 -4.18
CA VAL B 935 -27.69 111.75 -5.59
C VAL B 935 -26.24 112.13 -5.81
N PHE B 936 -25.57 112.71 -4.83
CA PHE B 936 -24.12 112.86 -4.94
C PHE B 936 -23.42 111.52 -4.78
N LEU B 937 -23.89 110.71 -3.84
CA LEU B 937 -23.29 109.40 -3.65
C LEU B 937 -23.71 108.42 -4.72
N ASN B 938 -24.91 108.59 -5.29
CA ASN B 938 -25.37 107.62 -6.27
C ASN B 938 -24.65 107.75 -7.60
N THR B 939 -24.10 108.92 -7.91
CA THR B 939 -23.23 109.01 -9.07
C THR B 939 -21.83 108.51 -8.75
N PHE B 940 -21.33 108.84 -7.56
CA PHE B 940 -19.94 108.62 -7.18
C PHE B 940 -19.92 107.76 -5.93
N PRO B 941 -20.02 106.44 -6.07
CA PRO B 941 -20.30 105.60 -4.89
C PRO B 941 -19.12 105.41 -3.98
N HIS B 942 -17.90 105.73 -4.39
CA HIS B 942 -16.77 105.50 -3.51
C HIS B 942 -16.61 106.57 -2.45
N TYR B 943 -17.41 107.62 -2.48
CA TYR B 943 -17.44 108.56 -1.36
C TYR B 943 -18.41 108.15 -0.26
N GLN B 944 -19.02 106.97 -0.37
CA GLN B 944 -19.88 106.48 0.70
C GLN B 944 -19.06 105.99 1.90
N ARG B 945 -17.75 105.85 1.73
CA ARG B 945 -16.89 105.24 2.73
C ARG B 945 -16.71 106.11 3.96
N ASN B 946 -16.81 105.49 5.13
CA ASN B 946 -16.63 106.18 6.39
C ASN B 946 -15.17 106.35 6.76
N ASP B 947 -14.24 105.78 5.98
CA ASP B 947 -12.88 105.67 6.49
C ASP B 947 -12.14 106.98 6.40
N GLY B 948 -11.90 107.44 5.19
CA GLY B 948 -11.19 108.67 4.97
C GLY B 948 -12.11 109.86 4.98
N GLY B 949 -11.65 110.93 4.33
CA GLY B 949 -12.48 112.08 4.12
C GLY B 949 -12.99 112.21 2.70
N PHE B 950 -14.22 111.73 2.48
CA PHE B 950 -15.06 112.17 1.38
C PHE B 950 -15.33 113.66 1.59
N PRO B 951 -15.53 114.45 0.52
CA PRO B 951 -15.30 115.89 0.63
C PRO B 951 -16.36 116.60 1.47
N LEU B 952 -15.87 117.43 2.38
CA LEU B 952 -16.70 118.37 3.09
C LEU B 952 -16.99 119.54 2.14
N PRO B 953 -17.88 120.46 2.51
CA PRO B 953 -17.96 121.73 1.79
C PRO B 953 -16.62 122.45 1.77
N PRO B 954 -16.23 122.98 0.62
CA PRO B 954 -14.87 123.54 0.42
C PRO B 954 -14.49 124.66 1.38
N PRO B 955 -15.41 125.41 1.99
CA PRO B 955 -14.99 126.18 3.16
C PRO B 955 -14.66 125.34 4.37
N LEU B 956 -15.24 124.15 4.52
CA LEU B 956 -14.96 123.36 5.71
C LEU B 956 -13.74 122.46 5.54
N ALA B 957 -13.51 121.97 4.32
CA ALA B 957 -12.47 120.97 4.05
C ALA B 957 -11.13 121.68 3.90
N LEU B 958 -10.53 121.99 5.04
CA LEU B 958 -9.21 122.60 5.09
C LEU B 958 -8.34 121.66 5.88
N GLU B 959 -7.80 120.65 5.20
CA GLU B 959 -7.19 119.52 5.88
C GLU B 959 -5.87 119.91 6.53
N PHE B 960 -5.03 120.64 5.81
CA PHE B 960 -3.77 121.06 6.39
C PHE B 960 -3.94 122.13 7.46
N TYR B 961 -5.05 122.84 7.47
CA TYR B 961 -5.24 123.90 8.43
C TYR B 961 -6.03 123.48 9.66
N ASN B 962 -6.56 122.26 9.69
CA ASN B 962 -7.17 121.77 10.93
C ASN B 962 -6.08 121.36 11.92
N TRP B 963 -6.48 120.87 13.08
CA TRP B 963 -5.55 120.12 13.90
C TRP B 963 -5.54 118.65 13.55
N GLN B 964 -6.63 118.14 12.98
CA GLN B 964 -6.84 116.72 12.80
C GLN B 964 -6.86 116.40 11.32
N ARG B 965 -6.03 115.48 10.90
CA ARG B 965 -5.92 115.16 9.50
C ARG B 965 -6.54 113.79 9.23
N THR B 966 -6.31 113.31 8.01
CA THR B 966 -6.66 111.95 7.56
C THR B 966 -6.36 110.79 8.51
N PRO B 967 -5.16 110.62 9.11
CA PRO B 967 -4.88 109.37 9.81
C PRO B 967 -5.70 109.12 11.06
N PHE B 968 -6.26 110.16 11.69
CA PHE B 968 -7.16 109.94 12.82
C PHE B 968 -8.40 109.18 12.39
N SER B 969 -9.03 109.63 11.31
CA SER B 969 -10.19 108.92 10.79
C SER B 969 -9.80 107.58 10.20
N VAL B 970 -8.59 107.45 9.66
CA VAL B 970 -8.19 106.15 9.12
C VAL B 970 -8.01 105.15 10.25
N TYR B 971 -7.53 105.58 11.40
CA TYR B 971 -7.47 104.67 12.54
C TYR B 971 -8.85 104.39 13.11
N SER B 972 -9.66 105.44 13.29
CA SER B 972 -11.00 105.27 13.85
C SER B 972 -11.93 104.48 12.93
N ALA B 973 -11.58 104.35 11.66
CA ALA B 973 -12.37 103.56 10.72
C ALA B 973 -12.42 102.10 11.13
N PHE B 974 -11.32 101.57 11.65
CA PHE B 974 -11.28 100.15 11.94
C PHE B 974 -10.68 99.86 13.31
N CYS B 975 -10.73 100.81 14.20
CA CYS B 975 -10.29 100.56 15.55
C CYS B 975 -11.24 99.59 16.24
N PRO B 976 -10.73 98.70 17.09
CA PRO B 976 -11.61 97.86 17.90
C PRO B 976 -12.18 98.63 19.08
N ASN B 977 -13.38 98.24 19.48
CA ASN B 977 -14.18 99.03 20.41
C ASN B 977 -13.94 98.62 21.86
N SER B 978 -12.68 98.56 22.30
CA SER B 978 -12.39 97.92 23.59
C SER B 978 -11.33 98.67 24.37
N LEU B 979 -11.48 100.00 24.45
CA LEU B 979 -10.75 100.93 25.31
C LEU B 979 -9.28 101.13 24.91
N LEU B 980 -8.73 100.22 24.12
CA LEU B 980 -7.41 100.41 23.56
C LEU B 980 -7.46 101.51 22.52
N SER B 981 -8.58 101.59 21.80
CA SER B 981 -8.75 102.64 20.82
C SER B 981 -8.93 104.00 21.47
N ILE B 982 -9.66 104.06 22.57
CA ILE B 982 -9.89 105.34 23.24
C ILE B 982 -8.59 105.84 23.83
N MET B 983 -7.86 104.97 24.53
CA MET B 983 -6.57 105.36 25.07
C MET B 983 -5.57 105.68 23.98
N THR B 984 -5.64 105.02 22.82
CA THR B 984 -4.65 105.34 21.82
C THR B 984 -5.03 106.57 21.01
N LEU B 985 -6.29 106.98 21.00
CA LEU B 985 -6.60 108.29 20.41
C LEU B 985 -6.13 109.40 21.32
N ALA B 986 -6.35 109.23 22.63
CA ALA B 986 -5.77 110.18 23.57
C ALA B 986 -4.25 110.13 23.58
N ALA B 987 -3.66 109.01 23.15
CA ALA B 987 -2.23 108.96 22.96
C ALA B 987 -1.82 109.75 21.73
N MET B 988 -2.50 109.53 20.61
CA MET B 988 -2.16 110.16 19.35
C MET B 988 -2.39 111.66 19.36
N HIS B 989 -3.14 112.20 20.31
CA HIS B 989 -3.21 113.65 20.33
C HIS B 989 -2.05 114.33 21.04
N SER B 990 -1.03 113.60 21.46
CA SER B 990 0.16 114.21 22.03
C SER B 990 0.93 115.01 20.99
N LYS B 991 1.54 116.10 21.41
CA LYS B 991 2.04 117.09 20.46
C LYS B 991 3.48 116.81 20.03
N LEU B 992 3.91 117.56 19.02
CA LEU B 992 5.25 117.49 18.46
C LEU B 992 6.09 118.71 18.78
N SER B 993 5.77 119.38 19.87
CA SER B 993 6.55 120.52 20.25
C SER B 993 7.86 120.05 20.88
N PRO B 994 8.93 120.84 20.79
CA PRO B 994 10.17 120.48 21.52
C PRO B 994 9.98 120.41 23.01
N VAL B 995 9.04 121.18 23.57
CA VAL B 995 8.71 121.07 24.98
C VAL B 995 8.05 119.71 25.26
N ALA B 996 7.30 119.18 24.29
CA ALA B 996 6.64 117.90 24.48
C ALA B 996 7.63 116.76 24.37
N ILE B 997 8.57 116.88 23.44
CA ILE B 997 9.67 115.91 23.33
C ILE B 997 10.48 115.88 24.62
N ALA B 998 10.76 117.07 25.17
CA ALA B 998 11.52 117.19 26.40
C ALA B 998 10.84 116.48 27.56
N ILE B 999 9.55 116.74 27.76
CA ILE B 999 8.96 116.14 28.95
C ILE B 999 8.52 114.69 28.72
N GLN B 1000 8.30 114.25 27.48
CA GLN B 1000 8.09 112.82 27.28
C GLN B 1000 9.38 112.04 27.46
N SER B 1001 10.51 112.63 27.09
CA SER B 1001 11.80 112.01 27.40
C SER B 1001 12.05 112.00 28.90
N LYS B 1002 11.56 113.00 29.62
CA LYS B 1002 11.63 112.95 31.08
C LYS B 1002 10.76 111.83 31.63
N SER B 1003 9.56 111.66 31.07
CA SER B 1003 8.62 110.67 31.58
C SER B 1003 8.83 109.27 30.99
N LYS B 1004 9.89 109.08 30.19
CA LYS B 1004 10.20 107.81 29.50
C LYS B 1004 9.04 107.33 28.64
N ILE B 1005 8.52 108.23 27.83
CA ILE B 1005 7.51 107.89 26.84
C ILE B 1005 8.15 108.05 25.49
N HIS B 1006 8.16 106.98 24.72
CA HIS B 1006 8.83 106.95 23.44
C HIS B 1006 8.08 107.80 22.43
N PRO B 1007 8.66 108.87 21.90
CA PRO B 1007 7.98 109.66 20.90
C PRO B 1007 8.07 108.97 19.55
N GLY B 1008 7.45 109.58 18.55
CA GLY B 1008 7.40 108.96 17.24
C GLY B 1008 8.65 109.19 16.40
N PHE B 1009 9.79 108.76 16.92
CA PHE B 1009 11.06 108.93 16.24
C PHE B 1009 11.93 107.73 16.45
N ALA B 1010 12.95 107.64 15.63
CA ALA B 1010 14.12 106.86 15.94
C ALA B 1010 15.29 107.69 15.48
N ALA B 1011 16.48 107.11 15.50
CA ALA B 1011 17.66 107.87 15.14
C ALA B 1011 18.80 106.95 14.80
N THR B 1012 19.68 107.40 13.90
CA THR B 1012 20.92 106.71 13.59
C THR B 1012 22.05 107.54 14.19
N LEU B 1013 22.55 107.10 15.33
CA LEU B 1013 23.70 107.75 15.94
C LEU B 1013 24.98 107.37 15.19
N VAL B 1014 25.69 108.37 14.68
CA VAL B 1014 26.95 108.13 14.00
C VAL B 1014 28.09 108.63 14.86
N ARG B 1015 29.25 107.98 14.73
CA ARG B 1015 30.39 108.24 15.60
C ARG B 1015 31.65 107.79 14.89
N THR B 1016 32.69 108.61 14.96
CA THR B 1016 33.99 108.22 14.44
C THR B 1016 34.95 107.96 15.60
N ASP B 1017 35.94 107.13 15.32
CA ASP B 1017 36.92 106.70 16.31
C ASP B 1017 38.29 106.72 15.65
N ASN B 1018 39.30 107.21 16.36
CA ASN B 1018 40.64 107.24 15.82
C ASN B 1018 41.54 106.24 16.55
N PHE B 1019 42.36 105.53 15.79
CA PHE B 1019 43.14 104.41 16.29
C PHE B 1019 44.63 104.68 16.11
N ASP B 1020 45.44 104.25 17.06
CA ASP B 1020 46.90 104.29 16.88
C ASP B 1020 47.32 103.05 16.11
N VAL B 1021 47.82 103.26 14.90
CA VAL B 1021 48.13 102.16 13.99
C VAL B 1021 49.57 102.31 13.54
N GLU B 1022 50.34 101.25 13.67
CA GLU B 1022 51.60 101.17 12.96
C GLU B 1022 51.34 100.44 11.64
N CYS B 1023 52.04 100.87 10.60
CA CYS B 1023 51.57 100.67 9.24
C CYS B 1023 52.76 100.69 8.30
N LEU B 1024 53.10 99.53 7.74
CA LEU B 1024 54.36 99.42 7.02
C LEU B 1024 54.21 99.77 5.54
N LEU B 1025 55.33 100.13 4.94
CA LEU B 1025 55.42 100.58 3.56
C LEU B 1025 56.37 99.68 2.79
N TYR B 1026 56.05 99.46 1.52
CA TYR B 1026 56.95 98.83 0.57
C TYR B 1026 57.16 99.78 -0.60
N SER B 1027 58.35 99.73 -1.19
CA SER B 1027 58.63 100.52 -2.38
C SER B 1027 59.63 99.77 -3.22
N SER B 1028 59.43 99.78 -4.53
CA SER B 1028 60.42 99.19 -5.41
C SER B 1028 61.67 100.06 -5.43
N ARG B 1029 62.80 99.45 -5.77
CA ARG B 1029 64.08 100.13 -5.67
C ARG B 1029 64.22 101.16 -6.76
N ALA B 1030 64.87 102.27 -6.44
CA ALA B 1030 65.18 103.37 -7.35
C ALA B 1030 63.92 103.90 -8.04
N ALA B 1031 62.82 103.96 -7.28
CA ALA B 1031 61.53 104.32 -7.86
C ALA B 1031 61.41 105.80 -8.12
N THR B 1032 62.16 106.61 -7.41
CA THR B 1032 62.00 108.06 -7.49
C THR B 1032 63.34 108.71 -7.20
N SER B 1033 63.63 109.77 -7.94
CA SER B 1033 64.92 110.41 -7.84
C SER B 1033 64.82 111.77 -7.17
N ILE B 1034 65.86 112.14 -6.43
CA ILE B 1034 65.87 113.40 -5.73
C ILE B 1034 66.99 114.28 -6.24
N ILE B 1035 66.66 115.51 -6.63
CA ILE B 1035 67.70 116.43 -7.08
C ILE B 1035 67.76 117.57 -6.08
N LEU B 1036 68.91 117.80 -5.49
CA LEU B 1036 69.05 118.87 -4.49
C LEU B 1036 70.28 119.76 -4.66
N ASP B 1037 70.08 121.06 -4.52
CA ASP B 1037 71.18 122.03 -4.62
C ASP B 1037 72.00 121.96 -3.34
N ASP B 1038 73.29 122.29 -3.41
CA ASP B 1038 74.11 122.25 -2.20
C ASP B 1038 73.49 123.14 -1.14
N PRO B 1039 73.56 122.70 0.13
CA PRO B 1039 72.93 123.51 1.18
C PRO B 1039 73.51 124.91 1.20
N THR B 1040 72.61 125.87 1.33
CA THR B 1040 72.98 127.28 1.35
C THR B 1040 72.90 127.84 2.76
N VAL B 1041 73.79 128.78 3.03
CA VAL B 1041 74.03 129.30 4.37
C VAL B 1041 73.66 130.76 4.38
N THR B 1042 72.87 131.19 5.35
CA THR B 1042 72.64 132.60 5.58
C THR B 1042 72.73 132.91 7.06
N ALA B 1043 72.95 134.19 7.36
CA ALA B 1043 73.22 134.63 8.72
C ALA B 1043 72.42 135.90 9.00
N GLU B 1044 71.64 135.88 10.06
CA GLU B 1044 70.92 137.05 10.53
C GLU B 1044 71.59 137.53 11.81
N ALA B 1045 72.15 138.73 11.76
CA ALA B 1045 72.94 139.26 12.88
C ALA B 1045 72.07 140.21 13.69
N LYS B 1046 71.32 139.64 14.62
CA LYS B 1046 70.53 140.43 15.54
C LYS B 1046 71.42 140.95 16.66
N ASP B 1047 70.83 141.73 17.57
CA ASP B 1047 71.64 142.46 18.54
C ASP B 1047 72.13 141.57 19.69
N ILE B 1048 71.43 140.49 19.98
CA ILE B 1048 71.81 139.67 21.12
C ILE B 1048 72.18 138.27 20.64
N VAL B 1049 71.66 137.86 19.48
CA VAL B 1049 71.97 136.56 18.91
C VAL B 1049 72.31 136.75 17.44
N THR B 1050 72.97 135.74 16.88
CA THR B 1050 73.15 135.63 15.44
C THR B 1050 72.64 134.26 15.04
N THR B 1051 71.67 134.21 14.15
CA THR B 1051 71.04 132.97 13.76
C THR B 1051 71.54 132.56 12.38
N TYR B 1052 72.16 131.39 12.32
CA TYR B 1052 72.56 130.80 11.06
C TYR B 1052 71.42 129.91 10.59
N ASN B 1053 71.02 130.09 9.34
CA ASN B 1053 69.97 129.29 8.72
C ASN B 1053 70.56 128.56 7.54
N PHE B 1054 70.37 127.25 7.50
CA PHE B 1054 70.80 126.40 6.40
C PHE B 1054 69.55 125.98 5.65
N THR B 1055 69.50 126.30 4.38
CA THR B 1055 68.38 125.85 3.55
C THR B 1055 68.88 124.86 2.51
N GLN B 1056 67.97 124.02 2.04
CA GLN B 1056 68.31 123.05 1.01
C GLN B 1056 67.06 122.72 0.23
N HIS B 1057 67.09 122.94 -1.06
CA HIS B 1057 65.97 122.59 -1.93
C HIS B 1057 66.12 121.16 -2.41
N LEU B 1058 64.99 120.46 -2.44
CA LEU B 1058 64.86 119.13 -3.00
C LEU B 1058 63.87 119.22 -4.15
N SER B 1059 64.01 118.34 -5.13
CA SER B 1059 62.93 118.11 -6.07
C SER B 1059 62.88 116.62 -6.37
N PHE B 1060 61.67 116.07 -6.32
CA PHE B 1060 61.45 114.64 -6.41
C PHE B 1060 60.75 114.37 -7.73
N VAL B 1061 61.36 113.52 -8.55
CA VAL B 1061 60.71 113.01 -9.75
C VAL B 1061 60.36 111.56 -9.49
N ASP B 1062 59.25 111.11 -10.05
CA ASP B 1062 58.71 109.78 -9.75
C ASP B 1062 58.74 108.97 -11.03
N MET B 1063 59.69 108.06 -11.16
CA MET B 1063 60.04 107.55 -12.48
C MET B 1063 59.24 106.31 -12.88
N GLY B 1064 58.39 105.78 -12.01
CA GLY B 1064 57.57 104.66 -12.38
C GLY B 1064 56.25 105.10 -12.98
N LEU B 1065 55.72 104.29 -13.90
CA LEU B 1065 54.40 104.56 -14.42
C LEU B 1065 53.33 104.20 -13.42
N GLY B 1066 53.23 102.93 -13.06
CA GLY B 1066 52.30 102.50 -12.03
C GLY B 1066 52.80 102.89 -10.65
N PHE B 1067 52.05 102.46 -9.65
CA PHE B 1067 52.38 102.82 -8.29
C PHE B 1067 53.53 101.95 -7.81
N SER B 1068 54.70 102.55 -7.74
CA SER B 1068 55.93 101.88 -7.36
C SER B 1068 56.13 101.84 -5.85
N SER B 1069 55.09 102.15 -5.08
CA SER B 1069 55.20 102.19 -3.63
C SER B 1069 53.81 101.98 -3.05
N THR B 1070 53.68 101.04 -2.11
CA THR B 1070 52.41 100.76 -1.49
C THR B 1070 52.55 100.79 0.03
N THR B 1071 51.41 100.75 0.71
CA THR B 1071 51.36 100.91 2.16
C THR B 1071 50.18 100.13 2.69
N ALA B 1072 50.41 99.24 3.64
CA ALA B 1072 49.35 98.41 4.18
C ALA B 1072 49.24 98.58 5.69
N THR B 1073 48.00 98.66 6.18
CA THR B 1073 47.74 98.72 7.61
C THR B 1073 48.13 97.40 8.26
N ALA B 1074 48.90 97.46 9.34
CA ALA B 1074 49.49 96.26 9.93
C ALA B 1074 48.97 95.94 11.32
N ASN B 1075 49.07 96.87 12.27
CA ASN B 1075 48.89 96.52 13.67
C ASN B 1075 48.27 97.70 14.40
N LEU B 1076 47.23 97.44 15.20
CA LEU B 1076 46.79 98.43 16.17
C LEU B 1076 47.81 98.58 17.28
N LYS B 1077 48.06 99.82 17.69
CA LYS B 1077 48.69 100.03 18.99
C LYS B 1077 47.63 100.22 20.06
N ARG B 1078 46.85 101.28 19.94
CA ARG B 1078 45.91 101.70 20.96
C ARG B 1078 44.73 102.34 20.27
N ILE B 1079 43.62 102.43 20.99
CA ILE B 1079 42.49 103.24 20.58
C ILE B 1079 42.56 104.56 21.35
N LYS B 1080 42.71 105.66 20.63
CA LYS B 1080 42.66 106.93 21.33
C LYS B 1080 41.24 107.40 21.58
N SER B 1081 40.26 106.79 20.93
CA SER B 1081 38.88 107.18 21.15
C SER B 1081 38.36 106.58 22.45
N ASP B 1082 37.36 107.26 23.01
CA ASP B 1082 36.64 106.73 24.16
C ASP B 1082 35.76 105.55 23.73
N MET B 1083 35.18 105.66 22.54
CA MET B 1083 33.94 104.97 22.18
C MET B 1083 32.87 105.19 23.25
N GLY B 1084 32.78 106.42 23.73
CA GLY B 1084 31.85 106.80 24.77
C GLY B 1084 30.49 107.15 24.21
N SER B 1085 29.84 108.12 24.84
CA SER B 1085 28.51 108.50 24.37
C SER B 1085 28.21 109.98 24.39
N LYS B 1086 29.19 110.86 24.58
CA LYS B 1086 28.91 112.28 24.69
C LYS B 1086 28.50 112.81 23.33
N ILE B 1087 27.20 113.05 23.17
CA ILE B 1087 26.59 113.37 21.88
C ILE B 1087 26.98 114.77 21.45
N GLN B 1088 26.74 115.10 20.19
CA GLN B 1088 27.03 116.44 19.75
C GLN B 1088 26.00 117.40 20.32
N ASN B 1089 26.49 118.36 21.09
CA ASN B 1089 25.67 119.40 21.71
C ASN B 1089 25.40 120.45 20.65
N LEU B 1090 24.17 120.47 20.12
CA LEU B 1090 23.90 121.42 19.05
C LEU B 1090 23.76 122.85 19.56
N PHE B 1091 23.47 123.05 20.85
CA PHE B 1091 23.43 124.41 21.36
C PHE B 1091 24.81 125.01 21.47
N SER B 1092 25.86 124.19 21.59
CA SER B 1092 27.21 124.69 21.53
C SER B 1092 27.85 124.50 20.17
N ALA B 1093 27.20 123.77 19.26
CA ALA B 1093 27.65 123.74 17.89
C ALA B 1093 27.17 124.97 17.13
N PHE B 1094 25.91 125.37 17.36
CA PHE B 1094 25.31 126.56 16.75
C PHE B 1094 24.96 127.52 17.88
N PRO B 1095 25.88 128.39 18.28
CA PRO B 1095 25.59 129.26 19.42
C PRO B 1095 24.55 130.35 19.14
N ILE B 1096 24.42 130.78 17.89
CA ILE B 1096 23.64 131.97 17.57
C ILE B 1096 22.15 131.70 17.69
N HIS B 1097 21.69 130.54 17.22
CA HIS B 1097 20.26 130.25 17.11
C HIS B 1097 19.57 130.17 18.46
N ALA B 1098 18.33 130.63 18.50
CA ALA B 1098 17.53 130.65 19.71
C ALA B 1098 16.06 130.65 19.32
N PHE B 1099 15.23 130.37 20.32
CA PHE B 1099 13.80 130.44 20.10
C PHE B 1099 13.32 131.89 20.18
N THR B 1100 12.07 132.11 19.80
CA THR B 1100 11.54 133.46 19.77
C THR B 1100 11.28 133.97 21.16
N ASN B 1101 10.55 133.22 21.96
CA ASN B 1101 10.19 133.71 23.28
C ASN B 1101 11.23 133.31 24.31
N THR B 1102 11.61 134.30 25.13
CA THR B 1102 12.68 134.16 26.08
C THR B 1102 12.36 133.12 27.14
N ASP B 1103 11.07 132.99 27.48
CA ASP B 1103 10.64 131.96 28.43
C ASP B 1103 10.86 130.56 27.88
N ILE B 1104 10.54 130.36 26.60
CA ILE B 1104 10.75 129.07 25.97
C ILE B 1104 12.23 128.77 25.86
N ASN B 1105 13.02 129.77 25.45
CA ASN B 1105 14.46 129.59 25.31
C ASN B 1105 15.09 129.23 26.65
N THR B 1106 14.66 129.90 27.72
CA THR B 1106 15.20 129.64 29.04
C THR B 1106 14.84 128.26 29.53
N TRP B 1107 13.60 127.82 29.31
CA TRP B 1107 13.22 126.50 29.77
C TRP B 1107 13.84 125.39 28.92
N ILE B 1108 14.12 125.66 27.65
CA ILE B 1108 14.81 124.65 26.84
C ILE B 1108 16.26 124.51 27.29
N ARG B 1109 16.92 125.62 27.61
CA ARG B 1109 18.27 125.55 28.18
C ARG B 1109 18.27 124.81 29.52
N HIS B 1110 17.24 125.07 30.33
CA HIS B 1110 17.03 124.36 31.59
C HIS B 1110 16.97 122.85 31.40
N HIS B 1111 16.09 122.39 30.51
CA HIS B 1111 15.89 120.95 30.45
C HIS B 1111 16.97 120.22 29.67
N VAL B 1112 17.53 120.81 28.61
CA VAL B 1112 18.64 120.11 27.96
C VAL B 1112 19.94 120.30 28.69
N GLY B 1113 19.97 121.16 29.71
CA GLY B 1113 21.06 121.14 30.66
C GLY B 1113 22.34 121.75 30.14
N ILE B 1114 22.25 122.94 29.56
CA ILE B 1114 23.43 123.68 29.13
C ILE B 1114 23.73 124.71 30.18
N GLU B 1115 24.97 124.73 30.65
CA GLU B 1115 25.39 125.60 31.72
C GLU B 1115 26.29 126.69 31.17
N LYS B 1116 26.01 127.92 31.57
CA LYS B 1116 26.82 129.05 31.17
C LYS B 1116 28.20 128.94 31.82
N PRO B 1117 29.28 129.09 31.04
CA PRO B 1117 30.64 128.93 31.59
C PRO B 1117 31.05 129.92 32.66
N ASN B 1118 30.69 131.18 32.51
CA ASN B 1118 31.07 132.29 33.36
C ASN B 1118 29.79 132.81 34.00
N PRO B 1119 29.79 133.19 35.28
CA PRO B 1119 28.59 133.85 35.83
C PRO B 1119 28.24 135.17 35.15
N SER B 1120 29.21 136.01 34.77
CA SER B 1120 28.91 137.34 34.24
C SER B 1120 29.63 137.59 32.92
N GLU B 1121 28.91 138.22 31.97
CA GLU B 1121 29.47 138.48 30.65
C GLU B 1121 29.07 139.87 30.15
N GLY B 1122 29.86 140.38 29.22
CA GLY B 1122 29.43 141.51 28.42
C GLY B 1122 28.66 141.06 27.18
N GLU B 1123 27.83 141.96 26.66
CA GLU B 1123 27.05 141.66 25.46
C GLU B 1123 28.01 141.76 24.27
N ALA B 1124 28.40 140.60 23.74
CA ALA B 1124 29.46 140.52 22.74
C ALA B 1124 28.92 139.88 21.47
N LEU B 1125 28.86 140.66 20.39
CA LEU B 1125 28.59 140.06 19.08
C LEU B 1125 29.84 139.42 18.51
N ASN B 1126 30.93 140.20 18.43
CA ASN B 1126 32.12 139.78 17.67
C ASN B 1126 32.83 138.62 18.35
N ILE B 1127 32.84 138.59 19.69
CA ILE B 1127 33.43 137.45 20.39
C ILE B 1127 32.67 136.18 20.08
N ILE B 1128 31.34 136.17 20.27
CA ILE B 1128 30.58 134.93 20.11
C ILE B 1128 30.50 134.50 18.65
N THR B 1129 30.70 135.43 17.70
CA THR B 1129 30.86 134.98 16.32
C THR B 1129 32.23 134.36 16.09
N PHE B 1130 33.28 134.92 16.71
CA PHE B 1130 34.63 134.44 16.44
C PHE B 1130 34.94 133.12 17.16
N GLY B 1131 34.53 132.99 18.42
CA GLY B 1131 34.78 131.77 19.16
C GLY B 1131 34.63 132.02 20.65
N GLY B 1132 35.13 131.06 21.42
CA GLY B 1132 35.10 131.23 22.86
C GLY B 1132 36.07 130.36 23.64
N ILE B 1133 36.86 131.00 24.52
CA ILE B 1133 37.67 130.33 25.52
C ILE B 1133 36.81 129.91 26.72
N ASN B 1134 35.51 130.21 26.64
CA ASN B 1134 34.54 130.03 27.72
C ASN B 1134 34.48 128.57 28.19
N LYS B 1135 34.45 127.64 27.26
CA LYS B 1135 34.36 126.22 27.59
C LYS B 1135 35.63 125.72 28.27
N ASN B 1136 35.43 124.96 29.34
CA ASN B 1136 36.47 124.43 30.22
C ASN B 1136 36.66 122.96 29.91
N PRO B 1137 37.89 122.48 29.74
CA PRO B 1137 38.13 121.05 29.62
C PRO B 1137 37.70 120.30 30.86
N PRO B 1138 37.10 119.11 30.67
CA PRO B 1138 36.65 118.31 31.82
C PRO B 1138 37.80 117.89 32.71
N SER B 1139 37.54 117.94 34.02
CA SER B 1139 38.61 117.74 34.99
C SER B 1139 39.07 116.30 35.03
N ILE B 1140 38.19 115.35 34.77
CA ILE B 1140 38.57 113.94 34.75
C ILE B 1140 38.29 113.40 33.35
N LEU B 1141 39.14 112.47 32.92
CA LEU B 1141 39.01 111.82 31.62
C LEU B 1141 39.73 110.48 31.74
N LEU B 1142 39.12 109.43 31.17
CA LEU B 1142 39.71 108.11 31.28
C LEU B 1142 40.00 107.44 29.95
N HIS B 1143 39.46 107.91 28.83
CA HIS B 1143 39.65 107.10 27.62
C HIS B 1143 39.87 107.90 26.35
N GLY B 1144 40.17 109.19 26.45
CA GLY B 1144 40.42 109.91 25.22
C GLY B 1144 39.17 110.47 24.59
N GLN B 1145 39.10 110.41 23.27
CA GLN B 1145 38.19 111.28 22.54
C GLN B 1145 36.84 110.64 22.29
N GLN B 1146 35.82 111.50 22.21
CA GLN B 1146 34.45 111.06 21.89
C GLN B 1146 33.67 112.25 21.34
N ALA B 1147 32.80 111.97 20.37
CA ALA B 1147 31.83 112.90 19.79
C ALA B 1147 30.86 112.09 18.95
N ILE B 1148 29.56 112.36 19.09
CA ILE B 1148 28.52 111.57 18.44
C ILE B 1148 27.53 112.51 17.77
N CYS B 1149 27.41 112.39 16.46
CA CYS B 1149 26.52 113.26 15.70
C CYS B 1149 25.12 112.63 15.70
N GLU B 1150 24.21 113.15 14.89
CA GLU B 1150 22.80 112.86 15.13
C GLU B 1150 21.93 113.03 13.88
N VAL B 1151 21.23 111.97 13.50
CA VAL B 1151 20.22 112.00 12.44
C VAL B 1151 18.91 111.58 13.04
N ILE B 1152 17.83 112.28 12.73
CA ILE B 1152 16.50 111.94 13.22
C ILE B 1152 15.86 110.98 12.22
N LEU B 1153 15.00 110.07 12.69
CA LEU B 1153 14.56 109.01 11.80
C LEU B 1153 13.16 108.51 12.16
N THR B 1154 12.46 108.00 11.13
CA THR B 1154 11.29 107.14 11.23
C THR B 1154 11.45 106.08 12.33
N PRO B 1155 10.38 105.72 13.04
CA PRO B 1155 10.40 104.46 13.79
C PRO B 1155 10.05 103.25 12.94
N VAL B 1156 10.10 103.37 11.62
CA VAL B 1156 9.65 102.30 10.74
C VAL B 1156 10.82 101.61 10.02
N THR B 1157 11.94 102.32 9.81
CA THR B 1157 13.06 101.90 8.99
C THR B 1157 13.60 100.52 9.34
N THR B 1158 13.64 99.65 8.33
CA THR B 1158 13.95 98.24 8.54
C THR B 1158 15.38 98.08 9.01
N ASN B 1159 15.56 97.34 10.10
CA ASN B 1159 16.90 97.02 10.58
C ASN B 1159 17.67 96.21 9.56
N ILE B 1160 17.07 95.12 9.10
CA ILE B 1160 17.81 94.08 8.42
C ILE B 1160 18.20 94.50 7.02
N ASN B 1161 17.49 95.46 6.44
CA ASN B 1161 17.95 96.04 5.19
C ASN B 1161 19.07 97.04 5.42
N PHE B 1162 19.09 97.69 6.58
CA PHE B 1162 19.87 98.92 6.75
C PHE B 1162 20.95 98.82 7.80
N PHE B 1163 20.62 98.42 9.03
CA PHE B 1163 21.56 98.63 10.14
C PHE B 1163 22.56 97.52 10.34
N LYS B 1164 22.32 96.34 9.81
CA LYS B 1164 23.16 95.20 10.14
C LYS B 1164 24.40 95.10 9.27
N LEU B 1165 24.65 96.09 8.42
CA LEU B 1165 25.61 96.02 7.33
C LEU B 1165 26.38 97.33 7.26
N PRO B 1166 27.54 97.34 6.61
CA PRO B 1166 28.16 98.62 6.25
C PRO B 1166 27.28 99.33 5.23
N HIS B 1167 26.82 100.53 5.59
CA HIS B 1167 25.82 101.20 4.79
C HIS B 1167 25.88 102.69 5.11
N ASN B 1168 25.57 103.49 4.10
CA ASN B 1168 25.55 104.94 4.28
C ASN B 1168 24.36 105.33 5.17
N PRO B 1169 24.58 106.09 6.24
CA PRO B 1169 23.44 106.60 7.02
C PRO B 1169 22.73 107.79 6.42
N ARG B 1170 22.97 108.12 5.15
CA ARG B 1170 22.07 109.02 4.43
C ARG B 1170 20.74 108.33 4.15
N GLY B 1171 20.69 107.01 4.25
CA GLY B 1171 19.53 106.23 3.87
C GLY B 1171 19.68 105.73 2.45
N ARG B 1172 19.62 106.64 1.50
CA ARG B 1172 20.07 106.32 0.15
C ARG B 1172 21.58 106.32 0.13
N GLU B 1173 22.17 105.35 -0.55
CA GLU B 1173 23.61 105.21 -0.57
C GLU B 1173 24.21 106.15 -1.60
N SER B 1174 25.38 106.71 -1.29
CA SER B 1174 25.98 107.81 -2.02
C SER B 1174 27.43 107.53 -2.33
N CYS B 1175 27.69 106.40 -2.98
CA CYS B 1175 29.04 106.09 -3.40
C CYS B 1175 29.21 106.48 -4.86
N MET B 1176 30.28 107.21 -5.15
CA MET B 1176 30.53 107.73 -6.49
C MET B 1176 31.18 106.70 -7.40
N MET B 1177 31.39 105.51 -6.88
CA MET B 1177 31.96 104.36 -7.58
C MET B 1177 30.95 103.65 -8.45
N GLY B 1178 29.69 104.10 -8.49
CA GLY B 1178 28.72 103.52 -9.37
C GLY B 1178 28.24 104.49 -10.45
N THR B 1179 28.59 105.75 -10.29
CA THR B 1179 28.10 106.82 -11.13
C THR B 1179 29.02 107.00 -12.33
N ASP B 1180 28.44 107.39 -13.46
CA ASP B 1180 29.16 107.88 -14.62
C ASP B 1180 30.13 108.99 -14.19
N PRO B 1181 31.42 108.84 -14.43
CA PRO B 1181 32.35 109.93 -14.16
C PRO B 1181 32.13 111.09 -15.12
N HIS B 1182 32.41 112.30 -14.64
CA HIS B 1182 32.26 113.56 -15.38
C HIS B 1182 30.82 113.76 -15.86
N ASN B 1183 29.86 113.34 -15.04
CA ASN B 1183 28.43 113.53 -15.35
C ASN B 1183 27.77 114.01 -14.06
N GLU B 1184 27.79 115.34 -13.87
CA GLU B 1184 27.24 115.91 -12.65
C GLU B 1184 25.73 115.84 -12.61
N GLU B 1185 25.08 115.80 -13.78
CA GLU B 1185 23.63 115.72 -13.82
C GLU B 1185 23.13 114.38 -13.35
N ALA B 1186 23.68 113.29 -13.93
CA ALA B 1186 23.34 111.96 -13.46
C ALA B 1186 23.86 111.71 -12.05
N ALA B 1187 24.92 112.43 -11.65
CA ALA B 1187 25.39 112.37 -10.28
C ALA B 1187 24.35 112.89 -9.30
N ARG B 1188 23.85 114.10 -9.54
CA ARG B 1188 22.83 114.66 -8.66
C ARG B 1188 21.53 113.87 -8.73
N LYS B 1189 21.25 113.24 -9.87
CA LYS B 1189 20.14 112.30 -9.93
C LYS B 1189 20.37 111.10 -9.03
N ALA B 1190 21.61 110.64 -8.91
CA ALA B 1190 21.89 109.53 -8.01
C ALA B 1190 21.81 109.96 -6.55
N LEU B 1191 22.18 111.19 -6.25
CA LEU B 1191 22.12 111.65 -4.87
C LEU B 1191 20.74 112.10 -4.44
N TYR B 1192 19.83 112.35 -5.37
CA TYR B 1192 18.54 112.89 -4.95
C TYR B 1192 17.32 112.16 -5.48
N ASP B 1193 17.42 111.62 -6.69
CA ASP B 1193 16.26 111.16 -7.44
C ASP B 1193 15.62 109.96 -6.79
N HIS B 1194 14.29 109.95 -6.73
CA HIS B 1194 13.57 108.78 -6.24
C HIS B 1194 12.46 108.35 -7.19
N THR B 1195 12.39 108.93 -8.38
CA THR B 1195 11.79 108.22 -9.49
C THR B 1195 12.59 106.96 -9.77
N GLN B 1196 13.91 107.08 -9.80
CA GLN B 1196 14.77 105.91 -9.80
C GLN B 1196 14.71 105.22 -8.44
N THR B 1197 15.10 103.96 -8.44
CA THR B 1197 15.30 103.25 -7.19
C THR B 1197 16.77 103.26 -6.82
N ASP B 1198 17.02 103.04 -5.55
CA ASP B 1198 18.36 102.68 -5.11
C ASP B 1198 18.61 101.23 -5.49
N SER B 1199 19.88 100.84 -5.47
CA SER B 1199 20.19 99.43 -5.48
C SER B 1199 19.94 98.85 -4.08
N ASP B 1200 20.15 97.54 -3.97
CA ASP B 1200 20.09 96.71 -2.76
C ASP B 1200 18.70 96.47 -2.21
N THR B 1201 17.66 97.15 -2.71
CA THR B 1201 16.28 96.96 -2.26
C THR B 1201 15.39 97.50 -3.39
N PHE B 1202 14.10 97.19 -3.32
CA PHE B 1202 13.08 98.02 -3.98
C PHE B 1202 12.72 99.22 -3.13
N ALA B 1203 13.70 99.98 -2.69
CA ALA B 1203 13.43 101.15 -1.88
C ALA B 1203 14.49 102.16 -2.24
N ALA B 1204 14.07 103.28 -2.80
CA ALA B 1204 15.02 104.34 -3.09
C ALA B 1204 15.50 105.05 -1.84
N THR B 1205 14.87 104.79 -0.71
CA THR B 1205 15.19 105.52 0.50
C THR B 1205 14.93 104.59 1.67
N THR B 1206 15.75 104.69 2.71
CA THR B 1206 15.26 104.26 4.00
C THR B 1206 14.98 105.41 4.94
N ASN B 1207 15.76 106.50 4.86
CA ASN B 1207 15.61 107.65 5.75
C ASN B 1207 15.23 108.85 4.87
N PRO B 1208 13.94 109.12 4.66
CA PRO B 1208 13.55 110.25 3.81
C PRO B 1208 13.79 111.60 4.45
N TRP B 1209 14.13 111.65 5.73
CA TRP B 1209 14.55 112.90 6.33
C TRP B 1209 16.04 113.09 6.29
N ALA B 1210 16.74 112.21 5.62
CA ALA B 1210 18.15 112.40 5.38
C ALA B 1210 18.53 112.36 3.92
N SER B 1211 17.77 111.66 3.10
CA SER B 1211 18.12 111.57 1.69
C SER B 1211 17.75 112.83 0.92
N LEU B 1212 16.59 113.37 1.20
CA LEU B 1212 15.96 114.35 0.32
C LEU B 1212 16.65 115.72 0.40
N PRO B 1213 16.57 116.52 -0.68
CA PRO B 1213 17.12 117.87 -0.62
C PRO B 1213 16.29 118.74 0.30
N GLY B 1214 16.99 119.49 1.16
CA GLY B 1214 16.28 120.30 2.11
C GLY B 1214 15.61 119.52 3.21
N SER B 1215 16.03 118.30 3.48
CA SER B 1215 15.54 117.57 4.63
C SER B 1215 16.42 117.95 5.82
N LEU B 1216 16.22 117.29 6.96
CA LEU B 1216 16.99 117.68 8.13
C LEU B 1216 18.43 117.16 8.11
N GLY B 1217 18.86 116.49 7.05
CA GLY B 1217 20.27 116.22 6.92
C GLY B 1217 20.89 117.33 6.12
N ASP B 1218 20.21 117.70 5.02
CA ASP B 1218 20.73 118.69 4.10
C ASP B 1218 20.75 120.07 4.73
N ILE B 1219 19.70 120.44 5.46
CA ILE B 1219 19.65 121.79 6.04
C ILE B 1219 20.46 121.89 7.31
N LEU B 1220 21.01 120.79 7.80
CA LEU B 1220 21.68 120.77 9.08
C LEU B 1220 23.16 120.46 9.01
N TYR B 1221 23.59 119.61 8.09
CA TYR B 1221 24.96 119.12 8.07
C TYR B 1221 25.72 119.43 6.79
N ASN B 1222 25.04 119.69 5.69
CA ASN B 1222 25.72 120.11 4.47
C ASN B 1222 26.34 121.49 4.68
N THR B 1223 27.60 121.63 4.28
CA THR B 1223 28.31 122.87 4.60
C THR B 1223 27.82 124.07 3.79
N ALA B 1224 27.10 123.83 2.69
CA ALA B 1224 26.50 124.94 1.94
C ALA B 1224 25.47 125.70 2.77
N HIS B 1225 24.81 125.02 3.69
CA HIS B 1225 23.91 125.66 4.63
C HIS B 1225 24.54 125.93 5.98
N ARG B 1226 25.56 125.15 6.34
CA ARG B 1226 26.30 125.41 7.56
C ARG B 1226 27.01 126.75 7.50
N GLU B 1227 27.53 127.12 6.32
CA GLU B 1227 28.16 128.43 6.20
C GLU B 1227 27.14 129.56 6.17
N GLN B 1228 25.88 129.26 5.84
CA GLN B 1228 24.85 130.28 5.92
C GLN B 1228 24.46 130.53 7.37
N LEU B 1229 24.20 129.46 8.13
CA LEU B 1229 23.75 129.58 9.51
C LEU B 1229 24.94 129.29 10.43
N CYS B 1230 25.49 130.36 11.03
CA CYS B 1230 26.83 130.38 11.60
C CYS B 1230 26.98 129.42 12.78
N TYR B 1231 28.23 129.14 13.13
CA TYR B 1231 28.57 127.96 13.90
C TYR B 1231 29.99 128.09 14.43
N ASN B 1232 30.31 127.27 15.41
CA ASN B 1232 31.68 127.16 15.88
C ASN B 1232 32.47 126.36 14.86
N PRO B 1233 33.49 126.95 14.21
CA PRO B 1233 34.25 126.17 13.23
C PRO B 1233 35.15 125.13 13.87
N LYS B 1234 35.38 125.20 15.18
CA LYS B 1234 36.12 124.16 15.87
C LYS B 1234 35.33 122.87 16.01
N THR B 1235 34.01 122.94 15.90
CA THR B 1235 33.16 121.79 16.20
C THR B 1235 33.26 120.74 15.09
N TYR B 1236 33.77 119.57 15.45
CA TYR B 1236 33.90 118.47 14.50
C TYR B 1236 32.62 117.65 14.48
N SER B 1237 32.07 117.46 13.28
CA SER B 1237 30.88 116.65 13.12
C SER B 1237 31.18 115.53 12.14
N PRO B 1238 31.04 114.26 12.53
CA PRO B 1238 31.39 113.15 11.63
C PRO B 1238 30.39 112.88 10.54
N ASN B 1239 29.34 113.68 10.41
CA ASN B 1239 28.35 113.45 9.39
C ASN B 1239 28.50 114.41 8.20
N ALA B 1240 29.33 115.43 8.37
CA ALA B 1240 29.70 116.30 7.27
C ALA B 1240 30.39 115.53 6.16
N GLN B 1241 31.18 114.52 6.51
CA GLN B 1241 31.87 113.72 5.52
C GLN B 1241 30.91 112.87 4.70
N PHE B 1242 29.68 112.70 5.16
CA PHE B 1242 28.69 111.99 4.36
C PHE B 1242 27.70 112.92 3.68
N PHE B 1243 27.53 114.15 4.18
CA PHE B 1243 26.50 115.00 3.61
C PHE B 1243 27.00 116.18 2.79
N THR B 1244 28.30 116.49 2.80
CA THR B 1244 28.82 117.55 1.94
C THR B 1244 28.81 117.07 0.50
N GLU B 1245 27.85 117.57 -0.27
CA GLU B 1245 27.72 117.07 -1.63
C GLU B 1245 28.62 117.83 -2.60
N SER B 1246 28.96 119.07 -2.27
CA SER B 1246 29.97 119.77 -3.05
C SER B 1246 31.34 119.12 -2.92
N ASP B 1247 31.57 118.39 -1.83
CA ASP B 1247 32.80 117.63 -1.64
C ASP B 1247 32.63 116.16 -2.02
N ILE B 1248 31.57 115.83 -2.76
CA ILE B 1248 31.43 114.49 -3.33
C ILE B 1248 31.18 114.52 -4.83
N LEU B 1249 30.67 115.62 -5.38
CA LEU B 1249 30.65 115.76 -6.82
C LEU B 1249 32.04 116.00 -7.38
N LYS B 1250 32.99 116.42 -6.53
CA LYS B 1250 34.39 116.47 -6.89
C LYS B 1250 35.08 115.12 -6.68
N THR B 1251 34.36 114.13 -6.15
CA THR B 1251 34.80 112.75 -6.14
C THR B 1251 34.25 111.99 -7.35
N ASN B 1252 33.17 112.49 -7.96
CA ASN B 1252 32.73 111.93 -9.25
C ASN B 1252 33.72 112.28 -10.37
N LYS B 1253 34.84 111.57 -10.39
CA LYS B 1253 35.88 111.75 -11.40
C LYS B 1253 36.38 110.37 -11.81
N MET B 1254 37.45 110.35 -12.61
CA MET B 1254 38.06 109.08 -13.01
C MET B 1254 38.69 108.40 -11.81
N MET B 1255 38.78 107.06 -11.89
CA MET B 1255 39.12 106.24 -10.74
C MET B 1255 40.53 106.52 -10.22
N TYR B 1256 41.48 106.71 -11.13
CA TYR B 1256 42.84 107.01 -10.71
C TYR B 1256 42.93 108.40 -10.10
N LYS B 1257 42.14 109.35 -10.60
CA LYS B 1257 42.11 110.67 -9.98
C LYS B 1257 41.50 110.61 -8.59
N VAL B 1258 40.52 109.73 -8.39
CA VAL B 1258 39.93 109.56 -7.07
C VAL B 1258 40.96 109.03 -6.09
N ILE B 1259 41.71 108.01 -6.48
CA ILE B 1259 42.66 107.45 -5.52
C ILE B 1259 43.89 108.33 -5.37
N ASN B 1260 44.26 109.11 -6.39
CA ASN B 1260 45.35 110.06 -6.22
C ASN B 1260 44.94 111.20 -5.29
N GLU B 1261 43.70 111.68 -5.42
CA GLU B 1261 43.20 112.68 -4.51
C GLU B 1261 43.08 112.13 -3.09
N TYR B 1262 42.74 110.85 -2.95
CA TYR B 1262 42.64 110.27 -1.62
C TYR B 1262 44.01 110.13 -0.97
N CYS B 1263 45.00 109.62 -1.70
CA CYS B 1263 46.31 109.47 -1.10
C CYS B 1263 47.04 110.80 -0.96
N MET B 1264 46.59 111.86 -1.65
CA MET B 1264 47.12 113.19 -1.38
C MET B 1264 46.38 113.87 -0.24
N LYS B 1265 45.12 113.48 -0.02
CA LYS B 1265 44.25 114.09 0.98
C LYS B 1265 44.77 113.89 2.41
N SER B 1266 45.60 112.88 2.62
CA SER B 1266 46.13 112.58 3.96
C SER B 1266 47.09 113.66 4.41
N ASN B 1267 46.53 114.79 4.85
CA ASN B 1267 47.33 115.87 5.43
C ASN B 1267 47.40 115.79 6.95
N SER B 1268 46.68 114.83 7.54
CA SER B 1268 46.55 114.57 8.98
C SER B 1268 46.04 115.80 9.71
N CYS B 1269 44.91 116.32 9.23
CA CYS B 1269 44.21 117.42 9.88
C CYS B 1269 43.75 117.06 11.30
N LEU B 1270 43.50 115.77 11.55
CA LEU B 1270 42.82 115.30 12.75
C LEU B 1270 43.62 115.53 14.02
N ASN B 1271 42.97 116.10 15.04
CA ASN B 1271 43.65 116.34 16.30
C ASN B 1271 43.16 115.36 17.36
N SER B 1272 44.06 114.52 17.85
CA SER B 1272 43.71 113.53 18.87
C SER B 1272 44.17 113.89 20.28
N ASP B 1273 45.01 114.91 20.39
CA ASP B 1273 45.51 115.30 21.70
C ASP B 1273 44.42 115.81 22.63
N SER B 1274 43.50 116.61 22.08
CA SER B 1274 42.41 117.16 22.87
C SER B 1274 41.46 116.08 23.38
N GLU B 1275 40.97 116.28 24.59
CA GLU B 1275 40.05 115.33 25.23
C GLU B 1275 38.74 115.19 24.46
N ILE B 1276 38.23 116.30 23.96
CA ILE B 1276 36.98 116.31 23.18
C ILE B 1276 37.40 116.58 21.74
N GLN B 1277 36.77 115.92 20.78
CA GLN B 1277 37.21 116.08 19.41
C GLN B 1277 36.97 117.50 18.89
N TYR B 1278 37.99 118.06 18.27
CA TYR B 1278 37.89 119.33 17.56
C TYR B 1278 38.34 119.07 16.13
N SER B 1279 38.17 120.09 15.29
CA SER B 1279 38.74 120.06 13.95
C SER B 1279 39.50 121.35 13.75
N CYS B 1280 40.73 121.39 14.24
CA CYS B 1280 41.68 122.38 13.77
C CYS B 1280 42.08 122.00 12.35
N SER B 1281 42.53 122.98 11.57
CA SER B 1281 42.57 122.80 10.13
C SER B 1281 43.91 123.20 9.50
N GLU B 1282 45.00 123.10 10.24
CA GLU B 1282 46.26 123.61 9.70
C GLU B 1282 47.12 122.55 9.03
N GLY B 1283 47.05 121.28 9.47
CA GLY B 1283 47.83 120.22 8.87
C GLY B 1283 49.27 120.10 9.34
N THR B 1284 49.46 119.96 10.65
CA THR B 1284 50.78 119.87 11.26
C THR B 1284 51.24 118.42 11.41
N ASP B 1285 50.34 117.55 11.84
CA ASP B 1285 50.58 116.12 12.07
C ASP B 1285 50.94 115.41 10.75
N SER B 1286 51.59 114.25 10.90
CA SER B 1286 52.12 113.48 9.77
C SER B 1286 51.07 112.88 8.83
N PHE B 1287 50.35 111.83 9.25
CA PHE B 1287 49.45 111.15 8.31
C PHE B 1287 48.23 110.58 9.02
N VAL B 1288 47.09 110.62 8.33
CA VAL B 1288 45.83 110.02 8.75
C VAL B 1288 45.31 109.24 7.56
N SER B 1289 44.38 108.31 7.79
CA SER B 1289 43.73 107.66 6.65
C SER B 1289 42.30 107.28 6.99
N ARG B 1290 41.38 107.58 6.07
CA ARG B 1290 39.94 107.61 6.30
C ARG B 1290 39.22 106.72 5.29
N PRO B 1291 39.15 105.41 5.55
CA PRO B 1291 38.45 104.52 4.61
C PRO B 1291 36.95 104.75 4.57
N CYS B 1292 36.35 105.22 5.65
CA CYS B 1292 34.94 105.55 5.61
C CYS B 1292 34.67 106.76 4.73
N GLN B 1293 35.59 107.73 4.74
CA GLN B 1293 35.55 108.83 3.77
C GLN B 1293 35.64 108.31 2.36
N PHE B 1294 36.56 107.36 2.12
CA PHE B 1294 36.78 106.90 0.76
C PHE B 1294 35.60 106.09 0.24
N LEU B 1295 34.99 105.28 1.10
CA LEU B 1295 33.92 104.41 0.66
C LEU B 1295 32.54 105.03 0.82
N GLN B 1296 32.44 106.19 1.47
CA GLN B 1296 31.20 106.94 1.70
C GLN B 1296 30.13 106.12 2.41
N ASN B 1297 30.56 105.21 3.28
CA ASN B 1297 29.64 104.61 4.23
C ASN B 1297 30.39 104.33 5.52
N ALA B 1298 29.63 104.10 6.58
CA ALA B 1298 30.17 103.83 7.90
C ALA B 1298 29.95 102.37 8.24
N LEU B 1299 30.30 102.00 9.47
CA LEU B 1299 30.27 100.60 9.84
C LEU B 1299 29.28 100.36 10.97
N PRO B 1300 28.68 99.18 11.05
CA PRO B 1300 27.85 98.86 12.21
C PRO B 1300 28.68 98.27 13.32
N LEU B 1301 28.32 98.59 14.55
CA LEU B 1301 29.05 98.11 15.72
C LEU B 1301 28.09 97.40 16.66
N HIS B 1302 28.68 96.69 17.62
CA HIS B 1302 27.94 95.76 18.45
C HIS B 1302 27.07 96.47 19.48
N CYS B 1303 25.85 96.81 19.11
CA CYS B 1303 24.90 97.42 20.02
C CYS B 1303 23.70 96.50 20.17
N SER B 1304 22.88 96.77 21.16
CA SER B 1304 21.74 95.91 21.45
C SER B 1304 20.62 96.75 22.04
N SER B 1305 19.45 96.13 22.17
CA SER B 1305 18.30 96.87 22.68
C SER B 1305 18.25 96.86 24.20
N ASN B 1306 18.58 95.74 24.84
CA ASN B 1306 18.67 95.77 26.29
C ASN B 1306 19.75 94.81 26.81
N GLN B 1307 19.88 94.84 28.14
CA GLN B 1307 20.94 94.10 28.81
C GLN B 1307 20.74 92.62 28.69
N ALA B 1308 19.49 92.18 28.53
CA ALA B 1308 19.19 90.77 28.33
C ALA B 1308 19.87 90.23 27.10
N LEU B 1309 19.73 90.92 25.97
CA LEU B 1309 20.41 90.46 24.76
C LEU B 1309 21.91 90.66 24.89
N LEU B 1310 22.33 91.74 25.56
CA LEU B 1310 23.76 92.00 25.69
C LEU B 1310 24.47 90.96 26.55
N GLU B 1311 23.78 90.38 27.53
CA GLU B 1311 24.40 89.36 28.37
C GLU B 1311 24.67 88.08 27.59
N SER B 1312 23.70 87.65 26.77
CA SER B 1312 23.93 86.44 25.97
C SER B 1312 24.97 86.67 24.89
N ARG B 1313 25.05 87.89 24.37
CA ARG B 1313 26.15 88.22 23.49
C ARG B 1313 27.50 88.13 24.20
N SER B 1314 27.55 88.60 25.45
CA SER B 1314 28.79 88.51 26.21
C SER B 1314 29.13 87.08 26.60
N LYS B 1315 28.12 86.22 26.74
CA LYS B 1315 28.39 84.82 27.05
C LYS B 1315 28.96 84.10 25.84
N THR B 1316 28.20 84.07 24.75
CA THR B 1316 28.64 83.27 23.61
C THR B 1316 29.75 83.93 22.80
N GLY B 1317 30.02 85.22 23.02
CA GLY B 1317 31.03 85.92 22.24
C GLY B 1317 30.66 86.19 20.80
N ASN B 1318 29.43 85.86 20.39
CA ASN B 1318 29.02 85.93 19.00
C ASN B 1318 28.65 87.38 18.70
N THR B 1319 29.66 88.19 18.43
CA THR B 1319 29.45 89.57 18.08
C THR B 1319 29.31 89.78 16.58
N GLN B 1320 29.55 88.75 15.78
CA GLN B 1320 29.39 88.89 14.34
C GLN B 1320 27.94 88.71 13.93
N ILE B 1321 27.29 87.68 14.45
CA ILE B 1321 25.95 87.33 14.01
C ILE B 1321 24.94 88.24 14.69
N SER B 1322 24.13 88.89 13.89
CA SER B 1322 23.08 89.78 14.34
C SER B 1322 21.81 88.99 14.58
N GLU B 1323 21.12 89.31 15.68
CA GLU B 1323 20.03 88.50 16.21
C GLU B 1323 18.93 89.41 16.74
N THR B 1324 17.68 88.98 16.62
CA THR B 1324 16.54 89.81 17.02
C THR B 1324 15.57 89.02 17.89
N HIS B 1325 15.08 89.67 18.94
CA HIS B 1325 13.97 89.20 19.76
C HIS B 1325 12.69 89.84 19.18
N TYR B 1326 11.58 89.84 19.94
CA TYR B 1326 10.25 90.29 19.50
C TYR B 1326 10.22 91.70 18.95
N CYS B 1327 10.49 92.67 19.81
CA CYS B 1327 10.71 94.02 19.37
C CYS B 1327 12.12 94.49 19.68
N ASN B 1328 12.87 93.72 20.46
CA ASN B 1328 14.24 94.06 20.77
C ASN B 1328 15.17 93.46 19.73
N TYR B 1329 16.16 94.23 19.33
CA TYR B 1329 17.09 93.85 18.28
C TYR B 1329 18.49 93.99 18.83
N ALA B 1330 19.42 93.23 18.26
CA ALA B 1330 20.83 93.40 18.57
C ALA B 1330 21.65 93.27 17.30
N ILE B 1331 22.51 94.24 17.04
CA ILE B 1331 23.19 94.39 15.78
C ILE B 1331 24.60 93.83 15.89
N GLY B 1332 24.96 92.95 14.96
CA GLY B 1332 26.28 92.35 14.98
C GLY B 1332 27.36 93.32 14.53
N GLU B 1333 28.53 93.17 15.13
CA GLU B 1333 29.67 94.00 14.81
C GLU B 1333 30.35 93.47 13.54
N THR B 1334 30.91 94.37 12.75
CA THR B 1334 31.52 93.98 11.49
C THR B 1334 33.03 93.83 11.56
N ILE B 1335 33.69 94.37 12.57
CA ILE B 1335 35.12 94.19 12.78
C ILE B 1335 35.33 93.85 14.25
N PRO B 1336 35.81 92.67 14.59
CA PRO B 1336 35.93 92.27 16.01
C PRO B 1336 37.15 92.89 16.70
N LEU B 1337 37.08 94.22 16.87
CA LEU B 1337 38.24 94.99 17.32
C LEU B 1337 38.61 94.66 18.76
N GLN B 1338 37.65 94.19 19.55
CA GLN B 1338 37.98 93.74 20.90
C GLN B 1338 38.86 92.50 20.85
N LEU B 1339 38.55 91.56 19.96
CA LEU B 1339 39.42 90.42 19.74
C LEU B 1339 40.76 90.83 19.15
N ILE B 1340 40.79 91.89 18.34
CA ILE B 1340 42.04 92.38 17.77
C ILE B 1340 42.96 92.89 18.89
N ILE B 1341 42.40 93.69 19.80
CA ILE B 1341 43.18 94.20 20.92
C ILE B 1341 43.59 93.05 21.87
N GLU B 1342 42.72 92.05 22.06
CA GLU B 1342 43.10 90.93 22.91
C GLU B 1342 44.18 90.07 22.27
N SER B 1343 44.26 90.07 20.94
CA SER B 1343 45.35 89.38 20.28
C SER B 1343 46.64 90.17 20.28
N SER B 1344 46.57 91.51 20.40
CA SER B 1344 47.80 92.25 20.70
C SER B 1344 47.73 93.08 21.98
N GLU C 2 73.94 56.48 96.14
CA GLU C 2 74.87 56.76 95.05
C GLU C 2 76.24 56.18 95.38
N ASN C 3 76.94 55.70 94.35
CA ASN C 3 78.32 55.21 94.37
C ASN C 3 78.49 53.98 95.26
N TRP C 4 77.42 53.29 95.63
CA TRP C 4 77.61 52.16 96.53
C TRP C 4 78.18 50.96 95.78
N GLN C 5 77.80 50.76 94.53
CA GLN C 5 78.47 49.73 93.75
C GLN C 5 79.88 50.12 93.38
N ALA C 6 80.17 51.42 93.31
CA ALA C 6 81.54 51.87 93.16
C ALA C 6 82.37 51.50 94.38
N THR C 7 81.78 51.61 95.57
CA THR C 7 82.46 51.16 96.78
C THR C 7 82.67 49.65 96.77
N GLU C 8 81.63 48.90 96.41
CA GLU C 8 81.70 47.46 96.54
C GLU C 8 82.51 46.81 95.44
N ILE C 9 82.85 47.54 94.36
CA ILE C 9 83.60 46.97 93.24
C ILE C 9 85.03 47.52 93.19
N LEU C 10 85.18 48.84 93.27
CA LEU C 10 86.46 49.49 93.02
C LEU C 10 87.48 49.15 94.10
N PRO C 11 88.78 49.12 93.76
CA PRO C 11 89.79 48.70 94.74
C PRO C 11 89.98 49.72 95.84
N LYS C 12 90.25 49.20 97.03
CA LYS C 12 90.09 49.95 98.27
C LYS C 12 91.43 50.08 98.98
N ILE C 13 91.41 50.80 100.10
CA ILE C 13 92.60 51.05 100.91
C ILE C 13 92.32 50.53 102.31
N GLU C 14 93.13 49.60 102.78
CA GLU C 14 92.94 49.03 104.10
C GLU C 14 93.25 50.08 105.17
N ALA C 15 92.66 49.88 106.33
CA ALA C 15 92.59 50.89 107.38
C ALA C 15 92.87 50.23 108.72
N PRO C 16 93.13 51.02 109.77
CA PRO C 16 93.37 50.40 111.09
C PRO C 16 92.14 49.76 111.73
N LEU C 17 92.39 48.57 112.30
CA LEU C 17 91.35 47.83 113.03
C LEU C 17 90.96 48.55 114.31
N ASN C 18 91.84 49.39 114.87
CA ASN C 18 91.45 50.22 116.00
C ASN C 18 90.39 51.23 115.60
N ILE C 19 90.46 51.74 114.36
CA ILE C 19 89.42 52.63 113.86
C ILE C 19 88.13 51.87 113.66
N PHE C 20 88.17 50.76 112.95
CA PHE C 20 86.93 49.99 112.77
C PHE C 20 86.61 49.22 114.04
N ASN C 21 85.92 49.86 114.99
CA ASN C 21 85.77 49.24 116.30
C ASN C 21 84.32 48.99 116.69
N ASP C 22 83.48 50.01 116.69
CA ASP C 22 82.16 49.92 117.31
C ASP C 22 81.03 49.98 116.30
N ILE C 23 81.31 49.67 115.04
CA ILE C 23 80.50 49.86 113.83
C ILE C 23 79.04 49.48 113.99
N LYS C 24 78.79 48.37 114.70
CA LYS C 24 77.44 47.86 114.92
C LYS C 24 76.55 48.89 115.59
N THR C 25 76.95 49.39 116.76
CA THR C 25 76.10 50.30 117.49
C THR C 25 76.02 51.66 116.83
N TYR C 26 77.08 52.07 116.13
CA TYR C 26 77.06 53.33 115.38
C TYR C 26 76.02 53.27 114.27
N THR C 27 76.03 52.18 113.49
CA THR C 27 75.08 52.02 112.41
C THR C 27 73.68 51.85 112.93
N ALA C 28 73.52 51.19 114.08
CA ALA C 28 72.20 51.02 114.66
C ALA C 28 71.62 52.34 115.16
N GLU C 29 72.40 53.12 115.89
CA GLU C 29 71.91 54.37 116.45
C GLU C 29 72.12 55.57 115.52
N GLN C 30 72.47 55.33 114.25
CA GLN C 30 72.43 56.30 113.17
C GLN C 30 73.38 57.48 113.41
N LEU C 31 74.66 57.16 113.57
CA LEU C 31 75.65 58.22 113.67
C LEU C 31 75.99 58.77 112.30
N PHE C 32 75.84 57.97 111.26
CA PHE C 32 76.17 58.40 109.91
C PHE C 32 74.89 58.84 109.22
N ASP C 33 75.05 59.46 108.06
CA ASP C 33 73.93 59.98 107.29
C ASP C 33 73.70 59.20 106.01
N ASN C 34 74.75 58.75 105.36
CA ASN C 34 74.65 57.94 104.16
C ASN C 34 75.25 56.58 104.45
N LEU C 35 74.38 55.60 104.70
CA LEU C 35 74.82 54.24 104.90
C LEU C 35 73.86 53.28 104.22
N ARG C 36 74.42 52.21 103.68
CA ARG C 36 73.64 51.13 103.09
C ARG C 36 74.16 49.82 103.65
N ILE C 37 73.32 49.11 104.39
CA ILE C 37 73.70 47.82 104.96
C ILE C 37 72.78 46.75 104.42
N TYR C 38 73.36 45.61 104.11
CA TYR C 38 72.67 44.48 103.54
C TYR C 38 73.08 43.25 104.32
N PHE C 39 72.11 42.49 104.79
CA PHE C 39 72.43 41.40 105.71
C PHE C 39 72.78 40.14 104.95
N GLY C 40 71.94 39.75 104.01
CA GLY C 40 72.29 38.65 103.14
C GLY C 40 73.31 39.04 102.10
N ASP C 41 73.80 38.05 101.39
CA ASP C 41 74.71 38.32 100.28
C ASP C 41 73.91 38.83 99.10
N ASP C 42 74.11 40.10 98.76
CA ASP C 42 73.18 40.85 97.94
C ASP C 42 73.71 40.97 96.52
N PRO C 43 72.96 40.51 95.52
CA PRO C 43 73.38 40.70 94.12
C PRO C 43 73.11 42.08 93.55
N SER C 44 72.90 43.10 94.38
CA SER C 44 72.65 44.44 93.87
C SER C 44 73.90 45.15 93.37
N ARG C 45 75.06 44.50 93.40
CA ARG C 45 76.29 45.08 92.89
C ARG C 45 76.73 44.48 91.58
N TYR C 46 75.90 43.67 90.94
CA TYR C 46 76.25 43.11 89.65
C TYR C 46 75.43 43.68 88.51
N ASN C 47 74.34 44.38 88.80
CA ASN C 47 73.50 44.92 87.73
C ASN C 47 74.01 46.31 87.34
N ILE C 48 75.07 46.30 86.54
CA ILE C 48 75.70 47.53 86.07
C ILE C 48 74.89 48.10 84.92
N SER C 49 74.49 49.37 85.05
CA SER C 49 73.70 50.05 84.03
C SER C 49 74.29 51.43 83.79
N PHE C 50 74.16 51.94 82.57
CA PHE C 50 74.82 53.20 82.29
C PHE C 50 74.18 53.97 81.14
N GLU C 51 74.49 55.27 81.14
CA GLU C 51 74.05 56.17 80.09
C GLU C 51 75.32 56.57 79.33
N ALA C 52 75.31 56.35 78.02
CA ALA C 52 76.46 56.64 77.18
C ALA C 52 76.10 57.62 76.06
N LEU C 53 76.97 58.59 75.82
CA LEU C 53 76.76 59.60 74.79
C LEU C 53 77.65 59.27 73.60
N LEU C 54 77.05 59.25 72.41
CA LEU C 54 77.79 58.91 71.20
C LEU C 54 78.21 60.16 70.43
N GLY C 55 79.50 60.24 70.14
CA GLY C 55 80.07 61.36 69.41
C GLY C 55 79.27 62.67 69.35
N ILE C 56 79.95 63.79 69.59
CA ILE C 56 79.35 65.11 69.61
C ILE C 56 79.62 65.76 68.26
N TYR C 57 78.57 66.20 67.57
CA TYR C 57 78.71 66.77 66.24
C TYR C 57 78.34 68.24 66.27
N CYS C 58 79.20 69.08 65.70
CA CYS C 58 79.01 70.53 65.71
C CYS C 58 78.70 71.01 64.31
N ASN C 59 77.98 72.12 64.22
CA ASN C 59 77.68 72.73 62.94
C ASN C 59 78.88 73.51 62.42
N LYS C 60 78.99 73.58 61.10
CA LYS C 60 79.99 74.39 60.44
C LYS C 60 79.29 75.47 59.63
N ILE C 61 79.61 76.72 59.93
CA ILE C 61 79.04 77.83 59.17
C ILE C 61 79.72 77.89 57.81
N GLU C 62 78.92 77.93 56.75
CA GLU C 62 79.51 78.12 55.43
C GLU C 62 79.75 79.61 55.20
N TRP C 63 80.80 79.91 54.45
CA TRP C 63 81.29 81.27 54.37
C TRP C 63 80.89 81.94 53.08
N ILE C 64 80.67 83.25 53.14
CA ILE C 64 80.17 84.02 52.02
C ILE C 64 81.16 85.12 51.68
N ASN C 65 81.59 85.18 50.43
CA ASN C 65 82.25 86.34 49.87
C ASN C 65 81.24 87.09 49.03
N PHE C 66 81.30 88.42 49.05
CA PHE C 66 80.39 89.22 48.25
C PHE C 66 80.63 89.00 46.78
N PHE C 67 81.89 88.94 46.36
CA PHE C 67 82.21 88.87 44.94
C PHE C 67 81.88 87.50 44.37
N THR C 68 81.77 86.48 45.22
CA THR C 68 81.38 85.17 44.75
C THR C 68 79.91 85.12 44.33
N THR C 69 79.03 85.71 45.13
CA THR C 69 77.59 85.65 44.88
C THR C 69 77.23 86.41 43.62
N PRO C 70 76.19 85.98 42.90
CA PRO C 70 75.86 86.63 41.63
C PRO C 70 75.11 87.95 41.75
N ILE C 71 75.08 88.55 42.92
CA ILE C 71 74.58 89.92 43.02
C ILE C 71 75.70 90.90 42.70
N ALA C 72 76.95 90.47 42.78
CA ALA C 72 78.06 91.37 42.51
C ALA C 72 78.22 91.71 41.05
N VAL C 73 77.49 91.03 40.15
CA VAL C 73 77.44 91.49 38.77
C VAL C 73 76.48 92.66 38.62
N ALA C 74 75.47 92.76 39.47
CA ALA C 74 74.71 94.00 39.54
C ALA C 74 75.46 95.07 40.31
N ALA C 75 76.42 94.67 41.12
CA ALA C 75 77.12 95.62 41.96
C ALA C 75 78.35 96.23 41.28
N ASN C 76 78.92 97.24 41.93
CA ASN C 76 80.24 97.76 41.58
C ASN C 76 80.81 98.40 42.85
N VAL C 77 81.85 97.81 43.42
CA VAL C 77 82.17 97.98 44.83
C VAL C 77 83.48 98.73 45.00
N ILE C 78 83.40 99.87 45.71
CA ILE C 78 84.47 100.86 45.77
C ILE C 78 84.62 101.32 47.22
N ARG C 79 85.83 101.16 47.76
CA ARG C 79 86.14 101.73 49.07
C ARG C 79 86.40 103.22 48.96
N PHE C 80 85.93 103.94 49.96
CA PHE C 80 86.19 105.38 50.08
C PHE C 80 86.09 105.70 51.55
N ASN C 81 87.24 105.89 52.21
CA ASN C 81 87.32 105.94 53.67
C ASN C 81 86.70 107.20 54.27
N ASP C 82 86.13 108.09 53.47
CA ASP C 82 85.50 109.30 53.96
C ASP C 82 84.05 109.42 53.53
N VAL C 83 83.40 108.29 53.20
CA VAL C 83 82.00 108.35 52.81
C VAL C 83 81.12 108.59 54.04
N SER C 84 81.65 108.35 55.23
CA SER C 84 80.98 108.80 56.44
C SER C 84 80.92 110.32 56.50
N ARG C 85 81.92 110.99 55.94
CA ARG C 85 81.90 112.44 55.86
C ARG C 85 81.27 112.96 54.59
N MET C 86 80.99 112.09 53.62
CA MET C 86 80.29 112.54 52.43
C MET C 86 78.85 112.87 52.77
N THR C 87 78.44 114.11 52.52
CA THR C 87 77.03 114.41 52.66
C THR C 87 76.25 113.95 51.44
N LEU C 88 76.61 114.45 50.26
CA LEU C 88 75.77 114.13 49.10
C LEU C 88 76.59 113.88 47.83
N GLY C 89 76.78 112.61 47.49
CA GLY C 89 77.38 112.28 46.21
C GLY C 89 76.35 112.38 45.11
N LYS C 90 76.76 112.96 43.98
CA LYS C 90 75.85 113.01 42.85
C LYS C 90 76.62 113.00 41.54
N VAL C 91 76.01 112.42 40.51
CA VAL C 91 76.56 112.42 39.16
C VAL C 91 75.69 113.32 38.30
N LEU C 92 76.29 113.86 37.24
CA LEU C 92 75.60 114.77 36.33
C LEU C 92 75.71 114.25 34.90
N PHE C 93 74.59 114.29 34.19
CA PHE C 93 74.51 113.88 32.81
C PHE C 93 74.15 115.08 31.94
N PHE C 94 74.84 115.20 30.82
CA PHE C 94 74.69 116.30 29.88
C PHE C 94 74.23 115.71 28.56
N ILE C 95 72.92 115.75 28.31
CA ILE C 95 72.33 115.15 27.13
C ILE C 95 72.06 116.25 26.12
N GLN C 96 72.25 115.97 24.84
CA GLN C 96 71.84 116.87 23.77
C GLN C 96 70.84 116.18 22.86
N LEU C 97 69.95 116.96 22.26
CA LEU C 97 69.01 116.31 21.38
C LEU C 97 69.24 116.72 19.95
N PRO C 98 69.32 115.77 19.03
CA PRO C 98 69.39 116.11 17.62
C PRO C 98 68.04 116.45 17.03
N ARG C 99 68.05 117.38 16.09
CA ARG C 99 66.85 117.90 15.46
C ARG C 99 66.66 117.27 14.09
N VAL C 100 65.57 117.68 13.44
CA VAL C 100 65.28 117.26 12.08
C VAL C 100 64.76 118.48 11.33
N ALA C 101 65.14 118.61 10.06
CA ALA C 101 64.72 119.77 9.28
C ALA C 101 63.24 119.67 8.94
N THR C 102 62.59 120.81 8.92
CA THR C 102 61.15 120.86 8.77
C THR C 102 60.77 121.28 7.36
N GLY C 103 59.57 120.92 6.99
CA GLY C 103 59.04 121.25 5.69
C GLY C 103 58.51 122.66 5.61
N ASN C 104 57.81 122.92 4.51
CA ASN C 104 57.17 124.19 4.28
C ASN C 104 56.13 124.46 5.37
N ASP C 105 56.07 125.73 5.80
CA ASP C 105 55.02 126.28 6.67
C ASP C 105 55.00 125.62 8.05
N VAL C 106 56.14 125.07 8.48
CA VAL C 106 56.30 124.51 9.82
C VAL C 106 57.60 125.08 10.38
N THR C 107 57.58 125.43 11.66
CA THR C 107 58.68 126.15 12.28
C THR C 107 59.66 125.15 12.90
N ALA C 108 60.94 125.29 12.57
CA ALA C 108 61.95 124.37 13.06
C ALA C 108 62.19 124.61 14.54
N PRO C 109 62.27 123.54 15.34
CA PRO C 109 62.51 123.71 16.77
C PRO C 109 63.94 124.17 17.01
N LYS C 110 64.19 124.59 18.24
CA LYS C 110 65.52 125.06 18.56
C LYS C 110 66.36 123.91 19.10
N GLU C 111 67.63 124.20 19.34
CA GLU C 111 68.53 123.21 19.92
C GLU C 111 68.11 122.92 21.35
N THR C 112 68.14 121.65 21.74
CA THR C 112 67.66 121.24 23.04
C THR C 112 68.80 120.60 23.82
N THR C 113 68.98 121.06 25.06
CA THR C 113 70.07 120.67 25.93
C THR C 113 69.48 120.31 27.29
N ILE C 114 69.79 119.12 27.80
CA ILE C 114 69.23 118.63 29.04
C ILE C 114 70.38 118.36 29.99
N MET C 115 70.22 118.75 31.26
CA MET C 115 71.20 118.46 32.29
C MET C 115 70.46 117.83 33.45
N VAL C 116 70.82 116.59 33.79
CA VAL C 116 70.19 115.93 34.93
C VAL C 116 71.26 115.53 35.92
N ALA C 117 70.82 115.15 37.13
CA ALA C 117 71.73 114.78 38.19
C ALA C 117 71.12 113.66 39.01
N LYS C 118 71.82 112.53 39.06
CA LYS C 118 71.40 111.43 39.93
C LYS C 118 72.08 111.59 41.28
N HIS C 119 71.30 111.41 42.34
CA HIS C 119 71.82 111.57 43.69
C HIS C 119 72.19 110.21 44.29
N SER C 120 72.87 110.27 45.42
CA SER C 120 73.31 109.09 46.15
C SER C 120 72.46 108.89 47.38
N GLU C 121 72.06 107.66 47.63
CA GLU C 121 71.47 107.30 48.90
C GLU C 121 72.59 106.78 49.79
N LYS C 122 72.47 106.96 51.10
CA LYS C 122 73.46 106.39 52.00
C LYS C 122 72.78 105.63 53.11
N HIS C 123 73.40 104.52 53.50
CA HIS C 123 72.75 103.46 54.25
C HIS C 123 73.76 102.78 55.17
N PRO C 124 73.55 102.80 56.48
CA PRO C 124 74.48 102.12 57.38
C PRO C 124 74.04 100.70 57.71
N ILE C 125 75.01 99.88 58.11
CA ILE C 125 74.73 98.56 58.67
C ILE C 125 75.61 98.36 59.89
N ASN C 126 75.21 97.42 60.76
CA ASN C 126 75.98 97.14 61.96
C ASN C 126 75.68 95.74 62.50
N ILE C 127 76.59 95.28 63.36
CA ILE C 127 76.50 93.99 64.04
C ILE C 127 77.14 94.11 65.41
N SER C 128 76.41 93.70 66.43
CA SER C 128 76.98 93.59 67.77
C SER C 128 77.24 92.14 68.12
N PHE C 129 78.25 91.91 68.94
CA PHE C 129 78.40 90.64 69.62
C PHE C 129 78.99 90.89 70.99
N ASP C 130 78.59 90.10 71.96
CA ASP C 130 78.93 90.35 73.34
C ASP C 130 79.78 89.23 73.92
N LEU C 131 80.53 89.58 74.96
CA LEU C 131 81.32 88.62 75.71
C LEU C 131 81.02 88.80 77.19
N SER C 132 80.87 87.69 77.90
CA SER C 132 80.58 87.77 79.32
C SER C 132 81.84 88.16 80.08
N ALA C 133 81.66 88.51 81.35
CA ALA C 133 82.83 88.85 82.17
C ALA C 133 83.69 87.63 82.45
N ALA C 134 83.07 86.46 82.61
CA ALA C 134 83.83 85.25 82.85
C ALA C 134 84.64 84.85 81.63
N CYS C 135 84.03 84.95 80.44
CA CYS C 135 84.74 84.72 79.19
C CYS C 135 85.86 85.73 79.00
N LEU C 136 85.62 86.98 79.39
CA LEU C 136 86.64 88.01 79.23
C LEU C 136 87.81 87.80 80.19
N GLU C 137 87.54 87.25 81.37
CA GLU C 137 88.62 86.93 82.30
C GLU C 137 89.45 85.76 81.80
N HIS C 138 88.78 84.63 81.50
CA HIS C 138 89.50 83.44 81.05
C HIS C 138 90.11 83.62 79.67
N LEU C 139 89.70 84.64 78.92
CA LEU C 139 90.36 84.97 77.65
C LEU C 139 91.79 85.40 77.89
N GLU C 140 92.04 86.14 78.95
CA GLU C 140 93.32 86.82 79.06
C GLU C 140 94.20 86.32 80.18
N ASN C 141 93.67 85.88 81.32
CA ASN C 141 94.58 85.42 82.35
C ASN C 141 94.26 83.99 82.79
N THR C 142 95.33 83.24 83.04
CA THR C 142 95.25 81.97 83.73
C THR C 142 95.71 82.18 85.17
N PHE C 143 94.85 81.84 86.12
CA PHE C 143 95.11 82.18 87.52
C PHE C 143 96.17 81.28 88.11
N LYS C 144 95.92 79.98 88.08
CA LYS C 144 96.91 78.97 88.41
C LYS C 144 97.05 78.05 87.22
N ASN C 145 97.94 77.08 87.34
CA ASN C 145 98.15 76.12 86.26
C ASN C 145 97.32 74.86 86.52
N THR C 146 96.02 75.07 86.72
CA THR C 146 95.11 73.96 86.92
C THR C 146 94.44 73.62 85.60
N VAL C 147 94.19 72.32 85.42
CA VAL C 147 93.76 71.79 84.13
C VAL C 147 92.40 72.35 83.75
N ILE C 148 91.52 72.53 84.74
CA ILE C 148 90.20 73.10 84.48
C ILE C 148 90.32 74.56 84.03
N ASP C 149 91.25 75.32 84.62
CA ASP C 149 91.48 76.68 84.19
C ASP C 149 92.05 76.73 82.78
N GLN C 150 92.88 75.75 82.40
CA GLN C 150 93.38 75.71 81.03
C GLN C 150 92.27 75.38 80.04
N ILE C 151 91.37 74.47 80.42
CA ILE C 151 90.20 74.15 79.61
C ILE C 151 89.36 75.39 79.37
N LEU C 152 89.13 76.16 80.43
CA LEU C 152 88.31 77.36 80.29
C LEU C 152 89.02 78.45 79.49
N ASN C 153 90.35 78.53 79.60
CA ASN C 153 91.14 79.45 78.79
C ASN C 153 90.96 79.15 77.31
N ILE C 154 91.03 77.87 76.95
CA ILE C 154 90.99 77.53 75.53
C ILE C 154 89.59 77.66 74.98
N ASN C 155 88.56 77.35 75.78
CA ASN C 155 87.20 77.59 75.33
C ASN C 155 86.87 79.06 75.21
N ALA C 156 87.43 79.92 76.07
CA ALA C 156 87.21 81.34 75.93
C ALA C 156 87.89 81.90 74.70
N LEU C 157 89.09 81.40 74.41
CA LEU C 157 89.83 81.88 73.23
C LEU C 157 89.14 81.46 71.94
N HIS C 158 88.67 80.22 71.86
CA HIS C 158 87.93 79.80 70.68
C HIS C 158 86.60 80.50 70.56
N THR C 159 85.96 80.83 71.69
CA THR C 159 84.73 81.60 71.67
C THR C 159 84.95 82.96 71.03
N VAL C 160 86.04 83.63 71.41
CA VAL C 160 86.32 84.96 70.86
C VAL C 160 86.62 84.89 69.37
N LEU C 161 87.46 83.94 68.95
CA LEU C 161 87.79 83.83 67.52
C LEU C 161 86.57 83.46 66.69
N ARG C 162 85.74 82.57 67.20
CA ARG C 162 84.56 82.14 66.46
C ARG C 162 83.53 83.26 66.37
N SER C 163 83.40 84.06 67.44
CA SER C 163 82.47 85.18 67.39
C SER C 163 82.95 86.27 66.43
N LEU C 164 84.27 86.50 66.36
CA LEU C 164 84.80 87.46 65.40
C LEU C 164 84.52 87.04 63.96
N LYS C 165 84.74 85.76 63.66
CA LYS C 165 84.49 85.27 62.31
C LYS C 165 83.00 85.31 61.97
N ASN C 166 82.15 85.00 62.95
CA ASN C 166 80.70 85.09 62.76
C ASN C 166 80.28 86.52 62.48
N SER C 167 80.92 87.49 63.14
CA SER C 167 80.58 88.90 62.92
C SER C 167 81.01 89.36 61.53
N ALA C 168 82.18 88.90 61.06
CA ALA C 168 82.61 89.28 59.71
C ALA C 168 81.71 88.68 58.64
N ASP C 169 81.29 87.42 58.83
CA ASP C 169 80.34 86.81 57.91
C ASP C 169 79.00 87.55 57.95
N SER C 170 78.60 88.03 59.13
CA SER C 170 77.35 88.77 59.22
C SER C 170 77.44 90.12 58.54
N LEU C 171 78.62 90.73 58.51
CA LEU C 171 78.76 91.96 57.72
C LEU C 171 78.71 91.68 56.22
N GLU C 172 79.27 90.55 55.79
CA GLU C 172 79.14 90.18 54.37
C GLU C 172 77.69 89.96 53.98
N ARG C 173 76.95 89.25 54.81
CA ARG C 173 75.55 89.00 54.51
C ARG C 173 74.72 90.26 54.65
N GLY C 174 75.11 91.17 55.53
CA GLY C 174 74.41 92.43 55.64
C GLY C 174 74.61 93.31 54.43
N LEU C 175 75.81 93.25 53.83
CA LEU C 175 76.04 93.96 52.58
C LEU C 175 75.15 93.41 51.46
N ILE C 176 75.05 92.07 51.39
CA ILE C 176 74.13 91.41 50.45
C ILE C 176 72.70 91.90 50.65
N HIS C 177 72.26 91.91 51.91
CA HIS C 177 70.87 92.23 52.22
C HIS C 177 70.55 93.68 51.96
N ALA C 178 71.47 94.60 52.27
CA ALA C 178 71.20 96.01 52.05
C ALA C 178 71.22 96.34 50.56
N PHE C 179 72.08 95.67 49.79
CA PHE C 179 72.08 95.92 48.35
C PHE C 179 70.81 95.38 47.70
N MET C 180 70.34 94.23 48.16
CA MET C 180 69.08 93.69 47.62
C MET C 180 67.89 94.54 48.06
N GLN C 181 67.97 95.09 49.27
CA GLN C 181 66.98 96.04 49.76
C GLN C 181 66.86 97.26 48.84
N THR C 182 68.00 97.82 48.45
CA THR C 182 67.98 99.00 47.61
C THR C 182 67.53 98.68 46.19
N LEU C 183 67.90 97.53 45.65
CA LEU C 183 67.39 97.16 44.33
C LEU C 183 65.87 96.94 44.36
N LEU C 184 65.34 96.39 45.45
CA LEU C 184 63.90 96.24 45.52
C LEU C 184 63.17 97.55 45.76
N ARG C 185 63.80 98.52 46.43
CA ARG C 185 63.15 99.82 46.52
C ARG C 185 63.24 100.58 45.21
N LYS C 186 64.29 100.34 44.42
CA LYS C 186 64.38 100.99 43.12
C LYS C 186 63.44 100.38 42.10
N SER C 187 63.28 99.07 42.12
CA SER C 187 62.71 98.34 40.99
C SER C 187 61.20 98.51 40.88
N PRO C 188 60.69 99.09 39.80
CA PRO C 188 59.25 99.14 39.62
C PRO C 188 58.76 97.87 38.96
N PRO C 189 57.48 97.53 39.10
CA PRO C 189 57.01 96.26 38.55
C PRO C 189 56.95 96.26 37.03
N GLN C 190 56.86 95.04 36.50
CA GLN C 190 57.03 94.81 35.07
C GLN C 190 55.89 95.39 34.26
N PHE C 191 54.68 95.44 34.82
CA PHE C 191 53.57 95.97 34.05
C PHE C 191 53.68 97.47 33.88
N ILE C 192 54.14 98.17 34.92
CA ILE C 192 54.42 99.60 34.80
C ILE C 192 55.55 99.85 33.82
N VAL C 193 56.62 99.03 33.88
CA VAL C 193 57.77 99.24 33.00
C VAL C 193 57.38 99.05 31.54
N LEU C 194 56.62 97.98 31.24
CA LEU C 194 56.18 97.74 29.88
C LEU C 194 55.19 98.79 29.39
N THR C 195 54.35 99.30 30.29
CA THR C 195 53.35 100.25 29.84
C THR C 195 53.99 101.60 29.53
N MET C 196 54.98 102.00 30.32
CA MET C 196 55.69 103.24 30.03
C MET C 196 56.51 103.12 28.75
N ASN C 197 57.14 101.96 28.54
CA ASN C 197 57.92 101.77 27.32
C ASN C 197 57.04 101.71 26.08
N GLU C 198 55.78 101.27 26.22
CA GLU C 198 54.89 101.35 25.06
C GLU C 198 54.41 102.78 24.83
N ASN C 199 54.05 103.49 25.88
CA ASN C 199 53.47 104.82 25.78
C ASN C 199 54.49 105.92 26.04
N LYS C 200 55.72 105.74 25.55
CA LYS C 200 56.77 106.77 25.60
C LYS C 200 56.28 108.14 25.14
N VAL C 201 56.88 109.18 25.73
CA VAL C 201 56.46 110.55 25.46
C VAL C 201 56.87 110.95 24.05
N HIS C 202 55.90 111.40 23.27
CA HIS C 202 56.24 112.02 22.01
C HIS C 202 56.73 113.44 22.26
N ASN C 203 57.75 113.83 21.51
CA ASN C 203 58.58 114.95 21.88
C ASN C 203 58.05 116.32 21.46
N LYS C 204 56.82 116.42 20.96
CA LYS C 204 56.26 117.75 20.74
C LYS C 204 56.07 118.48 22.06
N GLN C 205 55.44 117.82 23.02
CA GLN C 205 54.93 118.48 24.22
C GLN C 205 55.30 117.64 25.44
N ALA C 206 54.72 117.99 26.59
CA ALA C 206 54.68 117.07 27.71
C ALA C 206 53.62 115.99 27.45
N LEU C 207 53.55 115.02 28.36
CA LEU C 207 52.72 113.85 28.13
C LEU C 207 51.24 114.18 28.23
N SER C 208 50.47 113.76 27.23
CA SER C 208 49.12 114.27 27.05
C SER C 208 48.11 113.51 27.88
N ARG C 209 46.91 114.09 28.01
CA ARG C 209 45.91 113.53 28.90
C ARG C 209 45.31 112.27 28.31
N VAL C 210 45.06 112.27 26.99
CA VAL C 210 44.55 111.08 26.30
C VAL C 210 45.58 109.97 26.37
N GLN C 211 46.85 110.34 26.21
CA GLN C 211 47.98 109.42 26.37
C GLN C 211 47.93 108.71 27.71
N ARG C 212 47.85 109.48 28.80
CA ARG C 212 47.89 108.83 30.11
C ARG C 212 46.59 108.15 30.49
N SER C 213 45.45 108.56 29.96
CA SER C 213 44.21 107.84 30.23
C SER C 213 44.23 106.46 29.58
N ASN C 214 44.68 106.41 28.32
CA ASN C 214 44.84 105.11 27.67
C ASN C 214 45.94 104.30 28.33
N MET C 215 46.95 104.97 28.88
CA MET C 215 48.01 104.29 29.58
C MET C 215 47.50 103.65 30.87
N PHE C 216 46.56 104.32 31.53
CA PHE C 216 45.88 103.74 32.68
C PHE C 216 45.10 102.49 32.31
N GLN C 217 44.32 102.57 31.23
CA GLN C 217 43.53 101.42 30.81
C GLN C 217 44.43 100.24 30.43
N SER C 218 45.56 100.55 29.81
CA SER C 218 46.55 99.52 29.55
C SER C 218 47.14 98.96 30.82
N LEU C 219 47.29 99.77 31.87
CA LEU C 219 47.77 99.25 33.16
C LEU C 219 46.79 98.25 33.75
N LYS C 220 45.49 98.54 33.65
CA LYS C 220 44.48 97.55 34.08
C LYS C 220 44.63 96.24 33.34
N ASN C 221 44.81 96.30 32.01
CA ASN C 221 44.89 95.07 31.24
C ASN C 221 46.16 94.29 31.52
N ARG C 222 47.30 94.98 31.63
CA ARG C 222 48.57 94.32 31.98
C ARG C 222 48.49 93.65 33.34
N LEU C 223 47.90 94.35 34.32
CA LEU C 223 47.80 93.79 35.67
C LEU C 223 46.90 92.57 35.71
N LEU C 224 45.72 92.66 35.10
CA LEU C 224 44.81 91.53 35.19
C LEU C 224 45.21 90.35 34.30
N THR C 225 46.09 90.56 33.32
CA THR C 225 46.53 89.38 32.57
C THR C 225 47.80 88.77 33.11
N SER C 226 48.87 89.56 33.28
CA SER C 226 50.18 88.98 33.56
C SER C 226 50.51 89.02 35.04
N LEU C 227 49.54 88.83 35.92
CA LEU C 227 49.81 88.93 37.35
C LEU C 227 50.54 87.70 37.86
N PHE C 228 49.91 86.55 37.81
CA PHE C 228 50.49 85.33 38.34
C PHE C 228 51.03 84.53 37.17
N PHE C 229 52.35 84.49 37.09
CA PHE C 229 53.01 84.24 35.82
C PHE C 229 53.51 82.81 35.69
N LEU C 230 54.30 82.32 36.65
CA LEU C 230 54.70 80.91 36.60
C LEU C 230 53.55 79.96 36.80
N ASN C 231 52.47 80.40 37.44
CA ASN C 231 51.46 79.47 37.86
C ASN C 231 50.43 79.23 36.78
N ARG C 232 50.17 80.23 35.94
CA ARG C 232 49.04 80.16 35.01
C ARG C 232 49.38 79.32 33.77
N ASN C 233 50.34 79.80 32.97
CA ASN C 233 50.67 79.16 31.70
C ASN C 233 51.77 78.11 31.86
N ASN C 234 52.02 77.39 30.76
CA ASN C 234 53.06 76.38 30.76
C ASN C 234 53.93 76.39 29.51
N ASN C 235 53.65 77.24 28.53
CA ASN C 235 54.45 77.29 27.31
C ASN C 235 55.82 77.86 27.64
N SER C 236 56.85 77.03 27.44
CA SER C 236 58.23 77.50 27.63
C SER C 236 58.56 78.61 26.67
N SER C 237 57.97 78.60 25.47
CA SER C 237 58.09 79.72 24.55
C SER C 237 57.48 80.99 25.13
N TYR C 238 56.35 80.87 25.81
CA TYR C 238 55.70 82.04 26.39
C TYR C 238 56.53 82.62 27.53
N ILE C 239 57.05 81.75 28.40
CA ILE C 239 57.85 82.24 29.52
C ILE C 239 59.20 82.78 29.04
N TYR C 240 59.74 82.19 27.97
CA TYR C 240 60.91 82.74 27.31
C TYR C 240 60.61 84.12 26.75
N ARG C 241 59.41 84.31 26.21
CA ARG C 241 59.03 85.62 25.66
C ARG C 241 58.89 86.66 26.76
N ILE C 242 58.39 86.27 27.92
CA ILE C 242 58.23 87.23 29.01
C ILE C 242 59.58 87.63 29.60
N LEU C 243 60.48 86.65 29.78
CA LEU C 243 61.82 86.98 30.27
C LEU C 243 62.59 87.83 29.26
N ASN C 244 62.36 87.59 27.96
CA ASN C 244 62.97 88.43 26.96
C ASN C 244 62.38 89.83 26.96
N ASP C 245 61.09 89.96 27.31
CA ASP C 245 60.48 91.28 27.46
C ASP C 245 61.09 92.04 28.62
N MET C 246 61.42 91.34 29.72
CA MET C 246 62.15 91.97 30.82
C MET C 246 63.50 92.49 30.37
N MET C 247 64.27 91.63 29.72
CA MET C 247 65.63 91.99 29.35
C MET C 247 65.67 93.06 28.27
N GLU C 248 64.61 93.21 27.49
CA GLU C 248 64.55 94.34 26.58
C GLU C 248 64.04 95.60 27.25
N SER C 249 63.20 95.46 28.27
CA SER C 249 62.63 96.65 28.88
C SER C 249 63.61 97.36 29.81
N VAL C 250 64.54 96.62 30.39
CA VAL C 250 65.49 97.25 31.31
C VAL C 250 66.55 98.01 30.53
N THR C 251 66.78 99.26 30.91
CA THR C 251 67.83 100.05 30.28
C THR C 251 69.21 99.64 30.80
N GLU C 252 70.22 100.02 30.03
CA GLU C 252 71.61 99.69 30.32
C GLU C 252 72.25 100.81 31.12
N SER C 253 73.20 100.45 31.99
CA SER C 253 73.92 101.43 32.78
C SER C 253 75.05 102.05 31.97
N ILE C 254 75.80 102.95 32.59
CA ILE C 254 76.66 103.84 31.82
C ILE C 254 78.08 103.30 31.70
N LEU C 255 78.60 102.63 32.71
CA LEU C 255 80.00 102.24 32.68
C LEU C 255 80.13 100.90 31.96
N ASN C 256 80.98 100.86 30.95
CA ASN C 256 81.18 99.66 30.14
C ASN C 256 82.64 99.26 30.32
N ASP C 257 82.89 98.29 31.18
CA ASP C 257 84.23 97.81 31.42
C ASP C 257 84.48 96.58 30.56
N THR C 258 85.71 96.48 30.05
CA THR C 258 86.10 95.34 29.24
C THR C 258 86.26 94.09 30.09
N ASN C 259 86.62 94.24 31.37
CA ASN C 259 86.95 93.11 32.22
C ASN C 259 85.89 92.74 33.23
N ASN C 260 84.99 93.65 33.59
CA ASN C 260 83.97 93.34 34.59
C ASN C 260 82.97 92.36 34.01
N TYR C 261 83.08 91.11 34.49
CA TYR C 261 82.20 90.00 34.15
C TYR C 261 82.24 89.69 32.66
N THR C 262 83.43 89.66 32.11
CA THR C 262 83.64 89.21 30.75
C THR C 262 83.69 87.71 30.78
N SER C 263 83.08 87.08 29.79
CA SER C 263 83.28 85.65 29.64
C SER C 263 84.68 85.36 29.13
N LYS C 264 84.97 84.07 29.01
CA LYS C 264 86.29 83.62 28.57
C LYS C 264 86.58 84.13 27.17
N GLU C 265 87.76 84.78 27.05
CA GLU C 265 88.40 85.25 25.81
C GLU C 265 87.71 86.45 25.16
N ASN C 266 86.41 86.63 25.43
CA ASN C 266 85.59 87.81 25.08
C ASN C 266 84.17 87.72 25.59
N ILE C 267 83.35 88.67 25.15
CA ILE C 267 81.89 88.65 25.17
C ILE C 267 81.32 88.73 26.59
N PRO C 268 81.22 89.95 27.17
CA PRO C 268 80.87 90.11 28.59
C PRO C 268 79.39 90.05 28.93
N LEU C 269 79.10 89.27 29.97
CA LEU C 269 77.76 88.97 30.47
C LEU C 269 76.98 90.23 30.83
N ASP C 270 75.67 90.18 30.65
CA ASP C 270 74.79 91.34 30.75
C ASP C 270 73.68 91.05 31.76
N GLY C 271 73.93 91.34 33.04
CA GLY C 271 72.87 91.39 34.02
C GLY C 271 72.59 90.07 34.71
N VAL C 272 71.78 90.15 35.75
CA VAL C 272 71.47 89.00 36.60
C VAL C 272 69.96 88.89 36.79
N LEU C 273 69.46 87.68 36.61
CA LEU C 273 68.11 87.28 36.97
C LEU C 273 68.26 86.43 38.23
N LEU C 274 67.76 86.95 39.32
CA LEU C 274 67.85 86.25 40.58
C LEU C 274 66.49 86.22 41.21
N GLY C 275 66.13 85.07 41.74
CA GLY C 275 64.84 84.90 42.35
C GLY C 275 64.91 84.07 43.60
N PRO C 276 63.77 83.57 44.05
CA PRO C 276 63.77 82.58 45.12
C PRO C 276 63.91 81.18 44.56
N ILE C 277 64.32 80.26 45.43
CA ILE C 277 64.66 78.91 44.98
C ILE C 277 63.41 78.15 44.54
N GLY C 278 62.24 78.49 45.10
CA GLY C 278 61.01 77.86 44.67
C GLY C 278 60.61 78.23 43.27
N SER C 279 60.92 79.46 42.85
CA SER C 279 60.71 79.83 41.46
C SER C 279 61.77 79.22 40.56
N ILE C 280 63.02 79.19 41.03
CA ILE C 280 64.10 78.82 40.14
C ILE C 280 64.18 77.33 39.88
N GLN C 281 63.67 76.49 40.79
CA GLN C 281 63.52 75.07 40.46
C GLN C 281 62.57 74.88 39.29
N LYS C 282 61.44 75.60 39.29
CA LYS C 282 60.51 75.55 38.17
C LYS C 282 61.14 76.08 36.90
N LEU C 283 61.89 77.17 37.00
CA LEU C 283 62.47 77.78 35.81
C LEU C 283 63.57 76.92 35.20
N THR C 284 64.35 76.23 36.03
CA THR C 284 65.32 75.29 35.49
C THR C 284 64.63 74.11 34.82
N ASN C 285 63.56 73.60 35.43
CA ASN C 285 62.90 72.43 34.86
C ASN C 285 62.16 72.76 33.56
N ILE C 286 61.73 74.01 33.38
CA ILE C 286 61.04 74.37 32.14
C ILE C 286 61.94 75.09 31.15
N LEU C 287 63.15 75.47 31.54
CA LEU C 287 64.05 76.17 30.64
C LEU C 287 65.43 75.53 30.63
N SER C 288 65.49 74.21 30.87
CA SER C 288 66.77 73.51 30.90
C SER C 288 67.49 73.47 29.57
N GLN C 289 66.83 73.81 28.47
CA GLN C 289 67.51 73.93 27.19
C GLN C 289 68.47 75.10 27.19
N TYR C 290 68.15 76.15 27.92
CA TYR C 290 68.80 77.44 27.73
C TYR C 290 69.76 77.78 28.87
N ILE C 291 70.08 76.81 29.71
CA ILE C 291 70.92 77.05 30.88
C ILE C 291 72.29 76.45 30.67
N SER C 292 73.32 77.30 30.72
CA SER C 292 74.71 76.90 30.61
C SER C 292 75.48 77.48 31.79
N THR C 293 76.52 76.79 32.21
CA THR C 293 77.37 77.24 33.31
C THR C 293 78.67 77.76 32.72
N GLN C 294 78.71 79.04 32.44
CA GLN C 294 79.83 79.59 31.71
C GLN C 294 80.90 80.11 32.69
N VAL C 295 82.10 80.38 32.19
CA VAL C 295 83.24 80.78 33.02
C VAL C 295 83.51 82.26 32.84
N VAL C 296 83.41 83.00 33.94
CA VAL C 296 83.31 84.45 33.93
C VAL C 296 84.57 85.02 34.55
N SER C 297 85.14 86.04 33.92
CA SER C 297 86.26 86.79 34.49
C SER C 297 85.68 87.94 35.29
N ALA C 298 85.75 87.81 36.61
CA ALA C 298 85.04 88.63 37.57
C ALA C 298 86.00 89.39 38.48
N PRO C 299 85.58 90.51 39.05
CA PRO C 299 86.38 91.15 40.09
C PRO C 299 86.25 90.43 41.42
N ILE C 300 87.32 90.52 42.19
CA ILE C 300 87.37 89.81 43.46
C ILE C 300 87.72 90.79 44.58
N SER C 301 88.11 92.00 44.23
CA SER C 301 88.55 92.96 45.22
C SER C 301 87.71 94.24 45.17
N TYR C 302 87.86 95.02 46.23
CA TYR C 302 87.36 96.38 46.24
C TYR C 302 88.22 97.23 45.32
N GLY C 303 87.63 98.27 44.74
CA GLY C 303 88.39 99.33 44.10
C GLY C 303 88.34 100.54 45.00
N HIS C 304 89.51 101.05 45.40
CA HIS C 304 89.54 102.07 46.43
C HIS C 304 89.97 103.40 45.84
N PHE C 305 89.35 104.47 46.34
CA PHE C 305 89.63 105.82 45.90
C PHE C 305 90.28 106.60 47.03
N ILE C 306 91.34 107.34 46.71
CA ILE C 306 92.09 108.11 47.68
C ILE C 306 92.01 109.58 47.31
N MET C 307 91.66 110.42 48.28
CA MET C 307 91.58 111.85 48.07
C MET C 307 92.98 112.45 47.94
N GLY C 308 93.02 113.68 47.41
CA GLY C 308 94.25 114.43 47.27
C GLY C 308 94.23 115.67 48.15
N LYS C 309 95.37 116.38 48.13
CA LYS C 309 95.48 117.62 48.89
C LYS C 309 94.50 118.67 48.40
N GLU C 310 94.37 118.80 47.07
CA GLU C 310 93.45 119.76 46.48
C GLU C 310 92.03 119.46 46.87
N ASN C 311 91.64 118.19 46.79
CA ASN C 311 90.31 117.78 47.15
C ASN C 311 90.04 118.02 48.64
N ALA C 312 91.04 117.77 49.49
CA ALA C 312 90.84 118.00 50.92
C ALA C 312 90.68 119.47 51.24
N VAL C 313 91.46 120.33 50.59
CA VAL C 313 91.36 121.78 50.82
C VAL C 313 90.01 122.31 50.35
N THR C 314 89.54 121.85 49.20
CA THR C 314 88.20 122.24 48.76
C THR C 314 87.09 121.65 49.62
N ALA C 315 87.30 120.49 50.21
CA ALA C 315 86.27 119.93 51.08
C ALA C 315 86.17 120.68 52.39
N ILE C 316 87.30 121.19 52.88
CA ILE C 316 87.25 122.02 54.06
C ILE C 316 86.66 123.39 53.75
N ALA C 317 87.15 124.04 52.69
CA ALA C 317 86.77 125.41 52.45
C ALA C 317 85.40 125.55 51.82
N TYR C 318 85.12 124.78 50.77
CA TYR C 318 83.99 125.01 49.91
C TYR C 318 82.89 123.97 50.08
N ARG C 319 83.07 123.03 51.01
CA ARG C 319 82.12 121.95 51.32
C ARG C 319 81.85 121.05 50.13
N ALA C 320 82.77 121.02 49.18
CA ALA C 320 82.57 120.20 47.98
C ALA C 320 83.75 119.32 47.63
N ILE C 321 83.44 118.09 47.22
CA ILE C 321 84.47 117.15 46.81
C ILE C 321 84.27 116.95 45.32
N MET C 322 85.33 117.15 44.54
CA MET C 322 85.24 117.01 43.10
C MET C 322 86.04 115.82 42.58
N ALA C 323 85.39 114.97 41.80
CA ALA C 323 86.04 113.81 41.22
C ALA C 323 86.89 114.24 40.04
N ASP C 324 88.07 113.64 39.92
CA ASP C 324 89.04 113.92 38.87
C ASP C 324 89.36 115.40 38.82
N PHE C 325 89.67 115.96 39.99
CA PHE C 325 90.00 117.38 40.06
C PHE C 325 91.31 117.66 39.34
N THR C 326 92.26 116.73 39.44
CA THR C 326 93.51 116.87 38.71
C THR C 326 93.31 116.85 37.20
N GLN C 327 92.46 115.95 36.68
CA GLN C 327 92.21 115.93 35.23
C GLN C 327 91.40 117.14 34.80
N PHE C 328 90.43 117.52 35.63
CA PHE C 328 89.56 118.67 35.38
C PHE C 328 90.32 119.98 35.53
N THR C 329 91.51 119.95 36.11
CA THR C 329 92.44 121.07 36.11
C THR C 329 93.34 121.05 34.89
N VAL C 330 94.00 119.92 34.61
CA VAL C 330 94.97 119.89 33.53
C VAL C 330 94.34 119.92 32.15
N ASN C 331 93.03 119.72 32.04
CA ASN C 331 92.35 119.84 30.77
C ASN C 331 91.62 121.17 30.63
N ALA C 332 91.99 122.17 31.43
CA ALA C 332 91.23 123.42 31.41
C ALA C 332 91.66 124.31 30.24
N GLY C 333 92.88 124.80 30.27
CA GLY C 333 93.28 125.75 29.24
C GLY C 333 93.58 125.15 27.90
N THR C 334 93.66 123.84 27.81
CA THR C 334 93.95 123.18 26.55
C THR C 334 92.66 122.93 25.80
N GLU C 335 92.79 122.46 24.55
CA GLU C 335 91.64 122.34 23.67
C GLU C 335 90.70 121.24 24.13
N GLN C 336 91.25 120.16 24.67
CA GLN C 336 90.45 119.01 25.09
C GLN C 336 89.89 119.25 26.51
N GLN C 337 88.93 120.16 26.59
CA GLN C 337 88.22 120.37 27.84
C GLN C 337 87.14 119.32 28.04
N ASP C 338 86.36 119.07 27.01
CA ASP C 338 85.17 118.25 27.15
C ASP C 338 85.49 116.78 27.25
N THR C 339 86.57 116.33 26.61
CA THR C 339 86.91 114.92 26.62
C THR C 339 87.54 114.52 27.93
N ASN C 340 87.18 113.33 28.41
CA ASN C 340 87.78 112.73 29.57
C ASN C 340 87.66 111.22 29.39
N ASN C 341 88.55 110.48 30.04
CA ASN C 341 88.66 109.06 29.75
C ASN C 341 88.23 108.20 30.94
N LYS C 342 88.88 108.34 32.08
CA LYS C 342 88.59 107.49 33.22
C LYS C 342 87.98 108.32 34.33
N SER C 343 87.04 107.71 35.04
CA SER C 343 86.48 108.28 36.26
C SER C 343 87.11 107.54 37.42
N GLU C 344 87.90 108.25 38.23
CA GLU C 344 88.68 107.57 39.26
C GLU C 344 87.82 107.05 40.39
N ILE C 345 86.65 107.67 40.61
CA ILE C 345 85.73 107.16 41.60
C ILE C 345 84.84 106.04 41.08
N PHE C 346 84.86 105.76 39.79
CA PHE C 346 84.06 104.70 39.22
C PHE C 346 84.86 103.63 38.51
N ASP C 347 86.05 103.93 38.04
CA ASP C 347 86.91 102.95 37.39
C ASP C 347 88.25 102.97 38.08
N LYS C 348 88.61 101.85 38.69
CA LYS C 348 89.85 101.76 39.44
C LYS C 348 90.38 100.35 39.25
N SER C 349 91.70 100.20 39.27
CA SER C 349 92.33 98.91 39.08
C SER C 349 92.01 97.98 40.26
N ARG C 350 91.71 96.73 39.94
CA ARG C 350 91.24 95.79 40.95
C ARG C 350 91.53 94.37 40.47
N ALA C 351 91.61 93.45 41.43
CA ALA C 351 92.06 92.10 41.14
C ALA C 351 90.95 91.26 40.54
N TYR C 352 91.33 90.37 39.64
CA TYR C 352 90.41 89.58 38.83
C TYR C 352 90.61 88.09 39.06
N ALA C 353 89.51 87.35 39.13
CA ALA C 353 89.55 85.91 39.28
C ALA C 353 88.47 85.30 38.38
N ASP C 354 88.36 83.98 38.41
CA ASP C 354 87.43 83.26 37.55
C ASP C 354 86.47 82.46 38.41
N LEU C 355 85.19 82.79 38.32
CA LEU C 355 84.18 82.12 39.13
C LEU C 355 83.05 81.62 38.26
N LYS C 356 82.45 80.51 38.69
CA LYS C 356 81.49 79.74 37.89
C LYS C 356 80.09 80.25 38.14
N LEU C 357 79.46 80.74 37.09
CA LEU C 357 78.08 81.19 37.12
C LEU C 357 77.28 80.40 36.11
N ASN C 358 76.02 80.13 36.44
CA ASN C 358 75.09 79.47 35.53
C ASN C 358 74.19 80.51 34.85
N THR C 359 74.15 80.47 33.53
CA THR C 359 73.60 81.57 32.77
C THR C 359 72.38 81.12 31.98
N LEU C 360 71.71 82.10 31.38
CA LEU C 360 70.67 81.89 30.39
C LEU C 360 71.02 82.65 29.11
N LYS C 361 70.58 82.11 27.98
CA LYS C 361 70.78 82.76 26.69
C LYS C 361 69.43 83.19 26.14
N LEU C 362 69.26 84.50 25.95
CA LEU C 362 67.99 85.04 25.44
C LEU C 362 68.30 86.02 24.31
N GLY C 363 68.44 85.49 23.10
CA GLY C 363 68.73 86.33 21.94
C GLY C 363 70.10 86.97 22.02
N ASP C 364 71.13 86.13 22.16
CA ASP C 364 72.52 86.54 22.35
C ASP C 364 72.69 87.46 23.55
N LYS C 365 72.00 87.14 24.64
CA LYS C 365 72.16 87.86 25.90
C LYS C 365 72.43 86.83 26.98
N LEU C 366 73.66 86.79 27.46
CA LEU C 366 74.03 85.87 28.51
C LEU C 366 73.78 86.56 29.84
N VAL C 367 72.88 86.01 30.65
CA VAL C 367 72.41 86.63 31.87
C VAL C 367 72.63 85.64 33.00
N ALA C 368 73.33 86.07 34.04
CA ALA C 368 73.51 85.22 35.21
C ALA C 368 72.17 84.98 35.89
N PHE C 369 72.05 83.86 36.59
CA PHE C 369 70.72 83.40 36.98
C PHE C 369 70.83 82.52 38.21
N ASP C 370 70.42 83.04 39.37
CA ASP C 370 70.54 82.26 40.60
C ASP C 370 69.59 82.79 41.68
N HIS C 371 69.74 82.22 42.87
CA HIS C 371 68.98 82.57 44.06
C HIS C 371 69.94 82.91 45.18
N LEU C 372 69.47 83.69 46.14
CA LEU C 372 70.27 84.04 47.30
C LEU C 372 69.94 83.17 48.51
N HIS C 373 69.39 81.99 48.25
CA HIS C 373 69.00 81.15 49.38
C HIS C 373 70.21 80.59 50.10
N LYS C 374 71.35 80.49 49.41
CA LYS C 374 72.56 80.05 50.10
C LYS C 374 73.11 81.08 51.06
N VAL C 375 72.71 82.36 50.95
CA VAL C 375 73.07 83.32 51.98
C VAL C 375 71.93 83.61 52.92
N TYR C 376 70.73 83.17 52.61
CA TYR C 376 69.67 83.16 53.61
C TYR C 376 69.28 81.74 54.01
N LYS C 377 70.24 80.81 54.07
CA LYS C 377 69.92 79.45 54.47
C LYS C 377 69.41 79.38 55.89
N ASN C 378 70.14 79.97 56.81
CA ASN C 378 69.75 79.83 58.21
C ASN C 378 70.17 81.14 58.88
N THR C 379 69.23 82.08 58.90
CA THR C 379 69.49 83.46 59.32
C THR C 379 68.34 83.86 60.22
N ASP C 380 68.21 85.15 60.45
CA ASP C 380 67.08 85.65 61.20
C ASP C 380 66.13 86.45 60.32
N VAL C 381 66.44 86.62 59.03
CA VAL C 381 65.58 87.35 58.11
C VAL C 381 65.07 86.39 57.06
N ASN C 382 64.03 86.82 56.34
CA ASN C 382 63.62 86.08 55.17
C ASN C 382 64.43 86.54 53.97
N ASP C 383 64.25 85.84 52.87
CA ASP C 383 64.69 86.35 51.60
C ASP C 383 63.75 87.49 51.21
N PRO C 384 64.28 88.65 50.78
CA PRO C 384 63.41 89.81 50.55
C PRO C 384 62.55 89.71 49.31
N LEU C 385 62.72 88.68 48.49
CA LEU C 385 61.89 88.56 47.30
C LEU C 385 60.54 87.92 47.62
N GLU C 386 60.46 87.12 48.67
CA GLU C 386 59.19 86.54 49.09
C GLU C 386 58.33 87.62 49.72
N GLN C 387 57.60 88.37 48.91
CA GLN C 387 56.86 89.54 49.35
C GLN C 387 55.37 89.30 49.16
N SER C 388 54.56 90.15 49.78
CA SER C 388 53.13 89.94 49.80
C SER C 388 52.40 90.94 48.92
N LEU C 389 51.28 90.50 48.36
CA LEU C 389 50.32 91.37 47.70
C LEU C 389 49.22 91.75 48.66
N GLN C 390 48.49 92.81 48.33
CA GLN C 390 47.24 93.13 49.02
C GLN C 390 46.23 93.54 47.95
N LEU C 391 45.52 92.56 47.42
CA LEU C 391 44.43 92.81 46.49
C LEU C 391 43.17 93.09 47.27
N THR C 392 42.36 94.01 46.77
CA THR C 392 41.17 94.47 47.47
C THR C 392 39.92 94.13 46.68
N PHE C 393 39.00 93.41 47.31
CA PHE C 393 37.80 92.90 46.67
C PHE C 393 36.58 93.63 47.19
N PHE C 394 35.62 93.92 46.30
CA PHE C 394 34.38 94.55 46.71
C PHE C 394 33.21 93.83 46.06
N PHE C 395 32.08 93.84 46.76
CA PHE C 395 30.93 93.03 46.33
C PHE C 395 29.68 93.59 46.97
N PRO C 396 28.55 93.54 46.29
CA PRO C 396 27.33 94.16 46.79
C PRO C 396 26.52 93.22 47.67
N LEU C 397 25.46 93.77 48.28
CA LEU C 397 24.34 92.98 48.75
C LEU C 397 23.11 93.86 48.73
N GLY C 398 21.94 93.25 48.58
CA GLY C 398 20.70 93.99 48.66
C GLY C 398 20.43 94.94 47.53
N ILE C 399 21.20 94.90 46.44
CA ILE C 399 20.88 95.69 45.26
C ILE C 399 19.58 95.20 44.67
N TYR C 400 18.60 96.08 44.58
CA TYR C 400 17.31 95.75 43.99
C TYR C 400 17.39 95.99 42.50
N ILE C 401 17.52 94.92 41.74
CA ILE C 401 17.38 95.01 40.29
C ILE C 401 15.93 95.35 39.97
N PRO C 402 15.67 96.38 39.16
CA PRO C 402 14.28 96.80 38.94
C PRO C 402 13.52 95.77 38.13
N THR C 403 12.37 95.37 38.65
CA THR C 403 11.56 94.35 38.01
C THR C 403 10.94 94.85 36.71
N GLU C 404 10.76 96.17 36.59
CA GLU C 404 10.17 96.77 35.41
C GLU C 404 11.04 96.58 34.17
N THR C 405 12.35 96.46 34.33
CA THR C 405 13.24 96.12 33.23
C THR C 405 13.96 94.81 33.46
N GLY C 406 13.43 93.96 34.33
CA GLY C 406 14.10 92.72 34.68
C GLY C 406 14.02 91.69 33.58
N PHE C 407 14.87 90.68 33.71
CA PHE C 407 14.97 89.62 32.71
C PHE C 407 15.62 88.42 33.37
N SER C 408 15.82 87.37 32.59
CA SER C 408 16.58 86.23 33.07
C SER C 408 17.19 85.47 31.92
N THR C 409 18.50 85.29 31.96
CA THR C 409 19.17 84.17 31.35
C THR C 409 19.13 83.01 32.33
N MET C 410 19.90 81.95 32.04
CA MET C 410 20.08 80.72 32.85
C MET C 410 18.76 80.15 33.38
N GLU C 411 17.72 80.25 32.55
CA GLU C 411 16.38 79.80 32.96
C GLU C 411 16.34 78.29 33.04
N THR C 412 17.05 77.62 32.16
CA THR C 412 17.08 76.17 32.16
C THR C 412 17.78 75.62 33.40
N ARG C 413 18.87 76.27 33.81
CA ARG C 413 19.73 75.71 34.85
C ARG C 413 19.05 75.70 36.21
N VAL C 414 18.44 76.80 36.62
CA VAL C 414 17.83 76.91 37.93
C VAL C 414 16.34 77.19 37.79
N LYS C 415 15.63 76.93 38.87
CA LYS C 415 14.23 77.33 38.94
C LYS C 415 13.91 77.53 40.41
N LEU C 416 13.72 78.77 40.81
CA LEU C 416 13.51 79.09 42.21
C LEU C 416 12.09 78.71 42.62
N ASN C 417 11.89 78.63 43.93
CA ASN C 417 10.57 78.48 44.48
C ASN C 417 9.98 79.86 44.68
N ASP C 418 8.71 80.03 44.30
CA ASP C 418 8.09 81.35 44.28
C ASP C 418 7.80 81.85 45.69
N THR C 419 8.75 82.58 46.25
CA THR C 419 8.63 83.16 47.58
C THR C 419 9.38 84.47 47.52
N MET C 420 8.89 85.47 48.28
CA MET C 420 9.50 86.79 48.20
C MET C 420 10.92 86.81 48.78
N GLU C 421 11.26 85.88 49.68
CA GLU C 421 12.63 85.77 50.11
C GLU C 421 13.55 85.24 49.03
N ASN C 422 13.01 84.58 48.01
CA ASN C 422 13.81 84.32 46.82
C ASN C 422 13.75 85.48 45.85
N ASN C 423 12.58 86.08 45.69
CA ASN C 423 12.36 87.09 44.66
C ASN C 423 12.94 88.45 45.02
N LEU C 424 13.40 88.65 46.25
CA LEU C 424 14.21 89.81 46.57
C LEU C 424 15.52 89.35 47.17
N PRO C 425 16.65 89.89 46.72
CA PRO C 425 17.91 89.57 47.40
C PRO C 425 17.97 90.26 48.74
N THR C 426 18.47 89.53 49.72
CA THR C 426 18.67 90.06 51.07
C THR C 426 20.02 89.65 51.63
N SER C 427 20.58 88.55 51.15
CA SER C 427 21.85 88.02 51.59
C SER C 427 22.76 87.94 50.38
N VAL C 428 24.04 87.70 50.64
CA VAL C 428 25.00 87.44 49.56
C VAL C 428 25.89 86.28 49.93
N PHE C 429 26.06 85.36 48.99
CA PHE C 429 26.84 84.16 49.16
C PHE C 429 28.10 84.25 48.32
N PHE C 430 29.21 83.75 48.87
CA PHE C 430 30.44 83.62 48.11
C PHE C 430 31.29 82.52 48.73
N HIS C 431 32.21 81.99 47.95
CA HIS C 431 33.08 80.98 48.54
C HIS C 431 34.19 81.63 49.35
N ASN C 432 34.73 80.86 50.30
CA ASN C 432 35.89 81.25 51.08
C ASN C 432 37.19 80.93 50.35
N LYS C 433 38.28 80.87 51.11
CA LYS C 433 39.56 80.38 50.64
C LYS C 433 39.42 78.97 50.07
N ASP C 434 39.11 78.01 50.93
CA ASP C 434 38.58 76.75 50.48
C ASP C 434 37.08 76.88 50.21
N GLN C 435 36.48 75.84 49.66
CA GLN C 435 35.13 75.96 49.12
C GLN C 435 34.08 75.82 50.21
N VAL C 436 34.12 76.75 51.17
CA VAL C 436 33.09 76.85 52.19
C VAL C 436 32.17 77.98 51.79
N VAL C 437 30.90 77.67 51.60
CA VAL C 437 29.95 78.68 51.16
C VAL C 437 29.64 79.61 52.32
N GLN C 438 29.99 80.88 52.16
CA GLN C 438 29.93 81.85 53.23
C GLN C 438 28.81 82.84 52.92
N ARG C 439 28.04 83.18 53.94
CA ARG C 439 26.81 83.97 53.80
C ARG C 439 26.90 85.25 54.61
N ILE C 440 26.57 86.38 53.98
CA ILE C 440 26.52 87.65 54.67
C ILE C 440 25.08 88.18 54.62
N ASP C 441 24.65 88.77 55.73
CA ASP C 441 23.24 89.11 55.98
C ASP C 441 23.14 90.53 56.50
N PHE C 442 21.90 91.02 56.61
CA PHE C 442 21.71 92.29 57.31
C PHE C 442 21.86 92.15 58.81
N ALA C 443 21.50 90.98 59.35
CA ALA C 443 21.80 90.70 60.75
C ALA C 443 23.30 90.67 61.00
N ASP C 444 24.08 90.31 59.98
CA ASP C 444 25.53 90.42 60.09
C ASP C 444 26.02 91.84 59.85
N ILE C 445 25.28 92.64 59.08
CA ILE C 445 25.79 93.97 58.74
C ILE C 445 25.53 94.97 59.84
N LEU C 446 24.66 94.62 60.79
CA LEU C 446 24.30 95.51 61.91
C LEU C 446 25.43 96.17 62.70
N PRO C 447 26.53 95.51 63.11
CA PRO C 447 27.50 96.23 63.96
C PRO C 447 28.31 97.28 63.24
N SER C 448 28.23 97.35 61.92
CA SER C 448 28.93 98.37 61.16
C SER C 448 28.01 99.49 60.69
N VAL C 449 26.70 99.30 60.78
CA VAL C 449 25.75 100.27 60.27
C VAL C 449 24.87 100.85 61.37
N CYS C 450 24.83 100.24 62.54
CA CYS C 450 23.98 100.72 63.62
C CYS C 450 24.73 101.64 64.57
N HIS C 451 25.89 102.12 64.17
CA HIS C 451 26.74 102.92 65.02
C HIS C 451 26.17 104.34 65.13
N PRO C 452 26.40 105.03 66.24
CA PRO C 452 25.93 106.43 66.34
C PRO C 452 26.60 107.38 65.39
N ILE C 453 27.82 107.09 64.93
CA ILE C 453 28.50 108.00 64.02
C ILE C 453 27.88 107.99 62.64
N VAL C 454 27.04 106.99 62.33
CA VAL C 454 26.22 107.07 61.13
C VAL C 454 25.07 108.04 61.37
N HIS C 455 24.34 107.86 62.46
CA HIS C 455 23.12 108.62 62.66
C HIS C 455 23.33 109.99 63.27
N ASP C 456 24.56 110.44 63.44
CA ASP C 456 24.79 111.83 63.82
C ASP C 456 24.66 112.72 62.60
N SER C 457 24.26 113.97 62.82
CA SER C 457 24.15 114.95 61.75
C SER C 457 25.19 116.05 61.83
N THR C 458 26.07 116.02 62.84
CA THR C 458 26.92 117.17 63.14
C THR C 458 27.98 117.39 62.08
N ILE C 459 28.66 116.33 61.66
CA ILE C 459 29.74 116.47 60.71
C ILE C 459 29.21 116.84 59.34
N VAL C 460 28.06 116.26 58.97
CA VAL C 460 27.43 116.58 57.70
C VAL C 460 26.95 118.03 57.70
N GLU C 461 26.44 118.49 58.84
CA GLU C 461 26.01 119.88 58.98
C GLU C 461 27.17 120.85 58.84
N ARG C 462 28.29 120.54 59.50
CA ARG C 462 29.48 121.38 59.42
C ARG C 462 30.04 121.45 58.01
N LEU C 463 30.19 120.29 57.36
CA LEU C 463 30.80 120.27 56.04
C LEU C 463 29.89 120.91 55.00
N MET C 464 28.59 120.63 55.08
CA MET C 464 27.68 121.13 54.09
C MET C 464 27.38 122.61 54.33
N LYS C 465 27.62 123.10 55.54
CA LYS C 465 27.51 124.54 55.79
C LYS C 465 28.74 125.28 55.28
N ASN C 466 29.94 124.74 55.52
CA ASN C 466 31.14 125.43 55.08
C ASN C 466 31.42 125.26 53.60
N GLU C 467 30.78 124.30 52.95
CA GLU C 467 30.90 124.18 51.50
C GLU C 467 30.14 125.34 50.85
N PRO C 468 30.69 125.94 49.78
CA PRO C 468 30.09 127.16 49.24
C PRO C 468 28.72 126.93 48.61
N LEU C 469 28.04 128.05 48.40
CA LEU C 469 26.72 128.08 47.82
C LEU C 469 26.74 127.60 46.37
N PRO C 470 25.59 127.18 45.83
CA PRO C 470 25.48 127.01 44.38
C PRO C 470 25.45 128.35 43.67
N THR C 471 25.67 128.29 42.36
CA THR C 471 25.76 129.49 41.54
C THR C 471 24.36 129.97 41.18
N GLY C 472 24.26 130.94 40.26
CA GLY C 472 23.04 131.69 40.03
C GLY C 472 21.77 130.98 39.66
N HIS C 473 21.78 130.19 38.57
CA HIS C 473 20.56 129.50 38.17
C HIS C 473 20.15 128.45 39.17
N ARG C 474 21.12 127.70 39.68
CA ARG C 474 20.85 126.75 40.75
C ARG C 474 20.44 127.47 42.03
N PHE C 475 20.92 128.69 42.24
CA PHE C 475 20.50 129.46 43.41
C PHE C 475 19.02 129.79 43.31
N SER C 476 18.56 130.21 42.13
CA SER C 476 17.15 130.51 41.97
C SER C 476 16.30 129.24 42.01
N GLN C 477 16.80 128.15 41.43
CA GLN C 477 16.03 126.93 41.32
C GLN C 477 15.92 126.21 42.65
N LEU C 478 17.03 126.14 43.38
CA LEU C 478 17.19 125.20 44.47
C LEU C 478 17.24 125.87 45.84
N CYS C 479 17.52 127.17 45.90
CA CYS C 479 17.62 127.86 47.18
C CYS C 479 16.69 129.07 47.13
N GLN C 480 15.41 128.82 47.40
CA GLN C 480 14.41 129.87 47.31
C GLN C 480 13.30 129.76 48.35
N LEU C 481 13.05 128.58 48.89
CA LEU C 481 11.88 128.35 49.72
C LEU C 481 12.06 129.01 51.08
N LYS C 482 10.95 129.13 51.80
CA LYS C 482 10.93 129.93 53.01
C LYS C 482 9.84 129.41 53.94
N ILE C 483 10.17 129.27 55.20
CA ILE C 483 9.26 128.70 56.17
C ILE C 483 8.55 129.82 56.92
N THR C 484 7.32 129.57 57.32
CA THR C 484 6.49 130.56 57.98
C THR C 484 5.64 129.85 59.02
N ARG C 485 5.65 130.34 60.25
CA ARG C 485 4.86 129.73 61.31
C ARG C 485 4.05 130.79 62.03
N GLU C 486 2.78 130.44 62.30
CA GLU C 486 1.89 131.26 63.10
C GLU C 486 1.18 130.33 64.07
N ASN C 487 0.21 130.82 64.72
CA ASN C 487 -0.56 130.00 65.64
C ASN C 487 -1.91 129.63 65.05
N PRO C 488 -2.48 128.49 65.46
CA PRO C 488 -3.73 128.03 64.84
C PRO C 488 -4.94 128.90 65.07
N THR C 489 -4.89 129.87 65.97
CA THR C 489 -5.95 130.86 66.01
C THR C 489 -5.88 131.77 64.79
N ARG C 490 -4.69 132.31 64.50
CA ARG C 490 -4.56 133.23 63.37
C ARG C 490 -4.64 132.52 62.02
N ILE C 491 -4.18 131.27 61.92
CA ILE C 491 -4.17 130.70 60.56
C ILE C 491 -5.57 130.27 60.11
N LEU C 492 -6.49 130.01 61.03
CA LEU C 492 -7.83 129.60 60.61
C LEU C 492 -8.62 130.78 60.05
N GLN C 493 -8.25 131.99 60.42
CA GLN C 493 -8.87 133.19 59.87
C GLN C 493 -8.04 133.85 58.78
N THR C 494 -6.74 133.54 58.70
CA THR C 494 -5.89 134.03 57.63
C THR C 494 -5.56 132.95 56.61
N LEU C 495 -6.36 131.88 56.57
CA LEU C 495 -6.07 130.75 55.70
C LEU C 495 -6.11 131.13 54.22
N TYR C 496 -7.14 131.82 53.79
CA TYR C 496 -7.33 132.03 52.36
C TYR C 496 -6.56 133.23 51.82
N ASN C 497 -5.68 133.84 52.62
CA ASN C 497 -5.08 135.10 52.20
C ASN C 497 -4.06 134.90 51.10
N LEU C 498 -3.31 133.82 51.15
CA LEU C 498 -2.33 133.55 50.10
C LEU C 498 -2.94 132.90 48.88
N TYR C 499 -4.25 132.74 48.86
CA TYR C 499 -4.99 132.35 47.67
C TYR C 499 -5.72 133.53 47.07
N GLU C 500 -6.18 134.46 47.91
CA GLU C 500 -6.69 135.74 47.43
C GLU C 500 -5.56 136.56 46.83
N SER C 501 -4.35 136.45 47.37
CA SER C 501 -3.18 136.99 46.71
C SER C 501 -2.75 136.06 45.59
N ARG C 502 -2.14 136.63 44.56
CA ARG C 502 -1.78 135.89 43.36
C ARG C 502 -0.33 135.45 43.33
N GLN C 503 0.33 135.40 44.49
CA GLN C 503 1.74 135.05 44.51
C GLN C 503 1.92 133.55 44.36
N GLU C 504 3.10 133.15 43.90
CA GLU C 504 3.35 131.77 43.49
C GLU C 504 4.38 131.15 44.41
N VAL C 505 4.12 129.93 44.83
CA VAL C 505 4.99 129.23 45.77
C VAL C 505 6.08 128.50 44.99
N PRO C 506 7.36 128.67 45.36
CA PRO C 506 8.42 127.97 44.65
C PRO C 506 8.39 126.47 44.91
N LYS C 507 9.15 125.74 44.11
CA LYS C 507 9.28 124.31 44.32
C LYS C 507 10.12 124.03 45.56
N ASN C 508 9.77 122.96 46.26
CA ASN C 508 10.65 122.41 47.25
C ASN C 508 11.75 121.60 46.59
N THR C 509 12.85 121.43 47.32
CA THR C 509 13.92 120.54 46.89
C THR C 509 13.40 119.12 46.76
N ASN C 510 12.54 118.69 47.68
CA ASN C 510 12.07 117.31 47.69
C ASN C 510 11.06 117.05 46.57
N VAL C 511 10.16 117.99 46.29
CA VAL C 511 9.24 117.78 45.18
C VAL C 511 9.95 117.98 43.85
N LEU C 512 11.03 118.76 43.82
CA LEU C 512 11.85 118.81 42.61
C LEU C 512 12.59 117.50 42.42
N LYS C 513 12.95 116.87 43.52
CA LYS C 513 13.75 115.66 43.48
C LYS C 513 12.92 114.45 43.08
N ASN C 514 11.67 114.39 43.54
CA ASN C 514 10.84 113.25 43.20
C ASN C 514 10.25 113.31 41.80
N GLU C 515 10.42 114.41 41.07
CA GLU C 515 10.00 114.40 39.68
C GLU C 515 10.94 113.60 38.80
N LEU C 516 12.19 113.43 39.21
CA LEU C 516 13.16 112.73 38.40
C LEU C 516 12.93 111.23 38.49
N ASN C 517 13.63 110.49 37.64
CA ASN C 517 13.45 109.05 37.54
C ASN C 517 14.71 108.35 38.02
N VAL C 518 14.62 107.03 38.16
CA VAL C 518 15.65 106.24 38.82
C VAL C 518 16.95 106.15 38.05
N GLU C 519 16.97 106.53 36.78
CA GLU C 519 18.23 106.65 36.08
C GLU C 519 18.63 108.09 35.87
N ASP C 520 17.65 108.98 35.71
CA ASP C 520 17.92 110.39 35.53
C ASP C 520 18.44 111.04 36.81
N PHE C 521 18.30 110.37 37.95
CA PHE C 521 18.72 110.98 39.20
C PHE C 521 20.23 111.12 39.29
N TYR C 522 20.97 110.20 38.67
CA TYR C 522 22.41 110.21 38.77
C TYR C 522 23.07 111.05 37.69
N LYS C 523 22.32 111.46 36.67
CA LYS C 523 22.88 112.26 35.59
C LYS C 523 23.16 113.67 36.09
N PRO C 524 24.21 114.33 35.61
CA PRO C 524 24.55 115.68 36.09
C PRO C 524 23.53 116.77 35.74
N ASP C 525 22.51 116.48 34.94
CA ASP C 525 21.42 117.43 34.76
C ASP C 525 20.57 117.56 36.01
N ASN C 526 20.67 116.63 36.94
CA ASN C 526 20.00 116.70 38.23
C ASN C 526 20.46 117.94 38.96
N PRO C 527 19.55 118.83 39.36
CA PRO C 527 19.94 119.97 40.19
C PRO C 527 20.11 119.62 41.66
N THR C 528 19.87 118.37 42.06
CA THR C 528 19.86 117.99 43.46
C THR C 528 20.88 116.91 43.82
N LEU C 529 21.89 116.68 42.99
CA LEU C 529 22.92 115.75 43.44
C LEU C 529 23.77 116.26 44.59
N PRO C 530 24.19 117.53 44.68
CA PRO C 530 24.86 117.96 45.92
C PRO C 530 23.94 118.07 47.12
N THR C 531 22.64 117.85 46.97
CA THR C 531 21.74 117.89 48.10
C THR C 531 21.86 116.64 48.95
N GLU C 532 21.83 115.47 48.31
CA GLU C 532 21.92 114.21 49.04
C GLU C 532 23.31 114.05 49.63
N ARG C 533 23.36 113.85 50.92
CA ARG C 533 24.64 113.55 51.55
C ARG C 533 24.56 112.30 52.40
N HIS C 534 23.39 112.01 52.96
CA HIS C 534 23.26 110.98 53.94
C HIS C 534 21.90 110.33 53.78
N PRO C 535 21.81 109.00 53.87
CA PRO C 535 20.56 108.33 53.55
C PRO C 535 19.46 108.55 54.56
N PHE C 536 19.82 108.89 55.78
CA PHE C 536 18.82 109.11 56.82
C PHE C 536 18.41 110.55 56.95
N PHE C 537 19.21 111.49 56.43
CA PHE C 537 19.02 112.91 56.69
C PHE C 537 18.76 113.63 55.39
N ASP C 538 17.56 114.15 55.25
CA ASP C 538 17.20 115.04 54.16
C ASP C 538 17.77 116.42 54.45
N LEU C 539 18.49 116.98 53.48
CA LEU C 539 19.07 118.32 53.61
C LEU C 539 18.43 119.25 52.59
N THR C 540 18.49 120.55 52.87
CA THR C 540 17.89 121.56 52.01
C THR C 540 18.47 122.94 52.34
N TYR C 541 17.93 123.96 51.70
CA TYR C 541 18.31 125.35 51.89
C TYR C 541 17.09 126.16 52.30
N ILE C 542 17.23 126.99 53.34
CA ILE C 542 16.14 127.87 53.71
C ILE C 542 16.67 129.30 53.92
N GLN C 543 15.74 130.24 53.74
CA GLN C 543 16.01 131.67 53.74
C GLN C 543 15.40 132.27 54.98
N LYS C 544 16.23 132.63 55.96
CA LYS C 544 15.80 133.49 57.07
C LYS C 544 16.64 134.75 57.05
N ASN C 545 15.96 135.89 56.99
CA ASN C 545 16.56 137.24 56.91
C ASN C 545 17.48 137.35 55.70
N ARG C 546 17.08 136.70 54.61
CA ARG C 546 17.78 136.68 53.32
C ARG C 546 19.20 136.11 53.45
N ALA C 547 19.36 135.13 54.33
CA ALA C 547 20.55 134.29 54.38
C ALA C 547 20.14 132.85 54.07
N THR C 548 21.02 132.14 53.37
CA THR C 548 20.61 130.95 52.63
C THR C 548 20.34 129.73 53.51
N GLU C 549 20.88 129.71 54.73
CA GLU C 549 20.66 128.82 55.86
C GLU C 549 20.50 127.33 55.52
N VAL C 550 21.59 126.61 55.32
CA VAL C 550 21.56 125.16 55.10
C VAL C 550 20.81 124.45 56.23
N LEU C 551 20.17 123.32 55.92
CA LEU C 551 19.23 122.74 56.88
C LEU C 551 19.28 121.23 56.79
N CYS C 552 19.55 120.58 57.91
CA CYS C 552 19.51 119.13 58.01
C CYS C 552 18.28 118.72 58.79
N THR C 553 17.64 117.64 58.35
CA THR C 553 16.38 117.23 58.89
C THR C 553 16.22 115.74 58.69
N PRO C 554 15.93 114.99 59.75
CA PRO C 554 15.87 113.52 59.63
C PRO C 554 14.65 113.06 58.86
N ARG C 555 14.89 112.30 57.79
CA ARG C 555 13.84 111.48 57.22
C ARG C 555 13.46 110.46 58.25
N ILE C 556 12.21 110.51 58.71
CA ILE C 556 11.82 109.59 59.77
C ILE C 556 11.47 108.23 59.17
N MET C 557 10.60 108.21 58.19
CA MET C 557 10.08 106.95 57.70
C MET C 557 10.81 106.50 56.45
N ILE C 558 10.65 105.21 56.12
CA ILE C 558 11.25 104.66 54.92
C ILE C 558 10.61 105.22 53.66
N GLY C 559 9.41 105.79 53.76
CA GLY C 559 8.81 106.39 52.59
C GLY C 559 9.52 107.67 52.16
N ASN C 560 10.04 108.43 53.12
CA ASN C 560 10.51 109.79 52.83
C ASN C 560 11.81 109.79 52.03
N MET C 561 12.48 108.65 51.90
CA MET C 561 13.56 108.53 50.95
C MET C 561 13.05 108.78 49.54
N PRO C 562 13.81 109.46 48.69
CA PRO C 562 13.30 109.88 47.37
C PRO C 562 13.00 108.68 46.49
N LEU C 563 11.90 108.77 45.77
CA LEU C 563 11.52 107.69 44.85
C LEU C 563 12.55 107.35 43.77
N PRO C 564 13.43 108.25 43.29
CA PRO C 564 14.56 107.75 42.51
C PRO C 564 15.58 106.96 43.32
N LEU C 565 15.57 107.02 44.64
CA LEU C 565 16.46 106.19 45.42
C LEU C 565 15.76 105.01 46.07
N ALA C 566 14.45 104.95 45.99
CA ALA C 566 13.67 103.82 46.42
C ALA C 566 12.36 103.81 45.65
N PRO C 567 12.26 103.05 44.57
CA PRO C 567 11.08 103.12 43.70
C PRO C 567 9.85 102.54 44.36
N ILE C 568 8.70 102.75 43.70
CA ILE C 568 7.47 102.26 44.27
C ILE C 568 7.29 100.77 44.04
N SER C 569 7.92 100.23 43.00
CA SER C 569 7.95 98.78 42.86
C SER C 569 8.79 98.15 43.95
N PHE C 570 9.82 98.85 44.42
CA PHE C 570 10.58 98.40 45.58
C PHE C 570 9.72 98.33 46.82
N HIS C 571 8.92 99.36 47.09
CA HIS C 571 8.08 99.34 48.27
C HIS C 571 7.00 98.27 48.16
N GLU C 572 6.51 98.02 46.95
CA GLU C 572 5.53 96.96 46.80
C GLU C 572 6.17 95.58 46.96
N ALA C 573 7.44 95.43 46.58
CA ALA C 573 8.12 94.16 46.80
C ALA C 573 8.42 93.92 48.27
N ARG C 574 8.84 94.97 48.97
CA ARG C 574 9.00 94.90 50.43
C ARG C 574 7.68 94.57 51.12
N THR C 575 6.59 95.11 50.59
CA THR C 575 5.28 94.83 51.14
C THR C 575 4.87 93.39 50.89
N ASN C 576 5.20 92.85 49.73
CA ASN C 576 4.92 91.43 49.49
C ASN C 576 5.75 90.54 50.40
N GLN C 577 6.97 90.98 50.77
CA GLN C 577 7.70 90.27 51.82
C GLN C 577 6.95 90.27 53.14
N MET C 578 6.39 91.42 53.51
CA MET C 578 5.65 91.46 54.78
C MET C 578 4.34 90.69 54.71
N LEU C 579 3.66 90.66 53.57
CA LEU C 579 2.45 89.86 53.44
C LEU C 579 2.76 88.37 53.46
N GLU C 580 3.87 87.97 52.80
CA GLU C 580 4.28 86.57 52.83
C GLU C 580 4.73 86.16 54.21
N HIS C 581 5.35 87.08 54.95
CA HIS C 581 5.79 86.76 56.29
C HIS C 581 4.63 86.72 57.27
N ALA C 582 3.60 87.52 57.04
CA ALA C 582 2.42 87.53 57.89
C ALA C 582 1.39 86.48 57.52
N LYS C 583 1.53 85.88 56.33
CA LYS C 583 0.62 84.85 55.82
C LYS C 583 -0.82 85.33 55.75
N THR C 584 -1.02 86.62 55.45
CA THR C 584 -2.35 87.23 55.32
C THR C 584 -2.42 87.96 53.99
N ASN C 585 -2.77 87.23 52.94
CA ASN C 585 -2.79 87.78 51.59
C ASN C 585 -4.06 87.35 50.87
N SER C 586 -5.20 87.54 51.53
CA SER C 586 -6.47 87.09 50.98
C SER C 586 -6.94 88.02 49.87
N HIS C 587 -7.61 87.44 48.88
CA HIS C 587 -8.20 88.19 47.78
C HIS C 587 -9.68 88.43 47.97
N ASN C 588 -10.16 88.35 49.21
CA ASN C 588 -11.59 88.46 49.46
C ASN C 588 -12.12 89.88 49.34
N TYR C 589 -11.25 90.89 49.28
CA TYR C 589 -11.68 92.26 49.52
C TYR C 589 -11.74 93.12 48.28
N ASP C 590 -11.36 92.59 47.12
CA ASP C 590 -11.32 93.40 45.90
C ASP C 590 -12.71 93.82 45.47
N PHE C 591 -13.70 92.95 45.67
CA PHE C 591 -15.06 93.30 45.32
C PHE C 591 -15.64 94.33 46.26
N THR C 592 -15.14 94.39 47.49
CA THR C 592 -15.46 95.52 48.36
C THR C 592 -14.83 96.80 47.83
N LEU C 593 -13.53 96.74 47.50
CA LEU C 593 -12.78 97.95 47.16
C LEU C 593 -13.23 98.57 45.85
N LYS C 594 -13.80 97.79 44.93
CA LYS C 594 -14.36 98.36 43.71
C LYS C 594 -15.50 99.33 44.02
N ILE C 595 -16.46 98.88 44.83
CA ILE C 595 -17.61 99.71 45.17
C ILE C 595 -17.19 100.85 46.08
N VAL C 596 -16.19 100.62 46.93
CA VAL C 596 -15.67 101.69 47.79
C VAL C 596 -15.01 102.78 46.94
N THR C 597 -14.21 102.38 45.95
CA THR C 597 -13.53 103.38 45.12
C THR C 597 -14.52 104.11 44.23
N GLU C 598 -15.56 103.42 43.74
CA GLU C 598 -16.59 104.11 42.97
C GLU C 598 -17.36 105.10 43.83
N SER C 599 -17.60 104.75 45.10
CA SER C 599 -18.28 105.67 46.00
C SER C 599 -17.41 106.86 46.35
N LEU C 600 -16.10 106.63 46.55
CA LEU C 600 -15.21 107.72 46.88
C LEU C 600 -14.95 108.64 45.69
N THR C 601 -15.04 108.10 44.47
CA THR C 601 -14.70 108.89 43.29
C THR C 601 -15.90 109.65 42.74
N SER C 602 -17.07 109.01 42.68
CA SER C 602 -18.25 109.59 42.06
C SER C 602 -18.74 110.78 42.88
N GLY C 603 -18.62 111.98 42.33
CA GLY C 603 -18.83 113.16 43.13
C GLY C 603 -20.28 113.58 43.32
N SER C 604 -21.15 112.67 43.71
CA SER C 604 -22.57 112.97 43.88
C SER C 604 -23.03 112.79 45.33
N TYR C 605 -22.14 113.05 46.26
CA TYR C 605 -22.36 112.63 47.63
C TYR C 605 -23.26 113.63 48.33
N PRO C 606 -24.16 113.19 49.19
CA PRO C 606 -25.21 114.09 49.69
C PRO C 606 -24.74 114.97 50.83
N GLU C 607 -25.52 116.03 51.06
CA GLU C 607 -25.18 117.03 52.08
C GLU C 607 -25.48 116.51 53.47
N LEU C 608 -26.55 115.74 53.60
CA LEU C 608 -27.04 115.34 54.91
C LEU C 608 -26.07 114.37 55.57
N ALA C 609 -25.31 113.62 54.77
CA ALA C 609 -24.20 112.85 55.30
C ALA C 609 -23.20 113.74 56.02
N TYR C 610 -22.85 114.89 55.43
CA TYR C 610 -21.93 115.83 56.07
C TYR C 610 -22.55 116.45 57.31
N VAL C 611 -23.88 116.64 57.29
CA VAL C 611 -24.55 117.13 58.48
C VAL C 611 -24.48 116.10 59.61
N ILE C 612 -24.73 114.84 59.28
CA ILE C 612 -24.73 113.78 60.30
C ILE C 612 -23.34 113.56 60.88
N GLU C 613 -22.31 113.58 60.03
CA GLU C 613 -20.96 113.28 60.49
C GLU C 613 -20.38 114.31 61.46
N ILE C 614 -21.00 115.48 61.62
CA ILE C 614 -20.61 116.37 62.71
C ILE C 614 -21.63 116.38 63.84
N LEU C 615 -22.87 115.93 63.61
CA LEU C 615 -23.80 115.78 64.71
C LEU C 615 -23.43 114.58 65.58
N VAL C 616 -23.44 113.39 65.00
CA VAL C 616 -22.86 112.28 65.73
C VAL C 616 -21.35 112.36 65.60
N HIS C 617 -20.66 111.96 66.66
CA HIS C 617 -19.20 112.01 66.66
C HIS C 617 -18.63 110.79 67.35
N GLY C 618 -19.20 109.63 67.08
CA GLY C 618 -18.70 108.41 67.66
C GLY C 618 -19.09 108.18 69.11
N ASN C 619 -19.95 109.01 69.68
CA ASN C 619 -20.36 108.82 71.06
C ASN C 619 -21.39 107.72 71.23
N LYS C 620 -22.05 107.34 70.14
CA LYS C 620 -22.96 106.22 69.89
C LYS C 620 -24.30 106.34 70.59
N HIS C 621 -24.44 107.27 71.54
CA HIS C 621 -25.78 107.58 72.04
C HIS C 621 -26.55 108.36 71.00
N ALA C 622 -25.90 109.36 70.41
CA ALA C 622 -26.52 110.09 69.31
C ALA C 622 -26.71 109.20 68.09
N PHE C 623 -25.84 108.19 67.92
CA PHE C 623 -26.03 107.26 66.82
C PHE C 623 -27.25 106.38 67.05
N MET C 624 -27.46 105.92 68.28
CA MET C 624 -28.67 105.17 68.59
C MET C 624 -29.92 106.02 68.53
N ILE C 625 -29.79 107.34 68.71
CA ILE C 625 -30.91 108.23 68.42
C ILE C 625 -31.17 108.29 66.92
N LEU C 626 -30.14 108.56 66.13
CA LEU C 626 -30.25 108.74 64.69
C LEU C 626 -30.15 107.44 63.92
N LYS C 627 -30.43 106.31 64.55
CA LYS C 627 -30.20 105.01 63.92
C LYS C 627 -31.13 104.78 62.73
N GLN C 628 -32.30 105.41 62.71
CA GLN C 628 -33.22 105.18 61.60
C GLN C 628 -33.10 106.19 60.48
N VAL C 629 -32.67 107.42 60.77
CA VAL C 629 -32.41 108.39 59.71
C VAL C 629 -31.25 107.93 58.86
N ILE C 630 -30.17 107.50 59.51
CA ILE C 630 -29.02 106.93 58.83
C ILE C 630 -29.40 105.64 58.11
N SER C 631 -30.37 104.90 58.67
CA SER C 631 -30.88 103.71 57.99
C SER C 631 -31.53 104.06 56.67
N GLN C 632 -32.40 105.08 56.67
CA GLN C 632 -33.10 105.46 55.45
C GLN C 632 -32.14 106.05 54.43
N CYS C 633 -31.16 106.84 54.91
CA CYS C 633 -30.16 107.44 54.02
C CYS C 633 -29.31 106.38 53.34
N ILE C 634 -28.73 105.47 54.12
CA ILE C 634 -27.90 104.40 53.55
C ILE C 634 -28.74 103.46 52.70
N SER C 635 -29.98 103.17 53.13
CA SER C 635 -30.81 102.19 52.45
C SER C 635 -31.19 102.67 51.06
N TYR C 636 -31.71 103.90 50.96
CA TYR C 636 -31.97 104.49 49.66
C TYR C 636 -30.69 104.68 48.87
N TRP C 637 -29.63 105.11 49.52
CA TRP C 637 -28.49 105.60 48.77
C TRP C 637 -27.62 104.48 48.24
N PHE C 638 -27.70 103.29 48.82
CA PHE C 638 -27.09 102.12 48.22
C PHE C 638 -28.09 101.29 47.44
N ASN C 639 -29.38 101.40 47.71
CA ASN C 639 -30.33 100.57 47.01
C ASN C 639 -30.68 101.15 45.65
N MET C 640 -30.65 102.47 45.51
CA MET C 640 -30.95 103.08 44.23
C MET C 640 -29.71 103.68 43.59
N LYS C 641 -29.03 104.61 44.27
CA LYS C 641 -27.82 105.19 43.71
C LYS C 641 -26.67 104.20 43.61
N HIS C 642 -26.68 103.15 44.46
CA HIS C 642 -25.61 102.15 44.66
C HIS C 642 -24.21 102.75 44.62
N ILE C 643 -24.05 103.83 45.38
CA ILE C 643 -22.75 104.27 45.87
C ILE C 643 -22.78 104.24 47.39
N LEU C 644 -21.71 103.75 47.98
CA LEU C 644 -21.71 103.49 49.41
C LEU C 644 -21.53 104.79 50.16
N LEU C 645 -22.15 104.86 51.33
CA LEU C 645 -22.27 106.10 52.08
C LEU C 645 -21.44 105.97 53.35
N PHE C 646 -21.09 107.13 53.93
CA PHE C 646 -20.33 107.24 55.18
C PHE C 646 -18.98 106.54 55.12
N CYS C 647 -18.34 106.57 53.96
CA CYS C 647 -17.00 106.05 53.78
C CYS C 647 -15.93 107.11 53.98
N ASN C 648 -16.21 108.12 54.80
CA ASN C 648 -15.25 109.16 55.11
C ASN C 648 -14.76 109.08 56.55
N SER C 649 -15.67 108.84 57.48
CA SER C 649 -15.36 108.93 58.90
C SER C 649 -15.09 107.55 59.46
N PHE C 650 -13.96 107.42 60.16
CA PHE C 650 -13.59 106.13 60.75
C PHE C 650 -14.56 105.73 61.84
N GLU C 651 -14.94 106.67 62.71
CA GLU C 651 -15.85 106.35 63.79
C GLU C 651 -17.23 105.99 63.26
N MET C 652 -17.65 106.62 62.16
CA MET C 652 -18.90 106.23 61.51
C MET C 652 -18.79 104.85 60.90
N ILE C 653 -17.69 104.58 60.20
CA ILE C 653 -17.58 103.32 59.47
C ILE C 653 -17.26 102.16 60.40
N MET C 654 -16.83 102.43 61.62
CA MET C 654 -16.75 101.41 62.66
C MET C 654 -18.07 101.29 63.40
N LEU C 655 -18.79 102.40 63.55
CA LEU C 655 -20.01 102.40 64.32
C LEU C 655 -21.14 101.72 63.58
N ILE C 656 -21.15 101.81 62.25
CA ILE C 656 -22.06 101.03 61.42
C ILE C 656 -21.78 99.55 61.59
N SER C 657 -20.51 99.17 61.63
CA SER C 657 -20.19 97.76 61.77
C SER C 657 -20.56 97.22 63.15
N ASN C 658 -20.47 98.06 64.18
CA ASN C 658 -20.82 97.60 65.51
C ASN C 658 -22.33 97.57 65.71
N HIS C 659 -22.99 98.72 65.61
CA HIS C 659 -24.37 98.83 66.08
C HIS C 659 -25.41 98.74 64.99
N MET C 660 -25.07 99.07 63.75
CA MET C 660 -26.06 98.97 62.69
C MET C 660 -26.19 97.52 62.27
N GLY C 661 -27.42 97.03 62.23
CA GLY C 661 -27.67 95.64 61.92
C GLY C 661 -27.92 95.45 60.44
N ASP C 662 -28.88 94.57 60.14
CA ASP C 662 -29.40 94.44 58.77
C ASP C 662 -30.86 94.88 58.69
N GLU C 663 -31.36 95.53 59.72
CA GLU C 663 -32.70 96.09 59.67
C GLU C 663 -32.62 97.47 59.05
N LEU C 664 -33.46 97.71 58.03
CA LEU C 664 -33.57 98.99 57.31
C LEU C 664 -32.24 99.41 56.67
N ILE C 665 -31.48 98.44 56.19
CA ILE C 665 -30.23 98.67 55.48
C ILE C 665 -30.00 97.43 54.64
N PRO C 666 -29.41 97.54 53.45
CA PRO C 666 -29.18 96.33 52.65
C PRO C 666 -27.99 95.52 53.15
N GLY C 667 -28.17 94.20 53.15
CA GLY C 667 -27.17 93.28 53.65
C GLY C 667 -25.92 93.22 52.80
N ALA C 668 -26.00 93.60 51.53
CA ALA C 668 -24.78 93.74 50.75
C ALA C 668 -23.95 94.90 51.28
N ALA C 669 -24.59 96.01 51.59
CA ALA C 669 -23.89 97.18 52.09
C ALA C 669 -23.33 96.94 53.48
N PHE C 670 -24.09 96.25 54.34
CA PHE C 670 -23.57 95.88 55.65
C PHE C 670 -22.37 94.96 55.55
N ALA C 671 -22.38 94.05 54.57
CA ALA C 671 -21.21 93.22 54.32
C ALA C 671 -20.02 94.05 53.86
N HIS C 672 -20.26 95.11 53.10
CA HIS C 672 -19.14 95.97 52.68
C HIS C 672 -18.52 96.72 53.85
N TYR C 673 -19.35 97.23 54.78
CA TYR C 673 -18.79 97.92 55.94
C TYR C 673 -18.03 96.97 56.84
N ARG C 674 -18.57 95.77 57.04
CA ARG C 674 -17.88 94.79 57.86
C ARG C 674 -16.58 94.33 57.21
N ASN C 675 -16.55 94.25 55.88
CA ASN C 675 -15.31 93.90 55.21
C ASN C 675 -14.27 95.02 55.29
N LEU C 676 -14.70 96.28 55.28
CA LEU C 676 -13.74 97.38 55.44
C LEU C 676 -13.12 97.38 56.82
N VAL C 677 -13.93 97.10 57.84
CA VAL C 677 -13.40 97.00 59.20
C VAL C 677 -12.42 95.85 59.31
N SER C 678 -12.74 94.72 58.68
CA SER C 678 -11.81 93.59 58.70
C SER C 678 -10.56 93.88 57.87
N LEU C 679 -10.67 94.73 56.85
CA LEU C 679 -9.51 95.15 56.08
C LEU C 679 -8.55 95.96 56.93
N ILE C 680 -9.09 96.87 57.74
CA ILE C 680 -8.25 97.63 58.65
C ILE C 680 -7.61 96.72 59.69
N ARG C 681 -8.34 95.68 60.13
CA ARG C 681 -7.77 94.66 61.01
C ARG C 681 -6.59 93.95 60.37
N LEU C 682 -6.72 93.56 59.10
CA LEU C 682 -5.64 92.82 58.46
C LEU C 682 -4.42 93.69 58.21
N VAL C 683 -4.64 94.97 57.91
CA VAL C 683 -3.51 95.89 57.78
C VAL C 683 -2.76 96.00 59.10
N LYS C 684 -3.50 96.09 60.21
CA LYS C 684 -2.87 96.14 61.53
C LYS C 684 -2.06 94.90 61.83
N ARG C 685 -2.59 93.72 61.48
CA ARG C 685 -1.86 92.47 61.70
C ARG C 685 -0.57 92.43 60.88
N THR C 686 -0.68 92.82 59.60
CA THR C 686 0.45 92.78 58.68
C THR C 686 1.60 93.65 59.15
N ILE C 687 1.33 94.88 59.57
CA ILE C 687 2.42 95.71 60.03
C ILE C 687 2.62 95.62 61.54
N SER C 688 1.91 94.72 62.20
CA SER C 688 2.26 94.35 63.57
C SER C 688 2.86 92.97 63.63
N ILE C 689 3.41 92.49 62.51
CA ILE C 689 4.45 91.46 62.57
C ILE C 689 5.53 91.81 63.58
N SER C 690 6.10 93.02 63.47
CA SER C 690 7.29 93.39 64.24
C SER C 690 6.94 93.76 65.69
N ASN C 691 6.46 92.78 66.43
CA ASN C 691 5.99 92.97 67.81
C ASN C 691 6.84 92.11 68.73
N ILE C 692 7.58 92.76 69.64
CA ILE C 692 8.56 92.09 70.48
C ILE C 692 8.32 92.53 71.93
N ASN C 693 8.36 91.56 72.85
CA ASN C 693 8.18 91.88 74.27
C ASN C 693 9.35 92.62 74.89
N GLU C 694 9.58 93.86 74.49
CA GLU C 694 10.63 94.63 75.14
C GLU C 694 10.37 96.11 74.95
N GLN C 695 10.31 96.85 76.05
CA GLN C 695 10.30 98.30 76.00
C GLN C 695 11.70 98.83 76.29
N LEU C 696 11.96 100.04 75.81
CA LEU C 696 13.26 100.66 76.02
C LEU C 696 13.19 101.86 76.97
N CYS C 697 12.41 102.88 76.66
CA CYS C 697 12.26 103.99 77.58
C CYS C 697 10.88 104.00 78.23
N GLY C 698 9.84 104.14 77.42
CA GLY C 698 8.48 103.98 77.90
C GLY C 698 7.66 103.44 76.75
N GLU C 699 8.33 103.21 75.66
CA GLU C 699 7.68 102.86 74.42
C GLU C 699 7.88 101.38 74.12
N PRO C 700 6.89 100.70 73.57
CA PRO C 700 7.12 99.35 73.06
C PRO C 700 7.98 99.35 71.81
N LEU C 701 8.39 98.16 71.43
CA LEU C 701 9.34 98.10 70.34
C LEU C 701 8.67 98.29 68.99
N VAL C 702 7.35 98.12 68.91
CA VAL C 702 6.72 98.44 67.65
C VAL C 702 6.54 99.94 67.53
N ASN C 703 6.33 100.60 68.67
CA ASN C 703 6.38 102.05 68.76
C ASN C 703 7.73 102.56 68.28
N PHE C 704 8.81 101.82 68.51
CA PHE C 704 10.03 102.20 67.81
C PHE C 704 10.05 101.80 66.35
N ALA C 705 9.43 100.68 65.99
CA ALA C 705 9.54 100.12 64.65
C ALA C 705 8.83 100.97 63.62
N ASN C 706 7.53 101.16 63.80
CA ASN C 706 6.66 101.73 62.78
C ASN C 706 6.04 103.02 63.32
N ALA C 707 6.17 104.10 62.55
CA ALA C 707 5.69 105.41 62.98
C ALA C 707 4.18 105.46 63.02
N LEU C 708 3.54 104.55 62.33
CA LEU C 708 2.08 104.47 62.35
C LEU C 708 1.57 104.13 63.75
N PHE C 709 2.35 103.42 64.57
CA PHE C 709 1.87 103.06 65.89
C PHE C 709 2.04 104.16 66.92
N ASP C 710 3.05 105.02 66.75
CA ASP C 710 3.58 105.74 67.89
C ASP C 710 2.63 106.81 68.42
N GLY C 711 2.89 107.25 69.64
CA GLY C 711 2.15 108.34 70.22
C GLY C 711 2.52 109.70 69.67
N ARG C 712 3.52 109.74 68.78
CA ARG C 712 3.92 111.00 68.17
C ARG C 712 3.00 111.36 67.01
N LEU C 713 2.83 110.45 66.07
CA LEU C 713 1.96 110.70 64.93
C LEU C 713 0.51 110.67 65.36
N PHE C 714 -0.27 111.64 64.90
CA PHE C 714 -1.66 111.74 65.28
C PHE C 714 -2.56 111.63 64.08
N CYS C 715 -3.82 111.30 64.35
CA CYS C 715 -4.85 111.22 63.33
C CYS C 715 -5.04 112.59 62.68
N PRO C 716 -5.44 112.64 61.42
CA PRO C 716 -5.76 113.95 60.84
C PRO C 716 -7.06 114.53 61.37
N PHE C 717 -7.99 113.69 61.82
CA PHE C 717 -9.29 114.15 62.29
C PHE C 717 -9.57 113.49 63.63
N VAL C 718 -9.70 114.30 64.68
CA VAL C 718 -10.12 113.76 65.97
C VAL C 718 -11.37 114.50 66.43
N HIS C 719 -11.92 114.08 67.56
CA HIS C 719 -13.09 114.76 68.10
C HIS C 719 -13.04 115.05 69.59
N THR C 720 -12.26 114.33 70.38
CA THR C 720 -12.13 114.67 71.80
C THR C 720 -10.72 115.12 72.13
N MET C 721 -9.76 114.23 72.09
CA MET C 721 -8.36 114.49 72.41
C MET C 721 -7.61 113.22 72.06
N PRO C 722 -6.45 113.30 71.43
CA PRO C 722 -5.69 112.09 71.16
C PRO C 722 -5.03 111.54 72.41
N ARG C 723 -4.49 110.34 72.24
CA ARG C 723 -3.91 109.58 73.33
C ARG C 723 -2.51 110.07 73.65
N ASN C 724 -2.21 110.17 74.96
CA ASN C 724 -0.85 110.39 75.49
C ASN C 724 -0.25 111.70 74.98
N ASP C 725 -0.91 112.79 75.36
CA ASP C 725 -0.45 114.10 74.93
C ASP C 725 0.80 114.55 75.67
N THR C 726 1.15 113.90 76.80
CA THR C 726 2.30 114.28 77.62
C THR C 726 3.62 114.16 76.87
N ASN C 727 3.68 113.28 75.86
CA ASN C 727 4.81 113.32 74.94
C ASN C 727 4.80 114.61 74.14
N ALA C 728 3.66 114.96 73.54
CA ALA C 728 3.58 116.03 72.57
C ALA C 728 3.26 117.36 73.24
N LYS C 729 2.90 118.34 72.43
CA LYS C 729 2.58 119.69 72.89
C LYS C 729 1.53 120.23 71.93
N ILE C 730 0.25 120.03 72.27
CA ILE C 730 -0.84 120.47 71.42
C ILE C 730 -1.19 121.90 71.77
N THR C 731 -1.17 122.77 70.77
CA THR C 731 -1.51 124.17 70.96
C THR C 731 -2.62 124.57 70.00
N ALA C 732 -3.47 125.48 70.46
CA ALA C 732 -4.35 126.26 69.62
C ALA C 732 -4.14 127.75 69.79
N ASP C 733 -3.65 128.15 70.97
CA ASP C 733 -3.14 129.46 71.31
C ASP C 733 -1.74 129.23 71.84
N ASP C 734 -1.16 130.21 72.53
CA ASP C 734 0.13 129.99 73.18
C ASP C 734 0.07 128.94 74.29
N THR C 735 -1.12 128.65 74.82
CA THR C 735 -1.24 127.70 75.93
C THR C 735 -1.18 126.28 75.41
N PRO C 736 -0.29 125.44 75.94
CA PRO C 736 -0.31 124.01 75.59
C PRO C 736 -1.53 123.33 76.19
N LEU C 737 -2.20 122.53 75.37
CA LEU C 737 -3.41 121.85 75.79
C LEU C 737 -3.04 120.63 76.61
N THR C 738 -3.36 120.65 77.89
CA THR C 738 -3.09 119.56 78.81
C THR C 738 -4.39 118.94 79.27
N GLN C 739 -4.28 117.97 80.18
CA GLN C 739 -5.47 117.50 80.87
C GLN C 739 -5.98 118.52 81.86
N ASN C 740 -5.08 119.35 82.40
CA ASN C 740 -5.47 120.41 83.32
C ASN C 740 -6.21 121.53 82.60
N THR C 741 -5.76 121.86 81.39
CA THR C 741 -6.27 123.06 80.72
C THR C 741 -7.69 122.86 80.19
N VAL C 742 -7.98 121.69 79.65
CA VAL C 742 -9.21 121.48 78.91
C VAL C 742 -10.35 121.22 79.89
N ARG C 743 -11.45 121.94 79.70
CA ARG C 743 -12.66 121.62 80.44
C ARG C 743 -13.41 120.45 79.80
N VAL C 744 -14.03 119.65 80.66
CA VAL C 744 -14.78 118.49 80.21
C VAL C 744 -16.12 118.93 79.64
N ARG C 745 -16.56 118.26 78.58
CA ARG C 745 -17.90 118.47 78.04
C ARG C 745 -18.91 117.65 78.82
N ASN C 746 -19.99 118.29 79.24
CA ASN C 746 -21.03 117.60 80.00
C ASN C 746 -22.34 117.77 79.26
N TYR C 747 -22.93 116.65 78.84
CA TYR C 747 -24.07 116.65 77.95
C TYR C 747 -25.40 116.75 78.68
N GLU C 748 -25.42 117.05 79.97
CA GLU C 748 -26.66 117.13 80.71
C GLU C 748 -26.93 118.49 81.34
N ILE C 749 -25.94 119.14 81.93
CA ILE C 749 -26.23 120.40 82.60
C ILE C 749 -26.29 121.56 81.60
N SER C 750 -25.56 121.44 80.49
CA SER C 750 -25.58 122.36 79.34
C SER C 750 -25.25 123.80 79.77
N ASP C 751 -23.99 123.97 80.17
CA ASP C 751 -23.51 125.28 80.59
C ASP C 751 -23.43 126.25 79.40
N VAL C 752 -23.45 127.54 79.73
CA VAL C 752 -23.45 128.58 78.71
C VAL C 752 -22.03 129.02 78.36
N GLN C 753 -21.06 128.77 79.26
CA GLN C 753 -19.69 129.13 78.98
C GLN C 753 -19.14 128.35 77.79
N ARG C 754 -19.49 127.08 77.69
CA ARG C 754 -19.09 126.32 76.51
C ARG C 754 -19.84 126.80 75.26
N MET C 755 -21.03 127.38 75.44
CA MET C 755 -21.72 127.97 74.30
C MET C 755 -21.03 129.23 73.80
N ASN C 756 -20.36 129.97 74.67
CA ASN C 756 -19.53 131.08 74.20
C ASN C 756 -18.22 130.58 73.59
N LEU C 757 -17.64 129.57 74.19
CA LEU C 757 -16.33 129.17 73.74
C LEU C 757 -16.38 128.16 72.61
N ILE C 758 -17.56 127.87 72.06
CA ILE C 758 -17.54 127.25 70.74
C ILE C 758 -17.15 128.28 69.68
N ASP C 759 -17.55 129.55 69.84
CA ASP C 759 -17.02 130.56 68.95
C ASP C 759 -15.58 130.87 69.30
N SER C 760 -15.27 130.97 70.59
CA SER C 760 -13.87 131.24 70.89
C SER C 760 -13.02 129.98 70.73
N SER C 761 -11.72 130.15 70.94
CA SER C 761 -10.75 129.10 70.65
C SER C 761 -10.34 128.38 71.93
N VAL C 762 -11.28 127.69 72.53
CA VAL C 762 -11.04 126.86 73.70
C VAL C 762 -11.43 125.43 73.38
N VAL C 763 -10.51 124.49 73.63
CA VAL C 763 -10.71 123.08 73.35
C VAL C 763 -11.55 122.45 74.45
N PHE C 764 -12.39 121.49 74.07
CA PHE C 764 -13.29 120.82 74.98
C PHE C 764 -13.36 119.33 74.68
N THR C 765 -13.17 118.49 75.70
CA THR C 765 -13.16 117.04 75.53
C THR C 765 -14.34 116.39 76.22
N ASP C 766 -14.66 115.18 75.77
CA ASP C 766 -15.64 114.36 76.47
C ASP C 766 -15.01 113.69 77.68
N ASN C 767 -14.01 112.85 77.43
CA ASN C 767 -13.30 112.07 78.41
C ASN C 767 -12.14 111.46 77.64
N ASP C 768 -11.32 110.61 78.25
CA ASP C 768 -10.28 109.94 77.45
C ASP C 768 -10.92 108.77 76.71
N ARG C 769 -11.64 109.12 75.64
CA ARG C 769 -12.31 108.11 74.81
C ARG C 769 -11.37 107.18 74.06
N PRO C 770 -10.37 107.63 73.29
CA PRO C 770 -9.70 106.70 72.36
C PRO C 770 -8.82 105.70 73.08
N SER C 771 -9.11 104.42 72.88
CA SER C 771 -8.20 103.37 73.28
C SER C 771 -6.99 103.34 72.35
N ASN C 772 -5.98 102.58 72.74
CA ASN C 772 -4.77 102.45 71.94
C ASN C 772 -5.07 101.76 70.62
N GLU C 773 -5.87 100.69 70.69
CA GLU C 773 -6.27 99.95 69.50
C GLU C 773 -7.09 100.82 68.56
N ASN C 774 -8.05 101.55 69.09
CA ASN C 774 -8.89 102.38 68.23
C ASN C 774 -8.12 103.57 67.68
N THR C 775 -7.13 104.07 68.41
CA THR C 775 -6.28 105.13 67.89
C THR C 775 -5.46 104.64 66.71
N ILE C 776 -4.86 103.45 66.86
CA ILE C 776 -4.07 102.86 65.78
C ILE C 776 -4.94 102.59 64.56
N LEU C 777 -6.15 102.07 64.76
CA LEU C 777 -7.03 101.80 63.63
C LEU C 777 -7.55 103.09 63.01
N SER C 778 -7.72 104.15 63.79
CA SER C 778 -8.09 105.44 63.24
C SER C 778 -7.00 106.00 62.34
N LYS C 779 -5.75 105.85 62.78
CA LYS C 779 -4.63 106.28 61.96
C LYS C 779 -4.54 105.44 60.69
N ILE C 780 -4.75 104.12 60.81
CA ILE C 780 -4.68 103.24 59.64
C ILE C 780 -5.72 103.63 58.61
N PHE C 781 -6.97 103.88 59.05
CA PHE C 781 -8.01 104.32 58.14
C PHE C 781 -7.70 105.66 57.52
N TYR C 782 -7.66 106.72 58.32
CA TYR C 782 -7.49 108.08 57.81
C TYR C 782 -6.13 108.36 57.18
N PHE C 783 -5.24 107.40 57.22
CA PHE C 783 -3.86 107.71 56.92
C PHE C 783 -3.24 106.71 55.96
N CYS C 784 -3.89 105.57 55.70
CA CYS C 784 -3.51 104.70 54.62
C CYS C 784 -4.68 104.32 53.73
N VAL C 785 -5.88 104.14 54.29
CA VAL C 785 -6.96 103.55 53.53
C VAL C 785 -7.62 104.60 52.65
N LEU C 786 -7.93 105.76 53.21
CA LEU C 786 -8.54 106.84 52.42
C LEU C 786 -7.68 107.36 51.27
N PRO C 787 -6.39 107.69 51.42
CA PRO C 787 -5.70 108.22 50.25
C PRO C 787 -5.34 107.16 49.24
N ALA C 788 -5.15 105.93 49.66
CA ALA C 788 -4.85 104.88 48.69
C ALA C 788 -6.08 104.55 47.87
N LEU C 789 -7.25 104.52 48.50
CA LEU C 789 -8.46 104.22 47.77
C LEU C 789 -9.12 105.43 47.13
N SER C 790 -8.68 106.64 47.49
CA SER C 790 -9.32 107.85 46.97
C SER C 790 -8.42 108.66 46.05
N ASN C 791 -7.11 108.35 46.01
CA ASN C 791 -6.12 109.00 45.15
C ASN C 791 -6.08 110.50 45.38
N ASN C 792 -6.10 110.86 46.67
CA ASN C 792 -5.92 112.23 47.17
C ASN C 792 -7.02 113.18 46.72
N LYS C 793 -8.24 112.66 46.62
CA LYS C 793 -9.35 113.49 46.21
C LYS C 793 -10.20 113.93 47.39
N ALA C 794 -9.63 113.94 48.59
CA ALA C 794 -10.34 114.41 49.76
C ALA C 794 -9.95 115.85 50.09
N CYS C 795 -10.65 116.41 51.06
CA CYS C 795 -10.31 117.72 51.59
C CYS C 795 -10.83 117.84 53.01
N GLY C 796 -9.99 118.35 53.90
CA GLY C 796 -10.47 118.64 55.23
C GLY C 796 -11.38 119.84 55.22
N ALA C 797 -12.32 119.89 56.16
CA ALA C 797 -13.29 120.96 56.13
C ALA C 797 -13.80 121.30 57.51
N GLY C 798 -14.19 122.57 57.62
CA GLY C 798 -14.62 123.17 58.86
C GLY C 798 -16.00 123.79 58.82
N VAL C 799 -16.76 123.64 59.91
CA VAL C 799 -18.16 124.01 59.96
C VAL C 799 -18.37 125.00 61.11
N ASN C 800 -19.21 126.01 60.88
CA ASN C 800 -19.65 126.90 61.95
C ASN C 800 -20.98 126.36 62.47
N VAL C 801 -20.92 125.62 63.57
CA VAL C 801 -22.10 124.87 64.00
C VAL C 801 -23.15 125.78 64.63
N LYS C 802 -22.73 126.92 65.17
CA LYS C 802 -23.66 127.88 65.74
C LYS C 802 -24.62 128.41 64.68
N GLU C 803 -24.05 129.00 63.63
CA GLU C 803 -24.85 129.47 62.51
C GLU C 803 -25.51 128.33 61.76
N LEU C 804 -24.93 127.14 61.80
CA LEU C 804 -25.52 125.99 61.14
C LEU C 804 -26.84 125.59 61.79
N VAL C 805 -26.85 125.43 63.12
CA VAL C 805 -28.09 125.05 63.78
C VAL C 805 -29.07 126.22 63.80
N LEU C 806 -28.57 127.46 63.87
CA LEU C 806 -29.51 128.57 63.95
C LEU C 806 -30.09 128.94 62.60
N ASP C 807 -29.54 128.40 61.51
CA ASP C 807 -30.18 128.57 60.21
C ASP C 807 -30.96 127.34 59.78
N LEU C 808 -30.53 126.14 60.15
CA LEU C 808 -31.35 124.96 59.88
C LEU C 808 -32.64 125.00 60.68
N PHE C 809 -32.54 125.33 61.95
CA PHE C 809 -33.71 125.32 62.83
C PHE C 809 -33.56 126.38 63.89
N TYR C 810 -34.24 126.15 65.03
CA TYR C 810 -34.66 127.19 65.98
C TYR C 810 -35.57 128.18 65.26
N THR C 811 -36.51 127.62 64.50
CA THR C 811 -37.63 128.33 63.87
C THR C 811 -38.93 127.75 64.43
N GLU C 812 -40.06 128.17 63.85
CA GLU C 812 -41.38 128.00 64.46
C GLU C 812 -41.77 126.58 64.88
N PRO C 813 -41.53 125.49 64.11
CA PRO C 813 -41.94 124.17 64.62
C PRO C 813 -41.09 123.66 65.77
N PHE C 814 -39.86 124.14 65.89
CA PHE C 814 -39.04 123.71 67.01
C PHE C 814 -39.25 124.61 68.21
N ILE C 815 -39.47 125.90 67.96
CA ILE C 815 -39.71 126.88 69.01
C ILE C 815 -41.05 126.63 69.69
N CYS C 816 -42.07 126.23 68.93
CA CYS C 816 -43.42 126.08 69.45
C CYS C 816 -43.49 124.98 70.50
N PRO C 817 -44.45 125.02 71.44
CA PRO C 817 -44.50 124.01 72.50
C PRO C 817 -44.93 122.65 71.98
N ASP C 818 -44.63 121.62 72.79
CA ASP C 818 -44.79 120.18 72.54
C ASP C 818 -46.03 119.74 71.77
N ASP C 819 -47.19 120.28 72.13
CA ASP C 819 -48.44 119.88 71.49
C ASP C 819 -48.45 120.26 70.02
N CYS C 820 -47.94 121.45 69.70
CA CYS C 820 -47.76 121.83 68.31
C CYS C 820 -46.59 121.09 67.69
N PHE C 821 -45.61 120.71 68.51
CA PHE C 821 -44.42 120.04 68.00
C PHE C 821 -44.72 118.64 67.49
N GLN C 822 -45.61 117.94 68.18
CA GLN C 822 -45.89 116.55 67.84
C GLN C 822 -46.57 116.40 66.49
N GLU C 823 -47.32 117.41 66.07
CA GLU C 823 -48.13 117.33 64.86
C GLU C 823 -47.84 118.41 63.83
N ASN C 824 -46.95 119.34 64.11
CA ASN C 824 -46.77 120.50 63.25
C ASN C 824 -45.85 120.14 62.10
N PRO C 825 -46.23 120.41 60.86
CA PRO C 825 -45.29 120.26 59.74
C PRO C 825 -44.15 121.26 59.81
N ILE C 826 -43.13 121.00 59.00
CA ILE C 826 -41.91 121.81 58.98
C ILE C 826 -42.25 123.12 58.29
N SER C 827 -41.38 124.13 58.45
CA SER C 827 -41.57 125.49 57.95
C SER C 827 -41.56 125.60 56.44
N SER C 828 -41.30 124.50 55.72
CA SER C 828 -41.14 124.45 54.27
C SER C 828 -40.07 125.44 53.82
N ASP C 829 -38.99 125.51 54.60
CA ASP C 829 -37.88 126.39 54.25
C ASP C 829 -37.13 125.83 53.05
N VAL C 830 -36.37 126.72 52.40
CA VAL C 830 -35.66 126.35 51.18
C VAL C 830 -34.53 125.39 51.52
N LEU C 831 -33.97 125.47 52.73
CA LEU C 831 -32.71 124.78 52.98
C LEU C 831 -32.95 123.34 53.40
N MET C 832 -33.64 123.17 54.51
CA MET C 832 -33.60 121.92 55.27
C MET C 832 -34.41 120.84 54.58
N SER C 833 -35.56 121.24 54.03
CA SER C 833 -36.39 120.29 53.30
C SER C 833 -35.77 119.90 51.97
N LEU C 834 -35.00 120.79 51.34
CA LEU C 834 -34.32 120.37 50.13
C LEU C 834 -33.12 119.49 50.45
N ILE C 835 -32.51 119.63 51.64
CA ILE C 835 -31.49 118.67 52.08
C ILE C 835 -32.10 117.27 52.21
N ARG C 836 -33.30 117.18 52.79
CA ARG C 836 -33.92 115.88 52.92
C ARG C 836 -34.48 115.34 51.59
N GLU C 837 -34.94 116.22 50.69
CA GLU C 837 -35.27 115.73 49.36
C GLU C 837 -34.03 115.25 48.63
N ALA C 838 -32.88 115.83 48.92
CA ALA C 838 -31.64 115.31 48.38
C ALA C 838 -31.29 113.94 48.97
N MET C 839 -31.67 113.69 50.23
CA MET C 839 -31.42 112.36 50.77
C MET C 839 -32.48 111.34 50.37
N GLY C 840 -33.68 111.78 49.97
CA GLY C 840 -34.70 110.88 49.46
C GLY C 840 -35.76 111.56 48.62
N PRO C 841 -36.08 110.99 47.43
CA PRO C 841 -37.10 111.61 46.57
C PRO C 841 -38.53 111.11 46.79
N GLY C 842 -39.47 112.04 46.94
CA GLY C 842 -40.88 111.69 46.91
C GLY C 842 -41.37 111.04 48.18
N TYR C 843 -42.68 110.74 48.19
CA TYR C 843 -43.44 110.12 49.28
C TYR C 843 -43.20 110.76 50.64
N THR C 844 -43.01 112.07 50.67
CA THR C 844 -42.71 112.76 51.92
C THR C 844 -43.67 113.93 52.10
N VAL C 845 -44.86 113.63 52.62
CA VAL C 845 -45.82 114.68 52.92
C VAL C 845 -45.49 115.31 54.25
N ALA C 846 -45.34 114.49 55.28
CA ALA C 846 -44.96 114.90 56.62
C ALA C 846 -43.86 114.03 57.18
N ASN C 847 -43.41 113.03 56.42
CA ASN C 847 -42.26 112.23 56.83
C ASN C 847 -41.00 113.07 56.86
N THR C 848 -40.91 114.09 56.01
CA THR C 848 -39.80 115.02 56.10
C THR C 848 -39.83 115.80 57.42
N SER C 849 -41.03 116.15 57.90
CA SER C 849 -41.13 116.78 59.21
C SER C 849 -40.75 115.81 60.32
N SER C 850 -41.09 114.52 60.16
CA SER C 850 -40.77 113.52 61.17
C SER C 850 -39.27 113.33 61.27
N ILE C 851 -38.59 113.25 60.13
CA ILE C 851 -37.15 113.07 60.13
C ILE C 851 -36.46 114.33 60.65
N ALA C 852 -37.08 115.49 60.42
CA ALA C 852 -36.53 116.73 60.94
C ALA C 852 -36.54 116.74 62.45
N LYS C 853 -37.68 116.41 63.05
CA LYS C 853 -37.77 116.34 64.49
C LYS C 853 -36.91 115.20 65.03
N GLN C 854 -36.85 114.11 64.29
CA GLN C 854 -36.07 112.96 64.70
C GLN C 854 -34.61 113.34 64.78
N LEU C 855 -34.14 114.09 63.78
CA LEU C 855 -32.76 114.55 63.77
C LEU C 855 -32.52 115.55 64.90
N PHE C 856 -33.52 116.40 65.15
CA PHE C 856 -33.39 117.40 66.20
C PHE C 856 -33.24 116.75 67.57
N LYS C 857 -34.04 115.72 67.83
CA LYS C 857 -33.93 115.04 69.12
C LYS C 857 -32.49 114.73 69.48
N SER C 858 -31.65 114.51 68.46
CA SER C 858 -30.31 114.00 68.66
C SER C 858 -29.38 115.05 69.23
N LEU C 859 -29.52 116.26 68.73
CA LEU C 859 -28.48 117.28 68.85
C LEU C 859 -27.90 117.56 70.19
N ILE C 860 -28.62 117.27 71.24
CA ILE C 860 -28.08 117.65 72.54
C ILE C 860 -26.59 117.35 72.60
N TYR C 861 -26.14 116.36 71.80
CA TYR C 861 -24.74 116.02 71.66
C TYR C 861 -24.17 116.84 70.51
N ILE C 862 -24.03 118.15 70.74
CA ILE C 862 -23.37 119.01 69.76
C ILE C 862 -21.98 119.34 70.26
N ASN C 863 -21.13 119.70 69.34
CA ASN C 863 -19.70 119.86 69.57
C ASN C 863 -19.27 121.29 69.33
N GLU C 864 -17.96 121.50 69.33
CA GLU C 864 -17.37 122.80 69.14
C GLU C 864 -17.43 123.21 67.67
N ASN C 865 -16.89 124.38 67.38
CA ASN C 865 -16.52 124.72 66.02
C ASN C 865 -15.20 124.04 65.66
N THR C 866 -14.94 123.94 64.35
CA THR C 866 -13.74 123.27 63.87
C THR C 866 -12.51 124.12 64.13
N LYS C 867 -11.46 123.52 64.68
CA LYS C 867 -10.24 124.22 65.04
C LYS C 867 -9.04 123.53 64.39
N ILE C 868 -7.99 124.30 64.15
CA ILE C 868 -6.69 123.73 63.81
C ILE C 868 -5.93 123.49 65.12
N LEU C 869 -5.09 122.47 65.16
CA LEU C 869 -4.20 122.31 66.30
C LEU C 869 -2.79 122.01 65.82
N GLU C 870 -1.82 122.72 66.35
CA GLU C 870 -0.45 122.31 66.09
C GLU C 870 0.00 121.27 67.10
N VAL C 871 1.01 120.51 66.70
CA VAL C 871 1.69 119.55 67.55
C VAL C 871 3.18 119.74 67.33
N GLU C 872 3.89 120.18 68.36
CA GLU C 872 5.35 120.28 68.34
C GLU C 872 5.89 119.11 69.13
N VAL C 873 6.00 117.97 68.51
CA VAL C 873 6.40 116.76 69.22
C VAL C 873 7.85 116.45 68.88
N SER C 874 8.60 115.97 69.87
CA SER C 874 9.94 115.52 69.57
C SER C 874 9.89 114.08 69.05
N LEU C 875 11.02 113.61 68.55
CA LEU C 875 11.03 112.28 67.96
C LEU C 875 11.22 111.22 69.04
N ASP C 876 11.23 109.97 68.59
CA ASP C 876 11.72 108.87 69.41
C ASP C 876 13.19 109.09 69.76
N PRO C 877 13.64 108.61 70.92
CA PRO C 877 14.97 109.01 71.40
C PRO C 877 16.13 108.48 70.57
N ALA C 878 15.94 107.33 69.91
CA ALA C 878 16.95 106.78 69.02
C ALA C 878 17.14 107.60 67.75
N GLN C 879 16.25 108.53 67.46
CA GLN C 879 16.48 109.53 66.44
C GLN C 879 16.75 110.91 67.01
N ARG C 880 16.32 111.15 68.25
CA ARG C 880 16.68 112.37 68.98
C ARG C 880 18.18 112.49 69.18
N HIS C 881 18.89 111.37 69.22
CA HIS C 881 20.33 111.37 69.51
C HIS C 881 21.14 112.26 68.57
N GLY C 882 21.11 111.97 67.27
CA GLY C 882 22.16 112.51 66.41
C GLY C 882 22.07 113.96 66.01
N ASN C 883 22.32 114.86 66.98
CA ASN C 883 22.17 116.32 66.84
C ASN C 883 20.79 116.67 66.29
N SER C 884 19.79 115.92 66.75
CA SER C 884 18.41 116.13 66.36
C SER C 884 17.57 116.40 67.61
N VAL C 885 18.24 116.76 68.70
CA VAL C 885 17.59 117.07 69.96
C VAL C 885 16.64 118.25 69.78
N HIS C 886 17.10 119.27 69.07
CA HIS C 886 16.29 120.43 68.71
C HIS C 886 15.76 120.23 67.31
N PHE C 887 14.74 119.39 67.19
CA PHE C 887 14.11 119.17 65.90
C PHE C 887 12.64 119.58 65.85
N GLN C 888 11.81 119.05 66.76
CA GLN C 888 10.45 119.53 67.03
C GLN C 888 9.54 119.40 65.80
N SER C 889 9.19 118.15 65.47
CA SER C 889 8.23 117.85 64.41
C SER C 889 6.94 118.61 64.58
N LEU C 890 6.37 119.02 63.44
CA LEU C 890 5.17 119.84 63.38
C LEU C 890 4.06 119.10 62.67
N GLN C 891 2.98 118.85 63.39
CA GLN C 891 1.76 118.28 62.82
C GLN C 891 0.62 119.29 62.92
N HIS C 892 -0.16 119.40 61.87
CA HIS C 892 -1.43 120.12 61.92
C HIS C 892 -2.56 119.12 61.94
N ILE C 893 -3.30 119.09 63.04
CA ILE C 893 -4.37 118.13 63.25
C ILE C 893 -5.68 118.89 63.32
N LEU C 894 -6.63 118.47 62.49
CA LEU C 894 -7.90 119.17 62.34
C LEU C 894 -8.83 118.72 63.45
N TYR C 895 -8.94 119.53 64.49
CA TYR C 895 -9.81 119.21 65.61
C TYR C 895 -11.24 119.46 65.22
N ASN C 896 -12.06 118.41 65.34
CA ASN C 896 -13.53 118.50 65.32
C ASN C 896 -14.03 118.99 63.97
N GLY C 897 -13.30 118.67 62.91
CA GLY C 897 -13.71 118.96 61.57
C GLY C 897 -14.29 117.73 60.91
N LEU C 898 -14.18 117.70 59.59
CA LEU C 898 -14.60 116.51 58.88
C LEU C 898 -13.85 116.41 57.57
N CYS C 899 -13.60 115.18 57.17
CA CYS C 899 -13.14 114.96 55.81
C CYS C 899 -14.28 115.20 54.84
N LEU C 900 -13.93 115.48 53.60
CA LEU C 900 -14.94 115.90 52.63
C LEU C 900 -14.52 115.37 51.28
N ILE C 901 -15.52 114.97 50.48
CA ILE C 901 -15.21 114.16 49.32
C ILE C 901 -15.90 114.69 48.08
N SER C 902 -16.87 115.58 48.26
CA SER C 902 -17.66 116.00 47.14
C SER C 902 -18.18 117.39 47.41
N PRO C 903 -18.24 118.24 46.38
CA PRO C 903 -18.44 119.68 46.61
C PRO C 903 -19.79 120.02 47.22
N ILE C 904 -19.74 120.68 48.36
CA ILE C 904 -20.94 121.20 48.98
C ILE C 904 -21.39 122.41 48.17
N THR C 905 -22.68 122.42 47.79
CA THR C 905 -23.29 123.56 47.13
C THR C 905 -24.26 124.29 48.02
N THR C 906 -25.07 123.55 48.78
CA THR C 906 -26.12 124.17 49.58
C THR C 906 -25.56 124.87 50.81
N LEU C 907 -24.55 124.28 51.46
CA LEU C 907 -24.00 124.83 52.70
C LEU C 907 -22.62 125.43 52.50
N ARG C 908 -22.42 126.08 51.34
CA ARG C 908 -21.21 126.86 51.12
C ARG C 908 -21.08 128.01 52.10
N ARG C 909 -22.18 128.45 52.67
CA ARG C 909 -22.12 129.42 53.74
C ARG C 909 -21.56 128.80 55.02
N TYR C 910 -21.76 127.51 55.24
CA TYR C 910 -21.54 126.92 56.55
C TYR C 910 -20.45 125.87 56.57
N TYR C 911 -19.72 125.68 55.48
CA TYR C 911 -18.59 124.76 55.45
C TYR C 911 -17.43 125.43 54.74
N GLN C 912 -16.30 125.53 55.43
CA GLN C 912 -15.09 126.04 54.83
C GLN C 912 -14.18 124.87 54.47
N PRO C 913 -13.73 124.74 53.23
CA PRO C 913 -12.71 123.73 52.92
C PRO C 913 -11.38 124.13 53.55
N ILE C 914 -10.77 123.20 54.27
CA ILE C 914 -9.52 123.45 54.97
C ILE C 914 -8.46 122.53 54.37
N PRO C 915 -7.71 122.97 53.37
CA PRO C 915 -6.58 122.16 52.89
C PRO C 915 -5.39 122.31 53.83
N PHE C 916 -5.06 121.23 54.52
CA PHE C 916 -4.07 121.33 55.59
C PHE C 916 -2.97 120.29 55.47
N HIS C 917 -3.27 119.14 54.91
CA HIS C 917 -2.32 118.04 54.98
C HIS C 917 -1.74 117.78 53.59
N ARG C 918 -0.76 116.88 53.54
CA ARG C 918 -0.26 116.35 52.27
C ARG C 918 -1.35 115.65 51.49
N PHE C 919 -2.08 114.76 52.16
CA PHE C 919 -3.33 114.20 51.65
C PHE C 919 -4.41 115.25 51.94
N PHE C 920 -5.68 114.93 51.63
CA PHE C 920 -6.84 115.73 52.03
C PHE C 920 -6.78 117.16 51.48
N SER C 921 -6.35 117.31 50.23
CA SER C 921 -6.09 118.64 49.70
C SER C 921 -6.45 118.72 48.24
N ASP C 922 -7.64 118.27 47.88
CA ASP C 922 -8.07 118.24 46.49
C ASP C 922 -8.38 119.65 46.00
N PRO C 923 -7.75 120.12 44.93
CA PRO C 923 -8.17 121.39 44.32
C PRO C 923 -9.54 121.32 43.71
N GLY C 924 -9.90 120.18 43.12
CA GLY C 924 -11.20 120.01 42.52
C GLY C 924 -12.33 120.02 43.53
N ILE C 925 -12.02 119.74 44.78
CA ILE C 925 -12.98 119.93 45.86
C ILE C 925 -12.92 121.34 46.41
N CYS C 926 -11.72 121.88 46.59
CA CYS C 926 -11.55 123.14 47.32
C CYS C 926 -12.05 124.34 46.51
N GLY C 927 -11.72 124.38 45.22
CA GLY C 927 -12.13 125.45 44.33
C GLY C 927 -13.57 125.43 43.91
N THR C 928 -14.35 124.49 44.40
CA THR C 928 -15.78 124.50 44.15
C THR C 928 -16.55 125.06 45.33
N MET C 929 -16.11 124.77 46.57
CA MET C 929 -16.67 125.49 47.70
C MET C 929 -16.24 126.94 47.70
N ASN C 930 -14.96 127.23 47.47
CA ASN C 930 -14.51 128.61 47.49
C ASN C 930 -14.24 129.10 46.08
N ALA C 931 -14.60 130.35 45.84
CA ALA C 931 -14.32 131.01 44.57
C ALA C 931 -12.91 131.58 44.53
N ASP C 932 -12.30 131.83 45.69
CA ASP C 932 -10.97 132.43 45.71
C ASP C 932 -9.90 131.45 45.25
N ILE C 933 -10.06 130.18 45.63
CA ILE C 933 -9.19 129.15 45.09
C ILE C 933 -9.46 128.96 43.61
N GLN C 934 -10.72 129.14 43.19
CA GLN C 934 -11.06 128.90 41.79
C GLN C 934 -10.45 129.93 40.88
N VAL C 935 -10.45 131.21 41.28
CA VAL C 935 -9.74 132.21 40.49
C VAL C 935 -8.25 132.11 40.68
N PHE C 936 -7.78 131.46 41.74
CA PHE C 936 -6.37 131.15 41.85
C PHE C 936 -5.98 130.06 40.87
N LEU C 937 -6.81 129.03 40.74
CA LEU C 937 -6.49 127.95 39.82
C LEU C 937 -6.76 128.31 38.37
N ASN C 938 -7.74 129.17 38.11
CA ASN C 938 -7.99 129.62 36.75
C ASN C 938 -6.86 130.49 36.22
N THR C 939 -6.09 131.08 37.10
CA THR C 939 -4.89 131.81 36.69
C THR C 939 -3.63 130.95 36.74
N PHE C 940 -3.64 129.86 37.49
CA PHE C 940 -2.47 128.98 37.62
C PHE C 940 -2.92 127.54 37.54
N PRO C 941 -3.18 127.03 36.33
CA PRO C 941 -3.86 125.75 36.20
C PRO C 941 -3.01 124.55 36.54
N HIS C 942 -1.70 124.73 36.65
CA HIS C 942 -0.83 123.61 37.00
C HIS C 942 -0.81 123.31 38.48
N TYR C 943 -1.62 124.00 39.29
CA TYR C 943 -1.84 123.58 40.66
C TYR C 943 -3.13 122.79 40.82
N GLN C 944 -3.78 122.43 39.73
CA GLN C 944 -4.99 121.63 39.86
C GLN C 944 -4.66 120.14 39.92
N ARG C 945 -3.38 119.80 39.96
CA ARG C 945 -2.97 118.41 39.97
C ARG C 945 -3.13 117.80 41.37
N ASN C 946 -3.65 116.57 41.40
CA ASN C 946 -3.77 115.84 42.65
C ASN C 946 -2.46 115.25 43.13
N ASP C 947 -1.43 115.22 42.30
CA ASP C 947 -0.35 114.26 42.53
C ASP C 947 0.62 114.74 43.61
N GLY C 948 1.32 115.82 43.35
CA GLY C 948 2.29 116.27 44.32
C GLY C 948 1.64 117.13 45.38
N GLY C 949 2.36 118.13 45.84
CA GLY C 949 1.74 119.11 46.69
C GLY C 949 1.49 120.40 45.94
N PHE C 950 0.23 120.69 45.59
CA PHE C 950 -0.06 122.07 45.27
C PHE C 950 -0.12 122.82 46.60
N PRO C 951 0.22 124.11 46.65
CA PRO C 951 0.59 124.71 47.93
C PRO C 951 -0.57 124.89 48.89
N LEU C 952 -0.30 124.54 50.13
CA LEU C 952 -1.17 124.83 51.26
C LEU C 952 -0.97 126.30 51.63
N PRO C 953 -1.73 126.83 52.59
CA PRO C 953 -1.33 128.10 53.18
C PRO C 953 0.05 128.00 53.82
N PRO C 954 0.89 129.02 53.67
CA PRO C 954 2.30 128.94 54.07
C PRO C 954 2.55 128.57 55.54
N PRO C 955 1.67 128.88 56.50
CA PRO C 955 1.85 128.23 57.81
C PRO C 955 1.52 126.75 57.82
N LEU C 956 0.76 126.25 56.86
CA LEU C 956 0.48 124.83 56.81
C LEU C 956 1.49 124.08 55.95
N ALA C 957 2.12 124.77 55.01
CA ALA C 957 3.03 124.14 54.06
C ALA C 957 4.43 124.14 54.65
N LEU C 958 4.70 123.15 55.49
CA LEU C 958 6.01 122.95 56.08
C LEU C 958 6.42 121.50 55.80
N GLU C 959 6.99 121.27 54.63
CA GLU C 959 7.23 119.90 54.18
C GLU C 959 8.32 119.23 55.01
N PHE C 960 9.41 119.92 55.27
CA PHE C 960 10.50 119.27 56.01
C PHE C 960 10.19 119.09 57.48
N TYR C 961 9.17 119.77 57.99
CA TYR C 961 8.75 119.56 59.37
C TYR C 961 7.58 118.60 59.52
N ASN C 962 6.91 118.24 58.42
CA ASN C 962 5.92 117.18 58.53
C ASN C 962 6.62 115.83 58.64
N TRP C 963 5.82 114.82 58.95
CA TRP C 963 6.29 113.44 58.90
C TRP C 963 6.21 112.88 57.49
N GLN C 964 5.16 113.23 56.76
CA GLN C 964 4.89 112.69 55.43
C GLN C 964 5.32 113.74 54.43
N ARG C 965 6.20 113.36 53.52
CA ARG C 965 6.70 114.28 52.53
C ARG C 965 5.98 114.06 51.20
N THR C 966 6.56 114.63 50.15
CA THR C 966 6.14 114.42 48.77
C THR C 966 5.92 112.96 48.34
N PRO C 967 6.82 111.99 48.58
CA PRO C 967 6.67 110.69 47.91
C PRO C 967 5.46 109.88 48.35
N PHE C 968 4.90 110.12 49.52
CA PHE C 968 3.64 109.48 49.89
C PHE C 968 2.51 109.93 48.97
N SER C 969 2.40 111.24 48.74
CA SER C 969 1.37 111.72 47.82
C SER C 969 1.67 111.33 46.40
N VAL C 970 2.95 111.23 46.03
CA VAL C 970 3.29 110.82 44.68
C VAL C 970 2.92 109.36 44.45
N TYR C 971 3.06 108.52 45.47
CA TYR C 971 2.58 107.15 45.33
C TYR C 971 1.06 107.09 45.32
N SER C 972 0.43 107.82 46.23
CA SER C 972 -1.03 107.80 46.34
C SER C 972 -1.72 108.42 45.14
N ALA C 973 -0.98 109.18 44.33
CA ALA C 973 -1.53 109.73 43.10
C ALA C 973 -1.95 108.65 42.12
N PHE C 974 -1.05 107.73 41.83
CA PHE C 974 -1.28 106.74 40.79
C PHE C 974 -1.19 105.33 41.34
N CYS C 975 -1.46 105.17 42.62
CA CYS C 975 -1.51 103.84 43.19
C CYS C 975 -2.73 103.08 42.68
N PRO C 976 -2.59 101.78 42.41
CA PRO C 976 -3.76 100.98 42.06
C PRO C 976 -4.56 100.62 43.30
N ASN C 977 -5.87 100.53 43.11
CA ASN C 977 -6.80 100.44 44.23
C ASN C 977 -7.12 99.00 44.61
N SER C 978 -6.12 98.17 44.88
CA SER C 978 -6.36 96.74 45.02
C SER C 978 -5.57 96.17 46.19
N LEU C 979 -5.62 96.85 47.33
CA LEU C 979 -5.19 96.43 48.67
C LEU C 979 -3.67 96.32 48.81
N LEU C 980 -2.94 96.23 47.70
CA LEU C 980 -1.50 96.31 47.77
C LEU C 980 -1.06 97.73 48.07
N SER C 981 -1.82 98.71 47.60
CA SER C 981 -1.49 100.08 47.92
C SER C 981 -1.72 100.37 49.39
N ILE C 982 -2.79 99.80 49.95
CA ILE C 982 -3.08 100.00 51.37
C ILE C 982 -1.99 99.38 52.22
N MET C 983 -1.67 98.11 51.94
CA MET C 983 -0.61 97.43 52.67
C MET C 983 0.74 98.11 52.43
N THR C 984 0.96 98.68 51.25
CA THR C 984 2.28 99.24 51.01
C THR C 984 2.42 100.64 51.58
N LEU C 985 1.32 101.36 51.80
CA LEU C 985 1.46 102.60 52.54
C LEU C 985 1.72 102.32 54.00
N ALA C 986 1.05 101.29 54.55
CA ALA C 986 1.38 100.86 55.90
C ALA C 986 2.82 100.34 55.98
N ALA C 987 3.35 99.80 54.90
CA ALA C 987 4.76 99.41 54.88
C ALA C 987 5.68 100.62 54.80
N MET C 988 5.34 101.59 53.94
CA MET C 988 6.16 102.78 53.75
C MET C 988 6.19 103.67 54.97
N HIS C 989 5.27 103.51 55.91
CA HIS C 989 5.41 104.30 57.12
C HIS C 989 6.37 103.69 58.14
N SER C 990 7.08 102.62 57.81
CA SER C 990 8.11 102.08 58.72
C SER C 990 9.29 103.04 58.82
N LYS C 991 9.95 103.03 59.98
CA LYS C 991 10.85 104.10 60.35
C LYS C 991 12.30 103.78 59.97
N LEU C 992 13.14 104.81 60.07
CA LEU C 992 14.55 104.76 59.72
C LEU C 992 15.47 104.81 60.93
N SER C 993 14.95 104.45 62.09
CA SER C 993 15.74 104.43 63.31
C SER C 993 16.76 103.30 63.27
N PRO C 994 17.87 103.43 64.01
CA PRO C 994 18.78 102.28 64.13
C PRO C 994 18.14 101.06 64.78
N VAL C 995 17.24 101.25 65.74
CA VAL C 995 16.56 100.08 66.29
C VAL C 995 15.54 99.54 65.31
N ALA C 996 15.02 100.39 64.42
CA ALA C 996 14.16 99.90 63.35
C ALA C 996 14.95 99.02 62.39
N ILE C 997 16.17 99.44 62.07
CA ILE C 997 17.07 98.61 61.27
C ILE C 997 17.36 97.28 61.97
N ALA C 998 17.59 97.34 63.28
CA ALA C 998 17.91 96.15 64.05
C ALA C 998 16.79 95.12 64.01
N ILE C 999 15.56 95.56 64.25
CA ILE C 999 14.50 94.58 64.34
C ILE C 999 13.88 94.22 63.00
N GLN C 1000 14.01 95.08 61.98
CA GLN C 1000 13.67 94.62 60.64
C GLN C 1000 14.66 93.58 60.13
N SER C 1001 15.95 93.74 60.49
CA SER C 1001 16.91 92.71 60.15
C SER C 1001 16.66 91.43 60.96
N LYS C 1002 16.12 91.58 62.17
CA LYS C 1002 15.70 90.40 62.94
C LYS C 1002 14.55 89.67 62.26
N SER C 1003 13.57 90.41 61.73
CA SER C 1003 12.44 89.80 61.05
C SER C 1003 12.73 89.48 59.59
N LYS C 1004 13.95 89.75 59.12
CA LYS C 1004 14.39 89.51 57.73
C LYS C 1004 13.50 90.25 56.73
N ILE C 1005 13.11 91.46 57.09
CA ILE C 1005 12.48 92.40 56.17
C ILE C 1005 13.59 93.26 55.59
N HIS C 1006 13.64 93.36 54.29
CA HIS C 1006 14.70 94.12 53.65
C HIS C 1006 14.46 95.61 53.82
N PRO C 1007 15.37 96.34 54.45
CA PRO C 1007 15.21 97.79 54.57
C PRO C 1007 15.64 98.46 53.27
N GLY C 1008 15.57 99.78 53.25
CA GLY C 1008 15.82 100.49 52.01
C GLY C 1008 17.28 100.82 51.77
N PHE C 1009 18.16 99.84 51.91
CA PHE C 1009 19.58 100.10 51.75
C PHE C 1009 20.22 98.96 50.98
N ALA C 1010 21.41 99.24 50.47
CA ALA C 1010 22.29 98.23 49.95
C ALA C 1010 23.67 98.58 50.47
N ALA C 1011 24.66 97.78 50.11
CA ALA C 1011 26.00 98.07 50.60
C ALA C 1011 27.05 97.47 49.69
N THR C 1012 28.15 98.19 49.54
CA THR C 1012 29.31 97.69 48.82
C THR C 1012 30.32 97.26 49.86
N LEU C 1013 30.23 96.01 50.29
CA LEU C 1013 31.19 95.47 51.24
C LEU C 1013 32.54 95.30 50.57
N VAL C 1014 33.58 95.91 51.13
CA VAL C 1014 34.92 95.77 50.56
C VAL C 1014 35.74 94.91 51.49
N ARG C 1015 36.76 94.26 50.92
CA ARG C 1015 37.62 93.36 51.66
C ARG C 1015 38.97 93.31 50.97
N THR C 1016 40.04 93.35 51.75
CA THR C 1016 41.37 93.18 51.20
C THR C 1016 41.94 91.85 51.67
N ASP C 1017 42.82 91.29 50.85
CA ASP C 1017 43.36 89.96 51.11
C ASP C 1017 44.85 89.97 50.89
N ASN C 1018 45.58 89.31 51.78
CA ASN C 1018 47.04 89.34 51.74
C ASN C 1018 47.59 87.97 51.37
N PHE C 1019 48.41 87.94 50.33
CA PHE C 1019 48.81 86.71 49.67
C PHE C 1019 50.29 86.48 49.89
N ASP C 1020 50.72 85.23 49.84
CA ASP C 1020 52.15 84.94 49.79
C ASP C 1020 52.57 84.79 48.33
N VAL C 1021 53.53 85.61 47.92
CA VAL C 1021 54.02 85.62 46.56
C VAL C 1021 55.53 85.46 46.59
N GLU C 1022 56.05 84.57 45.77
CA GLU C 1022 57.46 84.60 45.43
C GLU C 1022 57.62 85.36 44.12
N CYS C 1023 58.64 86.21 44.06
CA CYS C 1023 58.62 87.31 43.10
C CYS C 1023 60.04 87.61 42.64
N LEU C 1024 60.35 87.27 41.39
CA LEU C 1024 61.72 87.32 40.90
C LEU C 1024 62.05 88.66 40.24
N LEU C 1025 63.35 88.94 40.16
CA LEU C 1025 63.87 90.27 39.86
C LEU C 1025 65.00 90.19 38.84
N TYR C 1026 65.09 91.22 37.99
CA TYR C 1026 66.18 91.37 37.04
C TYR C 1026 66.81 92.74 37.18
N SER C 1027 68.12 92.81 36.93
CA SER C 1027 68.83 94.08 36.89
C SER C 1027 70.00 93.96 35.94
N SER C 1028 70.19 94.97 35.09
CA SER C 1028 71.32 94.96 34.18
C SER C 1028 72.60 95.16 34.95
N ARG C 1029 73.71 94.72 34.37
CA ARG C 1029 74.93 94.62 35.14
C ARG C 1029 75.56 96.00 35.33
N ALA C 1030 76.22 96.17 36.47
CA ALA C 1030 76.84 97.43 36.91
C ALA C 1030 75.85 98.58 36.92
N ALA C 1031 74.62 98.30 37.34
CA ALA C 1031 73.58 99.32 37.35
C ALA C 1031 73.75 100.32 38.47
N THR C 1032 74.40 99.92 39.55
CA THR C 1032 74.51 100.76 40.73
C THR C 1032 75.79 100.44 41.48
N SER C 1033 76.44 101.47 41.98
CA SER C 1033 77.72 101.32 42.67
C SER C 1033 77.59 101.54 44.16
N ILE C 1034 78.30 100.73 44.92
CA ILE C 1034 78.45 100.88 46.35
C ILE C 1034 79.79 101.54 46.58
N ILE C 1035 79.80 102.59 47.40
CA ILE C 1035 81.03 103.08 47.99
C ILE C 1035 80.92 102.88 49.48
N LEU C 1036 81.98 102.37 50.10
CA LEU C 1036 81.86 101.87 51.45
C LEU C 1036 83.09 102.21 52.28
N ASP C 1037 82.87 102.27 53.59
CA ASP C 1037 83.96 102.45 54.53
C ASP C 1037 84.57 101.11 54.93
N ASP C 1038 85.74 101.18 55.53
CA ASP C 1038 86.23 100.10 56.36
C ASP C 1038 85.29 99.95 57.56
N PRO C 1039 84.84 98.74 57.89
CA PRO C 1039 84.04 98.55 59.10
C PRO C 1039 84.73 99.00 60.38
N THR C 1040 84.16 100.02 60.99
CA THR C 1040 84.70 100.60 62.21
C THR C 1040 84.27 99.79 63.42
N VAL C 1041 85.15 99.73 64.41
CA VAL C 1041 84.99 98.89 65.59
C VAL C 1041 84.84 99.78 66.80
N THR C 1042 83.83 99.51 67.62
CA THR C 1042 83.71 100.19 68.90
C THR C 1042 83.38 99.17 69.97
N ALA C 1043 83.56 99.58 71.23
CA ALA C 1043 83.41 98.68 72.36
C ALA C 1043 82.71 99.40 73.49
N GLU C 1044 81.67 98.78 74.05
CA GLU C 1044 80.99 99.31 75.22
C GLU C 1044 81.20 98.30 76.34
N ALA C 1045 82.01 98.68 77.32
CA ALA C 1045 82.49 97.77 78.36
C ALA C 1045 81.65 97.99 79.62
N LYS C 1046 80.61 97.18 79.76
CA LYS C 1046 79.70 97.26 80.89
C LYS C 1046 80.26 96.47 82.07
N ASP C 1047 79.45 96.31 83.12
CA ASP C 1047 79.93 95.59 84.30
C ASP C 1047 80.03 94.09 84.04
N ILE C 1048 78.98 93.50 83.47
CA ILE C 1048 78.89 92.05 83.34
C ILE C 1048 79.23 91.59 81.93
N VAL C 1049 78.90 92.38 80.92
CA VAL C 1049 79.19 92.03 79.53
C VAL C 1049 80.04 93.14 78.92
N THR C 1050 80.66 92.83 77.80
CA THR C 1050 81.23 93.84 76.93
C THR C 1050 80.64 93.62 75.54
N THR C 1051 80.04 94.65 74.98
CA THR C 1051 79.42 94.57 73.67
C THR C 1051 80.34 95.22 72.66
N TYR C 1052 80.89 94.42 71.75
CA TYR C 1052 81.64 94.95 70.63
C TYR C 1052 80.66 95.20 69.50
N ASN C 1053 80.82 96.33 68.82
CA ASN C 1053 79.88 96.71 67.77
C ASN C 1053 80.66 97.13 66.53
N PHE C 1054 80.31 96.54 65.40
CA PHE C 1054 80.93 96.82 64.12
C PHE C 1054 79.93 97.60 63.27
N THR C 1055 80.33 98.77 62.80
CA THR C 1055 79.48 99.56 61.93
C THR C 1055 80.16 99.72 60.57
N GLN C 1056 79.35 99.96 59.55
CA GLN C 1056 79.90 100.15 58.22
C GLN C 1056 78.96 101.02 57.42
N HIS C 1057 79.51 102.08 56.83
CA HIS C 1057 78.74 103.02 56.04
C HIS C 1057 78.77 102.62 54.57
N LEU C 1058 77.59 102.57 53.96
CA LEU C 1058 77.42 102.28 52.55
C LEU C 1058 76.80 103.49 51.88
N SER C 1059 77.06 103.65 50.60
CA SER C 1059 76.36 104.65 49.83
C SER C 1059 76.19 104.16 48.42
N PHE C 1060 74.98 104.27 47.90
CA PHE C 1060 74.56 103.66 46.66
C PHE C 1060 74.30 104.77 45.65
N VAL C 1061 74.95 104.68 44.50
CA VAL C 1061 74.64 105.58 43.39
C VAL C 1061 74.04 104.74 42.27
N ASP C 1062 73.13 105.37 41.54
CA ASP C 1062 72.27 104.69 40.58
C ASP C 1062 72.66 105.21 39.20
N MET C 1063 73.41 104.44 38.44
CA MET C 1063 74.13 105.04 37.33
C MET C 1063 73.38 104.97 36.01
N GLY C 1064 72.26 104.29 35.94
CA GLY C 1064 71.45 104.29 34.74
C GLY C 1064 70.50 105.47 34.70
N LEU C 1065 70.18 105.93 33.50
CA LEU C 1065 69.13 106.92 33.34
C LEU C 1065 67.76 106.30 33.59
N GLY C 1066 67.36 105.35 32.76
CA GLY C 1066 66.08 104.70 32.91
C GLY C 1066 66.10 103.69 34.04
N PHE C 1067 65.05 102.88 34.09
CA PHE C 1067 64.95 101.88 35.13
C PHE C 1067 65.88 100.73 34.82
N SER C 1068 66.98 100.67 35.55
CA SER C 1068 67.97 99.62 35.34
C SER C 1068 67.66 98.37 36.14
N SER C 1069 66.46 98.25 36.71
CA SER C 1069 66.13 97.09 37.53
C SER C 1069 64.63 96.90 37.55
N THR C 1070 64.17 95.70 37.22
CA THR C 1070 62.74 95.42 37.10
C THR C 1070 62.36 94.30 38.05
N THR C 1071 61.06 94.05 38.16
CA THR C 1071 60.51 93.07 39.08
C THR C 1071 59.18 92.58 38.53
N ALA C 1072 58.95 91.25 38.52
CA ALA C 1072 57.64 90.75 38.14
C ALA C 1072 57.15 89.71 39.13
N THR C 1073 55.87 89.83 39.46
CA THR C 1073 55.19 88.83 40.29
C THR C 1073 55.13 87.49 39.56
N ALA C 1074 55.61 86.44 40.22
CA ALA C 1074 55.83 85.16 39.54
C ALA C 1074 54.87 84.06 39.95
N ASN C 1075 54.77 83.75 41.24
CA ASN C 1075 54.07 82.55 41.65
C ASN C 1075 53.42 82.80 43.01
N LEU C 1076 52.17 82.38 43.15
CA LEU C 1076 51.59 82.28 44.48
C LEU C 1076 52.21 81.14 45.27
N LYS C 1077 52.45 81.39 46.55
CA LYS C 1077 52.70 80.31 47.48
C LYS C 1077 51.38 79.87 48.11
N ARG C 1078 50.75 80.77 48.86
CA ARG C 1078 49.56 80.50 49.64
C ARG C 1078 48.79 81.80 49.75
N ILE C 1079 47.50 81.69 50.03
CA ILE C 1079 46.71 82.84 50.45
C ILE C 1079 46.65 82.81 51.96
N LYS C 1080 47.19 83.83 52.61
CA LYS C 1080 47.13 83.87 54.06
C LYS C 1080 45.81 84.45 54.57
N SER C 1081 45.01 85.04 53.70
CA SER C 1081 43.76 85.59 54.17
C SER C 1081 42.71 84.49 54.32
N ASP C 1082 41.67 84.79 55.08
CA ASP C 1082 40.53 83.90 55.21
C ASP C 1082 39.65 83.98 53.97
N MET C 1083 39.54 85.17 53.40
CA MET C 1083 38.40 85.57 52.56
C MET C 1083 37.09 85.25 53.24
N GLY C 1084 37.02 85.51 54.55
CA GLY C 1084 35.86 85.22 55.35
C GLY C 1084 34.87 86.36 55.34
N SER C 1085 34.16 86.52 56.44
CA SER C 1085 33.11 87.52 56.48
C SER C 1085 33.08 88.34 57.77
N LYS C 1086 34.16 88.38 58.54
CA LYS C 1086 34.09 89.07 59.82
C LYS C 1086 34.10 90.57 59.58
N ILE C 1087 32.91 91.16 59.62
CA ILE C 1087 32.71 92.56 59.25
C ILE C 1087 33.31 93.48 60.30
N GLN C 1088 33.59 94.71 59.88
CA GLN C 1088 34.34 95.63 60.72
C GLN C 1088 33.42 96.18 61.80
N ASN C 1089 33.74 95.87 63.04
CA ASN C 1089 32.95 96.29 64.18
C ASN C 1089 33.27 97.76 64.45
N LEU C 1090 32.38 98.64 64.02
CA LEU C 1090 32.60 100.07 64.24
C LEU C 1090 32.51 100.47 65.70
N PHE C 1091 31.91 99.64 66.54
CA PHE C 1091 31.97 99.93 67.97
C PHE C 1091 33.34 99.62 68.53
N SER C 1092 34.05 98.65 67.93
CA SER C 1092 35.45 98.50 68.25
C SER C 1092 36.29 99.60 67.62
N ALA C 1093 35.87 100.07 66.44
CA ALA C 1093 36.68 101.05 65.72
C ALA C 1093 36.59 102.43 66.35
N PHE C 1094 35.39 102.84 66.75
CA PHE C 1094 35.15 104.13 67.39
C PHE C 1094 34.62 103.84 68.78
N PRO C 1095 35.51 103.62 69.74
CA PRO C 1095 35.05 103.19 71.07
C PRO C 1095 34.35 104.26 71.87
N ILE C 1096 34.77 105.52 71.72
CA ILE C 1096 34.29 106.60 72.59
C ILE C 1096 32.85 106.96 72.26
N HIS C 1097 32.48 106.89 70.98
CA HIS C 1097 31.15 107.29 70.54
C HIS C 1097 30.07 106.37 71.09
N ALA C 1098 28.94 106.98 71.44
CA ALA C 1098 27.82 106.28 72.04
C ALA C 1098 26.59 107.14 71.85
N PHE C 1099 25.42 106.53 72.03
CA PHE C 1099 24.19 107.27 71.90
C PHE C 1099 23.97 108.16 73.11
N THR C 1100 22.94 109.00 73.04
CA THR C 1100 22.67 109.92 74.13
C THR C 1100 22.06 109.20 75.32
N ASN C 1101 21.05 108.38 75.08
CA ASN C 1101 20.39 107.71 76.20
C ASN C 1101 21.06 106.41 76.57
N THR C 1102 21.20 106.20 77.87
CA THR C 1102 21.86 105.00 78.39
C THR C 1102 21.08 103.75 78.07
N ASP C 1103 19.74 103.85 78.03
CA ASP C 1103 18.90 102.70 77.71
C ASP C 1103 19.11 102.25 76.27
N ILE C 1104 19.12 103.19 75.33
CA ILE C 1104 19.27 102.80 73.93
C ILE C 1104 20.70 102.39 73.64
N ASN C 1105 21.67 103.00 74.33
CA ASN C 1105 23.05 102.56 74.21
C ASN C 1105 23.22 101.12 74.66
N THR C 1106 22.67 100.78 75.82
CA THR C 1106 22.76 99.41 76.34
C THR C 1106 21.96 98.44 75.47
N TRP C 1107 20.88 98.92 74.86
CA TRP C 1107 20.11 98.05 73.98
C TRP C 1107 20.87 97.74 72.71
N ILE C 1108 21.57 98.73 72.16
CA ILE C 1108 22.34 98.52 70.94
C ILE C 1108 23.53 97.62 71.21
N ARG C 1109 24.19 97.78 72.36
CA ARG C 1109 25.30 96.89 72.71
C ARG C 1109 24.82 95.45 72.89
N HIS C 1110 23.64 95.26 73.46
CA HIS C 1110 23.01 93.95 73.49
C HIS C 1110 22.79 93.39 72.09
N HIS C 1111 21.98 94.08 71.29
CA HIS C 1111 21.54 93.50 70.03
C HIS C 1111 22.53 93.66 68.89
N VAL C 1112 23.74 94.15 69.14
CA VAL C 1112 24.84 93.82 68.24
C VAL C 1112 25.81 92.82 68.85
N GLY C 1113 25.74 92.56 70.15
CA GLY C 1113 26.48 91.47 70.73
C GLY C 1113 27.81 91.84 71.36
N ILE C 1114 27.95 93.03 71.89
CA ILE C 1114 29.18 93.47 72.53
C ILE C 1114 28.96 93.54 74.02
N GLU C 1115 29.98 93.19 74.79
CA GLU C 1115 29.92 93.20 76.24
C GLU C 1115 29.89 94.62 76.78
N ASN C 1134 40.07 95.36 74.88
CA ASN C 1134 41.10 94.41 74.49
C ASN C 1134 40.57 92.97 74.46
N LYS C 1135 39.86 92.66 73.37
CA LYS C 1135 39.19 91.38 73.23
C LYS C 1135 40.22 90.29 72.98
N ASN C 1136 40.02 89.16 73.62
CA ASN C 1136 40.92 88.02 73.53
C ASN C 1136 40.91 87.47 72.11
N PRO C 1137 42.06 87.30 71.47
CA PRO C 1137 42.07 86.76 70.11
C PRO C 1137 41.54 85.35 70.09
N PRO C 1138 40.93 84.91 68.99
CA PRO C 1138 40.02 83.76 69.03
C PRO C 1138 40.71 82.45 69.34
N SER C 1139 39.99 81.62 70.08
CA SER C 1139 40.52 80.36 70.56
C SER C 1139 40.77 79.39 69.42
N ILE C 1140 39.89 79.36 68.43
CA ILE C 1140 40.10 78.55 67.23
C ILE C 1140 40.13 79.47 66.02
N LEU C 1141 41.00 79.15 65.09
CA LEU C 1141 41.13 79.91 63.85
C LEU C 1141 41.71 78.98 62.81
N LEU C 1142 41.04 78.87 61.66
CA LEU C 1142 41.38 77.83 60.71
C LEU C 1142 41.90 78.34 59.38
N HIS C 1143 41.77 79.63 59.07
CA HIS C 1143 42.10 80.08 57.73
C HIS C 1143 42.88 81.39 57.70
N GLY C 1144 43.35 81.90 58.83
CA GLY C 1144 44.14 83.12 58.79
C GLY C 1144 43.42 84.42 59.08
N GLN C 1145 43.64 85.41 58.24
CA GLN C 1145 43.26 86.79 58.51
C GLN C 1145 42.02 87.22 57.74
N GLN C 1146 41.23 88.11 58.35
CA GLN C 1146 40.03 88.62 57.72
C GLN C 1146 39.64 89.95 58.35
N ALA C 1147 39.05 90.84 57.52
CA ALA C 1147 38.41 92.09 57.94
C ALA C 1147 37.62 92.66 56.77
N ILE C 1148 36.37 93.06 57.00
CA ILE C 1148 35.47 93.46 55.92
C ILE C 1148 34.81 94.78 56.29
N CYS C 1149 35.00 95.79 55.46
CA CYS C 1149 34.52 97.12 55.78
C CYS C 1149 33.12 97.29 55.19
N GLU C 1150 32.62 98.53 55.12
CA GLU C 1150 31.20 98.73 54.91
C GLU C 1150 30.89 100.12 54.37
N VAL C 1151 30.32 100.20 53.18
CA VAL C 1151 29.85 101.43 52.58
C VAL C 1151 28.38 101.26 52.25
N ILE C 1152 27.54 102.15 52.75
CA ILE C 1152 26.09 102.05 52.61
C ILE C 1152 25.70 102.64 51.25
N LEU C 1153 24.62 102.14 50.67
CA LEU C 1153 24.27 102.47 49.30
C LEU C 1153 22.77 102.32 49.05
N THR C 1154 22.24 103.17 48.18
CA THR C 1154 20.99 103.09 47.44
C THR C 1154 20.70 101.70 46.91
N PRO C 1155 19.46 101.22 46.92
CA PRO C 1155 19.13 99.94 46.27
C PRO C 1155 18.83 100.06 44.79
N VAL C 1156 19.12 101.20 44.18
CA VAL C 1156 18.85 101.43 42.77
C VAL C 1156 20.11 101.26 41.93
N THR C 1157 21.29 101.28 42.55
CA THR C 1157 22.60 101.30 41.90
C THR C 1157 22.79 100.15 40.93
N THR C 1158 23.03 100.49 39.66
CA THR C 1158 23.01 99.50 38.59
C THR C 1158 24.23 98.60 38.71
N ASN C 1159 23.99 97.29 38.65
CA ASN C 1159 25.08 96.32 38.77
C ASN C 1159 26.05 96.45 37.62
N ILE C 1160 25.54 96.33 36.39
CA ILE C 1160 26.39 96.10 35.24
C ILE C 1160 27.17 97.34 34.88
N ASN C 1161 26.67 98.51 35.29
CA ASN C 1161 27.51 99.70 35.22
C ASN C 1161 28.60 99.67 36.29
N PHE C 1162 28.35 99.04 37.43
CA PHE C 1162 29.21 99.25 38.58
C PHE C 1162 29.87 97.97 39.10
N PHE C 1163 29.12 96.93 39.45
CA PHE C 1163 29.72 95.87 40.24
C PHE C 1163 30.39 94.79 39.42
N LYS C 1164 30.20 94.74 38.12
CA LYS C 1164 30.72 93.63 37.34
C LYS C 1164 32.11 93.90 36.78
N LEU C 1165 32.76 94.97 37.22
CA LEU C 1165 33.99 95.50 36.63
C LEU C 1165 34.91 95.98 37.72
N PRO C 1166 36.22 95.97 37.49
CA PRO C 1166 37.15 96.58 38.46
C PRO C 1166 36.93 98.08 38.50
N HIS C 1167 36.52 98.56 39.66
CA HIS C 1167 35.89 99.87 39.70
C HIS C 1167 36.03 100.41 41.11
N ASN C 1168 36.03 101.71 41.25
CA ASN C 1168 36.20 102.30 42.57
C ASN C 1168 34.89 102.21 43.36
N PRO C 1169 34.90 101.70 44.58
CA PRO C 1169 33.68 101.70 45.40
C PRO C 1169 33.33 103.05 46.02
N ARG C 1170 34.01 104.12 45.64
CA ARG C 1170 33.54 105.46 45.95
C ARG C 1170 32.34 105.81 45.07
N GLY C 1171 32.14 105.09 43.99
CA GLY C 1171 31.09 105.41 43.05
C GLY C 1171 31.64 106.28 41.96
N ARG C 1172 31.91 107.53 42.28
CA ARG C 1172 32.65 108.36 41.36
C ARG C 1172 34.09 107.89 41.36
N GLU C 1173 34.58 107.49 40.19
CA GLU C 1173 35.90 106.88 40.11
C GLU C 1173 36.98 107.94 40.30
N SER C 1174 38.03 107.58 41.03
CA SER C 1174 39.01 108.53 41.55
C SER C 1174 40.42 108.10 41.21
N CYS C 1175 40.68 107.83 39.94
CA CYS C 1175 42.04 107.55 39.49
C CYS C 1175 42.69 108.83 39.01
N MET C 1176 43.94 109.04 39.43
CA MET C 1176 44.62 110.29 39.08
C MET C 1176 45.34 110.21 37.77
N MET C 1177 45.22 109.09 37.07
CA MET C 1177 45.81 108.96 35.76
C MET C 1177 45.03 109.69 34.68
N GLY C 1178 43.94 110.37 35.02
CA GLY C 1178 43.20 111.13 34.03
C GLY C 1178 43.19 112.62 34.31
N THR C 1179 43.63 112.99 35.50
CA THR C 1179 43.55 114.36 35.96
C THR C 1179 44.76 115.13 35.46
N ASP C 1180 44.56 116.41 35.14
CA ASP C 1180 45.64 117.34 34.84
C ASP C 1180 46.59 117.37 36.03
N PRO C 1181 47.83 116.93 35.87
CA PRO C 1181 48.77 116.91 36.99
C PRO C 1181 49.16 118.30 37.43
N HIS C 1182 49.51 118.40 38.73
CA HIS C 1182 49.86 119.66 39.40
C HIS C 1182 48.75 120.70 39.29
N ASN C 1183 47.50 120.26 39.37
CA ASN C 1183 46.36 121.16 39.33
C ASN C 1183 45.37 120.70 40.40
N GLU C 1184 45.54 121.22 41.63
CA GLU C 1184 44.76 120.73 42.76
C GLU C 1184 43.30 121.15 42.67
N GLU C 1185 42.99 122.28 42.03
CA GLU C 1185 41.60 122.68 41.89
C GLU C 1185 40.83 121.75 40.96
N ALA C 1186 41.44 121.44 39.81
CA ALA C 1186 40.83 120.48 38.89
C ALA C 1186 40.80 119.08 39.49
N ALA C 1187 41.78 118.77 40.33
CA ALA C 1187 41.79 117.49 41.02
C ALA C 1187 40.61 117.36 41.99
N ARG C 1188 40.37 118.40 42.79
CA ARG C 1188 39.24 118.36 43.71
C ARG C 1188 37.91 118.41 42.96
N LYS C 1189 37.87 119.09 41.82
CA LYS C 1189 36.68 119.02 40.98
C LYS C 1189 36.47 117.60 40.44
N ALA C 1190 37.55 116.89 40.15
CA ALA C 1190 37.40 115.51 39.70
C ALA C 1190 36.92 114.59 40.81
N LEU C 1191 37.37 114.82 42.04
CA LEU C 1191 36.93 113.96 43.13
C LEU C 1191 35.57 114.34 43.67
N TYR C 1192 35.08 115.54 43.41
CA TYR C 1192 33.83 115.95 44.01
C TYR C 1192 32.76 116.48 43.07
N ASP C 1193 33.11 117.25 42.03
CA ASP C 1193 32.12 118.04 41.31
C ASP C 1193 31.22 117.15 40.48
N HIS C 1194 29.91 117.36 40.60
CA HIS C 1194 28.95 116.59 39.86
C HIS C 1194 28.21 117.45 38.85
N THR C 1195 28.59 118.71 38.70
CA THR C 1195 28.26 119.42 37.48
C THR C 1195 28.88 118.70 36.28
N GLN C 1196 30.16 118.36 36.38
CA GLN C 1196 30.76 117.48 35.39
C GLN C 1196 30.18 116.09 35.52
N THR C 1197 30.33 115.32 34.44
CA THR C 1197 30.09 113.90 34.53
C THR C 1197 31.39 113.19 34.85
N ASP C 1198 31.25 111.99 35.39
CA ASP C 1198 32.35 111.05 35.37
C ASP C 1198 32.48 110.50 33.95
N SER C 1199 33.57 109.78 33.69
CA SER C 1199 33.62 108.99 32.48
C SER C 1199 32.71 107.76 32.62
N ASP C 1200 32.69 106.96 31.55
CA ASP C 1200 32.09 105.63 31.47
C ASP C 1200 30.56 105.60 31.48
N THR C 1201 29.89 106.71 31.75
CA THR C 1201 28.43 106.68 31.86
C THR C 1201 27.94 108.09 31.53
N PHE C 1202 26.62 108.26 31.51
CA PHE C 1202 25.96 109.53 31.80
C PHE C 1202 25.65 109.67 33.29
N ALA C 1203 26.65 109.43 34.13
CA ALA C 1203 26.39 109.38 35.56
C ALA C 1203 27.62 109.92 36.26
N ALA C 1204 27.46 111.05 36.93
CA ALA C 1204 28.55 111.53 37.75
C ALA C 1204 28.75 110.71 38.99
N THR C 1205 27.73 109.95 39.41
CA THR C 1205 27.76 109.30 40.70
C THR C 1205 26.98 108.00 40.63
N THR C 1206 27.54 106.93 41.17
CA THR C 1206 26.76 105.73 41.42
C THR C 1206 26.57 105.43 42.90
N ASN C 1207 27.34 106.06 43.78
CA ASN C 1207 27.15 105.93 45.23
C ASN C 1207 26.97 107.34 45.78
N PRO C 1208 25.76 107.89 45.78
CA PRO C 1208 25.61 109.28 46.21
C PRO C 1208 25.76 109.50 47.68
N TRP C 1209 25.85 108.46 48.50
CA TRP C 1209 26.26 108.70 49.87
C TRP C 1209 27.67 108.19 50.14
N ALA C 1210 28.46 108.07 49.07
CA ALA C 1210 29.83 107.62 49.21
C ALA C 1210 30.84 108.61 48.62
N SER C 1211 30.71 108.86 47.32
CA SER C 1211 31.58 109.77 46.58
C SER C 1211 31.55 111.25 46.97
N LEU C 1212 30.35 111.75 47.28
CA LEU C 1212 30.14 113.16 47.63
C LEU C 1212 30.79 113.62 48.92
N PRO C 1213 31.23 114.89 48.95
CA PRO C 1213 31.87 115.52 50.12
C PRO C 1213 30.87 115.53 51.27
N GLY C 1214 31.34 115.32 52.49
CA GLY C 1214 30.42 115.25 53.60
C GLY C 1214 29.41 114.14 53.47
N SER C 1215 29.62 113.18 52.59
CA SER C 1215 28.73 112.05 52.56
C SER C 1215 29.01 111.14 53.74
N LEU C 1216 28.13 110.14 53.90
CA LEU C 1216 28.26 109.16 54.97
C LEU C 1216 29.59 108.42 54.88
N GLY C 1217 29.93 107.91 53.70
CA GLY C 1217 31.20 107.22 53.54
C GLY C 1217 32.39 108.15 53.71
N ASP C 1218 32.25 109.41 53.26
CA ASP C 1218 33.34 110.37 53.37
C ASP C 1218 33.64 110.69 54.81
N ILE C 1219 32.62 111.01 55.60
CA ILE C 1219 32.86 111.34 57.00
C ILE C 1219 33.17 110.09 57.78
N LEU C 1220 32.82 108.92 57.27
CA LEU C 1220 33.09 107.69 57.99
C LEU C 1220 34.49 107.17 57.76
N TYR C 1221 35.14 107.50 56.65
CA TYR C 1221 36.39 106.80 56.31
C TYR C 1221 37.53 107.73 55.93
N ASN C 1222 37.24 108.98 55.65
CA ASN C 1222 38.30 109.92 55.32
C ASN C 1222 39.02 110.33 56.60
N THR C 1223 40.34 110.25 56.59
CA THR C 1223 41.09 110.44 57.83
C THR C 1223 41.16 111.88 58.32
N ALA C 1224 40.74 112.84 57.50
CA ALA C 1224 40.62 114.22 57.98
C ALA C 1224 39.58 114.34 59.10
N HIS C 1225 38.60 113.45 59.11
CA HIS C 1225 37.58 113.44 60.14
C HIS C 1225 37.84 112.36 61.18
N ARG C 1226 38.53 111.29 60.78
CA ARG C 1226 39.04 110.29 61.72
C ARG C 1226 40.01 110.91 62.71
N GLU C 1227 40.76 111.93 62.31
CA GLU C 1227 41.61 112.57 63.31
C GLU C 1227 40.83 113.49 64.24
N GLN C 1228 39.63 113.90 63.86
CA GLN C 1228 38.79 114.68 64.75
C GLN C 1228 38.08 113.79 65.77
N LEU C 1229 37.58 112.64 65.32
CA LEU C 1229 36.78 111.75 66.16
C LEU C 1229 37.61 110.52 66.50
N CYS C 1230 37.87 110.31 67.80
CA CYS C 1230 38.85 109.34 68.28
C CYS C 1230 38.48 107.90 67.88
N TYR C 1231 39.52 107.06 67.80
CA TYR C 1231 39.43 105.79 67.07
C TYR C 1231 40.61 104.91 67.47
N ASN C 1232 40.50 103.63 67.17
CA ASN C 1232 41.63 102.73 67.36
C ASN C 1232 42.60 102.86 66.20
N PRO C 1233 43.84 103.28 66.43
CA PRO C 1233 44.81 103.32 65.33
C PRO C 1233 45.21 101.95 64.83
N LYS C 1234 45.01 100.91 65.62
CA LYS C 1234 45.32 99.56 65.18
C LYS C 1234 44.24 98.97 64.28
N THR C 1235 43.03 99.52 64.30
CA THR C 1235 41.96 98.99 63.48
C THR C 1235 42.19 99.34 62.02
N TYR C 1236 42.35 98.33 61.20
CA TYR C 1236 42.69 98.50 59.80
C TYR C 1236 41.41 98.57 58.97
N SER C 1237 41.29 99.63 58.16
CA SER C 1237 40.12 99.83 57.33
C SER C 1237 40.55 99.91 55.87
N PRO C 1238 40.04 99.04 54.99
CA PRO C 1238 40.46 99.08 53.59
C PRO C 1238 39.95 100.26 52.81
N ASN C 1239 38.88 100.89 53.27
CA ASN C 1239 38.33 102.04 52.56
C ASN C 1239 39.18 103.29 52.68
N ALA C 1240 40.19 103.28 53.55
CA ALA C 1240 41.05 104.44 53.72
C ALA C 1240 41.78 104.78 52.43
N GLN C 1241 42.28 103.76 51.73
CA GLN C 1241 43.04 103.99 50.50
C GLN C 1241 42.17 104.54 49.39
N PHE C 1242 40.87 104.35 49.49
CA PHE C 1242 39.94 104.87 48.49
C PHE C 1242 39.40 106.24 48.85
N PHE C 1243 39.17 106.52 50.13
CA PHE C 1243 38.52 107.78 50.46
C PHE C 1243 39.46 108.87 50.97
N THR C 1244 40.65 108.53 51.46
CA THR C 1244 41.55 109.55 52.01
C THR C 1244 42.10 110.42 50.90
N GLU C 1245 41.68 111.68 50.88
CA GLU C 1245 41.93 112.53 49.72
C GLU C 1245 43.28 113.21 49.80
N SER C 1246 43.76 113.46 51.01
CA SER C 1246 45.09 114.04 51.16
C SER C 1246 46.16 113.09 50.63
N ASP C 1247 45.91 111.78 50.72
CA ASP C 1247 46.78 110.75 50.18
C ASP C 1247 46.49 110.42 48.71
N ILE C 1248 45.69 111.22 48.01
CA ILE C 1248 45.55 111.06 46.56
C ILE C 1248 45.78 112.36 45.79
N LEU C 1249 45.59 113.52 46.42
CA LEU C 1249 45.99 114.74 45.75
C LEU C 1249 47.51 114.89 45.74
N LYS C 1250 48.22 114.17 46.60
CA LYS C 1250 49.67 114.04 46.45
C LYS C 1250 50.05 112.88 45.54
N THR C 1251 49.08 112.22 44.94
CA THR C 1251 49.33 111.32 43.83
C THR C 1251 49.08 112.01 42.50
N ASN C 1252 48.37 113.13 42.51
CA ASN C 1252 48.32 113.98 41.31
C ASN C 1252 49.65 114.69 41.08
N LYS C 1253 50.59 113.97 40.48
CA LYS C 1253 51.90 114.51 40.13
C LYS C 1253 52.26 114.06 38.72
N MET C 1254 53.50 114.35 38.32
CA MET C 1254 54.09 113.72 37.15
C MET C 1254 54.13 112.21 37.34
N MET C 1255 54.02 111.48 36.23
CA MET C 1255 53.74 110.05 36.31
C MET C 1255 54.94 109.27 36.83
N TYR C 1256 56.14 109.68 36.46
CA TYR C 1256 57.32 109.02 37.01
C TYR C 1256 57.50 109.31 38.49
N LYS C 1257 57.10 110.50 38.95
CA LYS C 1257 57.10 110.74 40.39
C LYS C 1257 56.05 109.90 41.09
N VAL C 1258 54.91 109.64 40.44
CA VAL C 1258 53.89 108.76 40.99
C VAL C 1258 54.45 107.36 41.20
N ILE C 1259 55.04 106.79 40.15
CA ILE C 1259 55.47 105.40 40.29
C ILE C 1259 56.75 105.27 41.09
N ASN C 1260 57.58 106.32 41.18
CA ASN C 1260 58.70 106.27 42.11
C ASN C 1260 58.22 106.37 43.54
N GLU C 1261 57.18 107.17 43.79
CA GLU C 1261 56.59 107.20 45.12
C GLU C 1261 55.97 105.86 45.48
N TYR C 1262 55.37 105.18 44.50
CA TYR C 1262 54.79 103.86 44.73
C TYR C 1262 55.86 102.83 45.06
N CYS C 1263 56.91 102.75 44.24
CA CYS C 1263 57.93 101.73 44.50
C CYS C 1263 58.82 102.10 45.67
N MET C 1264 58.80 103.35 46.12
CA MET C 1264 59.46 103.71 47.36
C MET C 1264 58.60 103.36 48.56
N LYS C 1265 57.27 103.45 48.42
CA LYS C 1265 56.34 103.05 49.48
C LYS C 1265 56.14 101.53 49.39
N SER C 1266 57.18 100.83 49.78
CA SER C 1266 57.11 99.38 49.98
C SER C 1266 57.89 99.00 51.22
N ASN C 1267 57.91 99.90 52.21
CA ASN C 1267 58.52 99.59 53.50
C ASN C 1267 57.73 98.51 54.24
N SER C 1268 56.44 98.36 53.89
CA SER C 1268 55.57 97.25 54.33
C SER C 1268 55.42 97.24 55.85
N CYS C 1269 54.79 98.30 56.35
CA CYS C 1269 54.38 98.33 57.73
C CYS C 1269 53.34 97.27 58.05
N LEU C 1270 52.52 96.89 57.06
CA LEU C 1270 51.40 95.99 57.29
C LEU C 1270 51.88 94.56 57.46
N ASN C 1271 51.57 93.97 58.60
CA ASN C 1271 51.96 92.61 58.92
C ASN C 1271 50.90 91.62 58.46
N SER C 1272 51.31 90.36 58.38
CA SER C 1272 50.38 89.30 58.02
C SER C 1272 50.42 88.23 59.09
N ASP C 1273 50.36 88.66 60.34
CA ASP C 1273 50.33 87.77 61.49
C ASP C 1273 49.18 88.21 62.40
N SER C 1274 48.97 87.45 63.48
CA SER C 1274 48.08 87.78 64.58
C SER C 1274 46.61 87.89 64.14
N GLU C 1275 46.10 86.79 63.59
CA GLU C 1275 44.71 86.34 63.54
C GLU C 1275 43.69 87.24 62.85
N ILE C 1276 44.08 88.46 62.48
CA ILE C 1276 43.13 89.45 61.98
C ILE C 1276 43.93 90.54 61.29
N GLN C 1277 43.30 91.36 60.48
CA GLN C 1277 43.98 92.48 59.85
C GLN C 1277 44.04 93.64 60.83
N TYR C 1278 45.17 93.78 61.54
CA TYR C 1278 45.45 95.04 62.21
C TYR C 1278 46.28 95.92 61.29
N SER C 1279 46.62 97.12 61.77
CA SER C 1279 47.43 98.05 60.99
C SER C 1279 48.56 98.54 61.87
N CYS C 1280 49.64 97.77 61.92
CA CYS C 1280 50.83 98.24 62.63
C CYS C 1280 51.73 99.03 61.68
N SER C 1281 52.51 99.93 62.25
CA SER C 1281 53.17 100.97 61.47
C SER C 1281 54.60 101.20 61.92
N GLU C 1282 55.43 100.17 61.80
CA GLU C 1282 56.85 100.28 62.15
C GLU C 1282 57.78 100.20 60.95
N GLY C 1283 57.38 99.54 59.87
CA GLY C 1283 58.23 99.41 58.71
C GLY C 1283 59.37 98.42 58.88
N THR C 1284 59.16 97.36 59.67
CA THR C 1284 60.20 96.36 59.90
C THR C 1284 60.15 95.26 58.85
N ASP C 1285 58.94 94.83 58.46
CA ASP C 1285 58.76 93.76 57.51
C ASP C 1285 59.34 94.14 56.14
N SER C 1286 59.64 93.12 55.34
CA SER C 1286 60.45 93.31 54.15
C SER C 1286 59.80 94.15 53.06
N PHE C 1287 58.76 93.63 52.38
CA PHE C 1287 58.25 94.30 51.19
C PHE C 1287 56.81 93.89 50.94
N VAL C 1288 56.06 94.82 50.35
CA VAL C 1288 54.66 94.60 49.97
C VAL C 1288 54.46 95.36 48.67
N SER C 1289 53.42 94.97 47.92
CA SER C 1289 53.05 95.70 46.72
C SER C 1289 51.54 95.69 46.61
N ARG C 1290 50.95 96.88 46.43
CA ARG C 1290 49.52 97.07 46.55
C ARG C 1290 48.97 97.70 45.27
N PRO C 1291 48.54 96.86 44.32
CA PRO C 1291 48.05 97.40 43.05
C PRO C 1291 46.73 98.11 43.17
N CYS C 1292 45.87 97.73 44.11
CA CYS C 1292 44.62 98.44 44.26
C CYS C 1292 44.84 99.80 44.90
N GLN C 1293 45.83 99.91 45.78
CA GLN C 1293 46.32 101.22 46.23
C GLN C 1293 46.78 102.06 45.06
N PHE C 1294 47.55 101.47 44.14
CA PHE C 1294 48.12 102.26 43.06
C PHE C 1294 47.08 102.67 42.03
N LEU C 1295 46.14 101.79 41.70
CA LEU C 1295 45.18 102.05 40.65
C LEU C 1295 43.84 102.58 41.15
N GLN C 1296 43.64 102.65 42.47
CA GLN C 1296 42.49 103.29 43.10
C GLN C 1296 41.17 102.67 42.68
N ASN C 1297 41.15 101.35 42.52
CA ASN C 1297 39.90 100.65 42.31
C ASN C 1297 40.03 99.24 42.86
N ALA C 1298 38.89 98.68 43.27
CA ALA C 1298 38.86 97.34 43.84
C ALA C 1298 38.41 96.36 42.77
N LEU C 1299 38.71 95.12 42.97
CA LEU C 1299 38.32 94.12 42.02
C LEU C 1299 37.02 93.47 42.47
N PRO C 1300 36.15 93.04 41.55
CA PRO C 1300 34.99 92.28 41.99
C PRO C 1300 35.34 90.82 42.15
N LEU C 1301 34.68 90.16 43.10
CA LEU C 1301 34.89 88.74 43.27
C LEU C 1301 33.60 87.99 43.03
N HIS C 1302 33.74 86.67 42.95
CA HIS C 1302 32.64 85.78 42.60
C HIS C 1302 31.63 85.67 43.73
N CYS C 1303 30.58 86.47 43.70
CA CYS C 1303 29.50 86.35 44.64
C CYS C 1303 28.20 86.15 43.88
N SER C 1304 27.16 85.76 44.61
CA SER C 1304 25.88 85.52 43.99
C SER C 1304 24.79 85.79 45.02
N SER C 1305 23.59 86.01 44.54
CA SER C 1305 22.52 86.46 45.41
C SER C 1305 21.83 85.32 46.12
N ASN C 1306 21.80 84.12 45.54
CA ASN C 1306 21.37 82.96 46.31
C ASN C 1306 22.08 81.69 45.86
N GLN C 1307 21.85 80.66 46.67
CA GLN C 1307 22.56 79.41 46.58
C GLN C 1307 22.28 78.68 45.28
N ALA C 1308 21.13 78.93 44.66
CA ALA C 1308 20.82 78.33 43.37
C ALA C 1308 21.80 78.78 42.31
N LEU C 1309 22.03 80.08 42.24
CA LEU C 1309 22.96 80.58 41.24
C LEU C 1309 24.37 80.19 41.61
N LEU C 1310 24.66 80.09 42.91
CA LEU C 1310 25.98 79.62 43.30
C LEU C 1310 26.17 78.14 42.95
N GLU C 1311 25.10 77.35 42.95
CA GLU C 1311 25.20 75.96 42.53
C GLU C 1311 25.43 75.85 41.03
N SER C 1312 24.76 76.68 40.23
CA SER C 1312 25.01 76.63 38.79
C SER C 1312 26.42 77.05 38.45
N ARG C 1313 26.95 78.04 39.18
CA ARG C 1313 28.35 78.40 38.99
C ARG C 1313 29.28 77.28 39.41
N SER C 1314 28.95 76.57 40.48
CA SER C 1314 29.80 75.46 40.91
C SER C 1314 29.74 74.29 39.94
N LYS C 1315 28.60 74.10 39.26
CA LYS C 1315 28.51 73.05 38.26
C LYS C 1315 29.32 73.40 37.02
N THR C 1316 29.01 74.53 36.40
CA THR C 1316 29.65 74.82 35.12
C THR C 1316 31.07 75.35 35.26
N GLY C 1317 31.49 75.73 36.47
CA GLY C 1317 32.80 76.32 36.63
C GLY C 1317 32.95 77.70 36.05
N ASN C 1318 31.84 78.34 35.67
CA ASN C 1318 31.88 79.58 34.89
C ASN C 1318 31.88 80.77 35.84
N THR C 1319 33.02 80.99 36.48
CA THR C 1319 33.16 82.13 37.37
C THR C 1319 33.62 83.39 36.65
N GLN C 1320 33.86 83.32 35.35
CA GLN C 1320 34.25 84.50 34.60
C GLN C 1320 33.04 85.30 34.14
N ILE C 1321 31.98 84.61 33.73
CA ILE C 1321 30.83 85.26 33.12
C ILE C 1321 29.85 85.65 34.20
N SER C 1322 29.48 86.93 34.22
CA SER C 1322 28.47 87.44 35.14
C SER C 1322 27.08 87.10 34.62
N GLU C 1323 26.18 86.76 35.53
CA GLU C 1323 24.88 86.23 35.17
C GLU C 1323 23.83 86.79 36.12
N THR C 1324 22.62 87.03 35.60
CA THR C 1324 21.53 87.56 36.41
C THR C 1324 20.27 86.75 36.17
N HIS C 1325 19.55 86.46 37.24
CA HIS C 1325 18.21 85.91 37.18
C HIS C 1325 17.26 87.10 37.22
N TYR C 1326 16.00 86.90 37.59
CA TYR C 1326 15.03 88.00 37.67
C TYR C 1326 15.43 89.13 38.61
N CYS C 1327 15.53 88.88 39.89
CA CYS C 1327 16.03 89.88 40.81
C CYS C 1327 17.28 89.41 41.53
N ASN C 1328 17.74 88.21 41.28
CA ASN C 1328 18.93 87.65 41.88
C ASN C 1328 20.07 87.68 40.87
N TYR C 1329 21.23 88.15 41.29
CA TYR C 1329 22.33 88.39 40.39
C TYR C 1329 23.57 87.60 40.83
N ALA C 1330 24.43 87.27 39.88
CA ALA C 1330 25.70 86.65 40.16
C ALA C 1330 26.79 87.41 39.44
N ILE C 1331 27.87 87.73 40.16
CA ILE C 1331 28.91 88.61 39.66
C ILE C 1331 30.09 87.76 39.22
N GLY C 1332 30.51 87.93 37.97
CA GLY C 1332 31.63 87.16 37.47
C GLY C 1332 32.94 87.62 38.05
N GLU C 1333 33.77 86.66 38.42
CA GLU C 1333 35.05 86.96 39.04
C GLU C 1333 36.05 87.40 37.99
N THR C 1334 36.96 88.30 38.39
CA THR C 1334 37.92 88.82 37.44
C THR C 1334 39.29 88.17 37.52
N ILE C 1335 39.61 87.45 38.60
CA ILE C 1335 40.83 86.67 38.66
C ILE C 1335 40.50 85.29 39.20
N PRO C 1336 40.68 84.23 38.42
CA PRO C 1336 40.37 82.87 38.90
C PRO C 1336 41.48 82.33 39.80
N LEU C 1337 41.59 82.92 40.99
CA LEU C 1337 42.65 82.59 41.92
C LEU C 1337 42.53 81.17 42.45
N GLN C 1338 41.31 80.65 42.51
CA GLN C 1338 41.12 79.25 42.82
C GLN C 1338 41.76 78.35 41.76
N LEU C 1339 41.59 78.71 40.48
CA LEU C 1339 42.26 77.97 39.42
C LEU C 1339 43.77 78.17 39.46
N ILE C 1340 44.24 79.31 39.96
CA ILE C 1340 45.68 79.52 40.11
C ILE C 1340 46.26 78.56 41.13
N ILE C 1341 45.60 78.44 42.29
CA ILE C 1341 46.09 77.55 43.32
C ILE C 1341 45.91 76.08 42.91
N GLU C 1342 44.89 75.78 42.10
CA GLU C 1342 44.79 74.42 41.57
C GLU C 1342 45.87 74.16 40.51
N SER C 1343 46.31 75.19 39.79
CA SER C 1343 47.38 75.02 38.82
C SER C 1343 48.74 74.84 39.49
N SER C 1344 48.91 75.33 40.71
CA SER C 1344 50.02 74.85 41.54
C SER C 1344 49.53 74.07 42.74
N GLU D 2 47.13 -11.76 53.93
CA GLU D 2 48.27 -12.65 53.88
C GLU D 2 48.66 -13.00 52.46
N ASN D 3 49.95 -12.92 52.15
CA ASN D 3 50.46 -13.28 50.84
C ASN D 3 51.08 -14.67 50.86
N TRP D 4 50.79 -15.45 49.82
CA TRP D 4 51.37 -16.77 49.65
C TRP D 4 52.31 -16.85 48.47
N GLN D 5 52.37 -15.83 47.62
CA GLN D 5 53.16 -15.94 46.40
C GLN D 5 54.66 -15.90 46.67
N ALA D 6 55.06 -15.38 47.81
CA ALA D 6 56.44 -15.52 48.24
C ALA D 6 56.82 -16.97 48.44
N THR D 7 55.93 -17.75 49.07
CA THR D 7 56.14 -19.19 49.18
C THR D 7 56.05 -19.85 47.81
N GLU D 8 55.15 -19.34 46.97
CA GLU D 8 54.90 -19.94 45.68
C GLU D 8 56.08 -19.80 44.73
N ILE D 9 56.83 -18.70 44.86
CA ILE D 9 57.84 -18.32 43.88
C ILE D 9 59.24 -18.43 44.46
N LEU D 10 59.44 -17.83 45.62
CA LEU D 10 60.73 -17.38 46.08
C LEU D 10 61.64 -18.55 46.52
N PRO D 11 62.96 -18.31 46.62
CA PRO D 11 63.92 -19.35 47.05
C PRO D 11 63.56 -20.04 48.37
N LYS D 12 63.85 -21.35 48.40
CA LYS D 12 63.43 -22.23 49.48
C LYS D 12 64.61 -23.07 49.93
N ILE D 13 64.55 -23.50 51.18
CA ILE D 13 65.60 -24.32 51.79
C ILE D 13 65.01 -25.68 52.09
N GLU D 14 65.63 -26.72 51.54
CA GLU D 14 65.13 -28.08 51.75
C GLU D 14 65.31 -28.50 53.20
N ALA D 15 64.41 -29.38 53.64
CA ALA D 15 64.48 -29.93 55.00
C ALA D 15 64.18 -31.42 54.98
N PRO D 16 65.10 -32.27 55.42
CA PRO D 16 64.85 -33.71 55.37
C PRO D 16 64.09 -34.28 56.56
N LEU D 17 62.99 -34.97 56.27
CA LEU D 17 62.14 -35.67 57.26
C LEU D 17 61.60 -34.73 58.33
N ASN D 18 61.06 -33.58 57.88
CA ASN D 18 60.37 -32.70 58.81
C ASN D 18 59.08 -33.33 59.31
N ILE D 19 58.39 -34.09 58.46
CA ILE D 19 57.22 -34.85 58.86
C ILE D 19 57.52 -36.33 58.67
N PHE D 20 57.63 -37.04 59.78
CA PHE D 20 57.66 -38.49 59.69
C PHE D 20 56.29 -39.04 59.33
N ASN D 21 55.25 -38.36 59.80
CA ASN D 21 53.88 -38.74 59.54
C ASN D 21 53.32 -37.96 58.36
N ASP D 22 52.23 -38.48 57.82
CA ASP D 22 51.58 -37.86 56.66
C ASP D 22 51.01 -36.49 57.02
N ILE D 23 51.12 -35.55 56.08
CA ILE D 23 50.50 -34.26 56.30
C ILE D 23 49.08 -34.23 55.78
N LYS D 24 48.60 -35.32 55.16
CA LYS D 24 47.20 -35.44 54.79
C LYS D 24 46.30 -35.24 56.00
N THR D 25 46.62 -35.89 57.11
CA THR D 25 45.80 -35.77 58.31
C THR D 25 45.86 -34.37 58.88
N TYR D 26 47.03 -33.74 58.79
CA TYR D 26 47.24 -32.41 59.32
C TYR D 26 46.41 -31.38 58.55
N THR D 27 46.43 -31.47 57.22
CA THR D 27 45.64 -30.57 56.39
C THR D 27 44.16 -30.83 56.57
N ALA D 28 43.76 -32.10 56.59
CA ALA D 28 42.34 -32.42 56.63
C ALA D 28 41.72 -32.15 57.98
N GLU D 29 42.50 -32.17 59.06
CA GLU D 29 41.93 -31.97 60.38
C GLU D 29 42.50 -30.73 61.08
N GLN D 30 43.06 -29.80 60.30
CA GLN D 30 43.34 -28.43 60.70
C GLN D 30 44.26 -28.37 61.92
N LEU D 31 45.49 -28.83 61.71
CA LEU D 31 46.49 -28.60 62.73
C LEU D 31 46.97 -27.15 62.68
N PHE D 32 46.83 -26.50 61.55
CA PHE D 32 47.55 -25.27 61.32
C PHE D 32 46.65 -24.05 61.49
N ASP D 33 47.28 -22.89 61.50
CA ASP D 33 46.61 -21.61 61.67
C ASP D 33 46.34 -20.93 60.35
N ASN D 34 47.33 -20.88 59.48
CA ASN D 34 47.16 -20.40 58.12
C ASN D 34 47.65 -21.48 57.19
N LEU D 35 46.76 -22.01 56.37
CA LEU D 35 47.19 -22.91 55.32
C LEU D 35 46.47 -22.57 54.03
N ARG D 36 47.16 -22.80 52.92
CA ARG D 36 46.63 -22.55 51.59
C ARG D 36 46.92 -23.79 50.76
N ILE D 37 45.86 -24.44 50.29
CA ILE D 37 45.98 -25.69 49.56
C ILE D 37 45.22 -25.59 48.26
N TYR D 38 45.81 -26.08 47.18
CA TYR D 38 45.14 -26.16 45.89
C TYR D 38 45.59 -27.42 45.19
N PHE D 39 44.64 -28.15 44.60
CA PHE D 39 44.98 -29.37 43.89
C PHE D 39 45.47 -29.06 42.49
N GLY D 40 44.59 -28.55 41.64
CA GLY D 40 45.02 -28.11 40.34
C GLY D 40 45.81 -26.83 40.44
N ASP D 41 46.73 -26.65 39.49
CA ASP D 41 47.79 -25.67 39.63
C ASP D 41 47.23 -24.28 39.41
N ASP D 42 47.15 -23.52 40.49
CA ASP D 42 46.50 -22.23 40.52
C ASP D 42 47.36 -21.20 39.78
N PRO D 43 46.88 -20.64 38.68
CA PRO D 43 47.68 -19.69 37.91
C PRO D 43 47.76 -18.29 38.51
N SER D 44 47.19 -18.07 39.69
CA SER D 44 47.17 -16.79 40.37
C SER D 44 48.48 -16.46 41.03
N ARG D 45 49.51 -17.24 40.80
CA ARG D 45 50.82 -16.91 41.32
C ARG D 45 51.47 -15.78 40.55
N TYR D 46 50.84 -15.28 39.51
CA TYR D 46 51.56 -14.51 38.53
C TYR D 46 51.21 -13.03 38.51
N ASN D 47 50.04 -12.64 39.00
CA ASN D 47 49.63 -11.23 38.92
C ASN D 47 50.33 -10.43 40.03
N ILE D 48 51.59 -10.11 39.78
CA ILE D 48 52.36 -9.37 40.77
C ILE D 48 52.01 -7.90 40.63
N SER D 49 51.12 -7.42 41.46
CA SER D 49 50.88 -5.99 41.56
C SER D 49 51.79 -5.43 42.63
N PHE D 50 52.04 -4.13 42.54
CA PHE D 50 52.79 -3.43 43.56
C PHE D 50 52.27 -2.01 43.70
N GLU D 51 52.73 -1.36 44.76
CA GLU D 51 52.34 0.00 45.09
C GLU D 51 53.62 0.81 45.27
N ALA D 52 54.13 1.37 44.19
CA ALA D 52 55.41 2.04 44.26
C ALA D 52 55.29 3.35 45.00
N LEU D 53 56.33 3.69 45.74
CA LEU D 53 56.55 5.06 46.17
C LEU D 53 57.80 5.56 45.45
N LEU D 54 57.68 6.69 44.81
CA LEU D 54 58.79 7.29 44.11
C LEU D 54 59.64 8.11 45.08
N GLY D 55 60.56 8.88 44.52
CA GLY D 55 61.46 9.75 45.26
C GLY D 55 60.78 10.69 46.23
N ILE D 56 61.50 11.04 47.31
CA ILE D 56 60.95 11.84 48.40
C ILE D 56 61.66 13.18 48.35
N TYR D 57 60.89 14.25 48.21
CA TYR D 57 61.44 15.57 47.95
C TYR D 57 61.28 16.47 49.16
N CYS D 58 62.13 17.48 49.23
CA CYS D 58 62.16 18.42 50.35
C CYS D 58 62.48 19.81 49.83
N ASN D 59 62.25 20.80 50.69
CA ASN D 59 62.48 22.18 50.35
C ASN D 59 63.89 22.60 50.72
N LYS D 60 64.40 23.60 50.01
CA LYS D 60 65.59 24.33 50.42
C LYS D 60 65.13 25.67 50.99
N ILE D 61 65.32 25.84 52.30
CA ILE D 61 65.10 27.14 52.92
C ILE D 61 66.22 28.06 52.44
N GLU D 62 65.85 29.10 51.70
CA GLU D 62 66.84 30.04 51.22
C GLU D 62 67.33 30.90 52.37
N TRP D 63 68.59 31.28 52.31
CA TRP D 63 69.28 31.82 53.48
C TRP D 63 69.44 33.32 53.35
N ILE D 64 69.24 34.03 54.45
CA ILE D 64 69.16 35.47 54.45
C ILE D 64 70.31 36.02 55.27
N ASN D 65 71.29 36.61 54.60
CA ASN D 65 72.20 37.50 55.29
C ASN D 65 71.57 38.87 55.40
N PHE D 66 71.95 39.61 56.44
CA PHE D 66 71.47 40.97 56.57
C PHE D 66 72.03 41.85 55.46
N PHE D 67 73.32 41.70 55.18
CA PHE D 67 73.99 42.64 54.29
C PHE D 67 73.75 42.33 52.82
N THR D 68 73.07 41.22 52.51
CA THR D 68 72.69 40.96 51.14
C THR D 68 71.43 41.72 50.76
N THR D 69 70.50 41.86 51.71
CA THR D 69 69.29 42.60 51.47
C THR D 69 69.59 44.10 51.38
N PRO D 70 68.84 44.82 50.55
CA PRO D 70 69.11 46.26 50.37
C PRO D 70 68.51 47.15 51.44
N ILE D 71 68.13 46.60 52.58
CA ILE D 71 67.81 47.42 53.73
C ILE D 71 69.08 47.83 54.46
N ALA D 72 70.17 47.12 54.22
CA ALA D 72 71.42 47.43 54.89
C ALA D 72 72.07 48.70 54.37
N VAL D 73 71.61 49.23 53.23
CA VAL D 73 72.11 50.54 52.81
C VAL D 73 71.51 51.62 53.68
N ALA D 74 70.32 51.39 54.24
CA ALA D 74 69.84 52.28 55.28
C ALA D 74 70.49 51.98 56.62
N ALA D 75 70.91 50.75 56.80
CA ALA D 75 71.44 50.38 58.11
C ALA D 75 72.89 50.80 58.27
N ASN D 76 73.39 50.63 59.50
CA ASN D 76 74.82 50.76 59.82
C ASN D 76 75.04 49.97 61.11
N VAL D 77 75.55 48.75 61.00
CA VAL D 77 75.43 47.78 62.07
C VAL D 77 76.78 47.56 62.73
N ILE D 78 76.81 47.69 64.06
CA ILE D 78 78.05 47.62 64.84
C ILE D 78 77.81 46.78 66.08
N ARG D 79 78.68 45.80 66.33
CA ARG D 79 78.63 45.06 67.58
C ARG D 79 79.17 45.88 68.75
N PHE D 80 78.54 45.68 69.89
CA PHE D 80 78.92 46.36 71.12
C PHE D 80 78.45 45.48 72.27
N ASN D 81 79.37 44.76 72.90
CA ASN D 81 79.06 43.64 73.80
C ASN D 81 78.42 44.05 75.12
N ASP D 82 78.23 45.34 75.39
CA ASP D 82 77.54 45.74 76.62
C ASP D 82 76.30 46.55 76.30
N VAL D 83 75.67 46.29 75.15
CA VAL D 83 74.44 47.01 74.82
C VAL D 83 73.30 46.49 75.67
N SER D 84 73.41 45.28 76.21
CA SER D 84 72.44 44.83 77.20
C SER D 84 72.56 45.63 78.48
N ARG D 85 73.76 46.06 78.83
CA ARG D 85 74.00 46.82 80.04
C ARG D 85 73.84 48.32 79.85
N MET D 86 73.77 48.78 78.61
CA MET D 86 73.55 50.20 78.36
C MET D 86 72.13 50.59 78.73
N THR D 87 71.98 51.63 79.54
CA THR D 87 70.65 52.20 79.67
C THR D 87 70.34 53.12 78.51
N LEU D 88 71.12 54.16 78.31
CA LEU D 88 70.73 55.15 77.29
C LEU D 88 71.91 55.69 76.51
N GLY D 89 71.99 55.34 75.23
CA GLY D 89 72.90 56.03 74.34
C GLY D 89 72.25 57.29 73.80
N LYS D 90 73.05 58.33 73.65
CA LYS D 90 72.57 59.58 73.09
C LYS D 90 73.67 60.20 72.23
N VAL D 91 73.29 61.12 71.35
CA VAL D 91 74.23 61.93 70.60
C VAL D 91 73.84 63.39 70.77
N LEU D 92 74.84 64.27 70.81
CA LEU D 92 74.64 65.71 71.00
C LEU D 92 75.05 66.48 69.77
N PHE D 93 74.17 67.37 69.32
CA PHE D 93 74.45 68.27 68.22
C PHE D 93 74.55 69.69 68.74
N PHE D 94 75.62 70.37 68.37
CA PHE D 94 75.90 71.74 68.79
C PHE D 94 75.83 72.66 67.58
N ILE D 95 74.71 73.38 67.44
CA ILE D 95 74.39 74.15 66.25
C ILE D 95 74.57 75.62 66.58
N GLN D 96 75.15 76.37 65.66
CA GLN D 96 75.23 77.83 65.77
C GLN D 96 74.54 78.46 64.59
N LEU D 97 73.97 79.65 64.79
CA LEU D 97 73.27 80.25 63.68
C LEU D 97 74.03 81.47 63.20
N PRO D 98 74.36 81.55 61.91
CA PRO D 98 74.93 82.78 61.37
C PRO D 98 73.90 83.87 61.20
N ARG D 99 74.35 85.10 61.39
CA ARG D 99 73.49 86.26 61.45
C ARG D 99 73.65 87.10 60.18
N VAL D 100 72.91 88.20 60.14
CA VAL D 100 72.95 89.14 59.04
C VAL D 100 72.74 90.54 59.60
N ALA D 101 73.49 91.51 59.09
CA ALA D 101 73.45 92.85 59.64
C ALA D 101 72.13 93.54 59.31
N THR D 102 71.73 94.47 60.16
CA THR D 102 70.46 95.17 60.00
C THR D 102 70.59 96.66 59.72
N GLY D 103 69.58 97.18 59.06
CA GLY D 103 69.47 98.59 58.69
C GLY D 103 69.08 99.49 59.85
N ASN D 104 69.11 100.79 59.62
CA ASN D 104 68.79 101.77 60.64
C ASN D 104 67.36 101.58 61.17
N ASP D 105 67.23 101.74 62.48
CA ASP D 105 65.98 101.65 63.27
C ASP D 105 65.43 100.24 63.44
N VAL D 106 66.25 99.24 63.18
CA VAL D 106 65.86 97.85 63.36
C VAL D 106 66.80 97.20 64.35
N THR D 107 66.24 96.50 65.34
CA THR D 107 67.06 95.85 66.36
C THR D 107 67.95 94.78 65.76
N ALA D 108 69.18 94.69 66.26
CA ALA D 108 70.12 93.71 65.78
C ALA D 108 69.79 92.33 66.30
N PRO D 109 70.10 91.28 65.55
CA PRO D 109 69.95 89.93 66.08
C PRO D 109 71.03 89.65 67.11
N LYS D 110 70.82 88.61 67.88
CA LYS D 110 71.82 88.20 68.84
C LYS D 110 72.42 86.87 68.42
N GLU D 111 73.56 86.56 69.01
CA GLU D 111 74.22 85.30 68.73
C GLU D 111 73.39 84.14 69.26
N THR D 112 73.10 83.17 68.40
CA THR D 112 72.14 82.11 68.71
C THR D 112 72.85 80.77 68.67
N THR D 113 72.73 80.03 69.78
CA THR D 113 73.39 78.74 69.96
C THR D 113 72.37 77.73 70.45
N ILE D 114 72.26 76.62 69.72
CA ILE D 114 71.28 75.58 69.98
C ILE D 114 72.03 74.30 70.31
N MET D 115 71.56 73.56 71.30
CA MET D 115 72.15 72.29 71.66
C MET D 115 71.03 71.27 71.75
N VAL D 116 71.08 70.23 70.93
CA VAL D 116 70.05 69.20 70.96
C VAL D 116 70.71 67.85 71.19
N ALA D 117 69.87 66.85 71.46
CA ALA D 117 70.40 65.52 71.77
C ALA D 117 69.39 64.46 71.40
N LYS D 118 69.78 63.58 70.50
CA LYS D 118 68.96 62.45 70.10
C LYS D 118 69.21 61.27 71.01
N HIS D 119 68.16 60.53 71.34
CA HIS D 119 68.24 59.39 72.24
C HIS D 119 68.20 58.08 71.47
N SER D 120 68.48 57.00 72.17
CA SER D 120 68.57 55.68 71.58
C SER D 120 67.40 54.83 72.04
N GLU D 121 66.68 54.25 71.08
CA GLU D 121 65.70 53.23 71.43
C GLU D 121 66.43 51.90 71.56
N LYS D 122 65.87 50.97 72.33
CA LYS D 122 66.33 49.61 72.19
C LYS D 122 65.18 48.62 72.30
N HIS D 123 65.33 47.52 71.58
CA HIS D 123 64.29 46.61 71.13
C HIS D 123 64.89 45.20 71.04
N PRO D 124 64.38 44.24 71.80
CA PRO D 124 64.93 42.89 71.77
C PRO D 124 64.16 41.96 70.84
N ILE D 125 64.77 40.81 70.51
CA ILE D 125 64.15 39.75 69.73
C ILE D 125 64.58 38.39 70.28
N ASN D 126 63.78 37.36 70.00
CA ASN D 126 64.09 36.01 70.45
C ASN D 126 63.62 34.98 69.45
N ILE D 127 64.11 33.75 69.63
CA ILE D 127 63.64 32.55 68.93
C ILE D 127 63.70 31.38 69.88
N SER D 128 62.58 30.71 70.08
CA SER D 128 62.57 29.49 70.84
C SER D 128 62.40 28.29 69.92
N PHE D 129 63.06 27.19 70.27
CA PHE D 129 62.81 25.92 69.60
C PHE D 129 63.07 24.82 70.60
N ASP D 130 62.24 23.79 70.57
CA ASP D 130 62.37 22.72 71.55
C ASP D 130 62.85 21.44 70.89
N LEU D 131 63.36 20.55 71.72
CA LEU D 131 63.73 19.20 71.30
C LEU D 131 63.02 18.21 72.21
N SER D 132 62.43 17.18 71.61
CA SER D 132 61.80 16.14 72.41
C SER D 132 62.87 15.32 73.12
N ALA D 133 62.50 14.81 74.29
CA ALA D 133 63.48 14.09 75.10
C ALA D 133 63.83 12.75 74.48
N ALA D 134 62.95 12.19 73.64
CA ALA D 134 63.30 10.98 72.90
C ALA D 134 64.36 11.28 71.85
N CYS D 135 64.22 12.41 71.16
CA CYS D 135 65.27 12.88 70.24
C CYS D 135 66.56 13.14 70.97
N LEU D 136 66.48 13.69 72.17
CA LEU D 136 67.68 13.99 72.93
C LEU D 136 68.34 12.71 73.45
N GLU D 137 67.55 11.68 73.74
CA GLU D 137 68.13 10.39 74.12
C GLU D 137 68.83 9.74 72.94
N HIS D 138 68.19 9.74 71.77
CA HIS D 138 68.85 9.15 70.60
C HIS D 138 69.97 10.01 70.05
N LEU D 139 70.06 11.27 70.49
CA LEU D 139 71.13 12.15 70.01
C LEU D 139 72.49 11.67 70.50
N GLU D 140 72.64 11.49 71.79
CA GLU D 140 73.97 11.48 72.36
C GLU D 140 74.60 10.10 72.45
N ASN D 141 73.82 9.04 72.60
CA ASN D 141 74.40 7.72 72.71
C ASN D 141 73.74 6.75 71.75
N THR D 142 74.48 5.71 71.40
CA THR D 142 73.90 4.50 70.84
C THR D 142 73.76 3.47 71.97
N PHE D 143 72.60 2.82 72.03
CA PHE D 143 72.42 1.77 73.01
C PHE D 143 73.27 0.56 72.64
N LYS D 144 72.99 0.00 71.47
CA LYS D 144 73.81 -1.03 70.85
C LYS D 144 74.17 -0.53 69.46
N ASN D 145 75.07 -1.24 68.79
CA ASN D 145 75.45 -0.81 67.45
C ASN D 145 74.61 -1.51 66.39
N THR D 146 73.30 -1.42 66.53
CA THR D 146 72.39 -1.94 65.54
C THR D 146 72.11 -0.90 64.49
N VAL D 147 71.76 -1.38 63.29
CA VAL D 147 71.66 -0.51 62.13
C VAL D 147 70.52 0.49 62.31
N ILE D 148 69.41 0.03 62.89
CA ILE D 148 68.27 0.92 63.12
C ILE D 148 68.63 2.00 64.12
N ASP D 149 69.36 1.64 65.18
CA ASP D 149 69.79 2.62 66.17
C ASP D 149 70.76 3.63 65.55
N GLN D 150 71.59 3.19 64.60
CA GLN D 150 72.47 4.12 63.90
C GLN D 150 71.68 5.10 63.04
N ILE D 151 70.63 4.59 62.37
CA ILE D 151 69.77 5.45 61.55
C ILE D 151 69.10 6.51 62.41
N LEU D 152 68.58 6.10 63.56
CA LEU D 152 67.93 7.03 64.48
C LEU D 152 68.92 8.05 65.02
N ASN D 153 70.15 7.61 65.28
CA ASN D 153 71.17 8.52 65.78
C ASN D 153 71.50 9.60 64.76
N ILE D 154 71.60 9.23 63.50
CA ILE D 154 71.93 10.23 62.48
C ILE D 154 70.75 11.16 62.24
N ASN D 155 69.52 10.63 62.33
CA ASN D 155 68.36 11.51 62.12
C ASN D 155 68.15 12.47 63.26
N ALA D 156 68.46 12.05 64.50
CA ALA D 156 68.45 12.99 65.61
C ALA D 156 69.51 14.06 65.44
N LEU D 157 70.68 13.67 64.92
CA LEU D 157 71.77 14.62 64.75
C LEU D 157 71.43 15.66 63.67
N HIS D 158 70.86 15.22 62.56
CA HIS D 158 70.43 16.15 61.53
C HIS D 158 69.26 17.00 61.96
N THR D 159 68.38 16.47 62.82
CA THR D 159 67.32 17.29 63.40
C THR D 159 67.90 18.45 64.21
N VAL D 160 68.92 18.15 65.01
CA VAL D 160 69.57 19.18 65.82
C VAL D 160 70.20 20.26 64.95
N LEU D 161 71.01 19.84 63.96
CA LEU D 161 71.72 20.81 63.13
C LEU D 161 70.76 21.64 62.28
N ARG D 162 69.69 21.01 61.79
CA ARG D 162 68.71 21.70 60.97
C ARG D 162 67.92 22.72 61.77
N SER D 163 67.56 22.38 63.01
CA SER D 163 66.86 23.35 63.85
C SER D 163 67.76 24.51 64.24
N LEU D 164 69.06 24.25 64.42
CA LEU D 164 69.99 25.35 64.71
C LEU D 164 70.11 26.32 63.54
N LYS D 165 70.24 25.79 62.32
CA LYS D 165 70.34 26.66 61.15
C LYS D 165 69.06 27.46 60.95
N ASN D 166 67.90 26.83 61.16
CA ASN D 166 66.64 27.53 61.06
C ASN D 166 66.52 28.64 62.11
N SER D 167 67.01 28.40 63.32
CA SER D 167 66.94 29.40 64.36
C SER D 167 67.83 30.61 64.07
N ALA D 168 69.04 30.37 63.55
CA ALA D 168 69.92 31.49 63.24
C ALA D 168 69.40 32.30 62.06
N ASP D 169 68.84 31.63 61.06
CA ASP D 169 68.18 32.35 59.96
C ASP D 169 66.99 33.13 60.47
N SER D 170 66.29 32.61 61.46
CA SER D 170 65.16 33.34 62.02
C SER D 170 65.62 34.57 62.79
N LEU D 171 66.80 34.52 63.40
CA LEU D 171 67.34 35.73 64.02
C LEU D 171 67.71 36.78 62.98
N GLU D 172 68.23 36.33 61.83
CA GLU D 172 68.52 37.27 60.74
C GLU D 172 67.25 37.95 60.24
N ARG D 173 66.21 37.16 59.99
CA ARG D 173 64.98 37.73 59.48
C ARG D 173 64.28 38.57 60.53
N GLY D 174 64.44 38.23 61.80
CA GLY D 174 63.89 39.05 62.85
C GLY D 174 64.60 40.38 62.98
N LEU D 175 65.91 40.39 62.72
CA LEU D 175 66.63 41.66 62.67
C LEU D 175 66.11 42.53 61.53
N ILE D 176 65.88 41.93 60.36
CA ILE D 176 65.25 42.60 59.22
C ILE D 176 63.92 43.23 59.64
N HIS D 177 63.07 42.43 60.28
CA HIS D 177 61.73 42.87 60.59
C HIS D 177 61.70 43.92 61.70
N ALA D 178 62.58 43.80 62.69
CA ALA D 178 62.58 44.80 63.76
C ALA D 178 63.14 46.13 63.27
N PHE D 179 64.09 46.08 62.33
CA PHE D 179 64.59 47.33 61.79
C PHE D 179 63.57 48.01 60.90
N MET D 180 62.84 47.22 60.11
CA MET D 180 61.76 47.78 59.30
C MET D 180 60.64 48.31 60.18
N GLN D 181 60.39 47.63 61.30
CA GLN D 181 59.42 48.07 62.30
C GLN D 181 59.74 49.46 62.83
N THR D 182 61.00 49.67 63.24
CA THR D 182 61.35 50.97 63.80
C THR D 182 61.41 52.05 62.71
N LEU D 183 61.73 51.68 61.47
CA LEU D 183 61.66 52.69 60.41
C LEU D 183 60.22 53.13 60.14
N LEU D 184 59.27 52.19 60.20
CA LEU D 184 57.88 52.61 60.05
C LEU D 184 57.35 53.35 61.26
N ARG D 185 57.91 53.12 62.46
CA ARG D 185 57.54 54.00 63.57
C ARG D 185 58.15 55.39 63.42
N LYS D 186 59.31 55.50 62.80
CA LYS D 186 59.95 56.81 62.66
C LYS D 186 59.34 57.63 61.54
N SER D 187 58.96 57.00 60.44
CA SER D 187 58.71 57.71 59.20
C SER D 187 57.35 58.40 59.23
N PRO D 188 57.28 59.72 59.11
CA PRO D 188 56.00 60.39 59.01
C PRO D 188 55.51 60.36 57.57
N PRO D 189 54.22 60.52 57.33
CA PRO D 189 53.72 60.43 55.96
C PRO D 189 54.03 61.66 55.12
N GLN D 190 53.86 61.45 53.81
CA GLN D 190 54.39 62.36 52.82
C GLN D 190 53.65 63.69 52.79
N PHE D 191 52.35 63.69 53.07
CA PHE D 191 51.62 64.94 53.04
C PHE D 191 52.05 65.86 54.19
N ILE D 192 52.33 65.28 55.35
CA ILE D 192 52.88 66.04 56.46
C ILE D 192 54.27 66.56 56.12
N VAL D 193 55.12 65.72 55.53
CA VAL D 193 56.49 66.16 55.22
C VAL D 193 56.49 67.26 54.16
N LEU D 194 55.65 67.13 53.14
CA LEU D 194 55.58 68.13 52.09
C LEU D 194 54.95 69.42 52.58
N THR D 195 54.06 69.35 53.58
CA THR D 195 53.52 70.60 54.07
C THR D 195 54.51 71.31 54.98
N MET D 196 55.27 70.56 55.80
CA MET D 196 56.24 71.18 56.69
C MET D 196 57.39 71.81 55.92
N ASN D 197 57.83 71.15 54.84
CA ASN D 197 58.95 71.70 54.08
C ASN D 197 58.57 72.95 53.30
N GLU D 198 57.27 73.18 53.07
CA GLU D 198 56.85 74.47 52.54
C GLU D 198 56.65 75.49 53.66
N ASN D 199 56.12 75.05 54.80
CA ASN D 199 55.75 75.93 55.89
C ASN D 199 56.76 75.93 57.03
N LYS D 200 58.05 75.91 56.71
CA LYS D 200 59.12 76.17 57.68
C LYS D 200 58.92 77.44 58.51
N VAL D 201 59.56 77.50 59.67
CA VAL D 201 59.31 78.54 60.66
C VAL D 201 60.13 79.78 60.34
N HIS D 202 59.50 80.94 60.41
CA HIS D 202 60.22 82.20 60.33
C HIS D 202 61.01 82.41 61.61
N ASN D 203 62.23 82.89 61.47
CA ASN D 203 63.19 82.80 62.57
C ASN D 203 63.04 83.89 63.63
N LYS D 204 62.13 84.85 63.47
CA LYS D 204 61.93 85.81 64.55
C LYS D 204 61.19 85.18 65.72
N GLN D 205 60.25 84.27 65.45
CA GLN D 205 59.36 83.80 66.50
C GLN D 205 59.34 82.28 66.56
N ALA D 206 58.39 81.73 67.31
CA ALA D 206 57.94 80.36 67.07
C ALA D 206 56.94 80.37 65.91
N LEU D 207 56.35 79.22 65.63
CA LEU D 207 55.48 79.11 64.46
C LEU D 207 54.15 79.78 64.73
N SER D 208 53.69 80.60 63.77
CA SER D 208 52.59 81.51 64.01
C SER D 208 51.25 80.82 63.81
N ARG D 209 50.20 81.47 64.32
CA ARG D 209 48.86 80.88 64.27
C ARG D 209 48.32 80.84 62.85
N VAL D 210 48.53 81.93 62.09
CA VAL D 210 48.11 81.96 60.69
C VAL D 210 48.88 80.93 59.88
N GLN D 211 50.17 80.78 60.20
CA GLN D 211 51.02 79.77 59.59
C GLN D 211 50.46 78.37 59.78
N ARG D 212 50.14 78.00 61.02
CA ARG D 212 49.67 76.65 61.26
C ARG D 212 48.24 76.44 60.79
N SER D 213 47.42 77.49 60.73
CA SER D 213 46.06 77.30 60.22
C SER D 213 46.07 77.06 58.71
N ASN D 214 46.85 77.85 57.97
CA ASN D 214 47.01 77.60 56.55
C ASN D 214 47.70 76.28 56.30
N MET D 215 48.60 75.88 57.21
CA MET D 215 49.28 74.60 57.11
C MET D 215 48.30 73.45 57.29
N PHE D 216 47.30 73.64 58.15
CA PHE D 216 46.24 72.66 58.30
C PHE D 216 45.42 72.49 57.04
N GLN D 217 45.04 73.61 56.42
CA GLN D 217 44.25 73.52 55.20
C GLN D 217 45.06 72.89 54.07
N SER D 218 46.36 73.20 54.04
CA SER D 218 47.24 72.55 53.08
C SER D 218 47.37 71.06 53.34
N LEU D 219 47.32 70.63 54.61
CA LEU D 219 47.33 69.20 54.92
C LEU D 219 46.08 68.53 54.38
N LYS D 220 44.91 69.18 54.51
CA LYS D 220 43.68 68.64 53.92
C LYS D 220 43.83 68.44 52.42
N ASN D 221 44.37 69.45 51.74
CA ASN D 221 44.42 69.37 50.28
C ASN D 221 45.46 68.36 49.81
N ARG D 222 46.64 68.31 50.45
CA ARG D 222 47.65 67.31 50.09
C ARG D 222 47.14 65.90 50.33
N LEU D 223 46.39 65.70 51.42
CA LEU D 223 45.83 64.40 51.72
C LEU D 223 44.81 63.98 50.68
N LEU D 224 43.85 64.85 50.39
CA LEU D 224 42.79 64.45 49.47
C LEU D 224 43.24 64.38 48.02
N THR D 225 44.37 64.99 47.67
CA THR D 225 44.84 64.82 46.30
C THR D 225 45.79 63.63 46.16
N SER D 226 46.84 63.58 46.97
CA SER D 226 47.89 62.58 46.78
C SER D 226 47.75 61.40 47.72
N LEU D 227 46.52 60.96 47.99
CA LEU D 227 46.35 59.78 48.84
C LEU D 227 46.70 58.52 48.08
N PHE D 228 45.90 58.15 47.10
CA PHE D 228 46.11 56.94 46.34
C PHE D 228 46.82 57.33 45.06
N PHE D 229 48.07 56.91 44.96
CA PHE D 229 49.05 57.57 44.12
C PHE D 229 49.41 56.76 42.88
N LEU D 230 49.70 55.48 43.04
CA LEU D 230 49.90 54.63 41.87
C LEU D 230 48.61 54.42 41.09
N ASN D 231 47.47 54.55 41.73
CA ASN D 231 46.23 54.08 41.14
C ASN D 231 45.52 55.17 40.34
N ARG D 232 45.68 56.42 40.74
CA ARG D 232 44.90 57.49 40.13
C ARG D 232 45.51 57.93 38.80
N ASN D 233 46.79 58.27 38.80
CA ASN D 233 47.49 58.78 37.63
C ASN D 233 48.41 57.73 37.06
N ASN D 234 48.62 57.79 35.74
CA ASN D 234 49.49 56.84 35.05
C ASN D 234 50.63 57.52 34.31
N ASN D 235 50.82 58.83 34.48
CA ASN D 235 51.92 59.51 33.82
C ASN D 235 53.23 59.16 34.49
N SER D 236 54.15 58.58 33.71
CA SER D 236 55.46 58.23 34.25
C SER D 236 56.22 59.46 34.68
N SER D 237 56.04 60.58 33.96
CA SER D 237 56.65 61.83 34.37
C SER D 237 56.10 62.32 35.72
N TYR D 238 54.79 62.17 35.92
CA TYR D 238 54.19 62.59 37.18
C TYR D 238 54.69 61.74 38.34
N ILE D 239 54.77 60.42 38.13
CA ILE D 239 55.19 59.55 39.22
C ILE D 239 56.68 59.69 39.48
N TYR D 240 57.46 59.93 38.44
CA TYR D 240 58.87 60.29 38.60
C TYR D 240 59.01 61.59 39.38
N ARG D 241 58.10 62.53 39.17
CA ARG D 241 58.15 63.80 39.89
C ARG D 241 57.84 63.61 41.37
N ILE D 242 56.89 62.74 41.70
CA ILE D 242 56.54 62.52 43.10
C ILE D 242 57.67 61.79 43.83
N LEU D 243 58.26 60.79 43.18
CA LEU D 243 59.40 60.09 43.80
C LEU D 243 60.59 61.04 43.97
N ASN D 244 60.76 61.97 43.03
CA ASN D 244 61.79 62.98 43.19
C ASN D 244 61.45 63.92 44.35
N ASP D 245 60.17 64.20 44.57
CA ASP D 245 59.79 65.02 45.71
C ASP D 245 60.02 64.31 47.03
N MET D 246 59.88 62.97 47.05
CA MET D 246 60.28 62.21 48.23
C MET D 246 61.76 62.36 48.51
N MET D 247 62.58 62.12 47.48
CA MET D 247 64.02 62.12 47.67
C MET D 247 64.57 63.51 47.96
N GLU D 248 63.84 64.55 47.60
CA GLU D 248 64.25 65.89 48.01
C GLU D 248 63.66 66.30 49.35
N SER D 249 62.56 65.70 49.78
CA SER D 249 62.01 66.06 51.07
C SER D 249 62.76 65.38 52.21
N VAL D 250 63.37 64.23 51.96
CA VAL D 250 64.09 63.53 53.02
C VAL D 250 65.46 64.16 53.23
N THR D 251 65.79 64.44 54.50
CA THR D 251 67.07 65.03 54.85
C THR D 251 68.18 63.98 54.83
N GLU D 252 69.40 64.46 54.97
CA GLU D 252 70.61 63.65 54.91
C GLU D 252 71.01 63.21 56.32
N SER D 253 71.73 62.10 56.40
CA SER D 253 72.33 61.65 57.66
C SER D 253 73.61 62.44 57.94
N ILE D 254 74.23 62.16 59.07
CA ILE D 254 75.40 62.94 59.50
C ILE D 254 76.70 62.28 59.07
N LEU D 255 76.78 60.96 59.08
CA LEU D 255 78.03 60.30 58.77
C LEU D 255 78.15 60.13 57.27
N ASN D 256 79.27 60.58 56.73
CA ASN D 256 79.58 60.49 55.31
C ASN D 256 80.81 59.61 55.22
N ASP D 257 80.60 58.31 55.06
CA ASP D 257 81.71 57.41 54.80
C ASP D 257 81.92 57.33 53.30
N THR D 258 83.18 57.38 52.89
CA THR D 258 83.51 57.36 51.48
C THR D 258 83.25 55.99 50.88
N ASN D 259 83.39 54.94 51.66
CA ASN D 259 83.39 53.58 51.13
C ASN D 259 82.11 52.79 51.38
N ASN D 260 81.22 53.26 52.24
CA ASN D 260 79.96 52.56 52.43
C ASN D 260 79.04 52.78 51.24
N TYR D 261 78.67 51.67 50.57
CA TYR D 261 77.69 51.63 49.50
C TYR D 261 78.12 52.52 48.35
N THR D 262 79.40 52.44 48.05
CA THR D 262 80.04 53.25 47.04
C THR D 262 80.03 52.52 45.70
N SER D 263 79.63 53.22 44.66
CA SER D 263 79.64 52.70 43.32
C SER D 263 81.04 52.86 42.71
N LYS D 264 81.16 52.67 41.41
CA LYS D 264 82.42 52.97 40.74
C LYS D 264 82.72 54.47 40.79
N GLU D 265 84.01 54.79 40.83
CA GLU D 265 84.56 56.15 40.80
C GLU D 265 84.13 56.99 41.99
N ASN D 266 83.80 56.33 43.10
CA ASN D 266 83.43 56.96 44.37
C ASN D 266 82.20 57.87 44.26
N ILE D 267 81.15 57.36 43.66
CA ILE D 267 79.83 57.99 43.70
C ILE D 267 78.99 57.23 44.71
N PRO D 268 78.56 57.85 45.80
CA PRO D 268 77.79 57.11 46.81
C PRO D 268 76.37 56.89 46.36
N LEU D 269 75.92 55.64 46.48
CA LEU D 269 74.50 55.35 46.36
C LEU D 269 73.77 56.01 47.51
N ASP D 270 72.56 56.49 47.23
CA ASP D 270 71.91 57.44 48.13
C ASP D 270 70.56 56.88 48.54
N GLY D 271 70.56 56.03 49.54
CA GLY D 271 69.32 55.61 50.15
C GLY D 271 68.61 54.52 49.38
N VAL D 272 67.47 54.09 49.93
CA VAL D 272 66.72 52.99 49.37
C VAL D 272 65.26 53.39 49.29
N LEU D 273 64.63 53.00 48.19
CA LEU D 273 63.19 52.99 48.04
C LEU D 273 62.76 51.52 48.02
N LEU D 274 61.92 51.16 48.96
CA LEU D 274 61.54 49.77 49.09
C LEU D 274 60.05 49.68 49.32
N GLY D 275 59.45 48.72 48.65
CA GLY D 275 58.02 48.53 48.74
C GLY D 275 57.66 47.07 48.85
N PRO D 276 56.41 46.74 48.59
CA PRO D 276 56.05 45.34 48.37
C PRO D 276 56.08 45.02 46.88
N ILE D 277 56.00 43.71 46.59
CA ILE D 277 56.22 43.25 45.23
C ILE D 277 55.10 43.70 44.29
N GLY D 278 53.87 43.87 44.81
CA GLY D 278 52.79 44.33 43.97
C GLY D 278 52.93 45.78 43.56
N SER D 279 53.49 46.61 44.44
CA SER D 279 53.79 47.98 44.05
C SER D 279 54.97 48.03 43.10
N ILE D 280 55.97 47.18 43.33
CA ILE D 280 57.20 47.33 42.59
C ILE D 280 57.09 46.77 41.18
N GLN D 281 56.23 45.79 40.94
CA GLN D 281 55.99 45.35 39.56
C GLN D 281 55.35 46.46 38.74
N LYS D 282 54.39 47.19 39.32
CA LYS D 282 53.81 48.34 38.64
C LYS D 282 54.84 49.43 38.41
N LEU D 283 55.69 49.68 39.41
CA LEU D 283 56.67 50.76 39.28
C LEU D 283 57.74 50.43 38.24
N THR D 284 58.14 49.17 38.14
CA THR D 284 59.08 48.80 37.09
C THR D 284 58.44 48.89 35.72
N ASN D 285 57.16 48.50 35.61
CA ASN D 285 56.50 48.57 34.32
C ASN D 285 56.25 50.00 33.87
N ILE D 286 56.12 50.94 34.80
CA ILE D 286 55.94 52.33 34.39
C ILE D 286 57.23 53.15 34.44
N LEU D 287 58.32 52.60 34.96
CA LEU D 287 59.58 53.31 35.01
C LEU D 287 60.74 52.46 34.52
N SER D 288 60.50 51.62 33.52
CA SER D 288 61.53 50.74 32.99
C SER D 288 62.69 51.48 32.32
N GLN D 289 62.55 52.76 32.02
CA GLN D 289 63.66 53.54 31.48
C GLN D 289 64.72 53.80 32.53
N TYR D 290 64.29 54.17 33.73
CA TYR D 290 65.19 54.74 34.73
C TYR D 290 65.76 53.70 35.67
N ILE D 291 65.59 52.42 35.36
CA ILE D 291 66.00 51.33 36.25
C ILE D 291 67.19 50.62 35.64
N SER D 292 68.28 50.56 36.39
CA SER D 292 69.47 49.81 36.03
C SER D 292 69.82 48.89 37.19
N THR D 293 70.94 48.19 37.05
CA THR D 293 71.43 47.29 38.09
C THR D 293 72.95 47.31 38.04
N GLN D 294 73.57 47.80 39.11
CA GLN D 294 75.01 47.99 39.10
C GLN D 294 75.64 47.33 40.32
N VAL D 295 76.96 47.26 40.30
CA VAL D 295 77.74 46.59 41.32
C VAL D 295 78.24 47.65 42.30
N VAL D 296 77.95 47.45 43.57
CA VAL D 296 78.18 48.45 44.62
C VAL D 296 79.05 47.83 45.68
N SER D 297 80.07 48.58 46.13
CA SER D 297 80.96 48.19 47.21
C SER D 297 80.25 48.36 48.55
N ALA D 298 79.76 47.28 49.09
CA ALA D 298 78.96 47.26 50.29
C ALA D 298 79.72 46.61 51.44
N PRO D 299 79.45 47.01 52.68
CA PRO D 299 80.03 46.32 53.82
C PRO D 299 79.41 44.95 54.00
N ILE D 300 80.19 44.05 54.60
CA ILE D 300 79.76 42.67 54.80
C ILE D 300 79.85 42.23 56.25
N SER D 301 80.59 42.92 57.11
CA SER D 301 80.76 42.50 58.49
C SER D 301 80.27 43.58 59.44
N TYR D 302 80.19 43.22 60.71
CA TYR D 302 79.80 44.16 61.75
C TYR D 302 80.95 45.12 62.04
N GLY D 303 80.61 46.34 62.43
CA GLY D 303 81.59 47.16 63.10
C GLY D 303 81.87 46.62 64.49
N HIS D 304 82.94 47.10 65.10
CA HIS D 304 83.26 46.77 66.49
C HIS D 304 83.26 48.01 67.35
N PHE D 305 82.93 47.84 68.63
CA PHE D 305 83.32 48.82 69.64
C PHE D 305 83.64 48.12 70.94
N ILE D 306 84.87 48.33 71.43
CA ILE D 306 85.36 47.71 72.64
C ILE D 306 85.66 48.82 73.65
N MET D 307 85.23 48.63 74.90
CA MET D 307 85.60 49.54 75.96
C MET D 307 87.09 49.49 76.26
N GLY D 308 87.55 50.51 76.98
CA GLY D 308 88.82 50.51 77.65
C GLY D 308 88.64 50.37 79.15
N LYS D 309 89.78 50.35 79.84
CA LYS D 309 89.74 50.36 81.31
C LYS D 309 89.16 51.67 81.82
N GLU D 310 89.40 52.76 81.09
CA GLU D 310 88.83 54.06 81.42
C GLU D 310 87.31 54.01 81.40
N ASN D 311 86.75 53.50 80.31
CA ASN D 311 85.30 53.42 80.19
C ASN D 311 84.72 52.42 81.18
N ALA D 312 85.46 51.37 81.51
CA ALA D 312 84.97 50.41 82.50
C ALA D 312 84.88 51.05 83.88
N VAL D 313 85.91 51.78 84.30
CA VAL D 313 85.91 52.44 85.60
C VAL D 313 84.85 53.52 85.65
N THR D 314 84.68 54.28 84.56
CA THR D 314 83.68 55.33 84.58
C THR D 314 82.26 54.78 84.51
N ALA D 315 82.06 53.64 83.84
CA ALA D 315 80.74 53.03 83.80
C ALA D 315 80.34 52.50 85.16
N ILE D 316 81.30 51.90 85.88
CA ILE D 316 81.00 51.42 87.23
C ILE D 316 80.79 52.60 88.18
N ALA D 317 81.63 53.63 88.08
CA ALA D 317 81.64 54.66 89.10
C ALA D 317 80.57 55.72 88.85
N TYR D 318 80.62 56.39 87.70
CA TYR D 318 79.79 57.55 87.45
C TYR D 318 78.59 57.26 86.57
N ARG D 319 78.31 55.99 86.29
CA ARG D 319 77.15 55.52 85.53
C ARG D 319 77.13 56.02 84.08
N ALA D 320 78.27 56.42 83.54
CA ALA D 320 78.26 57.09 82.24
C ALA D 320 79.42 56.62 81.39
N ILE D 321 79.22 56.70 80.09
CA ILE D 321 80.24 56.36 79.10
C ILE D 321 80.48 57.56 78.22
N MET D 322 81.71 58.04 78.19
CA MET D 322 82.15 59.00 77.20
C MET D 322 82.68 58.19 76.02
N ALA D 323 81.98 58.21 74.89
CA ALA D 323 82.61 57.66 73.71
C ALA D 323 83.69 58.63 73.22
N ASP D 324 84.77 58.04 72.68
CA ASP D 324 86.02 58.73 72.37
C ASP D 324 86.56 59.45 73.59
N PHE D 325 86.59 58.73 74.71
CA PHE D 325 87.10 59.29 75.95
C PHE D 325 88.59 59.55 75.87
N THR D 326 89.34 58.72 75.15
CA THR D 326 90.77 58.95 75.05
C THR D 326 91.09 60.13 74.13
N GLN D 327 90.28 60.38 73.10
CA GLN D 327 90.47 61.56 72.28
C GLN D 327 90.09 62.82 73.04
N PHE D 328 88.94 62.77 73.74
CA PHE D 328 88.49 63.91 74.53
C PHE D 328 89.37 64.12 75.75
N THR D 329 90.22 63.15 76.11
CA THR D 329 91.26 63.33 77.09
C THR D 329 92.50 64.00 76.50
N VAL D 330 93.04 63.45 75.41
CA VAL D 330 94.30 63.96 74.88
C VAL D 330 94.15 65.30 74.18
N ASN D 331 92.93 65.72 73.85
CA ASN D 331 92.70 67.05 73.29
C ASN D 331 92.28 68.06 74.34
N ALA D 332 92.62 67.84 75.60
CA ALA D 332 92.12 68.74 76.65
C ALA D 332 92.97 69.99 76.78
N GLY D 333 94.21 69.85 77.18
CA GLY D 333 95.02 71.03 77.42
C GLY D 333 95.61 71.67 76.20
N THR D 334 95.48 71.05 75.04
CA THR D 334 96.07 71.60 73.84
C THR D 334 95.07 72.50 73.12
N GLU D 335 95.55 73.12 72.04
CA GLU D 335 94.75 74.10 71.31
C GLU D 335 93.54 73.47 70.65
N GLN D 336 93.67 72.24 70.17
CA GLN D 336 92.62 71.63 69.38
C GLN D 336 91.64 70.85 70.26
N GLN D 337 90.96 71.60 71.14
CA GLN D 337 89.89 70.99 71.92
C GLN D 337 88.67 70.71 71.05
N ASP D 338 88.31 71.68 70.21
CA ASP D 338 87.05 71.63 69.51
C ASP D 338 87.07 70.63 68.36
N THR D 339 88.18 70.55 67.65
CA THR D 339 88.28 69.66 66.50
C THR D 339 88.43 68.22 66.95
N ASN D 340 87.69 67.34 66.30
CA ASN D 340 87.80 65.90 66.49
C ASN D 340 87.60 65.25 65.14
N ASN D 341 88.21 64.09 64.95
CA ASN D 341 88.29 63.50 63.62
C ASN D 341 87.35 62.31 63.42
N LYS D 342 87.50 61.26 64.21
CA LYS D 342 86.74 60.03 64.01
C LYS D 342 85.92 59.70 65.24
N SER D 343 84.69 59.25 65.01
CA SER D 343 83.82 58.77 66.06
C SER D 343 83.90 57.25 66.06
N GLU D 344 84.55 56.69 67.08
CA GLU D 344 84.83 55.25 67.10
C GLU D 344 83.57 54.41 67.19
N ILE D 345 82.54 54.91 67.88
CA ILE D 345 81.29 54.19 67.96
C ILE D 345 80.53 54.17 66.66
N PHE D 346 80.82 55.09 65.74
CA PHE D 346 80.09 55.19 64.47
C PHE D 346 80.96 54.95 63.26
N ASP D 347 82.22 55.33 63.30
CA ASP D 347 83.15 55.10 62.20
C ASP D 347 84.14 54.05 62.67
N LYS D 348 84.15 52.92 61.98
CA LYS D 348 85.00 51.81 62.36
C LYS D 348 85.27 50.99 61.11
N SER D 349 86.51 50.55 60.94
CA SER D 349 86.88 49.80 59.75
C SER D 349 86.22 48.43 59.76
N ARG D 350 85.77 48.00 58.59
CA ARG D 350 85.02 46.76 58.50
C ARG D 350 85.22 46.19 57.09
N ALA D 351 84.90 44.91 56.96
CA ALA D 351 85.19 44.19 55.73
C ALA D 351 84.22 44.56 54.63
N TYR D 352 84.73 44.61 53.39
CA TYR D 352 83.99 45.09 52.24
C TYR D 352 83.91 44.03 51.16
N ALA D 353 82.81 44.07 50.41
CA ALA D 353 82.59 43.17 49.29
C ALA D 353 81.79 43.92 48.24
N ASP D 354 81.43 43.23 47.18
CA ASP D 354 80.66 43.82 46.09
C ASP D 354 79.37 43.06 45.90
N LEU D 355 78.28 43.78 45.70
CA LEU D 355 77.01 43.10 45.44
C LEU D 355 76.19 43.93 44.48
N LYS D 356 75.14 43.31 43.94
CA LYS D 356 74.30 43.95 42.95
C LYS D 356 73.06 44.52 43.60
N LEU D 357 72.62 45.66 43.10
CA LEU D 357 71.42 46.33 43.59
C LEU D 357 70.63 46.85 42.41
N ASN D 358 69.31 46.86 42.56
CA ASN D 358 68.44 47.46 41.57
C ASN D 358 68.38 48.97 41.84
N THR D 359 68.76 49.76 40.85
CA THR D 359 68.93 51.19 41.05
C THR D 359 67.89 51.99 40.27
N LEU D 360 67.65 53.21 40.74
CA LEU D 360 66.92 54.24 40.02
C LEU D 360 67.77 55.49 39.93
N LYS D 361 67.51 56.30 38.92
CA LYS D 361 68.21 57.56 38.73
C LYS D 361 67.19 58.69 38.79
N LEU D 362 67.35 59.58 39.77
CA LEU D 362 66.42 60.71 39.94
C LEU D 362 67.24 61.98 40.16
N GLY D 363 67.64 62.62 39.07
CA GLY D 363 68.46 63.82 39.16
C GLY D 363 69.83 63.55 39.75
N ASP D 364 70.58 62.69 39.05
CA ASP D 364 71.95 62.29 39.42
C ASP D 364 72.00 61.66 40.81
N LYS D 365 71.00 60.86 41.12
CA LYS D 365 70.93 60.16 42.40
C LYS D 365 70.66 58.69 42.14
N LEU D 366 71.65 57.85 42.44
CA LEU D 366 71.45 56.41 42.34
C LEU D 366 70.88 55.92 43.66
N VAL D 367 69.69 55.34 43.60
CA VAL D 367 68.93 54.95 44.78
C VAL D 367 68.58 53.48 44.65
N ALA D 368 68.88 52.69 45.69
CA ALA D 368 68.51 51.29 45.66
C ALA D 368 67.00 51.16 45.72
N PHE D 369 66.47 50.05 45.22
CA PHE D 369 65.02 49.97 44.98
C PHE D 369 64.60 48.51 44.94
N ASP D 370 64.00 48.03 46.02
CA ASP D 370 63.62 46.61 46.06
C ASP D 370 62.50 46.36 47.06
N HIS D 371 62.25 45.09 47.31
CA HIS D 371 61.20 44.61 48.18
C HIS D 371 61.75 43.58 49.14
N LEU D 372 61.06 43.41 50.26
CA LEU D 372 61.45 42.44 51.27
C LEU D 372 60.68 41.15 51.13
N HIS D 373 60.14 40.88 49.94
CA HIS D 373 59.31 39.70 49.78
C HIS D 373 60.14 38.43 49.87
N LYS D 374 61.40 38.47 49.46
CA LYS D 374 62.23 37.27 49.56
C LYS D 374 62.60 36.93 51.00
N VAL D 375 62.39 37.83 51.97
CA VAL D 375 62.53 37.44 53.36
C VAL D 375 61.18 37.28 54.04
N TYR D 376 60.09 37.69 53.40
CA TYR D 376 58.76 37.36 53.92
C TYR D 376 58.02 36.37 53.02
N LYS D 377 58.73 35.52 52.27
CA LYS D 377 58.08 34.60 51.33
C LYS D 377 57.18 33.62 52.06
N ASN D 378 57.70 32.94 53.07
CA ASN D 378 56.89 31.92 53.72
C ASN D 378 57.29 31.94 55.19
N THR D 379 56.59 32.78 55.95
CA THR D 379 56.86 33.05 57.35
C THR D 379 55.51 33.08 58.06
N ASP D 380 55.50 33.65 59.26
CA ASP D 380 54.29 33.81 60.02
C ASP D 380 53.82 35.26 60.08
N VAL D 381 54.61 36.21 59.59
CA VAL D 381 54.25 37.61 59.67
C VAL D 381 54.09 38.18 58.27
N ASN D 382 53.45 39.35 58.22
CA ASN D 382 53.32 40.13 57.00
C ASN D 382 54.57 40.91 56.70
N ASP D 383 54.68 41.30 55.42
CA ASP D 383 55.48 42.43 55.05
C ASP D 383 54.86 43.66 55.71
N PRO D 384 55.60 44.39 56.54
CA PRO D 384 54.96 45.43 57.36
C PRO D 384 54.59 46.67 56.59
N LEU D 385 55.01 46.77 55.33
CA LEU D 385 54.59 47.88 54.48
C LEU D 385 53.13 47.78 54.09
N GLU D 386 52.61 46.57 53.99
CA GLU D 386 51.18 46.38 53.78
C GLU D 386 50.45 46.76 55.06
N GLN D 387 49.99 48.00 55.12
CA GLN D 387 49.35 48.55 56.28
C GLN D 387 47.96 49.03 55.90
N SER D 388 47.12 49.23 56.91
CA SER D 388 45.72 49.57 56.69
C SER D 388 45.44 51.03 56.99
N LEU D 389 44.52 51.62 56.22
CA LEU D 389 43.99 52.93 56.53
C LEU D 389 42.70 52.80 57.31
N GLN D 390 42.28 53.91 57.92
CA GLN D 390 40.94 54.03 58.48
C GLN D 390 40.43 55.43 58.17
N LEU D 391 39.53 55.53 57.21
CA LEU D 391 38.90 56.78 56.84
C LEU D 391 37.48 56.81 57.38
N THR D 392 37.06 57.98 57.84
CA THR D 392 35.77 58.14 58.53
C THR D 392 34.79 58.91 57.66
N PHE D 393 33.66 58.29 57.37
CA PHE D 393 32.66 58.84 56.47
C PHE D 393 31.43 59.26 57.27
N PHE D 394 30.83 60.39 56.91
CA PHE D 394 29.63 60.84 57.59
C PHE D 394 28.65 61.35 56.55
N PHE D 395 27.37 61.27 56.88
CA PHE D 395 26.31 61.55 55.93
C PHE D 395 25.01 61.75 56.69
N PRO D 396 24.15 62.64 56.23
CA PRO D 396 22.93 62.96 56.97
C PRO D 396 21.75 62.08 56.58
N LEU D 397 20.65 62.25 57.31
CA LEU D 397 19.34 61.86 56.83
C LEU D 397 18.33 62.77 57.51
N GLY D 398 17.21 63.00 56.84
CA GLY D 398 16.13 63.75 57.45
C GLY D 398 16.38 65.23 57.62
N ILE D 399 17.43 65.78 57.03
CA ILE D 399 17.63 67.22 57.03
C ILE D 399 16.52 67.88 56.22
N TYR D 400 15.75 68.72 56.88
CA TYR D 400 14.72 69.49 56.19
C TYR D 400 15.34 70.75 55.62
N ILE D 401 15.59 70.74 54.32
CA ILE D 401 15.91 71.98 53.61
C ILE D 401 14.68 72.86 53.61
N PRO D 402 14.78 74.14 53.97
CA PRO D 402 13.59 74.97 54.11
C PRO D 402 12.91 75.24 52.77
N THR D 403 11.59 75.13 52.77
CA THR D 403 10.81 75.37 51.56
C THR D 403 10.79 76.85 51.22
N GLU D 404 10.97 77.71 52.22
CA GLU D 404 10.79 79.14 52.06
C GLU D 404 11.84 79.75 51.15
N THR D 405 13.09 79.26 51.22
CA THR D 405 14.14 79.73 50.33
C THR D 405 14.66 78.62 49.43
N GLY D 406 13.89 77.56 49.26
CA GLY D 406 14.36 76.41 48.53
C GLY D 406 14.43 76.67 47.04
N PHE D 407 15.17 75.83 46.36
CA PHE D 407 15.35 75.95 44.92
C PHE D 407 15.50 74.56 44.34
N SER D 408 15.73 74.52 43.03
CA SER D 408 16.16 73.28 42.40
C SER D 408 16.94 73.59 41.14
N THR D 409 18.16 73.09 41.08
CA THR D 409 18.80 72.83 39.82
C THR D 409 18.35 71.45 39.35
N MET D 410 18.95 70.96 38.24
CA MET D 410 18.64 69.71 37.53
C MET D 410 17.16 69.37 37.42
N GLU D 411 16.34 70.39 37.16
CA GLU D 411 14.93 70.13 36.94
C GLU D 411 14.68 69.49 35.59
N THR D 412 15.61 69.68 34.65
CA THR D 412 15.48 69.04 33.36
C THR D 412 15.82 67.55 33.43
N ARG D 413 16.59 67.15 34.44
CA ARG D 413 17.07 65.77 34.49
C ARG D 413 16.01 64.85 35.10
N VAL D 414 15.59 65.12 36.32
CA VAL D 414 14.63 64.29 37.01
C VAL D 414 13.28 64.98 37.00
N LYS D 415 12.24 64.21 37.28
CA LYS D 415 10.94 64.80 37.60
C LYS D 415 10.23 63.86 38.54
N LEU D 416 10.06 64.31 39.78
CA LEU D 416 9.48 63.51 40.84
C LEU D 416 7.96 63.51 40.74
N ASN D 417 7.36 62.44 41.25
CA ASN D 417 5.92 62.34 41.34
C ASN D 417 5.50 63.00 42.64
N ASP D 418 4.50 63.89 42.56
CA ASP D 418 4.17 64.75 43.69
C ASP D 418 3.51 63.98 44.82
N THR D 419 4.33 63.56 45.77
CA THR D 419 3.89 62.88 46.96
C THR D 419 4.75 63.39 48.10
N MET D 420 4.19 63.46 49.29
CA MET D 420 4.94 64.05 50.39
C MET D 420 6.08 63.16 50.87
N GLU D 421 6.07 61.87 50.52
CA GLU D 421 7.27 61.06 50.74
C GLU D 421 8.41 61.47 49.83
N ASN D 422 8.10 62.02 48.66
CA ASN D 422 9.14 62.60 47.83
C ASN D 422 9.46 64.02 48.23
N ASN D 423 8.51 64.74 48.80
CA ASN D 423 8.70 66.14 49.11
C ASN D 423 9.23 66.37 50.52
N LEU D 424 9.36 65.32 51.33
CA LEU D 424 10.17 65.41 52.54
C LEU D 424 11.20 64.30 52.49
N PRO D 425 12.47 64.61 52.69
CA PRO D 425 13.48 63.55 52.77
C PRO D 425 13.34 62.82 54.08
N THR D 426 13.19 61.50 54.00
CA THR D 426 13.05 60.68 55.18
C THR D 426 14.09 59.59 55.23
N SER D 427 14.43 59.00 54.10
CA SER D 427 15.41 57.94 54.03
C SER D 427 16.61 58.43 53.25
N VAL D 428 17.68 57.64 53.26
CA VAL D 428 18.93 58.01 52.59
C VAL D 428 19.51 56.80 51.88
N PHE D 429 19.93 57.02 50.63
CA PHE D 429 20.38 55.99 49.71
C PHE D 429 21.84 56.22 49.37
N PHE D 430 22.64 55.16 49.39
CA PHE D 430 24.03 55.28 48.96
C PHE D 430 24.55 53.92 48.51
N HIS D 431 25.72 53.92 47.90
CA HIS D 431 26.25 52.67 47.38
C HIS D 431 27.14 51.97 48.40
N ASN D 432 27.22 50.65 48.27
CA ASN D 432 28.04 49.82 49.14
C ASN D 432 29.48 49.79 48.63
N LYS D 433 30.26 48.82 49.10
CA LYS D 433 31.56 48.47 48.55
C LYS D 433 31.50 48.26 47.04
N ASP D 434 30.73 47.28 46.60
CA ASP D 434 30.32 47.21 45.21
C ASP D 434 29.07 48.07 45.02
N GLN D 435 28.59 48.15 43.78
CA GLN D 435 27.51 49.08 43.46
C GLN D 435 26.14 48.52 43.83
N VAL D 436 25.97 48.22 45.12
CA VAL D 436 24.69 47.77 45.64
C VAL D 436 24.03 48.95 46.33
N VAL D 437 22.82 49.27 45.89
CA VAL D 437 22.10 50.40 46.47
C VAL D 437 21.61 50.02 47.86
N GLN D 438 21.88 50.90 48.82
CA GLN D 438 21.71 50.64 50.23
C GLN D 438 20.87 51.75 50.81
N ARG D 439 19.98 51.42 51.76
CA ARG D 439 18.98 52.36 52.25
C ARG D 439 18.98 52.38 53.77
N ILE D 440 18.93 53.58 54.35
CA ILE D 440 18.85 53.75 55.79
C ILE D 440 17.63 54.62 56.12
N ASP D 441 16.95 54.29 57.21
CA ASP D 441 15.62 54.80 57.54
C ASP D 441 15.59 55.22 59.00
N PHE D 442 14.46 55.82 59.41
CA PHE D 442 14.24 55.97 60.84
C PHE D 442 13.86 54.66 61.51
N ALA D 443 13.14 53.79 60.80
CA ALA D 443 12.85 52.47 61.34
C ALA D 443 14.12 51.65 61.49
N ASP D 444 15.14 51.92 60.68
CA ASP D 444 16.44 51.32 60.90
C ASP D 444 17.27 52.07 61.93
N ILE D 445 16.99 53.36 62.17
CA ILE D 445 17.82 54.10 63.09
C ILE D 445 17.40 53.86 64.53
N LEU D 446 16.19 53.29 64.73
CA LEU D 446 15.61 53.04 66.05
C LEU D 446 16.50 52.37 67.11
N PRO D 447 17.30 51.32 66.82
CA PRO D 447 18.06 50.70 67.93
C PRO D 447 19.16 51.54 68.51
N SER D 448 19.50 52.67 67.90
CA SER D 448 20.53 53.56 68.42
C SER D 448 19.96 54.81 69.05
N VAL D 449 18.67 55.06 68.89
CA VAL D 449 18.06 56.28 69.39
C VAL D 449 16.96 56.00 70.41
N CYS D 450 16.45 54.77 70.48
CA CYS D 450 15.36 54.44 71.39
C CYS D 450 15.86 53.82 72.70
N HIS D 451 17.08 54.14 73.12
CA HIS D 451 17.74 53.60 74.30
C HIS D 451 17.47 54.47 75.51
N PRO D 452 17.44 53.90 76.73
CA PRO D 452 17.16 54.72 77.93
C PRO D 452 18.23 55.75 78.26
N ILE D 453 19.46 55.59 77.78
CA ILE D 453 20.47 56.60 78.09
C ILE D 453 20.20 57.88 77.32
N VAL D 454 19.46 57.81 76.22
CA VAL D 454 19.04 59.01 75.52
C VAL D 454 17.99 59.75 76.34
N HIS D 455 16.99 59.03 76.82
CA HIS D 455 15.85 59.65 77.47
C HIS D 455 16.06 59.85 78.96
N ASP D 456 17.20 59.48 79.50
CA ASP D 456 17.54 59.92 80.85
C ASP D 456 17.93 61.39 80.79
N SER D 457 17.69 62.10 81.89
CA SER D 457 18.11 63.48 82.04
C SER D 457 19.18 63.66 83.10
N THR D 458 19.65 62.58 83.72
CA THR D 458 20.45 62.68 84.94
C THR D 458 21.83 63.27 84.67
N ILE D 459 22.50 62.81 83.62
CA ILE D 459 23.86 63.28 83.37
C ILE D 459 23.82 64.70 82.82
N VAL D 460 22.79 65.03 82.04
CA VAL D 460 22.63 66.40 81.56
C VAL D 460 22.36 67.33 82.72
N GLU D 461 21.58 66.86 83.70
CA GLU D 461 21.33 67.61 84.92
C GLU D 461 22.61 67.87 85.69
N ARG D 462 23.44 66.83 85.87
CA ARG D 462 24.67 66.96 86.64
C ARG D 462 25.66 67.88 85.96
N LEU D 463 25.88 67.69 84.66
CA LEU D 463 26.88 68.49 83.97
C LEU D 463 26.43 69.92 83.82
N MET D 464 25.16 70.14 83.48
CA MET D 464 24.66 71.48 83.31
C MET D 464 24.48 72.18 84.65
N LYS D 465 24.40 71.42 85.74
CA LYS D 465 24.37 72.02 87.07
C LYS D 465 25.77 72.44 87.50
N ASN D 466 26.76 71.59 87.30
CA ASN D 466 28.10 71.92 87.75
C ASN D 466 28.87 72.81 86.78
N GLU D 467 28.31 73.07 85.60
CA GLU D 467 28.89 74.10 84.74
C GLU D 467 28.66 75.47 85.37
N PRO D 468 29.67 76.35 85.34
CA PRO D 468 29.56 77.63 86.06
C PRO D 468 28.48 78.55 85.48
N LEU D 469 28.06 79.47 86.33
CA LEU D 469 26.93 80.34 86.05
C LEU D 469 27.30 81.40 85.01
N PRO D 470 26.33 81.91 84.27
CA PRO D 470 26.61 82.97 83.31
C PRO D 470 26.92 84.30 84.00
N THR D 471 27.39 85.25 83.19
CA THR D 471 27.79 86.56 83.68
C THR D 471 26.56 87.43 83.95
N GLY D 472 26.81 88.71 84.29
CA GLY D 472 25.72 89.60 84.63
C GLY D 472 24.90 90.02 83.43
N HIS D 473 25.57 90.19 82.28
CA HIS D 473 24.94 90.70 81.07
C HIS D 473 23.86 89.74 80.56
N ARG D 474 24.14 88.44 80.65
CA ARG D 474 23.18 87.40 80.29
C ARG D 474 22.39 86.92 81.49
N PHE D 475 22.86 87.23 82.69
CA PHE D 475 22.17 86.85 83.91
C PHE D 475 20.89 87.67 84.07
N SER D 476 20.98 88.97 83.78
CA SER D 476 19.82 89.84 83.89
C SER D 476 18.80 89.53 82.81
N GLN D 477 19.22 88.92 81.72
CA GLN D 477 18.33 88.59 80.62
C GLN D 477 17.72 87.20 80.76
N LEU D 478 18.46 86.27 81.33
CA LEU D 478 18.22 84.85 81.11
C LEU D 478 17.87 84.07 82.37
N CYS D 479 18.42 84.45 83.52
CA CYS D 479 18.34 83.68 84.76
C CYS D 479 17.36 84.30 85.75
N GLN D 480 16.27 84.90 85.27
CA GLN D 480 15.51 85.77 86.14
C GLN D 480 14.11 85.26 86.47
N LEU D 481 13.59 84.27 85.74
CA LEU D 481 12.21 83.87 85.94
C LEU D 481 12.05 83.11 87.27
N LYS D 482 10.81 82.95 87.70
CA LYS D 482 10.53 82.42 89.02
C LYS D 482 9.15 81.76 89.02
N ILE D 483 9.06 80.60 89.64
CA ILE D 483 7.79 79.90 89.77
C ILE D 483 7.18 80.21 91.13
N THR D 484 5.84 80.20 91.17
CA THR D 484 5.09 80.50 92.37
C THR D 484 3.77 79.75 92.27
N ARG D 485 3.41 79.00 93.32
CA ARG D 485 2.21 78.19 93.29
C ARG D 485 1.34 78.45 94.51
N GLU D 486 0.03 78.52 94.29
CA GLU D 486 -0.96 78.58 95.35
C GLU D 486 -2.08 77.60 95.02
N ASN D 487 -3.06 77.57 95.85
CA ASN D 487 -4.19 76.69 95.56
C ASN D 487 -5.26 77.45 94.77
N PRO D 488 -6.07 76.74 93.97
CA PRO D 488 -7.06 77.42 93.12
C PRO D 488 -8.16 78.14 93.87
N THR D 489 -8.31 77.96 95.18
CA THR D 489 -9.20 78.82 95.94
C THR D 489 -8.61 80.21 96.09
N ARG D 490 -7.35 80.30 96.50
CA ARG D 490 -6.75 81.62 96.69
C ARG D 490 -6.44 82.31 95.38
N ILE D 491 -6.18 81.58 94.31
CA ILE D 491 -5.83 82.32 93.09
C ILE D 491 -7.07 82.92 92.43
N LEU D 492 -8.25 82.36 92.64
CA LEU D 492 -9.44 82.92 92.02
C LEU D 492 -9.84 84.23 92.69
N GLN D 493 -9.45 84.43 93.94
CA GLN D 493 -9.70 85.68 94.64
C GLN D 493 -8.52 86.63 94.62
N THR D 494 -7.30 86.14 94.35
CA THR D 494 -6.13 86.99 94.23
C THR D 494 -5.60 87.05 92.80
N LEU D 495 -6.48 86.80 91.82
CA LEU D 495 -6.07 86.79 90.42
C LEU D 495 -5.57 88.16 89.96
N TYR D 496 -6.37 89.20 90.14
CA TYR D 496 -6.08 90.47 89.50
C TYR D 496 -5.04 91.30 90.25
N ASN D 497 -4.40 90.76 91.28
CA ASN D 497 -3.50 91.56 92.09
C ASN D 497 -2.22 91.90 91.36
N LEU D 498 -1.67 90.97 90.59
CA LEU D 498 -0.47 91.24 89.82
C LEU D 498 -0.77 91.93 88.50
N TYR D 499 -1.99 92.38 88.31
CA TYR D 499 -2.35 93.34 87.27
C TYR D 499 -2.64 94.71 87.84
N GLU D 500 -3.22 94.77 89.04
CA GLU D 500 -3.35 96.04 89.74
C GLU D 500 -1.99 96.58 90.14
N SER D 501 -1.07 95.69 90.49
CA SER D 501 0.31 96.09 90.67
C SER D 501 0.96 96.38 89.32
N ARG D 502 2.13 97.00 89.37
CA ARG D 502 2.88 97.31 88.18
C ARG D 502 4.12 96.44 88.05
N GLN D 503 4.11 95.27 88.68
CA GLN D 503 5.25 94.36 88.64
C GLN D 503 5.37 93.75 87.25
N GLU D 504 6.59 93.40 86.87
CA GLU D 504 6.89 92.96 85.52
C GLU D 504 7.45 91.55 85.51
N VAL D 505 6.69 90.65 84.91
CA VAL D 505 7.14 89.28 84.68
C VAL D 505 8.19 89.34 83.59
N PRO D 506 9.40 88.87 83.83
CA PRO D 506 10.45 88.95 82.80
C PRO D 506 10.20 87.94 81.70
N LYS D 507 11.04 88.01 80.67
CA LYS D 507 11.00 87.00 79.62
C LYS D 507 11.40 85.64 80.18
N ASN D 508 10.63 84.62 79.83
CA ASN D 508 11.10 83.26 80.03
C ASN D 508 12.20 82.95 79.03
N THR D 509 12.93 81.87 79.33
CA THR D 509 13.95 81.38 78.41
C THR D 509 13.32 80.92 77.10
N ASN D 510 12.13 80.32 77.20
CA ASN D 510 11.50 79.75 76.01
C ASN D 510 10.93 80.85 75.11
N VAL D 511 10.33 81.88 75.70
CA VAL D 511 9.82 82.96 74.87
C VAL D 511 10.97 83.87 74.41
N LEU D 512 12.10 83.85 75.11
CA LEU D 512 13.29 84.50 74.57
C LEU D 512 13.83 83.73 73.38
N LYS D 513 13.71 82.40 73.43
CA LYS D 513 14.33 81.56 72.42
C LYS D 513 13.50 81.48 71.16
N ASN D 514 12.17 81.53 71.28
CA ASN D 514 11.33 81.44 70.09
C ASN D 514 11.21 82.75 69.32
N GLU D 515 11.79 83.84 69.81
CA GLU D 515 11.79 85.06 69.02
C GLU D 515 12.80 85.02 67.88
N LEU D 516 13.83 84.18 67.98
CA LEU D 516 14.91 84.17 67.02
C LEU D 516 14.50 83.40 65.78
N ASN D 517 15.39 83.38 64.79
CA ASN D 517 15.11 82.80 63.50
C ASN D 517 15.97 81.56 63.29
N VAL D 518 15.67 80.81 62.23
CA VAL D 518 16.30 79.51 62.00
C VAL D 518 17.77 79.60 61.64
N GLU D 519 18.27 80.79 61.34
CA GLU D 519 19.67 81.02 61.07
C GLU D 519 20.33 81.84 62.17
N ASP D 520 19.60 82.83 62.68
CA ASP D 520 20.12 83.69 63.72
C ASP D 520 20.23 82.94 65.04
N PHE D 521 19.59 81.78 65.16
CA PHE D 521 19.67 80.97 66.37
C PHE D 521 21.08 80.48 66.64
N TYR D 522 21.76 79.96 65.62
CA TYR D 522 23.07 79.36 65.83
C TYR D 522 24.14 80.42 66.04
N LYS D 523 23.89 81.63 65.58
CA LYS D 523 24.83 82.73 65.69
C LYS D 523 25.12 83.03 67.17
N PRO D 524 26.36 83.39 67.52
CA PRO D 524 26.69 83.60 68.94
C PRO D 524 26.01 84.76 69.63
N ASP D 525 25.23 85.58 68.91
CA ASP D 525 24.43 86.61 69.56
C ASP D 525 23.31 86.02 70.39
N ASN D 526 22.93 84.77 70.14
CA ASN D 526 21.93 84.07 70.91
C ASN D 526 22.39 83.93 72.36
N PRO D 527 21.63 84.43 73.33
CA PRO D 527 21.95 84.18 74.73
C PRO D 527 21.45 82.84 75.24
N THR D 528 20.87 82.02 74.38
CA THR D 528 20.30 80.75 74.81
C THR D 528 20.95 79.55 74.17
N LEU D 529 22.16 79.69 73.63
CA LEU D 529 22.78 78.48 73.09
C LEU D 529 23.25 77.48 74.16
N PRO D 530 23.85 77.85 75.28
CA PRO D 530 24.13 76.82 76.31
C PRO D 530 22.90 76.28 76.99
N THR D 531 21.71 76.83 76.73
CA THR D 531 20.48 76.23 77.22
C THR D 531 20.19 74.91 76.51
N GLU D 532 20.24 74.89 75.18
CA GLU D 532 19.86 73.72 74.41
C GLU D 532 20.91 72.63 74.49
N ARG D 533 20.71 71.67 75.37
CA ARG D 533 21.64 70.56 75.50
C ARG D 533 21.10 69.28 74.91
N HIS D 534 19.79 69.08 74.96
CA HIS D 534 19.19 67.82 74.65
C HIS D 534 17.85 68.08 73.95
N PRO D 535 17.54 67.33 72.90
CA PRO D 535 16.34 67.65 72.12
C PRO D 535 15.05 67.30 72.81
N PHE D 536 15.07 66.33 73.71
CA PHE D 536 13.88 65.93 74.41
C PHE D 536 13.64 66.75 75.66
N PHE D 537 14.66 67.42 76.18
CA PHE D 537 14.65 68.00 77.51
C PHE D 537 14.96 69.48 77.41
N ASP D 538 13.95 70.31 77.67
CA ASP D 538 14.11 71.75 77.73
C ASP D 538 14.67 72.12 79.10
N LEU D 539 15.71 72.95 79.10
CA LEU D 539 16.42 73.32 80.31
C LEU D 539 16.27 74.82 80.53
N THR D 540 16.42 75.23 81.80
CA THR D 540 16.26 76.64 82.15
C THR D 540 16.91 76.90 83.50
N TYR D 541 16.79 78.15 83.94
CA TYR D 541 17.29 78.61 85.22
C TYR D 541 16.13 79.14 86.04
N ILE D 542 16.04 78.76 87.32
CA ILE D 542 15.00 79.31 88.19
C ILE D 542 15.61 79.72 89.53
N GLN D 543 14.88 80.64 90.18
CA GLN D 543 15.29 81.30 91.41
C GLN D 543 14.42 80.77 92.54
N LYS D 544 15.05 80.11 93.51
CA LYS D 544 14.41 79.84 94.80
C LYS D 544 15.39 80.21 95.91
N ASN D 545 14.92 81.07 96.82
CA ASN D 545 15.70 81.63 97.92
C ASN D 545 16.97 82.34 97.42
N ARG D 546 16.82 83.01 96.27
CA ARG D 546 17.89 83.72 95.57
C ARG D 546 19.06 82.80 95.23
N ALA D 547 18.75 81.56 94.84
CA ALA D 547 19.70 80.64 94.25
C ALA D 547 19.25 80.33 92.84
N THR D 548 20.20 80.26 91.91
CA THR D 548 19.87 80.36 90.49
C THR D 548 19.26 79.09 89.90
N GLU D 549 19.42 77.96 90.58
CA GLU D 549 18.73 76.67 90.48
C GLU D 549 18.43 76.17 89.06
N VAL D 550 19.40 75.55 88.39
CA VAL D 550 19.14 74.96 87.07
C VAL D 550 17.98 73.95 87.12
N LEU D 551 17.30 73.80 85.99
CA LEU D 551 16.05 73.05 85.96
C LEU D 551 15.92 72.33 84.63
N CYS D 552 15.73 71.02 84.69
CA CYS D 552 15.47 70.21 83.51
C CYS D 552 14.01 69.83 83.47
N THR D 553 13.44 69.82 82.27
CA THR D 553 12.01 69.62 82.10
C THR D 553 11.74 68.98 80.75
N PRO D 554 11.06 67.84 80.71
CA PRO D 554 10.82 67.15 79.43
C PRO D 554 9.85 67.89 78.53
N ARG D 555 10.31 68.26 77.34
CA ARG D 555 9.41 68.59 76.26
C ARG D 555 8.58 67.36 75.96
N ILE D 556 7.27 67.45 76.12
CA ILE D 556 6.43 66.31 75.85
C ILE D 556 6.19 66.17 74.36
N MET D 557 5.64 67.21 73.77
CA MET D 557 5.11 67.11 72.42
C MET D 557 6.14 67.64 71.42
N ILE D 558 5.95 67.26 70.15
CA ILE D 558 6.88 67.66 69.10
C ILE D 558 6.81 69.15 68.84
N GLY D 559 5.71 69.81 69.20
CA GLY D 559 5.61 71.24 68.98
C GLY D 559 6.52 72.04 69.90
N ASN D 560 6.75 71.54 71.12
CA ASN D 560 7.41 72.36 72.13
C ASN D 560 8.90 72.53 71.86
N MET D 561 9.47 71.72 70.97
CA MET D 561 10.78 72.01 70.43
C MET D 561 10.74 73.37 69.75
N PRO D 562 11.73 74.23 69.97
CA PRO D 562 11.60 75.64 69.58
C PRO D 562 11.54 75.81 68.07
N LEU D 563 10.83 76.84 67.65
CA LEU D 563 10.64 77.09 66.23
C LEU D 563 11.92 77.30 65.42
N PRO D 564 13.04 77.83 65.93
CA PRO D 564 14.28 77.73 65.17
C PRO D 564 14.84 76.33 65.04
N LEU D 565 14.42 75.38 65.87
CA LEU D 565 14.85 74.00 65.71
C LEU D 565 13.81 73.14 65.03
N ALA D 566 12.61 73.64 64.84
CA ALA D 566 11.56 72.97 64.09
C ALA D 566 10.64 74.05 63.55
N PRO D 567 10.82 74.48 62.31
CA PRO D 567 10.07 75.62 61.79
C PRO D 567 8.62 75.26 61.53
N ILE D 568 7.82 76.29 61.24
CA ILE D 568 6.40 76.05 61.06
C ILE D 568 6.10 75.51 59.68
N SER D 569 6.95 75.82 58.70
CA SER D 569 6.84 75.16 57.41
C SER D 569 7.17 73.69 57.52
N PHE D 570 8.07 73.32 58.43
CA PHE D 570 8.33 71.92 58.73
C PHE D 570 7.10 71.23 59.28
N HIS D 571 6.40 71.86 60.23
CA HIS D 571 5.21 71.24 60.79
C HIS D 571 4.11 71.12 59.76
N GLU D 572 4.01 72.08 58.85
CA GLU D 572 3.04 71.96 57.77
C GLU D 572 3.42 70.84 56.80
N ALA D 573 4.71 70.61 56.58
CA ALA D 573 5.11 69.53 55.70
C ALA D 573 4.85 68.16 56.35
N ARG D 574 5.13 68.06 57.65
CA ARG D 574 4.84 66.83 58.39
C ARG D 574 3.35 66.55 58.41
N THR D 575 2.56 67.60 58.52
CA THR D 575 1.11 67.46 58.46
C THR D 575 0.65 67.04 57.08
N ASN D 576 1.32 67.53 56.03
CA ASN D 576 0.97 67.09 54.69
C ASN D 576 1.31 65.62 54.48
N GLN D 577 2.36 65.12 55.14
CA GLN D 577 2.60 63.67 55.15
C GLN D 577 1.46 62.91 55.80
N MET D 578 0.99 63.39 56.96
CA MET D 578 -0.11 62.65 57.61
C MET D 578 -1.43 62.79 56.84
N LEU D 579 -1.64 63.91 56.15
CA LEU D 579 -2.84 64.04 55.33
C LEU D 579 -2.78 63.15 54.10
N GLU D 580 -1.61 63.02 53.49
CA GLU D 580 -1.46 62.12 52.36
C GLU D 580 -1.60 60.67 52.78
N HIS D 581 -1.07 60.33 53.97
CA HIS D 581 -1.16 58.96 54.42
C HIS D 581 -2.55 58.60 54.91
N ALA D 582 -3.30 59.58 55.41
CA ALA D 582 -4.68 59.34 55.82
C ALA D 582 -5.66 59.42 54.67
N LYS D 583 -5.27 60.07 53.56
CA LYS D 583 -6.10 60.29 52.39
C LYS D 583 -7.38 61.04 52.74
N THR D 584 -7.26 62.04 53.63
CA THR D 584 -8.39 62.88 54.06
C THR D 584 -7.99 64.33 53.86
N ASN D 585 -8.20 64.85 52.65
CA ASN D 585 -7.77 66.21 52.33
C ASN D 585 -8.85 66.93 51.54
N SER D 586 -10.09 66.88 52.02
CA SER D 586 -11.20 67.49 51.30
C SER D 586 -11.16 69.00 51.40
N HIS D 587 -11.46 69.66 50.27
CA HIS D 587 -11.54 71.11 50.22
C HIS D 587 -12.94 71.63 50.49
N ASN D 588 -13.79 70.81 51.10
CA ASN D 588 -15.18 71.18 51.28
C ASN D 588 -15.39 72.17 52.40
N TYR D 589 -14.37 72.47 53.19
CA TYR D 589 -14.58 73.11 54.48
C TYR D 589 -14.14 74.56 54.53
N ASP D 590 -13.46 75.07 53.49
CA ASP D 590 -12.98 76.44 53.52
C ASP D 590 -14.12 77.44 53.51
N PHE D 591 -15.21 77.11 52.81
CA PHE D 591 -16.35 78.00 52.80
C PHE D 591 -17.05 78.04 54.15
N THR D 592 -16.98 76.95 54.91
CA THR D 592 -17.42 77.00 56.30
C THR D 592 -16.50 77.86 57.13
N LEU D 593 -15.18 77.64 57.01
CA LEU D 593 -14.22 78.28 57.89
C LEU D 593 -14.12 79.78 57.66
N LYS D 594 -14.46 80.27 56.47
CA LYS D 594 -14.54 81.72 56.26
C LYS D 594 -15.58 82.35 57.16
N ILE D 595 -16.80 81.79 57.17
CA ILE D 595 -17.89 82.36 57.95
C ILE D 595 -17.66 82.12 59.43
N VAL D 596 -17.07 80.98 59.79
CA VAL D 596 -16.73 80.71 61.18
C VAL D 596 -15.66 81.68 61.68
N THR D 597 -14.68 82.00 60.84
CA THR D 597 -13.65 82.94 61.21
C THR D 597 -14.20 84.34 61.38
N GLU D 598 -15.11 84.76 60.49
CA GLU D 598 -15.74 86.07 60.63
C GLU D 598 -16.60 86.15 61.87
N SER D 599 -17.27 85.06 62.22
CA SER D 599 -18.08 85.03 63.43
C SER D 599 -17.23 85.07 64.68
N LEU D 600 -16.05 84.44 64.66
CA LEU D 600 -15.18 84.53 65.82
C LEU D 600 -14.48 85.88 65.89
N THR D 601 -14.29 86.54 64.75
CA THR D 601 -13.48 87.74 64.69
C THR D 601 -14.27 89.00 65.02
N SER D 602 -15.42 89.18 64.38
CA SER D 602 -16.18 90.42 64.53
C SER D 602 -16.79 90.49 65.92
N GLY D 603 -16.32 91.43 66.72
CA GLY D 603 -16.65 91.47 68.14
C GLY D 603 -17.98 92.10 68.48
N SER D 604 -19.06 91.66 67.84
CA SER D 604 -20.40 92.12 68.12
C SER D 604 -21.29 90.98 68.61
N TYR D 605 -20.69 90.05 69.33
CA TYR D 605 -21.39 88.84 69.75
C TYR D 605 -22.38 89.19 70.87
N PRO D 606 -23.59 88.64 70.84
CA PRO D 606 -24.65 89.16 71.71
C PRO D 606 -24.48 88.69 73.14
N GLU D 607 -25.11 89.44 74.04
CA GLU D 607 -24.94 89.20 75.47
C GLU D 607 -25.64 87.93 75.92
N LEU D 608 -26.80 87.66 75.34
CA LEU D 608 -27.66 86.56 75.82
C LEU D 608 -27.03 85.21 75.58
N ALA D 609 -26.15 85.10 74.57
CA ALA D 609 -25.58 83.81 74.20
C ALA D 609 -24.70 83.24 75.32
N TYR D 610 -23.96 84.10 76.03
CA TYR D 610 -23.18 83.61 77.17
C TYR D 610 -24.09 83.12 78.28
N VAL D 611 -25.23 83.78 78.47
CA VAL D 611 -26.20 83.38 79.47
C VAL D 611 -26.82 82.04 79.09
N ILE D 612 -27.05 81.81 77.80
CA ILE D 612 -27.52 80.51 77.35
C ILE D 612 -26.46 79.44 77.55
N GLU D 613 -25.20 79.78 77.25
CA GLU D 613 -24.10 78.83 77.43
C GLU D 613 -23.85 78.46 78.88
N ILE D 614 -24.26 79.29 79.83
CA ILE D 614 -24.10 78.92 81.23
C ILE D 614 -25.37 78.39 81.86
N LEU D 615 -26.53 78.59 81.22
CA LEU D 615 -27.72 77.89 81.68
C LEU D 615 -27.74 76.46 81.16
N VAL D 616 -27.81 76.29 79.84
CA VAL D 616 -27.68 74.93 79.32
C VAL D 616 -26.20 74.58 79.36
N HIS D 617 -25.91 73.32 79.62
CA HIS D 617 -24.54 72.89 79.72
C HIS D 617 -24.37 71.51 79.10
N GLY D 618 -25.07 71.25 78.01
CA GLY D 618 -24.98 69.98 77.33
C GLY D 618 -25.82 68.88 77.92
N ASN D 619 -26.63 69.15 78.94
CA ASN D 619 -27.50 68.12 79.49
C ASN D 619 -28.72 67.83 78.64
N LYS D 620 -28.98 68.69 77.65
CA LYS D 620 -29.87 68.59 76.49
C LYS D 620 -31.35 68.62 76.86
N HIS D 621 -31.71 68.45 78.13
CA HIS D 621 -33.09 68.71 78.51
C HIS D 621 -33.35 70.19 78.61
N ALA D 622 -32.39 70.93 79.16
CA ALA D 622 -32.47 72.38 79.13
C ALA D 622 -32.39 72.90 77.71
N PHE D 623 -31.68 72.19 76.84
CA PHE D 623 -31.65 72.58 75.43
C PHE D 623 -33.00 72.35 74.77
N MET D 624 -33.66 71.24 75.08
CA MET D 624 -34.98 71.01 74.51
C MET D 624 -36.04 71.90 75.15
N ILE D 625 -35.76 72.46 76.31
CA ILE D 625 -36.62 73.52 76.85
C ILE D 625 -36.38 74.83 76.10
N LEU D 626 -35.12 75.21 75.93
CA LEU D 626 -34.77 76.42 75.20
C LEU D 626 -34.64 76.22 73.72
N LYS D 627 -35.31 75.22 73.17
CA LYS D 627 -35.12 74.88 71.77
C LYS D 627 -35.63 75.97 70.85
N GLN D 628 -36.61 76.75 71.30
CA GLN D 628 -37.17 77.80 70.45
C GLN D 628 -36.47 79.15 70.64
N VAL D 629 -35.99 79.44 71.83
CA VAL D 629 -35.30 80.71 72.06
C VAL D 629 -33.97 80.73 71.32
N ILE D 630 -33.23 79.61 71.41
CA ILE D 630 -31.99 79.45 70.67
C ILE D 630 -32.26 79.45 69.17
N SER D 631 -33.41 78.93 68.75
CA SER D 631 -33.83 78.99 67.36
C SER D 631 -34.00 80.42 66.89
N GLN D 632 -34.68 81.25 67.70
CA GLN D 632 -34.90 82.63 67.31
C GLN D 632 -33.60 83.43 67.32
N CYS D 633 -32.74 83.16 68.29
CA CYS D 633 -31.44 83.82 68.37
C CYS D 633 -30.59 83.52 67.15
N ILE D 634 -30.43 82.23 66.82
CA ILE D 634 -29.59 81.86 65.68
C ILE D 634 -30.23 82.29 64.37
N SER D 635 -31.56 82.21 64.27
CA SER D 635 -32.24 82.55 63.02
C SER D 635 -32.10 84.02 62.69
N TYR D 636 -32.40 84.90 63.67
CA TYR D 636 -32.14 86.32 63.49
C TYR D 636 -30.67 86.61 63.28
N TRP D 637 -29.81 85.99 64.07
CA TRP D 637 -28.45 86.46 64.16
C TRP D 637 -27.61 86.01 62.98
N PHE D 638 -28.04 84.96 62.28
CA PHE D 638 -27.43 84.60 61.01
C PHE D 638 -28.21 85.13 59.83
N ASN D 639 -29.50 85.41 59.98
CA ASN D 639 -30.24 85.89 58.82
C ASN D 639 -30.01 87.37 58.60
N MET D 640 -29.69 88.11 59.64
CA MET D 640 -29.51 89.54 59.48
C MET D 640 -28.05 89.94 59.64
N LYS D 641 -27.45 89.66 60.80
CA LYS D 641 -26.04 89.97 61.00
C LYS D 641 -25.13 89.12 60.13
N HIS D 642 -25.60 87.95 59.70
CA HIS D 642 -24.84 86.87 59.06
C HIS D 642 -23.45 86.69 59.65
N ILE D 643 -23.42 86.58 60.98
CA ILE D 643 -22.32 85.92 61.68
C ILE D 643 -22.91 84.75 62.44
N LEU D 644 -22.18 83.66 62.49
CA LEU D 644 -22.68 82.44 63.08
C LEU D 644 -22.70 82.59 64.60
N LEU D 645 -23.55 81.80 65.25
CA LEU D 645 -23.80 81.95 66.67
C LEU D 645 -23.50 80.63 67.36
N PHE D 646 -23.17 80.73 68.65
CA PHE D 646 -22.84 79.59 69.53
C PHE D 646 -21.64 78.81 69.00
N CYS D 647 -20.70 79.51 68.40
CA CYS D 647 -19.45 78.94 67.94
C CYS D 647 -18.34 79.03 68.98
N ASN D 648 -18.71 79.07 70.26
CA ASN D 648 -17.74 79.03 71.34
C ASN D 648 -17.71 77.68 72.03
N SER D 649 -18.87 77.11 72.31
CA SER D 649 -18.96 75.92 73.13
C SER D 649 -19.05 74.68 72.26
N PHE D 650 -18.20 73.69 72.56
CA PHE D 650 -18.24 72.44 71.81
C PHE D 650 -19.53 71.67 72.08
N GLU D 651 -20.00 71.67 73.32
CA GLU D 651 -21.22 70.94 73.62
C GLU D 651 -22.44 71.61 73.00
N MET D 652 -22.44 72.94 72.92
CA MET D 652 -23.48 73.63 72.18
C MET D 652 -23.41 73.34 70.70
N ILE D 653 -22.21 73.41 70.12
CA ILE D 653 -22.07 73.29 68.67
C ILE D 653 -22.18 71.85 68.21
N MET D 654 -22.10 70.88 69.12
CA MET D 654 -22.43 69.49 68.84
C MET D 654 -23.90 69.21 69.08
N LEU D 655 -24.48 69.87 70.07
CA LEU D 655 -25.88 69.67 70.40
C LEU D 655 -26.79 70.26 69.33
N ILE D 656 -26.32 71.31 68.66
CA ILE D 656 -27.02 71.86 67.51
C ILE D 656 -27.07 70.85 66.37
N SER D 657 -25.94 70.20 66.09
CA SER D 657 -25.93 69.22 65.00
C SER D 657 -26.73 67.99 65.36
N ASN D 658 -26.79 67.64 66.63
CA ASN D 658 -27.55 66.46 67.01
C ASN D 658 -29.05 66.72 67.04
N HIS D 659 -29.49 67.62 67.92
CA HIS D 659 -30.92 67.78 68.18
C HIS D 659 -31.58 68.88 67.40
N MET D 660 -30.87 69.96 67.10
CA MET D 660 -31.50 71.07 66.42
C MET D 660 -31.64 70.71 64.95
N GLY D 661 -32.83 70.89 64.42
CA GLY D 661 -33.12 70.51 63.06
C GLY D 661 -32.90 71.65 62.10
N ASP D 662 -33.84 71.81 61.18
CA ASP D 662 -33.88 72.94 60.25
C ASP D 662 -35.16 73.75 60.40
N GLU D 663 -36.12 73.28 61.16
CA GLU D 663 -37.25 74.12 61.53
C GLU D 663 -36.77 75.22 62.46
N LEU D 664 -37.15 76.45 62.14
CA LEU D 664 -36.81 77.67 62.91
C LEU D 664 -35.29 77.90 62.98
N ILE D 665 -34.54 77.43 61.99
CA ILE D 665 -33.12 77.77 61.90
C ILE D 665 -32.85 77.83 60.41
N PRO D 666 -31.92 78.63 59.93
CA PRO D 666 -31.63 78.62 58.49
C PRO D 666 -30.75 77.45 58.10
N GLY D 667 -31.10 76.82 56.98
CA GLY D 667 -30.40 75.65 56.49
C GLY D 667 -28.97 75.90 56.10
N ALA D 668 -28.66 77.13 55.67
CA ALA D 668 -27.27 77.49 55.42
C ALA D 668 -26.46 77.43 56.70
N ALA D 669 -27.02 77.93 57.81
CA ALA D 669 -26.29 77.91 59.08
C ALA D 669 -26.18 76.50 59.63
N PHE D 670 -27.26 75.71 59.51
CA PHE D 670 -27.24 74.33 59.96
C PHE D 670 -26.22 73.50 59.20
N ALA D 671 -26.02 73.81 57.91
CA ALA D 671 -24.95 73.17 57.16
C ALA D 671 -23.58 73.53 57.72
N HIS D 672 -23.41 74.74 58.24
CA HIS D 672 -22.11 75.10 58.81
C HIS D 672 -21.87 74.38 60.13
N TYR D 673 -22.91 74.18 60.93
CA TYR D 673 -22.74 73.42 62.17
C TYR D 673 -22.40 71.96 61.86
N ARG D 674 -23.08 71.37 60.89
CA ARG D 674 -22.82 69.99 60.52
C ARG D 674 -21.42 69.83 59.90
N ASN D 675 -20.96 70.85 59.16
CA ASN D 675 -19.62 70.78 58.61
C ASN D 675 -18.55 70.97 59.68
N LEU D 676 -18.81 71.75 60.73
CA LEU D 676 -17.83 71.85 61.81
C LEU D 676 -17.71 70.55 62.58
N VAL D 677 -18.85 69.88 62.82
CA VAL D 677 -18.79 68.58 63.48
C VAL D 677 -18.06 67.57 62.62
N SER D 678 -18.30 67.58 61.31
CA SER D 678 -17.57 66.70 60.41
C SER D 678 -16.09 67.07 60.32
N LEU D 679 -15.75 68.35 60.52
CA LEU D 679 -14.35 68.76 60.55
C LEU D 679 -13.64 68.19 61.76
N ILE D 680 -14.30 68.18 62.92
CA ILE D 680 -13.70 67.59 64.10
C ILE D 680 -13.54 66.08 63.91
N ARG D 681 -14.51 65.45 63.25
CA ARG D 681 -14.39 64.02 62.92
C ARG D 681 -13.17 63.75 62.03
N LEU D 682 -12.95 64.60 61.02
CA LEU D 682 -11.84 64.38 60.12
C LEU D 682 -10.50 64.63 60.77
N VAL D 683 -10.42 65.58 61.71
CA VAL D 683 -9.20 65.76 62.48
C VAL D 683 -8.90 64.51 63.29
N LYS D 684 -9.96 63.92 63.88
CA LYS D 684 -9.78 62.70 64.67
C LYS D 684 -9.29 61.54 63.82
N ARG D 685 -9.83 61.37 62.61
CA ARG D 685 -9.36 60.31 61.71
C ARG D 685 -7.91 60.52 61.31
N THR D 686 -7.57 61.77 60.96
CA THR D 686 -6.23 62.12 60.47
C THR D 686 -5.16 61.82 61.50
N ILE D 687 -5.40 62.19 62.77
CA ILE D 687 -4.40 61.93 63.79
C ILE D 687 -4.68 60.65 64.55
N SER D 688 -5.67 59.87 64.14
CA SER D 688 -5.81 58.50 64.60
C SER D 688 -5.45 57.50 63.53
N ILE D 689 -4.67 57.92 62.53
CA ILE D 689 -3.87 56.97 61.74
C ILE D 689 -3.13 55.97 62.62
N SER D 690 -2.42 56.44 63.65
CA SER D 690 -1.47 55.60 64.40
C SER D 690 -2.15 54.70 65.43
N ASN D 691 -3.13 53.92 64.97
CA ASN D 691 -3.96 53.12 65.86
C ASN D 691 -3.63 51.65 65.65
N ILE D 692 -3.17 50.99 66.71
CA ILE D 692 -2.63 49.63 66.66
C ILE D 692 -3.18 48.86 67.86
N ASN D 693 -3.60 47.60 67.64
CA ASN D 693 -4.17 46.82 68.74
C ASN D 693 -3.14 46.38 69.77
N GLU D 694 -2.57 47.31 70.54
CA GLU D 694 -1.68 46.89 71.59
C GLU D 694 -1.66 47.94 72.68
N GLN D 695 -1.76 47.48 73.93
CA GLN D 695 -1.57 48.32 75.09
C GLN D 695 -0.27 47.92 75.79
N LEU D 696 0.28 48.84 76.57
CA LEU D 696 1.49 48.55 77.34
C LEU D 696 1.22 48.48 78.84
N CYS D 697 0.73 49.55 79.45
CA CYS D 697 0.47 49.48 80.88
C CYS D 697 -1.01 49.25 81.17
N GLY D 698 -1.84 50.21 80.78
CA GLY D 698 -3.26 49.98 80.67
C GLY D 698 -3.78 50.84 79.55
N GLU D 699 -2.89 51.63 79.00
CA GLU D 699 -3.11 52.68 78.02
C GLU D 699 -2.92 52.13 76.61
N PRO D 700 -3.78 52.48 75.66
CA PRO D 700 -3.56 52.03 74.28
C PRO D 700 -2.37 52.72 73.64
N LEU D 701 -2.02 52.21 72.47
CA LEU D 701 -0.82 52.71 71.82
C LEU D 701 -0.98 54.12 71.30
N VAL D 702 -2.19 54.55 70.97
CA VAL D 702 -2.28 55.90 70.45
C VAL D 702 -2.34 56.87 71.61
N ASN D 703 -2.82 56.40 72.77
CA ASN D 703 -2.62 57.06 74.06
C ASN D 703 -1.13 57.28 74.30
N PHE D 704 -0.28 56.34 73.91
CA PHE D 704 1.14 56.67 73.98
C PHE D 704 1.61 57.59 72.86
N ALA D 705 0.96 57.52 71.70
CA ALA D 705 1.42 58.26 70.52
C ALA D 705 1.19 59.75 70.65
N ASN D 706 -0.07 60.16 70.75
CA ASN D 706 -0.47 61.54 70.57
C ASN D 706 -1.05 62.09 71.87
N ALA D 707 -0.49 63.20 72.35
CA ALA D 707 -0.89 63.74 73.65
C ALA D 707 -2.29 64.32 73.60
N LEU D 708 -2.77 64.62 72.40
CA LEU D 708 -4.14 65.05 72.26
C LEU D 708 -5.12 63.94 72.64
N PHE D 709 -4.71 62.67 72.51
CA PHE D 709 -5.62 61.56 72.79
C PHE D 709 -5.74 61.25 74.28
N ASP D 710 -4.66 61.32 75.03
CA ASP D 710 -4.62 60.64 76.30
C ASP D 710 -5.28 61.40 77.44
N GLY D 711 -5.49 60.67 78.56
CA GLY D 711 -6.18 61.21 79.71
C GLY D 711 -5.40 62.31 80.41
N ARG D 712 -4.08 62.29 80.28
CA ARG D 712 -3.19 63.27 80.87
C ARG D 712 -3.44 64.71 80.43
N LEU D 713 -4.22 64.92 79.37
CA LEU D 713 -4.72 66.24 79.02
C LEU D 713 -6.21 66.27 79.27
N PHE D 714 -6.67 67.35 79.86
CA PHE D 714 -8.08 67.57 80.05
C PHE D 714 -8.48 68.77 79.22
N CYS D 715 -9.77 68.90 79.01
CA CYS D 715 -10.32 69.99 78.23
C CYS D 715 -10.04 71.32 78.94
N PRO D 716 -9.95 72.42 78.20
CA PRO D 716 -9.90 73.73 78.88
C PRO D 716 -11.21 74.10 79.54
N PHE D 717 -12.34 73.52 79.12
CA PHE D 717 -13.64 73.86 79.68
C PHE D 717 -14.41 72.57 79.87
N VAL D 718 -14.73 72.24 81.12
CA VAL D 718 -15.58 71.10 81.41
C VAL D 718 -16.81 71.61 82.14
N HIS D 719 -17.82 70.75 82.22
CA HIS D 719 -19.04 71.12 82.90
C HIS D 719 -19.54 70.09 83.89
N THR D 720 -19.19 68.81 83.75
CA THR D 720 -19.47 67.85 84.80
C THR D 720 -18.18 67.33 85.42
N MET D 721 -17.41 66.55 84.69
CA MET D 721 -16.24 65.88 85.23
C MET D 721 -15.44 65.28 84.09
N PRO D 722 -14.13 65.47 84.05
CA PRO D 722 -13.35 64.80 83.02
C PRO D 722 -13.21 63.32 83.30
N ARG D 723 -12.88 62.59 82.24
CA ARG D 723 -12.78 61.16 82.27
C ARG D 723 -11.48 60.74 82.94
N ASN D 724 -11.55 59.68 83.76
CA ASN D 724 -10.41 58.95 84.30
C ASN D 724 -9.50 59.86 85.12
N ASP D 725 -10.05 60.37 86.21
CA ASP D 725 -9.28 61.21 87.11
C ASP D 725 -8.22 60.40 87.87
N THR D 726 -8.45 59.09 88.06
CA THR D 726 -7.66 58.23 88.94
C THR D 726 -6.17 58.19 88.60
N ASN D 727 -5.83 58.47 87.35
CA ASN D 727 -4.44 58.73 87.01
C ASN D 727 -3.96 60.01 87.70
N ALA D 728 -4.73 61.08 87.58
CA ALA D 728 -4.28 62.41 87.94
C ALA D 728 -4.64 62.75 89.39
N LYS D 729 -4.17 63.91 89.83
CA LYS D 729 -4.70 64.60 91.00
C LYS D 729 -5.39 65.86 90.53
N ILE D 730 -6.65 66.01 90.87
CA ILE D 730 -7.37 67.26 90.65
C ILE D 730 -7.66 67.88 92.00
N THR D 731 -7.40 69.17 92.12
CA THR D 731 -7.67 69.90 93.36
C THR D 731 -8.43 71.17 93.07
N ALA D 732 -9.42 71.47 93.91
CA ALA D 732 -9.97 72.82 94.01
C ALA D 732 -9.56 73.49 95.30
N ASP D 733 -9.34 72.70 96.35
CA ASP D 733 -8.84 73.13 97.64
C ASP D 733 -7.60 72.29 97.91
N ASP D 734 -7.14 72.24 99.16
CA ASP D 734 -6.08 71.29 99.50
C ASP D 734 -6.53 69.85 99.38
N THR D 735 -7.82 69.58 99.44
CA THR D 735 -8.34 68.22 99.33
C THR D 735 -8.32 67.76 97.88
N PRO D 736 -7.83 66.55 97.61
CA PRO D 736 -7.93 66.01 96.25
C PRO D 736 -9.37 65.70 95.91
N LEU D 737 -9.62 65.57 94.62
CA LEU D 737 -10.95 65.41 94.07
C LEU D 737 -11.04 64.07 93.37
N THR D 738 -11.95 63.22 93.85
CA THR D 738 -12.25 61.95 93.20
C THR D 738 -13.74 61.80 93.08
N GLN D 739 -14.14 60.64 92.58
CA GLN D 739 -15.53 60.23 92.56
C GLN D 739 -16.15 60.23 93.94
N ASN D 740 -15.38 59.79 94.93
CA ASN D 740 -15.87 59.68 96.30
C ASN D 740 -15.95 61.05 96.96
N THR D 741 -15.02 61.95 96.63
CA THR D 741 -15.07 63.28 97.20
C THR D 741 -16.20 64.10 96.62
N VAL D 742 -16.46 63.98 95.32
CA VAL D 742 -17.44 64.84 94.67
C VAL D 742 -18.87 64.39 94.99
N ARG D 743 -19.68 65.32 95.47
CA ARG D 743 -21.12 65.09 95.58
C ARG D 743 -21.80 65.24 94.24
N VAL D 744 -22.75 64.41 94.01
CA VAL D 744 -23.44 64.31 92.73
C VAL D 744 -24.63 65.25 92.73
N ARG D 745 -24.93 65.84 91.57
CA ARG D 745 -26.03 66.80 91.46
C ARG D 745 -27.35 66.11 91.21
N ASN D 746 -28.39 66.62 91.84
CA ASN D 746 -29.76 66.18 91.58
C ASN D 746 -30.52 67.38 91.06
N TYR D 747 -30.97 67.31 89.81
CA TYR D 747 -31.65 68.42 89.15
C TYR D 747 -33.12 68.53 89.49
N GLU D 748 -33.63 67.73 90.42
CA GLU D 748 -35.06 67.76 90.74
C GLU D 748 -35.37 68.11 92.18
N ILE D 749 -34.70 67.46 93.13
CA ILE D 749 -35.03 67.70 94.53
C ILE D 749 -34.53 69.06 95.02
N SER D 750 -33.52 69.62 94.34
CA SER D 750 -32.98 70.95 94.58
C SER D 750 -32.48 71.09 96.02
N ASP D 751 -31.40 70.37 96.30
CA ASP D 751 -30.89 70.26 97.65
C ASP D 751 -30.30 71.56 98.18
N VAL D 752 -30.71 71.91 99.40
CA VAL D 752 -30.39 73.17 100.02
C VAL D 752 -28.90 73.26 100.34
N GLN D 753 -28.25 72.11 100.55
CA GLN D 753 -26.82 72.12 100.83
C GLN D 753 -26.01 72.48 99.58
N ARG D 754 -26.42 72.00 98.42
CA ARG D 754 -25.78 72.44 97.18
C ARG D 754 -26.12 73.89 96.89
N MET D 755 -27.33 74.32 97.25
CA MET D 755 -27.68 75.73 97.14
C MET D 755 -26.81 76.60 98.06
N ASN D 756 -26.45 76.08 99.22
CA ASN D 756 -25.51 76.76 100.10
C ASN D 756 -24.13 76.83 99.46
N LEU D 757 -23.69 75.71 98.90
CA LEU D 757 -22.28 75.54 98.56
C LEU D 757 -21.96 75.81 97.09
N ILE D 758 -22.86 76.44 96.34
CA ILE D 758 -22.44 76.97 95.03
C ILE D 758 -21.40 78.07 95.20
N ASP D 759 -21.40 78.78 96.33
CA ASP D 759 -20.37 79.78 96.55
C ASP D 759 -19.05 79.13 96.91
N SER D 760 -19.09 78.10 97.75
CA SER D 760 -17.89 77.52 98.31
C SER D 760 -17.17 76.68 97.27
N SER D 761 -16.01 76.18 97.63
CA SER D 761 -15.15 75.46 96.71
C SER D 761 -15.35 73.95 96.86
N VAL D 762 -16.55 73.52 96.50
CA VAL D 762 -16.92 72.11 96.47
C VAL D 762 -17.49 71.82 95.09
N VAL D 763 -17.00 70.77 94.45
CA VAL D 763 -17.33 70.46 93.07
C VAL D 763 -18.48 69.48 93.04
N PHE D 764 -19.33 69.61 92.02
CA PHE D 764 -20.59 68.91 91.89
C PHE D 764 -20.77 68.40 90.47
N THR D 765 -21.05 67.10 90.31
CA THR D 765 -21.21 66.51 88.98
C THR D 765 -22.58 65.90 88.80
N ASP D 766 -22.89 65.58 87.55
CA ASP D 766 -24.14 64.93 87.19
C ASP D 766 -23.98 63.42 87.20
N ASN D 767 -23.01 62.93 86.45
CA ASN D 767 -22.70 61.53 86.26
C ASN D 767 -21.36 61.56 85.53
N ASP D 768 -20.74 60.39 85.33
CA ASP D 768 -19.56 60.36 84.48
C ASP D 768 -20.03 60.43 83.02
N ARG D 769 -20.44 61.64 82.63
CA ARG D 769 -21.01 61.87 81.31
C ARG D 769 -20.05 61.66 80.15
N PRO D 770 -18.84 62.25 80.10
CA PRO D 770 -18.09 62.21 78.84
C PRO D 770 -17.55 60.82 78.54
N SER D 771 -17.97 60.27 77.40
CA SER D 771 -17.32 59.11 76.85
C SER D 771 -15.92 59.48 76.37
N ASN D 772 -15.15 58.46 75.98
CA ASN D 772 -13.79 58.70 75.54
C ASN D 772 -13.78 59.47 74.23
N GLU D 773 -14.68 59.12 73.31
CA GLU D 773 -14.82 59.85 72.05
C GLU D 773 -15.19 61.31 72.29
N ASN D 774 -16.16 61.56 73.17
CA ASN D 774 -16.60 62.94 73.39
C ASN D 774 -15.53 63.76 74.11
N THR D 775 -14.76 63.13 75.00
CA THR D 775 -13.64 63.81 75.64
C THR D 775 -12.60 64.20 74.61
N ILE D 776 -12.29 63.27 73.70
CA ILE D 776 -11.32 63.51 72.65
C ILE D 776 -11.79 64.64 71.72
N LEU D 777 -13.07 64.64 71.34
CA LEU D 777 -13.54 65.66 70.42
C LEU D 777 -13.66 67.02 71.11
N SER D 778 -13.94 67.02 72.42
CA SER D 778 -13.92 68.28 73.16
C SER D 778 -12.51 68.86 73.20
N LYS D 779 -11.51 67.99 73.40
CA LYS D 779 -10.13 68.45 73.36
C LYS D 779 -9.75 68.95 71.98
N ILE D 780 -10.21 68.27 70.92
CA ILE D 780 -9.89 68.68 69.55
C ILE D 780 -10.46 70.05 69.25
N PHE D 781 -11.74 70.26 69.59
CA PHE D 781 -12.38 71.56 69.35
C PHE D 781 -11.70 72.66 70.15
N TYR D 782 -11.83 72.60 71.48
CA TYR D 782 -11.31 73.66 72.36
C TYR D 782 -9.80 73.76 72.37
N PHE D 783 -9.08 72.95 71.64
CA PHE D 783 -7.67 72.90 71.86
C PHE D 783 -6.88 72.87 70.57
N CYS D 784 -7.52 72.71 69.43
CA CYS D 784 -6.90 73.09 68.17
C CYS D 784 -7.77 74.02 67.35
N VAL D 785 -9.09 73.82 67.34
CA VAL D 785 -9.93 74.45 66.34
C VAL D 785 -10.18 75.91 66.70
N LEU D 786 -10.54 76.19 67.95
CA LEU D 786 -10.71 77.58 68.40
C LEU D 786 -9.46 78.45 68.29
N PRO D 787 -8.24 78.04 68.70
CA PRO D 787 -7.13 78.97 68.53
C PRO D 787 -6.65 79.12 67.12
N ALA D 788 -6.79 78.09 66.28
CA ALA D 788 -6.36 78.22 64.89
C ALA D 788 -7.30 79.13 64.13
N LEU D 789 -8.60 79.00 64.37
CA LEU D 789 -9.58 79.83 63.72
C LEU D 789 -9.78 81.18 64.40
N SER D 790 -9.25 81.36 65.60
CA SER D 790 -9.45 82.62 66.29
C SER D 790 -8.20 83.47 66.37
N ASN D 791 -7.04 82.87 66.09
CA ASN D 791 -5.72 83.50 66.22
C ASN D 791 -5.52 84.05 67.61
N ASN D 792 -5.96 83.26 68.59
CA ASN D 792 -5.82 83.52 70.02
C ASN D 792 -6.55 84.79 70.44
N LYS D 793 -7.78 84.94 70.00
CA LYS D 793 -8.58 86.09 70.38
C LYS D 793 -9.74 85.67 71.28
N ALA D 794 -9.46 84.76 72.20
CA ALA D 794 -10.45 84.24 73.13
C ALA D 794 -10.03 84.57 74.55
N CYS D 795 -10.93 84.38 75.49
CA CYS D 795 -10.60 84.51 76.91
C CYS D 795 -11.54 83.65 77.73
N GLY D 796 -11.00 82.89 78.66
CA GLY D 796 -11.84 82.20 79.60
C GLY D 796 -12.49 83.16 80.57
N ALA D 797 -13.69 82.81 81.04
CA ALA D 797 -14.37 83.71 81.93
C ALA D 797 -15.26 82.94 82.89
N GLY D 798 -15.61 83.62 83.98
CA GLY D 798 -16.36 83.05 85.06
C GLY D 798 -17.61 83.86 85.37
N VAL D 799 -18.46 83.28 86.23
CA VAL D 799 -19.80 83.81 86.45
C VAL D 799 -20.25 83.54 87.89
N ASN D 800 -20.77 84.57 88.57
CA ASN D 800 -21.55 84.38 89.78
C ASN D 800 -22.99 84.13 89.35
N VAL D 801 -23.37 82.85 89.28
CA VAL D 801 -24.72 82.50 88.86
C VAL D 801 -25.74 82.93 89.91
N LYS D 802 -25.32 82.99 91.18
CA LYS D 802 -26.20 83.43 92.26
C LYS D 802 -26.65 84.87 92.07
N GLU D 803 -25.70 85.79 92.02
CA GLU D 803 -26.00 87.19 91.80
C GLU D 803 -26.58 87.43 90.42
N LEU D 804 -26.23 86.59 89.45
CA LEU D 804 -26.80 86.70 88.11
C LEU D 804 -28.30 86.44 88.14
N VAL D 805 -28.73 85.31 88.70
CA VAL D 805 -30.17 85.03 88.70
C VAL D 805 -30.91 85.97 89.65
N LEU D 806 -30.31 86.35 90.77
CA LEU D 806 -31.04 87.21 91.70
C LEU D 806 -31.09 88.66 91.25
N ASP D 807 -30.26 89.06 90.29
CA ASP D 807 -30.46 90.38 89.72
C ASP D 807 -31.38 90.35 88.51
N LEU D 808 -31.30 89.28 87.71
CA LEU D 808 -32.14 89.21 86.51
C LEU D 808 -33.61 89.07 86.88
N PHE D 809 -33.90 88.27 87.88
CA PHE D 809 -35.27 88.04 88.29
C PHE D 809 -35.25 87.74 89.78
N TYR D 810 -36.30 87.08 90.25
CA TYR D 810 -36.85 86.93 91.60
C TYR D 810 -37.66 88.17 92.00
N THR D 811 -37.71 89.23 91.20
CA THR D 811 -38.38 90.41 91.73
C THR D 811 -39.89 90.46 91.50
N GLU D 812 -40.36 90.89 90.32
CA GLU D 812 -41.81 91.00 90.18
C GLU D 812 -42.51 89.80 89.54
N PRO D 813 -42.20 89.40 88.27
CA PRO D 813 -43.18 88.58 87.53
C PRO D 813 -43.25 87.12 87.92
N PHE D 814 -42.10 86.51 88.18
CA PHE D 814 -42.06 85.06 88.34
C PHE D 814 -42.57 84.63 89.71
N ILE D 815 -42.10 85.32 90.74
CA ILE D 815 -42.39 84.98 92.12
C ILE D 815 -43.86 85.17 92.47
N CYS D 816 -44.53 86.10 91.79
CA CYS D 816 -45.95 86.27 91.92
C CYS D 816 -46.70 85.04 91.40
N PRO D 817 -47.90 84.76 91.92
CA PRO D 817 -48.59 83.52 91.56
C PRO D 817 -49.07 83.47 90.12
N ASP D 818 -49.64 82.31 89.77
CA ASP D 818 -49.76 81.81 88.40
C ASP D 818 -50.53 82.76 87.49
N ASP D 819 -51.57 83.42 88.01
CA ASP D 819 -52.33 84.38 87.20
C ASP D 819 -51.48 85.58 86.86
N CYS D 820 -50.68 86.07 87.81
CA CYS D 820 -49.76 87.14 87.49
C CYS D 820 -48.66 86.66 86.55
N PHE D 821 -48.25 85.39 86.70
CA PHE D 821 -47.21 84.81 85.86
C PHE D 821 -47.64 84.72 84.41
N GLN D 822 -48.90 84.37 84.17
CA GLN D 822 -49.34 84.06 82.82
C GLN D 822 -49.47 85.30 81.96
N GLU D 823 -49.93 86.41 82.55
CA GLU D 823 -50.25 87.59 81.77
C GLU D 823 -49.44 88.83 82.12
N ASN D 824 -48.68 88.82 83.20
CA ASN D 824 -47.96 90.03 83.61
C ASN D 824 -46.74 90.20 82.71
N PRO D 825 -46.53 91.38 82.12
CA PRO D 825 -45.29 91.61 81.38
C PRO D 825 -44.12 91.69 82.33
N ILE D 826 -42.92 91.61 81.74
CA ILE D 826 -41.68 91.64 82.51
C ILE D 826 -41.50 93.01 83.16
N SER D 827 -40.72 93.06 84.23
CA SER D 827 -40.76 94.23 85.11
C SER D 827 -39.92 95.39 84.59
N SER D 828 -40.09 95.74 83.31
CA SER D 828 -39.50 96.86 82.57
C SER D 828 -38.06 97.18 82.93
N ASP D 829 -37.25 96.14 83.16
CA ASP D 829 -35.99 96.35 83.85
C ASP D 829 -34.92 96.83 82.88
N VAL D 830 -33.90 97.45 83.47
CA VAL D 830 -32.85 98.08 82.67
C VAL D 830 -31.99 97.02 82.00
N LEU D 831 -31.88 95.84 82.63
CA LEU D 831 -30.93 94.85 82.15
C LEU D 831 -31.58 93.86 81.19
N MET D 832 -32.53 93.07 81.67
CA MET D 832 -32.86 91.81 81.06
C MET D 832 -33.69 91.99 79.78
N SER D 833 -34.60 92.96 79.79
CA SER D 833 -35.30 93.30 78.56
C SER D 833 -34.37 93.93 77.54
N LEU D 834 -33.33 94.62 78.00
CA LEU D 834 -32.34 95.12 77.04
C LEU D 834 -31.48 94.01 76.48
N ILE D 835 -31.22 92.95 77.25
CA ILE D 835 -30.52 91.78 76.71
C ILE D 835 -31.35 91.12 75.61
N ARG D 836 -32.65 90.97 75.85
CA ARG D 836 -33.48 90.32 74.84
C ARG D 836 -33.76 91.25 73.65
N GLU D 837 -33.81 92.56 73.88
CA GLU D 837 -33.87 93.49 72.77
C GLU D 837 -32.61 93.44 71.94
N ALA D 838 -31.46 93.21 72.60
CA ALA D 838 -30.21 93.05 71.89
C ALA D 838 -30.20 91.76 71.09
N MET D 839 -30.88 90.71 71.55
CA MET D 839 -30.96 89.52 70.71
C MET D 839 -32.00 89.67 69.60
N GLY D 840 -33.00 90.55 69.75
CA GLY D 840 -33.96 90.76 68.68
C GLY D 840 -34.66 92.10 68.73
N PRO D 841 -34.63 92.82 67.59
CA PRO D 841 -35.25 94.11 67.31
C PRO D 841 -36.61 93.87 66.68
N GLY D 842 -37.61 94.67 67.07
CA GLY D 842 -38.95 94.51 66.55
C GLY D 842 -39.77 93.58 67.43
N TYR D 843 -41.08 93.52 67.21
CA TYR D 843 -41.95 92.63 67.98
C TYR D 843 -41.75 92.73 69.51
N THR D 844 -41.79 93.95 70.02
CA THR D 844 -41.58 94.24 71.43
C THR D 844 -42.83 94.05 72.30
N VAL D 845 -42.77 94.62 73.50
CA VAL D 845 -43.88 94.54 74.44
C VAL D 845 -44.20 93.12 74.89
N ALA D 846 -45.47 92.75 74.80
CA ALA D 846 -45.92 91.44 75.27
C ALA D 846 -45.25 90.25 74.57
N ASN D 847 -45.05 90.35 73.26
CA ASN D 847 -44.44 89.24 72.53
C ASN D 847 -43.01 88.99 73.03
N THR D 848 -42.27 90.06 73.27
CA THR D 848 -40.90 89.96 73.75
C THR D 848 -40.81 89.34 75.15
N SER D 849 -41.75 89.73 76.02
CA SER D 849 -41.77 89.24 77.40
C SER D 849 -41.98 87.73 77.53
N SER D 850 -42.87 87.17 76.72
CA SER D 850 -43.15 85.74 76.79
C SER D 850 -41.90 84.86 76.83
N ILE D 851 -40.91 85.21 76.04
CA ILE D 851 -39.65 84.49 75.97
C ILE D 851 -39.10 84.21 77.37
N ALA D 852 -39.34 85.13 78.33
CA ALA D 852 -38.79 84.97 79.67
C ALA D 852 -39.41 83.80 80.44
N LYS D 853 -40.61 83.33 80.05
CA LYS D 853 -41.12 82.10 80.64
C LYS D 853 -40.23 80.91 80.33
N GLN D 854 -39.76 80.84 79.08
CA GLN D 854 -38.88 79.77 78.64
C GLN D 854 -37.59 79.75 79.45
N LEU D 855 -37.14 80.92 79.86
CA LEU D 855 -35.93 81.06 80.64
C LEU D 855 -35.99 80.36 81.99
N PHE D 856 -37.12 80.43 82.69
CA PHE D 856 -37.26 79.79 84.00
C PHE D 856 -37.13 78.27 83.92
N LYS D 857 -37.76 77.71 82.88
CA LYS D 857 -37.74 76.28 82.65
C LYS D 857 -36.30 75.85 82.39
N SER D 858 -35.56 76.63 81.61
CA SER D 858 -34.15 76.35 81.33
C SER D 858 -33.32 76.47 82.61
N LEU D 859 -33.68 77.43 83.43
CA LEU D 859 -32.96 77.67 84.67
C LEU D 859 -33.02 76.50 85.63
N ILE D 860 -34.08 75.71 85.57
CA ILE D 860 -34.24 74.66 86.56
C ILE D 860 -32.92 73.92 86.79
N TYR D 861 -32.18 73.63 85.72
CA TYR D 861 -30.88 72.97 85.86
C TYR D 861 -29.76 73.99 86.09
N ILE D 862 -29.79 74.68 87.23
CA ILE D 862 -28.76 75.66 87.56
C ILE D 862 -27.46 74.95 87.92
N ASN D 863 -26.33 75.57 87.63
CA ASN D 863 -25.08 74.94 87.99
C ASN D 863 -24.35 75.75 89.04
N GLU D 864 -23.06 75.49 89.18
CA GLU D 864 -22.22 76.04 90.21
C GLU D 864 -21.63 77.38 89.79
N ASN D 865 -20.84 77.97 90.69
CA ASN D 865 -19.96 79.04 90.28
C ASN D 865 -18.72 78.48 89.62
N THR D 866 -18.12 79.29 88.74
CA THR D 866 -16.94 78.88 88.00
C THR D 866 -15.72 78.80 88.91
N LYS D 867 -15.01 77.68 88.84
CA LYS D 867 -13.88 77.40 89.71
C LYS D 867 -12.63 77.13 88.89
N ILE D 868 -11.47 77.41 89.45
CA ILE D 868 -10.21 76.95 88.88
C ILE D 868 -9.92 75.57 89.43
N LEU D 869 -9.29 74.70 88.65
CA LEU D 869 -8.80 73.44 89.16
C LEU D 869 -7.37 73.25 88.72
N GLU D 870 -6.50 72.85 89.65
CA GLU D 870 -5.20 72.37 89.23
C GLU D 870 -5.25 70.89 88.91
N VAL D 871 -4.33 70.45 88.07
CA VAL D 871 -4.10 69.05 87.78
C VAL D 871 -2.60 68.81 87.92
N GLU D 872 -2.25 67.95 88.86
CA GLU D 872 -0.86 67.56 89.09
C GLU D 872 -0.73 66.10 88.67
N VAL D 873 -0.43 65.87 87.40
CA VAL D 873 -0.42 64.51 86.86
C VAL D 873 1.00 64.16 86.42
N SER D 874 1.39 62.90 86.62
CA SER D 874 2.64 62.44 86.06
C SER D 874 2.46 62.15 84.57
N LEU D 875 3.59 61.91 83.89
CA LEU D 875 3.54 61.73 82.45
C LEU D 875 3.18 60.28 82.10
N ASP D 876 3.18 60.00 80.80
CA ASP D 876 3.20 58.62 80.33
C ASP D 876 4.48 57.94 80.80
N PRO D 877 4.44 56.64 81.10
CA PRO D 877 5.55 56.03 81.86
C PRO D 877 6.86 55.94 81.07
N ALA D 878 6.77 55.84 79.76
CA ALA D 878 7.94 55.88 78.89
C ALA D 878 8.63 57.23 78.90
N GLN D 879 7.97 58.29 79.36
CA GLN D 879 8.65 59.54 79.66
C GLN D 879 8.84 59.77 81.14
N ARG D 880 8.12 59.04 81.98
CA ARG D 880 8.34 59.09 83.42
C ARG D 880 9.73 58.58 83.79
N HIS D 881 10.24 57.62 83.00
CA HIS D 881 11.46 56.89 83.35
C HIS D 881 12.68 57.77 83.62
N GLY D 882 13.08 58.57 82.64
CA GLY D 882 14.43 59.11 82.70
C GLY D 882 14.65 60.31 83.59
N ASN D 883 14.71 60.07 84.91
CA ASN D 883 14.81 61.11 85.95
C ASN D 883 13.69 62.14 85.78
N SER D 884 12.52 61.67 85.40
CA SER D 884 11.33 62.49 85.30
C SER D 884 10.21 61.89 86.12
N VAL D 885 10.57 61.00 87.05
CA VAL D 885 9.60 60.35 87.93
C VAL D 885 8.91 61.39 88.80
N HIS D 886 9.69 62.30 89.37
CA HIS D 886 9.19 63.41 90.15
C HIS D 886 9.11 64.64 89.25
N PHE D 887 8.09 64.65 88.40
CA PHE D 887 7.92 65.78 87.49
C PHE D 887 6.62 66.54 87.69
N GLN D 888 5.47 65.85 87.64
CA GLN D 888 4.16 66.39 88.02
C GLN D 888 3.76 67.61 87.19
N SER D 889 3.39 67.32 85.94
CA SER D 889 2.81 68.30 85.03
C SER D 889 1.62 69.00 85.66
N LEU D 890 1.63 70.33 85.56
CA LEU D 890 0.64 71.20 86.17
C LEU D 890 -0.26 71.79 85.08
N GLN D 891 -1.54 71.48 85.16
CA GLN D 891 -2.53 72.03 84.24
C GLN D 891 -3.55 72.82 85.02
N HIS D 892 -3.99 73.95 84.47
CA HIS D 892 -5.12 74.68 85.03
C HIS D 892 -6.32 74.50 84.13
N ILE D 893 -7.40 74.01 84.70
CA ILE D 893 -8.61 73.71 83.96
C ILE D 893 -9.77 74.48 84.58
N LEU D 894 -10.52 75.17 83.72
CA LEU D 894 -11.56 76.08 84.17
C LEU D 894 -12.85 75.30 84.35
N TYR D 895 -13.12 74.87 85.57
CA TYR D 895 -14.32 74.11 85.83
C TYR D 895 -15.53 75.00 85.79
N ASN D 896 -16.49 74.62 84.96
CA ASN D 896 -17.81 75.25 84.85
C ASN D 896 -17.68 76.72 84.49
N GLY D 897 -16.75 77.02 83.61
CA GLY D 897 -16.58 78.35 83.08
C GLY D 897 -17.02 78.40 81.63
N LEU D 898 -16.67 79.50 80.97
CA LEU D 898 -17.09 79.62 79.59
C LEU D 898 -16.00 80.32 78.79
N CYS D 899 -15.76 79.81 77.59
CA CYS D 899 -14.97 80.55 76.64
C CYS D 899 -15.74 81.78 76.20
N LEU D 900 -15.03 82.87 75.99
CA LEU D 900 -15.66 84.15 75.78
C LEU D 900 -14.88 84.88 74.70
N ILE D 901 -15.56 85.64 73.88
CA ILE D 901 -14.95 86.02 72.62
C ILE D 901 -15.15 87.49 72.31
N SER D 902 -16.00 88.17 73.08
CA SER D 902 -16.34 89.53 72.74
C SER D 902 -16.54 90.34 74.00
N PRO D 903 -16.22 91.65 73.98
CA PRO D 903 -16.36 92.47 75.18
C PRO D 903 -17.78 92.61 75.69
N ILE D 904 -18.03 92.02 76.85
CA ILE D 904 -19.33 92.13 77.50
C ILE D 904 -19.40 93.46 78.23
N THR D 905 -20.49 94.20 77.99
CA THR D 905 -20.72 95.48 78.63
C THR D 905 -21.78 95.44 79.70
N THR D 906 -22.88 94.72 79.45
CA THR D 906 -24.02 94.75 80.36
C THR D 906 -23.72 94.04 81.66
N LEU D 907 -23.01 92.93 81.60
CA LEU D 907 -22.80 92.07 82.76
C LEU D 907 -21.36 92.10 83.22
N ARG D 908 -20.71 93.27 83.15
CA ARG D 908 -19.40 93.46 83.73
C ARG D 908 -19.42 93.28 85.24
N ARG D 909 -20.57 93.48 85.87
CA ARG D 909 -20.71 93.21 87.29
C ARG D 909 -20.66 91.71 87.57
N TYR D 910 -21.10 90.88 86.63
CA TYR D 910 -21.36 89.47 86.90
C TYR D 910 -20.45 88.53 86.13
N TYR D 911 -19.49 89.04 85.37
CA TYR D 911 -18.59 88.23 84.57
C TYR D 911 -17.16 88.65 84.79
N GLN D 912 -16.35 87.77 85.35
CA GLN D 912 -14.94 88.06 85.47
C GLN D 912 -14.17 87.42 84.33
N PRO D 913 -13.34 88.16 83.60
CA PRO D 913 -12.44 87.52 82.64
C PRO D 913 -11.33 86.77 83.37
N ILE D 914 -11.16 85.49 83.02
CA ILE D 914 -10.15 84.66 83.67
C ILE D 914 -9.13 84.22 82.63
N PRO D 915 -8.02 84.94 82.45
CA PRO D 915 -6.95 84.44 81.56
C PRO D 915 -6.11 83.40 82.29
N PHE D 916 -6.11 82.18 81.77
CA PHE D 916 -5.44 81.10 82.48
C PHE D 916 -4.51 80.28 81.60
N HIS D 917 -4.82 80.17 80.33
CA HIS D 917 -4.10 79.22 79.49
C HIS D 917 -3.17 79.98 78.54
N ARG D 918 -2.35 79.22 77.81
CA ARG D 918 -1.60 79.75 76.69
C ARG D 918 -2.53 80.39 75.67
N PHE D 919 -3.54 79.64 75.25
CA PHE D 919 -4.65 80.16 74.48
C PHE D 919 -5.61 80.85 75.44
N PHE D 920 -6.73 81.35 74.90
CA PHE D 920 -7.84 81.87 75.70
C PHE D 920 -7.42 83.01 76.63
N SER D 921 -6.56 83.90 76.13
CA SER D 921 -6.01 84.94 76.98
C SER D 921 -5.86 86.25 76.22
N ASP D 922 -6.90 86.63 75.48
CA ASP D 922 -6.87 87.86 74.69
C ASP D 922 -6.88 89.07 75.62
N PRO D 923 -5.85 89.93 75.57
CA PRO D 923 -5.89 91.16 76.35
C PRO D 923 -6.91 92.14 75.81
N GLY D 924 -7.14 92.14 74.50
CA GLY D 924 -8.19 92.96 73.94
C GLY D 924 -9.59 92.59 74.40
N ILE D 925 -9.80 91.34 74.76
CA ILE D 925 -11.06 90.97 75.40
C ILE D 925 -11.01 91.31 76.88
N CYS D 926 -9.89 91.00 77.53
CA CYS D 926 -9.83 91.02 78.99
C CYS D 926 -9.86 92.43 79.55
N GLY D 927 -9.12 93.35 78.93
CA GLY D 927 -9.06 94.72 79.36
C GLY D 927 -10.30 95.54 79.09
N THR D 928 -11.27 94.98 78.39
CA THR D 928 -12.54 95.67 78.21
C THR D 928 -13.57 95.27 79.26
N MET D 929 -13.49 94.06 79.81
CA MET D 929 -14.28 93.77 80.98
C MET D 929 -13.66 94.40 82.23
N ASN D 930 -12.37 94.19 82.46
CA ASN D 930 -11.74 94.75 83.64
C ASN D 930 -10.92 95.97 83.27
N ALA D 931 -11.06 97.01 84.09
CA ALA D 931 -10.25 98.21 83.93
C ALA D 931 -8.86 98.06 84.50
N ASP D 932 -8.64 97.06 85.36
CA ASP D 932 -7.33 96.88 85.97
C ASP D 932 -6.33 96.33 84.96
N ILE D 933 -6.78 95.43 84.10
CA ILE D 933 -5.97 95.00 82.97
C ILE D 933 -5.77 96.16 82.00
N GLN D 934 -6.80 97.00 81.84
CA GLN D 934 -6.72 98.11 80.90
C GLN D 934 -5.72 99.15 81.34
N VAL D 935 -5.67 99.48 82.64
CA VAL D 935 -4.64 100.40 83.09
C VAL D 935 -3.30 99.71 83.18
N PHE D 936 -3.27 98.38 83.19
CA PHE D 936 -1.99 97.68 83.10
C PHE D 936 -1.44 97.74 81.69
N LEU D 937 -2.31 97.59 80.69
CA LEU D 937 -1.85 97.67 79.31
C LEU D 937 -1.49 99.09 78.92
N ASN D 938 -2.17 100.09 79.49
CA ASN D 938 -1.91 101.47 79.14
C ASN D 938 -0.57 101.96 79.65
N THR D 939 0.02 101.28 80.64
CA THR D 939 1.39 101.57 81.02
C THR D 939 2.38 100.78 80.20
N PHE D 940 2.03 99.54 79.84
CA PHE D 940 2.95 98.59 79.24
C PHE D 940 2.32 98.11 77.95
N PRO D 941 2.47 98.87 76.85
CA PRO D 941 1.66 98.60 75.67
C PRO D 941 2.09 97.39 74.87
N HIS D 942 3.27 96.83 75.13
CA HIS D 942 3.71 95.67 74.39
C HIS D 942 3.08 94.38 74.87
N TYR D 943 2.30 94.40 75.94
CA TYR D 943 1.60 93.19 76.35
C TYR D 943 0.23 93.07 75.73
N GLN D 944 -0.15 93.96 74.81
CA GLN D 944 -1.45 93.83 74.16
C GLN D 944 -1.39 92.85 73.00
N ARG D 945 -0.22 92.26 72.77
CA ARG D 945 -0.02 91.33 71.68
C ARG D 945 -0.67 89.98 71.98
N ASN D 946 -1.33 89.41 70.97
CA ASN D 946 -1.96 88.11 71.14
C ASN D 946 -1.01 86.96 70.93
N ASP D 947 0.23 87.23 70.53
CA ASP D 947 1.03 86.16 69.95
C ASP D 947 1.65 85.27 71.01
N GLY D 948 2.56 85.82 71.78
CA GLY D 948 3.23 85.00 72.76
C GLY D 948 2.48 85.01 74.07
N GLY D 949 3.22 85.07 75.16
CA GLY D 949 2.58 85.21 76.44
C GLY D 949 2.76 86.60 77.01
N PHE D 950 1.69 87.39 77.04
CA PHE D 950 1.64 88.45 78.03
C PHE D 950 1.30 87.77 79.35
N PRO D 951 1.72 88.32 80.49
CA PRO D 951 1.78 87.51 81.71
C PRO D 951 0.43 87.14 82.26
N LEU D 952 0.25 85.85 82.49
CA LEU D 952 -0.85 85.33 83.27
C LEU D 952 -0.60 85.69 84.72
N PRO D 953 -1.58 85.51 85.61
CA PRO D 953 -1.30 85.60 87.04
C PRO D 953 -0.24 84.60 87.43
N PRO D 954 0.75 85.03 88.22
CA PRO D 954 1.98 84.22 88.46
C PRO D 954 1.73 82.84 89.05
N PRO D 955 0.64 82.57 89.76
CA PRO D 955 0.30 81.15 89.96
C PRO D 955 -0.19 80.45 88.72
N LEU D 956 -0.76 81.16 87.75
CA LEU D 956 -1.20 80.49 86.54
C LEU D 956 -0.10 80.32 85.51
N ALA D 957 0.84 81.26 85.47
CA ALA D 957 1.86 81.30 84.43
C ALA D 957 2.98 80.33 84.81
N LEU D 958 2.77 79.07 84.48
CA LEU D 958 3.75 78.01 84.76
C LEU D 958 4.13 77.39 83.44
N GLU D 959 5.07 78.03 82.74
CA GLU D 959 5.31 77.67 81.35
C GLU D 959 6.01 76.33 81.22
N PHE D 960 7.06 76.10 82.02
CA PHE D 960 7.74 74.82 81.93
C PHE D 960 6.93 73.70 82.56
N TYR D 961 5.96 74.02 83.40
CA TYR D 961 5.14 72.99 84.01
C TYR D 961 3.83 72.75 83.28
N ASN D 962 3.49 73.56 82.28
CA ASN D 962 2.39 73.19 81.41
C ASN D 962 2.83 72.11 80.45
N TRP D 963 1.89 71.69 79.62
CA TRP D 963 2.19 70.83 78.50
C TRP D 963 2.46 71.63 77.23
N GLN D 964 1.77 72.75 77.07
CA GLN D 964 1.76 73.53 75.85
C GLN D 964 2.53 74.80 76.10
N ARG D 965 3.62 74.98 75.40
CA ARG D 965 4.52 76.08 75.67
C ARG D 965 4.26 77.24 74.72
N THR D 966 5.21 78.17 74.68
CA THR D 966 5.23 79.29 73.73
C THR D 966 5.02 78.95 72.26
N PRO D 967 5.66 77.93 71.64
CA PRO D 967 5.58 77.83 70.17
C PRO D 967 4.21 77.47 69.62
N PHE D 968 3.33 76.87 70.42
CA PHE D 968 1.96 76.65 69.97
C PHE D 968 1.25 77.97 69.74
N SER D 969 1.38 78.91 70.67
CA SER D 969 0.75 80.21 70.47
C SER D 969 1.46 81.03 69.42
N VAL D 970 2.78 80.86 69.28
CA VAL D 970 3.48 81.64 68.26
C VAL D 970 3.09 81.16 66.86
N TYR D 971 2.82 79.87 66.69
CA TYR D 971 2.23 79.41 65.44
C TYR D 971 0.80 79.93 65.29
N SER D 972 0.00 79.79 66.35
CA SER D 972 -1.42 80.10 66.31
C SER D 972 -1.71 81.57 66.11
N ALA D 973 -0.73 82.43 66.37
CA ALA D 973 -0.91 83.87 66.16
C ALA D 973 -1.09 84.19 64.69
N PHE D 974 -0.23 83.65 63.83
CA PHE D 974 -0.20 84.04 62.43
C PHE D 974 -0.56 82.88 61.51
N CYS D 975 -1.14 81.82 62.04
CA CYS D 975 -1.57 80.72 61.20
C CYS D 975 -2.73 81.15 60.30
N PRO D 976 -2.77 80.69 59.06
CA PRO D 976 -3.94 80.93 58.23
C PRO D 976 -5.09 80.04 58.64
N ASN D 977 -6.29 80.49 58.31
CA ASN D 977 -7.51 79.87 58.82
C ASN D 977 -8.10 78.88 57.81
N SER D 978 -7.31 77.91 57.35
CA SER D 978 -7.73 77.10 56.20
C SER D 978 -7.38 75.64 56.38
N LEU D 979 -7.67 75.08 57.55
CA LEU D 979 -7.66 73.65 57.89
C LEU D 979 -6.26 73.04 57.95
N LEU D 980 -5.27 73.68 57.33
CA LEU D 980 -3.90 73.23 57.50
C LEU D 980 -3.39 73.59 58.87
N SER D 981 -3.85 74.72 59.41
CA SER D 981 -3.48 75.06 60.77
C SER D 981 -4.12 74.12 61.77
N ILE D 982 -5.37 73.73 61.53
CA ILE D 982 -6.07 72.84 62.44
C ILE D 982 -5.42 71.47 62.45
N MET D 983 -5.21 70.91 61.25
CA MET D 983 -4.55 69.62 61.16
C MET D 983 -3.11 69.69 61.62
N THR D 984 -2.45 70.85 61.49
CA THR D 984 -1.08 70.89 61.92
C THR D 984 -0.95 71.10 63.42
N LEU D 985 -1.95 71.68 64.07
CA LEU D 985 -1.92 71.68 65.54
C LEU D 985 -2.19 70.29 66.07
N ALA D 986 -3.10 69.55 65.44
CA ALA D 986 -3.25 68.15 65.80
C ALA D 986 -2.02 67.32 65.45
N ALA D 987 -1.21 67.78 64.49
CA ALA D 987 0.08 67.15 64.25
C ALA D 987 1.07 67.50 65.35
N MET D 988 1.16 68.79 65.71
CA MET D 988 2.13 69.27 66.68
C MET D 988 1.87 68.76 68.08
N HIS D 989 0.69 68.25 68.36
CA HIS D 989 0.55 67.64 69.67
C HIS D 989 1.06 66.20 69.75
N SER D 990 1.77 65.71 68.74
CA SER D 990 2.40 64.40 68.82
C SER D 990 3.58 64.42 69.77
N LYS D 991 3.78 63.31 70.49
CA LYS D 991 4.67 63.28 71.64
C LYS D 991 6.10 62.93 71.25
N LEU D 992 6.99 63.00 72.23
CA LEU D 992 8.42 62.76 72.06
C LEU D 992 8.89 61.55 72.86
N SER D 993 8.01 60.63 73.09
CA SER D 993 8.33 59.40 73.79
C SER D 993 9.17 58.50 72.91
N PRO D 994 9.98 57.61 73.50
CA PRO D 994 10.61 56.55 72.70
C PRO D 994 9.63 55.64 72.00
N VAL D 995 8.51 55.32 72.65
CA VAL D 995 7.52 54.50 71.96
C VAL D 995 6.83 55.30 70.88
N ALA D 996 6.76 56.63 71.04
CA ALA D 996 6.19 57.48 70.02
C ALA D 996 7.09 57.53 68.79
N ILE D 997 8.40 57.64 69.02
CA ILE D 997 9.38 57.57 67.94
C ILE D 997 9.30 56.25 67.21
N ALA D 998 9.15 55.16 67.97
CA ALA D 998 9.09 53.82 67.39
C ALA D 998 7.88 53.66 66.48
N ILE D 999 6.70 54.08 66.95
CA ILE D 999 5.53 53.82 66.10
C ILE D 999 5.36 54.87 65.02
N GLN D 1000 5.93 56.07 65.17
CA GLN D 1000 5.96 56.98 64.04
C GLN D 1000 6.88 56.50 62.95
N SER D 1001 8.02 55.91 63.33
CA SER D 1001 8.90 55.28 62.34
C SER D 1001 8.24 54.06 61.72
N LYS D 1002 7.37 53.37 62.46
CA LYS D 1002 6.58 52.31 61.87
C LYS D 1002 5.62 52.84 60.82
N SER D 1003 4.95 53.94 61.11
CA SER D 1003 3.97 54.49 60.19
C SER D 1003 4.57 55.41 59.14
N LYS D 1004 5.91 55.55 59.11
CA LYS D 1004 6.66 56.42 58.20
C LYS D 1004 6.19 57.87 58.29
N ILE D 1005 6.07 58.35 59.52
CA ILE D 1005 5.83 59.75 59.80
C ILE D 1005 7.14 60.32 60.28
N HIS D 1006 7.54 61.44 59.73
CA HIS D 1006 8.85 61.97 60.02
C HIS D 1006 8.90 62.62 61.40
N PRO D 1007 9.72 62.13 62.31
CA PRO D 1007 9.85 62.79 63.62
C PRO D 1007 10.75 64.00 63.51
N GLY D 1008 10.77 64.80 64.56
CA GLY D 1008 11.46 66.07 64.49
C GLY D 1008 12.96 66.00 64.71
N PHE D 1009 13.65 65.14 63.96
CA PHE D 1009 15.08 64.97 64.14
C PHE D 1009 15.75 64.83 62.79
N ALA D 1010 17.06 64.98 62.81
CA ALA D 1010 17.90 64.53 61.74
C ALA D 1010 19.07 63.84 62.40
N ALA D 1011 19.98 63.29 61.61
CA ALA D 1011 21.06 62.54 62.21
C ALA D 1011 22.27 62.54 61.30
N THR D 1012 23.43 62.73 61.91
CA THR D 1012 24.69 62.65 61.16
C THR D 1012 25.24 61.26 61.43
N LEU D 1013 24.92 60.32 60.55
CA LEU D 1013 25.43 58.97 60.68
C LEU D 1013 26.89 58.95 60.28
N VAL D 1014 27.79 58.73 61.23
CA VAL D 1014 29.20 58.61 60.94
C VAL D 1014 29.53 57.13 60.84
N ARG D 1015 30.61 56.83 60.13
CA ARG D 1015 31.06 55.46 59.89
C ARG D 1015 32.53 55.51 59.53
N THR D 1016 33.31 54.59 60.06
CA THR D 1016 34.68 54.45 59.62
C THR D 1016 34.80 53.23 58.72
N ASP D 1017 35.80 53.26 57.84
CA ASP D 1017 36.05 52.17 56.91
C ASP D 1017 37.53 51.88 56.90
N ASN D 1018 37.89 50.60 56.90
CA ASN D 1018 39.28 50.19 56.90
C ASN D 1018 39.66 49.54 55.58
N PHE D 1019 40.80 49.94 55.05
CA PHE D 1019 41.21 49.60 53.70
C PHE D 1019 42.48 48.76 53.75
N ASP D 1020 42.79 48.09 52.65
CA ASP D 1020 44.10 47.47 52.50
C ASP D 1020 44.95 48.31 51.60
N VAL D 1021 46.14 48.68 52.07
CA VAL D 1021 47.04 49.54 51.32
C VAL D 1021 48.40 48.87 51.26
N GLU D 1022 49.00 48.88 50.07
CA GLU D 1022 50.42 48.56 49.92
C GLU D 1022 51.17 49.90 49.86
N CYS D 1023 51.97 50.17 50.87
CA CYS D 1023 52.50 51.50 51.08
C CYS D 1023 54.02 51.48 51.16
N LEU D 1024 54.68 52.28 50.34
CA LEU D 1024 56.12 52.17 50.16
C LEU D 1024 56.88 53.24 50.93
N LEU D 1025 58.02 52.86 51.48
CA LEU D 1025 58.86 53.69 52.34
C LEU D 1025 60.16 54.07 51.64
N TYR D 1026 60.62 55.30 51.87
CA TYR D 1026 61.95 55.74 51.48
C TYR D 1026 62.77 56.08 52.71
N SER D 1027 64.08 55.85 52.64
CA SER D 1027 65.00 56.33 53.66
C SER D 1027 66.31 56.74 53.00
N SER D 1028 66.93 57.78 53.55
CA SER D 1028 68.29 58.10 53.15
C SER D 1028 69.25 57.09 53.75
N ARG D 1029 70.42 56.96 53.14
CA ARG D 1029 71.33 55.88 53.52
C ARG D 1029 72.04 56.22 54.82
N ALA D 1030 72.27 55.19 55.63
CA ALA D 1030 72.93 55.27 56.94
C ALA D 1030 72.24 56.28 57.86
N ALA D 1031 70.92 56.30 57.81
CA ALA D 1031 70.16 57.26 58.60
C ALA D 1031 70.06 56.85 60.05
N THR D 1032 70.22 55.56 60.34
CA THR D 1032 70.01 55.05 61.69
C THR D 1032 70.90 53.84 61.89
N SER D 1033 71.64 53.83 62.99
CA SER D 1033 72.58 52.75 63.28
C SER D 1033 72.00 51.79 64.29
N ILE D 1034 72.37 50.53 64.11
CA ILE D 1034 71.92 49.42 64.93
C ILE D 1034 73.14 48.90 65.67
N ILE D 1035 73.09 48.94 66.99
CA ILE D 1035 74.12 48.31 67.80
C ILE D 1035 73.53 47.09 68.47
N LEU D 1036 74.28 46.00 68.46
CA LEU D 1036 73.71 44.72 68.80
C LEU D 1036 74.74 43.77 69.36
N ASP D 1037 74.23 42.67 69.89
CA ASP D 1037 75.05 41.64 70.48
C ASP D 1037 74.97 40.37 69.67
N ASP D 1038 75.80 39.41 70.06
CA ASP D 1038 75.71 38.06 69.53
C ASP D 1038 74.55 37.42 70.33
N PRO D 1039 73.86 36.43 69.76
CA PRO D 1039 72.73 35.86 70.53
C PRO D 1039 73.13 35.21 71.85
N THR D 1040 72.37 35.48 72.90
CA THR D 1040 72.62 34.95 74.25
C THR D 1040 72.51 33.45 74.57
N VAL D 1041 71.47 32.79 74.05
CA VAL D 1041 71.16 31.35 74.27
C VAL D 1041 70.87 30.86 75.71
N THR D 1042 69.60 30.55 75.98
CA THR D 1042 69.14 30.07 77.28
C THR D 1042 68.54 28.67 77.11
N ALA D 1043 68.45 27.86 78.15
CA ALA D 1043 67.96 26.51 77.92
C ALA D 1043 67.17 26.02 79.12
N GLU D 1044 65.89 25.72 78.88
CA GLU D 1044 65.00 25.17 79.89
C GLU D 1044 64.83 23.69 79.60
N ALA D 1045 65.06 22.86 80.61
CA ALA D 1045 65.07 21.41 80.44
C ALA D 1045 63.96 20.82 81.29
N LYS D 1046 62.82 20.55 80.66
CA LYS D 1046 61.71 19.92 81.33
C LYS D 1046 61.85 18.40 81.17
N ASP D 1047 60.82 17.65 81.53
CA ASP D 1047 60.93 16.20 81.47
C ASP D 1047 60.84 15.67 80.04
N ILE D 1048 59.96 16.26 79.24
CA ILE D 1048 59.67 15.69 77.92
C ILE D 1048 60.12 16.58 76.78
N VAL D 1049 60.37 17.88 77.01
CA VAL D 1049 60.94 18.77 76.00
C VAL D 1049 62.08 19.53 76.63
N THR D 1050 62.96 20.05 75.79
CA THR D 1050 63.97 21.02 76.23
C THR D 1050 63.90 22.19 75.26
N THR D 1051 63.55 23.36 75.76
CA THR D 1051 63.37 24.54 74.92
C THR D 1051 64.62 25.39 74.99
N TYR D 1052 65.15 25.72 73.83
CA TYR D 1052 66.31 26.58 73.70
C TYR D 1052 65.81 27.93 73.22
N ASN D 1053 66.23 28.98 73.89
CA ASN D 1053 65.76 30.31 73.62
C ASN D 1053 66.95 31.19 73.26
N PHE D 1054 66.94 31.78 72.09
CA PHE D 1054 67.99 32.69 71.67
C PHE D 1054 67.44 34.09 71.82
N THR D 1055 68.05 34.91 72.67
CA THR D 1055 67.64 36.29 72.73
C THR D 1055 68.76 37.16 72.20
N GLN D 1056 68.39 38.34 71.71
CA GLN D 1056 69.34 39.26 71.13
C GLN D 1056 68.80 40.67 71.27
N HIS D 1057 69.63 41.56 71.77
CA HIS D 1057 69.27 42.94 71.99
C HIS D 1057 69.64 43.75 70.75
N LEU D 1058 68.77 44.69 70.38
CA LEU D 1058 69.07 45.64 69.33
C LEU D 1058 68.91 47.01 69.95
N SER D 1059 69.72 47.96 69.54
CA SER D 1059 69.51 49.34 69.94
C SER D 1059 69.68 50.23 68.72
N PHE D 1060 68.73 51.13 68.53
CA PHE D 1060 68.58 51.92 67.32
C PHE D 1060 68.85 53.37 67.67
N VAL D 1061 69.89 53.95 67.07
CA VAL D 1061 70.15 55.37 67.18
C VAL D 1061 69.81 56.03 65.85
N ASP D 1062 69.27 57.23 65.93
CA ASP D 1062 68.72 57.95 64.79
C ASP D 1062 69.61 59.16 64.57
N MET D 1063 70.33 59.19 63.45
CA MET D 1063 71.43 60.13 63.37
C MET D 1063 71.12 61.37 62.56
N GLY D 1064 69.92 61.49 62.00
CA GLY D 1064 69.53 62.71 61.33
C GLY D 1064 68.81 63.67 62.25
N LEU D 1065 68.92 64.96 61.95
CA LEU D 1065 68.12 65.94 62.67
C LEU D 1065 66.68 65.93 62.19
N GLY D 1066 66.47 66.22 60.91
CA GLY D 1066 65.15 66.16 60.34
C GLY D 1066 64.73 64.74 60.06
N PHE D 1067 63.61 64.62 59.36
CA PHE D 1067 63.07 63.30 59.06
C PHE D 1067 63.92 62.67 57.97
N SER D 1068 64.71 61.69 58.35
CA SER D 1068 65.55 61.00 57.40
C SER D 1068 64.85 59.82 56.75
N SER D 1069 63.53 59.71 56.88
CA SER D 1069 62.80 58.57 56.31
C SER D 1069 61.34 58.97 56.14
N THR D 1070 60.82 58.81 54.93
CA THR D 1070 59.45 59.19 54.62
C THR D 1070 58.66 57.98 54.16
N THR D 1071 57.35 58.15 54.00
CA THR D 1071 56.45 57.07 53.65
C THR D 1071 55.23 57.64 52.94
N ALA D 1072 54.87 57.09 51.78
CA ALA D 1072 53.67 57.57 51.08
C ALA D 1072 52.79 56.41 50.67
N THR D 1073 51.48 56.59 50.85
CA THR D 1073 50.48 55.63 50.42
C THR D 1073 50.51 55.47 48.91
N ALA D 1074 50.47 54.23 48.43
CA ALA D 1074 50.58 53.98 47.00
C ALA D 1074 49.29 53.43 46.39
N ASN D 1075 48.81 52.29 46.87
CA ASN D 1075 47.79 51.57 46.11
C ASN D 1075 46.84 50.85 47.05
N LEU D 1076 45.54 50.91 46.73
CA LEU D 1076 44.59 50.02 47.34
C LEU D 1076 44.80 48.60 46.87
N LYS D 1077 44.72 47.66 47.81
CA LYS D 1077 44.48 46.28 47.46
C LYS D 1077 42.99 46.01 47.41
N ARG D 1078 42.33 46.15 48.56
CA ARG D 1078 40.94 45.76 48.76
C ARG D 1078 40.37 46.61 49.87
N ILE D 1079 39.06 46.80 49.84
CA ILE D 1079 38.34 47.37 50.98
C ILE D 1079 37.83 46.21 51.81
N LYS D 1080 38.37 46.07 53.02
CA LYS D 1080 37.83 45.05 53.91
C LYS D 1080 36.54 45.50 54.56
N SER D 1081 36.22 46.79 54.51
CA SER D 1081 34.96 47.25 55.07
C SER D 1081 33.79 46.88 54.19
N ASP D 1082 32.65 46.58 54.82
CA ASP D 1082 31.41 46.30 54.10
C ASP D 1082 30.84 47.55 53.45
N MET D 1083 31.01 48.70 54.10
CA MET D 1083 30.34 49.96 53.75
C MET D 1083 28.82 49.80 53.66
N GLY D 1084 28.26 49.03 54.59
CA GLY D 1084 26.82 48.87 54.66
C GLY D 1084 26.15 49.91 55.54
N SER D 1085 25.11 49.47 56.23
CA SER D 1085 24.37 50.39 57.07
C SER D 1085 24.06 49.84 58.45
N LYS D 1086 24.71 48.78 58.89
CA LYS D 1086 24.35 48.14 60.15
C LYS D 1086 24.73 49.05 61.30
N ILE D 1087 23.71 49.72 61.85
CA ILE D 1087 23.90 50.79 62.82
C ILE D 1087 24.32 50.24 64.17
N GLN D 1088 24.82 51.12 65.02
CA GLN D 1088 25.38 50.71 66.29
C GLN D 1088 24.26 50.43 67.28
N ASN D 1089 24.26 49.22 67.82
CA ASN D 1089 23.18 48.76 68.68
C ASN D 1089 23.51 49.18 70.10
N LEU D 1090 22.91 50.27 70.55
CA LEU D 1090 23.18 50.76 71.90
C LEU D 1090 22.61 49.87 72.98
N PHE D 1091 21.64 49.01 72.65
CA PHE D 1091 21.19 48.04 73.64
C PHE D 1091 22.23 46.95 73.88
N SER D 1092 23.12 46.73 72.92
CA SER D 1092 24.27 45.85 73.15
C SER D 1092 25.53 46.63 73.50
N ALA D 1093 25.49 47.96 73.41
CA ALA D 1093 26.63 48.75 73.85
C ALA D 1093 26.51 49.16 75.31
N PHE D 1094 25.34 49.58 75.76
CA PHE D 1094 25.08 49.99 77.14
C PHE D 1094 24.04 49.06 77.76
N PRO D 1095 24.35 47.79 77.95
CA PRO D 1095 23.29 46.80 78.18
C PRO D 1095 22.77 46.72 79.60
N ILE D 1096 23.35 47.45 80.54
CA ILE D 1096 22.82 47.46 81.89
C ILE D 1096 21.76 48.55 82.07
N HIS D 1097 21.78 49.59 81.24
CA HIS D 1097 20.72 50.58 81.25
C HIS D 1097 19.41 49.96 80.75
N ALA D 1098 18.31 50.38 81.38
CA ALA D 1098 17.00 49.83 81.07
C ALA D 1098 15.95 50.85 81.49
N PHE D 1099 14.78 50.74 80.89
CA PHE D 1099 13.69 51.60 81.33
C PHE D 1099 13.14 51.10 82.66
N THR D 1100 12.32 51.93 83.29
CA THR D 1100 11.84 51.63 84.62
C THR D 1100 10.77 50.55 84.59
N ASN D 1101 9.73 50.74 83.79
CA ASN D 1101 8.68 49.74 83.72
C ASN D 1101 9.11 48.56 82.87
N THR D 1102 8.91 47.36 83.42
CA THR D 1102 9.35 46.14 82.76
C THR D 1102 8.55 45.88 81.49
N ASP D 1103 7.28 46.27 81.47
CA ASP D 1103 6.47 46.14 80.26
C ASP D 1103 7.03 46.99 79.12
N ILE D 1104 7.41 48.22 79.42
CA ILE D 1104 7.94 49.11 78.40
C ILE D 1104 9.31 48.66 77.96
N ASN D 1105 10.14 48.20 78.91
CA ASN D 1105 11.45 47.68 78.56
C ASN D 1105 11.34 46.47 77.64
N THR D 1106 10.43 45.56 77.97
CA THR D 1106 10.21 44.38 77.15
C THR D 1106 9.69 44.76 75.77
N TRP D 1107 8.80 45.75 75.70
CA TRP D 1107 8.23 46.12 74.41
C TRP D 1107 9.26 46.82 73.54
N ILE D 1108 10.13 47.64 74.14
CA ILE D 1108 11.16 48.31 73.36
C ILE D 1108 12.21 47.33 72.87
N ARG D 1109 12.60 46.38 73.73
CA ARG D 1109 13.55 45.33 73.32
C ARG D 1109 13.01 44.51 72.15
N HIS D 1110 11.79 44.02 72.26
CA HIS D 1110 11.26 43.22 71.18
C HIS D 1110 10.88 44.04 69.96
N HIS D 1111 10.60 45.33 70.13
CA HIS D 1111 10.25 46.12 68.97
C HIS D 1111 11.47 46.51 68.16
N VAL D 1112 12.57 46.88 68.82
CA VAL D 1112 13.79 47.16 68.07
C VAL D 1112 14.53 45.90 67.69
N GLY D 1113 14.11 44.75 68.18
CA GLY D 1113 14.62 43.50 67.70
C GLY D 1113 15.63 42.82 68.59
N ILE D 1114 15.78 43.25 69.84
CA ILE D 1114 16.62 42.52 70.77
C ILE D 1114 15.88 41.25 71.18
N GLU D 1115 16.53 40.12 70.99
CA GLU D 1115 15.87 38.85 71.20
C GLU D 1115 15.77 38.53 72.67
N LYS D 1116 16.87 38.66 73.38
CA LYS D 1116 17.03 38.19 74.75
C LYS D 1116 16.83 39.35 75.72
N PRO D 1117 16.48 39.08 76.97
CA PRO D 1117 16.35 40.19 77.94
C PRO D 1117 17.67 40.72 78.42
N ASN D 1118 17.62 41.57 79.46
CA ASN D 1118 18.80 42.12 80.09
C ASN D 1118 19.74 41.01 80.57
N PRO D 1119 21.05 41.25 80.53
CA PRO D 1119 21.99 40.21 80.95
C PRO D 1119 21.90 39.96 82.45
N SER D 1120 22.29 38.74 82.81
CA SER D 1120 22.25 38.32 84.20
C SER D 1120 23.25 39.12 85.02
N GLU D 1121 22.80 39.57 86.18
CA GLU D 1121 23.64 40.40 87.02
C GLU D 1121 24.75 39.56 87.65
N GLY D 1122 25.97 40.09 87.62
CA GLY D 1122 27.10 39.43 88.21
C GLY D 1122 27.91 38.55 87.26
N GLU D 1123 27.27 37.91 86.29
CA GLU D 1123 27.96 36.99 85.40
C GLU D 1123 28.03 37.52 83.98
N ALA D 1124 26.89 37.70 83.31
CA ALA D 1124 26.93 38.28 81.98
C ALA D 1124 27.17 39.77 82.10
N LEU D 1125 26.70 40.35 83.20
CA LEU D 1125 27.02 41.74 83.54
C LEU D 1125 28.52 41.96 83.66
N ASN D 1126 29.22 41.11 84.41
CA ASN D 1126 30.62 41.41 84.63
C ASN D 1126 31.50 41.02 83.45
N ILE D 1127 31.14 39.97 82.70
CA ILE D 1127 31.78 39.71 81.42
C ILE D 1127 31.60 40.90 80.47
N ILE D 1128 30.43 41.54 80.52
CA ILE D 1128 30.22 42.73 79.71
C ILE D 1128 31.05 43.90 80.21
N THR D 1129 31.04 44.17 81.52
CA THR D 1129 31.64 45.41 82.03
C THR D 1129 33.16 45.37 81.97
N PHE D 1130 33.75 44.19 81.96
CA PHE D 1130 35.18 44.08 81.72
C PHE D 1130 35.47 43.49 80.32
N GLY D 1131 34.45 43.38 79.47
CA GLY D 1131 34.67 43.07 78.07
C GLY D 1131 34.03 41.82 77.51
N GLY D 1132 32.99 41.98 76.71
CA GLY D 1132 32.23 40.84 76.21
C GLY D 1132 31.75 41.04 74.80
N ILE D 1133 31.68 39.92 74.08
CA ILE D 1133 31.20 39.92 72.69
C ILE D 1133 29.67 40.02 72.67
N ASN D 1134 29.01 39.21 73.50
CA ASN D 1134 27.58 38.92 73.64
C ASN D 1134 26.80 38.86 72.32
N LYS D 1135 27.41 38.30 71.28
CA LYS D 1135 26.74 38.15 70.00
C LYS D 1135 27.25 36.92 69.29
N ASN D 1136 26.33 36.14 68.73
CA ASN D 1136 26.68 35.06 67.82
C ASN D 1136 26.86 35.62 66.41
N PRO D 1137 27.85 35.15 65.67
CA PRO D 1137 28.20 35.78 64.39
C PRO D 1137 27.13 35.53 63.34
N PRO D 1138 27.02 36.42 62.36
CA PRO D 1138 26.11 36.17 61.24
C PRO D 1138 26.57 34.96 60.45
N SER D 1139 25.61 34.07 60.17
CA SER D 1139 25.91 32.85 59.44
C SER D 1139 26.36 33.15 58.02
N ILE D 1140 25.86 34.21 57.43
CA ILE D 1140 26.35 34.62 56.11
C ILE D 1140 26.86 36.05 56.21
N LEU D 1141 27.91 36.32 55.44
CA LEU D 1141 28.59 37.60 55.44
C LEU D 1141 29.32 37.72 54.12
N LEU D 1142 29.02 38.74 53.34
CA LEU D 1142 29.49 38.76 51.96
C LEU D 1142 30.49 39.85 51.62
N HIS D 1143 30.69 40.86 52.47
CA HIS D 1143 31.56 41.95 52.05
C HIS D 1143 32.52 42.43 53.13
N GLY D 1144 32.50 41.87 54.33
CA GLY D 1144 33.41 42.30 55.37
C GLY D 1144 32.81 42.97 56.58
N GLN D 1145 33.53 43.93 57.16
CA GLN D 1145 33.16 44.56 58.42
C GLN D 1145 32.34 45.83 58.23
N GLN D 1146 31.47 46.10 59.20
CA GLN D 1146 30.65 47.31 59.17
C GLN D 1146 30.24 47.69 60.59
N ALA D 1147 30.15 49.00 60.84
CA ALA D 1147 29.64 49.57 62.10
C ALA D 1147 29.36 51.03 61.88
N ILE D 1148 28.16 51.49 62.25
CA ILE D 1148 27.69 52.83 61.93
C ILE D 1148 27.18 53.49 63.20
N CYS D 1149 27.80 54.59 63.58
CA CYS D 1149 27.47 55.27 64.83
C CYS D 1149 26.30 56.23 64.59
N GLU D 1150 26.03 57.13 65.54
CA GLU D 1150 24.75 57.84 65.53
C GLU D 1150 24.79 59.11 66.35
N VAL D 1151 24.62 60.27 65.71
CA VAL D 1151 24.47 61.54 66.40
C VAL D 1151 23.09 62.08 66.05
N ILE D 1152 22.40 62.65 67.01
CA ILE D 1152 21.06 63.18 66.78
C ILE D 1152 21.20 64.67 66.46
N LEU D 1153 20.33 65.18 65.58
CA LEU D 1153 20.52 66.52 65.05
C LEU D 1153 19.18 67.17 64.74
N THR D 1154 19.15 68.48 64.91
CA THR D 1154 18.19 69.44 64.40
C THR D 1154 17.87 69.20 62.93
N PRO D 1155 16.61 69.33 62.51
CA PRO D 1155 16.27 69.20 61.08
C PRO D 1155 16.49 70.50 60.31
N VAL D 1156 17.25 71.42 60.89
CA VAL D 1156 17.41 72.77 60.38
C VAL D 1156 18.78 72.92 59.72
N THR D 1157 19.74 72.09 60.15
CA THR D 1157 21.17 72.30 59.91
C THR D 1157 21.51 72.38 58.42
N THR D 1158 22.25 73.42 58.06
CA THR D 1158 22.56 73.69 56.66
C THR D 1158 23.48 72.63 56.09
N ASN D 1159 23.05 72.00 55.00
CA ASN D 1159 23.88 71.05 54.27
C ASN D 1159 25.14 71.72 53.75
N ILE D 1160 24.96 72.90 53.15
CA ILE D 1160 25.97 73.52 52.33
C ILE D 1160 27.12 74.02 53.17
N ASN D 1161 26.84 74.44 54.40
CA ASN D 1161 27.93 74.73 55.33
C ASN D 1161 28.54 73.45 55.87
N PHE D 1162 27.76 72.38 56.02
CA PHE D 1162 28.18 71.30 56.90
C PHE D 1162 28.34 69.97 56.19
N PHE D 1163 27.34 69.49 55.47
CA PHE D 1163 27.45 68.14 54.94
C PHE D 1163 28.15 68.08 53.59
N LYS D 1164 28.32 69.21 52.91
CA LYS D 1164 28.89 69.15 51.58
C LYS D 1164 30.41 69.22 51.56
N LEU D 1165 31.06 69.13 52.71
CA LEU D 1165 32.50 69.36 52.83
C LEU D 1165 33.10 68.38 53.84
N PRO D 1166 34.39 68.08 53.73
CA PRO D 1166 35.06 67.38 54.82
C PRO D 1166 35.07 68.25 56.07
N HIS D 1167 34.44 67.75 57.12
CA HIS D 1167 34.06 68.63 58.21
C HIS D 1167 33.90 67.79 59.46
N ASN D 1168 33.94 68.45 60.60
CA ASN D 1168 33.85 67.74 61.87
C ASN D 1168 32.40 67.48 62.22
N PRO D 1169 31.99 66.24 62.46
CA PRO D 1169 30.59 65.96 62.81
C PRO D 1169 30.22 66.29 64.25
N ARG D 1170 31.09 66.98 64.99
CA ARG D 1170 30.70 67.60 66.24
C ARG D 1170 29.89 68.87 66.00
N GLY D 1171 29.89 69.38 64.79
CA GLY D 1171 29.29 70.66 64.49
C GLY D 1171 30.36 71.72 64.65
N ARG D 1172 30.69 72.05 65.89
CA ARG D 1172 31.81 72.93 66.14
C ARG D 1172 33.09 72.16 65.88
N GLU D 1173 33.88 72.65 64.93
CA GLU D 1173 35.07 71.91 64.51
C GLU D 1173 36.14 72.03 65.60
N SER D 1174 36.94 70.97 65.74
CA SER D 1174 37.75 70.77 66.93
C SER D 1174 39.18 70.36 66.54
N CYS D 1175 39.81 71.12 65.65
CA CYS D 1175 41.16 70.79 65.21
C CYS D 1175 42.19 71.59 65.99
N MET D 1176 43.23 70.90 66.45
CA MET D 1176 44.26 71.54 67.27
C MET D 1176 45.26 72.33 66.47
N MET D 1177 45.13 72.38 65.16
CA MET D 1177 46.06 73.16 64.37
C MET D 1177 45.69 74.63 64.32
N GLY D 1178 44.65 75.05 65.02
CA GLY D 1178 44.30 76.45 65.08
C GLY D 1178 44.39 77.03 66.47
N THR D 1179 44.68 76.18 67.44
CA THR D 1179 44.69 76.60 68.83
C THR D 1179 46.08 77.05 69.24
N ASP D 1180 46.14 78.04 70.11
CA ASP D 1180 47.35 78.41 70.82
C ASP D 1180 47.91 77.18 71.53
N PRO D 1181 49.08 76.69 71.15
CA PRO D 1181 49.61 75.48 71.78
C PRO D 1181 50.01 75.71 73.22
N HIS D 1182 49.93 74.63 74.00
CA HIS D 1182 50.19 74.61 75.44
C HIS D 1182 49.31 75.59 76.19
N ASN D 1183 48.04 75.69 75.79
CA ASN D 1183 47.10 76.58 76.46
C ASN D 1183 45.76 75.84 76.58
N GLU D 1184 45.61 75.10 77.68
CA GLU D 1184 44.46 74.21 77.84
C GLU D 1184 43.17 74.98 78.04
N GLU D 1185 43.24 76.16 78.65
CA GLU D 1185 42.03 76.96 78.85
C GLU D 1185 41.51 77.49 77.53
N ALA D 1186 42.41 77.97 76.68
CA ALA D 1186 42.01 78.41 75.35
C ALA D 1186 41.53 77.25 74.49
N ALA D 1187 42.07 76.06 74.70
CA ALA D 1187 41.57 74.91 73.96
C ALA D 1187 40.16 74.53 74.40
N ARG D 1188 39.89 74.57 75.71
CA ARG D 1188 38.53 74.31 76.18
C ARG D 1188 37.57 75.40 75.73
N LYS D 1189 38.04 76.64 75.63
CA LYS D 1189 37.21 77.69 75.04
C LYS D 1189 37.00 77.46 73.55
N ALA D 1190 37.95 76.81 72.88
CA ALA D 1190 37.74 76.52 71.47
C ALA D 1190 36.72 75.41 71.28
N LEU D 1191 36.78 74.38 72.11
CA LEU D 1191 35.84 73.28 71.94
C LEU D 1191 34.49 73.55 72.58
N TYR D 1192 34.37 74.58 73.42
CA TYR D 1192 33.12 74.73 74.13
C TYR D 1192 32.46 76.09 74.10
N ASP D 1193 33.24 77.18 74.12
CA ASP D 1193 32.66 78.51 74.30
C ASP D 1193 31.92 78.94 73.05
N HIS D 1194 30.68 79.37 73.22
CA HIS D 1194 29.88 79.84 72.10
C HIS D 1194 29.59 81.32 72.21
N THR D 1195 30.20 82.02 73.16
CA THR D 1195 30.34 83.45 73.03
C THR D 1195 31.22 83.78 71.83
N GLN D 1196 32.31 83.05 71.67
CA GLN D 1196 33.09 83.16 70.46
C GLN D 1196 32.36 82.50 69.31
N THR D 1197 32.76 82.87 68.10
CA THR D 1197 32.27 82.18 66.92
C THR D 1197 33.21 81.04 66.56
N ASP D 1198 32.67 80.09 65.83
CA ASP D 1198 33.52 79.16 65.11
C ASP D 1198 34.10 79.88 63.90
N SER D 1199 35.10 79.27 63.27
CA SER D 1199 35.52 79.75 61.97
C SER D 1199 34.47 79.38 60.92
N ASP D 1200 34.65 79.94 59.72
CA ASP D 1200 33.94 79.59 58.48
C ASP D 1200 32.47 79.98 58.42
N THR D 1201 31.88 80.50 59.48
CA THR D 1201 30.45 80.83 59.47
C THR D 1201 30.25 81.97 60.45
N PHE D 1202 29.06 82.56 60.45
CA PHE D 1202 28.55 83.28 61.62
C PHE D 1202 27.80 82.34 62.55
N ALA D 1203 28.39 81.20 62.89
CA ALA D 1203 27.68 80.19 63.65
C ALA D 1203 28.71 79.44 64.46
N ALA D 1204 28.58 79.49 65.77
CA ALA D 1204 29.51 78.78 66.62
C ALA D 1204 29.27 77.28 66.60
N THR D 1205 28.13 76.85 66.10
CA THR D 1205 27.68 75.48 66.25
C THR D 1205 26.65 75.18 65.17
N THR D 1206 26.82 74.06 64.47
CA THR D 1206 25.78 73.52 63.61
C THR D 1206 25.10 72.29 64.19
N ASN D 1207 25.64 71.68 65.25
CA ASN D 1207 24.99 70.54 65.92
C ASN D 1207 24.81 70.87 67.39
N PRO D 1208 23.77 71.63 67.77
CA PRO D 1208 23.70 72.13 69.15
C PRO D 1208 23.41 71.08 70.18
N TRP D 1209 22.97 69.88 69.81
CA TRP D 1209 22.95 68.80 70.78
C TRP D 1209 24.14 67.86 70.58
N ALA D 1210 25.22 68.36 69.98
CA ALA D 1210 26.48 67.62 70.02
C ALA D 1210 27.66 68.45 70.47
N SER D 1211 27.67 69.76 70.23
CA SER D 1211 28.85 70.56 70.53
C SER D 1211 28.97 70.86 72.01
N LEU D 1212 27.85 71.08 72.68
CA LEU D 1212 27.82 71.65 74.01
C LEU D 1212 28.31 70.67 75.07
N PRO D 1213 28.92 71.16 76.16
CA PRO D 1213 29.28 70.26 77.25
C PRO D 1213 28.03 69.73 77.94
N GLY D 1214 27.86 68.42 77.91
CA GLY D 1214 26.64 67.85 78.42
C GLY D 1214 25.53 67.70 77.43
N SER D 1215 25.82 67.79 76.14
CA SER D 1215 24.84 67.42 75.14
C SER D 1215 24.72 65.91 75.08
N LEU D 1216 23.82 65.41 74.22
CA LEU D 1216 23.69 63.96 74.11
C LEU D 1216 24.95 63.34 73.54
N GLY D 1217 25.58 64.02 72.59
CA GLY D 1217 26.82 63.50 72.03
C GLY D 1217 27.94 63.48 73.05
N ASP D 1218 28.01 64.51 73.88
CA ASP D 1218 29.06 64.55 74.90
C ASP D 1218 28.81 63.52 75.99
N ILE D 1219 27.55 63.31 76.38
CA ILE D 1219 27.28 62.31 77.41
C ILE D 1219 27.18 60.91 76.84
N LEU D 1220 27.27 60.77 75.54
CA LEU D 1220 27.10 59.48 74.92
C LEU D 1220 28.39 58.91 74.36
N TYR D 1221 29.33 59.76 73.94
CA TYR D 1221 30.51 59.31 73.23
C TYR D 1221 31.83 59.70 73.88
N ASN D 1222 31.85 60.69 74.75
CA ASN D 1222 33.08 61.02 75.46
C ASN D 1222 33.36 59.96 76.51
N THR D 1223 34.59 59.47 76.52
CA THR D 1223 34.94 58.36 77.40
C THR D 1223 35.00 58.75 78.87
N ALA D 1224 35.10 60.06 79.15
CA ALA D 1224 35.06 60.52 80.54
C ALA D 1224 33.70 60.26 81.18
N HIS D 1225 32.63 60.17 80.40
CA HIS D 1225 31.34 59.75 80.90
C HIS D 1225 31.04 58.30 80.58
N ARG D 1226 31.65 57.78 79.52
CA ARG D 1226 31.50 56.38 79.17
C ARG D 1226 32.07 55.46 80.25
N GLU D 1227 33.07 55.93 80.98
CA GLU D 1227 33.58 55.10 82.07
C GLU D 1227 32.65 55.07 83.27
N GLN D 1228 31.79 56.08 83.44
CA GLN D 1228 30.79 56.03 84.50
C GLN D 1228 29.61 55.18 84.08
N LEU D 1229 29.09 55.42 82.88
CA LEU D 1229 27.91 54.71 82.40
C LEU D 1229 28.42 53.50 81.63
N CYS D 1230 28.45 52.33 82.29
CA CYS D 1230 29.35 51.29 81.86
C CYS D 1230 28.84 50.56 80.62
N TYR D 1231 29.75 49.82 79.99
CA TYR D 1231 29.62 49.56 78.57
C TYR D 1231 30.51 48.39 78.19
N ASN D 1232 30.33 47.92 76.96
CA ASN D 1232 31.21 46.93 76.38
C ASN D 1232 32.44 47.62 75.81
N PRO D 1233 33.63 47.39 76.37
CA PRO D 1233 34.84 47.95 75.75
C PRO D 1233 35.19 47.30 74.44
N LYS D 1234 34.59 46.17 74.10
CA LYS D 1234 34.75 45.63 72.76
C LYS D 1234 33.82 46.28 71.74
N THR D 1235 32.84 47.05 72.17
CA THR D 1235 31.98 47.75 71.22
C THR D 1235 32.74 48.93 70.64
N TYR D 1236 32.97 48.89 69.34
CA TYR D 1236 33.74 49.92 68.68
C TYR D 1236 32.84 51.10 68.32
N SER D 1237 33.23 52.28 68.79
CA SER D 1237 32.52 53.51 68.48
C SER D 1237 33.40 54.35 67.57
N PRO D 1238 32.95 54.70 66.36
CA PRO D 1238 33.77 55.54 65.49
C PRO D 1238 33.86 56.96 65.97
N ASN D 1239 32.77 57.51 66.50
CA ASN D 1239 32.68 58.92 66.87
C ASN D 1239 33.50 59.25 68.12
N ALA D 1240 33.99 58.24 68.81
CA ALA D 1240 34.78 58.44 70.03
C ALA D 1240 36.01 59.31 69.75
N GLN D 1241 36.69 59.04 68.64
CA GLN D 1241 37.83 59.83 68.19
C GLN D 1241 37.50 61.30 67.94
N PHE D 1242 36.23 61.63 67.79
CA PHE D 1242 35.81 62.99 67.57
C PHE D 1242 35.32 63.68 68.83
N PHE D 1243 34.76 62.94 69.77
CA PHE D 1243 34.17 63.62 70.92
C PHE D 1243 35.01 63.52 72.19
N THR D 1244 35.99 62.63 72.28
CA THR D 1244 36.74 62.48 73.54
C THR D 1244 37.77 63.60 73.66
N GLU D 1245 37.62 64.43 74.68
CA GLU D 1245 38.47 65.61 74.77
C GLU D 1245 39.75 65.37 75.54
N SER D 1246 39.81 64.31 76.34
CA SER D 1246 41.06 63.96 77.00
C SER D 1246 42.10 63.50 76.00
N ASP D 1247 41.67 63.00 74.85
CA ASP D 1247 42.57 62.64 73.76
C ASP D 1247 42.62 63.70 72.66
N ILE D 1248 42.23 64.94 72.96
CA ILE D 1248 42.54 66.06 72.09
C ILE D 1248 43.23 67.21 72.80
N LEU D 1249 43.07 67.34 74.13
CA LEU D 1249 43.87 68.33 74.83
C LEU D 1249 45.32 67.86 74.96
N LYS D 1250 45.56 66.55 74.88
CA LYS D 1250 46.91 66.05 74.75
C LYS D 1250 47.41 66.10 73.31
N THR D 1251 46.54 66.43 72.36
CA THR D 1251 46.96 66.72 71.01
C THR D 1251 47.28 68.20 70.85
N ASN D 1252 46.78 69.03 71.75
CA ASN D 1252 47.14 70.45 71.78
C ASN D 1252 48.59 70.58 72.25
N LYS D 1253 49.52 70.34 71.34
CA LYS D 1253 50.95 70.49 71.63
C LYS D 1253 51.61 71.18 70.44
N MET D 1254 52.93 71.31 70.50
CA MET D 1254 53.68 71.79 69.35
C MET D 1254 53.63 70.76 68.22
N MET D 1255 53.90 71.24 67.00
CA MET D 1255 53.47 70.49 65.81
C MET D 1255 54.29 69.24 65.60
N TYR D 1256 55.61 69.31 65.83
CA TYR D 1256 56.43 68.12 65.67
C TYR D 1256 56.13 67.09 66.76
N LYS D 1257 55.73 67.54 67.95
CA LYS D 1257 55.28 66.62 68.97
C LYS D 1257 53.97 65.95 68.57
N VAL D 1258 53.09 66.70 67.90
CA VAL D 1258 51.82 66.15 67.41
C VAL D 1258 52.08 65.05 66.40
N ILE D 1259 52.95 65.31 65.43
CA ILE D 1259 53.14 64.29 64.41
C ILE D 1259 54.03 63.15 64.89
N ASN D 1260 54.89 63.36 65.88
CA ASN D 1260 55.58 62.23 66.48
C ASN D 1260 54.62 61.35 67.27
N GLU D 1261 53.67 61.96 67.98
CA GLU D 1261 52.63 61.20 68.63
C GLU D 1261 51.80 60.42 67.63
N TYR D 1262 51.54 61.02 66.46
CA TYR D 1262 50.73 60.36 65.45
C TYR D 1262 51.47 59.19 64.80
N CYS D 1263 52.74 59.37 64.46
CA CYS D 1263 53.47 58.26 63.87
C CYS D 1263 53.88 57.21 64.88
N MET D 1264 53.92 57.56 66.16
CA MET D 1264 54.15 56.55 67.18
C MET D 1264 52.89 55.77 67.49
N LYS D 1265 51.72 56.41 67.42
CA LYS D 1265 50.45 55.70 67.57
C LYS D 1265 50.15 54.96 66.26
N SER D 1266 50.91 53.87 66.06
CA SER D 1266 50.65 52.92 64.99
C SER D 1266 50.92 51.51 65.47
N ASN D 1267 50.68 51.24 66.76
CA ASN D 1267 50.71 49.87 67.26
C ASN D 1267 49.57 49.05 66.66
N SER D 1268 48.49 49.72 66.26
CA SER D 1268 47.38 49.16 65.49
C SER D 1268 46.69 48.00 66.21
N CYS D 1269 46.10 48.36 67.35
CA CYS D 1269 45.29 47.41 68.10
C CYS D 1269 44.04 46.98 67.33
N LEU D 1270 43.58 47.80 66.39
CA LEU D 1270 42.31 47.55 65.71
C LEU D 1270 42.45 46.41 64.71
N ASN D 1271 41.59 45.41 64.83
CA ASN D 1271 41.59 44.29 63.92
C ASN D 1271 40.73 44.60 62.69
N SER D 1272 40.98 43.83 61.64
CA SER D 1272 40.10 43.80 60.49
C SER D 1272 39.67 42.37 60.23
N ASP D 1273 39.41 41.65 61.32
CA ASP D 1273 38.96 40.28 61.30
C ASP D 1273 37.69 40.20 62.15
N SER D 1274 37.08 39.01 62.17
CA SER D 1274 35.96 38.64 63.03
C SER D 1274 34.71 39.47 62.74
N GLU D 1275 34.31 39.47 61.47
CA GLU D 1275 32.97 39.70 60.91
C GLU D 1275 32.29 41.03 61.24
N ILE D 1276 32.87 41.85 62.11
CA ILE D 1276 32.25 43.10 62.53
C ILE D 1276 33.34 43.91 63.22
N GLN D 1277 33.15 45.21 63.31
CA GLN D 1277 34.16 46.07 63.92
C GLN D 1277 34.04 46.00 65.43
N TYR D 1278 34.92 45.25 66.06
CA TYR D 1278 35.15 45.41 67.50
C TYR D 1278 36.37 46.28 67.72
N SER D 1279 36.71 46.51 68.98
CA SER D 1279 37.86 47.31 69.34
C SER D 1279 38.70 46.53 70.35
N CYS D 1280 39.52 45.61 69.87
CA CYS D 1280 40.45 44.94 70.74
C CYS D 1280 41.69 45.81 70.91
N SER D 1281 42.46 45.52 71.96
CA SER D 1281 43.43 46.49 72.48
C SER D 1281 44.76 45.85 72.85
N GLU D 1282 45.34 45.05 71.95
CA GLU D 1282 46.62 44.41 72.24
C GLU D 1282 47.77 44.96 71.41
N GLY D 1283 47.54 45.42 70.19
CA GLY D 1283 48.61 45.89 69.34
C GLY D 1283 49.46 44.79 68.76
N THR D 1284 48.83 43.68 68.35
CA THR D 1284 49.56 42.61 67.71
C THR D 1284 49.78 42.91 66.23
N ASP D 1285 48.78 43.50 65.58
CA ASP D 1285 48.85 43.83 64.16
C ASP D 1285 49.94 44.87 63.92
N SER D 1286 50.45 44.89 62.69
CA SER D 1286 51.60 45.72 62.36
C SER D 1286 51.33 47.22 62.43
N PHE D 1287 50.53 47.75 61.49
CA PHE D 1287 50.45 49.20 61.36
C PHE D 1287 49.12 49.63 60.80
N VAL D 1288 48.55 50.67 61.40
CA VAL D 1288 47.41 51.39 60.87
C VAL D 1288 47.83 52.85 60.84
N SER D 1289 47.22 53.62 59.96
CA SER D 1289 47.44 55.05 59.90
C SER D 1289 46.10 55.73 59.72
N ARG D 1290 45.83 56.76 60.52
CA ARG D 1290 44.48 57.32 60.64
C ARG D 1290 44.47 58.81 60.37
N PRO D 1291 44.28 59.21 59.11
CA PRO D 1291 44.30 60.64 58.80
C PRO D 1291 43.10 61.38 59.34
N CYS D 1292 41.96 60.72 59.46
CA CYS D 1292 40.81 61.40 60.06
C CYS D 1292 41.00 61.60 61.55
N GLN D 1293 41.68 60.66 62.22
CA GLN D 1293 42.12 60.90 63.59
C GLN D 1293 43.03 62.10 63.68
N PHE D 1294 43.99 62.20 62.76
CA PHE D 1294 44.98 63.26 62.85
C PHE D 1294 44.38 64.64 62.52
N LEU D 1295 43.43 64.68 61.59
CA LEU D 1295 42.86 65.94 61.14
C LEU D 1295 41.53 66.28 61.81
N GLN D 1296 40.99 65.36 62.62
CA GLN D 1296 39.83 65.59 63.49
C GLN D 1296 38.56 66.00 62.74
N ASN D 1297 38.36 65.41 61.57
CA ASN D 1297 37.13 65.64 60.83
C ASN D 1297 36.89 64.45 59.91
N ALA D 1298 35.65 64.29 59.51
CA ALA D 1298 35.26 63.17 58.68
C ALA D 1298 35.27 63.59 57.22
N LEU D 1299 34.91 62.66 56.35
CA LEU D 1299 34.74 62.93 54.94
C LEU D 1299 33.30 62.66 54.56
N PRO D 1300 32.72 63.42 53.66
CA PRO D 1300 31.37 63.07 53.21
C PRO D 1300 31.42 62.10 52.05
N LEU D 1301 30.39 61.26 51.97
CA LEU D 1301 30.32 60.29 50.89
C LEU D 1301 29.05 60.51 50.07
N HIS D 1302 28.99 59.78 48.96
CA HIS D 1302 27.99 59.99 47.93
C HIS D 1302 26.64 59.47 48.37
N CYS D 1303 25.88 60.28 49.10
CA CYS D 1303 24.55 59.92 49.53
C CYS D 1303 23.54 60.82 48.84
N SER D 1304 22.28 60.41 48.87
CA SER D 1304 21.23 61.16 48.22
C SER D 1304 19.92 60.82 48.88
N SER D 1305 18.95 61.71 48.72
CA SER D 1305 17.70 61.53 49.43
C SER D 1305 16.82 60.49 48.76
N ASN D 1306 16.89 60.35 47.44
CA ASN D 1306 16.17 59.28 46.80
C ASN D 1306 16.89 58.80 45.54
N GLN D 1307 16.42 57.65 45.09
CA GLN D 1307 16.97 56.97 43.93
C GLN D 1307 16.78 57.78 42.67
N ALA D 1308 15.83 58.71 42.65
CA ALA D 1308 15.70 59.66 41.55
C ALA D 1308 16.97 60.46 41.34
N LEU D 1309 17.53 61.00 42.41
CA LEU D 1309 18.77 61.74 42.24
C LEU D 1309 19.93 60.78 42.02
N LEU D 1310 19.85 59.61 42.65
CA LEU D 1310 20.97 58.69 42.58
C LEU D 1310 21.12 58.09 41.18
N GLU D 1311 20.02 57.99 40.42
CA GLU D 1311 20.11 57.48 39.05
C GLU D 1311 20.70 58.52 38.12
N SER D 1312 20.41 59.80 38.32
CA SER D 1312 21.07 60.83 37.53
C SER D 1312 22.55 60.89 37.83
N ARG D 1313 22.92 60.66 39.08
CA ARG D 1313 24.33 60.57 39.41
C ARG D 1313 24.98 59.37 38.73
N SER D 1314 24.27 58.24 38.67
CA SER D 1314 24.82 57.08 37.99
C SER D 1314 24.86 57.25 36.48
N LYS D 1315 24.00 58.09 35.91
CA LYS D 1315 24.12 58.39 34.49
C LYS D 1315 25.32 59.26 34.20
N THR D 1316 25.36 60.45 34.80
CA THR D 1316 26.41 61.39 34.41
C THR D 1316 27.76 61.10 35.06
N GLY D 1317 27.82 60.17 36.02
CA GLY D 1317 29.07 59.87 36.69
C GLY D 1317 29.58 60.95 37.59
N ASN D 1318 28.78 61.98 37.86
CA ASN D 1318 29.26 63.18 38.53
C ASN D 1318 29.10 63.02 40.04
N THR D 1319 29.99 62.20 40.61
CA THR D 1319 29.98 61.99 42.04
C THR D 1319 30.69 63.08 42.82
N GLN D 1320 31.34 64.01 42.12
CA GLN D 1320 32.09 65.04 42.82
C GLN D 1320 31.23 66.24 43.18
N ILE D 1321 30.25 66.58 42.34
CA ILE D 1321 29.51 67.82 42.48
C ILE D 1321 28.23 67.57 43.26
N SER D 1322 28.05 68.34 44.32
CA SER D 1322 26.85 68.24 45.14
C SER D 1322 25.70 69.02 44.52
N GLU D 1323 24.53 68.39 44.49
CA GLU D 1323 23.38 68.91 43.78
C GLU D 1323 22.14 68.73 44.64
N THR D 1324 21.20 69.66 44.51
CA THR D 1324 20.01 69.68 45.35
C THR D 1324 18.76 69.88 44.52
N HIS D 1325 17.72 69.12 44.84
CA HIS D 1325 16.40 69.31 44.27
C HIS D 1325 15.65 70.20 45.25
N TYR D 1326 14.31 70.20 45.20
CA TYR D 1326 13.50 71.03 46.08
C TYR D 1326 13.74 70.82 47.57
N CYS D 1327 13.40 69.66 48.09
CA CYS D 1327 13.76 69.31 49.46
C CYS D 1327 14.64 68.08 49.51
N ASN D 1328 14.86 67.45 48.37
CA ASN D 1328 15.75 66.31 48.27
C ASN D 1328 17.14 66.81 47.90
N TYR D 1329 18.15 66.17 48.45
CA TYR D 1329 19.51 66.61 48.32
C TYR D 1329 20.43 65.44 48.02
N ALA D 1330 21.51 65.71 47.30
CA ALA D 1330 22.52 64.72 47.04
C ALA D 1330 23.88 65.34 47.32
N ILE D 1331 24.74 64.61 48.02
CA ILE D 1331 26.00 65.14 48.52
C ILE D 1331 27.13 64.58 47.68
N GLY D 1332 27.96 65.47 47.15
CA GLY D 1332 29.06 65.03 46.31
C GLY D 1332 30.15 64.34 47.12
N GLU D 1333 30.63 63.22 46.60
CA GLU D 1333 31.68 62.46 47.28
C GLU D 1333 33.00 63.19 47.14
N THR D 1334 33.84 63.09 48.17
CA THR D 1334 35.09 63.81 48.19
C THR D 1334 36.29 62.99 47.75
N ILE D 1335 36.17 61.66 47.68
CA ILE D 1335 37.22 60.81 47.14
C ILE D 1335 36.58 59.80 46.19
N PRO D 1336 36.91 59.82 44.91
CA PRO D 1336 36.27 58.89 43.97
C PRO D 1336 36.84 57.48 44.06
N LEU D 1337 36.62 56.83 45.20
CA LEU D 1337 37.23 55.55 45.48
C LEU D 1337 36.69 54.42 44.62
N GLN D 1338 35.46 54.57 44.12
CA GLN D 1338 34.98 53.60 43.14
C GLN D 1338 35.77 53.67 41.86
N LEU D 1339 36.09 54.89 41.41
CA LEU D 1339 36.97 55.03 40.25
C LEU D 1339 38.38 54.59 40.56
N ILE D 1340 38.81 54.69 41.81
CA ILE D 1340 40.12 54.18 42.22
C ILE D 1340 40.20 52.66 42.06
N ILE D 1341 39.20 51.96 42.61
CA ILE D 1341 39.16 50.51 42.52
C ILE D 1341 38.95 50.06 41.08
N GLU D 1342 38.19 50.82 40.30
CA GLU D 1342 38.07 50.50 38.88
C GLU D 1342 39.38 50.75 38.13
N SER D 1343 40.20 51.68 38.61
CA SER D 1343 41.48 51.92 37.95
C SER D 1343 42.50 50.86 38.27
N SER D 1344 42.42 50.24 39.45
CA SER D 1344 43.18 49.01 39.68
C SER D 1344 42.27 47.87 40.12
N GLU E 2 27.67 -5.52 -23.56
CA GLU E 2 27.71 -6.07 -24.92
C GLU E 2 28.56 -5.21 -25.82
N ASN E 3 29.54 -5.83 -26.48
CA ASN E 3 30.56 -5.12 -27.24
C ASN E 3 30.66 -5.70 -28.64
N TRP E 4 30.17 -4.96 -29.63
CA TRP E 4 30.23 -5.42 -31.01
C TRP E 4 31.18 -4.62 -31.87
N GLN E 5 31.55 -3.41 -31.45
CA GLN E 5 32.56 -2.69 -32.21
C GLN E 5 33.94 -3.27 -32.00
N ALA E 6 34.12 -4.08 -30.96
CA ALA E 6 35.34 -4.88 -30.83
C ALA E 6 35.49 -5.83 -32.01
N THR E 7 34.40 -6.48 -32.39
CA THR E 7 34.39 -7.30 -33.58
C THR E 7 34.51 -6.45 -34.84
N GLU E 8 33.80 -5.31 -34.85
CA GLU E 8 33.75 -4.46 -36.04
C GLU E 8 35.09 -3.83 -36.38
N ILE E 9 35.96 -3.63 -35.38
CA ILE E 9 37.19 -2.88 -35.57
C ILE E 9 38.43 -3.74 -35.39
N LEU E 10 38.48 -4.53 -34.35
CA LEU E 10 39.71 -5.10 -33.84
C LEU E 10 40.19 -6.28 -34.68
N PRO E 11 41.45 -6.71 -34.53
CA PRO E 11 41.97 -7.83 -35.34
C PRO E 11 41.20 -9.13 -35.18
N LYS E 12 41.13 -9.86 -36.30
CA LYS E 12 40.32 -11.06 -36.43
C LYS E 12 41.14 -12.15 -37.10
N ILE E 13 40.93 -13.38 -36.66
CA ILE E 13 41.64 -14.54 -37.20
C ILE E 13 40.69 -15.28 -38.12
N GLU E 14 41.10 -15.50 -39.36
CA GLU E 14 40.23 -16.22 -40.28
C GLU E 14 40.15 -17.69 -39.92
N ALA E 15 39.07 -18.33 -40.33
CA ALA E 15 38.95 -19.74 -40.03
C ALA E 15 38.20 -20.52 -41.11
N PRO E 16 38.71 -21.68 -41.54
CA PRO E 16 38.07 -22.41 -42.64
C PRO E 16 36.98 -23.38 -42.24
N LEU E 17 35.83 -23.30 -42.92
CA LEU E 17 34.65 -24.17 -42.78
C LEU E 17 34.14 -24.19 -41.34
N ASN E 18 33.66 -23.02 -40.91
CA ASN E 18 33.03 -22.93 -39.61
C ASN E 18 31.66 -23.57 -39.62
N ILE E 19 30.97 -23.45 -40.74
CA ILE E 19 29.54 -23.73 -40.83
C ILE E 19 29.28 -24.60 -42.05
N PHE E 20 28.16 -25.30 -42.02
CA PHE E 20 27.69 -26.05 -43.17
C PHE E 20 26.28 -25.69 -43.56
N ASN E 21 25.39 -25.51 -42.58
CA ASN E 21 23.98 -25.31 -42.86
C ASN E 21 23.59 -23.84 -42.88
N ASP E 22 24.51 -22.98 -43.34
CA ASP E 22 24.17 -21.70 -43.93
C ASP E 22 23.45 -20.76 -42.97
N ILE E 23 24.19 -20.10 -42.07
CA ILE E 23 23.72 -19.38 -40.89
C ILE E 23 22.54 -18.44 -41.06
N LYS E 24 22.15 -18.12 -42.29
CA LYS E 24 20.82 -17.60 -42.55
C LYS E 24 19.74 -18.37 -41.80
N THR E 25 19.75 -19.70 -41.93
CA THR E 25 18.78 -20.54 -41.22
C THR E 25 18.98 -20.48 -39.71
N TYR E 26 20.23 -20.45 -39.25
CA TYR E 26 20.53 -20.46 -37.82
C TYR E 26 20.06 -19.18 -37.16
N THR E 27 20.47 -18.05 -37.71
CA THR E 27 20.07 -16.74 -37.22
C THR E 27 18.57 -16.55 -37.34
N ALA E 28 17.97 -17.06 -38.42
CA ALA E 28 16.54 -16.92 -38.60
C ALA E 28 15.77 -17.75 -37.59
N GLU E 29 16.33 -18.87 -37.13
CA GLU E 29 15.63 -19.71 -36.17
C GLU E 29 16.21 -19.63 -34.78
N GLN E 30 17.00 -18.60 -34.50
CA GLN E 30 17.50 -18.25 -33.15
C GLN E 30 18.30 -19.40 -32.53
N LEU E 31 19.36 -19.77 -33.21
CA LEU E 31 20.23 -20.78 -32.65
C LEU E 31 21.11 -20.20 -31.56
N PHE E 32 21.49 -18.94 -31.68
CA PHE E 32 22.63 -18.43 -30.95
C PHE E 32 22.22 -17.67 -29.70
N ASP E 33 23.22 -17.36 -28.88
CA ASP E 33 22.99 -16.65 -27.63
C ASP E 33 23.20 -15.16 -27.78
N ASN E 34 24.37 -14.70 -28.26
CA ASN E 34 24.44 -13.28 -28.57
C ASN E 34 24.73 -13.07 -30.05
N LEU E 35 23.70 -12.80 -30.84
CA LEU E 35 23.90 -12.49 -32.23
C LEU E 35 23.51 -11.05 -32.50
N ARG E 36 24.01 -10.55 -33.62
CA ARG E 36 23.71 -9.19 -34.05
C ARG E 36 23.92 -9.11 -35.55
N ILE E 37 22.87 -8.74 -36.27
CA ILE E 37 22.92 -8.68 -37.73
C ILE E 37 22.76 -7.23 -38.15
N TYR E 38 23.47 -6.84 -39.20
CA TYR E 38 23.11 -5.61 -39.90
C TYR E 38 23.43 -5.77 -41.37
N PHE E 39 22.59 -5.12 -42.19
CA PHE E 39 22.57 -5.37 -43.63
C PHE E 39 23.39 -4.31 -44.36
N GLY E 40 22.97 -3.05 -44.29
CA GLY E 40 23.80 -1.98 -44.77
C GLY E 40 24.90 -1.69 -43.78
N ASP E 41 25.96 -1.04 -44.26
CA ASP E 41 27.11 -0.76 -43.40
C ASP E 41 26.71 0.25 -42.34
N ASP E 42 26.48 -0.24 -41.14
CA ASP E 42 26.05 0.61 -40.05
C ASP E 42 27.18 1.50 -39.56
N PRO E 43 26.92 2.78 -39.32
CA PRO E 43 28.00 3.70 -38.95
C PRO E 43 28.41 3.63 -37.50
N SER E 44 27.66 2.94 -36.64
CA SER E 44 27.91 3.00 -35.20
C SER E 44 29.08 2.15 -34.76
N ARG E 45 29.95 1.72 -35.65
CA ARG E 45 31.28 1.30 -35.24
C ARG E 45 32.21 2.49 -35.14
N TYR E 46 31.91 3.58 -35.83
CA TYR E 46 32.83 4.69 -35.88
C TYR E 46 32.62 5.72 -34.77
N ASN E 47 31.57 5.58 -33.97
CA ASN E 47 31.34 6.53 -32.88
C ASN E 47 32.04 6.06 -31.61
N ILE E 48 33.36 6.10 -31.65
CA ILE E 48 34.17 5.71 -30.51
C ILE E 48 34.17 6.82 -29.48
N SER E 49 33.68 6.51 -28.29
CA SER E 49 33.79 7.37 -27.13
C SER E 49 34.65 6.68 -26.11
N PHE E 50 35.06 7.44 -25.09
CA PHE E 50 35.82 6.85 -24.01
C PHE E 50 35.59 7.63 -22.73
N GLU E 51 35.62 6.91 -21.62
CA GLU E 51 35.44 7.47 -20.30
C GLU E 51 36.83 7.60 -19.68
N ALA E 52 37.37 8.81 -19.68
CA ALA E 52 38.78 9.02 -19.38
C ALA E 52 39.00 9.00 -17.88
N LEU E 53 39.83 8.05 -17.44
CA LEU E 53 40.19 7.87 -16.04
C LEU E 53 41.56 8.50 -15.89
N LEU E 54 41.60 9.71 -15.36
CA LEU E 54 42.84 10.45 -15.24
C LEU E 54 43.62 9.98 -14.01
N GLY E 55 44.56 10.80 -13.55
CA GLY E 55 45.47 10.36 -12.51
C GLY E 55 44.78 10.14 -11.17
N ILE E 56 45.22 9.11 -10.45
CA ILE E 56 44.66 8.72 -9.18
C ILE E 56 45.54 9.28 -8.08
N TYR E 57 44.97 10.11 -7.23
CA TYR E 57 45.75 10.80 -6.21
C TYR E 57 45.34 10.30 -4.84
N CYS E 58 46.26 10.38 -3.87
CA CYS E 58 45.99 9.85 -2.55
C CYS E 58 46.30 10.90 -1.50
N ASN E 59 46.04 10.54 -0.26
CA ASN E 59 46.24 11.44 0.88
C ASN E 59 47.65 11.29 1.43
N LYS E 60 48.11 12.34 2.12
CA LYS E 60 49.33 12.30 2.93
C LYS E 60 48.95 12.33 4.41
N ILE E 61 49.23 11.26 5.12
CA ILE E 61 49.14 11.28 6.57
C ILE E 61 50.41 11.94 7.08
N GLU E 62 50.30 13.16 7.59
CA GLU E 62 51.46 13.78 8.21
C GLU E 62 51.70 13.15 9.57
N TRP E 63 52.96 12.95 9.90
CA TRP E 63 53.27 12.19 11.10
C TRP E 63 53.52 13.11 12.27
N ILE E 64 53.24 12.60 13.46
CA ILE E 64 53.37 13.36 14.69
C ILE E 64 54.28 12.61 15.64
N ASN E 65 55.32 13.28 16.12
CA ASN E 65 56.11 12.81 17.24
C ASN E 65 55.69 13.61 18.47
N PHE E 66 55.69 12.96 19.63
CA PHE E 66 55.29 13.64 20.85
C PHE E 66 56.24 14.76 21.19
N PHE E 67 57.54 14.52 21.05
CA PHE E 67 58.52 15.49 21.51
C PHE E 67 58.61 16.67 20.56
N THR E 68 58.24 16.45 19.30
CA THR E 68 58.21 17.54 18.33
C THR E 68 57.13 18.56 18.68
N THR E 69 56.00 18.09 19.18
CA THR E 69 54.95 19.01 19.60
C THR E 69 55.35 19.73 20.89
N PRO E 70 54.99 20.99 21.05
CA PRO E 70 55.46 21.76 22.21
C PRO E 70 54.66 21.58 23.48
N ILE E 71 53.85 20.53 23.57
CA ILE E 71 53.29 20.14 24.86
C ILE E 71 54.30 19.34 25.67
N ALA E 72 55.30 18.79 25.01
CA ALA E 72 56.27 17.95 25.69
C ALA E 72 57.23 18.74 26.56
N VAL E 73 57.19 20.07 26.52
CA VAL E 73 57.94 20.84 27.49
C VAL E 73 57.22 20.83 28.85
N ALA E 74 55.90 20.71 28.85
CA ALA E 74 55.23 20.47 30.12
C ALA E 74 55.31 19.02 30.49
N ALA E 75 55.41 18.15 29.51
CA ALA E 75 55.51 16.73 29.84
C ALA E 75 56.92 16.36 30.30
N ASN E 76 57.05 15.14 30.82
CA ASN E 76 58.35 14.58 31.17
C ASN E 76 58.18 13.06 31.17
N VAL E 77 58.62 12.40 30.10
CA VAL E 77 58.04 11.14 29.68
C VAL E 77 59.04 10.00 29.83
N ILE E 78 58.62 8.97 30.56
CA ILE E 78 59.48 7.92 31.08
C ILE E 78 58.89 6.58 30.70
N ARG E 79 59.69 5.72 30.07
CA ARG E 79 59.31 4.33 29.95
C ARG E 79 59.54 3.61 31.27
N PHE E 80 58.48 2.98 31.75
CA PHE E 80 58.50 2.05 32.86
C PHE E 80 57.75 0.84 32.33
N ASN E 81 58.42 -0.30 32.24
CA ASN E 81 57.87 -1.40 31.47
C ASN E 81 56.72 -2.08 32.20
N ASP E 82 56.65 -1.95 33.51
CA ASP E 82 55.67 -2.71 34.27
C ASP E 82 54.60 -1.85 34.92
N VAL E 83 54.28 -0.70 34.33
CA VAL E 83 53.32 0.20 34.98
C VAL E 83 51.91 -0.37 34.85
N SER E 84 51.72 -1.26 33.89
CA SER E 84 50.61 -2.22 33.84
C SER E 84 50.37 -2.89 35.18
N ARG E 85 51.46 -3.33 35.82
CA ARG E 85 51.35 -3.98 37.11
C ARG E 85 51.23 -3.01 38.26
N MET E 86 51.49 -1.73 38.04
CA MET E 86 51.47 -0.77 39.13
C MET E 86 50.05 -0.42 39.53
N THR E 87 49.75 -0.55 40.82
CA THR E 87 48.49 -0.06 41.34
C THR E 87 48.55 1.44 41.56
N LEU E 88 49.46 1.88 42.41
CA LEU E 88 49.64 3.30 42.72
C LEU E 88 51.09 3.68 42.58
N GLY E 89 51.31 4.95 42.28
CA GLY E 89 52.59 5.59 42.50
C GLY E 89 52.33 6.78 43.39
N LYS E 90 53.27 7.06 44.28
CA LYS E 90 53.11 8.24 45.11
C LYS E 90 54.44 8.93 45.36
N VAL E 91 54.42 10.25 45.33
CA VAL E 91 55.58 11.02 45.77
C VAL E 91 55.26 11.62 47.12
N LEU E 92 56.31 11.83 47.91
CA LEU E 92 56.13 12.25 49.30
C LEU E 92 56.99 13.49 49.53
N PHE E 93 56.39 14.54 50.06
CA PHE E 93 57.02 15.83 50.18
C PHE E 93 57.15 16.21 51.64
N PHE E 94 58.29 16.80 51.98
CA PHE E 94 58.69 17.09 53.36
C PHE E 94 59.14 18.54 53.40
N ILE E 95 58.23 19.45 53.72
CA ILE E 95 58.57 20.86 53.73
C ILE E 95 58.72 21.28 55.17
N GLN E 96 59.66 22.20 55.44
CA GLN E 96 59.71 22.85 56.73
C GLN E 96 59.78 24.35 56.55
N LEU E 97 59.08 25.07 57.41
CA LEU E 97 59.03 26.48 57.04
C LEU E 97 59.91 27.32 57.93
N PRO E 98 60.62 28.30 57.36
CA PRO E 98 61.49 29.16 58.16
C PRO E 98 60.69 30.20 58.91
N ARG E 99 61.08 30.42 60.16
CA ARG E 99 60.39 31.32 61.06
C ARG E 99 61.04 32.69 60.98
N VAL E 100 60.48 33.64 61.71
CA VAL E 100 61.07 34.95 61.89
C VAL E 100 61.10 35.25 63.38
N ALA E 101 62.18 35.85 63.85
CA ALA E 101 62.27 36.20 65.26
C ALA E 101 61.26 37.28 65.58
N THR E 102 60.67 37.17 66.76
CA THR E 102 59.58 38.06 67.13
C THR E 102 60.07 39.09 68.13
N GLY E 103 59.43 40.24 68.07
CA GLY E 103 59.76 41.33 68.96
C GLY E 103 59.09 41.18 70.31
N ASN E 104 58.87 42.33 70.93
CA ASN E 104 58.29 42.40 72.25
C ASN E 104 56.81 42.00 72.22
N ASP E 105 56.39 41.31 73.28
CA ASP E 105 54.98 40.96 73.55
C ASP E 105 54.36 40.03 72.51
N VAL E 106 55.14 39.24 71.80
CA VAL E 106 54.60 38.33 70.79
C VAL E 106 55.15 36.93 71.03
N THR E 107 54.26 35.94 71.06
CA THR E 107 54.68 34.54 71.11
C THR E 107 55.43 34.18 69.83
N ALA E 108 56.64 33.66 70.00
CA ALA E 108 57.37 33.15 68.85
C ALA E 108 56.71 31.86 68.38
N PRO E 109 56.44 31.71 67.09
CA PRO E 109 55.78 30.50 66.61
C PRO E 109 56.72 29.31 66.61
N LYS E 110 56.15 28.13 66.38
CA LYS E 110 56.88 26.89 66.51
C LYS E 110 57.35 26.39 65.14
N GLU E 111 58.26 25.43 65.18
CA GLU E 111 58.92 24.90 63.98
C GLU E 111 57.93 24.06 63.19
N THR E 112 57.32 24.65 62.18
CA THR E 112 56.27 23.97 61.44
C THR E 112 56.87 23.03 60.41
N THR E 113 56.52 21.76 60.51
CA THR E 113 56.95 20.71 59.60
C THR E 113 55.73 20.10 58.94
N ILE E 114 55.72 20.05 57.62
CA ILE E 114 54.53 19.72 56.85
C ILE E 114 54.89 18.61 55.88
N MET E 115 54.18 17.50 55.95
CA MET E 115 54.44 16.34 55.11
C MET E 115 53.20 16.04 54.29
N VAL E 116 53.33 16.02 52.97
CA VAL E 116 52.19 15.71 52.11
C VAL E 116 52.57 14.58 51.17
N ALA E 117 51.59 14.10 50.42
CA ALA E 117 51.79 12.96 49.54
C ALA E 117 50.88 13.10 48.33
N LYS E 118 51.46 13.03 47.14
CA LYS E 118 50.70 13.15 45.90
C LYS E 118 50.61 11.79 45.23
N HIS E 119 49.41 11.37 44.89
CA HIS E 119 49.22 10.08 44.24
C HIS E 119 49.33 10.21 42.73
N SER E 120 49.31 9.07 42.07
CA SER E 120 49.43 8.99 40.62
C SER E 120 48.09 8.60 40.02
N GLU E 121 47.62 9.40 39.08
CA GLU E 121 46.48 9.00 38.28
C GLU E 121 46.94 7.97 37.27
N LYS E 122 46.07 7.02 36.92
CA LYS E 122 46.41 6.04 35.91
C LYS E 122 45.35 6.03 34.82
N HIS E 123 45.80 5.89 33.58
CA HIS E 123 44.93 6.19 32.45
C HIS E 123 45.40 5.39 31.25
N PRO E 124 44.62 4.45 30.76
CA PRO E 124 45.05 3.69 29.59
C PRO E 124 44.52 4.30 28.31
N ILE E 125 45.11 3.97 27.16
CA ILE E 125 44.56 4.31 25.86
C ILE E 125 44.70 3.11 24.95
N ASN E 126 43.87 3.07 23.91
CA ASN E 126 43.89 1.93 23.00
C ASN E 126 43.31 2.31 21.65
N ILE E 127 43.72 1.55 20.64
CA ILE E 127 43.31 1.72 19.26
C ILE E 127 43.04 0.36 18.65
N SER E 128 41.88 0.18 18.08
CA SER E 128 41.58 -1.04 17.36
C SER E 128 41.59 -0.77 15.87
N PHE E 129 42.01 -1.76 15.11
CA PHE E 129 41.77 -1.75 13.68
C PHE E 129 41.57 -3.21 13.28
N ASP E 130 40.71 -3.42 12.30
CA ASP E 130 40.36 -4.79 11.94
C ASP E 130 40.77 -5.09 10.50
N LEU E 131 41.07 -6.35 10.25
CA LEU E 131 41.35 -6.85 8.91
C LEU E 131 40.25 -7.81 8.49
N SER E 132 39.89 -7.77 7.23
CA SER E 132 38.88 -8.69 6.75
C SER E 132 39.46 -10.08 6.57
N ALA E 133 38.57 -11.07 6.48
CA ALA E 133 39.04 -12.44 6.34
C ALA E 133 39.63 -12.69 4.98
N ALA E 134 39.14 -12.01 3.94
CA ALA E 134 39.74 -12.11 2.63
C ALA E 134 41.13 -11.49 2.62
N CYS E 135 41.31 -10.40 3.37
CA CYS E 135 42.62 -9.81 3.51
C CYS E 135 43.56 -10.73 4.26
N LEU E 136 43.05 -11.44 5.26
CA LEU E 136 43.86 -12.38 6.01
C LEU E 136 44.23 -13.59 5.17
N GLU E 137 43.34 -14.01 4.28
CA GLU E 137 43.66 -15.12 3.39
C GLU E 137 44.73 -14.72 2.37
N HIS E 138 44.54 -13.60 1.70
CA HIS E 138 45.52 -13.21 0.70
C HIS E 138 46.79 -12.64 1.29
N LEU E 139 46.81 -12.37 2.59
CA LEU E 139 48.02 -11.86 3.21
C LEU E 139 49.04 -12.97 3.39
N GLU E 140 48.58 -14.19 3.65
CA GLU E 140 49.47 -15.23 4.13
C GLU E 140 49.94 -16.20 3.07
N ASN E 141 49.25 -16.31 1.94
CA ASN E 141 49.74 -17.19 0.90
C ASN E 141 49.41 -16.66 -0.49
N THR E 142 50.25 -17.04 -1.45
CA THR E 142 49.86 -17.05 -2.85
C THR E 142 49.36 -18.46 -3.17
N PHE E 143 48.10 -18.56 -3.58
CA PHE E 143 47.53 -19.88 -3.83
C PHE E 143 48.20 -20.53 -5.03
N LYS E 144 48.01 -19.94 -6.19
CA LYS E 144 48.86 -20.19 -7.34
C LYS E 144 49.71 -18.95 -7.53
N ASN E 145 50.79 -19.10 -8.27
CA ASN E 145 51.65 -17.94 -8.49
C ASN E 145 51.20 -17.25 -9.76
N THR E 146 50.04 -16.63 -9.69
CA THR E 146 49.48 -15.89 -10.81
C THR E 146 49.58 -14.40 -10.56
N VAL E 147 49.32 -13.64 -11.61
CA VAL E 147 49.60 -12.22 -11.59
C VAL E 147 48.61 -11.51 -10.69
N ILE E 148 47.33 -11.82 -10.83
CA ILE E 148 46.27 -11.27 -9.99
C ILE E 148 46.52 -11.60 -8.53
N ASP E 149 46.95 -12.84 -8.25
CA ASP E 149 47.20 -13.23 -6.87
C ASP E 149 48.39 -12.48 -6.29
N GLN E 150 49.40 -12.19 -7.11
CA GLN E 150 50.52 -11.39 -6.62
C GLN E 150 50.09 -9.95 -6.33
N ILE E 151 49.22 -9.40 -7.19
CA ILE E 151 48.68 -8.05 -6.95
C ILE E 151 47.95 -7.99 -5.63
N LEU E 152 47.11 -8.99 -5.36
CA LEU E 152 46.36 -8.99 -4.10
C LEU E 152 47.25 -9.25 -2.90
N ASN E 153 48.33 -10.00 -3.07
CA ASN E 153 49.25 -10.21 -1.97
C ASN E 153 49.94 -8.91 -1.60
N ILE E 154 50.33 -8.12 -2.59
CA ILE E 154 51.00 -6.86 -2.28
C ILE E 154 50.00 -5.85 -1.73
N ASN E 155 48.74 -5.91 -2.16
CA ASN E 155 47.73 -5.02 -1.59
C ASN E 155 47.41 -5.36 -0.15
N ALA E 156 47.36 -6.65 0.17
CA ALA E 156 47.16 -7.05 1.55
C ALA E 156 48.34 -6.63 2.42
N LEU E 157 49.55 -6.73 1.88
CA LEU E 157 50.72 -6.34 2.65
C LEU E 157 50.76 -4.85 2.90
N HIS E 158 50.44 -4.06 1.88
CA HIS E 158 50.37 -2.61 2.07
C HIS E 158 49.21 -2.21 2.96
N THR E 159 48.12 -2.97 2.96
CA THR E 159 47.03 -2.72 3.89
C THR E 159 47.49 -2.90 5.32
N VAL E 160 48.20 -3.99 5.59
CA VAL E 160 48.67 -4.28 6.94
C VAL E 160 49.67 -3.23 7.40
N LEU E 161 50.61 -2.87 6.52
CA LEU E 161 51.64 -1.89 6.87
C LEU E 161 51.06 -0.51 7.13
N ARG E 162 50.16 -0.06 6.25
CA ARG E 162 49.58 1.26 6.39
C ARG E 162 48.69 1.35 7.62
N SER E 163 47.98 0.27 7.95
CA SER E 163 47.19 0.27 9.16
C SER E 163 48.06 0.28 10.42
N LEU E 164 49.22 -0.39 10.37
CA LEU E 164 50.13 -0.34 11.52
C LEU E 164 50.68 1.05 11.73
N LYS E 165 51.04 1.74 10.66
CA LYS E 165 51.58 3.09 10.81
C LYS E 165 50.50 4.05 11.28
N ASN E 166 49.28 3.91 10.77
CA ASN E 166 48.18 4.75 11.20
C ASN E 166 47.84 4.52 12.67
N SER E 167 47.92 3.27 13.13
CA SER E 167 47.65 3.00 14.53
C SER E 167 48.75 3.53 15.43
N ALA E 168 50.01 3.49 14.98
CA ALA E 168 51.08 4.04 15.80
C ALA E 168 50.97 5.56 15.92
N ASP E 169 50.65 6.23 14.82
CA ASP E 169 50.32 7.65 14.86
C ASP E 169 49.16 7.92 15.79
N SER E 170 48.17 7.03 15.80
CA SER E 170 47.01 7.24 16.66
C SER E 170 47.37 7.06 18.13
N LEU E 171 48.33 6.20 18.44
CA LEU E 171 48.78 6.11 19.82
C LEU E 171 49.54 7.36 20.25
N GLU E 172 50.32 7.94 19.33
CA GLU E 172 51.00 9.20 19.65
C GLU E 172 50.01 10.32 19.91
N ARG E 173 49.00 10.44 19.06
CA ARG E 173 48.01 11.47 19.26
C ARG E 173 47.11 11.18 20.45
N GLY E 174 46.96 9.91 20.83
CA GLY E 174 46.22 9.61 22.03
C GLY E 174 46.97 10.04 23.27
N LEU E 175 48.30 9.89 23.25
CA LEU E 175 49.13 10.44 24.32
C LEU E 175 48.99 11.95 24.42
N ILE E 176 49.00 12.63 23.27
CA ILE E 176 48.74 14.08 23.21
C ILE E 176 47.43 14.44 23.87
N HIS E 177 46.36 13.76 23.45
CA HIS E 177 45.03 14.16 23.89
C HIS E 177 44.79 13.81 25.35
N ALA E 178 45.31 12.67 25.81
CA ALA E 178 45.13 12.31 27.21
C ALA E 178 45.90 13.23 28.12
N PHE E 179 47.09 13.68 27.68
CA PHE E 179 47.84 14.61 28.51
C PHE E 179 47.17 15.96 28.56
N MET E 180 46.57 16.39 27.44
CA MET E 180 45.86 17.66 27.44
C MET E 180 44.61 17.58 28.29
N GLN E 181 43.96 16.42 28.28
CA GLN E 181 42.81 16.13 29.13
C GLN E 181 43.16 16.30 30.60
N THR E 182 44.29 15.73 31.00
CA THR E 182 44.68 15.80 32.41
C THR E 182 45.12 17.20 32.82
N LEU E 183 45.80 17.93 31.93
CA LEU E 183 46.15 19.31 32.28
C LEU E 183 44.91 20.19 32.41
N LEU E 184 43.90 19.94 31.59
CA LEU E 184 42.67 20.72 31.71
C LEU E 184 41.89 20.33 32.95
N ARG E 185 41.96 19.08 33.39
CA ARG E 185 41.28 18.74 34.63
C ARG E 185 42.04 19.28 35.84
N LYS E 186 43.35 19.42 35.74
CA LYS E 186 44.11 20.00 36.85
C LYS E 186 43.90 21.50 36.92
N SER E 187 43.90 22.18 35.79
CA SER E 187 44.10 23.63 35.74
C SER E 187 42.90 24.40 36.25
N PRO E 188 43.02 25.17 37.32
CA PRO E 188 41.96 26.06 37.70
C PRO E 188 42.05 27.34 36.88
N PRO E 189 40.94 28.03 36.66
CA PRO E 189 40.95 29.20 35.79
C PRO E 189 41.53 30.43 36.47
N GLN E 190 41.69 31.47 35.65
CA GLN E 190 42.63 32.53 35.97
C GLN E 190 42.11 33.45 37.05
N PHE E 191 40.80 33.71 37.10
CA PHE E 191 40.31 34.60 38.15
C PHE E 191 40.41 33.94 39.52
N ILE E 192 40.17 32.64 39.58
CA ILE E 192 40.37 31.90 40.82
C ILE E 192 41.83 31.90 41.23
N VAL E 193 42.74 31.67 40.26
CA VAL E 193 44.16 31.59 40.58
C VAL E 193 44.69 32.92 41.08
N LEU E 194 44.30 34.02 40.42
CA LEU E 194 44.74 35.33 40.85
C LEU E 194 44.19 35.68 42.23
N THR E 195 42.94 35.30 42.51
CA THR E 195 42.38 35.65 43.81
C THR E 195 43.03 34.85 44.93
N MET E 196 43.36 33.58 44.66
CA MET E 196 44.08 32.79 45.66
C MET E 196 45.47 33.34 45.90
N ASN E 197 46.15 33.81 44.86
CA ASN E 197 47.47 34.38 45.09
C ASN E 197 47.40 35.74 45.76
N GLU E 198 46.28 36.43 45.64
CA GLU E 198 46.09 37.65 46.43
C GLU E 198 45.97 37.32 47.91
N ASN E 199 45.10 36.38 48.25
CA ASN E 199 44.85 36.19 49.68
C ASN E 199 45.92 35.32 50.33
N LYS E 200 46.06 35.47 51.64
CA LYS E 200 47.18 34.88 52.38
C LYS E 200 46.82 34.79 53.85
N VAL E 201 46.89 33.58 54.42
CA VAL E 201 46.51 33.39 55.81
C VAL E 201 47.59 33.91 56.74
N HIS E 202 47.21 34.11 58.00
CA HIS E 202 48.08 34.68 59.01
C HIS E 202 47.97 33.87 60.29
N ASN E 203 49.01 33.98 61.12
CA ASN E 203 48.96 33.73 62.56
C ASN E 203 48.63 32.29 62.92
N LYS E 204 48.76 31.36 61.96
CA LYS E 204 48.52 29.92 62.11
C LYS E 204 47.09 29.61 62.56
N GLN E 205 46.14 29.94 61.69
CA GLN E 205 44.80 29.40 61.77
C GLN E 205 44.28 29.22 60.35
N ALA E 206 43.00 28.92 60.21
CA ALA E 206 42.41 28.88 58.89
C ALA E 206 42.24 30.28 58.32
N LEU E 207 41.83 30.34 57.06
CA LEU E 207 41.58 31.61 56.41
C LEU E 207 40.33 32.27 56.99
N SER E 208 40.37 33.58 57.16
CA SER E 208 39.38 34.28 57.95
C SER E 208 38.13 34.61 57.14
N ARG E 209 37.08 35.00 57.86
CA ARG E 209 35.79 35.19 57.22
C ARG E 209 35.74 36.48 56.41
N VAL E 210 36.36 37.54 56.91
CA VAL E 210 36.41 38.79 56.15
C VAL E 210 37.31 38.62 54.94
N GLN E 211 38.39 37.86 55.11
CA GLN E 211 39.26 37.44 54.01
C GLN E 211 38.48 36.77 52.89
N ARG E 212 37.67 35.77 53.24
CA ARG E 212 36.99 35.06 52.18
C ARG E 212 35.78 35.79 51.63
N SER E 213 35.16 36.69 52.39
CA SER E 213 34.12 37.53 51.81
C SER E 213 34.69 38.47 50.76
N ASN E 214 35.81 39.13 51.08
CA ASN E 214 36.48 39.97 50.09
C ASN E 214 36.98 39.14 48.92
N MET E 215 37.37 37.89 49.19
CA MET E 215 37.81 36.98 48.15
C MET E 215 36.67 36.65 47.20
N PHE E 216 35.46 36.51 47.72
CA PHE E 216 34.29 36.29 46.88
C PHE E 216 33.99 37.49 45.99
N GLN E 217 33.99 38.68 46.58
CA GLN E 217 33.66 39.85 45.79
C GLN E 217 34.75 40.14 44.76
N SER E 218 36.00 39.82 45.09
CA SER E 218 37.06 39.90 44.11
C SER E 218 36.89 38.89 42.99
N LEU E 219 36.35 37.70 43.29
CA LEU E 219 36.05 36.75 42.22
C LEU E 219 35.01 37.31 41.25
N LYS E 220 33.97 37.95 41.78
CA LYS E 220 32.97 38.59 40.91
C LYS E 220 33.62 39.62 40.00
N ASN E 221 34.47 40.47 40.57
CA ASN E 221 35.00 41.58 39.78
C ASN E 221 36.02 41.10 38.75
N ARG E 222 36.89 40.15 39.12
CA ARG E 222 37.83 39.58 38.15
C ARG E 222 37.08 38.88 37.02
N LEU E 223 36.02 38.15 37.35
CA LEU E 223 35.24 37.45 36.34
C LEU E 223 34.58 38.41 35.37
N LEU E 224 33.87 39.40 35.90
CA LEU E 224 33.11 40.27 35.02
C LEU E 224 34.00 41.24 34.25
N THR E 225 35.18 41.58 34.76
CA THR E 225 36.02 42.44 33.94
C THR E 225 36.81 41.66 32.90
N SER E 226 37.34 40.49 33.26
CA SER E 226 38.26 39.79 32.37
C SER E 226 37.69 38.47 31.87
N LEU E 227 36.41 38.45 31.49
CA LEU E 227 35.86 37.19 30.98
C LEU E 227 36.32 36.96 29.54
N PHE E 228 35.89 37.80 28.63
CA PHE E 228 36.24 37.67 27.22
C PHE E 228 37.34 38.66 26.95
N PHE E 229 38.54 38.13 26.75
CA PHE E 229 39.77 38.84 27.00
C PHE E 229 40.44 39.35 25.73
N LEU E 230 40.66 38.48 24.74
CA LEU E 230 41.12 38.96 23.44
C LEU E 230 40.07 39.82 22.75
N ASN E 231 38.80 39.53 22.99
CA ASN E 231 37.77 40.04 22.11
C ASN E 231 37.38 41.46 22.46
N ARG E 232 37.61 41.87 23.71
CA ARG E 232 37.07 43.11 24.24
C ARG E 232 38.05 44.27 24.06
N ASN E 233 39.25 44.15 24.64
CA ASN E 233 40.29 45.15 24.48
C ASN E 233 41.12 44.86 23.23
N ASN E 234 42.06 45.75 22.98
CA ASN E 234 43.03 45.52 21.91
C ASN E 234 44.44 45.99 22.26
N ASN E 235 44.68 46.46 23.48
CA ASN E 235 45.95 47.06 23.83
C ASN E 235 47.02 45.99 23.98
N SER E 236 48.11 46.17 23.23
CA SER E 236 49.22 45.23 23.29
C SER E 236 49.85 45.19 24.67
N SER E 237 50.00 46.35 25.30
CA SER E 237 50.56 46.41 26.64
C SER E 237 49.66 45.73 27.65
N TYR E 238 48.34 45.90 27.51
CA TYR E 238 47.41 45.29 28.44
C TYR E 238 47.41 43.77 28.32
N ILE E 239 47.35 43.26 27.10
CA ILE E 239 47.30 41.82 26.91
C ILE E 239 48.63 41.18 27.29
N TYR E 240 49.74 41.87 27.00
CA TYR E 240 51.04 41.43 27.48
C TYR E 240 51.10 41.39 29.00
N ARG E 241 50.45 42.37 29.65
CA ARG E 241 50.43 42.40 31.11
C ARG E 241 49.65 41.24 31.68
N ILE E 242 48.54 40.87 31.04
CA ILE E 242 47.71 39.78 31.54
C ILE E 242 48.42 38.43 31.38
N LEU E 243 49.07 38.22 30.24
CA LEU E 243 49.83 36.99 30.06
C LEU E 243 51.01 36.91 31.02
N ASN E 244 51.64 38.06 31.31
CA ASN E 244 52.67 38.09 32.33
C ASN E 244 52.12 37.75 33.70
N ASP E 245 50.87 38.14 33.97
CA ASP E 245 50.25 37.77 35.23
C ASP E 245 49.98 36.28 35.32
N MET E 246 49.64 35.62 34.20
CA MET E 246 49.54 34.16 34.20
C MET E 246 50.86 33.52 34.56
N MET E 247 51.93 33.92 33.87
CA MET E 247 53.22 33.30 34.08
C MET E 247 53.80 33.59 35.46
N GLU E 248 53.36 34.67 36.11
CA GLU E 248 53.74 34.83 37.50
C GLU E 248 52.87 34.00 38.43
N SER E 249 51.59 33.85 38.10
CA SER E 249 50.68 33.16 39.02
C SER E 249 50.90 31.66 39.05
N VAL E 250 51.49 31.10 38.01
CA VAL E 250 51.76 29.66 38.01
C VAL E 250 52.99 29.35 38.85
N THR E 251 52.88 28.38 39.74
CA THR E 251 54.01 27.90 40.52
C THR E 251 54.85 26.92 39.71
N GLU E 252 56.14 26.89 40.03
CA GLU E 252 57.14 26.09 39.34
C GLU E 252 57.09 24.64 39.85
N SER E 253 57.58 23.71 39.03
CA SER E 253 57.64 22.30 39.38
C SER E 253 58.86 22.02 40.23
N ILE E 254 59.13 20.74 40.51
CA ILE E 254 60.19 20.43 41.46
C ILE E 254 61.51 20.15 40.79
N LEU E 255 61.52 19.44 39.67
CA LEU E 255 62.77 18.96 39.12
C LEU E 255 63.40 20.02 38.22
N ASN E 256 64.68 20.27 38.41
CA ASN E 256 65.41 21.26 37.65
C ASN E 256 66.43 20.48 36.83
N ASP E 257 66.00 20.04 35.66
CA ASP E 257 66.88 19.32 34.76
C ASP E 257 67.56 20.33 33.85
N THR E 258 68.87 20.19 33.71
CA THR E 258 69.68 21.26 33.12
C THR E 258 69.44 21.38 31.63
N ASN E 259 69.21 20.28 30.94
CA ASN E 259 69.20 20.31 29.48
C ASN E 259 67.84 20.01 28.86
N ASN E 260 66.80 19.79 29.66
CA ASN E 260 65.47 19.62 29.08
C ASN E 260 64.92 20.97 28.70
N TYR E 261 64.72 21.16 27.39
CA TYR E 261 64.12 22.36 26.80
C TYR E 261 64.88 23.61 27.20
N THR E 262 66.19 23.54 27.06
CA THR E 262 67.06 24.60 27.50
C THR E 262 67.68 25.25 26.28
N SER E 263 67.63 26.57 26.22
CA SER E 263 68.03 27.31 25.03
C SER E 263 69.54 27.45 25.00
N LYS E 264 70.01 28.40 24.20
CA LYS E 264 71.42 28.74 24.14
C LYS E 264 71.87 29.32 25.48
N GLU E 265 73.13 29.05 25.81
CA GLU E 265 73.81 29.54 27.02
C GLU E 265 73.13 29.07 28.31
N ASN E 266 72.48 27.90 28.23
CA ASN E 266 71.83 27.22 29.34
C ASN E 266 70.75 28.04 30.03
N ILE E 267 70.06 28.91 29.29
CA ILE E 267 68.86 29.55 29.82
C ILE E 267 67.68 28.64 29.55
N PRO E 268 67.02 28.13 30.59
CA PRO E 268 65.92 27.17 30.38
C PRO E 268 64.64 27.87 29.98
N LEU E 269 64.03 27.37 28.92
CA LEU E 269 62.70 27.79 28.53
C LEU E 269 61.70 27.38 29.60
N ASP E 270 60.68 28.21 29.81
CA ASP E 270 59.86 28.12 31.01
C ASP E 270 58.38 27.97 30.65
N GLY E 271 57.93 26.75 30.49
CA GLY E 271 56.51 26.51 30.28
C GLY E 271 56.07 26.78 28.86
N VAL E 272 54.78 26.55 28.64
CA VAL E 272 54.21 26.71 27.31
C VAL E 272 52.84 27.37 27.41
N LEU E 273 52.65 28.40 26.61
CA LEU E 273 51.34 28.96 26.33
C LEU E 273 50.87 28.29 25.05
N LEU E 274 49.81 27.50 25.17
CA LEU E 274 49.25 26.87 24.00
C LEU E 274 47.76 27.13 23.98
N GLY E 275 47.27 27.45 22.80
CA GLY E 275 45.87 27.71 22.63
C GLY E 275 45.37 27.08 21.35
N PRO E 276 44.25 27.54 20.84
CA PRO E 276 43.88 27.17 19.48
C PRO E 276 44.28 28.23 18.47
N ILE E 277 44.14 27.89 17.20
CA ILE E 277 44.72 28.71 16.15
C ILE E 277 43.95 30.01 15.98
N GLY E 278 42.66 30.02 16.33
CA GLY E 278 41.87 31.23 16.20
C GLY E 278 42.32 32.33 17.14
N SER E 279 42.71 31.97 18.36
CA SER E 279 43.29 32.95 19.25
C SER E 279 44.74 33.22 18.93
N ILE E 280 45.45 32.23 18.42
CA ILE E 280 46.89 32.44 18.27
C ILE E 280 47.25 33.28 17.06
N GLN E 281 46.41 33.28 16.02
CA GLN E 281 46.60 34.26 14.95
C GLN E 281 46.44 35.69 15.47
N LYS E 282 45.46 35.91 16.34
CA LYS E 282 45.26 37.22 16.94
C LYS E 282 46.42 37.61 17.83
N LEU E 283 46.90 36.66 18.65
CA LEU E 283 47.98 36.97 19.56
C LEU E 283 49.28 37.27 18.83
N THR E 284 49.53 36.57 17.72
CA THR E 284 50.71 36.89 16.93
C THR E 284 50.57 38.26 16.26
N ASN E 285 49.39 38.56 15.73
CA ASN E 285 49.23 39.82 15.03
C ASN E 285 49.19 41.01 15.97
N ILE E 286 48.98 40.79 17.27
CA ILE E 286 49.07 41.91 18.22
C ILE E 286 50.36 41.89 19.03
N LEU E 287 51.12 40.80 19.01
CA LEU E 287 52.32 40.71 19.83
C LEU E 287 53.52 40.29 19.01
N SER E 288 53.55 40.66 17.72
CA SER E 288 54.67 40.32 16.85
C SER E 288 55.98 40.99 17.22
N GLN E 289 55.99 41.90 18.19
CA GLN E 289 57.24 42.43 18.70
C GLN E 289 58.01 41.39 19.48
N TYR E 290 57.31 40.44 20.08
CA TYR E 290 57.89 39.62 21.14
C TYR E 290 58.10 38.18 20.73
N ILE E 291 57.65 37.78 19.54
CA ILE E 291 57.58 36.37 19.19
C ILE E 291 58.73 36.03 18.26
N SER E 292 59.55 35.08 18.68
CA SER E 292 60.70 34.66 17.90
C SER E 292 60.58 33.17 17.64
N THR E 293 61.45 32.67 16.78
CA THR E 293 61.59 31.24 16.56
C THR E 293 63.05 30.89 16.80
N GLN E 294 63.30 30.10 17.82
CA GLN E 294 64.69 29.82 18.16
C GLN E 294 64.87 28.34 18.44
N VAL E 295 66.14 27.93 18.41
CA VAL E 295 66.53 26.54 18.53
C VAL E 295 66.74 26.22 20.00
N VAL E 296 66.12 25.14 20.46
CA VAL E 296 66.10 24.73 21.84
C VAL E 296 66.58 23.29 21.91
N SER E 297 67.45 22.99 22.87
CA SER E 297 67.93 21.64 23.12
C SER E 297 66.85 20.84 23.82
N ALA E 298 66.20 19.95 23.09
CA ALA E 298 65.05 19.20 23.56
C ALA E 298 65.37 17.71 23.62
N PRO E 299 64.65 16.93 24.43
CA PRO E 299 64.84 15.49 24.39
C PRO E 299 64.20 14.88 23.17
N ILE E 300 64.68 13.69 22.81
CA ILE E 300 64.16 12.98 21.65
C ILE E 300 63.76 11.55 21.97
N SER E 301 64.19 10.96 23.07
CA SER E 301 63.76 9.63 23.45
C SER E 301 63.02 9.65 24.78
N TYR E 302 62.41 8.52 25.11
CA TYR E 302 61.86 8.36 26.43
C TYR E 302 62.98 8.19 27.44
N GLY E 303 62.77 8.67 28.65
CA GLY E 303 63.64 8.26 29.74
C GLY E 303 63.46 6.79 30.02
N HIS E 304 64.48 6.16 30.58
CA HIS E 304 64.36 4.76 30.94
C HIS E 304 64.10 4.62 32.43
N PHE E 305 63.46 3.51 32.80
CA PHE E 305 63.71 2.98 34.13
C PHE E 305 63.60 1.46 34.13
N ILE E 306 64.59 0.82 34.73
CA ILE E 306 64.69 -0.64 34.78
C ILE E 306 64.61 -1.05 36.25
N MET E 307 63.71 -1.98 36.55
CA MET E 307 63.49 -2.40 37.92
C MET E 307 64.67 -3.21 38.39
N GLY E 308 65.14 -2.93 39.59
CA GLY E 308 66.24 -3.70 40.12
C GLY E 308 65.80 -5.08 40.55
N LYS E 309 66.82 -5.90 40.84
CA LYS E 309 66.58 -7.18 41.48
C LYS E 309 65.98 -6.97 42.86
N GLU E 310 66.46 -5.93 43.55
CA GLU E 310 65.97 -5.58 44.88
C GLU E 310 64.49 -5.24 44.84
N ASN E 311 64.11 -4.36 43.93
CA ASN E 311 62.72 -3.98 43.76
C ASN E 311 61.88 -5.13 43.22
N ALA E 312 62.46 -6.05 42.46
CA ALA E 312 61.70 -7.22 42.03
C ALA E 312 61.38 -8.13 43.20
N VAL E 313 62.36 -8.34 44.09
CA VAL E 313 62.15 -9.14 45.28
C VAL E 313 61.12 -8.49 46.20
N THR E 314 61.20 -7.17 46.39
CA THR E 314 60.23 -6.52 47.25
C THR E 314 58.85 -6.45 46.61
N ALA E 315 58.80 -6.44 45.28
CA ALA E 315 57.51 -6.46 44.61
C ALA E 315 56.85 -7.81 44.74
N ILE E 316 57.64 -8.88 44.75
CA ILE E 316 57.07 -10.20 45.00
C ILE E 316 56.67 -10.35 46.46
N ALA E 317 57.50 -9.85 47.37
CA ALA E 317 57.28 -10.08 48.80
C ALA E 317 56.21 -9.15 49.37
N TYR E 318 56.45 -7.85 49.32
CA TYR E 318 55.64 -6.90 50.08
C TYR E 318 54.65 -6.14 49.23
N ARG E 319 54.49 -6.49 47.96
CA ARG E 319 53.63 -5.79 47.00
C ARG E 319 54.05 -4.33 46.82
N ALA E 320 55.34 -4.04 46.86
CA ALA E 320 55.73 -2.64 46.76
C ALA E 320 57.06 -2.45 46.04
N ILE E 321 57.20 -1.28 45.44
CA ILE E 321 58.44 -0.82 44.83
C ILE E 321 58.86 0.44 45.58
N MET E 322 60.12 0.48 45.99
CA MET E 322 60.72 1.73 46.37
C MET E 322 61.56 2.17 45.19
N ALA E 323 61.29 3.36 44.67
CA ALA E 323 62.22 3.95 43.74
C ALA E 323 63.50 4.34 44.48
N ASP E 324 64.61 4.38 43.74
CA ASP E 324 65.91 4.85 44.20
C ASP E 324 66.45 4.01 45.36
N PHE E 325 66.13 2.71 45.33
CA PHE E 325 66.32 1.87 46.50
C PHE E 325 67.78 1.68 46.84
N THR E 326 68.64 1.57 45.84
CA THR E 326 70.06 1.42 46.12
C THR E 326 70.65 2.69 46.72
N GLN E 327 70.05 3.85 46.46
CA GLN E 327 70.51 5.08 47.11
C GLN E 327 70.11 5.11 48.57
N PHE E 328 68.88 4.69 48.87
CA PHE E 328 68.47 4.55 50.26
C PHE E 328 69.29 3.50 50.99
N THR E 329 69.79 2.49 50.27
CA THR E 329 70.68 1.52 50.88
C THR E 329 72.04 2.14 51.19
N VAL E 330 72.69 2.74 50.19
CA VAL E 330 74.07 3.19 50.39
C VAL E 330 74.17 4.53 51.09
N ASN E 331 73.07 5.21 51.36
CA ASN E 331 73.13 6.45 52.12
C ASN E 331 72.48 6.32 53.49
N ALA E 332 72.21 5.09 53.94
CA ALA E 332 71.46 4.95 55.19
C ALA E 332 72.34 5.13 56.41
N GLY E 333 73.30 4.24 56.61
CA GLY E 333 74.06 4.33 57.84
C GLY E 333 75.14 5.38 57.86
N THR E 334 75.35 6.07 56.75
CA THR E 334 76.42 7.05 56.65
C THR E 334 75.95 8.38 57.22
N GLU E 335 76.86 9.35 57.23
CA GLU E 335 76.51 10.71 57.64
C GLU E 335 75.49 11.32 56.69
N GLN E 336 75.78 11.29 55.40
CA GLN E 336 74.89 11.87 54.40
C GLN E 336 73.69 10.94 54.19
N GLN E 337 72.73 11.03 55.12
CA GLN E 337 71.42 10.48 54.82
C GLN E 337 70.64 11.43 53.92
N ASP E 338 70.33 12.61 54.43
CA ASP E 338 69.26 13.44 53.87
C ASP E 338 69.57 14.04 52.52
N THR E 339 70.75 13.83 51.97
CA THR E 339 71.05 14.24 50.62
C THR E 339 70.86 13.06 49.68
N ASN E 340 70.06 13.27 48.64
CA ASN E 340 69.95 12.33 47.54
C ASN E 340 70.00 13.16 46.26
N ASN E 341 70.93 12.82 45.37
CA ASN E 341 71.24 13.73 44.27
C ASN E 341 70.21 13.63 43.15
N LYS E 342 70.10 12.46 42.52
CA LYS E 342 69.20 12.28 41.40
C LYS E 342 68.15 11.25 41.74
N SER E 343 66.88 11.62 41.57
CA SER E 343 65.83 10.63 41.54
C SER E 343 66.01 9.80 40.28
N GLU E 344 66.04 8.47 40.42
CA GLU E 344 66.41 7.66 39.27
C GLU E 344 65.28 7.56 38.24
N ILE E 345 64.02 7.59 38.69
CA ILE E 345 62.98 7.39 37.69
C ILE E 345 62.62 8.68 36.99
N PHE E 346 62.66 9.83 37.68
CA PHE E 346 62.31 11.08 37.00
C PHE E 346 63.47 11.62 36.20
N ASP E 347 64.63 11.77 36.83
CA ASP E 347 65.81 12.26 36.15
C ASP E 347 66.57 11.04 35.63
N LYS E 348 66.79 11.01 34.32
CA LYS E 348 67.42 9.86 33.69
C LYS E 348 68.07 10.35 32.40
N SER E 349 69.25 9.83 32.10
CA SER E 349 69.97 10.19 30.89
C SER E 349 69.20 9.70 29.68
N ARG E 350 68.74 10.63 28.85
CA ARG E 350 68.02 10.28 27.64
C ARG E 350 68.58 11.14 26.51
N ALA E 351 68.28 10.72 25.28
CA ALA E 351 68.93 11.32 24.13
C ALA E 351 68.36 12.71 23.83
N TYR E 352 69.26 13.65 23.56
CA TYR E 352 68.91 15.04 23.36
C TYR E 352 69.14 15.45 21.92
N ALA E 353 68.29 16.34 21.43
CA ALA E 353 68.41 16.86 20.07
C ALA E 353 68.10 18.34 20.12
N ASP E 354 67.97 18.95 18.95
CA ASP E 354 67.67 20.37 18.85
C ASP E 354 66.47 20.56 17.94
N LEU E 355 65.56 21.44 18.34
CA LEU E 355 64.43 21.74 17.48
C LEU E 355 64.04 23.18 17.64
N LYS E 356 63.29 23.68 16.67
CA LYS E 356 62.89 25.08 16.67
C LYS E 356 61.52 25.24 17.31
N LEU E 357 61.35 26.34 18.02
CA LEU E 357 60.08 26.62 18.68
C LEU E 357 59.75 28.10 18.57
N ASN E 358 58.46 28.38 18.71
CA ASN E 358 57.97 29.74 18.81
C ASN E 358 58.02 30.18 20.26
N THR E 359 58.82 31.19 20.54
CA THR E 359 59.01 31.67 21.90
C THR E 359 58.45 33.09 22.04
N LEU E 360 58.18 33.47 23.28
CA LEU E 360 57.78 34.82 23.64
C LEU E 360 58.66 35.34 24.75
N LYS E 361 58.87 36.64 24.78
CA LYS E 361 59.64 37.26 25.84
C LYS E 361 58.68 38.02 26.74
N LEU E 362 58.55 37.58 27.99
CA LEU E 362 57.70 38.26 28.96
C LEU E 362 58.54 38.49 30.20
N GLY E 363 59.32 39.57 30.20
CA GLY E 363 60.19 39.87 31.32
C GLY E 363 61.23 38.80 31.54
N ASP E 364 62.07 38.57 30.53
CA ASP E 364 63.18 37.61 30.55
C ASP E 364 62.69 36.18 30.83
N LYS E 365 61.56 35.82 30.25
CA LYS E 365 61.04 34.46 30.37
C LYS E 365 60.64 33.98 28.98
N LEU E 366 61.46 33.13 28.38
CA LEU E 366 61.17 32.57 27.08
C LEU E 366 60.26 31.38 27.25
N VAL E 367 59.08 31.44 26.63
CA VAL E 367 58.00 30.48 26.85
C VAL E 367 57.61 29.90 25.50
N ALA E 368 57.47 28.57 25.43
CA ALA E 368 56.98 27.95 24.20
C ALA E 368 55.54 28.37 23.96
N PHE E 369 55.13 28.44 22.71
CA PHE E 369 53.89 29.15 22.38
C PHE E 369 53.34 28.63 21.07
N ASP E 370 52.29 27.82 21.13
CA ASP E 370 51.76 27.24 19.89
C ASP E 370 50.33 26.75 20.07
N HIS E 371 49.84 26.13 19.02
CA HIS E 371 48.53 25.51 18.97
C HIS E 371 48.69 24.04 18.61
N LEU E 372 47.74 23.22 19.04
CA LEU E 372 47.74 21.80 18.76
C LEU E 372 46.92 21.46 17.54
N HIS E 373 46.77 22.42 16.63
CA HIS E 373 45.88 22.19 15.50
C HIS E 373 46.46 21.18 14.54
N LYS E 374 47.78 21.10 14.41
CA LYS E 374 48.33 20.14 13.46
C LYS E 374 48.24 18.72 13.97
N VAL E 375 47.96 18.50 15.26
CA VAL E 375 47.64 17.16 15.72
C VAL E 375 46.15 16.96 15.87
N TYR E 376 45.35 18.02 15.73
CA TYR E 376 43.90 17.86 15.62
C TYR E 376 43.36 18.29 14.27
N LYS E 377 44.14 18.17 13.19
CA LYS E 377 43.68 18.67 11.89
C LYS E 377 42.47 17.91 11.37
N ASN E 378 42.65 16.65 11.06
CA ASN E 378 41.58 15.92 10.42
C ASN E 378 41.40 14.62 11.20
N THR E 379 40.66 14.70 12.29
CA THR E 379 40.38 13.58 13.17
C THR E 379 38.91 13.63 13.54
N ASP E 380 38.52 12.80 14.49
CA ASP E 380 37.15 12.90 14.98
C ASP E 380 37.02 13.89 16.13
N VAL E 381 37.98 13.88 17.06
CA VAL E 381 37.80 14.67 18.27
C VAL E 381 38.16 16.12 18.00
N ASN E 382 37.68 17.00 18.86
CA ASN E 382 37.99 18.41 18.71
C ASN E 382 39.24 18.75 19.49
N ASP E 383 39.75 19.93 19.22
CA ASP E 383 40.73 20.52 20.11
C ASP E 383 40.04 20.82 21.42
N PRO E 384 40.50 20.29 22.56
CA PRO E 384 39.74 20.40 23.80
C PRO E 384 39.76 21.79 24.40
N LEU E 385 40.52 22.73 23.85
CA LEU E 385 40.48 24.10 24.31
C LEU E 385 39.31 24.89 23.73
N GLU E 386 38.48 24.28 22.89
CA GLU E 386 37.30 24.96 22.36
C GLU E 386 36.07 24.58 23.18
N GLN E 387 36.09 25.02 24.42
CA GLN E 387 35.13 24.60 25.42
C GLN E 387 34.01 25.62 25.57
N SER E 388 32.92 25.21 26.20
CA SER E 388 31.74 26.04 26.24
C SER E 388 31.52 26.62 27.63
N LEU E 389 30.94 27.81 27.68
CA LEU E 389 30.46 28.41 28.91
C LEU E 389 28.97 28.16 29.07
N GLN E 390 28.51 28.31 30.30
CA GLN E 390 27.08 28.40 30.57
C GLN E 390 26.86 29.54 31.56
N LEU E 391 26.53 30.70 31.04
CA LEU E 391 26.09 31.81 31.85
C LEU E 391 24.58 31.74 32.01
N THR E 392 24.09 32.29 33.12
CA THR E 392 22.68 32.24 33.44
C THR E 392 22.16 33.66 33.63
N PHE E 393 21.04 33.98 32.99
CA PHE E 393 20.47 35.31 32.98
C PHE E 393 19.14 35.30 33.71
N PHE E 394 18.86 36.36 34.46
CA PHE E 394 17.55 36.48 35.08
C PHE E 394 17.05 37.89 34.87
N PHE E 395 15.73 38.04 34.87
CA PHE E 395 15.10 39.30 34.49
C PHE E 395 13.66 39.28 34.96
N PRO E 396 13.12 40.40 35.39
CA PRO E 396 11.78 40.39 35.99
C PRO E 396 10.68 40.51 34.98
N LEU E 397 9.42 40.41 35.42
CA LEU E 397 8.30 41.05 34.77
C LEU E 397 7.22 41.29 35.81
N GLY E 398 6.42 42.31 35.58
CA GLY E 398 5.30 42.58 36.45
C GLY E 398 5.65 43.13 37.81
N ILE E 399 6.87 43.58 38.02
CA ILE E 399 7.23 44.28 39.24
C ILE E 399 6.48 45.61 39.28
N TYR E 400 5.76 45.85 40.37
CA TYR E 400 5.08 47.13 40.53
C TYR E 400 5.97 48.08 41.31
N ILE E 401 6.58 49.01 40.61
CA ILE E 401 7.28 50.10 41.28
C ILE E 401 6.26 51.03 41.93
N PRO E 402 6.39 51.36 43.21
CA PRO E 402 5.30 52.07 43.89
C PRO E 402 5.17 53.51 43.41
N THR E 403 3.91 53.92 43.21
CA THR E 403 3.60 55.27 42.79
C THR E 403 3.97 56.29 43.86
N GLU E 404 4.03 55.86 45.12
CA GLU E 404 4.17 56.80 46.22
C GLU E 404 5.57 57.39 46.29
N THR E 405 6.58 56.68 45.80
CA THR E 405 7.92 57.24 45.63
C THR E 405 8.36 57.20 44.18
N GLY E 406 7.40 57.25 43.26
CA GLY E 406 7.72 57.16 41.85
C GLY E 406 8.43 58.40 41.35
N PHE E 407 9.12 58.23 40.23
CA PHE E 407 9.91 59.30 39.63
C PHE E 407 10.20 58.90 38.20
N SER E 408 10.68 59.85 37.42
CA SER E 408 11.00 59.50 36.06
C SER E 408 12.23 60.15 35.54
N THR E 409 13.31 59.41 35.46
CA THR E 409 14.49 59.94 34.79
C THR E 409 14.22 59.79 33.27
N MET E 410 15.08 60.37 32.45
CA MET E 410 14.91 60.27 31.00
C MET E 410 13.53 60.75 30.53
N GLU E 411 13.04 61.84 31.14
CA GLU E 411 11.75 62.39 30.80
C GLU E 411 11.81 62.99 29.42
N THR E 412 12.92 63.65 29.13
CA THR E 412 13.11 64.36 27.89
C THR E 412 13.30 63.44 26.69
N ARG E 413 13.56 62.16 26.90
CA ARG E 413 13.76 61.26 25.76
C ARG E 413 12.49 60.60 25.24
N VAL E 414 11.72 60.00 26.15
CA VAL E 414 10.51 59.30 25.74
C VAL E 414 9.29 59.76 26.50
N LYS E 415 8.21 60.01 25.79
CA LYS E 415 6.98 60.41 26.42
C LYS E 415 5.97 59.33 26.13
N LEU E 416 5.35 58.78 27.16
CA LEU E 416 4.36 57.75 26.92
C LEU E 416 2.99 58.36 26.67
N ASN E 417 2.12 57.56 26.10
CA ASN E 417 0.77 57.99 25.80
C ASN E 417 -0.13 57.46 26.91
N ASP E 418 -0.93 58.35 27.50
CA ASP E 418 -1.51 58.12 28.82
C ASP E 418 -2.61 57.09 28.74
N THR E 419 -2.26 55.84 29.04
CA THR E 419 -3.19 54.74 29.15
C THR E 419 -2.63 53.84 30.24
N MET E 420 -3.51 53.19 31.00
CA MET E 420 -3.04 52.36 32.09
C MET E 420 -2.30 51.12 31.60
N GLU E 421 -2.50 50.71 30.35
CA GLU E 421 -1.67 49.63 29.82
C GLU E 421 -0.23 50.08 29.60
N ASN E 422 0.01 51.37 29.46
CA ASN E 422 1.38 51.87 29.54
C ASN E 422 1.79 52.24 30.95
N ASN E 423 0.85 52.56 31.82
CA ASN E 423 1.19 53.01 33.16
C ASN E 423 1.40 51.88 34.15
N LEU E 424 1.05 50.65 33.80
CA LEU E 424 1.58 49.52 34.54
C LEU E 424 2.40 48.65 33.63
N PRO E 425 3.47 48.04 34.13
CA PRO E 425 4.10 46.95 33.39
C PRO E 425 3.23 45.72 33.47
N THR E 426 3.09 45.04 32.34
CA THR E 426 2.45 43.73 32.28
C THR E 426 3.24 42.76 31.43
N SER E 427 4.15 43.26 30.60
CA SER E 427 4.98 42.48 29.72
C SER E 427 6.43 42.76 30.05
N VAL E 428 7.34 42.13 29.31
CA VAL E 428 8.77 42.45 29.36
C VAL E 428 9.39 42.22 27.99
N PHE E 429 10.21 43.17 27.55
CA PHE E 429 10.82 43.17 26.24
C PHE E 429 12.32 42.98 26.37
N PHE E 430 12.94 42.26 25.42
CA PHE E 430 14.39 42.17 25.32
C PHE E 430 14.78 41.67 23.95
N HIS E 431 16.07 41.76 23.63
CA HIS E 431 16.57 41.36 22.33
C HIS E 431 17.08 39.92 22.36
N ASN E 432 17.10 39.30 21.18
CA ASN E 432 17.58 37.94 21.00
C ASN E 432 19.10 37.94 20.81
N LYS E 433 19.61 36.81 20.33
CA LYS E 433 20.96 36.71 19.79
C LYS E 433 21.21 37.79 18.74
N ASP E 434 20.40 37.80 17.71
CA ASP E 434 20.32 38.93 16.81
C ASP E 434 19.29 39.92 17.33
N GLN E 435 19.29 41.12 16.74
CA GLN E 435 18.55 42.25 17.30
C GLN E 435 17.07 42.16 16.96
N VAL E 436 16.41 41.15 17.52
CA VAL E 436 14.98 40.96 17.34
C VAL E 436 14.29 41.30 18.65
N VAL E 437 13.33 42.23 18.59
CA VAL E 437 12.54 42.56 19.76
C VAL E 437 11.69 41.37 20.13
N GLN E 438 11.71 41.01 21.41
CA GLN E 438 11.27 39.71 21.86
C GLN E 438 10.53 39.90 23.16
N ARG E 439 9.24 39.54 23.20
CA ARG E 439 8.33 40.02 24.22
C ARG E 439 7.68 38.87 24.96
N ILE E 440 7.56 39.03 26.29
CA ILE E 440 7.02 37.99 27.15
C ILE E 440 5.84 38.56 27.94
N ASP E 441 4.82 37.73 28.15
CA ASP E 441 3.54 38.11 28.72
C ASP E 441 3.12 37.12 29.79
N PHE E 442 2.04 37.46 30.49
CA PHE E 442 1.42 36.48 31.38
C PHE E 442 0.75 35.36 30.59
N ALA E 443 0.24 35.67 29.39
CA ALA E 443 -0.32 34.63 28.54
C ALA E 443 0.74 33.66 28.06
N ASP E 444 2.00 34.06 28.03
CA ASP E 444 3.07 33.12 27.75
C ASP E 444 3.61 32.47 29.00
N ILE E 445 3.45 33.10 30.16
CA ILE E 445 4.00 32.52 31.38
C ILE E 445 3.09 31.44 31.94
N LEU E 446 1.86 31.37 31.45
CA LEU E 446 0.88 30.38 31.93
C LEU E 446 1.31 28.91 32.06
N PRO E 447 2.04 28.28 31.12
CA PRO E 447 2.31 26.84 31.29
C PRO E 447 3.26 26.49 32.41
N SER E 448 3.87 27.45 33.08
CA SER E 448 4.67 27.14 34.25
C SER E 448 4.12 27.78 35.51
N VAL E 449 2.97 28.44 35.44
CA VAL E 449 2.35 29.03 36.62
C VAL E 449 0.96 28.48 36.88
N CYS E 450 0.37 27.76 35.93
CA CYS E 450 -0.97 27.24 36.07
C CYS E 450 -0.96 25.74 36.36
N HIS E 451 -0.05 25.27 37.18
CA HIS E 451 0.14 23.85 37.34
C HIS E 451 -0.42 23.36 38.68
N PRO E 452 -0.86 22.10 38.75
CA PRO E 452 -1.31 21.55 40.05
C PRO E 452 -0.23 21.48 41.10
N ILE E 453 1.03 21.40 40.71
CA ILE E 453 2.08 21.42 41.71
C ILE E 453 2.26 22.82 42.27
N VAL E 454 1.75 23.82 41.57
CA VAL E 454 1.76 25.16 42.12
C VAL E 454 0.56 25.36 43.01
N HIS E 455 -0.60 24.84 42.60
CA HIS E 455 -1.82 24.99 43.38
C HIS E 455 -2.04 23.88 44.41
N ASP E 456 -1.03 23.09 44.72
CA ASP E 456 -1.12 22.07 45.75
C ASP E 456 -0.59 22.59 47.08
N SER E 457 -1.12 22.06 48.18
CA SER E 457 -0.70 22.44 49.52
C SER E 457 0.03 21.34 50.28
N THR E 458 0.15 20.15 49.71
CA THR E 458 0.54 18.99 50.50
C THR E 458 1.99 19.08 50.94
N ILE E 459 2.89 19.39 50.00
CA ILE E 459 4.30 19.41 50.32
C ILE E 459 4.64 20.59 51.22
N VAL E 460 4.00 21.74 50.98
CA VAL E 460 4.18 22.91 51.84
C VAL E 460 3.69 22.60 53.25
N GLU E 461 2.57 21.89 53.34
CA GLU E 461 2.04 21.51 54.65
C GLU E 461 2.97 20.57 55.39
N ARG E 462 3.52 19.57 54.70
CA ARG E 462 4.43 18.62 55.33
C ARG E 462 5.69 19.32 55.82
N LEU E 463 6.27 20.17 54.98
CA LEU E 463 7.55 20.80 55.35
C LEU E 463 7.36 21.83 56.44
N MET E 464 6.28 22.60 56.38
CA MET E 464 6.00 23.62 57.37
C MET E 464 5.50 23.00 58.67
N LYS E 465 5.03 21.76 58.61
CA LYS E 465 4.73 21.03 59.83
C LYS E 465 5.99 20.49 60.48
N ASN E 466 6.85 19.85 59.70
CA ASN E 466 8.04 19.22 60.27
C ASN E 466 9.15 20.21 60.59
N GLU E 467 9.05 21.45 60.15
CA GLU E 467 9.95 22.48 60.66
C GLU E 467 9.66 22.70 62.13
N PRO E 468 10.69 22.87 62.97
CA PRO E 468 10.47 23.02 64.40
C PRO E 468 9.77 24.32 64.76
N LEU E 469 9.19 24.32 65.94
CA LEU E 469 8.40 25.43 66.44
C LEU E 469 9.26 26.66 66.70
N PRO E 470 8.65 27.84 66.69
CA PRO E 470 9.40 29.05 67.05
C PRO E 470 9.69 29.11 68.54
N THR E 471 10.50 30.10 68.90
CA THR E 471 10.99 30.28 70.26
C THR E 471 9.96 30.96 71.15
N GLY E 472 10.39 31.43 72.33
CA GLY E 472 9.45 31.88 73.34
C GLY E 472 8.67 33.12 72.96
N HIS E 473 9.36 34.18 72.56
CA HIS E 473 8.66 35.45 72.32
C HIS E 473 7.85 35.41 71.04
N ARG E 474 8.42 34.88 69.96
CA ARG E 474 7.65 34.70 68.73
C ARG E 474 6.52 33.70 68.92
N PHE E 475 6.69 32.76 69.84
CA PHE E 475 5.65 31.78 70.12
C PHE E 475 4.48 32.43 70.83
N SER E 476 4.77 33.29 71.80
CA SER E 476 3.69 34.00 72.48
C SER E 476 3.04 35.02 71.57
N GLN E 477 3.82 35.62 70.69
CA GLN E 477 3.28 36.66 69.81
C GLN E 477 2.48 36.08 68.66
N LEU E 478 2.83 34.89 68.21
CA LEU E 478 2.44 34.43 66.89
C LEU E 478 1.64 33.14 66.89
N CYS E 479 1.74 32.32 67.93
CA CYS E 479 1.17 30.99 67.97
C CYS E 479 0.08 30.90 69.05
N GLN E 480 -0.81 31.88 69.10
CA GLN E 480 -1.66 32.02 70.26
C GLN E 480 -3.15 31.96 69.96
N LEU E 481 -3.58 32.16 68.73
CA LEU E 481 -5.00 32.24 68.47
C LEU E 481 -5.64 30.86 68.50
N LYS E 482 -6.97 30.84 68.47
CA LYS E 482 -7.70 29.61 68.67
C LYS E 482 -9.10 29.75 68.08
N ILE E 483 -9.58 28.71 67.42
CA ILE E 483 -10.91 28.73 66.82
C ILE E 483 -11.87 27.95 67.72
N THR E 484 -13.12 28.37 67.73
CA THR E 484 -14.16 27.73 68.53
C THR E 484 -15.49 27.89 67.81
N ARG E 485 -16.20 26.80 67.59
CA ARG E 485 -17.42 26.83 66.81
C ARG E 485 -18.62 26.33 67.59
N GLU E 486 -19.76 27.00 67.36
CA GLU E 486 -21.06 26.59 67.89
C GLU E 486 -22.10 26.80 66.80
N ASN E 487 -23.27 26.40 67.07
CA ASN E 487 -24.38 26.57 66.14
C ASN E 487 -25.13 27.87 66.42
N PRO E 488 -25.72 28.48 65.37
CA PRO E 488 -26.20 29.87 65.52
C PRO E 488 -27.31 30.07 66.53
N THR E 489 -28.12 29.04 66.78
CA THR E 489 -29.13 29.13 67.83
C THR E 489 -28.49 29.34 69.18
N ARG E 490 -27.35 28.69 69.43
CA ARG E 490 -26.64 28.98 70.65
C ARG E 490 -25.89 30.29 70.59
N ILE E 491 -25.39 30.70 69.42
CA ILE E 491 -24.54 31.89 69.49
C ILE E 491 -25.36 33.16 69.58
N LEU E 492 -26.60 33.16 69.09
CA LEU E 492 -27.37 34.40 69.13
C LEU E 492 -27.86 34.67 70.54
N GLN E 493 -28.01 33.63 71.35
CA GLN E 493 -28.40 33.80 72.73
C GLN E 493 -27.21 33.86 73.68
N THR E 494 -26.04 33.37 73.25
CA THR E 494 -24.82 33.44 74.05
C THR E 494 -23.80 34.38 73.44
N LEU E 495 -24.28 35.37 72.67
CA LEU E 495 -23.42 36.26 71.92
C LEU E 495 -22.52 37.11 72.83
N TYR E 496 -23.10 37.85 73.75
CA TYR E 496 -22.35 38.91 74.43
C TYR E 496 -21.47 38.41 75.56
N ASN E 497 -21.18 37.11 75.64
CA ASN E 497 -20.47 36.59 76.80
C ASN E 497 -19.02 37.04 76.83
N LEU E 498 -18.39 37.11 75.67
CA LEU E 498 -16.98 37.49 75.64
C LEU E 498 -16.79 38.99 75.64
N TYR E 499 -17.90 39.68 75.89
CA TYR E 499 -17.97 41.13 76.07
C TYR E 499 -18.19 41.36 77.57
N GLU E 500 -19.11 40.57 78.15
CA GLU E 500 -19.41 40.62 79.57
C GLU E 500 -18.21 40.19 80.39
N SER E 501 -17.47 39.20 79.91
CA SER E 501 -16.18 38.93 80.51
C SER E 501 -15.16 39.96 80.02
N ARG E 502 -13.97 39.92 80.61
CA ARG E 502 -12.89 40.83 80.23
C ARG E 502 -11.83 40.12 79.43
N GLN E 503 -12.26 39.22 78.56
CA GLN E 503 -11.36 38.42 77.74
C GLN E 503 -10.64 39.31 76.72
N GLU E 504 -9.38 39.00 76.48
CA GLU E 504 -8.57 39.68 75.48
C GLU E 504 -8.29 38.72 74.34
N VAL E 505 -8.89 38.98 73.20
CA VAL E 505 -8.68 38.12 72.04
C VAL E 505 -7.31 38.45 71.45
N PRO E 506 -6.44 37.47 71.27
CA PRO E 506 -5.09 37.75 70.79
C PRO E 506 -5.08 38.12 69.32
N LYS E 507 -3.96 38.68 68.88
CA LYS E 507 -3.79 39.06 67.49
C LYS E 507 -3.77 37.86 66.58
N ASN E 508 -4.48 37.98 65.45
CA ASN E 508 -4.31 37.03 64.37
C ASN E 508 -2.96 37.26 63.69
N THR E 509 -2.46 36.19 63.07
CA THR E 509 -1.26 36.30 62.24
C THR E 509 -1.49 37.23 61.07
N ASN E 510 -2.70 37.23 60.51
CA ASN E 510 -2.96 38.06 59.34
C ASN E 510 -3.07 39.53 59.72
N VAL E 511 -3.67 39.83 60.88
CA VAL E 511 -3.75 41.23 61.28
C VAL E 511 -2.41 41.71 61.83
N LEU E 512 -1.57 40.81 62.35
CA LEU E 512 -0.22 41.21 62.72
C LEU E 512 0.63 41.45 61.48
N LYS E 513 0.33 40.74 60.41
CA LYS E 513 1.08 40.84 59.18
C LYS E 513 0.70 42.08 58.39
N ASN E 514 -0.58 42.44 58.41
CA ASN E 514 -1.02 43.57 57.61
C ASN E 514 -0.78 44.92 58.27
N GLU E 515 -0.31 44.95 59.51
CA GLU E 515 0.07 46.23 60.10
C GLU E 515 1.38 46.75 59.52
N LEU E 516 2.25 45.87 59.05
CA LEU E 516 3.56 46.30 58.63
C LEU E 516 3.50 46.94 57.24
N ASN E 517 4.61 47.57 56.89
CA ASN E 517 4.68 48.37 55.68
C ASN E 517 5.45 47.59 54.62
N VAL E 518 5.33 48.04 53.37
CA VAL E 518 5.84 47.30 52.22
C VAL E 518 7.36 47.26 52.16
N GLU E 519 8.03 48.06 52.97
CA GLU E 519 9.47 48.02 53.11
C GLU E 519 9.90 47.29 54.37
N ASP E 520 9.21 47.56 55.47
CA ASP E 520 9.53 46.98 56.76
C ASP E 520 9.12 45.52 56.85
N PHE E 521 8.40 45.01 55.87
CA PHE E 521 7.99 43.62 55.87
C PHE E 521 9.20 42.69 55.78
N TYR E 522 10.15 43.01 54.90
CA TYR E 522 11.25 42.10 54.65
C TYR E 522 12.32 42.17 55.74
N LYS E 523 12.31 43.23 56.54
CA LYS E 523 13.23 43.37 57.65
C LYS E 523 13.05 42.22 58.63
N PRO E 524 14.12 41.66 59.19
CA PRO E 524 13.99 40.46 60.03
C PRO E 524 13.20 40.64 61.32
N ASP E 525 12.95 41.87 61.76
CA ASP E 525 12.17 42.06 62.97
C ASP E 525 10.71 41.73 62.78
N ASN E 526 10.24 41.67 61.54
CA ASN E 526 8.96 41.09 61.20
C ASN E 526 8.88 39.66 61.71
N PRO E 527 7.97 39.34 62.62
CA PRO E 527 7.89 37.97 63.14
C PRO E 527 7.28 36.98 62.17
N THR E 528 6.62 37.44 61.10
CA THR E 528 5.90 36.52 60.22
C THR E 528 6.58 36.36 58.86
N LEU E 529 7.89 36.52 58.79
CA LEU E 529 8.52 36.10 57.54
C LEU E 529 8.58 34.60 57.32
N PRO E 530 8.79 33.73 58.31
CA PRO E 530 8.59 32.30 58.04
C PRO E 530 7.13 31.91 57.83
N THR E 531 6.19 32.81 58.00
CA THR E 531 4.79 32.51 57.72
C THR E 531 4.52 32.46 56.22
N GLU E 532 5.08 33.40 55.46
CA GLU E 532 4.78 33.50 54.03
C GLU E 532 5.57 32.50 53.22
N ARG E 533 5.05 31.28 53.11
CA ARG E 533 5.71 30.29 52.26
C ARG E 533 5.20 30.32 50.84
N HIS E 534 3.94 30.60 50.64
CA HIS E 534 3.28 30.34 49.37
C HIS E 534 2.34 31.49 49.05
N PRO E 535 2.17 31.85 47.78
CA PRO E 535 1.28 32.97 47.46
C PRO E 535 -0.17 32.63 47.65
N PHE E 536 -0.56 31.47 47.16
CA PHE E 536 -1.95 31.09 47.12
C PHE E 536 -2.45 30.72 48.50
N PHE E 537 -1.59 30.20 49.34
CA PHE E 537 -2.02 29.63 50.61
C PHE E 537 -1.54 30.49 51.77
N ASP E 538 -2.46 30.78 52.68
CA ASP E 538 -2.17 31.44 53.93
C ASP E 538 -1.95 30.36 54.98
N LEU E 539 -0.84 30.47 55.68
CA LEU E 539 -0.42 29.48 56.64
C LEU E 539 -0.36 30.12 58.01
N THR E 540 -0.67 29.34 59.05
CA THR E 540 -0.74 29.91 60.38
C THR E 540 -0.52 28.82 61.41
N TYR E 541 -0.56 29.22 62.67
CA TYR E 541 -0.44 28.34 63.81
C TYR E 541 -1.72 28.44 64.62
N ILE E 542 -2.29 27.30 65.01
CA ILE E 542 -3.45 27.33 65.90
C ILE E 542 -3.26 26.33 67.02
N GLN E 543 -3.89 26.65 68.14
CA GLN E 543 -3.82 25.90 69.38
C GLN E 543 -5.10 25.08 69.52
N LYS E 544 -5.03 23.80 69.20
CA LYS E 544 -6.10 22.87 69.58
C LYS E 544 -5.51 21.79 70.46
N ASN E 545 -6.20 21.53 71.58
CA ASN E 545 -5.84 20.53 72.59
C ASN E 545 -4.44 20.78 73.15
N ARG E 546 -4.10 22.07 73.26
CA ARG E 546 -2.79 22.56 73.72
C ARG E 546 -1.65 22.06 72.83
N ALA E 547 -1.93 21.82 71.56
CA ALA E 547 -0.93 21.53 70.56
C ALA E 547 -0.99 22.62 69.49
N THR E 548 0.15 22.96 68.91
CA THR E 548 0.31 24.22 68.24
C THR E 548 -0.22 24.27 66.82
N GLU E 549 -0.50 23.10 66.23
CA GLU E 549 -1.25 22.80 65.01
C GLU E 549 -1.05 23.77 63.84
N VAL E 550 0.02 23.60 63.07
CA VAL E 550 0.17 24.28 61.79
C VAL E 550 -1.08 24.12 60.92
N LEU E 551 -1.41 25.15 60.15
CA LEU E 551 -2.70 25.19 59.45
C LEU E 551 -2.54 25.89 58.12
N CYS E 552 -2.71 25.14 57.04
CA CYS E 552 -2.67 25.67 55.69
C CYS E 552 -4.10 25.88 55.21
N THR E 553 -4.33 27.03 54.58
CA THR E 553 -5.66 27.50 54.27
C THR E 553 -5.58 28.40 53.06
N PRO E 554 -6.38 28.18 52.02
CA PRO E 554 -6.21 28.95 50.79
C PRO E 554 -6.74 30.37 50.91
N ARG E 555 -5.92 31.33 50.48
CA ARG E 555 -6.44 32.65 50.18
C ARG E 555 -7.35 32.50 48.98
N ILE E 556 -8.61 32.86 49.14
CA ILE E 556 -9.52 32.63 48.04
C ILE E 556 -9.39 33.71 46.99
N MET E 557 -9.26 34.96 47.43
CA MET E 557 -9.31 36.10 46.55
C MET E 557 -7.98 36.82 46.52
N ILE E 558 -7.84 37.73 45.54
CA ILE E 558 -6.65 38.54 45.42
C ILE E 558 -6.57 39.55 46.54
N GLY E 559 -7.70 39.88 47.17
CA GLY E 559 -7.67 40.85 48.24
C GLY E 559 -6.98 40.33 49.48
N ASN E 560 -7.13 39.03 49.74
CA ASN E 560 -6.64 38.44 50.97
C ASN E 560 -5.13 38.27 51.00
N MET E 561 -4.43 38.61 49.92
CA MET E 561 -2.98 38.70 49.98
C MET E 561 -2.59 39.83 50.93
N PRO E 562 -1.46 39.70 51.62
CA PRO E 562 -1.07 40.72 52.59
C PRO E 562 -0.77 42.04 51.92
N LEU E 563 -1.18 43.12 52.58
CA LEU E 563 -0.93 44.45 52.05
C LEU E 563 0.54 44.81 51.85
N PRO E 564 1.53 44.29 52.60
CA PRO E 564 2.90 44.46 52.12
C PRO E 564 3.22 43.68 50.88
N LEU E 565 2.47 42.64 50.54
CA LEU E 565 2.74 41.91 49.32
C LEU E 565 1.85 42.37 48.18
N ALA E 566 0.91 43.25 48.44
CA ALA E 566 0.12 43.93 47.44
C ALA E 566 -0.38 45.23 48.05
N PRO E 567 0.25 46.36 47.75
CA PRO E 567 -0.18 47.62 48.34
C PRO E 567 -1.52 48.07 47.78
N ILE E 568 -2.12 49.03 48.47
CA ILE E 568 -3.46 49.44 48.08
C ILE E 568 -3.42 50.31 46.83
N SER E 569 -2.31 51.01 46.59
CA SER E 569 -2.15 51.73 45.34
C SER E 569 -2.02 50.77 44.17
N PHE E 570 -1.46 49.58 44.41
CA PHE E 570 -1.45 48.56 43.39
C PHE E 570 -2.86 48.12 43.01
N HIS E 571 -3.72 47.93 44.01
CA HIS E 571 -5.08 47.54 43.69
C HIS E 571 -5.83 48.66 42.98
N GLU E 572 -5.53 49.91 43.33
CA GLU E 572 -6.14 51.02 42.59
C GLU E 572 -5.65 51.07 41.15
N ALA E 573 -4.39 50.71 40.92
CA ALA E 573 -3.88 50.70 39.55
C ALA E 573 -4.47 49.56 38.74
N ARG E 574 -4.63 48.39 39.36
CA ARG E 574 -5.30 47.26 38.72
C ARG E 574 -6.74 47.59 38.38
N THR E 575 -7.40 48.33 39.27
CA THR E 575 -8.75 48.77 39.03
C THR E 575 -8.82 49.79 37.91
N ASN E 576 -7.81 50.67 37.82
CA ASN E 576 -7.76 51.59 36.69
C ASN E 576 -7.55 50.85 35.38
N GLN E 577 -6.84 49.73 35.40
CA GLN E 577 -6.77 48.92 34.18
C GLN E 577 -8.12 48.34 33.80
N MET E 578 -8.87 47.82 34.77
CA MET E 578 -10.17 47.26 34.42
C MET E 578 -11.18 48.32 34.03
N LEU E 579 -11.09 49.52 34.61
CA LEU E 579 -11.95 50.62 34.18
C LEU E 579 -11.58 51.09 32.78
N GLU E 580 -10.29 51.15 32.47
CA GLU E 580 -9.85 51.52 31.13
C GLU E 580 -10.31 50.49 30.11
N HIS E 581 -10.31 49.22 30.49
CA HIS E 581 -10.73 48.19 29.54
C HIS E 581 -12.25 48.20 29.37
N ALA E 582 -13.00 48.41 30.45
CA ALA E 582 -14.46 48.42 30.35
C ALA E 582 -14.98 49.71 29.74
N LYS E 583 -14.15 50.76 29.74
CA LYS E 583 -14.51 52.11 29.28
C LYS E 583 -15.71 52.64 30.03
N THR E 584 -15.73 52.43 31.35
CA THR E 584 -16.81 52.90 32.22
C THR E 584 -16.19 53.71 33.36
N ASN E 585 -15.93 54.98 33.10
CA ASN E 585 -15.46 55.90 34.13
C ASN E 585 -16.24 57.20 34.01
N SER E 586 -17.39 57.27 34.67
CA SER E 586 -18.18 58.49 34.65
C SER E 586 -17.85 59.35 35.86
N HIS E 587 -17.76 60.66 35.64
CA HIS E 587 -17.68 61.62 36.73
C HIS E 587 -19.05 62.15 37.11
N ASN E 588 -20.11 61.42 36.79
CA ASN E 588 -21.45 61.86 37.09
C ASN E 588 -21.88 61.55 38.51
N TYR E 589 -21.06 60.86 39.28
CA TYR E 589 -21.51 60.27 40.53
C TYR E 589 -20.89 60.90 41.76
N ASP E 590 -19.97 61.83 41.60
CA ASP E 590 -19.24 62.36 42.75
C ASP E 590 -20.16 63.17 43.65
N PHE E 591 -21.08 63.92 43.05
CA PHE E 591 -22.02 64.69 43.86
C PHE E 591 -23.02 63.80 44.56
N THR E 592 -23.32 62.63 43.98
CA THR E 592 -24.14 61.65 44.68
C THR E 592 -23.40 61.09 45.89
N LEU E 593 -22.13 60.74 45.69
CA LEU E 593 -21.38 60.08 46.76
C LEU E 593 -21.09 61.01 47.92
N LYS E 594 -20.99 62.33 47.66
CA LYS E 594 -20.85 63.28 48.76
C LYS E 594 -22.05 63.24 49.69
N ILE E 595 -23.26 63.27 49.12
CA ILE E 595 -24.47 63.34 49.92
C ILE E 595 -24.76 62.00 50.59
N VAL E 596 -24.45 60.90 49.91
CA VAL E 596 -24.61 59.60 50.52
C VAL E 596 -23.61 59.42 51.66
N THR E 597 -22.39 59.93 51.50
CA THR E 597 -21.40 59.85 52.57
C THR E 597 -21.81 60.69 53.78
N GLU E 598 -22.38 61.87 53.55
CA GLU E 598 -22.86 62.67 54.66
C GLU E 598 -24.03 62.01 55.38
N SER E 599 -24.89 61.31 54.61
CA SER E 599 -26.01 60.63 55.23
C SER E 599 -25.55 59.43 56.05
N LEU E 600 -24.59 58.68 55.53
CA LEU E 600 -24.06 57.53 56.25
C LEU E 600 -23.19 57.96 57.42
N THR E 601 -22.70 59.19 57.42
CA THR E 601 -21.83 59.68 58.49
C THR E 601 -22.62 60.27 59.65
N SER E 602 -23.57 61.16 59.34
CA SER E 602 -24.27 61.91 60.37
C SER E 602 -25.14 60.99 61.22
N GLY E 603 -24.81 60.91 62.50
CA GLY E 603 -25.43 59.94 63.37
C GLY E 603 -26.74 60.40 63.98
N SER E 604 -27.67 60.87 63.15
CA SER E 604 -28.98 61.33 63.59
C SER E 604 -30.08 60.72 62.74
N TYR E 605 -29.98 59.44 62.51
CA TYR E 605 -30.87 58.70 61.65
C TYR E 605 -32.18 58.43 62.39
N PRO E 606 -33.33 58.49 61.71
CA PRO E 606 -34.60 58.39 62.43
C PRO E 606 -34.93 56.97 62.79
N GLU E 607 -35.61 56.83 63.93
CA GLU E 607 -35.86 55.50 64.47
C GLU E 607 -36.89 54.74 63.66
N LEU E 608 -37.80 55.45 63.02
CA LEU E 608 -38.89 54.81 62.28
C LEU E 608 -38.37 54.07 61.05
N ALA E 609 -37.21 54.49 60.52
CA ALA E 609 -36.69 53.91 59.29
C ALA E 609 -36.36 52.44 59.44
N TYR E 610 -35.82 52.05 60.61
CA TYR E 610 -35.57 50.64 60.86
C TYR E 610 -36.88 49.86 60.96
N VAL E 611 -37.89 50.48 61.57
CA VAL E 611 -39.19 49.85 61.69
C VAL E 611 -39.82 49.65 60.32
N ILE E 612 -39.63 50.60 59.43
CA ILE E 612 -40.13 50.46 58.07
C ILE E 612 -39.35 49.38 57.32
N GLU E 613 -38.02 49.35 57.50
CA GLU E 613 -37.19 48.35 56.84
C GLU E 613 -37.45 46.94 57.33
N ILE E 614 -38.06 46.76 58.50
CA ILE E 614 -38.43 45.42 58.91
C ILE E 614 -39.90 45.11 58.71
N LEU E 615 -40.76 46.11 58.59
CA LEU E 615 -42.15 45.83 58.26
C LEU E 615 -42.27 45.50 56.78
N VAL E 616 -41.81 46.38 55.91
CA VAL E 616 -41.62 45.94 54.54
C VAL E 616 -40.34 45.14 54.51
N HIS E 617 -40.23 44.21 53.59
CA HIS E 617 -39.00 43.47 53.41
C HIS E 617 -38.77 43.17 51.94
N GLY E 618 -39.00 44.17 51.10
CA GLY E 618 -38.79 43.99 49.68
C GLY E 618 -39.86 43.24 48.96
N ASN E 619 -40.99 42.94 49.61
CA ASN E 619 -42.06 42.24 48.93
C ASN E 619 -42.96 43.17 48.13
N LYS E 620 -42.81 44.48 48.31
CA LYS E 620 -43.31 45.63 47.55
C LYS E 620 -44.82 45.81 47.62
N HIS E 621 -45.56 44.83 48.14
CA HIS E 621 -46.96 45.09 48.44
C HIS E 621 -47.08 45.90 49.70
N ALA E 622 -46.27 45.58 50.70
CA ALA E 622 -46.18 46.41 51.88
C ALA E 622 -45.59 47.78 51.56
N PHE E 623 -44.74 47.84 50.54
CA PHE E 623 -44.24 49.14 50.10
C PHE E 623 -45.35 49.95 49.45
N MET E 624 -46.20 49.32 48.66
CA MET E 624 -47.30 50.04 48.03
C MET E 624 -48.40 50.36 49.02
N ILE E 625 -48.43 49.69 50.17
CA ILE E 625 -49.27 50.17 51.27
C ILE E 625 -48.64 51.38 51.93
N LEU E 626 -47.36 51.28 52.29
CA LEU E 626 -46.65 52.35 52.97
C LEU E 626 -46.05 53.37 52.02
N LYS E 627 -46.59 53.52 50.82
CA LYS E 627 -45.91 54.37 49.85
C LYS E 627 -46.01 55.83 50.23
N GLN E 628 -47.06 56.23 50.94
CA GLN E 628 -47.18 57.63 51.33
C GLN E 628 -46.41 57.94 52.61
N VAL E 629 -46.28 56.97 53.51
CA VAL E 629 -45.56 57.20 54.77
C VAL E 629 -44.07 57.37 54.51
N ILE E 630 -43.52 56.48 53.69
CA ILE E 630 -42.13 56.58 53.27
C ILE E 630 -41.91 57.83 52.43
N SER E 631 -42.93 58.23 51.68
CA SER E 631 -42.88 59.47 50.92
C SER E 631 -42.69 60.67 51.83
N GLN E 632 -43.50 60.76 52.88
CA GLN E 632 -43.39 61.89 53.79
C GLN E 632 -42.09 61.84 54.60
N CYS E 633 -41.64 60.63 54.97
CA CYS E 633 -40.38 60.48 55.69
C CYS E 633 -39.21 60.99 54.88
N ILE E 634 -39.07 60.51 53.65
CA ILE E 634 -37.93 60.94 52.85
C ILE E 634 -38.09 62.39 52.43
N SER E 635 -39.33 62.85 52.22
CA SER E 635 -39.54 64.21 51.75
C SER E 635 -39.13 65.23 52.81
N TYR E 636 -39.66 65.10 54.03
CA TYR E 636 -39.20 65.94 55.13
C TYR E 636 -37.73 65.71 55.42
N TRP E 637 -37.30 64.46 55.46
CA TRP E 637 -36.02 64.14 56.04
C TRP E 637 -34.87 64.50 55.12
N PHE E 638 -35.12 64.64 53.82
CA PHE E 638 -34.18 65.26 52.92
C PHE E 638 -34.44 66.74 52.75
N ASN E 639 -35.64 67.20 53.01
CA ASN E 639 -35.94 68.59 52.70
C ASN E 639 -35.50 69.53 53.80
N MET E 640 -35.40 69.04 55.03
CA MET E 640 -35.00 69.88 56.15
C MET E 640 -33.66 69.46 56.71
N LYS E 641 -33.51 68.20 57.11
CA LYS E 641 -32.21 67.71 57.58
C LYS E 641 -31.16 67.69 56.48
N HIS E 642 -31.58 67.62 55.22
CA HIS E 642 -30.78 67.29 54.03
C HIS E 642 -29.73 66.23 54.32
N ILE E 643 -30.19 65.12 54.87
CA ILE E 643 -29.44 63.87 54.83
C ILE E 643 -30.33 62.87 54.12
N LEU E 644 -29.71 61.97 53.38
CA LEU E 644 -30.49 61.02 52.62
C LEU E 644 -31.01 59.95 53.56
N LEU E 645 -32.12 59.31 53.17
CA LEU E 645 -32.80 58.36 54.01
C LEU E 645 -32.89 57.02 53.28
N PHE E 646 -32.94 55.94 54.07
CA PHE E 646 -33.04 54.56 53.58
C PHE E 646 -31.87 54.19 52.67
N CYS E 647 -30.69 54.68 53.02
CA CYS E 647 -29.49 54.33 52.28
C CYS E 647 -28.76 53.14 52.90
N ASN E 648 -29.47 52.26 53.58
CA ASN E 648 -28.89 51.05 54.14
C ASN E 648 -29.31 49.78 53.42
N SER E 649 -30.58 49.67 53.09
CA SER E 649 -31.13 48.43 52.58
C SER E 649 -31.15 48.45 51.07
N PHE E 650 -30.60 47.39 50.46
CA PHE E 650 -30.58 47.32 49.01
C PHE E 650 -31.98 47.16 48.45
N GLU E 651 -32.81 46.33 49.09
CA GLU E 651 -34.16 46.14 48.57
C GLU E 651 -34.98 47.42 48.69
N MET E 652 -34.74 48.21 49.75
CA MET E 652 -35.37 49.52 49.84
C MET E 652 -34.85 50.45 48.76
N ILE E 653 -33.54 50.44 48.51
CA ILE E 653 -32.98 51.46 47.64
C ILE E 653 -33.13 51.09 46.17
N MET E 654 -33.51 49.85 45.87
CA MET E 654 -33.97 49.51 44.54
C MET E 654 -35.47 49.75 44.41
N LEU E 655 -36.20 49.54 45.51
CA LEU E 655 -37.64 49.66 45.50
C LEU E 655 -38.07 51.11 45.35
N ILE E 656 -37.29 52.03 45.93
CA ILE E 656 -37.49 53.45 45.72
C ILE E 656 -37.32 53.81 44.25
N SER E 657 -36.20 53.40 43.66
CA SER E 657 -35.90 53.76 42.28
C SER E 657 -36.86 53.14 41.28
N ASN E 658 -37.48 52.02 41.64
CA ASN E 658 -38.51 51.49 40.76
C ASN E 658 -39.83 52.23 40.95
N HIS E 659 -40.36 52.22 42.16
CA HIS E 659 -41.77 52.58 42.33
C HIS E 659 -41.99 54.06 42.61
N MET E 660 -41.09 54.72 43.31
CA MET E 660 -41.30 56.13 43.64
C MET E 660 -41.13 57.05 42.44
N GLY E 661 -41.69 58.26 42.57
CA GLY E 661 -41.33 59.38 41.73
C GLY E 661 -41.21 60.61 42.60
N ASP E 662 -40.94 61.77 41.98
CA ASP E 662 -40.88 63.01 42.74
C ASP E 662 -42.26 63.60 43.05
N GLU E 663 -43.33 62.90 42.69
CA GLU E 663 -44.54 63.05 43.47
C GLU E 663 -44.28 62.55 44.88
N LEU E 664 -44.55 63.39 45.87
CA LEU E 664 -44.36 63.15 47.29
C LEU E 664 -42.91 62.78 47.66
N ILE E 665 -41.93 63.17 46.86
CA ILE E 665 -40.53 63.11 47.27
C ILE E 665 -39.87 64.25 46.51
N PRO E 666 -38.83 64.88 47.01
CA PRO E 666 -38.17 65.89 46.18
C PRO E 666 -37.35 65.24 45.08
N GLY E 667 -37.35 65.91 43.92
CA GLY E 667 -36.67 65.37 42.75
C GLY E 667 -35.17 65.26 42.94
N ALA E 668 -34.60 66.20 43.70
CA ALA E 668 -33.20 66.14 44.04
C ALA E 668 -32.89 64.89 44.86
N ALA E 669 -33.81 64.50 45.74
CA ALA E 669 -33.61 63.26 46.48
C ALA E 669 -33.78 62.04 45.59
N PHE E 670 -34.73 62.09 44.66
CA PHE E 670 -35.02 60.93 43.81
C PHE E 670 -33.86 60.63 42.87
N ALA E 671 -33.19 61.69 42.41
CA ALA E 671 -32.04 61.52 41.52
C ALA E 671 -30.92 60.74 42.17
N HIS E 672 -30.75 60.89 43.49
CA HIS E 672 -29.67 60.15 44.14
C HIS E 672 -29.95 58.67 44.23
N TYR E 673 -31.22 58.28 44.42
CA TYR E 673 -31.53 56.86 44.44
C TYR E 673 -31.34 56.25 43.06
N ARG E 674 -31.77 56.96 42.02
CA ARG E 674 -31.59 56.41 40.68
C ARG E 674 -30.12 56.38 40.29
N ASN E 675 -29.32 57.35 40.76
CA ASN E 675 -27.90 57.32 40.49
C ASN E 675 -27.18 56.23 41.25
N LEU E 676 -27.63 55.90 42.46
CA LEU E 676 -27.02 54.78 43.17
C LEU E 676 -27.30 53.46 42.48
N VAL E 677 -28.52 53.30 41.95
CA VAL E 677 -28.82 52.08 41.21
C VAL E 677 -27.97 51.98 39.95
N SER E 678 -27.80 53.10 39.23
CA SER E 678 -26.93 53.05 38.06
C SER E 678 -25.45 52.91 38.41
N LEU E 679 -25.04 53.34 39.61
CA LEU E 679 -23.68 53.09 40.07
C LEU E 679 -23.44 51.61 40.27
N ILE E 680 -24.40 50.92 40.87
CA ILE E 680 -24.26 49.48 41.05
C ILE E 680 -24.30 48.76 39.70
N ARG E 681 -25.07 49.28 38.75
CA ARG E 681 -25.02 48.80 37.37
C ARG E 681 -23.63 48.92 36.77
N LEU E 682 -22.97 50.07 36.98
CA LEU E 682 -21.65 50.26 36.40
C LEU E 682 -20.61 49.34 37.02
N VAL E 683 -20.70 49.12 38.34
CA VAL E 683 -19.77 48.18 38.98
C VAL E 683 -19.97 46.78 38.43
N LYS E 684 -21.24 46.40 38.20
CA LYS E 684 -21.54 45.08 37.63
C LYS E 684 -20.96 44.92 36.24
N ARG E 685 -21.10 45.95 35.40
CA ARG E 685 -20.56 45.89 34.04
C ARG E 685 -19.04 45.79 34.06
N THR E 686 -18.41 46.64 34.88
CA THR E 686 -16.96 46.72 34.98
C THR E 686 -16.35 45.39 35.37
N ILE E 687 -16.90 44.72 36.38
CA ILE E 687 -16.28 43.45 36.73
C ILE E 687 -16.89 42.30 35.96
N SER E 688 -17.89 42.55 35.12
CA SER E 688 -18.35 41.54 34.17
C SER E 688 -17.75 41.77 32.80
N ILE E 689 -16.63 42.48 32.72
CA ILE E 689 -15.71 42.29 31.58
C ILE E 689 -15.43 40.81 31.36
N SER E 690 -15.05 40.08 32.40
CA SER E 690 -14.50 38.74 32.22
C SER E 690 -15.58 37.68 32.01
N ASN E 691 -16.48 37.92 31.07
CA ASN E 691 -17.61 37.04 30.83
C ASN E 691 -17.42 36.36 29.48
N ILE E 692 -17.17 35.05 29.52
CA ILE E 692 -16.81 34.28 28.34
C ILE E 692 -17.79 33.12 28.25
N ASN E 693 -18.32 32.87 27.05
CA ASN E 693 -19.38 31.86 26.92
C ASN E 693 -18.83 30.45 27.07
N GLU E 694 -18.41 30.06 28.26
CA GLU E 694 -17.89 28.71 28.45
C GLU E 694 -18.05 28.35 29.91
N GLN E 695 -18.90 27.37 30.19
CA GLN E 695 -18.94 26.80 31.52
C GLN E 695 -18.01 25.61 31.59
N LEU E 696 -17.60 25.26 32.80
CA LEU E 696 -16.65 24.17 32.98
C LEU E 696 -17.29 22.95 33.62
N CYS E 697 -17.85 23.08 34.81
CA CYS E 697 -18.51 21.96 35.46
C CYS E 697 -20.00 22.21 35.59
N GLY E 698 -20.38 23.25 36.31
CA GLY E 698 -21.75 23.72 36.28
C GLY E 698 -21.76 25.22 36.39
N GLU E 699 -20.57 25.79 36.50
CA GLU E 699 -20.50 27.20 36.80
C GLU E 699 -19.99 27.98 35.59
N PRO E 700 -20.42 29.22 35.41
CA PRO E 700 -19.84 30.03 34.35
C PRO E 700 -18.42 30.48 34.69
N LEU E 701 -17.77 30.99 33.66
CA LEU E 701 -16.37 31.29 33.80
C LEU E 701 -16.15 32.54 34.65
N VAL E 702 -17.14 33.40 34.76
CA VAL E 702 -16.93 34.57 35.61
C VAL E 702 -17.11 34.17 37.05
N ASN E 703 -18.02 33.21 37.28
CA ASN E 703 -18.13 32.56 38.58
C ASN E 703 -16.80 31.95 38.99
N PHE E 704 -16.03 31.43 38.04
CA PHE E 704 -14.65 31.09 38.42
C PHE E 704 -13.78 32.32 38.65
N ALA E 705 -13.98 33.40 37.90
CA ALA E 705 -13.03 34.52 37.95
C ALA E 705 -13.19 35.37 39.22
N ASN E 706 -14.31 36.07 39.32
CA ASN E 706 -14.51 37.07 40.36
C ASN E 706 -15.57 36.57 41.32
N ALA E 707 -15.30 36.70 42.60
CA ALA E 707 -16.09 36.03 43.62
C ALA E 707 -17.44 36.64 43.86
N LEU E 708 -17.79 37.75 43.21
CA LEU E 708 -19.13 38.25 43.45
C LEU E 708 -20.16 37.55 42.60
N PHE E 709 -19.73 36.80 41.59
CA PHE E 709 -20.65 36.12 40.69
C PHE E 709 -20.83 34.66 41.05
N ASP E 710 -20.77 34.29 42.32
CA ASP E 710 -20.85 32.89 42.68
C ASP E 710 -22.13 32.58 43.45
N GLY E 711 -22.35 31.31 43.67
CA GLY E 711 -23.36 30.90 44.62
C GLY E 711 -22.72 30.47 45.92
N ARG E 712 -21.47 30.86 46.11
CA ARG E 712 -20.71 30.40 47.27
C ARG E 712 -20.41 31.51 48.26
N LEU E 713 -20.35 32.75 47.80
CA LEU E 713 -20.26 33.92 48.66
C LEU E 713 -21.66 34.50 48.75
N PHE E 714 -22.19 34.59 49.96
CA PHE E 714 -23.58 35.00 50.12
C PHE E 714 -23.69 36.44 50.60
N CYS E 715 -24.76 37.09 50.16
CA CYS E 715 -25.06 38.44 50.61
C CYS E 715 -25.39 38.40 52.09
N PRO E 716 -24.79 39.26 52.91
CA PRO E 716 -24.89 39.08 54.37
C PRO E 716 -26.27 39.31 54.94
N PHE E 717 -26.99 40.29 54.42
CA PHE E 717 -28.33 40.59 54.88
C PHE E 717 -29.30 40.00 53.85
N VAL E 718 -30.01 38.96 54.24
CA VAL E 718 -31.02 38.36 53.37
C VAL E 718 -32.35 38.45 54.06
N HIS E 719 -33.41 38.24 53.29
CA HIS E 719 -34.74 38.28 53.88
C HIS E 719 -35.56 37.05 53.53
N THR E 720 -35.33 36.44 52.38
CA THR E 720 -36.11 35.27 52.02
C THR E 720 -35.24 34.02 52.04
N MET E 721 -34.35 33.86 51.10
CA MET E 721 -33.40 32.76 50.98
C MET E 721 -32.55 33.14 49.78
N PRO E 722 -31.24 32.97 49.82
CA PRO E 722 -30.46 33.19 48.62
C PRO E 722 -30.63 32.05 47.63
N ARG E 723 -30.48 32.38 46.36
CA ARG E 723 -30.59 31.39 45.30
C ARG E 723 -29.45 30.41 45.40
N ASN E 724 -29.74 29.20 45.86
CA ASN E 724 -28.72 28.34 46.41
C ASN E 724 -27.91 27.67 45.31
N ASP E 725 -26.60 27.66 45.50
CA ASP E 725 -25.72 26.77 44.77
C ASP E 725 -26.00 25.34 45.18
N THR E 726 -25.61 24.41 44.32
CA THR E 726 -25.59 23.02 44.73
C THR E 726 -24.62 22.82 45.89
N ASN E 727 -25.07 22.04 46.86
CA ASN E 727 -24.26 21.55 47.99
C ASN E 727 -23.68 22.69 48.83
N ALA E 728 -24.44 23.76 49.00
CA ALA E 728 -24.06 24.81 49.93
C ALA E 728 -24.92 24.70 51.17
N LYS E 729 -24.29 24.53 52.32
CA LYS E 729 -24.96 24.19 53.55
C LYS E 729 -25.33 25.45 54.31
N ILE E 730 -26.61 25.64 54.56
CA ILE E 730 -27.12 26.75 55.33
C ILE E 730 -27.81 26.18 56.55
N THR E 731 -27.37 26.58 57.74
CA THR E 731 -27.86 26.00 58.98
C THR E 731 -28.22 27.08 60.00
N ALA E 732 -29.19 26.75 60.84
CA ALA E 732 -29.43 27.45 62.09
C ALA E 732 -29.40 26.49 63.28
N ASP E 733 -29.73 25.24 63.06
CA ASP E 733 -29.52 24.15 64.00
C ASP E 733 -28.71 23.10 63.26
N ASP E 734 -28.63 21.89 63.79
CA ASP E 734 -28.00 20.83 63.03
C ASP E 734 -28.81 20.40 61.80
N THR E 735 -30.03 20.87 61.64
CA THR E 735 -30.77 20.65 60.39
C THR E 735 -30.30 21.63 59.33
N PRO E 736 -29.82 21.17 58.20
CA PRO E 736 -29.45 22.10 57.13
C PRO E 736 -30.71 22.62 56.46
N LEU E 737 -30.69 23.91 56.12
CA LEU E 737 -31.84 24.55 55.51
C LEU E 737 -31.71 24.45 54.02
N THR E 738 -32.74 23.92 53.37
CA THR E 738 -32.73 23.69 51.93
C THR E 738 -34.08 24.11 51.39
N GLN E 739 -34.37 23.68 50.17
CA GLN E 739 -35.69 23.90 49.60
C GLN E 739 -36.75 23.11 50.35
N ASN E 740 -36.48 21.84 50.62
CA ASN E 740 -37.50 21.00 51.23
C ASN E 740 -37.65 21.28 52.72
N THR E 741 -36.55 21.67 53.38
CA THR E 741 -36.56 21.80 54.83
C THR E 741 -37.38 23.00 55.28
N VAL E 742 -37.44 24.05 54.47
CA VAL E 742 -38.07 25.29 54.88
C VAL E 742 -39.52 25.30 54.43
N ARG E 743 -40.43 25.64 55.35
CA ARG E 743 -41.80 25.90 54.94
C ARG E 743 -41.96 27.29 54.37
N VAL E 744 -42.86 27.39 53.39
CA VAL E 744 -43.14 28.63 52.69
C VAL E 744 -43.96 29.56 53.56
N ARG E 745 -43.64 30.86 53.50
CA ARG E 745 -44.46 31.85 54.19
C ARG E 745 -45.73 32.09 53.42
N ASN E 746 -46.86 32.06 54.11
CA ASN E 746 -48.14 32.33 53.49
C ASN E 746 -48.68 33.60 54.11
N TYR E 747 -48.71 34.68 53.33
CA TYR E 747 -49.04 35.98 53.88
C TYR E 747 -50.53 36.23 54.05
N GLU E 748 -51.37 35.28 53.70
CA GLU E 748 -52.81 35.56 53.68
C GLU E 748 -53.61 34.64 54.57
N ILE E 749 -53.26 33.36 54.64
CA ILE E 749 -54.01 32.47 55.50
C ILE E 749 -53.66 32.69 56.96
N SER E 750 -52.45 33.20 57.22
CA SER E 750 -51.95 33.58 58.54
C SER E 750 -52.02 32.40 59.52
N ASP E 751 -51.13 31.44 59.26
CA ASP E 751 -51.02 30.27 60.11
C ASP E 751 -50.56 30.64 61.52
N VAL E 752 -50.95 29.82 62.48
CA VAL E 752 -50.53 30.02 63.86
C VAL E 752 -49.20 29.34 64.12
N GLN E 753 -48.87 28.31 63.35
CA GLN E 753 -47.62 27.58 63.49
C GLN E 753 -46.43 28.49 63.28
N ARG E 754 -46.51 29.34 62.24
CA ARG E 754 -45.43 30.28 62.02
C ARG E 754 -45.39 31.35 63.09
N MET E 755 -46.52 31.62 63.76
CA MET E 755 -46.48 32.54 64.89
C MET E 755 -45.83 31.91 66.11
N ASN E 756 -45.86 30.60 66.23
CA ASN E 756 -45.02 29.94 67.23
C ASN E 756 -43.55 29.99 66.81
N LEU E 757 -43.30 29.78 65.54
CA LEU E 757 -41.93 29.60 65.15
C LEU E 757 -41.25 30.91 64.78
N ILE E 758 -41.90 32.05 64.99
CA ILE E 758 -41.11 33.27 65.00
C ILE E 758 -40.35 33.38 66.30
N ASP E 759 -40.89 32.86 67.39
CA ASP E 759 -40.06 32.73 68.59
C ASP E 759 -39.06 31.61 68.43
N SER E 760 -39.50 30.48 67.89
CA SER E 760 -38.54 29.39 67.77
C SER E 760 -37.62 29.60 66.57
N SER E 761 -36.66 28.70 66.42
CA SER E 761 -35.58 28.82 65.44
C SER E 761 -35.83 27.95 64.21
N VAL E 762 -36.89 28.25 63.46
CA VAL E 762 -37.19 27.55 62.22
C VAL E 762 -37.34 28.58 61.12
N VAL E 763 -36.57 28.43 60.06
CA VAL E 763 -36.49 29.42 58.98
C VAL E 763 -37.76 29.32 58.13
N PHE E 764 -38.18 30.46 57.58
CA PHE E 764 -39.37 30.55 56.73
C PHE E 764 -39.12 31.48 55.54
N THR E 765 -39.36 30.99 54.33
CA THR E 765 -39.07 31.74 53.11
C THR E 765 -40.34 32.10 52.37
N ASP E 766 -40.22 33.05 51.46
CA ASP E 766 -41.33 33.37 50.57
C ASP E 766 -41.39 32.41 49.39
N ASN E 767 -40.35 32.43 48.56
CA ASN E 767 -40.31 31.70 47.30
C ASN E 767 -38.85 31.77 46.85
N ASP E 768 -38.57 31.41 45.61
CA ASP E 768 -37.24 31.72 45.07
C ASP E 768 -37.29 33.03 44.30
N ARG E 769 -37.65 34.07 45.06
CA ARG E 769 -37.64 35.44 44.55
C ARG E 769 -36.29 35.93 44.01
N PRO E 770 -35.09 35.69 44.65
CA PRO E 770 -33.88 36.32 44.12
C PRO E 770 -33.46 35.83 42.76
N SER E 771 -33.52 36.72 41.78
CA SER E 771 -32.91 36.47 40.51
C SER E 771 -31.39 36.48 40.66
N ASN E 772 -30.71 35.98 39.64
CA ASN E 772 -29.26 36.01 39.64
C ASN E 772 -28.76 37.44 39.60
N GLU E 773 -29.44 38.28 38.81
CA GLU E 773 -29.11 39.70 38.73
C GLU E 773 -29.29 40.39 40.08
N ASN E 774 -30.43 40.16 40.74
CA ASN E 774 -30.65 40.82 42.02
C ASN E 774 -29.74 40.30 43.11
N THR E 775 -29.38 39.02 43.05
CA THR E 775 -28.44 38.47 44.01
C THR E 775 -27.08 39.13 43.87
N ILE E 776 -26.62 39.25 42.63
CA ILE E 776 -25.34 39.89 42.35
C ILE E 776 -25.37 41.35 42.76
N LEU E 777 -26.46 42.05 42.50
CA LEU E 777 -26.48 43.46 42.86
C LEU E 777 -26.64 43.66 44.36
N SER E 778 -27.28 42.71 45.05
CA SER E 778 -27.35 42.76 46.50
C SER E 778 -25.97 42.59 47.10
N LYS E 779 -25.19 41.66 46.56
CA LYS E 779 -23.82 41.50 47.01
C LYS E 779 -22.99 42.73 46.71
N ILE E 780 -23.11 43.29 45.50
CA ILE E 780 -22.28 44.43 45.11
C ILE E 780 -22.58 45.63 45.97
N PHE E 781 -23.84 45.93 46.19
CA PHE E 781 -24.12 47.07 47.03
C PHE E 781 -23.59 46.85 48.43
N TYR E 782 -23.82 45.68 49.03
CA TYR E 782 -23.34 45.47 50.39
C TYR E 782 -21.85 45.34 50.58
N PHE E 783 -21.22 44.45 49.82
CA PHE E 783 -19.77 44.27 49.90
C PHE E 783 -18.88 45.40 49.38
N CYS E 784 -19.26 46.01 48.25
CA CYS E 784 -18.47 47.07 47.67
C CYS E 784 -19.01 48.48 47.76
N VAL E 785 -20.20 48.70 48.31
CA VAL E 785 -20.59 50.10 48.31
C VAL E 785 -20.76 50.64 49.72
N LEU E 786 -21.59 49.99 50.54
CA LEU E 786 -21.65 50.34 51.96
C LEU E 786 -20.32 50.24 52.73
N PRO E 787 -19.45 49.23 52.57
CA PRO E 787 -18.21 49.28 53.32
C PRO E 787 -17.26 50.33 52.82
N ALA E 788 -17.33 50.69 51.55
CA ALA E 788 -16.46 51.77 51.09
C ALA E 788 -16.96 53.11 51.59
N LEU E 789 -18.24 53.37 51.43
CA LEU E 789 -18.75 54.70 51.73
C LEU E 789 -19.02 54.92 53.20
N SER E 790 -19.27 53.87 53.96
CA SER E 790 -19.48 54.05 55.39
C SER E 790 -18.18 54.00 56.17
N ASN E 791 -17.12 53.46 55.57
CA ASN E 791 -15.83 53.24 56.22
C ASN E 791 -15.98 52.44 57.50
N ASN E 792 -16.67 51.30 57.38
CA ASN E 792 -16.85 50.31 58.45
C ASN E 792 -17.60 50.88 59.64
N LYS E 793 -18.63 51.67 59.39
CA LYS E 793 -19.38 52.24 60.48
C LYS E 793 -20.77 51.66 60.63
N ALA E 794 -21.07 50.58 59.91
CA ALA E 794 -22.33 49.89 60.08
C ALA E 794 -22.25 48.88 61.22
N CYS E 795 -23.40 48.32 61.57
CA CYS E 795 -23.46 47.18 62.47
C CYS E 795 -24.74 46.41 62.21
N GLY E 796 -24.70 45.08 62.28
CA GLY E 796 -25.91 44.31 62.06
C GLY E 796 -26.91 44.49 63.18
N ALA E 797 -28.15 44.14 62.91
CA ALA E 797 -29.20 44.49 63.85
C ALA E 797 -30.27 43.42 63.88
N GLY E 798 -30.62 43.01 65.10
CA GLY E 798 -31.61 41.99 65.33
C GLY E 798 -32.87 42.54 65.96
N VAL E 799 -34.00 41.90 65.66
CA VAL E 799 -35.32 42.39 66.03
C VAL E 799 -36.17 41.26 66.60
N ASN E 800 -36.81 41.52 67.74
CA ASN E 800 -37.93 40.70 68.20
C ASN E 800 -39.20 41.31 67.62
N VAL E 801 -39.68 40.74 66.52
CA VAL E 801 -40.88 41.28 65.90
C VAL E 801 -42.09 41.03 66.78
N LYS E 802 -42.10 39.94 67.55
CA LYS E 802 -43.24 39.63 68.39
C LYS E 802 -43.39 40.64 69.52
N GLU E 803 -42.31 40.85 70.28
CA GLU E 803 -42.35 41.84 71.35
C GLU E 803 -42.53 43.25 70.79
N LEU E 804 -42.01 43.50 69.59
CA LEU E 804 -42.16 44.82 68.98
C LEU E 804 -43.61 45.11 68.64
N VAL E 805 -44.29 44.21 67.95
CA VAL E 805 -45.67 44.52 67.57
C VAL E 805 -46.61 44.38 68.75
N LEU E 806 -46.28 43.54 69.73
CA LEU E 806 -47.15 43.46 70.89
C LEU E 806 -46.87 44.56 71.90
N ASP E 807 -45.86 45.39 71.66
CA ASP E 807 -45.77 46.63 72.40
C ASP E 807 -46.36 47.81 71.64
N LEU E 808 -46.06 47.92 70.35
CA LEU E 808 -46.53 49.08 69.60
C LEU E 808 -48.01 49.01 69.31
N PHE E 809 -48.53 47.81 69.06
CA PHE E 809 -49.88 47.60 68.64
C PHE E 809 -50.59 46.84 69.75
N TYR E 810 -51.77 46.31 69.46
CA TYR E 810 -52.63 45.55 70.36
C TYR E 810 -53.21 46.45 71.46
N THR E 811 -53.18 47.76 71.25
CA THR E 811 -53.86 48.69 72.13
C THR E 811 -55.24 49.03 71.58
N GLU E 812 -55.90 49.97 72.26
CA GLU E 812 -57.31 50.27 71.99
C GLU E 812 -57.67 50.76 70.60
N PRO E 813 -56.97 51.74 69.95
CA PRO E 813 -57.41 52.18 68.61
C PRO E 813 -57.36 51.08 67.57
N PHE E 814 -56.43 50.16 67.70
CA PHE E 814 -56.34 49.09 66.72
C PHE E 814 -57.28 47.95 67.07
N ILE E 815 -57.31 47.54 68.34
CA ILE E 815 -58.11 46.39 68.76
C ILE E 815 -59.61 46.67 68.67
N CYS E 816 -60.04 47.89 68.98
CA CYS E 816 -61.45 48.24 68.98
C CYS E 816 -62.02 48.19 67.56
N PRO E 817 -63.32 47.94 67.41
CA PRO E 817 -63.90 47.81 66.07
C PRO E 817 -63.92 49.10 65.28
N ASP E 818 -64.38 48.97 64.03
CA ASP E 818 -63.96 49.82 62.92
C ASP E 818 -64.31 51.29 63.13
N ASP E 819 -65.43 51.57 63.80
CA ASP E 819 -65.80 52.95 64.14
C ASP E 819 -64.75 53.60 65.03
N CYS E 820 -64.44 52.94 66.15
CA CYS E 820 -63.44 53.44 67.08
C CYS E 820 -62.06 53.45 66.44
N PHE E 821 -61.80 52.51 65.53
CA PHE E 821 -60.56 52.52 64.75
C PHE E 821 -60.46 53.76 63.89
N GLN E 822 -61.53 54.12 63.22
CA GLN E 822 -61.43 55.19 62.23
C GLN E 822 -61.45 56.57 62.89
N GLU E 823 -62.19 56.75 63.98
CA GLU E 823 -62.24 58.10 64.55
C GLU E 823 -61.34 58.29 65.76
N ASN E 824 -61.11 57.25 66.55
CA ASN E 824 -60.38 57.37 67.79
C ASN E 824 -58.92 57.64 67.49
N PRO E 825 -58.32 58.69 68.06
CA PRO E 825 -56.88 58.91 67.86
C PRO E 825 -56.06 57.85 68.55
N ILE E 826 -54.75 57.96 68.32
CA ILE E 826 -53.77 56.98 68.78
C ILE E 826 -53.74 56.93 70.31
N SER E 827 -53.19 55.84 70.84
CA SER E 827 -53.00 55.62 72.26
C SER E 827 -52.16 56.69 72.94
N SER E 828 -51.43 57.51 72.16
CA SER E 828 -50.65 58.64 72.66
C SER E 828 -49.59 58.17 73.64
N ASP E 829 -49.02 57.01 73.35
CA ASP E 829 -48.02 56.42 74.23
C ASP E 829 -46.73 57.23 74.18
N VAL E 830 -45.85 56.92 75.13
CA VAL E 830 -44.54 57.57 75.19
C VAL E 830 -43.70 57.16 73.99
N LEU E 831 -43.98 56.01 73.39
CA LEU E 831 -43.08 55.43 72.42
C LEU E 831 -43.46 55.83 71.00
N MET E 832 -44.65 55.43 70.56
CA MET E 832 -44.95 55.38 69.13
C MET E 832 -45.29 56.76 68.59
N SER E 833 -45.98 57.56 69.39
CA SER E 833 -46.23 58.94 69.04
C SER E 833 -44.93 59.74 68.99
N LEU E 834 -43.97 59.42 69.84
CA LEU E 834 -42.67 60.09 69.76
C LEU E 834 -41.87 59.63 68.56
N ILE E 835 -42.02 58.37 68.16
CA ILE E 835 -41.37 57.90 66.93
C ILE E 835 -41.88 58.68 65.72
N ARG E 836 -43.19 58.88 65.67
CA ARG E 836 -43.70 59.61 64.52
C ARG E 836 -43.45 61.11 64.64
N GLU E 837 -43.33 61.65 65.85
CA GLU E 837 -42.89 63.03 65.94
C GLU E 837 -41.42 63.16 65.55
N ALA E 838 -40.64 62.09 65.74
CA ALA E 838 -39.27 62.11 65.26
C ALA E 838 -39.19 62.03 63.75
N MET E 839 -40.15 61.38 63.08
CA MET E 839 -40.11 61.48 61.62
C MET E 839 -40.67 62.80 61.12
N GLY E 840 -41.64 63.39 61.82
CA GLY E 840 -42.14 64.68 61.42
C GLY E 840 -42.63 65.49 62.61
N PRO E 841 -42.06 66.68 62.81
CA PRO E 841 -42.50 67.52 63.93
C PRO E 841 -43.59 68.50 63.53
N GLY E 842 -44.44 68.84 64.48
CA GLY E 842 -45.52 69.76 64.20
C GLY E 842 -46.63 69.12 63.39
N TYR E 843 -47.66 69.92 63.15
CA TYR E 843 -48.79 69.71 62.23
C TYR E 843 -49.57 68.42 62.47
N THR E 844 -49.33 67.70 63.57
CA THR E 844 -49.88 66.36 63.78
C THR E 844 -50.56 66.32 65.12
N VAL E 845 -51.84 66.69 65.16
CA VAL E 845 -52.59 66.54 66.39
C VAL E 845 -53.17 65.13 66.48
N ALA E 846 -54.06 64.80 65.56
CA ALA E 846 -54.51 63.44 65.33
C ALA E 846 -54.12 62.96 63.95
N ASN E 847 -53.34 63.75 63.22
CA ASN E 847 -52.86 63.34 61.90
C ASN E 847 -51.80 62.27 62.02
N THR E 848 -51.12 62.22 63.18
CA THR E 848 -50.28 61.07 63.53
C THR E 848 -51.09 59.78 63.57
N SER E 849 -52.36 59.85 63.97
CA SER E 849 -53.16 58.64 63.98
C SER E 849 -53.50 58.17 62.57
N SER E 850 -53.52 59.09 61.59
CA SER E 850 -53.72 58.68 60.21
C SER E 850 -52.53 57.87 59.72
N ILE E 851 -51.33 58.27 60.11
CA ILE E 851 -50.15 57.51 59.74
C ILE E 851 -50.12 56.20 60.50
N ALA E 852 -50.72 56.16 61.69
CA ALA E 852 -50.87 54.88 62.39
C ALA E 852 -51.82 53.96 61.66
N LYS E 853 -52.89 54.53 61.09
CA LYS E 853 -53.83 53.76 60.29
C LYS E 853 -53.18 53.23 59.02
N GLN E 854 -52.28 54.01 58.42
CA GLN E 854 -51.52 53.53 57.28
C GLN E 854 -50.57 52.41 57.68
N LEU E 855 -49.83 52.61 58.77
CA LEU E 855 -48.75 51.70 59.12
C LEU E 855 -49.28 50.40 59.70
N PHE E 856 -50.48 50.44 60.28
CA PHE E 856 -51.10 49.22 60.77
C PHE E 856 -51.52 48.32 59.63
N LYS E 857 -51.79 48.89 58.45
CA LYS E 857 -52.22 48.05 57.34
C LYS E 857 -51.08 47.19 56.79
N SER E 858 -49.84 47.68 56.85
CA SER E 858 -48.71 46.89 56.36
C SER E 858 -48.33 45.75 57.30
N LEU E 859 -48.91 45.69 58.49
CA LEU E 859 -48.51 44.76 59.52
C LEU E 859 -48.87 43.31 59.20
N ILE E 860 -49.58 43.06 58.10
CA ILE E 860 -49.86 41.70 57.65
C ILE E 860 -48.57 40.98 57.27
N TYR E 861 -47.67 41.66 56.59
CA TYR E 861 -46.51 41.02 55.98
C TYR E 861 -45.33 40.80 56.92
N ILE E 862 -45.54 40.79 58.24
CA ILE E 862 -44.50 40.51 59.23
C ILE E 862 -43.74 39.21 58.99
N ASN E 863 -42.48 39.19 59.42
CA ASN E 863 -41.52 38.12 59.21
C ASN E 863 -41.14 37.48 60.53
N GLU E 864 -40.08 36.68 60.51
CA GLU E 864 -39.54 35.98 61.66
C GLU E 864 -38.77 36.95 62.57
N ASN E 865 -38.19 36.41 63.62
CA ASN E 865 -37.15 37.13 64.33
C ASN E 865 -35.84 37.02 63.59
N THR E 866 -34.83 37.73 64.05
CA THR E 866 -33.53 37.72 63.39
C THR E 866 -32.76 36.46 63.74
N LYS E 867 -32.18 35.82 62.73
CA LYS E 867 -31.44 34.57 62.92
C LYS E 867 -30.06 34.69 62.30
N ILE E 868 -29.02 34.39 63.09
CA ILE E 868 -27.73 34.07 62.51
C ILE E 868 -27.89 32.75 61.75
N LEU E 869 -27.22 32.63 60.61
CA LEU E 869 -27.14 31.36 59.92
C LEU E 869 -25.70 31.07 59.58
N GLU E 870 -25.28 29.83 59.78
CA GLU E 870 -24.01 29.43 59.20
C GLU E 870 -24.19 29.00 57.77
N VAL E 871 -23.14 29.16 56.99
CA VAL E 871 -23.01 28.62 55.67
C VAL E 871 -21.66 27.92 55.62
N GLU E 872 -21.68 26.61 55.49
CA GLU E 872 -20.48 25.87 55.14
C GLU E 872 -20.55 25.59 53.65
N VAL E 873 -19.48 25.92 52.94
CA VAL E 873 -19.47 25.62 51.51
C VAL E 873 -18.06 25.27 51.10
N SER E 874 -17.92 24.25 50.28
CA SER E 874 -16.62 24.01 49.71
C SER E 874 -16.42 24.94 48.51
N LEU E 875 -15.16 25.10 48.11
CA LEU E 875 -14.84 26.10 47.11
C LEU E 875 -15.13 25.57 45.71
N ASP E 876 -14.94 26.45 44.73
CA ASP E 876 -14.97 26.08 43.33
C ASP E 876 -13.86 25.07 43.04
N PRO E 877 -14.07 24.15 42.07
CA PRO E 877 -13.25 22.93 42.03
C PRO E 877 -11.77 23.17 41.69
N ALA E 878 -11.47 24.21 40.93
CA ALA E 878 -10.10 24.53 40.61
C ALA E 878 -9.31 25.07 41.80
N GLN E 879 -9.99 25.43 42.89
CA GLN E 879 -9.34 25.64 44.16
C GLN E 879 -9.53 24.48 45.11
N ARG E 880 -10.54 23.64 44.85
CA ARG E 880 -10.75 22.45 45.67
C ARG E 880 -9.63 21.44 45.51
N HIS E 881 -8.95 21.46 44.35
CA HIS E 881 -7.99 20.43 43.96
C HIS E 881 -6.91 20.12 45.00
N GLY E 882 -6.07 21.10 45.32
CA GLY E 882 -4.77 20.76 45.88
C GLY E 882 -4.67 20.58 47.38
N ASN E 883 -5.23 19.46 47.89
CA ASN E 883 -5.36 19.19 49.33
C ASN E 883 -6.08 20.33 50.04
N SER E 884 -7.04 20.90 49.33
CA SER E 884 -8.04 21.79 49.89
C SER E 884 -9.41 21.16 49.74
N VAL E 885 -9.42 19.84 49.53
CA VAL E 885 -10.64 19.07 49.33
C VAL E 885 -11.52 19.17 50.55
N HIS E 886 -10.92 19.16 51.72
CA HIS E 886 -11.61 19.34 52.99
C HIS E 886 -11.24 20.72 53.53
N PHE E 887 -11.96 21.74 53.08
CA PHE E 887 -11.73 23.08 53.61
C PHE E 887 -12.94 23.68 54.30
N GLN E 888 -14.10 23.70 53.65
CA GLN E 888 -15.39 24.06 54.25
C GLN E 888 -15.41 25.51 54.78
N SER E 889 -15.42 26.45 53.83
CA SER E 889 -15.59 27.88 54.12
C SER E 889 -16.79 28.14 55.02
N LEU E 890 -16.60 29.05 55.98
CA LEU E 890 -17.57 29.42 56.99
C LEU E 890 -17.98 30.86 56.79
N GLN E 891 -19.17 31.07 56.23
CA GLN E 891 -19.79 32.38 56.15
C GLN E 891 -20.89 32.48 57.19
N HIS E 892 -20.94 33.59 57.92
CA HIS E 892 -22.08 33.90 58.78
C HIS E 892 -22.97 34.91 58.09
N ILE E 893 -24.25 34.63 58.05
CA ILE E 893 -25.19 35.41 57.26
C ILE E 893 -26.38 35.76 58.13
N LEU E 894 -26.79 37.03 58.08
CA LEU E 894 -27.73 37.58 59.04
C LEU E 894 -29.12 37.52 58.42
N TYR E 895 -29.79 36.38 58.60
CA TYR E 895 -31.11 36.20 58.05
C TYR E 895 -32.11 37.04 58.80
N ASN E 896 -32.87 37.82 58.05
CA ASN E 896 -33.98 38.64 58.55
C ASN E 896 -33.51 39.65 59.58
N GLY E 897 -32.26 40.10 59.45
CA GLY E 897 -31.76 41.22 60.21
C GLY E 897 -31.73 42.45 59.34
N LEU E 898 -31.17 43.52 59.89
CA LEU E 898 -31.06 44.72 59.08
C LEU E 898 -29.76 45.42 59.39
N CYS E 899 -29.24 46.12 58.40
CA CYS E 899 -28.08 46.96 58.64
C CYS E 899 -28.46 48.10 59.55
N LEU E 900 -27.48 48.59 60.29
CA LEU E 900 -27.72 49.62 61.27
C LEU E 900 -26.63 50.66 61.11
N ILE E 901 -26.99 51.91 61.33
CA ILE E 901 -26.14 53.02 60.96
C ILE E 901 -25.94 54.03 62.08
N SER E 902 -26.76 54.04 63.13
CA SER E 902 -26.76 55.13 64.10
C SER E 902 -27.40 54.62 65.38
N PRO E 903 -26.97 55.12 66.54
CA PRO E 903 -27.41 54.54 67.82
C PRO E 903 -28.91 54.69 68.07
N ILE E 904 -29.54 53.55 68.31
CA ILE E 904 -30.96 53.48 68.58
C ILE E 904 -31.20 53.70 70.07
N THR E 905 -32.19 54.52 70.41
CA THR E 905 -32.44 54.88 71.79
C THR E 905 -33.79 54.43 72.29
N THR E 906 -34.88 54.75 71.57
CA THR E 906 -36.21 54.40 72.04
C THR E 906 -36.49 52.92 71.95
N LEU E 907 -35.78 52.22 71.07
CA LEU E 907 -36.06 50.82 70.80
C LEU E 907 -34.89 49.93 71.22
N ARG E 908 -34.17 50.34 72.26
CA ARG E 908 -33.12 49.50 72.82
C ARG E 908 -33.67 48.23 73.44
N ARG E 909 -34.95 48.26 73.80
CA ARG E 909 -35.59 47.07 74.35
C ARG E 909 -35.76 46.00 73.27
N TYR E 910 -35.86 46.39 72.00
CA TYR E 910 -36.34 45.48 70.96
C TYR E 910 -35.33 45.20 69.87
N TYR E 911 -34.16 45.83 69.89
CA TYR E 911 -33.15 45.64 68.87
C TYR E 911 -31.82 45.27 69.49
N GLN E 912 -31.25 44.19 69.03
CA GLN E 912 -29.91 43.81 69.44
C GLN E 912 -28.88 44.31 68.45
N PRO E 913 -27.81 44.94 68.92
CA PRO E 913 -26.64 45.12 68.05
C PRO E 913 -25.95 43.79 67.83
N ILE E 914 -25.75 43.44 66.56
CA ILE E 914 -25.09 42.21 66.19
C ILE E 914 -23.84 42.57 65.40
N PRO E 915 -22.66 42.43 66.00
CA PRO E 915 -21.42 42.41 65.22
C PRO E 915 -21.14 40.99 64.76
N PHE E 916 -20.99 40.80 63.45
CA PHE E 916 -20.68 39.47 62.94
C PHE E 916 -19.64 39.42 61.83
N HIS E 917 -19.37 40.51 61.14
CA HIS E 917 -18.60 40.39 59.91
C HIS E 917 -17.29 41.16 60.03
N ARG E 918 -16.46 41.04 58.99
CA ARG E 918 -15.27 41.89 58.86
C ARG E 918 -15.66 43.36 58.79
N PHE E 919 -16.65 43.67 57.95
CA PHE E 919 -17.31 44.96 57.97
C PHE E 919 -18.41 44.89 59.04
N PHE E 920 -19.34 45.85 59.05
CA PHE E 920 -20.61 45.77 59.79
C PHE E 920 -20.45 45.55 61.28
N SER E 921 -19.37 46.05 61.86
CA SER E 921 -19.09 45.76 63.26
C SER E 921 -18.53 46.98 63.97
N ASP E 922 -19.16 48.13 63.82
CA ASP E 922 -18.61 49.36 64.39
C ASP E 922 -18.80 49.38 65.90
N PRO E 923 -17.72 49.48 66.69
CA PRO E 923 -17.90 49.52 68.14
C PRO E 923 -18.49 50.82 68.62
N GLY E 924 -18.16 51.94 67.97
CA GLY E 924 -18.74 53.22 68.33
C GLY E 924 -20.23 53.29 68.14
N ILE E 925 -20.80 52.41 67.32
CA ILE E 925 -22.24 52.26 67.24
C ILE E 925 -22.73 51.22 68.22
N CYS E 926 -22.01 50.09 68.32
CA CYS E 926 -22.49 48.94 69.08
C CYS E 926 -22.52 49.23 70.57
N GLY E 927 -21.53 49.95 71.07
CA GLY E 927 -21.44 50.28 72.49
C GLY E 927 -22.43 51.31 72.96
N THR E 928 -23.21 51.87 72.07
CA THR E 928 -24.29 52.76 72.46
C THR E 928 -25.64 52.06 72.51
N MET E 929 -25.87 51.05 71.67
CA MET E 929 -27.05 50.23 71.88
C MET E 929 -26.89 49.32 73.08
N ASN E 930 -25.71 48.71 73.24
CA ASN E 930 -25.51 47.82 74.37
C ASN E 930 -24.52 48.41 75.35
N ALA E 931 -24.76 48.14 76.64
CA ALA E 931 -23.91 48.65 77.70
C ALA E 931 -22.72 47.74 77.97
N ASP E 932 -22.82 46.45 77.64
CA ASP E 932 -21.71 45.54 77.90
C ASP E 932 -20.53 45.82 76.99
N ILE E 933 -20.80 46.20 75.74
CA ILE E 933 -19.72 46.60 74.84
C ILE E 933 -19.10 47.89 75.33
N GLN E 934 -19.92 48.78 75.90
CA GLN E 934 -19.44 50.08 76.36
C GLN E 934 -18.44 49.93 77.49
N VAL E 935 -18.76 49.09 78.49
CA VAL E 935 -17.81 48.86 79.56
C VAL E 935 -16.66 47.99 79.09
N PHE E 936 -16.84 47.24 78.00
CA PHE E 936 -15.71 46.52 77.42
C PHE E 936 -14.74 47.48 76.78
N LEU E 937 -15.25 48.46 76.02
CA LEU E 937 -14.38 49.42 75.38
C LEU E 937 -13.78 50.39 76.38
N ASN E 938 -14.47 50.63 77.49
CA ASN E 938 -13.98 51.58 78.49
C ASN E 938 -12.80 51.05 79.26
N THR E 939 -12.58 49.73 79.27
CA THR E 939 -11.42 49.16 79.91
C THR E 939 -10.36 48.71 78.92
N PHE E 940 -10.69 48.68 77.62
CA PHE E 940 -9.71 48.38 76.58
C PHE E 940 -9.98 49.30 75.42
N PRO E 941 -9.43 50.51 75.46
CA PRO E 941 -9.84 51.53 74.49
C PRO E 941 -9.29 51.30 73.11
N HIS E 942 -8.32 50.41 72.95
CA HIS E 942 -7.73 50.20 71.64
C HIS E 942 -8.55 49.30 70.75
N TYR E 943 -9.69 48.81 71.22
CA TYR E 943 -10.61 48.13 70.33
C TYR E 943 -11.66 49.06 69.78
N GLN E 944 -11.40 50.36 69.80
CA GLN E 944 -12.41 51.28 69.28
C GLN E 944 -12.23 51.54 67.79
N ARG E 945 -11.29 50.86 67.15
CA ARG E 945 -11.02 51.08 65.74
C ARG E 945 -12.11 50.57 64.81
N ASN E 946 -12.12 51.15 63.63
CA ASN E 946 -13.00 50.73 62.55
C ASN E 946 -12.14 50.10 61.45
N ASP E 947 -10.84 50.36 61.52
CA ASP E 947 -9.91 49.94 60.48
C ASP E 947 -9.78 48.44 60.24
N GLY E 948 -9.61 47.66 61.30
CA GLY E 948 -9.43 46.25 61.06
C GLY E 948 -10.07 45.26 61.98
N GLY E 949 -9.58 45.22 63.21
CA GLY E 949 -10.11 44.26 64.15
C GLY E 949 -10.67 44.74 65.46
N PHE E 950 -11.92 44.35 65.66
CA PHE E 950 -12.67 44.58 66.87
C PHE E 950 -13.06 43.14 67.18
N PRO E 951 -12.83 42.68 68.41
CA PRO E 951 -13.14 41.28 68.70
C PRO E 951 -14.61 40.95 68.51
N LEU E 952 -14.89 39.80 67.90
CA LEU E 952 -16.25 39.37 67.65
C LEU E 952 -16.50 38.08 68.41
N PRO E 953 -17.76 37.82 68.77
CA PRO E 953 -17.93 36.60 69.55
C PRO E 953 -17.13 35.51 68.83
N PRO E 954 -16.34 34.76 69.58
CA PRO E 954 -15.43 33.75 69.02
C PRO E 954 -16.10 32.71 68.14
N PRO E 955 -17.39 32.36 68.29
CA PRO E 955 -18.00 31.57 67.23
C PRO E 955 -18.31 32.35 65.96
N LEU E 956 -18.12 33.66 65.95
CA LEU E 956 -18.19 34.44 64.72
C LEU E 956 -16.83 34.80 64.17
N ALA E 957 -15.85 35.04 65.03
CA ALA E 957 -14.54 35.54 64.63
C ALA E 957 -13.66 34.39 64.16
N LEU E 958 -13.99 33.88 62.98
CA LEU E 958 -13.23 32.79 62.36
C LEU E 958 -12.62 33.34 61.09
N GLU E 959 -11.46 33.99 61.24
CA GLU E 959 -10.91 34.80 60.15
C GLU E 959 -10.40 33.93 59.01
N PHE E 960 -9.64 32.89 59.33
CA PHE E 960 -9.07 32.07 58.28
C PHE E 960 -10.11 31.22 57.58
N TYR E 961 -11.28 31.03 58.18
CA TYR E 961 -12.35 30.32 57.53
C TYR E 961 -13.38 31.23 56.88
N ASN E 962 -13.21 32.55 57.01
CA ASN E 962 -14.04 33.44 56.23
C ASN E 962 -13.55 33.52 54.80
N TRP E 963 -14.17 34.42 54.04
CA TRP E 963 -13.73 34.81 52.72
C TRP E 963 -12.95 36.12 52.72
N GLN E 964 -13.40 37.11 53.49
CA GLN E 964 -12.77 38.41 53.53
C GLN E 964 -11.97 38.53 54.81
N ARG E 965 -10.67 38.47 54.71
CA ARG E 965 -9.82 38.60 55.87
C ARG E 965 -9.62 40.06 56.23
N THR E 966 -8.59 40.30 57.02
CA THR E 966 -8.16 41.63 57.45
C THR E 966 -8.01 42.71 56.37
N PRO E 967 -7.34 42.49 55.23
CA PRO E 967 -6.97 43.65 54.40
C PRO E 967 -8.13 44.32 53.68
N PHE E 968 -9.25 43.65 53.51
CA PHE E 968 -10.45 44.35 53.04
C PHE E 968 -10.87 45.44 54.02
N SER E 969 -10.94 45.12 55.30
CA SER E 969 -11.33 46.14 56.26
C SER E 969 -10.24 47.16 56.46
N VAL E 970 -8.98 46.76 56.30
CA VAL E 970 -7.90 47.74 56.44
C VAL E 970 -7.94 48.76 55.31
N TYR E 971 -8.28 48.31 54.10
CA TYR E 971 -8.50 49.27 53.03
C TYR E 971 -9.74 50.10 53.26
N SER E 972 -10.83 49.45 53.71
CA SER E 972 -12.10 50.13 53.89
C SER E 972 -12.07 51.17 54.99
N ALA E 973 -11.14 51.08 55.93
CA ALA E 973 -11.06 52.08 56.98
C ALA E 973 -10.66 53.44 56.44
N PHE E 974 -9.57 53.50 55.68
CA PHE E 974 -9.07 54.77 55.19
C PHE E 974 -9.21 54.91 53.68
N CYS E 975 -10.20 54.24 53.10
CA CYS E 975 -10.45 54.44 51.69
C CYS E 975 -11.12 55.79 51.46
N PRO E 976 -10.75 56.51 50.41
CA PRO E 976 -11.50 57.71 50.05
C PRO E 976 -12.82 57.32 49.41
N ASN E 977 -13.81 58.17 49.57
CA ASN E 977 -15.20 57.82 49.23
C ASN E 977 -15.56 58.26 47.81
N SER E 978 -14.78 57.91 46.79
CA SER E 978 -14.95 58.54 45.49
C SER E 978 -14.88 57.54 44.34
N LEU E 979 -15.62 56.44 44.46
CA LEU E 979 -15.92 55.46 43.42
C LEU E 979 -14.74 54.60 43.00
N LEU E 980 -13.51 55.06 43.24
CA LEU E 980 -12.39 54.17 43.04
C LEU E 980 -12.32 53.15 44.14
N SER E 981 -12.76 53.52 45.35
CA SER E 981 -12.81 52.56 46.43
C SER E 981 -13.83 51.47 46.15
N ILE E 982 -14.98 51.84 45.61
CA ILE E 982 -16.02 50.88 45.29
C ILE E 982 -15.55 49.94 44.19
N MET E 983 -15.05 50.51 43.10
CA MET E 983 -14.54 49.70 42.00
C MET E 983 -13.35 48.85 42.43
N THR E 984 -12.56 49.33 43.39
CA THR E 984 -11.39 48.56 43.73
C THR E 984 -11.67 47.50 44.78
N LEU E 985 -12.74 47.61 45.56
CA LEU E 985 -13.15 46.46 46.35
C LEU E 985 -13.78 45.40 45.45
N ALA E 986 -14.50 45.85 44.42
CA ALA E 986 -15.00 44.90 43.43
C ALA E 986 -13.85 44.24 42.67
N ALA E 987 -12.75 44.95 42.49
CA ALA E 987 -11.58 44.36 41.85
C ALA E 987 -10.84 43.42 42.79
N MET E 988 -10.68 43.79 44.06
CA MET E 988 -10.02 42.96 45.04
C MET E 988 -10.77 41.68 45.36
N HIS E 989 -12.04 41.57 45.01
CA HIS E 989 -12.66 40.26 45.19
C HIS E 989 -12.36 39.27 44.08
N SER E 990 -11.43 39.53 43.19
CA SER E 990 -11.10 38.54 42.16
C SER E 990 -10.30 37.39 42.75
N LYS E 991 -10.55 36.19 42.21
CA LYS E 991 -10.10 34.99 42.90
C LYS E 991 -8.74 34.53 42.37
N LEU E 992 -8.10 33.65 43.15
CA LEU E 992 -6.76 33.16 42.88
C LEU E 992 -6.76 31.73 42.36
N SER E 993 -7.75 31.42 41.55
CA SER E 993 -7.86 30.12 40.92
C SER E 993 -6.87 30.01 39.76
N PRO E 994 -6.47 28.79 39.40
CA PRO E 994 -5.68 28.63 38.16
C PRO E 994 -6.43 29.06 36.92
N VAL E 995 -7.73 28.77 36.83
CA VAL E 995 -8.47 29.23 35.67
C VAL E 995 -8.71 30.73 35.75
N ALA E 996 -8.71 31.29 36.96
CA ALA E 996 -8.78 32.73 37.12
C ALA E 996 -7.52 33.39 36.59
N ILE E 997 -6.36 32.84 36.92
CA ILE E 997 -5.10 33.36 36.39
C ILE E 997 -5.06 33.22 34.87
N ALA E 998 -5.59 32.11 34.35
CA ALA E 998 -5.63 31.88 32.91
C ALA E 998 -6.47 32.93 32.19
N ILE E 999 -7.66 33.22 32.70
CA ILE E 999 -8.50 34.15 31.96
C ILE E 999 -8.19 35.61 32.27
N GLN E 1000 -7.57 35.92 33.42
CA GLN E 1000 -7.05 37.26 33.60
C GLN E 1000 -5.88 37.53 32.66
N SER E 1001 -5.02 36.54 32.46
CA SER E 1001 -3.96 36.70 31.47
C SER E 1001 -4.51 36.73 30.06
N LYS E 1002 -5.67 36.11 29.84
CA LYS E 1002 -6.34 36.24 28.56
C LYS E 1002 -6.83 37.66 28.33
N SER E 1003 -7.37 38.29 29.36
CA SER E 1003 -7.89 39.64 29.22
C SER E 1003 -6.86 40.73 29.49
N LYS E 1004 -5.60 40.35 29.73
CA LYS E 1004 -4.48 41.27 30.01
C LYS E 1004 -4.78 42.18 31.19
N ILE E 1005 -5.35 41.61 32.23
CA ILE E 1005 -5.47 42.29 33.52
C ILE E 1005 -4.40 41.71 34.41
N HIS E 1006 -3.61 42.58 34.99
CA HIS E 1006 -2.43 42.14 35.73
C HIS E 1006 -2.81 41.49 37.04
N PRO E 1007 -2.51 40.22 37.25
CA PRO E 1007 -2.78 39.58 38.54
C PRO E 1007 -1.74 40.03 39.55
N GLY E 1008 -1.91 39.60 40.79
CA GLY E 1008 -1.03 40.08 41.83
C GLY E 1008 0.30 39.36 41.91
N PHE E 1009 1.07 39.35 40.82
CA PHE E 1009 2.32 38.61 40.82
C PHE E 1009 3.40 39.38 40.10
N ALA E 1010 4.63 38.98 40.38
CA ALA E 1010 5.74 39.26 39.54
C ALA E 1010 6.45 37.94 39.30
N ALA E 1011 7.53 37.99 38.54
CA ALA E 1011 8.30 36.79 38.35
C ALA E 1011 9.75 37.16 38.10
N THR E 1012 10.65 36.22 38.33
CA THR E 1012 12.04 36.36 37.93
C THR E 1012 12.33 35.21 36.98
N LEU E 1013 12.26 35.46 35.69
CA LEU E 1013 12.50 34.40 34.72
C LEU E 1013 13.99 34.17 34.58
N VAL E 1014 14.45 32.98 34.97
CA VAL E 1014 15.86 32.65 34.83
C VAL E 1014 16.05 31.93 33.52
N ARG E 1015 17.23 32.12 32.91
CA ARG E 1015 17.54 31.52 31.62
C ARG E 1015 19.03 31.30 31.52
N THR E 1016 19.44 30.10 31.11
CA THR E 1016 20.85 29.87 30.86
C THR E 1016 21.16 30.07 29.39
N ASP E 1017 22.43 30.18 29.07
CA ASP E 1017 22.89 30.28 27.69
C ASP E 1017 24.22 29.57 27.55
N ASN E 1018 24.36 28.77 26.50
CA ASN E 1018 25.58 28.03 26.26
C ASN E 1018 26.33 28.60 25.06
N PHE E 1019 27.60 28.90 25.26
CA PHE E 1019 28.41 29.66 24.31
C PHE E 1019 29.40 28.75 23.60
N ASP E 1020 30.26 29.37 22.79
CA ASP E 1020 31.46 28.73 22.29
C ASP E 1020 32.64 29.61 22.63
N VAL E 1021 33.61 29.05 23.31
CA VAL E 1021 34.78 29.78 23.75
C VAL E 1021 36.01 29.04 23.28
N GLU E 1022 36.92 29.73 22.63
CA GLU E 1022 38.27 29.22 22.53
C GLU E 1022 39.10 29.82 23.65
N CYS E 1023 39.87 28.98 24.31
CA CYS E 1023 40.27 29.25 25.69
C CYS E 1023 41.66 28.71 25.91
N LEU E 1024 42.63 29.60 26.10
CA LEU E 1024 44.03 29.21 26.09
C LEU E 1024 44.54 28.86 27.48
N LEU E 1025 45.67 28.16 27.50
CA LEU E 1025 46.20 27.49 28.68
C LEU E 1025 47.68 27.72 28.80
N TYR E 1026 48.16 27.81 30.04
CA TYR E 1026 49.57 27.87 30.34
C TYR E 1026 49.90 26.79 31.36
N SER E 1027 51.10 26.25 31.28
CA SER E 1027 51.55 25.23 32.22
C SER E 1027 53.05 25.33 32.32
N SER E 1028 53.58 25.45 33.54
CA SER E 1028 55.02 25.55 33.69
C SER E 1028 55.67 24.23 33.32
N ARG E 1029 56.95 24.28 32.98
CA ARG E 1029 57.56 23.17 32.28
C ARG E 1029 57.86 22.04 33.25
N ALA E 1030 57.76 20.81 32.72
CA ALA E 1030 57.94 19.56 33.47
C ALA E 1030 57.06 19.52 34.71
N ALA E 1031 55.81 19.91 34.56
CA ALA E 1031 54.92 19.99 35.71
C ALA E 1031 54.40 18.63 36.11
N THR E 1032 54.24 17.73 35.15
CA THR E 1032 53.58 16.47 35.40
C THR E 1032 54.19 15.39 34.52
N SER E 1033 54.66 14.32 35.14
CA SER E 1033 55.35 13.27 34.41
C SER E 1033 54.41 12.14 34.04
N ILE E 1034 54.67 11.56 32.88
CA ILE E 1034 53.96 10.40 32.37
C ILE E 1034 54.95 9.25 32.44
N ILE E 1035 54.67 8.25 33.25
CA ILE E 1035 55.36 6.98 33.15
C ILE E 1035 54.46 6.04 32.37
N LEU E 1036 55.01 5.41 31.35
CA LEU E 1036 54.17 4.72 30.39
C LEU E 1036 54.82 3.42 29.93
N ASP E 1037 53.98 2.61 29.27
CA ASP E 1037 54.39 1.34 28.71
C ASP E 1037 54.78 1.45 27.24
N ASP E 1038 55.58 0.48 26.82
CA ASP E 1038 55.65 0.11 25.43
C ASP E 1038 54.29 -0.48 25.06
N PRO E 1039 53.66 -0.03 23.97
CA PRO E 1039 52.31 -0.51 23.64
C PRO E 1039 52.23 -1.99 23.34
N THR E 1040 51.28 -2.65 23.99
CA THR E 1040 51.05 -4.07 23.82
C THR E 1040 50.01 -4.32 22.74
N VAL E 1041 49.99 -5.55 22.26
CA VAL E 1041 49.17 -5.96 21.11
C VAL E 1041 48.29 -7.12 21.56
N THR E 1042 47.01 -7.07 21.19
CA THR E 1042 46.16 -8.24 21.32
C THR E 1042 45.34 -8.39 20.05
N ALA E 1043 44.74 -9.57 19.90
CA ALA E 1043 44.05 -9.90 18.66
C ALA E 1043 42.86 -10.78 18.97
N GLU E 1044 41.70 -10.44 18.42
CA GLU E 1044 40.53 -11.29 18.52
C GLU E 1044 39.98 -11.60 17.15
N ALA E 1045 39.56 -12.83 16.94
CA ALA E 1045 39.18 -13.30 15.62
C ALA E 1045 37.68 -13.57 15.56
N LYS E 1046 36.91 -12.55 15.22
CA LYS E 1046 35.57 -12.80 14.72
C LYS E 1046 35.71 -13.33 13.30
N ASP E 1047 34.84 -14.27 12.94
CA ASP E 1047 35.14 -15.04 11.73
C ASP E 1047 34.77 -14.35 10.43
N ILE E 1048 34.53 -13.05 10.43
CA ILE E 1048 34.57 -12.25 9.22
C ILE E 1048 35.69 -11.22 9.26
N VAL E 1049 35.99 -10.65 10.43
CA VAL E 1049 37.05 -9.66 10.59
C VAL E 1049 37.77 -9.92 11.90
N THR E 1050 39.10 -9.85 11.86
CA THR E 1050 39.90 -10.01 13.07
C THR E 1050 40.42 -8.66 13.50
N THR E 1051 40.13 -8.28 14.74
CA THR E 1051 40.50 -6.98 15.26
C THR E 1051 41.82 -7.09 15.98
N TYR E 1052 42.72 -6.16 15.69
CA TYR E 1052 44.01 -6.04 16.36
C TYR E 1052 43.93 -4.77 17.18
N ASN E 1053 44.20 -4.90 18.48
CA ASN E 1053 44.00 -3.82 19.41
C ASN E 1053 45.32 -3.51 20.08
N PHE E 1054 45.73 -2.25 20.03
CA PHE E 1054 46.96 -1.80 20.64
C PHE E 1054 46.60 -1.04 21.90
N THR E 1055 47.11 -1.50 23.03
CA THR E 1055 46.86 -0.85 24.31
C THR E 1055 48.15 -0.26 24.84
N GLN E 1056 48.01 0.80 25.62
CA GLN E 1056 49.17 1.42 26.23
C GLN E 1056 48.75 2.04 27.54
N HIS E 1057 49.52 1.75 28.59
CA HIS E 1057 49.23 2.27 29.91
C HIS E 1057 49.99 3.55 30.16
N LEU E 1058 49.31 4.51 30.79
CA LEU E 1058 49.87 5.79 31.13
C LEU E 1058 49.64 6.01 32.62
N SER E 1059 50.55 6.74 33.25
CA SER E 1059 50.31 7.16 34.61
C SER E 1059 50.88 8.55 34.77
N PHE E 1060 50.08 9.42 35.38
CA PHE E 1060 50.37 10.84 35.46
C PHE E 1060 50.65 11.18 36.92
N VAL E 1061 51.82 11.74 37.17
CA VAL E 1061 52.14 12.27 38.49
C VAL E 1061 52.27 13.77 38.40
N ASP E 1062 51.73 14.46 39.39
CA ASP E 1062 51.67 15.92 39.40
C ASP E 1062 52.77 16.38 40.32
N MET E 1063 53.88 16.84 39.76
CA MET E 1063 55.04 17.03 40.59
C MET E 1063 55.12 18.41 41.21
N GLY E 1064 54.23 19.32 40.86
CA GLY E 1064 54.18 20.61 41.52
C GLY E 1064 53.27 20.58 42.73
N LEU E 1065 53.65 21.35 43.75
CA LEU E 1065 52.79 21.49 44.92
C LEU E 1065 51.54 22.28 44.59
N GLY E 1066 51.71 23.54 44.19
CA GLY E 1066 50.59 24.38 43.86
C GLY E 1066 50.04 24.05 42.49
N PHE E 1067 49.22 24.96 41.98
CA PHE E 1067 48.68 24.80 40.64
C PHE E 1067 49.73 25.24 39.66
N SER E 1068 50.40 24.29 39.03
CA SER E 1068 51.43 24.57 38.07
C SER E 1068 50.89 24.73 36.66
N SER E 1069 49.59 24.91 36.51
CA SER E 1069 48.96 24.95 35.20
C SER E 1069 47.66 25.73 35.34
N THR E 1070 47.49 26.77 34.54
CA THR E 1070 46.31 27.60 34.61
C THR E 1070 45.70 27.78 33.24
N THR E 1071 44.54 28.42 33.20
CA THR E 1071 43.74 28.53 31.99
C THR E 1071 42.96 29.83 32.07
N ALA E 1072 42.77 30.50 30.94
CA ALA E 1072 41.87 31.65 30.94
C ALA E 1072 41.05 31.69 29.67
N THR E 1073 39.80 32.10 29.84
CA THR E 1073 38.92 32.37 28.73
C THR E 1073 39.45 33.54 27.93
N ALA E 1074 39.53 33.38 26.60
CA ALA E 1074 40.03 34.45 25.75
C ALA E 1074 38.98 34.97 24.78
N ASN E 1075 38.40 34.12 23.95
CA ASN E 1075 37.65 34.60 22.80
C ASN E 1075 36.36 33.83 22.68
N LEU E 1076 35.27 34.55 22.47
CA LEU E 1076 34.08 33.93 21.91
C LEU E 1076 34.31 33.54 20.47
N LYS E 1077 33.47 32.63 19.99
CA LYS E 1077 33.27 32.44 18.57
C LYS E 1077 31.84 32.78 18.18
N ARG E 1078 30.88 32.10 18.81
CA ARG E 1078 29.47 32.23 18.49
C ARG E 1078 28.69 31.97 19.77
N ILE E 1079 27.45 32.39 19.80
CA ILE E 1079 26.53 32.01 20.85
C ILE E 1079 25.64 30.93 20.28
N LYS E 1080 25.75 29.72 20.81
CA LYS E 1080 24.92 28.65 20.31
C LYS E 1080 23.50 28.72 20.82
N SER E 1081 23.25 29.52 21.85
CA SER E 1081 21.90 29.59 22.38
C SER E 1081 21.04 30.55 21.57
N ASP E 1082 19.74 30.42 21.77
CA ASP E 1082 18.79 31.32 21.15
C ASP E 1082 18.86 32.70 21.77
N MET E 1083 18.96 32.74 23.10
CA MET E 1083 18.48 33.86 23.92
C MET E 1083 17.05 34.21 23.54
N GLY E 1084 16.22 33.18 23.41
CA GLY E 1084 14.84 33.37 23.03
C GLY E 1084 13.92 33.54 24.21
N SER E 1085 12.74 32.95 24.13
CA SER E 1085 11.77 33.14 25.19
C SER E 1085 10.94 31.92 25.56
N LYS E 1086 11.21 30.76 24.97
CA LYS E 1086 10.33 29.60 25.17
C LYS E 1086 10.46 29.09 26.59
N ILE E 1087 9.43 29.35 27.40
CA ILE E 1087 9.51 29.04 28.81
C ILE E 1087 9.36 27.54 29.05
N GLN E 1088 9.74 27.10 30.23
CA GLN E 1088 9.69 25.70 30.58
C GLN E 1088 8.26 25.25 30.78
N ASN E 1089 7.91 24.13 30.18
CA ASN E 1089 6.54 23.62 30.20
C ASN E 1089 6.44 22.60 31.32
N LEU E 1090 5.87 23.04 32.44
CA LEU E 1090 5.82 22.17 33.61
C LEU E 1090 4.83 21.02 33.46
N PHE E 1091 3.94 21.06 32.49
CA PHE E 1091 3.09 19.90 32.29
C PHE E 1091 3.86 18.75 31.67
N SER E 1092 4.87 19.05 30.87
CA SER E 1092 5.78 18.00 30.45
C SER E 1092 6.84 17.72 31.51
N ALA E 1093 7.18 18.72 32.33
CA ALA E 1093 8.20 18.52 33.35
C ALA E 1093 7.70 17.60 34.47
N PHE E 1094 6.44 17.73 34.85
CA PHE E 1094 5.83 16.90 35.87
C PHE E 1094 4.61 16.27 35.24
N PRO E 1095 4.77 15.16 34.53
CA PRO E 1095 3.68 14.67 33.68
C PRO E 1095 2.52 14.04 34.43
N ILE E 1096 2.78 13.31 35.52
CA ILE E 1096 1.74 12.52 36.17
C ILE E 1096 0.75 13.43 36.88
N HIS E 1097 1.19 14.57 37.38
CA HIS E 1097 0.33 15.50 38.09
C HIS E 1097 -0.76 16.07 37.20
N ALA E 1098 -1.96 16.16 37.77
CA ALA E 1098 -3.14 16.65 37.09
C ALA E 1098 -4.13 17.08 38.15
N PHE E 1099 -5.07 17.92 37.74
CA PHE E 1099 -6.09 18.34 38.68
C PHE E 1099 -7.03 17.18 38.99
N THR E 1100 -7.81 17.35 40.04
CA THR E 1100 -8.69 16.27 40.49
C THR E 1100 -9.83 16.06 39.50
N ASN E 1101 -10.34 17.14 38.92
CA ASN E 1101 -11.46 17.05 38.00
C ASN E 1101 -11.01 16.96 36.56
N THR E 1102 -11.59 16.00 35.83
CA THR E 1102 -11.27 15.79 34.43
C THR E 1102 -11.64 17.01 33.58
N ASP E 1103 -12.71 17.72 33.96
CA ASP E 1103 -13.13 18.90 33.21
C ASP E 1103 -12.11 20.02 33.31
N ILE E 1104 -11.64 20.31 34.52
CA ILE E 1104 -10.66 21.37 34.68
C ILE E 1104 -9.31 20.94 34.12
N ASN E 1105 -9.00 19.64 34.22
CA ASN E 1105 -7.76 19.12 33.65
C ASN E 1105 -7.72 19.31 32.14
N THR E 1106 -8.78 18.87 31.46
CA THR E 1106 -8.88 19.03 30.02
C THR E 1106 -8.93 20.48 29.61
N TRP E 1107 -9.55 21.33 30.43
CA TRP E 1107 -9.64 22.74 30.11
C TRP E 1107 -8.28 23.41 30.19
N ILE E 1108 -7.49 23.05 31.20
CA ILE E 1108 -6.18 23.66 31.37
C ILE E 1108 -5.22 23.16 30.30
N ARG E 1109 -5.29 21.87 29.94
CA ARG E 1109 -4.45 21.37 28.86
C ARG E 1109 -4.76 22.05 27.54
N HIS E 1110 -6.05 22.29 27.27
CA HIS E 1110 -6.44 23.15 26.14
C HIS E 1110 -5.82 24.54 26.25
N HIS E 1111 -6.16 25.26 27.31
CA HIS E 1111 -5.82 26.67 27.38
C HIS E 1111 -4.39 26.96 27.78
N VAL E 1112 -3.53 25.95 27.85
CA VAL E 1112 -2.10 26.20 27.71
C VAL E 1112 -1.52 25.54 26.50
N GLY E 1113 -2.29 24.74 25.77
CA GLY E 1113 -1.86 24.24 24.49
C GLY E 1113 -1.28 22.84 24.49
N ILE E 1114 -1.81 21.95 25.31
CA ILE E 1114 -1.36 20.57 25.36
C ILE E 1114 -2.42 19.68 24.74
N GLU E 1115 -2.00 18.83 23.81
CA GLU E 1115 -2.82 17.74 23.31
C GLU E 1115 -2.27 16.42 23.84
N LYS E 1116 -3.07 15.36 23.70
CA LYS E 1116 -2.80 13.99 24.16
C LYS E 1116 -2.42 13.95 25.62
N PRO E 1117 -3.36 14.16 26.53
CA PRO E 1117 -2.99 14.40 27.93
C PRO E 1117 -2.79 13.12 28.70
N ASN E 1118 -2.07 13.25 29.83
CA ASN E 1118 -1.96 12.26 30.91
C ASN E 1118 -1.42 10.94 30.38
N PRO E 1119 -0.11 10.85 30.14
CA PRO E 1119 0.45 9.89 29.17
C PRO E 1119 0.13 8.43 29.44
N SER E 1120 0.05 8.04 30.71
CA SER E 1120 -0.59 6.81 31.19
C SER E 1120 -0.58 6.91 32.70
N GLU E 1121 -1.37 6.05 33.33
CA GLU E 1121 -1.20 5.77 34.74
C GLU E 1121 -0.24 4.62 34.97
N GLY E 1122 0.02 3.83 33.94
CA GLY E 1122 0.74 2.58 34.11
C GLY E 1122 2.16 2.66 33.62
N GLU E 1123 2.37 2.22 32.39
CA GLU E 1123 3.72 1.99 31.89
C GLU E 1123 4.46 3.31 31.67
N ALA E 1124 3.77 4.34 31.16
CA ALA E 1124 4.45 5.57 30.82
C ALA E 1124 4.89 6.36 32.05
N LEU E 1125 4.25 6.13 33.19
CA LEU E 1125 4.76 6.57 34.48
C LEU E 1125 6.22 6.14 34.68
N ASN E 1126 6.44 4.83 34.67
CA ASN E 1126 7.77 4.32 34.95
C ASN E 1126 8.71 4.58 33.80
N ILE E 1127 8.19 4.65 32.57
CA ILE E 1127 9.01 4.96 31.41
C ILE E 1127 9.54 6.38 31.49
N ILE E 1128 8.66 7.34 31.74
CA ILE E 1128 9.11 8.71 31.85
C ILE E 1128 10.02 8.93 33.05
N THR E 1129 9.69 8.38 34.22
CA THR E 1129 10.59 8.52 35.36
C THR E 1129 11.87 7.72 35.19
N PHE E 1130 11.94 6.85 34.18
CA PHE E 1130 13.16 6.13 33.89
C PHE E 1130 13.91 6.75 32.69
N GLY E 1131 13.21 7.54 31.89
CA GLY E 1131 13.82 8.17 30.74
C GLY E 1131 13.15 9.48 30.36
N GLY E 1132 13.86 10.33 29.65
CA GLY E 1132 13.29 11.60 29.26
C GLY E 1132 12.12 11.34 28.32
N ILE E 1133 11.01 12.04 28.56
CA ILE E 1133 9.83 11.87 27.73
C ILE E 1133 9.98 12.29 26.28
N ASN E 1134 10.59 13.45 26.08
CA ASN E 1134 10.86 14.08 24.78
C ASN E 1134 9.64 14.59 24.03
N LYS E 1135 9.87 15.11 22.82
CA LYS E 1135 8.81 15.63 21.98
C LYS E 1135 9.32 15.74 20.55
N ASN E 1136 8.42 15.94 19.60
CA ASN E 1136 8.84 16.12 18.23
C ASN E 1136 9.58 17.46 18.13
N PRO E 1137 10.64 17.51 17.32
CA PRO E 1137 11.46 18.71 17.13
C PRO E 1137 10.77 19.76 16.28
N PRO E 1138 10.99 21.04 16.58
CA PRO E 1138 10.40 22.14 15.82
C PRO E 1138 10.90 22.09 14.40
N SER E 1139 9.98 22.28 13.47
CA SER E 1139 10.28 22.07 12.07
C SER E 1139 11.26 23.11 11.57
N ILE E 1140 11.08 24.36 11.96
CA ILE E 1140 11.99 25.42 11.60
C ILE E 1140 12.64 25.97 12.86
N LEU E 1141 13.96 26.05 12.84
CA LEU E 1141 14.73 26.56 13.97
C LEU E 1141 15.79 27.48 13.42
N LEU E 1142 15.85 28.69 13.94
CA LEU E 1142 16.69 29.71 13.35
C LEU E 1142 17.78 30.24 14.26
N HIS E 1143 17.78 29.91 15.55
CA HIS E 1143 18.74 30.55 16.43
C HIS E 1143 19.40 29.64 17.46
N GLY E 1144 19.03 28.38 17.58
CA GLY E 1144 19.74 27.52 18.51
C GLY E 1144 18.91 27.00 19.67
N GLN E 1145 19.53 26.79 20.82
CA GLN E 1145 18.90 26.20 21.98
C GLN E 1145 18.27 27.25 22.90
N GLN E 1146 17.21 26.86 23.60
CA GLN E 1146 16.51 27.76 24.51
C GLN E 1146 15.70 26.98 25.54
N ALA E 1147 15.62 27.53 26.77
CA ALA E 1147 14.73 27.09 27.84
C ALA E 1147 14.73 28.13 28.94
N ILE E 1148 13.56 28.44 29.48
CA ILE E 1148 13.41 29.51 30.47
C ILE E 1148 12.57 29.01 31.63
N CYS E 1149 13.13 29.05 32.83
CA CYS E 1149 12.42 28.58 34.01
C CYS E 1149 11.71 29.77 34.66
N GLU E 1150 11.28 29.62 35.91
CA GLU E 1150 10.22 30.48 36.42
C GLU E 1150 10.22 30.50 37.94
N VAL E 1151 10.24 31.69 38.54
CA VAL E 1151 9.96 31.85 39.96
C VAL E 1151 8.74 32.74 40.09
N ILE E 1152 7.79 32.36 40.89
CA ILE E 1152 6.67 33.28 41.12
C ILE E 1152 7.10 34.24 42.21
N LEU E 1153 6.60 35.47 42.16
CA LEU E 1153 7.14 36.52 43.03
C LEU E 1153 6.13 37.61 43.35
N THR E 1154 6.22 38.11 44.59
CA THR E 1154 5.54 39.32 45.07
C THR E 1154 5.77 40.49 44.12
N PRO E 1155 4.75 41.34 43.87
CA PRO E 1155 4.95 42.51 42.98
C PRO E 1155 5.55 43.72 43.65
N VAL E 1156 6.14 43.53 44.82
CA VAL E 1156 6.63 44.62 45.66
C VAL E 1156 8.15 44.64 45.70
N THR E 1157 8.81 43.62 45.15
CA THR E 1157 10.24 43.45 45.26
C THR E 1157 11.01 44.59 44.60
N THR E 1158 11.93 45.18 45.34
CA THR E 1158 12.63 46.36 44.87
C THR E 1158 13.57 46.01 43.74
N ASN E 1159 13.44 46.70 42.61
CA ASN E 1159 14.39 46.48 41.52
C ASN E 1159 15.79 46.90 41.93
N ILE E 1160 15.92 48.15 42.39
CA ILE E 1160 17.21 48.81 42.47
C ILE E 1160 18.08 48.18 43.53
N ASN E 1161 17.47 47.48 44.48
CA ASN E 1161 18.24 46.61 45.34
C ASN E 1161 18.54 45.27 44.68
N PHE E 1162 17.69 44.79 43.76
CA PHE E 1162 17.75 43.38 43.42
C PHE E 1162 18.05 43.09 41.96
N PHE E 1163 17.29 43.64 41.02
CA PHE E 1163 17.37 43.14 39.65
C PHE E 1163 18.50 43.72 38.84
N LYS E 1164 19.20 44.73 39.35
CA LYS E 1164 20.18 45.44 38.54
C LYS E 1164 21.59 44.92 38.75
N LEU E 1165 21.75 43.79 39.43
CA LEU E 1165 23.04 43.34 39.90
C LEU E 1165 23.15 41.83 39.73
N PRO E 1166 24.37 41.30 39.60
CA PRO E 1166 24.54 39.85 39.69
C PRO E 1166 24.12 39.34 41.06
N HIS E 1167 23.07 38.54 41.07
CA HIS E 1167 22.37 38.37 42.33
C HIS E 1167 21.65 37.03 42.28
N ASN E 1168 21.36 36.47 43.43
CA ASN E 1168 20.76 35.15 43.40
C ASN E 1168 19.26 35.28 43.16
N PRO E 1169 18.67 34.47 42.28
CA PRO E 1169 17.21 34.47 42.16
C PRO E 1169 16.48 33.77 43.29
N ARG E 1170 17.19 33.29 44.29
CA ARG E 1170 16.57 32.81 45.50
C ARG E 1170 16.13 33.96 46.39
N GLY E 1171 16.57 35.17 46.09
CA GLY E 1171 16.29 36.28 46.96
C GLY E 1171 17.37 36.38 48.01
N ARG E 1172 17.34 35.48 48.98
CA ARG E 1172 18.39 35.41 49.97
C ARG E 1172 19.59 34.76 49.34
N GLU E 1173 20.66 35.52 49.13
CA GLU E 1173 21.80 35.04 48.35
C GLU E 1173 22.50 33.91 49.10
N SER E 1174 22.95 32.91 48.35
CA SER E 1174 23.32 31.62 48.88
C SER E 1174 24.70 31.20 48.40
N CYS E 1175 25.70 32.04 48.58
CA CYS E 1175 27.06 31.69 48.22
C CYS E 1175 27.80 31.22 49.46
N MET E 1176 28.49 30.08 49.37
CA MET E 1176 29.14 29.53 50.54
C MET E 1176 30.49 30.13 50.80
N MET E 1177 30.89 31.10 50.00
CA MET E 1177 32.14 31.82 50.20
C MET E 1177 32.11 32.72 51.42
N GLY E 1178 30.94 32.99 51.97
CA GLY E 1178 30.86 33.82 53.15
C GLY E 1178 30.46 33.03 54.37
N THR E 1179 30.27 31.74 54.20
CA THR E 1179 29.74 30.89 55.26
C THR E 1179 30.91 30.29 56.04
N ASP E 1180 30.63 29.88 57.27
CA ASP E 1180 31.58 29.14 58.06
C ASP E 1180 31.91 27.82 57.37
N PRO E 1181 33.17 27.53 57.09
CA PRO E 1181 33.52 26.23 56.52
C PRO E 1181 33.36 25.11 57.53
N HIS E 1182 32.82 23.99 57.05
CA HIS E 1182 32.55 22.77 57.83
C HIS E 1182 31.64 23.04 59.02
N ASN E 1183 30.47 23.62 58.74
CA ASN E 1183 29.53 23.94 59.82
C ASN E 1183 28.13 23.90 59.22
N GLU E 1184 27.48 22.74 59.34
CA GLU E 1184 26.21 22.53 58.64
C GLU E 1184 25.07 23.31 59.27
N GLU E 1185 25.12 23.53 60.57
CA GLU E 1185 24.05 24.25 61.24
C GLU E 1185 24.08 25.73 60.87
N ALA E 1186 25.28 26.33 60.90
CA ALA E 1186 25.41 27.70 60.43
C ALA E 1186 25.16 27.81 58.93
N ALA E 1187 25.40 26.74 58.19
CA ALA E 1187 25.10 26.73 56.77
C ALA E 1187 23.61 26.80 56.50
N ARG E 1188 22.82 25.99 57.21
CA ARG E 1188 21.38 26.05 57.03
C ARG E 1188 20.80 27.32 57.61
N LYS E 1189 21.45 27.91 58.61
CA LYS E 1189 21.03 29.22 59.05
C LYS E 1189 21.34 30.28 58.01
N ALA E 1190 22.37 30.07 57.20
CA ALA E 1190 22.63 31.00 56.10
C ALA E 1190 21.56 30.87 55.03
N LEU E 1191 21.20 29.65 54.67
CA LEU E 1191 20.23 29.52 53.59
C LEU E 1191 18.79 29.67 54.02
N TYR E 1192 18.49 29.62 55.30
CA TYR E 1192 17.07 29.75 55.60
C TYR E 1192 16.73 30.81 56.62
N ASP E 1193 17.54 30.96 57.66
CA ASP E 1193 17.10 31.64 58.88
C ASP E 1193 16.92 33.12 58.62
N HIS E 1194 15.68 33.58 58.69
CA HIS E 1194 15.37 34.99 58.47
C HIS E 1194 15.31 35.76 59.76
N THR E 1195 15.67 35.14 60.87
CA THR E 1195 15.94 35.91 62.08
C THR E 1195 17.19 36.74 61.88
N GLN E 1196 18.23 36.14 61.31
CA GLN E 1196 19.36 36.93 60.86
C GLN E 1196 18.98 37.73 59.63
N THR E 1197 19.78 38.75 59.36
CA THR E 1197 19.63 39.43 58.09
C THR E 1197 20.44 38.71 57.02
N ASP E 1198 20.05 38.93 55.78
CA ASP E 1198 20.99 38.77 54.70
C ASP E 1198 21.92 39.97 54.71
N SER E 1199 23.05 39.84 54.03
CA SER E 1199 23.88 41.01 53.82
C SER E 1199 23.25 41.91 52.75
N ASP E 1200 23.97 42.99 52.43
CA ASP E 1200 23.69 43.98 51.38
C ASP E 1200 22.51 44.91 51.67
N THR E 1201 21.69 44.61 52.68
CA THR E 1201 20.51 45.44 52.93
C THR E 1201 20.15 45.27 54.40
N PHE E 1202 19.10 45.98 54.83
CA PHE E 1202 18.27 45.55 55.96
C PHE E 1202 17.15 44.65 55.50
N ALA E 1203 17.48 43.63 54.73
CA ALA E 1203 16.43 42.78 54.18
C ALA E 1203 16.92 41.36 54.28
N ALA E 1204 16.21 40.54 55.04
CA ALA E 1204 16.58 39.14 55.10
C ALA E 1204 16.25 38.41 53.82
N THR E 1205 15.33 38.96 53.03
CA THR E 1205 14.76 38.25 51.91
C THR E 1205 14.23 39.29 50.95
N THR E 1206 14.40 39.05 49.65
CA THR E 1206 13.62 39.77 48.67
C THR E 1206 12.60 38.91 47.96
N ASN E 1207 12.72 37.58 48.01
CA ASN E 1207 11.75 36.67 47.39
C ASN E 1207 11.25 35.68 48.43
N PRO E 1208 10.31 36.08 49.27
CA PRO E 1208 9.89 35.20 50.35
C PRO E 1208 9.05 34.02 49.92
N TRP E 1209 8.78 33.82 48.64
CA TRP E 1209 8.19 32.56 48.23
C TRP E 1209 9.18 31.67 47.53
N ALA E 1210 10.46 32.01 47.60
CA ALA E 1210 11.48 31.19 46.98
C ALA E 1210 12.58 30.92 47.99
N SER E 1211 12.76 31.84 48.93
CA SER E 1211 13.87 31.72 49.86
C SER E 1211 13.61 30.69 50.96
N LEU E 1212 12.41 30.61 51.43
CA LEU E 1212 12.01 29.86 52.59
C LEU E 1212 12.06 28.35 52.34
N PRO E 1213 12.34 27.55 53.37
CA PRO E 1213 12.23 26.10 53.20
C PRO E 1213 10.78 25.70 53.00
N GLY E 1214 10.54 24.92 51.96
CA GLY E 1214 9.18 24.53 51.66
C GLY E 1214 8.35 25.61 51.04
N SER E 1215 8.99 26.64 50.49
CA SER E 1215 8.25 27.67 49.77
C SER E 1215 7.94 27.17 48.37
N LEU E 1216 7.36 28.05 47.55
CA LEU E 1216 6.99 27.66 46.20
C LEU E 1216 8.20 27.40 45.33
N GLY E 1217 9.31 28.08 45.56
CA GLY E 1217 10.54 27.72 44.88
C GLY E 1217 11.07 26.39 45.35
N ASP E 1218 11.05 26.15 46.65
CA ASP E 1218 11.74 25.00 47.23
C ASP E 1218 11.02 23.71 46.89
N ILE E 1219 9.68 23.70 46.94
CA ILE E 1219 8.95 22.49 46.61
C ILE E 1219 8.93 22.22 45.12
N LEU E 1220 9.42 23.13 44.31
CA LEU E 1220 9.33 22.99 42.88
C LEU E 1220 10.66 22.73 42.21
N TYR E 1221 11.77 23.14 42.83
CA TYR E 1221 13.06 23.09 42.15
C TYR E 1221 14.12 22.30 42.89
N ASN E 1222 13.94 22.00 44.18
CA ASN E 1222 14.92 21.22 44.92
C ASN E 1222 14.79 19.75 44.58
N THR E 1223 15.91 19.09 44.30
CA THR E 1223 15.86 17.70 43.88
C THR E 1223 15.51 16.73 44.98
N ALA E 1224 15.63 17.15 46.24
CA ALA E 1224 15.13 16.32 47.34
C ALA E 1224 13.62 16.16 47.31
N HIS E 1225 12.91 17.07 46.63
CA HIS E 1225 11.51 16.90 46.36
C HIS E 1225 11.24 16.45 44.94
N ARG E 1226 12.16 16.72 44.01
CA ARG E 1226 12.03 16.21 42.65
C ARG E 1226 12.12 14.70 42.61
N GLU E 1227 12.75 14.08 43.61
CA GLU E 1227 12.72 12.62 43.66
C GLU E 1227 11.34 12.10 44.06
N GLN E 1228 10.61 12.84 44.91
CA GLN E 1228 9.24 12.46 45.21
C GLN E 1228 8.35 12.67 44.01
N LEU E 1229 8.42 13.85 43.42
CA LEU E 1229 7.50 14.21 42.37
C LEU E 1229 7.90 13.54 41.07
N CYS E 1230 6.92 13.18 40.27
CA CYS E 1230 7.18 12.47 39.04
C CYS E 1230 7.78 13.43 38.02
N TYR E 1231 8.96 13.10 37.50
CA TYR E 1231 9.78 14.11 36.85
C TYR E 1231 10.50 13.51 35.64
N ASN E 1232 10.66 14.32 34.61
CA ASN E 1232 11.60 14.01 33.56
C ASN E 1232 13.02 14.18 34.06
N PRO E 1233 13.84 13.15 34.03
CA PRO E 1233 15.26 13.37 34.32
C PRO E 1233 15.96 14.17 33.25
N LYS E 1234 15.41 14.26 32.05
CA LYS E 1234 16.03 14.98 30.95
C LYS E 1234 15.68 16.46 30.90
N THR E 1235 14.65 16.91 31.61
CA THR E 1235 14.27 18.32 31.55
C THR E 1235 15.27 19.19 32.30
N TYR E 1236 15.80 20.20 31.63
CA TYR E 1236 16.83 21.06 32.18
C TYR E 1236 16.22 22.11 33.08
N SER E 1237 16.95 22.49 34.15
CA SER E 1237 16.45 23.51 35.08
C SER E 1237 17.59 24.30 35.73
N PRO E 1238 17.88 25.50 35.22
CA PRO E 1238 18.91 26.33 35.84
C PRO E 1238 18.50 26.83 37.21
N ASN E 1239 17.21 26.98 37.41
CA ASN E 1239 16.72 27.34 38.72
C ASN E 1239 16.93 26.19 39.70
N ALA E 1240 16.95 24.95 39.21
CA ALA E 1240 17.35 23.86 40.08
C ALA E 1240 18.81 23.95 40.43
N GLN E 1241 19.66 24.44 39.51
CA GLN E 1241 21.05 24.59 39.93
C GLN E 1241 21.21 25.72 40.94
N PHE E 1242 20.27 26.67 41.00
CA PHE E 1242 20.33 27.65 42.09
C PHE E 1242 19.69 27.15 43.38
N PHE E 1243 18.69 26.27 43.32
CA PHE E 1243 17.94 25.98 44.54
C PHE E 1243 18.32 24.67 45.23
N THR E 1244 18.92 23.70 44.54
CA THR E 1244 19.18 22.40 45.17
C THR E 1244 20.25 22.52 46.22
N GLU E 1245 19.90 22.19 47.46
CA GLU E 1245 20.76 22.55 48.57
C GLU E 1245 21.76 21.49 48.96
N SER E 1246 21.58 20.25 48.54
CA SER E 1246 22.65 19.26 48.72
C SER E 1246 23.89 19.68 47.94
N ASP E 1247 23.69 20.24 46.75
CA ASP E 1247 24.81 20.68 45.92
C ASP E 1247 25.52 21.89 46.53
N ILE E 1248 24.84 22.67 47.34
CA ILE E 1248 25.52 23.82 47.93
C ILE E 1248 26.06 23.50 49.32
N LEU E 1249 25.48 22.52 50.02
CA LEU E 1249 26.09 22.08 51.26
C LEU E 1249 27.35 21.27 50.99
N LYS E 1250 27.44 20.61 49.83
CA LYS E 1250 28.74 20.05 49.50
C LYS E 1250 29.70 21.09 48.94
N THR E 1251 29.31 22.36 48.86
CA THR E 1251 30.22 23.45 48.57
C THR E 1251 30.64 24.16 49.84
N ASN E 1252 29.93 23.96 50.94
CA ASN E 1252 30.45 24.41 52.24
C ASN E 1252 31.63 23.56 52.69
N LYS E 1253 32.79 23.84 52.09
CA LYS E 1253 34.03 23.15 52.43
C LYS E 1253 35.14 24.18 52.46
N MET E 1254 36.37 23.72 52.59
CA MET E 1254 37.49 24.63 52.50
C MET E 1254 37.73 25.02 51.04
N MET E 1255 38.53 26.08 50.87
CA MET E 1255 38.52 26.85 49.63
C MET E 1255 39.13 26.07 48.47
N TYR E 1256 40.29 25.46 48.70
CA TYR E 1256 40.91 24.72 47.61
C TYR E 1256 40.18 23.42 47.33
N LYS E 1257 39.49 22.85 48.32
CA LYS E 1257 38.59 21.74 48.05
C LYS E 1257 37.45 22.17 47.15
N VAL E 1258 36.92 23.37 47.37
CA VAL E 1258 35.84 23.89 46.53
C VAL E 1258 36.31 24.05 45.09
N ILE E 1259 37.47 24.67 44.90
CA ILE E 1259 37.85 24.95 43.52
C ILE E 1259 38.44 23.74 42.82
N ASN E 1260 38.98 22.77 43.56
CA ASN E 1260 39.32 21.49 42.92
C ASN E 1260 38.07 20.72 42.54
N GLU E 1261 37.02 20.81 43.36
CA GLU E 1261 35.75 20.20 42.98
C GLU E 1261 35.16 20.88 41.75
N TYR E 1262 35.32 22.19 41.65
CA TYR E 1262 34.81 22.92 40.50
C TYR E 1262 35.56 22.56 39.24
N CYS E 1263 36.89 22.49 39.30
CA CYS E 1263 37.64 22.14 38.10
C CYS E 1263 37.52 20.65 37.77
N MET E 1264 37.18 19.82 38.75
CA MET E 1264 36.89 18.43 38.43
C MET E 1264 35.54 18.29 37.77
N LYS E 1265 34.58 19.14 38.14
CA LYS E 1265 33.26 19.14 37.50
C LYS E 1265 33.36 19.89 36.17
N SER E 1266 34.03 19.25 35.22
CA SER E 1266 34.07 19.73 33.86
C SER E 1266 33.98 18.55 32.91
N ASN E 1267 33.29 17.50 33.33
CA ASN E 1267 33.03 16.35 32.47
C ASN E 1267 32.09 16.71 31.33
N SER E 1268 31.32 17.79 31.49
CA SER E 1268 30.44 18.36 30.48
C SER E 1268 29.40 17.34 29.99
N CYS E 1269 28.54 16.98 30.95
CA CYS E 1269 27.36 16.19 30.63
C CYS E 1269 26.45 16.93 29.66
N LEU E 1270 26.37 18.25 29.78
CA LEU E 1270 25.42 19.05 29.00
C LEU E 1270 25.84 19.14 27.53
N ASN E 1271 24.95 18.71 26.65
CA ASN E 1271 25.17 18.89 25.22
C ASN E 1271 25.01 20.35 24.85
N SER E 1272 25.38 20.67 23.62
CA SER E 1272 24.94 21.89 22.99
C SER E 1272 24.46 21.58 21.60
N ASP E 1273 23.73 20.48 21.48
CA ASP E 1273 23.12 20.05 20.24
C ASP E 1273 21.64 19.80 20.51
N SER E 1274 20.93 19.35 19.47
CA SER E 1274 19.57 18.80 19.56
C SER E 1274 18.56 19.86 20.03
N GLU E 1275 18.56 20.99 19.33
CA GLU E 1275 17.47 21.96 19.13
C GLU E 1275 16.84 22.58 20.39
N ILE E 1276 17.20 22.11 21.57
CA ILE E 1276 16.56 22.55 22.80
C ILE E 1276 17.49 22.15 23.94
N GLN E 1277 17.31 22.76 25.10
CA GLN E 1277 18.16 22.44 26.23
C GLN E 1277 17.56 21.25 26.95
N TYR E 1278 17.94 20.04 26.53
CA TYR E 1278 17.77 18.91 27.41
C TYR E 1278 18.97 18.86 28.36
N SER E 1279 18.96 17.88 29.25
CA SER E 1279 20.07 17.70 30.18
C SER E 1279 20.49 16.24 30.10
N CYS E 1280 21.36 15.94 29.15
CA CYS E 1280 21.89 14.59 29.11
C CYS E 1280 23.09 14.48 30.04
N SER E 1281 23.45 13.23 30.38
CA SER E 1281 24.32 13.03 31.53
C SER E 1281 25.36 11.93 31.31
N GLU E 1282 25.79 11.73 30.07
CA GLU E 1282 26.73 10.64 29.80
C GLU E 1282 28.19 11.05 29.96
N GLY E 1283 28.51 12.34 29.91
CA GLY E 1283 29.88 12.79 30.10
C GLY E 1283 30.80 12.51 28.94
N THR E 1284 30.25 12.37 27.73
CA THR E 1284 31.08 12.10 26.56
C THR E 1284 31.86 13.32 26.12
N ASP E 1285 31.21 14.48 26.12
CA ASP E 1285 31.77 15.71 25.59
C ASP E 1285 33.00 16.14 26.40
N SER E 1286 33.84 16.95 25.77
CA SER E 1286 35.12 17.32 26.35
C SER E 1286 35.02 18.18 27.60
N PHE E 1287 34.57 19.42 27.49
CA PHE E 1287 34.70 20.33 28.62
C PHE E 1287 33.63 21.41 28.59
N VAL E 1288 33.38 21.96 29.78
CA VAL E 1288 32.47 23.07 29.99
C VAL E 1288 32.98 23.78 31.22
N SER E 1289 32.52 25.00 31.45
CA SER E 1289 32.87 25.70 32.68
C SER E 1289 31.73 26.62 33.05
N ARG E 1290 31.29 26.56 34.31
CA ARG E 1290 30.04 27.19 34.74
C ARG E 1290 30.28 28.18 35.88
N PRO E 1291 30.57 29.44 35.56
CA PRO E 1291 30.78 30.43 36.62
C PRO E 1291 29.53 30.78 37.39
N CYS E 1292 28.35 30.66 36.78
CA CYS E 1292 27.12 30.91 37.53
C CYS E 1292 26.88 29.81 38.54
N GLN E 1293 27.21 28.57 38.18
CA GLN E 1293 27.19 27.48 39.14
C GLN E 1293 28.19 27.71 40.25
N PHE E 1294 29.36 28.27 39.92
CA PHE E 1294 30.37 28.43 40.95
C PHE E 1294 30.08 29.59 41.89
N LEU E 1295 29.50 30.67 41.38
CA LEU E 1295 29.29 31.86 42.18
C LEU E 1295 27.87 32.03 42.66
N GLN E 1296 26.98 31.11 42.29
CA GLN E 1296 25.62 31.01 42.85
C GLN E 1296 24.78 32.25 42.61
N ASN E 1297 24.96 32.89 41.47
CA ASN E 1297 24.12 34.02 41.10
C ASN E 1297 24.07 34.17 39.59
N ALA E 1298 22.97 34.70 39.11
CA ALA E 1298 22.78 34.90 37.68
C ALA E 1298 23.31 36.26 37.29
N LEU E 1299 23.12 36.65 36.05
CA LEU E 1299 23.60 37.92 35.54
C LEU E 1299 22.44 38.64 34.87
N PRO E 1300 22.14 39.87 35.25
CA PRO E 1300 20.99 40.55 34.67
C PRO E 1300 21.26 41.00 33.26
N LEU E 1301 20.25 40.86 32.40
CA LEU E 1301 20.41 41.17 30.99
C LEU E 1301 19.50 42.33 30.61
N HIS E 1302 19.80 42.89 29.44
CA HIS E 1302 19.18 44.13 28.99
C HIS E 1302 17.72 43.92 28.62
N CYS E 1303 16.84 44.15 29.58
CA CYS E 1303 15.41 44.10 29.33
C CYS E 1303 14.78 45.40 29.76
N SER E 1304 13.57 45.64 29.28
CA SER E 1304 12.88 46.88 29.54
C SER E 1304 11.39 46.60 29.59
N SER E 1305 10.67 47.50 30.22
CA SER E 1305 9.26 47.25 30.45
C SER E 1305 8.39 47.64 29.28
N ASN E 1306 8.84 48.56 28.42
CA ASN E 1306 8.18 48.76 27.14
C ASN E 1306 9.12 49.35 26.10
N GLN E 1307 8.57 49.45 24.90
CA GLN E 1307 9.35 49.73 23.72
C GLN E 1307 9.86 51.16 23.68
N ALA E 1308 9.26 52.07 24.42
CA ALA E 1308 9.80 53.42 24.53
C ALA E 1308 11.17 53.39 25.19
N LEU E 1309 11.27 52.66 26.30
CA LEU E 1309 12.55 52.58 27.00
C LEU E 1309 13.55 51.80 26.16
N LEU E 1310 13.06 50.78 25.45
CA LEU E 1310 13.97 50.01 24.59
C LEU E 1310 14.47 50.83 23.42
N GLU E 1311 13.64 51.74 22.90
CA GLU E 1311 14.09 52.58 21.79
C GLU E 1311 15.06 53.65 22.25
N SER E 1312 14.86 54.21 23.44
CA SER E 1312 15.85 55.17 23.92
C SER E 1312 17.19 54.50 24.21
N ARG E 1313 17.16 53.26 24.69
CA ARG E 1313 18.39 52.52 24.82
C ARG E 1313 19.04 52.26 23.47
N SER E 1314 18.22 51.98 22.45
CA SER E 1314 18.76 51.72 21.13
C SER E 1314 19.36 52.98 20.51
N LYS E 1315 18.81 54.15 20.83
CA LYS E 1315 19.41 55.37 20.33
C LYS E 1315 20.72 55.68 21.04
N THR E 1316 20.74 55.58 22.36
CA THR E 1316 21.94 55.99 23.05
C THR E 1316 23.06 54.95 23.02
N GLY E 1317 22.75 53.70 22.67
CA GLY E 1317 23.73 52.64 22.78
C GLY E 1317 24.10 52.29 24.21
N ASN E 1318 23.31 52.71 25.18
CA ASN E 1318 23.66 52.65 26.58
C ASN E 1318 22.95 51.45 27.21
N THR E 1319 23.44 50.26 26.91
CA THR E 1319 22.89 49.06 27.51
C THR E 1319 23.55 48.70 28.83
N GLN E 1320 24.25 49.64 29.45
CA GLN E 1320 24.87 49.41 30.75
C GLN E 1320 24.09 50.05 31.88
N ILE E 1321 23.68 51.30 31.71
CA ILE E 1321 23.15 52.10 32.81
C ILE E 1321 21.66 51.83 32.93
N SER E 1322 21.25 51.36 34.10
CA SER E 1322 19.84 51.07 34.34
C SER E 1322 19.05 52.37 34.45
N GLU E 1323 17.81 52.32 33.97
CA GLU E 1323 16.98 53.49 33.83
C GLU E 1323 15.57 53.18 34.30
N THR E 1324 14.87 54.22 34.76
CA THR E 1324 13.54 54.07 35.31
C THR E 1324 12.64 55.21 34.91
N HIS E 1325 11.51 54.88 34.31
CA HIS E 1325 10.43 55.82 34.09
C HIS E 1325 9.51 55.71 35.30
N TYR E 1326 8.26 56.18 35.21
CA TYR E 1326 7.35 56.21 36.36
C TYR E 1326 7.06 54.86 36.98
N CYS E 1327 6.40 53.96 36.27
CA CYS E 1327 6.26 52.59 36.73
C CYS E 1327 6.92 51.61 35.79
N ASN E 1328 7.63 52.10 34.78
CA ASN E 1328 8.31 51.27 33.81
C ASN E 1328 9.80 51.31 34.08
N TYR E 1329 10.46 50.17 33.90
CA TYR E 1329 11.86 50.04 34.24
C TYR E 1329 12.64 49.48 33.08
N ALA E 1330 13.91 49.87 33.00
CA ALA E 1330 14.84 49.31 32.03
C ALA E 1330 16.07 48.85 32.80
N ILE E 1331 16.46 47.61 32.61
CA ILE E 1331 17.49 46.98 33.41
C ILE E 1331 18.78 46.94 32.63
N GLY E 1332 19.86 47.42 33.23
CA GLY E 1332 21.13 47.48 32.54
C GLY E 1332 21.77 46.11 32.43
N GLU E 1333 22.22 45.77 31.23
CA GLU E 1333 22.95 44.53 31.00
C GLU E 1333 24.31 44.61 31.68
N THR E 1334 24.78 43.48 32.18
CA THR E 1334 26.04 43.49 32.92
C THR E 1334 27.21 42.93 32.15
N ILE E 1335 26.99 42.25 31.02
CA ILE E 1335 28.07 41.88 30.12
C ILE E 1335 27.67 42.29 28.71
N PRO E 1336 28.31 43.27 28.11
CA PRO E 1336 27.87 43.75 26.81
C PRO E 1336 28.19 42.81 25.66
N LEU E 1337 27.52 41.65 25.64
CA LEU E 1337 27.92 40.56 24.76
C LEU E 1337 27.61 40.86 23.30
N GLN E 1338 26.62 41.71 23.05
CA GLN E 1338 26.39 42.16 21.68
C GLN E 1338 27.56 42.97 21.16
N LEU E 1339 28.09 43.87 21.99
CA LEU E 1339 29.29 44.59 21.61
C LEU E 1339 30.51 43.69 21.55
N ILE E 1340 30.52 42.61 22.33
CA ILE E 1340 31.61 41.65 22.25
C ILE E 1340 31.63 40.98 20.87
N ILE E 1341 30.48 40.49 20.43
CA ILE E 1341 30.43 39.81 19.14
C ILE E 1341 30.61 40.79 17.99
N GLU E 1342 30.15 42.03 18.16
CA GLU E 1342 30.45 43.03 17.14
C GLU E 1342 31.90 43.45 17.14
N SER E 1343 32.62 43.23 18.25
CA SER E 1343 34.07 43.37 18.22
C SER E 1343 34.73 42.17 17.56
N SER E 1344 34.07 41.02 17.55
CA SER E 1344 34.50 39.92 16.68
C SER E 1344 34.12 40.18 15.23
N GLU F 2 32.22 69.72 -64.70
CA GLU F 2 33.25 69.92 -65.71
C GLU F 2 34.30 70.91 -65.22
N ASN F 3 35.53 70.76 -65.70
CA ASN F 3 36.53 71.80 -65.55
C ASN F 3 37.06 72.20 -66.93
N TRP F 4 37.34 73.50 -67.07
CA TRP F 4 37.91 74.01 -68.30
C TRP F 4 39.30 74.60 -68.12
N GLN F 5 39.70 74.85 -66.87
CA GLN F 5 41.07 75.30 -66.62
C GLN F 5 42.09 74.22 -66.92
N ALA F 6 41.68 72.94 -66.94
CA ALA F 6 42.54 71.87 -67.43
C ALA F 6 42.91 72.07 -68.88
N THR F 7 41.91 72.39 -69.72
CA THR F 7 42.18 72.75 -71.11
C THR F 7 42.99 74.03 -71.21
N GLU F 8 42.62 75.03 -70.41
CA GLU F 8 43.22 76.34 -70.53
C GLU F 8 44.65 76.41 -70.02
N ILE F 9 45.10 75.44 -69.22
CA ILE F 9 46.46 75.44 -68.67
C ILE F 9 47.31 74.30 -69.24
N LEU F 10 46.78 73.08 -69.18
CA LEU F 10 47.58 71.86 -69.30
C LEU F 10 48.14 71.68 -70.73
N PRO F 11 49.23 70.89 -70.89
CA PRO F 11 49.84 70.76 -72.22
C PRO F 11 48.94 70.04 -73.20
N LYS F 12 49.07 70.43 -74.47
CA LYS F 12 48.16 70.02 -75.52
C LYS F 12 48.94 69.36 -76.65
N ILE F 13 48.20 68.72 -77.53
CA ILE F 13 48.74 68.07 -78.71
C ILE F 13 48.12 68.76 -79.92
N GLU F 14 48.98 69.23 -80.82
CA GLU F 14 48.49 69.92 -82.00
C GLU F 14 47.80 68.95 -82.95
N ALA F 15 46.78 69.45 -83.64
CA ALA F 15 46.02 68.63 -84.58
C ALA F 15 46.38 69.02 -86.00
N PRO F 16 47.04 68.16 -86.76
CA PRO F 16 47.28 68.47 -88.17
C PRO F 16 46.13 68.02 -89.05
N LEU F 17 45.76 68.88 -90.01
CA LEU F 17 44.82 68.58 -91.10
C LEU F 17 43.41 68.20 -90.59
N ASN F 18 42.87 69.04 -89.70
CA ASN F 18 41.65 68.73 -88.95
C ASN F 18 40.37 69.03 -89.73
N ILE F 19 40.43 69.17 -91.06
CA ILE F 19 39.57 69.98 -91.98
C ILE F 19 38.27 70.67 -91.47
N PHE F 20 37.94 70.59 -90.15
CA PHE F 20 36.81 71.30 -89.51
C PHE F 20 36.60 72.71 -90.08
N ASN F 21 35.37 72.98 -90.46
CA ASN F 21 35.06 74.22 -91.13
C ASN F 21 34.08 75.02 -90.30
N ASP F 22 34.43 76.28 -90.03
CA ASP F 22 33.52 77.30 -89.52
C ASP F 22 32.97 76.94 -88.14
N ILE F 23 33.88 76.91 -87.16
CA ILE F 23 33.47 76.72 -85.78
C ILE F 23 32.68 77.90 -85.25
N LYS F 24 32.70 79.05 -85.93
CA LYS F 24 31.73 80.09 -85.65
C LYS F 24 30.31 79.56 -85.84
N THR F 25 30.03 78.90 -86.97
CA THR F 25 28.70 78.31 -87.13
C THR F 25 28.48 77.10 -86.24
N TYR F 26 29.53 76.31 -85.96
CA TYR F 26 29.36 75.15 -85.08
C TYR F 26 29.01 75.60 -83.66
N THR F 27 29.74 76.59 -83.15
CA THR F 27 29.48 77.16 -81.84
C THR F 27 28.14 77.88 -81.79
N ALA F 28 27.80 78.59 -82.86
CA ALA F 28 26.57 79.37 -82.88
C ALA F 28 25.34 78.49 -82.95
N GLU F 29 25.28 77.58 -83.92
CA GLU F 29 24.13 76.72 -84.09
C GLU F 29 24.22 75.43 -83.29
N GLN F 30 25.18 75.34 -82.36
CA GLN F 30 25.16 74.41 -81.23
C GLN F 30 25.17 72.95 -81.68
N LEU F 31 26.28 72.58 -82.30
CA LEU F 31 26.47 71.19 -82.69
C LEU F 31 26.82 70.30 -81.52
N PHE F 32 27.17 70.87 -80.36
CA PHE F 32 27.75 70.09 -79.29
C PHE F 32 26.93 70.12 -78.00
N ASP F 33 27.47 69.50 -76.96
CA ASP F 33 26.88 69.46 -75.64
C ASP F 33 27.67 70.28 -74.64
N ASN F 34 28.98 70.07 -74.58
CA ASN F 34 29.85 70.76 -73.62
C ASN F 34 30.84 71.61 -74.39
N LEU F 35 30.63 72.92 -74.39
CA LEU F 35 31.58 73.85 -74.96
C LEU F 35 31.65 75.08 -74.07
N ARG F 36 32.72 75.84 -74.24
CA ARG F 36 32.89 77.09 -73.51
C ARG F 36 33.73 78.02 -74.35
N ILE F 37 33.25 79.24 -74.54
CA ILE F 37 33.95 80.24 -75.32
C ILE F 37 34.25 81.43 -74.42
N TYR F 38 35.25 82.22 -74.81
CA TYR F 38 35.43 83.54 -74.24
C TYR F 38 36.05 84.43 -75.29
N PHE F 39 35.45 85.61 -75.49
CA PHE F 39 36.00 86.59 -76.42
C PHE F 39 37.04 87.47 -75.72
N GLY F 40 36.62 88.19 -74.69
CA GLY F 40 37.58 88.84 -73.82
C GLY F 40 38.32 87.79 -73.01
N ASP F 41 39.63 87.99 -72.89
CA ASP F 41 40.52 86.94 -72.41
C ASP F 41 40.31 86.70 -70.92
N ASP F 42 39.86 85.50 -70.60
CA ASP F 42 39.25 85.19 -69.32
C ASP F 42 40.34 84.90 -68.28
N PRO F 43 40.39 85.63 -67.17
CA PRO F 43 41.33 85.28 -66.10
C PRO F 43 40.89 84.12 -65.22
N SER F 44 39.74 83.51 -65.50
CA SER F 44 39.15 82.47 -64.65
C SER F 44 39.99 81.21 -64.56
N ARG F 45 41.05 81.08 -65.37
CA ARG F 45 41.97 79.97 -65.29
C ARG F 45 43.03 80.16 -64.22
N TYR F 46 42.87 81.15 -63.32
CA TYR F 46 43.91 81.35 -62.32
C TYR F 46 43.51 80.99 -60.90
N ASN F 47 42.23 80.79 -60.61
CA ASN F 47 41.84 80.47 -59.23
C ASN F 47 41.85 78.95 -59.02
N ILE F 48 43.06 78.39 -59.04
CA ILE F 48 43.23 76.96 -58.87
C ILE F 48 43.05 76.63 -57.38
N SER F 49 41.93 76.01 -57.06
CA SER F 49 41.67 75.48 -55.74
C SER F 49 41.73 73.96 -55.80
N PHE F 50 41.80 73.32 -54.64
CA PHE F 50 41.85 71.88 -54.59
C PHE F 50 41.33 71.39 -53.26
N GLU F 51 41.13 70.08 -53.18
CA GLU F 51 40.62 69.40 -52.01
C GLU F 51 41.68 68.37 -51.64
N ALA F 52 42.42 68.61 -50.57
CA ALA F 52 43.55 67.76 -50.25
C ALA F 52 43.20 66.72 -49.20
N LEU F 53 43.79 65.55 -49.37
CA LEU F 53 43.76 64.55 -48.33
C LEU F 53 45.19 64.37 -47.83
N LEU F 54 45.32 64.33 -46.51
CA LEU F 54 46.57 64.12 -45.80
C LEU F 54 46.75 62.60 -45.61
N GLY F 55 47.63 62.20 -44.71
CA GLY F 55 48.00 60.80 -44.58
C GLY F 55 46.88 59.96 -44.01
N ILE F 56 47.04 58.65 -44.21
CA ILE F 56 46.01 57.69 -43.86
C ILE F 56 46.57 56.79 -42.77
N TYR F 57 46.00 56.88 -41.58
CA TYR F 57 46.53 56.22 -40.40
C TYR F 57 45.63 55.06 -40.01
N CYS F 58 46.23 54.02 -39.46
CA CYS F 58 45.52 52.80 -39.11
C CYS F 58 45.79 52.45 -37.65
N ASN F 59 45.15 51.39 -37.20
CA ASN F 59 45.28 50.89 -35.83
C ASN F 59 46.28 49.75 -35.79
N LYS F 60 46.94 49.62 -34.64
CA LYS F 60 47.80 48.47 -34.36
C LYS F 60 47.09 47.59 -33.34
N ILE F 61 46.57 46.46 -33.80
CA ILE F 61 45.84 45.55 -32.94
C ILE F 61 46.84 44.79 -32.09
N GLU F 62 46.81 45.02 -30.78
CA GLU F 62 47.74 44.33 -29.90
C GLU F 62 47.33 42.87 -29.74
N TRP F 63 48.31 41.99 -29.67
CA TRP F 63 48.10 40.56 -29.73
C TRP F 63 48.24 39.95 -28.35
N ILE F 64 47.42 38.94 -28.07
CA ILE F 64 47.36 38.33 -26.75
C ILE F 64 47.72 36.87 -26.87
N ASN F 65 48.82 36.48 -26.24
CA ASN F 65 49.11 35.08 -25.99
C ASN F 65 48.46 34.68 -24.67
N PHE F 66 48.10 33.40 -24.58
CA PHE F 66 47.45 32.93 -23.36
C PHE F 66 48.41 32.94 -22.18
N PHE F 67 49.67 32.58 -22.42
CA PHE F 67 50.63 32.48 -21.34
C PHE F 67 51.26 33.82 -20.98
N THR F 68 50.86 34.89 -21.65
CA THR F 68 51.29 36.23 -21.25
C THR F 68 50.44 36.76 -20.10
N THR F 69 49.13 36.59 -20.21
CA THR F 69 48.20 37.08 -19.20
C THR F 69 48.31 36.25 -17.93
N PRO F 70 48.08 36.85 -16.74
CA PRO F 70 48.27 36.12 -15.48
C PRO F 70 47.08 35.25 -15.09
N ILE F 71 46.19 34.98 -16.03
CA ILE F 71 45.17 33.98 -15.79
C ILE F 71 45.75 32.58 -15.94
N ALA F 72 46.88 32.45 -16.63
CA ALA F 72 47.47 31.16 -16.86
C ALA F 72 48.23 30.62 -15.66
N VAL F 73 48.38 31.40 -14.59
CA VAL F 73 48.90 30.81 -13.36
C VAL F 73 47.78 30.05 -12.65
N ALA F 74 46.53 30.46 -12.83
CA ALA F 74 45.43 29.62 -12.41
C ALA F 74 45.20 28.48 -13.38
N ALA F 75 45.55 28.68 -14.64
CA ALA F 75 45.37 27.63 -15.64
C ALA F 75 46.53 26.63 -15.62
N ASN F 76 46.29 25.48 -16.27
CA ASN F 76 47.33 24.48 -16.53
C ASN F 76 46.86 23.68 -17.74
N VAL F 77 47.40 24.00 -18.92
CA VAL F 77 46.72 23.70 -20.17
C VAL F 77 47.52 22.68 -20.98
N ILE F 78 46.85 21.61 -21.39
CA ILE F 78 47.47 20.51 -22.11
C ILE F 78 46.60 20.17 -23.33
N ARG F 79 47.25 20.04 -24.49
CA ARG F 79 46.57 19.59 -25.69
C ARG F 79 46.29 18.10 -25.65
N PHE F 80 45.15 17.73 -26.24
CA PHE F 80 44.68 16.36 -26.29
C PHE F 80 43.72 16.30 -27.47
N ASN F 81 44.15 15.68 -28.56
CA ASN F 81 43.44 15.83 -29.83
C ASN F 81 42.17 14.99 -29.93
N ASP F 82 41.71 14.35 -28.86
CA ASP F 82 40.49 13.56 -28.90
C ASP F 82 39.52 13.89 -27.79
N VAL F 83 39.60 15.11 -27.23
CA VAL F 83 38.65 15.48 -26.19
C VAL F 83 37.28 15.77 -26.78
N SER F 84 37.20 15.94 -28.10
CA SER F 84 35.91 15.90 -28.78
C SER F 84 35.28 14.53 -28.64
N ARG F 85 36.08 13.47 -28.65
CA ARG F 85 35.57 12.13 -28.46
C ARG F 85 35.54 11.70 -27.00
N MET F 86 36.10 12.50 -26.10
CA MET F 86 36.00 12.17 -24.67
C MET F 86 34.60 12.43 -24.16
N THR F 87 34.00 11.40 -23.55
CA THR F 87 32.69 11.60 -22.93
C THR F 87 32.82 12.24 -21.55
N LEU F 88 33.52 11.58 -20.64
CA LEU F 88 33.69 12.08 -19.28
C LEU F 88 35.13 11.88 -18.86
N GLY F 89 35.87 12.96 -18.67
CA GLY F 89 37.13 12.89 -17.96
C GLY F 89 36.86 13.03 -16.47
N LYS F 90 37.56 12.23 -15.68
CA LYS F 90 37.41 12.38 -14.24
C LYS F 90 38.74 12.14 -13.53
N VAL F 91 38.83 12.60 -12.28
CA VAL F 91 39.97 12.29 -11.43
C VAL F 91 39.43 11.57 -10.20
N LEU F 92 40.29 10.72 -9.62
CA LEU F 92 39.95 9.89 -8.49
C LEU F 92 40.89 10.18 -7.33
N PHE F 93 40.32 10.50 -6.18
CA PHE F 93 41.09 10.79 -4.99
C PHE F 93 40.77 9.74 -3.93
N PHE F 94 41.84 9.25 -3.31
CA PHE F 94 41.83 8.20 -2.30
C PHE F 94 42.36 8.78 -1.00
N ILE F 95 41.47 9.23 -0.13
CA ILE F 95 41.88 9.91 1.10
C ILE F 95 41.59 8.97 2.26
N GLN F 96 42.41 9.02 3.28
CA GLN F 96 42.20 8.21 4.47
C GLN F 96 42.35 9.03 5.74
N LEU F 97 41.97 8.45 6.87
CA LEU F 97 41.94 9.23 8.11
C LEU F 97 42.83 8.70 9.21
N PRO F 98 43.74 9.52 9.72
CA PRO F 98 44.36 9.23 11.01
C PRO F 98 43.36 9.38 12.14
N ARG F 99 43.51 8.55 13.15
CA ARG F 99 42.60 8.53 14.29
C ARG F 99 43.33 9.09 15.51
N VAL F 100 42.67 8.96 16.66
CA VAL F 100 43.23 9.38 17.94
C VAL F 100 42.77 8.38 18.98
N ALA F 101 43.61 8.09 19.97
CA ALA F 101 43.27 7.06 20.93
C ALA F 101 42.31 7.61 21.96
N THR F 102 41.14 6.99 22.07
CA THR F 102 40.17 7.34 23.09
C THR F 102 40.69 6.94 24.46
N GLY F 103 40.10 7.54 25.49
CA GLY F 103 40.57 7.30 26.84
C GLY F 103 40.07 6.00 27.44
N ASN F 104 39.62 6.07 28.69
CA ASN F 104 39.24 4.88 29.44
C ASN F 104 37.89 4.39 28.93
N ASP F 105 37.93 3.31 28.14
CA ASP F 105 36.77 2.50 27.78
C ASP F 105 35.72 3.28 27.00
N VAL F 106 36.19 4.17 26.13
CA VAL F 106 35.34 4.84 25.14
C VAL F 106 35.59 4.17 23.80
N THR F 107 34.51 3.82 23.10
CA THR F 107 34.62 3.09 21.85
C THR F 107 35.23 3.99 20.76
N ALA F 108 36.37 3.57 20.23
CA ALA F 108 37.06 4.34 19.21
C ALA F 108 36.32 4.22 17.88
N PRO F 109 36.38 5.25 17.04
CA PRO F 109 35.86 5.12 15.68
C PRO F 109 36.72 4.18 14.86
N LYS F 110 36.11 3.62 13.82
CA LYS F 110 36.78 2.62 13.00
C LYS F 110 37.62 3.31 11.93
N GLU F 111 38.12 2.53 10.97
CA GLU F 111 39.10 3.03 10.02
C GLU F 111 38.41 3.64 8.81
N THR F 112 38.50 4.97 8.68
CA THR F 112 37.73 5.69 7.68
C THR F 112 38.57 5.90 6.43
N THR F 113 38.08 5.39 5.32
CA THR F 113 38.70 5.53 4.01
C THR F 113 37.67 6.08 3.04
N ILE F 114 37.99 7.20 2.41
CA ILE F 114 37.05 7.97 1.64
C ILE F 114 37.54 8.01 0.20
N MET F 115 36.62 7.87 -0.75
CA MET F 115 36.96 7.93 -2.16
C MET F 115 36.14 9.03 -2.83
N VAL F 116 36.79 9.87 -3.62
CA VAL F 116 36.11 10.96 -4.30
C VAL F 116 36.42 10.91 -5.78
N ALA F 117 35.52 11.43 -6.60
CA ALA F 117 35.71 11.40 -8.04
C ALA F 117 35.24 12.73 -8.62
N LYS F 118 36.18 13.62 -8.91
CA LYS F 118 35.78 14.88 -9.54
C LYS F 118 35.61 14.69 -11.03
N HIS F 119 34.65 15.38 -11.61
CA HIS F 119 34.33 15.20 -13.01
C HIS F 119 34.82 16.38 -13.85
N SER F 120 34.67 16.23 -15.17
CA SER F 120 35.11 17.24 -16.12
C SER F 120 33.91 17.92 -16.77
N GLU F 121 33.92 19.24 -16.76
CA GLU F 121 33.04 19.99 -17.65
C GLU F 121 33.71 20.06 -19.01
N LYS F 122 32.92 20.21 -20.07
CA LYS F 122 33.55 20.54 -21.35
C LYS F 122 32.69 21.54 -22.09
N HIS F 123 33.36 22.36 -22.88
CA HIS F 123 32.85 23.65 -23.32
C HIS F 123 33.50 24.03 -24.65
N PRO F 124 32.73 24.26 -25.71
CA PRO F 124 33.31 24.64 -26.99
C PRO F 124 33.37 26.14 -27.19
N ILE F 125 34.24 26.56 -28.12
CA ILE F 125 34.29 27.93 -28.59
C ILE F 125 34.42 27.91 -30.11
N ASN F 126 33.99 29.00 -30.76
CA ASN F 126 34.15 29.08 -32.20
C ASN F 126 34.32 30.54 -32.65
N ILE F 127 34.82 30.68 -33.88
CA ILE F 127 34.92 31.95 -34.59
C ILE F 127 34.56 31.71 -36.04
N SER F 128 33.59 32.49 -36.55
CA SER F 128 33.27 32.48 -37.97
C SER F 128 33.71 33.80 -38.59
N PHE F 129 34.21 33.72 -39.83
CA PHE F 129 34.52 34.91 -40.60
C PHE F 129 34.41 34.56 -42.08
N ASP F 130 34.07 35.54 -42.90
CA ASP F 130 33.76 35.25 -44.28
C ASP F 130 34.71 35.94 -45.24
N LEU F 131 34.70 35.45 -46.47
CA LEU F 131 35.34 36.10 -47.61
C LEU F 131 34.31 36.20 -48.73
N SER F 132 34.22 37.37 -49.34
CA SER F 132 33.23 37.56 -50.39
C SER F 132 33.66 36.86 -51.67
N ALA F 133 32.70 36.73 -52.59
CA ALA F 133 33.00 36.09 -53.88
C ALA F 133 33.93 36.97 -54.71
N ALA F 134 33.76 38.29 -54.64
CA ALA F 134 34.61 39.19 -55.41
C ALA F 134 36.03 39.18 -54.89
N CYS F 135 36.18 39.16 -53.56
CA CYS F 135 37.50 39.03 -52.95
C CYS F 135 38.13 37.69 -53.32
N LEU F 136 37.34 36.62 -53.26
CA LEU F 136 37.84 35.29 -53.59
C LEU F 136 38.26 35.18 -55.05
N GLU F 137 37.63 35.95 -55.93
CA GLU F 137 38.11 36.06 -57.29
C GLU F 137 39.43 36.80 -57.34
N HIS F 138 39.58 37.88 -56.58
CA HIS F 138 40.85 38.58 -56.64
C HIS F 138 41.96 37.91 -55.82
N LEU F 139 41.66 36.82 -55.10
CA LEU F 139 42.68 36.08 -54.35
C LEU F 139 43.81 35.52 -55.19
N GLU F 140 43.54 34.62 -56.12
CA GLU F 140 44.73 34.05 -56.76
C GLU F 140 44.70 34.08 -58.28
N ASN F 141 43.55 33.85 -58.91
CA ASN F 141 43.58 33.75 -60.36
C ASN F 141 43.55 35.16 -60.93
N THR F 142 44.72 35.65 -61.32
CA THR F 142 44.82 36.94 -61.97
C THR F 142 44.20 36.84 -63.36
N PHE F 143 43.21 37.69 -63.61
CA PHE F 143 42.54 37.68 -64.91
C PHE F 143 43.46 38.23 -65.98
N LYS F 144 43.90 39.47 -65.80
CA LYS F 144 44.89 40.10 -66.66
C LYS F 144 46.06 40.55 -65.80
N ASN F 145 47.13 40.98 -66.48
CA ASN F 145 48.27 41.58 -65.81
C ASN F 145 48.14 43.10 -65.86
N THR F 146 47.09 43.62 -65.24
CA THR F 146 46.92 45.05 -65.11
C THR F 146 47.27 45.50 -63.70
N VAL F 147 47.64 46.78 -63.60
CA VAL F 147 48.13 47.33 -62.34
C VAL F 147 47.01 47.37 -61.31
N ILE F 148 45.78 47.62 -61.76
CA ILE F 148 44.61 47.62 -60.86
C ILE F 148 44.36 46.22 -60.32
N ASP F 149 44.50 45.20 -61.18
CA ASP F 149 44.37 43.82 -60.74
C ASP F 149 45.47 43.45 -59.76
N GLN F 150 46.67 44.01 -59.93
CA GLN F 150 47.73 43.75 -58.96
C GLN F 150 47.41 44.39 -57.61
N ILE F 151 46.87 45.61 -57.63
CA ILE F 151 46.46 46.28 -56.39
C ILE F 151 45.41 45.44 -55.65
N LEU F 152 44.39 44.99 -56.38
CA LEU F 152 43.30 44.25 -55.75
C LEU F 152 43.74 42.86 -55.31
N ASN F 153 44.65 42.23 -56.06
CA ASN F 153 45.24 40.95 -55.66
C ASN F 153 45.97 41.07 -54.33
N ILE F 154 46.84 42.08 -54.22
CA ILE F 154 47.65 42.18 -53.02
C ILE F 154 46.81 42.64 -51.83
N ASN F 155 45.75 43.43 -52.07
CA ASN F 155 44.83 43.79 -50.99
C ASN F 155 44.03 42.58 -50.51
N ALA F 156 43.57 41.74 -51.43
CA ALA F 156 42.82 40.55 -51.03
C ALA F 156 43.70 39.57 -50.26
N LEU F 157 44.97 39.46 -50.66
CA LEU F 157 45.91 38.61 -49.96
C LEU F 157 46.15 39.09 -48.53
N HIS F 158 46.31 40.40 -48.36
CA HIS F 158 46.48 40.93 -47.00
C HIS F 158 45.21 40.81 -46.18
N THR F 159 44.04 40.94 -46.82
CA THR F 159 42.78 40.76 -46.11
C THR F 159 42.65 39.35 -45.56
N VAL F 160 43.01 38.35 -46.38
CA VAL F 160 42.95 36.96 -45.93
C VAL F 160 43.92 36.68 -44.80
N LEU F 161 45.19 37.11 -44.97
CA LEU F 161 46.20 36.82 -43.95
C LEU F 161 45.87 37.51 -42.63
N ARG F 162 45.40 38.75 -42.70
CA ARG F 162 45.15 39.50 -41.50
C ARG F 162 43.86 39.04 -40.82
N SER F 163 42.88 38.55 -41.59
CA SER F 163 41.69 37.98 -40.97
C SER F 163 41.99 36.65 -40.30
N LEU F 164 42.90 35.85 -40.88
CA LEU F 164 43.32 34.62 -40.21
C LEU F 164 44.02 34.91 -38.90
N LYS F 165 44.87 35.95 -38.89
CA LYS F 165 45.52 36.38 -37.66
C LYS F 165 44.51 36.83 -36.61
N ASN F 166 43.51 37.62 -37.03
CA ASN F 166 42.48 38.12 -36.11
C ASN F 166 41.65 36.97 -35.54
N SER F 167 41.38 35.95 -36.36
CA SER F 167 40.63 34.79 -35.88
C SER F 167 41.43 33.99 -34.86
N ALA F 168 42.75 33.88 -35.06
CA ALA F 168 43.57 33.19 -34.06
C ALA F 168 43.61 33.95 -32.74
N ASP F 169 43.66 35.29 -32.81
CA ASP F 169 43.56 36.10 -31.60
C ASP F 169 42.23 35.89 -30.92
N SER F 170 41.16 35.79 -31.69
CA SER F 170 39.84 35.64 -31.09
C SER F 170 39.66 34.28 -30.46
N LEU F 171 40.33 33.26 -31.00
CA LEU F 171 40.38 31.97 -30.32
C LEU F 171 41.13 32.06 -28.98
N GLU F 172 42.24 32.80 -28.96
CA GLU F 172 42.99 32.97 -27.71
C GLU F 172 42.16 33.71 -26.66
N ARG F 173 41.51 34.79 -27.07
CA ARG F 173 40.71 35.58 -26.13
C ARG F 173 39.44 34.85 -25.72
N GLY F 174 38.92 33.97 -26.58
CA GLY F 174 37.81 33.15 -26.16
C GLY F 174 38.22 32.07 -25.20
N LEU F 175 39.44 31.58 -25.30
CA LEU F 175 39.98 30.72 -24.26
C LEU F 175 40.06 31.45 -22.93
N ILE F 176 40.54 32.70 -22.96
CA ILE F 176 40.53 33.56 -21.78
C ILE F 176 39.12 33.69 -21.21
N HIS F 177 38.16 33.98 -22.07
CA HIS F 177 36.80 34.29 -21.62
C HIS F 177 36.08 33.05 -21.12
N ALA F 178 36.29 31.90 -21.75
CA ALA F 178 35.64 30.68 -21.30
C ALA F 178 36.23 30.20 -19.98
N PHE F 179 37.55 30.36 -19.81
CA PHE F 179 38.15 29.98 -18.54
C PHE F 179 37.71 30.90 -17.42
N MET F 180 37.58 32.19 -17.70
CA MET F 180 37.06 33.14 -16.72
C MET F 180 35.60 32.87 -16.40
N GLN F 181 34.83 32.48 -17.42
CA GLN F 181 33.45 32.06 -17.27
C GLN F 181 33.32 30.90 -16.29
N THR F 182 34.17 29.89 -16.44
CA THR F 182 34.06 28.72 -15.57
C THR F 182 34.55 29.02 -14.17
N LEU F 183 35.58 29.87 -14.00
CA LEU F 183 35.99 30.25 -12.66
C LEU F 183 34.89 31.01 -11.93
N LEU F 184 34.18 31.89 -12.64
CA LEU F 184 33.07 32.59 -12.01
C LEU F 184 31.88 31.67 -11.77
N ARG F 185 31.72 30.62 -12.59
CA ARG F 185 30.67 29.64 -12.28
C ARG F 185 31.03 28.80 -11.06
N LYS F 186 32.32 28.55 -10.85
CA LYS F 186 32.75 27.71 -9.74
C LYS F 186 32.76 28.45 -8.42
N SER F 187 33.18 29.70 -8.42
CA SER F 187 33.60 30.38 -7.20
C SER F 187 32.42 30.72 -6.29
N PRO F 188 32.35 30.19 -5.07
CA PRO F 188 31.33 30.62 -4.14
C PRO F 188 31.73 31.95 -3.52
N PRO F 189 30.77 32.74 -3.05
CA PRO F 189 31.12 34.06 -2.54
C PRO F 189 31.78 34.02 -1.17
N GLN F 190 32.37 35.16 -0.82
CA GLN F 190 33.34 35.25 0.26
C GLN F 190 32.69 35.03 1.62
N PHE F 191 31.45 35.46 1.81
CA PHE F 191 30.82 35.32 3.11
C PHE F 191 30.49 33.86 3.41
N ILE F 192 30.08 33.11 2.37
CA ILE F 192 29.89 31.67 2.52
C ILE F 192 31.22 30.98 2.80
N VAL F 193 32.28 31.37 2.07
CA VAL F 193 33.58 30.73 2.25
C VAL F 193 34.14 30.99 3.65
N LEU F 194 33.93 32.20 4.17
CA LEU F 194 34.39 32.51 5.52
C LEU F 194 33.56 31.80 6.57
N THR F 195 32.25 31.64 6.34
CA THR F 195 31.40 31.03 7.36
C THR F 195 31.62 29.53 7.45
N MET F 196 31.92 28.86 6.32
CA MET F 196 32.03 27.40 6.34
C MET F 196 33.24 26.93 7.13
N ASN F 197 34.36 27.63 7.02
CA ASN F 197 35.57 27.19 7.72
C ASN F 197 35.45 27.41 9.22
N GLU F 198 34.63 28.38 9.64
CA GLU F 198 34.32 28.51 11.06
C GLU F 198 33.34 27.44 11.51
N ASN F 199 32.38 27.07 10.66
CA ASN F 199 31.37 26.07 11.01
C ASN F 199 31.65 24.72 10.38
N LYS F 200 32.89 24.24 10.52
CA LYS F 200 33.18 22.89 10.06
C LYS F 200 32.38 22.02 11.04
N VAL F 201 31.70 21.00 10.53
CA VAL F 201 30.87 20.13 11.37
C VAL F 201 31.61 19.13 12.26
N HIS F 202 30.95 18.70 13.34
CA HIS F 202 31.51 17.69 14.26
C HIS F 202 31.63 16.40 13.45
N ASN F 203 32.68 15.62 13.66
CA ASN F 203 32.83 14.50 12.77
C ASN F 203 32.13 13.22 13.24
N LYS F 204 31.54 13.22 14.44
CA LYS F 204 30.76 12.06 14.87
C LYS F 204 29.52 11.88 14.02
N GLN F 205 28.93 12.96 13.55
CA GLN F 205 27.62 12.93 12.91
C GLN F 205 27.67 13.64 11.57
N ALA F 206 26.50 13.89 11.00
CA ALA F 206 26.34 14.93 9.99
C ALA F 206 26.19 16.27 10.70
N LEU F 207 25.98 17.33 9.92
CA LEU F 207 25.94 18.67 10.49
C LEU F 207 24.64 18.88 11.24
N SER F 208 24.74 19.51 12.41
CA SER F 208 23.61 19.61 13.30
C SER F 208 22.75 20.82 12.95
N ARG F 209 21.51 20.77 13.43
CA ARG F 209 20.54 21.82 13.16
C ARG F 209 20.95 23.13 13.81
N VAL F 210 21.44 23.06 15.05
CA VAL F 210 21.95 24.23 15.76
C VAL F 210 23.13 24.83 15.01
N GLN F 211 24.01 23.96 14.51
CA GLN F 211 25.17 24.37 13.73
C GLN F 211 24.75 25.15 12.49
N ARG F 212 23.83 24.60 11.70
CA ARG F 212 23.45 25.28 10.47
C ARG F 212 22.56 26.49 10.69
N SER F 213 21.81 26.54 11.79
CA SER F 213 21.00 27.72 12.07
C SER F 213 21.88 28.90 12.48
N ASN F 214 22.84 28.66 13.37
CA ASN F 214 23.78 29.72 13.72
C ASN F 214 24.68 30.05 12.54
N MET F 215 24.91 29.09 11.65
CA MET F 215 25.62 29.35 10.41
C MET F 215 24.84 30.32 9.52
N PHE F 216 23.52 30.14 9.46
CA PHE F 216 22.68 31.05 8.68
C PHE F 216 22.68 32.45 9.26
N GLN F 217 22.63 32.56 10.58
CA GLN F 217 22.68 33.88 11.21
C GLN F 217 24.04 34.55 10.99
N SER F 218 25.10 33.75 10.99
CA SER F 218 26.42 34.27 10.63
C SER F 218 26.46 34.72 9.18
N LEU F 219 25.75 34.03 8.28
CA LEU F 219 25.70 34.46 6.89
C LEU F 219 25.02 35.81 6.76
N LYS F 220 23.94 36.02 7.51
CA LYS F 220 23.30 37.34 7.60
C LYS F 220 24.29 38.42 8.02
N ASN F 221 25.06 38.15 9.08
CA ASN F 221 25.95 39.18 9.61
C ASN F 221 27.10 39.48 8.65
N ARG F 222 27.72 38.44 8.07
CA ARG F 222 28.83 38.63 7.13
C ARG F 222 28.37 39.38 5.89
N LEU F 223 27.16 39.07 5.41
CA LEU F 223 26.65 39.76 4.24
C LEU F 223 26.36 41.22 4.53
N LEU F 224 25.69 41.50 5.64
CA LEU F 224 25.32 42.88 5.91
C LEU F 224 26.48 43.74 6.40
N THR F 225 27.61 43.14 6.78
CA THR F 225 28.79 43.96 7.10
C THR F 225 29.76 44.07 5.93
N SER F 226 30.22 42.96 5.39
CA SER F 226 31.35 42.98 4.46
C SER F 226 30.92 42.97 3.01
N LEU F 227 29.82 43.66 2.68
CA LEU F 227 29.29 43.58 1.33
C LEU F 227 30.06 44.48 0.37
N PHE F 228 30.02 45.78 0.58
CA PHE F 228 30.64 46.74 -0.32
C PHE F 228 32.00 47.08 0.25
N PHE F 229 33.04 46.57 -0.40
CA PHE F 229 34.30 46.33 0.29
C PHE F 229 35.30 47.47 0.13
N LEU F 230 35.61 47.85 -1.10
CA LEU F 230 36.52 48.95 -1.34
C LEU F 230 35.93 50.30 -0.93
N ASN F 231 34.62 50.37 -0.77
CA ASN F 231 33.93 51.63 -0.74
C ASN F 231 33.70 52.16 0.67
N ARG F 232 33.50 51.28 1.64
CA ARG F 232 33.10 51.70 2.98
C ARG F 232 34.28 52.22 3.78
N ASN F 233 35.30 51.39 3.99
CA ASN F 233 36.42 51.74 4.86
C ASN F 233 37.53 52.41 4.07
N ASN F 234 38.59 52.80 4.78
CA ASN F 234 39.82 53.21 4.13
C ASN F 234 41.06 52.61 4.79
N ASN F 235 40.91 51.76 5.79
CA ASN F 235 42.04 51.16 6.47
C ASN F 235 42.72 50.17 5.55
N SER F 236 43.95 50.51 5.14
CA SER F 236 44.78 49.58 4.39
C SER F 236 45.05 48.32 5.18
N SER F 237 45.16 48.44 6.52
CA SER F 237 45.28 47.29 7.39
C SER F 237 44.05 46.38 7.28
N TYR F 238 42.85 46.95 7.29
CA TYR F 238 41.64 46.13 7.25
C TYR F 238 41.46 45.47 5.88
N ILE F 239 41.73 46.21 4.80
CA ILE F 239 41.55 45.65 3.47
C ILE F 239 42.62 44.59 3.19
N TYR F 240 43.84 44.84 3.67
CA TYR F 240 44.89 43.83 3.65
C TYR F 240 44.51 42.60 4.45
N ARG F 241 43.81 42.81 5.58
CA ARG F 241 43.38 41.70 6.42
C ARG F 241 42.34 40.83 5.71
N ILE F 242 41.40 41.45 4.99
CA ILE F 242 40.39 40.63 4.32
C ILE F 242 40.99 39.94 3.09
N LEU F 243 41.95 40.56 2.41
CA LEU F 243 42.62 39.86 1.31
C LEU F 243 43.44 38.68 1.84
N ASN F 244 44.03 38.83 3.03
CA ASN F 244 44.68 37.70 3.69
C ASN F 244 43.66 36.65 4.08
N ASP F 245 42.45 37.05 4.45
CA ASP F 245 41.41 36.09 4.80
C ASP F 245 40.97 35.29 3.58
N MET F 246 40.94 35.94 2.41
CA MET F 246 40.70 35.22 1.16
C MET F 246 41.79 34.17 0.92
N MET F 247 43.05 34.60 1.00
CA MET F 247 44.14 33.71 0.65
C MET F 247 44.37 32.61 1.67
N GLU F 248 43.85 32.77 2.88
CA GLU F 248 43.87 31.68 3.84
C GLU F 248 42.64 30.80 3.73
N SER F 249 41.50 31.34 3.30
CA SER F 249 40.29 30.53 3.20
C SER F 249 40.28 29.66 1.96
N VAL F 250 40.96 30.08 0.90
CA VAL F 250 40.97 29.32 -0.35
C VAL F 250 41.90 28.11 -0.20
N THR F 251 41.41 26.95 -0.61
CA THR F 251 42.18 25.72 -0.55
C THR F 251 43.17 25.61 -1.70
N GLU F 252 44.25 24.88 -1.45
CA GLU F 252 45.34 24.67 -2.38
C GLU F 252 44.96 23.62 -3.43
N SER F 253 45.65 23.66 -4.57
CA SER F 253 45.48 22.67 -5.63
C SER F 253 46.47 21.52 -5.46
N ILE F 254 46.25 20.45 -6.22
CA ILE F 254 46.92 19.20 -5.92
C ILE F 254 48.33 19.14 -6.50
N LEU F 255 48.55 19.61 -7.73
CA LEU F 255 49.81 19.37 -8.38
C LEU F 255 50.83 20.43 -8.00
N ASN F 256 52.01 19.98 -7.59
CA ASN F 256 53.09 20.83 -7.13
C ASN F 256 54.24 20.62 -8.09
N ASP F 257 54.31 21.46 -9.12
CA ASP F 257 55.45 21.45 -10.02
C ASP F 257 56.50 22.41 -9.48
N THR F 258 57.76 21.97 -9.53
CA THR F 258 58.88 22.78 -9.09
C THR F 258 59.08 23.98 -10.00
N ASN F 259 58.69 23.86 -11.27
CA ASN F 259 59.06 24.85 -12.27
C ASN F 259 57.89 25.67 -12.83
N ASN F 260 56.64 25.26 -12.63
CA ASN F 260 55.52 26.05 -13.10
C ASN F 260 55.32 27.25 -12.17
N TYR F 261 55.54 28.45 -12.72
CA TYR F 261 55.36 29.73 -12.02
C TYR F 261 56.22 29.83 -10.78
N THR F 262 57.47 29.47 -10.93
CA THR F 262 58.45 29.50 -9.87
C THR F 262 59.23 30.80 -9.94
N SER F 263 59.41 31.45 -8.80
CA SER F 263 60.19 32.67 -8.75
C SER F 263 61.68 32.32 -8.71
N LYS F 264 62.51 33.33 -8.51
CA LYS F 264 63.95 33.11 -8.39
C LYS F 264 64.26 32.38 -7.09
N GLU F 265 65.24 31.47 -7.16
CA GLU F 265 65.69 30.63 -6.05
C GLU F 265 64.57 29.76 -5.49
N ASN F 266 63.66 29.33 -6.36
CA ASN F 266 62.67 28.28 -6.10
C ASN F 266 61.73 28.63 -4.95
N ILE F 267 60.95 29.69 -5.14
CA ILE F 267 59.83 30.02 -4.29
C ILE F 267 58.59 30.05 -5.17
N PRO F 268 57.59 29.21 -4.92
CA PRO F 268 56.43 29.16 -5.82
C PRO F 268 55.48 30.33 -5.58
N LEU F 269 55.13 31.02 -6.66
CA LEU F 269 54.04 31.97 -6.62
C LEU F 269 52.74 31.20 -6.37
N ASP F 270 51.87 31.77 -5.54
CA ASP F 270 50.71 31.03 -5.04
C ASP F 270 49.44 31.83 -5.32
N GLY F 271 48.93 31.71 -6.54
CA GLY F 271 47.61 32.19 -6.87
C GLY F 271 47.61 33.54 -7.56
N VAL F 272 46.43 33.91 -8.04
CA VAL F 272 46.23 35.18 -8.72
C VAL F 272 45.02 35.89 -8.15
N LEU F 273 45.16 37.18 -7.92
CA LEU F 273 44.09 38.08 -7.57
C LEU F 273 43.90 38.98 -8.78
N LEU F 274 42.79 38.79 -9.47
CA LEU F 274 42.51 39.59 -10.65
C LEU F 274 41.15 40.22 -10.48
N GLY F 275 41.07 41.48 -10.86
CA GLY F 275 39.83 42.20 -10.79
C GLY F 275 39.60 43.00 -12.04
N PRO F 276 38.70 43.97 -11.98
CA PRO F 276 38.66 45.01 -13.00
C PRO F 276 39.50 46.22 -12.58
N ILE F 277 39.80 47.04 -13.58
CA ILE F 277 40.77 48.11 -13.40
C ILE F 277 40.23 49.19 -12.47
N GLY F 278 38.90 49.34 -12.40
CA GLY F 278 38.31 50.29 -11.47
C GLY F 278 38.54 49.91 -10.02
N SER F 279 38.54 48.62 -9.72
CA SER F 279 38.95 48.19 -8.38
C SER F 279 40.45 48.34 -8.21
N ILE F 280 41.24 47.94 -9.21
CA ILE F 280 42.67 47.78 -8.99
C ILE F 280 43.43 49.10 -8.94
N GLN F 281 42.90 50.16 -9.55
CA GLN F 281 43.49 51.48 -9.34
C GLN F 281 43.41 51.90 -7.87
N LYS F 282 42.23 51.71 -7.27
CA LYS F 282 42.05 52.00 -5.85
C LYS F 282 42.90 51.07 -4.99
N LEU F 283 43.03 49.81 -5.42
CA LEU F 283 43.84 48.86 -4.67
C LEU F 283 45.32 49.22 -4.67
N THR F 284 45.83 49.68 -5.81
CA THR F 284 47.21 50.16 -5.85
C THR F 284 47.39 51.42 -5.02
N ASN F 285 46.40 52.32 -5.04
CA ASN F 285 46.50 53.55 -4.27
C ASN F 285 46.50 53.28 -2.77
N ILE F 286 45.75 52.28 -2.32
CA ILE F 286 45.71 52.00 -0.88
C ILE F 286 46.75 50.99 -0.42
N LEU F 287 47.33 50.21 -1.33
CA LEU F 287 48.27 49.16 -0.94
C LEU F 287 49.55 49.22 -1.76
N SER F 288 49.99 50.41 -2.12
CA SER F 288 51.23 50.55 -2.88
C SER F 288 52.49 50.18 -2.09
N GLN F 289 52.39 49.98 -0.77
CA GLN F 289 53.52 49.51 0.00
C GLN F 289 53.88 48.06 -0.34
N TYR F 290 52.90 47.27 -0.76
CA TYR F 290 53.03 45.82 -0.83
C TYR F 290 53.05 45.29 -2.25
N ILE F 291 53.16 46.17 -3.25
CA ILE F 291 53.06 45.77 -4.65
C ILE F 291 54.45 45.82 -5.26
N SER F 292 54.89 44.70 -5.83
CA SER F 292 56.16 44.62 -6.50
C SER F 292 55.97 43.97 -7.86
N THR F 293 57.01 44.05 -8.69
CA THR F 293 57.05 43.37 -9.97
C THR F 293 58.31 42.54 -10.00
N GLN F 294 58.18 41.25 -10.31
CA GLN F 294 59.33 40.37 -10.31
C GLN F 294 59.24 39.39 -11.47
N VAL F 295 60.34 38.71 -11.72
CA VAL F 295 60.50 37.83 -12.87
C VAL F 295 60.22 36.40 -12.42
N VAL F 296 59.26 35.75 -13.08
CA VAL F 296 58.78 34.44 -12.68
C VAL F 296 58.97 33.48 -13.84
N SER F 297 59.53 32.31 -13.57
CA SER F 297 59.74 31.27 -14.57
C SER F 297 58.39 30.68 -14.96
N ALA F 298 57.86 31.10 -16.10
CA ALA F 298 56.54 30.74 -16.54
C ALA F 298 56.60 29.77 -17.72
N PRO F 299 55.58 28.92 -17.90
CA PRO F 299 55.51 28.12 -19.12
C PRO F 299 55.08 28.96 -20.30
N ILE F 300 55.44 28.48 -21.49
CA ILE F 300 55.13 29.19 -22.72
C ILE F 300 54.38 28.32 -23.73
N SER F 301 54.44 27.00 -23.63
CA SER F 301 53.77 26.13 -24.58
C SER F 301 52.75 25.25 -23.87
N TYR F 302 51.85 24.69 -24.66
CA TYR F 302 50.87 23.74 -24.14
C TYR F 302 51.53 22.41 -23.82
N GLY F 303 50.94 21.67 -22.88
CA GLY F 303 51.40 20.32 -22.68
C GLY F 303 50.89 19.39 -23.78
N HIS F 304 51.43 18.18 -23.80
CA HIS F 304 50.94 17.13 -24.68
C HIS F 304 50.26 16.04 -23.87
N PHE F 305 49.28 15.38 -24.49
CA PHE F 305 49.01 13.99 -24.13
C PHE F 305 48.56 13.26 -25.38
N ILE F 306 49.42 12.40 -25.90
CA ILE F 306 49.13 11.55 -27.04
C ILE F 306 48.83 10.15 -26.53
N MET F 307 47.81 9.50 -27.10
CA MET F 307 47.54 8.12 -26.76
C MET F 307 48.68 7.20 -27.20
N GLY F 308 48.72 6.02 -26.57
CA GLY F 308 49.41 4.89 -27.12
C GLY F 308 48.47 3.94 -27.82
N LYS F 309 49.06 2.90 -28.41
CA LYS F 309 48.30 1.77 -28.94
C LYS F 309 47.47 1.12 -27.87
N GLU F 310 48.01 1.06 -26.64
CA GLU F 310 47.32 0.55 -25.47
C GLU F 310 46.03 1.31 -25.22
N ASN F 311 46.12 2.64 -25.23
CA ASN F 311 44.94 3.45 -24.95
C ASN F 311 43.92 3.37 -26.09
N ALA F 312 44.38 3.32 -27.34
CA ALA F 312 43.44 3.14 -28.45
C ALA F 312 42.70 1.81 -28.34
N VAL F 313 43.43 0.75 -27.97
CA VAL F 313 42.84 -0.58 -27.78
C VAL F 313 41.81 -0.57 -26.65
N THR F 314 42.13 0.06 -25.52
CA THR F 314 41.16 0.10 -24.42
C THR F 314 39.98 1.02 -24.73
N ALA F 315 40.21 2.08 -25.51
CA ALA F 315 39.14 2.99 -25.88
C ALA F 315 38.13 2.31 -26.76
N ILE F 316 38.60 1.43 -27.64
CA ILE F 316 37.67 0.75 -28.53
C ILE F 316 36.97 -0.40 -27.81
N ALA F 317 37.74 -1.23 -27.10
CA ALA F 317 37.16 -2.43 -26.50
C ALA F 317 36.26 -2.08 -25.32
N TYR F 318 36.71 -1.20 -24.43
CA TYR F 318 36.08 -1.04 -23.14
C TYR F 318 35.41 0.31 -22.93
N ARG F 319 35.32 1.14 -23.98
CA ARG F 319 34.79 2.50 -23.91
C ARG F 319 35.49 3.37 -22.87
N ALA F 320 36.80 3.19 -22.64
CA ALA F 320 37.45 3.95 -21.59
C ALA F 320 38.95 4.06 -21.80
N ILE F 321 39.55 4.99 -21.05
CA ILE F 321 40.99 5.25 -21.03
C ILE F 321 41.46 5.22 -19.59
N MET F 322 42.50 4.42 -19.34
CA MET F 322 43.33 4.62 -18.15
C MET F 322 44.42 5.62 -18.50
N ALA F 323 44.56 6.65 -17.68
CA ALA F 323 45.70 7.54 -17.79
C ALA F 323 46.84 6.95 -16.97
N ASP F 324 48.06 7.18 -17.47
CA ASP F 324 49.29 6.51 -17.01
C ASP F 324 49.10 4.99 -17.02
N PHE F 325 48.59 4.51 -18.15
CA PHE F 325 48.36 3.09 -18.32
C PHE F 325 49.67 2.31 -18.34
N THR F 326 50.74 2.88 -18.87
CA THR F 326 52.00 2.14 -18.94
C THR F 326 52.75 2.13 -17.60
N GLN F 327 52.79 3.26 -16.89
CA GLN F 327 53.38 3.30 -15.55
C GLN F 327 52.61 2.40 -14.61
N PHE F 328 51.29 2.52 -14.71
CA PHE F 328 50.33 1.68 -14.04
C PHE F 328 50.58 0.21 -14.32
N THR F 329 50.88 -0.12 -15.56
CA THR F 329 51.12 -1.51 -15.94
C THR F 329 52.42 -2.02 -15.36
N VAL F 330 53.50 -1.26 -15.53
CA VAL F 330 54.81 -1.78 -15.17
C VAL F 330 55.09 -1.76 -13.68
N ASN F 331 54.26 -1.10 -12.87
CA ASN F 331 54.40 -1.21 -11.43
C ASN F 331 53.42 -2.23 -10.82
N ALA F 332 53.06 -3.28 -11.57
CA ALA F 332 52.04 -4.20 -11.08
C ALA F 332 52.60 -5.20 -10.07
N GLY F 333 53.50 -6.07 -10.50
CA GLY F 333 53.99 -7.13 -9.64
C GLY F 333 55.09 -6.74 -8.68
N THR F 334 55.67 -5.57 -8.84
CA THR F 334 56.73 -5.11 -7.95
C THR F 334 56.15 -4.67 -6.62
N GLU F 335 57.03 -4.30 -5.70
CA GLU F 335 56.58 -3.80 -4.40
C GLU F 335 55.92 -2.45 -4.53
N GLN F 336 56.48 -1.57 -5.37
CA GLN F 336 55.99 -0.21 -5.49
C GLN F 336 54.74 -0.16 -6.40
N GLN F 337 53.68 -0.82 -5.95
CA GLN F 337 52.37 -0.60 -6.55
C GLN F 337 51.92 0.82 -6.24
N ASP F 338 51.69 1.14 -4.97
CA ASP F 338 50.94 2.32 -4.60
C ASP F 338 51.65 3.63 -4.95
N THR F 339 52.96 3.63 -5.15
CA THR F 339 53.68 4.85 -5.48
C THR F 339 53.72 5.08 -6.98
N ASN F 340 53.57 6.34 -7.37
CA ASN F 340 53.70 6.79 -8.74
C ASN F 340 54.13 8.25 -8.70
N ASN F 341 55.05 8.62 -9.58
CA ASN F 341 55.72 9.92 -9.47
C ASN F 341 55.01 11.00 -10.29
N LYS F 342 54.89 10.80 -11.59
CA LYS F 342 54.38 11.84 -12.47
C LYS F 342 53.10 11.38 -13.14
N SER F 343 52.19 12.33 -13.34
CA SER F 343 50.94 12.07 -14.05
C SER F 343 51.05 12.71 -15.42
N GLU F 344 51.14 11.88 -16.46
CA GLU F 344 51.39 12.36 -17.82
C GLU F 344 50.23 13.19 -18.37
N ILE F 345 49.02 13.01 -17.85
CA ILE F 345 47.90 13.83 -18.27
C ILE F 345 47.87 15.19 -17.61
N PHE F 346 48.61 15.40 -16.52
CA PHE F 346 48.71 16.69 -15.87
C PHE F 346 50.13 17.24 -15.82
N ASP F 347 51.14 16.40 -15.95
CA ASP F 347 52.53 16.82 -15.91
C ASP F 347 53.20 16.33 -17.18
N LYS F 348 53.75 17.24 -17.96
CA LYS F 348 54.38 16.91 -19.22
C LYS F 348 55.46 17.95 -19.46
N SER F 349 56.57 17.53 -20.07
CA SER F 349 57.66 18.43 -20.35
C SER F 349 57.24 19.47 -21.37
N ARG F 350 57.43 20.74 -21.04
CA ARG F 350 57.05 21.85 -21.89
C ARG F 350 58.07 22.97 -21.72
N ALA F 351 58.14 23.84 -22.72
CA ALA F 351 59.13 24.91 -22.73
C ALA F 351 58.75 26.01 -21.76
N TYR F 352 59.78 26.63 -21.18
CA TYR F 352 59.63 27.63 -20.12
C TYR F 352 60.26 28.94 -20.55
N ALA F 353 59.70 30.04 -20.04
CA ALA F 353 60.21 31.37 -20.32
C ALA F 353 60.13 32.20 -19.05
N ASP F 354 60.58 33.44 -19.15
CA ASP F 354 60.56 34.37 -18.02
C ASP F 354 59.76 35.61 -18.39
N LEU F 355 58.95 36.08 -17.45
CA LEU F 355 58.14 37.27 -17.67
C LEU F 355 57.92 37.97 -16.35
N LYS F 356 57.31 39.15 -16.42
CA LYS F 356 57.04 39.96 -15.25
C LYS F 356 55.57 39.90 -14.86
N LEU F 357 55.31 39.95 -13.57
CA LEU F 357 53.95 39.96 -13.04
C LEU F 357 53.88 40.95 -11.89
N ASN F 358 52.72 41.58 -11.75
CA ASN F 358 52.48 42.45 -10.59
C ASN F 358 52.11 41.58 -9.40
N THR F 359 52.92 41.66 -8.35
CA THR F 359 52.80 40.74 -7.23
C THR F 359 52.41 41.49 -5.96
N LEU F 360 51.83 40.73 -5.03
CA LEU F 360 51.52 41.18 -3.68
C LEU F 360 52.10 40.20 -2.67
N LYS F 361 52.57 40.72 -1.54
CA LYS F 361 53.08 39.89 -0.46
C LYS F 361 52.09 39.94 0.71
N LEU F 362 51.50 38.79 1.03
CA LEU F 362 50.53 38.68 2.12
C LEU F 362 50.96 37.54 3.04
N GLY F 363 51.83 37.84 3.99
CA GLY F 363 52.31 36.85 4.93
C GLY F 363 53.09 35.73 4.25
N ASP F 364 54.17 36.12 3.56
CA ASP F 364 55.04 35.22 2.78
C ASP F 364 54.27 34.47 1.70
N LYS F 365 53.27 35.12 1.12
CA LYS F 365 52.52 34.57 0.00
C LYS F 365 52.61 35.55 -1.15
N LEU F 366 53.21 35.12 -2.26
CA LEU F 366 53.37 35.96 -3.44
C LEU F 366 52.29 35.61 -4.45
N VAL F 367 51.47 36.60 -4.79
CA VAL F 367 50.25 36.40 -5.55
C VAL F 367 50.25 37.35 -6.73
N ALA F 368 50.03 36.83 -7.93
CA ALA F 368 49.92 37.69 -9.11
C ALA F 368 48.65 38.53 -8.97
N PHE F 369 48.66 39.71 -9.59
CA PHE F 369 47.63 40.68 -9.26
C PHE F 369 47.42 41.61 -10.45
N ASP F 370 46.36 41.36 -11.22
CA ASP F 370 46.16 42.15 -12.44
C ASP F 370 44.69 42.29 -12.79
N HIS F 371 44.44 43.08 -13.83
CA HIS F 371 43.14 43.21 -14.46
C HIS F 371 43.22 42.64 -15.87
N LEU F 372 42.09 42.11 -16.34
CA LEU F 372 41.99 41.60 -17.69
C LEU F 372 41.45 42.63 -18.66
N HIS F 373 41.51 43.92 -18.30
CA HIS F 373 40.99 44.94 -19.18
C HIS F 373 41.81 45.04 -20.46
N LYS F 374 43.08 44.66 -20.44
CA LYS F 374 43.90 44.72 -21.65
C LYS F 374 43.51 43.67 -22.68
N VAL F 375 42.76 42.62 -22.28
CA VAL F 375 42.16 41.74 -23.27
C VAL F 375 40.69 42.03 -23.46
N TYR F 376 40.06 42.80 -22.57
CA TYR F 376 38.70 43.27 -22.80
C TYR F 376 38.65 44.76 -23.14
N LYS F 377 39.67 45.28 -23.84
CA LYS F 377 39.66 46.68 -24.23
C LYS F 377 38.62 46.97 -25.29
N ASN F 378 38.56 46.12 -26.31
CA ASN F 378 37.86 46.48 -27.52
C ASN F 378 37.34 45.17 -28.12
N THR F 379 36.11 44.82 -27.75
CA THR F 379 35.57 43.48 -27.96
C THR F 379 34.12 43.57 -28.41
N ASP F 380 33.38 42.48 -28.27
CA ASP F 380 31.94 42.54 -28.28
C ASP F 380 31.36 42.16 -26.92
N VAL F 381 32.21 41.93 -25.92
CA VAL F 381 31.77 41.48 -24.60
C VAL F 381 32.23 42.47 -23.53
N ASN F 382 31.52 42.44 -22.41
CA ASN F 382 31.96 43.16 -21.23
C ASN F 382 33.03 42.36 -20.50
N ASP F 383 33.65 43.01 -19.53
CA ASP F 383 34.46 42.25 -18.60
C ASP F 383 33.53 41.49 -17.64
N PRO F 384 33.70 40.19 -17.49
CA PRO F 384 32.72 39.41 -16.72
C PRO F 384 32.78 39.61 -15.22
N LEU F 385 33.78 40.35 -14.71
CA LEU F 385 33.79 40.68 -13.29
C LEU F 385 32.89 41.84 -12.94
N GLU F 386 32.54 42.68 -13.92
CA GLU F 386 31.52 43.70 -13.68
C GLU F 386 30.17 43.00 -13.75
N GLN F 387 29.66 42.59 -12.58
CA GLN F 387 28.45 41.80 -12.49
C GLN F 387 27.42 42.52 -11.63
N SER F 388 26.17 42.12 -11.77
CA SER F 388 25.09 42.85 -11.14
C SER F 388 24.57 42.12 -9.91
N LEU F 389 24.19 42.91 -8.90
CA LEU F 389 23.47 42.41 -7.74
C LEU F 389 21.97 42.55 -7.96
N GLN F 390 21.19 41.88 -7.11
CA GLN F 390 19.76 42.12 -7.00
C GLN F 390 19.42 42.09 -5.52
N LEU F 391 19.31 43.26 -4.91
CA LEU F 391 18.89 43.37 -3.52
C LEU F 391 17.40 43.68 -3.51
N THR F 392 16.65 42.93 -2.71
CA THR F 392 15.21 43.10 -2.61
C THR F 392 14.88 43.86 -1.34
N PHE F 393 14.03 44.87 -1.45
CA PHE F 393 13.66 45.73 -0.33
C PHE F 393 12.19 45.57 -0.03
N PHE F 394 11.82 45.69 1.25
CA PHE F 394 10.42 45.72 1.63
C PHE F 394 10.17 46.86 2.61
N PHE F 395 8.95 47.40 2.58
CA PHE F 395 8.58 48.50 3.45
C PHE F 395 7.08 48.54 3.59
N PRO F 396 6.56 48.96 4.73
CA PRO F 396 5.11 48.96 4.97
C PRO F 396 4.45 50.26 4.56
N LEU F 397 3.11 50.23 4.52
CA LEU F 397 2.33 51.45 4.61
C LEU F 397 1.01 51.11 5.28
N GLY F 398 0.43 52.10 5.96
CA GLY F 398 -0.87 51.91 6.58
C GLY F 398 -0.88 51.03 7.81
N ILE F 399 0.29 50.72 8.38
CA ILE F 399 0.34 49.98 9.63
C ILE F 399 -0.22 50.86 10.75
N TYR F 400 -1.26 50.38 11.41
CA TYR F 400 -1.83 51.11 12.53
C TYR F 400 -1.11 50.65 13.80
N ILE F 401 -0.20 51.48 14.29
CA ILE F 401 0.33 51.27 15.63
C ILE F 401 -0.79 51.45 16.63
N PRO F 402 -0.97 50.56 17.61
CA PRO F 402 -2.04 50.74 18.59
C PRO F 402 -1.77 51.94 19.48
N THR F 403 -2.77 52.81 19.59
CA THR F 403 -2.70 53.96 20.47
C THR F 403 -2.64 53.54 21.93
N GLU F 404 -3.20 52.36 22.24
CA GLU F 404 -3.35 51.89 23.61
C GLU F 404 -2.01 51.62 24.28
N THR F 405 -1.00 51.22 23.52
CA THR F 405 0.36 51.10 24.03
C THR F 405 1.33 51.99 23.27
N GLY F 406 0.81 53.03 22.61
CA GLY F 406 1.65 53.91 21.84
C GLY F 406 2.52 54.80 22.71
N PHE F 407 3.47 55.45 22.05
CA PHE F 407 4.43 56.33 22.69
C PHE F 407 5.05 57.19 21.63
N SER F 408 6.02 58.01 22.04
CA SER F 408 6.91 58.63 21.08
C SER F 408 8.23 58.97 21.75
N THR F 409 9.32 58.58 21.10
CA THR F 409 10.59 59.25 21.30
C THR F 409 10.60 60.50 20.40
N MET F 410 11.75 61.17 20.34
CA MET F 410 12.04 62.40 19.58
C MET F 410 10.92 63.45 19.57
N GLU F 411 10.31 63.68 20.74
CA GLU F 411 9.28 64.70 20.84
C GLU F 411 9.85 66.09 20.69
N THR F 412 11.11 66.28 21.05
CA THR F 412 11.73 67.60 20.95
C THR F 412 12.01 67.97 19.50
N ARG F 413 12.20 66.98 18.63
CA ARG F 413 12.64 67.28 17.27
C ARG F 413 11.49 67.72 16.39
N VAL F 414 10.44 66.91 16.29
CA VAL F 414 9.30 67.23 15.46
C VAL F 414 8.12 67.57 16.34
N LYS F 415 7.14 68.23 15.74
CA LYS F 415 5.83 68.38 16.36
C LYS F 415 4.81 68.53 15.24
N LEU F 416 3.88 67.60 15.18
CA LEU F 416 2.88 67.62 14.14
C LEU F 416 1.82 68.66 14.43
N ASN F 417 1.07 69.00 13.39
CA ASN F 417 -0.15 69.78 13.55
C ASN F 417 -1.30 68.80 13.72
N ASP F 418 -2.14 69.05 14.73
CA ASP F 418 -3.11 68.07 15.18
C ASP F 418 -4.24 67.91 14.17
N THR F 419 -4.10 66.94 13.29
CA THR F 419 -5.10 66.58 12.31
C THR F 419 -5.06 65.07 12.19
N MET F 420 -6.22 64.44 11.97
CA MET F 420 -6.26 62.99 11.92
C MET F 420 -5.53 62.41 10.71
N GLU F 421 -5.32 63.19 9.65
CA GLU F 421 -4.45 62.74 8.58
C GLU F 421 -2.99 62.69 8.99
N ASN F 422 -2.59 63.47 9.99
CA ASN F 422 -1.27 63.30 10.57
C ASN F 422 -1.27 62.26 11.68
N ASN F 423 -2.41 62.02 12.31
CA ASN F 423 -2.50 61.08 13.41
C ASN F 423 -2.76 59.65 12.97
N LEU F 424 -3.06 59.43 11.70
CA LEU F 424 -3.00 58.08 11.17
C LEU F 424 -2.07 58.04 9.97
N PRO F 425 -1.18 57.06 9.89
CA PRO F 425 -0.41 56.88 8.65
C PRO F 425 -1.32 56.37 7.54
N THR F 426 -1.21 57.01 6.38
CA THR F 426 -2.00 56.65 5.21
C THR F 426 -1.08 56.54 4.00
N SER F 427 0.01 57.28 4.03
CA SER F 427 0.97 57.30 2.93
C SER F 427 2.34 56.95 3.47
N VAL F 428 3.27 56.65 2.56
CA VAL F 428 4.67 56.47 2.96
C VAL F 428 5.57 57.28 2.04
N PHE F 429 6.44 58.07 2.65
CA PHE F 429 7.42 58.88 1.94
C PHE F 429 8.76 58.21 2.09
N PHE F 430 9.54 58.19 1.01
CA PHE F 430 10.91 57.69 1.08
C PHE F 430 11.72 58.31 -0.05
N HIS F 431 13.04 58.24 0.08
CA HIS F 431 13.88 58.88 -0.92
C HIS F 431 14.08 57.97 -2.13
N ASN F 432 14.31 58.59 -3.28
CA ASN F 432 14.62 57.87 -4.51
C ASN F 432 16.10 57.53 -4.59
N LYS F 433 16.56 57.19 -5.80
CA LYS F 433 17.98 57.02 -6.06
C LYS F 433 18.77 58.28 -5.71
N ASP F 434 18.49 59.38 -6.39
CA ASP F 434 18.91 60.66 -5.84
C ASP F 434 17.91 61.10 -4.77
N GLN F 435 18.24 62.15 -4.04
CA GLN F 435 17.42 62.55 -2.92
C GLN F 435 16.14 63.25 -3.35
N VAL F 436 15.23 62.51 -3.98
CA VAL F 436 13.91 63.01 -4.36
C VAL F 436 12.89 62.30 -3.49
N VAL F 437 12.07 63.08 -2.80
CA VAL F 437 11.05 62.50 -1.92
C VAL F 437 9.95 61.90 -2.80
N GLN F 438 9.76 60.60 -2.69
CA GLN F 438 8.84 59.80 -3.48
C GLN F 438 7.76 59.23 -2.58
N ARG F 439 6.52 59.24 -3.07
CA ARG F 439 5.36 59.02 -2.21
C ARG F 439 4.50 57.87 -2.72
N ILE F 440 4.07 57.00 -1.80
CA ILE F 440 3.17 55.92 -2.15
C ILE F 440 1.88 56.04 -1.35
N ASP F 441 0.77 55.70 -2.02
CA ASP F 441 -0.62 55.97 -1.63
C ASP F 441 -1.47 54.72 -1.71
N PHE F 442 -2.69 54.86 -1.19
CA PHE F 442 -3.72 53.90 -1.52
C PHE F 442 -4.26 54.11 -2.92
N ALA F 443 -4.36 55.37 -3.36
CA ALA F 443 -4.72 55.66 -4.75
C ALA F 443 -3.65 55.16 -5.72
N ASP F 444 -2.42 55.02 -5.25
CA ASP F 444 -1.38 54.39 -6.03
C ASP F 444 -1.40 52.87 -5.89
N ILE F 445 -1.90 52.35 -4.77
CA ILE F 445 -1.91 50.90 -4.59
C ILE F 445 -3.06 50.23 -5.31
N LEU F 446 -4.08 51.01 -5.71
CA LEU F 446 -5.27 50.49 -6.38
C LEU F 446 -5.06 49.56 -7.59
N PRO F 447 -4.13 49.79 -8.55
CA PRO F 447 -4.03 48.86 -9.67
C PRO F 447 -3.44 47.50 -9.31
N SER F 448 -2.99 47.32 -8.08
CA SER F 448 -2.53 46.03 -7.60
C SER F 448 -3.50 45.35 -6.65
N VAL F 449 -4.48 46.07 -6.13
CA VAL F 449 -5.39 45.52 -5.14
C VAL F 449 -6.82 45.43 -5.67
N CYS F 450 -7.17 46.15 -6.74
CA CYS F 450 -8.53 46.18 -7.22
C CYS F 450 -8.76 45.17 -8.35
N HIS F 451 -7.93 44.15 -8.45
CA HIS F 451 -8.01 43.14 -9.49
C HIS F 451 -9.07 42.08 -9.13
N PRO F 452 -9.73 41.50 -10.14
CA PRO F 452 -10.77 40.48 -9.85
C PRO F 452 -10.27 39.22 -9.18
N ILE F 453 -8.99 38.88 -9.31
CA ILE F 453 -8.48 37.66 -8.70
C ILE F 453 -8.37 37.81 -7.19
N VAL F 454 -8.38 39.04 -6.68
CA VAL F 454 -8.45 39.24 -5.24
C VAL F 454 -9.86 38.95 -4.75
N HIS F 455 -10.87 39.52 -5.41
CA HIS F 455 -12.24 39.32 -4.94
C HIS F 455 -12.85 38.03 -5.44
N ASP F 456 -12.09 37.18 -6.14
CA ASP F 456 -12.55 35.82 -6.42
C ASP F 456 -12.36 34.94 -5.19
N SER F 457 -13.27 33.98 -5.03
CA SER F 457 -13.20 33.02 -3.93
C SER F 457 -12.97 31.60 -4.38
N THR F 458 -12.83 31.34 -5.67
CA THR F 458 -12.86 29.97 -6.19
C THR F 458 -11.63 29.19 -5.77
N ILE F 459 -10.45 29.81 -5.90
CA ILE F 459 -9.21 29.09 -5.64
C ILE F 459 -9.02 28.88 -4.14
N VAL F 460 -9.43 29.85 -3.33
CA VAL F 460 -9.37 29.70 -1.88
C VAL F 460 -10.32 28.60 -1.43
N GLU F 461 -11.52 28.54 -2.03
CA GLU F 461 -12.48 27.48 -1.74
C GLU F 461 -11.92 26.11 -2.09
N ARG F 462 -11.29 25.98 -3.26
CA ARG F 462 -10.75 24.69 -3.69
C ARG F 462 -9.60 24.24 -2.80
N LEU F 463 -8.63 25.13 -2.56
CA LEU F 463 -7.45 24.73 -1.79
C LEU F 463 -7.78 24.47 -0.33
N MET F 464 -8.65 25.29 0.26
CA MET F 464 -9.04 25.09 1.63
C MET F 464 -10.00 23.92 1.77
N LYS F 465 -10.68 23.53 0.69
CA LYS F 465 -11.46 22.31 0.67
C LYS F 465 -10.56 21.08 0.64
N ASN F 466 -9.53 21.10 -0.21
CA ASN F 466 -8.67 19.94 -0.35
C ASN F 466 -7.62 19.82 0.73
N GLU F 467 -7.36 20.89 1.47
CA GLU F 467 -6.52 20.78 2.65
C GLU F 467 -7.25 19.94 3.70
N PRO F 468 -6.59 18.95 4.31
CA PRO F 468 -7.31 17.95 5.11
C PRO F 468 -7.89 18.52 6.40
N LEU F 469 -8.76 17.69 6.99
CA LEU F 469 -9.55 18.07 8.14
C LEU F 469 -8.65 18.19 9.37
N PRO F 470 -9.05 19.01 10.36
CA PRO F 470 -8.23 19.12 11.58
C PRO F 470 -8.31 17.89 12.46
N THR F 471 -7.53 17.89 13.54
CA THR F 471 -7.54 16.78 14.50
C THR F 471 -8.84 16.78 15.29
N GLY F 472 -9.03 15.76 16.13
CA GLY F 472 -10.21 15.70 16.97
C GLY F 472 -10.26 16.80 18.00
N HIS F 473 -9.09 17.22 18.48
CA HIS F 473 -8.98 18.16 19.59
C HIS F 473 -9.45 19.56 19.19
N ARG F 474 -9.10 19.99 17.98
CA ARG F 474 -9.62 21.23 17.43
C ARG F 474 -10.90 21.01 16.66
N PHE F 475 -11.20 19.77 16.30
CA PHE F 475 -12.40 19.42 15.54
C PHE F 475 -13.65 19.57 16.39
N SER F 476 -13.55 19.21 17.68
CA SER F 476 -14.67 19.40 18.57
C SER F 476 -14.94 20.89 18.81
N GLN F 477 -13.89 21.69 18.85
CA GLN F 477 -14.05 23.11 19.18
C GLN F 477 -14.49 23.92 17.97
N LEU F 478 -14.02 23.55 16.78
CA LEU F 478 -14.06 24.45 15.64
C LEU F 478 -15.06 24.04 14.57
N CYS F 479 -15.32 22.74 14.41
CA CYS F 479 -16.04 22.21 13.26
C CYS F 479 -17.48 21.84 13.60
N GLN F 480 -18.00 22.34 14.71
CA GLN F 480 -19.21 21.75 15.29
C GLN F 480 -20.50 22.43 14.84
N LEU F 481 -20.45 23.69 14.39
CA LEU F 481 -21.65 24.48 14.18
C LEU F 481 -22.46 23.97 12.99
N LYS F 482 -23.71 24.40 12.92
CA LYS F 482 -24.68 23.82 12.01
C LYS F 482 -25.75 24.87 11.68
N ILE F 483 -26.18 24.89 10.42
CA ILE F 483 -27.19 25.84 9.97
C ILE F 483 -28.53 25.13 9.84
N THR F 484 -29.61 25.89 10.03
CA THR F 484 -30.96 25.35 9.95
C THR F 484 -31.88 26.45 9.44
N ARG F 485 -32.70 26.14 8.44
CA ARG F 485 -33.58 27.12 7.82
C ARG F 485 -35.00 26.58 7.75
N GLU F 486 -35.97 27.41 8.13
CA GLU F 486 -37.39 27.08 8.01
C GLU F 486 -38.11 28.31 7.47
N ASN F 487 -39.48 28.23 7.38
CA ASN F 487 -40.11 29.44 6.88
C ASN F 487 -40.66 30.30 8.02
N PRO F 488 -40.80 31.62 7.80
CA PRO F 488 -41.28 32.51 8.88
C PRO F 488 -42.69 32.20 9.39
N THR F 489 -43.49 31.41 8.67
CA THR F 489 -44.75 30.97 9.22
C THR F 489 -44.54 29.97 10.35
N ARG F 490 -43.67 28.98 10.14
CA ARG F 490 -43.45 27.98 11.19
C ARG F 490 -42.56 28.49 12.31
N ILE F 491 -41.64 29.42 12.05
CA ILE F 491 -40.72 29.74 13.12
C ILE F 491 -41.33 30.65 14.18
N LEU F 492 -42.39 31.38 13.84
CA LEU F 492 -43.04 32.21 14.85
C LEU F 492 -43.77 31.36 15.87
N GLN F 493 -44.26 30.19 15.47
CA GLN F 493 -44.89 29.28 16.43
C GLN F 493 -43.91 28.28 17.01
N THR F 494 -42.77 28.06 16.36
CA THR F 494 -41.77 27.12 16.87
C THR F 494 -40.51 27.82 17.37
N LEU F 495 -40.65 29.09 17.77
CA LEU F 495 -39.52 29.84 18.30
C LEU F 495 -38.99 29.23 19.60
N TYR F 496 -39.84 29.12 20.61
CA TYR F 496 -39.37 28.82 21.96
C TYR F 496 -39.05 27.35 22.19
N ASN F 497 -39.11 26.49 21.17
CA ASN F 497 -38.92 25.07 21.39
C ASN F 497 -37.48 24.74 21.72
N LEU F 498 -36.54 25.44 21.11
CA LEU F 498 -35.13 25.20 21.37
C LEU F 498 -34.62 25.94 22.59
N TYR F 499 -35.52 26.59 23.33
CA TYR F 499 -35.24 27.06 24.68
C TYR F 499 -35.95 26.25 25.74
N GLU F 500 -37.13 25.71 25.41
CA GLU F 500 -37.77 24.73 26.27
C GLU F 500 -36.94 23.46 26.34
N SER F 501 -36.38 23.04 25.22
CA SER F 501 -35.38 22.00 25.23
C SER F 501 -34.07 22.54 25.81
N ARG F 502 -33.20 21.62 26.21
CA ARG F 502 -31.92 21.97 26.80
C ARG F 502 -30.77 21.80 25.81
N GLN F 503 -31.06 21.83 24.51
CA GLN F 503 -30.06 21.65 23.48
C GLN F 503 -29.10 22.84 23.47
N GLU F 504 -27.83 22.58 23.20
CA GLU F 504 -26.80 23.60 23.33
C GLU F 504 -26.17 23.92 21.99
N VAL F 505 -26.36 25.15 21.55
CA VAL F 505 -25.71 25.67 20.35
C VAL F 505 -24.26 25.95 20.68
N PRO F 506 -23.32 25.38 19.95
CA PRO F 506 -21.90 25.57 20.28
C PRO F 506 -21.39 26.95 19.87
N LYS F 507 -20.14 27.24 20.19
CA LYS F 507 -19.50 28.47 19.73
C LYS F 507 -19.34 28.45 18.22
N ASN F 508 -19.70 29.54 17.57
CA ASN F 508 -19.32 29.73 16.19
C ASN F 508 -17.84 30.09 16.12
N THR F 509 -17.31 29.98 14.89
CA THR F 509 -15.90 30.31 14.66
C THR F 509 -15.63 31.78 14.92
N ASN F 510 -16.56 32.64 14.53
CA ASN F 510 -16.34 34.07 14.67
C ASN F 510 -16.43 34.53 16.12
N VAL F 511 -17.40 33.99 16.88
CA VAL F 511 -17.51 34.37 18.28
C VAL F 511 -16.42 33.70 19.10
N LEU F 512 -15.87 32.57 18.64
CA LEU F 512 -14.67 32.04 19.26
C LEU F 512 -13.48 32.93 18.97
N LYS F 513 -13.42 33.48 17.76
CA LYS F 513 -12.26 34.24 17.31
C LYS F 513 -12.19 35.63 17.93
N ASN F 514 -13.32 36.32 18.03
CA ASN F 514 -13.31 37.71 18.45
C ASN F 514 -13.07 37.89 19.94
N GLU F 515 -13.08 36.82 20.73
CA GLU F 515 -12.69 36.93 22.12
C GLU F 515 -11.19 37.13 22.27
N LEU F 516 -10.40 36.73 21.28
CA LEU F 516 -8.96 36.82 21.35
C LEU F 516 -8.50 38.26 21.21
N ASN F 517 -7.23 38.47 21.52
CA ASN F 517 -6.67 39.80 21.49
C ASN F 517 -5.75 39.92 20.27
N VAL F 518 -5.32 41.16 20.00
CA VAL F 518 -4.53 41.46 18.81
C VAL F 518 -3.12 40.90 18.87
N GLU F 519 -2.74 40.31 19.98
CA GLU F 519 -1.44 39.70 20.15
C GLU F 519 -1.53 38.21 20.44
N ASP F 520 -2.53 37.78 21.20
CA ASP F 520 -2.82 36.37 21.38
C ASP F 520 -3.36 35.72 20.11
N PHE F 521 -3.78 36.54 19.13
CA PHE F 521 -4.33 36.00 17.89
C PHE F 521 -3.29 35.27 17.07
N TYR F 522 -2.08 35.82 16.94
CA TYR F 522 -1.05 35.20 16.14
C TYR F 522 -0.34 34.07 16.85
N LYS F 523 -0.62 33.89 18.14
CA LYS F 523 0.02 32.82 18.89
C LYS F 523 -0.57 31.49 18.45
N PRO F 524 0.22 30.41 18.50
CA PRO F 524 -0.34 29.08 18.18
C PRO F 524 -1.40 28.55 19.15
N ASP F 525 -1.71 29.25 20.23
CA ASP F 525 -2.85 28.89 21.05
C ASP F 525 -4.18 29.12 20.34
N ASN F 526 -4.20 29.97 19.31
CA ASN F 526 -5.43 30.25 18.57
C ASN F 526 -5.90 29.00 17.84
N PRO F 527 -7.15 28.58 18.02
CA PRO F 527 -7.71 27.52 17.17
C PRO F 527 -8.19 27.99 15.82
N THR F 528 -8.11 29.29 15.52
CA THR F 528 -8.66 29.82 14.28
C THR F 528 -7.61 30.49 13.41
N LEU F 529 -6.35 30.05 13.53
CA LEU F 529 -5.35 30.58 12.60
C LEU F 529 -5.49 30.03 11.18
N PRO F 530 -5.72 28.73 10.92
CA PRO F 530 -6.01 28.35 9.53
C PRO F 530 -7.41 28.74 9.06
N THR F 531 -8.19 29.44 9.87
CA THR F 531 -9.48 29.93 9.42
C THR F 531 -9.32 31.11 8.47
N GLU F 532 -8.46 32.07 8.81
CA GLU F 532 -8.29 33.26 7.99
C GLU F 532 -7.54 32.93 6.71
N ARG F 533 -8.17 33.12 5.56
CA ARG F 533 -7.50 32.82 4.31
C ARG F 533 -7.56 33.98 3.35
N HIS F 534 -8.62 34.78 3.44
CA HIS F 534 -8.77 35.92 2.55
C HIS F 534 -9.44 37.02 3.36
N PRO F 535 -8.91 38.25 3.37
CA PRO F 535 -9.43 39.25 4.30
C PRO F 535 -10.81 39.74 3.95
N PHE F 536 -11.25 39.53 2.71
CA PHE F 536 -12.62 39.82 2.34
C PHE F 536 -13.57 38.65 2.61
N PHE F 537 -13.04 37.46 2.88
CA PHE F 537 -13.85 36.24 2.90
C PHE F 537 -13.68 35.54 4.24
N ASP F 538 -14.75 35.49 5.03
CA ASP F 538 -14.79 34.66 6.21
C ASP F 538 -15.03 33.21 5.78
N LEU F 539 -14.20 32.30 6.28
CA LEU F 539 -14.30 30.88 5.95
C LEU F 539 -14.60 30.10 7.23
N THR F 540 -15.23 28.94 7.08
CA THR F 540 -15.63 28.15 8.23
C THR F 540 -15.90 26.71 7.83
N TYR F 541 -16.28 25.91 8.82
CA TYR F 541 -16.66 24.51 8.64
C TYR F 541 -18.10 24.36 9.09
N ILE F 542 -18.95 23.76 8.25
CA ILE F 542 -20.33 23.50 8.63
C ILE F 542 -20.68 22.04 8.32
N GLN F 543 -21.70 21.57 9.05
CA GLN F 543 -22.11 20.18 9.08
C GLN F 543 -23.44 20.03 8.35
N LYS F 544 -23.41 19.46 7.15
CA LYS F 544 -24.60 18.93 6.50
C LYS F 544 -24.44 17.43 6.34
N ASN F 545 -25.34 16.68 6.97
CA ASN F 545 -25.42 15.22 6.87
C ASN F 545 -24.13 14.55 7.33
N ARG F 546 -23.58 15.05 8.43
CA ARG F 546 -22.41 14.58 9.18
C ARG F 546 -21.12 14.82 8.40
N ALA F 547 -21.15 15.56 7.30
CA ALA F 547 -19.96 15.93 6.54
C ALA F 547 -19.59 17.37 6.87
N THR F 548 -18.29 17.64 6.93
CA THR F 548 -17.78 18.81 7.64
C THR F 548 -17.87 20.11 6.86
N GLU F 549 -18.06 20.05 5.54
CA GLU F 549 -18.46 21.10 4.62
C GLU F 549 -17.80 22.47 4.76
N VAL F 550 -16.58 22.64 4.24
CA VAL F 550 -15.93 23.94 4.14
C VAL F 550 -16.84 24.99 3.51
N LEU F 551 -16.71 26.23 3.93
CA LEU F 551 -17.68 27.26 3.54
C LEU F 551 -17.00 28.61 3.45
N CYS F 552 -17.06 29.23 2.27
CA CYS F 552 -16.57 30.57 2.06
C CYS F 552 -17.74 31.54 2.00
N THR F 553 -17.55 32.71 2.60
CA THR F 553 -18.62 33.66 2.80
C THR F 553 -18.02 35.06 2.82
N PRO F 554 -18.43 35.96 1.93
CA PRO F 554 -17.84 37.30 1.93
C PRO F 554 -18.24 38.10 3.16
N ARG F 555 -17.23 38.47 3.96
CA ARG F 555 -17.37 39.61 4.84
C ARG F 555 -17.73 40.80 3.98
N ILE F 556 -18.90 41.39 4.18
CA ILE F 556 -19.27 42.54 3.37
C ILE F 556 -18.76 43.82 3.99
N MET F 557 -19.13 44.07 5.23
CA MET F 557 -18.80 45.37 5.80
C MET F 557 -17.44 45.31 6.49
N ILE F 558 -16.84 46.49 6.65
CA ILE F 558 -15.49 46.60 7.20
C ILE F 558 -15.45 46.14 8.64
N GLY F 559 -16.55 46.27 9.37
CA GLY F 559 -16.57 45.86 10.75
C GLY F 559 -16.61 44.37 10.96
N ASN F 560 -17.04 43.60 9.95
CA ASN F 560 -17.12 42.17 10.11
C ASN F 560 -15.78 41.47 9.95
N MET F 561 -14.71 42.23 9.71
CA MET F 561 -13.37 41.72 9.95
C MET F 561 -13.21 41.45 11.45
N PRO F 562 -12.39 40.48 11.82
CA PRO F 562 -12.24 40.16 13.24
C PRO F 562 -11.53 41.26 13.99
N LEU F 563 -12.00 41.50 15.22
CA LEU F 563 -11.42 42.53 16.07
C LEU F 563 -9.93 42.39 16.40
N PRO F 564 -9.32 41.19 16.46
CA PRO F 564 -7.85 41.17 16.48
C PRO F 564 -7.20 41.67 15.20
N LEU F 565 -7.93 41.68 14.09
CA LEU F 565 -7.41 42.12 12.81
C LEU F 565 -7.83 43.55 12.47
N ALA F 566 -8.74 44.12 13.24
CA ALA F 566 -9.11 45.52 13.18
C ALA F 566 -9.66 45.91 14.55
N PRO F 567 -8.84 46.50 15.41
CA PRO F 567 -9.29 46.79 16.78
C PRO F 567 -10.28 47.94 16.79
N ILE F 568 -10.93 48.11 17.93
CA ILE F 568 -11.99 49.10 18.00
C ILE F 568 -11.43 50.52 18.09
N SER F 569 -10.20 50.67 18.60
CA SER F 569 -9.53 51.96 18.53
C SER F 569 -9.18 52.32 17.10
N PHE F 570 -8.91 51.32 16.26
CA PHE F 570 -8.69 51.58 14.85
C PHE F 570 -9.96 52.10 14.17
N HIS F 571 -11.11 51.51 14.50
CA HIS F 571 -12.36 51.98 13.93
C HIS F 571 -12.70 53.38 14.43
N GLU F 572 -12.37 53.68 15.69
CA GLU F 572 -12.59 55.04 16.17
C GLU F 572 -11.64 56.04 15.52
N ALA F 573 -10.43 55.62 15.17
CA ALA F 573 -9.50 56.51 14.51
C ALA F 573 -9.92 56.78 13.07
N ARG F 574 -10.33 55.74 12.35
CA ARG F 574 -10.91 55.91 11.02
C ARG F 574 -12.17 56.75 11.06
N THR F 575 -12.94 56.62 12.15
CA THR F 575 -14.13 57.42 12.35
C THR F 575 -13.79 58.88 12.53
N ASN F 576 -12.76 59.18 13.33
CA ASN F 576 -12.34 60.55 13.51
C ASN F 576 -11.76 61.14 12.23
N GLN F 577 -11.16 60.30 11.38
CA GLN F 577 -10.81 60.75 10.03
C GLN F 577 -12.05 61.22 9.27
N MET F 578 -13.11 60.40 9.28
CA MET F 578 -14.30 60.82 8.54
C MET F 578 -15.01 62.00 9.20
N LEU F 579 -14.92 62.12 10.52
CA LEU F 579 -15.49 63.28 11.20
C LEU F 579 -14.75 64.56 10.86
N GLU F 580 -13.41 64.50 10.85
CA GLU F 580 -12.62 65.67 10.47
C GLU F 580 -12.79 66.02 9.01
N HIS F 581 -12.97 65.02 8.15
CA HIS F 581 -13.22 65.31 6.75
C HIS F 581 -14.62 65.83 6.52
N ALA F 582 -15.56 65.48 7.40
CA ALA F 582 -16.90 66.05 7.33
C ALA F 582 -16.98 67.43 7.97
N LYS F 583 -16.02 67.77 8.83
CA LYS F 583 -16.00 68.98 9.65
C LYS F 583 -17.26 69.10 10.51
N THR F 584 -17.78 67.96 10.97
CA THR F 584 -18.98 67.91 11.81
C THR F 584 -18.62 67.12 13.06
N ASN F 585 -18.12 67.81 14.08
CA ASN F 585 -17.71 67.22 15.34
C ASN F 585 -18.25 68.05 16.50
N SER F 586 -19.56 68.35 16.45
CA SER F 586 -20.17 69.18 17.47
C SER F 586 -20.35 68.41 18.77
N HIS F 587 -20.05 69.08 19.89
CA HIS F 587 -20.22 68.52 21.22
C HIS F 587 -21.54 68.92 21.85
N ASN F 588 -22.52 69.31 21.03
CA ASN F 588 -23.78 69.81 21.56
C ASN F 588 -24.67 68.72 22.13
N TYR F 589 -24.38 67.45 21.84
CA TYR F 589 -25.36 66.39 22.02
C TYR F 589 -25.07 65.48 23.20
N ASP F 590 -23.95 65.67 23.90
CA ASP F 590 -23.62 64.78 25.00
C ASP F 590 -24.61 64.93 26.15
N PHE F 591 -25.12 66.14 26.37
CA PHE F 591 -26.13 66.37 27.39
C PHE F 591 -27.45 65.72 27.00
N THR F 592 -27.72 65.57 25.70
CA THR F 592 -28.89 64.82 25.27
C THR F 592 -28.67 63.33 25.48
N LEU F 593 -27.49 62.84 25.10
CA LEU F 593 -27.23 61.40 25.10
C LEU F 593 -27.14 60.85 26.52
N LYS F 594 -26.78 61.69 27.50
CA LYS F 594 -26.85 61.26 28.91
C LYS F 594 -28.28 60.89 29.31
N ILE F 595 -29.23 61.78 29.01
CA ILE F 595 -30.62 61.55 29.39
C ILE F 595 -31.23 60.42 28.58
N VAL F 596 -30.83 60.29 27.31
CA VAL F 596 -31.33 59.19 26.50
C VAL F 596 -30.77 57.86 27.00
N THR F 597 -29.52 57.84 27.45
CA THR F 597 -28.93 56.64 28.04
C THR F 597 -29.63 56.25 29.34
N GLU F 598 -29.94 57.25 30.18
CA GLU F 598 -30.67 56.96 31.41
C GLU F 598 -32.06 56.43 31.12
N SER F 599 -32.74 56.98 30.11
CA SER F 599 -34.06 56.50 29.74
C SER F 599 -34.01 55.10 29.14
N LEU F 600 -32.93 54.76 28.44
CA LEU F 600 -32.85 53.42 27.88
C LEU F 600 -32.42 52.39 28.91
N THR F 601 -31.69 52.81 29.94
CA THR F 601 -31.17 51.88 30.92
C THR F 601 -32.15 51.61 32.04
N SER F 602 -32.77 52.66 32.59
CA SER F 602 -33.67 52.52 33.74
C SER F 602 -34.92 51.77 33.32
N GLY F 603 -35.11 50.57 33.88
CA GLY F 603 -36.14 49.67 33.42
C GLY F 603 -37.50 49.85 34.06
N SER F 604 -37.88 51.09 34.34
CA SER F 604 -39.19 51.39 34.90
C SER F 604 -40.16 51.93 33.87
N TYR F 605 -39.91 51.62 32.59
CA TYR F 605 -40.64 52.20 31.46
C TYR F 605 -42.09 51.74 31.46
N PRO F 606 -43.04 52.64 31.23
CA PRO F 606 -44.44 52.33 31.50
C PRO F 606 -45.04 51.47 30.40
N GLU F 607 -46.25 50.98 30.67
CA GLU F 607 -46.83 49.94 29.83
C GLU F 607 -47.69 50.50 28.71
N LEU F 608 -48.29 51.67 28.90
CA LEU F 608 -49.15 52.26 27.87
C LEU F 608 -48.35 52.70 26.65
N ALA F 609 -47.04 52.93 26.80
CA ALA F 609 -46.23 53.40 25.69
C ALA F 609 -46.11 52.35 24.59
N TYR F 610 -46.00 51.08 24.97
CA TYR F 610 -46.01 50.01 23.98
C TYR F 610 -47.36 49.91 23.29
N VAL F 611 -48.44 50.10 24.06
CA VAL F 611 -49.79 50.07 23.52
C VAL F 611 -49.97 51.18 22.49
N ILE F 612 -49.44 52.37 22.79
CA ILE F 612 -49.52 53.48 21.85
C ILE F 612 -48.67 53.21 20.62
N GLU F 613 -47.48 52.64 20.80
CA GLU F 613 -46.61 52.37 19.67
C GLU F 613 -47.12 51.26 18.77
N ILE F 614 -48.04 50.42 19.24
CA ILE F 614 -48.70 49.50 18.33
C ILE F 614 -50.08 49.95 17.90
N LEU F 615 -50.65 50.97 18.54
CA LEU F 615 -51.86 51.56 17.98
C LEU F 615 -51.53 52.51 16.85
N VAL F 616 -50.79 53.57 17.14
CA VAL F 616 -50.30 54.40 16.07
C VAL F 616 -49.12 53.68 15.42
N HIS F 617 -48.94 53.88 14.13
CA HIS F 617 -47.79 53.32 13.45
C HIS F 617 -47.24 54.33 12.45
N GLY F 618 -47.26 55.60 12.81
CA GLY F 618 -46.68 56.63 11.99
C GLY F 618 -47.56 57.16 10.89
N ASN F 619 -48.83 56.74 10.82
CA ASN F 619 -49.71 57.31 9.82
C ASN F 619 -50.26 58.68 10.22
N LYS F 620 -49.97 59.11 11.45
CA LYS F 620 -49.95 60.47 12.00
C LYS F 620 -51.34 61.09 12.17
N HIS F 621 -52.37 60.50 11.58
CA HIS F 621 -53.71 60.95 11.92
C HIS F 621 -54.13 60.36 13.27
N ALA F 622 -53.73 59.11 13.54
CA ALA F 622 -53.91 58.54 14.87
C ALA F 622 -53.08 59.27 15.90
N PHE F 623 -51.90 59.78 15.50
CA PHE F 623 -51.12 60.60 16.42
C PHE F 623 -51.83 61.91 16.71
N MET F 624 -52.46 62.52 15.70
CA MET F 624 -53.23 63.73 15.96
C MET F 624 -54.50 63.44 16.75
N ILE F 625 -54.99 62.20 16.74
CA ILE F 625 -56.04 61.81 17.67
C ILE F 625 -55.49 61.72 19.09
N LEU F 626 -54.40 60.98 19.26
CA LEU F 626 -53.78 60.76 20.56
C LEU F 626 -52.83 61.86 20.97
N LYS F 627 -52.98 63.06 20.41
CA LYS F 627 -52.00 64.12 20.63
C LYS F 627 -51.96 64.56 22.08
N GLN F 628 -53.08 64.48 22.79
CA GLN F 628 -53.11 64.91 24.19
C GLN F 628 -52.84 63.78 25.17
N VAL F 629 -53.14 62.54 24.81
CA VAL F 629 -52.84 61.40 25.69
C VAL F 629 -51.34 61.20 25.79
N ILE F 630 -50.67 61.16 24.63
CA ILE F 630 -49.21 61.10 24.56
C ILE F 630 -48.59 62.32 25.22
N SER F 631 -49.28 63.47 25.13
CA SER F 631 -48.83 64.69 25.80
C SER F 631 -48.80 64.52 27.30
N GLN F 632 -49.88 63.98 27.88
CA GLN F 632 -49.93 63.80 29.32
C GLN F 632 -48.94 62.75 29.77
N CYS F 633 -48.76 61.69 28.96
CA CYS F 633 -47.78 60.65 29.27
C CYS F 633 -46.37 61.21 29.31
N ILE F 634 -45.94 61.90 28.25
CA ILE F 634 -44.59 62.45 28.18
C ILE F 634 -44.41 63.56 29.22
N SER F 635 -45.46 64.34 29.48
CA SER F 635 -45.35 65.47 30.40
C SER F 635 -45.15 65.01 31.83
N TYR F 636 -45.99 64.07 32.31
CA TYR F 636 -45.77 63.51 33.64
C TYR F 636 -44.47 62.74 33.69
N TRP F 637 -44.15 62.01 32.62
CA TRP F 637 -43.05 61.08 32.64
C TRP F 637 -41.69 61.75 32.58
N PHE F 638 -41.61 62.97 32.05
CA PHE F 638 -40.39 63.75 32.14
C PHE F 638 -40.42 64.74 33.29
N ASN F 639 -41.59 65.25 33.67
CA ASN F 639 -41.63 66.24 34.72
C ASN F 639 -41.36 65.60 36.07
N MET F 640 -41.75 64.35 36.25
CA MET F 640 -41.55 63.71 37.55
C MET F 640 -40.50 62.60 37.51
N LYS F 641 -40.68 61.58 36.66
CA LYS F 641 -39.70 60.49 36.62
C LYS F 641 -38.38 60.94 36.01
N HIS F 642 -38.43 61.99 35.19
CA HIS F 642 -37.31 62.58 34.41
C HIS F 642 -36.41 61.55 33.74
N ILE F 643 -37.05 60.56 33.14
CA ILE F 643 -36.44 59.81 32.04
C ILE F 643 -37.36 59.96 30.85
N LEU F 644 -36.80 59.79 29.66
CA LEU F 644 -37.52 60.14 28.45
C LEU F 644 -38.47 59.01 28.04
N LEU F 645 -39.48 59.37 27.24
CA LEU F 645 -40.50 58.43 26.81
C LEU F 645 -40.48 58.34 25.29
N PHE F 646 -40.96 57.19 24.78
CA PHE F 646 -41.05 56.89 23.34
C PHE F 646 -39.70 56.99 22.64
N CYS F 647 -38.64 56.61 23.34
CA CYS F 647 -37.29 56.61 22.77
C CYS F 647 -36.94 55.27 22.13
N ASN F 648 -37.95 54.53 21.66
CA ASN F 648 -37.74 53.24 21.02
C ASN F 648 -38.04 53.26 19.53
N SER F 649 -39.17 53.84 19.13
CA SER F 649 -39.61 53.78 17.75
C SER F 649 -39.18 55.03 17.00
N PHE F 650 -38.62 54.84 15.79
CA PHE F 650 -38.09 55.98 15.05
C PHE F 650 -39.21 56.86 14.50
N GLU F 651 -40.28 56.25 14.00
CA GLU F 651 -41.38 57.05 13.49
C GLU F 651 -42.07 57.83 14.60
N MET F 652 -42.07 57.29 15.83
CA MET F 652 -42.54 58.05 16.97
C MET F 652 -41.62 59.21 17.29
N ILE F 653 -40.30 58.96 17.34
CA ILE F 653 -39.37 59.99 17.75
C ILE F 653 -39.20 61.05 16.67
N MET F 654 -39.55 60.74 15.43
CA MET F 654 -39.59 61.73 14.37
C MET F 654 -40.92 62.46 14.34
N LEU F 655 -41.99 61.77 14.73
CA LEU F 655 -43.32 62.35 14.77
C LEU F 655 -43.46 63.37 15.89
N ILE F 656 -42.75 63.15 16.99
CA ILE F 656 -42.71 64.14 18.06
C ILE F 656 -42.01 65.41 17.59
N SER F 657 -40.98 65.27 16.77
CA SER F 657 -40.31 66.46 16.23
C SER F 657 -41.18 67.16 15.20
N ASN F 658 -41.90 66.41 14.38
CA ASN F 658 -42.66 67.02 13.30
C ASN F 658 -43.95 67.67 13.81
N HIS F 659 -44.86 66.86 14.36
CA HIS F 659 -46.22 67.35 14.59
C HIS F 659 -46.50 67.70 16.04
N MET F 660 -45.66 67.30 16.97
CA MET F 660 -45.84 67.64 18.36
C MET F 660 -45.10 68.93 18.67
N GLY F 661 -45.68 69.77 19.52
CA GLY F 661 -45.10 71.06 19.82
C GLY F 661 -44.52 71.14 21.22
N ASP F 662 -44.61 72.32 21.82
CA ASP F 662 -44.29 72.51 23.23
C ASP F 662 -45.56 72.66 24.07
N GLU F 663 -46.71 72.88 23.44
CA GLU F 663 -47.97 72.87 24.15
C GLU F 663 -48.23 71.45 24.65
N LEU F 664 -48.42 71.32 25.96
CA LEU F 664 -48.63 70.05 26.68
C LEU F 664 -47.42 69.12 26.59
N ILE F 665 -46.23 69.69 26.51
CA ILE F 665 -44.99 68.95 26.73
C ILE F 665 -44.04 69.88 27.47
N PRO F 666 -43.08 69.34 28.22
CA PRO F 666 -42.03 70.20 28.76
C PRO F 666 -41.03 70.64 27.69
N GLY F 667 -40.63 71.91 27.78
CA GLY F 667 -39.77 72.50 26.78
C GLY F 667 -38.36 71.97 26.82
N ALA F 668 -37.92 71.46 27.98
CA ALA F 668 -36.64 70.78 28.04
C ALA F 668 -36.70 69.46 27.27
N ALA F 669 -37.80 68.71 27.45
CA ALA F 669 -37.89 67.39 26.86
C ALA F 669 -38.12 67.46 25.35
N PHE F 670 -38.78 68.50 24.86
CA PHE F 670 -38.98 68.63 23.41
C PHE F 670 -37.67 68.85 22.68
N ALA F 671 -36.74 69.57 23.33
CA ALA F 671 -35.44 69.83 22.75
C ALA F 671 -34.65 68.54 22.53
N HIS F 672 -34.87 67.53 23.38
CA HIS F 672 -34.13 66.29 23.23
C HIS F 672 -34.60 65.50 22.01
N TYR F 673 -35.91 65.48 21.74
CA TYR F 673 -36.41 64.83 20.55
C TYR F 673 -35.91 65.54 19.28
N ARG F 674 -35.94 66.88 19.30
CA ARG F 674 -35.44 67.62 18.14
C ARG F 674 -33.93 67.42 17.96
N ASN F 675 -33.19 67.31 19.06
CA ASN F 675 -31.76 67.06 18.97
C ASN F 675 -31.46 65.65 18.48
N LEU F 676 -32.28 64.67 18.80
CA LEU F 676 -32.03 63.33 18.29
C LEU F 676 -32.32 63.24 16.80
N VAL F 677 -33.34 63.96 16.33
CA VAL F 677 -33.58 64.03 14.89
C VAL F 677 -32.41 64.73 14.18
N SER F 678 -31.89 65.80 14.79
CA SER F 678 -30.74 66.48 14.19
C SER F 678 -29.47 65.64 14.26
N LEU F 679 -29.33 64.81 15.29
CA LEU F 679 -28.21 63.88 15.39
C LEU F 679 -28.26 62.84 14.28
N ILE F 680 -29.44 62.33 13.98
CA ILE F 680 -29.54 61.36 12.90
C ILE F 680 -29.31 62.03 11.54
N ARG F 681 -29.69 63.30 11.40
CA ARG F 681 -29.29 64.08 10.23
C ARG F 681 -27.77 64.18 10.11
N LEU F 682 -27.09 64.42 11.23
CA LEU F 682 -25.63 64.58 11.19
C LEU F 682 -24.94 63.27 10.87
N VAL F 683 -25.47 62.15 11.36
CA VAL F 683 -24.90 60.85 11.01
C VAL F 683 -25.07 60.59 9.52
N LYS F 684 -26.25 60.92 8.97
CA LYS F 684 -26.47 60.75 7.53
C LYS F 684 -25.52 61.60 6.71
N ARG F 685 -25.23 62.82 7.17
CA ARG F 685 -24.23 63.66 6.51
C ARG F 685 -22.83 63.03 6.57
N THR F 686 -22.45 62.58 7.77
CA THR F 686 -21.08 62.17 8.03
C THR F 686 -20.73 60.87 7.31
N ILE F 687 -21.68 59.97 7.11
CA ILE F 687 -21.40 58.82 6.27
C ILE F 687 -22.13 58.90 4.93
N SER F 688 -22.58 60.10 4.53
CA SER F 688 -22.87 60.41 3.14
C SER F 688 -21.87 61.40 2.57
N ILE F 689 -20.70 61.52 3.20
CA ILE F 689 -19.54 62.15 2.54
C ILE F 689 -19.33 61.61 1.14
N SER F 690 -19.24 60.28 1.00
CA SER F 690 -18.74 59.66 -0.22
C SER F 690 -19.82 59.56 -1.30
N ASN F 691 -20.33 60.71 -1.70
CA ASN F 691 -21.46 60.81 -2.60
C ASN F 691 -21.02 61.52 -3.87
N ILE F 692 -21.10 60.82 -5.01
CA ILE F 692 -20.51 61.22 -6.27
C ILE F 692 -21.56 60.98 -7.36
N ASN F 693 -21.61 61.86 -8.36
CA ASN F 693 -22.57 61.73 -9.44
C ASN F 693 -22.30 60.57 -10.39
N GLU F 694 -22.43 59.33 -9.93
CA GLU F 694 -22.35 58.22 -10.88
C GLU F 694 -23.15 57.05 -10.37
N GLN F 695 -23.97 56.48 -11.26
CA GLN F 695 -24.52 55.16 -11.05
C GLN F 695 -23.77 54.16 -11.92
N LEU F 696 -23.80 52.90 -11.51
CA LEU F 696 -23.07 51.86 -12.23
C LEU F 696 -24.01 50.85 -12.86
N CYS F 697 -24.89 50.21 -12.10
CA CYS F 697 -25.91 49.36 -12.68
C CYS F 697 -27.28 50.03 -12.62
N GLY F 698 -27.78 50.31 -11.42
CA GLY F 698 -28.87 51.23 -11.24
C GLY F 698 -28.70 51.93 -9.92
N GLU F 699 -27.65 51.54 -9.21
CA GLU F 699 -27.44 51.95 -7.83
C GLU F 699 -26.55 53.18 -7.78
N PRO F 700 -26.78 54.09 -6.85
CA PRO F 700 -25.84 55.18 -6.64
C PRO F 700 -24.54 54.68 -6.03
N LEU F 701 -23.51 55.54 -6.15
CA LEU F 701 -22.19 55.13 -5.72
C LEU F 701 -22.08 55.00 -4.20
N VAL F 702 -22.97 55.64 -3.44
CA VAL F 702 -22.89 55.46 -1.99
C VAL F 702 -23.58 54.16 -1.61
N ASN F 703 -24.60 53.75 -2.38
CA ASN F 703 -25.14 52.40 -2.28
C ASN F 703 -24.05 51.36 -2.56
N PHE F 704 -23.13 51.68 -3.47
CA PHE F 704 -21.95 50.82 -3.59
C PHE F 704 -20.99 50.97 -2.41
N ALA F 705 -20.93 52.16 -1.81
CA ALA F 705 -19.92 52.43 -0.79
C ALA F 705 -20.27 51.78 0.55
N ASN F 706 -21.40 52.16 1.11
CA ASN F 706 -21.74 51.91 2.50
C ASN F 706 -23.05 51.15 2.51
N ALA F 707 -23.04 49.95 3.11
CA ALA F 707 -24.23 49.09 3.13
C ALA F 707 -25.34 49.64 3.99
N LEU F 708 -25.13 50.75 4.67
CA LEU F 708 -26.22 51.37 5.38
C LEU F 708 -27.13 52.14 4.44
N PHE F 709 -26.68 52.47 3.23
CA PHE F 709 -27.47 53.23 2.26
C PHE F 709 -27.94 52.37 1.09
N ASP F 710 -28.22 51.09 1.30
CA ASP F 710 -28.52 50.22 0.18
C ASP F 710 -30.00 49.87 0.11
N GLY F 711 -30.36 49.19 -0.95
CA GLY F 711 -31.62 48.50 -1.02
C GLY F 711 -31.56 47.08 -0.52
N ARG F 712 -30.49 46.72 0.20
CA ARG F 712 -30.30 45.35 0.67
C ARG F 712 -30.39 45.20 2.17
N LEU F 713 -30.30 46.28 2.93
CA LEU F 713 -30.50 46.27 4.37
C LEU F 713 -31.79 47.03 4.68
N PHE F 714 -32.61 46.48 5.57
CA PHE F 714 -34.05 46.73 5.46
C PHE F 714 -34.72 47.21 6.73
N CYS F 715 -34.07 48.05 7.56
CA CYS F 715 -34.68 48.74 8.71
C CYS F 715 -35.36 47.78 9.68
N PRO F 716 -34.63 47.09 10.59
CA PRO F 716 -35.16 45.89 11.31
C PRO F 716 -36.55 45.92 11.93
N PHE F 717 -37.16 47.10 12.07
CA PHE F 717 -38.57 47.24 12.38
C PHE F 717 -39.23 48.07 11.28
N VAL F 718 -40.23 47.49 10.61
CA VAL F 718 -41.01 48.22 9.62
C VAL F 718 -42.48 48.09 9.97
N HIS F 719 -43.30 48.82 9.23
CA HIS F 719 -44.74 48.76 9.42
C HIS F 719 -45.56 48.66 8.15
N THR F 720 -45.04 49.03 6.98
CA THR F 720 -45.80 48.84 5.75
C THR F 720 -45.09 47.83 4.84
N MET F 721 -43.95 48.20 4.30
CA MET F 721 -43.14 47.42 3.37
C MET F 721 -41.88 48.23 3.20
N PRO F 722 -40.70 47.62 3.18
CA PRO F 722 -39.48 48.40 2.94
C PRO F 722 -39.38 48.80 1.49
N ARG F 723 -38.46 49.72 1.26
CA ARG F 723 -38.30 50.34 -0.03
C ARG F 723 -37.52 49.42 -0.96
N ASN F 724 -37.95 49.37 -2.23
CA ASN F 724 -37.27 48.69 -3.33
C ASN F 724 -37.14 47.18 -3.05
N ASP F 725 -38.30 46.53 -3.00
CA ASP F 725 -38.35 45.09 -2.81
C ASP F 725 -37.88 44.33 -4.05
N THR F 726 -38.02 44.95 -5.25
CA THR F 726 -37.85 44.25 -6.52
C THR F 726 -36.44 43.71 -6.74
N ASN F 727 -35.45 44.25 -6.03
CA ASN F 727 -34.17 43.59 -5.94
C ASN F 727 -34.28 42.31 -5.10
N ALA F 728 -34.86 42.42 -3.91
CA ALA F 728 -34.80 41.38 -2.91
C ALA F 728 -35.94 40.38 -3.09
N LYS F 729 -36.14 39.55 -2.06
CA LYS F 729 -37.18 38.51 -2.06
C LYS F 729 -37.66 38.34 -0.62
N ILE F 730 -38.74 39.05 -0.30
CA ILE F 730 -39.32 39.00 1.04
C ILE F 730 -40.30 37.84 1.10
N THR F 731 -40.13 36.97 2.10
CA THR F 731 -40.96 35.78 2.24
C THR F 731 -41.64 35.78 3.61
N ALA F 732 -42.86 35.24 3.63
CA ALA F 732 -43.52 34.83 4.87
C ALA F 732 -43.89 33.37 4.70
N ASP F 733 -44.17 32.99 3.46
CA ASP F 733 -44.42 31.63 3.04
C ASP F 733 -43.48 31.32 1.89
N ASP F 734 -43.74 30.25 1.15
CA ASP F 734 -42.97 29.98 -0.05
C ASP F 734 -43.20 31.01 -1.15
N THR F 735 -44.30 31.74 -1.10
CA THR F 735 -44.57 32.77 -2.10
C THR F 735 -43.77 34.03 -1.79
N PRO F 736 -42.96 34.52 -2.72
CA PRO F 736 -42.27 35.80 -2.48
C PRO F 736 -43.25 36.96 -2.50
N LEU F 737 -43.07 37.87 -1.55
CA LEU F 737 -43.97 39.00 -1.42
C LEU F 737 -43.59 40.07 -2.42
N THR F 738 -44.52 40.40 -3.32
CA THR F 738 -44.31 41.41 -4.34
C THR F 738 -45.27 42.58 -4.10
N GLN F 739 -45.29 43.51 -5.05
CA GLN F 739 -46.37 44.49 -5.08
C GLN F 739 -47.69 43.83 -5.44
N ASN F 740 -47.63 42.80 -6.28
CA ASN F 740 -48.84 42.12 -6.72
C ASN F 740 -49.45 41.27 -5.61
N THR F 741 -48.59 40.60 -4.82
CA THR F 741 -49.07 39.63 -3.85
C THR F 741 -49.78 40.30 -2.68
N VAL F 742 -49.30 41.46 -2.26
CA VAL F 742 -49.84 42.12 -1.07
C VAL F 742 -51.13 42.84 -1.43
N ARG F 743 -52.16 42.62 -0.62
CA ARG F 743 -53.37 43.41 -0.74
C ARG F 743 -53.22 44.71 0.04
N VAL F 744 -53.78 45.78 -0.52
CA VAL F 744 -53.59 47.12 0.02
C VAL F 744 -54.50 47.33 1.22
N ARG F 745 -54.06 48.14 2.17
CA ARG F 745 -54.86 48.47 3.34
C ARG F 745 -55.74 49.67 3.07
N ASN F 746 -57.02 49.54 3.44
CA ASN F 746 -57.99 50.62 3.34
C ASN F 746 -58.60 50.80 4.72
N TYR F 747 -58.43 51.98 5.30
CA TYR F 747 -58.87 52.20 6.67
C TYR F 747 -60.34 52.56 6.79
N GLU F 748 -60.95 53.02 5.72
CA GLU F 748 -62.32 53.52 5.81
C GLU F 748 -63.36 52.40 5.62
N ILE F 749 -63.17 51.56 4.61
CA ILE F 749 -64.19 50.56 4.32
C ILE F 749 -64.09 49.37 5.29
N SER F 750 -62.87 48.99 5.70
CA SER F 750 -62.59 48.02 6.76
C SER F 750 -63.18 46.63 6.52
N ASP F 751 -62.65 45.91 5.52
CA ASP F 751 -63.11 44.57 5.19
C ASP F 751 -62.94 43.58 6.33
N VAL F 752 -63.76 42.52 6.28
CA VAL F 752 -63.68 41.40 7.22
C VAL F 752 -62.56 40.44 6.80
N GLN F 753 -62.18 40.48 5.53
CA GLN F 753 -61.20 39.52 5.03
C GLN F 753 -59.83 39.77 5.63
N ARG F 754 -59.40 41.04 5.67
CA ARG F 754 -58.14 41.38 6.33
C ARG F 754 -58.22 41.13 7.83
N MET F 755 -59.42 41.16 8.42
CA MET F 755 -59.59 40.80 9.84
C MET F 755 -59.32 39.30 10.07
N ASN F 756 -59.70 38.45 9.11
CA ASN F 756 -59.31 37.04 9.17
C ASN F 756 -57.81 36.87 8.94
N LEU F 757 -57.26 37.66 8.05
CA LEU F 757 -55.89 37.43 7.67
C LEU F 757 -54.90 38.16 8.59
N ILE F 758 -55.38 38.83 9.65
CA ILE F 758 -54.45 39.21 10.72
C ILE F 758 -54.03 37.97 11.51
N ASP F 759 -54.91 36.98 11.65
CA ASP F 759 -54.47 35.72 12.20
C ASP F 759 -53.67 34.93 11.18
N SER F 760 -54.12 34.92 9.92
CA SER F 760 -53.34 34.17 8.94
C SER F 760 -52.08 34.93 8.51
N SER F 761 -51.29 34.30 7.63
CA SER F 761 -49.96 34.78 7.28
C SER F 761 -49.98 35.50 5.93
N VAL F 762 -50.61 36.67 5.90
CA VAL F 762 -50.64 37.52 4.70
C VAL F 762 -50.22 38.93 5.09
N VAL F 763 -49.32 39.52 4.30
CA VAL F 763 -48.84 40.88 4.50
C VAL F 763 -49.82 41.88 3.91
N PHE F 764 -49.95 43.06 4.55
CA PHE F 764 -50.85 44.11 4.11
C PHE F 764 -50.17 45.47 4.24
N THR F 765 -50.19 46.26 3.17
CA THR F 765 -49.50 47.54 3.12
C THR F 765 -50.48 48.69 2.93
N ASP F 766 -50.10 49.84 3.48
CA ASP F 766 -50.83 51.08 3.20
C ASP F 766 -50.59 51.53 1.76
N ASN F 767 -49.33 51.79 1.44
CA ASN F 767 -48.83 52.51 0.28
C ASN F 767 -47.32 52.42 0.46
N ASP F 768 -46.57 52.89 -0.54
CA ASP F 768 -45.13 53.04 -0.34
C ASP F 768 -44.86 54.30 0.47
N ARG F 769 -45.17 54.19 1.77
CA ARG F 769 -44.80 55.23 2.73
C ARG F 769 -43.30 55.52 2.78
N PRO F 770 -42.36 54.52 2.89
CA PRO F 770 -40.96 54.91 3.10
C PRO F 770 -40.32 55.58 1.90
N SER F 771 -40.05 56.87 2.07
CA SER F 771 -39.14 57.58 1.19
C SER F 771 -37.73 57.04 1.37
N ASN F 772 -36.87 57.41 0.41
CA ASN F 772 -35.46 57.04 0.50
C ASN F 772 -34.82 57.63 1.74
N GLU F 773 -35.14 58.90 2.04
CA GLU F 773 -34.61 59.58 3.21
C GLU F 773 -35.04 58.89 4.49
N ASN F 774 -36.34 58.64 4.65
CA ASN F 774 -36.82 58.06 5.89
C ASN F 774 -36.41 56.60 6.05
N THR F 775 -36.21 55.89 4.93
CA THR F 775 -35.65 54.54 5.00
C THR F 775 -34.23 54.57 5.53
N ILE F 776 -33.42 55.47 4.99
CA ILE F 776 -32.04 55.69 5.46
C ILE F 776 -32.01 56.00 6.94
N LEU F 777 -32.88 56.90 7.39
CA LEU F 777 -32.81 57.36 8.77
C LEU F 777 -33.38 56.33 9.75
N SER F 778 -34.36 55.53 9.32
CA SER F 778 -34.82 54.41 10.12
C SER F 778 -33.71 53.38 10.30
N LYS F 779 -32.95 53.12 9.24
CA LYS F 779 -31.76 52.28 9.35
C LYS F 779 -30.77 52.86 10.34
N ILE F 780 -30.51 54.17 10.24
CA ILE F 780 -29.52 54.83 11.12
C ILE F 780 -29.94 54.69 12.58
N PHE F 781 -31.21 54.97 12.88
CA PHE F 781 -31.68 54.91 14.25
C PHE F 781 -31.68 53.49 14.78
N TYR F 782 -32.52 52.61 14.19
CA TYR F 782 -32.66 51.23 14.69
C TYR F 782 -31.43 50.38 14.53
N PHE F 783 -30.36 50.88 13.91
CA PHE F 783 -29.30 50.04 13.48
C PHE F 783 -27.93 50.57 13.88
N CYS F 784 -27.84 51.83 14.30
CA CYS F 784 -26.66 52.38 14.94
C CYS F 784 -26.95 53.03 16.29
N VAL F 785 -28.07 53.73 16.44
CA VAL F 785 -28.23 54.61 17.59
C VAL F 785 -28.71 53.84 18.81
N LEU F 786 -29.79 53.06 18.66
CA LEU F 786 -30.25 52.20 19.74
C LEU F 786 -29.22 51.19 20.25
N PRO F 787 -28.40 50.52 19.43
CA PRO F 787 -27.35 49.70 20.05
C PRO F 787 -26.26 50.53 20.73
N ALA F 788 -25.84 51.66 20.14
CA ALA F 788 -24.74 52.43 20.71
C ALA F 788 -25.11 53.08 22.03
N LEU F 789 -26.39 53.35 22.25
CA LEU F 789 -26.85 53.98 23.48
C LEU F 789 -27.50 52.99 24.42
N SER F 790 -27.82 51.79 23.96
CA SER F 790 -28.50 50.83 24.82
C SER F 790 -27.58 49.75 25.36
N ASN F 791 -26.46 49.50 24.70
CA ASN F 791 -25.54 48.39 24.97
C ASN F 791 -26.29 47.06 24.99
N ASN F 792 -26.93 46.76 23.85
CA ASN F 792 -27.59 45.47 23.56
C ASN F 792 -28.76 45.18 24.50
N LYS F 793 -29.35 46.21 25.11
CA LYS F 793 -30.37 45.99 26.12
C LYS F 793 -31.77 46.28 25.60
N ALA F 794 -32.01 45.93 24.35
CA ALA F 794 -33.33 45.96 23.76
C ALA F 794 -33.76 44.55 23.41
N CYS F 795 -35.04 44.40 23.05
CA CYS F 795 -35.54 43.11 22.59
C CYS F 795 -36.73 43.34 21.69
N GLY F 796 -36.76 42.68 20.53
CA GLY F 796 -37.93 42.76 19.68
C GLY F 796 -39.11 42.03 20.28
N ALA F 797 -40.31 42.43 19.86
CA ALA F 797 -41.50 41.78 20.40
C ALA F 797 -42.64 41.83 19.42
N GLY F 798 -43.55 40.86 19.59
CA GLY F 798 -44.76 40.76 18.82
C GLY F 798 -45.99 40.74 19.70
N VAL F 799 -47.14 40.94 19.06
CA VAL F 799 -48.39 41.22 19.75
C VAL F 799 -49.54 40.52 19.03
N ASN F 800 -50.44 39.92 19.81
CA ASN F 800 -51.76 39.52 19.32
C ASN F 800 -52.68 40.73 19.50
N VAL F 801 -52.81 41.53 18.43
CA VAL F 801 -53.63 42.73 18.50
C VAL F 801 -55.10 42.39 18.68
N LYS F 802 -55.54 41.24 18.17
CA LYS F 802 -56.94 40.83 18.23
C LYS F 802 -57.37 40.55 19.67
N GLU F 803 -56.70 39.59 20.32
CA GLU F 803 -56.98 39.28 21.71
C GLU F 803 -56.67 40.45 22.62
N LEU F 804 -55.70 41.29 22.23
CA LEU F 804 -55.37 42.49 22.98
C LEU F 804 -56.56 43.42 23.07
N VAL F 805 -57.10 43.87 21.93
CA VAL F 805 -58.20 44.84 21.97
C VAL F 805 -59.48 44.21 22.50
N LEU F 806 -59.70 42.92 22.24
CA LEU F 806 -60.90 42.27 22.74
C LEU F 806 -60.85 41.99 24.23
N ASP F 807 -59.67 42.03 24.84
CA ASP F 807 -59.57 42.01 26.29
C ASP F 807 -59.59 43.42 26.88
N LEU F 808 -58.95 44.37 26.20
CA LEU F 808 -58.86 45.74 26.69
C LEU F 808 -60.23 46.37 26.81
N PHE F 809 -61.10 46.10 25.86
CA PHE F 809 -62.40 46.75 25.84
C PHE F 809 -63.36 45.79 25.13
N TYR F 810 -64.47 46.36 24.62
CA TYR F 810 -65.61 45.75 23.91
C TYR F 810 -66.56 45.14 24.93
N THR F 811 -66.25 45.17 26.22
CA THR F 811 -67.18 44.55 27.14
C THR F 811 -68.32 45.46 27.56
N GLU F 812 -68.09 46.35 28.53
CA GLU F 812 -69.22 47.17 28.98
C GLU F 812 -69.35 48.56 28.34
N PRO F 813 -68.38 49.49 28.46
CA PRO F 813 -68.71 50.90 28.19
C PRO F 813 -68.77 51.24 26.72
N PHE F 814 -68.05 50.52 25.86
CA PHE F 814 -67.98 50.84 24.46
C PHE F 814 -69.09 50.19 23.65
N ILE F 815 -69.84 49.30 24.29
CA ILE F 815 -70.89 48.57 23.57
C ILE F 815 -72.25 49.19 23.79
N CYS F 816 -72.31 50.06 24.79
CA CYS F 816 -73.52 50.77 25.13
C CYS F 816 -73.74 51.92 24.17
N PRO F 817 -74.97 52.46 24.17
CA PRO F 817 -75.34 53.61 23.33
C PRO F 817 -74.60 54.86 23.81
N ASP F 818 -74.45 55.83 22.92
CA ASP F 818 -73.71 57.05 23.22
C ASP F 818 -74.30 57.76 24.42
N ASP F 819 -75.62 57.73 24.55
CA ASP F 819 -76.23 58.38 25.69
C ASP F 819 -75.49 58.01 26.96
N CYS F 820 -75.08 56.75 27.08
CA CYS F 820 -74.37 56.32 28.27
C CYS F 820 -72.87 56.53 28.11
N PHE F 821 -72.39 56.38 26.89
CA PHE F 821 -70.96 56.47 26.56
C PHE F 821 -70.33 57.83 26.85
N GLN F 822 -71.05 58.90 26.53
CA GLN F 822 -70.53 60.24 26.73
C GLN F 822 -70.28 60.55 28.20
N GLU F 823 -71.16 60.06 29.08
CA GLU F 823 -71.05 60.32 30.50
C GLU F 823 -70.49 59.16 31.30
N ASN F 824 -70.18 58.07 30.65
CA ASN F 824 -69.93 56.78 31.28
C ASN F 824 -68.46 56.66 31.67
N PRO F 825 -68.16 56.28 32.90
CA PRO F 825 -66.81 55.81 33.22
C PRO F 825 -66.57 54.42 32.66
N ILE F 826 -65.33 53.94 32.83
CA ILE F 826 -64.97 52.58 32.45
C ILE F 826 -65.64 51.62 33.42
N SER F 827 -65.67 50.35 33.06
CA SER F 827 -66.11 49.19 33.84
C SER F 827 -65.22 48.87 35.04
N SER F 828 -64.21 49.72 35.33
CA SER F 828 -63.22 49.52 36.39
C SER F 828 -62.50 48.19 36.21
N ASP F 829 -62.01 47.95 35.01
CA ASP F 829 -61.47 46.64 34.70
C ASP F 829 -60.09 46.45 35.32
N VAL F 830 -59.66 45.19 35.35
CA VAL F 830 -58.47 44.82 36.09
C VAL F 830 -57.22 45.32 35.37
N LEU F 831 -57.25 45.32 34.04
CA LEU F 831 -56.05 45.65 33.29
C LEU F 831 -55.95 47.15 32.97
N MET F 832 -56.93 47.67 32.22
CA MET F 832 -56.74 48.87 31.42
C MET F 832 -56.79 50.14 32.26
N SER F 833 -57.71 50.17 33.24
CA SER F 833 -57.72 51.25 34.23
C SER F 833 -56.44 51.29 35.04
N LEU F 834 -55.82 50.13 35.27
CA LEU F 834 -54.57 50.09 36.01
C LEU F 834 -53.38 50.50 35.16
N ILE F 835 -53.42 50.22 33.85
CA ILE F 835 -52.44 50.76 32.92
C ILE F 835 -52.50 52.28 32.92
N ARG F 836 -53.71 52.82 32.88
CA ARG F 836 -53.89 54.27 32.88
C ARG F 836 -53.48 54.89 34.22
N GLU F 837 -53.71 54.19 35.32
CA GLU F 837 -53.20 54.65 36.62
C GLU F 837 -51.68 54.58 36.68
N ALA F 838 -51.08 53.59 36.01
CA ALA F 838 -49.63 53.50 35.97
C ALA F 838 -49.03 54.61 35.13
N MET F 839 -49.71 55.06 34.07
CA MET F 839 -49.16 56.18 33.32
C MET F 839 -49.43 57.50 34.03
N GLY F 840 -50.51 57.61 34.81
CA GLY F 840 -50.74 58.81 35.58
C GLY F 840 -51.42 58.56 36.92
N PRO F 841 -50.77 58.97 38.02
CA PRO F 841 -51.38 58.80 39.34
C PRO F 841 -52.23 59.98 39.79
N GLY F 842 -53.46 59.68 40.20
CA GLY F 842 -54.36 60.71 40.68
C GLY F 842 -54.98 61.51 39.54
N TYR F 843 -55.44 62.71 39.90
CA TYR F 843 -55.94 63.78 39.02
C TYR F 843 -57.06 63.40 38.06
N THR F 844 -57.66 62.22 38.26
CA THR F 844 -58.72 61.71 37.39
C THR F 844 -59.79 61.13 38.28
N VAL F 845 -60.97 61.75 38.28
CA VAL F 845 -62.06 61.27 39.13
C VAL F 845 -62.67 60.00 38.55
N ALA F 846 -63.06 60.04 37.28
CA ALA F 846 -63.62 58.87 36.61
C ALA F 846 -62.58 57.81 36.29
N ASN F 847 -61.28 58.18 36.42
CA ASN F 847 -60.03 57.51 36.06
C ASN F 847 -59.79 57.59 34.55
N THR F 848 -60.82 57.94 33.79
CA THR F 848 -60.87 57.82 32.34
C THR F 848 -61.32 59.11 31.71
N SER F 849 -61.00 60.23 32.33
CA SER F 849 -61.57 61.50 31.92
C SER F 849 -61.05 61.87 30.54
N SER F 850 -61.90 61.58 29.54
CA SER F 850 -61.73 61.71 28.09
C SER F 850 -60.67 60.79 27.48
N ILE F 851 -59.93 60.04 28.28
CA ILE F 851 -58.78 59.36 27.70
C ILE F 851 -59.20 58.04 27.05
N ALA F 852 -60.23 57.38 27.58
CA ALA F 852 -60.75 56.19 26.91
C ALA F 852 -61.45 56.55 25.62
N LYS F 853 -62.12 57.72 25.61
CA LYS F 853 -62.68 58.26 24.37
C LYS F 853 -61.58 58.49 23.33
N GLN F 854 -60.47 59.12 23.74
CA GLN F 854 -59.39 59.40 22.80
C GLN F 854 -58.75 58.13 22.26
N LEU F 855 -58.51 57.14 23.14
CA LEU F 855 -57.87 55.90 22.71
C LEU F 855 -58.78 55.10 21.77
N PHE F 856 -60.07 55.04 22.09
CA PHE F 856 -61.01 54.33 21.25
C PHE F 856 -61.17 54.99 19.89
N LYS F 857 -61.22 56.32 19.85
CA LYS F 857 -61.26 57.04 18.59
C LYS F 857 -59.98 56.84 17.79
N SER F 858 -58.86 56.60 18.46
CA SER F 858 -57.61 56.37 17.76
C SER F 858 -57.56 55.00 17.12
N LEU F 859 -58.17 54.00 17.74
CA LEU F 859 -57.86 52.64 17.28
C LEU F 859 -58.64 52.21 16.00
N ILE F 860 -59.13 53.15 15.18
CA ILE F 860 -59.53 52.79 13.83
C ILE F 860 -58.35 52.46 12.94
N TYR F 861 -57.15 52.91 13.31
CA TYR F 861 -55.93 52.61 12.60
C TYR F 861 -55.23 51.44 13.31
N ILE F 862 -55.77 50.24 13.17
CA ILE F 862 -55.12 49.05 13.69
C ILE F 862 -54.55 48.24 12.54
N ASN F 863 -53.81 47.20 12.88
CA ASN F 863 -52.94 46.52 11.93
C ASN F 863 -53.01 45.02 12.16
N GLU F 864 -52.03 44.33 11.59
CA GLU F 864 -51.87 42.89 11.61
C GLU F 864 -51.37 42.40 12.95
N ASN F 865 -51.36 41.08 13.10
CA ASN F 865 -50.48 40.47 14.07
C ASN F 865 -49.06 40.50 13.55
N THR F 866 -48.11 40.44 14.47
CA THR F 866 -46.70 40.55 14.13
C THR F 866 -46.24 39.32 13.37
N LYS F 867 -45.48 39.53 12.29
CA LYS F 867 -44.95 38.45 11.49
C LYS F 867 -43.43 38.55 11.39
N ILE F 868 -42.79 37.40 11.32
CA ILE F 868 -41.41 37.31 10.87
C ILE F 868 -41.43 37.38 9.35
N LEU F 869 -40.43 38.02 8.76
CA LEU F 869 -40.21 37.96 7.33
C LEU F 869 -38.74 37.66 7.07
N GLU F 870 -38.46 36.68 6.23
CA GLU F 870 -37.10 36.50 5.75
C GLU F 870 -36.87 37.37 4.53
N VAL F 871 -35.61 37.67 4.27
CA VAL F 871 -35.20 38.28 3.02
C VAL F 871 -34.06 37.45 2.46
N GLU F 872 -34.31 36.80 1.33
CA GLU F 872 -33.23 36.24 0.53
C GLU F 872 -32.85 37.27 -0.51
N VAL F 873 -31.90 38.12 -0.16
CA VAL F 873 -31.33 39.07 -1.11
C VAL F 873 -29.87 38.68 -1.31
N SER F 874 -29.38 38.83 -2.53
CA SER F 874 -27.95 38.68 -2.74
C SER F 874 -27.31 40.07 -2.82
N LEU F 875 -25.99 40.08 -2.95
CA LEU F 875 -25.17 41.25 -2.65
C LEU F 875 -25.30 42.32 -3.74
N ASP F 876 -24.50 43.38 -3.63
CA ASP F 876 -24.26 44.21 -4.79
C ASP F 876 -23.46 43.41 -5.81
N PRO F 877 -23.53 43.77 -7.11
CA PRO F 877 -22.89 42.91 -8.12
C PRO F 877 -21.37 42.85 -8.02
N ALA F 878 -20.74 43.90 -7.51
CA ALA F 878 -19.29 43.95 -7.40
C ALA F 878 -18.74 43.03 -6.33
N GLN F 879 -19.57 42.60 -5.39
CA GLN F 879 -19.20 41.49 -4.51
C GLN F 879 -19.85 40.19 -4.93
N ARG F 880 -20.88 40.26 -5.77
CA ARG F 880 -21.50 39.06 -6.33
C ARG F 880 -20.54 38.30 -7.24
N HIS F 881 -19.57 39.02 -7.85
CA HIS F 881 -18.71 38.44 -8.89
C HIS F 881 -17.98 37.16 -8.48
N GLY F 882 -17.10 37.24 -7.48
CA GLY F 882 -16.14 36.16 -7.29
C GLY F 882 -16.67 34.91 -6.60
N ASN F 883 -17.47 34.11 -7.32
CA ASN F 883 -18.10 32.88 -6.82
C ASN F 883 -18.96 33.17 -5.58
N SER F 884 -19.53 34.36 -5.54
CA SER F 884 -20.61 34.72 -4.63
C SER F 884 -21.90 34.95 -5.41
N VAL F 885 -21.96 34.40 -6.62
CA VAL F 885 -23.14 34.53 -7.47
C VAL F 885 -24.33 33.84 -6.82
N HIS F 886 -24.09 32.68 -6.23
CA HIS F 886 -25.12 31.99 -5.45
C HIS F 886 -24.79 32.19 -3.97
N PHE F 887 -25.18 33.34 -3.44
CA PHE F 887 -24.91 33.56 -2.03
C PHE F 887 -26.17 33.66 -1.19
N GLN F 888 -27.09 34.58 -1.53
CA GLN F 888 -28.41 34.71 -0.91
C GLN F 888 -28.30 35.01 0.59
N SER F 889 -27.85 36.23 0.89
CA SER F 889 -27.84 36.74 2.26
C SER F 889 -29.22 36.62 2.89
N LEU F 890 -29.24 36.29 4.18
CA LEU F 890 -30.48 35.96 4.88
C LEU F 890 -30.75 37.04 5.92
N GLN F 891 -31.85 37.76 5.76
CA GLN F 891 -32.21 38.84 6.65
C GLN F 891 -33.60 38.61 7.24
N HIS F 892 -33.64 38.52 8.55
CA HIS F 892 -34.90 38.47 9.28
C HIS F 892 -35.30 39.89 9.67
N ILE F 893 -36.56 40.22 9.42
CA ILE F 893 -37.09 41.53 9.70
C ILE F 893 -38.41 41.36 10.44
N LEU F 894 -38.60 42.11 11.51
CA LEU F 894 -39.75 41.94 12.39
C LEU F 894 -40.85 42.87 11.89
N TYR F 895 -41.71 42.33 11.03
CA TYR F 895 -42.82 43.10 10.48
C TYR F 895 -43.90 43.27 11.53
N ASN F 896 -44.32 44.53 11.70
CA ASN F 896 -45.42 44.93 12.58
C ASN F 896 -45.19 44.46 14.02
N GLY F 897 -43.95 44.54 14.45
CA GLY F 897 -43.61 44.29 15.82
C GLY F 897 -43.12 45.58 16.42
N LEU F 898 -42.46 45.50 17.56
CA LEU F 898 -41.96 46.72 18.16
C LEU F 898 -40.77 46.40 19.04
N CYS F 899 -39.87 47.36 19.17
CA CYS F 899 -38.78 47.24 20.11
C CYS F 899 -39.30 47.26 21.53
N LEU F 900 -38.48 46.75 22.45
CA LEU F 900 -38.90 46.58 23.83
C LEU F 900 -37.68 46.84 24.69
N ILE F 901 -37.92 47.41 25.85
CA ILE F 901 -36.81 47.90 26.64
C ILE F 901 -36.91 47.53 28.12
N SER F 902 -38.10 47.15 28.56
CA SER F 902 -38.32 47.00 29.99
C SER F 902 -39.33 45.90 30.21
N PRO F 903 -39.17 45.08 31.28
CA PRO F 903 -40.00 43.88 31.45
C PRO F 903 -41.48 44.17 31.60
N ILE F 904 -42.24 43.77 30.59
CA ILE F 904 -43.67 43.98 30.57
C ILE F 904 -44.33 42.96 31.48
N THR F 905 -45.14 43.45 32.41
CA THR F 905 -45.70 42.66 33.49
C THR F 905 -47.20 42.48 33.39
N THR F 906 -47.92 43.56 33.09
CA THR F 906 -49.38 43.48 33.00
C THR F 906 -49.82 42.71 31.77
N LEU F 907 -49.14 42.91 30.65
CA LEU F 907 -49.53 42.32 29.38
C LEU F 907 -48.62 41.15 28.99
N ARG F 908 -48.22 40.33 29.97
CA ARG F 908 -47.46 39.13 29.69
C ARG F 908 -48.24 38.13 28.85
N ARG F 909 -49.56 38.19 28.90
CA ARG F 909 -50.39 37.26 28.14
C ARG F 909 -50.34 37.57 26.65
N TYR F 910 -50.13 38.83 26.28
CA TYR F 910 -50.37 39.27 24.92
C TYR F 910 -49.12 39.70 24.16
N TYR F 911 -47.96 39.75 24.81
CA TYR F 911 -46.73 40.23 24.19
C TYR F 911 -45.69 39.12 24.23
N GLN F 912 -45.22 38.72 23.06
CA GLN F 912 -44.17 37.71 23.03
C GLN F 912 -42.83 38.35 22.73
N PRO F 913 -41.80 38.09 23.52
CA PRO F 913 -40.45 38.52 23.15
C PRO F 913 -39.92 37.68 22.00
N ILE F 914 -39.48 38.35 20.95
CA ILE F 914 -38.96 37.71 19.74
C ILE F 914 -37.50 38.11 19.58
N PRO F 915 -36.55 37.36 20.14
CA PRO F 915 -35.13 37.68 19.89
C PRO F 915 -34.71 37.15 18.52
N PHE F 916 -34.37 38.08 17.62
CA PHE F 916 -34.13 37.67 16.24
C PHE F 916 -32.79 38.14 15.68
N HIS F 917 -32.35 39.32 16.08
CA HIS F 917 -31.17 39.94 15.50
C HIS F 917 -29.98 39.76 16.43
N ARG F 918 -28.79 40.09 15.91
CA ARG F 918 -27.61 40.28 16.74
C ARG F 918 -27.91 41.24 17.89
N PHE F 919 -28.46 42.40 17.55
CA PHE F 919 -29.00 43.34 18.50
C PHE F 919 -30.44 42.95 18.83
N PHE F 920 -31.09 43.77 19.66
CA PHE F 920 -32.50 43.62 20.03
C PHE F 920 -32.77 42.25 20.64
N SER F 921 -31.84 41.78 21.45
CA SER F 921 -31.84 40.43 21.97
C SER F 921 -31.32 40.42 23.41
N ASP F 922 -31.95 41.12 24.33
CA ASP F 922 -31.50 41.12 25.72
C ASP F 922 -32.06 39.90 26.47
N PRO F 923 -31.21 39.06 27.08
CA PRO F 923 -31.73 37.98 27.93
C PRO F 923 -32.39 38.48 29.20
N GLY F 924 -31.78 39.49 29.84
CA GLY F 924 -32.35 40.06 31.05
C GLY F 924 -33.67 40.76 30.82
N ILE F 925 -34.01 41.04 29.57
CA ILE F 925 -35.36 41.44 29.22
C ILE F 925 -36.23 40.22 28.93
N CYS F 926 -35.72 39.30 28.11
CA CYS F 926 -36.57 38.25 27.53
C CYS F 926 -36.98 37.22 28.57
N GLY F 927 -36.07 36.87 29.48
CA GLY F 927 -36.35 35.91 30.53
C GLY F 927 -37.24 36.42 31.63
N THR F 928 -37.62 37.69 31.59
CA THR F 928 -38.62 38.21 32.50
C THR F 928 -40.02 38.04 31.95
N MET F 929 -40.21 38.20 30.64
CA MET F 929 -41.51 37.91 30.06
C MET F 929 -41.77 36.41 30.01
N ASN F 930 -40.77 35.64 29.59
CA ASN F 930 -40.97 34.20 29.49
C ASN F 930 -40.13 33.48 30.53
N ALA F 931 -40.72 32.47 31.16
CA ALA F 931 -40.01 31.64 32.13
C ALA F 931 -39.18 30.56 31.46
N ASP F 932 -39.45 30.25 30.19
CA ASP F 932 -38.67 29.22 29.50
C ASP F 932 -37.26 29.70 29.22
N ILE F 933 -37.09 30.97 28.88
CA ILE F 933 -35.75 31.55 28.78
C ILE F 933 -35.14 31.66 30.17
N GLN F 934 -35.98 31.96 31.17
CA GLN F 934 -35.47 32.10 32.53
C GLN F 934 -34.93 30.78 33.06
N VAL F 935 -35.64 29.67 32.83
CA VAL F 935 -35.08 28.37 33.18
C VAL F 935 -34.00 27.94 32.19
N PHE F 936 -33.95 28.54 31.00
CA PHE F 936 -32.81 28.30 30.13
C PHE F 936 -31.57 28.99 30.67
N LEU F 937 -31.73 30.21 31.17
CA LEU F 937 -30.59 30.93 31.73
C LEU F 937 -30.21 30.41 33.11
N ASN F 938 -31.17 29.91 33.89
CA ASN F 938 -30.86 29.46 35.23
C ASN F 938 -30.07 28.17 35.25
N THR F 939 -30.15 27.37 34.20
CA THR F 939 -29.24 26.23 34.10
C THR F 939 -27.88 26.67 33.59
N PHE F 940 -27.86 27.57 32.60
CA PHE F 940 -26.65 27.92 31.85
C PHE F 940 -26.45 29.43 31.98
N PRO F 941 -25.81 29.88 33.07
CA PRO F 941 -25.84 31.32 33.39
C PRO F 941 -24.96 32.17 32.50
N HIS F 942 -24.04 31.60 31.75
CA HIS F 942 -23.15 32.43 30.95
C HIS F 942 -23.79 32.88 29.64
N TYR F 943 -25.02 32.48 29.36
CA TYR F 943 -25.75 33.05 28.24
C TYR F 943 -26.57 34.26 28.65
N GLN F 944 -26.45 34.73 29.88
CA GLN F 944 -27.08 35.97 30.31
C GLN F 944 -26.34 37.19 29.77
N ARG F 945 -25.15 37.00 29.23
CA ARG F 945 -24.31 38.10 28.79
C ARG F 945 -24.89 38.82 27.58
N ASN F 946 -24.89 40.15 27.64
CA ASN F 946 -25.36 41.00 26.56
C ASN F 946 -24.33 41.20 25.46
N ASP F 947 -23.10 40.74 25.65
CA ASP F 947 -22.03 41.17 24.77
C ASP F 947 -22.07 40.46 23.43
N GLY F 948 -21.87 39.16 23.44
CA GLY F 948 -21.86 38.37 22.23
C GLY F 948 -23.25 37.89 21.87
N GLY F 949 -23.28 36.82 21.11
CA GLY F 949 -24.53 36.16 20.79
C GLY F 949 -24.74 34.86 21.53
N PHE F 950 -25.47 34.93 22.64
CA PHE F 950 -26.17 33.79 23.19
C PHE F 950 -27.21 33.34 22.16
N PRO F 951 -27.56 32.04 22.11
CA PRO F 951 -28.14 31.50 20.87
C PRO F 951 -29.56 31.99 20.62
N LEU F 952 -29.77 32.45 19.39
CA LEU F 952 -31.09 32.71 18.86
C LEU F 952 -31.74 31.37 18.53
N PRO F 953 -33.03 31.36 18.17
CA PRO F 953 -33.61 30.15 17.56
C PRO F 953 -32.85 29.74 16.31
N PRO F 954 -32.60 28.45 16.14
CA PRO F 954 -31.70 27.96 15.06
C PRO F 954 -32.15 28.32 13.65
N PRO F 955 -33.43 28.60 13.35
CA PRO F 955 -33.70 29.30 12.09
C PRO F 955 -33.23 30.73 12.07
N LEU F 956 -33.12 31.41 13.20
CA LEU F 956 -32.72 32.81 13.18
C LEU F 956 -31.20 32.98 13.27
N ALA F 957 -30.52 32.09 13.99
CA ALA F 957 -29.09 32.21 14.26
C ALA F 957 -28.32 31.72 13.04
N LEU F 958 -28.20 32.58 12.04
CA LEU F 958 -27.44 32.30 10.84
C LEU F 958 -26.37 33.38 10.73
N GLU F 959 -25.26 33.17 11.45
CA GLU F 959 -24.30 34.24 11.68
C GLU F 959 -23.53 34.58 10.41
N PHE F 960 -23.07 33.57 9.69
CA PHE F 960 -22.34 33.83 8.46
C PHE F 960 -23.26 34.36 7.35
N TYR F 961 -24.55 34.09 7.42
CA TYR F 961 -25.44 34.50 6.35
C TYR F 961 -26.15 35.82 6.64
N ASN F 962 -25.97 36.42 7.81
CA ASN F 962 -26.46 37.77 8.02
C ASN F 962 -25.53 38.78 7.34
N TRP F 963 -25.83 40.07 7.49
CA TRP F 963 -24.83 41.08 7.20
C TRP F 963 -24.00 41.41 8.43
N GLN F 964 -24.54 41.16 9.62
CA GLN F 964 -23.96 41.63 10.87
C GLN F 964 -23.53 40.42 11.69
N ARG F 965 -22.29 40.40 12.08
CA ARG F 965 -21.74 39.27 12.80
C ARG F 965 -21.50 39.66 14.25
N THR F 966 -20.81 38.77 14.97
CA THR F 966 -20.32 39.00 16.34
C THR F 966 -19.66 40.35 16.64
N PRO F 967 -18.69 40.88 15.85
CA PRO F 967 -17.94 42.05 16.35
C PRO F 967 -18.74 43.34 16.50
N PHE F 968 -19.87 43.49 15.80
CA PHE F 968 -20.72 44.65 16.02
C PHE F 968 -21.29 44.65 17.43
N SER F 969 -21.82 43.51 17.87
CA SER F 969 -22.33 43.42 19.23
C SER F 969 -21.20 43.45 20.25
N VAL F 970 -20.02 42.94 19.89
CA VAL F 970 -18.91 43.02 20.84
C VAL F 970 -18.45 44.45 21.04
N TYR F 971 -18.53 45.28 19.99
CA TYR F 971 -18.23 46.69 20.18
C TYR F 971 -19.34 47.40 20.95
N SER F 972 -20.60 47.14 20.55
CA SER F 972 -21.74 47.79 21.21
C SER F 972 -21.91 47.35 22.65
N ALA F 973 -21.27 46.26 23.05
CA ALA F 973 -21.32 45.80 24.44
C ALA F 973 -20.71 46.81 25.39
N PHE F 974 -19.59 47.42 25.00
CA PHE F 974 -18.88 48.31 25.91
C PHE F 974 -18.53 49.63 25.25
N CYS F 975 -19.26 50.01 24.22
CA CYS F 975 -19.04 51.32 23.62
C CYS F 975 -19.47 52.42 24.58
N PRO F 976 -18.77 53.56 24.57
CA PRO F 976 -19.22 54.71 25.37
C PRO F 976 -20.32 55.46 24.67
N ASN F 977 -21.22 56.03 25.48
CA ASN F 977 -22.47 56.59 24.99
C ASN F 977 -22.34 58.06 24.59
N SER F 978 -21.36 58.43 23.78
CA SER F 978 -21.06 59.84 23.59
C SER F 978 -20.71 60.16 22.13
N LEU F 979 -21.54 59.65 21.21
CA LEU F 979 -21.58 59.97 19.77
C LEU F 979 -20.39 59.43 18.98
N LEU F 980 -19.30 59.08 19.67
CA LEU F 980 -18.20 58.41 19.02
C LEU F 980 -18.61 57.02 18.63
N SER F 981 -19.42 56.38 19.46
CA SER F 981 -19.91 55.05 19.15
C SER F 981 -20.89 55.06 17.99
N ILE F 982 -21.77 56.06 17.93
CA ILE F 982 -22.74 56.13 16.85
C ILE F 982 -22.03 56.38 15.51
N MET F 983 -21.10 57.34 15.51
CA MET F 983 -20.34 57.60 14.31
C MET F 983 -19.45 56.42 13.93
N THR F 984 -18.95 55.67 14.90
CA THR F 984 -18.09 54.57 14.51
C THR F 984 -18.87 53.31 14.12
N LEU F 985 -20.13 53.19 14.54
CA LEU F 985 -20.94 52.10 13.97
C LEU F 985 -21.31 52.42 12.54
N ALA F 986 -21.67 53.68 12.26
CA ALA F 986 -21.89 54.08 10.88
C ALA F 986 -20.61 54.06 10.06
N ALA F 987 -19.45 54.14 10.72
CA ALA F 987 -18.18 53.90 10.06
C ALA F 987 -18.01 52.44 9.73
N MET F 988 -18.22 51.56 10.70
CA MET F 988 -18.00 50.14 10.54
C MET F 988 -18.96 49.47 9.57
N HIS F 989 -20.06 50.14 9.21
CA HIS F 989 -20.89 49.53 8.19
C HIS F 989 -20.42 49.81 6.76
N SER F 990 -19.27 50.46 6.56
CA SER F 990 -18.71 50.64 5.23
C SER F 990 -18.27 49.31 4.64
N LYS F 991 -18.41 49.18 3.34
CA LYS F 991 -18.31 47.86 2.72
C LYS F 991 -16.88 47.51 2.33
N LEU F 992 -16.71 46.26 1.90
CA LEU F 992 -15.43 45.72 1.44
C LEU F 992 -15.43 45.45 -0.06
N SER F 993 -16.26 46.17 -0.80
CA SER F 993 -16.27 45.98 -2.24
C SER F 993 -15.06 46.68 -2.85
N PRO F 994 -14.56 46.19 -4.00
CA PRO F 994 -13.51 46.93 -4.70
C PRO F 994 -13.91 48.32 -5.10
N VAL F 995 -15.21 48.53 -5.37
CA VAL F 995 -15.71 49.86 -5.65
C VAL F 995 -15.63 50.75 -4.41
N ALA F 996 -15.78 50.15 -3.22
CA ALA F 996 -15.71 50.92 -1.99
C ALA F 996 -14.27 51.26 -1.66
N ILE F 997 -13.35 50.32 -1.89
CA ILE F 997 -11.92 50.59 -1.76
C ILE F 997 -11.51 51.72 -2.68
N ALA F 998 -12.00 51.67 -3.92
CA ALA F 998 -11.68 52.68 -4.92
C ALA F 998 -12.10 54.08 -4.48
N ILE F 999 -13.35 54.23 -4.05
CA ILE F 999 -13.76 55.59 -3.73
C ILE F 999 -13.33 56.04 -2.33
N GLN F 1000 -13.02 55.12 -1.41
CA GLN F 1000 -12.42 55.57 -0.16
C GLN F 1000 -10.97 55.99 -0.35
N SER F 1001 -10.26 55.34 -1.27
CA SER F 1001 -8.95 55.82 -1.66
C SER F 1001 -9.03 57.16 -2.37
N LYS F 1002 -10.11 57.39 -3.11
CA LYS F 1002 -10.32 58.73 -3.67
C LYS F 1002 -10.57 59.76 -2.59
N SER F 1003 -11.37 59.42 -1.59
CA SER F 1003 -11.75 60.35 -0.54
C SER F 1003 -10.74 60.41 0.61
N LYS F 1004 -9.60 59.72 0.49
CA LYS F 1004 -8.55 59.65 1.52
C LYS F 1004 -9.09 59.12 2.85
N ILE F 1005 -9.82 58.02 2.78
CA ILE F 1005 -10.29 57.33 3.96
C ILE F 1005 -9.56 56.00 4.02
N HIS F 1006 -8.82 55.80 5.09
CA HIS F 1006 -7.97 54.63 5.25
C HIS F 1006 -8.82 53.38 5.45
N PRO F 1007 -8.81 52.42 4.54
CA PRO F 1007 -9.60 51.21 4.73
C PRO F 1007 -8.90 50.28 5.72
N GLY F 1008 -9.54 49.16 6.00
CA GLY F 1008 -9.01 48.25 6.99
C GLY F 1008 -7.92 47.34 6.46
N PHE F 1009 -6.85 47.93 5.95
CA PHE F 1009 -5.74 47.16 5.41
C PHE F 1009 -4.43 47.86 5.72
N ALA F 1010 -3.37 47.09 5.57
CA ALA F 1010 -2.04 47.62 5.38
C ALA F 1010 -1.42 46.79 4.28
N ALA F 1011 -0.13 46.99 4.04
CA ALA F 1011 0.53 46.30 2.95
C ALA F 1011 2.03 46.33 3.12
N THR F 1012 2.69 45.27 2.66
CA THR F 1012 4.15 45.19 2.61
C THR F 1012 4.56 45.31 1.15
N LEU F 1013 4.94 46.52 0.73
CA LEU F 1013 5.44 46.71 -0.61
C LEU F 1013 6.83 46.14 -0.74
N VAL F 1014 7.02 45.23 -1.69
CA VAL F 1014 8.34 44.65 -1.94
C VAL F 1014 8.85 45.15 -3.29
N ARG F 1015 10.17 45.29 -3.38
CA ARG F 1015 10.83 45.88 -4.54
C ARG F 1015 12.25 45.36 -4.61
N THR F 1016 12.71 45.02 -5.80
CA THR F 1016 14.11 44.67 -5.99
C THR F 1016 14.82 45.75 -6.79
N ASP F 1017 16.13 45.83 -6.59
CA ASP F 1017 16.97 46.84 -7.19
C ASP F 1017 18.23 46.18 -7.70
N ASN F 1018 18.69 46.56 -8.87
CA ASN F 1018 19.90 45.99 -9.44
C ASN F 1018 21.00 47.03 -9.52
N PHE F 1019 22.21 46.64 -9.16
CA PHE F 1019 23.33 47.55 -8.98
C PHE F 1019 24.47 47.17 -9.92
N ASP F 1020 25.18 48.18 -10.42
CA ASP F 1020 26.40 47.93 -11.18
C ASP F 1020 27.55 47.76 -10.20
N VAL F 1021 28.09 46.54 -10.14
CA VAL F 1021 29.10 46.20 -9.15
C VAL F 1021 30.31 45.66 -9.88
N GLU F 1022 31.48 46.19 -9.56
CA GLU F 1022 32.71 45.52 -9.90
C GLU F 1022 33.14 44.66 -8.72
N CYS F 1023 33.69 43.49 -9.02
CA CYS F 1023 33.67 42.38 -8.07
C CYS F 1023 34.86 41.47 -8.36
N LEU F 1024 35.86 41.48 -7.49
CA LEU F 1024 37.12 40.82 -7.79
C LEU F 1024 37.08 39.34 -7.41
N LEU F 1025 37.98 38.58 -8.04
CA LEU F 1025 38.09 37.14 -7.85
C LEU F 1025 39.50 36.80 -7.39
N TYR F 1026 39.60 35.77 -6.57
CA TYR F 1026 40.87 35.14 -6.22
C TYR F 1026 40.82 33.68 -6.57
N SER F 1027 41.95 33.12 -6.98
CA SER F 1027 42.01 31.69 -7.25
C SER F 1027 43.41 31.20 -6.93
N SER F 1028 43.50 30.03 -6.31
CA SER F 1028 44.81 29.44 -6.07
C SER F 1028 45.41 28.97 -7.39
N ARG F 1029 46.73 28.87 -7.42
CA ARG F 1029 47.43 28.61 -8.67
C ARG F 1029 47.24 27.15 -9.07
N ALA F 1030 47.15 26.93 -10.39
CA ALA F 1030 47.01 25.62 -11.02
C ALA F 1030 45.82 24.84 -10.45
N ALA F 1031 44.72 25.57 -10.19
CA ALA F 1031 43.57 24.97 -9.51
C ALA F 1031 42.75 24.09 -10.43
N THR F 1032 42.84 24.32 -11.72
CA THR F 1032 41.99 23.63 -12.67
C THR F 1032 42.71 23.53 -14.00
N SER F 1033 42.55 22.40 -14.66
CA SER F 1033 43.29 22.13 -15.89
C SER F 1033 42.36 22.14 -17.09
N ILE F 1034 42.95 22.50 -18.22
CA ILE F 1034 42.25 22.65 -19.50
C ILE F 1034 42.90 21.68 -20.46
N ILE F 1035 42.12 20.72 -20.95
CA ILE F 1035 42.59 19.80 -21.98
C ILE F 1035 41.84 20.32 -23.20
N LEU F 1036 42.56 20.71 -24.24
CA LEU F 1036 41.89 21.29 -25.41
C LEU F 1036 42.39 20.83 -26.78
N ASP F 1037 41.52 20.94 -27.77
CA ASP F 1037 41.82 20.56 -29.14
C ASP F 1037 42.71 21.61 -29.83
N ASP F 1038 43.51 21.12 -30.77
CA ASP F 1038 43.95 21.91 -31.90
C ASP F 1038 42.71 22.44 -32.63
N PRO F 1039 42.64 23.74 -32.92
CA PRO F 1039 41.44 24.30 -33.58
C PRO F 1039 41.17 23.70 -34.95
N THR F 1040 39.96 23.18 -35.11
CA THR F 1040 39.51 22.57 -36.35
C THR F 1040 38.90 23.61 -37.27
N VAL F 1041 39.06 23.40 -38.57
CA VAL F 1041 38.72 24.36 -39.61
C VAL F 1041 37.66 23.75 -40.49
N THR F 1042 36.57 24.49 -40.75
CA THR F 1042 35.61 24.08 -41.76
C THR F 1042 35.23 25.26 -42.61
N ALA F 1043 34.71 24.97 -43.80
CA ALA F 1043 34.43 25.99 -44.81
C ALA F 1043 33.07 25.74 -45.43
N GLU F 1044 32.26 26.79 -45.50
CA GLU F 1044 30.97 26.71 -46.15
C GLU F 1044 31.02 27.60 -47.38
N ALA F 1045 30.89 26.99 -48.55
CA ALA F 1045 31.08 27.68 -49.83
C ALA F 1045 29.70 28.05 -50.38
N LYS F 1046 29.20 29.19 -49.92
CA LYS F 1046 27.92 29.68 -50.39
C LYS F 1046 28.14 30.48 -51.68
N ASP F 1047 27.05 30.95 -52.27
CA ASP F 1047 27.14 31.48 -53.63
C ASP F 1047 27.77 32.86 -53.68
N ILE F 1048 27.69 33.63 -52.58
CA ILE F 1048 28.18 34.99 -52.61
C ILE F 1048 29.31 35.15 -51.59
N VAL F 1049 29.32 34.32 -50.55
CA VAL F 1049 30.37 34.36 -49.54
C VAL F 1049 30.85 32.94 -49.30
N THR F 1050 32.03 32.84 -48.69
CA THR F 1050 32.52 31.59 -48.14
C THR F 1050 32.89 31.85 -46.69
N THR F 1051 32.26 31.13 -45.78
CA THR F 1051 32.45 31.36 -44.36
C THR F 1051 33.36 30.27 -43.80
N TYR F 1052 34.49 30.69 -43.22
CA TYR F 1052 35.38 29.79 -42.51
C TYR F 1052 35.00 29.82 -41.04
N ASN F 1053 34.79 28.64 -40.47
CA ASN F 1053 34.46 28.49 -39.07
C ASN F 1053 35.56 27.70 -38.39
N PHE F 1054 36.10 28.27 -37.33
CA PHE F 1054 37.11 27.62 -36.49
C PHE F 1054 36.42 27.20 -35.21
N THR F 1055 36.46 25.91 -34.92
CA THR F 1055 35.94 25.42 -33.66
C THR F 1055 37.09 24.92 -32.79
N GLN F 1056 36.87 24.92 -31.48
CA GLN F 1056 37.86 24.43 -30.55
C GLN F 1056 37.16 23.94 -29.31
N HIS F 1057 37.37 22.68 -28.96
CA HIS F 1057 36.78 22.11 -27.75
C HIS F 1057 37.72 22.27 -26.58
N LEU F 1058 37.13 22.57 -25.42
CA LEU F 1058 37.83 22.67 -24.16
C LEU F 1058 37.21 21.66 -23.21
N SER F 1059 38.00 21.15 -22.27
CA SER F 1059 37.44 20.43 -21.15
C SER F 1059 38.18 20.83 -19.90
N PHE F 1060 37.43 21.18 -18.87
CA PHE F 1060 37.97 21.76 -17.66
C PHE F 1060 37.78 20.75 -16.55
N VAL F 1061 38.88 20.31 -15.94
CA VAL F 1061 38.83 19.49 -14.74
C VAL F 1061 39.23 20.39 -13.57
N ASP F 1062 38.63 20.14 -12.42
CA ASP F 1062 38.79 21.02 -11.26
C ASP F 1062 39.47 20.23 -10.17
N MET F 1063 40.77 20.46 -9.98
CA MET F 1063 41.57 19.47 -9.28
C MET F 1063 41.61 19.67 -7.78
N GLY F 1064 41.09 20.78 -7.26
CA GLY F 1064 41.05 20.99 -5.84
C GLY F 1064 39.85 20.31 -5.21
N LEU F 1065 40.01 19.88 -3.96
CA LEU F 1065 38.88 19.33 -3.23
C LEU F 1065 37.98 20.43 -2.71
N GLY F 1066 38.53 21.34 -1.92
CA GLY F 1066 37.80 22.50 -1.50
C GLY F 1066 37.67 23.51 -2.61
N PHE F 1067 37.02 24.61 -2.27
CA PHE F 1067 36.81 25.68 -3.24
C PHE F 1067 38.11 26.44 -3.41
N SER F 1068 38.78 26.17 -4.51
CA SER F 1068 40.08 26.75 -4.83
C SER F 1068 39.96 28.10 -5.51
N SER F 1069 38.77 28.71 -5.49
CA SER F 1069 38.54 29.98 -6.15
C SER F 1069 37.37 30.67 -5.47
N THR F 1070 37.55 31.92 -5.06
CA THR F 1070 36.50 32.68 -4.39
C THR F 1070 36.30 34.01 -5.09
N THR F 1071 35.22 34.70 -4.70
CA THR F 1071 34.81 35.94 -5.36
C THR F 1071 34.10 36.81 -4.35
N ALA F 1072 34.57 38.03 -4.17
CA ALA F 1072 34.00 38.95 -3.18
C ALA F 1072 33.53 40.23 -3.84
N THR F 1073 32.36 40.70 -3.40
CA THR F 1073 31.82 41.98 -3.87
C THR F 1073 32.68 43.12 -3.35
N ALA F 1074 33.08 44.03 -4.25
CA ALA F 1074 34.08 45.04 -3.92
C ALA F 1074 33.52 46.46 -3.93
N ASN F 1075 32.96 46.92 -5.05
CA ASN F 1075 32.69 48.33 -5.25
C ASN F 1075 31.42 48.49 -6.06
N LEU F 1076 30.51 49.36 -5.62
CA LEU F 1076 29.45 49.82 -6.49
C LEU F 1076 30.00 50.70 -7.60
N LYS F 1077 29.48 50.52 -8.81
CA LYS F 1077 29.64 51.55 -9.83
C LYS F 1077 28.46 52.49 -9.82
N ARG F 1078 27.28 51.96 -10.14
CA ARG F 1078 26.07 52.75 -10.33
C ARG F 1078 24.89 51.92 -9.90
N ILE F 1079 23.79 52.58 -9.60
CA ILE F 1079 22.51 51.91 -9.43
C ILE F 1079 21.75 52.02 -10.73
N LYS F 1080 21.46 50.89 -11.36
CA LYS F 1080 20.62 50.93 -12.55
C LYS F 1080 19.15 51.05 -12.22
N SER F 1081 18.76 50.78 -10.98
CA SER F 1081 17.36 50.87 -10.61
C SER F 1081 16.96 52.32 -10.38
N ASP F 1082 15.66 52.57 -10.53
CA ASP F 1082 15.10 53.87 -10.18
C ASP F 1082 15.08 54.05 -8.67
N MET F 1083 14.79 52.96 -7.95
CA MET F 1083 14.18 53.01 -6.61
C MET F 1083 12.98 53.94 -6.62
N GLY F 1084 12.16 53.84 -7.66
CA GLY F 1084 10.99 54.66 -7.83
C GLY F 1084 9.80 54.09 -7.09
N SER F 1085 8.61 54.29 -7.65
CA SER F 1085 7.43 53.73 -7.02
C SER F 1085 6.40 53.13 -7.96
N LYS F 1086 6.72 52.90 -9.23
CA LYS F 1086 5.73 52.39 -10.17
C LYS F 1086 5.40 50.95 -9.81
N ILE F 1087 4.22 50.76 -9.22
CA ILE F 1087 3.80 49.50 -8.63
C ILE F 1087 3.49 48.49 -9.72
N GLN F 1088 3.34 47.22 -9.35
CA GLN F 1088 2.99 46.21 -10.33
C GLN F 1088 1.52 46.35 -10.72
N ASN F 1089 1.29 46.52 -12.01
CA ASN F 1089 -0.07 46.66 -12.55
C ASN F 1089 -0.61 45.26 -12.77
N LEU F 1090 -1.51 44.82 -11.90
CA LEU F 1090 -2.04 43.47 -12.02
C LEU F 1090 -3.02 43.33 -13.17
N PHE F 1091 -3.59 44.45 -13.67
CA PHE F 1091 -4.44 44.34 -14.85
C PHE F 1091 -3.63 44.10 -16.10
N SER F 1092 -2.37 44.50 -16.11
CA SER F 1092 -1.46 44.16 -17.19
C SER F 1092 -0.57 42.99 -16.85
N ALA F 1093 -0.69 42.44 -15.64
CA ALA F 1093 0.00 41.22 -15.27
C ALA F 1093 -0.85 39.98 -15.50
N PHE F 1094 -2.14 40.05 -15.16
CA PHE F 1094 -3.10 38.99 -15.43
C PHE F 1094 -4.12 39.55 -16.41
N PRO F 1095 -3.77 39.73 -17.69
CA PRO F 1095 -4.58 40.58 -18.57
C PRO F 1095 -5.87 39.94 -19.06
N ILE F 1096 -6.16 38.70 -18.68
CA ILE F 1096 -7.32 38.00 -19.20
C ILE F 1096 -8.48 37.99 -18.21
N HIS F 1097 -8.23 38.21 -16.92
CA HIS F 1097 -9.28 38.16 -15.92
C HIS F 1097 -10.11 39.44 -15.95
N ALA F 1098 -11.36 39.32 -15.50
CA ALA F 1098 -12.29 40.44 -15.52
C ALA F 1098 -13.40 40.19 -14.52
N PHE F 1099 -14.11 41.26 -14.19
CA PHE F 1099 -15.31 41.14 -13.38
C PHE F 1099 -16.46 40.65 -14.24
N THR F 1100 -17.54 40.20 -13.58
CA THR F 1100 -18.66 39.61 -14.29
C THR F 1100 -19.41 40.66 -15.10
N ASN F 1101 -19.84 41.73 -14.47
CA ASN F 1101 -20.65 42.71 -15.16
C ASN F 1101 -19.78 43.76 -15.84
N THR F 1102 -20.15 44.06 -17.09
CA THR F 1102 -19.37 44.92 -17.95
C THR F 1102 -19.32 46.34 -17.39
N ASP F 1103 -20.40 46.78 -16.72
CA ASP F 1103 -20.42 48.10 -16.10
C ASP F 1103 -19.40 48.20 -14.97
N ILE F 1104 -19.32 47.16 -14.14
CA ILE F 1104 -18.34 47.11 -13.06
C ILE F 1104 -16.94 47.09 -13.62
N ASN F 1105 -16.71 46.27 -14.64
CA ASN F 1105 -15.37 46.17 -15.24
C ASN F 1105 -14.95 47.49 -15.85
N THR F 1106 -15.86 48.17 -16.53
CA THR F 1106 -15.55 49.44 -17.17
C THR F 1106 -15.23 50.52 -16.13
N TRP F 1107 -16.00 50.56 -15.04
CA TRP F 1107 -15.71 51.58 -14.02
C TRP F 1107 -14.45 51.25 -13.21
N ILE F 1108 -14.10 49.96 -13.08
CA ILE F 1108 -12.85 49.62 -12.40
C ILE F 1108 -11.66 50.01 -13.27
N ARG F 1109 -11.74 49.78 -14.58
CA ARG F 1109 -10.69 50.26 -15.49
C ARG F 1109 -10.60 51.78 -15.46
N HIS F 1110 -11.74 52.44 -15.37
CA HIS F 1110 -11.82 53.90 -15.23
C HIS F 1110 -11.04 54.38 -14.00
N HIS F 1111 -11.35 53.83 -12.83
CA HIS F 1111 -10.75 54.41 -11.64
C HIS F 1111 -9.32 53.95 -11.39
N VAL F 1112 -8.95 52.71 -11.74
CA VAL F 1112 -7.53 52.36 -11.61
C VAL F 1112 -6.71 52.93 -12.75
N GLY F 1113 -7.35 53.48 -13.78
CA GLY F 1113 -6.64 54.34 -14.72
C GLY F 1113 -5.78 53.60 -15.70
N ILE F 1114 -6.25 52.50 -16.25
CA ILE F 1114 -5.53 51.73 -17.25
C ILE F 1114 -6.31 51.82 -18.55
N GLU F 1115 -5.61 52.17 -19.62
CA GLU F 1115 -6.25 52.46 -20.90
C GLU F 1115 -6.85 51.21 -21.51
N LYS F 1116 -7.95 51.39 -22.23
CA LYS F 1116 -8.45 50.32 -23.08
C LYS F 1116 -7.46 50.08 -24.22
N PRO F 1117 -7.26 48.84 -24.64
CA PRO F 1117 -6.09 48.53 -25.48
C PRO F 1117 -6.18 49.05 -26.91
N ASN F 1118 -7.34 48.96 -27.55
CA ASN F 1118 -7.39 49.28 -28.97
C ASN F 1118 -8.78 49.77 -29.35
N PRO F 1119 -8.91 50.98 -29.90
CA PRO F 1119 -10.21 51.38 -30.48
C PRO F 1119 -10.56 50.64 -31.75
N SER F 1120 -9.57 50.27 -32.56
CA SER F 1120 -9.79 49.57 -33.81
C SER F 1120 -9.03 48.25 -33.71
N GLU F 1121 -9.75 47.16 -33.44
CA GLU F 1121 -9.13 45.89 -33.08
C GLU F 1121 -8.28 45.30 -34.21
N GLY F 1122 -6.99 45.11 -33.93
CA GLY F 1122 -6.09 44.46 -34.88
C GLY F 1122 -5.61 43.14 -34.30
N GLU F 1123 -4.72 42.44 -35.01
CA GLU F 1123 -4.16 41.20 -34.45
C GLU F 1123 -3.02 41.49 -33.48
N ALA F 1124 -2.68 42.78 -33.34
CA ALA F 1124 -1.95 43.25 -32.18
C ALA F 1124 -2.67 42.93 -30.87
N LEU F 1125 -4.01 42.81 -30.90
CA LEU F 1125 -4.76 42.44 -29.70
C LEU F 1125 -4.46 41.01 -29.26
N ASN F 1126 -4.37 40.07 -30.20
CA ASN F 1126 -3.96 38.73 -29.79
C ASN F 1126 -2.47 38.67 -29.48
N ILE F 1127 -1.67 39.56 -30.04
CA ILE F 1127 -0.30 39.71 -29.52
C ILE F 1127 -0.31 40.23 -28.08
N ILE F 1128 -1.23 41.13 -27.76
CA ILE F 1128 -1.37 41.71 -26.41
C ILE F 1128 -1.74 40.63 -25.41
N THR F 1129 -2.80 39.89 -25.71
CA THR F 1129 -3.30 38.92 -24.76
C THR F 1129 -2.47 37.66 -24.80
N PHE F 1130 -1.79 37.41 -25.92
CA PHE F 1130 -0.80 36.36 -25.97
C PHE F 1130 0.42 36.68 -25.11
N GLY F 1131 0.76 37.96 -24.99
CA GLY F 1131 2.01 38.33 -24.37
C GLY F 1131 2.88 39.10 -25.33
N GLY F 1132 2.99 40.40 -25.08
CA GLY F 1132 3.82 41.30 -25.85
C GLY F 1132 4.00 42.57 -25.06
N ILE F 1133 4.81 43.48 -25.61
CA ILE F 1133 5.01 44.78 -24.99
C ILE F 1133 3.78 45.61 -25.34
N ASN F 1134 2.84 45.70 -24.39
CA ASN F 1134 1.55 46.31 -24.67
C ASN F 1134 1.57 47.80 -24.40
N LYS F 1135 2.07 48.20 -23.24
CA LYS F 1135 2.32 49.60 -22.98
C LYS F 1135 3.49 50.06 -23.82
N ASN F 1136 3.29 51.15 -24.55
CA ASN F 1136 4.37 51.90 -25.15
C ASN F 1136 5.36 52.27 -24.06
N PRO F 1137 6.64 51.93 -24.21
CA PRO F 1137 7.65 52.33 -23.22
C PRO F 1137 7.71 53.84 -23.08
N PRO F 1138 7.91 54.35 -21.86
CA PRO F 1138 7.71 55.78 -21.60
C PRO F 1138 8.69 56.65 -22.35
N SER F 1139 8.16 57.77 -22.81
CA SER F 1139 8.93 58.70 -23.63
C SER F 1139 10.07 59.33 -22.85
N ILE F 1140 9.85 59.58 -21.56
CA ILE F 1140 10.88 60.14 -20.72
C ILE F 1140 11.20 59.14 -19.62
N LEU F 1141 12.47 59.08 -19.25
CA LEU F 1141 12.96 58.18 -18.22
C LEU F 1141 14.24 58.78 -17.67
N LEU F 1142 14.44 58.69 -16.37
CA LEU F 1142 15.55 59.39 -15.73
C LEU F 1142 16.44 58.53 -14.86
N HIS F 1143 15.99 57.36 -14.40
CA HIS F 1143 16.77 56.62 -13.43
C HIS F 1143 16.82 55.12 -13.67
N GLY F 1144 16.41 54.64 -14.84
CA GLY F 1144 16.44 53.21 -15.08
C GLY F 1144 15.20 52.50 -14.61
N GLN F 1145 15.35 51.25 -14.19
CA GLN F 1145 14.22 50.36 -14.03
C GLN F 1145 13.58 50.46 -12.66
N GLN F 1146 12.31 50.07 -12.59
CA GLN F 1146 11.54 50.02 -11.35
C GLN F 1146 10.36 49.07 -11.54
N ALA F 1147 10.00 48.38 -10.45
CA ALA F 1147 8.84 47.50 -10.36
C ALA F 1147 8.60 47.16 -8.89
N ILE F 1148 7.35 47.25 -8.44
CA ILE F 1148 7.01 47.08 -7.03
C ILE F 1148 5.84 46.12 -6.94
N CYS F 1149 6.03 44.99 -6.28
CA CYS F 1149 5.00 43.98 -6.14
C CYS F 1149 4.15 44.31 -4.93
N GLU F 1150 3.26 43.40 -4.52
CA GLU F 1150 2.21 43.83 -3.60
C GLU F 1150 1.64 42.68 -2.76
N VAL F 1151 1.70 42.84 -1.43
CA VAL F 1151 1.07 41.93 -0.48
C VAL F 1151 0.06 42.74 0.33
N ILE F 1152 -1.13 42.20 0.54
CA ILE F 1152 -2.16 42.83 1.34
C ILE F 1152 -1.99 42.38 2.79
N LEU F 1153 -2.30 43.25 3.75
CA LEU F 1153 -1.94 42.97 5.13
C LEU F 1153 -2.93 43.60 6.10
N THR F 1154 -3.08 42.96 7.28
CA THR F 1154 -3.60 43.46 8.55
C THR F 1154 -3.16 44.88 8.85
N PRO F 1155 -4.03 45.74 9.39
CA PRO F 1155 -3.55 46.95 10.05
C PRO F 1155 -2.99 46.73 11.45
N VAL F 1156 -2.74 45.49 11.86
CA VAL F 1156 -2.38 45.20 13.23
C VAL F 1156 -0.92 44.79 13.38
N THR F 1157 -0.31 44.22 12.32
CA THR F 1157 1.01 43.60 12.34
C THR F 1157 2.10 44.49 12.90
N THR F 1158 2.80 43.98 13.91
CA THR F 1158 3.72 44.77 14.70
C THR F 1158 4.91 45.19 13.85
N ASN F 1159 5.23 46.48 13.88
CA ASN F 1159 6.41 46.98 13.19
C ASN F 1159 7.68 46.39 13.76
N ILE F 1160 7.84 46.49 15.09
CA ILE F 1160 9.14 46.29 15.72
C ILE F 1160 9.53 44.82 15.71
N ASN F 1161 8.55 43.91 15.64
CA ASN F 1161 8.91 42.51 15.45
C ASN F 1161 9.23 42.20 14.00
N PHE F 1162 8.68 42.97 13.06
CA PHE F 1162 8.65 42.55 11.66
C PHE F 1162 9.42 43.46 10.72
N PHE F 1163 9.10 44.76 10.69
CA PHE F 1163 9.57 45.59 9.59
C PHE F 1163 10.94 46.20 9.80
N LYS F 1164 11.43 46.26 11.03
CA LYS F 1164 12.64 47.01 11.31
C LYS F 1164 13.91 46.19 11.10
N LEU F 1165 13.79 44.99 10.54
CA LEU F 1165 14.85 44.01 10.48
C LEU F 1165 14.82 43.36 9.10
N PRO F 1166 15.91 42.72 8.68
CA PRO F 1166 15.82 41.82 7.52
C PRO F 1166 14.94 40.63 7.87
N HIS F 1167 13.88 40.45 7.09
CA HIS F 1167 12.85 39.48 7.44
C HIS F 1167 12.07 39.12 6.20
N ASN F 1168 11.58 37.89 6.17
CA ASN F 1168 10.78 37.41 5.05
C ASN F 1168 9.42 38.11 5.05
N PRO F 1169 9.00 38.71 3.95
CA PRO F 1169 7.63 39.26 3.87
C PRO F 1169 6.55 38.23 3.61
N ARG F 1170 6.84 36.94 3.74
CA ARG F 1170 5.78 35.94 3.84
C ARG F 1170 5.08 36.03 5.20
N GLY F 1171 5.69 36.71 6.17
CA GLY F 1171 5.20 36.76 7.52
C GLY F 1171 5.86 35.71 8.38
N ARG F 1172 5.54 34.46 8.13
CA ARG F 1172 6.36 33.37 8.64
C ARG F 1172 7.63 33.31 7.83
N GLU F 1173 8.75 33.04 8.50
CA GLU F 1173 10.03 33.03 7.83
C GLU F 1173 10.27 31.65 7.19
N SER F 1174 10.86 31.65 6.00
CA SER F 1174 10.95 30.47 5.14
C SER F 1174 12.38 30.25 4.68
N CYS F 1175 13.30 30.17 5.62
CA CYS F 1175 14.69 29.87 5.29
C CYS F 1175 14.95 28.39 5.47
N MET F 1176 15.58 27.78 4.47
CA MET F 1176 15.79 26.34 4.44
C MET F 1176 17.04 25.92 5.18
N MET F 1177 17.77 26.88 5.74
CA MET F 1177 18.97 26.64 6.52
C MET F 1177 18.66 26.28 7.95
N GLY F 1178 17.39 26.09 8.30
CA GLY F 1178 17.01 25.63 9.63
C GLY F 1178 16.31 24.30 9.62
N THR F 1179 15.90 23.85 8.44
CA THR F 1179 15.10 22.65 8.28
C THR F 1179 16.01 21.44 8.11
N ASP F 1180 15.54 20.29 8.58
CA ASP F 1180 16.12 18.99 8.28
C ASP F 1180 16.27 18.83 6.76
N PRO F 1181 17.47 18.61 6.26
CA PRO F 1181 17.63 18.33 4.83
C PRO F 1181 17.03 16.98 4.48
N HIS F 1182 16.55 16.88 3.24
CA HIS F 1182 15.93 15.67 2.68
C HIS F 1182 14.71 15.22 3.48
N ASN F 1183 13.96 16.17 4.03
CA ASN F 1183 12.75 15.88 4.79
C ASN F 1183 11.67 16.84 4.29
N GLU F 1184 10.97 16.43 3.23
CA GLU F 1184 9.97 17.30 2.63
C GLU F 1184 8.74 17.45 3.51
N GLU F 1185 8.46 16.46 4.36
CA GLU F 1185 7.30 16.55 5.23
C GLU F 1185 7.50 17.60 6.31
N ALA F 1186 8.61 17.52 7.03
CA ALA F 1186 8.93 18.56 8.02
C ALA F 1186 9.23 19.89 7.35
N ALA F 1187 9.66 19.86 6.09
CA ALA F 1187 9.82 21.10 5.32
C ALA F 1187 8.49 21.79 5.11
N ARG F 1188 7.48 21.07 4.62
CA ARG F 1188 6.16 21.66 4.41
C ARG F 1188 5.50 22.02 5.73
N LYS F 1189 5.83 21.29 6.80
CA LYS F 1189 5.39 21.70 8.13
C LYS F 1189 6.02 23.04 8.54
N ALA F 1190 7.27 23.27 8.16
CA ALA F 1190 7.88 24.55 8.47
C ALA F 1190 7.30 25.67 7.63
N LEU F 1191 6.91 25.37 6.39
CA LEU F 1191 6.34 26.39 5.54
C LEU F 1191 4.86 26.66 5.79
N TYR F 1192 4.17 25.76 6.48
CA TYR F 1192 2.73 25.96 6.62
C TYR F 1192 2.20 25.88 8.05
N ASP F 1193 2.81 25.05 8.88
CA ASP F 1193 2.22 24.64 10.15
C ASP F 1193 2.17 25.81 11.12
N HIS F 1194 1.05 25.94 11.82
CA HIS F 1194 0.94 26.91 12.89
C HIS F 1194 0.46 26.32 14.20
N THR F 1195 0.34 24.98 14.27
CA THR F 1195 0.43 24.34 15.57
C THR F 1195 1.80 24.59 16.16
N GLN F 1196 2.85 24.45 15.36
CA GLN F 1196 4.17 24.91 15.74
C GLN F 1196 4.20 26.43 15.76
N THR F 1197 5.17 26.95 16.49
CA THR F 1197 5.45 28.38 16.41
C THR F 1197 6.61 28.64 15.45
N ASP F 1198 6.66 29.86 14.97
CA ASP F 1198 7.86 30.34 14.32
C ASP F 1198 8.91 30.63 15.40
N SER F 1199 10.16 30.76 14.98
CA SER F 1199 11.16 31.37 15.84
C SER F 1199 10.96 32.88 15.86
N ASP F 1200 11.79 33.54 16.69
CA ASP F 1200 11.92 34.99 16.88
C ASP F 1200 10.76 35.65 17.62
N THR F 1201 9.66 34.94 17.87
CA THR F 1201 8.51 35.48 18.58
C THR F 1201 7.71 34.27 19.10
N PHE F 1202 6.77 34.52 20.02
CA PHE F 1202 5.65 33.62 20.24
C PHE F 1202 4.54 33.84 19.23
N ALA F 1203 4.88 33.89 17.96
CA ALA F 1203 3.90 34.13 16.92
C ALA F 1203 4.33 33.32 15.73
N ALA F 1204 3.52 32.35 15.33
CA ALA F 1204 3.82 31.58 14.14
C ALA F 1204 3.63 32.40 12.88
N THR F 1205 3.00 33.56 12.96
CA THR F 1205 2.65 34.31 11.79
C THR F 1205 2.69 35.78 12.16
N THR F 1206 3.11 36.63 11.23
CA THR F 1206 2.67 38.02 11.30
C THR F 1206 1.64 38.35 10.23
N ASN F 1207 1.74 37.77 9.04
CA ASN F 1207 0.83 38.06 7.92
C ASN F 1207 0.08 36.77 7.58
N PRO F 1208 -1.10 36.54 8.17
CA PRO F 1208 -1.82 35.29 7.89
C PRO F 1208 -2.44 35.23 6.51
N TRP F 1209 -2.48 36.35 5.79
CA TRP F 1209 -2.90 36.31 4.40
C TRP F 1209 -1.74 36.12 3.45
N ALA F 1210 -0.56 35.89 3.98
CA ALA F 1210 0.58 35.53 3.16
C ALA F 1210 1.21 34.22 3.56
N SER F 1211 1.09 33.82 4.83
CA SER F 1211 1.71 32.58 5.26
C SER F 1211 0.92 31.35 4.83
N LEU F 1212 -0.40 31.42 4.97
CA LEU F 1212 -1.25 30.25 4.92
C LEU F 1212 -1.37 29.68 3.51
N PRO F 1213 -1.64 28.37 3.38
CA PRO F 1213 -1.89 27.81 2.04
C PRO F 1213 -3.21 28.31 1.48
N GLY F 1214 -3.19 28.71 0.23
CA GLY F 1214 -4.38 29.23 -0.36
C GLY F 1214 -4.78 30.60 0.13
N SER F 1215 -3.86 31.35 0.72
CA SER F 1215 -4.12 32.74 1.05
C SER F 1215 -3.82 33.59 -0.17
N LEU F 1216 -3.87 34.91 -0.02
CA LEU F 1216 -3.67 35.76 -1.18
C LEU F 1216 -2.21 35.89 -1.58
N GLY F 1217 -1.29 35.22 -0.91
CA GLY F 1217 0.06 35.14 -1.42
C GLY F 1217 0.18 33.89 -2.27
N ASP F 1218 -0.39 32.81 -1.75
CA ASP F 1218 -0.27 31.50 -2.40
C ASP F 1218 -1.07 31.47 -3.69
N ILE F 1219 -2.30 31.99 -3.68
CA ILE F 1219 -3.15 31.91 -4.87
C ILE F 1219 -2.79 32.96 -5.91
N LEU F 1220 -1.86 33.84 -5.60
CA LEU F 1220 -1.57 34.99 -6.44
C LEU F 1220 -0.16 35.01 -6.99
N TYR F 1221 0.83 34.54 -6.23
CA TYR F 1221 2.23 34.65 -6.62
C TYR F 1221 2.97 33.33 -6.76
N ASN F 1222 2.47 32.26 -6.15
CA ASN F 1222 3.08 30.95 -6.33
C ASN F 1222 2.85 30.48 -7.76
N THR F 1223 3.91 30.00 -8.42
CA THR F 1223 3.82 29.71 -9.84
C THR F 1223 2.97 28.49 -10.14
N ALA F 1224 2.71 27.63 -9.16
CA ALA F 1224 1.79 26.51 -9.36
C ALA F 1224 0.38 26.99 -9.68
N HIS F 1225 -0.02 28.15 -9.16
CA HIS F 1225 -1.29 28.75 -9.50
C HIS F 1225 -1.16 29.83 -10.56
N ARG F 1226 0.02 30.43 -10.69
CA ARG F 1226 0.26 31.39 -11.75
C ARG F 1226 0.17 30.71 -13.12
N GLU F 1227 0.66 29.47 -13.22
CA GLU F 1227 0.51 28.75 -14.48
C GLU F 1227 -0.92 28.29 -14.73
N GLN F 1228 -1.74 28.20 -13.68
CA GLN F 1228 -3.14 27.89 -13.88
C GLN F 1228 -3.89 29.11 -14.42
N LEU F 1229 -3.70 30.25 -13.79
CA LEU F 1229 -4.43 31.48 -14.16
C LEU F 1229 -3.48 32.36 -14.95
N CYS F 1230 -3.68 32.42 -16.26
CA CYS F 1230 -2.70 32.86 -17.24
C CYS F 1230 -2.32 34.33 -17.06
N TYR F 1231 -1.21 34.71 -17.70
CA TYR F 1231 -0.47 35.90 -17.34
C TYR F 1231 0.52 36.23 -18.44
N ASN F 1232 1.03 37.45 -18.41
CA ASN F 1232 2.13 37.82 -19.29
C ASN F 1232 3.41 37.22 -18.74
N PRO F 1233 4.08 36.33 -19.46
CA PRO F 1233 5.33 35.74 -18.94
C PRO F 1233 6.48 36.71 -18.92
N LYS F 1234 6.37 37.85 -19.59
CA LYS F 1234 7.39 38.89 -19.50
C LYS F 1234 7.37 39.61 -18.16
N THR F 1235 6.25 39.55 -17.44
CA THR F 1235 6.07 40.34 -16.24
C THR F 1235 6.91 39.80 -15.09
N TYR F 1236 7.88 40.59 -14.64
CA TYR F 1236 8.72 40.21 -13.52
C TYR F 1236 8.08 40.64 -12.22
N SER F 1237 7.97 39.70 -11.29
CA SER F 1237 7.43 39.98 -9.96
C SER F 1237 8.47 39.57 -8.93
N PRO F 1238 8.93 40.49 -8.07
CA PRO F 1238 9.99 40.13 -7.11
C PRO F 1238 9.51 39.31 -5.92
N ASN F 1239 8.25 38.90 -5.89
CA ASN F 1239 7.74 38.12 -4.77
C ASN F 1239 7.61 36.65 -5.12
N ALA F 1240 7.76 36.31 -6.39
CA ALA F 1240 7.82 34.92 -6.82
C ALA F 1240 9.00 34.21 -6.18
N GLN F 1241 10.12 34.93 -6.03
CA GLN F 1241 11.32 34.34 -5.42
C GLN F 1241 11.14 34.01 -3.95
N PHE F 1242 10.11 34.58 -3.30
CA PHE F 1242 9.81 34.22 -1.93
C PHE F 1242 8.65 33.25 -1.82
N PHE F 1243 7.76 33.20 -2.81
CA PHE F 1243 6.56 32.39 -2.65
C PHE F 1243 6.54 31.10 -3.47
N THR F 1244 7.46 30.90 -4.42
CA THR F 1244 7.52 29.63 -5.16
C THR F 1244 8.04 28.54 -4.24
N GLU F 1245 7.15 27.68 -3.78
CA GLU F 1245 7.56 26.69 -2.81
C GLU F 1245 8.10 25.43 -3.47
N SER F 1246 7.70 25.15 -4.71
CA SER F 1246 8.36 24.09 -5.46
C SER F 1246 9.80 24.45 -5.79
N ASP F 1247 10.14 25.74 -5.81
CA ASP F 1247 11.51 26.19 -6.00
C ASP F 1247 12.20 26.49 -4.68
N ILE F 1248 11.63 26.05 -3.57
CA ILE F 1248 12.31 26.13 -2.28
C ILE F 1248 12.39 24.79 -1.57
N LEU F 1249 11.52 23.82 -1.90
CA LEU F 1249 11.72 22.47 -1.43
C LEU F 1249 12.88 21.79 -2.15
N LYS F 1250 13.28 22.30 -3.31
CA LYS F 1250 14.51 21.88 -3.97
C LYS F 1250 15.72 22.63 -3.45
N THR F 1251 15.51 23.61 -2.57
CA THR F 1251 16.57 24.19 -1.75
C THR F 1251 16.69 23.47 -0.42
N ASN F 1252 15.63 22.78 0.02
CA ASN F 1252 15.75 21.88 1.17
C ASN F 1252 16.59 20.67 0.77
N LYS F 1253 17.89 20.88 0.74
CA LYS F 1253 18.87 19.85 0.43
C LYS F 1253 20.06 20.05 1.34
N MET F 1254 21.18 19.40 1.00
CA MET F 1254 22.42 19.53 1.74
C MET F 1254 23.00 20.92 1.52
N MET F 1255 23.82 21.37 2.46
CA MET F 1255 24.26 22.76 2.44
C MET F 1255 25.24 23.02 1.29
N TYR F 1256 26.17 22.10 1.04
CA TYR F 1256 27.08 22.30 -0.07
C TYR F 1256 26.37 22.17 -1.42
N LYS F 1257 25.32 21.34 -1.49
CA LYS F 1257 24.53 21.29 -2.70
C LYS F 1257 23.75 22.58 -2.90
N VAL F 1258 23.33 23.22 -1.81
CA VAL F 1258 22.68 24.52 -1.88
C VAL F 1258 23.63 25.57 -2.45
N ILE F 1259 24.85 25.63 -1.93
CA ILE F 1259 25.74 26.68 -2.44
C ILE F 1259 26.31 26.34 -3.81
N ASN F 1260 26.42 25.05 -4.17
CA ASN F 1260 26.79 24.72 -5.53
C ASN F 1260 25.69 25.07 -6.51
N GLU F 1261 24.43 24.83 -6.14
CA GLU F 1261 23.32 25.25 -6.96
C GLU F 1261 23.23 26.77 -7.04
N TYR F 1262 23.58 27.47 -5.96
CA TYR F 1262 23.53 28.92 -5.99
C TYR F 1262 24.63 29.51 -6.87
N CYS F 1263 25.84 28.99 -6.78
CA CYS F 1263 26.91 29.51 -7.62
C CYS F 1263 26.79 29.02 -9.06
N MET F 1264 26.02 27.96 -9.31
CA MET F 1264 25.74 27.59 -10.68
C MET F 1264 24.58 28.40 -11.25
N LYS F 1265 23.65 28.83 -10.40
CA LYS F 1265 22.54 29.68 -10.82
C LYS F 1265 23.06 31.12 -10.94
N SER F 1266 23.85 31.33 -11.98
CA SER F 1266 24.35 32.65 -12.34
C SER F 1266 24.41 32.79 -13.86
N ASN F 1267 23.48 32.15 -14.56
CA ASN F 1267 23.32 32.37 -15.99
C ASN F 1267 22.90 33.80 -16.27
N SER F 1268 22.20 34.42 -15.31
CA SER F 1268 21.74 35.81 -15.36
C SER F 1268 20.85 36.06 -16.58
N CYS F 1269 19.70 35.38 -16.56
CA CYS F 1269 18.66 35.62 -17.55
C CYS F 1269 18.08 37.02 -17.41
N LEU F 1270 18.11 37.59 -16.20
CA LEU F 1270 17.44 38.84 -15.92
C LEU F 1270 18.23 40.01 -16.52
N ASN F 1271 17.57 40.76 -17.40
CA ASN F 1271 18.22 41.90 -18.03
C ASN F 1271 18.02 43.17 -17.21
N SER F 1272 18.80 44.18 -17.53
CA SER F 1272 18.63 45.50 -16.94
C SER F 1272 18.62 46.55 -18.04
N ASP F 1273 17.85 46.28 -19.08
CA ASP F 1273 17.60 47.19 -20.19
C ASP F 1273 16.09 47.37 -20.30
N SER F 1274 15.69 48.35 -21.12
CA SER F 1274 14.31 48.58 -21.55
C SER F 1274 13.39 48.93 -20.37
N GLU F 1275 13.73 50.04 -19.71
CA GLU F 1275 12.87 50.96 -18.94
C GLU F 1275 12.10 50.38 -17.75
N ILE F 1276 12.11 49.07 -17.56
CA ILE F 1276 11.32 48.43 -16.52
C ILE F 1276 11.88 47.03 -16.36
N GLN F 1277 11.65 46.42 -15.20
CA GLN F 1277 12.08 45.06 -14.97
C GLN F 1277 11.18 44.10 -15.73
N TYR F 1278 11.62 43.70 -16.92
CA TYR F 1278 11.06 42.49 -17.51
C TYR F 1278 11.84 41.28 -17.03
N SER F 1279 11.35 40.09 -17.35
CA SER F 1279 12.02 38.85 -17.00
C SER F 1279 12.15 38.00 -18.26
N CYS F 1280 13.19 38.26 -19.04
CA CYS F 1280 13.52 37.35 -20.12
C CYS F 1280 14.34 36.20 -19.56
N SER F 1281 14.32 35.07 -20.27
CA SER F 1281 14.74 33.81 -19.66
C SER F 1281 15.77 33.05 -20.50
N GLU F 1282 16.51 33.72 -21.38
CA GLU F 1282 17.42 33.00 -22.26
C GLU F 1282 18.82 32.85 -21.68
N GLY F 1283 19.29 33.78 -20.85
CA GLY F 1283 20.60 33.66 -20.27
C GLY F 1283 21.74 34.12 -21.16
N THR F 1284 21.67 35.35 -21.65
CA THR F 1284 22.71 35.92 -22.51
C THR F 1284 23.76 36.69 -21.71
N ASP F 1285 23.31 37.45 -20.71
CA ASP F 1285 24.19 38.23 -19.84
C ASP F 1285 25.15 37.31 -19.09
N SER F 1286 26.28 37.88 -18.67
CA SER F 1286 27.30 37.11 -17.99
C SER F 1286 26.86 36.59 -16.62
N PHE F 1287 26.67 37.47 -15.63
CA PHE F 1287 26.54 36.99 -14.26
C PHE F 1287 25.70 37.93 -13.41
N VAL F 1288 24.88 37.33 -12.57
CA VAL F 1288 24.12 38.03 -11.54
C VAL F 1288 24.35 37.26 -10.25
N SER F 1289 24.10 37.92 -9.12
CA SER F 1289 24.14 37.25 -7.84
C SER F 1289 23.04 37.82 -6.96
N ARG F 1290 22.29 36.93 -6.31
CA ARG F 1290 21.04 37.29 -5.63
C ARG F 1290 21.08 36.83 -4.18
N PRO F 1291 21.65 37.63 -3.29
CA PRO F 1291 21.72 37.22 -1.88
C PRO F 1291 20.36 37.17 -1.21
N CYS F 1292 19.40 37.97 -1.67
CA CYS F 1292 18.04 37.87 -1.13
C CYS F 1292 17.39 36.56 -1.53
N GLN F 1293 17.68 36.08 -2.74
CA GLN F 1293 17.27 34.73 -3.14
C GLN F 1293 17.90 33.68 -2.25
N PHE F 1294 19.20 33.83 -1.96
CA PHE F 1294 19.89 32.80 -1.19
C PHE F 1294 19.43 32.76 0.25
N LEU F 1295 19.15 33.92 0.84
CA LEU F 1295 18.79 33.98 2.24
C LEU F 1295 17.29 33.92 2.47
N GLN F 1296 16.48 34.02 1.41
CA GLN F 1296 15.02 33.93 1.46
C GLN F 1296 14.38 34.98 2.35
N ASN F 1297 15.02 36.15 2.45
CA ASN F 1297 14.38 37.31 3.03
C ASN F 1297 14.88 38.54 2.31
N ALA F 1298 14.15 39.63 2.48
CA ALA F 1298 14.48 40.90 1.88
C ALA F 1298 14.98 41.86 2.95
N LEU F 1299 15.21 43.11 2.56
CA LEU F 1299 15.82 44.05 3.47
C LEU F 1299 14.90 45.22 3.75
N PRO F 1300 14.98 45.84 4.92
CA PRO F 1300 14.24 47.07 5.15
C PRO F 1300 15.04 48.29 4.69
N LEU F 1301 14.33 49.27 4.15
CA LEU F 1301 14.94 50.48 3.65
C LEU F 1301 14.33 51.70 4.34
N HIS F 1302 15.00 52.83 4.17
CA HIS F 1302 14.68 54.03 4.93
C HIS F 1302 13.39 54.68 4.46
N CYS F 1303 12.27 54.26 5.03
CA CYS F 1303 10.97 54.86 4.75
C CYS F 1303 10.41 55.45 6.04
N SER F 1304 9.38 56.28 5.89
CA SER F 1304 8.82 56.95 7.05
C SER F 1304 7.34 57.19 6.81
N SER F 1305 6.65 57.63 7.85
CA SER F 1305 5.22 57.84 7.73
C SER F 1305 4.90 59.20 7.14
N ASN F 1306 5.65 60.24 7.50
CA ASN F 1306 5.42 61.54 6.87
C ASN F 1306 6.71 62.36 6.80
N GLN F 1307 6.54 63.55 6.22
CA GLN F 1307 7.65 64.44 5.96
C GLN F 1307 8.25 64.97 7.24
N ALA F 1308 7.44 65.06 8.30
CA ALA F 1308 7.94 65.52 9.58
C ALA F 1308 9.05 64.61 10.11
N LEU F 1309 8.81 63.29 10.09
CA LEU F 1309 9.85 62.38 10.53
C LEU F 1309 10.99 62.33 9.51
N LEU F 1310 10.65 62.44 8.22
CA LEU F 1310 11.69 62.38 7.18
C LEU F 1310 12.65 63.56 7.23
N GLU F 1311 12.17 64.74 7.66
CA GLU F 1311 13.05 65.91 7.74
C GLU F 1311 14.07 65.75 8.86
N SER F 1312 13.65 65.24 10.02
CA SER F 1312 14.61 65.03 11.10
C SER F 1312 15.58 63.92 10.77
N ARG F 1313 15.13 62.91 10.01
CA ARG F 1313 16.05 61.91 9.50
C ARG F 1313 17.08 62.53 8.56
N SER F 1314 16.64 63.44 7.69
CA SER F 1314 17.56 64.09 6.77
C SER F 1314 18.51 65.04 7.49
N LYS F 1315 18.08 65.62 8.60
CA LYS F 1315 18.95 66.50 9.37
C LYS F 1315 20.04 65.71 10.08
N THR F 1316 19.63 64.79 10.96
CA THR F 1316 20.63 64.09 11.75
C THR F 1316 21.38 63.02 10.98
N GLY F 1317 20.90 62.62 9.80
CA GLY F 1317 21.54 61.56 9.04
C GLY F 1317 21.39 60.18 9.62
N ASN F 1318 20.64 60.01 10.70
CA ASN F 1318 20.55 58.73 11.41
C ASN F 1318 19.54 57.87 10.68
N THR F 1319 20.01 57.21 9.63
CA THR F 1319 19.19 56.30 8.86
C THR F 1319 19.26 54.86 9.34
N GLN F 1320 20.15 54.56 10.29
CA GLN F 1320 20.22 53.21 10.82
C GLN F 1320 19.20 53.00 11.94
N ILE F 1321 19.09 53.95 12.86
CA ILE F 1321 18.25 53.80 14.03
C ILE F 1321 16.80 54.07 13.63
N SER F 1322 15.94 53.11 13.93
CA SER F 1322 14.52 53.21 13.66
C SER F 1322 13.81 53.84 14.84
N GLU F 1323 12.87 54.74 14.56
CA GLU F 1323 12.24 55.61 15.55
C GLU F 1323 10.76 55.73 15.25
N THR F 1324 9.95 55.88 16.31
CA THR F 1324 8.50 55.92 16.18
C THR F 1324 7.91 57.11 16.92
N HIS F 1325 6.97 57.79 16.29
CA HIS F 1325 6.12 58.80 16.91
C HIS F 1325 4.84 58.08 17.38
N TYR F 1326 3.78 58.83 17.70
CA TYR F 1326 2.54 58.34 18.31
C TYR F 1326 1.88 57.22 17.54
N CYS F 1327 1.42 57.52 16.32
CA CYS F 1327 1.02 56.48 15.39
C CYS F 1327 1.89 56.48 14.14
N ASN F 1328 2.75 57.48 13.98
CA ASN F 1328 3.64 57.54 12.84
C ASN F 1328 4.95 56.83 13.17
N TYR F 1329 5.45 56.08 12.21
CA TYR F 1329 6.64 55.28 12.38
C TYR F 1329 7.63 55.62 11.28
N ALA F 1330 8.91 55.41 11.56
CA ALA F 1330 9.93 55.55 10.54
C ALA F 1330 10.94 54.42 10.70
N ILE F 1331 11.20 53.71 9.60
CA ILE F 1331 11.94 52.45 9.62
C ILE F 1331 13.38 52.72 9.23
N GLY F 1332 14.31 52.22 10.04
CA GLY F 1332 15.72 52.42 9.75
C GLY F 1332 16.20 51.55 8.61
N GLU F 1333 17.12 52.11 7.82
CA GLU F 1333 17.72 51.40 6.71
C GLU F 1333 18.81 50.47 7.24
N THR F 1334 19.00 49.33 6.55
CA THR F 1334 19.96 48.35 7.01
C THR F 1334 21.30 48.42 6.30
N ILE F 1335 21.37 49.06 5.13
CA ILE F 1335 22.61 49.25 4.40
C ILE F 1335 22.68 50.71 3.95
N PRO F 1336 23.62 51.50 4.43
CA PRO F 1336 23.64 52.94 4.09
C PRO F 1336 24.19 53.22 2.70
N LEU F 1337 23.41 52.79 1.69
CA LEU F 1337 23.87 52.80 0.30
C LEU F 1337 24.07 54.22 -0.22
N GLN F 1338 23.34 55.19 0.34
CA GLN F 1338 23.57 56.58 -0.04
C GLN F 1338 24.95 57.04 0.42
N LEU F 1339 25.36 56.65 1.63
CA LEU F 1339 26.73 56.92 2.08
C LEU F 1339 27.75 56.14 1.27
N ILE F 1340 27.37 54.95 0.78
CA ILE F 1340 28.27 54.16 -0.06
C ILE F 1340 28.55 54.88 -1.39
N ILE F 1341 27.50 55.39 -2.02
CA ILE F 1341 27.68 56.15 -3.25
C ILE F 1341 28.41 57.47 -2.98
N GLU F 1342 28.16 58.11 -1.84
CA GLU F 1342 28.88 59.35 -1.54
C GLU F 1342 30.35 59.10 -1.24
N SER F 1343 30.69 57.91 -0.78
CA SER F 1343 32.09 57.54 -0.61
C SER F 1343 32.75 57.12 -1.92
N SER F 1344 31.99 56.66 -2.91
CA SER F 1344 32.57 56.54 -4.25
C SER F 1344 31.82 57.31 -5.32
N GLU G 2 48.98 4.38 55.53
CA GLU G 2 50.08 5.30 55.24
C GLU G 2 51.14 5.26 56.32
N ASN G 3 52.38 5.49 55.94
CA ASN G 3 53.43 5.76 56.91
C ASN G 3 54.03 7.12 56.64
N TRP G 4 54.36 7.82 57.72
CA TRP G 4 55.00 9.11 57.62
C TRP G 4 56.41 9.12 58.19
N GLN G 5 56.77 8.11 58.98
CA GLN G 5 58.14 8.00 59.46
C GLN G 5 59.12 7.72 58.33
N ALA G 6 58.66 7.22 57.19
CA ALA G 6 59.50 7.11 56.00
C ALA G 6 59.99 8.49 55.56
N THR G 7 59.10 9.49 55.57
CA THR G 7 59.52 10.85 55.27
C THR G 7 60.33 11.42 56.42
N GLU G 8 59.90 11.15 57.65
CA GLU G 8 60.54 11.68 58.87
C GLU G 8 61.97 11.18 59.02
N ILE G 9 62.32 10.08 58.37
CA ILE G 9 63.57 9.38 58.61
C ILE G 9 64.44 9.32 57.35
N LEU G 10 63.87 8.90 56.24
CA LEU G 10 64.64 8.42 55.11
C LEU G 10 65.27 9.58 54.33
N PRO G 11 66.27 9.29 53.47
CA PRO G 11 66.87 10.34 52.63
C PRO G 11 65.87 11.07 51.73
N LYS G 12 66.29 12.23 51.26
CA LYS G 12 65.43 13.14 50.51
C LYS G 12 66.24 13.78 49.40
N ILE G 13 65.52 14.43 48.48
CA ILE G 13 66.11 15.14 47.36
C ILE G 13 65.59 16.57 47.43
N GLU G 14 66.50 17.53 47.48
CA GLU G 14 66.10 18.93 47.56
C GLU G 14 65.39 19.36 46.27
N ALA G 15 64.43 20.26 46.41
CA ALA G 15 63.72 20.80 45.27
C ALA G 15 64.10 22.27 45.10
N PRO G 16 64.74 22.64 44.00
CA PRO G 16 65.05 24.06 43.79
C PRO G 16 63.90 24.78 43.11
N LEU G 17 63.59 25.98 43.63
CA LEU G 17 62.62 26.92 43.06
C LEU G 17 61.20 26.32 42.97
N ASN G 18 60.71 25.83 44.09
CA ASN G 18 59.40 25.19 44.12
C ASN G 18 58.29 26.13 43.74
N ILE G 19 58.42 27.38 44.15
CA ILE G 19 57.37 28.35 43.95
C ILE G 19 56.08 27.95 44.66
N PHE G 20 56.16 27.41 45.87
CA PHE G 20 54.91 27.06 46.54
C PHE G 20 54.42 28.35 47.14
N ASN G 21 53.14 28.65 47.02
CA ASN G 21 52.71 29.93 47.58
C ASN G 21 51.91 29.62 48.82
N ASP G 22 52.60 29.70 49.97
CA ASP G 22 51.99 29.63 51.30
C ASP G 22 51.27 28.30 51.51
N ILE G 23 52.08 27.28 51.75
CA ILE G 23 51.56 26.00 52.24
C ILE G 23 50.79 26.15 53.55
N LYS G 24 50.97 27.25 54.29
CA LYS G 24 50.00 27.66 55.30
C LYS G 24 48.58 27.72 54.73
N THR G 25 48.39 28.40 53.58
CA THR G 25 47.08 28.40 52.92
C THR G 25 46.70 27.00 52.49
N TYR G 26 47.64 26.29 51.86
CA TYR G 26 47.35 25.00 51.25
C TYR G 26 46.96 23.98 52.32
N THR G 27 47.66 24.00 53.44
CA THR G 27 47.39 23.12 54.56
C THR G 27 46.11 23.50 55.28
N ALA G 28 45.90 24.81 55.51
CA ALA G 28 44.74 25.26 56.27
C ALA G 28 43.45 25.03 55.50
N GLU G 29 43.39 25.51 54.26
CA GLU G 29 42.22 25.33 53.43
C GLU G 29 42.32 24.11 52.53
N GLN G 30 43.19 23.15 52.89
CA GLN G 30 43.08 21.74 52.53
C GLN G 30 43.10 21.52 51.01
N LEU G 31 44.26 21.78 50.42
CA LEU G 31 44.38 21.48 49.01
C LEU G 31 44.50 19.99 48.73
N PHE G 32 44.78 19.19 49.74
CA PHE G 32 45.26 17.83 49.49
C PHE G 32 44.38 16.74 50.08
N ASP G 33 44.84 15.50 49.96
CA ASP G 33 44.19 14.33 50.53
C ASP G 33 45.00 13.77 51.68
N ASN G 34 46.29 13.54 51.48
CA ASN G 34 47.16 12.97 52.50
C ASN G 34 48.27 13.95 52.83
N LEU G 35 48.14 14.58 53.99
CA LEU G 35 49.14 15.47 54.55
C LEU G 35 49.25 15.18 56.04
N ARG G 36 50.38 15.58 56.62
CA ARG G 36 50.54 15.50 58.06
C ARG G 36 51.45 16.62 58.52
N ILE G 37 51.02 17.32 59.57
CA ILE G 37 51.74 18.46 60.10
C ILE G 37 52.09 18.17 61.54
N TYR G 38 53.15 18.83 62.04
CA TYR G 38 53.31 18.87 63.49
C TYR G 38 54.01 20.16 63.90
N PHE G 39 53.48 20.80 64.94
CA PHE G 39 54.06 22.02 65.49
C PHE G 39 55.03 21.68 66.63
N GLY G 40 54.54 21.02 67.67
CA GLY G 40 55.45 20.42 68.62
C GLY G 40 56.18 19.28 67.95
N ASP G 41 57.50 19.23 68.15
CA ASP G 41 58.34 18.27 67.44
C ASP G 41 58.01 16.85 67.85
N ASP G 42 57.52 16.07 66.89
CA ASP G 42 56.85 14.83 67.18
C ASP G 42 57.90 13.73 67.40
N PRO G 43 57.89 13.05 68.55
CA PRO G 43 58.77 11.90 68.71
C PRO G 43 58.17 10.62 68.18
N SER G 44 57.15 10.71 67.33
CA SER G 44 56.51 9.51 66.81
C SER G 44 57.33 8.82 65.74
N ARG G 45 58.45 9.40 65.30
CA ARG G 45 59.29 8.81 64.28
C ARG G 45 60.28 7.81 64.83
N TYR G 46 60.12 7.36 66.07
CA TYR G 46 61.12 6.51 66.67
C TYR G 46 60.61 5.10 66.98
N ASN G 47 59.31 4.86 66.99
CA ASN G 47 58.81 3.50 67.27
C ASN G 47 58.69 2.71 65.96
N ILE G 48 59.86 2.43 65.38
CA ILE G 48 59.91 1.65 64.15
C ILE G 48 59.65 0.20 64.52
N SER G 49 58.48 -0.30 64.18
CA SER G 49 58.18 -1.71 64.37
C SER G 49 58.23 -2.42 63.02
N PHE G 50 58.24 -3.75 63.10
CA PHE G 50 58.22 -4.57 61.89
C PHE G 50 57.56 -5.90 62.24
N GLU G 51 57.52 -6.77 61.24
CA GLU G 51 56.82 -8.05 61.26
C GLU G 51 57.74 -9.01 60.51
N ALA G 52 58.52 -9.81 61.21
CA ALA G 52 59.60 -10.43 60.46
C ALA G 52 59.15 -11.67 59.72
N LEU G 53 59.96 -12.06 58.76
CA LEU G 53 59.71 -13.24 57.95
C LEU G 53 60.99 -14.04 58.00
N LEU G 54 60.94 -15.20 58.60
CA LEU G 54 62.14 -16.01 58.70
C LEU G 54 62.27 -16.82 57.41
N GLY G 55 63.16 -17.82 57.42
CA GLY G 55 63.42 -18.59 56.23
C GLY G 55 62.21 -19.39 55.77
N ILE G 56 62.27 -19.79 54.52
CA ILE G 56 61.18 -20.46 53.84
C ILE G 56 61.68 -21.85 53.52
N TYR G 57 61.09 -22.87 54.12
CA TYR G 57 61.58 -24.21 53.92
C TYR G 57 60.63 -24.99 53.03
N CYS G 58 61.10 -26.15 52.56
CA CYS G 58 60.31 -26.97 51.65
C CYS G 58 60.62 -28.44 51.85
N ASN G 59 59.83 -29.27 51.18
CA ASN G 59 59.90 -30.70 51.33
C ASN G 59 60.88 -31.29 50.33
N LYS G 60 61.42 -32.45 50.67
CA LYS G 60 62.15 -33.30 49.73
C LYS G 60 61.26 -34.49 49.41
N ILE G 61 60.71 -34.52 48.21
CA ILE G 61 59.94 -35.67 47.75
C ILE G 61 60.93 -36.78 47.44
N GLU G 62 60.88 -37.86 48.22
CA GLU G 62 61.87 -38.91 48.11
C GLU G 62 61.66 -39.74 46.85
N TRP G 63 62.77 -40.16 46.24
CA TRP G 63 62.78 -40.99 45.05
C TRP G 63 62.90 -42.46 45.42
N ILE G 64 62.40 -43.33 44.57
CA ILE G 64 62.52 -44.78 44.79
C ILE G 64 62.86 -45.43 43.47
N ASN G 65 63.94 -46.21 43.46
CA ASN G 65 64.24 -47.12 42.37
C ASN G 65 63.59 -48.47 42.64
N PHE G 66 63.19 -49.16 41.57
CA PHE G 66 62.53 -50.44 41.71
C PHE G 66 63.49 -51.51 42.24
N PHE G 67 64.72 -51.49 41.76
CA PHE G 67 65.69 -52.52 42.14
C PHE G 67 66.34 -52.23 43.48
N THR G 68 65.99 -51.13 44.14
CA THR G 68 66.45 -50.89 45.50
C THR G 68 65.59 -51.64 46.51
N THR G 69 64.28 -51.59 46.34
CA THR G 69 63.35 -52.26 47.25
C THR G 69 63.42 -53.77 47.08
N PRO G 70 63.21 -54.54 48.17
CA PRO G 70 63.39 -56.00 48.07
C PRO G 70 62.19 -56.73 47.51
N ILE G 71 61.28 -56.01 46.85
CA ILE G 71 60.23 -56.67 46.09
C ILE G 71 60.79 -57.20 44.77
N ALA G 72 61.92 -56.66 44.33
CA ALA G 72 62.50 -57.05 43.06
C ALA G 72 63.23 -58.38 43.12
N VAL G 73 63.40 -58.98 44.30
CA VAL G 73 63.89 -60.35 44.32
C VAL G 73 62.75 -61.31 43.99
N ALA G 74 61.51 -60.92 44.30
CA ALA G 74 60.38 -61.65 43.76
C ALA G 74 60.14 -61.32 42.30
N ALA G 75 60.49 -60.09 41.90
CA ALA G 75 60.29 -59.70 40.52
C ALA G 75 61.42 -60.19 39.62
N ASN G 76 61.17 -60.15 38.30
CA ASN G 76 62.18 -60.37 37.27
C ASN G 76 61.70 -59.67 36.02
N VAL G 77 62.25 -58.49 35.73
CA VAL G 77 61.57 -57.50 34.90
C VAL G 77 62.36 -57.28 33.61
N ILE G 78 61.66 -57.40 32.49
CA ILE G 78 62.24 -57.28 31.15
C ILE G 78 61.40 -56.31 30.33
N ARG G 79 62.05 -55.36 29.68
CA ARG G 79 61.37 -54.48 28.74
C ARG G 79 61.04 -55.20 27.45
N PHE G 80 59.89 -54.83 26.89
CA PHE G 80 59.35 -55.46 25.69
C PHE G 80 58.41 -54.43 25.09
N ASN G 81 58.82 -53.81 24.01
CA ASN G 81 58.19 -52.55 23.62
C ASN G 81 56.88 -52.72 22.85
N ASP G 82 56.38 -53.95 22.66
CA ASP G 82 55.11 -54.16 21.99
C ASP G 82 54.19 -55.08 22.80
N VAL G 83 54.31 -55.03 24.13
CA VAL G 83 53.39 -55.79 24.97
C VAL G 83 52.02 -55.14 24.97
N SER G 84 51.93 -53.87 24.57
CA SER G 84 50.64 -53.26 24.28
C SER G 84 49.97 -53.97 23.12
N ARG G 85 50.76 -54.45 22.15
CA ARG G 85 50.21 -55.22 21.04
C ARG G 85 50.15 -56.71 21.31
N MET G 86 50.76 -57.20 22.38
CA MET G 86 50.63 -58.61 22.71
C MET G 86 49.29 -58.86 23.38
N THR G 87 48.49 -59.75 22.79
CA THR G 87 47.21 -60.13 23.39
C THR G 87 47.42 -60.94 24.66
N LEU G 88 48.12 -62.06 24.54
CA LEU G 88 48.40 -62.92 25.66
C LEU G 88 49.82 -63.42 25.53
N GLY G 89 50.48 -63.58 26.67
CA GLY G 89 51.75 -64.26 26.69
C GLY G 89 51.61 -65.52 27.51
N LYS G 90 52.04 -66.65 26.96
CA LYS G 90 51.90 -67.91 27.67
C LYS G 90 53.25 -68.61 27.73
N VAL G 91 53.36 -69.52 28.70
CA VAL G 91 54.48 -70.44 28.79
C VAL G 91 53.93 -71.85 28.82
N LEU G 92 54.73 -72.79 28.31
CA LEU G 92 54.29 -74.14 28.04
C LEU G 92 55.24 -75.10 28.74
N PHE G 93 54.70 -75.95 29.62
CA PHE G 93 55.50 -76.85 30.43
C PHE G 93 55.15 -78.29 30.09
N PHE G 94 56.17 -79.13 30.05
CA PHE G 94 56.10 -80.51 29.60
C PHE G 94 56.65 -81.39 30.71
N ILE G 95 55.78 -82.09 31.41
CA ILE G 95 56.18 -82.93 32.51
C ILE G 95 55.99 -84.37 32.06
N GLN G 96 56.92 -85.24 32.43
CA GLN G 96 56.70 -86.67 32.32
C GLN G 96 56.74 -87.26 33.72
N LEU G 97 56.07 -88.39 33.89
CA LEU G 97 56.10 -88.90 35.25
C LEU G 97 56.87 -90.21 35.30
N PRO G 98 57.62 -90.45 36.37
CA PRO G 98 58.29 -91.74 36.54
C PRO G 98 57.29 -92.83 36.86
N ARG G 99 57.68 -94.05 36.53
CA ARG G 99 56.82 -95.20 36.67
C ARG G 99 57.51 -96.27 37.51
N VAL G 100 56.74 -96.90 38.39
CA VAL G 100 57.24 -97.98 39.24
C VAL G 100 56.62 -99.29 38.75
N ALA G 101 57.43 -100.35 38.76
CA ALA G 101 56.95 -101.66 38.33
C ALA G 101 56.00 -102.23 39.38
N THR G 102 54.99 -102.97 38.91
CA THR G 102 53.92 -103.38 39.78
C THR G 102 54.13 -104.79 40.33
N GLY G 103 53.36 -105.10 41.37
CA GLY G 103 53.41 -106.39 42.01
C GLY G 103 52.74 -107.47 41.19
N ASN G 104 52.74 -108.66 41.78
CA ASN G 104 52.19 -109.85 41.13
C ASN G 104 50.69 -109.74 40.97
N ASP G 105 50.22 -110.02 39.74
CA ASP G 105 48.81 -110.07 39.36
C ASP G 105 48.10 -108.74 39.65
N VAL G 106 48.77 -107.63 39.33
CA VAL G 106 48.27 -106.28 39.53
C VAL G 106 48.44 -105.50 38.23
N THR G 107 47.41 -104.74 37.85
CA THR G 107 47.45 -103.89 36.66
C THR G 107 48.53 -102.82 36.77
N ALA G 108 49.24 -102.56 35.63
CA ALA G 108 50.35 -101.61 35.58
C ALA G 108 49.91 -100.29 35.00
N PRO G 109 50.32 -99.16 35.59
CA PRO G 109 50.06 -97.87 34.96
C PRO G 109 50.92 -97.69 33.72
N LYS G 110 50.45 -96.85 32.81
CA LYS G 110 51.14 -96.62 31.55
C LYS G 110 51.94 -95.33 31.64
N GLU G 111 52.59 -94.97 30.55
CA GLU G 111 53.46 -93.79 30.55
C GLU G 111 52.62 -92.51 30.57
N THR G 112 52.84 -91.69 31.58
CA THR G 112 52.06 -90.48 31.81
C THR G 112 52.87 -89.26 31.42
N THR G 113 52.33 -88.46 30.52
CA THR G 113 52.98 -87.22 30.13
C THR G 113 51.95 -86.10 30.21
N ILE G 114 52.30 -85.08 30.98
CA ILE G 114 51.45 -83.95 31.30
C ILE G 114 51.92 -82.74 30.52
N MET G 115 50.99 -82.00 29.94
CA MET G 115 51.31 -80.75 29.26
C MET G 115 50.43 -79.67 29.87
N VAL G 116 51.04 -78.56 30.28
CA VAL G 116 50.28 -77.43 30.84
C VAL G 116 50.75 -76.15 30.18
N ALA G 117 49.95 -75.09 30.36
CA ALA G 117 50.26 -73.80 29.76
C ALA G 117 49.79 -72.70 30.70
N LYS G 118 50.73 -71.99 31.30
CA LYS G 118 50.40 -70.84 32.13
C LYS G 118 50.21 -69.60 31.26
N HIS G 119 49.29 -68.74 31.68
CA HIS G 119 48.93 -67.57 30.91
C HIS G 119 49.44 -66.30 31.58
N SER G 120 49.31 -65.20 30.86
CA SER G 120 49.78 -63.90 31.31
C SER G 120 48.61 -63.00 31.64
N GLU G 121 48.64 -62.41 32.82
CA GLU G 121 47.79 -61.26 33.06
C GLU G 121 48.49 -60.05 32.47
N LYS G 122 47.72 -59.02 32.12
CA LYS G 122 48.37 -57.75 31.85
C LYS G 122 47.53 -56.62 32.41
N HIS G 123 48.23 -55.55 32.77
CA HIS G 123 47.72 -54.56 33.70
C HIS G 123 48.37 -53.21 33.42
N PRO G 124 47.59 -52.17 33.20
CA PRO G 124 48.20 -50.85 32.94
C PRO G 124 48.31 -50.00 34.17
N ILE G 125 49.22 -49.01 34.14
CA ILE G 125 49.25 -47.94 35.13
C ILE G 125 49.32 -46.63 34.36
N ASN G 126 48.81 -45.56 34.95
CA ASN G 126 48.95 -44.26 34.34
C ASN G 126 49.10 -43.16 35.39
N ILE G 127 49.59 -42.02 34.94
CA ILE G 127 49.90 -40.86 35.77
C ILE G 127 49.64 -39.57 35.00
N SER G 128 48.86 -38.67 35.58
CA SER G 128 48.49 -37.44 34.90
C SER G 128 48.82 -36.22 35.73
N PHE G 129 49.23 -35.16 35.04
CA PHE G 129 49.59 -33.91 35.71
C PHE G 129 49.43 -32.79 34.72
N ASP G 130 49.12 -31.61 35.20
CA ASP G 130 48.86 -30.51 34.29
C ASP G 130 49.80 -29.34 34.53
N LEU G 131 49.77 -28.44 33.57
CA LEU G 131 50.42 -27.14 33.62
C LEU G 131 49.36 -26.14 33.15
N SER G 132 49.19 -25.05 33.88
CA SER G 132 48.12 -24.12 33.51
C SER G 132 48.48 -23.34 32.25
N ALA G 133 47.49 -22.66 31.68
CA ALA G 133 47.76 -21.89 30.47
C ALA G 133 48.45 -20.57 30.76
N ALA G 134 48.18 -19.98 31.93
CA ALA G 134 48.99 -18.84 32.37
C ALA G 134 50.44 -19.25 32.54
N CYS G 135 50.67 -20.46 33.05
CA CYS G 135 52.00 -21.03 33.12
C CYS G 135 52.57 -21.21 31.72
N LEU G 136 51.76 -21.71 30.80
CA LEU G 136 52.20 -21.96 29.43
C LEU G 136 52.58 -20.68 28.70
N GLU G 137 51.92 -19.58 29.05
CA GLU G 137 52.36 -18.27 28.57
C GLU G 137 53.68 -17.86 29.21
N HIS G 138 53.85 -18.15 30.50
CA HIS G 138 55.14 -17.78 31.07
C HIS G 138 56.24 -18.80 30.80
N LEU G 139 55.95 -19.88 30.07
CA LEU G 139 56.95 -20.90 29.77
C LEU G 139 58.09 -20.34 28.92
N GLU G 140 57.78 -19.87 27.72
CA GLU G 140 58.95 -19.50 26.92
C GLU G 140 58.88 -18.10 26.34
N ASN G 141 57.72 -17.64 25.87
CA ASN G 141 57.71 -16.34 25.22
C ASN G 141 57.68 -15.28 26.30
N THR G 142 58.86 -14.74 26.62
CA THR G 142 58.93 -13.58 27.47
C THR G 142 58.29 -12.41 26.74
N PHE G 143 57.28 -11.83 27.38
CA PHE G 143 56.62 -10.66 26.82
C PHE G 143 57.61 -9.51 26.69
N LYS G 144 58.31 -9.21 27.78
CA LYS G 144 59.37 -8.22 27.79
C LYS G 144 60.48 -8.78 28.66
N ASN G 145 61.60 -8.09 28.70
CA ASN G 145 62.65 -8.43 29.65
C ASN G 145 62.50 -7.62 30.93
N THR G 146 61.31 -7.72 31.52
CA THR G 146 61.13 -7.22 32.87
C THR G 146 61.59 -8.29 33.84
N VAL G 147 62.06 -7.84 35.00
CA VAL G 147 62.61 -8.75 36.00
C VAL G 147 61.51 -9.66 36.53
N ILE G 148 60.27 -9.16 36.59
CA ILE G 148 59.12 -9.96 37.01
C ILE G 148 58.86 -11.08 36.01
N ASP G 149 58.93 -10.77 34.71
CA ASP G 149 58.75 -11.79 33.69
C ASP G 149 59.86 -12.82 33.75
N GLN G 150 61.08 -12.40 34.10
CA GLN G 150 62.15 -13.37 34.25
C GLN G 150 61.91 -14.31 35.44
N ILE G 151 61.44 -13.74 36.56
CA ILE G 151 61.13 -14.56 37.74
C ILE G 151 60.04 -15.58 37.43
N LEU G 152 58.97 -15.13 36.77
CA LEU G 152 57.85 -16.01 36.44
C LEU G 152 58.24 -17.05 35.39
N ASN G 153 59.10 -16.67 34.43
CA ASN G 153 59.64 -17.62 33.46
C ASN G 153 60.39 -18.75 34.15
N ILE G 154 61.32 -18.41 35.04
CA ILE G 154 62.17 -19.45 35.62
C ILE G 154 61.37 -20.29 36.61
N ASN G 155 60.34 -19.73 37.24
CA ASN G 155 59.48 -20.53 38.11
C ASN G 155 58.57 -21.46 37.32
N ALA G 156 58.06 -20.99 36.17
CA ALA G 156 57.27 -21.87 35.31
C ALA G 156 58.11 -23.03 34.82
N LEU G 157 59.37 -22.76 34.46
CA LEU G 157 60.28 -23.81 34.00
C LEU G 157 60.56 -24.83 35.10
N HIS G 158 60.78 -24.36 36.34
CA HIS G 158 60.99 -25.29 37.43
C HIS G 158 59.75 -26.09 37.77
N THR G 159 58.56 -25.47 37.63
CA THR G 159 57.31 -26.19 37.83
C THR G 159 57.15 -27.33 36.83
N VAL G 160 57.50 -27.07 35.56
CA VAL G 160 57.41 -28.10 34.53
C VAL G 160 58.36 -29.24 34.83
N LEU G 161 59.65 -28.92 35.06
CA LEU G 161 60.66 -29.95 35.25
C LEU G 161 60.37 -30.80 36.48
N ARG G 162 59.95 -30.15 37.57
CA ARG G 162 59.75 -30.86 38.80
C ARG G 162 58.45 -31.66 38.78
N SER G 163 57.44 -31.23 38.01
CA SER G 163 56.22 -32.03 37.88
C SER G 163 56.47 -33.26 37.01
N LEU G 164 57.28 -33.11 35.94
CA LEU G 164 57.70 -34.26 35.15
C LEU G 164 58.44 -35.28 36.02
N LYS G 165 59.30 -34.78 36.90
CA LYS G 165 60.01 -35.62 37.86
C LYS G 165 59.04 -36.39 38.75
N ASN G 166 58.11 -35.66 39.37
CA ASN G 166 57.11 -36.24 40.27
C ASN G 166 56.29 -37.31 39.57
N SER G 167 55.98 -37.08 38.29
CA SER G 167 55.26 -38.07 37.50
C SER G 167 56.09 -39.32 37.23
N ALA G 168 57.40 -39.18 37.03
CA ALA G 168 58.23 -40.37 36.82
C ALA G 168 58.34 -41.23 38.08
N ASP G 169 58.54 -40.56 39.23
CA ASP G 169 58.42 -41.22 40.54
C ASP G 169 57.07 -41.90 40.69
N SER G 170 56.02 -41.25 40.20
CA SER G 170 54.67 -41.75 40.39
C SER G 170 54.44 -43.02 39.58
N LEU G 171 55.00 -43.08 38.38
CA LEU G 171 54.98 -44.32 37.60
C LEU G 171 55.74 -45.44 38.31
N GLU G 172 56.89 -45.10 38.92
CA GLU G 172 57.67 -46.12 39.64
C GLU G 172 56.90 -46.69 40.82
N ARG G 173 56.26 -45.81 41.60
CA ARG G 173 55.57 -46.30 42.78
C ARG G 173 54.28 -47.02 42.42
N GLY G 174 53.67 -46.67 41.29
CA GLY G 174 52.54 -47.44 40.84
C GLY G 174 52.94 -48.78 40.26
N LEU G 175 54.15 -48.89 39.73
CA LEU G 175 54.68 -50.21 39.39
C LEU G 175 54.81 -51.07 40.65
N ILE G 176 55.32 -50.46 41.74
CA ILE G 176 55.37 -51.13 43.04
C ILE G 176 53.97 -51.58 43.47
N HIS G 177 53.00 -50.66 43.40
CA HIS G 177 51.66 -50.92 43.92
C HIS G 177 50.91 -51.94 43.08
N ALA G 178 51.09 -51.90 41.76
CA ALA G 178 50.41 -52.86 40.90
C ALA G 178 51.00 -54.25 41.06
N PHE G 179 52.32 -54.35 41.21
CA PHE G 179 52.92 -55.65 41.44
C PHE G 179 52.52 -56.22 42.79
N MET G 180 52.43 -55.36 43.81
CA MET G 180 51.99 -55.81 45.13
C MET G 180 50.52 -56.23 45.11
N GLN G 181 49.71 -55.49 44.34
CA GLN G 181 48.32 -55.81 44.09
C GLN G 181 48.17 -57.21 43.50
N THR G 182 48.99 -57.52 42.51
CA THR G 182 48.88 -58.84 41.87
C THR G 182 49.37 -59.96 42.77
N LEU G 183 50.43 -59.71 43.57
CA LEU G 183 50.87 -60.74 44.51
C LEU G 183 49.80 -61.06 45.55
N LEU G 184 49.13 -60.02 46.05
CA LEU G 184 48.05 -60.28 47.02
C LEU G 184 46.82 -60.87 46.35
N ARG G 185 46.60 -60.63 45.06
CA ARG G 185 45.54 -61.35 44.37
C ARG G 185 45.90 -62.81 44.16
N LYS G 186 47.17 -63.11 43.95
CA LYS G 186 47.59 -64.47 43.70
C LYS G 186 47.64 -65.31 44.96
N SER G 187 47.98 -64.71 46.10
CA SER G 187 48.38 -65.49 47.27
C SER G 187 47.19 -66.16 47.93
N PRO G 188 47.23 -67.48 48.13
CA PRO G 188 46.20 -68.15 48.92
C PRO G 188 46.56 -68.10 50.39
N PRO G 189 45.58 -68.26 51.29
CA PRO G 189 45.89 -68.23 52.72
C PRO G 189 46.64 -69.46 53.19
N GLN G 190 47.37 -69.25 54.30
CA GLN G 190 48.33 -70.22 54.81
C GLN G 190 47.68 -71.52 55.22
N PHE G 191 46.45 -71.48 55.75
CA PHE G 191 45.83 -72.71 56.22
C PHE G 191 45.46 -73.62 55.06
N ILE G 192 45.02 -73.04 53.94
CA ILE G 192 44.80 -73.83 52.73
C ILE G 192 46.12 -74.38 52.21
N VAL G 193 47.19 -73.56 52.26
CA VAL G 193 48.48 -73.99 51.71
C VAL G 193 49.06 -75.16 52.52
N LEU G 194 48.88 -75.14 53.84
CA LEU G 194 49.35 -76.26 54.66
C LEU G 194 48.51 -77.51 54.44
N THR G 195 47.18 -77.34 54.38
CA THR G 195 46.27 -78.47 54.32
C THR G 195 46.40 -79.22 52.99
N MET G 196 46.69 -78.47 51.90
CA MET G 196 46.81 -79.10 50.59
C MET G 196 48.04 -79.99 50.51
N ASN G 197 49.16 -79.56 51.10
CA ASN G 197 50.36 -80.38 51.07
C ASN G 197 50.24 -81.55 52.03
N GLU G 198 49.46 -81.39 53.11
CA GLU G 198 49.22 -82.54 53.98
C GLU G 198 48.37 -83.60 53.30
N ASN G 199 47.36 -83.18 52.54
CA ASN G 199 46.46 -84.12 51.87
C ASN G 199 46.93 -84.40 50.45
N LYS G 200 47.96 -85.24 50.36
CA LYS G 200 48.42 -85.69 49.06
C LYS G 200 47.43 -86.67 48.45
N VAL G 201 47.21 -86.56 47.16
CA VAL G 201 46.41 -87.55 46.45
C VAL G 201 47.38 -88.57 45.86
N HIS G 202 46.96 -89.82 45.83
CA HIS G 202 47.84 -90.85 45.35
C HIS G 202 47.80 -90.92 43.82
N ASN G 203 48.63 -91.82 43.29
CA ASN G 203 48.69 -92.06 41.85
C ASN G 203 47.42 -92.69 41.30
N LYS G 204 46.60 -93.30 42.16
CA LYS G 204 45.56 -94.20 41.69
C LYS G 204 44.35 -93.45 41.16
N GLN G 205 43.96 -92.35 41.79
CA GLN G 205 42.70 -91.69 41.47
C GLN G 205 42.90 -90.18 41.42
N ALA G 206 41.79 -89.46 41.32
CA ALA G 206 41.72 -88.06 41.69
C ALA G 206 41.41 -87.98 43.18
N LEU G 207 41.09 -86.78 43.67
CA LEU G 207 40.91 -86.60 45.10
C LEU G 207 39.59 -87.22 45.56
N SER G 208 39.64 -87.98 46.64
CA SER G 208 38.45 -88.71 47.06
C SER G 208 37.54 -87.85 47.91
N ARG G 209 36.30 -88.32 48.06
CA ARG G 209 35.31 -87.62 48.86
C ARG G 209 35.68 -87.60 50.34
N VAL G 210 36.16 -88.74 50.84
CA VAL G 210 36.62 -88.83 52.22
C VAL G 210 37.82 -87.92 52.45
N GLN G 211 38.73 -87.89 51.45
CA GLN G 211 39.89 -87.01 51.48
C GLN G 211 39.49 -85.55 51.59
N ARG G 212 38.53 -85.11 50.77
CA ARG G 212 38.19 -83.70 50.79
C ARG G 212 37.31 -83.32 51.97
N SER G 213 36.54 -84.27 52.52
CA SER G 213 35.76 -83.97 53.72
C SER G 213 36.67 -83.80 54.94
N ASN G 214 37.64 -84.72 55.11
CA ASN G 214 38.61 -84.55 56.18
C ASN G 214 39.51 -83.35 55.93
N MET G 215 39.73 -83.00 54.67
CA MET G 215 40.44 -81.78 54.32
C MET G 215 39.68 -80.55 54.79
N PHE G 216 38.35 -80.56 54.64
CA PHE G 216 37.53 -79.45 55.11
C PHE G 216 37.56 -79.32 56.62
N GLN G 217 37.50 -80.46 57.33
CA GLN G 217 37.61 -80.43 58.78
C GLN G 217 38.98 -79.93 59.23
N SER G 218 40.02 -80.29 58.49
CA SER G 218 41.35 -79.77 58.78
C SER G 218 41.42 -78.27 58.51
N LEU G 219 40.71 -77.78 57.49
CA LEU G 219 40.67 -76.34 57.23
C LEU G 219 40.01 -75.59 58.38
N LYS G 220 38.92 -76.15 58.93
CA LYS G 220 38.31 -75.62 60.15
C LYS G 220 39.32 -75.51 61.28
N ASN G 221 40.07 -76.59 61.52
CA ASN G 221 40.99 -76.61 62.66
C ASN G 221 42.16 -75.65 62.48
N ARG G 222 42.76 -75.63 61.27
CA ARG G 222 43.88 -74.72 61.01
C ARG G 222 43.44 -73.26 61.10
N LEU G 223 42.24 -72.96 60.62
CA LEU G 223 41.74 -71.60 60.71
C LEU G 223 41.49 -71.19 62.15
N LEU G 224 40.81 -72.03 62.91
CA LEU G 224 40.48 -71.63 64.28
C LEU G 224 41.66 -71.69 65.23
N THR G 225 42.78 -72.32 64.85
CA THR G 225 43.98 -72.25 65.68
C THR G 225 44.95 -71.18 65.22
N SER G 226 45.39 -71.21 63.96
CA SER G 226 46.53 -70.40 63.54
C SER G 226 46.10 -69.09 62.89
N LEU G 227 45.02 -68.48 63.38
CA LEU G 227 44.49 -67.29 62.71
C LEU G 227 45.27 -66.03 63.07
N PHE G 228 45.21 -65.62 64.33
CA PHE G 228 45.84 -64.38 64.78
C PHE G 228 47.21 -64.74 65.32
N PHE G 229 48.23 -64.37 64.58
CA PHE G 229 49.49 -65.10 64.66
C PHE G 229 50.53 -64.46 65.56
N LEU G 230 50.87 -63.19 65.31
CA LEU G 230 51.83 -62.51 66.18
C LEU G 230 51.27 -62.24 67.56
N ASN G 231 49.96 -62.34 67.72
CA ASN G 231 49.31 -61.81 68.90
C ASN G 231 49.11 -62.86 69.97
N ARG G 232 48.89 -64.11 69.58
CA ARG G 232 48.54 -65.15 70.56
C ARG G 232 49.74 -65.59 71.38
N ASN G 233 50.87 -65.85 70.74
CA ASN G 233 52.04 -66.41 71.41
C ASN G 233 53.23 -65.46 71.23
N ASN G 234 54.11 -65.45 72.23
CA ASN G 234 55.32 -64.64 72.15
C ASN G 234 56.60 -65.47 72.02
N ASN G 235 56.48 -66.78 71.90
CA ASN G 235 57.65 -67.64 71.89
C ASN G 235 58.42 -67.50 70.59
N SER G 236 59.71 -67.20 70.73
CA SER G 236 60.61 -67.06 69.59
C SER G 236 60.69 -68.34 68.79
N SER G 237 60.73 -69.49 69.48
CA SER G 237 60.82 -70.78 68.82
C SER G 237 59.57 -71.08 68.02
N TYR G 238 58.39 -70.77 68.57
CA TYR G 238 57.14 -71.09 67.90
C TYR G 238 56.91 -70.20 66.68
N ILE G 239 57.18 -68.89 66.83
CA ILE G 239 56.95 -67.99 65.71
C ILE G 239 57.99 -68.21 64.62
N TYR G 240 59.22 -68.56 65.02
CA TYR G 240 60.24 -68.98 64.08
C TYR G 240 59.84 -70.25 63.35
N ARG G 241 59.16 -71.16 64.05
CA ARG G 241 58.70 -72.41 63.45
C ARG G 241 57.65 -72.17 62.38
N ILE G 242 56.69 -71.28 62.64
CA ILE G 242 55.67 -71.09 61.62
C ILE G 242 56.17 -70.21 60.47
N LEU G 243 57.14 -69.30 60.71
CA LEU G 243 57.77 -68.63 59.57
C LEU G 243 58.56 -69.62 58.72
N ASN G 244 59.15 -70.63 59.34
CA ASN G 244 59.72 -71.75 58.60
C ASN G 244 58.66 -72.52 57.84
N ASP G 245 57.46 -72.62 58.42
CA ASP G 245 56.38 -73.34 57.74
C ASP G 245 55.90 -72.61 56.50
N MET G 246 55.88 -71.27 56.54
CA MET G 246 55.60 -70.50 55.33
C MET G 246 56.67 -70.73 54.27
N MET G 247 57.94 -70.61 54.66
CA MET G 247 59.04 -70.71 53.70
C MET G 247 59.22 -72.12 53.17
N GLU G 248 58.72 -73.13 53.87
CA GLU G 248 58.70 -74.48 53.32
C GLU G 248 57.43 -74.76 52.53
N SER G 249 56.31 -74.14 52.89
CA SER G 249 55.07 -74.37 52.18
C SER G 249 55.03 -73.70 50.82
N VAL G 250 55.87 -72.71 50.59
CA VAL G 250 55.92 -72.04 49.29
C VAL G 250 56.83 -72.81 48.33
N THR G 251 56.32 -73.09 47.14
CA THR G 251 57.05 -73.80 46.09
C THR G 251 58.10 -72.90 45.43
N GLU G 252 58.98 -73.53 44.66
CA GLU G 252 60.11 -72.88 44.02
C GLU G 252 59.76 -72.43 42.61
N SER G 253 60.38 -71.32 42.18
CA SER G 253 60.20 -70.76 40.84
C SER G 253 61.06 -71.52 39.83
N ILE G 254 61.03 -71.09 38.57
CA ILE G 254 61.56 -71.93 37.49
C ILE G 254 62.95 -71.51 37.05
N LEU G 255 63.24 -70.22 36.94
CA LEU G 255 64.54 -69.85 36.39
C LEU G 255 65.55 -69.76 37.53
N ASN G 256 66.68 -70.42 37.32
CA ASN G 256 67.78 -70.45 38.28
C ASN G 256 68.94 -69.73 37.60
N ASP G 257 69.06 -68.44 37.87
CA ASP G 257 70.22 -67.69 37.42
C ASP G 257 71.29 -67.76 38.50
N THR G 258 72.53 -67.95 38.05
CA THR G 258 73.67 -67.98 38.95
C THR G 258 73.90 -66.62 39.60
N ASN G 259 73.52 -65.53 38.92
CA ASN G 259 73.91 -64.20 39.35
C ASN G 259 72.77 -63.31 39.84
N ASN G 260 71.51 -63.67 39.59
CA ASN G 260 70.40 -62.87 40.10
C ASN G 260 70.22 -63.13 41.58
N TYR G 261 70.48 -62.08 42.39
CA TYR G 261 70.33 -62.09 43.85
C TYR G 261 71.19 -63.16 44.51
N THR G 262 72.44 -63.19 44.08
CA THR G 262 73.40 -64.15 44.58
C THR G 262 74.22 -63.50 45.68
N SER G 263 74.40 -64.22 46.78
CA SER G 263 75.21 -63.73 47.89
C SER G 263 76.69 -63.96 47.57
N LYS G 264 77.56 -63.70 48.54
CA LYS G 264 78.97 -63.95 48.37
C LYS G 264 79.25 -65.45 48.31
N GLU G 265 80.22 -65.82 47.46
CA GLU G 265 80.64 -67.20 47.21
C GLU G 265 79.49 -68.08 46.71
N ASN G 266 78.58 -67.47 45.94
CA ASN G 266 77.55 -68.15 45.14
C ASN G 266 76.61 -69.00 46.00
N ILE G 267 75.87 -68.32 46.86
CA ILE G 267 74.75 -68.92 47.57
C ILE G 267 73.51 -68.10 47.22
N PRO G 268 72.49 -68.70 46.59
CA PRO G 268 71.33 -67.92 46.16
C PRO G 268 70.42 -67.57 47.33
N LEU G 269 70.10 -66.29 47.45
CA LEU G 269 69.02 -65.87 48.32
C LEU G 269 67.70 -66.43 47.78
N ASP G 270 66.84 -66.90 48.68
CA ASP G 270 65.66 -67.67 48.28
C ASP G 270 64.43 -67.02 48.89
N GLY G 271 63.94 -65.96 48.24
CA GLY G 271 62.64 -65.42 48.54
C GLY G 271 62.68 -64.19 49.42
N VAL G 272 61.51 -63.56 49.54
CA VAL G 272 61.34 -62.38 50.37
C VAL G 272 60.12 -62.57 51.28
N LEU G 273 60.31 -62.22 52.54
CA LEU G 273 59.25 -62.09 53.53
C LEU G 273 59.08 -60.60 53.78
N LEU G 274 57.97 -60.07 53.31
CA LEU G 274 57.70 -58.65 53.49
C LEU G 274 56.36 -58.48 54.15
N GLY G 275 56.31 -57.56 55.09
CA GLY G 275 55.08 -57.28 55.79
C GLY G 275 54.88 -55.80 55.94
N PRO G 276 53.98 -55.40 56.83
CA PRO G 276 53.97 -54.02 57.29
C PRO G 276 54.82 -53.84 58.53
N ILE G 277 55.13 -52.57 58.81
CA ILE G 277 56.12 -52.26 59.82
C ILE G 277 55.61 -52.59 61.22
N GLY G 278 54.29 -52.58 61.43
CA GLY G 278 53.74 -52.96 62.72
C GLY G 278 53.94 -54.42 63.04
N SER G 279 53.90 -55.29 62.03
CA SER G 279 54.31 -56.67 62.24
C SER G 279 55.81 -56.77 62.42
N ILE G 280 56.57 -56.06 61.60
CA ILE G 280 57.99 -56.35 61.50
C ILE G 280 58.79 -55.82 62.70
N GLN G 281 58.30 -54.79 63.38
CA GLN G 281 58.92 -54.38 64.64
C GLN G 281 58.84 -55.48 65.69
N LYS G 282 57.66 -56.08 65.83
CA LYS G 282 57.49 -57.21 66.74
C LYS G 282 58.32 -58.41 66.29
N LEU G 283 58.41 -58.61 64.97
CA LEU G 283 59.19 -59.73 64.45
C LEU G 283 60.67 -59.58 64.73
N THR G 284 61.21 -58.36 64.62
CA THR G 284 62.59 -58.12 64.99
C THR G 284 62.82 -58.30 66.49
N ASN G 285 61.86 -57.84 67.30
CA ASN G 285 62.01 -57.95 68.75
C ASN G 285 62.02 -59.41 69.21
N ILE G 286 61.23 -60.26 68.54
CA ILE G 286 61.17 -61.65 68.95
C ILE G 286 62.19 -62.54 68.24
N LEU G 287 62.75 -62.08 67.13
CA LEU G 287 63.65 -62.93 66.35
C LEU G 287 64.94 -62.20 65.99
N SER G 288 65.43 -61.34 66.88
CA SER G 288 66.68 -60.63 66.63
C SER G 288 67.91 -61.54 66.66
N GLN G 289 67.79 -62.80 67.10
CA GLN G 289 68.90 -63.73 67.02
C GLN G 289 69.24 -64.08 65.58
N TYR G 290 68.24 -64.04 64.69
CA TYR G 290 68.32 -64.66 63.38
C TYR G 290 68.31 -63.64 62.25
N ILE G 291 68.45 -62.35 62.56
CA ILE G 291 68.35 -61.29 61.57
C ILE G 291 69.74 -60.75 61.29
N SER G 292 70.15 -60.78 60.03
CA SER G 292 71.43 -60.24 59.61
C SER G 292 71.23 -59.33 58.42
N THR G 293 72.28 -58.59 58.09
CA THR G 293 72.32 -57.74 56.91
C THR G 293 73.56 -58.09 56.12
N GLN G 294 73.40 -58.42 54.85
CA GLN G 294 74.52 -58.85 54.03
C GLN G 294 74.40 -58.24 52.65
N VAL G 295 75.49 -58.33 51.89
CA VAL G 295 75.62 -57.71 50.58
C VAL G 295 75.30 -58.76 49.52
N VAL G 296 74.33 -58.45 48.67
CA VAL G 296 73.81 -59.39 47.69
C VAL G 296 73.98 -58.79 46.30
N SER G 297 74.54 -59.59 45.39
CA SER G 297 74.74 -59.18 44.00
C SER G 297 73.39 -59.10 43.31
N ALA G 298 72.87 -57.89 43.17
CA ALA G 298 71.53 -57.65 42.67
C ALA G 298 71.58 -57.06 41.27
N PRO G 299 70.54 -57.27 40.46
CA PRO G 299 70.45 -56.55 39.18
C PRO G 299 70.05 -55.11 39.40
N ILE G 300 70.42 -54.28 38.43
CA ILE G 300 70.12 -52.85 38.49
C ILE G 300 69.35 -52.35 37.29
N SER G 301 69.38 -53.03 36.14
CA SER G 301 68.69 -52.56 34.95
C SER G 301 67.68 -53.59 34.48
N TYR G 302 66.77 -53.13 33.61
CA TYR G 302 65.77 -54.00 33.04
C TYR G 302 66.40 -54.93 32.00
N GLY G 303 65.77 -56.07 31.79
CA GLY G 303 66.16 -56.90 30.67
C GLY G 303 65.65 -56.34 29.36
N HIS G 304 66.13 -56.90 28.26
CA HIS G 304 65.63 -56.56 26.93
C HIS G 304 64.91 -57.76 26.33
N PHE G 305 63.97 -57.47 25.42
CA PHE G 305 63.66 -58.43 24.36
C PHE G 305 63.20 -57.67 23.13
N ILE G 306 64.01 -57.72 22.08
CA ILE G 306 63.73 -57.08 20.80
C ILE G 306 63.42 -58.19 19.78
N MET G 307 62.44 -57.96 18.92
CA MET G 307 61.93 -59.00 18.04
C MET G 307 62.83 -59.19 16.81
N GLY G 308 62.40 -60.14 15.96
CA GLY G 308 62.98 -60.31 14.65
C GLY G 308 61.91 -60.32 13.57
N LYS G 309 62.39 -60.34 12.32
CA LYS G 309 61.51 -60.34 11.15
C LYS G 309 60.63 -61.59 11.10
N GLU G 310 61.17 -62.73 11.55
CA GLU G 310 60.43 -63.97 11.61
C GLU G 310 59.22 -63.84 12.51
N ASN G 311 59.43 -63.30 13.71
CA ASN G 311 58.34 -63.11 14.65
C ASN G 311 57.36 -62.06 14.16
N ALA G 312 57.83 -61.05 13.42
CA ALA G 312 56.91 -60.06 12.86
C ALA G 312 56.01 -60.69 11.79
N VAL G 313 56.59 -61.54 10.94
CA VAL G 313 55.82 -62.24 9.92
C VAL G 313 54.78 -63.17 10.55
N THR G 314 55.17 -63.91 11.58
CA THR G 314 54.19 -64.77 12.24
C THR G 314 53.18 -63.98 13.04
N ALA G 315 53.54 -62.78 13.52
CA ALA G 315 52.61 -61.95 14.26
C ALA G 315 51.63 -61.23 13.35
N ILE G 316 51.92 -61.11 12.07
CA ILE G 316 50.93 -60.57 11.15
C ILE G 316 50.08 -61.68 10.53
N ALA G 317 50.71 -62.73 10.01
CA ALA G 317 49.94 -63.79 9.35
C ALA G 317 49.23 -64.67 10.37
N TYR G 318 49.91 -65.05 11.43
CA TYR G 318 49.42 -65.98 12.42
C TYR G 318 49.06 -65.35 13.75
N ARG G 319 49.36 -64.07 13.92
CA ARG G 319 49.04 -63.28 15.12
C ARG G 319 49.71 -63.82 16.38
N ALA G 320 50.91 -64.38 16.25
CA ALA G 320 51.62 -64.84 17.43
C ALA G 320 53.13 -64.83 17.23
N ILE G 321 53.82 -65.11 18.34
CA ILE G 321 55.26 -65.05 18.48
C ILE G 321 55.71 -66.38 19.06
N MET G 322 56.73 -66.99 18.47
CA MET G 322 57.44 -68.07 19.16
C MET G 322 58.60 -67.46 19.92
N ALA G 323 58.56 -67.57 21.24
CA ALA G 323 59.72 -67.28 22.04
C ALA G 323 60.84 -68.25 21.67
N ASP G 324 62.00 -67.69 21.33
CA ASP G 324 63.14 -68.40 20.73
C ASP G 324 62.71 -69.15 19.47
N PHE G 325 62.15 -68.38 18.52
CA PHE G 325 61.77 -68.97 17.23
C PHE G 325 62.99 -69.44 16.46
N THR G 326 64.12 -68.72 16.56
CA THR G 326 65.27 -69.11 15.77
C THR G 326 66.02 -70.31 16.35
N GLN G 327 66.12 -70.40 17.69
CA GLN G 327 66.74 -71.59 18.28
C GLN G 327 65.84 -72.79 18.12
N PHE G 328 64.56 -72.53 18.33
CA PHE G 328 63.47 -73.45 18.10
C PHE G 328 63.42 -73.93 16.67
N THR G 329 63.89 -73.11 15.73
CA THR G 329 63.93 -73.48 14.33
C THR G 329 65.17 -74.30 14.01
N VAL G 330 66.35 -73.80 14.39
CA VAL G 330 67.59 -74.44 13.98
C VAL G 330 67.90 -75.72 14.74
N ASN G 331 67.18 -76.02 15.82
CA ASN G 331 67.36 -77.30 16.50
C ASN G 331 66.27 -78.32 16.12
N ALA G 332 65.75 -78.23 14.89
CA ALA G 332 64.63 -79.09 14.50
C ALA G 332 65.11 -80.43 13.96
N GLY G 333 65.91 -80.41 12.89
CA GLY G 333 66.33 -81.65 12.27
C GLY G 333 67.40 -82.40 13.03
N THR G 334 68.13 -81.72 13.90
CA THR G 334 69.20 -82.34 14.65
C THR G 334 68.63 -83.30 15.70
N GLU G 335 69.52 -84.14 16.23
CA GLU G 335 69.12 -85.09 17.27
C GLU G 335 68.74 -84.38 18.55
N GLN G 336 69.42 -83.28 18.87
CA GLN G 336 69.16 -82.54 20.10
C GLN G 336 68.02 -81.53 19.91
N GLN G 337 66.84 -82.08 19.64
CA GLN G 337 65.63 -81.28 19.58
C GLN G 337 65.29 -80.72 20.95
N ASP G 338 65.10 -81.61 21.93
CA ASP G 338 64.53 -81.23 23.22
C ASP G 338 65.44 -80.30 24.03
N THR G 339 66.74 -80.29 23.73
CA THR G 339 67.64 -79.43 24.47
C THR G 339 67.56 -77.99 23.97
N ASN G 340 67.63 -77.06 24.93
CA ASN G 340 67.73 -75.62 24.69
C ASN G 340 68.25 -75.01 25.97
N ASN G 341 69.19 -74.08 25.84
CA ASN G 341 69.93 -73.61 27.00
C ASN G 341 69.27 -72.40 27.65
N LYS G 342 69.06 -71.33 26.89
CA LYS G 342 68.59 -70.07 27.44
C LYS G 342 67.25 -69.69 26.82
N SER G 343 66.40 -69.08 27.63
CA SER G 343 65.11 -68.56 27.18
C SER G 343 65.24 -67.05 27.14
N GLU G 344 65.26 -66.48 25.92
CA GLU G 344 65.51 -65.06 25.76
C GLU G 344 64.39 -64.20 26.31
N ILE G 345 63.18 -64.74 26.43
CA ILE G 345 62.10 -63.97 27.02
C ILE G 345 62.19 -63.94 28.54
N PHE G 346 62.97 -64.83 29.15
CA PHE G 346 63.18 -64.84 30.59
C PHE G 346 64.63 -64.64 31.01
N ASP G 347 65.59 -64.86 30.11
CA ASP G 347 67.01 -64.71 30.42
C ASP G 347 67.63 -63.80 29.39
N LYS G 348 68.26 -62.73 29.86
CA LYS G 348 68.86 -61.73 28.98
C LYS G 348 69.93 -61.00 29.78
N SER G 349 71.00 -60.61 29.09
CA SER G 349 72.14 -59.97 29.75
C SER G 349 71.74 -58.61 30.30
N ARG G 350 72.16 -58.32 31.53
CA ARG G 350 71.83 -57.07 32.18
C ARG G 350 72.89 -56.75 33.22
N ALA G 351 72.90 -55.50 33.66
CA ALA G 351 73.94 -55.00 34.55
C ALA G 351 73.60 -55.28 36.01
N TYR G 352 74.64 -55.47 36.81
CA TYR G 352 74.53 -55.95 38.19
C TYR G 352 75.20 -54.99 39.15
N ALA G 353 74.69 -54.94 40.37
CA ALA G 353 75.23 -54.09 41.42
C ALA G 353 75.17 -54.82 42.75
N ASP G 354 75.65 -54.16 43.79
CA ASP G 354 75.65 -54.72 45.14
C ASP G 354 74.88 -53.81 46.07
N LEU G 355 74.07 -54.41 46.95
CA LEU G 355 73.29 -53.66 47.92
C LEU G 355 73.08 -54.52 49.16
N LYS G 356 72.48 -53.92 50.17
CA LYS G 356 72.23 -54.59 51.45
C LYS G 356 70.76 -54.93 51.59
N LEU G 357 70.49 -56.06 52.23
CA LEU G 357 69.13 -56.50 52.51
C LEU G 357 69.08 -57.08 53.91
N ASN G 358 67.94 -56.90 54.57
CA ASN G 358 67.72 -57.52 55.87
C ASN G 358 67.32 -58.98 55.66
N THR G 359 68.14 -59.88 56.20
CA THR G 359 68.01 -61.30 55.91
C THR G 359 67.64 -62.07 57.15
N LEU G 360 67.06 -63.26 56.93
CA LEU G 360 66.76 -64.23 57.96
C LEU G 360 67.26 -65.59 57.53
N LYS G 361 67.75 -66.38 58.48
CA LYS G 361 68.24 -67.72 58.20
C LYS G 361 67.26 -68.73 58.78
N LEU G 362 66.64 -69.54 57.91
CA LEU G 362 65.64 -70.52 58.32
C LEU G 362 66.01 -71.87 57.73
N GLY G 363 66.89 -72.59 58.43
CA GLY G 363 67.33 -73.89 57.99
C GLY G 363 68.11 -73.82 56.68
N ASP G 364 69.20 -73.05 56.69
CA ASP G 364 70.05 -72.78 55.53
C ASP G 364 69.26 -72.16 54.37
N LYS G 365 68.27 -71.33 54.70
CA LYS G 365 67.51 -70.57 53.72
C LYS G 365 67.63 -69.09 54.08
N LEU G 366 68.22 -68.31 53.18
CA LEU G 366 68.43 -66.89 53.39
C LEU G 366 67.36 -66.12 52.63
N VAL G 367 66.57 -65.34 53.36
CA VAL G 367 65.36 -64.72 52.85
C VAL G 367 65.39 -63.23 53.17
N ALA G 368 65.19 -62.40 52.14
CA ALA G 368 65.10 -60.96 52.39
C ALA G 368 63.84 -60.67 53.20
N PHE G 369 63.88 -59.60 53.98
CA PHE G 369 62.83 -59.45 55.00
C PHE G 369 62.64 -57.96 55.29
N ASP G 370 61.58 -57.37 54.73
CA ASP G 370 61.40 -55.93 54.88
C ASP G 370 59.94 -55.53 54.85
N HIS G 371 59.73 -54.23 55.06
CA HIS G 371 58.44 -53.59 54.92
C HIS G 371 58.50 -52.58 53.77
N LEU G 372 57.37 -52.42 53.10
CA LEU G 372 57.25 -51.44 52.03
C LEU G 372 56.71 -50.10 52.51
N HIS G 373 56.79 -49.85 53.82
CA HIS G 373 56.30 -48.58 54.35
C HIS G 373 57.12 -47.42 53.84
N LYS G 374 58.39 -47.63 53.50
CA LYS G 374 59.22 -46.54 52.99
C LYS G 374 58.81 -46.08 51.59
N VAL G 375 58.06 -46.90 50.85
CA VAL G 375 57.45 -46.41 49.61
C VAL G 375 55.98 -46.07 49.81
N TYR G 376 55.36 -46.50 50.90
CA TYR G 376 54.01 -46.06 51.22
C TYR G 376 53.99 -45.05 52.38
N LYS G 377 55.05 -44.24 52.52
CA LYS G 377 55.12 -43.26 53.61
C LYS G 377 54.10 -42.17 53.44
N ASN G 378 54.04 -41.61 52.25
CA ASN G 378 53.29 -40.38 52.10
C ASN G 378 52.70 -40.43 50.69
N THR G 379 51.55 -41.09 50.57
CA THR G 379 50.84 -41.32 49.32
C THR G 379 49.38 -41.49 49.67
N ASP G 380 48.52 -41.33 48.66
CA ASP G 380 47.08 -41.41 48.84
C ASP G 380 46.62 -42.80 49.28
N VAL G 381 47.30 -43.86 48.87
CA VAL G 381 46.84 -45.21 49.13
C VAL G 381 47.39 -45.70 50.45
N ASN G 382 46.76 -46.74 50.97
CA ASN G 382 47.26 -47.44 52.13
C ASN G 382 48.27 -48.50 51.71
N ASP G 383 48.97 -49.04 52.68
CA ASP G 383 49.74 -50.23 52.42
C ASP G 383 48.78 -51.39 52.22
N PRO G 384 48.84 -52.10 51.10
CA PRO G 384 47.82 -53.11 50.81
C PRO G 384 47.92 -54.37 51.63
N LEU G 385 48.97 -54.54 52.44
CA LEU G 385 49.01 -55.65 53.37
C LEU G 385 48.12 -55.44 54.58
N GLU G 386 47.78 -54.19 54.89
CA GLU G 386 46.79 -53.92 55.93
C GLU G 386 45.42 -54.15 55.32
N GLN G 387 44.91 -55.37 55.48
CA GLN G 387 43.67 -55.79 54.83
C GLN G 387 42.66 -56.21 55.89
N SER G 388 41.39 -56.26 55.50
CA SER G 388 40.33 -56.47 56.46
C SER G 388 39.79 -57.89 56.40
N LEU G 389 39.42 -58.41 57.55
CA LEU G 389 38.69 -59.66 57.65
C LEU G 389 37.20 -59.38 57.71
N GLN G 390 36.41 -60.44 57.49
CA GLN G 390 34.98 -60.40 57.79
C GLN G 390 34.62 -61.74 58.44
N LEU G 391 34.53 -61.74 59.76
CA LEU G 391 34.10 -62.91 60.51
C LEU G 391 32.63 -62.76 60.81
N THR G 392 31.85 -63.81 60.53
CA THR G 392 30.42 -63.80 60.74
C THR G 392 30.10 -64.58 62.00
N PHE G 393 29.28 -64.00 62.86
CA PHE G 393 28.92 -64.60 64.14
C PHE G 393 27.43 -64.92 64.15
N PHE G 394 27.05 -65.98 64.86
CA PHE G 394 25.65 -66.29 65.09
C PHE G 394 25.42 -66.63 66.55
N PHE G 395 24.23 -66.34 67.04
CA PHE G 395 23.88 -66.61 68.43
C PHE G 395 22.38 -66.70 68.54
N PRO G 396 21.86 -67.52 69.46
CA PRO G 396 20.41 -67.70 69.59
C PRO G 396 19.78 -66.72 70.56
N LEU G 397 18.45 -66.70 70.55
CA LEU G 397 17.69 -66.21 71.70
C LEU G 397 16.36 -66.95 71.72
N GLY G 398 15.79 -67.10 72.91
CA GLY G 398 14.50 -67.72 73.05
C GLY G 398 14.47 -69.21 72.81
N ILE G 399 15.61 -69.88 72.79
CA ILE G 399 15.65 -71.34 72.70
C ILE G 399 15.11 -71.92 73.99
N TYR G 400 14.05 -72.71 73.89
CA TYR G 400 13.48 -73.38 75.06
C TYR G 400 14.18 -74.72 75.22
N ILE G 401 15.09 -74.79 76.18
CA ILE G 401 15.62 -76.09 76.60
C ILE G 401 14.48 -76.87 77.24
N PRO G 402 14.27 -78.14 76.89
CA PRO G 402 13.20 -78.92 77.52
C PRO G 402 13.51 -79.19 78.98
N THR G 403 12.52 -78.90 79.83
CA THR G 403 12.64 -79.15 81.27
C THR G 403 12.66 -80.64 81.56
N GLU G 404 12.04 -81.43 80.68
CA GLU G 404 11.89 -82.87 80.87
C GLU G 404 13.23 -83.60 80.95
N THR G 405 14.23 -83.13 80.20
CA THR G 405 15.58 -83.65 80.32
C THR G 405 16.56 -82.56 80.76
N GLY G 406 16.07 -81.51 81.39
CA GLY G 406 16.92 -80.42 81.80
C GLY G 406 17.81 -80.78 82.98
N PHE G 407 18.82 -79.94 83.19
CA PHE G 407 19.80 -80.15 84.24
C PHE G 407 20.47 -78.81 84.50
N SER G 408 21.47 -78.83 85.38
CA SER G 408 22.38 -77.69 85.50
C SER G 408 23.71 -78.16 86.08
N THR G 409 24.79 -77.74 85.46
CA THR G 409 26.07 -77.63 86.13
C THR G 409 26.11 -76.26 86.82
N MET G 410 27.27 -75.90 87.38
CA MET G 410 27.59 -74.67 88.12
C MET G 410 26.49 -74.18 89.05
N GLU G 411 25.85 -75.11 89.79
CA GLU G 411 24.84 -74.73 90.76
C GLU G 411 25.45 -73.96 91.93
N THR G 412 26.72 -74.21 92.23
CA THR G 412 27.38 -73.53 93.33
C THR G 412 27.67 -72.07 93.01
N ARG G 413 27.83 -71.75 91.72
CA ARG G 413 28.29 -70.42 91.36
C ARG G 413 27.14 -69.41 91.37
N VAL G 414 26.10 -69.69 90.61
CA VAL G 414 24.95 -68.80 90.53
C VAL G 414 23.78 -69.42 91.28
N LYS G 415 22.83 -68.57 91.64
CA LYS G 415 21.51 -69.03 92.04
C LYS G 415 20.51 -67.97 91.68
N LEU G 416 19.54 -68.34 90.85
CA LEU G 416 18.54 -67.40 90.41
C LEU G 416 17.51 -67.15 91.50
N ASN G 417 16.78 -66.06 91.34
CA ASN G 417 15.60 -65.81 92.13
C ASN G 417 14.43 -66.39 91.36
N ASP G 418 13.59 -67.14 92.05
CA ASP G 418 12.57 -67.96 91.39
C ASP G 418 11.46 -67.09 90.82
N THR G 419 11.58 -66.77 89.54
CA THR G 419 10.57 -66.04 88.78
C THR G 419 10.58 -66.64 87.39
N MET G 420 9.41 -66.72 86.76
CA MET G 420 9.32 -67.34 85.44
C MET G 420 10.05 -66.55 84.36
N GLU G 421 10.28 -65.25 84.56
CA GLU G 421 11.13 -64.52 83.64
C GLU G 421 12.60 -64.93 83.77
N ASN G 422 13.00 -65.45 84.92
CA ASN G 422 14.31 -66.08 85.03
C ASN G 422 14.30 -67.52 84.59
N ASN G 423 13.15 -68.19 84.69
CA ASN G 423 13.06 -69.59 84.37
C ASN G 423 12.79 -69.86 82.90
N LEU G 424 12.45 -68.83 82.12
CA LEU G 424 12.49 -68.95 80.67
C LEU G 424 13.42 -67.92 80.07
N PRO G 425 14.28 -68.31 79.13
CA PRO G 425 15.05 -67.30 78.39
C PRO G 425 14.15 -66.51 77.45
N THR G 426 14.27 -65.20 77.51
CA THR G 426 13.48 -64.31 76.67
C THR G 426 14.41 -63.31 76.00
N SER G 427 15.53 -63.02 76.65
CA SER G 427 16.49 -62.05 76.15
C SER G 427 17.86 -62.71 76.07
N VAL G 428 18.78 -62.05 75.38
CA VAL G 428 20.16 -62.50 75.37
C VAL G 428 21.08 -61.33 75.65
N PHE G 429 21.95 -61.50 76.65
CA PHE G 429 22.97 -60.55 77.02
C PHE G 429 24.30 -61.02 76.43
N PHE G 430 25.08 -60.08 75.89
CA PHE G 430 26.44 -60.40 75.46
C PHE G 430 27.27 -59.13 75.48
N HIS G 431 28.59 -59.29 75.46
CA HIS G 431 29.45 -58.11 75.54
C HIS G 431 29.64 -57.45 74.18
N ASN G 432 29.87 -56.15 74.21
CA ASN G 432 30.18 -55.39 73.01
C ASN G 432 31.66 -55.48 72.65
N LYS G 433 32.12 -54.57 71.79
CA LYS G 433 33.54 -54.43 71.49
C LYS G 433 34.36 -54.18 72.75
N ASP G 434 34.14 -53.06 73.41
CA ASP G 434 34.58 -52.98 74.80
C ASP G 434 33.57 -53.70 75.68
N GLN G 435 33.91 -53.87 76.95
CA GLN G 435 33.09 -54.70 77.80
C GLN G 435 31.78 -54.05 78.24
N VAL G 436 30.93 -53.68 77.28
CA VAL G 436 29.61 -53.13 77.55
C VAL G 436 28.62 -54.25 77.36
N VAL G 437 27.84 -54.54 78.39
CA VAL G 437 26.80 -55.56 78.27
C VAL G 437 25.68 -55.01 77.41
N GLN G 438 25.34 -55.75 76.35
CA GLN G 438 24.42 -55.36 75.30
C GLN G 438 23.33 -56.41 75.22
N ARG G 439 22.09 -55.96 75.08
CA ARG G 439 20.95 -56.85 75.25
C ARG G 439 20.04 -56.86 74.03
N ILE G 440 19.63 -58.07 73.62
CA ILE G 440 18.68 -58.20 72.54
C ILE G 440 17.39 -58.81 73.09
N ASP G 441 16.27 -58.35 72.51
CA ASP G 441 14.90 -58.55 72.98
C ASP G 441 14.00 -58.98 71.85
N PHE G 442 12.78 -59.38 72.22
CA PHE G 442 11.74 -59.53 71.22
C PHE G 442 11.20 -58.17 70.77
N ALA G 443 11.11 -57.20 71.68
CA ALA G 443 10.76 -55.84 71.29
C ALA G 443 11.83 -55.24 70.38
N ASP G 444 13.05 -55.72 70.46
CA ASP G 444 14.09 -55.32 69.52
C ASP G 444 14.05 -56.15 68.24
N ILE G 445 13.54 -57.38 68.30
CA ILE G 445 13.50 -58.21 67.10
C ILE G 445 12.32 -57.87 66.20
N LEU G 446 11.34 -57.12 66.74
CA LEU G 446 10.14 -56.74 65.99
C LEU G 446 10.33 -56.09 64.60
N PRO G 447 11.26 -55.15 64.35
CA PRO G 447 11.34 -54.58 62.99
C PRO G 447 11.89 -55.53 61.94
N SER G 448 12.34 -56.72 62.33
CA SER G 448 12.78 -57.73 61.41
C SER G 448 11.79 -58.88 61.23
N VAL G 449 10.84 -59.02 62.15
CA VAL G 449 9.90 -60.12 62.12
C VAL G 449 8.47 -59.67 61.81
N CYS G 450 8.15 -58.39 61.99
CA CYS G 450 6.79 -57.92 61.82
C CYS G 450 6.53 -57.38 60.41
N HIS G 451 7.35 -57.78 59.44
CA HIS G 451 7.25 -57.31 58.07
C HIS G 451 6.15 -58.08 57.33
N PRO G 452 5.47 -57.44 56.35
CA PRO G 452 4.41 -58.14 55.60
C PRO G 452 4.87 -59.32 54.79
N ILE G 453 6.15 -59.39 54.42
CA ILE G 453 6.61 -60.51 53.60
C ILE G 453 6.69 -61.79 54.41
N VAL G 454 6.74 -61.69 55.74
CA VAL G 454 6.66 -62.88 56.56
C VAL G 454 5.24 -63.42 56.56
N HIS G 455 4.26 -62.56 56.76
CA HIS G 455 2.88 -63.03 56.80
C HIS G 455 2.25 -63.17 55.42
N ASP G 456 3.02 -62.96 54.34
CA ASP G 456 2.54 -63.32 53.02
C ASP G 456 2.69 -64.82 52.78
N SER G 457 1.76 -65.39 52.01
CA SER G 457 1.81 -66.80 51.66
C SER G 457 2.00 -67.05 50.18
N THR G 458 2.13 -66.00 49.36
CA THR G 458 2.08 -66.14 47.91
C THR G 458 3.30 -66.88 47.38
N ILE G 459 4.49 -66.49 47.85
CA ILE G 459 5.72 -67.09 47.32
C ILE G 459 5.88 -68.51 47.82
N VAL G 460 5.49 -68.78 49.07
CA VAL G 460 5.53 -70.14 49.59
C VAL G 460 4.55 -71.03 48.85
N GLU G 461 3.36 -70.50 48.55
CA GLU G 461 2.37 -71.22 47.75
C GLU G 461 2.90 -71.55 46.36
N ARG G 462 3.53 -70.58 45.70
CA ARG G 462 4.05 -70.80 44.34
C ARG G 462 5.18 -71.82 44.32
N LEU G 463 6.17 -71.65 45.20
CA LEU G 463 7.34 -72.53 45.18
C LEU G 463 6.99 -73.94 45.61
N MET G 464 6.14 -74.07 46.63
CA MET G 464 5.72 -75.39 47.08
C MET G 464 4.74 -76.03 46.12
N LYS G 465 4.07 -75.22 45.30
CA LYS G 465 3.27 -75.74 44.20
C LYS G 465 4.15 -76.30 43.09
N ASN G 466 5.18 -75.56 42.71
CA ASN G 466 6.02 -75.96 41.58
C ASN G 466 7.07 -77.00 41.96
N GLU G 467 7.33 -77.19 43.25
CA GLU G 467 8.17 -78.30 43.67
C GLU G 467 7.42 -79.61 43.41
N PRO G 468 8.05 -80.61 42.81
CA PRO G 468 7.31 -81.77 42.30
C PRO G 468 6.71 -82.65 43.39
N LEU G 469 5.84 -83.53 42.94
CA LEU G 469 5.04 -84.38 43.81
C LEU G 469 5.94 -85.43 44.47
N PRO G 470 5.55 -85.93 45.65
CA PRO G 470 6.36 -86.98 46.30
C PRO G 470 6.25 -88.33 45.62
N THR G 471 7.01 -89.30 46.13
CA THR G 471 7.02 -90.65 45.58
C THR G 471 5.74 -91.39 45.99
N GLY G 472 5.66 -92.67 45.62
CA GLY G 472 4.45 -93.43 45.90
C GLY G 472 4.30 -93.81 47.36
N HIS G 473 5.39 -94.20 48.01
CA HIS G 473 5.32 -94.71 49.37
C HIS G 473 5.01 -93.60 50.38
N ARG G 474 5.40 -92.36 50.06
CA ARG G 474 4.99 -91.20 50.85
C ARG G 474 3.71 -90.59 50.31
N PHE G 475 3.38 -90.86 49.05
CA PHE G 475 2.19 -90.34 48.40
C PHE G 475 0.93 -90.98 48.97
N SER G 476 1.00 -92.28 49.24
CA SER G 476 -0.14 -92.97 49.84
C SER G 476 -0.36 -92.51 51.27
N GLN G 477 0.71 -92.18 51.98
CA GLN G 477 0.61 -91.82 53.38
C GLN G 477 0.20 -90.36 53.57
N LEU G 478 0.68 -89.47 52.70
CA LEU G 478 0.66 -88.05 52.98
C LEU G 478 -0.35 -87.28 52.14
N CYS G 479 -0.65 -87.73 50.93
CA CYS G 479 -1.38 -86.94 49.94
C CYS G 479 -2.83 -87.40 49.78
N GLN G 480 -3.37 -88.14 50.75
CA GLN G 480 -4.58 -88.90 50.51
C GLN G 480 -5.86 -88.17 50.94
N LEU G 481 -5.77 -87.20 51.85
CA LEU G 481 -6.94 -86.63 52.48
C LEU G 481 -7.76 -85.78 51.50
N LYS G 482 -9.01 -85.53 51.87
CA LYS G 482 -9.99 -84.97 50.97
C LYS G 482 -11.02 -84.17 51.76
N ILE G 483 -11.44 -83.04 51.21
CA ILE G 483 -12.43 -82.17 51.85
C ILE G 483 -13.78 -82.36 51.19
N THR G 484 -14.85 -82.17 51.96
CA THR G 484 -16.21 -82.31 51.46
C THR G 484 -17.10 -81.35 52.23
N ARG G 485 -17.93 -80.59 51.50
CA ARG G 485 -18.78 -79.58 52.11
C ARG G 485 -20.21 -79.74 51.62
N GLU G 486 -21.17 -79.68 52.55
CA GLU G 486 -22.59 -79.69 52.25
C GLU G 486 -23.28 -78.64 53.11
N ASN G 487 -24.65 -78.59 53.03
CA ASN G 487 -25.24 -77.57 53.88
C ASN G 487 -25.78 -78.19 55.19
N PRO G 488 -25.90 -77.39 56.26
CA PRO G 488 -26.36 -77.95 57.55
C PRO G 488 -27.78 -78.52 57.53
N THR G 489 -28.59 -78.22 56.52
CA THR G 489 -29.87 -78.89 56.38
C THR G 489 -29.68 -80.36 56.02
N ARG G 490 -28.83 -80.64 55.03
CA ARG G 490 -28.63 -82.02 54.61
C ARG G 490 -27.75 -82.80 55.56
N ILE G 491 -26.80 -82.16 56.25
CA ILE G 491 -25.88 -83.00 57.00
C ILE G 491 -26.49 -83.51 58.30
N LEU G 492 -27.53 -82.87 58.81
CA LEU G 492 -28.17 -83.36 60.01
C LEU G 492 -28.93 -84.66 59.75
N GLN G 493 -29.46 -84.83 58.53
CA GLN G 493 -30.10 -86.07 58.18
C GLN G 493 -29.15 -87.07 57.53
N THR G 494 -28.00 -86.61 57.01
CA THR G 494 -27.03 -87.50 56.40
C THR G 494 -25.77 -87.65 57.24
N LEU G 495 -25.86 -87.41 58.54
CA LEU G 495 -24.72 -87.58 59.43
C LEU G 495 -24.23 -89.02 59.48
N TYR G 496 -25.10 -89.95 59.85
CA TYR G 496 -24.67 -91.31 60.18
C TYR G 496 -24.39 -92.19 58.97
N ASN G 497 -24.44 -91.66 57.75
CA ASN G 497 -24.26 -92.49 56.57
C ASN G 497 -22.84 -92.97 56.43
N LEU G 498 -21.86 -92.12 56.74
CA LEU G 498 -20.47 -92.50 56.61
C LEU G 498 -19.95 -93.26 57.82
N TYR G 499 -20.83 -93.57 58.76
CA TYR G 499 -20.56 -94.55 59.81
C TYR G 499 -21.29 -95.86 59.58
N GLU G 500 -22.48 -95.80 58.97
CA GLU G 500 -23.14 -97.02 58.51
C GLU G 500 -22.33 -97.68 57.41
N SER G 501 -21.77 -96.89 56.51
CA SER G 501 -20.80 -97.41 55.57
C SER G 501 -19.48 -97.68 56.28
N ARG G 502 -18.64 -98.48 55.63
CA ARG G 502 -17.34 -98.86 56.17
C ARG G 502 -16.19 -98.08 55.55
N GLN G 503 -16.48 -96.90 54.99
CA GLN G 503 -15.46 -96.08 54.34
C GLN G 503 -14.50 -95.52 55.37
N GLU G 504 -13.22 -95.42 55.01
CA GLU G 504 -12.18 -95.08 55.96
C GLU G 504 -11.53 -93.76 55.62
N VAL G 505 -11.69 -92.80 56.51
CA VAL G 505 -11.02 -91.51 56.43
C VAL G 505 -9.56 -91.71 56.80
N PRO G 506 -8.63 -91.33 55.95
CA PRO G 506 -7.20 -91.56 56.24
C PRO G 506 -6.66 -90.58 57.27
N LYS G 507 -5.39 -90.75 57.62
CA LYS G 507 -4.73 -89.80 58.51
C LYS G 507 -4.54 -88.47 57.81
N ASN G 508 -4.91 -87.39 58.50
CA ASN G 508 -4.51 -86.08 58.04
C ASN G 508 -3.03 -85.84 58.29
N THR G 509 -2.50 -84.83 57.63
CA THR G 509 -1.09 -84.49 57.78
C THR G 509 -0.78 -84.03 59.20
N ASN G 510 -1.70 -83.29 59.82
CA ASN G 510 -1.44 -82.77 61.15
C ASN G 510 -1.53 -83.86 62.21
N VAL G 511 -2.50 -84.76 62.08
CA VAL G 511 -2.61 -85.84 63.07
C VAL G 511 -1.54 -86.89 62.83
N LEU G 512 -1.01 -87.00 61.61
CA LEU G 512 0.18 -87.81 61.40
C LEU G 512 1.40 -87.16 62.02
N LYS G 513 1.46 -85.83 61.97
CA LYS G 513 2.65 -85.11 62.42
C LYS G 513 2.74 -85.03 63.94
N ASN G 514 1.62 -84.80 64.61
CA ASN G 514 1.65 -84.53 66.05
C ASN G 514 1.91 -85.78 66.88
N GLU G 515 1.92 -86.96 66.28
CA GLU G 515 2.30 -88.17 67.01
C GLU G 515 3.79 -88.24 67.28
N LEU G 516 4.60 -87.48 66.52
CA LEU G 516 6.04 -87.59 66.61
C LEU G 516 6.58 -86.84 67.83
N ASN G 517 7.79 -87.20 68.21
CA ASN G 517 8.49 -86.58 69.32
C ASN G 517 9.33 -85.42 68.81
N VAL G 518 9.77 -84.57 69.74
CA VAL G 518 10.57 -83.39 69.42
C VAL G 518 11.98 -83.72 68.95
N GLU G 519 12.39 -84.98 69.04
CA GLU G 519 13.68 -85.42 68.51
C GLU G 519 13.55 -86.33 67.31
N ASP G 520 12.46 -87.10 67.24
CA ASP G 520 12.14 -87.90 66.07
C ASP G 520 11.60 -87.04 64.92
N PHE G 521 11.22 -85.80 65.20
CA PHE G 521 10.62 -84.95 64.16
C PHE G 521 11.65 -84.58 63.10
N TYR G 522 12.85 -84.21 63.50
CA TYR G 522 13.87 -83.80 62.54
C TYR G 522 14.55 -84.97 61.87
N LYS G 523 14.25 -86.19 62.28
CA LYS G 523 14.86 -87.35 61.68
C LYS G 523 14.24 -87.57 60.30
N PRO G 524 15.00 -88.11 59.34
CA PRO G 524 14.42 -88.43 58.02
C PRO G 524 13.36 -89.54 58.03
N ASP G 525 13.05 -90.17 59.17
CA ASP G 525 11.90 -91.06 59.22
C ASP G 525 10.58 -90.32 59.11
N ASN G 526 10.58 -89.01 59.40
CA ASN G 526 9.37 -88.19 59.32
C ASN G 526 8.89 -88.09 57.88
N PRO G 527 7.63 -88.42 57.61
CA PRO G 527 7.07 -88.15 56.29
C PRO G 527 6.61 -86.71 56.09
N THR G 528 6.70 -85.86 57.11
CA THR G 528 6.17 -84.51 57.04
C THR G 528 7.24 -83.45 57.23
N LEU G 529 8.48 -83.75 56.87
CA LEU G 529 9.50 -82.71 56.90
C LEU G 529 9.34 -81.69 55.76
N PRO G 530 9.08 -82.04 54.50
CA PRO G 530 8.79 -80.97 53.52
C PRO G 530 7.43 -80.33 53.68
N THR G 531 6.63 -80.76 54.65
CA THR G 531 5.36 -80.11 54.92
C THR G 531 5.55 -78.72 55.54
N GLU G 532 6.44 -78.61 56.52
CA GLU G 532 6.64 -77.33 57.20
C GLU G 532 7.41 -76.37 56.31
N ARG G 533 6.79 -75.24 55.98
CA ARG G 533 7.46 -74.28 55.12
C ARG G 533 7.42 -72.88 55.73
N HIS G 534 6.37 -72.57 56.50
CA HIS G 534 6.27 -71.27 57.11
C HIS G 534 5.61 -71.50 58.47
N PRO G 535 6.15 -70.94 59.56
CA PRO G 535 5.65 -71.31 60.90
C PRO G 535 4.28 -70.75 61.18
N PHE G 536 3.84 -69.74 60.46
CA PHE G 536 2.48 -69.26 60.57
C PHE G 536 1.52 -70.01 59.68
N PHE G 537 2.00 -70.80 58.72
CA PHE G 537 1.16 -71.35 57.67
C PHE G 537 1.31 -72.87 57.66
N ASP G 538 0.24 -73.57 57.98
CA ASP G 538 0.17 -75.00 57.77
C ASP G 538 -0.11 -75.27 56.29
N LEU G 539 0.69 -76.15 55.70
CA LEU G 539 0.58 -76.51 54.29
C LEU G 539 0.26 -77.99 54.18
N THR G 540 -0.41 -78.38 53.10
CA THR G 540 -0.81 -79.77 52.94
C THR G 540 -1.11 -80.06 51.48
N TYR G 541 -1.52 -81.30 51.22
CA TYR G 541 -1.92 -81.78 49.91
C TYR G 541 -3.37 -82.24 50.00
N ILE G 542 -4.23 -81.73 49.10
CA ILE G 542 -5.62 -82.16 49.06
C ILE G 542 -6.00 -82.54 47.64
N GLN G 543 -7.03 -83.38 47.56
CA GLN G 543 -7.49 -84.04 46.35
C GLN G 543 -8.81 -83.43 45.89
N LYS G 544 -8.77 -82.63 44.83
CA LYS G 544 -9.96 -82.27 44.07
C LYS G 544 -9.84 -82.85 42.67
N ASN G 545 -10.79 -83.72 42.32
CA ASN G 545 -10.90 -84.36 41.00
C ASN G 545 -9.65 -85.16 40.66
N ARG G 546 -9.11 -85.85 41.66
CA ARG G 546 -7.88 -86.66 41.57
C ARG G 546 -6.68 -85.84 41.09
N ALA G 547 -6.64 -84.57 41.49
CA ALA G 547 -5.46 -83.74 41.39
C ALA G 547 -5.01 -83.38 42.79
N THR G 548 -3.70 -83.33 43.01
CA THR G 548 -3.15 -83.45 44.36
C THR G 548 -3.22 -82.17 45.18
N GLU G 549 -3.42 -81.02 44.54
CA GLU G 549 -3.79 -79.70 45.08
C GLU G 549 -3.07 -79.24 46.34
N VAL G 550 -1.85 -78.72 46.22
CA VAL G 550 -1.17 -78.04 47.32
C VAL G 550 -2.06 -76.98 47.97
N LEU G 551 -1.92 -76.79 49.27
CA LEU G 551 -2.86 -75.96 50.02
C LEU G 551 -2.14 -75.26 51.16
N CYS G 552 -2.18 -73.94 51.17
CA CYS G 552 -1.66 -73.15 52.28
C CYS G 552 -2.82 -72.66 53.14
N THR G 553 -2.59 -72.62 54.43
CA THR G 553 -3.64 -72.36 55.41
C THR G 553 -3.02 -71.75 56.64
N PRO G 554 -3.40 -70.55 57.05
CA PRO G 554 -2.79 -69.96 58.24
C PRO G 554 -3.18 -70.69 59.52
N ARG G 555 -2.18 -71.23 60.20
CA ARG G 555 -2.29 -71.50 61.62
C ARG G 555 -2.60 -70.17 62.28
N ILE G 556 -3.75 -70.06 62.93
CA ILE G 556 -4.08 -68.80 63.59
C ILE G 556 -3.55 -68.78 65.01
N MET G 557 -3.92 -69.76 65.79
CA MET G 557 -3.57 -69.70 67.21
C MET G 557 -2.22 -70.36 67.45
N ILE G 558 -1.59 -69.98 68.57
CA ILE G 558 -0.23 -70.43 68.88
C ILE G 558 -0.21 -71.94 69.12
N GLY G 559 -1.32 -72.51 69.59
CA GLY G 559 -1.35 -73.92 69.86
C GLY G 559 -1.44 -74.79 68.63
N ASN G 560 -1.87 -74.22 67.50
CA ASN G 560 -2.00 -75.00 66.28
C ASN G 560 -0.67 -75.22 65.58
N MET G 561 0.42 -74.67 66.11
CA MET G 561 1.74 -75.14 65.76
C MET G 561 1.89 -76.59 66.20
N PRO G 562 2.68 -77.38 65.48
CA PRO G 562 2.80 -78.80 65.84
C PRO G 562 3.54 -78.98 67.15
N LEU G 563 3.07 -79.97 67.92
CA LEU G 563 3.67 -80.26 69.22
C LEU G 563 5.15 -80.64 69.22
N PRO G 564 5.74 -81.26 68.17
CA PRO G 564 7.20 -81.32 68.12
C PRO G 564 7.87 -79.97 67.97
N LEU G 565 7.15 -78.95 67.50
CA LEU G 565 7.69 -77.62 67.31
C LEU G 565 7.30 -76.67 68.44
N ALA G 566 6.39 -77.10 69.30
CA ALA G 566 6.06 -76.38 70.53
C ALA G 566 5.51 -77.42 71.50
N PRO G 567 6.35 -77.93 72.40
CA PRO G 567 5.90 -79.00 73.30
C PRO G 567 4.93 -78.46 74.35
N ILE G 568 4.28 -79.38 75.03
CA ILE G 568 3.24 -78.98 75.97
C ILE G 568 3.83 -78.40 77.24
N SER G 569 5.06 -78.80 77.59
CA SER G 569 5.76 -78.16 78.69
C SER G 569 6.11 -76.72 78.36
N PHE G 570 6.37 -76.44 77.07
CA PHE G 570 6.61 -75.06 76.65
C PHE G 570 5.36 -74.21 76.82
N HIS G 571 4.19 -74.78 76.48
CA HIS G 571 2.95 -74.03 76.67
C HIS G 571 2.64 -73.82 78.14
N GLU G 572 2.98 -74.80 78.99
CA GLU G 572 2.77 -74.61 80.41
C GLU G 572 3.76 -73.59 81.00
N ALA G 573 4.96 -73.51 80.45
CA ALA G 573 5.93 -72.52 80.92
C ALA G 573 5.52 -71.11 80.52
N ARG G 574 5.07 -70.95 79.26
CA ARG G 574 4.50 -69.68 78.80
C ARG G 574 3.26 -69.31 79.62
N THR G 575 2.50 -70.32 80.02
CA THR G 575 1.33 -70.12 80.84
C THR G 575 1.70 -69.60 82.21
N ASN G 576 2.73 -70.18 82.82
CA ASN G 576 3.18 -69.73 84.12
C ASN G 576 3.79 -68.34 84.05
N GLN G 577 4.39 -67.98 82.90
CA GLN G 577 4.75 -66.58 82.67
C GLN G 577 3.54 -65.67 82.76
N MET G 578 2.45 -66.03 82.07
CA MET G 578 1.28 -65.16 82.12
C MET G 578 0.59 -65.19 83.49
N LEU G 579 0.67 -66.32 84.19
CA LEU G 579 0.11 -66.40 85.54
C LEU G 579 0.88 -65.52 86.51
N GLU G 580 2.21 -65.55 86.43
CA GLU G 580 3.03 -64.71 87.29
C GLU G 580 2.88 -63.24 86.94
N HIS G 581 2.70 -62.93 85.65
CA HIS G 581 2.47 -61.54 85.28
C HIS G 581 1.08 -61.08 85.67
N ALA G 582 0.12 -62.01 85.77
CA ALA G 582 -1.20 -61.67 86.26
C ALA G 582 -1.26 -61.61 87.78
N LYS G 583 -0.29 -62.22 88.46
CA LYS G 583 -0.27 -62.40 89.91
C LYS G 583 -1.53 -63.08 90.44
N THR G 584 -2.08 -64.01 89.65
CA THR G 584 -3.29 -64.76 89.99
C THR G 584 -2.95 -66.24 89.85
N ASN G 585 -2.43 -66.83 90.93
CA ASN G 585 -2.05 -68.24 90.97
C ASN G 585 -2.58 -68.87 92.26
N SER G 586 -3.87 -68.67 92.53
CA SER G 586 -4.47 -69.19 93.74
C SER G 586 -4.68 -70.70 93.64
N HIS G 587 -4.37 -71.39 94.73
CA HIS G 587 -4.58 -72.83 94.84
C HIS G 587 -5.89 -73.18 95.50
N ASN G 588 -6.85 -72.27 95.48
CA ASN G 588 -8.09 -72.49 96.20
C ASN G 588 -9.02 -73.49 95.51
N TYR G 589 -8.77 -73.80 94.24
CA TYR G 589 -9.78 -74.44 93.41
C TYR G 589 -9.51 -75.91 93.12
N ASP G 590 -8.39 -76.46 93.59
CA ASP G 590 -8.07 -77.85 93.30
C ASP G 590 -9.08 -78.80 93.96
N PHE G 591 -9.53 -78.43 95.15
CA PHE G 591 -10.55 -79.22 95.83
C PHE G 591 -11.90 -79.16 95.10
N THR G 592 -12.17 -78.05 94.42
CA THR G 592 -13.36 -78.00 93.57
C THR G 592 -13.18 -78.86 92.33
N LEU G 593 -12.01 -78.76 91.68
CA LEU G 593 -11.79 -79.43 90.41
C LEU G 593 -11.72 -80.94 90.56
N LYS G 594 -11.35 -81.44 91.75
CA LYS G 594 -11.43 -82.87 92.01
C LYS G 594 -12.86 -83.38 91.90
N ILE G 595 -13.79 -82.70 92.56
CA ILE G 595 -15.19 -83.12 92.56
C ILE G 595 -15.82 -82.91 91.20
N VAL G 596 -15.42 -81.85 90.50
CA VAL G 596 -15.92 -81.62 89.15
C VAL G 596 -15.41 -82.69 88.19
N THR G 597 -14.16 -83.12 88.36
CA THR G 597 -13.61 -84.20 87.56
C THR G 597 -14.32 -85.52 87.83
N GLU G 598 -14.62 -85.80 89.09
CA GLU G 598 -15.37 -87.01 89.43
C GLU G 598 -16.77 -86.99 88.83
N SER G 599 -17.42 -85.83 88.87
CA SER G 599 -18.75 -85.69 88.28
C SER G 599 -18.72 -85.79 86.77
N LEU G 600 -17.65 -85.33 86.13
CA LEU G 600 -17.60 -85.45 84.69
C LEU G 600 -17.19 -86.83 84.23
N THR G 601 -16.46 -87.57 85.06
CA THR G 601 -15.95 -88.88 84.66
C THR G 601 -16.95 -90.00 84.95
N SER G 602 -17.56 -89.99 86.15
CA SER G 602 -18.46 -91.06 86.56
C SER G 602 -19.73 -91.01 85.72
N GLY G 603 -19.94 -92.06 84.92
CA GLY G 603 -20.99 -92.05 83.92
C GLY G 603 -22.35 -92.52 84.40
N SER G 604 -22.71 -92.18 85.63
CA SER G 604 -24.02 -92.53 86.17
C SER G 604 -24.97 -91.33 86.19
N TYR G 605 -24.70 -90.34 85.36
CA TYR G 605 -25.41 -89.07 85.36
C TYR G 605 -26.87 -89.26 84.97
N PRO G 606 -27.82 -88.62 85.68
CA PRO G 606 -29.22 -88.98 85.55
C PRO G 606 -29.85 -88.41 84.30
N GLU G 607 -31.05 -88.85 84.01
CA GLU G 607 -31.68 -88.56 82.73
C GLU G 607 -32.50 -87.28 82.73
N LEU G 608 -33.08 -86.91 83.88
CA LEU G 608 -33.91 -85.70 83.93
C LEU G 608 -33.08 -84.43 83.75
N ALA G 609 -31.77 -84.48 84.01
CA ALA G 609 -30.94 -83.29 83.90
C ALA G 609 -30.83 -82.80 82.46
N TYR G 610 -30.76 -83.72 81.50
CA TYR G 610 -30.79 -83.33 80.09
C TYR G 610 -32.14 -82.74 79.70
N VAL G 611 -33.21 -83.32 80.24
CA VAL G 611 -34.56 -82.82 79.99
C VAL G 611 -34.71 -81.41 80.51
N ILE G 612 -34.16 -81.14 81.70
CA ILE G 612 -34.20 -79.80 82.26
C ILE G 612 -33.34 -78.84 81.45
N GLU G 613 -32.17 -79.28 81.02
CA GLU G 613 -31.29 -78.41 80.24
C GLU G 613 -31.83 -78.10 78.86
N ILE G 614 -32.78 -78.88 78.35
CA ILE G 614 -33.45 -78.49 77.12
C ILE G 614 -34.81 -77.85 77.35
N LEU G 615 -35.39 -77.97 78.55
CA LEU G 615 -36.59 -77.19 78.83
C LEU G 615 -36.22 -75.76 79.17
N VAL G 616 -35.44 -75.55 80.22
CA VAL G 616 -34.93 -74.22 80.47
C VAL G 616 -33.76 -73.98 79.52
N HIS G 617 -33.58 -72.74 79.10
CA HIS G 617 -32.43 -72.41 78.28
C HIS G 617 -31.86 -71.07 78.71
N GLY G 618 -31.85 -70.82 80.01
CA GLY G 618 -31.22 -69.63 80.54
C GLY G 618 -32.07 -68.38 80.53
N ASN G 619 -33.35 -68.49 80.16
CA ASN G 619 -34.24 -67.33 80.22
C ASN G 619 -34.73 -67.04 81.62
N LYS G 620 -34.45 -67.93 82.57
CA LYS G 620 -34.42 -67.81 84.04
C LYS G 620 -35.81 -67.67 84.68
N HIS G 621 -36.83 -67.41 83.87
CA HIS G 621 -38.18 -67.49 84.41
C HIS G 621 -38.61 -68.94 84.50
N ALA G 622 -38.22 -69.75 83.51
CA ALA G 622 -38.40 -71.19 83.60
C ALA G 622 -37.57 -71.78 84.73
N PHE G 623 -36.41 -71.21 85.01
CA PHE G 623 -35.62 -71.67 86.15
C PHE G 623 -36.31 -71.34 87.47
N MET G 624 -36.90 -70.15 87.57
CA MET G 624 -37.65 -69.82 88.78
C MET G 624 -38.93 -70.63 88.90
N ILE G 625 -39.46 -71.15 87.78
CA ILE G 625 -40.52 -72.15 87.87
C ILE G 625 -39.97 -73.45 88.42
N LEU G 626 -38.87 -73.95 87.84
CA LEU G 626 -38.27 -75.22 88.22
C LEU G 626 -37.32 -75.11 89.37
N LYS G 627 -37.43 -74.07 90.19
CA LYS G 627 -36.43 -73.81 91.21
C LYS G 627 -36.39 -74.89 92.27
N GLN G 628 -37.52 -75.55 92.54
CA GLN G 628 -37.56 -76.59 93.56
C GLN G 628 -37.30 -77.99 93.00
N VAL G 629 -37.62 -78.22 91.73
CA VAL G 629 -37.35 -79.52 91.12
C VAL G 629 -35.86 -79.72 90.96
N ILE G 630 -35.18 -78.71 90.40
CA ILE G 630 -33.73 -78.70 90.30
C ILE G 630 -33.09 -78.74 91.68
N SER G 631 -33.76 -78.13 92.67
CA SER G 631 -33.30 -78.19 94.05
C SER G 631 -33.28 -79.61 94.57
N GLN G 632 -34.38 -80.36 94.37
CA GLN G 632 -34.43 -81.72 94.86
C GLN G 632 -33.47 -82.63 94.10
N CYS G 633 -33.32 -82.38 92.79
CA CYS G 633 -32.34 -83.12 91.98
C CYS G 633 -30.93 -82.94 92.51
N ILE G 634 -30.48 -81.68 92.62
CA ILE G 634 -29.11 -81.40 93.08
C ILE G 634 -28.92 -81.84 94.53
N SER G 635 -29.95 -81.70 95.36
CA SER G 635 -29.82 -82.01 96.79
C SER G 635 -29.65 -83.50 97.01
N TYR G 636 -30.52 -84.32 96.38
CA TYR G 636 -30.31 -85.77 96.46
C TYR G 636 -29.00 -86.17 95.80
N TRP G 637 -28.70 -85.56 94.66
CA TRP G 637 -27.62 -86.03 93.82
C TRP G 637 -26.25 -85.70 94.39
N PHE G 638 -26.14 -84.67 95.22
CA PHE G 638 -24.92 -84.41 95.96
C PHE G 638 -24.94 -84.99 97.37
N ASN G 639 -26.11 -85.14 97.97
CA ASN G 639 -26.14 -85.63 99.34
C ASN G 639 -25.88 -87.13 99.39
N MET G 640 -26.31 -87.87 98.37
CA MET G 640 -26.15 -89.32 98.39
C MET G 640 -25.17 -89.84 97.37
N LYS G 641 -25.29 -89.44 96.09
CA LYS G 641 -24.34 -89.90 95.10
C LYS G 641 -22.99 -89.19 95.23
N HIS G 642 -23.01 -87.98 95.78
CA HIS G 642 -21.89 -87.04 95.92
C HIS G 642 -21.01 -86.92 94.66
N ILE G 643 -21.68 -86.81 93.52
CA ILE G 643 -21.07 -86.19 92.35
C ILE G 643 -21.98 -85.04 91.95
N LEU G 644 -21.41 -84.08 91.24
CA LEU G 644 -22.10 -82.82 91.01
C LEU G 644 -23.07 -82.95 89.83
N LEU G 645 -24.06 -82.06 89.79
CA LEU G 645 -25.09 -82.08 88.78
C LEU G 645 -25.08 -80.77 88.01
N PHE G 646 -25.57 -80.82 86.76
CA PHE G 646 -25.66 -79.68 85.84
C PHE G 646 -24.31 -79.03 85.60
N CYS G 647 -23.26 -79.84 85.55
CA CYS G 647 -21.92 -79.35 85.27
C CYS G 647 -21.59 -79.41 83.78
N ASN G 648 -22.60 -79.29 82.92
CA ASN G 648 -22.43 -79.34 81.47
C ASN G 648 -22.74 -78.01 80.79
N SER G 649 -23.85 -77.37 81.15
CA SER G 649 -24.28 -76.15 80.48
C SER G 649 -23.81 -74.93 81.25
N PHE G 650 -23.25 -73.95 80.52
CA PHE G 650 -22.69 -72.78 81.19
C PHE G 650 -23.78 -71.86 81.73
N GLU G 651 -24.87 -71.68 80.99
CA GLU G 651 -25.94 -70.85 81.49
C GLU G 651 -26.61 -71.47 82.71
N MET G 652 -26.63 -72.81 82.79
CA MET G 652 -27.10 -73.48 83.99
C MET G 652 -26.16 -73.25 85.16
N ILE G 653 -24.84 -73.43 84.92
CA ILE G 653 -23.89 -73.34 86.02
C ILE G 653 -23.67 -71.89 86.46
N MET G 654 -24.04 -70.92 85.63
CA MET G 654 -24.04 -69.52 86.03
C MET G 654 -25.36 -69.15 86.69
N LEU G 655 -26.43 -69.78 86.26
CA LEU G 655 -27.76 -69.52 86.81
C LEU G 655 -27.89 -70.05 88.23
N ILE G 656 -27.20 -71.16 88.53
CA ILE G 656 -27.15 -71.67 89.90
C ILE G 656 -26.42 -70.67 90.80
N SER G 657 -25.38 -70.03 90.29
CA SER G 657 -24.68 -69.03 91.09
C SER G 657 -25.52 -67.77 91.26
N ASN G 658 -26.27 -67.38 90.24
CA ASN G 658 -27.00 -66.12 90.31
C ASN G 658 -28.28 -66.26 91.13
N HIS G 659 -29.22 -67.09 90.68
CA HIS G 659 -30.56 -67.06 91.22
C HIS G 659 -30.85 -68.17 92.22
N MET G 660 -30.01 -69.19 92.28
CA MET G 660 -30.19 -70.27 93.23
C MET G 660 -29.43 -69.95 94.50
N GLY G 661 -30.00 -70.31 95.65
CA GLY G 661 -29.41 -70.00 96.92
C GLY G 661 -28.83 -71.20 97.65
N ASP G 662 -28.87 -71.18 98.98
CA ASP G 662 -28.55 -72.34 99.79
C ASP G 662 -29.81 -73.01 100.34
N GLU G 663 -30.96 -72.36 100.22
CA GLU G 663 -32.22 -73.00 100.54
C GLU G 663 -32.49 -74.10 99.52
N LEU G 664 -32.71 -75.31 100.02
CA LEU G 664 -32.98 -76.53 99.24
C LEU G 664 -31.79 -76.91 98.34
N ILE G 665 -30.58 -76.60 98.79
CA ILE G 665 -29.37 -77.16 98.22
C ILE G 665 -28.39 -77.39 99.36
N PRO G 666 -27.46 -78.32 99.20
CA PRO G 666 -26.38 -78.43 100.19
C PRO G 666 -25.36 -77.31 100.06
N GLY G 667 -24.95 -76.80 101.22
CA GLY G 667 -24.05 -75.65 101.26
C GLY G 667 -22.65 -75.96 100.78
N ALA G 668 -22.25 -77.23 100.87
CA ALA G 668 -20.99 -77.63 100.26
C ALA G 668 -21.07 -77.55 98.74
N ALA G 669 -22.18 -78.03 98.17
CA ALA G 669 -22.32 -78.08 96.72
C ALA G 669 -22.52 -76.72 96.11
N PHE G 670 -23.17 -75.79 96.81
CA PHE G 670 -23.35 -74.45 96.27
C PHE G 670 -22.02 -73.72 96.11
N ALA G 671 -21.09 -73.97 97.03
CA ALA G 671 -19.77 -73.36 96.98
C ALA G 671 -19.01 -73.77 95.72
N HIS G 672 -19.26 -74.98 95.21
CA HIS G 672 -18.55 -75.42 94.02
C HIS G 672 -19.02 -74.69 92.78
N TYR G 673 -20.33 -74.43 92.67
CA TYR G 673 -20.84 -73.65 91.55
C TYR G 673 -20.31 -72.22 91.59
N ARG G 674 -20.31 -71.63 92.80
CA ARG G 674 -19.78 -70.27 92.91
C ARG G 674 -18.28 -70.22 92.63
N ASN G 675 -17.55 -71.26 93.02
CA ASN G 675 -16.12 -71.32 92.73
C ASN G 675 -15.84 -71.51 91.26
N LEU G 676 -16.70 -72.25 90.54
CA LEU G 676 -16.47 -72.40 89.10
C LEU G 676 -16.74 -71.12 88.35
N VAL G 677 -17.75 -70.36 88.79
CA VAL G 677 -17.99 -69.04 88.20
C VAL G 677 -16.80 -68.11 88.47
N SER G 678 -16.25 -68.17 89.69
CA SER G 678 -15.09 -67.34 90.00
C SER G 678 -13.84 -67.80 89.27
N LEU G 679 -13.73 -69.11 89.00
CA LEU G 679 -12.62 -69.63 88.20
C LEU G 679 -12.67 -69.13 86.78
N ILE G 680 -13.86 -69.08 86.20
CA ILE G 680 -13.99 -68.56 84.84
C ILE G 680 -13.73 -67.06 84.81
N ARG G 681 -14.09 -66.34 85.89
CA ARG G 681 -13.66 -64.95 86.05
C ARG G 681 -12.14 -64.82 86.06
N LEU G 682 -11.45 -65.72 86.77
CA LEU G 682 -9.99 -65.63 86.87
C LEU G 682 -9.33 -65.94 85.53
N VAL G 683 -9.90 -66.88 84.76
CA VAL G 683 -9.34 -67.18 83.44
C VAL G 683 -9.51 -65.97 82.53
N LYS G 684 -10.67 -65.32 82.60
CA LYS G 684 -10.90 -64.10 81.81
C LYS G 684 -9.91 -63.01 82.17
N ARG G 685 -9.60 -62.85 83.46
CA ARG G 685 -8.58 -61.90 83.88
C ARG G 685 -7.20 -62.27 83.32
N THR G 686 -6.84 -63.55 83.47
CA THR G 686 -5.48 -64.01 83.20
C THR G 686 -5.15 -63.94 81.71
N ILE G 687 -6.12 -64.17 80.83
CA ILE G 687 -5.85 -63.94 79.41
C ILE G 687 -6.57 -62.69 78.89
N SER G 688 -7.00 -61.80 79.79
CA SER G 688 -7.28 -60.42 79.45
C SER G 688 -6.26 -59.48 80.06
N ILE G 689 -5.08 -59.99 80.41
CA ILE G 689 -3.91 -59.14 80.66
C ILE G 689 -3.71 -58.13 79.54
N SER G 690 -3.66 -58.59 78.30
CA SER G 690 -3.18 -57.79 77.17
C SER G 690 -4.26 -56.85 76.64
N ASN G 691 -4.75 -55.99 77.53
CA ASN G 691 -5.85 -55.09 77.22
C ASN G 691 -5.33 -53.66 77.25
N ILE G 692 -5.42 -52.97 76.12
CA ILE G 692 -4.81 -51.67 75.87
C ILE G 692 -5.85 -50.80 75.17
N ASN G 693 -5.86 -49.51 75.49
CA ASN G 693 -6.83 -48.59 74.88
C ASN G 693 -6.55 -48.30 73.41
N GLU G 694 -6.74 -49.26 72.51
CA GLU G 694 -6.69 -48.94 71.09
C GLU G 694 -7.53 -49.92 70.30
N GLN G 695 -8.37 -49.39 69.41
CA GLN G 695 -8.96 -50.17 68.35
C GLN G 695 -8.24 -49.86 67.05
N LEU G 696 -8.31 -50.79 66.10
CA LEU G 696 -7.61 -50.61 64.84
C LEU G 696 -8.56 -50.49 63.65
N CYS G 697 -9.45 -51.46 63.45
CA CYS G 697 -10.49 -51.32 62.44
C CYS G 697 -11.84 -51.05 63.09
N GLY G 698 -12.33 -51.99 63.89
CA GLY G 698 -13.41 -51.70 64.82
C GLY G 698 -13.23 -52.56 66.06
N GLU G 699 -12.21 -53.40 66.02
CA GLU G 699 -12.00 -54.44 67.02
C GLU G 699 -11.08 -53.94 68.11
N PRO G 700 -11.28 -54.33 69.36
CA PRO G 700 -10.31 -54.01 70.40
C PRO G 700 -9.03 -54.81 70.22
N LEU G 701 -7.98 -54.33 70.90
CA LEU G 701 -6.67 -54.92 70.71
C LEU G 701 -6.58 -56.33 71.28
N VAL G 702 -7.44 -56.69 72.22
CA VAL G 702 -7.40 -58.06 72.72
C VAL G 702 -8.11 -58.99 71.75
N ASN G 703 -9.12 -58.48 71.05
CA ASN G 703 -9.70 -59.18 69.90
C ASN G 703 -8.63 -59.43 68.83
N PHE G 704 -7.71 -58.48 68.67
CA PHE G 704 -6.55 -58.79 67.82
C PHE G 704 -5.60 -59.79 68.47
N ALA G 705 -5.51 -59.78 69.79
CA ALA G 705 -4.51 -60.60 70.50
C ALA G 705 -4.88 -62.07 70.53
N ASN G 706 -6.01 -62.38 71.14
CA ASN G 706 -6.37 -63.72 71.56
C ASN G 706 -7.69 -64.06 70.90
N ALA G 707 -7.71 -65.14 70.12
CA ALA G 707 -8.90 -65.55 69.38
C ALA G 707 -10.01 -66.06 70.28
N LEU G 708 -9.78 -66.16 71.58
CA LEU G 708 -10.86 -66.48 72.48
C LEU G 708 -11.73 -65.27 72.75
N PHE G 709 -11.26 -64.05 72.48
CA PHE G 709 -12.02 -62.82 72.71
C PHE G 709 -12.50 -62.17 71.41
N ASP G 710 -12.81 -62.93 70.38
CA ASP G 710 -13.14 -62.32 69.10
C ASP G 710 -14.64 -62.42 68.82
N GLY G 711 -15.03 -61.76 67.74
CA GLY G 711 -16.32 -62.03 67.14
C GLY G 711 -16.27 -63.11 66.08
N ARG G 712 -15.23 -63.93 66.05
CA ARG G 712 -15.06 -64.96 65.04
C ARG G 712 -15.16 -66.37 65.60
N LEU G 713 -15.02 -66.55 66.90
CA LEU G 713 -15.24 -67.82 67.56
C LEU G 713 -16.51 -67.72 68.40
N PHE G 714 -17.36 -68.74 68.33
CA PHE G 714 -18.79 -68.51 68.52
C PHE G 714 -19.47 -69.42 69.53
N CYS G 715 -18.80 -69.79 70.65
CA CYS G 715 -19.41 -70.48 71.80
C CYS G 715 -20.11 -71.78 71.41
N PRO G 716 -19.41 -72.93 71.20
CA PRO G 716 -19.96 -74.10 70.49
C PRO G 716 -21.36 -74.63 70.82
N PHE G 717 -21.94 -74.19 71.94
CA PHE G 717 -23.36 -74.37 72.22
C PHE G 717 -23.98 -73.01 72.46
N VAL G 718 -24.98 -72.66 71.67
CA VAL G 718 -25.75 -71.43 71.87
C VAL G 718 -27.22 -71.77 71.93
N HIS G 719 -28.02 -70.77 72.26
CA HIS G 719 -29.46 -70.96 72.31
C HIS G 719 -30.28 -69.87 71.65
N THR G 720 -29.77 -68.66 71.45
CA THR G 720 -30.51 -67.63 70.74
C THR G 720 -29.82 -67.28 69.43
N MET G 721 -28.67 -66.63 69.49
CA MET G 721 -27.85 -66.17 68.39
C MET G 721 -26.59 -65.64 69.04
N PRO G 722 -25.41 -65.91 68.49
CA PRO G 722 -24.21 -65.32 69.05
C PRO G 722 -24.11 -63.85 68.71
N ARG G 723 -23.22 -63.17 69.43
CA ARG G 723 -22.82 -61.82 69.07
C ARG G 723 -22.15 -61.85 67.70
N ASN G 724 -22.50 -60.89 66.84
CA ASN G 724 -22.17 -61.03 65.43
C ASN G 724 -21.44 -59.80 64.91
N ASP G 725 -20.67 -60.05 63.85
CA ASP G 725 -20.03 -59.03 63.04
C ASP G 725 -20.48 -59.20 61.60
N THR G 726 -20.17 -58.19 60.78
CA THR G 726 -20.57 -58.21 59.37
C THR G 726 -19.88 -59.33 58.60
N ASN G 727 -18.65 -59.66 59.01
CA ASN G 727 -17.89 -60.74 58.38
C ASN G 727 -18.57 -62.08 58.58
N ALA G 728 -19.19 -62.28 59.74
CA ALA G 728 -19.77 -63.58 60.10
C ALA G 728 -20.94 -63.92 59.18
N LYS G 729 -20.95 -65.16 58.70
CA LYS G 729 -22.02 -65.66 57.84
C LYS G 729 -22.52 -66.97 58.44
N ILE G 730 -23.59 -66.89 59.19
CA ILE G 730 -24.20 -68.08 59.78
C ILE G 730 -25.20 -68.65 58.78
N THR G 731 -25.04 -69.93 58.45
CA THR G 731 -25.91 -70.58 57.50
C THR G 731 -26.55 -71.82 58.11
N ALA G 732 -27.81 -72.02 57.77
CA ALA G 732 -28.49 -73.30 57.85
C ALA G 732 -28.95 -73.79 56.49
N ASP G 733 -29.25 -72.86 55.59
CA ASP G 733 -29.52 -73.12 54.19
C ASP G 733 -28.56 -72.26 53.40
N ASP G 734 -28.80 -72.10 52.10
CA ASP G 734 -27.99 -71.18 51.32
C ASP G 734 -28.21 -69.72 51.71
N THR G 735 -29.33 -69.41 52.38
CA THR G 735 -29.58 -68.05 52.84
C THR G 735 -28.76 -67.76 54.09
N PRO G 736 -27.93 -66.73 54.12
CA PRO G 736 -27.20 -66.38 55.34
C PRO G 736 -28.14 -65.82 56.38
N LEU G 737 -27.93 -66.24 57.63
CA LEU G 737 -28.79 -65.85 58.74
C LEU G 737 -28.36 -64.50 59.26
N THR G 738 -29.22 -63.52 59.14
CA THR G 738 -28.97 -62.18 59.62
C THR G 738 -29.88 -61.88 60.79
N GLN G 739 -29.79 -60.63 61.28
CA GLN G 739 -30.81 -60.11 62.17
C GLN G 739 -32.17 -60.06 61.49
N ASN G 740 -32.15 -59.78 60.19
CA ASN G 740 -33.37 -59.68 59.40
C ASN G 740 -34.06 -61.03 59.30
N THR G 741 -33.37 -62.00 58.68
CA THR G 741 -33.92 -63.29 58.24
C THR G 741 -34.57 -64.08 59.37
N VAL G 742 -34.06 -63.92 60.58
CA VAL G 742 -34.59 -64.63 61.73
C VAL G 742 -35.87 -63.96 62.21
N ARG G 743 -36.93 -64.74 62.37
CA ARG G 743 -38.12 -64.25 63.05
C ARG G 743 -37.94 -64.37 64.54
N VAL G 744 -38.46 -63.38 65.26
CA VAL G 744 -38.25 -63.27 66.70
C VAL G 744 -39.19 -64.22 67.44
N ARG G 745 -38.74 -64.69 68.59
CA ARG G 745 -39.56 -65.56 69.43
C ARG G 745 -40.43 -64.74 70.37
N ASN G 746 -41.70 -65.13 70.45
CA ASN G 746 -42.64 -64.57 71.41
C ASN G 746 -43.22 -65.72 72.19
N TYR G 747 -43.05 -65.70 73.51
CA TYR G 747 -43.45 -66.82 74.35
C TYR G 747 -44.91 -66.78 74.75
N GLU G 748 -45.56 -65.63 74.67
CA GLU G 748 -46.90 -65.57 75.24
C GLU G 748 -47.97 -65.82 74.19
N ILE G 749 -47.74 -65.38 72.96
CA ILE G 749 -48.80 -65.54 71.97
C ILE G 749 -48.80 -66.96 71.40
N SER G 750 -47.62 -67.57 71.27
CA SER G 750 -47.41 -68.97 70.87
C SER G 750 -48.04 -69.27 69.51
N ASP G 751 -47.44 -68.68 68.48
CA ASP G 751 -47.88 -68.89 67.11
C ASP G 751 -47.69 -70.34 66.67
N VAL G 752 -48.54 -70.77 65.72
CA VAL G 752 -48.48 -72.11 65.14
C VAL G 752 -47.43 -72.19 64.04
N GLN G 753 -47.08 -71.05 63.46
CA GLN G 753 -46.11 -71.06 62.36
C GLN G 753 -44.73 -71.48 62.85
N ARG G 754 -44.30 -70.92 63.99
CA ARG G 754 -43.04 -71.35 64.59
C ARG G 754 -43.12 -72.81 65.07
N MET G 755 -44.32 -73.28 65.44
CA MET G 755 -44.50 -74.70 65.75
C MET G 755 -44.32 -75.61 64.53
N ASN G 756 -44.56 -75.11 63.32
CA ASN G 756 -44.22 -75.86 62.11
C ASN G 756 -42.74 -75.73 61.79
N LEU G 757 -42.19 -74.58 62.04
CA LEU G 757 -40.82 -74.35 61.63
C LEU G 757 -39.82 -74.83 62.68
N ILE G 758 -40.28 -75.44 63.79
CA ILE G 758 -39.36 -76.23 64.61
C ILE G 758 -38.96 -77.50 63.85
N ASP G 759 -39.87 -78.08 63.07
CA ASP G 759 -39.47 -79.17 62.20
C ASP G 759 -38.69 -78.66 61.02
N SER G 760 -39.14 -77.55 60.42
CA SER G 760 -38.38 -77.04 59.28
C SER G 760 -37.10 -76.32 59.73
N SER G 761 -36.33 -75.85 58.76
CA SER G 761 -34.98 -75.33 59.00
C SER G 761 -34.97 -73.80 59.04
N VAL G 762 -35.60 -73.24 60.08
CA VAL G 762 -35.60 -71.79 60.29
C VAL G 762 -35.16 -71.50 61.72
N VAL G 763 -34.22 -70.56 61.86
CA VAL G 763 -33.71 -70.11 63.15
C VAL G 763 -34.67 -69.11 63.77
N PHE G 764 -34.81 -69.13 65.09
CA PHE G 764 -35.65 -68.19 65.84
C PHE G 764 -34.91 -67.71 67.08
N THR G 765 -34.91 -66.40 67.32
CA THR G 765 -34.19 -65.79 68.44
C THR G 765 -35.13 -65.08 69.40
N ASP G 766 -34.75 -65.07 70.67
CA ASP G 766 -35.44 -64.26 71.65
C ASP G 766 -35.19 -62.78 71.42
N ASN G 767 -33.93 -62.40 71.47
CA ASN G 767 -33.40 -61.05 71.56
C ASN G 767 -31.90 -61.26 71.53
N ASP G 768 -31.13 -60.18 71.48
CA ASP G 768 -29.68 -60.31 71.67
C ASP G 768 -29.39 -60.46 73.16
N ARG G 769 -29.70 -61.66 73.67
CA ARG G 769 -29.32 -62.04 75.02
C ARG G 769 -27.82 -61.99 75.29
N PRO G 770 -26.89 -62.57 74.43
CA PRO G 770 -25.49 -62.60 74.85
C PRO G 770 -24.83 -61.23 74.88
N SER G 771 -24.51 -60.80 76.10
CA SER G 771 -23.59 -59.71 76.31
C SER G 771 -22.20 -60.13 75.87
N ASN G 772 -21.32 -59.13 75.75
CA ASN G 772 -19.92 -59.39 75.44
C ASN G 772 -19.27 -60.23 76.53
N GLU G 773 -19.57 -59.91 77.79
CA GLU G 773 -19.03 -60.64 78.92
C GLU G 773 -19.48 -62.10 78.91
N ASN G 774 -20.79 -62.33 78.79
CA ASN G 774 -21.30 -63.70 78.84
C ASN G 774 -20.91 -64.51 77.60
N THR G 775 -20.74 -63.86 76.46
CA THR G 775 -20.21 -64.52 75.27
C THR G 775 -18.79 -65.02 75.52
N ILE G 776 -17.95 -64.14 76.06
CA ILE G 776 -16.58 -64.47 76.46
C ILE G 776 -16.56 -65.66 77.41
N LEU G 777 -17.41 -65.62 78.43
CA LEU G 777 -17.34 -66.65 79.47
C LEU G 777 -17.92 -67.98 79.00
N SER G 778 -18.92 -67.93 78.11
CA SER G 778 -19.41 -69.17 77.49
C SER G 778 -18.34 -69.81 76.64
N LYS G 779 -17.57 -68.99 75.90
CA LYS G 779 -16.40 -69.49 75.19
C LYS G 779 -15.40 -70.12 76.16
N ILE G 780 -15.11 -69.44 77.27
CA ILE G 780 -14.13 -69.94 78.24
C ILE G 780 -14.55 -71.29 78.79
N PHE G 781 -15.81 -71.40 79.19
CA PHE G 781 -16.29 -72.66 79.77
C PHE G 781 -16.32 -73.78 78.74
N TYR G 782 -17.17 -73.65 77.70
CA TYR G 782 -17.36 -74.71 76.71
C TYR G 782 -16.14 -74.97 75.85
N PHE G 783 -15.07 -74.20 76.00
CA PHE G 783 -14.01 -74.22 75.03
C PHE G 783 -12.64 -74.34 75.68
N CYS G 784 -12.54 -74.18 77.00
CA CYS G 784 -11.35 -74.52 77.75
C CYS G 784 -11.63 -75.42 78.94
N VAL G 785 -12.73 -75.20 79.66
CA VAL G 785 -12.88 -75.82 80.98
C VAL G 785 -13.37 -77.25 80.86
N LEU G 786 -14.46 -77.46 80.12
CA LEU G 786 -14.95 -78.81 79.86
C LEU G 786 -13.94 -79.74 79.18
N PRO G 787 -13.13 -79.33 78.19
CA PRO G 787 -12.11 -80.28 77.72
C PRO G 787 -11.01 -80.52 78.72
N ALA G 788 -10.56 -79.49 79.46
CA ALA G 788 -9.44 -79.65 80.38
C ALA G 788 -9.80 -80.55 81.56
N LEU G 789 -11.07 -80.59 81.95
CA LEU G 789 -11.51 -81.39 83.07
C LEU G 789 -12.21 -82.67 82.62
N SER G 790 -12.55 -82.80 81.35
CA SER G 790 -13.27 -83.98 80.89
C SER G 790 -12.39 -84.97 80.16
N ASN G 791 -11.25 -84.52 79.61
CA ASN G 791 -10.38 -85.29 78.75
C ASN G 791 -11.15 -85.90 77.57
N ASN G 792 -11.79 -85.01 76.80
CA ASN G 792 -12.48 -85.34 75.54
C ASN G 792 -13.66 -86.30 75.73
N LYS G 793 -14.23 -86.36 76.92
CA LYS G 793 -15.26 -87.34 77.22
C LYS G 793 -16.65 -86.72 77.27
N ALA G 794 -16.89 -85.75 76.38
CA ALA G 794 -18.20 -85.18 76.16
C ALA G 794 -18.65 -85.49 74.75
N CYS G 795 -19.93 -85.21 74.47
CA CYS G 795 -20.46 -85.39 73.13
C CYS G 795 -21.65 -84.46 72.94
N GLY G 796 -21.68 -83.73 71.83
CA GLY G 796 -22.84 -82.92 71.53
C GLY G 796 -24.05 -83.77 71.18
N ALA G 797 -25.24 -83.20 71.35
CA ALA G 797 -26.43 -83.96 71.05
C ALA G 797 -27.59 -83.06 70.68
N GLY G 798 -28.51 -83.64 69.92
CA GLY G 798 -29.72 -82.97 69.52
C GLY G 798 -30.96 -83.75 69.94
N VAL G 799 -32.09 -83.07 69.84
CA VAL G 799 -33.35 -83.54 70.42
C VAL G 799 -34.50 -83.22 69.48
N ASN G 800 -35.41 -84.18 69.30
CA ASN G 800 -36.72 -83.92 68.74
C ASN G 800 -37.62 -83.50 69.90
N VAL G 801 -37.72 -82.19 70.13
CA VAL G 801 -38.53 -81.67 71.24
C VAL G 801 -40.01 -81.98 71.05
N LYS G 802 -40.48 -82.05 69.80
CA LYS G 802 -41.89 -82.25 69.49
C LYS G 802 -42.34 -83.64 69.89
N GLU G 803 -41.69 -84.66 69.31
CA GLU G 803 -41.98 -86.04 69.67
C GLU G 803 -41.64 -86.32 71.12
N LEU G 804 -40.65 -85.60 71.66
CA LEU G 804 -40.32 -85.70 73.08
C LEU G 804 -41.52 -85.37 73.95
N VAL G 805 -42.02 -84.13 73.87
CA VAL G 805 -43.10 -83.70 74.77
C VAL G 805 -44.41 -84.44 74.47
N LEU G 806 -44.64 -84.83 73.22
CA LEU G 806 -45.87 -85.53 72.88
C LEU G 806 -45.84 -86.99 73.27
N ASP G 807 -44.66 -87.56 73.50
CA ASP G 807 -44.58 -88.85 74.19
C ASP G 807 -44.58 -88.69 75.70
N LEU G 808 -43.85 -87.69 76.18
CA LEU G 808 -43.74 -87.45 77.62
C LEU G 808 -45.07 -87.07 78.27
N PHE G 809 -45.83 -86.21 77.61
CA PHE G 809 -47.11 -85.78 78.15
C PHE G 809 -48.12 -85.35 77.10
N TYR G 810 -49.39 -85.39 77.51
CA TYR G 810 -50.53 -84.97 76.67
C TYR G 810 -51.51 -86.14 76.56
N THR G 811 -51.21 -87.29 77.16
CA THR G 811 -52.16 -88.36 77.03
C THR G 811 -53.28 -88.30 78.08
N GLU G 812 -53.02 -88.75 79.31
CA GLU G 812 -54.12 -88.75 80.27
C GLU G 812 -54.21 -87.55 81.23
N PRO G 813 -53.21 -87.26 82.09
CA PRO G 813 -53.51 -86.39 83.23
C PRO G 813 -53.56 -84.92 82.88
N PHE G 814 -52.88 -84.50 81.83
CA PHE G 814 -52.81 -83.09 81.51
C PHE G 814 -53.92 -82.65 80.57
N ILE G 815 -54.88 -83.52 80.29
CA ILE G 815 -55.99 -83.17 79.41
C ILE G 815 -57.24 -82.90 80.23
N CYS G 816 -57.34 -83.59 81.38
CA CYS G 816 -58.47 -83.41 82.28
C CYS G 816 -58.53 -81.99 82.81
N PRO G 817 -59.72 -81.37 82.81
CA PRO G 817 -59.83 -79.93 83.12
C PRO G 817 -59.87 -79.41 84.56
N ASP G 818 -58.71 -79.34 85.21
CA ASP G 818 -58.57 -78.76 86.55
C ASP G 818 -59.13 -79.51 87.78
N ASP G 819 -60.37 -79.97 87.71
CA ASP G 819 -61.01 -80.67 88.82
C ASP G 819 -60.25 -81.96 89.10
N CYS G 820 -59.80 -82.61 88.03
CA CYS G 820 -59.10 -83.88 88.18
C CYS G 820 -57.60 -83.65 88.29
N PHE G 821 -57.08 -82.59 87.66
CA PHE G 821 -55.64 -82.45 87.58
C PHE G 821 -55.01 -82.01 88.90
N GLN G 822 -55.70 -81.17 89.68
CA GLN G 822 -55.12 -80.69 90.93
C GLN G 822 -54.95 -81.83 91.93
N GLU G 823 -55.75 -82.89 91.83
CA GLU G 823 -55.65 -84.04 92.71
C GLU G 823 -55.10 -85.28 91.99
N ASN G 824 -54.83 -85.19 90.72
CA ASN G 824 -54.61 -86.35 89.87
C ASN G 824 -53.17 -86.77 89.92
N PRO G 825 -52.87 -88.04 90.17
CA PRO G 825 -51.53 -88.56 89.88
C PRO G 825 -51.33 -88.71 88.37
N ILE G 826 -50.12 -89.12 88.02
CA ILE G 826 -49.77 -89.40 86.63
C ILE G 826 -50.49 -90.67 86.21
N SER G 827 -50.53 -90.93 84.90
CA SER G 827 -51.01 -92.12 84.22
C SER G 827 -50.16 -93.37 84.49
N SER G 828 -49.12 -93.25 85.33
CA SER G 828 -48.15 -94.31 85.62
C SER G 828 -47.53 -94.84 84.33
N ASP G 829 -47.13 -93.90 83.48
CA ASP G 829 -46.42 -94.24 82.26
C ASP G 829 -45.01 -94.55 82.74
N VAL G 830 -44.37 -95.54 82.13
CA VAL G 830 -43.02 -95.92 82.53
C VAL G 830 -42.02 -94.78 82.28
N LEU G 831 -42.25 -94.07 81.19
CA LEU G 831 -41.38 -92.98 80.73
C LEU G 831 -41.19 -91.71 81.57
N MET G 832 -42.23 -91.19 82.21
CA MET G 832 -42.02 -89.91 82.89
C MET G 832 -41.96 -90.07 84.41
N SER G 833 -42.93 -90.82 84.96
CA SER G 833 -42.91 -91.23 86.37
C SER G 833 -41.63 -91.99 86.72
N LEU G 834 -41.10 -92.75 85.76
CA LEU G 834 -39.88 -93.52 85.99
C LEU G 834 -38.62 -92.67 85.86
N ILE G 835 -38.62 -91.64 85.00
CA ILE G 835 -37.52 -90.68 84.99
C ILE G 835 -37.45 -89.96 86.34
N ARG G 836 -38.62 -89.63 86.89
CA ARG G 836 -38.65 -88.98 88.20
C ARG G 836 -38.16 -89.90 89.30
N GLU G 837 -38.55 -91.17 89.26
CA GLU G 837 -38.03 -92.12 90.24
C GLU G 837 -36.53 -92.34 90.07
N ALA G 838 -36.03 -92.27 88.83
CA ALA G 838 -34.59 -92.39 88.61
C ALA G 838 -33.82 -91.19 89.13
N MET G 839 -34.40 -89.99 89.09
CA MET G 839 -33.68 -88.85 89.66
C MET G 839 -33.80 -88.82 91.18
N GLY G 840 -34.91 -89.32 91.74
CA GLY G 840 -35.04 -89.39 93.18
C GLY G 840 -35.82 -90.60 93.63
N PRO G 841 -35.20 -91.47 94.42
CA PRO G 841 -35.91 -92.63 94.98
C PRO G 841 -36.54 -92.34 96.32
N GLY G 842 -37.74 -92.87 96.50
CA GLY G 842 -38.48 -92.66 97.73
C GLY G 842 -39.33 -91.41 97.69
N TYR G 843 -40.04 -91.21 98.80
CA TYR G 843 -41.02 -90.14 99.03
C TYR G 843 -42.01 -89.96 97.86
N THR G 844 -42.49 -91.09 97.34
CA THR G 844 -43.33 -91.10 96.14
C THR G 844 -44.64 -91.82 96.42
N VAL G 845 -45.63 -91.10 96.95
CA VAL G 845 -46.94 -91.70 97.15
C VAL G 845 -47.68 -91.81 95.82
N ALA G 846 -47.74 -90.71 95.06
CA ALA G 846 -48.34 -90.73 93.72
C ALA G 846 -47.30 -90.93 92.64
N ASN G 847 -46.01 -90.85 93.00
CA ASN G 847 -44.77 -90.87 92.23
C ASN G 847 -44.53 -89.55 91.49
N THR G 848 -45.53 -88.67 91.48
CA THR G 848 -45.45 -87.38 90.81
C THR G 848 -46.00 -86.30 91.70
N SER G 849 -45.65 -86.37 92.99
CA SER G 849 -46.18 -85.44 93.98
C SER G 849 -45.66 -84.03 93.70
N SER G 850 -46.52 -83.24 93.04
CA SER G 850 -46.39 -81.85 92.59
C SER G 850 -45.37 -81.59 91.48
N ILE G 851 -44.52 -82.57 91.17
CA ILE G 851 -43.39 -82.29 90.30
C ILE G 851 -43.80 -82.40 88.82
N ALA G 852 -44.84 -83.16 88.52
CA ALA G 852 -45.36 -83.22 87.16
C ALA G 852 -46.08 -81.94 86.82
N LYS G 853 -46.81 -81.39 87.79
CA LYS G 853 -47.34 -80.04 87.69
C LYS G 853 -46.22 -79.04 87.43
N GLN G 854 -45.10 -79.18 88.13
CA GLN G 854 -44.00 -78.24 87.97
C GLN G 854 -43.37 -78.32 86.58
N LEU G 855 -43.12 -79.55 86.09
CA LEU G 855 -42.52 -79.73 84.77
C LEU G 855 -43.45 -79.24 83.67
N PHE G 856 -44.75 -79.51 83.81
CA PHE G 856 -45.72 -79.06 82.81
C PHE G 856 -45.84 -77.55 82.78
N LYS G 857 -45.85 -76.91 83.96
CA LYS G 857 -45.86 -75.46 84.02
C LYS G 857 -44.57 -74.86 83.46
N SER G 858 -43.47 -75.60 83.55
CA SER G 858 -42.21 -75.09 83.01
C SER G 858 -42.20 -75.10 81.50
N LEU G 859 -42.80 -76.11 80.88
CA LEU G 859 -42.50 -76.32 79.46
C LEU G 859 -43.27 -75.38 78.50
N ILE G 860 -43.81 -74.25 78.94
CA ILE G 860 -44.27 -73.26 77.98
C ILE G 860 -43.09 -72.62 77.28
N TYR G 861 -41.91 -72.64 77.89
CA TYR G 861 -40.69 -72.24 77.22
C TYR G 861 -40.13 -73.47 76.51
N ILE G 862 -40.22 -73.49 75.19
CA ILE G 862 -39.60 -74.55 74.41
C ILE G 862 -38.66 -73.90 73.41
N ASN G 863 -38.00 -74.77 72.65
CA ASN G 863 -37.05 -74.34 71.64
C ASN G 863 -37.21 -75.25 70.44
N GLU G 864 -36.67 -74.81 69.31
CA GLU G 864 -36.75 -75.55 68.06
C GLU G 864 -35.98 -76.86 68.12
N ASN G 865 -36.24 -77.74 67.15
CA ASN G 865 -35.41 -78.93 66.98
C ASN G 865 -34.00 -78.50 66.63
N THR G 866 -33.04 -79.20 67.22
CA THR G 866 -31.62 -78.85 67.16
C THR G 866 -31.10 -78.79 65.73
N LYS G 867 -30.38 -77.71 65.43
CA LYS G 867 -29.87 -77.47 64.10
C LYS G 867 -28.36 -77.36 64.11
N ILE G 868 -27.74 -77.87 63.06
CA ILE G 868 -26.38 -77.51 62.73
C ILE G 868 -26.42 -76.14 62.09
N LEU G 869 -25.40 -75.32 62.38
CA LEU G 869 -25.19 -74.08 61.65
C LEU G 869 -23.74 -74.01 61.24
N GLU G 870 -23.47 -73.74 59.98
CA GLU G 870 -22.11 -73.42 59.60
C GLU G 870 -21.86 -71.95 59.85
N VAL G 871 -20.61 -71.61 60.09
CA VAL G 871 -20.18 -70.23 60.06
C VAL G 871 -19.09 -70.10 59.01
N GLU G 872 -19.40 -69.38 57.95
CA GLU G 872 -18.38 -68.90 57.04
C GLU G 872 -17.95 -67.51 57.53
N VAL G 873 -16.78 -67.44 58.13
CA VAL G 873 -16.19 -66.18 58.55
C VAL G 873 -14.72 -66.20 58.16
N SER G 874 -14.19 -65.04 57.77
CA SER G 874 -12.76 -64.98 57.58
C SER G 874 -12.10 -64.37 58.81
N LEU G 875 -10.78 -64.23 58.73
CA LEU G 875 -9.93 -63.96 59.88
C LEU G 875 -10.06 -62.50 60.32
N ASP G 876 -9.24 -62.10 61.28
CA ASP G 876 -8.97 -60.69 61.46
C ASP G 876 -8.21 -60.16 60.24
N PRO G 877 -8.27 -58.87 59.96
CA PRO G 877 -7.65 -58.37 58.72
C PRO G 877 -6.13 -58.49 58.68
N ALA G 878 -5.47 -58.48 59.85
CA ALA G 878 -4.02 -58.58 59.92
C ALA G 878 -3.50 -59.97 59.59
N GLN G 879 -4.35 -61.00 59.65
CA GLN G 879 -4.01 -62.27 59.05
C GLN G 879 -4.69 -62.49 57.72
N ARG G 880 -5.70 -61.68 57.39
CA ARG G 880 -6.33 -61.71 56.07
C ARG G 880 -5.36 -61.30 54.98
N HIS G 881 -4.39 -60.43 55.33
CA HIS G 881 -3.52 -59.77 54.34
C HIS G 881 -2.81 -60.72 53.37
N GLY G 882 -1.96 -61.60 53.87
CA GLY G 882 -1.04 -62.28 52.98
C GLY G 882 -1.60 -63.46 52.20
N ASN G 883 -2.41 -63.18 51.16
CA ASN G 883 -3.08 -64.18 50.31
C ASN G 883 -3.95 -65.12 51.15
N SER G 884 -4.49 -64.59 52.24
CA SER G 884 -5.55 -65.23 53.00
C SER G 884 -6.84 -64.44 52.86
N VAL G 885 -6.92 -63.60 51.83
CA VAL G 885 -8.09 -62.77 51.57
C VAL G 885 -9.29 -63.65 51.28
N HIS G 886 -9.09 -64.71 50.52
CA HIS G 886 -10.11 -65.73 50.29
C HIS G 886 -9.73 -66.97 51.10
N PHE G 887 -10.05 -66.96 52.39
CA PHE G 887 -9.67 -68.13 53.18
C PHE G 887 -10.84 -68.97 53.67
N GLN G 888 -11.78 -68.37 54.40
CA GLN G 888 -13.02 -68.99 54.88
C GLN G 888 -12.81 -70.17 55.84
N SER G 889 -12.40 -69.77 57.03
CA SER G 889 -12.61 -70.56 58.24
C SER G 889 -14.05 -71.04 58.34
N LEU G 890 -14.20 -72.34 58.59
CA LEU G 890 -15.49 -73.00 58.64
C LEU G 890 -15.76 -73.44 60.07
N GLN G 891 -16.83 -72.92 60.67
CA GLN G 891 -17.17 -73.22 62.04
C GLN G 891 -18.56 -73.83 62.11
N HIS G 892 -18.61 -75.06 62.61
CA HIS G 892 -19.87 -75.70 62.93
C HIS G 892 -20.22 -75.38 64.36
N ILE G 893 -21.47 -74.98 64.57
CA ILE G 893 -21.97 -74.63 65.89
C ILE G 893 -23.29 -75.36 66.10
N LEU G 894 -23.44 -75.98 67.26
CA LEU G 894 -24.61 -76.79 67.53
C LEU G 894 -25.66 -75.88 68.14
N TYR G 895 -26.49 -75.30 67.26
CA TYR G 895 -27.57 -74.46 67.73
C TYR G 895 -28.63 -75.33 68.37
N ASN G 896 -29.00 -74.95 69.60
CA ASN G 896 -30.16 -75.47 70.30
C ASN G 896 -30.00 -76.97 70.58
N GLY G 897 -28.78 -77.37 70.84
CA GLY G 897 -28.51 -78.72 71.25
C GLY G 897 -27.98 -78.68 72.66
N LEU G 898 -27.31 -79.74 73.10
CA LEU G 898 -26.78 -79.72 74.45
C LEU G 898 -25.61 -80.67 74.54
N CYS G 899 -24.69 -80.35 75.45
CA CYS G 899 -23.60 -81.26 75.76
C CYS G 899 -24.13 -82.52 76.44
N LEU G 900 -23.33 -83.57 76.36
CA LEU G 900 -23.75 -84.87 76.83
C LEU G 900 -22.54 -85.55 77.43
N ILE G 901 -22.77 -86.31 78.49
CA ILE G 901 -21.64 -86.80 79.26
C ILE G 901 -21.78 -88.28 79.61
N SER G 902 -22.99 -88.82 79.49
CA SER G 902 -23.21 -90.15 80.01
C SER G 902 -24.24 -90.84 79.16
N PRO G 903 -24.09 -92.18 78.92
CA PRO G 903 -24.96 -92.87 77.95
C PRO G 903 -26.43 -92.85 78.29
N ILE G 904 -27.18 -92.12 77.48
CA ILE G 904 -28.62 -91.98 77.67
C ILE G 904 -29.31 -93.24 77.21
N THR G 905 -30.12 -93.83 78.09
CA THR G 905 -30.73 -95.13 77.89
C THR G 905 -32.24 -95.08 77.72
N THR G 906 -32.93 -94.31 78.55
CA THR G 906 -34.39 -94.25 78.45
C THR G 906 -34.83 -93.50 77.21
N LEU G 907 -34.14 -92.42 76.87
CA LEU G 907 -34.53 -91.56 75.75
C LEU G 907 -33.62 -91.76 74.54
N ARG G 908 -33.26 -93.01 74.25
CA ARG G 908 -32.51 -93.33 73.03
C ARG G 908 -33.31 -93.04 71.78
N ARG G 909 -34.63 -93.03 71.87
CA ARG G 909 -35.48 -92.78 70.71
C ARG G 909 -35.42 -91.31 70.29
N TYR G 910 -35.17 -90.40 71.23
CA TYR G 910 -35.41 -88.98 71.01
C TYR G 910 -34.14 -88.14 71.03
N TYR G 911 -32.98 -88.72 71.35
CA TYR G 911 -31.74 -87.97 71.48
C TYR G 911 -30.73 -88.51 70.49
N GLN G 912 -30.24 -87.66 69.61
CA GLN G 912 -29.23 -88.11 68.68
C GLN G 912 -27.86 -87.57 69.10
N PRO G 913 -26.85 -88.42 69.21
CA PRO G 913 -25.49 -87.90 69.39
C PRO G 913 -24.97 -87.27 68.10
N ILE G 914 -24.50 -86.04 68.21
CA ILE G 914 -24.00 -85.27 67.08
C ILE G 914 -22.53 -84.96 67.34
N PRO G 915 -21.60 -85.81 66.91
CA PRO G 915 -20.17 -85.47 67.05
C PRO G 915 -19.74 -84.51 65.97
N PHE G 916 -19.38 -83.29 66.37
CA PHE G 916 -19.15 -82.25 65.38
C PHE G 916 -17.80 -81.56 65.52
N HIS G 917 -17.32 -81.39 66.74
CA HIS G 917 -16.12 -80.60 66.99
C HIS G 917 -14.94 -81.54 67.24
N ARG G 918 -13.75 -80.95 67.28
CA ARG G 918 -12.56 -81.61 67.82
C ARG G 918 -12.85 -82.19 69.20
N PHE G 919 -13.38 -81.36 70.08
CA PHE G 919 -13.90 -81.77 71.36
C PHE G 919 -15.35 -82.22 71.18
N PHE G 920 -15.98 -82.57 72.32
CA PHE G 920 -17.40 -82.96 72.38
C PHE G 920 -17.71 -84.12 71.44
N SER G 921 -16.79 -85.07 71.38
CA SER G 921 -16.82 -86.13 70.39
C SER G 921 -16.34 -87.44 71.02
N ASP G 922 -17.01 -87.95 72.04
CA ASP G 922 -16.57 -89.23 72.63
C ASP G 922 -17.23 -90.41 71.94
N PRO G 923 -16.45 -91.38 71.43
CA PRO G 923 -17.08 -92.61 70.90
C PRO G 923 -17.60 -93.53 71.97
N GLY G 924 -16.92 -93.61 73.12
CA GLY G 924 -17.42 -94.38 74.25
C GLY G 924 -18.73 -93.84 74.79
N ILE G 925 -19.06 -92.60 74.47
CA ILE G 925 -20.40 -92.08 74.68
C ILE G 925 -21.30 -92.38 73.49
N CYS G 926 -20.81 -92.11 72.28
CA CYS G 926 -21.68 -92.03 71.11
C CYS G 926 -22.14 -93.41 70.64
N GLY G 927 -21.25 -94.40 70.68
CA GLY G 927 -21.58 -95.76 70.31
C GLY G 927 -22.43 -96.50 71.31
N THR G 928 -22.73 -95.88 72.45
CA THR G 928 -23.74 -96.41 73.35
C THR G 928 -25.15 -95.97 72.96
N MET G 929 -25.31 -94.73 72.51
CA MET G 929 -26.62 -94.32 72.01
C MET G 929 -26.92 -94.95 70.66
N ASN G 930 -25.95 -94.95 69.75
CA ASN G 930 -26.18 -95.53 68.43
C ASN G 930 -25.36 -96.80 68.26
N ALA G 931 -25.98 -97.81 67.66
CA ALA G 931 -25.29 -99.05 67.34
C ALA G 931 -24.46 -98.96 66.08
N ASP G 932 -24.72 -97.96 65.23
CA ASP G 932 -23.96 -97.83 63.98
C ASP G 932 -22.53 -97.38 64.24
N ILE G 933 -22.34 -96.50 65.22
CA ILE G 933 -20.99 -96.17 65.66
C ILE G 933 -20.39 -97.36 66.40
N GLN G 934 -21.23 -98.11 67.12
CA GLN G 934 -20.73 -99.27 67.85
C GLN G 934 -20.22 -100.35 66.91
N VAL G 935 -20.95 -100.64 65.84
CA VAL G 935 -20.41 -101.56 64.84
C VAL G 935 -19.35 -100.89 63.98
N PHE G 936 -19.27 -99.56 63.96
CA PHE G 936 -18.13 -98.91 63.33
C PHE G 936 -16.87 -99.11 64.16
N LEU G 937 -16.99 -99.01 65.48
CA LEU G 937 -15.84 -99.20 66.35
C LEU G 937 -15.49 -100.66 66.51
N ASN G 938 -16.49 -101.57 66.44
CA ASN G 938 -16.19 -102.98 66.66
C ASN G 938 -15.42 -103.60 65.51
N THR G 939 -15.53 -103.03 64.31
CA THR G 939 -14.64 -103.46 63.24
C THR G 939 -13.27 -102.82 63.38
N PHE G 940 -13.24 -101.54 63.73
CA PHE G 940 -12.02 -100.73 63.69
C PHE G 940 -11.79 -100.16 65.09
N PRO G 941 -11.17 -100.94 65.98
CA PRO G 941 -11.14 -100.56 67.40
C PRO G 941 -10.23 -99.39 67.72
N HIS G 942 -9.31 -99.04 66.84
CA HIS G 942 -8.41 -97.94 67.15
C HIS G 942 -9.01 -96.57 66.89
N TYR G 943 -10.28 -96.49 66.53
CA TYR G 943 -10.99 -95.22 66.55
C TYR G 943 -11.74 -95.00 67.85
N GLN G 944 -11.64 -95.93 68.79
CA GLN G 944 -12.20 -95.72 70.12
C GLN G 944 -11.35 -94.75 70.94
N ARG G 945 -10.10 -94.52 70.53
CA ARG G 945 -9.21 -93.63 71.27
C ARG G 945 -9.66 -92.19 71.13
N ASN G 946 -9.73 -91.49 72.28
CA ASN G 946 -10.27 -90.15 72.32
C ASN G 946 -9.28 -89.10 71.87
N ASP G 947 -7.99 -89.44 71.94
CA ASP G 947 -6.90 -88.46 72.01
C ASP G 947 -6.86 -87.55 70.80
N GLY G 948 -6.77 -88.12 69.62
CA GLY G 948 -6.79 -87.37 68.39
C GLY G 948 -8.20 -87.26 67.84
N GLY G 949 -8.27 -87.12 66.52
CA GLY G 949 -9.54 -87.15 65.83
C GLY G 949 -9.79 -88.41 65.05
N PHE G 950 -10.53 -89.33 65.66
CA PHE G 950 -11.29 -90.34 64.92
C PHE G 950 -12.32 -89.60 64.06
N PRO G 951 -12.71 -90.15 62.90
CA PRO G 951 -13.32 -89.29 61.87
C PRO G 951 -14.72 -88.80 62.23
N LEU G 952 -14.91 -87.50 62.07
CA LEU G 952 -16.22 -86.89 62.09
C LEU G 952 -16.92 -87.20 60.77
N PRO G 953 -18.19 -86.86 60.62
CA PRO G 953 -18.80 -86.85 59.27
C PRO G 953 -18.02 -85.94 58.33
N PRO G 954 -17.79 -86.39 57.10
CA PRO G 954 -16.91 -85.66 56.15
C PRO G 954 -17.34 -84.23 55.83
N PRO G 955 -18.62 -83.84 55.98
CA PRO G 955 -18.88 -82.38 56.03
C PRO G 955 -18.38 -81.71 57.29
N LEU G 956 -18.26 -82.42 58.41
CA LEU G 956 -17.82 -81.78 59.64
C LEU G 956 -16.31 -81.80 59.81
N ALA G 957 -15.65 -82.85 59.33
CA ALA G 957 -14.22 -83.07 59.53
C ALA G 957 -13.45 -82.23 58.52
N LEU G 958 -13.31 -80.94 58.84
CA LEU G 958 -12.54 -80.01 58.02
C LEU G 958 -11.45 -79.43 58.90
N GLU G 959 -10.35 -80.18 59.03
CA GLU G 959 -9.37 -79.90 60.08
C GLU G 959 -8.58 -78.63 59.80
N PHE G 960 -8.13 -78.46 58.56
CA PHE G 960 -7.39 -77.25 58.22
C PHE G 960 -8.28 -76.02 58.20
N TYR G 961 -9.58 -76.18 58.02
CA TYR G 961 -10.47 -75.04 57.89
C TYR G 961 -11.15 -74.66 59.20
N ASN G 962 -10.99 -75.45 60.27
CA ASN G 962 -11.44 -75.01 61.58
C ASN G 962 -10.49 -73.96 62.14
N TRP G 963 -10.75 -73.50 63.36
CA TRP G 963 -9.71 -72.81 64.11
C TRP G 963 -8.89 -73.77 64.95
N GLN G 964 -9.44 -74.92 65.28
CA GLN G 964 -8.86 -75.84 66.25
C GLN G 964 -8.48 -77.13 65.56
N ARG G 965 -7.23 -77.52 65.70
CA ARG G 965 -6.70 -78.69 65.02
C ARG G 965 -6.46 -79.80 66.03
N THR G 966 -5.79 -80.85 65.55
CA THR G 966 -5.29 -81.98 66.35
C THR G 966 -4.61 -81.65 67.69
N PRO G 967 -3.63 -80.71 67.80
CA PRO G 967 -2.86 -80.65 69.07
C PRO G 967 -3.64 -80.19 70.28
N PHE G 968 -4.76 -79.48 70.10
CA PHE G 968 -5.60 -79.12 71.24
C PHE G 968 -6.18 -80.36 71.91
N SER G 969 -6.75 -81.25 71.11
CA SER G 969 -7.25 -82.50 71.66
C SER G 969 -6.13 -83.41 72.14
N VAL G 970 -4.95 -83.34 71.50
CA VAL G 970 -3.85 -84.17 71.97
C VAL G 970 -3.36 -83.70 73.34
N TYR G 971 -3.40 -82.39 73.59
CA TYR G 971 -3.07 -81.92 74.94
C TYR G 971 -4.18 -82.25 75.93
N SER G 972 -5.44 -82.00 75.55
CA SER G 972 -6.57 -82.27 76.43
C SER G 972 -6.75 -83.75 76.71
N ALA G 973 -6.15 -84.62 75.91
CA ALA G 973 -6.23 -86.05 76.12
C ALA G 973 -5.59 -86.47 77.44
N PHE G 974 -4.46 -85.85 77.79
CA PHE G 974 -3.73 -86.26 78.98
C PHE G 974 -3.32 -85.08 79.84
N CYS G 975 -4.04 -83.97 79.74
CA CYS G 975 -3.77 -82.86 80.62
C CYS G 975 -4.19 -83.19 82.05
N PRO G 976 -3.47 -82.69 83.05
CA PRO G 976 -3.91 -82.85 84.44
C PRO G 976 -5.00 -81.85 84.81
N ASN G 977 -5.88 -82.29 85.71
CA ASN G 977 -7.12 -81.58 85.99
C ASN G 977 -6.95 -80.56 87.11
N SER G 978 -5.95 -79.68 87.05
CA SER G 978 -5.61 -78.88 88.23
C SER G 978 -5.26 -77.45 87.85
N LEU G 979 -6.09 -76.84 87.00
CA LEU G 979 -6.13 -75.42 86.63
C LEU G 979 -4.94 -74.98 85.76
N LEU G 980 -3.88 -75.78 85.74
CA LEU G 980 -2.77 -75.52 84.83
C LEU G 980 -3.20 -75.81 83.41
N SER G 981 -4.04 -76.83 83.24
CA SER G 981 -4.56 -77.15 81.92
C SER G 981 -5.52 -76.10 81.42
N ILE G 982 -6.37 -75.56 82.30
CA ILE G 982 -7.33 -74.55 81.90
C ILE G 982 -6.61 -73.27 81.48
N MET G 983 -5.67 -72.84 82.33
CA MET G 983 -4.88 -71.66 81.99
C MET G 983 -4.02 -71.87 80.77
N THR G 984 -3.55 -73.10 80.52
CA THR G 984 -2.72 -73.26 79.34
C THR G 984 -3.52 -73.48 78.07
N LEU G 985 -4.78 -73.89 78.16
CA LEU G 985 -5.61 -73.86 76.96
C LEU G 985 -5.96 -72.43 76.59
N ALA G 986 -6.30 -71.61 77.59
CA ALA G 986 -6.50 -70.19 77.34
C ALA G 986 -5.20 -69.50 76.93
N ALA G 987 -4.05 -70.08 77.27
CA ALA G 987 -2.78 -69.62 76.73
C ALA G 987 -2.64 -69.99 75.26
N MET G 988 -2.89 -71.27 74.93
CA MET G 988 -2.70 -71.78 73.58
C MET G 988 -3.67 -71.19 72.57
N HIS G 989 -4.74 -70.54 73.02
CA HIS G 989 -5.59 -69.89 72.03
C HIS G 989 -5.11 -68.51 71.62
N SER G 990 -3.95 -68.05 72.10
CA SER G 990 -3.37 -66.79 71.64
C SER G 990 -2.96 -66.88 70.17
N LYS G 991 -3.09 -65.77 69.46
CA LYS G 991 -3.00 -65.82 68.01
C LYS G 991 -1.57 -65.64 67.49
N LEU G 992 -1.43 -65.85 66.18
CA LEU G 992 -0.17 -65.70 65.46
C LEU G 992 -0.17 -64.50 64.54
N SER G 993 -0.96 -63.50 64.85
CA SER G 993 -0.98 -62.31 64.04
C SER G 993 0.25 -61.47 64.35
N PRO G 994 0.75 -60.68 63.39
CA PRO G 994 1.83 -59.74 63.72
C PRO G 994 1.45 -58.72 64.76
N VAL G 995 0.16 -58.36 64.84
CA VAL G 995 -0.31 -57.49 65.91
C VAL G 995 -0.20 -58.20 67.26
N ALA G 996 -0.39 -59.52 67.28
CA ALA G 996 -0.32 -60.27 68.52
C ALA G 996 1.13 -60.44 68.97
N ILE G 997 2.03 -60.69 68.01
CA ILE G 997 3.47 -60.71 68.29
C ILE G 997 3.92 -59.37 68.85
N ALA G 998 3.43 -58.28 68.26
CA ALA G 998 3.78 -56.94 68.68
C ALA G 998 3.39 -56.68 70.13
N ILE G 999 2.14 -56.99 70.49
CA ILE G 999 1.75 -56.65 71.85
C ILE G 999 2.19 -57.69 72.88
N GLN G 1000 2.46 -58.94 72.49
CA GLN G 1000 3.07 -59.85 73.44
C GLN G 1000 4.52 -59.49 73.72
N SER G 1001 5.22 -59.00 72.70
CA SER G 1001 6.55 -58.45 72.93
C SER G 1001 6.50 -57.20 73.79
N LYS G 1002 5.43 -56.42 73.69
CA LYS G 1002 5.26 -55.31 74.62
C LYS G 1002 5.02 -55.80 76.04
N SER G 1003 4.22 -56.85 76.20
CA SER G 1003 3.86 -57.36 77.51
C SER G 1003 4.86 -58.37 78.08
N LYS G 1004 6.00 -58.58 77.39
CA LYS G 1004 7.04 -59.56 77.78
C LYS G 1004 6.47 -60.96 77.92
N ILE G 1005 5.71 -61.39 76.93
CA ILE G 1005 5.21 -62.75 76.86
C ILE G 1005 5.91 -63.41 75.70
N HIS G 1006 6.63 -64.48 75.99
CA HIS G 1006 7.44 -65.17 75.01
C HIS G 1006 6.56 -65.90 74.00
N PRO G 1007 6.57 -65.53 72.73
CA PRO G 1007 5.76 -66.23 71.74
C PRO G 1007 6.42 -67.54 71.35
N GLY G 1008 5.76 -68.29 70.49
CA GLY G 1008 6.26 -69.60 70.13
C GLY G 1008 7.33 -69.58 69.06
N PHE G 1009 8.43 -68.86 69.33
CA PHE G 1009 9.51 -68.75 68.39
C PHE G 1009 10.84 -68.74 69.13
N ALA G 1010 11.89 -68.98 68.37
CA ALA G 1010 13.23 -68.57 68.73
C ALA G 1010 13.84 -67.99 67.47
N ALA G 1011 15.13 -67.72 67.52
CA ALA G 1011 15.79 -67.07 66.39
C ALA G 1011 17.30 -67.23 66.47
N THR G 1012 17.94 -67.32 65.31
CA THR G 1012 19.39 -67.30 65.21
C THR G 1012 19.79 -65.95 64.63
N LEU G 1013 20.20 -65.04 65.51
CA LEU G 1013 20.72 -63.76 65.05
C LEU G 1013 22.11 -63.91 64.46
N VAL G 1014 22.28 -63.52 63.20
CA VAL G 1014 23.59 -63.57 62.56
C VAL G 1014 24.12 -62.16 62.39
N ARG G 1015 25.44 -62.04 62.44
CA ARG G 1015 26.12 -60.75 62.42
C ARG G 1015 27.53 -60.96 61.92
N THR G 1016 27.99 -60.04 61.07
CA THR G 1016 29.37 -60.06 60.63
C THR G 1016 30.12 -58.87 61.20
N ASP G 1017 31.43 -59.03 61.34
CA ASP G 1017 32.30 -58.03 61.95
C ASP G 1017 33.53 -57.90 61.09
N ASN G 1018 34.01 -56.67 60.91
CA ASN G 1018 35.20 -56.44 60.12
C ASN G 1018 36.33 -55.92 60.99
N PHE G 1019 37.53 -56.45 60.78
CA PHE G 1019 38.67 -56.21 61.66
C PHE G 1019 39.78 -55.55 60.87
N ASP G 1020 40.54 -54.68 61.53
CA ASP G 1020 41.76 -54.13 60.94
C ASP G 1020 42.90 -55.10 61.20
N VAL G 1021 43.41 -55.71 60.14
CA VAL G 1021 44.41 -56.77 60.26
C VAL G 1021 45.62 -56.38 59.43
N GLU G 1022 46.79 -56.42 60.05
CA GLU G 1022 48.02 -56.43 59.27
C GLU G 1022 48.40 -57.88 59.04
N CYS G 1023 48.95 -58.14 57.86
CA CYS G 1023 48.89 -59.49 57.30
C CYS G 1023 50.05 -59.64 56.33
N LEU G 1024 51.05 -60.44 56.70
CA LEU G 1024 52.29 -60.47 55.95
C LEU G 1024 52.26 -61.50 54.83
N LEU G 1025 53.13 -61.30 53.85
CA LEU G 1025 53.23 -62.11 52.65
C LEU G 1025 54.63 -62.70 52.53
N TYR G 1026 54.70 -63.91 51.98
CA TYR G 1026 55.96 -64.51 51.58
C TYR G 1026 55.86 -64.89 50.11
N SER G 1027 56.98 -64.83 49.41
CA SER G 1027 57.01 -65.23 48.02
C SER G 1027 58.39 -65.79 47.72
N SER G 1028 58.45 -66.87 46.95
CA SER G 1028 59.75 -67.38 46.51
C SER G 1028 60.35 -66.41 45.49
N ARG G 1029 61.67 -66.44 45.38
CA ARG G 1029 62.36 -65.47 44.55
C ARG G 1029 62.13 -65.77 43.08
N ALA G 1030 62.03 -64.70 42.29
CA ALA G 1030 61.84 -64.75 40.83
C ALA G 1030 60.63 -65.60 40.44
N ALA G 1031 59.56 -65.47 41.21
CA ALA G 1031 58.37 -66.30 41.01
C ALA G 1031 57.54 -65.86 39.83
N THR G 1032 57.63 -64.59 39.47
CA THR G 1032 56.78 -64.06 38.42
C THR G 1032 57.56 -62.99 37.67
N SER G 1033 57.37 -62.93 36.37
CA SER G 1033 58.10 -61.98 35.54
C SER G 1033 57.20 -60.90 35.00
N ILE G 1034 57.78 -59.72 34.86
CA ILE G 1034 57.09 -58.52 34.40
C ILE G 1034 57.72 -58.14 33.08
N ILE G 1035 56.95 -58.19 32.01
CA ILE G 1035 57.40 -57.63 30.75
C ILE G 1035 56.66 -56.31 30.56
N LEU G 1036 57.40 -55.22 30.41
CA LEU G 1036 56.74 -53.93 30.37
C LEU G 1036 57.19 -52.94 29.34
N ASP G 1037 56.30 -52.00 29.07
CA ASP G 1037 56.56 -50.95 28.09
C ASP G 1037 57.47 -49.87 28.66
N ASP G 1038 58.12 -49.18 27.76
CA ASP G 1038 58.60 -47.84 28.06
C ASP G 1038 57.39 -46.96 28.26
N PRO G 1039 57.36 -46.14 29.32
CA PRO G 1039 56.26 -45.19 29.51
C PRO G 1039 56.00 -44.25 28.34
N THR G 1040 54.82 -44.39 27.77
CA THR G 1040 54.38 -43.57 26.65
C THR G 1040 53.77 -42.28 27.17
N VAL G 1041 53.97 -41.21 26.42
CA VAL G 1041 53.61 -39.86 26.82
C VAL G 1041 52.56 -39.34 25.86
N THR G 1042 51.44 -38.88 26.40
CA THR G 1042 50.47 -38.16 25.60
C THR G 1042 50.10 -36.87 26.31
N ALA G 1043 49.38 -36.02 25.58
CA ALA G 1043 49.29 -34.61 25.95
C ALA G 1043 47.99 -34.03 25.45
N GLU G 1044 47.16 -33.52 26.36
CA GLU G 1044 45.89 -32.91 26.02
C GLU G 1044 46.00 -31.41 26.27
N ALA G 1045 45.86 -30.63 25.21
CA ALA G 1045 46.05 -29.18 25.27
C ALA G 1045 44.68 -28.51 25.34
N LYS G 1046 44.16 -28.41 26.55
CA LYS G 1046 42.92 -27.68 26.76
C LYS G 1046 43.21 -26.19 26.82
N ASP G 1047 42.12 -25.41 26.93
CA ASP G 1047 42.26 -23.95 26.84
C ASP G 1047 42.89 -23.33 28.07
N ILE G 1048 42.80 -23.99 29.23
CA ILE G 1048 43.33 -23.40 30.44
C ILE G 1048 44.38 -24.28 31.11
N VAL G 1049 44.42 -25.57 30.83
CA VAL G 1049 45.50 -26.44 31.28
C VAL G 1049 45.96 -27.27 30.10
N THR G 1050 47.17 -27.81 30.24
CA THR G 1050 47.67 -28.86 29.37
C THR G 1050 48.03 -30.03 30.27
N THR G 1051 47.36 -31.15 30.06
CA THR G 1051 47.51 -32.33 30.91
C THR G 1051 48.35 -33.36 30.20
N TYR G 1052 49.44 -33.77 30.83
CA TYR G 1052 50.31 -34.81 30.34
C TYR G 1052 49.95 -36.10 31.04
N ASN G 1053 49.71 -37.13 30.26
CA ASN G 1053 49.38 -38.45 30.76
C ASN G 1053 50.50 -39.41 30.35
N PHE G 1054 51.07 -40.07 31.34
CA PHE G 1054 52.07 -41.10 31.14
C PHE G 1054 51.37 -42.43 31.35
N THR G 1055 51.41 -43.28 30.35
CA THR G 1055 50.86 -44.62 30.48
C THR G 1055 51.98 -45.64 30.41
N GLN G 1056 51.76 -46.79 31.04
CA GLN G 1056 52.75 -47.84 31.02
C GLN G 1056 52.04 -49.17 31.18
N HIS G 1057 52.23 -50.06 30.21
CA HIS G 1057 51.64 -51.40 30.28
C HIS G 1057 52.60 -52.36 30.95
N LEU G 1058 52.01 -53.24 31.75
CA LEU G 1058 52.70 -54.34 32.40
C LEU G 1058 52.05 -55.61 31.91
N SER G 1059 52.81 -56.70 31.87
CA SER G 1059 52.22 -58.02 31.76
C SER G 1059 52.97 -58.94 32.69
N PHE G 1060 52.21 -59.67 33.50
CA PHE G 1060 52.75 -60.50 34.56
C PHE G 1060 52.54 -61.94 34.15
N VAL G 1061 53.63 -62.69 34.03
CA VAL G 1061 53.56 -64.13 33.86
C VAL G 1061 53.94 -64.75 35.19
N ASP G 1062 53.26 -65.83 35.55
CA ASP G 1062 53.40 -66.45 36.86
C ASP G 1062 54.07 -67.79 36.63
N MET G 1063 55.36 -67.87 36.92
CA MET G 1063 56.16 -68.91 36.31
C MET G 1063 56.22 -70.20 37.12
N GLY G 1064 56.00 -70.15 38.43
CA GLY G 1064 56.09 -71.36 39.23
C GLY G 1064 54.89 -72.27 39.01
N LEU G 1065 55.09 -73.56 39.26
CA LEU G 1065 53.97 -74.48 39.15
C LEU G 1065 53.01 -74.31 40.32
N GLY G 1066 53.47 -74.63 41.52
CA GLY G 1066 52.65 -74.50 42.70
C GLY G 1066 52.49 -73.04 43.10
N PHE G 1067 51.83 -72.85 44.22
CA PHE G 1067 51.65 -71.49 44.71
C PHE G 1067 52.97 -70.99 45.27
N SER G 1068 53.63 -70.15 44.49
CA SER G 1068 54.94 -69.61 44.80
C SER G 1068 54.86 -68.35 45.66
N SER G 1069 53.70 -68.09 46.25
CA SER G 1069 53.51 -66.92 47.11
C SER G 1069 52.36 -67.23 48.07
N THR G 1070 52.59 -67.04 49.36
CA THR G 1070 51.55 -67.25 50.35
C THR G 1070 51.37 -65.98 51.18
N THR G 1071 50.31 -65.99 51.99
CA THR G 1071 49.96 -64.86 52.85
C THR G 1071 49.21 -65.39 54.06
N ALA G 1072 49.70 -65.05 55.26
CA ALA G 1072 49.10 -65.49 56.50
C ALA G 1072 48.65 -64.29 57.33
N THR G 1073 47.48 -64.43 57.96
CA THR G 1073 46.99 -63.43 58.90
C THR G 1073 47.89 -63.36 60.12
N ALA G 1074 48.30 -62.15 60.49
CA ALA G 1074 49.32 -61.99 61.53
C ALA G 1074 48.81 -61.32 62.79
N ASN G 1075 48.26 -60.12 62.70
CA ASN G 1075 48.03 -59.30 63.88
C ASN G 1075 46.77 -58.48 63.67
N LEU G 1076 45.87 -58.48 64.66
CA LEU G 1076 44.82 -57.48 64.69
C LEU G 1076 45.40 -56.11 64.98
N LYS G 1077 44.89 -55.10 64.27
CA LYS G 1077 45.09 -53.72 64.72
C LYS G 1077 43.92 -53.28 65.58
N ARG G 1078 42.74 -53.22 64.98
CA ARG G 1078 41.55 -52.69 65.61
C ARG G 1078 40.34 -53.44 65.09
N ILE G 1079 39.26 -53.39 65.83
CA ILE G 1079 37.96 -53.82 65.33
C ILE G 1079 37.21 -52.59 64.84
N LYS G 1080 36.88 -52.56 63.56
CA LYS G 1080 36.06 -51.46 63.07
C LYS G 1080 34.58 -51.68 63.35
N SER G 1081 34.18 -52.90 63.66
CA SER G 1081 32.78 -53.17 63.95
C SER G 1081 32.41 -52.72 65.35
N ASP G 1082 31.12 -52.45 65.53
CA ASP G 1082 30.61 -52.17 66.86
C ASP G 1082 30.58 -53.42 67.71
N MET G 1083 30.25 -54.56 67.09
CA MET G 1083 29.63 -55.71 67.75
C MET G 1083 28.45 -55.26 68.60
N GLY G 1084 27.64 -54.36 68.05
CA GLY G 1084 26.48 -53.82 68.72
C GLY G 1084 25.28 -54.72 68.58
N SER G 1085 24.09 -54.13 68.53
CA SER G 1085 22.91 -54.94 68.35
C SER G 1085 21.87 -54.37 67.39
N LYS G 1086 22.18 -53.33 66.63
CA LYS G 1086 21.17 -52.71 65.77
C LYS G 1086 20.82 -53.67 64.64
N ILE G 1087 19.64 -54.26 64.74
CA ILE G 1087 19.18 -55.35 63.88
C ILE G 1087 18.86 -54.82 62.49
N GLN G 1088 18.70 -55.72 61.53
CA GLN G 1088 18.33 -55.31 60.19
C GLN G 1088 16.87 -54.89 60.17
N ASN G 1089 16.63 -53.64 59.79
CA ASN G 1089 15.29 -53.08 59.70
C ASN G 1089 14.71 -53.53 58.36
N LEU G 1090 13.79 -54.50 58.40
CA LEU G 1090 13.23 -54.99 57.16
C LEU G 1090 12.24 -54.03 56.53
N PHE G 1091 11.71 -53.06 57.28
CA PHE G 1091 10.87 -52.06 56.63
C PHE G 1091 11.68 -51.02 55.87
N SER G 1092 12.95 -50.87 56.22
CA SER G 1092 13.86 -50.08 55.39
C SER G 1092 14.70 -50.96 54.49
N ALA G 1093 14.56 -52.28 54.58
CA ALA G 1093 15.22 -53.18 53.67
C ALA G 1093 14.33 -53.51 52.48
N PHE G 1094 13.06 -53.86 52.73
CA PHE G 1094 12.05 -54.15 51.71
C PHE G 1094 10.95 -53.09 51.75
N PRO G 1095 11.21 -51.84 51.41
CA PRO G 1095 10.29 -50.77 51.84
C PRO G 1095 9.10 -50.51 50.93
N ILE G 1096 8.92 -51.24 49.83
CA ILE G 1096 7.70 -51.08 49.05
C ILE G 1096 6.57 -51.93 49.61
N HIS G 1097 6.89 -53.02 50.31
CA HIS G 1097 5.86 -53.92 50.80
C HIS G 1097 5.11 -53.29 51.96
N ALA G 1098 3.83 -53.62 52.04
CA ALA G 1098 2.95 -53.02 53.02
C ALA G 1098 1.80 -53.97 53.25
N PHE G 1099 1.09 -53.74 54.35
CA PHE G 1099 -0.11 -54.52 54.59
C PHE G 1099 -1.25 -53.99 53.74
N THR G 1100 -2.35 -54.75 53.70
CA THR G 1100 -3.48 -54.39 52.87
C THR G 1100 -4.20 -53.19 53.45
N ASN G 1101 -4.57 -53.25 54.72
CA ASN G 1101 -5.35 -52.19 55.32
C ASN G 1101 -4.44 -51.13 55.91
N THR G 1102 -4.79 -49.87 55.62
CA THR G 1102 -3.97 -48.73 55.99
C THR G 1102 -3.90 -48.58 57.50
N ASP G 1103 -4.97 -48.95 58.21
CA ASP G 1103 -4.96 -48.90 59.67
C ASP G 1103 -3.96 -49.88 60.26
N ILE G 1104 -3.91 -51.10 59.70
CA ILE G 1104 -2.95 -52.10 60.15
C ILE G 1104 -1.54 -51.64 59.83
N ASN G 1105 -1.32 -51.11 58.62
CA ASN G 1105 0.01 -50.66 58.23
C ASN G 1105 0.48 -49.52 59.12
N THR G 1106 -0.41 -48.59 59.45
CA THR G 1106 -0.06 -47.45 60.29
C THR G 1106 0.27 -47.89 61.71
N TRP G 1107 -0.51 -48.83 62.26
CA TRP G 1107 -0.21 -49.26 63.63
C TRP G 1107 1.02 -50.15 63.70
N ILE G 1108 1.34 -50.88 62.62
CA ILE G 1108 2.58 -51.65 62.61
C ILE G 1108 3.78 -50.73 62.54
N ARG G 1109 3.70 -49.67 61.72
CA ARG G 1109 4.77 -48.65 61.71
C ARG G 1109 4.89 -47.96 63.06
N HIS G 1110 3.76 -47.73 63.73
CA HIS G 1110 3.74 -47.18 65.08
C HIS G 1110 4.52 -48.05 66.05
N HIS G 1111 4.18 -49.34 66.12
CA HIS G 1111 4.77 -50.14 67.18
C HIS G 1111 6.20 -50.58 66.88
N VAL G 1112 6.56 -50.86 65.62
CA VAL G 1112 7.97 -51.15 65.38
C VAL G 1112 8.78 -49.89 65.20
N GLY G 1113 8.15 -48.72 65.17
CA GLY G 1113 8.89 -47.49 65.27
C GLY G 1113 9.59 -47.03 64.00
N ILE G 1114 9.04 -47.35 62.83
CA ILE G 1114 9.61 -46.83 61.60
C ILE G 1114 9.40 -45.32 61.50
N GLU G 1115 8.17 -44.87 61.82
CA GLU G 1115 7.73 -43.49 62.05
C GLU G 1115 7.62 -42.66 60.77
N LYS G 1116 8.16 -43.11 59.77
CA LYS G 1116 8.12 -42.36 58.54
C LYS G 1116 7.13 -43.00 57.59
N PRO G 1117 6.57 -42.25 56.64
CA PRO G 1117 5.59 -42.83 55.73
C PRO G 1117 6.21 -43.86 54.78
N ASN G 1118 5.31 -44.58 54.13
CA ASN G 1118 5.64 -45.44 52.99
C ASN G 1118 6.40 -44.60 51.96
N PRO G 1119 7.50 -45.15 51.37
CA PRO G 1119 8.37 -44.37 50.48
C PRO G 1119 7.75 -43.45 49.41
N SER G 1120 7.24 -43.97 48.29
CA SER G 1120 6.16 -43.46 47.43
C SER G 1120 6.24 -44.24 46.13
N GLU G 1121 5.23 -44.10 45.27
CA GLU G 1121 5.42 -44.46 43.87
C GLU G 1121 6.51 -43.64 43.18
N GLY G 1122 6.96 -44.10 42.02
CA GLY G 1122 7.75 -43.26 41.15
C GLY G 1122 9.15 -43.03 41.65
N GLU G 1123 9.47 -41.79 42.03
CA GLU G 1123 10.85 -41.49 42.37
C GLU G 1123 11.27 -42.08 43.72
N ALA G 1124 10.39 -42.12 44.72
CA ALA G 1124 10.88 -42.58 46.01
C ALA G 1124 11.08 -44.08 46.03
N LEU G 1125 10.17 -44.84 45.40
CA LEU G 1125 10.45 -46.25 45.15
C LEU G 1125 11.65 -46.43 44.25
N ASN G 1126 11.75 -45.68 43.15
CA ASN G 1126 12.85 -45.92 42.22
C ASN G 1126 14.20 -45.45 42.75
N ILE G 1127 14.19 -44.50 43.68
CA ILE G 1127 15.36 -44.14 44.47
C ILE G 1127 15.73 -45.28 45.41
N ILE G 1128 14.75 -46.07 45.82
CA ILE G 1128 15.04 -47.30 46.55
C ILE G 1128 15.48 -48.46 45.64
N THR G 1129 14.97 -48.52 44.41
CA THR G 1129 15.41 -49.58 43.48
C THR G 1129 16.80 -49.30 42.96
N PHE G 1130 17.04 -48.05 42.55
CA PHE G 1130 18.35 -47.52 42.22
C PHE G 1130 19.24 -47.59 43.44
N GLY G 1131 18.63 -47.45 44.61
CA GLY G 1131 19.13 -48.07 45.81
C GLY G 1131 19.58 -47.18 46.94
N GLY G 1132 18.82 -46.93 48.01
CA GLY G 1132 19.19 -45.83 48.87
C GLY G 1132 18.98 -45.99 50.35
N ILE G 1133 19.43 -44.94 51.04
CA ILE G 1133 19.32 -44.81 52.47
C ILE G 1133 18.38 -43.67 52.75
N ASN G 1134 17.23 -43.94 53.35
CA ASN G 1134 16.40 -42.81 53.78
C ASN G 1134 16.86 -42.30 55.14
N LYS G 1135 17.57 -43.14 55.90
CA LYS G 1135 17.96 -42.78 57.25
C LYS G 1135 19.15 -41.83 57.25
N ASN G 1136 18.98 -40.72 57.96
CA ASN G 1136 20.07 -39.83 58.34
C ASN G 1136 21.12 -40.63 59.11
N PRO G 1137 22.41 -40.40 58.86
CA PRO G 1137 23.43 -40.97 59.74
C PRO G 1137 23.27 -40.48 61.17
N PRO G 1138 23.45 -41.36 62.15
CA PRO G 1138 23.28 -40.97 63.54
C PRO G 1138 24.29 -39.92 63.96
N SER G 1139 23.80 -38.95 64.71
CA SER G 1139 24.62 -37.83 65.15
C SER G 1139 25.75 -38.28 66.06
N ILE G 1140 25.53 -39.31 66.86
CA ILE G 1140 26.59 -39.84 67.71
C ILE G 1140 26.86 -41.28 67.31
N LEU G 1141 28.13 -41.65 67.38
CA LEU G 1141 28.61 -42.99 67.05
C LEU G 1141 29.92 -43.20 67.79
N LEU G 1142 30.11 -44.41 68.31
CA LEU G 1142 31.24 -44.68 69.19
C LEU G 1142 32.10 -45.88 68.79
N HIS G 1143 31.60 -46.79 67.97
CA HIS G 1143 32.35 -48.02 67.75
C HIS G 1143 32.38 -48.48 66.30
N GLY G 1144 31.97 -47.65 65.37
CA GLY G 1144 31.96 -48.08 63.99
C GLY G 1144 30.68 -48.80 63.62
N GLN G 1145 30.81 -49.75 62.71
CA GLN G 1145 29.66 -50.29 61.99
C GLN G 1145 29.02 -51.45 62.72
N GLN G 1146 27.74 -51.67 62.43
CA GLN G 1146 26.97 -52.79 62.98
C GLN G 1146 25.78 -53.06 62.07
N ALA G 1147 25.40 -54.34 61.97
CA ALA G 1147 24.22 -54.81 61.25
C ALA G 1147 23.96 -56.26 61.63
N ILE G 1148 22.70 -56.59 61.93
CA ILE G 1148 22.34 -57.92 62.42
C ILE G 1148 21.14 -58.41 61.63
N CYS G 1149 21.31 -59.52 60.92
CA CYS G 1149 20.26 -60.10 60.10
C CYS G 1149 19.42 -61.01 60.98
N GLU G 1150 18.52 -61.80 60.39
CA GLU G 1150 17.46 -62.40 61.19
C GLU G 1150 16.86 -63.66 60.59
N VAL G 1151 16.93 -64.78 61.31
CA VAL G 1151 16.26 -66.02 60.95
C VAL G 1151 15.27 -66.36 62.04
N ILE G 1152 14.07 -66.79 61.68
CA ILE G 1152 13.03 -67.17 62.63
C ILE G 1152 13.15 -68.66 62.89
N LEU G 1153 12.87 -69.10 64.12
CA LEU G 1153 13.23 -70.47 64.49
C LEU G 1153 12.24 -71.06 65.49
N THR G 1154 12.10 -72.39 65.42
CA THR G 1154 11.55 -73.25 66.47
C THR G 1154 12.04 -72.84 67.86
N PRO G 1155 11.20 -72.93 68.89
CA PRO G 1155 11.71 -72.98 70.26
C PRO G 1155 12.23 -74.35 70.69
N VAL G 1156 12.45 -75.28 69.78
CA VAL G 1156 12.79 -76.65 70.12
C VAL G 1156 14.24 -77.00 69.79
N THR G 1157 14.84 -76.34 68.80
CA THR G 1157 16.15 -76.66 68.24
C THR G 1157 17.27 -76.76 69.28
N THR G 1158 17.96 -77.89 69.25
CA THR G 1158 18.90 -78.26 70.30
C THR G 1158 20.11 -77.32 70.31
N ASN G 1159 20.46 -76.81 71.48
CA ASN G 1159 21.65 -75.97 71.62
C ASN G 1159 22.93 -76.76 71.33
N ILE G 1160 23.09 -77.89 72.03
CA ILE G 1160 24.36 -78.60 72.10
C ILE G 1160 24.72 -79.19 70.75
N ASN G 1161 23.73 -79.54 69.95
CA ASN G 1161 24.02 -80.03 68.61
C ASN G 1161 24.33 -78.90 67.64
N PHE G 1162 23.81 -77.70 67.90
CA PHE G 1162 23.78 -76.66 66.87
C PHE G 1162 24.58 -75.41 67.25
N PHE G 1163 24.29 -74.79 68.39
CA PHE G 1163 24.77 -73.44 68.64
C PHE G 1163 26.16 -73.38 69.27
N LYS G 1164 26.64 -74.47 69.85
CA LYS G 1164 27.88 -74.42 70.61
C LYS G 1164 29.11 -74.63 69.74
N LEU G 1165 28.95 -74.74 68.43
CA LEU G 1165 30.01 -75.10 67.50
C LEU G 1165 29.97 -74.16 66.31
N PRO G 1166 31.05 -74.07 65.54
CA PRO G 1166 30.95 -73.42 64.23
C PRO G 1166 30.06 -74.24 63.31
N HIS G 1167 29.00 -73.61 62.82
CA HIS G 1167 27.94 -74.34 62.15
C HIS G 1167 27.14 -73.39 61.27
N ASN G 1168 26.61 -73.92 60.17
CA ASN G 1168 25.80 -73.14 59.26
C ASN G 1168 24.47 -72.80 59.90
N PRO G 1169 24.07 -71.53 59.95
CA PRO G 1169 22.73 -71.18 60.42
C PRO G 1169 21.62 -71.40 59.42
N ARG G 1170 21.88 -72.11 58.31
CA ARG G 1170 20.79 -72.66 57.51
C ARG G 1170 20.10 -73.81 58.23
N GLY G 1171 20.74 -74.37 59.25
CA GLY G 1171 20.26 -75.55 59.94
C GLY G 1171 20.88 -76.81 59.37
N ARG G 1172 20.52 -77.14 58.15
CA ARG G 1172 21.29 -78.11 57.40
C ARG G 1172 22.58 -77.45 56.94
N GLU G 1173 23.67 -78.20 56.98
CA GLU G 1173 24.97 -77.63 56.63
C GLU G 1173 25.19 -77.69 55.13
N SER G 1174 25.76 -76.62 54.57
CA SER G 1174 25.83 -76.38 53.13
C SER G 1174 27.26 -76.10 52.70
N CYS G 1175 28.17 -77.00 53.03
CA CYS G 1175 29.55 -76.85 52.60
C CYS G 1175 29.80 -77.69 51.35
N MET G 1176 30.41 -77.09 50.34
CA MET G 1176 30.58 -77.73 49.04
C MET G 1176 31.80 -78.62 48.99
N MET G 1177 32.54 -78.71 50.09
CA MET G 1177 33.74 -79.51 50.21
C MET G 1177 33.43 -80.97 50.53
N GLY G 1178 32.17 -81.35 50.56
CA GLY G 1178 31.78 -82.73 50.77
C GLY G 1178 31.06 -83.33 49.58
N THR G 1179 30.62 -82.47 48.67
CA THR G 1179 29.79 -82.84 47.53
C THR G 1179 30.68 -83.25 46.36
N ASP G 1180 30.18 -84.17 45.54
CA ASP G 1180 30.72 -84.49 44.24
C ASP G 1180 30.89 -83.21 43.43
N PRO G 1181 32.09 -82.88 42.98
CA PRO G 1181 32.25 -81.75 42.07
C PRO G 1181 31.64 -82.05 40.72
N HIS G 1182 31.16 -80.99 40.06
CA HIS G 1182 30.51 -81.04 38.75
C HIS G 1182 29.29 -81.96 38.74
N ASN G 1183 28.55 -81.98 39.84
CA ASN G 1183 27.32 -82.77 39.95
C ASN G 1183 26.27 -81.87 40.60
N GLU G 1184 25.56 -81.10 39.77
CA GLU G 1184 24.60 -80.15 40.28
C GLU G 1184 23.35 -80.84 40.83
N GLU G 1185 23.05 -82.04 40.34
CA GLU G 1185 21.89 -82.77 40.84
C GLU G 1185 22.10 -83.25 42.26
N ALA G 1186 23.22 -83.95 42.51
CA ALA G 1186 23.54 -84.37 43.86
C ALA G 1186 23.88 -83.17 44.75
N ALA G 1187 24.31 -82.06 44.14
CA ALA G 1187 24.50 -80.82 44.89
C ALA G 1187 23.18 -80.30 45.44
N ARG G 1188 22.16 -80.16 44.58
CA ARG G 1188 20.86 -79.69 45.03
C ARG G 1188 20.20 -80.69 45.97
N LYS G 1189 20.52 -81.98 45.81
CA LYS G 1189 20.06 -82.96 46.79
C LYS G 1189 20.72 -82.75 48.14
N ALA G 1190 21.99 -82.34 48.16
CA ALA G 1190 22.63 -82.05 49.44
C ALA G 1190 22.09 -80.76 50.05
N LEU G 1191 21.68 -79.80 49.23
CA LEU G 1191 21.16 -78.56 49.77
C LEU G 1191 19.68 -78.63 50.13
N TYR G 1192 18.95 -79.62 49.66
CA TYR G 1192 17.51 -79.64 49.93
C TYR G 1192 16.97 -80.93 50.51
N ASP G 1193 17.56 -82.06 50.13
CA ASP G 1193 16.96 -83.37 50.36
C ASP G 1193 16.93 -83.72 51.85
N HIS G 1194 15.81 -84.25 52.30
CA HIS G 1194 15.72 -84.75 53.66
C HIS G 1194 15.20 -86.19 53.72
N THR G 1195 15.05 -86.85 52.59
CA THR G 1195 15.11 -88.31 52.60
C THR G 1195 16.49 -88.75 53.08
N GLN G 1196 17.54 -88.12 52.56
CA GLN G 1196 18.86 -88.26 53.13
C GLN G 1196 18.93 -87.58 54.49
N THR G 1197 19.91 -87.98 55.28
CA THR G 1197 20.22 -87.26 56.49
C THR G 1197 21.38 -86.31 56.25
N ASP G 1198 21.49 -85.33 57.13
CA ASP G 1198 22.71 -84.55 57.25
C ASP G 1198 23.74 -85.39 58.00
N SER G 1199 25.00 -84.97 57.90
CA SER G 1199 26.01 -85.50 58.81
C SER G 1199 25.85 -84.86 60.19
N ASP G 1200 26.69 -85.31 61.12
CA ASP G 1200 26.87 -84.84 62.50
C ASP G 1200 25.74 -85.20 63.46
N THR G 1201 24.60 -85.70 62.95
CA THR G 1201 23.44 -86.04 63.78
C THR G 1201 22.62 -87.04 62.96
N PHE G 1202 21.70 -87.74 63.63
CA PHE G 1202 20.57 -88.37 62.94
C PHE G 1202 19.45 -87.38 62.70
N ALA G 1203 19.77 -86.23 62.10
CA ALA G 1203 18.79 -85.19 61.87
C ALA G 1203 19.22 -84.47 60.62
N ALA G 1204 18.39 -84.51 59.58
CA ALA G 1204 18.69 -83.79 58.35
C ALA G 1204 18.51 -82.29 58.50
N THR G 1205 17.93 -81.83 59.59
CA THR G 1205 17.60 -80.43 59.72
C THR G 1205 17.64 -80.08 61.20
N THR G 1206 18.10 -78.87 61.52
CA THR G 1206 17.68 -78.30 62.78
C THR G 1206 16.67 -77.17 62.61
N ASN G 1207 16.77 -76.38 61.53
CA ASN G 1207 15.88 -75.24 61.31
C ASN G 1207 15.10 -75.50 60.03
N PRO G 1208 13.91 -76.11 60.11
CA PRO G 1208 13.16 -76.42 58.88
C PRO G 1208 12.53 -75.22 58.23
N TRP G 1209 12.54 -74.07 58.87
CA TRP G 1209 12.13 -72.83 58.23
C TRP G 1209 13.29 -72.09 57.62
N ALA G 1210 14.45 -72.69 57.59
CA ALA G 1210 15.59 -72.14 56.90
C ALA G 1210 16.19 -73.10 55.89
N SER G 1211 16.09 -74.41 56.12
CA SER G 1211 16.68 -75.36 55.19
C SER G 1211 15.84 -75.52 53.92
N LEU G 1212 14.53 -75.60 54.08
CA LEU G 1212 13.64 -76.08 53.04
C LEU G 1212 13.49 -75.08 51.88
N PRO G 1213 13.22 -75.56 50.67
CA PRO G 1213 12.96 -74.63 49.56
C PRO G 1213 11.66 -73.89 49.77
N GLY G 1214 11.70 -72.58 49.56
CA GLY G 1214 10.52 -71.81 49.79
C GLY G 1214 10.15 -71.60 51.23
N SER G 1215 11.10 -71.80 52.15
CA SER G 1215 10.87 -71.47 53.54
C SER G 1215 11.18 -70.00 53.74
N LEU G 1216 11.15 -69.53 54.98
CA LEU G 1216 11.39 -68.11 55.20
C LEU G 1216 12.86 -67.73 55.13
N GLY G 1217 13.75 -68.64 54.79
CA GLY G 1217 15.10 -68.23 54.45
C GLY G 1217 15.19 -68.04 52.96
N ASP G 1218 14.59 -68.99 52.23
CA ASP G 1218 14.69 -69.02 50.78
C ASP G 1218 13.88 -67.89 50.16
N ILE G 1219 12.65 -67.67 50.64
CA ILE G 1219 11.81 -66.63 50.05
C ILE G 1219 12.19 -65.24 50.52
N LEU G 1220 13.11 -65.13 51.48
CA LEU G 1220 13.44 -63.87 52.10
C LEU G 1220 14.85 -63.41 51.82
N TYR G 1221 15.82 -64.33 51.72
CA TYR G 1221 17.22 -63.99 51.64
C TYR G 1221 17.95 -64.48 50.40
N ASN G 1222 17.43 -65.47 49.69
CA ASN G 1222 18.06 -65.90 48.44
C ASN G 1222 17.88 -64.82 47.37
N THR G 1223 18.93 -64.55 46.60
CA THR G 1223 18.85 -63.43 45.66
C THR G 1223 17.94 -63.69 44.47
N ALA G 1224 17.57 -64.94 44.20
CA ALA G 1224 16.65 -65.22 43.10
C ALA G 1224 15.26 -64.67 43.37
N HIS G 1225 14.78 -64.78 44.62
CA HIS G 1225 13.51 -64.18 45.01
C HIS G 1225 13.69 -62.75 45.47
N ARG G 1226 14.90 -62.41 45.90
CA ARG G 1226 15.16 -61.06 46.36
C ARG G 1226 15.12 -60.10 45.18
N GLU G 1227 15.61 -60.50 44.00
CA GLU G 1227 15.49 -59.67 42.81
C GLU G 1227 14.07 -59.60 42.29
N GLN G 1228 13.20 -60.53 42.69
CA GLN G 1228 11.78 -60.42 42.37
C GLN G 1228 11.10 -59.38 43.24
N LEU G 1229 11.36 -59.43 44.54
CA LEU G 1229 10.68 -58.57 45.50
C LEU G 1229 11.57 -57.39 45.89
N CYS G 1230 11.21 -56.19 45.41
CA CYS G 1230 12.07 -55.01 45.40
C CYS G 1230 12.53 -54.58 46.79
N TYR G 1231 13.71 -53.95 46.82
CA TYR G 1231 14.48 -53.74 48.03
C TYR G 1231 15.67 -52.85 47.70
N ASN G 1232 16.25 -52.25 48.73
CA ASN G 1232 17.49 -51.48 48.64
C ASN G 1232 18.66 -52.39 48.32
N PRO G 1233 19.35 -52.21 47.19
CA PRO G 1233 20.61 -52.92 47.00
C PRO G 1233 21.77 -52.33 47.81
N LYS G 1234 21.61 -51.19 48.47
CA LYS G 1234 22.65 -50.76 49.39
C LYS G 1234 22.60 -51.50 50.71
N THR G 1235 21.46 -52.11 51.05
CA THR G 1235 21.32 -52.79 52.33
C THR G 1235 22.13 -54.07 52.32
N TYR G 1236 23.13 -54.12 53.19
CA TYR G 1236 23.97 -55.30 53.34
C TYR G 1236 23.32 -56.26 54.32
N SER G 1237 23.15 -57.50 53.88
CA SER G 1237 22.61 -58.55 54.74
C SER G 1237 23.62 -59.67 54.83
N PRO G 1238 24.10 -60.02 56.02
CA PRO G 1238 25.14 -61.06 56.14
C PRO G 1238 24.64 -62.48 55.97
N ASN G 1239 23.38 -62.69 55.65
CA ASN G 1239 22.85 -64.04 55.48
C ASN G 1239 22.70 -64.40 54.01
N ALA G 1240 22.83 -63.42 53.12
CA ALA G 1240 22.87 -63.68 51.69
C ALA G 1240 24.04 -64.59 51.33
N GLN G 1241 25.17 -64.43 52.02
CA GLN G 1241 26.35 -65.24 51.76
C GLN G 1241 26.15 -66.70 52.14
N PHE G 1242 25.14 -67.00 52.95
CA PHE G 1242 24.82 -68.39 53.26
C PHE G 1242 23.64 -68.92 52.48
N PHE G 1243 22.74 -68.05 52.00
CA PHE G 1243 21.54 -68.55 51.37
C PHE G 1243 21.49 -68.39 49.84
N THR G 1244 22.41 -67.64 49.23
CA THR G 1244 22.45 -67.56 47.77
C THR G 1244 22.95 -68.88 47.21
N GLU G 1245 22.05 -69.67 46.65
CA GLU G 1245 22.43 -70.99 46.19
C GLU G 1245 22.94 -71.00 44.76
N SER G 1246 22.55 -70.02 43.96
CA SER G 1246 23.17 -69.84 42.65
C SER G 1246 24.62 -69.41 42.78
N ASP G 1247 25.00 -68.80 43.91
CA ASP G 1247 26.37 -68.45 44.21
C ASP G 1247 27.07 -69.50 45.06
N ILE G 1248 26.49 -70.69 45.18
CA ILE G 1248 27.16 -71.80 45.83
C ILE G 1248 27.21 -73.04 44.96
N LEU G 1249 26.32 -73.18 43.97
CA LEU G 1249 26.48 -74.22 42.98
C LEU G 1249 27.62 -73.91 42.03
N LYS G 1250 28.04 -72.64 41.94
CA LYS G 1250 29.26 -72.27 41.25
C LYS G 1250 30.49 -72.40 42.13
N THR G 1251 30.31 -72.74 43.41
CA THR G 1251 31.39 -73.19 44.26
C THR G 1251 31.51 -74.71 44.22
N ASN G 1252 30.45 -75.41 43.82
CA ASN G 1252 30.58 -76.85 43.55
C ASN G 1252 31.39 -77.07 42.28
N LYS G 1253 32.71 -76.94 42.43
CA LYS G 1253 33.66 -77.15 41.34
C LYS G 1253 34.83 -77.93 41.93
N MET G 1254 35.92 -78.01 41.16
CA MET G 1254 37.13 -78.66 41.63
C MET G 1254 37.83 -77.75 42.62
N MET G 1255 38.68 -78.35 43.47
CA MET G 1255 39.07 -77.68 44.71
C MET G 1255 40.05 -76.52 44.47
N TYR G 1256 40.98 -76.69 43.54
CA TYR G 1256 41.86 -75.56 43.24
C TYR G 1256 41.12 -74.47 42.48
N LYS G 1257 40.09 -74.83 41.71
CA LYS G 1257 39.26 -73.80 41.12
C LYS G 1257 38.50 -73.04 42.19
N VAL G 1258 38.10 -73.72 43.27
CA VAL G 1258 37.46 -73.06 44.41
C VAL G 1258 38.41 -72.06 45.05
N ILE G 1259 39.64 -72.49 45.35
CA ILE G 1259 40.53 -71.56 46.06
C ILE G 1259 41.12 -70.51 45.13
N ASN G 1260 41.24 -70.78 43.83
CA ASN G 1260 41.62 -69.73 42.89
C ASN G 1260 40.52 -68.69 42.77
N GLU G 1261 39.26 -69.13 42.74
CA GLU G 1261 38.15 -68.19 42.75
C GLU G 1261 38.09 -67.42 44.06
N TYR G 1262 38.45 -68.06 45.18
CA TYR G 1262 38.43 -67.37 46.46
C TYR G 1262 39.53 -66.33 46.56
N CYS G 1263 40.74 -66.66 46.13
CA CYS G 1263 41.82 -65.69 46.19
C CYS G 1263 41.70 -64.62 45.10
N MET G 1264 40.95 -64.90 44.03
CA MET G 1264 40.66 -63.84 43.07
C MET G 1264 39.52 -62.95 43.56
N LYS G 1265 38.59 -63.51 44.34
CA LYS G 1265 37.51 -62.73 44.94
C LYS G 1265 38.06 -61.97 46.15
N SER G 1266 38.88 -60.96 45.85
CA SER G 1266 39.39 -60.04 46.84
C SER G 1266 39.45 -58.62 46.29
N ASN G 1267 38.53 -58.27 45.40
CA ASN G 1267 38.38 -56.89 44.95
C ASN G 1267 37.98 -55.99 46.10
N SER G 1268 37.29 -56.55 47.11
CA SER G 1268 36.87 -55.87 48.34
C SER G 1268 35.98 -54.67 48.02
N CYS G 1269 34.81 -54.97 47.44
CA CYS G 1269 33.80 -53.96 47.23
C CYS G 1269 33.23 -53.45 48.55
N LEU G 1270 33.27 -54.26 49.60
CA LEU G 1270 32.63 -53.92 50.86
C LEU G 1270 33.44 -52.86 51.59
N ASN G 1271 32.80 -51.73 51.88
CA ASN G 1271 33.48 -50.66 52.59
C ASN G 1271 33.30 -50.81 54.09
N SER G 1272 34.12 -50.09 54.84
CA SER G 1272 33.97 -50.01 56.28
C SER G 1272 34.00 -48.54 56.71
N ASP G 1273 33.24 -47.73 55.98
CA ASP G 1273 33.01 -46.33 56.29
C ASP G 1273 31.50 -46.12 56.40
N SER G 1274 31.13 -44.92 56.86
CA SER G 1274 29.76 -44.40 56.89
C SER G 1274 28.85 -45.27 57.77
N GLU G 1275 29.24 -45.33 59.04
CA GLU G 1275 28.43 -45.57 60.25
C GLU G 1275 27.64 -46.89 60.34
N ILE G 1276 27.43 -47.61 59.25
CA ILE G 1276 26.89 -48.98 59.30
C ILE G 1276 27.39 -49.72 58.07
N GLN G 1277 27.13 -51.01 58.03
CA GLN G 1277 27.53 -51.84 56.91
C GLN G 1277 26.62 -51.59 55.73
N TYR G 1278 27.12 -50.89 54.72
CA TYR G 1278 26.48 -50.95 53.42
C TYR G 1278 27.21 -51.94 52.52
N SER G 1279 26.67 -52.14 51.34
CA SER G 1279 27.28 -52.99 50.35
C SER G 1279 27.36 -52.21 49.06
N CYS G 1280 28.38 -51.37 48.94
CA CYS G 1280 28.70 -50.81 47.64
C CYS G 1280 29.51 -51.83 46.85
N SER G 1281 29.47 -51.72 45.52
CA SER G 1281 29.86 -52.84 44.68
C SER G 1281 30.87 -52.46 43.60
N GLU G 1282 31.63 -51.39 43.79
CA GLU G 1282 32.53 -50.95 42.73
C GLU G 1282 33.92 -51.55 42.84
N GLY G 1283 34.40 -51.86 44.04
CA GLY G 1283 35.72 -52.45 44.20
C GLY G 1283 36.88 -51.47 44.16
N THR G 1284 36.84 -50.46 45.03
CA THR G 1284 37.90 -49.47 45.11
C THR G 1284 38.96 -49.84 46.15
N ASP G 1285 38.52 -50.36 47.30
CA ASP G 1285 39.41 -50.81 48.38
C ASP G 1285 40.33 -51.92 47.89
N SER G 1286 41.47 -52.05 48.56
CA SER G 1286 42.47 -53.04 48.18
C SER G 1286 41.99 -54.47 48.35
N PHE G 1287 41.83 -54.94 49.58
CA PHE G 1287 41.68 -56.38 49.80
C PHE G 1287 40.86 -56.68 51.03
N VAL G 1288 40.01 -57.72 50.91
CA VAL G 1288 39.28 -58.30 52.02
C VAL G 1288 39.49 -59.80 51.92
N SER G 1289 39.26 -60.50 53.02
CA SER G 1289 39.27 -61.96 53.00
C SER G 1289 38.18 -62.46 53.93
N ARG G 1290 37.39 -63.43 53.44
CA ARG G 1290 36.16 -63.85 54.09
C ARG G 1290 36.17 -65.35 54.35
N PRO G 1291 36.75 -65.78 55.46
CA PRO G 1291 36.80 -67.23 55.75
C PRO G 1291 35.44 -67.83 56.03
N CYS G 1292 34.50 -67.04 56.55
CA CYS G 1292 33.13 -67.53 56.74
C CYS G 1292 32.46 -67.77 55.40
N GLN G 1293 32.73 -66.91 54.41
CA GLN G 1293 32.30 -67.17 53.04
C GLN G 1293 32.90 -68.44 52.50
N PHE G 1294 34.20 -68.64 52.74
CA PHE G 1294 34.86 -69.80 52.16
C PHE G 1294 34.38 -71.10 52.78
N LEU G 1295 34.14 -71.10 54.09
CA LEU G 1295 33.76 -72.33 54.77
C LEU G 1295 32.26 -72.54 54.86
N GLN G 1296 31.46 -71.53 54.47
CA GLN G 1296 29.99 -71.60 54.44
C GLN G 1296 29.39 -71.91 55.81
N ASN G 1297 30.06 -71.48 56.88
CA ASN G 1297 29.43 -71.45 58.17
C ASN G 1297 29.97 -70.25 58.94
N ALA G 1298 29.27 -69.90 60.00
CA ALA G 1298 29.65 -68.77 60.85
C ALA G 1298 30.16 -69.30 62.18
N LEU G 1299 30.40 -68.38 63.10
CA LEU G 1299 31.03 -68.77 64.36
C LEU G 1299 30.11 -68.48 65.53
N PRO G 1300 30.19 -69.25 66.60
CA PRO G 1300 29.47 -68.88 67.83
C PRO G 1300 30.31 -67.94 68.69
N LEU G 1301 29.62 -67.00 69.33
CA LEU G 1301 30.27 -66.01 70.18
C LEU G 1301 29.70 -66.08 71.59
N HIS G 1302 30.39 -65.41 72.52
CA HIS G 1302 30.09 -65.54 73.93
C HIS G 1302 28.83 -64.80 74.32
N CYS G 1303 27.69 -65.47 74.24
CA CYS G 1303 26.41 -64.94 74.66
C CYS G 1303 25.86 -65.81 75.78
N SER G 1304 24.85 -65.29 76.47
CA SER G 1304 24.30 -65.99 77.61
C SER G 1304 22.82 -65.66 77.72
N SER G 1305 22.12 -66.41 78.57
CA SER G 1305 20.70 -66.18 78.73
C SER G 1305 20.42 -65.02 79.67
N ASN G 1306 21.20 -64.90 80.76
CA ASN G 1306 21.04 -63.76 81.63
C ASN G 1306 22.35 -63.33 82.30
N GLN G 1307 22.23 -62.23 83.06
CA GLN G 1307 23.36 -61.61 83.72
C GLN G 1307 23.91 -62.52 84.79
N ALA G 1308 23.08 -63.41 85.33
CA ALA G 1308 23.54 -64.42 86.27
C ALA G 1308 24.66 -65.27 85.69
N LEU G 1309 24.43 -65.85 84.52
CA LEU G 1309 25.49 -66.66 83.92
C LEU G 1309 26.62 -65.78 83.40
N LEU G 1310 26.28 -64.57 82.94
CA LEU G 1310 27.30 -63.69 82.40
C LEU G 1310 28.28 -63.21 83.47
N GLU G 1311 27.82 -63.02 84.71
CA GLU G 1311 28.72 -62.57 85.78
C GLU G 1311 29.73 -63.65 86.14
N SER G 1312 29.30 -64.91 86.22
CA SER G 1312 30.24 -65.98 86.51
C SER G 1312 31.20 -66.22 85.36
N ARG G 1313 30.74 -66.00 84.13
CA ARG G 1313 31.66 -66.02 82.99
C ARG G 1313 32.70 -64.91 83.09
N SER G 1314 32.27 -63.71 83.51
CA SER G 1314 33.22 -62.61 83.65
C SER G 1314 34.17 -62.83 84.81
N LYS G 1315 33.73 -63.56 85.84
CA LYS G 1315 34.63 -63.87 86.96
C LYS G 1315 35.70 -64.87 86.54
N THR G 1316 35.27 -66.05 86.12
CA THR G 1316 36.24 -67.11 85.87
C THR G 1316 36.98 -66.92 84.55
N GLY G 1317 36.50 -66.06 83.66
CA GLY G 1317 37.13 -65.87 82.37
C GLY G 1317 36.96 -67.00 81.40
N ASN G 1318 36.19 -68.03 81.75
CA ASN G 1318 36.06 -69.24 80.96
C ASN G 1318 35.04 -68.98 79.86
N THR G 1319 35.50 -68.33 78.80
CA THR G 1319 34.65 -68.03 77.66
C THR G 1319 34.69 -69.14 76.60
N GLN G 1320 35.54 -70.14 76.78
CA GLN G 1320 35.59 -71.24 75.81
C GLN G 1320 34.57 -72.31 76.15
N ILE G 1321 34.47 -72.69 77.41
CA ILE G 1321 33.60 -73.80 77.81
C ILE G 1321 32.17 -73.30 77.88
N SER G 1322 31.29 -74.00 77.18
CA SER G 1322 29.87 -73.71 77.19
C SER G 1322 29.18 -74.47 78.31
N GLU G 1323 28.29 -73.79 79.02
CA GLU G 1323 27.66 -74.27 80.24
C GLU G 1323 26.19 -73.92 80.23
N THR G 1324 25.37 -74.77 80.88
CA THR G 1324 23.91 -74.61 80.87
C THR G 1324 23.34 -74.73 82.27
N HIS G 1325 22.41 -73.82 82.60
CA HIS G 1325 21.57 -73.90 83.78
C HIS G 1325 20.29 -74.64 83.37
N TYR G 1326 19.23 -74.57 84.20
CA TYR G 1326 17.97 -75.32 84.06
C TYR G 1326 17.30 -75.12 82.71
N CYS G 1327 16.86 -73.90 82.42
CA CYS G 1327 16.45 -73.52 81.10
C CYS G 1327 17.31 -72.42 80.51
N ASN G 1328 18.18 -71.84 81.31
CA ASN G 1328 19.10 -70.82 80.84
C ASN G 1328 20.38 -71.48 80.33
N TYR G 1329 20.88 -70.96 79.22
CA TYR G 1329 22.04 -71.51 78.55
C TYR G 1329 23.05 -70.38 78.34
N ALA G 1330 24.32 -70.73 78.26
CA ALA G 1330 25.35 -69.77 77.88
C ALA G 1330 26.33 -70.44 76.94
N ILE G 1331 26.59 -69.79 75.81
CA ILE G 1331 27.31 -70.38 74.68
C ILE G 1331 28.76 -69.93 74.72
N GLY G 1332 29.68 -70.89 74.64
CA GLY G 1332 31.08 -70.56 74.69
C GLY G 1332 31.57 -69.95 73.38
N GLU G 1333 32.49 -68.99 73.51
CA GLU G 1333 33.09 -68.34 72.36
C GLU G 1333 34.16 -69.25 71.75
N THR G 1334 34.30 -69.16 70.43
CA THR G 1334 35.25 -70.03 69.74
C THR G 1334 36.59 -69.37 69.43
N ILE G 1335 36.68 -68.04 69.47
CA ILE G 1335 37.92 -67.32 69.28
C ILE G 1335 38.02 -66.26 70.36
N PRO G 1336 38.98 -66.35 71.28
CA PRO G 1336 39.03 -65.39 72.41
C PRO G 1336 39.59 -64.03 72.02
N LEU G 1337 38.81 -63.31 71.19
CA LEU G 1337 39.29 -62.08 70.56
C LEU G 1337 39.52 -60.97 71.57
N GLN G 1338 38.81 -61.01 72.70
CA GLN G 1338 39.08 -60.04 73.76
C GLN G 1338 40.47 -60.26 74.35
N LEU G 1339 40.85 -61.52 74.57
CA LEU G 1339 42.22 -61.82 74.98
C LEU G 1339 43.23 -61.48 73.90
N ILE G 1340 42.83 -61.57 72.63
CA ILE G 1340 43.72 -61.21 71.52
C ILE G 1340 44.01 -59.71 71.56
N ILE G 1341 42.98 -58.90 71.75
CA ILE G 1341 43.19 -57.45 71.85
C ILE G 1341 43.94 -57.09 73.13
N GLU G 1342 43.70 -57.81 74.23
CA GLU G 1342 44.44 -57.52 75.46
C GLU G 1342 45.91 -57.92 75.34
N SER G 1343 46.22 -58.90 74.48
CA SER G 1343 47.60 -59.24 74.22
C SER G 1343 48.27 -58.29 73.24
N SER G 1344 47.52 -57.61 72.38
CA SER G 1344 48.11 -56.46 71.66
C SER G 1344 47.37 -55.16 71.88
N GLU H 2 76.45 -2.40 132.41
CA GLU H 2 77.66 -1.57 132.46
C GLU H 2 78.84 -2.36 132.98
N ASN H 3 80.00 -2.16 132.35
CA ASN H 3 81.22 -2.88 132.71
C ASN H 3 82.00 -2.12 133.78
N TRP H 4 82.48 -2.87 134.76
CA TRP H 4 83.28 -2.31 135.83
C TRP H 4 84.50 -3.18 136.08
N GLN H 5 84.36 -4.48 135.81
CA GLN H 5 85.51 -5.36 135.92
C GLN H 5 86.54 -5.07 134.85
N ALA H 6 86.13 -4.46 133.73
CA ALA H 6 87.08 -3.95 132.76
C ALA H 6 88.00 -2.92 133.38
N THR H 7 87.43 -1.97 134.12
CA THR H 7 88.24 -0.98 134.82
C THR H 7 89.09 -1.62 135.91
N GLU H 8 88.53 -2.57 136.65
CA GLU H 8 89.25 -3.12 137.76
C GLU H 8 90.36 -4.07 137.34
N ILE H 9 90.33 -4.60 136.12
CA ILE H 9 91.31 -5.58 135.67
C ILE H 9 92.31 -4.98 134.69
N LEU H 10 91.83 -4.28 133.66
CA LEU H 10 92.69 -3.80 132.60
C LEU H 10 93.67 -2.74 133.12
N PRO H 11 94.85 -2.60 132.50
CA PRO H 11 95.88 -1.73 133.06
C PRO H 11 95.51 -0.26 132.94
N LYS H 12 95.89 0.50 133.96
CA LYS H 12 95.36 1.83 134.22
C LYS H 12 96.49 2.86 134.21
N ILE H 13 96.08 4.13 134.15
CA ILE H 13 97.00 5.26 134.06
C ILE H 13 96.93 6.01 135.38
N GLU H 14 98.07 6.20 136.02
CA GLU H 14 98.10 7.01 137.23
C GLU H 14 98.03 8.48 136.85
N ALA H 15 97.31 9.27 137.65
CA ALA H 15 97.17 10.68 137.38
C ALA H 15 97.60 11.50 138.59
N PRO H 16 98.68 12.27 138.50
CA PRO H 16 99.05 13.14 139.61
C PRO H 16 98.29 14.46 139.59
N LEU H 17 98.46 15.22 140.68
CA LEU H 17 97.99 16.61 140.82
C LEU H 17 96.47 16.72 140.73
N ASN H 18 95.79 15.77 141.37
CA ASN H 18 94.33 15.71 141.41
C ASN H 18 93.97 15.57 142.88
N ILE H 19 93.64 16.69 143.50
CA ILE H 19 93.31 16.67 144.92
C ILE H 19 91.90 16.07 145.15
N PHE H 20 90.92 16.46 144.31
CA PHE H 20 89.49 16.07 144.38
C PHE H 20 88.91 16.05 145.80
N ASN H 21 89.29 17.12 146.50
CA ASN H 21 89.11 17.41 147.93
C ASN H 21 88.68 16.22 148.75
N ASP H 22 87.39 15.96 148.75
CA ASP H 22 86.83 14.81 149.46
C ASP H 22 85.92 13.96 148.59
N ILE H 23 86.39 12.77 148.24
CA ILE H 23 85.54 11.85 147.51
C ILE H 23 84.58 11.10 148.39
N LYS H 24 84.83 11.02 149.69
CA LYS H 24 83.82 10.50 150.60
C LYS H 24 82.55 11.34 150.52
N THR H 25 82.71 12.67 150.59
CA THR H 25 81.54 13.54 150.51
C THR H 25 81.01 13.62 149.09
N TYR H 26 81.87 13.48 148.08
CA TYR H 26 81.37 13.42 146.70
C TYR H 26 80.46 12.22 146.49
N THR H 27 80.90 11.04 146.93
CA THR H 27 80.09 9.85 146.82
C THR H 27 78.84 9.92 147.69
N ALA H 28 78.94 10.54 148.86
CA ALA H 28 77.79 10.63 149.75
C ALA H 28 76.75 11.59 149.22
N GLU H 29 77.17 12.75 148.73
CA GLU H 29 76.25 13.76 148.24
C GLU H 29 75.92 13.60 146.77
N GLN H 30 76.40 12.52 146.13
CA GLN H 30 75.97 12.09 144.80
C GLN H 30 76.23 13.14 143.73
N LEU H 31 77.50 13.46 143.55
CA LEU H 31 77.88 14.27 142.42
C LEU H 31 77.97 13.46 141.14
N PHE H 32 78.19 12.15 141.25
CA PHE H 32 78.45 11.32 140.09
C PHE H 32 77.20 10.53 139.71
N ASP H 33 76.90 10.53 138.43
CA ASP H 33 75.70 9.85 137.97
C ASP H 33 75.91 8.34 137.91
N ASN H 34 77.12 7.91 137.57
CA ASN H 34 77.42 6.50 137.39
C ASN H 34 78.58 6.12 138.29
N LEU H 35 78.31 5.36 139.34
CA LEU H 35 79.38 4.89 140.20
C LEU H 35 79.00 3.57 140.81
N ARG H 36 79.97 2.66 140.90
CA ARG H 36 79.85 1.43 141.67
C ARG H 36 81.02 1.44 142.63
N ILE H 37 80.72 1.38 143.92
CA ILE H 37 81.75 1.33 144.95
C ILE H 37 81.47 0.15 145.87
N TYR H 38 82.54 -0.48 146.31
CA TYR H 38 82.47 -1.66 147.16
C TYR H 38 83.38 -1.44 148.36
N PHE H 39 82.90 -1.81 149.54
CA PHE H 39 83.62 -1.47 150.75
C PHE H 39 84.65 -2.52 151.11
N GLY H 40 84.23 -3.77 151.27
CA GLY H 40 85.15 -4.87 151.45
C GLY H 40 85.58 -5.33 150.07
N ASP H 41 86.62 -6.16 150.04
CA ASP H 41 87.11 -6.66 148.77
C ASP H 41 86.09 -7.61 148.15
N ASP H 42 85.84 -7.43 146.87
CA ASP H 42 84.69 -8.02 146.21
C ASP H 42 85.15 -9.04 145.17
N PRO H 43 84.77 -10.30 145.28
CA PRO H 43 85.14 -11.29 144.27
C PRO H 43 84.30 -11.26 143.00
N SER H 44 83.51 -10.22 142.80
CA SER H 44 82.67 -10.13 141.62
C SER H 44 83.46 -9.86 140.34
N ARG H 45 84.73 -9.49 140.44
CA ARG H 45 85.53 -9.20 139.27
C ARG H 45 86.39 -10.38 138.83
N TYR H 46 86.11 -11.57 139.33
CA TYR H 46 86.88 -12.73 138.91
C TYR H 46 86.16 -13.63 137.92
N ASN H 47 84.84 -13.68 137.95
CA ASN H 47 84.13 -14.55 137.02
C ASN H 47 84.15 -13.93 135.62
N ILE H 48 84.92 -14.53 134.74
CA ILE H 48 85.04 -14.08 133.36
C ILE H 48 84.43 -15.18 132.51
N SER H 49 83.26 -14.91 131.95
CA SER H 49 82.47 -15.90 131.24
C SER H 49 82.02 -15.27 129.95
N PHE H 50 82.51 -15.78 128.83
CA PHE H 50 82.34 -15.13 127.54
C PHE H 50 81.39 -15.92 126.63
N GLU H 51 80.71 -15.20 125.76
CA GLU H 51 79.96 -15.76 124.65
C GLU H 51 80.89 -15.77 123.44
N ALA H 52 81.11 -16.93 122.86
CA ALA H 52 82.12 -17.08 121.81
C ALA H 52 81.44 -17.36 120.49
N LEU H 53 81.76 -16.56 119.47
CA LEU H 53 81.19 -16.76 118.14
C LEU H 53 82.19 -17.41 117.18
N LEU H 54 81.82 -18.56 116.63
CA LEU H 54 82.65 -19.31 115.69
C LEU H 54 82.61 -18.74 114.26
N GLY H 55 83.59 -19.13 113.45
CA GLY H 55 83.70 -18.62 112.08
C GLY H 55 82.33 -18.54 111.41
N ILE H 56 82.09 -17.40 110.76
CA ILE H 56 80.90 -17.25 109.95
C ILE H 56 81.10 -18.04 108.66
N TYR H 57 80.08 -18.79 108.26
CA TYR H 57 80.13 -19.53 107.02
C TYR H 57 79.01 -19.08 106.10
N CYS H 58 79.34 -18.86 104.83
CA CYS H 58 78.38 -18.37 103.86
C CYS H 58 78.12 -19.42 102.80
N ASN H 59 77.00 -19.25 102.12
CA ASN H 59 76.61 -20.17 101.07
C ASN H 59 77.40 -19.90 99.81
N LYS H 60 77.55 -20.93 98.99
CA LYS H 60 78.17 -20.81 97.67
C LYS H 60 77.17 -21.27 96.63
N ILE H 61 76.66 -20.32 95.84
CA ILE H 61 75.64 -20.62 94.85
C ILE H 61 76.32 -21.21 93.62
N GLU H 62 75.77 -22.30 93.10
CA GLU H 62 76.31 -22.83 91.87
C GLU H 62 75.78 -22.05 90.67
N TRP H 63 76.52 -22.11 89.58
CA TRP H 63 76.25 -21.28 88.42
C TRP H 63 75.77 -22.13 87.27
N ILE H 64 74.75 -21.64 86.57
CA ILE H 64 74.15 -22.38 85.46
C ILE H 64 74.39 -21.60 84.18
N ASN H 65 75.08 -22.24 83.24
CA ASN H 65 75.06 -21.78 81.85
C ASN H 65 73.92 -22.48 81.14
N PHE H 66 73.35 -21.79 80.15
CA PHE H 66 72.26 -22.39 79.41
C PHE H 66 72.75 -23.55 78.57
N PHE H 67 73.95 -23.44 78.02
CA PHE H 67 74.45 -24.45 77.12
C PHE H 67 75.16 -25.57 77.86
N THR H 68 75.18 -25.53 79.19
CA THR H 68 75.63 -26.66 79.97
C THR H 68 74.49 -27.66 80.19
N THR H 69 73.31 -27.15 80.52
CA THR H 69 72.19 -28.01 80.83
C THR H 69 71.62 -28.65 79.57
N PRO H 70 71.13 -29.89 79.68
CA PRO H 70 70.73 -30.61 78.47
C PRO H 70 69.35 -30.28 77.92
N ILE H 71 68.77 -29.16 78.31
CA ILE H 71 67.62 -28.66 77.57
C ILE H 71 68.06 -27.89 76.33
N ALA H 72 69.31 -27.46 76.29
CA ALA H 72 69.78 -26.71 75.14
C ALA H 72 69.97 -27.58 73.89
N VAL H 73 69.93 -28.91 74.04
CA VAL H 73 69.90 -29.74 72.84
C VAL H 73 68.51 -29.73 72.21
N ALA H 74 67.47 -29.47 73.00
CA ALA H 74 66.21 -29.12 72.39
C ALA H 74 66.24 -27.70 71.86
N ALA H 75 67.05 -26.84 72.46
CA ALA H 75 67.03 -25.44 72.04
C ALA H 75 67.91 -25.19 70.80
N ASN H 76 67.81 -23.97 70.27
CA ASN H 76 68.69 -23.48 69.21
C ASN H 76 68.64 -21.96 69.29
N VAL H 77 69.65 -21.35 69.87
CA VAL H 77 69.52 -20.01 70.43
C VAL H 77 70.37 -19.02 69.64
N ILE H 78 69.74 -17.96 69.16
CA ILE H 78 70.40 -16.94 68.35
C ILE H 78 70.06 -15.55 68.86
N ARG H 79 71.09 -14.77 69.18
CA ARG H 79 70.90 -13.38 69.52
C ARG H 79 70.49 -12.55 68.32
N PHE H 80 69.63 -11.58 68.59
CA PHE H 80 69.14 -10.65 67.60
C PHE H 80 68.67 -9.43 68.38
N ASN H 81 69.40 -8.35 68.28
CA ASN H 81 69.18 -7.25 69.20
C ASN H 81 67.93 -6.45 68.93
N ASP H 82 67.05 -6.79 68.00
CA ASP H 82 65.87 -5.99 67.75
C ASP H 82 64.59 -6.81 67.82
N VAL H 83 64.61 -7.94 68.53
CA VAL H 83 63.40 -8.72 68.71
C VAL H 83 62.47 -8.04 69.70
N SER H 84 62.96 -7.02 70.42
CA SER H 84 62.06 -6.12 71.13
C SER H 84 61.17 -5.37 70.15
N ARG H 85 61.70 -5.04 68.98
CA ARG H 85 60.92 -4.34 67.98
C ARG H 85 60.20 -5.26 67.01
N MET H 86 60.62 -6.53 66.91
CA MET H 86 59.94 -7.48 66.04
C MET H 86 58.53 -7.76 66.56
N THR H 87 57.55 -7.68 65.68
CA THR H 87 56.17 -7.92 66.06
C THR H 87 55.79 -9.39 65.89
N LEU H 88 55.82 -9.87 64.65
CA LEU H 88 55.57 -11.27 64.35
C LEU H 88 56.73 -11.80 63.54
N GLY H 89 57.35 -12.87 64.03
CA GLY H 89 58.19 -13.68 63.18
C GLY H 89 57.32 -14.74 62.55
N LYS H 90 57.62 -15.08 61.30
CA LYS H 90 56.92 -16.20 60.71
C LYS H 90 57.87 -16.96 59.81
N VAL H 91 57.64 -18.26 59.71
CA VAL H 91 58.31 -19.11 58.74
C VAL H 91 57.24 -19.59 57.78
N LEU H 92 57.65 -19.95 56.58
CA LEU H 92 56.67 -20.34 55.58
C LEU H 92 57.16 -21.63 54.93
N PHE H 93 56.28 -22.63 54.87
CA PHE H 93 56.66 -23.96 54.41
C PHE H 93 55.97 -24.28 53.10
N PHE H 94 56.67 -25.03 52.26
CA PHE H 94 56.19 -25.40 50.93
C PHE H 94 56.35 -26.91 50.81
N ILE H 95 55.27 -27.64 50.98
CA ILE H 95 55.32 -29.08 50.95
C ILE H 95 54.70 -29.55 49.65
N GLN H 96 55.34 -30.52 49.00
CA GLN H 96 54.73 -31.23 47.89
C GLN H 96 54.76 -32.71 48.14
N LEU H 97 53.70 -33.38 47.73
CA LEU H 97 53.52 -34.75 48.15
C LEU H 97 53.64 -35.68 46.96
N PRO H 98 54.42 -36.74 47.08
CA PRO H 98 54.53 -37.71 45.98
C PRO H 98 53.30 -38.60 45.94
N ARG H 99 52.80 -38.85 44.73
CA ARG H 99 51.60 -39.65 44.58
C ARG H 99 51.94 -40.94 43.86
N VAL H 100 50.96 -41.83 43.77
CA VAL H 100 51.15 -43.17 43.22
C VAL H 100 50.22 -43.36 42.04
N ALA H 101 50.71 -44.04 41.01
CA ALA H 101 49.88 -44.34 39.85
C ALA H 101 48.76 -45.29 40.22
N THR H 102 47.56 -44.97 39.78
CA THR H 102 46.44 -45.86 39.99
C THR H 102 46.40 -46.95 38.94
N GLY H 103 45.86 -48.06 39.32
CA GLY H 103 45.50 -49.09 38.39
C GLY H 103 44.18 -48.81 37.70
N ASN H 104 43.56 -49.90 37.29
CA ASN H 104 42.32 -49.84 36.55
C ASN H 104 41.17 -49.33 37.41
N ASP H 105 40.23 -48.62 36.77
CA ASP H 105 38.94 -48.19 37.31
C ASP H 105 39.05 -47.22 38.49
N VAL H 106 40.16 -46.54 38.67
CA VAL H 106 40.32 -45.64 39.81
C VAL H 106 40.56 -44.24 39.27
N THR H 107 39.92 -43.24 39.87
CA THR H 107 40.25 -41.86 39.58
C THR H 107 41.69 -41.60 40.02
N ALA H 108 42.49 -41.06 39.12
CA ALA H 108 43.86 -40.74 39.50
C ALA H 108 43.89 -39.49 40.37
N PRO H 109 44.75 -39.43 41.38
CA PRO H 109 44.84 -38.21 42.19
C PRO H 109 45.51 -37.09 41.44
N LYS H 110 45.09 -35.87 41.73
CA LYS H 110 45.80 -34.73 41.19
C LYS H 110 47.06 -34.47 41.98
N GLU H 111 47.86 -33.52 41.51
CA GLU H 111 48.98 -33.02 42.28
C GLU H 111 48.45 -32.23 43.47
N THR H 112 49.26 -32.11 44.50
CA THR H 112 48.83 -31.44 45.72
C THR H 112 49.94 -30.54 46.22
N THR H 113 49.65 -29.26 46.34
CA THR H 113 50.62 -28.29 46.82
C THR H 113 50.08 -27.67 48.10
N ILE H 114 50.80 -27.87 49.20
CA ILE H 114 50.32 -27.51 50.52
C ILE H 114 51.32 -26.55 51.15
N MET H 115 50.84 -25.40 51.58
CA MET H 115 51.67 -24.36 52.17
C MET H 115 51.11 -23.99 53.53
N VAL H 116 51.95 -23.98 54.55
CA VAL H 116 51.56 -23.55 55.89
C VAL H 116 52.48 -22.43 56.30
N ALA H 117 52.12 -21.78 57.41
CA ALA H 117 52.93 -20.68 57.92
C ALA H 117 52.84 -20.65 59.44
N LYS H 118 53.88 -21.11 60.11
CA LYS H 118 53.92 -21.01 61.56
C LYS H 118 54.26 -19.60 61.98
N HIS H 119 53.84 -19.23 63.18
CA HIS H 119 54.14 -17.92 63.72
C HIS H 119 55.06 -18.04 64.92
N SER H 120 55.47 -16.88 65.42
CA SER H 120 56.40 -16.77 66.52
C SER H 120 55.65 -16.34 67.76
N GLU H 121 55.75 -17.12 68.83
CA GLU H 121 55.29 -16.62 70.10
C GLU H 121 56.36 -15.68 70.66
N LYS H 122 55.95 -14.74 71.49
CA LYS H 122 56.97 -13.92 72.14
C LYS H 122 56.70 -13.84 73.63
N HIS H 123 57.78 -13.75 74.39
CA HIS H 123 57.72 -13.94 75.82
C HIS H 123 58.84 -13.13 76.47
N PRO H 124 58.53 -12.05 77.15
CA PRO H 124 59.56 -11.31 77.87
C PRO H 124 59.71 -11.84 79.29
N ILE H 125 60.90 -11.66 79.85
CA ILE H 125 61.17 -12.04 81.23
C ILE H 125 61.98 -10.93 81.88
N ASN H 126 61.94 -10.87 83.21
CA ASN H 126 62.63 -9.82 83.92
C ASN H 126 63.00 -10.23 85.34
N ILE H 127 63.92 -9.46 85.91
CA ILE H 127 64.44 -9.64 87.26
C ILE H 127 64.66 -8.28 87.89
N SER H 128 64.09 -8.09 89.07
CA SER H 128 64.30 -6.87 89.82
C SER H 128 65.18 -7.16 91.03
N PHE H 129 66.12 -6.27 91.28
CA PHE H 129 66.80 -6.30 92.57
C PHE H 129 66.96 -4.87 93.02
N ASP H 130 66.84 -4.64 94.32
CA ASP H 130 66.86 -3.28 94.83
C ASP H 130 68.14 -3.01 95.60
N LEU H 131 68.44 -1.73 95.73
CA LEU H 131 69.53 -1.26 96.57
C LEU H 131 68.98 -0.20 97.49
N SER H 132 69.25 -0.35 98.78
CA SER H 132 68.75 0.61 99.75
C SER H 132 69.48 1.94 99.60
N ALA H 133 68.85 3.00 100.12
CA ALA H 133 69.41 4.33 99.94
C ALA H 133 70.68 4.53 100.74
N ALA H 134 70.79 3.91 101.90
CA ALA H 134 72.01 4.02 102.68
C ALA H 134 73.16 3.30 101.99
N CYS H 135 72.86 2.13 101.41
CA CYS H 135 73.86 1.44 100.60
C CYS H 135 74.23 2.25 99.37
N LEU H 136 73.27 2.98 98.81
CA LEU H 136 73.56 3.78 97.63
C LEU H 136 74.39 5.00 98.00
N GLU H 137 74.26 5.49 99.23
CA GLU H 137 75.16 6.53 99.72
C GLU H 137 76.56 5.99 99.90
N HIS H 138 76.69 4.89 100.64
CA HIS H 138 78.02 4.37 100.92
C HIS H 138 78.68 3.72 99.72
N LEU H 139 77.94 3.49 98.65
CA LEU H 139 78.52 2.85 97.47
C LEU H 139 79.46 3.80 96.75
N GLU H 140 79.05 5.04 96.59
CA GLU H 140 79.79 5.87 95.67
C GLU H 140 80.87 6.69 96.35
N ASN H 141 80.64 7.27 97.52
CA ASN H 141 81.64 8.13 98.11
C ASN H 141 82.12 7.63 99.46
N THR H 142 83.37 7.97 99.77
CA THR H 142 83.84 7.96 101.13
C THR H 142 83.64 9.37 101.69
N PHE H 143 83.06 9.45 102.88
CA PHE H 143 82.81 10.75 103.48
C PHE H 143 84.11 11.38 103.93
N LYS H 144 84.76 10.75 104.88
CA LYS H 144 86.15 10.97 105.19
C LYS H 144 86.82 9.64 104.97
N ASN H 145 88.13 9.58 105.12
CA ASN H 145 88.81 8.32 104.87
C ASN H 145 89.00 7.55 106.18
N THR H 146 87.91 7.40 106.91
CA THR H 146 87.98 6.62 108.14
C THR H 146 87.90 5.14 107.80
N VAL H 147 88.43 4.33 108.72
CA VAL H 147 88.48 2.88 108.54
C VAL H 147 87.08 2.31 108.42
N ILE H 148 86.16 2.82 109.24
CA ILE H 148 84.78 2.35 109.22
C ILE H 148 84.11 2.69 107.89
N ASP H 149 84.42 3.87 107.35
CA ASP H 149 83.85 4.26 106.07
C ASP H 149 84.41 3.40 104.94
N GLN H 150 85.67 2.98 105.06
CA GLN H 150 86.21 2.03 104.07
C GLN H 150 85.52 0.67 104.17
N ILE H 151 85.23 0.23 105.39
CA ILE H 151 84.52 -1.05 105.60
C ILE H 151 83.16 -0.99 104.92
N LEU H 152 82.44 0.09 105.14
CA LEU H 152 81.10 0.19 104.57
C LEU H 152 81.13 0.37 103.06
N ASN H 153 82.16 1.06 102.53
CA ASN H 153 82.31 1.17 101.09
C ASN H 153 82.52 -0.19 100.44
N ILE H 154 83.37 -1.01 101.05
CA ILE H 154 83.65 -2.30 100.43
C ILE H 154 82.47 -3.26 100.60
N ASN H 155 81.71 -3.14 101.70
CA ASN H 155 80.49 -3.94 101.81
C ASN H 155 79.44 -3.51 100.79
N ALA H 156 79.34 -2.22 100.50
CA ALA H 156 78.40 -1.79 99.48
C ALA H 156 78.82 -2.29 98.11
N LEU H 157 80.13 -2.29 97.84
CA LEU H 157 80.60 -2.71 96.52
C LEU H 157 80.40 -4.21 96.33
N HIS H 158 80.69 -4.99 97.37
CA HIS H 158 80.43 -6.43 97.29
C HIS H 158 78.96 -6.74 97.22
N THR H 159 78.11 -5.94 97.87
CA THR H 159 76.67 -6.10 97.77
C THR H 159 76.20 -5.93 96.33
N VAL H 160 76.69 -4.88 95.67
CA VAL H 160 76.24 -4.61 94.31
C VAL H 160 76.76 -5.67 93.35
N LEU H 161 78.02 -6.08 93.47
CA LEU H 161 78.56 -7.09 92.56
C LEU H 161 77.89 -8.44 92.75
N ARG H 162 77.60 -8.80 93.99
CA ARG H 162 76.95 -10.08 94.26
C ARG H 162 75.52 -10.09 93.76
N SER H 163 74.81 -8.97 93.90
CA SER H 163 73.45 -8.94 93.37
C SER H 163 73.42 -8.93 91.85
N LEU H 164 74.44 -8.36 91.20
CA LEU H 164 74.49 -8.44 89.74
C LEU H 164 74.73 -9.86 89.25
N LYS H 165 75.62 -10.59 89.93
CA LYS H 165 75.84 -11.98 89.55
C LYS H 165 74.60 -12.83 89.78
N ASN H 166 73.90 -12.57 90.89
CA ASN H 166 72.67 -13.32 91.19
C ASN H 166 71.59 -13.03 90.16
N SER H 167 71.48 -11.78 89.71
CA SER H 167 70.47 -11.44 88.73
C SER H 167 70.79 -12.04 87.36
N ALA H 168 72.07 -12.10 86.99
CA ALA H 168 72.41 -12.73 85.71
C ALA H 168 72.15 -14.23 85.75
N ASP H 169 72.45 -14.88 86.88
CA ASP H 169 72.09 -16.28 87.05
C ASP H 169 70.57 -16.47 86.98
N SER H 170 69.83 -15.52 87.52
CA SER H 170 68.37 -15.59 87.46
C SER H 170 67.86 -15.47 86.04
N LEU H 171 68.54 -14.67 85.20
CA LEU H 171 68.08 -14.56 83.82
C LEU H 171 68.37 -15.84 83.05
N GLU H 172 69.51 -16.49 83.33
CA GLU H 172 69.78 -17.78 82.72
C GLU H 172 68.75 -18.84 83.12
N ARG H 173 68.44 -18.90 84.42
CA ARG H 173 67.44 -19.86 84.87
C ARG H 173 66.05 -19.49 84.39
N GLY H 174 65.80 -18.21 84.13
CA GLY H 174 64.53 -17.83 83.58
C GLY H 174 64.38 -18.25 82.14
N LEU H 175 65.49 -18.23 81.39
CA LEU H 175 65.47 -18.78 80.04
C LEU H 175 65.18 -20.27 80.06
N ILE H 176 65.81 -20.99 81.01
CA ILE H 176 65.51 -22.40 81.25
C ILE H 176 64.02 -22.63 81.48
N HIS H 177 63.46 -21.86 82.41
CA HIS H 177 62.09 -22.12 82.82
C HIS H 177 61.09 -21.72 81.75
N ALA H 178 61.36 -20.64 81.01
CA ALA H 178 60.42 -20.23 79.97
C ALA H 178 60.46 -21.19 78.80
N PHE H 179 61.63 -21.75 78.49
CA PHE H 179 61.69 -22.73 77.42
C PHE H 179 60.98 -24.02 77.82
N MET H 180 61.13 -24.42 79.09
CA MET H 180 60.41 -25.59 79.57
C MET H 180 58.91 -25.35 79.59
N GLN H 181 58.52 -24.12 79.90
CA GLN H 181 57.12 -23.71 79.90
C GLN H 181 56.51 -23.88 78.51
N THR H 182 57.20 -23.39 77.49
CA THR H 182 56.63 -23.45 76.16
C THR H 182 56.69 -24.85 75.57
N LEU H 183 57.69 -25.66 75.92
CA LEU H 183 57.66 -27.05 75.50
C LEU H 183 56.49 -27.81 76.13
N LEU H 184 56.16 -27.49 77.37
CA LEU H 184 55.02 -28.13 77.99
C LEU H 184 53.71 -27.67 77.38
N ARG H 185 53.61 -26.39 77.01
CA ARG H 185 52.40 -25.94 76.33
C ARG H 185 52.28 -26.50 74.92
N LYS H 186 53.41 -26.84 74.29
CA LYS H 186 53.31 -27.47 72.98
C LYS H 186 52.98 -28.95 73.08
N SER H 187 53.52 -29.64 74.08
CA SER H 187 53.64 -31.08 74.04
C SER H 187 52.32 -31.78 74.34
N PRO H 188 51.75 -32.54 73.41
CA PRO H 188 50.56 -33.29 73.70
C PRO H 188 50.92 -34.61 74.36
N PRO H 189 50.01 -35.24 75.08
CA PRO H 189 50.34 -36.48 75.77
C PRO H 189 50.42 -37.69 74.85
N GLN H 190 50.97 -38.75 75.42
CA GLN H 190 51.48 -39.87 74.65
C GLN H 190 50.35 -40.71 74.07
N PHE H 191 49.24 -40.84 74.78
CA PHE H 191 48.14 -41.64 74.26
C PHE H 191 47.49 -40.96 73.06
N ILE H 192 47.39 -39.63 73.11
CA ILE H 192 46.88 -38.88 71.96
C ILE H 192 47.81 -39.03 70.76
N VAL H 193 49.12 -38.91 70.99
CA VAL H 193 50.05 -38.98 69.87
C VAL H 193 50.08 -40.37 69.26
N LEU H 194 50.12 -41.40 70.09
CA LEU H 194 50.14 -42.77 69.59
C LEU H 194 48.82 -43.16 68.95
N THR H 195 47.73 -42.51 69.32
CA THR H 195 46.47 -42.83 68.67
C THR H 195 46.38 -42.16 67.31
N MET H 196 46.87 -40.93 67.20
CA MET H 196 46.81 -40.23 65.91
C MET H 196 47.73 -40.87 64.87
N ASN H 197 48.93 -41.28 65.29
CA ASN H 197 49.86 -41.90 64.37
C ASN H 197 49.33 -43.23 63.84
N GLU H 198 48.54 -43.94 64.63
CA GLU H 198 47.89 -45.14 64.12
C GLU H 198 46.71 -44.78 63.23
N ASN H 199 45.98 -43.72 63.57
CA ASN H 199 44.74 -43.38 62.87
C ASN H 199 44.94 -42.24 61.88
N LYS H 200 46.07 -42.26 61.19
CA LYS H 200 46.21 -41.53 59.92
C LYS H 200 45.05 -41.81 58.97
N VAL H 201 44.79 -40.84 58.10
CA VAL H 201 43.59 -40.83 57.26
C VAL H 201 43.81 -41.70 56.05
N HIS H 202 42.73 -42.30 55.55
CA HIS H 202 42.68 -42.71 54.16
C HIS H 202 42.65 -41.44 53.32
N ASN H 203 43.62 -41.31 52.42
CA ASN H 203 44.02 -39.99 51.97
C ASN H 203 43.07 -39.36 50.95
N LYS H 204 41.95 -40.01 50.62
CA LYS H 204 41.03 -39.41 49.66
C LYS H 204 40.28 -38.23 50.25
N GLN H 205 39.88 -38.33 51.51
CA GLN H 205 38.84 -37.46 52.06
C GLN H 205 39.31 -36.77 53.33
N ALA H 206 38.41 -36.10 54.02
CA ALA H 206 38.64 -35.77 55.42
C ALA H 206 38.34 -37.01 56.27
N LEU H 207 38.61 -36.91 57.57
CA LEU H 207 38.67 -38.11 58.39
C LEU H 207 37.28 -38.64 58.72
N SER H 208 37.14 -39.96 58.64
CA SER H 208 35.83 -40.59 58.61
C SER H 208 35.27 -40.78 60.01
N ARG H 209 33.95 -40.99 60.04
CA ARG H 209 33.25 -41.10 61.32
C ARG H 209 33.61 -42.38 62.04
N VAL H 210 33.68 -43.49 61.30
CA VAL H 210 34.07 -44.77 61.90
C VAL H 210 35.51 -44.71 62.37
N GLN H 211 36.36 -44.00 61.61
CA GLN H 211 37.75 -43.77 61.99
C GLN H 211 37.83 -43.06 63.33
N ARG H 212 37.12 -41.95 63.48
CA ARG H 212 37.28 -41.22 64.74
C ARG H 212 36.53 -41.86 65.90
N SER H 213 35.51 -42.66 65.64
CA SER H 213 34.88 -43.36 66.76
C SER H 213 35.79 -44.45 67.30
N ASN H 214 36.41 -45.24 66.41
CA ASN H 214 37.39 -46.20 66.89
C ASN H 214 38.61 -45.52 67.48
N MET H 215 38.91 -44.32 67.01
CA MET H 215 40.00 -43.54 67.57
C MET H 215 39.68 -43.12 69.01
N PHE H 216 38.42 -42.81 69.28
CA PHE H 216 37.99 -42.53 70.64
C PHE H 216 38.11 -43.75 71.53
N GLN H 217 37.66 -44.91 71.04
CA GLN H 217 37.76 -46.14 71.81
C GLN H 217 39.22 -46.49 72.10
N SER H 218 40.10 -46.21 71.15
CA SER H 218 41.52 -46.41 71.38
C SER H 218 42.08 -45.43 72.39
N LEU H 219 41.58 -44.19 72.42
CA LEU H 219 42.02 -43.24 73.44
C LEU H 219 41.66 -43.71 74.84
N LYS H 220 40.43 -44.24 75.00
CA LYS H 220 40.04 -44.87 76.27
C LYS H 220 41.00 -45.98 76.66
N ASN H 221 41.31 -46.88 75.73
CA ASN H 221 42.10 -48.04 76.10
C ASN H 221 43.55 -47.67 76.41
N ARG H 222 44.16 -46.81 75.59
CA ARG H 222 45.53 -46.35 75.85
C ARG H 222 45.61 -45.62 77.19
N LEU H 223 44.62 -44.78 77.49
CA LEU H 223 44.67 -44.02 78.73
C LEU H 223 44.50 -44.92 79.95
N LEU H 224 43.54 -45.83 79.91
CA LEU H 224 43.33 -46.69 81.07
C LEU H 224 44.43 -47.73 81.24
N THR H 225 45.19 -48.03 80.20
CA THR H 225 46.30 -48.97 80.42
C THR H 225 47.58 -48.26 80.85
N SER H 226 48.07 -47.33 80.05
CA SER H 226 49.44 -46.86 80.23
C SER H 226 49.51 -45.56 81.00
N LEU H 227 48.65 -45.37 82.00
CA LEU H 227 48.63 -44.09 82.68
C LEU H 227 49.78 -43.96 83.68
N PHE H 228 49.76 -44.77 84.73
CA PHE H 228 50.79 -44.66 85.76
C PHE H 228 51.91 -45.60 85.36
N PHE H 229 52.84 -45.06 84.61
CA PHE H 229 53.68 -45.86 83.73
C PHE H 229 54.81 -46.54 84.49
N LEU H 230 55.59 -45.79 85.26
CA LEU H 230 56.66 -46.41 86.04
C LEU H 230 56.14 -47.31 87.13
N ASN H 231 54.96 -47.03 87.64
CA ASN H 231 54.58 -47.56 88.94
C ASN H 231 53.92 -48.92 88.83
N ARG H 232 53.31 -49.23 87.69
CA ARG H 232 52.54 -50.46 87.59
C ARG H 232 53.43 -51.65 87.28
N ASN H 233 54.06 -51.66 86.12
CA ASN H 233 54.90 -52.76 85.69
C ASN H 233 56.28 -52.66 86.32
N ASN H 234 57.14 -53.59 85.96
CA ASN H 234 58.55 -53.48 86.31
C ASN H 234 59.48 -53.94 85.18
N ASN H 235 58.94 -54.30 84.02
CA ASN H 235 59.76 -54.89 82.97
C ASN H 235 60.62 -53.81 82.32
N SER H 236 61.93 -53.98 82.39
CA SER H 236 62.84 -53.11 81.68
C SER H 236 62.62 -53.20 80.17
N SER H 237 62.23 -54.37 79.68
CA SER H 237 61.89 -54.54 78.28
C SER H 237 60.67 -53.71 77.90
N TYR H 238 59.62 -53.77 78.72
CA TYR H 238 58.40 -53.03 78.43
C TYR H 238 58.63 -51.53 78.49
N ILE H 239 59.40 -51.08 79.48
CA ILE H 239 59.63 -49.64 79.61
C ILE H 239 60.57 -49.14 78.52
N TYR H 240 61.52 -49.97 78.10
CA TYR H 240 62.34 -49.67 76.94
C TYR H 240 61.51 -49.57 75.68
N ARG H 241 60.50 -50.43 75.57
CA ARG H 241 59.59 -50.38 74.42
C ARG H 241 58.77 -49.10 74.40
N ILE H 242 58.31 -48.65 75.57
CA ILE H 242 57.47 -47.45 75.62
C ILE H 242 58.29 -46.22 75.28
N LEU H 243 59.52 -46.15 75.80
CA LEU H 243 60.39 -45.02 75.44
C LEU H 243 60.77 -45.05 73.96
N ASN H 244 60.90 -46.26 73.40
CA ASN H 244 61.16 -46.39 71.97
C ASN H 244 59.97 -45.90 71.16
N ASP H 245 58.75 -46.14 71.65
CA ASP H 245 57.57 -45.64 70.94
C ASP H 245 57.43 -44.13 71.06
N MET H 246 57.89 -43.54 72.18
CA MET H 246 57.95 -42.08 72.25
C MET H 246 58.86 -41.51 71.18
N MET H 247 60.06 -42.08 71.08
CA MET H 247 61.02 -41.55 70.13
C MET H 247 60.64 -41.86 68.69
N GLU H 248 59.81 -42.87 68.45
CA GLU H 248 59.28 -43.03 67.11
C GLU H 248 58.10 -42.13 66.84
N SER H 249 57.39 -41.69 67.87
CA SER H 249 56.21 -40.87 67.65
C SER H 249 56.53 -39.40 67.46
N VAL H 250 57.65 -38.92 68.01
CA VAL H 250 58.00 -37.52 67.84
C VAL H 250 58.57 -37.28 66.45
N THR H 251 58.04 -36.26 65.76
CA THR H 251 58.55 -35.84 64.48
C THR H 251 59.79 -34.98 64.63
N GLU H 252 60.68 -35.06 63.65
CA GLU H 252 61.97 -34.40 63.66
C GLU H 252 61.79 -32.90 63.34
N SER H 253 62.83 -32.12 63.63
CA SER H 253 62.86 -30.73 63.25
C SER H 253 63.29 -30.54 61.80
N ILE H 254 63.21 -29.30 61.32
CA ILE H 254 63.54 -29.04 59.92
C ILE H 254 65.03 -28.92 59.72
N LEU H 255 65.75 -28.31 60.66
CA LEU H 255 67.14 -28.00 60.40
C LEU H 255 68.05 -29.12 60.88
N ASN H 256 69.05 -29.41 60.07
CA ASN H 256 69.98 -30.50 60.32
C ASN H 256 71.37 -29.89 60.18
N ASP H 257 71.88 -29.35 61.27
CA ASP H 257 73.26 -28.94 61.30
C ASP H 257 74.10 -30.15 61.66
N THR H 258 75.26 -30.24 61.01
CA THR H 258 76.12 -31.39 61.22
C THR H 258 76.81 -31.33 62.58
N ASN H 259 76.96 -30.16 63.16
CA ASN H 259 77.79 -30.02 64.35
C ASN H 259 77.05 -29.74 65.63
N ASN H 260 75.76 -29.39 65.58
CA ASN H 260 75.00 -29.15 66.81
C ASN H 260 74.74 -30.46 67.52
N TYR H 261 75.39 -30.62 68.68
CA TYR H 261 75.24 -31.78 69.56
C TYR H 261 75.55 -33.08 68.83
N THR H 262 76.72 -33.10 68.20
CA THR H 262 77.17 -34.22 67.42
C THR H 262 78.18 -35.01 68.21
N SER H 263 78.03 -36.32 68.23
CA SER H 263 78.98 -37.18 68.94
C SER H 263 80.24 -37.37 68.10
N LYS H 264 81.09 -38.28 68.53
CA LYS H 264 82.31 -38.57 67.81
C LYS H 264 82.01 -39.27 66.50
N GLU H 265 82.86 -38.99 65.51
CA GLU H 265 82.79 -39.53 64.14
C GLU H 265 81.48 -39.17 63.45
N ASN H 266 80.92 -38.02 63.83
CA ASN H 266 79.77 -37.38 63.17
C ASN H 266 78.53 -38.26 63.18
N ILE H 267 78.14 -38.68 64.37
CA ILE H 267 76.83 -39.31 64.56
C ILE H 267 76.04 -38.40 65.50
N PRO H 268 75.03 -37.70 65.02
CA PRO H 268 74.40 -36.67 65.84
C PRO H 268 73.47 -37.25 66.89
N LEU H 269 73.55 -36.69 68.09
CA LEU H 269 72.61 -37.01 69.15
C LEU H 269 71.22 -36.53 68.75
N ASP H 270 70.21 -37.26 69.19
CA ASP H 270 68.87 -37.12 68.67
C ASP H 270 67.89 -36.90 69.81
N GLY H 271 67.79 -35.66 70.27
CA GLY H 271 66.74 -35.28 71.19
C GLY H 271 67.08 -35.54 72.64
N VAL H 272 66.23 -34.98 73.50
CA VAL H 272 66.42 -35.07 74.94
C VAL H 272 65.18 -35.70 75.56
N LEU H 273 65.42 -36.66 76.46
CA LEU H 273 64.44 -37.12 77.41
C LEU H 273 64.80 -36.53 78.76
N LEU H 274 63.93 -35.70 79.28
CA LEU H 274 64.18 -35.11 80.58
C LEU H 274 62.95 -35.29 81.43
N GLY H 275 63.18 -35.59 82.68
CA GLY H 275 62.09 -35.75 83.61
C GLY H 275 62.42 -35.14 84.94
N PRO H 276 61.65 -35.48 85.96
CA PRO H 276 62.01 -35.12 87.33
C PRO H 276 62.81 -36.24 87.98
N ILE H 277 63.42 -35.88 89.11
CA ILE H 277 64.49 -36.70 89.66
C ILE H 277 63.95 -37.99 90.26
N GLY H 278 62.73 -37.97 90.79
CA GLY H 278 62.14 -39.18 91.34
C GLY H 278 61.83 -40.20 90.28
N SER H 279 61.49 -39.76 89.07
CA SER H 279 61.35 -40.66 87.95
C SER H 279 62.70 -41.17 87.49
N ILE H 280 63.67 -40.27 87.35
CA ILE H 280 64.90 -40.66 86.69
C ILE H 280 65.79 -41.54 87.56
N GLN H 281 65.66 -41.48 88.89
CA GLN H 281 66.37 -42.45 89.71
C GLN H 281 65.87 -43.87 89.44
N LYS H 282 64.55 -44.04 89.33
CA LYS H 282 63.99 -45.34 89.01
C LYS H 282 64.37 -45.76 87.60
N LEU H 283 64.41 -44.81 86.67
CA LEU H 283 64.75 -45.13 85.29
C LEU H 283 66.20 -45.59 85.16
N THR H 284 67.12 -44.92 85.86
CA THR H 284 68.51 -45.36 85.85
C THR H 284 68.65 -46.72 86.51
N ASN H 285 67.91 -46.97 87.58
CA ASN H 285 68.02 -48.25 88.28
C ASN H 285 67.46 -49.39 87.45
N ILE H 286 66.46 -49.14 86.61
CA ILE H 286 65.93 -50.23 85.79
C ILE H 286 66.55 -50.31 84.41
N LEU H 287 67.25 -49.27 83.96
CA LEU H 287 67.81 -49.25 82.62
C LEU H 287 69.27 -48.86 82.65
N SER H 288 69.99 -49.29 83.68
CA SER H 288 71.43 -49.02 83.75
C SER H 288 72.24 -49.74 82.68
N GLN H 289 71.64 -50.70 81.95
CA GLN H 289 72.33 -51.31 80.81
C GLN H 289 72.53 -50.32 79.68
N TYR H 290 71.62 -49.36 79.53
CA TYR H 290 71.55 -48.57 78.31
C TYR H 290 72.03 -47.16 78.53
N ILE H 291 72.62 -46.86 79.68
CA ILE H 291 73.01 -45.51 80.05
C ILE H 291 74.52 -45.40 80.06
N SER H 292 75.04 -44.49 79.26
CA SER H 292 76.47 -44.22 79.22
C SER H 292 76.69 -42.74 78.97
N THR H 293 77.72 -42.20 79.59
CA THR H 293 78.14 -40.84 79.29
C THR H 293 78.77 -40.79 77.90
N GLN H 294 78.47 -39.73 77.16
CA GLN H 294 79.01 -39.57 75.83
C GLN H 294 79.59 -38.17 75.73
N VAL H 295 80.64 -38.04 74.93
CA VAL H 295 81.37 -36.78 74.76
C VAL H 295 80.83 -36.11 73.52
N VAL H 296 80.08 -35.04 73.71
CA VAL H 296 79.29 -34.43 72.66
C VAL H 296 79.90 -33.07 72.34
N SER H 297 79.70 -32.61 71.10
CA SER H 297 80.32 -31.40 70.59
C SER H 297 79.22 -30.36 70.42
N ALA H 298 79.00 -29.62 71.46
CA ALA H 298 77.88 -28.70 71.61
C ALA H 298 78.26 -27.29 71.21
N PRO H 299 77.29 -26.41 70.98
CA PRO H 299 77.58 -24.99 70.98
C PRO H 299 77.88 -24.48 72.37
N ILE H 300 78.58 -23.35 72.43
CA ILE H 300 78.86 -22.71 73.71
C ILE H 300 78.35 -21.28 73.78
N SER H 301 78.08 -20.63 72.65
CA SER H 301 77.60 -19.27 72.64
C SER H 301 76.38 -19.16 71.73
N TYR H 302 75.80 -17.98 71.72
CA TYR H 302 74.66 -17.69 70.89
C TYR H 302 75.06 -17.63 69.42
N GLY H 303 74.10 -17.83 68.55
CA GLY H 303 74.29 -17.37 67.19
C GLY H 303 74.11 -15.86 67.12
N HIS H 304 74.51 -15.28 66.00
CA HIS H 304 74.24 -13.87 65.74
C HIS H 304 73.29 -13.70 64.56
N PHE H 305 72.49 -12.65 64.60
CA PHE H 305 71.85 -12.18 63.39
C PHE H 305 71.88 -10.66 63.37
N ILE H 306 72.50 -10.11 62.34
CA ILE H 306 72.67 -8.66 62.20
C ILE H 306 71.97 -8.23 60.91
N MET H 307 71.22 -7.13 60.98
CA MET H 307 70.65 -6.56 59.77
C MET H 307 71.72 -6.04 58.82
N GLY H 308 71.33 -5.91 57.56
CA GLY H 308 72.04 -5.08 56.62
C GLY H 308 71.33 -3.76 56.43
N LYS H 309 71.91 -2.93 55.56
CA LYS H 309 71.26 -1.71 55.15
C LYS H 309 69.97 -2.01 54.41
N GLU H 310 69.94 -3.13 53.68
CA GLU H 310 68.76 -3.60 52.97
C GLU H 310 67.59 -3.78 53.91
N ASN H 311 67.80 -4.61 54.93
CA ASN H 311 66.76 -4.90 55.89
C ASN H 311 66.43 -3.69 56.76
N ALA H 312 67.40 -2.81 57.01
CA ALA H 312 67.09 -1.58 57.73
C ALA H 312 66.13 -0.70 56.95
N VAL H 313 66.38 -0.52 55.66
CA VAL H 313 65.52 0.34 54.85
C VAL H 313 64.15 -0.27 54.68
N THR H 314 64.06 -1.59 54.50
CA THR H 314 62.75 -2.20 54.39
C THR H 314 62.00 -2.19 55.72
N ALA H 315 62.71 -2.30 56.83
CA ALA H 315 62.05 -2.22 58.14
C ALA H 315 61.53 -0.84 58.40
N ILE H 316 62.26 0.19 57.96
CA ILE H 316 61.79 1.55 58.13
C ILE H 316 60.58 1.81 57.26
N ALA H 317 60.69 1.54 55.96
CA ALA H 317 59.68 2.04 55.04
C ALA H 317 58.49 1.11 54.90
N TYR H 318 58.69 -0.21 54.98
CA TYR H 318 57.61 -1.14 54.70
C TYR H 318 57.20 -1.95 55.91
N ARG H 319 57.72 -1.59 57.09
CA ARG H 319 57.45 -2.25 58.36
C ARG H 319 57.81 -3.72 58.35
N ALA H 320 58.78 -4.17 57.55
CA ALA H 320 58.95 -5.61 57.43
C ALA H 320 60.38 -6.00 57.12
N ILE H 321 60.67 -7.27 57.37
CA ILE H 321 62.00 -7.85 57.22
C ILE H 321 61.88 -9.13 56.41
N MET H 322 62.75 -9.29 55.42
CA MET H 322 63.03 -10.60 54.85
C MET H 322 64.29 -11.10 55.52
N ALA H 323 64.25 -12.30 56.06
CA ALA H 323 65.50 -12.98 56.35
C ALA H 323 66.16 -13.35 55.03
N ASP H 324 67.50 -13.27 55.00
CA ASP H 324 68.33 -13.66 53.85
C ASP H 324 68.00 -12.86 52.61
N PHE H 325 67.88 -11.54 52.78
CA PHE H 325 67.48 -10.70 51.65
C PHE H 325 68.58 -10.63 50.60
N THR H 326 69.84 -10.63 51.04
CA THR H 326 70.94 -10.48 50.09
C THR H 326 71.23 -11.78 49.33
N GLN H 327 71.34 -12.91 50.04
CA GLN H 327 71.46 -14.23 49.41
C GLN H 327 70.23 -14.52 48.57
N PHE H 328 69.09 -14.01 49.02
CA PHE H 328 67.84 -14.14 48.30
C PHE H 328 67.89 -13.40 46.97
N THR H 329 68.39 -12.18 47.02
CA THR H 329 68.39 -11.30 45.86
C THR H 329 69.37 -11.78 44.79
N VAL H 330 70.55 -12.25 45.22
CA VAL H 330 71.55 -12.64 44.23
C VAL H 330 71.13 -13.90 43.49
N ASN H 331 70.29 -14.73 44.11
CA ASN H 331 69.70 -15.87 43.43
C ASN H 331 68.31 -15.62 42.91
N ALA H 332 67.79 -14.39 43.01
CA ALA H 332 66.47 -14.10 42.45
C ALA H 332 66.41 -14.34 40.95
N GLY H 333 67.24 -13.64 40.19
CA GLY H 333 67.07 -13.74 38.75
C GLY H 333 67.78 -14.89 38.08
N THR H 334 68.62 -15.63 38.79
CA THR H 334 69.39 -16.67 38.16
C THR H 334 68.54 -17.93 37.98
N GLU H 335 69.14 -18.94 37.36
CA GLU H 335 68.47 -20.23 37.21
C GLU H 335 68.17 -20.85 38.56
N GLN H 336 69.17 -20.92 39.43
CA GLN H 336 69.00 -21.57 40.73
C GLN H 336 68.26 -20.64 41.70
N GLN H 337 66.95 -20.55 41.49
CA GLN H 337 66.11 -19.89 42.49
C GLN H 337 65.83 -20.83 43.65
N ASP H 338 65.12 -21.93 43.38
CA ASP H 338 64.46 -22.72 44.41
C ASP H 338 65.41 -23.42 45.36
N THR H 339 66.69 -23.49 45.05
CA THR H 339 67.68 -23.98 45.99
C THR H 339 68.22 -22.83 46.83
N ASN H 340 68.31 -23.06 48.13
CA ASN H 340 69.02 -22.15 49.02
C ASN H 340 69.60 -23.00 50.14
N ASN H 341 70.83 -22.68 50.53
CA ASN H 341 71.62 -23.59 51.34
C ASN H 341 71.47 -23.33 52.83
N LYS H 342 71.82 -22.13 53.26
CA LYS H 342 71.82 -21.78 54.67
C LYS H 342 70.78 -20.71 54.93
N SER H 343 70.30 -20.68 56.17
CA SER H 343 69.35 -19.68 56.60
C SER H 343 69.97 -18.92 57.77
N GLU H 344 70.22 -17.64 57.57
CA GLU H 344 71.05 -16.91 58.52
C GLU H 344 70.33 -16.59 59.82
N ILE H 345 69.00 -16.67 59.84
CA ILE H 345 68.29 -16.51 61.09
C ILE H 345 68.26 -17.78 61.93
N PHE H 346 68.49 -18.95 61.35
CA PHE H 346 68.50 -20.20 62.10
C PHE H 346 69.82 -20.90 62.07
N ASP H 347 70.63 -20.71 61.03
CA ASP H 347 71.93 -21.34 60.92
C ASP H 347 72.97 -20.24 60.85
N LYS H 348 73.90 -20.26 61.79
CA LYS H 348 74.94 -19.24 61.85
C LYS H 348 76.15 -19.88 62.51
N SER H 349 77.33 -19.47 62.07
CA SER H 349 78.57 -19.97 62.65
C SER H 349 78.72 -19.50 64.08
N ARG H 350 78.89 -20.45 65.00
CA ARG H 350 78.95 -20.14 66.41
C ARG H 350 79.99 -21.03 67.06
N ALA H 351 80.46 -20.61 68.23
CA ALA H 351 81.60 -21.27 68.86
C ALA H 351 81.20 -22.60 69.46
N TYR H 352 82.05 -23.59 69.28
CA TYR H 352 81.77 -24.97 69.65
C TYR H 352 82.71 -25.41 70.77
N ALA H 353 82.19 -26.27 71.64
CA ALA H 353 82.99 -26.84 72.71
C ALA H 353 82.55 -28.28 72.92
N ASP H 354 83.19 -28.95 73.85
CA ASP H 354 82.90 -30.35 74.14
C ASP H 354 82.39 -30.47 75.56
N LEU H 355 81.36 -31.29 75.75
CA LEU H 355 80.83 -31.51 77.08
C LEU H 355 80.31 -32.93 77.18
N LYS H 356 79.83 -33.28 78.37
CA LYS H 356 79.33 -34.60 78.63
C LYS H 356 77.84 -34.56 78.92
N LEU H 357 77.14 -35.62 78.53
CA LEU H 357 75.71 -35.74 78.75
C LEU H 357 75.40 -37.18 79.11
N ASN H 358 74.39 -37.37 79.96
CA ASN H 358 73.90 -38.72 80.20
C ASN H 358 73.06 -39.17 79.00
N THR H 359 73.49 -40.24 78.35
CA THR H 359 72.86 -40.65 77.11
C THR H 359 72.24 -42.04 77.22
N LEU H 360 71.30 -42.30 76.32
CA LEU H 360 70.64 -43.58 76.17
C LEU H 360 70.77 -44.07 74.74
N LYS H 361 70.68 -45.38 74.58
CA LYS H 361 70.67 -46.02 73.28
C LYS H 361 69.33 -46.72 73.09
N LEU H 362 68.57 -46.30 72.07
CA LEU H 362 67.30 -46.91 71.74
C LEU H 362 67.28 -47.16 70.24
N GLY H 363 67.82 -48.30 69.82
CA GLY H 363 67.86 -48.66 68.41
C GLY H 363 68.69 -47.69 67.60
N ASP H 364 69.98 -47.64 67.92
CA ASP H 364 70.97 -46.76 67.28
C ASP H 364 70.57 -45.30 67.37
N LYS H 365 70.02 -44.89 68.52
CA LYS H 365 69.65 -43.50 68.73
C LYS H 365 70.24 -43.04 70.04
N LEU H 366 71.09 -42.03 69.99
CA LEU H 366 71.69 -41.45 71.19
C LEU H 366 70.81 -40.29 71.62
N VAL H 367 70.31 -40.37 72.85
CA VAL H 367 69.33 -39.42 73.37
C VAL H 367 69.82 -38.91 74.71
N ALA H 368 69.90 -37.58 74.87
CA ALA H 368 70.27 -37.00 76.15
C ALA H 368 69.19 -37.28 77.17
N PHE H 369 69.57 -37.33 78.45
CA PHE H 369 68.68 -37.92 79.43
C PHE H 369 68.99 -37.36 80.81
N ASP H 370 68.19 -36.41 81.27
CA ASP H 370 68.50 -35.82 82.57
C ASP H 370 67.29 -35.19 83.24
N HIS H 371 67.57 -34.57 84.38
CA HIS H 371 66.63 -33.85 85.19
C HIS H 371 67.13 -32.44 85.44
N LEU H 372 66.19 -31.50 85.54
CA LEU H 372 66.54 -30.10 85.77
C LEU H 372 66.52 -29.75 87.24
N HIS H 373 66.77 -30.73 88.10
CA HIS H 373 66.68 -30.47 89.52
C HIS H 373 67.80 -29.55 89.99
N LYS H 374 68.95 -29.57 89.33
CA LYS H 374 70.01 -28.68 89.74
C LYS H 374 69.75 -27.23 89.36
N VAL H 375 68.80 -26.96 88.47
CA VAL H 375 68.41 -25.57 88.25
C VAL H 375 67.12 -25.24 88.96
N TYR H 376 66.41 -26.23 89.50
CA TYR H 376 65.33 -25.94 90.43
C TYR H 376 65.66 -26.37 91.86
N LYS H 377 66.96 -26.36 92.24
CA LYS H 377 67.34 -26.83 93.57
C LYS H 377 66.76 -25.97 94.66
N ASN H 378 67.11 -24.70 94.65
CA ASN H 378 66.76 -23.90 95.81
C ASN H 378 66.33 -22.56 95.24
N THR H 379 65.04 -22.47 94.92
CA THR H 379 64.47 -21.39 94.15
C THR H 379 63.13 -21.08 94.77
N ASP H 380 62.29 -20.36 94.03
CA ASP H 380 60.92 -20.14 94.49
C ASP H 380 59.93 -21.05 93.78
N VAL H 381 60.21 -21.47 92.55
CA VAL H 381 59.22 -22.15 91.75
C VAL H 381 59.43 -23.66 91.86
N ASN H 382 58.37 -24.41 91.62
CA ASN H 382 58.49 -25.85 91.56
C ASN H 382 59.08 -26.26 90.23
N ASP H 383 59.53 -27.50 90.16
CA ASP H 383 59.89 -28.07 88.88
C ASP H 383 58.63 -28.26 88.06
N PRO H 384 58.57 -27.75 86.84
CA PRO H 384 57.31 -27.72 86.10
C PRO H 384 56.88 -29.06 85.54
N LEU H 385 57.64 -30.11 85.75
CA LEU H 385 57.20 -31.43 85.33
C LEU H 385 56.34 -32.11 86.38
N GLU H 386 56.53 -31.78 87.65
CA GLU H 386 55.70 -32.30 88.72
C GLU H 386 54.33 -31.65 88.62
N GLN H 387 53.40 -32.31 87.95
CA GLN H 387 52.10 -31.75 87.64
C GLN H 387 51.00 -32.62 88.25
N SER H 388 49.77 -32.18 88.11
CA SER H 388 48.66 -32.85 88.78
C SER H 388 47.64 -33.36 87.79
N LEU H 389 46.94 -34.42 88.18
CA LEU H 389 45.79 -34.93 87.46
C LEU H 389 44.50 -34.49 88.16
N GLN H 390 43.39 -34.66 87.44
CA GLN H 390 42.06 -34.61 88.03
C GLN H 390 41.25 -35.69 87.35
N LEU H 391 41.17 -36.85 87.97
CA LEU H 391 40.31 -37.93 87.53
C LEU H 391 38.97 -37.79 88.24
N THR H 392 37.90 -38.06 87.51
CA THR H 392 36.54 -37.86 88.01
C THR H 392 35.87 -39.20 88.21
N PHE H 393 35.27 -39.41 89.36
CA PHE H 393 34.72 -40.69 89.74
C PHE H 393 33.21 -40.59 89.89
N PHE H 394 32.50 -41.68 89.64
CA PHE H 394 31.06 -41.68 89.84
C PHE H 394 30.64 -43.06 90.31
N PHE H 395 29.57 -43.09 91.10
CA PHE H 395 29.15 -44.32 91.75
C PHE H 395 27.70 -44.18 92.17
N PRO H 396 26.91 -45.24 92.08
CA PRO H 396 25.49 -45.14 92.37
C PRO H 396 25.22 -45.30 93.85
N LEU H 397 23.98 -44.97 94.26
CA LEU H 397 23.39 -45.49 95.47
C LEU H 397 21.89 -45.55 95.28
N GLY H 398 21.26 -46.50 95.98
CA GLY H 398 19.83 -46.58 95.92
C GLY H 398 19.26 -47.15 94.65
N ILE H 399 20.09 -47.73 93.79
CA ILE H 399 19.58 -48.40 92.59
C ILE H 399 18.80 -49.62 93.01
N TYR H 400 17.51 -49.62 92.73
CA TYR H 400 16.71 -50.82 92.94
C TYR H 400 16.96 -51.76 91.79
N ILE H 401 17.82 -52.74 92.01
CA ILE H 401 17.89 -53.88 91.08
C ILE H 401 16.57 -54.61 91.13
N PRO H 402 15.95 -54.91 89.99
CA PRO H 402 14.64 -55.56 89.99
C PRO H 402 14.72 -56.98 90.53
N THR H 403 13.77 -57.28 91.43
CA THR H 403 13.70 -58.60 92.05
C THR H 403 13.30 -59.67 91.04
N GLU H 404 12.57 -59.27 90.00
CA GLU H 404 11.89 -60.22 89.14
C GLU H 404 12.86 -61.03 88.28
N THR H 405 13.97 -60.43 87.86
CA THR H 405 15.06 -61.20 87.28
C THR H 405 16.26 -61.23 88.20
N GLY H 406 16.00 -61.23 89.51
CA GLY H 406 17.08 -61.17 90.47
C GLY H 406 17.87 -62.45 90.49
N PHE H 407 19.13 -62.34 90.89
CA PHE H 407 20.04 -63.48 90.89
C PHE H 407 21.14 -63.18 91.88
N SER H 408 22.05 -64.14 92.03
CA SER H 408 23.27 -63.87 92.76
C SER H 408 24.35 -64.84 92.35
N THR H 409 25.52 -64.29 92.10
CA THR H 409 26.75 -65.04 92.22
C THR H 409 27.25 -64.85 93.65
N MET H 410 28.44 -65.37 93.93
CA MET H 410 29.06 -65.49 95.27
C MET H 410 28.06 -65.88 96.35
N GLU H 411 27.29 -66.92 96.06
CA GLU H 411 26.31 -67.39 97.03
C GLU H 411 26.98 -68.10 98.19
N THR H 412 28.14 -68.72 97.95
CA THR H 412 28.85 -69.40 99.01
C THR H 412 29.67 -68.47 99.88
N ARG H 413 30.01 -67.28 99.39
CA ARG H 413 30.96 -66.44 100.10
C ARG H 413 30.30 -65.72 101.27
N VAL H 414 29.25 -64.95 101.01
CA VAL H 414 28.52 -64.25 102.05
C VAL H 414 27.18 -64.94 102.27
N LYS H 415 26.54 -64.57 103.36
CA LYS H 415 25.14 -64.89 103.57
C LYS H 415 24.56 -63.82 104.48
N LEU H 416 23.73 -62.96 103.91
CA LEU H 416 23.15 -61.87 104.65
C LEU H 416 22.10 -62.37 105.62
N ASN H 417 21.93 -61.63 106.70
CA ASN H 417 20.87 -61.91 107.64
C ASN H 417 19.59 -61.34 107.06
N ASP H 418 18.55 -62.16 107.00
CA ASP H 418 17.36 -61.84 106.22
C ASP H 418 16.53 -60.73 106.85
N THR H 419 16.79 -59.50 106.44
CA THR H 419 16.06 -58.33 106.90
C THR H 419 15.97 -57.40 105.70
N MET H 420 14.90 -56.59 105.66
CA MET H 420 14.70 -55.75 104.49
C MET H 420 15.73 -54.64 104.36
N GLU H 421 16.41 -54.26 105.45
CA GLU H 421 17.50 -53.31 105.29
C GLU H 421 18.72 -53.93 104.61
N ASN H 422 18.85 -55.25 104.63
CA ASN H 422 19.80 -55.90 103.76
C ASN H 422 19.21 -56.14 102.39
N ASN H 423 17.92 -56.39 102.32
CA ASN H 423 17.29 -56.78 101.07
C ASN H 423 16.94 -55.59 100.18
N LEU H 424 17.18 -54.37 100.66
CA LEU H 424 17.16 -53.20 99.80
C LEU H 424 18.46 -52.43 99.99
N PRO H 425 19.11 -51.99 98.92
CA PRO H 425 20.19 -51.03 99.08
C PRO H 425 19.62 -49.66 99.41
N THR H 426 20.18 -49.05 100.43
CA THR H 426 19.88 -47.69 100.81
C THR H 426 21.13 -46.85 100.96
N SER H 427 22.27 -47.49 101.17
CA SER H 427 23.51 -46.82 101.50
C SER H 427 24.59 -47.32 100.56
N VAL H 428 25.70 -46.61 100.50
CA VAL H 428 26.85 -47.07 99.70
C VAL H 428 28.15 -46.91 100.49
N PHE H 429 28.97 -47.96 100.45
CA PHE H 429 30.19 -48.09 101.23
C PHE H 429 31.38 -48.10 100.29
N PHE H 430 32.38 -47.29 100.57
CA PHE H 430 33.60 -47.32 99.77
C PHE H 430 34.80 -46.89 100.61
N HIS H 431 35.98 -47.27 100.18
CA HIS H 431 37.18 -46.92 100.92
C HIS H 431 37.61 -45.48 100.65
N ASN H 432 38.28 -44.87 101.62
CA ASN H 432 38.94 -43.57 101.44
C ASN H 432 40.27 -43.75 100.73
N LYS H 433 41.01 -42.64 100.63
CA LYS H 433 42.43 -42.61 100.26
C LYS H 433 43.24 -43.69 100.94
N ASP H 434 43.22 -43.71 102.26
CA ASP H 434 43.61 -44.89 103.02
C ASP H 434 42.41 -45.78 103.26
N GLN H 435 42.66 -47.02 103.64
CA GLN H 435 41.60 -48.05 103.65
C GLN H 435 40.66 -47.87 104.84
N VAL H 436 39.87 -46.80 104.78
CA VAL H 436 38.86 -46.49 105.78
C VAL H 436 37.51 -46.71 105.14
N VAL H 437 36.68 -47.53 105.75
CA VAL H 437 35.34 -47.74 105.22
C VAL H 437 34.50 -46.49 105.46
N GLN H 438 33.98 -45.94 104.39
CA GLN H 438 33.31 -44.66 104.34
C GLN H 438 31.91 -44.92 103.81
N ARG H 439 30.90 -44.29 104.40
CA ARG H 439 29.53 -44.67 104.15
C ARG H 439 28.69 -43.47 103.79
N ILE H 440 27.79 -43.63 102.83
CA ILE H 440 26.97 -42.53 102.35
C ILE H 440 25.50 -42.96 102.39
N ASP H 441 24.63 -42.00 102.72
CA ASP H 441 23.23 -42.25 103.01
C ASP H 441 22.35 -41.17 102.38
N PHE H 442 21.05 -41.41 102.45
CA PHE H 442 20.10 -40.36 102.09
C PHE H 442 20.12 -39.22 103.10
N ALA H 443 20.41 -39.52 104.36
CA ALA H 443 20.56 -38.45 105.34
C ALA H 443 21.79 -37.60 105.05
N ASP H 444 22.79 -38.18 104.40
CA ASP H 444 23.93 -37.39 103.95
C ASP H 444 23.66 -36.68 102.64
N ILE H 445 22.72 -37.19 101.84
CA ILE H 445 22.48 -36.60 100.53
C ILE H 445 21.48 -35.45 100.61
N LEU H 446 20.79 -35.30 101.75
CA LEU H 446 19.84 -34.20 101.96
C LEU H 446 20.30 -32.78 101.62
N PRO H 447 21.52 -32.30 101.94
CA PRO H 447 21.83 -30.89 101.63
C PRO H 447 22.03 -30.59 100.16
N SER H 448 21.92 -31.57 99.28
CA SER H 448 21.93 -31.32 97.85
C SER H 448 20.62 -31.66 97.18
N VAL H 449 19.76 -32.44 97.82
CA VAL H 449 18.50 -32.84 97.23
C VAL H 449 17.33 -32.07 97.83
N CYS H 450 17.52 -31.39 98.95
CA CYS H 450 16.44 -30.68 99.59
C CYS H 450 16.51 -29.17 99.34
N HIS H 451 17.21 -28.75 98.29
CA HIS H 451 17.34 -27.34 97.98
C HIS H 451 16.14 -26.87 97.18
N PRO H 452 15.70 -25.60 97.34
CA PRO H 452 14.51 -25.14 96.63
C PRO H 452 14.66 -25.05 95.13
N ILE H 453 15.87 -25.00 94.60
CA ILE H 453 16.02 -24.94 93.15
C ILE H 453 15.72 -26.28 92.52
N VAL H 454 15.76 -27.36 93.29
CA VAL H 454 15.25 -28.63 92.82
C VAL H 454 13.72 -28.57 92.73
N HIS H 455 13.09 -28.03 93.75
CA HIS H 455 11.64 -28.07 93.84
C HIS H 455 10.97 -26.88 93.17
N ASP H 456 11.73 -26.02 92.49
CA ASP H 456 11.10 -25.02 91.63
C ASP H 456 10.68 -25.67 90.33
N SER H 457 9.63 -25.13 89.72
CA SER H 457 9.21 -25.54 88.40
C SER H 457 9.47 -24.50 87.34
N THR H 458 10.05 -23.35 87.70
CA THR H 458 10.08 -22.19 86.82
C THR H 458 10.93 -22.45 85.59
N ILE H 459 12.14 -22.96 85.80
CA ILE H 459 13.08 -23.11 84.71
C ILE H 459 12.66 -24.26 83.81
N VAL H 460 12.12 -25.33 84.40
CA VAL H 460 11.63 -26.46 83.61
C VAL H 460 10.46 -26.06 82.76
N GLU H 461 9.57 -25.23 83.32
CA GLU H 461 8.44 -24.70 82.59
C GLU H 461 8.89 -23.84 81.41
N ARG H 462 9.83 -22.93 81.65
CA ARG H 462 10.30 -22.04 80.59
C ARG H 462 10.99 -22.81 79.48
N LEU H 463 11.85 -23.76 79.85
CA LEU H 463 12.63 -24.45 78.84
C LEU H 463 11.76 -25.42 78.04
N MET H 464 10.86 -26.13 78.71
CA MET H 464 9.99 -27.05 78.00
C MET H 464 8.93 -26.31 77.21
N LYS H 465 8.65 -25.05 77.57
CA LYS H 465 7.79 -24.21 76.75
C LYS H 465 8.49 -23.79 75.47
N ASN H 466 9.66 -23.15 75.61
CA ASN H 466 10.35 -22.62 74.45
C ASN H 466 11.03 -23.69 73.60
N GLU H 467 11.08 -24.93 74.06
CA GLU H 467 11.49 -26.02 73.21
C GLU H 467 10.45 -26.22 72.11
N PRO H 468 10.87 -26.54 70.89
CA PRO H 468 9.90 -26.69 69.80
C PRO H 468 8.99 -27.89 69.98
N LEU H 469 7.83 -27.78 69.34
CA LEU H 469 6.74 -28.73 69.47
C LEU H 469 7.11 -30.07 68.83
N PRO H 470 6.43 -31.14 69.22
CA PRO H 470 6.65 -32.42 68.53
C PRO H 470 6.07 -32.40 67.13
N THR H 471 6.40 -33.44 66.38
CA THR H 471 6.00 -33.53 64.98
C THR H 471 4.54 -33.96 64.88
N GLY H 472 4.09 -34.20 63.64
CA GLY H 472 2.69 -34.52 63.43
C GLY H 472 2.31 -35.91 63.91
N HIS H 473 3.17 -36.89 63.67
CA HIS H 473 2.78 -38.26 63.93
C HIS H 473 2.92 -38.62 65.41
N ARG H 474 3.73 -37.88 66.16
CA ARG H 474 3.63 -37.92 67.61
C ARG H 474 2.56 -36.99 68.13
N PHE H 475 2.28 -35.91 67.39
CA PHE H 475 1.35 -34.88 67.81
C PHE H 475 -0.07 -35.41 67.85
N SER H 476 -0.39 -36.33 66.94
CA SER H 476 -1.67 -37.02 66.99
C SER H 476 -1.79 -37.90 68.22
N GLN H 477 -0.67 -38.38 68.74
CA GLN H 477 -0.67 -39.34 69.82
C GLN H 477 -0.60 -38.70 71.19
N LEU H 478 0.09 -37.57 71.30
CA LEU H 478 0.61 -37.11 72.57
C LEU H 478 0.04 -35.78 73.03
N CYS H 479 -0.27 -34.89 72.10
CA CYS H 479 -0.61 -33.50 72.41
C CYS H 479 -2.11 -33.25 72.25
N GLN H 480 -2.93 -34.28 72.41
CA GLN H 480 -4.31 -34.22 71.96
C GLN H 480 -5.30 -33.90 73.07
N LEU H 481 -4.98 -34.18 74.33
CA LEU H 481 -6.00 -34.18 75.37
C LEU H 481 -6.43 -32.75 75.74
N LYS H 482 -7.51 -32.67 76.51
CA LYS H 482 -8.18 -31.40 76.74
C LYS H 482 -8.90 -31.45 78.09
N ILE H 483 -8.78 -30.38 78.85
CA ILE H 483 -9.40 -30.28 80.17
C ILE H 483 -10.67 -29.45 80.08
N THR H 484 -11.62 -29.75 80.97
CA THR H 484 -12.90 -29.05 81.00
C THR H 484 -13.38 -29.03 82.44
N ARG H 485 -13.83 -27.87 82.91
CA ARG H 485 -14.32 -27.75 84.28
C ARG H 485 -15.71 -27.15 84.28
N GLU H 486 -16.62 -27.75 85.06
CA GLU H 486 -17.93 -27.19 85.28
C GLU H 486 -18.26 -27.29 86.77
N ASN H 487 -19.37 -26.80 87.11
CA ASN H 487 -19.82 -26.85 88.48
C ASN H 487 -20.61 -28.14 88.76
N PRO H 488 -20.52 -28.64 89.99
CA PRO H 488 -21.14 -29.93 90.31
C PRO H 488 -22.66 -29.92 90.27
N THR H 489 -23.29 -28.75 90.24
CA THR H 489 -24.73 -28.72 89.98
C THR H 489 -25.02 -29.18 88.55
N ARG H 490 -24.28 -28.64 87.58
CA ARG H 490 -24.55 -28.98 86.19
C ARG H 490 -24.04 -30.35 85.81
N ILE H 491 -22.97 -30.84 86.44
CA ILE H 491 -22.47 -32.12 85.95
C ILE H 491 -23.34 -33.30 86.39
N LEU H 492 -24.08 -33.19 87.49
CA LEU H 492 -24.91 -34.31 87.91
C LEU H 492 -26.15 -34.44 87.03
N GLN H 493 -26.55 -33.37 86.36
CA GLN H 493 -27.64 -33.45 85.40
C GLN H 493 -27.16 -33.60 83.96
N THR H 494 -25.91 -33.27 83.68
CA THR H 494 -25.35 -33.43 82.34
C THR H 494 -24.30 -34.53 82.28
N LEU H 495 -24.36 -35.48 83.22
CA LEU H 495 -23.32 -36.49 83.34
C LEU H 495 -23.29 -37.44 82.14
N TYR H 496 -24.42 -37.99 81.75
CA TYR H 496 -24.40 -39.08 80.79
C TYR H 496 -24.30 -38.61 79.34
N ASN H 497 -23.96 -37.35 79.09
CA ASN H 497 -23.91 -36.86 77.72
C ASN H 497 -22.77 -37.47 76.93
N LEU H 498 -21.61 -37.63 77.54
CA LEU H 498 -20.47 -38.18 76.80
C LEU H 498 -20.49 -39.68 76.74
N TYR H 499 -21.54 -40.30 77.26
CA TYR H 499 -21.79 -41.71 77.08
C TYR H 499 -22.93 -41.95 76.12
N GLU H 500 -23.89 -41.03 76.06
CA GLU H 500 -24.90 -41.08 75.01
C GLU H 500 -24.28 -40.76 73.66
N SER H 501 -23.45 -39.72 73.59
CA SER H 501 -22.68 -39.47 72.39
C SER H 501 -21.59 -40.53 72.26
N ARG H 502 -21.07 -40.66 71.04
CA ARG H 502 -20.06 -41.65 70.73
C ARG H 502 -18.65 -41.07 70.73
N GLN H 503 -18.42 -40.07 71.57
CA GLN H 503 -17.11 -39.45 71.67
C GLN H 503 -16.16 -40.35 72.47
N GLU H 504 -14.96 -40.54 71.93
CA GLU H 504 -13.93 -41.35 72.56
C GLU H 504 -12.80 -40.44 73.00
N VAL H 505 -12.51 -40.46 74.29
CA VAL H 505 -11.52 -39.55 74.85
C VAL H 505 -10.14 -40.06 74.45
N PRO H 506 -9.23 -39.18 74.02
CA PRO H 506 -7.88 -39.63 73.69
C PRO H 506 -7.12 -40.11 74.92
N LYS H 507 -6.04 -40.84 74.67
CA LYS H 507 -5.17 -41.30 75.75
C LYS H 507 -4.49 -40.12 76.41
N ASN H 508 -4.49 -40.13 77.74
CA ASN H 508 -3.66 -39.20 78.47
C ASN H 508 -2.19 -39.60 78.35
N THR H 509 -1.33 -38.62 78.63
CA THR H 509 0.11 -38.88 78.60
C THR H 509 0.51 -39.91 79.64
N ASN H 510 -0.09 -39.83 80.82
CA ASN H 510 0.33 -40.68 81.92
C ASN H 510 -0.16 -42.11 81.72
N VAL H 511 -1.34 -42.29 81.15
CA VAL H 511 -1.82 -43.64 80.88
C VAL H 511 -1.18 -44.20 79.62
N LEU H 512 -0.70 -43.35 78.72
CA LEU H 512 0.14 -43.85 77.64
C LEU H 512 1.49 -44.28 78.18
N LYS H 513 1.95 -43.62 79.22
CA LYS H 513 3.27 -43.86 79.75
C LYS H 513 3.32 -45.12 80.61
N ASN H 514 2.31 -45.35 81.43
CA ASN H 514 2.39 -46.46 82.37
C ASN H 514 2.16 -47.81 81.73
N GLU H 515 1.67 -47.85 80.48
CA GLU H 515 1.52 -49.13 79.79
C GLU H 515 2.82 -49.69 79.29
N LEU H 516 3.86 -48.87 79.20
CA LEU H 516 5.16 -49.34 78.77
C LEU H 516 5.86 -50.06 79.91
N ASN H 517 7.00 -50.66 79.61
CA ASN H 517 7.69 -51.52 80.56
C ASN H 517 8.96 -50.84 81.03
N VAL H 518 9.57 -51.41 82.08
CA VAL H 518 10.71 -50.81 82.76
C VAL H 518 11.97 -50.76 81.92
N GLU H 519 12.01 -51.47 80.81
CA GLU H 519 13.11 -51.36 79.88
C GLU H 519 12.72 -50.73 78.57
N ASP H 520 11.48 -50.94 78.12
CA ASP H 520 10.97 -50.31 76.92
C ASP H 520 10.82 -48.81 77.09
N PHE H 521 10.77 -48.32 78.32
CA PHE H 521 10.62 -46.90 78.59
C PHE H 521 11.81 -46.10 78.09
N TYR H 522 13.02 -46.64 78.24
CA TYR H 522 14.21 -45.88 77.85
C TYR H 522 14.52 -45.99 76.36
N LYS H 523 13.86 -46.88 75.66
CA LYS H 523 14.10 -47.07 74.24
C LYS H 523 13.45 -45.92 73.46
N PRO H 524 14.06 -45.47 72.35
CA PRO H 524 13.49 -44.34 71.60
C PRO H 524 12.10 -44.56 71.00
N ASP H 525 11.56 -45.78 71.04
CA ASP H 525 10.19 -45.98 70.61
C ASP H 525 9.19 -45.41 71.59
N ASN H 526 9.61 -45.10 72.81
CA ASN H 526 8.76 -44.42 73.78
C ASN H 526 8.37 -43.06 73.24
N PRO H 527 7.08 -42.77 73.11
CA PRO H 527 6.67 -41.43 72.71
C PRO H 527 6.70 -40.40 73.84
N THR H 528 7.14 -40.78 75.04
CA THR H 528 7.17 -39.88 76.18
C THR H 528 8.54 -39.75 76.81
N LEU H 529 9.62 -40.04 76.09
CA LEU H 529 10.90 -39.72 76.72
C LEU H 529 11.20 -38.23 76.81
N PRO H 530 10.83 -37.37 75.85
CA PRO H 530 10.92 -35.93 76.14
C PRO H 530 9.89 -35.41 77.14
N THR H 531 9.01 -36.26 77.68
CA THR H 531 8.09 -35.78 78.70
C THR H 531 8.79 -35.65 80.05
N GLU H 532 9.54 -36.69 80.44
CA GLU H 532 10.11 -36.75 81.78
C GLU H 532 11.24 -35.75 81.95
N ARG H 533 10.94 -34.62 82.54
CA ARG H 533 11.99 -33.66 82.81
C ARG H 533 12.35 -33.62 84.27
N HIS H 534 11.40 -33.86 85.16
CA HIS H 534 11.73 -33.66 86.53
C HIS H 534 11.03 -34.74 87.34
N PRO H 535 11.69 -35.30 88.35
CA PRO H 535 11.10 -36.38 89.13
C PRO H 535 9.91 -35.96 89.95
N PHE H 536 9.83 -34.70 90.32
CA PHE H 536 8.75 -34.24 91.16
C PHE H 536 7.58 -33.70 90.35
N PHE H 537 7.82 -33.24 89.14
CA PHE H 537 6.83 -32.50 88.39
C PHE H 537 6.50 -33.26 87.12
N ASP H 538 5.26 -33.68 86.99
CA ASP H 538 4.76 -34.25 85.75
C ASP H 538 4.45 -33.13 84.78
N LEU H 539 4.96 -33.24 83.56
CA LEU H 539 4.73 -32.27 82.51
C LEU H 539 3.94 -32.91 81.40
N THR H 540 3.18 -32.10 80.67
CA THR H 540 2.31 -32.62 79.63
C THR H 540 1.93 -31.51 78.67
N TYR H 541 1.00 -31.82 77.77
CA TYR H 541 0.52 -30.92 76.73
C TYR H 541 -0.99 -30.84 76.80
N ILE H 542 -1.53 -29.62 76.78
CA ILE H 542 -2.98 -29.45 76.72
C ILE H 542 -3.35 -28.38 75.70
N GLN H 543 -4.62 -28.44 75.29
CA GLN H 543 -5.21 -27.58 74.27
C GLN H 543 -6.17 -26.61 74.92
N LYS H 544 -5.77 -25.35 75.03
CA LYS H 544 -6.72 -24.27 75.26
C LYS H 544 -6.67 -23.33 74.06
N ASN H 545 -7.84 -23.14 73.45
CA ASN H 545 -8.03 -22.28 72.27
C ASN H 545 -7.16 -22.72 71.12
N ARG H 546 -7.00 -24.05 70.98
CA ARG H 546 -6.22 -24.71 69.94
C ARG H 546 -4.74 -24.32 69.98
N ALA H 547 -4.24 -23.98 71.16
CA ALA H 547 -2.83 -23.81 71.39
C ALA H 547 -2.36 -24.95 72.29
N THR H 548 -1.16 -25.45 72.03
CA THR H 548 -0.77 -26.76 72.52
C THR H 548 -0.44 -26.79 74.01
N GLU H 549 -0.20 -25.63 74.61
CA GLU H 549 -0.10 -25.29 76.03
C GLU H 549 0.64 -26.30 76.90
N VAL H 550 1.97 -26.23 76.94
CA VAL H 550 2.77 -26.99 77.91
C VAL H 550 2.24 -26.80 79.33
N LEU H 551 2.36 -27.84 80.15
CA LEU H 551 1.70 -27.84 81.44
C LEU H 551 2.56 -28.56 82.46
N CYS H 552 2.95 -27.84 83.51
CA CYS H 552 3.74 -28.42 84.59
C CYS H 552 2.86 -28.56 85.83
N THR H 553 2.96 -29.71 86.47
CA THR H 553 2.02 -30.09 87.51
C THR H 553 2.67 -31.10 88.43
N PRO H 554 2.72 -30.86 89.73
CA PRO H 554 3.51 -31.73 90.61
C PRO H 554 2.86 -33.09 90.85
N ARG H 555 3.64 -34.14 90.63
CA ARG H 555 3.34 -35.42 91.24
C ARG H 555 3.42 -35.21 92.73
N ILE H 556 2.31 -35.39 93.41
CA ILE H 556 2.32 -35.16 94.83
C ILE H 556 2.87 -36.38 95.56
N MET H 557 2.39 -37.55 95.23
CA MET H 557 2.71 -38.75 95.97
C MET H 557 3.75 -39.59 95.25
N ILE H 558 4.42 -40.46 96.02
CA ILE H 558 5.45 -41.34 95.50
C ILE H 558 4.88 -42.35 94.52
N GLY H 559 3.59 -42.65 94.61
CA GLY H 559 3.00 -43.58 93.67
C GLY H 559 2.84 -42.99 92.29
N ASN H 560 2.68 -41.67 92.20
CA ASN H 560 2.37 -41.06 90.91
C ASN H 560 3.57 -40.95 89.99
N MET H 561 4.76 -41.35 90.44
CA MET H 561 5.85 -41.57 89.52
C MET H 561 5.49 -42.73 88.60
N PRO H 562 5.93 -42.71 87.35
CA PRO H 562 5.48 -43.72 86.39
C PRO H 562 6.07 -45.07 86.72
N LEU H 563 5.27 -46.10 86.53
CA LEU H 563 5.65 -47.49 86.84
C LEU H 563 6.89 -48.01 86.12
N PRO H 564 7.34 -47.46 84.98
CA PRO H 564 8.71 -47.74 84.57
C PRO H 564 9.76 -47.04 85.42
N LEU H 565 9.45 -45.94 86.07
CA LEU H 565 10.41 -45.31 86.96
C LEU H 565 10.23 -45.74 88.40
N ALA H 566 9.22 -46.53 88.68
CA ALA H 566 9.03 -47.15 89.98
C ALA H 566 8.17 -48.39 89.81
N PRO H 567 8.76 -49.58 89.74
CA PRO H 567 7.98 -50.79 89.56
C PRO H 567 7.19 -51.12 90.82
N ILE H 568 6.19 -51.96 90.64
CA ILE H 568 5.33 -52.28 91.78
C ILE H 568 6.06 -53.20 92.76
N SER H 569 7.03 -53.99 92.27
CA SER H 569 7.87 -54.76 93.18
C SER H 569 8.72 -53.86 94.05
N PHE H 570 9.14 -52.72 93.52
CA PHE H 570 9.85 -51.74 94.32
C PHE H 570 8.97 -51.16 95.42
N HIS H 571 7.71 -50.86 95.12
CA HIS H 571 6.86 -50.33 96.17
C HIS H 571 6.52 -51.38 97.21
N GLU H 572 6.42 -52.64 96.79
CA GLU H 572 6.21 -53.69 97.77
C GLU H 572 7.45 -53.92 98.63
N ALA H 573 8.64 -53.69 98.06
CA ALA H 573 9.85 -53.80 98.85
C ALA H 573 9.97 -52.66 99.86
N ARG H 574 9.64 -51.44 99.43
CA ARG H 574 9.62 -50.29 100.32
C ARG H 574 8.58 -50.49 101.43
N THR H 575 7.45 -51.11 101.08
CA THR H 575 6.43 -51.43 102.06
C THR H 575 6.91 -52.47 103.05
N ASN H 576 7.70 -53.44 102.57
CA ASN H 576 8.26 -54.41 103.51
C ASN H 576 9.29 -53.77 104.42
N GLN H 577 10.00 -52.73 103.96
CA GLN H 577 10.83 -51.96 104.88
C GLN H 577 10.01 -51.33 105.98
N MET H 578 8.87 -50.73 105.62
CA MET H 578 8.09 -50.09 106.68
C MET H 578 7.34 -51.10 107.55
N LEU H 579 7.00 -52.27 107.02
CA LEU H 579 6.40 -53.30 107.86
C LEU H 579 7.42 -53.87 108.83
N GLU H 580 8.65 -54.10 108.38
CA GLU H 580 9.67 -54.58 109.28
C GLU H 580 10.07 -53.51 110.29
N HIS H 581 9.95 -52.25 109.90
CA HIS H 581 10.28 -51.16 110.81
C HIS H 581 9.18 -50.92 111.83
N ALA H 582 7.94 -51.23 111.48
CA ALA H 582 6.82 -51.13 112.42
C ALA H 582 6.60 -52.39 113.22
N LYS H 583 7.21 -53.50 112.80
CA LYS H 583 7.10 -54.81 113.45
C LYS H 583 5.64 -55.29 113.51
N THR H 584 4.87 -54.97 112.48
CA THR H 584 3.47 -55.36 112.38
C THR H 584 3.29 -56.12 111.08
N ASN H 585 3.51 -57.43 111.12
CA ASN H 585 3.47 -58.24 109.92
C ASN H 585 2.72 -59.55 110.19
N SER H 586 1.56 -59.44 110.83
CA SER H 586 0.85 -60.63 111.28
C SER H 586 0.14 -61.33 110.15
N HIS H 587 0.06 -62.66 110.25
CA HIS H 587 -0.71 -63.48 109.32
C HIS H 587 -2.10 -63.78 109.83
N ASN H 588 -2.67 -62.89 110.65
CA ASN H 588 -3.95 -63.17 111.26
C ASN H 588 -5.11 -63.00 110.28
N TYR H 589 -4.89 -62.30 109.18
CA TYR H 589 -6.00 -61.69 108.46
C TYR H 589 -6.27 -62.33 107.11
N ASP H 590 -5.51 -63.36 106.72
CA ASP H 590 -5.65 -63.91 105.37
C ASP H 590 -7.00 -64.60 105.19
N PHE H 591 -7.45 -65.32 106.20
CA PHE H 591 -8.74 -65.98 106.14
C PHE H 591 -9.87 -64.98 106.14
N THR H 592 -9.67 -63.83 106.78
CA THR H 592 -10.68 -62.78 106.72
C THR H 592 -10.73 -62.16 105.33
N LEU H 593 -9.57 -61.83 104.77
CA LEU H 593 -9.54 -61.13 103.50
C LEU H 593 -10.00 -61.98 102.34
N LYS H 594 -9.83 -63.31 102.44
CA LYS H 594 -10.41 -64.19 101.42
C LYS H 594 -11.93 -64.07 101.37
N ILE H 595 -12.56 -64.09 102.54
CA ILE H 595 -14.02 -64.03 102.60
C ILE H 595 -14.53 -62.65 102.23
N VAL H 596 -13.79 -61.61 102.63
CA VAL H 596 -14.15 -60.24 102.25
C VAL H 596 -14.04 -60.06 100.74
N THR H 597 -13.00 -60.63 100.14
CA THR H 597 -12.82 -60.51 98.69
C THR H 597 -13.90 -61.29 97.95
N GLU H 598 -14.27 -62.47 98.45
CA GLU H 598 -15.37 -63.22 97.84
C GLU H 598 -16.69 -62.47 97.95
N SER H 599 -16.89 -61.76 99.06
CA SER H 599 -18.10 -60.97 99.21
C SER H 599 -18.12 -59.78 98.26
N LEU H 600 -16.99 -59.12 98.08
CA LEU H 600 -16.96 -57.97 97.19
C LEU H 600 -17.03 -58.39 95.73
N THR H 601 -16.57 -59.60 95.41
CA THR H 601 -16.50 -60.03 94.03
C THR H 601 -17.79 -60.67 93.57
N SER H 602 -18.41 -61.50 94.42
CA SER H 602 -19.63 -62.21 94.06
C SER H 602 -20.77 -61.21 93.89
N GLY H 603 -21.20 -61.03 92.66
CA GLY H 603 -22.16 -59.99 92.33
C GLY H 603 -23.61 -60.38 92.54
N SER H 604 -23.93 -60.95 93.69
CA SER H 604 -25.30 -61.27 94.08
C SER H 604 -25.67 -60.57 95.37
N TYR H 605 -25.17 -59.35 95.54
CA TYR H 605 -25.39 -58.58 96.74
C TYR H 605 -26.85 -58.14 96.79
N PRO H 606 -27.48 -58.13 97.97
CA PRO H 606 -28.92 -57.89 98.03
C PRO H 606 -29.24 -56.42 97.84
N GLU H 607 -30.52 -56.15 97.61
CA GLU H 607 -30.92 -54.80 97.22
C GLU H 607 -31.27 -53.93 98.41
N LEU H 608 -31.73 -54.54 99.50
CA LEU H 608 -32.12 -53.80 100.69
C LEU H 608 -30.93 -53.16 101.39
N ALA H 609 -29.72 -53.68 101.17
CA ALA H 609 -28.57 -53.18 101.89
C ALA H 609 -28.22 -51.76 101.48
N TYR H 610 -28.46 -51.40 100.23
CA TYR H 610 -28.22 -50.02 99.81
C TYR H 610 -29.22 -49.09 100.46
N VAL H 611 -30.47 -49.55 100.59
CA VAL H 611 -31.52 -48.78 101.24
C VAL H 611 -31.17 -48.57 102.71
N ILE H 612 -30.62 -49.59 103.36
CA ILE H 612 -30.23 -49.45 104.75
C ILE H 612 -29.03 -48.52 104.90
N GLU H 613 -28.07 -48.63 103.98
CA GLU H 613 -26.90 -47.76 104.02
C GLU H 613 -27.21 -46.31 103.68
N ILE H 614 -28.35 -46.02 103.06
CA ILE H 614 -28.71 -44.63 102.85
C ILE H 614 -29.73 -44.12 103.86
N LEU H 615 -30.45 -45.01 104.54
CA LEU H 615 -31.29 -44.55 105.65
C LEU H 615 -30.44 -44.31 106.88
N VAL H 616 -29.81 -45.36 107.40
CA VAL H 616 -28.85 -45.10 108.47
C VAL H 616 -27.58 -44.60 107.80
N HIS H 617 -26.90 -43.70 108.48
CA HIS H 617 -25.68 -43.15 107.91
C HIS H 617 -24.66 -42.92 109.00
N GLY H 618 -24.59 -43.85 109.95
CA GLY H 618 -23.63 -43.78 111.01
C GLY H 618 -24.04 -42.95 112.20
N ASN H 619 -25.25 -42.40 112.23
CA ASN H 619 -25.67 -41.62 113.39
C ASN H 619 -26.12 -42.48 114.56
N LYS H 620 -26.23 -43.79 114.35
CA LYS H 620 -26.27 -44.91 115.30
C LYS H 620 -27.54 -44.97 116.14
N HIS H 621 -28.33 -43.91 116.19
CA HIS H 621 -29.66 -44.05 116.76
C HIS H 621 -30.56 -44.77 115.77
N ALA H 622 -30.40 -44.43 114.49
CA ALA H 622 -31.06 -45.17 113.44
C ALA H 622 -30.58 -46.61 113.39
N PHE H 623 -29.31 -46.84 113.74
CA PHE H 623 -28.81 -48.20 113.80
C PHE H 623 -29.41 -48.95 114.98
N MET H 624 -29.61 -48.27 116.11
CA MET H 624 -30.30 -48.91 117.23
C MET H 624 -31.77 -49.14 116.94
N ILE H 625 -32.34 -48.39 116.01
CA ILE H 625 -33.68 -48.73 115.54
C ILE H 625 -33.65 -49.96 114.66
N LEU H 626 -32.77 -49.98 113.66
CA LEU H 626 -32.66 -51.09 112.72
C LEU H 626 -31.73 -52.19 113.18
N LYS H 627 -31.53 -52.35 114.48
CA LYS H 627 -30.56 -53.32 114.96
C LYS H 627 -31.03 -54.75 114.72
N GLN H 628 -32.33 -54.98 114.58
CA GLN H 628 -32.83 -56.33 114.32
C GLN H 628 -32.97 -56.65 112.84
N VAL H 629 -33.26 -55.65 112.00
CA VAL H 629 -33.41 -55.89 110.58
C VAL H 629 -32.07 -56.21 109.96
N ILE H 630 -31.05 -55.44 110.32
CA ILE H 630 -29.68 -55.71 109.91
C ILE H 630 -29.21 -57.06 110.47
N SER H 631 -29.71 -57.43 111.65
CA SER H 631 -29.42 -58.74 112.23
C SER H 631 -29.94 -59.86 111.33
N GLN H 632 -31.20 -59.76 110.91
CA GLN H 632 -31.78 -60.82 110.08
C GLN H 632 -31.12 -60.87 108.71
N CYS H 633 -30.77 -59.70 108.15
CA CYS H 633 -30.09 -59.64 106.87
C CYS H 633 -28.74 -60.33 106.91
N ILE H 634 -27.87 -59.91 107.83
CA ILE H 634 -26.52 -60.48 107.88
C ILE H 634 -26.56 -61.93 108.32
N SER H 635 -27.52 -62.30 109.17
CA SER H 635 -27.60 -63.67 109.66
C SER H 635 -27.99 -64.64 108.55
N TYR H 636 -29.06 -64.34 107.81
CA TYR H 636 -29.40 -65.16 106.64
C TYR H 636 -28.32 -65.11 105.59
N TRP H 637 -27.72 -63.94 105.37
CA TRP H 637 -26.92 -63.75 104.19
C TRP H 637 -25.53 -64.33 104.35
N PHE H 638 -25.07 -64.51 105.58
CA PHE H 638 -23.86 -65.26 105.84
C PHE H 638 -24.13 -66.70 106.22
N ASN H 639 -25.36 -67.01 106.65
CA ASN H 639 -25.61 -68.38 107.08
C ASN H 639 -25.95 -69.27 105.90
N MET H 640 -26.55 -68.70 104.85
CA MET H 640 -26.94 -69.48 103.69
C MET H 640 -26.16 -69.12 102.45
N LYS H 641 -26.11 -67.84 102.07
CA LYS H 641 -25.27 -67.44 100.94
C LYS H 641 -23.79 -67.54 101.27
N HIS H 642 -23.44 -67.48 102.57
CA HIS H 642 -22.08 -67.33 103.11
C HIS H 642 -21.22 -66.37 102.30
N ILE H 643 -21.75 -65.18 102.07
CA ILE H 643 -20.95 -64.02 101.71
C ILE H 643 -21.26 -62.94 102.74
N LEU H 644 -20.29 -62.04 102.94
CA LEU H 644 -20.45 -61.07 104.00
C LEU H 644 -21.33 -59.92 103.49
N LEU H 645 -21.85 -59.14 104.42
CA LEU H 645 -22.79 -58.09 104.09
C LEU H 645 -22.32 -56.79 104.70
N PHE H 646 -22.72 -55.67 104.07
CA PHE H 646 -22.36 -54.31 104.48
C PHE H 646 -20.86 -54.09 104.52
N CYS H 647 -20.15 -54.75 103.61
CA CYS H 647 -18.72 -54.55 103.46
C CYS H 647 -18.39 -53.47 102.44
N ASN H 648 -19.29 -52.50 102.28
CA ASN H 648 -19.06 -51.35 101.42
C ASN H 648 -18.82 -50.07 102.21
N SER H 649 -19.68 -49.76 103.17
CA SER H 649 -19.61 -48.50 103.87
C SER H 649 -18.75 -48.64 105.11
N PHE H 650 -17.80 -47.69 105.26
CA PHE H 650 -16.92 -47.72 106.41
C PHE H 650 -17.66 -47.45 107.70
N GLU H 651 -18.58 -46.50 107.71
CA GLU H 651 -19.27 -46.19 108.95
C GLU H 651 -20.19 -47.31 109.37
N MET H 652 -20.77 -48.03 108.41
CA MET H 652 -21.48 -49.26 108.72
C MET H 652 -20.54 -50.31 109.29
N ILE H 653 -19.39 -50.50 108.66
CA ILE H 653 -18.54 -51.62 109.06
C ILE H 653 -17.75 -51.32 110.33
N MET H 654 -17.68 -50.06 110.74
CA MET H 654 -17.19 -49.71 112.07
C MET H 654 -18.31 -49.83 113.09
N LEU H 655 -19.53 -49.54 112.68
CA LEU H 655 -20.65 -49.57 113.61
C LEU H 655 -21.01 -51.01 113.97
N ILE H 656 -20.81 -51.93 113.04
CA ILE H 656 -21.00 -53.36 113.34
C ILE H 656 -19.98 -53.83 114.38
N SER H 657 -18.77 -53.29 114.32
CA SER H 657 -17.80 -53.63 115.36
C SER H 657 -18.16 -53.01 116.70
N ASN H 658 -18.71 -51.79 116.68
CA ASN H 658 -18.93 -51.09 117.94
C ASN H 658 -20.16 -51.62 118.67
N HIS H 659 -21.33 -51.54 118.05
CA HIS H 659 -22.56 -51.81 118.79
C HIS H 659 -23.04 -53.25 118.61
N MET H 660 -22.89 -53.82 117.42
CA MET H 660 -23.56 -55.06 117.04
C MET H 660 -23.03 -56.24 117.88
N GLY H 661 -23.86 -57.28 118.00
CA GLY H 661 -23.58 -58.35 118.95
C GLY H 661 -23.50 -59.71 118.29
N ASP H 662 -23.00 -60.69 119.06
CA ASP H 662 -22.95 -62.05 118.55
C ASP H 662 -24.30 -62.76 118.72
N GLU H 663 -25.12 -62.30 119.68
CA GLU H 663 -26.47 -62.81 119.83
C GLU H 663 -27.31 -62.62 118.57
N LEU H 664 -27.06 -61.55 117.84
CA LEU H 664 -27.81 -61.29 116.63
C LEU H 664 -27.29 -62.10 115.43
N ILE H 665 -26.02 -61.95 115.09
CA ILE H 665 -25.46 -62.49 113.86
C ILE H 665 -24.36 -63.48 114.22
N PRO H 666 -24.19 -64.61 113.44
CA PRO H 666 -23.24 -65.66 113.82
C PRO H 666 -21.78 -65.25 113.98
N GLY H 667 -21.09 -65.97 114.87
CA GLY H 667 -19.77 -65.53 115.35
C GLY H 667 -18.72 -65.40 114.26
N ALA H 668 -18.73 -66.33 113.31
CA ALA H 668 -17.81 -66.33 112.17
C ALA H 668 -17.90 -65.02 111.39
N ALA H 669 -19.11 -64.49 111.22
CA ALA H 669 -19.24 -63.23 110.50
C ALA H 669 -18.74 -62.07 111.33
N PHE H 670 -19.08 -62.04 112.62
CA PHE H 670 -18.74 -60.93 113.50
C PHE H 670 -17.24 -60.79 113.67
N ALA H 671 -16.53 -61.91 113.69
CA ALA H 671 -15.08 -61.88 113.77
C ALA H 671 -14.47 -61.23 112.54
N HIS H 672 -15.13 -61.32 111.37
CA HIS H 672 -14.54 -60.67 110.22
C HIS H 672 -14.71 -59.16 110.27
N TYR H 673 -15.83 -58.67 110.81
CA TYR H 673 -15.98 -57.23 110.97
C TYR H 673 -14.96 -56.68 111.95
N ARG H 674 -14.77 -57.39 113.06
CA ARG H 674 -13.80 -56.95 114.04
C ARG H 674 -12.38 -57.04 113.49
N ASN H 675 -12.11 -58.04 112.63
CA ASN H 675 -10.79 -58.14 112.04
C ASN H 675 -10.55 -57.08 110.97
N LEU H 676 -11.59 -56.67 110.24
CA LEU H 676 -11.40 -55.57 109.29
C LEU H 676 -11.12 -54.27 110.00
N VAL H 677 -11.79 -54.04 111.13
CA VAL H 677 -11.52 -52.85 111.92
C VAL H 677 -10.09 -52.87 112.45
N SER H 678 -9.62 -54.01 112.94
CA SER H 678 -8.25 -54.10 113.42
C SER H 678 -7.24 -54.05 112.27
N LEU H 679 -7.65 -54.45 111.07
CA LEU H 679 -6.80 -54.29 109.89
C LEU H 679 -6.57 -52.83 109.57
N ILE H 680 -7.64 -52.03 109.62
CA ILE H 680 -7.49 -50.60 109.39
C ILE H 680 -6.66 -49.98 110.50
N ARG H 681 -6.76 -50.51 111.72
CA ARG H 681 -5.89 -50.07 112.82
C ARG H 681 -4.42 -50.33 112.51
N LEU H 682 -4.11 -51.54 112.02
CA LEU H 682 -2.70 -51.88 111.77
C LEU H 682 -2.12 -51.06 110.63
N VAL H 683 -2.93 -50.78 109.60
CA VAL H 683 -2.46 -49.91 108.52
C VAL H 683 -2.16 -48.52 109.05
N LYS H 684 -3.04 -48.00 109.92
CA LYS H 684 -2.82 -46.68 110.50
C LYS H 684 -1.56 -46.63 111.34
N ARG H 685 -1.29 -47.71 112.10
CA ARG H 685 -0.04 -47.79 112.85
C ARG H 685 1.18 -47.79 111.92
N THR H 686 1.11 -48.61 110.87
CA THR H 686 2.26 -48.84 110.01
C THR H 686 2.66 -47.59 109.26
N ILE H 687 1.72 -46.82 108.76
CA ILE H 687 2.10 -45.59 108.10
C ILE H 687 1.90 -44.37 109.00
N SER H 688 1.74 -44.59 110.31
CA SER H 688 1.95 -43.54 111.29
C SER H 688 3.24 -43.73 112.05
N ILE H 689 4.07 -44.70 111.62
CA ILE H 689 5.50 -44.72 112.00
C ILE H 689 6.14 -43.33 111.89
N SER H 690 5.93 -42.64 110.77
CA SER H 690 6.58 -41.36 110.51
C SER H 690 5.92 -40.21 111.26
N ASN H 691 5.91 -40.32 112.59
CA ASN H 691 5.24 -39.38 113.47
C ASN H 691 6.27 -38.77 114.41
N ILE H 692 6.42 -37.45 114.36
CA ILE H 692 7.44 -36.74 115.11
C ILE H 692 6.78 -35.54 115.78
N ASN H 693 7.08 -35.31 117.06
CA ASN H 693 6.47 -34.19 117.76
C ASN H 693 6.96 -32.84 117.28
N GLU H 694 6.59 -32.42 116.08
CA GLU H 694 7.00 -31.10 115.63
C GLU H 694 6.04 -30.64 114.55
N GLN H 695 5.45 -29.47 114.73
CA GLN H 695 4.68 -28.84 113.66
C GLN H 695 5.52 -27.77 112.99
N LEU H 696 5.20 -27.48 111.75
CA LEU H 696 5.94 -26.48 110.97
C LEU H 696 5.14 -25.22 110.72
N CYS H 697 3.97 -25.32 110.09
CA CYS H 697 3.15 -24.13 109.90
C CYS H 697 1.96 -24.12 110.83
N GLY H 698 1.09 -25.11 110.70
CA GLY H 698 0.15 -25.43 111.75
C GLY H 698 -0.06 -26.92 111.71
N GLU H 699 0.57 -27.51 110.82
CA GLU H 699 0.26 -28.88 110.50
C GLU H 699 1.26 -29.82 111.14
N PRO H 700 0.83 -30.99 111.56
CA PRO H 700 1.77 -31.97 112.12
C PRO H 700 2.69 -32.53 111.04
N LEU H 701 3.75 -33.16 111.52
CA LEU H 701 4.76 -33.55 110.58
C LEU H 701 4.36 -34.77 109.77
N VAL H 702 3.35 -35.52 110.20
CA VAL H 702 2.91 -36.60 109.33
C VAL H 702 2.00 -36.04 108.26
N ASN H 703 1.26 -34.99 108.60
CA ASN H 703 0.52 -34.21 107.62
C ASN H 703 1.46 -33.70 106.54
N PHE H 704 2.69 -33.33 106.89
CA PHE H 704 3.63 -33.08 105.80
C PHE H 704 4.16 -34.36 105.17
N ALA H 705 4.26 -35.46 105.92
CA ALA H 705 4.88 -36.68 105.41
C ALA H 705 4.08 -37.42 104.37
N ASN H 706 2.91 -37.87 104.77
CA ASN H 706 2.13 -38.85 104.04
C ASN H 706 0.80 -38.22 103.69
N ALA H 707 0.41 -38.26 102.42
CA ALA H 707 -0.78 -37.56 101.95
C ALA H 707 -2.07 -38.26 102.35
N LEU H 708 -2.03 -39.17 103.28
CA LEU H 708 -3.23 -39.78 103.78
C LEU H 708 -3.70 -39.15 105.08
N PHE H 709 -2.81 -38.59 105.89
CA PHE H 709 -3.26 -37.94 107.12
C PHE H 709 -3.62 -36.49 106.93
N ASP H 710 -3.32 -35.91 105.77
CA ASP H 710 -3.50 -34.48 105.57
C ASP H 710 -4.96 -34.10 105.48
N GLY H 711 -5.24 -32.84 105.77
CA GLY H 711 -6.58 -32.33 105.58
C GLY H 711 -6.99 -32.26 104.12
N ARG H 712 -6.01 -32.20 103.22
CA ARG H 712 -6.28 -31.97 101.81
C ARG H 712 -7.05 -33.14 101.18
N LEU H 713 -6.76 -34.35 101.59
CA LEU H 713 -7.43 -35.50 100.99
C LEU H 713 -8.68 -35.83 101.76
N PHE H 714 -9.80 -36.04 101.04
CA PHE H 714 -11.11 -35.80 101.64
C PHE H 714 -12.14 -36.93 101.68
N CYS H 715 -11.77 -38.20 101.75
CA CYS H 715 -12.71 -39.27 102.10
C CYS H 715 -13.92 -39.39 101.15
N PRO H 716 -13.74 -40.03 99.96
CA PRO H 716 -14.66 -39.92 98.78
C PRO H 716 -16.17 -39.94 99.02
N PHE H 717 -16.67 -40.88 99.80
CA PHE H 717 -18.06 -40.87 100.20
C PHE H 717 -18.18 -40.31 101.61
N VAL H 718 -18.92 -39.21 101.77
CA VAL H 718 -19.14 -38.65 103.10
C VAL H 718 -20.61 -38.65 103.38
N HIS H 719 -20.94 -38.35 104.63
CA HIS H 719 -22.31 -38.21 105.04
C HIS H 719 -22.59 -36.99 105.89
N THR H 720 -21.61 -36.38 106.54
CA THR H 720 -21.93 -35.09 107.14
C THR H 720 -21.14 -33.96 106.52
N MET H 721 -19.86 -33.89 106.83
CA MET H 721 -18.91 -32.91 106.31
C MET H 721 -17.55 -33.26 106.88
N PRO H 722 -16.48 -33.09 106.13
CA PRO H 722 -15.15 -33.06 106.74
C PRO H 722 -14.92 -31.72 107.41
N ARG H 723 -13.89 -31.68 108.25
CA ARG H 723 -13.63 -30.50 109.05
C ARG H 723 -13.20 -29.32 108.21
N ASN H 724 -12.42 -29.60 107.18
CA ASN H 724 -11.69 -28.61 106.42
C ASN H 724 -10.88 -27.72 107.35
N ASP H 725 -10.01 -28.36 108.13
CA ASP H 725 -9.11 -27.65 109.03
C ASP H 725 -8.23 -26.66 108.28
N THR H 726 -7.50 -27.14 107.28
CA THR H 726 -6.94 -26.22 106.31
C THR H 726 -8.06 -25.76 105.40
N ASN H 727 -8.04 -24.50 104.98
CA ASN H 727 -9.20 -23.94 104.30
C ASN H 727 -9.16 -24.27 102.80
N ALA H 728 -9.77 -25.40 102.46
CA ALA H 728 -10.03 -25.73 101.07
C ALA H 728 -11.35 -25.11 100.64
N LYS H 729 -11.72 -25.33 99.39
CA LYS H 729 -12.94 -24.78 98.82
C LYS H 729 -13.84 -25.93 98.44
N ILE H 730 -14.88 -26.16 99.22
CA ILE H 730 -15.83 -27.23 98.97
C ILE H 730 -17.06 -26.61 98.33
N THR H 731 -17.39 -27.03 97.12
CA THR H 731 -18.46 -26.38 96.37
C THR H 731 -19.45 -27.39 95.81
N ALA H 732 -20.69 -26.94 95.71
CA ALA H 732 -21.69 -27.51 94.81
C ALA H 732 -22.28 -26.48 93.88
N ASP H 733 -22.22 -25.20 94.25
CA ASP H 733 -22.54 -24.07 93.39
C ASP H 733 -21.33 -23.17 93.41
N ASP H 734 -21.47 -21.92 92.95
CA ASP H 734 -20.38 -20.98 93.09
C ASP H 734 -20.13 -20.56 94.54
N THR H 735 -21.01 -20.89 95.48
CA THR H 735 -20.77 -20.59 96.89
C THR H 735 -19.94 -21.70 97.53
N PRO H 736 -18.82 -21.38 98.16
CA PRO H 736 -18.07 -22.40 98.91
C PRO H 736 -18.81 -22.81 100.16
N LEU H 737 -18.78 -24.10 100.46
CA LEU H 737 -19.56 -24.64 101.57
C LEU H 737 -18.65 -24.78 102.78
N THR H 738 -18.75 -23.85 103.71
CA THR H 738 -18.05 -23.98 104.96
C THR H 738 -19.08 -24.08 106.08
N GLN H 739 -18.58 -23.97 107.31
CA GLN H 739 -19.44 -24.04 108.48
C GLN H 739 -20.46 -22.91 108.50
N ASN H 740 -20.10 -21.76 107.97
CA ASN H 740 -20.95 -20.61 108.07
C ASN H 740 -22.11 -20.66 107.08
N THR H 741 -21.85 -21.15 105.87
CA THR H 741 -22.93 -21.20 104.88
C THR H 741 -23.90 -22.33 105.18
N VAL H 742 -23.39 -23.50 105.52
CA VAL H 742 -24.21 -24.71 105.61
C VAL H 742 -25.17 -24.61 106.79
N ARG H 743 -26.46 -24.77 106.50
CA ARG H 743 -27.44 -24.88 107.56
C ARG H 743 -27.37 -26.26 108.18
N VAL H 744 -27.54 -26.29 109.49
CA VAL H 744 -27.40 -27.50 110.26
C VAL H 744 -28.64 -28.36 110.10
N ARG H 745 -28.46 -29.68 110.18
CA ARG H 745 -29.58 -30.59 110.17
C ARG H 745 -30.20 -30.66 111.55
N ASN H 746 -31.53 -30.57 111.57
CA ASN H 746 -32.29 -30.84 112.77
C ASN H 746 -33.11 -32.10 112.48
N TYR H 747 -32.87 -33.15 113.24
CA TYR H 747 -33.54 -34.41 112.97
C TYR H 747 -34.91 -34.51 113.60
N GLU H 748 -35.32 -33.55 114.39
CA GLU H 748 -36.55 -33.74 115.14
C GLU H 748 -37.64 -32.73 114.83
N ILE H 749 -37.30 -31.47 114.52
CA ILE H 749 -38.37 -30.52 114.26
C ILE H 749 -38.97 -30.74 112.88
N SER H 750 -38.17 -31.29 111.95
CA SER H 750 -38.57 -31.64 110.59
C SER H 750 -39.17 -30.45 109.85
N ASP H 751 -38.30 -29.48 109.58
CA ASP H 751 -38.72 -28.31 108.84
C ASP H 751 -39.03 -28.66 107.39
N VAL H 752 -39.94 -27.88 106.79
CA VAL H 752 -40.32 -28.11 105.41
C VAL H 752 -39.27 -27.52 104.46
N GLN H 753 -38.46 -26.59 104.97
CA GLN H 753 -37.42 -25.97 104.15
C GLN H 753 -36.38 -26.99 103.73
N ARG H 754 -35.97 -27.85 104.66
CA ARG H 754 -35.01 -28.89 104.30
C ARG H 754 -35.66 -29.93 103.40
N MET H 755 -36.99 -30.06 103.45
CA MET H 755 -37.66 -30.95 102.52
C MET H 755 -37.65 -30.40 101.10
N ASN H 756 -37.72 -29.07 100.94
CA ASN H 756 -37.53 -28.50 99.61
C ASN H 756 -36.08 -28.60 99.15
N LEU H 757 -35.17 -28.43 100.08
CA LEU H 757 -33.79 -28.34 99.65
C LEU H 757 -33.11 -29.70 99.60
N ILE H 758 -33.85 -30.80 99.82
CA ILE H 758 -33.27 -32.06 99.36
C ILE H 758 -33.36 -32.18 97.85
N ASP H 759 -34.37 -31.56 97.23
CA ASP H 759 -34.32 -31.47 95.77
C ASP H 759 -33.30 -30.45 95.34
N SER H 760 -33.33 -29.27 95.96
CA SER H 760 -32.39 -28.26 95.48
C SER H 760 -30.99 -28.52 96.02
N SER H 761 -30.05 -27.67 95.61
CA SER H 761 -28.62 -27.92 95.82
C SER H 761 -28.08 -27.11 97.00
N VAL H 762 -28.49 -27.50 98.21
CA VAL H 762 -27.95 -26.92 99.44
C VAL H 762 -27.51 -28.06 100.35
N VAL H 763 -26.28 -27.97 100.87
CA VAL H 763 -25.70 -28.98 101.72
C VAL H 763 -26.18 -28.77 103.16
N PHE H 764 -26.41 -29.88 103.87
CA PHE H 764 -26.94 -29.88 105.22
C PHE H 764 -26.14 -30.87 106.07
N THR H 765 -25.56 -30.39 107.18
CA THR H 765 -24.70 -31.20 108.03
C THR H 765 -25.28 -31.35 109.43
N ASP H 766 -24.74 -32.34 110.15
CA ASP H 766 -25.22 -32.63 111.50
C ASP H 766 -24.52 -31.75 112.53
N ASN H 767 -23.21 -31.89 112.61
CA ASN H 767 -22.28 -31.26 113.54
C ASN H 767 -20.93 -31.72 113.01
N ASP H 768 -19.84 -31.14 113.52
CA ASP H 768 -18.51 -31.57 113.09
C ASP H 768 -18.21 -32.94 113.67
N ARG H 769 -18.83 -33.94 113.05
CA ARG H 769 -18.80 -35.31 113.55
C ARG H 769 -17.42 -35.95 113.62
N PRO H 770 -16.58 -35.98 112.58
CA PRO H 770 -15.54 -37.02 112.54
C PRO H 770 -14.37 -36.72 113.47
N SER H 771 -14.00 -37.70 114.28
CA SER H 771 -12.82 -37.65 115.07
C SER H 771 -11.60 -37.85 114.17
N ASN H 772 -10.40 -37.51 114.69
CA ASN H 772 -9.21 -37.54 113.84
C ASN H 772 -8.92 -38.99 113.43
N GLU H 773 -9.09 -39.93 114.39
CA GLU H 773 -9.05 -41.33 114.11
C GLU H 773 -10.04 -41.72 113.03
N ASN H 774 -11.29 -41.24 113.14
CA ASN H 774 -12.33 -41.66 112.23
C ASN H 774 -12.08 -41.22 110.81
N THR H 775 -11.58 -40.00 110.61
CA THR H 775 -11.34 -39.52 109.26
C THR H 775 -10.17 -40.25 108.64
N ILE H 776 -9.11 -40.45 109.41
CA ILE H 776 -7.94 -41.16 108.91
C ILE H 776 -8.32 -42.58 108.51
N LEU H 777 -9.13 -43.24 109.34
CA LEU H 777 -9.58 -44.58 109.00
C LEU H 777 -10.52 -44.58 107.82
N SER H 778 -11.27 -43.50 107.61
CA SER H 778 -12.16 -43.45 106.46
C SER H 778 -11.38 -43.37 105.16
N LYS H 779 -10.36 -42.50 105.13
CA LYS H 779 -9.45 -42.44 103.99
C LYS H 779 -8.73 -43.75 103.76
N ILE H 780 -8.27 -44.38 104.84
CA ILE H 780 -7.61 -45.69 104.70
C ILE H 780 -8.54 -46.70 104.07
N PHE H 781 -9.80 -46.72 104.53
CA PHE H 781 -10.74 -47.71 104.03
C PHE H 781 -11.03 -47.52 102.55
N TYR H 782 -11.48 -46.32 102.16
CA TYR H 782 -11.92 -46.15 100.79
C TYR H 782 -10.75 -46.14 99.82
N PHE H 783 -9.61 -45.56 100.20
CA PHE H 783 -8.51 -45.46 99.24
C PHE H 783 -7.66 -46.73 99.20
N CYS H 784 -7.61 -47.51 100.29
CA CYS H 784 -6.80 -48.71 100.27
C CYS H 784 -7.63 -50.00 100.28
N VAL H 785 -8.54 -50.16 101.24
CA VAL H 785 -9.07 -51.48 101.55
C VAL H 785 -10.05 -51.92 100.48
N LEU H 786 -10.93 -51.01 100.04
CA LEU H 786 -11.87 -51.37 98.98
C LEU H 786 -11.23 -51.62 97.61
N PRO H 787 -10.35 -50.77 97.05
CA PRO H 787 -9.84 -51.09 95.71
C PRO H 787 -8.89 -52.26 95.67
N ALA H 788 -8.09 -52.46 96.71
CA ALA H 788 -7.19 -53.60 96.72
C ALA H 788 -7.98 -54.90 96.81
N LEU H 789 -8.96 -54.95 97.70
CA LEU H 789 -9.70 -56.19 97.85
C LEU H 789 -10.70 -56.39 96.72
N SER H 790 -11.12 -55.33 96.05
CA SER H 790 -12.16 -55.43 95.05
C SER H 790 -11.63 -55.42 93.64
N ASN H 791 -10.35 -55.08 93.45
CA ASN H 791 -9.72 -54.86 92.15
C ASN H 791 -10.55 -53.93 91.27
N ASN H 792 -10.87 -52.77 91.85
CA ASN H 792 -11.53 -51.65 91.19
C ASN H 792 -12.90 -52.01 90.65
N LYS H 793 -13.61 -52.90 91.31
CA LYS H 793 -14.92 -53.31 90.84
C LYS H 793 -16.04 -52.68 91.66
N ALA H 794 -15.86 -51.43 92.04
CA ALA H 794 -16.87 -50.62 92.71
C ALA H 794 -17.40 -49.57 91.75
N CYS H 795 -18.48 -48.91 92.16
CA CYS H 795 -19.02 -47.81 91.37
C CYS H 795 -19.70 -46.83 92.30
N GLY H 796 -19.65 -45.54 91.95
CA GLY H 796 -20.34 -44.56 92.74
C GLY H 796 -21.84 -44.64 92.56
N ALA H 797 -22.58 -44.11 93.52
CA ALA H 797 -24.02 -44.24 93.44
C ALA H 797 -24.73 -43.04 94.03
N GLY H 798 -25.80 -42.62 93.36
CA GLY H 798 -26.63 -41.54 93.81
C GLY H 798 -28.04 -42.01 94.10
N VAL H 799 -28.85 -41.19 94.76
CA VAL H 799 -30.19 -41.59 95.15
C VAL H 799 -31.13 -40.39 95.23
N ASN H 800 -32.33 -40.52 94.66
CA ASN H 800 -33.45 -39.66 95.04
C ASN H 800 -34.13 -40.28 96.23
N VAL H 801 -33.79 -39.81 97.44
CA VAL H 801 -34.48 -40.29 98.63
C VAL H 801 -35.92 -39.83 98.63
N LYS H 802 -36.20 -38.68 98.01
CA LYS H 802 -37.56 -38.16 97.94
C LYS H 802 -38.47 -39.10 97.18
N GLU H 803 -38.15 -39.37 95.92
CA GLU H 803 -38.97 -40.28 95.14
C GLU H 803 -38.87 -41.70 95.65
N LEU H 804 -37.77 -42.05 96.31
CA LEU H 804 -37.62 -43.37 96.91
C LEU H 804 -38.65 -43.60 98.00
N VAL H 805 -38.72 -42.71 98.99
CA VAL H 805 -39.65 -42.94 100.08
C VAL H 805 -41.07 -42.62 99.65
N LEU H 806 -41.26 -41.70 98.71
CA LEU H 806 -42.62 -41.45 98.26
C LEU H 806 -43.14 -42.51 97.30
N ASP H 807 -42.27 -43.39 96.82
CA ASP H 807 -42.77 -44.57 96.14
C ASP H 807 -43.01 -45.70 97.14
N LEU H 808 -42.02 -46.01 97.98
CA LEU H 808 -42.14 -47.18 98.83
C LEU H 808 -43.15 -46.96 99.94
N PHE H 809 -43.00 -45.88 100.67
CA PHE H 809 -43.83 -45.52 101.80
C PHE H 809 -44.88 -44.54 101.29
N TYR H 810 -45.57 -43.86 102.20
CA TYR H 810 -46.72 -43.01 101.92
C TYR H 810 -47.80 -43.84 101.23
N THR H 811 -47.99 -45.04 101.74
CA THR H 811 -49.03 -45.95 101.31
C THR H 811 -49.97 -46.20 102.49
N GLU H 812 -50.91 -47.12 102.28
CA GLU H 812 -52.04 -47.25 103.19
C GLU H 812 -51.72 -47.71 104.62
N PRO H 813 -50.88 -48.74 104.88
CA PRO H 813 -50.64 -49.10 106.29
C PRO H 813 -49.88 -48.05 107.06
N PHE H 814 -48.99 -47.33 106.37
CA PHE H 814 -48.21 -46.30 107.03
C PHE H 814 -49.06 -45.05 107.29
N ILE H 815 -49.86 -44.65 106.31
CA ILE H 815 -50.63 -43.41 106.44
C ILE H 815 -51.86 -43.59 107.32
N CYS H 816 -52.61 -44.68 107.11
CA CYS H 816 -53.87 -44.88 107.82
C CYS H 816 -53.61 -45.08 109.32
N PRO H 817 -54.38 -44.40 110.17
CA PRO H 817 -54.09 -44.33 111.62
C PRO H 817 -53.98 -45.55 112.53
N ASP H 818 -52.87 -45.52 113.28
CA ASP H 818 -52.49 -46.45 114.35
C ASP H 818 -52.91 -47.92 114.31
N ASP H 819 -54.11 -48.18 113.83
CA ASP H 819 -54.63 -49.55 113.83
C ASP H 819 -54.18 -50.26 112.58
N CYS H 820 -54.36 -49.59 111.44
CA CYS H 820 -53.87 -50.07 110.17
C CYS H 820 -52.36 -50.07 110.14
N PHE H 821 -51.72 -49.25 110.98
CA PHE H 821 -50.30 -49.44 111.19
C PHE H 821 -50.04 -50.70 112.00
N GLN H 822 -50.78 -50.90 113.10
CA GLN H 822 -50.39 -51.85 114.11
C GLN H 822 -50.57 -53.28 113.65
N GLU H 823 -51.66 -53.58 112.96
CA GLU H 823 -51.94 -54.96 112.61
C GLU H 823 -52.17 -55.23 111.13
N ASN H 824 -52.21 -54.22 110.31
CA ASN H 824 -52.64 -54.48 108.94
C ASN H 824 -51.42 -54.74 108.07
N PRO H 825 -51.35 -55.92 107.40
CA PRO H 825 -50.25 -56.21 106.46
C PRO H 825 -50.07 -55.21 105.32
N ILE H 826 -48.95 -55.35 104.63
CA ILE H 826 -48.41 -54.36 103.69
C ILE H 826 -49.27 -54.34 102.43
N SER H 827 -49.05 -53.34 101.57
CA SER H 827 -49.83 -53.11 100.35
C SER H 827 -49.67 -54.20 99.31
N SER H 828 -48.83 -55.22 99.56
CA SER H 828 -48.51 -56.30 98.62
C SER H 828 -48.02 -55.74 97.29
N ASP H 829 -47.18 -54.72 97.38
CA ASP H 829 -46.75 -54.00 96.20
C ASP H 829 -45.73 -54.82 95.43
N VAL H 830 -45.41 -54.34 94.22
CA VAL H 830 -44.44 -54.99 93.37
C VAL H 830 -43.05 -54.90 93.98
N LEU H 831 -42.75 -53.80 94.66
CA LEU H 831 -41.37 -53.47 94.97
C LEU H 831 -40.95 -53.96 96.34
N MET H 832 -41.59 -53.44 97.39
CA MET H 832 -40.99 -53.41 98.70
C MET H 832 -41.07 -54.77 99.40
N SER H 833 -42.18 -55.47 99.20
CA SER H 833 -42.30 -56.83 99.71
C SER H 833 -41.36 -57.77 98.97
N LEU H 834 -41.08 -57.49 97.71
CA LEU H 834 -40.10 -58.30 97.00
C LEU H 834 -38.68 -58.00 97.44
N ILE H 835 -38.39 -56.76 97.83
CA ILE H 835 -37.08 -56.43 98.42
C ILE H 835 -36.87 -57.20 99.71
N ARG H 836 -37.88 -57.18 100.58
CA ARG H 836 -37.77 -57.89 101.84
C ARG H 836 -37.77 -59.40 101.65
N GLU H 837 -38.45 -59.91 100.63
CA GLU H 837 -38.33 -61.32 100.32
C GLU H 837 -36.96 -61.66 99.76
N ALA H 838 -36.31 -60.70 99.08
CA ALA H 838 -34.96 -60.93 98.60
C ALA H 838 -33.97 -60.98 99.75
N MET H 839 -34.23 -60.26 100.84
CA MET H 839 -33.35 -60.43 101.98
C MET H 839 -33.72 -61.65 102.83
N GLY H 840 -34.97 -62.12 102.78
CA GLY H 840 -35.31 -63.35 103.42
C GLY H 840 -36.42 -64.12 102.71
N PRO H 841 -36.12 -65.35 102.27
CA PRO H 841 -37.16 -66.19 101.67
C PRO H 841 -37.86 -67.03 102.71
N GLY H 842 -39.18 -67.04 102.67
CA GLY H 842 -39.91 -67.80 103.65
C GLY H 842 -39.90 -67.13 105.01
N TYR H 843 -40.25 -67.94 106.01
CA TYR H 843 -40.28 -67.64 107.46
C TYR H 843 -41.05 -66.39 107.86
N THR H 844 -41.85 -65.84 106.94
CA THR H 844 -42.53 -64.58 107.14
C THR H 844 -43.96 -64.78 106.67
N VAL H 845 -44.92 -64.58 107.57
CA VAL H 845 -46.31 -64.89 107.26
C VAL H 845 -46.90 -63.84 106.34
N ALA H 846 -46.92 -62.59 106.78
CA ALA H 846 -47.42 -61.52 105.94
C ALA H 846 -46.40 -61.05 104.91
N ASN H 847 -45.19 -61.60 104.95
CA ASN H 847 -43.94 -61.31 104.24
C ASN H 847 -43.28 -60.03 104.79
N THR H 848 -43.94 -59.27 105.65
CA THR H 848 -43.41 -58.04 106.24
C THR H 848 -43.61 -58.10 107.73
N SER H 849 -43.25 -59.23 108.33
CA SER H 849 -43.60 -59.50 109.70
C SER H 849 -42.78 -58.60 110.61
N SER H 850 -43.36 -57.44 110.93
CA SER H 850 -42.88 -56.33 111.75
C SER H 850 -41.73 -55.55 111.11
N ILE H 851 -41.23 -55.96 109.94
CA ILE H 851 -40.02 -55.34 109.43
C ILE H 851 -40.35 -54.01 108.77
N ALA H 852 -41.56 -53.89 108.19
CA ALA H 852 -42.02 -52.59 107.70
C ALA H 852 -42.21 -51.62 108.83
N LYS H 853 -42.69 -52.11 109.98
CA LYS H 853 -42.79 -51.27 111.16
C LYS H 853 -41.44 -50.76 111.59
N GLN H 854 -40.45 -51.66 111.65
CA GLN H 854 -39.10 -51.29 112.07
C GLN H 854 -38.50 -50.25 111.12
N LEU H 855 -38.65 -50.48 109.83
CA LEU H 855 -37.96 -49.62 108.86
C LEU H 855 -38.65 -48.26 108.75
N PHE H 856 -39.98 -48.24 108.81
CA PHE H 856 -40.72 -46.99 108.84
C PHE H 856 -40.44 -46.20 110.10
N LYS H 857 -40.21 -46.89 111.22
CA LYS H 857 -39.76 -46.20 112.42
C LYS H 857 -38.35 -45.65 112.25
N SER H 858 -37.54 -46.31 111.42
CA SER H 858 -36.16 -45.84 111.25
C SER H 858 -36.10 -44.58 110.43
N LEU H 859 -37.01 -44.41 109.47
CA LEU H 859 -36.76 -43.39 108.47
C LEU H 859 -37.09 -41.95 108.88
N ILE H 860 -37.12 -41.66 110.18
CA ILE H 860 -37.12 -40.27 110.62
C ILE H 860 -35.76 -39.64 110.44
N TYR H 861 -34.73 -40.47 110.34
CA TYR H 861 -33.34 -40.05 110.20
C TYR H 861 -32.93 -40.13 108.74
N ILE H 862 -33.47 -39.24 107.92
CA ILE H 862 -33.18 -39.26 106.50
C ILE H 862 -32.35 -38.05 106.14
N ASN H 863 -31.94 -37.99 104.89
CA ASN H 863 -30.86 -37.12 104.45
C ASN H 863 -31.24 -36.48 103.12
N GLU H 864 -30.25 -35.88 102.48
CA GLU H 864 -30.44 -35.17 101.23
C GLU H 864 -30.51 -36.15 100.07
N ASN H 865 -30.70 -35.61 98.88
CA ASN H 865 -30.32 -36.32 97.68
C ASN H 865 -28.81 -36.25 97.51
N THR H 866 -28.28 -37.12 96.67
CA THR H 866 -26.85 -37.22 96.49
C THR H 866 -26.31 -36.06 95.67
N LYS H 867 -25.28 -35.39 96.17
CA LYS H 867 -24.67 -34.24 95.52
C LYS H 867 -23.21 -34.52 95.20
N ILE H 868 -22.75 -34.04 94.06
CA ILE H 868 -21.33 -33.97 93.76
C ILE H 868 -20.79 -32.72 94.43
N LEU H 869 -19.56 -32.78 94.93
CA LEU H 869 -18.87 -31.60 95.43
C LEU H 869 -17.50 -31.49 94.79
N GLU H 870 -17.14 -30.31 94.32
CA GLU H 870 -15.74 -30.08 94.01
C GLU H 870 -14.99 -29.65 95.24
N VAL H 871 -13.68 -29.87 95.20
CA VAL H 871 -12.75 -29.39 96.20
C VAL H 871 -11.60 -28.74 95.48
N GLU H 872 -11.45 -27.44 95.65
CA GLU H 872 -10.24 -26.77 95.20
C GLU H 872 -9.34 -26.58 96.41
N VAL H 873 -8.14 -27.13 96.37
CA VAL H 873 -7.19 -26.92 97.45
C VAL H 873 -5.81 -26.74 96.86
N SER H 874 -5.06 -25.82 97.45
CA SER H 874 -3.65 -25.71 97.15
C SER H 874 -2.90 -26.70 98.03
N LEU H 875 -1.68 -27.01 97.62
CA LEU H 875 -0.97 -28.09 98.28
C LEU H 875 -0.42 -27.64 99.63
N ASP H 876 0.29 -28.55 100.30
CA ASP H 876 1.07 -28.19 101.47
C ASP H 876 2.14 -27.17 101.07
N PRO H 877 2.52 -26.26 101.98
CA PRO H 877 3.29 -25.08 101.57
C PRO H 877 4.68 -25.39 101.02
N ALA H 878 5.28 -26.49 101.47
CA ALA H 878 6.53 -26.98 100.93
C ALA H 878 6.44 -27.39 99.48
N GLN H 879 5.24 -27.72 98.99
CA GLN H 879 5.03 -27.92 97.57
C GLN H 879 4.36 -26.72 96.91
N ARG H 880 3.82 -25.81 97.70
CA ARG H 880 3.27 -24.57 97.17
C ARG H 880 4.38 -23.69 96.61
N HIS H 881 5.60 -23.82 97.15
CA HIS H 881 6.71 -22.92 96.83
C HIS H 881 7.01 -22.79 95.33
N GLY H 882 7.39 -23.88 94.69
CA GLY H 882 8.12 -23.75 93.45
C GLY H 882 7.34 -23.45 92.19
N ASN H 883 6.89 -22.19 92.05
CA ASN H 883 6.03 -21.74 90.94
C ASN H 883 4.79 -22.63 90.83
N SER H 884 4.28 -23.01 91.99
CA SER H 884 3.12 -23.88 92.10
C SER H 884 2.08 -23.25 93.01
N VAL H 885 2.19 -21.94 93.22
CA VAL H 885 1.28 -21.23 94.12
C VAL H 885 -0.13 -21.27 93.56
N HIS H 886 -0.26 -21.05 92.26
CA HIS H 886 -1.53 -21.26 91.57
C HIS H 886 -1.50 -22.65 90.94
N PHE H 887 -1.84 -23.63 91.77
CA PHE H 887 -1.96 -25.01 91.29
C PHE H 887 -3.38 -25.55 91.40
N GLN H 888 -4.00 -25.53 92.57
CA GLN H 888 -5.42 -25.81 92.78
C GLN H 888 -5.82 -27.23 92.35
N SER H 889 -5.43 -28.18 93.20
CA SER H 889 -5.91 -29.55 93.10
C SER H 889 -7.42 -29.62 93.02
N LEU H 890 -7.91 -30.58 92.24
CA LEU H 890 -9.34 -30.78 92.07
C LEU H 890 -9.71 -32.16 92.55
N GLN H 891 -10.53 -32.22 93.59
CA GLN H 891 -11.05 -33.46 94.13
C GLN H 891 -12.56 -33.45 94.06
N HIS H 892 -13.13 -34.48 93.46
CA HIS H 892 -14.57 -34.67 93.48
C HIS H 892 -14.91 -35.67 94.55
N ILE H 893 -15.79 -35.27 95.45
CA ILE H 893 -16.18 -36.03 96.61
C ILE H 893 -17.67 -36.25 96.56
N LEU H 894 -18.08 -37.51 96.60
CA LEU H 894 -19.49 -37.84 96.44
C LEU H 894 -20.19 -37.60 97.77
N TYR H 895 -20.88 -36.48 97.87
CA TYR H 895 -21.59 -36.16 99.11
C TYR H 895 -22.88 -36.95 99.16
N ASN H 896 -23.05 -37.70 100.25
CA ASN H 896 -24.31 -38.31 100.66
C ASN H 896 -24.79 -39.33 99.62
N GLY H 897 -23.86 -39.94 98.90
CA GLY H 897 -24.13 -41.07 98.07
C GLY H 897 -23.58 -42.33 98.69
N LEU H 898 -23.43 -43.36 97.87
CA LEU H 898 -22.88 -44.57 98.44
C LEU H 898 -22.10 -45.36 97.40
N CYS H 899 -21.16 -46.16 97.89
CA CYS H 899 -20.50 -47.12 97.03
C CYS H 899 -21.48 -48.22 96.63
N LEU H 900 -21.23 -48.81 95.47
CA LEU H 900 -22.14 -49.78 94.91
C LEU H 900 -21.28 -50.86 94.30
N ILE H 901 -21.72 -52.12 94.42
CA ILE H 901 -20.81 -53.19 94.03
C ILE H 901 -21.52 -54.26 93.20
N SER H 902 -22.84 -54.19 93.11
CA SER H 902 -23.58 -55.18 92.35
C SER H 902 -24.75 -54.52 91.66
N PRO H 903 -25.05 -54.88 90.41
CA PRO H 903 -26.03 -54.12 89.62
C PRO H 903 -27.44 -54.20 90.18
N ILE H 904 -27.93 -53.05 90.58
CA ILE H 904 -29.25 -52.91 91.19
C ILE H 904 -30.32 -53.12 90.14
N THR H 905 -31.29 -53.98 90.44
CA THR H 905 -32.29 -54.39 89.47
C THR H 905 -33.66 -53.77 89.76
N THR H 906 -34.13 -53.86 91.00
CA THR H 906 -35.48 -53.40 91.32
C THR H 906 -35.56 -51.89 91.33
N LEU H 907 -34.58 -51.23 91.96
CA LEU H 907 -34.62 -49.80 92.21
C LEU H 907 -33.82 -49.02 91.19
N ARG H 908 -33.86 -49.46 89.93
CA ARG H 908 -33.19 -48.74 88.85
C ARG H 908 -33.78 -47.36 88.63
N ARG H 909 -35.02 -47.15 89.05
CA ARG H 909 -35.66 -45.85 88.90
C ARG H 909 -35.04 -44.82 89.83
N TYR H 910 -34.46 -45.25 90.95
CA TYR H 910 -34.13 -44.34 92.04
C TYR H 910 -32.65 -44.23 92.32
N TYR H 911 -31.80 -44.78 91.47
CA TYR H 911 -30.37 -44.91 91.74
C TYR H 911 -29.58 -44.56 90.49
N GLN H 912 -28.68 -43.60 90.61
CA GLN H 912 -27.84 -43.31 89.46
C GLN H 912 -26.43 -43.82 89.69
N PRO H 913 -25.85 -44.53 88.73
CA PRO H 913 -24.42 -44.81 88.76
C PRO H 913 -23.62 -43.55 88.46
N ILE H 914 -22.72 -43.19 89.38
CA ILE H 914 -21.93 -41.98 89.24
C ILE H 914 -20.46 -42.37 89.21
N PRO H 915 -19.88 -42.61 88.05
CA PRO H 915 -18.43 -42.88 87.99
C PRO H 915 -17.65 -41.58 88.11
N PHE H 916 -17.04 -41.38 89.26
CA PHE H 916 -16.41 -40.10 89.54
C PHE H 916 -14.91 -40.18 89.82
N HIS H 917 -14.42 -41.26 90.39
CA HIS H 917 -13.04 -41.30 90.85
C HIS H 917 -12.21 -42.18 89.93
N ARG H 918 -10.90 -42.16 90.15
CA ARG H 918 -9.99 -43.16 89.58
C ARG H 918 -10.45 -44.55 89.94
N PHE H 919 -10.69 -44.79 91.23
CA PHE H 919 -11.31 -46.03 91.68
C PHE H 919 -12.82 -45.88 91.50
N PHE H 920 -13.59 -46.85 91.99
CA PHE H 920 -15.05 -46.77 92.11
C PHE H 920 -15.74 -46.51 90.77
N SER H 921 -15.26 -47.13 89.71
CA SER H 921 -15.76 -46.85 88.37
C SER H 921 -15.87 -48.11 87.52
N ASP H 922 -16.49 -49.15 88.05
CA ASP H 922 -16.60 -50.43 87.34
C ASP H 922 -17.53 -50.31 86.13
N PRO H 923 -17.04 -50.58 84.92
CA PRO H 923 -17.95 -50.56 83.76
C PRO H 923 -18.96 -51.66 83.80
N GLY H 924 -18.60 -52.83 84.31
CA GLY H 924 -19.56 -53.93 84.44
C GLY H 924 -20.70 -53.64 85.39
N ILE H 925 -20.51 -52.70 86.32
CA ILE H 925 -21.61 -52.29 87.18
C ILE H 925 -22.37 -51.14 86.54
N CYS H 926 -21.65 -50.20 85.94
CA CYS H 926 -22.27 -48.99 85.44
C CYS H 926 -23.11 -49.26 84.21
N GLY H 927 -22.59 -50.06 83.28
CA GLY H 927 -23.36 -50.44 82.11
C GLY H 927 -24.44 -51.44 82.35
N THR H 928 -24.52 -52.01 83.55
CA THR H 928 -25.64 -52.87 83.87
C THR H 928 -26.71 -52.14 84.65
N MET H 929 -26.39 -51.05 85.33
CA MET H 929 -27.48 -50.14 85.71
C MET H 929 -28.02 -49.38 84.51
N ASN H 930 -27.16 -48.75 83.74
CA ASN H 930 -27.59 -47.82 82.71
C ASN H 930 -27.43 -48.44 81.33
N ALA H 931 -28.39 -48.17 80.45
CA ALA H 931 -28.32 -48.65 79.09
C ALA H 931 -27.43 -47.79 78.21
N ASP H 932 -27.25 -46.51 78.57
CA ASP H 932 -26.46 -45.63 77.71
C ASP H 932 -24.97 -45.92 77.83
N ILE H 933 -24.51 -46.36 78.99
CA ILE H 933 -23.16 -46.86 79.07
C ILE H 933 -23.06 -48.20 78.36
N GLN H 934 -24.15 -48.98 78.39
CA GLN H 934 -24.12 -50.32 77.83
C GLN H 934 -23.97 -50.30 76.31
N VAL H 935 -24.63 -49.35 75.65
CA VAL H 935 -24.37 -49.17 74.23
C VAL H 935 -23.10 -48.38 73.98
N PHE H 936 -22.60 -47.65 74.98
CA PHE H 936 -21.30 -47.05 74.83
C PHE H 936 -20.20 -48.09 74.91
N LEU H 937 -20.41 -49.15 75.69
CA LEU H 937 -19.41 -50.20 75.78
C LEU H 937 -19.56 -51.24 74.69
N ASN H 938 -20.75 -51.41 74.13
CA ASN H 938 -20.90 -52.38 73.04
C ASN H 938 -20.28 -51.88 71.76
N THR H 939 -20.09 -50.58 71.62
CA THR H 939 -19.46 -50.03 70.43
C THR H 939 -17.96 -49.84 70.60
N PHE H 940 -17.48 -49.75 71.84
CA PHE H 940 -16.06 -49.57 72.12
C PHE H 940 -15.73 -50.52 73.24
N PRO H 941 -15.50 -51.80 72.92
CA PRO H 941 -15.39 -52.81 73.97
C PRO H 941 -14.14 -52.69 74.80
N HIS H 942 -13.13 -51.97 74.34
CA HIS H 942 -11.90 -51.88 75.10
C HIS H 942 -11.95 -50.83 76.21
N TYR H 943 -13.05 -50.12 76.37
CA TYR H 943 -13.23 -49.33 77.58
C TYR H 943 -13.98 -50.09 78.65
N GLN H 944 -14.14 -51.41 78.49
CA GLN H 944 -14.75 -52.22 79.53
C GLN H 944 -13.71 -52.71 80.53
N ARG H 945 -12.49 -52.24 80.39
CA ARG H 945 -11.41 -52.67 81.25
C ARG H 945 -11.54 -52.05 82.63
N ASN H 946 -11.26 -52.83 83.67
CA ASN H 946 -11.26 -52.31 85.03
C ASN H 946 -9.95 -51.64 85.39
N ASP H 947 -8.93 -51.75 84.55
CA ASP H 947 -7.58 -51.47 85.00
C ASP H 947 -7.31 -49.97 85.04
N GLY H 948 -7.31 -49.35 83.89
CA GLY H 948 -6.99 -47.94 83.79
C GLY H 948 -8.22 -47.10 83.95
N GLY H 949 -8.16 -45.91 83.37
CA GLY H 949 -9.33 -45.07 83.35
C GLY H 949 -10.00 -45.12 82.00
N PHE H 950 -11.07 -45.89 81.89
CA PHE H 950 -12.01 -45.65 80.82
C PHE H 950 -12.74 -44.36 81.19
N PRO H 951 -13.17 -43.56 80.20
CA PRO H 951 -13.33 -42.13 80.47
C PRO H 951 -14.51 -41.82 81.39
N LEU H 952 -14.23 -40.98 82.37
CA LEU H 952 -15.22 -40.35 83.19
C LEU H 952 -15.86 -39.22 82.37
N PRO H 953 -16.89 -38.55 82.87
CA PRO H 953 -17.31 -37.30 82.25
C PRO H 953 -16.17 -36.30 82.26
N PRO H 954 -15.97 -35.60 81.16
CA PRO H 954 -14.84 -34.67 81.02
C PRO H 954 -14.77 -33.58 82.06
N PRO H 955 -15.87 -33.18 82.72
CA PRO H 955 -15.66 -32.42 83.95
C PRO H 955 -15.11 -33.23 85.10
N LEU H 956 -15.23 -34.55 85.09
CA LEU H 956 -14.71 -35.34 86.20
C LEU H 956 -13.31 -35.88 85.94
N ALA H 957 -12.98 -36.14 84.68
CA ALA H 957 -11.68 -36.74 84.34
C ALA H 957 -10.68 -35.62 84.12
N LEU H 958 -10.10 -35.16 85.21
CA LEU H 958 -9.05 -34.14 85.19
C LEU H 958 -7.83 -34.77 85.84
N GLU H 959 -7.08 -35.53 85.05
CA GLU H 959 -6.14 -36.51 85.62
C GLU H 959 -4.94 -35.85 86.26
N PHE H 960 -4.36 -34.84 85.60
CA PHE H 960 -3.22 -34.19 86.19
C PHE H 960 -3.60 -33.35 87.40
N TYR H 961 -4.84 -32.90 87.47
CA TYR H 961 -5.29 -32.14 88.63
C TYR H 961 -5.72 -33.02 89.80
N ASN H 962 -5.88 -34.32 89.62
CA ASN H 962 -6.28 -35.15 90.75
C ASN H 962 -5.10 -35.41 91.66
N TRP H 963 -5.35 -36.18 92.70
CA TRP H 963 -4.28 -36.70 93.55
C TRP H 963 -3.89 -38.10 93.15
N GLN H 964 -4.87 -38.96 92.90
CA GLN H 964 -4.63 -40.36 92.57
C GLN H 964 -4.66 -40.49 91.05
N ARG H 965 -3.49 -40.57 90.44
CA ARG H 965 -3.41 -40.67 88.99
C ARG H 965 -3.59 -42.10 88.54
N THR H 966 -3.22 -42.36 87.29
CA THR H 966 -3.22 -43.69 86.66
C THR H 966 -2.53 -44.82 87.43
N PRO H 967 -1.30 -44.70 87.97
CA PRO H 967 -0.60 -45.91 88.44
C PRO H 967 -1.22 -46.54 89.67
N PHE H 968 -2.00 -45.80 90.44
CA PHE H 968 -2.73 -46.40 91.53
C PHE H 968 -3.75 -47.41 91.03
N SER H 969 -4.53 -47.03 90.03
CA SER H 969 -5.48 -47.97 89.47
C SER H 969 -4.79 -49.08 88.71
N VAL H 970 -3.64 -48.79 88.09
CA VAL H 970 -2.93 -49.84 87.36
C VAL H 970 -2.35 -50.87 88.31
N TYR H 971 -1.90 -50.43 89.48
CA TYR H 971 -1.50 -51.39 90.50
C TYR H 971 -2.70 -52.12 91.08
N SER H 972 -3.78 -51.39 91.35
CA SER H 972 -4.93 -51.97 92.03
C SER H 972 -5.68 -52.95 91.16
N ALA H 973 -5.46 -52.90 89.84
CA ALA H 973 -6.10 -53.84 88.94
C ALA H 973 -5.62 -55.26 89.17
N PHE H 974 -4.33 -55.46 89.31
CA PHE H 974 -3.79 -56.81 89.41
C PHE H 974 -3.03 -57.04 90.69
N CYS H 975 -3.27 -56.22 91.71
CA CYS H 975 -2.68 -56.49 93.00
C CYS H 975 -3.32 -57.72 93.63
N PRO H 976 -2.54 -58.55 94.33
CA PRO H 976 -3.12 -59.68 95.03
C PRO H 976 -3.79 -59.24 96.31
N ASN H 977 -4.75 -60.04 96.76
CA ASN H 977 -5.67 -59.63 97.82
C ASN H 977 -5.18 -60.12 99.18
N SER H 978 -3.93 -59.80 99.52
CA SER H 978 -3.31 -60.44 100.67
C SER H 978 -2.51 -59.45 101.51
N LEU H 979 -3.09 -58.29 101.78
CA LEU H 979 -2.70 -57.31 102.80
C LEU H 979 -1.40 -56.57 102.50
N LEU H 980 -0.56 -57.12 101.63
CA LEU H 980 0.59 -56.37 101.17
C LEU H 980 0.14 -55.30 100.20
N SER H 981 -0.93 -55.56 99.47
CA SER H 981 -1.47 -54.55 98.58
C SER H 981 -2.07 -53.39 99.37
N ILE H 982 -2.73 -53.69 100.48
CA ILE H 982 -3.32 -52.64 101.30
C ILE H 982 -2.24 -51.79 101.94
N MET H 983 -1.26 -52.46 102.55
CA MET H 983 -0.12 -51.76 103.13
C MET H 983 0.66 -51.00 102.07
N THR H 984 0.74 -51.51 100.85
CA THR H 984 1.56 -50.81 99.88
C THR H 984 0.80 -49.67 99.23
N LEU H 985 -0.53 -49.68 99.22
CA LEU H 985 -1.22 -48.48 98.76
C LEU H 985 -1.10 -47.38 99.80
N ALA H 986 -1.14 -47.75 101.08
CA ALA H 986 -0.81 -46.76 102.10
C ALA H 986 0.63 -46.28 102.00
N ALA H 987 1.53 -47.13 101.52
CA ALA H 987 2.90 -46.69 101.28
C ALA H 987 2.99 -45.77 100.08
N MET H 988 2.25 -46.08 99.02
CA MET H 988 2.27 -45.28 97.80
C MET H 988 1.61 -43.94 97.99
N HIS H 989 0.83 -43.77 99.05
CA HIS H 989 0.34 -42.42 99.35
C HIS H 989 1.39 -41.50 99.95
N SER H 990 2.63 -41.93 100.14
CA SER H 990 3.66 -41.06 100.72
C SER H 990 4.06 -39.97 99.74
N LYS H 991 4.39 -38.79 100.26
CA LYS H 991 4.50 -37.61 99.43
C LYS H 991 5.92 -37.40 98.91
N LEU H 992 6.04 -36.47 97.97
CA LEU H 992 7.30 -36.09 97.36
C LEU H 992 7.69 -34.66 97.72
N SER H 993 7.39 -34.25 98.95
CA SER H 993 7.81 -32.96 99.44
C SER H 993 9.30 -33.00 99.81
N PRO H 994 9.97 -31.85 99.81
CA PRO H 994 11.31 -31.80 100.43
C PRO H 994 11.33 -32.19 101.90
N VAL H 995 10.33 -31.80 102.68
CA VAL H 995 10.31 -32.23 104.06
C VAL H 995 9.98 -33.71 104.14
N ALA H 996 9.27 -34.24 103.15
CA ALA H 996 8.98 -35.66 103.11
C ALA H 996 10.24 -36.46 102.85
N ILE H 997 11.08 -35.97 101.93
CA ILE H 997 12.39 -36.57 101.70
C ILE H 997 13.22 -36.51 102.96
N ALA H 998 13.15 -35.37 103.68
CA ALA H 998 13.94 -35.18 104.89
C ALA H 998 13.57 -36.18 105.97
N ILE H 999 12.28 -36.35 106.24
CA ILE H 999 11.94 -37.23 107.35
C ILE H 999 11.86 -38.70 106.96
N GLN H 1000 11.70 -39.02 105.68
CA GLN H 1000 11.94 -40.39 105.25
C GLN H 1000 13.40 -40.76 105.39
N SER H 1001 14.30 -39.83 105.06
CA SER H 1001 15.71 -40.07 105.28
C SER H 1001 16.06 -40.14 106.76
N LYS H 1002 15.31 -39.44 107.60
CA LYS H 1002 15.47 -39.60 109.04
C LYS H 1002 15.06 -41.00 109.48
N SER H 1003 13.95 -41.50 108.96
CA SER H 1003 13.48 -42.81 109.40
C SER H 1003 14.14 -43.97 108.67
N LYS H 1004 15.08 -43.70 107.75
CA LYS H 1004 15.76 -44.69 106.93
C LYS H 1004 14.76 -45.51 106.11
N ILE H 1005 13.84 -44.82 105.48
CA ILE H 1005 12.88 -45.42 104.57
C ILE H 1005 13.21 -44.90 103.19
N HIS H 1006 13.51 -45.81 102.28
CA HIS H 1006 14.08 -45.46 100.99
C HIS H 1006 13.09 -44.74 100.11
N PRO H 1007 13.35 -43.49 99.75
CA PRO H 1007 12.44 -42.77 98.84
C PRO H 1007 12.69 -43.23 97.41
N GLY H 1008 11.87 -42.74 96.50
CA GLY H 1008 11.95 -43.18 95.13
C GLY H 1008 13.00 -42.47 94.31
N PHE H 1009 14.23 -42.47 94.78
CA PHE H 1009 15.30 -41.84 94.03
C PHE H 1009 16.49 -42.77 93.99
N ALA H 1010 17.45 -42.38 93.17
CA ALA H 1010 18.79 -42.92 93.22
C ALA H 1010 19.69 -41.78 92.83
N ALA H 1011 20.99 -42.00 92.88
CA ALA H 1011 21.88 -40.89 92.62
C ALA H 1011 23.20 -41.39 92.11
N THR H 1012 23.77 -40.64 91.18
CA THR H 1012 25.13 -40.88 90.71
C THR H 1012 25.99 -39.79 91.33
N LEU H 1013 26.57 -40.07 92.48
CA LEU H 1013 27.45 -39.10 93.12
C LEU H 1013 28.74 -39.00 92.33
N VAL H 1014 28.94 -37.87 91.69
CA VAL H 1014 30.16 -37.65 90.93
C VAL H 1014 31.13 -36.88 91.81
N ARG H 1015 32.41 -37.12 91.58
CA ARG H 1015 33.46 -36.62 92.45
C ARG H 1015 34.74 -36.58 91.65
N THR H 1016 35.52 -35.51 91.82
CA THR H 1016 36.84 -35.46 91.21
C THR H 1016 37.89 -35.59 92.30
N ASP H 1017 39.08 -36.03 91.90
CA ASP H 1017 40.18 -36.27 92.82
C ASP H 1017 41.46 -35.82 92.15
N ASN H 1018 42.31 -35.14 92.90
CA ASN H 1018 43.53 -34.59 92.34
C ASN H 1018 44.76 -35.25 92.93
N PHE H 1019 45.68 -35.63 92.04
CA PHE H 1019 46.82 -36.47 92.36
C PHE H 1019 48.07 -35.64 92.16
N ASP H 1020 49.19 -36.10 92.71
CA ASP H 1020 50.48 -35.54 92.36
C ASP H 1020 51.20 -36.53 91.45
N VAL H 1021 51.63 -36.03 90.31
CA VAL H 1021 52.22 -36.85 89.26
C VAL H 1021 53.56 -36.25 88.86
N GLU H 1022 54.60 -37.05 88.92
CA GLU H 1022 55.82 -36.71 88.23
C GLU H 1022 55.75 -37.29 86.82
N CYS H 1023 56.13 -36.47 85.84
CA CYS H 1023 55.65 -36.67 84.48
C CYS H 1023 56.72 -36.20 83.51
N LEU H 1024 57.27 -37.12 82.72
CA LEU H 1024 58.45 -36.85 81.91
C LEU H 1024 58.11 -36.42 80.49
N LEU H 1025 59.05 -35.70 79.88
CA LEU H 1025 58.90 -35.09 78.57
C LEU H 1025 60.06 -35.46 77.66
N TYR H 1026 59.75 -35.73 76.40
CA TYR H 1026 60.74 -35.95 75.35
C TYR H 1026 60.54 -34.90 74.28
N SER H 1027 61.63 -34.51 73.62
CA SER H 1027 61.53 -33.64 72.47
C SER H 1027 62.63 -34.00 71.49
N SER H 1028 62.37 -33.77 70.21
CA SER H 1028 63.43 -33.94 69.24
C SER H 1028 64.42 -32.80 69.37
N ARG H 1029 65.62 -33.00 68.85
CA ARG H 1029 66.67 -32.01 69.03
C ARG H 1029 66.45 -30.83 68.10
N ALA H 1030 66.71 -29.63 68.62
CA ALA H 1030 66.58 -28.36 67.90
C ALA H 1030 65.17 -28.19 67.31
N ALA H 1031 64.16 -28.58 68.08
CA ALA H 1031 62.81 -28.55 67.56
C ALA H 1031 62.26 -27.14 67.50
N THR H 1032 62.81 -26.24 68.30
CA THR H 1032 62.28 -24.89 68.41
C THR H 1032 63.39 -23.93 68.75
N SER H 1033 63.41 -22.80 68.05
CA SER H 1033 64.47 -21.82 68.24
C SER H 1033 64.00 -20.64 69.06
N ILE H 1034 64.97 -20.03 69.73
CA ILE H 1034 64.77 -18.88 70.58
C ILE H 1034 65.58 -17.75 69.99
N ILE H 1035 64.93 -16.64 69.65
CA ILE H 1035 65.63 -15.42 69.34
C ILE H 1035 65.44 -14.44 70.48
N LEU H 1036 66.53 -13.87 70.97
CA LEU H 1036 66.48 -13.12 72.21
C LEU H 1036 67.37 -11.89 72.18
N ASP H 1037 67.06 -10.96 73.07
CA ASP H 1037 67.85 -9.76 73.21
C ASP H 1037 69.12 -9.98 74.02
N ASP H 1038 69.96 -8.99 73.98
CA ASP H 1038 70.91 -8.77 75.06
C ASP H 1038 70.16 -8.04 76.18
N PRO H 1039 70.23 -8.53 77.43
CA PRO H 1039 69.38 -7.99 78.50
C PRO H 1039 69.57 -6.51 78.78
N THR H 1040 68.45 -5.80 78.83
CA THR H 1040 68.43 -4.36 79.01
C THR H 1040 68.21 -4.00 80.47
N VAL H 1041 68.72 -2.84 80.84
CA VAL H 1041 68.81 -2.38 82.22
C VAL H 1041 67.95 -1.13 82.36
N THR H 1042 67.13 -1.07 83.40
CA THR H 1042 66.46 0.17 83.73
C THR H 1042 66.38 0.29 85.24
N ALA H 1043 66.06 1.49 85.71
CA ALA H 1043 66.13 1.78 87.13
C ALA H 1043 64.96 2.67 87.54
N GLU H 1044 64.47 2.46 88.76
CA GLU H 1044 63.45 3.31 89.35
C GLU H 1044 63.92 3.76 90.71
N ALA H 1045 64.01 5.07 90.92
CA ALA H 1045 64.47 5.61 92.18
C ALA H 1045 63.26 6.00 93.03
N LYS H 1046 62.97 5.21 94.04
CA LYS H 1046 62.17 5.68 95.15
C LYS H 1046 63.09 6.36 96.16
N ASP H 1047 62.55 6.79 97.30
CA ASP H 1047 63.44 7.52 98.20
C ASP H 1047 64.35 6.59 99.00
N ILE H 1048 63.81 5.49 99.51
CA ILE H 1048 64.57 4.65 100.42
C ILE H 1048 65.25 3.52 99.67
N VAL H 1049 64.80 3.22 98.45
CA VAL H 1049 65.38 2.16 97.64
C VAL H 1049 65.45 2.65 96.21
N THR H 1050 66.26 1.97 95.41
CA THR H 1050 66.19 2.06 93.96
C THR H 1050 66.13 0.65 93.43
N THR H 1051 65.11 0.36 92.63
CA THR H 1051 64.94 -0.97 92.08
C THR H 1051 65.47 -1.00 90.67
N TYR H 1052 66.33 -1.97 90.39
CA TYR H 1052 66.89 -2.17 89.07
C TYR H 1052 66.16 -3.32 88.42
N ASN H 1053 65.71 -3.10 87.20
CA ASN H 1053 64.96 -4.09 86.45
C ASN H 1053 65.77 -4.49 85.23
N PHE H 1054 66.01 -5.79 85.10
CA PHE H 1054 66.67 -6.38 83.95
C PHE H 1054 65.62 -7.10 83.13
N THR H 1055 65.37 -6.61 81.92
CA THR H 1055 64.44 -7.26 81.02
C THR H 1055 65.22 -7.99 79.95
N GLN H 1056 64.63 -9.06 79.44
CA GLN H 1056 65.19 -9.77 78.31
C GLN H 1056 64.04 -10.33 77.50
N HIS H 1057 64.01 -10.00 76.22
CA HIS H 1057 62.92 -10.43 75.34
C HIS H 1057 63.28 -11.73 74.68
N LEU H 1058 62.31 -12.65 74.65
CA LEU H 1058 62.45 -13.93 74.01
C LEU H 1058 61.39 -14.04 72.93
N SER H 1059 61.68 -14.82 71.91
CA SER H 1059 60.66 -15.18 70.95
C SER H 1059 60.92 -16.61 70.51
N PHE H 1060 59.87 -17.41 70.50
CA PHE H 1060 59.93 -18.84 70.31
C PHE H 1060 59.30 -19.16 68.96
N VAL H 1061 60.08 -19.77 68.08
CA VAL H 1061 59.56 -20.30 66.83
C VAL H 1061 59.64 -21.82 66.90
N ASP H 1062 58.58 -22.47 66.46
CA ASP H 1062 58.45 -23.92 66.52
C ASP H 1062 58.65 -24.43 65.12
N MET H 1063 59.75 -25.12 64.88
CA MET H 1063 60.12 -25.32 63.49
C MET H 1063 59.64 -26.64 62.93
N GLY H 1064 59.28 -27.61 63.76
CA GLY H 1064 58.63 -28.79 63.26
C GLY H 1064 57.20 -28.53 62.85
N LEU H 1065 56.68 -29.41 62.01
CA LEU H 1065 55.27 -29.38 61.64
C LEU H 1065 54.42 -30.17 62.63
N GLY H 1066 54.67 -31.48 62.72
CA GLY H 1066 53.98 -32.30 63.67
C GLY H 1066 54.45 -32.04 65.09
N PHE H 1067 54.00 -32.89 65.99
CA PHE H 1067 54.36 -32.71 67.40
C PHE H 1067 55.76 -33.22 67.60
N SER H 1068 56.69 -32.29 67.69
CA SER H 1068 58.09 -32.58 67.90
C SER H 1068 58.43 -32.73 69.37
N SER H 1069 57.44 -32.86 70.23
CA SER H 1069 57.68 -32.95 71.67
C SER H 1069 56.50 -33.66 72.31
N THR H 1070 56.76 -34.75 73.01
CA THR H 1070 55.71 -35.53 73.61
C THR H 1070 55.93 -35.63 75.12
N THR H 1071 54.95 -36.19 75.81
CA THR H 1071 54.89 -36.16 77.27
C THR H 1071 54.05 -37.34 77.72
N ALA H 1072 54.51 -38.05 78.73
CA ALA H 1072 53.67 -39.09 79.32
C ALA H 1072 53.73 -39.04 80.83
N THR H 1073 52.58 -39.27 81.45
CA THR H 1073 52.49 -39.49 82.88
C THR H 1073 53.33 -40.70 83.28
N ALA H 1074 54.15 -40.54 84.31
CA ALA H 1074 55.13 -41.55 84.66
C ALA H 1074 54.84 -42.23 86.00
N ASN H 1075 54.61 -41.45 87.05
CA ASN H 1075 54.58 -42.01 88.39
C ASN H 1075 53.74 -41.10 89.28
N LEU H 1076 52.88 -41.70 90.09
CA LEU H 1076 52.29 -40.97 91.20
C LEU H 1076 53.35 -40.59 92.22
N LYS H 1077 53.09 -39.48 92.89
CA LYS H 1077 53.67 -39.22 94.21
C LYS H 1077 52.67 -39.58 95.30
N ARG H 1078 51.54 -38.89 95.30
CA ARG H 1078 50.58 -38.90 96.39
C ARG H 1078 49.21 -38.64 95.80
N ILE H 1079 48.18 -38.81 96.61
CA ILE H 1079 46.85 -38.32 96.30
C ILE H 1079 46.57 -37.14 97.22
N LYS H 1080 46.41 -35.94 96.65
CA LYS H 1080 46.12 -34.83 97.54
C LYS H 1080 44.65 -34.74 97.91
N SER H 1081 43.81 -35.53 97.27
CA SER H 1081 42.42 -35.55 97.64
C SER H 1081 42.19 -36.45 98.85
N ASP H 1082 41.01 -36.30 99.44
CA ASP H 1082 40.55 -37.19 100.50
C ASP H 1082 40.05 -38.51 99.92
N MET H 1083 39.40 -38.44 98.76
CA MET H 1083 38.39 -39.41 98.34
C MET H 1083 37.37 -39.64 99.44
N GLY H 1084 36.91 -38.56 100.04
CA GLY H 1084 36.02 -38.65 101.18
C GLY H 1084 34.57 -38.71 100.80
N SER H 1085 33.72 -38.03 101.57
CA SER H 1085 32.30 -38.01 101.25
C SER H 1085 31.61 -36.67 101.45
N LYS H 1086 32.33 -35.57 101.63
CA LYS H 1086 31.67 -34.30 101.91
C LYS H 1086 30.97 -33.80 100.66
N ILE H 1087 29.63 -33.91 100.64
CA ILE H 1087 28.85 -33.61 99.45
C ILE H 1087 28.75 -32.10 99.25
N GLN H 1088 28.36 -31.71 98.05
CA GLN H 1088 28.27 -30.30 97.70
C GLN H 1088 27.07 -29.67 98.37
N ASN H 1089 27.30 -28.60 99.11
CA ASN H 1089 26.26 -28.00 99.93
C ASN H 1089 25.56 -26.94 99.10
N LEU H 1090 24.44 -27.31 98.48
CA LEU H 1090 23.77 -26.42 97.55
C LEU H 1090 23.17 -25.19 98.22
N PHE H 1091 22.87 -25.26 99.51
CA PHE H 1091 22.46 -24.07 100.21
C PHE H 1091 23.58 -23.06 100.33
N SER H 1092 24.83 -23.51 100.28
CA SER H 1092 25.95 -22.60 100.17
C SER H 1092 26.36 -22.36 98.73
N ALA H 1093 25.83 -23.13 97.79
CA ALA H 1093 26.18 -22.90 96.38
C ALA H 1093 25.27 -21.88 95.73
N PHE H 1094 23.98 -21.98 95.95
CA PHE H 1094 22.98 -21.07 95.44
C PHE H 1094 22.38 -20.33 96.62
N PRO H 1095 23.07 -19.32 97.15
CA PRO H 1095 22.66 -18.72 98.43
C PRO H 1095 21.38 -17.90 98.35
N ILE H 1096 20.98 -17.45 97.17
CA ILE H 1096 19.81 -16.58 97.08
C ILE H 1096 18.50 -17.34 97.19
N HIS H 1097 18.47 -18.60 96.80
CA HIS H 1097 17.22 -19.32 96.74
C HIS H 1097 16.79 -19.76 98.12
N ALA H 1098 15.47 -19.73 98.32
CA ALA H 1098 14.87 -20.09 99.60
C ALA H 1098 13.43 -20.42 99.33
N PHE H 1099 12.83 -21.17 100.23
CA PHE H 1099 11.41 -21.42 100.09
C PHE H 1099 10.64 -20.16 100.38
N THR H 1100 9.37 -20.15 99.99
CA THR H 1100 8.57 -18.95 100.16
C THR H 1100 8.25 -18.71 101.64
N ASN H 1101 7.89 -19.77 102.35
CA ASN H 1101 7.53 -19.64 103.75
C ASN H 1101 8.75 -19.67 104.64
N THR H 1102 8.81 -18.69 105.55
CA THR H 1102 9.95 -18.53 106.44
C THR H 1102 10.05 -19.69 107.42
N ASP H 1103 8.91 -20.25 107.83
CA ASP H 1103 8.91 -21.38 108.76
C ASP H 1103 9.52 -22.61 108.12
N ILE H 1104 9.10 -22.94 106.90
CA ILE H 1104 9.66 -24.12 106.24
C ILE H 1104 11.10 -23.88 105.84
N ASN H 1105 11.43 -22.65 105.43
CA ASN H 1105 12.83 -22.33 105.11
C ASN H 1105 13.73 -22.51 106.32
N THR H 1106 13.30 -22.03 107.47
CA THR H 1106 14.08 -22.16 108.69
C THR H 1106 14.17 -23.60 109.14
N TRP H 1107 13.07 -24.36 108.97
CA TRP H 1107 13.09 -25.76 109.36
C TRP H 1107 14.01 -26.57 108.47
N ILE H 1108 14.04 -26.25 107.17
CA ILE H 1108 14.90 -26.97 106.25
C ILE H 1108 16.36 -26.64 106.50
N ARG H 1109 16.66 -25.36 106.78
CA ARG H 1109 18.04 -24.99 107.10
C ARG H 1109 18.52 -25.67 108.36
N HIS H 1110 17.68 -25.70 109.41
CA HIS H 1110 18.05 -26.41 110.63
C HIS H 1110 18.22 -27.91 110.38
N HIS H 1111 17.30 -28.52 109.65
CA HIS H 1111 17.35 -29.96 109.53
C HIS H 1111 18.43 -30.44 108.57
N VAL H 1112 18.83 -29.64 107.59
CA VAL H 1112 20.05 -29.99 106.85
C VAL H 1112 21.29 -29.54 107.58
N GLY H 1113 21.13 -28.78 108.66
CA GLY H 1113 22.25 -28.59 109.56
C GLY H 1113 23.18 -27.50 109.11
N ILE H 1114 22.61 -26.38 108.71
CA ILE H 1114 23.38 -25.21 108.34
C ILE H 1114 22.95 -24.04 109.23
N GLU H 1115 23.94 -23.32 109.73
CA GLU H 1115 23.73 -22.08 110.46
C GLU H 1115 23.76 -20.94 109.46
N LYS H 1116 24.10 -19.72 109.92
CA LYS H 1116 24.03 -18.42 109.25
C LYS H 1116 22.63 -18.33 108.62
N PRO H 1117 21.63 -18.20 109.49
CA PRO H 1117 20.22 -18.47 109.12
C PRO H 1117 19.76 -17.75 107.91
N ASN H 1118 20.18 -16.52 107.79
CA ASN H 1118 19.82 -15.74 106.65
C ASN H 1118 20.89 -15.84 105.56
N PRO H 1119 20.50 -15.81 104.30
CA PRO H 1119 21.46 -15.49 103.24
C PRO H 1119 21.85 -14.02 103.21
N SER H 1120 21.08 -13.17 103.88
CA SER H 1120 21.22 -11.70 103.86
C SER H 1120 21.14 -11.14 102.45
N GLU H 1121 19.93 -11.16 101.89
CA GLU H 1121 19.73 -11.17 100.41
C GLU H 1121 20.08 -9.87 99.71
N GLY H 1122 20.44 -8.83 100.45
CA GLY H 1122 20.86 -7.61 99.79
C GLY H 1122 22.30 -7.57 99.34
N GLU H 1123 22.94 -6.48 99.76
CA GLU H 1123 24.34 -6.17 99.47
C GLU H 1123 25.29 -7.31 99.84
N ALA H 1124 24.95 -8.08 100.87
CA ALA H 1124 25.78 -9.19 101.30
C ALA H 1124 25.90 -10.27 100.22
N LEU H 1125 24.75 -10.61 99.66
CA LEU H 1125 24.65 -11.56 98.55
C LEU H 1125 25.34 -10.99 97.31
N ASN H 1126 25.19 -9.67 97.10
CA ASN H 1126 25.80 -9.02 95.94
C ASN H 1126 27.30 -9.20 96.05
N ILE H 1127 27.82 -9.00 97.26
CA ILE H 1127 29.23 -9.25 97.52
C ILE H 1127 29.57 -10.72 97.27
N ILE H 1128 28.68 -11.62 97.66
CA ILE H 1128 28.96 -13.07 97.58
C ILE H 1128 29.05 -13.54 96.12
N THR H 1129 28.24 -12.95 95.22
CA THR H 1129 28.36 -13.25 93.79
C THR H 1129 29.72 -12.86 93.25
N PHE H 1130 30.28 -11.79 93.77
CA PHE H 1130 31.63 -11.36 93.43
C PHE H 1130 32.69 -12.33 93.97
N GLY H 1131 32.34 -13.15 94.97
CA GLY H 1131 33.14 -14.30 95.36
C GLY H 1131 33.33 -14.49 96.86
N GLY H 1132 32.93 -15.64 97.39
CA GLY H 1132 32.95 -15.84 98.83
C GLY H 1132 33.10 -17.26 99.34
N ILE H 1133 34.05 -17.47 100.26
CA ILE H 1133 34.32 -18.75 100.91
C ILE H 1133 33.57 -18.86 102.23
N ASN H 1134 33.59 -20.07 102.82
CA ASN H 1134 32.87 -20.34 104.06
C ASN H 1134 33.44 -19.59 105.26
N LYS H 1135 34.71 -19.20 105.20
CA LYS H 1135 35.42 -18.42 106.22
C LYS H 1135 35.52 -19.13 107.58
N ASN H 1136 35.28 -20.43 107.63
CA ASN H 1136 35.53 -21.24 108.83
C ASN H 1136 36.08 -22.57 108.34
N PRO H 1137 37.40 -22.75 108.35
CA PRO H 1137 37.97 -23.99 107.86
C PRO H 1137 37.71 -25.11 108.84
N PRO H 1138 37.73 -26.36 108.40
CA PRO H 1138 37.67 -27.50 109.32
C PRO H 1138 38.89 -27.49 110.22
N SER H 1139 38.63 -27.46 111.53
CA SER H 1139 39.73 -27.28 112.47
C SER H 1139 40.63 -28.50 112.52
N ILE H 1140 40.11 -29.67 112.19
CA ILE H 1140 40.98 -30.81 111.94
C ILE H 1140 40.75 -31.26 110.51
N LEU H 1141 41.81 -31.75 109.89
CA LEU H 1141 41.77 -32.28 108.54
C LEU H 1141 42.89 -33.28 108.41
N LEU H 1142 42.60 -34.44 107.86
CA LEU H 1142 43.59 -35.50 107.81
C LEU H 1142 43.94 -35.99 106.42
N HIS H 1143 43.19 -35.63 105.39
CA HIS H 1143 43.42 -36.26 104.10
C HIS H 1143 43.37 -35.30 102.92
N GLY H 1144 43.32 -33.99 103.14
CA GLY H 1144 43.32 -33.07 102.02
C GLY H 1144 41.97 -32.66 101.52
N GLN H 1145 41.84 -32.42 100.22
CA GLN H 1145 40.63 -31.83 99.67
C GLN H 1145 39.56 -32.88 99.38
N GLN H 1146 38.30 -32.45 99.35
CA GLN H 1146 37.17 -33.30 99.00
C GLN H 1146 35.97 -32.46 98.61
N ALA H 1147 35.19 -32.94 97.64
CA ALA H 1147 33.89 -32.37 97.24
C ALA H 1147 33.17 -33.36 96.35
N ILE H 1148 31.87 -33.52 96.58
CA ILE H 1148 31.05 -34.50 95.87
C ILE H 1148 29.78 -33.83 95.39
N CYS H 1149 29.56 -33.87 94.08
CA CYS H 1149 28.40 -33.25 93.45
C CYS H 1149 27.24 -34.24 93.47
N GLU H 1150 26.17 -33.96 92.73
CA GLU H 1150 24.93 -34.70 92.96
C GLU H 1150 24.03 -34.71 91.75
N VAL H 1151 23.74 -35.88 91.21
CA VAL H 1151 22.75 -36.05 90.16
C VAL H 1151 21.64 -36.93 90.70
N ILE H 1152 20.41 -36.49 90.58
CA ILE H 1152 19.29 -37.27 91.08
C ILE H 1152 18.87 -38.22 89.96
N LEU H 1153 18.36 -39.39 90.31
CA LEU H 1153 18.16 -40.42 89.31
C LEU H 1153 17.05 -41.39 89.73
N THR H 1154 16.34 -41.92 88.72
CA THR H 1154 15.44 -43.06 88.70
C THR H 1154 16.03 -44.24 89.46
N PRO H 1155 15.24 -44.98 90.23
CA PRO H 1155 15.79 -46.16 90.92
C PRO H 1155 15.73 -47.42 90.07
N VAL H 1156 15.47 -47.26 88.79
CA VAL H 1156 15.35 -48.40 87.88
C VAL H 1156 16.55 -48.47 86.93
N THR H 1157 17.41 -47.46 86.94
CA THR H 1157 18.57 -47.35 86.05
C THR H 1157 19.49 -48.55 86.16
N THR H 1158 19.70 -49.21 85.03
CA THR H 1158 20.41 -50.49 85.01
C THR H 1158 21.88 -50.29 85.26
N ASN H 1159 22.41 -51.00 86.26
CA ASN H 1159 23.82 -50.89 86.58
C ASN H 1159 24.69 -51.42 85.46
N ILE H 1160 24.38 -52.63 85.00
CA ILE H 1160 25.30 -53.43 84.21
C ILE H 1160 25.48 -52.83 82.83
N ASN H 1161 24.48 -52.10 82.36
CA ASN H 1161 24.68 -51.23 81.21
C ASN H 1161 25.59 -50.06 81.58
N PHE H 1162 25.47 -49.54 82.80
CA PHE H 1162 25.86 -48.15 83.01
C PHE H 1162 27.00 -47.97 84.00
N PHE H 1163 26.90 -48.52 85.20
CA PHE H 1163 27.82 -48.10 86.26
C PHE H 1163 29.12 -48.87 86.29
N LYS H 1164 29.27 -49.92 85.51
CA LYS H 1164 30.46 -50.75 85.66
C LYS H 1164 31.59 -50.33 84.74
N LEU H 1165 31.43 -49.27 83.96
CA LEU H 1165 32.34 -48.93 82.89
C LEU H 1165 32.65 -47.44 82.96
N PRO H 1166 33.79 -47.02 82.40
CA PRO H 1166 34.03 -45.58 82.23
C PRO H 1166 32.99 -44.98 81.30
N HIS H 1167 32.14 -44.14 81.86
CA HIS H 1167 30.89 -43.82 81.19
C HIS H 1167 30.42 -42.45 81.65
N ASN H 1168 29.75 -41.74 80.76
CA ASN H 1168 29.31 -40.38 81.07
C ASN H 1168 28.16 -40.43 82.06
N PRO H 1169 28.20 -39.68 83.17
CA PRO H 1169 27.06 -39.66 84.09
C PRO H 1169 25.92 -38.76 83.67
N ARG H 1170 25.94 -38.22 82.45
CA ARG H 1170 24.75 -37.61 81.89
C ARG H 1170 23.73 -38.67 81.50
N GLY H 1171 24.14 -39.92 81.41
CA GLY H 1171 23.27 -40.96 80.93
C GLY H 1171 23.47 -41.09 79.44
N ARG H 1172 22.95 -40.12 78.71
CA ARG H 1172 23.28 -40.04 77.29
C ARG H 1172 24.71 -39.56 77.16
N GLU H 1173 25.54 -40.36 76.53
CA GLU H 1173 26.96 -40.08 76.51
C GLU H 1173 27.26 -38.97 75.50
N SER H 1174 28.21 -38.11 75.84
CA SER H 1174 28.42 -36.86 75.13
C SER H 1174 29.87 -36.69 74.75
N CYS H 1175 30.45 -37.69 74.10
CA CYS H 1175 31.82 -37.59 73.63
C CYS H 1175 31.83 -37.14 72.18
N MET H 1176 32.55 -36.07 71.89
CA MET H 1176 32.46 -35.44 70.59
C MET H 1176 33.37 -36.03 69.55
N MET H 1177 33.93 -37.20 69.83
CA MET H 1177 34.71 -37.90 68.84
C MET H 1177 33.86 -38.79 67.95
N GLY H 1178 32.54 -38.62 67.99
CA GLY H 1178 31.64 -39.40 67.15
C GLY H 1178 30.71 -38.52 66.36
N THR H 1179 30.76 -37.23 66.61
CA THR H 1179 29.87 -36.28 65.96
C THR H 1179 30.55 -35.74 64.70
N ASP H 1180 29.74 -35.43 63.70
CA ASP H 1180 30.19 -34.68 62.53
C ASP H 1180 30.75 -33.35 62.98
N PRO H 1181 32.02 -33.07 62.71
CA PRO H 1181 32.59 -31.77 63.10
C PRO H 1181 32.05 -30.64 62.26
N HIS H 1182 32.03 -29.45 62.86
CA HIS H 1182 31.50 -28.21 62.27
C HIS H 1182 30.03 -28.37 61.86
N ASN H 1183 29.24 -29.03 62.69
CA ASN H 1183 27.81 -29.22 62.42
C ASN H 1183 27.08 -29.11 63.76
N GLU H 1184 26.66 -27.89 64.11
CA GLU H 1184 26.05 -27.66 65.42
C GLU H 1184 24.67 -28.28 65.54
N GLU H 1185 23.95 -28.46 64.43
CA GLU H 1185 22.63 -29.03 64.52
C GLU H 1185 22.68 -30.52 64.84
N ALA H 1186 23.54 -31.25 64.12
CA ALA H 1186 23.77 -32.65 64.44
C ALA H 1186 24.44 -32.80 65.80
N ALA H 1187 25.21 -31.79 66.22
CA ALA H 1187 25.79 -31.79 67.55
C ALA H 1187 24.72 -31.77 68.62
N ARG H 1188 23.80 -30.80 68.56
CA ARG H 1188 22.75 -30.73 69.57
C ARG H 1188 21.76 -31.88 69.44
N LYS H 1189 21.61 -32.46 68.25
CA LYS H 1189 20.82 -33.68 68.15
C LYS H 1189 21.50 -34.84 68.86
N ALA H 1190 22.84 -34.90 68.81
CA ALA H 1190 23.54 -35.94 69.56
C ALA H 1190 23.46 -35.69 71.06
N LEU H 1191 23.51 -34.44 71.48
CA LEU H 1191 23.45 -34.16 72.90
C LEU H 1191 22.05 -34.32 73.47
N TYR H 1192 21.01 -34.19 72.65
CA TYR H 1192 19.70 -34.22 73.26
C TYR H 1192 18.70 -35.21 72.68
N ASP H 1193 18.68 -35.37 71.36
CA ASP H 1193 17.52 -35.93 70.70
C ASP H 1193 17.37 -37.41 71.00
N HIS H 1194 16.18 -37.79 71.46
CA HIS H 1194 15.89 -39.18 71.78
C HIS H 1194 14.98 -39.79 70.73
N THR H 1195 14.75 -39.09 69.63
CA THR H 1195 14.29 -39.76 68.41
C THR H 1195 15.33 -40.74 67.93
N GLN H 1196 16.58 -40.30 67.86
CA GLN H 1196 17.68 -41.21 67.64
C GLN H 1196 17.95 -42.01 68.90
N THR H 1197 18.78 -43.03 68.76
CA THR H 1197 19.30 -43.71 69.93
C THR H 1197 20.72 -43.29 70.19
N ASP H 1198 21.11 -43.42 71.45
CA ASP H 1198 22.51 -43.46 71.80
C ASP H 1198 23.08 -44.78 71.31
N SER H 1199 24.40 -44.84 71.22
CA SER H 1199 25.03 -46.13 70.97
C SER H 1199 25.02 -46.97 72.24
N ASP H 1200 25.60 -48.18 72.14
CA ASP H 1200 25.86 -49.13 73.23
C ASP H 1200 24.63 -49.78 73.81
N THR H 1201 23.43 -49.34 73.44
CA THR H 1201 22.22 -49.80 74.12
C THR H 1201 21.07 -49.65 73.13
N PHE H 1202 19.97 -50.34 73.41
CA PHE H 1202 18.66 -49.90 72.90
C PHE H 1202 18.02 -48.89 73.83
N ALA H 1203 18.76 -47.87 74.19
CA ALA H 1203 18.24 -46.84 75.08
C ALA H 1203 18.96 -45.56 74.75
N ALA H 1204 18.20 -44.50 74.48
CA ALA H 1204 18.82 -43.21 74.26
C ALA H 1204 19.32 -42.58 75.53
N THR H 1205 18.95 -43.11 76.69
CA THR H 1205 19.16 -42.44 77.97
C THR H 1205 19.24 -43.50 79.05
N THR H 1206 20.07 -43.28 80.06
CA THR H 1206 19.89 -43.96 81.34
C THR H 1206 19.54 -43.02 82.48
N ASN H 1207 19.66 -41.71 82.29
CA ASN H 1207 19.31 -40.72 83.32
C ASN H 1207 18.34 -39.70 82.74
N PRO H 1208 17.05 -40.04 82.61
CA PRO H 1208 16.13 -39.11 81.92
C PRO H 1208 15.76 -37.88 82.71
N TRP H 1209 16.29 -37.68 83.91
CA TRP H 1209 16.33 -36.35 84.50
C TRP H 1209 17.73 -35.77 84.51
N ALA H 1210 18.61 -36.23 83.63
CA ALA H 1210 19.88 -35.53 83.49
C ALA H 1210 20.22 -35.31 82.03
N SER H 1211 19.66 -36.13 81.14
CA SER H 1211 20.01 -36.00 79.73
C SER H 1211 19.28 -34.86 79.04
N LEU H 1212 18.00 -34.69 79.34
CA LEU H 1212 17.13 -33.80 78.60
C LEU H 1212 17.44 -32.33 78.87
N PRO H 1213 17.15 -31.45 77.92
CA PRO H 1213 17.29 -30.02 78.21
C PRO H 1213 16.18 -29.57 79.14
N GLY H 1214 16.56 -28.92 80.23
CA GLY H 1214 15.56 -28.56 81.20
C GLY H 1214 15.19 -29.67 82.16
N SER H 1215 16.04 -30.67 82.30
CA SER H 1215 15.94 -31.59 83.40
C SER H 1215 16.61 -30.96 84.61
N LEU H 1216 16.55 -31.65 85.75
CA LEU H 1216 17.13 -31.16 86.99
C LEU H 1216 18.65 -31.01 86.90
N GLY H 1217 19.30 -31.97 86.28
CA GLY H 1217 20.75 -31.93 86.12
C GLY H 1217 21.18 -30.80 85.21
N ASP H 1218 20.44 -30.60 84.13
CA ASP H 1218 20.80 -29.57 83.18
C ASP H 1218 20.59 -28.18 83.77
N ILE H 1219 19.44 -27.93 84.40
CA ILE H 1219 19.19 -26.60 84.94
C ILE H 1219 20.04 -26.36 86.18
N LEU H 1220 20.52 -27.42 86.81
CA LEU H 1220 21.27 -27.30 88.03
C LEU H 1220 22.76 -27.14 87.78
N TYR H 1221 23.26 -27.59 86.63
CA TYR H 1221 24.70 -27.64 86.44
C TYR H 1221 25.20 -27.00 85.15
N ASN H 1222 24.38 -26.83 84.12
CA ASN H 1222 24.81 -26.10 82.95
C ASN H 1222 25.03 -24.64 83.29
N THR H 1223 26.18 -24.10 82.91
CA THR H 1223 26.50 -22.75 83.32
C THR H 1223 25.72 -21.68 82.58
N ALA H 1224 25.05 -22.05 81.48
CA ALA H 1224 24.09 -21.15 80.87
C ALA H 1224 22.94 -20.82 81.81
N HIS H 1225 22.56 -21.73 82.68
CA HIS H 1225 21.56 -21.43 83.67
C HIS H 1225 22.17 -21.00 84.99
N ARG H 1226 23.42 -21.37 85.23
CA ARG H 1226 24.14 -20.88 86.41
C ARG H 1226 24.37 -19.38 86.34
N GLU H 1227 24.48 -18.81 85.14
CA GLU H 1227 24.58 -17.36 85.11
C GLU H 1227 23.23 -16.67 85.36
N GLN H 1228 22.12 -17.36 85.11
CA GLN H 1228 20.81 -16.77 85.35
C GLN H 1228 20.38 -16.90 86.80
N LEU H 1229 20.67 -18.05 87.40
CA LEU H 1229 20.32 -18.32 88.77
C LEU H 1229 21.57 -18.14 89.61
N CYS H 1230 21.54 -17.15 90.51
CA CYS H 1230 22.72 -16.67 91.22
C CYS H 1230 23.46 -17.75 91.99
N TYR H 1231 24.77 -17.56 92.14
CA TYR H 1231 25.63 -18.67 92.53
C TYR H 1231 26.97 -18.16 93.04
N ASN H 1232 27.67 -19.01 93.77
CA ASN H 1232 29.06 -18.75 94.14
C ASN H 1232 30.00 -19.11 93.01
N PRO H 1233 30.76 -18.17 92.47
CA PRO H 1233 31.78 -18.53 91.49
C PRO H 1233 32.94 -19.29 92.09
N LYS H 1234 33.10 -19.27 93.41
CA LYS H 1234 34.18 -20.03 94.00
C LYS H 1234 33.76 -21.43 94.39
N THR H 1235 32.47 -21.74 94.36
CA THR H 1235 32.06 -23.13 94.61
C THR H 1235 32.43 -23.98 93.42
N TYR H 1236 33.33 -24.92 93.64
CA TYR H 1236 33.73 -25.85 92.61
C TYR H 1236 32.62 -26.85 92.38
N SER H 1237 32.33 -27.12 91.12
CA SER H 1237 31.34 -28.12 90.74
C SER H 1237 31.97 -29.09 89.75
N PRO H 1238 32.19 -30.34 90.13
CA PRO H 1238 32.86 -31.28 89.23
C PRO H 1238 31.95 -31.91 88.19
N ASN H 1239 30.79 -31.32 87.92
CA ASN H 1239 29.87 -31.85 86.94
C ASN H 1239 29.67 -30.90 85.77
N ALA H 1240 30.21 -29.68 85.87
CA ALA H 1240 30.11 -28.71 84.79
C ALA H 1240 30.86 -29.19 83.56
N GLN H 1241 31.93 -29.96 83.77
CA GLN H 1241 32.67 -30.56 82.66
C GLN H 1241 31.82 -31.54 81.87
N PHE H 1242 30.72 -32.02 82.43
CA PHE H 1242 29.85 -32.94 81.74
C PHE H 1242 28.59 -32.28 81.23
N PHE H 1243 28.06 -31.28 81.94
CA PHE H 1243 26.76 -30.76 81.55
C PHE H 1243 26.82 -29.43 80.83
N THR H 1244 27.93 -28.70 80.88
CA THR H 1244 27.99 -27.41 80.20
C THR H 1244 28.18 -27.65 78.72
N GLU H 1245 27.22 -27.19 77.93
CA GLU H 1245 27.22 -27.55 76.52
C GLU H 1245 27.82 -26.49 75.64
N SER H 1246 27.85 -25.24 76.08
CA SER H 1246 28.65 -24.25 75.38
C SER H 1246 30.13 -24.57 75.47
N ASP H 1247 30.54 -25.34 76.49
CA ASP H 1247 31.90 -25.84 76.60
C ASP H 1247 32.06 -27.24 76.06
N ILE H 1248 31.12 -27.70 75.23
CA ILE H 1248 31.33 -28.91 74.44
C ILE H 1248 31.02 -28.73 72.96
N LEU H 1249 30.23 -27.72 72.58
CA LEU H 1249 30.10 -27.43 71.17
C LEU H 1249 31.28 -26.66 70.64
N LYS H 1250 32.09 -26.09 71.53
CA LYS H 1250 33.41 -25.61 71.15
C LYS H 1250 34.44 -26.72 71.20
N THR H 1251 34.02 -27.95 71.48
CA THR H 1251 34.84 -29.12 71.26
C THR H 1251 34.46 -29.86 70.00
N ASN H 1252 33.23 -29.71 69.53
CA ASN H 1252 32.89 -30.24 68.21
C ASN H 1252 33.56 -29.43 67.11
N LYS H 1253 34.84 -29.75 66.90
CA LYS H 1253 35.67 -29.15 65.87
C LYS H 1253 36.47 -30.28 65.24
N MET H 1254 37.45 -29.94 64.42
CA MET H 1254 38.30 -30.97 63.91
C MET H 1254 39.37 -31.32 64.95
N MET H 1255 39.99 -32.49 64.74
CA MET H 1255 40.57 -33.22 65.87
C MET H 1255 41.84 -32.56 66.37
N TYR H 1256 42.68 -32.06 65.47
CA TYR H 1256 43.90 -31.41 65.93
C TYR H 1256 43.61 -30.07 66.58
N LYS H 1257 42.54 -29.38 66.18
CA LYS H 1257 42.12 -28.22 66.94
C LYS H 1257 41.62 -28.59 68.32
N VAL H 1258 40.96 -29.75 68.43
CA VAL H 1258 40.52 -30.24 69.74
C VAL H 1258 41.72 -30.47 70.65
N ILE H 1259 42.74 -31.18 70.16
CA ILE H 1259 43.82 -31.51 71.07
C ILE H 1259 44.81 -30.36 71.26
N ASN H 1260 44.93 -29.44 70.30
CA ASN H 1260 45.66 -28.21 70.58
C ASN H 1260 44.95 -27.37 71.62
N GLU H 1261 43.61 -27.33 71.57
CA GLU H 1261 42.87 -26.61 72.58
C GLU H 1261 43.02 -27.27 73.95
N TYR H 1262 43.07 -28.60 73.97
CA TYR H 1262 43.22 -29.31 75.24
C TYR H 1262 44.60 -29.10 75.84
N CYS H 1263 45.67 -29.22 75.04
CA CYS H 1263 46.99 -28.99 75.60
C CYS H 1263 47.29 -27.52 75.80
N MET H 1264 46.48 -26.63 75.22
CA MET H 1264 46.58 -25.21 75.55
C MET H 1264 45.87 -24.88 76.85
N LYS H 1265 44.77 -25.58 77.13
CA LYS H 1265 44.04 -25.41 78.38
C LYS H 1265 44.76 -26.17 79.49
N SER H 1266 45.92 -25.63 79.86
CA SER H 1266 46.68 -26.14 80.98
C SER H 1266 47.33 -24.98 81.72
N ASN H 1267 46.64 -23.83 81.73
CA ASN H 1267 47.06 -22.73 82.59
C ASN H 1267 46.90 -23.10 84.05
N SER H 1268 46.00 -24.05 84.36
CA SER H 1268 45.85 -24.69 85.66
C SER H 1268 45.49 -23.67 86.74
N CYS H 1269 44.36 -23.02 86.53
CA CYS H 1269 43.79 -22.15 87.55
C CYS H 1269 43.38 -22.94 88.79
N LEU H 1270 43.10 -24.23 88.63
CA LEU H 1270 42.59 -25.05 89.72
C LEU H 1270 43.70 -25.36 90.71
N ASN H 1271 43.49 -24.96 91.96
CA ASN H 1271 44.46 -25.15 93.01
C ASN H 1271 44.24 -26.47 93.73
N SER H 1272 45.29 -26.93 94.39
CA SER H 1272 45.20 -28.09 95.26
C SER H 1272 45.65 -27.70 96.65
N ASP H 1273 45.20 -26.54 97.10
CA ASP H 1273 45.45 -25.99 98.41
C ASP H 1273 44.10 -25.65 99.02
N SER H 1274 44.14 -25.08 100.23
CA SER H 1274 42.99 -24.49 100.92
C SER H 1274 41.92 -25.53 101.21
N GLU H 1275 42.36 -26.68 101.73
CA GLU H 1275 41.63 -27.70 102.50
C GLU H 1275 40.38 -28.30 101.85
N ILE H 1276 39.97 -27.79 100.69
CA ILE H 1276 38.71 -28.18 100.07
C ILE H 1276 38.80 -27.69 98.63
N GLN H 1277 37.98 -28.25 97.75
CA GLN H 1277 38.04 -27.88 96.36
C GLN H 1277 37.25 -26.59 96.16
N TYR H 1278 37.95 -25.48 95.99
CA TYR H 1278 37.35 -24.31 95.38
C TYR H 1278 37.85 -24.20 93.95
N SER H 1279 37.47 -23.12 93.28
CA SER H 1279 37.89 -22.89 91.90
C SER H 1279 38.36 -21.45 91.76
N CYS H 1280 39.62 -21.20 92.09
CA CYS H 1280 40.19 -19.89 91.80
C CYS H 1280 40.63 -19.85 90.34
N SER H 1281 40.71 -18.64 89.79
CA SER H 1281 40.75 -18.49 88.34
C SER H 1281 41.83 -17.52 87.89
N GLU H 1282 43.04 -17.64 88.42
CA GLU H 1282 44.13 -16.77 88.00
C GLU H 1282 45.19 -17.46 87.14
N GLY H 1283 45.39 -18.76 87.30
CA GLY H 1283 46.38 -19.47 86.51
C GLY H 1283 47.81 -19.25 86.96
N THR H 1284 48.02 -19.25 88.28
CA THR H 1284 49.36 -19.10 88.82
C THR H 1284 50.17 -20.38 88.64
N ASP H 1285 49.55 -21.52 88.93
CA ASP H 1285 50.21 -22.82 88.84
C ASP H 1285 50.62 -23.09 87.40
N SER H 1286 51.66 -23.90 87.26
CA SER H 1286 52.19 -24.21 85.94
C SER H 1286 51.22 -25.02 85.09
N PHE H 1287 50.93 -26.25 85.47
CA PHE H 1287 50.26 -27.16 84.54
C PHE H 1287 49.44 -28.19 85.27
N VAL H 1288 48.28 -28.50 84.70
CA VAL H 1288 47.43 -29.61 85.10
C VAL H 1288 47.07 -30.32 83.81
N SER H 1289 46.64 -31.56 83.92
CA SER H 1289 46.11 -32.28 82.78
C SER H 1289 44.84 -32.99 83.21
N ARG H 1290 43.78 -32.84 82.42
CA ARG H 1290 42.44 -33.30 82.81
C ARG H 1290 41.88 -34.27 81.78
N PRO H 1291 42.14 -35.56 81.94
CA PRO H 1291 41.69 -36.53 80.93
C PRO H 1291 40.21 -36.76 80.91
N CYS H 1292 39.53 -36.70 82.06
CA CYS H 1292 38.09 -36.86 82.07
C CYS H 1292 37.39 -35.67 81.45
N GLN H 1293 37.94 -34.46 81.65
CA GLN H 1293 37.52 -33.29 80.90
C GLN H 1293 37.65 -33.51 79.41
N PHE H 1294 38.76 -34.13 78.98
CA PHE H 1294 38.95 -34.36 77.56
C PHE H 1294 37.97 -35.40 77.01
N LEU H 1295 37.81 -36.52 77.71
CA LEU H 1295 37.07 -37.64 77.19
C LEU H 1295 35.59 -37.57 77.48
N GLN H 1296 35.15 -36.60 78.29
CA GLN H 1296 33.73 -36.36 78.61
C GLN H 1296 33.06 -37.55 79.27
N ASN H 1297 33.80 -38.33 80.04
CA ASN H 1297 33.19 -39.35 80.88
C ASN H 1297 34.07 -39.59 82.10
N ALA H 1298 33.47 -40.18 83.10
CA ALA H 1298 34.10 -40.37 84.39
C ALA H 1298 34.46 -41.83 84.57
N LEU H 1299 34.95 -42.17 85.75
CA LEU H 1299 35.38 -43.52 86.03
C LEU H 1299 34.57 -44.14 87.16
N PRO H 1300 34.32 -45.43 87.12
CA PRO H 1300 33.76 -46.10 88.28
C PRO H 1300 34.83 -46.38 89.30
N LEU H 1301 34.42 -46.47 90.56
CA LEU H 1301 35.34 -46.80 91.64
C LEU H 1301 34.71 -47.88 92.50
N HIS H 1302 35.51 -48.42 93.42
CA HIS H 1302 35.17 -49.63 94.15
C HIS H 1302 34.15 -49.32 95.24
N CYS H 1303 32.90 -49.17 94.81
CA CYS H 1303 31.79 -48.98 95.74
C CYS H 1303 31.00 -50.27 95.83
N SER H 1304 30.21 -50.39 96.89
CA SER H 1304 29.41 -51.58 97.07
C SER H 1304 28.22 -51.23 97.94
N SER H 1305 27.26 -52.15 97.96
CA SER H 1305 25.99 -51.89 98.60
C SER H 1305 26.07 -52.13 100.09
N ASN H 1306 26.78 -53.17 100.54
CA ASN H 1306 26.97 -53.34 101.97
C ASN H 1306 28.28 -54.05 102.30
N GLN H 1307 28.51 -54.08 103.60
CA GLN H 1307 29.80 -54.45 104.15
C GLN H 1307 30.12 -55.91 103.93
N ALA H 1308 29.10 -56.75 103.74
CA ALA H 1308 29.35 -58.16 103.43
C ALA H 1308 30.08 -58.29 102.10
N LEU H 1309 29.59 -57.60 101.09
CA LEU H 1309 30.23 -57.66 99.78
C LEU H 1309 31.59 -56.99 99.84
N LEU H 1310 31.69 -55.91 100.63
CA LEU H 1310 32.98 -55.25 100.77
C LEU H 1310 34.00 -56.13 101.49
N GLU H 1311 33.54 -56.97 102.42
CA GLU H 1311 34.46 -57.86 103.11
C GLU H 1311 34.92 -59.00 102.21
N SER H 1312 34.03 -59.52 101.38
CA SER H 1312 34.48 -60.57 100.45
C SER H 1312 35.44 -60.02 99.41
N ARG H 1313 35.24 -58.77 99.00
CA ARG H 1313 36.22 -58.13 98.14
C ARG H 1313 37.54 -57.93 98.86
N SER H 1314 37.49 -57.57 100.14
CA SER H 1314 38.73 -57.40 100.89
C SER H 1314 39.44 -58.73 101.12
N LYS H 1315 38.71 -59.83 101.16
CA LYS H 1315 39.35 -61.13 101.23
C LYS H 1315 40.03 -61.48 99.92
N THR H 1316 39.26 -61.49 98.83
CA THR H 1316 39.79 -62.03 97.59
C THR H 1316 40.72 -61.08 96.86
N GLY H 1317 40.72 -59.80 97.20
CA GLY H 1317 41.50 -58.83 96.45
C GLY H 1317 40.94 -58.52 95.08
N ASN H 1318 39.73 -58.97 94.78
CA ASN H 1318 39.15 -58.85 93.45
C ASN H 1318 38.43 -57.52 93.36
N THR H 1319 39.21 -56.46 93.28
CA THR H 1319 38.66 -55.11 93.14
C THR H 1319 38.39 -54.74 91.69
N GLN H 1320 38.58 -55.66 90.77
CA GLN H 1320 38.33 -55.39 89.36
C GLN H 1320 36.96 -55.89 88.93
N ILE H 1321 36.64 -57.14 89.25
CA ILE H 1321 35.44 -57.76 88.74
C ILE H 1321 34.24 -57.26 89.53
N SER H 1322 33.27 -56.70 88.83
CA SER H 1322 32.01 -56.30 89.43
C SER H 1322 31.15 -57.54 89.67
N GLU H 1323 30.48 -57.55 90.81
CA GLU H 1323 29.74 -58.71 91.28
C GLU H 1323 28.45 -58.25 91.92
N THR H 1324 27.41 -59.07 91.82
CA THR H 1324 26.10 -58.71 92.33
C THR H 1324 25.53 -59.84 93.15
N HIS H 1325 24.94 -59.48 94.28
CA HIS H 1325 24.11 -60.36 95.08
C HIS H 1325 22.65 -60.10 94.66
N TYR H 1326 21.69 -60.49 95.49
CA TYR H 1326 20.28 -60.41 95.15
C TYR H 1326 19.78 -59.01 94.81
N CYS H 1327 19.80 -58.10 95.76
CA CYS H 1327 19.54 -56.71 95.45
C CYS H 1327 20.71 -55.83 95.84
N ASN H 1328 21.75 -56.41 96.42
CA ASN H 1328 22.96 -55.69 96.74
C ASN H 1328 23.98 -55.89 95.63
N TYR H 1329 24.65 -54.82 95.25
CA TYR H 1329 25.57 -54.82 94.13
C TYR H 1329 26.93 -54.34 94.56
N ALA H 1330 27.97 -54.81 93.88
CA ALA H 1330 29.33 -54.34 94.13
C ALA H 1330 29.96 -54.00 92.79
N ILE H 1331 30.42 -52.76 92.65
CA ILE H 1331 30.90 -52.24 91.39
C ILE H 1331 32.42 -52.32 91.36
N GLY H 1332 32.96 -52.98 90.35
CA GLY H 1332 34.40 -53.17 90.29
C GLY H 1332 35.11 -51.89 89.91
N GLU H 1333 36.27 -51.66 90.53
CA GLU H 1333 37.05 -50.47 90.25
C GLU H 1333 37.79 -50.63 88.94
N THR H 1334 37.95 -49.52 88.21
CA THR H 1334 38.61 -49.58 86.91
C THR H 1334 40.09 -49.24 86.96
N ILE H 1335 40.56 -48.60 88.03
CA ILE H 1335 41.99 -48.32 88.19
C ILE H 1335 42.41 -48.72 89.60
N PRO H 1336 43.22 -49.74 89.75
CA PRO H 1336 43.61 -50.18 91.10
C PRO H 1336 44.68 -49.28 91.70
N LEU H 1337 44.26 -48.06 92.04
CA LEU H 1337 45.22 -47.04 92.45
C LEU H 1337 45.80 -47.32 93.83
N GLN H 1338 45.07 -48.05 94.67
CA GLN H 1338 45.65 -48.50 95.93
C GLN H 1338 46.83 -49.43 95.67
N LEU H 1339 46.67 -50.34 94.71
CA LEU H 1339 47.79 -51.19 94.32
C LEU H 1339 48.91 -50.39 93.68
N ILE H 1340 48.58 -49.29 93.00
CA ILE H 1340 49.60 -48.43 92.41
C ILE H 1340 50.47 -47.80 93.50
N ILE H 1341 49.83 -47.21 94.51
CA ILE H 1341 50.58 -46.54 95.56
C ILE H 1341 51.32 -47.55 96.43
N GLU H 1342 50.78 -48.77 96.56
CA GLU H 1342 51.54 -49.82 97.20
C GLU H 1342 52.77 -50.20 96.37
N SER H 1343 52.65 -50.14 95.05
CA SER H 1343 53.78 -50.50 94.19
C SER H 1343 54.88 -49.45 94.24
N SER H 1344 54.54 -48.20 94.51
CA SER H 1344 55.58 -47.26 94.95
C SER H 1344 55.44 -46.96 96.43
N GLU I 2 95.43 -78.29 162.43
CA GLU I 2 96.61 -78.67 163.21
C GLU I 2 97.35 -79.82 162.57
N ASN I 3 98.66 -79.64 162.41
CA ASN I 3 99.52 -80.63 161.79
C ASN I 3 100.17 -81.54 162.83
N TRP I 4 100.43 -82.78 162.43
CA TRP I 4 101.27 -83.65 163.24
C TRP I 4 102.28 -84.39 162.39
N GLN I 5 101.96 -84.61 161.12
CA GLN I 5 102.91 -85.23 160.23
C GLN I 5 104.12 -84.34 159.96
N ALA I 6 103.95 -83.02 160.07
CA ALA I 6 105.08 -82.12 159.97
C ALA I 6 106.07 -82.36 161.09
N THR I 7 105.57 -82.48 162.32
CA THR I 7 106.42 -82.81 163.46
C THR I 7 107.04 -84.18 163.30
N GLU I 8 106.26 -85.15 162.84
CA GLU I 8 106.75 -86.52 162.79
C GLU I 8 107.69 -86.80 161.63
N ILE I 9 107.75 -85.94 160.62
CA ILE I 9 108.56 -86.18 159.44
C ILE I 9 109.74 -85.21 159.35
N LEU I 10 109.48 -83.91 159.54
CA LEU I 10 110.48 -82.88 159.28
C LEU I 10 111.67 -82.99 160.22
N PRO I 11 112.85 -82.54 159.80
CA PRO I 11 114.04 -82.69 160.66
C PRO I 11 113.97 -81.77 161.86
N LYS I 12 114.44 -82.27 162.99
CA LYS I 12 114.13 -81.72 164.30
C LYS I 12 115.39 -81.22 164.98
N ILE I 13 115.18 -80.52 166.08
CA ILE I 13 116.25 -80.05 166.95
C ILE I 13 116.15 -80.85 168.23
N GLU I 14 117.18 -81.65 168.52
CA GLU I 14 117.21 -82.36 169.79
C GLU I 14 117.50 -81.38 170.91
N ALA I 15 116.76 -81.50 172.00
CA ALA I 15 116.97 -80.66 173.16
C ALA I 15 117.89 -81.41 174.10
N PRO I 16 119.12 -80.97 174.31
CA PRO I 16 120.07 -81.69 175.18
C PRO I 16 119.76 -81.48 176.66
N LEU I 17 118.56 -81.87 177.06
CA LEU I 17 118.00 -81.50 178.34
C LEU I 17 117.34 -82.72 178.95
N ASN I 18 116.86 -82.55 180.18
CA ASN I 18 116.06 -83.56 180.83
C ASN I 18 114.67 -83.02 181.16
N ILE I 19 114.14 -82.24 180.22
CA ILE I 19 112.80 -81.68 180.36
C ILE I 19 111.72 -82.71 180.12
N PHE I 20 112.08 -83.89 179.62
CA PHE I 20 111.13 -84.94 179.31
C PHE I 20 110.79 -85.82 180.51
N ASN I 21 110.97 -85.29 181.72
CA ASN I 21 110.93 -86.11 182.93
C ASN I 21 109.55 -86.73 183.18
N ASP I 22 108.50 -85.93 183.25
CA ASP I 22 107.20 -86.40 183.69
C ASP I 22 106.15 -86.26 182.61
N ILE I 23 106.51 -86.59 181.37
CA ILE I 23 105.57 -86.37 180.27
C ILE I 23 104.44 -87.39 180.29
N LYS I 24 104.66 -88.56 180.90
CA LYS I 24 103.59 -89.51 181.16
C LYS I 24 102.46 -88.85 181.96
N THR I 25 102.81 -88.30 183.12
CA THR I 25 101.81 -87.69 183.98
C THR I 25 101.27 -86.40 183.39
N TYR I 26 102.09 -85.67 182.62
CA TYR I 26 101.60 -84.45 181.98
C TYR I 26 100.52 -84.75 180.97
N THR I 27 100.78 -85.72 180.08
CA THR I 27 99.80 -86.13 179.10
C THR I 27 98.59 -86.79 179.75
N ALA I 28 98.80 -87.51 180.85
CA ALA I 28 97.68 -88.16 181.52
C ALA I 28 96.75 -87.16 182.17
N GLU I 29 97.29 -86.24 182.97
CA GLU I 29 96.47 -85.27 183.67
C GLU I 29 96.22 -84.01 182.85
N GLN I 30 96.50 -84.05 181.54
CA GLN I 30 96.04 -83.07 180.56
C GLN I 30 96.58 -81.67 180.85
N LEU I 31 97.90 -81.60 180.96
CA LEU I 31 98.54 -80.33 181.24
C LEU I 31 99.02 -79.64 179.97
N PHE I 32 98.97 -80.33 178.84
CA PHE I 32 99.25 -79.75 177.54
C PHE I 32 97.95 -79.55 176.80
N ASP I 33 97.80 -78.39 176.17
CA ASP I 33 96.51 -78.06 175.56
C ASP I 33 96.29 -78.82 174.26
N ASN I 34 97.28 -78.79 173.36
CA ASN I 34 97.18 -79.47 172.08
C ASN I 34 98.23 -80.56 172.04
N LEU I 35 97.80 -81.81 172.03
CA LEU I 35 98.70 -82.94 171.97
C LEU I 35 98.06 -84.02 171.13
N ARG I 36 98.88 -84.98 170.73
CA ARG I 36 98.39 -86.18 170.07
C ARG I 36 99.41 -87.28 170.29
N ILE I 37 98.98 -88.38 170.90
CA ILE I 37 99.86 -89.52 171.08
C ILE I 37 99.16 -90.78 170.62
N TYR I 38 99.97 -91.74 170.21
CA TYR I 38 99.49 -93.05 169.79
C TYR I 38 100.08 -94.11 170.71
N PHE I 39 99.26 -95.09 171.06
CA PHE I 39 99.76 -96.17 171.91
C PHE I 39 100.68 -97.09 171.13
N GLY I 40 100.31 -97.39 169.88
CA GLY I 40 101.09 -98.30 169.06
C GLY I 40 101.38 -97.68 167.71
N ASP I 41 102.30 -98.32 166.99
CA ASP I 41 102.93 -97.76 165.79
C ASP I 41 101.90 -97.59 164.67
N ASP I 42 101.69 -96.33 164.28
CA ASP I 42 100.60 -95.90 163.42
C ASP I 42 101.15 -95.43 162.10
N PRO I 43 100.65 -95.93 160.98
CA PRO I 43 101.08 -95.42 159.67
C PRO I 43 100.41 -94.13 159.26
N SER I 44 99.76 -93.43 160.19
CA SER I 44 99.01 -92.21 159.89
C SER I 44 99.89 -91.04 159.46
N ARG I 45 101.21 -91.16 159.49
CA ARG I 45 102.09 -90.13 158.99
C ARG I 45 102.49 -90.35 157.54
N TYR I 46 101.82 -91.26 156.84
CA TYR I 46 102.17 -91.55 155.45
C TYR I 46 101.15 -91.08 154.43
N ASN I 47 99.89 -90.94 154.81
CA ASN I 47 98.87 -90.44 153.88
C ASN I 47 99.05 -88.94 153.71
N ILE I 48 99.63 -88.54 152.59
CA ILE I 48 100.02 -87.16 152.35
C ILE I 48 99.14 -86.61 151.24
N SER I 49 98.22 -85.73 151.59
CA SER I 49 97.29 -85.16 150.64
C SER I 49 97.49 -83.65 150.62
N PHE I 50 97.68 -83.10 149.43
CA PHE I 50 97.94 -81.67 149.30
C PHE I 50 97.01 -81.10 148.24
N GLU I 51 96.61 -79.86 148.44
CA GLU I 51 95.79 -79.13 147.49
C GLU I 51 96.68 -78.15 146.76
N ALA I 52 96.97 -78.42 145.50
CA ALA I 52 97.94 -77.66 144.73
C ALA I 52 97.23 -76.78 143.72
N LEU I 53 97.62 -75.52 143.66
CA LEU I 53 97.04 -74.57 142.73
C LEU I 53 98.00 -74.27 141.60
N LEU I 54 97.47 -74.17 140.39
CA LEU I 54 98.28 -73.87 139.23
C LEU I 54 98.38 -72.36 139.08
N GLY I 55 98.81 -71.89 137.92
CA GLY I 55 99.21 -70.50 137.77
C GLY I 55 98.03 -69.54 137.80
N ILE I 56 98.26 -68.37 138.40
CA ILE I 56 97.27 -67.31 138.41
C ILE I 56 97.25 -66.64 137.04
N TYR I 57 96.07 -66.61 136.42
CA TYR I 57 95.88 -65.96 135.13
C TYR I 57 95.08 -64.68 135.32
N CYS I 58 95.47 -63.63 134.59
CA CYS I 58 94.84 -62.33 134.70
C CYS I 58 94.36 -61.85 133.35
N ASN I 59 93.31 -61.04 133.37
CA ASN I 59 92.86 -60.36 132.17
C ASN I 59 93.63 -59.07 131.98
N LYS I 60 93.95 -58.76 130.74
CA LYS I 60 94.67 -57.54 130.37
C LYS I 60 93.74 -56.69 129.53
N ILE I 61 93.45 -55.49 130.02
CA ILE I 61 92.40 -54.66 129.45
C ILE I 61 92.90 -54.01 128.18
N GLU I 62 92.17 -54.18 127.09
CA GLU I 62 92.53 -53.48 125.87
C GLU I 62 92.17 -52.01 125.98
N TRP I 63 92.92 -51.19 125.25
CA TRP I 63 92.92 -49.76 125.46
C TRP I 63 92.27 -49.09 124.26
N ILE I 64 91.44 -48.09 124.52
CA ILE I 64 90.66 -47.45 123.48
C ILE I 64 91.23 -46.06 123.23
N ASN I 65 91.84 -45.86 122.07
CA ASN I 65 92.01 -44.53 121.56
C ASN I 65 90.70 -44.05 120.98
N PHE I 66 90.48 -42.74 121.02
CA PHE I 66 89.30 -42.20 120.36
C PHE I 66 89.41 -42.33 118.86
N PHE I 67 90.57 -42.03 118.31
CA PHE I 67 90.73 -41.91 116.86
C PHE I 67 90.91 -43.26 116.19
N THR I 68 90.90 -44.34 116.94
CA THR I 68 90.90 -45.67 116.35
C THR I 68 89.49 -46.13 116.03
N THR I 69 88.55 -45.86 116.92
CA THR I 69 87.17 -46.27 116.71
C THR I 69 86.52 -45.42 115.63
N PRO I 70 85.67 -45.99 114.80
CA PRO I 70 85.16 -45.25 113.64
C PRO I 70 83.99 -44.33 113.94
N ILE I 71 83.76 -43.99 115.20
CA ILE I 71 82.89 -42.86 115.49
C ILE I 71 83.61 -41.55 115.27
N ALA I 72 84.94 -41.57 115.27
CA ALA I 72 85.72 -40.37 115.09
C ALA I 72 85.65 -39.81 113.67
N VAL I 73 85.17 -40.58 112.70
CA VAL I 73 84.93 -40.01 111.39
C VAL I 73 83.69 -39.13 111.41
N ALA I 74 82.77 -39.38 112.32
CA ALA I 74 81.74 -38.38 112.56
C ALA I 74 82.26 -37.25 113.41
N ALA I 75 83.24 -37.53 114.26
CA ALA I 75 83.69 -36.52 115.20
C ALA I 75 84.68 -35.53 114.58
N ASN I 76 84.98 -34.47 115.34
CA ASN I 76 86.04 -33.52 115.01
C ASN I 76 86.44 -32.83 116.31
N VAL I 77 87.57 -33.25 116.89
CA VAL I 77 87.82 -33.03 118.30
C VAL I 77 88.97 -32.04 118.50
N ILE I 78 88.71 -31.01 119.29
CA ILE I 78 89.58 -29.85 119.43
C ILE I 78 89.70 -29.50 120.90
N ARG I 79 90.93 -29.44 121.42
CA ARG I 79 91.15 -28.95 122.77
C ARG I 79 91.07 -27.43 122.83
N PHE I 80 90.49 -26.96 123.92
CA PHE I 80 90.30 -25.54 124.16
C PHE I 80 90.12 -25.38 125.67
N ASN I 81 91.13 -24.84 126.34
CA ASN I 81 91.22 -24.99 127.78
C ASN I 81 90.30 -24.07 128.57
N ASP I 82 89.43 -23.28 127.91
CA ASP I 82 88.55 -22.37 128.61
C ASP I 82 87.09 -22.60 128.24
N VAL I 83 86.74 -23.83 127.85
CA VAL I 83 85.35 -24.09 127.48
C VAL I 83 84.48 -24.16 128.72
N SER I 84 85.07 -24.31 129.90
CA SER I 84 84.32 -24.12 131.13
C SER I 84 83.88 -22.67 131.28
N ARG I 85 84.70 -21.73 130.84
CA ARG I 85 84.30 -20.33 130.86
C ARG I 85 83.51 -19.92 129.65
N MET I 86 83.40 -20.77 128.65
CA MET I 86 82.53 -20.46 127.51
C MET I 86 81.07 -20.48 127.92
N THR I 87 80.37 -19.38 127.66
CA THR I 87 78.94 -19.34 127.95
C THR I 87 78.13 -19.98 126.85
N LEU I 88 78.15 -19.38 125.66
CA LEU I 88 77.51 -19.94 124.49
C LEU I 88 78.48 -19.92 123.34
N GLY I 89 78.87 -21.10 122.86
CA GLY I 89 79.56 -21.18 121.59
C GLY I 89 78.51 -21.16 120.50
N LYS I 90 78.72 -20.33 119.49
CA LYS I 90 77.80 -20.33 118.37
C LYS I 90 78.58 -20.27 117.07
N VAL I 91 77.99 -20.82 116.02
CA VAL I 91 78.44 -20.59 114.66
C VAL I 91 77.34 -19.83 113.95
N LEU I 92 77.72 -19.05 112.94
CA LEU I 92 76.74 -18.31 112.16
C LEU I 92 76.81 -18.76 110.70
N PHE I 93 75.65 -18.80 110.08
CA PHE I 93 75.52 -19.15 108.68
C PHE I 93 74.81 -18.03 107.95
N PHE I 94 75.27 -17.74 106.76
CA PHE I 94 74.82 -16.65 105.91
C PHE I 94 74.43 -17.25 104.57
N ILE I 95 73.14 -17.51 104.38
CA ILE I 95 72.64 -18.18 103.20
C ILE I 95 71.95 -17.14 102.34
N GLN I 96 72.18 -17.21 101.03
CA GLN I 96 71.44 -16.39 100.10
C GLN I 96 70.82 -17.25 99.01
N LEU I 97 69.60 -16.94 98.65
CA LEU I 97 69.00 -17.90 97.76
C LEU I 97 69.02 -17.39 96.32
N PRO I 98 69.32 -18.26 95.37
CA PRO I 98 69.15 -17.87 93.96
C PRO I 98 67.70 -17.96 93.54
N ARG I 99 67.27 -16.98 92.75
CA ARG I 99 65.90 -16.95 92.29
C ARG I 99 65.87 -17.10 90.78
N VAL I 100 64.69 -17.31 90.26
CA VAL I 100 64.49 -17.52 88.85
C VAL I 100 63.68 -16.36 88.28
N ALA I 101 63.94 -16.03 87.02
CA ALA I 101 63.24 -14.94 86.37
C ALA I 101 61.81 -15.35 86.04
N THR I 102 60.85 -14.56 86.51
CA THR I 102 59.48 -14.87 86.16
C THR I 102 59.16 -14.35 84.78
N GLY I 103 58.04 -14.82 84.25
CA GLY I 103 57.53 -14.33 83.00
C GLY I 103 56.94 -12.95 83.13
N ASN I 104 56.31 -12.52 82.04
CA ASN I 104 55.66 -11.22 82.04
C ASN I 104 54.44 -11.25 82.93
N ASP I 105 54.19 -10.12 83.60
CA ASP I 105 53.03 -9.87 84.47
C ASP I 105 52.95 -10.82 85.65
N VAL I 106 54.06 -11.44 86.02
CA VAL I 106 54.12 -12.33 87.18
C VAL I 106 55.16 -11.75 88.13
N THR I 107 54.77 -11.60 89.39
CA THR I 107 55.62 -10.91 90.35
C THR I 107 56.83 -11.77 90.71
N ALA I 108 58.01 -11.21 90.48
CA ALA I 108 59.20 -11.94 90.88
C ALA I 108 59.43 -11.77 92.38
N PRO I 109 59.83 -12.84 93.06
CA PRO I 109 60.15 -12.71 94.49
C PRO I 109 61.40 -11.87 94.68
N LYS I 110 61.50 -11.25 95.84
CA LYS I 110 62.65 -10.40 96.10
C LYS I 110 63.85 -11.24 96.49
N GLU I 111 64.98 -10.56 96.73
CA GLU I 111 66.18 -11.27 97.12
C GLU I 111 66.07 -11.73 98.57
N THR I 112 66.47 -12.98 98.81
CA THR I 112 66.27 -13.62 100.11
C THR I 112 67.61 -13.89 100.75
N THR I 113 67.80 -13.32 101.94
CA THR I 113 69.03 -13.41 102.70
C THR I 113 68.70 -13.89 104.10
N ILE I 114 69.23 -15.05 104.48
CA ILE I 114 68.87 -15.72 105.72
C ILE I 114 70.12 -15.87 106.57
N MET I 115 70.03 -15.47 107.83
CA MET I 115 71.13 -15.60 108.77
C MET I 115 70.66 -16.51 109.90
N VAL I 116 71.35 -17.62 110.12
CA VAL I 116 71.00 -18.49 111.24
C VAL I 116 72.23 -18.62 112.12
N ALA I 117 72.00 -19.13 113.33
CA ALA I 117 73.06 -19.23 114.33
C ALA I 117 72.84 -20.51 115.12
N LYS I 118 73.78 -21.44 115.03
CA LYS I 118 73.66 -22.70 115.74
C LYS I 118 74.44 -22.61 117.04
N HIS I 119 73.87 -23.17 118.10
CA HIS I 119 74.45 -23.05 119.42
C HIS I 119 75.18 -24.32 119.83
N SER I 120 75.91 -24.20 120.93
CA SER I 120 76.72 -25.28 121.46
C SER I 120 76.05 -25.89 122.68
N GLU I 121 75.74 -27.16 122.60
CA GLU I 121 75.39 -27.85 123.83
C GLU I 121 76.68 -28.10 124.60
N LYS I 122 76.60 -28.21 125.92
CA LYS I 122 77.80 -28.60 126.66
C LYS I 122 77.44 -29.65 127.70
N HIS I 123 78.37 -30.56 127.90
CA HIS I 123 78.13 -31.84 128.53
C HIS I 123 79.39 -32.27 129.26
N PRO I 124 79.33 -32.52 130.55
CA PRO I 124 80.52 -32.95 131.28
C PRO I 124 80.60 -34.46 131.39
N ILE I 125 81.80 -34.99 131.60
CA ILE I 125 81.96 -36.37 132.04
C ILE I 125 82.94 -36.39 133.20
N ASN I 126 82.85 -37.44 134.02
CA ASN I 126 83.74 -37.58 135.15
C ASN I 126 83.87 -39.03 135.57
N ILE I 127 85.07 -39.40 135.99
CA ILE I 127 85.36 -40.75 136.46
C ILE I 127 86.15 -40.62 137.74
N SER I 128 85.74 -41.34 138.77
CA SER I 128 86.40 -41.29 140.06
C SER I 128 86.90 -42.68 140.44
N PHE I 129 87.91 -42.70 141.29
CA PHE I 129 88.37 -43.97 141.86
C PHE I 129 88.98 -43.69 143.22
N ASP I 130 88.95 -44.70 144.08
CA ASP I 130 89.35 -44.52 145.45
C ASP I 130 90.59 -45.34 145.78
N LEU I 131 91.28 -44.92 146.83
CA LEU I 131 92.41 -45.66 147.37
C LEU I 131 92.19 -45.84 148.86
N SER I 132 92.40 -47.05 149.35
CA SER I 132 92.22 -47.29 150.77
C SER I 132 93.37 -46.69 151.57
N ALA I 133 93.13 -46.55 152.87
CA ALA I 133 94.15 -45.97 153.74
C ALA I 133 95.34 -46.89 153.89
N ALA I 134 95.11 -48.21 153.88
CA ALA I 134 96.23 -49.14 153.97
C ALA I 134 97.08 -49.11 152.72
N CYS I 135 96.42 -48.98 151.56
CA CYS I 135 97.15 -48.82 150.31
C CYS I 135 97.95 -47.52 150.31
N LEU I 136 97.37 -46.45 150.84
CA LEU I 136 98.08 -45.19 150.90
C LEU I 136 99.20 -45.23 151.93
N GLU I 137 99.11 -46.10 152.93
CA GLU I 137 100.24 -46.31 153.84
C GLU I 137 101.37 -47.04 153.15
N HIS I 138 101.06 -48.16 152.51
CA HIS I 138 102.09 -48.95 151.83
C HIS I 138 102.59 -48.32 150.55
N LEU I 139 102.02 -47.19 150.14
CA LEU I 139 102.43 -46.54 148.90
C LEU I 139 103.88 -46.09 148.94
N GLU I 140 104.29 -45.37 149.98
CA GLU I 140 105.57 -44.64 149.88
C GLU I 140 106.75 -45.46 150.38
N ASN I 141 106.81 -45.78 151.68
CA ASN I 141 107.91 -46.51 152.31
C ASN I 141 107.54 -46.86 153.74
N THR I 142 108.53 -47.31 154.51
CA THR I 142 108.33 -47.65 155.91
C THR I 142 109.59 -47.29 156.69
N PHE I 143 109.45 -47.29 158.01
CA PHE I 143 110.63 -47.25 158.87
C PHE I 143 111.33 -48.61 158.88
N LYS I 144 110.57 -49.67 159.18
CA LYS I 144 111.12 -51.00 159.34
C LYS I 144 110.73 -51.83 158.13
N ASN I 145 111.71 -52.21 157.33
CA ASN I 145 111.47 -52.80 156.02
C ASN I 145 111.65 -54.30 156.10
N THR I 146 110.57 -55.03 155.86
CA THR I 146 110.61 -56.48 155.78
C THR I 146 110.19 -56.93 154.40
N VAL I 147 110.24 -58.25 154.22
CA VAL I 147 109.93 -58.85 152.92
C VAL I 147 108.47 -58.63 152.57
N ILE I 148 107.59 -58.83 153.56
CA ILE I 148 106.16 -58.67 153.35
C ILE I 148 105.83 -57.23 153.04
N ASP I 149 106.51 -56.30 153.69
CA ASP I 149 106.25 -54.89 153.45
C ASP I 149 106.77 -54.47 152.09
N GLN I 150 107.85 -55.11 151.60
CA GLN I 150 108.28 -54.88 150.23
C GLN I 150 107.26 -55.38 149.22
N ILE I 151 106.71 -56.57 149.47
CA ILE I 151 105.73 -57.16 148.57
C ILE I 151 104.48 -56.28 148.50
N LEU I 152 104.01 -55.82 149.65
CA LEU I 152 102.84 -54.95 149.65
C LEU I 152 103.14 -53.58 149.08
N ASN I 153 104.38 -53.10 149.19
CA ASN I 153 104.74 -51.84 148.56
C ASN I 153 104.65 -51.94 147.06
N ILE I 154 105.15 -53.05 146.51
CA ILE I 154 105.10 -53.25 145.06
C ILE I 154 103.65 -53.41 144.59
N ASN I 155 102.83 -54.16 145.36
CA ASN I 155 101.42 -54.33 144.98
C ASN I 155 100.65 -53.02 145.07
N ALA I 156 100.96 -52.19 146.07
CA ALA I 156 100.25 -50.92 146.18
C ALA I 156 100.64 -49.97 145.06
N LEU I 157 101.91 -49.98 144.67
CA LEU I 157 102.36 -49.09 143.62
C LEU I 157 101.77 -49.50 142.26
N HIS I 158 101.72 -50.81 142.00
CA HIS I 158 101.07 -51.27 140.78
C HIS I 158 99.56 -51.05 140.83
N THR I 159 98.97 -51.06 142.02
CA THR I 159 97.54 -50.78 142.15
C THR I 159 97.23 -49.34 141.77
N VAL I 160 98.07 -48.40 142.22
CA VAL I 160 97.85 -46.99 141.87
C VAL I 160 98.04 -46.76 140.37
N LEU I 161 99.08 -47.36 139.79
CA LEU I 161 99.31 -47.19 138.35
C LEU I 161 98.18 -47.81 137.52
N ARG I 162 97.70 -48.97 137.94
CA ARG I 162 96.63 -49.65 137.22
C ARG I 162 95.33 -48.86 137.30
N SER I 163 95.05 -48.27 138.46
CA SER I 163 93.85 -47.47 138.59
C SER I 163 93.93 -46.19 137.77
N LEU I 164 95.13 -45.60 137.65
CA LEU I 164 95.26 -44.42 136.80
C LEU I 164 95.03 -44.75 135.33
N LYS I 165 95.59 -45.87 134.86
CA LYS I 165 95.38 -46.27 133.47
C LYS I 165 93.92 -46.59 133.20
N ASN I 166 93.26 -47.26 134.15
CA ASN I 166 91.85 -47.59 133.97
C ASN I 166 90.98 -46.36 134.00
N SER I 167 91.35 -45.35 134.78
CA SER I 167 90.58 -44.11 134.80
C SER I 167 90.71 -43.34 133.50
N ALA I 168 91.91 -43.30 132.92
CA ALA I 168 92.07 -42.64 131.62
C ALA I 168 91.32 -43.38 130.52
N ASP I 169 91.31 -44.72 130.60
CA ASP I 169 90.53 -45.52 129.67
C ASP I 169 89.05 -45.21 129.78
N SER I 170 88.53 -45.11 131.01
CA SER I 170 87.11 -44.81 131.14
C SER I 170 86.77 -43.38 130.77
N LEU I 171 87.73 -42.45 130.84
CA LEU I 171 87.46 -41.14 130.25
C LEU I 171 87.33 -41.21 128.74
N GLU I 172 88.17 -42.03 128.08
CA GLU I 172 88.06 -42.16 126.63
C GLU I 172 86.76 -42.86 126.22
N ARG I 173 86.40 -43.92 126.94
CA ARG I 173 85.16 -44.61 126.67
C ARG I 173 83.95 -43.74 126.99
N GLY I 174 84.07 -42.85 127.98
CA GLY I 174 83.00 -41.92 128.25
C GLY I 174 82.85 -40.87 127.17
N LEU I 175 83.95 -40.49 126.54
CA LEU I 175 83.85 -39.58 125.40
C LEU I 175 83.12 -40.23 124.24
N ILE I 176 83.46 -41.50 123.97
CA ILE I 176 82.72 -42.32 123.00
C ILE I 176 81.23 -42.32 123.30
N HIS I 177 80.90 -42.59 124.57
CA HIS I 177 79.52 -42.78 124.96
C HIS I 177 78.73 -41.48 124.91
N ALA I 178 79.34 -40.37 125.33
CA ALA I 178 78.64 -39.09 125.31
C ALA I 178 78.43 -38.60 123.90
N PHE I 179 79.38 -38.87 123.00
CA PHE I 179 79.19 -38.43 121.63
C PHE I 179 78.12 -39.27 120.94
N MET I 180 78.07 -40.57 121.25
CA MET I 180 77.01 -41.41 120.70
C MET I 180 75.64 -41.01 121.24
N GLN I 181 75.61 -40.66 122.53
CA GLN I 181 74.42 -40.10 123.18
C GLN I 181 73.88 -38.89 122.44
N THR I 182 74.77 -37.95 122.11
CA THR I 182 74.31 -36.74 121.46
C THR I 182 73.94 -36.96 120.00
N LEU I 183 74.59 -37.90 119.30
CA LEU I 183 74.10 -38.20 117.95
C LEU I 183 72.73 -38.85 117.96
N LEU I 184 72.44 -39.68 118.97
CA LEU I 184 71.08 -40.22 119.06
C LEU I 184 70.07 -39.17 119.48
N ARG I 185 70.47 -38.16 120.24
CA ARG I 185 69.52 -37.09 120.52
C ARG I 185 69.33 -36.17 119.32
N LYS I 186 70.33 -36.05 118.46
CA LYS I 186 70.19 -35.21 117.29
C LYS I 186 69.46 -35.88 116.14
N SER I 187 69.52 -37.19 116.06
CA SER I 187 69.07 -37.89 114.86
C SER I 187 67.57 -38.12 114.91
N PRO I 188 66.81 -37.67 113.91
CA PRO I 188 65.42 -38.07 113.81
C PRO I 188 65.31 -39.33 112.98
N PRO I 189 64.25 -40.11 113.13
CA PRO I 189 64.20 -41.42 112.47
C PRO I 189 63.92 -41.30 110.98
N GLN I 190 64.13 -42.44 110.31
CA GLN I 190 64.24 -42.44 108.86
C GLN I 190 62.90 -42.17 108.19
N PHE I 191 61.80 -42.61 108.81
CA PHE I 191 60.51 -42.39 108.18
C PHE I 191 60.13 -40.91 108.23
N ILE I 192 60.48 -40.22 109.32
CA ILE I 192 60.24 -38.79 109.38
C ILE I 192 61.13 -38.05 108.38
N VAL I 193 62.40 -38.44 108.27
CA VAL I 193 63.30 -37.73 107.36
C VAL I 193 62.89 -37.94 105.90
N LEU I 194 62.55 -39.17 105.52
CA LEU I 194 62.11 -39.46 104.17
C LEU I 194 60.74 -38.87 103.88
N THR I 195 59.93 -38.60 104.89
CA THR I 195 58.68 -37.92 104.59
C THR I 195 58.92 -36.44 104.38
N MET I 196 59.84 -35.84 105.13
CA MET I 196 60.08 -34.40 104.99
C MET I 196 60.77 -34.06 103.68
N ASN I 197 61.74 -34.89 103.26
CA ASN I 197 62.41 -34.62 102.00
C ASN I 197 61.49 -34.80 100.81
N GLU I 198 60.46 -35.63 100.94
CA GLU I 198 59.45 -35.69 99.89
C GLU I 198 58.51 -34.50 99.95
N ASN I 199 58.16 -34.06 101.16
CA ASN I 199 57.18 -32.97 101.32
C ASN I 199 57.84 -31.64 101.64
N LYS I 200 58.95 -31.35 100.97
CA LYS I 200 59.55 -30.02 100.98
C LYS I 200 58.54 -28.92 100.66
N VAL I 201 58.81 -27.74 101.21
CA VAL I 201 57.85 -26.64 101.26
C VAL I 201 57.88 -25.85 99.97
N HIS I 202 56.71 -25.45 99.49
CA HIS I 202 56.63 -24.46 98.44
C HIS I 202 57.04 -23.11 99.02
N ASN I 203 57.98 -22.45 98.36
CA ASN I 203 58.69 -21.32 98.95
C ASN I 203 57.90 -20.01 98.98
N LYS I 204 56.62 -20.02 98.60
CA LYS I 204 55.83 -18.80 98.65
C LYS I 204 55.26 -18.52 100.03
N GLN I 205 55.03 -19.54 100.84
CA GLN I 205 54.16 -19.43 102.01
C GLN I 205 54.80 -20.11 103.21
N ALA I 206 54.00 -20.30 104.26
CA ALA I 206 54.25 -21.34 105.23
C ALA I 206 53.69 -22.66 104.71
N LEU I 207 53.85 -23.73 105.47
CA LEU I 207 53.56 -25.06 104.97
C LEU I 207 52.06 -25.36 105.07
N SER I 208 51.49 -25.83 103.97
CA SER I 208 50.03 -25.86 103.82
C SER I 208 49.41 -27.02 104.56
N ARG I 209 48.10 -26.92 104.76
CA ARG I 209 47.40 -27.91 105.57
C ARG I 209 47.25 -29.23 104.82
N VAL I 210 46.98 -29.16 103.52
CA VAL I 210 46.91 -30.35 102.70
C VAL I 210 48.25 -31.05 102.66
N GLN I 211 49.32 -30.24 102.57
CA GLN I 211 50.69 -30.74 102.65
C GLN I 211 50.91 -31.53 103.92
N ARG I 212 50.59 -30.95 105.08
CA ARG I 212 50.91 -31.66 106.30
C ARG I 212 49.93 -32.80 106.62
N SER I 213 48.71 -32.76 106.11
CA SER I 213 47.82 -33.89 106.34
C SER I 213 48.25 -35.11 105.52
N ASN I 214 48.61 -34.89 104.25
CA ASN I 214 49.16 -35.98 103.47
C ASN I 214 50.52 -36.42 104.00
N MET I 215 51.24 -35.50 104.65
CA MET I 215 52.49 -35.83 105.29
C MET I 215 52.28 -36.74 106.49
N PHE I 216 51.21 -36.51 107.24
CA PHE I 216 50.84 -37.40 108.34
C PHE I 216 50.48 -38.80 107.83
N GLN I 217 49.67 -38.87 106.78
CA GLN I 217 49.27 -40.18 106.28
C GLN I 217 50.45 -40.93 105.68
N SER I 218 51.38 -40.18 105.06
CA SER I 218 52.62 -40.77 104.59
C SER I 218 53.48 -41.27 105.76
N LEU I 219 53.43 -40.57 106.91
CA LEU I 219 54.14 -41.08 108.08
C LEU I 219 53.59 -42.40 108.55
N LYS I 220 52.25 -42.53 108.57
CA LYS I 220 51.65 -43.83 108.90
C LYS I 220 52.13 -44.92 107.97
N ASN I 221 52.15 -44.65 106.66
CA ASN I 221 52.49 -45.72 105.74
C ASN I 221 53.97 -46.08 105.78
N ARG I 222 54.86 -45.09 105.86
CA ARG I 222 56.29 -45.36 106.01
C ARG I 222 56.57 -46.15 107.28
N LEU I 223 55.90 -45.78 108.37
CA LEU I 223 56.13 -46.46 109.64
C LEU I 223 55.62 -47.88 109.61
N LEU I 224 54.43 -48.10 109.04
CA LEU I 224 53.90 -49.45 109.03
C LEU I 224 54.59 -50.35 108.02
N THR I 225 55.30 -49.80 107.04
CA THR I 225 56.01 -50.73 106.16
C THR I 225 57.45 -50.97 106.61
N SER I 226 58.19 -49.90 106.92
CA SER I 226 59.63 -50.03 107.13
C SER I 226 60.00 -50.04 108.60
N LEU I 227 59.20 -50.66 109.46
CA LEU I 227 59.55 -50.65 110.88
C LEU I 227 60.62 -51.69 111.19
N PHE I 228 60.28 -52.96 111.05
CA PHE I 228 61.21 -54.03 111.35
C PHE I 228 61.82 -54.44 110.03
N PHE I 229 63.07 -54.03 109.83
CA PHE I 229 63.65 -53.86 108.51
C PHE I 229 64.55 -55.03 108.09
N LEU I 230 65.55 -55.38 108.91
CA LEU I 230 66.32 -56.59 108.62
C LEU I 230 65.49 -57.84 108.72
N ASN I 231 64.42 -57.82 109.50
CA ASN I 231 63.77 -59.06 109.86
C ASN I 231 62.70 -59.46 108.85
N ARG I 232 62.07 -58.49 108.21
CA ARG I 232 60.93 -58.79 107.36
C ARG I 232 61.36 -59.36 106.02
N ASN I 233 62.24 -58.67 105.31
CA ASN I 233 62.66 -59.09 103.98
C ASN I 233 63.99 -59.86 104.03
N ASN I 234 64.47 -60.24 102.87
CA ASN I 234 65.83 -60.72 102.72
C ASN I 234 66.50 -60.22 101.45
N ASN I 235 65.87 -59.34 100.68
CA ASN I 235 66.40 -58.94 99.38
C ASN I 235 67.57 -58.00 99.55
N SER I 236 68.71 -58.39 98.98
CA SER I 236 69.90 -57.56 99.00
C SER I 236 69.65 -56.25 98.28
N SER I 237 68.88 -56.28 97.19
CA SER I 237 68.53 -55.07 96.47
C SER I 237 67.69 -54.13 97.32
N TYR I 238 66.72 -54.68 98.06
CA TYR I 238 65.86 -53.86 98.88
C TYR I 238 66.62 -53.22 100.03
N ILE I 239 67.47 -54.00 100.69
CA ILE I 239 68.18 -53.47 101.86
C ILE I 239 69.27 -52.50 101.43
N TYR I 240 69.95 -52.80 100.31
CA TYR I 240 70.87 -51.85 99.71
C TYR I 240 70.16 -50.56 99.31
N ARG I 241 68.92 -50.67 98.86
CA ARG I 241 68.15 -49.49 98.51
C ARG I 241 67.82 -48.64 99.74
N ILE I 242 67.52 -49.29 100.87
CA ILE I 242 67.21 -48.55 102.09
C ILE I 242 68.44 -47.81 102.61
N LEU I 243 69.60 -48.48 102.59
CA LEU I 243 70.82 -47.84 103.06
C LEU I 243 71.22 -46.69 102.14
N ASN I 244 70.99 -46.87 100.84
CA ASN I 244 71.23 -45.79 99.89
C ASN I 244 70.28 -44.62 100.14
N ASP I 245 69.04 -44.91 100.56
CA ASP I 245 68.11 -43.84 100.85
C ASP I 245 68.50 -43.07 102.10
N MET I 246 69.10 -43.76 103.08
CA MET I 246 69.67 -43.04 104.23
C MET I 246 70.77 -42.10 103.79
N MET I 247 71.70 -42.60 102.99
CA MET I 247 72.85 -41.80 102.60
C MET I 247 72.47 -40.67 101.64
N GLU I 248 71.33 -40.77 100.97
CA GLU I 248 70.84 -39.64 100.21
C GLU I 248 70.05 -38.66 101.06
N SER I 249 69.35 -39.15 102.08
CA SER I 249 68.52 -38.26 102.88
C SER I 249 69.32 -37.42 103.86
N VAL I 250 70.48 -37.90 104.28
CA VAL I 250 71.28 -37.14 105.23
C VAL I 250 71.98 -35.99 104.51
N THR I 251 71.84 -34.78 105.04
CA THR I 251 72.55 -33.64 104.50
C THR I 251 73.98 -33.59 105.01
N GLU I 252 74.84 -32.94 104.23
CA GLU I 252 76.28 -32.95 104.43
C GLU I 252 76.69 -31.86 105.42
N SER I 253 77.84 -32.07 106.07
CA SER I 253 78.45 -31.07 106.94
C SER I 253 79.11 -29.97 106.11
N ILE I 254 79.69 -28.99 106.78
CA ILE I 254 80.17 -27.80 106.09
C ILE I 254 81.68 -27.80 105.92
N LEU I 255 82.42 -28.30 106.90
CA LEU I 255 83.86 -28.31 106.78
C LEU I 255 84.35 -29.41 105.87
N ASN I 256 85.18 -29.05 104.90
CA ASN I 256 85.74 -30.02 103.96
C ASN I 256 87.25 -29.92 104.08
N ASP I 257 87.84 -30.81 104.86
CA ASP I 257 89.28 -30.91 104.93
C ASP I 257 89.78 -31.82 103.82
N THR I 258 90.99 -31.54 103.33
CA THR I 258 91.56 -32.38 102.29
C THR I 258 91.94 -33.74 102.84
N ASN I 259 92.38 -33.81 104.09
CA ASN I 259 93.00 -35.01 104.60
C ASN I 259 92.24 -35.71 105.71
N ASN I 260 91.20 -35.10 106.28
CA ASN I 260 90.43 -35.78 107.31
C ASN I 260 89.64 -36.91 106.70
N TYR I 261 90.07 -38.14 107.01
CA TYR I 261 89.44 -39.37 106.54
C TYR I 261 89.40 -39.42 105.02
N THR I 262 90.57 -39.26 104.44
CA THR I 262 90.77 -39.23 103.01
C THR I 262 91.46 -40.52 102.58
N SER I 263 90.96 -41.13 101.52
CA SER I 263 91.54 -42.37 101.02
C SER I 263 92.78 -42.03 100.20
N LYS I 264 93.31 -43.04 99.52
CA LYS I 264 94.38 -42.79 98.58
C LYS I 264 93.85 -42.02 97.37
N GLU I 265 94.71 -41.15 96.83
CA GLU I 265 94.43 -40.30 95.67
C GLU I 265 93.26 -39.36 95.90
N ASN I 266 93.05 -38.98 97.17
CA ASN I 266 92.13 -37.92 97.58
C ASN I 266 90.68 -38.17 97.16
N ILE I 267 90.13 -39.26 97.68
CA ILE I 267 88.70 -39.49 97.61
C ILE I 267 88.21 -39.52 99.05
N PRO I 268 87.45 -38.51 99.49
CA PRO I 268 87.10 -38.43 100.91
C PRO I 268 86.04 -39.45 101.28
N LEU I 269 86.27 -40.14 102.39
CA LEU I 269 85.27 -41.02 102.95
C LEU I 269 84.11 -40.18 103.46
N ASP I 270 82.90 -40.69 103.29
CA ASP I 270 81.70 -39.87 103.49
C ASP I 270 80.80 -40.55 104.51
N GLY I 271 81.10 -40.37 105.78
CA GLY I 271 80.17 -40.74 106.82
C GLY I 271 80.35 -42.15 107.36
N VAL I 272 79.61 -42.43 108.43
CA VAL I 272 79.71 -43.69 109.12
C VAL I 272 78.33 -44.29 109.26
N LEU I 273 78.25 -45.60 109.08
CA LEU I 273 77.10 -46.41 109.40
C LEU I 273 77.54 -47.32 110.53
N LEU I 274 77.00 -47.10 111.70
CA LEU I 274 77.40 -47.89 112.85
C LEU I 274 76.17 -48.42 113.56
N GLY I 275 76.21 -49.70 113.87
CA GLY I 275 75.11 -50.35 114.54
C GLY I 275 75.62 -51.25 115.63
N PRO I 276 74.78 -52.13 116.14
CA PRO I 276 75.25 -53.19 117.02
C PRO I 276 75.60 -54.43 116.21
N ILE I 277 76.35 -55.32 116.86
CA ILE I 277 76.97 -56.42 116.13
C ILE I 277 75.94 -57.43 115.64
N GLY I 278 74.76 -57.50 116.26
CA GLY I 278 73.74 -58.41 115.79
C GLY I 278 73.16 -57.99 114.44
N SER I 279 72.97 -56.69 114.24
CA SER I 279 72.61 -56.20 112.92
C SER I 279 73.75 -56.36 111.95
N ILE I 280 74.97 -56.07 112.39
CA ILE I 280 76.06 -55.98 111.43
C ILE I 280 76.51 -57.36 110.94
N GLN I 281 76.29 -58.42 111.72
CA GLN I 281 76.56 -59.76 111.20
C GLN I 281 75.63 -60.09 110.03
N LYS I 282 74.33 -59.79 110.17
CA LYS I 282 73.40 -60.02 109.08
C LYS I 282 73.70 -59.13 107.88
N LEU I 283 74.08 -57.88 108.13
CA LEU I 283 74.35 -56.97 107.01
C LEU I 283 75.61 -57.37 106.27
N THR I 284 76.64 -57.86 106.97
CA THR I 284 77.81 -58.36 106.28
C THR I 284 77.50 -59.62 105.48
N ASN I 285 76.70 -60.52 106.06
CA ASN I 285 76.37 -61.77 105.37
C ASN I 285 75.52 -61.54 104.14
N ILE I 286 74.72 -60.47 104.13
CA ILE I 286 73.92 -60.21 102.93
C ILE I 286 74.56 -59.20 101.98
N LEU I 287 75.53 -58.42 102.44
CA LEU I 287 76.13 -57.38 101.61
C LEU I 287 77.63 -57.58 101.46
N SER I 288 78.08 -58.84 101.50
CA SER I 288 79.49 -59.16 101.33
C SER I 288 80.08 -58.71 100.00
N GLN I 289 79.24 -58.47 98.99
CA GLN I 289 79.76 -57.98 97.72
C GLN I 289 80.23 -56.55 97.81
N TYR I 290 79.67 -55.76 98.72
CA TYR I 290 79.90 -54.32 98.73
C TYR I 290 80.80 -53.88 99.86
N ILE I 291 81.46 -54.81 100.54
CA ILE I 291 82.27 -54.51 101.72
C ILE I 291 83.73 -54.67 101.36
N SER I 292 84.51 -53.62 101.60
CA SER I 292 85.96 -53.69 101.49
C SER I 292 86.57 -53.01 102.70
N THR I 293 87.85 -53.29 102.92
CA THR I 293 88.62 -52.66 103.97
C THR I 293 89.78 -51.91 103.34
N GLN I 294 89.78 -50.59 103.47
CA GLN I 294 90.81 -49.78 102.85
C GLN I 294 91.49 -48.92 103.89
N VAL I 295 92.69 -48.48 103.57
CA VAL I 295 93.54 -47.74 104.49
C VAL I 295 93.35 -46.26 104.19
N VAL I 296 92.95 -45.50 105.20
CA VAL I 296 92.45 -44.15 105.03
C VAL I 296 93.29 -43.22 105.89
N SER I 297 93.75 -42.12 105.30
CA SER I 297 94.54 -41.12 106.02
C SER I 297 93.67 -40.41 107.04
N ALA I 298 93.91 -40.66 108.31
CA ALA I 298 93.06 -40.20 109.39
C ALA I 298 93.85 -39.36 110.37
N PRO I 299 93.18 -38.50 111.14
CA PRO I 299 93.88 -37.76 112.20
C PRO I 299 94.08 -38.60 113.44
N ILE I 300 95.11 -38.23 114.20
CA ILE I 300 95.48 -39.00 115.39
C ILE I 300 95.55 -38.15 116.64
N SER I 301 95.56 -36.83 116.57
CA SER I 301 95.60 -36.01 117.76
C SER I 301 94.49 -34.98 117.77
N TYR I 302 94.36 -34.34 118.93
CA TYR I 302 93.40 -33.25 119.10
C TYR I 302 93.87 -32.03 118.34
N GLY I 303 92.92 -31.25 117.85
CA GLY I 303 93.26 -29.92 117.41
C GLY I 303 93.55 -29.02 118.60
N HIS I 304 94.25 -27.92 118.35
CA HIS I 304 94.49 -26.93 119.39
C HIS I 304 93.64 -25.71 119.14
N PHE I 305 93.29 -25.01 120.23
CA PHE I 305 92.91 -23.61 120.09
C PHE I 305 93.36 -22.85 121.33
N ILE I 306 94.18 -21.82 121.10
CA ILE I 306 94.76 -21.02 122.15
C ILE I 306 94.27 -19.59 121.97
N MET I 307 93.88 -18.94 123.07
CA MET I 307 93.53 -17.54 122.97
C MET I 307 94.74 -16.67 122.67
N GLY I 308 94.46 -15.55 122.04
CA GLY I 308 95.42 -14.48 121.94
C GLY I 308 95.13 -13.43 123.00
N LYS I 309 96.06 -12.48 123.10
CA LYS I 309 95.87 -11.34 123.98
C LYS I 309 94.67 -10.52 123.53
N GLU I 310 94.42 -10.46 122.22
CA GLU I 310 93.27 -9.77 121.68
C GLU I 310 91.97 -10.37 122.20
N ASN I 311 91.85 -11.69 122.08
CA ASN I 311 90.66 -12.37 122.56
C ASN I 311 90.55 -12.32 124.07
N ALA I 312 91.67 -12.28 124.78
CA ALA I 312 91.62 -12.15 126.24
C ALA I 312 91.06 -10.79 126.64
N VAL I 313 91.51 -9.73 125.98
CA VAL I 313 91.01 -8.39 126.25
C VAL I 313 89.53 -8.28 125.92
N THR I 314 89.11 -8.82 124.77
CA THR I 314 87.70 -8.75 124.42
C THR I 314 86.84 -9.61 125.33
N ALA I 315 87.38 -10.70 125.86
CA ALA I 315 86.61 -11.53 126.76
C ALA I 315 86.45 -10.85 128.12
N ILE I 316 87.48 -10.14 128.57
CA ILE I 316 87.35 -9.43 129.83
C ILE I 316 86.43 -8.22 129.67
N ALA I 317 86.53 -7.52 128.55
CA ALA I 317 85.80 -6.27 128.39
C ALA I 317 84.35 -6.50 127.99
N TYR I 318 84.13 -7.15 126.83
CA TYR I 318 82.83 -7.17 126.19
C TYR I 318 82.10 -8.49 126.33
N ARG I 319 82.62 -9.41 127.14
CA ARG I 319 82.08 -10.76 127.34
C ARG I 319 81.96 -11.54 126.03
N ALA I 320 82.88 -11.32 125.10
CA ALA I 320 82.75 -11.94 123.80
C ALA I 320 84.09 -12.44 123.30
N ILE I 321 84.03 -13.52 122.53
CA ILE I 321 85.18 -14.01 121.78
C ILE I 321 84.82 -13.97 120.31
N MET I 322 85.59 -13.22 119.54
CA MET I 322 85.63 -13.37 118.11
C MET I 322 86.65 -14.46 117.81
N ALA I 323 86.20 -15.63 117.41
CA ALA I 323 87.14 -16.54 116.79
C ALA I 323 87.52 -15.99 115.43
N ASP I 324 88.75 -16.29 115.01
CA ASP I 324 89.39 -15.72 113.81
C ASP I 324 89.42 -14.20 113.89
N PHE I 325 89.72 -13.67 115.08
CA PHE I 325 89.77 -12.23 115.26
C PHE I 325 90.95 -11.62 114.53
N THR I 326 92.06 -12.35 114.45
CA THR I 326 93.22 -11.82 113.75
C THR I 326 92.97 -11.78 112.24
N GLN I 327 92.26 -12.77 111.70
CA GLN I 327 91.93 -12.74 110.28
C GLN I 327 90.87 -11.70 109.98
N PHE I 328 89.88 -11.59 110.86
CA PHE I 328 88.83 -10.60 110.68
C PHE I 328 89.34 -9.20 110.97
N THR I 329 90.54 -9.08 111.54
CA THR I 329 91.26 -7.82 111.59
C THR I 329 92.00 -7.53 110.30
N VAL I 330 92.87 -8.45 109.88
CA VAL I 330 93.75 -8.16 108.75
C VAL I 330 93.03 -8.18 107.41
N ASN I 331 91.83 -8.72 107.33
CA ASN I 331 91.06 -8.73 106.08
C ASN I 331 89.99 -7.65 106.06
N ALA I 332 90.08 -6.67 106.95
CA ALA I 332 88.98 -5.70 107.07
C ALA I 332 89.07 -4.61 106.02
N GLY I 333 90.13 -3.81 106.06
CA GLY I 333 90.18 -2.68 105.15
C GLY I 333 90.49 -3.03 103.71
N THR I 334 91.00 -4.23 103.48
CA THR I 334 91.39 -4.64 102.14
C THR I 334 90.16 -5.09 101.35
N GLU I 335 90.42 -5.51 100.11
CA GLU I 335 89.33 -5.89 99.21
C GLU I 335 88.67 -7.18 99.62
N GLN I 336 89.44 -8.08 100.23
CA GLN I 336 88.93 -9.42 100.57
C GLN I 336 88.35 -9.42 101.98
N GLN I 337 87.20 -8.78 102.11
CA GLN I 337 86.45 -8.86 103.37
C GLN I 337 85.69 -10.16 103.50
N ASP I 338 85.01 -10.56 102.43
CA ASP I 338 84.10 -11.70 102.53
C ASP I 338 84.85 -13.02 102.60
N THR I 339 85.93 -13.14 101.85
CA THR I 339 86.64 -14.41 101.78
C THR I 339 87.45 -14.64 103.05
N ASN I 340 87.36 -15.86 103.56
CA ASN I 340 88.20 -16.33 104.67
C ASN I 340 88.46 -17.80 104.40
N ASN I 341 89.72 -18.20 104.44
CA ASN I 341 90.09 -19.51 103.94
C ASN I 341 89.92 -20.60 105.00
N LYS I 342 90.61 -20.46 106.12
CA LYS I 342 90.60 -21.46 107.17
C LYS I 342 90.09 -20.84 108.46
N SER I 343 89.27 -21.60 109.18
CA SER I 343 88.75 -21.16 110.46
C SER I 343 89.60 -21.79 111.56
N GLU I 344 90.29 -20.95 112.33
CA GLU I 344 91.28 -21.42 113.28
C GLU I 344 90.67 -22.20 114.43
N ILE I 345 89.40 -21.99 114.75
CA ILE I 345 88.76 -22.81 115.75
C ILE I 345 88.38 -24.17 115.24
N PHE I 346 88.24 -24.36 113.93
CA PHE I 346 87.84 -25.64 113.38
C PHE I 346 88.87 -26.30 112.50
N ASP I 347 89.64 -25.53 111.75
CA ASP I 347 90.70 -26.10 110.94
C ASP I 347 92.03 -25.68 111.56
N LYS I 348 92.69 -26.63 112.19
CA LYS I 348 93.95 -26.39 112.86
C LYS I 348 94.86 -27.55 112.51
N SER I 349 96.17 -27.29 112.48
CA SER I 349 97.13 -28.33 112.16
C SER I 349 97.10 -29.43 113.20
N ARG I 350 97.02 -30.67 112.72
CA ARG I 350 96.97 -31.80 113.63
C ARG I 350 97.68 -32.98 112.97
N ALA I 351 98.12 -33.92 113.79
CA ALA I 351 98.92 -35.02 113.29
C ALA I 351 98.06 -36.06 112.61
N TYR I 352 98.61 -36.67 111.57
CA TYR I 352 97.89 -37.61 110.73
C TYR I 352 98.57 -38.97 110.77
N ALA I 353 97.75 -40.00 110.61
CA ALA I 353 98.27 -41.36 110.55
C ALA I 353 97.38 -42.16 109.61
N ASP I 354 97.60 -43.46 109.58
CA ASP I 354 96.86 -44.34 108.69
C ASP I 354 96.23 -45.46 109.49
N LEU I 355 95.01 -45.83 109.11
CA LEU I 355 94.32 -46.91 109.78
C LEU I 355 93.37 -47.56 108.79
N LYS I 356 92.82 -48.70 109.18
CA LYS I 356 91.94 -49.47 108.33
C LYS I 356 90.50 -49.32 108.78
N LEU I 357 89.59 -49.18 107.81
CA LEU I 357 88.18 -49.07 108.07
C LEU I 357 87.43 -50.05 107.19
N ASN I 358 86.42 -50.69 107.76
CA ASN I 358 85.53 -51.51 106.97
C ASN I 358 84.55 -50.61 106.25
N THR I 359 84.56 -50.65 104.93
CA THR I 359 83.85 -49.68 104.13
C THR I 359 82.76 -50.33 103.30
N LEU I 360 81.79 -49.51 102.90
CA LEU I 360 80.76 -49.89 101.94
C LEU I 360 80.74 -48.90 100.80
N LYS I 361 80.31 -49.38 99.64
CA LYS I 361 80.19 -48.57 98.44
C LYS I 361 78.72 -48.51 98.07
N LEU I 362 78.16 -47.31 98.04
CA LEU I 362 76.75 -47.11 97.70
C LEU I 362 76.65 -45.92 96.75
N GLY I 363 76.71 -46.20 95.45
CA GLY I 363 76.66 -45.14 94.46
C GLY I 363 77.85 -44.20 94.54
N ASP I 364 79.05 -44.80 94.51
CA ASP I 364 80.33 -44.09 94.62
C ASP I 364 80.42 -43.26 95.89
N LYS I 365 79.96 -43.83 97.00
CA LYS I 365 80.09 -43.23 98.31
C LYS I 365 80.72 -44.25 99.23
N LEU I 366 81.92 -43.96 99.70
CA LEU I 366 82.64 -44.86 100.59
C LEU I 366 82.32 -44.46 102.03
N VAL I 367 81.71 -45.39 102.76
CA VAL I 367 81.14 -45.10 104.07
C VAL I 367 81.69 -46.12 105.06
N ALA I 368 82.19 -45.63 106.20
CA ALA I 368 82.65 -46.52 107.26
C ALA I 368 81.47 -47.29 107.83
N PHE I 369 81.75 -48.45 108.42
CA PHE I 369 80.67 -49.38 108.73
C PHE I 369 81.12 -50.30 109.85
N ASP I 370 80.67 -50.02 111.08
CA ASP I 370 81.16 -50.83 112.20
C ASP I 370 80.21 -50.82 113.39
N HIS I 371 80.65 -51.55 114.40
CA HIS I 371 79.98 -51.68 115.68
C HIS I 371 80.90 -51.22 116.79
N LEU I 372 80.31 -50.64 117.82
CA LEU I 372 81.05 -50.17 118.99
C LEU I 372 81.15 -51.24 120.07
N HIS I 373 80.97 -52.49 119.68
CA HIS I 373 80.96 -53.56 120.67
C HIS I 373 82.32 -53.75 121.31
N LYS I 374 83.40 -53.39 120.61
CA LYS I 374 84.72 -53.51 121.22
C LYS I 374 84.98 -52.44 122.26
N VAL I 375 84.19 -51.36 122.29
CA VAL I 375 84.29 -50.45 123.42
C VAL I 375 83.18 -50.67 124.42
N TYR I 376 82.21 -51.52 124.11
CA TYR I 376 81.29 -51.98 125.15
C TYR I 376 81.42 -53.48 125.40
N LYS I 377 82.63 -54.03 125.32
CA LYS I 377 82.82 -55.46 125.57
C LYS I 377 82.53 -55.80 127.02
N ASN I 378 83.09 -55.05 127.94
CA ASN I 378 82.96 -55.45 129.32
C ASN I 378 82.91 -54.17 130.15
N THR I 379 81.70 -53.68 130.37
CA THR I 379 81.49 -52.36 130.94
C THR I 379 80.42 -52.49 132.03
N ASP I 380 79.93 -51.34 132.48
CA ASP I 380 78.76 -51.27 133.35
C ASP I 380 77.57 -50.67 132.61
N VAL I 381 77.74 -50.28 131.36
CA VAL I 381 76.65 -49.74 130.55
C VAL I 381 76.38 -50.69 129.40
N ASN I 382 75.14 -50.69 128.95
CA ASN I 382 74.80 -51.42 127.74
C ASN I 382 75.04 -50.54 126.53
N ASP I 383 74.93 -51.12 125.35
CA ASP I 383 75.20 -50.36 124.15
C ASP I 383 74.04 -49.42 123.85
N PRO I 384 74.30 -48.15 123.52
CA PRO I 384 73.21 -47.19 123.34
C PRO I 384 72.39 -47.37 122.08
N LEU I 385 72.77 -48.29 121.19
CA LEU I 385 71.97 -48.52 120.00
C LEU I 385 70.92 -49.61 120.16
N GLU I 386 71.03 -50.43 121.19
CA GLU I 386 70.00 -51.41 121.50
C GLU I 386 68.96 -50.70 122.35
N GLN I 387 67.94 -50.17 121.70
CA GLN I 387 66.99 -49.29 122.36
C GLN I 387 65.58 -49.83 122.17
N SER I 388 64.72 -49.61 123.15
CA SER I 388 63.44 -50.30 123.17
C SER I 388 62.36 -49.50 122.45
N LEU I 389 61.38 -50.23 121.93
CA LEU I 389 60.14 -49.66 121.42
C LEU I 389 59.03 -49.77 122.43
N GLN I 390 58.01 -48.94 122.24
CA GLN I 390 56.74 -49.05 122.96
C GLN I 390 55.61 -48.79 121.97
N LEU I 391 54.95 -49.84 121.54
CA LEU I 391 53.82 -49.74 120.63
C LEU I 391 52.54 -49.98 121.40
N THR I 392 51.52 -49.19 121.10
CA THR I 392 50.27 -49.22 121.85
C THR I 392 49.19 -49.91 121.02
N PHE I 393 48.53 -50.89 121.63
CA PHE I 393 47.49 -51.67 120.99
C PHE I 393 46.16 -51.36 121.63
N PHE I 394 45.08 -51.58 120.87
CA PHE I 394 43.75 -51.47 121.45
C PHE I 394 42.87 -52.50 120.80
N PHE I 395 41.86 -52.94 121.54
CA PHE I 395 40.98 -53.98 121.05
C PHE I 395 39.66 -53.87 121.76
N PRO I 396 38.54 -54.17 121.09
CA PRO I 396 37.24 -54.02 121.72
C PRO I 396 36.87 -55.26 122.53
N LEU I 397 35.85 -55.08 123.37
CA LEU I 397 35.04 -56.21 123.80
C LEU I 397 33.64 -55.70 124.05
N GLY I 398 32.67 -56.59 123.90
CA GLY I 398 31.28 -56.23 124.13
C GLY I 398 30.67 -55.34 123.09
N ILE I 399 31.35 -55.09 121.98
CA ILE I 399 30.74 -54.36 120.87
C ILE I 399 29.62 -55.20 120.29
N TYR I 400 28.42 -54.64 120.25
CA TYR I 400 27.27 -55.32 119.68
C TYR I 400 27.12 -54.87 118.23
N ILE I 401 27.37 -55.79 117.31
CA ILE I 401 26.98 -55.56 115.91
C ILE I 401 25.47 -55.56 115.82
N PRO I 402 24.85 -54.60 115.15
CA PRO I 402 23.39 -54.60 115.04
C PRO I 402 22.90 -55.78 114.20
N THR I 403 21.86 -56.45 114.71
CA THR I 403 21.31 -57.61 114.01
C THR I 403 20.58 -57.20 112.75
N GLU I 404 20.06 -55.98 112.73
CA GLU I 404 19.18 -55.50 111.68
C GLU I 404 19.87 -55.44 110.33
N THR I 405 21.15 -55.09 110.31
CA THR I 405 21.94 -55.17 109.09
C THR I 405 23.10 -56.14 109.27
N GLY I 406 22.88 -57.19 110.05
CA GLY I 406 23.91 -58.18 110.27
C GLY I 406 24.16 -58.99 109.03
N PHE I 407 25.32 -59.64 109.02
CA PHE I 407 25.69 -60.48 107.90
C PHE I 407 26.68 -61.50 108.39
N SER I 408 27.20 -62.30 107.47
CA SER I 408 28.33 -63.15 107.75
C SER I 408 29.02 -63.54 106.47
N THR I 409 30.31 -63.28 106.40
CA THR I 409 31.20 -64.05 105.57
C THR I 409 31.62 -65.28 106.38
N MET I 410 32.66 -65.99 105.91
CA MET I 410 33.28 -67.19 106.50
C MET I 410 32.31 -68.21 107.08
N GLU I 411 31.15 -68.36 106.43
CA GLU I 411 30.11 -69.21 106.98
C GLU I 411 30.41 -70.68 106.71
N THR I 412 31.12 -70.97 105.62
CA THR I 412 31.44 -72.35 105.29
C THR I 412 32.55 -72.91 106.17
N ARG I 413 33.30 -72.06 106.85
CA ARG I 413 34.40 -72.53 107.67
C ARG I 413 33.91 -73.04 109.02
N VAL I 414 33.28 -72.17 109.79
CA VAL I 414 32.89 -72.49 111.13
C VAL I 414 31.42 -72.87 111.16
N LYS I 415 30.98 -73.41 112.30
CA LYS I 415 29.56 -73.50 112.60
C LYS I 415 29.42 -73.37 114.10
N LEU I 416 28.74 -72.32 114.53
CA LEU I 416 28.54 -72.13 115.94
C LEU I 416 27.41 -73.02 116.44
N ASN I 417 27.47 -73.36 117.71
CA ASN I 417 26.38 -74.05 118.36
C ASN I 417 25.40 -72.98 118.81
N ASP I 418 24.12 -73.17 118.50
CA ASP I 418 23.12 -72.11 118.63
C ASP I 418 22.79 -71.88 120.10
N THR I 419 23.45 -70.90 120.70
CA THR I 419 23.25 -70.54 122.08
C THR I 419 23.46 -69.04 122.16
N MET I 420 22.74 -68.37 123.05
CA MET I 420 22.90 -66.93 123.16
C MET I 420 24.26 -66.52 123.68
N GLU I 421 24.95 -67.42 124.39
CA GLU I 421 26.33 -67.19 124.75
C GLU I 421 27.23 -67.06 123.53
N ASN I 422 26.95 -67.83 122.48
CA ASN I 422 27.70 -67.69 121.25
C ASN I 422 27.12 -66.64 120.32
N ASN I 423 25.86 -66.28 120.51
CA ASN I 423 25.24 -65.27 119.67
C ASN I 423 25.49 -63.86 120.15
N LEU I 424 25.96 -63.69 121.39
CA LEU I 424 26.44 -62.38 121.76
C LEU I 424 27.89 -62.42 122.20
N PRO I 425 28.68 -61.44 121.82
CA PRO I 425 29.99 -61.28 122.44
C PRO I 425 29.84 -60.77 123.86
N THR I 426 30.56 -61.42 124.76
CA THR I 426 30.61 -61.00 126.15
C THR I 426 32.07 -61.07 126.55
N SER I 427 32.81 -61.89 125.82
CA SER I 427 34.20 -62.14 126.07
C SER I 427 35.01 -61.73 124.86
N VAL I 428 36.32 -61.62 125.03
CA VAL I 428 37.25 -61.40 123.93
C VAL I 428 38.48 -62.26 124.11
N PHE I 429 38.84 -62.99 123.06
CA PHE I 429 39.90 -63.99 123.11
C PHE I 429 41.03 -63.51 122.22
N PHE I 430 42.28 -63.68 122.69
CA PHE I 430 43.42 -63.31 121.86
C PHE I 430 44.66 -64.08 122.31
N HIS I 431 45.66 -64.12 121.45
CA HIS I 431 46.88 -64.85 121.77
C HIS I 431 47.84 -63.99 122.58
N ASN I 432 48.65 -64.68 123.39
CA ASN I 432 49.68 -64.06 124.21
C ASN I 432 50.94 -63.86 123.39
N LYS I 433 52.05 -63.60 124.09
CA LYS I 433 53.37 -63.55 123.46
C LYS I 433 53.69 -64.85 122.75
N ASP I 434 53.65 -65.95 123.48
CA ASP I 434 53.59 -67.26 122.86
C ASP I 434 52.13 -67.69 122.72
N GLN I 435 51.91 -68.82 122.06
CA GLN I 435 50.57 -69.18 121.62
C GLN I 435 49.79 -69.80 122.77
N VAL I 436 49.33 -68.93 123.66
CA VAL I 436 48.38 -69.31 124.72
C VAL I 436 47.15 -68.45 124.56
N VAL I 437 46.00 -69.11 124.41
CA VAL I 437 44.73 -68.40 124.26
C VAL I 437 44.39 -67.73 125.57
N GLN I 438 44.49 -66.41 125.59
CA GLN I 438 44.20 -65.60 126.75
C GLN I 438 42.81 -65.02 126.53
N ARG I 439 42.09 -64.83 127.63
CA ARG I 439 40.65 -64.69 127.63
C ARG I 439 40.29 -63.51 128.51
N ILE I 440 39.37 -62.66 128.08
CA ILE I 440 38.97 -61.53 128.90
C ILE I 440 37.45 -61.46 128.95
N ASP I 441 36.92 -61.06 130.09
CA ASP I 441 35.50 -61.05 130.39
C ASP I 441 35.13 -59.74 131.06
N PHE I 442 33.83 -59.57 131.27
CA PHE I 442 33.40 -58.51 132.17
C PHE I 442 33.81 -58.79 133.60
N ALA I 443 33.85 -60.07 133.98
CA ALA I 443 34.24 -60.43 135.33
C ALA I 443 35.70 -60.09 135.62
N ASP I 444 36.53 -59.95 134.58
CA ASP I 444 37.86 -59.42 134.77
C ASP I 444 37.95 -57.93 134.47
N ILE I 445 36.99 -57.37 133.75
CA ILE I 445 37.05 -55.92 133.53
C ILE I 445 36.61 -55.16 134.79
N LEU I 446 35.95 -55.85 135.73
CA LEU I 446 35.41 -55.27 136.96
C LEU I 446 36.31 -54.32 137.76
N PRO I 447 37.59 -54.61 138.05
CA PRO I 447 38.33 -53.71 138.95
C PRO I 447 38.70 -52.37 138.36
N SER I 448 38.41 -52.12 137.09
CA SER I 448 38.66 -50.83 136.48
C SER I 448 37.39 -50.05 136.21
N VAL I 449 36.23 -50.69 136.29
CA VAL I 449 34.98 -50.03 135.98
C VAL I 449 34.05 -49.97 137.19
N CYS I 450 34.27 -50.75 138.23
CA CYS I 450 33.41 -50.72 139.40
C CYS I 450 33.91 -49.73 140.46
N HIS I 451 34.65 -48.74 140.06
CA HIS I 451 35.34 -47.82 140.95
C HIS I 451 34.43 -46.65 141.31
N PRO I 452 34.63 -46.03 142.47
CA PRO I 452 33.76 -44.89 142.82
C PRO I 452 33.99 -43.64 142.00
N ILE I 453 35.19 -43.46 141.42
CA ILE I 453 35.42 -42.27 140.62
C ILE I 453 34.69 -42.36 139.29
N VAL I 454 34.27 -43.57 138.89
CA VAL I 454 33.40 -43.70 137.75
C VAL I 454 32.01 -43.18 138.09
N HIS I 455 31.45 -43.65 139.19
CA HIS I 455 30.06 -43.34 139.51
C HIS I 455 29.88 -42.01 140.20
N ASP I 456 30.95 -41.28 140.47
CA ASP I 456 30.77 -39.90 140.91
C ASP I 456 30.28 -39.05 139.74
N SER I 457 29.50 -38.03 140.07
CA SER I 457 29.04 -37.07 139.07
C SER I 457 29.67 -35.70 139.26
N THR I 458 30.57 -35.55 140.22
CA THR I 458 30.99 -34.22 140.66
C THR I 458 31.83 -33.52 139.60
N ILE I 459 32.80 -34.23 139.03
CA ILE I 459 33.71 -33.59 138.09
C ILE I 459 33.00 -33.32 136.78
N VAL I 460 32.07 -34.20 136.39
CA VAL I 460 31.28 -33.99 135.19
C VAL I 460 30.40 -32.76 135.34
N GLU I 461 29.83 -32.59 136.52
CA GLU I 461 29.03 -31.41 136.84
C GLU I 461 29.86 -30.15 136.77
N ARG I 462 31.05 -30.18 137.37
CA ARG I 462 31.90 -29.00 137.41
C ARG I 462 32.36 -28.60 136.00
N LEU I 463 32.81 -29.57 135.22
CA LEU I 463 33.34 -29.23 133.91
C LEU I 463 32.23 -28.85 132.94
N MET I 464 31.09 -29.54 133.00
CA MET I 464 29.99 -29.23 132.11
C MET I 464 29.30 -27.94 132.54
N LYS I 465 29.47 -27.52 133.79
CA LYS I 465 28.96 -26.23 134.23
C LYS I 465 29.87 -25.10 133.80
N ASN I 466 31.19 -25.28 133.93
CA ASN I 466 32.12 -24.24 133.50
C ASN I 466 32.25 -24.15 131.99
N GLU I 467 31.79 -25.15 131.25
CA GLU I 467 31.73 -25.03 129.81
C GLU I 467 30.71 -23.96 129.43
N PRO I 468 31.00 -23.11 128.44
CA PRO I 468 30.06 -22.05 128.08
C PRO I 468 28.78 -22.56 127.46
N LEU I 469 27.78 -21.70 127.52
CA LEU I 469 26.43 -21.99 127.08
C LEU I 469 26.38 -22.21 125.57
N PRO I 470 25.37 -22.93 125.07
CA PRO I 470 25.22 -23.07 123.63
C PRO I 470 24.72 -21.78 122.98
N THR I 471 24.75 -21.78 121.66
CA THR I 471 24.39 -20.62 120.85
C THR I 471 22.88 -20.49 120.75
N GLY I 472 22.41 -19.61 119.86
CA GLY I 472 21.01 -19.26 119.82
C GLY I 472 20.05 -20.29 119.28
N HIS I 473 20.32 -20.84 118.09
CA HIS I 473 19.33 -21.73 117.49
C HIS I 473 19.36 -23.10 118.13
N ARG I 474 20.50 -23.49 118.70
CA ARG I 474 20.55 -24.67 119.55
C ARG I 474 20.01 -24.39 120.94
N PHE I 475 20.08 -23.13 121.37
CA PHE I 475 19.56 -22.74 122.68
C PHE I 475 18.05 -22.83 122.70
N SER I 476 17.41 -22.40 121.62
CA SER I 476 15.96 -22.48 121.52
C SER I 476 15.47 -23.91 121.40
N GLN I 477 16.33 -24.82 120.98
CA GLN I 477 15.94 -26.20 120.76
C GLN I 477 16.22 -27.09 121.94
N LEU I 478 17.32 -26.83 122.65
CA LEU I 478 17.90 -27.78 123.57
C LEU I 478 17.83 -27.35 125.02
N CYS I 479 17.63 -26.06 125.29
CA CYS I 479 17.81 -25.47 126.61
C CYS I 479 16.52 -24.85 127.15
N GLN I 480 15.37 -25.37 126.77
CA GLN I 480 14.13 -24.61 126.95
C GLN I 480 13.21 -25.15 128.02
N LEU I 481 13.38 -26.41 128.45
CA LEU I 481 12.37 -27.00 129.33
C LEU I 481 12.48 -26.44 130.75
N LYS I 482 11.51 -26.81 131.57
CA LYS I 482 11.34 -26.18 132.87
C LYS I 482 10.55 -27.11 133.77
N ILE I 483 10.96 -27.19 135.03
CA ILE I 483 10.30 -28.04 136.01
C ILE I 483 9.33 -27.21 136.83
N THR I 484 8.30 -27.89 137.34
CA THR I 484 7.28 -27.25 138.18
C THR I 484 6.75 -28.31 139.13
N ARG I 485 6.72 -28.00 140.43
CA ARG I 485 6.28 -28.95 141.43
C ARG I 485 5.23 -28.33 142.33
N GLU I 486 4.14 -29.05 142.55
CA GLU I 486 3.09 -28.65 143.48
C GLU I 486 2.67 -29.88 144.28
N ASN I 487 1.74 -29.69 145.17
CA ASN I 487 1.36 -30.85 145.97
C ASN I 487 0.15 -31.57 145.37
N PRO I 488 0.01 -32.87 145.65
CA PRO I 488 -1.11 -33.64 145.09
C PRO I 488 -2.51 -33.17 145.50
N THR I 489 -2.63 -32.31 146.49
CA THR I 489 -3.93 -31.70 146.75
C THR I 489 -4.28 -30.70 145.66
N ARG I 490 -3.34 -29.85 145.28
CA ARG I 490 -3.63 -28.83 144.29
C ARG I 490 -3.65 -29.38 142.88
N ILE I 491 -2.81 -30.36 142.56
CA ILE I 491 -2.70 -30.74 141.15
C ILE I 491 -3.92 -31.54 140.69
N LEU I 492 -4.62 -32.21 141.59
CA LEU I 492 -5.78 -32.99 141.17
C LEU I 492 -6.94 -32.11 140.75
N GLN I 493 -7.01 -30.89 141.28
CA GLN I 493 -8.03 -29.95 140.86
C GLN I 493 -7.53 -28.96 139.82
N THR I 494 -6.22 -28.73 139.74
CA THR I 494 -5.66 -27.85 138.74
C THR I 494 -5.07 -28.60 137.57
N LEU I 495 -5.45 -29.88 137.41
CA LEU I 495 -4.90 -30.73 136.38
C LEU I 495 -5.20 -30.23 134.97
N TYR I 496 -6.45 -29.84 134.71
CA TYR I 496 -6.79 -29.51 133.34
C TYR I 496 -6.47 -28.08 132.94
N ASN I 497 -5.73 -27.32 133.77
CA ASN I 497 -5.52 -25.92 133.46
C ASN I 497 -4.55 -25.72 132.31
N LEU I 498 -3.48 -26.51 132.26
CA LEU I 498 -2.52 -26.40 131.17
C LEU I 498 -2.92 -27.21 129.95
N TYR I 499 -4.17 -27.66 129.89
CA TYR I 499 -4.80 -28.12 128.67
C TYR I 499 -5.87 -27.17 128.21
N GLU I 500 -6.57 -26.52 129.14
CA GLU I 500 -7.48 -25.44 128.77
C GLU I 500 -6.71 -24.25 128.22
N SER I 501 -5.50 -24.02 128.71
CA SER I 501 -4.60 -23.10 128.04
C SER I 501 -4.12 -23.70 126.72
N ARG I 502 -3.69 -22.83 125.82
CA ARG I 502 -3.21 -23.24 124.51
C ARG I 502 -1.69 -23.23 124.41
N GLN I 503 -1.00 -23.38 125.53
CA GLN I 503 0.45 -23.31 125.54
C GLN I 503 1.02 -24.70 125.34
N GLU I 504 2.12 -24.78 124.59
CA GLU I 504 2.65 -26.05 124.13
C GLU I 504 3.99 -26.32 124.81
N VAL I 505 4.10 -27.50 125.40
CA VAL I 505 5.31 -27.84 126.15
C VAL I 505 6.42 -28.16 125.16
N PRO I 506 7.62 -27.61 125.32
CA PRO I 506 8.71 -27.91 124.40
C PRO I 506 9.19 -29.34 124.54
N LYS I 507 10.01 -29.75 123.57
CA LYS I 507 10.62 -31.06 123.63
C LYS I 507 11.60 -31.16 124.78
N ASN I 508 11.57 -32.29 125.47
CA ASN I 508 12.64 -32.62 126.39
C ASN I 508 13.89 -32.98 125.61
N THR I 509 15.03 -32.85 126.28
CA THR I 509 16.30 -33.28 125.71
C THR I 509 16.30 -34.77 125.43
N ASN I 510 15.67 -35.54 126.30
CA ASN I 510 15.70 -36.99 126.14
C ASN I 510 14.77 -37.44 125.03
N VAL I 511 13.60 -36.82 124.88
CA VAL I 511 12.72 -37.20 123.79
C VAL I 511 13.24 -36.65 122.48
N LEU I 512 13.99 -35.55 122.51
CA LEU I 512 14.69 -35.10 121.32
C LEU I 512 15.77 -36.08 120.92
N LYS I 513 16.43 -36.67 121.92
CA LYS I 513 17.56 -37.54 121.65
C LYS I 513 17.08 -38.89 121.12
N ASN I 514 15.97 -39.41 121.64
CA ASN I 514 15.52 -40.73 121.22
C ASN I 514 14.88 -40.74 119.84
N GLU I 515 14.65 -39.58 119.23
CA GLU I 515 14.15 -39.56 117.86
C GLU I 515 15.19 -39.97 116.86
N LEU I 516 16.47 -39.78 117.18
CA LEU I 516 17.52 -40.03 116.21
C LEU I 516 17.80 -41.52 116.12
N ASN I 517 18.52 -41.91 115.08
CA ASN I 517 18.79 -43.30 114.82
C ASN I 517 20.21 -43.65 115.23
N VAL I 518 20.53 -44.94 115.24
CA VAL I 518 21.79 -45.47 115.77
C VAL I 518 22.99 -45.08 114.92
N GLU I 519 22.76 -44.48 113.78
CA GLU I 519 23.84 -43.95 112.98
C GLU I 519 23.84 -42.45 112.92
N ASP I 520 22.67 -41.84 112.78
CA ASP I 520 22.53 -40.40 112.72
C ASP I 520 22.82 -39.73 114.06
N PHE I 521 22.88 -40.51 115.14
CA PHE I 521 23.17 -39.96 116.46
C PHE I 521 24.57 -39.38 116.53
N TYR I 522 25.54 -40.01 115.89
CA TYR I 522 26.91 -39.52 115.97
C TYR I 522 27.18 -38.42 114.98
N LYS I 523 26.29 -38.19 114.03
CA LYS I 523 26.46 -37.14 113.04
C LYS I 523 26.42 -35.78 113.74
N PRO I 524 27.19 -34.80 113.24
CA PRO I 524 27.20 -33.48 113.89
C PRO I 524 25.90 -32.71 113.79
N ASP I 525 24.92 -33.16 113.01
CA ASP I 525 23.62 -32.52 113.04
C ASP I 525 22.77 -32.97 114.22
N ASN I 526 23.23 -33.93 115.00
CA ASN I 526 22.66 -34.15 116.32
C ASN I 526 22.87 -32.91 117.16
N PRO I 527 21.82 -32.33 117.75
CA PRO I 527 22.03 -31.23 118.68
C PRO I 527 22.34 -31.67 120.10
N THR I 528 22.30 -32.96 120.41
CA THR I 528 22.54 -33.43 121.77
C THR I 528 23.83 -34.24 121.87
N LEU I 529 24.83 -33.94 121.07
CA LEU I 529 26.10 -34.61 121.33
C LEU I 529 26.87 -34.04 122.52
N PRO I 530 26.92 -32.72 122.78
CA PRO I 530 27.50 -32.30 124.07
C PRO I 530 26.63 -32.62 125.27
N THR I 531 25.43 -33.14 125.07
CA THR I 531 24.62 -33.59 126.18
C THR I 531 25.21 -34.83 126.82
N GLU I 532 25.55 -35.83 126.03
CA GLU I 532 26.03 -37.11 126.54
C GLU I 532 27.44 -36.97 127.07
N ARG I 533 27.60 -37.02 128.38
CA ARG I 533 28.93 -36.97 128.95
C ARG I 533 29.30 -38.23 129.68
N HIS I 534 28.32 -38.92 130.27
CA HIS I 534 28.63 -40.03 131.12
C HIS I 534 27.52 -41.06 130.91
N PRO I 535 27.86 -42.35 130.88
CA PRO I 535 26.83 -43.36 130.61
C PRO I 535 25.86 -43.58 131.74
N PHE I 536 26.21 -43.18 132.95
CA PHE I 536 25.30 -43.33 134.07
C PHE I 536 24.51 -42.08 134.36
N PHE I 537 24.83 -40.96 133.72
CA PHE I 537 24.33 -39.66 134.12
C PHE I 537 23.71 -38.97 132.93
N ASP I 538 22.38 -38.91 132.92
CA ASP I 538 21.69 -38.07 131.97
C ASP I 538 21.86 -36.62 132.40
N LEU I 539 22.34 -35.80 131.48
CA LEU I 539 22.54 -34.38 131.74
C LEU I 539 21.63 -33.58 130.84
N THR I 540 21.25 -32.40 131.30
CA THR I 540 20.34 -31.55 130.55
C THR I 540 20.49 -30.12 131.02
N TYR I 541 19.63 -29.26 130.48
CA TYR I 541 19.57 -27.86 130.82
C TYR I 541 18.19 -27.53 131.35
N ILE I 542 18.12 -26.81 132.48
CA ILE I 542 16.85 -26.34 132.98
C ILE I 542 16.96 -24.86 133.34
N GLN I 543 15.78 -24.23 133.36
CA GLN I 543 15.60 -22.82 133.61
C GLN I 543 14.97 -22.66 134.99
N LYS I 544 15.72 -22.11 135.94
CA LYS I 544 15.13 -21.61 137.17
C LYS I 544 15.53 -20.15 137.34
N ASN I 545 14.52 -19.28 137.40
CA ASN I 545 14.68 -17.83 137.43
C ASN I 545 15.49 -17.32 136.25
N ARG I 546 15.28 -17.97 135.10
CA ARG I 546 15.79 -17.56 133.79
C ARG I 546 17.32 -17.57 133.74
N ALA I 547 17.91 -18.56 134.40
CA ALA I 547 19.28 -18.98 134.17
C ALA I 547 19.25 -20.43 133.72
N THR I 548 20.22 -20.83 132.90
CA THR I 548 20.05 -22.01 132.07
C THR I 548 20.29 -23.33 132.80
N GLU I 549 20.95 -23.29 133.95
CA GLU I 549 21.10 -24.31 134.99
C GLU I 549 21.36 -25.73 134.50
N VAL I 550 22.61 -26.08 134.19
CA VAL I 550 22.98 -27.47 133.93
C VAL I 550 22.48 -28.39 135.03
N LEU I 551 22.06 -29.59 134.64
CA LEU I 551 21.36 -30.50 135.53
C LEU I 551 21.89 -31.90 135.30
N CYS I 552 22.53 -32.47 136.31
CA CYS I 552 23.10 -33.80 136.25
C CYS I 552 22.22 -34.74 137.04
N THR I 553 21.88 -35.87 136.45
CA THR I 553 20.84 -36.70 137.01
C THR I 553 21.08 -38.17 136.67
N PRO I 554 21.12 -39.05 137.65
CA PRO I 554 21.46 -40.46 137.38
C PRO I 554 20.37 -41.19 136.60
N ARG I 555 20.74 -41.68 135.42
CA ARG I 555 19.96 -42.74 134.81
C ARG I 555 19.98 -43.92 135.74
N ILE I 556 18.81 -44.35 136.18
CA ILE I 556 18.80 -45.45 137.13
C ILE I 556 18.98 -46.77 136.42
N MET I 557 18.15 -47.03 135.43
CA MET I 557 18.06 -48.36 134.87
C MET I 557 18.75 -48.44 133.52
N ILE I 558 18.97 -49.68 133.06
CA ILE I 558 19.55 -49.90 131.73
C ILE I 558 18.60 -49.45 130.65
N GLY I 559 17.30 -49.41 130.94
CA GLY I 559 16.35 -48.92 129.97
C GLY I 559 16.48 -47.43 129.71
N ASN I 560 17.01 -46.68 130.64
CA ASN I 560 17.01 -45.23 130.49
C ASN I 560 18.14 -44.72 129.64
N MET I 561 19.07 -45.57 129.23
CA MET I 561 20.04 -45.18 128.23
C MET I 561 19.32 -44.98 126.90
N PRO I 562 19.74 -44.02 126.09
CA PRO I 562 19.00 -43.71 124.87
C PRO I 562 19.10 -44.85 123.87
N LEU I 563 18.01 -45.05 123.15
CA LEU I 563 17.98 -46.09 122.11
C LEU I 563 19.04 -45.97 121.01
N PRO I 564 19.57 -44.79 120.66
CA PRO I 564 20.80 -44.80 119.85
C PRO I 564 22.01 -45.35 120.57
N LEU I 565 22.03 -45.33 121.90
CA LEU I 565 23.16 -45.88 122.64
C LEU I 565 22.91 -47.30 123.12
N ALA I 566 21.70 -47.80 123.00
CA ALA I 566 21.37 -49.18 123.25
C ALA I 566 20.13 -49.51 122.45
N PRO I 567 20.26 -50.17 121.31
CA PRO I 567 19.11 -50.38 120.43
C PRO I 567 18.13 -51.39 121.01
N ILE I 568 16.95 -51.42 120.40
CA ILE I 568 15.89 -52.28 120.91
C ILE I 568 16.19 -53.74 120.63
N SER I 569 16.89 -54.01 119.52
CA SER I 569 17.31 -55.38 119.25
C SER I 569 18.37 -55.82 120.23
N PHE I 570 19.17 -54.88 120.74
CA PHE I 570 20.12 -55.21 121.80
C PHE I 570 19.42 -55.61 123.07
N HIS I 571 18.34 -54.91 123.44
CA HIS I 571 17.60 -55.28 124.64
C HIS I 571 16.92 -56.63 124.45
N GLU I 572 16.42 -56.89 123.24
CA GLU I 572 15.82 -58.20 122.99
C GLU I 572 16.86 -59.31 123.01
N ALA I 573 18.09 -59.03 122.59
CA ALA I 573 19.12 -60.05 122.62
C ALA I 573 19.60 -60.33 124.03
N ARG I 574 19.75 -59.28 124.83
CA ARG I 574 20.06 -59.42 126.25
C ARG I 574 18.96 -60.19 126.96
N THR I 575 17.71 -59.93 126.59
CA THR I 575 16.59 -60.66 127.16
C THR I 575 16.60 -62.12 126.75
N ASN I 576 16.99 -62.40 125.51
CA ASN I 576 17.12 -63.79 125.10
C ASN I 576 18.24 -64.49 125.85
N GLN I 577 19.30 -63.76 126.21
CA GLN I 577 20.30 -64.33 127.11
C GLN I 577 19.69 -64.70 128.45
N MET I 578 18.87 -63.82 129.02
CA MET I 578 18.29 -64.17 130.31
C MET I 578 17.23 -65.26 130.21
N LEU I 579 16.51 -65.35 129.09
CA LEU I 579 15.54 -66.43 128.94
C LEU I 579 16.23 -67.76 128.74
N GLU I 580 17.32 -67.78 127.97
CA GLU I 580 18.10 -69.01 127.84
C GLU I 580 18.76 -69.38 129.16
N HIS I 581 19.17 -68.38 129.94
CA HIS I 581 19.83 -68.65 131.20
C HIS I 581 18.85 -69.13 132.26
N ALA I 582 17.59 -68.70 132.17
CA ALA I 582 16.54 -69.14 133.07
C ALA I 582 15.89 -70.43 132.65
N LYS I 583 16.05 -70.81 131.38
CA LYS I 583 15.44 -72.02 130.78
C LYS I 583 13.92 -71.96 130.86
N THR I 584 13.38 -70.75 130.72
CA THR I 584 11.94 -70.49 130.72
C THR I 584 11.61 -69.76 129.42
N ASN I 585 11.34 -70.51 128.36
CA ASN I 585 11.13 -69.92 127.05
C ASN I 585 9.98 -70.65 126.35
N SER I 586 8.88 -70.85 127.07
CA SER I 586 7.78 -71.64 126.55
C SER I 586 6.95 -70.82 125.57
N HIS I 587 6.48 -71.49 124.51
CA HIS I 587 5.59 -70.89 123.53
C HIS I 587 4.13 -71.10 123.86
N ASN I 588 3.80 -71.33 125.13
CA ASN I 588 2.44 -71.71 125.47
C ASN I 588 1.48 -70.54 125.45
N TYR I 589 2.00 -69.31 125.48
CA TYR I 589 1.19 -68.17 125.89
C TYR I 589 0.75 -67.28 124.74
N ASP I 590 1.16 -67.59 123.51
CA ASP I 590 0.89 -66.72 122.37
C ASP I 590 -0.60 -66.63 122.07
N PHE I 591 -1.29 -67.77 122.16
CA PHE I 591 -2.73 -67.78 121.93
C PHE I 591 -3.47 -67.03 123.01
N THR I 592 -2.93 -67.01 124.23
CA THR I 592 -3.52 -66.18 125.26
C THR I 592 -3.30 -64.70 124.98
N LEU I 593 -2.09 -64.35 124.54
CA LEU I 593 -1.77 -62.95 124.31
C LEU I 593 -2.55 -62.38 123.12
N LYS I 594 -2.95 -63.24 122.17
CA LYS I 594 -3.79 -62.77 121.07
C LYS I 594 -5.12 -62.26 121.58
N ILE I 595 -5.82 -63.06 122.39
CA ILE I 595 -7.15 -62.69 122.85
C ILE I 595 -7.06 -61.54 123.86
N VAL I 596 -6.01 -61.52 124.68
CA VAL I 596 -5.81 -60.41 125.59
C VAL I 596 -5.53 -59.12 124.81
N THR I 597 -4.76 -59.20 123.74
CA THR I 597 -4.46 -58.03 122.93
C THR I 597 -5.71 -57.52 122.22
N GLU I 598 -6.54 -58.42 121.71
CA GLU I 598 -7.78 -58.01 121.06
C GLU I 598 -8.74 -57.36 122.07
N SER I 599 -8.75 -57.87 123.29
CA SER I 599 -9.61 -57.29 124.32
C SER I 599 -9.12 -55.91 124.73
N LEU I 600 -7.81 -55.73 124.85
CA LEU I 600 -7.28 -54.43 125.22
C LEU I 600 -7.33 -53.45 124.07
N THR I 601 -7.51 -53.93 122.84
CA THR I 601 -7.50 -53.04 121.70
C THR I 601 -8.90 -52.59 121.29
N SER I 602 -9.82 -53.55 121.17
CA SER I 602 -11.17 -53.22 120.70
C SER I 602 -11.90 -52.39 121.76
N GLY I 603 -12.16 -51.13 121.43
CA GLY I 603 -12.67 -50.20 122.40
C GLY I 603 -14.15 -50.29 122.68
N SER I 604 -14.64 -51.48 122.97
CA SER I 604 -16.05 -51.69 123.27
C SER I 604 -16.26 -52.23 124.70
N TYR I 605 -15.35 -51.91 125.59
CA TYR I 605 -15.35 -52.46 126.94
C TYR I 605 -16.53 -51.87 127.72
N PRO I 606 -17.25 -52.69 128.49
CA PRO I 606 -18.51 -52.23 129.07
C PRO I 606 -18.27 -51.36 130.28
N GLU I 607 -19.29 -50.58 130.61
CA GLU I 607 -19.11 -49.54 131.62
C GLU I 607 -19.15 -50.09 133.03
N LEU I 608 -19.91 -51.16 133.25
CA LEU I 608 -20.11 -51.72 134.57
C LEU I 608 -18.82 -52.29 135.16
N ALA I 609 -17.85 -52.63 134.30
CA ALA I 609 -16.60 -53.22 134.79
C ALA I 609 -15.80 -52.25 135.62
N TYR I 610 -15.80 -50.96 135.24
CA TYR I 610 -15.08 -49.96 136.02
C TYR I 610 -15.75 -49.76 137.38
N VAL I 611 -17.09 -49.79 137.38
CA VAL I 611 -17.84 -49.66 138.61
C VAL I 611 -17.58 -50.85 139.53
N ILE I 612 -17.45 -52.04 138.97
CA ILE I 612 -17.13 -53.21 139.78
C ILE I 612 -15.70 -53.13 140.29
N GLU I 613 -14.77 -52.67 139.45
CA GLU I 613 -13.37 -52.54 139.86
C GLU I 613 -13.17 -51.47 140.92
N ILE I 614 -14.09 -50.54 141.08
CA ILE I 614 -13.98 -49.61 142.21
C ILE I 614 -14.89 -49.96 143.37
N LEU I 615 -15.90 -50.82 143.17
CA LEU I 615 -16.65 -51.33 144.31
C LEU I 615 -15.85 -52.38 145.06
N VAL I 616 -15.52 -53.48 144.40
CA VAL I 616 -14.54 -54.37 145.00
C VAL I 616 -13.18 -53.73 144.79
N HIS I 617 -12.27 -54.00 145.70
CA HIS I 617 -10.93 -53.47 145.57
C HIS I 617 -9.93 -54.49 146.05
N GLY I 618 -10.27 -55.76 145.84
CA GLY I 618 -9.38 -56.84 146.22
C GLY I 618 -9.53 -57.32 147.65
N ASN I 619 -10.51 -56.83 148.39
CA ASN I 619 -10.71 -57.35 149.73
C ASN I 619 -11.43 -58.69 149.76
N LYS I 620 -11.96 -59.11 148.62
CA LYS I 620 -12.44 -60.44 148.22
C LYS I 620 -13.70 -60.88 148.94
N HIS I 621 -14.11 -60.19 150.00
CA HIS I 621 -15.42 -60.49 150.53
C HIS I 621 -16.49 -59.80 149.69
N ALA I 622 -16.19 -58.60 149.21
CA ALA I 622 -17.04 -57.96 148.22
C ALA I 622 -17.04 -58.76 146.93
N PHE I 623 -15.94 -59.41 146.61
CA PHE I 623 -15.90 -60.26 145.42
C PHE I 623 -16.75 -61.51 145.60
N MET I 624 -16.71 -62.11 146.79
CA MET I 624 -17.55 -63.27 147.03
C MET I 624 -19.02 -62.89 147.14
N ILE I 625 -19.31 -61.62 147.44
CA ILE I 625 -20.67 -61.13 147.26
C ILE I 625 -21.02 -61.04 145.78
N LEU I 626 -20.17 -60.36 145.00
CA LEU I 626 -20.42 -60.14 143.58
C LEU I 626 -19.98 -61.30 142.70
N LYS I 627 -19.86 -62.49 143.25
CA LYS I 627 -19.33 -63.61 142.48
C LYS I 627 -20.29 -64.03 141.36
N GLN I 628 -21.57 -63.75 141.49
CA GLN I 628 -22.49 -64.07 140.41
C GLN I 628 -22.68 -62.93 139.41
N VAL I 629 -22.56 -61.68 139.84
CA VAL I 629 -22.64 -60.56 138.91
C VAL I 629 -21.48 -60.60 137.94
N ILE I 630 -20.28 -60.78 138.47
CA ILE I 630 -19.09 -60.89 137.64
C ILE I 630 -19.13 -62.16 136.81
N SER I 631 -19.77 -63.21 137.32
CA SER I 631 -20.02 -64.42 136.55
C SER I 631 -20.83 -64.11 135.30
N GLN I 632 -21.92 -63.38 135.47
CA GLN I 632 -22.79 -63.08 134.33
C GLN I 632 -22.12 -62.13 133.35
N CYS I 633 -21.38 -61.15 133.87
CA CYS I 633 -20.69 -60.18 133.02
C CYS I 633 -19.63 -60.86 132.15
N ILE I 634 -18.70 -61.59 132.78
CA ILE I 634 -17.66 -62.29 132.04
C ILE I 634 -18.25 -63.37 131.15
N SER I 635 -19.31 -64.03 131.60
CA SER I 635 -19.88 -65.15 130.85
C SER I 635 -20.48 -64.68 129.55
N TYR I 636 -21.37 -63.67 129.59
CA TYR I 636 -21.89 -63.10 128.36
C TYR I 636 -20.80 -62.44 127.54
N TRP I 637 -19.88 -61.74 128.19
CA TRP I 637 -19.03 -60.83 127.45
C TRP I 637 -17.90 -61.55 126.75
N PHE I 638 -17.46 -62.69 127.26
CA PHE I 638 -16.58 -63.55 126.49
C PHE I 638 -17.35 -64.52 125.63
N ASN I 639 -18.55 -64.92 126.03
CA ASN I 639 -19.18 -65.99 125.30
C ASN I 639 -19.83 -65.48 124.02
N MET I 640 -20.21 -64.21 123.97
CA MET I 640 -20.76 -63.67 122.74
C MET I 640 -19.82 -62.64 122.12
N LYS I 641 -19.52 -61.55 122.83
CA LYS I 641 -18.63 -60.52 122.30
C LYS I 641 -17.20 -61.01 122.06
N HIS I 642 -16.80 -62.08 122.75
CA HIS I 642 -15.45 -62.67 122.77
C HIS I 642 -14.34 -61.62 122.79
N ILE I 643 -14.50 -60.66 123.68
CA ILE I 643 -13.36 -59.94 124.21
C ILE I 643 -13.33 -60.22 125.71
N LEU I 644 -12.12 -60.40 126.22
CA LEU I 644 -11.99 -60.80 127.60
C LEU I 644 -12.24 -59.59 128.50
N LEU I 645 -12.68 -59.87 129.72
CA LEU I 645 -13.16 -58.85 130.62
C LEU I 645 -12.27 -58.84 131.85
N PHE I 646 -12.26 -57.70 132.55
CA PHE I 646 -11.47 -57.46 133.77
C PHE I 646 -9.99 -57.68 133.56
N CYS I 647 -9.50 -57.33 132.38
CA CYS I 647 -8.07 -57.37 132.08
C CYS I 647 -7.41 -56.03 132.31
N ASN I 648 -7.89 -55.28 133.30
CA ASN I 648 -7.27 -54.02 133.70
C ASN I 648 -6.60 -54.09 135.06
N SER I 649 -7.34 -54.45 136.10
CA SER I 649 -6.79 -54.41 137.44
C SER I 649 -6.13 -55.72 137.81
N PHE I 650 -4.95 -55.63 138.43
CA PHE I 650 -4.19 -56.82 138.77
C PHE I 650 -4.87 -57.63 139.87
N GLU I 651 -5.41 -56.95 140.88
CA GLU I 651 -6.03 -57.69 141.96
C GLU I 651 -7.33 -58.34 141.50
N MET I 652 -8.03 -57.73 140.55
CA MET I 652 -9.14 -58.39 139.90
C MET I 652 -8.67 -59.61 139.11
N ILE I 653 -7.59 -59.46 138.35
CA ILE I 653 -7.19 -60.54 137.46
C ILE I 653 -6.51 -61.67 138.20
N MET I 654 -6.11 -61.45 139.45
CA MET I 654 -5.64 -62.51 140.32
C MET I 654 -6.78 -63.12 141.13
N LEU I 655 -7.76 -62.30 141.50
CA LEU I 655 -8.85 -62.77 142.33
C LEU I 655 -9.80 -63.63 141.53
N ILE I 656 -9.95 -63.32 140.24
CA ILE I 656 -10.67 -64.20 139.31
C ILE I 656 -9.96 -65.54 139.20
N SER I 657 -8.64 -65.53 139.15
CA SER I 657 -7.90 -66.78 139.00
C SER I 657 -7.99 -67.62 140.25
N ASN I 658 -8.08 -66.97 141.41
CA ASN I 658 -8.16 -67.73 142.65
C ASN I 658 -9.56 -68.25 142.91
N HIS I 659 -10.53 -67.36 143.06
CA HIS I 659 -11.82 -67.76 143.60
C HIS I 659 -12.87 -68.06 142.54
N MET I 660 -12.83 -67.39 141.40
CA MET I 660 -13.77 -67.71 140.33
C MET I 660 -13.35 -69.03 139.71
N GLY I 661 -14.30 -69.92 139.53
CA GLY I 661 -14.00 -71.28 139.15
C GLY I 661 -14.22 -71.53 137.67
N ASP I 662 -14.86 -72.65 137.37
CA ASP I 662 -15.38 -72.95 136.04
C ASP I 662 -16.91 -72.88 136.01
N GLU I 663 -17.54 -72.97 137.17
CA GLU I 663 -18.98 -72.86 137.24
C GLU I 663 -19.40 -71.41 137.05
N LEU I 664 -20.36 -71.20 136.16
CA LEU I 664 -20.85 -69.89 135.74
C LEU I 664 -19.73 -69.03 135.16
N ILE I 665 -18.87 -69.64 134.37
CA ILE I 665 -17.92 -68.90 133.53
C ILE I 665 -17.58 -69.84 132.37
N PRO I 666 -17.20 -69.34 131.20
CA PRO I 666 -16.59 -70.23 130.21
C PRO I 666 -15.18 -70.61 130.60
N GLY I 667 -14.89 -71.91 130.53
CA GLY I 667 -13.58 -72.43 130.89
C GLY I 667 -12.47 -71.99 129.98
N ALA I 668 -12.81 -71.62 128.74
CA ALA I 668 -11.81 -71.05 127.84
C ALA I 668 -11.30 -69.73 128.37
N ALA I 669 -12.18 -68.86 128.86
CA ALA I 669 -11.74 -67.60 129.43
C ALA I 669 -11.06 -67.80 130.77
N PHE I 670 -11.54 -68.77 131.56
CA PHE I 670 -10.89 -69.05 132.84
C PHE I 670 -9.46 -69.55 132.64
N ALA I 671 -9.22 -70.32 131.58
CA ALA I 671 -7.86 -70.71 131.25
C ALA I 671 -7.02 -69.51 130.84
N HIS I 672 -7.62 -68.49 130.23
CA HIS I 672 -6.84 -67.30 129.89
C HIS I 672 -6.46 -66.51 131.13
N TYR I 673 -7.36 -66.43 132.11
CA TYR I 673 -6.99 -65.74 133.36
C TYR I 673 -5.88 -66.50 134.10
N ARG I 674 -5.99 -67.83 134.11
CA ARG I 674 -4.96 -68.64 134.74
C ARG I 674 -3.63 -68.52 133.98
N ASN I 675 -3.70 -68.37 132.65
CA ASN I 675 -2.47 -68.18 131.89
C ASN I 675 -1.84 -66.81 132.12
N LEU I 676 -2.65 -65.77 132.34
CA LEU I 676 -2.08 -64.48 132.66
C LEU I 676 -1.36 -64.52 134.00
N VAL I 677 -1.94 -65.24 134.97
CA VAL I 677 -1.29 -65.40 136.25
C VAL I 677 0.03 -66.16 136.11
N SER I 678 0.02 -67.24 135.34
CA SER I 678 1.25 -68.02 135.16
C SER I 678 2.30 -67.26 134.35
N LEU I 679 1.88 -66.37 133.46
CA LEU I 679 2.82 -65.52 132.75
C LEU I 679 3.51 -64.55 133.70
N ILE I 680 2.76 -63.96 134.63
CA ILE I 680 3.40 -63.06 135.57
C ILE I 680 4.32 -63.82 136.53
N ARG I 681 3.95 -65.08 136.85
CA ARG I 681 4.86 -65.98 137.55
C ARG I 681 6.17 -66.17 136.81
N LEU I 682 6.09 -66.41 135.49
CA LEU I 682 7.32 -66.64 134.73
C LEU I 682 8.16 -65.39 134.60
N VAL I 683 7.56 -64.21 134.54
CA VAL I 683 8.36 -62.98 134.53
C VAL I 683 9.12 -62.83 135.83
N LYS I 684 8.44 -63.09 136.96
CA LYS I 684 9.10 -62.99 138.26
C LYS I 684 10.24 -64.00 138.38
N ARG I 685 10.04 -65.21 137.87
CA ARG I 685 11.10 -66.22 137.87
C ARG I 685 12.29 -65.79 137.01
N THR I 686 11.99 -65.31 135.80
CA THR I 686 13.02 -64.98 134.81
C THR I 686 13.95 -63.89 135.30
N ILE I 687 13.41 -62.82 135.86
CA ILE I 687 14.29 -61.78 136.37
C ILE I 687 14.46 -61.88 137.89
N SER I 688 14.12 -63.03 138.49
CA SER I 688 14.62 -63.39 139.80
C SER I 688 15.65 -64.49 139.73
N ILE I 689 16.14 -64.79 138.52
CA ILE I 689 17.42 -65.50 138.36
C ILE I 689 18.52 -64.87 139.21
N SER I 690 18.62 -63.54 139.21
CA SER I 690 19.72 -62.89 139.91
C SER I 690 19.50 -62.82 141.42
N ASN I 691 19.32 -63.97 142.05
CA ASN I 691 19.10 -64.05 143.49
C ASN I 691 20.36 -64.62 144.13
N ILE I 692 20.98 -63.83 144.99
CA ILE I 692 22.19 -64.23 145.70
C ILE I 692 21.96 -63.98 147.17
N ASN I 693 22.20 -64.99 148.00
CA ASN I 693 21.81 -64.93 149.41
C ASN I 693 22.81 -64.08 150.20
N GLU I 694 22.74 -62.77 149.95
CA GLU I 694 23.56 -61.81 150.69
C GLU I 694 22.93 -60.44 150.57
N GLN I 695 22.76 -59.77 151.70
CA GLN I 695 22.31 -58.38 151.71
C GLN I 695 23.46 -57.45 152.02
N LEU I 696 23.24 -56.15 151.75
CA LEU I 696 24.27 -55.15 151.95
C LEU I 696 23.95 -54.17 153.07
N CYS I 697 22.85 -53.42 152.96
CA CYS I 697 22.48 -52.53 154.06
C CYS I 697 21.36 -53.13 154.89
N GLY I 698 20.20 -53.32 154.28
CA GLY I 698 19.18 -54.17 154.83
C GLY I 698 18.44 -54.78 153.67
N GLU I 699 18.86 -54.38 152.48
CA GLU I 699 18.21 -54.67 151.22
C GLU I 699 18.84 -55.89 150.57
N PRO I 700 18.03 -56.79 150.02
CA PRO I 700 18.60 -57.96 149.35
C PRO I 700 19.31 -57.61 148.05
N LEU I 701 20.07 -58.58 147.56
CA LEU I 701 20.91 -58.27 146.43
C LEU I 701 20.11 -58.23 145.13
N VAL I 702 18.92 -58.82 145.11
CA VAL I 702 18.11 -58.69 143.91
C VAL I 702 17.45 -57.32 143.89
N ASN I 703 17.12 -56.80 145.07
CA ASN I 703 16.74 -55.41 145.22
C ASN I 703 17.83 -54.50 144.66
N PHE I 704 19.10 -54.81 144.94
CA PHE I 704 20.14 -53.99 144.30
C PHE I 704 20.26 -54.27 142.81
N ALA I 705 19.90 -55.47 142.36
CA ALA I 705 20.04 -55.83 140.95
C ALA I 705 19.04 -55.10 140.08
N ASN I 706 17.76 -55.28 140.35
CA ASN I 706 16.70 -54.88 139.45
C ASN I 706 15.77 -53.94 140.19
N ALA I 707 15.47 -52.78 139.58
CA ALA I 707 14.63 -51.77 140.20
C ALA I 707 13.17 -52.12 140.20
N LEU I 708 12.81 -53.32 139.80
CA LEU I 708 11.44 -53.76 139.83
C LEU I 708 11.14 -54.64 141.05
N PHE I 709 12.17 -54.99 141.82
CA PHE I 709 11.99 -55.76 143.05
C PHE I 709 12.22 -54.94 144.30
N ASP I 710 12.13 -53.63 144.22
CA ASP I 710 12.55 -52.80 145.33
C ASP I 710 11.35 -52.23 146.07
N GLY I 711 11.65 -51.50 147.13
CA GLY I 711 10.64 -50.68 147.74
C GLY I 711 10.59 -49.29 147.18
N ARG I 712 11.25 -49.02 146.06
CA ARG I 712 11.25 -47.69 145.50
C ARG I 712 10.25 -47.50 144.37
N LEU I 713 9.66 -48.56 143.85
CA LEU I 713 8.66 -48.46 142.80
C LEU I 713 7.34 -48.98 143.34
N PHE I 714 6.25 -48.29 143.00
CA PHE I 714 5.10 -48.29 143.90
C PHE I 714 3.79 -48.75 143.29
N CYS I 715 3.81 -49.49 142.17
CA CYS I 715 2.64 -50.14 141.56
C CYS I 715 1.55 -49.12 141.28
N PRO I 716 1.71 -48.24 140.27
CA PRO I 716 1.03 -46.91 140.24
C PRO I 716 -0.46 -46.83 140.51
N PHE I 717 -1.17 -47.93 140.54
CA PHE I 717 -2.55 -47.97 141.01
C PHE I 717 -2.57 -48.81 142.28
N VAL I 718 -2.78 -48.16 143.42
CA VAL I 718 -2.88 -48.87 144.70
C VAL I 718 -4.23 -48.58 145.32
N HIS I 719 -4.58 -49.39 146.30
CA HIS I 719 -5.90 -49.29 146.92
C HIS I 719 -5.79 -49.18 148.43
N THR I 720 -4.77 -49.75 149.05
CA THR I 720 -4.59 -49.58 150.48
C THR I 720 -3.32 -48.79 150.79
N MET I 721 -2.15 -49.37 150.58
CA MET I 721 -0.87 -48.75 150.87
C MET I 721 0.23 -49.67 150.35
N PRO I 722 1.31 -49.15 149.81
CA PRO I 722 2.49 -49.98 149.57
C PRO I 722 3.20 -50.40 150.86
N ARG I 723 4.30 -51.13 150.72
CA ARG I 723 4.99 -51.65 151.91
C ARG I 723 5.69 -50.55 152.70
N ASN I 724 6.45 -49.70 152.02
CA ASN I 724 7.59 -49.00 152.60
C ASN I 724 8.42 -49.92 153.47
N ASP I 725 8.94 -50.98 152.83
CA ASP I 725 10.01 -51.75 153.47
C ASP I 725 11.22 -50.85 153.71
N THR I 726 11.46 -49.92 152.81
CA THR I 726 12.37 -48.81 153.02
C THR I 726 11.62 -47.63 153.63
N ASN I 727 12.23 -46.46 153.62
CA ASN I 727 11.63 -45.26 154.20
C ASN I 727 11.53 -44.19 153.13
N ALA I 728 10.46 -44.23 152.36
CA ALA I 728 10.20 -43.23 151.34
C ALA I 728 9.45 -42.06 151.99
N LYS I 729 8.93 -41.15 151.18
CA LYS I 729 8.17 -40.02 151.67
C LYS I 729 6.91 -39.94 150.82
N ILE I 730 5.85 -40.57 151.28
CA ILE I 730 4.57 -40.57 150.58
C ILE I 730 3.74 -39.41 151.08
N THR I 731 3.38 -38.49 150.18
CA THR I 731 2.67 -37.29 150.56
C THR I 731 1.41 -37.12 149.73
N ALA I 732 0.38 -36.56 150.37
CA ALA I 732 -0.73 -35.93 149.69
C ALA I 732 -0.90 -34.48 150.09
N ASP I 733 -0.39 -34.10 151.25
CA ASP I 733 -0.24 -32.72 151.67
C ASP I 733 1.23 -32.55 152.05
N ASP I 734 1.55 -31.48 152.75
CA ASP I 734 2.88 -31.34 153.33
C ASP I 734 3.18 -32.40 154.38
N THR I 735 2.17 -33.03 154.95
CA THR I 735 2.37 -34.09 155.93
C THR I 735 2.75 -35.39 155.23
N PRO I 736 3.85 -36.02 155.62
CA PRO I 736 4.15 -37.36 155.10
C PRO I 736 3.19 -38.38 155.68
N LEU I 737 2.81 -39.35 154.86
CA LEU I 737 1.86 -40.38 155.27
C LEU I 737 2.64 -41.52 155.90
N THR I 738 2.51 -41.67 157.21
CA THR I 738 3.22 -42.69 157.96
C THR I 738 2.24 -43.77 158.40
N GLN I 739 2.74 -44.71 159.19
CA GLN I 739 1.86 -45.64 159.86
C GLN I 739 1.02 -44.94 160.92
N ASN I 740 1.57 -43.90 161.55
CA ASN I 740 0.84 -43.20 162.59
C ASN I 740 -0.21 -42.27 162.01
N THR I 741 0.10 -41.62 160.87
CA THR I 741 -0.77 -40.59 160.35
C THR I 741 -2.03 -41.18 159.71
N VAL I 742 -1.87 -42.28 158.97
CA VAL I 742 -2.99 -42.86 158.24
C VAL I 742 -3.93 -43.55 159.21
N ARG I 743 -5.20 -43.17 159.19
CA ARG I 743 -6.19 -43.88 159.97
C ARG I 743 -6.64 -45.16 159.28
N VAL I 744 -6.92 -46.16 160.10
CA VAL I 744 -7.39 -47.45 159.61
C VAL I 744 -8.81 -47.30 159.09
N ARG I 745 -9.19 -48.18 158.16
CA ARG I 745 -10.57 -48.25 157.70
C ARG I 745 -11.29 -49.41 158.37
N ASN I 746 -12.49 -49.14 158.88
CA ASN I 746 -13.30 -50.17 159.50
C ASN I 746 -14.56 -50.33 158.66
N TYR I 747 -14.81 -51.55 158.21
CA TYR I 747 -15.94 -51.82 157.36
C TYR I 747 -17.18 -52.25 158.12
N GLU I 748 -17.13 -52.27 159.44
CA GLU I 748 -18.25 -52.79 160.21
C GLU I 748 -18.98 -51.74 161.02
N ILE I 749 -18.27 -50.74 161.54
CA ILE I 749 -18.93 -49.75 162.37
C ILE I 749 -19.44 -48.56 161.57
N SER I 750 -18.76 -48.22 160.47
CA SER I 750 -19.16 -47.19 159.50
C SER I 750 -19.33 -45.82 160.16
N ASP I 751 -18.19 -45.26 160.55
CA ASP I 751 -18.17 -43.89 161.06
C ASP I 751 -18.62 -42.88 160.01
N VAL I 752 -19.02 -41.72 160.50
CA VAL I 752 -19.35 -40.60 159.62
C VAL I 752 -18.11 -39.79 159.30
N GLN I 753 -17.06 -39.92 160.12
CA GLN I 753 -15.83 -39.16 159.93
C GLN I 753 -15.16 -39.53 158.60
N ARG I 754 -15.11 -40.82 158.29
CA ARG I 754 -14.52 -41.23 157.02
C ARG I 754 -15.40 -40.82 155.85
N MET I 755 -16.70 -40.66 156.08
CA MET I 755 -17.57 -40.15 155.03
C MET I 755 -17.33 -38.67 154.75
N ASN I 756 -16.92 -37.91 155.76
CA ASN I 756 -16.47 -36.54 155.48
C ASN I 756 -15.12 -36.54 154.78
N LEU I 757 -14.27 -37.48 155.14
CA LEU I 757 -12.93 -37.41 154.61
C LEU I 757 -12.77 -38.16 153.29
N ILE I 758 -13.84 -38.73 152.73
CA ILE I 758 -13.71 -39.13 151.33
C ILE I 758 -13.76 -37.92 150.42
N ASP I 759 -14.43 -36.86 150.84
CA ASP I 759 -14.28 -35.61 150.11
C ASP I 759 -12.97 -34.94 150.48
N SER I 760 -12.63 -34.91 151.76
CA SER I 760 -11.40 -34.21 152.10
C SER I 760 -10.18 -35.07 151.76
N SER I 761 -8.99 -34.49 151.97
CA SER I 761 -7.74 -35.09 151.51
C SER I 761 -7.02 -35.79 152.65
N VAL I 762 -7.58 -36.92 153.08
CA VAL I 762 -6.92 -37.78 154.07
C VAL I 762 -6.88 -39.19 153.53
N VAL I 763 -5.69 -39.80 153.55
CA VAL I 763 -5.51 -41.16 153.07
C VAL I 763 -6.05 -42.13 154.12
N PHE I 764 -6.59 -43.25 153.67
CA PHE I 764 -7.19 -44.25 154.53
C PHE I 764 -6.84 -45.66 154.06
N THR I 765 -6.31 -46.48 154.96
CA THR I 765 -5.92 -47.85 154.63
C THR I 765 -6.79 -48.88 155.35
N ASP I 766 -6.85 -50.06 154.74
CA ASP I 766 -7.46 -51.21 155.41
C ASP I 766 -6.53 -51.76 156.48
N ASN I 767 -5.35 -52.19 156.06
CA ASN I 767 -4.35 -52.88 156.86
C ASN I 767 -3.12 -52.94 155.96
N ASP I 768 -2.05 -53.56 156.43
CA ASP I 768 -0.93 -53.83 155.53
C ASP I 768 -1.22 -55.12 154.77
N ARG I 769 -2.17 -55.01 153.85
CA ARG I 769 -2.52 -56.09 152.93
C ARG I 769 -1.36 -56.66 152.11
N PRO I 770 -0.54 -55.86 151.36
CA PRO I 770 0.24 -56.47 150.30
C PRO I 770 1.41 -57.29 150.81
N SER I 771 1.47 -58.53 150.35
CA SER I 771 2.64 -59.35 150.55
C SER I 771 3.72 -58.87 149.61
N ASN I 772 4.95 -59.33 149.87
CA ASN I 772 6.06 -58.92 149.04
C ASN I 772 5.90 -59.47 147.63
N GLU I 773 5.47 -60.73 147.54
CA GLU I 773 5.17 -61.37 146.26
C GLU I 773 4.10 -60.63 145.48
N ASN I 774 2.97 -60.34 146.12
CA ASN I 774 1.88 -59.65 145.42
C ASN I 774 2.27 -58.25 145.01
N THR I 775 3.09 -57.57 145.81
CA THR I 775 3.55 -56.24 145.44
C THR I 775 4.43 -56.30 144.20
N ILE I 776 5.35 -57.28 144.19
CA ILE I 776 6.25 -57.45 143.05
C ILE I 776 5.48 -57.82 141.79
N LEU I 777 4.50 -58.72 141.91
CA LEU I 777 3.70 -59.07 140.74
C LEU I 777 2.84 -57.91 140.28
N SER I 778 2.46 -57.01 141.19
CA SER I 778 1.73 -55.82 140.76
C SER I 778 2.60 -54.88 139.95
N LYS I 779 3.82 -54.64 140.43
CA LYS I 779 4.81 -53.87 139.66
C LYS I 779 5.04 -54.49 138.29
N ILE I 780 5.21 -55.82 138.24
CA ILE I 780 5.42 -56.54 136.99
C ILE I 780 4.25 -56.32 136.05
N PHE I 781 3.03 -56.44 136.55
CA PHE I 781 1.84 -56.32 135.73
C PHE I 781 1.73 -54.93 135.11
N TYR I 782 1.66 -53.91 135.96
CA TYR I 782 1.43 -52.57 135.43
C TYR I 782 2.65 -52.00 134.72
N PHE I 783 3.85 -52.51 134.95
CA PHE I 783 5.00 -51.94 134.27
C PHE I 783 5.43 -52.71 133.04
N CYS I 784 5.08 -53.98 132.93
CA CYS I 784 5.39 -54.71 131.72
C CYS I 784 4.15 -55.09 130.92
N VAL I 785 3.17 -55.74 131.53
CA VAL I 785 2.23 -56.54 130.76
C VAL I 785 1.16 -55.65 130.12
N LEU I 786 0.56 -54.75 130.90
CA LEU I 786 -0.36 -53.78 130.29
C LEU I 786 0.28 -52.83 129.27
N PRO I 787 1.49 -52.28 129.43
CA PRO I 787 2.00 -51.47 128.33
C PRO I 787 2.44 -52.28 127.12
N ALA I 788 3.00 -53.47 127.32
CA ALA I 788 3.44 -54.24 126.18
C ALA I 788 2.26 -54.78 125.40
N LEU I 789 1.17 -55.13 126.07
CA LEU I 789 0.01 -55.63 125.36
C LEU I 789 -0.96 -54.54 124.96
N SER I 790 -0.84 -53.35 125.52
CA SER I 790 -1.70 -52.27 125.11
C SER I 790 -1.07 -51.39 124.06
N ASN I 791 0.25 -51.39 123.97
CA ASN I 791 1.03 -50.39 123.25
C ASN I 791 0.62 -49.00 123.70
N ASN I 792 0.75 -48.79 125.01
CA ASN I 792 0.58 -47.50 125.68
C ASN I 792 -0.82 -46.92 125.50
N LYS I 793 -1.82 -47.79 125.44
CA LYS I 793 -3.19 -47.34 125.18
C LYS I 793 -4.06 -47.39 126.41
N ALA I 794 -3.53 -47.02 127.57
CA ALA I 794 -4.31 -46.97 128.79
C ALA I 794 -4.38 -45.54 129.30
N CYS I 795 -5.16 -45.33 130.35
CA CYS I 795 -5.27 -44.00 130.94
C CYS I 795 -5.66 -44.14 132.41
N GLY I 796 -5.04 -43.35 133.26
CA GLY I 796 -5.43 -43.34 134.66
C GLY I 796 -6.76 -42.62 134.85
N ALA I 797 -7.49 -42.99 135.89
CA ALA I 797 -8.82 -42.44 136.06
C ALA I 797 -9.05 -41.98 137.50
N GLY I 798 -9.98 -41.04 137.64
CA GLY I 798 -10.41 -40.58 138.94
C GLY I 798 -11.91 -40.68 139.08
N VAL I 799 -12.37 -40.95 140.29
CA VAL I 799 -13.78 -41.25 140.53
C VAL I 799 -14.28 -40.52 141.78
N ASN I 800 -15.39 -39.80 141.64
CA ASN I 800 -16.18 -39.37 142.79
C ASN I 800 -17.10 -40.51 143.19
N VAL I 801 -16.69 -41.28 144.20
CA VAL I 801 -17.51 -42.38 144.68
C VAL I 801 -18.78 -41.86 145.33
N LYS I 802 -18.73 -40.69 145.96
CA LYS I 802 -19.89 -40.11 146.64
C LYS I 802 -20.99 -39.79 145.65
N GLU I 803 -20.67 -38.96 144.65
CA GLU I 803 -21.66 -38.62 143.63
C GLU I 803 -22.04 -39.82 142.79
N LEU I 804 -21.13 -40.78 142.65
CA LEU I 804 -21.46 -41.99 141.88
C LEU I 804 -22.52 -42.82 142.60
N VAL I 805 -22.38 -43.04 143.90
CA VAL I 805 -23.37 -43.86 144.59
C VAL I 805 -24.68 -43.09 144.77
N LEU I 806 -24.60 -41.79 145.05
CA LEU I 806 -25.80 -41.01 145.25
C LEU I 806 -26.54 -40.71 143.96
N ASP I 807 -25.92 -40.95 142.81
CA ASP I 807 -26.67 -40.87 141.58
C ASP I 807 -27.12 -42.23 141.07
N LEU I 808 -26.31 -43.28 141.29
CA LEU I 808 -26.73 -44.61 140.87
C LEU I 808 -27.94 -45.10 141.63
N PHE I 809 -28.04 -44.74 142.90
CA PHE I 809 -29.15 -45.25 143.68
C PHE I 809 -29.48 -44.23 144.76
N TYR I 810 -30.08 -44.73 145.85
CA TYR I 810 -30.57 -44.06 147.06
C TYR I 810 -31.96 -43.45 146.84
N THR I 811 -32.49 -43.45 145.61
CA THR I 811 -33.75 -42.74 145.47
C THR I 811 -34.99 -43.57 145.79
N GLU I 812 -35.45 -44.42 144.87
CA GLU I 812 -36.69 -45.14 145.19
C GLU I 812 -36.50 -46.49 145.85
N PRO I 813 -35.83 -47.49 145.22
CA PRO I 813 -36.05 -48.87 145.68
C PRO I 813 -35.24 -49.24 146.89
N PHE I 814 -34.18 -48.50 147.16
CA PHE I 814 -33.18 -48.89 148.13
C PHE I 814 -33.47 -48.32 149.50
N ILE I 815 -34.50 -47.49 149.62
CA ILE I 815 -34.98 -46.99 150.91
C ILE I 815 -36.35 -47.58 151.25
N CYS I 816 -36.84 -48.50 150.42
CA CYS I 816 -38.08 -49.19 150.74
C CYS I 816 -37.89 -50.04 151.98
N PRO I 817 -38.73 -49.90 152.99
CA PRO I 817 -38.47 -50.47 154.33
C PRO I 817 -38.64 -51.98 154.43
N ASP I 818 -37.75 -52.70 153.73
CA ASP I 818 -37.56 -54.15 153.79
C ASP I 818 -38.78 -54.97 153.44
N ASP I 819 -39.83 -54.34 152.91
CA ASP I 819 -41.01 -55.06 152.45
C ASP I 819 -41.22 -54.87 150.96
N CYS I 820 -41.18 -53.63 150.50
CA CYS I 820 -41.23 -53.38 149.07
C CYS I 820 -39.90 -53.66 148.41
N PHE I 821 -38.80 -53.59 149.18
CA PHE I 821 -37.45 -53.80 148.64
C PHE I 821 -37.28 -55.20 148.07
N GLN I 822 -37.72 -56.20 148.82
CA GLN I 822 -37.39 -57.59 148.49
C GLN I 822 -38.12 -58.07 147.24
N GLU I 823 -39.28 -57.49 146.93
CA GLU I 823 -40.01 -57.85 145.72
C GLU I 823 -40.22 -56.64 144.82
N ASN I 824 -39.38 -55.64 144.95
CA ASN I 824 -39.62 -54.34 144.33
C ASN I 824 -39.24 -54.37 142.86
N PRO I 825 -40.08 -53.84 141.97
CA PRO I 825 -39.58 -53.39 140.68
C PRO I 825 -38.63 -52.22 140.87
N ILE I 826 -37.57 -52.23 140.06
CA ILE I 826 -36.52 -51.23 140.18
C ILE I 826 -37.04 -49.85 139.74
N SER I 827 -36.33 -48.80 140.16
CA SER I 827 -36.60 -47.44 139.70
C SER I 827 -36.49 -47.30 138.19
N SER I 828 -35.66 -48.15 137.56
CA SER I 828 -35.55 -48.27 136.10
C SER I 828 -35.11 -46.98 135.45
N ASP I 829 -34.18 -46.29 136.11
CA ASP I 829 -33.65 -45.05 135.59
C ASP I 829 -32.81 -45.29 134.34
N VAL I 830 -32.46 -44.20 133.67
CA VAL I 830 -31.53 -44.29 132.56
C VAL I 830 -30.13 -44.53 133.09
N LEU I 831 -29.85 -44.09 134.31
CA LEU I 831 -28.48 -44.03 134.79
C LEU I 831 -27.94 -45.40 135.20
N MET I 832 -28.79 -46.35 135.51
CA MET I 832 -28.29 -47.61 136.03
C MET I 832 -28.85 -48.83 135.32
N SER I 833 -30.12 -48.79 134.93
CA SER I 833 -30.68 -49.89 134.17
C SER I 833 -30.12 -49.96 132.77
N LEU I 834 -29.66 -48.84 132.20
CA LEU I 834 -28.97 -48.92 130.92
C LEU I 834 -27.57 -49.49 131.07
N ILE I 835 -26.92 -49.30 132.22
CA ILE I 835 -25.64 -49.93 132.46
C ILE I 835 -25.81 -51.44 132.53
N ARG I 836 -26.84 -51.89 133.23
CA ARG I 836 -27.07 -53.32 133.31
C ARG I 836 -27.58 -53.89 132.00
N GLU I 837 -28.29 -53.09 131.19
CA GLU I 837 -28.61 -53.57 129.86
C GLU I 837 -27.37 -53.60 128.98
N ALA I 838 -26.41 -52.72 129.23
CA ALA I 838 -25.15 -52.76 128.51
C ALA I 838 -24.32 -53.97 128.89
N MET I 839 -24.49 -54.52 130.09
CA MET I 839 -23.86 -55.82 130.32
C MET I 839 -24.70 -56.99 129.87
N GLY I 840 -26.01 -56.82 129.72
CA GLY I 840 -26.83 -57.90 129.23
C GLY I 840 -28.03 -57.47 128.40
N PRO I 841 -28.10 -57.94 127.15
CA PRO I 841 -29.27 -57.64 126.33
C PRO I 841 -30.39 -58.66 126.45
N GLY I 842 -31.59 -58.20 126.74
CA GLY I 842 -32.72 -59.10 126.87
C GLY I 842 -32.65 -59.93 128.15
N TYR I 843 -33.25 -61.13 128.07
CA TYR I 843 -33.24 -62.23 129.04
C TYR I 843 -33.64 -61.86 130.46
N THR I 844 -34.20 -60.67 130.67
CA THR I 844 -34.44 -60.15 132.01
C THR I 844 -35.82 -59.52 132.01
N VAL I 845 -36.65 -59.92 132.97
CA VAL I 845 -38.02 -59.40 133.02
C VAL I 845 -38.01 -57.98 133.56
N ALA I 846 -37.57 -57.81 134.80
CA ALA I 846 -37.54 -56.49 135.42
C ALA I 846 -36.40 -55.64 134.91
N ASN I 847 -35.48 -56.23 134.14
CA ASN I 847 -34.21 -55.76 133.58
C ASN I 847 -33.12 -55.68 134.66
N THR I 848 -33.46 -55.81 135.94
CA THR I 848 -32.54 -55.77 137.07
C THR I 848 -32.80 -56.97 137.95
N SER I 849 -32.82 -58.14 137.33
CA SER I 849 -33.37 -59.33 137.96
C SER I 849 -32.42 -59.77 139.07
N SER I 850 -32.63 -59.18 140.26
CA SER I 850 -31.91 -59.30 141.53
C SER I 850 -30.53 -58.67 141.51
N ILE I 851 -30.08 -58.09 140.39
CA ILE I 851 -28.68 -57.70 140.30
C ILE I 851 -28.46 -56.36 141.02
N ALA I 852 -29.50 -55.52 141.09
CA ALA I 852 -29.40 -54.31 141.90
C ALA I 852 -29.34 -54.66 143.39
N LYS I 853 -30.07 -55.70 143.79
CA LYS I 853 -29.96 -56.22 145.15
C LYS I 853 -28.54 -56.69 145.43
N GLN I 854 -27.97 -57.46 144.50
CA GLN I 854 -26.61 -57.98 144.68
C GLN I 854 -25.60 -56.86 144.80
N LEU I 855 -25.70 -55.85 143.95
CA LEU I 855 -24.73 -54.76 143.96
C LEU I 855 -24.88 -53.90 145.21
N PHE I 856 -26.13 -53.68 145.64
CA PHE I 856 -26.37 -52.89 146.84
C PHE I 856 -25.89 -53.61 148.09
N LYS I 857 -26.08 -54.94 148.12
CA LYS I 857 -25.51 -55.75 149.19
C LYS I 857 -23.99 -55.72 149.17
N SER I 858 -23.41 -55.56 147.99
CA SER I 858 -21.95 -55.53 147.90
C SER I 858 -21.36 -54.24 148.42
N LEU I 859 -22.05 -53.12 148.23
CA LEU I 859 -21.34 -51.86 148.36
C LEU I 859 -21.18 -51.32 149.79
N ILE I 860 -21.20 -52.20 150.79
CA ILE I 860 -20.73 -51.81 152.11
C ILE I 860 -19.24 -51.55 152.11
N TYR I 861 -18.51 -52.13 151.15
CA TYR I 861 -17.06 -52.05 151.11
C TYR I 861 -16.65 -50.98 150.10
N ILE I 862 -17.00 -49.74 150.43
CA ILE I 862 -16.65 -48.64 149.55
C ILE I 862 -15.48 -47.88 150.15
N ASN I 863 -14.96 -46.92 149.42
CA ASN I 863 -13.61 -46.41 149.65
C ASN I 863 -13.61 -44.90 149.49
N GLU I 864 -12.42 -44.36 149.32
CA GLU I 864 -12.18 -42.93 149.20
C GLU I 864 -12.44 -42.46 147.78
N ASN I 865 -12.28 -41.15 147.56
CA ASN I 865 -12.11 -40.66 146.22
C ASN I 865 -10.69 -40.94 145.74
N THR I 866 -10.50 -40.86 144.43
CA THR I 866 -9.18 -41.03 143.86
C THR I 866 -8.29 -39.84 144.19
N LYS I 867 -7.10 -40.11 144.72
CA LYS I 867 -6.15 -39.09 145.09
C LYS I 867 -4.85 -39.30 144.32
N ILE I 868 -4.12 -38.22 144.10
CA ILE I 868 -2.73 -38.34 143.68
C ILE I 868 -1.89 -38.50 144.94
N LEU I 869 -0.78 -39.23 144.85
CA LEU I 869 0.21 -39.19 145.91
C LEU I 869 1.57 -38.93 145.28
N GLU I 870 2.36 -38.10 145.92
CA GLU I 870 3.78 -38.05 145.59
C GLU I 870 4.54 -39.05 146.43
N VAL I 871 5.66 -39.49 145.89
CA VAL I 871 6.62 -40.30 146.59
C VAL I 871 7.98 -39.67 146.32
N GLU I 872 8.55 -39.03 147.33
CA GLU I 872 9.94 -38.59 147.27
C GLU I 872 10.76 -39.70 147.91
N VAL I 873 11.58 -40.35 147.13
CA VAL I 873 12.44 -41.38 147.68
C VAL I 873 13.83 -41.20 147.09
N SER I 874 14.84 -41.43 147.92
CA SER I 874 16.17 -41.45 147.38
C SER I 874 16.48 -42.84 146.86
N LEU I 875 17.58 -42.96 146.15
CA LEU I 875 17.90 -44.20 145.48
C LEU I 875 18.46 -45.22 146.47
N ASP I 876 18.83 -46.38 145.94
CA ASP I 876 19.70 -47.30 146.65
C ASP I 876 21.03 -46.62 146.99
N PRO I 877 21.69 -47.01 148.08
CA PRO I 877 22.87 -46.26 148.52
C PRO I 877 24.04 -46.30 147.55
N ALA I 878 24.14 -47.39 146.77
CA ALA I 878 25.20 -47.51 145.79
C ALA I 878 25.03 -46.57 144.62
N GLN I 879 23.85 -45.99 144.44
CA GLN I 879 23.67 -44.87 143.53
C GLN I 879 23.50 -43.55 144.25
N ARG I 880 23.24 -43.58 145.55
CA ARG I 880 23.21 -42.37 146.36
C ARG I 880 24.59 -41.74 146.45
N HIS I 881 25.64 -42.56 146.38
CA HIS I 881 27.02 -42.12 146.59
C HIS I 881 27.51 -40.92 145.78
N GLY I 882 27.54 -41.03 144.46
CA GLY I 882 28.34 -40.08 143.71
C GLY I 882 27.70 -38.75 143.43
N ASN I 883 27.66 -37.84 144.42
CA ASN I 883 27.01 -36.53 144.34
C ASN I 883 25.54 -36.70 143.95
N SER I 884 24.91 -37.70 144.56
CA SER I 884 23.51 -37.99 144.33
C SER I 884 22.77 -38.17 145.65
N VAL I 885 23.38 -37.73 146.75
CA VAL I 885 22.78 -37.84 148.07
C VAL I 885 21.52 -36.98 148.13
N HIS I 886 21.59 -35.79 147.54
CA HIS I 886 20.45 -34.91 147.38
C HIS I 886 19.93 -35.05 145.95
N PHE I 887 19.17 -36.12 145.71
CA PHE I 887 18.58 -36.32 144.39
C PHE I 887 17.06 -36.40 144.41
N GLN I 888 16.48 -37.27 145.26
CA GLN I 888 15.03 -37.31 145.54
C GLN I 888 14.19 -37.60 144.29
N SER I 889 14.25 -38.86 143.86
CA SER I 889 13.34 -39.37 142.84
C SER I 889 11.89 -39.09 143.21
N LEU I 890 11.13 -38.68 142.20
CA LEU I 890 9.73 -38.28 142.34
C LEU I 890 8.85 -39.29 141.60
N GLN I 891 7.89 -39.86 142.32
CA GLN I 891 6.94 -40.80 141.76
C GLN I 891 5.52 -40.33 142.06
N HIS I 892 4.72 -40.12 141.02
CA HIS I 892 3.30 -39.89 141.25
C HIS I 892 2.58 -41.21 141.14
N ILE I 893 1.72 -41.48 142.10
CA ILE I 893 1.06 -42.77 142.23
C ILE I 893 -0.42 -42.52 142.45
N LEU I 894 -1.24 -43.16 141.63
CA LEU I 894 -2.68 -42.88 141.60
C LEU I 894 -3.34 -43.69 142.70
N TYR I 895 -3.52 -43.06 143.85
CA TYR I 895 -4.11 -43.72 144.99
C TYR I 895 -5.60 -43.89 144.77
N ASN I 896 -6.05 -45.15 144.88
CA ASN I 896 -7.47 -45.54 144.91
C ASN I 896 -8.18 -45.15 143.63
N GLY I 897 -7.44 -45.10 142.53
CA GLY I 897 -8.00 -44.91 141.22
C GLY I 897 -8.04 -46.21 140.44
N LEU I 898 -8.12 -46.08 139.13
CA LEU I 898 -8.22 -47.28 138.31
C LEU I 898 -7.66 -47.00 136.93
N CYS I 899 -7.03 -48.04 136.37
CA CYS I 899 -6.66 -48.01 134.97
C CYS I 899 -7.92 -48.03 134.13
N LEU I 900 -7.82 -47.48 132.93
CA LEU I 900 -8.97 -47.30 132.07
C LEU I 900 -8.49 -47.53 130.65
N ILE I 901 -9.34 -48.13 129.82
CA ILE I 901 -8.87 -48.46 128.49
C ILE I 901 -9.89 -48.10 127.43
N SER I 902 -11.09 -47.70 127.83
CA SER I 902 -12.10 -47.49 126.82
C SER I 902 -12.93 -46.24 127.08
N PRO I 903 -13.28 -45.49 126.02
CA PRO I 903 -13.91 -44.19 126.20
C PRO I 903 -15.27 -44.23 126.86
N ILE I 904 -15.32 -43.74 128.09
CA ILE I 904 -16.52 -43.80 128.90
C ILE I 904 -17.48 -42.70 128.46
N THR I 905 -18.75 -43.06 128.29
CA THR I 905 -19.78 -42.15 127.82
C THR I 905 -20.86 -41.91 128.84
N THR I 906 -21.33 -42.96 129.52
CA THR I 906 -22.46 -42.81 130.44
C THR I 906 -22.04 -42.05 131.70
N LEU I 907 -20.85 -42.33 132.23
CA LEU I 907 -20.43 -41.81 133.52
C LEU I 907 -19.36 -40.73 133.37
N ARG I 908 -19.48 -39.92 132.32
CA ARG I 908 -18.55 -38.80 132.13
C ARG I 908 -18.69 -37.77 133.22
N ARG I 909 -19.84 -37.71 133.87
CA ARG I 909 -20.00 -36.82 135.01
C ARG I 909 -19.15 -37.27 136.19
N TYR I 910 -18.85 -38.57 136.28
CA TYR I 910 -18.32 -39.15 137.50
C TYR I 910 -16.92 -39.69 137.35
N TYR I 911 -16.38 -39.72 136.13
CA TYR I 911 -15.05 -40.28 135.88
C TYR I 911 -14.15 -39.24 135.23
N GLN I 912 -13.12 -38.81 135.94
CA GLN I 912 -12.11 -37.94 135.37
C GLN I 912 -10.97 -38.76 134.81
N PRO I 913 -10.58 -38.54 133.56
CA PRO I 913 -9.33 -39.14 133.08
C PRO I 913 -8.12 -38.43 133.68
N ILE I 914 -7.19 -39.21 134.20
CA ILE I 914 -6.00 -38.64 134.83
C ILE I 914 -4.77 -39.12 134.10
N PRO I 915 -4.24 -38.39 133.14
CA PRO I 915 -2.93 -38.75 132.56
C PRO I 915 -1.80 -38.32 133.49
N PHE I 916 -1.13 -39.31 134.08
CA PHE I 916 -0.12 -38.99 135.09
C PHE I 916 1.23 -39.64 134.82
N HIS I 917 1.27 -40.73 134.08
CA HIS I 917 2.51 -41.47 133.96
C HIS I 917 3.00 -41.45 132.52
N ARG I 918 4.23 -41.94 132.32
CA ARG I 918 4.76 -42.26 131.01
C ARG I 918 3.82 -43.19 130.26
N PHE I 919 3.54 -44.33 130.87
CA PHE I 919 2.47 -45.21 130.41
C PHE I 919 1.14 -44.62 130.88
N PHE I 920 0.05 -45.31 130.56
CA PHE I 920 -1.29 -45.01 131.10
C PHE I 920 -1.75 -43.59 130.80
N SER I 921 -1.46 -43.12 129.60
CA SER I 921 -1.80 -41.74 129.25
C SER I 921 -2.26 -41.63 127.80
N ASP I 922 -3.19 -42.49 127.39
CA ASP I 922 -3.64 -42.53 125.99
C ASP I 922 -4.44 -41.29 125.63
N PRO I 923 -3.99 -40.50 124.63
CA PRO I 923 -4.73 -39.28 124.29
C PRO I 923 -6.04 -39.56 123.60
N GLY I 924 -6.10 -40.60 122.77
CA GLY I 924 -7.35 -40.98 122.16
C GLY I 924 -8.38 -41.48 123.16
N ILE I 925 -7.95 -41.94 124.32
CA ILE I 925 -8.89 -42.26 125.39
C ILE I 925 -9.27 -41.01 126.16
N CYS I 926 -8.27 -40.18 126.46
CA CYS I 926 -8.49 -39.05 127.37
C CYS I 926 -9.35 -37.96 126.74
N GLY I 927 -9.13 -37.69 125.45
CA GLY I 927 -9.87 -36.66 124.75
C GLY I 927 -11.30 -37.03 124.41
N THR I 928 -11.69 -38.25 124.69
CA THR I 928 -13.09 -38.61 124.56
C THR I 928 -13.85 -38.42 125.86
N MET I 929 -13.21 -38.64 127.00
CA MET I 929 -13.88 -38.30 128.26
C MET I 929 -13.91 -36.80 128.47
N ASN I 930 -12.84 -36.08 128.12
CA ASN I 930 -12.84 -34.65 128.31
C ASN I 930 -12.85 -33.92 126.97
N ALA I 931 -13.69 -32.90 126.87
CA ALA I 931 -13.72 -32.03 125.71
C ALA I 931 -12.57 -31.04 125.68
N ASP I 932 -11.91 -30.81 126.81
CA ASP I 932 -10.81 -29.85 126.85
C ASP I 932 -9.56 -30.39 126.19
N ILE I 933 -9.29 -31.68 126.38
CA ILE I 933 -8.20 -32.31 125.65
C ILE I 933 -8.57 -32.40 124.17
N GLN I 934 -9.85 -32.56 123.86
CA GLN I 934 -10.25 -32.78 122.48
C GLN I 934 -10.07 -31.52 121.64
N VAL I 935 -10.33 -30.34 122.22
CA VAL I 935 -9.99 -29.12 121.49
C VAL I 935 -8.51 -28.84 121.57
N PHE I 936 -7.80 -29.44 122.53
CA PHE I 936 -6.35 -29.27 122.58
C PHE I 936 -5.67 -30.07 121.49
N LEU I 937 -6.09 -31.32 121.30
CA LEU I 937 -5.49 -32.14 120.25
C LEU I 937 -5.92 -31.68 118.88
N ASN I 938 -7.14 -31.14 118.75
CA ASN I 938 -7.58 -30.65 117.45
C ASN I 938 -6.92 -29.35 117.04
N THR I 939 -6.23 -28.68 117.96
CA THR I 939 -5.37 -27.57 117.58
C THR I 939 -3.92 -27.99 117.39
N PHE I 940 -3.49 -29.08 118.02
CA PHE I 940 -2.09 -29.51 117.94
C PHE I 940 -2.12 -31.01 117.72
N PRO I 941 -2.25 -31.46 116.47
CA PRO I 941 -2.53 -32.87 116.21
C PRO I 941 -1.35 -33.79 116.44
N HIS I 942 -0.13 -33.26 116.47
CA HIS I 942 1.02 -34.11 116.66
C HIS I 942 1.19 -34.57 118.09
N TYR I 943 0.37 -34.10 119.01
CA TYR I 943 0.36 -34.68 120.34
C TYR I 943 -0.64 -35.80 120.49
N GLN I 944 -1.20 -36.29 119.40
CA GLN I 944 -2.14 -37.40 119.51
C GLN I 944 -1.41 -38.74 119.48
N ARG I 945 -0.10 -38.70 119.45
CA ARG I 945 0.69 -39.90 119.29
C ARG I 945 0.81 -40.67 120.60
N ASN I 946 0.65 -41.97 120.52
CA ASN I 946 0.82 -42.81 121.70
C ASN I 946 2.27 -43.06 122.06
N ASP I 947 3.20 -42.70 121.18
CA ASP I 947 4.54 -43.28 121.27
C ASP I 947 5.38 -42.59 122.33
N GLY I 948 5.68 -41.33 122.14
CA GLY I 948 6.49 -40.58 123.05
C GLY I 948 5.69 -40.05 124.20
N GLY I 949 6.09 -38.89 124.68
CA GLY I 949 5.31 -38.22 125.69
C GLY I 949 4.63 -36.99 125.16
N PHE I 950 3.33 -37.04 124.95
CA PHE I 950 2.60 -35.80 124.78
C PHE I 950 2.45 -35.20 126.18
N PRO I 951 2.31 -33.88 126.31
CA PRO I 951 2.53 -33.25 127.62
C PRO I 951 1.51 -33.66 128.67
N LEU I 952 2.02 -34.19 129.77
CA LEU I 952 1.28 -34.37 130.99
C LEU I 952 1.10 -33.01 131.64
N PRO I 953 0.26 -32.88 132.67
CA PRO I 953 0.24 -31.64 133.46
C PRO I 953 1.60 -31.35 134.05
N PRO I 954 2.07 -30.10 133.93
CA PRO I 954 3.46 -29.76 134.26
C PRO I 954 3.90 -30.06 135.68
N PRO I 955 3.01 -30.15 136.68
CA PRO I 955 3.45 -30.80 137.91
C PRO I 955 3.61 -32.31 137.79
N LEU I 956 3.01 -32.95 136.80
CA LEU I 956 3.20 -34.38 136.66
C LEU I 956 4.36 -34.74 135.75
N ALA I 957 4.63 -33.91 134.76
CA ALA I 957 5.65 -34.21 133.75
C ALA I 957 7.01 -33.79 134.29
N LEU I 958 7.59 -34.68 135.09
CA LEU I 958 8.94 -34.50 135.62
C LEU I 958 9.75 -35.68 135.14
N GLU I 959 10.27 -35.58 133.91
CA GLU I 959 10.83 -36.74 133.24
C GLU I 959 12.15 -37.15 133.85
N PHE I 960 13.04 -36.20 134.11
CA PHE I 960 14.33 -36.56 134.69
C PHE I 960 14.21 -37.01 136.13
N TYR I 961 13.10 -36.73 136.79
CA TYR I 961 12.87 -37.19 138.15
C TYR I 961 12.03 -38.44 138.23
N ASN I 962 11.50 -38.94 137.12
CA ASN I 962 10.81 -40.22 137.17
C ASN I 962 11.81 -41.36 137.26
N TRP I 963 11.29 -42.56 137.31
CA TRP I 963 12.12 -43.72 137.10
C TRP I 963 12.05 -44.18 135.65
N GLN I 964 10.89 -44.06 135.04
CA GLN I 964 10.67 -44.46 133.66
C GLN I 964 10.79 -43.21 132.79
N ARG I 965 11.82 -43.17 131.97
CA ARG I 965 12.04 -42.07 131.05
C ARG I 965 11.33 -42.34 129.74
N THR I 966 11.66 -41.55 128.74
CA THR I 966 11.11 -41.68 127.39
C THR I 966 11.30 -43.05 126.71
N PRO I 967 12.48 -43.70 126.69
CA PRO I 967 12.63 -44.85 125.79
C PRO I 967 11.85 -46.08 126.19
N PHE I 968 11.35 -46.16 127.42
CA PHE I 968 10.38 -47.19 127.76
C PHE I 968 9.12 -47.06 126.92
N SER I 969 8.55 -45.85 126.89
CA SER I 969 7.36 -45.64 126.07
C SER I 969 7.69 -45.74 124.59
N VAL I 970 8.89 -45.34 124.20
CA VAL I 970 9.27 -45.42 122.79
C VAL I 970 9.34 -46.88 122.33
N TYR I 971 9.85 -47.76 123.19
CA TYR I 971 9.85 -49.18 122.84
C TYR I 971 8.45 -49.77 122.92
N SER I 972 7.69 -49.41 123.94
CA SER I 972 6.37 -49.97 124.14
C SER I 972 5.37 -49.49 123.10
N ALA I 973 5.73 -48.44 122.36
CA ALA I 973 4.90 -47.98 121.25
C ALA I 973 4.73 -49.03 120.19
N PHE I 974 5.81 -49.68 119.77
CA PHE I 974 5.75 -50.57 118.63
C PHE I 974 6.29 -51.95 118.94
N CYS I 975 6.38 -52.30 120.21
CA CYS I 975 6.83 -53.64 120.53
C CYS I 975 5.80 -54.67 120.12
N PRO I 976 6.21 -55.78 119.52
CA PRO I 976 5.26 -56.83 119.15
C PRO I 976 4.81 -57.59 120.38
N ASN I 977 3.54 -58.00 120.37
CA ASN I 977 2.86 -58.42 121.57
C ASN I 977 3.05 -59.90 121.86
N SER I 978 4.29 -60.38 121.88
CA SER I 978 4.54 -61.82 121.87
C SER I 978 5.58 -62.21 122.90
N LEU I 979 5.42 -61.70 124.11
CA LEU I 979 6.07 -62.14 125.35
C LEU I 979 7.56 -61.86 125.43
N LEU I 980 8.22 -61.66 124.28
CA LEU I 980 9.56 -61.13 124.33
C LEU I 980 9.53 -59.67 124.72
N SER I 981 8.45 -58.98 124.35
CA SER I 981 8.29 -57.60 124.77
C SER I 981 8.08 -57.51 126.27
N ILE I 982 7.32 -58.43 126.84
CA ILE I 982 7.07 -58.41 128.28
C ILE I 982 8.35 -58.74 129.04
N MET I 983 9.03 -59.80 128.62
CA MET I 983 10.30 -60.15 129.24
C MET I 983 11.35 -59.08 129.02
N THR I 984 11.27 -58.32 127.93
CA THR I 984 12.31 -57.33 127.72
C THR I 984 11.99 -56.00 128.37
N LEU I 985 10.74 -55.72 128.70
CA LEU I 985 10.50 -54.61 129.61
C LEU I 985 10.99 -54.94 131.00
N ALA I 986 10.79 -56.21 131.42
CA ALA I 986 11.40 -56.65 132.66
C ALA I 986 12.92 -56.61 132.60
N ALA I 987 13.50 -56.84 131.43
CA ALA I 987 14.95 -56.78 131.31
C ALA I 987 15.46 -55.35 131.30
N MET I 988 14.78 -54.45 130.60
CA MET I 988 15.14 -53.04 130.58
C MET I 988 14.96 -52.37 131.92
N HIS I 989 14.21 -52.98 132.84
CA HIS I 989 14.19 -52.43 134.19
C HIS I 989 15.45 -52.70 135.01
N SER I 990 16.45 -53.41 134.49
CA SER I 990 17.65 -53.70 135.27
C SER I 990 18.49 -52.45 135.49
N LYS I 991 19.20 -52.40 136.61
CA LYS I 991 19.78 -51.15 137.10
C LYS I 991 21.21 -50.95 136.59
N LEU I 992 21.73 -49.74 136.82
CA LEU I 992 23.09 -49.36 136.48
C LEU I 992 23.92 -49.04 137.72
N SER I 993 23.60 -49.68 138.83
CA SER I 993 24.41 -49.55 140.02
C SER I 993 25.76 -50.24 139.82
N PRO I 994 26.80 -49.81 140.54
CA PRO I 994 28.04 -50.60 140.55
C PRO I 994 27.87 -52.02 141.02
N VAL I 995 27.03 -52.25 142.03
CA VAL I 995 26.82 -53.62 142.47
C VAL I 995 25.98 -54.37 141.46
N ALA I 996 25.16 -53.67 140.68
CA ALA I 996 24.41 -54.31 139.62
C ALA I 996 25.34 -54.75 138.50
N ILE I 997 26.30 -53.90 138.14
CA ILE I 997 27.34 -54.28 137.18
C ILE I 997 28.12 -55.47 137.68
N ALA I 998 28.45 -55.48 138.97
CA ALA I 998 29.22 -56.56 139.57
C ALA I 998 28.48 -57.89 139.50
N ILE I 999 27.20 -57.90 139.87
CA ILE I 999 26.53 -59.19 139.91
C ILE I 999 26.00 -59.61 138.55
N GLN I 1000 25.81 -58.69 137.61
CA GLN I 1000 25.55 -59.13 136.25
C GLN I 1000 26.80 -59.73 135.61
N SER I 1001 27.97 -59.19 135.93
CA SER I 1001 29.20 -59.82 135.49
C SER I 1001 29.40 -61.16 136.18
N LYS I 1002 28.90 -61.31 137.41
CA LYS I 1002 28.92 -62.61 138.06
C LYS I 1002 28.03 -63.62 137.34
N SER I 1003 26.84 -63.18 136.94
CA SER I 1003 25.89 -64.07 136.28
C SER I 1003 26.05 -64.09 134.77
N LYS I 1004 27.14 -63.54 134.24
CA LYS I 1004 27.52 -63.60 132.82
C LYS I 1004 26.51 -62.92 131.91
N ILE I 1005 25.79 -61.93 132.41
CA ILE I 1005 24.79 -61.22 131.64
C ILE I 1005 25.43 -59.95 131.11
N HIS I 1006 25.30 -59.72 129.83
CA HIS I 1006 25.98 -58.60 129.22
C HIS I 1006 25.32 -57.29 129.62
N PRO I 1007 26.03 -56.36 130.23
CA PRO I 1007 25.44 -55.05 130.54
C PRO I 1007 25.51 -54.17 129.31
N GLY I 1008 25.01 -52.95 129.44
CA GLY I 1008 24.97 -52.06 128.31
C GLY I 1008 26.25 -51.30 128.08
N PHE I 1009 27.38 -51.99 127.96
CA PHE I 1009 28.64 -51.32 127.73
C PHE I 1009 29.43 -52.07 126.68
N ALA I 1010 30.54 -51.46 126.29
CA ALA I 1010 31.59 -52.11 125.58
C ALA I 1010 32.86 -51.42 126.02
N ALA I 1011 34.01 -51.91 125.56
CA ALA I 1011 35.22 -51.27 126.03
C ALA I 1011 36.32 -51.40 124.99
N THR I 1012 37.17 -50.38 124.93
CA THR I 1012 38.35 -50.37 124.08
C THR I 1012 39.54 -50.53 125.01
N LEU I 1013 39.97 -51.76 125.23
CA LEU I 1013 41.09 -52.01 126.09
C LEU I 1013 42.37 -51.63 125.35
N VAL I 1014 43.11 -50.69 125.90
CA VAL I 1014 44.39 -50.28 125.34
C VAL I 1014 45.49 -50.88 126.20
N ARG I 1015 46.67 -51.00 125.61
CA ARG I 1015 47.80 -51.63 126.27
C ARG I 1015 49.07 -51.28 125.51
N THR I 1016 50.08 -50.78 126.19
CA THR I 1016 51.33 -50.60 125.51
C THR I 1016 52.19 -51.84 125.72
N ASP I 1017 53.07 -52.08 124.76
CA ASP I 1017 53.97 -53.23 124.81
C ASP I 1017 55.34 -52.75 124.36
N ASN I 1018 56.35 -53.17 125.09
CA ASN I 1018 57.70 -52.72 124.84
C ASN I 1018 58.53 -53.84 124.26
N PHE I 1019 59.35 -53.48 123.30
CA PHE I 1019 60.05 -54.40 122.43
C PHE I 1019 61.55 -54.15 122.53
N ASP I 1020 62.32 -55.23 122.46
CA ASP I 1020 63.76 -55.13 122.28
C ASP I 1020 64.04 -54.89 120.80
N VAL I 1021 64.70 -53.79 120.51
CA VAL I 1021 64.99 -53.37 119.15
C VAL I 1021 66.44 -52.96 119.07
N GLU I 1022 67.12 -53.44 118.04
CA GLU I 1022 68.40 -52.86 117.66
C GLU I 1022 68.21 -51.95 116.48
N CYS I 1023 68.97 -50.88 116.45
CA CYS I 1023 68.52 -49.69 115.73
C CYS I 1023 69.76 -48.93 115.28
N LEU I 1024 70.11 -49.04 114.00
CA LEU I 1024 71.40 -48.57 113.53
C LEU I 1024 71.34 -47.15 112.99
N LEU I 1025 72.47 -46.47 113.08
CA LEU I 1025 72.56 -45.03 112.89
C LEU I 1025 73.56 -44.70 111.79
N TYR I 1026 73.24 -43.65 111.04
CA TYR I 1026 74.15 -43.06 110.06
C TYR I 1026 74.41 -41.62 110.44
N SER I 1027 75.59 -41.12 110.10
CA SER I 1027 75.86 -39.71 110.21
C SER I 1027 76.86 -39.33 109.14
N SER I 1028 76.67 -38.17 108.52
CA SER I 1028 77.65 -37.67 107.58
C SER I 1028 78.92 -37.30 108.32
N ARG I 1029 80.05 -37.35 107.63
CA ARG I 1029 81.33 -37.24 108.33
C ARG I 1029 81.57 -35.80 108.76
N ALA I 1030 82.16 -35.66 109.95
CA ALA I 1030 82.48 -34.37 110.58
C ALA I 1030 81.27 -33.47 110.70
N ALA I 1031 80.13 -34.06 111.08
CA ALA I 1031 78.89 -33.30 111.20
C ALA I 1031 78.88 -32.41 112.43
N THR I 1032 79.69 -32.72 113.43
CA THR I 1032 79.62 -32.03 114.70
C THR I 1032 80.97 -32.08 115.38
N SER I 1033 81.37 -30.96 115.98
CA SER I 1033 82.67 -30.86 116.61
C SER I 1033 82.56 -30.84 118.12
N ILE I 1034 83.59 -31.41 118.74
CA ILE I 1034 83.72 -31.54 120.17
C ILE I 1034 84.88 -30.68 120.59
N ILE I 1035 84.62 -29.59 121.29
CA ILE I 1035 85.69 -28.83 121.90
C ILE I 1035 85.73 -29.19 123.38
N LEU I 1036 86.91 -29.52 123.87
CA LEU I 1036 86.98 -30.11 125.20
C LEU I 1036 88.17 -29.59 125.99
N ASP I 1037 88.08 -29.77 127.30
CA ASP I 1037 89.16 -29.41 128.19
C ASP I 1037 90.16 -30.54 128.37
N ASP I 1038 91.35 -30.17 128.81
CA ASP I 1038 92.23 -31.10 129.47
C ASP I 1038 91.51 -31.61 130.71
N PRO I 1039 91.45 -32.93 130.93
CA PRO I 1039 90.80 -33.47 132.13
C PRO I 1039 91.41 -32.94 133.42
N THR I 1040 90.58 -32.31 134.22
CA THR I 1040 91.02 -31.74 135.48
C THR I 1040 90.96 -32.78 136.58
N VAL I 1041 91.90 -32.67 137.50
CA VAL I 1041 92.16 -33.66 138.53
C VAL I 1041 91.90 -33.03 139.88
N THR I 1042 91.04 -33.65 140.67
CA THR I 1042 90.84 -33.19 142.03
C THR I 1042 90.86 -34.37 142.97
N ALA I 1043 91.20 -34.10 144.22
CA ALA I 1043 91.52 -35.15 145.18
C ALA I 1043 90.90 -34.80 146.52
N GLU I 1044 89.96 -35.63 146.98
CA GLU I 1044 89.37 -35.46 148.28
C GLU I 1044 89.94 -36.51 149.22
N ALA I 1045 90.42 -36.07 150.37
CA ALA I 1045 91.12 -36.94 151.31
C ALA I 1045 90.24 -37.19 152.52
N LYS I 1046 89.58 -38.34 152.53
CA LYS I 1046 88.75 -38.72 153.67
C LYS I 1046 89.59 -39.45 154.71
N ASP I 1047 88.91 -39.97 155.74
CA ASP I 1047 89.63 -40.60 156.84
C ASP I 1047 90.06 -42.02 156.51
N ILE I 1048 89.26 -42.76 155.75
CA ILE I 1048 89.55 -44.15 155.47
C ILE I 1048 89.91 -44.37 154.00
N VAL I 1049 89.50 -43.50 153.09
CA VAL I 1049 89.85 -43.59 151.68
C VAL I 1049 90.31 -42.22 151.22
N THR I 1050 90.87 -42.19 150.02
CA THR I 1050 91.10 -40.94 149.29
C THR I 1050 90.53 -41.11 147.90
N THR I 1051 89.64 -40.21 147.52
CA THR I 1051 88.93 -40.30 146.26
C THR I 1051 89.57 -39.34 145.27
N TYR I 1052 89.88 -39.85 144.09
CA TYR I 1052 90.40 -39.04 143.00
C TYR I 1052 89.31 -38.93 141.95
N ASN I 1053 89.04 -37.70 141.53
CA ASN I 1053 87.95 -37.41 140.61
C ASN I 1053 88.53 -36.70 139.40
N PHE I 1054 88.26 -37.24 138.23
CA PHE I 1054 88.72 -36.68 136.98
C PHE I 1054 87.50 -36.15 136.25
N THR I 1055 87.43 -34.85 136.04
CA THR I 1055 86.33 -34.28 135.28
C THR I 1055 86.84 -33.78 133.95
N GLN I 1056 85.92 -33.63 133.01
CA GLN I 1056 86.28 -33.16 131.68
C GLN I 1056 85.06 -32.51 131.05
N HIS I 1057 85.25 -31.29 130.58
CA HIS I 1057 84.18 -30.54 129.94
C HIS I 1057 84.20 -30.79 128.45
N LEU I 1058 83.03 -31.04 127.88
CA LEU I 1058 82.86 -31.26 126.47
C LEU I 1058 81.84 -30.25 125.99
N SER I 1059 81.97 -29.81 124.75
CA SER I 1059 80.96 -28.95 124.18
C SER I 1059 80.80 -29.33 122.72
N PHE I 1060 79.56 -29.54 122.33
CA PHE I 1060 79.20 -30.09 121.04
C PHE I 1060 78.58 -28.98 120.21
N VAL I 1061 79.21 -28.66 119.09
CA VAL I 1061 78.62 -27.76 118.11
C VAL I 1061 78.18 -28.59 116.91
N ASP I 1062 77.05 -28.21 116.34
CA ASP I 1062 76.41 -28.96 115.26
C ASP I 1062 76.59 -28.16 113.99
N MET I 1063 77.38 -28.65 113.05
CA MET I 1063 77.79 -27.80 111.96
C MET I 1063 76.98 -28.00 110.68
N GLY I 1064 75.95 -28.83 110.70
CA GLY I 1064 75.06 -28.97 109.56
C GLY I 1064 73.77 -28.21 109.76
N LEU I 1065 73.24 -27.66 108.67
CA LEU I 1065 71.93 -27.01 108.74
C LEU I 1065 70.82 -28.03 108.89
N GLY I 1066 70.68 -28.92 107.92
CA GLY I 1066 69.67 -29.95 107.98
C GLY I 1066 70.06 -31.07 108.93
N PHE I 1067 69.39 -32.21 108.77
CA PHE I 1067 69.72 -33.35 109.61
C PHE I 1067 70.88 -34.09 109.00
N SER I 1068 72.04 -33.93 109.61
CA SER I 1068 73.26 -34.60 109.19
C SER I 1068 73.43 -35.96 109.83
N SER I 1069 72.37 -36.49 110.45
CA SER I 1069 72.46 -37.78 111.12
C SER I 1069 71.09 -38.41 111.18
N THR I 1070 70.99 -39.68 110.79
CA THR I 1070 69.71 -40.39 110.76
C THR I 1070 69.81 -41.70 111.52
N THR I 1071 68.64 -42.33 111.69
CA THR I 1071 68.50 -43.51 112.52
C THR I 1071 67.32 -44.32 112.02
N ALA I 1072 67.46 -45.65 111.92
CA ALA I 1072 66.29 -46.47 111.66
C ALA I 1072 66.35 -47.77 112.45
N THR I 1073 65.16 -48.23 112.85
CA THR I 1073 65.01 -49.54 113.47
C THR I 1073 65.39 -50.63 112.50
N ALA I 1074 66.18 -51.60 112.96
CA ALA I 1074 66.61 -52.67 112.08
C ALA I 1074 65.98 -54.01 112.45
N ASN I 1075 66.11 -54.45 113.70
CA ASN I 1075 65.78 -55.83 114.01
C ASN I 1075 65.19 -55.91 115.41
N LEU I 1076 64.08 -56.63 115.54
CA LEU I 1076 63.67 -57.09 116.85
C LEU I 1076 64.67 -58.07 117.41
N LYS I 1077 64.94 -57.96 118.71
CA LYS I 1077 65.58 -59.06 119.42
C LYS I 1077 64.52 -59.96 120.03
N ARG I 1078 63.73 -59.41 120.94
CA ARG I 1078 62.69 -60.15 121.65
C ARG I 1078 61.60 -59.17 122.05
N ILE I 1079 60.52 -59.71 122.57
CA ILE I 1079 59.50 -58.91 123.22
C ILE I 1079 59.67 -59.07 124.73
N LYS I 1080 59.79 -57.96 125.44
CA LYS I 1080 59.87 -58.06 126.89
C LYS I 1080 58.49 -57.96 127.54
N SER I 1081 57.46 -57.67 126.77
CA SER I 1081 56.11 -57.59 127.30
C SER I 1081 55.43 -58.95 127.27
N ASP I 1082 54.31 -59.03 127.96
CA ASP I 1082 53.51 -60.25 128.03
C ASP I 1082 52.54 -60.34 126.86
N MET I 1083 51.94 -59.21 126.48
CA MET I 1083 50.66 -59.16 125.78
C MET I 1083 49.63 -60.00 126.51
N GLY I 1084 49.57 -59.83 127.82
CA GLY I 1084 48.68 -60.60 128.68
C GLY I 1084 47.37 -59.91 128.95
N SER I 1085 46.79 -60.19 130.11
CA SER I 1085 45.48 -59.64 130.44
C SER I 1085 45.39 -59.16 131.88
N LYS I 1086 46.48 -58.70 132.47
CA LYS I 1086 46.39 -58.10 133.79
C LYS I 1086 45.89 -56.69 133.61
N ILE I 1087 44.59 -56.49 133.89
CA ILE I 1087 43.95 -55.19 133.71
C ILE I 1087 44.43 -54.20 134.76
N GLN I 1088 44.26 -52.92 134.46
CA GLN I 1088 44.71 -51.88 135.36
C GLN I 1088 43.73 -51.75 136.50
N ASN I 1089 44.20 -52.03 137.71
CA ASN I 1089 43.35 -52.00 138.90
C ASN I 1089 43.24 -50.56 139.36
N LEU I 1090 42.09 -49.93 139.08
CA LEU I 1090 41.89 -48.57 139.54
C LEU I 1090 41.72 -48.47 141.05
N PHE I 1091 41.39 -49.57 141.72
CA PHE I 1091 41.36 -49.51 143.19
C PHE I 1091 42.74 -49.38 143.77
N SER I 1092 43.75 -49.91 143.10
CA SER I 1092 45.11 -49.64 143.51
C SER I 1092 45.67 -48.40 142.83
N ALA I 1093 45.01 -47.89 141.80
CA ALA I 1093 45.51 -46.68 141.16
C ALA I 1093 45.06 -45.43 141.90
N PHE I 1094 43.83 -45.39 142.36
CA PHE I 1094 43.30 -44.26 143.11
C PHE I 1094 43.02 -44.73 144.52
N PRO I 1095 44.01 -44.72 145.41
CA PRO I 1095 43.86 -45.40 146.69
C PRO I 1095 43.08 -44.64 147.73
N ILE I 1096 42.74 -43.38 147.47
CA ILE I 1096 41.99 -42.59 148.43
C ILE I 1096 40.49 -42.62 148.16
N HIS I 1097 40.06 -42.80 146.92
CA HIS I 1097 38.66 -42.78 146.57
C HIS I 1097 37.94 -44.03 147.08
N ALA I 1098 36.69 -43.83 147.46
CA ALA I 1098 35.90 -44.87 148.09
C ALA I 1098 34.44 -44.45 147.99
N PHE I 1099 33.55 -45.40 148.25
CA PHE I 1099 32.13 -45.07 148.25
C PHE I 1099 31.76 -44.36 149.55
N THR I 1100 30.50 -43.94 149.63
CA THR I 1100 30.07 -43.24 150.84
C THR I 1100 29.83 -44.21 151.98
N ASN I 1101 29.16 -45.32 151.70
CA ASN I 1101 28.79 -46.28 152.73
C ASN I 1101 29.83 -47.38 152.88
N THR I 1102 30.21 -47.63 154.13
CA THR I 1102 31.29 -48.57 154.41
C THR I 1102 30.90 -50.00 154.08
N ASP I 1103 29.61 -50.33 154.21
CA ASP I 1103 29.13 -51.65 153.84
C ASP I 1103 29.32 -51.91 152.36
N ILE I 1104 28.93 -50.94 151.53
CA ILE I 1104 29.08 -51.08 150.08
C ILE I 1104 30.54 -51.05 149.69
N ASN I 1105 31.34 -50.21 150.35
CA ASN I 1105 32.77 -50.14 150.06
C ASN I 1105 33.47 -51.46 150.34
N THR I 1106 33.15 -52.06 151.49
CA THR I 1106 33.76 -53.34 151.83
C THR I 1106 33.26 -54.45 150.93
N TRP I 1107 31.99 -54.38 150.53
CA TRP I 1107 31.46 -55.39 149.63
C TRP I 1107 32.07 -55.27 148.24
N ILE I 1108 32.36 -54.04 147.80
CA ILE I 1108 32.95 -53.85 146.48
C ILE I 1108 34.40 -54.31 146.46
N ARG I 1109 35.16 -54.01 147.52
CA ARG I 1109 36.52 -54.52 147.62
C ARG I 1109 36.54 -56.05 147.62
N HIS I 1110 35.65 -56.66 148.40
CA HIS I 1110 35.56 -58.11 148.46
C HIS I 1110 35.18 -58.71 147.11
N HIS I 1111 34.25 -58.08 146.40
CA HIS I 1111 33.82 -58.72 145.17
C HIS I 1111 34.82 -58.52 144.04
N VAL I 1112 35.41 -57.32 143.90
CA VAL I 1112 36.37 -57.14 142.80
C VAL I 1112 37.70 -57.79 143.10
N GLY I 1113 37.93 -58.23 144.33
CA GLY I 1113 39.06 -59.13 144.53
C GLY I 1113 40.37 -58.42 144.68
N ILE I 1114 40.40 -57.45 145.58
CA ILE I 1114 41.63 -56.84 146.05
C ILE I 1114 41.66 -57.00 147.57
N GLU I 1115 42.84 -57.24 148.12
CA GLU I 1115 43.02 -57.28 149.56
C GLU I 1115 43.32 -55.86 150.04
N LYS I 1116 43.74 -55.72 151.31
CA LYS I 1116 44.09 -54.48 151.99
C LYS I 1116 42.94 -53.47 151.92
N PRO I 1117 41.88 -53.63 152.73
CA PRO I 1117 40.72 -52.73 152.65
C PRO I 1117 41.03 -51.29 153.02
N ASN I 1118 41.59 -51.07 154.21
CA ASN I 1118 42.04 -49.73 154.51
C ASN I 1118 43.57 -49.66 154.52
N PRO I 1119 44.18 -48.58 154.03
CA PRO I 1119 45.63 -48.55 153.83
C PRO I 1119 46.45 -48.16 155.06
N SER I 1120 45.96 -48.46 156.28
CA SER I 1120 46.50 -47.97 157.56
C SER I 1120 46.54 -46.46 157.53
N GLU I 1121 45.34 -45.88 157.46
CA GLU I 1121 45.10 -44.58 156.84
C GLU I 1121 45.78 -43.43 157.59
N GLY I 1122 46.15 -43.65 158.85
CA GLY I 1122 46.80 -42.65 159.67
C GLY I 1122 48.06 -42.00 159.13
N GLU I 1123 49.04 -42.78 158.70
CA GLU I 1123 50.26 -42.23 158.15
C GLU I 1123 50.63 -42.76 156.77
N ALA I 1124 50.31 -44.03 156.47
CA ALA I 1124 50.64 -44.63 155.19
C ALA I 1124 49.81 -44.08 154.05
N LEU I 1125 48.80 -43.25 154.33
CA LEU I 1125 48.12 -42.52 153.26
C LEU I 1125 49.11 -41.59 152.55
N ASN I 1126 49.91 -40.85 153.31
CA ASN I 1126 50.96 -40.02 152.72
C ASN I 1126 52.03 -40.88 152.05
N ILE I 1127 52.34 -42.05 152.61
CA ILE I 1127 53.41 -42.88 152.07
C ILE I 1127 53.01 -43.46 150.72
N ILE I 1128 51.81 -44.04 150.65
CA ILE I 1128 51.39 -44.71 149.42
C ILE I 1128 51.10 -43.68 148.33
N THR I 1129 50.54 -42.52 148.69
CA THR I 1129 50.39 -41.48 147.68
C THR I 1129 51.71 -40.77 147.37
N PHE I 1130 52.71 -40.90 148.26
CA PHE I 1130 54.05 -40.38 148.03
C PHE I 1130 54.83 -41.26 147.08
N GLY I 1131 54.46 -42.53 146.98
CA GLY I 1131 55.02 -43.41 145.96
C GLY I 1131 55.78 -44.60 146.51
N GLY I 1132 55.14 -45.75 146.49
CA GLY I 1132 55.77 -47.00 146.89
C GLY I 1132 55.09 -48.16 146.19
N ILE I 1133 55.83 -49.27 146.10
CA ILE I 1133 55.30 -50.46 145.44
C ILE I 1133 54.34 -51.17 146.39
N ASN I 1134 53.62 -52.17 145.85
CA ASN I 1134 52.77 -53.02 146.66
C ASN I 1134 53.55 -53.94 147.59
N LYS I 1135 54.87 -54.05 147.39
CA LYS I 1135 55.79 -54.92 148.12
C LYS I 1135 55.41 -56.40 147.96
N ASN I 1136 54.72 -56.72 146.88
CA ASN I 1136 54.29 -58.08 146.56
C ASN I 1136 54.46 -58.30 145.06
N PRO I 1137 55.65 -58.69 144.61
CA PRO I 1137 55.78 -59.18 143.26
C PRO I 1137 55.15 -60.56 143.15
N PRO I 1138 54.74 -60.97 141.95
CA PRO I 1138 54.22 -62.32 141.78
C PRO I 1138 55.32 -63.36 142.01
N SER I 1139 54.95 -64.44 142.70
CA SER I 1139 55.92 -65.49 142.98
C SER I 1139 56.38 -66.17 141.71
N ILE I 1140 55.47 -66.31 140.74
CA ILE I 1140 55.81 -66.91 139.46
C ILE I 1140 55.47 -65.91 138.37
N LEU I 1141 56.33 -65.85 137.36
CA LEU I 1141 56.18 -64.93 136.24
C LEU I 1141 56.86 -65.55 135.04
N LEU I 1142 56.15 -65.60 133.92
CA LEU I 1142 56.65 -66.34 132.78
C LEU I 1142 56.87 -65.53 131.52
N HIS I 1143 56.38 -64.29 131.45
CA HIS I 1143 56.42 -63.59 130.18
C HIS I 1143 56.81 -62.12 130.26
N GLY I 1144 57.21 -61.60 131.42
CA GLY I 1144 57.60 -60.21 131.49
C GLY I 1144 56.54 -59.25 131.98
N GLN I 1145 56.51 -58.04 131.43
CA GLN I 1145 55.65 -56.96 131.88
C GLN I 1145 54.30 -56.97 131.17
N GLN I 1146 53.28 -56.44 131.86
CA GLN I 1146 51.96 -56.25 131.28
C GLN I 1146 51.14 -55.25 132.10
N ALA I 1147 50.23 -54.53 131.42
CA ALA I 1147 49.21 -53.69 132.03
C ALA I 1147 48.22 -53.28 130.95
N ILE I 1148 46.93 -53.26 131.28
CA ILE I 1148 45.89 -52.94 130.30
C ILE I 1148 44.93 -51.93 130.90
N CYS I 1149 44.82 -50.77 130.26
CA CYS I 1149 43.91 -49.71 130.69
C CYS I 1149 42.51 -49.95 130.18
N GLU I 1150 41.65 -48.95 130.24
CA GLU I 1150 40.22 -49.20 130.14
C GLU I 1150 39.45 -47.95 129.74
N VAL I 1151 38.73 -48.00 128.63
CA VAL I 1151 37.81 -46.95 128.24
C VAL I 1151 36.44 -47.57 128.10
N ILE I 1152 35.44 -46.98 128.71
CA ILE I 1152 34.09 -47.51 128.65
C ILE I 1152 33.43 -46.95 127.41
N LEU I 1153 32.52 -47.71 126.80
CA LEU I 1153 31.99 -47.34 125.51
C LEU I 1153 30.64 -47.99 125.25
N THR I 1154 29.82 -47.29 124.47
CA THR I 1154 28.57 -47.67 123.82
C THR I 1154 28.65 -49.04 123.16
N PRO I 1155 27.60 -49.83 123.20
CA PRO I 1155 27.58 -51.10 122.45
C PRO I 1155 27.14 -50.91 121.01
N VAL I 1156 27.12 -49.68 120.53
CA VAL I 1156 26.65 -49.36 119.20
C VAL I 1156 27.81 -49.03 118.27
N THR I 1157 29.00 -48.76 118.82
CA THR I 1157 30.17 -48.27 118.08
C THR I 1157 30.55 -49.17 116.93
N THR I 1158 30.70 -48.57 115.76
CA THR I 1158 30.93 -49.33 114.54
C THR I 1158 32.32 -49.94 114.56
N ASN I 1159 32.40 -51.24 114.25
CA ASN I 1159 33.70 -51.88 114.16
C ASN I 1159 34.51 -51.31 113.00
N ILE I 1160 33.98 -51.42 111.79
CA ILE I 1160 34.78 -51.25 110.59
C ILE I 1160 35.16 -49.81 110.38
N ASN I 1161 34.42 -48.88 110.98
CA ASN I 1161 34.90 -47.51 111.05
C ASN I 1161 36.07 -47.38 112.03
N PHE I 1162 36.09 -48.20 113.08
CA PHE I 1162 36.94 -47.84 114.22
C PHE I 1162 38.00 -48.88 114.55
N PHE I 1163 37.63 -50.14 114.78
CA PHE I 1163 38.58 -51.04 115.41
C PHE I 1163 39.47 -51.78 114.43
N LYS I 1164 39.24 -51.65 113.14
CA LYS I 1164 39.98 -52.45 112.18
C LYS I 1164 41.16 -51.71 111.59
N LEU I 1165 41.50 -50.55 112.13
CA LEU I 1165 42.48 -49.64 111.56
C LEU I 1165 43.32 -49.04 112.68
N PRO I 1166 44.55 -48.62 112.39
CA PRO I 1166 45.29 -47.81 113.36
C PRO I 1166 44.60 -46.49 113.59
N HIS I 1167 44.12 -46.30 114.81
CA HIS I 1167 43.14 -45.27 115.04
C HIS I 1167 43.24 -44.86 116.50
N ASN I 1168 42.83 -43.64 116.78
CA ASN I 1168 42.91 -43.12 118.14
C ASN I 1168 41.78 -43.70 118.97
N PRO I 1169 42.05 -44.27 120.14
CA PRO I 1169 40.96 -44.73 121.00
C PRO I 1169 40.29 -43.65 121.81
N ARG I 1170 40.55 -42.38 121.52
CA ARG I 1170 39.72 -41.32 122.04
C ARG I 1170 38.39 -41.27 121.31
N GLY I 1171 38.31 -41.88 120.15
CA GLY I 1171 37.16 -41.76 119.29
C GLY I 1171 37.36 -40.66 118.29
N ARG I 1172 37.30 -39.41 118.72
CA ARG I 1172 37.64 -38.31 117.84
C ARG I 1172 39.14 -38.26 117.72
N GLU I 1173 39.64 -38.34 116.49
CA GLU I 1173 41.06 -38.47 116.27
C GLU I 1173 41.75 -37.14 116.55
N SER I 1174 42.92 -37.20 117.15
CA SER I 1174 43.53 -36.04 117.80
C SER I 1174 45.00 -35.91 117.43
N CYS I 1175 45.31 -35.94 116.14
CA CYS I 1175 46.69 -35.77 115.71
C CYS I 1175 46.90 -34.33 115.29
N MET I 1176 47.90 -33.68 115.86
CA MET I 1176 48.12 -32.27 115.57
C MET I 1176 48.78 -32.03 114.23
N MET I 1177 49.00 -33.05 113.43
CA MET I 1177 49.55 -32.86 112.10
C MET I 1177 48.51 -32.35 111.11
N GLY I 1178 47.28 -32.10 111.53
CA GLY I 1178 46.29 -31.54 110.63
C GLY I 1178 45.82 -30.18 111.08
N THR I 1179 46.05 -29.86 112.34
CA THR I 1179 45.57 -28.62 112.92
C THR I 1179 46.54 -27.51 112.59
N ASP I 1180 46.01 -26.32 112.32
CA ASP I 1180 46.75 -25.09 112.12
C ASP I 1180 47.70 -24.85 113.29
N PRO I 1181 49.01 -24.79 113.05
CA PRO I 1181 49.94 -24.59 114.15
C PRO I 1181 49.85 -23.21 114.76
N HIS I 1182 50.16 -23.15 116.05
CA HIS I 1182 50.13 -21.94 116.88
C HIS I 1182 48.75 -21.30 116.91
N ASN I 1183 47.71 -22.14 117.03
CA ASN I 1183 46.34 -21.62 117.16
C ASN I 1183 45.62 -22.52 118.16
N GLU I 1184 45.70 -22.16 119.44
CA GLU I 1184 45.18 -23.02 120.49
C GLU I 1184 43.65 -23.05 120.52
N GLU I 1185 43.01 -21.98 120.04
CA GLU I 1185 41.55 -21.97 119.97
C GLU I 1185 41.05 -22.98 118.96
N ALA I 1186 41.61 -22.95 117.75
CA ALA I 1186 41.26 -23.95 116.74
C ALA I 1186 41.74 -25.33 117.15
N ALA I 1187 42.78 -25.40 117.98
CA ALA I 1187 43.23 -26.69 118.48
C ALA I 1187 42.20 -27.33 119.41
N ARG I 1188 41.68 -26.56 120.37
CA ARG I 1188 40.66 -27.10 121.26
C ARG I 1188 39.36 -27.36 120.52
N LYS I 1189 39.06 -26.56 119.50
CA LYS I 1189 37.92 -26.86 118.65
C LYS I 1189 38.15 -28.14 117.87
N ALA I 1190 39.40 -28.46 117.56
CA ALA I 1190 39.66 -29.72 116.89
C ALA I 1190 39.49 -30.90 117.83
N LEU I 1191 40.01 -30.80 119.05
CA LEU I 1191 39.90 -31.96 119.92
C LEU I 1191 38.54 -32.10 120.56
N TYR I 1192 37.71 -31.07 120.52
CA TYR I 1192 36.46 -31.15 121.25
C TYR I 1192 35.20 -30.88 120.45
N ASP I 1193 35.20 -29.92 119.53
CA ASP I 1193 33.94 -29.42 118.99
C ASP I 1193 33.31 -30.44 118.07
N HIS I 1194 32.01 -30.65 118.25
CA HIS I 1194 31.25 -31.56 117.43
C HIS I 1194 30.23 -30.84 116.59
N THR I 1195 30.21 -29.51 116.63
CA THR I 1195 29.55 -28.75 115.58
C THR I 1195 30.26 -29.00 114.27
N GLN I 1196 31.58 -28.96 114.28
CA GLN I 1196 32.33 -29.45 113.14
C GLN I 1196 32.27 -30.96 113.11
N THR I 1197 32.58 -31.52 111.96
CA THR I 1197 32.72 -32.96 111.86
C THR I 1197 34.17 -33.36 112.11
N ASP I 1198 34.35 -34.65 112.34
CA ASP I 1198 35.67 -35.23 112.24
C ASP I 1198 36.00 -35.45 110.77
N SER I 1199 37.25 -35.77 110.49
CA SER I 1199 37.56 -36.40 109.23
C SER I 1199 37.12 -37.86 109.28
N ASP I 1200 37.23 -38.53 108.13
CA ASP I 1200 37.07 -39.96 107.90
C ASP I 1200 35.63 -40.49 107.96
N THR I 1201 34.66 -39.69 108.43
CA THR I 1201 33.28 -40.17 108.47
C THR I 1201 32.38 -38.93 108.44
N PHE I 1202 31.07 -39.16 108.38
CA PHE I 1202 30.09 -38.17 108.83
C PHE I 1202 29.84 -38.32 110.31
N ALA I 1203 30.88 -38.37 111.11
CA ALA I 1203 30.68 -38.70 112.51
C ALA I 1203 31.73 -37.95 113.29
N ALA I 1204 31.28 -37.00 114.09
CA ALA I 1204 32.20 -36.21 114.89
C ALA I 1204 32.83 -37.01 116.00
N THR I 1205 32.22 -38.13 116.37
CA THR I 1205 32.60 -38.85 117.58
C THR I 1205 32.24 -40.32 117.37
N THR I 1206 33.13 -41.21 117.76
CA THR I 1206 32.76 -42.60 117.92
C THR I 1206 32.78 -43.07 119.36
N ASN I 1207 33.37 -42.30 120.28
CA ASN I 1207 33.29 -42.57 121.72
C ASN I 1207 32.75 -41.33 122.41
N PRO I 1208 31.44 -41.15 122.51
CA PRO I 1208 30.91 -39.94 123.13
C PRO I 1208 31.01 -39.90 124.65
N TRP I 1209 31.60 -40.91 125.28
CA TRP I 1209 32.02 -40.74 126.67
C TRP I 1209 33.52 -40.72 126.82
N ALA I 1210 34.25 -40.49 125.74
CA ALA I 1210 35.68 -40.36 125.87
C ALA I 1210 36.19 -39.12 125.17
N SER I 1211 35.50 -38.72 124.11
CA SER I 1211 35.93 -37.57 123.33
C SER I 1211 35.56 -36.25 123.98
N LEU I 1212 34.38 -36.19 124.58
CA LEU I 1212 33.82 -34.96 125.06
C LEU I 1212 34.54 -34.44 126.30
N PRO I 1213 34.64 -33.12 126.47
CA PRO I 1213 35.32 -32.58 127.64
C PRO I 1213 34.54 -32.86 128.91
N GLY I 1214 35.23 -33.38 129.91
CA GLY I 1214 34.52 -33.78 131.11
C GLY I 1214 33.72 -35.05 130.98
N SER I 1215 34.07 -35.92 130.06
CA SER I 1215 33.44 -37.22 129.99
C SER I 1215 34.22 -38.19 130.88
N LEU I 1216 33.90 -39.46 130.81
CA LEU I 1216 34.64 -40.42 131.61
C LEU I 1216 36.11 -40.50 131.20
N GLY I 1217 36.43 -40.13 129.96
CA GLY I 1217 37.80 -40.30 129.54
C GLY I 1217 38.59 -39.13 130.09
N ASP I 1218 37.99 -37.95 129.92
CA ASP I 1218 38.64 -36.71 130.31
C ASP I 1218 38.80 -36.61 131.81
N ILE I 1219 37.77 -36.95 132.59
CA ILE I 1219 37.90 -36.81 134.03
C ILE I 1219 38.64 -37.97 134.65
N LEU I 1220 38.99 -38.98 133.87
CA LEU I 1220 39.61 -40.16 134.40
C LEU I 1220 41.07 -40.29 134.05
N TYR I 1221 41.50 -39.76 132.90
CA TYR I 1221 42.85 -39.99 132.42
C TYR I 1221 43.65 -38.73 132.14
N ASN I 1222 42.99 -37.60 131.91
CA ASN I 1222 43.71 -36.35 131.68
C ASN I 1222 44.35 -35.89 132.98
N THR I 1223 45.65 -35.62 132.92
CA THR I 1223 46.40 -35.39 134.15
C THR I 1223 46.09 -34.06 134.82
N ALA I 1224 45.43 -33.14 134.11
CA ALA I 1224 44.96 -31.92 134.77
C ALA I 1224 43.90 -32.23 135.81
N HIS I 1225 43.12 -33.27 135.61
CA HIS I 1225 42.15 -33.68 136.61
C HIS I 1225 42.73 -34.74 137.54
N ARG I 1226 43.63 -35.57 137.00
CA ARG I 1226 44.32 -36.56 137.80
C ARG I 1226 45.16 -35.94 138.91
N GLU I 1227 45.71 -34.75 138.69
CA GLU I 1227 46.54 -34.16 139.74
C GLU I 1227 45.72 -33.62 140.90
N GLN I 1228 44.46 -33.27 140.65
CA GLN I 1228 43.57 -32.94 141.76
C GLN I 1228 43.14 -34.21 142.48
N LEU I 1229 42.81 -35.24 141.72
CA LEU I 1229 42.26 -36.47 142.29
C LEU I 1229 43.40 -37.41 142.66
N CYS I 1230 43.78 -37.43 143.94
CA CYS I 1230 45.07 -37.95 144.41
C CYS I 1230 45.27 -39.44 144.09
N TYR I 1231 46.51 -39.82 143.81
CA TYR I 1231 46.75 -41.08 143.12
C TYR I 1231 48.20 -41.52 143.26
N ASN I 1232 48.41 -42.81 142.99
CA ASN I 1232 49.74 -43.41 142.90
C ASN I 1232 50.47 -42.90 141.69
N PRO I 1233 51.56 -42.14 141.84
CA PRO I 1233 52.29 -41.67 140.66
C PRO I 1233 53.06 -42.76 139.96
N LYS I 1234 53.26 -43.91 140.61
CA LYS I 1234 53.95 -45.02 139.96
C LYS I 1234 53.05 -45.81 139.03
N THR I 1235 51.74 -45.66 139.15
CA THR I 1235 50.81 -46.43 138.33
C THR I 1235 50.89 -45.94 136.90
N TYR I 1236 51.44 -46.77 136.02
CA TYR I 1236 51.59 -46.38 134.63
C TYR I 1236 50.30 -46.66 133.88
N SER I 1237 49.74 -45.61 133.28
CA SER I 1237 48.53 -45.73 132.49
C SER I 1237 48.87 -45.45 131.04
N PRO I 1238 48.62 -46.38 130.12
CA PRO I 1238 49.02 -46.19 128.72
C PRO I 1238 48.10 -45.31 127.91
N ASN I 1239 47.10 -44.68 128.53
CA ASN I 1239 46.10 -43.89 127.84
C ASN I 1239 46.28 -42.39 128.07
N ALA I 1240 47.12 -42.02 129.05
CA ALA I 1240 47.40 -40.61 129.28
C ALA I 1240 48.12 -39.99 128.10
N GLN I 1241 48.89 -40.79 127.37
CA GLN I 1241 49.53 -40.34 126.14
C GLN I 1241 48.53 -39.90 125.09
N PHE I 1242 47.29 -40.38 125.17
CA PHE I 1242 46.26 -39.98 124.23
C PHE I 1242 45.36 -38.92 124.79
N PHE I 1243 45.16 -38.89 126.09
CA PHE I 1243 44.13 -37.99 126.61
C PHE I 1243 44.67 -36.71 127.23
N THR I 1244 45.97 -36.62 127.54
CA THR I 1244 46.46 -35.40 128.17
C THR I 1244 46.62 -34.30 127.13
N GLU I 1245 45.77 -33.29 127.22
CA GLU I 1245 45.76 -32.28 126.18
C GLU I 1245 46.74 -31.15 126.43
N SER I 1246 47.16 -30.96 127.68
CA SER I 1246 48.22 -30.02 127.96
C SER I 1246 49.53 -30.46 127.32
N ASP I 1247 49.71 -31.76 127.09
CA ASP I 1247 50.85 -32.27 126.36
C ASP I 1247 50.53 -32.56 124.90
N ILE I 1248 49.53 -31.87 124.33
CA ILE I 1248 49.33 -31.94 122.89
C ILE I 1248 49.17 -30.52 122.36
N LEU I 1249 48.82 -29.59 123.26
CA LEU I 1249 48.83 -28.21 122.82
C LEU I 1249 50.23 -27.64 122.82
N LYS I 1250 51.19 -28.33 123.42
CA LYS I 1250 52.59 -28.06 123.16
C LYS I 1250 53.10 -28.84 121.95
N THR I 1251 52.22 -29.57 121.27
CA THR I 1251 52.58 -30.22 120.02
C THR I 1251 52.04 -29.46 118.81
N ASN I 1252 51.01 -28.65 119.00
CA ASN I 1252 50.60 -27.74 117.92
C ASN I 1252 51.62 -26.63 117.75
N LYS I 1253 52.69 -26.95 117.01
CA LYS I 1253 53.78 -26.01 116.72
C LYS I 1253 54.23 -26.23 115.29
N MET I 1254 55.36 -25.59 114.93
CA MET I 1254 56.07 -25.91 113.71
C MET I 1254 56.48 -27.37 113.70
N MET I 1255 56.56 -27.95 112.50
CA MET I 1255 56.72 -29.39 112.38
C MET I 1255 58.14 -29.84 112.70
N TYR I 1256 59.14 -29.04 112.33
CA TYR I 1256 60.50 -29.36 112.75
C TYR I 1256 60.69 -29.17 114.25
N LYS I 1257 60.00 -28.20 114.85
CA LYS I 1257 59.99 -28.09 116.29
C LYS I 1257 59.37 -29.31 116.94
N VAL I 1258 58.32 -29.85 116.30
CA VAL I 1258 57.67 -31.06 116.79
C VAL I 1258 58.64 -32.23 116.78
N ILE I 1259 59.33 -32.43 115.66
CA ILE I 1259 60.11 -33.66 115.59
C ILE I 1259 61.44 -33.51 116.32
N ASN I 1260 61.97 -32.29 116.45
CA ASN I 1260 63.11 -32.08 117.32
C ASN I 1260 62.74 -32.28 118.78
N GLU I 1261 61.56 -31.81 119.20
CA GLU I 1261 61.11 -32.07 120.55
C GLU I 1261 60.84 -33.54 120.77
N TYR I 1262 60.38 -34.25 119.74
CA TYR I 1262 60.19 -35.69 119.82
C TYR I 1262 61.51 -36.41 120.04
N CYS I 1263 62.46 -36.22 119.13
CA CYS I 1263 63.71 -36.96 119.24
C CYS I 1263 64.60 -36.45 120.36
N MET I 1264 64.30 -35.27 120.92
CA MET I 1264 64.96 -34.84 122.13
C MET I 1264 64.30 -35.44 123.36
N LYS I 1265 63.00 -35.76 123.26
CA LYS I 1265 62.32 -36.52 124.30
C LYS I 1265 62.58 -38.00 124.06
N SER I 1266 63.80 -38.39 124.40
CA SER I 1266 64.22 -39.78 124.38
C SER I 1266 65.10 -40.06 125.57
N ASN I 1267 64.79 -39.37 126.69
CA ASN I 1267 65.48 -39.59 127.95
C ASN I 1267 65.24 -40.99 128.48
N SER I 1268 64.08 -41.58 128.13
CA SER I 1268 63.70 -42.95 128.46
C SER I 1268 63.67 -43.18 129.97
N CYS I 1269 62.74 -42.47 130.61
CA CYS I 1269 62.44 -42.77 131.99
C CYS I 1269 61.77 -44.14 132.14
N LEU I 1270 61.14 -44.66 131.09
CA LEU I 1270 60.45 -45.93 131.14
C LEU I 1270 61.46 -47.07 131.18
N ASN I 1271 61.50 -47.79 132.29
CA ASN I 1271 62.32 -49.00 132.37
C ASN I 1271 61.61 -50.15 131.69
N SER I 1272 62.32 -51.26 131.57
CA SER I 1272 61.74 -52.51 131.10
C SER I 1272 62.12 -53.63 132.04
N ASP I 1273 61.91 -53.39 133.33
CA ASP I 1273 62.30 -54.31 134.39
C ASP I 1273 61.14 -54.44 135.37
N SER I 1274 61.30 -55.41 136.28
CA SER I 1274 60.49 -55.58 137.49
C SER I 1274 59.01 -55.84 137.22
N GLU I 1275 58.71 -56.94 136.52
CA GLU I 1275 57.48 -57.73 136.52
C GLU I 1275 56.19 -57.01 136.11
N ILE I 1276 56.22 -55.69 135.94
CA ILE I 1276 55.01 -54.92 135.68
C ILE I 1276 55.44 -53.57 135.17
N GLN I 1277 54.54 -52.86 134.50
CA GLN I 1277 54.86 -51.55 133.95
C GLN I 1277 54.65 -50.50 135.04
N TYR I 1278 55.74 -50.03 135.63
CA TYR I 1278 55.64 -48.81 136.40
C TYR I 1278 55.90 -47.63 135.49
N SER I 1279 55.80 -46.44 136.05
CA SER I 1279 56.23 -45.23 135.35
C SER I 1279 57.21 -44.57 136.30
N CYS I 1280 58.45 -45.03 136.28
CA CYS I 1280 59.50 -44.35 137.00
C CYS I 1280 60.02 -43.22 136.12
N SER I 1281 60.53 -42.17 136.77
CA SER I 1281 60.72 -40.89 136.09
C SER I 1281 62.10 -40.31 136.38
N GLU I 1282 63.15 -41.06 136.09
CA GLU I 1282 64.51 -40.59 136.29
C GLU I 1282 65.30 -40.35 135.00
N GLY I 1283 65.06 -41.13 133.96
CA GLY I 1283 65.82 -40.98 132.74
C GLY I 1283 67.24 -41.52 132.81
N THR I 1284 67.45 -42.60 133.54
CA THR I 1284 68.75 -43.23 133.64
C THR I 1284 69.02 -44.18 132.50
N ASP I 1285 67.97 -44.84 132.00
CA ASP I 1285 68.05 -45.68 130.81
C ASP I 1285 68.49 -44.84 129.61
N SER I 1286 69.10 -45.51 128.64
CA SER I 1286 69.64 -44.84 127.47
C SER I 1286 68.56 -44.21 126.60
N PHE I 1287 67.73 -45.02 125.95
CA PHE I 1287 66.87 -44.48 124.91
C PHE I 1287 65.64 -45.36 124.74
N VAL I 1288 64.55 -44.73 124.30
CA VAL I 1288 63.32 -45.40 123.94
C VAL I 1288 62.72 -44.58 122.81
N SER I 1289 61.87 -45.21 122.01
CA SER I 1289 61.19 -44.48 120.95
C SER I 1289 59.73 -44.89 120.92
N ARG I 1290 58.85 -43.89 120.81
CA ARG I 1290 57.42 -44.07 121.02
C ARG I 1290 56.64 -43.57 119.82
N PRO I 1291 56.46 -44.41 118.80
CA PRO I 1291 55.75 -43.96 117.60
C PRO I 1291 54.27 -43.76 117.82
N CYS I 1292 53.65 -44.53 118.72
CA CYS I 1292 52.24 -44.30 119.03
C CYS I 1292 52.06 -42.97 119.73
N GLN I 1293 52.99 -42.59 120.60
CA GLN I 1293 53.01 -41.27 121.20
C GLN I 1293 53.12 -40.19 120.14
N PHE I 1294 53.99 -40.40 119.15
CA PHE I 1294 54.20 -39.34 118.16
C PHE I 1294 53.03 -39.21 117.20
N LEU I 1295 52.41 -40.31 116.82
CA LEU I 1295 51.33 -40.28 115.86
C LEU I 1295 49.96 -40.21 116.50
N GLN I 1296 49.90 -40.22 117.84
CA GLN I 1296 48.67 -40.01 118.61
C GLN I 1296 47.58 -41.03 118.29
N ASN I 1297 47.95 -42.26 117.98
CA ASN I 1297 46.96 -43.31 117.79
C ASN I 1297 47.59 -44.66 118.03
N ALA I 1298 46.75 -45.63 118.37
CA ALA I 1298 47.18 -46.96 118.71
C ALA I 1298 46.91 -47.90 117.54
N LEU I 1299 47.22 -49.18 117.72
CA LEU I 1299 47.15 -50.15 116.65
C LEU I 1299 46.15 -51.25 116.98
N PRO I 1300 45.51 -51.85 115.98
CA PRO I 1300 44.65 -52.99 116.26
C PRO I 1300 45.42 -54.30 116.23
N LEU I 1301 45.05 -55.21 117.12
CA LEU I 1301 45.72 -56.50 117.18
C LEU I 1301 44.71 -57.62 116.99
N HIS I 1302 45.25 -58.82 116.82
CA HIS I 1302 44.51 -60.00 116.39
C HIS I 1302 43.66 -60.53 117.54
N CYS I 1303 42.54 -59.87 117.77
CA CYS I 1303 41.58 -60.34 118.75
C CYS I 1303 40.36 -60.87 118.01
N SER I 1304 39.52 -61.60 118.74
CA SER I 1304 38.32 -62.17 118.13
C SER I 1304 37.25 -62.32 119.20
N SER I 1305 36.09 -62.80 118.78
CA SER I 1305 34.97 -62.87 119.69
C SER I 1305 34.71 -64.25 120.25
N ASN I 1306 35.07 -65.33 119.54
CA ASN I 1306 35.11 -66.63 120.18
C ASN I 1306 36.13 -67.56 119.52
N GLN I 1307 36.35 -68.69 120.20
CA GLN I 1307 37.39 -69.63 119.81
C GLN I 1307 37.09 -70.31 118.49
N ALA I 1308 35.81 -70.43 118.13
CA ALA I 1308 35.47 -71.02 116.84
C ALA I 1308 35.96 -70.15 115.70
N LEU I 1309 35.94 -68.82 115.88
CA LEU I 1309 36.58 -67.97 114.89
C LEU I 1309 38.09 -68.02 115.01
N LEU I 1310 38.60 -68.12 116.23
CA LEU I 1310 40.04 -68.03 116.41
C LEU I 1310 40.75 -69.28 115.88
N GLU I 1311 40.07 -70.42 115.89
CA GLU I 1311 40.63 -71.62 115.30
C GLU I 1311 40.74 -71.52 113.80
N SER I 1312 39.74 -70.92 113.14
CA SER I 1312 39.83 -70.77 111.70
C SER I 1312 40.88 -69.74 111.31
N ARG I 1313 41.05 -68.70 112.14
CA ARG I 1313 42.17 -67.80 111.93
C ARG I 1313 43.50 -68.53 112.06
N SER I 1314 43.61 -69.45 113.02
CA SER I 1314 44.87 -70.18 113.17
C SER I 1314 45.09 -71.16 112.04
N LYS I 1315 44.02 -71.73 111.49
CA LYS I 1315 44.17 -72.66 110.38
C LYS I 1315 44.60 -71.95 109.11
N THR I 1316 43.94 -70.85 108.78
CA THR I 1316 44.29 -70.15 107.56
C THR I 1316 45.56 -69.32 107.70
N GLY I 1317 45.94 -68.91 108.91
CA GLY I 1317 47.05 -68.00 109.06
C GLY I 1317 46.74 -66.59 108.64
N ASN I 1318 45.46 -66.26 108.45
CA ASN I 1318 45.05 -64.98 107.89
C ASN I 1318 44.86 -63.98 109.02
N THR I 1319 45.98 -63.48 109.54
CA THR I 1319 45.93 -62.50 110.62
C THR I 1319 45.73 -61.09 110.13
N GLN I 1320 45.79 -60.85 108.83
CA GLN I 1320 45.68 -59.49 108.32
C GLN I 1320 44.25 -59.12 107.98
N ILE I 1321 43.50 -60.05 107.40
CA ILE I 1321 42.16 -59.75 106.91
C ILE I 1321 41.16 -59.92 108.03
N SER I 1322 40.49 -58.83 108.41
CA SER I 1322 39.49 -58.88 109.45
C SER I 1322 38.22 -59.53 108.92
N GLU I 1323 37.66 -60.44 109.70
CA GLU I 1323 36.51 -61.22 109.26
C GLU I 1323 35.44 -61.15 110.35
N THR I 1324 34.18 -61.22 109.93
CA THR I 1324 33.06 -61.06 110.87
C THR I 1324 32.01 -62.12 110.62
N HIS I 1325 31.56 -62.77 111.68
CA HIS I 1325 30.45 -63.72 111.64
C HIS I 1325 29.20 -62.91 111.94
N TYR I 1326 28.10 -63.54 112.37
CA TYR I 1326 26.83 -62.86 112.60
C TYR I 1326 26.89 -61.69 113.57
N CYS I 1327 27.14 -61.97 114.84
CA CYS I 1327 27.41 -60.93 115.81
C CYS I 1327 28.82 -61.02 116.35
N ASN I 1328 29.49 -62.13 116.12
CA ASN I 1328 30.87 -62.33 116.54
C ASN I 1328 31.80 -61.78 115.48
N TYR I 1329 32.85 -61.11 115.91
CA TYR I 1329 33.78 -60.46 115.02
C TYR I 1329 35.18 -61.00 115.21
N ALA I 1330 36.07 -60.60 114.30
CA ALA I 1330 37.48 -60.95 114.42
C ALA I 1330 38.28 -59.83 113.79
N ILE I 1331 39.11 -59.19 114.58
CA ILE I 1331 39.82 -58.00 114.17
C ILE I 1331 41.18 -58.40 113.63
N GLY I 1332 41.56 -57.87 112.47
CA GLY I 1332 42.81 -58.25 111.85
C GLY I 1332 43.99 -57.54 112.48
N GLU I 1333 45.07 -58.28 112.66
CA GLU I 1333 46.31 -57.74 113.20
C GLU I 1333 46.95 -56.82 112.16
N THR I 1334 47.56 -55.73 112.62
CA THR I 1334 48.10 -54.76 111.68
C THR I 1334 49.61 -54.84 111.52
N ILE I 1335 50.32 -55.52 112.42
CA ILE I 1335 51.74 -55.79 112.25
C ILE I 1335 51.98 -57.26 112.57
N PRO I 1336 52.38 -58.07 111.62
CA PRO I 1336 52.47 -59.53 111.85
C PRO I 1336 53.71 -59.93 112.62
N LEU I 1337 53.78 -59.48 113.88
CA LEU I 1337 55.00 -59.63 114.66
C LEU I 1337 55.29 -61.07 115.05
N GLN I 1338 54.28 -61.93 115.07
CA GLN I 1338 54.53 -63.36 115.18
C GLN I 1338 55.35 -63.86 114.01
N LEU I 1339 54.99 -63.45 112.79
CA LEU I 1339 55.77 -63.83 111.62
C LEU I 1339 57.14 -63.15 111.61
N ILE I 1340 57.24 -61.96 112.21
CA ILE I 1340 58.53 -61.28 112.29
C ILE I 1340 59.49 -62.05 113.18
N ILE I 1341 59.03 -62.44 114.37
CA ILE I 1341 59.86 -63.20 115.30
C ILE I 1341 60.18 -64.59 114.74
N GLU I 1342 59.23 -65.19 114.01
CA GLU I 1342 59.56 -66.46 113.37
C GLU I 1342 60.53 -66.28 112.21
N SER I 1343 60.59 -65.09 111.62
CA SER I 1343 61.59 -64.84 110.59
C SER I 1343 62.98 -64.73 111.17
N SER I 1344 63.12 -64.05 112.32
CA SER I 1344 64.39 -64.14 113.04
C SER I 1344 64.27 -64.99 114.30
N MET J 1 18.16 3.54 -94.64
CA MET J 1 19.42 3.99 -94.07
C MET J 1 19.37 5.50 -93.87
N GLU J 2 19.07 5.92 -92.64
CA GLU J 2 19.03 7.34 -92.28
C GLU J 2 19.71 7.47 -90.91
N ASN J 3 20.96 7.92 -90.92
CA ASN J 3 21.62 8.35 -89.70
C ASN J 3 22.25 9.70 -89.92
N TRP J 4 21.78 10.68 -89.15
CA TRP J 4 22.42 11.97 -89.18
C TRP J 4 23.65 12.00 -88.29
N GLN J 5 23.81 11.02 -87.41
CA GLN J 5 25.02 10.95 -86.60
C GLN J 5 26.23 10.54 -87.42
N ALA J 6 26.03 9.89 -88.57
CA ALA J 6 27.14 9.65 -89.49
C ALA J 6 27.72 10.95 -90.00
N THR J 7 26.85 11.90 -90.38
CA THR J 7 27.32 13.22 -90.77
C THR J 7 27.89 13.97 -89.58
N GLU J 8 27.30 13.80 -88.41
CA GLU J 8 27.76 14.58 -87.25
C GLU J 8 29.06 14.07 -86.66
N ILE J 9 29.48 12.84 -86.95
CA ILE J 9 30.67 12.25 -86.34
C ILE J 9 31.77 12.02 -87.37
N LEU J 10 31.44 11.43 -88.52
CA LEU J 10 32.42 11.03 -89.51
C LEU J 10 33.12 12.25 -90.13
N PRO J 11 34.37 12.10 -90.61
CA PRO J 11 35.11 13.26 -91.09
C PRO J 11 34.54 13.82 -92.37
N LYS J 12 34.60 15.14 -92.49
CA LYS J 12 33.90 15.87 -93.54
C LYS J 12 34.89 16.68 -94.37
N ILE J 13 34.63 16.74 -95.67
CA ILE J 13 35.45 17.52 -96.60
C ILE J 13 34.87 18.93 -96.69
N GLU J 14 35.71 19.93 -96.44
CA GLU J 14 35.27 21.32 -96.54
C GLU J 14 35.06 21.70 -98.00
N ALA J 15 34.27 22.76 -98.20
CA ALA J 15 34.01 23.25 -99.54
C ALA J 15 33.67 24.74 -99.50
N PRO J 16 34.32 25.56 -100.33
CA PRO J 16 33.98 26.98 -100.36
C PRO J 16 32.81 27.31 -101.27
N LEU J 17 31.86 28.09 -100.75
CA LEU J 17 30.66 28.58 -101.45
C LEU J 17 29.79 27.42 -101.95
N ASN J 18 29.25 26.68 -100.99
CA ASN J 18 28.23 25.70 -101.33
C ASN J 18 26.90 26.37 -101.57
N ILE J 19 26.56 27.34 -100.74
CA ILE J 19 25.28 28.04 -100.80
C ILE J 19 25.56 29.50 -101.14
N PHE J 20 24.65 30.11 -101.89
CA PHE J 20 24.73 31.54 -102.12
C PHE J 20 23.71 32.30 -101.31
N ASN J 21 22.46 31.86 -101.36
CA ASN J 21 21.40 32.53 -100.63
C ASN J 21 21.41 32.08 -99.17
N ASP J 22 20.48 32.61 -98.39
CA ASP J 22 20.45 32.33 -96.97
C ASP J 22 19.92 30.92 -96.72
N ILE J 23 20.69 30.12 -95.99
CA ILE J 23 20.24 28.80 -95.62
C ILE J 23 19.07 28.84 -94.66
N LYS J 24 18.90 29.95 -93.94
CA LYS J 24 17.65 30.19 -93.22
C LYS J 24 16.47 30.25 -94.19
N THR J 25 16.64 30.88 -95.34
CA THR J 25 15.55 30.96 -96.30
C THR J 25 15.34 29.62 -97.01
N TYR J 26 16.42 28.88 -97.29
CA TYR J 26 16.27 27.54 -97.84
C TYR J 26 15.51 26.62 -96.89
N THR J 27 15.82 26.69 -95.60
CA THR J 27 15.16 25.85 -94.61
C THR J 27 13.70 26.27 -94.41
N ALA J 28 13.46 27.57 -94.25
CA ALA J 28 12.11 28.05 -93.98
C ALA J 28 11.20 27.98 -95.19
N GLU J 29 11.74 27.92 -96.40
CA GLU J 29 10.93 27.72 -97.58
C GLU J 29 10.92 26.27 -98.04
N GLN J 30 11.70 25.41 -97.38
CA GLN J 30 11.64 23.95 -97.52
C GLN J 30 11.99 23.50 -98.94
N LEU J 31 13.14 23.94 -99.42
CA LEU J 31 13.62 23.46 -100.70
C LEU J 31 14.15 22.04 -100.63
N PHE J 32 14.50 21.57 -99.44
CA PHE J 32 15.05 20.23 -99.28
C PHE J 32 14.01 19.29 -98.70
N ASP J 33 14.01 18.06 -99.22
CA ASP J 33 13.16 17.03 -98.63
C ASP J 33 13.78 16.50 -97.35
N ASN J 34 15.06 16.18 -97.37
CA ASN J 34 15.73 15.53 -96.26
C ASN J 34 16.65 16.53 -95.58
N LEU J 35 16.19 17.10 -94.48
CA LEU J 35 17.03 17.98 -93.67
C LEU J 35 16.77 17.68 -92.22
N ARG J 36 17.68 18.15 -91.37
CA ARG J 36 17.54 18.03 -89.93
C ARG J 36 18.32 19.15 -89.30
N ILE J 37 17.67 19.97 -88.49
CA ILE J 37 18.35 21.05 -87.79
C ILE J 37 18.14 20.88 -86.30
N TYR J 38 19.09 21.40 -85.52
CA TYR J 38 18.94 21.44 -84.08
C TYR J 38 19.63 22.69 -83.57
N PHE J 39 18.94 23.45 -82.72
CA PHE J 39 19.43 24.77 -82.35
C PHE J 39 20.48 24.68 -81.25
N GLY J 40 20.08 24.26 -80.06
CA GLY J 40 21.04 23.96 -79.03
C GLY J 40 21.71 22.63 -79.29
N ASP J 41 22.83 22.40 -78.62
CA ASP J 41 23.66 21.23 -78.90
C ASP J 41 22.95 19.95 -78.51
N ASP J 42 23.01 18.96 -79.40
CA ASP J 42 22.23 17.74 -79.28
C ASP J 42 23.15 16.60 -78.86
N PRO J 43 22.91 15.94 -77.73
CA PRO J 43 23.72 14.78 -77.36
C PRO J 43 23.31 13.48 -78.03
N SER J 44 22.24 13.50 -78.84
CA SER J 44 21.67 12.27 -79.40
C SER J 44 22.59 11.55 -80.37
N ARG J 45 23.66 12.19 -80.82
CA ARG J 45 24.69 11.50 -81.57
C ARG J 45 25.57 10.62 -80.73
N TYR J 46 25.32 10.31 -79.46
CA TYR J 46 26.27 9.50 -78.70
C TYR J 46 25.89 8.04 -78.57
N ASN J 47 24.60 7.69 -78.60
CA ASN J 47 24.20 6.29 -78.45
C ASN J 47 24.48 5.53 -79.75
N ILE J 48 25.73 5.18 -79.94
CA ILE J 48 26.09 4.38 -81.10
C ILE J 48 25.73 2.95 -80.76
N SER J 49 24.51 2.56 -81.07
CA SER J 49 24.04 1.20 -80.86
C SER J 49 23.95 0.49 -82.20
N PHE J 50 24.31 -0.77 -82.21
CA PHE J 50 24.41 -1.45 -83.48
C PHE J 50 23.94 -2.88 -83.34
N GLU J 51 23.51 -3.41 -84.46
CA GLU J 51 23.13 -4.81 -84.58
C GLU J 51 24.35 -5.54 -85.13
N ALA J 52 24.65 -6.73 -84.62
CA ALA J 52 25.80 -7.49 -85.10
C ALA J 52 25.49 -8.98 -85.31
N LEU J 53 26.17 -9.58 -86.28
CA LEU J 53 25.99 -11.00 -86.57
C LEU J 53 27.29 -11.78 -86.45
N LEU J 54 27.25 -12.88 -85.69
CA LEU J 54 28.42 -13.73 -85.49
C LEU J 54 28.78 -14.53 -86.74
N GLY J 55 30.07 -14.80 -86.92
CA GLY J 55 30.53 -15.57 -88.06
C GLY J 55 29.58 -16.62 -88.58
N ILE J 56 29.37 -16.66 -89.90
CA ILE J 56 28.42 -17.57 -90.52
C ILE J 56 28.97 -19.00 -90.49
N TYR J 57 28.16 -19.94 -90.02
CA TYR J 57 28.53 -21.34 -90.00
C TYR J 57 27.70 -22.13 -90.99
N CYS J 58 28.27 -23.22 -91.47
CA CYS J 58 27.61 -24.05 -92.47
C CYS J 58 27.75 -25.52 -92.10
N ASN J 59 27.10 -26.36 -92.88
CA ASN J 59 27.12 -27.79 -92.68
C ASN J 59 28.24 -28.41 -93.49
N LYS J 60 28.76 -29.54 -93.01
CA LYS J 60 29.72 -30.35 -93.74
C LYS J 60 29.04 -31.65 -94.08
N ILE J 61 28.53 -31.75 -95.31
CA ILE J 61 27.91 -32.98 -95.79
C ILE J 61 28.99 -34.05 -95.90
N GLU J 62 28.78 -35.17 -95.22
CA GLU J 62 29.73 -36.26 -95.34
C GLU J 62 29.55 -36.97 -96.68
N TRP J 63 30.60 -37.65 -97.10
CA TRP J 63 30.68 -38.16 -98.46
C TRP J 63 30.72 -39.68 -98.44
N ILE J 64 29.86 -40.30 -99.24
CA ILE J 64 29.60 -41.72 -99.17
C ILE J 64 30.02 -42.36 -100.48
N ASN J 65 31.06 -43.18 -100.43
CA ASN J 65 31.30 -44.10 -101.52
C ASN J 65 30.48 -45.36 -101.32
N PHE J 66 30.29 -46.10 -102.40
CA PHE J 66 29.54 -47.36 -102.29
C PHE J 66 30.36 -48.41 -101.55
N PHE J 67 31.63 -48.54 -101.91
CA PHE J 67 32.48 -49.57 -101.33
C PHE J 67 32.97 -49.23 -99.93
N THR J 68 32.78 -48.00 -99.47
CA THR J 68 32.96 -47.70 -98.06
C THR J 68 31.89 -48.38 -97.23
N THR J 69 30.65 -48.37 -97.71
CA THR J 69 29.54 -48.96 -96.99
C THR J 69 29.64 -50.49 -96.99
N PRO J 70 29.11 -51.16 -95.97
CA PRO J 70 29.24 -52.62 -95.91
C PRO J 70 28.14 -53.35 -96.65
N ILE J 71 27.40 -52.65 -97.50
CA ILE J 71 26.46 -53.30 -98.38
C ILE J 71 27.18 -53.91 -99.59
N ALA J 72 28.42 -53.48 -99.83
CA ALA J 72 29.14 -53.95 -100.99
C ALA J 72 29.60 -55.39 -100.87
N VAL J 73 29.48 -56.00 -99.68
CA VAL J 73 29.81 -57.40 -99.58
C VAL J 73 28.65 -58.26 -100.07
N ALA J 74 27.43 -57.76 -99.95
CA ALA J 74 26.34 -58.36 -100.71
C ALA J 74 26.44 -58.01 -102.17
N ALA J 75 27.06 -56.87 -102.48
CA ALA J 75 27.12 -56.48 -103.88
C ALA J 75 28.27 -57.17 -104.62
N ASN J 76 28.29 -56.97 -105.93
CA ASN J 76 29.39 -57.36 -106.81
C ASN J 76 29.27 -56.45 -108.03
N VAL J 77 30.08 -55.39 -108.08
CA VAL J 77 29.86 -54.28 -108.99
C VAL J 77 30.86 -54.33 -110.13
N ILE J 78 30.36 -54.32 -111.37
CA ILE J 78 31.17 -54.15 -112.57
C ILE J 78 30.58 -52.99 -113.35
N ARG J 79 31.44 -52.12 -113.90
CA ARG J 79 30.98 -50.94 -114.60
C ARG J 79 30.95 -51.18 -116.11
N PHE J 80 29.80 -50.87 -116.73
CA PHE J 80 29.66 -50.96 -118.18
C PHE J 80 28.96 -49.73 -118.72
N ASN J 81 29.27 -49.43 -119.98
CA ASN J 81 28.70 -48.33 -120.74
C ASN J 81 27.49 -48.74 -121.58
N ASP J 82 26.92 -49.93 -121.34
CA ASP J 82 26.00 -50.48 -122.33
C ASP J 82 24.74 -51.11 -121.75
N VAL J 83 24.29 -50.70 -120.57
CA VAL J 83 23.05 -51.29 -120.08
C VAL J 83 21.85 -50.36 -120.29
N SER J 84 22.08 -49.11 -120.69
CA SER J 84 20.98 -48.31 -121.24
C SER J 84 20.62 -48.80 -122.63
N ARG J 85 21.62 -49.04 -123.47
CA ARG J 85 21.37 -49.66 -124.75
C ARG J 85 21.01 -51.13 -124.53
N MET J 86 20.11 -51.64 -125.36
CA MET J 86 19.71 -53.04 -125.29
C MET J 86 20.84 -53.90 -125.84
N THR J 87 21.69 -54.41 -124.96
CA THR J 87 22.63 -55.44 -125.36
C THR J 87 22.72 -56.57 -124.34
N LEU J 88 22.01 -56.46 -123.22
CA LEU J 88 22.07 -57.42 -122.13
C LEU J 88 20.72 -58.11 -122.00
N GLY J 89 20.72 -59.43 -122.04
CA GLY J 89 19.52 -60.22 -121.89
C GLY J 89 19.47 -60.98 -120.57
N LYS J 90 18.50 -61.88 -120.50
CA LYS J 90 18.40 -62.78 -119.36
C LYS J 90 19.59 -63.74 -119.35
N VAL J 91 20.09 -64.07 -118.17
CA VAL J 91 21.27 -64.93 -118.12
C VAL J 91 20.82 -66.34 -117.79
N LEU J 92 21.62 -67.32 -118.20
CA LEU J 92 21.22 -68.72 -118.12
C LEU J 92 22.31 -69.52 -117.40
N PHE J 93 22.11 -69.73 -116.11
CA PHE J 93 23.03 -70.56 -115.34
C PHE J 93 22.62 -72.01 -115.50
N PHE J 94 23.61 -72.90 -115.58
CA PHE J 94 23.35 -74.33 -115.72
C PHE J 94 23.88 -75.02 -114.46
N ILE J 95 22.99 -75.29 -113.51
CA ILE J 95 23.37 -75.82 -112.20
C ILE J 95 22.95 -77.28 -112.15
N GLN J 96 23.85 -78.13 -111.70
CA GLN J 96 23.72 -79.57 -111.81
C GLN J 96 23.57 -80.15 -110.40
N LEU J 97 22.64 -81.08 -110.23
CA LEU J 97 22.28 -81.56 -108.91
C LEU J 97 23.23 -82.68 -108.51
N PRO J 98 23.97 -82.55 -107.41
CA PRO J 98 24.74 -83.69 -106.92
C PRO J 98 23.81 -84.69 -106.26
N ARG J 99 24.02 -85.97 -106.57
CA ARG J 99 23.11 -86.98 -106.09
C ARG J 99 23.81 -88.17 -105.47
N VAL J 100 23.03 -89.22 -105.26
CA VAL J 100 23.43 -90.35 -104.45
C VAL J 100 23.03 -91.62 -105.19
N ALA J 101 23.75 -92.70 -104.93
CA ALA J 101 23.53 -93.97 -105.63
C ALA J 101 22.48 -94.80 -104.90
N THR J 102 21.44 -95.20 -105.63
CA THR J 102 20.42 -96.04 -105.06
C THR J 102 20.87 -97.50 -105.07
N GLY J 103 20.19 -98.30 -104.26
CA GLY J 103 20.54 -99.70 -104.13
C GLY J 103 19.99 -100.54 -105.26
N ASN J 104 19.90 -101.84 -105.00
CA ASN J 104 19.31 -102.77 -105.95
C ASN J 104 17.78 -102.64 -105.94
N ASP J 105 17.18 -102.91 -107.10
CA ASP J 105 15.73 -102.90 -107.33
C ASP J 105 15.10 -101.53 -107.05
N VAL J 106 15.89 -100.46 -107.14
CA VAL J 106 15.43 -99.09 -106.95
C VAL J 106 15.83 -98.31 -108.18
N THR J 107 14.94 -97.44 -108.67
CA THR J 107 15.18 -96.68 -109.89
C THR J 107 16.29 -95.66 -109.66
N ALA J 108 17.37 -95.79 -110.45
CA ALA J 108 18.50 -94.89 -110.36
C ALA J 108 18.16 -93.54 -111.00
N PRO J 109 18.62 -92.43 -110.43
CA PRO J 109 18.28 -91.12 -111.00
C PRO J 109 19.21 -90.69 -112.12
N LYS J 110 18.64 -90.19 -113.21
CA LYS J 110 19.46 -89.74 -114.33
C LYS J 110 20.07 -88.37 -114.01
N GLU J 111 21.00 -87.95 -114.87
CA GLU J 111 21.74 -86.72 -114.61
C GLU J 111 20.86 -85.50 -114.80
N THR J 112 20.80 -84.66 -113.79
CA THR J 112 19.95 -83.49 -113.81
C THR J 112 20.81 -82.24 -113.84
N THR J 113 20.80 -81.57 -114.99
CA THR J 113 21.42 -80.28 -115.23
C THR J 113 20.28 -79.30 -115.41
N ILE J 114 19.95 -78.57 -114.34
CA ILE J 114 18.85 -77.63 -114.37
C ILE J 114 19.33 -76.33 -115.03
N MET J 115 18.70 -75.97 -116.14
CA MET J 115 18.78 -74.62 -116.67
C MET J 115 17.95 -73.70 -115.80
N VAL J 116 18.60 -72.81 -115.06
CA VAL J 116 17.90 -71.72 -114.41
C VAL J 116 18.14 -70.46 -115.23
N ALA J 117 17.06 -69.73 -115.50
CA ALA J 117 17.11 -68.53 -116.30
C ALA J 117 16.87 -67.36 -115.37
N LYS J 118 17.95 -66.69 -114.96
CA LYS J 118 17.83 -65.53 -114.10
C LYS J 118 17.42 -64.35 -114.97
N HIS J 119 16.18 -63.88 -114.76
CA HIS J 119 15.71 -62.65 -115.38
C HIS J 119 16.41 -61.49 -114.71
N SER J 120 17.28 -60.82 -115.45
CA SER J 120 18.00 -59.65 -114.96
C SER J 120 17.06 -58.50 -114.70
N GLU J 121 16.86 -58.15 -113.44
CA GLU J 121 16.10 -56.95 -113.15
C GLU J 121 16.98 -55.75 -113.48
N LYS J 122 16.38 -54.67 -113.94
CA LYS J 122 17.18 -53.47 -114.12
C LYS J 122 16.41 -52.27 -113.58
N HIS J 123 17.16 -51.27 -113.19
CA HIS J 123 16.63 -50.22 -112.33
C HIS J 123 17.37 -48.94 -112.66
N PRO J 124 16.67 -47.94 -113.20
CA PRO J 124 17.31 -46.65 -113.44
C PRO J 124 17.06 -45.68 -112.29
N ILE J 125 18.03 -44.80 -112.09
CA ILE J 125 17.93 -43.75 -111.10
C ILE J 125 18.21 -42.42 -111.79
N ASN J 126 17.71 -41.34 -111.20
CA ASN J 126 17.95 -40.03 -111.75
C ASN J 126 18.07 -38.99 -110.66
N ILE J 127 18.67 -37.88 -111.03
CA ILE J 127 18.86 -36.72 -110.16
C ILE J 127 18.68 -35.46 -110.98
N SER J 128 17.83 -34.57 -110.51
CA SER J 128 17.61 -33.28 -111.16
C SER J 128 18.07 -32.18 -110.22
N PHE J 129 18.73 -31.19 -110.79
CA PHE J 129 19.03 -29.97 -110.05
C PHE J 129 19.07 -28.83 -111.05
N ASP J 130 18.58 -27.67 -110.64
CA ASP J 130 18.51 -26.57 -111.57
C ASP J 130 19.58 -25.53 -111.27
N LEU J 131 19.85 -24.70 -112.27
CA LEU J 131 20.64 -23.50 -112.11
C LEU J 131 19.83 -22.32 -112.60
N SER J 132 19.75 -21.27 -111.79
CA SER J 132 19.10 -20.05 -112.22
C SER J 132 19.92 -19.40 -113.33
N ALA J 133 19.24 -18.74 -114.25
CA ALA J 133 19.94 -18.19 -115.41
C ALA J 133 20.76 -16.97 -115.04
N ALA J 134 20.46 -16.31 -113.93
CA ALA J 134 21.37 -15.30 -113.41
C ALA J 134 22.68 -15.93 -112.97
N CYS J 135 22.61 -17.08 -112.28
CA CYS J 135 23.82 -17.81 -111.93
C CYS J 135 24.53 -18.32 -113.17
N LEU J 136 23.78 -18.68 -114.21
CA LEU J 136 24.41 -19.11 -115.46
C LEU J 136 25.12 -17.96 -116.16
N GLU J 137 24.57 -16.75 -116.04
CA GLU J 137 25.30 -15.57 -116.51
C GLU J 137 26.57 -15.36 -115.70
N HIS J 138 26.51 -15.54 -114.39
CA HIS J 138 27.71 -15.33 -113.60
C HIS J 138 28.64 -16.53 -113.59
N LEU J 139 28.32 -17.61 -114.31
CA LEU J 139 29.26 -18.72 -114.49
C LEU J 139 30.59 -18.26 -115.09
N GLU J 140 30.55 -17.75 -116.29
CA GLU J 140 31.85 -17.75 -116.95
C GLU J 140 32.32 -16.39 -117.41
N ASN J 141 31.44 -15.54 -117.94
CA ASN J 141 31.88 -14.22 -118.39
C ASN J 141 31.78 -13.22 -117.24
N THR J 142 32.94 -12.76 -116.78
CA THR J 142 32.95 -11.57 -115.95
C THR J 142 32.61 -10.37 -116.83
N PHE J 143 31.66 -9.54 -116.38
CA PHE J 143 31.21 -8.44 -117.21
C PHE J 143 32.24 -7.32 -117.21
N LYS J 144 32.61 -6.85 -116.03
CA LYS J 144 33.81 -6.06 -115.84
C LYS J 144 34.77 -6.86 -114.99
N ASN J 145 35.90 -6.26 -114.66
CA ASN J 145 36.71 -6.74 -113.56
C ASN J 145 36.45 -5.88 -112.33
N THR J 146 35.21 -5.90 -111.87
CA THR J 146 34.88 -5.27 -110.60
C THR J 146 34.87 -6.31 -109.49
N VAL J 147 34.92 -5.79 -108.27
CA VAL J 147 34.97 -6.66 -107.10
C VAL J 147 33.67 -7.43 -106.95
N ILE J 148 32.52 -6.77 -107.16
CA ILE J 148 31.23 -7.42 -106.99
C ILE J 148 31.01 -8.48 -108.06
N ASP J 149 31.43 -8.20 -109.30
CA ASP J 149 31.36 -9.20 -110.35
C ASP J 149 32.28 -10.38 -110.07
N GLN J 150 33.44 -10.10 -109.48
CA GLN J 150 34.37 -11.17 -109.11
C GLN J 150 33.78 -12.05 -108.01
N ILE J 151 33.11 -11.43 -107.03
CA ILE J 151 32.49 -12.17 -105.93
C ILE J 151 31.37 -13.07 -106.45
N LEU J 152 30.49 -12.51 -107.27
CA LEU J 152 29.37 -13.30 -107.78
C LEU J 152 29.85 -14.38 -108.74
N ASN J 153 30.93 -14.13 -109.48
CA ASN J 153 31.50 -15.15 -110.34
C ASN J 153 32.01 -16.33 -109.53
N ILE J 154 32.77 -16.05 -108.48
CA ILE J 154 33.35 -17.14 -107.72
C ILE J 154 32.29 -17.86 -106.90
N ASN J 155 31.25 -17.15 -106.46
CA ASN J 155 30.11 -17.79 -105.81
C ASN J 155 29.36 -18.72 -106.76
N ALA J 156 29.17 -18.30 -108.00
CA ALA J 156 28.47 -19.15 -108.97
C ALA J 156 29.30 -20.38 -109.30
N LEU J 157 30.63 -20.22 -109.37
CA LEU J 157 31.51 -21.34 -109.62
C LEU J 157 31.46 -22.35 -108.48
N HIS J 158 31.48 -21.87 -107.23
CA HIS J 158 31.35 -22.79 -106.10
C HIS J 158 29.99 -23.43 -106.04
N THR J 159 28.93 -22.72 -106.43
CA THR J 159 27.60 -23.31 -106.45
C THR J 159 27.51 -24.45 -107.45
N VAL J 160 28.10 -24.28 -108.62
CA VAL J 160 28.03 -25.32 -109.64
C VAL J 160 28.87 -26.52 -109.25
N LEU J 161 30.11 -26.30 -108.79
CA LEU J 161 30.99 -27.40 -108.40
C LEU J 161 30.40 -28.19 -107.23
N ARG J 162 29.86 -27.48 -106.24
CA ARG J 162 29.34 -28.15 -105.07
C ARG J 162 28.01 -28.83 -105.35
N SER J 163 27.21 -28.31 -106.28
CA SER J 163 25.99 -29.01 -106.67
C SER J 163 26.30 -30.26 -107.49
N LEU J 164 27.35 -30.24 -108.31
CA LEU J 164 27.76 -31.45 -109.02
C LEU J 164 28.25 -32.52 -108.05
N LYS J 165 29.01 -32.11 -107.03
CA LYS J 165 29.43 -33.07 -106.00
C LYS J 165 28.25 -33.63 -105.22
N ASN J 166 27.27 -32.77 -104.91
CA ASN J 166 26.07 -33.21 -104.23
C ASN J 166 25.28 -34.21 -105.07
N SER J 167 25.23 -33.99 -106.38
CA SER J 167 24.54 -34.93 -107.25
C SER J 167 25.28 -36.26 -107.36
N ALA J 168 26.62 -36.24 -107.33
CA ALA J 168 27.36 -37.51 -107.33
C ALA J 168 27.11 -38.29 -106.05
N ASP J 169 27.07 -37.59 -104.92
CA ASP J 169 26.70 -38.21 -103.65
C ASP J 169 25.28 -38.77 -103.71
N SER J 170 24.38 -38.08 -104.40
CA SER J 170 23.02 -38.54 -104.52
C SER J 170 22.93 -39.80 -105.37
N LEU J 171 23.76 -39.89 -106.42
CA LEU J 171 23.79 -41.10 -107.22
C LEU J 171 24.30 -42.29 -106.41
N GLU J 172 25.30 -42.07 -105.57
CA GLU J 172 25.83 -43.17 -104.77
C GLU J 172 24.84 -43.62 -103.69
N ARG J 173 24.16 -42.67 -103.05
CA ARG J 173 23.16 -43.07 -102.07
C ARG J 173 21.93 -43.68 -102.73
N GLY J 174 21.62 -43.27 -103.96
CA GLY J 174 20.56 -43.93 -104.68
C GLY J 174 20.92 -45.34 -105.10
N LEU J 175 22.20 -45.58 -105.36
CA LEU J 175 22.67 -46.94 -105.58
C LEU J 175 22.50 -47.80 -104.33
N ILE J 176 22.86 -47.25 -103.16
CA ILE J 176 22.61 -47.90 -101.88
C ILE J 176 21.14 -48.27 -101.74
N HIS J 177 20.26 -47.29 -101.98
CA HIS J 177 18.83 -47.48 -101.75
C HIS J 177 18.22 -48.43 -102.76
N ALA J 178 18.71 -48.42 -103.99
CA ALA J 178 18.17 -49.32 -105.00
C ALA J 178 18.57 -50.76 -104.72
N PHE J 179 19.82 -50.97 -104.30
CA PHE J 179 20.26 -52.31 -103.95
C PHE J 179 19.53 -52.83 -102.73
N MET J 180 19.24 -51.95 -101.76
CA MET J 180 18.53 -52.38 -100.57
C MET J 180 17.06 -52.67 -100.89
N GLN J 181 16.48 -51.86 -101.78
CA GLN J 181 15.14 -52.10 -102.30
C GLN J 181 15.02 -53.47 -102.95
N THR J 182 16.03 -53.84 -103.74
CA THR J 182 15.97 -55.12 -104.43
C THR J 182 16.20 -56.29 -103.47
N LEU J 183 17.09 -56.12 -102.48
CA LEU J 183 17.26 -57.16 -101.47
C LEU J 183 15.98 -57.42 -100.69
N LEU J 184 15.27 -56.36 -100.31
CA LEU J 184 14.01 -56.58 -99.61
C LEU J 184 12.91 -57.08 -100.53
N ARG J 185 12.99 -56.83 -101.84
CA ARG J 185 12.05 -57.48 -102.74
C ARG J 185 12.34 -58.97 -102.88
N LYS J 186 13.61 -59.35 -102.87
CA LYS J 186 13.98 -60.74 -103.07
C LYS J 186 13.81 -61.58 -101.82
N SER J 187 13.96 -60.97 -100.66
CA SER J 187 14.20 -61.72 -99.42
C SER J 187 12.90 -62.27 -98.86
N PRO J 188 12.76 -63.58 -98.72
CA PRO J 188 11.61 -64.12 -98.01
C PRO J 188 11.86 -64.05 -96.52
N PRO J 189 10.82 -64.10 -95.70
CA PRO J 189 11.03 -64.01 -94.26
C PRO J 189 11.60 -65.29 -93.67
N GLN J 190 12.05 -65.13 -92.42
CA GLN J 190 12.87 -66.14 -91.76
C GLN J 190 12.07 -67.41 -91.48
N PHE J 191 10.78 -67.28 -91.17
CA PHE J 191 10.01 -68.46 -90.84
C PHE J 191 9.75 -69.31 -92.08
N ILE J 192 9.53 -68.67 -93.23
CA ILE J 192 9.41 -69.38 -94.49
C ILE J 192 10.72 -70.06 -94.85
N VAL J 193 11.86 -69.38 -94.66
CA VAL J 193 13.15 -69.98 -95.03
C VAL J 193 13.45 -71.20 -94.15
N LEU J 194 13.19 -71.09 -92.85
CA LEU J 194 13.45 -72.20 -91.94
C LEU J 194 12.54 -73.39 -92.23
N THR J 195 11.26 -73.12 -92.55
CA THR J 195 10.37 -74.24 -92.81
C THR J 195 10.68 -74.88 -94.16
N MET J 196 11.18 -74.11 -95.14
CA MET J 196 11.64 -74.71 -96.39
C MET J 196 12.86 -75.60 -96.20
N ASN J 197 13.81 -75.14 -95.38
CA ASN J 197 14.99 -75.96 -95.13
C ASN J 197 14.66 -77.19 -94.30
N GLU J 198 13.60 -77.14 -93.50
CA GLU J 198 13.13 -78.37 -92.87
C GLU J 198 12.46 -79.29 -93.89
N ASN J 199 11.64 -78.75 -94.78
CA ASN J 199 10.80 -79.54 -95.67
C ASN J 199 11.26 -79.49 -97.12
N LYS J 200 12.57 -79.63 -97.35
CA LYS J 200 13.09 -79.90 -98.69
C LYS J 200 12.42 -81.11 -99.33
N VAL J 201 12.33 -81.06 -100.67
CA VAL J 201 11.43 -81.93 -101.42
C VAL J 201 12.09 -83.28 -101.69
N HIS J 202 11.32 -84.35 -101.48
CA HIS J 202 11.70 -85.68 -101.93
C HIS J 202 11.63 -85.68 -103.45
N ASN J 203 12.79 -85.59 -104.09
CA ASN J 203 12.89 -85.30 -105.51
C ASN J 203 12.59 -86.49 -106.42
N LYS J 204 12.13 -87.62 -105.89
CA LYS J 204 11.64 -88.69 -106.76
C LYS J 204 10.34 -88.29 -107.43
N GLN J 205 9.57 -87.42 -106.80
CA GLN J 205 8.37 -86.82 -107.37
C GLN J 205 8.42 -85.33 -107.05
N ALA J 206 7.29 -84.65 -107.21
CA ALA J 206 7.17 -83.26 -106.78
C ALA J 206 6.89 -83.20 -105.28
N LEU J 207 6.54 -82.01 -104.81
CA LEU J 207 6.27 -81.82 -103.38
C LEU J 207 4.87 -82.35 -103.05
N SER J 208 4.79 -83.21 -102.04
CA SER J 208 3.55 -83.91 -101.77
C SER J 208 2.58 -83.05 -100.99
N ARG J 209 1.32 -83.48 -100.99
CA ARG J 209 0.25 -82.72 -100.37
C ARG J 209 0.38 -82.69 -98.85
N VAL J 210 0.66 -83.86 -98.25
CA VAL J 210 0.83 -83.93 -96.81
C VAL J 210 2.06 -83.14 -96.38
N GLN J 211 3.11 -83.19 -97.20
CA GLN J 211 4.33 -82.42 -96.97
C GLN J 211 4.03 -80.93 -96.92
N ARG J 212 3.33 -80.41 -97.94
CA ARG J 212 3.11 -78.97 -97.97
C ARG J 212 2.05 -78.52 -96.98
N SER J 213 1.10 -79.37 -96.61
CA SER J 213 0.11 -78.95 -95.63
C SER J 213 0.69 -78.90 -94.23
N ASN J 214 1.52 -79.90 -93.88
CA ASN J 214 2.23 -79.83 -92.60
C ASN J 214 3.26 -78.70 -92.61
N MET J 215 3.79 -78.38 -93.79
CA MET J 215 4.66 -77.22 -93.94
C MET J 215 3.90 -75.93 -93.66
N PHE J 216 2.63 -75.88 -94.07
CA PHE J 216 1.81 -74.70 -93.78
C PHE J 216 1.53 -74.55 -92.29
N GLN J 217 1.25 -75.67 -91.61
CA GLN J 217 1.02 -75.59 -90.16
C GLN J 217 2.31 -75.20 -89.42
N SER J 218 3.45 -75.67 -89.92
CA SER J 218 4.71 -75.23 -89.35
C SER J 218 4.97 -73.75 -89.62
N LEU J 219 4.51 -73.22 -90.75
CA LEU J 219 4.60 -71.78 -91.00
C LEU J 219 3.81 -70.99 -89.98
N LYS J 220 2.58 -71.44 -89.68
CA LYS J 220 1.78 -70.83 -88.61
C LYS J 220 2.53 -70.80 -87.28
N ASN J 221 3.12 -71.93 -86.90
CA ASN J 221 3.74 -72.00 -85.57
C ASN J 221 5.01 -71.16 -85.49
N ARG J 222 5.87 -71.22 -86.53
CA ARG J 222 7.07 -70.40 -86.54
C ARG J 222 6.75 -68.92 -86.53
N LEU J 223 5.70 -68.51 -87.27
CA LEU J 223 5.30 -67.12 -87.30
C LEU J 223 4.81 -66.65 -85.93
N LEU J 224 3.88 -67.40 -85.34
CA LEU J 224 3.28 -66.94 -84.09
C LEU J 224 4.23 -67.06 -82.90
N THR J 225 5.31 -67.83 -83.01
CA THR J 225 6.30 -67.81 -81.94
C THR J 225 7.36 -66.75 -82.16
N SER J 226 8.06 -66.79 -83.29
CA SER J 226 9.26 -65.96 -83.46
C SER J 226 8.98 -64.68 -84.22
N LEU J 227 7.83 -64.04 -84.00
CA LEU J 227 7.51 -62.83 -84.75
C LEU J 227 8.31 -61.64 -84.24
N PHE J 228 8.04 -61.20 -83.02
CA PHE J 228 8.67 -60.02 -82.46
C PHE J 228 9.86 -60.50 -81.67
N PHE J 229 11.03 -60.43 -82.30
CA PHE J 229 12.15 -61.27 -81.90
C PHE J 229 13.03 -60.65 -80.81
N LEU J 230 13.52 -59.42 -81.01
CA LEU J 230 14.40 -58.78 -80.05
C LEU J 230 13.70 -58.37 -78.75
N ASN J 231 12.40 -58.56 -78.66
CA ASN J 231 11.61 -57.91 -77.65
C ASN J 231 11.09 -58.87 -76.59
N ARG J 232 11.03 -60.17 -76.89
CA ARG J 232 10.48 -61.13 -75.96
C ARG J 232 11.53 -61.71 -75.02
N ASN J 233 12.61 -62.26 -75.58
CA ASN J 233 13.71 -62.84 -74.82
C ASN J 233 14.96 -61.98 -74.98
N ASN J 234 15.71 -61.81 -73.90
CA ASN J 234 16.96 -61.06 -73.93
C ASN J 234 18.18 -61.95 -73.76
N ASN J 235 18.03 -63.26 -73.95
CA ASN J 235 19.13 -64.17 -73.73
C ASN J 235 20.13 -64.08 -74.87
N SER J 236 21.39 -63.83 -74.51
CA SER J 236 22.45 -63.72 -75.49
C SER J 236 22.64 -65.02 -76.25
N SER J 237 22.55 -66.14 -75.53
CA SER J 237 22.64 -67.45 -76.16
C SER J 237 21.50 -67.68 -77.14
N TYR J 238 20.29 -67.28 -76.77
CA TYR J 238 19.13 -67.49 -77.62
C TYR J 238 19.17 -66.66 -78.88
N ILE J 239 19.52 -65.39 -78.75
CA ILE J 239 19.54 -64.50 -79.91
C ILE J 239 20.72 -64.82 -80.81
N TYR J 240 21.87 -65.17 -80.23
CA TYR J 240 23.01 -65.64 -81.00
C TYR J 240 22.68 -66.94 -81.72
N ARG J 241 21.88 -67.80 -81.08
CA ARG J 241 21.47 -69.05 -81.71
C ARG J 241 20.56 -68.82 -82.90
N ILE J 242 19.66 -67.84 -82.80
CA ILE J 242 18.77 -67.60 -83.94
C ILE J 242 19.50 -66.88 -85.09
N LEU J 243 20.49 -66.04 -84.78
CA LEU J 243 21.31 -65.49 -85.84
C LEU J 243 22.15 -66.58 -86.52
N ASN J 244 22.61 -67.56 -85.74
CA ASN J 244 23.26 -68.73 -86.31
C ASN J 244 22.30 -69.51 -87.19
N ASP J 245 21.02 -69.56 -86.80
CA ASP J 245 20.02 -70.24 -87.62
C ASP J 245 19.80 -69.51 -88.95
N MET J 246 19.87 -68.18 -88.94
CA MET J 246 19.80 -67.43 -90.20
C MET J 246 20.96 -67.77 -91.11
N MET J 247 22.17 -67.74 -90.56
CA MET J 247 23.34 -67.94 -91.40
C MET J 247 23.53 -69.40 -91.82
N GLU J 248 22.88 -70.33 -91.13
CA GLU J 248 22.83 -71.69 -91.67
C GLU J 248 21.74 -71.83 -92.71
N SER J 249 20.61 -71.15 -92.53
CA SER J 249 19.48 -71.28 -93.43
C SER J 249 19.71 -70.60 -94.77
N VAL J 250 20.62 -69.64 -94.83
CA VAL J 250 20.88 -68.95 -96.09
C VAL J 250 21.86 -69.77 -96.93
N THR J 251 21.52 -69.98 -98.20
CA THR J 251 22.40 -70.67 -99.13
C THR J 251 23.50 -69.74 -99.65
N GLU J 252 24.55 -70.35 -100.17
CA GLU J 252 25.71 -69.64 -100.71
C GLU J 252 25.50 -69.34 -102.19
N SER J 253 26.09 -68.23 -102.63
CA SER J 253 26.02 -67.79 -104.02
C SER J 253 26.86 -68.70 -104.91
N ILE J 254 26.54 -68.72 -106.20
CA ILE J 254 27.24 -69.56 -107.17
C ILE J 254 28.74 -69.23 -107.29
N LEU J 255 29.08 -67.95 -107.25
CA LEU J 255 30.48 -67.53 -107.35
C LEU J 255 31.08 -67.17 -106.00
N ASN J 256 32.25 -67.75 -105.72
CA ASN J 256 32.93 -67.50 -104.44
C ASN J 256 34.40 -67.14 -104.62
N ASP J 257 34.65 -65.92 -105.08
CA ASP J 257 36.00 -65.43 -105.28
C ASP J 257 36.67 -65.23 -103.93
N THR J 258 37.92 -65.68 -103.82
CA THR J 258 38.66 -65.47 -102.59
C THR J 258 39.05 -64.00 -102.42
N ASN J 259 39.30 -63.31 -103.53
CA ASN J 259 39.79 -61.94 -103.50
C ASN J 259 38.75 -60.94 -102.99
N ASN J 260 37.47 -61.26 -103.11
CA ASN J 260 36.43 -60.36 -102.61
C ASN J 260 36.41 -60.42 -101.10
N TYR J 261 36.81 -59.32 -100.46
CA TYR J 261 36.66 -59.07 -99.03
C TYR J 261 37.45 -60.06 -98.19
N THR J 262 38.71 -60.23 -98.58
CA THR J 262 39.64 -61.09 -97.86
C THR J 262 40.07 -60.44 -96.56
N SER J 263 40.05 -61.20 -95.46
CA SER J 263 40.57 -60.71 -94.20
C SER J 263 42.06 -61.01 -94.10
N LYS J 264 42.61 -60.90 -92.90
CA LYS J 264 44.02 -61.20 -92.70
C LYS J 264 44.30 -62.68 -92.84
N GLU J 265 45.37 -63.00 -93.59
CA GLU J 265 45.82 -64.36 -93.87
C GLU J 265 44.75 -65.21 -94.54
N ASN J 266 44.00 -64.57 -95.45
CA ASN J 266 43.17 -65.24 -96.46
C ASN J 266 42.03 -66.05 -95.85
N ILE J 267 41.20 -65.36 -95.06
CA ILE J 267 39.92 -65.90 -94.65
C ILE J 267 38.84 -64.96 -95.18
N PRO J 268 38.01 -65.39 -96.11
CA PRO J 268 37.07 -64.45 -96.72
C PRO J 268 35.86 -64.23 -95.83
N LEU J 269 35.43 -62.98 -95.77
CA LEU J 269 34.28 -62.61 -94.97
C LEU J 269 33.01 -63.10 -95.64
N ASP J 270 32.05 -63.58 -94.84
CA ASP J 270 30.88 -64.26 -95.38
C ASP J 270 29.63 -63.46 -95.02
N GLY J 271 29.31 -62.48 -95.85
CA GLY J 271 28.01 -61.85 -95.83
C GLY J 271 27.87 -60.71 -94.85
N VAL J 272 26.73 -60.04 -94.94
CA VAL J 272 26.41 -58.90 -94.10
C VAL J 272 25.10 -59.18 -93.36
N LEU J 273 25.11 -58.87 -92.07
CA LEU J 273 23.91 -58.69 -91.27
C LEU J 273 23.80 -57.20 -91.00
N LEU J 274 22.74 -56.60 -91.48
CA LEU J 274 22.59 -55.18 -91.36
C LEU J 274 21.18 -54.89 -90.92
N GLY J 275 21.02 -53.81 -90.18
CA GLY J 275 19.72 -53.45 -89.69
C GLY J 275 19.57 -51.98 -89.44
N PRO J 276 18.47 -51.60 -88.84
CA PRO J 276 18.35 -50.24 -88.33
C PRO J 276 19.14 -50.05 -87.05
N ILE J 277 19.45 -48.79 -86.77
CA ILE J 277 20.33 -48.49 -85.65
C ILE J 277 19.62 -48.76 -84.32
N GLY J 278 18.28 -48.68 -84.30
CA GLY J 278 17.54 -49.03 -83.11
C GLY J 278 17.63 -50.50 -82.76
N SER J 279 17.76 -51.36 -83.77
CA SER J 279 18.04 -52.77 -83.49
C SER J 279 19.48 -52.97 -83.07
N ILE J 280 20.41 -52.32 -83.77
CA ILE J 280 21.82 -52.66 -83.59
C ILE J 280 22.39 -52.12 -82.28
N GLN J 281 21.78 -51.08 -81.69
CA GLN J 281 22.19 -50.69 -80.33
C GLN J 281 21.91 -51.81 -79.33
N LYS J 282 20.71 -52.39 -79.41
CA LYS J 282 20.37 -53.53 -78.56
C LYS J 282 21.23 -54.74 -78.88
N LEU J 283 21.55 -54.95 -80.17
CA LEU J 283 22.34 -56.10 -80.57
C LEU J 283 23.77 -56.00 -80.06
N THR J 284 24.36 -54.81 -80.10
CA THR J 284 25.68 -54.63 -79.51
C THR J 284 25.64 -54.81 -78.00
N ASN J 285 24.60 -54.28 -77.34
CA ASN J 285 24.52 -54.39 -75.89
C ASN J 285 24.29 -55.82 -75.42
N ILE J 286 23.73 -56.69 -76.26
CA ILE J 286 23.56 -58.08 -75.86
C ILE J 286 24.63 -59.01 -76.44
N LEU J 287 25.38 -58.57 -77.45
CA LEU J 287 26.36 -59.45 -78.08
C LEU J 287 27.74 -58.82 -78.12
N SER J 288 28.05 -57.97 -77.14
CA SER J 288 29.35 -57.30 -77.11
C SER J 288 30.54 -58.24 -76.93
N GLN J 289 30.31 -59.50 -76.56
CA GLN J 289 31.38 -60.49 -76.55
C GLN J 289 31.87 -60.78 -77.95
N TYR J 290 30.98 -60.77 -78.94
CA TYR J 290 31.24 -61.35 -80.23
C TYR J 290 31.44 -60.31 -81.33
N ILE J 291 31.71 -59.06 -80.98
CA ILE J 291 31.81 -58.00 -81.96
C ILE J 291 33.23 -57.49 -81.98
N SER J 292 33.84 -57.49 -83.16
CA SER J 292 35.18 -56.97 -83.34
C SER J 292 35.21 -56.11 -84.59
N THR J 293 36.32 -55.40 -84.75
CA THR J 293 36.55 -54.56 -85.92
C THR J 293 37.89 -54.92 -86.51
N GLN J 294 37.88 -55.36 -87.77
CA GLN J 294 39.09 -55.85 -88.39
C GLN J 294 39.21 -55.31 -89.81
N VAL J 295 40.44 -55.30 -90.31
CA VAL J 295 40.77 -54.69 -91.58
C VAL J 295 40.58 -55.71 -92.69
N VAL J 296 39.80 -55.34 -93.71
CA VAL J 296 39.38 -56.24 -94.77
C VAL J 296 39.83 -55.66 -96.11
N SER J 297 40.49 -56.49 -96.92
CA SER J 297 40.96 -56.06 -98.22
C SER J 297 39.79 -55.88 -99.18
N ALA J 298 39.60 -54.65 -99.66
CA ALA J 298 38.36 -54.31 -100.33
C ALA J 298 38.63 -53.73 -101.72
N PRO J 299 37.85 -54.13 -102.72
CA PRO J 299 37.88 -53.41 -103.99
C PRO J 299 37.27 -52.03 -103.86
N ILE J 300 37.69 -51.13 -104.75
CA ILE J 300 37.28 -49.72 -104.63
C ILE J 300 36.65 -49.19 -105.91
N SER J 301 36.90 -49.76 -107.07
CA SER J 301 36.45 -49.15 -108.32
C SER J 301 35.28 -49.93 -108.90
N ARG J 350 40.64 -54.69 -111.10
CA ARG J 350 40.24 -53.47 -110.41
C ARG J 350 41.12 -53.22 -109.18
N ALA J 351 41.14 -51.97 -108.72
CA ALA J 351 42.02 -51.58 -107.63
C ALA J 351 41.47 -52.04 -106.29
N TYR J 352 42.36 -52.49 -105.42
CA TYR J 352 41.99 -52.98 -104.10
C TYR J 352 42.48 -52.02 -103.02
N ALA J 353 41.67 -51.82 -102.00
CA ALA J 353 42.00 -50.96 -100.87
C ALA J 353 41.77 -51.74 -99.59
N ASP J 354 41.97 -51.08 -98.45
CA ASP J 354 41.78 -51.68 -97.15
C ASP J 354 40.88 -50.78 -96.32
N LEU J 355 39.95 -51.38 -95.59
CA LEU J 355 39.04 -50.62 -94.75
C LEU J 355 38.63 -51.48 -93.56
N LYS J 356 37.86 -50.87 -92.66
CA LYS J 356 37.44 -51.53 -91.43
C LYS J 356 35.95 -51.81 -91.48
N LEU J 357 35.55 -52.94 -90.90
CA LEU J 357 34.15 -53.32 -90.78
C LEU J 357 33.92 -53.87 -89.38
N ASN J 358 32.67 -53.82 -88.93
CA ASN J 358 32.29 -54.46 -87.68
C ASN J 358 31.90 -55.89 -87.97
N THR J 359 32.61 -56.83 -87.35
CA THR J 359 32.39 -58.24 -87.65
C THR J 359 31.84 -58.96 -86.43
N LEU J 360 31.17 -60.08 -86.72
CA LEU J 360 30.74 -61.04 -85.72
C LEU J 360 31.23 -62.43 -86.07
N LYS J 361 31.39 -63.26 -85.06
CA LYS J 361 31.84 -64.62 -85.24
C LYS J 361 30.67 -65.55 -84.97
N LEU J 362 30.19 -66.23 -86.01
CA LEU J 362 29.09 -67.17 -85.86
C LEU J 362 29.51 -68.52 -86.41
N GLY J 363 30.17 -69.33 -85.58
CA GLY J 363 30.61 -70.65 -85.98
C GLY J 363 31.65 -70.60 -87.07
N ASP J 364 32.75 -69.89 -86.78
CA ASP J 364 33.84 -69.62 -87.72
C ASP J 364 33.34 -68.94 -88.99
N LYS J 365 32.44 -67.99 -88.84
CA LYS J 365 31.92 -67.20 -89.95
C LYS J 365 32.02 -65.73 -89.56
N LEU J 366 32.89 -64.99 -90.23
CA LEU J 366 33.04 -63.57 -89.97
C LEU J 366 32.06 -62.82 -90.86
N VAL J 367 31.16 -62.07 -90.24
CA VAL J 367 30.02 -61.46 -90.92
C VAL J 367 30.05 -59.97 -90.63
N ALA J 368 30.07 -59.16 -91.70
CA ALA J 368 29.97 -57.71 -91.51
C ALA J 368 28.61 -57.38 -90.92
N PHE J 369 28.57 -56.38 -90.04
CA PHE J 369 27.40 -56.21 -89.20
C PHE J 369 27.22 -54.72 -88.90
N ASP J 370 26.25 -54.10 -89.56
CA ASP J 370 26.21 -52.64 -89.52
C ASP J 370 24.82 -52.11 -89.79
N HIS J 371 24.70 -50.78 -89.71
CA HIS J 371 23.49 -50.04 -89.96
C HIS J 371 23.71 -49.02 -91.06
N LEU J 372 22.65 -48.77 -91.83
CA LEU J 372 22.68 -47.82 -92.93
C LEU J 372 22.18 -46.45 -92.52
N HIS J 373 22.13 -46.18 -91.21
CA HIS J 373 21.63 -44.90 -90.73
C HIS J 373 22.55 -43.76 -91.11
N LYS J 374 23.84 -44.03 -91.33
CA LYS J 374 24.75 -42.96 -91.72
C LYS J 374 24.49 -42.47 -93.14
N VAL J 375 23.90 -43.29 -94.01
CA VAL J 375 23.50 -42.81 -95.32
C VAL J 375 22.04 -42.43 -95.37
N TYR J 376 21.24 -42.80 -94.36
CA TYR J 376 19.91 -42.26 -94.23
C TYR J 376 19.80 -41.28 -93.06
N LYS J 377 20.87 -40.53 -92.79
CA LYS J 377 20.84 -39.51 -91.74
C LYS J 377 19.83 -38.42 -92.05
N ASN J 378 19.96 -37.81 -93.21
CA ASN J 378 19.22 -36.58 -93.48
C ASN J 378 18.89 -36.59 -94.97
N THR J 379 17.74 -37.17 -95.29
CA THR J 379 17.32 -37.36 -96.68
C THR J 379 15.82 -37.06 -96.74
N ASP J 380 15.20 -37.48 -97.83
CA ASP J 380 13.76 -37.44 -97.97
C ASP J 380 13.12 -38.76 -97.58
N VAL J 381 13.83 -39.87 -97.75
CA VAL J 381 13.27 -41.20 -97.56
C VAL J 381 13.55 -41.67 -96.15
N ASN J 382 12.71 -42.57 -95.66
CA ASN J 382 13.05 -43.25 -94.42
C ASN J 382 13.98 -44.42 -94.74
N ASP J 383 14.50 -45.02 -93.69
CA ASP J 383 15.29 -46.22 -93.86
C ASP J 383 14.37 -47.36 -94.30
N PRO J 384 14.72 -48.12 -95.34
CA PRO J 384 13.76 -49.08 -95.90
C PRO J 384 13.57 -50.32 -95.05
N LEU J 385 14.33 -50.47 -93.97
CA LEU J 385 14.12 -51.61 -93.09
C LEU J 385 13.01 -51.33 -92.09
N GLU J 386 12.78 -50.06 -91.75
CA GLU J 386 11.69 -49.68 -90.86
C GLU J 386 10.38 -49.78 -91.64
N GLN J 387 9.91 -51.00 -91.79
CA GLN J 387 8.73 -51.27 -92.59
C GLN J 387 7.52 -51.43 -91.67
N SER J 388 6.40 -51.88 -92.20
CA SER J 388 5.18 -52.04 -91.44
C SER J 388 4.62 -53.43 -91.63
N LEU J 389 3.94 -53.91 -90.59
CA LEU J 389 3.11 -55.11 -90.67
C LEU J 389 1.65 -54.70 -90.76
N GLN J 390 0.81 -55.65 -91.13
CA GLN J 390 -0.64 -55.49 -91.04
C GLN J 390 -1.21 -56.80 -90.53
N LEU J 391 -1.43 -56.88 -89.22
CA LEU J 391 -2.04 -58.05 -88.63
C LEU J 391 -3.55 -57.84 -88.56
N THR J 392 -4.29 -58.80 -89.09
CA THR J 392 -5.74 -58.75 -89.09
C THR J 392 -6.27 -59.54 -87.90
N PHE J 393 -7.21 -58.95 -87.17
CA PHE J 393 -7.76 -59.55 -85.96
C PHE J 393 -9.23 -59.87 -86.16
N PHE J 394 -9.77 -60.73 -85.29
CA PHE J 394 -11.20 -61.00 -85.32
C PHE J 394 -11.69 -61.43 -83.95
N PHE J 395 -12.97 -61.20 -83.69
CA PHE J 395 -13.54 -61.41 -82.37
C PHE J 395 -15.05 -61.44 -82.48
N PRO J 396 -15.73 -62.17 -81.62
CA PRO J 396 -17.18 -62.29 -81.72
C PRO J 396 -17.94 -61.30 -80.85
N LEU J 397 -19.26 -61.29 -81.02
CA LEU J 397 -20.20 -60.80 -80.03
C LEU J 397 -21.51 -61.53 -80.24
N GLY J 398 -22.24 -61.74 -79.16
CA GLY J 398 -23.56 -62.32 -79.25
C GLY J 398 -23.61 -63.81 -79.50
N ILE J 399 -22.46 -64.50 -79.51
CA ILE J 399 -22.45 -65.95 -79.63
C ILE J 399 -23.11 -66.56 -78.40
N TYR J 400 -24.20 -67.30 -78.61
CA TYR J 400 -24.92 -67.92 -77.51
C TYR J 400 -24.36 -69.30 -77.26
N ILE J 401 -23.59 -69.44 -76.19
CA ILE J 401 -23.18 -70.77 -75.73
C ILE J 401 -24.42 -71.49 -75.19
N PRO J 402 -24.66 -72.74 -75.59
CA PRO J 402 -25.88 -73.42 -75.14
C PRO J 402 -25.87 -73.69 -73.66
N THR J 403 -26.97 -73.28 -73.00
CA THR J 403 -27.16 -73.55 -71.58
C THR J 403 -27.28 -75.04 -71.30
N GLU J 404 -27.75 -75.80 -72.30
CA GLU J 404 -27.98 -77.23 -72.18
C GLU J 404 -26.71 -78.01 -71.87
N THR J 405 -25.57 -77.57 -72.39
CA THR J 405 -24.27 -78.13 -72.05
C THR J 405 -23.42 -77.13 -71.28
N GLY J 406 -24.06 -76.26 -70.51
CA GLY J 406 -23.36 -75.17 -69.89
C GLY J 406 -22.50 -75.60 -68.73
N PHE J 407 -21.49 -74.79 -68.45
CA PHE J 407 -20.51 -75.04 -67.40
C PHE J 407 -19.80 -73.73 -67.13
N SER J 408 -18.99 -73.72 -66.07
CA SER J 408 -18.11 -72.60 -65.84
C SER J 408 -16.96 -73.04 -64.96
N THR J 409 -15.77 -72.64 -65.33
CA THR J 409 -14.68 -72.54 -64.38
C THR J 409 -14.71 -71.13 -63.79
N MET J 410 -13.66 -70.77 -63.04
CA MET J 410 -13.47 -69.51 -62.30
C MET J 410 -14.71 -68.96 -61.57
N GLU J 411 -15.50 -69.88 -61.03
CA GLU J 411 -16.57 -69.50 -60.13
C GLU J 411 -16.00 -68.96 -58.83
N THR J 412 -14.81 -69.43 -58.44
CA THR J 412 -14.13 -68.86 -57.30
C THR J 412 -13.60 -67.46 -57.61
N ARG J 413 -13.29 -67.18 -58.88
CA ARG J 413 -12.72 -65.89 -59.23
C ARG J 413 -13.79 -64.81 -59.31
N VAL J 414 -14.74 -64.96 -60.22
CA VAL J 414 -15.75 -63.93 -60.41
C VAL J 414 -17.08 -64.41 -59.86
N LYS J 415 -18.00 -63.46 -59.68
CA LYS J 415 -19.37 -63.81 -59.37
C LYS J 415 -20.27 -62.70 -59.90
N LEU J 416 -21.16 -63.07 -60.81
CA LEU J 416 -22.05 -62.10 -61.42
C LEU J 416 -23.23 -61.81 -60.50
N ASN J 417 -24.01 -60.82 -60.90
CA ASN J 417 -25.32 -60.58 -60.32
C ASN J 417 -26.35 -61.22 -61.24
N ASP J 418 -27.38 -61.80 -60.64
CA ASP J 418 -28.38 -62.55 -61.41
C ASP J 418 -29.27 -61.58 -62.18
N THR J 419 -28.97 -61.42 -63.45
CA THR J 419 -29.75 -60.61 -64.37
C THR J 419 -29.52 -61.19 -65.75
N MET J 420 -30.55 -61.21 -66.59
CA MET J 420 -30.40 -61.83 -67.90
C MET J 420 -29.52 -61.00 -68.84
N GLU J 421 -29.26 -59.73 -68.52
CA GLU J 421 -28.24 -59.00 -69.26
C GLU J 421 -26.84 -59.46 -68.88
N ASN J 422 -26.65 -59.95 -67.65
CA ASN J 422 -25.39 -60.61 -67.33
C ASN J 422 -25.36 -62.04 -67.87
N ASN J 423 -26.53 -62.66 -68.00
CA ASN J 423 -26.59 -64.06 -68.40
C ASN J 423 -26.59 -64.25 -69.91
N LEU J 424 -26.78 -63.20 -70.69
CA LEU J 424 -26.58 -63.34 -72.12
C LEU J 424 -25.54 -62.37 -72.63
N PRO J 425 -24.66 -62.81 -73.51
CA PRO J 425 -23.71 -61.88 -74.14
C PRO J 425 -24.43 -60.99 -75.13
N THR J 426 -24.38 -59.69 -74.89
CA THR J 426 -24.90 -58.72 -75.83
C THR J 426 -23.81 -57.80 -76.34
N SER J 427 -22.99 -57.26 -75.46
CA SER J 427 -21.88 -56.41 -75.81
C SER J 427 -20.59 -57.19 -75.69
N VAL J 428 -19.52 -56.62 -76.23
CA VAL J 428 -18.20 -57.22 -76.14
C VAL J 428 -17.17 -56.16 -75.83
N PHE J 429 -16.36 -56.44 -74.82
CA PHE J 429 -15.37 -55.50 -74.30
C PHE J 429 -13.98 -56.00 -74.66
N PHE J 430 -13.08 -55.05 -74.93
CA PHE J 430 -11.69 -55.38 -75.19
C PHE J 430 -10.85 -54.13 -75.00
N HIS J 431 -9.54 -54.29 -74.89
CA HIS J 431 -8.69 -53.15 -74.64
C HIS J 431 -8.25 -52.49 -75.93
N ASN J 432 -7.97 -51.18 -75.85
CA ASN J 432 -7.42 -50.42 -76.98
C ASN J 432 -5.92 -50.62 -77.10
N LYS J 433 -5.28 -49.73 -77.86
CA LYS J 433 -3.83 -49.64 -77.90
C LYS J 433 -3.25 -49.47 -76.50
N ASP J 434 -3.66 -48.43 -75.79
CA ASP J 434 -3.40 -48.33 -74.37
C ASP J 434 -4.47 -49.09 -73.61
N GLN J 435 -4.43 -49.03 -72.28
CA GLN J 435 -5.37 -49.83 -71.52
C GLN J 435 -6.73 -49.16 -71.32
N VAL J 436 -7.34 -48.70 -72.41
CA VAL J 436 -8.67 -48.12 -72.37
C VAL J 436 -9.65 -49.21 -72.73
N VAL J 437 -10.56 -49.52 -71.80
CA VAL J 437 -11.61 -50.50 -72.06
C VAL J 437 -12.53 -49.95 -73.14
N GLN J 438 -12.84 -50.77 -74.12
CA GLN J 438 -13.48 -50.38 -75.36
C GLN J 438 -14.62 -51.32 -75.61
N ARG J 439 -15.73 -50.81 -76.15
CA ARG J 439 -16.99 -51.51 -76.17
C ARG J 439 -17.52 -51.65 -77.58
N ILE J 440 -18.20 -52.76 -77.86
CA ILE J 440 -18.95 -52.90 -79.09
C ILE J 440 -20.34 -53.45 -78.76
N ASP J 441 -21.36 -52.89 -79.44
CA ASP J 441 -22.77 -53.10 -79.15
C ASP J 441 -23.51 -53.44 -80.44
N PHE J 442 -24.78 -53.80 -80.30
CA PHE J 442 -25.65 -53.90 -81.47
C PHE J 442 -26.05 -52.53 -81.98
N ALA J 443 -26.24 -51.57 -81.08
CA ALA J 443 -26.45 -50.19 -81.47
C ALA J 443 -25.25 -49.63 -82.21
N ASP J 444 -24.07 -50.18 -81.97
CA ASP J 444 -22.90 -49.88 -82.76
C ASP J 444 -22.83 -50.72 -84.03
N ILE J 445 -23.46 -51.90 -84.05
CA ILE J 445 -23.35 -52.73 -85.25
C ILE J 445 -24.31 -52.26 -86.33
N LEU J 446 -25.31 -51.44 -85.96
CA LEU J 446 -26.36 -50.99 -86.88
C LEU J 446 -25.93 -50.39 -88.22
N PRO J 447 -24.91 -49.52 -88.35
CA PRO J 447 -24.60 -48.98 -89.68
C PRO J 447 -23.94 -49.97 -90.61
N SER J 448 -23.62 -51.15 -90.14
CA SER J 448 -23.10 -52.22 -90.97
C SER J 448 -24.15 -53.26 -91.32
N VAL J 449 -25.15 -53.44 -90.46
CA VAL J 449 -26.16 -54.46 -90.67
C VAL J 449 -27.42 -53.91 -91.33
N CYS J 450 -27.71 -52.62 -91.19
CA CYS J 450 -29.01 -52.11 -91.59
C CYS J 450 -28.97 -51.46 -92.99
N HIS J 451 -28.04 -51.88 -93.83
CA HIS J 451 -27.89 -51.40 -95.19
C HIS J 451 -28.80 -52.19 -96.13
N PRO J 452 -29.35 -51.55 -97.16
CA PRO J 452 -30.29 -52.26 -98.06
C PRO J 452 -29.71 -53.41 -98.85
N ILE J 453 -28.38 -53.52 -99.00
CA ILE J 453 -27.85 -54.63 -99.76
C ILE J 453 -27.93 -55.92 -98.94
N VAL J 454 -28.06 -55.81 -97.62
CA VAL J 454 -28.38 -56.98 -96.80
C VAL J 454 -29.79 -57.46 -97.11
N HIS J 455 -30.77 -56.58 -97.02
CA HIS J 455 -32.15 -57.00 -97.19
C HIS J 455 -32.58 -57.12 -98.64
N ASP J 456 -31.69 -56.91 -99.59
CA ASP J 456 -31.96 -57.30 -100.97
C ASP J 456 -31.84 -58.81 -101.13
N SER J 457 -32.65 -59.37 -102.03
CA SER J 457 -32.58 -60.79 -102.37
C SER J 457 -32.13 -61.03 -103.80
N THR J 458 -31.76 -59.99 -104.53
CA THR J 458 -31.61 -60.12 -105.97
C THR J 458 -30.37 -60.92 -106.33
N ILE J 459 -29.22 -60.56 -105.75
CA ILE J 459 -27.97 -61.21 -106.13
C ILE J 459 -27.93 -62.62 -105.59
N VAL J 460 -28.53 -62.85 -104.42
CA VAL J 460 -28.65 -64.20 -103.87
C VAL J 460 -29.47 -65.08 -104.80
N GLU J 461 -30.59 -64.56 -105.29
CA GLU J 461 -31.44 -65.30 -106.21
C GLU J 461 -30.74 -65.57 -107.53
N ARG J 462 -29.98 -64.60 -108.03
CA ARG J 462 -29.27 -64.79 -109.31
C ARG J 462 -28.19 -65.85 -109.19
N LEU J 463 -27.37 -65.77 -108.14
CA LEU J 463 -26.26 -66.72 -108.00
C LEU J 463 -26.77 -68.11 -107.67
N MET J 464 -27.80 -68.21 -106.83
CA MET J 464 -28.37 -69.50 -106.48
C MET J 464 -29.20 -70.08 -107.61
N LYS J 465 -29.62 -69.24 -108.56
CA LYS J 465 -30.22 -69.73 -109.79
C LYS J 465 -29.16 -70.29 -110.73
N ASN J 466 -28.06 -69.54 -110.92
CA ASN J 466 -27.04 -69.97 -111.86
C ASN J 466 -26.17 -71.09 -111.34
N GLU J 467 -26.19 -71.36 -110.05
CA GLU J 467 -25.52 -72.54 -109.53
C GLU J 467 -26.23 -73.80 -110.04
N PRO J 468 -25.49 -74.81 -110.48
CA PRO J 468 -26.11 -75.99 -111.10
C PRO J 468 -26.95 -76.81 -110.13
N LEU J 469 -27.67 -77.75 -110.71
CA LEU J 469 -28.65 -78.56 -110.00
C LEU J 469 -27.96 -79.61 -109.15
N PRO J 470 -28.62 -80.10 -108.10
CA PRO J 470 -28.04 -81.20 -107.32
C PRO J 470 -28.12 -82.52 -108.06
N THR J 471 -27.42 -83.51 -107.51
CA THR J 471 -27.45 -84.86 -108.05
C THR J 471 -28.76 -85.57 -107.65
N GLY J 472 -28.86 -86.85 -108.00
CA GLY J 472 -30.14 -87.54 -107.88
C GLY J 472 -30.54 -87.86 -106.46
N HIS J 473 -29.58 -88.30 -105.63
CA HIS J 473 -29.91 -88.81 -104.31
C HIS J 473 -30.32 -87.69 -103.36
N ARG J 474 -29.75 -86.51 -103.52
CA ARG J 474 -30.21 -85.33 -102.80
C ARG J 474 -31.35 -84.64 -103.53
N PHE J 475 -31.45 -84.86 -104.84
CA PHE J 475 -32.50 -84.24 -105.65
C PHE J 475 -33.86 -84.78 -105.29
N SER J 476 -33.95 -86.09 -105.09
CA SER J 476 -35.22 -86.71 -104.71
C SER J 476 -35.62 -86.36 -103.29
N GLN J 477 -34.67 -85.94 -102.46
CA GLN J 477 -34.97 -85.55 -101.09
C GLN J 477 -35.33 -84.08 -100.97
N LEU J 478 -34.78 -83.24 -101.84
CA LEU J 478 -34.79 -81.80 -101.59
C LEU J 478 -35.67 -81.02 -102.55
N CYS J 479 -35.75 -81.43 -103.82
CA CYS J 479 -36.38 -80.65 -104.87
C CYS J 479 -37.82 -81.11 -105.15
N GLN J 480 -38.35 -82.00 -104.33
CA GLN J 480 -39.52 -82.77 -104.74
C GLN J 480 -40.83 -82.00 -104.62
N LEU J 481 -40.93 -81.03 -103.71
CA LEU J 481 -42.22 -80.51 -103.31
C LEU J 481 -42.79 -79.55 -104.36
N LYS J 482 -44.04 -79.15 -104.16
CA LYS J 482 -44.79 -78.47 -105.21
C LYS J 482 -45.97 -77.73 -104.59
N ILE J 483 -46.28 -76.55 -105.11
CA ILE J 483 -47.36 -75.72 -104.59
C ILE J 483 -48.63 -75.99 -105.38
N THR J 484 -49.77 -75.60 -104.82
CA THR J 484 -51.08 -75.77 -105.45
C THR J 484 -52.04 -74.75 -104.87
N ARG J 485 -52.72 -73.99 -105.72
CA ARG J 485 -53.66 -72.97 -105.27
C ARG J 485 -55.00 -73.08 -105.99
N GLU J 486 -56.07 -72.94 -105.22
CA GLU J 486 -57.44 -72.91 -105.73
C GLU J 486 -58.18 -71.77 -105.01
N ASN J 487 -59.50 -71.76 -105.11
CA ASN J 487 -60.24 -70.73 -104.40
C ASN J 487 -61.01 -71.33 -103.22
N PRO J 488 -61.26 -70.54 -102.16
CA PRO J 488 -61.93 -71.08 -100.97
C PRO J 488 -63.34 -71.59 -101.18
N THR J 489 -63.99 -71.27 -102.30
CA THR J 489 -65.26 -71.91 -102.61
C THR J 489 -65.05 -73.38 -102.94
N ARG J 490 -64.05 -73.69 -103.76
CA ARG J 490 -63.85 -75.07 -104.17
C ARG J 490 -63.10 -75.89 -103.12
N ILE J 491 -62.25 -75.26 -102.31
CA ILE J 491 -61.44 -76.11 -101.44
C ILE J 491 -62.24 -76.62 -100.25
N LEU J 492 -63.35 -75.97 -99.89
CA LEU J 492 -64.17 -76.47 -98.79
C LEU J 492 -64.87 -77.77 -99.17
N GLN J 493 -65.24 -77.93 -100.44
CA GLN J 493 -65.86 -79.17 -100.89
C GLN J 493 -64.85 -80.17 -101.42
N THR J 494 -63.64 -79.72 -101.79
CA THR J 494 -62.60 -80.62 -102.27
C THR J 494 -61.47 -80.79 -101.27
N LEU J 495 -61.74 -80.51 -99.99
CA LEU J 495 -60.73 -80.65 -98.95
C LEU J 495 -60.30 -82.10 -98.76
N TYR J 496 -61.24 -82.97 -98.45
CA TYR J 496 -60.90 -84.34 -98.05
C TYR J 496 -60.49 -85.25 -99.19
N ASN J 497 -60.40 -84.76 -100.43
CA ASN J 497 -60.10 -85.64 -101.56
C ASN J 497 -58.67 -86.15 -101.52
N LEU J 498 -57.74 -85.35 -101.02
CA LEU J 498 -56.34 -85.79 -100.95
C LEU J 498 -56.07 -86.66 -99.74
N TYR J 499 -57.07 -86.93 -98.91
CA TYR J 499 -57.00 -87.97 -97.90
C TYR J 499 -57.82 -89.18 -98.27
N GLU J 500 -58.88 -89.01 -99.06
CA GLU J 500 -59.60 -90.15 -99.64
C GLU J 500 -58.71 -90.88 -100.63
N SER J 501 -57.96 -90.14 -101.43
CA SER J 501 -56.82 -90.73 -102.11
C SER J 501 -55.74 -91.02 -101.07
N ARG J 502 -55.02 -92.13 -101.25
CA ARG J 502 -54.06 -92.60 -100.28
C ARG J 502 -52.63 -92.23 -100.65
N GLN J 503 -52.45 -91.09 -101.31
CA GLN J 503 -51.16 -90.72 -101.88
C GLN J 503 -50.25 -90.12 -100.81
N GLU J 504 -48.96 -90.47 -100.89
CA GLU J 504 -47.95 -89.89 -100.02
C GLU J 504 -47.60 -88.48 -100.48
N VAL J 505 -47.49 -87.57 -99.52
CA VAL J 505 -47.09 -86.19 -99.77
C VAL J 505 -45.63 -86.05 -99.34
N PRO J 506 -44.78 -85.44 -100.17
CA PRO J 506 -43.36 -85.35 -99.83
C PRO J 506 -43.10 -84.38 -98.68
N LYS J 507 -41.88 -84.44 -98.17
CA LYS J 507 -41.45 -83.52 -97.13
C LYS J 507 -41.24 -82.13 -97.71
N ASN J 508 -41.16 -81.17 -96.81
CA ASN J 508 -40.69 -79.83 -97.14
C ASN J 508 -39.24 -79.70 -96.74
N THR J 509 -38.57 -78.72 -97.35
CA THR J 509 -37.19 -78.42 -97.00
C THR J 509 -37.09 -77.93 -95.56
N ASN J 510 -38.06 -77.15 -95.12
CA ASN J 510 -38.00 -76.57 -93.79
C ASN J 510 -38.29 -77.62 -92.71
N VAL J 511 -39.25 -78.52 -92.97
CA VAL J 511 -39.51 -79.57 -92.00
C VAL J 511 -38.42 -80.63 -92.08
N LEU J 512 -37.67 -80.69 -93.18
CA LEU J 512 -36.48 -81.52 -93.24
C LEU J 512 -35.36 -80.94 -92.39
N LYS J 513 -35.21 -79.63 -92.44
CA LYS J 513 -34.08 -78.97 -91.78
C LYS J 513 -34.30 -78.88 -90.28
N ASN J 514 -35.52 -78.62 -89.85
CA ASN J 514 -35.78 -78.47 -88.42
C ASN J 514 -35.72 -79.78 -87.66
N GLU J 515 -35.76 -80.92 -88.35
CA GLU J 515 -35.51 -82.20 -87.68
C GLU J 515 -34.07 -82.32 -87.24
N LEU J 516 -33.15 -81.62 -87.91
CA LEU J 516 -31.73 -81.74 -87.61
C LEU J 516 -31.39 -81.06 -86.29
N ASN J 517 -30.13 -81.13 -85.95
CA ASN J 517 -29.60 -80.80 -84.64
C ASN J 517 -28.77 -79.53 -84.76
N VAL J 518 -28.35 -78.99 -83.60
CA VAL J 518 -27.55 -77.76 -83.57
C VAL J 518 -26.11 -77.98 -83.99
N GLU J 519 -25.71 -79.21 -84.24
CA GLU J 519 -24.38 -79.59 -84.69
C GLU J 519 -24.41 -80.45 -85.95
N ASP J 520 -25.41 -81.34 -86.05
CA ASP J 520 -25.62 -82.17 -87.23
C ASP J 520 -25.99 -81.34 -88.45
N PHE J 521 -26.41 -80.09 -88.23
CA PHE J 521 -26.67 -79.16 -89.31
C PHE J 521 -25.41 -78.86 -90.12
N TYR J 522 -24.30 -78.59 -89.44
CA TYR J 522 -23.10 -78.20 -90.15
C TYR J 522 -22.36 -79.37 -90.74
N LYS J 523 -22.67 -80.57 -90.30
CA LYS J 523 -22.04 -81.77 -90.83
C LYS J 523 -22.55 -82.02 -92.24
N PRO J 524 -21.69 -82.53 -93.13
CA PRO J 524 -22.13 -82.82 -94.52
C PRO J 524 -23.15 -83.94 -94.66
N ASP J 525 -23.65 -84.56 -93.58
CA ASP J 525 -24.84 -85.38 -93.70
C ASP J 525 -26.09 -84.56 -94.01
N ASN J 526 -26.05 -83.27 -93.74
CA ASN J 526 -27.16 -82.38 -94.03
C ASN J 526 -27.38 -82.28 -95.53
N PRO J 527 -28.60 -82.55 -96.02
CA PRO J 527 -28.92 -82.24 -97.42
C PRO J 527 -29.27 -80.78 -97.65
N THR J 528 -29.32 -79.96 -96.60
CA THR J 528 -29.76 -78.57 -96.73
C THR J 528 -28.67 -77.57 -96.37
N LEU J 529 -27.40 -77.91 -96.54
CA LEU J 529 -26.39 -76.88 -96.31
C LEU J 529 -26.28 -75.84 -97.43
N PRO J 530 -26.42 -76.16 -98.72
CA PRO J 530 -26.58 -75.09 -99.70
C PRO J 530 -27.96 -74.46 -99.74
N THR J 531 -28.88 -74.89 -98.88
CA THR J 531 -30.19 -74.28 -98.81
C THR J 531 -30.12 -72.91 -98.16
N GLU J 532 -29.45 -72.80 -97.01
CA GLU J 532 -29.23 -71.51 -96.39
C GLU J 532 -28.34 -70.64 -97.27
N ARG J 533 -28.74 -69.41 -97.49
CA ARG J 533 -27.88 -68.45 -98.18
C ARG J 533 -27.92 -67.11 -97.48
N HIS J 534 -29.04 -66.81 -96.83
CA HIS J 534 -29.20 -65.49 -96.28
C HIS J 534 -30.06 -65.66 -95.04
N PRO J 535 -29.66 -65.10 -93.89
CA PRO J 535 -30.34 -65.42 -92.64
C PRO J 535 -31.73 -64.82 -92.53
N PHE J 536 -32.06 -63.88 -93.41
CA PHE J 536 -33.40 -63.34 -93.48
C PHE J 536 -34.26 -64.06 -94.49
N PHE J 537 -33.67 -64.79 -95.42
CA PHE J 537 -34.38 -65.27 -96.60
C PHE J 537 -34.30 -66.79 -96.66
N ASP J 538 -35.44 -67.44 -96.56
CA ASP J 538 -35.55 -68.87 -96.77
C ASP J 538 -35.58 -69.16 -98.26
N LEU J 539 -34.70 -70.03 -98.71
CA LEU J 539 -34.58 -70.37 -100.12
C LEU J 539 -34.87 -71.86 -100.28
N THR J 540 -35.36 -72.24 -101.45
CA THR J 540 -35.76 -73.61 -101.67
C THR J 540 -35.84 -73.91 -103.15
N TYR J 541 -36.22 -75.15 -103.46
CA TYR J 541 -36.49 -75.61 -104.81
C TYR J 541 -37.95 -76.04 -104.88
N ILE J 542 -38.73 -75.39 -105.74
CA ILE J 542 -40.11 -75.81 -105.97
C ILE J 542 -40.33 -75.99 -107.47
N GLN J 543 -41.38 -76.75 -107.77
CA GLN J 543 -41.64 -77.26 -109.11
C GLN J 543 -42.78 -76.50 -109.79
N LYS J 544 -42.51 -76.01 -110.99
CA LYS J 544 -43.55 -75.57 -111.92
C LYS J 544 -43.25 -76.19 -113.28
N ASN J 545 -44.16 -77.05 -113.74
CA ASN J 545 -44.11 -77.73 -115.04
C ASN J 545 -42.82 -78.55 -115.18
N ARG J 546 -42.47 -79.25 -114.09
CA ARG J 546 -41.27 -80.09 -113.98
C ARG J 546 -39.99 -79.31 -114.27
N ALA J 547 -39.97 -78.04 -113.83
CA ALA J 547 -38.76 -77.26 -113.70
C ALA J 547 -38.52 -77.00 -112.23
N THR J 548 -37.24 -76.88 -111.84
CA THR J 548 -36.88 -76.99 -110.43
C THR J 548 -37.23 -75.77 -109.60
N GLU J 549 -37.40 -74.59 -110.21
CA GLU J 549 -37.72 -73.29 -109.64
C GLU J 549 -37.00 -72.94 -108.34
N VAL J 550 -35.75 -72.48 -108.44
CA VAL J 550 -35.13 -71.77 -107.33
C VAL J 550 -36.06 -70.69 -106.80
N LEU J 551 -36.21 -70.64 -105.48
CA LEU J 551 -37.23 -69.79 -104.88
C LEU J 551 -36.66 -69.08 -103.66
N CYS J 552 -36.74 -67.76 -103.65
CA CYS J 552 -36.46 -66.98 -102.46
C CYS J 552 -37.77 -66.57 -101.81
N THR J 553 -37.76 -66.51 -100.50
CA THR J 553 -38.93 -66.17 -99.71
C THR J 553 -38.45 -65.62 -98.39
N PRO J 554 -38.82 -64.39 -98.02
CA PRO J 554 -38.32 -63.82 -96.76
C PRO J 554 -38.91 -64.53 -95.54
N ARG J 555 -38.03 -65.13 -94.74
CA ARG J 555 -38.36 -65.38 -93.34
C ARG J 555 -38.74 -64.06 -92.73
N ILE J 556 -39.87 -64.01 -92.04
CA ILE J 556 -40.26 -62.75 -91.45
C ILE J 556 -39.94 -62.75 -89.98
N MET J 557 -40.55 -63.66 -89.25
CA MET J 557 -40.45 -63.62 -87.80
C MET J 557 -39.18 -64.33 -87.34
N ILE J 558 -38.73 -63.97 -86.13
CA ILE J 558 -37.47 -64.49 -85.61
C ILE J 558 -37.53 -65.98 -85.37
N GLY J 559 -38.71 -66.51 -85.04
CA GLY J 559 -38.84 -67.92 -84.80
C GLY J 559 -38.68 -68.75 -86.05
N ASN J 560 -38.95 -68.17 -87.20
CA ASN J 560 -38.87 -68.91 -88.45
C ASN J 560 -37.45 -69.15 -88.94
N MET J 561 -36.43 -68.65 -88.23
CA MET J 561 -35.09 -69.14 -88.44
C MET J 561 -35.03 -70.60 -88.01
N PRO J 562 -34.19 -71.42 -88.64
CA PRO J 562 -34.18 -72.85 -88.31
C PRO J 562 -33.64 -73.09 -86.92
N LEU J 563 -34.29 -74.00 -86.21
CA LEU J 563 -33.93 -74.43 -84.86
C LEU J 563 -32.51 -74.96 -84.67
N PRO J 564 -31.80 -75.47 -85.69
CA PRO J 564 -30.35 -75.54 -85.55
C PRO J 564 -29.69 -74.18 -85.41
N LEU J 565 -30.23 -73.14 -86.01
CA LEU J 565 -29.58 -71.84 -86.05
C LEU J 565 -30.15 -70.88 -85.01
N ALA J 566 -31.17 -71.30 -84.30
CA ALA J 566 -31.74 -70.57 -83.16
C ALA J 566 -32.46 -71.58 -82.28
N PRO J 567 -31.80 -72.15 -81.29
CA PRO J 567 -32.41 -73.21 -80.49
C PRO J 567 -33.50 -72.67 -79.59
N ILE J 568 -34.25 -73.58 -78.99
CA ILE J 568 -35.41 -73.16 -78.23
C ILE J 568 -35.00 -72.55 -76.89
N SER J 569 -33.85 -72.97 -76.35
CA SER J 569 -33.32 -72.34 -75.15
C SER J 569 -32.85 -70.92 -75.44
N PHE J 570 -32.41 -70.66 -76.67
CA PHE J 570 -32.06 -69.30 -77.07
C PHE J 570 -33.29 -68.40 -77.07
N HIS J 571 -34.41 -68.90 -77.59
CA HIS J 571 -35.64 -68.12 -77.57
C HIS J 571 -36.14 -67.92 -76.15
N GLU J 572 -35.97 -68.92 -75.28
CA GLU J 572 -36.38 -68.73 -73.89
C GLU J 572 -35.48 -67.74 -73.16
N ALA J 573 -34.20 -67.69 -73.52
CA ALA J 573 -33.30 -66.72 -72.89
C ALA J 573 -33.60 -65.32 -73.36
N ARG J 574 -33.86 -65.14 -74.65
CA ARG J 574 -34.31 -63.85 -75.19
C ARG J 574 -35.64 -63.43 -74.57
N THR J 575 -36.51 -64.40 -74.31
CA THR J 575 -37.77 -64.12 -73.65
C THR J 575 -37.56 -63.69 -72.21
N ASN J 576 -36.60 -64.32 -71.52
CA ASN J 576 -36.32 -63.91 -70.14
C ASN J 576 -35.67 -62.54 -70.09
N GLN J 577 -34.92 -62.17 -71.14
CA GLN J 577 -34.48 -60.78 -71.28
C GLN J 577 -35.66 -59.83 -71.33
N MET J 578 -36.64 -60.12 -72.18
CA MET J 578 -37.79 -59.21 -72.27
C MET J 578 -38.67 -59.25 -71.03
N LEU J 579 -38.73 -60.39 -70.34
CA LEU J 579 -39.48 -60.47 -69.09
C LEU J 579 -38.82 -59.65 -68.00
N GLU J 580 -37.48 -59.73 -67.89
CA GLU J 580 -36.77 -58.94 -66.91
C GLU J 580 -36.81 -57.45 -67.26
N HIS J 581 -36.83 -57.12 -68.55
CA HIS J 581 -36.94 -55.73 -68.94
C HIS J 581 -38.35 -55.20 -68.73
N ALA J 582 -39.36 -56.07 -68.81
CA ALA J 582 -40.73 -55.67 -68.54
C ALA J 582 -41.04 -55.62 -67.06
N LYS J 583 -40.25 -56.33 -66.24
CA LYS J 583 -40.51 -56.54 -64.82
C LYS J 583 -41.88 -57.15 -64.57
N THR J 584 -42.25 -58.09 -65.43
CA THR J 584 -43.53 -58.81 -65.34
C THR J 584 -43.20 -60.30 -65.27
N ASN J 585 -43.01 -60.81 -64.06
CA ASN J 585 -42.67 -62.21 -63.86
C ASN J 585 -43.48 -62.80 -62.71
N SER J 586 -44.79 -62.56 -62.72
CA SER J 586 -45.64 -63.03 -61.63
C SER J 586 -45.87 -64.53 -61.75
N HIS J 587 -45.68 -65.24 -60.65
CA HIS J 587 -45.91 -66.68 -60.60
C HIS J 587 -47.29 -67.02 -60.04
N ASN J 588 -48.25 -66.11 -60.18
CA ASN J 588 -49.59 -66.31 -59.64
C ASN J 588 -50.44 -67.23 -60.50
N TYR J 589 -49.98 -67.61 -61.69
CA TYR J 589 -50.85 -68.16 -62.73
C TYR J 589 -50.66 -69.65 -62.98
N ASP J 590 -49.62 -70.27 -62.43
CA ASP J 590 -49.25 -71.63 -62.81
C ASP J 590 -50.30 -72.66 -62.38
N PHE J 591 -50.97 -72.41 -61.26
CA PHE J 591 -52.07 -73.25 -60.80
C PHE J 591 -53.24 -73.23 -61.79
N THR J 592 -53.63 -72.02 -62.22
CA THR J 592 -54.66 -71.84 -63.23
C THR J 592 -54.27 -72.52 -64.54
N LEU J 593 -52.99 -72.42 -64.91
CA LEU J 593 -52.50 -73.05 -66.13
C LEU J 593 -52.55 -74.56 -66.05
N LYS J 594 -52.29 -75.13 -64.88
CA LYS J 594 -52.42 -76.58 -64.70
C LYS J 594 -53.86 -77.02 -64.91
N ILE J 595 -54.81 -76.27 -64.36
CA ILE J 595 -56.22 -76.61 -64.55
C ILE J 595 -56.64 -76.42 -66.01
N VAL J 596 -56.14 -75.38 -66.67
CA VAL J 596 -56.43 -75.18 -68.09
C VAL J 596 -55.81 -76.28 -68.93
N THR J 597 -54.61 -76.73 -68.57
CA THR J 597 -53.95 -77.83 -69.29
C THR J 597 -54.74 -79.13 -69.13
N GLU J 598 -55.26 -79.39 -67.94
CA GLU J 598 -56.10 -80.58 -67.74
C GLU J 598 -57.38 -80.50 -68.55
N SER J 599 -57.99 -79.32 -68.63
CA SER J 599 -59.21 -79.17 -69.41
C SER J 599 -58.93 -79.34 -70.90
N LEU J 600 -57.81 -78.79 -71.38
CA LEU J 600 -57.50 -78.91 -72.80
C LEU J 600 -57.02 -80.31 -73.16
N THR J 601 -56.54 -81.08 -72.18
CA THR J 601 -56.06 -82.42 -72.46
C THR J 601 -57.19 -83.45 -72.45
N SER J 602 -58.05 -83.41 -71.43
CA SER J 602 -59.06 -84.45 -71.23
C SER J 602 -60.11 -84.38 -72.33
N GLY J 603 -60.29 -85.49 -73.06
CA GLY J 603 -61.15 -85.51 -74.21
C GLY J 603 -62.60 -85.88 -73.91
N SER J 604 -63.10 -85.45 -72.75
CA SER J 604 -64.48 -85.70 -72.37
C SER J 604 -65.34 -84.44 -72.49
N TYR J 605 -64.87 -83.47 -73.28
CA TYR J 605 -65.53 -82.17 -73.44
C TYR J 605 -66.93 -82.33 -74.01
N PRO J 606 -67.93 -81.67 -73.44
CA PRO J 606 -69.33 -81.96 -73.80
C PRO J 606 -69.70 -81.36 -75.14
N GLU J 607 -70.78 -81.88 -75.71
CA GLU J 607 -71.15 -81.52 -77.07
C GLU J 607 -72.00 -80.26 -77.16
N LEU J 608 -72.61 -79.82 -76.06
CA LEU J 608 -73.44 -78.63 -76.11
C LEU J 608 -72.61 -77.38 -76.33
N ALA J 609 -71.33 -77.42 -75.93
CA ALA J 609 -70.50 -76.22 -75.92
C ALA J 609 -70.19 -75.72 -77.33
N TYR J 610 -70.03 -76.62 -78.29
CA TYR J 610 -69.82 -76.19 -79.68
C TYR J 610 -71.06 -75.54 -80.27
N VAL J 611 -72.23 -76.08 -79.93
CA VAL J 611 -73.49 -75.48 -80.33
C VAL J 611 -73.64 -74.10 -79.71
N ILE J 612 -73.26 -73.97 -78.44
CA ILE J 612 -73.32 -72.68 -77.76
C ILE J 612 -72.36 -71.68 -78.41
N GLU J 613 -71.16 -72.15 -78.78
CA GLU J 613 -70.17 -71.26 -79.38
C GLU J 613 -70.61 -70.76 -80.75
N ILE J 614 -71.32 -71.58 -81.52
CA ILE J 614 -71.83 -71.00 -82.76
C ILE J 614 -73.15 -70.28 -82.56
N LEU J 615 -73.83 -70.45 -81.42
CA LEU J 615 -75.00 -69.62 -81.16
C LEU J 615 -74.60 -68.21 -80.75
N VAL J 616 -73.68 -68.08 -79.80
CA VAL J 616 -73.21 -66.77 -79.38
C VAL J 616 -71.86 -66.52 -80.03
N HIS J 617 -71.84 -65.64 -81.03
CA HIS J 617 -70.60 -65.23 -81.64
C HIS J 617 -70.05 -63.93 -81.04
N GLY J 618 -70.36 -63.66 -79.78
CA GLY J 618 -69.71 -62.60 -79.06
C GLY J 618 -70.47 -61.29 -78.95
N ASN J 619 -71.68 -61.19 -79.50
CA ASN J 619 -72.39 -59.93 -79.50
C ASN J 619 -73.23 -59.72 -78.24
N LYS J 620 -73.17 -60.65 -77.29
CA LYS J 620 -73.43 -60.54 -75.86
C LYS J 620 -74.90 -60.33 -75.49
N HIS J 621 -75.76 -60.01 -76.46
CA HIS J 621 -77.20 -59.99 -76.17
C HIS J 621 -77.73 -61.41 -76.05
N ALA J 622 -77.37 -62.26 -77.01
CA ALA J 622 -77.72 -63.67 -76.92
C ALA J 622 -76.97 -64.36 -75.80
N PHE J 623 -75.81 -63.83 -75.40
CA PHE J 623 -75.15 -64.37 -74.20
C PHE J 623 -75.94 -64.03 -72.95
N MET J 624 -76.44 -62.80 -72.84
CA MET J 624 -77.29 -62.46 -71.70
C MET J 624 -78.62 -63.19 -71.74
N ILE J 625 -79.05 -63.64 -72.91
CA ILE J 625 -80.15 -64.61 -72.97
C ILE J 625 -79.70 -65.94 -72.36
N LEU J 626 -78.62 -66.51 -72.89
CA LEU J 626 -78.10 -67.82 -72.48
C LEU J 626 -77.33 -67.80 -71.18
N LYS J 627 -77.47 -66.74 -70.38
CA LYS J 627 -76.63 -66.55 -69.21
C LYS J 627 -76.81 -67.65 -68.18
N GLN J 628 -78.00 -68.24 -68.08
CA GLN J 628 -78.24 -69.26 -67.07
C GLN J 628 -77.95 -70.67 -67.55
N VAL J 629 -78.07 -70.94 -68.86
CA VAL J 629 -77.75 -72.27 -69.38
C VAL J 629 -76.24 -72.51 -69.33
N ILE J 630 -75.47 -71.53 -69.79
CA ILE J 630 -74.01 -71.56 -69.70
C ILE J 630 -73.57 -71.60 -68.23
N SER J 631 -74.35 -70.95 -67.36
CA SER J 631 -74.09 -71.01 -65.93
C SER J 631 -74.23 -72.43 -65.40
N GLN J 632 -75.32 -73.11 -65.77
CA GLN J 632 -75.54 -74.48 -65.30
C GLN J 632 -74.49 -75.43 -65.88
N CYS J 633 -74.11 -75.21 -67.14
CA CYS J 633 -73.09 -76.04 -67.79
C CYS J 633 -71.76 -75.92 -67.09
N ILE J 634 -71.25 -74.70 -66.92
CA ILE J 634 -69.96 -74.50 -66.27
C ILE J 634 -70.02 -74.90 -64.80
N SER J 635 -71.17 -74.69 -64.15
CA SER J 635 -71.27 -74.97 -62.72
C SER J 635 -71.22 -76.47 -62.45
N TYR J 636 -72.06 -77.25 -63.13
CA TYR J 636 -71.97 -78.71 -63.00
C TYR J 636 -70.65 -79.23 -63.53
N TRP J 637 -70.11 -78.60 -64.56
CA TRP J 637 -68.94 -79.14 -65.25
C TRP J 637 -67.68 -78.98 -64.41
N PHE J 638 -67.52 -77.86 -63.74
CA PHE J 638 -66.42 -77.69 -62.81
C PHE J 638 -66.73 -78.27 -61.44
N ASN J 639 -68.01 -78.50 -61.12
CA ASN J 639 -68.32 -79.07 -59.83
C ASN J 639 -67.99 -80.55 -59.79
N MET J 640 -68.35 -81.30 -60.83
CA MET J 640 -68.23 -82.75 -60.76
C MET J 640 -67.15 -83.29 -61.68
N LYS J 641 -67.09 -82.85 -62.94
CA LYS J 641 -65.98 -83.25 -63.79
C LYS J 641 -64.69 -82.53 -63.45
N HIS J 642 -64.79 -81.39 -62.77
CA HIS J 642 -63.73 -80.46 -62.35
C HIS J 642 -62.66 -80.20 -63.40
N ILE J 643 -63.06 -79.99 -64.64
CA ILE J 643 -62.24 -79.34 -65.65
C ILE J 643 -62.99 -78.13 -66.17
N LEU J 644 -62.30 -77.31 -66.93
CA LEU J 644 -62.80 -76.01 -67.34
C LEU J 644 -63.57 -76.13 -68.65
N LEU J 645 -64.49 -75.21 -68.86
CA LEU J 645 -65.35 -75.21 -70.03
C LEU J 645 -65.18 -73.87 -70.75
N PHE J 646 -65.48 -73.88 -72.05
CA PHE J 646 -65.38 -72.73 -72.95
C PHE J 646 -63.98 -72.14 -73.01
N CYS J 647 -62.96 -72.99 -72.92
CA CYS J 647 -61.58 -72.55 -73.03
C CYS J 647 -61.05 -72.66 -74.45
N ASN J 648 -61.91 -72.51 -75.46
CA ASN J 648 -61.52 -72.55 -76.86
C ASN J 648 -61.69 -71.22 -77.57
N SER J 649 -62.70 -70.45 -77.21
CA SER J 649 -63.04 -69.23 -77.92
C SER J 649 -62.68 -68.02 -77.06
N PHE J 650 -61.94 -67.09 -77.66
CA PHE J 650 -61.49 -65.93 -76.88
C PHE J 650 -62.65 -64.99 -76.56
N GLU J 651 -63.60 -64.85 -77.48
CA GLU J 651 -64.75 -63.99 -77.20
C GLU J 651 -65.61 -64.58 -76.08
N MET J 652 -65.69 -65.90 -75.99
CA MET J 652 -66.37 -66.54 -74.87
C MET J 652 -65.60 -66.33 -73.58
N ILE J 653 -64.28 -66.52 -73.60
CA ILE J 653 -63.53 -66.46 -72.35
C ILE J 653 -63.34 -65.02 -71.88
N MET J 654 -63.50 -64.04 -72.77
CA MET J 654 -63.49 -62.65 -72.37
C MET J 654 -64.88 -62.23 -71.92
N LEU J 655 -65.91 -62.82 -72.51
CA LEU J 655 -67.28 -62.52 -72.17
C LEU J 655 -67.64 -63.05 -70.79
N ILE J 656 -67.02 -64.15 -70.38
CA ILE J 656 -67.23 -64.67 -69.03
C ILE J 656 -66.67 -63.68 -67.99
N SER J 657 -65.51 -63.09 -68.28
CA SER J 657 -64.96 -62.11 -67.34
C SER J 657 -65.77 -60.82 -67.34
N ASN J 658 -66.24 -60.39 -68.51
CA ASN J 658 -66.92 -59.11 -68.58
C ASN J 658 -68.36 -59.18 -68.06
N HIS J 659 -69.20 -59.98 -68.69
CA HIS J 659 -70.64 -59.91 -68.46
C HIS J 659 -71.18 -61.06 -67.63
N MET J 660 -70.36 -62.05 -67.31
CA MET J 660 -70.76 -63.13 -66.42
C MET J 660 -70.15 -62.89 -65.04
N GLY J 661 -70.90 -63.20 -63.99
CA GLY J 661 -70.41 -62.92 -62.66
C GLY J 661 -70.06 -64.12 -61.83
N ASP J 662 -70.57 -64.17 -60.61
CA ASP J 662 -70.35 -65.31 -59.73
C ASP J 662 -71.63 -66.02 -59.37
N GLU J 663 -72.79 -65.47 -59.73
CA GLU J 663 -74.04 -66.18 -59.50
C GLU J 663 -74.16 -67.34 -60.47
N LEU J 664 -74.53 -68.50 -59.92
CA LEU J 664 -74.74 -69.76 -60.66
C LEU J 664 -73.47 -70.23 -61.37
N ILE J 665 -72.31 -69.91 -60.81
CA ILE J 665 -71.02 -70.41 -61.31
C ILE J 665 -70.08 -70.45 -60.11
N PRO J 666 -69.14 -71.38 -60.04
CA PRO J 666 -68.21 -71.38 -58.91
C PRO J 666 -67.16 -70.29 -59.02
N GLY J 667 -66.88 -69.67 -57.87
CA GLY J 667 -65.98 -68.54 -57.83
C GLY J 667 -64.55 -68.89 -58.13
N ALA J 668 -64.15 -70.13 -57.82
CA ALA J 668 -62.81 -70.57 -58.15
C ALA J 668 -62.61 -70.64 -59.66
N ALA J 669 -63.58 -71.22 -60.37
CA ALA J 669 -63.50 -71.26 -61.83
C ALA J 669 -63.63 -69.86 -62.43
N PHE J 670 -64.43 -68.99 -61.82
CA PHE J 670 -64.52 -67.61 -62.30
C PHE J 670 -63.20 -66.87 -62.11
N ALA J 671 -62.50 -67.16 -61.02
CA ALA J 671 -61.16 -66.64 -60.82
C ALA J 671 -60.19 -67.18 -61.86
N HIS J 672 -60.37 -68.43 -62.30
CA HIS J 672 -59.51 -68.94 -63.37
C HIS J 672 -59.76 -68.21 -64.68
N TYR J 673 -61.03 -67.91 -65.00
CA TYR J 673 -61.32 -67.13 -66.22
C TYR J 673 -60.72 -65.74 -66.13
N ARG J 674 -60.82 -65.12 -64.95
CA ARG J 674 -60.28 -63.78 -64.75
C ARG J 674 -58.76 -63.79 -64.81
N ASN J 675 -58.12 -64.86 -64.33
CA ASN J 675 -56.67 -64.97 -64.40
C ASN J 675 -56.20 -65.15 -65.83
N LEU J 676 -56.94 -65.89 -66.65
CA LEU J 676 -56.55 -66.02 -68.05
C LEU J 676 -56.69 -64.72 -68.81
N VAL J 677 -57.74 -63.96 -68.48
CA VAL J 677 -57.92 -62.63 -69.06
C VAL J 677 -56.75 -61.71 -68.72
N SER J 678 -56.43 -61.61 -67.43
CA SER J 678 -55.32 -60.75 -67.00
C SER J 678 -53.98 -61.24 -67.51
N LEU J 679 -53.87 -62.54 -67.74
CA LEU J 679 -52.68 -63.12 -68.37
C LEU J 679 -52.49 -62.61 -69.80
N ILE J 680 -53.55 -62.67 -70.60
CA ILE J 680 -53.44 -62.21 -71.99
C ILE J 680 -53.14 -60.72 -72.05
N ARG J 681 -53.68 -59.96 -71.09
CA ARG J 681 -53.29 -58.54 -70.98
C ARG J 681 -51.81 -58.38 -70.64
N LEU J 682 -51.28 -59.24 -69.75
CA LEU J 682 -49.87 -59.17 -69.40
C LEU J 682 -48.96 -59.55 -70.56
N VAL J 683 -49.38 -60.52 -71.38
CA VAL J 683 -48.59 -60.89 -72.55
C VAL J 683 -48.57 -59.73 -73.54
N LYS J 684 -49.71 -59.03 -73.69
CA LYS J 684 -49.76 -57.86 -74.54
C LYS J 684 -48.82 -56.77 -74.06
N ARG J 685 -48.74 -56.56 -72.74
CA ARG J 685 -47.77 -55.61 -72.19
C ARG J 685 -46.34 -56.05 -72.48
N THR J 686 -46.04 -57.32 -72.20
CA THR J 686 -44.68 -57.84 -72.23
C THR J 686 -44.09 -57.83 -73.63
N ILE J 687 -44.88 -58.03 -74.67
CA ILE J 687 -44.33 -57.82 -75.99
C ILE J 687 -44.88 -56.56 -76.65
N SER J 688 -45.46 -55.64 -75.86
CA SER J 688 -45.62 -54.27 -76.31
C SER J 688 -44.73 -53.35 -75.49
N ILE J 689 -43.62 -53.89 -74.99
CA ILE J 689 -42.51 -53.06 -74.52
C ILE J 689 -42.11 -52.03 -75.56
N SER J 690 -41.67 -52.49 -76.74
CA SER J 690 -40.95 -51.65 -77.70
C SER J 690 -41.96 -50.78 -78.44
N ASN J 691 -42.42 -49.74 -77.76
CA ASN J 691 -43.53 -48.92 -78.20
C ASN J 691 -43.09 -47.47 -78.12
N ILE J 692 -43.02 -46.81 -79.28
CA ILE J 692 -42.38 -45.52 -79.44
C ILE J 692 -43.35 -44.61 -80.17
N ASN J 693 -43.39 -43.33 -79.80
CA ASN J 693 -44.27 -42.38 -80.47
C ASN J 693 -43.82 -42.05 -81.88
N GLU J 694 -43.84 -43.00 -82.81
CA GLU J 694 -43.51 -42.65 -84.18
C GLU J 694 -44.19 -43.59 -85.16
N GLN J 695 -44.82 -43.00 -86.17
CA GLN J 695 -45.25 -43.71 -87.36
C GLN J 695 -44.24 -43.45 -88.49
N LEU J 696 -44.20 -44.37 -89.45
CA LEU J 696 -43.28 -44.23 -90.58
C LEU J 696 -44.02 -43.94 -91.88
N CYS J 697 -44.90 -44.84 -92.30
CA CYS J 697 -45.71 -44.59 -93.48
C CYS J 697 -47.18 -44.39 -93.09
N GLY J 698 -47.78 -45.38 -92.45
CA GLY J 698 -49.03 -45.17 -91.76
C GLY J 698 -49.11 -46.04 -90.54
N GLU J 699 -48.13 -46.82 -90.33
CA GLU J 699 -48.21 -47.82 -89.30
C GLU J 699 -47.44 -47.39 -88.06
N PRO J 700 -47.89 -47.79 -86.87
CA PRO J 700 -47.07 -47.58 -85.68
C PRO J 700 -45.82 -48.44 -85.69
N LEU J 701 -44.89 -48.05 -84.84
CA LEU J 701 -43.58 -48.67 -84.88
C LEU J 701 -43.60 -50.08 -84.31
N VAL J 702 -44.57 -50.40 -83.47
CA VAL J 702 -44.61 -51.76 -82.96
C VAL J 702 -45.27 -52.67 -83.98
N ASN J 703 -46.17 -52.12 -84.79
CA ASN J 703 -46.59 -52.78 -86.01
C ASN J 703 -45.39 -53.06 -86.90
N PHE J 704 -44.42 -52.14 -86.96
CA PHE J 704 -43.19 -52.50 -87.69
C PHE J 704 -42.33 -53.51 -86.95
N ALA J 705 -42.47 -53.59 -85.63
CA ALA J 705 -41.58 -54.42 -84.83
C ALA J 705 -42.02 -55.88 -84.79
N ASN J 706 -43.18 -56.11 -84.21
CA ASN J 706 -43.65 -57.45 -83.90
C ASN J 706 -44.79 -57.78 -84.84
N ALA J 707 -44.67 -58.90 -85.56
CA ALA J 707 -45.70 -59.31 -86.51
C ALA J 707 -46.98 -59.76 -85.83
N LEU J 708 -46.98 -59.91 -84.51
CA LEU J 708 -48.21 -60.23 -83.81
C LEU J 708 -49.13 -59.01 -83.72
N PHE J 709 -48.62 -57.80 -83.95
CA PHE J 709 -49.42 -56.59 -83.80
C PHE J 709 -49.94 -56.03 -85.11
N ASP J 710 -49.57 -56.61 -86.25
CA ASP J 710 -49.81 -55.93 -87.51
C ASP J 710 -51.27 -56.06 -87.94
N GLY J 711 -51.61 -55.35 -89.00
CA GLY J 711 -52.85 -55.56 -89.71
C GLY J 711 -52.79 -56.69 -90.69
N ARG J 712 -51.64 -57.37 -90.71
CA ARG J 712 -51.43 -58.53 -91.57
C ARG J 712 -51.86 -59.81 -90.85
N LEU J 713 -52.18 -59.69 -89.57
CA LEU J 713 -52.62 -60.82 -88.76
C LEU J 713 -54.11 -60.64 -88.51
N PHE J 714 -54.90 -61.66 -88.87
CA PHE J 714 -56.34 -61.59 -88.73
C PHE J 714 -57.02 -62.35 -87.58
N CYS J 715 -56.30 -62.93 -86.64
CA CYS J 715 -57.05 -63.67 -85.62
C CYS J 715 -57.72 -64.88 -86.23
N PRO J 716 -57.01 -66.01 -86.44
CA PRO J 716 -57.47 -67.11 -87.32
C PRO J 716 -58.86 -67.72 -87.10
N PHE J 717 -59.60 -67.29 -86.08
CA PHE J 717 -61.03 -67.53 -85.97
C PHE J 717 -61.72 -66.18 -85.86
N VAL J 718 -62.32 -65.72 -86.94
CA VAL J 718 -63.07 -64.47 -86.94
C VAL J 718 -64.55 -64.78 -87.02
N HIS J 719 -65.37 -63.76 -86.76
CA HIS J 719 -66.81 -63.93 -86.84
C HIS J 719 -67.44 -62.83 -87.68
N THR J 720 -66.87 -61.63 -87.67
CA THR J 720 -67.41 -60.54 -88.47
C THR J 720 -66.45 -60.15 -89.58
N MET J 721 -65.31 -59.59 -89.24
CA MET J 721 -64.37 -59.03 -90.19
C MET J 721 -63.13 -58.64 -89.42
N PRO J 722 -61.94 -58.94 -89.92
CA PRO J 722 -60.74 -58.42 -89.28
C PRO J 722 -60.57 -56.94 -89.59
N ARG J 723 -59.84 -56.29 -88.69
CA ARG J 723 -59.58 -54.87 -88.81
C ARG J 723 -58.60 -54.60 -89.93
N ASN J 724 -58.78 -53.46 -90.62
CA ASN J 724 -57.88 -52.90 -91.62
C ASN J 724 -57.71 -53.85 -92.81
N ASP J 725 -58.84 -54.04 -93.50
CA ASP J 725 -58.84 -54.83 -94.72
C ASP J 725 -58.15 -54.10 -95.87
N THR J 726 -58.19 -52.76 -95.88
CA THR J 726 -57.86 -51.98 -97.07
C THR J 726 -56.40 -52.12 -97.51
N ASN J 727 -55.52 -52.54 -96.62
CA ASN J 727 -54.19 -52.98 -97.05
C ASN J 727 -54.29 -54.35 -97.71
N ALA J 728 -54.98 -55.28 -97.07
CA ALA J 728 -54.96 -56.68 -97.46
C ALA J 728 -55.93 -56.93 -98.61
N LYS J 729 -56.16 -58.21 -98.92
CA LYS J 729 -57.05 -58.60 -100.01
C LYS J 729 -57.72 -59.91 -99.58
N ILE J 730 -58.87 -59.79 -98.95
CA ILE J 730 -59.58 -60.95 -98.42
C ILE J 730 -60.49 -61.49 -99.51
N THR J 731 -60.29 -62.76 -99.87
CA THR J 731 -61.03 -63.39 -100.95
C THR J 731 -61.70 -64.66 -100.45
N ALA J 732 -62.95 -64.85 -100.86
CA ALA J 732 -63.63 -66.13 -100.78
C ALA J 732 -63.95 -66.67 -102.16
N ASP J 733 -64.63 -65.87 -102.97
CA ASP J 733 -64.71 -66.04 -104.41
C ASP J 733 -63.57 -65.22 -105.05
N ASP J 734 -63.66 -64.97 -106.35
CA ASP J 734 -62.68 -64.12 -107.00
C ASP J 734 -62.88 -62.63 -106.73
N THR J 735 -63.85 -62.26 -105.90
CA THR J 735 -64.11 -60.86 -105.61
C THR J 735 -63.47 -60.47 -104.30
N PRO J 736 -62.55 -59.49 -104.29
CA PRO J 736 -62.05 -58.96 -103.02
C PRO J 736 -63.15 -58.16 -102.34
N LEU J 737 -63.48 -58.54 -101.12
CA LEU J 737 -64.58 -57.91 -100.41
C LEU J 737 -64.16 -56.58 -99.82
N THR J 738 -65.08 -55.62 -99.81
CA THR J 738 -64.88 -54.32 -99.19
C THR J 738 -66.07 -53.96 -98.32
N GLN J 739 -66.10 -52.73 -97.81
CA GLN J 739 -67.30 -52.17 -97.20
C GLN J 739 -68.42 -52.03 -98.22
N ASN J 740 -68.07 -51.81 -99.49
CA ASN J 740 -69.06 -51.79 -100.55
C ASN J 740 -69.62 -53.19 -100.80
N THR J 741 -68.76 -54.20 -100.80
CA THR J 741 -69.17 -55.54 -101.20
C THR J 741 -69.93 -56.25 -100.08
N VAL J 742 -69.42 -56.17 -98.86
CA VAL J 742 -70.01 -56.91 -97.75
C VAL J 742 -71.30 -56.24 -97.30
N ARG J 743 -72.39 -57.01 -97.29
CA ARG J 743 -73.66 -56.52 -96.79
C ARG J 743 -73.74 -56.72 -95.28
N VAL J 744 -74.31 -55.73 -94.59
CA VAL J 744 -74.37 -55.77 -93.14
C VAL J 744 -75.46 -56.74 -92.70
N ARG J 745 -75.22 -57.41 -91.57
CA ARG J 745 -76.22 -58.28 -90.97
C ARG J 745 -77.18 -57.44 -90.15
N ASN J 746 -78.39 -57.25 -90.66
CA ASN J 746 -79.46 -56.63 -89.92
C ASN J 746 -80.28 -57.75 -89.30
N TYR J 747 -80.24 -57.87 -87.99
CA TYR J 747 -81.01 -58.88 -87.27
C TYR J 747 -82.43 -58.43 -86.95
N GLU J 748 -82.78 -57.20 -87.31
CA GLU J 748 -84.13 -56.72 -87.09
C GLU J 748 -85.06 -57.11 -88.24
N ILE J 749 -84.63 -56.85 -89.48
CA ILE J 749 -85.52 -57.02 -90.62
C ILE J 749 -85.57 -58.44 -91.17
N SER J 750 -84.53 -59.25 -90.91
CA SER J 750 -84.45 -60.68 -91.25
C SER J 750 -84.63 -60.92 -92.75
N ASP J 751 -83.64 -60.45 -93.51
CA ASP J 751 -83.64 -60.60 -94.95
C ASP J 751 -83.56 -62.05 -95.38
N VAL J 752 -84.12 -62.34 -96.55
CA VAL J 752 -84.00 -63.67 -97.12
C VAL J 752 -82.76 -63.82 -97.99
N GLN J 753 -82.07 -62.71 -98.31
CA GLN J 753 -80.85 -62.80 -99.09
C GLN J 753 -79.77 -63.55 -98.33
N ARG J 754 -79.60 -63.24 -97.06
CA ARG J 754 -78.61 -63.92 -96.23
C ARG J 754 -78.97 -65.38 -96.03
N MET J 755 -80.26 -65.67 -95.85
CA MET J 755 -80.68 -67.04 -95.65
C MET J 755 -80.57 -67.86 -96.93
N ASN J 756 -80.66 -67.23 -98.09
CA ASN J 756 -80.39 -67.94 -99.33
C ASN J 756 -78.89 -68.15 -99.52
N LEU J 757 -78.08 -67.18 -99.13
CA LEU J 757 -76.67 -67.18 -99.47
C LEU J 757 -75.76 -67.67 -98.34
N ILE J 758 -76.31 -68.29 -97.30
CA ILE J 758 -75.41 -68.97 -96.35
C ILE J 758 -74.69 -70.14 -97.02
N ASP J 759 -75.32 -70.80 -97.97
CA ASP J 759 -74.61 -71.85 -98.68
C ASP J 759 -73.68 -71.29 -99.74
N SER J 760 -74.04 -70.16 -100.35
CA SER J 760 -73.15 -69.55 -101.31
C SER J 760 -72.04 -68.78 -100.60
N SER J 761 -71.09 -68.28 -101.38
CA SER J 761 -69.86 -67.71 -100.86
C SER J 761 -69.92 -66.19 -100.81
N VAL J 762 -70.76 -65.69 -99.90
CA VAL J 762 -70.88 -64.24 -99.65
C VAL J 762 -70.73 -64.02 -98.14
N VAL J 763 -69.86 -63.06 -97.78
CA VAL J 763 -69.51 -62.81 -96.38
C VAL J 763 -70.35 -61.65 -95.85
N PHE J 764 -70.75 -61.73 -94.58
CA PHE J 764 -71.64 -60.76 -93.96
C PHE J 764 -71.11 -60.35 -92.58
N THR J 765 -71.27 -59.07 -92.23
CA THR J 765 -70.77 -58.51 -90.97
C THR J 765 -71.88 -57.83 -90.19
N ASP J 766 -71.56 -57.49 -88.94
CA ASP J 766 -72.39 -56.60 -88.12
C ASP J 766 -71.88 -55.17 -88.16
N ASN J 767 -70.58 -55.01 -88.01
CA ASN J 767 -69.94 -53.73 -87.72
C ASN J 767 -68.44 -53.98 -87.86
N ASP J 768 -67.63 -52.93 -87.67
CA ASP J 768 -66.22 -53.13 -87.37
C ASP J 768 -66.06 -53.34 -85.87
N ARG J 769 -66.59 -54.50 -85.43
CA ARG J 769 -66.55 -54.93 -84.04
C ARG J 769 -65.14 -55.02 -83.44
N PRO J 770 -64.13 -55.62 -84.08
CA PRO J 770 -62.85 -55.74 -83.37
C PRO J 770 -62.15 -54.40 -83.27
N SER J 771 -61.95 -53.95 -82.04
CA SER J 771 -61.03 -52.85 -81.80
C SER J 771 -59.59 -53.33 -81.98
N ASN J 772 -58.65 -52.39 -81.90
CA ASN J 772 -57.25 -52.74 -81.98
C ASN J 772 -56.84 -53.61 -80.79
N GLU J 773 -57.38 -53.29 -79.61
CA GLU J 773 -57.10 -54.06 -78.41
C GLU J 773 -57.62 -55.47 -78.52
N ASN J 774 -58.88 -55.63 -78.91
CA ASN J 774 -59.46 -56.97 -78.99
C ASN J 774 -58.86 -57.78 -80.14
N THR J 775 -58.43 -57.11 -81.22
CA THR J 775 -57.74 -57.81 -82.29
C THR J 775 -56.41 -58.38 -81.81
N ILE J 776 -55.64 -57.56 -81.09
CA ILE J 776 -54.37 -58.00 -80.54
C ILE J 776 -54.57 -59.13 -79.55
N LEU J 777 -55.55 -59.00 -78.64
CA LEU J 777 -55.75 -60.02 -77.63
C LEU J 777 -56.29 -61.33 -78.21
N SER J 778 -57.14 -61.24 -79.24
CA SER J 778 -57.61 -62.45 -79.91
C SER J 778 -56.48 -63.16 -80.63
N LYS J 779 -55.58 -62.40 -81.28
CA LYS J 779 -54.39 -62.99 -81.86
C LYS J 779 -53.55 -63.68 -80.81
N ILE J 780 -53.33 -63.02 -79.67
CA ILE J 780 -52.52 -63.59 -78.59
C ILE J 780 -53.13 -64.89 -78.09
N PHE J 781 -54.45 -64.92 -77.90
CA PHE J 781 -55.08 -66.13 -77.41
C PHE J 781 -55.01 -67.26 -78.42
N TYR J 782 -55.67 -67.10 -79.59
CA TYR J 782 -55.74 -68.18 -80.58
C TYR J 782 -54.42 -68.53 -81.21
N PHE J 783 -53.36 -67.80 -80.90
CA PHE J 783 -52.17 -67.87 -81.70
C PHE J 783 -50.92 -68.05 -80.86
N CYS J 784 -50.99 -67.86 -79.54
CA CYS J 784 -49.92 -68.19 -78.60
C CYS J 784 -50.40 -69.01 -77.42
N VAL J 785 -51.61 -68.76 -76.89
CA VAL J 785 -51.98 -69.38 -75.63
C VAL J 785 -52.50 -70.79 -75.86
N LEU J 786 -53.44 -70.93 -76.78
CA LEU J 786 -53.94 -72.26 -77.14
C LEU J 786 -52.90 -73.23 -77.69
N PRO J 787 -51.94 -72.87 -78.56
CA PRO J 787 -50.95 -73.88 -78.95
C PRO J 787 -50.01 -74.27 -77.83
N ALA J 788 -49.64 -73.34 -76.98
CA ALA J 788 -48.68 -73.62 -75.95
C ALA J 788 -49.26 -74.36 -74.76
N LEU J 789 -50.57 -74.29 -74.56
CA LEU J 789 -51.21 -75.06 -73.52
C LEU J 789 -51.93 -76.28 -74.07
N SER J 790 -51.98 -76.43 -75.39
CA SER J 790 -52.63 -77.55 -76.03
C SER J 790 -51.67 -78.60 -76.54
N ASN J 791 -50.47 -78.18 -76.95
CA ASN J 791 -49.50 -79.02 -77.67
C ASN J 791 -50.13 -79.61 -78.93
N ASN J 792 -50.55 -78.70 -79.82
CA ASN J 792 -51.07 -79.00 -81.15
C ASN J 792 -52.31 -79.88 -81.14
N LYS J 793 -53.06 -79.93 -80.03
CA LYS J 793 -54.17 -80.86 -79.90
C LYS J 793 -55.51 -80.21 -80.16
N ALA J 794 -55.58 -79.31 -81.13
CA ALA J 794 -56.84 -78.71 -81.55
C ALA J 794 -57.06 -78.99 -83.02
N CYS J 795 -58.23 -78.60 -83.52
CA CYS J 795 -58.57 -78.78 -84.92
C CYS J 795 -59.61 -77.73 -85.29
N GLY J 796 -59.45 -77.09 -86.46
CA GLY J 796 -60.47 -76.17 -86.90
C GLY J 796 -61.76 -76.91 -87.22
N ALA J 797 -62.87 -76.19 -87.21
CA ALA J 797 -64.12 -76.88 -87.41
C ALA J 797 -65.10 -75.99 -88.13
N GLY J 798 -65.81 -76.58 -89.10
CA GLY J 798 -66.86 -75.91 -89.81
C GLY J 798 -68.21 -76.58 -89.58
N VAL J 799 -69.29 -75.89 -89.89
CA VAL J 799 -70.64 -76.34 -89.56
C VAL J 799 -71.61 -75.92 -90.66
N ASN J 800 -72.42 -76.88 -91.12
CA ASN J 800 -73.60 -76.55 -91.92
C ASN J 800 -74.66 -76.06 -90.95
N VAL J 801 -74.73 -74.73 -90.78
CA VAL J 801 -75.65 -74.19 -89.79
C VAL J 801 -77.09 -74.37 -90.23
N LYS J 802 -77.33 -74.46 -91.55
CA LYS J 802 -78.67 -74.69 -92.07
C LYS J 802 -79.24 -76.02 -91.60
N GLU J 803 -78.57 -77.11 -91.96
CA GLU J 803 -79.03 -78.44 -91.58
C GLU J 803 -78.94 -78.65 -90.07
N LEU J 804 -77.98 -77.99 -89.43
CA LEU J 804 -77.87 -78.09 -87.97
C LEU J 804 -79.09 -77.50 -87.28
N VAL J 805 -79.48 -76.28 -87.64
CA VAL J 805 -80.63 -75.69 -86.96
C VAL J 805 -81.94 -76.30 -87.43
N LEU J 806 -81.98 -76.89 -88.63
CA LEU J 806 -83.19 -77.63 -89.00
C LEU J 806 -83.34 -78.92 -88.21
N ASP J 807 -82.24 -79.53 -87.79
CA ASP J 807 -82.34 -80.66 -86.88
C ASP J 807 -82.67 -80.19 -85.47
N LEU J 808 -81.89 -79.24 -84.94
CA LEU J 808 -82.00 -78.84 -83.53
C LEU J 808 -83.26 -78.05 -83.23
N PHE J 809 -83.89 -77.47 -84.25
CA PHE J 809 -85.07 -76.65 -84.02
C PHE J 809 -86.21 -77.22 -84.86
N TYR J 810 -87.30 -76.46 -84.95
CA TYR J 810 -88.41 -76.68 -85.88
C TYR J 810 -89.17 -77.98 -85.61
N THR J 811 -88.97 -78.61 -84.45
CA THR J 811 -89.88 -79.65 -84.03
C THR J 811 -91.15 -79.03 -83.48
N GLU J 812 -92.19 -79.85 -83.38
CA GLU J 812 -93.51 -79.36 -83.00
C GLU J 812 -93.62 -78.73 -81.60
N PRO J 813 -92.82 -79.10 -80.58
CA PRO J 813 -92.72 -78.20 -79.41
C PRO J 813 -92.21 -76.81 -79.73
N PHE J 814 -91.20 -76.68 -80.59
CA PHE J 814 -90.74 -75.35 -80.96
C PHE J 814 -91.69 -74.65 -81.93
N ILE J 815 -92.64 -75.36 -82.51
CA ILE J 815 -93.62 -74.74 -83.39
C ILE J 815 -94.86 -74.27 -82.64
N CYS J 816 -95.35 -75.07 -81.68
CA CYS J 816 -96.60 -74.79 -80.98
C CYS J 816 -96.47 -73.53 -80.12
N PRO J 817 -97.61 -72.77 -79.91
CA PRO J 817 -97.52 -71.44 -79.25
C PRO J 817 -97.02 -71.42 -77.81
N ASP J 818 -96.92 -70.23 -77.23
CA ASP J 818 -96.21 -70.07 -75.95
C ASP J 818 -97.01 -70.67 -74.80
N ASP J 819 -98.34 -70.57 -74.85
CA ASP J 819 -99.15 -71.14 -73.79
C ASP J 819 -99.13 -72.67 -73.85
N CYS J 820 -99.11 -73.23 -75.05
CA CYS J 820 -98.91 -74.67 -75.19
C CYS J 820 -97.47 -75.05 -74.85
N PHE J 821 -96.53 -74.13 -75.01
CA PHE J 821 -95.12 -74.44 -74.92
C PHE J 821 -94.61 -74.42 -73.48
N GLN J 822 -95.22 -73.60 -72.64
CA GLN J 822 -94.85 -73.59 -71.22
C GLN J 822 -95.21 -74.90 -70.55
N GLU J 823 -96.32 -75.51 -70.94
CA GLU J 823 -96.72 -76.81 -70.40
C GLU J 823 -96.25 -77.98 -71.25
N ASN J 824 -95.80 -77.74 -72.48
CA ASN J 824 -95.52 -78.80 -73.42
C ASN J 824 -94.06 -79.19 -73.31
N PRO J 825 -93.74 -80.44 -73.05
CA PRO J 825 -92.34 -80.88 -73.06
C PRO J 825 -91.86 -81.12 -74.49
N ILE J 826 -90.59 -81.54 -74.57
CA ILE J 826 -89.96 -81.81 -75.85
C ILE J 826 -90.55 -83.08 -76.47
N SER J 827 -90.46 -83.18 -77.80
CA SER J 827 -90.90 -84.36 -78.51
C SER J 827 -89.89 -85.49 -78.47
N SER J 828 -88.82 -85.33 -77.70
CA SER J 828 -87.81 -86.38 -77.61
C SER J 828 -87.28 -86.67 -79.01
N ASP J 829 -87.07 -85.61 -79.78
CA ASP J 829 -86.58 -85.71 -81.14
C ASP J 829 -85.17 -86.32 -81.15
N VAL J 830 -84.87 -87.08 -82.19
CA VAL J 830 -83.58 -87.74 -82.31
C VAL J 830 -82.45 -86.72 -82.33
N LEU J 831 -81.36 -87.08 -81.65
CA LEU J 831 -80.15 -86.26 -81.54
C LEU J 831 -80.38 -84.87 -80.94
N MET J 832 -81.26 -84.77 -79.94
CA MET J 832 -81.47 -83.49 -79.29
C MET J 832 -81.41 -83.67 -77.78
N SER J 833 -82.11 -84.69 -77.30
CA SER J 833 -82.15 -85.02 -75.89
C SER J 833 -80.77 -85.47 -75.39
N LEU J 834 -80.08 -86.25 -76.23
CA LEU J 834 -78.76 -86.77 -75.88
C LEU J 834 -77.83 -85.65 -75.46
N ILE J 835 -77.96 -84.49 -76.10
CA ILE J 835 -77.16 -83.33 -75.72
C ILE J 835 -77.53 -82.83 -74.33
N ARG J 836 -78.83 -82.88 -74.00
CA ARG J 836 -79.27 -82.52 -72.65
C ARG J 836 -78.72 -83.50 -71.61
N GLU J 837 -78.70 -84.80 -71.95
CA GLU J 837 -78.08 -85.78 -71.05
C GLU J 837 -76.57 -85.54 -70.91
N ALA J 838 -75.92 -85.12 -72.00
CA ALA J 838 -74.49 -84.84 -71.95
C ALA J 838 -74.18 -83.63 -71.08
N MET J 839 -75.00 -82.58 -71.16
CA MET J 839 -74.72 -81.40 -70.36
C MET J 839 -75.13 -81.56 -68.91
N GLY J 840 -76.15 -82.35 -68.63
CA GLY J 840 -76.58 -82.56 -67.26
C GLY J 840 -77.36 -83.83 -67.06
N PRO J 841 -76.93 -84.67 -66.12
CA PRO J 841 -77.70 -85.87 -65.82
C PRO J 841 -78.76 -85.64 -64.74
N GLY J 842 -80.00 -86.02 -65.04
CA GLY J 842 -81.06 -85.85 -64.08
C GLY J 842 -81.50 -84.40 -63.95
N TYR J 843 -82.10 -84.12 -62.78
CA TYR J 843 -82.57 -82.82 -62.27
C TYR J 843 -83.54 -82.09 -63.20
N THR J 844 -84.09 -82.77 -64.21
CA THR J 844 -85.06 -82.15 -65.13
C THR J 844 -86.32 -83.01 -65.08
N VAL J 845 -87.25 -82.61 -64.21
CA VAL J 845 -88.54 -83.30 -64.13
C VAL J 845 -89.32 -83.08 -65.41
N ALA J 846 -89.28 -81.86 -65.95
CA ALA J 846 -90.11 -81.50 -67.09
C ALA J 846 -89.60 -82.06 -68.40
N ASN J 847 -88.39 -82.63 -68.43
CA ASN J 847 -87.67 -83.19 -69.57
C ASN J 847 -87.27 -82.10 -70.59
N THR J 848 -87.66 -80.84 -70.35
CA THR J 848 -87.51 -79.72 -71.28
C THR J 848 -87.14 -78.44 -70.52
N SER J 849 -87.06 -78.51 -69.18
CA SER J 849 -87.19 -77.34 -68.30
C SER J 849 -86.09 -76.31 -68.54
N SER J 850 -86.48 -75.22 -69.21
CA SER J 850 -85.77 -73.96 -69.47
C SER J 850 -84.66 -74.06 -70.52
N ILE J 851 -84.27 -75.27 -70.91
CA ILE J 851 -83.15 -75.39 -71.84
C ILE J 851 -83.61 -75.11 -73.26
N ALA J 852 -84.68 -75.79 -73.67
CA ALA J 852 -85.33 -75.49 -74.95
C ALA J 852 -85.81 -74.04 -75.00
N LYS J 853 -86.30 -73.52 -73.87
CA LYS J 853 -86.78 -72.13 -73.85
C LYS J 853 -85.66 -71.13 -74.11
N GLN J 854 -84.53 -71.23 -73.39
CA GLN J 854 -83.46 -70.26 -73.60
C GLN J 854 -82.80 -70.45 -74.97
N LEU J 855 -82.69 -71.70 -75.43
CA LEU J 855 -82.05 -71.98 -76.71
C LEU J 855 -82.87 -71.45 -77.88
N PHE J 856 -84.19 -71.69 -77.86
CA PHE J 856 -85.04 -71.15 -78.90
C PHE J 856 -85.11 -69.63 -78.83
N LYS J 857 -85.14 -69.07 -77.62
CA LYS J 857 -85.14 -67.61 -77.51
C LYS J 857 -83.81 -66.99 -77.90
N SER J 858 -82.72 -67.77 -77.90
CA SER J 858 -81.40 -67.26 -78.20
C SER J 858 -80.94 -67.57 -79.61
N LEU J 859 -81.77 -68.25 -80.40
CA LEU J 859 -81.38 -68.38 -81.81
C LEU J 859 -81.44 -67.07 -82.62
N ILE J 860 -81.86 -65.93 -82.05
CA ILE J 860 -82.13 -64.72 -82.84
C ILE J 860 -80.89 -64.16 -83.51
N TYR J 861 -79.70 -64.49 -83.01
CA TYR J 861 -78.44 -64.12 -83.63
C TYR J 861 -77.76 -65.39 -84.11
N ILE J 862 -78.08 -65.84 -85.33
CA ILE J 862 -77.32 -66.90 -85.97
C ILE J 862 -76.57 -66.32 -87.16
N ASN J 863 -75.78 -67.17 -87.80
CA ASN J 863 -74.72 -66.70 -88.67
C ASN J 863 -74.68 -67.56 -89.93
N GLU J 864 -73.56 -67.48 -90.64
CA GLU J 864 -73.30 -68.11 -91.91
C GLU J 864 -72.92 -69.57 -91.73
N ASN J 865 -72.87 -70.29 -92.85
CA ASN J 865 -72.04 -71.48 -92.94
C ASN J 865 -70.58 -71.07 -92.90
N THR J 866 -69.74 -71.98 -92.43
CA THR J 866 -68.31 -71.68 -92.28
C THR J 866 -67.65 -71.53 -93.64
N LYS J 867 -66.78 -70.53 -93.75
CA LYS J 867 -66.11 -70.23 -95.00
C LYS J 867 -64.61 -70.11 -94.77
N ILE J 868 -63.82 -70.75 -95.65
CA ILE J 868 -62.42 -70.40 -95.78
C ILE J 868 -62.32 -69.02 -96.40
N LEU J 869 -61.34 -68.23 -95.95
CA LEU J 869 -61.01 -66.97 -96.61
C LEU J 869 -59.51 -66.95 -96.86
N GLU J 870 -59.12 -66.78 -98.12
CA GLU J 870 -57.73 -66.46 -98.41
C GLU J 870 -57.49 -64.98 -98.22
N VAL J 871 -56.28 -64.65 -97.78
CA VAL J 871 -55.81 -63.28 -97.70
C VAL J 871 -54.48 -63.23 -98.43
N GLU J 872 -54.45 -62.56 -99.58
CA GLU J 872 -53.21 -62.34 -100.32
C GLU J 872 -52.67 -60.97 -99.92
N VAL J 873 -51.99 -60.91 -98.79
CA VAL J 873 -51.46 -59.64 -98.32
C VAL J 873 -49.94 -59.71 -98.35
N SER J 874 -49.31 -58.65 -98.81
CA SER J 874 -47.86 -58.65 -98.81
C SER J 874 -47.37 -57.94 -97.55
N LEU J 875 -46.05 -57.83 -97.45
CA LEU J 875 -45.39 -57.54 -96.18
C LEU J 875 -45.51 -56.07 -95.82
N ASP J 876 -44.82 -55.68 -94.75
CA ASP J 876 -44.56 -54.28 -94.48
C ASP J 876 -43.58 -53.74 -95.52
N PRO J 877 -43.58 -52.42 -95.77
CA PRO J 877 -42.75 -51.90 -96.88
C PRO J 877 -41.25 -52.06 -96.67
N ALA J 878 -40.80 -52.12 -95.41
CA ALA J 878 -39.39 -52.29 -95.11
C ALA J 878 -38.86 -53.62 -95.61
N GLN J 879 -39.61 -54.70 -95.41
CA GLN J 879 -39.24 -55.97 -96.01
C GLN J 879 -39.64 -56.06 -97.48
N ARG J 880 -40.61 -55.25 -97.90
CA ARG J 880 -41.09 -55.28 -99.28
C ARG J 880 -40.02 -54.80 -100.27
N HIS J 881 -39.11 -53.92 -99.82
CA HIS J 881 -38.17 -53.27 -100.75
C HIS J 881 -37.30 -54.25 -101.52
N GLY J 882 -36.45 -55.01 -100.85
CA GLY J 882 -35.38 -55.72 -101.55
C GLY J 882 -35.80 -56.96 -102.32
N ASN J 883 -36.48 -56.77 -103.47
CA ASN J 883 -37.03 -57.83 -104.32
C ASN J 883 -37.97 -58.73 -103.52
N SER J 884 -38.79 -58.11 -102.70
CA SER J 884 -39.96 -58.75 -102.13
C SER J 884 -41.20 -57.93 -102.45
N VAL J 885 -41.12 -57.16 -103.55
CA VAL J 885 -42.23 -56.34 -104.00
C VAL J 885 -43.39 -57.22 -104.42
N HIS J 886 -43.11 -58.31 -105.12
CA HIS J 886 -44.11 -59.30 -105.46
C HIS J 886 -43.94 -60.49 -104.50
N PHE J 887 -44.58 -60.41 -103.34
CA PHE J 887 -44.54 -61.57 -102.46
C PHE J 887 -45.92 -62.19 -102.26
N GLN J 888 -46.89 -61.42 -101.72
CA GLN J 888 -48.26 -61.87 -101.48
C GLN J 888 -48.30 -63.11 -100.56
N SER J 889 -47.96 -62.85 -99.30
CA SER J 889 -48.25 -63.78 -98.20
C SER J 889 -49.68 -64.30 -98.29
N LEU J 890 -49.82 -65.60 -98.14
CA LEU J 890 -51.10 -66.29 -98.23
C LEU J 890 -51.55 -66.67 -96.84
N GLN J 891 -52.74 -66.23 -96.47
CA GLN J 891 -53.28 -66.46 -95.13
C GLN J 891 -54.65 -67.11 -95.24
N HIS J 892 -54.74 -68.38 -94.86
CA HIS J 892 -56.02 -69.06 -94.82
C HIS J 892 -56.61 -68.89 -93.44
N ILE J 893 -57.78 -68.25 -93.37
CA ILE J 893 -58.45 -67.98 -92.11
C ILE J 893 -59.84 -68.61 -92.15
N LEU J 894 -60.27 -69.13 -91.02
CA LEU J 894 -61.52 -69.89 -90.93
C LEU J 894 -62.62 -68.95 -90.49
N TYR J 895 -63.30 -68.33 -91.45
CA TYR J 895 -64.39 -67.41 -91.12
C TYR J 895 -65.60 -68.20 -90.65
N ASN J 896 -66.13 -67.78 -89.50
CA ASN J 896 -67.28 -68.42 -88.82
C ASN J 896 -67.01 -69.91 -88.57
N GLY J 897 -65.77 -70.22 -88.24
CA GLY J 897 -65.40 -71.54 -87.78
C GLY J 897 -65.28 -71.57 -86.27
N LEU J 898 -64.81 -72.69 -85.76
CA LEU J 898 -64.63 -72.78 -84.32
C LEU J 898 -63.53 -73.79 -84.01
N CYS J 899 -62.83 -73.52 -82.91
CA CYS J 899 -61.85 -74.46 -82.39
C CYS J 899 -62.54 -75.74 -81.94
N LEU J 900 -61.83 -76.85 -82.10
CA LEU J 900 -62.36 -78.15 -81.74
C LEU J 900 -61.28 -78.85 -80.95
N ILE J 901 -61.69 -79.57 -79.91
CA ILE J 901 -60.74 -80.09 -78.93
C ILE J 901 -60.95 -81.56 -78.61
N SER J 902 -62.10 -82.15 -78.93
CA SER J 902 -62.45 -83.44 -78.39
C SER J 902 -63.36 -84.11 -79.39
N PRO J 903 -63.20 -85.44 -79.62
CA PRO J 903 -63.93 -86.13 -80.69
C PRO J 903 -65.44 -86.02 -80.61
N ILE J 904 -66.01 -85.31 -81.58
CA ILE J 904 -67.45 -85.11 -81.66
C ILE J 904 -68.09 -86.35 -82.28
N THR J 905 -69.00 -86.96 -81.55
CA THR J 905 -69.61 -88.22 -81.92
C THR J 905 -71.07 -88.04 -82.29
N THR J 906 -71.79 -87.25 -81.51
CA THR J 906 -73.21 -87.03 -81.76
C THR J 906 -73.45 -86.23 -83.02
N LEU J 907 -72.60 -85.24 -83.30
CA LEU J 907 -72.82 -84.32 -84.42
C LEU J 907 -71.85 -84.58 -85.57
N ARG J 908 -71.61 -85.85 -85.90
CA ARG J 908 -70.70 -86.17 -87.00
C ARG J 908 -71.30 -85.82 -88.36
N ARG J 909 -72.61 -85.76 -88.47
CA ARG J 909 -73.23 -85.43 -89.74
C ARG J 909 -73.08 -83.95 -90.06
N TYR J 910 -72.95 -83.11 -89.05
CA TYR J 910 -73.12 -81.69 -89.21
C TYR J 910 -71.85 -80.87 -88.98
N TYR J 911 -70.77 -81.48 -88.52
CA TYR J 911 -69.52 -80.78 -88.28
C TYR J 911 -68.42 -81.38 -89.13
N GLN J 912 -67.72 -80.53 -89.87
CA GLN J 912 -66.58 -80.96 -90.64
C GLN J 912 -65.30 -80.50 -89.97
N PRO J 913 -64.41 -81.40 -89.57
CA PRO J 913 -63.10 -80.97 -89.08
C PRO J 913 -62.27 -80.39 -90.22
N ILE J 914 -61.83 -79.16 -90.05
CA ILE J 914 -60.99 -78.47 -91.00
C ILE J 914 -59.59 -78.37 -90.41
N PRO J 915 -58.62 -79.05 -91.01
CA PRO J 915 -57.21 -78.72 -90.75
C PRO J 915 -56.69 -77.73 -91.77
N PHE J 916 -56.35 -76.53 -91.30
CA PHE J 916 -56.01 -75.46 -92.23
C PHE J 916 -54.69 -74.79 -91.88
N HIS J 917 -54.35 -74.74 -90.61
CA HIS J 917 -53.21 -74.00 -90.13
C HIS J 917 -52.12 -74.97 -89.71
N ARG J 918 -50.94 -74.42 -89.42
CA ARG J 918 -49.88 -75.19 -88.77
C ARG J 918 -50.37 -75.76 -87.45
N PHE J 919 -51.08 -74.95 -86.65
CA PHE J 919 -51.79 -75.45 -85.50
C PHE J 919 -53.21 -75.80 -85.92
N PHE J 920 -54.02 -76.19 -84.93
CA PHE J 920 -55.42 -76.60 -85.12
C PHE J 920 -55.52 -77.73 -86.14
N SER J 921 -54.62 -78.69 -86.01
CA SER J 921 -54.42 -79.71 -87.03
C SER J 921 -54.15 -81.07 -86.38
N ASP J 922 -55.00 -81.51 -85.47
CA ASP J 922 -54.72 -82.78 -84.78
C ASP J 922 -55.35 -83.94 -85.54
N PRO J 923 -54.56 -84.95 -85.94
CA PRO J 923 -55.17 -86.16 -86.51
C PRO J 923 -55.88 -87.01 -85.49
N GLY J 924 -55.39 -87.06 -84.26
CA GLY J 924 -56.06 -87.83 -83.22
C GLY J 924 -57.41 -87.29 -82.81
N ILE J 925 -57.72 -86.07 -83.22
CA ILE J 925 -59.08 -85.55 -83.17
C ILE J 925 -59.78 -85.71 -84.50
N CYS J 926 -59.09 -85.45 -85.60
CA CYS J 926 -59.73 -85.33 -86.91
C CYS J 926 -60.17 -86.67 -87.49
N GLY J 927 -59.34 -87.71 -87.33
CA GLY J 927 -59.67 -89.05 -87.75
C GLY J 927 -60.77 -89.72 -86.95
N THR J 928 -61.21 -89.10 -85.86
CA THR J 928 -62.39 -89.61 -85.18
C THR J 928 -63.67 -89.12 -85.85
N MET J 929 -63.70 -87.84 -86.25
CA MET J 929 -64.88 -87.34 -86.93
C MET J 929 -64.96 -87.83 -88.37
N ASN J 930 -63.83 -88.01 -89.03
CA ASN J 930 -63.85 -88.53 -90.39
C ASN J 930 -63.06 -89.82 -90.45
N ALA J 931 -63.66 -90.85 -91.05
CA ALA J 931 -62.94 -92.08 -91.28
C ALA J 931 -61.95 -91.98 -92.44
N ASP J 932 -62.08 -90.95 -93.28
CA ASP J 932 -61.19 -90.82 -94.43
C ASP J 932 -59.78 -90.45 -93.99
N ILE J 933 -59.66 -89.59 -92.98
CA ILE J 933 -58.36 -89.38 -92.33
C ILE J 933 -57.91 -90.65 -91.64
N GLN J 934 -58.86 -91.38 -91.04
CA GLN J 934 -58.52 -92.55 -90.25
C GLN J 934 -57.97 -93.67 -91.11
N VAL J 935 -58.55 -93.90 -92.29
CA VAL J 935 -57.95 -94.86 -93.21
C VAL J 935 -56.74 -94.26 -93.89
N PHE J 936 -56.59 -92.95 -93.89
CA PHE J 936 -55.33 -92.36 -94.36
C PHE J 936 -54.25 -92.50 -93.31
N LEU J 937 -54.62 -92.54 -92.03
CA LEU J 937 -53.65 -92.82 -90.98
C LEU J 937 -53.39 -94.31 -90.84
N ASN J 938 -54.39 -95.16 -91.08
CA ASN J 938 -54.21 -96.58 -90.86
C ASN J 938 -53.28 -97.20 -91.88
N THR J 939 -53.19 -96.63 -93.08
CA THR J 939 -52.15 -97.05 -94.01
C THR J 939 -50.80 -96.47 -93.59
N PHE J 940 -50.80 -95.21 -93.17
CA PHE J 940 -49.58 -94.43 -93.02
C PHE J 940 -49.49 -93.86 -91.61
N PRO J 941 -48.97 -94.63 -90.66
CA PRO J 941 -49.13 -94.24 -89.25
C PRO J 941 -48.26 -93.08 -88.79
N HIS J 942 -47.15 -92.78 -89.48
CA HIS J 942 -46.19 -91.84 -88.92
C HIS J 942 -46.58 -90.39 -89.15
N TYR J 943 -47.63 -90.17 -89.92
CA TYR J 943 -48.13 -88.83 -90.19
C TYR J 943 -48.94 -88.30 -89.01
N GLN J 944 -49.27 -89.21 -88.09
CA GLN J 944 -50.06 -88.89 -86.90
C GLN J 944 -49.41 -87.88 -85.97
N ARG J 945 -48.10 -88.00 -85.79
CA ARG J 945 -47.38 -87.08 -84.90
C ARG J 945 -47.50 -85.64 -85.39
N ASN J 946 -47.70 -84.72 -84.45
CA ASN J 946 -47.86 -83.31 -84.78
C ASN J 946 -46.59 -82.48 -84.62
N ASP J 947 -45.49 -83.09 -84.19
CA ASP J 947 -44.27 -82.33 -84.00
C ASP J 947 -43.87 -81.62 -85.27
N GLY J 948 -43.78 -82.35 -86.37
CA GLY J 948 -43.62 -81.78 -87.69
C GLY J 948 -44.96 -81.81 -88.40
N GLY J 949 -45.15 -80.87 -89.31
CA GLY J 949 -46.37 -80.82 -90.09
C GLY J 949 -46.56 -81.97 -91.06
N PHE J 950 -47.52 -82.84 -90.74
CA PHE J 950 -48.09 -83.74 -91.72
C PHE J 950 -48.90 -82.91 -92.73
N PRO J 951 -49.19 -83.44 -93.92
CA PRO J 951 -49.79 -82.59 -94.95
C PRO J 951 -51.20 -82.13 -94.64
N LEU J 952 -51.40 -80.84 -94.81
CA LEU J 952 -52.71 -80.23 -94.95
C LEU J 952 -53.17 -80.47 -96.37
N PRO J 953 -54.42 -80.13 -96.72
CA PRO J 953 -54.81 -80.12 -98.13
C PRO J 953 -53.93 -79.18 -98.95
N PRO J 954 -53.53 -79.61 -100.14
CA PRO J 954 -52.49 -78.89 -100.93
C PRO J 954 -52.83 -77.44 -101.29
N PRO J 955 -54.10 -77.00 -101.31
CA PRO J 955 -54.31 -75.55 -101.21
C PRO J 955 -53.92 -74.94 -99.88
N LEU J 956 -54.03 -75.66 -98.77
CA LEU J 956 -53.76 -75.08 -97.47
C LEU J 956 -52.31 -75.20 -97.05
N ALA J 957 -51.60 -76.22 -97.56
CA ALA J 957 -50.23 -76.49 -97.16
C ALA J 957 -49.29 -75.71 -98.07
N LEU J 958 -49.16 -74.42 -97.77
CA LEU J 958 -48.25 -73.53 -98.47
C LEU J 958 -47.35 -72.92 -97.40
N GLU J 959 -46.29 -73.65 -97.06
CA GLU J 959 -45.51 -73.33 -95.87
C GLU J 959 -44.71 -72.05 -96.03
N PHE J 960 -44.08 -71.88 -97.19
CA PHE J 960 -43.27 -70.68 -97.43
C PHE J 960 -44.14 -69.44 -97.54
N TYR J 961 -45.40 -69.57 -97.92
CA TYR J 961 -46.24 -68.42 -98.15
C TYR J 961 -47.12 -68.06 -96.96
N ASN J 962 -47.01 -68.79 -95.86
CA ASN J 962 -47.63 -68.34 -94.62
C ASN J 962 -46.77 -67.27 -93.97
N TRP J 963 -47.15 -66.85 -92.78
CA TRP J 963 -46.18 -66.22 -91.89
C TRP J 963 -45.48 -67.25 -91.04
N GLN J 964 -46.17 -68.32 -90.67
CA GLN J 964 -45.75 -69.24 -89.62
C GLN J 964 -45.32 -70.55 -90.27
N ARG J 965 -44.19 -71.07 -89.84
CA ARG J 965 -43.57 -72.20 -90.48
C ARG J 965 -43.52 -73.37 -89.52
N THR J 966 -42.76 -74.40 -89.92
CA THR J 966 -42.47 -75.57 -89.10
C THR J 966 -41.98 -75.32 -87.66
N PRO J 967 -41.00 -74.42 -87.37
CA PRO J 967 -40.43 -74.42 -86.01
C PRO J 967 -41.37 -73.93 -84.92
N PHE J 968 -42.44 -73.21 -85.27
CA PHE J 968 -43.44 -72.87 -84.27
C PHE J 968 -44.15 -74.11 -83.75
N SER J 969 -44.53 -75.01 -84.65
CA SER J 969 -45.13 -76.27 -84.23
C SER J 969 -44.11 -77.18 -83.57
N VAL J 970 -42.85 -77.10 -83.99
CA VAL J 970 -41.84 -77.97 -83.37
C VAL J 970 -41.57 -77.52 -81.94
N TYR J 971 -41.61 -76.21 -81.70
CA TYR J 971 -41.50 -75.76 -80.31
C TYR J 971 -42.75 -76.10 -79.52
N SER J 972 -43.92 -75.91 -80.11
CA SER J 972 -45.16 -76.14 -79.38
C SER J 972 -45.51 -77.60 -79.24
N ALA J 973 -44.73 -78.48 -79.86
CA ALA J 973 -44.87 -79.91 -79.63
C ALA J 973 -44.47 -80.28 -78.20
N PHE J 974 -43.25 -79.93 -77.81
CA PHE J 974 -42.76 -80.23 -76.47
C PHE J 974 -42.63 -78.98 -75.61
N CYS J 975 -43.46 -78.00 -75.89
CA CYS J 975 -43.55 -76.80 -75.08
C CYS J 975 -43.96 -77.15 -73.64
N PRO J 976 -43.45 -76.35 -72.68
CA PRO J 976 -43.68 -76.44 -71.23
C PRO J 976 -45.09 -75.98 -70.82
N ASN J 977 -45.57 -76.47 -69.69
CA ASN J 977 -46.88 -76.12 -69.17
C ASN J 977 -46.80 -75.00 -68.13
N SER J 978 -45.62 -74.43 -67.99
CA SER J 978 -45.36 -73.36 -67.02
C SER J 978 -45.61 -71.95 -67.57
N LEU J 979 -46.11 -71.90 -68.81
CA LEU J 979 -46.45 -70.67 -69.56
C LEU J 979 -45.22 -69.91 -70.06
N LEU J 980 -44.09 -70.60 -70.00
CA LEU J 980 -42.82 -70.10 -70.48
C LEU J 980 -42.96 -70.08 -71.99
N SER J 981 -43.62 -71.12 -72.49
CA SER J 981 -43.88 -71.26 -73.92
C SER J 981 -44.78 -70.15 -74.46
N ILE J 982 -45.79 -69.73 -73.70
CA ILE J 982 -46.67 -68.65 -74.13
C ILE J 982 -45.87 -67.37 -74.30
N MET J 983 -45.04 -67.04 -73.31
CA MET J 983 -44.21 -65.84 -73.41
C MET J 983 -43.18 -65.97 -74.54
N THR J 984 -42.62 -67.15 -74.74
CA THR J 984 -41.61 -67.23 -75.77
C THR J 984 -42.18 -67.40 -77.16
N LEU J 985 -43.44 -67.81 -77.31
CA LEU J 985 -44.06 -67.72 -78.64
C LEU J 985 -44.37 -66.29 -78.98
N ALA J 986 -44.87 -65.51 -78.01
CA ALA J 986 -45.00 -64.07 -78.23
C ALA J 986 -43.64 -63.41 -78.47
N ALA J 987 -42.56 -63.98 -77.94
CA ALA J 987 -41.23 -63.50 -78.28
C ALA J 987 -40.82 -63.89 -79.69
N MET J 988 -41.06 -65.16 -80.07
CA MET J 988 -40.67 -65.67 -81.37
C MET J 988 -41.45 -65.05 -82.52
N HIS J 989 -42.58 -64.40 -82.26
CA HIS J 989 -43.21 -63.76 -83.40
C HIS J 989 -42.65 -62.38 -83.74
N SER J 990 -41.60 -61.93 -83.05
CA SER J 990 -40.94 -60.67 -83.40
C SER J 990 -40.26 -60.79 -84.76
N LYS J 991 -40.18 -59.68 -85.48
CA LYS J 991 -39.74 -59.71 -86.87
C LYS J 991 -38.24 -59.47 -86.99
N LEU J 992 -37.71 -59.78 -88.16
CA LEU J 992 -36.31 -59.51 -88.45
C LEU J 992 -36.09 -58.35 -89.40
N SER J 993 -37.15 -57.61 -89.75
CA SER J 993 -37.13 -56.39 -90.55
C SER J 993 -36.10 -55.39 -90.01
N PRO J 994 -35.38 -54.65 -90.88
CA PRO J 994 -34.36 -53.71 -90.38
C PRO J 994 -34.88 -52.67 -89.42
N VAL J 995 -36.15 -52.28 -89.53
CA VAL J 995 -36.78 -51.46 -88.50
C VAL J 995 -36.78 -52.18 -87.15
N ALA J 996 -36.96 -53.50 -87.14
CA ALA J 996 -37.03 -54.25 -85.90
C ALA J 996 -35.65 -54.51 -85.33
N ILE J 997 -34.66 -54.77 -86.18
CA ILE J 997 -33.28 -54.84 -85.72
C ILE J 997 -32.87 -53.52 -85.09
N ALA J 998 -33.27 -52.41 -85.71
CA ALA J 998 -32.96 -51.08 -85.21
C ALA J 998 -33.54 -50.83 -83.83
N ILE J 999 -34.84 -51.10 -83.65
CA ILE J 999 -35.42 -50.75 -82.36
C ILE J 999 -35.22 -51.82 -81.28
N GLN J 1000 -34.96 -53.07 -81.65
CA GLN J 1000 -34.52 -54.02 -80.65
C GLN J 1000 -33.11 -53.72 -80.17
N SER J 1001 -32.25 -53.20 -81.05
CA SER J 1001 -30.95 -52.74 -80.61
C SER J 1001 -31.06 -51.49 -79.75
N LYS J 1002 -32.04 -50.63 -80.02
CA LYS J 1002 -32.32 -49.53 -79.10
C LYS J 1002 -32.79 -50.05 -77.74
N SER J 1003 -33.61 -51.08 -77.73
CA SER J 1003 -34.16 -51.60 -76.49
C SER J 1003 -33.26 -52.60 -75.79
N LYS J 1004 -32.08 -52.90 -76.37
CA LYS J 1004 -31.11 -53.87 -75.86
C LYS J 1004 -31.74 -55.26 -75.69
N ILE J 1005 -32.47 -55.68 -76.71
CA ILE J 1005 -33.00 -57.02 -76.78
C ILE J 1005 -32.25 -57.74 -77.89
N HIS J 1006 -31.63 -58.85 -77.53
CA HIS J 1006 -30.71 -59.54 -78.40
C HIS J 1006 -31.44 -60.19 -79.57
N PRO J 1007 -31.22 -59.75 -80.80
CA PRO J 1007 -31.84 -60.42 -81.94
C PRO J 1007 -31.14 -61.73 -82.21
N GLY J 1008 -31.73 -62.54 -83.09
CA GLY J 1008 -31.17 -63.82 -83.41
C GLY J 1008 -29.97 -63.74 -84.34
N PHE J 1009 -28.93 -63.06 -83.91
CA PHE J 1009 -27.73 -62.94 -84.71
C PHE J 1009 -26.53 -62.91 -83.80
N ALA J 1010 -25.37 -63.11 -84.43
CA ALA J 1010 -24.10 -62.80 -83.82
C ALA J 1010 -23.18 -62.38 -84.95
N ALA J 1011 -21.94 -62.05 -84.62
CA ALA J 1011 -21.10 -61.43 -85.63
C ALA J 1011 -19.63 -61.67 -85.33
N THR J 1012 -18.87 -61.94 -86.39
CA THR J 1012 -17.42 -62.01 -86.30
C THR J 1012 -16.86 -60.72 -86.88
N LEU J 1013 -16.70 -59.72 -86.03
CA LEU J 1013 -16.11 -58.47 -86.45
C LEU J 1013 -14.63 -58.68 -86.73
N VAL J 1014 -14.16 -58.23 -87.88
CA VAL J 1014 -12.75 -58.31 -88.20
C VAL J 1014 -12.18 -56.90 -88.28
N ARG J 1015 -10.86 -56.81 -88.12
CA ARG J 1015 -10.15 -55.56 -88.06
C ARG J 1015 -8.68 -55.83 -88.35
N THR J 1016 -8.03 -54.95 -89.10
CA THR J 1016 -6.59 -55.03 -89.23
C THR J 1016 -5.93 -53.81 -88.60
N ASP J 1017 -4.68 -54.01 -88.20
CA ASP J 1017 -3.92 -53.04 -87.44
C ASP J 1017 -2.51 -52.99 -88.01
N ASN J 1018 -1.98 -51.80 -88.18
CA ASN J 1018 -0.65 -51.63 -88.74
C ASN J 1018 0.35 -51.29 -87.65
N PHE J 1019 1.51 -51.94 -87.72
CA PHE J 1019 2.53 -51.87 -86.67
C PHE J 1019 3.79 -51.23 -87.23
N ASP J 1020 4.51 -50.51 -86.38
CA ASP J 1020 5.80 -49.97 -86.76
C ASP J 1020 6.88 -50.96 -86.36
N VAL J 1021 7.47 -51.61 -87.36
CA VAL J 1021 8.39 -52.72 -87.14
C VAL J 1021 9.73 -52.39 -87.77
N GLU J 1022 10.77 -52.32 -86.94
CA GLU J 1022 12.12 -52.38 -87.46
C GLU J 1022 12.50 -53.83 -87.65
N CYS J 1023 13.28 -54.09 -88.70
CA CYS J 1023 13.31 -55.43 -89.26
C CYS J 1023 14.61 -55.62 -90.02
N LEU J 1024 15.45 -56.55 -89.58
CA LEU J 1024 16.81 -56.64 -90.11
C LEU J 1024 16.90 -57.67 -91.24
N LEU J 1025 18.02 -57.63 -91.95
CA LEU J 1025 18.24 -58.46 -93.12
C LEU J 1025 19.62 -59.07 -93.05
N TYR J 1026 19.71 -60.33 -93.44
CA TYR J 1026 20.98 -60.98 -93.70
C TYR J 1026 21.05 -61.30 -95.18
N SER J 1027 22.27 -61.32 -95.72
CA SER J 1027 22.50 -61.79 -97.07
C SER J 1027 23.89 -62.39 -97.12
N SER J 1028 24.03 -63.50 -97.81
CA SER J 1028 25.35 -64.07 -98.05
C SER J 1028 26.13 -63.18 -99.00
N ARG J 1029 27.43 -63.35 -99.00
CA ARG J 1029 28.28 -62.44 -99.76
C ARG J 1029 28.24 -62.75 -101.25
N ALA J 1030 28.30 -61.69 -102.05
CA ALA J 1030 28.31 -61.74 -103.52
C ALA J 1030 27.07 -62.46 -104.07
N ALA J 1031 25.92 -62.16 -103.48
CA ALA J 1031 24.69 -62.86 -103.86
C ALA J 1031 24.13 -62.39 -105.18
N THR J 1032 24.45 -61.17 -105.59
CA THR J 1032 23.86 -60.60 -106.79
C THR J 1032 24.82 -59.58 -107.37
N SER J 1033 24.91 -59.55 -108.69
CA SER J 1033 25.83 -58.67 -109.37
C SER J 1033 25.11 -57.48 -109.99
N ILE J 1034 25.87 -56.40 -110.14
CA ILE J 1034 25.36 -55.07 -110.44
C ILE J 1034 26.18 -54.54 -111.60
N ILE J 1035 25.53 -54.26 -112.71
CA ILE J 1035 26.20 -53.61 -113.83
C ILE J 1035 25.60 -52.22 -114.01
N LEU J 1036 26.46 -51.25 -114.27
CA LEU J 1036 26.03 -49.85 -114.28
C LEU J 1036 26.71 -49.11 -115.40
N ASP J 1037 25.94 -48.32 -116.14
CA ASP J 1037 26.52 -47.42 -117.12
C ASP J 1037 27.27 -46.26 -116.47
N ASP J 1038 28.11 -45.63 -117.28
CA ASP J 1038 28.45 -44.23 -117.12
C ASP J 1038 27.16 -43.42 -117.00
N PRO J 1039 27.01 -42.59 -115.97
CA PRO J 1039 25.81 -41.75 -115.87
C PRO J 1039 25.73 -40.74 -117.00
N THR J 1040 24.53 -40.60 -117.55
CA THR J 1040 24.28 -39.70 -118.65
C THR J 1040 23.81 -38.36 -118.13
N VAL J 1041 24.35 -37.30 -118.73
CA VAL J 1041 24.06 -35.92 -118.35
C VAL J 1041 23.18 -35.32 -119.45
N THR J 1042 22.09 -34.70 -119.06
CA THR J 1042 21.29 -33.97 -120.03
C THR J 1042 20.80 -32.67 -119.42
N ALA J 1043 20.39 -31.76 -120.28
CA ALA J 1043 20.01 -30.42 -119.86
C ALA J 1043 18.73 -30.00 -120.55
N GLU J 1044 17.90 -29.27 -119.82
CA GLU J 1044 16.72 -28.63 -120.39
C GLU J 1044 16.78 -27.15 -120.06
N ALA J 1045 16.84 -26.31 -121.09
CA ALA J 1045 17.06 -24.89 -120.92
C ALA J 1045 15.73 -24.17 -121.03
N LYS J 1046 15.10 -23.95 -119.89
CA LYS J 1046 13.91 -23.10 -119.85
C LYS J 1046 14.35 -21.64 -119.81
N ASP J 1047 13.36 -20.74 -119.80
CA ASP J 1047 13.66 -19.32 -119.95
C ASP J 1047 14.26 -18.70 -118.69
N ILE J 1048 14.09 -19.33 -117.52
CA ILE J 1048 14.63 -18.76 -116.30
C ILE J 1048 15.54 -19.73 -115.54
N VAL J 1049 15.42 -21.05 -115.70
CA VAL J 1049 16.34 -21.99 -115.09
C VAL J 1049 16.76 -22.97 -116.16
N THR J 1050 17.85 -23.68 -115.89
CA THR J 1050 18.26 -24.83 -116.68
C THR J 1050 18.29 -26.02 -115.74
N THR J 1051 17.48 -27.03 -116.06
CA THR J 1051 17.39 -28.22 -115.24
C THR J 1051 18.36 -29.26 -115.78
N TYR J 1052 19.32 -29.65 -114.96
CA TYR J 1052 20.28 -30.68 -115.33
C TYR J 1052 19.83 -31.99 -114.71
N ASN J 1053 19.93 -33.06 -115.49
CA ASN J 1053 19.42 -34.36 -115.10
C ASN J 1053 20.49 -35.41 -115.35
N PHE J 1054 20.82 -36.16 -114.30
CA PHE J 1054 21.75 -37.27 -114.36
C PHE J 1054 20.93 -38.54 -114.28
N THR J 1055 20.99 -39.38 -115.30
CA THR J 1055 20.39 -40.70 -115.21
C THR J 1055 21.48 -41.75 -115.15
N GLN J 1056 21.22 -42.83 -114.42
CA GLN J 1056 22.16 -43.93 -114.35
C GLN J 1056 21.39 -45.23 -114.37
N HIS J 1057 21.74 -46.11 -115.29
CA HIS J 1057 21.07 -47.38 -115.42
C HIS J 1057 21.88 -48.45 -114.70
N LEU J 1058 21.19 -49.17 -113.82
CA LEU J 1058 21.70 -50.32 -113.08
C LEU J 1058 21.00 -51.55 -113.60
N SER J 1059 21.64 -52.70 -113.44
CA SER J 1059 20.96 -53.98 -113.65
C SER J 1059 21.52 -54.98 -112.66
N PHE J 1060 20.61 -55.69 -112.00
CA PHE J 1060 20.91 -56.65 -110.94
C PHE J 1060 20.58 -58.04 -111.47
N VAL J 1061 21.57 -58.93 -111.46
CA VAL J 1061 21.37 -60.34 -111.70
C VAL J 1061 21.51 -61.08 -110.38
N ASP J 1062 20.60 -62.00 -110.11
CA ASP J 1062 20.40 -62.54 -108.75
C ASP J 1062 20.89 -63.99 -108.73
N MET J 1063 22.14 -64.20 -108.32
CA MET J 1063 22.86 -65.42 -108.67
C MET J 1063 22.59 -66.58 -107.71
N GLY J 1064 22.17 -66.31 -106.48
CA GLY J 1064 21.92 -67.39 -105.53
C GLY J 1064 20.72 -68.21 -105.94
N LEU J 1065 20.88 -69.54 -105.91
CA LEU J 1065 19.78 -70.44 -106.22
C LEU J 1065 18.71 -70.38 -105.15
N GLY J 1066 19.04 -70.85 -103.96
CA GLY J 1066 18.20 -70.65 -102.80
C GLY J 1066 18.25 -69.21 -102.37
N PHE J 1067 17.48 -68.92 -101.34
CA PHE J 1067 17.27 -67.52 -100.99
C PHE J 1067 18.48 -67.04 -100.20
N SER J 1068 19.44 -66.49 -100.94
CA SER J 1068 20.69 -65.97 -100.41
C SER J 1068 20.50 -64.74 -99.53
N SER J 1069 19.30 -64.19 -99.43
CA SER J 1069 19.03 -63.04 -98.60
C SER J 1069 17.76 -63.30 -97.82
N THR J 1070 17.85 -63.26 -96.50
CA THR J 1070 16.69 -63.47 -95.65
C THR J 1070 16.47 -62.24 -94.78
N THR J 1071 15.33 -62.21 -94.10
CA THR J 1071 14.85 -61.02 -93.42
C THR J 1071 13.94 -61.42 -92.28
N ALA J 1072 14.24 -60.98 -91.06
CA ALA J 1072 13.44 -61.38 -89.92
C ALA J 1072 12.89 -60.17 -89.19
N THR J 1073 11.62 -60.27 -88.80
CA THR J 1073 10.98 -59.26 -87.98
C THR J 1073 11.64 -59.18 -86.62
N ALA J 1074 12.00 -57.97 -86.21
CA ALA J 1074 12.89 -57.80 -85.07
C ALA J 1074 12.21 -57.15 -83.87
N ASN J 1075 11.60 -55.98 -84.02
CA ASN J 1075 11.21 -55.18 -82.87
C ASN J 1075 10.10 -54.23 -83.28
N LEU J 1076 9.06 -54.12 -82.45
CA LEU J 1076 8.08 -53.07 -82.63
C LEU J 1076 8.69 -51.73 -82.27
N LYS J 1077 8.46 -50.73 -83.11
CA LYS J 1077 8.59 -49.35 -82.64
C LYS J 1077 7.32 -48.91 -81.94
N ARG J 1078 6.22 -48.84 -82.69
CA ARG J 1078 4.96 -48.29 -82.22
C ARG J 1078 3.82 -49.04 -82.90
N ILE J 1079 2.60 -48.71 -82.51
CA ILE J 1079 1.40 -49.15 -83.22
C ILE J 1079 0.72 -47.93 -83.79
N LYS J 1080 0.71 -47.81 -85.12
CA LYS J 1080 0.03 -46.67 -85.71
C LYS J 1080 -1.48 -46.83 -85.68
N SER J 1081 -1.98 -48.03 -85.46
CA SER J 1081 -3.41 -48.25 -85.43
C SER J 1081 -3.99 -47.90 -84.08
N ASP J 1082 -5.30 -47.69 -84.06
CA ASP J 1082 -6.03 -47.39 -82.85
C ASP J 1082 -6.24 -48.63 -82.01
N MET J 1083 -6.52 -49.77 -82.67
CA MET J 1083 -7.27 -50.88 -82.10
C MET J 1083 -8.55 -50.36 -81.41
N GLY J 1084 -9.24 -49.44 -82.09
CA GLY J 1084 -10.44 -48.83 -81.56
C GLY J 1084 -11.68 -49.63 -81.90
N SER J 1085 -12.80 -48.94 -82.19
CA SER J 1085 -14.01 -49.64 -82.55
C SER J 1085 -14.85 -49.00 -83.64
N LYS J 1086 -14.36 -47.97 -84.33
CA LYS J 1086 -15.17 -47.29 -85.34
C LYS J 1086 -15.40 -48.24 -86.51
N ILE J 1087 -16.62 -48.78 -86.58
CA ILE J 1087 -16.96 -49.84 -87.51
C ILE J 1087 -17.07 -49.29 -88.92
N GLN J 1088 -17.10 -50.18 -89.91
CA GLN J 1088 -17.18 -49.75 -91.30
C GLN J 1088 -18.59 -49.26 -91.59
N ASN J 1089 -18.70 -48.00 -91.95
CA ASN J 1089 -19.99 -47.38 -92.27
C ASN J 1089 -20.40 -47.84 -93.66
N LEU J 1090 -21.32 -48.80 -93.73
CA LEU J 1090 -21.73 -49.30 -95.03
C LEU J 1090 -22.57 -48.31 -95.82
N PHE J 1091 -23.19 -47.33 -95.15
CA PHE J 1091 -23.89 -46.30 -95.89
C PHE J 1091 -22.94 -45.34 -96.59
N SER J 1092 -21.67 -45.32 -96.21
CA SER J 1092 -20.65 -44.64 -96.98
C SER J 1092 -19.80 -45.60 -97.78
N ALA J 1093 -19.91 -46.90 -97.53
CA ALA J 1093 -19.18 -47.87 -98.35
C ALA J 1093 -19.93 -48.14 -99.64
N PHE J 1094 -21.24 -48.34 -99.56
CA PHE J 1094 -22.11 -48.44 -100.73
C PHE J 1094 -23.08 -47.27 -100.70
N PRO J 1095 -22.64 -46.06 -101.06
CA PRO J 1095 -23.45 -44.87 -100.81
C PRO J 1095 -24.50 -44.60 -101.87
N ILE J 1096 -24.66 -45.46 -102.86
CA ILE J 1096 -25.67 -45.21 -103.87
C ILE J 1096 -26.99 -45.94 -103.55
N HIS J 1097 -26.93 -47.02 -102.78
CA HIS J 1097 -28.11 -47.83 -102.51
C HIS J 1097 -29.00 -47.16 -101.47
N ALA J 1098 -30.29 -47.43 -101.58
CA ALA J 1098 -31.26 -46.94 -100.61
C ALA J 1098 -32.48 -47.83 -100.68
N PHE J 1099 -33.37 -47.65 -99.71
CA PHE J 1099 -34.63 -48.39 -99.73
C PHE J 1099 -35.59 -47.72 -100.70
N THR J 1100 -36.77 -48.31 -100.83
CA THR J 1100 -37.77 -47.76 -101.74
C THR J 1100 -38.41 -46.50 -101.19
N ASN J 1101 -39.13 -46.61 -100.07
CA ASN J 1101 -39.87 -45.47 -99.54
C ASN J 1101 -38.95 -44.50 -98.84
N THR J 1102 -39.09 -43.21 -99.17
CA THR J 1102 -38.23 -42.17 -98.61
C THR J 1102 -38.48 -41.99 -97.11
N ASP J 1103 -39.69 -42.31 -96.64
CA ASP J 1103 -39.95 -42.32 -95.21
C ASP J 1103 -39.13 -43.39 -94.50
N ILE J 1104 -39.10 -44.61 -95.06
CA ILE J 1104 -38.27 -45.69 -94.53
C ILE J 1104 -36.81 -45.32 -94.56
N ASN J 1105 -36.36 -44.75 -95.69
CA ASN J 1105 -34.97 -44.39 -95.87
C ASN J 1105 -34.54 -43.35 -94.85
N THR J 1106 -35.35 -42.30 -94.70
CA THR J 1106 -35.06 -41.23 -93.74
C THR J 1106 -35.06 -41.76 -92.31
N TRP J 1107 -35.98 -42.67 -91.97
CA TRP J 1107 -35.99 -43.15 -90.61
C TRP J 1107 -34.83 -44.09 -90.31
N ILE J 1108 -34.44 -44.92 -91.29
CA ILE J 1108 -33.28 -45.78 -91.10
C ILE J 1108 -32.01 -44.95 -90.93
N ARG J 1109 -31.84 -43.92 -91.77
CA ARG J 1109 -30.67 -43.06 -91.65
C ARG J 1109 -30.66 -42.29 -90.32
N HIS J 1110 -31.84 -41.84 -89.88
CA HIS J 1110 -31.93 -41.12 -88.63
C HIS J 1110 -31.62 -42.02 -87.44
N HIS J 1111 -31.99 -43.30 -87.50
CA HIS J 1111 -31.65 -44.14 -86.37
C HIS J 1111 -30.19 -44.56 -86.39
N VAL J 1112 -29.61 -44.84 -87.56
CA VAL J 1112 -28.22 -45.28 -87.57
C VAL J 1112 -27.24 -44.12 -87.61
N GLY J 1113 -27.73 -42.88 -87.62
CA GLY J 1113 -26.86 -41.73 -87.45
C GLY J 1113 -26.02 -41.39 -88.65
N ILE J 1114 -26.67 -41.15 -89.78
CA ILE J 1114 -26.03 -40.70 -91.01
C ILE J 1114 -26.63 -39.34 -91.34
N GLU J 1115 -25.82 -38.49 -91.96
CA GLU J 1115 -26.33 -37.24 -92.50
C GLU J 1115 -27.40 -37.50 -93.55
N LYS J 1116 -28.52 -36.82 -93.40
CA LYS J 1116 -29.69 -37.04 -94.24
C LYS J 1116 -29.44 -36.65 -95.70
N PRO J 1117 -28.67 -35.58 -96.02
CA PRO J 1117 -28.27 -35.50 -97.45
C PRO J 1117 -26.95 -36.22 -97.77
N ASN J 1118 -26.99 -37.56 -97.84
CA ASN J 1118 -25.88 -38.17 -98.57
C ASN J 1118 -25.94 -38.09 -100.12
N PRO J 1119 -27.05 -37.99 -100.86
CA PRO J 1119 -26.86 -37.92 -102.31
C PRO J 1119 -26.45 -36.52 -102.72
N SER J 1120 -25.60 -36.47 -103.75
CA SER J 1120 -25.18 -35.21 -104.36
C SER J 1120 -25.02 -35.50 -105.85
N GLU J 1121 -26.08 -35.26 -106.62
CA GLU J 1121 -26.15 -35.37 -108.09
C GLU J 1121 -25.42 -36.61 -108.63
N GLY J 1122 -25.89 -37.76 -108.13
CA GLY J 1122 -25.24 -39.04 -108.37
C GLY J 1122 -23.80 -39.08 -107.92
N GLU J 1123 -23.57 -38.82 -106.63
CA GLU J 1123 -22.25 -38.84 -105.98
C GLU J 1123 -21.28 -37.85 -106.62
N ALA J 1124 -21.66 -36.57 -106.53
CA ALA J 1124 -20.89 -35.40 -106.96
C ALA J 1124 -20.56 -35.43 -108.44
N LEU J 1125 -21.53 -35.86 -109.27
CA LEU J 1125 -21.27 -36.29 -110.64
C LEU J 1125 -20.14 -37.32 -110.62
N ASN J 1126 -20.47 -38.47 -110.03
CA ASN J 1126 -19.75 -39.74 -110.04
C ASN J 1126 -18.24 -39.63 -109.74
N ILE J 1127 -17.85 -38.65 -108.93
CA ILE J 1127 -16.48 -38.62 -108.44
C ILE J 1127 -16.43 -39.23 -107.04
N ILE J 1128 -17.55 -39.22 -106.32
CA ILE J 1128 -17.64 -40.08 -105.15
C ILE J 1128 -17.96 -41.52 -105.58
N THR J 1129 -18.43 -41.72 -106.82
CA THR J 1129 -18.28 -43.03 -107.46
C THR J 1129 -16.81 -43.37 -107.65
N PHE J 1130 -16.02 -42.39 -108.09
CA PHE J 1130 -14.57 -42.53 -108.07
C PHE J 1130 -14.01 -42.54 -106.64
N GLY J 1131 -14.76 -42.00 -105.67
CA GLY J 1131 -14.45 -42.20 -104.27
C GLY J 1131 -13.41 -41.28 -103.69
N GLY J 1132 -13.68 -40.73 -102.50
CA GLY J 1132 -12.71 -39.85 -101.88
C GLY J 1132 -13.27 -39.16 -100.65
N ILE J 1133 -12.60 -38.08 -100.26
CA ILE J 1133 -12.89 -37.35 -99.03
C ILE J 1133 -13.32 -35.93 -99.39
N ASN J 1134 -14.54 -35.57 -98.97
CA ASN J 1134 -14.93 -34.17 -98.92
C ASN J 1134 -15.14 -33.67 -97.51
N LYS J 1135 -15.27 -34.57 -96.54
CA LYS J 1135 -15.51 -34.22 -95.16
C LYS J 1135 -14.22 -33.78 -94.49
N ASN J 1136 -14.35 -32.93 -93.49
CA ASN J 1136 -13.25 -32.76 -92.54
C ASN J 1136 -13.04 -34.08 -91.82
N PRO J 1137 -11.82 -34.63 -91.82
CA PRO J 1137 -11.53 -35.75 -90.94
C PRO J 1137 -11.69 -35.35 -89.49
N PRO J 1138 -11.93 -36.32 -88.59
CA PRO J 1138 -12.37 -35.99 -87.22
C PRO J 1138 -11.39 -35.16 -86.44
N SER J 1139 -11.94 -34.15 -85.77
CA SER J 1139 -11.15 -33.03 -85.30
C SER J 1139 -10.21 -33.40 -84.17
N ILE J 1140 -10.55 -34.41 -83.38
CA ILE J 1140 -9.64 -34.91 -82.36
C ILE J 1140 -9.29 -36.35 -82.70
N LEU J 1141 -8.04 -36.71 -82.46
CA LEU J 1141 -7.53 -38.04 -82.77
C LEU J 1141 -6.45 -38.35 -81.75
N LEU J 1142 -6.40 -39.59 -81.30
CA LEU J 1142 -5.44 -39.96 -80.28
C LEU J 1142 -4.52 -41.10 -80.67
N HIS J 1143 -4.99 -42.08 -81.43
CA HIS J 1143 -4.23 -43.29 -81.62
C HIS J 1143 -4.04 -43.69 -83.08
N GLY J 1144 -4.55 -42.91 -84.02
CA GLY J 1144 -4.29 -43.17 -85.43
C GLY J 1144 -5.48 -43.80 -86.13
N GLN J 1145 -5.26 -44.93 -86.79
CA GLN J 1145 -6.21 -45.47 -87.75
C GLN J 1145 -6.99 -46.65 -87.17
N GLN J 1146 -8.22 -46.80 -87.66
CA GLN J 1146 -9.09 -47.89 -87.24
C GLN J 1146 -10.13 -48.14 -88.34
N ALA J 1147 -10.47 -49.41 -88.56
CA ALA J 1147 -11.50 -49.78 -89.54
C ALA J 1147 -11.94 -51.19 -89.22
N ILE J 1148 -13.24 -51.37 -88.99
CA ILE J 1148 -13.77 -52.63 -88.49
C ILE J 1148 -14.86 -53.10 -89.42
N CYS J 1149 -14.64 -54.24 -90.07
CA CYS J 1149 -15.59 -54.79 -91.02
C CYS J 1149 -16.58 -55.68 -90.26
N GLU J 1150 -17.36 -56.48 -90.99
CA GLU J 1150 -18.59 -57.00 -90.40
C GLU J 1150 -19.10 -58.24 -91.13
N VAL J 1151 -19.25 -59.35 -90.41
CA VAL J 1151 -19.85 -60.58 -90.93
C VAL J 1151 -21.00 -60.97 -90.02
N ILE J 1152 -22.14 -61.29 -90.59
CA ILE J 1152 -23.33 -61.65 -89.83
C ILE J 1152 -23.33 -63.17 -89.61
N LEU J 1153 -23.75 -63.63 -88.43
CA LEU J 1153 -23.60 -65.04 -88.06
C LEU J 1153 -24.69 -65.47 -87.08
N THR J 1154 -24.96 -66.80 -87.05
CA THR J 1154 -25.68 -67.56 -86.03
C THR J 1154 -25.31 -67.17 -84.60
N PRO J 1155 -26.24 -67.27 -83.65
CA PRO J 1155 -25.82 -67.39 -82.24
C PRO J 1155 -25.41 -68.80 -81.83
N VAL J 1156 -25.16 -69.69 -82.79
CA VAL J 1156 -24.96 -71.10 -82.48
C VAL J 1156 -23.51 -71.53 -82.66
N THR J 1157 -22.74 -70.86 -83.52
CA THR J 1157 -21.39 -71.26 -83.91
C THR J 1157 -20.47 -71.35 -82.70
N THR J 1158 -19.90 -72.55 -82.51
CA THR J 1158 -19.18 -72.88 -81.30
C THR J 1158 -17.92 -72.04 -81.16
N ASN J 1159 -17.73 -71.45 -79.98
CA ASN J 1159 -16.53 -70.66 -79.71
C ASN J 1159 -15.28 -71.51 -79.76
N ILE J 1160 -15.23 -72.55 -78.93
CA ILE J 1160 -13.99 -73.22 -78.59
C ILE J 1160 -13.46 -74.03 -79.77
N ASN J 1161 -14.31 -74.34 -80.74
CA ASN J 1161 -13.81 -74.82 -82.01
C ASN J 1161 -13.23 -73.69 -82.86
N PHE J 1162 -13.80 -72.48 -82.75
CA PHE J 1162 -13.62 -71.49 -83.81
C PHE J 1162 -12.86 -70.24 -83.36
N PHE J 1163 -13.34 -69.52 -82.36
CA PHE J 1163 -12.87 -68.16 -82.16
C PHE J 1163 -11.54 -68.08 -81.43
N LYS J 1164 -11.16 -69.12 -80.69
CA LYS J 1164 -10.04 -69.01 -79.78
C LYS J 1164 -8.70 -69.22 -80.45
N LEU J 1165 -8.69 -69.44 -81.76
CA LEU J 1165 -7.54 -69.92 -82.52
C LEU J 1165 -7.39 -69.08 -83.78
N PRO J 1166 -6.19 -69.02 -84.36
CA PRO J 1166 -6.04 -68.37 -85.67
C PRO J 1166 -6.82 -69.11 -86.73
N HIS J 1167 -7.80 -68.41 -87.32
CA HIS J 1167 -8.76 -69.09 -88.17
C HIS J 1167 -9.33 -68.08 -89.16
N ASN J 1168 -9.70 -68.55 -90.34
CA ASN J 1168 -10.31 -67.69 -91.33
C ASN J 1168 -11.74 -67.37 -90.93
N PRO J 1169 -12.16 -66.10 -90.93
CA PRO J 1169 -13.57 -65.79 -90.64
C PRO J 1169 -14.54 -66.05 -91.77
N ARG J 1170 -14.16 -66.77 -92.82
CA ARG J 1170 -15.14 -67.27 -93.77
C ARG J 1170 -15.96 -68.39 -93.15
N GLY J 1171 -15.49 -68.97 -92.06
CA GLY J 1171 -16.12 -70.13 -91.48
C GLY J 1171 -15.47 -71.38 -91.97
N ARG J 1172 -15.63 -71.68 -93.26
CA ARG J 1172 -14.83 -72.70 -93.88
C ARG J 1172 -13.49 -72.09 -94.21
N GLU J 1173 -12.42 -72.83 -93.92
CA GLU J 1173 -11.08 -72.31 -94.12
C GLU J 1173 -10.78 -72.23 -95.61
N SER J 1174 -9.88 -71.33 -95.96
CA SER J 1174 -9.54 -71.08 -97.36
C SER J 1174 -8.04 -70.90 -97.51
N CYS J 1175 -7.26 -71.83 -96.96
CA CYS J 1175 -5.82 -71.83 -97.12
C CYS J 1175 -5.46 -72.75 -98.28
N MET J 1176 -4.59 -72.27 -99.17
CA MET J 1176 -4.33 -72.92 -100.44
C MET J 1176 -3.12 -73.83 -100.44
N MET J 1177 -2.52 -74.06 -99.28
CA MET J 1177 -1.37 -74.94 -99.19
C MET J 1177 -1.77 -76.39 -98.96
N GLY J 1178 -3.03 -76.72 -99.19
CA GLY J 1178 -3.48 -78.09 -99.10
C GLY J 1178 -4.26 -78.46 -100.33
N THR J 1179 -4.28 -77.53 -101.27
CA THR J 1179 -5.00 -77.68 -102.52
C THR J 1179 -4.02 -78.14 -103.59
N ASP J 1180 -4.52 -78.94 -104.51
CA ASP J 1180 -3.78 -79.34 -105.71
C ASP J 1180 -3.37 -78.11 -106.51
N PRO J 1181 -2.08 -77.89 -106.73
CA PRO J 1181 -1.67 -76.80 -107.62
C PRO J 1181 -1.98 -77.14 -109.07
N HIS J 1182 -2.26 -76.09 -109.85
CA HIS J 1182 -2.64 -76.17 -111.26
C HIS J 1182 -3.87 -77.04 -111.47
N ASN J 1183 -4.93 -76.78 -110.69
CA ASN J 1183 -6.21 -77.44 -110.92
C ASN J 1183 -7.31 -76.46 -110.51
N GLU J 1184 -7.90 -75.81 -111.51
CA GLU J 1184 -8.76 -74.66 -111.25
C GLU J 1184 -10.11 -75.09 -110.65
N GLU J 1185 -10.72 -76.12 -111.22
CA GLU J 1185 -12.05 -76.51 -110.75
C GLU J 1185 -11.96 -77.19 -109.39
N ALA J 1186 -10.90 -77.97 -109.15
CA ALA J 1186 -10.68 -78.52 -107.83
C ALA J 1186 -10.36 -77.42 -106.82
N ALA J 1187 -9.78 -76.31 -107.28
CA ALA J 1187 -9.58 -75.18 -106.37
C ALA J 1187 -10.90 -74.51 -106.02
N ARG J 1188 -11.79 -74.34 -106.99
CA ARG J 1188 -13.13 -73.83 -106.68
C ARG J 1188 -13.89 -74.78 -105.76
N LYS J 1189 -13.67 -76.09 -105.91
CA LYS J 1189 -14.27 -77.04 -104.98
C LYS J 1189 -13.64 -76.94 -103.60
N ALA J 1190 -12.36 -76.56 -103.52
CA ALA J 1190 -11.75 -76.32 -102.22
C ALA J 1190 -12.36 -75.10 -101.54
N LEU J 1191 -12.74 -74.10 -102.33
CA LEU J 1191 -13.36 -72.93 -101.74
C LEU J 1191 -14.86 -73.10 -101.50
N TYR J 1192 -15.52 -74.05 -102.15
CA TYR J 1192 -16.97 -74.07 -101.99
C TYR J 1192 -17.60 -75.46 -101.87
N ASP J 1193 -16.84 -76.50 -101.57
CA ASP J 1193 -17.40 -77.83 -101.59
C ASP J 1193 -18.01 -78.12 -100.22
N HIS J 1194 -19.05 -78.93 -100.22
CA HIS J 1194 -19.72 -79.31 -98.99
C HIS J 1194 -20.06 -80.79 -98.95
N THR J 1195 -19.95 -81.51 -100.06
CA THR J 1195 -19.85 -82.96 -99.99
C THR J 1195 -18.60 -83.37 -99.24
N GLN J 1196 -17.47 -82.72 -99.52
CA GLN J 1196 -16.26 -82.89 -98.75
C GLN J 1196 -16.34 -82.00 -97.52
N THR J 1197 -15.98 -82.55 -96.38
CA THR J 1197 -15.89 -81.75 -95.18
C THR J 1197 -14.60 -80.94 -95.17
N ASP J 1198 -14.61 -79.89 -94.37
CA ASP J 1198 -13.37 -79.21 -94.04
C ASP J 1198 -12.56 -80.10 -93.10
N SER J 1199 -11.27 -79.80 -93.02
CA SER J 1199 -10.50 -80.39 -91.94
C SER J 1199 -10.81 -79.67 -90.62
N ASP J 1200 -10.20 -80.19 -89.54
CA ASP J 1200 -10.26 -79.74 -88.14
C ASP J 1200 -11.57 -80.05 -87.43
N THR J 1201 -12.61 -80.43 -88.17
CA THR J 1201 -13.91 -80.75 -87.59
C THR J 1201 -14.64 -81.58 -88.63
N PHE J 1202 -15.56 -82.44 -88.17
CA PHE J 1202 -16.54 -83.04 -89.07
C PHE J 1202 -17.33 -81.98 -89.81
N ALA J 1203 -17.65 -80.88 -89.14
CA ALA J 1203 -18.42 -79.80 -89.74
C ALA J 1203 -17.63 -79.15 -90.86
N ALA J 1204 -18.25 -79.08 -92.04
CA ALA J 1204 -17.59 -78.54 -93.21
C ALA J 1204 -17.55 -77.02 -93.21
N THR J 1205 -18.24 -76.36 -92.30
CA THR J 1205 -18.46 -74.92 -92.33
C THR J 1205 -18.94 -74.51 -90.95
N THR J 1206 -18.39 -73.43 -90.40
CA THR J 1206 -18.92 -72.88 -89.17
C THR J 1206 -19.70 -71.59 -89.39
N ASN J 1207 -19.40 -70.84 -90.46
CA ASN J 1207 -20.15 -69.63 -90.81
C ASN J 1207 -20.71 -69.81 -92.21
N PRO J 1208 -21.93 -70.34 -92.35
CA PRO J 1208 -22.50 -70.54 -93.70
C PRO J 1208 -22.71 -69.25 -94.47
N TRP J 1209 -23.09 -68.20 -93.77
CA TRP J 1209 -23.43 -66.96 -94.45
C TRP J 1209 -22.22 -66.16 -94.90
N ALA J 1210 -21.02 -66.65 -94.63
CA ALA J 1210 -19.84 -66.17 -95.32
C ALA J 1210 -19.22 -67.23 -96.20
N SER J 1211 -19.45 -68.51 -95.91
CA SER J 1211 -18.81 -69.56 -96.67
C SER J 1211 -19.53 -69.94 -97.94
N LEU J 1212 -20.76 -69.69 -98.03
CA LEU J 1212 -21.50 -70.26 -99.13
C LEU J 1212 -21.42 -69.38 -100.37
N PRO J 1213 -21.48 -69.98 -101.57
CA PRO J 1213 -21.45 -69.19 -102.80
C PRO J 1213 -22.77 -68.46 -102.99
N GLY J 1214 -22.71 -67.14 -102.96
CA GLY J 1214 -23.90 -66.34 -102.99
C GLY J 1214 -24.53 -66.12 -101.64
N SER J 1215 -23.76 -66.26 -100.57
CA SER J 1215 -24.24 -65.85 -99.25
C SER J 1215 -23.97 -64.37 -99.11
N LEU J 1216 -24.24 -63.80 -97.92
CA LEU J 1216 -24.09 -62.36 -97.77
C LEU J 1216 -22.64 -61.93 -97.83
N GLY J 1217 -21.73 -62.76 -97.32
CA GLY J 1217 -20.32 -62.46 -97.44
C GLY J 1217 -19.85 -62.45 -98.87
N ASP J 1218 -20.32 -63.40 -99.67
CA ASP J 1218 -19.93 -63.46 -101.07
C ASP J 1218 -20.53 -62.29 -101.85
N ILE J 1219 -21.82 -61.98 -101.63
CA ILE J 1219 -22.43 -60.90 -102.39
C ILE J 1219 -22.09 -59.54 -101.83
N LEU J 1220 -21.37 -59.48 -100.71
CA LEU J 1220 -21.09 -58.22 -100.06
C LEU J 1220 -19.62 -57.82 -100.07
N TYR J 1221 -18.71 -58.79 -100.06
CA TYR J 1221 -17.30 -58.50 -99.89
C TYR J 1221 -16.41 -58.98 -101.03
N ASN J 1222 -16.88 -59.92 -101.83
CA ASN J 1222 -16.13 -60.31 -103.01
C ASN J 1222 -16.19 -59.17 -104.02
N THR J 1223 -15.02 -58.81 -104.56
CA THR J 1223 -14.98 -57.69 -105.48
C THR J 1223 -15.61 -57.99 -106.83
N ALA J 1224 -15.85 -59.27 -107.16
CA ALA J 1224 -16.59 -59.59 -108.37
C ALA J 1224 -18.03 -59.11 -108.33
N HIS J 1225 -18.60 -58.94 -107.15
CA HIS J 1225 -19.91 -58.35 -107.01
C HIS J 1225 -19.86 -56.91 -106.50
N ARG J 1226 -18.76 -56.55 -105.82
CA ARG J 1226 -18.56 -55.16 -105.44
C ARG J 1226 -18.39 -54.28 -106.67
N GLU J 1227 -17.71 -54.78 -107.71
CA GLU J 1227 -17.58 -53.98 -108.93
C GLU J 1227 -18.88 -53.94 -109.73
N GLN J 1228 -19.83 -54.81 -109.43
CA GLN J 1228 -21.15 -54.65 -110.02
C GLN J 1228 -21.95 -53.58 -109.29
N LEU J 1229 -22.01 -53.66 -107.96
CA LEU J 1229 -22.81 -52.71 -107.17
C LEU J 1229 -21.86 -51.67 -106.57
N CYS J 1230 -21.95 -50.44 -107.09
CA CYS J 1230 -20.92 -49.41 -107.00
C CYS J 1230 -20.63 -48.97 -105.56
N TYR J 1231 -19.53 -48.26 -105.38
CA TYR J 1231 -18.85 -48.18 -104.09
C TYR J 1231 -17.70 -47.20 -104.14
N ASN J 1232 -17.29 -46.75 -102.96
CA ASN J 1232 -16.04 -46.01 -102.82
C ASN J 1232 -14.88 -46.99 -102.94
N PRO J 1233 -14.00 -46.86 -103.94
CA PRO J 1233 -12.83 -47.74 -103.98
C PRO J 1233 -11.78 -47.38 -102.94
N LYS J 1234 -11.84 -46.18 -102.36
CA LYS J 1234 -10.90 -45.82 -101.32
C LYS J 1234 -11.29 -46.40 -99.96
N THR J 1235 -12.53 -46.83 -99.79
CA THR J 1235 -12.95 -47.43 -98.52
C THR J 1235 -12.27 -48.77 -98.35
N TYR J 1236 -11.36 -48.86 -97.39
CA TYR J 1236 -10.66 -50.10 -97.12
C TYR J 1236 -11.57 -51.04 -96.37
N SER J 1237 -11.70 -52.26 -96.88
CA SER J 1237 -12.44 -53.31 -96.19
C SER J 1237 -11.45 -54.44 -95.91
N PRO J 1238 -11.19 -54.77 -94.64
CA PRO J 1238 -10.23 -55.83 -94.32
C PRO J 1238 -10.75 -57.24 -94.53
N ASN J 1239 -11.88 -57.41 -95.20
CA ASN J 1239 -12.42 -58.72 -95.48
C ASN J 1239 -12.40 -59.03 -96.96
N ALA J 1240 -12.11 -58.03 -97.79
CA ALA J 1240 -11.82 -58.27 -99.19
C ALA J 1240 -10.58 -59.14 -99.36
N GLN J 1241 -9.61 -59.02 -98.44
CA GLN J 1241 -8.42 -59.86 -98.50
C GLN J 1241 -8.71 -61.33 -98.23
N PHE J 1242 -9.89 -61.63 -97.66
CA PHE J 1242 -10.31 -63.00 -97.41
C PHE J 1242 -11.32 -63.50 -98.41
N PHE J 1243 -12.09 -62.60 -99.03
CA PHE J 1243 -13.17 -63.04 -99.91
C PHE J 1243 -12.95 -62.74 -101.40
N THR J 1244 -11.88 -62.04 -101.78
CA THR J 1244 -11.56 -61.95 -103.20
C THR J 1244 -10.99 -63.27 -103.67
N GLU J 1245 -11.78 -63.99 -104.46
CA GLU J 1245 -11.42 -65.36 -104.80
C GLU J 1245 -10.72 -65.45 -106.14
N SER J 1246 -10.92 -64.46 -107.01
CA SER J 1246 -10.02 -64.28 -108.15
C SER J 1246 -8.61 -63.90 -107.71
N ASP J 1247 -8.43 -63.42 -106.49
CA ASP J 1247 -7.12 -63.14 -105.92
C ASP J 1247 -6.64 -64.22 -104.97
N ILE J 1248 -7.28 -65.39 -104.97
CA ILE J 1248 -6.73 -66.54 -104.27
C ILE J 1248 -6.58 -67.76 -105.17
N LEU J 1249 -7.32 -67.84 -106.29
CA LEU J 1249 -7.03 -68.83 -107.31
C LEU J 1249 -5.67 -68.58 -107.97
N LYS J 1250 -5.18 -67.34 -107.95
CA LYS J 1250 -3.81 -67.09 -108.41
C LYS J 1250 -2.79 -67.63 -107.43
N THR J 1251 -3.13 -67.67 -106.12
CA THR J 1251 -2.24 -68.26 -105.12
C THR J 1251 -2.18 -69.77 -105.29
N ASN J 1252 -3.28 -70.38 -105.75
CA ASN J 1252 -3.21 -71.79 -106.13
C ASN J 1252 -2.24 -72.01 -107.29
N LYS J 1253 -1.06 -72.54 -106.98
CA LYS J 1253 0.15 -72.54 -107.80
C LYS J 1253 1.21 -73.31 -107.00
N MET J 1254 2.34 -73.63 -107.66
CA MET J 1254 3.47 -74.25 -106.99
C MET J 1254 4.04 -73.35 -105.90
N MET J 1255 4.73 -73.97 -104.95
CA MET J 1255 4.99 -73.31 -103.67
C MET J 1255 6.08 -72.25 -103.78
N TYR J 1256 7.13 -72.53 -104.56
CA TYR J 1256 8.16 -71.52 -104.83
C TYR J 1256 7.56 -70.28 -105.49
N LYS J 1257 6.59 -70.48 -106.38
CA LYS J 1257 5.93 -69.35 -107.00
C LYS J 1257 5.02 -68.63 -106.01
N VAL J 1258 4.42 -69.38 -105.07
CA VAL J 1258 3.62 -68.75 -104.01
C VAL J 1258 4.48 -67.80 -103.18
N ILE J 1259 5.63 -68.27 -102.72
CA ILE J 1259 6.43 -67.40 -101.87
C ILE J 1259 7.23 -66.36 -102.64
N ASN J 1260 7.55 -66.60 -103.91
CA ASN J 1260 8.13 -65.54 -104.73
C ASN J 1260 7.11 -64.46 -105.03
N GLU J 1261 5.84 -64.85 -105.23
CA GLU J 1261 4.77 -63.87 -105.37
C GLU J 1261 4.56 -63.10 -104.08
N TYR J 1262 4.74 -63.75 -102.92
CA TYR J 1262 4.61 -63.05 -101.65
C TYR J 1262 5.71 -62.00 -101.48
N CYS J 1263 6.96 -62.40 -101.66
CA CYS J 1263 8.04 -61.42 -101.49
C CYS J 1263 8.07 -60.39 -102.61
N MET J 1264 7.50 -60.70 -103.78
CA MET J 1264 7.34 -59.69 -104.81
C MET J 1264 6.21 -58.72 -104.48
N LYS J 1265 5.18 -59.19 -103.78
CA LYS J 1265 4.11 -58.33 -103.30
C LYS J 1265 4.60 -57.69 -101.99
N SER J 1266 5.46 -56.69 -102.16
CA SER J 1266 5.89 -55.81 -101.08
C SER J 1266 5.96 -54.39 -101.58
N ASN J 1267 5.07 -54.05 -102.51
CA ASN J 1267 4.98 -52.68 -103.03
C ASN J 1267 4.48 -51.72 -101.96
N SER J 1268 3.62 -52.21 -101.06
CA SER J 1268 3.02 -51.45 -99.96
C SER J 1268 2.26 -50.21 -100.47
N CYS J 1269 1.21 -50.51 -101.24
CA CYS J 1269 0.32 -49.46 -101.71
C CYS J 1269 -0.48 -48.86 -100.56
N LEU J 1270 -0.74 -49.64 -99.52
CA LEU J 1270 -1.52 -49.18 -98.37
C LEU J 1270 -0.73 -48.16 -97.56
N ASN J 1271 -1.28 -46.95 -97.39
CA ASN J 1271 -0.62 -45.93 -96.60
C ASN J 1271 -0.92 -46.11 -95.12
N SER J 1272 -0.37 -45.22 -94.30
CA SER J 1272 -0.72 -45.17 -92.89
C SER J 1272 -0.84 -43.72 -92.43
N ASP J 1273 -1.45 -42.89 -93.27
CA ASP J 1273 -1.74 -41.50 -92.98
C ASP J 1273 -3.25 -41.32 -92.94
N SER J 1274 -3.69 -40.16 -92.42
CA SER J 1274 -5.06 -39.66 -92.52
C SER J 1274 -6.08 -40.54 -91.79
N GLU J 1275 -5.80 -40.83 -90.52
CA GLU J 1275 -6.73 -41.15 -89.41
C GLU J 1275 -7.63 -42.37 -89.58
N ILE J 1276 -7.65 -42.98 -90.76
CA ILE J 1276 -8.50 -44.14 -91.02
C ILE J 1276 -7.90 -44.84 -92.22
N GLN J 1277 -8.00 -46.16 -92.23
CA GLN J 1277 -7.43 -46.96 -93.30
C GLN J 1277 -8.16 -46.71 -94.60
N TYR J 1278 -7.44 -46.18 -95.59
CA TYR J 1278 -7.90 -46.16 -96.97
C TYR J 1278 -7.05 -47.10 -97.80
N SER J 1279 -7.50 -47.35 -99.02
CA SER J 1279 -6.80 -48.22 -99.95
C SER J 1279 -6.46 -47.42 -101.20
N CYS J 1280 -5.33 -46.73 -101.16
CA CYS J 1280 -4.75 -46.15 -102.36
C CYS J 1280 -3.78 -47.14 -102.98
N SER J 1281 -3.67 -47.10 -104.31
CA SER J 1281 -3.03 -48.17 -105.05
C SER J 1281 -1.97 -47.66 -106.02
N GLU J 1282 -1.08 -46.79 -105.55
CA GLU J 1282 0.01 -46.30 -106.39
C GLU J 1282 1.37 -46.87 -106.02
N GLY J 1283 1.57 -47.32 -104.78
CA GLY J 1283 2.83 -47.90 -104.36
C GLY J 1283 3.97 -46.92 -104.18
N THR J 1284 3.78 -45.93 -103.29
CA THR J 1284 4.81 -44.96 -102.97
C THR J 1284 5.60 -45.34 -101.73
N ASP J 1285 4.93 -45.92 -100.73
CA ASP J 1285 5.58 -46.40 -99.51
C ASP J 1285 6.55 -47.51 -99.84
N SER J 1286 7.58 -47.64 -99.00
CA SER J 1286 8.64 -48.61 -99.22
C SER J 1286 8.19 -50.06 -99.12
N PHE J 1287 7.81 -50.53 -97.93
CA PHE J 1287 7.62 -51.97 -97.77
C PHE J 1287 6.54 -52.26 -96.75
N VAL J 1288 5.88 -53.40 -96.96
CA VAL J 1288 4.94 -53.98 -96.02
C VAL J 1288 5.12 -55.49 -96.15
N SER J 1289 4.66 -56.21 -95.14
CA SER J 1289 4.51 -57.65 -95.28
C SER J 1289 3.27 -58.03 -94.50
N ARG J 1290 2.40 -58.81 -95.13
CA ARG J 1290 1.07 -59.12 -94.60
C ARG J 1290 0.96 -60.62 -94.39
N PRO J 1291 1.32 -61.11 -93.20
CA PRO J 1291 1.24 -62.54 -92.95
C PRO J 1291 -0.17 -63.06 -92.87
N CYS J 1292 -1.14 -62.22 -92.50
CA CYS J 1292 -2.53 -62.64 -92.56
C CYS J 1292 -2.98 -62.83 -93.99
N GLN J 1293 -2.47 -62.01 -94.92
CA GLN J 1293 -2.70 -62.23 -96.34
C GLN J 1293 -2.07 -63.53 -96.81
N PHE J 1294 -0.84 -63.80 -96.38
CA PHE J 1294 -0.17 -65.01 -96.87
C PHE J 1294 -0.78 -66.27 -96.27
N LEU J 1295 -1.22 -66.22 -95.02
CA LEU J 1295 -1.75 -67.41 -94.37
C LEU J 1295 -3.25 -67.55 -94.51
N GLN J 1296 -3.93 -66.54 -95.06
CA GLN J 1296 -5.35 -66.53 -95.36
C GLN J 1296 -6.23 -66.74 -94.13
N ASN J 1297 -5.70 -66.43 -92.95
CA ASN J 1297 -6.50 -66.41 -91.74
C ASN J 1297 -6.09 -65.23 -90.88
N ALA J 1298 -6.96 -64.86 -89.97
CA ALA J 1298 -6.70 -63.76 -89.07
C ALA J 1298 -6.42 -64.30 -87.67
N LEU J 1299 -6.27 -63.39 -86.72
CA LEU J 1299 -5.86 -63.79 -85.38
C LEU J 1299 -6.93 -63.43 -84.36
N PRO J 1300 -7.11 -64.23 -83.31
CA PRO J 1300 -7.98 -63.82 -82.23
C PRO J 1300 -7.31 -62.76 -81.37
N LEU J 1301 -8.13 -62.03 -80.62
CA LEU J 1301 -7.58 -61.02 -79.73
C LEU J 1301 -8.41 -60.96 -78.45
N HIS J 1302 -7.80 -60.34 -77.44
CA HIS J 1302 -8.24 -60.45 -76.05
C HIS J 1302 -9.55 -59.72 -75.81
N CYS J 1303 -10.66 -60.39 -76.08
CA CYS J 1303 -11.97 -59.85 -75.82
C CYS J 1303 -12.67 -60.73 -74.81
N SER J 1304 -13.83 -60.26 -74.34
CA SER J 1304 -14.60 -60.99 -73.34
C SER J 1304 -16.04 -60.54 -73.45
N SER J 1305 -16.88 -61.09 -72.60
CA SER J 1305 -18.30 -60.75 -72.65
C SER J 1305 -18.66 -59.60 -71.74
N ASN J 1306 -17.99 -59.46 -70.60
CA ASN J 1306 -18.21 -58.29 -69.76
C ASN J 1306 -16.97 -57.96 -68.94
N GLN J 1307 -17.10 -56.88 -68.18
CA GLN J 1307 -16.04 -56.42 -67.31
C GLN J 1307 -15.74 -57.41 -66.19
N ALA J 1308 -16.71 -58.26 -65.83
CA ALA J 1308 -16.44 -59.31 -64.86
C ALA J 1308 -15.36 -60.26 -65.34
N LEU J 1309 -15.45 -60.70 -66.60
CA LEU J 1309 -14.39 -61.54 -67.12
C LEU J 1309 -13.17 -60.73 -67.48
N LEU J 1310 -13.31 -59.42 -67.66
CA LEU J 1310 -12.13 -58.64 -68.00
C LEU J 1310 -11.27 -58.33 -66.77
N GLU J 1311 -11.88 -58.20 -65.58
CA GLU J 1311 -11.12 -57.80 -64.40
C GLU J 1311 -10.17 -58.88 -63.93
N SER J 1312 -10.58 -60.15 -63.97
CA SER J 1312 -9.70 -61.22 -63.53
C SER J 1312 -8.54 -61.42 -64.50
N ARG J 1313 -8.78 -61.16 -65.79
CA ARG J 1313 -7.68 -61.13 -66.75
C ARG J 1313 -6.71 -60.01 -66.45
N SER J 1314 -7.24 -58.83 -66.10
CA SER J 1314 -6.35 -57.71 -65.78
C SER J 1314 -5.60 -57.95 -64.47
N LYS J 1315 -6.17 -58.72 -63.55
CA LYS J 1315 -5.44 -59.07 -62.33
C LYS J 1315 -4.33 -60.06 -62.62
N THR J 1316 -4.68 -61.25 -63.10
CA THR J 1316 -3.69 -62.31 -63.20
C THR J 1316 -2.79 -62.20 -64.42
N GLY J 1317 -3.06 -61.26 -65.33
CA GLY J 1317 -2.23 -61.10 -66.51
C GLY J 1317 -2.35 -62.21 -67.53
N ASN J 1318 -3.38 -63.04 -67.43
CA ASN J 1318 -3.45 -64.28 -68.18
C ASN J 1318 -4.22 -64.04 -69.48
N THR J 1319 -3.55 -63.37 -70.43
CA THR J 1319 -4.20 -63.09 -71.69
C THR J 1319 -4.14 -64.26 -72.67
N GLN J 1320 -3.28 -65.23 -72.42
CA GLN J 1320 -3.13 -66.34 -73.36
C GLN J 1320 -4.22 -67.38 -73.16
N ILE J 1321 -4.50 -67.75 -71.93
CA ILE J 1321 -5.42 -68.84 -71.65
C ILE J 1321 -6.85 -68.33 -71.76
N SER J 1322 -7.64 -69.02 -72.58
CA SER J 1322 -9.04 -68.67 -72.79
C SER J 1322 -9.95 -69.44 -71.84
N GLU J 1323 -10.92 -68.74 -71.27
CA GLU J 1323 -11.75 -69.25 -70.18
C GLU J 1323 -13.19 -68.87 -70.42
N THR J 1324 -14.13 -69.66 -69.90
CA THR J 1324 -15.56 -69.46 -70.13
C THR J 1324 -16.33 -69.49 -68.83
N HIS J 1325 -17.34 -68.62 -68.74
CA HIS J 1325 -18.38 -68.68 -67.71
C HIS J 1325 -19.55 -69.47 -68.32
N TYR J 1326 -20.74 -69.40 -67.71
CA TYR J 1326 -21.94 -70.13 -68.15
C TYR J 1326 -22.32 -69.85 -69.59
N CYS J 1327 -22.72 -68.62 -69.87
CA CYS J 1327 -22.94 -68.17 -71.23
C CYS J 1327 -21.98 -67.08 -71.64
N ASN J 1328 -21.28 -66.47 -70.68
CA ASN J 1328 -20.24 -65.52 -70.99
C ASN J 1328 -18.96 -66.26 -71.34
N TYR J 1329 -18.09 -65.58 -72.09
CA TYR J 1329 -16.89 -66.20 -72.59
C TYR J 1329 -15.80 -65.14 -72.65
N ALA J 1330 -14.56 -65.59 -72.68
CA ALA J 1330 -13.44 -64.69 -72.88
C ALA J 1330 -12.42 -65.36 -73.78
N ILE J 1331 -12.03 -64.67 -74.85
CA ILE J 1331 -11.20 -65.23 -75.89
C ILE J 1331 -9.75 -64.91 -75.59
N GLY J 1332 -8.89 -65.93 -75.63
CA GLY J 1332 -7.49 -65.73 -75.33
C GLY J 1332 -6.76 -65.11 -76.50
N GLU J 1333 -5.98 -64.07 -76.21
CA GLU J 1333 -5.15 -63.43 -77.22
C GLU J 1333 -4.04 -64.37 -77.64
N THR J 1334 -3.63 -64.28 -78.90
CA THR J 1334 -2.62 -65.20 -79.41
C THR J 1334 -1.23 -64.59 -79.51
N ILE J 1335 -1.10 -63.26 -79.41
CA ILE J 1335 0.19 -62.60 -79.40
C ILE J 1335 0.16 -61.60 -78.25
N PRO J 1336 1.01 -61.75 -77.23
CA PRO J 1336 0.93 -60.87 -76.04
C PRO J 1336 1.57 -59.50 -76.30
N LEU J 1337 0.90 -58.74 -77.17
CA LEU J 1337 1.53 -57.54 -77.73
C LEU J 1337 1.65 -56.43 -76.70
N GLN J 1338 0.77 -56.42 -75.70
CA GLN J 1338 0.92 -55.46 -74.62
C GLN J 1338 2.19 -55.73 -73.83
N LEU J 1339 2.51 -57.00 -73.57
CA LEU J 1339 3.77 -57.34 -72.93
C LEU J 1339 4.95 -57.09 -73.84
N ILE J 1340 4.75 -57.17 -75.16
CA ILE J 1340 5.80 -56.84 -76.12
C ILE J 1340 6.16 -55.35 -76.02
N ILE J 1341 5.14 -54.50 -76.01
CA ILE J 1341 5.36 -53.06 -75.88
C ILE J 1341 5.97 -52.72 -74.52
N GLU J 1342 5.52 -53.39 -73.46
CA GLU J 1342 6.09 -53.14 -72.14
C GLU J 1342 7.54 -53.61 -72.05
N SER J 1343 7.91 -54.65 -72.80
CA SER J 1343 9.29 -55.09 -72.80
C SER J 1343 10.19 -54.23 -73.67
N SER J 1344 9.64 -53.48 -74.63
CA SER J 1344 10.45 -52.39 -75.18
C SER J 1344 9.74 -51.05 -75.11
N GLU K 2 31.06 3.15 -9.32
CA GLU K 2 31.62 2.25 -10.33
C GLU K 2 33.12 2.08 -10.14
N ASN K 3 33.59 0.84 -10.29
CA ASN K 3 35.01 0.47 -10.18
C ASN K 3 35.67 0.92 -8.88
N TRP K 4 34.93 0.77 -7.77
CA TRP K 4 35.45 1.17 -6.47
C TRP K 4 36.67 0.34 -6.08
N GLN K 5 36.63 -0.96 -6.37
CA GLN K 5 37.74 -1.84 -6.06
C GLN K 5 39.01 -1.33 -6.74
N ALA K 6 38.82 -0.45 -7.72
CA ALA K 6 39.93 0.13 -8.46
C ALA K 6 40.74 1.04 -7.55
N THR K 7 40.17 2.16 -7.11
CA THR K 7 40.85 3.12 -6.26
C THR K 7 41.32 2.52 -4.93
N GLU K 8 40.62 1.48 -4.46
CA GLU K 8 41.15 0.71 -3.33
C GLU K 8 42.39 -0.12 -3.68
N ILE K 9 42.61 -0.43 -4.96
CA ILE K 9 43.71 -1.33 -5.35
C ILE K 9 44.87 -0.60 -6.02
N LEU K 10 44.59 0.34 -6.92
CA LEU K 10 45.52 0.77 -7.97
C LEU K 10 46.69 1.59 -7.43
N PRO K 11 47.70 1.87 -8.26
CA PRO K 11 48.67 2.92 -7.91
C PRO K 11 48.06 4.29 -7.77
N LYS K 12 48.59 5.05 -6.81
CA LYS K 12 48.03 6.33 -6.39
C LYS K 12 49.15 7.36 -6.33
N ILE K 13 48.99 8.47 -7.04
CA ILE K 13 49.98 9.53 -7.02
C ILE K 13 49.87 10.27 -5.69
N GLU K 14 51.00 10.40 -5.00
CA GLU K 14 51.03 11.05 -3.70
C GLU K 14 50.82 12.55 -3.85
N ALA K 15 49.78 13.09 -3.23
CA ALA K 15 49.45 14.49 -3.39
C ALA K 15 49.81 15.27 -2.14
N PRO K 16 50.31 16.50 -2.33
CA PRO K 16 50.69 17.37 -1.22
C PRO K 16 49.43 17.73 -0.44
N LEU K 17 49.57 18.17 0.81
CA LEU K 17 48.39 18.47 1.59
C LEU K 17 47.55 19.53 0.89
N ASN K 18 46.25 19.28 0.82
CA ASN K 18 45.33 20.18 0.17
C ASN K 18 44.87 21.28 1.12
N ILE K 19 45.22 21.13 2.40
CA ILE K 19 44.88 22.12 3.40
C ILE K 19 43.38 22.38 3.45
N PHE K 20 42.60 21.31 3.34
CA PHE K 20 41.14 21.45 3.37
C PHE K 20 40.55 20.92 4.67
N ASN K 21 39.83 21.79 5.36
CA ASN K 21 39.19 21.45 6.63
C ASN K 21 37.91 20.63 6.42
N ASP K 22 37.48 19.95 7.49
CA ASP K 22 36.25 19.15 7.47
C ASP K 22 36.12 18.10 6.37
N ILE K 23 37.12 17.23 6.22
CA ILE K 23 37.06 16.19 5.21
C ILE K 23 35.84 15.33 5.51
N LYS K 24 35.64 15.03 6.79
CA LYS K 24 34.47 14.30 7.23
C LYS K 24 33.20 15.10 6.90
N THR K 25 33.24 16.40 7.17
CA THR K 25 32.09 17.26 6.89
C THR K 25 31.81 17.34 5.38
N TYR K 26 32.85 17.53 4.57
CA TYR K 26 32.61 17.49 3.12
C TYR K 26 31.84 16.24 2.70
N THR K 27 32.16 15.11 3.30
CA THR K 27 31.54 13.84 2.96
C THR K 27 30.16 13.71 3.57
N ALA K 28 30.03 14.02 4.87
CA ALA K 28 28.75 13.84 5.53
C ALA K 28 27.73 14.87 5.08
N GLU K 29 28.18 16.03 4.60
CA GLU K 29 27.28 16.99 3.98
C GLU K 29 27.09 16.76 2.50
N GLN K 30 27.94 15.91 1.89
CA GLN K 30 27.87 15.51 0.48
C GLN K 30 28.01 16.73 -0.45
N LEU K 31 29.20 17.32 -0.39
CA LEU K 31 29.62 18.25 -1.42
C LEU K 31 29.70 17.57 -2.78
N PHE K 32 30.08 16.30 -2.82
CA PHE K 32 30.32 15.60 -4.07
C PHE K 32 29.13 14.74 -4.44
N ASP K 33 28.81 14.73 -5.74
CA ASP K 33 27.77 13.83 -6.22
C ASP K 33 28.24 12.39 -6.15
N ASN K 34 29.52 12.15 -6.41
CA ASN K 34 30.03 10.80 -6.60
C ASN K 34 31.11 10.54 -5.54
N LEU K 35 30.73 9.80 -4.50
CA LEU K 35 31.66 9.34 -3.48
C LEU K 35 31.20 7.98 -2.98
N ARG K 36 32.16 7.19 -2.53
CA ARG K 36 31.91 5.98 -1.75
C ARG K 36 32.81 6.02 -0.53
N ILE K 37 32.23 5.71 0.64
CA ILE K 37 33.00 5.63 1.87
C ILE K 37 32.81 4.25 2.45
N TYR K 38 33.71 3.87 3.34
CA TYR K 38 33.39 2.78 4.25
C TYR K 38 33.89 3.09 5.65
N PHE K 39 33.01 2.84 6.62
CA PHE K 39 33.30 3.16 8.01
C PHE K 39 34.29 2.21 8.63
N GLY K 40 34.37 0.97 8.15
CA GLY K 40 35.29 -0.01 8.68
C GLY K 40 35.62 -0.98 7.57
N ASP K 41 36.70 -1.73 7.75
CA ASP K 41 37.40 -2.38 6.63
C ASP K 41 36.55 -3.44 5.94
N ASP K 42 36.71 -3.51 4.62
CA ASP K 42 35.74 -4.06 3.71
C ASP K 42 36.41 -5.06 2.78
N PRO K 43 35.90 -6.30 2.69
CA PRO K 43 36.42 -7.26 1.71
C PRO K 43 35.89 -7.08 0.30
N SER K 44 35.29 -5.93 -0.01
CA SER K 44 34.65 -5.74 -1.30
C SER K 44 35.62 -5.55 -2.46
N ARG K 45 36.90 -5.35 -2.17
CA ARG K 45 37.88 -5.22 -3.24
C ARG K 45 38.54 -6.53 -3.60
N TYR K 46 38.27 -7.61 -2.89
CA TYR K 46 38.98 -8.84 -3.15
C TYR K 46 38.31 -9.71 -4.19
N ASN K 47 36.99 -9.63 -4.34
CA ASN K 47 36.35 -10.36 -5.44
C ASN K 47 36.64 -9.64 -6.76
N ILE K 48 37.32 -10.35 -7.66
CA ILE K 48 37.54 -9.87 -9.02
C ILE K 48 36.87 -10.85 -9.96
N SER K 49 35.87 -10.38 -10.67
CA SER K 49 35.07 -11.21 -11.56
C SER K 49 35.39 -10.75 -12.98
N PHE K 50 36.45 -11.28 -13.55
CA PHE K 50 36.78 -10.90 -14.91
C PHE K 50 36.01 -11.76 -15.89
N GLU K 51 35.59 -11.13 -16.98
CA GLU K 51 34.91 -11.75 -18.10
C GLU K 51 35.91 -11.80 -19.25
N ALA K 52 36.27 -13.00 -19.69
CA ALA K 52 37.23 -13.13 -20.77
C ALA K 52 36.63 -13.78 -22.02
N LEU K 53 36.84 -13.14 -23.16
CA LEU K 53 36.35 -13.66 -24.42
C LEU K 53 37.51 -14.09 -25.30
N LEU K 54 37.47 -15.34 -25.75
CA LEU K 54 38.54 -15.89 -26.58
C LEU K 54 38.62 -15.28 -27.98
N GLY K 55 39.85 -15.10 -28.45
CA GLY K 55 40.09 -14.58 -29.79
C GLY K 55 38.96 -14.45 -30.79
N ILE K 56 38.88 -13.29 -31.45
CA ILE K 56 37.78 -13.04 -32.38
C ILE K 56 38.09 -13.73 -33.69
N TYR K 57 37.21 -14.64 -34.09
CA TYR K 57 37.43 -15.35 -35.34
C TYR K 57 36.53 -14.79 -36.41
N CYS K 58 36.95 -14.91 -37.66
CA CYS K 58 36.13 -14.49 -38.79
C CYS K 58 36.10 -15.58 -39.84
N ASN K 59 35.18 -15.42 -40.79
CA ASN K 59 35.01 -16.37 -41.88
C ASN K 59 35.97 -16.06 -43.02
N LYS K 60 36.47 -17.10 -43.67
CA LYS K 60 37.21 -16.98 -44.92
C LYS K 60 36.28 -17.44 -46.03
N ILE K 61 35.82 -16.51 -46.86
CA ILE K 61 34.95 -16.85 -47.98
C ILE K 61 35.82 -17.37 -49.11
N GLU K 62 35.48 -18.55 -49.63
CA GLU K 62 36.22 -19.10 -50.75
C GLU K 62 35.93 -18.31 -52.01
N TRP K 63 36.85 -18.41 -52.96
CA TRP K 63 36.87 -17.53 -54.13
C TRP K 63 36.57 -18.35 -55.37
N ILE K 64 35.45 -18.04 -56.01
CA ILE K 64 34.96 -18.81 -57.14
C ILE K 64 35.43 -18.14 -58.42
N ASN K 65 36.28 -18.83 -59.17
CA ASN K 65 36.54 -18.47 -60.55
C ASN K 65 35.54 -19.19 -61.43
N PHE K 66 35.17 -18.55 -62.54
CA PHE K 66 34.20 -19.15 -63.43
C PHE K 66 34.77 -20.38 -64.12
N PHE K 67 36.06 -20.36 -64.43
CA PHE K 67 36.69 -21.45 -65.15
C PHE K 67 37.13 -22.58 -64.23
N THR K 68 36.91 -22.45 -62.93
CA THR K 68 37.14 -23.55 -62.00
C THR K 68 35.94 -24.49 -61.94
N THR K 69 34.75 -23.93 -61.82
CA THR K 69 33.52 -24.71 -61.75
C THR K 69 33.23 -25.35 -63.11
N PRO K 70 32.65 -26.55 -63.13
CA PRO K 70 32.48 -27.29 -64.39
C PRO K 70 31.25 -26.92 -65.21
N ILE K 71 30.59 -25.81 -64.92
CA ILE K 71 29.61 -25.27 -65.84
C ILE K 71 30.30 -24.60 -67.02
N ALA K 72 31.56 -24.24 -66.86
CA ALA K 72 32.30 -23.56 -67.91
C ALA K 72 32.69 -24.47 -69.06
N VAL K 73 32.50 -25.79 -68.94
CA VAL K 73 32.66 -26.63 -70.12
C VAL K 73 31.41 -26.53 -71.00
N ALA K 74 30.25 -26.26 -70.40
CA ALA K 74 29.10 -25.88 -71.21
C ALA K 74 29.22 -24.45 -71.70
N ALA K 75 30.02 -23.63 -71.04
CA ALA K 75 30.18 -22.25 -71.45
C ALA K 75 31.34 -22.06 -72.43
N ASN K 76 31.39 -20.87 -73.04
CA ASN K 76 32.51 -20.41 -73.87
C ASN K 76 32.43 -18.88 -73.89
N VAL K 77 33.24 -18.21 -73.08
CA VAL K 77 32.94 -16.85 -72.65
C VAL K 77 34.01 -15.88 -73.15
N ILE K 78 33.56 -14.77 -73.72
CA ILE K 78 34.43 -13.83 -74.44
C ILE K 78 34.06 -12.40 -74.05
N ARG K 79 35.07 -11.62 -73.65
CA ARG K 79 34.90 -10.19 -73.40
C ARG K 79 34.72 -9.44 -74.70
N PHE K 80 33.60 -8.74 -74.81
CA PHE K 80 33.39 -7.70 -75.80
C PHE K 80 32.97 -6.46 -75.04
N ASN K 81 33.79 -5.42 -75.09
CA ASN K 81 33.62 -4.28 -74.19
C ASN K 81 32.45 -3.37 -74.54
N ASP K 82 31.72 -3.64 -75.62
CA ASP K 82 30.67 -2.75 -76.09
C ASP K 82 29.35 -3.48 -76.28
N VAL K 83 29.13 -4.56 -75.55
CA VAL K 83 27.86 -5.25 -75.67
C VAL K 83 26.77 -4.54 -74.88
N SER K 84 27.14 -3.53 -74.09
CA SER K 84 26.17 -2.52 -73.67
C SER K 84 25.63 -1.75 -74.86
N ARG K 85 26.45 -1.57 -75.89
CA ARG K 85 26.00 -0.91 -77.10
C ARG K 85 25.43 -1.89 -78.12
N MET K 86 25.74 -3.18 -78.01
CA MET K 86 25.17 -4.16 -78.93
C MET K 86 23.68 -4.34 -78.64
N THR K 87 22.85 -4.04 -79.64
CA THR K 87 21.41 -4.22 -79.45
C THR K 87 21.00 -5.67 -79.66
N LEU K 88 21.23 -6.20 -80.86
CA LEU K 88 20.96 -7.60 -81.14
C LEU K 88 22.21 -8.23 -81.74
N GLY K 89 22.40 -9.51 -81.47
CA GLY K 89 23.48 -10.22 -82.10
C GLY K 89 22.91 -11.50 -82.69
N LYS K 90 23.31 -11.88 -83.88
CA LYS K 90 22.77 -13.09 -84.47
C LYS K 90 23.86 -13.88 -85.16
N VAL K 91 23.71 -15.20 -85.17
CA VAL K 91 24.53 -16.04 -86.01
C VAL K 91 23.68 -16.57 -87.16
N LEU K 92 24.33 -16.88 -88.27
CA LEU K 92 23.64 -17.34 -89.46
C LEU K 92 24.19 -18.71 -89.84
N PHE K 93 23.29 -19.65 -90.08
CA PHE K 93 23.62 -21.02 -90.43
C PHE K 93 23.08 -21.31 -91.83
N PHE K 94 23.92 -21.95 -92.64
CA PHE K 94 23.64 -22.26 -94.04
C PHE K 94 23.65 -23.78 -94.22
N ILE K 95 22.52 -24.41 -93.99
CA ILE K 95 22.39 -25.87 -94.06
C ILE K 95 21.91 -26.22 -95.46
N GLN K 96 22.46 -27.29 -96.05
CA GLN K 96 21.89 -27.84 -97.26
C GLN K 96 21.66 -29.33 -97.09
N LEU K 97 20.61 -29.84 -97.76
CA LEU K 97 20.35 -31.24 -97.44
C LEU K 97 20.81 -32.13 -98.58
N PRO K 98 21.58 -33.18 -98.29
CA PRO K 98 21.89 -34.15 -99.32
C PRO K 98 20.71 -35.06 -99.56
N ARG K 99 20.47 -35.39 -100.82
CA ARG K 99 19.30 -36.18 -101.15
C ARG K 99 19.72 -37.49 -101.79
N VAL K 100 18.77 -38.42 -101.84
CA VAL K 100 19.00 -39.74 -102.39
C VAL K 100 18.39 -39.78 -103.79
N ALA K 101 19.01 -40.55 -104.68
CA ALA K 101 18.46 -40.69 -106.01
C ALA K 101 17.24 -41.61 -105.97
N THR K 102 16.21 -41.21 -106.67
CA THR K 102 14.97 -41.96 -106.68
C THR K 102 15.00 -43.02 -107.76
N GLY K 103 14.27 -44.10 -107.52
CA GLY K 103 14.13 -45.17 -108.48
C GLY K 103 13.03 -44.90 -109.47
N ASN K 104 12.34 -45.97 -109.85
CA ASN K 104 11.22 -45.86 -110.76
C ASN K 104 10.02 -45.31 -110.00
N ASP K 105 9.22 -44.50 -110.70
CA ASP K 105 7.89 -44.01 -110.28
C ASP K 105 7.91 -43.08 -109.07
N VAL K 106 9.07 -42.53 -108.70
CA VAL K 106 9.19 -41.72 -107.49
C VAL K 106 9.52 -40.29 -107.88
N THR K 107 8.85 -39.33 -107.23
CA THR K 107 9.19 -37.92 -107.35
C THR K 107 10.62 -37.68 -106.89
N ALA K 108 11.44 -37.14 -107.78
CA ALA K 108 12.75 -36.66 -107.36
C ALA K 108 12.55 -35.40 -106.55
N PRO K 109 12.98 -35.35 -105.29
CA PRO K 109 12.79 -34.14 -104.50
C PRO K 109 13.75 -33.04 -104.94
N LYS K 110 13.26 -31.81 -104.89
CA LYS K 110 14.07 -30.68 -105.31
C LYS K 110 15.18 -30.42 -104.30
N GLU K 111 16.20 -29.70 -104.76
CA GLU K 111 17.36 -29.38 -103.94
C GLU K 111 16.95 -28.41 -102.84
N THR K 112 17.16 -28.80 -101.59
CA THR K 112 16.66 -28.04 -100.44
C THR K 112 17.82 -27.35 -99.73
N THR K 113 17.70 -26.03 -99.63
CA THR K 113 18.69 -25.16 -98.98
C THR K 113 17.99 -24.38 -97.88
N ILE K 114 18.47 -24.52 -96.65
CA ILE K 114 17.85 -23.92 -95.48
C ILE K 114 18.81 -22.90 -94.90
N MET K 115 18.32 -21.69 -94.66
CA MET K 115 19.08 -20.66 -93.97
C MET K 115 18.35 -20.33 -92.69
N VAL K 116 19.04 -20.45 -91.55
CA VAL K 116 18.46 -20.04 -90.28
C VAL K 116 19.37 -19.03 -89.61
N ALA K 117 18.82 -18.34 -88.63
CA ALA K 117 19.59 -17.32 -87.91
C ALA K 117 19.16 -17.35 -86.45
N LYS K 118 20.11 -17.62 -85.58
CA LYS K 118 19.86 -17.71 -84.14
C LYS K 118 20.20 -16.39 -83.49
N HIS K 119 19.23 -15.80 -82.80
CA HIS K 119 19.42 -14.50 -82.19
C HIS K 119 20.12 -14.65 -80.84
N SER K 120 20.39 -13.52 -80.21
CA SER K 120 21.05 -13.47 -78.92
C SER K 120 20.06 -13.01 -77.86
N GLU K 121 19.98 -13.76 -76.78
CA GLU K 121 19.29 -13.23 -75.61
C GLU K 121 20.26 -12.35 -74.85
N LYS K 122 19.76 -11.30 -74.22
CA LYS K 122 20.62 -10.44 -73.44
C LYS K 122 20.09 -10.30 -72.03
N HIS K 123 21.01 -10.24 -71.08
CA HIS K 123 20.70 -10.37 -69.67
C HIS K 123 21.76 -9.60 -68.87
N PRO K 124 21.39 -8.49 -68.24
CA PRO K 124 22.34 -7.80 -67.38
C PRO K 124 22.21 -8.27 -65.94
N ILE K 125 23.31 -8.07 -65.21
CA ILE K 125 23.32 -8.34 -63.77
C ILE K 125 23.84 -7.09 -63.08
N ASN K 126 23.45 -6.94 -61.81
CA ASN K 126 23.96 -5.83 -61.02
C ASN K 126 24.20 -6.26 -59.58
N ILE K 127 24.99 -5.45 -58.90
CA ILE K 127 25.41 -5.64 -57.52
C ILE K 127 25.47 -4.30 -56.84
N SER K 128 24.85 -4.19 -55.68
CA SER K 128 24.86 -2.94 -54.93
C SER K 128 25.52 -3.19 -53.58
N PHE K 129 26.35 -2.25 -53.16
CA PHE K 129 26.81 -2.25 -51.78
C PHE K 129 26.99 -0.81 -51.35
N ASP K 130 26.57 -0.48 -50.14
CA ASP K 130 26.61 0.89 -49.69
C ASP K 130 27.77 1.11 -48.72
N LEU K 131 28.11 2.38 -48.57
CA LEU K 131 29.05 2.83 -47.55
C LEU K 131 28.36 3.92 -46.74
N SER K 132 28.52 3.86 -45.43
CA SER K 132 27.87 4.87 -44.61
C SER K 132 28.64 6.19 -44.67
N ALA K 133 27.99 7.26 -44.20
CA ALA K 133 28.61 8.57 -44.27
C ALA K 133 29.76 8.70 -43.27
N ALA K 134 29.64 8.07 -42.11
CA ALA K 134 30.77 8.05 -41.17
C ALA K 134 31.92 7.22 -41.71
N CYS K 135 31.60 6.13 -42.42
CA CYS K 135 32.63 5.36 -43.11
C CYS K 135 33.31 6.21 -44.18
N LEU K 136 32.54 7.06 -44.86
CA LEU K 136 33.13 7.91 -45.89
C LEU K 136 33.97 9.03 -45.28
N GLU K 137 33.57 9.55 -44.11
CA GLU K 137 34.38 10.52 -43.40
C GLU K 137 35.70 9.93 -42.96
N HIS K 138 35.66 8.82 -42.23
CA HIS K 138 36.89 8.22 -41.75
C HIS K 138 37.65 7.47 -42.83
N LEU K 139 37.11 7.34 -44.04
CA LEU K 139 37.83 6.67 -45.11
C LEU K 139 38.99 7.52 -45.61
N GLU K 140 38.70 8.77 -45.97
CA GLU K 140 39.71 9.46 -46.75
C GLU K 140 40.77 10.15 -45.88
N ASN K 141 40.36 10.92 -44.87
CA ASN K 141 41.31 11.72 -44.10
C ASN K 141 41.49 11.22 -42.67
N THR K 142 42.69 11.43 -42.15
CA THR K 142 42.86 11.58 -40.72
C THR K 142 42.55 13.03 -40.37
N PHE K 143 41.74 13.23 -39.34
CA PHE K 143 41.40 14.58 -38.92
C PHE K 143 42.64 15.23 -38.33
N LYS K 144 43.11 14.65 -37.23
CA LYS K 144 44.43 14.91 -36.68
C LYS K 144 45.05 13.56 -36.37
N ASN K 145 46.38 13.54 -36.33
CA ASN K 145 47.08 12.26 -36.19
C ASN K 145 46.95 11.79 -34.75
N THR K 146 45.85 11.11 -34.47
CA THR K 146 45.71 10.34 -33.24
C THR K 146 45.67 8.86 -33.59
N VAL K 147 45.93 8.06 -32.56
CA VAL K 147 45.95 6.62 -32.71
C VAL K 147 44.57 6.10 -33.09
N ILE K 148 43.53 6.64 -32.44
CA ILE K 148 42.15 6.25 -32.74
C ILE K 148 41.77 6.61 -34.16
N ASP K 149 42.22 7.76 -34.64
CA ASP K 149 41.91 8.16 -36.01
C ASP K 149 42.64 7.28 -37.01
N GLN K 150 43.84 6.82 -36.68
CA GLN K 150 44.51 5.85 -37.55
C GLN K 150 43.80 4.50 -37.55
N ILE K 151 43.25 4.10 -36.39
CA ILE K 151 42.47 2.87 -36.30
C ILE K 151 41.26 2.92 -37.21
N LEU K 152 40.48 4.00 -37.09
CA LEU K 152 39.27 4.11 -37.90
C LEU K 152 39.57 4.29 -39.37
N ASN K 153 40.67 4.98 -39.72
CA ASN K 153 41.06 5.13 -41.10
C ASN K 153 41.38 3.78 -41.73
N ILE K 154 42.20 2.99 -41.06
CA ILE K 154 42.60 1.72 -41.66
C ILE K 154 41.46 0.71 -41.64
N ASN K 155 40.55 0.81 -40.67
CA ASN K 155 39.36 -0.05 -40.70
C ASN K 155 38.41 0.32 -41.81
N ALA K 156 38.22 1.61 -42.08
CA ALA K 156 37.34 2.01 -43.17
C ALA K 156 37.94 1.62 -44.52
N LEU K 157 39.26 1.70 -44.64
CA LEU K 157 39.94 1.24 -45.85
C LEU K 157 39.75 -0.26 -46.06
N HIS K 158 39.86 -1.04 -44.98
CA HIS K 158 39.61 -2.48 -45.11
C HIS K 158 38.16 -2.80 -45.44
N THR K 159 37.22 -2.02 -44.90
CA THR K 159 35.81 -2.21 -45.23
C THR K 159 35.56 -2.00 -46.72
N VAL K 160 36.15 -0.95 -47.28
CA VAL K 160 35.96 -0.67 -48.71
C VAL K 160 36.61 -1.75 -49.57
N LEU K 161 37.85 -2.12 -49.26
CA LEU K 161 38.56 -3.11 -50.06
C LEU K 161 37.87 -4.46 -50.03
N ARG K 162 37.46 -4.89 -48.85
CA ARG K 162 36.88 -6.21 -48.72
C ARG K 162 35.47 -6.26 -49.27
N SER K 163 34.75 -5.13 -49.25
CA SER K 163 33.46 -5.09 -49.93
C SER K 163 33.63 -5.12 -51.45
N LEU K 164 34.70 -4.52 -51.98
CA LEU K 164 34.98 -4.65 -53.41
C LEU K 164 35.25 -6.10 -53.80
N LYS K 165 36.02 -6.80 -52.96
CA LYS K 165 36.27 -8.22 -53.18
C LYS K 165 34.99 -9.04 -53.16
N ASN K 166 34.10 -8.73 -52.20
CA ASN K 166 32.80 -9.38 -52.10
C ASN K 166 31.96 -9.12 -53.35
N SER K 167 32.02 -7.91 -53.89
CA SER K 167 31.24 -7.59 -55.08
C SER K 167 31.77 -8.31 -56.32
N ALA K 168 33.09 -8.47 -56.45
CA ALA K 168 33.63 -9.22 -57.58
C ALA K 168 33.26 -10.70 -57.51
N ASP K 169 33.35 -11.28 -56.31
CA ASP K 169 32.87 -12.65 -56.10
C ASP K 169 31.39 -12.78 -56.43
N SER K 170 30.61 -11.75 -56.10
CA SER K 170 29.18 -11.77 -56.38
C SER K 170 28.90 -11.71 -57.86
N LEU K 171 29.68 -10.94 -58.62
CA LEU K 171 29.49 -10.91 -60.07
C LEU K 171 29.83 -12.25 -60.70
N GLU K 172 30.85 -12.94 -60.18
CA GLU K 172 31.16 -14.27 -60.73
C GLU K 172 30.07 -15.29 -60.42
N ARG K 173 29.57 -15.29 -59.19
CA ARG K 173 28.49 -16.22 -58.86
C ARG K 173 27.19 -15.86 -59.57
N GLY K 174 26.98 -14.58 -59.87
CA GLY K 174 25.84 -14.20 -60.66
C GLY K 174 25.96 -14.62 -62.10
N LEU K 175 27.19 -14.67 -62.63
CA LEU K 175 27.42 -15.24 -63.94
C LEU K 175 27.05 -16.72 -63.97
N ILE K 176 27.49 -17.45 -62.94
CA ILE K 176 27.08 -18.85 -62.73
C ILE K 176 25.56 -18.98 -62.76
N HIS K 177 24.89 -18.16 -61.95
CA HIS K 177 23.45 -18.33 -61.74
C HIS K 177 22.66 -17.91 -62.97
N ALA K 178 23.07 -16.86 -63.67
CA ALA K 178 22.34 -16.43 -64.85
C ALA K 178 22.51 -17.42 -65.98
N PHE K 179 23.70 -18.01 -66.11
CA PHE K 179 23.89 -19.02 -67.14
C PHE K 179 23.11 -20.28 -66.84
N MET K 180 23.03 -20.65 -65.57
CA MET K 180 22.23 -21.82 -65.20
C MET K 180 20.74 -21.55 -65.38
N GLN K 181 20.32 -20.31 -65.13
CA GLN K 181 18.97 -19.85 -65.39
C GLN K 181 18.60 -20.01 -66.86
N THR K 182 19.51 -19.61 -67.75
CA THR K 182 19.21 -19.72 -69.17
C THR K 182 19.25 -21.17 -69.67
N LEU K 183 20.14 -22.00 -69.13
CA LEU K 183 20.11 -23.43 -69.48
C LEU K 183 18.81 -24.09 -69.05
N LEU K 184 18.29 -23.74 -67.87
CA LEU K 184 17.01 -24.31 -67.46
C LEU K 184 15.84 -23.72 -68.23
N ARG K 185 15.96 -22.49 -68.72
CA ARG K 185 14.91 -21.98 -69.61
C ARG K 185 14.95 -22.64 -70.98
N LYS K 186 16.13 -23.04 -71.43
CA LYS K 186 16.27 -23.65 -72.76
C LYS K 186 15.98 -25.13 -72.79
N SER K 187 16.23 -25.86 -71.69
CA SER K 187 16.25 -27.31 -71.74
C SER K 187 14.85 -27.89 -71.71
N PRO K 188 14.44 -28.65 -72.72
CA PRO K 188 13.16 -29.35 -72.64
C PRO K 188 13.35 -30.67 -71.91
N PRO K 189 12.29 -31.23 -71.34
CA PRO K 189 12.45 -32.45 -70.55
C PRO K 189 12.73 -33.68 -71.40
N GLN K 190 13.18 -34.72 -70.70
CA GLN K 190 13.79 -35.86 -71.33
C GLN K 190 12.78 -36.71 -72.08
N PHE K 191 11.53 -36.75 -71.61
CA PHE K 191 10.54 -37.56 -72.31
C PHE K 191 10.16 -36.93 -73.64
N ILE K 192 10.10 -35.59 -73.71
CA ILE K 192 9.88 -34.90 -74.97
C ILE K 192 11.06 -35.12 -75.92
N VAL K 193 12.30 -35.02 -75.40
CA VAL K 193 13.47 -35.18 -76.27
C VAL K 193 13.58 -36.61 -76.79
N LEU K 194 13.28 -37.60 -75.94
CA LEU K 194 13.29 -38.99 -76.39
C LEU K 194 12.16 -39.28 -77.37
N THR K 195 11.03 -38.58 -77.24
CA THR K 195 9.92 -38.84 -78.16
C THR K 195 10.19 -38.24 -79.54
N MET K 196 10.84 -37.08 -79.60
CA MET K 196 10.98 -36.39 -80.89
C MET K 196 11.93 -37.12 -81.84
N ASN K 197 13.04 -37.65 -81.32
CA ASN K 197 14.00 -38.33 -82.18
C ASN K 197 13.43 -39.64 -82.71
N GLU K 198 12.51 -40.25 -81.98
CA GLU K 198 11.79 -41.40 -82.52
C GLU K 198 10.77 -40.96 -83.56
N ASN K 199 10.08 -39.85 -83.32
CA ASN K 199 9.01 -39.39 -84.19
C ASN K 199 9.45 -38.26 -85.11
N LYS K 200 10.66 -38.36 -85.64
CA LYS K 200 11.09 -37.49 -86.74
C LYS K 200 10.10 -37.54 -87.91
N VAL K 201 9.98 -36.41 -88.59
CA VAL K 201 8.93 -36.19 -89.57
C VAL K 201 9.31 -36.84 -90.90
N HIS K 202 8.31 -37.42 -91.57
CA HIS K 202 8.48 -37.81 -92.95
C HIS K 202 8.59 -36.55 -93.80
N ASN K 203 9.63 -36.49 -94.62
CA ASN K 203 10.05 -35.22 -95.21
C ASN K 203 9.31 -34.85 -96.49
N LYS K 204 8.33 -35.65 -96.91
CA LYS K 204 7.51 -35.22 -98.05
C LYS K 204 6.52 -34.13 -97.66
N GLN K 205 6.12 -34.09 -96.39
CA GLN K 205 5.03 -33.24 -95.96
C GLN K 205 5.42 -32.43 -94.72
N ALA K 206 4.43 -31.81 -94.09
CA ALA K 206 4.55 -31.42 -92.69
C ALA K 206 4.22 -32.63 -91.82
N LEU K 207 4.14 -32.45 -90.51
CA LEU K 207 3.98 -33.59 -89.62
C LEU K 207 2.54 -34.08 -89.64
N SER K 208 2.36 -35.39 -89.74
CA SER K 208 1.05 -35.97 -89.96
C SER K 208 0.27 -36.16 -88.66
N ARG K 209 -1.04 -36.32 -88.80
CA ARG K 209 -1.92 -36.40 -87.63
C ARG K 209 -1.73 -37.71 -86.90
N VAL K 210 -1.60 -38.81 -87.63
CA VAL K 210 -1.35 -40.12 -87.02
C VAL K 210 0.00 -40.10 -86.29
N GLN K 211 0.99 -39.47 -86.91
CA GLN K 211 2.30 -39.28 -86.30
C GLN K 211 2.21 -38.55 -84.98
N ARG K 212 1.55 -37.40 -84.96
CA ARG K 212 1.55 -36.62 -83.72
C ARG K 212 0.60 -37.18 -82.67
N SER K 213 -0.45 -37.90 -83.05
CA SER K 213 -1.30 -38.50 -82.04
C SER K 213 -0.61 -39.69 -81.36
N ASN K 214 0.07 -40.53 -82.15
CA ASN K 214 0.87 -41.59 -81.54
C ASN K 214 2.04 -41.01 -80.75
N MET K 215 2.54 -39.85 -81.18
CA MET K 215 3.57 -39.13 -80.43
C MET K 215 3.05 -38.67 -79.08
N PHE K 216 1.79 -38.25 -79.03
CA PHE K 216 1.18 -37.86 -77.76
C PHE K 216 1.00 -39.05 -76.83
N GLN K 217 0.56 -40.18 -77.37
CA GLN K 217 0.41 -41.37 -76.51
C GLN K 217 1.76 -41.88 -76.02
N SER K 218 2.79 -41.76 -76.86
CA SER K 218 4.14 -42.08 -76.42
C SER K 218 4.62 -41.10 -75.35
N LEU K 219 4.21 -39.83 -75.43
CA LEU K 219 4.56 -38.88 -74.36
C LEU K 219 3.95 -39.30 -73.03
N LYS K 220 2.67 -39.72 -73.05
CA LYS K 220 2.03 -40.29 -71.86
C LYS K 220 2.82 -41.43 -71.28
N ASN K 221 3.25 -42.37 -72.14
CA ASN K 221 3.91 -43.57 -71.62
C ASN K 221 5.31 -43.27 -71.09
N ARG K 222 6.08 -42.44 -71.79
CA ARG K 222 7.41 -42.05 -71.30
C ARG K 222 7.31 -41.30 -69.99
N LEU K 223 6.30 -40.44 -69.84
CA LEU K 223 6.13 -39.70 -68.60
C LEU K 223 5.77 -40.62 -67.45
N LEU K 224 4.79 -41.50 -67.65
CA LEU K 224 4.34 -42.32 -66.54
C LEU K 224 5.29 -43.48 -66.22
N THR K 225 6.24 -43.80 -67.09
CA THR K 225 7.25 -44.76 -66.69
C THR K 225 8.48 -44.07 -66.08
N SER K 226 9.10 -43.15 -66.80
CA SER K 226 10.43 -42.67 -66.43
C SER K 226 10.38 -41.36 -65.66
N LEU K 227 9.39 -41.18 -64.79
CA LEU K 227 9.25 -39.91 -64.09
C LEU K 227 10.25 -39.79 -62.96
N PHE K 228 10.11 -40.62 -61.92
CA PHE K 228 10.96 -40.54 -60.75
C PHE K 228 12.10 -41.52 -60.95
N PHE K 229 13.25 -40.99 -61.34
CA PHE K 229 14.28 -41.76 -62.03
C PHE K 229 15.21 -42.51 -61.07
N LEU K 230 15.85 -41.80 -60.14
CA LEU K 230 16.76 -42.43 -59.19
C LEU K 230 16.05 -43.31 -58.18
N ASN K 231 14.74 -43.24 -58.10
CA ASN K 231 14.02 -43.65 -56.91
C ASN K 231 13.30 -44.98 -57.08
N ARG K 232 13.10 -45.45 -58.30
CA ARG K 232 12.29 -46.63 -58.51
C ARG K 232 13.12 -47.91 -58.61
N ASN K 233 14.15 -47.90 -59.46
CA ASN K 233 14.96 -49.09 -59.69
C ASN K 233 16.23 -49.06 -58.84
N ASN K 234 17.06 -50.08 -59.04
CA ASN K 234 18.43 -50.06 -58.54
C ASN K 234 19.44 -50.52 -59.58
N ASN K 235 18.99 -50.86 -60.79
CA ASN K 235 19.86 -51.43 -61.80
C ASN K 235 20.79 -50.34 -62.34
N SER K 236 22.07 -50.48 -62.02
CA SER K 236 23.08 -49.59 -62.57
C SER K 236 23.16 -49.70 -64.08
N SER K 237 22.86 -50.89 -64.62
CA SER K 237 22.72 -51.07 -66.06
C SER K 237 21.60 -50.20 -66.62
N TYR K 238 20.46 -50.15 -65.94
CA TYR K 238 19.32 -49.39 -66.43
C TYR K 238 19.57 -47.89 -66.34
N ILE K 239 20.13 -47.43 -65.23
CA ILE K 239 20.35 -46.00 -65.06
C ILE K 239 21.49 -45.52 -65.97
N TYR K 240 22.50 -46.37 -66.16
CA TYR K 240 23.52 -46.11 -67.16
C TYR K 240 22.93 -46.06 -68.56
N ARG K 241 21.92 -46.90 -68.83
CA ARG K 241 21.26 -46.91 -70.13
C ARG K 241 20.52 -45.61 -70.39
N ILE K 242 19.84 -45.08 -69.38
CA ILE K 242 19.09 -43.86 -69.61
C ILE K 242 20.00 -42.64 -69.69
N LEU K 243 21.11 -42.63 -68.95
CA LEU K 243 22.07 -41.54 -69.11
C LEU K 243 22.74 -41.60 -70.49
N ASN K 244 22.98 -42.81 -70.99
CA ASN K 244 23.44 -42.98 -72.37
C ASN K 244 22.40 -42.48 -73.36
N ASP K 245 21.12 -42.67 -73.05
CA ASP K 245 20.06 -42.19 -73.91
C ASP K 245 20.01 -40.66 -73.94
N MET K 246 20.30 -40.02 -72.80
CA MET K 246 20.41 -38.56 -72.78
C MET K 246 21.53 -38.08 -73.68
N MET K 247 22.71 -38.69 -73.53
CA MET K 247 23.87 -38.19 -74.26
C MET K 247 23.82 -38.57 -75.74
N GLU K 248 23.01 -39.56 -76.12
CA GLU K 248 22.78 -39.78 -77.54
C GLU K 248 21.68 -38.88 -78.09
N SER K 249 20.69 -38.52 -77.27
CA SER K 249 19.58 -37.71 -77.75
C SER K 249 19.97 -36.25 -77.91
N VAL K 250 20.88 -35.75 -77.09
CA VAL K 250 21.25 -34.34 -77.12
C VAL K 250 22.15 -34.04 -78.30
N THR K 251 21.81 -33.01 -79.07
CA THR K 251 22.59 -32.59 -80.21
C THR K 251 23.92 -31.95 -79.78
N GLU K 252 24.85 -31.89 -80.72
CA GLU K 252 26.21 -31.40 -80.50
C GLU K 252 26.31 -29.94 -80.93
N SER K 253 27.15 -29.18 -80.23
CA SER K 253 27.38 -27.79 -80.58
C SER K 253 28.22 -27.69 -81.87
N ILE K 254 28.32 -26.47 -82.38
CA ILE K 254 28.92 -26.30 -83.70
C ILE K 254 30.42 -26.03 -83.66
N LEU K 255 30.92 -25.34 -82.65
CA LEU K 255 32.35 -25.05 -82.63
C LEU K 255 33.12 -26.22 -82.03
N ASN K 256 34.16 -26.64 -82.72
CA ASN K 256 35.00 -27.77 -82.34
C ASN K 256 36.42 -27.23 -82.19
N ASP K 257 36.79 -26.86 -80.98
CA ASP K 257 38.15 -26.42 -80.74
C ASP K 257 39.01 -27.62 -80.40
N THR K 258 40.28 -27.57 -80.82
CA THR K 258 41.19 -28.66 -80.52
C THR K 258 41.55 -28.68 -79.05
N ASN K 259 41.51 -27.54 -78.38
CA ASN K 259 42.07 -27.41 -77.05
C ASN K 259 41.07 -27.02 -75.95
N ASN K 260 39.85 -26.62 -76.29
CA ASN K 260 38.88 -26.26 -75.25
C ASN K 260 38.38 -27.54 -74.58
N TYR K 261 38.78 -27.70 -73.31
CA TYR K 261 38.40 -28.83 -72.45
C TYR K 261 38.81 -30.16 -73.05
N THR K 262 39.96 -30.16 -73.69
CA THR K 262 40.53 -31.35 -74.26
C THR K 262 41.36 -32.07 -73.21
N SER K 263 41.21 -33.38 -73.16
CA SER K 263 42.00 -34.20 -72.24
C SER K 263 43.41 -34.39 -72.79
N LYS K 264 44.17 -35.29 -72.18
CA LYS K 264 45.52 -35.57 -72.62
C LYS K 264 45.51 -36.31 -73.95
N GLU K 265 46.52 -36.00 -74.78
CA GLU K 265 46.73 -36.61 -76.11
C GLU K 265 45.54 -36.40 -77.04
N ASN K 266 44.90 -35.23 -76.91
CA ASN K 266 43.91 -34.71 -77.86
C ASN K 266 42.68 -35.61 -77.98
N ILE K 267 42.00 -35.79 -76.86
CA ILE K 267 40.66 -36.40 -76.82
C ILE K 267 39.72 -35.40 -76.18
N PRO K 268 38.66 -34.96 -76.87
CA PRO K 268 37.78 -33.93 -76.29
C PRO K 268 36.78 -34.53 -75.32
N LEU K 269 36.64 -33.87 -74.17
CA LEU K 269 35.55 -34.18 -73.25
C LEU K 269 34.24 -33.70 -73.86
N ASP K 270 33.15 -34.40 -73.54
CA ASP K 270 31.87 -34.14 -74.19
C ASP K 270 30.81 -33.80 -73.15
N GLY K 271 30.74 -32.53 -72.77
CA GLY K 271 29.61 -32.03 -72.02
C GLY K 271 29.69 -32.28 -70.53
N VAL K 272 28.72 -31.69 -69.83
CA VAL K 272 28.64 -31.76 -68.38
C VAL K 272 27.29 -32.34 -68.00
N LEU K 273 27.30 -33.22 -67.02
CA LEU K 273 26.13 -33.71 -66.32
C LEU K 273 26.26 -33.17 -64.90
N LEU K 274 25.40 -32.24 -64.56
CA LEU K 274 25.48 -31.58 -63.28
C LEU K 274 24.13 -31.69 -62.61
N GLY K 275 24.14 -32.07 -61.36
CA GLY K 275 22.92 -32.18 -60.62
C GLY K 275 23.05 -31.45 -59.31
N PRO K 276 22.14 -31.69 -58.39
CA PRO K 276 22.39 -31.30 -57.01
C PRO K 276 23.05 -32.43 -56.24
N ILE K 277 23.52 -32.08 -55.04
CA ILE K 277 24.39 -33.00 -54.30
C ILE K 277 23.62 -34.20 -53.79
N GLY K 278 22.31 -34.05 -53.56
CA GLY K 278 21.50 -35.19 -53.15
C GLY K 278 21.34 -36.23 -54.24
N SER K 279 21.28 -35.78 -55.49
CA SER K 279 21.31 -36.74 -56.59
C SER K 279 22.68 -37.37 -56.73
N ILE K 280 23.74 -36.55 -56.64
CA ILE K 280 25.05 -37.03 -57.03
C ILE K 280 25.69 -37.96 -56.00
N GLN K 281 25.28 -37.88 -54.72
CA GLN K 281 25.71 -38.89 -53.75
C GLN K 281 25.19 -40.27 -54.14
N LYS K 282 23.90 -40.36 -54.49
CA LYS K 282 23.32 -41.61 -54.95
C LYS K 282 23.93 -42.06 -56.27
N LEU K 283 24.24 -41.12 -57.16
CA LEU K 283 24.78 -41.47 -58.45
C LEU K 283 26.21 -42.02 -58.33
N THR K 284 27.00 -41.47 -57.42
CA THR K 284 28.30 -42.07 -57.15
C THR K 284 28.16 -43.45 -56.52
N ASN K 285 27.19 -43.59 -55.60
CA ASN K 285 27.02 -44.87 -54.92
C ASN K 285 26.52 -45.98 -55.85
N ILE K 286 25.83 -45.62 -56.93
CA ILE K 286 25.36 -46.64 -57.86
C ILE K 286 26.18 -46.72 -59.14
N LEU K 287 27.09 -45.77 -59.37
CA LEU K 287 27.92 -45.79 -60.57
C LEU K 287 29.39 -45.60 -60.23
N SER K 288 29.83 -46.12 -59.08
CA SER K 288 31.23 -46.00 -58.68
C SER K 288 32.21 -46.75 -59.58
N GLN K 289 31.74 -47.63 -60.47
CA GLN K 289 32.63 -48.21 -61.45
C GLN K 289 33.09 -47.19 -62.49
N TYR K 290 32.22 -46.26 -62.85
CA TYR K 290 32.39 -45.45 -64.05
C TYR K 290 32.81 -44.02 -63.74
N ILE K 291 33.46 -43.79 -62.61
CA ILE K 291 33.82 -42.45 -62.18
C ILE K 291 35.33 -42.37 -62.01
N SER K 292 35.95 -41.39 -62.67
CA SER K 292 37.38 -41.18 -62.53
C SER K 292 37.69 -39.71 -62.26
N THR K 293 38.97 -39.35 -62.31
CA THR K 293 39.38 -37.96 -62.19
C THR K 293 40.63 -37.78 -63.05
N GLN K 294 40.55 -36.91 -64.04
CA GLN K 294 41.65 -36.75 -64.97
C GLN K 294 41.94 -35.27 -65.20
N VAL K 295 43.14 -34.99 -65.70
CA VAL K 295 43.60 -33.63 -65.91
C VAL K 295 43.20 -33.20 -67.31
N VAL K 296 42.47 -32.10 -67.41
CA VAL K 296 41.88 -31.63 -68.66
C VAL K 296 42.38 -30.23 -68.94
N SER K 297 42.88 -30.02 -70.15
CA SER K 297 43.38 -28.71 -70.56
C SER K 297 42.21 -27.75 -70.71
N ALA K 298 41.98 -26.95 -69.71
CA ALA K 298 40.86 -26.04 -69.65
C ALA K 298 41.31 -24.60 -69.88
N PRO K 299 40.45 -23.73 -70.40
CA PRO K 299 40.80 -22.31 -70.46
C PRO K 299 40.80 -21.67 -69.09
N ILE K 300 41.46 -20.53 -69.00
CA ILE K 300 41.52 -19.78 -67.75
C ILE K 300 41.13 -18.31 -67.92
N SER K 301 41.19 -17.74 -69.13
CA SER K 301 40.90 -16.33 -69.34
C SER K 301 39.75 -16.20 -70.32
N TYR K 302 39.07 -15.06 -70.23
CA TYR K 302 38.01 -14.78 -71.18
C TYR K 302 38.62 -14.46 -72.54
N GLY K 303 37.81 -14.65 -73.58
CA GLY K 303 38.28 -14.29 -74.91
C GLY K 303 38.29 -12.79 -75.12
N HIS K 304 38.84 -12.38 -76.26
CA HIS K 304 38.84 -10.99 -76.65
C HIS K 304 38.04 -10.81 -77.95
N PHE K 305 37.31 -9.72 -78.06
CA PHE K 305 37.00 -9.17 -79.38
C PHE K 305 37.15 -7.66 -79.33
N ILE K 306 38.27 -7.16 -79.82
CA ILE K 306 38.52 -5.73 -79.92
C ILE K 306 38.07 -5.26 -81.30
N MET K 307 37.22 -4.24 -81.34
CA MET K 307 36.77 -3.70 -82.61
C MET K 307 37.90 -2.99 -83.33
N GLY K 308 38.07 -3.31 -84.62
CA GLY K 308 39.03 -2.60 -85.44
C GLY K 308 38.53 -1.24 -85.86
N LYS K 309 39.38 -0.53 -86.61
CA LYS K 309 38.97 0.76 -87.14
C LYS K 309 37.84 0.61 -88.15
N GLU K 310 37.93 -0.43 -89.00
CA GLU K 310 36.86 -0.76 -89.93
C GLU K 310 35.58 -1.10 -89.18
N ASN K 311 35.72 -1.78 -88.05
CA ASN K 311 34.55 -2.12 -87.25
C ASN K 311 33.91 -0.88 -86.65
N ALA K 312 34.71 0.05 -86.13
CA ALA K 312 34.14 1.26 -85.54
C ALA K 312 33.45 2.13 -86.59
N VAL K 313 34.04 2.21 -87.79
CA VAL K 313 33.44 3.00 -88.86
C VAL K 313 32.13 2.39 -89.33
N THR K 314 32.08 1.07 -89.50
CA THR K 314 30.82 0.44 -89.89
C THR K 314 29.79 0.50 -88.78
N ALA K 315 30.21 0.48 -87.52
CA ALA K 315 29.25 0.59 -86.42
C ALA K 315 28.66 1.98 -86.33
N ILE K 316 29.45 3.01 -86.65
CA ILE K 316 28.90 4.36 -86.66
C ILE K 316 28.02 4.59 -87.88
N ALA K 317 28.47 4.15 -89.06
CA ALA K 317 27.77 4.53 -90.29
C ALA K 317 26.57 3.64 -90.59
N TYR K 318 26.68 2.33 -90.40
CA TYR K 318 25.68 1.41 -90.91
C TYR K 318 24.88 0.71 -89.83
N ARG K 319 25.05 1.11 -88.56
CA ARG K 319 24.34 0.54 -87.39
C ARG K 319 24.55 -0.96 -87.25
N ALA K 320 25.69 -1.49 -87.68
CA ALA K 320 25.85 -2.93 -87.69
C ALA K 320 27.30 -3.26 -87.54
N ILE K 321 27.56 -4.43 -86.98
CA ILE K 321 28.91 -4.94 -87.01
C ILE K 321 28.92 -6.29 -87.70
N MET K 322 29.97 -6.49 -88.48
CA MET K 322 30.28 -7.76 -89.10
C MET K 322 31.40 -8.36 -88.28
N ALA K 323 31.18 -9.56 -87.75
CA ALA K 323 32.31 -10.25 -87.15
C ALA K 323 33.12 -10.90 -88.25
N ASP K 324 34.41 -11.08 -87.97
CA ASP K 324 35.41 -11.54 -88.94
C ASP K 324 35.41 -10.64 -90.18
N PHE K 325 35.41 -9.33 -89.95
CA PHE K 325 35.33 -8.41 -91.08
C PHE K 325 36.61 -8.43 -91.88
N THR K 326 37.76 -8.58 -91.23
CA THR K 326 39.01 -8.62 -91.99
C THR K 326 39.19 -9.95 -92.71
N GLN K 327 38.69 -11.05 -92.17
CA GLN K 327 38.77 -12.33 -92.88
C GLN K 327 37.80 -12.37 -94.04
N PHE K 328 36.57 -11.89 -93.82
CA PHE K 328 35.57 -11.78 -94.87
C PHE K 328 35.97 -10.75 -95.91
N THR K 329 36.88 -9.84 -95.57
CA THR K 329 37.45 -8.91 -96.54
C THR K 329 38.55 -9.57 -97.37
N VAL K 330 39.54 -10.20 -96.71
CA VAL K 330 40.69 -10.69 -97.45
C VAL K 330 40.44 -12.01 -98.15
N ASN K 331 39.36 -12.73 -97.82
CA ASN K 331 39.02 -13.94 -98.54
C ASN K 331 37.97 -13.70 -99.62
N ALA K 332 37.85 -12.46 -100.08
CA ALA K 332 36.79 -12.13 -101.03
C ALA K 332 37.16 -12.50 -102.45
N GLY K 333 38.18 -11.85 -103.00
CA GLY K 333 38.50 -12.07 -104.41
C GLY K 333 39.20 -13.36 -104.71
N THR K 334 39.67 -14.08 -103.70
CA THR K 334 40.41 -15.30 -103.90
C THR K 334 39.46 -16.47 -104.13
N GLU K 335 40.03 -17.67 -104.21
CA GLU K 335 39.21 -18.87 -104.37
C GLU K 335 38.52 -19.22 -103.07
N GLN K 336 39.20 -19.11 -101.93
CA GLN K 336 38.66 -19.63 -100.68
C GLN K 336 37.66 -18.66 -100.05
N GLN K 337 36.53 -18.50 -100.73
CA GLN K 337 35.46 -17.66 -100.17
C GLN K 337 34.66 -18.38 -99.11
N ASP K 338 34.23 -19.60 -99.40
CA ASP K 338 33.34 -20.30 -98.48
C ASP K 338 34.07 -20.82 -97.26
N THR K 339 35.32 -21.24 -97.42
CA THR K 339 36.07 -21.79 -96.31
C THR K 339 36.61 -20.67 -95.42
N ASN K 340 36.44 -20.85 -94.12
CA ASN K 340 36.96 -19.92 -93.13
C ASN K 340 37.29 -20.75 -91.90
N ASN K 341 38.54 -20.63 -91.42
CA ASN K 341 39.02 -21.58 -90.43
C ASN K 341 38.52 -21.22 -89.03
N LYS K 342 38.91 -20.05 -88.53
CA LYS K 342 38.59 -19.67 -87.17
C LYS K 342 37.78 -18.38 -87.18
N SER K 343 36.79 -18.33 -86.30
CA SER K 343 35.97 -17.14 -86.10
C SER K 343 36.45 -16.42 -84.85
N GLU K 344 36.77 -15.14 -84.99
CA GLU K 344 37.39 -14.38 -83.90
C GLU K 344 36.43 -14.22 -82.73
N ILE K 345 35.13 -14.10 -83.01
CA ILE K 345 34.16 -13.80 -81.98
C ILE K 345 33.80 -14.99 -81.13
N PHE K 346 34.07 -16.20 -81.60
CA PHE K 346 33.80 -17.42 -80.85
C PHE K 346 35.03 -18.21 -80.51
N ASP K 347 36.10 -18.05 -81.27
CA ASP K 347 37.35 -18.78 -81.09
C ASP K 347 38.45 -17.73 -81.14
N LYS K 348 38.88 -17.27 -79.97
CA LYS K 348 39.96 -16.31 -79.86
C LYS K 348 41.05 -16.93 -79.00
N SER K 349 42.30 -16.60 -79.31
CA SER K 349 43.45 -17.10 -78.58
C SER K 349 43.44 -16.62 -77.14
N ARG K 350 43.17 -17.54 -76.23
CA ARG K 350 43.10 -17.24 -74.80
C ARG K 350 44.06 -18.18 -74.08
N ALA K 351 44.40 -17.80 -72.85
CA ALA K 351 45.36 -18.58 -72.08
C ALA K 351 44.72 -19.86 -71.59
N TYR K 352 45.50 -20.94 -71.59
CA TYR K 352 45.04 -22.27 -71.24
C TYR K 352 45.71 -22.73 -69.95
N ALA K 353 45.05 -23.66 -69.25
CA ALA K 353 45.54 -24.15 -67.98
C ALA K 353 45.05 -25.57 -67.79
N ASP K 354 45.35 -26.15 -66.63
CA ASP K 354 45.03 -27.54 -66.34
C ASP K 354 44.32 -27.63 -65.00
N LEU K 355 43.32 -28.50 -64.92
CA LEU K 355 42.57 -28.73 -63.70
C LEU K 355 41.98 -30.14 -63.76
N LYS K 356 41.29 -30.52 -62.69
CA LYS K 356 40.76 -31.86 -62.54
C LYS K 356 39.25 -31.84 -62.50
N LEU K 357 38.63 -32.82 -63.15
CA LEU K 357 37.18 -32.93 -63.23
C LEU K 357 36.77 -34.36 -62.94
N ASN K 358 35.63 -34.52 -62.29
CA ASN K 358 35.04 -35.84 -62.08
C ASN K 358 34.38 -36.28 -63.38
N THR K 359 34.86 -37.36 -63.95
CA THR K 359 34.40 -37.77 -65.26
C THR K 359 33.59 -39.06 -65.18
N LEU K 360 32.74 -39.26 -66.16
CA LEU K 360 32.07 -40.52 -66.42
C LEU K 360 32.42 -41.04 -67.81
N LYS K 361 32.25 -42.35 -67.99
CA LYS K 361 32.51 -42.97 -69.29
C LYS K 361 31.23 -43.61 -69.76
N LEU K 362 30.64 -43.07 -70.82
CA LEU K 362 29.40 -43.59 -71.39
C LEU K 362 29.59 -43.85 -72.87
N GLY K 363 30.13 -45.02 -73.20
CA GLY K 363 30.34 -45.40 -74.58
C GLY K 363 31.34 -44.51 -75.28
N ASP K 364 32.55 -44.45 -74.72
CA ASP K 364 33.64 -43.59 -75.18
C ASP K 364 33.23 -42.11 -75.21
N LYS K 365 32.59 -41.66 -74.13
CA LYS K 365 32.15 -40.27 -74.00
C LYS K 365 32.51 -39.79 -72.59
N LEU K 366 33.64 -39.10 -72.46
CA LEU K 366 34.05 -38.56 -71.18
C LEU K 366 33.24 -37.32 -70.89
N VAL K 367 32.55 -37.32 -69.75
CA VAL K 367 31.55 -36.30 -69.41
C VAL K 367 31.89 -35.77 -68.03
N ALA K 368 32.08 -34.46 -67.91
CA ALA K 368 32.28 -33.86 -66.60
C ALA K 368 30.98 -33.98 -65.80
N PHE K 369 31.11 -34.21 -64.50
CA PHE K 369 29.96 -34.67 -63.71
C PHE K 369 30.06 -34.13 -62.31
N ASP K 370 29.23 -33.13 -61.97
CA ASP K 370 29.41 -32.44 -60.70
C ASP K 370 28.13 -31.74 -60.25
N HIS K 371 28.24 -31.04 -59.13
CA HIS K 371 27.18 -30.26 -58.52
C HIS K 371 27.63 -28.82 -58.35
N LEU K 372 26.64 -27.92 -58.29
CA LEU K 372 26.88 -26.49 -58.09
C LEU K 372 26.65 -26.07 -56.64
N HIS K 373 26.60 -27.04 -55.73
CA HIS K 373 26.37 -26.72 -54.32
C HIS K 373 27.52 -25.95 -53.73
N LYS K 374 28.73 -26.11 -54.26
CA LYS K 374 29.88 -25.39 -53.72
C LYS K 374 29.86 -23.92 -54.07
N VAL K 375 29.04 -23.49 -55.04
CA VAL K 375 28.82 -22.07 -55.29
C VAL K 375 27.44 -21.64 -54.86
N TYR K 376 26.58 -22.56 -54.43
CA TYR K 376 25.37 -22.19 -53.71
C TYR K 376 25.40 -22.64 -52.25
N LYS K 377 26.60 -22.66 -51.64
CA LYS K 377 26.74 -23.04 -50.24
C LYS K 377 26.01 -22.07 -49.32
N ASN K 378 26.44 -20.82 -49.35
CA ASN K 378 26.06 -19.83 -48.36
C ASN K 378 25.61 -18.61 -49.14
N THR K 379 24.38 -18.63 -49.64
CA THR K 379 23.88 -17.58 -50.51
C THR K 379 22.50 -17.15 -50.07
N ASP K 380 21.80 -16.43 -50.94
CA ASP K 380 20.37 -16.22 -50.78
C ASP K 380 19.58 -17.21 -51.63
N VAL K 381 19.85 -17.26 -52.94
CA VAL K 381 19.02 -18.04 -53.84
C VAL K 381 19.32 -19.53 -53.65
N ASN K 382 18.43 -20.35 -54.19
CA ASN K 382 18.55 -21.79 -54.06
C ASN K 382 19.35 -22.35 -55.23
N ASP K 383 19.69 -23.62 -55.12
CA ASP K 383 20.21 -24.33 -56.28
C ASP K 383 19.06 -24.51 -57.25
N PRO K 384 19.13 -23.92 -58.45
CA PRO K 384 17.93 -23.88 -59.32
C PRO K 384 17.54 -25.20 -59.93
N LEU K 385 18.31 -26.27 -59.70
CA LEU K 385 17.88 -27.60 -60.09
C LEU K 385 16.84 -28.18 -59.14
N GLU K 386 16.75 -27.66 -57.92
CA GLU K 386 15.73 -28.09 -56.97
C GLU K 386 14.45 -27.34 -57.27
N GLN K 387 13.79 -27.77 -58.34
CA GLN K 387 12.54 -27.18 -58.80
C GLN K 387 11.38 -28.04 -58.33
N SER K 388 10.16 -27.57 -58.59
CA SER K 388 8.97 -28.23 -58.12
C SER K 388 8.13 -28.75 -59.27
N LEU K 389 7.51 -29.91 -59.07
CA LEU K 389 6.49 -30.41 -59.98
C LEU K 389 5.13 -29.97 -59.50
N GLN K 390 4.14 -30.05 -60.39
CA GLN K 390 2.74 -29.91 -60.00
C GLN K 390 1.96 -30.99 -60.74
N LEU K 391 1.61 -32.05 -60.02
CA LEU K 391 0.79 -33.11 -60.57
C LEU K 391 -0.66 -32.92 -60.12
N THR K 392 -1.59 -32.98 -61.07
CA THR K 392 -3.00 -32.83 -60.79
C THR K 392 -3.65 -34.21 -60.72
N PHE K 393 -4.47 -34.44 -59.70
CA PHE K 393 -5.11 -35.72 -59.47
C PHE K 393 -6.62 -35.56 -59.58
N PHE K 394 -7.32 -36.66 -59.85
CA PHE K 394 -8.77 -36.62 -59.85
C PHE K 394 -9.33 -37.95 -59.42
N PHE K 395 -10.54 -37.93 -58.85
CA PHE K 395 -11.14 -39.10 -58.24
C PHE K 395 -12.64 -38.89 -58.04
N PRO K 396 -13.45 -39.92 -58.19
CA PRO K 396 -14.90 -39.75 -58.10
C PRO K 396 -15.43 -39.83 -56.68
N LEU K 397 -16.73 -39.54 -56.56
CA LEU K 397 -17.55 -40.03 -55.46
C LEU K 397 -18.99 -40.04 -55.94
N GLY K 398 -19.76 -41.01 -55.47
CA GLY K 398 -21.17 -41.08 -55.78
C GLY K 398 -21.51 -41.68 -57.11
N ILE K 399 -20.54 -42.22 -57.84
CA ILE K 399 -20.81 -42.89 -59.10
C ILE K 399 -21.60 -44.17 -58.84
N TYR K 400 -22.76 -44.29 -59.46
CA TYR K 400 -23.60 -45.47 -59.28
C TYR K 400 -23.27 -46.47 -60.37
N ILE K 401 -22.55 -47.53 -60.02
CA ILE K 401 -22.43 -48.68 -60.91
C ILE K 401 -23.80 -49.33 -61.04
N PRO K 402 -24.28 -49.59 -62.25
CA PRO K 402 -25.62 -50.17 -62.40
C PRO K 402 -25.68 -51.59 -61.84
N THR K 403 -26.66 -51.82 -60.97
CA THR K 403 -26.88 -53.13 -60.37
C THR K 403 -27.31 -54.15 -61.43
N GLU K 404 -27.91 -53.67 -62.52
CA GLU K 404 -28.42 -54.54 -63.57
C GLU K 404 -27.30 -55.29 -64.30
N THR K 405 -26.11 -54.70 -64.41
CA THR K 405 -24.97 -55.39 -65.01
C THR K 405 -23.86 -55.60 -64.00
N GLY K 406 -24.20 -55.67 -62.72
CA GLY K 406 -23.19 -55.67 -61.68
C GLY K 406 -22.57 -57.02 -61.44
N PHE K 407 -21.39 -56.99 -60.85
CA PHE K 407 -20.63 -58.19 -60.58
C PHE K 407 -19.73 -57.92 -59.41
N SER K 408 -18.93 -58.92 -59.05
CA SER K 408 -17.88 -58.73 -58.07
C SER K 408 -16.79 -59.75 -58.34
N THR K 409 -15.58 -59.25 -58.51
CA THR K 409 -14.41 -60.04 -58.16
C THR K 409 -14.19 -59.88 -56.66
N MET K 410 -13.08 -60.43 -56.17
CA MET K 410 -12.66 -60.45 -54.76
C MET K 410 -13.76 -60.70 -53.74
N GLU K 411 -14.65 -61.66 -54.02
CA GLU K 411 -15.61 -62.08 -53.01
C GLU K 411 -14.95 -62.89 -51.92
N THR K 412 -13.83 -63.55 -52.23
CA THR K 412 -13.08 -64.27 -51.22
C THR K 412 -12.37 -63.31 -50.28
N ARG K 413 -12.06 -62.10 -50.73
CA ARG K 413 -11.29 -61.18 -49.90
C ARG K 413 -12.17 -60.48 -48.88
N VAL K 414 -13.13 -59.71 -49.34
CA VAL K 414 -13.96 -58.91 -48.48
C VAL K 414 -15.32 -59.57 -48.36
N LYS K 415 -16.08 -59.14 -47.35
CA LYS K 415 -17.51 -59.38 -47.32
C LYS K 415 -18.15 -58.28 -46.50
N LEU K 416 -19.12 -57.60 -47.10
CA LEU K 416 -19.77 -56.47 -46.46
C LEU K 416 -20.88 -56.95 -45.55
N ASN K 417 -21.35 -56.05 -44.69
CA ASN K 417 -22.57 -56.28 -43.96
C ASN K 417 -23.71 -55.74 -44.80
N ASP K 418 -24.86 -56.42 -44.76
CA ASP K 418 -25.97 -56.06 -45.63
C ASP K 418 -26.61 -54.79 -45.11
N THR K 419 -26.29 -53.67 -45.72
CA THR K 419 -26.88 -52.37 -45.44
C THR K 419 -26.77 -51.57 -46.72
N MET K 420 -27.77 -50.74 -47.01
CA MET K 420 -27.70 -49.96 -48.24
C MET K 420 -26.67 -48.84 -48.16
N GLU K 421 -26.21 -48.48 -46.95
CA GLU K 421 -25.06 -47.58 -46.88
C GLU K 421 -23.78 -48.27 -47.34
N ASN K 422 -23.67 -49.59 -47.17
CA ASN K 422 -22.57 -50.31 -47.77
C ASN K 422 -22.84 -50.62 -49.24
N ASN K 423 -24.10 -50.76 -49.61
CA ASN K 423 -24.47 -51.14 -50.97
C ASN K 423 -24.55 -49.95 -51.92
N LEU K 424 -24.46 -48.72 -51.42
CA LEU K 424 -24.26 -47.59 -52.31
C LEU K 424 -23.04 -46.79 -51.90
N PRO K 425 -22.25 -46.34 -52.87
CA PRO K 425 -21.21 -45.36 -52.56
C PRO K 425 -21.84 -44.01 -52.26
N THR K 426 -21.49 -43.46 -51.11
CA THR K 426 -21.84 -42.11 -50.73
C THR K 426 -20.62 -41.26 -50.46
N SER K 427 -19.64 -41.81 -49.76
CA SER K 427 -18.40 -41.13 -49.43
C SER K 427 -17.26 -41.80 -50.16
N VAL K 428 -16.08 -41.18 -50.11
CA VAL K 428 -14.89 -41.77 -50.72
C VAL K 428 -13.72 -41.67 -49.75
N PHE K 429 -13.03 -42.79 -49.57
CA PHE K 429 -11.87 -42.92 -48.70
C PHE K 429 -10.62 -43.03 -49.55
N PHE K 430 -9.56 -42.35 -49.13
CA PHE K 430 -8.28 -42.41 -49.83
C PHE K 430 -7.19 -42.00 -48.85
N HIS K 431 -5.95 -42.29 -49.20
CA HIS K 431 -4.85 -42.02 -48.30
C HIS K 431 -4.30 -40.61 -48.48
N ASN K 432 -3.82 -40.02 -47.38
CA ASN K 432 -3.15 -38.72 -47.40
C ASN K 432 -1.69 -38.83 -47.82
N LYS K 433 -0.92 -37.78 -47.51
CA LYS K 433 0.53 -37.80 -47.66
C LYS K 433 1.16 -38.97 -46.91
N ASP K 434 0.98 -39.02 -45.60
CA ASP K 434 1.27 -40.25 -44.88
C ASP K 434 0.01 -41.12 -44.87
N GLN K 435 0.06 -42.24 -44.17
CA GLN K 435 -1.03 -43.20 -44.30
C GLN K 435 -2.25 -42.87 -43.45
N VAL K 436 -2.73 -41.63 -43.51
CA VAL K 436 -3.94 -41.25 -42.79
C VAL K 436 -5.11 -41.42 -43.74
N VAL K 437 -6.04 -42.31 -43.39
CA VAL K 437 -7.20 -42.53 -44.22
C VAL K 437 -8.13 -41.33 -44.13
N GLN K 438 -8.47 -40.79 -45.28
CA GLN K 438 -9.05 -39.46 -45.43
C GLN K 438 -10.33 -39.59 -46.25
N ARG K 439 -11.38 -38.93 -45.82
CA ARG K 439 -12.71 -39.24 -46.31
C ARG K 439 -13.42 -37.98 -46.78
N ILE K 440 -14.15 -38.10 -47.88
CA ILE K 440 -14.85 -36.96 -48.48
C ILE K 440 -16.32 -37.32 -48.66
N ASP K 441 -17.20 -36.33 -48.41
CA ASP K 441 -18.63 -36.49 -48.20
C ASP K 441 -19.44 -35.58 -49.11
N PHE K 442 -20.77 -35.76 -49.05
CA PHE K 442 -21.66 -34.74 -49.56
C PHE K 442 -21.80 -33.59 -48.58
N ALA K 443 -21.78 -33.90 -47.29
CA ALA K 443 -21.74 -32.87 -46.26
C ALA K 443 -20.46 -32.06 -46.32
N ASP K 444 -19.40 -32.65 -46.87
CA ASP K 444 -18.19 -31.92 -47.16
C ASP K 444 -18.21 -31.29 -48.54
N ILE K 445 -19.04 -31.78 -49.46
CA ILE K 445 -19.07 -31.17 -50.78
C ILE K 445 -19.97 -29.93 -50.81
N LEU K 446 -20.80 -29.75 -49.77
CA LEU K 446 -21.72 -28.62 -49.66
C LEU K 446 -21.15 -27.22 -49.94
N PRO K 447 -19.98 -26.80 -49.45
CA PRO K 447 -19.54 -25.42 -49.74
C PRO K 447 -19.08 -25.21 -51.16
N SER K 448 -19.01 -26.26 -51.97
CA SER K 448 -18.68 -26.14 -53.38
C SER K 448 -19.90 -26.30 -54.27
N VAL K 449 -20.97 -26.89 -53.76
CA VAL K 449 -22.14 -27.17 -54.58
C VAL K 449 -23.32 -26.27 -54.23
N CYS K 450 -23.32 -25.62 -53.07
CA CYS K 450 -24.50 -24.91 -52.62
C CYS K 450 -24.40 -23.40 -52.88
N HIS K 451 -23.53 -22.99 -53.80
CA HIS K 451 -23.32 -21.58 -54.13
C HIS K 451 -24.37 -21.13 -55.14
N PRO K 452 -24.82 -19.87 -55.07
CA PRO K 452 -25.87 -19.39 -55.98
C PRO K 452 -25.50 -19.35 -57.46
N ILE K 453 -24.21 -19.45 -57.81
CA ILE K 453 -23.86 -19.49 -59.22
C ILE K 453 -24.19 -20.85 -59.83
N VAL K 454 -24.41 -21.86 -59.01
CA VAL K 454 -24.98 -23.11 -59.50
C VAL K 454 -26.45 -22.88 -59.88
N HIS K 455 -27.26 -22.46 -58.92
CA HIS K 455 -28.70 -22.36 -59.15
C HIS K 455 -29.11 -21.10 -59.92
N ASP K 456 -28.16 -20.31 -60.38
CA ASP K 456 -28.48 -19.30 -61.39
C ASP K 456 -28.67 -19.98 -62.75
N SER K 457 -29.51 -19.36 -63.59
CA SER K 457 -29.67 -19.83 -64.95
C SER K 457 -29.28 -18.79 -65.99
N THR K 458 -28.75 -17.64 -65.55
CA THR K 458 -28.62 -16.50 -66.46
C THR K 458 -27.52 -16.72 -67.49
N ILE K 459 -26.36 -17.17 -67.06
CA ILE K 459 -25.22 -17.33 -67.97
C ILE K 459 -25.48 -18.51 -68.90
N VAL K 460 -26.13 -19.56 -68.38
CA VAL K 460 -26.51 -20.71 -69.21
C VAL K 460 -27.47 -20.27 -70.31
N GLU K 461 -28.47 -19.47 -69.94
CA GLU K 461 -29.45 -18.99 -70.91
C GLU K 461 -28.82 -18.08 -71.94
N ARG K 462 -27.91 -17.19 -71.53
CA ARG K 462 -27.25 -16.29 -72.47
C ARG K 462 -26.38 -17.03 -73.47
N LEU K 463 -25.54 -17.94 -72.97
CA LEU K 463 -24.62 -18.65 -73.85
C LEU K 463 -25.37 -19.61 -74.77
N MET K 464 -26.37 -20.31 -74.25
CA MET K 464 -27.15 -21.23 -75.08
C MET K 464 -28.09 -20.48 -76.02
N LYS K 465 -28.43 -19.23 -75.71
CA LYS K 465 -29.19 -18.42 -76.64
C LYS K 465 -28.32 -17.96 -77.80
N ASN K 466 -27.14 -17.45 -77.49
CA ASN K 466 -26.26 -16.95 -78.54
C ASN K 466 -25.55 -18.05 -79.30
N GLU K 467 -25.59 -19.29 -78.81
CA GLU K 467 -25.13 -20.42 -79.60
C GLU K 467 -26.05 -20.61 -80.81
N PRO K 468 -25.50 -20.84 -82.00
CA PRO K 468 -26.34 -20.87 -83.21
C PRO K 468 -27.28 -22.06 -83.27
N LEU K 469 -28.20 -21.96 -84.23
CA LEU K 469 -29.32 -22.86 -84.37
C LEU K 469 -28.85 -24.23 -84.88
N PRO K 470 -29.60 -25.30 -84.60
CA PRO K 470 -29.25 -26.60 -85.18
C PRO K 470 -29.53 -26.67 -86.69
N THR K 471 -29.17 -27.79 -87.29
CA THR K 471 -29.31 -27.99 -88.73
C THR K 471 -30.75 -28.36 -89.06
N GLY K 472 -30.96 -28.86 -90.28
CA GLY K 472 -32.32 -29.02 -90.79
C GLY K 472 -33.13 -30.09 -90.07
N HIS K 473 -32.61 -31.31 -89.98
CA HIS K 473 -33.43 -32.35 -89.38
C HIS K 473 -33.42 -32.32 -87.87
N ARG K 474 -32.31 -31.92 -87.26
CA ARG K 474 -32.30 -31.71 -85.81
C ARG K 474 -33.21 -30.56 -85.42
N PHE K 475 -33.31 -29.55 -86.28
CA PHE K 475 -34.31 -28.50 -86.14
C PHE K 475 -35.72 -29.05 -86.24
N SER K 476 -35.96 -29.93 -87.22
CA SER K 476 -37.30 -30.44 -87.45
C SER K 476 -37.74 -31.40 -86.36
N GLN K 477 -36.79 -32.10 -85.74
CA GLN K 477 -37.10 -33.06 -84.70
C GLN K 477 -37.15 -32.42 -83.32
N LEU K 478 -36.28 -31.45 -83.05
CA LEU K 478 -36.03 -30.97 -81.71
C LEU K 478 -36.63 -29.61 -81.44
N CYS K 479 -36.84 -28.79 -82.46
CA CYS K 479 -37.28 -27.41 -82.33
C CYS K 479 -38.72 -27.23 -82.82
N GLN K 480 -39.53 -28.28 -82.70
CA GLN K 480 -40.84 -28.27 -83.37
C GLN K 480 -41.99 -27.93 -82.44
N LEU K 481 -41.84 -28.13 -81.13
CA LEU K 481 -42.99 -28.06 -80.23
C LEU K 481 -43.40 -26.61 -79.97
N LYS K 482 -44.52 -26.45 -79.27
CA LYS K 482 -45.18 -25.15 -79.18
C LYS K 482 -46.13 -25.16 -77.99
N ILE K 483 -46.16 -24.06 -77.25
CA ILE K 483 -47.05 -23.92 -76.10
C ILE K 483 -48.31 -23.18 -76.52
N THR K 484 -49.37 -23.36 -75.74
CA THR K 484 -50.66 -22.71 -75.98
C THR K 484 -51.42 -22.65 -74.66
N ARG K 485 -51.91 -21.46 -74.29
CA ARG K 485 -52.61 -21.27 -73.03
C ARG K 485 -53.94 -20.57 -73.24
N GLU K 486 -54.98 -21.09 -72.60
CA GLU K 486 -56.30 -20.48 -72.57
C GLU K 486 -56.83 -20.53 -71.15
N ASN K 487 -58.13 -20.16 -70.95
CA ASN K 487 -58.62 -20.16 -69.57
C ASN K 487 -59.52 -21.37 -69.32
N PRO K 488 -59.63 -21.81 -68.05
CA PRO K 488 -60.40 -23.04 -67.76
C PRO K 488 -61.87 -23.01 -68.11
N THR K 489 -62.45 -21.84 -68.33
CA THR K 489 -63.81 -21.79 -68.86
C THR K 489 -63.85 -22.26 -70.30
N ARG K 490 -62.95 -21.75 -71.14
CA ARG K 490 -62.99 -22.13 -72.55
C ARG K 490 -62.41 -23.51 -72.79
N ILE K 491 -61.48 -23.98 -71.95
CA ILE K 491 -60.86 -25.25 -72.32
C ILE K 491 -61.75 -26.44 -72.01
N LEU K 492 -62.70 -26.29 -71.07
CA LEU K 492 -63.61 -27.39 -70.78
C LEU K 492 -64.58 -27.63 -71.94
N GLN K 493 -64.91 -26.59 -72.70
CA GLN K 493 -65.75 -26.75 -73.87
C GLN K 493 -64.96 -26.96 -75.15
N THR K 494 -63.70 -26.52 -75.20
CA THR K 494 -62.86 -26.70 -76.38
C THR K 494 -61.82 -27.79 -76.17
N LEU K 495 -62.07 -28.71 -75.24
CA LEU K 495 -61.16 -29.82 -74.98
C LEU K 495 -61.01 -30.73 -76.20
N TYR K 496 -62.12 -31.27 -76.70
CA TYR K 496 -62.04 -32.33 -77.70
C TYR K 496 -61.76 -31.84 -79.11
N ASN K 497 -61.47 -30.56 -79.34
CA ASN K 497 -61.30 -30.07 -80.70
C ASN K 497 -60.02 -30.57 -81.34
N LEU K 498 -58.94 -30.64 -80.57
CA LEU K 498 -57.68 -31.14 -81.10
C LEU K 498 -57.57 -32.66 -81.04
N TYR K 499 -58.68 -33.33 -80.70
CA TYR K 499 -58.85 -34.75 -80.97
C TYR K 499 -59.78 -34.99 -82.14
N GLU K 500 -60.77 -34.11 -82.34
CA GLU K 500 -61.58 -34.17 -83.55
C GLU K 500 -60.77 -33.85 -84.79
N SER K 501 -59.80 -32.93 -84.65
CA SER K 501 -58.84 -32.73 -85.71
C SER K 501 -57.92 -33.94 -85.84
N ARG K 502 -57.34 -34.09 -87.03
CA ARG K 502 -56.47 -35.22 -87.31
C ARG K 502 -55.00 -34.86 -87.18
N GLN K 503 -54.69 -33.67 -86.68
CA GLN K 503 -53.31 -33.23 -86.53
C GLN K 503 -52.67 -33.93 -85.33
N GLU K 504 -51.39 -34.26 -85.45
CA GLU K 504 -50.68 -34.92 -84.37
C GLU K 504 -49.64 -34.01 -83.75
N VAL K 505 -49.57 -34.05 -82.43
CA VAL K 505 -48.64 -33.24 -81.66
C VAL K 505 -47.26 -33.90 -81.71
N PRO K 506 -46.21 -33.15 -82.02
CA PRO K 506 -44.87 -33.74 -82.10
C PRO K 506 -44.33 -34.12 -80.73
N LYS K 507 -43.24 -34.89 -80.75
CA LYS K 507 -42.53 -35.25 -79.53
C LYS K 507 -41.96 -34.02 -78.84
N ASN K 508 -42.07 -33.98 -77.52
CA ASN K 508 -41.31 -33.02 -76.76
C ASN K 508 -39.85 -33.45 -76.69
N THR K 509 -39.00 -32.51 -76.25
CA THR K 509 -37.59 -32.82 -76.03
C THR K 509 -37.43 -33.85 -74.92
N ASN K 510 -38.24 -33.74 -73.87
CA ASN K 510 -38.07 -34.61 -72.73
C ASN K 510 -38.58 -36.02 -73.02
N VAL K 511 -39.71 -36.15 -73.72
CA VAL K 511 -40.18 -37.48 -74.06
C VAL K 511 -39.38 -38.08 -75.21
N LEU K 512 -38.71 -37.24 -76.02
CA LEU K 512 -37.72 -37.75 -76.96
C LEU K 512 -36.50 -38.28 -76.22
N LYS K 513 -36.14 -37.62 -75.13
CA LYS K 513 -34.91 -37.93 -74.42
C LYS K 513 -35.06 -39.18 -73.55
N ASN K 514 -36.20 -39.33 -72.88
CA ASN K 514 -36.35 -40.43 -71.92
C ASN K 514 -36.56 -41.79 -72.57
N GLU K 515 -36.72 -41.85 -73.90
CA GLU K 515 -36.78 -43.14 -74.57
C GLU K 515 -35.41 -43.78 -74.65
N LEU K 516 -34.36 -42.97 -74.70
CA LEU K 516 -33.01 -43.47 -74.84
C LEU K 516 -32.54 -44.17 -73.57
N ASN K 517 -31.42 -44.85 -73.68
CA ASN K 517 -30.87 -45.63 -72.59
C ASN K 517 -29.64 -44.92 -72.04
N VAL K 518 -29.12 -45.44 -70.92
CA VAL K 518 -28.06 -44.81 -70.14
C VAL K 518 -26.72 -44.77 -70.84
N GLU K 519 -26.60 -45.40 -72.00
CA GLU K 519 -25.39 -45.42 -72.80
C GLU K 519 -25.63 -44.88 -74.20
N ASP K 520 -26.81 -45.12 -74.77
CA ASP K 520 -27.17 -44.53 -76.05
C ASP K 520 -27.41 -43.03 -75.93
N PHE K 521 -27.58 -42.53 -74.70
CA PHE K 521 -27.58 -41.09 -74.44
C PHE K 521 -26.25 -40.46 -74.84
N TYR K 522 -25.13 -41.06 -74.41
CA TYR K 522 -23.85 -40.44 -74.65
C TYR K 522 -23.32 -40.65 -76.05
N LYS K 523 -23.95 -41.54 -76.81
CA LYS K 523 -23.57 -41.73 -78.19
C LYS K 523 -24.00 -40.51 -79.01
N PRO K 524 -23.24 -40.14 -80.04
CA PRO K 524 -23.64 -39.00 -80.88
C PRO K 524 -24.90 -39.21 -81.71
N ASP K 525 -25.56 -40.38 -81.66
CA ASP K 525 -26.87 -40.52 -82.28
C ASP K 525 -27.95 -39.79 -81.51
N ASN K 526 -27.69 -39.38 -80.27
CA ASN K 526 -28.63 -38.60 -79.49
C ASN K 526 -28.84 -37.24 -80.14
N PRO K 527 -30.08 -36.84 -80.45
CA PRO K 527 -30.33 -35.47 -80.88
C PRO K 527 -30.40 -34.47 -79.73
N THR K 528 -30.29 -34.92 -78.48
CA THR K 528 -30.44 -34.03 -77.33
C THR K 528 -29.15 -33.94 -76.51
N LEU K 529 -28.00 -34.11 -77.13
CA LEU K 529 -26.77 -33.87 -76.39
C LEU K 529 -26.49 -32.40 -76.10
N PRO K 530 -26.67 -31.43 -77.02
CA PRO K 530 -26.54 -30.04 -76.60
C PRO K 530 -27.71 -29.51 -75.79
N THR K 531 -28.72 -30.34 -75.54
CA THR K 531 -29.86 -29.92 -74.74
C THR K 531 -29.48 -29.78 -73.26
N GLU K 532 -28.87 -30.83 -72.70
CA GLU K 532 -28.52 -30.85 -71.28
C GLU K 532 -27.38 -29.88 -71.00
N ARG K 533 -27.67 -28.81 -70.27
CA ARG K 533 -26.64 -27.86 -69.90
C ARG K 533 -26.44 -27.72 -68.41
N HIS K 534 -27.49 -27.89 -67.61
CA HIS K 534 -27.38 -27.66 -66.18
C HIS K 534 -28.25 -28.74 -65.54
N PRO K 535 -27.75 -29.47 -64.53
CA PRO K 535 -28.45 -30.68 -64.10
C PRO K 535 -29.70 -30.38 -63.31
N PHE K 536 -29.84 -29.16 -62.86
CA PHE K 536 -31.05 -28.67 -62.23
C PHE K 536 -32.04 -28.10 -63.22
N PHE K 537 -31.57 -27.67 -64.40
CA PHE K 537 -32.35 -26.82 -65.29
C PHE K 537 -32.52 -27.53 -66.63
N ASP K 538 -33.76 -27.90 -66.94
CA ASP K 538 -34.10 -28.44 -68.25
C ASP K 538 -34.19 -27.30 -69.24
N LEU K 539 -33.54 -27.47 -70.39
CA LEU K 539 -33.53 -26.46 -71.43
C LEU K 539 -34.19 -27.06 -72.66
N THR K 540 -34.76 -26.20 -73.50
CA THR K 540 -35.48 -26.67 -74.69
C THR K 540 -35.59 -25.55 -75.71
N TYR K 541 -36.24 -25.87 -76.82
CA TYR K 541 -36.57 -24.92 -77.87
C TYR K 541 -38.09 -24.83 -77.97
N ILE K 542 -38.63 -23.61 -77.95
CA ILE K 542 -40.05 -23.41 -78.18
C ILE K 542 -40.25 -22.32 -79.24
N GLN K 543 -41.39 -22.43 -79.91
CA GLN K 543 -41.75 -21.60 -81.05
C GLN K 543 -42.82 -20.61 -80.63
N LYS K 544 -42.50 -19.32 -80.71
CA LYS K 544 -43.51 -18.27 -80.62
C LYS K 544 -43.30 -17.32 -81.79
N ASN K 545 -44.31 -17.22 -82.66
CA ASN K 545 -44.31 -16.41 -83.88
C ASN K 545 -43.16 -16.82 -84.82
N ARG K 546 -42.95 -18.14 -84.92
CA ARG K 546 -41.94 -18.77 -85.78
C ARG K 546 -40.53 -18.28 -85.47
N ALA K 547 -40.26 -18.06 -84.19
CA ALA K 547 -38.91 -17.87 -83.69
C ALA K 547 -38.60 -19.01 -82.74
N THR K 548 -37.34 -19.46 -82.75
CA THR K 548 -37.00 -20.75 -82.18
C THR K 548 -37.08 -20.79 -80.65
N GLU K 549 -36.96 -19.64 -79.99
CA GLU K 549 -37.09 -19.34 -78.56
C GLU K 549 -36.48 -20.38 -77.61
N VAL K 550 -35.17 -20.36 -77.43
CA VAL K 550 -34.52 -21.14 -76.38
C VAL K 550 -35.18 -20.86 -75.02
N LEU K 551 -35.25 -21.88 -74.17
CA LEU K 551 -36.05 -21.78 -72.96
C LEU K 551 -35.40 -22.56 -71.84
N CYS K 552 -35.14 -21.89 -70.73
CA CYS K 552 -34.71 -22.54 -69.50
C CYS K 552 -35.89 -22.74 -68.58
N THR K 553 -35.85 -23.83 -67.82
CA THR K 553 -36.93 -24.22 -66.93
C THR K 553 -36.38 -25.11 -65.83
N PRO K 554 -36.58 -24.78 -64.56
CA PRO K 554 -36.01 -25.60 -63.49
C PRO K 554 -36.73 -26.93 -63.33
N ARG K 555 -35.99 -28.02 -63.55
CA ARG K 555 -36.36 -29.30 -62.95
C ARG K 555 -36.42 -29.10 -61.44
N ILE K 556 -37.55 -29.47 -60.84
CA ILE K 556 -37.63 -29.26 -59.40
C ILE K 556 -37.36 -30.57 -58.69
N MET K 557 -38.13 -31.59 -59.02
CA MET K 557 -38.01 -32.83 -58.29
C MET K 557 -36.89 -33.68 -58.87
N ILE K 558 -36.36 -34.58 -58.03
CA ILE K 558 -35.20 -35.37 -58.40
C ILE K 558 -35.54 -36.34 -59.52
N GLY K 559 -36.79 -36.78 -59.60
CA GLY K 559 -37.21 -37.67 -60.66
C GLY K 559 -37.30 -37.03 -62.02
N ASN K 560 -37.47 -35.71 -62.09
CA ASN K 560 -37.59 -35.06 -63.39
C ASN K 560 -36.27 -34.95 -64.13
N MET K 561 -35.16 -35.32 -63.51
CA MET K 561 -33.93 -35.57 -64.24
C MET K 561 -34.16 -36.75 -65.20
N PRO K 562 -33.51 -36.75 -66.36
CA PRO K 562 -33.79 -37.79 -67.35
C PRO K 562 -33.32 -39.15 -66.90
N LEU K 563 -34.07 -40.16 -67.34
CA LEU K 563 -33.77 -41.55 -66.95
C LEU K 563 -32.41 -42.08 -67.43
N PRO K 564 -31.83 -41.68 -68.57
CA PRO K 564 -30.42 -42.04 -68.79
C PRO K 564 -29.45 -41.33 -67.86
N LEU K 565 -29.88 -40.27 -67.18
CA LEU K 565 -29.03 -39.56 -66.24
C LEU K 565 -29.33 -39.91 -64.79
N ALA K 566 -30.38 -40.67 -64.56
CA ALA K 566 -30.73 -41.24 -63.27
C ALA K 566 -31.61 -42.46 -63.54
N PRO K 567 -31.05 -43.66 -63.55
CA PRO K 567 -31.83 -44.85 -63.91
C PRO K 567 -32.83 -45.20 -62.82
N ILE K 568 -33.74 -46.10 -63.16
CA ILE K 568 -34.82 -46.40 -62.23
C ILE K 568 -34.33 -47.30 -61.10
N SER K 569 -33.29 -48.11 -61.35
CA SER K 569 -32.70 -48.88 -60.27
C SER K 569 -31.95 -47.97 -59.30
N PHE K 570 -31.44 -46.85 -59.80
CA PHE K 570 -30.83 -45.85 -58.93
C PHE K 570 -31.85 -45.22 -58.00
N HIS K 571 -33.05 -44.91 -58.51
CA HIS K 571 -34.11 -44.39 -57.67
C HIS K 571 -34.59 -45.44 -56.67
N GLU K 572 -34.62 -46.71 -57.08
CA GLU K 572 -34.97 -47.77 -56.13
C GLU K 572 -33.90 -47.95 -55.05
N ALA K 573 -32.64 -47.72 -55.40
CA ALA K 573 -31.58 -47.83 -54.40
C ALA K 573 -31.62 -46.67 -53.41
N ARG K 574 -31.86 -45.46 -53.90
CA ARG K 574 -32.08 -44.31 -53.03
C ARG K 574 -33.30 -44.53 -52.13
N THR K 575 -34.32 -45.19 -52.67
CA THR K 575 -35.51 -45.51 -51.90
C THR K 575 -35.20 -46.52 -50.80
N ASN K 576 -34.38 -47.53 -51.11
CA ASN K 576 -34.00 -48.49 -50.09
C ASN K 576 -33.12 -47.87 -49.02
N GLN K 577 -32.32 -46.85 -49.39
CA GLN K 577 -31.61 -46.06 -48.38
C GLN K 577 -32.57 -45.40 -47.41
N MET K 578 -33.59 -44.71 -47.93
CA MET K 578 -34.52 -44.05 -47.03
C MET K 578 -35.40 -45.03 -46.26
N LEU K 579 -35.69 -46.21 -46.84
CA LEU K 579 -36.43 -47.23 -46.11
C LEU K 579 -35.62 -47.80 -44.96
N GLU K 580 -34.32 -48.04 -45.18
CA GLU K 580 -33.48 -48.55 -44.11
C GLU K 580 -33.25 -47.50 -43.04
N HIS K 581 -33.14 -46.23 -43.45
CA HIS K 581 -32.99 -45.16 -42.47
C HIS K 581 -34.29 -44.90 -41.71
N ALA K 582 -35.44 -45.22 -42.30
CA ALA K 582 -36.72 -45.09 -41.61
C ALA K 582 -37.05 -46.31 -40.76
N LYS K 583 -36.42 -47.45 -41.04
CA LYS K 583 -36.68 -48.74 -40.40
C LYS K 583 -38.14 -49.16 -40.53
N THR K 584 -38.76 -48.79 -41.65
CA THR K 584 -40.14 -49.18 -41.95
C THR K 584 -40.09 -49.98 -43.26
N ASN K 585 -39.86 -51.27 -43.14
CA ASN K 585 -39.78 -52.14 -44.30
C ASN K 585 -40.59 -53.40 -44.06
N SER K 586 -41.83 -53.21 -43.60
CA SER K 586 -42.70 -54.34 -43.34
C SER K 586 -43.23 -54.92 -44.65
N HIS K 587 -43.42 -56.24 -44.65
CA HIS K 587 -43.95 -56.95 -45.81
C HIS K 587 -45.41 -57.35 -45.63
N ASN K 588 -46.13 -56.63 -44.77
CA ASN K 588 -47.51 -56.97 -44.47
C ASN K 588 -48.49 -56.58 -45.56
N TYR K 589 -48.07 -55.84 -46.57
CA TYR K 589 -48.99 -55.14 -47.45
C TYR K 589 -49.07 -55.72 -48.86
N ASP K 590 -48.22 -56.71 -49.18
CA ASP K 590 -48.22 -57.27 -50.53
C ASP K 590 -49.51 -58.00 -50.85
N PHE K 591 -50.09 -58.66 -49.85
CA PHE K 591 -51.38 -59.31 -50.02
C PHE K 591 -52.49 -58.32 -50.28
N THR K 592 -52.41 -57.13 -49.69
CA THR K 592 -53.38 -56.09 -50.00
C THR K 592 -53.17 -55.54 -51.40
N LEU K 593 -51.90 -55.31 -51.78
CA LEU K 593 -51.60 -54.68 -53.05
C LEU K 593 -51.94 -55.59 -54.23
N LYS K 594 -51.91 -56.92 -54.03
CA LYS K 594 -52.38 -57.84 -55.07
C LYS K 594 -53.85 -57.61 -55.40
N ILE K 595 -54.69 -57.55 -54.36
CA ILE K 595 -56.13 -57.42 -54.58
C ILE K 595 -56.48 -56.01 -55.05
N VAL K 596 -55.75 -54.99 -54.60
CA VAL K 596 -55.99 -53.64 -55.10
C VAL K 596 -55.56 -53.53 -56.56
N THR K 597 -54.48 -54.22 -56.94
CA THR K 597 -54.08 -54.29 -58.35
C THR K 597 -55.14 -54.98 -59.20
N GLU K 598 -55.74 -56.05 -58.66
CA GLU K 598 -56.79 -56.74 -59.39
C GLU K 598 -58.04 -55.88 -59.54
N SER K 599 -58.36 -55.10 -58.51
CA SER K 599 -59.52 -54.22 -58.60
C SER K 599 -59.28 -53.07 -59.56
N LEU K 600 -58.04 -52.55 -59.62
CA LEU K 600 -57.75 -51.49 -60.57
C LEU K 600 -57.63 -52.01 -61.99
N THR K 601 -57.29 -53.29 -62.15
CA THR K 601 -57.05 -53.85 -63.47
C THR K 601 -58.33 -54.38 -64.12
N SER K 602 -59.10 -55.16 -63.38
CA SER K 602 -60.30 -55.80 -63.93
C SER K 602 -61.36 -54.74 -64.21
N GLY K 603 -61.55 -54.43 -65.49
CA GLY K 603 -62.43 -53.35 -65.89
C GLY K 603 -63.90 -53.69 -65.91
N SER K 604 -64.40 -54.33 -64.85
CA SER K 604 -65.82 -54.65 -64.70
C SER K 604 -66.46 -53.83 -63.59
N TYR K 605 -65.89 -52.66 -63.30
CA TYR K 605 -66.27 -51.83 -62.16
C TYR K 605 -67.71 -51.32 -62.31
N PRO K 606 -68.51 -51.38 -61.26
CA PRO K 606 -69.95 -51.12 -61.41
C PRO K 606 -70.24 -49.62 -61.50
N GLU K 607 -71.37 -49.31 -62.13
CA GLU K 607 -71.65 -47.92 -62.48
C GLU K 607 -72.18 -47.11 -61.31
N LEU K 608 -72.71 -47.76 -60.28
CA LEU K 608 -73.27 -47.01 -59.15
C LEU K 608 -72.20 -46.35 -58.31
N ALA K 609 -70.97 -46.87 -58.35
CA ALA K 609 -69.92 -46.36 -57.47
C ALA K 609 -69.45 -44.97 -57.89
N TYR K 610 -69.41 -44.68 -59.19
CA TYR K 610 -69.13 -43.33 -59.64
C TYR K 610 -70.22 -42.36 -59.18
N VAL K 611 -71.48 -42.81 -59.26
CA VAL K 611 -72.62 -42.02 -58.83
C VAL K 611 -72.54 -41.73 -57.33
N ILE K 612 -72.13 -42.73 -56.54
CA ILE K 612 -71.99 -42.54 -55.10
C ILE K 612 -70.83 -41.59 -54.79
N GLU K 613 -69.71 -41.74 -55.50
CA GLU K 613 -68.55 -40.88 -55.27
C GLU K 613 -68.78 -39.45 -55.72
N ILE K 614 -69.79 -39.18 -56.55
CA ILE K 614 -70.16 -37.79 -56.79
C ILE K 614 -71.41 -37.34 -56.02
N LEU K 615 -72.20 -38.27 -55.46
CA LEU K 615 -73.25 -37.87 -54.54
C LEU K 615 -72.67 -37.44 -53.21
N VAL K 616 -71.94 -38.32 -52.54
CA VAL K 616 -71.16 -37.87 -51.41
C VAL K 616 -69.90 -37.18 -51.93
N HIS K 617 -69.33 -36.33 -51.10
CA HIS K 617 -67.97 -35.87 -51.35
C HIS K 617 -67.19 -35.86 -50.05
N GLY K 618 -67.43 -36.87 -49.22
CA GLY K 618 -66.65 -37.05 -48.03
C GLY K 618 -67.05 -36.21 -46.85
N ASN K 619 -68.21 -35.56 -46.89
CA ASN K 619 -68.65 -34.75 -45.77
C ASN K 619 -69.36 -35.55 -44.70
N LYS K 620 -69.51 -36.86 -44.93
CA LYS K 620 -69.72 -37.97 -43.99
C LYS K 620 -71.10 -37.99 -43.35
N HIS K 621 -71.86 -36.90 -43.46
CA HIS K 621 -73.28 -36.98 -43.13
C HIS K 621 -74.02 -37.75 -44.20
N ALA K 622 -73.75 -37.43 -45.47
CA ALA K 622 -74.30 -38.19 -46.57
C ALA K 622 -73.75 -39.61 -46.61
N PHE K 623 -72.54 -39.82 -46.09
CA PHE K 623 -72.03 -41.19 -45.97
C PHE K 623 -72.79 -41.98 -44.93
N MET K 624 -73.11 -41.36 -43.78
CA MET K 624 -73.92 -42.05 -42.79
C MET K 624 -75.34 -42.27 -43.29
N ILE K 625 -75.82 -41.43 -44.20
CA ILE K 625 -77.09 -41.71 -44.88
C ILE K 625 -76.94 -42.92 -45.81
N LEU K 626 -75.90 -42.92 -46.64
CA LEU K 626 -75.62 -44.03 -47.56
C LEU K 626 -74.86 -45.16 -46.92
N LYS K 627 -74.91 -45.31 -45.59
CA LYS K 627 -74.09 -46.31 -44.91
C LYS K 627 -74.48 -47.72 -45.31
N GLN K 628 -75.76 -47.97 -45.59
CA GLN K 628 -76.20 -49.31 -45.91
C GLN K 628 -76.17 -49.63 -47.41
N VAL K 629 -76.31 -48.61 -48.27
CA VAL K 629 -76.25 -48.84 -49.70
C VAL K 629 -74.83 -49.21 -50.12
N ILE K 630 -73.86 -48.41 -49.66
CA ILE K 630 -72.44 -48.71 -49.84
C ILE K 630 -72.06 -50.02 -49.19
N SER K 631 -72.72 -50.36 -48.07
CA SER K 631 -72.52 -51.64 -47.41
C SER K 631 -72.91 -52.80 -48.31
N GLN K 632 -74.12 -52.75 -48.88
CA GLN K 632 -74.58 -53.83 -49.74
C GLN K 632 -73.76 -53.91 -51.01
N CYS K 633 -73.35 -52.76 -51.56
CA CYS K 633 -72.51 -52.74 -52.75
C CYS K 633 -71.18 -53.41 -52.50
N ILE K 634 -70.45 -52.98 -51.46
CA ILE K 634 -69.13 -53.55 -51.17
C ILE K 634 -69.25 -55.01 -50.74
N SER K 635 -70.32 -55.35 -50.01
CA SER K 635 -70.47 -56.70 -49.48
C SER K 635 -70.73 -57.70 -50.59
N TYR K 636 -71.68 -57.41 -51.48
CA TYR K 636 -71.87 -58.28 -52.65
C TYR K 636 -70.65 -58.25 -53.55
N TRP K 637 -70.03 -57.09 -53.70
CA TRP K 637 -68.99 -56.91 -54.71
C TRP K 637 -67.69 -57.58 -54.33
N PHE K 638 -67.42 -57.74 -53.03
CA PHE K 638 -66.29 -58.52 -52.57
C PHE K 638 -66.65 -59.95 -52.25
N ASN K 639 -67.93 -60.24 -51.98
CA ASN K 639 -68.30 -61.61 -51.70
C ASN K 639 -68.35 -62.45 -52.96
N MET K 640 -68.78 -61.87 -54.08
CA MET K 640 -68.96 -62.65 -55.29
C MET K 640 -67.98 -62.30 -56.39
N LYS K 641 -67.89 -61.03 -56.78
CA LYS K 641 -66.87 -60.62 -57.75
C LYS K 641 -65.46 -60.68 -57.18
N HIS K 642 -65.34 -60.61 -55.85
CA HIS K 642 -64.11 -60.56 -55.05
C HIS K 642 -63.00 -59.66 -55.60
N ILE K 643 -63.38 -58.52 -56.16
CA ILE K 643 -62.46 -57.41 -56.34
C ILE K 643 -62.97 -56.26 -55.48
N LEU K 644 -62.10 -55.31 -55.21
CA LEU K 644 -62.40 -54.28 -54.22
C LEU K 644 -63.18 -53.14 -54.87
N LEU K 645 -63.98 -52.47 -54.05
CA LEU K 645 -64.81 -51.37 -54.49
C LEU K 645 -64.37 -50.09 -53.78
N PHE K 646 -64.61 -48.95 -54.43
CA PHE K 646 -64.25 -47.61 -53.95
C PHE K 646 -62.74 -47.49 -53.72
N CYS K 647 -61.95 -48.03 -54.65
CA CYS K 647 -60.51 -47.88 -54.60
C CYS K 647 -60.02 -46.72 -55.47
N ASN K 648 -60.84 -45.69 -55.64
CA ASN K 648 -60.47 -44.54 -56.44
C ASN K 648 -60.33 -43.26 -55.62
N SER K 649 -61.29 -42.97 -54.76
CA SER K 649 -61.33 -41.69 -54.06
C SER K 649 -60.75 -41.86 -52.67
N PHE K 650 -59.84 -40.95 -52.29
CA PHE K 650 -59.19 -41.08 -50.99
C PHE K 650 -60.14 -40.74 -49.86
N GLU K 651 -61.02 -39.77 -50.05
CA GLU K 651 -61.97 -39.45 -49.00
C GLU K 651 -62.94 -40.60 -48.77
N MET K 652 -63.28 -41.33 -49.83
CA MET K 652 -64.03 -42.58 -49.67
C MET K 652 -63.22 -43.62 -48.93
N ILE K 653 -61.96 -43.81 -49.31
CA ILE K 653 -61.20 -44.94 -48.76
C ILE K 653 -60.75 -44.67 -47.33
N MET K 654 -60.70 -43.41 -46.92
CA MET K 654 -60.45 -43.04 -45.54
C MET K 654 -61.74 -43.05 -44.74
N LEU K 655 -62.85 -42.73 -45.40
CA LEU K 655 -64.15 -42.74 -44.76
C LEU K 655 -64.60 -44.15 -44.42
N ILE K 656 -64.21 -45.13 -45.26
CA ILE K 656 -64.49 -46.53 -44.95
C ILE K 656 -63.72 -46.98 -43.70
N SER K 657 -62.47 -46.55 -43.56
CA SER K 657 -61.74 -46.92 -42.36
C SER K 657 -62.25 -46.17 -41.13
N ASN K 658 -62.78 -44.96 -41.31
CA ASN K 658 -63.22 -44.19 -40.16
C ASN K 658 -64.60 -44.64 -39.68
N HIS K 659 -65.63 -44.47 -40.50
CA HIS K 659 -67.00 -44.59 -40.01
C HIS K 659 -67.66 -45.90 -40.38
N MET K 660 -67.19 -46.56 -41.42
CA MET K 660 -67.69 -47.88 -41.77
C MET K 660 -67.05 -48.92 -40.86
N GLY K 661 -67.86 -49.83 -40.34
CA GLY K 661 -67.35 -50.79 -39.38
C GLY K 661 -67.15 -52.15 -39.99
N ASP K 662 -67.64 -53.19 -39.34
CA ASP K 662 -67.63 -54.52 -39.92
C ASP K 662 -69.04 -55.08 -40.09
N GLU K 663 -70.05 -54.41 -39.55
CA GLU K 663 -71.41 -54.80 -39.83
C GLU K 663 -71.76 -54.46 -41.27
N LEU K 664 -72.32 -55.44 -41.98
CA LEU K 664 -72.72 -55.34 -43.39
C LEU K 664 -71.52 -55.05 -44.31
N ILE K 665 -70.34 -55.57 -43.96
CA ILE K 665 -69.20 -55.57 -44.87
C ILE K 665 -68.37 -56.79 -44.48
N PRO K 666 -67.70 -57.46 -45.42
CA PRO K 666 -66.83 -58.57 -45.03
C PRO K 666 -65.55 -58.09 -44.36
N GLY K 667 -65.13 -58.86 -43.35
CA GLY K 667 -64.03 -58.46 -42.50
C GLY K 667 -62.70 -58.46 -43.21
N ALA K 668 -62.53 -59.35 -44.20
CA ALA K 668 -61.31 -59.34 -45.00
C ALA K 668 -61.20 -58.06 -45.82
N ALA K 669 -62.31 -57.63 -46.43
CA ALA K 669 -62.29 -56.39 -47.19
C ALA K 669 -62.08 -55.17 -46.30
N PHE K 670 -62.67 -55.18 -45.10
CA PHE K 670 -62.42 -54.08 -44.18
C PHE K 670 -60.97 -54.04 -43.70
N ALA K 671 -60.36 -55.22 -43.54
CA ALA K 671 -58.93 -55.29 -43.26
C ALA K 671 -58.12 -54.73 -44.42
N HIS K 672 -58.58 -54.92 -45.67
CA HIS K 672 -57.85 -54.32 -46.79
C HIS K 672 -57.94 -52.81 -46.80
N TYR K 673 -59.11 -52.25 -46.45
CA TYR K 673 -59.22 -50.79 -46.41
C TYR K 673 -58.36 -50.21 -45.28
N ARG K 674 -58.34 -50.88 -44.13
CA ARG K 674 -57.51 -50.44 -43.02
C ARG K 674 -56.03 -50.55 -43.35
N ASN K 675 -55.64 -51.59 -44.10
CA ASN K 675 -54.25 -51.72 -44.53
C ASN K 675 -53.86 -50.64 -45.52
N LEU K 676 -54.77 -50.20 -46.38
CA LEU K 676 -54.43 -49.12 -47.30
C LEU K 676 -54.23 -47.80 -46.57
N VAL K 677 -55.08 -47.53 -45.57
CA VAL K 677 -54.90 -46.32 -44.77
C VAL K 677 -53.57 -46.37 -44.00
N SER K 678 -53.24 -47.53 -43.45
CA SER K 678 -51.97 -47.65 -42.73
C SER K 678 -50.77 -47.60 -43.65
N LEU K 679 -50.92 -48.07 -44.90
CA LEU K 679 -49.86 -47.92 -45.90
C LEU K 679 -49.58 -46.46 -46.22
N ILE K 680 -50.64 -45.67 -46.37
CA ILE K 680 -50.42 -44.24 -46.66
C ILE K 680 -49.81 -43.53 -45.45
N ARG K 681 -50.15 -43.99 -44.23
CA ARG K 681 -49.46 -43.50 -43.04
C ARG K 681 -47.97 -43.82 -43.08
N LEU K 682 -47.61 -45.03 -43.50
CA LEU K 682 -46.20 -45.40 -43.54
C LEU K 682 -45.44 -44.66 -44.65
N VAL K 683 -46.10 -44.36 -45.76
CA VAL K 683 -45.44 -43.55 -46.79
C VAL K 683 -45.19 -42.13 -46.27
N LYS K 684 -46.16 -41.57 -45.54
CA LYS K 684 -45.97 -40.25 -44.93
C LYS K 684 -44.81 -40.26 -43.94
N ARG K 685 -44.67 -41.33 -43.16
CA ARG K 685 -43.53 -41.45 -42.26
C ARG K 685 -42.21 -41.54 -43.03
N THR K 686 -42.17 -42.41 -44.04
CA THR K 686 -40.93 -42.74 -44.74
C THR K 686 -40.36 -41.55 -45.50
N ILE K 687 -41.22 -40.70 -46.07
CA ILE K 687 -40.67 -39.47 -46.65
C ILE K 687 -41.04 -38.24 -45.81
N SER K 688 -41.35 -38.43 -44.53
CA SER K 688 -41.27 -37.36 -43.56
C SER K 688 -40.18 -37.64 -42.53
N ILE K 689 -39.23 -38.49 -42.89
CA ILE K 689 -37.94 -38.56 -42.18
C ILE K 689 -37.35 -37.17 -41.99
N SER K 690 -37.13 -36.44 -43.08
CA SER K 690 -36.33 -35.23 -43.07
C SER K 690 -37.14 -34.06 -42.48
N ASN K 691 -37.36 -34.13 -41.18
CA ASN K 691 -38.24 -33.22 -40.47
C ASN K 691 -37.46 -32.62 -39.29
N ILE K 692 -37.12 -31.35 -39.39
CA ILE K 692 -36.21 -30.67 -38.47
C ILE K 692 -36.89 -29.39 -38.01
N ASN K 693 -36.70 -29.02 -36.74
CA ASN K 693 -37.34 -27.83 -36.20
C ASN K 693 -36.74 -26.53 -36.73
N GLU K 694 -36.96 -26.22 -38.01
CA GLU K 694 -36.56 -24.90 -38.50
C GLU K 694 -37.45 -24.49 -39.66
N GLN K 695 -38.12 -23.37 -39.50
CA GLN K 695 -38.73 -22.68 -40.62
C GLN K 695 -37.75 -21.65 -41.17
N LEU K 696 -37.91 -21.29 -42.44
CA LEU K 696 -36.99 -20.33 -43.03
C LEU K 696 -37.68 -19.03 -43.42
N CYS K 697 -38.70 -19.08 -44.28
CA CYS K 697 -39.49 -17.88 -44.56
C CYS K 697 -40.81 -17.92 -43.81
N GLY K 698 -41.66 -18.89 -44.12
CA GLY K 698 -42.72 -19.30 -43.23
C GLY K 698 -42.95 -20.78 -43.38
N GLU K 699 -42.20 -21.39 -44.29
CA GLU K 699 -42.41 -22.78 -44.62
C GLU K 699 -41.55 -23.67 -43.74
N PRO K 700 -42.06 -24.84 -43.35
CA PRO K 700 -41.21 -25.81 -42.67
C PRO K 700 -40.16 -26.38 -43.58
N LEU K 701 -39.16 -27.01 -42.96
CA LEU K 701 -38.00 -27.45 -43.70
C LEU K 701 -38.32 -28.67 -44.57
N VAL K 702 -39.38 -29.41 -44.24
CA VAL K 702 -39.74 -30.53 -45.09
C VAL K 702 -40.52 -30.05 -46.30
N ASN K 703 -41.26 -28.96 -46.14
CA ASN K 703 -41.80 -28.23 -47.28
C ASN K 703 -40.67 -27.76 -48.17
N PHE K 704 -39.53 -27.36 -47.60
CA PHE K 704 -38.39 -27.09 -48.47
C PHE K 704 -37.79 -28.36 -49.06
N ALA K 705 -37.92 -29.49 -48.35
CA ALA K 705 -37.24 -30.72 -48.75
C ALA K 705 -37.93 -31.41 -49.91
N ASN K 706 -39.18 -31.79 -49.70
CA ASN K 706 -39.88 -32.71 -50.58
C ASN K 706 -41.09 -31.97 -51.14
N ALA K 707 -41.22 -31.97 -52.47
CA ALA K 707 -42.31 -31.27 -53.13
C ALA K 707 -43.67 -31.91 -52.89
N LEU K 708 -43.70 -33.09 -52.30
CA LEU K 708 -44.96 -33.71 -51.94
C LEU K 708 -45.55 -33.12 -50.67
N PHE K 709 -44.80 -32.27 -49.95
CA PHE K 709 -45.28 -31.67 -48.71
C PHE K 709 -45.45 -30.16 -48.80
N ASP K 710 -45.74 -29.63 -49.97
CA ASP K 710 -45.70 -28.19 -50.13
C ASP K 710 -47.09 -27.58 -50.17
N GLY K 711 -47.11 -26.26 -50.16
CA GLY K 711 -48.28 -25.47 -50.46
C GLY K 711 -48.43 -25.16 -51.92
N ARG K 712 -47.57 -25.71 -52.76
CA ARG K 712 -47.63 -25.44 -54.19
C ARG K 712 -48.30 -26.54 -54.98
N LEU K 713 -48.02 -27.80 -54.68
CA LEU K 713 -48.54 -28.92 -55.43
C LEU K 713 -49.77 -29.49 -54.75
N PHE K 714 -50.88 -29.60 -55.49
CA PHE K 714 -52.14 -29.98 -54.91
C PHE K 714 -52.68 -31.27 -55.51
N CYS K 715 -53.67 -31.82 -54.81
CA CYS K 715 -54.24 -33.12 -55.13
C CYS K 715 -54.98 -33.04 -56.47
N PRO K 716 -54.84 -34.04 -57.35
CA PRO K 716 -55.49 -33.94 -58.66
C PRO K 716 -57.00 -34.09 -58.64
N PHE K 717 -57.62 -34.32 -57.48
CA PHE K 717 -59.07 -34.35 -57.34
C PHE K 717 -59.40 -33.72 -55.99
N VAL K 718 -59.83 -32.46 -56.01
CA VAL K 718 -60.24 -31.76 -54.81
C VAL K 718 -61.76 -31.65 -54.83
N HIS K 719 -62.33 -31.26 -53.69
CA HIS K 719 -63.78 -31.18 -53.63
C HIS K 719 -64.30 -29.89 -53.00
N THR K 720 -63.54 -29.28 -52.09
CA THR K 720 -63.99 -28.03 -51.48
C THR K 720 -63.10 -26.87 -51.91
N MET K 721 -61.84 -26.88 -51.54
CA MET K 721 -60.83 -25.88 -51.84
C MET K 721 -59.51 -26.45 -51.33
N PRO K 722 -58.42 -26.29 -52.05
CA PRO K 722 -57.10 -26.60 -51.47
C PRO K 722 -56.76 -25.66 -50.32
N ARG K 723 -55.69 -26.03 -49.61
CA ARG K 723 -55.39 -25.39 -48.35
C ARG K 723 -54.89 -23.96 -48.54
N ASN K 724 -53.90 -23.78 -49.41
CA ASN K 724 -53.27 -22.50 -49.75
C ASN K 724 -52.71 -21.80 -48.51
N ASP K 725 -51.71 -22.45 -47.93
CA ASP K 725 -50.89 -21.79 -46.92
C ASP K 725 -50.16 -20.60 -47.55
N THR K 726 -49.72 -20.77 -48.79
CA THR K 726 -49.07 -19.72 -49.54
C THR K 726 -50.09 -18.95 -50.37
N ASN K 727 -49.61 -18.14 -51.30
CA ASN K 727 -50.48 -17.39 -52.20
C ASN K 727 -50.36 -17.97 -53.60
N ALA K 728 -51.09 -19.04 -53.86
CA ALA K 728 -51.24 -19.53 -55.21
C ALA K 728 -52.29 -18.70 -55.93
N LYS K 729 -52.41 -18.90 -57.24
CA LYS K 729 -53.36 -18.14 -58.04
C LYS K 729 -54.26 -19.14 -58.72
N ILE K 730 -55.37 -19.47 -58.07
CA ILE K 730 -56.34 -20.40 -58.62
C ILE K 730 -57.28 -19.65 -59.53
N THR K 731 -57.39 -20.08 -60.78
CA THR K 731 -58.23 -19.41 -61.76
C THR K 731 -59.18 -20.41 -62.43
N ALA K 732 -60.43 -19.97 -62.61
CA ALA K 732 -61.33 -20.52 -63.60
C ALA K 732 -61.65 -19.52 -64.70
N ASP K 733 -61.59 -18.23 -64.36
CA ASP K 733 -61.69 -17.12 -65.28
C ASP K 733 -60.47 -16.24 -65.06
N ASP K 734 -60.48 -15.02 -65.58
CA ASP K 734 -59.37 -14.11 -65.34
C ASP K 734 -59.25 -13.69 -63.88
N THR K 735 -60.31 -13.81 -63.10
CA THR K 735 -60.24 -13.45 -61.68
C THR K 735 -59.57 -14.54 -60.89
N PRO K 736 -58.58 -14.23 -60.05
CA PRO K 736 -58.02 -15.23 -59.16
C PRO K 736 -59.02 -15.59 -58.07
N LEU K 737 -59.07 -16.87 -57.72
CA LEU K 737 -60.07 -17.38 -56.79
C LEU K 737 -59.52 -17.28 -55.38
N THR K 738 -60.04 -16.33 -54.61
CA THR K 738 -59.64 -16.12 -53.22
C THR K 738 -60.82 -16.38 -52.31
N GLN K 739 -60.57 -16.22 -51.00
CA GLN K 739 -61.61 -16.39 -50.00
C GLN K 739 -62.68 -15.30 -50.12
N ASN K 740 -62.29 -14.11 -50.56
CA ASN K 740 -63.25 -13.06 -50.85
C ASN K 740 -64.09 -13.42 -52.07
N THR K 741 -63.46 -13.99 -53.11
CA THR K 741 -64.14 -14.25 -54.37
C THR K 741 -65.12 -15.40 -54.24
N VAL K 742 -64.76 -16.43 -53.50
CA VAL K 742 -65.56 -17.65 -53.46
C VAL K 742 -66.70 -17.51 -52.47
N ARG K 743 -67.93 -17.74 -52.94
CA ARG K 743 -69.08 -17.79 -52.06
C ARG K 743 -69.18 -19.14 -51.37
N VAL K 744 -69.61 -19.11 -50.12
CA VAL K 744 -69.68 -20.30 -49.29
C VAL K 744 -70.91 -21.11 -49.65
N ARG K 745 -70.82 -22.43 -49.50
CA ARG K 745 -71.97 -23.31 -49.66
C ARG K 745 -72.72 -23.45 -48.34
N ASN K 746 -74.03 -23.42 -48.43
CA ASN K 746 -74.91 -23.63 -47.28
C ASN K 746 -75.85 -24.77 -47.62
N TYR K 747 -75.90 -25.77 -46.74
CA TYR K 747 -76.75 -26.92 -46.97
C TYR K 747 -78.06 -26.85 -46.21
N GLU K 748 -78.44 -25.69 -45.71
CA GLU K 748 -79.67 -25.55 -44.96
C GLU K 748 -80.60 -24.47 -45.50
N ILE K 749 -80.10 -23.48 -46.22
CA ILE K 749 -80.98 -22.43 -46.73
C ILE K 749 -81.22 -22.66 -48.22
N SER K 750 -80.22 -23.21 -48.92
CA SER K 750 -80.34 -23.78 -50.27
C SER K 750 -80.87 -22.74 -51.28
N ASP K 751 -80.01 -21.78 -51.61
CA ASP K 751 -80.40 -20.72 -52.54
C ASP K 751 -80.60 -21.23 -53.96
N VAL K 752 -81.27 -20.39 -54.76
CA VAL K 752 -81.48 -20.61 -56.18
C VAL K 752 -80.28 -20.10 -56.99
N GLN K 753 -79.49 -19.20 -56.40
CA GLN K 753 -78.38 -18.58 -57.13
C GLN K 753 -77.26 -19.58 -57.38
N ARG K 754 -76.94 -20.40 -56.38
CA ARG K 754 -75.97 -21.47 -56.58
C ARG K 754 -76.48 -22.51 -57.58
N MET K 755 -77.80 -22.64 -57.70
CA MET K 755 -78.35 -23.51 -58.73
C MET K 755 -78.16 -22.93 -60.12
N ASN K 756 -78.17 -21.60 -60.26
CA ASN K 756 -77.75 -21.01 -61.53
C ASN K 756 -76.25 -21.21 -61.76
N LEU K 757 -75.48 -21.11 -60.70
CA LEU K 757 -74.04 -21.08 -60.82
C LEU K 757 -73.41 -22.47 -60.87
N ILE K 758 -74.21 -23.55 -60.77
CA ILE K 758 -73.64 -24.85 -61.14
C ILE K 758 -73.49 -24.95 -62.65
N ASP K 759 -74.37 -24.28 -63.40
CA ASP K 759 -74.12 -24.18 -64.83
C ASP K 759 -73.06 -23.13 -65.10
N SER K 760 -73.10 -22.01 -64.38
CA SER K 760 -72.08 -20.99 -64.60
C SER K 760 -70.74 -21.41 -63.99
N SER K 761 -69.71 -20.59 -64.21
CA SER K 761 -68.34 -20.92 -63.80
C SER K 761 -67.92 -20.12 -62.57
N VAL K 762 -68.34 -20.59 -61.39
CA VAL K 762 -67.90 -20.04 -60.10
C VAL K 762 -67.60 -21.21 -59.17
N VAL K 763 -66.48 -21.13 -58.46
CA VAL K 763 -66.09 -22.13 -57.46
C VAL K 763 -66.85 -21.86 -56.16
N PHE K 764 -67.26 -22.91 -55.46
CA PHE K 764 -68.00 -22.81 -54.20
C PHE K 764 -67.43 -23.78 -53.18
N THR K 765 -67.33 -23.33 -51.92
CA THR K 765 -66.72 -24.10 -50.83
C THR K 765 -67.68 -24.26 -49.66
N ASP K 766 -67.40 -25.27 -48.83
CA ASP K 766 -68.04 -25.34 -47.51
C ASP K 766 -67.26 -24.54 -46.48
N ASN K 767 -65.97 -24.79 -46.39
CA ASN K 767 -65.10 -24.32 -45.32
C ASN K 767 -63.68 -24.64 -45.77
N ASP K 768 -62.70 -24.36 -44.92
CA ASP K 768 -61.38 -24.95 -45.09
C ASP K 768 -61.38 -26.33 -44.42
N ARG K 769 -62.07 -27.24 -45.10
CA ARG K 769 -62.15 -28.64 -44.68
C ARG K 769 -60.80 -29.35 -44.53
N PRO K 770 -59.87 -29.33 -45.50
CA PRO K 770 -58.73 -30.25 -45.38
C PRO K 770 -57.72 -29.74 -44.36
N SER K 771 -57.39 -30.59 -43.39
CA SER K 771 -56.24 -30.33 -42.55
C SER K 771 -54.96 -30.53 -43.34
N ASN K 772 -53.84 -30.15 -42.72
CA ASN K 772 -52.54 -30.36 -43.35
C ASN K 772 -52.25 -31.84 -43.53
N GLU K 773 -52.64 -32.65 -42.54
CA GLU K 773 -52.45 -34.10 -42.60
C GLU K 773 -53.27 -34.71 -43.73
N ASN K 774 -54.54 -34.32 -43.84
CA ASN K 774 -55.40 -34.88 -44.87
C ASN K 774 -54.98 -34.43 -46.27
N THR K 775 -54.47 -33.20 -46.40
CA THR K 775 -53.95 -32.72 -47.68
C THR K 775 -52.72 -33.52 -48.09
N ILE K 776 -51.81 -33.75 -47.14
CA ILE K 776 -50.63 -34.59 -47.37
C ILE K 776 -51.03 -36.00 -47.82
N LEU K 777 -51.95 -36.63 -47.09
CA LEU K 777 -52.27 -38.02 -47.38
C LEU K 777 -53.07 -38.17 -48.67
N SER K 778 -53.90 -37.18 -49.00
CA SER K 778 -54.61 -37.21 -50.27
C SER K 778 -53.65 -37.02 -51.44
N LYS K 779 -52.66 -36.13 -51.28
CA LYS K 779 -51.56 -36.03 -52.25
C LYS K 779 -50.88 -37.37 -52.44
N ILE K 780 -50.54 -38.04 -51.32
CA ILE K 780 -49.84 -39.32 -51.37
C ILE K 780 -50.66 -40.35 -52.13
N PHE K 781 -51.96 -40.44 -51.82
CA PHE K 781 -52.80 -41.45 -52.46
C PHE K 781 -52.97 -41.16 -53.95
N TYR K 782 -53.62 -40.03 -54.29
CA TYR K 782 -53.93 -39.72 -55.69
C TYR K 782 -52.70 -39.47 -56.54
N PHE K 783 -51.54 -39.36 -55.95
CA PHE K 783 -50.41 -38.84 -56.66
C PHE K 783 -49.23 -39.79 -56.65
N CYS K 784 -49.22 -40.79 -55.78
CA CYS K 784 -48.22 -41.85 -55.81
C CYS K 784 -48.82 -43.24 -55.78
N VAL K 785 -49.91 -43.47 -55.04
CA VAL K 785 -50.35 -44.83 -54.82
C VAL K 785 -51.19 -45.31 -56.00
N LEU K 786 -52.15 -44.51 -56.42
CA LEU K 786 -52.92 -44.83 -57.63
C LEU K 786 -52.11 -44.95 -58.92
N PRO K 787 -51.10 -44.09 -59.24
CA PRO K 787 -50.35 -44.37 -60.47
C PRO K 787 -49.46 -45.58 -60.38
N ALA K 788 -48.88 -45.86 -59.21
CA ALA K 788 -47.96 -46.99 -59.07
C ALA K 788 -48.69 -48.30 -59.20
N LEU K 789 -49.83 -48.42 -58.53
CA LEU K 789 -50.62 -49.64 -58.60
C LEU K 789 -51.43 -49.75 -59.88
N SER K 790 -51.78 -48.63 -60.51
CA SER K 790 -52.65 -48.68 -61.66
C SER K 790 -51.91 -48.79 -62.97
N ASN K 791 -50.66 -48.31 -63.04
CA ASN K 791 -49.86 -48.22 -64.26
C ASN K 791 -50.62 -47.44 -65.33
N ASN K 792 -50.83 -46.16 -65.01
CA ASN K 792 -51.39 -45.14 -65.90
C ASN K 792 -52.82 -45.47 -66.36
N LYS K 793 -53.54 -46.32 -65.64
CA LYS K 793 -54.82 -46.82 -66.12
C LYS K 793 -56.00 -46.19 -65.41
N ALA K 794 -55.91 -44.89 -65.13
CA ALA K 794 -57.05 -44.13 -64.66
C ALA K 794 -57.33 -43.01 -65.65
N CYS K 795 -58.45 -42.31 -65.42
CA CYS K 795 -58.79 -41.17 -66.25
C CYS K 795 -59.70 -40.24 -65.44
N GLY K 796 -59.39 -38.95 -65.44
CA GLY K 796 -60.25 -38.00 -64.74
C GLY K 796 -61.59 -37.87 -65.42
N ALA K 797 -62.59 -37.43 -64.66
CA ALA K 797 -63.93 -37.38 -65.22
C ALA K 797 -64.74 -36.27 -64.63
N GLY K 798 -65.64 -35.73 -65.46
CA GLY K 798 -66.55 -34.70 -65.05
C GLY K 798 -67.99 -35.08 -65.36
N VAL K 799 -68.91 -34.35 -64.72
CA VAL K 799 -70.32 -34.73 -64.69
C VAL K 799 -71.18 -33.47 -64.70
N ASN K 800 -72.17 -33.44 -65.61
CA ASN K 800 -73.28 -32.49 -65.51
C ASN K 800 -74.23 -33.02 -64.46
N VAL K 801 -74.10 -32.52 -63.24
CA VAL K 801 -74.91 -33.05 -62.15
C VAL K 801 -76.37 -32.64 -62.29
N LYS K 802 -76.64 -31.51 -62.93
CA LYS K 802 -78.02 -31.05 -63.13
C LYS K 802 -78.78 -32.01 -64.04
N GLU K 803 -78.28 -32.19 -65.27
CA GLU K 803 -78.90 -33.11 -66.21
C GLU K 803 -78.88 -34.54 -65.70
N LEU K 804 -77.84 -34.88 -64.93
CA LEU K 804 -77.75 -36.20 -64.31
C LEU K 804 -78.90 -36.47 -63.36
N VAL K 805 -79.10 -35.60 -62.37
CA VAL K 805 -80.11 -35.88 -61.36
C VAL K 805 -81.52 -35.71 -61.93
N LEU K 806 -81.68 -34.81 -62.90
CA LEU K 806 -83.00 -34.65 -63.51
C LEU K 806 -83.31 -35.75 -64.51
N ASP K 807 -82.32 -36.53 -64.93
CA ASP K 807 -82.64 -37.77 -65.61
C ASP K 807 -82.86 -38.92 -64.62
N LEU K 808 -82.07 -38.96 -63.54
CA LEU K 808 -82.12 -40.06 -62.59
C LEU K 808 -83.46 -40.13 -61.87
N PHE K 809 -84.02 -38.98 -61.54
CA PHE K 809 -85.27 -39.00 -60.79
C PHE K 809 -86.05 -37.75 -61.18
N TYR K 810 -87.00 -37.36 -60.34
CA TYR K 810 -87.91 -36.22 -60.39
C TYR K 810 -89.08 -36.49 -61.35
N THR K 811 -89.11 -37.63 -62.04
CA THR K 811 -90.25 -37.79 -62.95
C THR K 811 -91.49 -38.33 -62.25
N GLU K 812 -91.54 -39.64 -61.98
CA GLU K 812 -92.77 -40.13 -61.37
C GLU K 812 -92.74 -40.24 -59.83
N PRO K 813 -91.82 -41.01 -59.18
CA PRO K 813 -92.11 -41.43 -57.80
C PRO K 813 -91.80 -40.36 -56.76
N PHE K 814 -90.83 -39.51 -57.06
CA PHE K 814 -90.32 -38.52 -56.14
C PHE K 814 -91.06 -37.20 -56.23
N ILE K 815 -92.13 -37.15 -57.03
CA ILE K 815 -93.10 -36.07 -56.96
C ILE K 815 -94.28 -36.47 -56.07
N CYS K 816 -94.55 -37.76 -55.98
CA CYS K 816 -95.71 -38.31 -55.28
C CYS K 816 -95.69 -37.95 -53.79
N PRO K 817 -96.86 -37.87 -53.14
CA PRO K 817 -96.90 -37.57 -51.71
C PRO K 817 -96.35 -38.69 -50.83
N ASP K 818 -96.45 -38.53 -49.51
CA ASP K 818 -95.83 -39.47 -48.59
C ASP K 818 -96.49 -40.84 -48.62
N ASP K 819 -97.82 -40.87 -48.72
CA ASP K 819 -98.56 -42.14 -48.75
C ASP K 819 -98.26 -42.90 -50.03
N CYS K 820 -98.19 -42.20 -51.16
CA CYS K 820 -97.86 -42.87 -52.41
C CYS K 820 -96.40 -43.27 -52.45
N PHE K 821 -95.52 -42.49 -51.83
CA PHE K 821 -94.09 -42.74 -51.96
C PHE K 821 -93.61 -43.86 -51.04
N GLN K 822 -94.18 -43.96 -49.84
CA GLN K 822 -93.73 -44.95 -48.87
C GLN K 822 -94.02 -46.38 -49.33
N GLU K 823 -95.01 -46.56 -50.19
CA GLU K 823 -95.26 -47.85 -50.83
C GLU K 823 -94.80 -47.90 -52.28
N ASN K 824 -94.50 -46.76 -52.88
CA ASN K 824 -94.38 -46.65 -54.34
C ASN K 824 -93.07 -47.27 -54.82
N PRO K 825 -93.12 -48.13 -55.82
CA PRO K 825 -91.90 -48.52 -56.52
C PRO K 825 -91.44 -47.43 -57.48
N ILE K 826 -90.38 -47.73 -58.21
CA ILE K 826 -89.79 -46.82 -59.17
C ILE K 826 -90.64 -46.87 -60.44
N SER K 827 -90.40 -45.94 -61.36
CA SER K 827 -91.05 -45.88 -62.67
C SER K 827 -90.63 -46.98 -63.62
N SER K 828 -89.79 -47.92 -63.18
CA SER K 828 -89.18 -48.99 -63.98
C SER K 828 -88.44 -48.41 -65.18
N ASP K 829 -87.60 -47.41 -64.90
CA ASP K 829 -87.02 -46.63 -65.97
C ASP K 829 -85.87 -47.39 -66.64
N VAL K 830 -85.46 -46.87 -67.79
CA VAL K 830 -84.47 -47.53 -68.62
C VAL K 830 -83.09 -47.47 -67.95
N LEU K 831 -82.80 -46.40 -67.22
CA LEU K 831 -81.46 -46.17 -66.70
C LEU K 831 -81.30 -46.65 -65.26
N MET K 832 -82.06 -46.07 -64.33
CA MET K 832 -81.66 -46.05 -62.93
C MET K 832 -81.95 -47.37 -62.22
N SER K 833 -83.08 -48.01 -62.54
CA SER K 833 -83.34 -49.35 -62.00
C SER K 833 -82.39 -50.38 -62.60
N LEU K 834 -81.90 -50.13 -63.81
CA LEU K 834 -80.89 -51.01 -64.38
C LEU K 834 -79.51 -50.78 -63.77
N ILE K 835 -79.22 -49.55 -63.32
CA ILE K 835 -78.03 -49.31 -62.52
C ILE K 835 -78.09 -50.09 -61.22
N ARG K 836 -79.26 -50.09 -60.59
CA ARG K 836 -79.39 -50.84 -59.34
C ARG K 836 -79.37 -52.35 -59.56
N GLU K 837 -79.88 -52.83 -60.71
CA GLU K 837 -79.71 -54.23 -61.05
C GLU K 837 -78.25 -54.56 -61.34
N ALA K 838 -77.49 -53.61 -61.89
CA ALA K 838 -76.06 -53.82 -62.09
C ALA K 838 -75.31 -53.89 -60.78
N MET K 839 -75.72 -53.12 -59.78
CA MET K 839 -75.02 -53.24 -58.51
C MET K 839 -75.46 -54.48 -57.74
N GLY K 840 -76.66 -54.99 -58.00
CA GLY K 840 -77.09 -56.21 -57.37
C GLY K 840 -78.11 -56.97 -58.18
N PRO K 841 -77.82 -58.25 -58.47
CA PRO K 841 -78.80 -59.09 -59.17
C PRO K 841 -79.74 -59.81 -58.22
N GLY K 842 -81.04 -59.70 -58.46
CA GLY K 842 -82.02 -60.38 -57.65
C GLY K 842 -82.22 -59.72 -56.30
N TYR K 843 -82.73 -60.53 -55.36
CA TYR K 843 -82.98 -60.22 -53.94
C TYR K 843 -83.82 -58.96 -53.70
N THR K 844 -84.51 -58.46 -54.71
CA THR K 844 -85.27 -57.22 -54.61
C THR K 844 -86.62 -57.42 -55.29
N VAL K 845 -87.69 -57.03 -54.60
CA VAL K 845 -89.02 -57.25 -55.13
C VAL K 845 -89.35 -56.25 -56.22
N ALA K 846 -89.38 -54.96 -55.86
CA ALA K 846 -89.72 -53.91 -56.81
C ALA K 846 -88.53 -53.41 -57.60
N ASN K 847 -87.37 -54.07 -57.44
CA ASN K 847 -85.99 -53.76 -57.81
C ASN K 847 -85.41 -52.67 -56.91
N THR K 848 -86.22 -51.99 -56.11
CA THR K 848 -85.86 -50.77 -55.40
C THR K 848 -86.28 -50.88 -53.94
N SER K 849 -85.88 -51.97 -53.30
CA SER K 849 -86.23 -52.15 -51.90
C SER K 849 -85.42 -51.17 -51.06
N SER K 850 -86.00 -49.99 -50.82
CA SER K 850 -85.55 -48.91 -49.92
C SER K 850 -84.33 -48.13 -50.42
N ILE K 851 -83.70 -48.57 -51.50
CA ILE K 851 -82.44 -47.95 -51.90
C ILE K 851 -82.69 -46.62 -52.63
N ALA K 852 -83.83 -46.50 -53.31
CA ALA K 852 -84.20 -45.21 -53.88
C ALA K 852 -84.51 -44.20 -52.79
N LYS K 853 -85.13 -44.67 -51.69
CA LYS K 853 -85.38 -43.80 -50.55
C LYS K 853 -84.07 -43.34 -49.92
N GLN K 854 -83.09 -44.24 -49.83
CA GLN K 854 -81.80 -43.86 -49.27
C GLN K 854 -81.04 -42.89 -50.17
N LEU K 855 -81.11 -43.08 -51.49
CA LEU K 855 -80.46 -42.16 -52.41
C LEU K 855 -81.12 -40.78 -52.38
N PHE K 856 -82.45 -40.75 -52.26
CA PHE K 856 -83.15 -39.47 -52.21
C PHE K 856 -82.88 -38.75 -50.91
N LYS K 857 -82.72 -39.48 -49.80
CA LYS K 857 -82.32 -38.82 -48.56
C LYS K 857 -80.86 -38.39 -48.60
N SER K 858 -80.03 -39.06 -49.40
CA SER K 858 -78.61 -38.71 -49.45
C SER K 858 -78.33 -37.51 -50.33
N LEU K 859 -79.19 -37.20 -51.29
CA LEU K 859 -78.87 -36.10 -52.20
C LEU K 859 -79.08 -34.71 -51.60
N ILE K 860 -79.23 -34.56 -50.29
CA ILE K 860 -79.27 -33.23 -49.68
C ILE K 860 -77.90 -32.55 -49.69
N TYR K 861 -76.83 -33.25 -50.04
CA TYR K 861 -75.51 -32.68 -50.20
C TYR K 861 -75.09 -32.90 -51.65
N ILE K 862 -75.48 -31.97 -52.52
CA ILE K 862 -75.02 -32.02 -53.92
C ILE K 862 -73.93 -31.00 -54.12
N ASN K 863 -73.26 -31.07 -55.26
CA ASN K 863 -72.16 -30.15 -55.55
C ASN K 863 -72.36 -29.46 -56.90
N GLU K 864 -71.32 -28.79 -57.36
CA GLU K 864 -71.31 -28.06 -58.61
C GLU K 864 -71.22 -28.99 -59.80
N ASN K 865 -71.15 -28.41 -61.00
CA ASN K 865 -70.58 -29.14 -62.12
C ASN K 865 -69.07 -29.18 -61.97
N THR K 866 -68.44 -30.03 -62.76
CA THR K 866 -67.00 -30.21 -62.69
C THR K 866 -66.28 -29.10 -63.43
N LYS K 867 -65.26 -28.52 -62.79
CA LYS K 867 -64.55 -27.37 -63.34
C LYS K 867 -63.06 -27.63 -63.35
N ILE K 868 -62.41 -27.32 -64.47
CA ILE K 868 -60.96 -27.18 -64.50
C ILE K 868 -60.58 -25.95 -63.70
N LEU K 869 -59.46 -26.02 -62.97
CA LEU K 869 -58.86 -24.84 -62.38
C LEU K 869 -57.38 -24.82 -62.74
N GLU K 870 -56.88 -23.66 -63.14
CA GLU K 870 -55.45 -23.49 -63.24
C GLU K 870 -54.91 -23.01 -61.90
N VAL K 871 -53.68 -23.40 -61.59
CA VAL K 871 -52.96 -22.83 -60.47
C VAL K 871 -51.69 -22.21 -61.03
N GLU K 872 -51.69 -20.89 -61.10
CA GLU K 872 -50.46 -20.13 -61.37
C GLU K 872 -49.78 -19.90 -60.03
N VAL K 873 -48.67 -20.59 -59.81
CA VAL K 873 -47.87 -20.43 -58.60
C VAL K 873 -46.42 -20.62 -59.02
N SER K 874 -45.51 -19.96 -58.34
CA SER K 874 -44.12 -20.23 -58.62
C SER K 874 -43.53 -21.03 -57.47
N LEU K 875 -42.22 -21.23 -57.50
CA LEU K 875 -41.57 -22.28 -56.74
C LEU K 875 -41.39 -21.86 -55.27
N ASP K 876 -40.60 -22.63 -54.53
CA ASP K 876 -40.05 -22.13 -53.29
C ASP K 876 -39.04 -21.02 -53.59
N PRO K 877 -38.80 -20.10 -52.63
CA PRO K 877 -37.93 -18.96 -52.93
C PRO K 877 -36.47 -19.33 -53.22
N ALA K 878 -35.99 -20.45 -52.66
CA ALA K 878 -34.61 -20.86 -52.84
C ALA K 878 -34.33 -21.32 -54.26
N GLN K 879 -35.35 -21.81 -54.98
CA GLN K 879 -35.21 -22.02 -56.41
C GLN K 879 -35.67 -20.82 -57.21
N ARG K 880 -36.51 -19.98 -56.62
CA ARG K 880 -37.00 -18.78 -57.30
C ARG K 880 -35.89 -17.78 -57.59
N HIS K 881 -34.82 -17.80 -56.78
CA HIS K 881 -33.77 -16.77 -56.86
C HIS K 881 -33.10 -16.66 -58.23
N GLY K 882 -32.43 -17.72 -58.68
CA GLY K 882 -31.52 -17.58 -59.79
C GLY K 882 -32.13 -17.53 -61.18
N ASN K 883 -32.70 -16.38 -61.54
CA ASN K 883 -33.41 -16.14 -62.81
C ASN K 883 -34.53 -17.15 -63.01
N SER K 884 -35.22 -17.43 -61.92
CA SER K 884 -36.48 -18.16 -61.96
C SER K 884 -37.57 -17.37 -61.25
N VAL K 885 -37.37 -16.05 -61.16
CA VAL K 885 -38.32 -15.18 -60.45
C VAL K 885 -39.64 -15.14 -61.20
N HIS K 886 -39.58 -15.08 -62.54
CA HIS K 886 -40.78 -15.14 -63.37
C HIS K 886 -40.86 -16.54 -63.98
N PHE K 887 -41.39 -17.48 -63.20
CA PHE K 887 -41.57 -18.82 -63.73
C PHE K 887 -43.04 -19.22 -63.86
N GLN K 888 -43.80 -19.17 -62.77
CA GLN K 888 -45.24 -19.47 -62.75
C GLN K 888 -45.53 -20.89 -63.26
N SER K 889 -45.18 -21.87 -62.41
CA SER K 889 -45.58 -23.25 -62.62
C SER K 889 -47.09 -23.34 -62.82
N LEU K 890 -47.50 -24.10 -63.82
CA LEU K 890 -48.91 -24.18 -64.21
C LEU K 890 -49.47 -25.52 -63.75
N GLN K 891 -50.48 -25.47 -62.90
CA GLN K 891 -51.07 -26.68 -62.33
C GLN K 891 -52.55 -26.72 -62.63
N HIS K 892 -52.93 -27.61 -63.54
CA HIS K 892 -54.32 -27.91 -63.79
C HIS K 892 -54.78 -28.93 -62.78
N ILE K 893 -55.99 -28.73 -62.28
CA ILE K 893 -56.54 -29.51 -61.18
C ILE K 893 -58.03 -29.69 -61.45
N LEU K 894 -58.56 -30.87 -61.18
CA LEU K 894 -59.92 -31.19 -61.58
C LEU K 894 -60.82 -30.98 -60.37
N TYR K 895 -61.31 -29.75 -60.23
CA TYR K 895 -62.23 -29.43 -59.15
C TYR K 895 -63.57 -30.08 -59.38
N ASN K 896 -64.07 -30.76 -58.35
CA ASN K 896 -65.35 -31.47 -58.35
C ASN K 896 -65.42 -32.51 -59.47
N GLY K 897 -64.28 -33.14 -59.77
CA GLY K 897 -64.23 -34.26 -60.67
C GLY K 897 -64.15 -35.56 -59.91
N LEU K 898 -63.88 -36.63 -60.64
CA LEU K 898 -63.65 -37.90 -59.97
C LEU K 898 -62.71 -38.75 -60.81
N CYS K 899 -61.96 -39.60 -60.13
CA CYS K 899 -61.14 -40.58 -60.81
C CYS K 899 -62.01 -41.60 -61.52
N LEU K 900 -61.46 -42.19 -62.57
CA LEU K 900 -62.20 -43.12 -63.39
C LEU K 900 -61.28 -44.30 -63.66
N ILE K 901 -61.89 -45.48 -63.72
CA ILE K 901 -61.14 -46.73 -63.73
C ILE K 901 -61.58 -47.69 -64.83
N SER K 902 -62.76 -47.52 -65.44
CA SER K 902 -63.38 -48.55 -66.25
C SER K 902 -64.39 -47.91 -67.18
N PRO K 903 -64.53 -48.41 -68.44
CA PRO K 903 -65.44 -47.78 -69.42
C PRO K 903 -66.89 -47.68 -68.99
N ILE K 904 -67.35 -46.45 -68.82
CA ILE K 904 -68.73 -46.14 -68.45
C ILE K 904 -69.61 -46.22 -69.70
N THR K 905 -70.70 -46.97 -69.61
CA THR K 905 -71.56 -47.29 -70.74
C THR K 905 -72.97 -46.75 -70.59
N THR K 906 -73.56 -46.86 -69.41
CA THR K 906 -74.92 -46.38 -69.20
C THR K 906 -74.99 -44.87 -69.20
N LEU K 907 -74.02 -44.21 -68.58
CA LEU K 907 -74.02 -42.76 -68.43
C LEU K 907 -73.04 -42.10 -69.39
N ARG K 908 -72.96 -42.59 -70.64
CA ARG K 908 -72.11 -41.97 -71.65
C ARG K 908 -72.60 -40.58 -72.02
N ARG K 909 -73.88 -40.30 -71.81
CA ARG K 909 -74.43 -38.98 -72.08
C ARG K 909 -73.94 -37.96 -71.07
N TYR K 910 -73.59 -38.39 -69.85
CA TYR K 910 -73.47 -37.49 -68.72
C TYR K 910 -72.06 -37.37 -68.16
N TYR K 911 -71.14 -38.25 -68.52
CA TYR K 911 -69.79 -38.24 -67.96
C TYR K 911 -68.79 -37.97 -69.08
N GLN K 912 -68.02 -36.91 -68.93
CA GLN K 912 -66.97 -36.61 -69.87
C GLN K 912 -65.64 -37.04 -69.32
N PRO K 913 -64.86 -37.84 -70.04
CA PRO K 913 -63.47 -38.07 -69.65
C PRO K 913 -62.65 -36.81 -69.86
N ILE K 914 -61.92 -36.42 -68.82
CA ILE K 914 -61.06 -35.23 -68.85
C ILE K 914 -59.62 -35.71 -68.70
N PRO K 915 -58.88 -35.92 -69.77
CA PRO K 915 -57.45 -36.19 -69.63
C PRO K 915 -56.66 -34.90 -69.45
N PHE K 916 -56.14 -34.70 -68.24
CA PHE K 916 -55.54 -33.43 -67.90
C PHE K 916 -54.11 -33.56 -67.40
N HIS K 917 -53.81 -34.63 -66.69
CA HIS K 917 -52.52 -34.76 -66.05
C HIS K 917 -51.66 -35.75 -66.84
N ARG K 918 -50.38 -35.81 -66.46
CA ARG K 918 -49.50 -36.89 -66.92
C ARG K 918 -50.10 -38.25 -66.63
N PHE K 919 -50.59 -38.44 -65.41
CA PHE K 919 -51.38 -39.61 -65.07
C PHE K 919 -52.85 -39.29 -65.30
N PHE K 920 -53.73 -40.23 -64.92
CA PHE K 920 -55.18 -40.13 -65.06
C PHE K 920 -55.56 -39.87 -66.51
N SER K 921 -54.88 -40.57 -67.41
CA SER K 921 -54.92 -40.28 -68.82
C SER K 921 -54.85 -41.57 -69.62
N ASP K 922 -55.79 -42.49 -69.43
CA ASP K 922 -55.74 -43.76 -70.14
C ASP K 922 -56.49 -43.66 -71.47
N PRO K 923 -55.82 -43.88 -72.61
CA PRO K 923 -56.54 -43.85 -73.90
C PRO K 923 -57.48 -45.02 -74.09
N GLY K 924 -57.08 -46.21 -73.64
CA GLY K 924 -57.93 -47.38 -73.75
C GLY K 924 -59.18 -47.32 -72.89
N ILE K 925 -59.25 -46.40 -71.94
CA ILE K 925 -60.46 -46.05 -71.23
C ILE K 925 -61.20 -44.91 -71.93
N CYS K 926 -60.47 -43.90 -72.40
CA CYS K 926 -61.09 -42.67 -72.85
C CYS K 926 -61.77 -42.82 -74.21
N GLY K 927 -61.16 -43.58 -75.12
CA GLY K 927 -61.75 -43.86 -76.42
C GLY K 927 -62.96 -44.77 -76.38
N THR K 928 -63.28 -45.34 -75.23
CA THR K 928 -64.52 -46.07 -75.06
C THR K 928 -65.66 -45.17 -74.66
N MET K 929 -65.40 -44.12 -73.89
CA MET K 929 -66.46 -43.15 -73.60
C MET K 929 -66.71 -42.27 -74.81
N ASN K 930 -65.66 -41.76 -75.45
CA ASN K 930 -65.85 -40.88 -76.60
C ASN K 930 -65.32 -41.57 -77.85
N ALA K 931 -66.10 -41.51 -78.92
CA ALA K 931 -65.65 -42.05 -80.19
C ALA K 931 -64.67 -41.13 -80.90
N ASP K 932 -64.58 -39.86 -80.48
CA ASP K 932 -63.63 -38.94 -81.10
C ASP K 932 -62.19 -39.32 -80.77
N ILE K 933 -61.94 -39.72 -79.52
CA ILE K 933 -60.64 -40.28 -79.16
C ILE K 933 -60.44 -41.63 -79.83
N GLN K 934 -61.53 -42.38 -80.02
CA GLN K 934 -61.42 -43.70 -80.65
C GLN K 934 -60.97 -43.58 -82.09
N VAL K 935 -61.60 -42.70 -82.87
CA VAL K 935 -61.13 -42.47 -84.23
C VAL K 935 -59.82 -41.69 -84.25
N PHE K 936 -59.48 -41.00 -83.16
CA PHE K 936 -58.14 -40.45 -83.02
C PHE K 936 -57.13 -41.57 -82.86
N LEU K 937 -57.47 -42.57 -82.03
CA LEU K 937 -56.59 -43.72 -81.87
C LEU K 937 -56.67 -44.66 -83.07
N ASN K 938 -57.82 -44.69 -83.77
CA ASN K 938 -57.95 -45.58 -84.92
C ASN K 938 -57.07 -45.14 -86.08
N THR K 939 -56.83 -43.85 -86.22
CA THR K 939 -55.97 -43.36 -87.28
C THR K 939 -54.51 -43.29 -86.88
N PHE K 940 -54.22 -43.27 -85.59
CA PHE K 940 -52.85 -43.15 -85.08
C PHE K 940 -52.70 -44.07 -83.88
N PRO K 941 -52.39 -45.35 -84.11
CA PRO K 941 -52.49 -46.33 -83.03
C PRO K 941 -51.38 -46.26 -82.00
N HIS K 942 -50.31 -45.54 -82.26
CA HIS K 942 -49.20 -45.48 -81.31
C HIS K 942 -49.38 -44.40 -80.26
N TYR K 943 -50.58 -43.82 -80.16
CA TYR K 943 -50.94 -43.02 -79.01
C TYR K 943 -51.90 -43.75 -78.08
N GLN K 944 -52.10 -45.04 -78.31
CA GLN K 944 -52.82 -45.91 -77.38
C GLN K 944 -51.98 -46.26 -76.16
N ARG K 945 -50.68 -45.95 -76.19
CA ARG K 945 -49.75 -46.40 -75.17
C ARG K 945 -49.97 -45.67 -73.86
N ASN K 946 -49.89 -46.41 -72.75
CA ASN K 946 -49.98 -45.85 -71.41
C ASN K 946 -48.67 -45.28 -70.91
N ASP K 947 -47.56 -45.52 -71.60
CA ASP K 947 -46.26 -45.29 -70.98
C ASP K 947 -45.91 -43.81 -70.93
N GLY K 948 -45.74 -43.19 -72.09
CA GLY K 948 -45.30 -41.83 -72.19
C GLY K 948 -46.44 -40.86 -72.36
N GLY K 949 -46.14 -39.74 -73.00
CA GLY K 949 -47.16 -38.75 -73.26
C GLY K 949 -47.69 -38.74 -74.66
N PHE K 950 -48.83 -39.40 -74.84
CA PHE K 950 -49.72 -39.11 -75.94
C PHE K 950 -50.40 -37.78 -75.63
N PRO K 951 -50.88 -37.04 -76.63
CA PRO K 951 -51.22 -35.63 -76.39
C PRO K 951 -52.46 -35.46 -75.54
N LEU K 952 -52.33 -34.58 -74.55
CA LEU K 952 -53.44 -33.95 -73.88
C LEU K 952 -53.95 -32.82 -74.78
N PRO K 953 -55.05 -32.16 -74.42
CA PRO K 953 -55.39 -30.92 -75.11
C PRO K 953 -54.29 -29.88 -74.95
N PRO K 954 -53.98 -29.15 -76.01
CA PRO K 954 -52.82 -28.21 -76.02
C PRO K 954 -52.85 -27.13 -74.95
N PRO K 955 -54.00 -26.69 -74.41
CA PRO K 955 -53.91 -25.95 -73.14
C PRO K 955 -53.42 -26.77 -71.96
N LEU K 956 -53.68 -28.08 -71.93
CA LEU K 956 -53.28 -28.86 -70.76
C LEU K 956 -51.87 -29.43 -70.89
N ALA K 957 -51.43 -29.68 -72.12
CA ALA K 957 -50.14 -30.31 -72.40
C ALA K 957 -49.05 -29.23 -72.35
N LEU K 958 -48.68 -28.86 -71.14
CA LEU K 958 -47.59 -27.93 -70.88
C LEU K 958 -46.59 -28.67 -70.01
N GLU K 959 -45.73 -29.46 -70.66
CA GLU K 959 -44.87 -30.39 -69.93
C GLU K 959 -43.82 -29.67 -69.12
N PHE K 960 -43.20 -28.64 -69.69
CA PHE K 960 -42.16 -27.92 -68.97
C PHE K 960 -42.74 -27.04 -67.86
N TYR K 961 -44.03 -26.73 -67.91
CA TYR K 961 -44.61 -25.86 -66.91
C TYR K 961 -45.37 -26.60 -65.84
N ASN K 962 -45.37 -27.94 -65.86
CA ASN K 962 -45.90 -28.72 -64.75
C ASN K 962 -44.86 -28.80 -63.63
N TRP K 963 -45.11 -29.68 -62.68
CA TRP K 963 -44.06 -30.22 -61.83
C TRP K 963 -43.62 -31.60 -62.31
N GLN K 964 -44.54 -32.36 -62.88
CA GLN K 964 -44.35 -33.79 -63.16
C GLN K 964 -44.19 -34.00 -64.66
N ARG K 965 -43.03 -34.46 -65.06
CA ARG K 965 -42.71 -34.59 -66.46
C ARG K 965 -42.88 -36.04 -66.89
N THR K 966 -42.38 -36.33 -68.10
CA THR K 966 -42.33 -37.67 -68.68
C THR K 966 -41.81 -38.81 -67.80
N PRO K 967 -40.67 -38.70 -67.07
CA PRO K 967 -40.11 -39.92 -66.44
C PRO K 967 -40.92 -40.49 -65.29
N PHE K 968 -41.80 -39.70 -64.65
CA PHE K 968 -42.71 -40.28 -63.66
C PHE K 968 -43.65 -41.28 -64.31
N SER K 969 -44.22 -40.93 -65.46
CA SER K 969 -45.08 -41.86 -66.16
C SER K 969 -44.30 -43.00 -66.78
N VAL K 970 -43.06 -42.75 -67.22
CA VAL K 970 -42.27 -43.83 -67.81
C VAL K 970 -41.89 -44.85 -66.76
N TYR K 971 -41.60 -44.40 -65.53
CA TYR K 971 -41.38 -45.35 -64.46
C TYR K 971 -42.66 -46.08 -64.07
N SER K 972 -43.76 -45.34 -63.91
CA SER K 972 -44.99 -45.94 -63.45
C SER K 972 -45.67 -46.80 -64.50
N ALA K 973 -45.20 -46.73 -65.74
CA ALA K 973 -45.67 -47.64 -66.78
C ALA K 973 -45.32 -49.08 -66.46
N PHE K 974 -44.11 -49.33 -65.96
CA PHE K 974 -43.67 -50.71 -65.79
C PHE K 974 -43.14 -50.96 -64.39
N CYS K 975 -43.51 -50.14 -63.42
CA CYS K 975 -43.15 -50.44 -62.05
C CYS K 975 -43.95 -51.66 -61.55
N PRO K 976 -43.34 -52.51 -60.74
CA PRO K 976 -44.10 -53.58 -60.10
C PRO K 976 -44.95 -53.02 -58.96
N ASN K 977 -46.00 -53.75 -58.64
CA ASN K 977 -47.00 -53.29 -57.68
C ASN K 977 -46.76 -53.82 -56.28
N SER K 978 -45.60 -53.56 -55.68
CA SER K 978 -45.24 -54.26 -54.45
C SER K 978 -44.54 -53.32 -53.46
N LEU K 979 -45.09 -52.11 -53.29
CA LEU K 979 -44.76 -51.09 -52.29
C LEU K 979 -43.41 -50.42 -52.51
N LEU K 980 -42.53 -51.04 -53.30
CA LEU K 980 -41.29 -50.39 -53.68
C LEU K 980 -41.56 -49.28 -54.67
N SER K 981 -42.56 -49.46 -55.53
CA SER K 981 -42.92 -48.42 -56.47
C SER K 981 -43.55 -47.22 -55.78
N ILE K 982 -44.38 -47.48 -54.77
CA ILE K 982 -45.02 -46.39 -54.04
C ILE K 982 -43.98 -45.59 -53.26
N MET K 983 -43.11 -46.30 -52.52
CA MET K 983 -42.05 -45.63 -51.80
C MET K 983 -41.07 -44.93 -52.74
N THR K 984 -40.89 -45.44 -53.96
CA THR K 984 -39.93 -44.77 -54.83
C THR K 984 -40.53 -43.63 -55.62
N LEU K 985 -41.85 -43.58 -55.79
CA LEU K 985 -42.45 -42.35 -56.32
C LEU K 985 -42.38 -41.26 -55.26
N ALA K 986 -42.66 -41.61 -54.01
CA ALA K 986 -42.44 -40.67 -52.93
C ALA K 986 -40.96 -40.30 -52.76
N ALA K 987 -40.05 -41.16 -53.21
CA ALA K 987 -38.64 -40.80 -53.25
C ALA K 987 -38.35 -39.82 -54.37
N MET K 988 -38.84 -40.10 -55.58
CA MET K 988 -38.59 -39.29 -56.76
C MET K 988 -39.21 -37.90 -56.66
N HIS K 989 -40.19 -37.69 -55.79
CA HIS K 989 -40.67 -36.32 -55.70
C HIS K 989 -39.84 -35.40 -54.81
N SER K 990 -38.66 -35.82 -54.34
CA SER K 990 -37.81 -34.95 -53.53
C SER K 990 -37.15 -33.89 -54.41
N LYS K 991 -36.91 -32.72 -53.84
CA LYS K 991 -36.63 -31.53 -54.65
C LYS K 991 -35.14 -31.39 -54.93
N LEU K 992 -34.84 -30.45 -55.83
CA LEU K 992 -33.46 -30.11 -56.20
C LEU K 992 -33.10 -28.69 -55.76
N SER K 993 -33.68 -28.25 -54.68
CA SER K 993 -33.29 -26.95 -54.16
C SER K 993 -31.99 -27.11 -53.38
N PRO K 994 -31.17 -26.04 -53.26
CA PRO K 994 -29.96 -26.14 -52.44
C PRO K 994 -30.24 -26.40 -50.98
N VAL K 995 -31.38 -25.95 -50.47
CA VAL K 995 -31.78 -26.31 -49.11
C VAL K 995 -32.06 -27.81 -49.02
N ALA K 996 -32.59 -28.41 -50.09
CA ALA K 996 -32.85 -29.83 -50.08
C ALA K 996 -31.57 -30.63 -50.16
N ILE K 997 -30.61 -30.17 -50.97
CA ILE K 997 -29.29 -30.82 -51.03
C ILE K 997 -28.60 -30.74 -49.67
N ALA K 998 -28.72 -29.58 -49.00
CA ALA K 998 -28.10 -29.40 -47.69
C ALA K 998 -28.67 -30.37 -46.66
N ILE K 999 -30.00 -30.48 -46.60
CA ILE K 999 -30.52 -31.34 -45.54
C ILE K 999 -30.52 -32.82 -45.91
N GLN K 1000 -30.49 -33.17 -47.19
CA GLN K 1000 -30.29 -34.57 -47.55
C GLN K 1000 -28.85 -35.01 -47.26
N SER K 1001 -27.88 -34.10 -47.46
CA SER K 1001 -26.52 -34.41 -47.04
C SER K 1001 -26.39 -34.48 -45.53
N LYS K 1002 -27.21 -33.71 -44.80
CA LYS K 1002 -27.27 -33.88 -43.35
C LYS K 1002 -27.83 -35.24 -42.98
N SER K 1003 -28.83 -35.73 -43.72
CA SER K 1003 -29.48 -36.98 -43.39
C SER K 1003 -28.85 -38.19 -44.08
N LYS K 1004 -27.72 -38.00 -44.77
CA LYS K 1004 -26.98 -39.06 -45.48
C LYS K 1004 -27.85 -39.78 -46.51
N ILE K 1005 -28.66 -39.02 -47.23
CA ILE K 1005 -29.46 -39.55 -48.31
C ILE K 1005 -28.81 -39.10 -49.61
N HIS K 1006 -28.42 -40.06 -50.43
CA HIS K 1006 -27.65 -39.80 -51.63
C HIS K 1006 -28.47 -39.07 -52.67
N PRO K 1007 -28.16 -37.83 -53.02
CA PRO K 1007 -28.92 -37.13 -54.05
C PRO K 1007 -28.50 -37.64 -55.42
N GLY K 1008 -29.24 -37.22 -56.44
CA GLY K 1008 -28.96 -37.66 -57.79
C GLY K 1008 -27.77 -36.96 -58.41
N PHE K 1009 -26.60 -37.14 -57.82
CA PHE K 1009 -25.40 -36.51 -58.33
C PHE K 1009 -24.22 -37.43 -58.11
N ALA K 1010 -23.13 -37.09 -58.79
CA ALA K 1010 -21.82 -37.56 -58.46
C ALA K 1010 -20.85 -36.45 -58.82
N ALA K 1011 -19.57 -36.68 -58.55
CA ALA K 1011 -18.64 -35.58 -58.69
C ALA K 1011 -17.24 -36.10 -58.95
N THR K 1012 -16.52 -35.40 -59.83
CA THR K 1012 -15.10 -35.67 -60.06
C THR K 1012 -14.33 -34.56 -59.36
N LEU K 1013 -13.98 -34.81 -58.10
CA LEU K 1013 -13.09 -33.89 -57.40
C LEU K 1013 -11.71 -33.93 -58.03
N VAL K 1014 -11.17 -32.75 -58.33
CA VAL K 1014 -9.81 -32.66 -58.82
C VAL K 1014 -8.97 -31.92 -57.79
N ARG K 1015 -7.67 -32.21 -57.82
CA ARG K 1015 -6.72 -31.68 -56.85
C ARG K 1015 -5.34 -31.71 -57.46
N THR K 1016 -4.57 -30.64 -57.26
CA THR K 1016 -3.17 -30.67 -57.63
C THR K 1016 -2.30 -30.73 -56.38
N ASP K 1017 -1.09 -31.26 -56.58
CA ASP K 1017 -0.12 -31.48 -55.52
C ASP K 1017 1.24 -31.08 -56.05
N ASN K 1018 2.07 -30.56 -55.17
CA ASN K 1018 3.39 -30.12 -55.58
C ASN K 1018 4.48 -30.90 -54.84
N PHE K 1019 5.60 -31.09 -55.52
CA PHE K 1019 6.67 -31.96 -55.05
C PHE K 1019 7.99 -31.25 -55.26
N ASP K 1020 8.74 -30.99 -54.20
CA ASP K 1020 10.11 -30.53 -54.39
C ASP K 1020 10.92 -31.68 -54.97
N VAL K 1021 11.42 -31.49 -56.19
CA VAL K 1021 12.08 -32.56 -56.91
C VAL K 1021 13.44 -32.10 -57.37
N GLU K 1022 14.48 -32.78 -56.91
CA GLU K 1022 15.80 -32.57 -57.47
C GLU K 1022 15.87 -33.21 -58.86
N CYS K 1023 16.50 -32.51 -59.79
CA CYS K 1023 16.20 -32.71 -61.20
C CYS K 1023 17.44 -32.32 -62.01
N LEU K 1024 18.18 -33.33 -62.46
CA LEU K 1024 19.50 -33.08 -63.02
C LEU K 1024 19.41 -32.60 -64.47
N LEU K 1025 20.54 -32.13 -64.98
CA LEU K 1025 20.62 -31.50 -66.29
C LEU K 1025 21.86 -31.98 -67.03
N TYR K 1026 21.70 -32.21 -68.32
CA TYR K 1026 22.83 -32.46 -69.21
C TYR K 1026 22.89 -31.34 -70.24
N SER K 1027 24.09 -31.03 -70.70
CA SER K 1027 24.26 -30.10 -71.80
C SER K 1027 25.53 -30.45 -72.53
N SER K 1028 25.49 -30.40 -73.86
CA SER K 1028 26.71 -30.65 -74.61
C SER K 1028 27.67 -29.49 -74.42
N ARG K 1029 28.97 -29.77 -74.60
CA ARG K 1029 29.98 -28.78 -74.23
C ARG K 1029 30.02 -27.65 -75.26
N ALA K 1030 30.22 -26.43 -74.74
CA ALA K 1030 30.26 -25.20 -75.53
C ALA K 1030 29.00 -25.02 -76.36
N ALA K 1031 27.85 -25.32 -75.77
CA ALA K 1031 26.59 -25.27 -76.50
C ALA K 1031 26.14 -23.84 -76.74
N THR K 1032 26.52 -22.92 -75.87
CA THR K 1032 26.07 -21.55 -75.96
C THR K 1032 27.15 -20.61 -75.46
N SER K 1033 27.47 -19.60 -76.28
CA SER K 1033 28.50 -18.66 -75.91
C SER K 1033 27.94 -17.46 -75.17
N ILE K 1034 28.76 -16.89 -74.30
CA ILE K 1034 28.35 -15.72 -73.53
C ILE K 1034 29.32 -14.56 -73.76
N ILE K 1035 28.76 -13.38 -74.06
CA ILE K 1035 29.58 -12.19 -74.28
C ILE K 1035 29.34 -11.27 -73.09
N LEU K 1036 30.41 -10.92 -72.38
CA LEU K 1036 30.28 -10.03 -71.23
C LEU K 1036 31.15 -8.78 -71.30
N ASP K 1037 30.51 -7.63 -71.08
CA ASP K 1037 31.20 -6.34 -71.09
C ASP K 1037 31.92 -6.10 -69.76
N ASP K 1038 32.90 -5.19 -69.76
CA ASP K 1038 33.63 -4.87 -68.54
C ASP K 1038 32.65 -4.28 -67.53
N PRO K 1039 32.77 -4.68 -66.25
CA PRO K 1039 31.81 -4.18 -65.25
C PRO K 1039 31.85 -2.67 -65.11
N THR K 1040 30.70 -2.04 -65.30
CA THR K 1040 30.55 -0.60 -65.23
C THR K 1040 30.16 -0.21 -63.81
N VAL K 1041 30.80 0.84 -63.30
CA VAL K 1041 30.65 1.28 -61.91
C VAL K 1041 29.86 2.57 -61.91
N THR K 1042 28.86 2.66 -61.05
CA THR K 1042 28.18 3.93 -60.82
C THR K 1042 27.91 4.08 -59.33
N ALA K 1043 27.51 5.29 -58.95
CA ALA K 1043 27.32 5.61 -57.54
C ALA K 1043 26.10 6.49 -57.36
N GLU K 1044 25.43 6.31 -56.24
CA GLU K 1044 24.33 7.19 -55.82
C GLU K 1044 24.68 7.73 -54.44
N ALA K 1045 24.85 9.04 -54.36
CA ALA K 1045 25.20 9.69 -53.10
C ALA K 1045 23.91 10.18 -52.44
N LYS K 1046 23.31 9.31 -51.65
CA LYS K 1046 22.34 9.76 -50.66
C LYS K 1046 23.09 10.30 -49.45
N ASP K 1047 22.38 10.67 -48.40
CA ASP K 1047 23.09 11.33 -47.31
C ASP K 1047 23.75 10.36 -46.36
N ILE K 1048 22.98 9.45 -45.78
CA ILE K 1048 23.56 8.59 -44.76
C ILE K 1048 24.37 7.46 -45.39
N VAL K 1049 24.06 7.09 -46.65
CA VAL K 1049 24.80 6.07 -47.37
C VAL K 1049 25.08 6.57 -48.78
N THR K 1050 26.11 6.02 -49.38
CA THR K 1050 26.35 6.13 -50.81
C THR K 1050 26.42 4.71 -51.35
N THR K 1051 25.54 4.39 -52.28
CA THR K 1051 25.44 3.03 -52.81
C THR K 1051 26.23 2.94 -54.11
N TYR K 1052 27.12 1.95 -54.18
CA TYR K 1052 27.89 1.70 -55.38
C TYR K 1052 27.25 0.52 -56.11
N ASN K 1053 27.00 0.70 -57.40
CA ASN K 1053 26.30 -0.29 -58.20
C ASN K 1053 27.22 -0.71 -59.34
N PHE K 1054 27.50 -2.00 -59.42
CA PHE K 1054 28.25 -2.58 -60.52
C PHE K 1054 27.23 -3.25 -61.44
N THR K 1055 27.25 -2.88 -62.72
CA THR K 1055 26.44 -3.59 -63.70
C THR K 1055 27.36 -4.31 -64.67
N GLN K 1056 26.88 -5.44 -65.19
CA GLN K 1056 27.62 -6.19 -66.19
C GLN K 1056 26.63 -6.81 -67.15
N HIS K 1057 26.77 -6.46 -68.42
CA HIS K 1057 25.85 -6.96 -69.43
C HIS K 1057 26.37 -8.27 -69.98
N LEU K 1058 25.45 -9.22 -70.18
CA LEU K 1058 25.75 -10.51 -70.75
C LEU K 1058 24.87 -10.69 -71.97
N SER K 1059 25.38 -11.40 -72.96
CA SER K 1059 24.54 -11.80 -74.07
C SER K 1059 24.88 -13.24 -74.42
N PHE K 1060 23.84 -14.06 -74.56
CA PHE K 1060 23.97 -15.50 -74.74
C PHE K 1060 23.51 -15.82 -76.15
N VAL K 1061 24.39 -16.43 -76.93
CA VAL K 1061 24.02 -16.96 -78.24
C VAL K 1061 23.99 -18.48 -78.15
N ASP K 1062 22.98 -19.08 -78.74
CA ASP K 1062 22.70 -20.50 -78.55
C ASP K 1062 23.13 -21.22 -79.82
N MET K 1063 24.34 -21.76 -79.82
CA MET K 1063 24.96 -22.13 -81.08
C MET K 1063 24.54 -23.49 -81.61
N GLY K 1064 23.72 -24.23 -80.89
CA GLY K 1064 23.24 -25.50 -81.39
C GLY K 1064 21.95 -25.33 -82.17
N LEU K 1065 21.80 -26.13 -83.23
CA LEU K 1065 20.51 -26.15 -83.92
C LEU K 1065 19.46 -26.84 -83.09
N GLY K 1066 19.67 -28.12 -82.77
CA GLY K 1066 18.75 -28.86 -81.94
C GLY K 1066 18.89 -28.49 -80.48
N PHE K 1067 18.23 -29.29 -79.65
CA PHE K 1067 18.28 -29.04 -78.21
C PHE K 1067 19.57 -29.61 -77.66
N SER K 1068 20.54 -28.73 -77.46
CA SER K 1068 21.86 -29.08 -76.94
C SER K 1068 21.89 -29.19 -75.43
N SER K 1069 20.74 -29.23 -74.78
CA SER K 1069 20.68 -29.23 -73.32
C SER K 1069 19.36 -29.88 -72.91
N THR K 1070 19.43 -30.93 -72.09
CA THR K 1070 18.24 -31.62 -71.64
C THR K 1070 18.20 -31.64 -70.12
N THR K 1071 17.08 -32.13 -69.58
CA THR K 1071 16.82 -32.11 -68.14
C THR K 1071 15.84 -33.22 -67.83
N ALA K 1072 16.16 -34.04 -66.82
CA ALA K 1072 15.25 -35.12 -66.43
C ALA K 1072 14.93 -35.07 -64.96
N THR K 1073 13.67 -35.33 -64.64
CA THR K 1073 13.23 -35.47 -63.25
C THR K 1073 13.89 -36.69 -62.63
N ALA K 1074 14.46 -36.51 -61.45
CA ALA K 1074 15.37 -37.52 -60.90
C ALA K 1074 14.89 -38.14 -59.59
N ASN K 1075 14.53 -37.33 -58.59
CA ASN K 1075 14.33 -37.88 -57.25
C ASN K 1075 13.39 -36.94 -56.49
N LEU K 1076 12.38 -37.52 -55.84
CA LEU K 1076 11.59 -36.75 -54.88
C LEU K 1076 12.42 -36.36 -53.68
N LYS K 1077 12.28 -35.11 -53.25
CA LYS K 1077 12.72 -34.74 -51.92
C LYS K 1077 11.59 -34.96 -50.91
N ARG K 1078 10.50 -34.22 -51.07
CA ARG K 1078 9.41 -34.18 -50.11
C ARG K 1078 8.13 -33.86 -50.86
N ILE K 1079 7.00 -33.93 -50.15
CA ILE K 1079 5.74 -33.44 -50.68
C ILE K 1079 5.37 -32.19 -49.90
N LYS K 1080 5.23 -31.08 -50.60
CA LYS K 1080 4.78 -29.88 -49.90
C LYS K 1080 3.27 -29.84 -49.78
N SER K 1081 2.57 -30.64 -50.58
CA SER K 1081 1.13 -30.72 -50.50
C SER K 1081 0.70 -31.58 -49.33
N ASP K 1082 -0.48 -31.27 -48.81
CA ASP K 1082 -1.11 -32.13 -47.81
C ASP K 1082 -1.55 -33.45 -48.43
N MET K 1083 -1.99 -33.40 -49.70
CA MET K 1083 -2.96 -34.35 -50.26
C MET K 1083 -4.14 -34.52 -49.31
N GLY K 1084 -4.62 -33.41 -48.75
CA GLY K 1084 -5.69 -33.46 -47.78
C GLY K 1084 -7.05 -33.48 -48.46
N SER K 1085 -8.04 -32.79 -47.88
CA SER K 1085 -9.35 -32.78 -48.50
C SER K 1085 -10.10 -31.47 -48.43
N LYS K 1086 -9.49 -30.37 -48.00
CA LYS K 1086 -10.21 -29.11 -47.85
C LYS K 1086 -10.62 -28.60 -49.23
N ILE K 1087 -11.92 -28.72 -49.52
CA ILE K 1087 -12.49 -28.45 -50.83
C ILE K 1087 -12.48 -26.96 -51.11
N GLN K 1088 -12.72 -26.58 -52.37
CA GLN K 1088 -12.70 -25.17 -52.74
C GLN K 1088 -13.98 -24.52 -52.24
N ASN K 1089 -13.82 -23.60 -51.30
CA ASN K 1089 -14.95 -22.89 -50.73
C ASN K 1089 -15.41 -21.87 -51.75
N LEU K 1090 -16.50 -22.18 -52.46
CA LEU K 1090 -16.99 -21.25 -53.47
C LEU K 1090 -17.58 -19.98 -52.88
N PHE K 1091 -17.98 -19.98 -51.61
CA PHE K 1091 -18.49 -18.75 -51.02
C PHE K 1091 -17.39 -17.74 -50.73
N SER K 1092 -16.15 -18.19 -50.62
CA SER K 1092 -15.02 -17.26 -50.61
C SER K 1092 -14.37 -17.16 -51.97
N ALA K 1093 -14.69 -18.07 -52.91
CA ALA K 1093 -14.12 -17.97 -54.24
C ALA K 1093 -14.87 -16.95 -55.09
N PHE K 1094 -16.20 -16.96 -55.05
CA PHE K 1094 -17.05 -15.98 -55.72
C PHE K 1094 -17.86 -15.23 -54.66
N PRO K 1095 -17.23 -14.39 -53.83
CA PRO K 1095 -17.89 -13.90 -52.64
C PRO K 1095 -18.81 -12.71 -52.86
N ILE K 1096 -19.05 -12.32 -54.11
CA ILE K 1096 -19.95 -11.21 -54.38
C ILE K 1096 -21.38 -11.68 -54.60
N HIS K 1097 -21.58 -12.93 -55.00
CA HIS K 1097 -22.91 -13.44 -55.27
C HIS K 1097 -23.63 -13.75 -53.97
N ALA K 1098 -24.96 -13.75 -54.05
CA ALA K 1098 -25.78 -13.98 -52.89
C ALA K 1098 -27.16 -14.42 -53.35
N PHE K 1099 -27.87 -15.11 -52.48
CA PHE K 1099 -29.29 -15.34 -52.74
C PHE K 1099 -30.07 -14.06 -52.48
N THR K 1100 -31.28 -14.02 -53.01
CA THR K 1100 -32.10 -12.81 -52.85
C THR K 1100 -32.59 -12.66 -51.42
N ASN K 1101 -33.34 -13.64 -50.92
CA ASN K 1101 -33.91 -13.55 -49.57
C ASN K 1101 -32.84 -13.73 -48.51
N THR K 1102 -32.83 -12.79 -47.54
CA THR K 1102 -31.81 -12.77 -46.51
C THR K 1102 -31.90 -14.00 -45.60
N ASP K 1103 -33.11 -14.54 -45.42
CA ASP K 1103 -33.28 -15.78 -44.68
C ASP K 1103 -32.58 -16.95 -45.37
N ILE K 1104 -32.73 -17.05 -46.70
CA ILE K 1104 -32.13 -18.14 -47.45
C ILE K 1104 -30.62 -18.00 -47.47
N ASN K 1105 -30.14 -16.79 -47.77
CA ASN K 1105 -28.71 -16.51 -47.81
C ASN K 1105 -28.06 -16.78 -46.45
N THR K 1106 -28.71 -16.32 -45.39
CA THR K 1106 -28.18 -16.51 -44.05
C THR K 1106 -28.18 -17.97 -43.65
N TRP K 1107 -29.23 -18.73 -44.01
CA TRP K 1107 -29.24 -20.14 -43.64
C TRP K 1107 -28.23 -20.96 -44.44
N ILE K 1108 -27.97 -20.59 -45.68
CA ILE K 1108 -26.94 -21.29 -46.44
C ILE K 1108 -25.56 -20.99 -45.84
N ARG K 1109 -25.33 -19.74 -45.40
CA ARG K 1109 -24.08 -19.43 -44.70
C ARG K 1109 -23.98 -20.19 -43.37
N HIS K 1110 -25.10 -20.32 -42.65
CA HIS K 1110 -25.18 -21.16 -41.45
C HIS K 1110 -24.73 -22.58 -41.73
N HIS K 1111 -25.39 -23.22 -42.70
CA HIS K 1111 -25.23 -24.66 -42.82
C HIS K 1111 -23.94 -25.05 -43.53
N VAL K 1112 -23.46 -24.27 -44.50
CA VAL K 1112 -22.11 -24.58 -45.01
C VAL K 1112 -21.04 -24.10 -44.05
N GLY K 1113 -21.40 -23.29 -43.06
CA GLY K 1113 -20.50 -23.05 -41.95
C GLY K 1113 -19.36 -22.12 -42.29
N ILE K 1114 -19.70 -20.90 -42.67
CA ILE K 1114 -18.73 -19.88 -43.03
C ILE K 1114 -19.06 -18.62 -42.24
N GLU K 1115 -18.01 -17.95 -41.75
CA GLU K 1115 -18.17 -16.67 -41.08
C GLU K 1115 -18.11 -15.56 -42.12
N LYS K 1116 -18.04 -14.30 -41.64
CA LYS K 1116 -18.18 -13.06 -42.40
C LYS K 1116 -19.44 -13.12 -43.26
N PRO K 1117 -20.63 -13.03 -42.66
CA PRO K 1117 -21.85 -13.41 -43.40
C PRO K 1117 -22.23 -12.42 -44.48
N ASN K 1118 -21.87 -11.19 -44.33
CA ASN K 1118 -22.10 -10.37 -45.50
C ASN K 1118 -20.84 -10.25 -46.33
N PRO K 1119 -21.00 -10.10 -47.65
CA PRO K 1119 -19.86 -9.65 -48.46
C PRO K 1119 -19.42 -8.24 -48.12
N SER K 1120 -20.34 -7.42 -47.59
CA SER K 1120 -20.11 -6.03 -47.20
C SER K 1120 -19.56 -5.23 -48.38
N GLU K 1121 -20.34 -5.24 -49.48
CA GLU K 1121 -19.74 -5.10 -50.79
C GLU K 1121 -19.27 -3.67 -51.08
N GLY K 1122 -20.05 -2.67 -50.66
CA GLY K 1122 -20.04 -1.29 -51.14
C GLY K 1122 -18.71 -0.64 -51.49
N GLU K 1123 -17.69 -0.91 -50.68
CA GLU K 1123 -16.31 -0.61 -51.03
C GLU K 1123 -15.42 -1.84 -51.05
N ALA K 1124 -15.77 -2.90 -50.31
CA ALA K 1124 -14.94 -4.09 -50.25
C ALA K 1124 -15.07 -4.98 -51.49
N LEU K 1125 -16.07 -4.73 -52.35
CA LEU K 1125 -16.17 -5.50 -53.58
C LEU K 1125 -15.00 -5.21 -54.50
N ASN K 1126 -14.54 -3.97 -54.52
CA ASN K 1126 -13.38 -3.62 -55.34
C ASN K 1126 -12.10 -4.20 -54.77
N ILE K 1127 -12.01 -4.26 -53.43
CA ILE K 1127 -10.91 -4.94 -52.75
C ILE K 1127 -10.87 -6.42 -53.14
N ILE K 1128 -12.05 -7.02 -53.27
CA ILE K 1128 -12.14 -8.42 -53.67
C ILE K 1128 -11.74 -8.60 -55.14
N THR K 1129 -12.14 -7.66 -56.01
CA THR K 1129 -11.69 -7.71 -57.40
C THR K 1129 -10.18 -7.56 -57.51
N PHE K 1130 -9.60 -6.75 -56.62
CA PHE K 1130 -8.16 -6.48 -56.64
C PHE K 1130 -7.34 -7.60 -56.00
N GLY K 1131 -7.95 -8.41 -55.13
CA GLY K 1131 -7.27 -9.56 -54.56
C GLY K 1131 -7.17 -9.53 -53.05
N GLY K 1132 -7.80 -10.48 -52.38
CA GLY K 1132 -7.82 -10.48 -50.93
C GLY K 1132 -7.83 -11.90 -50.39
N ILE K 1133 -7.33 -12.06 -49.17
CA ILE K 1133 -7.23 -13.37 -48.54
C ILE K 1133 -8.02 -13.41 -47.23
N ASN K 1134 -8.06 -14.58 -46.60
CA ASN K 1134 -8.96 -14.80 -45.47
C ASN K 1134 -8.50 -14.13 -44.18
N LYS K 1135 -7.21 -13.83 -44.06
CA LYS K 1135 -6.60 -13.19 -42.88
C LYS K 1135 -6.77 -14.02 -41.60
N ASN K 1136 -6.95 -15.33 -41.75
CA ASN K 1136 -7.04 -16.24 -40.62
C ASN K 1136 -6.39 -17.54 -41.05
N PRO K 1137 -5.08 -17.69 -40.83
CA PRO K 1137 -4.45 -18.97 -41.11
C PRO K 1137 -4.91 -20.02 -40.12
N PRO K 1138 -4.92 -21.28 -40.50
CA PRO K 1138 -5.18 -22.35 -39.53
C PRO K 1138 -4.06 -22.40 -38.51
N SER K 1139 -4.47 -22.43 -37.24
CA SER K 1139 -3.50 -22.34 -36.15
C SER K 1139 -2.61 -23.57 -36.10
N ILE K 1140 -3.15 -24.74 -36.41
CA ILE K 1140 -2.34 -25.94 -36.55
C ILE K 1140 -2.37 -26.37 -38.00
N LEU K 1141 -1.22 -26.79 -38.50
CA LEU K 1141 -1.09 -27.27 -39.88
C LEU K 1141 0.05 -28.26 -39.91
N LEU K 1142 -0.21 -29.45 -40.41
CA LEU K 1142 0.71 -30.55 -40.22
C LEU K 1142 1.27 -31.14 -41.49
N HIS K 1143 0.78 -30.74 -42.67
CA HIS K 1143 1.29 -31.32 -43.91
C HIS K 1143 1.45 -30.32 -45.05
N GLY K 1144 1.22 -29.03 -44.83
CA GLY K 1144 1.41 -28.09 -45.92
C GLY K 1144 0.13 -27.66 -46.62
N GLN K 1145 0.15 -27.67 -47.94
CA GLN K 1145 -0.90 -27.04 -48.74
C GLN K 1145 -1.94 -28.04 -49.25
N GLN K 1146 -3.17 -27.56 -49.39
CA GLN K 1146 -4.27 -28.35 -49.93
C GLN K 1146 -5.31 -27.42 -50.55
N ALA K 1147 -5.89 -27.85 -51.68
CA ALA K 1147 -6.96 -27.14 -52.37
C ALA K 1147 -7.64 -28.04 -53.38
N ILE K 1148 -8.95 -28.22 -53.27
CA ILE K 1148 -9.66 -29.26 -54.02
C ILE K 1148 -10.84 -28.62 -54.74
N CYS K 1149 -10.82 -28.69 -56.06
CA CYS K 1149 -11.86 -28.10 -56.90
C CYS K 1149 -13.02 -29.09 -57.05
N GLU K 1150 -13.94 -28.80 -57.96
CA GLU K 1150 -15.26 -29.44 -57.87
C GLU K 1150 -16.00 -29.44 -59.20
N VAL K 1151 -16.40 -30.62 -59.69
CA VAL K 1151 -17.21 -30.75 -60.91
C VAL K 1151 -18.43 -31.59 -60.59
N ILE K 1152 -19.61 -31.10 -60.90
CA ILE K 1152 -20.86 -31.81 -60.64
C ILE K 1152 -21.13 -32.75 -61.81
N LEU K 1153 -21.74 -33.92 -61.54
CA LEU K 1153 -21.83 -34.98 -62.53
C LEU K 1153 -22.98 -35.95 -62.21
N THR K 1154 -23.46 -36.63 -63.28
CA THR K 1154 -24.28 -37.84 -63.34
C THR K 1154 -23.90 -38.91 -62.33
N PRO K 1155 -24.86 -39.66 -61.77
CA PRO K 1155 -24.53 -40.96 -61.18
C PRO K 1155 -24.36 -42.08 -62.20
N VAL K 1156 -24.29 -41.76 -63.49
CA VAL K 1156 -24.33 -42.78 -64.52
C VAL K 1156 -22.97 -43.03 -65.16
N THR K 1157 -22.08 -42.04 -65.16
CA THR K 1157 -20.82 -42.04 -65.90
C THR K 1157 -19.95 -43.25 -65.56
N THR K 1158 -19.56 -43.99 -66.60
CA THR K 1158 -18.87 -45.26 -66.44
C THR K 1158 -17.51 -45.07 -65.80
N ASN K 1159 -17.23 -45.88 -64.77
CA ASN K 1159 -15.93 -45.82 -64.11
C ASN K 1159 -14.81 -46.23 -65.05
N ILE K 1160 -14.89 -47.46 -65.56
CA ILE K 1160 -13.73 -48.12 -66.16
C ILE K 1160 -13.39 -47.48 -67.51
N ASN K 1161 -14.37 -46.89 -68.17
CA ASN K 1161 -14.05 -46.08 -69.34
C ASN K 1161 -13.43 -44.74 -68.97
N PHE K 1162 -13.68 -44.23 -67.76
CA PHE K 1162 -13.30 -42.86 -67.45
C PHE K 1162 -12.32 -42.75 -66.28
N PHE K 1163 -12.65 -43.31 -65.12
CA PHE K 1163 -11.94 -42.90 -63.91
C PHE K 1163 -10.66 -43.68 -63.65
N LYS K 1164 -10.49 -44.86 -64.23
CA LYS K 1164 -9.38 -45.72 -63.87
C LYS K 1164 -8.14 -45.45 -64.68
N LEU K 1165 -8.09 -44.33 -65.41
CA LEU K 1165 -7.09 -44.04 -66.41
C LEU K 1165 -6.71 -42.57 -66.33
N PRO K 1166 -5.50 -42.20 -66.77
CA PRO K 1166 -5.18 -40.78 -66.95
C PRO K 1166 -6.07 -40.16 -68.02
N HIS K 1167 -6.86 -39.18 -67.62
CA HIS K 1167 -7.94 -38.71 -68.48
C HIS K 1167 -8.30 -37.28 -68.10
N ASN K 1168 -8.76 -36.53 -69.07
CA ASN K 1168 -9.19 -35.16 -68.82
C ASN K 1168 -10.52 -35.18 -68.06
N PRO K 1169 -10.64 -34.47 -66.93
CA PRO K 1169 -11.93 -34.39 -66.25
C PRO K 1169 -12.92 -33.41 -66.86
N ARG K 1170 -12.69 -32.94 -68.08
CA ARG K 1170 -13.76 -32.31 -68.82
C ARG K 1170 -14.78 -33.35 -69.29
N GLY K 1171 -14.40 -34.62 -69.28
CA GLY K 1171 -15.27 -35.65 -69.79
C GLY K 1171 -14.91 -35.94 -71.22
N ARG K 1172 -14.99 -34.92 -72.07
CA ARG K 1172 -14.47 -35.02 -73.41
C ARG K 1172 -13.03 -34.57 -73.38
N GLU K 1173 -12.15 -35.37 -73.99
CA GLU K 1173 -10.74 -35.08 -73.95
C GLU K 1173 -10.41 -33.86 -74.82
N SER K 1174 -9.41 -33.10 -74.39
CA SER K 1174 -9.09 -31.80 -74.98
C SER K 1174 -7.60 -31.64 -75.17
N CYS K 1175 -6.96 -32.64 -75.77
CA CYS K 1175 -5.51 -32.61 -76.00
C CYS K 1175 -5.24 -32.18 -77.43
N MET K 1176 -4.50 -31.09 -77.60
CA MET K 1176 -4.29 -30.49 -78.92
C MET K 1176 -3.14 -31.11 -79.69
N MET K 1177 -2.63 -32.25 -79.26
CA MET K 1177 -1.69 -33.02 -80.07
C MET K 1177 -2.40 -33.96 -81.02
N GLY K 1178 -3.70 -33.81 -81.22
CA GLY K 1178 -4.42 -34.59 -82.20
C GLY K 1178 -5.25 -33.71 -83.11
N THR K 1179 -5.12 -32.41 -82.90
CA THR K 1179 -5.86 -31.41 -83.66
C THR K 1179 -4.95 -30.80 -84.71
N ASP K 1180 -5.53 -30.45 -85.84
CA ASP K 1180 -4.90 -29.67 -86.89
C ASP K 1180 -4.28 -28.39 -86.31
N PRO K 1181 -3.00 -28.15 -86.52
CA PRO K 1181 -2.43 -26.86 -86.11
C PRO K 1181 -2.92 -25.74 -87.00
N HIS K 1182 -3.05 -24.56 -86.39
CA HIS K 1182 -3.48 -23.31 -87.04
C HIS K 1182 -4.85 -23.44 -87.68
N ASN K 1183 -5.73 -24.21 -87.05
CA ASN K 1183 -7.10 -24.39 -87.53
C ASN K 1183 -8.01 -24.27 -86.32
N GLU K 1184 -8.40 -23.03 -86.01
CA GLU K 1184 -9.15 -22.78 -84.78
C GLU K 1184 -10.59 -23.25 -84.91
N GLU K 1185 -11.13 -23.32 -86.11
CA GLU K 1185 -12.50 -23.79 -86.29
C GLU K 1185 -12.62 -25.28 -86.00
N ALA K 1186 -11.72 -26.08 -86.60
CA ALA K 1186 -11.70 -27.50 -86.28
C ALA K 1186 -11.24 -27.74 -84.85
N ALA K 1187 -10.45 -26.82 -84.29
CA ALA K 1187 -10.08 -26.90 -82.89
C ALA K 1187 -11.29 -26.76 -81.98
N ARG K 1188 -12.13 -25.76 -82.25
CA ARG K 1188 -13.34 -25.62 -81.44
C ARG K 1188 -14.35 -26.72 -81.73
N LYS K 1189 -14.30 -27.30 -82.93
CA LYS K 1189 -15.09 -28.51 -83.16
C LYS K 1189 -14.60 -29.69 -82.33
N ALA K 1190 -13.29 -29.76 -82.08
CA ALA K 1190 -12.78 -30.80 -81.18
C ALA K 1190 -13.18 -30.53 -79.74
N LEU K 1191 -13.13 -29.27 -79.31
CA LEU K 1191 -13.49 -28.94 -77.93
C LEU K 1191 -14.99 -28.94 -77.69
N TYR K 1192 -15.81 -28.84 -78.72
CA TYR K 1192 -17.23 -28.61 -78.47
C TYR K 1192 -18.19 -29.54 -79.21
N ASP K 1193 -17.76 -30.09 -80.34
CA ASP K 1193 -18.68 -30.79 -81.22
C ASP K 1193 -19.08 -32.13 -80.61
N HIS K 1194 -20.34 -32.50 -80.83
CA HIS K 1194 -20.83 -33.81 -80.42
C HIS K 1194 -21.64 -34.47 -81.51
N THR K 1195 -21.77 -33.85 -82.68
CA THR K 1195 -22.05 -34.63 -83.88
C THR K 1195 -20.90 -35.60 -84.13
N GLN K 1196 -19.66 -35.11 -84.04
CA GLN K 1196 -18.51 -35.98 -84.01
C GLN K 1196 -18.46 -36.73 -82.68
N THR K 1197 -17.62 -37.75 -82.63
CA THR K 1197 -17.37 -38.48 -81.40
C THR K 1197 -15.97 -38.21 -80.90
N ASP K 1198 -15.78 -38.47 -79.62
CA ASP K 1198 -14.44 -38.54 -79.08
C ASP K 1198 -13.80 -39.85 -79.54
N SER K 1199 -12.48 -39.92 -79.42
CA SER K 1199 -11.82 -41.20 -79.52
C SER K 1199 -12.03 -42.00 -78.22
N ASP K 1200 -11.55 -43.25 -78.24
CA ASP K 1200 -11.46 -44.19 -77.12
C ASP K 1200 -12.80 -44.77 -76.67
N THR K 1201 -13.92 -44.27 -77.18
CA THR K 1201 -15.24 -44.84 -76.88
C THR K 1201 -16.15 -44.43 -78.04
N PHE K 1202 -17.33 -45.05 -78.11
CA PHE K 1202 -18.45 -44.50 -78.87
C PHE K 1202 -19.19 -43.44 -78.07
N ALA K 1203 -18.46 -42.49 -77.51
CA ALA K 1203 -19.07 -41.56 -76.57
C ALA K 1203 -18.37 -40.22 -76.76
N ALA K 1204 -19.09 -39.26 -77.31
CA ALA K 1204 -18.53 -37.92 -77.44
C ALA K 1204 -18.44 -37.22 -76.10
N THR K 1205 -19.05 -37.76 -75.05
CA THR K 1205 -19.08 -37.08 -73.77
C THR K 1205 -19.16 -38.14 -72.68
N THR K 1206 -18.49 -37.91 -71.56
CA THR K 1206 -18.85 -38.60 -70.33
C THR K 1206 -19.29 -37.67 -69.23
N ASN K 1207 -18.99 -36.38 -69.33
CA ASN K 1207 -19.47 -35.39 -68.38
C ASN K 1207 -20.16 -34.29 -69.18
N PRO K 1208 -21.45 -34.44 -69.48
CA PRO K 1208 -22.18 -33.39 -70.19
C PRO K 1208 -22.56 -32.19 -69.35
N TRP K 1209 -21.95 -31.99 -68.18
CA TRP K 1209 -22.00 -30.72 -67.49
C TRP K 1209 -20.63 -30.11 -67.34
N ALA K 1210 -19.64 -30.62 -68.07
CA ALA K 1210 -18.33 -30.00 -68.10
C ALA K 1210 -17.91 -29.82 -69.55
N SER K 1211 -18.40 -30.71 -70.42
CA SER K 1211 -17.95 -30.69 -71.81
C SER K 1211 -18.66 -29.61 -72.61
N LEU K 1212 -19.88 -29.31 -72.27
CA LEU K 1212 -20.72 -28.50 -73.14
C LEU K 1212 -20.51 -27.00 -72.91
N PRO K 1213 -20.61 -26.21 -73.97
CA PRO K 1213 -20.55 -24.75 -73.81
C PRO K 1213 -21.78 -24.24 -73.06
N GLY K 1214 -21.54 -23.44 -72.03
CA GLY K 1214 -22.63 -22.99 -71.20
C GLY K 1214 -23.04 -23.96 -70.13
N SER K 1215 -22.34 -25.08 -69.97
CA SER K 1215 -22.62 -25.96 -68.85
C SER K 1215 -21.92 -25.42 -67.61
N LEU K 1216 -22.01 -26.16 -66.51
CA LEU K 1216 -21.35 -25.67 -65.30
C LEU K 1216 -19.85 -25.96 -65.27
N GLY K 1217 -19.27 -26.41 -66.37
CA GLY K 1217 -17.83 -26.39 -66.48
C GLY K 1217 -17.42 -25.10 -67.15
N ASP K 1218 -18.18 -24.70 -68.16
CA ASP K 1218 -17.86 -23.51 -68.91
C ASP K 1218 -18.22 -22.25 -68.14
N ILE K 1219 -19.41 -22.19 -67.53
CA ILE K 1219 -19.85 -20.96 -66.88
C ILE K 1219 -19.20 -20.72 -65.53
N LEU K 1220 -18.35 -21.63 -65.09
CA LEU K 1220 -17.88 -21.63 -63.72
C LEU K 1220 -16.36 -21.57 -63.61
N TYR K 1221 -15.63 -22.19 -64.53
CA TYR K 1221 -14.19 -22.31 -64.42
C TYR K 1221 -13.42 -21.69 -65.57
N ASN K 1222 -14.06 -21.46 -66.71
CA ASN K 1222 -13.41 -20.76 -67.80
C ASN K 1222 -13.18 -19.31 -67.40
N THR K 1223 -11.96 -18.82 -67.66
CA THR K 1223 -11.64 -17.46 -67.24
C THR K 1223 -12.36 -16.39 -68.06
N ALA K 1224 -12.85 -16.73 -69.25
CA ALA K 1224 -13.65 -15.79 -70.03
C ALA K 1224 -14.97 -15.45 -69.36
N HIS K 1225 -15.47 -16.30 -68.45
CA HIS K 1225 -16.62 -15.98 -67.64
C HIS K 1225 -16.27 -15.71 -66.19
N ARG K 1226 -15.08 -16.15 -65.76
CA ARG K 1226 -14.57 -15.75 -64.45
C ARG K 1226 -14.35 -14.24 -64.42
N GLU K 1227 -13.89 -13.65 -65.54
CA GLU K 1227 -13.74 -12.20 -65.60
C GLU K 1227 -15.08 -11.47 -65.61
N GLN K 1228 -16.17 -12.17 -65.90
CA GLN K 1228 -17.50 -11.56 -65.84
C GLN K 1228 -18.11 -11.67 -64.46
N LEU K 1229 -17.96 -12.82 -63.81
CA LEU K 1229 -18.55 -13.04 -62.49
C LEU K 1229 -17.43 -13.05 -61.45
N CYS K 1230 -17.43 -12.04 -60.58
CA CYS K 1230 -16.28 -11.63 -59.78
C CYS K 1230 -15.80 -12.72 -58.83
N TYR K 1231 -14.59 -12.52 -58.31
CA TYR K 1231 -13.79 -13.59 -57.73
C TYR K 1231 -12.56 -13.00 -57.07
N ASN K 1232 -12.02 -13.74 -56.11
CA ASN K 1232 -10.68 -13.45 -55.63
C ASN K 1232 -9.68 -14.00 -56.63
N PRO K 1233 -8.84 -13.16 -57.24
CA PRO K 1233 -7.83 -13.68 -58.16
C PRO K 1233 -6.72 -14.45 -57.47
N LYS K 1234 -6.59 -14.37 -56.16
CA LYS K 1234 -5.62 -15.21 -55.47
C LYS K 1234 -6.17 -16.59 -55.13
N THR K 1235 -7.45 -16.84 -55.38
CA THR K 1235 -8.03 -18.16 -55.13
C THR K 1235 -7.60 -19.10 -56.25
N TYR K 1236 -6.76 -20.08 -55.90
CA TYR K 1236 -6.26 -21.02 -56.87
C TYR K 1236 -7.29 -22.10 -57.14
N SER K 1237 -7.53 -22.39 -58.41
CA SER K 1237 -8.47 -23.44 -58.80
C SER K 1237 -7.79 -24.32 -59.83
N PRO K 1238 -7.56 -25.60 -59.54
CA PRO K 1238 -6.82 -26.47 -60.44
C PRO K 1238 -7.59 -26.98 -61.63
N ASN K 1239 -8.74 -26.37 -61.93
CA ASN K 1239 -9.51 -26.78 -63.09
C ASN K 1239 -9.56 -25.71 -64.15
N ALA K 1240 -9.06 -24.50 -63.84
CA ALA K 1240 -8.84 -23.52 -64.88
C ALA K 1240 -7.83 -24.02 -65.90
N GLN K 1241 -6.84 -24.82 -65.47
CA GLN K 1241 -5.85 -25.36 -66.39
C GLN K 1241 -6.43 -26.38 -67.35
N PHE K 1242 -7.66 -26.84 -67.13
CA PHE K 1242 -8.35 -27.75 -68.02
C PHE K 1242 -9.50 -27.11 -68.77
N PHE K 1243 -10.11 -26.05 -68.22
CA PHE K 1243 -11.27 -25.45 -68.86
C PHE K 1243 -11.02 -24.11 -69.53
N THR K 1244 -9.88 -23.44 -69.29
CA THR K 1244 -9.59 -22.22 -70.03
C THR K 1244 -9.24 -22.55 -71.46
N GLU K 1245 -9.98 -21.96 -72.39
CA GLU K 1245 -9.87 -22.33 -73.79
C GLU K 1245 -9.16 -21.28 -74.63
N SER K 1246 -9.15 -20.03 -74.18
CA SER K 1246 -8.21 -19.06 -74.73
C SER K 1246 -6.77 -19.45 -74.45
N ASP K 1247 -6.52 -20.25 -73.41
CA ASP K 1247 -5.20 -20.78 -73.10
C ASP K 1247 -5.01 -22.21 -73.61
N ILE K 1248 -5.87 -22.66 -74.53
CA ILE K 1248 -5.59 -23.89 -75.27
C ILE K 1248 -5.66 -23.71 -76.78
N LEU K 1249 -6.36 -22.69 -77.27
CA LEU K 1249 -6.25 -22.35 -78.69
C LEU K 1249 -4.91 -21.71 -79.01
N LYS K 1250 -4.20 -21.21 -78.00
CA LYS K 1250 -2.81 -20.84 -78.18
C LYS K 1250 -1.89 -22.06 -78.21
N THR K 1251 -2.31 -23.17 -77.60
CA THR K 1251 -1.54 -24.41 -77.69
C THR K 1251 -1.73 -25.07 -79.04
N ASN K 1252 -2.84 -24.79 -79.72
CA ASN K 1252 -3.00 -25.26 -81.09
C ASN K 1252 -2.03 -24.52 -82.03
N LYS K 1253 -0.79 -25.01 -82.05
CA LYS K 1253 0.29 -24.48 -82.90
C LYS K 1253 1.16 -25.65 -83.38
N MET K 1254 2.29 -25.33 -84.00
CA MET K 1254 3.29 -26.35 -84.33
C MET K 1254 3.91 -26.90 -83.06
N MET K 1255 4.44 -28.12 -83.16
CA MET K 1255 4.79 -28.87 -81.96
C MET K 1255 6.03 -28.31 -81.29
N TYR K 1256 7.02 -27.86 -82.06
CA TYR K 1256 8.17 -27.20 -81.47
C TYR K 1256 7.79 -25.88 -80.83
N LYS K 1257 6.80 -25.18 -81.38
CA LYS K 1257 6.32 -23.96 -80.74
C LYS K 1257 5.60 -24.27 -79.44
N VAL K 1258 4.87 -25.41 -79.39
CA VAL K 1258 4.23 -25.85 -78.17
C VAL K 1258 5.26 -26.12 -77.08
N ILE K 1259 6.30 -26.89 -77.41
CA ILE K 1259 7.25 -27.22 -76.35
C ILE K 1259 8.19 -26.06 -76.02
N ASN K 1260 8.43 -25.14 -76.96
CA ASN K 1260 9.19 -23.93 -76.61
C ASN K 1260 8.38 -23.03 -75.69
N GLU K 1261 7.09 -22.91 -75.96
CA GLU K 1261 6.21 -22.15 -75.06
C GLU K 1261 6.12 -22.82 -73.69
N TYR K 1262 6.14 -24.16 -73.66
CA TYR K 1262 6.08 -24.86 -72.39
C TYR K 1262 7.35 -24.65 -71.57
N CYS K 1263 8.52 -24.87 -72.19
CA CYS K 1263 9.76 -24.71 -71.43
C CYS K 1263 10.10 -23.25 -71.16
N MET K 1264 9.48 -22.32 -71.90
CA MET K 1264 9.57 -20.92 -71.53
C MET K 1264 8.62 -20.58 -70.40
N LYS K 1265 7.48 -21.28 -70.31
CA LYS K 1265 6.57 -21.15 -69.18
C LYS K 1265 7.16 -21.95 -67.99
N SER K 1266 8.20 -21.36 -67.41
CA SER K 1266 8.80 -21.86 -66.19
C SER K 1266 9.22 -20.71 -65.31
N ASN K 1267 8.49 -19.60 -65.39
CA ASN K 1267 8.71 -18.48 -64.49
C ASN K 1267 8.32 -18.86 -63.06
N SER K 1268 7.38 -19.80 -62.93
CA SER K 1268 6.93 -20.38 -61.65
C SER K 1268 6.40 -19.31 -60.70
N CYS K 1269 5.30 -18.69 -61.14
CA CYS K 1269 4.63 -17.70 -60.32
C CYS K 1269 3.99 -18.33 -59.09
N LEU K 1270 3.56 -19.59 -59.20
CA LEU K 1270 2.77 -20.25 -58.17
C LEU K 1270 3.64 -20.57 -56.96
N ASN K 1271 3.25 -20.03 -55.81
CA ASN K 1271 4.02 -20.25 -54.59
C ASN K 1271 3.75 -21.63 -54.02
N SER K 1272 4.61 -22.02 -53.11
CA SER K 1272 4.37 -23.19 -52.30
C SER K 1272 4.57 -22.82 -50.85
N ASP K 1273 4.04 -21.67 -50.47
CA ASP K 1273 4.11 -21.12 -49.14
C ASP K 1273 2.68 -20.79 -48.70
N SER K 1274 2.53 -20.46 -47.41
CA SER K 1274 1.31 -19.87 -46.83
C SER K 1274 0.11 -20.82 -46.89
N GLU K 1275 0.28 -21.99 -46.25
CA GLU K 1275 -0.74 -22.88 -45.66
C GLU K 1275 -1.86 -23.37 -46.59
N ILE K 1276 -1.92 -22.90 -47.82
CA ILE K 1276 -3.00 -23.22 -48.74
C ILE K 1276 -2.52 -22.81 -50.12
N GLN K 1277 -3.08 -23.41 -51.14
CA GLN K 1277 -2.70 -23.06 -52.50
C GLN K 1277 -3.36 -21.74 -52.86
N TYR K 1278 -2.59 -20.67 -52.87
CA TYR K 1278 -3.02 -19.45 -53.52
C TYR K 1278 -2.41 -19.39 -54.91
N SER K 1279 -2.70 -18.31 -55.63
CA SER K 1279 -2.12 -18.09 -56.95
C SER K 1279 -1.58 -16.67 -57.03
N CYS K 1280 -0.35 -16.48 -56.60
CA CYS K 1280 0.34 -15.21 -56.82
C CYS K 1280 1.05 -15.27 -58.16
N SER K 1281 1.15 -14.13 -58.82
CA SER K 1281 1.48 -14.09 -60.23
C SER K 1281 2.64 -13.13 -60.53
N GLU K 1282 3.75 -13.28 -59.82
CA GLU K 1282 4.91 -12.43 -60.07
C GLU K 1282 6.15 -13.15 -60.57
N GLY K 1283 6.27 -14.45 -60.35
CA GLY K 1283 7.40 -15.20 -60.85
C GLY K 1283 8.72 -15.00 -60.10
N THR K 1284 8.68 -15.09 -58.77
CA THR K 1284 9.87 -14.95 -57.95
C THR K 1284 10.63 -16.27 -57.80
N ASP K 1285 9.90 -17.37 -57.67
CA ASP K 1285 10.47 -18.71 -57.61
C ASP K 1285 11.24 -19.03 -58.90
N SER K 1286 12.21 -19.92 -58.78
CA SER K 1286 13.04 -20.29 -59.92
C SER K 1286 12.24 -20.99 -61.02
N PHE K 1287 11.77 -22.21 -60.78
CA PHE K 1287 11.25 -23.02 -61.87
C PHE K 1287 10.17 -23.97 -61.38
N VAL K 1288 9.22 -24.25 -62.27
CA VAL K 1288 8.19 -25.26 -62.03
C VAL K 1288 8.00 -25.97 -63.36
N SER K 1289 7.38 -27.15 -63.30
CA SER K 1289 7.04 -27.85 -64.52
C SER K 1289 5.75 -28.61 -64.28
N ARG K 1290 4.81 -28.47 -65.21
CA ARG K 1290 3.45 -28.96 -65.05
C ARG K 1290 3.12 -29.93 -66.18
N PRO K 1291 3.41 -31.21 -66.02
CA PRO K 1291 3.10 -32.17 -67.07
C PRO K 1291 1.61 -32.40 -67.25
N CYS K 1292 0.82 -32.18 -66.20
CA CYS K 1292 -0.63 -32.23 -66.34
C CYS K 1292 -1.12 -31.09 -67.23
N GLN K 1293 -0.50 -29.92 -67.12
CA GLN K 1293 -0.80 -28.81 -68.02
C GLN K 1293 -0.41 -29.15 -69.45
N PHE K 1294 0.77 -29.75 -69.63
CA PHE K 1294 1.24 -30.01 -70.99
C PHE K 1294 0.45 -31.13 -71.68
N LEU K 1295 0.00 -32.13 -70.92
CA LEU K 1295 -0.74 -33.23 -71.52
C LEU K 1295 -2.24 -33.04 -71.46
N GLN K 1296 -2.73 -32.00 -70.77
CA GLN K 1296 -4.13 -31.62 -70.69
C GLN K 1296 -5.01 -32.71 -70.08
N ASN K 1297 -4.42 -33.58 -69.27
CA ASN K 1297 -5.19 -34.50 -68.46
C ASN K 1297 -4.56 -34.60 -67.07
N ALA K 1298 -5.30 -35.20 -66.16
CA ALA K 1298 -4.86 -35.41 -64.80
C ALA K 1298 -4.73 -36.91 -64.55
N LEU K 1299 -4.39 -37.26 -63.33
CA LEU K 1299 -4.08 -38.64 -63.02
C LEU K 1299 -5.03 -39.20 -61.98
N PRO K 1300 -5.40 -40.47 -62.07
CA PRO K 1300 -6.21 -41.07 -61.02
C PRO K 1300 -5.35 -41.51 -59.85
N LEU K 1301 -5.91 -41.43 -58.66
CA LEU K 1301 -5.20 -41.81 -57.46
C LEU K 1301 -5.99 -42.84 -56.68
N HIS K 1302 -5.31 -43.49 -55.74
CA HIS K 1302 -5.81 -44.70 -55.08
C HIS K 1302 -6.92 -44.36 -54.09
N CYS K 1303 -8.13 -44.24 -54.62
CA CYS K 1303 -9.32 -44.04 -53.81
C CYS K 1303 -10.18 -45.29 -53.90
N SER K 1304 -11.19 -45.35 -53.03
CA SER K 1304 -12.06 -46.51 -52.99
C SER K 1304 -13.41 -46.08 -52.45
N SER K 1305 -14.36 -47.01 -52.45
CA SER K 1305 -15.70 -46.67 -52.01
C SER K 1305 -15.88 -46.86 -50.53
N ASN K 1306 -15.19 -47.82 -49.92
CA ASN K 1306 -15.13 -47.88 -48.47
C ASN K 1306 -13.85 -48.53 -47.97
N GLN K 1307 -13.70 -48.46 -46.65
CA GLN K 1307 -12.58 -49.05 -45.94
C GLN K 1307 -12.52 -50.55 -46.12
N ALA K 1308 -13.62 -51.21 -46.49
CA ALA K 1308 -13.61 -52.63 -46.78
C ALA K 1308 -12.68 -52.95 -47.93
N LEU K 1309 -12.79 -52.21 -49.04
CA LEU K 1309 -11.88 -52.46 -50.14
C LEU K 1309 -10.50 -51.90 -49.82
N LEU K 1310 -10.46 -50.83 -49.01
CA LEU K 1310 -9.17 -50.23 -48.70
C LEU K 1310 -8.30 -51.12 -47.81
N GLU K 1311 -8.92 -51.97 -46.97
CA GLU K 1311 -8.14 -52.88 -46.14
C GLU K 1311 -7.47 -53.96 -46.98
N SER K 1312 -8.17 -54.50 -47.96
CA SER K 1312 -7.56 -55.51 -48.82
C SER K 1312 -6.49 -54.90 -49.72
N ARG K 1313 -6.67 -53.65 -50.13
CA ARG K 1313 -5.60 -52.95 -50.84
C ARG K 1313 -4.38 -52.77 -49.95
N SER K 1314 -4.58 -52.41 -48.69
CA SER K 1314 -3.46 -52.26 -47.77
C SER K 1314 -2.82 -53.60 -47.43
N LYS K 1315 -3.58 -54.68 -47.50
CA LYS K 1315 -3.00 -56.01 -47.35
C LYS K 1315 -2.06 -56.34 -48.50
N THR K 1316 -2.59 -56.39 -49.71
CA THR K 1316 -1.81 -56.96 -50.79
C THR K 1316 -0.89 -55.96 -51.46
N GLY K 1317 -0.99 -54.67 -51.14
CA GLY K 1317 -0.16 -53.68 -51.80
C GLY K 1317 -0.51 -53.43 -53.25
N ASN K 1318 -1.68 -53.89 -53.69
CA ASN K 1318 -2.03 -53.87 -55.09
C ASN K 1318 -2.75 -52.56 -55.42
N THR K 1319 -1.98 -51.47 -55.34
CA THR K 1319 -2.52 -50.16 -55.64
C THR K 1319 -2.58 -49.88 -57.13
N GLN K 1320 -2.03 -50.74 -57.96
CA GLN K 1320 -2.03 -50.51 -59.40
C GLN K 1320 -3.27 -51.07 -60.08
N ILE K 1321 -3.71 -52.26 -59.68
CA ILE K 1321 -4.81 -52.93 -60.36
C ILE K 1321 -6.13 -52.46 -59.74
N SER K 1322 -7.01 -51.92 -60.59
CA SER K 1322 -8.28 -51.39 -60.15
C SER K 1322 -9.35 -52.47 -60.15
N GLU K 1323 -10.15 -52.52 -59.09
CA GLU K 1323 -11.06 -53.63 -58.83
C GLU K 1323 -12.41 -53.09 -58.41
N THR K 1324 -13.45 -53.90 -58.61
CA THR K 1324 -14.83 -53.50 -58.31
C THR K 1324 -15.57 -54.57 -57.53
N HIS K 1325 -16.35 -54.14 -56.55
CA HIS K 1325 -17.37 -54.95 -55.89
C HIS K 1325 -18.69 -54.67 -56.64
N TYR K 1326 -19.84 -55.02 -56.05
CA TYR K 1326 -21.16 -54.87 -56.66
C TYR K 1326 -21.45 -53.44 -57.09
N CYS K 1327 -21.59 -52.55 -56.13
CA CYS K 1327 -21.73 -51.13 -56.39
C CYS K 1327 -20.60 -50.32 -55.79
N ASN K 1328 -19.77 -50.92 -54.95
CA ASN K 1328 -18.57 -50.29 -54.46
C ASN K 1328 -17.43 -50.53 -55.45
N TYR K 1329 -16.64 -49.50 -55.68
CA TYR K 1329 -15.55 -49.56 -56.63
C TYR K 1329 -14.26 -49.18 -55.93
N ALA K 1330 -13.14 -49.37 -56.61
CA ALA K 1330 -11.87 -48.92 -56.08
C ALA K 1330 -10.95 -48.62 -57.27
N ILE K 1331 -10.38 -47.42 -57.30
CA ILE K 1331 -9.64 -46.93 -58.46
C ILE K 1331 -8.16 -47.19 -58.23
N GLY K 1332 -7.48 -47.69 -59.26
CA GLY K 1332 -6.08 -48.00 -59.14
C GLY K 1332 -5.21 -46.77 -59.37
N GLU K 1333 -4.21 -46.62 -58.51
CA GLU K 1333 -3.28 -45.51 -58.61
C GLU K 1333 -2.38 -45.70 -59.82
N THR K 1334 -1.96 -44.59 -60.43
CA THR K 1334 -1.17 -44.68 -61.65
C THR K 1334 0.32 -44.42 -61.43
N ILE K 1335 0.71 -43.85 -60.29
CA ILE K 1335 2.12 -43.67 -59.94
C ILE K 1335 2.27 -44.13 -58.51
N PRO K 1336 3.06 -45.17 -58.23
CA PRO K 1336 3.14 -45.73 -56.87
C PRO K 1336 4.01 -44.90 -55.95
N LEU K 1337 3.50 -43.70 -55.63
CA LEU K 1337 4.31 -42.70 -54.94
C LEU K 1337 4.62 -43.10 -53.50
N GLN K 1338 3.79 -43.93 -52.87
CA GLN K 1338 4.12 -44.41 -51.54
C GLN K 1338 5.35 -45.31 -51.57
N LEU K 1339 5.44 -46.17 -52.59
CA LEU K 1339 6.64 -46.98 -52.75
C LEU K 1339 7.84 -46.13 -53.16
N ILE K 1340 7.58 -45.02 -53.87
CA ILE K 1340 8.66 -44.10 -54.23
C ILE K 1340 9.25 -43.43 -52.98
N ILE K 1341 8.39 -42.95 -52.08
CA ILE K 1341 8.85 -42.32 -50.85
C ILE K 1341 9.53 -43.34 -49.94
N GLU K 1342 8.97 -44.55 -49.84
CA GLU K 1342 9.62 -45.58 -49.04
C GLU K 1342 10.94 -46.05 -49.65
N SER K 1343 11.11 -45.89 -50.97
CA SER K 1343 12.41 -46.20 -51.56
C SER K 1343 13.40 -45.05 -51.43
N SER K 1344 12.95 -43.83 -51.16
CA SER K 1344 13.91 -42.80 -50.70
C SER K 1344 13.51 -42.10 -49.41
N GLU L 2 43.41 -74.10 21.63
CA GLU L 2 44.64 -74.40 22.36
C GLU L 2 45.32 -75.66 21.83
N ASN L 3 46.62 -75.53 21.55
CA ASN L 3 47.42 -76.63 21.04
C ASN L 3 47.95 -77.50 22.18
N TRP L 4 48.17 -78.77 21.87
CA TRP L 4 48.76 -79.67 22.85
C TRP L 4 49.85 -80.55 22.25
N GLN L 5 49.78 -80.80 20.94
CA GLN L 5 50.84 -81.57 20.30
C GLN L 5 52.10 -80.73 20.10
N ALA L 6 51.96 -79.40 20.21
CA ALA L 6 53.07 -78.48 20.24
C ALA L 6 54.06 -78.82 21.35
N THR L 7 53.55 -79.02 22.56
CA THR L 7 54.39 -79.30 23.72
C THR L 7 55.08 -80.66 23.59
N GLU L 8 54.44 -81.61 22.91
CA GLU L 8 55.05 -82.92 22.78
C GLU L 8 56.16 -82.90 21.72
N ILE L 9 55.89 -82.30 20.56
CA ILE L 9 56.86 -82.39 19.47
C ILE L 9 58.00 -81.39 19.63
N LEU L 10 57.69 -80.15 19.99
CA LEU L 10 58.60 -79.02 19.85
C LEU L 10 59.69 -79.04 20.92
N PRO L 11 60.77 -78.27 20.74
CA PRO L 11 61.83 -78.21 21.78
C PRO L 11 61.36 -77.70 23.12
N LYS L 12 62.04 -78.17 24.17
CA LYS L 12 61.69 -77.88 25.55
C LYS L 12 62.93 -77.47 26.33
N ILE L 13 62.82 -76.37 27.07
CA ILE L 13 63.84 -75.98 28.02
C ILE L 13 63.83 -76.96 29.18
N GLU L 14 65.03 -77.31 29.68
CA GLU L 14 65.19 -78.34 30.69
C GLU L 14 64.44 -78.00 31.98
N ALA L 15 63.96 -79.04 32.64
CA ALA L 15 63.18 -78.87 33.86
C ALA L 15 64.08 -78.36 34.97
N PRO L 16 63.67 -77.33 35.70
CA PRO L 16 64.59 -76.73 36.68
C PRO L 16 64.73 -77.53 37.96
N LEU L 17 65.83 -78.28 38.04
CA LEU L 17 66.41 -78.84 39.27
C LEU L 17 65.51 -79.84 40.01
N ASN L 18 64.34 -80.17 39.44
CA ASN L 18 63.37 -81.12 39.98
C ASN L 18 62.91 -80.73 41.39
N ILE L 19 62.75 -79.43 41.63
CA ILE L 19 62.42 -78.97 42.97
C ILE L 19 60.92 -79.15 43.24
N PHE L 20 60.08 -79.06 42.21
CA PHE L 20 58.65 -79.25 42.38
C PHE L 20 58.36 -80.71 42.75
N ASN L 21 57.75 -80.90 43.93
CA ASN L 21 57.70 -82.21 44.55
C ASN L 21 56.45 -82.99 44.14
N ASP L 22 55.27 -82.45 44.45
CA ASP L 22 54.02 -83.14 44.23
C ASP L 22 53.16 -82.33 43.27
N ILE L 23 52.86 -82.92 42.11
CA ILE L 23 51.92 -82.34 41.17
C ILE L 23 50.72 -83.24 40.92
N LYS L 24 50.61 -84.35 41.67
CA LYS L 24 49.48 -85.27 41.45
C LYS L 24 48.17 -84.64 41.88
N THR L 25 48.16 -83.96 43.03
CA THR L 25 46.96 -83.27 43.47
C THR L 25 46.61 -82.12 42.54
N TYR L 26 47.63 -81.40 42.07
CA TYR L 26 47.42 -80.25 41.20
C TYR L 26 46.83 -80.68 39.88
N THR L 27 47.35 -81.77 39.32
CA THR L 27 46.82 -82.35 38.09
C THR L 27 45.42 -82.90 38.29
N ALA L 28 45.19 -83.60 39.40
CA ALA L 28 43.93 -84.31 39.58
C ALA L 28 42.77 -83.37 39.85
N GLU L 29 42.98 -82.32 40.64
CA GLU L 29 41.89 -81.41 40.97
C GLU L 29 42.08 -80.03 40.38
N GLN L 30 42.98 -79.88 39.39
CA GLN L 30 43.04 -78.75 38.46
C GLN L 30 43.31 -77.42 39.18
N LEU L 31 44.53 -77.28 39.72
CA LEU L 31 45.03 -75.96 40.08
C LEU L 31 45.05 -75.04 38.86
N PHE L 32 45.44 -75.59 37.73
CA PHE L 32 45.70 -74.82 36.54
C PHE L 32 44.42 -74.51 35.80
N ASP L 33 44.49 -73.48 34.95
CA ASP L 33 43.34 -73.14 34.14
C ASP L 33 43.11 -74.21 33.07
N ASN L 34 44.17 -74.59 32.37
CA ASN L 34 44.06 -75.52 31.25
C ASN L 34 45.18 -76.56 31.35
N LEU L 35 44.78 -77.82 31.42
CA LEU L 35 45.70 -78.94 31.42
C LEU L 35 45.12 -80.03 30.55
N ARG L 36 46.00 -80.72 29.82
CA ARG L 36 45.64 -81.93 29.10
C ARG L 36 46.53 -83.05 29.60
N ILE L 37 45.92 -84.14 30.05
CA ILE L 37 46.68 -85.31 30.47
C ILE L 37 46.31 -86.46 29.54
N TYR L 38 47.17 -87.47 29.52
CA TYR L 38 46.73 -88.75 29.00
C TYR L 38 47.39 -89.88 29.80
N PHE L 39 46.54 -90.80 30.27
CA PHE L 39 47.00 -91.90 31.11
C PHE L 39 47.81 -92.91 30.31
N GLY L 40 47.44 -93.13 29.06
CA GLY L 40 48.09 -94.14 28.25
C GLY L 40 48.45 -93.58 26.89
N ASP L 41 49.52 -94.13 26.32
CA ASP L 41 50.27 -93.56 25.20
C ASP L 41 49.42 -93.25 23.97
N ASP L 42 49.30 -91.97 23.66
CA ASP L 42 48.38 -91.39 22.71
C ASP L 42 49.13 -91.02 21.44
N PRO L 43 48.70 -91.51 20.28
CA PRO L 43 49.34 -91.09 19.02
C PRO L 43 48.84 -89.78 18.47
N SER L 44 48.19 -88.96 19.30
CA SER L 44 47.55 -87.73 18.88
C SER L 44 48.54 -86.64 18.47
N ARG L 45 49.83 -86.87 18.58
CA ARG L 45 50.82 -85.96 18.03
C ARG L 45 51.16 -86.28 16.58
N TYR L 46 50.45 -87.20 15.96
CA TYR L 46 50.79 -87.63 14.61
C TYR L 46 49.85 -87.10 13.53
N ASN L 47 48.69 -86.56 13.91
CA ASN L 47 47.76 -85.95 12.95
C ASN L 47 48.14 -84.49 12.69
N ILE L 48 49.35 -84.32 12.15
CA ILE L 48 49.85 -82.99 11.81
C ILE L 48 49.08 -82.53 10.58
N SER L 49 48.08 -81.68 10.79
CA SER L 49 47.25 -81.17 9.71
C SER L 49 47.45 -79.67 9.59
N PHE L 50 48.15 -79.24 8.56
CA PHE L 50 48.39 -77.84 8.35
C PHE L 50 47.39 -77.26 7.35
N GLU L 51 47.13 -75.97 7.50
CA GLU L 51 46.42 -75.17 6.53
C GLU L 51 47.44 -74.32 5.80
N ALA L 52 47.63 -74.56 4.51
CA ALA L 52 48.60 -73.79 3.75
C ALA L 52 47.89 -72.67 3.03
N LEU L 53 48.39 -71.45 3.21
CA LEU L 53 47.91 -70.33 2.41
C LEU L 53 49.02 -69.91 1.47
N LEU L 54 48.64 -69.69 0.22
CA LEU L 54 49.55 -69.48 -0.89
C LEU L 54 49.74 -67.99 -1.11
N GLY L 55 50.31 -67.63 -2.25
CA GLY L 55 50.74 -66.26 -2.47
C GLY L 55 49.57 -65.29 -2.63
N ILE L 56 49.73 -64.11 -2.05
CA ILE L 56 48.74 -63.05 -2.13
C ILE L 56 48.91 -62.32 -3.45
N TYR L 57 47.86 -62.31 -4.27
CA TYR L 57 47.90 -61.66 -5.57
C TYR L 57 47.10 -60.37 -5.56
N CYS L 58 47.74 -59.28 -5.97
CA CYS L 58 47.13 -57.96 -5.93
C CYS L 58 46.87 -57.46 -7.33
N ASN L 59 45.95 -56.50 -7.43
CA ASN L 59 45.66 -55.89 -8.71
C ASN L 59 46.64 -54.77 -9.01
N LYS L 60 46.89 -54.55 -10.30
CA LYS L 60 47.63 -53.39 -10.79
C LYS L 60 46.66 -52.56 -11.61
N ILE L 61 46.33 -51.37 -11.11
CA ILE L 61 45.41 -50.48 -11.81
C ILE L 61 46.15 -49.82 -12.96
N GLU L 62 45.56 -49.88 -14.17
CA GLU L 62 46.19 -49.23 -15.31
C GLU L 62 46.02 -47.72 -15.22
N TRP L 63 46.83 -47.01 -15.98
CA TRP L 63 46.96 -45.58 -15.86
C TRP L 63 46.41 -44.89 -17.10
N ILE L 64 45.54 -43.93 -16.88
CA ILE L 64 44.81 -43.27 -17.95
C ILE L 64 45.37 -41.87 -18.10
N ASN L 65 46.30 -41.69 -19.04
CA ASN L 65 46.58 -40.36 -19.53
C ASN L 65 45.39 -39.88 -20.32
N PHE L 66 45.14 -38.57 -20.26
CA PHE L 66 44.02 -38.01 -21.02
C PHE L 66 44.27 -38.12 -22.52
N PHE L 67 45.52 -37.97 -22.93
CA PHE L 67 45.86 -37.93 -24.34
C PHE L 67 46.20 -39.30 -24.91
N THR L 68 45.99 -40.36 -24.14
CA THR L 68 46.03 -41.71 -24.68
C THR L 68 44.67 -42.13 -25.22
N THR L 69 43.60 -41.77 -24.50
CA THR L 69 42.25 -42.07 -24.94
C THR L 69 41.87 -41.19 -26.14
N PRO L 70 41.05 -41.70 -27.06
CA PRO L 70 40.74 -40.93 -28.27
C PRO L 70 39.59 -39.95 -28.12
N ILE L 71 39.21 -39.62 -26.89
CA ILE L 71 38.34 -38.48 -26.68
C ILE L 71 39.14 -37.18 -26.81
N ALA L 72 40.45 -37.24 -26.67
CA ALA L 72 41.28 -36.05 -26.73
C ALA L 72 41.47 -35.52 -28.15
N VAL L 73 40.98 -36.23 -29.18
CA VAL L 73 40.95 -35.61 -30.50
C VAL L 73 39.71 -34.73 -30.64
N ALA L 74 38.63 -35.05 -29.91
CA ALA L 74 37.55 -34.08 -29.78
C ALA L 74 37.94 -32.96 -28.84
N ALA L 75 38.81 -33.24 -27.88
CA ALA L 75 39.16 -32.22 -26.90
C ALA L 75 40.27 -31.31 -27.43
N ASN L 76 40.47 -30.20 -26.71
CA ASN L 76 41.63 -29.34 -26.89
C ASN L 76 41.82 -28.60 -25.57
N VAL L 77 42.73 -29.09 -24.73
CA VAL L 77 42.72 -28.76 -23.31
C VAL L 77 43.94 -27.92 -22.95
N ILE L 78 43.69 -26.78 -22.33
CA ILE L 78 44.69 -25.75 -22.10
C ILE L 78 44.57 -25.26 -20.66
N ARG L 79 45.61 -25.51 -19.87
CA ARG L 79 45.71 -24.99 -18.50
C ARG L 79 45.68 -23.47 -18.48
N PHE L 80 44.87 -22.98 -17.55
CA PHE L 80 44.69 -21.56 -17.32
C PHE L 80 44.23 -21.43 -15.87
N ASN L 81 45.09 -20.89 -15.02
CA ASN L 81 44.99 -21.04 -13.58
C ASN L 81 43.98 -20.10 -12.93
N ASP L 82 43.08 -19.47 -13.67
CA ASP L 82 42.17 -18.50 -13.07
C ASP L 82 40.74 -18.66 -13.54
N VAL L 83 40.34 -19.87 -13.92
CA VAL L 83 38.93 -20.06 -14.23
C VAL L 83 38.11 -20.20 -12.95
N SER L 84 38.77 -20.30 -11.79
CA SER L 84 38.09 -20.10 -10.52
C SER L 84 37.61 -18.66 -10.34
N ARG L 85 38.23 -17.71 -11.03
CA ARG L 85 37.78 -16.33 -11.00
C ARG L 85 37.17 -15.84 -12.30
N MET L 86 37.23 -16.63 -13.38
CA MET L 86 36.60 -16.24 -14.64
C MET L 86 35.09 -16.32 -14.53
N THR L 87 34.42 -15.23 -14.89
CA THR L 87 32.95 -15.23 -14.91
C THR L 87 32.43 -15.87 -16.18
N LEU L 88 32.73 -15.27 -17.32
CA LEU L 88 32.23 -15.75 -18.61
C LEU L 88 33.37 -15.72 -19.60
N GLY L 89 33.77 -16.89 -20.09
CA GLY L 89 34.58 -16.97 -21.28
C GLY L 89 33.64 -16.95 -22.48
N LYS L 90 34.00 -16.15 -23.47
CA LYS L 90 33.21 -16.16 -24.68
C LYS L 90 34.10 -15.95 -25.89
N VAL L 91 33.74 -16.60 -26.98
CA VAL L 91 34.40 -16.41 -28.27
C VAL L 91 33.43 -15.69 -29.20
N LEU L 92 33.96 -14.78 -29.99
CA LEU L 92 33.13 -13.92 -30.82
C LEU L 92 33.49 -14.12 -32.29
N PHE L 93 32.52 -14.55 -33.08
CA PHE L 93 32.73 -14.97 -34.46
C PHE L 93 32.07 -13.96 -35.37
N PHE L 94 32.74 -13.68 -36.48
CA PHE L 94 32.38 -12.66 -37.47
C PHE L 94 32.22 -13.31 -38.83
N ILE L 95 30.97 -13.44 -39.27
CA ILE L 95 30.67 -14.07 -40.55
C ILE L 95 30.05 -13.02 -41.44
N GLN L 96 30.62 -12.79 -42.62
CA GLN L 96 29.96 -11.97 -43.63
C GLN L 96 29.55 -12.81 -44.82
N LEU L 97 28.31 -12.62 -45.25
CA LEU L 97 27.85 -13.61 -46.20
C LEU L 97 28.14 -13.18 -47.63
N PRO L 98 28.62 -14.09 -48.46
CA PRO L 98 28.72 -13.80 -49.90
C PRO L 98 27.37 -13.93 -50.57
N ARG L 99 27.10 -13.04 -51.50
CA ARG L 99 25.82 -13.06 -52.17
C ARG L 99 26.02 -13.28 -53.66
N VAL L 100 24.93 -13.60 -54.33
CA VAL L 100 24.93 -13.84 -55.77
C VAL L 100 24.42 -12.57 -56.44
N ALA L 101 24.86 -12.33 -57.67
CA ALA L 101 24.37 -11.19 -58.42
C ALA L 101 23.02 -11.51 -59.01
N THR L 102 22.06 -10.63 -58.78
CA THR L 102 20.72 -10.84 -59.27
C THR L 102 20.64 -10.59 -60.76
N GLY L 103 19.56 -11.07 -61.35
CA GLY L 103 19.29 -10.85 -62.75
C GLY L 103 18.75 -9.46 -63.01
N ASN L 104 18.08 -9.32 -64.15
CA ASN L 104 17.49 -8.03 -64.51
C ASN L 104 16.25 -7.80 -63.68
N ASP L 105 16.19 -6.61 -63.05
CA ASP L 105 15.01 -6.07 -62.38
C ASP L 105 14.55 -6.95 -61.22
N VAL L 106 15.52 -7.46 -60.46
CA VAL L 106 15.29 -8.16 -59.22
C VAL L 106 15.97 -7.36 -58.11
N THR L 107 15.26 -7.16 -57.00
CA THR L 107 15.80 -6.42 -55.87
C THR L 107 16.98 -7.16 -55.27
N ALA L 108 18.15 -6.55 -55.29
CA ALA L 108 19.35 -7.20 -54.80
C ALA L 108 19.32 -7.24 -53.28
N PRO L 109 19.69 -8.38 -52.67
CA PRO L 109 19.78 -8.43 -51.22
C PRO L 109 20.99 -7.68 -50.73
N LYS L 110 20.83 -6.99 -49.62
CA LYS L 110 21.89 -6.14 -49.10
C LYS L 110 22.99 -6.99 -48.50
N GLU L 111 24.15 -6.36 -48.27
CA GLU L 111 25.30 -7.05 -47.73
C GLU L 111 25.05 -7.40 -46.27
N THR L 112 25.20 -8.69 -45.94
CA THR L 112 24.73 -9.22 -44.68
C THR L 112 25.94 -9.51 -43.79
N THR L 113 25.95 -8.91 -42.60
CA THR L 113 27.05 -9.08 -41.63
C THR L 113 26.49 -9.60 -40.34
N ILE L 114 27.01 -10.75 -39.87
CA ILE L 114 26.42 -11.51 -38.77
C ILE L 114 27.50 -11.77 -37.72
N MET L 115 27.16 -11.59 -36.46
CA MET L 115 28.04 -11.90 -35.35
C MET L 115 27.37 -12.88 -34.42
N VAL L 116 28.11 -13.91 -34.04
CA VAL L 116 27.62 -14.87 -33.05
C VAL L 116 28.61 -14.96 -31.91
N ALA L 117 28.08 -15.04 -30.70
CA ALA L 117 28.91 -15.14 -29.51
C ALA L 117 28.61 -16.45 -28.79
N LYS L 118 29.65 -17.22 -28.51
CA LYS L 118 29.50 -18.49 -27.82
C LYS L 118 30.06 -18.34 -26.41
N HIS L 119 29.28 -18.75 -25.43
CA HIS L 119 29.65 -18.60 -24.04
C HIS L 119 30.36 -19.84 -23.55
N SER L 120 30.78 -19.80 -22.30
CA SER L 120 31.46 -20.89 -21.64
C SER L 120 30.57 -21.45 -20.54
N GLU L 121 30.30 -22.75 -20.60
CA GLU L 121 29.77 -23.45 -19.45
C GLU L 121 30.94 -23.76 -18.53
N LYS L 122 30.68 -23.91 -17.24
CA LYS L 122 31.75 -24.41 -16.39
C LYS L 122 31.20 -25.41 -15.38
N HIS L 123 32.08 -26.28 -14.93
CA HIS L 123 31.75 -27.54 -14.31
C HIS L 123 32.92 -27.98 -13.44
N PRO L 124 32.72 -28.13 -12.14
CA PRO L 124 33.81 -28.61 -11.29
C PRO L 124 33.77 -30.10 -11.08
N ILE L 125 34.89 -30.68 -10.68
CA ILE L 125 34.95 -32.07 -10.24
C ILE L 125 35.74 -32.11 -8.94
N ASN L 126 35.53 -33.16 -8.16
CA ASN L 126 36.30 -33.33 -6.95
C ASN L 126 36.54 -34.80 -6.65
N ILE L 127 37.51 -35.02 -5.76
CA ILE L 127 37.87 -36.33 -5.26
C ILE L 127 38.25 -36.19 -3.79
N SER L 128 37.63 -36.99 -2.95
CA SER L 128 37.94 -37.01 -1.53
C SER L 128 38.49 -38.38 -1.18
N PHE L 129 39.49 -38.39 -0.31
CA PHE L 129 39.94 -39.65 0.28
C PHE L 129 40.41 -39.35 1.69
N ASP L 130 40.17 -40.28 2.60
CA ASP L 130 40.54 -40.06 3.99
C ASP L 130 41.78 -40.86 4.36
N LEU L 131 42.40 -40.43 5.45
CA LEU L 131 43.43 -41.21 6.13
C LEU L 131 42.97 -41.37 7.57
N SER L 132 43.05 -42.61 8.07
CA SER L 132 42.64 -42.86 9.43
C SER L 132 43.68 -42.32 10.41
N ALA L 133 43.24 -42.15 11.65
CA ALA L 133 44.11 -41.57 12.67
C ALA L 133 45.26 -42.51 13.01
N ALA L 134 45.02 -43.82 13.02
CA ALA L 134 46.08 -44.77 13.31
C ALA L 134 47.10 -44.83 12.17
N CYS L 135 46.63 -44.78 10.93
CA CYS L 135 47.55 -44.73 9.80
C CYS L 135 48.34 -43.43 9.77
N LEU L 136 47.72 -42.33 10.20
CA LEU L 136 48.44 -41.07 10.30
C LEU L 136 49.48 -41.11 11.41
N GLU L 137 49.19 -41.82 12.51
CA GLU L 137 50.19 -42.01 13.56
C GLU L 137 51.36 -42.83 13.07
N HIS L 138 51.08 -43.97 12.42
CA HIS L 138 52.16 -44.82 11.94
C HIS L 138 52.86 -44.27 10.71
N LEU L 139 52.32 -43.21 10.10
CA LEU L 139 52.93 -42.63 8.91
C LEU L 139 54.25 -41.93 9.24
N GLU L 140 54.21 -40.95 10.13
CA GLU L 140 55.31 -39.97 10.10
C GLU L 140 56.50 -40.35 10.98
N ASN L 141 56.28 -40.94 12.15
CA ASN L 141 57.40 -41.28 13.02
C ASN L 141 57.48 -42.77 13.30
N THR L 142 58.60 -43.15 13.88
CA THR L 142 58.71 -44.38 14.63
C THR L 142 58.79 -44.03 16.10
N PHE L 143 57.95 -44.68 16.91
CA PHE L 143 58.04 -44.49 18.35
C PHE L 143 59.32 -45.09 18.88
N LYS L 144 59.61 -46.34 18.49
CA LYS L 144 60.86 -46.99 18.78
C LYS L 144 61.30 -47.77 17.55
N ASN L 145 62.53 -48.29 17.64
CA ASN L 145 63.02 -49.24 16.64
C ASN L 145 62.54 -50.64 17.00
N THR L 146 61.24 -50.85 16.84
CA THR L 146 60.66 -52.18 16.92
C THR L 146 60.17 -52.60 15.54
N VAL L 147 60.14 -53.92 15.33
CA VAL L 147 59.97 -54.48 14.00
C VAL L 147 58.56 -54.23 13.49
N ILE L 148 57.56 -54.34 14.37
CA ILE L 148 56.18 -54.10 13.99
C ILE L 148 55.94 -52.64 13.67
N ASP L 149 56.63 -51.75 14.39
CA ASP L 149 56.59 -50.32 14.08
C ASP L 149 57.18 -50.05 12.70
N GLN L 150 58.28 -50.75 12.37
CA GLN L 150 58.88 -50.60 11.04
C GLN L 150 57.93 -51.08 9.94
N ILE L 151 57.28 -52.23 10.15
CA ILE L 151 56.40 -52.81 9.14
C ILE L 151 55.19 -51.93 8.91
N LEU L 152 54.57 -51.46 10.00
CA LEU L 152 53.40 -50.60 9.83
C LEU L 152 53.77 -49.21 9.33
N ASN L 153 54.99 -48.74 9.62
CA ASN L 153 55.43 -47.47 9.05
C ASN L 153 55.56 -47.57 7.54
N ILE L 154 56.17 -48.65 7.05
CA ILE L 154 56.34 -48.83 5.62
C ILE L 154 54.99 -49.04 4.95
N ASN L 155 54.08 -49.75 5.63
CA ASN L 155 52.73 -49.95 5.09
C ASN L 155 51.96 -48.66 4.99
N ALA L 156 52.03 -47.79 6.01
CA ALA L 156 51.32 -46.53 5.96
C ALA L 156 51.90 -45.60 4.90
N LEU L 157 53.22 -45.63 4.71
CA LEU L 157 53.84 -44.83 3.66
C LEU L 157 53.38 -45.27 2.28
N HIS L 158 53.35 -46.58 2.03
CA HIS L 158 52.82 -47.07 0.75
C HIS L 158 51.34 -46.78 0.58
N THR L 159 50.58 -46.77 1.69
CA THR L 159 49.15 -46.44 1.63
C THR L 159 48.93 -45.01 1.17
N VAL L 160 49.67 -44.08 1.76
CA VAL L 160 49.51 -42.67 1.40
C VAL L 160 49.95 -42.42 -0.05
N LEU L 161 51.07 -43.02 -0.47
CA LEU L 161 51.55 -42.82 -1.84
C LEU L 161 50.59 -43.39 -2.87
N ARG L 162 50.10 -44.61 -2.64
CA ARG L 162 49.17 -45.21 -3.59
C ARG L 162 47.82 -44.51 -3.58
N SER L 163 47.41 -43.93 -2.44
CA SER L 163 46.16 -43.18 -2.42
C SER L 163 46.27 -41.88 -3.21
N LEU L 164 47.42 -41.21 -3.14
CA LEU L 164 47.63 -40.01 -3.95
C LEU L 164 47.63 -40.36 -5.45
N LYS L 165 48.26 -41.48 -5.80
CA LYS L 165 48.23 -41.95 -7.18
C LYS L 165 46.81 -42.25 -7.65
N ASN L 166 46.00 -42.85 -6.78
CA ASN L 166 44.62 -43.20 -7.14
C ASN L 166 43.77 -41.96 -7.31
N SER L 167 44.02 -40.93 -6.50
CA SER L 167 43.27 -39.68 -6.63
C SER L 167 43.64 -38.95 -7.93
N ALA L 168 44.91 -39.01 -8.34
CA ALA L 168 45.28 -38.39 -9.62
C ALA L 168 44.62 -39.11 -10.80
N ASP L 169 44.63 -40.45 -10.76
CA ASP L 169 43.92 -41.24 -11.78
C ASP L 169 42.43 -40.92 -11.79
N SER L 170 41.86 -40.68 -10.61
CA SER L 170 40.43 -40.40 -10.53
C SER L 170 40.11 -39.01 -11.08
N LEU L 171 41.01 -38.05 -10.91
CA LEU L 171 40.79 -36.73 -11.53
C LEU L 171 40.86 -36.80 -13.04
N GLU L 172 41.79 -37.61 -13.58
CA GLU L 172 41.85 -37.79 -15.03
C GLU L 172 40.58 -38.45 -15.58
N ARG L 173 40.10 -39.50 -14.90
CA ARG L 173 38.89 -40.16 -15.38
C ARG L 173 37.65 -39.31 -15.20
N GLY L 174 37.64 -38.47 -14.16
CA GLY L 174 36.55 -37.52 -14.03
C GLY L 174 36.56 -36.47 -15.11
N LEU L 175 37.75 -36.08 -15.59
CA LEU L 175 37.83 -35.19 -16.75
C LEU L 175 37.24 -35.87 -17.99
N ILE L 176 37.58 -37.14 -18.20
CA ILE L 176 36.98 -37.94 -19.26
C ILE L 176 35.46 -37.93 -19.17
N HIS L 177 34.94 -38.20 -17.96
CA HIS L 177 33.51 -38.37 -17.78
C HIS L 177 32.75 -37.05 -17.90
N ALA L 178 33.33 -35.96 -17.40
CA ALA L 178 32.67 -34.66 -17.49
C ALA L 178 32.66 -34.15 -18.92
N PHE L 179 33.74 -34.42 -19.67
CA PHE L 179 33.71 -34.00 -21.06
C PHE L 179 32.76 -34.84 -21.90
N MET L 180 32.63 -36.13 -21.57
CA MET L 180 31.66 -36.97 -22.26
C MET L 180 30.23 -36.57 -21.91
N GLN L 181 30.03 -36.15 -20.65
CA GLN L 181 28.77 -35.60 -20.18
C GLN L 181 28.37 -34.37 -20.99
N THR L 182 29.33 -33.46 -21.23
CA THR L 182 29.02 -32.24 -21.95
C THR L 182 28.78 -32.51 -23.43
N LEU L 183 29.50 -33.47 -24.02
CA LEU L 183 29.23 -33.84 -25.41
C LEU L 183 27.83 -34.44 -25.59
N LEU L 184 27.40 -35.27 -24.64
CA LEU L 184 26.06 -35.83 -24.76
C LEU L 184 24.97 -34.82 -24.40
N ARG L 185 25.26 -33.83 -23.56
CA ARG L 185 24.30 -32.74 -23.37
C ARG L 185 24.18 -31.87 -24.62
N LYS L 186 25.27 -31.70 -25.36
CA LYS L 186 25.21 -30.88 -26.56
C LYS L 186 24.56 -31.60 -27.72
N SER L 187 24.85 -32.89 -27.89
CA SER L 187 24.64 -33.58 -29.16
C SER L 187 23.17 -33.82 -29.46
N PRO L 188 22.62 -33.24 -30.53
CA PRO L 188 21.25 -33.57 -30.92
C PRO L 188 21.24 -34.88 -31.67
N PRO L 189 20.11 -35.58 -31.71
CA PRO L 189 20.06 -36.87 -32.40
C PRO L 189 20.05 -36.74 -33.91
N GLN L 190 20.29 -37.89 -34.55
CA GLN L 190 20.66 -37.94 -35.94
C GLN L 190 19.51 -37.60 -36.87
N PHE L 191 18.28 -37.96 -36.50
CA PHE L 191 17.16 -37.66 -37.37
C PHE L 191 16.86 -36.17 -37.39
N ILE L 192 17.01 -35.49 -36.23
CA ILE L 192 16.89 -34.04 -36.18
C ILE L 192 18.00 -33.37 -37.00
N VAL L 193 19.24 -33.87 -36.89
CA VAL L 193 20.35 -33.27 -37.63
C VAL L 193 20.16 -33.42 -39.14
N LEU L 194 19.73 -34.62 -39.59
CA LEU L 194 19.53 -34.84 -41.01
C LEU L 194 18.37 -34.00 -41.55
N THR L 195 17.28 -33.89 -40.78
CA THR L 195 16.15 -33.10 -41.24
C THR L 195 16.50 -31.61 -41.28
N MET L 196 17.31 -31.14 -40.35
CA MET L 196 17.71 -29.73 -40.40
C MET L 196 18.73 -29.47 -41.50
N ASN L 197 19.52 -30.45 -41.88
CA ASN L 197 20.38 -30.25 -43.04
C ASN L 197 19.57 -30.23 -44.32
N GLU L 198 18.47 -30.99 -44.36
CA GLU L 198 17.63 -30.99 -45.55
C GLU L 198 16.84 -29.69 -45.69
N ASN L 199 16.33 -29.15 -44.58
CA ASN L 199 15.45 -27.98 -44.62
C ASN L 199 16.24 -26.71 -44.38
N LYS L 200 16.25 -25.83 -45.38
CA LYS L 200 16.91 -24.54 -45.34
C LYS L 200 15.89 -23.43 -45.58
N VAL L 201 16.36 -22.19 -45.73
CA VAL L 201 15.48 -21.04 -45.71
C VAL L 201 15.89 -20.06 -46.81
N HIS L 202 14.95 -19.18 -47.17
CA HIS L 202 15.18 -17.98 -47.95
C HIS L 202 15.41 -16.82 -46.99
N ASN L 203 15.90 -15.71 -47.53
CA ASN L 203 16.14 -14.49 -46.76
C ASN L 203 14.85 -13.92 -46.17
N LYS L 204 13.71 -14.14 -46.83
CA LYS L 204 12.56 -13.26 -46.64
C LYS L 204 11.90 -13.44 -45.27
N GLN L 205 11.88 -14.66 -44.73
CA GLN L 205 11.19 -14.95 -43.49
C GLN L 205 11.67 -16.29 -42.97
N ALA L 206 11.69 -16.44 -41.65
CA ALA L 206 12.25 -17.61 -40.97
C ALA L 206 11.30 -18.80 -41.06
N LEU L 207 11.67 -19.79 -41.88
CA LEU L 207 11.08 -21.13 -41.93
C LEU L 207 9.57 -21.19 -41.98
N SER L 208 9.00 -20.91 -43.16
CA SER L 208 7.57 -20.95 -43.43
C SER L 208 6.83 -22.16 -42.89
N ARG L 209 5.53 -21.99 -42.67
CA ARG L 209 4.73 -23.00 -41.97
C ARG L 209 4.65 -24.30 -42.76
N VAL L 210 4.65 -24.22 -44.09
CA VAL L 210 4.71 -25.42 -44.92
C VAL L 210 6.03 -26.15 -44.71
N GLN L 211 7.12 -25.39 -44.63
CA GLN L 211 8.45 -25.96 -44.42
C GLN L 211 8.52 -26.68 -43.08
N ARG L 212 8.02 -26.07 -42.01
CA ARG L 212 8.16 -26.72 -40.72
C ARG L 212 7.15 -27.83 -40.51
N SER L 213 5.99 -27.78 -41.17
CA SER L 213 5.06 -28.90 -41.07
C SER L 213 5.60 -30.14 -41.80
N ASN L 214 6.15 -29.95 -42.99
CA ASN L 214 6.78 -31.06 -43.69
C ASN L 214 8.03 -31.52 -42.96
N MET L 215 8.70 -30.60 -42.26
CA MET L 215 9.82 -30.96 -41.40
C MET L 215 9.40 -31.88 -40.27
N PHE L 216 8.23 -31.61 -39.68
CA PHE L 216 7.72 -32.48 -38.62
C PHE L 216 7.35 -33.86 -39.14
N GLN L 217 6.73 -33.92 -40.32
CA GLN L 217 6.39 -35.21 -40.90
C GLN L 217 7.64 -36.00 -41.30
N SER L 218 8.67 -35.30 -41.76
CA SER L 218 9.94 -35.96 -42.04
C SER L 218 10.60 -36.45 -40.76
N LEU L 219 10.42 -35.74 -39.64
CA LEU L 219 10.93 -36.23 -38.36
C LEU L 219 10.27 -37.53 -37.97
N LYS L 220 8.93 -37.62 -38.16
CA LYS L 220 8.21 -38.88 -37.96
C LYS L 220 8.81 -40.00 -38.80
N ASN L 221 9.06 -39.74 -40.09
CA ASN L 221 9.51 -40.80 -40.98
C ASN L 221 10.93 -41.26 -40.66
N ARG L 222 11.84 -40.30 -40.40
CA ARG L 222 13.22 -40.65 -40.06
C ARG L 222 13.28 -41.40 -38.74
N LEU L 223 12.43 -41.02 -37.77
CA LEU L 223 12.42 -41.71 -36.49
C LEU L 223 11.92 -43.14 -36.64
N LEU L 224 10.83 -43.34 -37.38
CA LEU L 224 10.29 -44.68 -37.47
C LEU L 224 11.08 -45.59 -38.40
N THR L 225 11.92 -45.04 -39.28
CA THR L 225 12.75 -45.95 -40.06
C THR L 225 14.12 -46.19 -39.43
N SER L 226 14.84 -45.13 -39.06
CA SER L 226 16.24 -45.25 -38.67
C SER L 226 16.43 -45.27 -37.16
N LEU L 227 15.53 -45.91 -36.41
CA LEU L 227 15.64 -45.88 -34.95
C LEU L 227 16.66 -46.90 -34.44
N PHE L 228 16.36 -48.17 -34.60
CA PHE L 228 17.21 -49.24 -34.07
C PHE L 228 18.13 -49.67 -35.20
N PHE L 229 19.35 -49.14 -35.18
CA PHE L 229 20.15 -49.03 -36.39
C PHE L 229 20.96 -50.29 -36.69
N LEU L 230 21.78 -50.76 -35.74
CA LEU L 230 22.60 -51.95 -35.98
C LEU L 230 21.77 -53.21 -36.06
N ASN L 231 20.55 -53.19 -35.56
CA ASN L 231 19.82 -54.41 -35.30
C ASN L 231 18.92 -54.81 -36.47
N ARG L 232 18.49 -53.86 -37.27
CA ARG L 232 17.47 -54.17 -38.26
C ARG L 232 18.07 -54.76 -39.53
N ASN L 233 19.04 -54.05 -40.12
CA ASN L 233 19.65 -54.50 -41.36
C ASN L 233 20.90 -55.33 -41.09
N ASN L 234 21.57 -55.71 -42.17
CA ASN L 234 22.90 -56.27 -42.08
C ASN L 234 23.84 -55.72 -43.13
N ASN L 235 23.36 -54.83 -44.00
CA ASN L 235 24.14 -54.40 -45.16
C ASN L 235 25.26 -53.46 -44.73
N SER L 236 26.50 -53.90 -44.97
CA SER L 236 27.65 -53.04 -44.71
C SER L 236 27.63 -51.80 -45.56
N SER L 237 27.11 -51.91 -46.79
CA SER L 237 26.92 -50.74 -47.65
C SER L 237 25.99 -49.72 -47.00
N TYR L 238 24.86 -50.19 -46.47
CA TYR L 238 23.88 -49.27 -45.88
C TYR L 238 24.41 -48.65 -44.59
N ILE L 239 25.05 -49.44 -43.75
CA ILE L 239 25.51 -48.94 -42.47
C ILE L 239 26.69 -47.99 -42.66
N TYR L 240 27.57 -48.30 -43.60
CA TYR L 240 28.62 -47.38 -44.01
C TYR L 240 28.06 -46.10 -44.60
N ARG L 241 26.94 -46.20 -45.33
CA ARG L 241 26.29 -45.02 -45.89
C ARG L 241 25.74 -44.11 -44.80
N ILE L 242 25.19 -44.69 -43.74
CA ILE L 242 24.61 -43.84 -42.70
C ILE L 242 25.71 -43.23 -41.82
N LEU L 243 26.81 -43.95 -41.60
CA LEU L 243 27.95 -43.31 -40.92
C LEU L 243 28.54 -42.19 -41.78
N ASN L 244 28.54 -42.36 -43.11
CA ASN L 244 28.93 -41.28 -44.01
C ASN L 244 27.97 -40.10 -43.88
N ASP L 245 26.70 -40.38 -43.65
CA ASP L 245 25.72 -39.32 -43.48
C ASP L 245 25.95 -38.56 -42.17
N MET L 246 26.38 -39.25 -41.11
CA MET L 246 26.76 -38.57 -39.88
C MET L 246 27.94 -37.63 -40.11
N MET L 247 28.99 -38.15 -40.77
CA MET L 247 30.21 -37.37 -40.91
C MET L 247 30.05 -36.23 -41.92
N GLU L 248 29.09 -36.31 -42.82
CA GLU L 248 28.77 -35.16 -43.64
C GLU L 248 27.78 -34.21 -42.97
N SER L 249 26.98 -34.71 -42.03
CA SER L 249 26.02 -33.85 -41.35
C SER L 249 26.69 -32.97 -40.31
N VAL L 250 27.72 -33.47 -39.66
CA VAL L 250 28.37 -32.72 -38.58
C VAL L 250 29.21 -31.59 -39.14
N THR L 251 29.07 -30.40 -38.57
CA THR L 251 29.87 -29.26 -38.96
C THR L 251 31.26 -29.32 -38.32
N GLU L 252 32.20 -28.65 -38.97
CA GLU L 252 33.62 -28.67 -38.63
C GLU L 252 33.94 -27.56 -37.61
N SER L 253 35.01 -27.76 -36.84
CA SER L 253 35.43 -26.84 -35.80
C SER L 253 36.15 -25.63 -36.40
N ILE L 254 36.77 -24.80 -35.56
CA ILE L 254 37.29 -23.52 -36.03
C ILE L 254 38.80 -23.55 -36.28
N LEU L 255 39.53 -24.35 -35.52
CA LEU L 255 40.98 -24.24 -35.48
C LEU L 255 41.61 -25.35 -36.29
N ASN L 256 42.47 -24.97 -37.22
CA ASN L 256 43.15 -25.90 -38.09
C ASN L 256 44.62 -25.85 -37.72
N ASP L 257 45.02 -26.67 -36.77
CA ASP L 257 46.43 -26.80 -36.43
C ASP L 257 47.04 -27.86 -37.33
N THR L 258 48.28 -27.60 -37.76
CA THR L 258 48.95 -28.52 -38.68
C THR L 258 49.31 -29.81 -37.96
N ASN L 259 49.54 -29.75 -36.65
CA ASN L 259 50.12 -30.87 -35.93
C ASN L 259 49.19 -31.52 -34.91
N ASN L 260 48.03 -30.94 -34.61
CA ASN L 260 47.09 -31.59 -33.70
C ASN L 260 46.39 -32.72 -34.44
N TYR L 261 46.77 -33.95 -34.11
CA TYR L 261 46.20 -35.18 -34.65
C TYR L 261 46.36 -35.25 -36.16
N THR L 262 47.61 -35.25 -36.57
CA THR L 262 48.02 -35.30 -37.96
C THR L 262 48.67 -36.63 -38.24
N SER L 263 48.29 -37.24 -39.37
CA SER L 263 48.92 -38.49 -39.79
C SER L 263 50.27 -38.19 -40.43
N LYS L 264 50.89 -39.21 -41.00
CA LYS L 264 52.13 -39.03 -41.72
C LYS L 264 51.88 -38.26 -43.01
N GLU L 265 52.87 -37.46 -43.41
CA GLU L 265 52.86 -36.63 -44.62
C GLU L 265 51.72 -35.62 -44.63
N ASN L 266 51.34 -35.16 -43.42
CA ASN L 266 50.44 -34.02 -43.21
C ASN L 266 49.04 -34.22 -43.82
N ILE L 267 48.34 -35.21 -43.29
CA ILE L 267 46.92 -35.41 -43.53
C ILE L 267 46.23 -35.41 -42.17
N PRO L 268 45.35 -34.45 -41.87
CA PRO L 268 44.76 -34.39 -40.54
C PRO L 268 43.64 -35.39 -40.36
N LEU L 269 43.62 -36.00 -39.18
CA LEU L 269 42.50 -36.83 -38.77
C LEU L 269 41.30 -35.94 -38.48
N ASP L 270 40.11 -36.44 -38.78
CA ASP L 270 38.90 -35.61 -38.76
C ASP L 270 37.83 -36.27 -37.88
N GLY L 271 37.94 -36.05 -36.57
CA GLY L 271 36.89 -36.42 -35.66
C GLY L 271 37.02 -37.82 -35.09
N VAL L 272 36.16 -38.10 -34.12
CA VAL L 272 36.11 -39.39 -33.43
C VAL L 272 34.68 -39.92 -33.46
N LEU L 273 34.56 -41.21 -33.72
CA LEU L 273 33.34 -41.99 -33.58
C LEU L 273 33.59 -42.97 -32.45
N LEU L 274 32.85 -42.83 -31.37
CA LEU L 274 33.09 -43.62 -30.19
C LEU L 274 31.78 -44.18 -29.68
N GLY L 275 31.77 -45.46 -29.38
CA GLY L 275 30.58 -46.10 -28.88
C GLY L 275 30.90 -46.97 -27.69
N PRO L 276 29.97 -47.82 -27.28
CA PRO L 276 30.31 -48.86 -26.32
C PRO L 276 30.76 -50.12 -27.06
N ILE L 277 31.36 -51.03 -26.28
CA ILE L 277 32.02 -52.18 -26.86
C ILE L 277 31.02 -53.15 -27.49
N GLY L 278 29.79 -53.19 -26.97
CA GLY L 278 28.75 -54.00 -27.58
C GLY L 278 28.36 -53.54 -28.96
N SER L 279 28.44 -52.23 -29.21
CA SER L 279 28.27 -51.74 -30.58
C SER L 279 29.48 -52.04 -31.42
N ILE L 280 30.68 -51.77 -30.89
CA ILE L 280 31.87 -51.74 -31.73
C ILE L 280 32.36 -53.14 -32.11
N GLN L 281 32.01 -54.18 -31.34
CA GLN L 281 32.31 -55.53 -31.80
C GLN L 281 31.53 -55.87 -33.07
N LYS L 282 30.24 -55.54 -33.09
CA LYS L 282 29.43 -55.72 -34.30
C LYS L 282 29.92 -54.82 -35.42
N LEU L 283 30.35 -53.60 -35.09
CA LEU L 283 30.80 -52.66 -36.11
C LEU L 283 32.10 -53.12 -36.77
N THR L 284 33.02 -53.71 -35.99
CA THR L 284 34.21 -54.28 -36.60
C THR L 284 33.87 -55.52 -37.42
N ASN L 285 32.91 -56.32 -36.93
CA ASN L 285 32.55 -57.53 -37.66
C ASN L 285 31.85 -57.23 -38.99
N ILE L 286 31.21 -56.06 -39.11
CA ILE L 286 30.56 -55.71 -40.37
C ILE L 286 31.37 -54.72 -41.20
N LEU L 287 32.39 -54.09 -40.63
CA LEU L 287 33.16 -53.10 -41.37
C LEU L 287 34.65 -53.37 -41.28
N SER L 288 35.06 -54.63 -41.18
CA SER L 288 36.48 -54.97 -41.09
C SER L 288 37.26 -54.65 -42.35
N GLN L 289 36.61 -54.34 -43.48
CA GLN L 289 37.34 -53.94 -44.67
C GLN L 289 37.95 -52.56 -44.53
N TYR L 290 37.34 -51.69 -43.74
CA TYR L 290 37.68 -50.28 -43.72
C TYR L 290 38.41 -49.85 -42.47
N ILE L 291 38.67 -50.75 -41.54
CA ILE L 291 39.27 -50.41 -40.26
C ILE L 291 40.76 -50.68 -40.31
N SER L 292 41.55 -49.66 -40.00
CA SER L 292 42.99 -49.79 -39.93
C SER L 292 43.48 -49.14 -38.65
N THR L 293 44.77 -49.31 -38.39
CA THR L 293 45.44 -48.69 -37.25
C THR L 293 46.66 -47.96 -37.76
N GLN L 294 46.77 -46.67 -37.44
CA GLN L 294 47.86 -45.86 -37.96
C GLN L 294 48.42 -44.97 -36.87
N VAL L 295 49.65 -44.52 -37.09
CA VAL L 295 50.38 -43.72 -36.12
C VAL L 295 50.15 -42.25 -36.43
N VAL L 296 49.61 -41.51 -35.46
CA VAL L 296 49.14 -40.16 -35.65
C VAL L 296 49.87 -39.25 -34.66
N SER L 297 50.42 -38.14 -35.15
CA SER L 297 51.15 -37.18 -34.33
C SER L 297 50.18 -36.44 -33.42
N ALA L 298 50.19 -36.80 -32.15
CA ALA L 298 49.22 -36.32 -31.18
C ALA L 298 49.89 -35.54 -30.07
N PRO L 299 49.21 -34.58 -29.44
CA PRO L 299 49.80 -33.89 -28.31
C PRO L 299 49.82 -34.77 -27.08
N ILE L 300 50.67 -34.40 -26.11
CA ILE L 300 50.83 -35.20 -24.92
C ILE L 300 50.60 -34.34 -23.68
N SER L 301 50.82 -33.04 -23.79
CA SER L 301 50.74 -32.15 -22.65
C SER L 301 49.61 -31.15 -22.86
N TYR L 302 49.20 -30.54 -21.77
CA TYR L 302 48.16 -29.52 -21.85
C TYR L 302 48.78 -28.22 -22.35
N GLY L 303 47.96 -27.40 -23.01
CA GLY L 303 48.39 -26.04 -23.31
C GLY L 303 48.56 -25.25 -22.02
N HIS L 304 49.31 -24.16 -22.08
CA HIS L 304 49.51 -23.39 -20.87
C HIS L 304 49.46 -21.91 -21.16
N PHE L 305 48.62 -21.18 -20.41
CA PHE L 305 48.49 -19.74 -20.61
C PHE L 305 48.68 -18.99 -19.30
N ILE L 306 49.49 -17.92 -19.32
CA ILE L 306 49.69 -17.05 -18.17
C ILE L 306 49.21 -15.65 -18.54
N MET L 307 48.60 -14.95 -17.59
CA MET L 307 48.32 -13.53 -17.77
C MET L 307 49.61 -12.72 -17.89
N GLY L 308 49.45 -11.49 -18.37
CA GLY L 308 50.45 -10.47 -18.22
C GLY L 308 49.93 -9.41 -17.27
N LYS L 309 50.78 -8.40 -17.06
CA LYS L 309 50.38 -7.29 -16.22
C LYS L 309 49.27 -6.48 -16.89
N GLU L 310 49.30 -6.45 -18.23
CA GLU L 310 48.23 -5.86 -19.04
C GLU L 310 46.88 -6.48 -18.72
N ASN L 311 46.81 -7.81 -18.79
CA ASN L 311 45.54 -8.49 -18.57
C ASN L 311 45.09 -8.40 -17.12
N ALA L 312 46.02 -8.55 -16.18
CA ALA L 312 45.64 -8.43 -14.76
C ALA L 312 45.14 -7.04 -14.42
N VAL L 313 45.79 -6.01 -14.97
CA VAL L 313 45.38 -4.62 -14.77
C VAL L 313 44.01 -4.35 -15.38
N THR L 314 43.76 -4.84 -16.60
CA THR L 314 42.44 -4.65 -17.19
C THR L 314 41.38 -5.47 -16.48
N ALA L 315 41.75 -6.59 -15.86
CA ALA L 315 40.79 -7.38 -15.08
C ALA L 315 40.40 -6.64 -13.82
N ILE L 316 41.34 -5.93 -13.21
CA ILE L 316 41.02 -5.13 -12.04
C ILE L 316 40.18 -3.92 -12.42
N ALA L 317 40.57 -3.21 -13.48
CA ALA L 317 39.93 -1.95 -13.81
C ALA L 317 38.55 -2.14 -14.46
N TYR L 318 38.41 -3.13 -15.35
CA TYR L 318 37.22 -3.21 -16.19
C TYR L 318 36.52 -4.55 -16.14
N ARG L 319 36.82 -5.39 -15.14
CA ARG L 319 36.19 -6.69 -14.93
C ARG L 319 36.28 -7.60 -16.16
N ALA L 320 37.34 -7.48 -16.96
CA ALA L 320 37.36 -8.20 -18.22
C ALA L 320 38.77 -8.42 -18.73
N ILE L 321 38.88 -9.34 -19.69
CA ILE L 321 40.12 -9.77 -20.31
C ILE L 321 39.95 -9.77 -21.82
N MET L 322 40.85 -9.10 -22.52
CA MET L 322 41.05 -9.33 -23.94
C MET L 322 42.12 -10.40 -24.09
N ALA L 323 41.75 -11.55 -24.66
CA ALA L 323 42.81 -12.48 -24.99
C ALA L 323 43.52 -12.04 -26.26
N ASP L 324 44.73 -12.58 -26.46
CA ASP L 324 45.68 -12.17 -27.50
C ASP L 324 45.94 -10.66 -27.43
N PHE L 325 46.20 -10.18 -26.21
CA PHE L 325 46.15 -8.74 -25.98
C PHE L 325 47.36 -8.03 -26.56
N THR L 326 48.53 -8.66 -26.53
CA THR L 326 49.71 -7.94 -27.00
C THR L 326 49.81 -7.94 -28.53
N GLN L 327 49.39 -9.03 -29.19
CA GLN L 327 49.25 -9.01 -30.64
C GLN L 327 48.14 -8.04 -31.06
N PHE L 328 47.04 -8.06 -30.31
CA PHE L 328 45.90 -7.19 -30.50
C PHE L 328 46.26 -5.71 -30.27
N THR L 329 47.31 -5.45 -29.50
CA THR L 329 47.81 -4.12 -29.29
C THR L 329 48.77 -3.71 -30.39
N VAL L 330 49.73 -4.56 -30.74
CA VAL L 330 50.76 -4.13 -31.68
C VAL L 330 50.30 -4.18 -33.13
N ASN L 331 49.21 -4.89 -33.44
CA ASN L 331 48.69 -4.89 -34.81
C ASN L 331 47.65 -3.82 -35.04
N ALA L 332 47.68 -2.74 -34.25
CA ALA L 332 46.62 -1.75 -34.29
C ALA L 332 46.92 -0.63 -35.29
N GLY L 333 48.04 0.08 -35.11
CA GLY L 333 48.33 1.18 -36.01
C GLY L 333 48.82 0.77 -37.38
N THR L 334 49.24 -0.48 -37.53
CA THR L 334 49.81 -0.95 -38.79
C THR L 334 48.71 -1.22 -39.80
N GLU L 335 49.11 -1.73 -40.97
CA GLU L 335 48.11 -2.09 -41.97
C GLU L 335 47.38 -3.37 -41.57
N GLN L 336 48.10 -4.38 -41.09
CA GLN L 336 47.47 -5.66 -40.78
C GLN L 336 46.68 -5.57 -39.47
N GLN L 337 45.54 -4.87 -39.54
CA GLN L 337 44.63 -4.85 -38.42
C GLN L 337 43.75 -6.09 -38.39
N ASP L 338 42.95 -6.29 -39.43
CA ASP L 338 41.93 -7.33 -39.39
C ASP L 338 42.52 -8.74 -39.45
N THR L 339 43.79 -8.88 -39.81
CA THR L 339 44.45 -10.17 -39.78
C THR L 339 45.20 -10.37 -38.47
N ASN L 340 45.12 -11.58 -37.95
CA ASN L 340 45.89 -12.03 -36.80
C ASN L 340 46.06 -13.53 -36.99
N ASN L 341 47.20 -14.04 -36.59
CA ASN L 341 47.59 -15.37 -37.03
C ASN L 341 47.26 -16.46 -36.02
N LYS L 342 47.74 -16.34 -34.79
CA LYS L 342 47.57 -17.39 -33.80
C LYS L 342 46.88 -16.84 -32.57
N SER L 343 45.98 -17.64 -32.00
CA SER L 343 45.31 -17.30 -30.76
C SER L 343 46.04 -18.01 -29.63
N GLU L 344 46.68 -17.22 -28.75
CA GLU L 344 47.53 -17.78 -27.69
C GLU L 344 46.72 -18.61 -26.69
N ILE L 345 45.48 -18.22 -26.44
CA ILE L 345 44.61 -18.97 -25.56
C ILE L 345 44.14 -20.29 -26.15
N PHE L 346 44.24 -20.46 -27.46
CA PHE L 346 43.81 -21.68 -28.13
C PHE L 346 44.94 -22.40 -28.84
N ASP L 347 45.84 -21.68 -29.48
CA ASP L 347 47.05 -22.26 -30.06
C ASP L 347 48.20 -21.88 -29.16
N LYS L 348 48.82 -22.89 -28.55
CA LYS L 348 49.94 -22.67 -27.66
C LYS L 348 50.89 -23.84 -27.84
N SER L 349 52.19 -23.56 -27.75
CA SER L 349 53.21 -24.59 -27.94
C SER L 349 53.13 -25.63 -26.84
N ARG L 350 53.04 -26.89 -27.24
CA ARG L 350 52.95 -28.01 -26.31
C ARG L 350 53.71 -29.17 -26.90
N ALA L 351 54.13 -30.09 -26.04
CA ALA L 351 54.92 -31.22 -26.49
C ALA L 351 54.06 -32.21 -27.26
N TYR L 352 54.68 -32.87 -28.22
CA TYR L 352 54.00 -33.78 -29.12
C TYR L 352 54.59 -35.17 -28.98
N ALA L 353 53.83 -36.16 -29.41
CA ALA L 353 54.28 -37.54 -29.40
C ALA L 353 53.57 -38.27 -30.53
N ASP L 354 53.72 -39.59 -30.56
CA ASP L 354 53.07 -40.42 -31.56
C ASP L 354 52.34 -41.54 -30.87
N LEU L 355 51.18 -41.92 -31.41
CA LEU L 355 50.41 -43.03 -30.84
C LEU L 355 49.55 -43.62 -31.93
N LYS L 356 48.99 -44.80 -31.65
CA LYS L 356 48.17 -45.52 -32.60
C LYS L 356 46.70 -45.29 -32.33
N LEU L 357 45.90 -45.28 -33.39
CA LEU L 357 44.46 -45.08 -33.29
C LEU L 357 43.74 -45.99 -34.27
N ASN L 358 42.64 -46.57 -33.82
CA ASN L 358 41.79 -47.35 -34.71
C ASN L 358 41.02 -46.38 -35.60
N THR L 359 41.31 -46.40 -36.89
CA THR L 359 40.74 -45.44 -37.81
C THR L 359 39.79 -46.11 -38.80
N LEU L 360 38.93 -45.30 -39.38
CA LEU L 360 38.08 -45.67 -40.49
C LEU L 360 38.29 -44.70 -41.64
N LYS L 361 37.96 -45.14 -42.84
CA LYS L 361 38.05 -44.31 -44.02
C LYS L 361 36.65 -44.13 -44.57
N LEU L 362 36.10 -42.93 -44.44
CA LEU L 362 34.77 -42.62 -44.96
C LEU L 362 34.87 -41.52 -46.01
N GLY L 363 35.17 -41.91 -47.25
CA GLY L 363 35.25 -40.98 -48.35
C GLY L 363 36.36 -39.97 -48.16
N ASP L 364 37.59 -40.49 -48.03
CA ASP L 364 38.79 -39.70 -47.72
C ASP L 364 38.63 -38.90 -46.44
N LYS L 365 38.16 -39.57 -45.39
CA LYS L 365 38.05 -38.98 -44.06
C LYS L 365 38.54 -40.01 -43.06
N LEU L 366 39.67 -39.73 -42.42
CA LEU L 366 40.24 -40.62 -41.42
C LEU L 366 39.72 -40.21 -40.06
N VAL L 367 39.02 -41.11 -39.40
CA VAL L 367 38.24 -40.82 -38.19
C VAL L 367 38.64 -41.83 -37.12
N ALA L 368 39.02 -41.33 -35.94
CA ALA L 368 39.30 -42.23 -34.83
C ALA L 368 38.02 -42.93 -34.40
N PHE L 369 38.14 -44.15 -33.91
CA PHE L 369 36.96 -45.00 -33.76
C PHE L 369 37.18 -45.99 -32.63
N ASP L 370 36.56 -45.74 -31.48
CA ASP L 370 36.90 -46.55 -30.30
C ASP L 370 35.77 -46.55 -29.28
N HIS L 371 36.03 -47.28 -28.20
CA HIS L 371 35.15 -47.40 -27.06
C HIS L 371 35.85 -46.91 -25.80
N LEU L 372 35.08 -46.29 -24.92
CA LEU L 372 35.59 -45.81 -23.64
C LEU L 372 35.43 -46.83 -22.52
N HIS L 373 35.20 -48.10 -22.88
CA HIS L 373 35.05 -49.14 -21.86
C HIS L 373 36.36 -49.41 -21.13
N LYS L 374 37.50 -49.11 -21.74
CA LYS L 374 38.78 -49.30 -21.07
C LYS L 374 39.01 -48.28 -19.96
N VAL L 375 38.28 -47.17 -19.94
CA VAL L 375 38.33 -46.26 -18.80
C VAL L 375 37.07 -46.33 -17.98
N TYR L 376 36.03 -47.01 -18.44
CA TYR L 376 34.91 -47.40 -17.59
C TYR L 376 34.93 -48.88 -17.28
N LYS L 377 36.12 -49.48 -17.12
CA LYS L 377 36.21 -50.89 -16.75
C LYS L 377 35.60 -51.13 -15.38
N ASN L 378 36.10 -50.43 -14.39
CA ASN L 378 35.68 -50.66 -13.02
C ASN L 378 35.41 -49.29 -12.41
N THR L 379 34.22 -48.75 -12.68
CA THR L 379 33.85 -47.40 -12.25
C THR L 379 32.44 -47.45 -11.71
N ASP L 380 32.15 -46.60 -10.72
CA ASP L 380 30.80 -46.57 -10.15
C ASP L 380 29.79 -45.95 -11.13
N VAL L 381 30.22 -44.95 -11.91
CA VAL L 381 29.33 -44.39 -12.94
C VAL L 381 29.30 -45.31 -14.14
N ASN L 382 28.14 -45.35 -14.81
CA ASN L 382 27.87 -46.11 -16.04
C ASN L 382 28.68 -45.51 -17.19
N ASP L 383 28.77 -46.25 -18.28
CA ASP L 383 29.23 -45.72 -19.56
C ASP L 383 28.08 -44.80 -19.98
N PRO L 384 28.24 -43.51 -20.25
CA PRO L 384 27.03 -42.72 -20.52
C PRO L 384 26.52 -42.87 -21.94
N LEU L 385 27.18 -43.68 -22.77
CA LEU L 385 26.65 -44.01 -24.08
C LEU L 385 25.51 -45.01 -23.98
N GLU L 386 25.50 -45.82 -22.92
CA GLU L 386 24.36 -46.67 -22.63
C GLU L 386 23.27 -45.79 -22.02
N GLN L 387 22.24 -45.50 -22.80
CA GLN L 387 21.19 -44.60 -22.39
C GLN L 387 19.85 -45.28 -22.61
N SER L 388 18.83 -44.80 -21.91
CA SER L 388 17.52 -45.41 -21.98
C SER L 388 16.59 -44.60 -22.88
N LEU L 389 15.74 -45.29 -23.62
CA LEU L 389 14.63 -44.67 -24.33
C LEU L 389 13.38 -44.73 -23.47
N GLN L 390 12.40 -43.92 -23.82
CA GLN L 390 11.05 -44.06 -23.28
C GLN L 390 10.07 -43.87 -24.42
N LEU L 391 9.58 -44.98 -24.98
CA LEU L 391 8.57 -44.94 -26.01
C LEU L 391 7.19 -45.15 -25.39
N THR L 392 6.24 -44.32 -25.77
CA THR L 392 4.88 -44.36 -25.24
C THR L 392 3.97 -45.04 -26.26
N PHE L 393 3.18 -46.00 -25.80
CA PHE L 393 2.29 -46.79 -26.64
C PHE L 393 0.84 -46.51 -26.27
N PHE L 394 -0.05 -46.59 -27.25
CA PHE L 394 -1.47 -46.42 -26.96
C PHE L 394 -2.28 -47.44 -27.73
N PHE L 395 -3.41 -47.84 -27.16
CA PHE L 395 -4.24 -48.90 -27.72
C PHE L 395 -5.64 -48.76 -27.16
N PRO L 396 -6.67 -49.14 -27.92
CA PRO L 396 -8.04 -48.98 -27.43
C PRO L 396 -8.59 -50.20 -26.72
N LEU L 397 -9.79 -50.08 -26.18
CA LEU L 397 -10.64 -51.24 -25.89
C LEU L 397 -12.08 -50.75 -25.93
N GLY L 398 -12.97 -51.62 -26.36
CA GLY L 398 -14.38 -51.30 -26.33
C GLY L 398 -14.85 -50.33 -27.39
N ILE L 399 -14.02 -50.02 -28.39
CA ILE L 399 -14.47 -49.20 -29.51
C ILE L 399 -15.52 -49.96 -30.29
N TYR L 400 -16.71 -49.40 -30.39
CA TYR L 400 -17.76 -49.99 -31.20
C TYR L 400 -17.59 -49.52 -32.64
N ILE L 401 -17.09 -50.40 -33.49
CA ILE L 401 -17.18 -50.17 -34.93
C ILE L 401 -18.64 -50.14 -35.32
N PRO L 402 -19.10 -49.20 -36.14
CA PRO L 402 -20.51 -49.16 -36.53
C PRO L 402 -20.89 -50.38 -37.36
N THR L 403 -21.94 -51.07 -36.92
CA THR L 403 -22.49 -52.19 -37.67
C THR L 403 -23.07 -51.73 -39.00
N GLU L 404 -23.53 -50.47 -39.05
CA GLU L 404 -24.24 -49.94 -40.21
C GLU L 404 -23.35 -49.86 -41.44
N THR L 405 -22.05 -49.58 -41.28
CA THR L 405 -21.11 -49.62 -42.38
C THR L 405 -20.08 -50.71 -42.19
N GLY L 406 -20.47 -51.79 -41.52
CA GLY L 406 -19.52 -52.80 -41.13
C GLY L 406 -19.18 -53.76 -42.24
N PHE L 407 -18.03 -54.41 -42.07
CA PHE L 407 -17.52 -55.34 -43.06
C PHE L 407 -16.59 -56.31 -42.35
N SER L 408 -16.08 -57.26 -43.14
CA SER L 408 -14.95 -58.05 -42.68
C SER L 408 -14.14 -58.49 -43.88
N THR L 409 -12.86 -58.16 -43.87
CA THR L 409 -11.90 -58.93 -44.61
C THR L 409 -11.44 -60.06 -43.69
N MET L 410 -10.45 -60.84 -44.15
CA MET L 410 -10.01 -62.12 -43.56
C MET L 410 -11.18 -63.00 -43.10
N GLU L 411 -12.13 -63.20 -44.00
CA GLU L 411 -13.24 -64.10 -43.68
C GLU L 411 -12.81 -65.55 -43.77
N THR L 412 -11.89 -65.86 -44.69
CA THR L 412 -11.45 -67.24 -44.88
C THR L 412 -10.54 -67.73 -43.77
N ARG L 413 -9.89 -66.82 -43.05
CA ARG L 413 -8.91 -67.24 -42.05
C ARG L 413 -9.59 -67.70 -40.77
N VAL L 414 -10.35 -66.83 -40.14
CA VAL L 414 -10.99 -67.11 -38.87
C VAL L 414 -12.47 -67.34 -39.11
N LYS L 415 -13.14 -67.85 -38.08
CA LYS L 415 -14.60 -67.87 -38.07
C LYS L 415 -15.05 -67.91 -36.63
N LEU L 416 -15.85 -66.94 -36.23
CA LEU L 416 -16.31 -66.86 -34.85
C LEU L 416 -17.49 -67.79 -34.62
N ASN L 417 -17.75 -68.03 -33.34
CA ASN L 417 -18.99 -68.64 -32.92
C ASN L 417 -19.95 -67.52 -32.55
N ASP L 418 -21.19 -67.62 -33.01
CA ASP L 418 -22.13 -66.51 -32.92
C ASP L 418 -22.57 -66.34 -31.47
N THR L 419 -22.01 -65.34 -30.81
CA THR L 419 -22.41 -64.91 -29.48
C THR L 419 -22.12 -63.41 -29.42
N MET L 420 -22.96 -62.65 -28.72
CA MET L 420 -22.76 -61.21 -28.71
C MET L 420 -21.53 -60.80 -27.90
N GLU L 421 -21.00 -61.69 -27.05
CA GLU L 421 -19.67 -61.43 -26.48
C GLU L 421 -18.59 -61.52 -27.53
N ASN L 422 -18.78 -62.34 -28.56
CA ASN L 422 -17.85 -62.34 -29.68
C ASN L 422 -18.18 -61.23 -30.67
N ASN L 423 -19.41 -60.73 -30.67
CA ASN L 423 -19.83 -59.72 -31.63
C ASN L 423 -19.72 -58.30 -31.12
N LEU L 424 -19.38 -58.10 -29.85
CA LEU L 424 -18.96 -56.80 -29.36
C LEU L 424 -17.60 -56.93 -28.67
N PRO L 425 -16.65 -56.07 -28.97
CA PRO L 425 -15.41 -56.05 -28.20
C PRO L 425 -15.67 -55.52 -26.80
N THR L 426 -15.16 -56.24 -25.80
CA THR L 426 -15.30 -55.83 -24.42
C THR L 426 -13.92 -55.80 -23.78
N SER L 427 -13.08 -56.74 -24.16
CA SER L 427 -11.72 -56.83 -23.67
C SER L 427 -10.76 -56.58 -24.83
N VAL L 428 -9.49 -56.40 -24.51
CA VAL L 428 -8.46 -56.31 -25.55
C VAL L 428 -7.29 -57.21 -25.16
N PHE L 429 -6.85 -58.03 -26.10
CA PHE L 429 -5.78 -58.98 -25.92
C PHE L 429 -4.56 -58.44 -26.66
N PHE L 430 -3.39 -58.57 -26.04
CA PHE L 430 -2.13 -58.21 -26.70
C PHE L 430 -1.00 -58.96 -26.01
N HIS L 431 0.13 -59.03 -26.67
CA HIS L 431 1.26 -59.79 -26.13
C HIS L 431 2.08 -58.94 -25.19
N ASN L 432 2.73 -59.61 -24.23
CA ASN L 432 3.67 -58.97 -23.31
C ASN L 432 5.03 -58.79 -23.95
N LYS L 433 6.06 -58.57 -23.12
CA LYS L 433 7.45 -58.56 -23.57
C LYS L 433 7.80 -59.87 -24.27
N ASP L 434 7.71 -60.98 -23.55
CA ASP L 434 7.68 -62.27 -24.20
C ASP L 434 6.26 -62.57 -24.67
N GLN L 435 6.10 -63.64 -25.44
CA GLN L 435 4.82 -63.90 -26.11
C GLN L 435 3.80 -64.53 -25.15
N VAL L 436 3.45 -63.77 -24.11
CA VAL L 436 2.39 -64.12 -23.19
C VAL L 436 1.18 -63.28 -23.55
N VAL L 437 0.04 -63.94 -23.79
CA VAL L 437 -1.19 -63.21 -24.08
C VAL L 437 -1.67 -62.53 -22.81
N GLN L 438 -1.98 -61.26 -22.91
CA GLN L 438 -2.26 -60.39 -21.79
C GLN L 438 -3.55 -59.65 -22.07
N ARG L 439 -4.37 -59.47 -21.06
CA ARG L 439 -5.75 -59.10 -21.29
C ARG L 439 -6.14 -57.88 -20.47
N ILE L 440 -6.94 -57.00 -21.08
CA ILE L 440 -7.40 -55.81 -20.38
C ILE L 440 -8.93 -55.71 -20.47
N ASP L 441 -9.54 -55.34 -19.34
CA ASP L 441 -10.96 -55.46 -19.03
C ASP L 441 -11.57 -54.13 -18.64
N PHE L 442 -12.89 -54.15 -18.49
CA PHE L 442 -13.55 -53.11 -17.71
C PHE L 442 -13.45 -53.39 -16.21
N ALA L 443 -13.46 -54.68 -15.83
CA ALA L 443 -13.18 -55.06 -14.46
C ALA L 443 -11.76 -54.69 -14.04
N ASP L 444 -10.85 -54.57 -15.00
CA ASP L 444 -9.54 -54.01 -14.76
C ASP L 444 -9.51 -52.50 -14.93
N ILE L 445 -10.43 -51.92 -15.70
CA ILE L 445 -10.40 -50.47 -15.85
C ILE L 445 -10.99 -49.77 -14.64
N LEU L 446 -11.72 -50.51 -13.80
CA LEU L 446 -12.41 -49.94 -12.62
C LEU L 446 -11.61 -49.05 -11.67
N PRO L 447 -10.35 -49.34 -11.28
CA PRO L 447 -9.68 -48.42 -10.34
C PRO L 447 -9.23 -47.12 -10.97
N SER L 448 -9.31 -46.98 -12.28
CA SER L 448 -8.99 -45.74 -12.95
C SER L 448 -10.22 -44.99 -13.43
N VAL L 449 -11.41 -45.59 -13.34
CA VAL L 449 -12.62 -44.95 -13.81
C VAL L 449 -13.65 -44.74 -12.72
N CYS L 450 -13.52 -45.41 -11.57
CA CYS L 450 -14.54 -45.32 -10.54
C CYS L 450 -14.14 -44.33 -9.44
N HIS L 451 -13.20 -43.43 -9.74
CA HIS L 451 -12.65 -42.48 -8.79
C HIS L 451 -13.57 -41.27 -8.66
N PRO L 452 -13.67 -40.66 -7.47
CA PRO L 452 -14.57 -39.51 -7.28
C PRO L 452 -14.21 -38.28 -8.08
N ILE L 453 -12.98 -38.13 -8.56
CA ILE L 453 -12.65 -36.92 -9.31
C ILE L 453 -13.24 -36.97 -10.72
N VAL L 454 -13.62 -38.16 -11.18
CA VAL L 454 -14.40 -38.25 -12.41
C VAL L 454 -15.81 -37.74 -12.18
N HIS L 455 -16.49 -38.25 -11.16
CA HIS L 455 -17.89 -37.92 -10.94
C HIS L 455 -18.10 -36.62 -10.19
N ASP L 456 -17.03 -35.90 -9.86
CA ASP L 456 -17.19 -34.52 -9.44
C ASP L 456 -17.48 -33.63 -10.64
N SER L 457 -18.28 -32.58 -10.44
CA SER L 457 -18.56 -31.61 -11.49
C SER L 457 -17.97 -30.25 -11.19
N THR L 458 -17.23 -30.09 -10.10
CA THR L 458 -16.85 -28.77 -9.63
C THR L 458 -15.84 -28.11 -10.56
N ILE L 459 -14.83 -28.86 -10.97
CA ILE L 459 -13.75 -28.29 -11.78
C ILE L 459 -14.23 -27.98 -13.18
N VAL L 460 -15.09 -28.85 -13.73
CA VAL L 460 -15.66 -28.61 -15.04
C VAL L 460 -16.56 -27.38 -15.02
N GLU L 461 -17.35 -27.23 -13.96
CA GLU L 461 -18.20 -26.05 -13.78
C GLU L 461 -17.37 -24.78 -13.69
N ARG L 462 -16.28 -24.80 -12.92
CA ARG L 462 -15.45 -23.61 -12.75
C ARG L 462 -14.77 -23.21 -14.06
N LEU L 463 -14.18 -24.18 -14.75
CA LEU L 463 -13.44 -23.88 -15.98
C LEU L 463 -14.37 -23.45 -17.10
N MET L 464 -15.50 -24.13 -17.25
CA MET L 464 -16.45 -23.77 -18.30
C MET L 464 -17.23 -22.51 -17.94
N LYS L 465 -17.27 -22.14 -16.67
CA LYS L 465 -17.84 -20.86 -16.28
C LYS L 465 -16.90 -19.72 -16.61
N ASN L 466 -15.63 -19.85 -16.23
CA ASN L 466 -14.67 -18.79 -16.48
C ASN L 466 -14.22 -18.74 -17.94
N GLU L 467 -14.53 -19.76 -18.73
CA GLU L 467 -14.30 -19.67 -20.17
C GLU L 467 -15.23 -18.61 -20.76
N PRO L 468 -14.74 -17.84 -21.73
CA PRO L 468 -15.57 -16.79 -22.33
C PRO L 468 -16.78 -17.31 -23.09
N LEU L 469 -17.74 -16.42 -23.25
CA LEU L 469 -18.98 -16.67 -23.95
C LEU L 469 -18.71 -16.90 -25.44
N PRO L 470 -19.61 -17.58 -26.15
CA PRO L 470 -19.47 -17.68 -27.61
C PRO L 470 -19.82 -16.38 -28.31
N THR L 471 -19.65 -16.33 -29.62
CA THR L 471 -19.96 -15.14 -30.41
C THR L 471 -21.47 -14.98 -30.53
N GLY L 472 -21.88 -13.92 -31.25
CA GLY L 472 -23.30 -13.69 -31.47
C GLY L 472 -23.93 -14.73 -32.38
N HIS L 473 -23.16 -15.24 -33.34
CA HIS L 473 -23.64 -16.16 -34.35
C HIS L 473 -24.07 -17.50 -33.75
N ARG L 474 -23.26 -18.03 -32.83
CA ARG L 474 -23.63 -19.23 -32.10
C ARG L 474 -24.41 -18.90 -30.83
N PHE L 475 -24.36 -17.65 -30.38
CA PHE L 475 -25.08 -17.21 -29.19
C PHE L 475 -26.57 -17.18 -29.44
N SER L 476 -26.98 -16.82 -30.65
CA SER L 476 -28.40 -16.86 -30.99
C SER L 476 -28.89 -18.28 -31.13
N GLN L 477 -28.00 -19.22 -31.43
CA GLN L 477 -28.39 -20.60 -31.71
C GLN L 477 -28.34 -21.49 -30.47
N LEU L 478 -27.48 -21.17 -29.52
CA LEU L 478 -27.14 -22.11 -28.47
C LEU L 478 -27.50 -21.64 -27.06
N CYS L 479 -27.57 -20.33 -26.84
CA CYS L 479 -27.69 -19.77 -25.50
C CYS L 479 -29.08 -19.18 -25.25
N GLN L 480 -30.09 -19.66 -25.98
CA GLN L 480 -31.36 -18.94 -26.04
C GLN L 480 -32.41 -19.47 -25.06
N LEU L 481 -32.27 -20.70 -24.57
CA LEU L 481 -33.36 -21.35 -23.85
C LEU L 481 -33.50 -20.78 -22.44
N LYS L 482 -34.57 -21.18 -21.76
CA LYS L 482 -34.95 -20.55 -20.50
C LYS L 482 -35.85 -21.51 -19.72
N ILE L 483 -35.68 -21.53 -18.40
CA ILE L 483 -36.49 -22.38 -17.55
C ILE L 483 -37.59 -21.54 -16.89
N THR L 484 -38.66 -22.21 -16.49
CA THR L 484 -39.81 -21.55 -15.86
C THR L 484 -40.49 -22.55 -14.94
N ARG L 485 -40.75 -22.15 -13.69
CA ARG L 485 -41.36 -23.05 -12.71
C ARG L 485 -42.53 -22.36 -12.02
N GLU L 486 -43.60 -23.13 -11.82
CA GLU L 486 -44.79 -22.71 -11.08
C GLU L 486 -45.21 -23.89 -10.21
N ASN L 487 -46.45 -23.89 -9.74
CA ASN L 487 -46.95 -25.04 -9.01
C ASN L 487 -48.07 -25.75 -9.80
N PRO L 488 -48.29 -27.05 -9.55
CA PRO L 488 -49.31 -27.79 -10.31
C PRO L 488 -50.74 -27.28 -10.19
N THR L 489 -51.05 -26.48 -9.16
CA THR L 489 -52.36 -25.86 -9.10
C THR L 489 -52.51 -24.82 -10.20
N ARG L 490 -51.49 -23.98 -10.40
CA ARG L 490 -51.60 -22.94 -11.41
C ARG L 490 -51.36 -23.46 -12.81
N ILE L 491 -50.52 -24.48 -12.99
CA ILE L 491 -50.19 -24.84 -14.37
C ILE L 491 -51.32 -25.61 -15.04
N LEU L 492 -52.19 -26.26 -14.26
CA LEU L 492 -53.33 -26.96 -14.86
C LEU L 492 -54.33 -25.98 -15.46
N GLN L 493 -54.46 -24.80 -14.88
CA GLN L 493 -55.36 -23.79 -15.45
C GLN L 493 -54.65 -22.81 -16.36
N THR L 494 -53.32 -22.73 -16.31
CA THR L 494 -52.57 -21.86 -17.20
C THR L 494 -51.78 -22.63 -18.23
N LEU L 495 -52.18 -23.88 -18.50
CA LEU L 495 -51.49 -24.72 -19.46
C LEU L 495 -51.54 -24.15 -20.88
N TYR L 496 -52.74 -23.90 -21.39
CA TYR L 496 -52.90 -23.60 -22.81
C TYR L 496 -52.56 -22.17 -23.20
N ASN L 497 -52.05 -21.33 -22.27
CA ASN L 497 -51.83 -19.92 -22.59
C ASN L 497 -50.67 -19.74 -23.56
N LEU L 498 -49.62 -20.53 -23.42
CA LEU L 498 -48.47 -20.40 -24.30
C LEU L 498 -48.68 -21.09 -25.63
N TYR L 499 -49.81 -21.75 -25.83
CA TYR L 499 -50.26 -22.19 -27.14
C TYR L 499 -51.26 -21.24 -27.76
N GLU L 500 -52.08 -20.56 -26.92
CA GLU L 500 -52.95 -19.52 -27.43
C GLU L 500 -52.14 -18.32 -27.92
N SER L 501 -51.02 -18.03 -27.27
CA SER L 501 -50.08 -17.07 -27.81
C SER L 501 -49.36 -17.65 -29.02
N ARG L 502 -48.74 -16.76 -29.79
CA ARG L 502 -48.06 -17.15 -31.01
C ARG L 502 -46.56 -17.27 -30.85
N GLN L 503 -46.07 -17.28 -29.61
CA GLN L 503 -44.63 -17.34 -29.37
C GLN L 503 -44.11 -18.74 -29.61
N GLU L 504 -42.93 -18.83 -30.23
CA GLU L 504 -42.33 -20.13 -30.54
C GLU L 504 -41.10 -20.37 -29.68
N VAL L 505 -41.08 -21.52 -29.04
CA VAL L 505 -40.03 -21.89 -28.09
C VAL L 505 -38.78 -22.28 -28.88
N PRO L 506 -37.60 -21.77 -28.53
CA PRO L 506 -36.38 -22.10 -29.28
C PRO L 506 -35.93 -23.53 -29.03
N LYS L 507 -34.95 -23.94 -29.84
CA LYS L 507 -34.32 -25.25 -29.68
C LYS L 507 -33.56 -25.33 -28.36
N ASN L 508 -33.61 -26.49 -27.73
CA ASN L 508 -32.68 -26.77 -26.66
C ASN L 508 -31.36 -27.22 -27.24
N THR L 509 -30.33 -27.20 -26.39
CA THR L 509 -29.00 -27.66 -26.79
C THR L 509 -29.04 -29.15 -27.12
N ASN L 510 -29.80 -29.92 -26.36
CA ASN L 510 -29.80 -31.36 -26.52
C ASN L 510 -30.56 -31.78 -27.78
N VAL L 511 -31.70 -31.14 -28.06
CA VAL L 511 -32.42 -31.46 -29.28
C VAL L 511 -31.73 -30.86 -30.49
N LEU L 512 -30.92 -29.82 -30.31
CA LEU L 512 -30.06 -29.36 -31.39
C LEU L 512 -28.94 -30.34 -31.68
N LYS L 513 -28.44 -30.98 -30.62
CA LYS L 513 -27.30 -31.88 -30.75
C LYS L 513 -27.71 -33.21 -31.37
N ASN L 514 -28.83 -33.78 -30.92
CA ASN L 514 -29.22 -35.12 -31.36
C ASN L 514 -29.69 -35.18 -32.80
N GLU L 515 -29.93 -34.04 -33.45
CA GLU L 515 -30.22 -34.05 -34.87
C GLU L 515 -28.99 -34.41 -35.69
N LEU L 516 -27.81 -34.15 -35.15
CA LEU L 516 -26.57 -34.46 -35.86
C LEU L 516 -26.32 -35.96 -35.89
N ASN L 517 -25.32 -36.34 -36.65
CA ASN L 517 -25.01 -37.73 -36.89
C ASN L 517 -23.62 -38.03 -36.31
N VAL L 518 -23.21 -39.29 -36.40
CA VAL L 518 -22.05 -39.83 -35.68
C VAL L 518 -20.74 -39.35 -36.28
N GLU L 519 -20.82 -38.66 -37.40
CA GLU L 519 -19.67 -38.06 -38.04
C GLU L 519 -19.77 -36.56 -38.15
N ASP L 520 -20.97 -36.04 -38.40
CA ASP L 520 -21.19 -34.61 -38.43
C ASP L 520 -21.07 -33.99 -37.04
N PHE L 521 -21.10 -34.80 -35.98
CA PHE L 521 -20.87 -34.31 -34.64
C PHE L 521 -19.45 -33.81 -34.46
N TYR L 522 -18.48 -34.42 -35.14
CA TYR L 522 -17.09 -34.05 -34.93
C TYR L 522 -16.63 -32.94 -35.85
N LYS L 523 -17.36 -32.70 -36.93
CA LYS L 523 -17.01 -31.65 -37.85
C LYS L 523 -17.23 -30.30 -37.17
N PRO L 524 -16.39 -29.30 -37.48
CA PRO L 524 -16.57 -27.96 -36.90
C PRO L 524 -17.87 -27.21 -37.20
N ASP L 525 -18.77 -27.77 -38.00
CA ASP L 525 -20.08 -27.18 -38.17
C ASP L 525 -20.99 -27.40 -36.97
N ASN L 526 -20.62 -28.27 -36.04
CA ASN L 526 -21.40 -28.52 -34.85
C ASN L 526 -21.44 -27.27 -33.98
N PRO L 527 -22.63 -26.77 -33.62
CA PRO L 527 -22.71 -25.72 -32.62
C PRO L 527 -22.53 -26.21 -31.18
N THR L 528 -22.39 -27.51 -30.97
CA THR L 528 -22.27 -28.06 -29.62
C THR L 528 -20.96 -28.82 -29.40
N LEU L 529 -19.88 -28.43 -30.06
CA LEU L 529 -18.62 -29.06 -29.70
C LEU L 529 -18.01 -28.59 -28.38
N PRO L 530 -18.04 -27.30 -27.99
CA PRO L 530 -17.63 -26.98 -26.62
C PRO L 530 -18.65 -27.36 -25.55
N THR L 531 -19.79 -27.89 -25.96
CA THR L 531 -20.83 -28.28 -25.01
C THR L 531 -20.42 -29.53 -24.25
N GLU L 532 -19.93 -30.55 -24.95
CA GLU L 532 -19.53 -31.79 -24.31
C GLU L 532 -18.22 -31.60 -23.56
N ARG L 533 -18.26 -31.78 -22.24
CA ARG L 533 -17.07 -31.66 -21.40
C ARG L 533 -16.86 -32.89 -20.55
N HIS L 534 -17.93 -33.52 -20.08
CA HIS L 534 -17.78 -34.69 -19.23
C HIS L 534 -18.88 -35.66 -19.67
N PRO L 535 -18.57 -36.95 -19.91
CA PRO L 535 -19.55 -37.83 -20.56
C PRO L 535 -20.70 -38.20 -19.66
N PHE L 536 -20.56 -37.97 -18.37
CA PHE L 536 -21.63 -38.15 -17.41
C PHE L 536 -22.47 -36.90 -17.23
N PHE L 537 -21.96 -35.73 -17.64
CA PHE L 537 -22.54 -34.45 -17.27
C PHE L 537 -22.91 -33.67 -18.52
N ASP L 538 -24.19 -33.43 -18.71
CA ASP L 538 -24.68 -32.57 -19.77
C ASP L 538 -24.53 -31.12 -19.33
N LEU L 539 -23.93 -30.31 -20.20
CA LEU L 539 -23.68 -28.90 -19.91
C LEU L 539 -24.46 -28.05 -20.90
N THR L 540 -24.84 -26.86 -20.47
CA THR L 540 -25.64 -25.98 -21.32
C THR L 540 -25.54 -24.54 -20.82
N TYR L 541 -26.29 -23.68 -21.48
CA TYR L 541 -26.43 -22.27 -21.12
C TYR L 541 -27.88 -21.98 -20.82
N ILE L 542 -28.16 -21.33 -19.68
CA ILE L 542 -29.50 -20.89 -19.38
C ILE L 542 -29.48 -19.43 -18.98
N GLN L 543 -30.63 -18.79 -19.21
CA GLN L 543 -30.84 -17.36 -19.01
C GLN L 543 -31.72 -17.16 -17.78
N LYS L 544 -31.15 -16.59 -16.73
CA LYS L 544 -31.92 -16.05 -15.61
C LYS L 544 -31.50 -14.61 -15.39
N ASN L 545 -32.46 -13.69 -15.53
CA ASN L 545 -32.27 -12.24 -15.50
C ASN L 545 -31.24 -11.80 -16.53
N ARG L 546 -31.33 -12.40 -17.72
CA ARG L 546 -30.54 -12.07 -18.91
C ARG L 546 -29.04 -12.23 -18.69
N ALA L 547 -28.66 -13.14 -17.80
CA ALA L 547 -27.29 -13.60 -17.68
C ALA L 547 -27.23 -15.03 -18.21
N THR L 548 -26.13 -15.36 -18.89
CA THR L 548 -26.09 -16.54 -19.75
C THR L 548 -26.08 -17.86 -18.99
N GLU L 549 -25.71 -17.85 -17.71
CA GLU L 549 -25.77 -18.89 -16.69
C GLU L 549 -25.37 -20.30 -17.15
N VAL L 550 -24.07 -20.57 -17.27
CA VAL L 550 -23.61 -21.93 -17.50
C VAL L 550 -24.23 -22.92 -16.52
N LEU L 551 -24.52 -24.13 -16.99
CA LEU L 551 -25.30 -25.06 -16.19
C LEU L 551 -24.81 -26.48 -16.42
N CYS L 552 -24.38 -27.13 -15.36
CA CYS L 552 -24.01 -28.54 -15.37
C CYS L 552 -25.13 -29.36 -14.77
N THR L 553 -25.41 -30.50 -15.39
CA THR L 553 -26.53 -31.35 -15.02
C THR L 553 -26.21 -32.79 -15.39
N PRO L 554 -26.23 -33.72 -14.45
CA PRO L 554 -25.80 -35.09 -14.76
C PRO L 554 -26.80 -35.84 -15.63
N ARG L 555 -26.33 -36.30 -16.79
CA ARG L 555 -27.00 -37.37 -17.51
C ARG L 555 -27.03 -38.59 -16.62
N ILE L 556 -28.22 -39.04 -16.23
CA ILE L 556 -28.25 -40.17 -15.32
C ILE L 556 -28.20 -41.46 -16.12
N MET L 557 -29.16 -41.64 -17.00
CA MET L 557 -29.27 -42.91 -17.69
C MET L 557 -28.37 -42.96 -18.91
N ILE L 558 -28.04 -44.19 -19.33
CA ILE L 558 -27.06 -44.38 -20.39
C ILE L 558 -27.60 -43.88 -21.72
N GLY L 559 -28.91 -43.93 -21.93
CA GLY L 559 -29.48 -43.45 -23.17
C GLY L 559 -29.46 -41.94 -23.31
N ASN L 560 -29.34 -41.20 -22.20
CA ASN L 560 -29.34 -39.76 -22.28
C ASN L 560 -28.03 -39.19 -22.80
N MET L 561 -27.00 -40.02 -22.96
CA MET L 561 -25.86 -39.65 -23.77
C MET L 561 -26.32 -39.42 -25.20
N PRO L 562 -25.71 -38.47 -25.92
CA PRO L 562 -26.22 -38.10 -27.23
C PRO L 562 -26.02 -39.21 -28.25
N LEU L 563 -26.98 -39.31 -29.17
CA LEU L 563 -26.96 -40.40 -30.14
C LEU L 563 -25.78 -40.41 -31.11
N PRO L 564 -25.14 -39.29 -31.50
CA PRO L 564 -23.83 -39.43 -32.16
C PRO L 564 -22.74 -39.95 -31.25
N LEU L 565 -22.93 -39.94 -29.93
CA LEU L 565 -21.96 -40.47 -28.99
C LEU L 565 -22.30 -41.86 -28.48
N ALA L 566 -23.50 -42.32 -28.78
CA ALA L 566 -23.96 -43.66 -28.47
C ALA L 566 -25.07 -44.00 -29.44
N PRO L 567 -24.76 -44.62 -30.58
CA PRO L 567 -25.76 -44.81 -31.63
C PRO L 567 -26.79 -45.84 -31.24
N ILE L 568 -27.87 -45.89 -32.01
CA ILE L 568 -28.99 -46.72 -31.62
C ILE L 568 -28.72 -48.20 -31.93
N SER L 569 -27.88 -48.47 -32.93
CA SER L 569 -27.44 -49.83 -33.16
C SER L 569 -26.56 -50.31 -32.02
N PHE L 570 -25.81 -49.39 -31.40
CA PHE L 570 -25.02 -49.74 -30.24
C PHE L 570 -25.90 -50.09 -29.05
N HIS L 571 -27.02 -49.36 -28.86
CA HIS L 571 -27.94 -49.71 -27.79
C HIS L 571 -28.61 -51.05 -28.06
N GLU L 572 -28.91 -51.34 -29.32
CA GLU L 572 -29.47 -52.66 -29.63
C GLU L 572 -28.43 -53.77 -29.44
N ALA L 573 -27.16 -53.46 -29.65
CA ALA L 573 -26.11 -54.46 -29.45
C ALA L 573 -25.90 -54.75 -27.97
N ARG L 574 -25.88 -53.70 -27.14
CA ARG L 574 -25.83 -53.86 -25.69
C ARG L 574 -27.05 -54.61 -25.17
N THR L 575 -28.19 -54.36 -25.80
CA THR L 575 -29.41 -55.07 -25.46
C THR L 575 -29.32 -56.54 -25.80
N ASN L 576 -28.73 -56.87 -26.94
CA ASN L 576 -28.54 -58.28 -27.30
C ASN L 576 -27.54 -58.96 -26.41
N GLN L 577 -26.55 -58.21 -25.89
CA GLN L 577 -25.69 -58.74 -24.83
C GLN L 577 -26.50 -59.15 -23.61
N MET L 578 -27.39 -58.27 -23.14
CA MET L 578 -28.18 -58.64 -21.97
C MET L 578 -29.22 -59.72 -22.28
N LEU L 579 -29.73 -59.77 -23.52
CA LEU L 579 -30.66 -60.82 -23.89
C LEU L 579 -29.98 -62.19 -23.93
N GLU L 580 -28.78 -62.26 -24.51
CA GLU L 580 -28.04 -63.51 -24.54
C GLU L 580 -27.57 -63.92 -23.15
N HIS L 581 -27.26 -62.93 -22.29
CA HIS L 581 -26.87 -63.24 -20.93
C HIS L 581 -28.06 -63.65 -20.08
N ALA L 582 -29.27 -63.24 -20.45
CA ALA L 582 -30.48 -63.66 -19.75
C ALA L 582 -31.07 -64.96 -20.29
N LYS L 583 -30.69 -65.33 -21.53
CA LYS L 583 -31.23 -66.48 -22.27
C LYS L 583 -32.76 -66.37 -22.42
N THR L 584 -33.24 -65.15 -22.61
CA THR L 584 -34.66 -64.87 -22.80
C THR L 584 -34.82 -64.18 -24.15
N ASN L 585 -34.90 -64.97 -25.21
CA ASN L 585 -35.02 -64.42 -26.56
C ASN L 585 -36.05 -65.20 -27.35
N SER L 586 -37.23 -65.41 -26.76
CA SER L 586 -38.29 -66.12 -27.46
C SER L 586 -38.92 -65.22 -28.51
N HIS L 587 -39.23 -65.81 -29.66
CA HIS L 587 -39.92 -65.11 -30.74
C HIS L 587 -41.42 -65.33 -30.71
N ASN L 588 -41.97 -65.60 -29.52
CA ASN L 588 -43.38 -65.94 -29.41
C ASN L 588 -44.29 -64.74 -29.54
N TYR L 589 -43.77 -63.52 -29.45
CA TYR L 589 -44.60 -62.37 -29.15
C TYR L 589 -44.78 -61.42 -30.32
N ASP L 590 -44.15 -61.68 -31.46
CA ASP L 590 -44.26 -60.75 -32.59
C ASP L 590 -45.66 -60.73 -33.17
N PHE L 591 -46.36 -61.87 -33.14
CA PHE L 591 -47.74 -61.92 -33.58
C PHE L 591 -48.65 -61.14 -32.64
N THR L 592 -48.32 -61.09 -31.35
CA THR L 592 -49.05 -60.23 -30.44
C THR L 592 -48.77 -58.76 -30.75
N LEU L 593 -47.49 -58.44 -30.97
CA LEU L 593 -47.10 -57.04 -31.14
C LEU L 593 -47.63 -56.43 -32.43
N LYS L 594 -47.87 -57.26 -33.45
CA LYS L 594 -48.50 -56.76 -34.68
C LYS L 594 -49.91 -56.24 -34.41
N ILE L 595 -50.73 -57.04 -33.70
CA ILE L 595 -52.11 -56.66 -33.44
C ILE L 595 -52.18 -55.51 -32.44
N VAL L 596 -51.27 -55.49 -31.47
CA VAL L 596 -51.25 -54.39 -30.50
C VAL L 596 -50.81 -53.09 -31.19
N THR L 597 -49.88 -53.19 -32.14
CA THR L 597 -49.45 -52.01 -32.90
C THR L 597 -50.58 -51.50 -33.80
N GLU L 598 -51.35 -52.41 -34.40
CA GLU L 598 -52.49 -51.97 -35.20
C GLU L 598 -53.57 -51.31 -34.33
N SER L 599 -53.74 -51.82 -33.11
CA SER L 599 -54.70 -51.20 -32.19
C SER L 599 -54.22 -49.83 -31.73
N LEU L 600 -52.92 -49.67 -31.54
CA LEU L 600 -52.42 -48.37 -31.11
C LEU L 600 -52.38 -47.37 -32.27
N THR L 601 -52.26 -47.86 -33.50
CA THR L 601 -52.16 -46.98 -34.66
C THR L 601 -53.52 -46.54 -35.18
N SER L 602 -54.47 -47.47 -35.27
CA SER L 602 -55.80 -47.18 -35.82
C SER L 602 -56.55 -46.25 -34.88
N GLY L 603 -56.81 -45.03 -35.36
CA GLY L 603 -57.41 -44.00 -34.53
C GLY L 603 -58.92 -44.02 -34.51
N SER L 604 -59.52 -45.21 -34.49
CA SER L 604 -60.97 -45.36 -34.44
C SER L 604 -61.46 -45.84 -33.08
N TYR L 605 -60.68 -45.60 -32.03
CA TYR L 605 -60.90 -46.15 -30.69
C TYR L 605 -62.19 -45.60 -30.09
N PRO L 606 -63.00 -46.44 -29.45
CA PRO L 606 -64.35 -46.03 -29.06
C PRO L 606 -64.35 -45.23 -27.77
N GLU L 607 -65.40 -44.43 -27.62
CA GLU L 607 -65.41 -43.41 -26.58
C GLU L 607 -65.75 -43.95 -25.20
N LEU L 608 -66.44 -45.09 -25.10
CA LEU L 608 -66.83 -45.62 -23.80
C LEU L 608 -65.64 -46.16 -23.03
N ALA L 609 -64.56 -46.51 -23.73
CA ALA L 609 -63.41 -47.13 -23.08
C ALA L 609 -62.70 -46.16 -22.15
N TYR L 610 -62.59 -44.88 -22.53
CA TYR L 610 -62.02 -43.88 -21.64
C TYR L 610 -62.89 -43.69 -20.40
N VAL L 611 -64.20 -43.70 -20.59
CA VAL L 611 -65.15 -43.57 -19.49
C VAL L 611 -65.01 -44.73 -18.52
N ILE L 612 -64.82 -45.95 -19.04
CA ILE L 612 -64.63 -47.11 -18.18
C ILE L 612 -63.29 -47.04 -17.47
N GLU L 613 -62.25 -46.59 -18.16
CA GLU L 613 -60.92 -46.48 -17.56
C GLU L 613 -60.85 -45.41 -16.48
N ILE L 614 -61.75 -44.44 -16.48
CA ILE L 614 -61.81 -43.51 -15.34
C ILE L 614 -62.89 -43.86 -14.33
N LEU L 615 -63.87 -44.71 -14.69
CA LEU L 615 -64.79 -45.20 -13.68
C LEU L 615 -64.11 -46.22 -12.78
N VAL L 616 -63.60 -47.30 -13.35
CA VAL L 616 -62.77 -48.20 -12.56
C VAL L 616 -61.39 -47.59 -12.44
N HIS L 617 -60.70 -47.93 -11.37
CA HIS L 617 -59.32 -47.52 -11.21
C HIS L 617 -58.49 -48.64 -10.59
N GLY L 618 -58.81 -49.87 -10.94
CA GLY L 618 -58.05 -50.98 -10.43
C GLY L 618 -58.43 -51.45 -9.04
N ASN L 619 -59.51 -50.93 -8.45
CA ASN L 619 -59.92 -51.48 -7.16
C ASN L 619 -60.61 -52.83 -7.29
N LYS L 620 -60.96 -53.22 -8.52
CA LYS L 620 -61.36 -54.53 -9.03
C LYS L 620 -62.73 -54.98 -8.54
N HIS L 621 -63.30 -54.30 -7.54
CA HIS L 621 -64.70 -54.51 -7.23
C HIS L 621 -65.59 -53.82 -8.25
N ALA L 622 -65.21 -52.61 -8.63
CA ALA L 622 -65.87 -51.93 -9.74
C ALA L 622 -65.67 -52.69 -11.05
N PHE L 623 -64.52 -53.36 -11.20
CA PHE L 623 -64.32 -54.20 -12.37
C PHE L 623 -65.22 -55.42 -12.36
N MET L 624 -65.37 -56.08 -11.21
CA MET L 624 -66.28 -57.21 -11.12
C MET L 624 -67.73 -56.79 -11.28
N ILE L 625 -68.06 -55.53 -11.01
CA ILE L 625 -69.39 -55.04 -11.38
C ILE L 625 -69.48 -54.81 -12.90
N LEU L 626 -68.46 -54.17 -13.49
CA LEU L 626 -68.43 -53.95 -14.93
C LEU L 626 -67.88 -55.11 -15.73
N LYS L 627 -67.96 -56.34 -15.20
CA LYS L 627 -67.35 -57.47 -15.87
C LYS L 627 -68.03 -57.78 -17.20
N GLN L 628 -69.35 -57.58 -17.28
CA GLN L 628 -70.07 -57.92 -18.50
C GLN L 628 -70.12 -56.78 -19.51
N VAL L 629 -70.03 -55.53 -19.06
CA VAL L 629 -70.01 -54.40 -19.97
C VAL L 629 -68.71 -54.38 -20.76
N ILE L 630 -67.59 -54.51 -20.04
CA ILE L 630 -66.27 -54.63 -20.64
C ILE L 630 -66.19 -55.88 -21.51
N SER L 631 -66.90 -56.94 -21.11
CA SER L 631 -66.99 -58.15 -21.90
C SER L 631 -67.62 -57.90 -23.26
N GLN L 632 -68.77 -57.23 -23.27
CA GLN L 632 -69.45 -56.94 -24.53
C GLN L 632 -68.64 -55.98 -25.40
N CYS L 633 -67.98 -54.99 -24.76
CA CYS L 633 -67.15 -54.04 -25.49
C CYS L 633 -65.98 -54.73 -26.18
N ILE L 634 -65.19 -55.50 -25.43
CA ILE L 634 -64.04 -56.18 -26.01
C ILE L 634 -64.48 -57.23 -27.02
N SER L 635 -65.62 -57.90 -26.76
CA SER L 635 -66.06 -58.98 -27.61
C SER L 635 -66.48 -58.46 -28.98
N TYR L 636 -67.31 -57.41 -29.02
CA TYR L 636 -67.64 -56.79 -30.29
C TYR L 636 -66.41 -56.17 -30.95
N TRP L 637 -65.53 -55.57 -30.15
CA TRP L 637 -64.45 -54.78 -30.68
C TRP L 637 -63.34 -55.63 -31.30
N PHE L 638 -63.15 -56.86 -30.81
CA PHE L 638 -62.23 -57.78 -31.45
C PHE L 638 -62.92 -58.72 -32.43
N ASN L 639 -64.22 -58.95 -32.28
CA ASN L 639 -64.90 -59.83 -33.21
C ASN L 639 -65.13 -59.14 -34.55
N MET L 640 -65.40 -57.84 -34.55
CA MET L 640 -65.76 -57.16 -35.77
C MET L 640 -64.70 -56.16 -36.22
N LYS L 641 -64.32 -55.20 -35.37
CA LYS L 641 -63.25 -54.27 -35.73
C LYS L 641 -61.88 -54.97 -35.80
N HIS L 642 -61.74 -56.12 -35.13
CA HIS L 642 -60.54 -56.94 -34.95
C HIS L 642 -59.26 -56.16 -34.67
N ILE L 643 -59.38 -55.08 -33.89
CA ILE L 643 -58.26 -54.49 -33.19
C ILE L 643 -58.57 -54.56 -31.70
N LEU L 644 -57.57 -54.27 -30.89
CA LEU L 644 -57.67 -54.57 -29.46
C LEU L 644 -58.26 -53.38 -28.71
N LEU L 645 -58.75 -53.65 -27.50
CA LEU L 645 -59.34 -52.65 -26.64
C LEU L 645 -58.65 -52.70 -25.28
N PHE L 646 -58.66 -51.57 -24.57
CA PHE L 646 -58.04 -51.37 -23.25
C PHE L 646 -56.55 -51.67 -23.28
N CYS L 647 -55.86 -51.22 -24.33
CA CYS L 647 -54.42 -51.35 -24.43
C CYS L 647 -53.70 -50.06 -24.01
N ASN L 648 -54.27 -49.34 -23.05
CA ASN L 648 -53.72 -48.06 -22.59
C ASN L 648 -53.34 -48.06 -21.13
N SER L 649 -54.17 -48.61 -20.26
CA SER L 649 -53.91 -48.59 -18.83
C SER L 649 -53.36 -49.93 -18.38
N PHE L 650 -52.28 -49.90 -17.59
CA PHE L 650 -51.65 -51.14 -17.17
C PHE L 650 -52.52 -51.90 -16.19
N GLU L 651 -53.23 -51.20 -15.31
CA GLU L 651 -54.11 -51.90 -14.39
C GLU L 651 -55.26 -52.58 -15.12
N MET L 652 -55.70 -52.00 -16.25
CA MET L 652 -56.70 -52.67 -17.07
C MET L 652 -56.12 -53.88 -17.76
N ILE L 653 -54.93 -53.73 -18.35
CA ILE L 653 -54.36 -54.82 -19.13
C ILE L 653 -53.85 -55.95 -18.24
N MET L 654 -53.65 -55.68 -16.95
CA MET L 654 -53.33 -56.69 -15.96
C MET L 654 -54.59 -57.29 -15.36
N LEU L 655 -55.63 -56.48 -15.22
CA LEU L 655 -56.87 -56.92 -14.62
C LEU L 655 -57.64 -57.86 -15.54
N ILE L 656 -57.50 -57.67 -16.85
CA ILE L 656 -58.08 -58.61 -17.81
C ILE L 656 -57.38 -59.97 -17.72
N SER L 657 -56.06 -59.97 -17.53
CA SER L 657 -55.36 -61.23 -17.40
C SER L 657 -55.65 -61.92 -16.09
N ASN L 658 -55.91 -61.15 -15.03
CA ASN L 658 -56.17 -61.76 -13.73
C ASN L 658 -57.60 -62.26 -13.61
N HIS L 659 -58.58 -61.37 -13.72
CA HIS L 659 -59.94 -61.72 -13.32
C HIS L 659 -60.86 -62.04 -14.48
N MET L 660 -60.65 -61.40 -15.63
CA MET L 660 -61.43 -61.74 -16.81
C MET L 660 -61.05 -63.12 -17.31
N GLY L 661 -62.02 -63.87 -17.78
CA GLY L 661 -61.73 -65.20 -18.26
C GLY L 661 -61.88 -65.30 -19.75
N ASP L 662 -62.51 -66.36 -20.22
CA ASP L 662 -62.86 -66.48 -21.63
C ASP L 662 -64.37 -66.45 -21.84
N GLU L 663 -65.14 -66.54 -20.77
CA GLU L 663 -66.58 -66.31 -20.86
C GLU L 663 -66.82 -64.87 -21.23
N LEU L 664 -67.50 -64.69 -22.37
CA LEU L 664 -67.79 -63.39 -22.98
C LEU L 664 -66.52 -62.61 -23.28
N ILE L 665 -65.52 -63.30 -23.84
CA ILE L 665 -64.43 -62.61 -24.54
C ILE L 665 -64.00 -63.59 -25.63
N PRO L 666 -63.44 -63.13 -26.74
CA PRO L 666 -62.77 -64.07 -27.64
C PRO L 666 -61.44 -64.53 -27.06
N GLY L 667 -61.20 -65.84 -27.21
CA GLY L 667 -60.05 -66.48 -26.60
C GLY L 667 -58.75 -66.05 -27.21
N ALA L 668 -58.77 -65.68 -28.49
CA ALA L 668 -57.57 -65.15 -29.13
C ALA L 668 -57.16 -63.83 -28.51
N ALA L 669 -58.12 -62.92 -28.30
CA ALA L 669 -57.78 -61.64 -27.67
C ALA L 669 -57.39 -61.81 -26.21
N PHE L 670 -58.01 -62.78 -25.52
CA PHE L 670 -57.60 -63.06 -24.15
C PHE L 670 -56.17 -63.61 -24.08
N ALA L 671 -55.80 -64.44 -25.06
CA ALA L 671 -54.42 -64.88 -25.18
C ALA L 671 -53.49 -63.70 -25.47
N HIS L 672 -53.96 -62.70 -26.21
CA HIS L 672 -53.12 -61.51 -26.41
C HIS L 672 -52.89 -60.75 -25.11
N TYR L 673 -53.92 -60.62 -24.27
CA TYR L 673 -53.72 -59.94 -22.98
C TYR L 673 -52.76 -60.71 -22.08
N ARG L 674 -52.90 -62.04 -22.05
CA ARG L 674 -52.01 -62.87 -21.25
C ARG L 674 -50.58 -62.81 -21.78
N ASN L 675 -50.42 -62.72 -23.10
CA ASN L 675 -49.08 -62.60 -23.69
C ASN L 675 -48.46 -61.25 -23.38
N LEU L 676 -49.24 -60.18 -23.29
CA LEU L 676 -48.66 -58.89 -22.95
C LEU L 676 -48.20 -58.84 -21.50
N VAL L 677 -48.98 -59.44 -20.59
CA VAL L 677 -48.54 -59.52 -19.20
C VAL L 677 -47.27 -60.36 -19.09
N SER L 678 -47.19 -61.45 -19.84
CA SER L 678 -45.97 -62.27 -19.81
C SER L 678 -44.78 -61.56 -20.46
N LEU L 679 -45.04 -60.71 -21.46
CA LEU L 679 -44.00 -59.87 -22.05
C LEU L 679 -43.41 -58.92 -21.02
N ILE L 680 -44.28 -58.28 -20.23
CA ILE L 680 -43.77 -57.36 -19.21
C ILE L 680 -43.02 -58.13 -18.12
N ARG L 681 -43.41 -59.39 -17.86
CA ARG L 681 -42.63 -60.26 -16.98
C ARG L 681 -41.23 -60.50 -17.54
N LEU L 682 -41.13 -60.80 -18.84
CA LEU L 682 -39.82 -61.07 -19.43
C LEU L 682 -38.94 -59.84 -19.48
N VAL L 683 -39.53 -58.65 -19.66
CA VAL L 683 -38.73 -57.43 -19.61
C VAL L 683 -38.18 -57.21 -18.20
N LYS L 684 -39.02 -57.45 -17.18
CA LYS L 684 -38.56 -57.30 -15.79
C LYS L 684 -37.43 -58.26 -15.47
N ARG L 685 -37.52 -59.50 -15.95
CA ARG L 685 -36.41 -60.45 -15.77
C ARG L 685 -35.14 -59.99 -16.50
N THR L 686 -35.29 -59.58 -17.76
CA THR L 686 -34.16 -59.30 -18.64
C THR L 686 -33.33 -58.13 -18.15
N ILE L 687 -33.96 -57.11 -17.59
CA ILE L 687 -33.15 -56.06 -16.98
C ILE L 687 -33.20 -56.09 -15.46
N SER L 688 -33.63 -57.22 -14.87
CA SER L 688 -33.32 -57.48 -13.47
C SER L 688 -32.34 -58.62 -13.34
N ILE L 689 -31.56 -58.87 -14.41
CA ILE L 689 -30.31 -59.62 -14.29
C ILE L 689 -29.47 -59.12 -13.12
N SER L 690 -29.13 -57.83 -13.12
CA SER L 690 -28.11 -57.28 -12.22
C SER L 690 -28.69 -57.12 -10.82
N ASN L 691 -28.79 -58.25 -10.13
CA ASN L 691 -29.45 -58.34 -8.83
C ASN L 691 -28.56 -59.18 -7.93
N ILE L 692 -28.02 -58.55 -6.89
CA ILE L 692 -26.99 -59.10 -6.03
C ILE L 692 -27.42 -58.82 -4.60
N ASN L 693 -27.16 -59.77 -3.69
CA ASN L 693 -27.56 -59.60 -2.30
C ASN L 693 -26.74 -58.54 -1.56
N GLU L 694 -26.87 -57.28 -1.94
CA GLU L 694 -26.21 -56.24 -1.18
C GLU L 694 -26.96 -54.92 -1.32
N GLN L 695 -27.34 -54.35 -0.20
CA GLN L 695 -27.79 -52.98 -0.12
C GLN L 695 -26.61 -52.09 0.26
N LEU L 696 -26.74 -50.79 -0.02
CA LEU L 696 -25.69 -49.85 0.35
C LEU L 696 -26.16 -48.86 1.40
N CYS L 697 -27.20 -48.08 1.13
CA CYS L 697 -27.73 -47.18 2.13
C CYS L 697 -29.07 -47.67 2.68
N GLY L 698 -30.08 -47.78 1.82
CA GLY L 698 -31.28 -48.51 2.14
C GLY L 698 -31.83 -49.13 0.89
N GLU L 699 -31.14 -48.91 -0.20
CA GLU L 699 -31.63 -49.29 -1.50
C GLU L 699 -30.96 -50.57 -1.96
N PRO L 700 -31.69 -51.41 -2.67
CA PRO L 700 -31.09 -52.57 -3.34
C PRO L 700 -30.13 -52.14 -4.43
N LEU L 701 -29.26 -53.09 -4.79
CA LEU L 701 -28.24 -52.81 -5.79
C LEU L 701 -28.84 -52.67 -7.18
N VAL L 702 -30.04 -53.19 -7.39
CA VAL L 702 -30.73 -52.96 -8.67
C VAL L 702 -31.26 -51.54 -8.73
N ASN L 703 -31.74 -51.04 -7.59
CA ASN L 703 -32.10 -49.63 -7.45
C ASN L 703 -30.87 -48.74 -7.72
N PHE L 704 -29.68 -49.18 -7.31
CA PHE L 704 -28.50 -48.42 -7.73
C PHE L 704 -28.17 -48.62 -9.21
N ALA L 705 -28.52 -49.77 -9.77
CA ALA L 705 -28.11 -50.11 -11.13
C ALA L 705 -28.92 -49.38 -12.17
N ASN L 706 -30.23 -49.59 -12.16
CA ASN L 706 -31.09 -49.24 -13.27
C ASN L 706 -32.18 -48.30 -12.75
N ALA L 707 -32.31 -47.14 -13.38
CA ALA L 707 -33.29 -46.14 -12.95
C ALA L 707 -34.73 -46.52 -13.28
N LEU L 708 -34.96 -47.69 -13.85
CA LEU L 708 -36.30 -48.22 -13.97
C LEU L 708 -36.77 -48.89 -12.69
N PHE L 709 -35.87 -49.11 -11.73
CA PHE L 709 -36.19 -49.80 -10.48
C PHE L 709 -36.25 -48.90 -9.27
N ASP L 710 -35.80 -47.65 -9.38
CA ASP L 710 -35.70 -46.78 -8.21
C ASP L 710 -37.07 -46.32 -7.73
N GLY L 711 -37.07 -45.77 -6.51
CA GLY L 711 -38.26 -45.08 -6.02
C GLY L 711 -38.46 -43.74 -6.66
N ARG L 712 -37.47 -43.26 -7.41
CA ARG L 712 -37.53 -41.94 -8.00
C ARG L 712 -38.31 -41.89 -9.31
N LEU L 713 -38.67 -43.03 -9.88
CA LEU L 713 -39.44 -43.08 -11.11
C LEU L 713 -40.83 -43.62 -10.78
N PHE L 714 -41.87 -42.93 -11.27
CA PHE L 714 -43.13 -42.95 -10.55
C PHE L 714 -44.35 -43.44 -11.30
N CYS L 715 -44.19 -44.07 -12.49
CA CYS L 715 -45.26 -44.57 -13.35
C CYS L 715 -46.24 -43.45 -13.66
N PRO L 716 -45.96 -42.59 -14.67
CA PRO L 716 -46.64 -41.28 -14.85
C PRO L 716 -48.15 -41.17 -14.62
N PHE L 717 -48.90 -42.22 -14.93
CA PHE L 717 -50.32 -42.27 -14.60
C PHE L 717 -50.49 -43.09 -13.32
N VAL L 718 -50.78 -42.41 -12.21
CA VAL L 718 -51.10 -43.09 -10.96
C VAL L 718 -52.52 -42.76 -10.56
N HIS L 719 -53.13 -43.69 -9.83
CA HIS L 719 -54.43 -43.53 -9.22
C HIS L 719 -54.36 -43.42 -7.71
N THR L 720 -53.29 -43.92 -7.11
CA THR L 720 -53.02 -43.67 -5.70
C THR L 720 -51.67 -42.98 -5.59
N MET L 721 -51.32 -42.56 -4.38
CA MET L 721 -50.00 -42.05 -4.10
C MET L 721 -48.95 -43.13 -4.41
N PRO L 722 -47.79 -42.75 -4.95
CA PRO L 722 -46.70 -43.70 -5.13
C PRO L 722 -46.19 -44.33 -3.84
N ARG L 723 -45.32 -45.32 -4.04
CA ARG L 723 -44.83 -46.15 -2.94
C ARG L 723 -43.98 -45.35 -1.95
N ASN L 724 -43.00 -44.59 -2.47
CA ASN L 724 -42.16 -43.66 -1.71
C ASN L 724 -41.42 -44.34 -0.55
N ASP L 725 -40.72 -45.42 -0.89
CA ASP L 725 -39.89 -46.11 0.10
C ASP L 725 -38.76 -45.20 0.57
N THR L 726 -38.11 -44.53 -0.36
CA THR L 726 -37.21 -43.43 -0.04
C THR L 726 -37.99 -42.13 -0.04
N ASN L 727 -37.30 -41.03 0.25
CA ASN L 727 -37.96 -39.74 0.30
C ASN L 727 -38.21 -39.18 -1.09
N ALA L 728 -39.12 -38.21 -1.14
CA ALA L 728 -39.38 -37.41 -2.33
C ALA L 728 -40.01 -36.11 -1.86
N LYS L 729 -40.46 -35.29 -2.80
CA LYS L 729 -41.31 -34.15 -2.47
C LYS L 729 -42.40 -34.09 -3.53
N ILE L 730 -43.52 -34.73 -3.26
CA ILE L 730 -44.66 -34.72 -4.18
C ILE L 730 -45.55 -33.55 -3.81
N THR L 731 -45.81 -32.66 -4.77
CA THR L 731 -46.50 -31.41 -4.52
C THR L 731 -47.61 -31.19 -5.53
N ALA L 732 -48.74 -30.70 -5.02
CA ALA L 732 -49.73 -29.97 -5.80
C ALA L 732 -49.77 -28.50 -5.43
N ASP L 733 -49.43 -28.20 -4.17
CA ASP L 733 -49.33 -26.83 -3.68
C ASP L 733 -47.94 -26.70 -3.05
N ASP L 734 -47.74 -25.65 -2.26
CA ASP L 734 -46.49 -25.50 -1.54
C ASP L 734 -46.31 -26.53 -0.42
N THR L 735 -47.37 -27.22 -0.04
CA THR L 735 -47.25 -28.29 0.95
C THR L 735 -46.77 -29.57 0.28
N PRO L 736 -45.72 -30.20 0.78
CA PRO L 736 -45.35 -31.53 0.30
C PRO L 736 -46.36 -32.58 0.78
N LEU L 737 -46.73 -33.47 -0.14
CA LEU L 737 -47.78 -34.44 0.15
C LEU L 737 -47.19 -35.63 0.90
N THR L 738 -47.61 -35.81 2.14
CA THR L 738 -47.13 -36.91 2.98
C THR L 738 -48.30 -37.82 3.34
N GLN L 739 -47.96 -38.90 4.04
CA GLN L 739 -48.98 -39.77 4.61
C GLN L 739 -49.80 -39.05 5.68
N ASN L 740 -49.19 -38.09 6.37
CA ASN L 740 -49.91 -37.22 7.28
C ASN L 740 -50.85 -36.28 6.52
N THR L 741 -50.39 -35.74 5.39
CA THR L 741 -51.14 -34.72 4.68
C THR L 741 -52.35 -35.31 3.97
N VAL L 742 -52.16 -36.45 3.32
CA VAL L 742 -53.22 -37.03 2.50
C VAL L 742 -54.31 -37.64 3.38
N ARG L 743 -55.55 -37.25 3.15
CA ARG L 743 -56.68 -37.90 3.78
C ARG L 743 -57.07 -39.17 3.05
N VAL L 744 -57.51 -40.16 3.79
CA VAL L 744 -57.80 -41.46 3.24
C VAL L 744 -59.14 -41.42 2.51
N ARG L 745 -59.28 -42.24 1.46
CA ARG L 745 -60.56 -42.39 0.78
C ARG L 745 -61.32 -43.55 1.41
N ASN L 746 -62.47 -43.25 1.99
CA ASN L 746 -63.41 -44.28 2.44
C ASN L 746 -64.56 -44.28 1.45
N TYR L 747 -64.87 -45.45 0.92
CA TYR L 747 -65.95 -45.53 -0.04
C TYR L 747 -67.28 -45.89 0.59
N GLU L 748 -67.33 -46.14 1.90
CA GLU L 748 -68.57 -46.56 2.53
C GLU L 748 -69.26 -45.44 3.30
N ILE L 749 -68.56 -44.37 3.66
CA ILE L 749 -69.18 -43.30 4.43
C ILE L 749 -69.34 -42.01 3.62
N SER L 750 -68.51 -41.81 2.58
CA SER L 750 -68.77 -40.86 1.48
C SER L 750 -68.92 -39.40 1.88
N ASP L 751 -67.85 -38.74 2.26
CA ASP L 751 -67.95 -37.38 2.78
C ASP L 751 -68.20 -36.30 1.73
N VAL L 752 -69.12 -35.39 2.09
CA VAL L 752 -69.34 -34.11 1.45
C VAL L 752 -68.05 -33.30 1.34
N GLN L 753 -67.16 -33.46 2.32
CA GLN L 753 -65.88 -32.78 2.31
C GLN L 753 -65.04 -33.20 1.11
N ARG L 754 -64.91 -34.51 0.88
CA ARG L 754 -64.20 -34.94 -0.31
C ARG L 754 -64.99 -34.61 -1.58
N MET L 755 -66.31 -34.49 -1.48
CA MET L 755 -67.08 -33.98 -2.62
C MET L 755 -66.73 -32.52 -2.95
N ASN L 756 -66.34 -31.72 -1.96
CA ASN L 756 -65.85 -30.36 -2.24
C ASN L 756 -64.43 -30.40 -2.79
N LEU L 757 -63.63 -31.29 -2.23
CA LEU L 757 -62.21 -31.26 -2.51
C LEU L 757 -61.84 -32.08 -3.73
N ILE L 758 -62.83 -32.66 -4.44
CA ILE L 758 -62.54 -33.06 -5.82
C ILE L 758 -62.48 -31.83 -6.72
N ASP L 759 -63.21 -30.77 -6.39
CA ASP L 759 -62.98 -29.51 -7.07
C ASP L 759 -61.68 -28.89 -6.60
N SER L 760 -61.47 -28.85 -5.28
CA SER L 760 -60.25 -28.22 -4.78
C SER L 760 -59.02 -29.10 -4.99
N SER L 761 -57.85 -28.59 -4.62
CA SER L 761 -56.57 -29.22 -4.92
C SER L 761 -56.00 -29.93 -3.70
N VAL L 762 -56.57 -31.12 -3.39
CA VAL L 762 -56.04 -32.02 -2.38
C VAL L 762 -56.02 -33.43 -2.97
N VAL L 763 -54.92 -34.16 -2.75
CA VAL L 763 -54.76 -35.53 -3.20
C VAL L 763 -55.34 -36.46 -2.14
N PHE L 764 -55.96 -37.57 -2.58
CA PHE L 764 -56.65 -38.51 -1.71
C PHE L 764 -56.30 -39.93 -2.12
N THR L 765 -56.13 -40.83 -1.14
CA THR L 765 -55.70 -42.20 -1.39
C THR L 765 -56.62 -43.20 -0.71
N ASP L 766 -56.60 -44.43 -1.23
CA ASP L 766 -57.25 -45.56 -0.56
C ASP L 766 -56.35 -46.13 0.52
N ASN L 767 -55.15 -46.55 0.12
CA ASN L 767 -54.22 -47.34 0.91
C ASN L 767 -52.94 -47.41 0.08
N ASP L 768 -51.86 -47.99 0.58
CA ASP L 768 -50.69 -48.23 -0.28
C ASP L 768 -51.01 -49.43 -1.15
N ARG L 769 -51.79 -49.18 -2.21
CA ARG L 769 -52.10 -50.20 -3.20
C ARG L 769 -50.88 -50.76 -3.95
N PRO L 770 -49.98 -49.96 -4.53
CA PRO L 770 -48.97 -50.58 -5.41
C PRO L 770 -47.89 -51.30 -4.61
N SER L 771 -47.71 -52.57 -4.92
CA SER L 771 -46.56 -53.31 -4.43
C SER L 771 -45.31 -52.89 -5.18
N ASN L 772 -44.17 -53.40 -4.72
CA ASN L 772 -42.90 -53.15 -5.41
C ASN L 772 -42.93 -53.76 -6.81
N GLU L 773 -43.48 -54.97 -6.92
CA GLU L 773 -43.60 -55.65 -8.20
C GLU L 773 -44.49 -54.88 -9.16
N ASN L 774 -45.69 -54.49 -8.70
CA ASN L 774 -46.64 -53.79 -9.56
C ASN L 774 -46.13 -52.40 -9.93
N THR L 775 -45.36 -51.76 -9.05
CA THR L 775 -44.76 -50.47 -9.37
C THR L 775 -43.73 -50.60 -10.48
N ILE L 776 -42.85 -51.62 -10.38
CA ILE L 776 -41.86 -51.87 -11.43
C ILE L 776 -42.55 -52.21 -12.75
N LEU L 777 -43.59 -53.04 -12.70
CA LEU L 777 -44.27 -53.45 -13.93
C LEU L 777 -45.02 -52.29 -14.57
N SER L 778 -45.62 -51.41 -13.76
CA SER L 778 -46.32 -50.25 -14.31
C SER L 778 -45.34 -49.26 -14.93
N LYS L 779 -44.16 -49.09 -14.31
CA LYS L 779 -43.08 -48.34 -14.95
C LYS L 779 -42.72 -48.93 -16.30
N ILE L 780 -42.56 -50.26 -16.36
CA ILE L 780 -42.21 -50.94 -17.60
C ILE L 780 -43.26 -50.68 -18.67
N PHE L 781 -44.54 -50.81 -18.31
CA PHE L 781 -45.59 -50.64 -19.30
C PHE L 781 -45.68 -49.19 -19.77
N TYR L 782 -46.04 -48.26 -18.87
CA TYR L 782 -46.26 -46.86 -19.26
C TYR L 782 -45.00 -46.16 -19.73
N PHE L 783 -43.83 -46.76 -19.60
CA PHE L 783 -42.60 -46.05 -19.73
C PHE L 783 -41.65 -46.70 -20.71
N CYS L 784 -41.90 -47.95 -21.12
CA CYS L 784 -41.18 -48.60 -22.18
C CYS L 784 -42.08 -49.24 -23.23
N VAL L 785 -43.22 -49.82 -22.82
CA VAL L 785 -43.97 -50.66 -23.75
C VAL L 785 -44.86 -49.80 -24.64
N LEU L 786 -45.64 -48.90 -24.04
CA LEU L 786 -46.40 -47.94 -24.84
C LEU L 786 -45.55 -47.02 -25.71
N PRO L 787 -44.42 -46.43 -25.26
CA PRO L 787 -43.65 -45.63 -26.24
C PRO L 787 -42.98 -46.46 -27.32
N ALA L 788 -42.58 -47.70 -27.05
CA ALA L 788 -41.96 -48.49 -28.10
C ALA L 788 -42.95 -48.90 -29.16
N LEU L 789 -44.18 -49.22 -28.78
CA LEU L 789 -45.15 -49.74 -29.71
C LEU L 789 -46.04 -48.66 -30.31
N SER L 790 -46.07 -47.47 -29.71
CA SER L 790 -46.95 -46.41 -30.18
C SER L 790 -46.24 -45.40 -31.08
N ASN L 791 -44.92 -45.25 -30.90
CA ASN L 791 -44.11 -44.23 -31.55
C ASN L 791 -44.67 -42.83 -31.30
N ASN L 792 -44.63 -42.45 -30.02
CA ASN L 792 -44.97 -41.10 -29.52
C ASN L 792 -46.43 -40.73 -29.77
N LYS L 793 -47.31 -41.69 -30.04
CA LYS L 793 -48.67 -41.38 -30.48
C LYS L 793 -49.67 -41.47 -29.36
N ALA L 794 -49.29 -41.10 -28.15
CA ALA L 794 -50.21 -41.03 -27.03
C ALA L 794 -50.34 -39.59 -26.56
N CYS L 795 -51.28 -39.36 -25.66
CA CYS L 795 -51.41 -38.05 -25.03
C CYS L 795 -52.01 -38.21 -23.65
N GLY L 796 -51.55 -37.40 -22.70
CA GLY L 796 -52.15 -37.42 -21.39
C GLY L 796 -53.54 -36.81 -21.41
N ALA L 797 -54.37 -37.22 -20.46
CA ALA L 797 -55.73 -36.73 -20.48
C ALA L 797 -56.26 -36.53 -19.07
N GLY L 798 -57.00 -35.43 -18.90
CA GLY L 798 -57.64 -35.10 -17.66
C GLY L 798 -59.14 -34.94 -17.80
N VAL L 799 -59.87 -35.02 -16.70
CA VAL L 799 -61.32 -35.17 -16.74
C VAL L 799 -61.96 -34.46 -15.56
N ASN L 800 -62.95 -33.61 -15.84
CA ASN L 800 -63.89 -33.15 -14.83
C ASN L 800 -64.89 -34.27 -14.59
N VAL L 801 -64.64 -35.09 -13.57
CA VAL L 801 -65.55 -36.19 -13.27
C VAL L 801 -66.88 -35.69 -12.75
N LYS L 802 -66.90 -34.52 -12.10
CA LYS L 802 -68.14 -33.96 -11.58
C LYS L 802 -69.11 -33.58 -12.69
N GLU L 803 -68.66 -32.70 -13.60
CA GLU L 803 -69.51 -32.30 -14.72
C GLU L 803 -69.78 -33.47 -15.66
N LEU L 804 -68.82 -34.42 -15.73
CA LEU L 804 -69.02 -35.64 -16.49
C LEU L 804 -70.22 -36.44 -15.98
N VAL L 805 -70.25 -36.75 -14.69
CA VAL L 805 -71.32 -37.60 -14.18
C VAL L 805 -72.65 -36.84 -14.17
N LEU L 806 -72.61 -35.53 -13.90
CA LEU L 806 -73.84 -34.75 -13.88
C LEU L 806 -74.37 -34.49 -15.28
N ASP L 807 -73.57 -34.71 -16.32
CA ASP L 807 -74.13 -34.74 -17.66
C ASP L 807 -74.57 -36.14 -18.07
N LEU L 808 -73.80 -37.17 -17.70
CA LEU L 808 -74.10 -38.53 -18.13
C LEU L 808 -75.41 -39.05 -17.56
N PHE L 809 -75.79 -38.59 -16.38
CA PHE L 809 -77.03 -39.10 -15.81
C PHE L 809 -77.63 -38.02 -14.92
N TYR L 810 -78.50 -38.45 -14.00
CA TYR L 810 -79.09 -37.76 -12.85
C TYR L 810 -80.31 -36.94 -13.28
N THR L 811 -80.62 -36.87 -14.57
CA THR L 811 -81.80 -36.12 -14.93
C THR L 811 -83.09 -36.95 -14.89
N GLU L 812 -83.32 -37.79 -15.90
CA GLU L 812 -84.64 -38.42 -15.94
C GLU L 812 -84.75 -39.80 -15.27
N PRO L 813 -83.91 -40.83 -15.60
CA PRO L 813 -84.22 -42.17 -15.07
C PRO L 813 -83.74 -42.38 -13.65
N PHE L 814 -82.56 -41.87 -13.35
CA PHE L 814 -81.80 -42.23 -12.17
C PHE L 814 -82.25 -41.50 -10.93
N ILE L 815 -83.37 -40.80 -11.01
CA ILE L 815 -84.09 -40.30 -9.85
C ILE L 815 -85.34 -41.13 -9.56
N CYS L 816 -85.90 -41.78 -10.58
CA CYS L 816 -87.13 -42.55 -10.43
C CYS L 816 -86.90 -43.77 -9.53
N PRO L 817 -87.87 -44.12 -8.68
CA PRO L 817 -87.70 -45.27 -7.78
C PRO L 817 -87.79 -46.62 -8.48
N ASP L 818 -87.78 -47.69 -7.68
CA ASP L 818 -87.25 -48.99 -8.07
C ASP L 818 -87.99 -49.62 -9.25
N ASP L 819 -89.32 -49.66 -9.20
CA ASP L 819 -90.07 -50.35 -10.25
C ASP L 819 -90.08 -49.52 -11.53
N CYS L 820 -90.33 -48.22 -11.40
CA CYS L 820 -90.41 -47.33 -12.55
C CYS L 820 -89.04 -47.19 -13.21
N PHE L 821 -87.96 -47.16 -12.43
CA PHE L 821 -86.63 -47.16 -13.01
C PHE L 821 -86.28 -48.50 -13.65
N GLN L 822 -86.70 -49.60 -13.02
CA GLN L 822 -86.32 -50.93 -13.51
C GLN L 822 -87.00 -51.26 -14.82
N GLU L 823 -88.25 -50.80 -15.02
CA GLU L 823 -88.86 -50.99 -16.33
C GLU L 823 -88.66 -49.80 -17.26
N ASN L 824 -88.20 -48.66 -16.75
CA ASN L 824 -88.08 -47.46 -17.55
C ASN L 824 -86.76 -47.47 -18.31
N PRO L 825 -86.77 -47.29 -19.62
CA PRO L 825 -85.52 -47.07 -20.35
C PRO L 825 -84.95 -45.68 -20.15
N ILE L 826 -83.88 -45.40 -20.89
CA ILE L 826 -83.08 -44.19 -20.74
C ILE L 826 -83.88 -42.98 -21.21
N SER L 827 -83.39 -41.78 -20.87
CA SER L 827 -83.93 -40.51 -21.37
C SER L 827 -83.72 -40.30 -22.86
N SER L 828 -82.98 -41.21 -23.53
CA SER L 828 -82.61 -41.11 -24.95
C SER L 828 -81.85 -39.81 -25.22
N ASP L 829 -80.84 -39.57 -24.39
CA ASP L 829 -80.14 -38.30 -24.43
C ASP L 829 -79.22 -38.22 -25.65
N VAL L 830 -78.70 -37.01 -25.87
CA VAL L 830 -77.87 -36.75 -27.04
C VAL L 830 -76.53 -37.45 -26.91
N LEU L 831 -76.05 -37.66 -25.68
CA LEU L 831 -74.68 -38.10 -25.46
C LEU L 831 -74.58 -39.59 -25.16
N MET L 832 -75.21 -40.04 -24.07
CA MET L 832 -74.81 -41.29 -23.42
C MET L 832 -75.32 -42.52 -24.18
N SER L 833 -76.56 -42.47 -24.66
CA SER L 833 -77.08 -43.54 -25.49
C SER L 833 -76.34 -43.61 -26.82
N LEU L 834 -75.82 -42.48 -27.30
CA LEU L 834 -75.01 -42.50 -28.51
C LEU L 834 -73.60 -43.04 -28.26
N ILE L 835 -73.07 -42.87 -27.05
CA ILE L 835 -71.83 -43.53 -26.66
C ILE L 835 -72.01 -45.04 -26.69
N ARG L 836 -73.12 -45.50 -26.14
CA ARG L 836 -73.36 -46.94 -26.11
C ARG L 836 -73.69 -47.50 -27.50
N GLU L 837 -74.33 -46.70 -28.35
CA GLU L 837 -74.50 -47.13 -29.74
C GLU L 837 -73.18 -47.14 -30.48
N ALA L 838 -72.24 -46.26 -30.10
CA ALA L 838 -70.91 -46.29 -30.68
C ALA L 838 -70.14 -47.52 -30.24
N MET L 839 -70.35 -48.00 -29.02
CA MET L 839 -69.65 -49.22 -28.66
C MET L 839 -70.37 -50.47 -29.19
N GLY L 840 -71.65 -50.37 -29.52
CA GLY L 840 -72.33 -51.46 -30.18
C GLY L 840 -73.52 -51.01 -31.01
N PRO L 841 -73.52 -51.36 -32.29
CA PRO L 841 -74.67 -51.01 -33.15
C PRO L 841 -75.74 -52.10 -33.17
N GLY L 842 -76.99 -51.71 -33.00
CA GLY L 842 -78.06 -52.68 -33.01
C GLY L 842 -78.10 -53.50 -31.73
N TYR L 843 -78.78 -54.64 -31.82
CA TYR L 843 -78.92 -55.71 -30.84
C TYR L 843 -79.46 -55.25 -29.48
N THR L 844 -79.95 -54.02 -29.36
CA THR L 844 -80.43 -53.47 -28.11
C THR L 844 -81.78 -52.84 -28.37
N VAL L 845 -82.79 -53.26 -27.60
CA VAL L 845 -84.15 -52.77 -27.84
C VAL L 845 -84.28 -51.33 -27.38
N ALA L 846 -84.02 -51.09 -26.09
CA ALA L 846 -84.15 -49.76 -25.51
C ALA L 846 -82.96 -48.85 -25.81
N ASN L 847 -81.91 -49.41 -26.43
CA ASN L 847 -80.52 -48.98 -26.63
C ASN L 847 -79.71 -49.12 -25.34
N THR L 848 -80.33 -49.41 -24.20
CA THR L 848 -79.73 -49.48 -22.89
C THR L 848 -80.20 -50.72 -22.17
N SER L 849 -80.08 -51.87 -22.84
CA SER L 849 -80.56 -53.12 -22.28
C SER L 849 -79.67 -53.54 -21.12
N SER L 850 -80.01 -53.03 -19.93
CA SER L 850 -79.43 -53.30 -18.60
C SER L 850 -78.03 -52.73 -18.39
N ILE L 851 -77.42 -52.18 -19.43
CA ILE L 851 -76.03 -51.71 -19.33
C ILE L 851 -75.97 -50.40 -18.56
N ALA L 852 -77.02 -49.58 -18.61
CA ALA L 852 -77.07 -48.37 -17.78
C ALA L 852 -77.23 -48.72 -16.30
N LYS L 853 -77.99 -49.79 -16.02
CA LYS L 853 -78.08 -50.29 -14.65
C LYS L 853 -76.73 -50.79 -14.17
N GLN L 854 -75.98 -51.46 -15.05
CA GLN L 854 -74.64 -51.93 -14.67
C GLN L 854 -73.69 -50.75 -14.42
N LEU L 855 -73.78 -49.72 -15.26
CA LEU L 855 -72.91 -48.56 -15.10
C LEU L 855 -73.25 -47.78 -13.83
N PHE L 856 -74.53 -47.67 -13.49
CA PHE L 856 -74.89 -46.99 -12.24
C PHE L 856 -74.51 -47.82 -11.03
N LYS L 857 -74.66 -49.15 -11.11
CA LYS L 857 -74.21 -50.01 -10.02
C LYS L 857 -72.71 -50.02 -9.85
N SER L 858 -71.93 -49.70 -10.87
CA SER L 858 -70.49 -49.56 -10.71
C SER L 858 -70.06 -48.13 -10.51
N LEU L 859 -70.98 -47.17 -10.62
CA LEU L 859 -70.70 -45.76 -10.44
C LEU L 859 -70.41 -45.39 -8.99
N ILE L 860 -70.54 -46.35 -8.05
CA ILE L 860 -70.48 -46.03 -6.62
C ILE L 860 -69.06 -45.62 -6.22
N TYR L 861 -68.06 -46.09 -6.96
CA TYR L 861 -66.70 -45.62 -6.76
C TYR L 861 -66.47 -44.47 -7.71
N ILE L 862 -66.01 -43.35 -7.18
CA ILE L 862 -65.52 -42.28 -8.02
C ILE L 862 -64.14 -41.89 -7.50
N ASN L 863 -63.47 -41.07 -8.27
CA ASN L 863 -62.16 -40.57 -7.92
C ASN L 863 -62.16 -39.05 -8.02
N GLU L 864 -60.97 -38.47 -7.90
CA GLU L 864 -60.79 -37.03 -7.90
C GLU L 864 -60.92 -36.48 -9.32
N ASN L 865 -60.82 -35.17 -9.43
CA ASN L 865 -60.46 -34.58 -10.69
C ASN L 865 -58.98 -34.81 -10.94
N THR L 866 -58.58 -34.68 -12.20
CA THR L 866 -57.20 -34.95 -12.57
C THR L 866 -56.31 -33.81 -12.10
N LYS L 867 -55.18 -34.16 -11.47
CA LYS L 867 -54.27 -33.17 -10.93
C LYS L 867 -52.86 -33.46 -11.41
N ILE L 868 -52.17 -32.41 -11.87
CA ILE L 868 -50.72 -32.47 -12.03
C ILE L 868 -50.11 -32.61 -10.64
N LEU L 869 -49.01 -33.36 -10.55
CA LEU L 869 -48.17 -33.34 -9.36
C LEU L 869 -46.72 -33.14 -9.78
N GLU L 870 -46.03 -32.19 -9.16
CA GLU L 870 -44.59 -32.11 -9.30
C GLU L 870 -43.94 -33.03 -8.29
N VAL L 871 -42.75 -33.51 -8.62
CA VAL L 871 -41.92 -34.21 -7.65
C VAL L 871 -40.56 -33.55 -7.65
N GLU L 872 -40.24 -32.84 -6.58
CA GLU L 872 -38.85 -32.45 -6.32
C GLU L 872 -38.22 -33.63 -5.61
N VAL L 873 -37.41 -34.40 -6.33
CA VAL L 873 -36.65 -35.48 -5.73
C VAL L 873 -35.25 -35.37 -6.28
N SER L 874 -34.27 -35.78 -5.50
CA SER L 874 -32.91 -35.75 -5.99
C SER L 874 -32.44 -37.17 -6.26
N LEU L 875 -31.18 -37.29 -6.66
CA LEU L 875 -30.67 -38.52 -7.26
C LEU L 875 -30.43 -39.59 -6.20
N ASP L 876 -29.86 -40.71 -6.64
CA ASP L 876 -29.25 -41.65 -5.72
C ASP L 876 -27.99 -41.02 -5.11
N PRO L 877 -27.55 -41.49 -3.93
CA PRO L 877 -26.44 -40.81 -3.26
C PRO L 877 -25.10 -40.89 -4.00
N ALA L 878 -24.86 -41.98 -4.73
CA ALA L 878 -23.61 -42.15 -5.45
C ALA L 878 -23.46 -41.20 -6.62
N GLN L 879 -24.54 -40.66 -7.15
CA GLN L 879 -24.45 -39.54 -8.07
C GLN L 879 -24.68 -38.20 -7.38
N ARG L 880 -25.28 -38.22 -6.19
CA ARG L 880 -25.55 -37.00 -5.43
C ARG L 880 -24.26 -36.35 -4.94
N HIS L 881 -23.20 -37.13 -4.73
CA HIS L 881 -21.97 -36.61 -4.12
C HIS L 881 -21.33 -35.46 -4.90
N GLY L 882 -20.89 -35.71 -6.13
CA GLY L 882 -19.95 -34.81 -6.77
C GLY L 882 -20.50 -33.50 -7.30
N ASN L 883 -20.81 -32.56 -6.39
CA ASN L 883 -21.46 -31.27 -6.68
C ASN L 883 -22.79 -31.48 -7.40
N SER L 884 -23.53 -32.47 -6.95
CA SER L 884 -24.92 -32.66 -7.31
C SER L 884 -25.79 -32.74 -6.07
N VAL L 885 -25.30 -32.19 -4.95
CA VAL L 885 -26.02 -32.23 -3.70
C VAL L 885 -27.29 -31.38 -3.80
N HIS L 886 -27.20 -30.25 -4.49
CA HIS L 886 -28.37 -29.45 -4.81
C HIS L 886 -28.70 -29.67 -6.29
N PHE L 887 -29.44 -30.75 -6.58
CA PHE L 887 -29.87 -30.96 -7.95
C PHE L 887 -31.38 -30.90 -8.11
N GLN L 888 -32.14 -31.74 -7.39
CA GLN L 888 -33.60 -31.72 -7.38
C GLN L 888 -34.20 -31.95 -8.78
N SER L 889 -34.08 -33.20 -9.24
CA SER L 889 -34.79 -33.65 -10.43
C SER L 889 -36.28 -33.35 -10.32
N LEU L 890 -36.86 -32.86 -11.41
CA LEU L 890 -38.24 -32.42 -11.42
C LEU L 890 -39.08 -33.40 -12.24
N GLN L 891 -40.09 -33.98 -11.60
CA GLN L 891 -40.91 -35.01 -12.22
C GLN L 891 -42.38 -34.58 -12.17
N HIS L 892 -42.97 -34.43 -13.35
CA HIS L 892 -44.39 -34.13 -13.46
C HIS L 892 -45.13 -35.44 -13.71
N ILE L 893 -46.00 -35.78 -12.77
CA ILE L 893 -46.72 -37.05 -12.73
C ILE L 893 -48.21 -36.74 -12.78
N LEU L 894 -48.92 -37.36 -13.71
CA LEU L 894 -50.32 -37.02 -13.93
C LEU L 894 -51.17 -37.88 -13.01
N TYR L 895 -51.48 -37.34 -11.84
CA TYR L 895 -52.30 -38.05 -10.87
C TYR L 895 -53.75 -38.06 -11.34
N ASN L 896 -54.34 -39.26 -11.36
CA ASN L 896 -55.72 -39.51 -11.77
C ASN L 896 -56.00 -38.99 -13.17
N GLY L 897 -55.01 -39.12 -14.06
CA GLY L 897 -55.22 -38.92 -15.47
C GLY L 897 -55.42 -40.24 -16.17
N LEU L 898 -55.42 -40.18 -17.49
CA LEU L 898 -55.42 -41.42 -18.27
C LEU L 898 -54.74 -41.19 -19.60
N CYS L 899 -54.16 -42.25 -20.14
CA CYS L 899 -53.57 -42.19 -21.45
C CYS L 899 -54.65 -42.05 -22.51
N LEU L 900 -54.24 -41.51 -23.65
CA LEU L 900 -55.19 -41.21 -24.71
C LEU L 900 -54.54 -41.59 -26.03
N ILE L 901 -55.35 -42.12 -26.94
CA ILE L 901 -54.86 -42.79 -28.14
C ILE L 901 -55.52 -42.30 -29.42
N SER L 902 -56.65 -41.61 -29.35
CA SER L 902 -57.46 -41.36 -30.54
C SER L 902 -58.34 -40.15 -30.27
N PRO L 903 -58.58 -39.29 -31.28
CA PRO L 903 -59.29 -38.02 -31.04
C PRO L 903 -60.71 -38.17 -30.52
N ILE L 904 -60.88 -37.77 -29.27
CA ILE L 904 -62.19 -37.77 -28.63
C ILE L 904 -63.03 -36.65 -29.21
N THR L 905 -64.28 -36.97 -29.58
CA THR L 905 -65.16 -36.06 -30.29
C THR L 905 -66.43 -35.76 -29.52
N THR L 906 -67.10 -36.79 -29.02
CA THR L 906 -68.34 -36.62 -28.27
C THR L 906 -68.12 -35.92 -26.94
N LEU L 907 -66.98 -36.19 -26.31
CA LEU L 907 -66.70 -35.70 -24.96
C LEU L 907 -65.58 -34.65 -24.97
N ARG L 908 -65.58 -33.79 -25.99
CA ARG L 908 -64.61 -32.69 -26.04
C ARG L 908 -64.84 -31.66 -24.95
N ARG L 909 -66.06 -31.59 -24.42
CA ARG L 909 -66.38 -30.63 -23.37
C ARG L 909 -65.72 -31.01 -22.05
N TYR L 910 -65.47 -32.30 -21.82
CA TYR L 910 -65.14 -32.78 -20.48
C TYR L 910 -63.73 -33.31 -20.34
N TYR L 911 -63.01 -33.52 -21.44
CA TYR L 911 -61.67 -34.06 -21.39
C TYR L 911 -60.69 -33.02 -21.89
N GLN L 912 -59.60 -32.84 -21.14
CA GLN L 912 -58.55 -31.91 -21.52
C GLN L 912 -57.30 -32.70 -21.88
N PRO L 913 -56.75 -32.53 -23.09
CA PRO L 913 -55.46 -33.12 -23.39
C PRO L 913 -54.35 -32.39 -22.64
N ILE L 914 -53.55 -33.14 -21.89
CA ILE L 914 -52.50 -32.60 -21.05
C ILE L 914 -51.17 -33.16 -21.53
N PRO L 915 -50.48 -32.51 -22.47
CA PRO L 915 -49.14 -32.96 -22.84
C PRO L 915 -48.12 -32.53 -21.80
N PHE L 916 -47.51 -33.50 -21.12
CA PHE L 916 -46.66 -33.16 -19.98
C PHE L 916 -45.29 -33.80 -20.07
N HIS L 917 -45.20 -34.99 -20.63
CA HIS L 917 -43.95 -35.74 -20.65
C HIS L 917 -43.30 -35.61 -22.02
N ARG L 918 -42.07 -36.12 -22.11
CA ARG L 918 -41.42 -36.35 -23.41
C ARG L 918 -42.29 -37.22 -24.30
N PHE L 919 -42.80 -38.32 -23.75
CA PHE L 919 -43.82 -39.11 -24.43
C PHE L 919 -45.20 -38.57 -24.03
N PHE L 920 -46.25 -39.28 -24.46
CA PHE L 920 -47.65 -38.93 -24.18
C PHE L 920 -47.96 -37.52 -24.67
N SER L 921 -47.41 -37.19 -25.84
CA SER L 921 -47.41 -35.82 -26.33
C SER L 921 -47.62 -35.79 -27.85
N ASP L 922 -48.71 -36.35 -28.34
CA ASP L 922 -48.94 -36.37 -29.79
C ASP L 922 -49.61 -35.07 -30.25
N PRO L 923 -49.00 -34.33 -31.20
CA PRO L 923 -49.70 -33.14 -31.75
C PRO L 923 -50.95 -33.48 -32.54
N GLY L 924 -50.87 -34.50 -33.40
CA GLY L 924 -52.01 -34.89 -34.22
C GLY L 924 -53.17 -35.49 -33.45
N ILE L 925 -52.97 -35.77 -32.17
CA ILE L 925 -54.04 -36.13 -31.26
C ILE L 925 -54.51 -34.93 -30.45
N CYS L 926 -53.58 -34.13 -29.92
CA CYS L 926 -53.94 -33.04 -29.02
C CYS L 926 -54.64 -31.89 -29.75
N GLY L 927 -54.17 -31.55 -30.95
CA GLY L 927 -54.78 -30.49 -31.74
C GLY L 927 -56.14 -30.83 -32.32
N THR L 928 -56.59 -32.07 -32.17
CA THR L 928 -57.95 -32.42 -32.51
C THR L 928 -58.90 -32.14 -31.35
N MET L 929 -58.47 -32.42 -30.11
CA MET L 929 -59.32 -32.08 -28.98
C MET L 929 -59.37 -30.58 -28.77
N ASN L 930 -58.25 -29.89 -28.96
CA ASN L 930 -58.25 -28.44 -28.77
C ASN L 930 -57.84 -27.76 -30.06
N ALA L 931 -58.65 -26.80 -30.50
CA ALA L 931 -58.32 -26.03 -31.69
C ALA L 931 -57.23 -25.01 -31.44
N ASP L 932 -56.90 -24.72 -30.18
CA ASP L 932 -55.83 -23.78 -29.89
C ASP L 932 -54.46 -24.37 -30.24
N ILE L 933 -54.28 -25.66 -30.04
CA ILE L 933 -53.09 -26.35 -30.56
C ILE L 933 -53.16 -26.43 -32.07
N GLN L 934 -54.36 -26.57 -32.64
CA GLN L 934 -54.51 -26.71 -34.08
C GLN L 934 -54.10 -25.43 -34.80
N VAL L 935 -54.50 -24.26 -34.30
CA VAL L 935 -54.01 -23.03 -34.88
C VAL L 935 -52.55 -22.78 -34.51
N PHE L 936 -52.08 -23.35 -33.40
CA PHE L 936 -50.67 -23.29 -33.06
C PHE L 936 -49.84 -24.09 -34.04
N LEU L 937 -50.39 -25.19 -34.55
CA LEU L 937 -49.69 -26.00 -35.54
C LEU L 937 -49.92 -25.53 -36.96
N ASN L 938 -51.08 -24.94 -37.25
CA ASN L 938 -51.33 -24.47 -38.61
C ASN L 938 -50.50 -23.26 -38.98
N THR L 939 -50.04 -22.50 -37.98
CA THR L 939 -49.13 -21.40 -38.25
C THR L 939 -47.66 -21.82 -38.24
N PHE L 940 -47.35 -22.98 -37.65
CA PHE L 940 -45.96 -23.47 -37.56
C PHE L 940 -45.99 -24.97 -37.73
N PRO L 941 -45.97 -25.46 -38.97
CA PRO L 941 -46.29 -26.88 -39.21
C PRO L 941 -45.20 -27.84 -38.82
N HIS L 942 -43.98 -27.39 -38.59
CA HIS L 942 -42.91 -28.32 -38.23
C HIS L 942 -42.89 -28.64 -36.75
N TYR L 943 -43.91 -28.26 -35.99
CA TYR L 943 -44.11 -28.76 -34.65
C TYR L 943 -45.18 -29.84 -34.60
N GLN L 944 -45.59 -30.36 -35.75
CA GLN L 944 -46.46 -31.52 -35.83
C GLN L 944 -45.68 -32.81 -35.56
N ARG L 945 -44.36 -32.74 -35.59
CA ARG L 945 -43.52 -33.93 -35.60
C ARG L 945 -43.55 -34.65 -34.26
N ASN L 946 -43.74 -35.96 -34.31
CA ASN L 946 -43.73 -36.80 -33.12
C ASN L 946 -42.33 -37.08 -32.59
N ASP L 947 -41.29 -36.75 -33.35
CA ASP L 947 -39.99 -37.37 -33.11
C ASP L 947 -39.28 -36.71 -31.93
N GLY L 948 -38.94 -35.45 -32.07
CA GLY L 948 -38.21 -34.73 -31.03
C GLY L 948 -39.15 -34.08 -30.05
N GLY L 949 -38.67 -33.02 -29.43
CA GLY L 949 -39.53 -32.23 -28.58
C GLY L 949 -39.98 -30.94 -29.21
N PHE L 950 -41.18 -30.98 -29.77
CA PHE L 950 -41.97 -29.77 -29.94
C PHE L 950 -42.42 -29.33 -28.55
N PRO L 951 -42.69 -28.05 -28.33
CA PRO L 951 -42.72 -27.55 -26.95
C PRO L 951 -43.93 -28.02 -26.16
N LEU L 952 -43.66 -28.41 -24.94
CA LEU L 952 -44.64 -28.61 -23.91
C LEU L 952 -44.98 -27.23 -23.34
N PRO L 953 -45.91 -27.12 -22.40
CA PRO L 953 -45.99 -25.91 -21.59
C PRO L 953 -44.69 -25.65 -20.85
N PRO L 954 -44.25 -24.39 -20.80
CA PRO L 954 -42.91 -24.06 -20.29
C PRO L 954 -42.67 -24.41 -18.82
N PRO L 955 -43.69 -24.47 -17.93
CA PRO L 955 -43.45 -25.16 -16.65
C PRO L 955 -43.21 -26.66 -16.80
N LEU L 956 -43.67 -27.30 -17.86
CA LEU L 956 -43.48 -28.74 -18.00
C LEU L 956 -42.22 -29.10 -18.79
N ALA L 957 -41.78 -28.22 -19.68
CA ALA L 957 -40.67 -28.52 -20.59
C ALA L 957 -39.35 -28.14 -19.94
N LEU L 958 -39.03 -28.86 -18.88
CA LEU L 958 -37.77 -28.72 -18.16
C LEU L 958 -36.94 -29.93 -18.54
N GLU L 959 -36.24 -29.83 -19.67
CA GLU L 959 -35.62 -31.01 -20.28
C GLU L 959 -34.44 -31.52 -19.47
N PHE L 960 -33.58 -30.61 -19.00
CA PHE L 960 -32.44 -31.04 -18.20
C PHE L 960 -32.85 -31.51 -16.81
N TYR L 961 -34.02 -31.14 -16.34
CA TYR L 961 -34.43 -31.49 -14.99
C TYR L 961 -35.33 -32.72 -14.94
N ASN L 962 -35.67 -33.31 -16.08
CA ASN L 962 -36.29 -34.62 -16.08
C ASN L 962 -35.23 -35.69 -15.87
N TRP L 963 -35.64 -36.94 -15.87
CA TRP L 963 -34.69 -38.02 -16.07
C TRP L 963 -34.51 -38.32 -17.54
N GLN L 964 -35.55 -38.09 -18.34
CA GLN L 964 -35.65 -38.59 -19.70
C GLN L 964 -35.53 -37.43 -20.67
N ARG L 965 -34.53 -37.49 -21.53
CA ARG L 965 -34.20 -36.40 -22.43
C ARG L 965 -34.69 -36.72 -23.84
N THR L 966 -34.28 -35.86 -24.77
CA THR L 966 -34.57 -35.99 -26.20
C THR L 966 -34.26 -37.34 -26.85
N PRO L 967 -33.10 -38.00 -26.63
CA PRO L 967 -32.80 -39.19 -27.44
C PRO L 967 -33.69 -40.40 -27.20
N PHE L 968 -34.38 -40.46 -26.06
CA PHE L 968 -35.38 -41.51 -25.85
C PHE L 968 -36.51 -41.38 -26.87
N SER L 969 -37.05 -40.18 -27.03
CA SER L 969 -38.10 -39.98 -28.02
C SER L 969 -37.56 -40.05 -29.43
N VAL L 970 -36.29 -39.69 -29.64
CA VAL L 970 -35.71 -39.80 -30.98
C VAL L 970 -35.56 -41.26 -31.37
N TYR L 971 -35.23 -42.13 -30.41
CA TYR L 971 -35.19 -43.55 -30.72
C TYR L 971 -36.60 -44.11 -30.93
N SER L 972 -37.51 -43.78 -30.01
CA SER L 972 -38.85 -44.36 -30.05
C SER L 972 -39.70 -43.79 -31.18
N ALA L 973 -39.23 -42.73 -31.84
CA ALA L 973 -39.90 -42.21 -33.02
C ALA L 973 -39.89 -43.23 -34.15
N PHE L 974 -38.78 -43.95 -34.32
CA PHE L 974 -38.65 -44.83 -35.47
C PHE L 974 -38.17 -46.22 -35.09
N CYS L 975 -38.33 -46.61 -33.83
CA CYS L 975 -37.97 -47.96 -33.44
C CYS L 975 -38.94 -48.97 -34.05
N PRO L 976 -38.46 -50.14 -34.45
CA PRO L 976 -39.36 -51.18 -34.96
C PRO L 976 -40.08 -51.90 -33.83
N ASN L 977 -41.30 -52.32 -34.14
CA ASN L 977 -42.25 -52.79 -33.12
C ASN L 977 -42.13 -54.30 -32.92
N SER L 978 -40.93 -54.76 -32.59
CA SER L 978 -40.67 -56.21 -32.57
C SER L 978 -39.80 -56.61 -31.38
N LEU L 979 -40.13 -56.07 -30.19
CA LEU L 979 -39.62 -56.45 -28.86
C LEU L 979 -38.16 -56.10 -28.61
N LEU L 980 -37.39 -55.85 -29.67
CA LEU L 980 -36.05 -55.34 -29.50
C LEU L 980 -36.09 -53.91 -29.04
N SER L 981 -37.09 -53.16 -29.48
CA SER L 981 -37.29 -51.80 -29.02
C SER L 981 -37.64 -51.75 -27.55
N ILE L 982 -38.51 -52.65 -27.09
CA ILE L 982 -38.90 -52.67 -25.68
C ILE L 982 -37.72 -53.04 -24.80
N MET L 983 -37.03 -54.11 -25.17
CA MET L 983 -35.85 -54.52 -24.42
C MET L 983 -34.75 -53.46 -24.48
N THR L 984 -34.66 -52.69 -25.56
CA THR L 984 -33.59 -51.71 -25.62
C THR L 984 -33.96 -50.39 -24.97
N LEU L 985 -35.25 -50.09 -24.78
CA LEU L 985 -35.59 -48.97 -23.91
C LEU L 985 -35.29 -49.34 -22.46
N ALA L 986 -35.61 -50.58 -22.08
CA ALA L 986 -35.19 -51.07 -20.77
C ALA L 986 -33.67 -51.17 -20.64
N ALA L 987 -32.95 -51.28 -21.76
CA ALA L 987 -31.50 -51.16 -21.74
C ALA L 987 -31.05 -49.72 -21.50
N MET L 988 -31.61 -48.78 -22.28
CA MET L 988 -31.22 -47.38 -22.24
C MET L 988 -31.54 -46.72 -20.91
N HIS L 989 -32.44 -47.28 -20.11
CA HIS L 989 -32.63 -46.62 -18.83
C HIS L 989 -31.64 -47.05 -17.75
N SER L 990 -30.61 -47.83 -18.08
CA SER L 990 -29.55 -48.15 -17.13
C SER L 990 -28.72 -46.91 -16.82
N LYS L 991 -28.18 -46.85 -15.60
CA LYS L 991 -27.66 -45.59 -15.09
C LYS L 991 -26.17 -45.43 -15.35
N LEU L 992 -25.68 -44.22 -15.08
CA LEU L 992 -24.27 -43.87 -15.20
C LEU L 992 -23.63 -43.59 -13.86
N SER L 993 -24.08 -44.25 -12.83
CA SER L 993 -23.42 -44.09 -11.55
C SER L 993 -22.13 -44.92 -11.54
N PRO L 994 -21.15 -44.54 -10.73
CA PRO L 994 -19.97 -45.42 -10.55
C PRO L 994 -20.31 -46.78 -10.00
N VAL L 995 -21.35 -46.90 -9.17
CA VAL L 995 -21.79 -48.21 -8.72
C VAL L 995 -22.39 -48.99 -9.88
N ALA L 996 -23.02 -48.30 -10.84
CA ALA L 996 -23.58 -48.97 -12.01
C ALA L 996 -22.49 -49.47 -12.93
N ILE L 997 -21.44 -48.66 -13.12
CA ILE L 997 -20.29 -49.10 -13.91
C ILE L 997 -19.62 -50.29 -13.25
N ALA L 998 -19.51 -50.28 -11.93
CA ALA L 998 -18.88 -51.37 -11.20
C ALA L 998 -19.64 -52.68 -11.38
N ILE L 999 -20.96 -52.65 -11.23
CA ILE L 999 -21.65 -53.94 -11.33
C ILE L 999 -21.95 -54.35 -12.76
N GLN L 1000 -22.00 -53.42 -13.72
CA GLN L 1000 -22.06 -53.86 -15.12
C GLN L 1000 -20.74 -54.45 -15.57
N SER L 1001 -19.62 -53.94 -15.04
CA SER L 1001 -18.32 -54.56 -15.29
C SER L 1001 -18.23 -55.93 -14.64
N LYS L 1002 -18.88 -56.10 -13.49
CA LYS L 1002 -18.98 -57.43 -12.91
C LYS L 1002 -19.80 -58.38 -13.79
N SER L 1003 -20.91 -57.89 -14.34
CA SER L 1003 -21.81 -58.73 -15.12
C SER L 1003 -21.48 -58.76 -16.60
N LYS L 1004 -20.32 -58.21 -17.02
CA LYS L 1004 -19.85 -58.20 -18.41
C LYS L 1004 -20.84 -57.54 -19.35
N ILE L 1005 -21.48 -56.47 -18.89
CA ILE L 1005 -22.36 -55.69 -19.73
C ILE L 1005 -21.62 -54.43 -20.09
N HIS L 1006 -21.30 -54.29 -21.38
CA HIS L 1006 -20.48 -53.22 -21.92
C HIS L 1006 -21.14 -51.87 -21.73
N PRO L 1007 -20.59 -50.98 -20.91
CA PRO L 1007 -21.19 -49.66 -20.73
C PRO L 1007 -20.92 -48.79 -21.94
N GLY L 1008 -21.57 -47.63 -21.97
CA GLY L 1008 -21.44 -46.74 -23.10
C GLY L 1008 -20.15 -45.96 -23.12
N PHE L 1009 -19.02 -46.67 -23.12
CA PHE L 1009 -17.72 -46.04 -23.08
C PHE L 1009 -16.74 -46.87 -23.87
N ALA L 1010 -15.61 -46.25 -24.18
CA ALA L 1010 -14.42 -46.94 -24.59
C ALA L 1010 -13.25 -46.13 -24.07
N ALA L 1011 -12.03 -46.59 -24.34
CA ALA L 1011 -10.90 -45.99 -23.66
C ALA L 1011 -9.62 -46.18 -24.45
N THR L 1012 -8.88 -45.08 -24.64
CA THR L 1012 -7.51 -45.15 -25.10
C THR L 1012 -6.62 -45.36 -23.88
N LEU L 1013 -6.02 -46.53 -23.77
CA LEU L 1013 -5.04 -46.77 -22.74
C LEU L 1013 -3.66 -46.43 -23.24
N VAL L 1014 -2.94 -45.59 -22.51
CA VAL L 1014 -1.57 -45.22 -22.87
C VAL L 1014 -0.60 -45.84 -21.88
N ARG L 1015 0.59 -46.12 -22.37
CA ARG L 1015 1.62 -46.80 -21.58
C ARG L 1015 2.98 -46.46 -22.17
N THR L 1016 3.94 -46.14 -21.31
CA THR L 1016 5.31 -45.94 -21.76
C THR L 1016 6.17 -47.13 -21.35
N ASP L 1017 7.26 -47.33 -22.10
CA ASP L 1017 8.16 -48.45 -21.93
C ASP L 1017 9.59 -47.94 -22.03
N ASN L 1018 10.46 -48.46 -21.18
CA ASN L 1018 11.86 -48.05 -21.17
C ASN L 1018 12.76 -49.15 -21.71
N PHE L 1019 13.68 -48.75 -22.60
CA PHE L 1019 14.51 -49.67 -23.37
C PHE L 1019 15.97 -49.41 -23.05
N ASP L 1020 16.73 -50.47 -22.76
CA ASP L 1020 18.18 -50.31 -22.61
C ASP L 1020 18.80 -50.26 -24.00
N VAL L 1021 19.44 -49.14 -24.32
CA VAL L 1021 19.93 -48.86 -25.67
C VAL L 1021 21.39 -48.47 -25.61
N GLU L 1022 22.23 -49.17 -26.36
CA GLU L 1022 23.57 -48.68 -26.65
C GLU L 1022 23.51 -47.75 -27.85
N CYS L 1023 24.29 -46.67 -27.79
CA CYS L 1023 23.98 -45.51 -28.61
C CYS L 1023 25.26 -44.70 -28.78
N LEU L 1024 25.77 -44.65 -30.00
CA LEU L 1024 27.11 -44.12 -30.24
C LEU L 1024 27.07 -42.63 -30.57
N LEU L 1025 28.25 -42.01 -30.52
CA LEU L 1025 28.41 -40.58 -30.71
C LEU L 1025 29.49 -40.31 -31.73
N TYR L 1026 29.28 -39.28 -32.55
CA TYR L 1026 30.31 -38.74 -33.42
C TYR L 1026 30.54 -37.28 -33.03
N SER L 1027 31.79 -36.84 -33.16
CA SER L 1027 32.10 -35.45 -32.88
C SER L 1027 33.30 -35.06 -33.72
N SER L 1028 33.25 -33.86 -34.28
CA SER L 1028 34.36 -33.38 -35.09
C SER L 1028 35.56 -33.06 -34.22
N ARG L 1029 36.75 -33.08 -34.82
CA ARG L 1029 37.96 -32.95 -34.04
C ARG L 1029 38.14 -31.52 -33.56
N ALA L 1030 38.58 -31.39 -32.30
CA ALA L 1030 38.83 -30.12 -31.62
C ALA L 1030 37.60 -29.21 -31.67
N ALA L 1031 36.43 -29.82 -31.47
CA ALA L 1031 35.17 -29.09 -31.59
C ALA L 1031 34.94 -28.15 -30.42
N THR L 1032 35.53 -28.45 -29.27
CA THR L 1032 35.25 -27.71 -28.06
C THR L 1032 36.43 -27.78 -27.13
N SER L 1033 36.78 -26.63 -26.56
CA SER L 1033 37.97 -26.51 -25.74
C SER L 1033 37.63 -26.48 -24.26
N ILE L 1034 38.54 -27.07 -23.47
CA ILE L 1034 38.41 -27.25 -22.04
C ILE L 1034 39.56 -26.49 -21.39
N ILE L 1035 39.24 -25.59 -20.47
CA ILE L 1035 40.29 -24.94 -19.69
C ILE L 1035 40.13 -25.31 -18.22
N LEU L 1036 41.23 -25.65 -17.57
CA LEU L 1036 41.16 -26.25 -16.25
C LEU L 1036 42.09 -25.53 -15.28
N ASP L 1037 41.78 -25.69 -14.00
CA ASP L 1037 42.71 -25.26 -12.99
C ASP L 1037 43.60 -26.41 -12.56
N ASP L 1038 44.79 -26.05 -12.07
CA ASP L 1038 45.62 -26.94 -11.28
C ASP L 1038 44.79 -27.46 -10.11
N PRO L 1039 44.67 -28.78 -9.94
CA PRO L 1039 43.83 -29.35 -8.88
C PRO L 1039 44.26 -28.92 -7.48
N THR L 1040 43.33 -28.24 -6.80
CA THR L 1040 43.61 -27.68 -5.49
C THR L 1040 43.49 -28.75 -4.41
N VAL L 1041 44.41 -28.70 -3.46
CA VAL L 1041 44.46 -29.59 -2.33
C VAL L 1041 43.85 -28.87 -1.14
N THR L 1042 42.99 -29.55 -0.39
CA THR L 1042 42.57 -29.03 0.90
C THR L 1042 42.39 -30.19 1.86
N ALA L 1043 42.52 -29.89 3.15
CA ALA L 1043 42.59 -30.91 4.18
C ALA L 1043 41.65 -30.55 5.31
N GLU L 1044 40.80 -31.50 5.71
CA GLU L 1044 39.97 -31.34 6.89
C GLU L 1044 40.46 -32.34 7.93
N ALA L 1045 41.00 -31.83 9.03
CA ALA L 1045 41.61 -32.67 10.07
C ALA L 1045 40.59 -32.86 11.18
N LYS L 1046 39.90 -33.99 11.13
CA LYS L 1046 38.91 -34.34 12.13
C LYS L 1046 39.52 -35.30 13.15
N ASP L 1047 38.74 -35.65 14.16
CA ASP L 1047 39.28 -36.39 15.28
C ASP L 1047 39.44 -37.88 15.01
N ILE L 1048 38.87 -38.39 13.92
CA ILE L 1048 39.02 -39.80 13.62
C ILE L 1048 39.75 -39.96 12.29
N VAL L 1049 39.61 -38.98 11.39
CA VAL L 1049 40.19 -39.06 10.05
C VAL L 1049 40.74 -37.70 9.67
N THR L 1050 41.56 -37.70 8.62
CA THR L 1050 41.94 -36.48 7.92
C THR L 1050 41.57 -36.68 6.45
N THR L 1051 40.62 -35.89 5.97
CA THR L 1051 40.11 -36.06 4.62
C THR L 1051 40.77 -35.04 3.70
N TYR L 1052 41.39 -35.55 2.64
CA TYR L 1052 41.98 -34.71 1.60
C TYR L 1052 41.00 -34.61 0.44
N ASN L 1053 40.69 -33.39 0.05
CA ASN L 1053 39.81 -33.11 -1.07
C ASN L 1053 40.61 -32.40 -2.15
N PHE L 1054 40.57 -32.95 -3.35
CA PHE L 1054 41.18 -32.36 -4.53
C PHE L 1054 40.06 -31.86 -5.41
N THR L 1055 40.01 -30.55 -5.63
CA THR L 1055 38.98 -29.97 -6.48
C THR L 1055 39.59 -29.42 -7.75
N GLN L 1056 38.79 -29.37 -8.81
CA GLN L 1056 39.29 -28.90 -10.09
C GLN L 1056 38.16 -28.22 -10.84
N HIS L 1057 38.41 -26.99 -11.27
CA HIS L 1057 37.43 -26.26 -12.07
C HIS L 1057 37.72 -26.48 -13.55
N LEU L 1058 36.66 -26.75 -14.32
CA LEU L 1058 36.72 -26.90 -15.77
C LEU L 1058 35.78 -25.88 -16.37
N SER L 1059 36.15 -25.31 -17.51
CA SER L 1059 35.20 -24.59 -18.34
C SER L 1059 35.27 -25.13 -19.76
N PHE L 1060 34.12 -25.15 -20.42
CA PHE L 1060 33.94 -25.67 -21.77
C PHE L 1060 33.47 -24.50 -22.62
N VAL L 1061 34.25 -24.18 -23.66
CA VAL L 1061 33.77 -23.31 -24.74
C VAL L 1061 33.55 -24.19 -25.96
N ASP L 1062 32.45 -23.97 -26.64
CA ASP L 1062 32.03 -24.85 -27.72
C ASP L 1062 32.29 -24.11 -29.01
N MET L 1063 33.36 -24.47 -29.72
CA MET L 1063 33.81 -23.58 -30.78
C MET L 1063 33.06 -23.76 -32.09
N GLY L 1064 32.55 -24.95 -32.37
CA GLY L 1064 31.78 -25.12 -33.60
C GLY L 1064 30.47 -24.35 -33.55
N LEU L 1065 30.07 -23.83 -34.71
CA LEU L 1065 28.81 -23.09 -34.74
C LEU L 1065 27.62 -24.00 -34.94
N GLY L 1066 27.62 -24.80 -35.99
CA GLY L 1066 26.65 -25.86 -36.13
C GLY L 1066 26.93 -26.97 -35.14
N PHE L 1067 26.07 -27.99 -35.18
CA PHE L 1067 26.18 -29.07 -34.21
C PHE L 1067 27.35 -29.96 -34.61
N SER L 1068 28.48 -29.74 -33.95
CA SER L 1068 29.73 -30.44 -34.20
C SER L 1068 29.79 -31.80 -33.52
N SER L 1069 28.66 -32.32 -33.06
CA SER L 1069 28.60 -33.59 -32.36
C SER L 1069 27.20 -34.15 -32.50
N THR L 1070 27.08 -35.34 -33.07
CA THR L 1070 25.78 -35.98 -33.23
C THR L 1070 25.78 -37.32 -32.51
N THR L 1071 24.59 -37.93 -32.41
CA THR L 1071 24.42 -39.13 -31.60
C THR L 1071 23.21 -39.89 -32.10
N ALA L 1072 23.41 -41.13 -32.56
CA ALA L 1072 22.33 -41.92 -33.13
C ALA L 1072 22.10 -43.19 -32.33
N THR L 1073 20.82 -43.53 -32.13
CA THR L 1073 20.44 -44.78 -31.50
C THR L 1073 20.87 -45.95 -32.38
N ALA L 1074 21.56 -46.91 -31.77
CA ALA L 1074 22.26 -47.95 -32.51
C ALA L 1074 21.67 -49.34 -32.35
N ASN L 1075 21.43 -49.80 -31.13
CA ASN L 1075 21.12 -51.21 -30.90
C ASN L 1075 20.42 -51.36 -29.57
N LEU L 1076 19.37 -52.18 -29.53
CA LEU L 1076 18.73 -52.50 -28.26
C LEU L 1076 19.58 -53.49 -27.48
N LYS L 1077 19.68 -53.27 -26.18
CA LYS L 1077 20.17 -54.30 -25.27
C LYS L 1077 19.00 -55.16 -24.83
N ARG L 1078 18.05 -54.56 -24.12
CA ARG L 1078 16.96 -55.28 -23.46
C ARG L 1078 15.75 -54.37 -23.43
N ILE L 1079 14.68 -54.85 -22.81
CA ILE L 1079 13.53 -54.03 -22.44
C ILE L 1079 13.33 -54.17 -20.94
N LYS L 1080 13.55 -53.09 -20.20
CA LYS L 1080 13.30 -53.17 -18.77
C LYS L 1080 11.83 -53.08 -18.43
N SER L 1081 10.99 -52.68 -19.38
CA SER L 1081 9.56 -52.61 -19.13
C SER L 1081 8.93 -53.98 -19.24
N ASP L 1082 7.86 -54.17 -18.46
CA ASP L 1082 7.06 -55.39 -18.53
C ASP L 1082 6.36 -55.50 -19.87
N MET L 1083 5.88 -54.37 -20.39
CA MET L 1083 4.72 -54.31 -21.30
C MET L 1083 3.57 -55.13 -20.72
N GLY L 1084 3.32 -54.96 -19.43
CA GLY L 1084 2.25 -55.66 -18.75
C GLY L 1084 0.93 -54.96 -18.93
N SER L 1085 0.07 -55.05 -17.91
CA SER L 1085 -1.20 -54.35 -17.97
C SER L 1085 -1.64 -53.71 -16.66
N LYS L 1086 -0.78 -53.63 -15.65
CA LYS L 1086 -1.17 -53.08 -14.35
C LYS L 1086 -1.50 -51.61 -14.50
N ILE L 1087 -2.80 -51.30 -14.48
CA ILE L 1087 -3.32 -49.96 -14.77
C ILE L 1087 -3.00 -49.02 -13.63
N GLN L 1088 -3.16 -47.72 -13.86
CA GLN L 1088 -2.84 -46.74 -12.84
C GLN L 1088 -3.93 -46.75 -11.78
N ASN L 1089 -3.56 -47.15 -10.57
CA ASN L 1089 -4.49 -47.13 -9.46
C ASN L 1089 -4.76 -45.70 -9.07
N LEU L 1090 -5.81 -45.09 -9.63
CA LEU L 1090 -6.11 -43.70 -9.31
C LEU L 1090 -6.55 -43.49 -7.88
N PHE L 1091 -7.02 -44.53 -7.20
CA PHE L 1091 -7.27 -44.40 -5.77
C PHE L 1091 -5.99 -44.31 -4.96
N SER L 1092 -4.83 -44.63 -5.54
CA SER L 1092 -3.55 -44.31 -4.94
C SER L 1092 -2.86 -43.14 -5.61
N ALA L 1093 -3.35 -42.71 -6.78
CA ALA L 1093 -2.78 -41.54 -7.43
C ALA L 1093 -3.36 -40.25 -6.88
N PHE L 1094 -4.68 -40.18 -6.69
CA PHE L 1094 -5.35 -39.06 -6.04
C PHE L 1094 -5.99 -39.57 -4.75
N PRO L 1095 -5.21 -39.93 -3.74
CA PRO L 1095 -5.75 -40.67 -2.60
C PRO L 1095 -6.40 -39.80 -1.53
N ILE L 1096 -6.65 -38.54 -1.81
CA ILE L 1096 -7.29 -37.63 -0.87
C ILE L 1096 -8.81 -37.60 -1.07
N HIS L 1097 -9.30 -37.95 -2.25
CA HIS L 1097 -10.70 -37.73 -2.57
C HIS L 1097 -11.58 -38.85 -2.05
N ALA L 1098 -12.89 -38.60 -2.09
CA ALA L 1098 -13.87 -39.56 -1.58
C ALA L 1098 -15.25 -39.20 -2.09
N PHE L 1099 -16.09 -40.23 -2.20
CA PHE L 1099 -17.52 -39.99 -2.30
C PHE L 1099 -18.05 -39.62 -0.93
N THR L 1100 -19.29 -39.11 -0.91
CA THR L 1100 -19.84 -38.52 0.31
C THR L 1100 -20.12 -39.57 1.39
N ASN L 1101 -21.01 -40.52 1.12
CA ASN L 1101 -21.45 -41.43 2.17
C ASN L 1101 -20.44 -42.55 2.43
N THR L 1102 -20.33 -42.90 3.72
CA THR L 1102 -19.36 -43.90 4.17
C THR L 1102 -19.65 -45.27 3.58
N ASP L 1103 -20.93 -45.59 3.42
CA ASP L 1103 -21.31 -46.87 2.83
C ASP L 1103 -20.92 -46.93 1.35
N ILE L 1104 -21.15 -45.84 0.62
CA ILE L 1104 -20.76 -45.78 -0.79
C ILE L 1104 -19.26 -45.90 -0.94
N ASN L 1105 -18.52 -45.17 -0.11
CA ASN L 1105 -17.08 -45.15 -0.28
C ASN L 1105 -16.47 -46.48 0.13
N THR L 1106 -16.99 -47.09 1.19
CA THR L 1106 -16.55 -48.41 1.61
C THR L 1106 -16.86 -49.46 0.56
N TRP L 1107 -18.02 -49.35 -0.11
CA TRP L 1107 -18.30 -50.35 -1.13
C TRP L 1107 -17.48 -50.13 -2.39
N ILE L 1108 -17.16 -48.88 -2.75
CA ILE L 1108 -16.33 -48.65 -3.92
C ILE L 1108 -14.90 -49.14 -3.67
N ARG L 1109 -14.35 -48.88 -2.48
CA ARG L 1109 -13.02 -49.40 -2.15
C ARG L 1109 -13.05 -50.93 -2.09
N HIS L 1110 -14.13 -51.50 -1.55
CA HIS L 1110 -14.34 -52.94 -1.51
C HIS L 1110 -14.31 -53.55 -2.91
N HIS L 1111 -15.05 -52.96 -3.85
CA HIS L 1111 -15.20 -53.61 -5.14
C HIS L 1111 -13.99 -53.39 -6.04
N VAL L 1112 -13.39 -52.19 -6.03
CA VAL L 1112 -12.20 -52.03 -6.84
C VAL L 1112 -10.97 -52.65 -6.21
N GLY L 1113 -11.01 -53.01 -4.92
CA GLY L 1113 -9.96 -53.86 -4.40
C GLY L 1113 -8.67 -53.17 -4.03
N ILE L 1114 -8.72 -51.88 -3.73
CA ILE L 1114 -7.60 -51.20 -3.12
C ILE L 1114 -7.32 -51.80 -1.74
N GLU L 1115 -6.03 -51.90 -1.40
CA GLU L 1115 -5.64 -52.21 -0.03
C GLU L 1115 -5.62 -50.95 0.84
N LYS L 1116 -5.75 -51.16 2.15
CA LYS L 1116 -5.82 -50.12 3.17
C LYS L 1116 -6.92 -49.08 2.93
N PRO L 1117 -8.21 -49.49 2.96
CA PRO L 1117 -9.29 -48.59 2.50
C PRO L 1117 -9.59 -47.37 3.38
N ASN L 1118 -9.26 -47.40 4.68
CA ASN L 1118 -9.32 -46.24 5.54
C ASN L 1118 -7.93 -45.64 5.74
N PRO L 1119 -7.61 -44.51 5.10
CA PRO L 1119 -6.20 -44.02 5.10
C PRO L 1119 -5.69 -43.54 6.45
N SER L 1120 -6.59 -43.07 7.34
CA SER L 1120 -6.25 -42.34 8.56
C SER L 1120 -5.34 -41.15 8.26
N GLU L 1121 -5.74 -40.40 7.23
CA GLU L 1121 -5.02 -39.25 6.68
C GLU L 1121 -4.94 -38.06 7.64
N GLY L 1122 -6.06 -37.73 8.29
CA GLY L 1122 -6.07 -36.65 9.26
C GLY L 1122 -5.22 -36.94 10.47
N GLU L 1123 -5.08 -38.22 10.80
CA GLU L 1123 -4.06 -38.61 11.74
C GLU L 1123 -2.67 -38.48 11.13
N ALA L 1124 -2.43 -39.19 10.03
CA ALA L 1124 -1.10 -39.32 9.43
C ALA L 1124 -1.22 -39.02 7.94
N LEU L 1125 -1.12 -37.74 7.62
CA LEU L 1125 -1.40 -37.31 6.27
C LEU L 1125 -0.14 -37.27 5.39
N ASN L 1126 1.03 -37.12 6.00
CA ASN L 1126 2.28 -37.13 5.23
C ASN L 1126 2.56 -38.50 4.62
N ILE L 1127 2.05 -39.56 5.23
CA ILE L 1127 1.97 -40.87 4.61
C ILE L 1127 1.27 -40.80 3.26
N ILE L 1128 0.14 -40.09 3.12
CA ILE L 1128 -0.66 -40.28 1.91
C ILE L 1128 -0.97 -39.01 1.08
N THR L 1129 -0.98 -37.79 1.68
CA THR L 1129 -0.95 -36.59 0.82
C THR L 1129 0.36 -36.45 0.07
N PHE L 1130 1.47 -36.51 0.80
CA PHE L 1130 2.84 -36.43 0.28
C PHE L 1130 3.24 -37.67 -0.52
N GLY L 1131 2.38 -38.69 -0.61
CA GLY L 1131 2.75 -39.87 -1.37
C GLY L 1131 2.68 -41.16 -0.61
N GLY L 1132 1.67 -41.98 -0.92
CA GLY L 1132 1.48 -43.27 -0.30
C GLY L 1132 2.63 -44.20 -0.56
N ILE L 1133 3.46 -44.42 0.46
CA ILE L 1133 4.60 -45.31 0.33
C ILE L 1133 4.08 -46.74 0.28
N ASN L 1134 4.49 -47.48 -0.75
CA ASN L 1134 3.87 -48.78 -1.01
C ASN L 1134 4.30 -49.81 0.03
N LYS L 1135 5.52 -49.66 0.58
CA LYS L 1135 6.07 -50.36 1.74
C LYS L 1135 6.39 -51.82 1.46
N ASN L 1136 5.96 -52.32 0.30
CA ASN L 1136 5.99 -53.70 -0.13
C ASN L 1136 5.98 -53.71 -1.65
N PRO L 1137 7.07 -54.14 -2.29
CA PRO L 1137 7.00 -54.44 -3.71
C PRO L 1137 6.25 -55.74 -3.94
N PRO L 1138 5.91 -56.06 -5.17
CA PRO L 1138 5.44 -57.41 -5.48
C PRO L 1138 6.52 -58.43 -5.14
N SER L 1139 6.10 -59.45 -4.40
CA SER L 1139 7.02 -60.48 -3.93
C SER L 1139 7.61 -61.27 -5.09
N ILE L 1140 6.86 -61.41 -6.18
CA ILE L 1140 7.39 -61.99 -7.41
C ILE L 1140 7.34 -60.91 -8.48
N LEU L 1141 8.35 -60.89 -9.35
CA LEU L 1141 8.40 -59.94 -10.45
C LEU L 1141 9.23 -60.56 -11.57
N LEU L 1142 8.66 -60.63 -12.76
CA LEU L 1142 9.26 -61.40 -13.83
C LEU L 1142 9.69 -60.59 -15.04
N HIS L 1143 9.23 -59.35 -15.19
CA HIS L 1143 9.55 -58.60 -16.40
C HIS L 1143 9.88 -57.12 -16.17
N GLY L 1144 10.05 -56.67 -14.94
CA GLY L 1144 10.41 -55.28 -14.74
C GLY L 1144 9.26 -54.35 -14.46
N GLN L 1145 9.32 -53.14 -15.00
CA GLN L 1145 8.38 -52.08 -14.63
C GLN L 1145 7.18 -52.02 -15.58
N GLN L 1146 6.07 -51.51 -15.04
CA GLN L 1146 4.85 -51.32 -15.81
C GLN L 1146 4.01 -50.24 -15.15
N ALA L 1147 3.30 -49.47 -15.97
CA ALA L 1147 2.34 -48.45 -15.53
C ALA L 1147 1.47 -48.01 -16.70
N ILE L 1148 0.15 -48.01 -16.52
CA ILE L 1148 -0.78 -47.78 -17.61
C ILE L 1148 -1.79 -46.72 -17.20
N CYS L 1149 -1.81 -45.62 -17.94
CA CYS L 1149 -2.70 -44.51 -17.64
C CYS L 1149 -4.02 -44.73 -18.37
N GLU L 1150 -4.88 -43.71 -18.43
CA GLU L 1150 -6.29 -43.99 -18.70
C GLU L 1150 -7.02 -42.77 -19.22
N VAL L 1151 -7.67 -42.88 -20.39
CA VAL L 1151 -8.51 -41.82 -20.94
C VAL L 1151 -9.86 -42.40 -21.30
N ILE L 1152 -10.94 -41.81 -20.77
CA ILE L 1152 -12.29 -42.26 -21.03
C ILE L 1152 -12.77 -41.64 -22.35
N LEU L 1153 -13.58 -42.39 -23.11
CA LEU L 1153 -13.88 -42.02 -24.49
C LEU L 1153 -15.24 -42.58 -24.92
N THR L 1154 -15.80 -41.98 -25.99
CA THR L 1154 -16.85 -42.47 -26.88
C THR L 1154 -16.71 -43.94 -27.23
N PRO L 1155 -17.81 -44.67 -27.46
CA PRO L 1155 -17.73 -45.91 -28.23
C PRO L 1155 -17.83 -45.66 -29.73
N VAL L 1156 -17.64 -44.42 -30.16
CA VAL L 1156 -17.89 -44.03 -31.53
C VAL L 1156 -16.61 -43.78 -32.32
N THR L 1157 -15.52 -43.39 -31.66
CA THR L 1157 -14.32 -42.84 -32.29
C THR L 1157 -13.72 -43.79 -33.32
N THR L 1158 -13.53 -43.27 -34.54
CA THR L 1158 -13.11 -44.07 -35.68
C THR L 1158 -11.71 -44.63 -35.46
N ASN L 1159 -11.58 -45.96 -35.64
CA ASN L 1159 -10.28 -46.60 -35.52
C ASN L 1159 -9.32 -46.11 -36.59
N ILE L 1160 -9.76 -46.19 -37.85
CA ILE L 1160 -8.87 -46.04 -38.98
C ILE L 1160 -8.41 -44.60 -39.16
N ASN L 1161 -9.16 -43.64 -38.62
CA ASN L 1161 -8.62 -42.29 -38.53
C ASN L 1161 -7.59 -42.17 -37.42
N PHE L 1162 -7.75 -42.93 -36.34
CA PHE L 1162 -7.10 -42.59 -35.08
C PHE L 1162 -6.14 -43.66 -34.57
N PHE L 1163 -6.58 -44.90 -34.44
CA PHE L 1163 -5.83 -45.85 -33.62
C PHE L 1163 -4.74 -46.59 -34.36
N LYS L 1164 -4.70 -46.53 -35.69
CA LYS L 1164 -3.80 -47.39 -36.44
C LYS L 1164 -2.51 -46.69 -36.83
N LEU L 1165 -2.26 -45.50 -36.28
CA LEU L 1165 -1.21 -44.59 -36.71
C LEU L 1165 -0.59 -43.92 -35.50
N PRO L 1166 0.66 -43.48 -35.60
CA PRO L 1166 1.23 -42.63 -34.54
C PRO L 1166 0.46 -41.31 -34.43
N HIS L 1167 -0.13 -41.10 -33.25
CA HIS L 1167 -1.09 -40.03 -33.09
C HIS L 1167 -1.17 -39.65 -31.63
N ASN L 1168 -1.50 -38.40 -31.36
CA ASN L 1168 -1.65 -37.95 -29.99
C ASN L 1168 -2.97 -38.48 -29.43
N PRO L 1169 -2.96 -39.12 -28.25
CA PRO L 1169 -4.22 -39.52 -27.62
C PRO L 1169 -4.98 -38.39 -26.93
N ARG L 1170 -4.65 -37.13 -27.19
CA ARG L 1170 -5.58 -36.06 -26.83
C ARG L 1170 -6.78 -36.05 -27.75
N GLY L 1171 -6.69 -36.72 -28.90
CA GLY L 1171 -7.75 -36.68 -29.87
C GLY L 1171 -7.44 -35.65 -30.92
N ARG L 1172 -7.34 -34.40 -30.51
CA ARG L 1172 -6.80 -33.37 -31.38
C ARG L 1172 -5.29 -33.37 -31.22
N GLU L 1173 -4.59 -33.34 -32.34
CA GLU L 1173 -3.13 -33.40 -32.30
C GLU L 1173 -2.58 -32.08 -31.77
N SER L 1174 -1.47 -32.15 -31.04
CA SER L 1174 -0.95 -31.03 -30.27
C SER L 1174 0.55 -30.88 -30.48
N CYS L 1175 0.97 -30.85 -31.72
CA CYS L 1175 2.38 -30.75 -32.07
C CYS L 1175 2.70 -29.32 -32.49
N MET L 1176 3.61 -28.67 -31.77
CA MET L 1176 3.90 -27.26 -31.98
C MET L 1176 4.89 -27.01 -33.11
N MET L 1177 5.11 -27.98 -33.99
CA MET L 1177 5.85 -27.75 -35.21
C MET L 1177 4.94 -27.31 -36.36
N GLY L 1178 3.73 -26.88 -36.06
CA GLY L 1178 2.83 -26.35 -37.07
C GLY L 1178 2.14 -25.09 -36.58
N THR L 1179 2.67 -24.54 -35.50
CA THR L 1179 2.13 -23.35 -34.88
C THR L 1179 3.12 -22.22 -35.06
N ASP L 1180 2.59 -21.01 -35.26
CA ASP L 1180 3.34 -19.77 -35.25
C ASP L 1180 4.21 -19.68 -33.98
N PRO L 1181 5.52 -19.58 -34.11
CA PRO L 1181 6.36 -19.39 -32.92
C PRO L 1181 6.16 -18.02 -32.32
N HIS L 1182 6.26 -17.97 -30.98
CA HIS L 1182 6.04 -16.79 -30.16
C HIS L 1182 4.66 -16.18 -30.38
N ASN L 1183 3.66 -17.05 -30.56
CA ASN L 1183 2.27 -16.60 -30.71
C ASN L 1183 1.42 -17.51 -29.83
N GLU L 1184 1.29 -17.13 -28.56
CA GLU L 1184 0.62 -18.01 -27.60
C GLU L 1184 -0.89 -17.98 -27.78
N GLU L 1185 -1.43 -16.90 -28.35
CA GLU L 1185 -2.85 -16.84 -28.63
C GLU L 1185 -3.24 -17.84 -29.71
N ALA L 1186 -2.51 -17.84 -30.83
CA ALA L 1186 -2.75 -18.84 -31.87
C ALA L 1186 -2.36 -20.23 -31.40
N ALA L 1187 -1.44 -20.33 -30.45
CA ALA L 1187 -1.11 -21.63 -29.86
C ALA L 1187 -2.28 -22.21 -29.08
N ARG L 1188 -2.89 -21.40 -28.19
CA ARG L 1188 -4.05 -21.88 -27.46
C ARG L 1188 -5.24 -22.10 -28.38
N LYS L 1189 -5.34 -21.34 -29.47
CA LYS L 1189 -6.35 -21.64 -30.48
C LYS L 1189 -6.08 -22.97 -31.19
N ALA L 1190 -4.82 -23.36 -31.32
CA ALA L 1190 -4.53 -24.67 -31.88
C ALA L 1190 -4.86 -25.78 -30.89
N LEU L 1191 -4.57 -25.57 -29.61
CA LEU L 1191 -4.87 -26.60 -28.63
C LEU L 1191 -6.34 -26.65 -28.24
N TYR L 1192 -7.12 -25.63 -28.52
CA TYR L 1192 -8.49 -25.60 -28.00
C TYR L 1192 -9.57 -25.29 -29.01
N ASP L 1193 -9.27 -24.64 -30.12
CA ASP L 1193 -10.33 -24.11 -30.97
C ASP L 1193 -10.92 -25.22 -31.81
N HIS L 1194 -12.24 -25.20 -31.95
CA HIS L 1194 -12.93 -26.14 -32.81
C HIS L 1194 -13.90 -25.44 -33.75
N THR L 1195 -13.91 -24.10 -33.75
CA THR L 1195 -14.36 -23.39 -34.94
C THR L 1195 -13.45 -23.70 -36.11
N GLN L 1196 -12.14 -23.69 -35.87
CA GLN L 1196 -11.18 -24.21 -36.82
C GLN L 1196 -11.25 -25.73 -36.82
N THR L 1197 -10.63 -26.32 -37.82
CA THR L 1197 -10.48 -27.77 -37.89
C THR L 1197 -9.08 -28.18 -37.51
N ASP L 1198 -8.95 -29.43 -37.11
CA ASP L 1198 -7.66 -30.08 -37.14
C ASP L 1198 -7.29 -30.34 -38.60
N SER L 1199 -6.02 -30.61 -38.83
CA SER L 1199 -5.65 -31.24 -40.08
C SER L 1199 -6.00 -32.72 -40.04
N ASP L 1200 -5.71 -33.41 -41.17
CA ASP L 1200 -5.78 -34.86 -41.38
C ASP L 1200 -7.19 -35.42 -41.45
N THR L 1201 -8.22 -34.64 -41.15
CA THR L 1201 -9.62 -35.10 -41.23
C THR L 1201 -10.47 -33.83 -41.32
N PHE L 1202 -11.74 -33.99 -41.72
CA PHE L 1202 -12.75 -32.97 -41.45
C PHE L 1202 -13.31 -33.14 -40.04
N ALA L 1203 -12.44 -33.23 -39.05
CA ALA L 1203 -12.88 -33.56 -37.71
C ALA L 1203 -11.87 -32.93 -36.78
N ALA L 1204 -12.26 -31.82 -36.15
CA ALA L 1204 -11.36 -31.12 -35.25
C ALA L 1204 -11.14 -31.87 -33.95
N THR L 1205 -11.85 -32.98 -33.73
CA THR L 1205 -11.76 -33.71 -32.49
C THR L 1205 -12.01 -35.17 -32.80
N THR L 1206 -11.31 -36.05 -32.09
CA THR L 1206 -11.76 -37.44 -32.01
C THR L 1206 -11.99 -37.89 -30.60
N ASN L 1207 -11.47 -37.18 -29.61
CA ASN L 1207 -11.78 -37.44 -28.22
C ASN L 1207 -12.30 -36.12 -27.65
N PRO L 1208 -13.61 -35.91 -27.64
CA PRO L 1208 -14.14 -34.69 -27.04
C PRO L 1208 -14.23 -34.73 -25.52
N TRP L 1209 -13.54 -35.68 -24.89
CA TRP L 1209 -13.35 -35.62 -23.45
C TRP L 1209 -11.90 -35.57 -23.05
N ALA L 1210 -11.02 -35.44 -24.04
CA ALA L 1210 -9.59 -35.32 -23.78
C ALA L 1210 -9.09 -33.97 -24.29
N SER L 1211 -9.35 -33.70 -25.57
CA SER L 1211 -8.95 -32.46 -26.24
C SER L 1211 -9.61 -31.18 -25.72
N LEU L 1212 -10.91 -31.24 -25.42
CA LEU L 1212 -11.65 -30.07 -24.97
C LEU L 1212 -11.17 -29.51 -23.62
N PRO L 1213 -11.19 -28.18 -23.49
CA PRO L 1213 -10.75 -27.54 -22.24
C PRO L 1213 -11.71 -27.93 -21.13
N GLY L 1214 -11.19 -28.13 -19.91
CA GLY L 1214 -12.05 -28.54 -18.82
C GLY L 1214 -12.67 -29.91 -18.97
N SER L 1215 -12.23 -30.71 -19.93
CA SER L 1215 -12.75 -32.06 -20.06
C SER L 1215 -12.00 -32.98 -19.10
N LEU L 1216 -12.25 -34.29 -19.16
CA LEU L 1216 -11.56 -35.18 -18.24
C LEU L 1216 -10.11 -35.46 -18.62
N GLY L 1217 -9.60 -34.84 -19.68
CA GLY L 1217 -8.18 -34.77 -19.86
C GLY L 1217 -7.62 -33.63 -19.05
N ASP L 1218 -8.23 -32.46 -19.22
CA ASP L 1218 -7.71 -31.24 -18.59
C ASP L 1218 -7.86 -31.28 -17.08
N ILE L 1219 -8.99 -31.79 -16.57
CA ILE L 1219 -9.24 -31.73 -15.13
C ILE L 1219 -8.53 -32.84 -14.37
N LEU L 1220 -7.80 -33.70 -15.07
CA LEU L 1220 -7.31 -34.93 -14.44
C LEU L 1220 -5.81 -35.09 -14.62
N TYR L 1221 -5.27 -34.65 -15.75
CA TYR L 1221 -3.88 -34.90 -16.08
C TYR L 1221 -3.05 -33.66 -16.25
N ASN L 1222 -3.67 -32.50 -16.48
CA ASN L 1222 -2.91 -31.26 -16.53
C ASN L 1222 -2.44 -30.91 -15.11
N THR L 1223 -1.15 -30.59 -14.98
CA THR L 1223 -0.62 -30.30 -13.66
C THR L 1223 -1.13 -28.99 -13.08
N ALA L 1224 -1.69 -28.11 -13.91
CA ALA L 1224 -2.30 -26.88 -13.41
C ALA L 1224 -3.51 -27.16 -12.52
N HIS L 1225 -4.16 -28.32 -12.68
CA HIS L 1225 -5.19 -28.75 -11.77
C HIS L 1225 -4.76 -29.87 -10.85
N ARG L 1226 -3.74 -30.63 -11.24
CA ARG L 1226 -3.15 -31.62 -10.35
C ARG L 1226 -2.54 -30.96 -9.12
N GLU L 1227 -1.91 -29.79 -9.26
CA GLU L 1227 -1.36 -29.11 -8.09
C GLU L 1227 -2.44 -28.51 -7.20
N GLN L 1228 -3.66 -28.36 -7.70
CA GLN L 1228 -4.78 -27.96 -6.85
C GLN L 1228 -5.33 -29.16 -6.08
N LEU L 1229 -5.56 -30.27 -6.78
CA LEU L 1229 -6.19 -31.44 -6.17
C LEU L 1229 -5.13 -32.48 -5.85
N CYS L 1230 -4.87 -32.69 -4.56
CA CYS L 1230 -3.62 -33.27 -4.07
C CYS L 1230 -3.44 -34.73 -4.49
N TYR L 1231 -2.20 -35.20 -4.38
CA TYR L 1231 -1.73 -36.34 -5.15
C TYR L 1231 -0.35 -36.75 -4.68
N ASN L 1232 0.06 -37.94 -5.07
CA ASN L 1232 1.39 -38.41 -4.79
C ASN L 1232 2.33 -37.86 -5.86
N PRO L 1233 3.39 -37.15 -5.49
CA PRO L 1233 4.35 -36.70 -6.52
C PRO L 1233 5.20 -37.83 -7.07
N LYS L 1234 5.28 -38.97 -6.38
CA LYS L 1234 6.07 -40.09 -6.88
C LYS L 1234 5.34 -40.89 -7.94
N THR L 1235 4.02 -40.74 -8.05
CA THR L 1235 3.24 -41.51 -9.01
C THR L 1235 3.49 -41.00 -10.41
N TYR L 1236 3.95 -41.89 -11.28
CA TYR L 1236 4.30 -41.53 -12.66
C TYR L 1236 3.07 -41.70 -13.53
N SER L 1237 2.69 -40.63 -14.21
CA SER L 1237 1.55 -40.63 -15.13
C SER L 1237 2.06 -40.36 -16.53
N PRO L 1238 1.98 -41.32 -17.45
CA PRO L 1238 2.53 -41.12 -18.80
C PRO L 1238 1.66 -40.29 -19.72
N ASN L 1239 0.67 -39.60 -19.18
CA ASN L 1239 -0.16 -38.73 -19.99
C ASN L 1239 -0.02 -37.28 -19.59
N ALA L 1240 0.72 -36.99 -18.51
CA ALA L 1240 1.12 -35.63 -18.22
C ALA L 1240 1.98 -35.06 -19.32
N GLN L 1241 2.79 -35.90 -19.98
CA GLN L 1241 3.63 -35.47 -21.10
C GLN L 1241 2.83 -35.05 -22.32
N PHE L 1242 1.53 -35.35 -22.38
CA PHE L 1242 0.66 -34.93 -23.45
C PHE L 1242 -0.33 -33.85 -23.03
N PHE L 1243 -0.72 -33.81 -21.75
CA PHE L 1243 -1.76 -32.87 -21.35
C PHE L 1243 -1.27 -31.67 -20.54
N THR L 1244 -0.03 -31.67 -20.07
CA THR L 1244 0.51 -30.46 -19.45
C THR L 1244 0.75 -29.41 -20.52
N GLU L 1245 0.06 -28.29 -20.42
CA GLU L 1245 0.10 -27.27 -21.46
C GLU L 1245 0.98 -26.09 -21.11
N SER L 1246 1.23 -25.86 -19.82
CA SER L 1246 2.30 -24.95 -19.44
C SER L 1246 3.67 -25.47 -19.86
N ASP L 1247 3.80 -26.79 -20.08
CA ASP L 1247 5.01 -27.38 -20.63
C ASP L 1247 4.86 -27.72 -22.11
N ILE L 1248 3.92 -27.10 -22.81
CA ILE L 1248 3.94 -27.09 -24.27
C ILE L 1248 3.88 -25.68 -24.83
N LEU L 1249 3.40 -24.68 -24.08
CA LEU L 1249 3.55 -23.30 -24.52
C LEU L 1249 4.98 -22.81 -24.40
N LYS L 1250 5.81 -23.50 -23.61
CA LYS L 1250 7.24 -23.24 -23.64
C LYS L 1250 7.91 -23.91 -24.83
N THR L 1251 7.33 -25.00 -25.35
CA THR L 1251 7.79 -25.60 -26.60
C THR L 1251 7.36 -24.77 -27.80
N ASN L 1252 6.35 -23.94 -27.63
CA ASN L 1252 6.04 -22.93 -28.64
C ASN L 1252 7.13 -21.85 -28.69
N LYS L 1253 8.29 -22.23 -29.22
CA LYS L 1253 9.40 -21.34 -29.51
C LYS L 1253 9.91 -21.71 -30.89
N MET L 1254 11.07 -21.17 -31.25
CA MET L 1254 11.65 -21.43 -32.55
C MET L 1254 12.51 -22.68 -32.49
N MET L 1255 12.81 -23.26 -33.66
CA MET L 1255 13.08 -24.69 -33.74
C MET L 1255 14.40 -25.06 -33.10
N TYR L 1256 15.43 -24.23 -33.25
CA TYR L 1256 16.71 -24.55 -32.62
C TYR L 1256 16.65 -24.38 -31.12
N LYS L 1257 15.82 -23.45 -30.62
CA LYS L 1257 15.61 -23.38 -29.18
C LYS L 1257 14.84 -24.58 -28.67
N VAL L 1258 13.92 -25.11 -29.48
CA VAL L 1258 13.18 -26.32 -29.10
C VAL L 1258 14.13 -27.50 -28.97
N ILE L 1259 15.00 -27.70 -29.97
CA ILE L 1259 15.87 -28.87 -29.87
C ILE L 1259 17.05 -28.66 -28.93
N ASN L 1260 17.47 -27.42 -28.67
CA ASN L 1260 18.46 -27.20 -27.63
C ASN L 1260 17.87 -27.46 -26.25
N GLU L 1261 16.62 -27.04 -26.03
CA GLU L 1261 15.92 -27.37 -24.80
C GLU L 1261 15.71 -28.87 -24.67
N TYR L 1262 15.45 -29.55 -25.79
CA TYR L 1262 15.27 -30.99 -25.76
C TYR L 1262 16.55 -31.73 -25.39
N CYS L 1263 17.65 -31.42 -26.08
CA CYS L 1263 18.89 -32.12 -25.76
C CYS L 1263 19.49 -31.66 -24.44
N MET L 1264 19.08 -30.50 -23.92
CA MET L 1264 19.42 -30.14 -22.56
C MET L 1264 18.54 -30.89 -21.56
N LYS L 1265 17.33 -31.27 -21.96
CA LYS L 1265 16.47 -32.11 -21.15
C LYS L 1265 16.89 -33.57 -21.34
N SER L 1266 18.05 -33.88 -20.76
CA SER L 1266 18.52 -35.26 -20.63
C SER L 1266 19.22 -35.45 -19.30
N ASN L 1267 18.75 -34.71 -18.28
CA ASN L 1267 19.20 -34.94 -16.92
C ASN L 1267 18.75 -36.30 -16.43
N SER L 1268 17.62 -36.79 -16.94
CA SER L 1268 17.09 -38.14 -16.71
C SER L 1268 16.84 -38.41 -15.23
N CYS L 1269 15.90 -37.64 -14.69
CA CYS L 1269 15.45 -37.88 -13.33
C CYS L 1269 14.72 -39.22 -13.18
N LEU L 1270 14.19 -39.75 -14.28
CA LEU L 1270 13.39 -40.97 -14.25
C LEU L 1270 14.27 -42.19 -14.09
N ASN L 1271 14.05 -42.94 -13.02
CA ASN L 1271 14.82 -44.16 -12.79
C ASN L 1271 14.24 -45.33 -13.56
N SER L 1272 14.90 -46.46 -13.46
CA SER L 1272 14.36 -47.70 -13.98
C SER L 1272 14.62 -48.82 -12.99
N ASP L 1273 14.38 -48.52 -11.72
CA ASP L 1273 14.53 -49.46 -10.61
C ASP L 1273 13.17 -49.61 -9.94
N SER L 1274 13.07 -50.61 -9.07
CA SER L 1274 12.00 -50.76 -8.07
C SER L 1274 10.62 -50.93 -8.70
N GLU L 1275 10.47 -52.03 -9.46
CA GLU L 1275 9.26 -52.79 -9.75
C GLU L 1275 8.10 -52.05 -10.44
N ILE L 1276 8.19 -50.73 -10.58
CA ILE L 1276 7.10 -49.94 -11.12
C ILE L 1276 7.71 -48.61 -11.51
N GLN L 1277 7.06 -47.92 -12.45
CA GLN L 1277 7.55 -46.62 -12.86
C GLN L 1277 7.24 -45.60 -11.79
N TYR L 1278 8.25 -45.15 -11.07
CA TYR L 1278 8.14 -43.96 -10.25
C TYR L 1278 8.67 -42.78 -11.03
N SER L 1279 8.47 -41.59 -10.49
CA SER L 1279 9.06 -40.38 -11.04
C SER L 1279 9.74 -39.64 -9.90
N CYS L 1280 10.97 -40.05 -9.60
CA CYS L 1280 11.81 -39.25 -8.72
C CYS L 1280 12.45 -38.13 -9.54
N SER L 1281 12.83 -37.07 -8.85
CA SER L 1281 13.15 -35.81 -9.51
C SER L 1281 14.45 -35.22 -8.99
N GLU L 1282 15.53 -35.99 -9.02
CA GLU L 1282 16.83 -35.49 -8.60
C GLU L 1282 17.87 -35.43 -9.71
N GLY L 1283 17.74 -36.26 -10.75
CA GLY L 1283 18.69 -36.24 -11.86
C GLY L 1283 20.04 -36.85 -11.56
N THR L 1284 20.05 -38.04 -10.96
CA THR L 1284 21.29 -38.76 -10.71
C THR L 1284 21.70 -39.61 -11.90
N ASP L 1285 20.72 -40.22 -12.57
CA ASP L 1285 20.97 -41.06 -13.75
C ASP L 1285 21.58 -40.23 -14.87
N SER L 1286 22.34 -40.90 -15.73
CA SER L 1286 23.04 -40.22 -16.81
C SER L 1286 22.12 -39.61 -17.85
N PHE L 1287 21.42 -40.43 -18.65
CA PHE L 1287 20.76 -39.89 -19.83
C PHE L 1287 19.53 -40.70 -20.19
N VAL L 1288 18.53 -39.98 -20.71
CA VAL L 1288 17.34 -40.56 -21.31
C VAL L 1288 17.04 -39.71 -22.53
N SER L 1289 16.31 -40.28 -23.49
CA SER L 1289 15.85 -39.51 -24.62
C SER L 1289 14.46 -39.98 -24.99
N ARG L 1290 13.53 -39.04 -25.10
CA ARG L 1290 12.10 -39.32 -25.20
C ARG L 1290 11.56 -38.72 -26.50
N PRO L 1291 11.60 -39.48 -27.60
CA PRO L 1291 11.09 -38.95 -28.86
C PRO L 1291 9.59 -38.79 -28.88
N CYS L 1292 8.86 -39.52 -28.05
CA CYS L 1292 7.43 -39.29 -27.91
C CYS L 1292 7.16 -37.95 -27.23
N GLN L 1293 7.99 -37.59 -26.24
CA GLN L 1293 7.94 -36.26 -25.66
C GLN L 1293 8.23 -35.18 -26.69
N PHE L 1294 9.23 -35.42 -27.56
CA PHE L 1294 9.57 -34.40 -28.55
C PHE L 1294 8.50 -34.26 -29.62
N LEU L 1295 8.04 -35.38 -30.18
CA LEU L 1295 7.07 -35.32 -31.27
C LEU L 1295 5.64 -35.13 -30.81
N GLN L 1296 5.38 -35.20 -29.50
CA GLN L 1296 4.05 -34.99 -28.90
C GLN L 1296 3.00 -35.95 -29.45
N ASN L 1297 3.40 -37.16 -29.80
CA ASN L 1297 2.45 -38.23 -30.03
C ASN L 1297 3.03 -39.55 -29.53
N ALA L 1298 2.15 -40.54 -29.43
CA ALA L 1298 2.52 -41.87 -29.00
C ALA L 1298 2.40 -42.83 -30.17
N LEU L 1299 2.62 -44.11 -29.90
CA LEU L 1299 2.70 -45.10 -30.98
C LEU L 1299 1.64 -46.17 -30.81
N PRO L 1300 1.14 -46.72 -31.92
CA PRO L 1300 0.21 -47.86 -31.83
C PRO L 1300 0.94 -49.18 -31.77
N LEU L 1301 0.45 -50.07 -30.91
CA LEU L 1301 1.06 -51.38 -30.75
C LEU L 1301 0.08 -52.47 -31.12
N HIS L 1302 0.60 -53.69 -31.27
CA HIS L 1302 -0.14 -54.82 -31.81
C HIS L 1302 -1.12 -55.35 -30.78
N CYS L 1303 -2.30 -54.74 -30.75
CA CYS L 1303 -3.41 -55.24 -29.96
C CYS L 1303 -4.49 -55.77 -30.89
N SER L 1304 -5.43 -56.51 -30.33
CA SER L 1304 -6.50 -57.08 -31.12
C SER L 1304 -7.74 -57.20 -30.23
N SER L 1305 -8.84 -57.62 -30.83
CA SER L 1305 -10.09 -57.66 -30.10
C SER L 1305 -10.37 -59.01 -29.48
N ASN L 1306 -9.99 -60.11 -30.13
CA ASN L 1306 -10.05 -61.40 -29.45
C ASN L 1306 -8.96 -62.34 -29.95
N GLN L 1307 -8.95 -63.53 -29.32
CA GLN L 1307 -7.96 -64.55 -29.61
C GLN L 1307 -8.10 -65.06 -31.03
N ALA L 1308 -9.29 -64.96 -31.62
CA ALA L 1308 -9.52 -65.39 -32.99
C ALA L 1308 -8.65 -64.60 -33.96
N LEU L 1309 -8.63 -63.29 -33.81
CA LEU L 1309 -7.79 -62.50 -34.70
C LEU L 1309 -6.33 -62.61 -34.28
N LEU L 1310 -6.08 -62.79 -32.98
CA LEU L 1310 -4.71 -62.86 -32.49
C LEU L 1310 -4.02 -64.15 -32.95
N GLU L 1311 -4.77 -65.23 -33.18
CA GLU L 1311 -4.15 -66.46 -33.65
C GLU L 1311 -3.67 -66.35 -35.09
N SER L 1312 -4.47 -65.74 -35.97
CA SER L 1312 -4.04 -65.57 -37.35
C SER L 1312 -2.91 -64.55 -37.45
N ARG L 1313 -2.90 -63.56 -36.55
CA ARG L 1313 -1.74 -62.68 -36.47
C ARG L 1313 -0.48 -63.43 -36.06
N SER L 1314 -0.60 -64.34 -35.09
CA SER L 1314 0.56 -65.14 -34.71
C SER L 1314 0.95 -66.16 -35.78
N LYS L 1315 0.02 -66.57 -36.63
CA LYS L 1315 0.38 -67.45 -37.74
C LYS L 1315 1.18 -66.70 -38.78
N THR L 1316 0.58 -65.70 -39.40
CA THR L 1316 1.23 -65.07 -40.53
C THR L 1316 2.33 -64.09 -40.12
N GLY L 1317 2.41 -63.73 -38.85
CA GLY L 1317 3.38 -62.73 -38.43
C GLY L 1317 3.03 -61.32 -38.86
N ASN L 1318 1.84 -61.10 -39.40
CA ASN L 1318 1.49 -59.83 -40.01
C ASN L 1318 1.10 -58.85 -38.92
N THR L 1319 2.11 -58.37 -38.20
CA THR L 1319 1.89 -57.38 -37.15
C THR L 1319 1.98 -55.96 -37.67
N GLN L 1320 2.27 -55.77 -38.95
CA GLN L 1320 2.34 -54.45 -39.53
C GLN L 1320 1.01 -54.02 -40.13
N ILE L 1321 0.35 -54.90 -40.86
CA ILE L 1321 -0.89 -54.56 -41.55
C ILE L 1321 -2.06 -54.77 -40.59
N SER L 1322 -2.83 -53.71 -40.36
CA SER L 1322 -4.02 -53.77 -39.55
C SER L 1322 -5.20 -54.28 -40.36
N GLU L 1323 -6.09 -55.02 -39.69
CA GLU L 1323 -7.19 -55.73 -40.31
C GLU L 1323 -8.36 -55.75 -39.35
N THR L 1324 -9.57 -55.77 -39.90
CA THR L 1324 -10.78 -55.71 -39.09
C THR L 1324 -11.78 -56.78 -39.48
N HIS L 1325 -12.43 -57.36 -38.48
CA HIS L 1325 -13.60 -58.21 -38.62
C HIS L 1325 -14.83 -57.31 -38.49
N TYR L 1326 -16.03 -57.86 -38.26
CA TYR L 1326 -17.29 -57.13 -38.20
C TYR L 1326 -17.29 -56.01 -37.16
N CYS L 1327 -17.24 -56.36 -35.90
CA CYS L 1327 -17.07 -55.39 -34.84
C CYS L 1327 -15.80 -55.65 -34.05
N ASN L 1328 -15.04 -56.68 -34.41
CA ASN L 1328 -13.76 -56.97 -33.80
C ASN L 1328 -12.66 -56.40 -34.67
N TYR L 1329 -11.78 -55.64 -34.07
CA TYR L 1329 -10.71 -54.95 -34.79
C TYR L 1329 -9.38 -55.48 -34.32
N ALA L 1330 -8.35 -55.26 -35.12
CA ALA L 1330 -7.00 -55.64 -34.71
C ALA L 1330 -6.03 -54.62 -35.28
N ILE L 1331 -5.26 -53.98 -34.40
CA ILE L 1331 -4.40 -52.85 -34.75
C ILE L 1331 -3.01 -53.37 -35.11
N GLY L 1332 -2.44 -52.82 -36.18
CA GLY L 1332 -1.10 -53.23 -36.58
C GLY L 1332 -0.04 -52.43 -35.83
N GLU L 1333 1.05 -53.11 -35.50
CA GLU L 1333 2.15 -52.51 -34.77
C GLU L 1333 3.00 -51.66 -35.71
N THR L 1334 3.54 -50.56 -35.17
CA THR L 1334 4.28 -49.64 -36.02
C THR L 1334 5.80 -49.79 -35.94
N ILE L 1335 6.32 -50.43 -34.90
CA ILE L 1335 7.74 -50.75 -34.80
C ILE L 1335 7.84 -52.22 -34.40
N PRO L 1336 8.38 -53.09 -35.24
CA PRO L 1336 8.38 -54.53 -34.95
C PRO L 1336 9.50 -54.92 -33.99
N LEU L 1337 9.35 -54.48 -32.74
CA LEU L 1337 10.42 -54.63 -31.77
C LEU L 1337 10.63 -56.08 -31.36
N GLN L 1338 9.62 -56.94 -31.50
CA GLN L 1338 9.84 -58.37 -31.31
C GLN L 1338 10.82 -58.90 -32.36
N LEU L 1339 10.66 -58.49 -33.62
CA LEU L 1339 11.62 -58.87 -34.65
C LEU L 1339 12.98 -58.25 -34.42
N ILE L 1340 13.01 -57.05 -33.81
CA ILE L 1340 14.29 -56.41 -33.49
C ILE L 1340 15.05 -57.21 -32.44
N ILE L 1341 14.35 -57.62 -31.38
CA ILE L 1341 14.96 -58.43 -30.32
C ILE L 1341 15.39 -59.79 -30.86
N GLU L 1342 14.58 -60.38 -31.74
CA GLU L 1342 14.98 -61.67 -32.32
C GLU L 1342 16.16 -61.51 -33.28
N SER L 1343 16.32 -60.35 -33.90
CA SER L 1343 17.48 -60.12 -34.74
C SER L 1343 18.74 -59.87 -33.92
N SER L 1344 18.63 -59.37 -32.69
CA SER L 1344 19.80 -59.46 -31.80
C SER L 1344 19.52 -60.22 -30.51
N GLU M 2 44.74 -142.85 -27.83
CA GLU M 2 45.97 -143.62 -27.94
C GLU M 2 46.52 -143.60 -29.35
N ASN M 3 47.82 -143.35 -29.47
CA ASN M 3 48.49 -143.30 -30.76
C ASN M 3 49.08 -144.65 -31.13
N TRP M 4 49.08 -144.94 -32.42
CA TRP M 4 49.63 -146.20 -32.90
C TRP M 4 50.53 -145.95 -34.09
N GLN M 5 50.28 -144.88 -34.84
CA GLN M 5 51.15 -144.55 -35.95
C GLN M 5 52.50 -144.03 -35.47
N ALA M 6 52.58 -143.55 -34.23
CA ALA M 6 53.88 -143.23 -33.63
C ALA M 6 54.76 -144.46 -33.52
N THR M 7 54.18 -145.57 -33.06
CA THR M 7 54.89 -146.84 -33.05
C THR M 7 55.17 -147.32 -34.46
N GLU M 8 54.19 -147.21 -35.36
CA GLU M 8 54.32 -147.77 -36.69
C GLU M 8 55.18 -146.92 -37.64
N ILE M 9 55.62 -145.73 -37.23
CA ILE M 9 56.46 -144.88 -38.06
C ILE M 9 57.79 -144.56 -37.38
N LEU M 10 57.74 -144.08 -36.15
CA LEU M 10 58.90 -143.50 -35.48
C LEU M 10 59.99 -144.56 -35.23
N PRO M 11 61.26 -144.14 -35.15
CA PRO M 11 62.34 -145.12 -34.98
C PRO M 11 62.30 -145.81 -33.63
N LYS M 12 62.68 -147.07 -33.64
CA LYS M 12 62.51 -147.98 -32.52
C LYS M 12 63.86 -148.47 -32.02
N ILE M 13 63.82 -149.23 -30.94
CA ILE M 13 65.02 -149.75 -30.28
C ILE M 13 64.88 -151.27 -30.23
N GLU M 14 65.84 -151.97 -30.84
CA GLU M 14 65.79 -153.42 -30.85
C GLU M 14 66.13 -153.97 -29.48
N ALA M 15 65.38 -155.00 -29.07
CA ALA M 15 65.57 -155.63 -27.77
C ALA M 15 66.14 -157.03 -27.98
N PRO M 16 67.40 -157.25 -27.63
CA PRO M 16 67.97 -158.60 -27.76
C PRO M 16 67.46 -159.50 -26.64
N LEU M 17 67.49 -160.81 -26.92
CA LEU M 17 66.99 -161.85 -26.01
C LEU M 17 65.53 -161.60 -25.62
N ASN M 18 64.69 -161.73 -26.65
CA ASN M 18 63.32 -161.23 -26.66
C ASN M 18 62.47 -161.74 -25.52
N ILE M 19 61.66 -160.84 -24.97
CA ILE M 19 61.02 -161.06 -23.67
C ILE M 19 59.92 -162.11 -23.77
N PHE M 20 59.22 -162.17 -24.89
CA PHE M 20 58.08 -163.07 -25.03
C PHE M 20 58.53 -164.37 -25.67
N ASN M 21 58.11 -165.48 -25.09
CA ASN M 21 58.33 -166.77 -25.73
C ASN M 21 57.39 -166.94 -26.92
N ASP M 22 56.17 -166.43 -26.78
CA ASP M 22 55.17 -166.51 -27.83
C ASP M 22 54.23 -165.31 -27.66
N ILE M 23 53.62 -164.88 -28.76
CA ILE M 23 52.61 -163.84 -28.63
C ILE M 23 51.34 -164.16 -29.36
N LYS M 24 51.32 -165.25 -30.13
CA LYS M 24 50.06 -165.73 -30.68
C LYS M 24 49.09 -166.09 -29.55
N THR M 25 49.59 -166.83 -28.55
CA THR M 25 48.79 -167.17 -27.39
C THR M 25 48.45 -165.93 -26.58
N TYR M 26 49.37 -164.97 -26.52
CA TYR M 26 49.14 -163.79 -25.67
C TYR M 26 48.10 -162.87 -26.27
N THR M 27 48.19 -162.62 -27.58
CA THR M 27 47.20 -161.80 -28.26
C THR M 27 45.86 -162.53 -28.35
N ALA M 28 45.87 -163.86 -28.48
CA ALA M 28 44.62 -164.59 -28.55
C ALA M 28 43.90 -164.61 -27.20
N GLU M 29 44.62 -164.92 -26.13
CA GLU M 29 44.01 -165.04 -24.81
C GLU M 29 44.06 -163.73 -24.01
N GLN M 30 44.46 -162.62 -24.65
CA GLN M 30 44.30 -161.26 -24.14
C GLN M 30 45.02 -161.05 -22.81
N LEU M 31 46.35 -161.16 -22.86
CA LEU M 31 47.14 -160.86 -21.68
C LEU M 31 47.19 -159.36 -21.42
N PHE M 32 47.01 -158.55 -22.45
CA PHE M 32 47.20 -157.11 -22.34
C PHE M 32 45.87 -156.39 -22.37
N ASP M 33 45.80 -155.30 -21.61
CA ASP M 33 44.62 -154.44 -21.65
C ASP M 33 44.54 -153.72 -22.99
N ASN M 34 45.64 -153.11 -23.41
CA ASN M 34 45.67 -152.29 -24.61
C ASN M 34 46.64 -152.89 -25.61
N LEU M 35 46.11 -153.28 -26.77
CA LEU M 35 46.95 -153.70 -27.88
C LEU M 35 46.18 -153.47 -29.15
N ARG M 36 46.92 -153.36 -30.25
CA ARG M 36 46.33 -153.28 -31.58
C ARG M 36 47.18 -154.16 -32.48
N ILE M 37 46.55 -155.14 -33.13
CA ILE M 37 47.24 -155.95 -34.12
C ILE M 37 46.45 -155.90 -35.42
N TYR M 38 47.17 -155.97 -36.53
CA TYR M 38 46.57 -156.11 -37.84
C TYR M 38 47.05 -157.41 -38.44
N PHE M 39 46.15 -158.14 -39.09
CA PHE M 39 46.55 -159.40 -39.72
C PHE M 39 47.33 -159.14 -40.99
N GLY M 40 46.69 -158.52 -41.98
CA GLY M 40 47.37 -158.19 -43.21
C GLY M 40 47.70 -156.72 -43.24
N ASP M 41 48.62 -156.31 -44.12
CA ASP M 41 49.25 -154.99 -44.03
C ASP M 41 48.26 -153.86 -44.30
N ASP M 42 48.25 -152.90 -43.38
CA ASP M 42 47.25 -151.85 -43.26
C ASP M 42 47.86 -150.52 -43.63
N PRO M 43 47.26 -149.76 -44.55
CA PRO M 43 47.72 -148.39 -44.82
C PRO M 43 47.24 -147.35 -43.82
N SER M 44 46.76 -147.76 -42.64
CA SER M 44 46.25 -146.80 -41.66
C SER M 44 47.35 -146.00 -40.96
N ARG M 45 48.62 -146.29 -41.22
CA ARG M 45 49.72 -145.48 -40.74
C ARG M 45 50.07 -144.34 -41.68
N TYR M 46 49.22 -144.04 -42.66
CA TYR M 46 49.53 -143.02 -43.65
C TYR M 46 48.65 -141.78 -43.56
N ASN M 47 47.50 -141.84 -42.89
CA ASN M 47 46.64 -140.67 -42.74
C ASN M 47 47.11 -139.85 -41.55
N ILE M 48 48.23 -139.17 -41.75
CA ILE M 48 48.78 -138.27 -40.73
C ILE M 48 47.89 -137.04 -40.69
N SER M 49 47.15 -136.86 -39.60
CA SER M 49 46.24 -135.73 -39.49
C SER M 49 46.54 -134.97 -38.21
N PHE M 50 47.02 -133.74 -38.35
CA PHE M 50 47.29 -132.92 -37.18
C PHE M 50 46.25 -131.82 -37.03
N GLU M 51 45.96 -131.49 -35.79
CA GLU M 51 45.42 -130.17 -35.48
C GLU M 51 46.57 -129.18 -35.56
N ALA M 52 46.26 -127.96 -35.99
CA ALA M 52 47.27 -126.92 -36.14
C ALA M 52 46.86 -125.65 -35.42
N LEU M 53 47.79 -125.06 -34.69
CA LEU M 53 47.50 -123.83 -33.98
C LEU M 53 48.31 -122.66 -34.51
N LEU M 54 47.61 -121.58 -34.86
CA LEU M 54 48.23 -120.35 -35.36
C LEU M 54 48.84 -119.56 -34.20
N GLY M 55 49.87 -118.76 -34.49
CA GLY M 55 50.48 -117.98 -33.42
C GLY M 55 49.47 -117.24 -32.57
N ILE M 56 49.72 -117.31 -31.26
CA ILE M 56 48.89 -116.69 -30.23
C ILE M 56 49.24 -115.21 -30.16
N TYR M 57 48.23 -114.37 -30.08
CA TYR M 57 48.42 -112.93 -30.10
C TYR M 57 47.85 -112.31 -28.84
N CYS M 58 48.60 -111.36 -28.27
CA CYS M 58 48.16 -110.65 -27.09
C CYS M 58 47.98 -109.19 -27.43
N ASN M 59 47.10 -108.53 -26.68
CA ASN M 59 46.88 -107.11 -26.89
C ASN M 59 48.06 -106.31 -26.37
N LYS M 60 48.42 -105.27 -27.09
CA LYS M 60 49.43 -104.32 -26.65
C LYS M 60 48.69 -103.07 -26.20
N ILE M 61 48.69 -102.82 -24.90
CA ILE M 61 48.00 -101.66 -24.34
C ILE M 61 48.87 -100.44 -24.55
N GLU M 62 48.30 -99.39 -25.14
CA GLU M 62 49.04 -98.15 -25.31
C GLU M 62 49.21 -97.46 -23.96
N TRP M 63 50.19 -96.57 -23.89
CA TRP M 63 50.63 -96.00 -22.64
C TRP M 63 50.35 -94.51 -22.62
N ILE M 64 49.77 -94.03 -21.53
CA ILE M 64 49.28 -92.67 -21.43
C ILE M 64 50.12 -91.92 -20.41
N ASN M 65 50.85 -90.91 -20.86
CA ASN M 65 51.40 -89.93 -19.97
C ASN M 65 50.41 -88.79 -19.81
N PHE M 66 50.46 -88.13 -18.66
CA PHE M 66 49.52 -87.05 -18.40
C PHE M 66 49.79 -85.85 -19.29
N PHE M 67 51.06 -85.54 -19.52
CA PHE M 67 51.42 -84.35 -20.26
C PHE M 67 51.38 -84.55 -21.76
N THR M 68 51.18 -85.77 -22.23
CA THR M 68 50.95 -85.99 -23.65
C THR M 68 49.53 -85.60 -24.05
N THR M 69 48.56 -85.93 -23.21
CA THR M 69 47.17 -85.59 -23.48
C THR M 69 46.94 -84.09 -23.32
N PRO M 70 46.04 -83.50 -24.11
CA PRO M 70 45.85 -82.05 -24.08
C PRO M 70 44.95 -81.54 -22.97
N ILE M 71 44.65 -82.35 -21.97
CA ILE M 71 44.02 -81.83 -20.75
C ILE M 71 45.05 -81.13 -19.87
N ALA M 72 46.33 -81.41 -20.09
CA ALA M 72 47.37 -80.83 -19.26
C ALA M 72 47.66 -79.37 -19.61
N VAL M 73 47.11 -78.84 -20.70
CA VAL M 73 47.20 -77.40 -20.90
C VAL M 73 46.18 -76.69 -20.02
N ALA M 74 45.07 -77.36 -19.68
CA ALA M 74 44.23 -76.83 -18.61
C ALA M 74 44.88 -77.08 -17.25
N ALA M 75 45.70 -78.12 -17.14
CA ALA M 75 46.29 -78.42 -15.85
C ALA M 75 47.56 -77.62 -15.60
N ASN M 76 48.03 -77.66 -14.35
CA ASN M 76 49.35 -77.17 -13.95
C ASN M 76 49.73 -77.93 -12.67
N VAL M 77 50.58 -78.95 -12.80
CA VAL M 77 50.68 -80.00 -11.80
C VAL M 77 52.03 -79.95 -11.10
N ILE M 78 52.01 -79.90 -9.77
CA ILE M 78 53.19 -79.69 -8.96
C ILE M 78 53.18 -80.71 -7.82
N ARG M 79 54.22 -81.53 -7.73
CA ARG M 79 54.32 -82.49 -6.65
C ARG M 79 54.48 -81.83 -5.29
N PHE M 80 53.88 -82.48 -4.30
CA PHE M 80 53.88 -82.03 -2.92
C PHE M 80 53.55 -83.25 -2.08
N ASN M 81 54.47 -83.60 -1.19
CA ASN M 81 54.46 -84.88 -0.50
C ASN M 81 53.71 -84.84 0.83
N ASP M 82 53.07 -83.72 1.17
CA ASP M 82 52.35 -83.63 2.44
C ASP M 82 50.95 -83.09 2.25
N VAL M 83 50.38 -83.28 1.06
CA VAL M 83 49.05 -82.76 0.83
C VAL M 83 48.00 -83.63 1.52
N SER M 84 48.36 -84.85 1.91
CA SER M 84 47.53 -85.61 2.84
C SER M 84 47.54 -84.97 4.21
N ARG M 85 48.60 -84.25 4.55
CA ARG M 85 48.64 -83.47 5.78
C ARG M 85 48.18 -82.05 5.59
N MET M 86 47.80 -81.66 4.37
CA MET M 86 47.24 -80.33 4.14
C MET M 86 45.74 -80.32 4.42
N THR M 87 45.30 -79.39 5.26
CA THR M 87 43.87 -79.25 5.54
C THR M 87 43.17 -78.46 4.44
N LEU M 88 43.55 -77.20 4.27
CA LEU M 88 42.96 -76.34 3.27
C LEU M 88 44.06 -75.55 2.59
N GLY M 89 44.17 -75.68 1.28
CA GLY M 89 44.96 -74.76 0.50
C GLY M 89 44.06 -73.59 0.12
N LYS M 90 44.59 -72.38 0.24
CA LYS M 90 43.83 -71.22 -0.21
C LYS M 90 44.77 -70.19 -0.82
N VAL M 91 44.23 -69.44 -1.78
CA VAL M 91 44.91 -68.28 -2.33
C VAL M 91 44.12 -67.04 -1.94
N LEU M 92 44.83 -65.94 -1.79
CA LEU M 92 44.25 -64.68 -1.30
C LEU M 92 44.45 -63.62 -2.38
N PHE M 93 43.35 -63.03 -2.81
CA PHE M 93 43.37 -62.01 -3.84
C PHE M 93 43.00 -60.67 -3.25
N PHE M 94 43.69 -59.63 -3.70
CA PHE M 94 43.63 -58.28 -3.15
C PHE M 94 43.37 -57.32 -4.30
N ILE M 95 42.11 -57.00 -4.52
CA ILE M 95 41.67 -56.19 -5.64
C ILE M 95 41.34 -54.80 -5.08
N GLN M 96 41.70 -53.77 -5.83
CA GLN M 96 41.32 -52.42 -5.48
C GLN M 96 40.52 -51.79 -6.61
N LEU M 97 39.54 -50.96 -6.25
CA LEU M 97 38.80 -50.46 -7.38
C LEU M 97 39.14 -49.00 -7.62
N PRO M 98 39.41 -48.62 -8.87
CA PRO M 98 39.71 -47.22 -9.17
C PRO M 98 38.42 -46.43 -9.35
N ARG M 99 38.30 -45.33 -8.63
CA ARG M 99 37.09 -44.53 -8.69
C ARG M 99 37.25 -43.40 -9.69
N VAL M 100 36.13 -42.74 -9.97
CA VAL M 100 36.06 -41.67 -10.95
C VAL M 100 35.61 -40.41 -10.23
N ALA M 101 36.03 -39.26 -10.73
CA ALA M 101 35.65 -38.01 -10.10
C ALA M 101 34.25 -37.64 -10.50
N THR M 102 33.40 -37.35 -9.52
CA THR M 102 32.04 -36.96 -9.79
C THR M 102 31.99 -35.54 -10.30
N GLY M 103 30.90 -35.23 -10.99
CA GLY M 103 30.60 -33.89 -11.43
C GLY M 103 29.87 -33.12 -10.36
N ASN M 104 28.95 -32.28 -10.80
CA ASN M 104 28.11 -31.53 -9.88
C ASN M 104 26.99 -32.42 -9.39
N ASP M 105 26.53 -32.15 -8.17
CA ASP M 105 25.34 -32.73 -7.54
C ASP M 105 25.43 -34.24 -7.29
N VAL M 106 26.60 -34.86 -7.41
CA VAL M 106 26.72 -36.31 -7.27
C VAL M 106 27.70 -36.62 -6.15
N THR M 107 27.26 -37.43 -5.19
CA THR M 107 28.05 -37.74 -4.01
C THR M 107 29.27 -38.57 -4.39
N ALA M 108 30.43 -38.19 -3.87
CA ALA M 108 31.67 -38.85 -4.24
C ALA M 108 31.76 -40.24 -3.61
N PRO M 109 32.31 -41.22 -4.33
CA PRO M 109 32.55 -42.53 -3.72
C PRO M 109 33.90 -42.60 -3.04
N LYS M 110 34.00 -43.52 -2.08
CA LYS M 110 35.22 -43.69 -1.33
C LYS M 110 36.06 -44.81 -1.93
N GLU M 111 37.22 -45.05 -1.33
CA GLU M 111 38.12 -46.10 -1.80
C GLU M 111 37.55 -47.47 -1.50
N THR M 112 37.59 -48.35 -2.50
CA THR M 112 37.02 -49.69 -2.37
C THR M 112 38.15 -50.71 -2.41
N THR M 113 38.27 -51.50 -1.35
CA THR M 113 39.31 -52.50 -1.20
C THR M 113 38.64 -53.85 -0.96
N ILE M 114 38.92 -54.82 -1.84
CA ILE M 114 38.26 -56.10 -1.81
C ILE M 114 39.31 -57.18 -1.56
N MET M 115 39.07 -58.03 -0.57
CA MET M 115 39.92 -59.18 -0.31
C MET M 115 39.06 -60.43 -0.42
N VAL M 116 39.45 -61.35 -1.31
CA VAL M 116 38.74 -62.62 -1.44
C VAL M 116 39.75 -63.74 -1.25
N ALA M 117 39.22 -64.95 -1.08
CA ALA M 117 40.06 -66.11 -0.83
C ALA M 117 39.44 -67.34 -1.48
N LYS M 118 40.16 -67.94 -2.42
CA LYS M 118 39.69 -69.15 -3.07
C LYS M 118 40.28 -70.36 -2.36
N HIS M 119 39.46 -71.38 -2.19
CA HIS M 119 39.84 -72.56 -1.42
C HIS M 119 40.23 -73.71 -2.34
N SER M 120 40.67 -74.80 -1.73
CA SER M 120 41.12 -75.98 -2.43
C SER M 120 40.17 -77.14 -2.18
N GLU M 121 39.82 -77.85 -3.24
CA GLU M 121 39.22 -79.16 -3.07
C GLU M 121 40.35 -80.17 -2.92
N LYS M 122 40.09 -81.28 -2.23
CA LYS M 122 41.06 -82.37 -2.28
C LYS M 122 40.32 -83.67 -2.49
N HIS M 123 40.97 -84.58 -3.20
CA HIS M 123 40.31 -85.68 -3.86
C HIS M 123 41.28 -86.85 -4.00
N PRO M 124 40.99 -88.00 -3.39
CA PRO M 124 41.88 -89.15 -3.53
C PRO M 124 41.47 -90.07 -4.66
N ILE M 125 42.44 -90.87 -5.11
CA ILE M 125 42.17 -91.98 -6.03
C ILE M 125 42.91 -93.21 -5.52
N ASN M 126 42.41 -94.38 -5.91
CA ASN M 126 43.09 -95.61 -5.55
C ASN M 126 42.91 -96.68 -6.63
N ILE M 127 43.83 -97.64 -6.58
CA ILE M 127 43.89 -98.77 -7.50
C ILE M 127 44.32 -100.01 -6.73
N SER M 128 43.55 -101.07 -6.84
CA SER M 128 43.86 -102.31 -6.14
C SER M 128 43.99 -103.45 -7.14
N PHE M 129 45.01 -104.29 -6.94
CA PHE M 129 45.15 -105.49 -7.72
C PHE M 129 45.71 -106.58 -6.79
N ASP M 130 45.35 -107.82 -7.06
CA ASP M 130 45.78 -108.91 -6.20
C ASP M 130 46.79 -109.80 -6.89
N LEU M 131 47.44 -110.61 -6.07
CA LEU M 131 48.30 -111.69 -6.54
C LEU M 131 47.88 -112.94 -5.80
N SER M 132 47.70 -114.04 -6.52
CA SER M 132 47.30 -115.28 -5.89
C SER M 132 48.46 -115.87 -5.10
N ALA M 133 48.11 -116.74 -4.15
CA ALA M 133 49.12 -117.38 -3.33
C ALA M 133 50.00 -118.31 -4.15
N ALA M 134 49.44 -118.93 -5.19
CA ALA M 134 50.24 -119.79 -6.06
C ALA M 134 51.24 -118.98 -6.87
N CYS M 135 50.80 -117.85 -7.42
CA CYS M 135 51.71 -116.96 -8.13
C CYS M 135 52.76 -116.39 -7.19
N LEU M 136 52.40 -116.16 -5.92
CA LEU M 136 53.37 -115.65 -4.96
C LEU M 136 54.39 -116.72 -4.58
N GLU M 137 53.96 -117.99 -4.49
CA GLU M 137 54.90 -119.09 -4.28
C GLU M 137 55.86 -119.23 -5.45
N HIS M 138 55.34 -119.28 -6.67
CA HIS M 138 56.21 -119.44 -7.83
C HIS M 138 57.00 -118.18 -8.16
N LEU M 139 56.70 -117.06 -7.53
CA LEU M 139 57.40 -115.82 -7.83
C LEU M 139 58.85 -115.87 -7.36
N GLU M 140 59.09 -116.24 -6.11
CA GLU M 140 60.39 -115.93 -5.52
C GLU M 140 61.37 -117.09 -5.51
N ASN M 141 60.91 -118.33 -5.36
CA ASN M 141 61.84 -119.45 -5.26
C ASN M 141 61.56 -120.50 -6.33
N THR M 142 62.58 -121.30 -6.58
CA THR M 142 62.41 -122.60 -7.21
C THR M 142 62.70 -123.67 -6.17
N PHE M 143 61.83 -124.67 -6.09
CA PHE M 143 62.04 -125.76 -5.14
C PHE M 143 63.18 -126.64 -5.61
N LYS M 144 63.03 -127.22 -6.80
CA LYS M 144 64.10 -127.92 -7.50
C LYS M 144 64.27 -127.26 -8.86
N ASN M 145 65.37 -127.58 -9.52
CA ASN M 145 65.59 -127.04 -10.86
C ASN M 145 64.93 -127.99 -11.86
N THR M 146 63.62 -127.90 -11.94
CA THR M 146 62.92 -128.45 -13.08
C THR M 146 62.59 -127.32 -14.04
N VAL M 147 62.57 -127.67 -15.33
CA VAL M 147 62.31 -126.68 -16.38
C VAL M 147 60.90 -126.13 -16.23
N ILE M 148 59.95 -126.97 -15.79
CA ILE M 148 58.60 -126.53 -15.48
C ILE M 148 58.60 -125.46 -14.39
N ASP M 149 59.42 -125.68 -13.35
CA ASP M 149 59.50 -124.68 -12.29
C ASP M 149 60.15 -123.39 -12.78
N GLN M 150 61.10 -123.50 -13.71
CA GLN M 150 61.68 -122.30 -14.32
C GLN M 150 60.62 -121.52 -15.12
N ILE M 151 59.77 -122.24 -15.86
CA ILE M 151 58.75 -121.60 -16.68
C ILE M 151 57.74 -120.88 -15.80
N LEU M 152 57.26 -121.56 -14.76
CA LEU M 152 56.30 -120.93 -13.87
C LEU M 152 56.90 -119.78 -13.07
N ASN M 153 58.21 -119.88 -12.75
CA ASN M 153 58.91 -118.78 -12.10
C ASN M 153 58.91 -117.53 -12.96
N ILE M 154 59.30 -117.68 -14.22
CA ILE M 154 59.43 -116.52 -15.08
C ILE M 154 58.04 -116.00 -15.49
N ASN M 155 57.03 -116.88 -15.54
CA ASN M 155 55.65 -116.44 -15.74
C ASN M 155 55.17 -115.56 -14.59
N ALA M 156 55.41 -116.00 -13.34
CA ALA M 156 55.00 -115.21 -12.19
C ALA M 156 55.72 -113.88 -12.12
N LEU M 157 56.99 -113.87 -12.53
CA LEU M 157 57.76 -112.63 -12.57
C LEU M 157 57.15 -111.63 -13.57
N HIS M 158 56.79 -112.12 -14.76
CA HIS M 158 56.17 -111.20 -15.73
C HIS M 158 54.77 -110.79 -15.32
N THR M 159 54.04 -111.66 -14.60
CA THR M 159 52.72 -111.29 -14.09
C THR M 159 52.82 -110.13 -13.11
N VAL M 160 53.78 -110.19 -12.19
CA VAL M 160 53.97 -109.11 -11.21
C VAL M 160 54.40 -107.82 -11.90
N LEU M 161 55.41 -107.90 -12.77
CA LEU M 161 55.94 -106.70 -13.42
C LEU M 161 54.91 -106.02 -14.31
N ARG M 162 54.15 -106.81 -15.06
CA ARG M 162 53.19 -106.22 -15.97
C ARG M 162 51.94 -105.74 -15.24
N SER M 163 51.58 -106.35 -14.11
CA SER M 163 50.51 -105.78 -13.31
C SER M 163 50.93 -104.47 -12.64
N LEU M 164 52.22 -104.33 -12.30
CA LEU M 164 52.69 -103.03 -11.80
C LEU M 164 52.62 -101.96 -12.87
N LYS M 165 52.98 -102.32 -14.11
CA LYS M 165 52.83 -101.38 -15.22
C LYS M 165 51.37 -101.01 -15.45
N ASN M 166 50.47 -101.98 -15.32
CA ASN M 166 49.03 -101.72 -15.46
C ASN M 166 48.52 -100.79 -14.38
N SER M 167 48.99 -100.97 -13.14
CA SER M 167 48.56 -100.09 -12.06
C SER M 167 49.09 -98.67 -12.22
N ALA M 168 50.30 -98.51 -12.77
CA ALA M 168 50.80 -97.16 -13.01
C ALA M 168 50.00 -96.45 -14.10
N ASP M 169 49.66 -97.18 -15.17
CA ASP M 169 48.76 -96.64 -16.19
C ASP M 169 47.40 -96.29 -15.61
N SER M 170 46.94 -97.09 -14.65
CA SER M 170 45.65 -96.85 -14.02
C SER M 170 45.68 -95.57 -13.19
N LEU M 171 46.79 -95.33 -12.49
CA LEU M 171 46.91 -94.08 -11.73
C LEU M 171 46.94 -92.86 -12.64
N GLU M 172 47.60 -92.98 -13.80
CA GLU M 172 47.62 -91.87 -14.76
C GLU M 172 46.23 -91.58 -15.31
N ARG M 173 45.50 -92.64 -15.70
CA ARG M 173 44.16 -92.41 -16.23
C ARG M 173 43.19 -91.96 -15.17
N GLY M 174 43.39 -92.38 -13.92
CA GLY M 174 42.58 -91.85 -12.84
C GLY M 174 42.85 -90.40 -12.56
N LEU M 175 44.09 -89.95 -12.77
CA LEU M 175 44.39 -88.53 -12.69
C LEU M 175 43.64 -87.75 -13.77
N ILE M 176 43.66 -88.27 -15.00
CA ILE M 176 42.87 -87.71 -16.11
C ILE M 176 41.40 -87.60 -15.72
N HIS M 177 40.84 -88.69 -15.20
CA HIS M 177 39.41 -88.76 -14.96
C HIS M 177 38.99 -87.91 -13.79
N ALA M 178 39.80 -87.84 -12.73
CA ALA M 178 39.44 -87.02 -11.58
C ALA M 178 39.54 -85.54 -11.93
N PHE M 179 40.51 -85.16 -12.75
CA PHE M 179 40.61 -83.76 -13.16
C PHE M 179 39.45 -83.39 -14.08
N MET M 180 39.03 -84.31 -14.94
CA MET M 180 37.87 -84.05 -15.80
C MET M 180 36.58 -83.98 -14.98
N GLN M 181 36.49 -84.82 -13.95
CA GLN M 181 35.40 -84.78 -12.98
C GLN M 181 35.28 -83.42 -12.33
N THR M 182 36.41 -82.86 -11.91
CA THR M 182 36.35 -81.56 -11.23
C THR M 182 36.07 -80.42 -12.20
N LEU M 183 36.59 -80.48 -13.44
CA LEU M 183 36.23 -79.46 -14.42
C LEU M 183 34.73 -79.46 -14.72
N LEU M 184 34.12 -80.64 -14.82
CA LEU M 184 32.68 -80.68 -15.04
C LEU M 184 31.89 -80.31 -13.79
N ARG M 185 32.46 -80.51 -12.59
CA ARG M 185 31.79 -79.98 -11.41
C ARG M 185 31.88 -78.46 -11.34
N LYS M 186 32.94 -77.88 -11.89
CA LYS M 186 33.10 -76.43 -11.83
C LYS M 186 32.31 -75.69 -12.89
N SER M 187 32.24 -76.26 -14.10
CA SER M 187 31.84 -75.47 -15.27
C SER M 187 30.35 -75.17 -15.30
N PRO M 188 29.95 -73.90 -15.30
CA PRO M 188 28.55 -73.58 -15.51
C PRO M 188 28.21 -73.63 -16.98
N PRO M 189 26.95 -73.90 -17.33
CA PRO M 189 26.60 -74.06 -18.74
C PRO M 189 26.59 -72.74 -19.50
N GLN M 190 26.50 -72.89 -20.81
CA GLN M 190 26.84 -71.80 -21.73
C GLN M 190 25.81 -70.69 -21.71
N PHE M 191 24.53 -71.01 -21.52
CA PHE M 191 23.52 -69.96 -21.52
C PHE M 191 23.60 -69.11 -20.27
N ILE M 192 23.95 -69.71 -19.13
CA ILE M 192 24.18 -68.93 -17.92
C ILE M 192 25.41 -68.06 -18.08
N VAL M 193 26.49 -68.60 -18.68
CA VAL M 193 27.71 -67.82 -18.86
C VAL M 193 27.48 -66.65 -19.81
N LEU M 194 26.70 -66.86 -20.88
CA LEU M 194 26.42 -65.77 -21.80
C LEU M 194 25.47 -64.74 -21.21
N THR M 195 24.54 -65.16 -20.35
CA THR M 195 23.59 -64.21 -19.80
C THR M 195 24.24 -63.34 -18.71
N MET M 196 25.18 -63.91 -17.94
CA MET M 196 25.81 -63.14 -16.86
C MET M 196 26.69 -62.03 -17.39
N ASN M 197 27.35 -62.24 -18.52
CA ASN M 197 28.23 -61.20 -19.04
C ASN M 197 27.44 -60.04 -19.65
N GLU M 198 26.23 -60.31 -20.11
CA GLU M 198 25.36 -59.22 -20.53
C GLU M 198 24.73 -58.51 -19.35
N ASN M 199 24.33 -59.26 -18.34
CA ASN M 199 23.67 -58.70 -17.16
C ASN M 199 24.60 -58.62 -15.96
N LYS M 200 25.84 -58.22 -16.20
CA LYS M 200 26.73 -57.84 -15.13
C LYS M 200 26.12 -56.70 -14.32
N VAL M 201 26.43 -56.73 -13.02
CA VAL M 201 25.85 -55.76 -12.09
C VAL M 201 26.40 -54.38 -12.45
N HIS M 202 25.46 -53.46 -12.70
CA HIS M 202 25.84 -52.09 -12.91
C HIS M 202 26.33 -51.50 -11.58
N ASN M 203 27.16 -50.46 -11.68
CA ASN M 203 27.72 -49.85 -10.47
C ASN M 203 26.65 -49.06 -9.75
N LYS M 204 25.91 -49.79 -8.92
CA LYS M 204 24.87 -49.28 -8.05
C LYS M 204 25.00 -50.05 -6.73
N GLN M 205 24.00 -49.90 -5.87
CA GLN M 205 24.12 -50.39 -4.50
C GLN M 205 24.12 -51.92 -4.46
N ALA M 206 23.19 -52.54 -5.18
CA ALA M 206 23.10 -54.00 -5.21
C ALA M 206 22.43 -54.43 -6.50
N LEU M 207 22.52 -55.73 -6.77
CA LEU M 207 21.87 -56.35 -7.92
C LEU M 207 20.36 -56.21 -7.85
N SER M 208 19.78 -55.66 -8.91
CA SER M 208 18.42 -55.16 -8.86
C SER M 208 17.42 -56.22 -9.34
N ARG M 209 16.17 -56.04 -8.90
CA ARG M 209 15.12 -57.00 -9.18
C ARG M 209 14.74 -57.00 -10.66
N VAL M 210 14.68 -55.82 -11.27
CA VAL M 210 14.41 -55.71 -12.70
C VAL M 210 15.52 -56.35 -13.51
N GLN M 211 16.77 -56.13 -13.07
CA GLN M 211 17.94 -56.75 -13.69
C GLN M 211 17.83 -58.27 -13.68
N ARG M 212 17.57 -58.84 -12.50
CA ARG M 212 17.56 -60.30 -12.43
C ARG M 212 16.31 -60.91 -13.06
N SER M 213 15.19 -60.18 -13.11
CA SER M 213 14.02 -60.74 -13.77
C SER M 213 14.18 -60.77 -15.28
N ASN M 214 14.72 -59.68 -15.87
CA ASN M 214 15.03 -59.70 -17.29
C ASN M 214 16.14 -60.70 -17.59
N MET M 215 17.03 -60.92 -16.62
CA MET M 215 18.05 -61.97 -16.75
C MET M 215 17.42 -63.34 -16.79
N PHE M 216 16.36 -63.56 -16.01
CA PHE M 216 15.66 -64.84 -16.03
C PHE M 216 14.96 -65.09 -17.35
N GLN M 217 14.31 -64.06 -17.88
CA GLN M 217 13.67 -64.19 -19.19
C GLN M 217 14.70 -64.44 -20.29
N SER M 218 15.87 -63.80 -20.17
CA SER M 218 16.95 -64.07 -21.09
C SER M 218 17.47 -65.49 -20.96
N LEU M 219 17.46 -66.05 -19.74
CA LEU M 219 17.85 -67.45 -19.56
C LEU M 219 16.92 -68.39 -20.30
N LYS M 220 15.60 -68.15 -20.17
CA LYS M 220 14.62 -68.92 -20.95
C LYS M 220 14.90 -68.86 -22.45
N ASN M 221 15.17 -67.66 -22.95
CA ASN M 221 15.34 -67.51 -24.40
C ASN M 221 16.62 -68.16 -24.90
N ARG M 222 17.74 -67.98 -24.18
CA ARG M 222 19.00 -68.59 -24.57
C ARG M 222 18.91 -70.11 -24.52
N LEU M 223 18.21 -70.65 -23.51
CA LEU M 223 18.08 -72.09 -23.40
C LEU M 223 17.24 -72.66 -24.54
N LEU M 224 16.10 -72.04 -24.83
CA LEU M 224 15.26 -72.59 -25.88
C LEU M 224 15.78 -72.32 -27.28
N THR M 225 16.74 -71.42 -27.46
CA THR M 225 17.34 -71.27 -28.78
C THR M 225 18.59 -72.12 -28.96
N SER M 226 19.58 -71.97 -28.09
CA SER M 226 20.91 -72.54 -28.34
C SER M 226 21.14 -73.84 -27.61
N LEU M 227 20.12 -74.70 -27.52
CA LEU M 227 20.27 -75.92 -26.72
C LEU M 227 21.05 -76.99 -27.47
N PHE M 228 20.49 -77.51 -28.55
CA PHE M 228 21.11 -78.60 -29.32
C PHE M 228 21.89 -77.94 -30.45
N PHE M 229 23.19 -77.90 -30.29
CA PHE M 229 23.99 -76.92 -31.01
C PHE M 229 24.50 -77.40 -32.35
N LEU M 230 25.16 -78.56 -32.39
CA LEU M 230 25.68 -79.08 -33.66
C LEU M 230 24.59 -79.57 -34.59
N ASN M 231 23.38 -79.75 -34.08
CA ASN M 231 22.36 -80.54 -34.75
C ASN M 231 21.35 -79.69 -35.50
N ARG M 232 21.12 -78.45 -35.08
CA ARG M 232 20.06 -77.66 -35.68
C ARG M 232 20.54 -76.96 -36.95
N ASN M 233 21.56 -76.13 -36.83
CA ASN M 233 22.06 -75.30 -37.91
C ASN M 233 23.12 -76.03 -38.72
N ASN M 234 23.62 -75.37 -39.75
CA ASN M 234 24.79 -75.86 -40.46
C ASN M 234 25.77 -74.77 -40.85
N ASN M 235 25.51 -73.52 -40.48
CA ASN M 235 26.38 -72.41 -40.86
C ASN M 235 27.67 -72.51 -40.07
N SER M 236 28.77 -72.75 -40.78
CA SER M 236 30.08 -72.76 -40.16
C SER M 236 30.42 -71.40 -39.57
N SER M 237 29.94 -70.32 -40.20
CA SER M 237 30.06 -68.99 -39.62
C SER M 237 29.34 -68.89 -38.29
N TYR M 238 28.14 -69.48 -38.18
CA TYR M 238 27.38 -69.41 -36.94
C TYR M 238 28.04 -70.24 -35.83
N ILE M 239 28.49 -71.44 -36.17
CA ILE M 239 29.10 -72.32 -35.16
C ILE M 239 30.45 -71.77 -34.73
N TYR M 240 31.22 -71.23 -35.67
CA TYR M 240 32.45 -70.53 -35.36
C TYR M 240 32.19 -69.30 -34.50
N ARG M 241 31.07 -68.61 -34.73
CA ARG M 241 30.71 -67.45 -33.92
C ARG M 241 30.40 -67.85 -32.48
N ILE M 242 29.72 -68.98 -32.28
CA ILE M 242 29.37 -69.36 -30.91
C ILE M 242 30.59 -69.91 -30.18
N LEU M 243 31.50 -70.59 -30.89
CA LEU M 243 32.76 -70.97 -30.26
C LEU M 243 33.59 -69.75 -29.88
N ASN M 244 33.56 -68.70 -30.73
CA ASN M 244 34.19 -67.43 -30.38
C ASN M 244 33.51 -66.81 -29.17
N ASP M 245 32.20 -66.99 -29.04
CA ASP M 245 31.49 -66.47 -27.87
C ASP M 245 31.90 -67.20 -26.60
N MET M 246 32.18 -68.50 -26.70
CA MET M 246 32.74 -69.24 -25.56
C MET M 246 34.09 -68.67 -25.15
N MET M 247 34.97 -68.51 -26.13
CA MET M 247 36.33 -68.11 -25.82
C MET M 247 36.44 -66.65 -25.44
N GLU M 248 35.42 -65.85 -25.70
CA GLU M 248 35.39 -64.50 -25.15
C GLU M 248 34.65 -64.42 -23.83
N SER M 249 33.74 -65.36 -23.56
CA SER M 249 33.03 -65.35 -22.29
C SER M 249 33.87 -65.91 -21.16
N VAL M 250 34.77 -66.84 -21.45
CA VAL M 250 35.56 -67.47 -20.40
C VAL M 250 36.67 -66.52 -19.95
N THR M 251 36.80 -66.36 -18.63
CA THR M 251 37.84 -65.50 -18.05
C THR M 251 39.18 -66.21 -17.99
N GLU M 252 40.24 -65.41 -17.96
CA GLU M 252 41.62 -65.88 -18.00
C GLU M 252 42.10 -66.25 -16.60
N SER M 253 43.02 -67.22 -16.54
CA SER M 253 43.67 -67.57 -15.28
C SER M 253 44.70 -66.51 -14.92
N ILE M 254 45.33 -66.65 -13.75
CA ILE M 254 46.17 -65.60 -13.20
C ILE M 254 47.64 -65.80 -13.55
N LEU M 255 48.15 -67.03 -13.58
CA LEU M 255 49.57 -67.20 -13.80
C LEU M 255 49.89 -67.18 -15.28
N ASN M 256 50.92 -66.43 -15.64
CA ASN M 256 51.33 -66.22 -17.01
C ASN M 256 52.80 -66.61 -17.11
N ASP M 257 53.05 -67.86 -17.48
CA ASP M 257 54.41 -68.31 -17.74
C ASP M 257 54.73 -68.08 -19.20
N THR M 258 55.98 -67.69 -19.47
CA THR M 258 56.41 -67.47 -20.84
C THR M 258 56.50 -68.79 -21.60
N ASN M 259 56.81 -69.88 -20.91
CA ASN M 259 57.18 -71.12 -21.57
C ASN M 259 56.15 -72.22 -21.49
N ASN M 260 55.18 -72.15 -20.58
CA ASN M 260 54.18 -73.21 -20.45
C ASN M 260 53.19 -73.14 -21.61
N TYR M 261 53.22 -74.16 -22.47
CA TYR M 261 52.35 -74.31 -23.63
C TYR M 261 52.47 -73.13 -24.58
N THR M 262 53.71 -72.79 -24.88
CA THR M 262 54.04 -71.68 -25.74
C THR M 262 54.38 -72.20 -27.12
N SER M 263 53.84 -71.55 -28.14
CA SER M 263 54.14 -71.91 -29.52
C SER M 263 55.52 -71.37 -29.91
N LYS M 264 55.85 -71.50 -31.19
CA LYS M 264 57.09 -70.96 -31.71
C LYS M 264 57.03 -69.43 -31.72
N GLU M 265 58.19 -68.82 -31.46
CA GLU M 265 58.38 -67.36 -31.40
C GLU M 265 57.50 -66.71 -30.34
N ASN M 266 57.24 -67.44 -29.25
CA ASN M 266 56.64 -66.94 -28.02
C ASN M 266 55.24 -66.36 -28.23
N ILE M 267 54.33 -67.22 -28.66
CA ILE M 267 52.90 -66.93 -28.66
C ILE M 267 52.23 -67.98 -27.79
N PRO M 268 51.58 -67.60 -26.69
CA PRO M 268 51.00 -68.61 -25.79
C PRO M 268 49.70 -69.16 -26.34
N LEU M 269 49.58 -70.49 -26.30
CA LEU M 269 48.32 -71.14 -26.60
C LEU M 269 47.32 -70.83 -25.49
N ASP M 270 46.06 -70.64 -25.86
CA ASP M 270 45.05 -70.16 -24.92
C ASP M 270 43.91 -71.18 -24.83
N GLY M 271 44.11 -72.18 -24.00
CA GLY M 271 43.03 -73.06 -23.60
C GLY M 271 42.83 -74.27 -24.51
N VAL M 272 41.95 -75.15 -24.05
CA VAL M 272 41.63 -76.38 -24.76
C VAL M 272 40.12 -76.48 -24.92
N LEU M 273 39.70 -76.92 -26.09
CA LEU M 273 38.33 -77.27 -26.41
C LEU M 273 38.32 -78.76 -26.64
N LEU M 274 37.75 -79.49 -25.71
CA LEU M 274 37.79 -80.94 -25.76
C LEU M 274 36.38 -81.45 -25.69
N GLY M 275 36.07 -82.40 -26.54
CA GLY M 275 34.75 -82.96 -26.58
C GLY M 275 34.81 -84.47 -26.71
N PRO M 276 33.68 -85.10 -27.01
CA PRO M 276 33.72 -86.50 -27.44
C PRO M 276 33.83 -86.60 -28.95
N ILE M 277 34.16 -87.81 -29.40
CA ILE M 277 34.59 -88.00 -30.77
C ILE M 277 33.43 -87.87 -31.75
N GLY M 278 32.20 -88.16 -31.29
CA GLY M 278 31.04 -87.94 -32.13
C GLY M 278 30.76 -86.48 -32.39
N SER M 279 31.10 -85.61 -31.45
CA SER M 279 31.06 -84.18 -31.74
C SER M 279 32.19 -83.79 -32.67
N ILE M 280 33.40 -84.26 -32.37
CA ILE M 280 34.58 -83.68 -33.00
C ILE M 280 34.76 -84.11 -34.44
N GLN M 281 34.19 -85.25 -34.86
CA GLN M 281 34.20 -85.59 -36.28
C GLN M 281 33.36 -84.60 -37.09
N LYS M 282 32.17 -84.27 -36.58
CA LYS M 282 31.34 -83.24 -37.20
C LYS M 282 32.03 -81.89 -37.16
N LEU M 283 32.72 -81.58 -36.05
CA LEU M 283 33.39 -80.31 -35.90
C LEU M 283 34.52 -80.14 -36.90
N THR M 284 35.29 -81.21 -37.14
CA THR M 284 36.34 -81.14 -38.15
C THR M 284 35.76 -81.03 -39.55
N ASN M 285 34.65 -81.73 -39.81
CA ASN M 285 34.05 -81.65 -41.14
C ASN M 285 33.45 -80.27 -41.43
N ILE M 286 32.97 -79.57 -40.40
CA ILE M 286 32.42 -78.24 -40.64
C ILE M 286 33.43 -77.12 -40.42
N LEU M 287 34.58 -77.40 -39.81
CA LEU M 287 35.54 -76.36 -39.52
C LEU M 287 36.94 -76.74 -39.98
N SER M 288 37.05 -77.54 -41.04
CA SER M 288 38.37 -77.96 -41.51
C SER M 288 39.19 -76.84 -42.14
N GLN M 289 38.61 -75.66 -42.38
CA GLN M 289 39.41 -74.52 -42.79
C GLN M 289 40.32 -74.03 -41.67
N TYR M 290 39.87 -74.18 -40.43
CA TYR M 290 40.48 -73.50 -39.29
C TYR M 290 41.25 -74.44 -38.38
N ILE M 291 41.56 -75.65 -38.85
CA ILE M 291 42.20 -76.65 -38.01
C ILE M 291 43.62 -76.87 -38.51
N SER M 292 44.59 -76.70 -37.61
CA SER M 292 45.99 -76.93 -37.91
C SER M 292 46.61 -77.78 -36.81
N THR M 293 47.82 -78.24 -37.07
CA THR M 293 48.62 -78.96 -36.09
C THR M 293 49.99 -78.33 -36.01
N GLN M 294 50.39 -77.90 -34.81
CA GLN M 294 51.65 -77.21 -34.65
C GLN M 294 52.36 -77.73 -33.42
N VAL M 295 53.65 -77.43 -33.36
CA VAL M 295 54.53 -77.92 -32.31
C VAL M 295 54.57 -76.89 -31.19
N VAL M 296 54.27 -77.33 -29.97
CA VAL M 296 54.11 -76.44 -28.83
C VAL M 296 55.09 -76.87 -27.75
N SER M 297 55.85 -75.92 -27.21
CA SER M 297 56.79 -76.18 -26.13
C SER M 297 56.02 -76.48 -24.85
N ALA M 298 55.94 -77.75 -24.49
CA ALA M 298 55.09 -78.20 -23.41
C ALA M 298 55.92 -78.71 -22.24
N PRO M 299 55.40 -78.66 -21.02
CA PRO M 299 56.09 -79.31 -19.90
C PRO M 299 55.97 -80.82 -19.98
N ILE M 300 56.93 -81.49 -19.36
CA ILE M 300 56.95 -82.94 -19.34
C ILE M 300 57.01 -83.51 -17.93
N SER M 301 57.52 -82.78 -16.95
CA SER M 301 57.68 -83.29 -15.61
C SER M 301 56.85 -82.48 -14.63
N TYR M 302 56.60 -83.08 -13.48
CA TYR M 302 55.85 -82.41 -12.43
C TYR M 302 56.69 -81.30 -11.81
N GLY M 303 56.03 -80.28 -11.29
CA GLY M 303 56.75 -79.28 -10.53
C GLY M 303 57.17 -79.81 -9.17
N HIS M 304 57.95 -79.01 -8.45
CA HIS M 304 58.32 -79.35 -7.08
C HIS M 304 57.72 -78.35 -6.11
N PHE M 305 57.41 -78.81 -4.90
CA PHE M 305 57.45 -77.91 -3.76
C PHE M 305 57.86 -78.70 -2.52
N ILE M 306 59.02 -78.35 -1.96
CA ILE M 306 59.53 -78.95 -0.74
C ILE M 306 59.56 -77.85 0.32
N MET M 307 59.11 -78.18 1.54
CA MET M 307 59.16 -77.24 2.64
C MET M 307 60.59 -76.90 3.05
N GLY M 308 60.71 -75.86 3.86
CA GLY M 308 61.90 -75.63 4.64
C GLY M 308 61.67 -76.01 6.10
N LYS M 309 62.75 -75.88 6.88
CA LYS M 309 62.64 -76.08 8.33
C LYS M 309 61.71 -75.04 8.95
N GLU M 310 61.74 -73.81 8.41
CA GLU M 310 60.78 -72.77 8.77
C GLU M 310 59.34 -73.25 8.60
N ASN M 311 59.07 -73.90 7.47
CA ASN M 311 57.71 -74.32 7.18
C ASN M 311 57.29 -75.50 8.06
N ALA M 312 58.20 -76.44 8.30
CA ALA M 312 57.85 -77.56 9.18
C ALA M 312 57.57 -77.09 10.60
N VAL M 313 58.33 -76.10 11.08
CA VAL M 313 58.12 -75.56 12.42
C VAL M 313 56.82 -74.79 12.50
N THR M 314 56.50 -73.98 11.47
CA THR M 314 55.22 -73.28 11.47
C THR M 314 54.04 -74.23 11.35
N ALA M 315 54.23 -75.36 10.66
CA ALA M 315 53.15 -76.33 10.52
C ALA M 315 52.85 -77.02 11.84
N ILE M 316 53.89 -77.35 12.59
CA ILE M 316 53.64 -77.99 13.88
C ILE M 316 53.21 -76.98 14.94
N ALA M 317 53.68 -75.74 14.86
CA ALA M 317 53.36 -74.80 15.94
C ALA M 317 52.01 -74.13 15.72
N TYR M 318 51.67 -73.77 14.49
CA TYR M 318 50.52 -72.93 14.22
C TYR M 318 49.45 -73.60 13.39
N ARG M 319 49.54 -74.92 13.20
CA ARG M 319 48.67 -75.71 12.34
C ARG M 319 48.61 -75.20 10.90
N ALA M 320 49.62 -74.48 10.43
CA ALA M 320 49.45 -73.77 9.17
C ALA M 320 50.79 -73.42 8.52
N ILE M 321 50.68 -72.91 7.30
CA ILE M 321 51.80 -72.76 6.37
C ILE M 321 51.60 -71.46 5.61
N MET M 322 52.62 -70.62 5.61
CA MET M 322 52.76 -69.56 4.62
C MET M 322 53.57 -70.10 3.46
N ALA M 323 53.11 -69.85 2.25
CA ALA M 323 53.94 -70.15 1.09
C ALA M 323 54.78 -68.93 0.76
N ASP M 324 55.91 -69.19 0.09
CA ASP M 324 56.95 -68.19 -0.21
C ASP M 324 57.40 -67.48 1.06
N PHE M 325 57.62 -68.27 2.09
CA PHE M 325 57.81 -67.73 3.44
C PHE M 325 59.14 -67.03 3.59
N THR M 326 60.20 -67.56 2.96
CA THR M 326 61.49 -66.89 3.03
C THR M 326 61.52 -65.61 2.21
N GLN M 327 60.76 -65.55 1.11
CA GLN M 327 60.65 -64.30 0.36
C GLN M 327 59.88 -63.26 1.15
N PHE M 328 58.78 -63.67 1.78
CA PHE M 328 57.96 -62.78 2.59
C PHE M 328 58.68 -62.38 3.87
N THR M 329 59.71 -63.13 4.27
CA THR M 329 60.59 -62.71 5.36
C THR M 329 61.62 -61.68 4.88
N VAL M 330 62.38 -62.02 3.84
CA VAL M 330 63.48 -61.15 3.42
C VAL M 330 63.02 -59.89 2.73
N ASN M 331 61.75 -59.80 2.32
CA ASN M 331 61.23 -58.56 1.75
C ASN M 331 60.40 -57.76 2.74
N ALA M 332 60.65 -57.91 4.04
CA ALA M 332 59.78 -57.27 5.04
C ALA M 332 60.28 -55.87 5.42
N GLY M 333 61.55 -55.76 5.81
CA GLY M 333 62.06 -54.45 6.22
C GLY M 333 62.41 -53.53 5.08
N THR M 334 62.57 -54.08 3.88
CA THR M 334 62.99 -53.29 2.74
C THR M 334 61.82 -52.49 2.17
N GLU M 335 62.11 -51.73 1.12
CA GLU M 335 61.06 -50.98 0.44
C GLU M 335 60.12 -51.91 -0.31
N GLN M 336 60.66 -52.92 -0.99
CA GLN M 336 59.85 -53.80 -1.83
C GLN M 336 59.13 -54.86 -0.99
N GLN M 337 58.16 -54.39 -0.21
CA GLN M 337 57.33 -55.33 0.54
C GLN M 337 56.24 -55.95 -0.33
N ASP M 338 55.64 -55.15 -1.20
CA ASP M 338 54.45 -55.62 -1.90
C ASP M 338 54.80 -56.40 -3.14
N THR M 339 55.93 -56.09 -3.77
CA THR M 339 56.32 -56.79 -4.98
C THR M 339 56.86 -58.17 -4.66
N ASN M 340 56.45 -59.14 -5.46
CA ASN M 340 56.97 -60.50 -5.37
C ASN M 340 56.97 -61.05 -6.78
N ASN M 341 58.05 -61.73 -7.15
CA ASN M 341 58.22 -62.11 -8.54
C ASN M 341 57.64 -63.50 -8.82
N LYS M 342 58.12 -64.51 -8.12
CA LYS M 342 57.75 -65.88 -8.42
C LYS M 342 57.02 -66.49 -7.25
N SER M 343 56.07 -67.36 -7.56
CA SER M 343 55.34 -68.12 -6.55
C SER M 343 55.80 -69.57 -6.64
N GLU M 344 56.59 -70.00 -5.64
CA GLU M 344 57.23 -71.32 -5.67
C GLU M 344 56.21 -72.45 -5.64
N ILE M 345 55.08 -72.24 -4.97
CA ILE M 345 54.00 -73.22 -5.00
C ILE M 345 53.30 -73.27 -6.34
N PHE M 346 53.48 -72.27 -7.21
CA PHE M 346 52.88 -72.26 -8.53
C PHE M 346 53.88 -72.27 -9.66
N ASP M 347 55.03 -71.61 -9.50
CA ASP M 347 56.05 -71.55 -10.52
C ASP M 347 57.28 -72.28 -9.99
N LYS M 348 57.70 -73.31 -10.70
CA LYS M 348 58.86 -74.08 -10.31
C LYS M 348 59.52 -74.59 -11.58
N SER M 349 60.85 -74.66 -11.54
CA SER M 349 61.62 -75.10 -12.70
C SER M 349 61.34 -76.57 -13.00
N ARG M 350 60.92 -76.84 -14.23
CA ARG M 350 60.61 -78.18 -14.66
C ARG M 350 61.04 -78.37 -16.11
N ALA M 351 61.26 -79.62 -16.48
CA ALA M 351 61.75 -79.93 -17.82
C ALA M 351 60.66 -79.74 -18.85
N TYR M 352 61.06 -79.35 -20.04
CA TYR M 352 60.17 -79.02 -21.14
C TYR M 352 60.43 -79.94 -22.32
N ALA M 353 59.43 -80.05 -23.18
CA ALA M 353 59.55 -80.88 -24.37
C ALA M 353 58.69 -80.26 -25.45
N ASP M 354 58.61 -80.94 -26.59
CA ASP M 354 57.85 -80.46 -27.74
C ASP M 354 56.90 -81.55 -28.19
N LEU M 355 55.66 -81.16 -28.48
CA LEU M 355 54.66 -82.12 -28.94
C LEU M 355 53.68 -81.41 -29.85
N LYS M 356 52.84 -82.20 -30.51
CA LYS M 356 51.87 -81.68 -31.44
C LYS M 356 50.47 -81.66 -30.82
N LEU M 357 49.68 -80.67 -31.21
CA LEU M 357 48.30 -80.56 -30.80
C LEU M 357 47.47 -80.11 -31.98
N ASN M 358 46.20 -80.53 -31.98
CA ASN M 358 45.27 -80.06 -33.00
C ASN M 358 44.73 -78.69 -32.59
N THR M 359 45.02 -77.68 -33.38
CA THR M 359 44.74 -76.31 -32.99
C THR M 359 43.64 -75.71 -33.86
N LEU M 360 42.93 -74.74 -33.27
CA LEU M 360 42.02 -73.88 -34.00
C LEU M 360 42.45 -72.43 -33.85
N LYS M 361 42.05 -71.61 -34.81
CA LYS M 361 42.33 -70.19 -34.77
C LYS M 361 41.00 -69.44 -34.68
N LEU M 362 40.76 -68.78 -33.55
CA LEU M 362 39.53 -68.01 -33.35
C LEU M 362 39.91 -66.58 -32.98
N GLY M 363 40.17 -65.77 -34.01
CA GLY M 363 40.49 -64.37 -33.81
C GLY M 363 41.79 -64.17 -33.06
N ASP M 364 42.88 -64.68 -33.63
CA ASP M 364 44.21 -64.70 -33.03
C ASP M 364 44.22 -65.39 -31.67
N LYS M 365 43.49 -66.49 -31.56
CA LYS M 365 43.47 -67.31 -30.35
C LYS M 365 43.71 -68.76 -30.77
N LEU M 366 44.86 -69.30 -30.42
CA LEU M 366 45.21 -70.67 -30.77
C LEU M 366 44.83 -71.57 -29.62
N VAL M 367 43.94 -72.53 -29.89
CA VAL M 367 43.28 -73.33 -28.88
C VAL M 367 43.49 -74.80 -29.21
N ALA M 368 44.00 -75.56 -28.26
CA ALA M 368 44.12 -77.00 -28.44
C ALA M 368 42.72 -77.61 -28.52
N PHE M 369 42.56 -78.67 -29.29
CA PHE M 369 41.22 -79.10 -29.68
C PHE M 369 41.20 -80.60 -29.89
N ASP M 370 40.62 -81.34 -28.94
CA ASP M 370 40.78 -82.80 -28.99
C ASP M 370 39.67 -83.51 -28.24
N HIS M 371 39.72 -84.83 -28.32
CA HIS M 371 38.84 -85.74 -27.62
C HIS M 371 39.65 -86.64 -26.69
N LEU M 372 39.05 -87.03 -25.58
CA LEU M 372 39.68 -87.93 -24.62
C LEU M 372 39.27 -89.38 -24.84
N HIS M 373 38.77 -89.70 -26.04
CA HIS M 373 38.38 -91.07 -26.32
C HIS M 373 39.57 -92.00 -26.34
N LYS M 374 40.77 -91.49 -26.63
CA LYS M 374 41.95 -92.35 -26.67
C LYS M 374 42.39 -92.80 -25.28
N VAL M 375 41.93 -92.14 -24.21
CA VAL M 375 42.15 -92.66 -22.86
C VAL M 375 40.89 -93.26 -22.28
N TYR M 376 39.72 -93.04 -22.88
CA TYR M 376 38.55 -93.82 -22.54
C TYR M 376 38.22 -94.88 -23.58
N LYS M 377 39.24 -95.44 -24.24
CA LYS M 377 39.02 -96.46 -25.27
C LYS M 377 38.41 -97.72 -24.69
N ASN M 378 38.98 -98.22 -23.61
CA ASN M 378 38.63 -99.56 -23.16
C ASN M 378 38.77 -99.57 -21.64
N THR M 379 37.68 -99.24 -20.95
CA THR M 379 37.72 -99.01 -19.52
C THR M 379 36.50 -99.66 -18.90
N ASP M 380 36.23 -99.29 -17.65
CA ASP M 380 34.98 -99.63 -16.98
C ASP M 380 34.07 -98.42 -16.84
N VAL M 381 34.48 -97.25 -17.31
CA VAL M 381 33.69 -96.04 -17.19
C VAL M 381 33.35 -95.55 -18.59
N ASN M 382 32.50 -94.53 -18.64
CA ASN M 382 32.19 -93.83 -19.87
C ASN M 382 33.00 -92.56 -19.96
N ASP M 383 32.98 -91.94 -21.13
CA ASP M 383 33.52 -90.60 -21.27
C ASP M 383 32.56 -89.65 -20.56
N PRO M 384 33.02 -88.87 -19.58
CA PRO M 384 32.09 -88.07 -18.76
C PRO M 384 31.50 -86.87 -19.46
N LEU M 385 31.81 -86.64 -20.73
CA LEU M 385 31.13 -85.60 -21.49
C LEU M 385 29.80 -86.09 -22.06
N GLU M 386 29.63 -87.39 -22.26
CA GLU M 386 28.34 -87.93 -22.67
C GLU M 386 27.46 -87.99 -21.43
N GLN M 387 26.79 -86.88 -21.14
CA GLN M 387 25.93 -86.76 -19.99
C GLN M 387 24.48 -86.72 -20.43
N SER M 388 23.57 -86.79 -19.47
CA SER M 388 22.15 -86.87 -19.78
C SER M 388 21.43 -85.59 -19.38
N LEU M 389 20.43 -85.22 -20.18
CA LEU M 389 19.50 -84.16 -19.82
C LEU M 389 18.28 -84.76 -19.14
N GLN M 390 17.50 -83.92 -18.48
CA GLN M 390 16.16 -84.30 -17.99
C GLN M 390 15.23 -83.13 -18.26
N LEU M 391 14.59 -83.14 -19.42
CA LEU M 391 13.59 -82.14 -19.74
C LEU M 391 12.23 -82.63 -19.26
N THR M 392 11.49 -81.74 -18.59
CA THR M 392 10.17 -82.05 -18.08
C THR M 392 9.12 -81.42 -18.99
N PHE M 393 8.10 -82.19 -19.35
CA PHE M 393 7.05 -81.75 -20.26
C PHE M 393 5.72 -81.71 -19.51
N PHE M 394 4.79 -80.89 -19.99
CA PHE M 394 3.45 -80.87 -19.43
C PHE M 394 2.44 -80.64 -20.54
N PHE M 395 1.25 -81.20 -20.38
CA PHE M 395 0.23 -81.11 -21.40
C PHE M 395 -1.12 -81.37 -20.75
N PRO M 396 -2.19 -80.76 -21.26
CA PRO M 396 -3.51 -80.91 -20.63
C PRO M 396 -4.30 -82.09 -21.16
N LEU M 397 -5.45 -82.31 -20.52
CA LEU M 397 -6.56 -83.01 -21.15
C LEU M 397 -7.82 -82.54 -20.46
N GLY M 398 -8.93 -82.53 -21.20
CA GLY M 398 -10.21 -82.20 -20.62
C GLY M 398 -10.44 -80.75 -20.32
N ILE M 399 -9.59 -79.85 -20.81
CA ILE M 399 -9.81 -78.42 -20.66
C ILE M 399 -11.02 -78.03 -21.50
N TYR M 400 -12.03 -77.44 -20.86
CA TYR M 400 -13.20 -76.97 -21.58
C TYR M 400 -12.97 -75.52 -21.98
N ILE M 401 -12.70 -75.30 -23.26
CA ILE M 401 -12.77 -73.95 -23.80
C ILE M 401 -14.22 -73.49 -23.76
N PRO M 402 -14.51 -72.28 -23.27
CA PRO M 402 -15.90 -71.80 -23.25
C PRO M 402 -16.44 -71.61 -24.66
N THR M 403 -17.59 -72.23 -24.93
CA THR M 403 -18.28 -72.09 -26.20
C THR M 403 -18.75 -70.66 -26.41
N GLU M 404 -19.00 -69.94 -25.30
CA GLU M 404 -19.54 -68.59 -25.35
C GLU M 404 -18.58 -67.60 -26.01
N THR M 405 -17.28 -67.82 -25.89
CA THR M 405 -16.30 -67.01 -26.61
C THR M 405 -15.49 -67.85 -27.59
N GLY M 406 -16.03 -69.00 -28.00
CA GLY M 406 -15.29 -69.90 -28.85
C GLY M 406 -15.14 -69.37 -30.26
N PHE M 407 -14.23 -69.99 -30.98
CA PHE M 407 -13.94 -69.62 -32.36
C PHE M 407 -13.20 -70.78 -32.99
N SER M 408 -12.82 -70.62 -34.25
CA SER M 408 -11.92 -71.56 -34.89
C SER M 408 -11.18 -70.88 -36.02
N THR M 409 -9.88 -71.05 -36.02
CA THR M 409 -9.11 -70.95 -37.25
C THR M 409 -9.13 -72.32 -37.91
N MET M 410 -8.37 -72.46 -39.01
CA MET M 410 -8.26 -73.65 -39.87
C MET M 410 -9.57 -74.37 -40.14
N GLU M 411 -10.61 -73.61 -40.47
CA GLU M 411 -11.88 -74.24 -40.84
C GLU M 411 -11.78 -74.94 -42.19
N THR M 412 -10.89 -74.46 -43.05
CA THR M 412 -10.70 -75.11 -44.35
C THR M 412 -9.96 -76.42 -44.24
N ARG M 413 -9.14 -76.58 -43.19
CA ARG M 413 -8.29 -77.75 -43.11
C ARG M 413 -9.08 -78.98 -42.68
N VAL M 414 -9.69 -78.92 -41.51
CA VAL M 414 -10.40 -80.05 -40.95
C VAL M 414 -11.90 -79.75 -40.99
N LYS M 415 -12.68 -80.80 -40.84
CA LYS M 415 -14.10 -80.66 -40.58
C LYS M 415 -14.55 -81.89 -39.82
N LEU M 416 -15.07 -81.68 -38.62
CA LEU M 416 -15.49 -82.77 -37.76
C LEU M 416 -16.83 -83.31 -38.19
N ASN M 417 -17.11 -84.53 -37.76
CA ASN M 417 -18.45 -85.06 -37.80
C ASN M 417 -19.14 -84.60 -36.51
N ASP M 418 -20.36 -84.12 -36.64
CA ASP M 418 -21.04 -83.48 -35.52
C ASP M 418 -21.49 -84.56 -34.53
N THR M 419 -20.76 -84.67 -33.43
CA THR M 419 -21.09 -85.53 -32.31
C THR M 419 -20.47 -84.86 -31.08
N MET M 420 -21.11 -85.03 -29.92
CA MET M 420 -20.58 -84.38 -28.72
C MET M 420 -19.27 -84.99 -28.26
N GLU M 421 -18.94 -86.21 -28.69
CA GLU M 421 -17.61 -86.75 -28.39
C GLU M 421 -16.53 -86.07 -29.22
N ASN M 422 -16.86 -85.51 -30.37
CA ASN M 422 -15.93 -84.64 -31.08
C ASN M 422 -16.03 -83.19 -30.61
N ASN M 423 -17.18 -82.79 -30.08
CA ASN M 423 -17.40 -81.42 -29.67
C ASN M 423 -16.92 -81.14 -28.25
N LEU M 424 -16.55 -82.17 -27.49
CA LEU M 424 -15.81 -81.95 -26.27
C LEU M 424 -14.51 -82.72 -26.26
N PRO M 425 -13.45 -82.14 -25.74
CA PRO M 425 -12.23 -82.92 -25.51
C PRO M 425 -12.44 -83.85 -24.32
N THR M 426 -12.08 -85.12 -24.50
CA THR M 426 -12.15 -86.09 -23.42
C THR M 426 -10.81 -86.81 -23.32
N SER M 427 -10.15 -86.98 -24.45
CA SER M 427 -8.87 -87.68 -24.52
C SER M 427 -7.84 -86.74 -25.12
N VAL M 428 -6.56 -87.12 -25.02
CA VAL M 428 -5.51 -86.37 -25.68
C VAL M 428 -4.62 -87.30 -26.46
N PHE M 429 -4.40 -86.98 -27.73
CA PHE M 429 -3.52 -87.72 -28.61
C PHE M 429 -2.22 -86.95 -28.74
N PHE M 430 -1.10 -87.67 -28.80
CA PHE M 430 0.18 -87.06 -29.07
C PHE M 430 1.13 -88.13 -29.61
N HIS M 431 2.26 -87.70 -30.12
CA HIS M 431 3.21 -88.65 -30.69
C HIS M 431 4.18 -89.15 -29.62
N ASN M 432 4.62 -90.40 -29.78
CA ASN M 432 5.63 -91.02 -28.95
C ASN M 432 7.04 -90.61 -29.35
N LYS M 433 8.03 -91.38 -28.91
CA LYS M 433 9.41 -91.23 -29.36
C LYS M 433 9.50 -91.33 -30.88
N ASP M 434 9.12 -92.47 -31.43
CA ASP M 434 8.83 -92.52 -32.85
C ASP M 434 7.39 -92.07 -33.10
N GLN M 435 7.00 -91.98 -34.37
CA GLN M 435 5.70 -91.39 -34.71
C GLN M 435 4.54 -92.35 -34.48
N VAL M 436 4.42 -92.83 -33.24
CA VAL M 436 3.31 -93.69 -32.84
C VAL M 436 2.31 -92.82 -32.12
N VAL M 437 1.06 -92.81 -32.61
CA VAL M 437 0.03 -91.98 -32.00
C VAL M 437 -0.40 -92.62 -30.69
N GLN M 438 -0.34 -91.85 -29.62
CA GLN M 438 -0.45 -92.32 -28.25
C GLN M 438 -1.57 -91.54 -27.60
N ARG M 439 -2.28 -92.18 -26.68
CA ARG M 439 -3.54 -91.62 -26.23
C ARG M 439 -3.65 -91.68 -24.72
N ILE M 440 -4.22 -90.62 -24.13
CA ILE M 440 -4.47 -90.59 -22.70
C ILE M 440 -5.95 -90.29 -22.42
N ASP M 441 -6.49 -90.97 -21.40
CA ASP M 441 -7.91 -91.11 -21.08
C ASP M 441 -8.19 -90.70 -19.65
N PHE M 442 -9.49 -90.66 -19.34
CA PHE M 442 -9.92 -90.72 -17.95
C PHE M 442 -9.88 -92.13 -17.39
N ALA M 443 -10.18 -93.12 -18.23
CA ALA M 443 -10.00 -94.52 -17.84
C ALA M 443 -8.53 -94.83 -17.59
N ASP M 444 -7.64 -94.10 -18.24
CA ASP M 444 -6.22 -94.19 -17.91
C ASP M 444 -5.83 -93.29 -16.76
N ILE M 445 -6.58 -92.22 -16.48
CA ILE M 445 -6.22 -91.37 -15.35
C ILE M 445 -6.68 -91.98 -14.04
N LEU M 446 -7.58 -92.98 -14.08
CA LEU M 446 -8.12 -93.60 -12.87
C LEU M 446 -7.13 -94.08 -11.81
N PRO M 447 -5.99 -94.73 -12.10
CA PRO M 447 -5.11 -95.14 -11.00
C PRO M 447 -4.32 -94.02 -10.36
N SER M 448 -4.42 -92.79 -10.88
CA SER M 448 -3.81 -91.65 -10.24
C SER M 448 -4.80 -90.74 -9.56
N VAL M 449 -6.09 -90.85 -9.89
CA VAL M 449 -7.10 -89.97 -9.33
C VAL M 449 -8.00 -90.70 -8.33
N CYS M 450 -8.07 -92.03 -8.35
CA CYS M 450 -9.02 -92.77 -7.54
C CYS M 450 -8.41 -93.23 -6.22
N HIS M 451 -7.30 -92.65 -5.81
CA HIS M 451 -6.61 -93.02 -4.59
C HIS M 451 -7.32 -92.40 -3.38
N PRO M 452 -7.33 -93.08 -2.23
CA PRO M 452 -8.01 -92.52 -1.04
C PRO M 452 -7.42 -91.24 -0.49
N ILE M 453 -6.17 -90.90 -0.83
CA ILE M 453 -5.60 -89.68 -0.28
C ILE M 453 -6.18 -88.45 -0.95
N VAL M 454 -6.78 -88.60 -2.12
CA VAL M 454 -7.56 -87.53 -2.70
C VAL M 454 -8.83 -87.29 -1.89
N HIS M 455 -9.63 -88.33 -1.68
CA HIS M 455 -10.89 -88.15 -0.99
C HIS M 455 -10.75 -88.10 0.53
N ASP M 456 -9.53 -88.11 1.05
CA ASP M 456 -9.31 -87.75 2.45
C ASP M 456 -9.40 -86.24 2.62
N SER M 457 -9.90 -85.81 3.78
CA SER M 457 -9.98 -84.40 4.13
C SER M 457 -9.08 -84.02 5.30
N THR M 458 -8.39 -84.99 5.90
CA THR M 458 -7.75 -84.76 7.20
C THR M 458 -6.58 -83.80 7.08
N ILE M 459 -5.72 -83.98 6.08
CA ILE M 459 -4.55 -83.12 5.93
C ILE M 459 -4.97 -81.73 5.48
N VAL M 460 -5.99 -81.64 4.63
CA VAL M 460 -6.53 -80.35 4.21
C VAL M 460 -7.11 -79.60 5.41
N GLU M 461 -7.88 -80.32 6.24
CA GLU M 461 -8.43 -79.75 7.47
C GLU M 461 -7.33 -79.26 8.41
N ARG M 462 -6.27 -80.04 8.58
CA ARG M 462 -5.19 -79.66 9.50
C ARG M 462 -4.44 -78.43 9.00
N LEU M 463 -4.06 -78.42 7.72
CA LEU M 463 -3.26 -77.31 7.21
C LEU M 463 -4.08 -76.03 7.08
N MET M 464 -5.32 -76.14 6.60
CA MET M 464 -6.17 -74.96 6.52
C MET M 464 -6.65 -74.52 7.90
N LYS M 465 -6.61 -75.40 8.90
CA LYS M 465 -6.88 -74.99 10.27
C LYS M 465 -5.71 -74.21 10.84
N ASN M 466 -4.49 -74.72 10.69
CA ASN M 466 -3.33 -74.05 11.26
C ASN M 466 -2.90 -72.83 10.47
N GLU M 467 -3.41 -72.65 9.25
CA GLU M 467 -3.20 -71.39 8.55
C GLU M 467 -3.91 -70.27 9.29
N PRO M 468 -3.26 -69.11 9.46
CA PRO M 468 -3.84 -68.06 10.29
C PRO M 468 -5.08 -67.41 9.67
N LEU M 469 -5.77 -66.68 10.52
CA LEU M 469 -7.05 -66.08 10.19
C LEU M 469 -6.87 -64.92 9.21
N PRO M 470 -7.91 -64.58 8.43
CA PRO M 470 -7.79 -63.42 7.52
C PRO M 470 -7.82 -62.08 8.24
N THR M 471 -7.66 -61.01 7.49
CA THR M 471 -7.65 -59.65 8.04
C THR M 471 -9.09 -59.19 8.30
N GLY M 472 -9.26 -57.91 8.63
CA GLY M 472 -10.56 -57.43 9.06
C GLY M 472 -11.56 -57.26 7.92
N HIS M 473 -11.10 -56.70 6.80
CA HIS M 473 -12.02 -56.40 5.70
C HIS M 473 -12.50 -57.65 5.00
N ARG M 474 -11.68 -58.69 4.95
CA ARG M 474 -12.13 -59.99 4.47
C ARG M 474 -12.79 -60.79 5.56
N PHE M 475 -12.47 -60.50 6.83
CA PHE M 475 -13.04 -61.22 7.96
C PHE M 475 -14.51 -60.90 8.13
N SER M 476 -14.87 -59.63 7.94
CA SER M 476 -16.28 -59.24 8.02
C SER M 476 -17.07 -59.78 6.84
N GLN M 477 -16.41 -60.03 5.72
CA GLN M 477 -17.11 -60.48 4.53
C GLN M 477 -17.27 -62.00 4.51
N LEU M 478 -16.29 -62.73 5.03
CA LEU M 478 -16.14 -64.14 4.73
C LEU M 478 -16.43 -65.06 5.91
N CYS M 479 -16.22 -64.58 7.13
CA CYS M 479 -16.20 -65.43 8.32
C CYS M 479 -17.43 -65.21 9.20
N GLN M 480 -18.48 -64.60 8.65
CA GLN M 480 -19.54 -64.07 9.49
C GLN M 480 -20.67 -65.07 9.74
N LEU M 481 -20.82 -66.09 8.91
CA LEU M 481 -22.03 -66.92 8.92
C LEU M 481 -22.04 -67.85 10.13
N LYS M 482 -23.19 -68.49 10.35
CA LYS M 482 -23.45 -69.17 11.61
C LYS M 482 -24.53 -70.22 11.41
N ILE M 483 -24.39 -71.37 12.05
CA ILE M 483 -25.35 -72.45 11.96
C ILE M 483 -26.18 -72.51 13.24
N THR M 484 -27.40 -73.01 13.11
CA THR M 484 -28.33 -73.12 14.24
C THR M 484 -29.27 -74.28 13.95
N ARG M 485 -29.45 -75.17 14.93
CA ARG M 485 -30.31 -76.33 14.77
C ARG M 485 -31.31 -76.43 15.92
N GLU M 486 -32.56 -76.75 15.56
CA GLU M 486 -33.61 -77.02 16.54
C GLU M 486 -34.37 -78.26 16.06
N ASN M 487 -35.50 -78.55 16.72
CA ASN M 487 -36.24 -79.70 16.24
C ASN M 487 -37.46 -79.27 15.42
N PRO M 488 -37.97 -80.14 14.54
CA PRO M 488 -39.14 -79.77 13.71
C PRO M 488 -40.42 -79.50 14.47
N THR M 489 -40.48 -79.84 15.75
CA THR M 489 -41.58 -79.32 16.57
C THR M 489 -41.47 -77.82 16.71
N ARG M 490 -40.34 -77.33 17.21
CA ARG M 490 -40.22 -75.92 17.51
C ARG M 490 -40.07 -75.06 16.27
N ILE M 491 -39.53 -75.60 15.17
CA ILE M 491 -39.30 -74.69 14.05
C ILE M 491 -40.58 -74.41 13.28
N LEU M 492 -41.58 -75.28 13.36
CA LEU M 492 -42.84 -75.01 12.68
C LEU M 492 -43.61 -73.90 13.37
N GLN M 493 -43.45 -73.74 14.68
CA GLN M 493 -44.10 -72.65 15.39
C GLN M 493 -43.22 -71.43 15.56
N THR M 494 -41.91 -71.56 15.34
CA THR M 494 -40.99 -70.43 15.42
C THR M 494 -40.36 -70.11 14.08
N LEU M 495 -41.02 -70.48 12.99
CA LEU M 495 -40.53 -70.17 11.65
C LEU M 495 -40.48 -68.67 11.41
N TYR M 496 -41.56 -67.96 11.69
CA TYR M 496 -41.68 -66.57 11.26
C TYR M 496 -41.01 -65.58 12.21
N ASN M 497 -40.32 -66.05 13.25
CA ASN M 497 -39.75 -65.10 14.21
C ASN M 497 -38.57 -64.35 13.63
N LEU M 498 -37.75 -65.00 12.81
CA LEU M 498 -36.60 -64.34 12.21
C LEU M 498 -36.95 -63.58 10.95
N TYR M 499 -38.23 -63.50 10.61
CA TYR M 499 -38.74 -62.55 9.65
C TYR M 499 -39.50 -61.41 10.29
N GLU M 500 -40.15 -61.67 11.43
CA GLU M 500 -40.69 -60.58 12.24
C GLU M 500 -39.60 -59.73 12.84
N SER M 501 -38.46 -60.33 13.15
CA SER M 501 -37.29 -59.55 13.49
C SER M 501 -36.75 -58.84 12.25
N ARG M 502 -36.04 -57.75 12.46
CA ARG M 502 -35.52 -56.94 11.38
C ARG M 502 -34.08 -57.28 11.04
N GLN M 503 -33.55 -58.36 11.62
CA GLN M 503 -32.17 -58.75 11.38
C GLN M 503 -32.00 -59.31 9.97
N GLU M 504 -30.86 -59.04 9.35
CA GLU M 504 -30.56 -59.59 8.04
C GLU M 504 -29.41 -60.59 8.10
N VAL M 505 -29.60 -61.69 7.39
CA VAL M 505 -28.66 -62.81 7.42
C VAL M 505 -27.54 -62.52 6.43
N PRO M 506 -26.28 -62.66 6.83
CA PRO M 506 -25.17 -62.31 5.93
C PRO M 506 -25.02 -63.32 4.82
N LYS M 507 -24.15 -62.97 3.87
CA LYS M 507 -23.84 -63.86 2.76
C LYS M 507 -23.09 -65.09 3.24
N ASN M 508 -23.41 -66.23 2.63
CA ASN M 508 -22.57 -67.40 2.77
C ASN M 508 -21.40 -67.31 1.81
N THR M 509 -20.39 -68.15 2.06
CA THR M 509 -19.23 -68.20 1.18
C THR M 509 -19.61 -68.66 -0.21
N ASN M 510 -20.53 -69.61 -0.30
CA ASN M 510 -20.88 -70.18 -1.60
C ASN M 510 -21.72 -69.22 -2.42
N VAL M 511 -22.66 -68.52 -1.80
CA VAL M 511 -23.45 -67.55 -2.54
C VAL M 511 -22.64 -66.30 -2.82
N LEU M 512 -21.60 -66.03 -2.03
CA LEU M 512 -20.66 -64.99 -2.38
C LEU M 512 -19.83 -65.38 -3.59
N LYS M 513 -19.47 -66.66 -3.67
CA LYS M 513 -18.56 -67.12 -4.71
C LYS M 513 -19.24 -67.26 -6.05
N ASN M 514 -20.46 -67.80 -6.07
CA ASN M 514 -21.12 -68.10 -7.34
C ASN M 514 -21.59 -66.85 -8.08
N GLU M 515 -21.58 -65.68 -7.44
CA GLU M 515 -21.85 -64.45 -8.17
C GLU M 515 -20.70 -64.08 -9.10
N LEU M 516 -19.49 -64.57 -8.84
CA LEU M 516 -18.35 -64.22 -9.65
C LEU M 516 -18.42 -64.90 -11.01
N ASN M 517 -17.45 -64.58 -11.84
CA ASN M 517 -17.37 -65.07 -13.19
C ASN M 517 -16.12 -65.93 -13.33
N VAL M 518 -16.02 -66.62 -14.48
CA VAL M 518 -15.01 -67.66 -14.74
C VAL M 518 -13.63 -67.05 -14.92
N GLU M 519 -13.55 -65.74 -14.91
CA GLU M 519 -12.31 -65.01 -15.04
C GLU M 519 -12.04 -64.08 -13.89
N ASP M 520 -13.08 -63.44 -13.36
CA ASP M 520 -12.96 -62.64 -12.16
C ASP M 520 -12.73 -63.50 -10.93
N PHE M 521 -12.95 -64.82 -11.03
CA PHE M 521 -12.67 -65.73 -9.93
C PHE M 521 -11.17 -65.81 -9.64
N TYR M 522 -10.34 -65.86 -10.68
CA TYR M 522 -8.90 -65.98 -10.48
C TYR M 522 -8.23 -64.67 -10.17
N LYS M 523 -8.94 -63.56 -10.33
CA LYS M 523 -8.40 -62.26 -10.02
C LYS M 523 -8.28 -62.14 -8.50
N PRO M 524 -7.27 -61.41 -8.00
CA PRO M 524 -7.13 -61.21 -6.56
C PRO M 524 -8.21 -60.37 -5.89
N ASP M 525 -9.17 -59.81 -6.64
CA ASP M 525 -10.32 -59.19 -6.00
C ASP M 525 -11.27 -60.20 -5.38
N ASN M 526 -11.14 -61.47 -5.73
CA ASN M 526 -11.94 -62.54 -5.15
C ASN M 526 -11.65 -62.65 -3.65
N PRO M 527 -12.66 -62.55 -2.79
CA PRO M 527 -12.45 -62.83 -1.37
C PRO M 527 -12.40 -64.31 -1.05
N THR M 528 -12.63 -65.19 -2.02
CA THR M 528 -12.70 -66.62 -1.78
C THR M 528 -11.65 -67.40 -2.55
N LEU M 529 -10.51 -66.78 -2.85
CA LEU M 529 -9.43 -67.60 -3.41
C LEU M 529 -8.78 -68.55 -2.40
N PRO M 530 -8.51 -68.18 -1.14
CA PRO M 530 -8.05 -69.23 -0.20
C PRO M 530 -9.13 -70.18 0.28
N THR M 531 -10.37 -70.02 -0.20
CA THR M 531 -11.43 -70.94 0.18
C THR M 531 -11.27 -72.30 -0.49
N GLU M 532 -11.04 -72.30 -1.80
CA GLU M 532 -10.94 -73.56 -2.54
C GLU M 532 -9.62 -74.26 -2.20
N ARG M 533 -9.70 -75.44 -1.61
CA ARG M 533 -8.49 -76.16 -1.26
C ARG M 533 -8.51 -77.57 -1.83
N HIS M 534 -9.70 -78.13 -2.01
CA HIS M 534 -9.80 -79.46 -2.55
C HIS M 534 -11.05 -79.45 -3.43
N PRO M 535 -10.97 -79.94 -4.67
CA PRO M 535 -12.10 -79.74 -5.61
C PRO M 535 -13.31 -80.58 -5.26
N PHE M 536 -13.17 -81.57 -4.40
CA PHE M 536 -14.31 -82.32 -3.92
C PHE M 536 -14.90 -81.74 -2.64
N PHE M 537 -14.17 -80.86 -1.95
CA PHE M 537 -14.50 -80.46 -0.59
C PHE M 537 -14.68 -78.96 -0.55
N ASP M 538 -15.91 -78.53 -0.28
CA ASP M 538 -16.17 -77.13 -0.01
C ASP M 538 -15.74 -76.82 1.43
N LEU M 539 -14.96 -75.76 1.59
CA LEU M 539 -14.45 -75.37 2.89
C LEU M 539 -14.98 -73.99 3.21
N THR M 540 -15.08 -73.69 4.50
CA THR M 540 -15.61 -72.41 4.94
C THR M 540 -15.19 -72.14 6.37
N TYR M 541 -15.65 -71.00 6.89
CA TYR M 541 -15.49 -70.61 8.28
C TYR M 541 -16.86 -70.53 8.91
N ILE M 542 -17.02 -71.10 10.10
CA ILE M 542 -18.24 -70.94 10.86
C ILE M 542 -17.91 -70.53 12.29
N GLN M 543 -18.90 -69.92 12.92
CA GLN M 543 -18.81 -69.30 14.23
C GLN M 543 -19.58 -70.15 15.23
N LYS M 544 -18.86 -70.76 16.17
CA LYS M 544 -19.47 -71.33 17.37
C LYS M 544 -18.75 -70.76 18.57
N ASN M 545 -19.51 -70.10 19.46
CA ASN M 545 -19.02 -69.42 20.66
C ASN M 545 -17.97 -68.36 20.33
N ARG M 546 -18.21 -67.65 19.22
CA ARG M 546 -17.34 -66.60 18.68
C ARG M 546 -15.93 -67.12 18.40
N ALA M 547 -15.82 -68.38 18.00
CA ALA M 547 -14.61 -68.96 17.46
C ALA M 547 -14.83 -69.25 15.98
N THR M 548 -13.83 -68.95 15.17
CA THR M 548 -14.03 -68.82 13.73
C THR M 548 -14.24 -70.12 12.99
N GLU M 549 -13.88 -71.26 13.60
CA GLU M 549 -14.16 -72.66 13.26
C GLU M 549 -14.06 -73.03 11.78
N VAL M 550 -12.85 -73.27 11.27
CA VAL M 550 -12.67 -73.85 9.94
C VAL M 550 -13.52 -75.10 9.75
N LEU M 551 -14.01 -75.32 8.54
CA LEU M 551 -15.00 -76.37 8.31
C LEU M 551 -14.84 -76.95 6.91
N CYS M 552 -14.60 -78.25 6.85
CA CYS M 552 -14.58 -78.98 5.59
C CYS M 552 -15.90 -79.73 5.42
N THR M 553 -16.37 -79.81 4.17
CA THR M 553 -17.65 -80.40 3.88
C THR M 553 -17.62 -80.89 2.44
N PRO M 554 -17.91 -82.17 2.19
CA PRO M 554 -17.83 -82.69 0.82
C PRO M 554 -18.94 -82.16 -0.07
N ARG M 555 -18.55 -81.49 -1.16
CA ARG M 555 -19.42 -81.35 -2.32
C ARG M 555 -19.74 -82.75 -2.82
N ILE M 556 -21.01 -83.12 -2.81
CA ILE M 556 -21.33 -84.46 -3.28
C ILE M 556 -21.60 -84.46 -4.77
N MET M 557 -22.50 -83.61 -5.21
CA MET M 557 -22.94 -83.64 -6.60
C MET M 557 -22.10 -82.70 -7.44
N ILE M 558 -22.02 -83.02 -8.73
CA ILE M 558 -21.13 -82.31 -9.66
C ILE M 558 -21.58 -80.89 -9.86
N GLY M 559 -22.88 -80.61 -9.68
CA GLY M 559 -23.35 -79.24 -9.79
C GLY M 559 -22.91 -78.37 -8.64
N ASN M 560 -22.66 -78.96 -7.46
CA ASN M 560 -22.30 -78.17 -6.30
C ASN M 560 -20.88 -77.61 -6.34
N MET M 561 -20.10 -77.98 -7.35
CA MET M 561 -18.89 -77.23 -7.64
C MET M 561 -19.26 -75.82 -8.07
N PRO M 562 -18.43 -74.82 -7.77
CA PRO M 562 -18.80 -73.44 -8.07
C PRO M 562 -18.87 -73.16 -9.56
N LEU M 563 -19.82 -72.31 -9.93
CA LEU M 563 -20.03 -71.98 -11.34
C LEU M 563 -18.85 -71.31 -12.06
N PRO M 564 -17.97 -70.52 -11.43
CA PRO M 564 -16.72 -70.18 -12.14
C PRO M 564 -15.80 -71.35 -12.37
N LEU M 565 -15.97 -72.44 -11.63
CA LEU M 565 -15.15 -73.63 -11.80
C LEU M 565 -15.83 -74.69 -12.64
N ALA M 566 -17.10 -74.52 -12.93
CA ALA M 566 -17.82 -75.38 -13.87
C ALA M 566 -18.97 -74.54 -14.40
N PRO M 567 -18.82 -73.95 -15.58
CA PRO M 567 -19.85 -73.05 -16.10
C PRO M 567 -21.08 -73.82 -16.52
N ILE M 568 -22.18 -73.09 -16.71
CA ILE M 568 -23.43 -73.76 -17.00
C ILE M 568 -23.47 -74.27 -18.43
N SER M 569 -22.70 -73.63 -19.33
CA SER M 569 -22.53 -74.16 -20.67
C SER M 569 -21.78 -75.48 -20.65
N PHE M 570 -20.85 -75.63 -19.71
CA PHE M 570 -20.16 -76.91 -19.53
C PHE M 570 -21.11 -77.99 -19.06
N HIS M 571 -22.04 -77.67 -18.15
CA HIS M 571 -23.02 -78.64 -17.71
C HIS M 571 -23.96 -79.03 -18.84
N GLU M 572 -24.33 -78.06 -19.68
CA GLU M 572 -25.16 -78.37 -20.83
C GLU M 572 -24.43 -79.22 -21.85
N ALA M 573 -23.11 -79.03 -21.99
CA ALA M 573 -22.34 -79.82 -22.93
C ALA M 573 -22.16 -81.25 -22.43
N ARG M 574 -21.88 -81.43 -21.14
CA ARG M 574 -21.86 -82.75 -20.52
C ARG M 574 -23.22 -83.43 -20.63
N THR M 575 -24.28 -82.64 -20.52
CA THR M 575 -25.63 -83.15 -20.68
C THR M 575 -25.88 -83.62 -22.10
N ASN M 576 -25.39 -82.88 -23.09
CA ASN M 576 -25.57 -83.31 -24.46
C ASN M 576 -24.73 -84.53 -24.78
N GLN M 577 -23.60 -84.71 -24.08
CA GLN M 577 -22.89 -86.00 -24.16
C GLN M 577 -23.77 -87.15 -23.68
N MET M 578 -24.42 -86.98 -22.52
CA MET M 578 -25.28 -88.06 -22.04
C MET M 578 -26.54 -88.22 -22.89
N LEU M 579 -27.04 -87.15 -23.50
CA LEU M 579 -28.19 -87.26 -24.38
C LEU M 579 -27.83 -88.01 -25.65
N GLU M 580 -26.69 -87.69 -26.25
CA GLU M 580 -26.24 -88.40 -27.44
C GLU M 580 -25.90 -89.85 -27.13
N HIS M 581 -25.36 -90.12 -25.94
CA HIS M 581 -25.08 -91.50 -25.57
C HIS M 581 -26.35 -92.26 -25.23
N ALA M 582 -27.40 -91.57 -24.78
CA ALA M 582 -28.67 -92.20 -24.54
C ALA M 582 -29.49 -92.38 -25.80
N LYS M 583 -29.18 -91.60 -26.84
CA LYS M 583 -29.96 -91.52 -28.09
C LYS M 583 -31.41 -91.18 -27.83
N THR M 584 -31.65 -90.33 -26.84
CA THR M 584 -33.00 -89.87 -26.47
C THR M 584 -33.00 -88.36 -26.56
N ASN M 585 -33.26 -87.84 -27.75
CA ASN M 585 -33.23 -86.40 -27.99
C ASN M 585 -34.46 -85.98 -28.77
N SER M 586 -35.63 -86.40 -28.31
CA SER M 586 -36.87 -86.09 -29.00
C SER M 586 -37.26 -84.64 -28.75
N HIS M 587 -37.68 -83.97 -29.82
CA HIS M 587 -38.18 -82.60 -29.73
C HIS M 587 -39.70 -82.55 -29.61
N ASN M 588 -40.33 -83.65 -29.20
CA ASN M 588 -41.78 -83.73 -29.18
C ASN M 588 -42.41 -82.92 -28.06
N TYR M 589 -41.64 -82.46 -27.08
CA TYR M 589 -42.20 -82.01 -25.82
C TYR M 589 -42.19 -80.51 -25.64
N ASP M 590 -41.60 -79.75 -26.58
CA ASP M 590 -41.48 -78.30 -26.41
C ASP M 590 -42.84 -77.62 -26.42
N PHE M 591 -43.77 -78.14 -27.24
CA PHE M 591 -45.12 -77.62 -27.26
C PHE M 591 -45.87 -77.91 -25.98
N THR M 592 -45.54 -79.01 -25.31
CA THR M 592 -46.10 -79.25 -23.98
C THR M 592 -45.48 -78.31 -22.97
N LEU M 593 -44.16 -78.12 -23.02
CA LEU M 593 -43.46 -77.34 -22.01
C LEU M 593 -43.81 -75.87 -22.08
N LYS M 594 -44.21 -75.37 -23.25
CA LYS M 594 -44.72 -74.00 -23.36
C LYS M 594 -45.97 -73.81 -22.50
N ILE M 595 -46.94 -74.71 -22.65
CA ILE M 595 -48.20 -74.60 -21.92
C ILE M 595 -47.98 -74.87 -20.44
N VAL M 596 -47.06 -75.78 -20.11
CA VAL M 596 -46.74 -76.03 -18.70
C VAL M 596 -46.07 -74.81 -18.09
N THR M 597 -45.21 -74.13 -18.86
CA THR M 597 -44.55 -72.91 -18.39
C THR M 597 -45.56 -71.79 -18.16
N GLU M 598 -46.51 -71.62 -19.08
CA GLU M 598 -47.54 -70.60 -18.90
C GLU M 598 -48.42 -70.90 -17.70
N SER M 599 -48.73 -72.18 -17.48
CA SER M 599 -49.53 -72.56 -16.32
C SER M 599 -48.78 -72.35 -15.02
N LEU M 600 -47.46 -72.57 -15.04
CA LEU M 600 -46.70 -72.35 -13.81
C LEU M 600 -46.45 -70.87 -13.55
N THR M 601 -46.39 -70.06 -14.59
CA THR M 601 -46.05 -68.65 -14.43
C THR M 601 -47.26 -67.79 -14.10
N SER M 602 -48.37 -67.96 -14.82
CA SER M 602 -49.53 -67.10 -14.67
C SER M 602 -50.19 -67.35 -13.32
N GLY M 603 -50.15 -66.34 -12.45
CA GLY M 603 -50.58 -66.49 -11.08
C GLY M 603 -52.07 -66.33 -10.84
N SER M 604 -52.90 -66.90 -11.72
CA SER M 604 -54.35 -66.88 -11.57
C SER M 604 -54.89 -68.24 -11.17
N TYR M 605 -54.05 -69.10 -10.60
CA TYR M 605 -54.38 -70.49 -10.30
C TYR M 605 -55.46 -70.56 -9.22
N PRO M 606 -56.47 -71.41 -9.39
CA PRO M 606 -57.68 -71.34 -8.57
C PRO M 606 -57.47 -71.99 -7.21
N GLU M 607 -58.39 -71.69 -6.30
CA GLU M 607 -58.21 -72.06 -4.90
C GLU M 607 -58.66 -73.47 -4.59
N LEU M 608 -59.61 -74.02 -5.34
CA LEU M 608 -60.10 -75.37 -5.06
C LEU M 608 -59.07 -76.43 -5.39
N ALA M 609 -58.10 -76.10 -6.25
CA ALA M 609 -57.08 -77.08 -6.64
C ALA M 609 -56.19 -77.46 -5.46
N TYR M 610 -55.85 -76.49 -4.61
CA TYR M 610 -55.09 -76.80 -3.39
C TYR M 610 -55.92 -77.65 -2.44
N VAL M 611 -57.22 -77.36 -2.34
CA VAL M 611 -58.11 -78.12 -1.48
C VAL M 611 -58.21 -79.56 -1.95
N ILE M 612 -58.27 -79.76 -3.26
CA ILE M 612 -58.30 -81.11 -3.81
C ILE M 612 -56.97 -81.82 -3.59
N GLU M 613 -55.85 -81.11 -3.77
CA GLU M 613 -54.55 -81.73 -3.57
C GLU M 613 -54.26 -82.07 -2.12
N ILE M 614 -54.95 -81.45 -1.16
CA ILE M 614 -54.82 -81.90 0.22
C ILE M 614 -55.95 -82.82 0.68
N LEU M 615 -57.07 -82.86 -0.04
CA LEU M 615 -58.07 -83.89 0.26
C LEU M 615 -57.63 -85.24 -0.27
N VAL M 616 -57.45 -85.37 -1.57
CA VAL M 616 -56.85 -86.60 -2.06
C VAL M 616 -55.36 -86.51 -1.81
N HIS M 617 -54.73 -87.67 -1.65
CA HIS M 617 -53.28 -87.71 -1.52
C HIS M 617 -52.74 -88.91 -2.26
N GLY M 618 -53.35 -89.23 -3.40
CA GLY M 618 -52.85 -90.31 -4.23
C GLY M 618 -53.31 -91.70 -3.84
N ASN M 619 -54.24 -91.83 -2.89
CA ASN M 619 -54.73 -93.16 -2.58
C ASN M 619 -55.80 -93.64 -3.55
N LYS M 620 -56.21 -92.76 -4.48
CA LYS M 620 -56.87 -92.99 -5.77
C LYS M 620 -58.31 -93.49 -5.65
N HIS M 621 -58.72 -93.93 -4.47
CA HIS M 621 -60.15 -94.18 -4.27
C HIS M 621 -60.86 -92.86 -4.07
N ALA M 622 -60.23 -91.92 -3.35
CA ALA M 622 -60.75 -90.57 -3.28
C ALA M 622 -60.71 -89.89 -4.65
N PHE M 623 -59.76 -90.26 -5.50
CA PHE M 623 -59.74 -89.71 -6.85
C PHE M 623 -60.89 -90.25 -7.68
N MET M 624 -61.22 -91.54 -7.51
CA MET M 624 -62.38 -92.08 -8.20
C MET M 624 -63.68 -91.54 -7.62
N ILE M 625 -63.69 -91.08 -6.38
CA ILE M 625 -64.83 -90.32 -5.86
C ILE M 625 -64.90 -88.95 -6.54
N LEU M 626 -63.79 -88.21 -6.54
CA LEU M 626 -63.72 -86.87 -7.11
C LEU M 626 -63.44 -86.86 -8.59
N LYS M 627 -63.75 -87.94 -9.30
CA LYS M 627 -63.41 -88.05 -10.71
C LYS M 627 -64.13 -87.02 -11.56
N GLN M 628 -65.35 -86.62 -11.18
CA GLN M 628 -66.10 -85.66 -11.98
C GLN M 628 -65.89 -84.21 -11.55
N VAL M 629 -65.55 -83.98 -10.28
CA VAL M 629 -65.28 -82.61 -9.82
C VAL M 629 -63.99 -82.10 -10.44
N ILE M 630 -62.93 -82.91 -10.36
CA ILE M 630 -61.66 -82.62 -11.00
C ILE M 630 -61.83 -82.55 -12.51
N SER M 631 -62.76 -83.34 -13.06
CA SER M 631 -63.08 -83.28 -14.48
C SER M 631 -63.63 -81.92 -14.87
N GLN M 632 -64.61 -81.42 -14.12
CA GLN M 632 -65.20 -80.12 -14.44
C GLN M 632 -64.20 -79.00 -14.24
N CYS M 633 -63.36 -79.11 -13.20
CA CYS M 633 -62.34 -78.11 -12.94
C CYS M 633 -61.33 -78.02 -14.08
N ILE M 634 -60.73 -79.15 -14.45
CA ILE M 634 -59.76 -79.18 -15.54
C ILE M 634 -60.41 -78.82 -16.87
N SER M 635 -61.67 -79.22 -17.06
CA SER M 635 -62.33 -79.01 -18.35
C SER M 635 -62.61 -77.53 -18.59
N TYR M 636 -63.24 -76.85 -17.61
CA TYR M 636 -63.42 -75.41 -17.73
C TYR M 636 -62.09 -74.68 -17.74
N TRP M 637 -61.12 -75.16 -16.97
CA TRP M 637 -59.89 -74.43 -16.74
C TRP M 637 -58.95 -74.48 -17.92
N PHE M 638 -59.00 -75.55 -18.72
CA PHE M 638 -58.25 -75.60 -19.97
C PHE M 638 -59.09 -75.16 -21.16
N ASN M 639 -60.41 -75.31 -21.08
CA ASN M 639 -61.23 -74.92 -22.21
C ASN M 639 -61.33 -73.41 -22.32
N MET M 640 -61.33 -72.70 -21.20
CA MET M 640 -61.51 -71.26 -21.26
C MET M 640 -60.26 -70.50 -20.83
N LYS M 641 -59.76 -70.73 -19.62
CA LYS M 641 -58.53 -70.07 -19.19
C LYS M 641 -57.30 -70.51 -19.98
N HIS M 642 -57.36 -71.73 -20.56
CA HIS M 642 -56.32 -72.44 -21.31
C HIS M 642 -54.92 -72.36 -20.71
N ILE M 643 -54.85 -72.42 -19.39
CA ILE M 643 -53.63 -72.84 -18.71
C ILE M 643 -53.96 -74.13 -17.98
N LEU M 644 -52.93 -74.88 -17.64
CA LEU M 644 -53.12 -76.23 -17.15
C LEU M 644 -53.36 -76.22 -15.64
N LEU M 645 -53.97 -77.31 -15.16
CA LEU M 645 -54.35 -77.43 -13.76
C LEU M 645 -53.72 -78.69 -13.18
N PHE M 646 -53.51 -78.68 -11.86
CA PHE M 646 -52.89 -79.77 -11.10
C PHE M 646 -51.50 -80.12 -11.62
N CYS M 647 -50.75 -79.11 -12.03
CA CYS M 647 -49.38 -79.29 -12.45
C CYS M 647 -48.39 -79.06 -11.32
N ASN M 648 -48.79 -79.34 -10.08
CA ASN M 648 -47.94 -79.17 -8.92
C ASN M 648 -47.55 -80.49 -8.27
N SER M 649 -48.51 -81.37 -8.04
CA SER M 649 -48.27 -82.60 -7.30
C SER M 649 -48.02 -83.75 -8.28
N PHE M 650 -46.97 -84.52 -8.01
CA PHE M 650 -46.62 -85.58 -8.94
C PHE M 650 -47.61 -86.74 -8.88
N GLU M 651 -48.11 -87.05 -7.69
CA GLU M 651 -49.10 -88.12 -7.60
C GLU M 651 -50.39 -87.72 -8.30
N MET M 652 -50.72 -86.42 -8.31
CA MET M 652 -51.84 -85.94 -9.09
C MET M 652 -51.57 -86.06 -10.58
N ILE M 653 -50.39 -85.63 -11.02
CA ILE M 653 -50.13 -85.58 -12.45
C ILE M 653 -49.89 -86.97 -13.02
N MET M 654 -49.58 -87.95 -12.17
CA MET M 654 -49.50 -89.34 -12.59
C MET M 654 -50.85 -90.02 -12.49
N LEU M 655 -51.67 -89.57 -11.55
CA LEU M 655 -53.01 -90.10 -11.37
C LEU M 655 -53.93 -89.69 -12.52
N ILE M 656 -53.71 -88.51 -13.09
CA ILE M 656 -54.46 -88.10 -14.28
C ILE M 656 -54.10 -88.98 -15.47
N SER M 657 -52.83 -89.34 -15.61
CA SER M 657 -52.46 -90.23 -16.71
C SER M 657 -52.96 -91.65 -16.48
N ASN M 658 -53.02 -92.09 -15.22
CA ASN M 658 -53.42 -93.47 -14.96
C ASN M 658 -54.92 -93.65 -15.05
N HIS M 659 -55.67 -92.99 -14.16
CA HIS M 659 -57.07 -93.33 -13.99
C HIS M 659 -58.03 -92.37 -14.67
N MET M 660 -57.61 -91.15 -14.93
CA MET M 660 -58.42 -90.19 -15.66
C MET M 660 -58.27 -90.46 -17.15
N GLY M 661 -59.38 -90.36 -17.88
CA GLY M 661 -59.34 -90.69 -19.28
C GLY M 661 -59.54 -89.47 -20.16
N ASP M 662 -60.36 -89.61 -21.19
CA ASP M 662 -60.72 -88.48 -22.04
C ASP M 662 -62.18 -88.07 -21.89
N GLU M 663 -63.00 -88.94 -21.32
CA GLU M 663 -64.34 -88.52 -20.94
C GLU M 663 -64.25 -87.46 -19.87
N LEU M 664 -64.95 -86.35 -20.11
CA LEU M 664 -64.97 -85.16 -19.24
C LEU M 664 -63.57 -84.58 -19.04
N ILE M 665 -62.78 -84.55 -20.11
CA ILE M 665 -61.59 -83.71 -20.14
C ILE M 665 -61.44 -83.32 -21.61
N PRO M 666 -60.86 -82.16 -21.94
CA PRO M 666 -60.40 -81.98 -23.31
C PRO M 666 -59.18 -82.85 -23.59
N GLY M 667 -59.20 -83.51 -24.74
CA GLY M 667 -58.13 -84.42 -25.10
C GLY M 667 -56.82 -83.75 -25.39
N ALA M 668 -56.85 -82.47 -25.79
CA ALA M 668 -55.63 -81.69 -25.89
C ALA M 668 -54.97 -81.58 -24.52
N ALA M 669 -55.77 -81.33 -23.48
CA ALA M 669 -55.21 -81.26 -22.13
C ALA M 669 -54.77 -82.62 -21.61
N PHE M 670 -55.47 -83.69 -22.00
CA PHE M 670 -55.06 -85.01 -21.54
C PHE M 670 -53.73 -85.44 -22.17
N ALA M 671 -53.51 -85.05 -23.43
CA ALA M 671 -52.24 -85.32 -24.09
C ALA M 671 -51.07 -84.69 -23.37
N HIS M 672 -51.27 -83.53 -22.71
CA HIS M 672 -50.17 -82.89 -22.01
C HIS M 672 -49.78 -83.64 -20.75
N TYR M 673 -50.75 -84.15 -19.99
CA TYR M 673 -50.42 -84.94 -18.81
C TYR M 673 -49.70 -86.23 -19.19
N ARG M 674 -50.16 -86.86 -20.28
CA ARG M 674 -49.49 -88.07 -20.75
C ARG M 674 -48.08 -87.78 -21.23
N ASN M 675 -47.89 -86.63 -21.90
CA ASN M 675 -46.55 -86.24 -22.34
C ASN M 675 -45.63 -85.91 -21.17
N LEU M 676 -46.15 -85.35 -20.09
CA LEU M 676 -45.29 -85.05 -18.94
C LEU M 676 -44.87 -86.32 -18.23
N VAL M 677 -45.76 -87.30 -18.12
CA VAL M 677 -45.38 -88.58 -17.56
C VAL M 677 -44.32 -89.26 -18.43
N SER M 678 -44.47 -89.17 -19.75
CA SER M 678 -43.45 -89.76 -20.62
C SER M 678 -42.14 -88.99 -20.61
N LEU M 679 -42.19 -87.68 -20.35
CA LEU M 679 -40.97 -86.90 -20.18
C LEU M 679 -40.20 -87.31 -18.94
N ILE M 680 -40.91 -87.55 -17.84
CA ILE M 680 -40.23 -88.01 -16.63
C ILE M 680 -39.68 -89.42 -16.82
N ARG M 681 -40.35 -90.24 -17.64
CA ARG M 681 -39.77 -91.52 -18.06
C ARG M 681 -38.48 -91.34 -18.83
N LEU M 682 -38.43 -90.36 -19.75
CA LEU M 682 -37.22 -90.14 -20.52
C LEU M 682 -36.08 -89.62 -19.67
N VAL M 683 -36.37 -88.80 -18.66
CA VAL M 683 -35.30 -88.33 -17.76
C VAL M 683 -34.76 -89.49 -16.94
N LYS M 684 -35.65 -90.37 -16.45
CA LYS M 684 -35.21 -91.57 -15.74
C LYS M 684 -34.33 -92.45 -16.61
N ARG M 685 -34.68 -92.60 -17.88
CA ARG M 685 -33.83 -93.35 -18.81
C ARG M 685 -32.48 -92.68 -18.99
N THR M 686 -32.49 -91.37 -19.25
CA THR M 686 -31.30 -90.63 -19.67
C THR M 686 -30.26 -90.55 -18.55
N ILE M 687 -30.68 -90.48 -17.29
CA ILE M 687 -29.68 -90.61 -16.24
C ILE M 687 -29.81 -91.92 -15.47
N SER M 688 -30.42 -92.93 -16.09
CA SER M 688 -30.22 -94.31 -15.69
C SER M 688 -29.47 -95.08 -16.76
N ILE M 689 -28.80 -94.36 -17.65
CA ILE M 689 -27.76 -94.96 -18.50
C ILE M 689 -26.80 -95.82 -17.69
N SER M 690 -26.17 -95.22 -16.68
CA SER M 690 -25.02 -95.82 -16.00
C SER M 690 -25.50 -96.89 -15.02
N ASN M 691 -25.98 -98.00 -15.58
CA ASN M 691 -26.63 -99.05 -14.83
C ASN M 691 -25.93 -100.36 -15.17
N ILE M 692 -25.26 -100.94 -14.17
CA ILE M 692 -24.40 -102.11 -14.35
C ILE M 692 -24.77 -103.10 -13.25
N ASN M 693 -24.76 -104.40 -13.57
CA ASN M 693 -25.11 -105.42 -12.60
C ASN M 693 -24.08 -105.60 -11.50
N GLU M 694 -23.91 -104.62 -10.61
CA GLU M 694 -23.08 -104.87 -9.45
C GLU M 694 -23.54 -104.02 -8.28
N GLN M 695 -23.78 -104.68 -7.15
CA GLN M 695 -23.92 -104.00 -5.87
C GLN M 695 -22.60 -104.09 -5.13
N LEU M 696 -22.39 -103.13 -4.22
CA LEU M 696 -21.12 -103.06 -3.50
C LEU M 696 -21.28 -103.34 -2.02
N CYS M 697 -22.11 -102.58 -1.31
CA CYS M 697 -22.44 -102.90 0.07
C CYS M 697 -23.85 -103.46 0.18
N GLY M 698 -24.84 -102.66 -0.18
CA GLY M 698 -26.18 -103.17 -0.42
C GLY M 698 -26.83 -102.38 -1.53
N GLU M 699 -26.12 -101.42 -2.02
CA GLU M 699 -26.72 -100.46 -2.92
C GLU M 699 -26.35 -100.80 -4.37
N PRO M 700 -27.24 -100.53 -5.31
CA PRO M 700 -26.89 -100.67 -6.72
C PRO M 700 -25.89 -99.62 -7.17
N LEU M 701 -25.27 -99.91 -8.30
CA LEU M 701 -24.18 -99.06 -8.77
C LEU M 701 -24.68 -97.70 -9.24
N VAL M 702 -25.96 -97.59 -9.59
CA VAL M 702 -26.45 -96.28 -9.98
C VAL M 702 -26.80 -95.46 -8.76
N ASN M 703 -27.19 -96.13 -7.67
CA ASN M 703 -27.26 -95.50 -6.37
C ASN M 703 -25.89 -94.96 -5.96
N PHE M 704 -24.81 -95.67 -6.31
CA PHE M 704 -23.50 -95.06 -6.10
C PHE M 704 -23.21 -93.95 -7.10
N ALA M 705 -23.77 -94.03 -8.30
CA ALA M 705 -23.43 -93.08 -9.36
C ALA M 705 -24.08 -91.73 -9.14
N ASN M 706 -25.39 -91.70 -9.12
CA ASN M 706 -26.17 -90.48 -9.21
C ASN M 706 -26.99 -90.36 -7.93
N ALA M 707 -26.85 -89.24 -7.23
CA ALA M 707 -27.57 -89.01 -5.98
C ALA M 707 -29.04 -88.77 -6.17
N LEU M 708 -29.53 -88.80 -7.39
CA LEU M 708 -30.95 -88.75 -7.63
C LEU M 708 -31.60 -90.12 -7.50
N PHE M 709 -30.81 -91.20 -7.43
CA PHE M 709 -31.33 -92.56 -7.36
C PHE M 709 -31.03 -93.23 -6.03
N ASP M 710 -30.93 -92.47 -4.95
CA ASP M 710 -30.44 -93.03 -3.70
C ASP M 710 -31.57 -93.15 -2.68
N GLY M 711 -31.22 -93.71 -1.53
CA GLY M 711 -32.11 -93.74 -0.39
C GLY M 711 -31.83 -92.53 0.48
N ARG M 712 -31.09 -91.56 -0.05
CA ARG M 712 -30.75 -90.35 0.67
C ARG M 712 -31.53 -89.12 0.21
N LEU M 713 -32.35 -89.23 -0.82
CA LEU M 713 -33.10 -88.10 -1.33
C LEU M 713 -34.58 -88.47 -1.30
N PHE M 714 -35.44 -87.53 -0.95
CA PHE M 714 -36.72 -87.91 -0.39
C PHE M 714 -37.93 -87.33 -1.07
N CYS M 715 -37.80 -86.80 -2.30
CA CYS M 715 -38.88 -86.27 -3.09
C CYS M 715 -39.62 -85.21 -2.28
N PRO M 716 -39.06 -84.02 -2.11
CA PRO M 716 -39.34 -83.11 -0.97
C PRO M 716 -40.76 -82.95 -0.40
N PHE M 717 -41.79 -83.30 -1.17
CA PHE M 717 -43.16 -83.44 -0.71
C PHE M 717 -43.55 -84.92 -0.71
N VAL M 718 -43.79 -85.49 0.47
CA VAL M 718 -44.30 -86.84 0.58
C VAL M 718 -45.65 -86.79 1.29
N HIS M 719 -46.27 -87.95 1.40
CA HIS M 719 -47.57 -88.05 2.05
C HIS M 719 -47.71 -89.25 2.96
N THR M 720 -46.96 -90.32 2.74
CA THR M 720 -47.02 -91.47 3.64
C THR M 720 -45.71 -91.64 4.40
N MET M 721 -44.66 -92.05 3.74
CA MET M 721 -43.33 -92.31 4.30
C MET M 721 -42.48 -92.63 3.09
N PRO M 722 -41.26 -92.14 2.99
CA PRO M 722 -40.37 -92.58 1.91
C PRO M 722 -39.90 -94.02 2.07
N ARG M 723 -39.04 -94.43 1.15
CA ARG M 723 -38.74 -95.84 1.00
C ARG M 723 -37.86 -96.35 2.15
N ASN M 724 -36.77 -95.63 2.45
CA ASN M 724 -35.73 -96.01 3.40
C ASN M 724 -35.17 -97.40 3.08
N ASP M 725 -34.56 -97.52 1.89
CA ASP M 725 -33.72 -98.68 1.60
C ASP M 725 -32.55 -98.73 2.56
N THR M 726 -32.03 -97.57 2.91
CA THR M 726 -30.95 -97.43 3.88
C THR M 726 -31.54 -97.21 5.28
N ASN M 727 -30.68 -96.82 6.21
CA ASN M 727 -31.12 -96.44 7.55
C ASN M 727 -30.87 -94.94 7.72
N ALA M 728 -31.85 -94.15 7.31
CA ALA M 728 -31.82 -92.73 7.57
C ALA M 728 -32.30 -92.47 9.00
N LYS M 729 -32.33 -91.22 9.42
CA LYS M 729 -32.84 -90.88 10.74
C LYS M 729 -33.84 -89.76 10.55
N ILE M 730 -35.09 -90.11 10.31
CA ILE M 730 -36.14 -89.13 10.15
C ILE M 730 -36.67 -88.78 11.53
N THR M 731 -36.65 -87.49 11.87
CA THR M 731 -37.02 -87.03 13.19
C THR M 731 -38.14 -86.00 13.10
N ALA M 732 -39.04 -86.05 14.08
CA ALA M 732 -40.10 -85.07 14.24
C ALA M 732 -39.93 -84.28 15.53
N ASP M 733 -39.87 -84.95 16.69
CA ASP M 733 -39.70 -84.24 17.96
C ASP M 733 -38.38 -84.60 18.61
N ASP M 734 -38.22 -85.85 19.04
CA ASP M 734 -36.97 -86.31 19.62
C ASP M 734 -36.69 -87.76 19.26
N THR M 735 -37.57 -88.41 18.51
CA THR M 735 -37.50 -89.83 18.29
C THR M 735 -37.35 -90.13 16.81
N PRO M 736 -36.54 -91.12 16.45
CA PRO M 736 -36.44 -91.51 15.04
C PRO M 736 -37.73 -92.14 14.56
N LEU M 737 -38.10 -91.83 13.32
CA LEU M 737 -39.38 -92.29 12.77
C LEU M 737 -39.18 -93.65 12.11
N THR M 738 -39.27 -94.68 12.93
CA THR M 738 -39.10 -96.04 12.45
C THR M 738 -40.45 -96.66 12.13
N GLN M 739 -40.40 -97.88 11.60
CA GLN M 739 -41.61 -98.68 11.38
C GLN M 739 -42.25 -99.07 12.70
N ASN M 740 -41.45 -99.25 13.75
CA ASN M 740 -42.00 -99.45 15.08
C ASN M 740 -42.65 -98.17 15.61
N THR M 741 -42.07 -97.02 15.32
CA THR M 741 -42.56 -95.76 15.90
C THR M 741 -43.86 -95.33 15.26
N VAL M 742 -43.98 -95.48 13.94
CA VAL M 742 -45.13 -94.96 13.21
C VAL M 742 -46.34 -95.86 13.40
N ARG M 743 -47.46 -95.28 13.85
CA ARG M 743 -48.72 -95.98 13.87
C ARG M 743 -49.35 -95.99 12.47
N VAL M 744 -50.01 -97.09 12.17
CA VAL M 744 -50.62 -97.30 10.87
C VAL M 744 -51.91 -96.48 10.78
N ARG M 745 -52.26 -96.05 9.56
CA ARG M 745 -53.52 -95.36 9.33
C ARG M 745 -54.59 -96.36 8.89
N ASN M 746 -55.77 -96.24 9.48
CA ASN M 746 -56.91 -97.05 9.12
C ASN M 746 -58.03 -96.09 8.72
N TYR M 747 -58.52 -96.25 7.51
CA TYR M 747 -59.56 -95.37 6.98
C TYR M 747 -60.96 -95.90 7.22
N GLU M 748 -61.10 -97.06 7.86
CA GLU M 748 -62.41 -97.64 8.11
C GLU M 748 -62.84 -97.58 9.56
N ILE M 749 -61.93 -97.78 10.51
CA ILE M 749 -62.35 -97.83 11.90
C ILE M 749 -62.39 -96.45 12.53
N SER M 750 -61.55 -95.52 12.04
CA SER M 750 -61.64 -94.08 12.30
C SER M 750 -61.55 -93.77 13.80
N ASP M 751 -60.34 -93.90 14.32
CA ASP M 751 -60.09 -93.71 15.74
C ASP M 751 -60.14 -92.23 16.14
N VAL M 752 -60.34 -92.02 17.44
CA VAL M 752 -60.32 -90.70 18.06
C VAL M 752 -58.88 -90.26 18.30
N GLN M 753 -57.98 -91.22 18.54
CA GLN M 753 -56.62 -90.92 18.94
C GLN M 753 -55.84 -90.28 17.80
N ARG M 754 -56.03 -90.75 16.56
CA ARG M 754 -55.38 -90.12 15.42
C ARG M 754 -55.92 -88.71 15.18
N MET M 755 -57.18 -88.47 15.54
CA MET M 755 -57.73 -87.11 15.46
C MET M 755 -57.09 -86.20 16.49
N ASN M 756 -56.74 -86.73 17.65
CA ASN M 756 -55.96 -85.93 18.61
C ASN M 756 -54.55 -85.65 18.08
N LEU M 757 -53.98 -86.65 17.43
CA LEU M 757 -52.60 -86.57 17.03
C LEU M 757 -52.42 -85.90 15.67
N ILE M 758 -53.49 -85.42 15.03
CA ILE M 758 -53.25 -84.47 13.95
C ILE M 758 -52.86 -83.11 14.51
N ASP M 759 -53.30 -82.80 15.73
CA ASP M 759 -52.80 -81.61 16.40
C ASP M 759 -51.45 -81.88 17.04
N SER M 760 -51.30 -83.04 17.66
CA SER M 760 -49.98 -83.39 18.19
C SER M 760 -49.01 -83.78 17.06
N SER M 761 -47.76 -84.02 17.43
CA SER M 761 -46.68 -84.23 16.46
C SER M 761 -46.24 -85.69 16.39
N VAL M 762 -47.04 -86.51 15.68
CA VAL M 762 -46.67 -87.89 15.37
C VAL M 762 -47.00 -88.15 13.89
N VAL M 763 -46.07 -88.80 13.19
CA VAL M 763 -46.26 -89.14 11.78
C VAL M 763 -47.01 -90.46 11.66
N PHE M 764 -47.87 -90.57 10.64
CA PHE M 764 -48.80 -91.69 10.45
C PHE M 764 -48.79 -92.10 8.98
N THR M 765 -48.56 -93.39 8.73
CA THR M 765 -48.52 -93.96 7.39
C THR M 765 -49.61 -95.00 7.23
N ASP M 766 -49.80 -95.46 5.99
CA ASP M 766 -50.56 -96.69 5.76
C ASP M 766 -49.64 -97.89 5.54
N ASN M 767 -48.85 -97.86 4.48
CA ASN M 767 -47.91 -98.90 4.05
C ASN M 767 -46.92 -98.22 3.12
N ASP M 768 -45.66 -98.66 3.15
CA ASP M 768 -44.61 -97.98 2.38
C ASP M 768 -44.77 -98.25 0.89
N ARG M 769 -45.74 -97.58 0.28
CA ARG M 769 -46.19 -97.94 -1.07
C ARG M 769 -45.19 -97.58 -2.17
N PRO M 770 -44.59 -96.33 -2.25
CA PRO M 770 -43.63 -96.11 -3.34
C PRO M 770 -42.35 -96.90 -3.14
N SER M 771 -42.09 -97.86 -4.03
CA SER M 771 -40.99 -98.82 -3.79
C SER M 771 -39.71 -98.35 -4.46
N ASN M 772 -39.68 -98.31 -5.79
CA ASN M 772 -38.54 -97.66 -6.41
C ASN M 772 -39.04 -96.76 -7.54
N GLU M 773 -40.03 -97.27 -8.26
CA GLU M 773 -40.45 -96.68 -9.53
C GLU M 773 -41.16 -95.35 -9.33
N ASN M 774 -41.89 -95.20 -8.23
CA ASN M 774 -42.56 -93.93 -8.00
C ASN M 774 -41.69 -92.97 -7.21
N THR M 775 -40.80 -93.49 -6.36
CA THR M 775 -39.89 -92.63 -5.60
C THR M 775 -38.90 -91.93 -6.51
N ILE M 776 -38.37 -92.65 -7.49
CA ILE M 776 -37.45 -92.07 -8.46
C ILE M 776 -38.13 -90.95 -9.25
N LEU M 777 -39.34 -91.20 -9.73
CA LEU M 777 -39.99 -90.22 -10.57
C LEU M 777 -40.52 -89.05 -9.76
N SER M 778 -40.88 -89.26 -8.49
CA SER M 778 -41.25 -88.13 -7.63
C SER M 778 -40.05 -87.24 -7.34
N LYS M 779 -38.88 -87.85 -7.09
CA LYS M 779 -37.62 -87.10 -7.01
C LYS M 779 -37.38 -86.28 -8.28
N ILE M 780 -37.53 -86.92 -9.45
CA ILE M 780 -37.29 -86.27 -10.73
C ILE M 780 -38.22 -85.07 -10.92
N PHE M 781 -39.52 -85.28 -10.65
CA PHE M 781 -40.49 -84.22 -10.86
C PHE M 781 -40.27 -83.05 -9.90
N TYR M 782 -40.45 -83.29 -8.59
CA TYR M 782 -40.33 -82.22 -7.60
C TYR M 782 -38.92 -81.66 -7.46
N PHE M 783 -37.94 -82.21 -8.14
CA PHE M 783 -36.56 -81.90 -7.83
C PHE M 783 -35.75 -81.54 -9.06
N CYS M 784 -36.27 -81.75 -10.26
CA CYS M 784 -35.71 -81.24 -11.48
C CYS M 784 -36.72 -80.55 -12.37
N VAL M 785 -37.97 -81.03 -12.43
CA VAL M 785 -38.88 -80.57 -13.48
C VAL M 785 -39.57 -79.28 -13.07
N LEU M 786 -40.16 -79.27 -11.87
CA LEU M 786 -40.71 -78.04 -11.33
C LEU M 786 -39.70 -76.90 -11.15
N PRO M 787 -38.45 -77.10 -10.69
CA PRO M 787 -37.54 -75.94 -10.69
C PRO M 787 -37.08 -75.50 -12.06
N ALA M 788 -36.96 -76.41 -13.03
CA ALA M 788 -36.49 -76.00 -14.35
C ALA M 788 -37.57 -75.25 -15.12
N LEU M 789 -38.84 -75.58 -14.90
CA LEU M 789 -39.90 -74.94 -15.62
C LEU M 789 -40.57 -73.82 -14.83
N SER M 790 -40.32 -73.73 -13.54
CA SER M 790 -40.93 -72.70 -12.72
C SER M 790 -40.02 -71.49 -12.52
N ASN M 791 -38.70 -71.68 -12.63
CA ASN M 791 -37.69 -70.69 -12.30
C ASN M 791 -37.88 -70.14 -10.89
N ASN M 792 -37.80 -71.07 -9.93
CA ASN M 792 -37.82 -70.80 -8.49
C ASN M 792 -39.13 -70.18 -8.01
N LYS M 793 -40.22 -70.31 -8.76
CA LYS M 793 -41.45 -69.58 -8.47
C LYS M 793 -42.50 -70.47 -7.80
N ALA M 794 -42.07 -71.34 -6.91
CA ALA M 794 -42.99 -72.11 -6.08
C ALA M 794 -42.74 -71.78 -4.61
N CYS M 795 -43.61 -72.29 -3.76
CA CYS M 795 -43.44 -72.12 -2.32
C CYS M 795 -44.12 -73.28 -1.60
N GLY M 796 -43.44 -73.90 -0.65
CA GLY M 796 -44.06 -74.96 0.12
C GLY M 796 -45.16 -74.42 1.02
N ALA M 797 -46.09 -75.29 1.40
CA ALA M 797 -47.20 -74.80 2.20
C ALA M 797 -47.74 -75.90 3.10
N GLY M 798 -48.27 -75.44 4.24
CA GLY M 798 -48.92 -76.33 5.19
C GLY M 798 -50.32 -75.84 5.52
N VAL M 799 -51.06 -76.71 6.20
CA VAL M 799 -52.50 -76.56 6.34
C VAL M 799 -52.95 -77.11 7.69
N ASN M 800 -53.77 -76.33 8.40
CA ASN M 800 -54.54 -76.87 9.52
C ASN M 800 -55.81 -77.49 8.95
N VAL M 801 -55.75 -78.80 8.69
CA VAL M 801 -56.89 -79.49 8.07
C VAL M 801 -58.08 -79.55 9.01
N LYS M 802 -57.84 -79.55 10.32
CA LYS M 802 -58.92 -79.60 11.29
C LYS M 802 -59.77 -78.34 11.24
N GLU M 803 -59.14 -77.18 11.45
CA GLU M 803 -59.86 -75.91 11.37
C GLU M 803 -60.37 -75.65 9.95
N LEU M 804 -59.68 -76.18 8.95
CA LEU M 804 -60.11 -76.09 7.56
C LEU M 804 -61.48 -76.73 7.35
N VAL M 805 -61.62 -78.02 7.68
CA VAL M 805 -62.90 -78.68 7.40
C VAL M 805 -63.98 -78.19 8.35
N LEU M 806 -63.62 -77.82 9.58
CA LEU M 806 -64.63 -77.33 10.50
C LEU M 806 -65.08 -75.92 10.16
N ASP M 807 -64.34 -75.21 9.32
CA ASP M 807 -64.88 -73.97 8.76
C ASP M 807 -65.61 -74.20 7.45
N LEU M 808 -65.10 -75.11 6.60
CA LEU M 808 -65.71 -75.37 5.29
C LEU M 808 -67.14 -75.88 5.43
N PHE M 809 -67.38 -76.70 6.44
CA PHE M 809 -68.70 -77.27 6.65
C PHE M 809 -68.84 -77.54 8.13
N TYR M 810 -69.76 -78.46 8.48
CA TYR M 810 -70.22 -78.93 9.78
C TYR M 810 -71.28 -77.97 10.33
N THR M 811 -71.58 -76.87 9.62
CA THR M 811 -72.58 -75.99 10.21
C THR M 811 -74.01 -76.39 9.87
N GLU M 812 -74.51 -76.05 8.67
CA GLU M 812 -75.89 -76.41 8.41
C GLU M 812 -76.11 -77.72 7.64
N PRO M 813 -75.62 -77.91 6.40
CA PRO M 813 -76.28 -78.92 5.54
C PRO M 813 -75.84 -80.34 5.81
N PHE M 814 -74.67 -80.54 6.38
CA PHE M 814 -74.11 -81.86 6.58
C PHE M 814 -74.37 -82.39 7.99
N ILE M 815 -75.13 -81.65 8.79
CA ILE M 815 -75.69 -82.16 10.03
C ILE M 815 -77.16 -82.51 9.83
N CYS M 816 -77.80 -81.96 8.78
CA CYS M 816 -79.19 -82.22 8.45
C CYS M 816 -79.43 -83.70 8.14
N PRO M 817 -80.67 -84.18 8.29
CA PRO M 817 -80.99 -85.55 7.89
C PRO M 817 -80.93 -85.72 6.37
N ASP M 818 -81.11 -86.97 5.95
CA ASP M 818 -81.00 -87.35 4.55
C ASP M 818 -82.09 -86.69 3.69
N ASP M 819 -83.30 -86.55 4.23
CA ASP M 819 -84.39 -85.93 3.50
C ASP M 819 -84.11 -84.46 3.24
N CYS M 820 -83.55 -83.77 4.24
CA CYS M 820 -83.14 -82.39 4.02
C CYS M 820 -81.95 -82.33 3.07
N PHE M 821 -81.02 -83.28 3.20
CA PHE M 821 -79.76 -83.20 2.45
C PHE M 821 -79.96 -83.40 0.96
N GLN M 822 -80.76 -84.40 0.57
CA GLN M 822 -80.83 -84.84 -0.83
C GLN M 822 -81.42 -83.78 -1.76
N GLU M 823 -82.19 -82.83 -1.20
CA GLU M 823 -82.74 -81.73 -1.98
C GLU M 823 -82.27 -80.36 -1.50
N ASN M 824 -81.50 -80.30 -0.42
CA ASN M 824 -81.15 -79.02 0.20
C ASN M 824 -79.89 -78.48 -0.44
N PRO M 825 -79.89 -77.23 -0.84
CA PRO M 825 -78.61 -76.56 -1.14
C PRO M 825 -77.78 -76.29 0.10
N ILE M 826 -76.63 -75.65 -0.15
CA ILE M 826 -75.67 -75.27 0.88
C ILE M 826 -76.25 -74.14 1.73
N SER M 827 -75.62 -73.84 2.86
CA SER M 827 -75.93 -72.69 3.71
C SER M 827 -75.58 -71.35 3.09
N SER M 828 -75.08 -71.34 1.84
CA SER M 828 -74.61 -70.15 1.12
C SER M 828 -73.53 -69.43 1.93
N ASP M 829 -72.49 -70.18 2.29
CA ASP M 829 -71.49 -69.63 3.18
C ASP M 829 -70.57 -68.68 2.44
N VAL M 830 -69.80 -67.93 3.23
CA VAL M 830 -68.94 -66.89 2.68
C VAL M 830 -67.78 -67.50 1.90
N LEU M 831 -67.29 -68.66 2.32
CA LEU M 831 -66.05 -69.20 1.78
C LEU M 831 -66.30 -70.19 0.65
N MET M 832 -66.98 -71.30 0.96
CA MET M 832 -66.89 -72.51 0.16
C MET M 832 -67.73 -72.42 -1.11
N SER M 833 -68.91 -71.80 -1.03
CA SER M 833 -69.69 -71.52 -2.22
C SER M 833 -68.97 -70.56 -3.15
N LEU M 834 -68.21 -69.63 -2.59
CA LEU M 834 -67.44 -68.70 -3.40
C LEU M 834 -66.22 -69.36 -4.02
N ILE M 835 -65.63 -70.35 -3.34
CA ILE M 835 -64.56 -71.15 -3.94
C ILE M 835 -65.09 -71.91 -5.14
N ARG M 836 -66.28 -72.49 -5.00
CA ARG M 836 -66.86 -73.23 -6.11
C ARG M 836 -67.28 -72.31 -7.25
N GLU M 837 -67.73 -71.09 -6.93
CA GLU M 837 -68.00 -70.11 -7.98
C GLU M 837 -66.70 -69.66 -8.67
N ALA M 838 -65.60 -69.60 -7.92
CA ALA M 838 -64.31 -69.30 -8.53
C ALA M 838 -63.84 -70.41 -9.46
N MET M 839 -64.12 -71.67 -9.12
CA MET M 839 -63.71 -72.70 -10.06
C MET M 839 -64.66 -72.81 -11.24
N GLY M 840 -65.93 -72.41 -11.07
CA GLY M 840 -66.86 -72.40 -12.17
C GLY M 840 -67.90 -71.31 -12.06
N PRO M 841 -67.98 -70.44 -13.07
CA PRO M 841 -69.01 -69.40 -13.07
C PRO M 841 -70.30 -69.85 -13.75
N GLY M 842 -71.42 -69.63 -13.07
CA GLY M 842 -72.70 -69.99 -13.63
C GLY M 842 -72.95 -71.49 -13.61
N TYR M 843 -73.85 -71.91 -14.49
CA TYR M 843 -74.26 -73.29 -14.81
C TYR M 843 -74.72 -74.11 -13.61
N THR M 844 -74.91 -73.48 -12.45
CA THR M 844 -75.29 -74.17 -11.23
C THR M 844 -76.43 -73.40 -10.60
N VAL M 845 -77.55 -74.08 -10.36
CA VAL M 845 -78.73 -73.40 -9.82
C VAL M 845 -78.49 -73.02 -8.36
N ALA M 846 -78.22 -74.02 -7.54
CA ALA M 846 -78.05 -73.82 -6.10
C ALA M 846 -76.66 -73.35 -5.73
N ASN M 847 -75.77 -73.18 -6.72
CA ASN M 847 -74.33 -72.96 -6.74
C ASN M 847 -73.56 -74.23 -6.38
N THR M 848 -74.23 -75.27 -5.89
CA THR M 848 -73.61 -76.48 -5.35
C THR M 848 -74.31 -77.69 -5.93
N SER M 849 -74.42 -77.72 -7.26
CA SER M 849 -75.11 -78.81 -7.92
C SER M 849 -74.26 -80.08 -7.83
N SER M 850 -74.48 -80.86 -6.77
CA SER M 850 -73.92 -82.17 -6.46
C SER M 850 -72.44 -82.18 -6.11
N ILE M 851 -71.76 -81.03 -6.22
CA ILE M 851 -70.32 -81.02 -6.01
C ILE M 851 -70.02 -81.01 -4.51
N ALA M 852 -70.91 -80.44 -3.69
CA ALA M 852 -70.76 -80.55 -2.24
C ALA M 852 -70.98 -81.99 -1.78
N LYS M 853 -71.90 -82.69 -2.44
CA LYS M 853 -72.11 -84.10 -2.15
C LYS M 853 -70.87 -84.92 -2.48
N GLN M 854 -70.24 -84.61 -3.62
CA GLN M 854 -69.01 -85.32 -4.01
C GLN M 854 -67.86 -85.02 -3.06
N LEU M 855 -67.68 -83.76 -2.68
CA LEU M 855 -66.57 -83.40 -1.80
C LEU M 855 -66.76 -83.99 -0.40
N PHE M 856 -68.00 -84.01 0.08
CA PHE M 856 -68.27 -84.58 1.39
C PHE M 856 -68.14 -86.09 1.38
N LYS M 857 -68.48 -86.73 0.27
CA LYS M 857 -68.21 -88.16 0.16
C LYS M 857 -66.73 -88.46 0.02
N SER M 858 -65.96 -87.50 -0.49
CA SER M 858 -64.55 -87.75 -0.70
C SER M 858 -63.73 -87.57 0.56
N LEU M 859 -64.14 -86.69 1.46
CA LEU M 859 -63.26 -86.37 2.57
C LEU M 859 -63.23 -87.40 3.70
N ILE M 860 -63.66 -88.66 3.47
CA ILE M 860 -63.33 -89.73 4.39
C ILE M 860 -61.87 -90.16 4.32
N TYR M 861 -61.15 -89.72 3.29
CA TYR M 861 -59.71 -89.93 3.17
C TYR M 861 -59.00 -88.61 3.47
N ILE M 862 -58.79 -88.32 4.74
CA ILE M 862 -58.02 -87.13 5.12
C ILE M 862 -56.78 -87.56 5.86
N ASN M 863 -55.96 -86.59 6.26
CA ASN M 863 -54.63 -86.86 6.77
C ASN M 863 -54.34 -85.94 7.95
N GLU M 864 -53.05 -85.82 8.26
CA GLU M 864 -52.53 -85.06 9.38
C GLU M 864 -52.55 -83.56 9.08
N ASN M 865 -52.16 -82.77 10.07
CA ASN M 865 -51.64 -81.45 9.80
C ASN M 865 -50.23 -81.58 9.23
N THR M 866 -49.78 -80.54 8.55
CA THR M 866 -48.48 -80.58 7.90
C THR M 866 -47.36 -80.54 8.93
N LYS M 867 -46.37 -81.41 8.77
CA LYS M 867 -45.24 -81.49 9.68
C LYS M 867 -43.94 -81.30 8.92
N ILE M 868 -42.98 -80.63 9.56
CA ILE M 868 -41.60 -80.65 9.13
C ILE M 868 -40.98 -81.95 9.62
N LEU M 869 -40.10 -82.56 8.83
CA LEU M 869 -39.29 -83.67 9.30
C LEU M 869 -37.84 -83.41 8.97
N GLU M 870 -36.97 -83.57 9.95
CA GLU M 870 -35.54 -83.56 9.64
C GLU M 870 -35.10 -84.95 9.26
N VAL M 871 -34.05 -85.04 8.45
CA VAL M 871 -33.37 -86.30 8.17
C VAL M 871 -31.91 -86.13 8.50
N GLU M 872 -31.45 -86.83 9.54
CA GLU M 872 -30.04 -87.03 9.75
C GLU M 872 -29.68 -88.31 9.01
N VAL M 873 -29.03 -88.16 7.87
CA VAL M 873 -28.49 -89.28 7.11
C VAL M 873 -27.08 -88.88 6.72
N SER M 874 -26.20 -89.86 6.63
CA SER M 874 -24.89 -89.55 6.11
C SER M 874 -24.75 -90.16 4.72
N LEU M 875 -23.54 -90.04 4.17
CA LEU M 875 -23.32 -90.23 2.74
C LEU M 875 -23.35 -91.70 2.37
N ASP M 876 -23.02 -91.99 1.11
CA ASP M 876 -22.60 -93.33 0.76
C ASP M 876 -21.23 -93.60 1.38
N PRO M 877 -20.87 -94.87 1.63
CA PRO M 877 -19.63 -95.12 2.37
C PRO M 877 -18.36 -94.72 1.61
N ALA M 878 -18.41 -94.74 0.27
CA ALA M 878 -17.28 -94.36 -0.56
C ALA M 878 -16.91 -92.89 -0.43
N GLN M 879 -17.86 -92.03 -0.05
CA GLN M 879 -17.53 -90.68 0.34
C GLN M 879 -17.47 -90.51 1.85
N ARG M 880 -17.99 -91.47 2.61
CA ARG M 880 -17.93 -91.41 4.06
C ARG M 880 -16.51 -91.59 4.58
N HIS M 881 -15.66 -92.31 3.83
CA HIS M 881 -14.34 -92.73 4.31
C HIS M 881 -13.44 -91.59 4.79
N GLY M 882 -13.08 -90.68 3.90
CA GLY M 882 -11.99 -89.76 4.20
C GLY M 882 -12.34 -88.61 5.15
N ASN M 883 -12.49 -88.94 6.45
CA ASN M 883 -12.86 -88.00 7.52
C ASN M 883 -14.18 -87.31 7.23
N SER M 884 -15.08 -88.02 6.58
CA SER M 884 -16.48 -87.64 6.52
C SER M 884 -17.34 -88.63 7.27
N VAL M 885 -16.72 -89.39 8.19
CA VAL M 885 -17.42 -90.42 8.95
C VAL M 885 -18.46 -89.79 9.86
N HIS M 886 -18.12 -88.65 10.46
CA HIS M 886 -19.10 -87.86 11.21
C HIS M 886 -19.52 -86.67 10.37
N PHE M 887 -20.44 -86.91 9.44
CA PHE M 887 -20.91 -85.82 8.59
C PHE M 887 -22.38 -85.47 8.84
N GLN M 888 -23.30 -86.43 8.67
CA GLN M 888 -24.72 -86.28 8.97
C GLN M 888 -25.35 -85.13 8.18
N SER M 889 -25.52 -85.37 6.88
CA SER M 889 -26.30 -84.48 6.01
C SER M 889 -27.67 -84.22 6.61
N LEU M 890 -28.13 -82.97 6.52
CA LEU M 890 -29.38 -82.56 7.12
C LEU M 890 -30.38 -82.27 6.01
N GLN M 891 -31.51 -82.97 6.05
CA GLN M 891 -32.54 -82.87 5.02
C GLN M 891 -33.86 -82.52 5.66
N HIS M 892 -34.40 -81.36 5.30
CA HIS M 892 -35.74 -80.96 5.70
C HIS M 892 -36.70 -81.35 4.60
N ILE M 893 -37.81 -81.97 4.98
CA ILE M 893 -38.82 -82.47 4.06
C ILE M 893 -40.17 -82.04 4.59
N LEU M 894 -41.03 -81.55 3.70
CA LEU M 894 -42.35 -81.06 4.11
C LEU M 894 -43.29 -82.25 4.10
N TYR M 895 -43.48 -82.86 5.26
CA TYR M 895 -44.39 -83.99 5.36
C TYR M 895 -45.83 -83.51 5.38
N ASN M 896 -46.64 -84.09 4.50
CA ASN M 896 -48.07 -83.78 4.35
C ASN M 896 -48.28 -82.30 4.07
N GLY M 897 -47.37 -81.71 3.30
CA GLY M 897 -47.52 -80.38 2.79
C GLY M 897 -47.89 -80.42 1.32
N LEU M 898 -47.81 -79.25 0.69
CA LEU M 898 -48.07 -79.21 -0.74
C LEU M 898 -47.32 -78.04 -1.34
N CYS M 899 -46.95 -78.21 -2.60
CA CYS M 899 -46.39 -77.12 -3.36
C CYS M 899 -47.43 -76.04 -3.58
N LEU M 900 -46.95 -74.83 -3.81
CA LEU M 900 -47.83 -73.68 -3.95
C LEU M 900 -47.27 -72.84 -5.09
N ILE M 901 -48.17 -72.22 -5.85
CA ILE M 901 -47.77 -71.57 -7.09
C ILE M 901 -48.33 -70.17 -7.25
N SER M 902 -49.35 -69.77 -6.48
CA SER M 902 -50.07 -68.55 -6.76
C SER M 902 -50.65 -68.06 -5.45
N PRO M 903 -50.64 -66.74 -5.22
CA PRO M 903 -51.01 -66.21 -3.91
C PRO M 903 -52.43 -66.51 -3.47
N ILE M 904 -52.52 -67.37 -2.45
CA ILE M 904 -53.80 -67.79 -1.91
C ILE M 904 -54.40 -66.66 -1.09
N THR M 905 -55.65 -66.33 -1.37
CA THR M 905 -56.32 -65.15 -0.84
C THR M 905 -57.48 -65.50 0.08
N THR M 906 -58.33 -66.44 -0.33
CA THR M 906 -59.51 -66.79 0.45
C THR M 906 -59.13 -67.56 1.70
N LEU M 907 -58.12 -68.41 1.61
CA LEU M 907 -57.73 -69.31 2.69
C LEU M 907 -56.43 -68.88 3.36
N ARG M 908 -56.24 -67.56 3.51
CA ARG M 908 -55.05 -67.05 4.20
C ARG M 908 -55.04 -67.42 5.68
N ARG M 909 -56.22 -67.68 6.25
CA ARG M 909 -56.30 -68.07 7.66
C ARG M 909 -55.77 -69.48 7.87
N TYR M 910 -55.84 -70.33 6.85
CA TYR M 910 -55.66 -71.77 7.03
C TYR M 910 -54.44 -72.35 6.35
N TYR M 911 -53.72 -71.56 5.55
CA TYR M 911 -52.54 -72.03 4.85
C TYR M 911 -51.34 -71.20 5.28
N GLN M 912 -50.29 -71.87 5.71
CA GLN M 912 -49.05 -71.20 6.04
C GLN M 912 -48.02 -71.46 4.96
N PRO M 913 -47.43 -70.42 4.38
CA PRO M 913 -46.29 -70.64 3.49
C PRO M 913 -45.06 -71.05 4.30
N ILE M 914 -44.47 -72.18 3.90
CA ILE M 914 -43.32 -72.77 4.59
C ILE M 914 -42.16 -72.81 3.60
N PRO M 915 -41.33 -71.77 3.52
CA PRO M 915 -40.12 -71.87 2.68
C PRO M 915 -39.04 -72.66 3.39
N PHE M 916 -38.65 -73.79 2.81
CA PHE M 916 -37.79 -74.70 3.53
C PHE M 916 -36.56 -75.08 2.71
N HIS M 917 -36.72 -75.18 1.40
CA HIS M 917 -35.67 -75.69 0.55
C HIS M 917 -35.03 -74.52 -0.19
N ARG M 918 -33.91 -74.82 -0.85
CA ARG M 918 -33.34 -73.93 -1.86
C ARG M 918 -34.38 -73.54 -2.90
N PHE M 919 -35.12 -74.51 -3.41
CA PHE M 919 -36.28 -74.24 -4.25
C PHE M 919 -37.51 -74.14 -3.36
N PHE M 920 -38.67 -73.98 -4.00
CA PHE M 920 -39.98 -73.90 -3.35
C PHE M 920 -40.00 -72.77 -2.32
N SER M 921 -39.37 -71.66 -2.69
CA SER M 921 -39.13 -70.55 -1.80
C SER M 921 -39.25 -69.23 -2.56
N ASP M 922 -40.40 -68.97 -3.17
CA ASP M 922 -40.58 -67.71 -3.87
C ASP M 922 -40.98 -66.60 -2.90
N PRO M 923 -40.24 -65.48 -2.84
CA PRO M 923 -40.69 -64.35 -1.99
C PRO M 923 -41.95 -63.68 -2.51
N GLY M 924 -42.05 -63.50 -3.82
CA GLY M 924 -43.23 -62.89 -4.42
C GLY M 924 -44.49 -63.71 -4.29
N ILE M 925 -44.36 -64.98 -3.90
CA ILE M 925 -45.47 -65.80 -3.47
C ILE M 925 -45.68 -65.70 -1.97
N CYS M 926 -44.60 -65.78 -1.20
CA CYS M 926 -44.72 -65.97 0.25
C CYS M 926 -45.17 -64.69 0.96
N GLY M 927 -44.63 -63.54 0.55
CA GLY M 927 -45.00 -62.26 1.15
C GLY M 927 -46.40 -61.79 0.81
N THR M 928 -47.08 -62.48 -0.09
CA THR M 928 -48.49 -62.19 -0.31
C THR M 928 -49.36 -62.88 0.73
N MET M 929 -49.03 -64.13 1.07
CA MET M 929 -49.81 -64.81 2.09
C MET M 929 -49.50 -64.26 3.48
N ASN M 930 -48.25 -63.94 3.76
CA ASN M 930 -47.92 -63.36 5.06
C ASN M 930 -47.40 -61.95 4.87
N ALA M 931 -47.94 -61.02 5.67
CA ALA M 931 -47.46 -59.64 5.64
C ALA M 931 -46.14 -59.48 6.38
N ASP M 932 -45.74 -60.48 7.19
CA ASP M 932 -44.46 -60.39 7.88
C ASP M 932 -43.30 -60.51 6.91
N ILE M 933 -43.41 -61.40 5.93
CA ILE M 933 -42.43 -61.49 4.85
C ILE M 933 -42.52 -60.23 3.98
N GLN M 934 -43.72 -59.67 3.85
CA GLN M 934 -43.90 -58.47 3.04
C GLN M 934 -43.16 -57.28 3.64
N VAL M 935 -43.35 -57.02 4.93
CA VAL M 935 -42.60 -55.94 5.59
C VAL M 935 -41.14 -56.30 5.76
N PHE M 936 -40.81 -57.60 5.72
CA PHE M 936 -39.41 -58.00 5.63
C PHE M 936 -38.83 -57.59 4.29
N LEU M 937 -39.58 -57.82 3.20
CA LEU M 937 -39.11 -57.45 1.88
C LEU M 937 -39.26 -55.96 1.62
N ASN M 938 -40.23 -55.29 2.26
CA ASN M 938 -40.40 -53.86 2.06
C ASN M 938 -39.24 -53.06 2.63
N THR M 939 -38.61 -53.58 3.69
CA THR M 939 -37.46 -52.92 4.27
C THR M 939 -36.14 -53.32 3.63
N PHE M 940 -36.08 -54.49 2.98
CA PHE M 940 -34.84 -54.99 2.38
C PHE M 940 -35.15 -55.61 1.03
N PRO M 941 -35.31 -54.77 -0.01
CA PRO M 941 -35.91 -55.27 -1.24
C PRO M 941 -35.02 -56.14 -2.11
N HIS M 942 -33.74 -56.28 -1.80
CA HIS M 942 -32.92 -57.15 -2.62
C HIS M 942 -32.98 -58.60 -2.19
N TYR M 943 -33.86 -58.95 -1.27
CA TYR M 943 -34.20 -60.33 -0.99
C TYR M 943 -35.44 -60.78 -1.72
N GLN M 944 -35.98 -59.94 -2.61
CA GLN M 944 -37.09 -60.33 -3.48
C GLN M 944 -36.64 -61.27 -4.58
N ARG M 945 -35.34 -61.42 -4.77
CA ARG M 945 -34.80 -62.14 -5.92
C ARG M 945 -35.05 -63.64 -5.80
N ASN M 946 -35.52 -64.23 -6.90
CA ASN M 946 -35.72 -65.67 -6.98
C ASN M 946 -34.44 -66.45 -7.22
N ASP M 947 -33.34 -65.76 -7.51
CA ASP M 947 -32.20 -66.46 -8.09
C ASP M 947 -31.41 -67.22 -7.03
N GLY M 948 -30.81 -66.49 -6.10
CA GLY M 948 -30.01 -67.08 -5.05
C GLY M 948 -30.82 -67.35 -3.81
N GLY M 949 -30.12 -67.50 -2.70
CA GLY M 949 -30.78 -67.71 -1.44
C GLY M 949 -30.91 -66.45 -0.60
N PHE M 950 -32.06 -65.81 -0.70
CA PHE M 950 -32.55 -64.99 0.39
C PHE M 950 -32.86 -65.91 1.57
N PRO M 951 -32.79 -65.43 2.81
CA PRO M 951 -32.66 -66.36 3.94
C PRO M 951 -33.92 -67.14 4.21
N LEU M 952 -33.74 -68.43 4.39
CA LEU M 952 -34.69 -69.29 5.02
C LEU M 952 -34.59 -69.06 6.53
N PRO M 953 -35.51 -69.60 7.33
CA PRO M 953 -35.30 -69.57 8.79
C PRO M 953 -34.02 -70.28 9.18
N PRO M 954 -33.29 -69.73 10.15
CA PRO M 954 -31.92 -70.20 10.45
C PRO M 954 -31.81 -71.65 10.89
N PRO M 955 -32.84 -72.29 11.46
CA PRO M 955 -32.81 -73.75 11.48
C PRO M 955 -32.92 -74.42 10.13
N LEU M 956 -33.51 -73.78 9.13
CA LEU M 956 -33.63 -74.43 7.83
C LEU M 956 -32.44 -74.14 6.93
N ALA M 957 -31.89 -72.93 7.01
CA ALA M 957 -30.85 -72.49 6.09
C ALA M 957 -29.51 -73.01 6.58
N LEU M 958 -29.25 -74.28 6.27
CA LEU M 958 -27.97 -74.92 6.55
C LEU M 958 -27.41 -75.32 5.20
N GLU M 959 -26.73 -74.39 4.53
CA GLU M 959 -26.38 -74.54 3.13
C GLU M 959 -25.32 -75.62 2.93
N PHE M 960 -24.33 -75.67 3.80
CA PHE M 960 -23.29 -76.67 3.65
C PHE M 960 -23.76 -78.06 4.05
N TYR M 961 -24.81 -78.16 4.84
CA TYR M 961 -25.26 -79.47 5.30
C TYR M 961 -26.40 -80.04 4.49
N ASN M 962 -26.87 -79.35 3.45
CA ASN M 962 -27.81 -79.96 2.52
C ASN M 962 -27.05 -80.84 1.53
N TRP M 963 -27.79 -81.38 0.57
CA TRP M 963 -27.16 -81.88 -0.64
C TRP M 963 -27.06 -80.79 -1.69
N GLN M 964 -27.97 -79.82 -1.64
CA GLN M 964 -28.19 -78.87 -2.72
C GLN M 964 -27.76 -77.49 -2.26
N ARG M 965 -26.92 -76.85 -3.05
CA ARG M 965 -26.31 -75.59 -2.69
C ARG M 965 -26.83 -74.49 -3.59
N THR M 966 -26.19 -73.32 -3.46
CA THR M 966 -26.44 -72.15 -4.31
C THR M 966 -26.48 -72.39 -5.83
N PRO M 967 -25.53 -73.10 -6.48
CA PRO M 967 -25.52 -73.08 -7.95
C PRO M 967 -26.67 -73.81 -8.61
N PHE M 968 -27.37 -74.69 -7.90
CA PHE M 968 -28.59 -75.28 -8.47
C PHE M 968 -29.65 -74.23 -8.72
N SER M 969 -29.93 -73.40 -7.71
CA SER M 969 -30.90 -72.34 -7.91
C SER M 969 -30.37 -71.24 -8.80
N VAL M 970 -29.05 -71.04 -8.83
CA VAL M 970 -28.52 -70.03 -9.75
C VAL M 970 -28.65 -70.49 -11.19
N TYR M 971 -28.56 -71.80 -11.44
CA TYR M 971 -28.87 -72.29 -12.77
C TYR M 971 -30.35 -72.20 -13.06
N SER M 972 -31.19 -72.61 -12.10
CA SER M 972 -32.63 -72.65 -12.34
C SER M 972 -33.26 -71.28 -12.37
N ALA M 973 -32.53 -70.25 -11.96
CA ALA M 973 -32.97 -68.87 -12.09
C ALA M 973 -33.18 -68.47 -13.53
N PHE M 974 -32.23 -68.80 -14.40
CA PHE M 974 -32.28 -68.32 -15.77
C PHE M 974 -32.13 -69.46 -16.77
N CYS M 975 -32.48 -70.66 -16.36
CA CYS M 975 -32.51 -71.75 -17.32
C CYS M 975 -33.66 -71.57 -18.30
N PRO M 976 -33.47 -71.91 -19.56
CA PRO M 976 -34.59 -71.91 -20.51
C PRO M 976 -35.47 -73.12 -20.31
N ASN M 977 -36.73 -72.97 -20.68
CA ASN M 977 -37.75 -73.96 -20.36
C ASN M 977 -37.94 -74.98 -21.49
N SER M 978 -36.86 -75.62 -21.97
CA SER M 978 -36.96 -76.37 -23.21
C SER M 978 -36.21 -77.69 -23.12
N LEU M 979 -36.38 -78.41 -22.02
CA LEU M 979 -35.96 -79.80 -21.75
C LEU M 979 -34.45 -79.97 -21.59
N LEU M 980 -33.68 -79.00 -22.07
CA LEU M 980 -32.25 -79.05 -21.84
C LEU M 980 -31.94 -78.72 -20.40
N SER M 981 -32.75 -77.86 -19.80
CA SER M 981 -32.59 -77.55 -18.38
C SER M 981 -32.95 -78.74 -17.50
N ILE M 982 -34.01 -79.48 -17.85
CA ILE M 982 -34.40 -80.63 -17.06
C ILE M 982 -33.35 -81.73 -17.14
N MET M 983 -32.91 -82.02 -18.36
CA MET M 983 -31.84 -83.01 -18.54
C MET M 983 -30.54 -82.56 -17.88
N THR M 984 -30.28 -81.25 -17.82
CA THR M 984 -29.01 -80.85 -17.23
C THR M 984 -29.09 -80.69 -15.71
N LEU M 985 -30.28 -80.54 -15.13
CA LEU M 985 -30.38 -80.68 -13.68
C LEU M 985 -30.19 -82.14 -13.28
N ALA M 986 -30.80 -83.06 -14.04
CA ALA M 986 -30.53 -84.47 -13.80
C ALA M 986 -29.06 -84.82 -14.08
N ALA M 987 -28.39 -84.06 -14.94
CA ALA M 987 -26.95 -84.21 -15.11
C ALA M 987 -26.20 -83.72 -13.89
N MET M 988 -26.50 -82.49 -13.44
CA MET M 988 -25.79 -81.86 -12.33
C MET M 988 -25.97 -82.58 -11.01
N HIS M 989 -26.98 -83.44 -10.88
CA HIS M 989 -27.02 -84.20 -9.62
C HIS M 989 -26.10 -85.42 -9.60
N SER M 990 -25.26 -85.63 -10.61
CA SER M 990 -24.31 -86.75 -10.59
C SER M 990 -23.23 -86.52 -9.54
N LYS M 991 -22.75 -87.61 -8.94
CA LYS M 991 -21.98 -87.49 -7.72
C LYS M 991 -20.49 -87.34 -7.99
N LEU M 992 -19.74 -86.99 -6.94
CA LEU M 992 -18.30 -86.83 -6.98
C LEU M 992 -17.58 -87.91 -6.18
N SER M 993 -18.15 -89.07 -6.12
CA SER M 993 -17.50 -90.18 -5.45
C SER M 993 -16.46 -90.79 -6.38
N PRO M 994 -15.41 -91.43 -5.85
CA PRO M 994 -14.48 -92.16 -6.74
C PRO M 994 -15.13 -93.29 -7.51
N VAL M 995 -16.18 -93.90 -6.96
CA VAL M 995 -16.94 -94.89 -7.72
C VAL M 995 -17.66 -94.21 -8.89
N ALA M 996 -18.10 -92.96 -8.70
CA ALA M 996 -18.78 -92.24 -9.77
C ALA M 996 -17.81 -91.83 -10.85
N ILE M 997 -16.61 -91.40 -10.46
CA ILE M 997 -15.55 -91.08 -11.43
C ILE M 997 -15.18 -92.33 -12.23
N ALA M 998 -15.10 -93.47 -11.53
CA ALA M 998 -14.75 -94.73 -12.17
C ALA M 998 -15.76 -95.14 -13.23
N ILE M 999 -17.05 -95.09 -12.89
CA ILE M 999 -18.00 -95.59 -13.87
C ILE M 999 -18.39 -94.55 -14.91
N GLN M 1000 -18.23 -93.25 -14.65
CA GLN M 1000 -18.38 -92.28 -15.72
C GLN M 1000 -17.23 -92.38 -16.71
N SER M 1001 -16.01 -92.65 -16.21
CA SER M 1001 -14.89 -92.90 -17.11
C SER M 1001 -15.09 -94.19 -17.90
N LYS M 1002 -15.77 -95.17 -17.30
CA LYS M 1002 -16.15 -96.36 -18.06
C LYS M 1002 -17.15 -96.00 -19.17
N SER M 1003 -18.11 -95.14 -18.87
CA SER M 1003 -19.16 -94.83 -19.83
C SER M 1003 -18.81 -93.67 -20.77
N LYS M 1004 -17.58 -93.16 -20.69
CA LYS M 1004 -17.09 -92.04 -21.51
C LYS M 1004 -17.94 -90.79 -21.32
N ILE M 1005 -18.22 -90.47 -20.06
CA ILE M 1005 -18.89 -89.24 -19.70
C ILE M 1005 -17.87 -88.37 -19.00
N HIS M 1006 -17.68 -87.17 -19.52
CA HIS M 1006 -16.64 -86.28 -19.05
C HIS M 1006 -16.99 -85.74 -17.68
N PRO M 1007 -16.23 -86.03 -16.63
CA PRO M 1007 -16.52 -85.45 -15.32
C PRO M 1007 -16.06 -83.99 -15.28
N GLY M 1008 -16.43 -83.32 -14.21
CA GLY M 1008 -16.09 -81.91 -14.07
C GLY M 1008 -14.66 -81.66 -13.65
N PHE M 1009 -13.72 -82.11 -14.47
CA PHE M 1009 -12.31 -81.99 -14.13
C PHE M 1009 -11.51 -81.76 -15.40
N ALA M 1010 -10.25 -81.44 -15.19
CA ALA M 1010 -9.23 -81.53 -16.21
C ALA M 1010 -7.92 -81.79 -15.49
N ALA M 1011 -6.83 -81.89 -16.25
CA ALA M 1011 -5.60 -82.31 -15.62
C ALA M 1011 -4.40 -81.85 -16.43
N THR M 1012 -3.35 -81.43 -15.73
CA THR M 1012 -2.06 -81.16 -16.34
C THR M 1012 -1.17 -82.36 -16.10
N LEU M 1013 -0.98 -83.17 -17.13
CA LEU M 1013 -0.09 -84.32 -17.01
C LEU M 1013 1.35 -83.89 -17.23
N VAL M 1014 2.17 -84.05 -16.21
CA VAL M 1014 3.60 -83.72 -16.28
C VAL M 1014 4.40 -85.00 -16.48
N ARG M 1015 5.52 -84.86 -17.18
CA ARG M 1015 6.35 -86.00 -17.56
C ARG M 1015 7.76 -85.50 -17.84
N THR M 1016 8.75 -86.20 -17.32
CA THR M 1016 10.13 -85.89 -17.66
C THR M 1016 10.70 -86.96 -18.59
N ASP M 1017 11.72 -86.56 -19.35
CA ASP M 1017 12.33 -87.38 -20.37
C ASP M 1017 13.83 -87.20 -20.28
N ASN M 1018 14.57 -88.29 -20.46
CA ASN M 1018 16.02 -88.22 -20.38
C ASN M 1018 16.66 -88.53 -21.72
N PHE M 1019 17.65 -87.71 -22.08
CA PHE M 1019 18.23 -87.70 -23.41
C PHE M 1019 19.69 -88.11 -23.34
N ASP M 1020 20.19 -88.72 -24.39
CA ASP M 1020 21.63 -88.99 -24.51
C ASP M 1020 22.28 -87.85 -25.25
N VAL M 1021 23.13 -87.10 -24.55
CA VAL M 1021 23.69 -85.85 -25.04
C VAL M 1021 25.20 -85.90 -24.96
N GLU M 1022 25.85 -85.69 -26.10
CA GLU M 1022 27.26 -85.37 -26.08
C GLU M 1022 27.42 -83.85 -25.96
N CYS M 1023 28.39 -83.43 -25.16
CA CYS M 1023 28.32 -82.11 -24.55
C CYS M 1023 29.74 -81.64 -24.27
N LEU M 1024 30.25 -80.72 -25.09
CA LEU M 1024 31.67 -80.40 -25.05
C LEU M 1024 31.98 -79.36 -23.99
N LEU M 1025 33.27 -79.27 -23.65
CA LEU M 1025 33.77 -78.37 -22.62
C LEU M 1025 34.87 -77.51 -23.20
N TYR M 1026 34.94 -76.27 -22.73
CA TYR M 1026 36.07 -75.39 -22.97
C TYR M 1026 36.65 -74.99 -21.62
N SER M 1027 37.96 -74.81 -21.59
CA SER M 1027 38.61 -74.34 -20.38
C SER M 1027 39.78 -73.47 -20.78
N SER M 1028 39.98 -72.36 -20.08
CA SER M 1028 41.15 -71.55 -20.32
C SER M 1028 42.39 -72.28 -19.81
N ARG M 1029 43.55 -71.96 -20.39
CA ARG M 1029 44.75 -72.71 -20.07
C ARG M 1029 45.24 -72.37 -18.68
N ALA M 1030 45.75 -73.40 -17.99
CA ALA M 1030 46.28 -73.30 -16.62
C ALA M 1030 45.27 -72.70 -15.66
N ALA M 1031 44.00 -73.07 -15.83
CA ALA M 1031 42.95 -72.46 -15.03
C ALA M 1031 42.94 -72.95 -13.60
N THR M 1032 43.48 -74.14 -13.37
CA THR M 1032 43.44 -74.75 -12.05
C THR M 1032 44.67 -75.62 -11.88
N SER M 1033 45.20 -75.64 -10.65
CA SER M 1033 46.42 -76.36 -10.36
C SER M 1033 46.15 -77.56 -9.47
N ILE M 1034 47.07 -78.51 -9.57
CA ILE M 1034 46.94 -79.84 -9.00
C ILE M 1034 48.19 -80.07 -8.17
N ILE M 1035 48.02 -80.26 -6.87
CA ILE M 1035 49.13 -80.63 -6.00
C ILE M 1035 48.88 -82.04 -5.50
N LEU M 1036 49.89 -82.89 -5.60
CA LEU M 1036 49.68 -84.32 -5.38
C LEU M 1036 50.82 -84.93 -4.59
N ASP M 1037 50.46 -85.72 -3.58
CA ASP M 1037 51.37 -86.69 -3.00
C ASP M 1037 52.04 -87.62 -4.01
N ASP M 1038 53.20 -88.13 -3.63
CA ASP M 1038 53.73 -89.36 -4.19
C ASP M 1038 52.72 -90.47 -3.95
N PRO M 1039 52.38 -91.28 -4.96
CA PRO M 1039 51.47 -92.41 -4.73
C PRO M 1039 52.03 -93.43 -3.74
N THR M 1040 51.19 -93.81 -2.79
CA THR M 1040 51.57 -94.64 -1.66
C THR M 1040 51.09 -96.06 -1.86
N VAL M 1041 51.86 -97.00 -1.33
CA VAL M 1041 51.70 -98.42 -1.55
C VAL M 1041 51.30 -99.06 -0.22
N THR M 1042 50.31 -99.93 -0.25
CA THR M 1042 50.04 -100.77 0.91
C THR M 1042 49.65 -102.17 0.46
N ALA M 1043 49.72 -103.11 1.39
CA ALA M 1043 49.55 -104.52 1.06
C ALA M 1043 48.75 -105.21 2.14
N GLU M 1044 47.68 -105.88 1.74
CA GLU M 1044 46.88 -106.71 2.63
C GLU M 1044 47.14 -108.16 2.26
N ALA M 1045 47.76 -108.91 3.17
CA ALA M 1045 48.16 -110.29 2.90
C ALA M 1045 47.12 -111.23 3.51
N LYS M 1046 46.18 -111.65 2.68
CA LYS M 1046 45.21 -112.65 3.10
C LYS M 1046 45.77 -114.05 2.87
N ASP M 1047 44.99 -115.06 3.25
CA ASP M 1047 45.47 -116.43 3.23
C ASP M 1047 45.54 -117.03 1.83
N ILE M 1048 44.77 -116.49 0.89
CA ILE M 1048 44.76 -117.02 -0.46
C ILE M 1048 45.15 -115.99 -1.51
N VAL M 1049 44.99 -114.69 -1.24
CA VAL M 1049 45.42 -113.62 -2.14
C VAL M 1049 46.16 -112.58 -1.32
N THR M 1050 46.94 -111.76 -2.01
CA THR M 1050 47.53 -110.56 -1.41
C THR M 1050 47.16 -109.38 -2.29
N THR M 1051 46.46 -108.42 -1.72
CA THR M 1051 45.93 -107.28 -2.46
C THR M 1051 46.83 -106.08 -2.23
N TYR M 1052 47.42 -105.58 -3.31
CA TYR M 1052 48.22 -104.36 -3.28
C TYR M 1052 47.31 -103.20 -3.65
N ASN M 1053 47.37 -102.14 -2.84
CA ASN M 1053 46.53 -100.96 -3.04
C ASN M 1053 47.42 -99.74 -3.15
N PHE M 1054 47.22 -98.96 -4.20
CA PHE M 1054 47.92 -97.71 -4.43
C PHE M 1054 46.93 -96.58 -4.21
N THR M 1055 47.29 -95.65 -3.33
CA THR M 1055 46.47 -94.47 -3.08
C THR M 1055 47.23 -93.23 -3.49
N GLN M 1056 46.50 -92.19 -3.87
CA GLN M 1056 47.14 -90.95 -4.30
C GLN M 1056 46.23 -89.79 -3.95
N HIS M 1057 46.77 -88.83 -3.20
CA HIS M 1057 46.03 -87.66 -2.77
C HIS M 1057 46.28 -86.52 -3.75
N LEU M 1058 45.20 -86.01 -4.32
CA LEU M 1058 45.20 -84.83 -5.16
C LEU M 1058 44.56 -83.68 -4.39
N SER M 1059 44.92 -82.46 -4.74
CA SER M 1059 44.19 -81.30 -4.29
C SER M 1059 44.21 -80.27 -5.40
N PHE M 1060 43.05 -79.73 -5.69
CA PHE M 1060 42.85 -78.84 -6.84
C PHE M 1060 42.56 -77.45 -6.31
N VAL M 1061 43.38 -76.48 -6.68
CA VAL M 1061 43.08 -75.08 -6.44
C VAL M 1061 42.64 -74.49 -7.77
N ASP M 1062 41.74 -73.51 -7.70
CA ASP M 1062 41.12 -72.93 -8.89
C ASP M 1062 41.54 -71.47 -8.97
N MET M 1063 42.38 -71.14 -9.95
CA MET M 1063 43.09 -69.88 -9.88
C MET M 1063 42.42 -68.75 -10.65
N GLY M 1064 41.31 -69.01 -11.32
CA GLY M 1064 40.60 -67.95 -12.00
C GLY M 1064 39.57 -67.30 -11.10
N LEU M 1065 39.36 -66.00 -11.28
CA LEU M 1065 38.31 -65.33 -10.55
C LEU M 1065 36.94 -65.71 -11.08
N GLY M 1066 36.67 -65.35 -12.33
CA GLY M 1066 35.44 -65.74 -13.00
C GLY M 1066 35.47 -67.19 -13.42
N PHE M 1067 34.46 -67.58 -14.18
CA PHE M 1067 34.33 -68.98 -14.57
C PHE M 1067 35.27 -69.25 -15.73
N SER M 1068 36.37 -69.93 -15.42
CA SER M 1068 37.45 -70.20 -16.35
C SER M 1068 37.21 -71.45 -17.18
N SER M 1069 36.01 -72.02 -17.13
CA SER M 1069 35.71 -73.24 -17.86
C SER M 1069 34.21 -73.29 -18.09
N THR M 1070 33.80 -73.41 -19.34
CA THR M 1070 32.39 -73.48 -19.70
C THR M 1070 32.07 -74.81 -20.38
N THR M 1071 30.79 -75.04 -20.58
CA THR M 1071 30.32 -76.33 -21.09
C THR M 1071 29.01 -76.11 -21.84
N ALA M 1072 28.94 -76.51 -23.09
CA ALA M 1072 27.74 -76.30 -23.89
C ALA M 1072 27.19 -77.63 -24.39
N THR M 1073 25.87 -77.75 -24.34
CA THR M 1073 25.20 -78.90 -24.93
C THR M 1073 25.35 -78.87 -26.43
N ALA M 1074 25.79 -79.99 -27.01
CA ALA M 1074 26.21 -80.00 -28.40
C ALA M 1074 25.29 -80.81 -29.31
N ASN M 1075 25.04 -82.08 -29.00
CA ASN M 1075 24.37 -82.97 -29.94
C ASN M 1075 23.65 -84.06 -29.18
N LEU M 1076 22.39 -84.30 -29.54
CA LEU M 1076 21.70 -85.50 -29.08
C LEU M 1076 22.33 -86.74 -29.67
N LYS M 1077 22.43 -87.79 -28.87
CA LYS M 1077 22.63 -89.13 -29.42
C LYS M 1077 21.28 -89.81 -29.59
N ARG M 1078 20.58 -90.05 -28.48
CA ARG M 1078 19.38 -90.87 -28.45
C ARG M 1078 18.46 -90.35 -27.36
N ILE M 1079 17.20 -90.75 -27.42
CA ILE M 1079 16.28 -90.54 -26.32
C ILE M 1079 16.13 -91.85 -25.57
N LYS M 1080 16.52 -91.87 -24.29
CA LYS M 1080 16.32 -93.09 -23.53
C LYS M 1080 14.90 -93.21 -23.02
N SER M 1081 14.15 -92.12 -23.00
CA SER M 1081 12.78 -92.15 -22.52
C SER M 1081 11.86 -92.71 -23.59
N ASP M 1082 10.72 -93.24 -23.14
CA ASP M 1082 9.67 -93.69 -24.04
C ASP M 1082 8.98 -92.51 -24.69
N MET M 1083 8.80 -91.42 -23.93
CA MET M 1083 7.72 -90.46 -24.13
C MET M 1083 6.39 -91.19 -24.32
N GLY M 1084 6.15 -92.17 -23.47
CA GLY M 1084 4.94 -92.97 -23.52
C GLY M 1084 3.82 -92.36 -22.71
N SER M 1085 2.98 -93.21 -22.14
CA SER M 1085 1.86 -92.70 -21.36
C SER M 1085 1.58 -93.45 -20.07
N LYS M 1086 2.43 -94.37 -19.63
CA LYS M 1086 2.16 -95.15 -18.43
C LYS M 1086 2.21 -94.22 -17.23
N ILE M 1087 1.01 -93.90 -16.71
CA ILE M 1087 0.84 -92.87 -15.69
C ILE M 1087 1.36 -93.37 -14.35
N GLN M 1088 1.51 -92.46 -13.39
CA GLN M 1088 1.98 -92.85 -12.07
C GLN M 1088 0.89 -93.59 -11.34
N ASN M 1089 1.14 -94.85 -11.03
CA ASN M 1089 0.19 -95.68 -10.30
C ASN M 1089 0.28 -95.27 -8.84
N LEU M 1090 -0.67 -94.43 -8.40
CA LEU M 1090 -0.62 -93.96 -7.02
C LEU M 1090 -0.94 -95.05 -6.01
N PHE M 1091 -1.62 -96.11 -6.39
CA PHE M 1091 -1.81 -97.22 -5.45
C PHE M 1091 -0.52 -97.99 -5.22
N SER M 1092 0.44 -97.90 -6.13
CA SER M 1092 1.77 -98.44 -5.89
C SER M 1092 2.75 -97.36 -5.46
N ALA M 1093 2.35 -96.10 -5.49
CA ALA M 1093 3.18 -95.02 -4.97
C ALA M 1093 2.94 -94.77 -3.50
N PHE M 1094 1.69 -94.78 -3.07
CA PHE M 1094 1.33 -94.72 -1.66
C PHE M 1094 0.67 -96.05 -1.31
N PRO M 1095 1.43 -97.13 -1.16
CA PRO M 1095 0.81 -98.46 -1.11
C PRO M 1095 0.19 -98.82 0.22
N ILE M 1096 0.16 -97.92 1.19
CA ILE M 1096 -0.34 -98.25 2.51
C ILE M 1096 -1.74 -97.71 2.76
N HIS M 1097 -2.20 -96.71 2.00
CA HIS M 1097 -3.52 -96.14 2.24
C HIS M 1097 -4.59 -97.04 1.66
N ALA M 1098 -5.75 -97.02 2.28
CA ALA M 1098 -6.86 -97.84 1.83
C ALA M 1098 -8.16 -97.18 2.27
N PHE M 1099 -9.25 -97.58 1.64
CA PHE M 1099 -10.55 -97.07 2.08
C PHE M 1099 -10.97 -97.80 3.36
N THR M 1100 -12.08 -97.35 3.93
CA THR M 1100 -12.56 -97.97 5.15
C THR M 1100 -13.12 -99.37 4.87
N ASN M 1101 -14.16 -99.46 4.04
CA ASN M 1101 -14.85 -100.73 3.81
C ASN M 1101 -14.10 -101.59 2.81
N THR M 1102 -13.96 -102.88 3.15
CA THR M 1102 -13.22 -103.82 2.33
C THR M 1102 -13.89 -104.04 0.98
N ASP M 1103 -15.23 -103.94 0.92
CA ASP M 1103 -15.93 -104.02 -0.35
C ASP M 1103 -15.56 -102.87 -1.27
N ILE M 1104 -15.50 -101.65 -0.73
CA ILE M 1104 -15.14 -100.47 -1.51
C ILE M 1104 -13.71 -100.55 -1.98
N ASN M 1105 -12.81 -100.92 -1.06
CA ASN M 1105 -11.39 -101.03 -1.38
C ASN M 1105 -11.16 -102.07 -2.47
N THR M 1106 -11.82 -103.23 -2.33
CA THR M 1106 -11.71 -104.31 -3.30
C THR M 1106 -12.20 -103.89 -4.67
N TRP M 1107 -13.37 -103.24 -4.73
CA TRP M 1107 -13.90 -102.86 -6.02
C TRP M 1107 -13.09 -101.76 -6.68
N ILE M 1108 -12.49 -100.86 -5.90
CA ILE M 1108 -11.63 -99.84 -6.48
C ILE M 1108 -10.35 -100.43 -7.03
N ARG M 1109 -9.71 -101.33 -6.27
CA ARG M 1109 -8.48 -101.99 -6.75
C ARG M 1109 -8.74 -102.80 -8.01
N HIS M 1110 -9.88 -103.48 -8.08
CA HIS M 1110 -10.10 -104.31 -9.26
C HIS M 1110 -10.72 -103.54 -10.42
N HIS M 1111 -11.32 -102.38 -10.19
CA HIS M 1111 -11.72 -101.56 -11.34
C HIS M 1111 -10.52 -100.85 -11.94
N VAL M 1112 -9.56 -100.43 -11.12
CA VAL M 1112 -8.32 -99.93 -11.72
C VAL M 1112 -7.41 -101.07 -12.16
N GLY M 1113 -7.73 -102.30 -11.79
CA GLY M 1113 -7.05 -103.46 -12.34
C GLY M 1113 -5.72 -103.80 -11.70
N ILE M 1114 -5.42 -103.23 -10.55
CA ILE M 1114 -4.12 -103.45 -9.93
C ILE M 1114 -4.12 -104.83 -9.26
N GLU M 1115 -2.97 -105.50 -9.33
CA GLU M 1115 -2.76 -106.77 -8.65
C GLU M 1115 -2.29 -106.52 -7.22
N LYS M 1116 -1.87 -107.60 -6.53
CA LYS M 1116 -1.42 -107.64 -5.14
C LYS M 1116 -2.43 -106.97 -4.22
N PRO M 1117 -3.58 -107.61 -3.94
CA PRO M 1117 -4.66 -106.90 -3.25
C PRO M 1117 -4.35 -106.56 -1.81
N ASN M 1118 -3.68 -107.44 -1.12
CA ASN M 1118 -3.25 -107.09 0.22
C ASN M 1118 -1.93 -106.31 0.17
N PRO M 1119 -1.83 -105.19 0.89
CA PRO M 1119 -0.49 -104.61 1.11
C PRO M 1119 0.36 -105.46 2.02
N SER M 1120 -0.25 -106.16 2.97
CA SER M 1120 0.40 -107.10 3.90
C SER M 1120 1.49 -106.39 4.72
N GLU M 1121 1.05 -105.45 5.55
CA GLU M 1121 1.97 -104.50 6.17
C GLU M 1121 2.85 -105.18 7.22
N GLY M 1122 2.32 -106.15 7.97
CA GLY M 1122 3.06 -106.77 9.07
C GLY M 1122 4.31 -107.54 8.63
N GLU M 1123 4.43 -107.85 7.34
CA GLU M 1123 5.62 -108.44 6.76
C GLU M 1123 6.44 -107.45 5.95
N ALA M 1124 5.77 -106.60 5.15
CA ALA M 1124 6.44 -105.86 4.09
C ALA M 1124 6.55 -104.36 4.35
N LEU M 1125 6.01 -103.83 5.46
CA LEU M 1125 6.01 -102.38 5.67
C LEU M 1125 7.40 -101.83 5.90
N ASN M 1126 8.27 -102.60 6.55
CA ASN M 1126 9.65 -102.16 6.73
C ASN M 1126 10.38 -102.09 5.39
N ILE M 1127 10.11 -103.03 4.48
CA ILE M 1127 10.72 -102.99 3.15
C ILE M 1127 10.12 -101.86 2.33
N ILE M 1128 8.87 -101.49 2.59
CA ILE M 1128 8.25 -100.39 1.86
C ILE M 1128 8.81 -99.04 2.32
N THR M 1129 8.93 -98.84 3.64
CA THR M 1129 9.57 -97.63 4.15
C THR M 1129 11.06 -97.59 3.82
N PHE M 1130 11.68 -98.75 3.67
CA PHE M 1130 13.09 -98.83 3.33
C PHE M 1130 13.35 -98.59 1.84
N GLY M 1131 12.39 -98.92 0.98
CA GLY M 1131 12.51 -98.81 -0.48
C GLY M 1131 12.20 -100.16 -1.09
N GLY M 1132 11.30 -100.16 -2.08
CA GLY M 1132 10.82 -101.42 -2.64
C GLY M 1132 10.15 -101.28 -3.99
N ILE M 1133 10.37 -102.24 -4.87
CA ILE M 1133 9.88 -102.19 -6.24
C ILE M 1133 8.89 -103.32 -6.49
N ASN M 1134 8.29 -103.30 -7.68
CA ASN M 1134 7.16 -104.18 -8.01
C ASN M 1134 7.56 -105.64 -8.20
N LYS M 1135 8.83 -105.91 -8.51
CA LYS M 1135 9.37 -107.24 -8.76
C LYS M 1135 8.68 -107.94 -9.94
N ASN M 1136 8.17 -107.14 -10.87
CA ASN M 1136 7.58 -107.64 -12.12
C ASN M 1136 7.95 -106.66 -13.21
N PRO M 1137 9.06 -106.89 -13.92
CA PRO M 1137 9.36 -106.06 -15.07
C PRO M 1137 8.40 -106.35 -16.20
N PRO M 1138 8.12 -105.37 -17.05
CA PRO M 1138 7.35 -105.66 -18.27
C PRO M 1138 8.17 -106.58 -19.18
N SER M 1139 7.53 -107.66 -19.60
CA SER M 1139 8.23 -108.69 -20.37
C SER M 1139 8.64 -108.18 -21.74
N ILE M 1140 7.86 -107.28 -22.33
CA ILE M 1140 8.27 -106.58 -23.54
C ILE M 1140 8.45 -105.12 -23.20
N LEU M 1141 9.45 -104.48 -23.82
CA LEU M 1141 9.70 -103.06 -23.64
C LEU M 1141 10.42 -102.56 -24.88
N LEU M 1142 9.93 -101.48 -25.46
CA LEU M 1142 10.41 -101.09 -26.77
C LEU M 1142 11.06 -99.73 -26.84
N HIS M 1143 10.92 -98.87 -25.82
CA HIS M 1143 11.42 -97.51 -25.96
C HIS M 1143 12.08 -96.97 -24.70
N GLY M 1144 12.42 -97.82 -23.73
CA GLY M 1144 13.05 -97.30 -22.53
C GLY M 1144 12.07 -96.88 -21.47
N GLN M 1145 12.42 -95.86 -20.70
CA GLN M 1145 11.70 -95.52 -19.49
C GLN M 1145 10.53 -94.56 -19.74
N GLN M 1146 9.54 -94.61 -18.84
CA GLN M 1146 8.39 -93.71 -18.88
C GLN M 1146 7.79 -93.60 -17.49
N ALA M 1147 7.30 -92.40 -17.16
CA ALA M 1147 6.58 -92.13 -15.91
C ALA M 1147 5.86 -90.79 -16.01
N ILE M 1148 4.58 -90.75 -15.64
CA ILE M 1148 3.75 -89.57 -15.84
C ILE M 1148 3.03 -89.27 -14.54
N CYS M 1149 3.28 -88.10 -13.97
CA CYS M 1149 2.68 -87.70 -12.72
C CYS M 1149 1.36 -86.99 -13.03
N GLU M 1150 0.74 -86.36 -12.03
CA GLU M 1150 -0.69 -86.09 -12.15
C GLU M 1150 -1.16 -84.94 -11.26
N VAL M 1151 -1.80 -83.94 -11.86
CA VAL M 1151 -2.40 -82.82 -11.14
C VAL M 1151 -3.85 -82.66 -11.58
N ILE M 1152 -4.78 -82.65 -10.63
CA ILE M 1152 -6.19 -82.48 -10.92
C ILE M 1152 -6.51 -80.99 -11.03
N LEU M 1153 -7.43 -80.63 -11.92
CA LEU M 1153 -7.62 -79.24 -12.32
C LEU M 1153 -9.05 -78.99 -12.80
N THR M 1154 -9.50 -77.71 -12.65
CA THR M 1154 -10.62 -77.03 -13.30
C THR M 1154 -10.76 -77.39 -14.77
N PRO M 1155 -11.98 -77.50 -15.31
CA PRO M 1155 -12.16 -77.42 -16.76
C PRO M 1155 -12.22 -76.00 -17.30
N VAL M 1156 -11.82 -75.01 -16.49
CA VAL M 1156 -12.00 -73.62 -16.85
C VAL M 1156 -10.67 -72.95 -17.23
N THR M 1157 -9.54 -73.51 -16.77
CA THR M 1157 -8.21 -72.88 -16.89
C THR M 1157 -7.83 -72.60 -18.33
N THR M 1158 -7.50 -71.33 -18.58
CA THR M 1158 -7.29 -70.83 -19.94
C THR M 1158 -6.07 -71.49 -20.58
N ASN M 1159 -6.25 -72.02 -21.78
CA ASN M 1159 -5.15 -72.62 -22.52
C ASN M 1159 -4.08 -71.60 -22.86
N ILE M 1160 -4.48 -70.53 -23.55
CA ILE M 1160 -3.55 -69.62 -24.20
C ILE M 1160 -2.76 -68.82 -23.17
N ASN M 1161 -3.32 -68.60 -21.99
CA ASN M 1161 -2.54 -67.99 -20.93
C ASN M 1161 -1.61 -68.99 -20.25
N PHE M 1162 -1.90 -70.29 -20.30
CA PHE M 1162 -1.18 -71.26 -19.48
C PHE M 1162 -0.44 -72.32 -20.30
N PHE M 1163 -1.13 -73.05 -21.17
CA PHE M 1163 -0.55 -74.28 -21.68
C PHE M 1163 0.32 -74.10 -22.91
N LYS M 1164 0.23 -72.98 -23.60
CA LYS M 1164 0.92 -72.83 -24.86
C LYS M 1164 2.33 -72.26 -24.71
N LEU M 1165 2.83 -72.18 -23.47
CA LEU M 1165 4.07 -71.51 -23.15
C LEU M 1165 4.83 -72.32 -22.10
N PRO M 1166 6.16 -72.20 -22.04
CA PRO M 1166 6.90 -72.78 -20.91
C PRO M 1166 6.51 -72.10 -19.61
N HIS M 1167 5.95 -72.89 -18.70
CA HIS M 1167 5.22 -72.34 -17.57
C HIS M 1167 5.14 -73.39 -16.48
N ASN M 1168 5.18 -72.93 -15.24
CA ASN M 1168 5.16 -73.84 -14.09
C ASN M 1168 3.79 -74.47 -13.94
N PRO M 1169 3.69 -75.79 -13.83
CA PRO M 1169 2.38 -76.41 -13.61
C PRO M 1169 1.87 -76.36 -12.17
N ARG M 1170 2.47 -75.53 -11.33
CA ARG M 1170 1.84 -75.15 -10.07
C ARG M 1170 0.68 -74.19 -10.31
N GLY M 1171 0.56 -73.64 -11.51
CA GLY M 1171 -0.44 -72.65 -11.79
C GLY M 1171 0.15 -71.28 -11.56
N ARG M 1172 0.41 -70.96 -10.31
CA ARG M 1172 1.19 -69.78 -9.99
C ARG M 1172 2.65 -70.11 -10.22
N GLU M 1173 3.37 -69.19 -10.86
CA GLU M 1173 4.75 -69.43 -11.20
C GLU M 1173 5.63 -69.24 -9.98
N SER M 1174 6.68 -70.05 -9.88
CA SER M 1174 7.48 -70.18 -8.67
C SER M 1174 8.96 -70.15 -8.99
N CYS M 1175 9.39 -69.13 -9.71
CA CYS M 1175 10.79 -68.95 -10.05
C CYS M 1175 11.42 -67.96 -9.09
N MET M 1176 12.51 -68.37 -8.42
CA MET M 1176 13.14 -67.56 -7.40
C MET M 1176 14.04 -66.47 -7.96
N MET M 1177 14.09 -66.31 -9.27
CA MET M 1177 14.87 -65.23 -9.87
C MET M 1177 14.10 -63.93 -9.94
N GLY M 1178 12.97 -63.82 -9.25
CA GLY M 1178 12.26 -62.57 -9.18
C GLY M 1178 12.02 -62.17 -7.75
N THR M 1179 12.45 -63.01 -6.83
CA THR M 1179 12.22 -62.80 -5.41
C THR M 1179 13.46 -62.16 -4.81
N ASP M 1180 13.24 -61.30 -3.81
CA ASP M 1180 14.27 -60.75 -2.95
C ASP M 1180 15.10 -61.88 -2.34
N PRO M 1181 16.40 -61.92 -2.59
CA PRO M 1181 17.25 -62.93 -1.95
C PRO M 1181 17.38 -62.68 -0.46
N HIS M 1182 17.50 -63.79 0.27
CA HIS M 1182 17.56 -63.83 1.74
C HIS M 1182 16.35 -63.16 2.38
N ASN M 1183 15.18 -63.37 1.78
CA ASN M 1183 13.94 -62.83 2.33
C ASN M 1183 12.91 -63.96 2.26
N GLU M 1184 12.89 -64.80 3.30
CA GLU M 1184 12.03 -65.98 3.29
C GLU M 1184 10.57 -65.59 3.45
N GLU M 1185 10.28 -64.48 4.13
CA GLU M 1185 8.91 -64.05 4.31
C GLU M 1185 8.28 -63.60 2.99
N ALA M 1186 8.97 -62.72 2.27
CA ALA M 1186 8.50 -62.33 0.94
C ALA M 1186 8.57 -63.49 -0.04
N ALA M 1187 9.46 -64.46 0.21
CA ALA M 1187 9.50 -65.67 -0.61
C ALA M 1187 8.23 -66.48 -0.44
N ARG M 1188 7.81 -66.75 0.81
CA ARG M 1188 6.59 -67.50 1.01
C ARG M 1188 5.35 -66.70 0.60
N LYS M 1189 5.43 -65.37 0.65
CA LYS M 1189 4.36 -64.57 0.07
C LYS M 1189 4.30 -64.73 -1.45
N ALA M 1190 5.45 -64.89 -2.10
CA ALA M 1190 5.42 -65.15 -3.54
C ALA M 1190 4.89 -66.54 -3.86
N LEU M 1191 5.18 -67.52 -2.99
CA LEU M 1191 4.69 -68.87 -3.26
C LEU M 1191 3.27 -69.11 -2.79
N TYR M 1192 2.70 -68.24 -1.96
CA TYR M 1192 1.38 -68.55 -1.42
C TYR M 1192 0.33 -67.45 -1.56
N ASP M 1193 0.76 -66.19 -1.56
CA ASP M 1193 -0.17 -65.08 -1.42
C ASP M 1193 -0.98 -64.90 -2.70
N HIS M 1194 -2.26 -64.58 -2.51
CA HIS M 1194 -3.12 -64.21 -3.63
C HIS M 1194 -3.91 -62.94 -3.33
N THR M 1195 -3.58 -62.23 -2.26
CA THR M 1195 -3.86 -60.81 -2.21
C THR M 1195 -3.06 -60.10 -3.29
N GLN M 1196 -1.78 -60.45 -3.39
CA GLN M 1196 -0.97 -60.04 -4.52
C GLN M 1196 -1.40 -60.79 -5.77
N THR M 1197 -0.98 -60.27 -6.91
CA THR M 1197 -1.16 -60.97 -8.17
C THR M 1197 0.14 -61.62 -8.59
N ASP M 1198 0.00 -62.63 -9.43
CA ASP M 1198 1.12 -63.14 -10.18
C ASP M 1198 1.44 -62.16 -11.30
N SER M 1199 2.63 -62.29 -11.89
CA SER M 1199 2.90 -61.59 -13.12
C SER M 1199 2.21 -62.32 -14.28
N ASP M 1200 2.31 -61.70 -15.46
CA ASP M 1200 1.90 -62.20 -16.77
C ASP M 1200 0.39 -62.24 -17.00
N THR M 1201 -0.43 -62.01 -15.96
CA THR M 1201 -1.88 -61.96 -16.11
C THR M 1201 -2.39 -61.16 -14.91
N PHE M 1202 -3.66 -60.71 -14.97
CA PHE M 1202 -4.39 -60.30 -13.79
C PHE M 1202 -4.98 -61.50 -13.08
N ALA M 1203 -4.18 -62.52 -12.82
CA ALA M 1203 -4.69 -63.76 -12.28
C ALA M 1203 -3.58 -64.33 -11.43
N ALA M 1204 -3.75 -64.27 -10.11
CA ALA M 1204 -2.75 -64.79 -9.21
C ALA M 1204 -2.67 -66.31 -9.24
N THR M 1205 -3.60 -66.98 -9.91
CA THR M 1205 -3.62 -68.42 -9.97
C THR M 1205 -4.24 -68.84 -11.29
N THR M 1206 -3.82 -69.98 -11.81
CA THR M 1206 -4.64 -70.68 -12.78
C THR M 1206 -5.05 -72.06 -12.31
N ASN M 1207 -4.32 -72.64 -11.35
CA ASN M 1207 -4.60 -73.95 -10.80
C ASN M 1207 -4.74 -73.76 -9.29
N PRO M 1208 -5.93 -73.37 -8.81
CA PRO M 1208 -6.09 -73.15 -7.37
C PRO M 1208 -6.08 -74.42 -6.53
N TRP M 1209 -5.97 -75.59 -7.14
CA TRP M 1209 -5.71 -76.79 -6.39
C TRP M 1209 -4.27 -77.24 -6.50
N ALA M 1210 -3.41 -76.41 -7.06
CA ALA M 1210 -1.98 -76.66 -7.06
C ALA M 1210 -1.18 -75.54 -6.44
N SER M 1211 -1.72 -74.32 -6.43
CA SER M 1211 -0.94 -73.21 -5.90
C SER M 1211 -1.05 -73.10 -4.39
N LEU M 1212 -2.21 -73.37 -3.85
CA LEU M 1212 -2.56 -73.00 -2.49
C LEU M 1212 -1.93 -73.91 -1.46
N PRO M 1213 -1.72 -73.41 -0.22
CA PRO M 1213 -1.27 -74.29 0.85
C PRO M 1213 -2.35 -75.27 1.25
N GLY M 1214 -1.94 -76.53 1.41
CA GLY M 1214 -2.90 -77.54 1.76
C GLY M 1214 -3.81 -77.94 0.64
N SER M 1215 -3.54 -77.51 -0.58
CA SER M 1215 -4.23 -78.03 -1.75
C SER M 1215 -3.73 -79.43 -2.07
N LEU M 1216 -4.24 -80.02 -3.16
CA LEU M 1216 -3.85 -81.41 -3.45
C LEU M 1216 -2.38 -81.53 -3.86
N GLY M 1217 -1.82 -80.49 -4.47
CA GLY M 1217 -0.40 -80.51 -4.78
C GLY M 1217 0.47 -80.44 -3.55
N ASP M 1218 0.08 -79.60 -2.59
CA ASP M 1218 0.86 -79.50 -1.35
C ASP M 1218 0.69 -80.75 -0.48
N ILE M 1219 -0.53 -81.30 -0.41
CA ILE M 1219 -0.71 -82.48 0.43
C ILE M 1219 -0.31 -83.76 -0.28
N LEU M 1220 0.06 -83.68 -1.55
CA LEU M 1220 0.31 -84.87 -2.32
C LEU M 1220 1.73 -85.00 -2.82
N TYR M 1221 2.41 -83.90 -3.14
CA TYR M 1221 3.72 -83.95 -3.78
C TYR M 1221 4.82 -83.27 -3.01
N ASN M 1222 4.49 -82.39 -2.07
CA ASN M 1222 5.49 -81.81 -1.20
C ASN M 1222 6.04 -82.88 -0.28
N THR M 1223 7.36 -82.97 -0.19
CA THR M 1223 7.97 -84.03 0.60
C THR M 1223 7.79 -83.85 2.10
N ALA M 1224 7.45 -82.64 2.55
CA ALA M 1224 7.15 -82.42 3.95
C ALA M 1224 5.91 -83.19 4.40
N HIS M 1225 4.99 -83.46 3.49
CA HIS M 1225 3.85 -84.31 3.81
C HIS M 1225 3.96 -85.70 3.22
N ARG M 1226 4.81 -85.87 2.19
CA ARG M 1226 5.14 -87.20 1.72
C ARG M 1226 5.82 -88.01 2.81
N GLU M 1227 6.70 -87.39 3.60
CA GLU M 1227 7.33 -88.11 4.70
C GLU M 1227 6.37 -88.44 5.84
N GLN M 1228 5.23 -87.76 5.93
CA GLN M 1228 4.22 -88.14 6.90
C GLN M 1228 3.38 -89.30 6.41
N LEU M 1229 2.96 -89.25 5.15
CA LEU M 1229 2.05 -90.26 4.58
C LEU M 1229 2.86 -91.19 3.68
N CYS M 1230 3.10 -92.41 4.15
CA CYS M 1230 4.17 -93.28 3.69
C CYS M 1230 4.00 -93.68 2.24
N TYR M 1231 5.10 -94.20 1.66
CA TYR M 1231 5.30 -94.18 0.23
C TYR M 1231 6.55 -94.97 -0.11
N ASN M 1232 6.58 -95.48 -1.34
CA ASN M 1232 7.81 -96.08 -1.85
C ASN M 1232 8.78 -94.97 -2.20
N PRO M 1233 9.92 -94.85 -1.52
CA PRO M 1233 10.87 -93.79 -1.86
C PRO M 1233 11.59 -94.01 -3.18
N LYS M 1234 11.52 -95.22 -3.75
CA LYS M 1234 12.06 -95.44 -5.08
C LYS M 1234 11.10 -95.03 -6.18
N THR M 1235 9.89 -94.60 -5.84
CA THR M 1235 8.96 -94.09 -6.83
C THR M 1235 9.37 -92.69 -7.26
N TYR M 1236 9.74 -92.53 -8.51
CA TYR M 1236 10.17 -91.24 -9.03
C TYR M 1236 8.94 -90.47 -9.51
N SER M 1237 8.75 -89.28 -8.97
CA SER M 1237 7.66 -88.40 -9.38
C SER M 1237 8.26 -87.10 -9.89
N PRO M 1238 8.02 -86.71 -11.13
CA PRO M 1238 8.60 -85.48 -11.68
C PRO M 1238 7.92 -84.20 -11.23
N ASN M 1239 7.12 -84.23 -10.17
CA ASN M 1239 6.47 -83.03 -9.69
C ASN M 1239 6.96 -82.63 -8.31
N ALA M 1240 7.74 -83.50 -7.65
CA ALA M 1240 8.43 -83.09 -6.44
C ALA M 1240 9.40 -81.96 -6.74
N GLN M 1241 10.01 -81.96 -7.93
CA GLN M 1241 10.93 -80.90 -8.33
C GLN M 1241 10.27 -79.55 -8.50
N PHE M 1242 8.94 -79.51 -8.55
CA PHE M 1242 8.18 -78.28 -8.63
C PHE M 1242 7.47 -77.92 -7.34
N PHE M 1243 7.13 -78.90 -6.51
CA PHE M 1243 6.33 -78.62 -5.33
C PHE M 1243 7.08 -78.68 -4.01
N THR M 1244 8.30 -79.22 -3.97
CA THR M 1244 9.08 -79.18 -2.72
C THR M 1244 9.53 -77.76 -2.44
N GLU M 1245 8.97 -77.17 -1.40
CA GLU M 1245 9.22 -75.77 -1.12
C GLU M 1245 10.39 -75.56 -0.18
N SER M 1246 10.68 -76.55 0.66
CA SER M 1246 11.93 -76.53 1.41
C SER M 1246 13.14 -76.60 0.49
N ASP M 1247 12.98 -77.19 -0.69
CA ASP M 1247 14.03 -77.23 -1.70
C ASP M 1247 13.89 -76.10 -2.71
N ILE M 1248 13.12 -75.06 -2.41
CA ILE M 1248 13.13 -73.85 -3.21
C ILE M 1248 13.35 -72.59 -2.39
N LEU M 1249 13.08 -72.60 -1.08
CA LEU M 1249 13.54 -71.50 -0.24
C LEU M 1249 15.04 -71.51 -0.08
N LYS M 1250 15.70 -72.65 -0.29
CA LYS M 1250 17.15 -72.69 -0.38
C LYS M 1250 17.65 -72.24 -1.75
N THR M 1251 16.77 -72.10 -2.75
CA THR M 1251 17.13 -71.46 -3.99
C THR M 1251 17.01 -69.95 -3.89
N ASN M 1252 16.18 -69.47 -2.96
CA ASN M 1252 16.15 -68.02 -2.66
C ASN M 1252 17.45 -67.60 -1.98
N LYS M 1253 18.49 -67.40 -2.79
CA LYS M 1253 19.81 -66.97 -2.33
C LYS M 1253 20.40 -66.03 -3.38
N MET M 1254 21.68 -65.70 -3.22
CA MET M 1254 22.41 -64.93 -4.23
C MET M 1254 22.53 -65.74 -5.50
N MET M 1255 22.67 -65.04 -6.63
CA MET M 1255 22.53 -65.69 -7.92
C MET M 1255 23.74 -66.56 -8.26
N TYR M 1256 24.94 -66.11 -7.88
CA TYR M 1256 26.11 -66.94 -8.06
C TYR M 1256 26.07 -68.17 -7.17
N LYS M 1257 25.51 -68.05 -5.98
CA LYS M 1257 25.31 -69.22 -5.14
C LYS M 1257 24.29 -70.16 -5.73
N VAL M 1258 23.29 -69.63 -6.41
CA VAL M 1258 22.30 -70.47 -7.11
C VAL M 1258 22.98 -71.27 -8.21
N ILE M 1259 23.76 -70.62 -9.06
CA ILE M 1259 24.36 -71.38 -10.14
C ILE M 1259 25.53 -72.26 -9.69
N ASN M 1260 26.21 -71.91 -8.59
CA ASN M 1260 27.22 -72.82 -8.07
C ASN M 1260 26.60 -74.04 -7.42
N GLU M 1261 25.48 -73.86 -6.71
CA GLU M 1261 24.73 -75.00 -6.20
C GLU M 1261 24.17 -75.85 -7.33
N TYR M 1262 23.78 -75.22 -8.44
CA TYR M 1262 23.30 -75.96 -9.60
C TYR M 1262 24.40 -76.81 -10.23
N CYS M 1263 25.54 -76.21 -10.53
CA CYS M 1263 26.61 -76.98 -11.16
C CYS M 1263 27.29 -77.93 -10.19
N MET M 1264 27.10 -77.74 -8.88
CA MET M 1264 27.53 -78.76 -7.93
C MET M 1264 26.52 -79.88 -7.82
N LYS M 1265 25.24 -79.59 -8.07
CA LYS M 1265 24.21 -80.63 -8.13
C LYS M 1265 24.25 -81.27 -9.52
N SER M 1266 25.29 -82.06 -9.72
CA SER M 1266 25.42 -82.92 -10.87
C SER M 1266 26.06 -84.25 -10.47
N ASN M 1267 25.78 -84.70 -9.25
CA ASN M 1267 26.18 -86.03 -8.83
C ASN M 1267 25.45 -87.10 -9.66
N SER M 1268 24.24 -86.79 -10.13
CA SER M 1268 23.42 -87.62 -11.00
C SER M 1268 23.12 -88.97 -10.35
N CYS M 1269 22.38 -88.89 -9.25
CA CYS M 1269 21.88 -90.10 -8.60
C CYS M 1269 20.88 -90.82 -9.48
N LEU M 1270 20.19 -90.10 -10.35
CA LEU M 1270 19.07 -90.63 -11.13
C LEU M 1270 19.60 -91.53 -12.24
N ASN M 1271 19.20 -92.81 -12.19
CA ASN M 1271 19.60 -93.75 -13.21
C ASN M 1271 18.73 -93.62 -14.46
N SER M 1272 19.15 -94.31 -15.49
CA SER M 1272 18.35 -94.47 -16.68
C SER M 1272 18.42 -95.91 -17.14
N ASP M 1273 18.27 -96.82 -16.18
CA ASP M 1273 18.20 -98.24 -16.39
C ASP M 1273 16.90 -98.75 -15.77
N SER M 1274 16.58 -100.02 -16.06
CA SER M 1274 15.48 -100.78 -15.44
C SER M 1274 14.11 -100.17 -15.71
N GLU M 1275 13.77 -100.11 -17.01
CA GLU M 1275 12.42 -100.13 -17.61
C GLU M 1275 11.44 -99.04 -17.20
N ILE M 1276 11.80 -98.21 -16.22
CA ILE M 1276 10.88 -97.21 -15.69
C ILE M 1276 11.75 -96.23 -14.92
N GLN M 1277 11.25 -95.03 -14.74
CA GLN M 1277 11.98 -94.04 -13.95
C GLN M 1277 11.80 -94.40 -12.48
N TYR M 1278 12.83 -94.94 -11.86
CA TYR M 1278 12.92 -94.96 -10.42
C TYR M 1278 13.82 -93.82 -9.98
N SER M 1279 13.97 -93.68 -8.67
CA SER M 1279 14.82 -92.63 -8.09
C SER M 1279 15.75 -93.26 -7.07
N CYS M 1280 16.87 -93.79 -7.53
CA CYS M 1280 17.90 -94.21 -6.61
C CYS M 1280 18.80 -93.02 -6.28
N SER M 1281 19.43 -93.07 -5.10
CA SER M 1281 20.00 -91.88 -4.48
C SER M 1281 21.41 -92.11 -4.00
N GLU M 1282 22.26 -92.74 -4.80
CA GLU M 1282 23.64 -92.98 -4.39
C GLU M 1282 24.67 -92.14 -5.13
N GLY M 1283 24.37 -91.69 -6.35
CA GLY M 1283 25.31 -90.86 -7.09
C GLY M 1283 26.50 -91.59 -7.69
N THR M 1284 26.24 -92.70 -8.38
CA THR M 1284 27.29 -93.44 -9.06
C THR M 1284 27.58 -92.90 -10.45
N ASP M 1285 26.53 -92.53 -11.18
CA ASP M 1285 26.62 -92.02 -12.54
C ASP M 1285 27.41 -90.70 -12.55
N SER M 1286 27.97 -90.39 -13.72
CA SER M 1286 28.79 -89.20 -13.86
C SER M 1286 28.00 -87.91 -13.70
N PHE M 1287 27.13 -87.57 -14.65
CA PHE M 1287 26.61 -86.22 -14.69
C PHE M 1287 25.23 -86.17 -15.34
N VAL M 1288 24.36 -85.35 -14.77
CA VAL M 1288 23.07 -85.00 -15.33
C VAL M 1288 22.97 -83.49 -15.23
N SER M 1289 22.11 -82.90 -16.04
CA SER M 1289 21.82 -81.47 -15.95
C SER M 1289 20.35 -81.27 -16.18
N ARG M 1290 19.70 -80.53 -15.29
CA ARG M 1290 18.25 -80.39 -15.26
C ARG M 1290 17.87 -78.93 -15.40
N PRO M 1291 17.70 -78.44 -16.63
CA PRO M 1291 17.33 -77.03 -16.81
C PRO M 1291 15.91 -76.73 -16.39
N CYS M 1292 15.02 -77.72 -16.46
CA CYS M 1292 13.68 -77.54 -15.93
C CYS M 1292 13.72 -77.36 -14.43
N GLN M 1293 14.62 -78.08 -13.74
CA GLN M 1293 14.86 -77.84 -12.32
C GLN M 1293 15.38 -76.42 -12.09
N PHE M 1294 16.30 -75.97 -12.94
CA PHE M 1294 16.91 -74.66 -12.71
C PHE M 1294 15.93 -73.52 -12.96
N LEU M 1295 15.08 -73.64 -13.98
CA LEU M 1295 14.16 -72.56 -14.31
C LEU M 1295 12.81 -72.71 -13.65
N GLN M 1296 12.55 -73.83 -12.96
CA GLN M 1296 11.33 -74.09 -12.20
C GLN M 1296 10.08 -74.03 -13.06
N ASN M 1297 10.19 -74.39 -14.33
CA ASN M 1297 9.03 -74.63 -15.17
C ASN M 1297 9.32 -75.78 -16.12
N ALA M 1298 8.26 -76.36 -16.64
CA ALA M 1298 8.35 -77.44 -17.59
C ALA M 1298 8.03 -76.90 -18.98
N LEU M 1299 7.97 -77.80 -19.95
CA LEU M 1299 7.81 -77.35 -21.32
C LEU M 1299 6.53 -77.89 -21.94
N PRO M 1300 5.93 -77.16 -22.87
CA PRO M 1300 4.77 -77.69 -23.60
C PRO M 1300 5.22 -78.50 -24.80
N LEU M 1301 4.49 -79.58 -25.08
CA LEU M 1301 4.83 -80.46 -26.18
C LEU M 1301 3.62 -80.64 -27.08
N HIS M 1302 3.87 -81.24 -28.24
CA HIS M 1302 2.91 -81.27 -29.32
C HIS M 1302 1.77 -82.26 -29.06
N CYS M 1303 0.75 -81.81 -28.35
CA CYS M 1303 -0.44 -82.59 -28.10
C CYS M 1303 -1.62 -81.93 -28.78
N SER M 1304 -2.74 -82.65 -28.84
CA SER M 1304 -3.92 -82.15 -29.52
C SER M 1304 -5.14 -82.80 -28.90
N SER M 1305 -6.31 -82.34 -29.32
CA SER M 1305 -7.54 -82.89 -28.78
C SER M 1305 -8.02 -84.12 -29.53
N ASN M 1306 -7.85 -84.15 -30.86
CA ASN M 1306 -8.17 -85.36 -31.60
C ASN M 1306 -7.30 -85.51 -32.85
N GLN M 1307 -7.53 -86.64 -33.52
CA GLN M 1307 -6.79 -86.99 -34.73
C GLN M 1307 -7.06 -86.01 -35.85
N ALA M 1308 -8.20 -85.34 -35.81
CA ALA M 1308 -8.51 -84.32 -36.81
C ALA M 1308 -7.48 -83.20 -36.81
N LEU M 1309 -7.16 -82.68 -35.63
CA LEU M 1309 -6.14 -81.65 -35.58
C LEU M 1309 -4.76 -82.26 -35.79
N LEU M 1310 -4.56 -83.49 -35.31
CA LEU M 1310 -3.23 -84.09 -35.37
C LEU M 1310 -2.82 -84.44 -36.80
N GLU M 1311 -3.77 -84.77 -37.68
CA GLU M 1311 -3.42 -85.10 -39.06
C GLU M 1311 -3.00 -83.86 -39.84
N SER M 1312 -3.67 -82.73 -39.64
CA SER M 1312 -3.26 -81.51 -40.32
C SER M 1312 -1.93 -81.00 -39.80
N ARG M 1313 -1.67 -81.21 -38.49
CA ARG M 1313 -0.34 -80.93 -37.98
C ARG M 1313 0.71 -81.81 -38.63
N SER M 1314 0.41 -83.10 -38.83
CA SER M 1314 1.37 -83.97 -39.51
C SER M 1314 1.52 -83.61 -40.98
N LYS M 1315 0.49 -83.04 -41.60
CA LYS M 1315 0.60 -82.57 -42.97
C LYS M 1315 1.57 -81.41 -43.07
N THR M 1316 1.22 -80.29 -42.43
CA THR M 1316 2.01 -79.09 -42.68
C THR M 1316 3.30 -79.05 -41.89
N GLY M 1317 3.49 -79.96 -40.93
CA GLY M 1317 4.68 -79.93 -40.11
C GLY M 1317 4.71 -78.82 -39.08
N ASN M 1318 3.67 -78.00 -39.00
CA ASN M 1318 3.66 -76.81 -38.16
C ASN M 1318 3.43 -77.26 -36.72
N THR M 1319 4.51 -77.71 -36.09
CA THR M 1319 4.44 -78.11 -34.69
C THR M 1319 4.73 -76.96 -33.74
N GLN M 1320 5.13 -75.80 -34.25
CA GLN M 1320 5.42 -74.66 -33.40
C GLN M 1320 4.17 -73.84 -33.11
N ILE M 1321 3.38 -73.56 -34.13
CA ILE M 1321 2.23 -72.69 -33.97
C ILE M 1321 1.07 -73.46 -33.37
N SER M 1322 0.50 -72.93 -32.31
CA SER M 1322 -0.63 -73.53 -31.63
C SER M 1322 -1.95 -72.96 -32.13
N GLU M 1323 -2.92 -73.82 -32.39
CA GLU M 1323 -4.14 -73.48 -33.09
C GLU M 1323 -5.32 -74.13 -32.40
N THR M 1324 -6.50 -73.50 -32.49
CA THR M 1324 -7.69 -73.98 -31.82
C THR M 1324 -8.85 -74.11 -32.79
N HIS M 1325 -9.62 -75.18 -32.61
CA HIS M 1325 -10.93 -75.36 -33.19
C HIS M 1325 -11.94 -74.82 -32.16
N TYR M 1326 -13.23 -75.13 -32.31
CA TYR M 1326 -14.31 -74.63 -31.44
C TYR M 1326 -14.10 -74.95 -29.98
N CYS M 1327 -14.14 -76.23 -29.63
CA CYS M 1327 -13.76 -76.67 -28.30
C CYS M 1327 -12.57 -77.60 -28.32
N ASN M 1328 -12.09 -77.99 -29.49
CA ASN M 1328 -10.88 -78.78 -29.61
C ASN M 1328 -9.68 -77.87 -29.78
N TYR M 1329 -8.59 -78.21 -29.10
CA TYR M 1329 -7.41 -77.37 -29.08
C TYR M 1329 -6.21 -78.24 -29.42
N ALA M 1330 -5.14 -77.59 -29.89
CA ALA M 1330 -3.90 -78.29 -30.13
C ALA M 1330 -2.75 -77.40 -29.72
N ILE M 1331 -1.83 -77.94 -28.92
CA ILE M 1331 -0.77 -77.17 -28.28
C ILE M 1331 0.50 -77.30 -29.10
N GLY M 1332 1.10 -76.16 -29.43
CA GLY M 1332 2.30 -76.18 -30.24
C GLY M 1332 3.52 -76.58 -29.43
N GLU M 1333 4.43 -77.29 -30.10
CA GLU M 1333 5.64 -77.78 -29.45
C GLU M 1333 6.68 -76.68 -29.43
N THR M 1334 7.42 -76.60 -28.32
CA THR M 1334 8.38 -75.52 -28.16
C THR M 1334 9.81 -75.92 -28.51
N ILE M 1335 10.11 -77.22 -28.56
CA ILE M 1335 11.41 -77.69 -29.03
C ILE M 1335 11.15 -78.75 -30.10
N PRO M 1336 11.52 -78.51 -31.35
CA PRO M 1336 11.22 -79.48 -32.43
C PRO M 1336 12.19 -80.65 -32.43
N LEU M 1337 12.11 -81.47 -31.37
CA LEU M 1337 13.11 -82.51 -31.15
C LEU M 1337 13.02 -83.62 -32.19
N GLN M 1338 11.84 -83.83 -32.78
CA GLN M 1338 11.74 -84.75 -33.89
C GLN M 1338 12.58 -84.30 -35.08
N LEU M 1339 12.53 -83.00 -35.39
CA LEU M 1339 13.37 -82.46 -36.46
C LEU M 1339 14.84 -82.47 -36.07
N ILE M 1340 15.12 -82.34 -34.77
CA ILE M 1340 16.49 -82.45 -34.28
C ILE M 1340 17.07 -83.84 -34.55
N ILE M 1341 16.29 -84.87 -34.21
CA ILE M 1341 16.74 -86.24 -34.44
C ILE M 1341 16.79 -86.56 -35.92
N GLU M 1342 15.89 -85.97 -36.72
CA GLU M 1342 16.00 -86.16 -38.17
C GLU M 1342 17.24 -85.47 -38.74
N SER M 1343 17.66 -84.36 -38.14
CA SER M 1343 18.86 -83.69 -38.63
C SER M 1343 20.14 -84.43 -38.21
N SER M 1344 20.11 -85.17 -37.10
CA SER M 1344 21.20 -86.13 -36.89
C SER M 1344 20.69 -87.56 -36.77
N MET N 1 31.86 -131.96 -105.10
CA MET N 1 31.25 -130.89 -105.88
C MET N 1 31.74 -130.93 -107.32
N GLU N 2 30.83 -130.77 -108.26
CA GLU N 2 31.21 -130.80 -109.67
C GLU N 2 32.15 -129.63 -109.96
N ASN N 3 33.19 -129.90 -110.74
CA ASN N 3 34.17 -128.88 -111.09
C ASN N 3 34.40 -128.91 -112.60
N TRP N 4 33.43 -128.40 -113.35
CA TRP N 4 33.55 -128.39 -114.80
C TRP N 4 34.36 -127.22 -115.35
N GLN N 5 34.46 -126.14 -114.59
CA GLN N 5 35.25 -125.02 -115.08
C GLN N 5 36.72 -125.15 -114.71
N ALA N 6 37.05 -125.97 -113.71
CA ALA N 6 38.45 -126.27 -113.46
C ALA N 6 39.06 -127.06 -114.62
N THR N 7 38.30 -128.00 -115.17
CA THR N 7 38.71 -128.68 -116.39
C THR N 7 38.79 -127.72 -117.55
N GLU N 8 37.80 -126.86 -117.69
CA GLU N 8 37.75 -125.98 -118.85
C GLU N 8 38.70 -124.79 -118.78
N ILE N 9 39.33 -124.52 -117.64
CA ILE N 9 40.22 -123.37 -117.48
C ILE N 9 41.64 -123.79 -117.17
N LEU N 10 41.83 -124.66 -116.17
CA LEU N 10 43.14 -124.96 -115.62
C LEU N 10 44.03 -125.68 -116.64
N PRO N 11 45.36 -125.56 -116.53
CA PRO N 11 46.24 -126.12 -117.56
C PRO N 11 46.25 -127.64 -117.54
N LYS N 12 46.27 -128.22 -118.72
CA LYS N 12 46.05 -129.64 -118.92
C LYS N 12 47.31 -130.28 -119.47
N ILE N 13 47.27 -131.60 -119.62
CA ILE N 13 48.39 -132.40 -120.07
C ILE N 13 47.98 -133.10 -121.35
N GLU N 14 48.71 -132.84 -122.44
CA GLU N 14 48.37 -133.46 -123.70
C GLU N 14 48.77 -134.92 -123.71
N ALA N 15 47.84 -135.78 -124.08
CA ALA N 15 48.09 -137.21 -124.11
C ALA N 15 48.11 -137.69 -125.54
N PRO N 16 49.20 -138.30 -126.02
CA PRO N 16 49.20 -138.85 -127.37
C PRO N 16 48.47 -140.17 -127.49
N LEU N 17 48.59 -140.80 -128.67
CA LEU N 17 48.09 -142.12 -129.05
C LEU N 17 46.58 -142.19 -129.25
N ASN N 18 45.86 -141.12 -128.88
CA ASN N 18 44.45 -140.90 -129.20
C ASN N 18 43.55 -142.05 -128.74
N ILE N 19 43.72 -142.37 -127.46
CA ILE N 19 43.04 -143.46 -126.74
C ILE N 19 41.54 -143.23 -126.67
N PHE N 20 41.12 -141.97 -126.71
CA PHE N 20 39.71 -141.62 -126.64
C PHE N 20 38.95 -142.23 -127.83
N ASN N 21 39.55 -142.22 -129.01
CA ASN N 21 38.97 -142.82 -130.20
C ASN N 21 37.59 -142.25 -130.48
N ASP N 22 36.61 -143.13 -130.60
CA ASP N 22 35.26 -142.67 -130.88
C ASP N 22 34.50 -142.26 -129.63
N ILE N 23 34.50 -140.95 -129.39
CA ILE N 23 33.78 -140.33 -128.29
C ILE N 23 32.38 -139.88 -128.69
N LYS N 24 32.10 -139.75 -129.99
CA LYS N 24 30.73 -139.49 -130.42
C LYS N 24 29.81 -140.64 -130.05
N THR N 25 30.20 -141.87 -130.43
CA THR N 25 29.41 -143.04 -130.06
C THR N 25 29.47 -143.31 -128.57
N TYR N 26 30.59 -142.97 -127.92
CA TYR N 26 30.69 -143.18 -126.48
C TYR N 26 29.75 -142.25 -125.72
N THR N 27 29.71 -140.97 -126.09
CA THR N 27 28.81 -140.02 -125.46
C THR N 27 27.36 -140.35 -125.77
N ALA N 28 27.09 -140.80 -127.00
CA ALA N 28 25.71 -141.11 -127.36
C ALA N 28 25.21 -142.36 -126.64
N GLU N 29 26.02 -143.39 -126.56
CA GLU N 29 25.59 -144.65 -125.96
C GLU N 29 25.96 -144.76 -124.48
N GLN N 30 26.44 -143.67 -123.87
CA GLN N 30 26.54 -143.51 -122.43
C GLN N 30 27.49 -144.53 -121.79
N LEU N 31 28.75 -144.45 -122.19
CA LEU N 31 29.76 -145.28 -121.55
C LEU N 31 30.12 -144.73 -120.18
N PHE N 32 29.96 -143.43 -119.97
CA PHE N 32 30.44 -142.76 -118.77
C PHE N 32 29.30 -142.43 -117.83
N ASP N 33 29.57 -142.51 -116.53
CA ASP N 33 28.60 -142.07 -115.54
C ASP N 33 28.60 -140.56 -115.44
N ASN N 34 29.78 -139.95 -115.39
CA ASN N 34 29.93 -138.52 -115.14
C ASN N 34 30.53 -137.85 -116.36
N LEU N 35 29.68 -137.26 -117.20
CA LEU N 35 30.17 -136.45 -118.30
C LEU N 35 29.31 -135.20 -118.42
N ARG N 36 29.85 -134.22 -119.12
CA ARG N 36 29.12 -133.03 -119.50
C ARG N 36 29.72 -132.55 -120.82
N ILE N 37 28.87 -132.42 -121.85
CA ILE N 37 29.32 -131.89 -123.13
C ILE N 37 28.43 -130.72 -123.52
N TYR N 38 29.02 -129.71 -124.13
CA TYR N 38 28.30 -128.59 -124.68
C TYR N 38 28.52 -128.56 -126.18
N PHE N 39 27.48 -128.22 -126.94
CA PHE N 39 27.60 -128.25 -128.39
C PHE N 39 28.26 -126.98 -128.93
N GLY N 40 27.57 -125.85 -128.79
CA GLY N 40 28.15 -124.58 -129.14
C GLY N 40 28.79 -123.98 -127.91
N ASP N 41 29.65 -122.99 -128.13
CA ASP N 41 30.54 -122.51 -127.08
C ASP N 41 29.78 -121.87 -125.93
N ASP N 42 30.03 -122.37 -124.73
CA ASP N 42 29.28 -122.03 -123.54
C ASP N 42 30.11 -121.09 -122.68
N PRO N 43 29.63 -119.89 -122.36
CA PRO N 43 30.37 -119.01 -121.46
C PRO N 43 30.25 -119.36 -119.99
N SER N 44 29.67 -120.52 -119.65
CA SER N 44 29.47 -120.91 -118.26
C SER N 44 30.76 -121.18 -117.50
N ARG N 45 31.91 -121.22 -118.18
CA ARG N 45 33.20 -121.25 -117.52
C ARG N 45 33.69 -119.88 -117.11
N TYR N 46 32.82 -118.86 -117.10
CA TYR N 46 33.27 -117.52 -116.76
C TYR N 46 32.75 -117.00 -115.43
N ASN N 47 31.62 -117.51 -114.92
CA ASN N 47 31.12 -117.09 -113.61
C ASN N 47 31.92 -117.78 -112.50
N ILE N 48 33.15 -117.32 -112.35
CA ILE N 48 34.04 -117.85 -111.31
C ILE N 48 33.53 -117.27 -109.99
N SER N 49 32.67 -118.01 -109.32
CA SER N 49 31.99 -117.53 -108.13
C SER N 49 32.58 -118.22 -106.91
N PHE N 50 33.36 -117.49 -106.15
CA PHE N 50 33.96 -118.05 -104.95
C PHE N 50 33.13 -117.71 -103.73
N GLU N 51 33.14 -118.63 -102.76
CA GLU N 51 32.77 -118.34 -101.39
C GLU N 51 34.05 -118.03 -100.64
N ALA N 52 34.13 -116.85 -100.04
CA ALA N 52 35.32 -116.46 -99.33
C ALA N 52 35.10 -116.57 -97.84
N LEU N 53 36.04 -117.22 -97.15
CA LEU N 53 36.08 -117.14 -95.70
C LEU N 53 37.26 -116.25 -95.34
N LEU N 54 36.98 -115.29 -94.48
CA LEU N 54 37.96 -114.31 -94.04
C LEU N 54 38.78 -114.92 -92.91
N GLY N 55 39.42 -114.08 -92.10
CA GLY N 55 40.24 -114.59 -91.02
C GLY N 55 39.42 -115.18 -89.89
N ILE N 56 39.87 -116.33 -89.38
CA ILE N 56 39.24 -116.95 -88.23
C ILE N 56 39.70 -116.25 -86.97
N TYR N 57 38.75 -115.76 -86.18
CA TYR N 57 39.08 -115.07 -84.94
C TYR N 57 38.62 -115.88 -83.74
N CYS N 58 39.36 -115.74 -82.64
CA CYS N 58 39.05 -116.42 -81.40
C CYS N 58 39.13 -115.45 -80.24
N ASN N 59 38.29 -115.65 -79.24
CA ASN N 59 38.30 -114.80 -78.06
C ASN N 59 39.49 -115.18 -77.19
N LYS N 60 40.09 -114.16 -76.58
CA LYS N 60 41.20 -114.36 -75.66
C LYS N 60 40.64 -114.19 -74.25
N ILE N 61 40.59 -115.28 -73.49
CA ILE N 61 40.22 -115.20 -72.08
C ILE N 61 41.34 -114.52 -71.32
N GLU N 62 41.01 -113.42 -70.63
CA GLU N 62 42.04 -112.69 -69.90
C GLU N 62 42.47 -113.47 -68.67
N TRP N 63 43.78 -113.51 -68.44
CA TRP N 63 44.35 -114.43 -67.48
C TRP N 63 44.42 -113.77 -66.11
N ILE N 64 43.85 -114.43 -65.12
CA ILE N 64 43.59 -113.84 -63.82
C ILE N 64 44.57 -114.41 -62.82
N ASN N 65 45.45 -113.57 -62.31
CA ASN N 65 46.20 -113.89 -61.12
C ASN N 65 45.42 -113.40 -59.92
N PHE N 66 45.62 -114.07 -58.79
CA PHE N 66 44.92 -113.67 -57.57
C PHE N 66 45.44 -112.34 -57.06
N PHE N 67 46.75 -112.14 -57.11
CA PHE N 67 47.35 -110.95 -56.55
C PHE N 67 47.21 -109.72 -57.44
N THR N 68 46.75 -109.89 -58.68
CA THR N 68 46.44 -108.74 -59.50
C THR N 68 45.12 -108.10 -59.07
N THR N 69 44.13 -108.92 -58.75
CA THR N 69 42.81 -108.44 -58.35
C THR N 69 42.88 -107.80 -56.96
N PRO N 70 42.06 -106.77 -56.70
CA PRO N 70 42.12 -106.08 -55.41
C PRO N 70 41.35 -106.74 -54.28
N ILE N 71 40.88 -107.97 -54.46
CA ILE N 71 40.41 -108.74 -53.31
C ILE N 71 41.60 -109.24 -52.49
N ALA N 72 42.78 -109.30 -53.09
CA ALA N 72 43.95 -109.80 -52.41
C ALA N 72 44.50 -108.83 -51.36
N VAL N 73 44.02 -107.59 -51.30
CA VAL N 73 44.40 -106.74 -50.18
C VAL N 73 43.57 -107.08 -48.95
N ALA N 74 42.35 -107.55 -49.14
CA ALA N 74 41.64 -108.17 -48.03
C ALA N 74 42.22 -109.54 -47.71
N ALA N 75 42.89 -110.17 -48.67
CA ALA N 75 43.50 -111.46 -48.41
C ALA N 75 44.93 -111.32 -47.87
N ASN N 76 45.46 -112.44 -47.38
CA ASN N 76 46.88 -112.57 -47.04
C ASN N 76 47.22 -114.05 -47.12
N VAL N 77 47.81 -114.48 -48.23
CA VAL N 77 47.71 -115.88 -48.65
C VAL N 77 49.05 -116.57 -48.57
N ILE N 78 49.06 -117.73 -47.92
CA ILE N 78 50.25 -118.53 -47.69
C ILE N 78 49.96 -119.95 -48.15
N ARG N 79 50.78 -120.46 -49.06
CA ARG N 79 50.63 -121.86 -49.43
C ARG N 79 51.33 -122.71 -48.39
N PHE N 80 50.54 -123.57 -47.77
CA PHE N 80 50.99 -124.55 -46.81
C PHE N 80 50.73 -125.90 -47.44
N ASN N 81 51.78 -126.69 -47.61
CA ASN N 81 51.68 -127.89 -48.42
C ASN N 81 50.88 -129.02 -47.78
N ASP N 82 50.44 -128.88 -46.52
CA ASP N 82 49.84 -129.99 -45.79
C ASP N 82 48.54 -129.58 -45.11
N VAL N 83 47.81 -128.64 -45.70
CA VAL N 83 46.54 -128.25 -45.11
C VAL N 83 45.48 -129.31 -45.37
N SER N 84 45.72 -130.21 -46.34
CA SER N 84 44.91 -131.41 -46.44
C SER N 84 45.13 -132.32 -45.23
N ARG N 85 46.30 -132.23 -44.60
CA ARG N 85 46.57 -132.95 -43.37
C ARG N 85 46.29 -132.11 -42.13
N MET N 86 45.91 -130.85 -42.29
CA MET N 86 45.54 -130.02 -41.15
C MET N 86 44.07 -130.26 -40.81
N THR N 87 43.80 -130.70 -39.59
CA THR N 87 42.42 -130.99 -39.17
C THR N 87 41.67 -129.72 -38.82
N LEU N 88 42.14 -129.01 -37.79
CA LEU N 88 41.62 -127.70 -37.45
C LEU N 88 42.80 -126.75 -37.33
N GLY N 89 42.51 -125.47 -37.49
CA GLY N 89 43.51 -124.46 -37.23
C GLY N 89 42.93 -123.48 -36.24
N LYS N 90 43.69 -123.10 -35.22
CA LYS N 90 43.13 -122.16 -34.26
C LYS N 90 44.16 -121.14 -33.82
N VAL N 91 43.73 -119.90 -33.66
CA VAL N 91 44.56 -118.84 -33.08
C VAL N 91 43.99 -118.48 -31.73
N LEU N 92 44.86 -118.02 -30.83
CA LEU N 92 44.47 -117.74 -29.46
C LEU N 92 44.83 -116.31 -29.12
N PHE N 93 43.85 -115.54 -28.68
CA PHE N 93 44.04 -114.14 -28.36
C PHE N 93 43.97 -113.94 -26.85
N PHE N 94 44.87 -113.09 -26.36
CA PHE N 94 45.07 -112.81 -24.94
C PHE N 94 44.90 -111.30 -24.74
N ILE N 95 43.70 -110.89 -24.38
CA ILE N 95 43.34 -109.49 -24.21
C ILE N 95 43.32 -109.21 -22.71
N GLN N 96 43.83 -108.04 -22.30
CA GLN N 96 43.63 -107.59 -20.93
C GLN N 96 43.15 -106.14 -20.91
N LEU N 97 42.28 -105.83 -19.97
CA LEU N 97 41.65 -104.51 -19.99
C LEU N 97 42.37 -103.58 -19.04
N PRO N 98 42.87 -102.44 -19.51
CA PRO N 98 43.36 -101.41 -18.59
C PRO N 98 42.19 -100.72 -17.92
N ARG N 99 42.37 -100.40 -16.65
CA ARG N 99 41.29 -99.80 -15.88
C ARG N 99 41.70 -98.43 -15.37
N VAL N 100 40.72 -97.72 -14.84
CA VAL N 100 40.87 -96.34 -14.40
C VAL N 100 40.56 -96.27 -12.92
N ALA N 101 41.16 -95.30 -12.23
CA ALA N 101 40.93 -95.15 -10.80
C ALA N 101 39.58 -94.52 -10.54
N THR N 102 39.01 -94.85 -9.39
CA THR N 102 37.68 -94.39 -9.03
C THR N 102 37.75 -93.16 -8.14
N GLY N 103 36.60 -92.53 -7.98
CA GLY N 103 36.49 -91.34 -7.16
C GLY N 103 36.37 -91.67 -5.68
N ASN N 104 35.77 -90.74 -4.94
CA ASN N 104 35.61 -90.89 -3.51
C ASN N 104 34.47 -91.84 -3.23
N ASP N 105 34.77 -92.91 -2.48
CA ASP N 105 33.79 -93.84 -1.91
C ASP N 105 32.97 -94.54 -3.00
N VAL N 106 33.64 -94.95 -4.07
CA VAL N 106 33.06 -95.72 -5.16
C VAL N 106 33.88 -96.99 -5.32
N THR N 107 33.18 -98.13 -5.49
CA THR N 107 33.84 -99.42 -5.62
C THR N 107 34.69 -99.49 -6.88
N ALA N 108 35.92 -99.97 -6.73
CA ALA N 108 36.95 -100.14 -7.74
C ALA N 108 36.73 -101.43 -8.53
N PRO N 109 37.01 -101.42 -9.84
CA PRO N 109 36.86 -102.65 -10.62
C PRO N 109 38.05 -103.57 -10.42
N LYS N 110 37.82 -104.85 -10.64
CA LYS N 110 38.87 -105.84 -10.51
C LYS N 110 39.67 -105.96 -11.81
N GLU N 111 40.78 -106.68 -11.73
CA GLU N 111 41.63 -106.91 -12.88
C GLU N 111 40.96 -107.86 -13.85
N THR N 112 41.03 -107.55 -15.14
CA THR N 112 40.24 -108.26 -16.15
C THR N 112 41.16 -108.81 -17.23
N THR N 113 41.20 -110.13 -17.34
CA THR N 113 41.99 -110.86 -18.34
C THR N 113 41.05 -111.77 -19.11
N ILE N 114 41.02 -111.62 -20.43
CA ILE N 114 40.10 -112.32 -21.31
C ILE N 114 40.92 -113.10 -22.32
N MET N 115 40.55 -114.37 -22.52
CA MET N 115 41.18 -115.21 -23.53
C MET N 115 40.11 -115.69 -24.49
N VAL N 116 40.33 -115.51 -25.79
CA VAL N 116 39.46 -116.10 -26.79
C VAL N 116 40.30 -116.92 -27.75
N ALA N 117 39.62 -117.63 -28.63
CA ALA N 117 40.30 -118.48 -29.60
C ALA N 117 39.44 -118.61 -30.84
N LYS N 118 39.95 -118.15 -31.97
CA LYS N 118 39.25 -118.26 -33.24
C LYS N 118 39.65 -119.55 -33.93
N HIS N 119 38.70 -120.19 -34.59
CA HIS N 119 38.95 -121.42 -35.32
C HIS N 119 39.15 -121.13 -36.80
N SER N 120 39.33 -122.19 -37.57
CA SER N 120 39.53 -122.10 -39.00
C SER N 120 38.43 -122.84 -39.73
N GLU N 121 37.97 -122.24 -40.83
CA GLU N 121 37.15 -122.97 -41.78
C GLU N 121 38.07 -123.58 -42.82
N LYS N 122 37.67 -124.70 -43.40
CA LYS N 122 38.42 -125.21 -44.54
C LYS N 122 37.45 -125.64 -45.63
N HIS N 123 37.89 -125.46 -46.86
CA HIS N 123 37.02 -125.43 -48.02
C HIS N 123 37.79 -125.92 -49.25
N PRO N 124 37.38 -127.01 -49.87
CA PRO N 124 38.09 -127.45 -51.08
C PRO N 124 37.43 -126.95 -52.34
N ILE N 125 38.18 -126.95 -53.45
CA ILE N 125 37.64 -126.64 -54.77
C ILE N 125 38.20 -127.64 -55.76
N ASN N 126 37.54 -127.78 -56.91
CA ASN N 126 38.02 -128.69 -57.93
C ASN N 126 37.54 -128.28 -59.32
N ILE N 127 38.28 -128.78 -60.31
CA ILE N 127 37.99 -128.57 -61.73
C ILE N 127 38.23 -129.88 -62.46
N SER N 128 37.22 -130.35 -63.18
CA SER N 128 37.35 -131.54 -64.00
C SER N 128 37.34 -131.14 -65.46
N PHE N 129 38.21 -131.76 -66.24
CA PHE N 129 38.17 -131.60 -67.69
C PHE N 129 38.63 -132.89 -68.33
N ASP N 130 37.97 -133.28 -69.41
CA ASP N 130 38.26 -134.56 -70.02
C ASP N 130 39.06 -134.40 -71.32
N LEU N 131 39.69 -135.49 -71.73
CA LEU N 131 40.27 -135.60 -73.05
C LEU N 131 39.72 -136.85 -73.72
N SER N 132 39.39 -136.72 -75.00
CA SER N 132 38.89 -137.86 -75.75
C SER N 132 40.04 -138.80 -76.07
N ALA N 133 39.69 -140.07 -76.26
CA ALA N 133 40.72 -141.07 -76.56
C ALA N 133 41.33 -140.85 -77.93
N ALA N 134 40.57 -140.27 -78.87
CA ALA N 134 41.12 -139.97 -80.18
C ALA N 134 42.16 -138.88 -80.11
N CYS N 135 41.88 -137.82 -79.33
CA CYS N 135 42.87 -136.77 -79.13
C CYS N 135 44.06 -137.28 -78.35
N LEU N 136 43.83 -138.23 -77.44
CA LEU N 136 44.95 -138.81 -76.70
C LEU N 136 45.81 -139.69 -77.59
N GLU N 137 45.22 -140.36 -78.58
CA GLU N 137 46.00 -141.09 -79.57
C GLU N 137 46.80 -140.15 -80.45
N HIS N 138 46.16 -139.10 -80.98
CA HIS N 138 46.89 -138.18 -81.84
C HIS N 138 47.84 -137.27 -81.08
N LEU N 139 47.81 -137.29 -79.75
CA LEU N 139 48.70 -136.46 -78.95
C LEU N 139 50.15 -136.91 -79.07
N GLU N 140 50.42 -138.19 -78.82
CA GLU N 140 51.79 -138.58 -78.53
C GLU N 140 52.54 -139.16 -79.73
N ASN N 141 51.90 -139.90 -80.62
CA ASN N 141 52.60 -140.52 -81.72
C ASN N 141 52.09 -140.04 -83.07
N THR N 142 52.95 -140.18 -84.07
CA THR N 142 52.52 -140.14 -85.46
C THR N 142 52.33 -141.56 -85.95
N PHE N 143 51.30 -141.76 -86.78
CA PHE N 143 51.09 -143.08 -87.36
C PHE N 143 51.99 -143.29 -88.56
N LYS N 144 51.84 -142.43 -89.56
CA LYS N 144 52.83 -142.26 -90.61
C LYS N 144 53.19 -140.78 -90.65
N ASN N 145 54.33 -140.46 -91.27
CA ASN N 145 54.76 -139.06 -91.30
C ASN N 145 54.13 -138.37 -92.50
N THR N 146 52.85 -138.11 -92.40
CA THR N 146 52.17 -137.26 -93.35
C THR N 146 52.00 -135.86 -92.77
N VAL N 147 51.79 -134.91 -93.68
CA VAL N 147 51.60 -133.52 -93.29
C VAL N 147 50.32 -133.37 -92.48
N ILE N 148 49.28 -134.11 -92.87
CA ILE N 148 48.01 -134.09 -92.14
C ILE N 148 48.18 -134.67 -90.74
N ASP N 149 49.03 -135.69 -90.60
CA ASP N 149 49.27 -136.24 -89.27
C ASP N 149 50.07 -135.26 -88.42
N GLN N 150 50.97 -134.48 -89.03
CA GLN N 150 51.66 -133.44 -88.27
C GLN N 150 50.69 -132.35 -87.83
N ILE N 151 49.72 -132.00 -88.68
CA ILE N 151 48.72 -130.99 -88.34
C ILE N 151 47.87 -131.44 -87.16
N LEU N 152 47.37 -132.68 -87.22
CA LEU N 152 46.54 -133.18 -86.14
C LEU N 152 47.34 -133.40 -84.85
N ASN N 153 48.61 -133.77 -84.98
CA ASN N 153 49.47 -133.90 -83.80
C ASN N 153 49.62 -132.58 -83.09
N ILE N 154 49.93 -131.52 -83.84
CA ILE N 154 50.17 -130.23 -83.20
C ILE N 154 48.86 -129.61 -82.71
N ASN N 155 47.73 -129.92 -83.37
CA ASN N 155 46.43 -129.50 -82.86
C ASN N 155 46.10 -130.17 -81.53
N ALA N 156 46.40 -131.47 -81.41
CA ALA N 156 46.15 -132.17 -80.15
C ALA N 156 47.04 -131.65 -79.03
N LEU N 157 48.29 -131.31 -79.38
CA LEU N 157 49.21 -130.75 -78.39
C LEU N 157 48.71 -129.41 -77.87
N HIS N 158 48.24 -128.54 -78.77
CA HIS N 158 47.74 -127.25 -78.31
C HIS N 158 46.42 -127.37 -77.57
N THR N 159 45.60 -128.37 -77.91
CA THR N 159 44.38 -128.62 -77.15
C THR N 159 44.69 -129.01 -75.72
N VAL N 160 45.68 -129.89 -75.52
CA VAL N 160 46.06 -130.32 -74.18
C VAL N 160 46.63 -129.16 -73.37
N LEU N 161 47.58 -128.42 -73.96
CA LEU N 161 48.24 -127.34 -73.23
C LEU N 161 47.27 -126.22 -72.87
N ARG N 162 46.38 -125.88 -73.80
CA ARG N 162 45.48 -124.77 -73.55
C ARG N 162 44.35 -125.17 -72.61
N SER N 163 43.93 -126.44 -72.60
CA SER N 163 42.98 -126.87 -71.58
C SER N 163 43.61 -126.89 -70.20
N LEU N 164 44.91 -127.21 -70.10
CA LEU N 164 45.59 -127.10 -68.81
C LEU N 164 45.62 -125.66 -68.31
N LYS N 165 45.90 -124.71 -69.21
CA LYS N 165 45.90 -123.30 -68.82
C LYS N 165 44.51 -122.84 -68.39
N ASN N 166 43.49 -123.27 -69.12
CA ASN N 166 42.11 -122.92 -68.79
C ASN N 166 41.70 -123.47 -67.42
N SER N 167 42.14 -124.68 -67.10
CA SER N 167 41.83 -125.25 -65.80
C SER N 167 42.56 -124.55 -64.67
N ALA N 168 43.80 -124.09 -64.89
CA ALA N 168 44.48 -123.32 -63.84
C ALA N 168 43.80 -121.98 -63.61
N ASP N 169 43.34 -121.34 -64.70
CA ASP N 169 42.53 -120.12 -64.59
C ASP N 169 41.27 -120.37 -63.79
N SER N 170 40.61 -121.51 -64.01
CA SER N 170 39.39 -121.79 -63.29
C SER N 170 39.66 -122.10 -61.82
N LEU N 171 40.84 -122.64 -61.50
CA LEU N 171 41.22 -122.77 -60.09
C LEU N 171 41.37 -121.41 -59.42
N GLU N 172 42.01 -120.45 -60.12
CA GLU N 172 42.17 -119.11 -59.55
C GLU N 172 40.81 -118.42 -59.35
N ARG N 173 39.90 -118.59 -60.32
CA ARG N 173 38.60 -117.95 -60.17
C ARG N 173 37.74 -118.64 -59.12
N GLY N 174 37.93 -119.94 -58.93
CA GLY N 174 37.30 -120.61 -57.81
C GLY N 174 37.80 -120.12 -56.47
N LEU N 175 39.09 -119.78 -56.41
CA LEU N 175 39.63 -119.15 -55.21
C LEU N 175 38.99 -117.80 -54.93
N ILE N 176 38.85 -116.98 -55.98
CA ILE N 176 38.13 -115.70 -55.90
C ILE N 176 36.72 -115.90 -55.35
N HIS N 177 35.98 -116.84 -55.93
CA HIS N 177 34.57 -117.00 -55.58
C HIS N 177 34.39 -117.59 -54.20
N ALA N 178 35.25 -118.53 -53.80
CA ALA N 178 35.14 -119.11 -52.47
C ALA N 178 35.48 -118.09 -51.39
N PHE N 179 36.49 -117.25 -51.65
CA PHE N 179 36.84 -116.22 -50.68
C PHE N 179 35.76 -115.17 -50.56
N MET N 180 35.15 -114.78 -51.69
CA MET N 180 34.07 -113.81 -51.64
C MET N 180 32.82 -114.38 -50.97
N GLN N 181 32.58 -115.68 -51.18
CA GLN N 181 31.53 -116.40 -50.46
C GLN N 181 31.72 -116.33 -48.96
N THR N 182 32.96 -116.53 -48.49
CA THR N 182 33.21 -116.50 -47.05
C THR N 182 33.10 -115.09 -46.48
N LEU N 183 33.56 -114.08 -47.22
CA LEU N 183 33.39 -112.70 -46.76
C LEU N 183 31.92 -112.31 -46.65
N LEU N 184 31.10 -112.71 -47.62
CA LEU N 184 29.68 -112.38 -47.55
C LEU N 184 28.96 -113.17 -46.47
N ARG N 185 29.44 -114.37 -46.12
CA ARG N 185 28.86 -115.04 -44.96
C ARG N 185 29.34 -114.43 -43.65
N LYS N 186 30.50 -113.77 -43.65
CA LYS N 186 30.99 -113.16 -42.42
C LYS N 186 30.43 -111.77 -42.16
N SER N 187 30.05 -111.04 -43.20
CA SER N 187 29.78 -109.61 -43.06
C SER N 187 28.37 -109.37 -42.53
N PRO N 188 28.21 -108.70 -41.38
CA PRO N 188 26.90 -108.23 -40.97
C PRO N 188 26.58 -106.94 -41.68
N PRO N 189 25.31 -106.54 -41.78
CA PRO N 189 24.97 -105.36 -42.55
C PRO N 189 25.28 -104.05 -41.82
N GLN N 190 25.21 -102.98 -42.62
CA GLN N 190 25.74 -101.68 -42.22
C GLN N 190 24.93 -101.06 -41.10
N PHE N 191 23.61 -101.27 -41.09
CA PHE N 191 22.81 -100.64 -40.05
C PHE N 191 23.04 -101.30 -38.71
N ILE N 192 23.25 -102.62 -38.68
CA ILE N 192 23.62 -103.30 -37.44
C ILE N 192 24.99 -102.84 -36.95
N VAL N 193 25.97 -102.74 -37.85
CA VAL N 193 27.31 -102.35 -37.43
C VAL N 193 27.33 -100.89 -36.95
N LEU N 194 26.62 -99.99 -37.64
CA LEU N 194 26.53 -98.61 -37.18
C LEU N 194 25.75 -98.48 -35.89
N THR N 195 24.82 -99.39 -35.62
CA THR N 195 24.07 -99.29 -34.38
C THR N 195 24.88 -99.81 -33.20
N MET N 196 25.75 -100.81 -33.41
CA MET N 196 26.46 -101.40 -32.28
C MET N 196 27.51 -100.47 -31.68
N ASN N 197 28.24 -99.73 -32.51
CA ASN N 197 29.28 -98.86 -31.98
C ASN N 197 28.69 -97.67 -31.23
N GLU N 198 27.48 -97.23 -31.63
CA GLU N 198 26.79 -96.20 -30.87
C GLU N 198 26.17 -96.76 -29.61
N ASN N 199 25.75 -98.02 -29.64
CA ASN N 199 25.16 -98.67 -28.48
C ASN N 199 26.14 -99.66 -27.91
N LYS N 200 27.39 -99.21 -27.79
CA LYS N 200 28.57 -99.92 -27.27
C LYS N 200 28.31 -100.77 -26.03
N VAL N 201 29.12 -101.82 -25.89
CA VAL N 201 28.93 -102.82 -24.85
C VAL N 201 28.99 -102.19 -23.46
N HIS N 202 28.15 -102.71 -22.57
CA HIS N 202 27.90 -102.23 -21.23
C HIS N 202 29.17 -102.25 -20.37
N ASN N 203 29.03 -101.71 -19.16
CA ASN N 203 30.12 -101.77 -18.20
C ASN N 203 29.97 -102.88 -17.17
N LYS N 204 28.76 -103.21 -16.72
CA LYS N 204 28.67 -104.07 -15.55
C LYS N 204 28.42 -105.56 -15.79
N GLN N 205 27.22 -105.94 -16.22
CA GLN N 205 26.87 -107.37 -16.23
C GLN N 205 26.43 -107.87 -17.59
N ALA N 206 25.44 -107.22 -18.19
CA ALA N 206 25.00 -107.53 -19.54
C ALA N 206 24.39 -106.26 -20.10
N LEU N 207 24.01 -106.30 -21.36
CA LEU N 207 23.47 -105.12 -22.01
C LEU N 207 22.06 -104.85 -21.49
N SER N 208 21.82 -103.61 -21.08
CA SER N 208 20.59 -103.28 -20.36
C SER N 208 19.40 -103.27 -21.29
N ARG N 209 18.22 -103.40 -20.68
CA ARG N 209 16.98 -103.50 -21.46
C ARG N 209 16.64 -102.20 -22.16
N VAL N 210 16.85 -101.07 -21.46
CA VAL N 210 16.65 -99.76 -22.06
C VAL N 210 17.62 -99.56 -23.22
N GLN N 211 18.87 -100.01 -23.04
CA GLN N 211 19.88 -99.95 -24.09
C GLN N 211 19.45 -100.72 -25.32
N ARG N 212 19.00 -101.96 -25.14
CA ARG N 212 18.69 -102.78 -26.31
C ARG N 212 17.36 -102.39 -26.95
N SER N 213 16.40 -101.87 -26.17
CA SER N 213 15.15 -101.44 -26.80
C SER N 213 15.36 -100.17 -27.62
N ASN N 214 16.14 -99.22 -27.09
CA ASN N 214 16.50 -98.06 -27.90
C ASN N 214 17.37 -98.45 -29.08
N MET N 215 18.16 -99.52 -28.92
CA MET N 215 18.96 -100.04 -30.02
C MET N 215 18.08 -100.63 -31.11
N PHE N 216 16.99 -101.28 -30.73
CA PHE N 216 16.06 -101.81 -31.73
C PHE N 216 15.34 -100.71 -32.47
N GLN N 217 14.91 -99.67 -31.74
CA GLN N 217 14.27 -98.54 -32.42
C GLN N 217 15.25 -97.80 -33.32
N SER N 218 16.51 -97.72 -32.90
CA SER N 218 17.54 -97.19 -33.78
C SER N 218 17.76 -98.06 -34.99
N LEU N 219 17.62 -99.39 -34.86
CA LEU N 219 17.71 -100.27 -36.04
C LEU N 219 16.60 -99.99 -37.04
N LYS N 220 15.38 -99.81 -36.54
CA LYS N 220 14.26 -99.40 -37.40
C LYS N 220 14.58 -98.11 -38.14
N ASN N 221 15.13 -97.12 -37.44
CA ASN N 221 15.34 -95.82 -38.07
C ASN N 221 16.50 -95.86 -39.08
N ARG N 222 17.62 -96.53 -38.73
CA ARG N 222 18.73 -96.68 -39.66
C ARG N 222 18.31 -97.43 -40.91
N LEU N 223 17.48 -98.46 -40.74
CA LEU N 223 17.02 -99.24 -41.90
C LEU N 223 16.12 -98.39 -42.79
N LEU N 224 15.11 -97.73 -42.22
CA LEU N 224 14.16 -97.01 -43.05
C LEU N 224 14.74 -95.73 -43.63
N THR N 225 15.84 -95.21 -43.10
CA THR N 225 16.49 -94.09 -43.77
C THR N 225 17.50 -94.55 -44.82
N SER N 226 18.47 -95.36 -44.43
CA SER N 226 19.64 -95.60 -45.27
C SER N 226 19.56 -96.93 -46.02
N LEU N 227 18.38 -97.35 -46.47
CA LEU N 227 18.28 -98.65 -47.14
C LEU N 227 18.74 -98.57 -48.59
N PHE N 228 18.00 -97.85 -49.42
CA PHE N 228 18.30 -97.79 -50.85
C PHE N 228 19.21 -96.60 -51.06
N PHE N 229 20.51 -96.86 -51.09
CA PHE N 229 21.50 -95.85 -50.75
C PHE N 229 21.92 -95.00 -51.94
N LEU N 230 22.37 -95.62 -53.03
CA LEU N 230 22.82 -94.86 -54.20
C LEU N 230 21.69 -94.17 -54.94
N ASN N 231 20.44 -94.46 -54.60
CA ASN N 231 19.33 -94.15 -55.47
C ASN N 231 18.50 -92.97 -54.97
N ARG N 232 18.63 -92.61 -53.70
CA ARG N 232 17.78 -91.56 -53.14
C ARG N 232 18.41 -90.18 -53.27
N ASN N 233 19.66 -90.03 -52.84
CA ASN N 233 20.33 -88.74 -52.84
C ASN N 233 21.22 -88.59 -54.07
N ASN N 234 21.80 -87.40 -54.20
CA ASN N 234 22.92 -87.19 -55.10
C ASN N 234 24.07 -86.46 -54.41
N ASN N 235 23.96 -86.22 -53.11
CA ASN N 235 24.96 -85.44 -52.38
C ASN N 235 26.24 -86.26 -52.24
N SER N 236 27.27 -85.82 -52.96
CA SER N 236 28.59 -86.43 -52.86
C SER N 236 29.13 -86.31 -51.45
N SER N 237 28.81 -85.20 -50.76
CA SER N 237 29.17 -85.05 -49.35
C SER N 237 28.52 -86.11 -48.49
N TYR N 238 27.24 -86.39 -48.71
CA TYR N 238 26.53 -87.34 -47.86
C TYR N 238 26.98 -88.78 -48.13
N ILE N 239 27.17 -89.13 -49.40
CA ILE N 239 27.59 -90.48 -49.71
C ILE N 239 29.04 -90.71 -49.29
N TYR N 240 29.88 -89.68 -49.41
CA TYR N 240 31.22 -89.70 -48.84
C TYR N 240 31.18 -89.87 -47.33
N ARG N 241 30.20 -89.23 -46.68
CA ARG N 241 30.04 -89.36 -45.23
C ARG N 241 29.69 -90.78 -44.82
N ILE N 242 28.81 -91.43 -45.58
CA ILE N 242 28.42 -92.79 -45.22
C ILE N 242 29.54 -93.79 -45.50
N LEU N 243 30.32 -93.57 -46.57
CA LEU N 243 31.48 -94.43 -46.78
C LEU N 243 32.54 -94.21 -45.69
N ASN N 244 32.67 -92.99 -45.18
CA ASN N 244 33.56 -92.75 -44.05
C ASN N 244 33.03 -93.40 -42.79
N ASP N 245 31.70 -93.48 -42.66
CA ASP N 245 31.09 -94.19 -41.54
C ASP N 245 31.41 -95.68 -41.60
N MET N 246 31.42 -96.27 -42.80
CA MET N 246 31.85 -97.66 -42.95
C MET N 246 33.29 -97.84 -42.52
N MET N 247 34.18 -97.00 -43.05
CA MET N 247 35.61 -97.20 -42.81
C MET N 247 36.01 -96.87 -41.39
N GLU N 248 35.21 -96.11 -40.65
CA GLU N 248 35.44 -95.97 -39.23
C GLU N 248 34.75 -97.05 -38.40
N SER N 249 33.65 -97.62 -38.90
CA SER N 249 32.95 -98.64 -38.14
C SER N 249 33.65 -100.00 -38.21
N VAL N 250 34.36 -100.27 -39.29
CA VAL N 250 35.00 -101.57 -39.46
C VAL N 250 36.24 -101.65 -38.57
N THR N 251 36.34 -102.75 -37.81
CA THR N 251 37.52 -102.99 -36.98
C THR N 251 38.71 -103.43 -37.82
N GLU N 252 39.90 -103.29 -37.25
CA GLU N 252 41.15 -103.51 -37.96
C GLU N 252 41.68 -104.91 -37.67
N SER N 253 42.40 -105.48 -38.63
CA SER N 253 43.03 -106.78 -38.45
C SER N 253 44.24 -106.69 -37.53
N ILE N 254 44.79 -107.85 -37.19
CA ILE N 254 45.78 -107.89 -36.11
C ILE N 254 47.22 -107.81 -36.62
N LEU N 255 47.51 -108.38 -37.79
CA LEU N 255 48.88 -108.37 -38.28
C LEU N 255 49.18 -107.08 -39.01
N ASN N 256 50.35 -106.51 -38.75
CA ASN N 256 50.80 -105.28 -39.37
C ASN N 256 52.14 -105.56 -40.05
N ASP N 257 52.10 -105.84 -41.35
CA ASP N 257 53.33 -105.94 -42.12
C ASP N 257 53.60 -104.59 -42.76
N THR N 258 54.87 -104.21 -42.76
CA THR N 258 55.26 -102.92 -43.34
C THR N 258 55.11 -102.94 -44.85
N ASN N 259 55.22 -104.12 -45.48
CA ASN N 259 55.27 -104.20 -46.93
C ASN N 259 54.02 -104.77 -47.58
N ASN N 260 53.06 -105.30 -46.81
CA ASN N 260 51.84 -105.84 -47.42
C ASN N 260 50.93 -104.69 -47.82
N TYR N 261 50.84 -104.46 -49.14
CA TYR N 261 49.99 -103.43 -49.74
C TYR N 261 50.32 -102.05 -49.20
N THR N 262 51.58 -101.69 -49.35
CA THR N 262 52.11 -100.43 -48.88
C THR N 262 52.29 -99.51 -50.07
N SER N 263 51.84 -98.27 -49.93
CA SER N 263 52.03 -97.27 -50.98
C SER N 263 53.48 -96.80 -50.99
N LYS N 264 53.76 -95.79 -51.81
CA LYS N 264 55.11 -95.28 -51.91
C LYS N 264 55.48 -94.49 -50.65
N GLU N 265 56.75 -94.63 -50.24
CA GLU N 265 57.32 -94.01 -49.04
C GLU N 265 56.57 -94.43 -47.77
N ASN N 266 56.19 -95.71 -47.71
CA ASN N 266 55.73 -96.39 -46.50
C ASN N 266 54.48 -95.75 -45.89
N ILE N 267 53.39 -95.81 -46.64
CA ILE N 267 52.05 -95.52 -46.15
C ILE N 267 51.17 -96.73 -46.46
N PRO N 268 50.54 -97.36 -45.48
CA PRO N 268 49.76 -98.57 -45.75
C PRO N 268 48.38 -98.23 -46.31
N LEU N 269 48.01 -98.92 -47.38
CA LEU N 269 46.64 -98.88 -47.86
C LEU N 269 45.76 -99.65 -46.91
N ASP N 270 44.51 -99.20 -46.76
CA ASP N 270 43.64 -99.70 -45.69
C ASP N 270 42.34 -100.23 -46.28
N GLY N 271 42.37 -101.48 -46.71
CA GLY N 271 41.15 -102.19 -47.05
C GLY N 271 40.67 -101.97 -48.48
N VAL N 272 39.67 -102.78 -48.84
CA VAL N 272 39.08 -102.75 -50.16
C VAL N 272 37.60 -102.45 -50.03
N LEU N 273 37.10 -101.56 -50.87
CA LEU N 273 35.69 -101.33 -51.11
C LEU N 273 35.43 -101.84 -52.51
N LEU N 274 34.66 -102.90 -52.60
CA LEU N 274 34.40 -103.54 -53.88
C LEU N 274 32.92 -103.72 -54.03
N GLY N 275 32.42 -103.43 -55.22
CA GLY N 275 31.02 -103.60 -55.50
C GLY N 275 30.81 -104.26 -56.84
N PRO N 276 29.62 -104.17 -57.38
CA PRO N 276 29.43 -104.48 -58.80
C PRO N 276 29.54 -103.22 -59.64
N ILE N 277 29.62 -103.45 -60.96
CA ILE N 277 29.96 -102.38 -61.88
C ILE N 277 28.80 -101.39 -62.00
N GLY N 278 27.57 -101.84 -61.74
CA GLY N 278 26.44 -100.92 -61.74
C GLY N 278 26.47 -99.92 -60.61
N SER N 279 26.98 -100.32 -59.45
CA SER N 279 27.20 -99.34 -58.39
C SER N 279 28.40 -98.47 -58.69
N ILE N 280 29.49 -99.07 -59.19
CA ILE N 280 30.74 -98.34 -59.25
C ILE N 280 30.81 -97.34 -60.39
N GLN N 281 30.02 -97.52 -61.46
CA GLN N 281 29.94 -96.46 -62.47
C GLN N 281 29.31 -95.19 -61.88
N LYS N 282 28.25 -95.36 -61.09
CA LYS N 282 27.64 -94.23 -60.40
C LYS N 282 28.57 -93.64 -59.36
N LEU N 283 29.31 -94.49 -58.65
CA LEU N 283 30.21 -93.99 -57.61
C LEU N 283 31.38 -93.21 -58.21
N THR N 284 31.91 -93.66 -59.35
CA THR N 284 32.93 -92.87 -60.03
C THR N 284 32.35 -91.56 -60.56
N ASN N 285 31.12 -91.60 -61.07
CA ASN N 285 30.52 -90.39 -61.63
C ASN N 285 30.19 -89.36 -60.55
N ILE N 286 29.97 -89.80 -59.31
CA ILE N 286 29.70 -88.83 -58.25
C ILE N 286 30.92 -88.53 -57.37
N LEU N 287 31.96 -89.35 -57.41
CA LEU N 287 33.11 -89.15 -56.55
C LEU N 287 34.40 -89.17 -57.36
N SER N 288 34.36 -88.67 -58.60
CA SER N 288 35.56 -88.62 -59.42
C SER N 288 36.59 -87.62 -58.92
N GLN N 289 36.24 -86.75 -57.95
CA GLN N 289 37.26 -85.96 -57.28
C GLN N 289 38.19 -86.83 -56.44
N TYR N 290 37.68 -87.93 -55.90
CA TYR N 290 38.35 -88.67 -54.85
C TYR N 290 38.93 -89.99 -55.33
N ILE N 291 39.15 -90.14 -56.64
CA ILE N 291 39.64 -91.38 -57.20
C ILE N 291 40.95 -91.13 -57.91
N SER N 292 41.99 -91.89 -57.55
CA SER N 292 43.27 -91.83 -58.21
C SER N 292 43.77 -93.23 -58.44
N THR N 293 44.83 -93.33 -59.23
CA THR N 293 45.48 -94.61 -59.51
C THR N 293 46.95 -94.48 -59.17
N GLN N 294 47.45 -95.35 -58.29
CA GLN N 294 48.81 -95.23 -57.80
C GLN N 294 49.43 -96.61 -57.65
N VAL N 295 50.75 -96.64 -57.56
CA VAL N 295 51.53 -97.87 -57.57
C VAL N 295 51.76 -98.31 -56.13
N VAL N 296 51.35 -99.54 -55.81
CA VAL N 296 51.40 -100.06 -54.45
C VAL N 296 52.24 -101.33 -54.45
N SER N 297 53.15 -101.42 -53.48
CA SER N 297 53.98 -102.61 -53.30
C SER N 297 53.11 -103.78 -52.84
N ALA N 298 52.86 -104.71 -53.74
CA ALA N 298 51.97 -105.82 -53.47
C ALA N 298 52.74 -107.14 -53.46
N PRO N 299 52.27 -108.13 -52.71
CA PRO N 299 52.82 -109.48 -52.86
C PRO N 299 52.46 -110.08 -54.21
N ILE N 300 53.32 -110.95 -54.70
CA ILE N 300 53.07 -111.63 -55.97
C ILE N 300 53.11 -113.14 -55.73
N SER N 301 53.84 -113.57 -54.71
CA SER N 301 54.01 -114.98 -54.42
C SER N 301 53.29 -115.32 -53.13
N TYR N 302 52.88 -116.58 -53.01
CA TYR N 302 52.28 -117.04 -51.78
C TYR N 302 53.34 -117.15 -50.69
N GLY N 303 52.90 -117.11 -49.44
CA GLY N 303 53.82 -117.38 -48.35
C GLY N 303 54.23 -118.85 -48.32
N HIS N 304 55.37 -119.12 -47.70
CA HIS N 304 55.93 -120.47 -47.65
C HIS N 304 56.18 -120.86 -46.21
N PHE N 305 55.26 -121.60 -45.58
CA PHE N 305 55.53 -122.16 -44.27
C PHE N 305 55.82 -123.65 -44.42
N ILE N 306 57.06 -124.03 -44.21
CA ILE N 306 57.51 -125.41 -44.24
C ILE N 306 57.74 -125.84 -42.79
N MET N 307 57.36 -127.08 -42.46
CA MET N 307 57.62 -127.58 -41.12
C MET N 307 59.11 -127.76 -40.86
N GLY N 308 59.43 -128.01 -39.60
CA GLY N 308 60.71 -128.55 -39.21
C GLY N 308 60.57 -130.00 -38.79
N LYS N 309 61.71 -130.59 -38.45
CA LYS N 309 61.72 -131.96 -37.95
C LYS N 309 60.99 -132.07 -36.62
N GLU N 310 61.07 -131.03 -35.79
CA GLU N 310 60.29 -130.96 -34.55
C GLU N 310 58.80 -131.02 -34.84
N ASN N 311 58.35 -130.30 -35.87
CA ASN N 311 56.95 -130.31 -36.21
C ASN N 311 56.53 -131.65 -36.80
N ALA N 312 57.42 -132.31 -37.55
CA ALA N 312 57.08 -133.63 -38.07
C ALA N 312 56.93 -134.65 -36.94
N VAL N 313 57.82 -134.60 -35.95
CA VAL N 313 57.75 -135.50 -34.81
C VAL N 313 56.48 -135.24 -33.99
N THR N 314 56.15 -133.96 -33.75
CA THR N 314 54.94 -133.67 -33.00
C THR N 314 53.68 -134.01 -33.78
N ALA N 315 53.69 -133.87 -35.10
CA ALA N 315 52.52 -134.22 -35.88
C ALA N 315 52.29 -135.71 -35.93
N ILE N 316 53.36 -136.50 -35.90
CA ILE N 316 53.17 -137.95 -35.85
C ILE N 316 52.78 -138.39 -34.45
N ALA N 317 53.44 -137.85 -33.41
CA ALA N 317 53.23 -138.37 -32.07
C ALA N 317 51.99 -137.77 -31.41
N TYR N 318 51.98 -136.45 -31.23
CA TYR N 318 50.97 -135.80 -30.40
C TYR N 318 49.79 -135.27 -31.19
N ARG N 319 49.74 -135.54 -32.50
CA ARG N 319 48.67 -135.14 -33.42
C ARG N 319 48.49 -133.63 -33.52
N ALA N 320 49.49 -132.84 -33.15
CA ALA N 320 49.30 -131.39 -33.08
C ALA N 320 50.55 -130.66 -33.54
N ILE N 321 50.33 -129.43 -34.01
CA ILE N 321 51.40 -128.53 -34.43
C ILE N 321 51.31 -127.25 -33.62
N MET N 322 52.34 -126.98 -32.84
CA MET N 322 52.40 -125.77 -32.05
C MET N 322 52.71 -124.57 -32.94
N ALA N 323 52.50 -123.38 -32.38
CA ALA N 323 52.67 -122.12 -33.08
C ALA N 323 54.13 -121.70 -33.02
N ASP N 324 54.89 -122.04 -34.07
CA ASP N 324 56.33 -121.82 -34.16
C ASP N 324 57.04 -122.44 -32.95
N PHE N 325 56.99 -123.78 -32.96
CA PHE N 325 57.44 -124.58 -31.83
C PHE N 325 58.91 -124.35 -31.50
N THR N 326 59.73 -124.00 -32.51
CA THR N 326 61.11 -123.63 -32.21
C THR N 326 61.21 -122.32 -31.43
N GLN N 327 60.32 -121.36 -31.69
CA GLN N 327 60.36 -120.12 -30.93
C GLN N 327 59.82 -120.32 -29.52
N PHE N 328 58.67 -121.00 -29.41
CA PHE N 328 58.09 -121.34 -28.11
C PHE N 328 58.97 -122.31 -27.32
N THR N 329 59.92 -122.98 -27.98
CA THR N 329 60.92 -123.80 -27.33
C THR N 329 62.12 -123.00 -26.85
N VAL N 330 62.72 -122.18 -27.71
CA VAL N 330 63.96 -121.53 -27.33
C VAL N 330 63.78 -120.24 -26.56
N ASN N 331 62.55 -119.70 -26.49
CA ASN N 331 62.30 -118.57 -25.62
C ASN N 331 61.72 -118.98 -24.28
N ALA N 332 61.95 -120.23 -23.88
CA ALA N 332 61.28 -120.76 -22.68
C ALA N 332 62.00 -120.35 -21.40
N GLY N 333 63.24 -120.80 -21.23
CA GLY N 333 63.90 -120.54 -19.97
C GLY N 333 64.51 -119.17 -19.82
N THR N 334 64.47 -118.36 -20.87
CA THR N 334 65.07 -117.04 -20.85
C THR N 334 64.07 -116.02 -20.33
N GLU N 335 64.41 -114.73 -20.45
CA GLU N 335 63.49 -113.69 -19.99
C GLU N 335 62.39 -113.44 -21.00
N GLN N 336 62.68 -113.46 -22.30
CA GLN N 336 61.69 -113.06 -23.29
C GLN N 336 60.69 -114.19 -23.62
N GLN N 337 59.92 -114.59 -22.59
CA GLN N 337 58.87 -115.57 -22.81
C GLN N 337 57.67 -114.95 -23.52
N ASP N 338 57.20 -113.80 -23.03
CA ASP N 338 55.95 -113.26 -23.52
C ASP N 338 56.10 -112.59 -24.88
N THR N 339 57.26 -112.01 -25.15
CA THR N 339 57.48 -111.34 -26.42
C THR N 339 57.76 -112.37 -27.52
N ASN N 340 57.15 -112.15 -28.67
CA ASN N 340 57.38 -112.98 -29.84
C ASN N 340 57.24 -112.07 -31.05
N ASN N 341 58.31 -111.97 -31.84
CA ASN N 341 58.38 -110.93 -32.85
C ASN N 341 57.54 -111.26 -34.08
N LYS N 342 57.74 -112.43 -34.66
CA LYS N 342 57.08 -112.80 -35.89
C LYS N 342 56.40 -114.15 -35.72
N SER N 343 55.32 -114.35 -36.46
CA SER N 343 54.69 -115.66 -36.59
C SER N 343 54.90 -116.12 -38.02
N GLU N 344 55.64 -117.23 -38.17
CA GLU N 344 55.97 -117.74 -39.50
C GLU N 344 54.74 -118.19 -40.27
N ILE N 345 53.73 -118.70 -39.57
CA ILE N 345 52.50 -119.15 -40.20
C ILE N 345 51.68 -118.02 -40.80
N PHE N 346 51.89 -116.78 -40.35
CA PHE N 346 51.18 -115.62 -40.87
C PHE N 346 52.09 -114.60 -41.52
N ASP N 347 53.34 -114.49 -41.08
CA ASP N 347 54.31 -113.56 -41.65
C ASP N 347 55.52 -114.37 -42.11
N LYS N 348 55.71 -114.44 -43.42
CA LYS N 348 56.85 -115.12 -44.01
C LYS N 348 57.39 -114.21 -45.10
N SER N 349 58.71 -114.29 -45.31
CA SER N 349 59.34 -113.58 -46.41
C SER N 349 58.77 -114.05 -47.75
N ARG N 350 58.34 -113.09 -48.57
CA ARG N 350 57.68 -113.40 -49.82
C ARG N 350 58.12 -112.40 -50.87
N ALA N 351 57.85 -112.73 -52.12
CA ALA N 351 58.26 -111.89 -53.23
C ALA N 351 57.28 -110.74 -53.41
N TYR N 352 57.81 -109.54 -53.58
CA TYR N 352 57.00 -108.34 -53.72
C TYR N 352 57.10 -107.80 -55.14
N ALA N 353 56.01 -107.19 -55.59
CA ALA N 353 55.93 -106.59 -56.91
C ALA N 353 55.22 -105.26 -56.78
N ASP N 354 54.97 -104.61 -57.91
CA ASP N 354 54.35 -103.30 -57.94
C ASP N 354 53.20 -103.32 -58.94
N LEU N 355 52.04 -102.81 -58.51
CA LEU N 355 50.87 -102.78 -59.37
C LEU N 355 50.03 -101.56 -59.02
N LYS N 356 49.07 -101.27 -59.90
CA LYS N 356 48.21 -100.11 -59.77
C LYS N 356 46.85 -100.51 -59.22
N LEU N 357 46.25 -99.61 -58.43
CA LEU N 357 44.94 -99.82 -57.86
C LEU N 357 44.14 -98.53 -57.95
N ASN N 358 42.82 -98.68 -58.08
CA ASN N 358 41.92 -97.54 -58.06
C ASN N 358 41.61 -97.19 -56.62
N THR N 359 42.19 -96.10 -56.13
CA THR N 359 42.15 -95.77 -54.72
C THR N 359 41.14 -94.66 -54.45
N LEU N 360 40.69 -94.61 -53.20
CA LEU N 360 39.94 -93.48 -52.66
C LEU N 360 40.68 -92.86 -51.49
N LYS N 361 40.32 -91.63 -51.18
CA LYS N 361 40.90 -90.91 -50.06
C LYS N 361 39.77 -90.49 -49.13
N LEU N 362 39.71 -91.13 -47.96
CA LEU N 362 38.69 -90.80 -46.95
C LEU N 362 39.37 -90.44 -45.64
N GLY N 363 39.78 -89.18 -45.50
CA GLY N 363 40.38 -88.69 -44.28
C GLY N 363 41.69 -89.36 -43.96
N ASP N 364 42.65 -89.21 -44.89
CA ASP N 364 43.97 -89.84 -44.84
C ASP N 364 43.84 -91.37 -44.76
N LYS N 365 42.99 -91.93 -45.61
CA LYS N 365 42.81 -93.37 -45.71
C LYS N 365 42.77 -93.73 -47.19
N LEU N 366 43.80 -94.44 -47.66
CA LEU N 366 43.83 -94.92 -49.03
C LEU N 366 43.20 -96.30 -49.06
N VAL N 367 42.15 -96.45 -49.87
CA VAL N 367 41.31 -97.64 -49.89
C VAL N 367 41.20 -98.12 -51.33
N ALA N 368 41.56 -99.38 -51.58
CA ALA N 368 41.36 -99.94 -52.92
C ALA N 368 39.88 -100.06 -53.21
N PHE N 369 39.50 -99.90 -54.47
CA PHE N 369 38.09 -99.66 -54.79
C PHE N 369 37.80 -100.17 -56.19
N ASP N 370 37.09 -101.29 -56.31
CA ASP N 370 36.91 -101.90 -57.63
C ASP N 370 35.71 -102.84 -57.64
N HIS N 371 35.53 -103.46 -58.81
CA HIS N 371 34.49 -104.45 -59.08
C HIS N 371 35.12 -105.75 -59.52
N LEU N 372 34.41 -106.85 -59.28
CA LEU N 372 34.86 -108.18 -59.66
C LEU N 372 34.23 -108.66 -60.97
N HIS N 373 33.69 -107.73 -61.75
CA HIS N 373 33.03 -108.12 -63.00
C HIS N 373 34.01 -108.65 -64.02
N LYS N 374 35.28 -108.27 -63.94
CA LYS N 374 36.28 -108.77 -64.88
C LYS N 374 36.61 -110.24 -64.66
N VAL N 375 36.32 -110.79 -63.47
CA VAL N 375 36.46 -112.23 -63.25
C VAL N 375 35.12 -112.93 -63.19
N TYR N 376 34.02 -112.19 -63.15
CA TYR N 376 32.71 -112.77 -63.39
C TYR N 376 32.14 -112.35 -64.74
N LYS N 377 33.03 -112.17 -65.74
CA LYS N 377 32.59 -111.81 -67.09
C LYS N 377 31.70 -112.88 -67.70
N ASN N 378 32.17 -114.13 -67.66
CA ASN N 378 31.49 -115.15 -68.45
C ASN N 378 31.71 -116.48 -67.72
N THR N 379 30.76 -116.82 -66.86
CA THR N 379 30.89 -117.97 -65.95
C THR N 379 29.55 -118.69 -65.95
N ASP N 380 29.36 -119.57 -64.98
CA ASP N 380 28.07 -120.16 -64.67
C ASP N 380 27.42 -119.47 -63.47
N VAL N 381 28.18 -118.69 -62.71
CA VAL N 381 27.69 -118.08 -61.48
C VAL N 381 27.41 -116.60 -61.71
N ASN N 382 26.52 -116.06 -60.89
CA ASN N 382 26.37 -114.61 -60.85
C ASN N 382 27.49 -114.00 -60.01
N ASP N 383 27.62 -112.69 -60.11
CA ASP N 383 28.43 -111.98 -59.14
C ASP N 383 27.73 -112.06 -57.79
N PRO N 384 28.41 -112.52 -56.73
CA PRO N 384 27.72 -112.80 -55.47
C PRO N 384 27.29 -111.57 -54.69
N LEU N 385 27.55 -110.37 -55.17
CA LEU N 385 27.04 -109.18 -54.53
C LEU N 385 25.64 -108.81 -54.99
N GLU N 386 25.26 -109.18 -56.21
CA GLU N 386 23.91 -108.92 -56.69
C GLU N 386 22.97 -109.90 -56.01
N GLN N 387 22.52 -109.54 -54.82
CA GLN N 387 21.70 -110.39 -53.97
C GLN N 387 20.28 -109.85 -53.93
N SER N 388 19.46 -110.44 -53.06
CA SER N 388 18.04 -110.14 -53.05
C SER N 388 17.54 -109.83 -51.65
N LEU N 389 16.68 -108.82 -51.54
CA LEU N 389 15.94 -108.53 -50.33
C LEU N 389 14.60 -109.26 -50.36
N GLN N 390 13.97 -109.35 -49.19
CA GLN N 390 12.57 -109.79 -49.11
C GLN N 390 11.88 -108.89 -48.10
N LEU N 391 11.28 -107.81 -48.58
CA LEU N 391 10.48 -106.94 -47.74
C LEU N 391 9.04 -107.44 -47.72
N THR N 392 8.46 -107.51 -46.53
CA THR N 392 7.08 -107.94 -46.34
C THR N 392 6.21 -106.71 -46.12
N PHE N 393 5.07 -106.67 -46.80
CA PHE N 393 4.14 -105.56 -46.71
C PHE N 393 2.85 -106.00 -46.05
N PHE N 394 2.13 -105.06 -45.44
CA PHE N 394 0.81 -105.36 -44.90
C PHE N 394 -0.09 -104.15 -45.07
N PHE N 395 -1.39 -104.41 -45.14
CA PHE N 395 -2.38 -103.39 -45.43
C PHE N 395 -3.77 -103.90 -45.09
N PRO N 396 -4.69 -103.03 -44.68
CA PRO N 396 -6.02 -103.52 -44.28
C PRO N 396 -7.03 -103.57 -45.40
N LEU N 397 -8.22 -104.07 -45.10
CA LEU N 397 -9.42 -103.76 -45.88
C LEU N 397 -10.60 -103.92 -44.96
N GLY N 398 -11.59 -103.05 -45.10
CA GLY N 398 -12.82 -103.18 -44.35
C GLY N 398 -12.76 -102.72 -42.92
N ILE N 399 -11.72 -101.98 -42.53
CA ILE N 399 -11.66 -101.41 -41.18
C ILE N 399 -12.73 -100.33 -41.06
N TYR N 400 -13.61 -100.48 -40.09
CA TYR N 400 -14.65 -99.48 -39.85
C TYR N 400 -14.13 -98.45 -38.86
N ILE N 401 -13.74 -97.29 -39.36
CA ILE N 401 -13.50 -96.15 -38.49
C ILE N 401 -14.82 -95.75 -37.86
N PRO N 402 -14.89 -95.50 -36.54
CA PRO N 402 -16.17 -95.17 -35.92
C PRO N 402 -16.71 -93.83 -36.41
N THR N 403 -18.00 -93.83 -36.72
CA THR N 403 -18.68 -92.61 -37.14
C THR N 403 -18.80 -91.62 -35.99
N GLU N 404 -18.87 -92.13 -34.76
CA GLU N 404 -19.15 -91.32 -33.59
C GLU N 404 -18.02 -90.34 -33.28
N THR N 405 -16.77 -90.71 -33.57
CA THR N 405 -15.64 -89.80 -33.46
C THR N 405 -15.07 -89.47 -34.83
N GLY N 406 -15.92 -89.47 -35.85
CA GLY N 406 -15.45 -89.30 -37.20
C GLY N 406 -15.05 -87.86 -37.49
N PHE N 407 -14.29 -87.72 -38.56
CA PHE N 407 -13.76 -86.44 -39.02
C PHE N 407 -13.26 -86.62 -40.43
N SER N 408 -12.84 -85.52 -41.04
CA SER N 408 -12.11 -85.60 -42.30
C SER N 408 -11.29 -84.35 -42.47
N THR N 409 -10.05 -84.53 -42.85
CA THR N 409 -9.31 -83.49 -43.53
C THR N 409 -9.59 -83.62 -45.03
N MET N 410 -8.88 -82.82 -45.82
CA MET N 410 -8.97 -82.73 -47.30
C MET N 410 -10.40 -82.73 -47.83
N GLU N 411 -11.24 -81.88 -47.23
CA GLU N 411 -12.60 -81.74 -47.75
C GLU N 411 -12.61 -80.94 -49.04
N THR N 412 -11.65 -80.05 -49.22
CA THR N 412 -11.58 -79.28 -50.46
C THR N 412 -11.00 -80.06 -51.61
N ARG N 413 -10.34 -81.19 -51.34
CA ARG N 413 -9.73 -81.96 -52.43
C ARG N 413 -10.77 -82.84 -53.12
N VAL N 414 -11.42 -83.71 -52.36
CA VAL N 414 -12.34 -84.68 -52.91
C VAL N 414 -13.74 -84.34 -52.44
N LYS N 415 -14.72 -84.94 -53.09
CA LYS N 415 -16.07 -84.97 -52.56
C LYS N 415 -16.74 -86.23 -53.07
N LEU N 416 -17.27 -87.01 -52.14
CA LEU N 416 -17.91 -88.27 -52.47
C LEU N 416 -19.38 -88.06 -52.80
N ASN N 417 -19.90 -88.94 -53.64
CA ASN N 417 -21.32 -88.99 -53.90
C ASN N 417 -21.95 -89.82 -52.78
N ASP N 418 -23.06 -89.33 -52.22
CA ASP N 418 -23.64 -89.92 -51.03
C ASP N 418 -24.27 -91.26 -51.36
N THR N 419 -23.54 -92.34 -51.08
CA THR N 419 -24.04 -93.70 -51.17
C THR N 419 -23.29 -94.49 -50.11
N MET N 420 -23.95 -95.47 -49.50
CA MET N 420 -23.29 -96.19 -48.41
C MET N 420 -22.16 -97.10 -48.90
N GLU N 421 -22.11 -97.41 -50.21
CA GLU N 421 -20.92 -98.06 -50.72
C GLU N 421 -19.72 -97.11 -50.79
N ASN N 422 -19.95 -95.80 -50.85
CA ASN N 422 -18.84 -94.88 -50.63
C ASN N 422 -18.58 -94.65 -49.16
N ASN N 423 -19.65 -94.61 -48.36
CA ASN N 423 -19.53 -94.29 -46.94
C ASN N 423 -19.01 -95.44 -46.11
N LEU N 424 -18.92 -96.66 -46.65
CA LEU N 424 -18.20 -97.69 -45.94
C LEU N 424 -17.11 -98.29 -46.82
N PRO N 425 -15.96 -98.60 -46.25
CA PRO N 425 -14.95 -99.34 -47.00
C PRO N 425 -15.35 -100.79 -47.14
N THR N 426 -15.22 -101.31 -48.36
CA THR N 426 -15.47 -102.72 -48.61
C THR N 426 -14.31 -103.30 -49.40
N SER N 427 -13.70 -102.48 -50.24
CA SER N 427 -12.59 -102.87 -51.07
C SER N 427 -11.39 -102.01 -50.72
N VAL N 428 -10.23 -102.41 -51.23
CA VAL N 428 -9.02 -101.59 -51.06
C VAL N 428 -8.29 -101.52 -52.39
N PHE N 429 -7.97 -100.30 -52.80
CA PHE N 429 -7.23 -100.02 -54.01
C PHE N 429 -5.79 -99.71 -53.65
N PHE N 430 -4.87 -100.13 -54.51
CA PHE N 430 -3.46 -99.77 -54.38
C PHE N 430 -2.78 -100.02 -55.71
N HIS N 431 -1.58 -99.49 -55.86
CA HIS N 431 -0.88 -99.60 -57.13
C HIS N 431 -0.03 -100.87 -57.17
N ASN N 432 0.16 -101.40 -58.37
CA ASN N 432 1.02 -102.55 -58.61
C ASN N 432 2.48 -102.14 -58.69
N LYS N 433 3.31 -103.02 -59.24
CA LYS N 433 4.69 -102.69 -59.61
C LYS N 433 4.76 -101.44 -60.48
N ASP N 434 4.06 -101.45 -61.61
CA ASP N 434 3.81 -100.22 -62.34
C ASP N 434 2.52 -99.59 -61.83
N GLN N 435 2.13 -98.46 -62.41
CA GLN N 435 1.03 -97.67 -61.84
C GLN N 435 -0.34 -98.19 -62.26
N VAL N 436 -0.57 -99.47 -62.04
CA VAL N 436 -1.85 -100.11 -62.35
C VAL N 436 -2.69 -100.13 -61.10
N VAL N 437 -3.91 -99.59 -61.17
CA VAL N 437 -4.81 -99.61 -60.04
C VAL N 437 -5.29 -101.03 -59.82
N GLN N 438 -5.14 -101.53 -58.60
CA GLN N 438 -5.34 -102.92 -58.27
C GLN N 438 -6.30 -102.99 -57.10
N ARG N 439 -7.19 -103.98 -57.12
CA ARG N 439 -8.32 -104.01 -56.22
C ARG N 439 -8.32 -105.31 -55.42
N ILE N 440 -8.70 -105.21 -54.14
CA ILE N 440 -8.97 -106.40 -53.34
C ILE N 440 -10.35 -106.28 -52.72
N ASP N 441 -11.08 -107.40 -52.71
CA ASP N 441 -12.49 -107.51 -52.37
C ASP N 441 -12.72 -108.57 -51.31
N PHE N 442 -13.96 -108.65 -50.82
CA PHE N 442 -14.35 -109.82 -50.05
C PHE N 442 -14.64 -111.01 -50.95
N ALA N 443 -15.14 -110.77 -52.16
CA ALA N 443 -15.26 -111.82 -53.15
C ALA N 443 -13.91 -112.39 -53.54
N ASP N 444 -12.85 -111.58 -53.41
CA ASP N 444 -11.50 -112.06 -53.55
C ASP N 444 -10.93 -112.63 -52.26
N ILE N 445 -11.47 -112.26 -51.09
CA ILE N 445 -10.93 -112.83 -49.86
C ILE N 445 -11.52 -114.20 -49.60
N LEU N 446 -12.60 -114.57 -50.30
CA LEU N 446 -13.27 -115.86 -50.13
C LEU N 446 -12.41 -117.13 -50.13
N PRO N 447 -11.42 -117.35 -51.03
CA PRO N 447 -10.71 -118.63 -50.99
C PRO N 447 -9.75 -118.78 -49.83
N SER N 448 -9.53 -117.73 -49.05
CA SER N 448 -8.71 -117.83 -47.86
C SER N 448 -9.54 -117.85 -46.58
N VAL N 449 -10.77 -117.38 -46.63
CA VAL N 449 -11.61 -117.32 -45.44
C VAL N 449 -12.62 -118.46 -45.39
N CYS N 450 -12.94 -119.08 -46.52
CA CYS N 450 -14.05 -120.03 -46.56
C CYS N 450 -13.59 -121.48 -46.45
N HIS N 451 -12.41 -121.70 -45.88
CA HIS N 451 -11.84 -123.02 -45.70
C HIS N 451 -12.36 -123.64 -44.41
N PRO N 452 -12.54 -124.98 -44.36
CA PRO N 452 -13.10 -125.61 -43.15
C PRO N 452 -12.22 -125.50 -41.91
N ILE N 453 -10.94 -125.21 -42.04
CA ILE N 453 -10.11 -125.11 -40.83
C ILE N 453 -10.40 -123.81 -40.08
N VAL N 454 -11.03 -122.84 -40.73
CA VAL N 454 -11.58 -121.70 -40.01
C VAL N 454 -12.75 -122.15 -39.15
N HIS N 455 -13.77 -122.72 -39.77
CA HIS N 455 -14.98 -123.05 -39.03
C HIS N 455 -14.87 -124.32 -38.21
N ASP N 456 -13.70 -124.95 -38.15
CA ASP N 456 -13.48 -125.98 -37.15
C ASP N 456 -13.29 -125.35 -35.78
N SER N 457 -13.69 -126.08 -34.73
CA SER N 457 -13.45 -125.66 -33.36
C SER N 457 -12.59 -126.64 -32.59
N THR N 458 -12.01 -127.64 -33.26
CA THR N 458 -11.33 -128.71 -32.55
C THR N 458 -10.02 -128.23 -31.95
N ILE N 459 -9.18 -127.57 -32.75
CA ILE N 459 -7.87 -127.15 -32.29
C ILE N 459 -7.99 -126.02 -31.28
N VAL N 460 -8.99 -125.14 -31.47
CA VAL N 460 -9.27 -124.07 -30.52
C VAL N 460 -9.66 -124.66 -29.16
N GLU N 461 -10.54 -125.66 -29.18
CA GLU N 461 -10.96 -126.33 -27.95
C GLU N 461 -9.80 -127.04 -27.27
N ARG N 462 -8.94 -127.71 -28.04
CA ARG N 462 -7.81 -128.42 -27.46
C ARG N 462 -6.82 -127.46 -26.81
N LEU N 463 -6.43 -126.41 -27.54
CA LEU N 463 -5.43 -125.49 -27.01
C LEU N 463 -5.95 -124.68 -25.85
N MET N 464 -7.22 -124.24 -25.91
CA MET N 464 -7.80 -123.49 -24.81
C MET N 464 -8.17 -124.39 -23.65
N LYS N 465 -8.28 -125.70 -23.86
CA LYS N 465 -8.46 -126.63 -22.76
C LYS N 465 -7.15 -126.90 -22.05
N ASN N 466 -6.06 -127.06 -22.81
CA ASN N 466 -4.77 -127.32 -22.22
C ASN N 466 -4.07 -126.06 -21.71
N GLU N 467 -4.57 -124.88 -22.05
CA GLU N 467 -4.10 -123.67 -21.40
C GLU N 467 -4.52 -123.68 -19.94
N PRO N 468 -3.64 -123.28 -19.02
CA PRO N 468 -3.94 -123.39 -17.59
C PRO N 468 -5.06 -122.45 -17.14
N LEU N 469 -5.56 -122.75 -15.94
CA LEU N 469 -6.70 -122.06 -15.36
C LEU N 469 -6.33 -120.63 -14.98
N PRO N 470 -7.31 -119.71 -14.89
CA PRO N 470 -6.99 -118.35 -14.43
C PRO N 470 -6.69 -118.27 -12.95
N THR N 471 -6.32 -117.07 -12.49
CA THR N 471 -5.95 -116.85 -11.10
C THR N 471 -7.19 -116.76 -10.22
N GLY N 472 -7.01 -116.35 -8.97
CA GLY N 472 -8.10 -116.40 -8.01
C GLY N 472 -9.19 -115.39 -8.28
N HIS N 473 -8.83 -114.13 -8.52
CA HIS N 473 -9.86 -113.13 -8.69
C HIS N 473 -10.53 -113.21 -10.05
N ARG N 474 -9.75 -113.43 -11.11
CA ARG N 474 -10.35 -113.62 -12.42
C ARG N 474 -11.12 -114.93 -12.49
N PHE N 475 -10.74 -115.90 -11.67
CA PHE N 475 -11.51 -117.12 -11.51
C PHE N 475 -12.87 -116.83 -10.89
N SER N 476 -12.89 -116.03 -9.82
CA SER N 476 -14.15 -115.70 -9.17
C SER N 476 -15.00 -114.74 -10.00
N GLN N 477 -14.39 -113.97 -10.89
CA GLN N 477 -15.15 -113.05 -11.73
C GLN N 477 -15.68 -113.72 -12.98
N LEU N 478 -14.93 -114.66 -13.56
CA LEU N 478 -15.17 -115.13 -14.91
C LEU N 478 -15.63 -116.57 -14.97
N CYS N 479 -15.33 -117.38 -13.96
CA CYS N 479 -15.50 -118.81 -13.99
C CYS N 479 -16.51 -119.26 -12.93
N GLN N 480 -17.68 -118.61 -12.90
CA GLN N 480 -18.65 -118.88 -11.85
C GLN N 480 -19.99 -119.39 -12.38
N LEU N 481 -20.31 -119.16 -13.65
CA LEU N 481 -21.65 -119.42 -14.16
C LEU N 481 -21.88 -120.93 -14.33
N LYS N 482 -23.15 -121.31 -14.41
CA LYS N 482 -23.54 -122.72 -14.31
C LYS N 482 -24.84 -122.93 -15.06
N ILE N 483 -24.90 -124.04 -15.81
CA ILE N 483 -26.09 -124.39 -16.57
C ILE N 483 -26.96 -125.34 -15.77
N THR N 484 -28.24 -125.41 -16.12
CA THR N 484 -29.21 -126.28 -15.46
C THR N 484 -30.35 -126.56 -16.42
N ARG N 485 -30.66 -127.84 -16.62
CA ARG N 485 -31.71 -128.24 -17.56
C ARG N 485 -32.72 -129.16 -16.90
N GLU N 486 -33.99 -128.94 -17.20
CA GLU N 486 -35.10 -129.75 -16.73
C GLU N 486 -36.08 -129.91 -17.89
N ASN N 487 -37.33 -130.27 -17.60
CA ASN N 487 -38.29 -130.37 -18.70
C ASN N 487 -39.42 -129.35 -18.53
N PRO N 488 -40.10 -128.96 -19.64
CA PRO N 488 -41.15 -127.92 -19.56
C PRO N 488 -42.32 -128.22 -18.64
N THR N 489 -42.53 -129.48 -18.25
CA THR N 489 -43.58 -129.76 -17.28
C THR N 489 -43.15 -129.33 -15.88
N ARG N 490 -41.92 -129.66 -15.49
CA ARG N 490 -41.46 -129.29 -14.16
C ARG N 490 -41.12 -127.81 -14.06
N ILE N 491 -40.66 -127.19 -15.14
CA ILE N 491 -40.23 -125.80 -14.96
C ILE N 491 -41.40 -124.84 -14.89
N LEU N 492 -42.55 -125.20 -15.45
CA LEU N 492 -43.71 -124.32 -15.36
C LEU N 492 -44.29 -124.29 -13.95
N GLN N 493 -44.08 -125.33 -13.16
CA GLN N 493 -44.49 -125.33 -11.77
C GLN N 493 -43.36 -124.97 -10.81
N THR N 494 -42.10 -125.03 -11.26
CA THR N 494 -40.96 -124.66 -10.43
C THR N 494 -40.26 -123.41 -10.93
N LEU N 495 -40.96 -122.57 -11.67
CA LEU N 495 -40.39 -121.34 -12.21
C LEU N 495 -40.00 -120.36 -11.11
N TYR N 496 -40.90 -120.10 -10.17
CA TYR N 496 -40.70 -119.00 -9.24
C TYR N 496 -39.87 -119.38 -8.00
N ASN N 497 -39.30 -120.59 -7.96
CA ASN N 497 -38.56 -121.00 -6.77
C ASN N 497 -37.26 -120.23 -6.61
N LEU N 498 -36.56 -119.97 -7.70
CA LEU N 498 -35.31 -119.24 -7.63
C LEU N 498 -35.50 -117.73 -7.62
N TYR N 499 -36.74 -117.27 -7.55
CA TYR N 499 -37.05 -115.89 -7.21
C TYR N 499 -37.56 -115.77 -5.78
N GLU N 500 -38.28 -116.77 -5.28
CA GLU N 500 -38.62 -116.82 -3.86
C GLU N 500 -37.37 -116.97 -3.01
N SER N 501 -36.39 -117.73 -3.49
CA SER N 501 -35.09 -117.74 -2.85
C SER N 501 -34.37 -116.42 -3.13
N ARG N 502 -33.37 -116.12 -2.29
CA ARG N 502 -32.67 -114.85 -2.34
C ARG N 502 -31.29 -114.98 -2.98
N GLN N 503 -30.97 -116.12 -3.58
CA GLN N 503 -29.70 -116.30 -4.25
C GLN N 503 -29.64 -115.46 -5.52
N GLU N 504 -28.47 -114.90 -5.83
CA GLU N 504 -28.30 -114.11 -7.03
C GLU N 504 -27.45 -114.85 -8.06
N VAL N 505 -27.94 -114.84 -9.29
CA VAL N 505 -27.25 -115.49 -10.40
C VAL N 505 -26.08 -114.61 -10.83
N PRO N 506 -24.88 -115.15 -10.97
CA PRO N 506 -23.71 -114.33 -11.32
C PRO N 506 -23.77 -113.87 -12.77
N LYS N 507 -22.87 -112.92 -13.07
CA LYS N 507 -22.74 -112.42 -14.43
C LYS N 507 -22.26 -113.51 -15.37
N ASN N 508 -22.79 -113.51 -16.58
CA ASN N 508 -22.20 -114.30 -17.64
C ASN N 508 -20.99 -113.59 -18.22
N THR N 509 -20.16 -114.37 -18.92
CA THR N 509 -19.02 -113.81 -19.62
C THR N 509 -19.45 -112.82 -20.70
N ASN N 510 -20.56 -113.11 -21.37
CA ASN N 510 -20.98 -112.28 -22.47
C ASN N 510 -21.61 -110.97 -21.97
N VAL N 511 -22.41 -111.03 -20.91
CA VAL N 511 -22.97 -109.79 -20.36
C VAL N 511 -21.92 -109.00 -19.59
N LEU N 512 -20.86 -109.65 -19.12
CA LEU N 512 -19.72 -108.91 -18.58
C LEU N 512 -18.93 -108.23 -19.68
N LYS N 513 -18.84 -108.87 -20.85
CA LYS N 513 -18.04 -108.36 -21.94
C LYS N 513 -18.73 -107.21 -22.66
N ASN N 514 -20.05 -107.29 -22.84
CA ASN N 514 -20.74 -106.24 -23.59
C ASN N 514 -20.90 -104.95 -22.82
N GLU N 515 -20.62 -104.94 -21.52
CA GLU N 515 -20.60 -103.69 -20.78
C GLU N 515 -19.38 -102.85 -21.14
N LEU N 516 -18.30 -103.48 -21.58
CA LEU N 516 -17.12 -102.75 -21.98
C LEU N 516 -17.34 -102.01 -23.29
N ASN N 517 -16.36 -101.19 -23.62
CA ASN N 517 -16.47 -100.24 -24.72
C ASN N 517 -15.47 -100.67 -25.81
N VAL N 518 -15.47 -99.94 -26.93
CA VAL N 518 -14.75 -100.33 -28.14
C VAL N 518 -13.26 -100.09 -28.01
N GLU N 519 -12.87 -99.50 -26.89
CA GLU N 519 -11.49 -99.22 -26.57
C GLU N 519 -11.08 -99.81 -25.23
N ASP N 520 -12.00 -99.86 -24.28
CA ASP N 520 -11.74 -100.49 -22.99
C ASP N 520 -11.63 -102.01 -23.12
N PHE N 521 -12.11 -102.56 -24.24
CA PHE N 521 -11.98 -103.99 -24.51
C PHE N 521 -10.53 -104.39 -24.67
N TYR N 522 -9.73 -103.59 -25.35
CA TYR N 522 -8.34 -103.93 -25.60
C TYR N 522 -7.43 -103.60 -24.44
N LYS N 523 -7.93 -102.84 -23.47
CA LYS N 523 -7.14 -102.51 -22.31
C LYS N 523 -6.99 -103.73 -21.42
N PRO N 524 -5.85 -103.89 -20.74
CA PRO N 524 -5.67 -105.03 -19.82
C PRO N 524 -6.53 -105.00 -18.57
N ASP N 525 -7.42 -104.03 -18.38
CA ASP N 525 -8.42 -104.15 -17.33
C ASP N 525 -9.50 -105.16 -17.68
N ASN N 526 -9.62 -105.53 -18.95
CA ASN N 526 -10.62 -106.48 -19.41
C ASN N 526 -10.40 -107.84 -18.79
N PRO N 527 -11.38 -108.42 -18.11
CA PRO N 527 -11.26 -109.81 -17.66
C PRO N 527 -11.47 -110.83 -18.76
N THR N 528 -11.96 -110.42 -19.92
CA THR N 528 -12.34 -111.35 -20.99
C THR N 528 -11.46 -111.22 -22.23
N LEU N 529 -10.20 -110.87 -22.06
CA LEU N 529 -9.29 -110.92 -23.20
C LEU N 529 -8.82 -112.32 -23.59
N PRO N 530 -8.53 -113.26 -22.68
CA PRO N 530 -8.31 -114.64 -23.15
C PRO N 530 -9.57 -115.38 -23.56
N THR N 531 -10.74 -114.73 -23.47
CA THR N 531 -11.98 -115.36 -23.86
C THR N 531 -12.12 -115.45 -25.36
N GLU N 532 -11.93 -114.32 -26.06
CA GLU N 532 -12.09 -114.28 -27.51
C GLU N 532 -10.97 -115.04 -28.19
N ARG N 533 -11.31 -116.14 -28.83
CA ARG N 533 -10.27 -116.90 -29.51
C ARG N 533 -10.53 -117.08 -30.99
N HIS N 534 -11.80 -117.25 -31.39
CA HIS N 534 -12.17 -117.46 -32.78
C HIS N 534 -13.38 -116.57 -32.96
N PRO N 535 -13.47 -115.80 -34.04
CA PRO N 535 -14.50 -114.76 -34.10
C PRO N 535 -15.88 -115.32 -34.31
N PHE N 536 -15.97 -116.52 -34.85
CA PHE N 536 -17.24 -117.20 -35.01
C PHE N 536 -17.67 -117.94 -33.75
N PHE N 537 -16.75 -118.21 -32.84
CA PHE N 537 -16.98 -119.14 -31.74
C PHE N 537 -16.83 -118.41 -30.42
N ASP N 538 -17.93 -118.36 -29.66
CA ASP N 538 -17.92 -117.85 -28.30
C ASP N 538 -17.40 -118.95 -27.37
N LEU N 539 -16.45 -118.59 -26.53
CA LEU N 539 -15.84 -119.54 -25.60
C LEU N 539 -16.10 -119.06 -24.19
N THR N 540 -16.14 -120.00 -23.25
CA THR N 540 -16.44 -119.66 -21.86
C THR N 540 -15.98 -120.77 -20.92
N TYR N 541 -16.23 -120.55 -19.64
CA TYR N 541 -15.98 -121.53 -18.59
C TYR N 541 -17.30 -121.88 -17.93
N ILE N 542 -17.60 -123.17 -17.82
CA ILE N 542 -18.79 -123.62 -17.11
C ILE N 542 -18.39 -124.68 -16.09
N GLN N 543 -19.22 -124.78 -15.05
CA GLN N 543 -18.99 -125.62 -13.88
C GLN N 543 -19.94 -126.80 -13.92
N LYS N 544 -19.41 -127.99 -14.18
CA LYS N 544 -20.15 -129.24 -13.97
C LYS N 544 -19.35 -130.12 -13.03
N ASN N 545 -19.97 -130.43 -11.87
CA ASN N 545 -19.36 -131.18 -10.77
C ASN N 545 -18.07 -130.52 -10.28
N ARG N 546 -18.10 -129.19 -10.22
CA ARG N 546 -17.01 -128.33 -9.74
C ARG N 546 -15.71 -128.53 -10.52
N ALA N 547 -15.84 -128.81 -11.81
CA ALA N 547 -14.74 -128.71 -12.76
C ALA N 547 -15.05 -127.55 -13.69
N THR N 548 -14.00 -126.78 -14.03
CA THR N 548 -14.20 -125.46 -14.61
C THR N 548 -14.74 -125.48 -16.03
N GLU N 549 -14.63 -126.61 -16.73
CA GLU N 549 -15.18 -126.98 -18.03
C GLU N 549 -15.12 -125.91 -19.11
N VAL N 550 -13.97 -125.73 -19.75
CA VAL N 550 -13.88 -124.93 -20.97
C VAL N 550 -14.95 -125.32 -21.98
N LEU N 551 -15.47 -124.34 -22.71
CA LEU N 551 -16.66 -124.58 -23.53
C LEU N 551 -16.62 -123.73 -24.79
N CYS N 552 -16.75 -124.38 -25.94
CA CYS N 552 -16.88 -123.69 -27.21
C CYS N 552 -18.32 -123.75 -27.68
N THR N 553 -18.78 -122.68 -28.31
CA THR N 553 -20.17 -122.52 -28.72
C THR N 553 -20.22 -121.56 -29.91
N PRO N 554 -20.77 -121.96 -31.05
CA PRO N 554 -20.78 -121.06 -32.23
C PRO N 554 -21.74 -119.90 -32.06
N ARG N 555 -21.19 -118.69 -32.10
CA ARG N 555 -21.98 -117.51 -32.45
C ARG N 555 -22.56 -117.73 -33.83
N ILE N 556 -23.88 -117.75 -33.95
CA ILE N 556 -24.45 -117.95 -35.27
C ILE N 556 -24.68 -116.64 -35.97
N MET N 557 -25.41 -115.74 -35.33
CA MET N 557 -25.82 -114.52 -35.99
C MET N 557 -24.77 -113.43 -35.82
N ILE N 558 -24.74 -112.51 -36.78
CA ILE N 558 -23.73 -111.46 -36.83
C ILE N 558 -23.87 -110.50 -35.66
N GLY N 559 -25.07 -110.38 -35.09
CA GLY N 559 -25.25 -109.53 -33.94
C GLY N 559 -24.65 -110.09 -32.68
N ASN N 560 -24.53 -111.41 -32.58
CA ASN N 560 -24.05 -112.02 -31.34
C ASN N 560 -22.56 -111.85 -31.12
N MET N 561 -21.83 -111.32 -32.10
CA MET N 561 -20.49 -110.84 -31.84
C MET N 561 -20.57 -109.68 -30.84
N PRO N 562 -19.59 -109.54 -29.95
CA PRO N 562 -19.70 -108.55 -28.88
C PRO N 562 -19.63 -107.14 -29.40
N LEU N 563 -20.36 -106.25 -28.72
CA LEU N 563 -20.48 -104.87 -29.18
C LEU N 563 -19.18 -104.05 -29.18
N PRO N 564 -18.16 -104.31 -28.34
CA PRO N 564 -16.85 -103.73 -28.65
C PRO N 564 -16.20 -104.28 -29.90
N LEU N 565 -16.68 -105.41 -30.43
CA LEU N 565 -16.12 -105.99 -31.65
C LEU N 565 -16.97 -105.72 -32.87
N ALA N 566 -18.19 -105.24 -32.68
CA ALA N 566 -19.06 -104.77 -33.73
C ALA N 566 -20.00 -103.75 -33.12
N PRO N 567 -19.70 -102.45 -33.22
CA PRO N 567 -20.50 -101.44 -32.55
C PRO N 567 -21.86 -101.29 -33.22
N ILE N 568 -22.77 -100.62 -32.52
CA ILE N 568 -24.14 -100.53 -33.00
C ILE N 568 -24.25 -99.56 -34.17
N SER N 569 -23.35 -98.58 -34.24
CA SER N 569 -23.29 -97.73 -35.41
C SER N 569 -22.82 -98.51 -36.63
N PHE N 570 -21.97 -99.52 -36.42
CA PHE N 570 -21.55 -100.38 -37.52
C PHE N 570 -22.71 -101.21 -38.05
N HIS N 571 -23.54 -101.75 -37.16
CA HIS N 571 -24.70 -102.50 -37.61
C HIS N 571 -25.70 -101.60 -38.33
N GLU N 572 -25.84 -100.35 -37.86
CA GLU N 572 -26.71 -99.42 -38.57
C GLU N 572 -26.14 -99.05 -39.94
N ALA N 573 -24.82 -99.00 -40.06
CA ALA N 573 -24.21 -98.69 -41.36
C ALA N 573 -24.37 -99.84 -42.34
N ARG N 574 -24.17 -101.08 -41.87
CA ARG N 574 -24.45 -102.26 -42.69
C ARG N 574 -25.92 -102.34 -43.08
N THR N 575 -26.79 -101.89 -42.18
CA THR N 575 -28.20 -101.85 -42.46
C THR N 575 -28.53 -100.82 -43.53
N ASN N 576 -27.87 -99.66 -43.50
CA ASN N 576 -28.10 -98.67 -44.54
C ASN N 576 -27.52 -99.12 -45.86
N GLN N 577 -26.46 -99.96 -45.84
CA GLN N 577 -26.01 -100.63 -47.06
C GLN N 577 -27.12 -101.49 -47.65
N MET N 578 -27.74 -102.35 -46.83
CA MET N 578 -28.82 -103.19 -47.37
C MET N 578 -30.06 -102.39 -47.72
N LEU N 579 -30.34 -101.29 -47.03
CA LEU N 579 -31.49 -100.45 -47.37
C LEU N 579 -31.26 -99.73 -48.70
N GLU N 580 -30.05 -99.24 -48.94
CA GLU N 580 -29.74 -98.62 -50.22
C GLU N 580 -29.73 -99.66 -51.33
N HIS N 581 -29.29 -100.88 -51.03
CA HIS N 581 -29.27 -101.92 -52.04
C HIS N 581 -30.68 -102.45 -52.33
N ALA N 582 -31.59 -102.35 -51.36
CA ALA N 582 -32.97 -102.73 -51.57
C ALA N 582 -33.82 -101.61 -52.13
N LYS N 583 -33.33 -100.37 -52.05
CA LYS N 583 -34.04 -99.15 -52.47
C LYS N 583 -35.38 -99.01 -51.75
N THR N 584 -35.45 -99.45 -50.50
CA THR N 584 -36.65 -99.38 -49.68
C THR N 584 -36.33 -98.54 -48.46
N ASN N 585 -36.46 -97.23 -48.60
CA ASN N 585 -36.16 -96.32 -47.50
C ASN N 585 -37.26 -95.28 -47.37
N SER N 586 -38.50 -95.75 -47.33
CA SER N 586 -39.64 -94.84 -47.24
C SER N 586 -39.75 -94.26 -45.84
N HIS N 587 -39.99 -92.96 -45.77
CA HIS N 587 -40.21 -92.27 -44.50
C HIS N 587 -41.69 -92.17 -44.15
N ASN N 588 -42.52 -93.03 -44.72
CA ASN N 588 -43.96 -92.92 -44.54
C ASN N 588 -44.41 -93.37 -43.16
N TYR N 589 -43.58 -94.11 -42.43
CA TYR N 589 -44.07 -94.89 -41.31
C TYR N 589 -43.71 -94.32 -39.96
N ASP N 590 -42.98 -93.20 -39.91
CA ASP N 590 -42.55 -92.63 -38.62
C ASP N 590 -43.74 -92.12 -37.83
N PHE N 591 -44.74 -91.57 -38.52
CA PHE N 591 -45.96 -91.13 -37.86
C PHE N 591 -46.75 -92.31 -37.31
N THR N 592 -46.64 -93.47 -37.93
CA THR N 592 -47.24 -94.68 -37.36
C THR N 592 -46.46 -95.13 -36.12
N LEU N 593 -45.13 -95.14 -36.23
CA LEU N 593 -44.28 -95.70 -35.19
C LEU N 593 -44.32 -94.88 -33.92
N LYS N 594 -44.58 -93.57 -34.02
CA LYS N 594 -44.78 -92.74 -32.83
C LYS N 594 -45.97 -93.23 -32.00
N ILE N 595 -47.12 -93.44 -32.66
CA ILE N 595 -48.32 -93.84 -31.94
C ILE N 595 -48.22 -95.29 -31.48
N VAL N 596 -47.52 -96.13 -32.26
CA VAL N 596 -47.28 -97.50 -31.82
C VAL N 596 -46.39 -97.52 -30.57
N THR N 597 -45.38 -96.65 -30.53
CA THR N 597 -44.51 -96.54 -29.35
C THR N 597 -45.29 -96.03 -28.14
N GLU N 598 -46.17 -95.06 -28.34
CA GLU N 598 -46.98 -94.55 -27.24
C GLU N 598 -47.94 -95.62 -26.71
N SER N 599 -48.49 -96.44 -27.59
CA SER N 599 -49.33 -97.54 -27.16
C SER N 599 -48.53 -98.61 -26.42
N LEU N 600 -47.32 -98.90 -26.89
CA LEU N 600 -46.52 -99.93 -26.23
C LEU N 600 -45.92 -99.45 -24.93
N THR N 601 -45.81 -98.13 -24.73
CA THR N 601 -45.20 -97.60 -23.52
C THR N 601 -46.23 -97.30 -22.43
N SER N 602 -47.36 -96.67 -22.80
CA SER N 602 -48.35 -96.27 -21.81
C SER N 602 -49.01 -97.49 -21.18
N GLY N 603 -48.80 -97.66 -19.88
CA GLY N 603 -49.28 -98.83 -19.18
C GLY N 603 -50.70 -98.72 -18.66
N SER N 604 -51.60 -98.23 -19.51
CA SER N 604 -53.01 -98.13 -19.18
C SER N 604 -53.86 -99.09 -20.01
N TYR N 605 -53.21 -100.07 -20.63
CA TYR N 605 -53.83 -101.01 -21.57
C TYR N 605 -54.93 -101.82 -20.89
N PRO N 606 -56.09 -101.98 -21.53
CA PRO N 606 -57.26 -102.50 -20.84
C PRO N 606 -57.19 -104.01 -20.67
N GLU N 607 -58.00 -104.51 -19.74
CA GLU N 607 -57.89 -105.90 -19.35
C GLU N 607 -58.63 -106.84 -20.29
N LEU N 608 -59.63 -106.37 -21.03
CA LEU N 608 -60.39 -107.24 -21.90
C LEU N 608 -59.58 -107.67 -23.12
N ALA N 609 -58.54 -106.91 -23.48
CA ALA N 609 -57.77 -107.22 -24.68
C ALA N 609 -56.97 -108.50 -24.54
N TYR N 610 -56.45 -108.78 -23.35
CA TYR N 610 -55.79 -110.06 -23.10
C TYR N 610 -56.78 -111.22 -23.19
N VAL N 611 -57.99 -111.00 -22.68
CA VAL N 611 -59.06 -112.00 -22.73
C VAL N 611 -59.44 -112.29 -24.18
N ILE N 612 -59.50 -111.26 -25.01
CA ILE N 612 -59.81 -111.44 -26.42
C ILE N 612 -58.67 -112.16 -27.14
N GLU N 613 -57.42 -111.79 -26.81
CA GLU N 613 -56.27 -112.44 -27.45
C GLU N 613 -56.11 -113.90 -27.05
N ILE N 614 -56.68 -114.33 -25.92
CA ILE N 614 -56.69 -115.76 -25.63
C ILE N 614 -57.99 -116.45 -26.02
N LEU N 615 -59.09 -115.71 -26.21
CA LEU N 615 -60.29 -116.34 -26.79
C LEU N 615 -60.08 -116.64 -28.26
N VAL N 616 -59.86 -115.61 -29.06
CA VAL N 616 -59.53 -115.89 -30.45
C VAL N 616 -58.05 -116.22 -30.52
N HIS N 617 -57.69 -117.07 -31.47
CA HIS N 617 -56.29 -117.38 -31.69
C HIS N 617 -56.02 -117.42 -33.18
N GLY N 618 -56.69 -116.57 -33.93
CA GLY N 618 -56.47 -116.47 -35.35
C GLY N 618 -57.22 -117.44 -36.21
N ASN N 619 -58.15 -118.22 -35.65
CA ASN N 619 -58.95 -119.09 -36.50
C ASN N 619 -60.01 -118.33 -37.29
N LYS N 620 -60.26 -117.08 -36.91
CA LYS N 620 -60.92 -115.98 -37.62
C LYS N 620 -62.42 -116.18 -37.75
N HIS N 621 -62.93 -117.39 -37.45
CA HIS N 621 -64.36 -117.54 -37.30
C HIS N 621 -64.83 -116.94 -35.99
N ALA N 622 -64.08 -117.18 -34.91
CA ALA N 622 -64.32 -116.49 -33.65
C ALA N 622 -64.09 -114.99 -33.78
N PHE N 623 -63.20 -114.57 -34.67
CA PHE N 623 -63.00 -113.15 -34.88
C PHE N 623 -64.20 -112.52 -35.57
N MET N 624 -64.75 -113.19 -36.59
CA MET N 624 -65.95 -112.68 -37.23
C MET N 624 -67.16 -112.76 -36.30
N ILE N 625 -67.13 -113.64 -35.30
CA ILE N 625 -68.11 -113.56 -34.22
C ILE N 625 -67.87 -112.30 -33.38
N LEU N 626 -66.63 -112.07 -32.96
CA LEU N 626 -66.27 -110.91 -32.15
C LEU N 626 -66.00 -109.66 -32.95
N LYS N 627 -66.54 -109.53 -34.15
CA LYS N 627 -66.20 -108.41 -35.02
C LYS N 627 -66.71 -107.09 -34.45
N GLN N 628 -67.80 -107.10 -33.68
CA GLN N 628 -68.35 -105.86 -33.14
C GLN N 628 -67.82 -105.52 -31.75
N VAL N 629 -67.46 -106.51 -30.94
CA VAL N 629 -66.92 -106.26 -29.61
C VAL N 629 -65.54 -105.61 -29.71
N ILE N 630 -64.68 -106.21 -30.53
CA ILE N 630 -63.37 -105.66 -30.85
C ILE N 630 -63.51 -104.30 -31.52
N SER N 631 -64.58 -104.12 -32.31
CA SER N 631 -64.86 -102.84 -32.94
C SER N 631 -65.13 -101.75 -31.91
N GLN N 632 -66.01 -102.03 -30.95
CA GLN N 632 -66.31 -101.03 -29.92
C GLN N 632 -65.10 -100.76 -29.04
N CYS N 633 -64.31 -101.80 -28.74
CA CYS N 633 -63.12 -101.63 -27.91
C CYS N 633 -62.10 -100.74 -28.60
N ILE N 634 -61.73 -101.07 -29.85
CA ILE N 634 -60.74 -100.27 -30.57
C ILE N 634 -61.28 -98.87 -30.88
N SER N 635 -62.58 -98.76 -31.14
CA SER N 635 -63.15 -97.47 -31.53
C SER N 635 -63.17 -96.50 -30.37
N TYR N 636 -63.68 -96.92 -29.20
CA TYR N 636 -63.59 -96.07 -28.02
C TYR N 636 -62.15 -95.83 -27.60
N TRP N 637 -61.31 -96.87 -27.73
CA TRP N 637 -59.98 -96.82 -27.15
C TRP N 637 -59.05 -95.93 -27.95
N PHE N 638 -59.29 -95.78 -29.24
CA PHE N 638 -58.56 -94.82 -30.04
C PHE N 638 -59.27 -93.48 -30.16
N ASN N 639 -60.58 -93.45 -29.95
CA ASN N 639 -61.28 -92.18 -29.99
C ASN N 639 -60.98 -91.33 -28.77
N MET N 640 -60.84 -91.95 -27.61
CA MET N 640 -60.69 -91.18 -26.39
C MET N 640 -59.31 -91.32 -25.76
N LYS N 641 -58.88 -92.55 -25.43
CA LYS N 641 -57.54 -92.74 -24.90
C LYS N 641 -56.45 -92.45 -25.93
N HIS N 642 -56.81 -92.49 -27.23
CA HIS N 642 -55.98 -92.29 -28.42
C HIS N 642 -54.62 -92.98 -28.37
N ILE N 643 -54.57 -94.18 -27.79
CA ILE N 643 -53.46 -95.08 -27.99
C ILE N 643 -54.01 -96.33 -28.66
N LEU N 644 -53.13 -97.08 -29.31
CA LEU N 644 -53.55 -98.16 -30.17
C LEU N 644 -53.85 -99.40 -29.33
N LEU N 645 -54.74 -100.25 -29.85
CA LEU N 645 -55.16 -101.45 -29.17
C LEU N 645 -54.83 -102.65 -30.04
N PHE N 646 -54.56 -103.79 -29.38
CA PHE N 646 -54.15 -105.05 -30.01
C PHE N 646 -52.90 -104.88 -30.87
N CYS N 647 -51.90 -104.22 -30.28
CA CYS N 647 -50.58 -104.12 -30.87
C CYS N 647 -49.61 -105.13 -30.26
N ASN N 648 -50.13 -106.27 -29.80
CA ASN N 648 -49.32 -107.30 -29.16
C ASN N 648 -49.19 -108.56 -29.99
N SER N 649 -50.29 -109.04 -30.55
CA SER N 649 -50.30 -110.33 -31.24
C SER N 649 -50.30 -110.13 -32.74
N PHE N 650 -49.44 -110.88 -33.44
CA PHE N 650 -49.32 -110.69 -34.88
C PHE N 650 -50.54 -111.20 -35.62
N GLU N 651 -51.13 -112.30 -35.14
CA GLU N 651 -52.33 -112.80 -35.79
C GLU N 651 -53.50 -111.85 -35.58
N MET N 652 -53.54 -111.15 -34.44
CA MET N 652 -54.52 -110.10 -34.24
C MET N 652 -54.28 -108.93 -35.18
N ILE N 653 -53.04 -108.49 -35.31
CA ILE N 653 -52.79 -107.29 -36.09
C ILE N 653 -52.84 -107.56 -37.59
N MET N 654 -52.68 -108.82 -38.01
CA MET N 654 -52.88 -109.19 -39.40
C MET N 654 -54.36 -109.43 -39.67
N LEU N 655 -55.09 -109.88 -38.65
CA LEU N 655 -56.50 -110.15 -38.78
C LEU N 655 -57.30 -108.85 -38.86
N ILE N 656 -56.84 -107.80 -38.18
CA ILE N 656 -57.46 -106.49 -38.31
C ILE N 656 -57.24 -105.94 -39.72
N SER N 657 -56.06 -106.18 -40.28
CA SER N 657 -55.80 -105.72 -41.65
C SER N 657 -56.65 -106.47 -42.66
N ASN N 658 -56.82 -107.78 -42.47
CA ASN N 658 -57.53 -108.58 -43.46
C ASN N 658 -59.05 -108.43 -43.32
N HIS N 659 -59.60 -108.87 -42.20
CA HIS N 659 -61.04 -109.09 -42.12
C HIS N 659 -61.79 -107.96 -41.44
N MET N 660 -61.12 -107.14 -40.66
CA MET N 660 -61.71 -105.94 -40.11
C MET N 660 -61.64 -104.83 -41.16
N GLY N 661 -62.67 -104.00 -41.18
CA GLY N 661 -62.68 -102.92 -42.16
C GLY N 661 -62.67 -101.55 -41.51
N ASP N 662 -63.46 -100.64 -42.05
CA ASP N 662 -63.59 -99.32 -41.45
C ASP N 662 -64.95 -99.12 -40.82
N GLU N 663 -65.86 -100.07 -40.96
CA GLU N 663 -67.11 -100.02 -40.24
C GLU N 663 -66.86 -100.28 -38.77
N LEU N 664 -67.29 -99.35 -37.92
CA LEU N 664 -67.11 -99.36 -36.47
C LEU N 664 -65.62 -99.39 -36.10
N ILE N 665 -64.80 -98.68 -36.88
CA ILE N 665 -63.46 -98.30 -36.44
C ILE N 665 -63.14 -96.92 -36.96
N PRO N 666 -62.28 -96.19 -36.27
CA PRO N 666 -61.72 -94.98 -36.88
C PRO N 666 -60.70 -95.31 -37.97
N GLY N 667 -60.86 -94.62 -39.09
CA GLY N 667 -60.10 -94.91 -40.29
C GLY N 667 -58.63 -94.59 -40.15
N ALA N 668 -58.29 -93.62 -39.31
CA ALA N 668 -56.89 -93.36 -39.03
C ALA N 668 -56.24 -94.52 -38.31
N ALA N 669 -56.95 -95.13 -37.34
CA ALA N 669 -56.38 -96.30 -36.67
C ALA N 669 -56.33 -97.51 -37.60
N PHE N 670 -57.31 -97.66 -38.49
CA PHE N 670 -57.24 -98.72 -39.49
C PHE N 670 -56.07 -98.53 -40.44
N ALA N 671 -55.78 -97.28 -40.80
CA ALA N 671 -54.59 -96.97 -41.58
C ALA N 671 -53.32 -97.28 -40.80
N HIS N 672 -53.33 -97.11 -39.49
CA HIS N 672 -52.17 -97.51 -38.68
C HIS N 672 -51.93 -99.01 -38.74
N TYR N 673 -53.00 -99.81 -38.63
CA TYR N 673 -52.83 -101.26 -38.70
C TYR N 673 -52.34 -101.69 -40.09
N ARG N 674 -52.88 -101.07 -41.14
CA ARG N 674 -52.47 -101.41 -42.49
C ARG N 674 -51.02 -101.00 -42.76
N ASN N 675 -50.59 -99.86 -42.20
CA ASN N 675 -49.20 -99.45 -42.32
C ASN N 675 -48.26 -100.37 -41.57
N LEU N 676 -48.68 -100.92 -40.43
CA LEU N 676 -47.82 -101.87 -39.71
C LEU N 676 -47.65 -103.16 -40.50
N VAL N 677 -48.72 -103.64 -41.12
CA VAL N 677 -48.60 -104.84 -41.95
C VAL N 677 -47.71 -104.60 -43.16
N SER N 678 -47.83 -103.42 -43.78
CA SER N 678 -46.96 -103.09 -44.92
C SER N 678 -45.52 -102.88 -44.48
N LEU N 679 -45.30 -102.40 -43.26
CA LEU N 679 -43.95 -102.28 -42.71
C LEU N 679 -43.29 -103.65 -42.56
N ILE N 680 -44.04 -104.62 -42.03
CA ILE N 680 -43.47 -105.96 -41.87
C ILE N 680 -43.20 -106.60 -43.23
N ARG N 681 -44.03 -106.26 -44.23
CA ARG N 681 -43.72 -106.66 -45.61
C ARG N 681 -42.41 -106.06 -46.10
N LEU N 682 -42.17 -104.77 -45.81
CA LEU N 682 -40.94 -104.12 -46.26
C LEU N 682 -39.71 -104.70 -45.57
N VAL N 683 -39.84 -105.09 -44.30
CA VAL N 683 -38.73 -105.73 -43.61
C VAL N 683 -38.41 -107.08 -44.24
N LYS N 684 -39.46 -107.86 -44.57
CA LYS N 684 -39.25 -109.15 -45.23
C LYS N 684 -38.57 -108.97 -46.59
N ARG N 685 -38.95 -107.93 -47.33
CA ARG N 685 -38.28 -107.63 -48.60
C ARG N 685 -36.81 -107.28 -48.39
N THR N 686 -36.54 -106.35 -47.46
CA THR N 686 -35.22 -105.76 -47.28
C THR N 686 -34.20 -106.79 -46.82
N ILE N 687 -34.58 -107.73 -45.97
CA ILE N 687 -33.66 -108.81 -45.64
C ILE N 687 -34.04 -110.11 -46.34
N SER N 688 -34.85 -110.04 -47.40
CA SER N 688 -34.92 -111.12 -48.37
C SER N 688 -34.36 -110.68 -49.71
N ILE N 689 -33.50 -109.66 -49.71
CA ILE N 689 -32.62 -109.39 -50.85
C ILE N 689 -31.91 -110.67 -51.30
N SER N 690 -31.17 -111.32 -50.39
CA SER N 690 -30.19 -112.33 -50.77
C SER N 690 -30.88 -113.66 -51.08
N ASN N 691 -31.57 -113.68 -52.22
CA ASN N 691 -32.40 -114.81 -52.61
C ASN N 691 -31.99 -115.26 -54.01
N ILE N 692 -31.49 -116.50 -54.10
CA ILE N 692 -30.88 -117.04 -55.30
C ILE N 692 -31.48 -118.42 -55.53
N ASN N 693 -31.70 -118.78 -56.79
CA ASN N 693 -32.29 -120.09 -57.11
C ASN N 693 -31.33 -121.24 -56.82
N GLU N 694 -31.11 -121.56 -55.54
CA GLU N 694 -30.32 -122.73 -55.22
C GLU N 694 -30.69 -123.26 -53.85
N GLN N 695 -31.01 -124.55 -53.80
CA GLN N 695 -31.02 -125.28 -52.55
C GLN N 695 -29.74 -126.10 -52.46
N LEU N 696 -29.31 -126.40 -51.24
CA LEU N 696 -28.08 -127.14 -51.04
C LEU N 696 -28.32 -128.52 -50.43
N CYS N 697 -28.91 -128.59 -49.25
CA CYS N 697 -29.28 -129.87 -48.67
C CYS N 697 -30.76 -130.14 -48.84
N GLY N 698 -31.60 -129.33 -48.21
CA GLY N 698 -33.02 -129.28 -48.52
C GLY N 698 -33.54 -127.88 -48.34
N GLU N 699 -32.67 -127.01 -47.94
CA GLU N 699 -33.01 -125.65 -47.55
C GLU N 699 -32.65 -124.66 -48.66
N PRO N 700 -33.44 -123.62 -48.83
CA PRO N 700 -33.06 -122.54 -49.74
C PRO N 700 -31.86 -121.76 -49.23
N LEU N 701 -31.30 -120.98 -50.14
CA LEU N 701 -30.04 -120.32 -49.84
C LEU N 701 -30.23 -119.18 -48.85
N VAL N 702 -31.43 -118.62 -48.77
CA VAL N 702 -31.65 -117.56 -47.80
C VAL N 702 -31.89 -118.16 -46.43
N ASN N 703 -32.45 -119.37 -46.39
CA ASN N 703 -32.47 -120.16 -45.17
C ASN N 703 -31.04 -120.42 -44.69
N PHE N 704 -30.10 -120.63 -45.61
CA PHE N 704 -28.70 -120.68 -45.15
C PHE N 704 -28.18 -119.31 -44.75
N ALA N 705 -28.69 -118.25 -45.37
CA ALA N 705 -28.12 -116.91 -45.19
C ALA N 705 -28.50 -116.30 -43.85
N ASN N 706 -29.78 -116.26 -43.56
CA ASN N 706 -30.32 -115.44 -42.49
C ASN N 706 -31.09 -116.35 -41.54
N ALA N 707 -30.73 -116.31 -40.26
CA ALA N 707 -31.39 -117.15 -39.27
C ALA N 707 -32.81 -116.70 -38.96
N LEU N 708 -33.24 -115.58 -39.51
CA LEU N 708 -34.63 -115.18 -39.39
C LEU N 708 -35.52 -115.91 -40.39
N PHE N 709 -34.94 -116.63 -41.36
CA PHE N 709 -35.72 -117.32 -42.38
C PHE N 709 -35.66 -118.83 -42.27
N ASP N 710 -35.26 -119.37 -41.12
CA ASP N 710 -34.96 -120.79 -41.06
C ASP N 710 -36.12 -121.58 -40.47
N GLY N 711 -35.93 -122.89 -40.43
CA GLY N 711 -36.82 -123.79 -39.73
C GLY N 711 -36.32 -124.04 -38.32
N ARG N 712 -35.49 -123.13 -37.81
CA ARG N 712 -34.97 -123.26 -36.47
C ARG N 712 -35.46 -122.18 -35.52
N LEU N 713 -36.01 -121.09 -36.04
CA LEU N 713 -36.50 -119.98 -35.24
C LEU N 713 -38.01 -119.95 -35.33
N PHE N 714 -38.69 -119.92 -34.19
CA PHE N 714 -40.01 -120.52 -34.10
C PHE N 714 -41.15 -119.57 -33.72
N CYS N 715 -41.00 -118.26 -33.94
CA CYS N 715 -42.03 -117.24 -33.64
C CYS N 715 -42.47 -117.33 -32.18
N PRO N 716 -41.70 -116.73 -31.24
CA PRO N 716 -41.79 -117.05 -29.79
C PRO N 716 -43.16 -117.26 -29.13
N PHE N 717 -44.22 -116.71 -29.70
CA PHE N 717 -45.58 -117.04 -29.32
C PHE N 717 -46.27 -117.73 -30.48
N VAL N 718 -46.63 -119.00 -30.29
CA VAL N 718 -47.42 -119.72 -31.29
C VAL N 718 -48.74 -120.16 -30.66
N HIS N 719 -49.60 -120.77 -31.46
CA HIS N 719 -50.87 -121.28 -30.96
C HIS N 719 -51.22 -122.67 -31.45
N THR N 720 -50.66 -123.14 -32.57
CA THR N 720 -50.90 -124.51 -32.99
C THR N 720 -49.62 -125.34 -33.01
N MET N 721 -48.65 -124.97 -33.85
CA MET N 721 -47.42 -125.69 -34.09
C MET N 721 -46.57 -124.83 -35.02
N PRO N 722 -45.27 -124.81 -34.88
CA PRO N 722 -44.44 -124.27 -35.96
C PRO N 722 -44.43 -125.20 -37.16
N ARG N 723 -43.79 -124.76 -38.24
CA ARG N 723 -43.98 -125.44 -39.51
C ARG N 723 -43.22 -126.77 -39.57
N ASN N 724 -41.98 -126.78 -39.08
CA ASN N 724 -41.06 -127.94 -39.10
C ASN N 724 -40.86 -128.48 -40.51
N ASP N 725 -40.26 -127.65 -41.36
CA ASP N 725 -39.70 -128.14 -42.60
C ASP N 725 -38.56 -129.11 -42.33
N THR N 726 -37.85 -128.90 -41.23
CA THR N 726 -36.75 -129.73 -40.79
C THR N 726 -37.21 -130.76 -39.77
N ASN N 727 -36.25 -131.41 -39.11
CA ASN N 727 -36.54 -132.31 -38.00
C ASN N 727 -36.05 -131.67 -36.70
N ALA N 728 -36.88 -130.80 -36.14
CA ALA N 728 -36.58 -130.26 -34.83
C ALA N 728 -37.05 -131.26 -33.77
N LYS N 729 -36.77 -130.97 -32.50
CA LYS N 729 -37.20 -131.83 -31.42
C LYS N 729 -37.96 -130.97 -30.43
N ILE N 730 -39.26 -130.84 -30.65
CA ILE N 730 -40.12 -130.08 -29.74
C ILE N 730 -40.53 -131.02 -28.62
N THR N 731 -40.30 -130.60 -27.37
CA THR N 731 -40.61 -131.42 -26.21
C THR N 731 -41.44 -130.62 -25.22
N ALA N 732 -42.53 -131.22 -24.76
CA ALA N 732 -43.25 -130.74 -23.59
C ALA N 732 -42.97 -131.57 -22.35
N ASP N 733 -42.57 -132.83 -22.55
CA ASP N 733 -42.13 -133.73 -21.50
C ASP N 733 -40.77 -134.28 -21.90
N ASP N 734 -40.32 -135.34 -21.22
CA ASP N 734 -39.18 -136.09 -21.71
C ASP N 734 -39.48 -136.74 -23.07
N THR N 735 -40.74 -137.03 -23.35
CA THR N 735 -41.13 -137.62 -24.62
C THR N 735 -41.16 -136.55 -25.70
N PRO N 736 -40.47 -136.74 -26.82
CA PRO N 736 -40.63 -135.83 -27.95
C PRO N 736 -41.98 -136.02 -28.62
N LEU N 737 -42.36 -135.04 -29.43
CA LEU N 737 -43.64 -135.08 -30.12
C LEU N 737 -43.42 -134.95 -31.63
N THR N 738 -44.24 -135.67 -32.38
CA THR N 738 -44.31 -135.51 -33.84
C THR N 738 -45.74 -135.27 -34.27
N GLN N 739 -45.97 -135.33 -35.59
CA GLN N 739 -47.33 -135.33 -36.13
C GLN N 739 -48.11 -136.55 -35.66
N ASN N 740 -47.42 -137.68 -35.44
CA ASN N 740 -48.05 -138.86 -34.89
C ASN N 740 -48.46 -138.65 -33.44
N THR N 741 -47.58 -138.03 -32.64
CA THR N 741 -47.83 -137.89 -31.21
C THR N 741 -48.90 -136.85 -30.92
N VAL N 742 -48.89 -135.74 -31.66
CA VAL N 742 -49.80 -134.64 -31.35
C VAL N 742 -51.22 -134.99 -31.83
N ARG N 743 -52.18 -134.86 -30.91
CA ARG N 743 -53.57 -135.15 -31.25
C ARG N 743 -54.22 -133.99 -32.01
N VAL N 744 -55.00 -134.35 -33.04
CA VAL N 744 -55.70 -133.36 -33.84
C VAL N 744 -56.87 -132.80 -33.04
N ARG N 745 -57.29 -131.58 -33.38
CA ARG N 745 -58.36 -130.91 -32.67
C ARG N 745 -59.60 -130.76 -33.54
N ASN N 746 -60.76 -130.88 -32.91
CA ASN N 746 -62.05 -130.71 -33.56
C ASN N 746 -62.89 -129.83 -32.66
N TYR N 747 -63.40 -128.74 -33.21
CA TYR N 747 -64.22 -127.81 -32.45
C TYR N 747 -65.70 -128.16 -32.51
N GLU N 748 -66.06 -129.28 -33.11
CA GLU N 748 -67.46 -129.64 -33.28
C GLU N 748 -67.88 -130.84 -32.44
N ILE N 749 -66.98 -131.77 -32.12
CA ILE N 749 -67.36 -132.97 -31.39
C ILE N 749 -67.10 -132.83 -29.88
N SER N 750 -66.01 -132.14 -29.50
CA SER N 750 -65.74 -131.65 -28.14
C SER N 750 -65.72 -132.78 -27.10
N ASP N 751 -64.74 -133.66 -27.23
CA ASP N 751 -64.59 -134.77 -26.32
C ASP N 751 -64.15 -134.30 -24.92
N VAL N 752 -64.50 -135.11 -23.92
CA VAL N 752 -64.13 -134.88 -22.54
C VAL N 752 -62.62 -135.09 -22.32
N GLN N 753 -61.99 -135.84 -23.22
CA GLN N 753 -60.56 -136.11 -23.11
C GLN N 753 -59.75 -134.83 -23.23
N ARG N 754 -60.08 -133.99 -24.21
CA ARG N 754 -59.40 -132.71 -24.37
C ARG N 754 -59.65 -131.79 -23.17
N MET N 755 -60.82 -131.91 -22.54
CA MET N 755 -61.09 -131.17 -21.31
C MET N 755 -60.18 -131.61 -20.17
N ASN N 756 -59.84 -132.89 -20.11
CA ASN N 756 -58.87 -133.32 -19.09
C ASN N 756 -57.44 -132.95 -19.48
N LEU N 757 -57.17 -132.91 -20.77
CA LEU N 757 -55.82 -132.70 -21.26
C LEU N 757 -55.48 -131.23 -21.42
N ILE N 758 -56.41 -130.32 -21.11
CA ILE N 758 -55.96 -128.94 -20.90
C ILE N 758 -55.22 -128.82 -19.57
N ASP N 759 -55.55 -129.68 -18.59
CA ASP N 759 -54.75 -129.69 -17.38
C ASP N 759 -53.51 -130.56 -17.55
N SER N 760 -53.66 -131.70 -18.22
CA SER N 760 -52.48 -132.52 -18.48
C SER N 760 -51.59 -131.87 -19.56
N SER N 761 -50.37 -132.40 -19.71
CA SER N 761 -49.34 -131.77 -20.53
C SER N 761 -49.16 -132.49 -21.87
N VAL N 762 -50.05 -132.20 -22.82
CA VAL N 762 -49.93 -132.68 -24.20
C VAL N 762 -50.27 -131.52 -25.14
N VAL N 763 -49.44 -131.29 -26.16
CA VAL N 763 -49.65 -130.21 -27.11
C VAL N 763 -50.66 -130.65 -28.17
N PHE N 764 -51.56 -129.74 -28.56
CA PHE N 764 -52.60 -130.01 -29.54
C PHE N 764 -52.52 -129.04 -30.72
N THR N 765 -52.81 -129.54 -31.92
CA THR N 765 -52.88 -128.73 -33.13
C THR N 765 -54.27 -128.83 -33.74
N ASP N 766 -54.70 -127.78 -34.41
CA ASP N 766 -56.07 -127.76 -34.91
C ASP N 766 -56.22 -128.51 -36.22
N ASN N 767 -55.70 -127.95 -37.31
CA ASN N 767 -55.67 -128.69 -38.57
C ASN N 767 -54.26 -128.72 -39.13
N ASP N 768 -53.68 -127.54 -39.32
CA ASP N 768 -52.52 -127.37 -40.16
C ASP N 768 -51.63 -126.29 -39.58
N ARG N 769 -50.33 -126.45 -39.82
CA ARG N 769 -49.35 -125.44 -39.45
C ARG N 769 -49.53 -124.20 -40.33
N PRO N 770 -49.10 -123.03 -39.84
CA PRO N 770 -49.16 -121.83 -40.68
C PRO N 770 -48.19 -121.90 -41.85
N SER N 771 -48.39 -120.99 -42.80
CA SER N 771 -47.66 -121.03 -44.05
C SER N 771 -46.25 -120.47 -43.88
N ASN N 772 -45.49 -120.56 -44.98
CA ASN N 772 -44.14 -119.99 -45.07
C ASN N 772 -44.16 -118.50 -44.77
N GLU N 773 -45.05 -117.77 -45.44
CA GLU N 773 -45.09 -116.32 -45.34
C GLU N 773 -45.52 -115.89 -43.95
N ASN N 774 -46.55 -116.54 -43.39
CA ASN N 774 -47.02 -116.16 -42.07
C ASN N 774 -46.03 -116.54 -40.97
N THR N 775 -45.30 -117.63 -41.14
CA THR N 775 -44.26 -117.99 -40.18
C THR N 775 -43.14 -116.95 -40.20
N ILE N 776 -42.70 -116.56 -41.41
CA ILE N 776 -41.66 -115.54 -41.54
C ILE N 776 -42.10 -114.21 -40.93
N LEU N 777 -43.33 -113.79 -41.22
CA LEU N 777 -43.77 -112.49 -40.73
C LEU N 777 -44.07 -112.51 -39.24
N SER N 778 -44.49 -113.65 -38.68
CA SER N 778 -44.64 -113.74 -37.23
C SER N 778 -43.28 -113.68 -36.53
N LYS N 779 -42.27 -114.32 -37.11
CA LYS N 779 -40.89 -114.14 -36.65
C LYS N 779 -40.50 -112.67 -36.67
N ILE N 780 -40.75 -111.98 -37.79
CA ILE N 780 -40.35 -110.58 -37.94
C ILE N 780 -41.02 -109.71 -36.90
N PHE N 781 -42.32 -109.93 -36.67
CA PHE N 781 -43.06 -109.13 -35.70
C PHE N 781 -42.56 -109.38 -34.29
N TYR N 782 -42.75 -110.62 -33.77
CA TYR N 782 -42.41 -110.89 -32.37
C TYR N 782 -40.91 -110.88 -32.10
N PHE N 783 -40.09 -110.70 -33.10
CA PHE N 783 -38.67 -110.96 -32.98
C PHE N 783 -37.83 -109.77 -33.41
N CYS N 784 -38.41 -108.80 -34.10
CA CYS N 784 -37.75 -107.55 -34.35
C CYS N 784 -38.60 -106.34 -34.00
N VAL N 785 -39.90 -106.37 -34.28
CA VAL N 785 -40.67 -105.13 -34.27
C VAL N 785 -41.12 -104.78 -32.87
N LEU N 786 -41.68 -105.76 -32.14
CA LEU N 786 -42.00 -105.54 -30.74
C LEU N 786 -40.82 -105.23 -29.83
N PRO N 787 -39.63 -105.85 -29.94
CA PRO N 787 -38.53 -105.36 -29.09
C PRO N 787 -38.01 -103.99 -29.49
N ALA N 788 -37.93 -103.68 -30.79
CA ALA N 788 -37.35 -102.41 -31.22
C ALA N 788 -38.24 -101.23 -30.87
N LEU N 789 -39.54 -101.45 -30.78
CA LEU N 789 -40.46 -100.39 -30.46
C LEU N 789 -40.93 -100.42 -29.03
N SER N 790 -40.69 -101.52 -28.30
CA SER N 790 -41.07 -101.60 -26.91
C SER N 790 -39.91 -101.32 -25.96
N ASN N 791 -38.66 -101.52 -26.42
CA ASN N 791 -37.45 -101.43 -25.60
C ASN N 791 -37.55 -102.33 -24.37
N ASN N 792 -37.65 -103.63 -24.66
CA ASN N 792 -37.61 -104.73 -23.68
C ASN N 792 -38.78 -104.70 -22.70
N LYS N 793 -39.84 -103.96 -23.01
CA LYS N 793 -40.90 -103.71 -22.03
C LYS N 793 -42.11 -104.62 -22.24
N ALA N 794 -41.88 -105.85 -22.66
CA ALA N 794 -42.94 -106.84 -22.76
C ALA N 794 -42.68 -107.95 -21.75
N CYS N 795 -43.66 -108.85 -21.62
CA CYS N 795 -43.51 -110.01 -20.75
C CYS N 795 -44.47 -111.10 -21.24
N GLY N 796 -43.95 -112.30 -21.46
CA GLY N 796 -44.83 -113.39 -21.81
C GLY N 796 -45.71 -113.79 -20.65
N ALA N 797 -46.83 -114.46 -20.95
CA ALA N 797 -47.72 -114.84 -19.87
C ALA N 797 -48.54 -116.05 -20.25
N GLY N 798 -49.02 -116.72 -19.20
CA GLY N 798 -49.85 -117.89 -19.35
C GLY N 798 -51.12 -117.76 -18.55
N VAL N 799 -52.05 -118.68 -18.81
CA VAL N 799 -53.43 -118.54 -18.39
C VAL N 799 -54.01 -119.91 -18.05
N ASN N 800 -54.67 -120.01 -16.89
CA ASN N 800 -55.59 -121.12 -16.62
C ASN N 800 -56.93 -120.76 -17.25
N VAL N 801 -57.14 -121.24 -18.48
CA VAL N 801 -58.39 -120.95 -19.18
C VAL N 801 -59.57 -121.64 -18.50
N LYS N 802 -59.34 -122.79 -17.86
CA LYS N 802 -60.39 -123.52 -17.16
C LYS N 802 -60.97 -122.70 -16.01
N GLU N 803 -60.12 -122.39 -15.02
CA GLU N 803 -60.57 -121.59 -13.88
C GLU N 803 -60.97 -120.18 -14.31
N LEU N 804 -60.37 -119.68 -15.38
CA LEU N 804 -60.74 -118.38 -15.94
C LEU N 804 -62.21 -118.36 -16.38
N VAL N 805 -62.61 -119.26 -17.27
CA VAL N 805 -63.98 -119.17 -17.77
C VAL N 805 -64.98 -119.62 -16.71
N LEU N 806 -64.58 -120.53 -15.82
CA LEU N 806 -65.48 -120.95 -14.75
C LEU N 806 -65.64 -119.87 -13.70
N ASP N 807 -64.73 -118.90 -13.65
CA ASP N 807 -64.98 -117.72 -12.83
C ASP N 807 -65.71 -116.62 -13.59
N LEU N 808 -65.44 -116.50 -14.90
CA LEU N 808 -66.07 -115.45 -15.70
C LEU N 808 -67.57 -115.64 -15.77
N PHE N 809 -68.02 -116.88 -15.85
CA PHE N 809 -69.44 -117.16 -16.02
C PHE N 809 -69.70 -118.54 -15.44
N TYR N 810 -70.80 -119.17 -15.91
CA TYR N 810 -71.36 -120.49 -15.58
C TYR N 810 -72.18 -120.42 -14.30
N THR N 811 -72.28 -119.25 -13.65
CA THR N 811 -73.08 -119.26 -12.44
C THR N 811 -74.57 -119.12 -12.73
N GLU N 812 -75.03 -117.89 -13.01
CA GLU N 812 -76.44 -117.70 -13.35
C GLU N 812 -76.80 -117.63 -14.84
N PRO N 813 -76.29 -116.67 -15.64
CA PRO N 813 -77.05 -116.27 -16.84
C PRO N 813 -76.84 -117.19 -18.02
N PHE N 814 -75.86 -118.06 -17.97
CA PHE N 814 -75.60 -119.00 -19.06
C PHE N 814 -76.07 -120.40 -18.70
N ILE N 815 -76.55 -120.57 -17.47
CA ILE N 815 -77.32 -121.74 -17.08
C ILE N 815 -78.82 -121.46 -17.20
N CYS N 816 -79.23 -120.20 -17.12
CA CYS N 816 -80.61 -119.80 -17.41
C CYS N 816 -81.00 -120.20 -18.85
N PRO N 817 -82.30 -120.48 -19.09
CA PRO N 817 -82.73 -120.87 -20.44
C PRO N 817 -82.61 -119.74 -21.47
N ASP N 818 -82.99 -120.02 -22.72
CA ASP N 818 -82.73 -119.06 -23.78
C ASP N 818 -83.65 -117.83 -23.71
N ASP N 819 -84.86 -117.98 -23.17
CA ASP N 819 -85.73 -116.82 -22.98
C ASP N 819 -85.16 -115.87 -21.93
N CYS N 820 -84.83 -116.42 -20.76
CA CYS N 820 -84.20 -115.64 -19.70
C CYS N 820 -82.86 -115.08 -20.15
N PHE N 821 -82.15 -115.80 -21.01
CA PHE N 821 -80.89 -115.29 -21.55
C PHE N 821 -81.11 -114.13 -22.50
N GLN N 822 -82.14 -114.23 -23.36
CA GLN N 822 -82.43 -113.19 -24.33
C GLN N 822 -82.92 -111.92 -23.66
N GLU N 823 -83.54 -112.04 -22.48
CA GLU N 823 -83.88 -110.85 -21.71
C GLU N 823 -82.90 -110.57 -20.56
N ASN N 824 -81.79 -111.30 -20.50
CA ASN N 824 -81.18 -111.29 -19.17
C ASN N 824 -80.07 -110.25 -19.07
N PRO N 825 -80.00 -109.54 -17.94
CA PRO N 825 -78.74 -108.92 -17.54
C PRO N 825 -77.74 -109.94 -17.02
N ILE N 826 -76.56 -109.49 -16.66
CA ILE N 826 -75.55 -110.35 -16.05
C ILE N 826 -75.94 -110.51 -14.58
N SER N 827 -75.31 -111.47 -13.89
CA SER N 827 -75.45 -111.66 -12.46
C SER N 827 -74.74 -110.61 -11.62
N SER N 828 -74.20 -109.56 -12.25
CA SER N 828 -73.54 -108.42 -11.62
C SER N 828 -72.34 -108.87 -10.80
N ASP N 829 -71.50 -109.67 -11.43
CA ASP N 829 -70.37 -110.23 -10.71
C ASP N 829 -69.28 -109.19 -10.50
N VAL N 830 -68.36 -109.53 -9.60
CA VAL N 830 -67.30 -108.60 -9.20
C VAL N 830 -66.32 -108.39 -10.35
N LEU N 831 -66.11 -109.42 -11.17
CA LEU N 831 -65.02 -109.40 -12.15
C LEU N 831 -65.49 -108.93 -13.53
N MET N 832 -66.40 -109.67 -14.16
CA MET N 832 -66.53 -109.63 -15.60
C MET N 832 -67.32 -108.42 -16.08
N SER N 833 -68.38 -108.05 -15.37
CA SER N 833 -69.10 -106.81 -15.66
C SER N 833 -68.20 -105.60 -15.43
N LEU N 834 -67.27 -105.69 -14.50
CA LEU N 834 -66.35 -104.59 -14.26
C LEU N 834 -65.24 -104.54 -15.31
N ILE N 835 -64.86 -105.70 -15.88
CA ILE N 835 -63.98 -105.70 -17.04
C ILE N 835 -64.66 -104.99 -18.21
N ARG N 836 -65.96 -105.26 -18.39
CA ARG N 836 -66.67 -104.60 -19.48
C ARG N 836 -66.88 -103.11 -19.21
N GLU N 837 -67.06 -102.73 -17.94
CA GLU N 837 -67.11 -101.31 -17.61
C GLU N 837 -65.75 -100.64 -17.81
N ALA N 838 -64.66 -101.39 -17.60
CA ALA N 838 -63.33 -100.86 -17.89
C ALA N 838 -63.09 -100.70 -19.39
N MET N 839 -63.66 -101.57 -20.21
CA MET N 839 -63.46 -101.34 -21.64
C MET N 839 -64.38 -100.27 -22.18
N GLY N 840 -65.55 -100.06 -21.55
CA GLY N 840 -66.44 -99.02 -21.96
C GLY N 840 -67.22 -98.41 -20.81
N PRO N 841 -67.11 -97.10 -20.63
CA PRO N 841 -67.88 -96.42 -19.57
C PRO N 841 -69.27 -96.00 -20.00
N GLY N 842 -70.29 -96.52 -19.34
CA GLY N 842 -71.65 -96.10 -19.61
C GLY N 842 -72.25 -96.78 -20.83
N TYR N 843 -73.23 -96.07 -21.42
CA TYR N 843 -73.97 -96.41 -22.65
C TYR N 843 -74.62 -97.81 -22.64
N THR N 844 -74.73 -98.45 -21.47
CA THR N 844 -75.21 -99.82 -21.38
C THR N 844 -76.22 -99.89 -20.25
N VAL N 845 -77.38 -100.47 -20.54
CA VAL N 845 -78.45 -100.56 -19.55
C VAL N 845 -78.10 -101.60 -18.49
N ALA N 846 -77.94 -102.85 -18.91
CA ALA N 846 -77.69 -103.96 -18.02
C ALA N 846 -76.22 -104.13 -17.69
N ASN N 847 -75.36 -103.24 -18.21
CA ASN N 847 -73.91 -103.23 -18.37
C ASN N 847 -73.48 -104.16 -19.50
N THR N 848 -74.38 -104.99 -20.05
CA THR N 848 -74.07 -106.11 -20.93
C THR N 848 -74.95 -106.08 -22.17
N SER N 849 -74.97 -104.93 -22.87
CA SER N 849 -75.79 -104.83 -24.06
C SER N 849 -75.18 -105.68 -25.18
N SER N 850 -75.60 -106.95 -25.23
CA SER N 850 -75.30 -107.97 -26.24
C SER N 850 -73.84 -108.45 -26.28
N ILE N 851 -72.97 -107.84 -25.48
CA ILE N 851 -71.56 -108.19 -25.54
C ILE N 851 -71.31 -109.52 -24.82
N ALA N 852 -72.12 -109.85 -23.82
CA ALA N 852 -72.02 -111.16 -23.18
C ALA N 852 -72.46 -112.27 -24.13
N LYS N 853 -73.51 -111.99 -24.92
CA LYS N 853 -73.96 -112.93 -25.93
C LYS N 853 -72.88 -113.17 -26.97
N GLN N 854 -72.21 -112.09 -27.40
CA GLN N 854 -71.10 -112.25 -28.35
C GLN N 854 -69.91 -112.97 -27.74
N LEU N 855 -69.63 -112.71 -26.45
CA LEU N 855 -68.52 -113.36 -25.78
C LEU N 855 -68.77 -114.87 -25.63
N PHE N 856 -70.01 -115.26 -25.38
CA PHE N 856 -70.33 -116.68 -25.25
C PHE N 856 -70.28 -117.38 -26.62
N LYS N 857 -70.92 -116.77 -27.62
CA LYS N 857 -70.91 -117.30 -28.98
C LYS N 857 -69.52 -117.29 -29.62
N SER N 858 -68.57 -116.56 -29.05
CA SER N 858 -67.17 -116.73 -29.41
C SER N 858 -66.41 -117.64 -28.47
N LEU N 859 -66.91 -117.85 -27.25
CA LEU N 859 -66.33 -118.80 -26.31
C LEU N 859 -66.47 -120.23 -26.80
N ILE N 860 -67.33 -120.46 -27.81
CA ILE N 860 -67.43 -121.78 -28.47
C ILE N 860 -66.07 -122.33 -28.95
N TYR N 861 -65.09 -121.46 -29.24
CA TYR N 861 -63.72 -121.87 -29.51
C TYR N 861 -62.88 -121.56 -28.28
N ILE N 862 -62.29 -122.57 -27.65
CA ILE N 862 -61.29 -122.37 -26.60
C ILE N 862 -60.02 -123.14 -26.93
N ASN N 863 -59.01 -122.96 -26.08
CA ASN N 863 -57.73 -123.60 -26.28
C ASN N 863 -57.24 -124.30 -25.02
N GLU N 864 -55.98 -124.72 -25.03
CA GLU N 864 -55.35 -125.41 -23.92
C GLU N 864 -54.97 -124.43 -22.81
N ASN N 865 -54.42 -124.96 -21.73
CA ASN N 865 -53.64 -124.13 -20.83
C ASN N 865 -52.26 -123.90 -21.45
N THR N 866 -51.59 -122.88 -20.97
CA THR N 866 -50.33 -122.46 -21.55
C THR N 866 -49.20 -123.41 -21.18
N LYS N 867 -48.39 -123.79 -22.17
CA LYS N 867 -47.30 -124.73 -21.96
C LYS N 867 -45.98 -124.14 -22.44
N ILE N 868 -44.92 -124.39 -21.67
CA ILE N 868 -43.56 -124.22 -22.16
C ILE N 868 -43.27 -125.34 -23.15
N LEU N 869 -42.47 -125.03 -24.17
CA LEU N 869 -41.93 -126.06 -25.06
C LEU N 869 -40.43 -125.89 -25.20
N GLU N 870 -39.67 -126.91 -24.84
CA GLU N 870 -38.27 -126.91 -25.19
C GLU N 870 -38.08 -127.37 -26.62
N VAL N 871 -37.00 -126.87 -27.24
CA VAL N 871 -36.65 -127.26 -28.58
C VAL N 871 -35.20 -127.70 -28.55
N GLU N 872 -34.95 -128.97 -28.81
CA GLU N 872 -33.61 -129.44 -29.13
C GLU N 872 -33.51 -129.49 -30.66
N VAL N 873 -32.74 -128.57 -31.22
CA VAL N 873 -32.45 -128.57 -32.64
C VAL N 873 -31.01 -128.11 -32.80
N SER N 874 -30.32 -128.64 -33.80
CA SER N 874 -28.98 -128.19 -34.05
C SER N 874 -28.98 -127.32 -35.30
N LEU N 875 -27.79 -126.93 -35.73
CA LEU N 875 -27.63 -125.82 -36.66
C LEU N 875 -27.96 -126.27 -38.08
N ASP N 876 -27.72 -125.39 -39.05
CA ASP N 876 -27.59 -125.80 -40.44
C ASP N 876 -26.33 -126.65 -40.59
N PRO N 877 -26.26 -127.50 -41.62
CA PRO N 877 -25.09 -128.39 -41.76
C PRO N 877 -23.77 -127.66 -41.97
N ALA N 878 -23.80 -126.48 -42.62
CA ALA N 878 -22.59 -125.72 -42.92
C ALA N 878 -21.94 -125.14 -41.67
N GLN N 879 -22.69 -124.95 -40.59
CA GLN N 879 -22.08 -124.67 -39.29
C GLN N 879 -22.00 -125.90 -38.39
N ARG N 880 -22.74 -126.96 -38.74
CA ARG N 880 -22.70 -128.20 -37.98
C ARG N 880 -21.37 -128.91 -38.11
N HIS N 881 -20.68 -128.72 -39.25
CA HIS N 881 -19.46 -129.46 -39.57
C HIS N 881 -18.32 -129.43 -38.55
N GLY N 882 -17.77 -128.25 -38.27
CA GLY N 882 -16.53 -128.18 -37.51
C GLY N 882 -16.65 -128.35 -36.01
N ASN N 883 -16.90 -129.58 -35.56
CA ASN N 883 -17.07 -129.96 -34.14
C ASN N 883 -18.21 -129.17 -33.50
N SER N 884 -19.23 -128.88 -34.29
CA SER N 884 -20.52 -128.47 -33.78
C SER N 884 -21.57 -129.52 -34.09
N VAL N 885 -21.14 -130.76 -34.28
CA VAL N 885 -22.05 -131.85 -34.61
C VAL N 885 -22.96 -132.15 -33.43
N HIS N 886 -22.40 -132.18 -32.22
CA HIS N 886 -23.19 -132.33 -31.01
C HIS N 886 -23.29 -130.96 -30.33
N PHE N 887 -24.22 -130.14 -30.83
CA PHE N 887 -24.43 -128.83 -30.23
C PHE N 887 -25.79 -128.70 -29.57
N GLN N 888 -26.88 -128.90 -30.32
CA GLN N 888 -28.26 -128.93 -29.81
C GLN N 888 -28.63 -127.59 -29.15
N SER N 889 -28.82 -126.59 -30.01
CA SER N 889 -29.38 -125.30 -29.59
C SER N 889 -30.70 -125.50 -28.84
N LEU N 890 -30.87 -124.74 -27.77
CA LEU N 890 -32.03 -124.88 -26.90
C LEU N 890 -32.91 -123.66 -27.05
N GLN N 891 -34.16 -123.88 -27.43
CA GLN N 891 -35.13 -122.81 -27.60
C GLN N 891 -36.35 -123.07 -26.74
N HIS N 892 -36.71 -122.07 -25.95
CA HIS N 892 -37.94 -122.08 -25.19
C HIS N 892 -38.95 -121.20 -25.92
N ILE N 893 -40.13 -121.74 -26.15
CA ILE N 893 -41.21 -121.05 -26.84
C ILE N 893 -42.46 -121.21 -26.01
N LEU N 894 -43.18 -120.11 -25.83
CA LEU N 894 -44.37 -120.12 -24.98
C LEU N 894 -45.55 -120.56 -25.82
N TYR N 895 -45.87 -121.85 -25.74
CA TYR N 895 -47.01 -122.38 -26.48
C TYR N 895 -48.30 -121.99 -25.79
N ASN N 896 -49.23 -121.43 -26.57
CA ASN N 896 -50.55 -120.97 -26.12
C ASN N 896 -50.44 -119.95 -25.00
N GLY N 897 -49.41 -119.11 -25.06
CA GLY N 897 -49.27 -117.98 -24.17
C GLY N 897 -49.64 -116.70 -24.88
N LEU N 898 -49.29 -115.58 -24.26
CA LEU N 898 -49.57 -114.30 -24.89
C LEU N 898 -48.59 -113.27 -24.39
N CYS N 899 -48.29 -112.31 -25.26
CA CYS N 899 -47.49 -111.17 -24.86
C CYS N 899 -48.26 -110.31 -23.88
N LEU N 900 -47.53 -109.57 -23.06
CA LEU N 900 -48.13 -108.78 -22.01
C LEU N 900 -47.36 -107.48 -21.96
N ILE N 901 -48.07 -106.39 -21.66
CA ILE N 901 -47.52 -105.08 -21.90
C ILE N 901 -47.75 -104.16 -20.71
N SER N 902 -48.66 -104.55 -19.81
CA SER N 902 -49.18 -103.61 -18.83
C SER N 902 -49.67 -104.36 -17.61
N PRO N 903 -49.43 -103.83 -16.39
CA PRO N 903 -49.70 -104.59 -15.17
C PRO N 903 -51.17 -104.96 -14.95
N ILE N 904 -51.43 -106.26 -15.06
CA ILE N 904 -52.77 -106.80 -14.90
C ILE N 904 -53.11 -106.87 -13.42
N THR N 905 -54.27 -106.34 -13.07
CA THR N 905 -54.69 -106.16 -11.69
C THR N 905 -55.93 -106.97 -11.32
N THR N 906 -56.94 -106.99 -12.19
CA THR N 906 -58.16 -107.74 -11.90
C THR N 906 -57.93 -109.24 -11.97
N LEU N 907 -57.15 -109.69 -12.96
CA LEU N 907 -56.97 -111.10 -13.25
C LEU N 907 -55.63 -111.62 -12.73
N ARG N 908 -55.19 -111.14 -11.58
CA ARG N 908 -53.93 -111.60 -10.99
C ARG N 908 -53.98 -113.06 -10.56
N ARG N 909 -55.17 -113.58 -10.29
CA ARG N 909 -55.31 -114.98 -9.89
C ARG N 909 -55.09 -115.93 -11.05
N TYR N 910 -55.34 -115.47 -12.28
CA TYR N 910 -55.47 -116.38 -13.42
C TYR N 910 -54.39 -116.22 -14.46
N TYR N 911 -53.54 -115.20 -14.36
CA TYR N 911 -52.47 -114.98 -15.32
C TYR N 911 -51.14 -115.08 -14.60
N GLN N 912 -50.22 -115.86 -15.18
CA GLN N 912 -48.88 -115.98 -14.64
C GLN N 912 -47.91 -115.29 -15.58
N PRO N 913 -47.11 -114.33 -15.10
CA PRO N 913 -46.03 -113.81 -15.92
C PRO N 913 -44.92 -114.84 -16.08
N ILE N 914 -44.57 -115.12 -17.32
CA ILE N 914 -43.56 -116.11 -17.67
C ILE N 914 -42.41 -115.42 -18.37
N PRO N 915 -41.38 -114.98 -17.67
CA PRO N 915 -40.19 -114.41 -18.33
C PRO N 915 -39.29 -115.52 -18.85
N PHE N 916 -39.23 -115.66 -20.18
CA PHE N 916 -38.60 -116.83 -20.75
C PHE N 916 -37.49 -116.47 -21.73
N HIS N 917 -37.66 -115.40 -22.47
CA HIS N 917 -36.73 -115.06 -23.54
C HIS N 917 -35.79 -113.96 -23.07
N ARG N 918 -34.80 -113.67 -23.91
CA ARG N 918 -34.01 -112.45 -23.79
C ARG N 918 -34.91 -111.23 -23.75
N PHE N 919 -35.83 -111.14 -24.70
CA PHE N 919 -36.88 -110.14 -24.65
C PHE N 919 -38.05 -110.71 -23.86
N PHE N 920 -39.16 -109.96 -23.84
CA PHE N 920 -40.43 -110.37 -23.23
C PHE N 920 -40.22 -110.66 -21.74
N SER N 921 -39.37 -109.85 -21.11
CA SER N 921 -38.90 -110.10 -19.79
C SER N 921 -38.77 -108.77 -19.01
N ASP N 922 -39.84 -108.02 -18.89
CA ASP N 922 -39.78 -106.75 -18.18
C ASP N 922 -39.93 -106.97 -16.67
N PRO N 923 -38.97 -106.53 -15.84
CA PRO N 923 -39.17 -106.60 -14.39
C PRO N 923 -40.25 -105.66 -13.88
N GLY N 924 -40.30 -104.44 -14.43
CA GLY N 924 -41.31 -103.47 -14.03
C GLY N 924 -42.72 -103.84 -14.41
N ILE N 925 -42.89 -104.84 -15.27
CA ILE N 925 -44.17 -105.48 -15.52
C ILE N 925 -44.37 -106.70 -14.64
N CYS N 926 -43.33 -107.53 -14.48
CA CYS N 926 -43.50 -108.83 -13.85
C CYS N 926 -43.67 -108.73 -12.34
N GLY N 927 -42.92 -107.82 -11.70
CA GLY N 927 -43.05 -107.62 -10.27
C GLY N 927 -44.33 -106.93 -9.84
N THR N 928 -45.13 -106.44 -10.79
CA THR N 928 -46.44 -105.93 -10.45
C THR N 928 -47.45 -107.06 -10.32
N MET N 929 -47.38 -108.05 -11.21
CA MET N 929 -48.30 -109.17 -11.07
C MET N 929 -47.89 -110.11 -9.95
N ASN N 930 -46.59 -110.38 -9.79
CA ASN N 930 -46.17 -111.27 -8.72
C ASN N 930 -45.40 -110.45 -7.68
N ALA N 931 -45.75 -110.62 -6.42
CA ALA N 931 -45.02 -109.98 -5.34
C ALA N 931 -43.70 -110.66 -5.04
N ASP N 932 -43.50 -111.89 -5.53
CA ASP N 932 -42.24 -112.58 -5.28
C ASP N 932 -41.11 -111.96 -6.09
N ILE N 933 -41.39 -111.55 -7.33
CA ILE N 933 -40.43 -110.76 -8.10
C ILE N 933 -40.25 -109.39 -7.48
N GLN N 934 -41.33 -108.82 -6.93
CA GLN N 934 -41.25 -107.49 -6.36
C GLN N 934 -40.34 -107.45 -5.14
N VAL N 935 -40.46 -108.45 -4.25
CA VAL N 935 -39.50 -108.52 -3.16
C VAL N 935 -38.15 -109.06 -3.62
N PHE N 936 -38.10 -109.70 -4.80
CA PHE N 936 -36.80 -110.01 -5.38
C PHE N 936 -36.12 -108.75 -5.88
N LEU N 937 -36.89 -107.83 -6.44
CA LEU N 937 -36.32 -106.57 -6.93
C LEU N 937 -36.09 -105.58 -5.79
N ASN N 938 -36.88 -105.65 -4.74
CA ASN N 938 -36.71 -104.70 -3.64
C ASN N 938 -35.47 -104.99 -2.80
N THR N 939 -34.94 -106.21 -2.88
CA THR N 939 -33.71 -106.54 -2.18
C THR N 939 -32.47 -106.38 -3.03
N PHE N 940 -32.60 -106.41 -4.36
CA PHE N 940 -31.47 -106.31 -5.28
C PHE N 940 -31.88 -105.44 -6.45
N PRO N 941 -31.85 -104.11 -6.28
CA PRO N 941 -32.56 -103.23 -7.22
C PRO N 941 -31.89 -103.05 -8.56
N HIS N 942 -30.68 -103.53 -8.76
CA HIS N 942 -30.04 -103.38 -10.05
C HIS N 942 -30.41 -104.48 -11.03
N TYR N 943 -31.38 -105.32 -10.69
CA TYR N 943 -31.98 -106.25 -11.63
C TYR N 943 -33.28 -105.73 -12.20
N GLN N 944 -33.67 -104.49 -11.86
CA GLN N 944 -34.83 -103.84 -12.46
C GLN N 944 -34.57 -103.42 -13.90
N ARG N 945 -33.32 -103.44 -14.33
CA ARG N 945 -32.90 -102.85 -15.59
C ARG N 945 -33.43 -103.65 -16.78
N ASN N 946 -33.98 -102.94 -17.75
CA ASN N 946 -34.45 -103.56 -18.98
C ASN N 946 -33.34 -103.86 -19.96
N ASP N 947 -32.11 -103.46 -19.67
CA ASP N 947 -31.11 -103.41 -20.74
C ASP N 947 -30.52 -104.78 -21.02
N GLY N 948 -29.83 -105.35 -20.06
CA GLY N 948 -29.16 -106.61 -20.25
C GLY N 948 -29.92 -107.77 -19.66
N GLY N 949 -29.18 -108.79 -19.27
CA GLY N 949 -29.79 -109.96 -18.67
C GLY N 949 -29.74 -110.01 -17.15
N PHE N 950 -30.81 -109.55 -16.53
CA PHE N 950 -31.15 -109.98 -15.19
C PHE N 950 -31.68 -111.42 -15.31
N PRO N 951 -31.59 -112.24 -14.24
CA PRO N 951 -31.75 -113.67 -14.45
C PRO N 951 -33.19 -114.09 -14.74
N LEU N 952 -33.31 -114.94 -15.75
CA LEU N 952 -34.45 -115.80 -15.93
C LEU N 952 -34.29 -116.97 -14.97
N PRO N 953 -35.32 -117.81 -14.80
CA PRO N 953 -35.13 -119.05 -14.02
C PRO N 953 -34.07 -119.95 -14.65
N PRO N 954 -33.29 -120.65 -13.82
CA PRO N 954 -32.06 -121.34 -14.29
C PRO N 954 -32.29 -122.42 -15.36
N PRO N 955 -33.47 -123.03 -15.50
CA PRO N 955 -33.72 -123.73 -16.79
C PRO N 955 -33.79 -122.80 -17.98
N LEU N 956 -34.41 -121.63 -17.84
CA LEU N 956 -34.60 -120.77 -19.00
C LEU N 956 -33.35 -119.97 -19.33
N ALA N 957 -32.50 -119.73 -18.34
CA ALA N 957 -31.34 -118.86 -18.49
C ALA N 957 -30.16 -119.69 -18.99
N LEU N 958 -30.20 -120.02 -20.27
CA LEU N 958 -29.11 -120.73 -20.93
C LEU N 958 -28.65 -119.84 -22.07
N GLU N 959 -27.78 -118.88 -21.77
CA GLU N 959 -27.44 -117.83 -22.72
C GLU N 959 -26.64 -118.36 -23.91
N PHE N 960 -25.67 -119.22 -23.65
CA PHE N 960 -24.86 -119.74 -24.73
C PHE N 960 -25.61 -120.73 -25.59
N TYR N 961 -26.66 -121.34 -25.08
CA TYR N 961 -27.38 -122.35 -25.83
C TYR N 961 -28.59 -121.81 -26.59
N ASN N 962 -28.87 -120.51 -26.49
CA ASN N 962 -29.93 -119.93 -27.32
C ASN N 962 -29.37 -119.62 -28.71
N TRP N 963 -30.19 -118.96 -29.52
CA TRP N 963 -29.67 -118.26 -30.68
C TRP N 963 -29.30 -116.83 -30.33
N GLN N 964 -30.03 -116.22 -29.39
CA GLN N 964 -29.96 -114.80 -29.13
C GLN N 964 -29.23 -114.57 -27.81
N ARG N 965 -28.25 -113.70 -27.83
CA ARG N 965 -27.42 -113.43 -26.68
C ARG N 965 -27.68 -112.03 -26.15
N THR N 966 -26.84 -111.61 -25.21
CA THR N 966 -26.87 -110.28 -24.61
C THR N 966 -26.95 -109.08 -25.58
N PRO N 967 -26.16 -108.98 -26.67
CA PRO N 967 -26.14 -107.70 -27.42
C PRO N 967 -27.44 -107.35 -28.13
N PHE N 968 -28.32 -108.30 -28.40
CA PHE N 968 -29.63 -107.96 -28.95
C PHE N 968 -30.45 -107.13 -27.98
N SER N 969 -30.51 -107.55 -26.72
CA SER N 969 -31.23 -106.77 -25.72
C SER N 969 -30.49 -105.49 -25.38
N VAL N 970 -29.16 -105.51 -25.45
CA VAL N 970 -28.41 -104.27 -25.20
C VAL N 970 -28.67 -103.25 -26.29
N TYR N 971 -28.80 -103.69 -27.54
CA TYR N 971 -29.15 -102.77 -28.61
C TYR N 971 -30.59 -102.28 -28.47
N SER N 972 -31.52 -103.19 -28.23
CA SER N 972 -32.93 -102.83 -28.16
C SER N 972 -33.27 -102.04 -26.90
N ALA N 973 -32.37 -102.01 -25.93
CA ALA N 973 -32.56 -101.18 -24.75
C ALA N 973 -32.60 -99.70 -25.08
N PHE N 974 -31.74 -99.25 -25.98
CA PHE N 974 -31.64 -97.83 -26.27
C PHE N 974 -31.71 -97.53 -27.75
N CYS N 975 -32.26 -98.44 -28.54
CA CYS N 975 -32.47 -98.14 -29.94
C CYS N 975 -33.57 -97.09 -30.10
N PRO N 976 -33.48 -96.26 -31.13
CA PRO N 976 -34.57 -95.32 -31.42
C PRO N 976 -35.70 -96.01 -32.15
N ASN N 977 -36.90 -95.49 -31.98
CA ASN N 977 -38.12 -96.14 -32.45
C ASN N 977 -38.50 -95.66 -33.85
N SER N 978 -37.56 -95.67 -34.79
CA SER N 978 -37.78 -94.98 -36.06
C SER N 978 -37.28 -95.80 -37.24
N LEU N 979 -37.61 -97.10 -37.25
CA LEU N 979 -37.51 -98.06 -38.36
C LEU N 979 -36.08 -98.46 -38.70
N LEU N 980 -35.10 -97.67 -38.26
CA LEU N 980 -33.71 -98.07 -38.43
C LEU N 980 -33.37 -99.18 -37.47
N SER N 981 -33.98 -99.16 -36.28
CA SER N 981 -33.79 -100.24 -35.33
C SER N 981 -34.42 -101.54 -35.81
N ILE N 982 -35.59 -101.45 -36.45
CA ILE N 982 -36.26 -102.66 -36.93
C ILE N 982 -35.47 -103.29 -38.07
N MET N 983 -35.08 -102.45 -39.05
CA MET N 983 -34.25 -102.94 -40.14
C MET N 983 -32.89 -103.42 -39.65
N THR N 984 -32.36 -102.84 -38.57
CA THR N 984 -31.05 -103.30 -38.14
C THR N 984 -31.11 -104.49 -37.21
N LEU N 985 -32.25 -104.77 -36.56
CA LEU N 985 -32.39 -106.06 -35.92
C LEU N 985 -32.48 -107.15 -36.96
N ALA N 986 -33.28 -106.93 -38.00
CA ALA N 986 -33.29 -107.88 -39.11
C ALA N 986 -31.94 -107.96 -39.82
N ALA N 987 -31.11 -106.93 -39.72
CA ALA N 987 -29.72 -107.04 -40.18
C ALA N 987 -28.89 -107.92 -39.25
N MET N 988 -28.95 -107.66 -37.94
CA MET N 988 -28.13 -108.37 -36.96
C MET N 988 -28.48 -109.84 -36.85
N HIS N 989 -29.64 -110.27 -37.35
CA HIS N 989 -29.88 -111.71 -37.31
C HIS N 989 -29.27 -112.47 -38.50
N SER N 990 -28.45 -111.84 -39.33
CA SER N 990 -27.78 -112.56 -40.43
C SER N 990 -26.68 -113.47 -39.89
N LYS N 991 -26.46 -114.59 -40.56
CA LYS N 991 -25.68 -115.67 -39.97
C LYS N 991 -24.18 -115.54 -40.27
N LEU N 992 -23.39 -116.32 -39.55
CA LEU N 992 -21.94 -116.38 -39.70
C LEU N 992 -21.49 -117.70 -40.29
N SER N 993 -22.26 -118.24 -41.19
CA SER N 993 -21.85 -119.46 -41.87
C SER N 993 -20.94 -119.10 -43.04
N PRO N 994 -20.06 -120.02 -43.48
CA PRO N 994 -19.28 -119.75 -44.70
C PRO N 994 -20.13 -119.57 -45.93
N VAL N 995 -21.30 -120.21 -46.00
CA VAL N 995 -22.21 -119.96 -47.11
C VAL N 995 -22.78 -118.54 -47.02
N ALA N 996 -22.95 -118.02 -45.79
CA ALA N 996 -23.46 -116.66 -45.62
C ALA N 996 -22.40 -115.64 -46.01
N ILE N 997 -21.15 -115.89 -45.62
CA ILE N 997 -20.04 -115.04 -46.03
C ILE N 997 -19.91 -115.02 -47.55
N ALA N 998 -20.09 -116.20 -48.18
CA ALA N 998 -19.98 -116.33 -49.62
C ALA N 998 -21.04 -115.50 -50.34
N ILE N 999 -22.30 -115.62 -49.94
CA ILE N 999 -23.31 -114.90 -50.71
C ILE N 999 -23.45 -113.44 -50.31
N GLN N 1000 -23.06 -113.05 -49.09
CA GLN N 1000 -22.98 -111.63 -48.78
C GLN N 1000 -21.83 -110.98 -49.55
N SER N 1001 -20.73 -111.71 -49.74
CA SER N 1001 -19.64 -111.21 -50.57
C SER N 1001 -20.07 -111.10 -52.03
N LYS N 1002 -20.95 -111.99 -52.48
CA LYS N 1002 -21.55 -111.82 -53.80
C LYS N 1002 -22.42 -110.56 -53.85
N SER N 1003 -23.20 -110.32 -52.81
CA SER N 1003 -24.16 -109.22 -52.80
C SER N 1003 -23.56 -107.89 -52.35
N LYS N 1004 -22.25 -107.83 -52.14
CA LYS N 1004 -21.52 -106.63 -51.68
C LYS N 1004 -22.06 -106.12 -50.34
N ILE N 1005 -22.45 -107.03 -49.49
CA ILE N 1005 -22.84 -106.70 -48.13
C ILE N 1005 -21.63 -106.94 -47.25
N HIS N 1006 -21.15 -105.88 -46.62
CA HIS N 1006 -19.96 -105.92 -45.80
C HIS N 1006 -20.21 -106.75 -44.54
N PRO N 1007 -19.55 -107.89 -44.37
CA PRO N 1007 -19.76 -108.68 -43.16
C PRO N 1007 -19.06 -108.05 -41.97
N GLY N 1008 -19.26 -108.64 -40.80
CA GLY N 1008 -18.66 -108.12 -39.59
C GLY N 1008 -17.22 -108.52 -39.42
N PHE N 1009 -16.39 -108.22 -40.40
CA PHE N 1009 -14.99 -108.57 -40.36
C PHE N 1009 -14.17 -107.51 -41.08
N ALA N 1010 -12.88 -107.52 -40.78
CA ALA N 1010 -11.89 -106.87 -41.61
C ALA N 1010 -10.67 -107.78 -41.63
N ALA N 1011 -9.59 -107.33 -42.25
CA ALA N 1011 -8.48 -108.23 -42.48
C ALA N 1011 -7.19 -107.45 -42.72
N THR N 1012 -6.09 -108.03 -42.25
CA THR N 1012 -4.76 -107.52 -42.55
C THR N 1012 -4.13 -108.45 -43.59
N LEU N 1013 -4.21 -108.06 -44.85
CA LEU N 1013 -3.52 -108.81 -45.89
C LEU N 1013 -2.02 -108.55 -45.80
N VAL N 1014 -1.25 -109.62 -45.62
CA VAL N 1014 0.21 -109.53 -45.63
C VAL N 1014 0.73 -110.11 -46.93
N ARG N 1015 1.86 -109.57 -47.38
CA ARG N 1015 2.45 -109.91 -48.66
C ARG N 1015 3.94 -109.63 -48.60
N THR N 1016 4.74 -110.53 -49.14
CA THR N 1016 6.16 -110.24 -49.27
C THR N 1016 6.54 -110.04 -50.73
N ASP N 1017 7.62 -109.31 -50.93
CA ASP N 1017 8.10 -108.92 -52.25
C ASP N 1017 9.61 -109.07 -52.26
N ASN N 1018 10.16 -109.50 -53.38
CA ASN N 1018 11.60 -109.66 -53.49
C ASN N 1018 12.18 -108.76 -54.56
N PHE N 1019 13.31 -108.16 -54.22
CA PHE N 1019 13.94 -107.10 -55.00
C PHE N 1019 15.29 -107.59 -55.51
N ASP N 1020 15.78 -106.97 -56.57
CA ASP N 1020 17.12 -107.22 -57.07
C ASP N 1020 18.02 -106.09 -56.62
N VAL N 1021 18.95 -106.41 -55.73
CA VAL N 1021 19.77 -105.42 -55.06
C VAL N 1021 21.23 -105.68 -55.36
N GLU N 1022 21.87 -104.73 -56.03
CA GLU N 1022 23.31 -104.69 -56.03
C GLU N 1022 23.77 -104.04 -54.72
N CYS N 1023 24.81 -104.59 -54.11
CA CYS N 1023 25.00 -104.42 -52.68
C CYS N 1023 26.49 -104.54 -52.39
N LEU N 1024 27.14 -103.42 -52.11
CA LEU N 1024 28.59 -103.38 -52.06
C LEU N 1024 29.11 -103.77 -50.67
N LEU N 1025 30.38 -104.17 -50.64
CA LEU N 1025 31.03 -104.68 -49.44
C LEU N 1025 32.30 -103.91 -49.18
N TYR N 1026 32.59 -103.69 -47.91
CA TYR N 1026 33.88 -103.17 -47.46
C TYR N 1026 34.52 -104.18 -46.53
N SER N 1027 35.83 -104.27 -46.56
CA SER N 1027 36.54 -105.12 -45.63
C SER N 1027 37.90 -104.51 -45.35
N SER N 1028 38.34 -104.59 -44.10
CA SER N 1028 39.66 -104.09 -43.76
C SER N 1028 40.72 -104.99 -44.35
N ARG N 1029 41.92 -104.43 -44.53
CA ARG N 1029 42.98 -105.17 -45.21
C ARG N 1029 43.53 -106.27 -44.32
N ALA N 1030 43.84 -107.42 -44.94
CA ALA N 1030 44.40 -108.60 -44.29
C ALA N 1030 43.53 -109.09 -43.13
N ALA N 1031 42.21 -108.99 -43.30
CA ALA N 1031 41.30 -109.34 -42.21
C ALA N 1031 41.23 -110.84 -41.99
N THR N 1032 41.48 -111.62 -43.03
CA THR N 1032 41.40 -113.06 -42.95
C THR N 1032 42.47 -113.66 -43.85
N SER N 1033 43.22 -114.62 -43.31
CA SER N 1033 44.27 -115.28 -44.06
C SER N 1033 43.79 -116.58 -44.67
N ILE N 1034 44.42 -116.93 -45.79
CA ILE N 1034 44.13 -118.12 -46.55
C ILE N 1034 45.41 -118.94 -46.57
N ILE N 1035 45.25 -120.23 -46.30
CA ILE N 1035 46.35 -121.19 -46.35
C ILE N 1035 45.93 -122.13 -47.47
N LEU N 1036 46.83 -122.40 -48.42
CA LEU N 1036 46.48 -123.26 -49.55
C LEU N 1036 47.47 -124.39 -49.81
N ASP N 1037 46.98 -125.45 -50.43
CA ASP N 1037 47.80 -126.61 -50.76
C ASP N 1037 47.95 -126.76 -52.27
N ASP N 1038 49.20 -126.90 -52.70
CA ASP N 1038 49.56 -127.05 -54.10
C ASP N 1038 48.42 -127.80 -54.78
N PRO N 1039 47.90 -127.31 -55.91
CA PRO N 1039 46.80 -128.03 -56.60
C PRO N 1039 47.19 -129.42 -57.05
N THR N 1040 46.49 -130.41 -56.50
CA THR N 1040 46.79 -131.82 -56.74
C THR N 1040 46.03 -132.32 -57.94
N VAL N 1041 46.66 -133.23 -58.67
CA VAL N 1041 46.19 -133.71 -59.97
C VAL N 1041 45.88 -135.19 -59.84
N THR N 1042 44.71 -135.60 -60.29
CA THR N 1042 44.42 -137.01 -60.44
C THR N 1042 43.78 -137.25 -61.81
N ALA N 1043 43.81 -138.49 -62.25
CA ALA N 1043 43.45 -138.84 -63.62
C ALA N 1043 42.66 -140.14 -63.62
N GLU N 1044 41.39 -140.07 -63.98
CA GLU N 1044 40.57 -141.27 -64.16
C GLU N 1044 40.58 -141.62 -65.64
N ALA N 1045 41.16 -142.77 -65.98
CA ALA N 1045 41.40 -143.16 -67.37
C ALA N 1045 40.38 -144.23 -67.76
N LYS N 1046 39.26 -143.78 -68.32
CA LYS N 1046 38.24 -144.69 -68.79
C LYS N 1046 38.56 -145.14 -70.21
N ASP N 1047 37.64 -145.89 -70.81
CA ASP N 1047 37.89 -146.51 -72.11
C ASP N 1047 37.82 -145.50 -73.25
N ILE N 1048 36.94 -144.52 -73.15
CA ILE N 1048 36.70 -143.59 -74.25
C ILE N 1048 37.16 -142.17 -73.90
N VAL N 1049 37.23 -141.80 -72.63
CA VAL N 1049 37.75 -140.50 -72.21
C VAL N 1049 38.72 -140.73 -71.06
N THR N 1050 39.52 -139.69 -70.78
CA THR N 1050 40.31 -139.63 -69.55
C THR N 1050 40.02 -138.29 -68.91
N THR N 1051 39.47 -138.31 -67.70
CA THR N 1051 39.08 -137.10 -67.00
C THR N 1051 40.18 -136.72 -66.01
N TYR N 1052 40.69 -135.50 -66.13
CA TYR N 1052 41.68 -134.95 -65.22
C TYR N 1052 40.96 -134.08 -64.21
N ASN N 1053 41.17 -134.37 -62.94
CA ASN N 1053 40.57 -133.64 -61.84
C ASN N 1053 41.65 -132.91 -61.08
N PHE N 1054 41.49 -131.61 -60.91
CA PHE N 1054 42.40 -130.77 -60.13
C PHE N 1054 41.67 -130.40 -58.86
N THR N 1055 42.21 -130.81 -57.71
CA THR N 1055 41.65 -130.41 -56.44
C THR N 1055 42.61 -129.44 -55.74
N GLN N 1056 42.04 -128.60 -54.89
CA GLN N 1056 42.85 -127.67 -54.10
C GLN N 1056 42.17 -127.43 -52.78
N HIS N 1057 42.91 -127.65 -51.70
CA HIS N 1057 42.40 -127.44 -50.37
C HIS N 1057 42.70 -126.02 -49.92
N LEU N 1058 41.71 -125.38 -49.31
CA LEU N 1058 41.86 -124.05 -48.75
C LEU N 1058 41.50 -124.13 -47.28
N SER N 1059 42.08 -123.22 -46.49
CA SER N 1059 41.60 -123.01 -45.13
C SER N 1059 41.68 -121.53 -44.82
N PHE N 1060 40.59 -120.99 -44.29
CA PHE N 1060 40.48 -119.57 -43.99
C PHE N 1060 40.53 -119.41 -42.48
N VAL N 1061 41.35 -118.49 -42.00
CA VAL N 1061 41.34 -118.07 -40.61
C VAL N 1061 40.94 -116.60 -40.57
N ASP N 1062 40.12 -116.24 -39.59
CA ASP N 1062 39.56 -114.90 -39.51
C ASP N 1062 40.22 -114.21 -38.33
N MET N 1063 41.09 -113.24 -38.60
CA MET N 1063 42.03 -112.79 -37.59
C MET N 1063 41.58 -111.56 -36.83
N GLY N 1064 40.43 -110.99 -37.15
CA GLY N 1064 39.94 -109.85 -36.40
C GLY N 1064 39.03 -110.28 -35.27
N LEU N 1065 39.03 -109.51 -34.19
CA LEU N 1065 38.08 -109.76 -33.12
C LEU N 1065 36.68 -109.32 -33.53
N GLY N 1066 36.51 -108.04 -33.79
CA GLY N 1066 35.23 -107.53 -34.23
C GLY N 1066 34.96 -107.86 -35.69
N PHE N 1067 33.92 -107.22 -36.21
CA PHE N 1067 33.52 -107.47 -37.58
C PHE N 1067 34.39 -106.62 -38.50
N SER N 1068 35.34 -107.26 -39.14
CA SER N 1068 36.30 -106.61 -40.02
C SER N 1068 35.78 -106.47 -41.45
N SER N 1069 34.49 -106.69 -41.67
CA SER N 1069 33.91 -106.66 -43.00
C SER N 1069 32.43 -106.31 -42.86
N THR N 1070 32.00 -105.31 -43.63
CA THR N 1070 30.61 -104.86 -43.59
C THR N 1070 30.05 -104.83 -45.00
N THR N 1071 28.73 -104.64 -45.09
CA THR N 1071 28.01 -104.74 -46.35
C THR N 1071 26.77 -103.88 -46.28
N ALA N 1072 26.59 -102.98 -47.25
CA ALA N 1072 25.46 -102.08 -47.26
C ALA N 1072 24.65 -102.23 -48.53
N THR N 1073 23.33 -102.22 -48.37
CA THR N 1073 22.42 -102.18 -49.51
C THR N 1073 22.60 -100.89 -50.28
N ALA N 1074 22.83 -101.01 -51.58
CA ALA N 1074 23.29 -99.88 -52.38
C ALA N 1074 22.28 -99.38 -53.39
N ASN N 1075 21.75 -100.25 -54.25
CA ASN N 1075 20.94 -99.80 -55.38
C ASN N 1075 20.02 -100.93 -55.79
N LEU N 1076 18.75 -100.62 -56.00
CA LEU N 1076 17.85 -101.57 -56.62
C LEU N 1076 18.20 -101.74 -58.09
N LYS N 1077 18.00 -102.96 -58.58
CA LYS N 1077 17.90 -103.19 -60.01
C LYS N 1077 16.45 -103.23 -60.46
N ARG N 1078 15.68 -104.18 -59.93
CA ARG N 1078 14.32 -104.45 -60.36
C ARG N 1078 13.52 -104.96 -59.17
N ILE N 1079 12.22 -105.13 -59.38
CA ILE N 1079 11.35 -105.81 -58.45
C ILE N 1079 10.93 -107.11 -59.11
N LYS N 1080 11.32 -108.26 -58.56
CA LYS N 1080 10.88 -109.49 -59.19
C LYS N 1080 9.51 -109.91 -58.71
N SER N 1081 8.92 -109.17 -57.78
CA SER N 1081 7.55 -109.39 -57.38
C SER N 1081 6.59 -108.65 -58.29
N ASP N 1082 5.38 -109.19 -58.40
CA ASP N 1082 4.29 -108.48 -59.08
C ASP N 1082 3.88 -107.26 -58.27
N MET N 1083 3.96 -107.34 -56.95
CA MET N 1083 3.11 -106.57 -56.03
C MET N 1083 1.66 -106.64 -56.48
N GLY N 1084 1.22 -107.86 -56.82
CA GLY N 1084 -0.10 -108.09 -57.36
C GLY N 1084 -1.11 -108.25 -56.26
N SER N 1085 -2.11 -109.09 -56.49
CA SER N 1085 -3.10 -109.36 -55.46
C SER N 1085 -3.55 -110.80 -55.37
N LYS N 1086 -2.93 -111.73 -56.10
CA LYS N 1086 -3.38 -113.12 -56.12
C LYS N 1086 -3.21 -113.74 -54.75
N ILE N 1087 -4.33 -113.93 -54.05
CA ILE N 1087 -4.33 -114.28 -52.63
C ILE N 1087 -3.94 -115.74 -52.45
N GLN N 1088 -3.62 -116.12 -51.21
CA GLN N 1088 -3.26 -117.50 -50.92
C GLN N 1088 -4.51 -118.36 -50.96
N ASN N 1089 -4.49 -119.37 -51.81
CA ASN N 1089 -5.61 -120.28 -51.96
C ASN N 1089 -5.46 -121.35 -50.90
N LEU N 1090 -6.18 -121.20 -49.78
CA LEU N 1090 -6.06 -122.16 -48.69
C LEU N 1090 -6.62 -123.53 -49.03
N PHE N 1091 -7.52 -123.63 -50.02
CA PHE N 1091 -7.89 -124.95 -50.50
C PHE N 1091 -6.77 -125.62 -51.25
N SER N 1092 -5.81 -124.85 -51.77
CA SER N 1092 -4.59 -125.42 -52.33
C SER N 1092 -3.51 -125.58 -51.27
N ALA N 1093 -3.61 -124.87 -50.16
CA ALA N 1093 -2.61 -124.93 -49.11
C ALA N 1093 -2.85 -126.09 -48.15
N PHE N 1094 -4.10 -126.31 -47.74
CA PHE N 1094 -4.49 -127.43 -46.90
C PHE N 1094 -5.46 -128.32 -47.70
N PRO N 1095 -4.97 -129.01 -48.74
CA PRO N 1095 -5.88 -129.64 -49.69
C PRO N 1095 -6.52 -130.93 -49.21
N ILE N 1096 -6.23 -131.35 -47.98
CA ILE N 1096 -6.81 -132.58 -47.47
C ILE N 1096 -8.11 -132.33 -46.73
N HIS N 1097 -8.32 -131.11 -46.23
CA HIS N 1097 -9.50 -130.82 -45.44
C HIS N 1097 -10.71 -130.59 -46.33
N ALA N 1098 -11.87 -130.96 -45.80
CA ALA N 1098 -13.12 -130.82 -46.53
C ALA N 1098 -14.25 -130.81 -45.54
N PHE N 1099 -15.40 -130.28 -45.97
CA PHE N 1099 -16.56 -130.27 -45.11
C PHE N 1099 -17.16 -131.66 -45.03
N THR N 1100 -18.16 -131.81 -44.17
CA THR N 1100 -18.80 -133.11 -44.00
C THR N 1100 -19.67 -133.45 -45.20
N ASN N 1101 -20.65 -132.62 -45.52
CA ASN N 1101 -21.63 -132.92 -46.55
C ASN N 1101 -21.11 -132.53 -47.94
N THR N 1102 -21.21 -133.47 -48.88
CA THR N 1102 -20.62 -133.30 -50.19
C THR N 1102 -21.34 -132.23 -51.00
N ASP N 1103 -22.61 -131.97 -50.71
CA ASP N 1103 -23.32 -130.86 -51.34
C ASP N 1103 -22.71 -129.52 -50.94
N ILE N 1104 -22.44 -129.34 -49.65
CA ILE N 1104 -21.82 -128.11 -49.16
C ILE N 1104 -20.40 -128.00 -49.67
N ASN N 1105 -19.66 -129.11 -49.69
CA ASN N 1105 -18.28 -129.10 -50.16
C ASN N 1105 -18.22 -128.72 -51.64
N THR N 1106 -19.10 -129.30 -52.45
CA THR N 1106 -19.17 -129.00 -53.87
C THR N 1106 -19.58 -127.55 -54.10
N TRP N 1107 -20.50 -127.02 -53.28
CA TRP N 1107 -20.89 -125.64 -53.52
C TRP N 1107 -19.83 -124.65 -53.04
N ILE N 1108 -19.09 -124.98 -51.98
CA ILE N 1108 -18.02 -124.09 -51.55
C ILE N 1108 -16.90 -124.06 -52.58
N ARG N 1109 -16.51 -125.23 -53.12
CA ARG N 1109 -15.52 -125.25 -54.21
C ARG N 1109 -16.04 -124.51 -55.44
N HIS N 1110 -17.34 -124.67 -55.74
CA HIS N 1110 -18.00 -123.97 -56.84
C HIS N 1110 -17.90 -122.46 -56.70
N HIS N 1111 -18.32 -121.93 -55.56
CA HIS N 1111 -18.41 -120.49 -55.43
C HIS N 1111 -17.05 -119.83 -55.18
N VAL N 1112 -16.11 -120.51 -54.53
CA VAL N 1112 -14.76 -119.94 -54.48
C VAL N 1112 -14.04 -120.11 -55.80
N GLY N 1113 -14.59 -120.92 -56.71
CA GLY N 1113 -14.12 -120.89 -58.08
C GLY N 1113 -12.86 -121.69 -58.30
N ILE N 1114 -12.67 -122.75 -57.55
CA ILE N 1114 -11.54 -123.63 -57.74
C ILE N 1114 -12.03 -124.84 -58.53
N GLU N 1115 -11.15 -125.34 -59.39
CA GLU N 1115 -11.40 -126.55 -60.16
C GLU N 1115 -11.15 -127.79 -59.32
N LYS N 1116 -10.87 -128.92 -60.00
CA LYS N 1116 -10.33 -130.14 -59.41
C LYS N 1116 -11.05 -130.73 -58.18
N PRO N 1117 -12.39 -130.73 -58.16
CA PRO N 1117 -13.10 -130.71 -56.86
C PRO N 1117 -13.00 -131.99 -56.04
N ASN N 1118 -12.32 -133.00 -56.51
CA ASN N 1118 -12.05 -134.13 -55.64
C ASN N 1118 -10.81 -133.87 -54.77
N PRO N 1119 -10.82 -134.32 -53.53
CA PRO N 1119 -9.56 -134.35 -52.78
C PRO N 1119 -8.57 -135.36 -53.34
N SER N 1120 -9.08 -136.48 -53.88
CA SER N 1120 -8.28 -137.61 -54.39
C SER N 1120 -7.29 -138.12 -53.35
N GLU N 1121 -7.78 -138.27 -52.11
CA GLU N 1121 -6.89 -138.39 -50.97
C GLU N 1121 -6.19 -139.74 -50.91
N GLY N 1122 -6.83 -140.81 -51.38
CA GLY N 1122 -6.32 -142.16 -51.16
C GLY N 1122 -5.03 -142.48 -51.87
N GLU N 1123 -4.77 -141.79 -52.99
CA GLU N 1123 -3.54 -141.98 -53.75
C GLU N 1123 -2.75 -140.68 -53.82
N ALA N 1124 -3.42 -139.58 -53.50
CA ALA N 1124 -2.82 -138.25 -53.55
C ALA N 1124 -2.20 -137.82 -52.22
N LEU N 1125 -2.31 -138.67 -51.21
CA LEU N 1125 -1.77 -138.34 -49.90
C LEU N 1125 -0.25 -138.15 -49.95
N ASN N 1126 0.43 -139.01 -50.71
CA ASN N 1126 1.88 -138.91 -50.84
C ASN N 1126 2.27 -137.60 -51.53
N ILE N 1127 1.51 -137.24 -52.56
CA ILE N 1127 1.78 -136.01 -53.32
C ILE N 1127 1.61 -134.75 -52.48
N ILE N 1128 0.58 -134.72 -51.64
CA ILE N 1128 0.31 -133.57 -50.79
C ILE N 1128 1.45 -133.33 -49.79
N THR N 1129 1.97 -134.40 -49.23
CA THR N 1129 3.06 -134.31 -48.27
C THR N 1129 4.42 -134.14 -48.94
N PHE N 1130 4.56 -134.65 -50.17
CA PHE N 1130 5.79 -134.43 -50.93
C PHE N 1130 5.92 -132.98 -51.38
N GLY N 1131 4.83 -132.36 -51.79
CA GLY N 1131 4.86 -130.99 -52.26
C GLY N 1131 4.94 -130.87 -53.76
N GLY N 1132 5.60 -129.82 -54.25
CA GLY N 1132 5.74 -129.63 -55.68
C GLY N 1132 4.51 -129.09 -56.33
N ILE N 1133 3.77 -128.21 -55.65
CA ILE N 1133 2.36 -128.00 -55.95
C ILE N 1133 2.28 -126.88 -56.98
N ASN N 1134 2.39 -127.27 -58.26
CA ASN N 1134 2.45 -126.32 -59.36
C ASN N 1134 1.07 -125.93 -59.88
N LYS N 1135 0.29 -126.92 -60.32
CA LYS N 1135 -1.09 -126.78 -60.80
C LYS N 1135 -1.18 -125.83 -61.99
N ASN N 1136 -0.56 -126.27 -63.11
CA ASN N 1136 -0.71 -125.70 -64.45
C ASN N 1136 -0.38 -124.21 -64.52
N PRO N 1137 0.90 -123.86 -64.65
CA PRO N 1137 1.34 -122.48 -64.47
C PRO N 1137 0.70 -121.56 -65.49
N PRO N 1138 0.52 -120.28 -65.15
CA PRO N 1138 -0.31 -119.39 -65.98
C PRO N 1138 0.30 -119.11 -67.34
N SER N 1139 -0.57 -119.09 -68.34
CA SER N 1139 -0.13 -118.93 -69.72
C SER N 1139 0.49 -117.55 -69.95
N ILE N 1140 -0.08 -116.51 -69.37
CA ILE N 1140 0.48 -115.17 -69.49
C ILE N 1140 0.88 -114.71 -68.09
N LEU N 1141 2.02 -114.02 -68.02
CA LEU N 1141 2.56 -113.55 -66.76
C LEU N 1141 3.40 -112.32 -67.06
N LEU N 1142 3.08 -111.21 -66.43
CA LEU N 1142 3.60 -109.94 -66.89
C LEU N 1142 4.50 -109.23 -65.88
N HIS N 1143 4.53 -109.65 -64.62
CA HIS N 1143 5.26 -108.91 -63.62
C HIS N 1143 6.02 -109.78 -62.63
N GLY N 1144 6.12 -111.08 -62.83
CA GLY N 1144 6.87 -111.89 -61.90
C GLY N 1144 6.05 -112.64 -60.87
N GLN N 1145 6.45 -112.57 -59.60
CA GLN N 1145 5.89 -113.41 -58.55
C GLN N 1145 4.91 -112.66 -57.66
N GLN N 1146 3.95 -113.42 -57.10
CA GLN N 1146 2.93 -112.86 -56.24
C GLN N 1146 2.39 -113.94 -55.30
N ALA N 1147 2.12 -113.55 -54.04
CA ALA N 1147 1.50 -114.40 -53.02
C ALA N 1147 1.05 -113.57 -51.84
N ILE N 1148 -0.19 -113.73 -51.40
CA ILE N 1148 -0.78 -112.88 -50.37
C ILE N 1148 -1.47 -113.75 -49.33
N CYS N 1149 -1.00 -113.67 -48.09
CA CYS N 1149 -1.57 -114.44 -46.99
C CYS N 1149 -2.73 -113.66 -46.38
N GLU N 1150 -3.21 -114.09 -45.21
CA GLU N 1150 -4.55 -113.66 -44.81
C GLU N 1150 -4.78 -113.80 -43.31
N VAL N 1151 -5.17 -112.72 -42.64
CA VAL N 1151 -5.52 -112.72 -41.22
C VAL N 1151 -6.89 -112.10 -41.03
N ILE N 1152 -7.80 -112.82 -40.38
CA ILE N 1152 -9.16 -112.33 -40.12
C ILE N 1152 -9.14 -111.42 -38.89
N LEU N 1153 -9.98 -110.37 -38.90
CA LEU N 1153 -9.87 -109.28 -37.93
C LEU N 1153 -11.23 -108.60 -37.71
N THR N 1154 -11.39 -107.98 -36.51
CA THR N 1154 -12.36 -106.97 -36.13
C THR N 1154 -12.58 -105.89 -37.20
N PRO N 1155 -13.78 -105.33 -37.31
CA PRO N 1155 -13.94 -104.00 -37.93
C PRO N 1155 -13.65 -102.84 -37.00
N VAL N 1156 -13.03 -103.08 -35.85
CA VAL N 1156 -12.90 -102.08 -34.81
C VAL N 1156 -11.47 -101.55 -34.70
N THR N 1157 -10.47 -102.34 -35.10
CA THR N 1157 -9.05 -102.07 -34.86
C THR N 1157 -8.61 -100.74 -35.42
N THR N 1158 -8.02 -99.91 -34.56
CA THR N 1158 -7.69 -98.53 -34.91
C THR N 1158 -6.62 -98.50 -35.99
N ASN N 1159 -6.86 -97.71 -37.05
CA ASN N 1159 -5.86 -97.53 -38.09
C ASN N 1159 -4.62 -96.84 -37.56
N ILE N 1160 -4.80 -95.66 -36.96
CA ILE N 1160 -3.70 -94.75 -36.68
C ILE N 1160 -2.83 -95.30 -35.54
N ASN N 1161 -3.40 -96.14 -34.68
CA ASN N 1161 -2.56 -96.83 -33.71
C ASN N 1161 -1.80 -97.99 -34.35
N PHE N 1162 -2.32 -98.57 -35.42
CA PHE N 1162 -1.79 -99.84 -35.92
C PHE N 1162 -1.28 -99.78 -37.35
N PHE N 1163 -2.09 -99.34 -38.31
CA PHE N 1163 -1.81 -99.65 -39.69
C PHE N 1163 -0.88 -98.69 -40.40
N LYS N 1164 -0.65 -97.51 -39.85
CA LYS N 1164 0.05 -96.47 -40.58
C LYS N 1164 1.55 -96.49 -40.33
N LEU N 1165 2.08 -97.54 -39.71
CA LEU N 1165 3.43 -97.61 -39.20
C LEU N 1165 3.99 -99.00 -39.45
N PRO N 1166 5.32 -99.16 -39.45
CA PRO N 1166 5.89 -100.51 -39.43
C PRO N 1166 5.55 -101.22 -38.13
N HIS N 1167 4.86 -102.35 -38.24
CA HIS N 1167 4.30 -103.00 -37.08
C HIS N 1167 4.05 -104.46 -37.39
N ASN N 1168 4.14 -105.30 -36.36
CA ASN N 1168 3.90 -106.72 -36.52
C ASN N 1168 2.41 -106.94 -36.73
N PRO N 1169 2.00 -107.70 -37.75
CA PRO N 1169 0.57 -107.98 -37.91
C PRO N 1169 0.05 -109.13 -37.06
N ARG N 1170 0.79 -109.50 -36.02
CA ARG N 1170 0.20 -110.32 -34.96
C ARG N 1170 -0.75 -109.49 -34.11
N GLY N 1171 -0.66 -108.17 -34.19
CA GLY N 1171 -1.43 -107.32 -33.33
C GLY N 1171 -0.61 -106.87 -32.15
N ARG N 1172 -0.18 -107.83 -31.35
CA ARG N 1172 0.78 -107.58 -30.29
C ARG N 1172 2.17 -107.75 -30.88
N GLU N 1173 3.06 -106.81 -30.59
CA GLU N 1173 4.38 -106.83 -31.19
C GLU N 1173 5.24 -107.90 -30.54
N SER N 1174 6.11 -108.51 -31.34
CA SER N 1174 6.83 -109.72 -30.94
C SER N 1174 8.30 -109.62 -31.30
N CYS N 1175 8.94 -108.52 -30.91
CA CYS N 1175 10.33 -108.27 -31.22
C CYS N 1175 11.17 -108.59 -29.98
N MET N 1176 12.10 -109.53 -30.12
CA MET N 1176 12.85 -110.02 -28.98
C MET N 1176 14.08 -109.19 -28.64
N MET N 1177 14.20 -107.99 -29.19
CA MET N 1177 15.17 -107.04 -28.69
C MET N 1177 14.64 -106.21 -27.54
N GLY N 1178 13.56 -106.65 -26.89
CA GLY N 1178 13.06 -105.98 -25.72
C GLY N 1178 12.77 -106.99 -24.63
N THR N 1179 13.18 -108.22 -24.88
CA THR N 1179 12.94 -109.33 -23.98
C THR N 1179 14.25 -109.72 -23.31
N ASP N 1180 14.18 -110.10 -22.04
CA ASP N 1180 15.25 -110.70 -21.26
C ASP N 1180 15.88 -111.87 -22.04
N PRO N 1181 17.17 -111.83 -22.29
CA PRO N 1181 17.81 -112.97 -22.94
C PRO N 1181 17.89 -114.17 -22.01
N HIS N 1182 17.73 -115.36 -22.61
CA HIS N 1182 17.74 -116.66 -21.93
C HIS N 1182 16.68 -116.73 -20.83
N ASN N 1183 15.51 -116.15 -21.09
CA ASN N 1183 14.39 -116.20 -20.16
C ASN N 1183 13.15 -116.55 -20.97
N GLU N 1184 12.93 -117.85 -21.14
CA GLU N 1184 11.85 -118.32 -22.01
C GLU N 1184 10.48 -118.09 -21.39
N GLU N 1185 10.38 -118.11 -20.06
CA GLU N 1185 9.11 -117.86 -19.40
C GLU N 1185 8.64 -116.43 -19.60
N ALA N 1186 9.52 -115.47 -19.34
CA ALA N 1186 9.17 -114.06 -19.61
C ALA N 1186 9.03 -113.81 -21.10
N ALA N 1187 9.72 -114.58 -21.94
CA ALA N 1187 9.54 -114.49 -23.38
C ALA N 1187 8.13 -114.90 -23.79
N ARG N 1188 7.64 -116.01 -23.25
CA ARG N 1188 6.29 -116.43 -23.58
C ARG N 1188 5.25 -115.53 -22.95
N LYS N 1189 5.57 -114.91 -21.81
CA LYS N 1189 4.69 -113.89 -21.28
C LYS N 1189 4.64 -112.66 -22.18
N ALA N 1190 5.74 -112.34 -22.85
CA ALA N 1190 5.71 -111.25 -23.82
C ALA N 1190 4.92 -111.61 -25.05
N LEU N 1191 5.03 -112.85 -25.50
CA LEU N 1191 4.30 -113.29 -26.69
C LEU N 1191 2.77 -113.32 -26.60
N TYR N 1192 2.22 -113.85 -25.50
CA TYR N 1192 0.75 -113.95 -25.37
C TYR N 1192 0.05 -113.34 -24.14
N ASP N 1193 0.81 -112.87 -23.15
CA ASP N 1193 0.20 -112.32 -21.93
C ASP N 1193 -0.59 -111.03 -22.15
N HIS N 1194 -1.70 -110.88 -21.44
CA HIS N 1194 -2.49 -109.66 -21.57
C HIS N 1194 -2.98 -109.15 -20.23
N THR N 1195 -2.57 -109.79 -19.12
CA THR N 1195 -2.56 -109.09 -17.85
C THR N 1195 -1.55 -107.94 -17.91
N GLN N 1196 -0.40 -108.20 -18.51
CA GLN N 1196 0.51 -107.13 -18.88
C GLN N 1196 -0.04 -106.37 -20.06
N THR N 1197 0.53 -105.20 -20.30
CA THR N 1197 0.21 -104.42 -21.48
C THR N 1197 1.33 -104.51 -22.50
N ASP N 1198 0.99 -104.19 -23.73
CA ASP N 1198 2.01 -103.95 -24.73
C ASP N 1198 2.61 -102.56 -24.49
N SER N 1199 3.73 -102.28 -25.14
CA SER N 1199 4.18 -100.91 -25.24
C SER N 1199 3.35 -100.16 -26.30
N ASP N 1200 3.63 -98.86 -26.42
CA ASP N 1200 3.16 -97.94 -27.46
C ASP N 1200 1.69 -97.55 -27.38
N THR N 1201 0.89 -98.19 -26.52
CA THR N 1201 -0.51 -97.81 -26.29
C THR N 1201 -0.88 -98.43 -24.95
N PHE N 1202 -2.04 -98.05 -24.41
CA PHE N 1202 -2.70 -98.82 -23.35
C PHE N 1202 -3.51 -99.96 -23.95
N ALA N 1203 -2.88 -100.75 -24.79
CA ALA N 1203 -3.60 -101.76 -25.56
C ALA N 1203 -2.65 -102.93 -25.70
N ALA N 1204 -2.90 -103.98 -24.91
CA ALA N 1204 -2.11 -105.19 -25.02
C ALA N 1204 -2.37 -105.96 -26.30
N THR N 1205 -3.40 -105.58 -27.06
CA THR N 1205 -3.75 -106.27 -28.28
C THR N 1205 -4.39 -105.26 -29.22
N THR N 1206 -4.16 -105.44 -30.52
CA THR N 1206 -5.07 -104.85 -31.49
C THR N 1206 -5.79 -105.89 -32.31
N ASN N 1207 -5.26 -107.10 -32.40
CA ASN N 1207 -5.83 -108.18 -33.19
C ASN N 1207 -5.92 -109.41 -32.31
N PRO N 1208 -6.98 -109.54 -31.49
CA PRO N 1208 -7.07 -110.71 -30.60
C PRO N 1208 -7.50 -112.00 -31.27
N TRP N 1209 -7.47 -112.06 -32.59
CA TRP N 1209 -7.57 -113.32 -33.31
C TRP N 1209 -6.29 -113.69 -34.02
N ALA N 1210 -5.19 -113.02 -33.68
CA ALA N 1210 -3.87 -113.43 -34.12
C ALA N 1210 -2.93 -113.42 -32.92
N SER N 1211 -3.25 -112.61 -31.93
CA SER N 1211 -2.34 -112.46 -30.79
C SER N 1211 -2.43 -113.65 -29.84
N LEU N 1212 -3.60 -114.15 -29.63
CA LEU N 1212 -3.87 -115.07 -28.53
C LEU N 1212 -3.45 -116.50 -28.87
N PRO N 1213 -3.07 -117.28 -27.85
CA PRO N 1213 -2.79 -118.70 -28.09
C PRO N 1213 -4.07 -119.44 -28.44
N GLY N 1214 -4.01 -120.28 -29.47
CA GLY N 1214 -5.19 -121.01 -29.89
C GLY N 1214 -6.09 -120.16 -30.77
N SER N 1215 -5.55 -119.00 -31.15
CA SER N 1215 -6.22 -118.03 -32.00
C SER N 1215 -6.13 -118.48 -33.46
N LEU N 1216 -6.84 -117.78 -34.34
CA LEU N 1216 -6.82 -118.14 -35.76
C LEU N 1216 -5.38 -118.05 -36.23
N GLY N 1217 -4.66 -117.03 -35.77
CA GLY N 1217 -3.26 -116.89 -36.12
C GLY N 1217 -2.42 -118.06 -35.63
N ASP N 1218 -2.72 -118.56 -34.43
CA ASP N 1218 -1.94 -119.66 -33.86
C ASP N 1218 -2.30 -120.98 -34.54
N ILE N 1219 -3.59 -121.30 -34.66
CA ILE N 1219 -4.00 -122.62 -35.12
C ILE N 1219 -3.89 -122.78 -36.62
N LEU N 1220 -3.47 -121.75 -37.33
CA LEU N 1220 -3.51 -121.75 -38.78
C LEU N 1220 -2.17 -121.48 -39.44
N TYR N 1221 -1.29 -120.73 -38.79
CA TYR N 1221 -0.04 -120.33 -39.40
C TYR N 1221 1.20 -120.75 -38.63
N ASN N 1222 1.07 -121.06 -37.35
CA ASN N 1222 2.19 -121.59 -36.61
C ASN N 1222 2.49 -123.00 -37.11
N THR N 1223 3.76 -123.27 -37.40
CA THR N 1223 4.12 -124.57 -37.96
C THR N 1223 3.96 -125.70 -36.96
N ALA N 1224 3.87 -125.40 -35.66
CA ALA N 1224 3.61 -126.42 -34.65
C ALA N 1224 2.24 -127.07 -34.80
N HIS N 1225 1.30 -126.39 -35.45
CA HIS N 1225 0.02 -127.00 -35.79
C HIS N 1225 -0.15 -127.25 -37.29
N ARG N 1226 0.59 -126.51 -38.11
CA ARG N 1226 0.66 -126.83 -39.53
C ARG N 1226 1.22 -128.23 -39.75
N GLU N 1227 2.24 -128.64 -38.99
CA GLU N 1227 2.77 -129.99 -39.13
C GLU N 1227 1.82 -131.06 -38.61
N GLN N 1228 0.81 -130.67 -37.82
CA GLN N 1228 -0.22 -131.61 -37.43
C GLN N 1228 -1.27 -131.77 -38.51
N LEU N 1229 -1.74 -130.67 -39.09
CA LEU N 1229 -2.80 -130.71 -40.09
C LEU N 1229 -2.21 -130.52 -41.48
N CYS N 1230 -2.27 -131.59 -42.29
CA CYS N 1230 -1.46 -131.80 -43.49
C CYS N 1230 -1.58 -130.66 -44.52
N TYR N 1231 -0.53 -130.52 -45.31
CA TYR N 1231 -0.32 -129.31 -46.10
C TYR N 1231 0.75 -129.56 -47.15
N ASN N 1232 0.91 -128.58 -48.03
CA ASN N 1232 1.95 -128.64 -49.04
C ASN N 1232 3.19 -127.96 -48.52
N PRO N 1233 4.33 -128.63 -48.46
CA PRO N 1233 5.55 -127.95 -47.99
C PRO N 1233 6.09 -126.92 -48.97
N LYS N 1234 5.70 -126.97 -50.23
CA LYS N 1234 6.14 -125.98 -51.21
C LYS N 1234 5.08 -124.92 -51.48
N THR N 1235 4.14 -124.75 -50.55
CA THR N 1235 3.30 -123.56 -50.50
C THR N 1235 3.96 -122.53 -49.59
N TYR N 1236 4.38 -121.41 -50.16
CA TYR N 1236 5.01 -120.37 -49.38
C TYR N 1236 3.96 -119.54 -48.68
N SER N 1237 4.20 -119.24 -47.41
CA SER N 1237 3.28 -118.42 -46.62
C SER N 1237 4.12 -117.33 -45.96
N PRO N 1238 3.87 -116.05 -46.24
CA PRO N 1238 4.65 -114.98 -45.63
C PRO N 1238 4.26 -114.63 -44.20
N ASN N 1239 3.48 -115.47 -43.53
CA ASN N 1239 3.10 -115.18 -42.17
C ASN N 1239 3.60 -116.23 -41.20
N ALA N 1240 4.21 -117.30 -41.72
CA ALA N 1240 4.96 -118.20 -40.86
C ALA N 1240 6.14 -117.49 -40.23
N GLN N 1241 6.73 -116.52 -40.94
CA GLN N 1241 7.85 -115.75 -40.42
C GLN N 1241 7.47 -114.84 -39.26
N PHE N 1242 6.17 -114.62 -39.04
CA PHE N 1242 5.68 -113.82 -37.94
C PHE N 1242 5.03 -114.65 -36.85
N PHE N 1243 4.47 -115.83 -37.18
CA PHE N 1243 3.75 -116.59 -36.18
C PHE N 1243 4.45 -117.85 -35.68
N THR N 1244 5.62 -118.21 -36.21
CA THR N 1244 6.25 -119.42 -35.70
C THR N 1244 7.00 -119.09 -34.41
N GLU N 1245 6.42 -119.53 -33.28
CA GLU N 1245 6.98 -119.29 -31.95
C GLU N 1245 8.34 -119.97 -31.70
N SER N 1246 8.45 -121.22 -32.13
CA SER N 1246 9.69 -121.97 -31.97
C SER N 1246 10.84 -121.35 -32.75
N ASP N 1247 10.55 -120.54 -33.76
CA ASP N 1247 11.57 -119.80 -34.51
C ASP N 1247 11.73 -118.36 -34.02
N ILE N 1248 11.19 -118.05 -32.84
CA ILE N 1248 11.49 -116.78 -32.18
C ILE N 1248 11.98 -116.97 -30.75
N LEU N 1249 11.66 -118.09 -30.09
CA LEU N 1249 12.29 -118.38 -28.81
C LEU N 1249 13.75 -118.80 -28.99
N LYS N 1250 14.15 -119.16 -30.21
CA LYS N 1250 15.57 -119.28 -30.52
C LYS N 1250 16.21 -117.91 -30.76
N THR N 1251 15.41 -116.89 -31.11
CA THR N 1251 15.95 -115.54 -31.26
C THR N 1251 16.17 -114.91 -29.90
N ASN N 1252 15.45 -115.38 -28.88
CA ASN N 1252 15.70 -114.91 -27.51
C ASN N 1252 17.04 -115.43 -26.99
N LYS N 1253 18.11 -114.75 -27.40
CA LYS N 1253 19.49 -115.05 -26.98
C LYS N 1253 20.25 -113.73 -26.83
N MET N 1254 21.58 -113.82 -26.71
CA MET N 1254 22.41 -112.63 -26.71
C MET N 1254 22.43 -111.98 -28.10
N MET N 1255 22.75 -110.69 -28.11
CA MET N 1255 22.52 -109.89 -29.31
C MET N 1255 23.51 -110.21 -30.40
N TYR N 1256 24.78 -110.46 -30.04
CA TYR N 1256 25.75 -110.87 -31.03
C TYR N 1256 25.43 -112.24 -31.60
N LYS N 1257 24.84 -113.12 -30.78
CA LYS N 1257 24.40 -114.40 -31.31
C LYS N 1257 23.22 -114.25 -32.26
N VAL N 1258 22.34 -113.28 -31.98
CA VAL N 1258 21.22 -113.01 -32.88
C VAL N 1258 21.73 -112.53 -34.24
N ILE N 1259 22.65 -111.58 -34.24
CA ILE N 1259 23.11 -111.09 -35.53
C ILE N 1259 24.08 -112.06 -36.22
N ASN N 1260 24.78 -112.91 -35.47
CA ASN N 1260 25.57 -113.95 -36.11
C ASN N 1260 24.68 -115.01 -36.75
N GLU N 1261 23.58 -115.37 -36.08
CA GLU N 1261 22.60 -116.28 -36.67
C GLU N 1261 21.95 -115.67 -37.90
N TYR N 1262 21.68 -114.36 -37.87
CA TYR N 1262 21.07 -113.69 -39.02
C TYR N 1262 22.01 -113.65 -40.21
N CYS N 1263 23.26 -113.23 -39.98
CA CYS N 1263 24.19 -113.14 -41.10
C CYS N 1263 24.67 -114.51 -41.56
N MET N 1264 24.56 -115.53 -40.70
CA MET N 1264 24.77 -116.90 -41.15
C MET N 1264 23.59 -117.40 -41.95
N LYS N 1265 22.38 -116.93 -41.64
CA LYS N 1265 21.20 -117.24 -42.43
C LYS N 1265 21.23 -116.37 -43.69
N SER N 1266 22.10 -116.77 -44.61
CA SER N 1266 22.14 -116.26 -45.97
C SER N 1266 22.26 -117.44 -46.92
N ASN N 1267 21.64 -118.55 -46.52
CA ASN N 1267 21.59 -119.75 -47.35
C ASN N 1267 20.85 -119.48 -48.65
N SER N 1268 19.80 -118.64 -48.57
CA SER N 1268 18.94 -118.25 -49.69
C SER N 1268 18.35 -119.47 -50.40
N CYS N 1269 17.59 -120.23 -49.62
CA CYS N 1269 16.85 -121.35 -50.18
C CYS N 1269 15.70 -120.85 -51.05
N LEU N 1270 15.16 -119.68 -50.75
CA LEU N 1270 14.00 -119.15 -51.46
C LEU N 1270 14.38 -118.71 -52.86
N ASN N 1271 13.65 -119.21 -53.85
CA ASN N 1271 13.92 -118.86 -55.24
C ASN N 1271 13.15 -117.62 -55.65
N SER N 1272 13.50 -117.09 -56.80
CA SER N 1272 12.73 -116.04 -57.42
C SER N 1272 12.48 -116.42 -58.87
N ASP N 1273 12.10 -117.67 -59.07
CA ASP N 1273 11.75 -118.23 -60.36
C ASP N 1273 10.34 -118.81 -60.26
N SER N 1274 9.78 -119.16 -61.43
CA SER N 1274 8.58 -119.97 -61.58
C SER N 1274 7.33 -119.31 -60.99
N GLU N 1275 7.00 -118.13 -61.54
CA GLU N 1275 5.68 -117.49 -61.65
C GLU N 1275 4.92 -117.23 -60.36
N ILE N 1276 5.40 -117.71 -59.22
CA ILE N 1276 4.68 -117.62 -57.96
C ILE N 1276 5.70 -117.92 -56.89
N GLN N 1277 5.43 -117.46 -55.67
CA GLN N 1277 6.36 -117.69 -54.58
C GLN N 1277 6.20 -119.10 -54.07
N TYR N 1278 7.19 -119.96 -54.34
CA TYR N 1278 7.30 -121.24 -53.68
C TYR N 1278 8.24 -121.11 -52.50
N SER N 1279 8.38 -122.20 -51.76
CA SER N 1279 9.37 -122.29 -50.69
C SER N 1279 10.16 -123.58 -50.89
N CYS N 1280 11.16 -123.52 -51.75
CA CYS N 1280 12.10 -124.63 -51.89
C CYS N 1280 13.23 -124.45 -50.90
N SER N 1281 13.81 -125.56 -50.47
CA SER N 1281 14.66 -125.59 -49.28
C SER N 1281 15.97 -126.32 -49.53
N GLU N 1282 16.70 -125.91 -50.57
CA GLU N 1282 18.00 -126.51 -50.85
C GLU N 1282 19.17 -125.55 -50.77
N GLY N 1283 18.96 -124.25 -50.95
CA GLY N 1283 20.04 -123.28 -50.87
C GLY N 1283 20.98 -123.24 -52.07
N THR N 1284 20.41 -123.17 -53.27
CA THR N 1284 21.24 -123.07 -54.47
C THR N 1284 21.68 -121.64 -54.73
N ASP N 1285 20.76 -120.68 -54.53
CA ASP N 1285 21.00 -119.26 -54.77
C ASP N 1285 22.11 -118.75 -53.87
N SER N 1286 22.74 -117.66 -54.29
CA SER N 1286 23.85 -117.09 -53.54
C SER N 1286 23.43 -116.55 -52.18
N PHE N 1287 22.66 -115.46 -52.14
CA PHE N 1287 22.46 -114.75 -50.88
C PHE N 1287 21.11 -114.06 -50.86
N VAL N 1288 20.53 -113.99 -49.66
CA VAL N 1288 19.29 -113.26 -49.42
C VAL N 1288 19.46 -112.56 -48.07
N SER N 1289 18.69 -111.51 -47.87
CA SER N 1289 18.69 -110.82 -46.59
C SER N 1289 17.30 -110.29 -46.31
N ARG N 1290 16.80 -110.56 -45.11
CA ARG N 1290 15.39 -110.35 -44.77
C ARG N 1290 15.27 -109.44 -43.56
N PRO N 1291 15.20 -108.14 -43.77
CA PRO N 1291 15.08 -107.22 -42.64
C PRO N 1291 13.75 -107.30 -41.94
N CYS N 1292 12.68 -107.66 -42.65
CA CYS N 1292 11.39 -107.89 -42.00
C CYS N 1292 11.47 -109.08 -41.06
N GLN N 1293 12.21 -110.12 -41.45
CA GLN N 1293 12.46 -111.25 -40.56
C GLN N 1293 13.24 -110.83 -39.35
N PHE N 1294 14.31 -110.03 -39.54
CA PHE N 1294 15.16 -109.68 -38.42
C PHE N 1294 14.46 -108.72 -37.44
N LEU N 1295 13.65 -107.81 -37.96
CA LEU N 1295 12.98 -106.85 -37.09
C LEU N 1295 11.64 -107.33 -36.60
N GLN N 1296 11.14 -108.46 -37.13
CA GLN N 1296 9.87 -109.08 -36.71
C GLN N 1296 8.67 -108.16 -36.89
N ASN N 1297 8.74 -107.28 -37.89
CA ASN N 1297 7.56 -106.56 -38.32
C ASN N 1297 7.62 -106.38 -39.83
N ALA N 1298 6.50 -106.01 -40.40
CA ALA N 1298 6.39 -105.74 -41.81
C ALA N 1298 6.19 -104.25 -42.02
N LEU N 1299 5.93 -103.86 -43.25
CA LEU N 1299 5.84 -102.45 -43.58
C LEU N 1299 4.47 -102.10 -44.14
N PRO N 1300 3.96 -100.91 -43.87
CA PRO N 1300 2.73 -100.48 -44.54
C PRO N 1300 3.04 -99.92 -45.91
N LEU N 1301 2.05 -99.98 -46.79
CA LEU N 1301 2.25 -99.51 -48.15
C LEU N 1301 1.03 -98.73 -48.61
N HIS N 1302 1.18 -98.07 -49.76
CA HIS N 1302 0.26 -97.03 -50.21
C HIS N 1302 -1.05 -97.64 -50.68
N CYS N 1303 -1.93 -97.91 -49.74
CA CYS N 1303 -3.27 -98.36 -50.04
C CYS N 1303 -4.28 -97.30 -49.63
N SER N 1304 -5.48 -97.42 -50.16
CA SER N 1304 -6.53 -96.44 -49.89
C SER N 1304 -7.87 -97.15 -49.95
N SER N 1305 -8.91 -96.45 -49.52
CA SER N 1305 -10.22 -97.06 -49.53
C SER N 1305 -10.93 -96.93 -50.87
N ASN N 1306 -10.75 -95.80 -51.55
CA ASN N 1306 -11.29 -95.70 -52.89
C ASN N 1306 -10.45 -94.79 -53.78
N GLN N 1307 -10.87 -94.76 -55.05
CA GLN N 1307 -10.23 -93.96 -56.07
C GLN N 1307 -10.31 -92.49 -55.78
N ALA N 1308 -11.30 -92.05 -54.99
CA ALA N 1308 -11.40 -90.66 -54.57
C ALA N 1308 -10.15 -90.22 -53.82
N LEU N 1309 -9.74 -91.00 -52.83
CA LEU N 1309 -8.53 -90.65 -52.10
C LEU N 1309 -7.30 -90.92 -52.95
N LEU N 1310 -7.35 -91.97 -53.77
CA LEU N 1310 -6.19 -92.34 -54.57
C LEU N 1310 -5.87 -91.31 -55.66
N GLU N 1311 -6.88 -90.61 -56.19
CA GLU N 1311 -6.60 -89.60 -57.21
C GLU N 1311 -5.92 -88.37 -56.61
N SER N 1312 -6.33 -87.94 -55.42
CA SER N 1312 -5.64 -86.82 -54.79
C SER N 1312 -4.23 -87.20 -54.38
N ARG N 1313 -4.02 -88.47 -53.99
CA ARG N 1313 -2.66 -88.93 -53.75
C ARG N 1313 -1.83 -88.88 -55.03
N SER N 1314 -2.43 -89.27 -56.16
CA SER N 1314 -1.69 -89.19 -57.43
C SER N 1314 -1.47 -87.74 -57.86
N LYS N 1315 -2.36 -86.83 -57.47
CA LYS N 1315 -2.14 -85.41 -57.77
C LYS N 1315 -0.95 -84.86 -57.01
N THR N 1316 -0.97 -84.98 -55.69
CA THR N 1316 0.06 -84.32 -54.90
C THR N 1316 1.37 -85.09 -54.85
N GLY N 1317 1.34 -86.40 -55.10
CA GLY N 1317 2.51 -87.21 -54.84
C GLY N 1317 2.76 -87.52 -53.38
N ASN N 1318 1.86 -87.09 -52.49
CA ASN N 1318 2.06 -87.21 -51.05
C ASN N 1318 1.74 -88.65 -50.66
N THR N 1319 2.70 -89.53 -50.87
CA THR N 1319 2.54 -90.92 -50.50
C THR N 1319 3.10 -91.23 -49.12
N GLN N 1320 3.73 -90.25 -48.48
CA GLN N 1320 4.27 -90.46 -47.15
C GLN N 1320 3.25 -90.13 -46.06
N ILE N 1321 2.56 -89.01 -46.19
CA ILE N 1321 1.62 -88.58 -45.18
C ILE N 1321 0.32 -89.34 -45.34
N SER N 1322 -0.14 -89.96 -44.27
CA SER N 1322 -1.41 -90.65 -44.25
C SER N 1322 -2.53 -89.69 -43.91
N GLU N 1323 -3.69 -89.90 -44.53
CA GLU N 1323 -4.82 -88.98 -44.43
C GLU N 1323 -6.09 -89.79 -44.43
N THR N 1324 -7.11 -89.28 -43.72
CA THR N 1324 -8.37 -90.00 -43.56
C THR N 1324 -9.54 -89.12 -43.93
N HIS N 1325 -10.54 -89.72 -44.56
CA HIS N 1325 -11.86 -89.14 -44.75
C HIS N 1325 -12.72 -89.65 -43.58
N TYR N 1326 -14.05 -89.52 -43.67
CA TYR N 1326 -15.00 -89.90 -42.63
C TYR N 1326 -14.87 -91.36 -42.20
N CYS N 1327 -15.18 -92.26 -43.11
CA CYS N 1327 -14.94 -93.68 -42.89
C CYS N 1327 -13.99 -94.28 -43.92
N ASN N 1328 -13.67 -93.53 -44.98
CA ASN N 1328 -12.63 -93.94 -45.90
C ASN N 1328 -11.28 -93.46 -45.39
N TYR N 1329 -10.25 -94.26 -45.64
CA TYR N 1329 -8.93 -94.02 -45.09
C TYR N 1329 -7.90 -94.32 -46.16
N ALA N 1330 -6.72 -93.74 -46.02
CA ALA N 1330 -5.63 -94.06 -46.92
C ALA N 1330 -4.34 -94.11 -46.11
N ILE N 1331 -3.58 -95.18 -46.26
CA ILE N 1331 -2.39 -95.41 -45.46
C ILE N 1331 -1.18 -94.86 -46.20
N GLY N 1332 -0.37 -94.08 -45.49
CA GLY N 1332 0.81 -93.52 -46.11
C GLY N 1332 1.90 -94.57 -46.25
N GLU N 1333 2.55 -94.56 -47.41
CA GLU N 1333 3.61 -95.52 -47.71
C GLU N 1333 4.86 -95.14 -46.94
N THR N 1334 5.57 -96.16 -46.44
CA THR N 1334 6.71 -95.91 -45.57
C THR N 1334 8.05 -95.91 -46.30
N ILE N 1335 8.14 -96.50 -47.49
CA ILE N 1335 9.33 -96.44 -48.31
C ILE N 1335 8.92 -96.03 -49.72
N PRO N 1336 9.34 -94.87 -50.22
CA PRO N 1336 8.86 -94.38 -51.53
C PRO N 1336 9.56 -95.05 -52.69
N LEU N 1337 9.28 -96.35 -52.86
CA LEU N 1337 10.01 -97.15 -53.81
C LEU N 1337 9.70 -96.79 -55.25
N GLN N 1338 8.52 -96.21 -55.52
CA GLN N 1338 8.26 -95.69 -56.84
C GLN N 1338 9.18 -94.52 -57.17
N LEU N 1339 9.40 -93.61 -56.20
CA LEU N 1339 10.35 -92.53 -56.40
C LEU N 1339 11.78 -93.05 -56.51
N ILE N 1340 12.07 -94.15 -55.81
CA ILE N 1340 13.38 -94.80 -55.90
C ILE N 1340 13.64 -95.29 -57.33
N ILE N 1341 12.67 -96.02 -57.89
CA ILE N 1341 12.85 -96.57 -59.23
C ILE N 1341 12.81 -95.47 -60.29
N GLU N 1342 12.03 -94.41 -60.08
CA GLU N 1342 12.08 -93.26 -60.98
C GLU N 1342 13.42 -92.54 -60.91
N SER N 1343 14.05 -92.53 -59.74
CA SER N 1343 15.38 -91.94 -59.64
C SER N 1343 16.46 -92.80 -60.27
N SER N 1344 16.28 -94.12 -60.34
CA SER N 1344 17.15 -94.90 -61.24
C SER N 1344 16.41 -95.51 -62.41
N SER O 44 34.70 -57.67 -147.50
CA SER O 44 34.06 -56.66 -146.67
C SER O 44 32.58 -56.96 -146.47
N ARG O 45 32.25 -57.45 -145.27
CA ARG O 45 30.87 -57.78 -144.89
C ARG O 45 30.22 -58.77 -145.86
N TYR O 46 29.00 -58.44 -146.30
CA TYR O 46 28.16 -59.20 -147.24
C TYR O 46 27.57 -60.52 -146.71
N ASN O 47 28.41 -61.44 -146.28
CA ASN O 47 27.95 -62.72 -145.76
C ASN O 47 27.13 -62.54 -144.48
N ILE O 48 26.08 -63.33 -144.35
CA ILE O 48 25.21 -63.27 -143.18
C ILE O 48 25.96 -63.68 -141.92
N SER O 49 25.69 -62.98 -140.82
CA SER O 49 26.34 -63.27 -139.54
C SER O 49 25.32 -63.76 -138.53
N PHE O 50 25.63 -64.87 -137.87
CA PHE O 50 24.72 -65.44 -136.88
C PHE O 50 25.24 -65.30 -135.45
N GLU O 51 24.51 -64.54 -134.64
CA GLU O 51 24.86 -64.32 -133.25
C GLU O 51 24.17 -65.38 -132.39
N ALA O 52 24.83 -65.75 -131.31
CA ALA O 52 24.42 -66.91 -130.53
C ALA O 52 23.70 -66.49 -129.25
N LEU O 53 22.81 -67.36 -128.79
CA LEU O 53 22.13 -67.16 -127.50
C LEU O 53 22.93 -67.92 -126.46
N LEU O 54 23.85 -67.21 -125.80
CA LEU O 54 24.85 -67.85 -124.95
C LEU O 54 24.27 -68.33 -123.63
N GLY O 55 24.84 -69.43 -123.13
CA GLY O 55 24.56 -69.88 -121.80
C GLY O 55 25.87 -70.20 -121.10
N ILE O 56 25.82 -70.28 -119.78
CA ILE O 56 27.01 -70.47 -118.96
C ILE O 56 26.79 -71.63 -117.99
N TYR O 57 27.76 -72.54 -117.92
CA TYR O 57 27.73 -73.65 -116.98
C TYR O 57 28.47 -73.27 -115.71
N CYS O 58 28.14 -73.95 -114.61
CA CYS O 58 28.94 -73.88 -113.39
C CYS O 58 29.46 -75.27 -113.08
N ASN O 59 30.73 -75.36 -112.70
CA ASN O 59 31.36 -76.67 -112.50
C ASN O 59 31.74 -76.96 -111.06
N LYS O 60 31.43 -76.07 -110.12
CA LYS O 60 31.76 -76.33 -108.71
C LYS O 60 30.78 -77.33 -108.12
N ILE O 61 31.19 -78.59 -108.07
CA ILE O 61 30.52 -79.61 -107.28
C ILE O 61 31.47 -79.96 -106.16
N GLU O 62 30.99 -79.84 -104.91
CA GLU O 62 31.84 -80.03 -103.75
C GLU O 62 32.29 -81.48 -103.64
N TRP O 63 33.48 -81.67 -103.08
CA TRP O 63 34.19 -82.94 -103.16
C TRP O 63 34.19 -83.60 -101.78
N ILE O 64 33.57 -84.75 -101.69
CA ILE O 64 33.47 -85.49 -100.44
C ILE O 64 34.39 -86.69 -100.53
N ASN O 65 35.50 -86.65 -99.80
CA ASN O 65 36.27 -87.85 -99.57
C ASN O 65 35.59 -88.64 -98.48
N PHE O 66 35.65 -89.97 -98.59
CA PHE O 66 35.00 -90.82 -97.59
C PHE O 66 35.73 -90.73 -96.26
N PHE O 67 37.06 -90.73 -96.29
CA PHE O 67 37.85 -90.74 -95.07
C PHE O 67 37.93 -89.37 -94.41
N THR O 68 37.41 -88.33 -95.05
CA THR O 68 37.30 -87.03 -94.38
C THR O 68 36.15 -87.01 -93.39
N THR O 69 34.99 -87.54 -93.82
CA THR O 69 33.82 -87.58 -92.96
C THR O 69 34.01 -88.59 -91.83
N PRO O 70 33.40 -88.37 -90.66
CA PRO O 70 33.65 -89.25 -89.51
C PRO O 70 32.79 -90.50 -89.50
N ILE O 71 32.19 -90.84 -90.64
CA ILE O 71 31.56 -92.14 -90.78
C ILE O 71 32.62 -93.22 -90.95
N ALA O 72 33.83 -92.84 -91.35
CA ALA O 72 34.88 -93.80 -91.62
C ALA O 72 35.61 -94.27 -90.38
N VAL O 73 35.29 -93.73 -89.20
CA VAL O 73 35.78 -94.33 -87.97
C VAL O 73 34.86 -95.49 -87.57
N ALA O 74 33.62 -95.49 -88.04
CA ALA O 74 32.84 -96.71 -87.99
C ALA O 74 33.23 -97.65 -89.12
N ALA O 75 33.65 -97.10 -90.25
CA ALA O 75 33.95 -97.94 -91.40
C ALA O 75 35.38 -98.48 -91.35
N ASN O 76 35.66 -99.43 -92.25
CA ASN O 76 37.01 -99.94 -92.49
C ASN O 76 37.02 -100.50 -93.91
N VAL O 77 37.50 -99.73 -94.88
CA VAL O 77 37.21 -100.01 -96.28
C VAL O 77 38.47 -100.50 -97.00
N ILE O 78 38.34 -101.65 -97.65
CA ILE O 78 39.46 -102.29 -98.34
C ILE O 78 39.00 -102.67 -99.74
N ARG O 79 39.75 -102.23 -100.75
CA ARG O 79 39.46 -102.64 -102.11
C ARG O 79 39.83 -104.09 -102.34
N PHE O 80 39.04 -104.71 -103.20
CA PHE O 80 39.07 -106.11 -103.56
C PHE O 80 38.30 -106.19 -104.86
N ASN O 81 38.98 -106.49 -105.96
CA ASN O 81 38.39 -106.23 -107.26
C ASN O 81 37.46 -107.33 -107.73
N ASP O 82 37.19 -108.34 -106.91
CA ASP O 82 36.37 -109.47 -107.35
C ASP O 82 35.25 -109.73 -106.36
N VAL O 83 34.81 -108.70 -105.67
CA VAL O 83 33.65 -108.81 -104.80
C VAL O 83 32.38 -109.03 -105.62
N SER O 84 32.38 -108.63 -106.90
CA SER O 84 31.29 -109.00 -107.79
C SER O 84 31.25 -110.49 -108.04
N ARG O 85 32.39 -111.16 -107.95
CA ARG O 85 32.44 -112.61 -108.04
C ARG O 85 32.30 -113.28 -106.68
N MET O 86 32.36 -112.53 -105.59
CA MET O 86 32.14 -113.12 -104.28
C MET O 86 30.69 -113.53 -104.10
N THR O 87 30.46 -114.81 -103.79
CA THR O 87 29.12 -115.27 -103.50
C THR O 87 28.74 -115.02 -102.05
N LEU O 88 29.49 -115.60 -101.11
CA LEU O 88 29.29 -115.38 -99.69
C LEU O 88 30.63 -115.17 -99.03
N GLY O 89 30.81 -114.03 -98.38
CA GLY O 89 31.92 -113.85 -97.47
C GLY O 89 31.46 -114.18 -96.06
N LYS O 90 32.32 -114.84 -95.29
CA LYS O 90 31.98 -115.13 -93.92
C LYS O 90 33.22 -115.08 -93.04
N VAL O 91 33.02 -114.69 -91.80
CA VAL O 91 34.06 -114.82 -90.77
C VAL O 91 33.64 -115.93 -89.81
N LEU O 92 34.63 -116.53 -89.17
CA LEU O 92 34.41 -117.65 -88.27
C LEU O 92 35.01 -117.34 -86.91
N PHE O 93 34.20 -117.40 -85.87
CA PHE O 93 34.63 -117.09 -84.51
C PHE O 93 34.62 -118.36 -83.67
N PHE O 94 35.64 -118.48 -82.83
CA PHE O 94 35.90 -119.66 -82.00
C PHE O 94 35.92 -119.24 -80.54
N ILE O 95 34.75 -119.17 -79.94
CA ILE O 95 34.58 -118.72 -78.57
C ILE O 95 34.77 -119.93 -77.65
N GLN O 96 35.47 -119.76 -76.53
CA GLN O 96 35.47 -120.79 -75.50
C GLN O 96 35.21 -120.17 -74.14
N LEU O 97 34.49 -120.95 -73.28
CA LEU O 97 34.19 -120.22 -72.06
C LEU O 97 35.15 -120.61 -70.95
N PRO O 98 35.51 -119.66 -70.11
CA PRO O 98 36.27 -119.99 -68.90
C PRO O 98 35.34 -120.43 -67.78
N ARG O 99 35.85 -121.34 -66.96
CA ARG O 99 35.04 -121.94 -65.92
C ARG O 99 35.44 -121.38 -64.56
N VAL O 100 34.73 -121.82 -63.53
CA VAL O 100 34.99 -121.42 -62.15
C VAL O 100 34.74 -122.64 -61.28
N ALA O 101 35.55 -122.79 -60.22
CA ALA O 101 35.52 -124.01 -59.43
C ALA O 101 34.38 -123.98 -58.42
N THR O 102 33.72 -125.13 -58.27
CA THR O 102 32.63 -125.28 -57.33
C THR O 102 33.14 -125.68 -55.95
N GLY O 103 32.26 -125.56 -54.97
CA GLY O 103 32.64 -125.84 -53.60
C GLY O 103 32.44 -127.27 -53.19
N ASN O 104 31.89 -127.48 -52.00
CA ASN O 104 31.76 -128.82 -51.43
C ASN O 104 30.61 -129.53 -52.12
N ASP O 105 30.97 -130.49 -52.98
CA ASP O 105 30.06 -131.48 -53.55
C ASP O 105 28.94 -130.85 -54.38
N VAL O 106 29.34 -129.96 -55.28
CA VAL O 106 28.47 -129.41 -56.32
C VAL O 106 29.13 -129.69 -57.65
N THR O 107 28.37 -130.25 -58.59
CA THR O 107 28.93 -130.69 -59.86
C THR O 107 29.36 -129.50 -60.72
N ALA O 108 30.61 -129.51 -61.15
CA ALA O 108 31.15 -128.42 -61.95
C ALA O 108 30.56 -128.45 -63.36
N PRO O 109 30.47 -127.30 -64.03
CA PRO O 109 30.05 -127.31 -65.42
C PRO O 109 31.14 -127.88 -66.31
N LYS O 110 30.72 -128.46 -67.42
CA LYS O 110 31.66 -129.08 -68.34
C LYS O 110 32.32 -128.03 -69.22
N GLU O 111 33.22 -128.48 -70.09
CA GLU O 111 33.91 -127.58 -70.99
C GLU O 111 32.98 -127.13 -72.11
N THR O 112 33.00 -125.84 -72.41
CA THR O 112 32.09 -125.26 -73.38
C THR O 112 32.88 -124.59 -74.50
N THR O 113 32.69 -125.06 -75.72
CA THR O 113 33.30 -124.51 -76.91
C THR O 113 32.19 -124.15 -77.89
N ILE O 114 32.21 -122.91 -78.38
CA ILE O 114 31.19 -122.39 -79.28
C ILE O 114 31.87 -121.96 -80.56
N MET O 115 31.31 -122.35 -81.69
CA MET O 115 31.78 -121.91 -83.00
C MET O 115 30.64 -121.19 -83.68
N VAL O 116 30.84 -119.93 -84.06
CA VAL O 116 29.82 -119.20 -84.80
C VAL O 116 30.44 -118.67 -86.08
N ALA O 117 29.58 -118.22 -86.98
CA ALA O 117 30.02 -117.66 -88.25
C ALA O 117 29.09 -116.53 -88.63
N LYS O 118 29.68 -115.46 -89.17
CA LYS O 118 28.93 -114.27 -89.57
C LYS O 118 29.05 -114.11 -91.07
N HIS O 119 27.90 -114.09 -91.75
CA HIS O 119 27.88 -113.89 -93.18
C HIS O 119 27.98 -112.40 -93.51
N SER O 120 28.29 -112.12 -94.76
CA SER O 120 28.43 -110.77 -95.25
C SER O 120 27.29 -110.46 -96.21
N GLU O 121 26.71 -109.27 -96.08
CA GLU O 121 25.65 -108.83 -96.96
C GLU O 121 26.26 -108.02 -98.08
N LYS O 122 26.07 -108.44 -99.32
CA LYS O 122 26.60 -107.69 -100.44
C LYS O 122 25.48 -106.84 -101.06
N HIS O 123 25.84 -105.65 -101.48
CA HIS O 123 24.91 -104.60 -101.87
C HIS O 123 25.47 -103.83 -103.04
N PRO O 124 24.89 -103.95 -104.23
CA PRO O 124 25.38 -103.17 -105.36
C PRO O 124 24.69 -101.83 -105.47
N ILE O 125 25.46 -100.84 -105.92
CA ILE O 125 24.95 -99.51 -106.16
C ILE O 125 25.23 -99.14 -107.62
N ASN O 126 24.45 -98.21 -108.14
CA ASN O 126 24.62 -97.81 -109.53
C ASN O 126 24.25 -96.34 -109.73
N ILE O 127 24.84 -95.77 -110.78
CA ILE O 127 24.62 -94.39 -111.19
C ILE O 127 24.43 -94.35 -112.69
N SER O 128 23.31 -93.78 -113.13
CA SER O 128 23.02 -93.64 -114.54
C SER O 128 23.13 -92.17 -114.93
N PHE O 129 23.88 -91.89 -115.99
CA PHE O 129 23.93 -90.56 -116.57
C PHE O 129 24.02 -90.72 -118.07
N ASP O 130 23.48 -89.77 -118.81
CA ASP O 130 23.41 -89.89 -120.26
C ASP O 130 24.30 -88.87 -120.96
N LEU O 131 24.66 -89.21 -122.19
CA LEU O 131 25.22 -88.28 -123.14
C LEU O 131 24.30 -88.19 -124.33
N SER O 132 24.14 -86.98 -124.87
CA SER O 132 23.31 -86.80 -126.03
C SER O 132 24.03 -87.33 -127.28
N ALA O 133 23.24 -87.60 -128.32
CA ALA O 133 23.80 -88.01 -129.59
C ALA O 133 24.64 -86.89 -130.20
N ALA O 134 24.26 -85.64 -129.95
CA ALA O 134 25.02 -84.51 -130.45
C ALA O 134 26.38 -84.41 -129.76
N CYS O 135 26.42 -84.59 -128.45
CA CYS O 135 27.68 -84.52 -127.72
C CYS O 135 28.57 -85.70 -128.08
N LEU O 136 27.98 -86.88 -128.25
CA LEU O 136 28.74 -88.04 -128.69
C LEU O 136 29.29 -87.86 -130.10
N GLU O 137 28.55 -87.17 -130.96
CA GLU O 137 29.04 -86.89 -132.31
C GLU O 137 30.17 -85.87 -132.29
N HIS O 138 30.02 -84.80 -131.52
CA HIS O 138 31.05 -83.76 -131.45
C HIS O 138 32.23 -84.15 -130.57
N LEU O 139 32.17 -85.30 -129.90
CA LEU O 139 33.30 -85.76 -129.08
C LEU O 139 34.55 -86.00 -129.93
N GLU O 140 34.49 -86.95 -130.84
CA GLU O 140 35.65 -87.35 -131.62
C GLU O 140 35.43 -86.93 -133.07
N ASN O 141 35.85 -85.70 -133.38
CA ASN O 141 35.77 -85.14 -134.72
C ASN O 141 37.11 -84.47 -135.02
N THR O 142 37.78 -84.93 -136.08
CA THR O 142 38.96 -84.25 -136.57
C THR O 142 38.55 -83.28 -137.68
N PHE O 143 38.91 -82.00 -137.50
CA PHE O 143 38.45 -80.95 -138.38
C PHE O 143 39.34 -79.72 -138.19
N LYS O 144 39.42 -78.91 -139.24
CA LYS O 144 40.27 -77.72 -139.27
C LYS O 144 39.76 -76.67 -138.29
N ASN O 145 40.69 -75.84 -137.81
CA ASN O 145 40.37 -74.73 -136.93
C ASN O 145 39.47 -73.73 -137.61
N THR O 146 38.27 -73.54 -137.05
CA THR O 146 37.27 -72.63 -137.59
C THR O 146 36.58 -71.92 -136.44
N VAL O 147 35.42 -71.35 -136.77
CA VAL O 147 34.38 -70.81 -135.93
C VAL O 147 33.59 -72.00 -135.37
N ILE O 148 32.39 -71.77 -134.80
CA ILE O 148 31.66 -72.50 -133.76
C ILE O 148 32.06 -73.94 -133.42
N ASP O 149 32.47 -74.73 -134.43
CA ASP O 149 32.84 -76.14 -134.23
C ASP O 149 33.91 -76.37 -133.17
N GLN O 150 34.89 -75.46 -133.03
CA GLN O 150 35.91 -75.57 -131.97
C GLN O 150 35.28 -75.54 -130.60
N ILE O 151 34.34 -74.62 -130.40
CA ILE O 151 33.78 -74.39 -129.08
C ILE O 151 32.76 -75.47 -128.74
N LEU O 152 32.02 -75.95 -129.74
CA LEU O 152 31.17 -77.14 -129.49
C LEU O 152 32.02 -78.37 -129.19
N ASN O 153 33.21 -78.49 -129.80
CA ASN O 153 34.11 -79.59 -129.49
C ASN O 153 34.62 -79.51 -128.05
N ILE O 154 35.08 -78.32 -127.66
CA ILE O 154 35.62 -78.10 -126.32
C ILE O 154 34.53 -78.29 -125.26
N ASN O 155 33.32 -77.82 -125.54
CA ASN O 155 32.23 -77.99 -124.58
C ASN O 155 31.75 -79.43 -124.51
N ALA O 156 31.87 -80.19 -125.60
CA ALA O 156 31.54 -81.61 -125.52
C ALA O 156 32.55 -82.36 -124.66
N LEU O 157 33.84 -82.02 -124.81
CA LEU O 157 34.89 -82.61 -123.97
C LEU O 157 34.68 -82.26 -122.50
N HIS O 158 34.32 -81.00 -122.22
CA HIS O 158 34.06 -80.62 -120.84
C HIS O 158 32.79 -81.24 -120.30
N THR O 159 31.79 -81.49 -121.14
CA THR O 159 30.58 -82.17 -120.70
C THR O 159 30.88 -83.60 -120.28
N VAL O 160 31.70 -84.30 -121.06
CA VAL O 160 32.06 -85.67 -120.72
C VAL O 160 32.88 -85.73 -119.43
N LEU O 161 33.88 -84.84 -119.29
CA LEU O 161 34.72 -84.86 -118.09
C LEU O 161 33.94 -84.45 -116.86
N ARG O 162 33.04 -83.48 -117.00
CA ARG O 162 32.26 -83.00 -115.87
C ARG O 162 31.25 -84.05 -115.42
N SER O 163 30.60 -84.73 -116.36
CA SER O 163 29.65 -85.77 -115.97
C SER O 163 30.34 -86.97 -115.34
N LEU O 164 31.57 -87.28 -115.77
CA LEU O 164 32.34 -88.32 -115.07
C LEU O 164 32.67 -87.91 -113.64
N LYS O 165 33.06 -86.64 -113.43
CA LYS O 165 33.35 -86.18 -112.07
C LYS O 165 32.11 -86.21 -111.19
N ASN O 166 30.96 -85.81 -111.75
CA ASN O 166 29.70 -85.82 -111.00
C ASN O 166 29.28 -87.24 -110.65
N SER O 167 29.50 -88.19 -111.57
CA SER O 167 29.17 -89.57 -111.29
C SER O 167 30.08 -90.17 -110.24
N ALA O 168 31.36 -89.77 -110.22
CA ALA O 168 32.26 -90.27 -109.16
C ALA O 168 31.86 -89.74 -107.80
N ASP O 169 31.45 -88.47 -107.74
CA ASP O 169 30.94 -87.92 -106.49
C ASP O 169 29.67 -88.64 -106.04
N SER O 170 28.81 -88.99 -106.99
CA SER O 170 27.59 -89.71 -106.61
C SER O 170 27.90 -91.13 -106.15
N LEU O 171 28.96 -91.74 -106.66
CA LEU O 171 29.37 -93.05 -106.14
C LEU O 171 29.89 -92.94 -104.71
N GLU O 172 30.63 -91.87 -104.40
CA GLU O 172 31.10 -91.67 -103.03
C GLU O 172 29.94 -91.45 -102.06
N ARG O 173 28.94 -90.65 -102.48
CA ARG O 173 27.81 -90.43 -101.60
C ARG O 173 26.93 -91.66 -101.51
N GLY O 174 26.89 -92.48 -102.55
CA GLY O 174 26.21 -93.76 -102.45
C GLY O 174 26.89 -94.70 -101.47
N LEU O 175 28.22 -94.65 -101.39
CA LEU O 175 28.93 -95.39 -100.35
C LEU O 175 28.53 -94.91 -98.96
N ILE O 176 28.47 -93.58 -98.77
CA ILE O 176 27.99 -92.98 -97.52
C ILE O 176 26.59 -93.50 -97.17
N HIS O 177 25.68 -93.44 -98.13
CA HIS O 177 24.28 -93.74 -97.86
C HIS O 177 24.08 -95.23 -97.64
N ALA O 178 24.81 -96.07 -98.36
CA ALA O 178 24.62 -97.51 -98.21
C ALA O 178 25.20 -97.99 -96.89
N PHE O 179 26.33 -97.41 -96.46
CA PHE O 179 26.87 -97.75 -95.15
C PHE O 179 25.93 -97.29 -94.04
N MET O 180 25.33 -96.11 -94.19
CA MET O 180 24.39 -95.64 -93.19
C MET O 180 23.11 -96.48 -93.18
N GLN O 181 22.71 -96.95 -94.35
CA GLN O 181 21.58 -97.86 -94.48
C GLN O 181 21.86 -99.17 -93.75
N THR O 182 23.09 -99.69 -93.87
CA THR O 182 23.43 -100.94 -93.21
C THR O 182 23.49 -100.77 -91.70
N LEU O 183 24.02 -99.64 -91.22
CA LEU O 183 24.02 -99.39 -89.78
C LEU O 183 22.61 -99.26 -89.22
N LEU O 184 21.71 -98.60 -89.95
CA LEU O 184 20.33 -98.52 -89.47
C LEU O 184 19.62 -99.86 -89.53
N ARG O 185 20.01 -100.74 -90.47
CA ARG O 185 19.47 -102.09 -90.42
C ARG O 185 20.00 -102.86 -89.23
N LYS O 186 21.25 -102.62 -88.84
CA LYS O 186 21.86 -103.43 -87.79
C LYS O 186 21.44 -102.99 -86.39
N SER O 187 21.26 -101.70 -86.17
CA SER O 187 21.21 -101.16 -84.80
C SER O 187 19.85 -101.38 -84.16
N PRO O 188 19.78 -102.07 -83.02
CA PRO O 188 18.55 -102.12 -82.26
C PRO O 188 18.44 -100.89 -81.38
N PRO O 189 17.24 -100.52 -80.93
CA PRO O 189 17.09 -99.29 -80.15
C PRO O 189 17.61 -99.42 -78.73
N GLN O 190 17.78 -98.24 -78.13
CA GLN O 190 18.53 -98.09 -76.89
C GLN O 190 17.81 -98.72 -75.72
N PHE O 191 16.48 -98.72 -75.72
CA PHE O 191 15.77 -99.29 -74.59
C PHE O 191 15.90 -100.82 -74.58
N ILE O 192 15.88 -101.43 -75.76
CA ILE O 192 16.13 -102.87 -75.88
C ILE O 192 17.55 -103.20 -75.44
N VAL O 193 18.53 -102.41 -75.88
CA VAL O 193 19.92 -102.73 -75.55
C VAL O 193 20.19 -102.58 -74.06
N LEU O 194 19.69 -101.50 -73.45
CA LEU O 194 19.88 -101.30 -72.01
C LEU O 194 19.15 -102.35 -71.20
N THR O 195 17.95 -102.76 -71.64
CA THR O 195 17.22 -103.76 -70.90
C THR O 195 17.87 -105.13 -71.01
N MET O 196 18.50 -105.43 -72.15
CA MET O 196 19.20 -106.71 -72.27
C MET O 196 20.48 -106.73 -71.44
N ASN O 197 21.25 -105.65 -71.46
CA ASN O 197 22.47 -105.63 -70.66
C ASN O 197 22.18 -105.60 -69.17
N GLU O 198 21.01 -105.12 -68.75
CA GLU O 198 20.65 -105.28 -67.35
C GLU O 198 20.11 -106.69 -67.06
N ASN O 199 19.37 -107.26 -67.99
CA ASN O 199 18.70 -108.56 -67.78
C ASN O 199 19.42 -109.68 -68.51
N LYS O 200 20.76 -109.68 -68.48
CA LYS O 200 21.54 -110.84 -68.90
C LYS O 200 21.10 -112.13 -68.21
N VAL O 201 21.31 -113.24 -68.91
CA VAL O 201 20.69 -114.51 -68.53
C VAL O 201 21.46 -115.13 -67.38
N HIS O 202 20.72 -115.81 -66.50
CA HIS O 202 21.32 -116.69 -65.51
C HIS O 202 21.70 -117.98 -66.21
N ASN O 203 22.92 -118.44 -65.99
CA ASN O 203 23.53 -119.45 -66.85
C ASN O 203 23.18 -120.89 -66.48
N LYS O 204 22.43 -121.10 -65.41
CA LYS O 204 22.07 -122.47 -65.06
C LYS O 204 20.95 -123.01 -65.94
N GLN O 205 20.10 -122.12 -66.47
CA GLN O 205 18.93 -122.53 -67.24
C GLN O 205 18.86 -121.74 -68.54
N ALA O 206 17.71 -121.80 -69.21
CA ALA O 206 17.37 -120.82 -70.24
C ALA O 206 16.82 -119.58 -69.56
N LEU O 207 16.34 -118.62 -70.35
CA LEU O 207 15.88 -117.35 -69.80
C LEU O 207 14.52 -117.53 -69.14
N SER O 208 14.43 -117.19 -67.86
CA SER O 208 13.27 -117.52 -67.04
C SER O 208 12.08 -116.61 -67.35
N ARG O 209 10.90 -117.10 -66.99
CA ARG O 209 9.66 -116.36 -67.25
C ARG O 209 9.60 -115.07 -66.43
N VAL O 210 10.02 -115.14 -65.16
CA VAL O 210 10.04 -113.96 -64.31
C VAL O 210 11.03 -112.93 -64.86
N GLN O 211 12.18 -113.43 -65.33
CA GLN O 211 13.19 -112.59 -65.98
C GLN O 211 12.62 -111.87 -67.18
N ARG O 212 11.93 -112.59 -68.06
CA ARG O 212 11.47 -111.94 -69.28
C ARG O 212 10.24 -111.07 -69.06
N SER O 213 9.39 -111.39 -68.08
CA SER O 213 8.25 -110.54 -67.81
C SER O 213 8.68 -109.21 -67.19
N ASN O 214 9.61 -109.27 -66.22
CA ASN O 214 10.14 -108.03 -65.68
C ASN O 214 10.97 -107.29 -66.69
N MET O 215 11.57 -108.01 -67.65
CA MET O 215 12.25 -107.40 -68.77
C MET O 215 11.29 -106.63 -69.66
N PHE O 216 10.10 -107.18 -69.86
CA PHE O 216 9.08 -106.49 -70.67
C PHE O 216 8.57 -105.24 -69.98
N GLN O 217 8.34 -105.32 -68.67
CA GLN O 217 7.91 -104.12 -67.94
C GLN O 217 9.02 -103.08 -67.90
N SER O 218 10.28 -103.53 -67.86
CA SER O 218 11.40 -102.61 -68.01
C SER O 218 11.42 -101.97 -69.39
N LEU O 219 11.01 -102.71 -70.43
CA LEU O 219 10.94 -102.13 -71.77
C LEU O 219 9.91 -101.01 -71.84
N LYS O 220 8.73 -101.23 -71.24
CA LYS O 220 7.74 -100.16 -71.12
C LYS O 220 8.30 -98.94 -70.42
N ASN O 221 9.00 -99.14 -69.31
CA ASN O 221 9.46 -97.99 -68.52
C ASN O 221 10.59 -97.24 -69.21
N ARG O 222 11.55 -97.95 -69.81
CA ARG O 222 12.64 -97.30 -70.55
C ARG O 222 12.09 -96.53 -71.74
N LEU O 223 11.09 -97.08 -72.42
CA LEU O 223 10.52 -96.40 -73.58
C LEU O 223 9.77 -95.14 -73.18
N LEU O 224 8.93 -95.23 -72.16
CA LEU O 224 8.14 -94.07 -71.78
C LEU O 224 8.95 -93.01 -71.06
N THR O 225 10.09 -93.34 -70.45
CA THR O 225 10.88 -92.28 -69.85
C THR O 225 11.89 -91.69 -70.83
N SER O 226 12.54 -92.50 -71.64
CA SER O 226 13.64 -92.06 -72.49
C SER O 226 13.23 -92.00 -73.95
N LEU O 227 12.04 -91.50 -74.24
CA LEU O 227 11.63 -91.41 -75.63
C LEU O 227 12.30 -90.23 -76.32
N PHE O 228 12.02 -89.02 -75.87
CA PHE O 228 12.61 -87.82 -76.46
C PHE O 228 13.59 -87.21 -75.47
N PHE O 229 14.88 -87.34 -75.77
CA PHE O 229 15.93 -86.89 -74.87
C PHE O 229 15.97 -85.38 -74.81
N LEU O 230 16.20 -84.77 -75.97
CA LEU O 230 16.52 -83.35 -76.13
C LEU O 230 15.34 -82.44 -75.88
N ASN O 231 14.17 -82.98 -75.55
CA ASN O 231 12.97 -82.19 -75.67
C ASN O 231 12.14 -82.27 -74.40
N ARG O 232 12.25 -83.38 -73.69
CA ARG O 232 11.49 -83.52 -72.45
C ARG O 232 12.24 -82.90 -71.28
N ASN O 233 13.55 -83.11 -71.19
CA ASN O 233 14.36 -82.60 -70.10
C ASN O 233 15.39 -81.61 -70.62
N ASN O 234 16.08 -80.96 -69.69
CA ASN O 234 17.20 -80.10 -70.06
C ASN O 234 18.39 -80.30 -69.14
N ASN O 235 18.34 -81.27 -68.23
CA ASN O 235 19.45 -81.55 -67.33
C ASN O 235 20.61 -82.11 -68.13
N SER O 236 21.70 -81.35 -68.20
CA SER O 236 22.89 -81.82 -68.91
C SER O 236 23.49 -83.04 -68.22
N SER O 237 23.31 -83.16 -66.90
CA SER O 237 23.64 -84.39 -66.20
C SER O 237 22.82 -85.56 -66.72
N TYR O 238 21.54 -85.33 -67.00
CA TYR O 238 20.68 -86.41 -67.48
C TYR O 238 21.06 -86.84 -68.90
N ILE O 239 21.31 -85.87 -69.78
CA ILE O 239 21.65 -86.19 -71.16
C ILE O 239 23.04 -86.82 -71.24
N TYR O 240 23.97 -86.34 -70.42
CA TYR O 240 25.28 -86.97 -70.28
C TYR O 240 25.14 -88.40 -69.76
N ARG O 241 24.20 -88.62 -68.85
CA ARG O 241 23.96 -89.97 -68.33
C ARG O 241 23.44 -90.90 -69.40
N ILE O 242 22.53 -90.41 -70.25
CA ILE O 242 21.96 -91.26 -71.31
C ILE O 242 23.01 -91.59 -72.37
N LEU O 243 23.84 -90.60 -72.74
CA LEU O 243 24.88 -90.90 -73.71
C LEU O 243 25.96 -91.82 -73.14
N ASN O 244 26.24 -91.70 -71.84
CA ASN O 244 27.11 -92.65 -71.17
C ASN O 244 26.51 -94.04 -71.17
N ASP O 245 25.18 -94.13 -71.03
CA ASP O 245 24.50 -95.42 -71.09
C ASP O 245 24.65 -96.06 -72.46
N MET O 246 24.58 -95.25 -73.53
CA MET O 246 24.82 -95.76 -74.88
C MET O 246 26.22 -96.33 -75.01
N MET O 247 27.22 -95.54 -74.61
CA MET O 247 28.60 -95.92 -74.86
C MET O 247 29.08 -97.02 -73.92
N GLU O 248 28.35 -97.27 -72.84
CA GLU O 248 28.62 -98.48 -72.06
C GLU O 248 27.86 -99.69 -72.58
N SER O 249 26.69 -99.47 -73.19
CA SER O 249 25.89 -100.60 -73.66
C SER O 249 26.43 -101.20 -74.95
N VAL O 250 27.08 -100.39 -75.77
CA VAL O 250 27.56 -100.88 -77.07
C VAL O 250 28.78 -101.78 -76.89
N THR O 251 28.73 -102.97 -77.49
CA THR O 251 29.86 -103.89 -77.47
C THR O 251 30.89 -103.51 -78.53
N GLU O 252 32.11 -104.01 -78.35
CA GLU O 252 33.28 -103.59 -79.10
C GLU O 252 33.53 -104.55 -80.27
N SER O 253 34.10 -104.00 -81.35
CA SER O 253 34.52 -104.79 -82.49
C SER O 253 35.67 -105.73 -82.13
N ILE O 254 35.87 -106.75 -82.96
CA ILE O 254 36.84 -107.78 -82.63
C ILE O 254 38.27 -107.35 -82.95
N LEU O 255 38.48 -106.52 -83.95
CA LEU O 255 39.83 -106.15 -84.35
C LEU O 255 40.15 -104.74 -83.91
N ASN O 256 41.38 -104.55 -83.43
CA ASN O 256 41.91 -103.25 -83.06
C ASN O 256 43.22 -103.02 -83.80
N ASP O 257 43.28 -101.96 -84.58
CA ASP O 257 44.53 -101.48 -85.14
C ASP O 257 45.00 -100.32 -84.28
N THR O 258 46.30 -100.30 -83.99
CA THR O 258 46.84 -99.28 -83.11
C THR O 258 46.85 -97.92 -83.80
N ASN O 259 47.09 -97.89 -85.10
CA ASN O 259 47.26 -96.63 -85.81
C ASN O 259 46.00 -96.12 -86.50
N ASN O 260 44.91 -96.88 -86.52
CA ASN O 260 43.67 -96.42 -87.13
C ASN O 260 42.88 -95.61 -86.13
N TYR O 261 42.67 -94.33 -86.45
CA TYR O 261 41.95 -93.36 -85.62
C TYR O 261 42.55 -93.24 -84.24
N THR O 262 43.84 -92.94 -84.23
CA THR O 262 44.61 -92.77 -83.02
C THR O 262 44.74 -91.30 -82.71
N SER O 263 44.49 -90.94 -81.46
CA SER O 263 44.67 -89.56 -81.01
C SER O 263 46.16 -89.31 -80.73
N LYS O 264 46.46 -88.20 -80.07
CA LYS O 264 47.83 -87.91 -79.70
C LYS O 264 48.29 -88.86 -78.60
N GLU O 265 49.53 -89.35 -78.75
CA GLU O 265 50.21 -90.22 -77.79
C GLU O 265 49.47 -91.53 -77.54
N ASN O 266 48.92 -92.10 -78.62
CA ASN O 266 48.43 -93.47 -78.69
C ASN O 266 47.28 -93.75 -77.72
N ILE O 267 46.19 -93.03 -77.92
CA ILE O 267 44.90 -93.34 -77.30
C ILE O 267 43.90 -93.50 -78.44
N PRO O 268 43.28 -94.67 -78.61
CA PRO O 268 42.35 -94.86 -79.73
C PRO O 268 41.02 -94.17 -79.46
N LEU O 269 40.55 -93.42 -80.45
CA LEU O 269 39.22 -92.86 -80.39
C LEU O 269 38.20 -93.99 -80.49
N ASP O 270 37.16 -93.92 -79.68
CA ASP O 270 36.26 -95.07 -79.49
C ASP O 270 34.87 -94.71 -79.96
N GLY O 271 34.61 -94.88 -81.24
CA GLY O 271 33.26 -94.82 -81.77
C GLY O 271 32.87 -93.45 -82.28
N VAL O 272 31.74 -93.44 -82.98
CA VAL O 272 31.16 -92.22 -83.53
C VAL O 272 29.71 -92.12 -83.09
N LEU O 273 29.34 -90.93 -82.61
CA LEU O 273 27.98 -90.53 -82.35
C LEU O 273 27.63 -89.53 -83.44
N LEU O 274 26.70 -89.91 -84.28
CA LEU O 274 26.36 -89.09 -85.42
C LEU O 274 24.86 -88.99 -85.51
N GLY O 275 24.38 -87.82 -85.88
CA GLY O 275 22.98 -87.59 -85.98
C GLY O 275 22.69 -86.64 -87.10
N PRO O 276 21.56 -85.98 -87.07
CA PRO O 276 21.34 -84.89 -88.01
C PRO O 276 21.71 -83.56 -87.38
N ILE O 277 21.83 -82.54 -88.23
CA ILE O 277 22.28 -81.24 -87.75
C ILE O 277 21.23 -80.59 -86.86
N GLY O 278 19.95 -80.96 -87.04
CA GLY O 278 18.91 -80.46 -86.18
C GLY O 278 19.01 -80.94 -84.74
N SER O 279 19.64 -82.10 -84.54
CA SER O 279 19.97 -82.52 -83.18
C SER O 279 21.30 -81.95 -82.72
N ILE O 280 22.30 -81.90 -83.60
CA ILE O 280 23.64 -81.63 -83.11
C ILE O 280 23.92 -80.15 -82.90
N GLN O 281 23.14 -79.25 -83.51
CA GLN O 281 23.22 -77.84 -83.09
C GLN O 281 22.78 -77.69 -81.65
N LYS O 282 21.70 -78.39 -81.26
CA LYS O 282 21.26 -78.41 -79.88
C LYS O 282 22.28 -79.06 -78.96
N LEU O 283 22.89 -80.15 -79.43
CA LEU O 283 23.82 -80.89 -78.59
C LEU O 283 25.11 -80.11 -78.35
N THR O 284 25.59 -79.38 -79.36
CA THR O 284 26.72 -78.48 -79.14
C THR O 284 26.34 -77.36 -78.18
N ASN O 285 25.13 -76.80 -78.33
CA ASN O 285 24.70 -75.71 -77.47
C ASN O 285 24.54 -76.13 -76.02
N ILE O 286 24.22 -77.40 -75.76
CA ILE O 286 24.03 -77.83 -74.38
C ILE O 286 25.19 -78.63 -73.82
N LEU O 287 26.17 -79.02 -74.63
CA LEU O 287 27.31 -79.76 -74.12
C LEU O 287 28.63 -79.15 -74.56
N SER O 288 28.68 -77.84 -74.85
CA SER O 288 29.91 -77.19 -75.27
C SER O 288 31.00 -77.17 -74.21
N GLN O 289 30.71 -77.56 -72.96
CA GLN O 289 31.78 -77.79 -71.99
C GLN O 289 32.60 -79.03 -72.32
N TYR O 290 31.97 -80.03 -72.93
CA TYR O 290 32.59 -81.33 -73.12
C TYR O 290 33.08 -81.54 -74.54
N ILE O 291 32.92 -80.55 -75.42
CA ILE O 291 33.17 -80.73 -76.84
C ILE O 291 34.48 -80.06 -77.20
N SER O 292 35.43 -80.86 -77.68
CA SER O 292 36.70 -80.35 -78.17
C SER O 292 36.92 -80.82 -79.60
N THR O 293 37.79 -80.11 -80.29
CA THR O 293 38.22 -80.49 -81.64
C THR O 293 39.71 -80.77 -81.60
N GLN O 294 40.08 -82.01 -81.89
CA GLN O 294 41.48 -82.42 -81.82
C GLN O 294 41.87 -83.15 -83.09
N VAL O 295 43.16 -83.43 -83.21
CA VAL O 295 43.74 -84.00 -84.42
C VAL O 295 43.94 -85.49 -84.21
N VAL O 296 43.41 -86.29 -85.12
CA VAL O 296 43.39 -87.74 -85.01
C VAL O 296 44.10 -88.31 -86.23
N SER O 297 45.02 -89.25 -86.00
CA SER O 297 45.74 -89.93 -87.07
C SER O 297 44.78 -90.86 -87.80
N ALA O 298 44.29 -90.43 -88.95
CA ALA O 298 43.27 -91.17 -89.66
C ALA O 298 43.83 -91.77 -90.95
N PRO O 299 43.28 -92.90 -91.40
CA PRO O 299 43.66 -93.42 -92.71
C PRO O 299 43.10 -92.57 -93.83
N ILE O 300 43.81 -92.55 -94.95
CA ILE O 300 43.42 -91.72 -96.07
C ILE O 300 43.06 -92.51 -97.32
N SER O 301 43.53 -93.74 -97.47
CA SER O 301 43.32 -94.51 -98.69
C SER O 301 42.61 -95.81 -98.36
N TYR O 302 42.06 -96.44 -99.40
CA TYR O 302 41.43 -97.73 -99.24
C TYR O 302 42.51 -98.80 -99.08
N GLY O 303 42.15 -99.88 -98.40
CA GLY O 303 43.08 -100.99 -98.29
C GLY O 303 43.21 -101.76 -99.58
N HIS O 304 44.15 -102.70 -99.61
CA HIS O 304 44.28 -103.62 -100.73
C HIS O 304 43.95 -105.03 -100.28
N PHE O 305 43.43 -105.84 -101.21
CA PHE O 305 43.64 -107.28 -101.11
C PHE O 305 43.73 -107.84 -102.52
N ILE O 306 44.95 -108.15 -102.94
CA ILE O 306 45.21 -108.79 -104.22
C ILE O 306 45.34 -110.28 -103.96
N MET O 307 44.67 -111.10 -104.78
CA MET O 307 44.84 -112.54 -104.67
C MET O 307 46.26 -112.96 -105.04
N GLY O 308 46.63 -114.13 -104.58
CA GLY O 308 47.76 -114.84 -105.12
C GLY O 308 47.31 -115.82 -106.19
N LYS O 309 48.31 -116.44 -106.82
CA LYS O 309 48.03 -117.56 -107.72
C LYS O 309 47.34 -118.71 -106.98
N GLU O 310 47.67 -118.89 -105.70
CA GLU O 310 47.03 -119.90 -104.88
C GLU O 310 45.53 -119.62 -104.73
N ASN O 311 45.18 -118.36 -104.47
CA ASN O 311 43.78 -118.00 -104.35
C ASN O 311 43.06 -118.11 -105.69
N ALA O 312 43.75 -117.81 -106.79
CA ALA O 312 43.12 -117.95 -108.10
C ALA O 312 42.83 -119.41 -108.41
N VAL O 313 43.77 -120.30 -108.09
CA VAL O 313 43.58 -121.73 -108.34
C VAL O 313 42.47 -122.30 -107.47
N THR O 314 42.42 -121.90 -106.19
CA THR O 314 41.35 -122.38 -105.33
C THR O 314 40.00 -121.81 -105.73
N ALA O 315 39.96 -120.58 -106.26
CA ALA O 315 38.71 -120.01 -106.70
C ALA O 315 38.19 -120.67 -107.97
N ILE O 316 39.08 -121.10 -108.85
CA ILE O 316 38.62 -121.80 -110.04
C ILE O 316 38.21 -123.24 -109.69
N ALA O 317 38.99 -123.91 -108.86
CA ALA O 317 38.73 -125.33 -108.61
C ALA O 317 37.64 -125.54 -107.56
N TYR O 318 37.88 -125.07 -106.34
CA TYR O 318 37.08 -125.48 -105.19
C TYR O 318 35.96 -124.50 -104.86
N ARG O 319 35.74 -123.48 -105.69
CA ARG O 319 34.78 -122.40 -105.47
C ARG O 319 34.98 -121.70 -104.13
N ALA O 320 36.22 -121.60 -103.64
CA ALA O 320 36.42 -121.06 -102.31
C ALA O 320 37.70 -120.24 -102.24
N ILE O 321 37.74 -119.36 -101.25
CA ILE O 321 38.89 -118.52 -100.94
C ILE O 321 39.17 -118.62 -99.45
N MET O 322 40.28 -119.24 -99.10
CA MET O 322 40.88 -119.03 -97.79
C MET O 322 41.51 -117.65 -97.80
N ALA O 323 41.19 -116.82 -96.83
CA ALA O 323 41.94 -115.60 -96.65
C ALA O 323 43.14 -115.87 -95.75
N ASP O 324 44.25 -115.18 -96.05
CA ASP O 324 45.58 -115.50 -95.52
C ASP O 324 45.92 -116.96 -95.75
N PHE O 325 45.76 -117.40 -96.99
CA PHE O 325 46.12 -118.76 -97.35
C PHE O 325 47.62 -118.97 -97.24
N THR O 326 48.43 -117.94 -97.51
CA THR O 326 49.86 -118.11 -97.40
C THR O 326 50.33 -118.14 -95.93
N GLN O 327 49.69 -117.38 -95.05
CA GLN O 327 50.05 -117.45 -93.63
C GLN O 327 49.56 -118.75 -93.01
N PHE O 328 48.33 -119.15 -93.36
CA PHE O 328 47.77 -120.42 -92.91
C PHE O 328 48.51 -121.60 -93.52
N THR O 329 49.24 -121.39 -94.62
CA THR O 329 50.12 -122.40 -95.18
C THR O 329 51.43 -122.49 -94.43
N VAL O 330 52.12 -121.36 -94.26
CA VAL O 330 53.45 -121.40 -93.66
C VAL O 330 53.42 -121.62 -92.16
N ASN O 331 52.27 -121.50 -91.51
CA ASN O 331 52.16 -121.85 -90.10
C ASN O 331 51.58 -123.23 -89.88
N ALA O 332 51.71 -124.13 -90.85
CA ALA O 332 51.06 -125.44 -90.73
C ALA O 332 51.91 -126.41 -89.92
N GLY O 333 53.09 -126.76 -90.43
CA GLY O 333 53.87 -127.80 -89.79
C GLY O 333 54.64 -127.35 -88.57
N THR O 334 54.71 -126.05 -88.32
CA THR O 334 55.44 -125.53 -87.18
C THR O 334 54.59 -125.59 -85.93
N GLU O 335 55.11 -125.03 -84.84
CA GLU O 335 54.34 -125.02 -83.60
C GLU O 335 53.25 -123.95 -83.64
N GLN O 336 53.54 -122.76 -84.17
CA GLN O 336 52.60 -121.65 -84.10
C GLN O 336 51.45 -121.80 -85.11
N GLN O 337 50.63 -122.84 -84.90
CA GLN O 337 49.46 -123.04 -85.75
C GLN O 337 48.33 -122.09 -85.37
N ASP O 338 47.99 -122.02 -84.08
CA ASP O 338 46.80 -121.30 -83.68
C ASP O 338 47.04 -119.79 -83.70
N THR O 339 48.26 -119.35 -83.48
CA THR O 339 48.55 -117.93 -83.46
C THR O 339 48.64 -117.39 -84.88
N ASN O 340 48.08 -116.19 -85.06
CA ASN O 340 48.17 -115.49 -86.33
C ASN O 340 48.05 -114.01 -86.01
N ASN O 341 49.00 -113.21 -86.50
CA ASN O 341 49.14 -111.85 -86.02
C ASN O 341 48.19 -110.89 -86.71
N LYS O 342 48.26 -110.82 -88.03
CA LYS O 342 47.48 -109.85 -88.79
C LYS O 342 46.54 -110.57 -89.74
N SER O 343 45.71 -109.80 -90.43
CA SER O 343 44.87 -110.32 -91.49
C SER O 343 44.92 -109.40 -92.69
N GLU O 344 45.39 -109.91 -93.84
CA GLU O 344 45.52 -109.09 -95.03
C GLU O 344 44.15 -108.62 -95.54
N ILE O 345 43.11 -109.42 -95.35
CA ILE O 345 41.78 -108.99 -95.77
C ILE O 345 41.20 -107.92 -94.87
N PHE O 346 41.71 -107.76 -93.65
CA PHE O 346 41.19 -106.77 -92.73
C PHE O 346 42.21 -105.75 -92.25
N ASP O 347 43.50 -105.94 -92.51
CA ASP O 347 44.53 -105.04 -92.02
C ASP O 347 45.64 -105.00 -93.05
N LYS O 348 45.97 -103.81 -93.57
CA LYS O 348 47.05 -103.67 -94.52
C LYS O 348 47.89 -102.45 -94.17
N SER O 349 49.05 -102.39 -94.81
CA SER O 349 49.82 -101.15 -94.86
C SER O 349 49.05 -100.15 -95.70
N ARG O 350 48.39 -99.20 -95.05
CA ARG O 350 47.65 -98.17 -95.74
C ARG O 350 48.21 -96.82 -95.33
N ALA O 351 47.99 -95.82 -96.18
CA ALA O 351 48.57 -94.50 -95.95
C ALA O 351 47.80 -93.75 -94.88
N TYR O 352 48.54 -92.97 -94.09
CA TYR O 352 48.00 -92.30 -92.91
C TYR O 352 48.10 -90.79 -93.10
N ALA O 353 47.10 -90.08 -92.59
CA ALA O 353 47.08 -88.62 -92.62
C ALA O 353 46.52 -88.13 -91.30
N ASP O 354 46.37 -86.82 -91.18
CA ASP O 354 45.83 -86.20 -89.98
C ASP O 354 44.67 -85.30 -90.33
N LEU O 355 43.63 -85.33 -89.50
CA LEU O 355 42.46 -84.48 -89.70
C LEU O 355 41.85 -84.18 -88.35
N LYS O 356 40.86 -83.28 -88.34
CA LYS O 356 40.21 -82.85 -87.13
C LYS O 356 38.82 -83.46 -87.03
N LEU O 357 38.39 -83.70 -85.79
CA LEU O 357 37.07 -84.25 -85.51
C LEU O 357 36.49 -83.58 -84.28
N ASN O 358 35.17 -83.45 -84.27
CA ASN O 358 34.49 -82.97 -83.07
C ASN O 358 34.39 -84.11 -82.08
N THR O 359 35.00 -83.93 -80.91
CA THR O 359 35.11 -84.99 -79.93
C THR O 359 34.32 -84.65 -78.68
N LEU O 360 33.93 -85.69 -77.94
CA LEU O 360 33.35 -85.57 -76.62
C LEU O 360 34.16 -86.34 -75.61
N LYS O 361 33.95 -86.05 -74.33
CA LYS O 361 34.58 -86.79 -73.25
C LYS O 361 33.49 -87.37 -72.38
N LEU O 362 33.38 -88.69 -72.37
CA LEU O 362 32.41 -89.40 -71.54
C LEU O 362 33.10 -90.50 -70.75
N GLY O 363 33.66 -90.14 -69.58
CA GLY O 363 34.31 -91.11 -68.72
C GLY O 363 35.52 -91.75 -69.38
N ASP O 364 36.48 -90.90 -69.76
CA ASP O 364 37.70 -91.29 -70.46
C ASP O 364 37.40 -92.01 -71.78
N LYS O 365 36.49 -91.44 -72.56
CA LYS O 365 36.14 -91.94 -73.87
C LYS O 365 36.04 -90.76 -74.82
N LEU O 366 36.90 -90.74 -75.83
CA LEU O 366 36.87 -89.71 -76.87
C LEU O 366 36.13 -90.28 -78.07
N VAL O 367 35.05 -89.60 -78.47
CA VAL O 367 34.09 -90.12 -79.42
C VAL O 367 33.90 -89.08 -80.52
N ALA O 368 34.04 -89.49 -81.78
CA ALA O 368 33.76 -88.57 -82.87
C ALA O 368 32.27 -88.29 -82.91
N PHE O 369 31.91 -87.05 -83.27
CA PHE O 369 30.56 -86.57 -82.97
C PHE O 369 30.15 -85.57 -84.04
N ASP O 370 29.29 -85.99 -84.96
CA ASP O 370 29.00 -85.13 -86.11
C ASP O 370 27.69 -85.48 -86.80
N HIS O 371 27.36 -84.65 -87.80
CA HIS O 371 26.18 -84.79 -88.63
C HIS O 371 26.60 -85.04 -90.07
N LEU O 372 25.70 -85.64 -90.85
CA LEU O 372 25.94 -85.92 -92.26
C LEU O 372 25.25 -84.93 -93.17
N HIS O 373 24.86 -83.77 -92.65
CA HIS O 373 24.09 -82.81 -93.43
C HIS O 373 24.91 -82.19 -94.54
N LYS O 374 26.23 -82.14 -94.39
CA LYS O 374 27.08 -81.58 -95.44
C LYS O 374 27.15 -82.48 -96.66
N VAL O 375 26.86 -83.77 -96.53
CA VAL O 375 26.73 -84.63 -97.71
C VAL O 375 25.28 -84.90 -98.05
N TYR O 376 24.34 -84.47 -97.22
CA TYR O 376 22.93 -84.45 -97.62
C TYR O 376 22.38 -83.04 -97.72
N LYS O 377 23.20 -82.10 -98.21
CA LYS O 377 22.74 -80.73 -98.44
C LYS O 377 21.70 -80.64 -99.54
N ASN O 378 22.08 -80.97 -100.77
CA ASN O 378 21.20 -80.89 -101.92
C ASN O 378 21.23 -82.25 -102.59
N THR O 379 20.40 -83.17 -102.09
CA THR O 379 20.35 -84.51 -102.61
C THR O 379 18.91 -84.87 -102.94
N ASP O 380 18.77 -85.97 -103.69
CA ASP O 380 17.46 -86.55 -103.96
C ASP O 380 16.82 -87.04 -102.67
N VAL O 381 17.44 -87.99 -102.01
CA VAL O 381 16.83 -88.62 -100.85
C VAL O 381 17.20 -87.84 -99.60
N ASN O 382 16.35 -87.92 -98.59
CA ASN O 382 16.64 -87.32 -97.31
C ASN O 382 17.67 -88.14 -96.56
N ASP O 383 18.22 -87.54 -95.52
CA ASP O 383 19.13 -88.26 -94.64
C ASP O 383 18.38 -89.36 -93.90
N PRO O 384 18.90 -90.59 -93.87
CA PRO O 384 18.10 -91.71 -93.37
C PRO O 384 17.93 -91.76 -91.87
N LEU O 385 18.57 -90.87 -91.12
CA LEU O 385 18.36 -90.83 -89.68
C LEU O 385 17.01 -90.23 -89.34
N GLU O 386 16.51 -89.32 -90.17
CA GLU O 386 15.18 -88.74 -89.99
C GLU O 386 14.15 -89.78 -90.41
N GLN O 387 13.89 -90.71 -89.52
CA GLN O 387 12.97 -91.82 -89.77
C GLN O 387 11.70 -91.63 -88.97
N SER O 388 10.65 -92.29 -89.40
CA SER O 388 9.33 -92.10 -88.83
C SER O 388 9.03 -93.15 -87.77
N LEU O 389 8.29 -92.73 -86.76
CA LEU O 389 7.73 -93.62 -85.75
C LEU O 389 6.25 -93.75 -86.02
N GLN O 390 5.63 -94.81 -85.51
CA GLN O 390 4.17 -94.92 -85.52
C GLN O 390 3.70 -95.36 -84.15
N LEU O 391 2.89 -94.52 -83.51
CA LEU O 391 2.44 -94.73 -82.15
C LEU O 391 0.93 -94.82 -82.16
N THR O 392 0.39 -96.00 -81.86
CA THR O 392 -1.05 -96.18 -81.84
C THR O 392 -1.63 -95.61 -80.55
N PHE O 393 -2.72 -94.86 -80.68
CA PHE O 393 -3.40 -94.26 -79.55
C PHE O 393 -4.76 -94.90 -79.36
N PHE O 394 -5.34 -94.74 -78.17
CA PHE O 394 -6.73 -95.14 -77.97
C PHE O 394 -7.34 -94.28 -76.89
N PHE O 395 -8.67 -94.21 -76.89
CA PHE O 395 -9.43 -93.37 -75.98
C PHE O 395 -10.89 -93.81 -76.01
N PRO O 396 -11.62 -93.68 -74.92
CA PRO O 396 -13.02 -94.14 -74.88
C PRO O 396 -13.98 -93.04 -75.28
N LEU O 397 -15.25 -93.44 -75.43
CA LEU O 397 -16.37 -92.53 -75.29
C LEU O 397 -17.56 -93.33 -74.80
N GLY O 398 -18.41 -92.67 -74.02
CA GLY O 398 -19.63 -93.28 -73.57
C GLY O 398 -19.49 -94.22 -72.39
N ILE O 399 -18.29 -94.36 -71.81
CA ILE O 399 -18.12 -95.20 -70.63
C ILE O 399 -18.88 -94.60 -69.46
N TYR O 400 -19.70 -95.42 -68.81
CA TYR O 400 -20.50 -94.97 -67.68
C TYR O 400 -19.81 -95.34 -66.38
N ILE O 401 -19.22 -94.36 -65.72
CA ILE O 401 -18.79 -94.54 -64.33
C ILE O 401 -20.02 -94.71 -63.46
N PRO O 402 -20.07 -95.72 -62.59
CA PRO O 402 -21.28 -95.93 -61.79
C PRO O 402 -21.48 -94.81 -60.77
N THR O 403 -22.73 -94.37 -60.67
CA THR O 403 -23.12 -93.38 -59.67
C THR O 403 -23.00 -93.95 -58.26
N GLU O 404 -23.16 -95.27 -58.13
CA GLU O 404 -23.22 -95.93 -56.83
C GLU O 404 -21.91 -95.83 -56.07
N THR O 405 -20.78 -95.76 -56.77
CA THR O 405 -19.49 -95.50 -56.14
C THR O 405 -18.84 -94.27 -56.74
N GLY O 406 -19.65 -93.34 -57.24
CA GLY O 406 -19.12 -92.16 -57.88
C GLY O 406 -18.54 -91.18 -56.88
N PHE O 407 -17.72 -90.28 -57.42
CA PHE O 407 -17.04 -89.27 -56.62
C PHE O 407 -16.61 -88.16 -57.55
N SER O 408 -15.99 -87.14 -56.97
CA SER O 408 -15.33 -86.13 -57.78
C SER O 408 -14.26 -85.44 -56.96
N THR O 409 -13.11 -85.27 -57.57
CA THR O 409 -12.18 -84.24 -57.16
C THR O 409 -12.53 -82.98 -57.93
N MET O 410 -11.71 -81.94 -57.79
CA MET O 410 -11.80 -80.62 -58.41
C MET O 410 -13.20 -80.01 -58.46
N GLU O 411 -13.97 -80.16 -57.37
CA GLU O 411 -15.22 -79.42 -57.27
C GLU O 411 -14.96 -77.94 -57.08
N THR O 412 -13.79 -77.58 -56.53
CA THR O 412 -13.39 -76.19 -56.43
C THR O 412 -12.99 -75.61 -57.77
N ARG O 413 -12.67 -76.43 -58.76
CA ARG O 413 -12.20 -75.90 -60.03
C ARG O 413 -13.34 -75.59 -60.98
N VAL O 414 -14.22 -76.57 -61.22
CA VAL O 414 -15.27 -76.44 -62.20
C VAL O 414 -16.62 -76.52 -61.51
N LYS O 415 -17.66 -76.11 -62.23
CA LYS O 415 -19.01 -76.44 -61.84
C LYS O 415 -19.87 -76.51 -63.08
N LEU O 416 -20.56 -77.63 -63.24
CA LEU O 416 -21.41 -77.88 -64.39
C LEU O 416 -22.79 -77.30 -64.14
N ASN O 417 -23.54 -77.15 -65.22
CA ASN O 417 -24.96 -76.86 -65.12
C ASN O 417 -25.68 -78.19 -64.92
N ASP O 418 -26.67 -78.19 -64.04
CA ASP O 418 -27.36 -79.43 -63.72
C ASP O 418 -28.25 -79.85 -64.89
N THR O 419 -27.67 -80.53 -65.86
CA THR O 419 -28.39 -81.09 -66.98
C THR O 419 -27.86 -82.50 -67.16
N MET O 420 -28.75 -83.43 -67.55
CA MET O 420 -28.31 -84.80 -67.69
C MET O 420 -27.41 -84.98 -68.91
N GLU O 421 -27.36 -84.03 -69.84
CA GLU O 421 -26.33 -84.10 -70.88
C GLU O 421 -24.95 -83.77 -70.32
N ASN O 422 -24.89 -82.98 -69.25
CA ASN O 422 -23.61 -82.83 -68.55
C ASN O 422 -23.36 -83.99 -67.60
N ASN O 423 -24.42 -84.63 -67.11
CA ASN O 423 -24.28 -85.69 -66.13
C ASN O 423 -24.06 -87.05 -66.75
N LEU O 424 -24.26 -87.21 -68.06
CA LEU O 424 -23.83 -88.42 -68.73
C LEU O 424 -22.86 -88.10 -69.86
N PRO O 425 -21.78 -88.85 -69.99
CA PRO O 425 -20.87 -88.66 -71.12
C PRO O 425 -21.47 -89.24 -72.39
N THR O 426 -21.49 -88.43 -73.43
CA THR O 426 -21.95 -88.85 -74.74
C THR O 426 -20.92 -88.51 -75.81
N SER O 427 -20.30 -87.35 -75.72
CA SER O 427 -19.23 -86.96 -76.61
C SER O 427 -17.90 -87.17 -75.93
N VAL O 428 -16.84 -87.06 -76.70
CA VAL O 428 -15.49 -87.02 -76.15
C VAL O 428 -14.68 -85.98 -76.90
N PHE O 429 -14.05 -85.09 -76.15
CA PHE O 429 -13.31 -83.96 -76.69
C PHE O 429 -11.83 -84.21 -76.49
N PHE O 430 -11.03 -83.83 -77.47
CA PHE O 430 -9.59 -83.91 -77.34
C PHE O 430 -8.95 -82.92 -78.30
N HIS O 431 -7.66 -82.68 -78.13
CA HIS O 431 -6.98 -81.71 -78.94
C HIS O 431 -6.38 -82.36 -80.18
N ASN O 432 -6.25 -81.56 -81.25
CA ASN O 432 -5.60 -82.00 -82.48
C ASN O 432 -4.08 -81.89 -82.38
N LYS O 433 -3.44 -81.94 -83.54
CA LYS O 433 -2.04 -81.59 -83.71
C LYS O 433 -1.72 -80.24 -83.06
N ASP O 434 -2.42 -79.19 -83.48
CA ASP O 434 -2.38 -77.92 -82.76
C ASP O 434 -3.46 -77.91 -81.69
N GLN O 435 -3.70 -76.78 -81.04
CA GLN O 435 -4.68 -76.76 -79.96
C GLN O 435 -6.10 -76.53 -80.45
N VAL O 436 -6.56 -77.35 -81.38
CA VAL O 436 -7.93 -77.28 -81.84
C VAL O 436 -8.73 -78.29 -81.03
N VAL O 437 -9.75 -77.78 -80.32
CA VAL O 437 -10.68 -78.67 -79.63
C VAL O 437 -11.45 -79.45 -80.68
N GLN O 438 -11.55 -80.75 -80.49
CA GLN O 438 -11.99 -81.68 -81.50
C GLN O 438 -12.96 -82.66 -80.84
N ARG O 439 -14.00 -83.06 -81.56
CA ARG O 439 -15.14 -83.72 -80.96
C ARG O 439 -15.40 -85.07 -81.63
N ILE O 440 -15.80 -86.07 -80.84
CA ILE O 440 -16.32 -87.31 -81.39
C ILE O 440 -17.66 -87.60 -80.73
N ASP O 441 -18.63 -88.04 -81.54
CA ASP O 441 -20.02 -88.25 -81.17
C ASP O 441 -20.47 -89.62 -81.64
N PHE O 442 -21.69 -90.00 -81.24
CA PHE O 442 -22.28 -91.21 -81.79
C PHE O 442 -22.80 -91.01 -83.20
N ALA O 443 -23.25 -89.79 -83.51
CA ALA O 443 -23.59 -89.44 -84.89
C ALA O 443 -22.35 -89.51 -85.78
N ASP O 444 -21.18 -89.31 -85.21
CA ASP O 444 -19.94 -89.57 -85.92
C ASP O 444 -19.56 -91.04 -85.89
N ILE O 445 -20.00 -91.81 -84.89
CA ILE O 445 -19.57 -93.21 -84.81
C ILE O 445 -20.42 -94.10 -85.72
N LEU O 446 -21.55 -93.59 -86.19
CA LEU O 446 -22.48 -94.35 -87.04
C LEU O 446 -21.91 -95.09 -88.26
N PRO O 447 -21.01 -94.54 -89.10
CA PRO O 447 -20.58 -95.31 -90.29
C PRO O 447 -19.71 -96.50 -89.98
N SER O 448 -19.23 -96.64 -88.75
CA SER O 448 -18.46 -97.80 -88.34
C SER O 448 -19.30 -98.82 -87.58
N VAL O 449 -20.35 -98.37 -86.90
CA VAL O 449 -21.14 -99.27 -86.07
C VAL O 449 -22.41 -99.76 -86.79
N CYS O 450 -22.83 -99.10 -87.87
CA CYS O 450 -24.08 -99.45 -88.52
C CYS O 450 -23.86 -100.38 -89.73
N HIS O 451 -22.70 -101.02 -89.81
CA HIS O 451 -22.40 -101.89 -90.92
C HIS O 451 -23.14 -103.22 -90.76
N PRO O 452 -23.53 -103.88 -91.85
CA PRO O 452 -24.24 -105.17 -91.73
C PRO O 452 -23.42 -106.29 -91.13
N ILE O 453 -22.09 -106.23 -91.15
CA ILE O 453 -21.31 -107.33 -90.60
C ILE O 453 -21.35 -107.32 -89.08
N VAL O 454 -21.75 -106.21 -88.47
CA VAL O 454 -22.03 -106.19 -87.05
C VAL O 454 -23.31 -106.98 -86.76
N HIS O 455 -24.39 -106.63 -87.45
CA HIS O 455 -25.67 -107.26 -87.17
C HIS O 455 -25.82 -108.62 -87.83
N ASP O 456 -24.80 -109.11 -88.52
CA ASP O 456 -24.78 -110.50 -88.94
C ASP O 456 -24.46 -111.40 -87.74
N SER O 457 -24.96 -112.63 -87.77
CA SER O 457 -24.65 -113.61 -86.75
C SER O 457 -24.01 -114.87 -87.31
N THR O 458 -23.60 -114.86 -88.58
CA THR O 458 -23.17 -116.09 -89.23
C THR O 458 -21.80 -116.53 -88.75
N ILE O 459 -20.83 -115.61 -88.76
CA ILE O 459 -19.46 -115.97 -88.43
C ILE O 459 -19.33 -116.25 -86.94
N VAL O 460 -20.09 -115.53 -86.12
CA VAL O 460 -20.14 -115.80 -84.68
C VAL O 460 -20.67 -117.20 -84.43
N GLU O 461 -21.73 -117.57 -85.13
CA GLU O 461 -22.30 -118.91 -85.00
C GLU O 461 -21.33 -119.99 -85.45
N ARG O 462 -20.61 -119.75 -86.55
CA ARG O 462 -19.66 -120.74 -87.05
C ARG O 462 -18.49 -120.94 -86.10
N LEU O 463 -17.88 -119.84 -85.64
CA LEU O 463 -16.73 -119.97 -84.75
C LEU O 463 -17.12 -120.50 -83.39
N MET O 464 -18.26 -120.08 -82.86
CA MET O 464 -18.73 -120.54 -81.57
C MET O 464 -19.27 -121.96 -81.63
N LYS O 465 -19.65 -122.44 -82.82
CA LYS O 465 -19.99 -123.84 -82.99
C LYS O 465 -18.74 -124.71 -83.08
N ASN O 466 -17.76 -124.26 -83.86
CA ASN O 466 -16.54 -125.05 -84.01
C ASN O 466 -15.61 -124.97 -82.80
N GLU O 467 -15.87 -124.05 -81.88
CA GLU O 467 -15.15 -124.05 -80.61
C GLU O 467 -15.51 -125.31 -79.82
N PRO O 468 -14.55 -125.95 -79.16
CA PRO O 468 -14.84 -127.17 -78.39
C PRO O 468 -15.78 -126.94 -77.22
N LEU O 469 -16.32 -128.04 -76.73
CA LEU O 469 -17.30 -128.05 -75.67
C LEU O 469 -16.63 -127.70 -74.34
N PRO O 470 -17.40 -127.22 -73.37
CA PRO O 470 -16.83 -127.00 -72.02
C PRO O 470 -16.60 -128.32 -71.30
N THR O 471 -15.97 -128.21 -70.13
CA THR O 471 -15.69 -129.36 -69.30
C THR O 471 -16.95 -129.81 -68.57
N GLY O 472 -16.84 -130.79 -67.68
CA GLY O 472 -18.02 -131.42 -67.10
C GLY O 472 -18.76 -130.53 -66.11
N HIS O 473 -18.02 -129.76 -65.30
CA HIS O 473 -18.65 -128.97 -64.26
C HIS O 473 -19.39 -127.76 -64.83
N ARG O 474 -18.69 -126.95 -65.63
CA ARG O 474 -19.35 -125.85 -66.34
C ARG O 474 -20.32 -126.35 -67.40
N PHE O 475 -20.17 -127.60 -67.85
CA PHE O 475 -21.14 -128.24 -68.72
C PHE O 475 -22.46 -128.47 -67.99
N SER O 476 -22.39 -129.02 -66.78
CA SER O 476 -23.59 -129.26 -65.99
C SER O 476 -24.20 -127.96 -65.51
N GLN O 477 -23.40 -126.92 -65.35
CA GLN O 477 -23.98 -125.65 -64.94
C GLN O 477 -24.59 -124.89 -66.11
N LEU O 478 -24.05 -125.03 -67.31
CA LEU O 478 -24.27 -124.07 -68.38
C LEU O 478 -25.05 -124.60 -69.57
N CYS O 479 -25.02 -125.91 -69.82
CA CYS O 479 -25.53 -126.51 -71.05
C CYS O 479 -26.85 -127.25 -70.83
N GLN O 480 -27.43 -127.16 -69.64
CA GLN O 480 -28.40 -128.16 -69.20
C GLN O 480 -29.81 -127.93 -69.72
N LEU O 481 -30.18 -126.71 -70.09
CA LEU O 481 -31.59 -126.36 -70.29
C LEU O 481 -32.12 -126.91 -71.62
N LYS O 482 -33.44 -126.84 -71.79
CA LYS O 482 -34.11 -127.53 -72.89
C LYS O 482 -35.42 -126.83 -73.22
N ILE O 483 -35.72 -126.69 -74.50
CA ILE O 483 -36.95 -126.05 -74.97
C ILE O 483 -37.99 -127.12 -75.28
N THR O 484 -39.26 -126.72 -75.24
CA THR O 484 -40.39 -127.61 -75.52
C THR O 484 -41.55 -126.78 -76.00
N ARG O 485 -42.10 -127.12 -77.17
CA ARG O 485 -43.21 -126.38 -77.76
C ARG O 485 -44.44 -127.27 -77.88
N GLU O 486 -45.58 -126.76 -77.41
CA GLU O 486 -46.86 -127.45 -77.49
C GLU O 486 -47.94 -126.43 -77.82
N ASN O 487 -49.04 -126.91 -78.40
CA ASN O 487 -50.03 -125.94 -78.90
C ASN O 487 -50.95 -125.45 -77.77
N PRO O 488 -51.49 -124.23 -77.91
CA PRO O 488 -52.30 -123.64 -76.83
C PRO O 488 -53.57 -124.38 -76.49
N THR O 489 -54.04 -125.29 -77.33
CA THR O 489 -55.15 -126.14 -76.92
C THR O 489 -54.71 -127.12 -75.84
N ARG O 490 -53.54 -127.73 -76.01
CA ARG O 490 -53.09 -128.70 -75.02
C ARG O 490 -52.52 -128.06 -73.77
N ILE O 491 -51.90 -126.89 -73.88
CA ILE O 491 -51.18 -126.40 -72.71
C ILE O 491 -52.12 -125.89 -71.63
N LEU O 492 -53.34 -125.50 -72.00
CA LEU O 492 -54.28 -125.00 -70.99
C LEU O 492 -54.78 -126.12 -70.09
N GLN O 493 -54.82 -127.36 -70.59
CA GLN O 493 -55.18 -128.48 -69.74
C GLN O 493 -53.96 -129.20 -69.17
N THR O 494 -52.79 -129.06 -69.79
CA THR O 494 -51.58 -129.69 -69.29
C THR O 494 -50.65 -128.71 -68.59
N LEU O 495 -51.20 -127.58 -68.14
CA LEU O 495 -50.41 -126.58 -67.44
C LEU O 495 -49.86 -127.11 -66.12
N TYR O 496 -50.72 -127.61 -65.24
CA TYR O 496 -50.31 -127.92 -63.88
C TYR O 496 -49.58 -129.26 -63.73
N ASN O 497 -49.28 -129.97 -64.83
CA ASN O 497 -48.65 -131.27 -64.70
C ASN O 497 -47.20 -131.17 -64.23
N LEU O 498 -46.48 -130.15 -64.69
CA LEU O 498 -45.10 -129.96 -64.27
C LEU O 498 -44.98 -129.22 -62.96
N TYR O 499 -46.11 -128.94 -62.30
CA TYR O 499 -46.11 -128.52 -60.90
C TYR O 499 -46.62 -129.62 -59.99
N GLU O 500 -47.45 -130.53 -60.52
CA GLU O 500 -47.72 -131.77 -59.80
C GLU O 500 -46.48 -132.64 -59.71
N SER O 501 -45.71 -132.68 -60.79
CA SER O 501 -44.42 -133.34 -60.76
C SER O 501 -43.44 -132.51 -59.94
N ARG O 502 -42.40 -133.18 -59.44
CA ARG O 502 -41.34 -132.53 -58.67
C ARG O 502 -40.10 -132.24 -59.50
N GLN O 503 -40.19 -132.40 -60.82
CA GLN O 503 -39.07 -132.12 -61.70
C GLN O 503 -38.77 -130.63 -61.72
N GLU O 504 -37.49 -130.27 -61.87
CA GLU O 504 -37.10 -128.88 -61.85
C GLU O 504 -36.46 -128.44 -63.15
N VAL O 505 -36.96 -127.34 -63.70
CA VAL O 505 -36.26 -126.64 -64.76
C VAL O 505 -34.96 -126.09 -64.21
N PRO O 506 -33.82 -126.36 -64.82
CA PRO O 506 -32.55 -125.85 -64.31
C PRO O 506 -32.40 -124.36 -64.56
N LYS O 507 -31.28 -123.78 -64.10
CA LYS O 507 -31.00 -122.38 -64.35
C LYS O 507 -30.76 -122.14 -65.84
N ASN O 508 -31.45 -121.15 -66.39
CA ASN O 508 -31.08 -120.64 -67.69
C ASN O 508 -29.76 -119.89 -67.58
N THR O 509 -29.09 -119.76 -68.74
CA THR O 509 -27.85 -118.99 -68.79
C THR O 509 -28.09 -117.54 -68.44
N ASN O 510 -29.24 -117.01 -68.84
CA ASN O 510 -29.52 -115.60 -68.64
C ASN O 510 -29.89 -115.30 -67.19
N VAL O 511 -30.68 -116.17 -66.55
CA VAL O 511 -30.99 -115.96 -65.14
C VAL O 511 -29.81 -116.32 -64.26
N LEU O 512 -28.87 -117.12 -64.75
CA LEU O 512 -27.61 -117.31 -64.05
C LEU O 512 -26.74 -116.07 -64.15
N LYS O 513 -26.72 -115.45 -65.32
CA LYS O 513 -25.82 -114.32 -65.57
C LYS O 513 -26.29 -113.07 -64.85
N ASN O 514 -27.60 -112.83 -64.81
CA ASN O 514 -28.10 -111.59 -64.24
C ASN O 514 -28.02 -111.55 -62.72
N GLU O 515 -27.76 -112.69 -62.07
CA GLU O 515 -27.53 -112.66 -60.62
C GLU O 515 -26.19 -112.04 -60.29
N LEU O 516 -25.22 -112.14 -61.19
CA LEU O 516 -23.88 -111.62 -60.95
C LEU O 516 -23.88 -110.10 -60.91
N ASN O 517 -22.75 -109.57 -60.53
CA ASN O 517 -22.58 -108.14 -60.31
C ASN O 517 -21.68 -107.57 -61.40
N VAL O 518 -21.62 -106.23 -61.47
CA VAL O 518 -20.94 -105.53 -62.55
C VAL O 518 -19.43 -105.64 -62.50
N GLU O 519 -18.89 -106.24 -61.46
CA GLU O 519 -17.48 -106.55 -61.31
C GLU O 519 -17.23 -108.05 -61.19
N ASP O 520 -18.14 -108.78 -60.56
CA ASP O 520 -18.05 -110.23 -60.46
C ASP O 520 -18.25 -110.90 -61.82
N PHE O 521 -18.82 -110.17 -62.78
CA PHE O 521 -19.01 -110.69 -64.12
C PHE O 521 -17.67 -110.95 -64.81
N TYR O 522 -16.73 -110.02 -64.73
CA TYR O 522 -15.48 -110.19 -65.45
C TYR O 522 -14.51 -111.13 -64.75
N LYS O 523 -14.77 -111.45 -63.50
CA LYS O 523 -13.91 -112.37 -62.79
C LYS O 523 -14.12 -113.78 -63.35
N PRO O 524 -13.06 -114.58 -63.44
CA PRO O 524 -13.19 -115.96 -63.95
C PRO O 524 -14.05 -116.93 -63.14
N ASP O 525 -14.61 -116.50 -62.00
CA ASP O 525 -15.63 -117.30 -61.34
C ASP O 525 -16.93 -117.35 -62.14
N ASN O 526 -17.11 -116.42 -63.06
CA ASN O 526 -18.27 -116.42 -63.95
C ASN O 526 -18.25 -117.68 -64.82
N PRO O 527 -19.32 -118.47 -64.83
CA PRO O 527 -19.42 -119.54 -65.81
C PRO O 527 -19.91 -119.09 -67.17
N THR O 528 -20.25 -117.81 -67.35
CA THR O 528 -20.82 -117.32 -68.60
C THR O 528 -19.91 -116.29 -69.27
N LEU O 529 -18.61 -116.35 -69.05
CA LEU O 529 -17.73 -115.48 -69.84
C LEU O 529 -17.54 -115.91 -71.29
N PRO O 530 -17.50 -117.19 -71.67
CA PRO O 530 -17.58 -117.52 -73.10
C PRO O 530 -18.98 -117.41 -73.69
N THR O 531 -19.97 -117.03 -72.89
CA THR O 531 -21.33 -116.95 -73.39
C THR O 531 -21.54 -115.73 -74.27
N GLU O 532 -21.15 -114.55 -73.79
CA GLU O 532 -21.23 -113.34 -74.60
C GLU O 532 -20.27 -113.43 -75.77
N ARG O 533 -20.76 -113.17 -76.97
CA ARG O 533 -19.88 -113.10 -78.14
C ARG O 533 -20.19 -111.86 -78.95
N HIS O 534 -21.44 -111.40 -78.88
CA HIS O 534 -21.82 -110.28 -79.66
C HIS O 534 -22.83 -109.53 -78.81
N PRO O 535 -22.67 -108.22 -78.62
CA PRO O 535 -23.48 -107.52 -77.62
C PRO O 535 -24.93 -107.33 -78.04
N PHE O 536 -25.23 -107.55 -79.31
CA PHE O 536 -26.61 -107.60 -79.77
C PHE O 536 -27.23 -108.97 -79.64
N PHE O 537 -26.43 -110.04 -79.59
CA PHE O 537 -26.91 -111.39 -79.81
C PHE O 537 -26.61 -112.23 -78.58
N ASP O 538 -27.66 -112.72 -77.94
CA ASP O 538 -27.54 -113.67 -76.84
C ASP O 538 -27.28 -115.05 -77.41
N LEU O 539 -26.25 -115.72 -76.89
CA LEU O 539 -25.88 -117.05 -77.34
C LEU O 539 -25.95 -117.99 -76.14
N THR O 540 -26.23 -119.25 -76.41
CA THR O 540 -26.38 -120.23 -75.34
C THR O 540 -26.21 -121.64 -75.87
N TYR O 541 -26.40 -122.60 -74.97
CA TYR O 541 -26.37 -124.02 -75.28
C TYR O 541 -27.73 -124.61 -74.95
N ILE O 542 -28.42 -125.18 -75.94
CA ILE O 542 -29.67 -125.88 -75.72
C ILE O 542 -29.59 -127.26 -76.35
N GLN O 543 -30.50 -128.13 -75.91
CA GLN O 543 -30.43 -129.57 -76.14
C GLN O 543 -31.51 -130.03 -77.12
N LYS O 544 -31.08 -130.53 -78.28
CA LYS O 544 -31.93 -131.30 -79.18
C LYS O 544 -31.33 -132.70 -79.30
N ASN O 545 -32.05 -133.69 -78.76
CA ASN O 545 -31.69 -135.11 -78.80
C ASN O 545 -30.30 -135.37 -78.20
N ARG O 546 -30.04 -134.71 -77.06
CA ARG O 546 -28.78 -134.78 -76.31
C ARG O 546 -27.58 -134.34 -77.14
N ALA O 547 -27.81 -133.44 -78.08
CA ALA O 547 -26.75 -132.65 -78.69
C ALA O 547 -26.81 -131.26 -78.10
N THR O 548 -25.64 -130.63 -77.94
CA THR O 548 -25.54 -129.47 -77.07
C THR O 548 -26.17 -128.20 -77.65
N GLU O 549 -26.37 -128.14 -78.97
CA GLU O 549 -26.94 -127.06 -79.78
C GLU O 549 -26.51 -125.65 -79.39
N VAL O 550 -25.32 -125.23 -79.81
CA VAL O 550 -25.01 -123.81 -79.86
C VAL O 550 -26.16 -123.03 -80.50
N LEU O 551 -26.54 -121.92 -79.88
CA LEU O 551 -27.77 -121.22 -80.26
C LEU O 551 -27.53 -119.73 -80.22
N CYS O 552 -27.69 -119.07 -81.37
CA CYS O 552 -27.70 -117.62 -81.42
C CYS O 552 -29.13 -117.12 -81.45
N THR O 553 -29.35 -115.97 -80.83
CA THR O 553 -30.66 -115.38 -80.68
C THR O 553 -30.48 -113.88 -80.46
N PRO O 554 -31.11 -113.03 -81.26
CA PRO O 554 -30.92 -111.58 -81.07
C PRO O 554 -31.64 -111.05 -79.84
N ARG O 555 -30.87 -110.46 -78.92
CA ARG O 555 -31.45 -109.52 -77.97
C ARG O 555 -32.07 -108.39 -78.78
N ILE O 556 -33.32 -108.07 -78.49
CA ILE O 556 -33.94 -107.02 -79.29
C ILE O 556 -33.89 -105.72 -78.51
N MET O 557 -34.49 -105.72 -77.33
CA MET O 557 -34.62 -104.48 -76.59
C MET O 557 -33.37 -104.22 -75.76
N ILE O 558 -33.14 -102.94 -75.47
CA ILE O 558 -31.89 -102.51 -74.83
C ILE O 558 -31.80 -103.05 -73.41
N GLY O 559 -32.94 -103.29 -72.76
CA GLY O 559 -32.92 -103.85 -71.43
C GLY O 559 -32.55 -105.31 -71.38
N ASN O 560 -32.67 -106.03 -72.51
CA ASN O 560 -32.35 -107.45 -72.50
C ASN O 560 -30.84 -107.70 -72.53
N MET O 561 -30.03 -106.66 -72.66
CA MET O 561 -28.61 -106.78 -72.35
C MET O 561 -28.46 -107.08 -70.85
N PRO O 562 -27.46 -107.86 -70.48
CA PRO O 562 -27.35 -108.30 -69.08
C PRO O 562 -27.04 -107.15 -68.13
N LEU O 563 -27.58 -107.27 -66.92
CA LEU O 563 -27.43 -106.19 -65.95
C LEU O 563 -26.00 -105.93 -65.46
N PRO O 564 -25.07 -106.90 -65.42
CA PRO O 564 -23.67 -106.50 -65.28
C PRO O 564 -23.10 -105.75 -66.47
N LEU O 565 -23.76 -105.79 -67.62
CA LEU O 565 -23.28 -105.07 -68.80
C LEU O 565 -24.07 -103.80 -69.07
N ALA O 566 -25.15 -103.58 -68.34
CA ALA O 566 -25.93 -102.36 -68.35
C ALA O 566 -26.68 -102.30 -67.03
N PRO O 567 -26.13 -101.62 -66.03
CA PRO O 567 -26.74 -101.63 -64.70
C PRO O 567 -28.04 -100.85 -64.67
N ILE O 568 -28.78 -101.02 -63.57
CA ILE O 568 -30.09 -100.41 -63.49
C ILE O 568 -29.99 -98.92 -63.23
N SER O 569 -28.91 -98.47 -62.58
CA SER O 569 -28.64 -97.05 -62.46
C SER O 569 -28.30 -96.45 -63.82
N PHE O 570 -27.69 -97.25 -64.70
CA PHE O 570 -27.44 -96.78 -66.06
C PHE O 570 -28.75 -96.61 -66.84
N HIS O 571 -29.70 -97.51 -66.65
CA HIS O 571 -30.98 -97.35 -67.34
C HIS O 571 -31.76 -96.15 -66.79
N GLU O 572 -31.67 -95.89 -65.49
CA GLU O 572 -32.33 -94.71 -64.95
C GLU O 572 -31.65 -93.43 -65.41
N ALA O 573 -30.32 -93.44 -65.53
CA ALA O 573 -29.61 -92.27 -66.01
C ALA O 573 -29.84 -92.05 -67.50
N ARG O 574 -30.03 -93.13 -68.26
CA ARG O 574 -30.41 -93.00 -69.65
C ARG O 574 -31.84 -92.47 -69.78
N THR O 575 -32.70 -92.82 -68.82
CA THR O 575 -34.08 -92.42 -68.89
C THR O 575 -34.24 -90.94 -68.54
N ASN O 576 -33.42 -90.44 -67.62
CA ASN O 576 -33.47 -89.04 -67.27
C ASN O 576 -33.07 -88.13 -68.42
N GLN O 577 -32.27 -88.63 -69.37
CA GLN O 577 -32.03 -87.91 -70.61
C GLN O 577 -33.32 -87.67 -71.38
N MET O 578 -34.12 -88.71 -71.60
CA MET O 578 -35.35 -88.55 -72.36
C MET O 578 -36.39 -87.78 -71.56
N LEU O 579 -36.37 -87.89 -70.24
CA LEU O 579 -37.29 -87.10 -69.42
C LEU O 579 -36.97 -85.61 -69.55
N GLU O 580 -35.69 -85.23 -69.44
CA GLU O 580 -35.32 -83.84 -69.60
C GLU O 580 -35.49 -83.37 -71.04
N HIS O 581 -35.32 -84.27 -72.00
CA HIS O 581 -35.48 -83.92 -73.40
C HIS O 581 -36.95 -83.76 -73.79
N ALA O 582 -37.85 -84.46 -73.11
CA ALA O 582 -39.27 -84.25 -73.29
C ALA O 582 -39.79 -83.10 -72.46
N LYS O 583 -39.03 -82.68 -71.45
CA LYS O 583 -39.42 -81.67 -70.46
C LYS O 583 -40.72 -82.07 -69.76
N THR O 584 -40.83 -83.37 -69.48
CA THR O 584 -42.00 -83.94 -68.81
C THR O 584 -41.52 -84.53 -67.49
N ASN O 585 -41.45 -83.70 -66.45
CA ASN O 585 -41.00 -84.16 -65.16
C ASN O 585 -41.92 -83.59 -64.07
N SER O 586 -43.23 -83.70 -64.28
CA SER O 586 -44.17 -83.26 -63.27
C SER O 586 -44.21 -84.23 -62.11
N HIS O 587 -44.20 -83.70 -60.89
CA HIS O 587 -44.27 -84.51 -59.68
C HIS O 587 -45.68 -84.57 -59.10
N ASN O 588 -46.70 -84.45 -59.96
CA ASN O 588 -48.08 -84.48 -59.49
C ASN O 588 -48.50 -85.88 -59.09
N TYR O 589 -47.87 -86.89 -59.66
CA TYR O 589 -48.46 -88.23 -59.70
C TYR O 589 -48.03 -89.12 -58.56
N ASP O 590 -47.12 -88.67 -57.69
CA ASP O 590 -46.59 -89.56 -56.65
C ASP O 590 -47.64 -89.88 -55.59
N PHE O 591 -48.51 -88.92 -55.29
CA PHE O 591 -49.61 -89.20 -54.38
C PHE O 591 -50.60 -90.18 -54.99
N THR O 592 -50.76 -90.16 -56.31
CA THR O 592 -51.56 -91.18 -56.96
C THR O 592 -50.88 -92.54 -56.87
N LEU O 593 -49.56 -92.58 -57.10
CA LEU O 593 -48.83 -93.83 -57.13
C LEU O 593 -48.78 -94.50 -55.76
N LYS O 594 -48.83 -93.71 -54.68
CA LYS O 594 -48.90 -94.30 -53.34
C LYS O 594 -50.17 -95.11 -53.14
N ILE O 595 -51.32 -94.52 -53.48
CA ILE O 595 -52.60 -95.21 -53.28
C ILE O 595 -52.75 -96.36 -54.26
N VAL O 596 -52.22 -96.20 -55.47
CA VAL O 596 -52.23 -97.30 -56.44
C VAL O 596 -51.37 -98.45 -55.95
N THR O 597 -50.21 -98.15 -55.36
CA THR O 597 -49.33 -99.19 -54.84
C THR O 597 -49.97 -99.90 -53.65
N GLU O 598 -50.68 -99.16 -52.79
CA GLU O 598 -51.35 -99.80 -51.66
C GLU O 598 -52.51 -100.68 -52.12
N SER O 599 -53.23 -100.26 -53.17
CA SER O 599 -54.27 -101.10 -53.73
C SER O 599 -53.70 -102.35 -54.38
N LEU O 600 -52.56 -102.22 -55.06
CA LEU O 600 -51.95 -103.38 -55.69
C LEU O 600 -51.28 -104.31 -54.68
N THR O 601 -50.94 -103.80 -53.50
CA THR O 601 -50.27 -104.61 -52.49
C THR O 601 -51.25 -105.32 -51.56
N SER O 602 -52.27 -104.60 -51.08
CA SER O 602 -53.20 -105.15 -50.09
C SER O 602 -54.06 -106.24 -50.73
N GLY O 603 -53.87 -107.49 -50.30
CA GLY O 603 -54.49 -108.63 -50.92
C GLY O 603 -55.89 -108.94 -50.43
N SER O 604 -56.67 -107.90 -50.11
CA SER O 604 -58.05 -108.05 -49.69
C SER O 604 -59.02 -107.57 -50.76
N TYR O 605 -58.58 -107.56 -52.03
CA TYR O 605 -59.34 -107.02 -53.14
C TYR O 605 -60.64 -107.79 -53.36
N PRO O 606 -61.76 -107.11 -53.58
CA PRO O 606 -63.05 -107.76 -53.47
C PRO O 606 -63.39 -108.58 -54.70
N GLU O 607 -64.20 -109.62 -54.48
CA GLU O 607 -64.38 -110.64 -55.49
C GLU O 607 -65.27 -110.20 -56.64
N LEU O 608 -66.16 -109.24 -56.42
CA LEU O 608 -67.05 -108.79 -57.48
C LEU O 608 -66.31 -108.00 -58.55
N ALA O 609 -65.13 -107.46 -58.23
CA ALA O 609 -64.37 -106.70 -59.21
C ALA O 609 -63.89 -107.58 -60.36
N TYR O 610 -63.46 -108.80 -60.05
CA TYR O 610 -63.08 -109.76 -61.11
C TYR O 610 -64.29 -110.13 -61.95
N VAL O 611 -65.44 -110.31 -61.30
CA VAL O 611 -66.70 -110.63 -61.98
C VAL O 611 -67.06 -109.55 -62.97
N ILE O 612 -66.92 -108.29 -62.57
CA ILE O 612 -67.23 -107.18 -63.48
C ILE O 612 -66.21 -107.09 -64.60
N GLU O 613 -64.92 -107.31 -64.27
CA GLU O 613 -63.86 -107.26 -65.28
C GLU O 613 -64.03 -108.32 -66.36
N ILE O 614 -64.67 -109.44 -66.05
CA ILE O 614 -64.96 -110.41 -67.11
C ILE O 614 -66.36 -110.30 -67.68
N LEU O 615 -67.31 -109.66 -66.97
CA LEU O 615 -68.61 -109.40 -67.58
C LEU O 615 -68.50 -108.33 -68.66
N VAL O 616 -68.07 -107.14 -68.29
CA VAL O 616 -67.85 -106.12 -69.30
C VAL O 616 -66.41 -106.24 -69.79
N HIS O 617 -66.19 -105.97 -71.06
CA HIS O 617 -64.86 -106.08 -71.63
C HIS O 617 -64.56 -104.86 -72.50
N GLY O 618 -64.84 -103.67 -71.96
CA GLY O 618 -64.71 -102.48 -72.76
C GLY O 618 -65.78 -102.30 -73.80
N ASN O 619 -66.94 -102.91 -73.58
CA ASN O 619 -68.01 -102.95 -74.57
C ASN O 619 -68.84 -101.69 -74.63
N LYS O 620 -68.61 -100.74 -73.71
CA LYS O 620 -69.07 -99.35 -73.66
C LYS O 620 -70.59 -99.21 -73.56
N HIS O 621 -71.32 -100.32 -73.49
CA HIS O 621 -72.77 -100.31 -73.27
C HIS O 621 -73.14 -101.08 -72.01
N ALA O 622 -72.60 -102.29 -71.83
CA ALA O 622 -72.84 -103.02 -70.60
C ALA O 622 -72.13 -102.37 -69.42
N PHE O 623 -71.10 -101.56 -69.67
CA PHE O 623 -70.56 -100.70 -68.63
C PHE O 623 -71.61 -99.69 -68.17
N MET O 624 -72.34 -99.10 -69.11
CA MET O 624 -73.40 -98.17 -68.73
C MET O 624 -74.58 -98.90 -68.10
N ILE O 625 -74.74 -100.18 -68.41
CA ILE O 625 -75.70 -101.01 -67.69
C ILE O 625 -75.25 -101.19 -66.24
N LEU O 626 -73.98 -101.51 -66.04
CA LEU O 626 -73.39 -101.63 -64.70
C LEU O 626 -72.93 -100.31 -64.13
N LYS O 627 -73.42 -99.17 -64.62
CA LYS O 627 -72.92 -97.88 -64.19
C LYS O 627 -73.22 -97.58 -62.72
N GLN O 628 -74.24 -98.22 -62.15
CA GLN O 628 -74.54 -98.01 -60.74
C GLN O 628 -73.94 -99.06 -59.81
N VAL O 629 -73.79 -100.30 -60.29
CA VAL O 629 -73.19 -101.36 -59.47
C VAL O 629 -71.71 -101.08 -59.25
N ILE O 630 -71.00 -100.75 -60.34
CA ILE O 630 -69.60 -100.33 -60.25
C ILE O 630 -69.47 -99.08 -59.40
N SER O 631 -70.47 -98.19 -59.45
CA SER O 631 -70.46 -96.98 -58.65
C SER O 631 -70.52 -97.29 -57.17
N GLN O 632 -71.45 -98.17 -56.76
CA GLN O 632 -71.56 -98.55 -55.36
C GLN O 632 -70.31 -99.28 -54.88
N CYS O 633 -69.74 -100.13 -55.76
CA CYS O 633 -68.51 -100.85 -55.43
C CYS O 633 -67.35 -99.90 -55.16
N ILE O 634 -67.09 -98.98 -56.10
CA ILE O 634 -65.98 -98.04 -55.93
C ILE O 634 -66.24 -97.08 -54.78
N SER O 635 -67.50 -96.69 -54.57
CA SER O 635 -67.84 -95.73 -53.53
C SER O 635 -67.58 -96.30 -52.15
N TYR O 636 -68.13 -97.49 -51.85
CA TYR O 636 -67.84 -98.11 -50.55
C TYR O 636 -66.38 -98.49 -50.42
N TRP O 637 -65.81 -99.06 -51.48
CA TRP O 637 -64.48 -99.64 -51.39
C TRP O 637 -63.38 -98.60 -51.26
N PHE O 638 -63.61 -97.37 -51.74
CA PHE O 638 -62.70 -96.27 -51.49
C PHE O 638 -63.10 -95.46 -50.27
N ASN O 639 -64.37 -95.49 -49.87
CA ASN O 639 -64.80 -94.72 -48.72
C ASN O 639 -64.30 -95.33 -47.43
N MET O 640 -64.34 -96.65 -47.32
CA MET O 640 -64.03 -97.28 -46.05
C MET O 640 -62.73 -98.07 -46.09
N LYS O 641 -62.59 -99.04 -47.00
CA LYS O 641 -61.32 -99.75 -47.10
C LYS O 641 -60.21 -98.89 -47.68
N HIS O 642 -60.57 -97.79 -48.35
CA HIS O 642 -59.73 -96.77 -49.00
C HIS O 642 -58.50 -97.29 -49.74
N ILE O 643 -58.66 -98.38 -50.48
CA ILE O 643 -57.74 -98.72 -51.55
C ILE O 643 -58.53 -98.70 -52.85
N LEU O 644 -57.80 -98.52 -53.95
CA LEU O 644 -58.42 -98.27 -55.24
C LEU O 644 -59.02 -99.56 -55.79
N LEU O 645 -59.96 -99.41 -56.71
CA LEU O 645 -60.67 -100.53 -57.31
C LEU O 645 -60.55 -100.44 -58.83
N PHE O 646 -60.58 -101.60 -59.48
CA PHE O 646 -60.42 -101.76 -60.94
C PHE O 646 -59.10 -101.17 -61.43
N CYS O 647 -58.03 -101.47 -60.71
CA CYS O 647 -56.68 -101.09 -61.13
C CYS O 647 -55.96 -102.25 -61.81
N ASN O 648 -56.71 -103.15 -62.44
CA ASN O 648 -56.13 -104.30 -63.13
C ASN O 648 -56.27 -104.19 -64.64
N SER O 649 -57.45 -103.85 -65.13
CA SER O 649 -57.73 -103.89 -66.57
C SER O 649 -57.67 -102.49 -67.15
N PHE O 650 -56.93 -102.35 -68.25
CA PHE O 650 -56.75 -101.02 -68.83
C PHE O 650 -58.03 -100.50 -69.48
N GLU O 651 -58.78 -101.37 -70.15
CA GLU O 651 -60.04 -100.94 -70.75
C GLU O 651 -61.04 -100.50 -69.68
N MET O 652 -61.00 -101.16 -68.51
CA MET O 652 -61.78 -100.69 -67.37
C MET O 652 -61.30 -99.34 -66.88
N ILE O 653 -59.98 -99.18 -66.72
CA ILE O 653 -59.48 -97.96 -66.08
C ILE O 653 -59.52 -96.77 -67.02
N MET O 654 -59.64 -97.01 -68.32
CA MET O 654 -59.87 -95.94 -69.28
C MET O 654 -61.34 -95.65 -69.45
N LEU O 655 -62.17 -96.69 -69.30
CA LEU O 655 -63.61 -96.53 -69.36
C LEU O 655 -64.14 -95.75 -68.16
N ILE O 656 -63.50 -95.89 -67.00
CA ILE O 656 -63.84 -95.08 -65.84
C ILE O 656 -63.56 -93.61 -66.10
N SER O 657 -62.48 -93.31 -66.82
CA SER O 657 -62.20 -91.92 -67.14
C SER O 657 -63.15 -91.38 -68.21
N ASN O 658 -63.49 -92.21 -69.20
CA ASN O 658 -64.30 -91.71 -70.31
C ASN O 658 -65.77 -91.61 -69.95
N HIS O 659 -66.41 -92.75 -69.65
CA HIS O 659 -67.87 -92.79 -69.58
C HIS O 659 -68.40 -92.77 -68.16
N MET O 660 -67.53 -92.74 -67.16
CA MET O 660 -67.92 -92.66 -65.76
C MET O 660 -67.55 -91.28 -65.25
N GLY O 661 -68.42 -90.70 -64.43
CA GLY O 661 -68.21 -89.33 -64.00
C GLY O 661 -67.93 -89.19 -62.54
N ASP O 662 -68.56 -88.23 -61.88
CA ASP O 662 -68.41 -88.04 -60.45
C ASP O 662 -69.65 -88.46 -59.68
N GLU O 663 -70.74 -88.76 -60.37
CA GLU O 663 -71.95 -89.17 -59.70
C GLU O 663 -71.80 -90.59 -59.15
N LEU O 664 -72.12 -90.76 -57.87
CA LEU O 664 -72.03 -92.02 -57.11
C LEU O 664 -70.61 -92.58 -57.09
N ILE O 665 -69.60 -91.72 -57.22
CA ILE O 665 -68.21 -92.11 -57.00
C ILE O 665 -67.63 -90.98 -56.14
N PRO O 666 -66.62 -91.22 -55.32
CA PRO O 666 -65.91 -90.09 -54.72
C PRO O 666 -64.95 -89.41 -55.69
N GLY O 667 -64.93 -88.08 -55.60
CA GLY O 667 -64.19 -87.28 -56.55
C GLY O 667 -62.69 -87.42 -56.41
N ALA O 668 -62.22 -87.71 -55.19
CA ALA O 668 -60.80 -87.98 -54.99
C ALA O 668 -60.35 -89.22 -55.75
N ALA O 669 -61.11 -90.31 -55.63
CA ALA O 669 -60.78 -91.52 -56.36
C ALA O 669 -60.94 -91.34 -57.87
N PHE O 670 -61.93 -90.55 -58.30
CA PHE O 670 -62.06 -90.25 -59.73
C PHE O 670 -60.88 -89.44 -60.24
N ALA O 671 -60.36 -88.53 -59.43
CA ALA O 671 -59.15 -87.79 -59.77
C ALA O 671 -57.95 -88.73 -59.88
N HIS O 672 -57.90 -89.76 -59.03
CA HIS O 672 -56.82 -90.74 -59.15
C HIS O 672 -56.92 -91.53 -60.46
N TYR O 673 -58.14 -91.90 -60.87
CA TYR O 673 -58.29 -92.60 -62.15
C TYR O 673 -57.88 -91.72 -63.32
N ARG O 674 -58.26 -90.45 -63.29
CA ARG O 674 -57.89 -89.53 -64.35
C ARG O 674 -56.39 -89.25 -64.36
N ASN O 675 -55.76 -89.25 -63.19
CA ASN O 675 -54.31 -89.06 -63.13
C ASN O 675 -53.57 -90.26 -63.67
N LEU O 676 -54.08 -91.47 -63.45
CA LEU O 676 -53.43 -92.65 -64.01
C LEU O 676 -53.53 -92.66 -65.53
N VAL O 677 -54.68 -92.24 -66.05
CA VAL O 677 -54.88 -92.04 -67.49
C VAL O 677 -53.85 -91.05 -68.06
N SER O 678 -53.74 -89.87 -67.43
CA SER O 678 -52.83 -88.86 -67.93
C SER O 678 -51.37 -89.27 -67.79
N LEU O 679 -51.05 -90.09 -66.79
CA LEU O 679 -49.72 -90.65 -66.63
C LEU O 679 -49.35 -91.57 -67.79
N ILE O 680 -50.27 -92.45 -68.18
CA ILE O 680 -50.01 -93.35 -69.31
C ILE O 680 -49.85 -92.54 -70.61
N ARG O 681 -50.62 -91.46 -70.77
CA ARG O 681 -50.45 -90.61 -71.95
C ARG O 681 -49.10 -89.89 -71.93
N LEU O 682 -48.62 -89.47 -70.75
CA LEU O 682 -47.30 -88.84 -70.66
C LEU O 682 -46.19 -89.83 -70.97
N VAL O 683 -46.34 -91.09 -70.55
CA VAL O 683 -45.35 -92.11 -70.90
C VAL O 683 -45.30 -92.30 -72.41
N LYS O 684 -46.47 -92.28 -73.06
CA LYS O 684 -46.53 -92.40 -74.52
C LYS O 684 -45.80 -91.26 -75.22
N ARG O 685 -45.97 -90.03 -74.72
CA ARG O 685 -45.21 -88.90 -75.26
C ARG O 685 -43.70 -89.09 -75.03
N THR O 686 -43.33 -89.42 -73.79
CA THR O 686 -41.94 -89.41 -73.35
C THR O 686 -41.11 -90.47 -74.07
N ILE O 687 -41.70 -91.58 -74.48
CA ILE O 687 -40.96 -92.48 -75.36
C ILE O 687 -41.48 -92.47 -76.78
N SER O 688 -42.31 -91.49 -77.14
CA SER O 688 -42.51 -91.16 -78.55
C SER O 688 -41.77 -89.89 -78.92
N ILE O 689 -40.72 -89.56 -78.16
CA ILE O 689 -39.71 -88.60 -78.64
C ILE O 689 -39.26 -88.94 -80.06
N SER O 690 -38.65 -90.11 -80.24
CA SER O 690 -37.73 -90.31 -81.37
C SER O 690 -38.53 -90.62 -82.63
N ASN O 691 -39.19 -89.61 -83.14
CA ASN O 691 -40.38 -89.81 -83.95
C ASN O 691 -40.34 -88.83 -85.13
N ILE O 692 -40.10 -89.40 -86.30
CA ILE O 692 -39.72 -88.66 -87.50
C ILE O 692 -40.64 -89.08 -88.65
N ASN O 693 -41.03 -88.11 -89.48
CA ASN O 693 -41.95 -88.35 -90.59
C ASN O 693 -41.26 -89.15 -91.69
N GLU O 694 -41.12 -90.45 -91.48
CA GLU O 694 -40.54 -91.33 -92.50
C GLU O 694 -40.91 -92.77 -92.20
N GLN O 695 -41.43 -93.48 -93.20
CA GLN O 695 -41.55 -94.92 -93.17
C GLN O 695 -40.45 -95.52 -94.04
N LEU O 696 -40.15 -96.80 -93.79
CA LEU O 696 -39.11 -97.49 -94.55
C LEU O 696 -39.67 -98.62 -95.41
N CYS O 697 -40.38 -99.57 -94.81
CA CYS O 697 -41.03 -100.62 -95.57
C CYS O 697 -42.54 -100.47 -95.53
N GLY O 698 -43.13 -100.54 -94.34
CA GLY O 698 -44.50 -100.14 -94.16
C GLY O 698 -44.71 -99.55 -92.79
N GLU O 699 -43.64 -99.49 -92.01
CA GLU O 699 -43.73 -99.19 -90.60
C GLU O 699 -43.21 -97.79 -90.30
N PRO O 700 -43.77 -97.14 -89.28
CA PRO O 700 -43.19 -95.88 -88.82
C PRO O 700 -41.84 -96.08 -88.16
N LEU O 701 -41.14 -94.96 -88.01
CA LEU O 701 -39.75 -95.03 -87.59
C LEU O 701 -39.62 -95.39 -86.12
N VAL O 702 -40.67 -95.21 -85.32
CA VAL O 702 -40.57 -95.66 -83.94
C VAL O 702 -41.11 -97.08 -83.79
N ASN O 703 -41.89 -97.56 -84.75
CA ASN O 703 -42.04 -98.99 -84.91
C ASN O 703 -40.67 -99.62 -85.18
N PHE O 704 -39.79 -98.92 -85.89
CA PHE O 704 -38.42 -99.41 -85.97
C PHE O 704 -37.64 -99.20 -84.68
N ALA O 705 -37.87 -98.07 -84.00
CA ALA O 705 -36.99 -97.68 -82.89
C ALA O 705 -37.31 -98.44 -81.60
N ASN O 706 -38.56 -98.40 -81.18
CA ASN O 706 -38.97 -98.85 -79.86
C ASN O 706 -39.95 -99.99 -80.07
N ALA O 707 -39.65 -101.15 -79.47
CA ALA O 707 -40.51 -102.32 -79.60
C ALA O 707 -41.81 -102.19 -78.84
N LEU O 708 -42.03 -101.10 -78.14
CA LEU O 708 -43.33 -100.86 -77.53
C LEU O 708 -44.33 -100.32 -78.52
N PHE O 709 -43.89 -99.84 -79.68
CA PHE O 709 -44.80 -99.28 -80.68
C PHE O 709 -45.08 -100.22 -81.84
N ASP O 710 -44.58 -101.44 -81.80
CA ASP O 710 -44.68 -102.30 -82.97
C ASP O 710 -46.04 -103.00 -83.01
N GLY O 711 -46.31 -103.64 -84.14
CA GLY O 711 -47.36 -104.62 -84.20
C GLY O 711 -46.93 -105.98 -83.74
N ARG O 712 -45.65 -106.11 -83.38
CA ARG O 712 -45.08 -107.37 -82.97
C ARG O 712 -45.18 -107.62 -81.46
N LEU O 713 -45.58 -106.63 -80.68
CA LEU O 713 -46.02 -106.83 -79.31
C LEU O 713 -47.53 -106.65 -79.27
N PHE O 714 -48.19 -107.35 -78.35
CA PHE O 714 -49.60 -107.65 -78.60
C PHE O 714 -50.56 -107.35 -77.47
N CYS O 715 -50.17 -106.53 -76.46
CA CYS O 715 -51.02 -106.15 -75.32
C CYS O 715 -51.45 -107.39 -74.55
N PRO O 716 -50.61 -107.95 -73.65
CA PRO O 716 -50.78 -109.32 -73.12
C PRO O 716 -52.14 -109.77 -72.58
N PHE O 717 -53.09 -108.86 -72.42
CA PHE O 717 -54.49 -109.20 -72.20
C PHE O 717 -55.31 -108.52 -73.30
N VAL O 718 -55.73 -109.30 -74.29
CA VAL O 718 -56.61 -108.80 -75.34
C VAL O 718 -58.00 -109.35 -75.12
N HIS O 719 -58.95 -108.82 -75.89
CA HIS O 719 -60.32 -109.30 -75.81
C HIS O 719 -60.99 -109.52 -77.15
N THR O 720 -60.55 -108.89 -78.25
CA THR O 720 -61.07 -109.27 -79.56
C THR O 720 -59.98 -109.84 -80.45
N MET O 721 -59.02 -109.03 -80.88
CA MET O 721 -57.97 -109.39 -81.81
C MET O 721 -56.99 -108.22 -81.84
N PRO O 722 -55.70 -108.44 -81.76
CA PRO O 722 -54.76 -107.32 -81.85
C PRO O 722 -54.69 -106.74 -83.25
N ARG O 723 -54.23 -105.50 -83.31
CA ARG O 723 -54.04 -104.81 -84.57
C ARG O 723 -52.91 -105.45 -85.37
N ASN O 724 -53.09 -105.48 -86.69
CA ASN O 724 -52.06 -105.85 -87.67
C ASN O 724 -51.62 -107.31 -87.49
N ASP O 725 -52.59 -108.20 -87.66
CA ASP O 725 -52.32 -109.63 -87.57
C ASP O 725 -51.58 -110.14 -88.81
N THR O 726 -51.77 -109.49 -89.96
CA THR O 726 -51.32 -110.00 -91.24
C THR O 726 -49.80 -110.09 -91.36
N ASN O 727 -49.06 -109.32 -90.57
CA ASN O 727 -47.64 -109.59 -90.43
C ASN O 727 -47.42 -110.86 -89.62
N ALA O 728 -48.11 -110.97 -88.49
CA ALA O 728 -47.84 -111.98 -87.49
C ALA O 728 -48.55 -113.28 -87.84
N LYS O 729 -48.57 -114.22 -86.89
CA LYS O 729 -49.19 -115.52 -87.11
C LYS O 729 -49.74 -115.98 -85.76
N ILE O 730 -51.00 -115.67 -85.51
CA ILE O 730 -51.67 -116.07 -84.27
C ILE O 730 -52.23 -117.46 -84.46
N THR O 731 -51.87 -118.37 -83.54
CA THR O 731 -52.36 -119.73 -83.59
C THR O 731 -53.07 -120.09 -82.28
N ALA O 732 -53.99 -121.04 -82.38
CA ALA O 732 -54.51 -121.76 -81.23
C ALA O 732 -54.46 -123.24 -81.57
N ASP O 733 -54.52 -123.53 -82.86
CA ASP O 733 -54.36 -124.87 -83.40
C ASP O 733 -53.27 -124.76 -84.48
N ASP O 734 -53.17 -125.79 -85.32
CA ASP O 734 -52.28 -125.73 -86.47
C ASP O 734 -52.68 -124.65 -87.47
N THR O 735 -53.94 -124.23 -87.48
CA THR O 735 -54.41 -123.21 -88.40
C THR O 735 -54.05 -121.82 -87.87
N PRO O 736 -53.35 -120.99 -88.65
CA PRO O 736 -53.12 -119.60 -88.23
C PRO O 736 -54.42 -118.80 -88.27
N LEU O 737 -54.66 -118.04 -87.22
CA LEU O 737 -55.91 -117.29 -87.11
C LEU O 737 -55.86 -116.08 -88.03
N THR O 738 -56.83 -116.00 -88.94
CA THR O 738 -56.92 -114.87 -89.87
C THR O 738 -58.27 -114.19 -89.72
N GLN O 739 -58.40 -113.06 -90.40
CA GLN O 739 -59.70 -112.38 -90.50
C GLN O 739 -60.72 -113.23 -91.24
N ASN O 740 -60.27 -114.03 -92.20
CA ASN O 740 -61.14 -114.99 -92.86
C ASN O 740 -61.58 -116.09 -91.89
N THR O 741 -60.65 -116.54 -91.05
CA THR O 741 -60.92 -117.71 -90.20
C THR O 741 -61.82 -117.36 -89.04
N VAL O 742 -61.64 -116.19 -88.44
CA VAL O 742 -62.35 -115.85 -87.21
C VAL O 742 -63.78 -115.42 -87.54
N ARG O 743 -64.76 -116.04 -86.87
CA ARG O 743 -66.13 -115.60 -86.99
C ARG O 743 -66.42 -114.47 -86.02
N VAL O 744 -67.45 -113.69 -86.35
CA VAL O 744 -67.75 -112.44 -85.68
C VAL O 744 -68.79 -112.69 -84.60
N ARG O 745 -68.72 -111.89 -83.54
CA ARG O 745 -69.71 -111.95 -82.46
C ARG O 745 -70.85 -110.97 -82.75
N ASN O 746 -72.04 -111.52 -82.94
CA ASN O 746 -73.26 -110.72 -82.97
C ASN O 746 -73.89 -110.82 -81.59
N TYR O 747 -74.21 -109.67 -80.99
CA TYR O 747 -74.79 -109.65 -79.67
C TYR O 747 -76.31 -109.56 -79.69
N GLU O 748 -76.92 -109.32 -80.84
CA GLU O 748 -78.36 -109.14 -80.91
C GLU O 748 -79.11 -110.39 -81.35
N ILE O 749 -78.50 -111.27 -82.14
CA ILE O 749 -79.25 -112.41 -82.65
C ILE O 749 -79.01 -113.63 -81.76
N SER O 750 -77.78 -113.78 -81.23
CA SER O 750 -77.40 -114.77 -80.23
C SER O 750 -77.66 -116.20 -80.72
N ASP O 751 -76.85 -116.62 -81.69
CA ASP O 751 -76.93 -117.99 -82.17
C ASP O 751 -76.54 -118.98 -81.08
N VAL O 752 -76.96 -120.23 -81.29
CA VAL O 752 -76.68 -121.29 -80.34
C VAL O 752 -75.22 -121.72 -80.42
N GLN O 753 -74.66 -121.68 -81.63
CA GLN O 753 -73.39 -122.37 -81.93
C GLN O 753 -72.20 -121.77 -81.21
N ARG O 754 -72.24 -120.47 -80.89
CA ARG O 754 -71.17 -119.85 -80.12
C ARG O 754 -71.11 -120.43 -78.71
N MET O 755 -72.22 -120.93 -78.19
CA MET O 755 -72.17 -121.53 -76.87
C MET O 755 -71.61 -122.96 -76.91
N ASN O 756 -71.60 -123.61 -78.08
CA ASN O 756 -70.75 -124.78 -78.25
C ASN O 756 -69.28 -124.36 -78.31
N LEU O 757 -69.03 -123.27 -79.00
CA LEU O 757 -67.66 -122.88 -79.28
C LEU O 757 -66.99 -122.13 -78.12
N ILE O 758 -67.72 -121.81 -77.05
CA ILE O 758 -67.03 -121.30 -75.87
C ILE O 758 -66.36 -122.43 -75.12
N ASP O 759 -66.89 -123.64 -75.21
CA ASP O 759 -66.14 -124.79 -74.73
C ASP O 759 -65.10 -125.21 -75.75
N SER O 760 -65.45 -125.13 -77.05
CA SER O 760 -64.48 -125.50 -78.07
C SER O 760 -63.40 -124.42 -78.22
N SER O 761 -62.38 -124.73 -79.02
CA SER O 761 -61.19 -123.88 -79.14
C SER O 761 -61.22 -123.02 -80.40
N VAL O 762 -62.18 -122.10 -80.48
CA VAL O 762 -62.28 -121.15 -81.59
C VAL O 762 -62.41 -119.74 -81.02
N VAL O 763 -61.59 -118.81 -81.52
CA VAL O 763 -61.57 -117.43 -81.06
C VAL O 763 -62.54 -116.60 -81.88
N PHE O 764 -63.32 -115.74 -81.21
CA PHE O 764 -64.32 -114.88 -81.83
C PHE O 764 -64.06 -113.41 -81.50
N THR O 765 -64.31 -112.52 -82.46
CA THR O 765 -64.11 -111.08 -82.29
C THR O 765 -65.42 -110.34 -82.42
N ASP O 766 -65.39 -109.06 -82.03
CA ASP O 766 -66.45 -108.10 -82.33
C ASP O 766 -66.15 -107.32 -83.60
N ASN O 767 -64.98 -106.71 -83.66
CA ASN O 767 -64.64 -105.67 -84.62
C ASN O 767 -63.15 -105.42 -84.45
N ASP O 768 -62.60 -104.55 -85.29
CA ASP O 768 -61.24 -104.06 -85.07
C ASP O 768 -61.30 -102.86 -84.12
N ARG O 769 -61.69 -103.15 -82.88
CA ARG O 769 -61.64 -102.14 -81.84
C ARG O 769 -60.25 -101.59 -81.48
N PRO O 770 -59.08 -102.33 -81.60
CA PRO O 770 -57.84 -101.66 -81.23
C PRO O 770 -57.42 -100.59 -82.23
N SER O 771 -57.60 -99.35 -81.83
CA SER O 771 -56.92 -98.26 -82.50
C SER O 771 -55.42 -98.32 -82.18
N ASN O 772 -54.65 -97.55 -82.95
CA ASN O 772 -53.22 -97.47 -82.72
C ASN O 772 -52.93 -96.88 -81.34
N GLU O 773 -53.70 -95.83 -80.98
CA GLU O 773 -53.55 -95.18 -79.69
C GLU O 773 -53.86 -96.12 -78.54
N ASN O 774 -55.02 -96.79 -78.61
CA ASN O 774 -55.42 -97.67 -77.51
C ASN O 774 -54.56 -98.92 -77.44
N THR O 775 -54.02 -99.37 -78.57
CA THR O 775 -53.08 -100.48 -78.56
C THR O 775 -51.78 -100.10 -77.83
N ILE O 776 -51.23 -98.94 -78.18
CA ILE O 776 -50.02 -98.45 -77.52
C ILE O 776 -50.26 -98.25 -76.03
N LEU O 777 -51.39 -97.64 -75.66
CA LEU O 777 -51.63 -97.36 -74.25
C LEU O 777 -51.91 -98.62 -73.44
N SER O 778 -52.56 -99.63 -74.05
CA SER O 778 -52.77 -100.90 -73.36
C SER O 778 -51.45 -101.62 -73.13
N LYS O 779 -50.55 -101.58 -74.13
CA LYS O 779 -49.20 -102.10 -73.94
C LYS O 779 -48.49 -101.38 -72.80
N ILE O 780 -48.59 -100.05 -72.78
CA ILE O 780 -47.91 -99.25 -71.74
C ILE O 780 -48.42 -99.63 -70.35
N PHE O 781 -49.75 -99.73 -70.19
CA PHE O 781 -50.31 -100.08 -68.90
C PHE O 781 -49.92 -101.48 -68.48
N TYR O 782 -50.39 -102.50 -69.22
CA TYR O 782 -50.19 -103.89 -68.81
C TYR O 782 -48.73 -104.35 -68.86
N PHE O 783 -47.82 -103.52 -69.36
CA PHE O 783 -46.53 -103.98 -69.75
C PHE O 783 -45.42 -103.11 -69.21
N CYS O 784 -45.72 -101.94 -68.66
CA CYS O 784 -44.77 -101.13 -67.92
C CYS O 784 -45.32 -100.67 -66.58
N VAL O 785 -46.62 -100.36 -66.48
CA VAL O 785 -47.12 -99.68 -65.29
C VAL O 785 -47.53 -100.67 -64.22
N LEU O 786 -48.30 -101.69 -64.60
CA LEU O 786 -48.55 -102.80 -63.68
C LEU O 786 -47.30 -103.55 -63.22
N PRO O 787 -46.30 -103.88 -64.04
CA PRO O 787 -45.10 -104.51 -63.45
C PRO O 787 -44.27 -103.59 -62.58
N ALA O 788 -44.20 -102.29 -62.90
CA ALA O 788 -43.41 -101.38 -62.06
C ALA O 788 -44.06 -101.18 -60.71
N LEU O 789 -45.36 -100.90 -60.70
CA LEU O 789 -46.05 -100.59 -59.46
C LEU O 789 -46.47 -101.81 -58.68
N SER O 790 -46.56 -102.97 -59.33
CA SER O 790 -46.95 -104.19 -58.64
C SER O 790 -45.78 -104.90 -58.00
N ASN O 791 -44.59 -104.80 -58.61
CA ASN O 791 -43.42 -105.61 -58.30
C ASN O 791 -43.77 -107.10 -58.31
N ASN O 792 -44.14 -107.57 -59.50
CA ASN O 792 -44.37 -108.98 -59.84
C ASN O 792 -45.52 -109.60 -59.04
N LYS O 793 -46.38 -108.80 -58.43
CA LYS O 793 -47.40 -109.34 -57.53
C LYS O 793 -48.72 -109.62 -58.24
N ALA O 794 -48.73 -109.59 -59.56
CA ALA O 794 -49.93 -109.94 -60.31
C ALA O 794 -49.83 -111.38 -60.81
N CYS O 795 -50.95 -111.89 -61.32
CA CYS O 795 -50.98 -113.23 -61.88
C CYS O 795 -52.05 -113.28 -62.96
N GLY O 796 -51.71 -113.81 -64.13
CA GLY O 796 -52.71 -113.97 -65.16
C GLY O 796 -53.75 -115.00 -64.76
N ALA O 797 -54.95 -114.87 -65.31
CA ALA O 797 -56.02 -115.73 -64.83
C ALA O 797 -57.03 -115.99 -65.93
N GLY O 798 -57.65 -117.16 -65.86
CA GLY O 798 -58.65 -117.56 -66.81
C GLY O 798 -59.88 -118.09 -66.12
N VAL O 799 -60.99 -118.04 -66.84
CA VAL O 799 -62.32 -118.25 -66.29
C VAL O 799 -63.11 -119.21 -67.19
N ASN O 800 -63.75 -120.21 -66.59
CA ASN O 800 -64.76 -121.01 -67.27
C ASN O 800 -66.08 -120.26 -67.16
N VAL O 801 -66.44 -119.52 -68.21
CA VAL O 801 -67.58 -118.63 -68.12
C VAL O 801 -68.90 -119.40 -68.11
N LYS O 802 -68.96 -120.57 -68.74
CA LYS O 802 -70.20 -121.34 -68.82
C LYS O 802 -70.61 -121.87 -67.45
N GLU O 803 -69.73 -122.68 -66.85
CA GLU O 803 -69.96 -123.18 -65.49
C GLU O 803 -70.03 -122.04 -64.49
N LEU O 804 -69.29 -120.97 -64.74
CA LEU O 804 -69.34 -119.77 -63.92
C LEU O 804 -70.74 -119.17 -63.86
N VAL O 805 -71.33 -118.88 -65.02
CA VAL O 805 -72.62 -118.19 -65.03
C VAL O 805 -73.72 -119.12 -64.51
N LEU O 806 -73.64 -120.41 -64.83
CA LEU O 806 -74.66 -121.35 -64.38
C LEU O 806 -74.58 -121.60 -62.89
N ASP O 807 -73.36 -121.65 -62.34
CA ASP O 807 -73.19 -121.82 -60.91
C ASP O 807 -73.60 -120.58 -60.11
N LEU O 808 -73.13 -119.43 -60.58
CA LEU O 808 -73.40 -118.14 -59.93
C LEU O 808 -74.85 -117.65 -59.96
N PHE O 809 -75.48 -117.81 -61.12
CA PHE O 809 -76.86 -117.37 -61.29
C PHE O 809 -77.65 -118.35 -62.15
N TYR O 810 -78.97 -118.32 -62.02
CA TYR O 810 -79.83 -119.22 -62.78
C TYR O 810 -80.59 -120.20 -61.91
N THR O 811 -80.33 -120.27 -60.59
CA THR O 811 -80.97 -121.33 -59.83
C THR O 811 -82.43 -121.04 -59.49
N GLU O 812 -82.70 -120.24 -58.44
CA GLU O 812 -84.09 -119.88 -58.15
C GLU O 812 -84.62 -118.57 -58.74
N PRO O 813 -84.04 -117.40 -58.47
CA PRO O 813 -84.77 -116.15 -58.75
C PRO O 813 -84.58 -115.61 -60.15
N PHE O 814 -83.89 -116.38 -61.00
CA PHE O 814 -83.56 -115.95 -62.36
C PHE O 814 -84.23 -116.80 -63.43
N ILE O 815 -84.42 -116.17 -64.59
CA ILE O 815 -85.08 -116.77 -65.77
C ILE O 815 -86.53 -117.17 -65.46
N CYS O 816 -87.19 -116.35 -64.65
CA CYS O 816 -88.57 -116.56 -64.26
C CYS O 816 -89.47 -116.19 -65.42
N PRO O 817 -90.68 -116.76 -65.45
CA PRO O 817 -91.62 -116.45 -66.52
C PRO O 817 -91.96 -114.96 -66.48
N ASP O 818 -92.08 -114.41 -65.28
CA ASP O 818 -92.45 -112.97 -65.13
C ASP O 818 -93.43 -112.70 -63.98
N ASP O 819 -93.35 -111.45 -63.49
CA ASP O 819 -94.14 -110.85 -62.40
C ASP O 819 -93.69 -111.25 -60.98
N CYS O 820 -92.63 -112.07 -60.91
CA CYS O 820 -92.08 -112.50 -59.64
C CYS O 820 -90.62 -112.06 -59.49
N PHE O 821 -90.14 -111.30 -60.47
CA PHE O 821 -88.75 -110.84 -60.47
C PHE O 821 -88.59 -109.41 -59.93
N GLN O 822 -89.60 -108.56 -60.15
CA GLN O 822 -89.49 -107.15 -59.80
C GLN O 822 -89.44 -106.92 -58.29
N GLU O 823 -89.92 -107.89 -57.50
CA GLU O 823 -89.78 -107.84 -56.05
C GLU O 823 -89.00 -109.02 -55.50
N ASN O 824 -88.48 -109.89 -56.34
CA ASN O 824 -87.98 -111.17 -55.89
C ASN O 824 -86.62 -111.01 -55.20
N PRO O 825 -86.45 -111.54 -54.00
CA PRO O 825 -85.09 -111.70 -53.47
C PRO O 825 -84.34 -112.79 -54.22
N ILE O 826 -83.03 -112.81 -54.00
CA ILE O 826 -82.13 -113.85 -54.51
C ILE O 826 -82.45 -115.13 -53.75
N SER O 827 -81.96 -116.27 -54.24
CA SER O 827 -82.10 -117.55 -53.56
C SER O 827 -81.36 -117.63 -52.22
N SER O 828 -80.58 -116.60 -51.88
CA SER O 828 -79.78 -116.51 -50.65
C SER O 828 -78.75 -117.63 -50.55
N ASP O 829 -78.24 -118.05 -51.70
CA ASP O 829 -77.14 -118.98 -51.75
C ASP O 829 -75.86 -118.33 -51.24
N VAL O 830 -74.97 -119.18 -50.71
CA VAL O 830 -73.69 -118.76 -50.12
C VAL O 830 -72.89 -117.92 -51.11
N LEU O 831 -72.86 -118.33 -52.36
CA LEU O 831 -72.01 -117.71 -53.37
C LEU O 831 -72.46 -116.28 -53.69
N MET O 832 -73.68 -116.13 -54.22
CA MET O 832 -74.14 -114.82 -54.64
C MET O 832 -74.45 -113.92 -53.44
N SER O 833 -74.68 -114.51 -52.27
CA SER O 833 -74.83 -113.68 -51.08
C SER O 833 -73.48 -113.14 -50.60
N LEU O 834 -72.45 -114.00 -50.55
CA LEU O 834 -71.13 -113.56 -50.12
C LEU O 834 -70.49 -112.58 -51.08
N ILE O 835 -70.78 -112.65 -52.39
CA ILE O 835 -70.16 -111.68 -53.31
C ILE O 835 -70.68 -110.27 -53.04
N ARG O 836 -72.00 -110.13 -52.90
CA ARG O 836 -72.58 -108.82 -52.59
C ARG O 836 -72.24 -108.37 -51.17
N GLU O 837 -72.11 -109.32 -50.22
CA GLU O 837 -71.67 -108.94 -48.88
C GLU O 837 -70.23 -108.47 -48.89
N ALA O 838 -69.38 -109.03 -49.75
CA ALA O 838 -68.01 -108.57 -49.85
C ALA O 838 -67.94 -107.21 -50.52
N MET O 839 -68.82 -106.94 -51.50
CA MET O 839 -68.75 -105.61 -52.09
C MET O 839 -69.38 -104.56 -51.18
N GLY O 840 -70.32 -104.95 -50.33
CA GLY O 840 -70.90 -104.05 -49.37
C GLY O 840 -71.60 -104.77 -48.23
N PRO O 841 -71.26 -104.42 -47.00
CA PRO O 841 -72.01 -104.92 -45.84
C PRO O 841 -73.11 -103.96 -45.40
N GLY O 842 -74.19 -104.56 -44.90
CA GLY O 842 -75.32 -103.78 -44.43
C GLY O 842 -76.25 -103.37 -45.56
N TYR O 843 -77.26 -102.58 -45.16
CA TYR O 843 -78.27 -101.90 -45.99
C TYR O 843 -79.00 -102.82 -46.99
N THR O 844 -78.95 -104.14 -46.79
CA THR O 844 -79.57 -105.08 -47.71
C THR O 844 -80.51 -105.98 -46.94
N VAL O 845 -81.80 -105.76 -47.08
CA VAL O 845 -82.79 -106.71 -46.60
C VAL O 845 -83.13 -107.72 -47.68
N ALA O 846 -83.41 -107.22 -48.89
CA ALA O 846 -83.84 -108.08 -49.98
C ALA O 846 -82.69 -108.89 -50.55
N ASN O 847 -81.45 -108.44 -50.35
CA ASN O 847 -80.20 -109.02 -50.86
C ASN O 847 -80.17 -109.06 -52.40
N THR O 848 -81.03 -108.28 -53.07
CA THR O 848 -81.16 -108.31 -54.52
C THR O 848 -81.45 -106.92 -55.07
N SER O 849 -81.46 -105.89 -54.21
CA SER O 849 -82.13 -104.62 -54.50
C SER O 849 -81.40 -103.91 -55.62
N SER O 850 -81.89 -104.16 -56.84
CA SER O 850 -81.42 -103.73 -58.16
C SER O 850 -80.06 -104.31 -58.55
N ILE O 851 -79.40 -105.07 -57.69
CA ILE O 851 -78.01 -105.43 -57.94
C ILE O 851 -77.91 -106.66 -58.82
N ALA O 852 -78.54 -107.76 -58.41
CA ALA O 852 -78.64 -108.92 -59.28
C ALA O 852 -79.48 -108.63 -60.51
N LYS O 853 -80.41 -107.67 -60.40
CA LYS O 853 -81.14 -107.16 -61.55
C LYS O 853 -80.19 -106.61 -62.60
N GLN O 854 -79.36 -105.62 -62.23
CA GLN O 854 -78.44 -105.01 -63.19
C GLN O 854 -77.38 -106.01 -63.65
N LEU O 855 -77.01 -106.99 -62.83
CA LEU O 855 -76.07 -108.01 -63.27
C LEU O 855 -76.69 -108.89 -64.36
N PHE O 856 -77.95 -109.28 -64.18
CA PHE O 856 -78.65 -110.06 -65.20
C PHE O 856 -78.87 -109.25 -66.46
N LYS O 857 -79.08 -107.95 -66.32
CA LYS O 857 -79.17 -107.06 -67.47
C LYS O 857 -77.84 -106.93 -68.18
N SER O 858 -76.73 -106.98 -67.43
CA SER O 858 -75.41 -106.76 -68.01
C SER O 858 -74.88 -107.98 -68.74
N LEU O 859 -75.31 -109.15 -68.35
CA LEU O 859 -74.69 -110.31 -69.02
C LEU O 859 -75.20 -110.57 -70.48
N ILE O 860 -75.88 -109.65 -71.18
CA ILE O 860 -76.11 -109.77 -72.61
C ILE O 860 -74.84 -109.61 -73.44
N TYR O 861 -73.75 -109.11 -72.86
CA TYR O 861 -72.46 -109.07 -73.53
C TYR O 861 -71.52 -109.99 -72.76
N ILE O 862 -71.49 -111.26 -73.14
CA ILE O 862 -70.53 -112.18 -72.54
C ILE O 862 -69.52 -112.59 -73.60
N ASN O 863 -68.55 -113.41 -73.19
CA ASN O 863 -67.45 -113.76 -74.07
C ASN O 863 -67.14 -115.25 -74.01
N GLU O 864 -66.00 -115.64 -74.57
CA GLU O 864 -65.57 -117.02 -74.65
C GLU O 864 -65.03 -117.50 -73.31
N ASN O 865 -64.57 -118.74 -73.27
CA ASN O 865 -63.65 -119.14 -72.23
C ASN O 865 -62.27 -118.56 -72.55
N THR O 866 -61.38 -118.62 -71.57
CA THR O 866 -60.07 -118.02 -71.72
C THR O 866 -59.17 -118.94 -72.53
N LYS O 867 -58.38 -118.36 -73.43
CA LYS O 867 -57.50 -119.15 -74.30
C LYS O 867 -56.10 -118.55 -74.33
N ILE O 868 -55.12 -119.43 -74.44
CA ILE O 868 -53.76 -119.05 -74.80
C ILE O 868 -53.72 -118.88 -76.32
N LEU O 869 -52.90 -117.96 -76.82
CA LEU O 869 -52.65 -117.85 -78.24
C LEU O 869 -51.14 -117.68 -78.46
N GLU O 870 -50.53 -118.62 -79.16
CA GLU O 870 -49.16 -118.39 -79.61
C GLU O 870 -49.16 -117.33 -80.71
N VAL O 871 -48.01 -116.68 -80.87
CA VAL O 871 -47.74 -115.85 -82.03
C VAL O 871 -46.37 -116.23 -82.56
N GLU O 872 -46.33 -116.72 -83.80
CA GLU O 872 -45.04 -116.97 -84.47
C GLU O 872 -44.75 -115.79 -85.39
N VAL O 873 -44.41 -114.66 -84.79
CA VAL O 873 -43.98 -113.49 -85.54
C VAL O 873 -42.47 -113.43 -85.45
N SER O 874 -41.85 -112.89 -86.48
CA SER O 874 -40.43 -112.59 -86.42
C SER O 874 -40.24 -111.09 -86.35
N LEU O 875 -38.99 -110.66 -86.44
CA LEU O 875 -38.61 -109.32 -86.02
C LEU O 875 -38.99 -108.29 -87.08
N ASP O 876 -38.52 -107.06 -86.90
CA ASP O 876 -38.48 -106.10 -87.98
C ASP O 876 -37.43 -106.54 -89.00
N PRO O 877 -37.55 -106.09 -90.25
CA PRO O 877 -36.61 -106.57 -91.29
C PRO O 877 -35.16 -106.16 -91.07
N ALA O 878 -34.93 -105.04 -90.39
CA ALA O 878 -33.58 -104.54 -90.14
C ALA O 878 -32.80 -105.48 -89.22
N GLN O 879 -33.44 -106.01 -88.18
CA GLN O 879 -32.81 -107.06 -87.39
C GLN O 879 -32.96 -108.43 -88.03
N ARG O 880 -33.90 -108.58 -88.96
CA ARG O 880 -34.14 -109.89 -89.58
C ARG O 880 -33.01 -110.29 -90.52
N HIS O 881 -32.32 -109.32 -91.14
CA HIS O 881 -31.35 -109.63 -92.20
C HIS O 881 -30.23 -110.56 -91.74
N GLY O 882 -29.43 -110.14 -90.77
CA GLY O 882 -28.17 -110.82 -90.51
C GLY O 882 -28.25 -112.20 -89.85
N ASN O 883 -28.71 -113.20 -90.62
CA ASN O 883 -28.92 -114.59 -90.18
C ASN O 883 -29.89 -114.66 -89.00
N SER O 884 -30.87 -113.76 -89.00
CA SER O 884 -32.06 -113.87 -88.17
C SER O 884 -33.29 -114.06 -89.04
N VAL O 885 -33.10 -114.53 -90.28
CA VAL O 885 -34.19 -114.63 -91.23
C VAL O 885 -35.18 -115.69 -90.78
N HIS O 886 -34.69 -116.79 -90.23
CA HIS O 886 -35.52 -117.80 -89.60
C HIS O 886 -35.33 -117.69 -88.08
N PHE O 887 -36.10 -116.80 -87.47
CA PHE O 887 -36.06 -116.69 -86.02
C PHE O 887 -37.38 -117.07 -85.36
N GLN O 888 -38.48 -116.40 -85.72
CA GLN O 888 -39.84 -116.71 -85.26
C GLN O 888 -39.94 -116.62 -83.73
N SER O 889 -39.91 -115.37 -83.25
CA SER O 889 -40.21 -115.06 -81.85
C SER O 889 -41.55 -115.67 -81.44
N LEU O 890 -41.61 -116.17 -80.21
CA LEU O 890 -42.79 -116.87 -79.72
C LEU O 890 -43.44 -116.05 -78.62
N GLN O 891 -44.73 -115.76 -78.80
CA GLN O 891 -45.47 -114.88 -77.89
C GLN O 891 -46.74 -115.57 -77.43
N HIS O 892 -46.78 -115.90 -76.14
CA HIS O 892 -47.98 -116.45 -75.52
C HIS O 892 -48.78 -115.30 -74.92
N ILE O 893 -50.00 -115.12 -75.39
CA ILE O 893 -50.88 -114.06 -74.95
C ILE O 893 -52.16 -114.68 -74.40
N LEU O 894 -52.68 -114.09 -73.33
CA LEU O 894 -53.86 -114.63 -72.66
C LEU O 894 -55.09 -113.97 -73.28
N TYR O 895 -55.66 -114.62 -74.30
CA TYR O 895 -56.90 -114.13 -74.87
C TYR O 895 -58.04 -114.37 -73.90
N ASN O 896 -58.86 -113.32 -73.69
CA ASN O 896 -60.05 -113.33 -72.84
C ASN O 896 -59.71 -113.74 -71.42
N GLY O 897 -58.57 -113.28 -70.93
CA GLY O 897 -58.14 -113.50 -69.57
C GLY O 897 -58.34 -112.28 -68.73
N LEU O 898 -57.74 -112.30 -67.55
CA LEU O 898 -57.80 -111.13 -66.68
C LEU O 898 -56.61 -111.16 -65.74
N CYS O 899 -56.18 -109.97 -65.35
CA CYS O 899 -55.20 -109.86 -64.28
C CYS O 899 -55.85 -110.27 -62.96
N LEU O 900 -55.04 -110.84 -62.07
CA LEU O 900 -55.49 -111.30 -60.79
C LEU O 900 -54.49 -110.80 -59.77
N ILE O 901 -54.99 -110.40 -58.59
CA ILE O 901 -54.14 -109.68 -57.67
C ILE O 901 -54.29 -110.20 -56.25
N SER O 902 -55.35 -110.99 -56.00
CA SER O 902 -55.65 -111.36 -54.64
C SER O 902 -56.24 -112.75 -54.63
N PRO O 903 -55.82 -113.60 -53.67
CA PRO O 903 -56.22 -115.01 -53.67
C PRO O 903 -57.72 -115.24 -53.56
N ILE O 904 -58.28 -115.73 -54.66
CA ILE O 904 -59.72 -115.92 -54.79
C ILE O 904 -60.10 -117.24 -54.13
N THR O 905 -61.03 -117.18 -53.20
CA THR O 905 -61.43 -118.31 -52.38
C THR O 905 -62.79 -118.89 -52.77
N THR O 906 -63.74 -118.03 -53.12
CA THR O 906 -65.08 -118.50 -53.46
C THR O 906 -65.08 -119.26 -54.78
N LEU O 907 -64.40 -118.72 -55.78
CA LEU O 907 -64.48 -119.25 -57.15
C LEU O 907 -63.23 -120.05 -57.52
N ARG O 908 -62.71 -120.83 -56.57
CA ARG O 908 -61.59 -121.72 -56.84
C ARG O 908 -61.93 -122.81 -57.84
N ARG O 909 -63.21 -123.18 -57.93
CA ARG O 909 -63.63 -124.19 -58.90
C ARG O 909 -63.53 -123.66 -60.33
N TYR O 910 -63.64 -122.34 -60.49
CA TYR O 910 -63.88 -121.75 -61.80
C TYR O 910 -62.74 -120.90 -62.33
N TYR O 911 -61.77 -120.54 -61.51
CA TYR O 911 -60.69 -119.67 -61.93
C TYR O 911 -59.38 -120.45 -61.96
N GLN O 912 -58.78 -120.54 -63.13
CA GLN O 912 -57.46 -121.15 -63.26
C GLN O 912 -56.43 -120.04 -63.34
N PRO O 913 -55.56 -119.89 -62.35
CA PRO O 913 -54.42 -118.99 -62.52
C PRO O 913 -53.49 -119.53 -63.61
N ILE O 914 -53.15 -118.65 -64.55
CA ILE O 914 -52.32 -118.98 -65.69
C ILE O 914 -51.02 -118.20 -65.56
N PRO O 915 -49.97 -118.75 -64.99
CA PRO O 915 -48.66 -118.10 -65.06
C PRO O 915 -48.02 -118.30 -66.42
N PHE O 916 -48.02 -117.25 -67.24
CA PHE O 916 -47.59 -117.38 -68.61
C PHE O 916 -46.47 -116.43 -69.01
N HIS O 917 -46.45 -115.22 -68.47
CA HIS O 917 -45.46 -114.24 -68.88
C HIS O 917 -44.36 -114.17 -67.82
N ARG O 918 -43.29 -113.44 -68.15
CA ARG O 918 -42.29 -113.06 -67.17
C ARG O 918 -42.93 -112.33 -65.99
N PHE O 919 -43.84 -111.40 -66.27
CA PHE O 919 -44.69 -110.82 -65.25
C PHE O 919 -45.97 -111.62 -65.16
N PHE O 920 -46.90 -111.14 -64.30
CA PHE O 920 -48.17 -111.78 -64.03
C PHE O 920 -47.97 -113.22 -63.56
N SER O 921 -46.96 -113.39 -62.70
CA SER O 921 -46.42 -114.68 -62.37
C SER O 921 -46.08 -114.75 -60.87
N ASP O 922 -47.06 -114.53 -60.00
CA ASP O 922 -46.79 -114.52 -58.56
C ASP O 922 -47.01 -115.90 -57.96
N PRO O 923 -45.99 -116.51 -57.32
CA PRO O 923 -46.23 -117.79 -56.63
C PRO O 923 -47.12 -117.66 -55.42
N GLY O 924 -46.94 -116.61 -54.63
CA GLY O 924 -47.75 -116.39 -53.45
C GLY O 924 -49.20 -116.09 -53.74
N ILE O 925 -49.53 -115.79 -54.99
CA ILE O 925 -50.90 -115.75 -55.47
C ILE O 925 -51.34 -117.11 -56.01
N CYS O 926 -50.51 -117.74 -56.85
CA CYS O 926 -50.97 -118.90 -57.61
C CYS O 926 -51.09 -120.17 -56.75
N GLY O 927 -50.19 -120.33 -55.77
CA GLY O 927 -50.26 -121.45 -54.85
C GLY O 927 -51.42 -121.40 -53.88
N THR O 928 -52.11 -120.27 -53.79
CA THR O 928 -53.33 -120.22 -53.01
C THR O 928 -54.50 -120.81 -53.77
N MET O 929 -54.59 -120.52 -55.07
CA MET O 929 -55.69 -121.08 -55.85
C MET O 929 -55.48 -122.56 -56.11
N ASN O 930 -54.24 -122.99 -56.35
CA ASN O 930 -54.02 -124.42 -56.53
C ASN O 930 -53.01 -124.92 -55.52
N ALA O 931 -53.36 -126.02 -54.84
CA ALA O 931 -52.44 -126.67 -53.92
C ALA O 931 -51.33 -127.40 -54.65
N ASP O 932 -51.48 -127.65 -55.95
CA ASP O 932 -50.43 -128.29 -56.73
C ASP O 932 -49.21 -127.41 -56.88
N ILE O 933 -49.39 -126.08 -56.84
CA ILE O 933 -48.25 -125.19 -56.69
C ILE O 933 -47.80 -125.15 -55.24
N GLN O 934 -48.74 -125.26 -54.30
CA GLN O 934 -48.39 -125.16 -52.89
C GLN O 934 -47.54 -126.35 -52.44
N VAL O 935 -47.83 -127.54 -52.95
CA VAL O 935 -46.89 -128.64 -52.70
C VAL O 935 -45.67 -128.52 -53.57
N PHE O 936 -45.75 -127.82 -54.71
CA PHE O 936 -44.57 -127.56 -55.52
C PHE O 936 -43.66 -126.56 -54.83
N LEU O 937 -44.23 -125.62 -54.08
CA LEU O 937 -43.42 -124.64 -53.38
C LEU O 937 -42.95 -125.11 -52.02
N ASN O 938 -43.75 -125.90 -51.31
CA ASN O 938 -43.35 -126.34 -49.98
C ASN O 938 -42.20 -127.33 -50.00
N THR O 939 -42.01 -128.04 -51.11
CA THR O 939 -40.81 -128.85 -51.23
C THR O 939 -39.59 -127.99 -51.53
N PHE O 940 -39.73 -127.06 -52.46
CA PHE O 940 -38.63 -126.27 -53.01
C PHE O 940 -38.93 -124.80 -52.81
N PRO O 941 -38.64 -124.24 -51.63
CA PRO O 941 -39.15 -122.90 -51.30
C PRO O 941 -38.43 -121.77 -51.98
N HIS O 942 -37.33 -122.02 -52.66
CA HIS O 942 -36.62 -120.92 -53.30
C HIS O 942 -37.16 -120.58 -54.68
N TYR O 943 -38.28 -121.18 -55.07
CA TYR O 943 -39.02 -120.70 -56.22
C TYR O 943 -40.24 -119.88 -55.83
N GLN O 944 -40.33 -119.47 -54.57
CA GLN O 944 -41.36 -118.53 -54.14
C GLN O 944 -41.03 -117.10 -54.55
N ARG O 945 -39.79 -116.87 -55.00
CA ARG O 945 -39.28 -115.53 -55.19
C ARG O 945 -39.95 -114.84 -56.38
N ASN O 946 -40.43 -113.62 -56.16
CA ASN O 946 -41.02 -112.80 -57.22
C ASN O 946 -39.98 -112.22 -58.16
N ASP O 947 -38.70 -112.30 -57.81
CA ASP O 947 -37.70 -111.48 -58.49
C ASP O 947 -37.37 -112.02 -59.87
N GLY O 948 -36.78 -113.22 -59.91
CA GLY O 948 -36.38 -113.83 -61.15
C GLY O 948 -37.40 -114.86 -61.63
N GLY O 949 -37.02 -115.58 -62.67
CA GLY O 949 -37.87 -116.64 -63.14
C GLY O 949 -37.75 -117.93 -62.36
N PHE O 950 -38.72 -118.15 -61.50
CA PHE O 950 -39.13 -119.49 -61.11
C PHE O 950 -39.91 -120.07 -62.28
N PRO O 951 -39.98 -121.39 -62.43
CA PRO O 951 -40.36 -121.93 -63.74
C PRO O 951 -41.83 -121.75 -64.06
N LEU O 952 -42.05 -121.34 -65.30
CA LEU O 952 -43.36 -121.40 -65.92
C LEU O 952 -43.59 -122.84 -66.37
N PRO O 953 -44.79 -123.17 -66.85
CA PRO O 953 -44.95 -124.43 -67.59
C PRO O 953 -44.01 -124.48 -68.78
N PRO O 954 -43.34 -125.62 -68.98
CA PRO O 954 -42.25 -125.72 -69.97
C PRO O 954 -42.63 -125.44 -71.41
N PRO O 955 -43.91 -125.55 -71.82
CA PRO O 955 -44.28 -124.85 -73.07
C PRO O 955 -44.23 -123.35 -72.98
N LEU O 956 -44.49 -122.75 -71.81
CA LEU O 956 -44.52 -121.30 -71.70
C LEU O 956 -43.15 -120.71 -71.41
N ALA O 957 -42.27 -121.49 -70.80
CA ALA O 957 -40.97 -120.99 -70.35
C ALA O 957 -39.97 -121.14 -71.49
N LEU O 958 -40.10 -120.26 -72.47
CA LEU O 958 -39.16 -120.16 -73.57
C LEU O 958 -38.51 -118.79 -73.43
N GLU O 959 -37.47 -118.71 -72.59
CA GLU O 959 -36.89 -117.43 -72.24
C GLU O 959 -36.14 -116.80 -73.41
N PHE O 960 -35.39 -117.60 -74.15
CA PHE O 960 -34.68 -117.05 -75.30
C PHE O 960 -35.61 -116.73 -76.47
N TYR O 961 -36.87 -117.15 -76.43
CA TYR O 961 -37.76 -116.95 -77.55
C TYR O 961 -38.82 -115.88 -77.32
N ASN O 962 -38.87 -115.27 -76.14
CA ASN O 962 -39.77 -114.13 -75.94
C ASN O 962 -39.13 -112.87 -76.50
N TRP O 963 -39.77 -111.73 -76.30
CA TRP O 963 -39.07 -110.46 -76.41
C TRP O 963 -38.43 -110.07 -75.09
N GLN O 964 -39.02 -110.51 -73.97
CA GLN O 964 -38.69 -110.02 -72.64
C GLN O 964 -38.02 -111.14 -71.86
N ARG O 965 -36.91 -110.81 -71.22
CA ARG O 965 -36.07 -111.79 -70.59
C ARG O 965 -36.04 -111.56 -69.08
N THR O 966 -35.14 -112.27 -68.42
CA THR O 966 -34.88 -112.12 -66.98
C THR O 966 -34.66 -110.69 -66.47
N PRO O 967 -33.84 -109.82 -67.10
CA PRO O 967 -33.52 -108.53 -66.43
C PRO O 967 -34.69 -107.58 -66.28
N PHE O 968 -35.77 -107.73 -67.05
CA PHE O 968 -36.95 -106.90 -66.81
C PHE O 968 -37.59 -107.24 -65.48
N SER O 969 -37.73 -108.53 -65.17
CA SER O 969 -38.27 -108.90 -63.87
C SER O 969 -37.27 -108.64 -62.76
N VAL O 970 -35.97 -108.69 -63.06
CA VAL O 970 -34.99 -108.38 -62.02
C VAL O 970 -35.04 -106.90 -61.66
N TYR O 971 -35.25 -106.03 -62.65
CA TYR O 971 -35.42 -104.62 -62.34
C TYR O 971 -36.74 -104.37 -61.64
N SER O 972 -37.84 -104.94 -62.14
CA SER O 972 -39.15 -104.71 -61.55
C SER O 972 -39.34 -105.41 -60.22
N ALA O 973 -38.40 -106.28 -59.83
CA ALA O 973 -38.40 -106.85 -58.49
C ALA O 973 -38.27 -105.77 -57.43
N PHE O 974 -37.25 -104.94 -57.54
CA PHE O 974 -36.93 -103.98 -56.49
C PHE O 974 -36.93 -102.55 -57.01
N CYS O 975 -37.62 -102.29 -58.10
CA CYS O 975 -37.74 -100.92 -58.56
C CYS O 975 -38.65 -100.12 -57.62
N PRO O 976 -38.35 -98.84 -57.41
CA PRO O 976 -39.22 -98.03 -56.57
C PRO O 976 -40.45 -97.57 -57.33
N ASN O 977 -41.51 -97.31 -56.58
CA ASN O 977 -42.84 -97.04 -57.14
C ASN O 977 -43.08 -95.55 -57.32
N SER O 978 -42.20 -94.84 -58.00
CA SER O 978 -42.26 -93.38 -58.05
C SER O 978 -41.95 -92.84 -59.44
N LEU O 979 -42.54 -93.45 -60.46
CA LEU O 979 -42.63 -93.02 -61.87
C LEU O 979 -41.31 -93.11 -62.63
N LEU O 980 -40.20 -93.22 -61.91
CA LEU O 980 -38.92 -93.42 -62.57
C LEU O 980 -38.82 -94.83 -63.12
N SER O 981 -39.39 -95.80 -62.40
CA SER O 981 -39.43 -97.17 -62.87
C SER O 981 -40.31 -97.32 -64.10
N ILE O 982 -41.44 -96.62 -64.13
CA ILE O 982 -42.34 -96.67 -65.28
C ILE O 982 -41.66 -96.10 -66.51
N MET O 983 -41.10 -94.89 -66.38
CA MET O 983 -40.39 -94.27 -67.49
C MET O 983 -39.17 -95.08 -67.91
N THR O 984 -38.51 -95.76 -66.98
CA THR O 984 -37.32 -96.49 -67.39
C THR O 984 -37.63 -97.89 -67.91
N LEU O 985 -38.80 -98.46 -67.62
CA LEU O 985 -39.20 -99.65 -68.35
C LEU O 985 -39.56 -99.29 -69.78
N ALA O 986 -40.28 -98.18 -69.96
CA ALA O 986 -40.50 -97.69 -71.33
C ALA O 986 -39.21 -97.27 -72.02
N ALA O 987 -38.17 -96.93 -71.26
CA ALA O 987 -36.86 -96.70 -71.86
C ALA O 987 -36.17 -98.00 -72.25
N MET O 988 -36.20 -99.00 -71.35
CA MET O 988 -35.56 -100.29 -71.59
C MET O 988 -36.20 -101.07 -72.72
N HIS O 989 -37.42 -100.74 -73.13
CA HIS O 989 -37.93 -101.46 -74.29
C HIS O 989 -37.48 -100.90 -75.63
N SER O 990 -36.57 -99.93 -75.67
CA SER O 990 -36.02 -99.46 -76.93
C SER O 990 -35.12 -100.52 -77.56
N LYS O 991 -35.09 -100.56 -78.88
CA LYS O 991 -34.54 -101.72 -79.57
C LYS O 991 -33.05 -101.57 -79.85
N LEU O 992 -32.45 -102.67 -80.32
CA LEU O 992 -31.05 -102.75 -80.70
C LEU O 992 -30.89 -102.86 -82.21
N SER O 993 -31.77 -102.25 -82.94
CA SER O 993 -31.64 -102.29 -84.38
C SER O 993 -30.60 -101.26 -84.82
N PRO O 994 -29.94 -101.47 -85.97
CA PRO O 994 -29.09 -100.40 -86.53
C PRO O 994 -29.84 -99.12 -86.82
N VAL O 995 -31.10 -99.22 -87.24
CA VAL O 995 -31.91 -98.04 -87.45
C VAL O 995 -32.21 -97.36 -86.11
N ALA O 996 -32.31 -98.16 -85.04
CA ALA O 996 -32.56 -97.58 -83.72
C ALA O 996 -31.33 -96.85 -83.21
N ILE O 997 -30.14 -97.43 -83.44
CA ILE O 997 -28.89 -96.77 -83.07
C ILE O 997 -28.74 -95.47 -83.84
N ALA O 998 -29.10 -95.50 -85.13
CA ALA O 998 -29.00 -94.31 -85.99
C ALA O 998 -29.87 -93.18 -85.48
N ILE O 999 -31.14 -93.47 -85.20
CA ILE O 999 -32.00 -92.34 -84.83
C ILE O 999 -31.89 -91.97 -83.36
N GLN O 1000 -31.42 -92.86 -82.48
CA GLN O 1000 -31.10 -92.43 -81.13
C GLN O 1000 -29.86 -91.53 -81.11
N SER O 1001 -28.88 -91.84 -81.96
CA SER O 1001 -27.72 -90.96 -82.11
C SER O 1001 -28.11 -89.63 -82.70
N LYS O 1002 -29.11 -89.60 -83.59
CA LYS O 1002 -29.66 -88.33 -84.04
C LYS O 1002 -30.34 -87.59 -82.89
N SER O 1003 -31.07 -88.30 -82.04
CA SER O 1003 -31.83 -87.69 -80.96
C SER O 1003 -31.01 -87.48 -79.70
N LYS O 1004 -29.68 -87.66 -79.76
CA LYS O 1004 -28.74 -87.42 -78.65
C LYS O 1004 -29.07 -88.28 -77.44
N ILE O 1005 -29.53 -89.50 -77.69
CA ILE O 1005 -29.86 -90.44 -76.63
C ILE O 1005 -28.76 -91.49 -76.62
N HIS O 1006 -28.14 -91.65 -75.48
CA HIS O 1006 -27.01 -92.55 -75.35
C HIS O 1006 -27.47 -94.00 -75.37
N PRO O 1007 -27.05 -94.80 -76.34
CA PRO O 1007 -27.43 -96.21 -76.35
C PRO O 1007 -26.60 -96.97 -75.32
N GLY O 1008 -26.93 -98.25 -75.16
CA GLY O 1008 -26.24 -99.07 -74.17
C GLY O 1008 -24.91 -99.63 -74.63
N PHE O 1009 -24.15 -98.84 -75.36
CA PHE O 1009 -22.84 -99.21 -75.81
C PHE O 1009 -21.83 -98.15 -75.41
N ALA O 1010 -20.57 -98.51 -75.50
CA ALA O 1010 -19.48 -97.56 -75.50
C ALA O 1010 -18.41 -98.11 -76.42
N ALA O 1011 -17.27 -97.45 -76.48
CA ALA O 1011 -16.36 -97.73 -77.58
C ALA O 1011 -14.95 -97.31 -77.24
N THR O 1012 -13.98 -98.11 -77.64
CA THR O 1012 -12.57 -97.73 -77.59
C THR O 1012 -12.11 -97.44 -79.01
N LEU O 1013 -12.20 -96.18 -79.42
CA LEU O 1013 -11.62 -95.77 -80.68
C LEU O 1013 -10.10 -95.88 -80.61
N VAL O 1014 -9.50 -96.45 -81.66
CA VAL O 1014 -8.05 -96.52 -81.76
C VAL O 1014 -7.60 -95.78 -83.01
N ARG O 1015 -6.32 -95.40 -83.03
CA ARG O 1015 -5.73 -94.61 -84.10
C ARG O 1015 -4.22 -94.66 -84.06
N THR O 1016 -3.57 -94.89 -85.20
CA THR O 1016 -2.13 -94.71 -85.29
C THR O 1016 -1.80 -93.38 -85.96
N ASP O 1017 -0.66 -92.81 -85.57
CA ASP O 1017 -0.19 -91.54 -86.07
C ASP O 1017 1.28 -91.71 -86.41
N ASN O 1018 1.81 -90.83 -87.28
CA ASN O 1018 3.22 -90.90 -87.61
C ASN O 1018 3.93 -89.59 -87.39
N PHE O 1019 5.23 -89.68 -87.11
CA PHE O 1019 6.01 -88.59 -86.55
C PHE O 1019 7.32 -88.46 -87.30
N ASP O 1020 7.56 -87.32 -87.92
CA ASP O 1020 8.90 -87.01 -88.40
C ASP O 1020 9.81 -86.83 -87.19
N VAL O 1021 10.72 -87.79 -87.01
CA VAL O 1021 11.57 -87.91 -85.84
C VAL O 1021 13.01 -87.94 -86.29
N GLU O 1022 13.81 -87.01 -85.78
CA GLU O 1022 15.26 -87.11 -85.93
C GLU O 1022 15.80 -87.96 -84.80
N CYS O 1023 16.77 -88.81 -85.12
CA CYS O 1023 17.02 -90.00 -84.31
C CYS O 1023 18.47 -90.41 -84.52
N LEU O 1024 19.30 -90.21 -83.50
CA LEU O 1024 20.73 -90.31 -83.67
C LEU O 1024 21.23 -91.73 -83.47
N LEU O 1025 22.44 -91.99 -83.98
CA LEU O 1025 23.05 -93.31 -83.95
C LEU O 1025 24.42 -93.21 -83.31
N TYR O 1026 24.80 -94.28 -82.61
CA TYR O 1026 26.14 -94.47 -82.12
C TYR O 1026 26.65 -95.81 -82.65
N SER O 1027 27.94 -95.86 -82.94
CA SER O 1027 28.55 -97.11 -83.36
C SER O 1027 29.97 -97.18 -82.82
N SER O 1028 30.39 -98.37 -82.43
CA SER O 1028 31.76 -98.54 -81.95
C SER O 1028 32.74 -98.43 -83.10
N ARG O 1029 34.02 -98.26 -82.74
CA ARG O 1029 35.06 -98.01 -83.73
C ARG O 1029 35.30 -99.26 -84.57
N ALA O 1030 35.21 -99.09 -85.89
CA ALA O 1030 35.44 -100.14 -86.89
C ALA O 1030 34.54 -101.35 -86.64
N ALA O 1031 33.25 -101.10 -86.48
CA ALA O 1031 32.32 -102.17 -86.16
C ALA O 1031 32.11 -103.10 -87.35
N THR O 1032 32.07 -102.54 -88.56
CA THR O 1032 31.81 -103.30 -89.77
C THR O 1032 32.73 -102.83 -90.89
N SER O 1033 33.32 -103.77 -91.59
CA SER O 1033 34.22 -103.46 -92.70
C SER O 1033 33.49 -103.51 -94.03
N ILE O 1034 34.02 -102.75 -94.98
CA ILE O 1034 33.52 -102.72 -96.34
C ILE O 1034 34.65 -103.23 -97.22
N ILE O 1035 34.33 -104.11 -98.15
CA ILE O 1035 35.20 -104.42 -99.26
C ILE O 1035 34.59 -103.82 -100.52
N LEU O 1036 35.46 -103.38 -101.43
CA LEU O 1036 35.08 -102.39 -102.42
C LEU O 1036 35.74 -102.65 -103.75
N ASP O 1037 35.00 -102.50 -104.84
CA ASP O 1037 35.58 -102.73 -106.16
C ASP O 1037 35.66 -101.46 -107.00
N ASP O 1038 36.45 -101.57 -108.06
CA ASP O 1038 36.49 -100.57 -109.10
C ASP O 1038 35.12 -100.49 -109.77
N PRO O 1039 34.57 -99.31 -109.98
CA PRO O 1039 33.30 -99.19 -110.72
C PRO O 1039 33.41 -99.65 -112.16
N THR O 1040 32.47 -100.50 -112.56
CA THR O 1040 32.42 -101.04 -113.91
C THR O 1040 31.44 -100.21 -114.74
N VAL O 1041 31.76 -100.05 -116.02
CA VAL O 1041 31.06 -99.12 -116.90
C VAL O 1041 30.33 -99.93 -117.95
N THR O 1042 29.01 -99.76 -118.02
CA THR O 1042 28.24 -100.32 -119.11
C THR O 1042 27.46 -99.22 -119.80
N ALA O 1043 27.03 -99.49 -121.03
CA ALA O 1043 26.42 -98.49 -121.87
C ALA O 1043 25.21 -99.08 -122.58
N GLU O 1044 24.23 -98.23 -122.86
CA GLU O 1044 23.08 -98.60 -123.68
C GLU O 1044 22.91 -97.53 -124.75
N ALA O 1045 23.41 -97.79 -125.95
CA ALA O 1045 23.35 -96.83 -127.04
C ALA O 1045 21.93 -96.84 -127.62
N LYS O 1046 21.07 -96.05 -127.00
CA LYS O 1046 19.72 -95.87 -127.51
C LYS O 1046 19.75 -94.98 -128.74
N ASP O 1047 18.58 -94.85 -129.37
CA ASP O 1047 18.52 -94.17 -130.67
C ASP O 1047 18.66 -92.66 -130.58
N ILE O 1048 18.47 -92.07 -129.41
CA ILE O 1048 18.55 -90.62 -129.30
C ILE O 1048 19.55 -90.21 -128.22
N VAL O 1049 19.78 -91.08 -127.24
CA VAL O 1049 20.72 -90.81 -126.15
C VAL O 1049 21.59 -92.04 -125.96
N THR O 1050 22.63 -91.89 -125.15
CA THR O 1050 23.44 -93.02 -124.70
C THR O 1050 23.54 -92.94 -123.19
N THR O 1051 22.91 -93.89 -122.50
CA THR O 1051 22.89 -93.91 -121.05
C THR O 1051 24.04 -94.76 -120.54
N TYR O 1052 25.04 -94.11 -119.96
CA TYR O 1052 26.12 -94.82 -119.31
C TYR O 1052 25.73 -95.13 -117.88
N ASN O 1053 26.01 -96.35 -117.45
CA ASN O 1053 25.62 -96.83 -116.13
C ASN O 1053 26.87 -97.35 -115.42
N PHE O 1054 27.06 -96.92 -114.18
CA PHE O 1054 28.17 -97.34 -113.35
C PHE O 1054 27.64 -98.24 -112.25
N THR O 1055 28.08 -99.48 -112.22
CA THR O 1055 27.79 -100.35 -111.09
C THR O 1055 29.00 -100.43 -110.19
N GLN O 1056 28.76 -100.72 -108.91
CA GLN O 1056 29.82 -100.84 -107.93
C GLN O 1056 29.32 -101.73 -106.81
N HIS O 1057 30.03 -102.81 -106.54
CA HIS O 1057 29.56 -103.80 -105.60
C HIS O 1057 30.17 -103.54 -104.23
N LEU O 1058 29.34 -103.57 -103.20
CA LEU O 1058 29.78 -103.47 -101.82
C LEU O 1058 29.55 -104.81 -101.15
N SER O 1059 30.26 -105.03 -100.05
CA SER O 1059 29.91 -106.14 -99.17
C SER O 1059 30.29 -105.76 -97.76
N PHE O 1060 29.30 -105.76 -96.89
CA PHE O 1060 29.47 -105.42 -95.48
C PHE O 1060 29.59 -106.71 -94.70
N VAL O 1061 30.76 -106.93 -94.10
CA VAL O 1061 30.88 -107.97 -93.09
C VAL O 1061 30.44 -107.34 -91.78
N ASP O 1062 30.16 -108.15 -90.78
CA ASP O 1062 29.78 -107.66 -89.46
C ASP O 1062 30.68 -108.35 -88.46
N MET O 1063 31.42 -107.57 -87.67
CA MET O 1063 32.50 -108.11 -86.87
C MET O 1063 32.23 -108.16 -85.38
N GLY O 1064 31.26 -107.41 -84.87
CA GLY O 1064 30.88 -107.51 -83.48
C GLY O 1064 29.86 -108.60 -83.32
N LEU O 1065 30.08 -109.49 -82.34
CA LEU O 1065 29.07 -110.49 -82.02
C LEU O 1065 27.85 -109.83 -81.41
N GLY O 1066 28.05 -109.02 -80.38
CA GLY O 1066 26.97 -108.24 -79.82
C GLY O 1066 26.61 -107.08 -80.72
N PHE O 1067 25.60 -106.33 -80.30
CA PHE O 1067 25.13 -105.20 -81.09
C PHE O 1067 26.11 -104.06 -80.91
N SER O 1068 27.02 -103.91 -81.86
CA SER O 1068 28.09 -102.91 -81.81
C SER O 1068 27.65 -101.54 -82.29
N SER O 1069 26.35 -101.33 -82.45
CA SER O 1069 25.82 -100.08 -82.95
C SER O 1069 24.41 -99.92 -82.41
N THR O 1070 24.12 -98.76 -81.84
CA THR O 1070 22.82 -98.50 -81.27
C THR O 1070 22.22 -97.23 -81.86
N THR O 1071 20.96 -97.00 -81.54
CA THR O 1071 20.20 -95.90 -82.13
C THR O 1071 19.14 -95.49 -81.13
N ALA O 1072 18.99 -94.20 -80.90
CA ALA O 1072 17.98 -93.75 -79.98
C ALA O 1072 17.31 -92.49 -80.50
N THR O 1073 16.06 -92.30 -80.08
CA THR O 1073 15.25 -91.18 -80.54
C THR O 1073 15.65 -89.90 -79.83
N ALA O 1074 15.91 -88.85 -80.61
CA ALA O 1074 16.41 -87.60 -80.06
C ALA O 1074 15.35 -86.52 -79.96
N ASN O 1075 14.55 -86.32 -81.00
CA ASN O 1075 13.76 -85.11 -81.14
C ASN O 1075 12.72 -85.34 -82.23
N LEU O 1076 11.51 -84.84 -82.02
CA LEU O 1076 10.58 -84.68 -83.12
C LEU O 1076 11.09 -83.63 -84.09
N LYS O 1077 10.97 -83.91 -85.38
CA LYS O 1077 10.84 -82.81 -86.31
C LYS O 1077 9.42 -82.27 -86.26
N ARG O 1078 8.46 -83.12 -86.63
CA ARG O 1078 7.07 -82.72 -86.81
C ARG O 1078 6.17 -83.90 -86.56
N ILE O 1079 4.88 -83.62 -86.43
CA ILE O 1079 3.85 -84.65 -86.47
C ILE O 1079 3.25 -84.61 -87.86
N LYS O 1080 3.03 -85.76 -88.48
CA LYS O 1080 2.49 -85.73 -89.82
C LYS O 1080 1.02 -86.07 -89.87
N SER O 1081 0.53 -86.84 -88.90
CA SER O 1081 -0.89 -87.15 -88.84
C SER O 1081 -1.68 -85.93 -88.38
N ASP O 1082 -2.99 -86.01 -88.58
CA ASP O 1082 -3.88 -84.96 -88.11
C ASP O 1082 -3.97 -84.94 -86.60
N MET O 1083 -3.89 -86.12 -85.99
CA MET O 1083 -4.52 -86.40 -84.70
C MET O 1083 -5.95 -85.87 -84.70
N GLY O 1084 -6.68 -86.22 -85.77
CA GLY O 1084 -8.01 -85.71 -86.01
C GLY O 1084 -9.07 -86.68 -85.52
N SER O 1085 -10.19 -86.71 -86.25
CA SER O 1085 -11.30 -87.56 -85.82
C SER O 1085 -12.01 -88.30 -86.94
N LYS O 1086 -11.53 -88.25 -88.18
CA LYS O 1086 -12.24 -88.85 -89.30
C LYS O 1086 -12.19 -90.37 -89.16
N ILE O 1087 -13.27 -90.94 -88.64
CA ILE O 1087 -13.31 -92.35 -88.24
C ILE O 1087 -13.37 -93.25 -89.47
N GLN O 1088 -13.20 -94.55 -89.24
CA GLN O 1088 -13.09 -95.49 -90.35
C GLN O 1088 -14.45 -95.74 -90.96
N ASN O 1089 -14.52 -95.61 -92.28
CA ASN O 1089 -15.74 -95.80 -93.05
C ASN O 1089 -15.81 -97.28 -93.39
N LEU O 1090 -16.52 -98.05 -92.56
CA LEU O 1090 -16.58 -99.48 -92.78
C LEU O 1090 -17.39 -99.88 -94.00
N PHE O 1091 -18.30 -99.03 -94.47
CA PHE O 1091 -18.99 -99.33 -95.72
C PHE O 1091 -18.05 -99.25 -96.91
N SER O 1092 -17.09 -98.33 -96.88
CA SER O 1092 -16.05 -98.32 -97.89
C SER O 1092 -14.97 -99.35 -97.62
N ALA O 1093 -14.85 -99.80 -96.37
CA ALA O 1093 -13.87 -100.83 -96.07
C ALA O 1093 -14.31 -102.19 -96.60
N PHE O 1094 -15.53 -102.61 -96.26
CA PHE O 1094 -16.14 -103.80 -96.81
C PHE O 1094 -17.18 -103.38 -97.84
N PRO O 1095 -16.87 -103.40 -99.14
CA PRO O 1095 -17.82 -102.88 -100.13
C PRO O 1095 -18.85 -103.88 -100.63
N ILE O 1096 -18.77 -105.13 -100.21
CA ILE O 1096 -19.56 -106.18 -100.86
C ILE O 1096 -20.80 -106.49 -100.03
N HIS O 1097 -20.75 -106.22 -98.73
CA HIS O 1097 -21.84 -106.63 -97.86
C HIS O 1097 -23.00 -105.65 -97.95
N ALA O 1098 -24.20 -106.16 -97.69
CA ALA O 1098 -25.41 -105.36 -97.77
C ALA O 1098 -26.49 -106.01 -96.93
N PHE O 1099 -27.52 -105.23 -96.62
CA PHE O 1099 -28.69 -105.78 -95.95
C PHE O 1099 -29.55 -106.52 -96.96
N THR O 1100 -30.64 -107.11 -96.48
CA THR O 1100 -31.52 -107.84 -97.38
C THR O 1100 -32.38 -106.88 -98.21
N ASN O 1101 -33.22 -106.09 -97.56
CA ASN O 1101 -34.15 -105.21 -98.27
C ASN O 1101 -33.44 -103.99 -98.83
N THR O 1102 -33.74 -103.67 -100.08
CA THR O 1102 -33.14 -102.51 -100.73
C THR O 1102 -33.61 -101.21 -100.09
N ASP O 1103 -34.81 -101.21 -99.49
CA ASP O 1103 -35.27 -100.05 -98.72
C ASP O 1103 -34.37 -99.79 -97.51
N ILE O 1104 -34.07 -100.84 -96.75
CA ILE O 1104 -33.20 -100.70 -95.58
C ILE O 1104 -31.79 -100.34 -95.99
N ASN O 1105 -31.28 -100.98 -97.05
CA ASN O 1105 -29.92 -100.71 -97.50
C ASN O 1105 -29.78 -99.27 -97.98
N THR O 1106 -30.77 -98.79 -98.74
CA THR O 1106 -30.76 -97.43 -99.24
C THR O 1106 -30.89 -96.43 -98.09
N TRP O 1107 -31.71 -96.74 -97.09
CA TRP O 1107 -31.87 -95.78 -96.01
C TRP O 1107 -30.66 -95.75 -95.08
N ILE O 1108 -29.99 -96.90 -94.90
CA ILE O 1108 -28.78 -96.90 -94.08
C ILE O 1108 -27.65 -96.15 -94.78
N ARG O 1109 -27.49 -96.34 -96.10
CA ARG O 1109 -26.51 -95.54 -96.84
C ARG O 1109 -26.84 -94.06 -96.79
N HIS O 1110 -28.13 -93.73 -96.92
CA HIS O 1110 -28.62 -92.36 -96.81
C HIS O 1110 -28.27 -91.74 -95.47
N HIS O 1111 -28.46 -92.47 -94.38
CA HIS O 1111 -28.30 -91.84 -93.07
C HIS O 1111 -26.84 -91.79 -92.64
N VAL O 1112 -26.04 -92.81 -92.97
CA VAL O 1112 -24.61 -92.71 -92.66
C VAL O 1112 -23.89 -91.82 -93.65
N GLY O 1113 -24.56 -91.38 -94.72
CA GLY O 1113 -24.02 -90.32 -95.54
C GLY O 1113 -22.93 -90.75 -96.48
N ILE O 1114 -22.97 -92.00 -96.92
CA ILE O 1114 -22.04 -92.52 -97.91
C ILE O 1114 -22.73 -92.49 -99.26
N GLU O 1115 -22.09 -91.86 -100.24
CA GLU O 1115 -22.72 -91.61 -101.51
C GLU O 1115 -22.87 -92.89 -102.32
N LYS O 1116 -23.91 -92.94 -103.13
CA LYS O 1116 -23.97 -93.93 -104.19
C LYS O 1116 -22.83 -93.66 -105.18
N PRO O 1117 -22.16 -94.70 -105.69
CA PRO O 1117 -20.83 -94.49 -106.30
C PRO O 1117 -20.85 -93.71 -107.61
N ASN O 1118 -21.81 -93.97 -108.49
CA ASN O 1118 -21.89 -93.24 -109.75
C ASN O 1118 -23.31 -93.34 -110.28
N PRO O 1119 -23.97 -92.21 -110.57
CA PRO O 1119 -25.26 -92.28 -111.28
C PRO O 1119 -25.16 -92.75 -112.73
N SER O 1120 -23.97 -92.71 -113.34
CA SER O 1120 -23.74 -93.17 -114.71
C SER O 1120 -22.61 -94.17 -114.70
N GLU O 1121 -22.92 -95.44 -114.97
CA GLU O 1121 -22.03 -96.55 -114.71
C GLU O 1121 -21.13 -96.89 -115.91
N GLY O 1122 -19.85 -97.12 -115.62
CA GLY O 1122 -18.90 -97.69 -116.55
C GLY O 1122 -18.04 -98.74 -115.86
N GLU O 1123 -16.79 -98.91 -116.29
CA GLU O 1123 -15.87 -99.79 -115.59
C GLU O 1123 -15.10 -99.09 -114.48
N ALA O 1124 -15.34 -97.78 -114.31
CA ALA O 1124 -14.85 -97.09 -113.12
C ALA O 1124 -15.44 -97.68 -111.84
N LEU O 1125 -16.69 -98.16 -111.90
CA LEU O 1125 -17.28 -98.87 -110.78
C LEU O 1125 -16.59 -100.22 -110.54
N ASN O 1126 -16.08 -100.86 -111.60
CA ASN O 1126 -15.32 -102.09 -111.42
C ASN O 1126 -13.99 -101.80 -110.73
N ILE O 1127 -13.37 -100.66 -111.07
CA ILE O 1127 -12.18 -100.19 -110.34
C ILE O 1127 -12.53 -99.91 -108.87
N ILE O 1128 -13.72 -99.34 -108.62
CA ILE O 1128 -14.20 -99.06 -107.27
C ILE O 1128 -14.34 -100.35 -106.45
N THR O 1129 -14.97 -101.37 -107.04
CA THR O 1129 -15.22 -102.61 -106.30
C THR O 1129 -13.95 -103.43 -106.13
N PHE O 1130 -13.05 -103.43 -107.12
CA PHE O 1130 -11.79 -104.16 -106.95
C PHE O 1130 -10.84 -103.45 -106.00
N GLY O 1131 -11.00 -102.13 -105.82
CA GLY O 1131 -10.16 -101.43 -104.87
C GLY O 1131 -9.31 -100.34 -105.47
N GLY O 1132 -9.67 -99.09 -105.16
CA GLY O 1132 -8.95 -97.93 -105.64
C GLY O 1132 -9.36 -96.73 -104.81
N ILE O 1133 -8.88 -95.56 -105.24
CA ILE O 1133 -9.19 -94.30 -104.56
C ILE O 1133 -10.61 -93.92 -104.95
N ASN O 1134 -11.57 -94.24 -104.08
CA ASN O 1134 -12.97 -93.95 -104.38
C ASN O 1134 -13.34 -92.52 -103.99
N LYS O 1135 -13.06 -92.16 -102.75
CA LYS O 1135 -13.28 -90.79 -102.29
C LYS O 1135 -12.25 -89.88 -102.97
N ASN O 1136 -12.74 -88.82 -103.62
CA ASN O 1136 -11.95 -87.68 -104.02
C ASN O 1136 -11.15 -87.19 -102.81
N PRO O 1137 -9.82 -87.09 -102.90
CA PRO O 1137 -9.02 -86.47 -101.84
C PRO O 1137 -9.56 -85.09 -101.46
N PRO O 1138 -9.78 -84.86 -100.16
CA PRO O 1138 -10.36 -83.60 -99.69
C PRO O 1138 -9.56 -82.39 -100.13
N SER O 1139 -10.26 -81.50 -100.83
CA SER O 1139 -9.61 -80.47 -101.63
C SER O 1139 -8.91 -79.42 -100.80
N ILE O 1140 -9.24 -79.29 -99.51
CA ILE O 1140 -8.44 -78.53 -98.57
C ILE O 1140 -7.92 -79.49 -97.51
N LEU O 1141 -6.69 -79.27 -97.06
CA LEU O 1141 -6.05 -80.17 -96.12
C LEU O 1141 -5.02 -79.38 -95.33
N LEU O 1142 -5.04 -79.52 -94.00
CA LEU O 1142 -4.07 -78.84 -93.17
C LEU O 1142 -3.08 -79.77 -92.50
N HIS O 1143 -3.56 -80.78 -91.79
CA HIS O 1143 -2.71 -81.49 -90.85
C HIS O 1143 -2.33 -82.88 -91.31
N GLY O 1144 -2.49 -83.17 -92.59
CA GLY O 1144 -2.00 -84.44 -93.09
C GLY O 1144 -3.00 -85.57 -93.02
N GLN O 1145 -2.54 -86.74 -92.64
CA GLN O 1145 -3.32 -87.97 -92.70
C GLN O 1145 -4.09 -88.20 -91.41
N GLN O 1146 -5.17 -88.98 -91.52
CA GLN O 1146 -5.96 -89.38 -90.36
C GLN O 1146 -6.78 -90.61 -90.72
N ALA O 1147 -6.95 -91.52 -89.74
CA ALA O 1147 -7.82 -92.71 -89.86
C ALA O 1147 -8.06 -93.31 -88.48
N ILE O 1148 -9.32 -93.49 -88.08
CA ILE O 1148 -9.66 -93.89 -86.72
C ILE O 1148 -10.54 -95.12 -86.78
N CYS O 1149 -10.07 -96.21 -86.19
CA CYS O 1149 -10.79 -97.48 -86.19
C CYS O 1149 -11.78 -97.51 -85.03
N GLU O 1150 -12.33 -98.68 -84.73
CA GLU O 1150 -13.56 -98.72 -83.95
C GLU O 1150 -13.78 -100.07 -83.28
N VAL O 1151 -13.90 -100.10 -81.95
CA VAL O 1151 -14.26 -101.29 -81.20
C VAL O 1151 -15.54 -100.98 -80.42
N ILE O 1152 -16.46 -101.95 -80.33
CA ILE O 1152 -17.72 -101.77 -79.63
C ILE O 1152 -17.57 -102.37 -78.23
N LEU O 1153 -18.16 -101.73 -77.22
CA LEU O 1153 -17.86 -102.05 -75.82
C LEU O 1153 -19.05 -101.71 -74.91
N THR O 1154 -19.10 -102.41 -73.75
CA THR O 1154 -19.80 -102.10 -72.51
C THR O 1154 -19.71 -100.63 -72.09
N PRO O 1155 -20.73 -100.09 -71.45
CA PRO O 1155 -20.55 -98.89 -70.63
C PRO O 1155 -20.08 -99.19 -69.20
N VAL O 1156 -19.59 -100.38 -68.92
CA VAL O 1156 -19.36 -100.82 -67.56
C VAL O 1156 -17.86 -100.83 -67.27
N THR O 1157 -17.05 -101.02 -68.32
CA THR O 1157 -15.61 -101.21 -68.23
C THR O 1157 -14.92 -100.07 -67.50
N THR O 1158 -14.22 -100.42 -66.42
CA THR O 1158 -13.70 -99.44 -65.48
C THR O 1158 -12.61 -98.61 -66.12
N ASN O 1159 -12.72 -97.28 -66.00
CA ASN O 1159 -11.73 -96.39 -66.58
C ASN O 1159 -10.38 -96.53 -65.88
N ILE O 1160 -10.37 -96.29 -64.58
CA ILE O 1160 -9.14 -96.12 -63.81
C ILE O 1160 -8.35 -97.43 -63.74
N ASN O 1161 -9.01 -98.56 -63.92
CA ASN O 1161 -8.24 -99.80 -64.10
C ASN O 1161 -7.68 -99.92 -65.52
N PHE O 1162 -8.36 -99.34 -66.52
CA PHE O 1162 -8.07 -99.69 -67.91
C PHE O 1162 -7.57 -98.52 -68.75
N PHE O 1163 -8.32 -97.41 -68.82
CA PHE O 1163 -8.05 -96.44 -69.88
C PHE O 1163 -6.94 -95.47 -69.56
N LYS O 1164 -6.56 -95.34 -68.30
CA LYS O 1164 -5.63 -94.29 -67.89
C LYS O 1164 -4.18 -94.71 -68.00
N LEU O 1165 -3.90 -95.81 -68.68
CA LEU O 1165 -2.61 -96.47 -68.71
C LEU O 1165 -2.34 -96.97 -70.11
N PRO O 1166 -1.08 -97.21 -70.47
CA PRO O 1166 -0.80 -97.96 -71.70
C PRO O 1166 -1.29 -99.39 -71.58
N HIS O 1167 -2.16 -99.79 -72.50
CA HIS O 1167 -2.80 -101.09 -72.38
C HIS O 1167 -3.21 -101.56 -73.77
N ASN O 1168 -3.32 -102.86 -73.93
CA ASN O 1168 -3.85 -103.43 -75.15
C ASN O 1168 -5.35 -103.18 -75.21
N PRO O 1169 -5.88 -102.60 -76.29
CA PRO O 1169 -7.34 -102.41 -76.40
C PRO O 1169 -8.10 -103.65 -76.82
N ARG O 1170 -7.51 -104.83 -76.75
CA ARG O 1170 -8.28 -106.07 -76.81
C ARG O 1170 -9.06 -106.28 -75.54
N GLY O 1171 -8.71 -105.56 -74.47
CA GLY O 1171 -9.31 -105.75 -73.18
C GLY O 1171 -8.46 -106.68 -72.35
N ARG O 1172 -8.18 -107.86 -72.89
CA ARG O 1172 -7.23 -108.78 -72.30
C ARG O 1172 -5.89 -108.52 -72.94
N GLU O 1173 -4.85 -108.48 -72.12
CA GLU O 1173 -3.53 -108.14 -72.61
C GLU O 1173 -2.92 -109.33 -73.34
N SER O 1174 -2.22 -109.04 -74.43
CA SER O 1174 -1.71 -110.04 -75.36
C SER O 1174 -0.25 -109.75 -75.72
N CYS O 1175 0.59 -109.60 -74.70
CA CYS O 1175 2.02 -109.38 -74.90
C CYS O 1175 2.76 -110.69 -74.80
N MET O 1176 3.56 -111.01 -75.82
CA MET O 1176 4.20 -112.33 -75.92
C MET O 1176 5.49 -112.44 -75.14
N MET O 1177 5.91 -111.39 -74.45
CA MET O 1177 7.12 -111.46 -73.65
C MET O 1177 6.88 -112.03 -72.26
N GLY O 1178 5.73 -112.65 -72.03
CA GLY O 1178 5.44 -113.31 -70.78
C GLY O 1178 4.89 -114.69 -71.02
N THR O 1179 4.91 -115.10 -72.27
CA THR O 1179 4.45 -116.41 -72.67
C THR O 1179 5.67 -117.31 -72.90
N ASP O 1180 5.50 -118.59 -72.62
CA ASP O 1180 6.46 -119.63 -72.96
C ASP O 1180 6.80 -119.55 -74.44
N PRO O 1181 8.07 -119.38 -74.80
CA PRO O 1181 8.44 -119.45 -76.22
C PRO O 1181 8.33 -120.86 -76.75
N HIS O 1182 7.94 -120.95 -78.03
CA HIS O 1182 7.74 -122.18 -78.78
C HIS O 1182 6.72 -123.11 -78.10
N ASN O 1183 5.68 -122.51 -77.52
CA ASN O 1183 4.57 -123.28 -76.95
C ASN O 1183 3.29 -122.61 -77.41
N GLU O 1184 2.81 -123.01 -78.58
CA GLU O 1184 1.67 -122.33 -79.18
C GLU O 1184 0.35 -122.68 -78.49
N GLU O 1185 0.27 -123.84 -77.83
CA GLU O 1185 -0.93 -124.19 -77.09
C GLU O 1185 -1.12 -123.29 -75.89
N ALA O 1186 -0.08 -123.15 -75.06
CA ALA O 1186 -0.14 -122.20 -73.95
C ALA O 1186 -0.23 -120.76 -74.44
N ALA O 1187 0.29 -120.48 -75.64
CA ALA O 1187 0.14 -119.16 -76.21
C ALA O 1187 -1.32 -118.85 -76.55
N ARG O 1188 -2.02 -119.79 -77.16
CA ARG O 1188 -3.43 -119.57 -77.45
C ARG O 1188 -4.27 -119.59 -76.18
N LYS O 1189 -3.81 -120.30 -75.15
CA LYS O 1189 -4.45 -120.19 -73.84
C LYS O 1189 -4.26 -118.79 -73.25
N ALA O 1190 -3.12 -118.16 -73.50
CA ALA O 1190 -2.94 -116.78 -73.06
C ALA O 1190 -3.82 -115.82 -73.85
N LEU O 1191 -4.01 -116.11 -75.13
CA LEU O 1191 -4.84 -115.25 -75.98
C LEU O 1191 -6.33 -115.42 -75.70
N TYR O 1192 -6.78 -116.60 -75.29
CA TYR O 1192 -8.21 -116.82 -75.25
C TYR O 1192 -8.74 -117.54 -74.02
N ASP O 1193 -7.93 -117.83 -73.01
CA ASP O 1193 -8.40 -118.62 -71.89
C ASP O 1193 -8.97 -117.67 -70.86
N HIS O 1194 -10.16 -118.01 -70.37
CA HIS O 1194 -10.82 -117.21 -69.36
C HIS O 1194 -10.99 -117.96 -68.05
N THR O 1195 -10.59 -119.23 -67.99
CA THR O 1195 -10.37 -119.88 -66.71
C THR O 1195 -9.18 -119.25 -66.01
N GLN O 1196 -8.11 -118.97 -66.75
CA GLN O 1196 -6.94 -118.30 -66.22
C GLN O 1196 -7.14 -116.79 -66.31
N THR O 1197 -7.03 -116.12 -65.18
CA THR O 1197 -7.19 -114.68 -65.16
C THR O 1197 -6.00 -113.99 -65.80
N ASP O 1198 -6.22 -112.76 -66.24
CA ASP O 1198 -5.14 -111.94 -66.70
C ASP O 1198 -4.31 -111.48 -65.51
N SER O 1199 -3.09 -111.05 -65.78
CA SER O 1199 -2.34 -110.34 -64.77
C SER O 1199 -2.93 -108.95 -64.55
N ASP O 1200 -2.53 -108.33 -63.44
CA ASP O 1200 -2.79 -106.95 -63.03
C ASP O 1200 -4.24 -106.68 -62.60
N THR O 1201 -5.15 -107.66 -62.65
CA THR O 1201 -6.49 -107.50 -62.12
C THR O 1201 -7.01 -108.89 -61.76
N PHE O 1202 -8.03 -108.96 -60.90
CA PHE O 1202 -8.82 -110.18 -60.76
C PHE O 1202 -9.88 -110.27 -61.84
N ALA O 1203 -9.50 -110.07 -63.09
CA ALA O 1203 -10.46 -110.02 -64.18
C ALA O 1203 -9.76 -110.51 -65.41
N ALA O 1204 -10.27 -111.59 -66.00
CA ALA O 1204 -9.62 -112.16 -67.17
C ALA O 1204 -9.78 -111.29 -68.40
N THR O 1205 -10.60 -110.25 -68.35
CA THR O 1205 -11.01 -109.47 -69.49
C THR O 1205 -11.68 -108.18 -69.03
N THR O 1206 -11.32 -107.04 -69.62
CA THR O 1206 -12.14 -105.85 -69.47
C THR O 1206 -13.06 -105.61 -70.66
N ASN O 1207 -12.70 -106.08 -71.86
CA ASN O 1207 -13.50 -105.87 -73.06
C ASN O 1207 -13.83 -107.23 -73.68
N PRO O 1208 -14.96 -107.84 -73.31
CA PRO O 1208 -15.26 -109.19 -73.81
C PRO O 1208 -15.50 -109.28 -75.30
N TRP O 1209 -16.06 -108.25 -75.92
CA TRP O 1209 -16.36 -108.29 -77.33
C TRP O 1209 -15.18 -107.97 -78.22
N ALA O 1210 -14.01 -107.83 -77.63
CA ALA O 1210 -12.76 -107.89 -78.36
C ALA O 1210 -11.88 -109.03 -77.88
N SER O 1211 -12.02 -109.45 -76.62
CA SER O 1211 -11.15 -110.49 -76.09
C SER O 1211 -11.58 -111.88 -76.51
N LEU O 1212 -12.88 -112.12 -76.61
CA LEU O 1212 -13.39 -113.46 -76.78
C LEU O 1212 -13.17 -113.99 -78.20
N PRO O 1213 -13.00 -115.30 -78.35
CA PRO O 1213 -12.88 -115.86 -79.70
C PRO O 1213 -14.23 -115.84 -80.41
N GLY O 1214 -14.22 -115.35 -81.65
CA GLY O 1214 -15.49 -115.18 -82.31
C GLY O 1214 -16.29 -114.01 -81.83
N SER O 1215 -15.67 -113.06 -81.14
CA SER O 1215 -16.34 -111.82 -80.80
C SER O 1215 -16.33 -110.90 -82.02
N LEU O 1216 -16.89 -109.70 -81.87
CA LEU O 1216 -16.95 -108.80 -83.02
C LEU O 1216 -15.56 -108.30 -83.41
N GLY O 1217 -14.68 -108.10 -82.43
CA GLY O 1217 -13.30 -107.74 -82.76
C GLY O 1217 -12.58 -108.82 -83.51
N ASP O 1218 -12.80 -110.08 -83.12
CA ASP O 1218 -12.18 -111.20 -83.82
C ASP O 1218 -12.75 -111.35 -85.22
N ILE O 1219 -14.08 -111.34 -85.36
CA ILE O 1219 -14.68 -111.54 -86.68
C ILE O 1219 -14.61 -110.29 -87.54
N LEU O 1220 -14.12 -109.19 -87.01
CA LEU O 1220 -14.11 -107.94 -87.73
C LEU O 1220 -12.72 -107.44 -88.10
N TYR O 1221 -11.70 -107.76 -87.31
CA TYR O 1221 -10.39 -107.16 -87.50
C TYR O 1221 -9.28 -108.15 -87.70
N ASN O 1222 -9.47 -109.42 -87.37
CA ASN O 1222 -8.46 -110.43 -87.66
C ASN O 1222 -8.42 -110.67 -89.16
N THR O 1223 -7.20 -110.70 -89.72
CA THR O 1223 -7.09 -110.89 -91.17
C THR O 1223 -7.46 -112.30 -91.60
N ALA O 1224 -7.50 -113.26 -90.68
CA ALA O 1224 -7.95 -114.62 -91.02
C ALA O 1224 -9.41 -114.64 -91.44
N HIS O 1225 -10.21 -113.67 -90.97
CA HIS O 1225 -11.57 -113.51 -91.45
C HIS O 1225 -11.71 -112.35 -92.42
N ARG O 1226 -10.81 -111.37 -92.34
CA ARG O 1226 -10.83 -110.27 -93.29
C ARG O 1226 -10.56 -110.75 -94.70
N GLU O 1227 -9.66 -111.73 -94.86
CA GLU O 1227 -9.46 -112.29 -96.20
C GLU O 1227 -10.61 -113.18 -96.64
N GLN O 1228 -11.45 -113.63 -95.72
CA GLN O 1228 -12.65 -114.36 -96.11
C GLN O 1228 -13.73 -113.42 -96.62
N LEU O 1229 -13.94 -112.30 -95.93
CA LEU O 1229 -14.99 -111.36 -96.30
C LEU O 1229 -14.33 -110.13 -96.92
N CYS O 1230 -14.47 -109.99 -98.25
CA CYS O 1230 -13.59 -109.17 -99.07
C CYS O 1230 -13.70 -107.69 -98.72
N TYR O 1231 -12.70 -106.93 -99.18
CA TYR O 1231 -12.39 -105.63 -98.61
C TYR O 1231 -11.40 -104.93 -99.51
N ASN O 1232 -11.33 -103.62 -99.37
CA ASN O 1232 -10.27 -102.87 -100.02
C ASN O 1232 -8.96 -103.15 -99.29
N PRO O 1233 -7.98 -103.77 -99.93
CA PRO O 1233 -6.68 -103.97 -99.26
C PRO O 1233 -5.92 -102.68 -99.03
N LYS O 1234 -6.30 -101.59 -99.70
CA LYS O 1234 -5.71 -100.30 -99.39
C LYS O 1234 -6.15 -99.79 -98.03
N THR O 1235 -7.33 -100.19 -97.56
CA THR O 1235 -7.89 -99.66 -96.32
C THR O 1235 -7.09 -100.20 -95.13
N TYR O 1236 -6.36 -99.30 -94.48
CA TYR O 1236 -5.57 -99.67 -93.31
C TYR O 1236 -6.44 -99.63 -92.07
N SER O 1237 -6.25 -100.62 -91.21
CA SER O 1237 -6.88 -100.63 -89.91
C SER O 1237 -5.81 -100.65 -88.84
N PRO O 1238 -5.77 -99.68 -87.92
CA PRO O 1238 -4.80 -99.72 -86.83
C PRO O 1238 -5.11 -100.73 -85.74
N ASN O 1239 -6.16 -101.52 -85.89
CA ASN O 1239 -6.46 -102.57 -84.94
C ASN O 1239 -6.15 -103.95 -85.48
N ALA O 1240 -5.83 -104.04 -86.78
CA ALA O 1240 -5.31 -105.28 -87.33
C ALA O 1240 -4.00 -105.66 -86.66
N GLN O 1241 -3.19 -104.68 -86.31
CA GLN O 1241 -1.91 -104.97 -85.67
C GLN O 1241 -2.07 -105.51 -84.26
N PHE O 1242 -3.25 -105.38 -83.67
CA PHE O 1242 -3.54 -105.90 -82.33
C PHE O 1242 -4.35 -107.18 -82.37
N PHE O 1243 -5.13 -107.42 -83.43
CA PHE O 1243 -5.99 -108.60 -83.45
C PHE O 1243 -5.53 -109.70 -84.40
N THR O 1244 -4.58 -109.45 -85.29
CA THR O 1244 -4.03 -110.53 -86.11
C THR O 1244 -3.16 -111.42 -85.25
N GLU O 1245 -3.58 -112.68 -85.10
CA GLU O 1245 -2.96 -113.60 -84.17
C GLU O 1245 -2.06 -114.62 -84.83
N SER O 1246 -2.25 -114.87 -86.13
CA SER O 1246 -1.18 -115.50 -86.90
C SER O 1246 0.06 -114.61 -86.98
N ASP O 1247 -0.10 -113.30 -86.81
CA ASP O 1247 1.00 -112.37 -86.70
C ASP O 1247 1.40 -112.07 -85.27
N ILE O 1248 0.94 -112.87 -84.31
CA ILE O 1248 1.46 -112.79 -82.95
C ILE O 1248 1.96 -114.13 -82.42
N LEU O 1249 1.48 -115.26 -82.95
CA LEU O 1249 2.12 -116.52 -82.63
C LEU O 1249 3.49 -116.64 -83.29
N LYS O 1250 3.74 -115.86 -84.35
CA LYS O 1250 5.10 -115.73 -84.85
C LYS O 1250 5.96 -114.90 -83.91
N THR O 1251 5.37 -113.99 -83.13
CA THR O 1251 6.14 -113.24 -82.14
C THR O 1251 6.48 -114.13 -80.95
N ASN O 1252 5.70 -115.16 -80.71
CA ASN O 1252 6.08 -116.16 -79.70
C ASN O 1252 7.28 -116.97 -80.17
N LYS O 1253 8.47 -116.41 -79.96
CA LYS O 1253 9.75 -117.05 -80.30
C LYS O 1253 10.78 -116.65 -79.25
N MET O 1254 12.05 -116.94 -79.55
CA MET O 1254 13.14 -116.51 -78.70
C MET O 1254 13.32 -115.00 -78.79
N MET O 1255 13.87 -114.42 -77.72
CA MET O 1255 13.82 -112.97 -77.53
C MET O 1255 14.73 -112.24 -78.51
N TYR O 1256 15.91 -112.80 -78.77
CA TYR O 1256 16.81 -112.20 -79.76
C TYR O 1256 16.22 -112.28 -81.16
N LYS O 1257 15.50 -113.35 -81.46
CA LYS O 1257 14.82 -113.43 -82.75
C LYS O 1257 13.68 -112.43 -82.84
N VAL O 1258 13.00 -112.16 -81.72
CA VAL O 1258 11.94 -111.16 -81.72
C VAL O 1258 12.50 -109.77 -82.00
N ILE O 1259 13.62 -109.42 -81.33
CA ILE O 1259 14.14 -108.08 -81.56
C ILE O 1259 14.86 -107.97 -82.90
N ASN O 1260 15.40 -109.07 -83.43
CA ASN O 1260 15.95 -109.02 -84.78
C ASN O 1260 14.84 -108.89 -85.81
N GLU O 1261 13.70 -109.53 -85.57
CA GLU O 1261 12.54 -109.35 -86.45
C GLU O 1261 12.00 -107.93 -86.37
N TYR O 1262 12.06 -107.31 -85.19
CA TYR O 1262 11.62 -105.92 -85.07
C TYR O 1262 12.55 -104.98 -85.82
N CYS O 1263 13.86 -105.10 -85.60
CA CYS O 1263 14.78 -104.18 -86.26
C CYS O 1263 15.04 -104.55 -87.71
N MET O 1264 14.56 -105.70 -88.18
CA MET O 1264 14.64 -106.08 -89.58
C MET O 1264 13.37 -105.76 -90.36
N LYS O 1265 12.21 -105.84 -89.71
CA LYS O 1265 10.94 -105.66 -90.39
C LYS O 1265 10.76 -104.19 -90.74
N SER O 1266 10.92 -103.87 -92.02
CA SER O 1266 10.50 -102.59 -92.57
C SER O 1266 9.30 -102.89 -93.44
N ASN O 1267 8.13 -102.93 -92.80
CA ASN O 1267 6.88 -103.14 -93.53
C ASN O 1267 6.58 -101.94 -94.41
N SER O 1268 6.76 -100.73 -93.88
CA SER O 1268 6.31 -99.47 -94.47
C SER O 1268 4.86 -99.59 -94.91
N CYS O 1269 4.02 -100.02 -93.97
CA CYS O 1269 2.64 -100.36 -94.28
C CYS O 1269 1.84 -99.15 -94.67
N LEU O 1270 2.18 -97.97 -94.15
CA LEU O 1270 1.50 -96.73 -94.47
C LEU O 1270 2.38 -95.90 -95.39
N ASN O 1271 1.87 -95.58 -96.58
CA ASN O 1271 2.53 -94.58 -97.39
C ASN O 1271 2.33 -93.20 -96.76
N SER O 1272 3.35 -92.37 -96.84
CA SER O 1272 3.31 -91.03 -96.27
C SER O 1272 2.81 -90.02 -97.29
N ASP O 1273 1.67 -90.33 -97.91
CA ASP O 1273 1.11 -89.53 -98.97
C ASP O 1273 -0.39 -89.75 -98.96
N SER O 1274 -1.10 -88.90 -99.72
CA SER O 1274 -2.47 -89.13 -100.17
C SER O 1274 -3.48 -89.16 -99.03
N GLU O 1275 -3.49 -88.09 -98.22
CA GLU O 1275 -4.61 -87.52 -97.45
C GLU O 1275 -5.30 -88.42 -96.43
N ILE O 1276 -5.03 -89.72 -96.44
CA ILE O 1276 -5.70 -90.67 -95.57
C ILE O 1276 -4.79 -91.89 -95.53
N GLN O 1277 -4.98 -92.72 -94.52
CA GLN O 1277 -4.07 -93.83 -94.29
C GLN O 1277 -4.43 -94.97 -95.24
N TYR O 1278 -3.72 -95.06 -96.35
CA TYR O 1278 -3.82 -96.20 -97.25
C TYR O 1278 -2.70 -97.19 -96.97
N SER O 1279 -3.02 -98.47 -97.08
CA SER O 1279 -2.07 -99.53 -96.75
C SER O 1279 -1.47 -100.09 -98.04
N CYS O 1280 -0.31 -99.56 -98.42
CA CYS O 1280 0.44 -100.11 -99.54
C CYS O 1280 1.45 -101.13 -99.03
N SER O 1281 1.83 -102.07 -99.91
CA SER O 1281 2.53 -103.26 -99.47
C SER O 1281 3.77 -103.58 -100.29
N GLU O 1282 4.39 -102.60 -100.94
CA GLU O 1282 5.55 -102.87 -101.77
C GLU O 1282 6.88 -102.67 -101.07
N GLY O 1283 6.91 -101.89 -99.99
CA GLY O 1283 8.14 -101.71 -99.23
C GLY O 1283 9.16 -100.79 -99.88
N THR O 1284 8.71 -99.64 -100.39
CA THR O 1284 9.64 -98.68 -101.00
C THR O 1284 10.31 -97.82 -99.94
N ASP O 1285 9.57 -97.44 -98.90
CA ASP O 1285 10.08 -96.54 -97.87
C ASP O 1285 11.17 -97.22 -97.07
N SER O 1286 12.14 -96.40 -96.62
CA SER O 1286 13.33 -96.88 -95.93
C SER O 1286 13.04 -97.54 -94.59
N PHE O 1287 12.54 -96.77 -93.63
CA PHE O 1287 12.41 -97.29 -92.27
C PHE O 1287 11.21 -96.69 -91.56
N VAL O 1288 10.62 -97.51 -90.71
CA VAL O 1288 9.65 -97.08 -89.71
C VAL O 1288 9.72 -98.10 -88.58
N SER O 1289 9.67 -97.63 -87.36
CA SER O 1289 9.72 -98.51 -86.20
C SER O 1289 8.52 -98.24 -85.32
N ARG O 1290 7.86 -99.31 -84.88
CA ARG O 1290 6.57 -99.23 -84.22
C ARG O 1290 6.66 -99.84 -82.83
N PRO O 1291 6.93 -99.03 -81.81
CA PRO O 1291 7.02 -99.57 -80.46
C PRO O 1291 5.70 -100.03 -79.91
N CYS O 1292 4.59 -99.46 -80.38
CA CYS O 1292 3.28 -99.98 -79.98
C CYS O 1292 3.06 -101.38 -80.54
N GLN O 1293 3.53 -101.63 -81.76
CA GLN O 1293 3.54 -102.97 -82.31
C GLN O 1293 4.39 -103.91 -81.48
N PHE O 1294 5.60 -103.48 -81.13
CA PHE O 1294 6.53 -104.37 -80.44
C PHE O 1294 6.07 -104.67 -79.02
N LEU O 1295 5.52 -103.68 -78.32
CA LEU O 1295 5.06 -103.89 -76.96
C LEU O 1295 3.65 -104.45 -76.89
N GLN O 1296 2.91 -104.45 -78.01
CA GLN O 1296 1.55 -104.99 -78.10
C GLN O 1296 0.59 -104.29 -77.15
N ASN O 1297 0.80 -103.00 -76.93
CA ASN O 1297 -0.20 -102.14 -76.34
C ASN O 1297 -0.23 -100.83 -77.11
N ALA O 1298 -1.09 -99.93 -76.68
CA ALA O 1298 -1.21 -98.62 -77.29
C ALA O 1298 -1.24 -97.58 -76.17
N LEU O 1299 -1.25 -96.32 -76.54
CA LEU O 1299 -1.10 -95.31 -75.52
C LEU O 1299 -2.37 -94.48 -75.36
N PRO O 1300 -2.76 -94.16 -74.14
CA PRO O 1300 -3.89 -93.24 -73.96
C PRO O 1300 -3.47 -91.81 -74.25
N LEU O 1301 -4.45 -90.99 -74.61
CA LEU O 1301 -4.17 -89.59 -74.91
C LEU O 1301 -5.16 -88.69 -74.18
N HIS O 1302 -4.86 -87.40 -74.21
CA HIS O 1302 -5.50 -86.40 -73.35
C HIS O 1302 -6.90 -86.10 -73.88
N CYS O 1303 -7.85 -86.95 -73.51
CA CYS O 1303 -9.24 -86.76 -73.85
C CYS O 1303 -10.04 -86.53 -72.57
N SER O 1304 -11.30 -86.14 -72.74
CA SER O 1304 -12.15 -85.83 -71.60
C SER O 1304 -13.60 -85.91 -72.04
N SER O 1305 -14.50 -85.83 -71.05
CA SER O 1305 -15.91 -85.92 -71.34
C SER O 1305 -16.43 -84.61 -71.92
N ASN O 1306 -16.12 -83.49 -71.28
CA ASN O 1306 -16.55 -82.21 -71.81
C ASN O 1306 -15.52 -81.12 -71.61
N GLN O 1307 -15.85 -79.97 -72.18
CA GLN O 1307 -15.00 -78.80 -72.14
C GLN O 1307 -14.77 -78.28 -70.73
N ALA O 1308 -15.69 -78.58 -69.80
CA ALA O 1308 -15.46 -78.22 -68.40
C ALA O 1308 -14.26 -78.94 -67.83
N LEU O 1309 -14.13 -80.23 -68.12
CA LEU O 1309 -12.94 -80.93 -67.69
C LEU O 1309 -11.76 -80.57 -68.56
N LEU O 1310 -11.99 -80.03 -69.75
CA LEU O 1310 -10.85 -79.65 -70.57
C LEU O 1310 -10.25 -78.30 -70.17
N GLU O 1311 -11.06 -77.38 -69.64
CA GLU O 1311 -10.55 -76.04 -69.35
C GLU O 1311 -9.64 -76.00 -68.14
N SER O 1312 -9.90 -76.82 -67.12
CA SER O 1312 -8.98 -76.89 -66.00
C SER O 1312 -7.63 -77.46 -66.43
N ARG O 1313 -7.64 -78.38 -67.39
CA ARG O 1313 -6.40 -78.89 -67.95
C ARG O 1313 -5.66 -77.81 -68.72
N SER O 1314 -6.38 -77.02 -69.52
CA SER O 1314 -5.74 -75.96 -70.29
C SER O 1314 -5.23 -74.83 -69.38
N LYS O 1315 -5.87 -74.63 -68.23
CA LYS O 1315 -5.35 -73.68 -67.25
C LYS O 1315 -4.08 -74.22 -66.60
N THR O 1316 -4.20 -75.33 -65.88
CA THR O 1316 -3.14 -75.73 -64.97
C THR O 1316 -1.98 -76.42 -65.67
N GLY O 1317 -2.16 -76.88 -66.91
CA GLY O 1317 -1.09 -77.61 -67.57
C GLY O 1317 -0.86 -79.00 -67.03
N ASN O 1318 -1.78 -79.53 -66.23
CA ASN O 1318 -1.62 -80.84 -65.60
C ASN O 1318 -2.23 -81.88 -66.53
N THR O 1319 -1.53 -82.16 -67.62
CA THR O 1319 -2.01 -83.15 -68.57
C THR O 1319 -1.56 -84.56 -68.25
N GLN O 1320 -0.65 -84.72 -67.28
CA GLN O 1320 -0.24 -86.06 -66.90
C GLN O 1320 -1.25 -86.71 -65.97
N ILE O 1321 -1.69 -86.00 -64.95
CA ILE O 1321 -2.54 -86.59 -63.93
C ILE O 1321 -3.96 -86.69 -64.46
N SER O 1322 -4.54 -87.88 -64.36
CA SER O 1322 -5.91 -88.10 -64.72
C SER O 1322 -6.84 -87.69 -63.58
N GLU O 1323 -8.01 -87.17 -63.95
CA GLU O 1323 -8.95 -86.61 -62.98
C GLU O 1323 -10.36 -86.93 -63.43
N THR O 1324 -11.26 -87.10 -62.47
CA THR O 1324 -12.65 -87.44 -62.75
C THR O 1324 -13.62 -86.54 -61.98
N HIS O 1325 -14.70 -86.17 -62.65
CA HIS O 1325 -15.86 -85.54 -62.03
C HIS O 1325 -16.82 -86.68 -61.67
N TYR O 1326 -18.10 -86.39 -61.38
CA TYR O 1326 -19.10 -87.35 -60.92
C TYR O 1326 -19.26 -88.55 -61.85
N CYS O 1327 -19.77 -88.30 -63.05
CA CYS O 1327 -19.79 -89.31 -64.09
C CYS O 1327 -18.95 -88.91 -65.28
N ASN O 1328 -18.46 -87.68 -65.33
CA ASN O 1328 -17.56 -87.23 -66.36
C ASN O 1328 -16.13 -87.52 -65.96
N TYR O 1329 -15.29 -87.79 -66.96
CA TYR O 1329 -13.94 -88.28 -66.73
C TYR O 1329 -12.99 -87.61 -67.70
N ALA O 1330 -11.75 -87.42 -67.26
CA ALA O 1330 -10.70 -86.87 -68.11
C ALA O 1330 -9.49 -87.77 -68.00
N ILE O 1331 -9.08 -88.34 -69.13
CA ILE O 1331 -8.02 -89.35 -69.16
C ILE O 1331 -6.68 -88.65 -69.25
N GLY O 1332 -5.77 -89.02 -68.35
CA GLY O 1332 -4.46 -88.39 -68.32
C GLY O 1332 -3.59 -88.86 -69.47
N GLU O 1333 -2.83 -87.93 -70.02
CA GLU O 1333 -1.95 -88.21 -71.14
C GLU O 1333 -0.65 -88.83 -70.63
N THR O 1334 -0.11 -89.76 -71.41
CA THR O 1334 1.09 -90.49 -70.97
C THR O 1334 2.38 -89.95 -71.56
N ILE O 1335 2.32 -89.13 -72.61
CA ILE O 1335 3.49 -88.47 -73.16
C ILE O 1335 3.12 -87.01 -73.35
N PRO O 1336 3.80 -86.06 -72.70
CA PRO O 1336 3.36 -84.65 -72.76
C PRO O 1336 3.75 -83.99 -74.09
N LEU O 1337 3.08 -84.42 -75.16
CA LEU O 1337 3.55 -84.08 -76.50
C LEU O 1337 3.33 -82.61 -76.85
N GLN O 1338 2.39 -81.94 -76.19
CA GLN O 1338 2.28 -80.51 -76.43
C GLN O 1338 3.44 -79.76 -75.79
N LEU O 1339 3.89 -80.20 -74.62
CA LEU O 1339 5.10 -79.62 -74.04
C LEU O 1339 6.34 -79.98 -74.87
N ILE O 1340 6.29 -81.14 -75.53
CA ILE O 1340 7.35 -81.55 -76.46
C ILE O 1340 7.41 -80.59 -77.66
N ILE O 1341 6.25 -80.26 -78.22
CA ILE O 1341 6.17 -79.31 -79.33
C ILE O 1341 6.59 -77.91 -78.88
N GLU O 1342 6.15 -77.48 -77.71
CA GLU O 1342 6.50 -76.15 -77.22
C GLU O 1342 7.98 -76.02 -76.88
N SER O 1343 8.61 -77.11 -76.45
CA SER O 1343 10.04 -77.05 -76.16
C SER O 1343 10.91 -77.31 -77.38
N SER O 1344 10.34 -77.80 -78.48
CA SER O 1344 11.05 -77.74 -79.75
C SER O 1344 10.18 -77.21 -80.87
N PHE P 32 44.43 -69.02 -129.57
CA PHE P 32 43.97 -67.83 -130.28
C PHE P 32 43.35 -66.86 -129.30
N ASP P 33 44.17 -66.29 -128.41
CA ASP P 33 43.67 -65.65 -127.19
C ASP P 33 42.82 -64.41 -127.44
N ASN P 34 42.89 -63.80 -128.63
CA ASN P 34 41.91 -62.78 -128.97
C ASN P 34 40.55 -63.41 -129.21
N LEU P 35 40.53 -64.60 -129.80
CA LEU P 35 39.30 -65.34 -130.02
C LEU P 35 38.87 -66.14 -128.78
N ARG P 36 39.78 -66.30 -127.82
CA ARG P 36 39.48 -67.07 -126.61
C ARG P 36 38.85 -66.21 -125.52
N ILE P 37 37.81 -65.46 -125.88
CA ILE P 37 36.90 -64.93 -124.88
C ILE P 37 36.19 -66.07 -124.19
N TYR P 38 35.83 -67.09 -124.97
CA TYR P 38 35.09 -68.22 -124.45
C TYR P 38 35.98 -69.07 -123.54
N PHE P 39 35.34 -69.68 -122.54
CA PHE P 39 35.88 -70.49 -121.44
C PHE P 39 36.96 -69.82 -120.59
N GLY P 40 37.21 -68.53 -120.81
CA GLY P 40 37.88 -67.65 -119.87
C GLY P 40 39.30 -68.01 -119.51
N ASP P 41 39.59 -67.87 -118.22
CA ASP P 41 40.94 -68.04 -117.69
C ASP P 41 40.93 -69.03 -116.54
N ASP P 42 39.83 -69.71 -116.32
CA ASP P 42 39.69 -70.61 -115.21
C ASP P 42 39.47 -72.03 -115.74
N PRO P 43 40.26 -73.01 -115.29
CA PRO P 43 39.97 -74.40 -115.68
C PRO P 43 38.60 -74.90 -115.28
N SER P 44 38.10 -74.53 -114.11
CA SER P 44 36.79 -74.98 -113.67
C SER P 44 35.86 -73.77 -113.54
N ARG P 45 34.60 -74.07 -113.22
CA ARG P 45 33.52 -73.19 -112.77
C ARG P 45 33.16 -72.04 -113.71
N TYR P 46 33.78 -71.97 -114.89
CA TYR P 46 33.53 -70.86 -115.80
C TYR P 46 33.83 -71.34 -117.21
N ASN P 47 32.79 -71.80 -117.91
CA ASN P 47 32.87 -71.98 -119.34
C ASN P 47 31.53 -71.60 -119.94
N ILE P 48 31.55 -70.97 -121.10
CA ILE P 48 30.32 -70.56 -121.74
C ILE P 48 30.19 -71.27 -123.08
N SER P 49 28.93 -71.58 -123.41
CA SER P 49 28.57 -72.25 -124.64
C SER P 49 27.34 -71.54 -125.17
N PHE P 50 26.66 -72.15 -126.13
CA PHE P 50 25.38 -71.62 -126.55
C PHE P 50 24.46 -72.73 -127.00
N GLU P 51 23.18 -72.59 -126.68
CA GLU P 51 22.18 -73.54 -127.13
C GLU P 51 21.84 -73.31 -128.59
N ALA P 52 21.39 -72.10 -128.92
CA ALA P 52 20.90 -71.80 -130.26
C ALA P 52 21.60 -70.56 -130.78
N LEU P 53 21.30 -70.22 -132.02
CA LEU P 53 21.81 -69.01 -132.64
C LEU P 53 20.72 -68.40 -133.51
N LEU P 54 21.02 -67.23 -134.06
CA LEU P 54 20.02 -66.40 -134.71
C LEU P 54 20.75 -65.36 -135.53
N GLY P 55 20.23 -65.07 -136.72
CA GLY P 55 20.88 -64.06 -137.53
C GLY P 55 19.97 -63.29 -138.46
N ILE P 56 19.99 -61.97 -138.33
CA ILE P 56 19.43 -61.05 -139.32
C ILE P 56 20.49 -59.98 -139.54
N TYR P 57 20.78 -59.67 -140.80
CA TYR P 57 21.66 -58.57 -141.15
C TYR P 57 20.84 -57.39 -141.63
N CYS P 58 21.54 -56.35 -142.07
CA CYS P 58 20.91 -55.18 -142.67
C CYS P 58 21.72 -54.76 -143.88
N ASN P 59 21.03 -54.34 -144.93
CA ASN P 59 21.69 -54.10 -146.20
C ASN P 59 22.11 -52.64 -146.35
N LYS P 60 23.09 -52.43 -147.23
CA LYS P 60 23.31 -51.11 -147.80
C LYS P 60 22.24 -50.89 -148.86
N ILE P 61 21.44 -49.84 -148.71
CA ILE P 61 20.37 -49.58 -149.65
C ILE P 61 20.94 -49.05 -150.96
N GLU P 62 20.10 -48.99 -151.99
CA GLU P 62 20.51 -48.80 -153.38
C GLU P 62 21.12 -47.42 -153.61
N TRP P 63 21.61 -47.20 -154.83
CA TRP P 63 22.50 -46.08 -155.09
C TRP P 63 22.05 -45.23 -156.26
N ILE P 64 21.66 -43.99 -155.95
CA ILE P 64 21.14 -43.05 -156.92
C ILE P 64 21.94 -41.77 -156.72
N ASN P 65 22.90 -41.53 -157.59
CA ASN P 65 23.56 -40.23 -157.69
C ASN P 65 22.94 -39.47 -158.85
N PHE P 66 22.90 -38.14 -158.70
CA PHE P 66 22.16 -37.32 -159.66
C PHE P 66 22.84 -37.31 -161.01
N PHE P 67 24.13 -37.03 -161.05
CA PHE P 67 24.86 -37.00 -162.32
C PHE P 67 25.07 -38.39 -162.89
N THR P 68 24.88 -39.43 -162.08
CA THR P 68 24.89 -40.78 -162.61
C THR P 68 23.58 -41.12 -163.31
N THR P 69 22.45 -40.69 -162.73
CA THR P 69 21.16 -41.04 -163.34
C THR P 69 20.89 -40.20 -164.58
N PRO P 70 20.24 -40.78 -165.60
CA PRO P 70 20.09 -40.10 -166.89
C PRO P 70 19.07 -38.98 -166.93
N ILE P 71 18.49 -38.57 -165.81
CA ILE P 71 17.68 -37.35 -165.85
C ILE P 71 18.58 -36.12 -165.88
N ALA P 72 19.82 -36.24 -165.45
CA ALA P 72 20.71 -35.09 -165.31
C ALA P 72 21.25 -34.58 -166.63
N VAL P 73 20.84 -35.14 -167.76
CA VAL P 73 21.20 -34.52 -169.03
C VAL P 73 20.38 -33.26 -169.23
N ALA P 74 19.11 -33.26 -168.84
CA ALA P 74 18.23 -32.13 -169.07
C ALA P 74 18.56 -30.93 -168.20
N ALA P 75 19.41 -31.07 -167.19
CA ALA P 75 19.69 -30.00 -166.26
C ALA P 75 21.15 -29.56 -166.37
N ASN P 76 21.37 -28.26 -166.24
CA ASN P 76 22.69 -27.72 -166.01
C ASN P 76 22.76 -27.28 -164.55
N VAL P 77 23.76 -27.75 -163.83
CA VAL P 77 23.82 -27.59 -162.38
C VAL P 77 24.95 -26.63 -162.05
N ILE P 78 24.62 -25.54 -161.38
CA ILE P 78 25.59 -24.50 -161.02
C ILE P 78 25.75 -24.50 -159.51
N ARG P 79 26.98 -24.72 -159.03
CA ARG P 79 27.21 -24.62 -157.60
C ARG P 79 27.17 -23.17 -157.17
N PHE P 80 26.47 -22.90 -156.08
CA PHE P 80 26.34 -21.54 -155.60
C PHE P 80 26.28 -21.60 -154.08
N ASN P 81 26.63 -20.49 -153.46
CA ASN P 81 26.87 -20.49 -152.03
C ASN P 81 25.69 -20.00 -151.21
N ASP P 82 24.92 -19.05 -151.72
CA ASP P 82 23.83 -18.48 -150.94
C ASP P 82 22.72 -18.01 -151.88
N VAL P 83 21.77 -18.90 -152.14
CA VAL P 83 20.63 -18.54 -152.95
C VAL P 83 19.70 -17.65 -152.17
N SER P 84 19.66 -17.81 -150.84
CA SER P 84 18.80 -16.98 -150.01
C SER P 84 19.31 -15.56 -149.90
N ARG P 85 20.63 -15.37 -150.00
CA ARG P 85 21.21 -14.10 -149.58
C ARG P 85 21.32 -13.08 -150.70
N MET P 86 21.43 -13.49 -151.96
CA MET P 86 21.30 -12.55 -153.06
C MET P 86 20.24 -13.05 -154.03
N THR P 87 19.48 -12.12 -154.59
CA THR P 87 18.29 -12.44 -155.35
C THR P 87 18.60 -12.40 -156.84
N LEU P 88 18.23 -13.46 -157.55
CA LEU P 88 18.52 -13.60 -158.97
C LEU P 88 17.22 -13.54 -159.77
N GLY P 89 17.05 -12.48 -160.55
CA GLY P 89 16.02 -12.38 -161.54
C GLY P 89 16.63 -11.63 -162.71
N LYS P 90 15.90 -11.63 -163.83
CA LYS P 90 16.33 -11.04 -165.10
C LYS P 90 17.68 -11.63 -165.53
N VAL P 91 17.61 -12.90 -165.92
CA VAL P 91 18.74 -13.77 -166.22
C VAL P 91 19.10 -13.63 -167.70
N LEU P 92 18.53 -12.60 -168.35
CA LEU P 92 18.27 -12.44 -169.78
C LEU P 92 19.41 -12.89 -170.71
N PHE P 93 19.00 -13.54 -171.80
CA PHE P 93 19.91 -14.12 -172.78
C PHE P 93 19.94 -13.28 -174.04
N PHE P 94 21.13 -12.98 -174.53
CA PHE P 94 21.31 -12.26 -175.78
C PHE P 94 21.54 -13.28 -176.90
N ILE P 95 20.70 -13.22 -177.93
CA ILE P 95 20.66 -14.23 -178.96
C ILE P 95 20.97 -13.58 -180.30
N GLN P 96 21.99 -14.09 -180.99
CA GLN P 96 22.19 -13.77 -182.39
C GLN P 96 21.23 -14.61 -183.21
N LEU P 97 20.66 -14.02 -184.26
CA LEU P 97 19.89 -14.82 -185.18
C LEU P 97 20.65 -14.95 -186.49
N PRO P 98 20.88 -16.17 -186.99
CA PRO P 98 21.64 -16.31 -188.23
C PRO P 98 20.86 -15.81 -189.43
N ARG P 99 21.62 -15.42 -190.46
CA ARG P 99 21.09 -14.67 -191.59
C ARG P 99 21.53 -15.30 -192.90
N VAL P 100 20.65 -15.29 -193.89
CA VAL P 100 20.90 -15.86 -195.20
C VAL P 100 20.90 -14.72 -196.22
N ALA P 101 22.01 -14.54 -196.92
CA ALA P 101 22.14 -13.43 -197.85
C ALA P 101 21.43 -13.75 -199.16
N THR P 102 20.54 -12.84 -199.57
CA THR P 102 19.78 -13.05 -200.80
C THR P 102 20.56 -12.60 -202.03
N GLY P 103 20.85 -11.31 -202.12
CA GLY P 103 21.63 -10.77 -203.20
C GLY P 103 20.86 -10.37 -204.44
N ASN P 104 19.58 -10.68 -204.53
CA ASN P 104 18.84 -10.37 -205.75
C ASN P 104 18.26 -8.95 -205.69
N ASP P 105 17.37 -8.70 -204.73
CA ASP P 105 16.70 -7.42 -204.60
C ASP P 105 17.13 -6.64 -203.37
N VAL P 106 17.19 -7.29 -202.20
CA VAL P 106 17.57 -6.65 -200.96
C VAL P 106 18.03 -7.74 -200.00
N THR P 107 19.05 -7.42 -199.22
CA THR P 107 19.45 -8.26 -198.09
C THR P 107 18.81 -7.68 -196.83
N ALA P 108 18.17 -8.55 -196.06
CA ALA P 108 17.47 -8.12 -194.84
C ALA P 108 18.47 -7.59 -193.82
N PRO P 109 18.54 -6.28 -193.62
CA PRO P 109 19.74 -5.66 -193.04
C PRO P 109 19.78 -5.68 -191.52
N LYS P 110 18.91 -6.43 -190.86
CA LYS P 110 18.77 -6.30 -189.43
C LYS P 110 19.91 -7.00 -188.71
N GLU P 111 20.28 -6.43 -187.56
CA GLU P 111 21.31 -7.04 -186.71
C GLU P 111 20.80 -8.33 -186.10
N THR P 112 19.54 -8.35 -185.67
CA THR P 112 18.83 -9.50 -185.07
C THR P 112 19.57 -10.04 -183.84
N THR P 113 19.62 -9.20 -182.81
CA THR P 113 20.04 -9.60 -181.48
C THR P 113 18.85 -9.43 -180.54
N ILE P 114 18.42 -10.53 -179.95
CA ILE P 114 17.20 -10.58 -179.16
C ILE P 114 17.56 -10.80 -177.69
N MET P 115 17.07 -9.92 -176.83
CA MET P 115 17.13 -10.18 -175.40
C MET P 115 15.93 -11.04 -175.02
N VAL P 116 16.18 -12.05 -174.19
CA VAL P 116 15.17 -12.99 -173.74
C VAL P 116 15.15 -12.92 -172.23
N ALA P 117 14.08 -12.40 -171.67
CA ALA P 117 13.95 -12.32 -170.22
C ALA P 117 13.34 -13.61 -169.71
N LYS P 118 13.99 -14.21 -168.71
CA LYS P 118 13.51 -15.45 -168.10
C LYS P 118 13.54 -15.31 -166.59
N HIS P 119 12.43 -15.66 -165.94
CA HIS P 119 12.35 -15.55 -164.49
C HIS P 119 13.01 -16.77 -163.83
N SER P 120 13.06 -16.73 -162.50
CA SER P 120 13.71 -17.76 -161.69
C SER P 120 12.73 -18.29 -160.66
N GLU P 121 12.62 -19.62 -160.56
CA GLU P 121 11.83 -20.26 -159.53
C GLU P 121 12.75 -20.71 -158.41
N LYS P 122 12.28 -20.60 -157.18
CA LYS P 122 13.04 -21.04 -156.01
C LYS P 122 12.32 -22.17 -155.31
N HIS P 123 13.09 -23.09 -154.73
CA HIS P 123 12.53 -24.26 -154.08
C HIS P 123 13.52 -24.84 -153.08
N PRO P 124 13.17 -24.94 -151.80
CA PRO P 124 14.07 -25.56 -150.82
C PRO P 124 13.73 -27.03 -150.60
N ILE P 125 14.73 -27.74 -150.07
CA ILE P 125 14.65 -29.18 -149.81
C ILE P 125 15.15 -29.42 -148.39
N ASN P 126 14.39 -30.14 -147.58
CA ASN P 126 14.76 -30.40 -146.20
C ASN P 126 14.94 -31.89 -145.92
N ILE P 127 15.67 -32.20 -144.84
CA ILE P 127 15.79 -33.54 -144.29
C ILE P 127 15.53 -33.44 -142.79
N SER P 128 15.09 -34.53 -142.17
CA SER P 128 15.02 -34.61 -140.72
C SER P 128 16.36 -34.99 -140.08
N PHE P 129 16.90 -36.16 -140.43
CA PHE P 129 18.16 -36.70 -139.92
C PHE P 129 18.22 -36.84 -138.40
N ASP P 130 17.54 -37.87 -137.88
CA ASP P 130 17.71 -38.29 -136.50
C ASP P 130 19.16 -38.69 -136.20
N LEU P 131 19.51 -38.65 -134.91
CA LEU P 131 20.77 -39.21 -134.41
C LEU P 131 20.41 -39.91 -133.09
N SER P 132 21.41 -40.32 -132.30
CA SER P 132 21.19 -40.96 -131.01
C SER P 132 22.10 -40.36 -129.96
N ALA P 133 21.60 -40.32 -128.73
CA ALA P 133 22.36 -39.76 -127.61
C ALA P 133 23.58 -40.60 -127.31
N ALA P 134 23.38 -41.90 -127.13
CA ALA P 134 24.48 -42.77 -126.76
C ALA P 134 25.48 -42.91 -127.90
N CYS P 135 24.95 -43.02 -129.11
CA CYS P 135 25.79 -43.16 -130.26
C CYS P 135 26.64 -41.90 -130.31
N LEU P 136 26.01 -40.76 -130.09
CA LEU P 136 26.76 -39.52 -130.10
C LEU P 136 27.80 -39.43 -128.99
N GLU P 137 27.42 -39.83 -127.77
CA GLU P 137 28.37 -39.74 -126.66
C GLU P 137 29.58 -40.66 -126.74
N HIS P 138 29.37 -41.94 -127.03
CA HIS P 138 30.52 -42.84 -127.11
C HIS P 138 31.41 -42.58 -128.33
N LEU P 139 30.81 -42.30 -129.48
CA LEU P 139 31.63 -42.03 -130.66
C LEU P 139 32.49 -40.80 -130.43
N GLU P 140 31.91 -39.77 -129.83
CA GLU P 140 32.61 -38.53 -129.52
C GLU P 140 33.73 -38.64 -128.50
N ASN P 141 33.50 -39.41 -127.44
CA ASN P 141 34.48 -39.57 -126.36
C ASN P 141 35.81 -40.20 -126.77
N THR P 142 35.75 -41.23 -127.60
CA THR P 142 36.98 -41.93 -128.07
C THR P 142 37.95 -42.21 -126.92
N PHE P 143 37.43 -42.75 -125.83
CA PHE P 143 38.27 -43.23 -124.73
C PHE P 143 38.50 -44.73 -124.91
N LYS P 144 39.75 -45.11 -125.14
CA LYS P 144 40.11 -46.50 -125.40
C LYS P 144 40.41 -47.28 -124.11
N ASN P 145 39.83 -46.84 -122.99
CA ASN P 145 39.97 -47.56 -121.73
C ASN P 145 39.26 -48.92 -121.80
N THR P 146 37.97 -48.91 -122.09
CA THR P 146 37.18 -50.13 -122.12
C THR P 146 37.49 -50.92 -123.38
N VAL P 147 37.70 -52.24 -123.21
CA VAL P 147 37.94 -53.12 -124.35
C VAL P 147 36.67 -53.23 -125.20
N ILE P 148 35.50 -53.20 -124.57
CA ILE P 148 34.23 -53.20 -125.29
C ILE P 148 34.05 -51.91 -126.06
N ASP P 149 34.69 -50.83 -125.62
CA ASP P 149 34.53 -49.55 -126.30
C ASP P 149 35.19 -49.52 -127.67
N GLN P 150 36.08 -50.46 -128.00
CA GLN P 150 36.55 -50.54 -129.38
C GLN P 150 35.47 -51.07 -130.30
N ILE P 151 34.73 -52.10 -129.86
CA ILE P 151 33.58 -52.59 -130.62
C ILE P 151 32.49 -51.54 -130.65
N LEU P 152 32.31 -50.79 -129.57
CA LEU P 152 31.33 -49.72 -129.55
C LEU P 152 31.73 -48.58 -130.49
N ASN P 153 33.03 -48.25 -130.56
CA ASN P 153 33.49 -47.24 -131.50
C ASN P 153 33.28 -47.69 -132.94
N ILE P 154 33.55 -48.95 -133.25
CA ILE P 154 33.40 -49.39 -134.63
C ILE P 154 31.91 -49.46 -134.99
N ASN P 155 31.04 -49.84 -134.05
CA ASN P 155 29.60 -49.86 -134.30
C ASN P 155 29.05 -48.45 -134.47
N ALA P 156 29.47 -47.52 -133.61
CA ALA P 156 28.95 -46.16 -133.68
C ALA P 156 29.45 -45.42 -134.91
N LEU P 157 30.73 -45.60 -135.26
CA LEU P 157 31.27 -45.06 -136.51
C LEU P 157 30.51 -45.58 -137.72
N HIS P 158 30.26 -46.89 -137.79
CA HIS P 158 29.58 -47.41 -138.98
C HIS P 158 28.13 -46.95 -139.05
N THR P 159 27.44 -46.85 -137.90
CA THR P 159 26.05 -46.47 -137.96
C THR P 159 25.89 -44.96 -138.24
N VAL P 160 26.73 -44.15 -137.61
CA VAL P 160 26.68 -42.71 -137.81
C VAL P 160 27.01 -42.39 -139.27
N LEU P 161 27.99 -43.08 -139.82
CA LEU P 161 28.39 -42.88 -141.21
C LEU P 161 27.25 -43.26 -142.14
N ARG P 162 26.57 -44.36 -141.81
CA ARG P 162 25.45 -44.84 -142.61
C ARG P 162 24.32 -43.82 -142.62
N SER P 163 24.07 -43.20 -141.46
CA SER P 163 23.02 -42.20 -141.36
C SER P 163 23.35 -41.01 -142.26
N LEU P 164 24.62 -40.60 -142.25
CA LEU P 164 25.07 -39.51 -143.09
C LEU P 164 24.94 -39.90 -144.56
N LYS P 165 25.29 -41.15 -144.87
CA LYS P 165 25.20 -41.66 -146.22
C LYS P 165 23.76 -41.67 -146.68
N ASN P 166 22.85 -42.04 -145.78
CA ASN P 166 21.42 -42.06 -146.11
C ASN P 166 20.87 -40.66 -146.31
N SER P 167 21.36 -39.70 -145.52
CA SER P 167 20.90 -38.32 -145.67
C SER P 167 21.29 -37.75 -147.03
N ALA P 168 22.50 -38.04 -147.49
CA ALA P 168 22.90 -37.59 -148.82
C ALA P 168 22.11 -38.29 -149.93
N ASP P 169 21.75 -39.56 -149.71
CA ASP P 169 20.85 -40.24 -150.62
C ASP P 169 19.50 -39.54 -150.71
N SER P 170 18.94 -39.15 -149.55
CA SER P 170 17.64 -38.48 -149.56
C SER P 170 17.73 -37.10 -150.17
N LEU P 171 18.89 -36.45 -150.08
CA LEU P 171 19.12 -35.20 -150.81
C LEU P 171 18.97 -35.41 -152.31
N GLU P 172 19.66 -36.42 -152.85
CA GLU P 172 19.61 -36.59 -154.30
C GLU P 172 18.26 -37.12 -154.78
N ARG P 173 17.54 -37.89 -153.95
CA ARG P 173 16.17 -38.26 -154.27
C ARG P 173 15.26 -37.04 -154.35
N GLY P 174 15.36 -36.15 -153.35
CA GLY P 174 14.57 -34.93 -153.38
C GLY P 174 14.93 -34.01 -154.52
N LEU P 175 16.20 -34.01 -154.91
CA LEU P 175 16.65 -33.21 -156.06
C LEU P 175 16.00 -33.68 -157.35
N ILE P 176 16.05 -35.00 -157.60
CA ILE P 176 15.42 -35.57 -158.79
C ILE P 176 13.92 -35.34 -158.78
N HIS P 177 13.29 -35.48 -157.61
CA HIS P 177 11.84 -35.34 -157.57
C HIS P 177 11.41 -33.89 -157.79
N ALA P 178 12.10 -32.93 -157.19
CA ALA P 178 11.73 -31.53 -157.38
C ALA P 178 12.01 -31.07 -158.80
N PHE P 179 13.06 -31.61 -159.41
CA PHE P 179 13.33 -31.34 -160.82
C PHE P 179 12.20 -31.87 -161.70
N MET P 180 11.67 -33.05 -161.40
CA MET P 180 10.53 -33.56 -162.15
C MET P 180 9.26 -32.75 -161.90
N GLN P 181 9.09 -32.24 -160.67
CA GLN P 181 7.94 -31.40 -160.36
C GLN P 181 7.92 -30.16 -161.24
N THR P 182 9.04 -29.43 -161.26
CA THR P 182 9.05 -28.21 -162.05
C THR P 182 9.10 -28.50 -163.56
N LEU P 183 9.62 -29.66 -163.96
CA LEU P 183 9.65 -29.94 -165.39
C LEU P 183 8.27 -30.36 -165.89
N LEU P 184 7.49 -31.06 -165.07
CA LEU P 184 6.12 -31.34 -165.46
C LEU P 184 5.25 -30.09 -165.41
N ARG P 185 5.59 -29.13 -164.55
CA ARG P 185 4.82 -27.89 -164.62
C ARG P 185 5.25 -26.99 -165.78
N LYS P 186 6.42 -27.22 -166.36
CA LYS P 186 6.84 -26.46 -167.53
C LYS P 186 6.53 -27.12 -168.86
N SER P 187 6.18 -28.41 -168.87
CA SER P 187 5.89 -29.09 -170.14
C SER P 187 4.40 -29.02 -170.46
N PRO P 188 4.01 -28.49 -171.62
CA PRO P 188 2.61 -28.54 -172.02
C PRO P 188 2.33 -29.81 -172.80
N PRO P 189 1.06 -30.21 -172.94
CA PRO P 189 0.75 -31.45 -173.65
C PRO P 189 0.99 -31.38 -175.15
N GLN P 190 0.95 -32.56 -175.74
CA GLN P 190 1.44 -32.75 -177.10
C GLN P 190 0.48 -32.15 -178.13
N PHE P 191 -0.83 -32.24 -177.88
CA PHE P 191 -1.78 -31.68 -178.82
C PHE P 191 -1.73 -30.16 -178.83
N ILE P 192 -1.50 -29.56 -177.66
CA ILE P 192 -1.23 -28.14 -177.55
C ILE P 192 0.02 -27.76 -178.33
N VAL P 193 1.08 -28.57 -178.23
CA VAL P 193 2.33 -28.22 -178.91
C VAL P 193 2.19 -28.34 -180.44
N LEU P 194 1.47 -29.36 -180.90
CA LEU P 194 1.28 -29.53 -182.35
C LEU P 194 0.43 -28.41 -182.95
N THR P 195 -0.67 -28.05 -182.28
CA THR P 195 -1.44 -26.93 -182.76
C THR P 195 -0.72 -25.60 -182.59
N MET P 196 0.23 -25.50 -181.65
CA MET P 196 1.04 -24.27 -181.61
C MET P 196 2.00 -24.21 -182.77
N ASN P 197 2.50 -25.36 -183.24
CA ASN P 197 3.29 -25.37 -184.46
C ASN P 197 2.47 -24.87 -185.65
N GLU P 198 1.25 -25.38 -185.80
CA GLU P 198 0.41 -24.94 -186.92
C GLU P 198 0.01 -23.46 -186.81
N ASN P 199 -0.38 -23.01 -185.62
CA ASN P 199 -0.81 -21.62 -185.49
C ASN P 199 0.37 -20.65 -185.61
N LYS P 200 1.56 -21.06 -185.13
CA LYS P 200 2.78 -20.30 -185.35
C LYS P 200 3.06 -20.12 -186.83
N VAL P 201 2.81 -21.16 -187.63
CA VAL P 201 3.03 -20.98 -189.06
C VAL P 201 2.04 -19.91 -189.52
N HIS P 202 0.79 -20.06 -189.10
CA HIS P 202 -0.28 -19.12 -189.43
C HIS P 202 -0.05 -17.73 -188.85
N ASN P 203 0.50 -17.66 -187.63
CA ASN P 203 0.79 -16.37 -187.01
C ASN P 203 -0.41 -15.87 -186.22
N LYS P 204 -0.15 -14.92 -185.30
CA LYS P 204 -1.20 -14.35 -184.48
C LYS P 204 -1.72 -13.00 -184.97
N GLN P 205 -1.18 -12.51 -186.09
CA GLN P 205 -1.59 -11.22 -186.62
C GLN P 205 -3.10 -11.01 -186.57
N ALA P 206 -3.86 -12.04 -186.87
CA ALA P 206 -5.31 -11.97 -186.84
C ALA P 206 -5.85 -13.11 -185.99
N LEU P 207 -6.97 -12.85 -185.33
CA LEU P 207 -7.54 -13.85 -184.44
C LEU P 207 -8.57 -14.72 -185.14
N SER P 208 -9.33 -14.16 -186.09
CA SER P 208 -9.99 -14.92 -187.16
C SER P 208 -11.02 -15.95 -186.71
N ARG P 209 -12.24 -15.48 -186.41
CA ARG P 209 -13.41 -16.26 -185.98
C ARG P 209 -13.54 -17.67 -186.55
N VAL P 210 -13.28 -17.83 -187.85
CA VAL P 210 -13.23 -19.16 -188.45
C VAL P 210 -12.05 -19.94 -187.88
N GLN P 211 -10.87 -19.31 -187.81
CA GLN P 211 -9.68 -20.01 -187.36
C GLN P 211 -9.70 -20.33 -185.88
N ARG P 212 -10.52 -19.64 -185.09
CA ARG P 212 -10.67 -19.99 -183.68
C ARG P 212 -11.25 -21.39 -183.51
N SER P 213 -12.40 -21.63 -184.14
CA SER P 213 -13.00 -22.95 -184.15
C SER P 213 -12.15 -23.95 -184.91
N ASN P 214 -11.35 -23.47 -185.88
CA ASN P 214 -10.44 -24.37 -186.57
C ASN P 214 -9.36 -24.89 -185.63
N MET P 215 -8.77 -24.00 -184.82
CA MET P 215 -7.82 -24.41 -183.78
C MET P 215 -8.46 -25.39 -182.82
N PHE P 216 -9.71 -25.12 -182.43
CA PHE P 216 -10.38 -25.96 -181.46
C PHE P 216 -10.61 -27.37 -181.99
N GLN P 217 -11.17 -27.47 -183.20
CA GLN P 217 -11.45 -28.78 -183.79
C GLN P 217 -10.15 -29.54 -184.10
N SER P 218 -9.09 -28.81 -184.46
CA SER P 218 -7.81 -29.43 -184.72
C SER P 218 -7.26 -30.09 -183.47
N LEU P 219 -7.17 -29.34 -182.36
CA LEU P 219 -6.64 -29.94 -181.13
C LEU P 219 -7.61 -30.95 -180.54
N LYS P 220 -8.90 -30.83 -180.85
CA LYS P 220 -9.88 -31.84 -180.47
C LYS P 220 -9.59 -33.18 -181.12
N ASN P 221 -9.32 -33.17 -182.43
CA ASN P 221 -8.98 -34.41 -183.12
C ASN P 221 -7.64 -34.95 -182.67
N ARG P 222 -6.67 -34.05 -182.41
CA ARG P 222 -5.36 -34.49 -181.93
C ARG P 222 -5.47 -35.21 -180.59
N LEU P 223 -6.26 -34.65 -179.67
CA LEU P 223 -6.44 -35.26 -178.36
C LEU P 223 -7.19 -36.58 -178.46
N LEU P 224 -8.29 -36.60 -179.20
CA LEU P 224 -9.09 -37.81 -179.25
C LEU P 224 -8.48 -38.91 -180.11
N THR P 225 -7.45 -38.61 -180.90
CA THR P 225 -6.72 -39.69 -181.56
C THR P 225 -5.38 -40.01 -180.89
N SER P 226 -4.91 -39.19 -179.95
CA SER P 226 -3.64 -39.46 -179.29
C SER P 226 -3.77 -39.60 -177.78
N LEU P 227 -4.98 -39.87 -177.29
CA LEU P 227 -5.18 -40.00 -175.85
C LEU P 227 -4.53 -41.25 -175.28
N PHE P 228 -4.78 -42.41 -175.87
CA PHE P 228 -4.35 -43.71 -175.34
C PHE P 228 -3.32 -44.34 -176.27
N PHE P 229 -2.29 -43.53 -176.55
CA PHE P 229 -1.39 -43.73 -177.68
C PHE P 229 -0.67 -45.07 -177.63
N LEU P 230 0.00 -45.39 -176.52
CA LEU P 230 0.80 -46.61 -176.48
C LEU P 230 -0.04 -47.87 -176.45
N ASN P 231 -1.34 -47.75 -176.20
CA ASN P 231 -2.19 -48.91 -176.07
C ASN P 231 -3.13 -49.09 -177.26
N ARG P 232 -3.25 -48.11 -178.14
CA ARG P 232 -4.07 -48.34 -179.33
C ARG P 232 -3.38 -49.26 -180.33
N ASN P 233 -2.20 -48.88 -180.80
CA ASN P 233 -1.54 -49.58 -181.90
C ASN P 233 -0.25 -50.24 -181.44
N ASN P 234 -0.04 -51.48 -181.91
CA ASN P 234 1.20 -52.20 -181.71
C ASN P 234 2.15 -52.07 -182.89
N ASN P 235 1.85 -51.19 -183.83
CA ASN P 235 2.70 -51.00 -184.99
C ASN P 235 3.98 -50.29 -184.58
N SER P 236 5.08 -50.67 -185.24
CA SER P 236 6.36 -50.05 -184.95
C SER P 236 6.48 -48.68 -185.61
N SER P 237 6.09 -48.59 -186.88
CA SER P 237 6.29 -47.37 -187.65
C SER P 237 5.40 -46.23 -187.17
N TYR P 238 4.19 -46.56 -186.71
CA TYR P 238 3.27 -45.52 -186.23
C TYR P 238 3.79 -44.86 -184.96
N ILE P 239 4.23 -45.67 -184.01
CA ILE P 239 4.79 -45.17 -182.76
C ILE P 239 6.12 -44.47 -183.01
N TYR P 240 6.92 -44.95 -183.97
CA TYR P 240 8.14 -44.26 -184.34
C TYR P 240 7.85 -42.88 -184.92
N ARG P 241 6.79 -42.79 -185.73
CA ARG P 241 6.38 -41.53 -186.34
C ARG P 241 5.97 -40.50 -185.28
N ILE P 242 5.16 -40.92 -184.31
CA ILE P 242 4.72 -39.90 -183.35
C ILE P 242 5.79 -39.63 -182.27
N LEU P 243 6.62 -40.63 -181.93
CA LEU P 243 7.71 -40.37 -180.99
C LEU P 243 8.79 -39.48 -181.57
N ASN P 244 8.98 -39.44 -182.90
CA ASN P 244 9.87 -38.38 -183.34
C ASN P 244 9.14 -37.13 -183.78
N ASP P 245 7.80 -37.17 -183.89
CA ASP P 245 7.05 -35.93 -183.97
C ASP P 245 7.23 -35.08 -182.72
N MET P 246 7.27 -35.72 -181.54
CA MET P 246 7.50 -34.98 -180.30
C MET P 246 8.87 -34.31 -180.30
N MET P 247 9.89 -35.09 -180.68
CA MET P 247 11.27 -34.63 -180.66
C MET P 247 11.51 -33.56 -181.72
N GLU P 248 10.73 -33.58 -182.80
CA GLU P 248 10.79 -32.47 -183.75
C GLU P 248 10.02 -31.26 -183.25
N SER P 249 8.96 -31.47 -182.48
CA SER P 249 8.11 -30.37 -182.05
C SER P 249 8.78 -29.50 -181.00
N VAL P 250 9.66 -30.08 -180.18
CA VAL P 250 10.31 -29.28 -179.15
C VAL P 250 11.35 -28.31 -179.71
N THR P 251 11.88 -27.42 -178.86
CA THR P 251 12.88 -26.44 -179.23
C THR P 251 14.20 -26.76 -178.54
N GLU P 252 15.30 -26.65 -179.30
CA GLU P 252 16.65 -26.79 -178.75
C GLU P 252 16.91 -25.73 -177.70
N SER P 253 17.84 -26.01 -176.78
CA SER P 253 18.18 -25.11 -175.70
C SER P 253 18.91 -23.86 -176.22
N ILE P 254 19.13 -22.92 -175.30
CA ILE P 254 19.80 -21.68 -175.66
C ILE P 254 21.28 -21.92 -175.92
N LEU P 255 22.01 -22.43 -174.93
CA LEU P 255 23.41 -22.72 -175.18
C LEU P 255 23.57 -24.15 -175.67
N ASN P 256 24.74 -24.41 -176.24
CA ASN P 256 25.17 -25.77 -176.50
C ASN P 256 26.60 -25.95 -176.02
N ASP P 257 26.94 -27.18 -175.72
CA ASP P 257 28.31 -27.56 -175.42
C ASP P 257 28.62 -28.84 -176.17
N THR P 258 29.73 -28.84 -176.91
CA THR P 258 30.17 -30.04 -177.60
C THR P 258 30.64 -31.10 -176.61
N ASN P 259 31.20 -30.66 -175.48
CA ASN P 259 31.79 -31.59 -174.52
C ASN P 259 30.72 -32.38 -173.78
N ASN P 260 29.62 -31.72 -173.40
CA ASN P 260 28.66 -32.35 -172.52
C ASN P 260 27.77 -33.35 -173.26
N TYR P 261 27.71 -34.56 -172.73
CA TYR P 261 26.83 -35.64 -173.17
C TYR P 261 27.10 -36.01 -174.64
N THR P 262 28.35 -36.39 -174.88
CA THR P 262 28.84 -36.72 -176.20
C THR P 262 29.04 -38.22 -176.29
N SER P 263 28.48 -38.84 -177.33
CA SER P 263 28.57 -40.29 -177.49
C SER P 263 29.92 -40.71 -178.06
N LYS P 264 29.98 -41.95 -178.54
CA LYS P 264 31.21 -42.60 -179.01
C LYS P 264 31.96 -41.81 -180.08
N GLU P 265 31.37 -41.68 -181.25
CA GLU P 265 32.01 -40.98 -182.36
C GLU P 265 31.55 -39.53 -182.47
N ASN P 266 31.66 -38.80 -181.36
CA ASN P 266 31.47 -37.34 -181.27
C ASN P 266 30.08 -36.92 -181.75
N ILE P 267 29.05 -37.51 -181.17
CA ILE P 267 27.67 -37.13 -181.43
C ILE P 267 27.04 -36.73 -180.11
N PRO P 268 26.53 -35.51 -179.96
CA PRO P 268 25.87 -35.13 -178.71
C PRO P 268 24.43 -35.62 -178.67
N LEU P 269 23.89 -35.66 -177.46
CA LEU P 269 22.50 -36.03 -177.26
C LEU P 269 21.59 -34.87 -177.58
N ASP P 270 20.39 -35.18 -178.03
CA ASP P 270 19.43 -34.17 -178.42
C ASP P 270 18.21 -34.11 -177.51
N GLY P 271 18.17 -34.91 -176.45
CA GLY P 271 17.08 -34.81 -175.51
C GLY P 271 17.02 -36.02 -174.61
N VAL P 272 15.89 -36.18 -173.95
CA VAL P 272 15.69 -37.32 -173.07
C VAL P 272 14.20 -37.63 -172.96
N LEU P 273 13.86 -38.91 -173.01
CA LEU P 273 12.53 -39.38 -172.62
C LEU P 273 12.51 -39.81 -171.17
N LEU P 274 11.35 -39.67 -170.56
CA LEU P 274 11.08 -40.13 -169.22
C LEU P 274 9.68 -40.73 -169.20
N GLY P 275 9.50 -41.75 -168.39
CA GLY P 275 8.21 -42.36 -168.22
C GLY P 275 8.25 -43.30 -167.03
N PRO P 276 7.12 -43.89 -166.70
CA PRO P 276 7.12 -44.97 -165.71
C PRO P 276 7.50 -46.29 -166.36
N ILE P 277 7.75 -47.27 -165.50
CA ILE P 277 8.44 -48.47 -165.92
C ILE P 277 7.55 -49.35 -166.79
N GLY P 278 6.23 -49.28 -166.64
CA GLY P 278 5.35 -50.07 -167.48
C GLY P 278 5.35 -49.60 -168.92
N SER P 279 5.21 -48.29 -169.12
CA SER P 279 5.27 -47.71 -170.45
C SER P 279 6.65 -47.87 -171.07
N ILE P 280 7.70 -47.85 -170.26
CA ILE P 280 9.02 -47.99 -170.86
C ILE P 280 9.34 -49.44 -171.22
N GLN P 281 8.81 -50.41 -170.47
CA GLN P 281 8.91 -51.79 -170.91
C GLN P 281 8.11 -52.03 -172.19
N LYS P 282 6.97 -51.36 -172.33
CA LYS P 282 6.22 -51.41 -173.58
C LYS P 282 7.00 -50.81 -174.73
N LEU P 283 7.68 -49.68 -174.49
CA LEU P 283 8.46 -49.06 -175.55
C LEU P 283 9.66 -49.90 -175.94
N THR P 284 10.30 -50.56 -174.98
CA THR P 284 11.40 -51.46 -175.29
C THR P 284 10.92 -52.64 -176.13
N ASN P 285 9.74 -53.16 -175.80
CA ASN P 285 9.15 -54.26 -176.56
C ASN P 285 8.85 -53.83 -177.99
N ILE P 286 8.28 -52.64 -178.16
CA ILE P 286 7.86 -52.21 -179.48
C ILE P 286 9.07 -51.78 -180.33
N LEU P 287 10.03 -51.09 -179.73
CA LEU P 287 11.26 -50.74 -180.42
C LEU P 287 12.41 -51.38 -179.66
N SER P 288 12.61 -52.67 -179.88
CA SER P 288 13.85 -53.32 -179.46
C SER P 288 14.97 -53.11 -180.47
N GLN P 289 14.66 -52.66 -181.68
CA GLN P 289 15.69 -52.50 -182.69
C GLN P 289 16.42 -51.17 -182.56
N TYR P 290 15.79 -50.18 -181.97
CA TYR P 290 16.35 -48.84 -181.90
C TYR P 290 16.99 -48.53 -180.57
N ILE P 291 16.71 -49.32 -179.53
CA ILE P 291 17.41 -49.13 -178.26
C ILE P 291 18.84 -49.62 -178.40
N SER P 292 19.74 -49.00 -177.64
CA SER P 292 21.14 -49.37 -177.61
C SER P 292 21.76 -48.78 -176.37
N THR P 293 22.59 -49.55 -175.68
CA THR P 293 23.30 -49.04 -174.52
C THR P 293 24.64 -48.50 -175.00
N GLN P 294 24.77 -47.18 -174.99
CA GLN P 294 25.98 -46.51 -175.42
C GLN P 294 26.64 -45.83 -174.24
N VAL P 295 27.96 -45.75 -174.28
CA VAL P 295 28.74 -45.10 -173.24
C VAL P 295 28.92 -43.65 -173.63
N VAL P 296 28.46 -42.74 -172.77
CA VAL P 296 28.45 -41.31 -173.07
C VAL P 296 29.28 -40.60 -172.00
N SER P 297 29.97 -39.54 -172.42
CA SER P 297 30.79 -38.77 -171.49
C SER P 297 29.94 -37.73 -170.79
N ALA P 298 29.81 -37.84 -169.47
CA ALA P 298 28.94 -36.96 -168.73
C ALA P 298 29.68 -36.39 -167.52
N PRO P 299 29.44 -35.13 -167.18
CA PRO P 299 30.18 -34.51 -166.08
C PRO P 299 29.54 -34.80 -164.74
N ILE P 300 30.32 -35.37 -163.83
CA ILE P 300 29.94 -35.48 -162.43
C ILE P 300 30.73 -34.40 -161.68
N SER P 301 30.18 -33.20 -161.66
CA SER P 301 30.81 -32.01 -161.09
C SER P 301 29.73 -30.95 -160.93
N TYR P 302 30.14 -29.73 -160.64
CA TYR P 302 29.21 -28.63 -160.48
C TYR P 302 29.69 -27.44 -161.27
N GLY P 303 28.73 -26.69 -161.82
CA GLY P 303 29.06 -25.60 -162.73
C GLY P 303 29.63 -24.41 -162.02
N HIS P 304 30.76 -23.93 -162.49
CA HIS P 304 31.42 -22.75 -161.96
C HIS P 304 30.85 -21.51 -162.63
N PHE P 305 30.25 -20.62 -161.85
CA PHE P 305 29.68 -19.40 -162.38
C PHE P 305 30.75 -18.30 -162.42
N ILE P 306 30.68 -17.47 -163.44
CA ILE P 306 31.66 -16.41 -163.68
C ILE P 306 31.01 -15.08 -163.34
N MET P 307 31.72 -14.23 -162.62
CA MET P 307 31.15 -12.95 -162.18
C MET P 307 30.99 -11.99 -163.36
N GLY P 308 32.10 -11.59 -163.98
CA GLY P 308 31.99 -10.69 -165.11
C GLY P 308 32.96 -9.54 -165.17
N LYS P 309 33.57 -9.35 -166.33
CA LYS P 309 34.43 -8.20 -166.53
C LYS P 309 33.63 -6.91 -166.56
N GLU P 310 32.38 -6.97 -167.03
CA GLU P 310 31.50 -5.82 -166.92
C GLU P 310 31.13 -5.55 -165.47
N ASN P 311 31.13 -6.59 -164.62
CA ASN P 311 30.94 -6.37 -163.20
C ASN P 311 32.18 -5.70 -162.60
N ALA P 312 33.35 -5.96 -163.16
CA ALA P 312 34.55 -5.27 -162.68
C ALA P 312 34.61 -3.81 -163.12
N VAL P 313 34.09 -3.51 -164.31
CA VAL P 313 34.21 -2.17 -164.88
C VAL P 313 33.43 -1.14 -164.04
N THR P 314 32.19 -1.46 -163.68
CA THR P 314 31.40 -0.54 -162.88
C THR P 314 31.94 -0.41 -161.45
N ALA P 315 32.65 -1.42 -160.96
CA ALA P 315 33.32 -1.29 -159.67
C ALA P 315 34.49 -0.32 -159.76
N ILE P 316 35.26 -0.38 -160.85
CA ILE P 316 36.33 0.60 -161.07
C ILE P 316 35.74 2.00 -161.21
N ALA P 317 34.58 2.10 -161.85
CA ALA P 317 33.91 3.39 -162.02
C ALA P 317 33.48 3.98 -160.70
N TYR P 318 32.82 3.19 -159.85
CA TYR P 318 32.36 3.70 -158.55
C TYR P 318 33.52 4.03 -157.64
N ARG P 319 34.60 3.23 -157.70
CA ARG P 319 35.79 3.52 -156.92
C ARG P 319 36.42 4.83 -157.34
N ALA P 320 36.42 5.11 -158.65
CA ALA P 320 36.96 6.37 -159.14
C ALA P 320 36.06 7.55 -158.82
N ILE P 321 34.76 7.33 -158.71
CA ILE P 321 33.86 8.42 -158.30
C ILE P 321 34.11 8.78 -156.84
N MET P 322 34.19 7.77 -155.97
CA MET P 322 34.35 8.04 -154.55
C MET P 322 35.72 8.62 -154.23
N ALA P 323 36.79 7.90 -154.55
CA ALA P 323 38.11 8.35 -154.10
C ALA P 323 39.14 7.89 -155.12
N ASP P 324 40.42 7.91 -154.71
CA ASP P 324 41.61 7.25 -155.25
C ASP P 324 41.66 7.09 -156.77
N PHE P 325 41.25 8.13 -157.49
CA PHE P 325 41.23 8.07 -158.94
C PHE P 325 42.64 8.06 -159.53
N THR P 326 43.63 8.55 -158.78
CA THR P 326 45.02 8.47 -159.19
C THR P 326 45.65 7.10 -158.94
N GLN P 327 44.92 6.15 -158.33
CA GLN P 327 45.53 4.88 -157.97
C GLN P 327 45.72 3.99 -159.19
N PHE P 328 44.74 3.98 -160.11
CA PHE P 328 44.77 3.20 -161.36
C PHE P 328 44.96 1.71 -161.06
N THR P 329 43.90 1.12 -160.50
CA THR P 329 43.87 -0.17 -159.81
C THR P 329 44.59 -1.35 -160.46
N VAL P 330 44.81 -1.31 -161.78
CA VAL P 330 45.61 -2.32 -162.44
C VAL P 330 47.04 -2.26 -161.91
N ASN P 331 47.61 -3.43 -161.60
CA ASN P 331 48.94 -3.48 -161.02
C ASN P 331 50.00 -3.47 -162.11
N SER P 349 38.40 -28.40 -165.29
CA SER P 349 37.33 -27.59 -164.71
C SER P 349 36.28 -28.49 -164.07
N ARG P 350 35.83 -29.47 -164.82
CA ARG P 350 34.83 -30.42 -164.36
C ARG P 350 35.36 -31.84 -164.54
N ALA P 351 34.94 -32.73 -163.65
CA ALA P 351 35.32 -34.14 -163.73
C ALA P 351 34.33 -34.86 -164.64
N TYR P 352 34.81 -35.29 -165.81
CA TYR P 352 33.98 -35.99 -166.78
C TYR P 352 34.19 -37.49 -166.61
N ALA P 353 33.11 -38.21 -166.36
CA ALA P 353 33.15 -39.66 -166.25
C ALA P 353 32.30 -40.27 -167.35
N ASP P 354 32.72 -41.43 -167.84
CA ASP P 354 31.92 -42.13 -168.85
C ASP P 354 30.88 -42.98 -168.16
N LEU P 355 29.63 -42.84 -168.58
CA LEU P 355 28.56 -43.64 -168.00
C LEU P 355 27.78 -44.33 -169.10
N LYS P 356 27.34 -45.55 -168.82
CA LYS P 356 26.49 -46.27 -169.76
C LYS P 356 25.10 -45.67 -169.78
N LEU P 357 24.42 -45.79 -170.91
CA LEU P 357 23.16 -45.10 -171.09
C LEU P 357 22.31 -45.85 -172.08
N ASN P 358 21.02 -45.99 -171.76
CA ASN P 358 20.07 -46.66 -172.63
C ASN P 358 19.59 -45.64 -173.66
N THR P 359 20.19 -45.64 -174.84
CA THR P 359 19.95 -44.58 -175.80
C THR P 359 18.79 -44.94 -176.73
N LEU P 360 18.51 -44.03 -177.67
CA LEU P 360 17.50 -44.22 -178.71
C LEU P 360 17.93 -43.47 -179.97
N LYS P 361 17.96 -44.16 -181.10
CA LYS P 361 18.28 -43.53 -182.37
C LYS P 361 16.97 -43.37 -183.16
N LEU P 362 16.36 -42.21 -183.06
CA LEU P 362 15.09 -41.91 -183.70
C LEU P 362 15.24 -40.67 -184.57
N GLY P 363 14.91 -40.80 -185.85
CA GLY P 363 14.91 -39.68 -186.78
C GLY P 363 16.25 -38.99 -186.93
N ASP P 364 17.33 -39.77 -187.01
CA ASP P 364 18.72 -39.32 -187.10
C ASP P 364 19.19 -38.53 -185.88
N LYS P 365 18.44 -38.53 -184.77
CA LYS P 365 18.80 -37.75 -183.60
C LYS P 365 18.76 -38.63 -182.36
N LEU P 366 19.89 -38.74 -181.67
CA LEU P 366 20.05 -39.65 -180.56
C LEU P 366 19.47 -39.06 -179.29
N VAL P 367 18.70 -39.88 -178.56
CA VAL P 367 17.92 -39.42 -177.40
C VAL P 367 18.15 -40.39 -176.24
N ALA P 368 18.48 -39.86 -175.07
CA ALA P 368 18.57 -40.67 -173.87
C ALA P 368 17.20 -41.15 -173.41
N PHE P 369 17.17 -42.20 -172.60
CA PHE P 369 15.94 -42.95 -172.36
C PHE P 369 16.11 -43.85 -171.14
N ASP P 370 15.28 -43.67 -170.11
CA ASP P 370 15.41 -44.51 -168.92
C ASP P 370 14.12 -44.51 -168.14
N HIS P 371 13.98 -45.53 -167.31
CA HIS P 371 12.91 -45.60 -166.32
C HIS P 371 13.37 -44.99 -165.01
N LEU P 372 12.44 -44.37 -164.30
CA LEU P 372 12.72 -43.78 -163.00
C LEU P 372 12.01 -44.51 -161.88
N HIS P 373 11.98 -45.84 -161.96
CA HIS P 373 11.39 -46.61 -160.87
C HIS P 373 12.30 -46.69 -159.67
N LYS P 374 13.62 -46.55 -159.87
CA LYS P 374 14.56 -46.75 -158.78
C LYS P 374 14.56 -45.59 -157.81
N VAL P 375 14.24 -44.38 -158.27
CA VAL P 375 14.17 -43.25 -157.35
C VAL P 375 12.86 -43.20 -156.57
N TYR P 376 11.87 -44.00 -156.96
CA TYR P 376 10.54 -43.89 -156.40
C TYR P 376 10.05 -45.16 -155.73
N LYS P 377 10.74 -46.29 -155.85
CA LYS P 377 10.28 -47.50 -155.22
C LYS P 377 10.54 -47.45 -153.71
N ASN P 378 9.65 -48.13 -152.97
CA ASN P 378 9.72 -48.30 -151.51
C ASN P 378 9.68 -46.96 -150.77
N THR P 379 9.04 -45.95 -151.35
CA THR P 379 8.86 -44.66 -150.72
C THR P 379 7.38 -44.30 -150.76
N ASP P 380 7.02 -43.27 -150.00
CA ASP P 380 5.65 -42.77 -150.10
C ASP P 380 5.45 -41.87 -151.31
N VAL P 381 6.53 -41.37 -151.89
CA VAL P 381 6.45 -40.42 -152.99
C VAL P 381 6.08 -41.18 -154.26
N ASN P 382 4.90 -40.88 -154.79
CA ASN P 382 4.48 -41.51 -156.03
C ASN P 382 5.19 -40.87 -157.21
N ASP P 383 5.16 -41.57 -158.33
CA ASP P 383 5.69 -41.04 -159.57
C ASP P 383 4.74 -39.95 -160.06
N PRO P 384 5.20 -38.72 -160.25
CA PRO P 384 4.31 -37.69 -160.80
C PRO P 384 3.99 -37.88 -162.27
N LEU P 385 4.69 -38.78 -162.96
CA LEU P 385 4.33 -39.14 -164.32
C LEU P 385 3.06 -39.98 -164.38
N GLU P 386 2.66 -40.61 -163.29
CA GLU P 386 1.34 -41.20 -163.20
C GLU P 386 0.34 -40.13 -162.84
N GLN P 387 -0.87 -40.23 -163.39
CA GLN P 387 -1.91 -39.27 -163.06
C GLN P 387 -3.27 -39.92 -163.28
N SER P 388 -4.32 -39.16 -162.96
CA SER P 388 -5.69 -39.65 -162.98
C SER P 388 -6.50 -38.86 -163.99
N LEU P 389 -7.19 -39.56 -164.88
CA LEU P 389 -8.12 -38.94 -165.81
C LEU P 389 -9.54 -39.34 -165.45
N GLN P 390 -10.48 -38.45 -165.75
CA GLN P 390 -11.90 -38.73 -165.61
C GLN P 390 -12.54 -38.57 -166.98
N LEU P 391 -13.09 -39.66 -167.49
CA LEU P 391 -13.73 -39.65 -168.81
C LEU P 391 -15.22 -39.92 -168.62
N THR P 392 -16.05 -39.06 -169.20
CA THR P 392 -17.49 -39.19 -169.08
C THR P 392 -18.04 -39.86 -170.32
N PHE P 393 -18.65 -41.01 -170.16
CA PHE P 393 -19.25 -41.77 -171.24
C PHE P 393 -20.76 -41.66 -171.17
N PHE P 394 -21.44 -41.66 -172.32
CA PHE P 394 -22.89 -41.64 -172.29
C PHE P 394 -23.43 -42.73 -173.22
N PHE P 395 -24.30 -43.57 -172.68
CA PHE P 395 -24.93 -44.62 -173.45
C PHE P 395 -26.43 -44.42 -173.44
N PRO P 396 -27.09 -44.53 -174.58
CA PRO P 396 -28.53 -44.30 -174.65
C PRO P 396 -29.33 -45.58 -174.53
N LEU P 397 -30.64 -45.46 -174.33
CA LEU P 397 -31.55 -46.59 -174.49
C LEU P 397 -32.93 -46.06 -174.86
N GLY P 398 -33.75 -46.95 -175.39
CA GLY P 398 -35.13 -46.63 -175.64
C GLY P 398 -35.38 -45.82 -176.89
N ILE P 399 -34.40 -45.69 -177.75
CA ILE P 399 -34.56 -44.86 -178.95
C ILE P 399 -35.39 -45.60 -179.98
N TYR P 400 -35.86 -44.86 -180.99
CA TYR P 400 -36.59 -45.43 -182.11
C TYR P 400 -35.87 -45.11 -183.41
N ILE P 401 -35.95 -46.04 -184.36
CA ILE P 401 -35.34 -45.93 -185.67
C ILE P 401 -36.44 -45.78 -186.71
N PRO P 402 -36.56 -44.61 -187.36
CA PRO P 402 -37.53 -44.40 -188.44
C PRO P 402 -37.25 -45.27 -189.66
N ASN P 422 -38.89 -54.06 -186.35
CA ASN P 422 -39.51 -55.27 -185.83
C ASN P 422 -39.95 -55.09 -184.39
N ASN P 423 -39.05 -55.40 -183.45
CA ASN P 423 -39.35 -55.42 -182.03
C ASN P 423 -38.55 -54.31 -181.36
N LEU P 424 -39.25 -53.31 -180.84
CA LEU P 424 -38.61 -52.09 -180.36
C LEU P 424 -37.74 -52.37 -179.13
N PRO P 425 -36.65 -51.62 -178.96
CA PRO P 425 -35.74 -51.90 -177.84
C PRO P 425 -36.32 -51.42 -176.52
N THR P 426 -36.27 -52.31 -175.52
CA THR P 426 -36.66 -51.99 -174.16
C THR P 426 -35.50 -52.06 -173.18
N SER P 427 -34.33 -52.53 -173.61
CA SER P 427 -33.17 -52.66 -172.74
C SER P 427 -31.93 -52.43 -173.59
N VAL P 428 -30.85 -51.98 -172.96
CA VAL P 428 -29.60 -51.83 -173.70
C VAL P 428 -28.50 -52.49 -172.90
N PHE P 429 -27.43 -52.86 -173.59
CA PHE P 429 -26.41 -53.72 -173.03
C PHE P 429 -25.08 -52.99 -172.97
N PHE P 430 -24.21 -53.49 -172.09
CA PHE P 430 -23.19 -52.71 -171.43
C PHE P 430 -22.04 -53.65 -171.12
N HIS P 431 -20.85 -53.11 -170.92
CA HIS P 431 -19.69 -53.92 -170.57
C HIS P 431 -19.13 -53.51 -169.23
N ASN P 432 -18.72 -54.49 -168.44
CA ASN P 432 -18.02 -54.18 -167.21
C ASN P 432 -16.54 -54.02 -167.51
N LYS P 433 -15.73 -53.96 -166.45
CA LYS P 433 -14.28 -53.83 -166.62
C LYS P 433 -13.69 -55.08 -167.25
N ASP P 434 -14.15 -56.26 -166.84
CA ASP P 434 -13.56 -57.54 -167.23
C ASP P 434 -14.42 -58.30 -168.22
N GLN P 435 -15.02 -57.61 -169.20
CA GLN P 435 -15.80 -58.18 -170.31
C GLN P 435 -17.03 -58.96 -169.81
N VAL P 436 -17.48 -58.68 -168.59
CA VAL P 436 -18.74 -59.24 -168.11
C VAL P 436 -19.88 -58.40 -168.69
N VAL P 437 -20.79 -59.05 -169.41
CA VAL P 437 -21.88 -58.35 -170.07
C VAL P 437 -22.88 -57.91 -169.02
N GLN P 438 -23.30 -56.64 -169.09
CA GLN P 438 -24.23 -56.05 -168.17
C GLN P 438 -25.46 -55.59 -168.95
N ARG P 439 -26.63 -55.68 -168.31
CA ARG P 439 -27.90 -55.33 -168.91
C ARG P 439 -28.45 -54.12 -168.17
N ILE P 440 -29.27 -53.30 -168.86
CA ILE P 440 -30.02 -52.26 -168.15
C ILE P 440 -31.36 -52.05 -168.83
N ASP P 441 -32.39 -51.89 -168.00
CA ASP P 441 -33.80 -51.89 -168.38
C ASP P 441 -34.52 -50.73 -167.71
N PHE P 442 -35.73 -50.43 -168.20
CA PHE P 442 -36.59 -49.42 -167.57
C PHE P 442 -36.95 -49.82 -166.15
N ALA P 443 -37.02 -51.12 -165.86
CA ALA P 443 -37.23 -51.57 -164.49
C ALA P 443 -36.06 -51.19 -163.60
N ASP P 444 -34.85 -51.15 -164.15
CA ASP P 444 -33.72 -50.63 -163.40
C ASP P 444 -33.78 -49.11 -163.31
N ILE P 445 -34.36 -48.47 -164.32
CA ILE P 445 -34.46 -47.01 -164.34
C ILE P 445 -35.40 -46.49 -163.28
N LEU P 446 -36.49 -47.24 -162.99
CA LEU P 446 -37.63 -46.85 -162.14
C LEU P 446 -37.37 -46.00 -160.90
N PRO P 447 -36.38 -46.29 -160.02
CA PRO P 447 -36.25 -45.45 -158.81
C PRO P 447 -35.69 -44.07 -159.08
N SER P 448 -35.14 -43.84 -160.26
CA SER P 448 -34.72 -42.53 -160.69
C SER P 448 -35.87 -41.76 -161.34
N VAL P 449 -36.49 -42.36 -162.35
CA VAL P 449 -37.51 -41.68 -163.13
C VAL P 449 -38.82 -41.51 -162.37
N CYS P 450 -39.02 -42.27 -161.29
CA CYS P 450 -40.29 -42.25 -160.56
C CYS P 450 -40.28 -41.23 -159.43
N HIS P 451 -39.49 -40.14 -159.56
CA HIS P 451 -39.22 -39.16 -158.53
C HIS P 451 -40.20 -37.98 -158.61
N PRO P 452 -40.58 -37.40 -157.47
CA PRO P 452 -41.60 -36.33 -157.48
C PRO P 452 -41.15 -34.99 -158.06
N ILE P 453 -39.86 -34.66 -158.10
CA ILE P 453 -39.52 -33.37 -158.72
C ILE P 453 -39.59 -33.46 -160.23
N VAL P 454 -39.58 -34.67 -160.79
CA VAL P 454 -39.85 -34.87 -162.21
C VAL P 454 -41.30 -34.52 -162.51
N HIS P 455 -42.23 -34.94 -161.65
CA HIS P 455 -43.65 -34.70 -161.82
C HIS P 455 -44.11 -33.38 -161.21
N ASP P 456 -43.20 -32.62 -160.60
CA ASP P 456 -43.53 -31.26 -160.17
C ASP P 456 -43.61 -30.35 -161.40
N SER P 457 -44.30 -29.21 -161.23
CA SER P 457 -44.36 -28.21 -162.28
C SER P 457 -44.23 -26.77 -161.81
N THR P 458 -44.13 -26.53 -160.51
CA THR P 458 -44.16 -25.17 -159.96
C THR P 458 -42.98 -24.35 -160.45
N ILE P 459 -41.80 -24.94 -160.45
CA ILE P 459 -40.64 -24.15 -160.80
C ILE P 459 -40.55 -24.00 -162.31
N VAL P 460 -41.02 -24.97 -163.09
CA VAL P 460 -40.91 -24.83 -164.54
C VAL P 460 -41.95 -23.84 -165.07
N GLU P 461 -43.15 -23.78 -164.45
CA GLU P 461 -44.07 -22.72 -164.83
C GLU P 461 -43.57 -21.36 -164.35
N ARG P 462 -42.85 -21.33 -163.22
CA ARG P 462 -42.24 -20.09 -162.75
C ARG P 462 -41.16 -19.61 -163.71
N LEU P 463 -40.34 -20.53 -164.22
CA LEU P 463 -39.22 -20.15 -165.08
C LEU P 463 -39.67 -19.80 -166.48
N MET P 464 -40.77 -20.38 -166.97
CA MET P 464 -41.35 -19.84 -168.20
C MET P 464 -42.03 -18.50 -167.95
N LYS P 465 -42.58 -18.31 -166.74
CA LYS P 465 -43.24 -17.06 -166.39
C LYS P 465 -42.25 -15.90 -166.27
N ASN P 466 -40.99 -16.21 -165.91
CA ASN P 466 -39.99 -15.18 -165.71
C ASN P 466 -39.60 -14.43 -166.98
N GLU P 467 -39.79 -15.04 -168.15
CA GLU P 467 -39.61 -14.34 -169.43
C GLU P 467 -40.91 -14.40 -170.22
N PRO P 468 -41.77 -13.39 -170.12
CA PRO P 468 -43.06 -13.40 -170.82
C PRO P 468 -43.07 -12.71 -172.17
N LEU P 469 -41.93 -12.20 -172.63
CA LEU P 469 -41.87 -11.44 -173.87
C LEU P 469 -41.21 -12.26 -174.96
N PRO P 470 -41.96 -12.73 -175.96
CA PRO P 470 -41.32 -13.34 -177.13
C PRO P 470 -40.86 -12.27 -178.12
N THR P 471 -40.40 -12.69 -179.30
CA THR P 471 -39.70 -11.79 -180.20
C THR P 471 -40.64 -10.78 -180.84
N GLY P 472 -41.60 -11.24 -181.62
CA GLY P 472 -42.43 -10.34 -182.39
C GLY P 472 -42.29 -10.57 -183.88
N HIS P 473 -43.33 -10.16 -184.63
CA HIS P 473 -43.53 -10.22 -186.09
C HIS P 473 -43.79 -11.63 -186.59
N ARG P 474 -43.50 -12.63 -185.76
CA ARG P 474 -44.03 -13.98 -185.88
C ARG P 474 -44.74 -14.39 -184.60
N PHE P 475 -44.04 -14.30 -183.48
CA PHE P 475 -44.58 -14.76 -182.21
C PHE P 475 -45.67 -13.83 -181.69
N SER P 476 -45.59 -12.55 -182.01
CA SER P 476 -46.57 -11.59 -181.53
C SER P 476 -47.93 -11.82 -182.17
N GLN P 477 -47.96 -11.99 -183.49
CA GLN P 477 -49.20 -12.39 -184.15
C GLN P 477 -49.58 -13.83 -183.89
N LEU P 478 -48.62 -14.66 -183.45
CA LEU P 478 -48.96 -16.06 -183.23
C LEU P 478 -49.60 -16.28 -181.87
N CYS P 479 -48.86 -16.02 -180.80
CA CYS P 479 -49.17 -16.50 -179.45
C CYS P 479 -50.30 -15.73 -178.78
N GLN P 480 -51.01 -14.88 -179.50
CA GLN P 480 -52.24 -14.28 -179.00
C GLN P 480 -53.39 -15.24 -179.24
N LEU P 481 -53.88 -15.84 -178.17
CA LEU P 481 -55.11 -16.63 -178.19
C LEU P 481 -56.02 -16.09 -177.09
N LYS P 482 -57.20 -16.69 -176.98
CA LYS P 482 -58.13 -16.32 -175.93
C LYS P 482 -58.77 -17.58 -175.37
N ILE P 483 -59.17 -17.51 -174.11
CA ILE P 483 -59.88 -18.60 -173.46
C ILE P 483 -61.18 -18.06 -172.89
N THR P 484 -62.24 -18.88 -172.94
CA THR P 484 -63.54 -18.46 -172.43
C THR P 484 -64.23 -19.68 -171.85
N ARG P 485 -64.43 -19.71 -170.53
CA ARG P 485 -65.14 -20.81 -169.91
C ARG P 485 -66.42 -20.39 -169.24
N GLU P 486 -66.83 -19.13 -169.38
CA GLU P 486 -68.06 -18.64 -168.77
C GLU P 486 -69.22 -18.72 -169.75
N ASN P 487 -69.44 -19.94 -170.27
CA ASN P 487 -70.63 -20.26 -171.04
C ASN P 487 -71.06 -21.65 -170.61
N PRO P 488 -71.89 -21.76 -169.58
CA PRO P 488 -72.43 -23.09 -169.21
C PRO P 488 -73.84 -23.30 -169.74
N THR P 489 -74.43 -22.27 -170.31
CA THR P 489 -75.86 -22.22 -170.58
C THR P 489 -76.10 -21.88 -172.04
N ARG P 490 -76.95 -22.69 -172.68
CA ARG P 490 -77.43 -22.50 -174.06
C ARG P 490 -76.28 -22.49 -175.06
N ILE P 491 -75.52 -23.60 -175.05
CA ILE P 491 -74.40 -23.73 -175.97
C ILE P 491 -74.90 -23.88 -177.40
N LEU P 492 -76.02 -24.61 -177.56
CA LEU P 492 -76.65 -24.81 -178.85
C LEU P 492 -77.18 -23.51 -179.45
N GLN P 493 -77.46 -22.51 -178.61
CA GLN P 493 -77.87 -21.20 -179.11
C GLN P 493 -76.72 -20.23 -179.28
N THR P 494 -75.69 -20.31 -178.43
CA THR P 494 -74.55 -19.42 -178.58
C THR P 494 -73.63 -19.82 -179.73
N LEU P 495 -73.72 -21.08 -180.19
CA LEU P 495 -72.93 -21.52 -181.33
C LEU P 495 -73.29 -20.76 -182.60
N TYR P 496 -74.57 -20.42 -182.76
CA TYR P 496 -74.99 -19.72 -183.96
C TYR P 496 -74.55 -18.28 -183.93
N ASN P 497 -74.43 -17.69 -182.74
CA ASN P 497 -73.78 -16.39 -182.58
C ASN P 497 -72.32 -16.46 -182.99
N LEU P 498 -71.63 -17.52 -182.56
CA LEU P 498 -70.20 -17.66 -182.86
C LEU P 498 -69.95 -17.81 -184.35
N TYR P 499 -70.73 -18.64 -185.04
CA TYR P 499 -70.48 -18.83 -186.45
C TYR P 499 -71.21 -17.82 -187.32
N GLU P 500 -72.08 -16.99 -186.75
CA GLU P 500 -72.56 -15.81 -187.46
C GLU P 500 -71.54 -14.70 -187.42
N SER P 501 -70.69 -14.68 -186.38
CA SER P 501 -69.69 -13.64 -186.22
C SER P 501 -68.65 -13.63 -187.34
N ARG P 502 -68.38 -14.80 -187.95
CA ARG P 502 -67.64 -15.00 -189.21
C ARG P 502 -66.24 -14.37 -189.25
N GLN P 503 -65.51 -14.44 -188.13
CA GLN P 503 -64.10 -14.08 -188.17
C GLN P 503 -63.25 -15.31 -187.83
N GLU P 504 -61.96 -15.21 -188.14
CA GLU P 504 -61.05 -16.34 -187.96
C GLU P 504 -60.54 -16.40 -186.52
N VAL P 505 -60.10 -17.60 -186.13
CA VAL P 505 -59.55 -17.86 -184.81
C VAL P 505 -58.08 -18.22 -184.98
N PRO P 506 -57.17 -17.70 -184.15
CA PRO P 506 -55.77 -18.08 -184.27
C PRO P 506 -55.57 -19.56 -183.94
N LYS P 507 -54.74 -20.21 -184.74
CA LYS P 507 -54.51 -21.64 -184.59
C LYS P 507 -53.70 -21.91 -183.34
N ASN P 508 -53.84 -23.14 -182.83
CA ASN P 508 -53.21 -23.48 -181.57
C ASN P 508 -51.78 -23.94 -181.77
N THR P 509 -51.00 -23.88 -180.70
CA THR P 509 -49.60 -24.25 -180.74
C THR P 509 -49.42 -25.71 -181.13
N ASN P 510 -50.29 -26.57 -180.61
CA ASN P 510 -50.22 -27.99 -180.93
C ASN P 510 -50.45 -28.23 -182.42
N VAL P 511 -51.40 -27.49 -182.99
CA VAL P 511 -51.70 -27.60 -184.41
C VAL P 511 -50.51 -27.18 -185.27
N LEU P 512 -49.85 -26.11 -184.84
CA LEU P 512 -48.68 -25.61 -185.57
C LEU P 512 -47.47 -26.50 -185.36
N LYS P 513 -47.36 -27.09 -184.18
CA LYS P 513 -46.32 -28.07 -183.91
C LYS P 513 -46.56 -29.37 -184.67
N ASN P 514 -47.83 -29.68 -184.93
CA ASN P 514 -48.20 -30.85 -185.70
C ASN P 514 -47.76 -30.71 -187.15
N GLU P 515 -47.91 -29.51 -187.72
CA GLU P 515 -47.71 -29.30 -189.16
C GLU P 515 -46.30 -29.63 -189.68
N LEU P 516 -45.33 -29.78 -188.79
CA LEU P 516 -43.94 -29.99 -189.16
C LEU P 516 -43.57 -31.47 -189.07
N ASN P 517 -42.54 -31.82 -189.84
CA ASN P 517 -41.93 -33.13 -189.76
C ASN P 517 -41.13 -33.23 -188.46
N VAL P 518 -40.69 -34.44 -188.11
CA VAL P 518 -39.83 -34.56 -186.94
C VAL P 518 -38.43 -34.03 -187.24
N GLU P 519 -37.97 -34.13 -188.49
CA GLU P 519 -36.72 -33.49 -188.88
C GLU P 519 -36.90 -32.00 -189.11
N ASP P 520 -38.13 -31.56 -189.30
CA ASP P 520 -38.46 -30.15 -189.35
C ASP P 520 -38.67 -29.56 -187.96
N PHE P 521 -38.89 -30.42 -186.97
CA PHE P 521 -39.25 -29.99 -185.62
C PHE P 521 -38.08 -29.31 -184.94
N TYR P 522 -36.89 -29.87 -185.10
CA TYR P 522 -35.69 -29.35 -184.45
C TYR P 522 -35.05 -28.21 -185.23
N LYS P 523 -35.56 -27.94 -186.43
CA LYS P 523 -35.17 -26.75 -187.16
C LYS P 523 -35.60 -25.51 -186.37
N PRO P 524 -34.77 -24.47 -186.30
CA PRO P 524 -35.14 -23.28 -185.49
C PRO P 524 -36.25 -22.44 -186.10
N ASP P 525 -36.67 -22.71 -187.34
CA ASP P 525 -37.82 -22.03 -187.91
C ASP P 525 -39.13 -22.51 -187.31
N ASN P 526 -39.12 -23.60 -186.55
CA ASN P 526 -40.23 -24.01 -185.72
C ASN P 526 -40.52 -22.92 -184.69
N PRO P 527 -41.71 -22.34 -184.67
CA PRO P 527 -42.03 -21.37 -183.62
C PRO P 527 -42.31 -22.02 -182.27
N THR P 528 -42.58 -23.32 -182.23
CA THR P 528 -43.04 -23.99 -181.03
C THR P 528 -41.92 -24.65 -180.25
N LEU P 529 -40.68 -24.29 -180.51
CA LEU P 529 -39.59 -24.91 -179.76
C LEU P 529 -39.37 -24.35 -178.34
N PRO P 530 -39.50 -23.04 -178.04
CA PRO P 530 -39.49 -22.63 -176.63
C PRO P 530 -40.74 -23.02 -175.86
N THR P 531 -41.77 -23.55 -176.55
CA THR P 531 -42.95 -24.05 -175.87
C THR P 531 -42.63 -25.25 -174.98
N GLU P 532 -41.80 -26.17 -175.47
CA GLU P 532 -41.60 -27.46 -174.82
C GLU P 532 -40.43 -27.37 -173.85
N ARG P 533 -40.72 -27.09 -172.59
CA ARG P 533 -39.73 -27.21 -171.52
C ARG P 533 -39.84 -28.53 -170.79
N HIS P 534 -40.91 -29.28 -171.01
CA HIS P 534 -41.26 -30.42 -170.18
C HIS P 534 -42.28 -31.29 -170.91
N PRO P 535 -42.09 -32.60 -170.99
CA PRO P 535 -42.95 -33.42 -171.85
C PRO P 535 -44.16 -33.98 -171.11
N PHE P 536 -44.13 -33.92 -169.77
CA PHE P 536 -45.30 -34.31 -169.02
C PHE P 536 -46.36 -33.23 -169.09
N PHE P 537 -45.95 -31.97 -169.09
CA PHE P 537 -46.82 -30.86 -168.78
C PHE P 537 -46.72 -29.85 -169.90
N ASP P 538 -47.82 -29.62 -170.60
CA ASP P 538 -47.89 -28.61 -171.65
C ASP P 538 -47.78 -27.22 -171.05
N LEU P 539 -47.03 -26.36 -171.73
CA LEU P 539 -46.75 -25.02 -171.23
C LEU P 539 -47.05 -24.06 -172.37
N THR P 540 -48.07 -23.21 -172.19
CA THR P 540 -48.49 -22.33 -173.28
C THR P 540 -48.71 -20.92 -172.75
N TYR P 541 -49.10 -20.02 -173.66
CA TYR P 541 -49.37 -18.62 -173.34
C TYR P 541 -50.84 -18.33 -173.58
N ILE P 542 -51.64 -18.30 -172.52
CA ILE P 542 -53.03 -17.86 -172.63
C ILE P 542 -53.06 -16.36 -172.35
N GLN P 543 -54.16 -15.71 -172.72
CA GLN P 543 -54.24 -14.27 -172.63
C GLN P 543 -55.61 -13.83 -172.16
N LYS P 544 -55.64 -13.15 -171.02
CA LYS P 544 -56.81 -12.39 -170.58
C LYS P 544 -56.78 -11.02 -171.24
N ASN P 545 -57.57 -10.07 -170.74
CA ASN P 545 -57.56 -8.73 -171.31
C ASN P 545 -56.28 -7.99 -170.91
N ARG P 546 -55.51 -7.57 -171.93
CA ARG P 546 -54.26 -6.82 -171.79
C ARG P 546 -53.21 -7.59 -170.97
N ALA P 547 -53.24 -8.91 -171.06
CA ALA P 547 -52.39 -9.76 -170.24
C ALA P 547 -51.90 -10.95 -171.04
N THR P 548 -50.69 -11.40 -170.72
CA THR P 548 -50.08 -12.58 -171.33
C THR P 548 -49.64 -13.51 -170.19
N GLU P 549 -50.47 -14.48 -169.84
CA GLU P 549 -50.24 -15.33 -168.70
C GLU P 549 -49.82 -16.73 -169.15
N VAL P 550 -48.82 -17.29 -168.48
CA VAL P 550 -48.41 -18.66 -168.79
C VAL P 550 -49.44 -19.64 -168.25
N LEU P 551 -49.50 -20.82 -168.88
CA LEU P 551 -50.44 -21.85 -168.48
C LEU P 551 -49.74 -23.20 -168.49
N CYS P 552 -49.73 -23.85 -167.33
CA CYS P 552 -49.25 -25.22 -167.20
C CYS P 552 -50.44 -26.16 -167.13
N THR P 553 -50.39 -27.22 -167.93
CA THR P 553 -51.47 -28.18 -168.05
C THR P 553 -50.86 -29.58 -168.03
N PRO P 554 -51.40 -30.51 -167.26
CA PRO P 554 -50.91 -31.88 -167.35
C PRO P 554 -51.30 -32.55 -168.65
N ARG P 555 -50.34 -33.23 -169.26
CA ARG P 555 -50.56 -34.13 -170.38
C ARG P 555 -50.78 -35.50 -169.78
N ILE P 556 -51.96 -36.07 -169.99
CA ILE P 556 -52.38 -37.21 -169.19
C ILE P 556 -51.98 -38.52 -169.86
N MET P 557 -52.55 -38.80 -171.02
CA MET P 557 -52.29 -40.10 -171.62
C MET P 557 -51.01 -40.03 -172.45
N ILE P 558 -50.59 -41.18 -172.98
CA ILE P 558 -49.37 -41.24 -173.77
C ILE P 558 -49.59 -40.63 -175.14
N GLY P 559 -50.85 -40.46 -175.57
CA GLY P 559 -51.16 -39.67 -176.74
C GLY P 559 -51.44 -38.21 -176.49
N ASN P 560 -51.44 -37.83 -175.21
CA ASN P 560 -51.63 -36.46 -174.79
C ASN P 560 -50.26 -35.74 -174.68
N MET P 561 -49.22 -36.47 -175.07
CA MET P 561 -47.86 -35.97 -175.08
C MET P 561 -47.73 -34.99 -176.24
N PRO P 562 -46.63 -34.22 -176.25
CA PRO P 562 -46.35 -33.21 -177.28
C PRO P 562 -46.21 -33.84 -178.66
N LEU P 563 -46.50 -33.06 -179.69
CA LEU P 563 -46.47 -33.56 -181.05
C LEU P 563 -45.11 -34.10 -181.45
N PRO P 564 -45.12 -35.18 -182.23
CA PRO P 564 -44.05 -35.99 -182.78
C PRO P 564 -42.97 -36.56 -181.86
N LEU P 565 -43.34 -37.09 -180.68
CA LEU P 565 -42.35 -37.73 -179.83
C LEU P 565 -42.10 -39.10 -180.45
N ALA P 566 -43.19 -39.70 -180.91
CA ALA P 566 -43.19 -41.00 -181.54
C ALA P 566 -44.20 -40.91 -182.68
N PRO P 567 -43.81 -41.35 -183.88
CA PRO P 567 -44.71 -41.31 -185.03
C PRO P 567 -45.83 -42.33 -184.94
N ILE P 568 -46.61 -42.35 -186.02
CA ILE P 568 -47.71 -43.29 -186.16
C ILE P 568 -47.19 -44.72 -186.09
N SER P 569 -45.98 -44.95 -186.62
CA SER P 569 -45.39 -46.28 -186.62
C SER P 569 -44.94 -46.69 -185.22
N PHE P 570 -44.50 -45.73 -184.39
CA PHE P 570 -44.13 -46.13 -183.04
C PHE P 570 -45.35 -46.46 -182.20
N HIS P 571 -46.43 -45.70 -182.38
CA HIS P 571 -47.66 -46.04 -181.65
C HIS P 571 -48.18 -47.40 -182.08
N GLU P 572 -48.11 -47.70 -183.39
CA GLU P 572 -48.47 -49.02 -183.88
C GLU P 572 -47.53 -50.10 -183.33
N ALA P 573 -46.24 -49.77 -183.18
CA ALA P 573 -45.27 -50.77 -182.74
C ALA P 573 -45.45 -51.12 -181.28
N ARG P 574 -45.66 -50.11 -180.44
CA ARG P 574 -45.95 -50.37 -179.03
C ARG P 574 -47.28 -51.07 -178.86
N THR P 575 -48.23 -50.83 -179.78
CA THR P 575 -49.49 -51.55 -179.73
C THR P 575 -49.32 -53.02 -180.10
N ASN P 576 -48.47 -53.31 -181.10
CA ASN P 576 -48.14 -54.68 -181.44
C ASN P 576 -47.46 -55.38 -180.27
N GLN P 577 -46.62 -54.64 -179.55
CA GLN P 577 -46.01 -55.17 -178.33
C GLN P 577 -47.06 -55.48 -177.26
N MET P 578 -48.02 -54.57 -177.07
CA MET P 578 -49.04 -54.79 -176.05
C MET P 578 -49.91 -55.99 -176.38
N LEU P 579 -50.25 -56.16 -177.66
CA LEU P 579 -51.06 -57.31 -178.07
C LEU P 579 -50.30 -58.62 -177.94
N GLU P 580 -49.02 -58.64 -178.36
CA GLU P 580 -48.26 -59.88 -178.31
C GLU P 580 -47.89 -60.27 -176.89
N HIS P 581 -47.52 -59.29 -176.05
CA HIS P 581 -47.19 -59.59 -174.66
C HIS P 581 -48.43 -59.80 -173.79
N ALA P 582 -49.60 -59.34 -174.23
CA ALA P 582 -50.85 -59.71 -173.58
C ALA P 582 -51.49 -60.93 -174.20
N LYS P 583 -50.85 -61.51 -175.23
CA LYS P 583 -51.13 -62.81 -175.84
C LYS P 583 -52.43 -62.87 -176.62
N THR P 584 -53.19 -61.78 -176.69
CA THR P 584 -54.39 -61.74 -177.52
C THR P 584 -54.05 -61.14 -178.88
N ASN P 585 -54.57 -61.76 -179.94
CA ASN P 585 -54.45 -61.23 -181.30
C ASN P 585 -55.73 -61.56 -182.05
N SER P 586 -55.71 -61.38 -183.37
CA SER P 586 -56.93 -61.50 -184.15
C SER P 586 -56.60 -61.78 -185.60
N HIS P 587 -57.00 -62.96 -186.08
CA HIS P 587 -57.09 -63.18 -187.51
C HIS P 587 -58.38 -63.92 -187.84
N ASN P 588 -59.36 -63.84 -186.94
CA ASN P 588 -60.63 -64.56 -187.10
C ASN P 588 -61.47 -63.95 -188.21
N TYR P 589 -61.52 -62.62 -188.27
CA TYR P 589 -62.61 -61.89 -188.89
C TYR P 589 -62.07 -60.76 -189.74
N ASP P 590 -62.83 -60.40 -190.77
CA ASP P 590 -62.72 -59.08 -191.39
C ASP P 590 -64.08 -58.53 -191.78
N PHE P 591 -65.12 -59.36 -191.75
CA PHE P 591 -66.38 -59.04 -192.43
C PHE P 591 -67.14 -57.95 -191.67
N THR P 592 -67.19 -58.07 -190.34
CA THR P 592 -67.84 -57.06 -189.51
C THR P 592 -67.18 -55.71 -189.67
N LEU P 593 -65.84 -55.69 -189.71
CA LEU P 593 -65.09 -54.45 -189.92
C LEU P 593 -65.42 -53.81 -191.26
N LYS P 594 -65.43 -54.60 -192.34
CA LYS P 594 -65.64 -53.97 -193.64
C LYS P 594 -67.09 -53.55 -193.83
N ILE P 595 -68.04 -54.24 -193.20
CA ILE P 595 -69.42 -53.80 -193.29
C ILE P 595 -69.63 -52.51 -192.49
N VAL P 596 -68.98 -52.38 -191.34
CA VAL P 596 -69.07 -51.15 -190.55
C VAL P 596 -68.41 -49.98 -191.28
N THR P 597 -67.28 -50.23 -191.95
CA THR P 597 -66.66 -49.16 -192.73
C THR P 597 -67.50 -48.82 -193.96
N GLU P 598 -68.20 -49.80 -194.54
CA GLU P 598 -69.13 -49.50 -195.64
C GLU P 598 -70.29 -48.64 -195.14
N SER P 599 -70.76 -48.90 -193.92
CA SER P 599 -71.83 -48.10 -193.33
C SER P 599 -71.39 -46.67 -193.06
N LEU P 600 -70.18 -46.51 -192.55
CA LEU P 600 -69.66 -45.18 -192.27
C LEU P 600 -69.12 -44.47 -193.51
N THR P 601 -68.93 -45.19 -194.61
CA THR P 601 -68.50 -44.60 -195.87
C THR P 601 -69.68 -44.11 -196.70
N SER P 602 -70.68 -44.96 -196.89
CA SER P 602 -71.81 -44.60 -197.73
C SER P 602 -72.70 -43.58 -197.04
N GLY P 603 -73.10 -42.56 -197.81
CA GLY P 603 -73.97 -41.51 -197.34
C GLY P 603 -75.45 -41.83 -197.43
N SER P 604 -75.82 -43.04 -197.82
CA SER P 604 -77.21 -43.44 -197.99
C SER P 604 -77.80 -44.02 -196.71
N TYR P 605 -77.28 -43.62 -195.55
CA TYR P 605 -77.84 -44.02 -194.26
C TYR P 605 -79.26 -43.46 -194.11
N PRO P 606 -80.26 -44.29 -193.83
CA PRO P 606 -81.64 -43.80 -193.77
C PRO P 606 -81.91 -42.95 -192.54
N GLU P 607 -82.93 -42.11 -192.67
CA GLU P 607 -83.15 -41.04 -191.70
C GLU P 607 -83.79 -41.50 -190.40
N LEU P 608 -84.66 -42.53 -190.46
CA LEU P 608 -85.42 -42.87 -189.25
C LEU P 608 -84.57 -43.51 -188.16
N ALA P 609 -83.47 -44.18 -188.53
CA ALA P 609 -82.64 -44.86 -187.54
C ALA P 609 -82.05 -43.87 -186.52
N TYR P 610 -81.79 -42.63 -186.97
CA TYR P 610 -81.47 -41.56 -186.04
C TYR P 610 -82.60 -41.31 -185.06
N VAL P 611 -83.83 -41.24 -185.56
CA VAL P 611 -85.00 -40.98 -184.74
C VAL P 611 -85.21 -42.13 -183.75
N ILE P 612 -84.87 -43.36 -184.15
CA ILE P 612 -85.02 -44.49 -183.26
C ILE P 612 -83.98 -44.43 -182.15
N GLU P 613 -82.76 -44.01 -182.46
CA GLU P 613 -81.72 -43.84 -181.42
C GLU P 613 -82.11 -42.75 -180.42
N ILE P 614 -82.52 -41.58 -180.96
CA ILE P 614 -83.12 -40.48 -180.21
C ILE P 614 -84.28 -40.96 -179.34
N LEU P 615 -85.01 -41.92 -179.86
CA LEU P 615 -86.25 -42.39 -179.27
C LEU P 615 -85.98 -43.30 -178.09
N VAL P 616 -85.18 -44.34 -178.32
CA VAL P 616 -84.93 -45.39 -177.34
C VAL P 616 -84.08 -44.87 -176.19
N HIS P 617 -83.14 -43.94 -176.50
CA HIS P 617 -82.33 -43.24 -175.50
C HIS P 617 -81.47 -44.23 -174.70
N GLY P 618 -81.07 -45.33 -175.34
CA GLY P 618 -80.31 -46.36 -174.66
C GLY P 618 -81.04 -47.08 -173.54
N ASN P 619 -82.33 -47.31 -173.72
CA ASN P 619 -83.13 -47.98 -172.69
C ASN P 619 -83.44 -49.40 -173.16
N LYS P 620 -83.09 -50.37 -172.31
CA LYS P 620 -83.20 -51.79 -172.67
C LYS P 620 -84.65 -52.20 -172.88
N HIS P 621 -85.55 -51.64 -172.08
CA HIS P 621 -86.97 -51.95 -172.20
C HIS P 621 -87.59 -51.29 -173.42
N ALA P 622 -87.18 -50.05 -173.70
CA ALA P 622 -87.63 -49.36 -174.91
C ALA P 622 -87.22 -50.15 -176.13
N PHE P 623 -86.00 -50.70 -176.11
CA PHE P 623 -85.60 -51.59 -177.20
C PHE P 623 -86.40 -52.88 -177.24
N MET P 624 -86.73 -53.42 -176.07
CA MET P 624 -87.56 -54.66 -175.97
C MET P 624 -88.93 -54.46 -176.61
N ILE P 625 -89.50 -53.32 -176.37
CA ILE P 625 -90.85 -53.09 -176.93
C ILE P 625 -90.76 -52.79 -178.44
N LEU P 626 -89.65 -52.06 -178.80
CA LEU P 626 -89.56 -51.66 -180.22
C LEU P 626 -88.97 -52.77 -181.10
N LYS P 627 -88.71 -53.98 -180.54
CA LYS P 627 -88.06 -55.11 -181.23
C LYS P 627 -88.58 -55.33 -182.64
N GLN P 628 -89.91 -55.37 -182.80
CA GLN P 628 -90.53 -55.80 -184.06
C GLN P 628 -90.29 -54.79 -185.18
N VAL P 629 -90.26 -53.52 -184.79
CA VAL P 629 -89.95 -52.43 -185.71
C VAL P 629 -88.53 -52.54 -186.24
N ILE P 630 -87.57 -52.85 -185.36
CA ILE P 630 -86.19 -53.00 -185.79
C ILE P 630 -86.04 -54.23 -186.68
N SER P 631 -86.77 -55.31 -186.36
CA SER P 631 -86.76 -56.52 -187.17
C SER P 631 -87.20 -56.22 -188.60
N GLN P 632 -88.36 -55.56 -188.76
CA GLN P 632 -88.85 -55.26 -190.10
C GLN P 632 -87.98 -54.23 -190.82
N CYS P 633 -87.55 -53.18 -190.10
CA CYS P 633 -86.79 -52.08 -190.71
C CYS P 633 -85.41 -52.54 -191.18
N ILE P 634 -84.61 -53.13 -190.29
CA ILE P 634 -83.29 -53.58 -190.73
C ILE P 634 -83.37 -54.85 -191.56
N SER P 635 -84.49 -55.59 -191.53
CA SER P 635 -84.72 -56.65 -192.50
C SER P 635 -84.75 -56.12 -193.92
N TYR P 636 -85.69 -55.20 -194.18
CA TYR P 636 -85.85 -54.66 -195.52
C TYR P 636 -84.64 -53.79 -195.90
N TRP P 637 -84.03 -53.11 -194.93
CA TRP P 637 -82.87 -52.28 -195.26
C TRP P 637 -81.62 -53.10 -195.53
N PHE P 638 -81.39 -54.18 -194.75
CA PHE P 638 -80.21 -54.98 -194.98
C PHE P 638 -80.33 -55.82 -196.24
N ASN P 639 -81.54 -56.26 -196.58
CA ASN P 639 -81.67 -56.95 -197.86
C ASN P 639 -81.78 -55.98 -199.03
N MET P 640 -81.98 -54.68 -198.76
CA MET P 640 -81.83 -53.66 -199.79
C MET P 640 -80.35 -53.36 -200.05
N LYS P 641 -79.66 -52.85 -199.03
CA LYS P 641 -78.23 -52.55 -199.09
C LYS P 641 -77.53 -53.22 -197.93
N HIS P 642 -76.25 -53.52 -198.10
CA HIS P 642 -75.50 -54.24 -197.06
C HIS P 642 -75.05 -53.35 -195.90
N ILE P 643 -75.53 -52.10 -195.85
CA ILE P 643 -75.26 -51.23 -194.72
C ILE P 643 -76.02 -51.73 -193.50
N LEU P 644 -75.31 -51.92 -192.39
CA LEU P 644 -76.00 -52.22 -191.15
C LEU P 644 -76.47 -50.91 -190.50
N LEU P 645 -77.50 -51.03 -189.67
CA LEU P 645 -77.98 -49.88 -188.94
C LEU P 645 -77.56 -50.00 -187.49
N PHE P 646 -77.63 -48.85 -186.80
CA PHE P 646 -77.21 -48.67 -185.41
C PHE P 646 -75.73 -48.98 -185.21
N CYS P 647 -74.93 -48.67 -186.22
CA CYS P 647 -73.48 -48.72 -186.07
C CYS P 647 -72.94 -47.48 -185.39
N ASN P 648 -73.77 -46.45 -185.21
CA ASN P 648 -73.33 -45.17 -184.67
C ASN P 648 -73.36 -45.14 -183.15
N SER P 649 -74.36 -45.73 -182.53
CA SER P 649 -74.60 -45.56 -181.11
C SER P 649 -74.37 -46.87 -180.38
N PHE P 650 -73.45 -46.85 -179.42
CA PHE P 650 -73.07 -48.06 -178.70
C PHE P 650 -74.20 -48.58 -177.85
N GLU P 651 -75.03 -47.69 -177.28
CA GLU P 651 -76.14 -48.14 -176.45
C GLU P 651 -77.13 -48.93 -177.29
N MET P 652 -77.41 -48.47 -178.50
CA MET P 652 -78.35 -49.20 -179.34
C MET P 652 -77.76 -50.51 -179.81
N ILE P 653 -76.45 -50.54 -180.13
CA ILE P 653 -75.93 -51.81 -180.63
C ILE P 653 -75.69 -52.82 -179.50
N MET P 654 -75.45 -52.35 -178.27
CA MET P 654 -75.38 -53.25 -177.13
C MET P 654 -76.75 -53.81 -176.81
N LEU P 655 -77.77 -52.97 -176.95
CA LEU P 655 -79.15 -53.42 -176.79
C LEU P 655 -79.53 -54.49 -177.81
N ILE P 656 -79.13 -54.30 -179.08
CA ILE P 656 -79.29 -55.33 -180.11
C ILE P 656 -78.61 -56.62 -179.70
N SER P 657 -77.32 -56.52 -179.39
CA SER P 657 -76.47 -57.69 -179.29
C SER P 657 -76.77 -58.52 -178.06
N ASN P 658 -76.86 -57.88 -176.89
CA ASN P 658 -77.20 -58.63 -175.68
C ASN P 658 -78.65 -59.03 -175.69
N HIS P 659 -79.52 -58.20 -176.26
CA HIS P 659 -80.95 -58.43 -176.02
C HIS P 659 -81.48 -59.53 -176.93
N MET P 660 -81.30 -59.40 -178.25
CA MET P 660 -82.02 -60.24 -179.23
C MET P 660 -81.10 -60.75 -180.34
N GLY P 661 -80.12 -61.57 -179.95
CA GLY P 661 -79.46 -62.41 -180.94
C GLY P 661 -80.38 -63.34 -181.74
N ASP P 662 -81.58 -63.63 -181.22
CA ASP P 662 -82.57 -64.43 -181.94
C ASP P 662 -83.09 -63.68 -183.16
N GLU P 663 -83.73 -62.53 -182.96
CA GLU P 663 -84.47 -61.88 -184.04
C GLU P 663 -83.54 -61.33 -185.10
N LEU P 664 -84.07 -61.26 -186.32
CA LEU P 664 -83.47 -60.57 -187.46
C LEU P 664 -82.11 -61.17 -187.82
N ILE P 665 -82.15 -62.42 -188.25
CA ILE P 665 -80.91 -63.10 -188.62
C ILE P 665 -81.00 -63.58 -190.07
N PRO P 666 -80.66 -62.73 -191.04
CA PRO P 666 -80.61 -63.20 -192.43
C PRO P 666 -79.43 -64.14 -192.65
N GLY P 667 -78.26 -63.76 -192.14
CA GLY P 667 -77.10 -64.62 -192.13
C GLY P 667 -76.60 -64.76 -190.71
N ALA P 668 -75.42 -64.20 -190.45
CA ALA P 668 -74.85 -64.19 -189.12
C ALA P 668 -74.69 -62.76 -188.60
N ALA P 669 -75.71 -61.92 -188.79
CA ALA P 669 -75.66 -60.55 -188.27
C ALA P 669 -75.64 -60.53 -186.75
N PHE P 670 -76.29 -61.54 -186.12
CA PHE P 670 -76.15 -61.75 -184.69
C PHE P 670 -74.69 -62.01 -184.33
N ALA P 671 -73.97 -62.77 -185.17
CA ALA P 671 -72.57 -63.03 -184.92
C ALA P 671 -71.69 -61.82 -185.21
N HIS P 672 -72.10 -60.95 -186.13
CA HIS P 672 -71.37 -59.69 -186.35
C HIS P 672 -71.49 -58.78 -185.13
N TYR P 673 -72.68 -58.68 -184.56
CA TYR P 673 -72.85 -57.84 -183.39
C TYR P 673 -72.17 -58.46 -182.16
N ARG P 674 -72.16 -59.80 -182.07
CA ARG P 674 -71.39 -60.44 -181.01
C ARG P 674 -69.89 -60.33 -181.25
N ASN P 675 -69.46 -60.19 -182.52
CA ASN P 675 -68.07 -59.84 -182.79
C ASN P 675 -67.75 -58.47 -182.25
N LEU P 676 -68.67 -57.51 -182.39
CA LEU P 676 -68.42 -56.18 -181.82
C LEU P 676 -68.39 -56.20 -180.30
N VAL P 677 -69.19 -57.08 -179.69
CA VAL P 677 -69.09 -57.28 -178.24
C VAL P 677 -67.75 -57.91 -177.87
N SER P 678 -67.26 -58.82 -178.71
CA SER P 678 -65.92 -59.35 -178.51
C SER P 678 -64.84 -58.29 -178.72
N LEU P 679 -65.10 -57.29 -179.58
CA LEU P 679 -64.09 -56.27 -179.83
C LEU P 679 -63.99 -55.30 -178.67
N ILE P 680 -65.12 -54.84 -178.14
CA ILE P 680 -65.06 -54.00 -176.95
C ILE P 680 -64.52 -54.80 -175.77
N ARG P 681 -64.73 -56.12 -175.75
CA ARG P 681 -64.11 -56.97 -174.73
C ARG P 681 -62.59 -57.04 -174.89
N LEU P 682 -62.09 -57.13 -176.13
CA LEU P 682 -60.64 -57.19 -176.33
C LEU P 682 -59.98 -55.85 -176.03
N VAL P 683 -60.65 -54.74 -176.35
CA VAL P 683 -60.12 -53.45 -175.97
C VAL P 683 -60.13 -53.29 -174.45
N LYS P 684 -61.09 -53.92 -173.76
CA LYS P 684 -61.04 -53.98 -172.31
C LYS P 684 -59.86 -54.84 -171.82
N ARG P 685 -59.57 -55.92 -172.54
CA ARG P 685 -58.47 -56.82 -172.18
C ARG P 685 -57.11 -56.27 -172.60
N THR P 686 -57.05 -55.13 -173.27
CA THR P 686 -55.78 -54.48 -173.55
C THR P 686 -55.03 -54.14 -172.26
N ILE P 687 -55.75 -53.69 -171.23
CA ILE P 687 -55.10 -53.21 -170.02
C ILE P 687 -54.65 -54.33 -169.09
N SER P 688 -54.97 -55.60 -169.42
CA SER P 688 -55.08 -56.73 -168.51
C SER P 688 -53.90 -56.92 -167.57
N ILE P 689 -54.18 -56.85 -166.27
CA ILE P 689 -53.19 -56.98 -165.21
C ILE P 689 -53.46 -58.31 -164.51
N SER P 690 -52.38 -59.00 -164.13
CA SER P 690 -52.53 -60.32 -163.51
C SER P 690 -53.16 -60.28 -162.13
N ASN P 691 -53.12 -59.13 -161.46
CA ASN P 691 -53.73 -59.00 -160.15
C ASN P 691 -54.46 -57.67 -160.06
N ILE P 692 -55.59 -57.69 -159.37
CA ILE P 692 -56.40 -56.51 -159.10
C ILE P 692 -56.17 -56.16 -157.63
N ASN P 693 -55.54 -55.02 -157.39
CA ASN P 693 -55.24 -54.60 -156.03
C ASN P 693 -56.49 -54.06 -155.36
N GLU P 694 -56.59 -54.31 -154.05
CA GLU P 694 -57.78 -53.96 -153.28
C GLU P 694 -57.42 -53.00 -152.17
N GLN P 695 -58.23 -51.94 -152.04
CA GLN P 695 -58.14 -50.94 -150.96
C GLN P 695 -56.77 -50.29 -150.89
N LEU P 696 -56.22 -49.93 -152.03
CA LEU P 696 -54.93 -49.25 -152.09
C LEU P 696 -55.12 -48.00 -152.91
N CYS P 697 -55.02 -46.84 -152.23
CA CYS P 697 -55.16 -45.51 -152.80
C CYS P 697 -56.55 -45.28 -153.40
N GLY P 698 -57.55 -45.98 -152.86
CA GLY P 698 -58.91 -45.84 -153.35
C GLY P 698 -59.26 -46.78 -154.49
N GLU P 699 -59.12 -46.28 -155.72
CA GLU P 699 -59.62 -46.90 -156.92
C GLU P 699 -58.78 -48.14 -157.30
N PRO P 700 -59.23 -48.95 -158.26
CA PRO P 700 -58.38 -50.03 -158.75
C PRO P 700 -57.29 -49.60 -159.73
N LEU P 701 -56.36 -50.54 -159.95
CA LEU P 701 -55.17 -50.30 -160.76
C LEU P 701 -55.49 -50.07 -162.22
N VAL P 702 -56.65 -50.53 -162.69
CA VAL P 702 -57.06 -50.24 -164.07
C VAL P 702 -57.32 -48.75 -164.22
N ASN P 703 -57.98 -48.14 -163.23
CA ASN P 703 -58.13 -46.70 -163.18
C ASN P 703 -56.79 -46.01 -162.99
N PHE P 704 -55.87 -46.64 -162.26
CA PHE P 704 -54.55 -46.02 -162.15
C PHE P 704 -53.68 -46.20 -163.40
N ALA P 705 -54.03 -47.11 -164.30
CA ALA P 705 -53.17 -47.45 -165.43
C ALA P 705 -53.64 -46.88 -166.76
N ASN P 706 -54.93 -46.94 -167.06
CA ASN P 706 -55.44 -46.40 -168.33
C ASN P 706 -56.22 -45.13 -168.06
N ALA P 707 -56.00 -44.12 -168.90
CA ALA P 707 -56.78 -42.90 -168.79
C ALA P 707 -58.11 -42.99 -169.51
N LEU P 708 -58.27 -43.93 -170.44
CA LEU P 708 -59.62 -44.22 -170.93
C LEU P 708 -60.42 -44.95 -169.88
N PHE P 709 -59.77 -45.77 -169.05
CA PHE P 709 -60.51 -46.56 -168.07
C PHE P 709 -60.62 -45.81 -166.75
N ASP P 710 -61.04 -44.56 -166.82
CA ASP P 710 -61.21 -43.70 -165.66
C ASP P 710 -62.68 -43.37 -165.47
N GLY P 711 -63.07 -43.18 -164.21
CA GLY P 711 -64.31 -42.51 -163.92
C GLY P 711 -64.23 -41.01 -164.11
N ARG P 712 -63.02 -40.47 -164.19
CA ARG P 712 -62.87 -39.03 -164.38
C ARG P 712 -63.16 -38.64 -165.82
N LEU P 713 -62.79 -39.47 -166.78
CA LEU P 713 -63.12 -39.23 -168.17
C LEU P 713 -64.53 -39.75 -168.44
N PHE P 714 -65.26 -39.05 -169.30
CA PHE P 714 -66.65 -39.40 -169.61
C PHE P 714 -66.85 -39.46 -171.12
N CYS P 715 -67.71 -40.37 -171.55
CA CYS P 715 -67.91 -40.57 -172.98
C CYS P 715 -68.76 -39.43 -173.56
N PRO P 716 -68.59 -39.11 -174.85
CA PRO P 716 -69.30 -37.95 -175.43
C PRO P 716 -70.81 -38.09 -175.49
N PHE P 717 -71.37 -39.31 -175.41
CA PHE P 717 -72.81 -39.52 -175.43
C PHE P 717 -73.15 -40.54 -174.36
N VAL P 718 -73.45 -40.08 -173.15
CA VAL P 718 -73.96 -40.94 -172.11
C VAL P 718 -75.41 -40.52 -171.85
N HIS P 719 -76.34 -41.40 -172.22
CA HIS P 719 -77.77 -41.08 -172.12
C HIS P 719 -78.18 -40.90 -170.67
N THR P 720 -77.67 -41.75 -169.79
CA THR P 720 -77.84 -41.59 -168.35
C THR P 720 -76.50 -41.90 -167.71
N MET P 721 -76.01 -40.94 -166.90
CA MET P 721 -74.63 -40.86 -166.42
C MET P 721 -74.17 -42.11 -165.69
N PRO P 722 -72.86 -42.38 -165.62
CA PRO P 722 -72.38 -43.59 -164.94
C PRO P 722 -72.45 -43.48 -163.43
N ARG P 723 -72.22 -44.62 -162.79
CA ARG P 723 -71.98 -44.68 -161.34
C ARG P 723 -70.57 -44.16 -161.09
N ASN P 724 -70.44 -42.85 -161.06
CA ASN P 724 -69.16 -42.19 -161.07
C ASN P 724 -68.77 -41.73 -159.65
N ASP P 725 -67.67 -41.00 -159.56
CA ASP P 725 -67.15 -40.57 -158.28
C ASP P 725 -67.91 -39.38 -157.75
N THR P 726 -67.51 -38.90 -156.58
CA THR P 726 -67.96 -37.61 -156.10
C THR P 726 -67.20 -36.46 -156.74
N ASN P 727 -66.10 -36.75 -157.44
CA ASN P 727 -65.37 -35.71 -158.15
C ASN P 727 -66.11 -35.24 -159.40
N ALA P 728 -67.05 -36.03 -159.91
CA ALA P 728 -67.85 -35.64 -161.07
C ALA P 728 -68.74 -34.47 -160.68
N LYS P 729 -68.44 -33.29 -161.24
CA LYS P 729 -69.14 -32.05 -160.92
C LYS P 729 -70.16 -31.64 -161.97
N ILE P 730 -70.58 -32.58 -162.83
CA ILE P 730 -71.31 -32.39 -164.09
C ILE P 730 -72.53 -31.44 -164.00
N THR P 731 -72.54 -30.38 -164.83
CA THR P 731 -73.45 -29.25 -164.66
C THR P 731 -73.85 -28.57 -165.97
N ALA P 732 -75.10 -28.11 -166.02
CA ALA P 732 -75.53 -27.06 -166.94
C ALA P 732 -75.60 -25.69 -166.27
N ASP P 733 -76.19 -25.65 -165.07
CA ASP P 733 -76.32 -24.42 -164.32
C ASP P 733 -75.11 -24.28 -163.39
N ASP P 734 -75.05 -23.16 -162.65
CA ASP P 734 -74.11 -23.04 -161.54
C ASP P 734 -74.41 -24.06 -160.45
N THR P 735 -75.67 -24.46 -160.31
CA THR P 735 -76.10 -25.44 -159.32
C THR P 735 -75.46 -26.79 -159.59
N PRO P 736 -74.75 -27.37 -158.61
CA PRO P 736 -74.05 -28.64 -158.85
C PRO P 736 -75.02 -29.81 -158.98
N LEU P 737 -74.45 -30.94 -159.37
CA LEU P 737 -75.25 -32.12 -159.66
C LEU P 737 -75.78 -32.75 -158.38
N THR P 738 -74.95 -32.80 -157.33
CA THR P 738 -75.09 -33.70 -156.17
C THR P 738 -76.44 -33.57 -155.44
N GLN P 739 -77.09 -32.41 -155.56
CA GLN P 739 -78.39 -32.20 -154.93
C GLN P 739 -79.46 -33.11 -155.53
N ASN P 740 -80.35 -33.61 -154.66
CA ASN P 740 -81.32 -34.62 -155.05
C ASN P 740 -82.38 -34.05 -155.98
N THR P 741 -82.65 -32.74 -155.88
CA THR P 741 -83.57 -32.08 -156.80
C THR P 741 -83.00 -32.07 -158.22
N VAL P 742 -81.68 -31.93 -158.33
CA VAL P 742 -81.04 -32.03 -159.64
C VAL P 742 -80.98 -33.49 -160.09
N ARG P 743 -80.78 -34.42 -159.15
CA ARG P 743 -80.51 -35.81 -159.51
C ARG P 743 -81.73 -36.67 -159.75
N VAL P 744 -82.92 -36.24 -159.29
CA VAL P 744 -84.08 -37.13 -159.28
C VAL P 744 -84.59 -37.34 -160.70
N ARG P 745 -84.89 -38.59 -161.05
CA ARG P 745 -85.56 -38.86 -162.31
C ARG P 745 -87.01 -38.41 -162.19
N ASN P 746 -87.44 -37.59 -163.13
CA ASN P 746 -88.85 -37.23 -163.21
C ASN P 746 -89.52 -38.05 -164.32
N TYR P 747 -89.47 -39.35 -164.11
CA TYR P 747 -90.13 -40.34 -164.97
C TYR P 747 -91.27 -40.91 -164.15
N GLU P 748 -92.46 -40.35 -164.34
CA GLU P 748 -93.59 -40.71 -163.50
C GLU P 748 -94.80 -40.93 -164.38
N ILE P 749 -95.61 -41.92 -163.98
CA ILE P 749 -96.86 -42.23 -164.68
C ILE P 749 -97.84 -41.06 -164.55
N SER P 750 -97.88 -40.41 -163.39
CA SER P 750 -98.89 -39.40 -163.11
C SER P 750 -98.58 -38.08 -163.83
N ASP P 751 -97.42 -37.50 -163.56
CA ASP P 751 -96.96 -36.31 -164.25
C ASP P 751 -95.61 -36.58 -164.90
N VAL P 752 -95.52 -36.27 -166.19
CA VAL P 752 -94.34 -36.60 -166.98
C VAL P 752 -93.27 -35.54 -166.80
N GLN P 753 -93.66 -34.27 -166.97
CA GLN P 753 -92.84 -33.07 -166.79
C GLN P 753 -91.72 -32.97 -167.82
N ARG P 754 -91.84 -33.67 -168.96
CA ARG P 754 -90.78 -33.65 -169.98
C ARG P 754 -90.63 -32.26 -170.56
N MET P 755 -91.72 -31.52 -170.69
CA MET P 755 -91.64 -30.22 -171.32
C MET P 755 -91.16 -29.14 -170.34
N ASN P 756 -91.37 -29.34 -169.04
CA ASN P 756 -90.71 -28.49 -168.07
C ASN P 756 -89.21 -28.73 -168.08
N LEU P 757 -88.79 -30.01 -168.13
CA LEU P 757 -87.36 -30.30 -168.05
C LEU P 757 -86.65 -30.03 -169.37
N ILE P 758 -87.40 -29.94 -170.46
CA ILE P 758 -86.84 -29.62 -171.76
C ILE P 758 -86.44 -28.16 -171.87
N ASP P 759 -85.33 -27.93 -172.59
CA ASP P 759 -84.82 -26.61 -172.99
C ASP P 759 -84.52 -25.73 -171.79
N SER P 760 -84.10 -26.34 -170.68
CA SER P 760 -84.00 -25.64 -169.42
C SER P 760 -82.72 -26.06 -168.72
N SER P 761 -82.33 -25.25 -167.74
CA SER P 761 -81.13 -25.54 -166.95
C SER P 761 -81.32 -26.76 -166.06
N VAL P 762 -82.56 -27.10 -165.72
CA VAL P 762 -82.82 -28.25 -164.86
C VAL P 762 -82.70 -29.53 -165.67
N VAL P 763 -82.13 -30.55 -165.04
CA VAL P 763 -81.83 -31.82 -165.68
C VAL P 763 -82.30 -32.91 -164.74
N PHE P 764 -82.54 -34.10 -165.30
CA PHE P 764 -83.02 -35.22 -164.52
C PHE P 764 -82.28 -36.48 -164.96
N THR P 765 -82.15 -37.42 -164.04
CA THR P 765 -81.25 -38.54 -164.23
C THR P 765 -81.90 -39.83 -163.78
N ASP P 766 -82.03 -40.78 -164.70
CA ASP P 766 -82.51 -42.12 -164.45
C ASP P 766 -81.54 -42.89 -163.56
N ASN P 767 -81.98 -44.07 -163.08
CA ASN P 767 -81.11 -45.02 -162.38
C ASN P 767 -79.90 -45.35 -163.24
N ASP P 768 -78.72 -45.13 -162.69
CA ASP P 768 -77.48 -45.20 -163.44
C ASP P 768 -77.11 -46.67 -163.64
N ARG P 769 -77.80 -47.29 -164.61
CA ARG P 769 -77.57 -48.69 -164.94
C ARG P 769 -76.16 -49.04 -165.43
N PRO P 770 -75.44 -48.23 -166.23
CA PRO P 770 -74.06 -48.63 -166.58
C PRO P 770 -73.13 -48.70 -165.39
N SER P 771 -72.65 -49.91 -165.10
CA SER P 771 -71.70 -50.16 -164.04
C SER P 771 -70.29 -49.82 -164.52
N ASN P 772 -69.28 -50.29 -163.78
CA ASN P 772 -67.88 -50.13 -164.19
C ASN P 772 -67.64 -50.71 -165.58
N GLU P 773 -68.07 -51.95 -165.79
CA GLU P 773 -67.80 -52.65 -167.05
C GLU P 773 -68.51 -51.99 -168.22
N ASN P 774 -69.79 -51.68 -168.06
CA ASN P 774 -70.55 -51.11 -169.18
C ASN P 774 -70.15 -49.67 -169.47
N THR P 775 -69.78 -48.90 -168.43
CA THR P 775 -69.25 -47.56 -168.63
C THR P 775 -67.93 -47.62 -169.40
N ILE P 776 -67.06 -48.56 -169.03
CA ILE P 776 -65.80 -48.78 -169.73
C ILE P 776 -66.03 -49.16 -171.18
N LEU P 777 -67.01 -50.04 -171.45
CA LEU P 777 -67.25 -50.46 -172.84
C LEU P 777 -67.85 -49.34 -173.68
N SER P 778 -68.69 -48.50 -173.05
CA SER P 778 -69.24 -47.34 -173.75
C SER P 778 -68.14 -46.37 -174.16
N LYS P 779 -67.21 -46.10 -173.23
CA LYS P 779 -66.07 -45.26 -173.57
C LYS P 779 -65.14 -45.93 -174.56
N ILE P 780 -65.05 -47.27 -174.54
CA ILE P 780 -64.25 -48.01 -175.51
C ILE P 780 -64.75 -47.77 -176.92
N PHE P 781 -66.07 -47.88 -177.12
CA PHE P 781 -66.61 -47.62 -178.45
C PHE P 781 -66.41 -46.15 -178.83
N TYR P 782 -66.87 -45.24 -177.98
CA TYR P 782 -66.93 -43.82 -178.28
C TYR P 782 -65.57 -43.16 -178.39
N PHE P 783 -64.51 -43.77 -177.85
CA PHE P 783 -63.18 -43.21 -178.00
C PHE P 783 -62.25 -44.02 -178.89
N CYS P 784 -62.58 -45.27 -179.24
CA CYS P 784 -61.68 -46.05 -180.08
C CYS P 784 -62.31 -46.53 -181.36
N VAL P 785 -63.50 -47.12 -181.30
CA VAL P 785 -63.98 -47.91 -182.43
C VAL P 785 -64.64 -47.01 -183.47
N LEU P 786 -65.67 -46.29 -183.04
CA LEU P 786 -66.26 -45.25 -183.88
C LEU P 786 -65.29 -44.14 -184.31
N PRO P 787 -64.34 -43.64 -183.49
CA PRO P 787 -63.39 -42.66 -184.04
C PRO P 787 -62.48 -43.19 -185.13
N ALA P 788 -61.83 -44.34 -184.91
CA ALA P 788 -60.84 -44.84 -185.87
C ALA P 788 -61.51 -45.28 -187.17
N LEU P 789 -62.68 -45.92 -187.09
CA LEU P 789 -63.40 -46.27 -188.30
C LEU P 789 -64.09 -45.08 -188.93
N SER P 790 -64.37 -44.03 -188.15
CA SER P 790 -64.99 -42.85 -188.72
C SER P 790 -64.00 -42.01 -189.51
N ASN P 791 -62.76 -41.93 -189.02
CA ASN P 791 -61.72 -41.05 -189.55
C ASN P 791 -62.17 -39.60 -189.56
N ASN P 792 -62.61 -39.13 -188.37
CA ASN P 792 -63.05 -37.76 -188.09
C ASN P 792 -64.23 -37.31 -188.97
N LYS P 793 -65.04 -38.24 -189.46
CA LYS P 793 -66.12 -37.90 -190.37
C LYS P 793 -67.47 -37.74 -189.69
N ALA P 794 -67.59 -38.12 -188.42
CA ALA P 794 -68.87 -38.12 -187.75
C ALA P 794 -69.29 -36.69 -187.38
N CYS P 795 -70.58 -36.53 -187.14
CA CYS P 795 -71.14 -35.37 -186.47
C CYS P 795 -71.96 -35.88 -185.28
N GLY P 796 -72.33 -34.98 -184.39
CA GLY P 796 -73.16 -35.42 -183.28
C GLY P 796 -73.84 -34.29 -182.55
N ALA P 797 -75.15 -34.40 -182.41
CA ALA P 797 -75.97 -33.30 -181.90
C ALA P 797 -77.36 -33.81 -181.62
N GLY P 798 -78.27 -32.90 -181.34
CA GLY P 798 -79.64 -33.25 -180.98
C GLY P 798 -80.66 -32.66 -181.92
N VAL P 799 -81.72 -33.43 -182.17
CA VAL P 799 -82.91 -32.98 -182.87
C VAL P 799 -83.73 -32.12 -181.91
N ASN P 800 -84.77 -31.46 -182.41
CA ASN P 800 -85.54 -30.59 -181.55
C ASN P 800 -86.37 -31.40 -180.57
N VAL P 801 -86.54 -30.81 -179.38
CA VAL P 801 -87.22 -31.46 -178.28
C VAL P 801 -88.73 -31.26 -178.28
N LYS P 802 -89.24 -30.34 -179.08
CA LYS P 802 -90.65 -29.98 -179.06
C LYS P 802 -91.38 -30.34 -180.33
N GLU P 803 -90.69 -30.25 -181.47
CA GLU P 803 -91.34 -30.51 -182.75
C GLU P 803 -91.61 -31.99 -182.95
N LEU P 804 -90.86 -32.85 -182.26
CA LEU P 804 -91.23 -34.25 -182.20
C LEU P 804 -92.54 -34.45 -181.47
N VAL P 805 -92.75 -33.70 -180.38
CA VAL P 805 -94.00 -33.77 -179.62
C VAL P 805 -95.16 -33.25 -180.48
N LEU P 806 -94.87 -32.22 -181.28
CA LEU P 806 -95.88 -31.69 -182.20
C LEU P 806 -96.19 -32.69 -183.32
N ASP P 807 -95.19 -33.44 -183.79
CA ASP P 807 -95.47 -34.51 -184.76
C ASP P 807 -96.32 -35.61 -184.17
N LEU P 808 -96.06 -35.95 -182.90
CA LEU P 808 -96.91 -36.94 -182.23
C LEU P 808 -98.33 -36.41 -182.14
N PHE P 809 -98.49 -35.14 -181.78
CA PHE P 809 -99.81 -34.49 -181.72
C PHE P 809 -100.48 -34.44 -183.09
N TYR P 810 -99.69 -34.32 -184.15
CA TYR P 810 -100.26 -34.35 -185.50
C TYR P 810 -100.79 -35.74 -185.84
N THR P 811 -100.12 -36.79 -185.34
CA THR P 811 -100.62 -38.16 -185.54
C THR P 811 -101.80 -38.48 -184.61
N GLU P 812 -101.84 -37.88 -183.43
CA GLU P 812 -102.82 -38.27 -182.41
C GLU P 812 -104.29 -37.90 -182.64
N PRO P 813 -104.71 -36.76 -183.25
CA PRO P 813 -106.10 -36.31 -182.98
C PRO P 813 -107.19 -37.18 -183.57
N PHE P 814 -106.86 -38.18 -184.33
CA PHE P 814 -107.84 -39.16 -184.80
C PHE P 814 -107.81 -40.41 -183.92
N ILE P 815 -108.98 -40.79 -183.39
CA ILE P 815 -109.04 -41.78 -182.31
C ILE P 815 -109.79 -43.06 -182.76
N CYS P 816 -110.24 -43.11 -184.00
CA CYS P 816 -110.97 -44.29 -184.51
C CYS P 816 -110.09 -45.53 -184.49
N PRO P 817 -110.65 -46.71 -184.21
CA PRO P 817 -109.82 -47.90 -184.13
C PRO P 817 -109.29 -48.38 -185.47
N ASP P 818 -108.27 -49.24 -185.37
CA ASP P 818 -107.53 -49.86 -186.48
C ASP P 818 -106.91 -48.81 -187.40
N ASP P 819 -106.03 -48.00 -186.78
CA ASP P 819 -105.29 -46.91 -187.43
C ASP P 819 -106.23 -45.94 -188.11
N CYS P 820 -107.26 -45.54 -187.36
CA CYS P 820 -108.24 -44.52 -187.73
C CYS P 820 -109.04 -44.96 -188.97
N PHE P 821 -109.54 -46.20 -188.91
CA PHE P 821 -110.21 -46.88 -190.02
C PHE P 821 -109.29 -46.97 -191.23
N GLN P 822 -108.02 -47.35 -191.00
CA GLN P 822 -107.00 -47.59 -192.02
C GLN P 822 -106.73 -46.34 -192.87
N GLU P 823 -106.21 -45.31 -192.21
CA GLU P 823 -105.87 -44.05 -192.87
C GLU P 823 -104.38 -43.78 -192.78
N ASN P 824 -103.66 -44.09 -193.86
CA ASN P 824 -102.23 -43.83 -193.93
C ASN P 824 -101.87 -42.34 -194.07
N PRO P 825 -102.58 -41.64 -194.97
CA PRO P 825 -102.41 -40.22 -195.31
C PRO P 825 -102.72 -39.18 -194.23
N ILE P 826 -103.82 -39.36 -193.51
CA ILE P 826 -104.18 -38.42 -192.46
C ILE P 826 -103.14 -38.36 -191.34
N SER P 827 -102.58 -39.52 -191.00
CA SER P 827 -101.60 -39.65 -189.93
C SER P 827 -100.23 -38.95 -190.07
N SER P 828 -99.63 -38.99 -191.26
CA SER P 828 -98.30 -38.41 -191.44
C SER P 828 -98.04 -37.51 -192.65
N ASP P 829 -96.99 -36.70 -192.54
CA ASP P 829 -96.56 -35.78 -193.59
C ASP P 829 -96.00 -36.54 -194.79
N VAL P 830 -96.06 -35.93 -195.97
CA VAL P 830 -95.61 -36.60 -197.19
C VAL P 830 -94.19 -37.14 -197.05
N LEU P 831 -93.32 -36.38 -196.39
CA LEU P 831 -91.95 -36.85 -196.17
C LEU P 831 -91.98 -38.12 -195.31
N MET P 832 -92.84 -38.13 -194.29
CA MET P 832 -92.98 -39.29 -193.42
C MET P 832 -93.47 -40.50 -194.23
N SER P 833 -94.41 -40.27 -195.15
CA SER P 833 -94.91 -41.37 -195.97
C SER P 833 -93.71 -41.85 -196.77
N LEU P 834 -92.91 -40.90 -197.24
CA LEU P 834 -91.65 -41.20 -197.92
C LEU P 834 -90.76 -42.11 -197.09
N ILE P 835 -90.75 -41.97 -195.77
CA ILE P 835 -89.80 -42.76 -194.99
C ILE P 835 -90.25 -44.21 -194.90
N ARG P 836 -91.55 -44.48 -195.08
CA ARG P 836 -91.97 -45.88 -195.17
C ARG P 836 -91.40 -46.56 -196.42
N GLU P 837 -91.47 -45.86 -197.56
CA GLU P 837 -90.90 -46.36 -198.81
C GLU P 837 -89.39 -46.48 -198.72
N ALA P 838 -88.74 -45.57 -197.97
CA ALA P 838 -87.31 -45.68 -197.73
C ALA P 838 -86.99 -46.88 -196.85
N MET P 839 -87.89 -47.26 -195.94
CA MET P 839 -87.67 -48.47 -195.17
C MET P 839 -87.77 -49.72 -196.03
N GLY P 840 -88.76 -49.77 -196.91
CA GLY P 840 -88.78 -50.85 -197.87
C GLY P 840 -90.16 -51.24 -198.36
N PRO P 841 -90.26 -52.40 -199.01
CA PRO P 841 -91.55 -52.82 -199.59
C PRO P 841 -92.53 -53.26 -198.51
N GLY P 842 -93.69 -52.63 -198.49
CA GLY P 842 -94.70 -52.97 -197.51
C GLY P 842 -96.04 -52.39 -197.88
N TYR P 843 -97.08 -53.06 -197.40
CA TYR P 843 -98.44 -52.55 -197.54
C TYR P 843 -98.61 -51.29 -196.71
N THR P 844 -99.50 -50.41 -197.17
CA THR P 844 -99.72 -49.15 -196.47
C THR P 844 -100.40 -49.36 -195.12
N VAL P 845 -101.22 -50.40 -194.98
CA VAL P 845 -101.90 -50.64 -193.71
C VAL P 845 -100.93 -51.24 -192.69
N ALA P 846 -100.07 -52.16 -193.13
CA ALA P 846 -98.98 -52.62 -192.28
C ALA P 846 -98.01 -51.49 -191.97
N ASN P 847 -97.85 -50.54 -192.88
CA ASN P 847 -97.07 -49.35 -192.59
C ASN P 847 -97.70 -48.55 -191.45
N THR P 848 -99.00 -48.27 -191.55
CA THR P 848 -99.70 -47.52 -190.48
C THR P 848 -99.61 -48.24 -189.15
N SER P 849 -99.67 -49.57 -189.17
CA SER P 849 -99.44 -50.36 -187.96
C SER P 849 -98.03 -50.14 -187.42
N SER P 850 -97.02 -50.15 -188.30
CA SER P 850 -95.63 -49.93 -187.88
C SER P 850 -95.43 -48.54 -187.33
N ILE P 851 -96.08 -47.56 -187.94
CA ILE P 851 -96.03 -46.17 -187.52
C ILE P 851 -96.62 -46.01 -186.14
N ALA P 852 -97.82 -46.58 -185.93
CA ALA P 852 -98.46 -46.55 -184.62
C ALA P 852 -97.60 -47.26 -183.58
N LYS P 853 -97.01 -48.40 -183.95
CA LYS P 853 -96.10 -49.11 -183.07
C LYS P 853 -94.92 -48.25 -182.64
N GLN P 854 -94.22 -47.60 -183.60
CA GLN P 854 -93.10 -46.71 -183.32
C GLN P 854 -93.48 -45.60 -182.37
N LEU P 855 -94.72 -45.09 -182.51
CA LEU P 855 -95.20 -44.16 -181.50
C LEU P 855 -95.24 -44.79 -180.13
N PHE P 856 -95.96 -45.91 -179.98
CA PHE P 856 -96.14 -46.60 -178.67
C PHE P 856 -94.81 -46.85 -177.95
N LYS P 857 -93.76 -47.15 -178.74
CA LYS P 857 -92.45 -47.40 -178.17
C LYS P 857 -91.76 -46.12 -177.79
N SER P 858 -92.02 -45.05 -178.54
CA SER P 858 -91.47 -43.74 -178.21
C SER P 858 -92.08 -43.23 -176.91
N LEU P 859 -93.40 -43.41 -176.78
CA LEU P 859 -94.17 -42.96 -175.62
C LEU P 859 -93.82 -43.64 -174.29
N ILE P 860 -93.61 -44.95 -174.31
CA ILE P 860 -93.29 -45.67 -173.09
C ILE P 860 -92.09 -45.05 -172.39
N TYR P 861 -91.10 -44.63 -173.18
CA TYR P 861 -89.90 -44.02 -172.63
C TYR P 861 -89.65 -42.59 -173.08
N ILE P 862 -89.67 -41.71 -172.10
CA ILE P 862 -89.64 -40.26 -172.23
C ILE P 862 -88.33 -39.73 -171.69
N ASN P 863 -87.66 -38.91 -172.50
CA ASN P 863 -86.37 -38.29 -172.24
C ASN P 863 -86.24 -37.10 -173.18
N GLU P 864 -85.36 -36.18 -172.83
CA GLU P 864 -85.11 -35.00 -173.64
C GLU P 864 -84.15 -35.37 -174.80
N ASN P 865 -83.64 -34.39 -175.55
CA ASN P 865 -82.75 -34.75 -176.65
C ASN P 865 -81.34 -34.17 -176.57
N THR P 866 -81.09 -33.12 -175.78
CA THR P 866 -79.73 -32.62 -175.55
C THR P 866 -79.66 -31.82 -174.26
N LYS P 867 -78.75 -32.21 -173.37
CA LYS P 867 -78.26 -31.37 -172.28
C LYS P 867 -76.75 -31.30 -172.37
N ILE P 868 -76.20 -30.09 -172.36
CA ILE P 868 -74.80 -29.85 -172.63
C ILE P 868 -74.13 -29.58 -171.29
N LEU P 869 -73.33 -30.51 -170.82
CA LEU P 869 -72.94 -30.50 -169.42
C LEU P 869 -71.41 -30.49 -169.25
N GLU P 870 -70.96 -29.87 -168.16
CA GLU P 870 -69.56 -29.53 -167.94
C GLU P 870 -69.06 -30.10 -166.62
N VAL P 871 -67.85 -30.68 -166.65
CA VAL P 871 -67.27 -31.40 -165.52
C VAL P 871 -66.04 -30.66 -165.03
N GLU P 872 -65.89 -30.56 -163.71
CA GLU P 872 -64.66 -30.10 -163.08
C GLU P 872 -64.03 -31.32 -162.42
N VAL P 873 -63.22 -32.03 -163.22
CA VAL P 873 -62.40 -33.10 -162.69
C VAL P 873 -61.25 -32.51 -161.90
N SER P 874 -61.04 -33.04 -160.71
CA SER P 874 -59.72 -32.99 -160.09
C SER P 874 -59.08 -34.34 -160.27
N LEU P 875 -57.77 -34.34 -160.47
CA LEU P 875 -57.09 -35.48 -161.05
C LEU P 875 -56.94 -36.63 -160.05
N ASP P 876 -56.34 -37.71 -160.55
CA ASP P 876 -55.70 -38.71 -159.72
C ASP P 876 -54.72 -38.01 -158.79
N PRO P 877 -54.75 -38.30 -157.48
CA PRO P 877 -53.73 -37.72 -156.57
C PRO P 877 -52.30 -38.03 -156.95
N ALA P 878 -52.05 -39.24 -157.48
CA ALA P 878 -50.76 -39.63 -158.03
C ALA P 878 -50.34 -38.79 -159.22
N GLN P 879 -51.28 -38.08 -159.84
CA GLN P 879 -50.96 -37.14 -160.90
C GLN P 879 -50.92 -35.69 -160.43
N ARG P 880 -51.83 -35.29 -159.55
CA ARG P 880 -51.93 -33.92 -159.10
C ARG P 880 -51.06 -33.63 -157.88
N HIS P 881 -50.06 -34.49 -157.60
CA HIS P 881 -48.96 -34.05 -156.74
C HIS P 881 -48.28 -32.79 -157.25
N GLY P 882 -48.20 -32.62 -158.56
CA GLY P 882 -47.87 -31.33 -159.12
C GLY P 882 -49.11 -30.54 -159.48
N ASN P 883 -49.36 -29.46 -158.72
CA ASN P 883 -50.38 -28.45 -158.99
C ASN P 883 -51.80 -29.03 -159.00
N SER P 884 -52.22 -29.55 -157.85
CA SER P 884 -53.62 -29.93 -157.68
C SER P 884 -54.53 -28.71 -157.64
N VAL P 885 -54.10 -27.66 -156.95
CA VAL P 885 -54.91 -26.46 -156.82
C VAL P 885 -54.83 -25.62 -158.10
N HIS P 886 -53.64 -25.54 -158.69
CA HIS P 886 -53.41 -24.65 -159.83
C HIS P 886 -54.13 -25.13 -161.08
N PHE P 887 -54.40 -26.43 -161.18
CA PHE P 887 -55.07 -26.97 -162.35
C PHE P 887 -56.39 -27.63 -161.94
N GLN P 888 -57.42 -27.39 -162.75
CA GLN P 888 -58.70 -28.08 -162.66
C GLN P 888 -59.02 -28.61 -164.04
N SER P 889 -59.07 -29.93 -164.19
CA SER P 889 -59.46 -30.52 -165.46
C SER P 889 -60.94 -30.24 -165.71
N LEU P 890 -61.28 -29.92 -166.95
CA LEU P 890 -62.61 -29.40 -167.23
C LEU P 890 -63.03 -29.93 -168.59
N GLN P 891 -64.16 -30.65 -168.61
CA GLN P 891 -64.54 -31.41 -169.80
C GLN P 891 -66.01 -31.23 -170.13
N HIS P 892 -66.35 -31.10 -171.41
CA HIS P 892 -67.71 -30.91 -171.88
C HIS P 892 -68.22 -32.17 -172.57
N ILE P 893 -69.39 -32.65 -172.17
CA ILE P 893 -70.05 -33.77 -172.83
C ILE P 893 -71.51 -33.42 -173.08
N LEU P 894 -72.18 -34.30 -173.80
CA LEU P 894 -73.61 -34.19 -174.08
C LEU P 894 -74.34 -35.26 -173.28
N TYR P 895 -75.32 -34.85 -172.49
CA TYR P 895 -76.18 -35.80 -171.79
C TYR P 895 -77.12 -36.52 -172.74
N ASN P 896 -77.41 -35.92 -173.88
CA ASN P 896 -78.17 -36.64 -174.89
C ASN P 896 -77.82 -36.08 -176.26
N GLY P 897 -77.95 -36.94 -177.25
CA GLY P 897 -77.69 -36.59 -178.63
C GLY P 897 -77.55 -37.84 -179.45
N LEU P 898 -77.36 -37.64 -180.74
CA LEU P 898 -77.16 -38.69 -181.72
C LEU P 898 -75.78 -38.54 -182.33
N CYS P 899 -75.13 -39.67 -182.53
CA CYS P 899 -74.05 -39.75 -183.49
C CYS P 899 -74.64 -39.73 -184.91
N LEU P 900 -73.82 -39.30 -185.85
CA LEU P 900 -74.31 -39.01 -187.18
C LEU P 900 -73.23 -39.30 -188.19
N ILE P 901 -73.65 -39.91 -189.30
CA ILE P 901 -72.77 -40.14 -190.44
C ILE P 901 -73.31 -39.53 -191.74
N SER P 902 -74.62 -39.30 -191.86
CA SER P 902 -75.24 -38.82 -193.09
C SER P 902 -76.14 -37.64 -192.79
N PRO P 903 -76.22 -36.67 -193.71
CA PRO P 903 -76.94 -35.42 -193.41
C PRO P 903 -78.46 -35.61 -193.34
N ILE P 904 -79.07 -34.88 -192.42
CA ILE P 904 -80.51 -34.96 -192.15
C ILE P 904 -81.17 -33.83 -192.93
N THR P 905 -81.64 -34.15 -194.14
CA THR P 905 -82.29 -33.13 -194.96
C THR P 905 -83.77 -33.00 -194.61
N THR P 906 -84.42 -34.13 -194.30
CA THR P 906 -85.86 -34.14 -194.10
C THR P 906 -86.25 -33.51 -192.77
N LEU P 907 -85.53 -33.82 -191.70
CA LEU P 907 -85.77 -33.24 -190.38
C LEU P 907 -84.81 -32.10 -190.10
N ARG P 908 -84.53 -31.29 -191.13
CA ARG P 908 -83.53 -30.24 -191.04
C ARG P 908 -83.91 -29.16 -190.04
N ARG P 909 -85.19 -28.78 -190.00
CA ARG P 909 -85.64 -27.83 -188.99
C ARG P 909 -85.70 -28.45 -187.60
N TYR P 910 -85.68 -29.78 -187.50
CA TYR P 910 -85.66 -30.38 -186.17
C TYR P 910 -84.25 -30.50 -185.62
N TYR P 911 -83.30 -30.87 -186.49
CA TYR P 911 -81.95 -31.19 -186.07
C TYR P 911 -81.07 -29.94 -186.14
N GLN P 912 -80.36 -29.66 -185.05
CA GLN P 912 -79.47 -28.50 -184.98
C GLN P 912 -78.08 -29.00 -184.63
N PRO P 913 -77.07 -28.76 -185.46
CA PRO P 913 -75.75 -29.34 -185.22
C PRO P 913 -75.01 -28.62 -184.10
N ILE P 914 -74.14 -29.36 -183.43
CA ILE P 914 -73.21 -28.78 -182.48
C ILE P 914 -71.90 -29.58 -182.45
N PRO P 915 -70.81 -29.01 -182.96
CA PRO P 915 -69.48 -29.59 -182.72
C PRO P 915 -69.01 -29.28 -181.31
N PHE P 916 -68.55 -30.32 -180.60
CA PHE P 916 -68.28 -30.20 -179.18
C PHE P 916 -67.00 -30.90 -178.77
N HIS P 917 -66.17 -31.29 -179.73
CA HIS P 917 -65.12 -32.28 -179.53
C HIS P 917 -64.24 -32.17 -180.77
N ARG P 918 -63.09 -32.85 -180.74
CA ARG P 918 -62.28 -32.92 -181.94
C ARG P 918 -62.95 -33.78 -183.00
N PHE P 919 -63.54 -34.89 -182.57
CA PHE P 919 -64.49 -35.64 -183.38
C PHE P 919 -65.84 -34.95 -183.31
N PHE P 920 -66.80 -35.49 -184.08
CA PHE P 920 -68.16 -34.97 -184.18
C PHE P 920 -68.17 -33.50 -184.62
N SER P 921 -67.16 -33.11 -185.41
CA SER P 921 -66.91 -31.72 -185.78
C SER P 921 -66.45 -31.61 -187.22
N ASP P 922 -66.89 -32.52 -188.08
CA ASP P 922 -66.49 -32.53 -189.48
C ASP P 922 -67.08 -31.31 -190.18
N PRO P 923 -66.25 -30.46 -190.80
CA PRO P 923 -66.78 -29.20 -191.35
C PRO P 923 -67.75 -29.36 -192.51
N GLY P 924 -67.61 -30.40 -193.33
CA GLY P 924 -68.54 -30.58 -194.43
C GLY P 924 -69.95 -30.91 -193.97
N ILE P 925 -70.06 -31.83 -193.02
CA ILE P 925 -71.37 -32.20 -192.52
C ILE P 925 -71.93 -31.10 -191.60
N CYS P 926 -71.05 -30.36 -190.92
CA CYS P 926 -71.52 -29.25 -190.10
C CYS P 926 -72.01 -28.09 -190.97
N GLY P 927 -71.47 -27.95 -192.19
CA GLY P 927 -71.93 -26.98 -193.17
C GLY P 927 -73.22 -27.42 -193.82
N THR P 928 -73.36 -28.73 -194.04
CA THR P 928 -74.62 -29.23 -194.58
C THR P 928 -75.74 -29.07 -193.55
N MET P 929 -75.44 -29.12 -192.26
CA MET P 929 -76.47 -28.92 -191.26
C MET P 929 -76.56 -27.50 -190.72
N ASN P 930 -75.72 -26.57 -191.18
CA ASN P 930 -75.92 -25.18 -190.86
C ASN P 930 -75.31 -24.31 -191.95
N ALA P 931 -76.14 -23.42 -192.51
CA ALA P 931 -75.68 -22.48 -193.52
C ALA P 931 -74.73 -21.44 -192.94
N ASP P 932 -74.78 -21.20 -191.63
CA ASP P 932 -73.77 -20.35 -190.99
C ASP P 932 -72.40 -20.98 -191.09
N ILE P 933 -72.32 -22.31 -190.97
CA ILE P 933 -71.05 -23.00 -191.19
C ILE P 933 -70.63 -22.92 -192.65
N GLN P 934 -71.59 -22.94 -193.59
CA GLN P 934 -71.29 -22.76 -195.01
C GLN P 934 -70.64 -21.41 -195.28
N VAL P 935 -71.24 -20.34 -194.76
CA VAL P 935 -70.69 -19.02 -195.04
C VAL P 935 -69.48 -18.71 -194.17
N PHE P 936 -69.30 -19.43 -193.07
CA PHE P 936 -68.08 -19.33 -192.27
C PHE P 936 -66.94 -20.10 -192.93
N LEU P 937 -67.28 -21.11 -193.73
CA LEU P 937 -66.30 -22.01 -194.33
C LEU P 937 -65.86 -21.55 -195.71
N ASN P 938 -66.77 -21.00 -196.51
CA ASN P 938 -66.43 -20.59 -197.87
C ASN P 938 -65.49 -19.39 -197.87
N THR P 939 -65.51 -18.58 -196.82
CA THR P 939 -64.54 -17.51 -196.68
C THR P 939 -63.17 -18.06 -196.31
N PHE P 940 -63.13 -19.15 -195.55
CA PHE P 940 -61.91 -19.70 -194.95
C PHE P 940 -61.69 -21.11 -195.47
N PRO P 941 -61.06 -21.28 -196.64
CA PRO P 941 -60.94 -22.61 -197.24
C PRO P 941 -59.93 -23.51 -196.57
N HIS P 942 -59.12 -22.99 -195.65
CA HIS P 942 -58.18 -23.84 -194.93
C HIS P 942 -58.90 -24.72 -193.92
N TYR P 943 -60.06 -24.30 -193.44
CA TYR P 943 -60.72 -24.97 -192.34
C TYR P 943 -61.52 -26.19 -192.76
N GLN P 944 -61.65 -26.45 -194.07
CA GLN P 944 -62.55 -27.48 -194.56
C GLN P 944 -62.01 -28.89 -194.44
N ARG P 945 -60.78 -29.05 -193.96
CA ARG P 945 -60.24 -30.39 -193.74
C ARG P 945 -60.93 -31.04 -192.56
N ASN P 946 -61.18 -32.34 -192.68
CA ASN P 946 -61.77 -33.10 -191.58
C ASN P 946 -60.80 -33.30 -190.43
N ASP P 947 -59.52 -33.04 -190.64
CA ASP P 947 -58.46 -33.41 -189.72
C ASP P 947 -58.44 -32.47 -188.51
N GLY P 948 -58.14 -31.19 -188.76
CA GLY P 948 -58.03 -30.22 -187.70
C GLY P 948 -58.02 -28.83 -188.29
N GLY P 949 -57.85 -27.84 -187.42
CA GLY P 949 -57.88 -26.46 -187.81
C GLY P 949 -59.27 -25.85 -187.86
N PHE P 950 -60.31 -26.66 -187.92
CA PHE P 950 -61.67 -26.15 -187.86
C PHE P 950 -61.97 -25.66 -186.45
N PRO P 951 -62.28 -24.39 -186.27
CA PRO P 951 -62.47 -23.87 -184.91
C PRO P 951 -63.79 -24.33 -184.31
N LEU P 952 -63.89 -24.11 -183.01
CA LEU P 952 -65.01 -24.55 -182.19
C LEU P 952 -65.56 -23.33 -181.47
N PRO P 953 -66.72 -23.44 -180.83
CA PRO P 953 -67.18 -22.36 -179.93
C PRO P 953 -66.22 -22.12 -178.78
N PRO P 954 -66.25 -20.93 -178.20
CA PRO P 954 -65.33 -20.61 -177.08
C PRO P 954 -65.53 -21.49 -175.85
N PRO P 955 -66.73 -21.96 -175.48
CA PRO P 955 -66.78 -23.00 -174.44
C PRO P 955 -66.28 -24.36 -174.89
N LEU P 956 -66.15 -24.62 -176.18
CA LEU P 956 -65.82 -25.95 -176.66
C LEU P 956 -64.45 -26.02 -177.33
N ALA P 957 -63.67 -24.95 -177.30
CA ALA P 957 -62.43 -24.88 -178.05
C ALA P 957 -61.18 -24.87 -177.17
N LEU P 958 -61.34 -24.99 -175.85
CA LEU P 958 -60.19 -25.04 -174.96
C LEU P 958 -59.56 -26.43 -175.04
N GLU P 959 -58.72 -26.59 -176.06
CA GLU P 959 -58.04 -27.84 -176.30
C GLU P 959 -56.91 -28.10 -175.32
N PHE P 960 -56.51 -27.11 -174.54
CA PHE P 960 -55.59 -27.40 -173.45
C PHE P 960 -56.31 -28.09 -172.31
N TYR P 961 -57.57 -27.75 -172.06
CA TYR P 961 -58.31 -28.37 -170.98
C TYR P 961 -59.05 -29.63 -171.41
N ASN P 962 -59.12 -29.93 -172.70
CA ASN P 962 -59.71 -31.20 -173.13
C ASN P 962 -58.77 -32.35 -172.80
N TRP P 963 -59.37 -33.51 -172.49
CA TRP P 963 -58.57 -34.72 -172.32
C TRP P 963 -58.06 -35.23 -173.66
N GLN P 964 -58.87 -35.11 -174.70
CA GLN P 964 -58.50 -35.59 -176.03
C GLN P 964 -57.68 -34.55 -176.76
N ARG P 965 -56.75 -35.02 -177.60
CA ARG P 965 -55.67 -34.15 -178.07
C ARG P 965 -55.48 -34.21 -179.58
N THR P 966 -54.66 -33.27 -180.03
CA THR P 966 -54.28 -33.19 -181.44
C THR P 966 -53.55 -34.41 -181.98
N PRO P 967 -52.58 -35.06 -181.28
CA PRO P 967 -52.06 -36.34 -181.81
C PRO P 967 -53.13 -37.41 -181.99
N PHE P 968 -54.05 -37.48 -181.03
CA PHE P 968 -55.15 -38.43 -181.06
C PHE P 968 -56.03 -38.21 -182.30
N SER P 969 -56.46 -36.96 -182.49
CA SER P 969 -57.36 -36.64 -183.60
C SER P 969 -56.66 -36.76 -184.96
N VAL P 970 -55.44 -36.25 -185.07
CA VAL P 970 -54.78 -36.24 -186.36
C VAL P 970 -54.25 -37.62 -186.72
N TYR P 971 -53.94 -38.45 -185.72
CA TYR P 971 -53.68 -39.85 -186.02
C TYR P 971 -54.94 -40.54 -186.52
N SER P 972 -56.08 -40.26 -185.86
CA SER P 972 -57.31 -40.93 -186.24
C SER P 972 -57.86 -40.46 -187.58
N ALA P 973 -57.39 -39.32 -188.10
CA ALA P 973 -57.80 -38.93 -189.44
C ALA P 973 -57.19 -39.85 -190.49
N PHE P 974 -55.87 -39.86 -190.60
CA PHE P 974 -55.21 -40.55 -191.70
C PHE P 974 -54.79 -41.97 -191.36
N CYS P 975 -55.17 -42.48 -190.19
CA CYS P 975 -54.86 -43.87 -189.91
C CYS P 975 -55.75 -44.77 -190.76
N PRO P 976 -55.23 -45.90 -191.26
CA PRO P 976 -56.06 -46.78 -192.10
C PRO P 976 -57.08 -47.52 -191.27
N ASN P 977 -58.14 -47.97 -191.94
CA ASN P 977 -59.22 -48.66 -191.25
C ASN P 977 -58.82 -50.10 -191.01
N SER P 978 -58.28 -50.38 -189.83
CA SER P 978 -57.85 -51.71 -189.46
C SER P 978 -57.94 -51.86 -187.95
N LEU P 979 -57.90 -53.12 -187.49
CA LEU P 979 -58.03 -53.40 -186.07
C LEU P 979 -56.85 -52.84 -185.29
N LEU P 980 -55.63 -53.01 -185.82
CA LEU P 980 -54.44 -52.49 -185.15
C LEU P 980 -54.51 -50.99 -184.99
N SER P 981 -55.09 -50.31 -185.98
CA SER P 981 -55.34 -48.87 -185.86
C SER P 981 -56.45 -48.56 -184.88
N ILE P 982 -57.39 -49.48 -184.66
CA ILE P 982 -58.38 -49.25 -183.61
C ILE P 982 -57.74 -49.45 -182.24
N MET P 983 -56.93 -50.49 -182.10
CA MET P 983 -56.34 -50.86 -180.82
C MET P 983 -55.29 -49.86 -180.37
N THR P 984 -54.62 -49.21 -181.32
CA THR P 984 -53.56 -48.29 -180.95
C THR P 984 -54.08 -47.01 -180.34
N LEU P 985 -55.35 -46.65 -180.53
CA LEU P 985 -55.90 -45.53 -179.79
C LEU P 985 -56.07 -45.89 -178.32
N ALA P 986 -56.53 -47.11 -178.05
CA ALA P 986 -56.60 -47.58 -176.68
C ALA P 986 -55.21 -47.72 -176.06
N ALA P 987 -54.20 -48.03 -176.89
CA ALA P 987 -52.82 -47.95 -176.43
C ALA P 987 -52.41 -46.51 -176.17
N MET P 988 -52.87 -45.57 -177.00
CA MET P 988 -52.57 -44.17 -176.82
C MET P 988 -53.26 -43.57 -175.61
N HIS P 989 -54.26 -44.24 -175.06
CA HIS P 989 -54.90 -43.73 -173.86
C HIS P 989 -54.16 -44.08 -172.57
N SER P 990 -53.01 -44.74 -172.63
CA SER P 990 -52.28 -45.10 -171.42
C SER P 990 -51.70 -43.87 -170.74
N LYS P 991 -52.01 -43.69 -169.46
CA LYS P 991 -51.76 -42.40 -168.83
C LYS P 991 -50.29 -42.22 -168.47
N LEU P 992 -49.96 -41.01 -168.01
CA LEU P 992 -48.63 -40.66 -167.51
C LEU P 992 -48.70 -40.41 -166.02
N SER P 993 -48.07 -41.29 -165.24
CA SER P 993 -48.01 -41.17 -163.79
C SER P 993 -46.87 -42.03 -163.30
N PRO P 994 -46.40 -41.81 -162.05
CA PRO P 994 -45.47 -42.78 -161.44
C PRO P 994 -45.97 -44.21 -161.43
N VAL P 995 -47.25 -44.42 -161.09
CA VAL P 995 -47.88 -45.74 -161.14
C VAL P 995 -47.92 -46.27 -162.57
N ALA P 996 -48.14 -45.37 -163.54
CA ALA P 996 -48.22 -45.80 -164.93
C ALA P 996 -46.86 -46.24 -165.46
N ILE P 997 -45.81 -45.47 -165.16
CA ILE P 997 -44.47 -45.83 -165.63
C ILE P 997 -43.99 -47.11 -164.95
N ALA P 998 -44.30 -47.27 -163.66
CA ALA P 998 -43.92 -48.48 -162.95
C ALA P 998 -44.63 -49.70 -163.50
N ILE P 999 -45.92 -49.57 -163.85
CA ILE P 999 -46.63 -50.76 -164.31
C ILE P 999 -46.30 -51.08 -165.78
N GLN P 1000 -45.98 -50.07 -166.60
CA GLN P 1000 -45.53 -50.37 -167.96
C GLN P 1000 -44.15 -51.01 -167.95
N SER P 1001 -43.29 -50.59 -167.02
CA SER P 1001 -41.98 -51.22 -166.89
C SER P 1001 -42.10 -52.65 -166.39
N LYS P 1002 -42.99 -52.89 -165.41
CA LYS P 1002 -43.16 -54.24 -164.89
C LYS P 1002 -43.77 -55.16 -165.93
N SER P 1003 -44.65 -54.64 -166.78
CA SER P 1003 -45.16 -55.40 -167.90
C SER P 1003 -44.22 -55.37 -169.10
N LYS P 1004 -43.06 -54.71 -168.97
CA LYS P 1004 -42.02 -54.64 -170.00
C LYS P 1004 -42.53 -54.00 -171.28
N ILE P 1005 -43.36 -52.97 -171.12
CA ILE P 1005 -43.91 -52.23 -172.24
C ILE P 1005 -43.39 -50.81 -172.17
N HIS P 1006 -43.02 -50.26 -173.33
CA HIS P 1006 -42.27 -49.01 -173.42
C HIS P 1006 -43.12 -47.82 -172.97
N PRO P 1007 -42.54 -46.88 -172.23
CA PRO P 1007 -43.15 -45.56 -172.03
C PRO P 1007 -43.00 -44.67 -173.25
N GLY P 1008 -43.21 -43.38 -173.12
CA GLY P 1008 -42.97 -42.54 -174.28
C GLY P 1008 -41.60 -41.90 -174.29
N PHE P 1009 -40.55 -42.60 -173.86
CA PHE P 1009 -39.27 -41.93 -173.67
C PHE P 1009 -38.08 -42.81 -173.99
N ALA P 1010 -37.00 -42.13 -174.38
CA ALA P 1010 -35.65 -42.66 -174.37
C ALA P 1010 -34.91 -42.09 -173.16
N ALA P 1011 -33.70 -42.60 -172.92
CA ALA P 1011 -32.92 -42.10 -171.80
C ALA P 1011 -31.45 -42.19 -172.13
N THR P 1012 -30.73 -41.09 -171.97
CA THR P 1012 -29.28 -41.10 -172.14
C THR P 1012 -28.62 -41.06 -170.77
N LEU P 1013 -27.60 -41.90 -170.58
CA LEU P 1013 -27.05 -42.15 -169.26
C LEU P 1013 -25.57 -41.84 -169.29
N VAL P 1014 -25.15 -40.88 -168.48
CA VAL P 1014 -23.78 -40.41 -168.42
C VAL P 1014 -23.08 -41.07 -167.23
N ARG P 1015 -21.76 -41.18 -167.33
CA ARG P 1015 -20.93 -41.97 -166.44
C ARG P 1015 -19.58 -41.31 -166.31
N THR P 1016 -19.09 -41.15 -165.09
CA THR P 1016 -17.69 -40.80 -164.89
C THR P 1016 -16.90 -42.08 -164.70
N ASP P 1017 -15.81 -42.22 -165.43
CA ASP P 1017 -14.89 -43.33 -165.23
C ASP P 1017 -13.51 -42.78 -164.89
N ASN P 1018 -12.92 -43.28 -163.81
CA ASN P 1018 -11.60 -42.87 -163.39
C ASN P 1018 -10.57 -43.79 -164.01
N PHE P 1019 -9.43 -43.22 -164.38
CA PHE P 1019 -8.36 -43.96 -165.03
C PHE P 1019 -7.04 -43.52 -164.45
N ASP P 1020 -6.12 -44.45 -164.30
CA ASP P 1020 -4.72 -44.13 -164.00
C ASP P 1020 -3.89 -44.26 -165.27
N VAL P 1021 -3.33 -43.14 -165.71
CA VAL P 1021 -2.61 -43.04 -166.97
C VAL P 1021 -1.18 -42.61 -166.69
N GLU P 1022 -0.23 -43.34 -167.25
CA GLU P 1022 1.15 -42.92 -167.25
C GLU P 1022 1.39 -41.97 -168.42
N CYS P 1023 2.22 -40.96 -168.20
CA CYS P 1023 2.49 -39.96 -169.22
C CYS P 1023 3.95 -40.01 -169.62
N LEU P 1024 4.21 -40.26 -170.90
CA LEU P 1024 5.54 -40.08 -171.44
C LEU P 1024 5.92 -38.60 -171.39
N LEU P 1025 7.23 -38.37 -171.36
CA LEU P 1025 7.77 -37.04 -171.14
C LEU P 1025 9.01 -36.91 -171.98
N TYR P 1026 9.20 -35.75 -172.58
CA TYR P 1026 10.42 -35.48 -173.33
C TYR P 1026 10.99 -34.16 -172.84
N SER P 1027 12.30 -34.02 -172.94
CA SER P 1027 12.96 -32.74 -172.71
C SER P 1027 14.10 -32.60 -173.69
N SER P 1028 14.54 -31.35 -173.87
CA SER P 1028 15.58 -31.03 -174.82
C SER P 1028 16.94 -31.37 -174.21
N ARG P 1029 18.01 -30.84 -174.82
CA ARG P 1029 19.36 -31.23 -174.44
C ARG P 1029 19.71 -30.76 -173.04
N ALA P 1030 19.58 -29.47 -172.77
CA ALA P 1030 19.69 -28.92 -171.43
C ALA P 1030 18.49 -27.99 -171.27
N ALA P 1031 17.36 -28.55 -170.84
CA ALA P 1031 16.10 -27.82 -170.89
C ALA P 1031 16.06 -26.70 -169.88
N THR P 1032 16.30 -27.03 -168.62
CA THR P 1032 16.45 -26.02 -167.58
C THR P 1032 17.88 -26.02 -167.09
N SER P 1033 18.30 -24.93 -166.49
CA SER P 1033 19.52 -24.91 -165.72
C SER P 1033 19.16 -24.65 -164.28
N ILE P 1034 19.71 -25.47 -163.39
CA ILE P 1034 19.39 -25.42 -161.98
C ILE P 1034 20.60 -24.86 -161.25
N ILE P 1035 20.33 -24.19 -160.14
CA ILE P 1035 21.35 -23.56 -159.32
C ILE P 1035 21.20 -24.13 -157.92
N LEU P 1036 22.27 -24.73 -157.41
CA LEU P 1036 22.22 -25.55 -156.22
C LEU P 1036 23.02 -24.90 -155.12
N ASP P 1037 22.39 -24.73 -153.96
CA ASP P 1037 23.05 -24.24 -152.77
C ASP P 1037 24.03 -25.29 -152.25
N ASP P 1038 25.09 -24.82 -151.62
CA ASP P 1038 25.84 -25.70 -150.75
C ASP P 1038 24.99 -26.02 -149.51
N PRO P 1039 24.81 -27.29 -149.15
CA PRO P 1039 23.91 -27.61 -148.03
C PRO P 1039 24.49 -27.21 -146.69
N THR P 1040 23.64 -26.64 -145.83
CA THR P 1040 24.06 -26.04 -144.58
C THR P 1040 23.48 -26.85 -143.41
N VAL P 1041 24.34 -27.60 -142.73
CA VAL P 1041 23.93 -28.51 -141.68
C VAL P 1041 23.55 -27.70 -140.44
N THR P 1042 22.26 -27.66 -140.13
CA THR P 1042 21.76 -27.00 -138.93
C THR P 1042 21.66 -28.02 -137.80
N ALA P 1043 22.43 -27.83 -136.74
CA ALA P 1043 22.50 -28.81 -135.65
C ALA P 1043 21.53 -28.42 -134.56
N GLU P 1044 20.35 -29.05 -134.56
CA GLU P 1044 19.42 -28.91 -133.47
C GLU P 1044 19.83 -29.82 -132.33
N ALA P 1045 19.86 -29.29 -131.11
CA ALA P 1045 20.25 -30.05 -129.93
C ALA P 1045 19.04 -30.24 -129.03
N LYS P 1046 18.84 -31.47 -128.56
CA LYS P 1046 17.79 -31.78 -127.61
C LYS P 1046 18.38 -32.67 -126.53
N ASP P 1047 17.51 -33.28 -125.73
CA ASP P 1047 17.96 -34.05 -124.59
C ASP P 1047 18.56 -35.39 -125.00
N ILE P 1048 17.88 -36.12 -125.88
CA ILE P 1048 18.40 -37.41 -126.33
C ILE P 1048 18.92 -37.25 -127.74
N VAL P 1049 18.02 -37.02 -128.67
CA VAL P 1049 18.37 -37.03 -130.08
C VAL P 1049 18.74 -35.62 -130.51
N THR P 1050 19.86 -35.50 -131.21
CA THR P 1050 20.27 -34.22 -131.77
C THR P 1050 20.07 -34.33 -133.28
N THR P 1051 18.87 -34.02 -133.73
CA THR P 1051 18.53 -34.10 -135.14
C THR P 1051 19.26 -33.02 -135.91
N TYR P 1052 20.12 -33.42 -136.85
CA TYR P 1052 20.88 -32.44 -137.62
C TYR P 1052 20.17 -32.25 -138.95
N ASN P 1053 19.09 -31.48 -138.92
CA ASN P 1053 18.37 -31.20 -140.15
C ASN P 1053 19.15 -30.26 -141.03
N PHE P 1054 18.99 -30.44 -142.34
CA PHE P 1054 19.56 -29.46 -143.27
C PHE P 1054 18.77 -29.40 -144.55
N THR P 1055 19.05 -28.33 -145.30
CA THR P 1055 18.30 -27.91 -146.46
C THR P 1055 19.25 -27.66 -147.62
N GLN P 1056 18.68 -27.65 -148.81
CA GLN P 1056 19.32 -27.12 -150.01
C GLN P 1056 18.36 -26.17 -150.70
N HIS P 1057 18.87 -25.02 -151.10
CA HIS P 1057 18.08 -24.06 -151.85
C HIS P 1057 18.37 -24.24 -153.33
N LEU P 1058 17.32 -24.40 -154.13
CA LEU P 1058 17.41 -24.61 -155.55
C LEU P 1058 16.76 -23.45 -156.27
N SER P 1059 17.30 -23.10 -157.42
CA SER P 1059 16.58 -22.18 -158.29
C SER P 1059 16.68 -22.65 -159.72
N PHE P 1060 15.54 -22.78 -160.35
CA PHE P 1060 15.42 -23.22 -161.73
C PHE P 1060 15.23 -22.02 -162.62
N VAL P 1061 15.95 -21.97 -163.75
CA VAL P 1061 15.57 -21.10 -164.85
C VAL P 1061 15.57 -21.95 -166.11
N ASP P 1062 14.99 -21.42 -167.18
CA ASP P 1062 14.81 -22.18 -168.40
C ASP P 1062 15.85 -21.79 -169.43
N MET P 1063 16.60 -22.77 -169.94
CA MET P 1063 17.52 -22.54 -171.03
C MET P 1063 16.85 -22.67 -172.38
N GLY P 1064 15.56 -22.42 -172.48
CA GLY P 1064 14.88 -22.59 -173.75
C GLY P 1064 14.01 -21.41 -174.12
N LEU P 1065 14.27 -20.78 -175.27
CA LEU P 1065 13.39 -19.71 -175.71
C LEU P 1065 12.02 -20.24 -176.11
N GLY P 1066 11.99 -21.39 -176.78
CA GLY P 1066 10.75 -22.08 -177.05
C GLY P 1066 10.42 -23.10 -175.98
N PHE P 1067 9.43 -23.93 -176.29
CA PHE P 1067 9.09 -25.03 -175.41
C PHE P 1067 10.21 -26.06 -175.37
N SER P 1068 10.67 -26.37 -174.16
CA SER P 1068 11.78 -27.28 -173.99
C SER P 1068 11.34 -28.68 -173.62
N SER P 1069 10.07 -28.88 -173.28
CA SER P 1069 9.62 -30.16 -172.79
C SER P 1069 8.17 -30.38 -173.16
N THR P 1070 7.81 -31.61 -173.52
CA THR P 1070 6.44 -31.96 -173.84
C THR P 1070 6.02 -33.19 -173.05
N THR P 1071 4.71 -33.32 -172.85
CA THR P 1071 4.15 -34.43 -172.11
C THR P 1071 3.10 -35.11 -172.96
N ALA P 1072 3.24 -36.42 -173.17
CA ALA P 1072 2.31 -37.18 -173.97
C ALA P 1072 1.56 -38.14 -173.08
N THR P 1073 0.24 -37.98 -173.01
CA THR P 1073 -0.66 -38.91 -172.34
C THR P 1073 -0.60 -40.26 -173.05
N ALA P 1074 -0.06 -41.29 -172.41
CA ALA P 1074 0.55 -42.38 -173.14
C ALA P 1074 -0.23 -43.69 -173.09
N ASN P 1075 -0.47 -44.26 -171.91
CA ASN P 1075 -1.11 -45.57 -171.88
C ASN P 1075 -1.99 -45.72 -170.65
N LEU P 1076 -2.96 -46.61 -170.77
CA LEU P 1076 -3.83 -46.97 -169.66
C LEU P 1076 -3.31 -48.25 -169.04
N LYS P 1077 -2.74 -48.16 -167.85
CA LYS P 1077 -2.26 -49.36 -167.17
C LYS P 1077 -3.32 -49.93 -166.24
N ARG P 1078 -3.74 -49.14 -165.25
CA ARG P 1078 -4.72 -49.59 -164.28
C ARG P 1078 -5.92 -48.67 -164.30
N ILE P 1079 -7.10 -49.26 -164.30
CA ILE P 1079 -8.36 -48.52 -164.18
C ILE P 1079 -8.72 -48.45 -162.71
N LYS P 1080 -9.29 -47.32 -162.29
CA LYS P 1080 -9.73 -47.19 -160.91
C LYS P 1080 -11.18 -47.62 -160.72
N SER P 1081 -12.09 -47.12 -161.54
CA SER P 1081 -13.51 -47.34 -161.30
C SER P 1081 -13.89 -48.77 -161.65
N ASP P 1082 -15.09 -49.15 -161.22
CA ASP P 1082 -15.59 -50.51 -161.45
C ASP P 1082 -15.97 -50.74 -162.90
N MET P 1083 -16.26 -49.67 -163.64
CA MET P 1083 -17.02 -49.71 -164.89
C MET P 1083 -18.30 -50.52 -164.69
N GLY P 1084 -19.16 -49.96 -163.85
CA GLY P 1084 -20.42 -50.57 -163.49
C GLY P 1084 -21.60 -49.82 -164.08
N SER P 1085 -22.78 -50.44 -163.93
CA SER P 1085 -24.06 -49.89 -164.38
C SER P 1085 -25.02 -49.92 -163.20
N LYS P 1086 -24.97 -48.90 -162.36
CA LYS P 1086 -25.87 -48.77 -161.22
C LYS P 1086 -26.44 -47.36 -161.22
N ILE P 1087 -27.77 -47.28 -161.16
CA ILE P 1087 -28.52 -46.06 -161.42
C ILE P 1087 -28.23 -45.01 -160.36
N GLN P 1088 -28.16 -43.74 -160.79
CA GLN P 1088 -28.27 -42.62 -159.86
C GLN P 1088 -29.62 -42.68 -159.19
N ASN P 1089 -29.64 -43.13 -157.94
CA ASN P 1089 -30.87 -43.20 -157.17
C ASN P 1089 -31.28 -41.78 -156.82
N LEU P 1090 -32.30 -41.27 -157.50
CA LEU P 1090 -32.80 -39.93 -157.17
C LEU P 1090 -33.44 -39.89 -155.80
N PHE P 1091 -33.97 -41.01 -155.31
CA PHE P 1091 -34.54 -41.02 -153.96
C PHE P 1091 -33.46 -40.88 -152.90
N SER P 1092 -32.32 -41.56 -153.07
CA SER P 1092 -31.27 -41.42 -152.08
C SER P 1092 -30.50 -40.12 -152.26
N ALA P 1093 -30.45 -39.60 -153.50
CA ALA P 1093 -29.78 -38.34 -153.72
C ALA P 1093 -30.61 -37.17 -153.22
N PHE P 1094 -31.93 -37.22 -153.46
CA PHE P 1094 -32.85 -36.20 -152.98
C PHE P 1094 -33.73 -36.88 -151.93
N PRO P 1095 -33.37 -36.81 -150.65
CA PRO P 1095 -33.95 -37.74 -149.68
C PRO P 1095 -35.34 -37.38 -149.17
N ILE P 1096 -35.65 -36.10 -149.08
CA ILE P 1096 -36.79 -35.64 -148.29
C ILE P 1096 -38.04 -35.44 -149.16
N HIS P 1097 -38.06 -36.04 -150.35
CA HIS P 1097 -39.25 -35.96 -151.18
C HIS P 1097 -40.29 -36.98 -150.73
N ALA P 1098 -41.50 -36.49 -150.47
CA ALA P 1098 -42.66 -37.33 -150.21
C ALA P 1098 -43.71 -37.04 -151.25
N PHE P 1099 -44.39 -38.08 -151.71
CA PHE P 1099 -45.66 -37.86 -152.37
C PHE P 1099 -46.66 -37.38 -151.33
N THR P 1100 -47.54 -36.47 -151.74
CA THR P 1100 -48.49 -35.85 -150.81
C THR P 1100 -49.43 -36.89 -150.21
N ASN P 1101 -49.87 -37.84 -151.01
CA ASN P 1101 -50.60 -38.98 -150.49
C ASN P 1101 -49.60 -39.99 -149.92
N THR P 1102 -49.74 -40.28 -148.63
CA THR P 1102 -48.83 -41.17 -147.92
C THR P 1102 -48.93 -42.60 -148.46
N ASP P 1103 -50.13 -43.01 -148.86
CA ASP P 1103 -50.31 -44.36 -149.43
C ASP P 1103 -49.57 -44.50 -150.76
N ILE P 1104 -49.66 -43.49 -151.62
CA ILE P 1104 -48.91 -43.48 -152.88
C ILE P 1104 -47.41 -43.46 -152.61
N ASN P 1105 -46.98 -42.69 -151.59
CA ASN P 1105 -45.56 -42.60 -151.28
C ASN P 1105 -45.00 -43.94 -150.81
N THR P 1106 -45.65 -44.55 -149.81
CA THR P 1106 -45.20 -45.83 -149.30
C THR P 1106 -45.33 -46.93 -150.34
N TRP P 1107 -46.27 -46.78 -151.27
CA TRP P 1107 -46.42 -47.74 -152.35
C TRP P 1107 -45.26 -47.66 -153.34
N ILE P 1108 -44.86 -46.44 -153.70
CA ILE P 1108 -43.70 -46.23 -154.58
C ILE P 1108 -42.42 -46.75 -153.91
N ARG P 1109 -42.24 -46.44 -152.62
CA ARG P 1109 -41.07 -46.93 -151.89
C ARG P 1109 -41.07 -48.45 -151.79
N HIS P 1110 -42.25 -49.06 -151.67
CA HIS P 1110 -42.34 -50.51 -151.67
C HIS P 1110 -41.99 -51.11 -153.03
N HIS P 1111 -42.31 -50.41 -154.12
CA HIS P 1111 -41.94 -50.97 -155.43
C HIS P 1111 -40.49 -50.69 -155.83
N VAL P 1112 -39.85 -49.66 -155.27
CA VAL P 1112 -38.44 -49.42 -155.58
C VAL P 1112 -37.50 -49.95 -154.51
N GLY P 1113 -38.03 -50.50 -153.42
CA GLY P 1113 -37.19 -51.05 -152.38
C GLY P 1113 -36.47 -50.02 -151.53
N ILE P 1114 -36.96 -48.80 -151.50
CA ILE P 1114 -36.26 -47.72 -150.84
C ILE P 1114 -37.08 -47.18 -149.67
N GLY P 1144 -14.78 -49.12 -155.24
CA GLY P 1144 -15.23 -47.82 -155.67
C GLY P 1144 -15.86 -47.87 -157.04
N GLN P 1145 -17.18 -47.70 -157.08
CA GLN P 1145 -17.94 -47.70 -158.31
C GLN P 1145 -18.60 -46.35 -158.51
N GLN P 1146 -19.05 -46.10 -159.74
CA GLN P 1146 -19.55 -44.78 -160.12
C GLN P 1146 -20.99 -44.89 -160.59
N ALA P 1147 -21.83 -44.00 -160.07
CA ALA P 1147 -23.26 -44.03 -160.34
C ALA P 1147 -23.53 -43.46 -161.73
N ILE P 1148 -24.17 -44.27 -162.56
CA ILE P 1148 -24.58 -43.81 -163.88
C ILE P 1148 -25.83 -42.94 -163.73
N CYS P 1149 -26.02 -41.98 -164.63
CA CYS P 1149 -26.95 -40.89 -164.39
C CYS P 1149 -27.82 -40.68 -165.63
N GLU P 1150 -29.03 -40.17 -165.45
CA GLU P 1150 -30.07 -40.26 -166.47
C GLU P 1150 -30.56 -38.90 -166.95
N VAL P 1151 -30.80 -38.82 -168.25
CA VAL P 1151 -31.45 -37.69 -168.90
C VAL P 1151 -32.62 -38.24 -169.71
N ILE P 1152 -33.80 -37.66 -169.51
CA ILE P 1152 -35.03 -38.13 -170.13
C ILE P 1152 -35.14 -37.49 -171.51
N LEU P 1153 -35.29 -38.32 -172.55
CA LEU P 1153 -35.35 -37.83 -173.92
C LEU P 1153 -36.49 -38.49 -174.68
N THR P 1154 -36.55 -38.18 -175.97
CA THR P 1154 -37.43 -38.65 -177.01
C THR P 1154 -36.72 -39.66 -177.89
N PRO P 1155 -37.41 -40.73 -178.31
CA PRO P 1155 -36.76 -41.78 -179.09
C PRO P 1155 -36.43 -41.39 -180.52
N VAL P 1156 -37.12 -40.34 -180.99
CA VAL P 1156 -37.00 -39.80 -182.34
C VAL P 1156 -35.66 -39.11 -182.57
N THR P 1157 -34.93 -38.86 -181.49
CA THR P 1157 -33.63 -38.19 -181.59
C THR P 1157 -32.71 -39.06 -182.45
N THR P 1158 -31.86 -38.41 -183.24
CA THR P 1158 -30.99 -39.13 -184.18
C THR P 1158 -29.72 -39.67 -183.55
N ASN P 1159 -29.88 -40.87 -182.98
CA ASN P 1159 -28.83 -41.59 -182.32
C ASN P 1159 -27.70 -41.94 -183.28
N ILE P 1160 -28.04 -42.40 -184.48
CA ILE P 1160 -26.97 -42.75 -185.39
C ILE P 1160 -26.15 -41.52 -185.72
N ASN P 1161 -26.85 -40.43 -186.05
CA ASN P 1161 -26.17 -39.16 -186.31
C ASN P 1161 -25.63 -38.48 -185.06
N PHE P 1162 -26.49 -38.40 -184.03
CA PHE P 1162 -26.15 -37.73 -182.77
C PHE P 1162 -25.12 -38.35 -181.85
N PHE P 1163 -25.25 -39.66 -181.60
CA PHE P 1163 -24.34 -40.36 -180.69
C PHE P 1163 -22.88 -40.61 -181.07
N LYS P 1164 -22.58 -40.90 -182.33
CA LYS P 1164 -21.16 -41.26 -182.60
C LYS P 1164 -20.12 -40.14 -182.43
N LEU P 1165 -20.48 -38.95 -182.88
CA LEU P 1165 -19.63 -37.80 -182.68
C LEU P 1165 -20.05 -37.30 -181.30
N PRO P 1166 -19.08 -37.13 -180.38
CA PRO P 1166 -19.44 -36.68 -179.03
C PRO P 1166 -20.08 -35.29 -178.99
N HIS P 1167 -21.14 -35.16 -178.18
CA HIS P 1167 -21.85 -33.89 -178.02
C HIS P 1167 -22.34 -33.74 -176.58
N ASN P 1168 -22.57 -32.51 -176.14
CA ASN P 1168 -23.11 -32.31 -174.79
C ASN P 1168 -24.52 -32.88 -174.80
N PRO P 1169 -24.91 -33.57 -173.72
CA PRO P 1169 -26.26 -34.17 -173.82
C PRO P 1169 -27.43 -33.20 -173.68
N ARG P 1170 -27.21 -31.89 -173.58
CA ARG P 1170 -28.23 -30.93 -174.00
C ARG P 1170 -28.50 -31.00 -175.49
N GLY P 1171 -27.55 -31.49 -176.29
CA GLY P 1171 -27.69 -31.44 -177.73
C GLY P 1171 -27.27 -30.14 -178.34
N ARG P 1172 -26.74 -29.22 -177.55
CA ARG P 1172 -26.35 -27.90 -178.02
C ARG P 1172 -24.88 -27.67 -177.74
N GLU P 1173 -24.13 -27.34 -178.79
CA GLU P 1173 -22.70 -27.09 -178.72
C GLU P 1173 -22.47 -25.68 -178.18
N SER P 1174 -22.60 -25.55 -176.86
CA SER P 1174 -21.91 -24.50 -176.14
C SER P 1174 -20.65 -25.03 -175.49
N CYS P 1175 -20.20 -26.20 -175.92
CA CYS P 1175 -18.92 -26.73 -175.49
C CYS P 1175 -17.79 -25.81 -175.92
N MET P 1176 -17.87 -25.28 -177.13
CA MET P 1176 -16.91 -24.32 -177.62
C MET P 1176 -17.62 -23.03 -178.01
N MET P 1177 -17.04 -21.91 -177.61
CA MET P 1177 -17.53 -20.60 -178.01
C MET P 1177 -16.36 -19.81 -178.58
N GLY P 1178 -16.38 -19.58 -179.89
CA GLY P 1178 -15.49 -18.60 -180.48
C GLY P 1178 -16.06 -17.21 -180.39
N THR P 1179 -15.21 -16.23 -180.70
CA THR P 1179 -15.56 -14.80 -180.75
C THR P 1179 -16.08 -14.31 -179.40
N ASP P 1180 -15.13 -14.18 -178.48
CA ASP P 1180 -15.29 -13.49 -177.19
C ASP P 1180 -16.32 -14.12 -176.24
N PRO P 1181 -16.04 -15.27 -175.64
CA PRO P 1181 -16.77 -15.65 -174.42
C PRO P 1181 -16.20 -15.08 -173.12
N HIS P 1182 -15.27 -14.12 -173.17
CA HIS P 1182 -15.11 -13.24 -172.01
C HIS P 1182 -16.38 -12.44 -171.81
N ASN P 1183 -16.92 -11.91 -172.90
CA ASN P 1183 -18.22 -11.26 -172.91
C ASN P 1183 -19.32 -12.27 -172.61
N GLU P 1184 -20.41 -11.79 -172.04
CA GLU P 1184 -21.58 -12.62 -171.77
C GLU P 1184 -22.60 -12.57 -172.91
N GLU P 1185 -22.10 -12.68 -174.13
CA GLU P 1185 -22.93 -12.66 -175.33
C GLU P 1185 -22.78 -14.00 -176.01
N ALA P 1186 -23.90 -14.72 -176.12
CA ALA P 1186 -24.09 -16.15 -176.40
C ALA P 1186 -23.61 -17.05 -175.26
N ALA P 1187 -23.00 -16.49 -174.23
CA ALA P 1187 -22.59 -17.23 -173.05
C ALA P 1187 -23.58 -17.08 -171.92
N ARG P 1188 -24.40 -16.03 -171.97
CA ARG P 1188 -25.45 -15.82 -171.00
C ARG P 1188 -26.83 -15.77 -171.63
N LYS P 1189 -26.94 -15.41 -172.91
CA LYS P 1189 -28.22 -15.37 -173.59
C LYS P 1189 -28.37 -16.47 -174.63
N ALA P 1190 -27.49 -16.53 -175.63
CA ALA P 1190 -27.64 -17.54 -176.68
C ALA P 1190 -26.93 -18.84 -176.37
N LEU P 1191 -26.50 -19.05 -175.14
CA LEU P 1191 -26.23 -20.40 -174.69
C LEU P 1191 -27.53 -21.18 -174.52
N TYR P 1192 -28.61 -20.46 -174.22
CA TYR P 1192 -29.95 -21.02 -174.07
C TYR P 1192 -30.88 -20.63 -175.20
N ASP P 1193 -30.74 -19.42 -175.73
CA ASP P 1193 -31.48 -18.98 -176.91
C ASP P 1193 -30.98 -19.79 -178.09
N HIS P 1194 -31.83 -20.69 -178.57
CA HIS P 1194 -31.50 -21.72 -179.54
C HIS P 1194 -32.02 -21.38 -180.94
N THR P 1195 -32.36 -20.11 -181.18
CA THR P 1195 -32.87 -19.72 -182.50
C THR P 1195 -31.80 -19.77 -183.58
N GLN P 1196 -30.53 -19.81 -183.20
CA GLN P 1196 -29.46 -20.01 -184.15
C GLN P 1196 -29.13 -21.49 -184.26
N THR P 1197 -28.88 -21.93 -185.50
CA THR P 1197 -28.51 -23.32 -185.75
C THR P 1197 -27.09 -23.55 -185.26
N ASP P 1198 -26.89 -24.67 -184.58
CA ASP P 1198 -25.55 -25.15 -184.23
C ASP P 1198 -24.72 -25.34 -185.49
N SER P 1199 -23.43 -25.02 -185.40
CA SER P 1199 -22.56 -25.21 -186.55
C SER P 1199 -22.25 -26.68 -186.78
N ASP P 1200 -22.37 -27.52 -185.75
CA ASP P 1200 -22.13 -28.94 -185.91
C ASP P 1200 -23.28 -29.60 -186.65
N THR P 1201 -24.48 -29.54 -186.09
CA THR P 1201 -25.63 -30.27 -186.59
C THR P 1201 -26.54 -29.30 -187.35
N PHE P 1202 -27.14 -29.79 -188.44
CA PHE P 1202 -28.06 -29.01 -189.25
C PHE P 1202 -29.30 -28.55 -188.50
N ALA P 1203 -29.66 -29.23 -187.41
CA ALA P 1203 -30.73 -28.77 -186.54
C ALA P 1203 -30.16 -27.83 -185.48
N ALA P 1204 -31.00 -26.92 -184.99
CA ALA P 1204 -30.58 -25.95 -183.99
C ALA P 1204 -30.20 -26.60 -182.67
N THR P 1205 -31.19 -27.18 -181.99
CA THR P 1205 -30.94 -28.11 -180.91
C THR P 1205 -31.54 -29.45 -181.31
N THR P 1206 -31.03 -30.51 -180.70
CA THR P 1206 -31.56 -31.83 -180.94
C THR P 1206 -32.30 -32.34 -179.71
N ASN P 1207 -32.52 -31.46 -178.74
CA ASN P 1207 -33.24 -31.74 -177.50
C ASN P 1207 -33.77 -30.43 -176.93
N PRO P 1208 -35.07 -30.22 -176.87
CA PRO P 1208 -35.57 -29.09 -176.09
C PRO P 1208 -35.90 -29.45 -174.65
N TRP P 1209 -35.39 -30.56 -174.13
CA TRP P 1209 -35.62 -30.89 -172.73
C TRP P 1209 -34.36 -30.86 -171.89
N ALA P 1210 -33.22 -30.50 -172.47
CA ALA P 1210 -32.08 -30.06 -171.67
C ALA P 1210 -31.41 -28.82 -172.22
N SER P 1211 -31.60 -28.49 -173.48
CA SER P 1211 -31.02 -27.26 -174.00
C SER P 1211 -31.81 -26.02 -173.63
N LEU P 1212 -32.95 -26.17 -173.04
CA LEU P 1212 -33.70 -24.96 -172.78
C LEU P 1212 -33.57 -24.53 -171.32
N PRO P 1213 -33.64 -23.22 -171.03
CA PRO P 1213 -33.57 -22.78 -169.64
C PRO P 1213 -34.82 -23.18 -168.88
N GLY P 1214 -34.62 -23.77 -167.71
CA GLY P 1214 -35.77 -24.21 -166.97
C GLY P 1214 -36.34 -25.54 -167.41
N SER P 1215 -35.66 -26.25 -168.31
CA SER P 1215 -36.08 -27.59 -168.68
C SER P 1215 -35.79 -28.56 -167.53
N LEU P 1216 -36.29 -29.79 -167.66
CA LEU P 1216 -36.22 -30.73 -166.55
C LEU P 1216 -34.78 -31.14 -166.25
N GLY P 1217 -33.99 -31.34 -167.30
CA GLY P 1217 -32.60 -31.72 -167.09
C GLY P 1217 -31.80 -30.61 -166.44
N ASP P 1218 -31.96 -29.38 -166.93
CA ASP P 1218 -31.22 -28.26 -166.35
C ASP P 1218 -31.67 -27.97 -164.93
N ILE P 1219 -32.96 -28.12 -164.62
CA ILE P 1219 -33.37 -27.88 -163.25
C ILE P 1219 -32.94 -29.03 -162.34
N LEU P 1220 -32.83 -30.24 -162.91
CA LEU P 1220 -32.49 -31.39 -162.09
C LEU P 1220 -31.00 -31.43 -161.77
N TYR P 1221 -30.17 -30.95 -162.69
CA TYR P 1221 -28.73 -31.12 -162.58
C TYR P 1221 -27.99 -29.78 -162.58
N ASN P 1222 -28.71 -28.67 -162.43
CA ASN P 1222 -28.11 -27.35 -162.31
C ASN P 1222 -28.02 -26.98 -160.84
N THR P 1223 -26.91 -26.34 -160.46
CA THR P 1223 -26.72 -25.93 -159.08
C THR P 1223 -27.48 -24.66 -158.72
N ALA P 1224 -27.79 -23.80 -159.70
CA ALA P 1224 -28.52 -22.57 -159.42
C ALA P 1224 -29.95 -22.84 -158.98
N HIS P 1225 -30.55 -23.92 -159.47
CA HIS P 1225 -31.88 -24.33 -159.10
C HIS P 1225 -31.86 -25.48 -158.11
N ARG P 1226 -30.68 -25.88 -157.66
CA ARG P 1226 -30.50 -26.87 -156.60
C ARG P 1226 -30.60 -26.26 -155.21
N GLU P 1227 -30.59 -24.93 -155.11
CA GLU P 1227 -30.58 -24.23 -153.82
C GLU P 1227 -31.90 -24.39 -153.06
N GLN P 1228 -33.00 -24.64 -153.76
CA GLN P 1228 -34.30 -24.82 -153.14
C GLN P 1228 -34.50 -26.21 -152.57
N LEU P 1229 -33.54 -27.10 -152.74
CA LEU P 1229 -33.73 -28.50 -152.36
C LEU P 1229 -32.40 -29.04 -151.82
N CYS P 1230 -32.36 -29.29 -150.52
CA CYS P 1230 -31.16 -29.87 -149.96
C CYS P 1230 -31.11 -31.35 -150.33
N TYR P 1231 -29.89 -31.87 -150.35
CA TYR P 1231 -29.62 -33.15 -150.98
C TYR P 1231 -28.41 -33.76 -150.31
N ASN P 1232 -28.18 -35.03 -150.59
CA ASN P 1232 -26.97 -35.68 -150.09
C ASN P 1232 -25.79 -35.25 -150.94
N PRO P 1233 -24.79 -34.56 -150.40
CA PRO P 1233 -23.66 -34.13 -151.22
C PRO P 1233 -22.72 -35.26 -151.58
N LYS P 1234 -22.85 -36.43 -150.92
CA LYS P 1234 -22.00 -37.56 -151.23
C LYS P 1234 -22.35 -38.19 -152.58
N THR P 1235 -23.57 -37.98 -153.07
CA THR P 1235 -23.94 -38.47 -154.39
C THR P 1235 -23.30 -37.59 -155.45
N TYR P 1236 -22.25 -38.09 -156.09
CA TYR P 1236 -21.52 -37.33 -157.10
C TYR P 1236 -22.25 -37.47 -158.43
N SER P 1237 -22.87 -36.39 -158.88
CA SER P 1237 -23.56 -36.43 -160.15
C SER P 1237 -22.58 -36.19 -161.28
N PRO P 1238 -22.47 -37.10 -162.26
CA PRO P 1238 -21.60 -36.83 -163.41
C PRO P 1238 -22.15 -35.78 -164.34
N ASN P 1239 -23.45 -35.53 -164.29
CA ASN P 1239 -24.05 -34.54 -165.16
C ASN P 1239 -24.13 -33.18 -164.50
N ALA P 1240 -23.68 -33.07 -163.25
CA ALA P 1240 -23.61 -31.78 -162.56
C ALA P 1240 -22.49 -30.89 -163.09
N GLN P 1241 -21.68 -31.37 -164.02
CA GLN P 1241 -20.64 -30.56 -164.64
C GLN P 1241 -21.03 -30.05 -166.01
N PHE P 1242 -22.23 -30.35 -166.47
CA PHE P 1242 -22.67 -29.98 -167.81
C PHE P 1242 -23.72 -28.87 -167.82
N PHE P 1243 -24.67 -28.90 -166.90
CA PHE P 1243 -25.83 -28.05 -167.02
C PHE P 1243 -25.74 -26.79 -166.18
N THR P 1244 -24.72 -26.65 -165.34
CA THR P 1244 -24.62 -25.54 -164.42
C THR P 1244 -24.00 -24.34 -165.10
N GLU P 1245 -24.60 -23.17 -164.91
CA GLU P 1245 -24.22 -21.98 -165.66
C GLU P 1245 -22.83 -21.49 -165.29
N SER P 1246 -22.56 -21.37 -163.99
CA SER P 1246 -21.31 -20.75 -163.53
C SER P 1246 -20.11 -21.61 -163.88
N ASP P 1247 -20.23 -22.93 -163.80
CA ASP P 1247 -19.10 -23.79 -164.08
C ASP P 1247 -18.83 -23.88 -165.58
N ILE P 1248 -19.87 -23.87 -166.41
CA ILE P 1248 -19.58 -23.92 -167.84
C ILE P 1248 -19.09 -22.55 -168.34
N LEU P 1249 -19.54 -21.45 -167.72
CA LEU P 1249 -18.94 -20.14 -168.01
C LEU P 1249 -17.48 -20.11 -167.60
N LYS P 1250 -17.15 -20.73 -166.46
CA LYS P 1250 -15.78 -20.78 -166.00
C LYS P 1250 -14.90 -21.57 -166.96
N THR P 1251 -15.40 -22.71 -167.44
CA THR P 1251 -14.61 -23.52 -168.37
C THR P 1251 -14.46 -22.83 -169.72
N ASN P 1252 -15.51 -22.18 -170.23
CA ASN P 1252 -15.39 -21.46 -171.49
C ASN P 1252 -14.41 -20.30 -171.40
N LYS P 1253 -14.46 -19.53 -170.30
CA LYS P 1253 -13.56 -18.38 -170.22
C LYS P 1253 -12.12 -18.83 -169.94
N MET P 1254 -11.93 -19.94 -169.21
CA MET P 1254 -10.59 -20.47 -169.02
C MET P 1254 -10.00 -20.96 -170.33
N MET P 1255 -10.78 -21.74 -171.10
CA MET P 1255 -10.27 -22.24 -172.37
C MET P 1255 -9.98 -21.12 -173.35
N TYR P 1256 -10.84 -20.09 -173.38
CA TYR P 1256 -10.64 -19.00 -174.33
C TYR P 1256 -9.45 -18.14 -173.97
N LYS P 1257 -9.29 -17.82 -172.67
CA LYS P 1257 -8.16 -16.99 -172.26
C LYS P 1257 -6.85 -17.76 -172.37
N VAL P 1258 -6.89 -19.08 -172.25
CA VAL P 1258 -5.65 -19.85 -172.27
C VAL P 1258 -5.25 -20.27 -173.69
N ILE P 1259 -6.22 -20.46 -174.59
CA ILE P 1259 -5.86 -20.51 -176.01
C ILE P 1259 -5.31 -19.17 -176.47
N ASN P 1260 -5.82 -18.07 -175.90
CA ASN P 1260 -5.20 -16.77 -176.14
C ASN P 1260 -3.78 -16.70 -175.58
N GLU P 1261 -3.54 -17.30 -174.41
CA GLU P 1261 -2.19 -17.36 -173.83
C GLU P 1261 -1.22 -18.10 -174.72
N TYR P 1262 -1.62 -19.29 -175.20
CA TYR P 1262 -0.71 -20.06 -176.06
C TYR P 1262 -0.59 -19.42 -177.44
N CYS P 1263 -1.59 -18.67 -177.89
CA CYS P 1263 -1.42 -17.91 -179.14
C CYS P 1263 -0.48 -16.72 -178.94
N MET P 1264 -0.41 -16.18 -177.71
CA MET P 1264 0.63 -15.20 -177.42
C MET P 1264 2.00 -15.86 -177.45
N LYS P 1265 2.09 -17.09 -176.93
CA LYS P 1265 3.35 -17.79 -176.83
C LYS P 1265 3.64 -18.70 -178.02
N SER P 1266 2.90 -18.56 -179.12
CA SER P 1266 3.07 -19.48 -180.25
C SER P 1266 4.37 -19.22 -180.99
N ASN P 1267 4.63 -17.96 -181.33
CA ASN P 1267 5.76 -17.62 -182.17
C ASN P 1267 7.07 -17.76 -181.40
N SER P 1268 8.12 -18.14 -182.14
CA SER P 1268 9.46 -18.24 -181.57
C SER P 1268 9.96 -16.86 -181.15
N CYS P 1269 10.76 -16.85 -180.09
CA CYS P 1269 11.34 -15.61 -179.60
C CYS P 1269 12.44 -15.07 -180.52
N LEU P 1270 12.90 -15.89 -181.48
CA LEU P 1270 13.75 -15.39 -182.55
C LEU P 1270 13.01 -14.38 -183.43
N ASN P 1271 11.69 -14.49 -183.52
CA ASN P 1271 10.88 -13.56 -184.30
C ASN P 1271 9.89 -12.77 -183.46
N SER P 1272 9.38 -13.32 -182.36
CA SER P 1272 8.43 -12.62 -181.50
C SER P 1272 9.20 -11.78 -180.48
N ASP P 1273 8.48 -11.24 -179.50
CA ASP P 1273 9.08 -10.37 -178.50
C ASP P 1273 9.66 -11.19 -177.35
N SER P 1274 10.20 -10.48 -176.36
CA SER P 1274 10.76 -11.10 -175.17
C SER P 1274 9.64 -11.41 -174.18
N GLU P 1275 9.46 -12.70 -173.87
CA GLU P 1275 8.43 -13.12 -172.93
C GLU P 1275 8.80 -14.50 -172.42
N ILE P 1276 8.52 -14.76 -171.12
CA ILE P 1276 8.68 -16.10 -170.56
C ILE P 1276 7.62 -17.01 -171.16
N GLN P 1277 7.90 -18.31 -171.15
CA GLN P 1277 6.93 -19.31 -171.55
C GLN P 1277 6.69 -20.26 -170.39
N TYR P 1278 5.42 -20.42 -170.01
CA TYR P 1278 5.09 -21.28 -168.89
C TYR P 1278 3.70 -21.86 -169.12
N SER P 1279 3.54 -23.14 -168.76
CA SER P 1279 2.30 -23.87 -169.06
C SER P 1279 1.11 -23.32 -168.29
N CYS P 1280 1.34 -22.70 -167.14
CA CYS P 1280 0.40 -22.00 -166.25
C CYS P 1280 -0.58 -22.92 -165.54
N SER P 1281 -0.27 -24.23 -165.40
CA SER P 1281 -1.06 -25.22 -164.64
C SER P 1281 -2.48 -25.45 -165.19
N GLU P 1282 -2.78 -24.89 -166.37
CA GLU P 1282 -4.11 -25.02 -166.95
C GLU P 1282 -4.31 -26.43 -167.47
N GLY P 1283 -3.23 -27.05 -167.96
CA GLY P 1283 -3.31 -28.47 -168.32
C GLY P 1283 -3.62 -29.35 -167.13
N THR P 1284 -3.04 -29.05 -165.97
CA THR P 1284 -3.33 -29.83 -164.78
C THR P 1284 -4.74 -29.58 -164.30
N ASP P 1285 -5.28 -28.39 -164.54
CA ASP P 1285 -6.70 -28.16 -164.26
C ASP P 1285 -7.59 -28.82 -165.30
N SER P 1286 -7.07 -29.15 -166.48
CA SER P 1286 -7.86 -29.80 -167.53
C SER P 1286 -7.83 -31.31 -167.50
N PHE P 1287 -6.84 -31.93 -166.84
CA PHE P 1287 -6.70 -33.39 -166.80
C PHE P 1287 -7.95 -34.08 -166.27
N VAL P 1288 -8.43 -33.64 -165.11
CA VAL P 1288 -9.67 -34.17 -164.54
C VAL P 1288 -10.83 -33.87 -165.46
N SER P 1289 -10.82 -32.71 -166.09
CA SER P 1289 -11.96 -32.16 -166.79
C SER P 1289 -11.82 -32.27 -168.31
N ARG P 1290 -11.21 -33.34 -168.81
CA ARG P 1290 -11.07 -33.48 -170.26
C ARG P 1290 -12.39 -33.58 -171.03
N PRO P 1291 -13.47 -34.18 -170.53
CA PRO P 1291 -14.79 -33.88 -171.11
C PRO P 1291 -15.54 -32.78 -170.39
N CYS P 1292 -14.89 -32.00 -169.53
CA CYS P 1292 -15.58 -30.96 -168.79
C CYS P 1292 -14.99 -29.58 -169.03
N GLN P 1293 -13.68 -29.46 -169.25
CA GLN P 1293 -13.18 -28.26 -169.92
C GLN P 1293 -13.81 -28.15 -171.30
N PHE P 1294 -13.61 -29.18 -172.10
CA PHE P 1294 -14.15 -29.24 -173.45
C PHE P 1294 -15.66 -29.44 -173.48
N LEU P 1295 -16.28 -29.75 -172.33
CA LEU P 1295 -17.72 -29.94 -172.15
C LEU P 1295 -18.31 -31.02 -173.06
N GLN P 1296 -17.47 -31.87 -173.63
CA GLN P 1296 -17.84 -32.59 -174.83
C GLN P 1296 -18.65 -33.83 -174.53
N ASN P 1297 -18.48 -34.40 -173.33
CA ASN P 1297 -18.96 -35.74 -172.96
C ASN P 1297 -18.50 -36.74 -174.00
N ALA P 1298 -17.18 -36.76 -174.17
CA ALA P 1298 -16.53 -37.44 -175.27
C ALA P 1298 -16.71 -38.95 -175.17
N LEU P 1299 -16.63 -39.59 -176.34
CA LEU P 1299 -16.61 -41.03 -176.53
C LEU P 1299 -17.86 -41.69 -175.97
N PRO P 1300 -18.99 -41.60 -176.68
CA PRO P 1300 -20.19 -42.34 -176.28
C PRO P 1300 -19.91 -43.82 -176.19
N LEU P 1301 -20.58 -44.49 -175.26
CA LEU P 1301 -20.18 -45.83 -174.92
C LEU P 1301 -20.70 -46.82 -175.97
N HIS P 1302 -20.02 -47.97 -176.07
CA HIS P 1302 -20.39 -48.99 -177.04
C HIS P 1302 -21.52 -49.83 -176.49
N CYS P 1303 -22.73 -49.57 -176.96
CA CYS P 1303 -23.92 -50.25 -176.49
C CYS P 1303 -24.74 -50.69 -177.69
N SER P 1304 -25.60 -51.67 -177.47
CA SER P 1304 -26.47 -52.15 -178.54
C SER P 1304 -27.76 -52.71 -177.98
N SER P 1305 -28.76 -52.79 -178.85
CA SER P 1305 -30.08 -53.25 -178.44
C SER P 1305 -30.10 -54.74 -178.16
N ASN P 1306 -29.35 -55.53 -178.92
CA ASN P 1306 -29.39 -56.98 -178.83
C ASN P 1306 -28.11 -57.47 -178.16
N GLN P 1307 -28.28 -58.34 -177.17
CA GLN P 1307 -27.13 -58.91 -176.46
C GLN P 1307 -26.32 -59.80 -177.39
N ALA P 1308 -26.98 -60.51 -178.30
CA ALA P 1308 -26.26 -61.33 -179.27
C ALA P 1308 -25.50 -60.48 -180.27
N LEU P 1309 -26.05 -59.31 -180.63
CA LEU P 1309 -25.36 -58.39 -181.52
C LEU P 1309 -24.14 -57.79 -180.83
N LEU P 1310 -24.27 -57.47 -179.54
CA LEU P 1310 -23.13 -57.00 -178.76
C LEU P 1310 -22.06 -58.08 -178.62
N GLU P 1311 -22.48 -59.33 -178.40
CA GLU P 1311 -21.54 -60.42 -178.25
C GLU P 1311 -20.84 -60.74 -179.56
N SER P 1312 -21.54 -60.57 -180.69
CA SER P 1312 -20.90 -60.74 -181.99
C SER P 1312 -19.88 -59.66 -182.25
N ARG P 1313 -20.20 -58.41 -181.89
CA ARG P 1313 -19.21 -57.34 -182.02
C ARG P 1313 -18.02 -57.55 -181.09
N SER P 1314 -18.23 -58.14 -179.92
CA SER P 1314 -17.12 -58.38 -179.00
C SER P 1314 -16.24 -59.51 -179.50
N LYS P 1315 -16.84 -60.57 -180.06
CA LYS P 1315 -16.04 -61.66 -180.61
C LYS P 1315 -15.29 -61.23 -181.86
N THR P 1316 -15.89 -60.35 -182.66
CA THR P 1316 -15.21 -59.87 -183.86
C THR P 1316 -14.10 -58.89 -183.50
N GLY P 1317 -14.36 -57.97 -182.58
CA GLY P 1317 -13.47 -56.87 -182.32
C GLY P 1317 -13.80 -55.61 -183.09
N ASN P 1318 -14.71 -55.68 -184.06
CA ASN P 1318 -15.15 -54.52 -184.81
C ASN P 1318 -16.25 -53.83 -184.02
N THR P 1319 -15.93 -52.67 -183.43
CA THR P 1319 -16.86 -51.94 -182.60
C THR P 1319 -17.22 -50.56 -183.12
N GLN P 1320 -16.49 -50.05 -184.12
CA GLN P 1320 -16.66 -48.66 -184.51
C GLN P 1320 -17.81 -48.47 -185.50
N ILE P 1321 -18.10 -49.48 -186.32
CA ILE P 1321 -19.18 -49.36 -187.29
C ILE P 1321 -20.51 -49.50 -186.55
N SER P 1322 -21.31 -48.43 -186.57
CA SER P 1322 -22.62 -48.43 -185.92
C SER P 1322 -23.66 -48.89 -186.94
N GLU P 1323 -23.89 -50.20 -186.98
CA GLU P 1323 -24.94 -50.75 -187.81
C GLU P 1323 -26.30 -50.38 -187.24
N THR P 1324 -27.28 -50.29 -188.13
CA THR P 1324 -28.66 -50.00 -187.77
C THR P 1324 -29.55 -51.07 -188.36
N HIS P 1325 -30.18 -51.87 -187.51
CA HIS P 1325 -31.17 -52.83 -187.99
C HIS P 1325 -32.50 -52.12 -188.20
N TYR P 1326 -33.56 -52.92 -188.37
CA TYR P 1326 -34.91 -52.36 -188.45
C TYR P 1326 -35.31 -51.76 -187.12
N CYS P 1327 -35.03 -52.45 -186.05
CA CYS P 1327 -35.36 -52.07 -184.69
C CYS P 1327 -34.15 -52.03 -183.79
N ASN P 1328 -33.24 -52.99 -183.94
CA ASN P 1328 -32.02 -52.99 -183.16
C ASN P 1328 -31.08 -51.90 -183.65
N TYR P 1329 -30.26 -51.39 -182.73
CA TYR P 1329 -29.28 -50.38 -183.04
C TYR P 1329 -28.00 -50.74 -182.32
N ALA P 1330 -26.89 -50.18 -182.79
CA ALA P 1330 -25.63 -50.26 -182.08
C ALA P 1330 -24.91 -48.93 -182.27
N ILE P 1331 -24.04 -48.60 -181.33
CA ILE P 1331 -23.35 -47.31 -181.34
C ILE P 1331 -21.86 -47.57 -181.42
N GLY P 1332 -21.25 -47.12 -182.51
CA GLY P 1332 -19.80 -47.07 -182.58
C GLY P 1332 -19.26 -45.93 -181.75
N GLU P 1333 -18.07 -46.14 -181.19
CA GLU P 1333 -17.59 -45.27 -180.13
C GLU P 1333 -16.33 -44.50 -180.49
N THR P 1334 -15.65 -44.86 -181.58
CA THR P 1334 -14.44 -44.23 -182.12
C THR P 1334 -13.28 -44.18 -181.12
N ILE P 1335 -13.29 -45.07 -180.13
CA ILE P 1335 -12.10 -45.34 -179.33
C ILE P 1335 -12.02 -46.85 -179.18
N PRO P 1336 -10.91 -47.49 -179.41
CA PRO P 1336 -10.88 -48.94 -179.19
C PRO P 1336 -10.65 -49.29 -177.73
N LEU P 1337 -11.55 -48.84 -176.85
CA LEU P 1337 -11.40 -49.10 -175.43
C LEU P 1337 -11.62 -50.57 -175.09
N GLN P 1338 -12.37 -51.28 -175.92
CA GLN P 1338 -12.40 -52.74 -175.83
C GLN P 1338 -11.02 -53.32 -176.08
N LEU P 1339 -10.31 -52.80 -177.08
CA LEU P 1339 -8.94 -53.23 -177.32
C LEU P 1339 -8.01 -52.82 -176.19
N ILE P 1340 -8.29 -51.67 -175.56
CA ILE P 1340 -7.45 -51.17 -174.46
C ILE P 1340 -7.55 -52.11 -173.27
N ILE P 1341 -8.77 -52.34 -172.79
CA ILE P 1341 -8.93 -53.16 -171.60
C ILE P 1341 -8.79 -54.64 -171.91
N GLU P 1342 -8.97 -55.06 -173.16
CA GLU P 1342 -8.92 -56.48 -173.48
C GLU P 1342 -7.49 -56.93 -173.72
N SER P 1343 -6.73 -56.18 -174.52
CA SER P 1343 -5.36 -56.59 -174.77
C SER P 1343 -4.45 -56.24 -173.60
N SER P 1344 -4.65 -55.07 -172.99
CA SER P 1344 -3.76 -54.63 -171.94
C SER P 1344 -4.50 -54.44 -170.61
N SER Q 7 -72.81 -39.21 22.90
CA SER Q 7 -72.59 -39.44 24.32
C SER Q 7 -73.43 -40.60 24.84
N ILE Q 8 -72.75 -41.56 25.45
CA ILE Q 8 -73.27 -42.72 26.21
C ILE Q 8 -74.46 -43.42 25.52
N PRO Q 9 -74.19 -44.35 24.61
CA PRO Q 9 -75.29 -45.10 23.95
C PRO Q 9 -76.10 -46.02 24.85
N PHE Q 10 -76.94 -46.83 24.22
CA PHE Q 10 -77.82 -47.83 24.83
C PHE Q 10 -78.86 -47.18 25.75
N ALA Q 11 -79.62 -46.23 25.20
CA ALA Q 11 -80.80 -45.73 25.89
C ALA Q 11 -81.86 -46.81 26.08
N TRP Q 12 -81.85 -47.85 25.23
CA TRP Q 12 -82.87 -48.88 25.28
C TRP Q 12 -82.65 -49.91 26.39
N LEU Q 13 -81.48 -49.95 27.03
CA LEU Q 13 -81.35 -50.75 28.24
C LEU Q 13 -82.03 -50.06 29.42
N ASP Q 14 -82.09 -50.80 30.52
CA ASP Q 14 -82.51 -50.22 31.79
C ASP Q 14 -81.52 -49.16 32.24
N ARG Q 15 -82.05 -48.04 32.73
CA ARG Q 15 -81.20 -46.96 33.22
C ARG Q 15 -80.40 -47.36 34.44
N ASP Q 16 -80.88 -48.34 35.21
CA ASP Q 16 -80.08 -48.93 36.27
C ASP Q 16 -78.84 -49.62 35.70
N LYS Q 17 -79.01 -50.39 34.63
CA LYS Q 17 -77.87 -51.08 34.03
C LYS Q 17 -76.93 -50.13 33.32
N VAL Q 18 -77.46 -49.06 32.73
CA VAL Q 18 -76.62 -48.02 32.15
C VAL Q 18 -75.83 -47.32 33.24
N GLN Q 19 -76.44 -47.09 34.40
CA GLN Q 19 -75.72 -46.54 35.54
C GLN Q 19 -74.67 -47.51 36.06
N ARG Q 20 -74.94 -48.82 35.99
CA ARG Q 20 -73.94 -49.83 36.35
C ARG Q 20 -72.72 -49.75 35.46
N LEU Q 21 -72.94 -49.65 34.14
CA LEU Q 21 -71.82 -49.57 33.21
C LEU Q 21 -71.08 -48.24 33.34
N THR Q 22 -71.80 -47.16 33.62
CA THR Q 22 -71.17 -45.86 33.86
C THR Q 22 -70.30 -45.88 35.11
N ASN Q 23 -70.80 -46.49 36.18
CA ASN Q 23 -70.03 -46.56 37.43
C ASN Q 23 -68.83 -47.49 37.28
N PHE Q 24 -68.98 -48.57 36.52
CA PHE Q 24 -67.86 -49.47 36.25
C PHE Q 24 -66.77 -48.75 35.46
N LEU Q 25 -67.15 -48.03 34.41
CA LEU Q 25 -66.13 -47.32 33.63
C LEU Q 25 -65.61 -46.05 34.31
N SER Q 26 -66.31 -45.56 35.33
CA SER Q 26 -65.78 -44.44 36.10
C SER Q 26 -64.83 -44.89 37.19
N ASN Q 27 -65.09 -46.04 37.82
CA ASN Q 27 -64.28 -46.53 38.93
C ASN Q 27 -63.47 -47.77 38.55
N LEU Q 28 -63.21 -47.94 37.25
CA LEU Q 28 -62.34 -49.01 36.79
C LEU Q 28 -60.93 -48.88 37.34
N GLU Q 29 -60.41 -47.66 37.41
CA GLU Q 29 -59.08 -47.46 37.96
C GLU Q 29 -59.04 -47.56 39.48
N ASN Q 30 -60.18 -47.56 40.14
CA ASN Q 30 -60.23 -47.63 41.59
C ASN Q 30 -60.48 -49.04 42.12
N LEU Q 31 -61.36 -49.80 41.50
CA LEU Q 31 -61.58 -51.13 42.04
C LEU Q 31 -60.44 -52.05 41.62
N GLU Q 32 -60.23 -53.11 42.41
CA GLU Q 32 -59.12 -54.01 42.15
C GLU Q 32 -59.49 -55.02 41.06
N ASN Q 33 -58.46 -55.72 40.58
CA ASN Q 33 -58.53 -56.74 39.53
C ASN Q 33 -59.15 -56.16 38.25
N VAL Q 34 -58.42 -55.21 37.67
CA VAL Q 34 -58.89 -54.50 36.50
C VAL Q 34 -58.85 -55.45 35.30
N ASP Q 35 -59.99 -56.06 35.02
CA ASP Q 35 -60.19 -56.98 33.91
C ASP Q 35 -61.70 -57.17 33.75
N LEU Q 36 -62.19 -57.07 32.52
CA LEU Q 36 -63.61 -57.27 32.29
C LEU Q 36 -64.01 -58.74 32.42
N ARG Q 37 -63.05 -59.66 32.26
CA ARG Q 37 -63.34 -61.08 32.45
C ARG Q 37 -63.62 -61.40 33.91
N GLU Q 38 -62.97 -60.70 34.84
CA GLU Q 38 -63.09 -61.03 36.24
C GLU Q 38 -64.38 -60.51 36.88
N HIS Q 39 -65.20 -59.76 36.15
CA HIS Q 39 -66.47 -59.23 36.65
C HIS Q 39 -67.56 -59.73 35.72
N PRO Q 40 -68.02 -60.98 35.88
CA PRO Q 40 -69.04 -61.51 34.95
C PRO Q 40 -70.41 -60.91 35.16
N TYR Q 41 -70.66 -60.28 36.31
CA TYR Q 41 -71.93 -59.58 36.50
C TYR Q 41 -72.03 -58.32 35.65
N VAL Q 42 -70.91 -57.81 35.15
CA VAL Q 42 -70.97 -56.77 34.13
C VAL Q 42 -71.49 -57.35 32.81
N THR Q 43 -70.94 -58.49 32.39
CA THR Q 43 -71.39 -59.16 31.19
C THR Q 43 -72.80 -59.74 31.36
N ASN Q 44 -73.14 -60.16 32.58
CA ASN Q 44 -74.49 -60.64 32.84
C ASN Q 44 -75.49 -59.51 33.05
N SER Q 45 -75.02 -58.31 33.36
CA SER Q 45 -75.88 -57.13 33.35
C SER Q 45 -75.98 -56.52 31.95
N CYS Q 46 -75.07 -56.90 31.06
CA CYS Q 46 -75.13 -56.52 29.66
C CYS Q 46 -76.30 -57.18 28.91
N VAL Q 47 -76.85 -58.27 29.44
CA VAL Q 47 -77.74 -59.15 28.69
C VAL Q 47 -79.04 -58.42 28.31
N VAL Q 48 -79.59 -58.81 27.17
CA VAL Q 48 -80.65 -58.08 26.49
C VAL Q 48 -82.00 -58.68 26.86
N ARG Q 49 -82.99 -57.80 27.07
CA ARG Q 49 -84.33 -58.20 27.50
C ARG Q 49 -85.05 -58.96 26.39
N GLU Q 50 -86.27 -59.41 26.72
CA GLU Q 50 -87.14 -60.25 25.87
C GLU Q 50 -86.45 -61.53 25.41
N GLY Q 51 -85.60 -62.10 26.25
CA GLY Q 51 -85.11 -63.46 26.06
C GLY Q 51 -84.03 -63.65 24.99
N GLU Q 52 -83.85 -64.92 24.64
CA GLU Q 52 -82.77 -65.33 23.74
C GLU Q 52 -82.97 -64.86 22.31
N ASP Q 53 -84.22 -64.59 21.91
CA ASP Q 53 -84.50 -64.15 20.54
C ASP Q 53 -83.91 -62.77 20.28
N VAL Q 54 -83.93 -61.91 21.29
CA VAL Q 54 -83.35 -60.58 21.14
C VAL Q 54 -81.91 -60.56 21.66
N ASP Q 55 -81.54 -61.51 22.52
CA ASP Q 55 -80.14 -61.74 22.86
C ASP Q 55 -79.31 -62.04 21.62
N GLU Q 56 -79.80 -62.96 20.77
CA GLU Q 56 -79.11 -63.52 19.62
C GLU Q 56 -78.65 -62.45 18.62
N LEU Q 57 -79.27 -61.28 18.60
CA LEU Q 57 -78.75 -60.14 17.86
C LEU Q 57 -78.10 -59.09 18.75
N LYS Q 58 -78.79 -58.60 19.79
CA LYS Q 58 -78.32 -57.38 20.43
C LYS Q 58 -77.19 -57.60 21.42
N THR Q 59 -76.97 -58.83 21.92
CA THR Q 59 -75.86 -59.06 22.84
C THR Q 59 -74.51 -58.87 22.16
N LEU Q 60 -74.41 -59.19 20.87
CA LEU Q 60 -73.14 -59.03 20.18
C LEU Q 60 -72.80 -57.57 19.99
N TYR Q 61 -73.77 -56.75 19.60
CA TYR Q 61 -73.55 -55.30 19.52
C TYR Q 61 -73.28 -54.69 20.89
N ASN Q 62 -73.96 -55.20 21.92
CA ASN Q 62 -73.80 -54.64 23.25
C ASN Q 62 -72.41 -54.94 23.82
N THR Q 63 -71.96 -56.20 23.70
CA THR Q 63 -70.61 -56.54 24.13
C THR Q 63 -69.55 -55.94 23.21
N PHE Q 64 -69.89 -55.68 21.95
CA PHE Q 64 -68.99 -55.01 21.03
C PHE Q 64 -68.69 -53.60 21.51
N ILE Q 65 -69.72 -52.84 21.86
CA ILE Q 65 -69.50 -51.50 22.39
C ILE Q 65 -68.87 -51.55 23.78
N LEU Q 66 -69.13 -52.63 24.55
CA LEU Q 66 -68.46 -52.80 25.84
C LEU Q 66 -66.95 -52.93 25.67
N TRP Q 67 -66.51 -53.83 24.79
CA TRP Q 67 -65.07 -53.99 24.61
C TRP Q 67 -64.43 -52.79 23.94
N LEU Q 68 -65.18 -52.08 23.09
CA LEU Q 68 -64.65 -50.83 22.53
C LEU Q 68 -64.45 -49.77 23.59
N MET Q 69 -65.45 -49.57 24.45
CA MET Q 69 -65.28 -48.63 25.56
C MET Q 69 -64.21 -49.08 26.54
N TYR Q 70 -64.03 -50.39 26.71
CA TYR Q 70 -63.02 -50.89 27.63
C TYR Q 70 -61.62 -50.60 27.12
N HIS Q 71 -61.37 -50.86 25.83
CA HIS Q 71 -60.10 -50.50 25.21
C HIS Q 71 -59.90 -48.99 25.18
N TYR Q 72 -60.99 -48.22 25.03
CA TYR Q 72 -60.90 -46.77 25.03
C TYR Q 72 -60.51 -46.22 26.38
N VAL Q 73 -61.16 -46.69 27.45
CA VAL Q 73 -60.83 -46.18 28.78
C VAL Q 73 -59.47 -46.70 29.23
N LEU Q 74 -59.02 -47.84 28.72
CA LEU Q 74 -57.65 -48.26 28.99
C LEU Q 74 -56.63 -47.32 28.36
N SER Q 75 -56.77 -47.07 27.04
CA SER Q 75 -55.86 -46.16 26.36
C SER Q 75 -55.99 -44.72 26.84
N LYS Q 76 -57.11 -44.36 27.49
CA LYS Q 76 -57.26 -43.03 28.05
C LYS Q 76 -56.68 -42.93 29.46
N ARG Q 77 -56.77 -44.01 30.25
CA ARG Q 77 -56.40 -43.98 31.67
C ARG Q 77 -55.12 -44.74 31.96
N LYS Q 78 -54.32 -45.05 30.94
CA LYS Q 78 -53.02 -45.67 31.21
C LYS Q 78 -52.08 -44.68 31.88
N PRO Q 79 -51.52 -45.00 33.03
CA PRO Q 79 -50.56 -44.09 33.67
C PRO Q 79 -49.21 -44.15 32.98
N ASP Q 80 -48.37 -43.19 33.34
CA ASP Q 80 -47.03 -43.11 32.76
C ASP Q 80 -46.08 -44.02 33.55
N TYR Q 81 -45.29 -44.81 32.83
CA TYR Q 81 -44.32 -45.71 33.43
C TYR Q 81 -42.91 -45.18 33.31
N ASN Q 82 -42.73 -44.07 32.61
CA ASN Q 82 -41.43 -43.43 32.53
C ASN Q 82 -41.07 -42.72 33.83
N ALA Q 83 -42.04 -42.47 34.70
CA ALA Q 83 -41.73 -41.94 36.03
C ALA Q 83 -41.02 -42.97 36.89
N ILE Q 84 -41.41 -44.25 36.79
CA ILE Q 84 -40.69 -45.25 37.58
C ILE Q 84 -39.44 -45.72 36.82
N TRP Q 85 -39.43 -45.61 35.49
CA TRP Q 85 -38.21 -45.92 34.79
C TRP Q 85 -37.17 -44.83 34.96
N GLN Q 86 -37.60 -43.61 35.29
CA GLN Q 86 -36.67 -42.54 35.65
C GLN Q 86 -35.91 -42.90 36.92
N ASP Q 87 -36.60 -43.44 37.92
CA ASP Q 87 -35.92 -43.86 39.14
C ASP Q 87 -35.06 -45.10 38.91
N ILE Q 88 -35.49 -46.00 38.02
CA ILE Q 88 -34.64 -47.14 37.65
C ILE Q 88 -33.34 -46.67 36.99
N THR Q 89 -33.45 -45.75 36.02
CA THR Q 89 -32.27 -45.20 35.36
C THR Q 89 -31.37 -44.44 36.32
N LYS Q 90 -31.98 -43.72 37.27
CA LYS Q 90 -31.20 -42.98 38.26
C LYS Q 90 -30.41 -43.93 39.17
N LEU Q 91 -31.07 -44.97 39.67
CA LEU Q 91 -30.38 -45.93 40.53
C LEU Q 91 -29.31 -46.70 39.78
N GLN Q 92 -29.65 -47.16 38.56
CA GLN Q 92 -28.70 -47.89 37.74
C GLN Q 92 -27.51 -47.04 37.35
N ASN Q 93 -27.72 -45.74 37.09
CA ASN Q 93 -26.57 -44.96 36.68
C ASN Q 93 -25.70 -44.65 37.88
N VAL Q 94 -26.31 -44.00 38.89
CA VAL Q 94 -25.56 -43.47 40.03
C VAL Q 94 -24.93 -44.58 40.85
N VAL Q 95 -25.73 -45.54 41.30
CA VAL Q 95 -25.25 -46.49 42.28
C VAL Q 95 -24.27 -47.47 41.66
N ASN Q 96 -24.54 -47.90 40.43
CA ASN Q 96 -23.62 -48.85 39.80
C ASN Q 96 -22.30 -48.19 39.43
N GLU Q 97 -22.34 -46.94 38.92
CA GLU Q 97 -21.07 -46.28 38.58
C GLU Q 97 -20.25 -45.95 39.82
N TYR Q 98 -20.90 -45.47 40.89
CA TYR Q 98 -20.15 -45.26 42.13
C TYR Q 98 -19.77 -46.58 42.81
N LEU Q 99 -20.45 -47.66 42.45
CA LEU Q 99 -20.07 -48.98 42.97
C LEU Q 99 -18.77 -49.44 42.35
N LYS Q 100 -18.66 -49.29 41.03
CA LYS Q 100 -17.57 -49.93 40.29
C LYS Q 100 -16.42 -48.98 39.96
N SER Q 101 -16.71 -47.82 39.35
CA SER Q 101 -15.65 -46.94 38.92
C SER Q 101 -14.96 -46.26 40.11
N LYS Q 102 -15.72 -46.00 41.18
CA LYS Q 102 -15.15 -45.35 42.36
C LYS Q 102 -14.30 -46.33 43.18
N GLY Q 103 -14.71 -47.59 43.26
CA GLY Q 103 -13.93 -48.55 44.02
C GLY Q 103 -13.96 -49.97 43.47
N LEU Q 104 -12.77 -50.58 43.34
CA LEU Q 104 -12.60 -52.01 43.07
C LEU Q 104 -13.26 -52.44 41.77
N ASN Q 105 -12.89 -51.75 40.68
CA ASN Q 105 -13.55 -51.92 39.39
C ASN Q 105 -13.29 -53.30 38.80
N LYS Q 106 -14.29 -54.15 38.88
CA LYS Q 106 -14.27 -55.45 38.24
C LYS Q 106 -15.39 -55.60 37.22
N GLY Q 107 -16.53 -54.98 37.48
CA GLY Q 107 -17.71 -55.15 36.66
C GLY Q 107 -17.87 -54.16 35.52
N ASN Q 108 -16.79 -53.90 34.78
CA ASN Q 108 -16.87 -53.06 33.60
C ASN Q 108 -17.77 -53.70 32.55
N PHE Q 109 -17.55 -54.99 32.29
CA PHE Q 109 -18.40 -55.75 31.37
C PHE Q 109 -19.83 -55.83 31.87
N GLU Q 110 -20.02 -55.86 33.18
CA GLU Q 110 -21.37 -55.89 33.71
C GLU Q 110 -22.05 -54.53 33.60
N ASN Q 111 -21.29 -53.44 33.60
CA ASN Q 111 -21.91 -52.12 33.39
C ASN Q 111 -22.26 -51.92 31.92
N MET Q 112 -21.37 -52.42 31.03
CA MET Q 112 -21.67 -52.62 29.61
C MET Q 112 -23.00 -53.36 29.45
N PHE Q 113 -23.15 -54.46 30.20
CA PHE Q 113 -24.36 -55.26 30.16
C PHE Q 113 -25.59 -54.47 30.60
N THR Q 114 -25.50 -53.77 31.74
CA THR Q 114 -26.66 -53.07 32.28
C THR Q 114 -27.17 -51.99 31.33
N ASN Q 115 -26.27 -51.27 30.65
CA ASN Q 115 -26.72 -50.28 29.67
C ASN Q 115 -27.30 -50.95 28.41
N LYS Q 116 -26.58 -51.94 27.85
CA LYS Q 116 -27.01 -52.59 26.61
C LYS Q 116 -28.34 -53.32 26.77
N GLU Q 117 -28.66 -53.74 27.99
CA GLU Q 117 -29.93 -54.40 28.29
C GLU Q 117 -31.02 -53.40 28.65
N LYS Q 118 -30.64 -52.30 29.31
CA LYS Q 118 -31.53 -51.18 29.57
C LYS Q 118 -32.10 -50.54 28.34
N PHE Q 119 -31.48 -50.72 27.18
CA PHE Q 119 -32.15 -50.22 25.98
C PHE Q 119 -33.56 -50.81 25.78
N GLU Q 120 -33.70 -52.06 25.37
CA GLU Q 120 -35.04 -52.63 25.24
C GLU Q 120 -35.05 -54.15 25.45
N SER Q 121 -34.50 -54.65 26.56
CA SER Q 121 -34.65 -56.09 26.75
C SER Q 121 -35.07 -56.45 28.17
N GLN Q 122 -36.02 -57.38 28.28
CA GLN Q 122 -36.69 -57.80 29.51
C GLN Q 122 -36.20 -59.16 30.03
N PHE Q 123 -36.00 -60.13 29.13
CA PHE Q 123 -35.36 -61.40 29.51
C PHE Q 123 -33.97 -61.13 30.05
N SER Q 124 -33.28 -60.19 29.42
CA SER Q 124 -32.01 -59.71 29.93
C SER Q 124 -32.16 -58.97 31.25
N ASP Q 125 -33.31 -58.34 31.51
CA ASP Q 125 -33.54 -57.77 32.83
C ASP Q 125 -33.67 -58.85 33.89
N ILE Q 126 -34.20 -60.02 33.52
CA ILE Q 126 -34.18 -61.15 34.45
C ILE Q 126 -32.74 -61.64 34.67
N HIS Q 127 -31.95 -61.68 33.60
CA HIS Q 127 -30.52 -62.02 33.74
C HIS Q 127 -29.77 -61.01 34.60
N ARG Q 128 -30.14 -59.73 34.49
CA ARG Q 128 -29.53 -58.70 35.32
C ARG Q 128 -29.98 -58.86 36.77
N ALA Q 129 -31.23 -59.28 36.98
CA ALA Q 129 -31.69 -59.58 38.34
C ALA Q 129 -30.84 -60.67 38.96
N LEU Q 130 -30.48 -61.69 38.18
CA LEU Q 130 -29.53 -62.70 38.65
C LEU Q 130 -28.16 -62.08 38.96
N LEU Q 131 -27.62 -61.31 38.02
CA LEU Q 131 -26.26 -60.80 38.14
C LEU Q 131 -26.13 -59.67 39.17
N ARG Q 132 -27.24 -59.10 39.63
CA ARG Q 132 -27.20 -58.14 40.71
C ARG Q 132 -27.59 -58.73 42.04
N LEU Q 133 -28.40 -59.79 42.07
CA LEU Q 133 -28.53 -60.56 43.30
C LEU Q 133 -27.20 -61.15 43.72
N GLY Q 134 -26.37 -61.58 42.75
CA GLY Q 134 -25.02 -62.01 43.07
C GLY Q 134 -24.19 -60.93 43.74
N ASN Q 135 -24.27 -59.71 43.23
CA ASN Q 135 -23.50 -58.61 43.80
C ASN Q 135 -24.05 -58.18 45.15
N SER Q 136 -25.37 -58.26 45.34
CA SER Q 136 -25.95 -57.90 46.62
C SER Q 136 -25.59 -58.91 47.70
N ILE Q 137 -25.51 -60.20 47.33
CA ILE Q 137 -25.06 -61.20 48.29
C ILE Q 137 -23.57 -61.02 48.57
N ARG Q 138 -22.80 -60.53 47.59
CA ARG Q 138 -21.41 -60.17 47.86
C ARG Q 138 -21.31 -59.05 48.90
N TRP Q 139 -22.12 -58.00 48.76
CA TRP Q 139 -21.94 -56.86 49.65
C TRP Q 139 -22.60 -57.03 51.02
N GLY Q 140 -23.77 -57.66 51.08
CA GLY Q 140 -24.51 -57.72 52.35
C GLY Q 140 -23.83 -58.61 53.37
N SER Q 141 -23.35 -59.76 52.94
CA SER Q 141 -22.50 -60.61 53.75
C SER Q 141 -21.22 -60.88 52.97
N ASN Q 142 -20.10 -60.39 53.46
CA ASN Q 142 -18.94 -60.08 52.61
C ASN Q 142 -18.09 -61.31 52.29
N VAL Q 143 -18.68 -62.24 51.55
CA VAL Q 143 -18.00 -63.33 50.85
C VAL Q 143 -18.96 -63.79 49.75
N PRO Q 144 -18.50 -64.09 48.54
CA PRO Q 144 -19.45 -64.51 47.49
C PRO Q 144 -20.00 -65.90 47.71
N ILE Q 145 -21.32 -66.00 47.60
CA ILE Q 145 -22.05 -67.28 47.63
C ILE Q 145 -23.35 -67.02 46.90
N ASP Q 146 -24.04 -68.09 46.50
CA ASP Q 146 -25.30 -67.94 45.78
C ASP Q 146 -26.46 -68.51 46.58
N THR Q 147 -27.57 -67.77 46.61
CA THR Q 147 -28.87 -68.26 47.06
C THR Q 147 -29.92 -67.66 46.13
N PRO Q 148 -31.00 -68.41 45.83
CA PRO Q 148 -31.95 -67.94 44.81
C PRO Q 148 -33.04 -67.01 45.33
N TYR Q 149 -33.25 -65.91 44.60
CA TYR Q 149 -34.45 -65.07 44.59
C TYR Q 149 -34.60 -64.21 45.85
N VAL Q 150 -33.78 -64.44 46.87
CA VAL Q 150 -33.88 -63.70 48.12
C VAL Q 150 -32.80 -62.63 48.14
N ASN Q 151 -33.23 -61.37 48.23
CA ASN Q 151 -32.30 -60.26 48.35
C ASN Q 151 -31.97 -59.95 49.81
N LEU Q 152 -33.00 -59.73 50.64
CA LEU Q 152 -32.93 -59.60 52.11
C LEU Q 152 -34.36 -59.61 52.64
N THR Q 153 -34.50 -59.59 53.98
CA THR Q 153 -35.68 -59.10 54.69
C THR Q 153 -36.96 -59.89 54.43
N ALA Q 154 -37.10 -61.06 55.07
CA ALA Q 154 -38.16 -62.02 54.75
C ALA Q 154 -39.57 -61.44 54.90
N GLU Q 155 -39.78 -60.54 55.86
CA GLU Q 155 -41.12 -59.95 56.03
C GLU Q 155 -41.49 -59.04 54.85
N ASP Q 156 -40.56 -58.17 54.45
CA ASP Q 156 -40.79 -57.38 53.24
C ASP Q 156 -40.78 -58.26 52.00
N SER Q 157 -40.09 -59.39 52.01
CA SER Q 157 -40.16 -60.33 50.89
C SER Q 157 -41.55 -60.91 50.75
N SER Q 158 -42.22 -61.19 51.88
CA SER Q 158 -43.61 -61.62 51.84
C SER Q 158 -44.52 -60.49 51.40
N GLU Q 159 -44.18 -59.25 51.76
CA GLU Q 159 -45.02 -58.11 51.38
C GLU Q 159 -44.87 -57.74 49.91
N ILE Q 160 -43.68 -57.93 49.34
CA ILE Q 160 -43.41 -57.54 47.95
C ILE Q 160 -44.20 -58.41 46.98
N GLU Q 161 -44.42 -59.68 47.33
CA GLU Q 161 -45.28 -60.52 46.50
C GLU Q 161 -46.72 -60.02 46.50
N ASN Q 162 -47.21 -59.56 47.66
CA ASN Q 162 -48.52 -58.94 47.72
C ASN Q 162 -48.59 -57.68 46.87
N ASN Q 163 -47.54 -56.86 46.92
CA ASN Q 163 -47.52 -55.62 46.14
C ASN Q 163 -47.45 -55.91 44.64
N LEU Q 164 -46.72 -56.95 44.25
CA LEU Q 164 -46.64 -57.28 42.83
C LEU Q 164 -47.94 -57.89 42.32
N GLN Q 165 -48.63 -58.68 43.16
CA GLN Q 165 -49.96 -59.14 42.78
C GLN Q 165 -50.94 -57.98 42.65
N ASP Q 166 -50.83 -56.99 43.54
CA ASP Q 166 -51.67 -55.81 43.46
C ASP Q 166 -51.42 -55.02 42.19
N ALA Q 167 -50.15 -54.82 41.82
CA ALA Q 167 -49.83 -54.06 40.62
C ALA Q 167 -50.21 -54.83 39.36
N GLU Q 168 -50.03 -56.16 39.37
CA GLU Q 168 -50.39 -56.98 38.22
C GLU Q 168 -51.90 -57.00 38.01
N LYS Q 169 -52.68 -57.05 39.09
CA LYS Q 169 -54.13 -57.02 38.95
C LYS Q 169 -54.62 -55.62 38.58
N ASN Q 170 -53.99 -54.57 39.13
CA ASN Q 170 -54.39 -53.20 38.89
C ASN Q 170 -53.15 -52.41 38.53
N MET Q 171 -52.75 -52.47 37.26
CA MET Q 171 -51.69 -51.64 36.70
C MET Q 171 -52.09 -50.17 36.58
N LEU Q 172 -53.37 -49.85 36.74
CA LEU Q 172 -53.79 -48.45 36.70
C LEU Q 172 -53.52 -47.75 38.02
N TRP Q 173 -53.51 -48.49 39.13
CA TRP Q 173 -53.39 -47.95 40.47
C TRP Q 173 -52.35 -48.77 41.23
N TYR Q 174 -51.10 -48.30 41.21
CA TYR Q 174 -49.97 -49.03 41.74
C TYR Q 174 -49.25 -48.21 42.80
N THR Q 175 -48.57 -48.90 43.71
CA THR Q 175 -47.89 -48.27 44.83
C THR Q 175 -46.43 -48.71 44.89
N VAL Q 176 -45.53 -47.75 45.03
CA VAL Q 176 -44.11 -48.03 45.23
C VAL Q 176 -43.85 -48.23 46.72
N TYR Q 177 -43.05 -49.24 47.06
CA TYR Q 177 -43.05 -49.78 48.41
C TYR Q 177 -42.13 -49.04 49.39
N ASN Q 178 -41.07 -48.39 48.90
CA ASN Q 178 -40.04 -47.72 49.72
C ASN Q 178 -39.36 -48.73 50.66
N ILE Q 179 -38.55 -49.58 50.02
CA ILE Q 179 -37.89 -50.76 50.61
C ILE Q 179 -37.12 -50.46 51.89
N ASN Q 180 -36.52 -49.28 51.99
CA ASN Q 180 -35.34 -49.02 52.83
C ASN Q 180 -35.62 -49.20 54.33
N ASP Q 181 -34.54 -49.44 55.06
CA ASP Q 181 -34.60 -49.79 56.46
C ASP Q 181 -34.02 -48.70 57.35
N PRO Q 182 -34.70 -48.37 58.45
CA PRO Q 182 -34.16 -47.33 59.32
C PRO Q 182 -32.96 -47.78 60.14
N TRP Q 183 -33.00 -48.98 60.68
CA TRP Q 183 -31.78 -49.55 61.24
C TRP Q 183 -30.89 -50.04 60.11
N ASP Q 184 -29.60 -50.18 60.40
CA ASP Q 184 -28.64 -50.28 59.32
C ASP Q 184 -27.96 -51.64 59.33
N GLU Q 185 -28.76 -52.70 59.42
CA GLU Q 185 -28.21 -54.04 59.46
C GLU Q 185 -27.62 -54.48 58.12
N ASN Q 186 -27.97 -53.79 57.03
CA ASN Q 186 -27.28 -53.93 55.76
C ASN Q 186 -27.20 -52.57 55.09
N GLY Q 187 -26.14 -52.38 54.33
CA GLY Q 187 -25.70 -51.06 53.94
C GLY Q 187 -26.60 -50.37 52.93
N TYR Q 188 -26.26 -49.08 52.72
CA TYR Q 188 -26.91 -48.23 51.73
C TYR Q 188 -26.91 -48.84 50.35
N LEU Q 189 -25.79 -49.40 49.94
CA LEU Q 189 -25.69 -49.95 48.60
C LEU Q 189 -26.51 -51.23 48.46
N VAL Q 190 -26.57 -52.03 49.52
CA VAL Q 190 -27.41 -53.23 49.50
C VAL Q 190 -28.88 -52.84 49.39
N THR Q 191 -29.29 -51.79 50.12
CA THR Q 191 -30.66 -51.32 50.00
C THR Q 191 -30.95 -50.71 48.63
N SER Q 192 -29.94 -50.10 48.01
CA SER Q 192 -30.14 -49.57 46.67
C SER Q 192 -30.31 -50.69 45.65
N ILE Q 193 -29.59 -51.80 45.83
CA ILE Q 193 -29.80 -52.96 44.95
C ILE Q 193 -31.19 -53.56 45.19
N ASN Q 194 -31.65 -53.55 46.45
CA ASN Q 194 -33.01 -53.99 46.75
C ASN Q 194 -34.05 -53.13 46.03
N LYS Q 195 -33.85 -51.81 46.07
CA LYS Q 195 -34.69 -50.86 45.34
C LYS Q 195 -34.70 -51.15 43.85
N LEU Q 196 -33.53 -51.41 43.27
CA LEU Q 196 -33.45 -51.59 41.83
C LEU Q 196 -34.10 -52.90 41.38
N VAL Q 197 -33.92 -53.96 42.17
CA VAL Q 197 -34.54 -55.24 41.83
C VAL Q 197 -36.07 -55.14 41.91
N TYR Q 198 -36.57 -54.51 42.99
CA TYR Q 198 -38.01 -54.36 43.13
C TYR Q 198 -38.61 -53.47 42.05
N LEU Q 199 -37.94 -52.36 41.72
CA LEU Q 199 -38.45 -51.46 40.70
C LEU Q 199 -38.39 -52.07 39.30
N GLY Q 200 -37.37 -52.90 39.02
CA GLY Q 200 -37.32 -53.55 37.72
C GLY Q 200 -38.40 -54.60 37.56
N LYS Q 201 -38.64 -55.40 38.60
CA LYS Q 201 -39.74 -56.38 38.55
C LYS Q 201 -41.08 -55.69 38.45
N LEU Q 202 -41.25 -54.55 39.15
CA LEU Q 202 -42.48 -53.78 39.08
C LEU Q 202 -42.73 -53.24 37.68
N PHE Q 203 -41.68 -52.71 37.05
CA PHE Q 203 -41.80 -52.10 35.72
C PHE Q 203 -42.15 -53.14 34.66
N VAL Q 204 -41.45 -54.29 34.68
CA VAL Q 204 -41.75 -55.31 33.68
C VAL Q 204 -43.12 -55.95 33.96
N THR Q 205 -43.55 -55.98 35.23
CA THR Q 205 -44.87 -56.48 35.57
C THR Q 205 -45.97 -55.59 35.00
N LEU Q 206 -45.82 -54.27 35.16
CA LEU Q 206 -46.81 -53.33 34.63
C LEU Q 206 -46.88 -53.40 33.11
N ASN Q 207 -45.73 -53.47 32.43
CA ASN Q 207 -45.75 -53.46 30.97
C ASN Q 207 -46.31 -54.77 30.41
N GLN Q 208 -45.97 -55.91 31.00
CA GLN Q 208 -46.49 -57.17 30.47
C GLN Q 208 -47.98 -57.35 30.79
N SER Q 209 -48.44 -56.88 31.95
CA SER Q 209 -49.87 -56.93 32.25
C SER Q 209 -50.65 -56.00 31.32
N TRP Q 210 -50.06 -54.86 30.97
CA TRP Q 210 -50.69 -53.95 30.03
C TRP Q 210 -50.84 -54.58 28.65
N SER Q 211 -49.77 -55.20 28.15
CA SER Q 211 -49.83 -55.85 26.84
C SER Q 211 -50.81 -57.02 26.84
N LYS Q 212 -50.91 -57.72 27.98
CA LYS Q 212 -51.90 -58.80 28.12
C LYS Q 212 -53.32 -58.26 27.98
N LEU Q 213 -53.63 -57.17 28.69
CA LEU Q 213 -54.99 -56.62 28.61
C LEU Q 213 -55.30 -56.06 27.22
N GLU Q 214 -54.31 -55.43 26.57
CA GLU Q 214 -54.58 -54.87 25.26
C GLU Q 214 -54.78 -55.95 24.20
N LYS Q 215 -54.02 -57.05 24.30
CA LYS Q 215 -54.20 -58.15 23.36
C LYS Q 215 -55.55 -58.85 23.59
N VAL Q 216 -55.96 -59.01 24.86
CA VAL Q 216 -57.26 -59.59 25.16
C VAL Q 216 -58.39 -58.72 24.61
N ALA Q 217 -58.26 -57.40 24.78
CA ALA Q 217 -59.29 -56.47 24.31
C ALA Q 217 -59.42 -56.50 22.79
N MET Q 218 -58.29 -56.49 22.07
CA MET Q 218 -58.36 -56.53 20.62
C MET Q 218 -58.88 -57.86 20.10
N SER Q 219 -58.55 -58.96 20.77
CA SER Q 219 -59.08 -60.27 20.37
C SER Q 219 -60.59 -60.33 20.55
N GLN Q 220 -61.10 -59.76 21.66
CA GLN Q 220 -62.53 -59.72 21.88
C GLN Q 220 -63.24 -58.85 20.86
N ILE Q 221 -62.64 -57.71 20.49
CA ILE Q 221 -63.26 -56.82 19.52
C ILE Q 221 -63.32 -57.47 18.14
N VAL Q 222 -62.25 -58.17 17.73
CA VAL Q 222 -62.26 -58.83 16.42
C VAL Q 222 -63.24 -60.00 16.40
N THR Q 223 -63.34 -60.73 17.52
CA THR Q 223 -64.30 -61.82 17.62
C THR Q 223 -65.74 -61.31 17.52
N THR Q 224 -66.03 -60.21 18.22
CA THR Q 224 -67.38 -59.63 18.12
C THR Q 224 -67.65 -59.03 16.75
N GLN Q 225 -66.63 -58.51 16.05
CA GLN Q 225 -66.83 -58.07 14.67
C GLN Q 225 -67.24 -59.22 13.77
N ASN Q 226 -66.57 -60.36 13.90
CA ASN Q 226 -66.88 -61.51 13.04
C ASN Q 226 -68.26 -62.06 13.33
N HIS Q 227 -68.62 -62.22 14.62
CA HIS Q 227 -69.94 -62.72 14.95
C HIS Q 227 -71.04 -61.73 14.59
N LEU Q 228 -70.78 -60.43 14.76
CA LEU Q 228 -71.82 -59.44 14.49
C LEU Q 228 -72.04 -59.26 12.99
N SER Q 229 -70.97 -59.31 12.19
CA SER Q 229 -71.14 -59.25 10.74
C SER Q 229 -71.80 -60.52 10.22
N GLY Q 230 -71.46 -61.68 10.78
CA GLY Q 230 -72.12 -62.91 10.38
C GLY Q 230 -73.58 -62.98 10.76
N HIS Q 231 -73.97 -62.26 11.82
CA HIS Q 231 -75.38 -62.21 12.18
C HIS Q 231 -76.15 -61.11 11.47
N LEU Q 232 -75.50 -60.01 11.10
CA LEU Q 232 -76.15 -58.97 10.30
C LEU Q 232 -76.05 -59.21 8.80
N ARG Q 233 -75.44 -60.33 8.39
CA ARG Q 233 -75.31 -60.67 6.98
C ARG Q 233 -76.64 -60.91 6.27
N LYS Q 234 -77.70 -61.26 7.01
CA LYS Q 234 -78.91 -61.79 6.39
C LYS Q 234 -79.72 -60.72 5.67
N ASN Q 235 -79.93 -59.57 6.30
CA ASN Q 235 -80.87 -58.59 5.78
C ASN Q 235 -80.26 -57.82 4.59
N GLU Q 236 -81.13 -57.43 3.67
CA GLU Q 236 -80.76 -56.65 2.49
C GLU Q 236 -81.42 -55.27 2.49
N ASN Q 237 -81.91 -54.81 3.63
CA ASN Q 237 -82.39 -53.44 3.74
C ASN Q 237 -81.22 -52.46 3.62
N PHE Q 238 -81.53 -51.22 3.22
CA PHE Q 238 -80.49 -50.21 3.09
C PHE Q 238 -79.90 -49.85 4.45
N ASN Q 239 -80.73 -49.80 5.49
CA ASN Q 239 -80.24 -49.57 6.84
C ASN Q 239 -79.31 -50.70 7.28
N ALA Q 240 -79.64 -51.93 6.89
CA ALA Q 240 -78.81 -53.08 7.26
C ALA Q 240 -77.47 -53.06 6.54
N VAL Q 241 -77.48 -52.75 5.23
CA VAL Q 241 -76.21 -52.76 4.51
C VAL Q 241 -75.37 -51.54 4.89
N TYR Q 242 -76.00 -50.44 5.29
CA TYR Q 242 -75.23 -49.30 5.77
C TYR Q 242 -74.63 -49.59 7.14
N SER Q 243 -75.36 -50.31 7.99
CA SER Q 243 -74.80 -50.75 9.26
C SER Q 243 -73.65 -51.72 9.05
N GLN Q 244 -73.74 -52.58 8.03
CA GLN Q 244 -72.63 -53.47 7.70
C GLN Q 244 -71.42 -52.68 7.22
N ARG Q 245 -71.61 -51.70 6.33
CA ARG Q 245 -70.47 -50.95 5.82
C ARG Q 245 -69.88 -49.99 6.85
N VAL Q 246 -70.62 -49.65 7.90
CA VAL Q 246 -70.04 -48.88 9.00
C VAL Q 246 -69.32 -49.80 9.98
N LEU Q 247 -69.97 -50.87 10.42
CA LEU Q 247 -69.43 -51.73 11.46
C LEU Q 247 -68.59 -52.88 10.90
N GLN Q 248 -68.19 -52.80 9.64
CA GLN Q 248 -67.33 -53.80 9.01
C GLN Q 248 -65.88 -53.34 8.91
N THR Q 249 -65.61 -52.07 9.18
CA THR Q 249 -64.28 -51.52 8.95
C THR Q 249 -63.28 -52.04 9.99
N PRO Q 250 -62.03 -52.27 9.61
CA PRO Q 250 -61.02 -52.74 10.58
C PRO Q 250 -60.59 -51.65 11.55
N LEU Q 251 -60.00 -52.10 12.66
CA LEU Q 251 -59.65 -51.23 13.77
C LEU Q 251 -58.21 -51.49 14.19
N THR Q 252 -57.56 -50.44 14.69
CA THR Q 252 -56.28 -50.56 15.35
C THR Q 252 -56.42 -50.06 16.79
N GLY Q 253 -55.28 -49.97 17.47
CA GLY Q 253 -55.28 -49.35 18.79
C GLY Q 253 -55.36 -47.84 18.77
N GLN Q 254 -55.14 -47.22 17.61
CA GLN Q 254 -55.14 -45.76 17.50
C GLN Q 254 -56.25 -45.25 16.58
N ARG Q 255 -57.12 -46.15 16.13
CA ARG Q 255 -58.27 -45.80 15.30
C ARG Q 255 -59.58 -46.07 16.02
N VAL Q 256 -59.51 -46.68 17.21
CA VAL Q 256 -60.69 -47.00 18.02
C VAL Q 256 -61.40 -45.74 18.51
N GLU Q 257 -60.66 -44.65 18.71
CA GLU Q 257 -61.28 -43.41 19.19
C GLU Q 257 -62.11 -42.75 18.10
N SER Q 258 -61.56 -42.68 16.88
CA SER Q 258 -62.31 -42.18 15.75
C SER Q 258 -63.49 -43.08 15.41
N PHE Q 259 -63.32 -44.39 15.55
CA PHE Q 259 -64.44 -45.30 15.29
C PHE Q 259 -65.54 -45.15 16.33
N LEU Q 260 -65.18 -44.91 17.59
CA LEU Q 260 -66.19 -44.65 18.62
C LEU Q 260 -66.92 -43.34 18.34
N LYS Q 261 -66.20 -42.32 17.87
CA LYS Q 261 -66.85 -41.08 17.49
C LYS Q 261 -67.80 -41.26 16.31
N ILE Q 262 -67.40 -42.06 15.33
CA ILE Q 262 -68.24 -42.29 14.15
C ILE Q 262 -69.48 -43.09 14.50
N ILE Q 263 -69.34 -44.13 15.33
CA ILE Q 263 -70.50 -44.93 15.70
C ILE Q 263 -71.39 -44.17 16.68
N THR Q 264 -70.84 -43.20 17.43
CA THR Q 264 -71.67 -42.33 18.25
C THR Q 264 -72.47 -41.36 17.38
N SER Q 265 -71.84 -40.84 16.32
CA SER Q 265 -72.54 -39.95 15.41
C SER Q 265 -73.62 -40.68 14.61
N ASP Q 266 -73.35 -41.91 14.18
CA ASP Q 266 -74.33 -42.70 13.43
C ASP Q 266 -75.01 -43.76 14.28
N TYR Q 267 -75.17 -43.49 15.58
CA TYR Q 267 -75.87 -44.41 16.46
C TYR Q 267 -77.35 -44.52 16.12
N GLU Q 268 -77.96 -43.45 15.62
CA GLU Q 268 -79.40 -43.46 15.37
C GLU Q 268 -79.75 -44.33 14.16
N ILE Q 269 -78.93 -44.28 13.12
CA ILE Q 269 -79.24 -45.07 11.93
C ILE Q 269 -78.96 -46.56 12.18
N ILE Q 270 -78.03 -46.89 13.07
CA ILE Q 270 -77.79 -48.30 13.33
C ILE Q 270 -78.76 -48.86 14.36
N LYS Q 271 -79.26 -48.02 15.29
CA LYS Q 271 -80.32 -48.50 16.16
C LYS Q 271 -81.65 -48.57 15.41
N SER Q 272 -81.81 -47.82 14.32
CA SER Q 272 -82.92 -48.06 13.42
C SER Q 272 -82.68 -49.32 12.57
N SER Q 273 -81.42 -49.57 12.21
CA SER Q 273 -81.06 -50.73 11.41
C SER Q 273 -81.21 -52.04 12.18
N LEU Q 274 -81.13 -51.99 13.51
CA LEU Q 274 -81.46 -53.15 14.32
C LEU Q 274 -82.92 -53.51 14.12
N GLU Q 275 -83.16 -54.72 13.60
CA GLU Q 275 -84.48 -55.15 13.15
C GLU Q 275 -85.44 -55.34 14.32
N SER R 7 -61.51 16.36 54.26
CA SER R 7 -61.55 15.04 53.65
C SER R 7 -62.10 15.11 52.23
N ILE R 8 -61.21 14.84 51.27
CA ILE R 8 -61.37 14.91 49.81
C ILE R 8 -62.19 16.15 49.41
N PRO R 9 -61.58 17.33 49.41
CA PRO R 9 -62.37 18.57 49.32
C PRO R 9 -62.86 18.84 47.90
N PHE R 10 -64.18 18.89 47.74
CA PHE R 10 -64.80 19.28 46.48
C PHE R 10 -66.09 20.01 46.78
N ALA R 11 -66.61 20.68 45.76
CA ALA R 11 -67.79 21.53 45.89
C ALA R 11 -69.07 20.70 45.93
N TRP R 12 -70.21 21.36 45.71
CA TRP R 12 -71.50 20.68 45.69
C TRP R 12 -71.55 19.75 44.49
N LEU R 13 -71.29 18.47 44.72
CA LEU R 13 -71.40 17.47 43.65
C LEU R 13 -72.38 16.39 44.09
N ASP R 14 -72.51 15.38 43.26
CA ASP R 14 -73.21 14.16 43.62
C ASP R 14 -72.22 13.19 44.20
N ARG R 15 -72.74 12.23 44.99
CA ARG R 15 -71.87 11.20 45.55
C ARG R 15 -71.29 10.31 44.47
N ASP R 16 -71.98 10.17 43.34
CA ASP R 16 -71.46 9.39 42.22
C ASP R 16 -70.33 10.14 41.52
N LYS R 17 -70.47 11.45 41.37
CA LYS R 17 -69.40 12.24 40.75
C LYS R 17 -68.17 12.31 41.65
N VAL R 18 -68.37 12.46 42.96
CA VAL R 18 -67.25 12.46 43.90
C VAL R 18 -66.57 11.10 43.92
N GLN R 19 -67.36 10.02 43.90
CA GLN R 19 -66.81 8.67 43.84
C GLN R 19 -66.04 8.45 42.55
N ARG R 20 -66.52 8.99 41.43
CA ARG R 20 -65.83 8.78 40.16
C ARG R 20 -64.55 9.60 40.05
N LEU R 21 -64.55 10.83 40.58
CA LEU R 21 -63.32 11.62 40.63
C LEU R 21 -62.29 10.97 41.56
N THR R 22 -62.73 10.48 42.71
CA THR R 22 -61.81 9.81 43.63
C THR R 22 -61.30 8.51 43.04
N ASN R 23 -62.16 7.81 42.29
CA ASN R 23 -61.77 6.58 41.61
C ASN R 23 -60.70 6.86 40.56
N PHE R 24 -60.88 7.91 39.77
CA PHE R 24 -59.89 8.25 38.75
C PHE R 24 -58.57 8.68 39.37
N LEU R 25 -58.63 9.59 40.34
CA LEU R 25 -57.39 10.09 40.94
C LEU R 25 -56.71 9.07 41.85
N SER R 26 -57.42 8.02 42.27
CA SER R 26 -56.76 6.91 42.93
C SER R 26 -56.13 5.98 41.91
N ASN R 27 -56.91 5.49 40.96
CA ASN R 27 -56.40 4.62 39.90
C ASN R 27 -55.95 5.42 38.68
N LEU R 28 -55.13 6.44 38.92
CA LEU R 28 -54.46 7.15 37.85
C LEU R 28 -53.30 6.35 37.25
N GLU R 29 -52.80 5.35 37.95
CA GLU R 29 -51.58 4.70 37.49
C GLU R 29 -51.84 3.61 36.46
N ASN R 30 -52.99 2.94 36.51
CA ASN R 30 -53.17 1.71 35.76
C ASN R 30 -53.68 1.92 34.35
N LEU R 31 -54.43 2.99 34.10
CA LEU R 31 -54.89 3.24 32.74
C LEU R 31 -53.74 3.76 31.89
N GLU R 32 -53.89 3.60 30.58
CA GLU R 32 -52.99 4.22 29.64
C GLU R 32 -53.45 5.66 29.41
N ASN R 33 -52.54 6.45 28.82
CA ASN R 33 -52.82 7.79 28.28
C ASN R 33 -53.33 8.73 29.38
N VAL R 34 -52.41 9.06 30.29
CA VAL R 34 -52.74 9.76 31.54
C VAL R 34 -53.11 11.24 31.32
N ASP R 35 -53.09 11.73 30.08
CA ASP R 35 -53.34 13.14 29.78
C ASP R 35 -54.79 13.52 30.06
N LEU R 36 -54.96 14.30 31.13
CA LEU R 36 -56.28 14.77 31.57
C LEU R 36 -56.91 15.69 30.54
N ARG R 37 -56.10 16.46 29.81
CA ARG R 37 -56.59 17.20 28.66
C ARG R 37 -57.18 16.26 27.61
N GLU R 38 -56.50 15.14 27.36
CA GLU R 38 -56.86 14.31 26.23
C GLU R 38 -58.15 13.55 26.48
N HIS R 39 -58.33 13.01 27.71
CA HIS R 39 -59.69 12.46 27.81
C HIS R 39 -60.65 13.48 28.42
N PRO R 40 -61.79 13.75 27.79
CA PRO R 40 -62.72 14.77 28.30
C PRO R 40 -63.78 14.25 29.25
N TYR R 41 -63.63 13.02 29.76
CA TYR R 41 -64.65 12.39 30.58
C TYR R 41 -64.75 13.01 31.98
N VAL R 42 -63.72 13.73 32.41
CA VAL R 42 -63.65 14.23 33.77
C VAL R 42 -64.40 15.55 33.93
N THR R 43 -64.32 16.43 32.93
CA THR R 43 -64.88 17.78 33.06
C THR R 43 -66.41 17.76 33.07
N ASN R 44 -67.02 16.79 32.39
CA ASN R 44 -68.47 16.62 32.47
C ASN R 44 -68.92 16.14 33.84
N SER R 45 -68.05 15.49 34.60
CA SER R 45 -68.34 15.22 36.00
C SER R 45 -68.03 16.44 36.86
N CYS R 46 -67.05 17.24 36.46
CA CYS R 46 -66.64 18.39 37.26
C CYS R 46 -67.63 19.54 37.16
N VAL R 47 -68.38 19.63 36.06
CA VAL R 47 -69.45 20.62 35.98
C VAL R 47 -70.59 20.18 36.91
N VAL R 48 -71.21 21.14 37.61
CA VAL R 48 -72.16 20.74 38.63
C VAL R 48 -73.48 20.36 37.97
N ARG R 49 -74.28 21.37 37.57
CA ARG R 49 -75.57 21.33 36.87
C ARG R 49 -76.16 22.73 36.67
N GLU R 50 -77.36 22.76 36.07
CA GLU R 50 -78.24 23.94 35.92
C GLU R 50 -77.59 25.05 35.09
N GLY R 51 -77.29 24.70 33.84
CA GLY R 51 -77.02 25.72 32.83
C GLY R 51 -75.70 26.44 33.05
N GLU R 52 -75.78 27.76 33.07
CA GLU R 52 -74.64 28.63 33.33
C GLU R 52 -74.89 29.51 34.56
N ASP R 53 -76.11 29.50 35.10
CA ASP R 53 -76.51 30.50 36.09
C ASP R 53 -75.90 30.23 37.47
N VAL R 54 -75.84 28.96 37.89
CA VAL R 54 -75.31 28.61 39.20
C VAL R 54 -74.06 27.78 38.87
N ASP R 55 -73.42 28.11 37.77
CA ASP R 55 -72.50 27.14 37.22
C ASP R 55 -71.08 27.65 36.98
N GLU R 56 -70.92 28.92 36.62
CA GLU R 56 -69.60 29.43 36.27
C GLU R 56 -68.67 29.45 37.47
N LEU R 57 -69.08 30.17 38.52
CA LEU R 57 -68.19 30.46 39.63
C LEU R 57 -67.97 29.23 40.50
N LYS R 58 -68.89 28.28 40.51
CA LYS R 58 -68.70 27.07 41.30
C LYS R 58 -67.76 26.10 40.58
N THR R 59 -68.02 25.84 39.30
CA THR R 59 -67.21 24.89 38.57
C THR R 59 -65.84 25.42 38.21
N LEU R 60 -65.63 26.74 38.25
CA LEU R 60 -64.29 27.27 38.06
C LEU R 60 -63.41 26.86 39.24
N TYR R 61 -63.92 27.05 40.46
CA TYR R 61 -63.25 26.52 41.66
C TYR R 61 -63.12 25.01 41.62
N ASN R 62 -64.11 24.33 41.07
CA ASN R 62 -64.07 22.87 41.02
C ASN R 62 -62.96 22.38 40.09
N THR R 63 -62.83 22.99 38.91
CA THR R 63 -61.73 22.65 38.01
C THR R 63 -60.38 23.04 38.60
N PHE R 64 -60.35 24.12 39.40
CA PHE R 64 -59.13 24.49 40.11
C PHE R 64 -58.68 23.39 41.06
N ILE R 65 -59.62 22.86 41.87
CA ILE R 65 -59.30 21.76 42.78
C ILE R 65 -58.94 20.49 42.01
N LEU R 66 -59.62 20.26 40.87
CA LEU R 66 -59.38 19.05 40.09
C LEU R 66 -57.97 19.03 39.51
N TRP R 67 -57.57 20.11 38.83
CA TRP R 67 -56.21 20.18 38.28
C TRP R 67 -55.17 20.21 39.39
N LEU R 68 -55.49 20.84 40.52
CA LEU R 68 -54.52 20.95 41.60
C LEU R 68 -54.25 19.59 42.24
N MET R 69 -55.30 18.81 42.49
CA MET R 69 -55.10 17.51 43.10
C MET R 69 -54.59 16.48 42.09
N TYR R 70 -54.90 16.67 40.80
CA TYR R 70 -54.26 15.88 39.75
C TYR R 70 -52.76 16.10 39.74
N HIS R 71 -52.33 17.35 39.85
CA HIS R 71 -50.90 17.65 39.92
C HIS R 71 -50.28 17.11 41.20
N TYR R 72 -51.04 17.15 42.31
CA TYR R 72 -50.56 16.59 43.56
C TYR R 72 -50.33 15.09 43.47
N VAL R 73 -51.30 14.35 42.92
CA VAL R 73 -51.16 12.89 42.90
C VAL R 73 -50.13 12.48 41.86
N LEU R 74 -49.92 13.29 40.81
CA LEU R 74 -48.79 13.08 39.92
C LEU R 74 -47.46 13.21 40.65
N SER R 75 -47.24 14.35 41.31
CA SER R 75 -45.98 14.61 41.99
C SER R 75 -45.76 13.71 43.20
N LYS R 76 -46.80 13.08 43.71
CA LYS R 76 -46.66 12.12 44.77
C LYS R 76 -46.44 10.69 44.27
N ARG R 77 -46.95 10.35 43.08
CA ARG R 77 -46.83 9.00 42.58
C ARG R 77 -45.89 8.87 41.38
N LYS R 78 -45.00 9.84 41.16
CA LYS R 78 -43.96 9.64 40.14
C LYS R 78 -42.97 8.56 40.59
N PRO R 79 -42.69 7.57 39.76
CA PRO R 79 -41.59 6.64 40.04
C PRO R 79 -40.24 7.23 39.66
N ASP R 80 -39.21 6.71 40.30
CA ASP R 80 -37.86 7.22 40.10
C ASP R 80 -37.26 6.71 38.80
N TYR R 81 -36.67 7.61 38.01
CA TYR R 81 -35.97 7.23 36.80
C TYR R 81 -34.47 7.09 37.02
N ASN R 82 -33.98 7.53 38.18
CA ASN R 82 -32.56 7.41 38.48
C ASN R 82 -32.16 5.95 38.65
N ALA R 83 -33.12 5.08 38.97
CA ALA R 83 -32.88 3.65 38.93
C ALA R 83 -32.55 3.16 37.53
N ILE R 84 -33.12 3.76 36.48
CA ILE R 84 -32.70 3.29 35.16
C ILE R 84 -31.47 4.03 34.70
N TRP R 85 -31.22 5.23 35.24
CA TRP R 85 -29.96 5.90 34.92
C TRP R 85 -28.77 5.23 35.60
N GLN R 86 -28.99 4.54 36.70
CA GLN R 86 -27.94 3.72 37.30
C GLN R 86 -27.55 2.57 36.39
N ASP R 87 -28.54 1.95 35.74
CA ASP R 87 -28.24 0.92 34.74
C ASP R 87 -27.60 1.53 33.50
N ILE R 88 -27.94 2.78 33.17
CA ILE R 88 -27.27 3.47 32.07
C ILE R 88 -25.79 3.67 32.38
N THR R 89 -25.46 4.07 33.61
CA THR R 89 -24.06 4.22 33.99
C THR R 89 -23.36 2.86 34.10
N LYS R 90 -24.08 1.81 34.50
CA LYS R 90 -23.49 0.48 34.54
C LYS R 90 -23.13 -0.02 33.14
N LEU R 91 -24.00 0.24 32.16
CA LEU R 91 -23.70 -0.09 30.78
C LEU R 91 -22.60 0.80 30.22
N GLN R 92 -22.66 2.09 30.51
CA GLN R 92 -21.78 3.07 29.89
C GLN R 92 -20.36 2.97 30.41
N ASN R 93 -20.20 2.84 31.73
CA ASN R 93 -18.88 2.84 32.34
C ASN R 93 -18.16 1.52 32.10
N VAL R 94 -18.84 0.40 32.37
CA VAL R 94 -18.16 -0.88 32.51
C VAL R 94 -17.93 -1.58 31.18
N VAL R 95 -18.76 -1.33 30.17
CA VAL R 95 -18.57 -2.09 28.94
C VAL R 95 -17.77 -1.31 27.90
N ASN R 96 -18.22 -0.09 27.60
CA ASN R 96 -17.77 0.62 26.41
C ASN R 96 -16.36 1.18 26.59
N GLU R 97 -16.09 1.78 27.76
CA GLU R 97 -14.75 2.26 28.08
C GLU R 97 -13.75 1.10 28.13
N TYR R 98 -14.21 -0.06 28.57
CA TYR R 98 -13.35 -1.23 28.63
C TYR R 98 -13.14 -1.87 27.25
N LEU R 99 -14.06 -1.60 26.34
CA LEU R 99 -13.92 -1.96 24.96
C LEU R 99 -12.85 -1.08 24.28
N LYS R 100 -12.73 0.19 24.72
CA LYS R 100 -11.87 1.14 24.04
C LYS R 100 -10.52 1.26 24.74
N SER R 101 -10.45 0.85 26.00
CA SER R 101 -9.20 0.96 26.75
C SER R 101 -8.66 -0.42 27.06
N LYS R 102 -9.47 -1.22 27.75
CA LYS R 102 -9.06 -2.57 28.11
C LYS R 102 -9.51 -3.56 27.04
N GLY R 103 -9.92 -3.05 25.87
CA GLY R 103 -10.36 -3.97 24.84
C GLY R 103 -9.45 -3.99 23.63
N LEU R 104 -8.69 -2.91 23.43
CA LEU R 104 -7.68 -2.80 22.38
C LEU R 104 -8.16 -2.75 20.93
N ASN R 105 -7.45 -2.00 20.11
CA ASN R 105 -7.81 -1.81 18.71
C ASN R 105 -8.61 -0.51 18.64
N LYS R 106 -7.97 0.53 18.12
CA LYS R 106 -8.54 1.88 17.97
C LYS R 106 -9.35 2.45 19.16
N GLY R 107 -10.35 3.26 18.86
CA GLY R 107 -11.18 3.87 19.88
C GLY R 107 -10.44 4.95 20.64
N ASN R 108 -10.38 6.16 20.06
CA ASN R 108 -9.67 7.25 20.69
C ASN R 108 -10.26 7.50 22.07
N PHE R 109 -9.39 7.44 23.07
CA PHE R 109 -9.78 7.58 24.47
C PHE R 109 -10.42 8.94 24.74
N GLU R 110 -9.81 10.02 24.25
CA GLU R 110 -10.28 11.38 24.51
C GLU R 110 -11.67 11.61 23.92
N ASN R 111 -11.83 11.33 22.62
CA ASN R 111 -13.10 11.58 21.93
C ASN R 111 -14.22 10.72 22.47
N MET R 112 -13.97 9.41 22.58
CA MET R 112 -15.04 8.50 22.99
C MET R 112 -15.38 8.69 24.47
N PHE R 113 -14.36 8.82 25.33
CA PHE R 113 -14.57 8.99 26.77
C PHE R 113 -15.23 10.33 27.09
N THR R 114 -14.93 11.38 26.34
CA THR R 114 -15.61 12.65 26.60
C THR R 114 -17.01 12.67 26.01
N ASN R 115 -17.26 11.94 24.90
CA ASN R 115 -18.63 11.75 24.44
C ASN R 115 -19.46 10.97 25.44
N LYS R 116 -18.80 10.09 26.21
CA LYS R 116 -19.50 9.39 27.28
C LYS R 116 -19.69 10.28 28.50
N GLU R 117 -18.66 11.04 28.87
CA GLU R 117 -18.53 11.66 30.19
C GLU R 117 -19.21 13.01 30.26
N LYS R 118 -19.18 13.79 29.17
CA LYS R 118 -19.82 15.09 29.15
C LYS R 118 -21.35 14.92 29.20
N PHE R 119 -22.02 15.93 29.76
CA PHE R 119 -23.46 15.94 30.00
C PHE R 119 -23.93 14.71 30.79
N GLU R 120 -23.44 14.63 32.03
CA GLU R 120 -23.90 13.58 32.94
C GLU R 120 -25.37 13.75 33.27
N SER R 121 -25.75 14.96 33.70
CA SER R 121 -27.14 15.29 33.95
C SER R 121 -27.66 16.19 32.84
N GLN R 122 -28.94 16.01 32.50
CA GLN R 122 -29.64 16.72 31.43
C GLN R 122 -28.93 16.56 30.09
N PHE R 123 -28.86 15.32 29.63
CA PHE R 123 -28.44 15.02 28.27
C PHE R 123 -29.65 14.52 27.49
N SER R 124 -29.86 15.10 26.31
CA SER R 124 -30.90 14.65 25.39
C SER R 124 -30.33 14.45 23.99
N ASP R 125 -29.05 14.09 23.91
CA ASP R 125 -28.34 14.10 22.64
C ASP R 125 -28.63 12.85 21.85
N ILE R 126 -29.02 13.03 20.59
CA ILE R 126 -29.21 11.91 19.68
C ILE R 126 -27.95 11.63 18.86
N HIS R 127 -27.05 12.62 18.76
CA HIS R 127 -25.81 12.44 17.99
C HIS R 127 -24.88 11.43 18.65
N ARG R 128 -24.88 11.36 19.98
CA ARG R 128 -24.13 10.33 20.70
C ARG R 128 -24.66 8.95 20.36
N ALA R 129 -25.99 8.80 20.36
CA ALA R 129 -26.61 7.54 19.96
C ALA R 129 -26.29 7.20 18.50
N LEU R 130 -26.21 8.22 17.64
CA LEU R 130 -25.87 7.98 16.24
C LEU R 130 -24.43 7.50 16.08
N LEU R 131 -23.51 8.04 16.88
CA LEU R 131 -22.12 7.59 16.84
C LEU R 131 -21.98 6.16 17.36
N ARG R 132 -22.71 5.84 18.44
CA ARG R 132 -22.64 4.48 18.96
C ARG R 132 -23.36 3.50 18.04
N LEU R 133 -24.39 3.97 17.32
CA LEU R 133 -24.98 3.17 16.27
C LEU R 133 -24.03 2.93 15.12
N GLY R 134 -23.22 3.93 14.76
CA GLY R 134 -22.21 3.72 13.74
C GLY R 134 -21.19 2.68 14.15
N ASN R 135 -20.76 2.72 15.41
CA ASN R 135 -19.86 1.70 15.95
C ASN R 135 -20.50 0.31 15.92
N SER R 136 -21.70 0.18 16.49
CA SER R 136 -22.38 -1.12 16.58
C SER R 136 -22.77 -1.66 15.21
N ILE R 137 -23.10 -0.78 14.27
CA ILE R 137 -23.45 -1.19 12.92
C ILE R 137 -22.21 -1.61 12.14
N ARG R 138 -21.06 -0.99 12.39
CA ARG R 138 -19.80 -1.50 11.84
C ARG R 138 -19.46 -2.88 12.39
N TRP R 139 -19.76 -3.13 13.67
CA TRP R 139 -19.64 -4.49 14.20
C TRP R 139 -20.66 -5.44 13.55
N GLY R 140 -21.83 -4.93 13.21
CA GLY R 140 -22.86 -5.72 12.57
C GLY R 140 -22.63 -5.90 11.08
N SER R 141 -23.71 -6.27 10.39
CA SER R 141 -23.61 -6.71 9.01
C SER R 141 -23.69 -5.56 8.02
N ASN R 142 -24.79 -4.81 8.04
CA ASN R 142 -25.12 -3.88 6.97
C ASN R 142 -24.76 -2.46 7.38
N VAL R 143 -24.40 -1.66 6.39
CA VAL R 143 -23.88 -0.29 6.55
C VAL R 143 -24.90 0.77 6.99
N PRO R 144 -26.11 0.91 6.41
CA PRO R 144 -26.96 2.05 6.79
C PRO R 144 -27.54 1.95 8.20
N ILE R 145 -28.22 3.03 8.61
CA ILE R 145 -28.62 3.28 9.99
C ILE R 145 -30.14 3.25 10.05
N ASP R 146 -30.74 2.30 9.34
CA ASP R 146 -32.20 2.23 9.24
C ASP R 146 -32.85 1.93 10.59
N THR R 147 -32.20 1.11 11.42
CA THR R 147 -32.77 0.70 12.68
C THR R 147 -32.02 1.34 13.83
N PRO R 148 -32.62 2.29 14.56
CA PRO R 148 -31.85 2.99 15.61
C PRO R 148 -31.56 2.16 16.86
N TYR R 149 -32.23 1.03 17.06
CA TYR R 149 -31.95 0.11 18.16
C TYR R 149 -31.45 -1.22 17.62
N VAL R 150 -32.23 -2.29 17.84
CA VAL R 150 -31.70 -3.58 17.46
C VAL R 150 -31.20 -3.44 16.05
N ASN R 151 -29.95 -3.85 15.88
CA ASN R 151 -29.29 -3.77 14.60
C ASN R 151 -29.07 -5.17 14.07
N LEU R 152 -29.57 -5.37 12.86
CA LEU R 152 -29.46 -6.68 12.18
C LEU R 152 -30.74 -7.48 12.37
N THR R 153 -31.66 -7.05 13.23
CA THR R 153 -32.91 -7.77 13.33
C THR R 153 -34.04 -6.81 13.64
N ALA R 154 -35.26 -7.24 13.33
CA ALA R 154 -36.44 -6.40 13.53
C ALA R 154 -37.61 -7.19 14.11
N GLU R 155 -37.37 -8.38 14.67
CA GLU R 155 -38.43 -9.17 15.28
C GLU R 155 -39.00 -8.52 16.53
N ASP R 156 -38.25 -7.63 17.18
CA ASP R 156 -38.72 -6.91 18.35
C ASP R 156 -38.85 -5.41 18.13
N SER R 157 -38.65 -4.92 16.90
CA SER R 157 -38.60 -3.49 16.66
C SER R 157 -39.96 -2.84 16.86
N SER R 158 -41.02 -3.45 16.34
CA SER R 158 -42.36 -2.93 16.53
C SER R 158 -42.79 -3.05 17.97
N GLU R 159 -42.31 -4.06 18.69
CA GLU R 159 -42.64 -4.21 20.10
C GLU R 159 -41.93 -3.16 20.95
N ILE R 160 -40.71 -2.78 20.59
CA ILE R 160 -40.04 -1.73 21.34
C ILE R 160 -40.61 -0.35 20.98
N GLU R 161 -41.07 -0.17 19.74
CA GLU R 161 -41.91 0.99 19.41
C GLU R 161 -43.15 1.04 20.29
N ASN R 162 -43.82 -0.10 20.44
CA ASN R 162 -45.02 -0.18 21.28
C ASN R 162 -44.68 0.10 22.74
N ASN R 163 -43.50 -0.34 23.20
CA ASN R 163 -43.11 -0.10 24.59
C ASN R 163 -42.80 1.37 24.82
N LEU R 164 -42.14 2.03 23.87
CA LEU R 164 -41.85 3.45 24.03
C LEU R 164 -43.12 4.29 23.93
N GLN R 165 -44.07 3.87 23.08
CA GLN R 165 -45.34 4.59 23.01
C GLN R 165 -46.17 4.38 24.27
N ASP R 166 -46.12 3.18 24.85
CA ASP R 166 -46.81 2.95 26.11
C ASP R 166 -46.15 3.69 27.27
N ALA R 167 -44.83 3.91 27.18
CA ALA R 167 -44.17 4.76 28.16
C ALA R 167 -44.62 6.21 28.01
N GLU R 168 -44.75 6.68 26.76
CA GLU R 168 -45.30 8.02 26.51
C GLU R 168 -46.73 8.16 27.01
N LYS R 169 -47.51 7.08 26.94
CA LYS R 169 -48.87 7.12 27.45
C LYS R 169 -48.89 7.13 28.97
N ASN R 170 -48.27 6.14 29.60
CA ASN R 170 -48.24 6.04 31.05
C ASN R 170 -46.79 6.03 31.51
N MET R 171 -46.22 7.23 31.65
CA MET R 171 -44.90 7.40 32.25
C MET R 171 -44.89 7.10 33.75
N LEU R 172 -46.05 7.02 34.41
CA LEU R 172 -46.07 6.62 35.81
C LEU R 172 -45.81 5.13 35.98
N TRP R 173 -46.02 4.34 34.93
CA TRP R 173 -45.87 2.90 35.00
C TRP R 173 -45.09 2.43 33.77
N TYR R 174 -43.78 2.23 33.94
CA TYR R 174 -42.91 1.90 32.83
C TYR R 174 -42.21 0.57 33.09
N THR R 175 -41.99 -0.18 32.01
CA THR R 175 -41.36 -1.50 32.08
C THR R 175 -40.20 -1.54 31.11
N VAL R 176 -39.04 -1.98 31.59
CA VAL R 176 -37.89 -2.22 30.74
C VAL R 176 -38.05 -3.58 30.07
N TYR R 177 -37.87 -3.64 28.75
CA TYR R 177 -38.28 -4.83 28.00
C TYR R 177 -37.44 -6.08 28.28
N ASN R 178 -36.24 -6.09 27.70
CA ASN R 178 -35.28 -7.16 27.88
C ASN R 178 -34.55 -7.40 26.58
N ILE R 179 -33.39 -8.03 26.67
CA ILE R 179 -32.60 -8.37 25.51
C ILE R 179 -32.62 -9.87 25.50
N ASN R 180 -33.03 -10.47 24.38
CA ASN R 180 -33.09 -11.93 24.34
C ASN R 180 -31.69 -12.52 24.38
N ASP R 181 -31.41 -13.27 25.43
CA ASP R 181 -30.06 -13.79 25.66
C ASP R 181 -29.56 -14.90 24.73
N PRO R 182 -30.34 -15.92 24.31
CA PRO R 182 -29.73 -16.97 23.47
C PRO R 182 -29.32 -16.51 22.09
N TRP R 183 -30.04 -15.60 21.45
CA TRP R 183 -29.68 -15.15 20.11
C TRP R 183 -29.27 -13.69 20.14
N ASP R 184 -28.17 -13.41 19.44
CA ASP R 184 -27.55 -12.10 19.31
C ASP R 184 -26.47 -12.19 18.23
N GLU R 185 -26.29 -11.09 17.49
CA GLU R 185 -25.36 -11.13 16.35
C GLU R 185 -23.92 -11.08 16.81
N ASN R 186 -23.58 -10.12 17.65
CA ASN R 186 -22.38 -10.19 18.47
C ASN R 186 -22.84 -10.42 19.90
N GLY R 187 -21.91 -10.45 20.83
CA GLY R 187 -22.33 -10.88 22.15
C GLY R 187 -22.56 -9.77 23.15
N TYR R 188 -21.72 -9.80 24.18
CA TYR R 188 -21.80 -8.90 25.32
C TYR R 188 -21.70 -7.45 24.88
N LEU R 189 -20.92 -7.20 23.84
CA LEU R 189 -20.72 -5.85 23.35
C LEU R 189 -21.97 -5.28 22.70
N VAL R 190 -22.53 -5.98 21.69
CA VAL R 190 -23.62 -5.37 20.97
C VAL R 190 -24.89 -5.39 21.80
N THR R 191 -25.04 -6.36 22.73
CA THR R 191 -26.21 -6.32 23.59
C THR R 191 -26.09 -5.22 24.62
N SER R 192 -24.87 -4.93 25.09
CA SER R 192 -24.68 -3.75 25.95
C SER R 192 -24.96 -2.46 25.21
N ILE R 193 -24.54 -2.36 23.93
CA ILE R 193 -24.75 -1.12 23.18
C ILE R 193 -26.22 -0.89 22.89
N ASN R 194 -26.93 -1.96 22.51
CA ASN R 194 -28.37 -1.88 22.29
C ASN R 194 -29.12 -1.55 23.59
N LYS R 195 -28.72 -2.16 24.71
CA LYS R 195 -29.30 -1.79 26.00
C LYS R 195 -29.04 -0.34 26.35
N LEU R 196 -27.84 0.18 26.05
CA LEU R 196 -27.53 1.57 26.37
C LEU R 196 -28.36 2.53 25.53
N VAL R 197 -28.57 2.21 24.25
CA VAL R 197 -29.38 3.05 23.39
C VAL R 197 -30.84 3.05 23.83
N TYR R 198 -31.39 1.85 24.07
CA TYR R 198 -32.79 1.75 24.51
C TYR R 198 -33.01 2.40 25.86
N LEU R 199 -32.05 2.28 26.78
CA LEU R 199 -32.22 2.89 28.09
C LEU R 199 -32.05 4.40 28.06
N GLY R 200 -31.14 4.93 27.23
CA GLY R 200 -31.04 6.38 27.09
C GLY R 200 -32.28 6.99 26.45
N LYS R 201 -32.85 6.30 25.46
CA LYS R 201 -34.10 6.76 24.85
C LYS R 201 -35.26 6.69 25.84
N LEU R 202 -35.34 5.62 26.62
CA LEU R 202 -36.40 5.51 27.63
C LEU R 202 -36.27 6.58 28.69
N PHE R 203 -35.03 6.90 29.10
CA PHE R 203 -34.80 7.91 30.12
C PHE R 203 -35.24 9.29 29.64
N VAL R 204 -34.78 9.67 28.43
CA VAL R 204 -35.13 11.00 27.93
C VAL R 204 -36.61 11.08 27.55
N THR R 205 -37.22 9.95 27.17
CA THR R 205 -38.64 9.94 26.83
C THR R 205 -39.50 10.15 28.06
N LEU R 206 -39.19 9.43 29.14
CA LEU R 206 -39.96 9.57 30.37
C LEU R 206 -39.77 10.95 31.00
N ASN R 207 -38.56 11.51 30.95
CA ASN R 207 -38.37 12.83 31.52
C ASN R 207 -39.08 13.91 30.70
N GLN R 208 -39.06 13.79 29.37
CA GLN R 208 -39.78 14.78 28.56
C GLN R 208 -41.28 14.66 28.72
N SER R 209 -41.80 13.43 28.87
CA SER R 209 -43.24 13.27 29.09
C SER R 209 -43.66 13.81 30.45
N TRP R 210 -42.82 13.63 31.47
CA TRP R 210 -43.13 14.18 32.79
C TRP R 210 -43.12 15.70 32.78
N SER R 211 -42.08 16.30 32.19
CA SER R 211 -42.00 17.75 32.12
C SER R 211 -43.15 18.33 31.31
N LYS R 212 -43.57 17.61 30.25
CA LYS R 212 -44.74 18.01 29.48
C LYS R 212 -45.99 18.06 30.35
N LEU R 213 -46.25 16.99 31.10
CA LEU R 213 -47.48 16.98 31.90
C LEU R 213 -47.44 17.95 33.07
N GLU R 214 -46.27 18.16 33.67
CA GLU R 214 -46.17 19.12 34.77
C GLU R 214 -46.33 20.55 34.27
N LYS R 215 -45.78 20.85 33.09
CA LYS R 215 -45.98 22.18 32.51
C LYS R 215 -47.44 22.40 32.12
N VAL R 216 -48.12 21.33 31.66
CA VAL R 216 -49.55 21.40 31.37
C VAL R 216 -50.35 21.72 32.63
N ALA R 217 -50.09 20.99 33.72
CA ALA R 217 -50.85 21.18 34.96
C ALA R 217 -50.61 22.57 35.55
N MET R 218 -49.37 23.04 35.52
CA MET R 218 -49.09 24.37 36.06
C MET R 218 -49.69 25.46 35.18
N SER R 219 -49.68 25.27 33.85
CA SER R 219 -50.30 26.25 32.96
C SER R 219 -51.80 26.33 33.18
N GLN R 220 -52.46 25.19 33.40
CA GLN R 220 -53.90 25.20 33.64
C GLN R 220 -54.26 25.81 34.98
N ILE R 221 -53.44 25.56 36.02
CA ILE R 221 -53.73 26.15 37.32
C ILE R 221 -53.54 27.66 37.31
N VAL R 222 -52.45 28.14 36.68
CA VAL R 222 -52.23 29.58 36.58
C VAL R 222 -53.27 30.24 35.67
N THR R 223 -53.79 29.50 34.69
CA THR R 223 -54.89 30.02 33.88
C THR R 223 -56.17 30.16 34.69
N THR R 224 -56.53 29.13 35.48
CA THR R 224 -57.78 29.19 36.21
C THR R 224 -57.75 30.14 37.41
N GLN R 225 -56.56 30.45 37.95
CA GLN R 225 -56.49 31.42 39.06
C GLN R 225 -56.99 32.79 38.64
N ASN R 226 -56.67 33.22 37.41
CA ASN R 226 -57.06 34.55 36.97
C ASN R 226 -58.56 34.64 36.72
N HIS R 227 -59.13 33.62 36.09
CA HIS R 227 -60.57 33.60 35.85
C HIS R 227 -61.36 33.43 37.14
N LEU R 228 -60.75 32.78 38.13
CA LEU R 228 -61.37 32.71 39.45
C LEU R 228 -61.32 34.07 40.15
N SER R 229 -60.17 34.74 40.09
CA SER R 229 -59.97 35.96 40.85
C SER R 229 -60.77 37.12 40.27
N GLY R 230 -60.84 37.22 38.94
CA GLY R 230 -61.58 38.30 38.31
C GLY R 230 -63.07 38.25 38.60
N HIS R 231 -63.61 37.04 38.74
CA HIS R 231 -65.01 36.87 39.11
C HIS R 231 -65.22 37.03 40.61
N LEU R 232 -64.23 36.73 41.43
CA LEU R 232 -64.40 36.98 42.86
C LEU R 232 -64.03 38.38 43.30
N ARG R 233 -63.56 39.24 42.39
CA ARG R 233 -62.94 40.51 42.79
C ARG R 233 -63.95 41.54 43.29
N LYS R 234 -65.20 41.48 42.84
CA LYS R 234 -66.10 42.62 42.96
C LYS R 234 -66.60 42.83 44.39
N ASN R 235 -66.98 41.76 45.09
CA ASN R 235 -67.69 41.92 46.35
C ASN R 235 -66.74 42.29 47.50
N GLU R 236 -67.32 42.85 48.56
CA GLU R 236 -66.57 43.53 49.60
C GLU R 236 -66.78 42.93 50.99
N ASN R 237 -67.41 41.78 51.09
CA ASN R 237 -67.53 41.09 52.37
C ASN R 237 -66.15 40.60 52.81
N PHE R 238 -65.99 40.41 54.14
CA PHE R 238 -64.71 39.94 54.66
C PHE R 238 -64.43 38.49 54.27
N ASN R 239 -65.44 37.63 54.33
CA ASN R 239 -65.29 36.26 53.83
C ASN R 239 -64.95 36.24 52.35
N ALA R 240 -65.55 37.17 51.61
CA ALA R 240 -65.25 37.30 50.18
C ALA R 240 -63.81 37.69 49.94
N VAL R 241 -63.31 38.72 50.64
CA VAL R 241 -61.93 39.16 50.37
C VAL R 241 -60.92 38.18 50.94
N TYR R 242 -61.28 37.45 52.00
CA TYR R 242 -60.39 36.41 52.50
C TYR R 242 -60.30 35.25 51.52
N SER R 243 -61.42 34.89 50.90
CA SER R 243 -61.39 33.88 49.84
C SER R 243 -60.59 34.36 48.64
N GLN R 244 -60.70 35.65 48.32
CA GLN R 244 -59.88 36.26 47.26
C GLN R 244 -58.40 36.12 47.56
N ARG R 245 -57.99 36.40 48.81
CA ARG R 245 -56.56 36.36 49.13
C ARG R 245 -56.04 34.94 49.15
N VAL R 246 -56.80 34.01 49.74
CA VAL R 246 -56.41 32.60 49.77
C VAL R 246 -56.30 32.03 48.36
N LEU R 247 -57.22 32.40 47.49
CA LEU R 247 -57.23 31.87 46.13
C LEU R 247 -56.36 32.69 45.17
N GLN R 248 -55.83 33.83 45.61
CA GLN R 248 -54.80 34.56 44.89
C GLN R 248 -53.40 34.37 45.44
N THR R 249 -53.21 33.48 46.40
CA THR R 249 -51.85 33.09 46.76
C THR R 249 -51.14 32.48 45.56
N PRO R 250 -49.90 32.84 45.30
CA PRO R 250 -49.17 32.28 44.16
C PRO R 250 -48.74 30.85 44.41
N LEU R 251 -48.65 30.09 43.31
CA LEU R 251 -48.36 28.67 43.39
C LEU R 251 -47.20 28.31 42.47
N THR R 252 -46.36 27.39 42.95
CA THR R 252 -45.49 26.59 42.11
C THR R 252 -45.84 25.13 42.34
N GLY R 253 -45.34 24.29 41.43
CA GLY R 253 -45.55 22.86 41.54
C GLY R 253 -44.86 22.23 42.73
N GLN R 254 -43.89 22.93 43.31
CA GLN R 254 -43.24 22.52 44.53
C GLN R 254 -43.88 23.13 45.76
N ARG R 255 -44.81 24.07 45.59
CA ARG R 255 -45.53 24.70 46.68
C ARG R 255 -46.96 24.20 46.75
N VAL R 256 -47.36 23.33 45.83
CA VAL R 256 -48.77 23.00 45.68
C VAL R 256 -49.32 22.06 46.77
N GLU R 257 -48.47 21.27 47.45
CA GLU R 257 -48.96 20.25 48.38
C GLU R 257 -49.44 20.89 49.68
N SER R 258 -48.63 21.81 50.22
CA SER R 258 -49.04 22.58 51.38
C SER R 258 -50.27 23.43 51.07
N PHE R 259 -50.36 23.93 49.85
CA PHE R 259 -51.55 24.69 49.46
C PHE R 259 -52.79 23.83 49.36
N LEU R 260 -52.63 22.55 49.01
CA LEU R 260 -53.77 21.64 49.06
C LEU R 260 -54.25 21.44 50.49
N LYS R 261 -53.32 21.34 51.44
CA LYS R 261 -53.74 21.26 52.85
C LYS R 261 -54.42 22.55 53.31
N ILE R 262 -53.85 23.69 52.93
CA ILE R 262 -54.41 25.01 53.23
C ILE R 262 -55.81 25.16 52.66
N ILE R 263 -56.02 24.69 51.43
CA ILE R 263 -57.31 24.89 50.79
C ILE R 263 -58.32 23.86 51.29
N THR R 264 -57.88 22.76 51.93
CA THR R 264 -58.82 21.98 52.72
C THR R 264 -59.30 22.75 53.95
N SER R 265 -58.34 23.25 54.74
CA SER R 265 -58.66 23.98 55.96
C SER R 265 -59.41 25.27 55.69
N ASP R 266 -59.31 25.81 54.47
CA ASP R 266 -60.14 26.94 54.06
C ASP R 266 -61.33 26.52 53.20
N TYR R 267 -61.41 25.26 52.77
CA TYR R 267 -62.68 24.77 52.23
C TYR R 267 -63.71 24.70 53.34
N GLU R 268 -63.24 24.54 54.58
CA GLU R 268 -64.11 24.77 55.74
C GLU R 268 -64.87 26.10 55.70
N ILE R 269 -64.26 27.18 55.18
CA ILE R 269 -64.92 28.49 55.11
C ILE R 269 -65.43 28.82 53.71
N ILE R 270 -64.61 28.62 52.66
CA ILE R 270 -64.93 29.20 51.35
C ILE R 270 -66.03 28.46 50.61
N LYS R 271 -66.53 27.35 51.16
CA LYS R 271 -67.77 26.77 50.66
C LYS R 271 -68.93 27.73 50.85
N SER R 272 -69.00 28.37 52.03
CA SER R 272 -70.04 29.34 52.31
C SER R 272 -69.74 30.73 51.78
N SER R 273 -68.48 31.01 51.41
CA SER R 273 -68.12 32.33 50.94
C SER R 273 -68.65 32.60 49.54
N LEU R 274 -68.95 31.55 48.79
CA LEU R 274 -69.39 31.70 47.41
C LEU R 274 -70.79 32.33 47.34
N GLU R 275 -71.03 33.05 46.25
CA GLU R 275 -72.21 33.88 46.06
C GLU R 275 -73.51 33.07 46.02
N SER S 7 -58.92 -54.20 58.34
CA SER S 7 -57.82 -53.84 59.25
C SER S 7 -58.23 -52.66 60.10
N ILE S 8 -57.21 -51.89 60.50
CA ILE S 8 -57.25 -50.61 61.24
C ILE S 8 -58.15 -50.71 62.48
N PRO S 9 -57.74 -51.60 63.40
CA PRO S 9 -58.29 -52.13 64.67
C PRO S 9 -58.56 -51.16 65.83
N PHE S 10 -57.71 -50.16 66.00
CA PHE S 10 -57.79 -49.19 67.09
C PHE S 10 -58.54 -49.50 68.41
N ALA S 11 -59.88 -49.46 68.44
CA ALA S 11 -60.56 -49.61 69.72
C ALA S 11 -62.06 -49.50 69.47
N TRP S 12 -62.83 -49.14 70.49
CA TRP S 12 -64.24 -48.83 70.41
C TRP S 12 -64.51 -47.41 69.87
N LEU S 13 -63.54 -46.81 69.18
CA LEU S 13 -63.69 -45.45 68.68
C LEU S 13 -64.66 -45.38 67.52
N ASP S 14 -65.23 -44.19 67.32
CA ASP S 14 -66.09 -43.85 66.19
C ASP S 14 -65.40 -44.03 64.84
N ARG S 15 -66.19 -44.27 63.79
CA ARG S 15 -65.63 -44.36 62.44
C ARG S 15 -65.06 -43.01 61.98
N ASP S 16 -65.62 -41.91 62.49
CA ASP S 16 -65.05 -40.59 62.24
C ASP S 16 -63.63 -40.49 62.77
N LYS S 17 -63.42 -40.91 64.02
CA LYS S 17 -62.10 -40.82 64.63
C LYS S 17 -61.12 -41.80 64.01
N VAL S 18 -61.60 -42.98 63.59
CA VAL S 18 -60.74 -43.93 62.88
C VAL S 18 -60.33 -43.37 61.52
N GLN S 19 -61.24 -42.68 60.82
CA GLN S 19 -60.89 -42.04 59.56
C GLN S 19 -59.93 -40.87 59.75
N ARG S 20 -60.07 -40.14 60.87
CA ARG S 20 -59.11 -39.07 61.19
C ARG S 20 -57.71 -39.62 61.41
N LEU S 21 -57.61 -40.70 62.21
CA LEU S 21 -56.29 -41.28 62.45
C LEU S 21 -55.73 -41.94 61.20
N THR S 22 -56.60 -42.46 60.33
CA THR S 22 -56.19 -42.98 59.04
C THR S 22 -55.55 -41.90 58.19
N ASN S 23 -56.22 -40.74 58.09
CA ASN S 23 -55.71 -39.62 57.30
C ASN S 23 -54.42 -39.09 57.88
N PHE S 24 -54.31 -39.06 59.22
CA PHE S 24 -53.11 -38.53 59.85
C PHE S 24 -51.90 -39.45 59.65
N LEU S 25 -52.08 -40.76 59.89
CA LEU S 25 -50.95 -41.67 59.70
C LEU S 25 -50.68 -41.97 58.23
N SER S 26 -51.59 -41.59 57.33
CA SER S 26 -51.24 -41.61 55.91
C SER S 26 -50.45 -40.37 55.50
N ASN S 27 -50.92 -39.18 55.87
CA ASN S 27 -50.28 -37.93 55.48
C ASN S 27 -49.29 -37.44 56.52
N LEU S 28 -48.75 -38.36 57.33
CA LEU S 28 -47.63 -38.04 58.22
C LEU S 28 -46.45 -37.45 57.48
N GLU S 29 -46.07 -38.04 56.34
CA GLU S 29 -44.98 -37.49 55.57
C GLU S 29 -45.36 -36.21 54.84
N ASN S 30 -46.66 -35.94 54.70
CA ASN S 30 -47.09 -34.73 54.00
C ASN S 30 -47.08 -33.52 54.93
N LEU S 31 -47.63 -33.66 56.13
CA LEU S 31 -47.75 -32.46 56.95
C LEU S 31 -46.42 -32.16 57.64
N GLU S 32 -46.31 -30.94 58.15
CA GLU S 32 -45.08 -30.48 58.80
C GLU S 32 -45.18 -30.58 60.31
N ASN S 33 -44.02 -30.45 60.94
CA ASN S 33 -43.82 -30.52 62.39
C ASN S 33 -44.37 -31.82 62.97
N VAL S 34 -43.77 -32.93 62.52
CA VAL S 34 -44.28 -34.25 62.82
C VAL S 34 -43.94 -34.58 64.27
N ASP S 35 -44.88 -34.32 65.17
CA ASP S 35 -44.72 -34.69 66.57
C ASP S 35 -46.09 -34.86 67.18
N LEU S 36 -46.31 -36.02 67.81
CA LEU S 36 -47.58 -36.30 68.47
C LEU S 36 -47.84 -35.37 69.64
N ARG S 37 -46.79 -34.85 70.28
CA ARG S 37 -47.02 -33.79 71.27
C ARG S 37 -47.47 -32.51 70.58
N GLU S 38 -46.93 -32.22 69.39
CA GLU S 38 -47.26 -30.97 68.72
C GLU S 38 -48.63 -31.03 68.05
N HIS S 39 -49.20 -32.23 67.88
CA HIS S 39 -50.56 -32.39 67.38
C HIS S 39 -51.42 -33.10 68.42
N PRO S 40 -51.96 -32.37 69.41
CA PRO S 40 -52.78 -33.02 70.45
C PRO S 40 -54.15 -33.47 69.97
N TYR S 41 -54.56 -33.13 68.75
CA TYR S 41 -55.86 -33.54 68.24
C TYR S 41 -55.94 -35.04 68.00
N VAL S 42 -54.79 -35.68 67.78
CA VAL S 42 -54.77 -37.13 67.65
C VAL S 42 -55.13 -37.79 68.98
N THR S 43 -54.66 -37.23 70.09
CA THR S 43 -54.89 -37.84 71.39
C THR S 43 -56.34 -37.68 71.85
N ASN S 44 -56.94 -36.52 71.58
CA ASN S 44 -58.35 -36.37 71.92
C ASN S 44 -59.28 -36.89 70.83
N SER S 45 -58.74 -37.29 69.68
CA SER S 45 -59.47 -38.23 68.83
C SER S 45 -59.31 -39.65 69.35
N CYS S 46 -58.23 -39.92 70.08
CA CYS S 46 -57.98 -41.25 70.61
C CYS S 46 -58.81 -41.54 71.85
N VAL S 47 -59.18 -40.51 72.61
CA VAL S 47 -59.93 -40.69 73.85
C VAL S 47 -61.32 -41.27 73.55
N VAL S 48 -61.83 -42.09 74.47
CA VAL S 48 -62.99 -42.94 74.21
C VAL S 48 -64.25 -42.23 74.70
N ARG S 49 -65.34 -42.44 73.95
CA ARG S 49 -66.68 -41.93 74.26
C ARG S 49 -67.13 -42.43 75.64
N GLU S 50 -68.03 -41.65 76.28
CA GLU S 50 -68.65 -41.89 77.60
C GLU S 50 -67.67 -41.84 78.77
N GLY S 51 -66.69 -40.93 78.74
CA GLY S 51 -66.02 -40.52 79.97
C GLY S 51 -64.94 -41.47 80.48
N GLU S 52 -64.41 -41.12 81.67
CA GLU S 52 -63.20 -41.78 82.14
C GLU S 52 -63.46 -43.16 82.71
N ASP S 53 -64.72 -43.50 83.01
CA ASP S 53 -65.08 -44.83 83.48
C ASP S 53 -64.72 -45.91 82.46
N VAL S 54 -64.75 -45.55 81.18
CA VAL S 54 -64.18 -46.37 80.12
C VAL S 54 -62.96 -45.72 79.47
N ASP S 55 -62.48 -44.57 79.95
CA ASP S 55 -61.16 -44.17 79.47
C ASP S 55 -60.03 -44.83 80.26
N GLU S 56 -60.26 -45.13 81.54
CA GLU S 56 -59.22 -45.46 82.52
C GLU S 56 -58.42 -46.71 82.16
N LEU S 57 -58.93 -47.54 81.26
CA LEU S 57 -58.19 -48.65 80.68
C LEU S 57 -58.09 -48.55 79.17
N LYS S 58 -59.18 -48.15 78.51
CA LYS S 58 -59.24 -48.19 77.05
C LYS S 58 -58.37 -47.12 76.41
N THR S 59 -58.25 -45.94 77.04
CA THR S 59 -57.34 -44.94 76.49
C THR S 59 -55.88 -45.32 76.71
N LEU S 60 -55.58 -46.06 77.77
CA LEU S 60 -54.23 -46.60 77.92
C LEU S 60 -53.91 -47.56 76.78
N TYR S 61 -54.83 -48.50 76.51
CA TYR S 61 -54.69 -49.38 75.35
C TYR S 61 -54.63 -48.61 74.04
N ASN S 62 -55.43 -47.57 73.91
CA ASN S 62 -55.59 -46.93 72.61
C ASN S 62 -54.42 -46.00 72.31
N THR S 63 -53.91 -45.26 73.31
CA THR S 63 -52.68 -44.51 73.12
C THR S 63 -51.48 -45.43 72.94
N PHE S 64 -51.52 -46.62 73.55
CA PHE S 64 -50.52 -47.64 73.25
C PHE S 64 -50.54 -48.03 71.78
N ILE S 65 -51.74 -48.21 71.22
CA ILE S 65 -51.86 -48.52 69.78
C ILE S 65 -51.41 -47.33 68.92
N LEU S 66 -51.69 -46.10 69.35
CA LEU S 66 -51.21 -44.92 68.63
C LEU S 66 -49.70 -44.86 68.57
N TRP S 67 -49.03 -45.02 69.71
CA TRP S 67 -47.58 -44.94 69.71
C TRP S 67 -46.93 -46.10 68.98
N LEU S 68 -47.54 -47.30 69.04
CA LEU S 68 -47.03 -48.42 68.26
C LEU S 68 -47.11 -48.15 66.77
N MET S 69 -48.28 -47.73 66.27
CA MET S 69 -48.37 -47.53 64.84
C MET S 69 -47.69 -46.26 64.39
N TYR S 70 -47.48 -45.30 65.29
CA TYR S 70 -46.69 -44.12 64.94
C TYR S 70 -45.22 -44.47 64.76
N HIS S 71 -44.67 -45.30 65.67
CA HIS S 71 -43.31 -45.78 65.48
C HIS S 71 -43.21 -46.70 64.27
N TYR S 72 -44.29 -47.43 63.96
CA TYR S 72 -44.34 -48.27 62.78
C TYR S 72 -44.28 -47.45 61.50
N VAL S 73 -45.06 -46.38 61.42
CA VAL S 73 -45.04 -45.60 60.18
C VAL S 73 -43.79 -44.75 60.07
N LEU S 74 -43.17 -44.38 61.19
CA LEU S 74 -41.82 -43.78 61.12
C LEU S 74 -40.82 -44.77 60.54
N SER S 75 -40.76 -45.98 61.11
CA SER S 75 -39.83 -47.02 60.65
C SER S 75 -40.10 -47.44 59.22
N LYS S 76 -41.35 -47.34 58.77
CA LYS S 76 -41.65 -47.73 57.40
C LYS S 76 -41.42 -46.58 56.42
N ARG S 77 -41.48 -45.33 56.86
CA ARG S 77 -41.36 -44.21 55.94
C ARG S 77 -40.11 -43.36 56.14
N LYS S 78 -39.09 -43.87 56.82
CA LYS S 78 -37.83 -43.10 56.89
C LYS S 78 -37.13 -43.12 55.54
N PRO S 79 -36.73 -41.97 55.01
CA PRO S 79 -35.87 -41.96 53.83
C PRO S 79 -34.43 -42.26 54.22
N ASP S 80 -33.62 -42.59 53.21
CA ASP S 80 -32.26 -43.06 53.45
C ASP S 80 -31.30 -41.88 53.27
N TYR S 81 -30.81 -41.36 54.39
CA TYR S 81 -29.91 -40.21 54.43
C TYR S 81 -28.48 -40.55 54.05
N ASN S 82 -28.18 -41.84 53.85
CA ASN S 82 -26.87 -42.24 53.35
C ASN S 82 -26.64 -41.74 51.93
N ALA S 83 -27.72 -41.47 51.20
CA ALA S 83 -27.59 -40.80 49.91
C ALA S 83 -26.97 -39.41 50.04
N ILE S 84 -27.23 -38.70 51.13
CA ILE S 84 -26.56 -37.41 51.26
C ILE S 84 -25.20 -37.58 51.92
N TRP S 85 -25.02 -38.64 52.70
CA TRP S 85 -23.68 -38.88 53.22
C TRP S 85 -22.73 -39.39 52.15
N GLN S 86 -23.25 -39.97 51.07
CA GLN S 86 -22.41 -40.38 49.96
C GLN S 86 -21.79 -39.17 49.26
N ASP S 87 -22.59 -38.11 49.08
CA ASP S 87 -22.04 -36.87 48.56
C ASP S 87 -21.13 -36.19 49.56
N ILE S 88 -21.38 -36.38 50.87
CA ILE S 88 -20.44 -35.89 51.87
C ILE S 88 -19.09 -36.58 51.72
N THR S 89 -19.10 -37.89 51.49
CA THR S 89 -17.85 -38.62 51.30
C THR S 89 -17.15 -38.20 50.02
N LYS S 90 -17.90 -37.97 48.94
CA LYS S 90 -17.29 -37.54 47.68
C LYS S 90 -16.65 -36.16 47.81
N LEU S 91 -17.35 -35.20 48.40
CA LEU S 91 -16.81 -33.85 48.58
C LEU S 91 -15.63 -33.86 49.54
N GLN S 92 -15.81 -34.44 50.73
CA GLN S 92 -14.78 -34.44 51.76
C GLN S 92 -13.54 -35.19 51.31
N ASN S 93 -13.71 -36.31 50.62
CA ASN S 93 -12.58 -37.02 50.04
C ASN S 93 -11.89 -36.15 49.00
N VAL S 94 -12.59 -35.85 47.89
CA VAL S 94 -11.99 -35.31 46.68
C VAL S 94 -11.39 -33.93 46.92
N VAL S 95 -12.11 -33.09 47.65
CA VAL S 95 -11.67 -31.71 47.79
C VAL S 95 -10.63 -31.58 48.89
N ASN S 96 -10.98 -31.98 50.11
CA ASN S 96 -10.26 -31.52 51.30
C ASN S 96 -8.88 -32.15 51.43
N GLU S 97 -8.82 -33.49 51.37
CA GLU S 97 -7.55 -34.21 51.52
C GLU S 97 -6.61 -33.88 50.37
N TYR S 98 -7.17 -33.81 49.17
CA TYR S 98 -6.35 -33.67 47.98
C TYR S 98 -5.87 -32.25 47.80
N LEU S 99 -6.64 -31.24 48.25
CA LEU S 99 -6.05 -29.90 48.29
C LEU S 99 -4.93 -29.85 49.30
N LYS S 100 -5.16 -30.36 50.51
CA LYS S 100 -4.14 -30.16 51.53
C LYS S 100 -2.92 -31.05 51.29
N SER S 101 -3.06 -32.09 50.47
CA SER S 101 -1.89 -32.85 50.04
C SER S 101 -1.20 -32.20 48.84
N LYS S 102 -1.97 -31.80 47.82
CA LYS S 102 -1.41 -31.21 46.59
C LYS S 102 -0.70 -29.89 46.89
N GLY S 103 -1.23 -29.12 47.82
CA GLY S 103 -0.55 -27.91 48.22
C GLY S 103 -0.70 -27.72 49.72
N LEU S 104 0.15 -26.84 50.24
CA LEU S 104 0.08 -26.35 51.63
C LEU S 104 0.16 -27.51 52.61
N ASN S 105 1.27 -28.26 52.55
CA ASN S 105 1.40 -29.52 53.28
C ASN S 105 1.67 -29.31 54.76
N LYS S 106 0.74 -28.65 55.45
CA LYS S 106 0.80 -28.46 56.89
C LYS S 106 -0.47 -28.92 57.60
N GLY S 107 -1.57 -29.07 56.88
CA GLY S 107 -2.83 -29.38 57.49
C GLY S 107 -3.16 -30.85 57.41
N ASN S 108 -2.12 -31.69 57.40
CA ASN S 108 -2.32 -33.13 57.34
C ASN S 108 -2.78 -33.70 58.67
N PHE S 109 -2.50 -33.01 59.78
CA PHE S 109 -3.14 -33.33 61.05
C PHE S 109 -4.65 -33.12 60.95
N GLU S 110 -5.06 -32.02 60.32
CA GLU S 110 -6.46 -31.79 60.05
C GLU S 110 -7.01 -32.74 58.98
N ASN S 111 -6.13 -33.31 58.13
CA ASN S 111 -6.59 -34.35 57.22
C ASN S 111 -6.79 -35.68 57.93
N MET S 112 -5.99 -35.98 58.94
CA MET S 112 -6.27 -37.12 59.80
C MET S 112 -7.59 -36.90 60.55
N PHE S 113 -7.83 -35.65 60.97
CA PHE S 113 -9.13 -35.30 61.55
C PHE S 113 -10.27 -35.47 60.55
N THR S 114 -10.06 -35.13 59.28
CA THR S 114 -11.17 -35.32 58.34
C THR S 114 -11.26 -36.77 57.85
N ASN S 115 -10.22 -37.58 58.03
CA ASN S 115 -10.37 -39.02 57.84
C ASN S 115 -11.21 -39.63 58.96
N LYS S 116 -10.99 -39.18 60.19
CA LYS S 116 -11.89 -39.58 61.27
C LYS S 116 -13.27 -38.94 61.13
N GLU S 117 -13.37 -37.84 60.37
CA GLU S 117 -14.68 -37.30 60.01
C GLU S 117 -15.37 -38.16 58.96
N LYS S 118 -14.59 -38.70 58.01
CA LYS S 118 -15.10 -39.73 57.12
C LYS S 118 -15.55 -40.97 57.88
N PHE S 119 -14.92 -41.27 59.00
CA PHE S 119 -15.44 -42.31 59.87
C PHE S 119 -16.75 -41.84 60.51
N GLU S 120 -17.63 -42.79 60.83
CA GLU S 120 -18.95 -42.49 61.34
C GLU S 120 -18.97 -42.07 62.81
N SER S 121 -18.39 -40.90 63.06
CA SER S 121 -18.35 -40.26 64.36
C SER S 121 -18.77 -38.85 63.97
N GLN S 122 -20.01 -38.72 63.54
CA GLN S 122 -20.57 -37.46 63.05
C GLN S 122 -20.65 -36.31 64.06
N PHE S 123 -21.04 -36.62 65.29
CA PHE S 123 -21.19 -35.55 66.28
C PHE S 123 -19.84 -34.89 66.59
N SER S 124 -18.87 -35.71 66.99
CA SER S 124 -17.49 -35.25 67.18
C SER S 124 -16.89 -34.76 65.87
N ASP S 125 -17.35 -35.29 64.74
CA ASP S 125 -16.83 -34.83 63.45
C ASP S 125 -17.26 -33.40 63.14
N ILE S 126 -18.54 -33.10 63.36
CA ILE S 126 -19.06 -31.78 63.01
C ILE S 126 -18.63 -30.76 64.05
N HIS S 127 -18.27 -31.21 65.25
CA HIS S 127 -17.45 -30.41 66.14
C HIS S 127 -16.16 -30.01 65.43
N ARG S 128 -15.83 -28.71 65.51
CA ARG S 128 -14.70 -28.04 64.82
C ARG S 128 -14.89 -27.94 63.31
N ALA S 129 -16.14 -27.93 62.87
CA ALA S 129 -16.43 -27.44 61.53
C ALA S 129 -16.10 -25.95 61.38
N LEU S 130 -16.08 -25.20 62.49
CA LEU S 130 -15.52 -23.86 62.50
C LEU S 130 -14.06 -23.85 62.09
N LEU S 131 -13.26 -24.74 62.71
CA LEU S 131 -11.83 -24.80 62.43
C LEU S 131 -11.54 -25.27 61.02
N ARG S 132 -12.39 -26.14 60.47
CA ARG S 132 -12.21 -26.47 59.06
C ARG S 132 -13.01 -25.57 58.11
N LEU S 133 -13.72 -24.57 58.65
CA LEU S 133 -14.30 -23.50 57.84
C LEU S 133 -13.34 -22.33 57.68
N GLY S 134 -12.46 -22.11 58.66
CA GLY S 134 -11.54 -20.97 58.62
C GLY S 134 -10.63 -20.95 57.40
N ASN S 135 -10.28 -22.12 56.87
CA ASN S 135 -9.48 -22.18 55.66
C ASN S 135 -10.29 -21.77 54.44
N SER S 136 -11.57 -22.14 54.41
CA SER S 136 -12.46 -21.66 53.36
C SER S 136 -12.65 -20.16 53.44
N ILE S 137 -12.65 -19.61 54.66
CA ILE S 137 -12.71 -18.16 54.80
C ILE S 137 -11.44 -17.53 54.25
N ARG S 138 -10.29 -18.16 54.51
CA ARG S 138 -9.00 -17.70 53.99
C ARG S 138 -8.95 -17.71 52.47
N TRP S 139 -9.61 -18.68 51.83
CA TRP S 139 -9.58 -18.69 50.36
C TRP S 139 -10.70 -17.89 49.72
N GLY S 140 -11.84 -17.72 50.39
CA GLY S 140 -12.89 -16.87 49.82
C GLY S 140 -12.52 -15.40 49.90
N SER S 141 -11.92 -14.98 51.00
CA SER S 141 -11.50 -13.60 51.14
C SER S 141 -10.05 -13.59 51.59
N ASN S 142 -9.25 -12.77 50.93
CA ASN S 142 -7.83 -12.63 51.26
C ASN S 142 -7.68 -11.97 52.63
N VAL S 143 -6.47 -12.12 53.19
CA VAL S 143 -6.05 -11.85 54.58
C VAL S 143 -7.12 -12.35 55.55
N PRO S 144 -7.01 -13.62 55.98
CA PRO S 144 -8.13 -14.32 56.62
C PRO S 144 -8.62 -13.70 57.92
N ILE S 145 -9.94 -13.56 58.03
CA ILE S 145 -10.61 -13.02 59.20
C ILE S 145 -11.54 -14.12 59.69
N ASP S 146 -12.28 -13.86 60.76
CA ASP S 146 -13.42 -14.69 61.13
C ASP S 146 -14.71 -14.05 60.62
N THR S 147 -15.53 -14.87 59.97
CA THR S 147 -16.78 -14.49 59.35
C THR S 147 -17.87 -15.36 59.94
N PRO S 148 -19.15 -15.04 59.71
CA PRO S 148 -20.22 -15.93 60.15
C PRO S 148 -20.16 -17.31 59.51
N TYR S 149 -20.70 -18.28 60.26
CA TYR S 149 -20.48 -19.71 59.97
C TYR S 149 -21.16 -20.13 58.69
N VAL S 150 -22.34 -19.60 58.41
CA VAL S 150 -22.98 -19.87 57.13
C VAL S 150 -22.33 -18.99 56.07
N ASN S 151 -22.50 -19.37 54.81
CA ASN S 151 -21.61 -19.01 53.72
C ASN S 151 -21.83 -17.58 53.24
N LEU S 152 -21.18 -17.26 52.10
CA LEU S 152 -20.86 -15.86 51.78
C LEU S 152 -22.08 -15.07 51.32
N THR S 153 -22.93 -15.66 50.49
CA THR S 153 -24.10 -14.94 50.00
C THR S 153 -25.13 -14.80 51.12
N ALA S 154 -25.68 -13.59 51.29
CA ALA S 154 -26.51 -13.30 52.47
C ALA S 154 -27.87 -13.98 52.38
N GLU S 155 -28.54 -13.86 51.24
CA GLU S 155 -29.88 -14.45 51.13
C GLU S 155 -29.79 -15.97 51.03
N ASP S 156 -28.74 -16.49 50.40
CA ASP S 156 -28.49 -17.92 50.43
C ASP S 156 -28.17 -18.40 51.83
N SER S 157 -27.47 -17.57 52.60
CA SER S 157 -27.17 -17.89 54.00
C SER S 157 -28.44 -18.00 54.83
N SER S 158 -29.39 -17.08 54.62
CA SER S 158 -30.65 -17.17 55.36
C SER S 158 -31.50 -18.35 54.86
N GLU S 159 -31.45 -18.64 53.56
CA GLU S 159 -32.29 -19.69 53.01
C GLU S 159 -31.77 -21.08 53.40
N ILE S 160 -30.46 -21.22 53.63
CA ILE S 160 -29.91 -22.44 54.21
C ILE S 160 -30.51 -22.71 55.58
N GLU S 161 -30.58 -21.67 56.43
CA GLU S 161 -31.14 -21.85 57.77
C GLU S 161 -32.64 -22.14 57.72
N ASN S 162 -33.34 -21.52 56.76
CA ASN S 162 -34.75 -21.84 56.56
C ASN S 162 -34.94 -23.30 56.14
N ASN S 163 -34.07 -23.79 55.26
CA ASN S 163 -34.13 -25.19 54.82
C ASN S 163 -33.79 -26.15 55.95
N LEU S 164 -32.84 -25.77 56.81
CA LEU S 164 -32.47 -26.62 57.92
C LEU S 164 -33.58 -26.69 58.96
N GLN S 165 -34.29 -25.58 59.18
CA GLN S 165 -35.44 -25.63 60.07
C GLN S 165 -36.57 -26.45 59.47
N ASP S 166 -36.73 -26.39 58.14
CA ASP S 166 -37.74 -27.22 57.47
C ASP S 166 -37.42 -28.70 57.62
N ALA S 167 -36.15 -29.06 57.50
CA ALA S 167 -35.75 -30.46 57.65
C ALA S 167 -35.89 -30.93 59.09
N GLU S 168 -35.52 -30.07 60.05
CA GLU S 168 -35.64 -30.41 61.46
C GLU S 168 -37.10 -30.58 61.88
N LYS S 169 -38.01 -29.80 61.29
CA LYS S 169 -39.42 -30.03 61.56
C LYS S 169 -39.92 -31.30 60.88
N ASN S 170 -39.56 -31.53 59.62
CA ASN S 170 -40.02 -32.69 58.87
C ASN S 170 -38.81 -33.40 58.28
N MET S 171 -38.25 -34.34 59.05
CA MET S 171 -37.20 -35.22 58.54
C MET S 171 -37.66 -36.08 57.38
N LEU S 172 -38.93 -36.45 57.34
CA LEU S 172 -39.40 -37.41 56.34
C LEU S 172 -39.39 -36.82 54.94
N TRP S 173 -39.57 -35.51 54.82
CA TRP S 173 -39.57 -34.82 53.54
C TRP S 173 -38.52 -33.71 53.60
N TYR S 174 -37.39 -33.93 52.93
CA TYR S 174 -36.27 -33.01 52.97
C TYR S 174 -35.85 -32.65 51.56
N THR S 175 -35.31 -31.46 51.40
CA THR S 175 -34.88 -30.95 50.10
C THR S 175 -33.47 -30.40 50.22
N VAL S 176 -32.60 -30.81 49.31
CA VAL S 176 -31.26 -30.24 49.26
C VAL S 176 -31.33 -28.83 48.69
N TYR S 177 -30.28 -28.06 48.97
CA TYR S 177 -30.29 -26.67 48.52
C TYR S 177 -29.56 -26.46 47.21
N ASN S 178 -28.48 -27.24 46.96
CA ASN S 178 -27.69 -27.21 45.74
C ASN S 178 -27.11 -25.81 45.49
N ILE S 179 -26.17 -25.44 46.37
CA ILE S 179 -25.73 -24.06 46.53
C ILE S 179 -24.90 -23.53 45.35
N ASN S 180 -24.55 -24.38 44.39
CA ASN S 180 -23.60 -24.01 43.34
C ASN S 180 -24.14 -22.93 42.40
N ASP S 181 -23.21 -22.15 41.85
CA ASP S 181 -23.53 -21.00 41.02
C ASP S 181 -22.56 -20.85 39.84
N PRO S 182 -23.07 -20.45 38.68
CA PRO S 182 -22.16 -20.16 37.56
C PRO S 182 -21.43 -18.83 37.73
N TRP S 183 -22.10 -17.81 38.24
CA TRP S 183 -21.41 -16.59 38.65
C TRP S 183 -20.60 -16.90 39.89
N ASP S 184 -19.28 -16.90 39.75
CA ASP S 184 -18.40 -17.37 40.82
C ASP S 184 -17.32 -16.31 41.10
N GLU S 185 -17.70 -15.32 41.91
CA GLU S 185 -16.70 -14.57 42.64
C GLU S 185 -16.03 -15.46 43.68
N ASN S 186 -16.80 -16.38 44.23
CA ASN S 186 -16.26 -17.38 45.14
C ASN S 186 -15.64 -18.51 44.33
N GLY S 187 -14.52 -19.04 44.80
CA GLY S 187 -13.81 -20.05 44.04
C GLY S 187 -14.53 -21.37 44.03
N TYR S 188 -14.07 -22.24 43.11
CA TYR S 188 -14.72 -23.54 42.94
C TYR S 188 -14.53 -24.43 44.16
N LEU S 189 -13.31 -24.47 44.69
CA LEU S 189 -13.01 -25.37 45.79
C LEU S 189 -13.68 -24.92 47.08
N VAL S 190 -13.72 -23.61 47.31
CA VAL S 190 -14.40 -23.14 48.50
C VAL S 190 -15.92 -23.21 48.35
N THR S 191 -16.47 -23.18 47.13
CA THR S 191 -17.89 -23.53 47.00
C THR S 191 -18.13 -25.01 47.28
N SER S 192 -17.16 -25.87 46.96
CA SER S 192 -17.29 -27.27 47.36
C SER S 192 -17.21 -27.40 48.88
N ILE S 193 -16.41 -26.55 49.53
CA ILE S 193 -16.39 -26.55 50.99
C ILE S 193 -17.73 -26.08 51.56
N ASN S 194 -18.36 -25.11 50.90
CA ASN S 194 -19.68 -24.64 51.31
C ASN S 194 -20.72 -25.76 51.17
N LYS S 195 -20.66 -26.49 50.05
CA LYS S 195 -21.45 -27.71 49.87
C LYS S 195 -21.22 -28.71 51.00
N LEU S 196 -19.97 -28.91 51.39
CA LEU S 196 -19.66 -29.91 52.40
C LEU S 196 -20.20 -29.52 53.77
N VAL S 197 -20.10 -28.23 54.11
CA VAL S 197 -20.60 -27.75 55.39
C VAL S 197 -22.12 -27.88 55.45
N TYR S 198 -22.82 -27.45 54.39
CA TYR S 198 -24.28 -27.54 54.36
C TYR S 198 -24.76 -28.99 54.41
N LEU S 199 -24.12 -29.87 53.64
CA LEU S 199 -24.55 -31.26 53.64
C LEU S 199 -24.22 -31.95 54.96
N GLY S 200 -23.12 -31.59 55.60
CA GLY S 200 -22.80 -32.18 56.89
C GLY S 200 -23.77 -31.76 57.97
N LYS S 201 -24.14 -30.48 57.98
CA LYS S 201 -25.15 -30.00 58.92
C LYS S 201 -26.50 -30.64 58.67
N LEU S 202 -26.88 -30.79 57.39
CA LEU S 202 -28.15 -31.42 57.04
C LEU S 202 -28.19 -32.87 57.49
N PHE S 203 -27.10 -33.61 57.27
CA PHE S 203 -27.03 -35.01 57.64
C PHE S 203 -27.08 -35.20 59.15
N VAL S 204 -26.30 -34.41 59.88
CA VAL S 204 -26.29 -34.58 61.33
C VAL S 204 -27.61 -34.08 61.94
N THR S 205 -28.27 -33.10 61.31
CA THR S 205 -29.54 -32.61 61.84
C THR S 205 -30.64 -33.63 61.63
N LEU S 206 -30.68 -34.26 60.45
CA LEU S 206 -31.67 -35.29 60.19
C LEU S 206 -31.49 -36.49 61.11
N ASN S 207 -30.24 -36.91 61.35
CA ASN S 207 -30.03 -38.07 62.21
C ASN S 207 -30.32 -37.76 63.67
N GLN S 208 -29.98 -36.55 64.13
CA GLN S 208 -30.33 -36.16 65.49
C GLN S 208 -31.83 -36.12 65.71
N SER S 209 -32.57 -35.49 64.79
CA SER S 209 -34.01 -35.37 64.98
C SER S 209 -34.72 -36.71 64.83
N TRP S 210 -34.21 -37.57 63.96
CA TRP S 210 -34.77 -38.91 63.81
C TRP S 210 -34.57 -39.73 65.07
N SER S 211 -33.35 -39.76 65.60
CA SER S 211 -33.08 -40.52 66.82
C SER S 211 -33.83 -39.95 68.01
N LYS S 212 -34.05 -38.62 68.01
CA LYS S 212 -34.84 -37.98 69.06
C LYS S 212 -36.27 -38.48 69.07
N LEU S 213 -36.95 -38.42 67.92
CA LEU S 213 -38.34 -38.85 67.88
C LEU S 213 -38.50 -40.36 68.05
N GLU S 214 -37.54 -41.13 67.56
CA GLU S 214 -37.56 -42.58 67.78
C GLU S 214 -37.41 -42.94 69.25
N LYS S 215 -36.49 -42.28 69.95
CA LYS S 215 -36.31 -42.51 71.38
C LYS S 215 -37.54 -42.09 72.17
N VAL S 216 -38.16 -40.97 71.80
CA VAL S 216 -39.37 -40.50 72.48
C VAL S 216 -40.51 -41.49 72.29
N ALA S 217 -40.71 -41.99 71.06
CA ALA S 217 -41.79 -42.94 70.81
C ALA S 217 -41.57 -44.25 71.56
N MET S 218 -40.33 -44.73 71.61
CA MET S 218 -40.08 -45.99 72.32
C MET S 218 -40.24 -45.82 73.83
N SER S 219 -39.85 -44.66 74.37
CA SER S 219 -40.04 -44.39 75.79
C SER S 219 -41.51 -44.31 76.14
N GLN S 220 -42.32 -43.70 75.28
CA GLN S 220 -43.77 -43.65 75.51
C GLN S 220 -44.40 -45.02 75.42
N ILE S 221 -43.90 -45.87 74.52
CA ILE S 221 -44.41 -47.24 74.43
C ILE S 221 -44.14 -48.02 75.71
N VAL S 222 -42.91 -47.90 76.24
CA VAL S 222 -42.57 -48.61 77.47
C VAL S 222 -43.36 -48.06 78.67
N THR S 223 -43.60 -46.75 78.69
CA THR S 223 -44.36 -46.14 79.78
C THR S 223 -45.82 -46.57 79.75
N THR S 224 -46.44 -46.58 78.56
CA THR S 224 -47.82 -47.05 78.47
C THR S 224 -47.93 -48.54 78.76
N GLN S 225 -46.91 -49.34 78.42
CA GLN S 225 -46.90 -50.74 78.85
C GLN S 225 -46.87 -50.87 80.36
N ASN S 226 -46.06 -50.06 81.03
CA ASN S 226 -45.95 -50.18 82.49
C ASN S 226 -47.26 -49.78 83.18
N HIS S 227 -47.85 -48.65 82.77
CA HIS S 227 -49.12 -48.23 83.35
C HIS S 227 -50.26 -49.19 83.01
N LEU S 228 -50.27 -49.72 81.79
CA LEU S 228 -51.36 -50.60 81.37
C LEU S 228 -51.24 -51.97 82.00
N SER S 229 -50.03 -52.46 82.23
CA SER S 229 -49.88 -53.72 82.96
C SER S 229 -50.21 -53.53 84.44
N GLY S 230 -49.87 -52.36 85.00
CA GLY S 230 -50.27 -52.08 86.37
C GLY S 230 -51.77 -52.02 86.56
N HIS S 231 -52.48 -51.51 85.55
CA HIS S 231 -53.94 -51.49 85.66
C HIS S 231 -54.57 -52.84 85.34
N LEU S 232 -53.95 -53.63 84.45
CA LEU S 232 -54.46 -54.97 84.18
C LEU S 232 -54.06 -56.00 85.22
N ARG S 233 -53.24 -55.62 86.20
CA ARG S 233 -52.66 -56.56 87.16
C ARG S 233 -53.71 -57.31 87.97
N LYS S 234 -54.79 -56.63 88.38
CA LYS S 234 -55.63 -57.14 89.46
C LYS S 234 -56.48 -58.34 89.07
N ASN S 235 -56.84 -58.47 87.80
CA ASN S 235 -57.76 -59.52 87.40
C ASN S 235 -57.01 -60.83 87.20
N GLU S 236 -57.69 -61.93 87.47
CA GLU S 236 -57.11 -63.26 87.35
C GLU S 236 -57.94 -64.17 86.45
N ASN S 237 -58.83 -63.61 85.64
CA ASN S 237 -59.45 -64.39 84.60
C ASN S 237 -58.41 -64.71 83.52
N PHE S 238 -58.68 -65.78 82.76
CA PHE S 238 -57.69 -66.24 81.79
C PHE S 238 -57.49 -65.25 80.65
N ASN S 239 -58.56 -64.61 80.20
CA ASN S 239 -58.45 -63.60 79.14
C ASN S 239 -57.65 -62.41 79.62
N ALA S 240 -57.83 -62.02 80.88
CA ALA S 240 -57.12 -60.88 81.42
C ALA S 240 -55.64 -61.19 81.62
N VAL S 241 -55.31 -62.39 82.11
CA VAL S 241 -53.89 -62.70 82.29
C VAL S 241 -53.22 -62.98 80.95
N TYR S 242 -53.98 -63.46 79.95
CA TYR S 242 -53.41 -63.59 78.61
C TYR S 242 -53.14 -62.22 77.98
N SER S 243 -54.02 -61.25 78.24
CA SER S 243 -53.75 -59.88 77.81
C SER S 243 -52.54 -59.30 78.52
N GLN S 244 -52.36 -59.64 79.80
CA GLN S 244 -51.16 -59.25 80.53
C GLN S 244 -49.91 -59.83 79.89
N ARG S 245 -49.93 -61.13 79.59
CA ARG S 245 -48.74 -61.77 79.04
C ARG S 245 -48.46 -61.36 77.61
N VAL S 246 -49.48 -60.94 76.86
CA VAL S 246 -49.23 -60.41 75.52
C VAL S 246 -48.68 -59.00 75.59
N LEU S 247 -49.33 -58.12 76.33
CA LEU S 247 -48.92 -56.72 76.36
C LEU S 247 -47.76 -56.46 77.31
N GLN S 248 -47.23 -57.51 77.95
CA GLN S 248 -46.05 -57.41 78.78
C GLN S 248 -44.77 -57.69 78.01
N THR S 249 -44.87 -58.22 76.78
CA THR S 249 -43.70 -58.66 76.02
C THR S 249 -42.79 -57.49 75.67
N PRO S 250 -41.47 -57.67 75.70
CA PRO S 250 -40.57 -56.54 75.49
C PRO S 250 -40.57 -56.06 74.04
N LEU S 251 -40.40 -54.75 73.88
CA LEU S 251 -40.51 -54.11 72.58
C LEU S 251 -39.24 -53.33 72.27
N THR S 252 -38.55 -53.75 71.24
CA THR S 252 -37.52 -52.95 70.58
C THR S 252 -38.03 -52.53 69.22
N GLY S 253 -37.22 -51.68 68.56
CA GLY S 253 -37.63 -51.14 67.28
C GLY S 253 -37.69 -52.18 66.17
N GLN S 254 -36.82 -53.18 66.23
CA GLN S 254 -36.92 -54.27 65.27
C GLN S 254 -38.08 -55.20 65.60
N ARG S 255 -38.56 -55.15 66.84
CA ARG S 255 -39.62 -56.01 67.33
C ARG S 255 -41.02 -55.44 67.05
N VAL S 256 -41.12 -54.12 66.90
CA VAL S 256 -42.42 -53.43 66.95
C VAL S 256 -43.33 -53.79 65.77
N GLU S 257 -42.76 -54.17 64.62
CA GLU S 257 -43.59 -54.45 63.45
C GLU S 257 -44.26 -55.82 63.57
N SER S 258 -43.46 -56.82 63.94
CA SER S 258 -44.00 -58.14 64.26
C SER S 258 -44.97 -58.06 65.43
N PHE S 259 -44.70 -57.19 66.40
CA PHE S 259 -45.62 -57.02 67.52
C PHE S 259 -46.92 -56.38 67.09
N LEU S 260 -46.90 -55.53 66.06
CA LEU S 260 -48.15 -54.97 65.55
C LEU S 260 -48.99 -56.04 64.87
N LYS S 261 -48.34 -56.95 64.14
CA LYS S 261 -49.08 -58.09 63.56
C LYS S 261 -49.68 -58.98 64.66
N ILE S 262 -48.86 -59.26 65.69
CA ILE S 262 -49.30 -60.02 66.86
C ILE S 262 -50.49 -59.35 67.55
N ILE S 263 -50.45 -58.03 67.71
CA ILE S 263 -51.49 -57.36 68.46
C ILE S 263 -52.74 -57.16 67.61
N THR S 264 -52.65 -57.29 66.28
CA THR S 264 -53.89 -57.44 65.50
C THR S 264 -54.55 -58.79 65.77
N SER S 265 -53.76 -59.87 65.63
CA SER S 265 -54.29 -61.21 65.85
C SER S 265 -54.72 -61.45 67.30
N ASP S 266 -54.23 -60.64 68.24
CA ASP S 266 -54.72 -60.63 69.61
C ASP S 266 -55.75 -59.53 69.88
N TYR S 267 -55.94 -58.57 68.97
CA TYR S 267 -57.09 -57.68 69.07
C TYR S 267 -58.37 -58.45 68.84
N GLU S 268 -58.27 -59.53 68.08
CA GLU S 268 -59.43 -60.42 67.92
C GLU S 268 -59.98 -60.93 69.27
N ILE S 269 -59.13 -61.11 70.30
CA ILE S 269 -59.59 -61.46 71.63
C ILE S 269 -59.70 -60.24 72.55
N ILE S 270 -58.67 -59.39 72.61
CA ILE S 270 -58.59 -58.43 73.72
C ILE S 270 -59.52 -57.24 73.56
N LYS S 271 -60.30 -57.16 72.48
CA LYS S 271 -61.49 -56.34 72.50
C LYS S 271 -62.52 -56.92 73.46
N SER S 272 -62.71 -58.23 73.40
CA SER S 272 -63.65 -58.90 74.31
C SER S 272 -63.06 -59.19 75.67
N SER S 273 -61.73 -59.25 75.78
CA SER S 273 -61.12 -59.49 77.08
C SER S 273 -61.21 -58.29 77.99
N LEU S 274 -61.37 -57.10 77.45
CA LEU S 274 -61.52 -55.92 78.27
C LEU S 274 -62.99 -55.75 78.63
N GLU S 275 -63.23 -55.42 79.89
CA GLU S 275 -64.57 -55.21 80.42
C GLU S 275 -65.22 -54.00 79.78
N SER T 7 -69.04 -24.18 63.89
CA SER T 7 -69.63 -22.90 63.51
C SER T 7 -69.37 -21.84 64.57
N ILE T 8 -68.07 -21.58 64.82
CA ILE T 8 -67.48 -20.73 65.86
C ILE T 8 -68.24 -20.88 67.18
N PRO T 9 -68.03 -21.98 67.91
CA PRO T 9 -68.90 -22.32 69.04
C PRO T 9 -68.62 -21.45 70.26
N PHE T 10 -69.69 -20.90 70.82
CA PHE T 10 -69.64 -20.00 71.95
C PHE T 10 -70.49 -20.54 73.10
N ALA T 11 -70.04 -20.27 74.32
CA ALA T 11 -70.52 -20.96 75.52
C ALA T 11 -71.99 -20.70 75.86
N TRP T 12 -72.32 -19.46 76.24
CA TRP T 12 -73.71 -19.06 76.53
C TRP T 12 -73.81 -17.58 76.19
N LEU T 13 -74.22 -17.29 74.97
CA LEU T 13 -74.22 -15.93 74.47
C LEU T 13 -75.55 -15.62 73.81
N ASP T 14 -75.85 -14.33 73.71
CA ASP T 14 -76.91 -13.85 72.85
C ASP T 14 -76.44 -13.85 71.41
N ARG T 15 -77.39 -13.86 70.48
CA ARG T 15 -77.03 -13.79 69.06
C ARG T 15 -76.42 -12.44 68.71
N ASP T 16 -76.81 -11.38 69.44
CA ASP T 16 -76.14 -10.09 69.33
C ASP T 16 -74.66 -10.21 69.70
N LYS T 17 -74.36 -10.90 70.80
CA LYS T 17 -72.97 -11.01 71.25
C LYS T 17 -72.15 -11.93 70.35
N VAL T 18 -72.78 -12.97 69.80
CA VAL T 18 -72.14 -13.82 68.81
C VAL T 18 -71.83 -13.01 67.55
N GLN T 19 -72.76 -12.14 67.15
CA GLN T 19 -72.52 -11.26 66.00
C GLN T 19 -71.39 -10.27 66.28
N ARG T 20 -71.31 -9.76 67.51
CA ARG T 20 -70.24 -8.84 67.89
C ARG T 20 -68.87 -9.53 67.84
N LEU T 21 -68.77 -10.73 68.44
CA LEU T 21 -67.49 -11.42 68.47
C LEU T 21 -67.07 -11.91 67.08
N THR T 22 -68.04 -12.38 66.29
CA THR T 22 -67.73 -12.81 64.93
C THR T 22 -67.33 -11.62 64.06
N ASN T 23 -67.98 -10.46 64.26
CA ASN T 23 -67.60 -9.26 63.53
C ASN T 23 -66.22 -8.77 63.95
N PHE T 24 -65.87 -8.94 65.22
CA PHE T 24 -64.52 -8.58 65.68
C PHE T 24 -63.46 -9.49 65.05
N LEU T 25 -63.69 -10.80 65.05
CA LEU T 25 -62.72 -11.71 64.46
C LEU T 25 -62.70 -11.64 62.93
N SER T 26 -63.76 -11.12 62.30
CA SER T 26 -63.73 -10.90 60.86
C SER T 26 -63.01 -9.61 60.49
N ASN T 27 -63.30 -8.52 61.19
CA ASN T 27 -62.72 -7.23 60.88
C ASN T 27 -61.53 -6.89 61.78
N LEU T 28 -60.86 -7.91 62.35
CA LEU T 28 -59.63 -7.70 63.09
C LEU T 28 -58.56 -7.03 62.25
N GLU T 29 -58.42 -7.43 60.99
CA GLU T 29 -57.46 -6.79 60.11
C GLU T 29 -57.95 -5.45 59.58
N ASN T 30 -59.24 -5.15 59.70
CA ASN T 30 -59.78 -3.91 59.15
C ASN T 30 -59.78 -2.78 60.17
N LEU T 31 -60.08 -3.08 61.43
CA LEU T 31 -60.13 -1.97 62.38
C LEU T 31 -58.73 -1.63 62.86
N GLU T 32 -58.56 -0.41 63.33
CA GLU T 32 -57.28 0.02 63.87
C GLU T 32 -57.18 -0.35 65.33
N ASN T 33 -55.97 -0.17 65.88
CA ASN T 33 -55.57 -0.56 67.24
C ASN T 33 -55.88 -2.04 67.47
N VAL T 34 -55.19 -2.89 66.72
CA VAL T 34 -55.41 -4.32 66.76
C VAL T 34 -54.75 -4.86 68.01
N ASP T 35 -55.54 -5.00 69.08
CA ASP T 35 -55.12 -5.51 70.37
C ASP T 35 -56.38 -5.80 71.17
N LEU T 36 -56.41 -6.94 71.85
CA LEU T 36 -57.64 -7.34 72.51
C LEU T 36 -57.86 -6.55 73.79
N ARG T 37 -56.79 -6.10 74.45
CA ARG T 37 -56.96 -5.31 75.66
C ARG T 37 -57.45 -3.90 75.37
N GLU T 38 -57.33 -3.43 74.13
CA GLU T 38 -57.74 -2.07 73.79
C GLU T 38 -59.23 -1.94 73.57
N HIS T 39 -59.96 -3.05 73.42
CA HIS T 39 -61.40 -3.00 73.22
C HIS T 39 -62.10 -3.60 74.43
N PRO T 40 -62.59 -2.79 75.36
CA PRO T 40 -63.26 -3.35 76.55
C PRO T 40 -64.67 -3.82 76.25
N TYR T 41 -65.28 -3.28 75.18
CA TYR T 41 -66.64 -3.66 74.83
C TYR T 41 -66.71 -5.10 74.30
N VAL T 42 -65.61 -5.60 73.73
CA VAL T 42 -65.53 -7.02 73.40
C VAL T 42 -65.48 -7.85 74.67
N THR T 43 -64.66 -7.42 75.64
CA THR T 43 -64.57 -8.10 76.93
C THR T 43 -65.88 -7.99 77.69
N ASN T 44 -66.58 -6.86 77.57
CA ASN T 44 -67.89 -6.71 78.18
C ASN T 44 -68.94 -7.57 77.47
N SER T 45 -68.78 -7.80 76.18
CA SER T 45 -69.70 -8.68 75.47
C SER T 45 -69.40 -10.15 75.72
N CYS T 46 -68.21 -10.46 76.22
CA CYS T 46 -67.85 -11.83 76.56
C CYS T 46 -68.52 -12.32 77.85
N VAL T 47 -69.20 -11.46 78.59
CA VAL T 47 -69.81 -11.86 79.86
C VAL T 47 -71.06 -12.72 79.59
N VAL T 48 -71.45 -13.51 80.59
CA VAL T 48 -72.59 -14.41 80.48
C VAL T 48 -73.74 -13.82 81.30
N ARG T 49 -74.97 -14.21 80.95
CA ARG T 49 -76.16 -13.75 81.65
C ARG T 49 -76.26 -14.35 83.06
N GLU T 50 -77.34 -13.96 83.76
CA GLU T 50 -77.72 -14.42 85.11
C GLU T 50 -76.64 -14.14 86.16
N GLY T 51 -75.86 -13.08 85.97
CA GLY T 51 -75.08 -12.52 87.07
C GLY T 51 -73.84 -13.32 87.45
N GLU T 52 -73.36 -13.01 88.66
CA GLU T 52 -72.03 -13.44 89.08
C GLU T 52 -71.95 -14.93 89.40
N ASP T 53 -73.07 -15.54 89.81
CA ASP T 53 -73.06 -16.97 90.12
C ASP T 53 -72.83 -17.80 88.86
N VAL T 54 -73.33 -17.33 87.72
CA VAL T 54 -73.04 -17.97 86.44
C VAL T 54 -71.68 -17.53 85.91
N ASP T 55 -71.35 -16.24 86.11
CA ASP T 55 -70.14 -15.68 85.54
C ASP T 55 -68.87 -16.27 86.14
N GLU T 56 -68.89 -16.54 87.46
CA GLU T 56 -67.72 -17.04 88.17
C GLU T 56 -67.27 -18.41 87.68
N LEU T 57 -68.17 -19.19 87.08
CA LEU T 57 -67.81 -20.45 86.47
C LEU T 57 -67.63 -20.34 84.96
N LYS T 58 -68.40 -19.48 84.28
CA LYS T 58 -68.48 -19.57 82.83
C LYS T 58 -67.78 -18.47 82.06
N THR T 59 -67.50 -17.31 82.67
CA THR T 59 -66.75 -16.28 81.96
C THR T 59 -65.29 -16.66 81.80
N LEU T 60 -64.76 -17.49 82.70
CA LEU T 60 -63.41 -18.01 82.53
C LEU T 60 -63.33 -18.86 81.27
N TYR T 61 -64.30 -19.76 81.07
CA TYR T 61 -64.34 -20.55 79.85
C TYR T 61 -64.65 -19.71 78.62
N ASN T 62 -65.42 -18.64 78.78
CA ASN T 62 -65.77 -17.80 77.63
C ASN T 62 -64.56 -17.01 77.15
N THR T 63 -63.82 -16.41 78.08
CA THR T 63 -62.56 -15.75 77.73
C THR T 63 -61.51 -16.75 77.25
N PHE T 64 -61.53 -17.97 77.79
CA PHE T 64 -60.63 -19.02 77.32
C PHE T 64 -60.97 -19.44 75.90
N ILE T 65 -62.24 -19.34 75.50
CA ILE T 65 -62.58 -19.48 74.09
C ILE T 65 -62.01 -18.31 73.29
N LEU T 66 -62.23 -17.08 73.78
CA LEU T 66 -62.02 -15.91 72.94
C LEU T 66 -60.53 -15.64 72.72
N TRP T 67 -59.69 -15.87 73.74
CA TRP T 67 -58.26 -15.67 73.55
C TRP T 67 -57.65 -16.71 72.61
N LEU T 68 -58.11 -17.97 72.69
CA LEU T 68 -57.68 -18.99 71.74
C LEU T 68 -58.08 -18.65 70.31
N MET T 69 -59.32 -18.19 70.13
CA MET T 69 -59.79 -17.87 68.78
C MET T 69 -59.09 -16.63 68.24
N TYR T 70 -58.81 -15.66 69.11
CA TYR T 70 -58.05 -14.48 68.72
C TYR T 70 -56.64 -14.85 68.29
N HIS T 71 -55.98 -15.71 69.06
CA HIS T 71 -54.63 -16.13 68.71
C HIS T 71 -54.61 -16.92 67.41
N TYR T 72 -55.63 -17.75 67.19
CA TYR T 72 -55.70 -18.51 65.95
C TYR T 72 -55.91 -17.62 64.73
N VAL T 73 -56.85 -16.67 64.80
CA VAL T 73 -57.08 -15.81 63.64
C VAL T 73 -55.90 -14.86 63.44
N LEU T 74 -55.27 -14.45 64.54
CA LEU T 74 -54.10 -13.59 64.44
C LEU T 74 -52.95 -14.34 63.75
N SER T 75 -52.76 -15.59 64.15
CA SER T 75 -51.70 -16.44 63.60
C SER T 75 -51.92 -16.76 62.12
N LYS T 76 -53.17 -17.07 61.78
CA LYS T 76 -53.57 -17.37 60.42
C LYS T 76 -53.47 -16.16 59.51
N ARG T 77 -53.92 -14.99 59.97
CA ARG T 77 -53.92 -13.79 59.16
C ARG T 77 -52.62 -13.00 59.27
N LYS T 78 -51.55 -13.61 59.77
CA LYS T 78 -50.20 -13.06 59.63
C LYS T 78 -49.85 -12.79 58.17
N PRO T 79 -49.53 -11.55 57.80
CA PRO T 79 -49.05 -11.28 56.45
C PRO T 79 -47.59 -11.68 56.30
N ASP T 80 -47.17 -11.81 55.04
CA ASP T 80 -45.79 -12.17 54.76
C ASP T 80 -44.90 -10.95 55.00
N TYR T 81 -43.95 -11.09 55.92
CA TYR T 81 -42.99 -10.04 56.21
C TYR T 81 -41.71 -10.17 55.39
N ASN T 82 -41.68 -11.09 54.42
CA ASN T 82 -40.51 -11.22 53.57
C ASN T 82 -40.60 -10.38 52.32
N ALA T 83 -41.80 -9.96 51.92
CA ALA T 83 -41.93 -9.10 50.75
C ALA T 83 -41.35 -7.71 51.01
N ILE T 84 -41.35 -7.27 52.27
CA ILE T 84 -40.71 -5.99 52.56
C ILE T 84 -39.20 -6.16 52.73
N TRP T 85 -38.74 -7.32 53.21
CA TRP T 85 -37.31 -7.55 53.34
C TRP T 85 -36.66 -7.83 52.00
N GLN T 86 -37.45 -8.26 51.01
CA GLN T 86 -36.95 -8.39 49.65
C GLN T 86 -36.57 -7.02 49.09
N ASP T 87 -37.39 -6.00 49.33
CA ASP T 87 -37.02 -4.64 48.93
C ASP T 87 -35.89 -4.08 49.79
N ILE T 88 -35.83 -4.47 51.07
CA ILE T 88 -34.70 -4.06 51.91
C ILE T 88 -33.38 -4.61 51.36
N THR T 89 -33.37 -5.88 50.96
CA THR T 89 -32.17 -6.44 50.35
C THR T 89 -31.91 -5.88 48.96
N LYS T 90 -32.96 -5.49 48.23
CA LYS T 90 -32.78 -4.88 46.92
C LYS T 90 -32.11 -3.52 47.05
N LEU T 91 -32.45 -2.76 48.08
CA LEU T 91 -31.73 -1.52 48.36
C LEU T 91 -30.33 -1.80 48.88
N GLN T 92 -30.22 -2.69 49.87
CA GLN T 92 -28.99 -2.87 50.64
C GLN T 92 -27.90 -3.51 49.78
N ASN T 93 -28.28 -4.43 48.89
CA ASN T 93 -27.29 -5.09 48.05
C ASN T 93 -26.89 -4.19 46.88
N VAL T 94 -27.87 -3.65 46.16
CA VAL T 94 -27.58 -3.03 44.88
C VAL T 94 -27.13 -1.58 45.02
N VAL T 95 -27.58 -0.86 46.04
CA VAL T 95 -27.18 0.53 46.14
C VAL T 95 -25.86 0.66 46.87
N ASN T 96 -25.81 0.20 48.11
CA ASN T 96 -24.76 0.65 49.01
C ASN T 96 -23.41 -0.01 48.71
N GLU T 97 -23.42 -1.32 48.41
CA GLU T 97 -22.18 -2.01 48.08
C GLU T 97 -21.57 -1.47 46.80
N TYR T 98 -22.39 -1.27 45.76
CA TYR T 98 -21.88 -0.74 44.51
C TYR T 98 -21.47 0.72 44.64
N LEU T 99 -22.15 1.48 45.49
CA LEU T 99 -21.73 2.86 45.75
C LEU T 99 -20.38 2.90 46.42
N LYS T 100 -20.15 2.02 47.39
CA LYS T 100 -18.87 2.02 48.08
C LYS T 100 -17.75 1.53 47.18
N SER T 101 -18.04 0.55 46.32
CA SER T 101 -17.02 0.06 45.39
C SER T 101 -16.70 1.08 44.31
N LYS T 102 -17.67 1.91 43.92
CA LYS T 102 -17.38 2.96 42.94
C LYS T 102 -16.66 4.14 43.59
N GLY T 103 -17.26 4.73 44.61
CA GLY T 103 -16.71 5.88 45.29
C GLY T 103 -15.63 5.60 46.31
N LEU T 104 -15.07 4.39 46.30
CA LEU T 104 -13.82 4.04 47.00
C LEU T 104 -13.99 4.18 48.51
N ASN T 105 -15.05 3.54 49.02
CA ASN T 105 -15.33 3.53 50.45
C ASN T 105 -14.94 2.18 51.07
N LYS T 106 -14.01 1.48 50.42
CA LYS T 106 -13.29 0.26 50.87
C LYS T 106 -14.20 -0.86 51.36
N GLY T 107 -15.48 -0.87 50.98
CA GLY T 107 -16.41 -1.96 51.24
C GLY T 107 -16.68 -2.31 52.70
N ASN T 108 -17.33 -1.40 53.42
CA ASN T 108 -17.65 -1.65 54.83
C ASN T 108 -18.80 -2.63 54.96
N PHE T 109 -18.57 -3.73 55.68
CA PHE T 109 -19.52 -4.83 55.80
C PHE T 109 -20.61 -4.59 56.85
N GLU T 110 -20.83 -3.35 57.28
CA GLU T 110 -21.77 -3.07 58.37
C GLU T 110 -23.21 -3.37 57.97
N ASN T 111 -23.54 -3.22 56.68
CA ASN T 111 -24.84 -3.69 56.20
C ASN T 111 -24.93 -5.20 56.28
N MET T 112 -23.85 -5.90 55.96
CA MET T 112 -23.78 -7.35 55.99
C MET T 112 -23.49 -7.91 57.37
N PHE T 113 -23.48 -7.05 58.40
CA PHE T 113 -23.43 -7.51 59.79
C PHE T 113 -24.72 -8.23 60.18
N THR T 114 -25.82 -7.98 59.47
CA THR T 114 -27.07 -8.69 59.72
C THR T 114 -26.95 -10.16 59.32
N ASN T 115 -26.55 -10.42 58.07
CA ASN T 115 -26.31 -11.72 57.43
C ASN T 115 -27.59 -12.50 57.16
N LYS T 116 -28.71 -12.03 57.70
CA LYS T 116 -30.02 -12.65 57.70
C LYS T 116 -30.96 -11.69 58.40
N GLU T 117 -32.26 -11.91 58.23
CA GLU T 117 -33.27 -11.08 58.87
C GLU T 117 -33.58 -11.55 60.29
N LYS T 118 -32.52 -11.82 61.07
CA LYS T 118 -32.67 -12.24 62.45
C LYS T 118 -32.12 -11.22 63.43
N PHE T 119 -31.23 -10.33 62.99
CA PHE T 119 -30.65 -9.34 63.88
C PHE T 119 -31.54 -8.11 63.89
N GLU T 120 -32.51 -8.11 64.80
CA GLU T 120 -33.25 -6.92 65.17
C GLU T 120 -32.52 -6.12 66.24
N SER T 121 -31.35 -6.59 66.66
CA SER T 121 -30.40 -5.77 67.39
C SER T 121 -29.42 -5.15 66.42
N GLN T 122 -28.79 -4.06 66.85
CA GLN T 122 -27.74 -3.31 66.14
C GLN T 122 -28.23 -2.66 64.86
N PHE T 123 -29.53 -2.75 64.56
CA PHE T 123 -30.08 -2.09 63.38
C PHE T 123 -30.02 -0.59 63.54
N SER T 124 -30.11 -0.10 64.78
CA SER T 124 -30.02 1.34 65.03
C SER T 124 -28.63 1.86 64.73
N ASP T 125 -27.60 1.06 65.04
CA ASP T 125 -26.24 1.43 64.67
C ASP T 125 -26.04 1.37 63.16
N ILE T 126 -26.66 0.39 62.52
CA ILE T 126 -26.66 0.32 61.05
C ILE T 126 -27.31 1.56 60.45
N HIS T 127 -28.44 1.99 61.03
CA HIS T 127 -29.12 3.18 60.53
C HIS T 127 -28.32 4.44 60.81
N ARG T 128 -27.62 4.51 61.94
CA ARG T 128 -26.78 5.68 62.21
C ARG T 128 -25.61 5.76 61.23
N ALA T 129 -25.03 4.61 60.88
CA ALA T 129 -24.01 4.58 59.84
C ALA T 129 -24.60 5.00 58.48
N LEU T 130 -25.83 4.57 58.20
CA LEU T 130 -26.49 4.99 56.96
C LEU T 130 -26.79 6.48 56.94
N LEU T 131 -27.12 7.07 58.09
CA LEU T 131 -27.39 8.50 58.14
C LEU T 131 -26.11 9.30 57.98
N ARG T 132 -24.99 8.81 58.53
CA ARG T 132 -23.71 9.47 58.30
C ARG T 132 -23.30 9.39 56.84
N LEU T 133 -23.51 8.23 56.21
CA LEU T 133 -23.23 8.10 54.78
C LEU T 133 -24.14 8.99 53.94
N GLY T 134 -25.41 9.13 54.35
CA GLY T 134 -26.32 9.97 53.61
C GLY T 134 -25.96 11.44 53.69
N ASN T 135 -25.56 11.90 54.88
CA ASN T 135 -25.07 13.26 55.01
C ASN T 135 -23.79 13.47 54.22
N SER T 136 -22.89 12.50 54.22
CA SER T 136 -21.62 12.71 53.52
C SER T 136 -21.79 12.65 52.00
N ILE T 137 -22.78 11.88 51.53
CA ILE T 137 -23.11 11.89 50.10
C ILE T 137 -23.78 13.20 49.72
N ARG T 138 -24.67 13.71 50.56
CA ARG T 138 -25.42 14.92 50.19
C ARG T 138 -24.56 16.18 50.27
N TRP T 139 -23.77 16.34 51.33
CA TRP T 139 -22.78 17.41 51.43
C TRP T 139 -21.46 16.75 51.78
N GLY T 140 -20.43 16.97 50.95
CA GLY T 140 -19.31 16.08 50.88
C GLY T 140 -18.48 15.92 52.15
N SER T 141 -18.48 16.93 53.02
CA SER T 141 -17.54 16.96 54.13
C SER T 141 -18.22 17.06 55.49
N ASN T 142 -19.41 16.50 55.64
CA ASN T 142 -20.20 16.75 56.85
C ASN T 142 -19.59 16.13 58.10
N VAL T 143 -19.84 16.77 59.22
CA VAL T 143 -19.74 16.15 60.54
C VAL T 143 -21.08 15.46 60.75
N PRO T 144 -21.20 14.50 61.68
CA PRO T 144 -22.53 13.95 61.99
C PRO T 144 -23.46 15.01 62.57
N ILE T 145 -24.67 15.05 62.05
CA ILE T 145 -25.71 15.98 62.50
C ILE T 145 -26.89 15.15 63.01
N ASP T 146 -27.79 15.82 63.72
CA ASP T 146 -28.80 15.16 64.57
C ASP T 146 -30.18 15.10 63.94
N THR T 147 -30.26 14.85 62.62
CA THR T 147 -31.57 14.69 62.02
C THR T 147 -31.95 13.20 61.94
N PRO T 148 -33.23 12.86 62.12
CA PRO T 148 -33.60 11.43 62.07
C PRO T 148 -33.64 10.86 60.67
N TYR T 149 -33.86 11.67 59.65
CA TYR T 149 -33.82 11.22 58.26
C TYR T 149 -32.93 12.17 57.47
N VAL T 150 -31.93 11.61 56.80
CA VAL T 150 -30.96 12.41 56.08
C VAL T 150 -31.32 12.53 54.61
N ASN T 151 -32.57 12.24 54.25
CA ASN T 151 -33.07 12.54 52.94
C ASN T 151 -33.50 14.00 52.81
N LEU T 152 -33.19 14.82 53.83
CA LEU T 152 -33.45 16.25 53.87
C LEU T 152 -34.96 16.50 53.80
N THR T 153 -35.69 15.85 54.71
CA THR T 153 -37.13 15.72 54.63
C THR T 153 -37.75 16.11 55.96
N ALA T 154 -38.83 16.90 55.91
CA ALA T 154 -39.52 17.28 57.14
C ALA T 154 -40.98 16.84 57.21
N GLU T 155 -41.77 17.23 56.22
CA GLU T 155 -43.21 16.99 56.28
C GLU T 155 -43.54 15.54 55.97
N ASP T 156 -42.79 14.93 55.06
CA ASP T 156 -42.94 13.50 54.84
C ASP T 156 -42.30 12.72 55.98
N SER T 157 -41.38 13.32 56.72
CA SER T 157 -40.92 12.68 57.96
C SER T 157 -42.04 12.63 58.98
N SER T 158 -42.84 13.68 59.07
CA SER T 158 -44.02 13.64 59.94
C SER T 158 -45.03 12.61 59.46
N GLU T 159 -45.22 12.52 58.14
CA GLU T 159 -46.09 11.50 57.57
C GLU T 159 -45.56 10.09 57.81
N ILE T 160 -44.23 9.93 57.79
CA ILE T 160 -43.59 8.66 58.07
C ILE T 160 -43.78 8.24 59.52
N GLU T 161 -43.68 9.21 60.44
CA GLU T 161 -43.98 8.93 61.85
C GLU T 161 -45.43 8.51 62.03
N ASN T 162 -46.35 9.18 61.31
CA ASN T 162 -47.75 8.77 61.30
C ASN T 162 -47.93 7.36 60.76
N ASN T 163 -47.18 7.01 59.71
CA ASN T 163 -47.29 5.68 59.12
C ASN T 163 -46.75 4.61 60.05
N LEU T 164 -45.69 4.92 60.78
CA LEU T 164 -45.15 3.95 61.74
C LEU T 164 -46.09 3.75 62.90
N GLN T 165 -46.78 4.81 63.33
CA GLN T 165 -47.82 4.64 64.35
C GLN T 165 -48.98 3.80 63.82
N ASP T 166 -49.33 3.97 62.55
CA ASP T 166 -50.39 3.16 61.96
C ASP T 166 -49.98 1.69 61.85
N ALA T 167 -48.70 1.43 61.60
CA ALA T 167 -48.22 0.06 61.55
C ALA T 167 -48.18 -0.57 62.94
N GLU T 168 -47.79 0.23 63.96
CA GLU T 168 -47.85 -0.22 65.35
C GLU T 168 -49.27 -0.59 65.76
N LYS T 169 -50.25 0.18 65.30
CA LYS T 169 -51.63 -0.14 65.62
C LYS T 169 -52.11 -1.38 64.86
N ASN T 170 -51.81 -1.46 63.57
CA ASN T 170 -52.25 -2.58 62.74
C ASN T 170 -51.06 -3.14 61.98
N MET T 171 -50.32 -4.05 62.62
CA MET T 171 -49.30 -4.84 61.92
C MET T 171 -49.88 -5.92 61.02
N LEU T 172 -51.20 -6.16 61.05
CA LEU T 172 -51.78 -7.10 60.10
C LEU T 172 -51.90 -6.51 58.71
N TRP T 173 -52.13 -5.20 58.62
CA TRP T 173 -52.33 -4.53 57.34
C TRP T 173 -51.48 -3.26 57.31
N TYR T 174 -50.53 -3.21 56.37
CA TYR T 174 -49.47 -2.22 56.40
C TYR T 174 -49.31 -1.58 55.03
N THR T 175 -48.60 -0.45 55.00
CA THR T 175 -48.36 0.31 53.78
C THR T 175 -46.92 0.76 53.73
N VAL T 176 -46.44 1.00 52.50
CA VAL T 176 -45.12 1.56 52.23
C VAL T 176 -45.34 2.90 51.57
N TYR T 177 -44.63 3.94 52.01
CA TYR T 177 -45.11 5.26 51.64
C TYR T 177 -44.73 5.70 50.22
N ASN T 178 -43.50 6.20 50.01
CA ASN T 178 -43.03 6.75 48.73
C ASN T 178 -41.61 7.33 48.74
N ILE T 179 -41.19 7.76 47.56
CA ILE T 179 -40.19 8.80 47.34
C ILE T 179 -40.76 9.81 46.36
N ASN T 180 -40.27 11.04 46.43
CA ASN T 180 -40.75 12.11 45.57
C ASN T 180 -39.60 12.96 45.04
N ASP T 181 -39.76 13.44 43.82
CA ASP T 181 -38.74 14.31 43.23
C ASP T 181 -39.16 15.62 42.53
N PRO T 182 -39.99 16.49 43.13
CA PRO T 182 -39.84 17.91 42.75
C PRO T 182 -38.52 18.49 43.22
N TRP T 183 -38.08 18.08 44.40
CA TRP T 183 -36.83 18.52 45.01
C TRP T 183 -35.76 17.45 44.75
N ASP T 184 -34.84 17.75 43.84
CA ASP T 184 -33.83 16.80 43.36
C ASP T 184 -32.47 17.17 43.90
N GLU T 185 -31.89 16.28 44.70
CA GLU T 185 -30.57 16.47 45.26
C GLU T 185 -29.64 15.32 44.92
N ASN T 186 -30.01 14.10 45.31
CA ASN T 186 -29.38 12.88 44.84
C ASN T 186 -30.50 11.88 44.59
N GLY T 187 -30.55 11.33 43.39
CA GLY T 187 -31.73 10.61 43.02
C GLY T 187 -31.74 9.14 43.36
N TYR T 188 -30.77 8.39 42.84
CA TYR T 188 -30.71 6.98 43.14
C TYR T 188 -30.16 6.72 44.53
N LEU T 189 -29.47 7.71 45.11
CA LEU T 189 -28.62 7.47 46.27
C LEU T 189 -29.31 7.78 47.59
N VAL T 190 -29.63 9.04 47.84
CA VAL T 190 -30.14 9.40 49.17
C VAL T 190 -31.61 9.08 49.30
N THR T 191 -32.33 8.92 48.19
CA THR T 191 -33.70 8.44 48.28
C THR T 191 -33.73 6.95 48.58
N SER T 192 -32.75 6.20 48.08
CA SER T 192 -32.61 4.81 48.49
C SER T 192 -32.17 4.71 49.94
N ILE T 193 -31.41 5.68 50.44
CA ILE T 193 -31.09 5.68 51.86
C ILE T 193 -32.34 5.96 52.70
N ASN T 194 -33.21 6.87 52.23
CA ASN T 194 -34.51 7.08 52.88
C ASN T 194 -35.34 5.80 52.90
N LYS T 195 -35.46 5.15 51.75
CA LYS T 195 -36.27 3.93 51.68
C LYS T 195 -35.68 2.83 52.52
N LEU T 196 -34.35 2.74 52.63
CA LEU T 196 -33.75 1.70 53.44
C LEU T 196 -33.95 1.96 54.93
N VAL T 197 -33.83 3.22 55.36
CA VAL T 197 -34.05 3.54 56.77
C VAL T 197 -35.51 3.35 57.14
N TYR T 198 -36.43 3.84 56.32
CA TYR T 198 -37.86 3.70 56.60
C TYR T 198 -38.30 2.24 56.56
N LEU T 199 -37.77 1.47 55.62
CA LEU T 199 -38.15 0.05 55.56
C LEU T 199 -37.53 -0.75 56.69
N GLY T 200 -36.34 -0.36 57.16
CA GLY T 200 -35.77 -1.03 58.31
C GLY T 200 -36.55 -0.77 59.58
N LYS T 201 -36.95 0.48 59.79
CA LYS T 201 -37.75 0.80 60.96
C LYS T 201 -39.14 0.17 60.88
N LEU T 202 -39.73 0.12 59.68
CA LEU T 202 -41.01 -0.52 59.48
C LEU T 202 -40.94 -2.02 59.75
N PHE T 203 -39.87 -2.66 59.27
CA PHE T 203 -39.71 -4.10 59.43
C PHE T 203 -39.52 -4.49 60.89
N VAL T 204 -38.65 -3.75 61.61
CA VAL T 204 -38.44 -4.08 63.01
C VAL T 204 -39.67 -3.74 63.85
N THR T 205 -40.44 -2.71 63.44
CA THR T 205 -41.68 -2.38 64.14
C THR T 205 -42.72 -3.47 63.98
N LEU T 206 -42.89 -3.96 62.75
CA LEU T 206 -43.84 -5.05 62.50
C LEU T 206 -43.47 -6.31 63.27
N ASN T 207 -42.19 -6.67 63.28
CA ASN T 207 -41.80 -7.90 63.96
C ASN T 207 -41.91 -7.79 65.48
N GLN T 208 -41.50 -6.64 66.05
CA GLN T 208 -41.57 -6.50 67.49
C GLN T 208 -43.02 -6.41 67.99
N SER T 209 -43.89 -5.69 67.25
CA SER T 209 -45.28 -5.63 67.66
C SER T 209 -46.00 -6.96 67.47
N TRP T 210 -45.59 -7.74 66.46
CA TRP T 210 -46.14 -9.07 66.26
C TRP T 210 -45.80 -9.99 67.43
N SER T 211 -44.51 -10.03 67.80
CA SER T 211 -44.10 -10.85 68.93
C SER T 211 -44.73 -10.36 70.23
N LYS T 212 -44.97 -9.05 70.34
CA LYS T 212 -45.66 -8.49 71.50
C LYS T 212 -47.08 -9.03 71.62
N LEU T 213 -47.85 -8.98 70.53
CA LEU T 213 -49.22 -9.49 70.59
C LEU T 213 -49.27 -10.99 70.79
N GLU T 214 -48.33 -11.73 70.18
CA GLU T 214 -48.32 -13.18 70.33
C GLU T 214 -47.98 -13.58 71.76
N LYS T 215 -47.04 -12.88 72.39
CA LYS T 215 -46.68 -13.17 73.78
C LYS T 215 -47.81 -12.81 74.73
N VAL T 216 -48.48 -11.67 74.48
CA VAL T 216 -49.62 -11.28 75.31
C VAL T 216 -50.76 -12.29 75.20
N ALA T 217 -51.06 -12.74 73.97
CA ALA T 217 -52.16 -13.69 73.76
C ALA T 217 -51.86 -15.03 74.42
N MET T 218 -50.64 -15.55 74.27
CA MET T 218 -50.32 -16.83 74.88
C MET T 218 -50.25 -16.75 76.39
N SER T 219 -49.78 -15.62 76.93
CA SER T 219 -49.77 -15.44 78.37
C SER T 219 -51.18 -15.44 78.95
N GLN T 220 -52.11 -14.76 78.27
CA GLN T 220 -53.50 -14.76 78.72
C GLN T 220 -54.14 -16.15 78.59
N ILE T 221 -53.76 -16.90 77.55
CA ILE T 221 -54.30 -18.25 77.39
C ILE T 221 -53.84 -19.18 78.51
N VAL T 222 -52.55 -19.10 78.88
CA VAL T 222 -52.03 -19.93 79.97
C VAL T 222 -52.64 -19.50 81.31
N THR T 223 -52.87 -18.20 81.49
CA THR T 223 -53.50 -17.71 82.71
C THR T 223 -54.94 -18.21 82.83
N THR T 224 -55.69 -18.19 81.73
CA THR T 224 -57.05 -18.72 81.76
C THR T 224 -57.09 -20.23 81.90
N GLN T 225 -56.08 -20.95 81.37
CA GLN T 225 -55.91 -22.37 81.68
C GLN T 225 -55.81 -22.61 83.17
N ASN T 226 -54.96 -21.83 83.84
CA ASN T 226 -54.71 -22.02 85.27
C ASN T 226 -55.95 -21.73 86.09
N HIS T 227 -56.61 -20.59 85.82
CA HIS T 227 -57.79 -20.24 86.60
C HIS T 227 -58.97 -21.17 86.32
N LEU T 228 -59.16 -21.56 85.06
CA LEU T 228 -60.30 -22.41 84.72
C LEU T 228 -60.11 -23.83 85.25
N SER T 229 -58.89 -24.35 85.21
CA SER T 229 -58.64 -25.67 85.80
C SER T 229 -58.68 -25.62 87.33
N GLY T 230 -58.31 -24.48 87.92
CA GLY T 230 -58.47 -24.35 89.36
C GLY T 230 -59.92 -24.31 89.79
N HIS T 231 -60.78 -23.69 88.97
CA HIS T 231 -62.21 -23.69 89.30
C HIS T 231 -62.84 -25.06 89.05
N LEU T 232 -62.45 -25.73 87.98
CA LEU T 232 -63.02 -27.04 87.66
C LEU T 232 -62.27 -28.20 88.28
N ARG T 233 -61.34 -27.92 89.19
CA ARG T 233 -60.65 -29.01 89.89
C ARG T 233 -61.58 -29.73 90.88
N LYS T 234 -62.61 -29.03 91.38
CA LYS T 234 -63.36 -29.54 92.53
C LYS T 234 -64.26 -30.71 92.17
N ASN T 235 -64.92 -30.66 91.01
CA ASN T 235 -65.94 -31.65 90.68
C ASN T 235 -65.29 -32.97 90.27
N GLU T 236 -65.77 -34.07 90.87
CA GLU T 236 -65.24 -35.40 90.63
C GLU T 236 -66.13 -36.24 89.72
N ASN T 237 -67.08 -35.61 89.02
CA ASN T 237 -68.00 -36.36 88.17
C ASN T 237 -67.30 -36.83 86.91
N PHE T 238 -68.01 -37.68 86.16
CA PHE T 238 -67.43 -38.38 85.00
C PHE T 238 -67.05 -37.42 83.88
N ASN T 239 -68.04 -36.73 83.33
CA ASN T 239 -67.78 -35.77 82.26
C ASN T 239 -67.07 -34.53 82.78
N ALA T 240 -67.18 -34.24 84.09
CA ALA T 240 -66.44 -33.14 84.69
C ALA T 240 -64.92 -33.39 84.64
N VAL T 241 -64.48 -34.56 85.08
CA VAL T 241 -63.04 -34.81 84.99
C VAL T 241 -62.62 -35.21 83.59
N TYR T 242 -63.56 -35.61 82.74
CA TYR T 242 -63.28 -35.68 81.30
C TYR T 242 -62.97 -34.30 80.75
N SER T 243 -63.74 -33.29 81.18
CA SER T 243 -63.43 -31.90 80.83
C SER T 243 -62.12 -31.45 81.44
N GLN T 244 -61.77 -31.95 82.63
CA GLN T 244 -60.48 -31.63 83.23
C GLN T 244 -59.33 -32.16 82.39
N ARG T 245 -59.43 -33.43 81.96
CA ARG T 245 -58.38 -34.02 81.15
C ARG T 245 -58.32 -33.44 79.75
N VAL T 246 -59.43 -32.89 79.24
CA VAL T 246 -59.35 -32.16 77.97
C VAL T 246 -58.71 -30.79 78.16
N LEU T 247 -59.20 -30.02 79.12
CA LEU T 247 -58.81 -28.63 79.29
C LEU T 247 -57.52 -28.46 80.10
N GLN T 248 -56.89 -29.54 80.53
CA GLN T 248 -55.64 -29.46 81.26
C GLN T 248 -54.42 -29.43 80.34
N THR T 249 -54.61 -29.67 79.04
CA THR T 249 -53.48 -29.90 78.13
C THR T 249 -52.70 -28.61 77.86
N PRO T 250 -51.38 -28.63 78.00
CA PRO T 250 -50.57 -27.41 77.75
C PRO T 250 -50.49 -27.07 76.27
N LEU T 251 -50.32 -25.78 75.98
CA LEU T 251 -50.41 -25.26 74.62
C LEU T 251 -49.20 -24.41 74.27
N THR T 252 -48.85 -24.43 72.99
CA THR T 252 -47.87 -23.54 72.38
C THR T 252 -48.53 -22.83 71.20
N GLY T 253 -47.72 -22.13 70.41
CA GLY T 253 -48.25 -21.35 69.29
C GLY T 253 -48.78 -22.19 68.15
N GLN T 254 -48.42 -23.47 68.08
CA GLN T 254 -48.89 -24.32 66.99
C GLN T 254 -49.78 -25.46 67.47
N ARG T 255 -49.86 -25.69 68.79
CA ARG T 255 -50.84 -26.64 69.33
C ARG T 255 -52.25 -26.08 69.26
N VAL T 256 -52.36 -24.74 69.20
CA VAL T 256 -53.62 -24.04 69.48
C VAL T 256 -54.67 -24.33 68.41
N GLU T 257 -54.26 -24.56 67.17
CA GLU T 257 -55.21 -24.86 66.09
C GLU T 257 -55.92 -26.18 66.32
N SER T 258 -55.12 -27.22 66.57
CA SER T 258 -55.67 -28.53 66.86
C SER T 258 -56.44 -28.53 68.16
N PHE T 259 -56.01 -27.75 69.15
CA PHE T 259 -56.75 -27.66 70.40
C PHE T 259 -58.07 -26.92 70.21
N LEU T 260 -58.14 -26.02 69.24
CA LEU T 260 -59.42 -25.39 68.91
C LEU T 260 -60.38 -26.40 68.28
N LYS T 261 -59.84 -27.30 67.45
CA LYS T 261 -60.67 -28.38 66.93
C LYS T 261 -61.12 -29.32 68.05
N ILE T 262 -60.22 -29.60 69.00
CA ILE T 262 -60.53 -30.38 70.20
C ILE T 262 -61.64 -29.72 71.00
N ILE T 263 -61.54 -28.40 71.20
CA ILE T 263 -62.48 -27.74 72.09
C ILE T 263 -63.81 -27.50 71.39
N THR T 264 -63.86 -27.52 70.06
CA THR T 264 -65.15 -27.60 69.38
C THR T 264 -65.81 -28.96 69.61
N SER T 265 -65.09 -30.04 69.29
CA SER T 265 -65.64 -31.38 69.41
C SER T 265 -65.93 -31.78 70.85
N ASP T 266 -65.31 -31.12 71.84
CA ASP T 266 -65.62 -31.34 73.24
C ASP T 266 -66.51 -30.25 73.83
N TYR T 267 -66.70 -29.12 73.15
CA TYR T 267 -67.79 -28.21 73.49
C TYR T 267 -69.12 -28.84 73.20
N GLU T 268 -69.13 -29.81 72.27
CA GLU T 268 -70.28 -30.73 72.16
C GLU T 268 -70.71 -31.33 73.50
N ILE T 269 -69.78 -31.70 74.38
CA ILE T 269 -70.13 -32.25 75.68
C ILE T 269 -70.00 -31.24 76.81
N ILE T 270 -68.92 -30.43 76.85
CA ILE T 270 -68.61 -29.69 78.07
C ILE T 270 -69.50 -28.48 78.29
N LYS T 271 -70.41 -28.18 77.36
CA LYS T 271 -71.50 -27.26 77.66
C LYS T 271 -72.40 -27.85 78.74
N SER T 272 -72.80 -29.11 78.57
CA SER T 272 -73.62 -29.78 79.57
C SER T 272 -72.81 -30.17 80.80
N SER T 273 -71.52 -30.46 80.63
CA SER T 273 -70.69 -30.91 81.73
C SER T 273 -70.49 -29.83 82.78
N LEU T 274 -70.49 -28.58 82.37
CA LEU T 274 -70.45 -27.49 83.34
C LEU T 274 -71.75 -27.45 84.15
N GLU T 275 -71.62 -27.20 85.44
CA GLU T 275 -72.75 -27.16 86.34
C GLU T 275 -73.61 -25.93 86.08
N SER U 7 -48.87 168.64 -58.75
CA SER U 7 -49.82 167.57 -59.01
C SER U 7 -50.87 168.02 -60.01
N ILE U 8 -50.59 167.72 -61.28
CA ILE U 8 -51.39 168.08 -62.45
C ILE U 8 -51.61 169.60 -62.52
N PRO U 9 -50.60 170.38 -62.92
CA PRO U 9 -50.82 171.82 -63.17
C PRO U 9 -51.60 172.09 -64.46
N PHE U 10 -51.48 173.34 -64.94
CA PHE U 10 -52.13 173.89 -66.14
C PHE U 10 -53.64 173.75 -66.13
N ALA U 11 -54.24 173.70 -64.93
CA ALA U 11 -55.68 173.44 -64.80
C ALA U 11 -56.49 174.66 -65.21
N TRP U 12 -56.49 174.95 -66.51
CA TRP U 12 -57.30 175.98 -67.10
C TRP U 12 -58.29 175.41 -68.11
N LEU U 13 -58.02 174.21 -68.64
CA LEU U 13 -58.89 173.55 -69.60
C LEU U 13 -60.16 173.05 -68.91
N ASP U 14 -61.01 172.38 -69.68
CA ASP U 14 -62.14 171.70 -69.08
C ASP U 14 -61.66 170.49 -68.28
N ARG U 15 -62.51 170.04 -67.35
CA ARG U 15 -62.17 168.89 -66.52
C ARG U 15 -62.03 167.62 -67.37
N ASP U 16 -62.87 167.49 -68.40
CA ASP U 16 -62.74 166.38 -69.33
C ASP U 16 -61.48 166.47 -70.17
N LYS U 17 -61.05 167.68 -70.53
CA LYS U 17 -59.81 167.86 -71.27
C LYS U 17 -58.60 167.48 -70.43
N VAL U 18 -58.58 167.93 -69.17
CA VAL U 18 -57.49 167.58 -68.27
C VAL U 18 -57.49 166.09 -67.95
N GLN U 19 -58.68 165.49 -67.83
CA GLN U 19 -58.78 164.06 -67.58
C GLN U 19 -58.34 163.26 -68.79
N ARG U 20 -58.59 163.76 -69.99
CA ARG U 20 -58.14 163.07 -71.20
C ARG U 20 -56.63 163.17 -71.36
N LEU U 21 -56.04 164.31 -70.99
CA LEU U 21 -54.59 164.42 -71.04
C LEU U 21 -53.92 163.55 -69.97
N THR U 22 -54.54 163.46 -68.79
CA THR U 22 -54.02 162.59 -67.74
C THR U 22 -54.15 161.12 -68.14
N ASN U 23 -55.25 160.75 -68.79
CA ASN U 23 -55.43 159.40 -69.31
C ASN U 23 -54.39 159.10 -70.39
N PHE U 24 -54.07 160.09 -71.23
CA PHE U 24 -53.05 159.88 -72.25
C PHE U 24 -51.66 159.72 -71.63
N LEU U 25 -51.33 160.53 -70.64
CA LEU U 25 -50.00 160.38 -70.06
C LEU U 25 -49.93 159.23 -69.06
N SER U 26 -51.05 158.58 -68.76
CA SER U 26 -51.01 157.30 -68.09
C SER U 26 -51.00 156.12 -69.06
N ASN U 27 -51.46 156.32 -70.30
CA ASN U 27 -51.47 155.26 -71.31
C ASN U 27 -50.44 155.50 -72.42
N LEU U 28 -49.48 156.40 -72.15
CA LEU U 28 -48.44 156.73 -73.12
C LEU U 28 -47.56 155.52 -73.45
N GLU U 29 -47.21 154.74 -72.43
CA GLU U 29 -46.44 153.52 -72.70
C GLU U 29 -47.30 152.46 -73.38
N ASN U 30 -48.62 152.52 -73.19
CA ASN U 30 -49.49 151.47 -73.69
C ASN U 30 -49.80 151.64 -75.18
N LEU U 31 -50.04 152.88 -75.62
CA LEU U 31 -50.50 153.01 -77.00
C LEU U 31 -49.31 152.94 -77.98
N GLU U 32 -49.64 152.91 -79.27
CA GLU U 32 -48.68 152.75 -80.34
C GLU U 32 -48.29 154.12 -80.91
N ASN U 33 -47.04 154.20 -81.41
CA ASN U 33 -46.47 155.35 -82.13
C ASN U 33 -46.47 156.60 -81.24
N VAL U 34 -45.64 156.54 -80.21
CA VAL U 34 -45.53 157.61 -79.22
C VAL U 34 -44.78 158.80 -79.80
N ASP U 35 -45.52 159.80 -80.29
CA ASP U 35 -44.97 161.09 -80.72
C ASP U 35 -46.12 162.08 -80.86
N LEU U 36 -45.90 163.30 -80.37
CA LEU U 36 -46.93 164.33 -80.38
C LEU U 36 -47.27 164.79 -81.79
N ARG U 37 -46.34 164.63 -82.74
CA ARG U 37 -46.71 164.84 -84.13
C ARG U 37 -47.55 163.69 -84.65
N GLU U 38 -47.34 162.48 -84.12
CA GLU U 38 -48.11 161.34 -84.57
C GLU U 38 -49.53 161.35 -84.02
N HIS U 39 -49.77 162.01 -82.87
CA HIS U 39 -51.14 162.27 -82.43
C HIS U 39 -51.41 163.77 -82.39
N PRO U 40 -52.03 164.34 -83.41
CA PRO U 40 -52.19 165.79 -83.45
C PRO U 40 -53.36 166.29 -82.61
N TYR U 41 -54.38 165.45 -82.41
CA TYR U 41 -55.59 165.92 -81.73
C TYR U 41 -55.36 166.09 -80.23
N VAL U 42 -54.65 165.16 -79.60
CA VAL U 42 -54.22 165.36 -78.22
C VAL U 42 -53.21 166.49 -78.15
N THR U 43 -52.39 166.65 -79.20
CA THR U 43 -51.47 167.78 -79.28
C THR U 43 -52.22 169.10 -79.43
N ASN U 44 -53.27 169.11 -80.26
CA ASN U 44 -54.08 170.31 -80.41
C ASN U 44 -55.06 170.50 -79.25
N SER U 45 -55.18 169.52 -78.35
CA SER U 45 -56.11 169.60 -77.22
C SER U 45 -55.71 170.67 -76.20
N CYS U 46 -54.48 171.16 -76.26
CA CYS U 46 -54.00 172.19 -75.33
C CYS U 46 -54.54 173.58 -75.64
N VAL U 47 -55.27 173.77 -76.74
CA VAL U 47 -55.75 175.10 -77.13
C VAL U 47 -56.79 175.59 -76.11
N VAL U 48 -56.78 176.90 -75.87
CA VAL U 48 -57.71 177.54 -74.95
C VAL U 48 -58.77 178.28 -75.76
N ARG U 49 -60.00 178.30 -75.26
CA ARG U 49 -61.13 178.90 -75.96
C ARG U 49 -61.09 180.42 -75.82
N GLU U 50 -62.21 181.06 -76.20
CA GLU U 50 -62.39 182.52 -76.21
C GLU U 50 -61.36 183.22 -77.08
N GLY U 51 -61.11 182.67 -78.27
CA GLY U 51 -60.33 183.36 -79.27
C GLY U 51 -58.83 183.31 -79.02
N GLU U 52 -58.12 184.12 -79.83
CA GLU U 52 -56.67 184.13 -79.87
C GLU U 52 -56.07 185.01 -78.77
N ASP U 53 -56.89 185.86 -78.13
CA ASP U 53 -56.42 186.77 -77.09
C ASP U 53 -55.91 186.02 -75.87
N VAL U 54 -56.48 184.84 -75.60
CA VAL U 54 -56.01 183.99 -74.52
C VAL U 54 -55.05 182.92 -75.05
N ASP U 55 -55.18 182.55 -76.33
CA ASP U 55 -54.24 181.65 -77.00
C ASP U 55 -52.81 182.16 -76.91
N GLU U 56 -52.60 183.40 -77.39
CA GLU U 56 -51.28 184.01 -77.51
C GLU U 56 -50.51 184.07 -76.20
N LEU U 57 -51.20 184.01 -75.06
CA LEU U 57 -50.51 184.14 -73.79
C LEU U 57 -50.50 182.87 -72.95
N LYS U 58 -51.51 181.98 -73.03
CA LYS U 58 -51.40 180.75 -72.24
C LYS U 58 -51.43 179.44 -73.00
N THR U 59 -51.55 179.44 -74.33
CA THR U 59 -51.21 178.20 -75.03
C THR U 59 -49.72 177.92 -74.96
N LEU U 60 -48.91 178.97 -74.82
CA LEU U 60 -47.48 178.79 -74.53
C LEU U 60 -47.28 178.06 -73.20
N TYR U 61 -48.04 178.45 -72.16
CA TYR U 61 -47.94 177.76 -70.88
C TYR U 61 -48.47 176.33 -70.96
N ASN U 62 -49.56 176.13 -71.70
CA ASN U 62 -50.13 174.79 -71.85
C ASN U 62 -49.18 173.85 -72.57
N THR U 63 -48.62 174.30 -73.70
CA THR U 63 -47.63 173.50 -74.42
C THR U 63 -46.36 173.31 -73.62
N PHE U 64 -45.97 174.30 -72.81
CA PHE U 64 -44.77 174.20 -72.00
C PHE U 64 -44.90 173.10 -70.97
N ILE U 65 -45.99 173.11 -70.19
CA ILE U 65 -46.18 172.06 -69.20
C ILE U 65 -46.48 170.73 -69.88
N LEU U 66 -47.05 170.75 -71.09
CA LEU U 66 -47.38 169.49 -71.75
C LEU U 66 -46.13 168.78 -72.23
N TRP U 67 -45.25 169.48 -72.96
CA TRP U 67 -43.96 168.90 -73.34
C TRP U 67 -43.10 168.56 -72.12
N LEU U 68 -43.22 169.36 -71.05
CA LEU U 68 -42.42 169.12 -69.85
C LEU U 68 -42.84 167.83 -69.16
N MET U 69 -44.15 167.63 -68.95
CA MET U 69 -44.59 166.42 -68.30
C MET U 69 -44.48 165.22 -69.24
N TYR U 70 -44.49 165.45 -70.55
CA TYR U 70 -44.14 164.40 -71.53
C TYR U 70 -42.73 163.90 -71.30
N HIS U 71 -41.76 164.82 -71.22
CA HIS U 71 -40.38 164.44 -70.94
C HIS U 71 -40.22 163.84 -69.55
N TYR U 72 -41.03 164.29 -68.60
CA TYR U 72 -41.03 163.74 -67.24
C TYR U 72 -41.42 162.28 -67.23
N VAL U 73 -42.57 161.94 -67.79
CA VAL U 73 -43.01 160.55 -67.81
C VAL U 73 -42.16 159.72 -68.75
N LEU U 74 -41.53 160.33 -69.75
CA LEU U 74 -40.65 159.59 -70.64
C LEU U 74 -39.38 159.16 -69.92
N SER U 75 -38.67 160.11 -69.30
CA SER U 75 -37.48 159.78 -68.52
C SER U 75 -37.81 158.94 -67.28
N LYS U 76 -39.05 158.98 -66.80
CA LYS U 76 -39.40 158.16 -65.65
C LYS U 76 -39.72 156.73 -66.06
N ARG U 77 -40.45 156.54 -67.16
CA ARG U 77 -40.79 155.21 -67.65
C ARG U 77 -39.84 154.74 -68.75
N LYS U 78 -38.60 155.21 -68.75
CA LYS U 78 -37.57 154.60 -69.57
C LYS U 78 -37.35 153.14 -69.18
N PRO U 79 -37.38 152.21 -70.12
CA PRO U 79 -37.07 150.82 -69.81
C PRO U 79 -35.56 150.59 -69.81
N ASP U 80 -35.15 149.49 -69.20
CA ASP U 80 -33.74 149.15 -69.09
C ASP U 80 -33.32 148.29 -70.27
N TYR U 81 -32.43 148.82 -71.10
CA TYR U 81 -31.89 148.10 -72.24
C TYR U 81 -30.63 147.31 -71.91
N ASN U 82 -30.17 147.41 -70.67
CA ASN U 82 -29.03 146.61 -70.23
C ASN U 82 -29.39 145.13 -70.20
N ALA U 83 -30.67 144.81 -70.01
CA ALA U 83 -31.12 143.42 -70.06
C ALA U 83 -30.99 142.83 -71.46
N ILE U 84 -31.37 143.58 -72.49
CA ILE U 84 -31.23 143.03 -73.84
C ILE U 84 -29.78 143.07 -74.29
N TRP U 85 -28.99 144.03 -73.78
CA TRP U 85 -27.57 144.00 -74.10
C TRP U 85 -26.84 142.90 -73.35
N GLN U 86 -27.39 142.45 -72.22
CA GLN U 86 -26.85 141.29 -71.53
C GLN U 86 -27.03 140.02 -72.35
N ASP U 87 -28.20 139.87 -72.98
CA ASP U 87 -28.41 138.73 -73.88
C ASP U 87 -27.56 138.84 -75.13
N ILE U 88 -27.33 140.06 -75.62
CA ILE U 88 -26.43 140.27 -76.75
C ILE U 88 -25.01 139.86 -76.40
N THR U 89 -24.51 140.25 -75.22
CA THR U 89 -23.18 139.85 -74.81
C THR U 89 -23.09 138.36 -74.49
N LYS U 90 -24.19 137.77 -74.01
CA LYS U 90 -24.22 136.32 -73.79
C LYS U 90 -24.12 135.56 -75.11
N LEU U 91 -24.82 136.05 -76.12
CA LEU U 91 -24.77 135.42 -77.44
C LEU U 91 -23.43 135.66 -78.13
N GLN U 92 -22.86 136.85 -77.97
CA GLN U 92 -21.58 137.16 -78.60
C GLN U 92 -20.43 136.40 -77.96
N ASN U 93 -20.38 136.39 -76.63
CA ASN U 93 -19.19 135.91 -75.92
C ASN U 93 -19.09 134.39 -75.97
N VAL U 94 -20.22 133.70 -75.77
CA VAL U 94 -20.20 132.26 -75.58
C VAL U 94 -20.26 131.50 -76.90
N VAL U 95 -20.84 132.09 -77.94
CA VAL U 95 -21.06 131.33 -79.16
C VAL U 95 -19.97 131.54 -80.18
N ASN U 96 -19.72 132.80 -80.55
CA ASN U 96 -18.91 133.09 -81.73
C ASN U 96 -17.42 132.91 -81.47
N GLU U 97 -16.96 133.35 -80.29
CA GLU U 97 -15.55 133.22 -79.94
C GLU U 97 -15.16 131.76 -79.84
N TYR U 98 -16.01 130.98 -79.17
CA TYR U 98 -15.76 129.56 -78.99
C TYR U 98 -15.72 128.82 -80.33
N LEU U 99 -16.63 129.18 -81.22
CA LEU U 99 -16.69 128.54 -82.53
C LEU U 99 -15.42 128.81 -83.33
N LYS U 100 -14.93 130.05 -83.27
CA LYS U 100 -13.71 130.43 -83.96
C LYS U 100 -12.52 129.65 -83.41
N SER U 101 -12.49 129.50 -82.09
CA SER U 101 -11.41 128.79 -81.41
C SER U 101 -11.62 127.28 -81.46
N LYS U 102 -12.87 126.80 -81.30
CA LYS U 102 -13.12 125.37 -81.25
C LYS U 102 -12.95 124.74 -82.63
N GLY U 103 -13.25 125.53 -83.66
CA GLY U 103 -13.12 125.09 -85.04
C GLY U 103 -11.94 125.68 -85.82
N LEU U 104 -12.08 126.90 -86.36
CA LEU U 104 -11.03 127.51 -87.20
C LEU U 104 -11.06 129.02 -87.47
N ASN U 105 -10.18 129.44 -88.39
CA ASN U 105 -10.06 130.82 -88.78
C ASN U 105 -8.91 131.51 -88.06
N LYS U 106 -8.71 132.79 -88.38
CA LYS U 106 -7.63 133.57 -87.78
C LYS U 106 -7.80 133.72 -86.27
N GLY U 107 -9.02 133.93 -85.82
CA GLY U 107 -9.27 134.12 -84.40
C GLY U 107 -8.46 135.32 -83.99
N ASN U 108 -7.68 135.19 -82.93
CA ASN U 108 -6.83 136.30 -82.51
C ASN U 108 -7.19 137.62 -83.20
N PHE U 109 -7.43 137.59 -84.50
CA PHE U 109 -7.69 138.80 -85.27
C PHE U 109 -9.14 139.27 -85.10
N GLU U 110 -10.10 138.41 -85.45
CA GLU U 110 -11.49 138.85 -85.59
C GLU U 110 -12.15 139.08 -84.25
N ASN U 111 -11.90 138.22 -83.26
CA ASN U 111 -12.53 138.37 -81.95
C ASN U 111 -12.00 139.60 -81.21
N MET U 112 -10.69 139.83 -81.28
CA MET U 112 -10.11 141.04 -80.71
C MET U 112 -10.48 142.26 -81.51
N PHE U 113 -10.94 142.09 -82.75
CA PHE U 113 -11.62 143.22 -83.38
C PHE U 113 -13.10 143.31 -83.02
N THR U 114 -13.73 142.25 -82.51
CA THR U 114 -15.13 142.39 -82.12
C THR U 114 -15.30 143.05 -80.76
N ASN U 115 -14.35 142.81 -79.84
CA ASN U 115 -14.61 143.09 -78.42
C ASN U 115 -14.72 144.58 -78.13
N LYS U 116 -13.71 145.36 -78.55
CA LYS U 116 -13.75 146.81 -78.36
C LYS U 116 -14.76 147.46 -79.29
N GLU U 117 -14.96 146.89 -80.48
CA GLU U 117 -15.89 147.44 -81.47
C GLU U 117 -17.32 147.37 -80.98
N LYS U 118 -17.67 146.29 -80.28
CA LYS U 118 -19.04 146.05 -79.83
C LYS U 118 -19.22 146.31 -78.34
N PHE U 119 -18.24 146.93 -77.68
CA PHE U 119 -18.42 147.36 -76.30
C PHE U 119 -19.44 148.49 -76.21
N GLU U 120 -19.28 149.50 -77.05
CA GLU U 120 -20.13 150.68 -77.19
C GLU U 120 -20.12 151.05 -78.67
N SER U 121 -20.38 152.32 -78.98
CA SER U 121 -20.27 152.89 -80.33
C SER U 121 -21.24 152.25 -81.32
N GLN U 122 -22.51 152.64 -81.19
CA GLN U 122 -23.65 152.29 -82.04
C GLN U 122 -23.36 152.22 -83.54
N PHE U 123 -22.53 153.14 -84.05
CA PHE U 123 -22.07 153.06 -85.44
C PHE U 123 -21.30 151.76 -85.71
N SER U 124 -20.38 151.41 -84.81
CA SER U 124 -19.68 150.15 -84.96
C SER U 124 -20.60 148.96 -84.73
N ASP U 125 -21.62 149.14 -83.88
CA ASP U 125 -22.62 148.09 -83.67
C ASP U 125 -23.43 147.84 -84.93
N ILE U 126 -23.68 148.90 -85.70
CA ILE U 126 -24.23 148.75 -87.05
C ILE U 126 -23.23 148.05 -87.96
N HIS U 127 -21.95 148.41 -87.85
CA HIS U 127 -20.94 147.95 -88.80
C HIS U 127 -20.66 146.45 -88.69
N ARG U 128 -20.67 145.90 -87.47
CA ARG U 128 -20.27 144.51 -87.29
C ARG U 128 -21.28 143.48 -87.82
N ALA U 129 -22.52 143.93 -88.10
CA ALA U 129 -23.54 143.04 -88.64
C ALA U 129 -23.16 142.49 -90.01
N LEU U 130 -22.39 143.26 -90.77
CA LEU U 130 -21.89 142.81 -92.08
C LEU U 130 -21.00 141.60 -91.93
N LEU U 131 -20.06 141.65 -90.98
CA LEU U 131 -19.11 140.55 -90.83
C LEU U 131 -19.79 139.34 -90.20
N ARG U 132 -20.71 139.56 -89.25
CA ARG U 132 -21.43 138.44 -88.66
C ARG U 132 -22.33 137.75 -89.70
N LEU U 133 -22.98 138.54 -90.56
CA LEU U 133 -23.84 138.00 -91.60
C LEU U 133 -23.03 137.24 -92.64
N GLY U 134 -21.85 137.76 -93.02
CA GLY U 134 -20.99 137.04 -93.95
C GLY U 134 -20.45 135.75 -93.36
N ASN U 135 -20.13 135.76 -92.06
CA ASN U 135 -19.72 134.55 -91.35
C ASN U 135 -20.84 133.53 -91.33
N SER U 136 -22.07 133.99 -91.14
CA SER U 136 -23.21 133.07 -91.12
C SER U 136 -23.46 132.45 -92.49
N ILE U 137 -23.23 133.22 -93.57
CA ILE U 137 -23.44 132.65 -94.90
C ILE U 137 -22.34 131.64 -95.23
N ARG U 138 -21.08 131.94 -94.86
CA ARG U 138 -20.03 130.97 -95.17
C ARG U 138 -20.11 129.74 -94.28
N TRP U 139 -20.70 129.86 -93.09
CA TRP U 139 -20.85 128.67 -92.27
C TRP U 139 -22.08 127.85 -92.68
N GLY U 140 -23.16 128.53 -93.06
CA GLY U 140 -24.45 127.88 -93.20
C GLY U 140 -24.66 127.02 -94.41
N SER U 141 -24.44 127.55 -95.61
CA SER U 141 -24.73 126.82 -96.83
C SER U 141 -23.47 126.40 -97.57
N ASN U 142 -22.60 127.34 -97.93
CA ASN U 142 -21.38 127.03 -98.66
C ASN U 142 -20.33 128.06 -98.30
N VAL U 143 -19.06 127.66 -98.39
CA VAL U 143 -17.97 128.50 -97.90
C VAL U 143 -17.73 129.78 -98.71
N PRO U 144 -17.57 129.75 -100.10
CA PRO U 144 -16.83 130.87 -100.72
C PRO U 144 -17.52 132.24 -100.78
N ILE U 145 -18.81 132.30 -101.12
CA ILE U 145 -19.43 133.56 -101.52
C ILE U 145 -20.69 133.79 -100.68
N ASP U 146 -21.11 135.05 -100.62
CA ASP U 146 -22.17 135.50 -99.72
C ASP U 146 -23.18 136.36 -100.46
N THR U 147 -24.46 136.25 -100.06
CA THR U 147 -25.57 137.10 -100.56
C THR U 147 -26.42 137.59 -99.40
N PRO U 148 -26.70 138.90 -99.33
CA PRO U 148 -27.04 139.52 -98.04
C PRO U 148 -28.47 139.46 -97.53
N TYR U 149 -28.81 140.46 -96.72
CA TYR U 149 -30.16 140.56 -96.16
C TYR U 149 -30.45 139.28 -95.42
N VAL U 150 -29.54 138.85 -94.56
CA VAL U 150 -29.78 137.67 -93.74
C VAL U 150 -29.42 136.38 -94.49
N ASN U 151 -29.02 135.37 -93.72
CA ASN U 151 -28.68 134.04 -94.24
C ASN U 151 -29.80 133.17 -94.82
N LEU U 152 -30.98 133.20 -94.18
CA LEU U 152 -32.07 132.31 -94.53
C LEU U 152 -33.35 132.88 -93.90
N THR U 153 -34.37 132.03 -93.69
CA THR U 153 -35.60 132.35 -92.93
C THR U 153 -36.42 133.44 -93.63
N ALA U 154 -37.15 133.01 -94.67
CA ALA U 154 -37.82 133.93 -95.58
C ALA U 154 -38.93 134.72 -94.91
N GLU U 155 -39.95 134.02 -94.38
CA GLU U 155 -41.11 134.68 -93.79
C GLU U 155 -40.76 135.35 -92.46
N ASP U 156 -39.82 134.74 -91.74
CA ASP U 156 -39.36 135.29 -90.48
C ASP U 156 -38.64 136.62 -90.69
N SER U 157 -37.99 136.80 -91.84
CA SER U 157 -37.37 138.09 -92.16
C SER U 157 -38.42 139.19 -92.32
N SER U 158 -39.54 138.87 -92.97
CA SER U 158 -40.62 139.85 -93.13
C SER U 158 -41.25 140.21 -91.79
N GLU U 159 -41.50 139.21 -90.94
CA GLU U 159 -42.08 139.55 -89.64
C GLU U 159 -41.07 140.29 -88.77
N ILE U 160 -39.77 140.04 -88.97
CA ILE U 160 -38.75 140.77 -88.22
C ILE U 160 -38.68 142.22 -88.66
N GLU U 161 -38.86 142.47 -89.97
CA GLU U 161 -38.97 143.85 -90.43
C GLU U 161 -40.18 144.55 -89.83
N ASN U 162 -41.31 143.83 -89.74
CA ASN U 162 -42.49 144.41 -89.11
C ASN U 162 -42.27 144.66 -87.62
N ASN U 163 -41.55 143.75 -86.95
CA ASN U 163 -41.24 143.90 -85.54
C ASN U 163 -40.29 145.07 -85.31
N LEU U 164 -39.33 145.27 -86.21
CA LEU U 164 -38.44 146.41 -86.07
C LEU U 164 -39.15 147.73 -86.33
N GLN U 165 -40.13 147.73 -87.25
CA GLN U 165 -40.96 148.92 -87.44
C GLN U 165 -41.78 149.24 -86.18
N ASP U 166 -42.39 148.22 -85.58
CA ASP U 166 -43.15 148.43 -84.34
C ASP U 166 -42.24 148.87 -83.21
N ALA U 167 -41.03 148.31 -83.15
CA ALA U 167 -40.09 148.63 -82.09
C ALA U 167 -39.54 150.03 -82.24
N GLU U 168 -39.32 150.49 -83.48
CA GLU U 168 -38.84 151.85 -83.67
C GLU U 168 -39.97 152.86 -83.55
N LYS U 169 -41.22 152.41 -83.66
CA LYS U 169 -42.31 153.33 -83.36
C LYS U 169 -42.67 153.37 -81.88
N ASN U 170 -42.26 152.39 -81.07
CA ASN U 170 -42.57 152.44 -79.64
C ASN U 170 -41.34 152.04 -78.83
N MET U 171 -40.81 152.99 -78.05
CA MET U 171 -39.64 152.77 -77.20
C MET U 171 -39.94 152.10 -75.88
N LEU U 172 -41.21 151.94 -75.52
CA LEU U 172 -41.57 151.56 -74.17
C LEU U 172 -42.17 150.17 -74.08
N TRP U 173 -42.47 149.55 -75.21
CA TRP U 173 -43.13 148.25 -75.29
C TRP U 173 -42.36 147.36 -76.26
N TYR U 174 -41.04 147.28 -76.08
CA TYR U 174 -40.21 146.50 -76.98
C TYR U 174 -40.41 145.00 -76.73
N THR U 175 -40.61 144.26 -77.83
CA THR U 175 -40.85 142.83 -77.78
C THR U 175 -39.84 142.11 -78.65
N VAL U 176 -39.07 141.20 -78.04
CA VAL U 176 -38.16 140.35 -78.79
C VAL U 176 -38.96 139.23 -79.40
N TYR U 177 -38.36 138.47 -80.32
CA TYR U 177 -39.11 137.47 -81.06
C TYR U 177 -38.77 136.03 -80.72
N ASN U 178 -37.57 135.75 -80.21
CA ASN U 178 -36.97 134.40 -80.18
C ASN U 178 -36.96 133.79 -81.58
N ILE U 179 -35.83 134.01 -82.26
CA ILE U 179 -35.61 133.75 -83.69
C ILE U 179 -35.55 132.25 -84.02
N ASN U 180 -35.64 131.41 -82.98
CA ASN U 180 -35.36 129.96 -83.02
C ASN U 180 -36.13 129.21 -84.12
N ASP U 181 -35.52 128.12 -84.57
CA ASP U 181 -36.13 127.32 -85.61
C ASP U 181 -36.58 125.98 -85.04
N PRO U 182 -37.80 125.58 -85.30
CA PRO U 182 -38.28 124.26 -84.86
C PRO U 182 -37.55 123.12 -85.56
N TRP U 183 -37.52 123.11 -86.89
CA TRP U 183 -36.70 122.15 -87.60
C TRP U 183 -35.30 122.70 -87.77
N ASP U 184 -34.38 121.83 -88.18
CA ASP U 184 -33.00 122.24 -88.42
C ASP U 184 -32.81 122.66 -89.88
N GLU U 185 -33.57 123.66 -90.28
CA GLU U 185 -33.36 124.33 -91.56
C GLU U 185 -32.04 125.08 -91.55
N ASN U 186 -31.66 125.61 -90.40
CA ASN U 186 -30.33 126.13 -90.13
C ASN U 186 -29.72 125.32 -89.01
N GLY U 187 -28.42 125.50 -88.81
CA GLY U 187 -27.81 125.03 -87.60
C GLY U 187 -28.19 125.90 -86.41
N TYR U 188 -27.93 125.35 -85.22
CA TYR U 188 -28.09 126.10 -83.98
C TYR U 188 -27.25 127.37 -83.97
N LEU U 189 -26.00 127.24 -84.39
CA LEU U 189 -25.09 128.36 -84.37
C LEU U 189 -25.41 129.37 -85.46
N VAL U 190 -25.95 128.91 -86.60
CA VAL U 190 -26.44 129.83 -87.62
C VAL U 190 -27.60 130.64 -87.08
N THR U 191 -28.52 129.99 -86.36
CA THR U 191 -29.60 130.72 -85.70
C THR U 191 -29.09 131.65 -84.62
N SER U 192 -27.98 131.29 -83.97
CA SER U 192 -27.41 132.17 -82.97
C SER U 192 -26.85 133.44 -83.61
N ILE U 193 -26.25 133.32 -84.80
CA ILE U 193 -25.80 134.50 -85.51
C ILE U 193 -26.99 135.35 -85.95
N ASN U 194 -28.10 134.70 -86.32
CA ASN U 194 -29.31 135.45 -86.64
C ASN U 194 -29.83 136.23 -85.43
N LYS U 195 -29.73 135.62 -84.24
CA LYS U 195 -30.08 136.34 -83.02
C LYS U 195 -29.13 137.49 -82.74
N LEU U 196 -27.82 137.31 -83.02
CA LEU U 196 -26.89 138.42 -82.86
C LEU U 196 -27.19 139.57 -83.81
N VAL U 197 -27.71 139.29 -84.99
CA VAL U 197 -28.10 140.37 -85.88
C VAL U 197 -29.36 141.06 -85.38
N TYR U 198 -30.38 140.26 -85.05
CA TYR U 198 -31.69 140.80 -84.68
C TYR U 198 -31.63 141.61 -83.39
N LEU U 199 -31.06 141.02 -82.33
CA LEU U 199 -31.07 141.68 -81.02
C LEU U 199 -30.17 142.91 -81.00
N GLY U 200 -29.05 142.87 -81.72
CA GLY U 200 -28.19 144.03 -81.79
C GLY U 200 -28.82 145.17 -82.57
N LYS U 201 -29.49 144.84 -83.68
CA LYS U 201 -30.17 145.86 -84.47
C LYS U 201 -31.35 146.46 -83.70
N LEU U 202 -32.05 145.61 -82.93
CA LEU U 202 -33.10 146.08 -82.03
C LEU U 202 -32.56 147.05 -81.00
N PHE U 203 -31.45 146.69 -80.36
CA PHE U 203 -30.85 147.50 -79.30
C PHE U 203 -30.42 148.87 -79.83
N VAL U 204 -29.74 148.88 -80.97
CA VAL U 204 -29.26 150.15 -81.50
C VAL U 204 -30.41 151.00 -82.02
N THR U 205 -31.47 150.38 -82.55
CA THR U 205 -32.61 151.15 -83.03
C THR U 205 -33.38 151.78 -81.88
N LEU U 206 -33.51 151.04 -80.78
CA LEU U 206 -34.18 151.56 -79.58
C LEU U 206 -33.43 152.73 -78.99
N ASN U 207 -32.10 152.60 -78.86
CA ASN U 207 -31.33 153.70 -78.27
C ASN U 207 -31.29 154.93 -79.19
N GLN U 208 -31.20 154.73 -80.50
CA GLN U 208 -31.16 155.86 -81.42
C GLN U 208 -32.47 156.63 -81.41
N SER U 209 -33.61 155.93 -81.52
CA SER U 209 -34.85 156.67 -81.53
C SER U 209 -35.25 157.17 -80.14
N TRP U 210 -34.74 156.55 -79.07
CA TRP U 210 -34.92 157.10 -77.73
C TRP U 210 -34.24 158.45 -77.59
N SER U 211 -32.96 158.52 -77.95
CA SER U 211 -32.23 159.78 -77.90
C SER U 211 -32.84 160.81 -78.85
N LYS U 212 -33.39 160.35 -79.97
CA LYS U 212 -34.09 161.23 -80.90
C LYS U 212 -35.30 161.89 -80.25
N LEU U 213 -36.15 161.08 -79.61
CA LEU U 213 -37.37 161.63 -79.00
C LEU U 213 -37.04 162.54 -77.81
N GLU U 214 -36.02 162.18 -77.03
CA GLU U 214 -35.61 163.02 -75.91
C GLU U 214 -35.04 164.36 -76.38
N LYS U 215 -34.26 164.34 -77.47
CA LYS U 215 -33.71 165.58 -78.01
C LYS U 215 -34.81 166.47 -78.58
N VAL U 216 -35.82 165.87 -79.23
CA VAL U 216 -36.92 166.66 -79.78
C VAL U 216 -37.76 167.28 -78.65
N ALA U 217 -37.99 166.52 -77.57
CA ALA U 217 -38.75 167.04 -76.44
C ALA U 217 -38.00 168.18 -75.75
N MET U 218 -36.67 168.06 -75.63
CA MET U 218 -35.92 169.15 -75.02
C MET U 218 -35.83 170.38 -75.92
N SER U 219 -35.80 170.18 -77.23
CA SER U 219 -35.83 171.32 -78.15
C SER U 219 -37.14 172.08 -78.05
N GLN U 220 -38.25 171.34 -77.95
CA GLN U 220 -39.55 172.00 -77.77
C GLN U 220 -39.65 172.71 -76.42
N ILE U 221 -39.03 172.15 -75.38
CA ILE U 221 -39.01 172.80 -74.07
C ILE U 221 -38.26 174.13 -74.14
N VAL U 222 -37.09 174.14 -74.80
CA VAL U 222 -36.31 175.37 -74.90
C VAL U 222 -37.04 176.40 -75.76
N THR U 223 -37.74 175.96 -76.81
CA THR U 223 -38.49 176.88 -77.65
C THR U 223 -39.66 177.52 -76.91
N THR U 224 -40.45 176.71 -76.20
CA THR U 224 -41.58 177.26 -75.44
C THR U 224 -41.11 178.09 -74.25
N GLN U 225 -39.96 177.75 -73.67
CA GLN U 225 -39.38 178.57 -72.60
C GLN U 225 -38.99 179.95 -73.11
N ASN U 226 -38.34 180.00 -74.27
CA ASN U 226 -37.94 181.27 -74.88
C ASN U 226 -39.16 182.11 -75.21
N HIS U 227 -40.18 181.50 -75.82
CA HIS U 227 -41.36 182.28 -76.21
C HIS U 227 -42.20 182.69 -75.01
N LEU U 228 -42.22 181.90 -73.94
CA LEU U 228 -43.01 182.26 -72.77
C LEU U 228 -42.36 183.41 -72.01
N SER U 229 -41.05 183.32 -71.77
CA SER U 229 -40.36 184.42 -71.12
C SER U 229 -40.17 185.63 -72.04
N GLY U 230 -40.40 185.48 -73.35
CA GLY U 230 -40.40 186.63 -74.22
C GLY U 230 -41.73 187.35 -74.25
N HIS U 231 -42.83 186.58 -74.28
CA HIS U 231 -44.15 187.17 -74.32
C HIS U 231 -44.63 187.65 -72.96
N LEU U 232 -44.01 187.23 -71.86
CA LEU U 232 -44.41 187.76 -70.56
C LEU U 232 -43.65 189.03 -70.19
N ARG U 233 -43.63 190.03 -71.07
CA ARG U 233 -42.81 191.22 -70.84
C ARG U 233 -43.61 192.49 -71.17
N LYS U 234 -44.80 192.60 -70.60
CA LYS U 234 -45.56 193.83 -70.78
C LYS U 234 -46.27 194.29 -69.51
N ASN U 235 -45.88 193.79 -68.35
CA ASN U 235 -46.64 194.07 -67.13
C ASN U 235 -45.84 194.82 -66.08
N GLU U 236 -44.59 194.39 -65.81
CA GLU U 236 -43.72 194.93 -64.76
C GLU U 236 -44.36 194.88 -63.38
N ASN U 237 -45.26 193.92 -63.17
CA ASN U 237 -45.89 193.71 -61.87
C ASN U 237 -45.01 192.76 -61.06
N PHE U 238 -45.34 192.63 -59.77
CA PHE U 238 -44.50 191.81 -58.89
C PHE U 238 -44.64 190.33 -59.22
N ASN U 239 -45.87 189.85 -59.43
CA ASN U 239 -46.05 188.46 -59.86
C ASN U 239 -45.52 188.23 -61.27
N ALA U 240 -45.54 189.26 -62.12
CA ALA U 240 -45.01 189.13 -63.48
C ALA U 240 -43.49 188.99 -63.46
N VAL U 241 -42.80 189.82 -62.67
CA VAL U 241 -41.35 189.68 -62.60
C VAL U 241 -40.98 188.45 -61.77
N TYR U 242 -41.87 187.96 -60.92
CA TYR U 242 -41.63 186.69 -60.24
C TYR U 242 -41.71 185.54 -61.22
N SER U 243 -42.65 185.60 -62.17
CA SER U 243 -42.74 184.60 -63.23
C SER U 243 -41.53 184.66 -64.15
N GLN U 244 -41.11 185.87 -64.54
CA GLN U 244 -39.91 185.99 -65.37
C GLN U 244 -38.62 185.66 -64.63
N ARG U 245 -38.61 185.71 -63.30
CA ARG U 245 -37.43 185.41 -62.53
C ARG U 245 -37.29 183.91 -62.28
N VAL U 246 -38.37 183.26 -61.85
CA VAL U 246 -38.31 181.85 -61.48
C VAL U 246 -38.57 180.96 -62.68
N LEU U 247 -39.49 181.36 -63.57
CA LEU U 247 -39.84 180.57 -64.74
C LEU U 247 -38.73 180.49 -65.78
N GLN U 248 -37.71 181.36 -65.72
CA GLN U 248 -36.71 181.47 -66.77
C GLN U 248 -35.38 180.89 -66.28
N THR U 249 -35.46 179.80 -65.52
CA THR U 249 -34.26 179.08 -65.16
C THR U 249 -33.80 178.25 -66.36
N PRO U 250 -32.51 177.99 -66.48
CA PRO U 250 -32.03 177.11 -67.54
C PRO U 250 -32.49 175.67 -67.32
N LEU U 251 -32.88 175.02 -68.41
CA LEU U 251 -33.30 173.61 -68.38
C LEU U 251 -32.49 172.88 -69.43
N THR U 252 -31.33 172.39 -68.99
CA THR U 252 -30.39 171.72 -69.89
C THR U 252 -30.63 170.22 -69.84
N GLY U 253 -31.55 169.77 -68.99
CA GLY U 253 -31.84 168.35 -68.99
C GLY U 253 -32.55 167.79 -67.78
N GLN U 254 -31.80 167.00 -66.98
CA GLN U 254 -32.42 166.06 -66.06
C GLN U 254 -33.08 166.71 -64.85
N ARG U 255 -32.76 167.98 -64.55
CA ARG U 255 -33.28 168.59 -63.33
C ARG U 255 -34.78 168.84 -63.42
N VAL U 256 -35.30 169.01 -64.65
CA VAL U 256 -36.66 169.43 -65.06
C VAL U 256 -37.78 168.77 -64.27
N GLU U 257 -37.56 167.53 -63.83
CA GLU U 257 -38.51 166.82 -62.98
C GLU U 257 -38.80 167.58 -61.69
N SER U 258 -37.80 168.23 -61.09
CA SER U 258 -38.02 169.04 -59.90
C SER U 258 -38.61 170.40 -60.27
N PHE U 259 -38.36 170.83 -61.51
CA PHE U 259 -38.96 172.07 -62.01
C PHE U 259 -40.47 171.94 -62.11
N LEU U 260 -40.99 170.72 -62.27
CA LEU U 260 -42.42 170.51 -62.22
C LEU U 260 -43.00 170.83 -60.84
N LYS U 261 -42.28 170.44 -59.78
CA LYS U 261 -42.71 170.78 -58.42
C LYS U 261 -42.62 172.28 -58.17
N ILE U 262 -41.52 172.90 -58.64
CA ILE U 262 -41.34 174.34 -58.52
C ILE U 262 -42.45 175.10 -59.24
N ILE U 263 -42.83 174.65 -60.44
CA ILE U 263 -43.83 175.36 -61.20
C ILE U 263 -45.24 174.99 -60.73
N THR U 264 -45.40 173.91 -59.97
CA THR U 264 -46.67 173.68 -59.27
C THR U 264 -46.84 174.67 -58.13
N SER U 265 -45.81 174.79 -57.28
CA SER U 265 -45.84 175.76 -56.18
C SER U 265 -45.92 177.21 -56.67
N ASP U 266 -45.50 177.47 -57.90
CA ASP U 266 -45.76 178.76 -58.53
C ASP U 266 -47.07 178.80 -59.31
N TYR U 267 -47.64 177.65 -59.66
CA TYR U 267 -48.98 177.64 -60.23
C TYR U 267 -50.02 178.03 -59.19
N GLU U 268 -49.66 177.89 -57.92
CA GLU U 268 -50.39 178.61 -56.88
C GLU U 268 -50.51 180.12 -57.16
N ILE U 269 -49.47 180.76 -57.71
CA ILE U 269 -49.49 182.20 -57.93
C ILE U 269 -49.64 182.55 -59.42
N ILE U 270 -49.05 181.77 -60.34
CA ILE U 270 -49.03 182.21 -61.74
C ILE U 270 -50.31 181.87 -62.49
N LYS U 271 -51.26 181.19 -61.85
CA LYS U 271 -52.58 180.98 -62.47
C LYS U 271 -53.35 182.28 -62.61
N SER U 272 -53.07 183.24 -61.72
CA SER U 272 -53.97 184.31 -61.34
C SER U 272 -54.20 185.33 -62.44
N SER U 273 -54.90 184.91 -63.50
CA SER U 273 -55.47 185.76 -64.55
C SER U 273 -54.41 186.59 -65.27
N LEU U 274 -53.42 185.89 -65.81
CA LEU U 274 -52.47 186.51 -66.73
C LEU U 274 -53.19 187.01 -67.97
N GLU U 275 -52.86 188.23 -68.39
CA GLU U 275 -53.60 188.87 -69.47
C GLU U 275 -52.68 189.76 -70.31
N SER V 7 -60.15 115.77 -20.29
CA SER V 7 -59.83 116.86 -21.20
C SER V 7 -59.32 118.09 -20.45
N ILE V 8 -57.99 118.23 -20.43
CA ILE V 8 -57.16 119.28 -19.80
C ILE V 8 -57.69 119.65 -18.41
N PRO V 9 -57.40 118.83 -17.40
CA PRO V 9 -58.13 118.94 -16.12
C PRO V 9 -57.65 120.11 -15.27
N PHE V 10 -58.60 120.83 -14.69
CA PHE V 10 -58.31 121.91 -13.75
C PHE V 10 -59.42 121.97 -12.72
N ALA V 11 -59.25 122.88 -11.76
CA ALA V 11 -60.15 123.03 -10.62
C ALA V 11 -61.40 123.83 -10.98
N TRP V 12 -62.08 124.32 -9.95
CA TRP V 12 -63.34 125.05 -10.08
C TRP V 12 -63.10 126.44 -10.70
N LEU V 13 -62.75 126.44 -11.98
CA LEU V 13 -62.40 127.68 -12.66
C LEU V 13 -63.49 128.10 -13.65
N ASP V 14 -63.29 129.29 -14.22
CA ASP V 14 -64.20 129.85 -15.19
C ASP V 14 -63.75 129.47 -16.60
N ARG V 15 -64.42 130.02 -17.62
CA ARG V 15 -64.08 129.71 -19.00
C ARG V 15 -63.03 130.65 -19.58
N ASP V 16 -62.64 131.69 -18.85
CA ASP V 16 -61.57 132.57 -19.31
C ASP V 16 -60.22 132.13 -18.79
N LYS V 17 -60.17 131.75 -17.51
CA LYS V 17 -58.90 131.35 -16.89
C LYS V 17 -58.38 130.05 -17.47
N VAL V 18 -59.28 129.10 -17.74
CA VAL V 18 -58.88 127.82 -18.33
C VAL V 18 -58.33 128.02 -19.73
N GLN V 19 -58.99 128.87 -20.52
CA GLN V 19 -58.51 129.18 -21.87
C GLN V 19 -57.16 129.90 -21.82
N ARG V 20 -56.98 130.81 -20.87
CA ARG V 20 -55.71 131.52 -20.75
C ARG V 20 -54.58 130.59 -20.32
N LEU V 21 -54.84 129.69 -19.36
CA LEU V 21 -53.81 128.76 -18.92
C LEU V 21 -53.49 127.72 -19.98
N THR V 22 -54.50 127.29 -20.75
CA THR V 22 -54.26 126.41 -21.88
C THR V 22 -53.39 127.11 -22.93
N ASN V 23 -53.67 128.39 -23.19
CA ASN V 23 -52.88 129.16 -24.15
C ASN V 23 -51.44 129.34 -23.67
N PHE V 24 -51.26 129.60 -22.36
CA PHE V 24 -49.93 129.80 -21.83
C PHE V 24 -49.12 128.51 -21.85
N LEU V 25 -49.69 127.41 -21.33
CA LEU V 25 -48.92 126.16 -21.28
C LEU V 25 -48.75 125.55 -22.66
N SER V 26 -49.60 125.91 -23.63
CA SER V 26 -49.33 125.51 -25.00
C SER V 26 -48.19 126.33 -25.59
N ASN V 27 -48.28 127.65 -25.52
CA ASN V 27 -47.21 128.52 -26.00
C ASN V 27 -46.24 128.88 -24.88
N LEU V 28 -45.78 127.86 -24.15
CA LEU V 28 -44.70 128.05 -23.19
C LEU V 28 -43.35 128.23 -23.87
N GLU V 29 -43.23 127.83 -25.13
CA GLU V 29 -41.96 127.87 -25.85
C GLU V 29 -41.64 129.23 -26.43
N ASN V 30 -42.65 130.06 -26.71
CA ASN V 30 -42.43 131.27 -27.47
C ASN V 30 -42.03 132.45 -26.60
N LEU V 31 -42.60 132.56 -25.41
CA LEU V 31 -42.21 133.65 -24.54
C LEU V 31 -40.85 133.38 -23.92
N GLU V 32 -40.11 134.45 -23.67
CA GLU V 32 -38.81 134.34 -23.03
C GLU V 32 -38.99 134.42 -21.53
N ASN V 33 -37.94 134.01 -20.82
CA ASN V 33 -37.85 134.02 -19.35
C ASN V 33 -38.99 133.19 -18.73
N VAL V 34 -38.87 131.88 -18.97
CA VAL V 34 -39.96 130.93 -18.80
C VAL V 34 -40.31 130.65 -17.34
N ASP V 35 -39.55 131.21 -16.39
CA ASP V 35 -39.62 130.82 -14.98
C ASP V 35 -40.96 131.20 -14.34
N LEU V 36 -41.70 130.16 -13.95
CA LEU V 36 -43.02 130.32 -13.35
C LEU V 36 -42.94 130.99 -11.99
N ARG V 37 -41.87 130.75 -11.23
CA ARG V 37 -41.64 131.51 -10.01
C ARG V 37 -41.44 132.99 -10.31
N GLU V 38 -40.81 133.30 -11.45
CA GLU V 38 -40.51 134.69 -11.75
C GLU V 38 -41.76 135.46 -12.14
N HIS V 39 -42.55 134.96 -13.11
CA HIS V 39 -43.73 135.74 -13.48
C HIS V 39 -44.91 135.35 -12.60
N PRO V 40 -45.55 136.31 -11.93
CA PRO V 40 -46.67 136.00 -11.03
C PRO V 40 -48.05 136.13 -11.66
N TYR V 41 -48.14 136.35 -12.97
CA TYR V 41 -49.43 136.57 -13.62
C TYR V 41 -50.26 135.30 -13.71
N VAL V 42 -49.64 134.14 -13.55
CA VAL V 42 -50.33 132.86 -13.64
C VAL V 42 -50.80 132.37 -12.28
N THR V 43 -49.88 132.34 -11.31
CA THR V 43 -50.14 131.68 -10.03
C THR V 43 -51.16 132.45 -9.20
N ASN V 44 -51.00 133.77 -9.11
CA ASN V 44 -51.95 134.59 -8.36
C ASN V 44 -53.31 134.63 -9.03
N SER V 45 -53.37 134.43 -10.34
CA SER V 45 -54.62 134.57 -11.06
C SER V 45 -55.39 133.26 -11.21
N CYS V 46 -54.74 132.10 -11.06
CA CYS V 46 -55.47 130.83 -11.07
C CYS V 46 -56.13 130.61 -9.69
N VAL V 47 -57.20 131.35 -9.46
CA VAL V 47 -57.84 131.43 -8.15
C VAL V 47 -59.36 131.55 -8.33
N VAL V 48 -60.12 131.01 -7.37
CA VAL V 48 -61.59 131.05 -7.42
C VAL V 48 -62.13 132.38 -6.88
N ARG V 49 -61.25 133.14 -6.26
CA ARG V 49 -61.64 134.38 -5.59
C ARG V 49 -62.47 133.91 -4.41
N GLU V 50 -63.66 134.47 -4.26
CA GLU V 50 -64.58 134.11 -3.17
C GLU V 50 -63.98 134.29 -1.77
N GLY V 51 -63.16 135.31 -1.62
CA GLY V 51 -62.54 135.68 -0.36
C GLY V 51 -61.21 134.99 -0.09
N GLU V 52 -61.19 134.12 0.92
CA GLU V 52 -60.11 133.14 1.09
C GLU V 52 -60.72 131.82 1.55
N ASP V 53 -61.96 131.90 2.07
CA ASP V 53 -62.55 130.82 2.84
C ASP V 53 -62.88 129.60 1.97
N VAL V 54 -63.52 129.83 0.83
CA VAL V 54 -63.74 128.76 -0.13
C VAL V 54 -62.56 128.67 -1.10
N ASP V 55 -61.65 129.64 -1.05
CA ASP V 55 -60.51 129.65 -1.96
C ASP V 55 -59.42 128.67 -1.57
N GLU V 56 -59.16 128.50 -0.27
CA GLU V 56 -57.94 127.87 0.23
C GLU V 56 -57.72 126.45 -0.27
N LEU V 57 -58.63 125.53 0.10
CA LEU V 57 -58.46 124.12 -0.23
C LEU V 57 -58.60 123.85 -1.72
N LYS V 58 -59.40 124.65 -2.43
CA LYS V 58 -59.61 124.36 -3.85
C LYS V 58 -58.50 124.96 -4.70
N THR V 59 -58.02 126.16 -4.38
CA THR V 59 -56.90 126.70 -5.12
C THR V 59 -55.58 126.05 -4.75
N LEU V 60 -55.51 125.35 -3.61
CA LEU V 60 -54.34 124.53 -3.35
C LEU V 60 -54.25 123.40 -4.38
N TYR V 61 -55.36 122.72 -4.63
CA TYR V 61 -55.42 121.71 -5.68
C TYR V 61 -55.21 122.31 -7.06
N ASN V 62 -55.70 123.53 -7.26
CA ASN V 62 -55.53 124.20 -8.56
C ASN V 62 -54.06 124.48 -8.85
N THR V 63 -53.34 125.06 -7.89
CA THR V 63 -51.91 125.30 -8.07
C THR V 63 -51.13 123.98 -8.13
N PHE V 64 -51.61 122.93 -7.45
CA PHE V 64 -50.97 121.62 -7.55
C PHE V 64 -51.03 121.09 -8.97
N ILE V 65 -52.21 121.15 -9.58
CA ILE V 65 -52.36 120.76 -10.99
C ILE V 65 -51.57 121.68 -11.91
N LEU V 66 -51.45 122.96 -11.56
CA LEU V 66 -50.73 123.91 -12.40
C LEU V 66 -49.24 123.61 -12.42
N TRP V 67 -48.62 123.43 -11.24
CA TRP V 67 -47.20 123.08 -11.17
C TRP V 67 -46.93 121.70 -11.79
N LEU V 68 -47.85 120.75 -11.57
CA LEU V 68 -47.66 119.40 -12.09
C LEU V 68 -47.70 119.39 -13.62
N MET V 69 -48.64 120.11 -14.20
CA MET V 69 -48.74 120.15 -15.65
C MET V 69 -47.65 121.02 -16.25
N TYR V 70 -47.15 122.01 -15.51
CA TYR V 70 -45.98 122.76 -15.94
C TYR V 70 -44.74 121.87 -16.05
N HIS V 71 -44.53 121.01 -15.06
CA HIS V 71 -43.42 120.08 -15.14
C HIS V 71 -43.64 119.04 -16.24
N TYR V 72 -44.90 118.65 -16.48
CA TYR V 72 -45.20 117.74 -17.58
C TYR V 72 -44.85 118.35 -18.93
N VAL V 73 -45.23 119.61 -19.15
CA VAL V 73 -44.99 120.20 -20.46
C VAL V 73 -43.52 120.56 -20.62
N LEU V 74 -42.79 120.80 -19.52
CA LEU V 74 -41.34 120.94 -19.62
C LEU V 74 -40.68 119.63 -20.05
N SER V 75 -41.04 118.52 -19.38
CA SER V 75 -40.47 117.22 -19.74
C SER V 75 -40.88 116.77 -21.13
N LYS V 76 -42.01 117.24 -21.64
CA LYS V 76 -42.41 116.91 -22.99
C LYS V 76 -41.75 117.80 -24.03
N ARG V 77 -41.41 119.04 -23.67
CA ARG V 77 -40.95 120.02 -24.65
C ARG V 77 -39.46 120.34 -24.47
N LYS V 78 -38.72 119.51 -23.74
CA LYS V 78 -37.27 119.68 -23.74
C LYS V 78 -36.67 119.27 -25.08
N PRO V 79 -35.86 120.11 -25.71
CA PRO V 79 -35.09 119.67 -26.89
C PRO V 79 -33.79 119.01 -26.48
N ASP V 80 -33.27 118.19 -27.38
CA ASP V 80 -32.08 117.38 -27.09
C ASP V 80 -30.83 118.24 -27.12
N TYR V 81 -30.09 118.24 -26.00
CA TYR V 81 -28.82 118.94 -25.91
C TYR V 81 -27.64 118.08 -26.31
N ASN V 82 -27.87 116.77 -26.47
CA ASN V 82 -26.84 115.91 -27.05
C ASN V 82 -26.58 116.28 -28.51
N ALA V 83 -27.56 116.92 -29.16
CA ALA V 83 -27.36 117.48 -30.49
C ALA V 83 -26.23 118.51 -30.51
N ILE V 84 -26.08 119.29 -29.44
CA ILE V 84 -24.97 120.24 -29.45
C ILE V 84 -23.71 119.60 -28.88
N TRP V 85 -23.85 118.58 -28.01
CA TRP V 85 -22.64 117.92 -27.52
C TRP V 85 -22.02 117.01 -28.57
N GLN V 86 -22.79 116.55 -29.54
CA GLN V 86 -22.23 115.79 -30.64
C GLN V 86 -21.29 116.64 -31.48
N ASP V 87 -21.67 117.90 -31.73
CA ASP V 87 -20.77 118.82 -32.42
C ASP V 87 -19.61 119.25 -31.53
N ILE V 88 -19.81 119.28 -30.20
CA ILE V 88 -18.67 119.47 -29.30
C ILE V 88 -17.65 118.36 -29.48
N THR V 89 -18.13 117.11 -29.53
CA THR V 89 -17.23 115.98 -29.76
C THR V 89 -16.61 116.03 -31.15
N LYS V 90 -17.36 116.48 -32.15
CA LYS V 90 -16.85 116.52 -33.52
C LYS V 90 -15.71 117.52 -33.65
N LEU V 91 -15.90 118.74 -33.13
CA LEU V 91 -14.82 119.72 -33.16
C LEU V 91 -13.63 119.28 -32.31
N GLN V 92 -13.89 118.92 -31.05
CA GLN V 92 -12.85 118.63 -30.06
C GLN V 92 -12.02 117.42 -30.47
N ASN V 93 -12.65 116.41 -31.06
CA ASN V 93 -11.93 115.22 -31.50
C ASN V 93 -11.24 115.48 -32.83
N VAL V 94 -11.97 115.97 -33.82
CA VAL V 94 -11.53 115.87 -35.22
C VAL V 94 -10.60 117.03 -35.62
N VAL V 95 -10.65 118.17 -34.94
CA VAL V 95 -9.72 119.22 -35.32
C VAL V 95 -8.58 119.31 -34.30
N ASN V 96 -8.94 119.47 -33.03
CA ASN V 96 -8.02 119.99 -32.04
C ASN V 96 -6.99 118.95 -31.64
N GLU V 97 -7.38 117.68 -31.55
CA GLU V 97 -6.39 116.61 -31.31
C GLU V 97 -5.39 116.50 -32.45
N TYR V 98 -5.86 116.60 -33.70
CA TYR V 98 -4.97 116.49 -34.85
C TYR V 98 -4.01 117.66 -34.92
N LEU V 99 -4.43 118.83 -34.45
CA LEU V 99 -3.48 119.92 -34.41
C LEU V 99 -2.49 119.77 -33.26
N LYS V 100 -2.99 119.44 -32.07
CA LYS V 100 -2.14 119.49 -30.88
C LYS V 100 -1.19 118.30 -30.79
N SER V 101 -1.56 117.15 -31.33
CA SER V 101 -0.73 115.96 -31.21
C SER V 101 -0.07 115.54 -32.51
N LYS V 102 -0.59 115.93 -33.65
CA LYS V 102 -0.12 115.41 -34.93
C LYS V 102 0.59 116.52 -35.69
N GLY V 103 1.85 116.28 -36.00
CA GLY V 103 2.63 117.16 -36.85
C GLY V 103 3.15 118.40 -36.17
N LEU V 104 2.25 119.30 -35.78
CA LEU V 104 2.69 120.54 -35.16
C LEU V 104 3.16 120.30 -33.74
N ASN V 105 2.34 119.57 -32.95
CA ASN V 105 2.69 118.95 -31.66
C ASN V 105 3.27 119.94 -30.66
N LYS V 106 2.51 121.01 -30.39
CA LYS V 106 2.93 122.03 -29.43
C LYS V 106 2.36 121.70 -28.05
N GLY V 107 2.86 120.61 -27.49
CA GLY V 107 2.39 120.13 -26.20
C GLY V 107 2.66 118.65 -26.07
N ASN V 108 2.03 118.06 -25.06
CA ASN V 108 2.15 116.63 -24.77
C ASN V 108 0.89 115.91 -25.22
N PHE V 109 1.11 114.73 -25.82
CA PHE V 109 0.03 113.80 -26.19
C PHE V 109 -0.89 113.52 -25.02
N GLU V 110 -0.32 113.10 -23.89
CA GLU V 110 -1.10 112.69 -22.72
C GLU V 110 -1.89 113.84 -22.14
N ASN V 111 -1.23 115.00 -21.96
CA ASN V 111 -1.88 116.16 -21.36
C ASN V 111 -3.04 116.67 -22.21
N MET V 112 -2.77 116.95 -23.50
CA MET V 112 -3.82 117.51 -24.34
C MET V 112 -4.94 116.50 -24.62
N PHE V 113 -4.56 115.25 -24.94
CA PHE V 113 -5.52 114.22 -25.28
C PHE V 113 -6.42 113.85 -24.10
N THR V 114 -5.86 113.77 -22.89
CA THR V 114 -6.69 113.44 -21.74
C THR V 114 -7.43 114.64 -21.18
N ASN V 115 -6.96 115.87 -21.40
CA ASN V 115 -7.79 117.01 -21.03
C ASN V 115 -8.99 117.16 -21.97
N LYS V 116 -8.86 116.67 -23.20
CA LYS V 116 -10.04 116.60 -24.07
C LYS V 116 -10.90 115.39 -23.75
N GLU V 117 -10.26 114.27 -23.41
CA GLU V 117 -10.94 112.99 -23.32
C GLU V 117 -11.68 112.81 -22.00
N LYS V 118 -11.14 113.36 -20.91
CA LYS V 118 -11.69 113.16 -19.59
C LYS V 118 -13.02 113.89 -19.43
N PHE V 119 -13.93 113.28 -18.66
CA PHE V 119 -15.30 113.74 -18.42
C PHE V 119 -16.06 113.96 -19.73
N GLU V 120 -16.29 112.86 -20.45
CA GLU V 120 -17.20 112.92 -21.58
C GLU V 120 -18.63 113.22 -21.12
N SER V 121 -19.11 112.48 -20.14
CA SER V 121 -20.39 112.78 -19.52
C SER V 121 -20.15 113.60 -18.27
N GLN V 122 -20.94 114.67 -18.13
CA GLN V 122 -20.94 115.57 -16.97
C GLN V 122 -19.57 116.21 -16.76
N PHE V 123 -19.17 117.06 -17.70
CA PHE V 123 -18.08 118.00 -17.48
C PHE V 123 -18.67 119.38 -17.21
N SER V 124 -18.17 120.05 -16.19
CA SER V 124 -18.50 121.44 -15.91
C SER V 124 -17.24 122.26 -15.69
N ASP V 125 -16.13 121.85 -16.27
CA ASP V 125 -14.81 122.37 -15.92
C ASP V 125 -14.51 123.63 -16.70
N ILE V 126 -14.11 124.68 -15.97
CA ILE V 126 -13.74 125.94 -16.60
C ILE V 126 -12.24 125.98 -16.88
N HIS V 127 -11.44 125.19 -16.15
CA HIS V 127 -9.98 125.25 -16.31
C HIS V 127 -9.53 124.62 -17.63
N ARG V 128 -10.24 123.59 -18.12
CA ARG V 128 -9.96 123.04 -19.44
C ARG V 128 -10.20 124.07 -20.53
N ALA V 129 -11.37 124.74 -20.45
CA ALA V 129 -11.67 125.88 -21.29
C ALA V 129 -10.56 126.92 -21.23
N LEU V 130 -10.14 127.30 -20.02
CA LEU V 130 -9.10 128.31 -19.80
C LEU V 130 -7.77 127.92 -20.42
N LEU V 131 -7.43 126.62 -20.42
CA LEU V 131 -6.24 126.17 -21.14
C LEU V 131 -6.39 126.41 -22.64
N ARG V 132 -7.57 126.10 -23.19
CA ARG V 132 -7.77 126.37 -24.62
C ARG V 132 -7.84 127.86 -24.91
N LEU V 133 -8.28 128.66 -23.94
CA LEU V 133 -8.29 130.11 -24.08
C LEU V 133 -6.88 130.67 -24.11
N GLY V 134 -6.01 130.17 -23.23
CA GLY V 134 -4.63 130.60 -23.24
C GLY V 134 -3.91 130.21 -24.51
N ASN V 135 -4.21 129.03 -25.04
CA ASN V 135 -3.67 128.61 -26.33
C ASN V 135 -4.14 129.55 -27.45
N SER V 136 -5.45 129.81 -27.52
CA SER V 136 -6.01 130.66 -28.57
C SER V 136 -5.50 132.10 -28.48
N ILE V 137 -5.32 132.64 -27.27
CA ILE V 137 -4.83 134.00 -27.15
C ILE V 137 -3.32 134.05 -27.42
N ARG V 138 -2.60 132.95 -27.18
CA ARG V 138 -1.21 132.88 -27.64
C ARG V 138 -1.13 132.90 -29.16
N TRP V 139 -2.08 132.23 -29.82
CA TRP V 139 -2.24 132.41 -31.27
C TRP V 139 -2.66 133.83 -31.62
N GLY V 140 -3.34 134.51 -30.71
CA GLY V 140 -3.85 135.85 -30.93
C GLY V 140 -2.79 136.92 -30.89
N SER V 141 -3.25 138.16 -30.73
CA SER V 141 -2.37 139.32 -30.74
C SER V 141 -1.74 139.55 -29.38
N ASN V 142 -2.54 139.53 -28.32
CA ASN V 142 -2.12 139.97 -27.00
C ASN V 142 -1.91 138.80 -26.06
N VAL V 143 -1.48 139.13 -24.84
CA VAL V 143 -1.27 138.19 -23.75
C VAL V 143 -2.52 137.88 -22.91
N PRO V 144 -3.23 138.84 -22.28
CA PRO V 144 -4.14 138.48 -21.19
C PRO V 144 -5.43 137.83 -21.66
N ILE V 145 -6.21 137.37 -20.68
CA ILE V 145 -7.39 136.52 -20.88
C ILE V 145 -8.61 137.35 -20.48
N ASP V 146 -8.56 138.65 -20.79
CA ASP V 146 -9.69 139.55 -20.51
C ASP V 146 -10.95 139.11 -21.24
N THR V 147 -10.84 138.75 -22.51
CA THR V 147 -11.93 138.11 -23.21
C THR V 147 -11.72 136.60 -23.19
N PRO V 148 -12.60 135.83 -22.56
CA PRO V 148 -12.46 134.37 -22.64
C PRO V 148 -12.70 133.87 -24.06
N TYR V 149 -13.92 134.01 -24.56
CA TYR V 149 -14.28 133.44 -25.85
C TYR V 149 -13.55 133.97 -27.08
N VAL V 150 -14.27 134.61 -28.00
CA VAL V 150 -13.65 135.09 -29.21
C VAL V 150 -12.57 136.12 -28.92
N ASN V 151 -11.45 135.98 -29.62
CA ASN V 151 -10.34 136.89 -29.46
C ASN V 151 -10.16 137.77 -30.69
N LEU V 152 -9.47 138.90 -30.47
CA LEU V 152 -9.17 140.03 -31.35
C LEU V 152 -10.38 140.92 -31.62
N THR V 153 -11.59 140.47 -31.28
CA THR V 153 -12.78 141.22 -31.69
C THR V 153 -13.84 141.24 -30.59
N ALA V 154 -14.36 142.43 -30.31
CA ALA V 154 -15.46 142.60 -29.38
C ALA V 154 -16.73 143.10 -30.06
N GLU V 155 -16.83 142.97 -31.39
CA GLU V 155 -18.09 143.28 -32.06
C GLU V 155 -19.14 142.21 -31.81
N ASP V 156 -18.73 141.03 -31.39
CA ASP V 156 -19.64 139.90 -31.18
C ASP V 156 -19.76 139.51 -29.72
N SER V 157 -19.06 140.21 -28.82
CA SER V 157 -18.96 139.72 -27.44
C SER V 157 -20.26 139.93 -26.67
N SER V 158 -20.81 141.15 -26.70
CA SER V 158 -22.07 141.40 -26.03
C SER V 158 -23.22 140.66 -26.70
N GLU V 159 -23.11 140.37 -28.01
CA GLU V 159 -24.15 139.61 -28.68
C GLU V 159 -24.12 138.14 -28.30
N ILE V 160 -22.91 137.57 -28.14
CA ILE V 160 -22.80 136.20 -27.65
C ILE V 160 -23.26 136.10 -26.18
N GLU V 161 -22.96 137.14 -25.37
CA GLU V 161 -23.51 137.17 -24.02
C GLU V 161 -25.03 137.32 -24.02
N ASN V 162 -25.58 138.07 -24.98
CA ASN V 162 -27.02 138.13 -25.13
C ASN V 162 -27.59 136.77 -25.52
N ASN V 163 -26.85 136.02 -26.33
CA ASN V 163 -27.27 134.67 -26.72
C ASN V 163 -27.27 133.73 -25.52
N LEU V 164 -26.26 133.85 -24.66
CA LEU V 164 -26.22 133.00 -23.47
C LEU V 164 -27.28 133.40 -22.45
N GLN V 165 -27.58 134.69 -22.33
CA GLN V 165 -28.69 135.11 -21.47
C GLN V 165 -30.03 134.66 -22.02
N ASP V 166 -30.18 134.64 -23.35
CA ASP V 166 -31.40 134.10 -23.95
C ASP V 166 -31.50 132.60 -23.75
N ALA V 167 -30.36 131.89 -23.71
CA ALA V 167 -30.37 130.48 -23.38
C ALA V 167 -30.82 130.25 -21.94
N GLU V 168 -30.29 131.06 -21.01
CA GLU V 168 -30.71 131.01 -19.61
C GLU V 168 -32.19 131.31 -19.44
N LYS V 169 -32.71 132.24 -20.24
CA LYS V 169 -34.13 132.58 -20.14
C LYS V 169 -34.99 131.47 -20.73
N ASN V 170 -34.71 131.05 -21.96
CA ASN V 170 -35.50 130.02 -22.64
C ASN V 170 -34.55 128.94 -23.10
N MET V 171 -34.25 127.99 -22.21
CA MET V 171 -33.55 126.76 -22.55
C MET V 171 -34.36 125.84 -23.46
N LEU V 172 -35.65 126.08 -23.68
CA LEU V 172 -36.42 125.24 -24.59
C LEU V 172 -36.22 125.65 -26.03
N TRP V 173 -35.82 126.89 -26.28
CA TRP V 173 -35.60 127.40 -27.64
C TRP V 173 -34.27 128.13 -27.69
N TYR V 174 -33.28 127.52 -28.34
CA TYR V 174 -31.91 128.04 -28.32
C TYR V 174 -31.34 128.05 -29.74
N THR V 175 -30.47 129.03 -29.99
CA THR V 175 -29.86 129.23 -31.30
C THR V 175 -28.35 129.26 -31.18
N VAL V 176 -27.66 128.80 -32.22
CA VAL V 176 -26.21 128.74 -32.26
C VAL V 176 -25.71 129.98 -32.99
N TYR V 177 -24.65 130.60 -32.46
CA TYR V 177 -24.23 131.90 -32.96
C TYR V 177 -23.61 131.81 -34.34
N ASN V 178 -22.82 130.75 -34.59
CA ASN V 178 -22.16 130.46 -35.87
C ASN V 178 -21.23 131.59 -36.30
N ILE V 179 -20.07 131.70 -35.62
CA ILE V 179 -19.09 132.78 -35.80
C ILE V 179 -18.72 133.00 -37.27
N ASN V 180 -18.64 134.27 -37.67
CA ASN V 180 -18.59 134.71 -39.05
C ASN V 180 -17.32 134.25 -39.77
N ASP V 181 -17.48 133.82 -41.02
CA ASP V 181 -16.36 133.34 -41.83
C ASP V 181 -15.30 134.38 -42.22
N PRO V 182 -15.61 135.56 -42.82
CA PRO V 182 -14.55 136.29 -43.54
C PRO V 182 -13.49 136.93 -42.66
N TRP V 183 -13.83 137.35 -41.45
CA TRP V 183 -12.87 137.98 -40.55
C TRP V 183 -12.54 137.03 -39.42
N ASP V 184 -11.28 137.00 -39.03
CA ASP V 184 -10.78 135.99 -38.12
C ASP V 184 -9.45 136.44 -37.51
N GLU V 185 -9.19 135.98 -36.28
CA GLU V 185 -7.84 136.09 -35.74
C GLU V 185 -6.88 135.19 -36.51
N ASN V 186 -7.22 133.90 -36.61
CA ASN V 186 -6.61 133.04 -37.61
C ASN V 186 -7.72 132.15 -38.14
N GLY V 187 -7.38 131.21 -39.01
CA GLY V 187 -8.45 130.51 -39.69
C GLY V 187 -9.04 129.35 -38.93
N TYR V 188 -8.94 128.17 -39.57
CA TYR V 188 -9.56 126.92 -39.15
C TYR V 188 -9.32 126.59 -37.68
N LEU V 189 -8.12 126.86 -37.17
CA LEU V 189 -7.78 126.47 -35.81
C LEU V 189 -8.54 127.30 -34.76
N VAL V 190 -8.45 128.63 -34.82
CA VAL V 190 -9.14 129.38 -33.77
C VAL V 190 -10.64 129.45 -34.02
N THR V 191 -11.10 129.23 -35.26
CA THR V 191 -12.55 129.07 -35.43
C THR V 191 -13.03 127.76 -34.81
N SER V 192 -12.21 126.71 -34.87
CA SER V 192 -12.57 125.46 -34.21
C SER V 192 -12.54 125.60 -32.69
N ILE V 193 -11.48 126.22 -32.16
CA ILE V 193 -11.36 126.45 -30.72
C ILE V 193 -12.49 127.36 -30.22
N ASN V 194 -12.83 128.36 -31.02
CA ASN V 194 -13.86 129.33 -30.67
C ASN V 194 -15.23 128.67 -30.62
N LYS V 195 -15.57 127.88 -31.65
CA LYS V 195 -16.82 127.14 -31.65
C LYS V 195 -16.87 126.10 -30.54
N LEU V 196 -15.73 125.49 -30.21
CA LEU V 196 -15.66 124.51 -29.11
C LEU V 196 -15.98 125.16 -27.77
N VAL V 197 -15.39 126.33 -27.50
CA VAL V 197 -15.63 127.02 -26.23
C VAL V 197 -17.08 127.51 -26.15
N TYR V 198 -17.59 128.08 -27.24
CA TYR V 198 -18.97 128.57 -27.24
C TYR V 198 -19.98 127.45 -27.11
N LEU V 199 -19.75 126.31 -27.75
CA LEU V 199 -20.68 125.20 -27.64
C LEU V 199 -20.59 124.51 -26.28
N GLY V 200 -19.41 124.48 -25.67
CA GLY V 200 -19.31 123.94 -24.32
C GLY V 200 -20.01 124.81 -23.30
N LYS V 201 -19.88 126.13 -23.44
CA LYS V 201 -20.59 127.05 -22.56
C LYS V 201 -22.09 126.96 -22.76
N LEU V 202 -22.54 126.84 -24.01
CA LEU V 202 -23.97 126.68 -24.29
C LEU V 202 -24.51 125.40 -23.68
N PHE V 203 -23.74 124.31 -23.78
CA PHE V 203 -24.17 123.02 -23.26
C PHE V 203 -24.31 123.04 -21.76
N VAL V 204 -23.30 123.58 -21.06
CA VAL V 204 -23.39 123.60 -19.60
C VAL V 204 -24.44 124.60 -19.12
N THR V 205 -24.68 125.67 -19.90
CA THR V 205 -25.70 126.65 -19.54
C THR V 205 -27.10 126.05 -19.65
N LEU V 206 -27.38 125.36 -20.75
CA LEU V 206 -28.69 124.75 -20.94
C LEU V 206 -28.95 123.64 -19.93
N ASN V 207 -27.93 122.84 -19.61
CA ASN V 207 -28.12 121.77 -18.63
C ASN V 207 -28.33 122.31 -17.22
N GLN V 208 -27.59 123.35 -16.83
CA GLN V 208 -27.80 123.94 -15.51
C GLN V 208 -29.17 124.60 -15.41
N SER V 209 -29.64 125.24 -16.49
CA SER V 209 -30.97 125.86 -16.46
C SER V 209 -32.08 124.81 -16.37
N TRP V 210 -31.91 123.69 -17.08
CA TRP V 210 -32.91 122.62 -16.99
C TRP V 210 -32.94 121.99 -15.61
N SER V 211 -31.77 121.73 -15.01
CA SER V 211 -31.74 121.16 -13.68
C SER V 211 -32.33 122.10 -12.64
N LYS V 212 -32.13 123.42 -12.84
CA LYS V 212 -32.74 124.41 -11.97
C LYS V 212 -34.25 124.35 -12.03
N LEU V 213 -34.83 124.33 -13.25
CA LEU V 213 -36.28 124.30 -13.35
C LEU V 213 -36.89 122.97 -12.90
N GLU V 214 -36.18 121.86 -13.12
CA GLU V 214 -36.72 120.57 -12.68
C GLU V 214 -36.72 120.46 -11.16
N LYS V 215 -35.64 120.91 -10.51
CA LYS V 215 -35.61 120.89 -9.05
C LYS V 215 -36.62 121.86 -8.45
N VAL V 216 -36.85 123.01 -9.12
CA VAL V 216 -37.87 123.97 -8.67
C VAL V 216 -39.26 123.35 -8.76
N ALA V 217 -39.59 122.73 -9.89
CA ALA V 217 -40.93 122.17 -10.08
C ALA V 217 -41.18 121.02 -9.12
N MET V 218 -40.19 120.15 -8.91
CA MET V 218 -40.38 119.05 -7.97
C MET V 218 -40.47 119.52 -6.54
N SER V 219 -39.71 120.56 -6.18
CA SER V 219 -39.81 121.11 -4.82
C SER V 219 -41.17 121.73 -4.57
N GLN V 220 -41.73 122.42 -5.58
CA GLN V 220 -43.05 123.02 -5.41
C GLN V 220 -44.15 121.97 -5.33
N ILE V 221 -44.03 120.89 -6.11
CA ILE V 221 -45.05 119.83 -6.07
C ILE V 221 -45.03 119.10 -4.74
N VAL V 222 -43.83 118.74 -4.25
CA VAL V 222 -43.71 118.08 -2.95
C VAL V 222 -44.12 119.01 -1.82
N THR V 223 -43.87 120.32 -1.96
CA THR V 223 -44.31 121.29 -0.97
C THR V 223 -45.83 121.37 -0.90
N THR V 224 -46.50 121.40 -2.06
CA THR V 224 -47.95 121.51 -2.05
C THR V 224 -48.64 120.21 -1.61
N GLN V 225 -47.98 119.05 -1.79
CA GLN V 225 -48.57 117.79 -1.33
C GLN V 225 -48.80 117.76 0.17
N ASN V 226 -47.87 118.31 0.95
CA ASN V 226 -48.02 118.27 2.40
C ASN V 226 -49.14 119.16 2.89
N HIS V 227 -49.25 120.38 2.33
CA HIS V 227 -50.32 121.28 2.70
C HIS V 227 -51.66 120.79 2.17
N LEU V 228 -51.66 120.00 1.10
CA LEU V 228 -52.90 119.40 0.62
C LEU V 228 -53.34 118.26 1.52
N SER V 229 -52.39 117.44 1.96
CA SER V 229 -52.68 116.29 2.79
C SER V 229 -53.10 116.68 4.19
N GLY V 230 -52.54 117.78 4.71
CA GLY V 230 -52.90 118.22 6.05
C GLY V 230 -54.33 118.72 6.13
N HIS V 231 -54.79 119.42 5.09
CA HIS V 231 -56.18 119.87 5.06
C HIS V 231 -57.13 118.75 4.69
N LEU V 232 -56.70 117.78 3.87
CA LEU V 232 -57.62 116.71 3.51
C LEU V 232 -57.61 115.54 4.49
N ARG V 233 -56.73 115.53 5.49
CA ARG V 233 -56.60 114.36 6.35
C ARG V 233 -57.78 114.19 7.29
N LYS V 234 -58.45 115.29 7.64
CA LYS V 234 -59.34 115.29 8.80
C LYS V 234 -60.67 114.55 8.57
N ASN V 235 -61.19 114.54 7.35
CA ASN V 235 -62.52 113.96 7.12
C ASN V 235 -62.43 112.46 6.85
N GLU V 236 -63.54 111.76 7.14
CA GLU V 236 -63.54 110.31 7.29
C GLU V 236 -64.42 109.58 6.28
N ASN V 237 -64.93 110.27 5.26
CA ASN V 237 -65.69 109.57 4.24
C ASN V 237 -64.74 108.75 3.36
N PHE V 238 -65.32 107.75 2.67
CA PHE V 238 -64.52 106.91 1.79
C PHE V 238 -63.97 107.70 0.61
N ASN V 239 -64.80 108.52 -0.03
CA ASN V 239 -64.33 109.34 -1.15
C ASN V 239 -63.27 110.33 -0.69
N ALA V 240 -63.42 110.85 0.52
CA ALA V 240 -62.42 111.73 1.12
C ALA V 240 -61.09 111.01 1.30
N VAL V 241 -61.09 109.83 1.92
CA VAL V 241 -59.83 109.16 2.18
C VAL V 241 -59.24 108.56 0.91
N TYR V 242 -60.07 108.27 -0.09
CA TYR V 242 -59.54 107.84 -1.37
C TYR V 242 -58.86 109.01 -2.10
N SER V 243 -59.43 110.20 -1.98
CA SER V 243 -58.74 111.39 -2.51
C SER V 243 -57.44 111.64 -1.76
N GLN V 244 -57.44 111.37 -0.45
CA GLN V 244 -56.21 111.46 0.35
C GLN V 244 -55.14 110.52 -0.17
N ARG V 245 -55.51 109.27 -0.46
CA ARG V 245 -54.50 108.30 -0.91
C ARG V 245 -54.01 108.62 -2.32
N VAL V 246 -54.92 109.01 -3.22
CA VAL V 246 -54.53 109.40 -4.58
C VAL V 246 -53.61 110.62 -4.55
N LEU V 247 -53.89 111.58 -3.69
CA LEU V 247 -53.10 112.79 -3.61
C LEU V 247 -51.88 112.65 -2.71
N GLN V 248 -51.75 111.53 -1.99
CA GLN V 248 -50.53 111.19 -1.26
C GLN V 248 -49.68 110.13 -1.95
N THR V 249 -50.07 109.67 -3.15
CA THR V 249 -49.17 108.83 -3.93
C THR V 249 -47.89 109.59 -4.27
N PRO V 250 -46.71 109.01 -4.07
CA PRO V 250 -45.47 109.76 -4.23
C PRO V 250 -45.13 110.02 -5.69
N LEU V 251 -44.44 111.14 -5.92
CA LEU V 251 -44.15 111.61 -7.26
C LEU V 251 -42.65 111.76 -7.48
N THR V 252 -42.18 111.30 -8.63
CA THR V 252 -40.92 111.72 -9.21
C THR V 252 -41.19 112.34 -10.58
N GLY V 253 -40.19 113.07 -11.06
CA GLY V 253 -40.32 113.75 -12.34
C GLY V 253 -40.46 112.81 -13.52
N GLN V 254 -40.01 111.58 -13.37
CA GLN V 254 -40.18 110.58 -14.40
C GLN V 254 -41.47 109.78 -14.25
N ARG V 255 -42.21 110.01 -13.16
CA ARG V 255 -43.48 109.33 -12.89
C ARG V 255 -44.66 110.30 -13.00
N VAL V 256 -44.37 111.58 -13.21
CA VAL V 256 -45.40 112.61 -13.17
C VAL V 256 -46.35 112.51 -14.37
N GLU V 257 -45.93 111.90 -15.49
CA GLU V 257 -46.78 111.79 -16.66
C GLU V 257 -47.87 110.75 -16.44
N SER V 258 -47.47 109.58 -15.93
CA SER V 258 -48.42 108.54 -15.55
C SER V 258 -49.35 109.04 -14.45
N PHE V 259 -48.82 109.79 -13.49
CA PHE V 259 -49.69 110.33 -12.46
C PHE V 259 -50.64 111.40 -12.99
N LEU V 260 -50.26 112.12 -14.05
CA LEU V 260 -51.19 113.05 -14.68
C LEU V 260 -52.36 112.32 -15.31
N LYS V 261 -52.09 111.18 -15.96
CA LYS V 261 -53.18 110.36 -16.50
C LYS V 261 -54.08 109.81 -15.38
N ILE V 262 -53.44 109.33 -14.30
CA ILE V 262 -54.16 108.83 -13.12
C ILE V 262 -55.04 109.91 -12.51
N ILE V 263 -54.52 111.14 -12.41
CA ILE V 263 -55.28 112.18 -11.74
C ILE V 263 -56.34 112.76 -12.66
N THR V 264 -56.24 112.57 -13.98
CA THR V 264 -57.41 112.83 -14.82
C THR V 264 -58.53 111.83 -14.54
N SER V 265 -58.18 110.54 -14.56
CA SER V 265 -59.18 109.50 -14.31
C SER V 265 -59.73 109.54 -12.88
N ASP V 266 -59.01 110.15 -11.95
CA ASP V 266 -59.53 110.40 -10.61
C ASP V 266 -60.10 111.80 -10.44
N TYR V 267 -59.86 112.72 -11.38
CA TYR V 267 -60.61 113.97 -11.42
C TYR V 267 -62.06 113.70 -11.77
N GLU V 268 -62.29 112.58 -12.48
CA GLU V 268 -63.65 112.06 -12.64
C GLU V 268 -64.44 111.97 -11.32
N ILE V 269 -63.79 111.64 -10.20
CA ILE V 269 -64.44 111.60 -8.91
C ILE V 269 -64.10 112.80 -8.02
N ILE V 270 -62.82 113.16 -7.89
CA ILE V 270 -62.40 114.03 -6.79
C ILE V 270 -62.80 115.47 -6.96
N LYS V 271 -63.39 115.85 -8.09
CA LYS V 271 -64.13 117.10 -8.15
C LYS V 271 -65.31 117.05 -7.20
N SER V 272 -66.02 115.91 -7.16
CA SER V 272 -67.12 115.74 -6.24
C SER V 272 -66.66 115.42 -4.83
N SER V 273 -65.47 114.85 -4.66
CA SER V 273 -64.98 114.51 -3.32
C SER V 273 -64.52 115.72 -2.53
N LEU V 274 -64.42 116.89 -3.15
CA LEU V 274 -64.12 118.10 -2.39
C LEU V 274 -65.29 118.46 -1.48
N GLU V 275 -64.95 119.00 -0.31
CA GLU V 275 -65.91 119.30 0.74
C GLU V 275 -66.92 120.36 0.34
N SER W 7 -56.86 138.33 -88.54
CA SER W 7 -56.28 138.62 -87.24
C SER W 7 -56.76 137.70 -86.13
N ILE W 8 -56.32 136.44 -86.18
CA ILE W 8 -56.76 135.30 -85.36
C ILE W 8 -58.28 135.37 -85.14
N PRO W 9 -59.05 135.13 -86.22
CA PRO W 9 -60.53 135.14 -86.37
C PRO W 9 -61.45 134.06 -85.74
N PHE W 10 -61.13 132.77 -85.90
CA PHE W 10 -61.91 131.62 -85.37
C PHE W 10 -63.33 131.37 -85.91
N ALA W 11 -64.11 130.61 -85.13
CA ALA W 11 -65.50 130.22 -85.36
C ALA W 11 -66.46 131.09 -84.55
N TRP W 12 -67.69 130.63 -84.40
CA TRP W 12 -68.82 131.44 -83.97
C TRP W 12 -68.90 131.68 -82.46
N LEU W 13 -67.74 131.61 -81.79
CA LEU W 13 -67.62 131.73 -80.35
C LEU W 13 -67.85 133.15 -79.86
N ASP W 14 -68.15 133.24 -78.56
CA ASP W 14 -68.29 134.52 -77.89
C ASP W 14 -66.92 135.16 -77.64
N ARG W 15 -66.94 136.44 -77.28
CA ARG W 15 -65.70 137.15 -77.01
C ARG W 15 -65.01 136.64 -75.76
N ASP W 16 -65.77 136.15 -74.79
CA ASP W 16 -65.17 135.55 -73.59
C ASP W 16 -64.40 134.29 -73.95
N LYS W 17 -64.99 133.41 -74.77
CA LYS W 17 -64.30 132.19 -75.17
C LYS W 17 -63.10 132.48 -76.06
N VAL W 18 -63.23 133.48 -76.94
CA VAL W 18 -62.10 133.88 -77.78
C VAL W 18 -60.96 134.44 -76.93
N GLN W 19 -61.30 135.21 -75.89
CA GLN W 19 -60.27 135.72 -74.98
C GLN W 19 -59.65 134.58 -74.15
N ARG W 20 -60.44 133.54 -73.83
CA ARG W 20 -59.87 132.37 -73.16
C ARG W 20 -58.86 131.65 -74.05
N LEU W 21 -59.19 131.47 -75.32
CA LEU W 21 -58.28 130.79 -76.24
C LEU W 21 -57.02 131.62 -76.47
N THR W 22 -57.18 132.94 -76.63
CA THR W 22 -56.03 133.82 -76.83
C THR W 22 -55.17 133.88 -75.57
N ASN W 23 -55.79 133.82 -74.39
CA ASN W 23 -55.03 133.83 -73.14
C ASN W 23 -54.26 132.53 -72.95
N PHE W 24 -54.87 131.40 -73.30
CA PHE W 24 -54.18 130.12 -73.20
C PHE W 24 -53.01 130.04 -74.18
N LEU W 25 -53.24 130.45 -75.42
CA LEU W 25 -52.18 130.40 -76.42
C LEU W 25 -51.11 131.46 -76.20
N SER W 26 -51.41 132.52 -75.45
CA SER W 26 -50.39 133.49 -75.10
C SER W 26 -49.56 133.02 -73.92
N ASN W 27 -50.21 132.57 -72.84
CA ASN W 27 -49.52 132.08 -71.66
C ASN W 27 -49.34 130.58 -71.66
N LEU W 28 -49.17 129.97 -72.84
CA LEU W 28 -48.94 128.53 -72.92
C LEU W 28 -47.66 128.12 -72.21
N GLU W 29 -46.58 128.87 -72.39
CA GLU W 29 -45.30 128.51 -71.78
C GLU W 29 -45.29 128.66 -70.26
N ASN W 30 -46.22 129.41 -69.69
CA ASN W 30 -46.18 129.69 -68.26
C ASN W 30 -46.67 128.51 -67.43
N LEU W 31 -47.86 128.00 -67.75
CA LEU W 31 -48.44 126.93 -66.96
C LEU W 31 -47.81 125.59 -67.33
N GLU W 32 -47.95 124.62 -66.44
CA GLU W 32 -47.23 123.36 -66.55
C GLU W 32 -48.04 122.33 -67.32
N ASN W 33 -47.32 121.33 -67.85
CA ASN W 33 -47.88 120.19 -68.60
C ASN W 33 -48.67 120.66 -69.80
N VAL W 34 -47.95 121.11 -70.83
CA VAL W 34 -48.58 121.82 -71.93
C VAL W 34 -49.20 120.88 -72.96
N ASP W 35 -50.47 120.56 -72.78
CA ASP W 35 -51.12 119.66 -73.73
C ASP W 35 -52.64 119.89 -73.75
N LEU W 36 -53.22 119.62 -74.91
CA LEU W 36 -54.68 119.69 -75.01
C LEU W 36 -55.33 118.52 -74.29
N ARG W 37 -54.68 117.36 -74.26
CA ARG W 37 -55.24 116.29 -73.44
C ARG W 37 -54.98 116.54 -71.96
N GLU W 38 -54.06 117.45 -71.62
CA GLU W 38 -54.03 117.98 -70.27
C GLU W 38 -55.22 118.88 -70.00
N HIS W 39 -55.60 119.71 -70.98
CA HIS W 39 -56.61 120.75 -70.76
C HIS W 39 -57.83 120.55 -71.65
N PRO W 40 -58.88 119.89 -71.13
CA PRO W 40 -60.17 119.89 -71.85
C PRO W 40 -60.87 121.24 -71.85
N TYR W 41 -60.43 122.18 -71.00
CA TYR W 41 -61.08 123.48 -70.89
C TYR W 41 -60.92 124.29 -72.16
N VAL W 42 -59.80 124.09 -72.87
CA VAL W 42 -59.66 124.63 -74.21
C VAL W 42 -60.58 123.90 -75.17
N THR W 43 -60.61 122.57 -75.08
CA THR W 43 -61.37 121.74 -76.00
C THR W 43 -62.87 121.92 -75.81
N ASN W 44 -63.31 122.18 -74.59
CA ASN W 44 -64.73 122.38 -74.33
C ASN W 44 -65.13 123.85 -74.20
N SER W 45 -64.16 124.77 -74.17
CA SER W 45 -64.48 126.17 -74.46
C SER W 45 -64.50 126.42 -75.96
N CYS W 46 -63.96 125.48 -76.74
CA CYS W 46 -64.03 125.51 -78.19
C CYS W 46 -65.45 125.36 -78.73
N VAL W 47 -66.36 124.77 -77.95
CA VAL W 47 -67.66 124.37 -78.51
C VAL W 47 -68.59 125.58 -78.65
N VAL W 48 -69.46 125.54 -79.65
CA VAL W 48 -70.36 126.65 -79.98
C VAL W 48 -71.73 126.34 -79.40
N ARG W 49 -72.50 127.37 -79.11
CA ARG W 49 -73.81 127.23 -78.48
C ARG W 49 -74.84 126.69 -79.50
N GLU W 50 -76.11 126.64 -79.07
CA GLU W 50 -77.27 126.32 -79.91
C GLU W 50 -77.21 124.92 -80.52
N GLY W 51 -77.08 123.91 -79.66
CA GLY W 51 -77.22 122.53 -80.09
C GLY W 51 -75.94 121.93 -80.62
N GLU W 52 -76.07 120.69 -81.13
CA GLU W 52 -74.92 119.94 -81.61
C GLU W 52 -74.81 119.94 -83.13
N ASP W 53 -75.85 120.35 -83.86
CA ASP W 53 -75.75 120.45 -85.31
C ASP W 53 -74.76 121.55 -85.70
N VAL W 54 -74.83 122.68 -84.99
CA VAL W 54 -73.81 123.72 -85.06
C VAL W 54 -72.44 123.13 -84.74
N ASP W 55 -72.38 122.20 -83.78
CA ASP W 55 -71.11 121.62 -83.39
C ASP W 55 -70.57 120.69 -84.47
N GLU W 56 -71.40 119.79 -84.98
CA GLU W 56 -71.03 118.81 -85.99
C GLU W 56 -70.70 119.47 -87.33
N LEU W 57 -71.16 120.69 -87.55
CA LEU W 57 -70.72 121.42 -88.73
C LEU W 57 -69.53 122.34 -88.46
N LYS W 58 -69.38 122.87 -87.24
CA LYS W 58 -68.53 124.03 -87.03
C LYS W 58 -67.43 123.82 -85.99
N THR W 59 -67.69 123.04 -84.94
CA THR W 59 -66.64 122.80 -83.95
C THR W 59 -65.58 121.85 -84.45
N LEU W 60 -65.88 121.04 -85.46
CA LEU W 60 -64.83 120.32 -86.16
C LEU W 60 -63.85 121.30 -86.79
N TYR W 61 -64.38 122.33 -87.48
CA TYR W 61 -63.56 123.40 -88.01
C TYR W 61 -62.80 124.15 -86.91
N ASN W 62 -63.46 124.38 -85.77
CA ASN W 62 -62.80 125.16 -84.73
C ASN W 62 -61.71 124.34 -84.02
N THR W 63 -61.92 123.04 -83.82
CA THR W 63 -60.86 122.18 -83.30
C THR W 63 -59.70 122.09 -84.28
N PHE W 64 -60.00 122.06 -85.58
CA PHE W 64 -58.98 122.17 -86.62
C PHE W 64 -58.17 123.45 -86.47
N ILE W 65 -58.86 124.58 -86.22
CA ILE W 65 -58.17 125.85 -86.00
C ILE W 65 -57.34 125.83 -84.72
N LEU W 66 -57.86 125.20 -83.66
CA LEU W 66 -57.11 125.08 -82.41
C LEU W 66 -55.83 124.29 -82.58
N TRP W 67 -55.90 123.16 -83.29
CA TRP W 67 -54.70 122.35 -83.46
C TRP W 67 -53.69 123.04 -84.37
N LEU W 68 -54.16 123.75 -85.41
CA LEU W 68 -53.24 124.53 -86.26
C LEU W 68 -52.52 125.60 -85.46
N MET W 69 -53.26 126.39 -84.69
CA MET W 69 -52.63 127.48 -83.94
C MET W 69 -51.82 126.98 -82.75
N TYR W 70 -52.20 125.83 -82.19
CA TYR W 70 -51.42 125.23 -81.11
C TYR W 70 -50.09 124.72 -81.63
N HIS W 71 -50.10 124.05 -82.79
CA HIS W 71 -48.85 123.63 -83.40
C HIS W 71 -48.02 124.84 -83.86
N TYR W 72 -48.69 125.93 -84.23
CA TYR W 72 -47.99 127.15 -84.61
C TYR W 72 -47.26 127.77 -83.42
N VAL W 73 -47.93 127.87 -82.27
CA VAL W 73 -47.26 128.49 -81.13
C VAL W 73 -46.21 127.56 -80.56
N LEU W 74 -46.38 126.24 -80.73
CA LEU W 74 -45.29 125.31 -80.40
C LEU W 74 -44.06 125.55 -81.28
N SER W 75 -44.26 125.54 -82.60
CA SER W 75 -43.16 125.75 -83.54
C SER W 75 -42.56 127.14 -83.46
N LYS W 76 -43.30 128.11 -82.92
CA LYS W 76 -42.76 129.44 -82.72
C LYS W 76 -42.03 129.58 -81.39
N ARG W 77 -42.41 128.81 -80.37
CA ARG W 77 -41.86 129.01 -79.04
C ARG W 77 -40.96 127.90 -78.55
N LYS W 78 -40.57 126.94 -79.39
CA LYS W 78 -39.64 125.90 -78.93
C LYS W 78 -38.26 126.47 -78.64
N PRO W 79 -37.75 126.36 -77.42
CA PRO W 79 -36.36 126.75 -77.16
C PRO W 79 -35.41 125.73 -77.75
N ASP W 80 -34.27 126.21 -78.22
CA ASP W 80 -33.34 125.32 -78.89
C ASP W 80 -32.42 124.65 -77.88
N TYR W 81 -32.44 123.31 -77.86
CA TYR W 81 -31.76 122.50 -76.86
C TYR W 81 -30.32 122.19 -77.25
N ASN W 82 -29.88 122.66 -78.41
CA ASN W 82 -28.51 122.41 -78.84
C ASN W 82 -27.52 123.20 -78.00
N ALA W 83 -27.98 124.25 -77.31
CA ALA W 83 -27.13 124.94 -76.35
C ALA W 83 -26.73 124.02 -75.20
N ILE W 84 -27.63 123.14 -74.76
CA ILE W 84 -27.24 122.21 -73.71
C ILE W 84 -26.52 121.02 -74.33
N TRP W 85 -26.79 120.72 -75.61
CA TRP W 85 -26.00 119.69 -76.26
C TRP W 85 -24.58 120.16 -76.55
N GLN W 86 -24.36 121.48 -76.62
CA GLN W 86 -23.02 122.02 -76.76
C GLN W 86 -22.19 121.72 -75.52
N ASP W 87 -22.77 121.87 -74.34
CA ASP W 87 -22.09 121.51 -73.11
C ASP W 87 -21.94 119.99 -72.99
N ILE W 88 -22.89 119.23 -73.53
CA ILE W 88 -22.73 117.77 -73.59
C ILE W 88 -21.51 117.39 -74.43
N THR W 89 -21.38 118.00 -75.60
CA THR W 89 -20.21 117.75 -76.45
C THR W 89 -18.94 118.24 -75.81
N LYS W 90 -18.99 119.33 -75.04
CA LYS W 90 -17.81 119.80 -74.33
C LYS W 90 -17.36 118.79 -73.27
N LEU W 91 -18.29 118.26 -72.49
CA LEU W 91 -17.95 117.28 -71.47
C LEU W 91 -17.42 115.99 -72.10
N GLN W 92 -18.14 115.47 -73.11
CA GLN W 92 -17.79 114.20 -73.73
C GLN W 92 -16.48 114.28 -74.51
N ASN W 93 -16.27 115.37 -75.25
CA ASN W 93 -15.04 115.56 -76.00
C ASN W 93 -13.88 115.87 -75.06
N VAL W 94 -14.09 116.74 -74.08
CA VAL W 94 -12.99 117.23 -73.27
C VAL W 94 -12.55 116.23 -72.23
N VAL W 95 -13.45 115.71 -71.40
CA VAL W 95 -13.05 115.01 -70.19
C VAL W 95 -12.90 113.52 -70.42
N ASN W 96 -13.95 112.89 -70.93
CA ASN W 96 -14.04 111.43 -70.94
C ASN W 96 -13.03 110.82 -71.89
N GLU W 97 -12.84 111.43 -73.07
CA GLU W 97 -11.83 110.98 -74.02
C GLU W 97 -10.43 111.10 -73.43
N TYR W 98 -10.14 112.21 -72.76
CA TYR W 98 -8.82 112.36 -72.17
C TYR W 98 -8.57 111.35 -71.06
N LEU W 99 -9.51 111.15 -70.15
CA LEU W 99 -9.22 110.21 -69.05
C LEU W 99 -9.19 108.75 -69.52
N LYS W 100 -10.14 108.30 -70.33
CA LYS W 100 -10.13 106.88 -70.65
C LYS W 100 -8.99 106.51 -71.61
N SER W 101 -8.69 107.36 -72.60
CA SER W 101 -7.55 107.10 -73.47
C SER W 101 -6.23 107.27 -72.71
N LYS W 102 -6.21 108.12 -71.70
CA LYS W 102 -4.99 108.28 -70.92
C LYS W 102 -4.78 107.10 -69.97
N GLY W 103 -5.55 107.03 -68.88
CA GLY W 103 -5.38 106.01 -67.87
C GLY W 103 -6.49 104.96 -67.99
N LEU W 104 -6.12 103.71 -67.69
CA LEU W 104 -6.93 102.52 -67.95
C LEU W 104 -7.35 102.46 -69.42
N ASN W 105 -6.34 102.61 -70.27
CA ASN W 105 -6.53 102.62 -71.72
C ASN W 105 -6.70 101.21 -72.27
N LYS W 106 -7.79 100.57 -71.84
CA LYS W 106 -8.28 99.36 -72.48
C LYS W 106 -9.64 99.54 -73.10
N GLY W 107 -10.36 100.61 -72.74
CA GLY W 107 -11.65 100.90 -73.32
C GLY W 107 -11.62 101.98 -74.38
N ASN W 108 -10.60 101.96 -75.24
CA ASN W 108 -10.55 102.88 -76.37
C ASN W 108 -11.64 102.61 -77.39
N PHE W 109 -12.09 101.35 -77.49
CA PHE W 109 -13.22 101.07 -78.35
C PHE W 109 -14.51 101.68 -77.80
N GLU W 110 -14.64 101.74 -76.48
CA GLU W 110 -15.77 102.44 -75.90
C GLU W 110 -15.61 103.96 -75.97
N ASN W 111 -14.36 104.46 -76.05
CA ASN W 111 -14.16 105.85 -76.42
C ASN W 111 -14.67 106.14 -77.83
N MET W 112 -14.34 105.26 -78.79
CA MET W 112 -14.86 105.44 -80.14
C MET W 112 -16.37 105.26 -80.19
N PHE W 113 -16.91 104.44 -79.28
CA PHE W 113 -18.35 104.28 -79.14
C PHE W 113 -19.01 105.57 -78.69
N THR W 114 -18.45 106.24 -77.68
CA THR W 114 -19.05 107.52 -77.29
C THR W 114 -18.75 108.63 -78.30
N ASN W 115 -17.69 108.48 -79.10
CA ASN W 115 -17.50 109.38 -80.24
C ASN W 115 -18.58 109.18 -81.30
N LYS W 116 -19.05 107.93 -81.47
CA LYS W 116 -20.20 107.69 -82.33
C LYS W 116 -21.49 108.18 -81.68
N GLU W 117 -21.52 108.19 -80.33
CA GLU W 117 -22.63 108.79 -79.60
C GLU W 117 -22.67 110.30 -79.79
N LYS W 118 -21.53 110.92 -80.09
CA LYS W 118 -21.49 112.34 -80.45
C LYS W 118 -22.29 112.65 -81.71
N PHE W 119 -22.46 111.69 -82.61
CA PHE W 119 -23.36 111.90 -83.73
C PHE W 119 -24.79 111.99 -83.22
N GLU W 120 -25.65 112.69 -83.99
CA GLU W 120 -27.04 112.89 -83.58
C GLU W 120 -27.85 111.61 -83.68
N SER W 121 -27.57 110.66 -82.79
CA SER W 121 -28.28 109.40 -82.64
C SER W 121 -28.45 109.10 -81.16
N GLN W 122 -28.56 110.16 -80.35
CA GLN W 122 -28.46 110.09 -78.89
C GLN W 122 -29.60 109.29 -78.25
N PHE W 123 -30.69 109.07 -79.00
CA PHE W 123 -31.84 108.32 -78.49
C PHE W 123 -31.46 106.89 -78.14
N SER W 124 -30.81 106.19 -79.08
CA SER W 124 -30.29 104.86 -78.81
C SER W 124 -29.09 104.88 -77.88
N ASP W 125 -28.43 106.03 -77.75
CA ASP W 125 -27.15 106.11 -77.06
C ASP W 125 -27.30 106.30 -75.55
N ILE W 126 -28.30 107.08 -75.14
CA ILE W 126 -28.60 107.25 -73.71
C ILE W 126 -29.00 105.93 -73.08
N HIS W 127 -29.67 105.07 -73.83
CA HIS W 127 -29.96 103.71 -73.37
C HIS W 127 -28.65 102.94 -73.23
N ARG W 128 -28.51 102.26 -72.08
CA ARG W 128 -27.29 101.54 -71.67
C ARG W 128 -26.06 102.45 -71.64
N ALA W 129 -26.26 103.69 -71.19
CA ALA W 129 -25.13 104.58 -70.95
C ALA W 129 -24.41 104.23 -69.66
N LEU W 130 -25.13 103.64 -68.71
CA LEU W 130 -24.77 103.34 -67.33
C LEU W 130 -23.35 102.86 -67.04
N LEU W 131 -22.76 102.10 -67.98
CA LEU W 131 -21.42 101.54 -67.79
C LEU W 131 -20.36 102.64 -67.59
N ARG W 132 -20.49 103.77 -68.27
CA ARG W 132 -19.55 104.85 -68.01
C ARG W 132 -19.92 105.66 -66.76
N LEU W 133 -21.07 105.42 -66.16
CA LEU W 133 -21.26 105.76 -64.76
C LEU W 133 -20.73 104.64 -63.86
N GLY W 134 -20.70 103.42 -64.39
CA GLY W 134 -20.13 102.30 -63.65
C GLY W 134 -18.64 102.42 -63.45
N ASN W 135 -17.95 103.07 -64.39
CA ASN W 135 -16.54 103.38 -64.19
C ASN W 135 -16.36 104.46 -63.13
N SER W 136 -17.28 105.42 -63.08
CA SER W 136 -17.18 106.52 -62.14
C SER W 136 -17.57 106.12 -60.73
N ILE W 137 -18.25 104.98 -60.58
CA ILE W 137 -18.44 104.37 -59.27
C ILE W 137 -17.11 104.22 -58.55
N ARG W 138 -16.11 103.70 -59.26
CA ARG W 138 -14.78 103.46 -58.71
C ARG W 138 -14.09 104.76 -58.31
N TRP W 139 -14.29 105.83 -59.07
CA TRP W 139 -13.66 107.10 -58.73
C TRP W 139 -14.35 107.78 -57.56
N GLY W 140 -15.68 107.65 -57.48
CA GLY W 140 -16.39 108.20 -56.33
C GLY W 140 -16.04 107.48 -55.04
N SER W 141 -16.15 106.16 -55.04
CA SER W 141 -15.81 105.35 -53.88
C SER W 141 -14.98 104.15 -54.32
N ASN W 142 -13.98 103.81 -53.51
CA ASN W 142 -13.15 102.65 -53.81
C ASN W 142 -13.95 101.36 -53.64
N VAL W 143 -13.38 100.28 -54.19
CA VAL W 143 -14.00 98.97 -54.46
C VAL W 143 -15.41 99.14 -55.02
N PRO W 144 -15.53 99.26 -56.35
CA PRO W 144 -16.80 99.70 -56.95
C PRO W 144 -17.93 98.67 -56.92
N ILE W 145 -18.66 98.63 -55.80
CA ILE W 145 -19.79 97.71 -55.69
C ILE W 145 -20.99 98.24 -56.48
N ASP W 146 -21.61 99.31 -55.98
CA ASP W 146 -22.83 99.83 -56.59
C ASP W 146 -23.13 101.23 -56.04
N THR W 147 -23.72 102.07 -56.89
CA THR W 147 -24.20 103.42 -56.61
C THR W 147 -25.58 103.54 -57.26
N PRO W 148 -26.40 104.61 -57.00
CA PRO W 148 -27.69 104.70 -57.71
C PRO W 148 -27.57 105.00 -59.19
N TYR W 149 -28.73 105.12 -59.83
CA TYR W 149 -28.81 105.36 -61.27
C TYR W 149 -28.34 106.77 -61.62
N VAL W 150 -28.35 107.69 -60.66
CA VAL W 150 -27.94 109.08 -60.85
C VAL W 150 -26.73 109.28 -59.92
N ASN W 151 -26.29 110.52 -59.74
CA ASN W 151 -25.17 110.84 -58.86
C ASN W 151 -25.45 110.48 -57.40
N LEU W 152 -24.37 110.44 -56.61
CA LEU W 152 -24.41 109.87 -55.27
C LEU W 152 -25.24 110.69 -54.29
N THR W 153 -25.26 112.02 -54.44
CA THR W 153 -25.93 112.88 -53.46
C THR W 153 -27.44 112.68 -53.49
N ALA W 154 -28.04 112.52 -52.31
CA ALA W 154 -29.46 112.17 -52.22
C ALA W 154 -30.37 113.33 -52.62
N GLU W 155 -30.10 114.53 -52.08
CA GLU W 155 -30.88 115.71 -52.45
C GLU W 155 -30.71 116.06 -53.92
N ASP W 156 -29.48 115.94 -54.43
CA ASP W 156 -29.23 116.22 -55.83
C ASP W 156 -29.94 115.22 -56.74
N SER W 157 -29.94 113.94 -56.37
CA SER W 157 -30.60 112.93 -57.21
C SER W 157 -32.11 113.11 -57.19
N SER W 158 -32.67 113.43 -56.01
CA SER W 158 -34.11 113.65 -55.90
C SER W 158 -34.54 114.90 -56.67
N GLU W 159 -33.78 115.98 -56.58
CA GLU W 159 -34.17 117.19 -57.30
C GLU W 159 -33.81 117.10 -58.78
N ILE W 160 -32.84 116.26 -59.17
CA ILE W 160 -32.64 115.98 -60.58
C ILE W 160 -33.83 115.23 -61.18
N GLU W 161 -34.36 114.26 -60.44
CA GLU W 161 -35.57 113.56 -60.91
C GLU W 161 -36.76 114.51 -60.94
N ASN W 162 -36.86 115.40 -59.96
CA ASN W 162 -37.88 116.44 -59.95
C ASN W 162 -37.74 117.36 -61.16
N ASN W 163 -36.51 117.76 -61.49
CA ASN W 163 -36.28 118.68 -62.60
C ASN W 163 -36.55 118.01 -63.94
N LEU W 164 -36.24 116.72 -64.05
CA LEU W 164 -36.55 115.99 -65.26
C LEU W 164 -38.05 115.84 -65.45
N GLN W 165 -38.79 115.61 -64.36
CA GLN W 165 -40.24 115.57 -64.46
C GLN W 165 -40.81 116.94 -64.82
N ASP W 166 -40.23 118.02 -64.27
CA ASP W 166 -40.68 119.37 -64.59
C ASP W 166 -40.42 119.71 -66.05
N ALA W 167 -39.26 119.29 -66.57
CA ALA W 167 -38.94 119.54 -67.97
C ALA W 167 -39.82 118.73 -68.91
N GLU W 168 -40.07 117.46 -68.56
CA GLU W 168 -40.94 116.61 -69.36
C GLU W 168 -42.39 117.11 -69.35
N LYS W 169 -42.81 117.76 -68.26
CA LYS W 169 -44.09 118.45 -68.29
C LYS W 169 -44.03 119.68 -69.19
N ASN W 170 -42.99 120.51 -69.05
CA ASN W 170 -42.91 121.79 -69.74
C ASN W 170 -41.56 121.88 -70.46
N MET W 171 -41.53 121.33 -71.68
CA MET W 171 -40.39 121.51 -72.60
C MET W 171 -40.12 122.97 -72.90
N LEU W 172 -41.15 123.81 -72.93
CA LEU W 172 -40.97 125.19 -73.37
C LEU W 172 -40.23 126.03 -72.34
N TRP W 173 -40.23 125.61 -71.08
CA TRP W 173 -39.56 126.35 -70.02
C TRP W 173 -38.77 125.36 -69.18
N TYR W 174 -37.44 125.39 -69.30
CA TYR W 174 -36.58 124.43 -68.63
C TYR W 174 -35.50 125.17 -67.86
N THR W 175 -35.06 124.55 -66.76
CA THR W 175 -34.08 125.13 -65.86
C THR W 175 -32.87 124.22 -65.74
N VAL W 176 -31.69 124.81 -65.73
CA VAL W 176 -30.45 124.06 -65.52
C VAL W 176 -30.25 123.88 -64.02
N TYR W 177 -29.76 122.72 -63.62
CA TYR W 177 -29.72 122.39 -62.19
C TYR W 177 -28.56 123.05 -61.46
N ASN W 178 -27.46 123.34 -62.16
CA ASN W 178 -26.20 123.88 -61.60
C ASN W 178 -25.64 122.95 -60.53
N ILE W 179 -25.12 121.81 -61.02
CA ILE W 179 -24.65 120.66 -60.24
C ILE W 179 -23.61 121.03 -59.18
N ASN W 180 -22.75 122.02 -59.46
CA ASN W 180 -21.45 122.16 -58.82
C ASN W 180 -21.51 122.40 -57.32
N ASP W 181 -20.41 122.09 -56.64
CA ASP W 181 -20.24 122.20 -55.20
C ASP W 181 -18.89 122.82 -54.85
N PRO W 182 -18.81 123.57 -53.74
CA PRO W 182 -17.50 124.07 -53.31
C PRO W 182 -16.62 123.01 -52.69
N TRP W 183 -17.17 122.17 -51.83
CA TRP W 183 -16.43 121.09 -51.18
C TRP W 183 -16.93 119.77 -51.73
N ASP W 184 -16.01 118.89 -52.07
CA ASP W 184 -16.37 117.63 -52.70
C ASP W 184 -15.59 116.48 -52.08
N GLU W 185 -16.31 115.51 -51.51
CA GLU W 185 -15.76 114.17 -51.37
C GLU W 185 -15.49 113.54 -52.72
N ASN W 186 -16.31 113.88 -53.70
CA ASN W 186 -16.16 113.37 -55.05
C ASN W 186 -14.98 114.06 -55.73
N GLY W 187 -14.47 113.44 -56.78
CA GLY W 187 -13.46 114.10 -57.59
C GLY W 187 -14.06 115.03 -58.61
N TYR W 188 -13.24 115.96 -59.10
CA TYR W 188 -13.71 116.92 -60.09
C TYR W 188 -14.11 116.24 -61.39
N LEU W 189 -13.39 115.18 -61.76
CA LEU W 189 -13.64 114.53 -63.04
C LEU W 189 -14.95 113.73 -63.03
N VAL W 190 -15.20 113.01 -61.94
CA VAL W 190 -16.47 112.30 -61.79
C VAL W 190 -17.64 113.27 -61.51
N THR W 191 -17.38 114.46 -60.96
CA THR W 191 -18.47 115.45 -60.99
C THR W 191 -18.73 115.95 -62.40
N SER W 192 -17.71 116.01 -63.25
CA SER W 192 -17.96 116.31 -64.66
C SER W 192 -18.71 115.17 -65.34
N ILE W 193 -18.46 113.93 -64.88
CA ILE W 193 -19.25 112.78 -65.33
C ILE W 193 -20.71 112.91 -64.93
N ASN W 194 -20.96 113.39 -63.71
CA ASN W 194 -22.33 113.63 -63.26
C ASN W 194 -23.00 114.74 -64.06
N LYS W 195 -22.22 115.79 -64.37
CA LYS W 195 -22.65 116.83 -65.30
C LYS W 195 -23.11 116.25 -66.63
N LEU W 196 -22.29 115.37 -67.21
CA LEU W 196 -22.58 114.81 -68.52
C LEU W 196 -23.83 113.92 -68.48
N VAL W 197 -23.97 113.14 -67.41
CA VAL W 197 -25.13 112.25 -67.28
C VAL W 197 -26.42 113.04 -67.16
N TYR W 198 -26.44 114.03 -66.26
CA TYR W 198 -27.65 114.83 -66.08
C TYR W 198 -28.01 115.63 -67.33
N LEU W 199 -27.01 116.23 -67.98
CA LEU W 199 -27.29 117.02 -69.17
C LEU W 199 -27.73 116.15 -70.34
N GLY W 200 -27.18 114.94 -70.46
CA GLY W 200 -27.64 114.03 -71.50
C GLY W 200 -29.08 113.58 -71.28
N LYS W 201 -29.43 113.28 -70.03
CA LYS W 201 -30.81 112.91 -69.71
C LYS W 201 -31.77 114.06 -69.98
N LEU W 202 -31.38 115.29 -69.61
CA LEU W 202 -32.23 116.45 -69.84
C LEU W 202 -32.45 116.69 -71.32
N PHE W 203 -31.39 116.57 -72.12
CA PHE W 203 -31.46 116.79 -73.55
C PHE W 203 -32.34 115.75 -74.23
N VAL W 204 -32.14 114.47 -73.91
CA VAL W 204 -32.94 113.44 -74.57
C VAL W 204 -34.39 113.49 -74.10
N THR W 205 -34.64 113.91 -72.85
CA THR W 205 -36.00 114.03 -72.35
C THR W 205 -36.75 115.15 -73.05
N LEU W 206 -36.10 116.31 -73.21
CA LEU W 206 -36.72 117.44 -73.88
C LEU W 206 -37.01 117.13 -75.35
N ASN W 207 -36.05 116.51 -76.05
CA ASN W 207 -36.29 116.20 -77.46
C ASN W 207 -37.37 115.15 -77.66
N GLN W 208 -37.41 114.11 -76.82
CA GLN W 208 -38.41 113.08 -76.98
C GLN W 208 -39.81 113.60 -76.66
N SER W 209 -39.95 114.42 -75.61
CA SER W 209 -41.27 114.98 -75.30
C SER W 209 -41.73 115.97 -76.35
N TRP W 210 -40.79 116.74 -76.92
CA TRP W 210 -41.14 117.65 -78.01
C TRP W 210 -41.63 116.91 -79.23
N SER W 211 -40.89 115.87 -79.65
CA SER W 211 -41.30 115.08 -80.80
C SER W 211 -42.62 114.38 -80.57
N LYS W 212 -42.88 113.97 -79.33
CA LYS W 212 -44.17 113.36 -78.99
C LYS W 212 -45.32 114.34 -79.20
N LEU W 213 -45.21 115.55 -78.65
CA LEU W 213 -46.31 116.51 -78.82
C LEU W 213 -46.44 116.99 -80.26
N GLU W 214 -45.33 117.07 -80.99
CA GLU W 214 -45.37 117.47 -82.39
C GLU W 214 -46.10 116.43 -83.24
N LYS W 215 -45.82 115.15 -83.00
CA LYS W 215 -46.54 114.10 -83.72
C LYS W 215 -48.01 114.04 -83.32
N VAL W 216 -48.32 114.33 -82.04
CA VAL W 216 -49.71 114.40 -81.59
C VAL W 216 -50.47 115.49 -82.34
N ALA W 217 -49.86 116.68 -82.44
CA ALA W 217 -50.50 117.80 -83.12
C ALA W 217 -50.71 117.51 -84.61
N MET W 218 -49.72 116.91 -85.27
CA MET W 218 -49.86 116.59 -86.69
C MET W 218 -50.93 115.52 -86.93
N SER W 219 -50.99 114.51 -86.05
CA SER W 219 -52.01 113.47 -86.20
C SER W 219 -53.41 114.02 -86.01
N GLN W 220 -53.59 114.92 -85.03
CA GLN W 220 -54.91 115.53 -84.84
C GLN W 220 -55.31 116.42 -86.00
N ILE W 221 -54.34 117.15 -86.59
CA ILE W 221 -54.63 117.97 -87.75
C ILE W 221 -55.08 117.11 -88.94
N VAL W 222 -54.40 115.98 -89.17
CA VAL W 222 -54.77 115.09 -90.27
C VAL W 222 -56.15 114.48 -90.04
N THR W 223 -56.45 114.10 -88.80
CA THR W 223 -57.77 113.55 -88.46
C THR W 223 -58.88 114.55 -88.72
N THR W 224 -58.71 115.79 -88.24
CA THR W 224 -59.74 116.81 -88.44
C THR W 224 -59.86 117.22 -89.91
N GLN W 225 -58.77 117.16 -90.69
CA GLN W 225 -58.86 117.36 -92.13
C GLN W 225 -59.75 116.31 -92.79
N ASN W 226 -59.57 115.04 -92.40
CA ASN W 226 -60.37 113.98 -92.99
C ASN W 226 -61.85 114.14 -92.63
N HIS W 227 -62.14 114.53 -91.39
CA HIS W 227 -63.53 114.77 -91.00
C HIS W 227 -64.15 115.94 -91.75
N LEU W 228 -63.40 117.06 -91.86
CA LEU W 228 -63.90 118.24 -92.56
C LEU W 228 -64.16 117.95 -94.04
N SER W 229 -63.26 117.22 -94.69
CA SER W 229 -63.47 116.89 -96.10
C SER W 229 -64.62 115.92 -96.30
N GLY W 230 -64.76 114.92 -95.42
CA GLY W 230 -65.86 113.99 -95.53
C GLY W 230 -67.21 114.63 -95.27
N HIS W 231 -67.26 115.62 -94.37
CA HIS W 231 -68.53 116.28 -94.11
C HIS W 231 -68.88 117.31 -95.18
N LEU W 232 -67.90 118.07 -95.67
CA LEU W 232 -68.19 119.03 -96.72
C LEU W 232 -68.10 118.44 -98.13
N ARG W 233 -67.99 117.12 -98.25
CA ARG W 233 -68.02 116.48 -99.57
C ARG W 233 -69.37 116.66 -100.27
N LYS W 234 -70.46 116.72 -99.50
CA LYS W 234 -71.79 116.56 -100.08
C LYS W 234 -72.24 117.79 -100.87
N ASN W 235 -71.74 118.98 -100.55
CA ASN W 235 -72.26 120.19 -101.15
C ASN W 235 -71.61 120.43 -102.50
N GLU W 236 -72.37 121.05 -103.41
CA GLU W 236 -71.96 121.24 -104.79
C GLU W 236 -71.73 122.69 -105.17
N ASN W 237 -71.85 123.62 -104.23
CA ASN W 237 -71.71 125.04 -104.55
C ASN W 237 -70.26 125.37 -104.87
N PHE W 238 -70.05 126.50 -105.56
CA PHE W 238 -68.69 126.92 -105.88
C PHE W 238 -67.91 127.33 -104.64
N ASN W 239 -68.56 128.02 -103.71
CA ASN W 239 -67.93 128.32 -102.43
C ASN W 239 -67.67 127.06 -101.64
N ALA W 240 -68.55 126.07 -101.79
CA ALA W 240 -68.37 124.78 -101.14
C ALA W 240 -67.14 124.06 -101.66
N VAL W 241 -66.98 123.99 -102.99
CA VAL W 241 -65.83 123.25 -103.52
C VAL W 241 -64.55 124.05 -103.35
N TYR W 242 -64.64 125.39 -103.26
CA TYR W 242 -63.46 126.19 -102.94
C TYR W 242 -63.01 125.93 -101.51
N SER W 243 -63.96 125.86 -100.56
CA SER W 243 -63.60 125.49 -99.20
C SER W 243 -63.14 124.05 -99.12
N GLN W 244 -63.66 123.17 -99.98
CA GLN W 244 -63.16 121.80 -100.05
C GLN W 244 -61.69 121.76 -100.45
N ARG W 245 -61.31 122.55 -101.46
CA ARG W 245 -59.91 122.54 -101.89
C ARG W 245 -59.00 123.17 -100.84
N VAL W 246 -59.42 124.30 -100.24
CA VAL W 246 -58.60 124.98 -99.24
C VAL W 246 -58.43 124.10 -98.00
N LEU W 247 -59.50 123.47 -97.56
CA LEU W 247 -59.47 122.54 -96.44
C LEU W 247 -58.91 121.18 -96.81
N GLN W 248 -58.64 120.94 -98.10
CA GLN W 248 -58.13 119.67 -98.60
C GLN W 248 -56.63 119.70 -98.89
N THR W 249 -56.03 120.90 -99.00
CA THR W 249 -54.59 121.00 -99.23
C THR W 249 -53.79 120.36 -98.11
N PRO W 250 -52.84 119.49 -98.40
CA PRO W 250 -52.16 118.71 -97.37
C PRO W 250 -51.14 119.53 -96.61
N LEU W 251 -50.88 119.12 -95.37
CA LEU W 251 -50.10 119.92 -94.44
C LEU W 251 -48.95 119.14 -93.85
N THR W 252 -47.74 119.64 -94.08
CA THR W 252 -46.61 119.29 -93.25
C THR W 252 -46.40 120.39 -92.20
N GLY W 253 -45.47 120.14 -91.29
CA GLY W 253 -45.19 121.11 -90.25
C GLY W 253 -44.52 122.37 -90.75
N GLN W 254 -43.80 122.30 -91.87
CA GLN W 254 -43.31 123.51 -92.48
C GLN W 254 -44.44 124.23 -93.22
N ARG W 255 -45.42 123.47 -93.70
CA ARG W 255 -46.51 124.05 -94.46
C ARG W 255 -47.55 124.72 -93.56
N VAL W 256 -47.56 124.39 -92.26
CA VAL W 256 -48.67 124.80 -91.38
C VAL W 256 -48.69 126.33 -91.17
N GLU W 257 -47.55 126.99 -91.24
CA GLU W 257 -47.52 128.44 -90.99
C GLU W 257 -48.08 129.21 -92.18
N SER W 258 -47.64 128.85 -93.38
CA SER W 258 -48.21 129.42 -94.60
C SER W 258 -49.68 129.03 -94.74
N PHE W 259 -50.07 127.86 -94.24
CA PHE W 259 -51.48 127.49 -94.27
C PHE W 259 -52.29 128.35 -93.32
N LEU W 260 -51.72 128.70 -92.17
CA LEU W 260 -52.42 129.59 -91.25
C LEU W 260 -52.59 130.98 -91.86
N LYS W 261 -51.57 131.46 -92.58
CA LYS W 261 -51.71 132.73 -93.27
C LYS W 261 -52.67 132.65 -94.45
N ILE W 262 -52.77 131.50 -95.12
CA ILE W 262 -53.69 131.36 -96.24
C ILE W 262 -55.12 131.26 -95.75
N ILE W 263 -55.37 130.51 -94.67
CA ILE W 263 -56.71 130.38 -94.16
C ILE W 263 -57.16 131.65 -93.45
N THR W 264 -56.21 132.50 -93.02
CA THR W 264 -56.55 133.84 -92.57
C THR W 264 -57.20 134.65 -93.69
N SER W 265 -56.61 134.62 -94.89
CA SER W 265 -57.19 135.34 -96.02
C SER W 265 -58.46 134.69 -96.54
N ASP W 266 -58.51 133.35 -96.52
CA ASP W 266 -59.68 132.63 -97.01
C ASP W 266 -60.80 132.52 -95.98
N TYR W 267 -60.62 133.07 -94.78
CA TYR W 267 -61.62 132.95 -93.72
C TYR W 267 -62.96 133.56 -94.09
N GLU W 268 -62.94 134.68 -94.82
CA GLU W 268 -64.17 135.43 -95.07
C GLU W 268 -65.10 134.70 -96.03
N ILE W 269 -64.57 133.84 -96.88
CA ILE W 269 -65.39 133.12 -97.83
C ILE W 269 -65.76 131.72 -97.33
N ILE W 270 -64.94 131.10 -96.48
CA ILE W 270 -65.30 129.78 -95.97
C ILE W 270 -66.29 129.87 -94.82
N LYS W 271 -66.34 131.00 -94.11
CA LYS W 271 -67.39 131.20 -93.12
C LYS W 271 -68.76 131.30 -93.79
N SER W 272 -68.82 131.99 -94.93
CA SER W 272 -70.06 131.98 -95.71
C SER W 272 -70.31 130.62 -96.35
N SER W 273 -69.24 129.88 -96.67
CA SER W 273 -69.42 128.57 -97.31
C SER W 273 -69.95 127.54 -96.34
N LEU W 274 -69.58 127.62 -95.07
CA LEU W 274 -70.28 126.84 -94.05
C LEU W 274 -71.69 127.37 -93.91
N GLU W 275 -72.65 126.45 -93.83
CA GLU W 275 -74.05 126.76 -93.99
C GLU W 275 -74.59 127.57 -92.81
N SER X 7 -69.96 129.75 -57.95
CA SER X 7 -70.36 129.78 -56.55
C SER X 7 -70.75 128.38 -56.08
N ILE X 8 -69.82 127.45 -56.23
CA ILE X 8 -69.89 126.00 -55.99
C ILE X 8 -71.25 125.44 -56.44
N PRO X 9 -71.49 125.35 -57.74
CA PRO X 9 -72.85 125.11 -58.24
C PRO X 9 -73.28 123.66 -58.08
N PHE X 10 -74.47 123.48 -57.50
CA PHE X 10 -75.07 122.19 -57.24
C PHE X 10 -76.43 122.12 -57.91
N ALA X 11 -76.76 120.93 -58.42
CA ALA X 11 -77.86 120.72 -59.37
C ALA X 11 -79.25 121.05 -58.83
N TRP X 12 -79.73 120.31 -57.83
CA TRP X 12 -81.06 120.51 -57.24
C TRP X 12 -80.97 120.11 -55.77
N LEU X 13 -80.67 121.07 -54.90
CA LEU X 13 -80.52 120.80 -53.49
C LEU X 13 -81.28 121.83 -52.66
N ASP X 14 -81.49 121.49 -51.40
CA ASP X 14 -81.91 122.48 -50.43
C ASP X 14 -80.74 123.43 -50.15
N ARG X 15 -81.06 124.62 -49.64
CA ARG X 15 -80.01 125.49 -49.15
C ARG X 15 -79.34 124.90 -47.92
N ASP X 16 -80.09 124.13 -47.13
CA ASP X 16 -79.50 123.38 -46.02
C ASP X 16 -78.52 122.32 -46.53
N LYS X 17 -78.87 121.61 -47.60
CA LYS X 17 -78.00 120.59 -48.14
C LYS X 17 -76.75 121.20 -48.79
N VAL X 18 -76.92 122.33 -49.46
CA VAL X 18 -75.79 123.08 -50.00
C VAL X 18 -74.88 123.56 -48.87
N GLN X 19 -75.46 124.01 -47.76
CA GLN X 19 -74.67 124.41 -46.59
C GLN X 19 -73.93 123.22 -45.99
N ARG X 20 -74.56 122.05 -45.98
CA ARG X 20 -73.91 120.83 -45.47
C ARG X 20 -72.71 120.45 -46.32
N LEU X 21 -72.87 120.46 -47.65
CA LEU X 21 -71.78 120.04 -48.51
C LEU X 21 -70.66 121.06 -48.54
N THR X 22 -71.01 122.35 -48.46
CA THR X 22 -70.01 123.42 -48.40
C THR X 22 -69.23 123.35 -47.08
N ASN X 23 -69.92 123.07 -45.97
CA ASN X 23 -69.24 122.90 -44.68
C ASN X 23 -68.37 121.66 -44.67
N PHE X 24 -68.79 120.58 -45.35
CA PHE X 24 -67.98 119.38 -45.47
C PHE X 24 -66.69 119.65 -46.22
N LEU X 25 -66.78 120.27 -47.39
CA LEU X 25 -65.58 120.59 -48.17
C LEU X 25 -64.75 121.68 -47.53
N SER X 26 -65.33 122.52 -46.66
CA SER X 26 -64.55 123.51 -45.94
C SER X 26 -63.74 122.87 -44.82
N ASN X 27 -64.39 122.06 -43.97
CA ASN X 27 -63.73 121.44 -42.83
C ASN X 27 -63.26 120.02 -43.13
N LEU X 28 -63.02 119.72 -44.42
CA LEU X 28 -62.39 118.46 -44.81
C LEU X 28 -61.07 118.22 -44.09
N GLU X 29 -60.23 119.23 -43.99
CA GLU X 29 -58.95 119.04 -43.30
C GLU X 29 -59.10 118.98 -41.79
N ASN X 30 -60.22 119.47 -41.24
CA ASN X 30 -60.35 119.51 -39.78
C ASN X 30 -61.03 118.28 -39.22
N LEU X 31 -62.01 117.71 -39.92
CA LEU X 31 -62.69 116.56 -39.35
C LEU X 31 -61.83 115.32 -39.52
N GLU X 32 -61.98 114.37 -38.61
CA GLU X 32 -61.20 113.14 -38.68
C GLU X 32 -61.82 112.18 -39.69
N ASN X 33 -61.03 111.17 -40.04
CA ASN X 33 -61.39 110.08 -40.97
C ASN X 33 -61.82 110.66 -42.32
N VAL X 34 -60.85 111.26 -43.00
CA VAL X 34 -61.10 111.94 -44.26
C VAL X 34 -61.23 110.88 -45.35
N ASP X 35 -62.47 110.47 -45.62
CA ASP X 35 -62.78 109.47 -46.63
C ASP X 35 -64.27 109.57 -46.89
N LEU X 36 -64.64 109.74 -48.16
CA LEU X 36 -66.02 110.07 -48.49
C LEU X 36 -66.95 108.88 -48.29
N ARG X 37 -66.42 107.66 -48.36
CA ARG X 37 -67.24 106.50 -48.05
C ARG X 37 -67.57 106.41 -46.56
N GLU X 38 -66.79 107.05 -45.70
CA GLU X 38 -67.00 106.94 -44.27
C GLU X 38 -68.16 107.78 -43.76
N HIS X 39 -68.62 108.75 -44.54
CA HIS X 39 -69.72 109.62 -44.11
C HIS X 39 -70.96 109.34 -44.95
N PRO X 40 -71.93 108.60 -44.44
CA PRO X 40 -73.13 108.32 -45.24
C PRO X 40 -74.06 109.51 -45.33
N TYR X 41 -74.03 110.37 -44.31
CA TYR X 41 -74.92 111.53 -44.27
C TYR X 41 -74.52 112.59 -45.29
N VAL X 42 -73.28 112.56 -45.79
CA VAL X 42 -72.92 113.40 -46.92
C VAL X 42 -73.62 112.90 -48.19
N THR X 43 -73.53 111.59 -48.45
CA THR X 43 -74.22 111.00 -49.59
C THR X 43 -75.74 111.08 -49.41
N ASN X 44 -76.22 110.91 -48.18
CA ASN X 44 -77.64 111.06 -47.90
C ASN X 44 -78.08 112.51 -48.02
N SER X 45 -77.18 113.46 -47.79
CA SER X 45 -77.50 114.87 -48.02
C SER X 45 -77.50 115.19 -49.51
N CYS X 46 -76.75 114.43 -50.29
CA CYS X 46 -76.63 114.67 -51.73
C CYS X 46 -77.89 114.27 -52.50
N VAL X 47 -78.86 113.60 -51.86
CA VAL X 47 -80.04 113.10 -52.57
C VAL X 47 -80.94 114.27 -52.98
N VAL X 48 -81.66 114.08 -54.07
CA VAL X 48 -82.53 115.12 -54.63
C VAL X 48 -83.96 114.86 -54.16
N ARG X 49 -84.81 115.89 -54.18
CA ARG X 49 -86.20 115.80 -53.75
C ARG X 49 -87.04 114.97 -54.74
N GLU X 50 -88.32 114.84 -54.39
CA GLU X 50 -89.39 114.18 -55.17
C GLU X 50 -89.10 112.72 -55.50
N GLY X 51 -88.32 112.03 -54.67
CA GLY X 51 -88.28 110.58 -54.75
C GLY X 51 -87.47 109.99 -55.90
N GLU X 52 -87.76 108.72 -56.18
CA GLU X 52 -86.88 107.89 -57.00
C GLU X 52 -86.92 108.27 -58.48
N ASP X 53 -88.06 108.81 -58.96
CA ASP X 53 -88.16 109.19 -60.37
C ASP X 53 -87.23 110.36 -60.69
N VAL X 54 -87.10 111.30 -59.76
CA VAL X 54 -86.15 112.40 -59.92
C VAL X 54 -84.73 111.93 -59.61
N ASP X 55 -84.59 111.07 -58.60
CA ASP X 55 -83.26 110.65 -58.15
C ASP X 55 -82.54 109.82 -59.18
N GLU X 56 -83.27 108.95 -59.92
CA GLU X 56 -82.67 108.00 -60.86
C GLU X 56 -81.94 108.71 -61.99
N LEU X 57 -82.34 109.94 -62.32
CA LEU X 57 -81.62 110.75 -63.29
C LEU X 57 -80.70 111.76 -62.64
N LYS X 58 -81.03 112.32 -61.47
CA LYS X 58 -80.33 113.50 -61.00
C LYS X 58 -79.33 113.25 -59.88
N THR X 59 -79.48 112.17 -59.09
CA THR X 59 -78.46 111.86 -58.10
C THR X 59 -77.17 111.38 -58.76
N LEU X 60 -77.26 110.82 -59.97
CA LEU X 60 -76.05 110.45 -60.70
C LEU X 60 -75.21 111.69 -61.04
N TYR X 61 -75.85 112.73 -61.57
CA TYR X 61 -75.15 113.98 -61.86
C TYR X 61 -74.74 114.71 -60.59
N ASN X 62 -75.51 114.53 -59.52
CA ASN X 62 -75.19 115.20 -58.26
C ASN X 62 -73.94 114.60 -57.62
N THR X 63 -73.88 113.26 -57.55
CA THR X 63 -72.67 112.59 -57.09
C THR X 63 -71.51 112.77 -58.06
N PHE X 64 -71.80 112.92 -59.35
CA PHE X 64 -70.75 113.19 -60.31
C PHE X 64 -70.16 114.58 -60.11
N ILE X 65 -70.95 115.53 -59.59
CA ILE X 65 -70.36 116.79 -59.14
C ILE X 65 -69.56 116.57 -57.86
N LEU X 66 -70.12 115.80 -56.92
CA LEU X 66 -69.58 115.77 -55.57
C LEU X 66 -68.26 115.01 -55.49
N TRP X 67 -68.14 113.90 -56.23
CA TRP X 67 -66.87 113.18 -56.27
C TRP X 67 -65.77 114.02 -56.92
N LEU X 68 -66.10 114.75 -57.99
CA LEU X 68 -65.12 115.63 -58.62
C LEU X 68 -64.69 116.75 -57.69
N MET X 69 -65.62 117.31 -56.92
CA MET X 69 -65.24 118.38 -56.02
C MET X 69 -64.46 117.86 -54.82
N TYR X 70 -64.76 116.64 -54.36
CA TYR X 70 -63.96 116.01 -53.32
C TYR X 70 -62.55 115.75 -53.81
N HIS X 71 -62.41 115.28 -55.05
CA HIS X 71 -61.09 115.07 -55.64
C HIS X 71 -60.35 116.39 -55.84
N TYR X 72 -61.08 117.46 -56.16
CA TYR X 72 -60.45 118.76 -56.35
C TYR X 72 -59.93 119.33 -55.04
N VAL X 73 -60.74 119.28 -53.99
CA VAL X 73 -60.24 119.81 -52.71
C VAL X 73 -59.19 118.89 -52.12
N LEU X 74 -59.23 117.61 -52.51
CA LEU X 74 -58.19 116.63 -52.12
C LEU X 74 -56.81 116.92 -52.76
N SER X 75 -56.78 117.23 -54.06
CA SER X 75 -55.56 117.58 -54.78
C SER X 75 -55.12 119.01 -54.50
N LYS X 76 -56.05 119.91 -54.16
CA LYS X 76 -55.65 121.26 -53.81
C LYS X 76 -55.08 121.33 -52.40
N ARG X 77 -55.70 120.64 -51.44
CA ARG X 77 -55.28 120.69 -50.05
C ARG X 77 -54.28 119.59 -49.71
N LYS X 78 -53.60 119.02 -50.69
CA LYS X 78 -52.44 118.17 -50.39
C LYS X 78 -51.35 118.96 -49.68
N PRO X 79 -50.89 118.52 -48.51
CA PRO X 79 -49.67 119.10 -47.93
C PRO X 79 -48.43 118.42 -48.52
N ASP X 80 -47.36 119.19 -48.60
CA ASP X 80 -46.12 118.69 -49.17
C ASP X 80 -45.44 117.76 -48.18
N TYR X 81 -45.06 116.57 -48.65
CA TYR X 81 -44.47 115.55 -47.80
C TYR X 81 -42.95 115.54 -47.89
N ASN X 82 -42.36 116.56 -48.52
CA ASN X 82 -40.91 116.71 -48.52
C ASN X 82 -40.39 117.37 -47.25
N ALA X 83 -41.25 118.10 -46.54
CA ALA X 83 -40.85 118.71 -45.27
C ALA X 83 -40.58 117.65 -44.21
N ILE X 84 -41.25 116.50 -44.29
CA ILE X 84 -40.98 115.42 -43.35
C ILE X 84 -39.89 114.50 -43.85
N TRP X 85 -39.65 114.46 -45.17
CA TRP X 85 -38.53 113.69 -45.71
C TRP X 85 -37.21 114.44 -45.53
N GLN X 86 -37.28 115.76 -45.39
CA GLN X 86 -36.09 116.56 -45.13
C GLN X 86 -35.44 116.19 -43.82
N ASP X 87 -36.24 115.97 -42.77
CA ASP X 87 -35.68 115.57 -41.48
C ASP X 87 -35.20 114.12 -41.52
N ILE X 88 -35.85 113.27 -42.32
CA ILE X 88 -35.35 111.92 -42.57
C ILE X 88 -33.95 111.96 -43.15
N THR X 89 -33.76 112.77 -44.21
CA THR X 89 -32.44 112.88 -44.82
C THR X 89 -31.44 113.54 -43.89
N LYS X 90 -31.89 114.48 -43.07
CA LYS X 90 -30.98 115.17 -42.14
C LYS X 90 -30.45 114.21 -41.09
N LEU X 91 -31.35 113.52 -40.37
CA LEU X 91 -30.92 112.56 -39.34
C LEU X 91 -30.12 111.43 -39.96
N GLN X 92 -30.64 110.86 -41.06
CA GLN X 92 -30.02 109.77 -41.80
C GLN X 92 -28.59 110.11 -42.21
N ASN X 93 -28.43 111.12 -43.06
CA ASN X 93 -27.14 111.47 -43.63
C ASN X 93 -26.16 111.99 -42.58
N VAL X 94 -26.65 112.78 -41.62
CA VAL X 94 -25.70 113.39 -40.70
C VAL X 94 -25.26 112.40 -39.62
N VAL X 95 -26.11 111.52 -39.12
CA VAL X 95 -25.79 110.72 -37.96
C VAL X 95 -25.57 109.25 -38.32
N ASN X 96 -26.46 108.68 -39.13
CA ASN X 96 -26.40 107.24 -39.37
C ASN X 96 -25.22 106.87 -40.26
N GLU X 97 -24.76 107.78 -41.12
CA GLU X 97 -23.47 107.56 -41.77
C GLU X 97 -22.33 107.73 -40.78
N TYR X 98 -22.36 108.82 -40.00
CA TYR X 98 -21.14 109.24 -39.31
C TYR X 98 -20.83 108.37 -38.10
N LEU X 99 -21.84 107.81 -37.43
CA LEU X 99 -21.56 106.88 -36.35
C LEU X 99 -20.96 105.59 -36.90
N LYS X 100 -21.40 105.15 -38.07
CA LYS X 100 -20.79 103.99 -38.70
C LYS X 100 -19.34 104.26 -39.08
N SER X 101 -19.07 105.44 -39.66
CA SER X 101 -17.72 105.77 -40.08
C SER X 101 -16.79 105.96 -38.88
N LYS X 102 -17.31 106.48 -37.77
CA LYS X 102 -16.50 106.61 -36.56
C LYS X 102 -16.29 105.26 -35.88
N GLY X 103 -17.38 104.64 -35.42
CA GLY X 103 -17.29 103.39 -34.70
C GLY X 103 -17.16 102.16 -35.57
N LEU X 104 -16.62 102.33 -36.79
CA LEU X 104 -15.98 101.27 -37.56
C LEU X 104 -16.99 100.24 -38.05
N ASN X 105 -18.18 100.70 -38.45
CA ASN X 105 -19.17 99.83 -39.03
C ASN X 105 -19.08 99.79 -40.56
N LYS X 106 -17.87 100.02 -41.09
CA LYS X 106 -17.45 99.94 -42.50
C LYS X 106 -18.34 100.72 -43.47
N GLY X 107 -19.09 101.70 -42.97
CA GLY X 107 -20.03 102.48 -43.76
C GLY X 107 -21.08 101.67 -44.49
N ASN X 108 -21.86 100.89 -43.77
CA ASN X 108 -22.94 100.10 -44.38
C ASN X 108 -24.01 101.06 -44.89
N PHE X 109 -24.13 101.14 -46.21
CA PHE X 109 -24.82 102.26 -46.84
C PHE X 109 -26.33 102.15 -46.79
N GLU X 110 -26.87 101.06 -46.24
CA GLU X 110 -28.24 100.55 -46.40
C GLU X 110 -29.37 101.57 -46.50
N ASN X 111 -29.23 102.70 -45.82
CA ASN X 111 -30.12 103.83 -46.04
C ASN X 111 -30.01 104.43 -47.43
N MET X 112 -28.86 104.27 -48.09
CA MET X 112 -28.63 104.85 -49.41
C MET X 112 -29.01 103.91 -50.55
N PHE X 113 -29.57 102.73 -50.26
CA PHE X 113 -30.14 101.93 -51.35
C PHE X 113 -31.38 102.62 -51.90
N THR X 114 -32.14 103.30 -51.05
CA THR X 114 -33.34 104.00 -51.48
C THR X 114 -33.01 105.27 -52.27
N ASN X 115 -32.14 106.12 -51.71
CA ASN X 115 -31.67 107.41 -52.23
C ASN X 115 -32.76 108.47 -52.40
N LYS X 116 -34.01 108.15 -52.10
CA LYS X 116 -35.15 108.91 -52.60
C LYS X 116 -36.36 108.65 -51.73
N GLU X 117 -37.42 109.40 -52.02
CA GLU X 117 -38.77 109.10 -51.58
C GLU X 117 -39.52 108.24 -52.59
N LYS X 118 -38.82 107.66 -53.55
CA LYS X 118 -39.44 106.87 -54.61
C LYS X 118 -39.64 105.42 -54.21
N PHE X 119 -38.81 104.88 -53.32
CA PHE X 119 -38.86 103.46 -52.96
C PHE X 119 -39.66 103.32 -51.67
N GLU X 120 -40.97 103.15 -51.83
CA GLU X 120 -41.87 102.87 -50.71
C GLU X 120 -41.76 101.42 -50.23
N SER X 121 -41.04 100.58 -50.96
CA SER X 121 -40.60 99.29 -50.44
C SER X 121 -39.21 99.45 -49.83
N GLN X 122 -38.70 98.36 -49.25
CA GLN X 122 -37.43 98.19 -48.56
C GLN X 122 -37.33 98.97 -47.26
N PHE X 123 -38.34 99.77 -46.91
CA PHE X 123 -38.31 100.51 -45.66
C PHE X 123 -38.39 99.56 -44.48
N SER X 124 -39.11 98.45 -44.62
CA SER X 124 -39.25 97.50 -43.53
C SER X 124 -37.94 96.77 -43.27
N ASP X 125 -37.21 96.46 -44.34
CA ASP X 125 -35.87 95.89 -44.18
C ASP X 125 -34.94 96.91 -43.54
N ILE X 126 -35.08 98.18 -43.90
CA ILE X 126 -34.28 99.23 -43.28
C ILE X 126 -34.64 99.38 -41.80
N HIS X 127 -35.93 99.26 -41.46
CA HIS X 127 -36.32 99.38 -40.05
C HIS X 127 -35.85 98.20 -39.24
N ARG X 128 -35.83 96.99 -39.82
CA ARG X 128 -35.29 95.84 -39.10
C ARG X 128 -33.78 95.98 -38.90
N ALA X 129 -33.08 96.48 -39.91
CA ALA X 129 -31.65 96.76 -39.78
C ALA X 129 -31.41 97.83 -38.72
N LEU X 130 -32.29 98.83 -38.64
CA LEU X 130 -32.16 99.86 -37.63
C LEU X 130 -32.50 99.37 -36.24
N LEU X 131 -33.40 98.38 -36.12
CA LEU X 131 -33.62 97.74 -34.84
C LEU X 131 -32.36 97.03 -34.37
N ARG X 132 -31.69 96.35 -35.29
CA ARG X 132 -30.42 95.70 -34.95
C ARG X 132 -29.35 96.71 -34.59
N LEU X 133 -29.26 97.83 -35.32
CA LEU X 133 -28.27 98.85 -35.03
C LEU X 133 -28.53 99.54 -33.69
N GLY X 134 -29.78 99.90 -33.43
CA GLY X 134 -30.11 100.57 -32.19
C GLY X 134 -29.93 99.69 -30.98
N ASN X 135 -30.25 98.40 -31.12
CA ASN X 135 -30.00 97.49 -30.01
C ASN X 135 -28.52 97.22 -29.82
N SER X 136 -27.74 97.25 -30.90
CA SER X 136 -26.29 97.08 -30.75
C SER X 136 -25.64 98.29 -30.11
N ILE X 137 -26.17 99.48 -30.36
CA ILE X 137 -25.57 100.66 -29.75
C ILE X 137 -26.05 100.80 -28.30
N ARG X 138 -27.28 100.38 -28.01
CA ARG X 138 -27.75 100.46 -26.64
C ARG X 138 -27.10 99.37 -25.76
N TRP X 139 -26.88 98.17 -26.31
CA TRP X 139 -26.20 97.14 -25.55
C TRP X 139 -25.26 96.34 -26.44
N GLY X 140 -24.17 95.84 -25.85
CA GLY X 140 -23.20 95.07 -26.62
C GLY X 140 -23.64 93.65 -26.94
N SER X 141 -24.74 93.18 -26.36
CA SER X 141 -25.10 91.77 -26.49
C SER X 141 -25.57 91.44 -27.91
N ASN X 142 -26.20 92.42 -28.55
CA ASN X 142 -26.73 92.26 -29.90
C ASN X 142 -28.11 91.61 -29.93
N VAL X 143 -28.22 90.34 -29.47
CA VAL X 143 -29.45 89.49 -29.36
C VAL X 143 -30.67 90.04 -30.11
N PRO X 144 -30.65 89.98 -31.45
CA PRO X 144 -31.74 90.76 -32.07
C PRO X 144 -33.15 90.51 -31.56
N ILE X 145 -33.76 91.55 -30.99
CA ILE X 145 -34.94 91.41 -30.15
C ILE X 145 -36.18 91.80 -30.94
N ASP X 146 -37.36 91.56 -30.36
CA ASP X 146 -38.64 91.81 -31.01
C ASP X 146 -39.33 93.05 -30.46
N THR X 147 -38.55 94.10 -30.22
CA THR X 147 -39.15 95.40 -29.94
C THR X 147 -39.62 96.06 -31.25
N PRO X 148 -40.68 96.86 -31.21
CA PRO X 148 -41.00 97.65 -32.39
C PRO X 148 -40.07 98.83 -32.57
N TYR X 149 -39.67 99.45 -31.47
CA TYR X 149 -38.90 100.68 -31.46
C TYR X 149 -37.67 100.50 -30.60
N VAL X 150 -36.55 101.08 -31.04
CA VAL X 150 -35.28 100.94 -30.35
C VAL X 150 -35.29 101.65 -29.01
N ASN X 151 -36.16 102.65 -28.85
CA ASN X 151 -36.13 103.52 -27.67
C ASN X 151 -36.49 102.78 -26.40
N LEU X 152 -37.17 101.65 -26.54
CA LEU X 152 -37.63 100.74 -25.49
C LEU X 152 -38.72 101.45 -24.70
N THR X 153 -39.36 102.45 -25.29
CA THR X 153 -40.37 103.23 -24.61
C THR X 153 -41.72 102.55 -24.81
N ALA X 154 -42.25 101.93 -23.76
CA ALA X 154 -43.58 101.35 -23.80
C ALA X 154 -44.63 102.28 -23.23
N GLU X 155 -44.23 103.33 -22.52
CA GLU X 155 -45.19 104.31 -22.04
C GLU X 155 -45.67 105.24 -23.14
N ASP X 156 -44.93 105.35 -24.24
CA ASP X 156 -45.30 106.24 -25.34
C ASP X 156 -45.40 105.52 -26.67
N SER X 157 -45.19 104.20 -26.73
CA SER X 157 -45.43 103.46 -27.96
C SER X 157 -46.91 103.46 -28.32
N SER X 158 -47.79 103.43 -27.31
CA SER X 158 -49.22 103.58 -27.55
C SER X 158 -49.53 104.95 -28.10
N GLU X 159 -48.83 105.98 -27.62
CA GLU X 159 -49.00 107.33 -28.14
C GLU X 159 -48.54 107.44 -29.59
N ILE X 160 -47.45 106.75 -29.93
CA ILE X 160 -46.96 106.77 -31.30
C ILE X 160 -47.91 106.04 -32.24
N GLU X 161 -48.44 104.90 -31.81
CA GLU X 161 -49.41 104.19 -32.64
C GLU X 161 -50.72 104.96 -32.76
N ASN X 162 -51.10 105.68 -31.71
CA ASN X 162 -52.24 106.60 -31.77
C ASN X 162 -52.00 107.70 -32.80
N ASN X 163 -50.78 108.25 -32.84
CA ASN X 163 -50.46 109.30 -33.80
C ASN X 163 -50.46 108.76 -35.22
N LEU X 164 -50.00 107.53 -35.41
CA LEU X 164 -50.02 106.93 -36.74
C LEU X 164 -51.44 106.65 -37.21
N GLN X 165 -52.32 106.23 -36.30
CA GLN X 165 -53.72 106.04 -36.67
C GLN X 165 -54.40 107.37 -36.95
N ASP X 166 -54.01 108.44 -36.23
CA ASP X 166 -54.52 109.77 -36.51
C ASP X 166 -54.08 110.27 -37.87
N ALA X 167 -52.85 109.94 -38.27
CA ALA X 167 -52.39 110.29 -39.62
C ALA X 167 -53.12 109.47 -40.68
N GLU X 168 -53.39 108.20 -40.40
CA GLU X 168 -54.17 107.37 -41.32
C GLU X 168 -55.57 107.93 -41.53
N LYS X 169 -56.19 108.42 -40.46
CA LYS X 169 -57.52 109.00 -40.60
C LYS X 169 -57.46 110.34 -41.31
N ASN X 170 -56.52 111.22 -40.93
CA ASN X 170 -56.41 112.56 -41.49
C ASN X 170 -54.96 112.78 -41.91
N MET X 171 -54.61 112.33 -43.12
CA MET X 171 -53.33 112.67 -43.73
C MET X 171 -53.25 114.11 -44.19
N LEU X 172 -54.38 114.83 -44.26
CA LEU X 172 -54.34 116.23 -44.64
C LEU X 172 -53.78 117.10 -43.52
N TRP X 173 -54.03 116.70 -42.26
CA TRP X 173 -53.60 117.46 -41.10
C TRP X 173 -52.88 116.53 -40.14
N TYR X 174 -51.57 116.73 -40.00
CA TYR X 174 -50.70 115.79 -39.29
C TYR X 174 -49.86 116.52 -38.26
N THR X 175 -49.54 115.82 -37.18
CA THR X 175 -48.62 116.31 -36.16
C THR X 175 -47.51 115.30 -35.95
N VAL X 176 -46.35 115.80 -35.58
CA VAL X 176 -45.14 115.00 -35.46
C VAL X 176 -44.76 114.91 -33.99
N TYR X 177 -44.51 113.69 -33.53
CA TYR X 177 -44.19 113.44 -32.13
C TYR X 177 -42.67 113.65 -31.94
N ASN X 178 -42.17 113.45 -30.73
CA ASN X 178 -40.79 113.79 -30.39
C ASN X 178 -40.28 112.82 -29.33
N ILE X 179 -39.22 113.21 -28.62
CA ILE X 179 -38.56 112.33 -27.65
C ILE X 179 -38.33 113.09 -26.34
N ASN X 180 -38.13 112.31 -25.29
CA ASN X 180 -37.99 112.81 -23.92
C ASN X 180 -36.59 112.47 -23.44
N ASP X 181 -35.98 113.34 -22.61
CA ASP X 181 -34.60 113.11 -22.12
C ASP X 181 -34.16 113.00 -20.62
N PRO X 182 -34.98 112.49 -19.67
CA PRO X 182 -34.46 112.44 -18.28
C PRO X 182 -33.19 111.55 -18.16
N TRP X 183 -33.29 110.37 -18.74
CA TRP X 183 -32.21 109.42 -18.97
C TRP X 183 -32.40 108.88 -20.39
N ASP X 184 -31.41 109.09 -21.24
CA ASP X 184 -31.50 108.70 -22.64
C ASP X 184 -30.92 107.30 -22.83
N GLU X 185 -31.68 106.44 -23.51
CA GLU X 185 -31.15 105.17 -24.00
C GLU X 185 -30.00 105.43 -24.94
N ASN X 186 -30.23 106.25 -25.96
CA ASN X 186 -29.18 106.70 -26.85
C ASN X 186 -29.09 108.22 -26.69
N GLY X 187 -27.87 108.75 -26.66
CA GLY X 187 -27.70 110.15 -26.39
C GLY X 187 -28.23 111.07 -27.48
N TYR X 188 -27.55 111.09 -28.61
CA TYR X 188 -28.05 111.76 -29.80
C TYR X 188 -28.35 110.77 -30.91
N LEU X 189 -27.90 109.52 -30.73
CA LEU X 189 -28.20 108.44 -31.65
C LEU X 189 -29.68 108.08 -31.66
N VAL X 190 -30.41 108.45 -30.60
CA VAL X 190 -31.84 108.19 -30.51
C VAL X 190 -32.60 108.89 -31.60
N THR X 191 -32.11 110.05 -32.07
CA THR X 191 -32.68 110.75 -33.21
C THR X 191 -32.66 109.86 -34.44
N SER X 192 -31.47 109.54 -34.93
CA SER X 192 -31.40 108.90 -36.22
C SER X 192 -31.68 107.41 -36.17
N ILE X 193 -31.99 106.81 -35.03
CA ILE X 193 -32.55 105.47 -35.09
C ILE X 193 -34.01 105.41 -34.63
N ASN X 194 -34.39 106.08 -33.55
CA ASN X 194 -35.79 106.09 -33.14
C ASN X 194 -36.63 106.98 -34.04
N LYS X 195 -36.27 108.27 -34.13
CA LYS X 195 -37.04 109.23 -34.90
C LYS X 195 -36.99 108.91 -36.39
N LEU X 196 -35.92 108.27 -36.85
CA LEU X 196 -35.88 107.85 -38.25
C LEU X 196 -36.90 106.76 -38.53
N VAL X 197 -37.08 105.82 -37.60
CA VAL X 197 -38.10 104.80 -37.77
C VAL X 197 -39.49 105.41 -37.71
N TYR X 198 -39.71 106.33 -36.77
CA TYR X 198 -41.02 106.98 -36.64
C TYR X 198 -41.37 107.81 -37.87
N LEU X 199 -40.43 108.63 -38.34
CA LEU X 199 -40.70 109.46 -39.51
C LEU X 199 -40.80 108.63 -40.79
N GLY X 200 -40.07 107.52 -40.89
CA GLY X 200 -40.22 106.67 -42.05
C GLY X 200 -41.57 106.00 -42.11
N LYS X 201 -42.05 105.49 -40.97
CA LYS X 201 -43.38 104.89 -40.92
C LYS X 201 -44.46 105.93 -41.19
N LEU X 202 -44.32 107.13 -40.61
CA LEU X 202 -45.27 108.21 -40.83
C LEU X 202 -45.31 108.63 -42.29
N PHE X 203 -44.15 108.75 -42.92
CA PHE X 203 -44.05 109.19 -44.31
C PHE X 203 -44.66 108.18 -45.27
N VAL X 204 -44.31 106.89 -45.11
CA VAL X 204 -44.86 105.89 -46.01
C VAL X 204 -46.36 105.70 -45.74
N THR X 205 -46.81 105.96 -44.50
CA THR X 205 -48.23 105.90 -44.18
C THR X 205 -49.00 107.00 -44.90
N LEU X 206 -48.47 108.23 -44.86
CA LEU X 206 -49.13 109.35 -45.53
C LEU X 206 -49.20 109.14 -47.03
N ASN X 207 -48.12 108.62 -47.63
CA ASN X 207 -48.13 108.40 -49.08
C ASN X 207 -49.09 107.28 -49.48
N GLN X 208 -49.12 106.18 -48.73
CA GLN X 208 -50.01 105.08 -49.07
C GLN X 208 -51.48 105.46 -48.90
N SER X 209 -51.81 106.16 -47.80
CA SER X 209 -53.20 106.59 -47.60
C SER X 209 -53.60 107.63 -48.64
N TRP X 210 -52.65 108.48 -49.06
CA TRP X 210 -52.92 109.49 -50.07
C TRP X 210 -53.26 108.87 -51.42
N SER X 211 -52.39 107.98 -51.90
CA SER X 211 -52.64 107.33 -53.19
C SER X 211 -53.87 106.44 -53.12
N LYS X 212 -54.17 105.87 -51.94
CA LYS X 212 -55.39 105.08 -51.77
C LYS X 212 -56.64 105.93 -51.95
N LEU X 213 -56.69 107.09 -51.28
CA LEU X 213 -57.87 107.95 -51.39
C LEU X 213 -58.02 108.53 -52.79
N GLU X 214 -56.90 108.92 -53.42
CA GLU X 214 -56.97 109.46 -54.76
C GLU X 214 -57.40 108.41 -55.78
N LYS X 215 -56.96 107.17 -55.60
CA LYS X 215 -57.37 106.09 -56.48
C LYS X 215 -58.86 105.76 -56.32
N VAL X 216 -59.35 105.76 -55.06
CA VAL X 216 -60.78 105.53 -54.82
C VAL X 216 -61.62 106.65 -55.44
N ALA X 217 -61.18 107.90 -55.30
CA ALA X 217 -61.91 109.02 -55.87
C ALA X 217 -61.97 108.95 -57.39
N MET X 218 -60.83 108.64 -58.04
CA MET X 218 -60.82 108.52 -59.50
C MET X 218 -61.66 107.35 -59.99
N SER X 219 -61.64 106.22 -59.26
CA SER X 219 -62.44 105.07 -59.65
C SER X 219 -63.93 105.37 -59.55
N GLN X 220 -64.35 106.09 -58.50
CA GLN X 220 -65.75 106.46 -58.39
C GLN X 220 -66.16 107.48 -59.44
N ILE X 221 -65.25 108.37 -59.83
CA ILE X 221 -65.54 109.33 -60.88
C ILE X 221 -65.74 108.62 -62.23
N VAL X 222 -64.90 107.60 -62.51
CA VAL X 222 -65.05 106.82 -63.73
C VAL X 222 -66.36 106.02 -63.73
N THR X 223 -66.72 105.48 -62.56
CA THR X 223 -67.96 104.72 -62.44
C THR X 223 -69.20 105.60 -62.64
N THR X 224 -69.18 106.80 -62.06
CA THR X 224 -70.29 107.72 -62.27
C THR X 224 -70.35 108.24 -63.71
N GLN X 225 -69.19 108.37 -64.37
CA GLN X 225 -69.17 108.67 -65.81
C GLN X 225 -69.91 107.60 -66.60
N ASN X 226 -69.59 106.33 -66.31
CA ASN X 226 -70.18 105.23 -67.08
C ASN X 226 -71.68 105.14 -66.85
N HIS X 227 -72.11 105.25 -65.59
CA HIS X 227 -73.54 105.19 -65.30
C HIS X 227 -74.30 106.37 -65.87
N LEU X 228 -73.76 107.60 -65.73
CA LEU X 228 -74.49 108.77 -66.17
C LEU X 228 -74.50 108.88 -67.69
N SER X 229 -73.45 108.42 -68.37
CA SER X 229 -73.48 108.38 -69.83
C SER X 229 -74.45 107.32 -70.33
N GLY X 230 -74.49 106.15 -69.67
CA GLY X 230 -75.46 105.14 -70.04
C GLY X 230 -76.90 105.55 -69.77
N HIS X 231 -77.11 106.43 -68.80
CA HIS X 231 -78.47 106.94 -68.57
C HIS X 231 -78.83 108.07 -69.53
N LEU X 232 -77.88 108.94 -69.86
CA LEU X 232 -78.18 110.05 -70.74
C LEU X 232 -78.03 109.72 -72.21
N ARG X 233 -77.70 108.47 -72.56
CA ARG X 233 -77.56 108.08 -73.96
C ARG X 233 -78.88 108.15 -74.74
N LYS X 234 -80.03 108.01 -74.06
CA LYS X 234 -81.29 107.77 -74.76
C LYS X 234 -81.80 108.98 -75.51
N ASN X 235 -81.70 110.17 -74.91
CA ASN X 235 -82.32 111.37 -75.50
C ASN X 235 -81.48 111.88 -76.67
N GLU X 236 -82.14 112.17 -77.79
CA GLU X 236 -81.49 112.67 -78.99
C GLU X 236 -81.69 114.18 -79.21
N ASN X 237 -82.14 114.91 -78.19
CA ASN X 237 -82.36 116.34 -78.33
C ASN X 237 -81.03 117.09 -78.37
N PHE X 238 -81.11 118.36 -78.77
CA PHE X 238 -79.92 119.14 -79.13
C PHE X 238 -79.01 119.38 -77.94
N ASN X 239 -79.50 120.07 -76.92
CA ASN X 239 -78.70 120.29 -75.72
C ASN X 239 -78.53 119.03 -74.91
N ALA X 240 -79.40 118.03 -75.09
CA ALA X 240 -79.22 116.74 -74.43
C ALA X 240 -77.96 116.04 -74.92
N VAL X 241 -77.80 115.90 -76.24
CA VAL X 241 -76.57 115.28 -76.72
C VAL X 241 -75.39 116.23 -76.67
N TYR X 242 -75.63 117.54 -76.58
CA TYR X 242 -74.55 118.46 -76.21
C TYR X 242 -74.03 118.15 -74.82
N SER X 243 -74.95 117.90 -73.88
CA SER X 243 -74.56 117.49 -72.54
C SER X 243 -73.91 116.11 -72.54
N GLN X 244 -74.33 115.24 -73.46
CA GLN X 244 -73.66 113.94 -73.63
C GLN X 244 -72.21 114.13 -74.06
N ARG X 245 -71.97 115.00 -75.03
CA ARG X 245 -70.60 115.25 -75.49
C ARG X 245 -69.77 115.99 -74.44
N VAL X 246 -70.41 116.82 -73.61
CA VAL X 246 -69.66 117.48 -72.53
C VAL X 246 -69.27 116.47 -71.46
N LEU X 247 -70.24 115.67 -71.01
CA LEU X 247 -70.03 114.76 -69.89
C LEU X 247 -69.40 113.44 -70.29
N GLN X 248 -69.24 113.17 -71.58
CA GLN X 248 -68.59 111.96 -72.05
C GLN X 248 -67.06 112.08 -72.04
N THR X 249 -66.53 113.28 -71.77
CA THR X 249 -65.09 113.50 -71.85
C THR X 249 -64.35 112.76 -70.74
N PRO X 250 -63.33 111.98 -71.08
CA PRO X 250 -62.57 111.25 -70.05
C PRO X 250 -61.75 112.18 -69.18
N LEU X 251 -61.60 111.82 -67.91
CA LEU X 251 -61.01 112.69 -66.90
C LEU X 251 -59.84 112.03 -66.22
N THR X 252 -58.69 112.69 -66.26
CA THR X 252 -57.60 112.35 -65.36
C THR X 252 -57.54 113.35 -64.20
N GLY X 253 -56.70 113.01 -63.22
CA GLY X 253 -56.34 113.92 -62.15
C GLY X 253 -55.57 115.15 -62.60
N GLN X 254 -55.06 115.13 -63.83
CA GLN X 254 -54.50 116.30 -64.48
C GLN X 254 -55.56 117.09 -65.25
N ARG X 255 -56.65 116.46 -65.65
CA ARG X 255 -57.74 117.10 -66.38
C ARG X 255 -58.82 117.65 -65.47
N VAL X 256 -58.78 117.31 -64.18
CA VAL X 256 -59.98 117.38 -63.36
C VAL X 256 -60.31 118.80 -62.93
N GLU X 257 -59.30 119.65 -62.74
CA GLU X 257 -59.54 121.01 -62.30
C GLU X 257 -60.10 121.86 -63.44
N SER X 258 -59.52 121.69 -64.63
CA SER X 258 -60.05 122.34 -65.83
C SER X 258 -61.46 121.87 -66.15
N PHE X 259 -61.74 120.58 -65.92
CA PHE X 259 -63.10 120.10 -66.16
C PHE X 259 -64.08 120.63 -65.13
N LEU X 260 -63.61 120.87 -63.90
CA LEU X 260 -64.44 121.55 -62.91
C LEU X 260 -64.79 122.94 -63.38
N LYS X 261 -63.84 123.63 -64.02
CA LYS X 261 -64.15 124.94 -64.60
C LYS X 261 -65.15 124.82 -65.77
N ILE X 262 -65.01 123.76 -66.58
CA ILE X 262 -65.93 123.49 -67.69
C ILE X 262 -67.36 123.32 -67.20
N ILE X 263 -67.56 122.45 -66.20
CA ILE X 263 -68.91 122.17 -65.74
C ILE X 263 -69.44 123.31 -64.87
N THR X 264 -68.57 124.11 -64.26
CA THR X 264 -68.98 125.36 -63.64
C THR X 264 -69.56 126.32 -64.67
N SER X 265 -68.91 126.43 -65.84
CA SER X 265 -69.48 127.22 -66.91
C SER X 265 -70.78 126.61 -67.45
N ASP X 266 -70.85 125.29 -67.50
CA ASP X 266 -72.00 124.62 -68.14
C ASP X 266 -73.23 124.50 -67.25
N TYR X 267 -73.10 124.82 -65.94
CA TYR X 267 -74.19 124.61 -64.98
C TYR X 267 -75.47 125.34 -65.35
N GLU X 268 -75.35 126.52 -65.96
CA GLU X 268 -76.53 127.32 -66.27
C GLU X 268 -77.36 126.68 -67.37
N ILE X 269 -76.71 126.16 -68.41
CA ILE X 269 -77.46 125.53 -69.49
C ILE X 269 -77.92 124.12 -69.09
N ILE X 270 -77.12 123.41 -68.28
CA ILE X 270 -77.38 121.99 -68.08
C ILE X 270 -78.58 121.77 -67.16
N LYS X 271 -78.88 122.74 -66.29
CA LYS X 271 -80.01 122.61 -65.37
C LYS X 271 -81.34 122.60 -66.12
N SER X 272 -81.45 123.42 -67.17
CA SER X 272 -82.60 123.32 -68.06
C SER X 272 -82.51 122.09 -68.95
N SER X 273 -81.28 121.72 -69.37
CA SER X 273 -81.09 120.69 -70.37
C SER X 273 -81.48 119.31 -69.86
N LEU X 274 -81.25 119.04 -68.57
CA LEU X 274 -81.66 117.77 -68.00
C LEU X 274 -83.17 117.68 -67.96
N GLU X 275 -83.68 116.47 -68.18
CA GLU X 275 -85.11 116.21 -68.28
C GLU X 275 -85.84 116.52 -66.99
N SER Y 7 -27.91 43.50 146.69
CA SER Y 7 -28.64 43.41 147.96
C SER Y 7 -29.40 44.69 148.27
N ILE Y 8 -29.19 45.69 147.41
CA ILE Y 8 -29.74 47.04 147.48
C ILE Y 8 -29.48 47.69 148.84
N PRO Y 9 -28.27 48.23 149.11
CA PRO Y 9 -28.07 49.03 150.32
C PRO Y 9 -28.47 50.50 150.23
N PHE Y 10 -29.34 50.88 149.29
CA PHE Y 10 -29.89 52.24 149.26
C PHE Y 10 -30.57 52.63 150.57
N ALA Y 11 -30.67 53.93 150.85
CA ALA Y 11 -30.75 54.36 152.24
C ALA Y 11 -32.07 54.06 152.93
N TRP Y 12 -33.11 54.86 152.70
CA TRP Y 12 -34.42 54.55 153.25
C TRP Y 12 -35.54 55.16 152.42
N LEU Y 13 -35.28 55.42 151.15
CA LEU Y 13 -36.19 56.28 150.41
C LEU Y 13 -37.32 55.47 149.78
N ASP Y 14 -38.17 56.19 149.04
CA ASP Y 14 -39.38 55.62 148.46
C ASP Y 14 -39.05 54.53 147.44
N ARG Y 15 -39.90 53.50 147.40
CA ARG Y 15 -39.66 52.35 146.54
C ARG Y 15 -39.73 52.71 145.06
N ASP Y 16 -40.50 53.76 144.71
CA ASP Y 16 -40.51 54.26 143.35
C ASP Y 16 -39.15 54.82 142.94
N LYS Y 17 -38.53 55.60 143.83
CA LYS Y 17 -37.22 56.17 143.52
C LYS Y 17 -36.12 55.12 143.59
N VAL Y 18 -36.27 54.13 144.47
CA VAL Y 18 -35.36 52.99 144.51
C VAL Y 18 -35.43 52.21 143.19
N GLN Y 19 -36.64 52.05 142.66
CA GLN Y 19 -36.81 51.39 141.37
C GLN Y 19 -36.25 52.24 140.23
N ARG Y 20 -36.33 53.57 140.34
CA ARG Y 20 -35.71 54.46 139.36
C ARG Y 20 -34.20 54.27 139.33
N LEU Y 21 -33.57 54.24 140.50
CA LEU Y 21 -32.11 54.11 140.56
C LEU Y 21 -31.66 52.72 140.14
N THR Y 22 -32.42 51.68 140.52
CA THR Y 22 -32.11 50.33 140.09
C THR Y 22 -32.31 50.17 138.58
N ASN Y 23 -33.31 50.85 138.02
CA ASN Y 23 -33.53 50.84 136.58
C ASN Y 23 -32.39 51.54 135.85
N PHE Y 24 -31.90 52.65 136.42
CA PHE Y 24 -30.77 53.35 135.82
C PHE Y 24 -29.51 52.48 135.82
N LEU Y 25 -29.22 51.84 136.96
CA LEU Y 25 -28.01 51.02 137.00
C LEU Y 25 -28.15 49.71 136.24
N SER Y 26 -29.38 49.23 136.02
CA SER Y 26 -29.54 48.06 135.17
C SER Y 26 -29.45 48.43 133.69
N ASN Y 27 -29.87 49.65 133.34
CA ASN Y 27 -29.82 50.11 131.96
C ASN Y 27 -28.72 51.15 131.73
N LEU Y 28 -27.65 51.10 132.51
CA LEU Y 28 -26.52 52.03 132.32
C LEU Y 28 -25.88 51.86 130.96
N GLU Y 29 -25.54 50.63 130.59
CA GLU Y 29 -24.92 50.38 129.30
C GLU Y 29 -25.89 50.47 128.14
N ASN Y 30 -27.20 50.53 128.40
CA ASN Y 30 -28.16 50.61 127.31
C ASN Y 30 -28.44 52.06 126.90
N LEU Y 31 -28.58 52.97 127.86
CA LEU Y 31 -28.94 54.31 127.48
C LEU Y 31 -27.71 55.06 126.99
N GLU Y 32 -27.95 56.19 126.32
CA GLU Y 32 -26.86 57.00 125.83
C GLU Y 32 -26.50 58.06 126.87
N ASN Y 33 -25.35 58.70 126.65
CA ASN Y 33 -24.72 59.67 127.54
C ASN Y 33 -24.54 59.08 128.94
N VAL Y 34 -23.68 58.06 129.01
CA VAL Y 34 -23.39 57.39 130.26
C VAL Y 34 -22.47 58.30 131.07
N ASP Y 35 -23.07 59.06 131.99
CA ASP Y 35 -22.39 59.98 132.89
C ASP Y 35 -23.40 60.41 133.93
N LEU Y 36 -22.96 60.48 135.18
CA LEU Y 36 -23.92 60.69 136.26
C LEU Y 36 -24.31 62.16 136.39
N ARG Y 37 -23.47 63.07 135.90
CA ARG Y 37 -23.84 64.48 135.93
C ARG Y 37 -24.87 64.84 134.86
N GLU Y 38 -25.03 63.99 133.85
CA GLU Y 38 -25.89 64.33 132.73
C GLU Y 38 -27.37 64.05 133.01
N HIS Y 39 -27.67 63.39 134.12
CA HIS Y 39 -29.06 63.07 134.43
C HIS Y 39 -29.47 63.74 135.74
N PRO Y 40 -30.21 64.85 135.69
CA PRO Y 40 -30.64 65.49 136.93
C PRO Y 40 -31.76 64.76 137.64
N TYR Y 41 -32.55 63.96 136.92
CA TYR Y 41 -33.62 63.20 137.56
C TYR Y 41 -33.08 62.08 138.44
N VAL Y 42 -31.86 61.61 138.19
CA VAL Y 42 -31.22 60.66 139.09
C VAL Y 42 -30.92 61.31 140.44
N THR Y 43 -30.36 62.52 140.41
CA THR Y 43 -30.10 63.26 141.64
C THR Y 43 -31.41 63.74 142.29
N ASN Y 44 -32.44 63.99 141.48
CA ASN Y 44 -33.74 64.33 142.04
C ASN Y 44 -34.48 63.11 142.57
N SER Y 45 -34.07 61.91 142.18
CA SER Y 45 -34.50 60.70 142.89
C SER Y 45 -33.66 60.51 144.15
N CYS Y 46 -32.42 61.01 144.12
CA CYS Y 46 -31.51 60.85 145.24
C CYS Y 46 -31.87 61.74 146.42
N VAL Y 47 -32.44 62.92 146.14
CA VAL Y 47 -32.73 63.90 147.19
C VAL Y 47 -33.81 63.35 148.11
N VAL Y 48 -33.64 63.59 149.42
CA VAL Y 48 -34.39 62.92 150.47
C VAL Y 48 -35.68 63.69 150.73
N ARG Y 49 -36.69 62.99 151.24
CA ARG Y 49 -37.95 63.62 151.61
C ARG Y 49 -37.78 64.50 152.86
N GLU Y 50 -38.89 65.15 153.23
CA GLU Y 50 -39.02 66.00 154.41
C GLU Y 50 -38.03 67.18 154.40
N GLY Y 51 -37.81 67.75 153.23
CA GLY Y 51 -37.21 69.07 153.12
C GLY Y 51 -35.73 69.13 153.41
N GLU Y 52 -35.25 70.38 153.46
CA GLU Y 52 -33.82 70.66 153.50
C GLU Y 52 -33.18 70.27 154.82
N ASP Y 53 -33.95 70.23 155.92
CA ASP Y 53 -33.42 69.84 157.22
C ASP Y 53 -32.96 68.38 157.21
N VAL Y 54 -33.78 67.50 156.65
CA VAL Y 54 -33.38 66.10 156.50
C VAL Y 54 -32.37 65.95 155.36
N ASP Y 55 -32.49 66.81 154.34
CA ASP Y 55 -31.60 66.75 153.18
C ASP Y 55 -30.14 67.00 153.55
N GLU Y 56 -29.90 67.99 154.41
CA GLU Y 56 -28.55 68.47 154.69
C GLU Y 56 -27.67 67.39 155.31
N LEU Y 57 -28.27 66.41 155.99
CA LEU Y 57 -27.51 65.24 156.41
C LEU Y 57 -27.65 64.07 155.43
N LYS Y 58 -28.86 63.76 154.97
CA LYS Y 58 -29.08 62.46 154.36
C LYS Y 58 -28.87 62.42 152.85
N THR Y 59 -28.94 63.57 152.16
CA THR Y 59 -28.57 63.59 150.75
C THR Y 59 -27.11 63.25 150.55
N LEU Y 60 -26.25 63.59 151.51
CA LEU Y 60 -24.85 63.19 151.42
C LEU Y 60 -24.69 61.68 151.44
N TYR Y 61 -25.43 60.99 152.33
CA TYR Y 61 -25.34 59.53 152.37
C TYR Y 61 -25.94 58.91 151.12
N ASN Y 62 -27.03 59.47 150.60
CA ASN Y 62 -27.66 58.86 149.44
C ASN Y 62 -26.82 59.08 148.17
N THR Y 63 -26.24 60.28 148.00
CA THR Y 63 -25.26 60.50 146.94
C THR Y 63 -24.05 59.60 147.10
N PHE Y 64 -23.65 59.34 148.34
CA PHE Y 64 -22.51 58.46 148.60
C PHE Y 64 -22.80 57.04 148.12
N ILE Y 65 -24.02 56.56 148.39
CA ILE Y 65 -24.43 55.25 147.90
C ILE Y 65 -24.49 55.22 146.36
N LEU Y 66 -24.99 56.31 145.76
CA LEU Y 66 -25.04 56.39 144.29
C LEU Y 66 -23.65 56.35 143.68
N TRP Y 67 -22.71 57.13 144.19
CA TRP Y 67 -21.39 57.18 143.56
C TRP Y 67 -20.60 55.90 143.81
N LEU Y 68 -20.81 55.24 144.97
CA LEU Y 68 -20.17 53.94 145.18
C LEU Y 68 -20.71 52.90 144.20
N MET Y 69 -22.03 52.81 144.06
CA MET Y 69 -22.60 51.83 143.13
C MET Y 69 -22.29 52.19 141.69
N TYR Y 70 -22.19 53.47 141.36
CA TYR Y 70 -21.87 53.89 140.02
C TYR Y 70 -20.45 53.49 139.65
N HIS Y 71 -19.50 53.71 140.57
CA HIS Y 71 -18.14 53.27 140.34
C HIS Y 71 -18.04 51.76 140.26
N TYR Y 72 -18.88 51.06 141.05
CA TYR Y 72 -18.88 49.60 141.00
C TYR Y 72 -19.40 49.07 139.68
N VAL Y 73 -20.50 49.62 139.17
CA VAL Y 73 -21.05 49.10 137.92
C VAL Y 73 -20.18 49.51 136.74
N LEU Y 74 -19.45 50.64 136.85
CA LEU Y 74 -18.45 50.96 135.85
C LEU Y 74 -17.34 49.93 135.82
N SER Y 75 -16.66 49.73 136.95
CA SER Y 75 -15.53 48.80 137.02
C SER Y 75 -15.95 47.34 136.81
N LYS Y 76 -17.24 47.02 136.93
CA LYS Y 76 -17.70 45.69 136.61
C LYS Y 76 -18.06 45.55 135.12
N ARG Y 77 -18.73 46.55 134.55
CA ARG Y 77 -19.24 46.47 133.18
C ARG Y 77 -18.32 47.08 132.15
N LYS Y 78 -17.08 47.40 132.50
CA LYS Y 78 -16.12 47.83 131.48
C LYS Y 78 -15.76 46.67 130.55
N PRO Y 79 -15.96 46.80 129.25
CA PRO Y 79 -15.59 45.73 128.33
C PRO Y 79 -14.07 45.70 128.11
N ASP Y 80 -13.64 44.77 127.28
CA ASP Y 80 -12.22 44.64 126.96
C ASP Y 80 -11.93 45.35 125.64
N TYR Y 81 -11.01 46.31 125.68
CA TYR Y 81 -10.59 47.00 124.48
C TYR Y 81 -9.44 46.31 123.78
N ASN Y 82 -8.96 45.20 124.34
CA ASN Y 82 -7.97 44.38 123.66
C ASN Y 82 -8.54 43.72 122.43
N ALA Y 83 -9.88 43.57 122.39
CA ALA Y 83 -10.53 43.10 121.17
C ALA Y 83 -10.34 44.06 120.01
N ILE Y 84 -10.35 45.37 120.25
CA ILE Y 84 -10.13 46.28 119.13
C ILE Y 84 -8.64 46.55 118.94
N TRP Y 85 -7.83 46.41 120.00
CA TRP Y 85 -6.40 46.57 119.80
C TRP Y 85 -5.80 45.37 119.10
N GLN Y 86 -6.48 44.22 119.16
CA GLN Y 86 -6.07 43.05 118.39
C GLN Y 86 -6.20 43.30 116.90
N ASP Y 87 -7.31 43.92 116.47
CA ASP Y 87 -7.46 44.28 115.07
C ASP Y 87 -6.53 45.42 114.68
N ILE Y 88 -6.21 46.32 115.62
CA ILE Y 88 -5.18 47.34 115.35
C ILE Y 88 -3.84 46.70 115.06
N THR Y 89 -3.44 45.73 115.87
CA THR Y 89 -2.18 45.02 115.62
C THR Y 89 -2.25 44.15 114.36
N LYS Y 90 -3.42 43.61 114.04
CA LYS Y 90 -3.53 42.79 112.83
C LYS Y 90 -3.40 43.63 111.57
N LEU Y 91 -4.03 44.82 111.56
CA LEU Y 91 -3.85 45.73 110.45
C LEU Y 91 -2.42 46.24 110.37
N GLN Y 92 -1.86 46.64 111.52
CA GLN Y 92 -0.61 47.36 111.53
C GLN Y 92 0.56 46.43 111.23
N ASN Y 93 0.52 45.22 111.77
CA ASN Y 93 1.61 44.27 111.60
C ASN Y 93 1.63 43.72 110.17
N VAL Y 94 0.50 43.22 109.71
CA VAL Y 94 0.47 42.44 108.49
C VAL Y 94 0.39 43.30 107.23
N VAL Y 95 -0.27 44.44 107.29
CA VAL Y 95 -0.45 45.17 106.05
C VAL Y 95 0.74 46.09 105.82
N ASN Y 96 0.98 46.98 106.79
CA ASN Y 96 1.89 48.10 106.56
C ASN Y 96 3.35 47.66 106.56
N GLU Y 97 3.74 46.80 107.50
CA GLU Y 97 5.13 46.34 107.56
C GLU Y 97 5.48 45.54 106.31
N TYR Y 98 4.56 44.69 105.84
CA TYR Y 98 4.84 43.90 104.65
C TYR Y 98 4.79 44.74 103.39
N LEU Y 99 4.07 45.84 103.46
CA LEU Y 99 4.05 46.86 102.42
C LEU Y 99 5.40 47.62 102.32
N LYS Y 100 6.02 47.95 103.45
CA LYS Y 100 7.28 48.69 103.46
C LYS Y 100 8.49 47.79 103.24
N SER Y 101 8.39 46.52 103.62
CA SER Y 101 9.38 45.53 103.21
C SER Y 101 9.30 45.25 101.71
N LYS Y 102 8.09 45.09 101.15
CA LYS Y 102 7.99 44.69 99.75
C LYS Y 102 8.11 45.86 98.78
N GLY Y 103 7.07 46.69 98.69
CA GLY Y 103 7.11 47.82 97.77
C GLY Y 103 7.60 49.07 98.46
N LEU Y 104 8.29 49.93 97.69
CA LEU Y 104 8.56 51.34 98.03
C LEU Y 104 9.33 51.47 99.36
N ASN Y 105 10.35 50.63 99.54
CA ASN Y 105 11.02 50.49 100.82
C ASN Y 105 11.76 51.78 101.20
N LYS Y 106 11.14 52.57 102.08
CA LYS Y 106 11.82 53.72 102.66
C LYS Y 106 11.52 53.85 104.15
N GLY Y 107 10.37 53.32 104.58
CA GLY Y 107 9.89 53.57 105.93
C GLY Y 107 10.22 52.58 107.02
N ASN Y 108 11.51 52.32 107.24
CA ASN Y 108 11.90 51.45 108.35
C ASN Y 108 11.80 52.18 109.69
N PHE Y 109 12.20 53.45 109.70
CA PHE Y 109 11.96 54.30 110.86
C PHE Y 109 10.47 54.47 111.11
N GLU Y 110 9.67 54.54 110.04
CA GLU Y 110 8.23 54.58 110.18
C GLU Y 110 7.67 53.31 110.80
N ASN Y 111 8.28 52.16 110.47
CA ASN Y 111 7.90 50.90 111.12
C ASN Y 111 8.26 50.94 112.61
N MET Y 112 9.40 51.54 112.93
CA MET Y 112 9.77 51.70 114.34
C MET Y 112 8.79 52.60 115.08
N PHE Y 113 8.33 53.67 114.41
CA PHE Y 113 7.23 54.48 114.96
C PHE Y 113 6.00 53.62 115.22
N THR Y 114 5.62 52.76 114.26
CA THR Y 114 4.40 51.97 114.39
C THR Y 114 4.46 51.05 115.59
N ASN Y 115 5.58 50.38 115.82
CA ASN Y 115 5.60 49.39 116.91
C ASN Y 115 5.92 50.00 118.29
N LYS Y 116 6.93 50.90 118.35
CA LYS Y 116 7.21 51.67 119.57
C LYS Y 116 5.98 52.42 120.08
N GLU Y 117 5.09 52.82 119.18
CA GLU Y 117 3.90 53.53 119.60
C GLU Y 117 2.65 52.65 119.64
N LYS Y 118 2.72 51.44 119.06
CA LYS Y 118 1.77 50.38 119.42
C LYS Y 118 1.74 50.15 120.92
N PHE Y 119 2.92 49.95 121.51
CA PHE Y 119 2.94 49.34 122.84
C PHE Y 119 2.38 50.26 123.93
N GLU Y 120 2.85 51.49 124.03
CA GLU Y 120 2.61 52.21 125.27
C GLU Y 120 1.81 53.49 125.19
N SER Y 121 1.96 54.32 124.15
CA SER Y 121 1.64 55.73 124.31
C SER Y 121 0.55 56.20 123.37
N GLN Y 122 -0.53 56.71 123.96
CA GLN Y 122 -1.70 57.17 123.23
C GLN Y 122 -1.43 58.47 122.49
N PHE Y 123 -0.68 59.38 123.13
CA PHE Y 123 -0.36 60.65 122.47
C PHE Y 123 0.50 60.41 121.24
N SER Y 124 1.47 59.51 121.35
CA SER Y 124 2.30 59.17 120.19
C SER Y 124 1.50 58.42 119.13
N ASP Y 125 0.49 57.63 119.54
CA ASP Y 125 -0.48 57.09 118.57
C ASP Y 125 -1.12 58.20 117.74
N ILE Y 126 -1.58 59.25 118.42
CA ILE Y 126 -2.26 60.33 117.72
C ILE Y 126 -1.27 61.15 116.88
N HIS Y 127 0.01 61.18 117.28
CA HIS Y 127 1.02 61.79 116.40
C HIS Y 127 1.27 60.92 115.16
N ARG Y 128 1.30 59.61 115.33
CA ARG Y 128 1.67 58.68 114.28
C ARG Y 128 0.61 58.59 113.20
N ALA Y 129 -0.67 58.76 113.59
CA ALA Y 129 -1.77 58.67 112.65
C ALA Y 129 -1.65 59.67 111.50
N LEU Y 130 -1.06 60.85 111.79
CA LEU Y 130 -0.80 61.83 110.74
C LEU Y 130 0.18 61.30 109.69
N LEU Y 131 1.24 60.62 110.12
CA LEU Y 131 2.21 60.08 109.17
C LEU Y 131 1.61 58.95 108.35
N ARG Y 132 0.76 58.14 108.99
CA ARG Y 132 0.07 57.09 108.25
C ARG Y 132 -0.88 57.68 107.22
N LEU Y 133 -1.57 58.77 107.58
CA LEU Y 133 -2.38 59.50 106.61
C LEU Y 133 -1.54 60.03 105.45
N GLY Y 134 -0.32 60.49 105.74
CA GLY Y 134 0.58 60.94 104.68
C GLY Y 134 0.95 59.84 103.71
N ASN Y 135 1.24 58.64 104.23
CA ASN Y 135 1.50 57.49 103.36
C ASN Y 135 0.25 57.11 102.57
N SER Y 136 -0.92 57.25 103.19
CA SER Y 136 -2.17 56.93 102.52
C SER Y 136 -2.33 57.85 101.33
N ILE Y 137 -1.96 59.12 101.54
CA ILE Y 137 -2.04 60.12 100.48
C ILE Y 137 -1.10 59.74 99.33
N ARG Y 138 0.09 59.25 99.67
CA ARG Y 138 1.07 58.86 98.67
C ARG Y 138 0.56 57.72 97.81
N TRP Y 139 -0.20 56.81 98.42
CA TRP Y 139 -0.79 55.75 97.61
C TRP Y 139 -2.06 56.18 96.88
N GLY Y 140 -3.08 56.64 97.61
CA GLY Y 140 -4.41 56.78 97.02
C GLY Y 140 -4.55 57.89 96.00
N SER Y 141 -3.73 58.94 96.12
CA SER Y 141 -3.66 59.99 95.10
C SER Y 141 -2.18 60.38 94.99
N ASN Y 142 -1.49 59.71 94.06
CA ASN Y 142 -0.03 59.61 94.00
C ASN Y 142 0.68 60.96 93.92
N VAL Y 143 1.94 61.00 94.38
CA VAL Y 143 2.73 62.21 94.64
C VAL Y 143 1.98 63.09 95.64
N PRO Y 144 2.11 62.76 96.93
CA PRO Y 144 1.23 63.32 97.98
C PRO Y 144 1.12 64.81 98.27
N ILE Y 145 2.21 65.56 98.39
CA ILE Y 145 2.12 67.02 98.63
C ILE Y 145 1.48 67.38 99.98
N ASP Y 146 0.23 66.94 100.19
CA ASP Y 146 -0.49 67.28 101.41
C ASP Y 146 -1.97 66.91 101.31
N THR Y 147 -2.61 66.78 102.48
CA THR Y 147 -4.06 66.80 102.58
C THR Y 147 -4.42 67.39 103.94
N PRO Y 148 -5.65 67.90 104.09
CA PRO Y 148 -6.23 68.22 105.42
C PRO Y 148 -7.02 67.11 106.14
N TYR Y 149 -6.30 66.28 106.89
CA TYR Y 149 -6.75 65.45 108.01
C TYR Y 149 -7.52 64.20 107.57
N VAL Y 150 -7.95 64.11 106.31
CA VAL Y 150 -8.65 62.93 105.78
C VAL Y 150 -8.26 62.79 104.31
N ASN Y 151 -8.14 61.55 103.86
CA ASN Y 151 -7.72 61.36 102.47
C ASN Y 151 -8.90 61.35 101.49
N LEU Y 152 -9.92 60.53 101.76
CA LEU Y 152 -10.98 60.23 100.81
C LEU Y 152 -12.22 59.85 101.64
N THR Y 153 -13.01 58.87 101.19
CA THR Y 153 -14.18 58.39 101.96
C THR Y 153 -15.64 58.90 101.69
N ALA Y 154 -15.80 60.03 101.02
CA ALA Y 154 -17.14 60.55 100.63
C ALA Y 154 -18.34 60.79 101.61
N GLU Y 155 -18.13 61.38 102.79
CA GLU Y 155 -19.24 61.69 103.70
C GLU Y 155 -19.42 60.61 104.78
N ASP Y 156 -18.69 59.50 104.67
CA ASP Y 156 -18.55 58.54 105.74
C ASP Y 156 -17.61 59.08 106.81
N SER Y 157 -16.75 60.02 106.44
CA SER Y 157 -15.97 60.80 107.40
C SER Y 157 -16.88 61.42 108.48
N SER Y 158 -17.99 62.02 108.05
CA SER Y 158 -18.97 62.54 108.99
C SER Y 158 -19.59 61.42 109.82
N GLU Y 159 -19.78 60.25 109.22
CA GLU Y 159 -20.37 59.15 109.98
C GLU Y 159 -19.37 58.57 110.97
N ILE Y 160 -18.08 58.65 110.64
CA ILE Y 160 -17.01 58.30 111.58
C ILE Y 160 -16.99 59.27 112.74
N GLU Y 161 -17.14 60.56 112.45
CA GLU Y 161 -17.22 61.56 113.51
C GLU Y 161 -18.43 61.34 114.40
N ASN Y 162 -19.56 60.95 113.78
CA ASN Y 162 -20.76 60.59 114.54
C ASN Y 162 -20.52 59.36 115.41
N ASN Y 163 -19.81 58.36 114.87
CA ASN Y 163 -19.51 57.15 115.63
C ASN Y 163 -18.57 57.46 116.80
N LEU Y 164 -17.62 58.38 116.60
CA LEU Y 164 -16.72 58.74 117.68
C LEU Y 164 -17.45 59.55 118.75
N GLN Y 165 -18.41 60.38 118.36
CA GLN Y 165 -19.26 61.05 119.34
C GLN Y 165 -20.05 60.04 120.17
N ASP Y 166 -20.60 59.01 119.49
CA ASP Y 166 -21.37 57.99 120.21
C ASP Y 166 -20.48 57.16 121.13
N ALA Y 167 -19.24 56.88 120.71
CA ALA Y 167 -18.31 56.14 121.55
C ALA Y 167 -17.89 56.96 122.76
N GLU Y 168 -17.66 58.26 122.58
CA GLU Y 168 -17.25 59.11 123.68
C GLU Y 168 -18.39 59.33 124.67
N LYS Y 169 -19.63 59.37 124.18
CA LYS Y 169 -20.75 59.49 125.11
C LYS Y 169 -21.04 58.17 125.81
N ASN Y 170 -20.84 57.05 125.12
CA ASN Y 170 -21.06 55.72 125.69
C ASN Y 170 -19.89 54.82 125.29
N MET Y 171 -18.84 54.84 126.10
CA MET Y 171 -17.72 53.93 125.97
C MET Y 171 -18.03 52.51 126.41
N LEU Y 172 -19.21 52.26 126.96
CA LEU Y 172 -19.58 50.90 127.33
C LEU Y 172 -20.19 50.12 126.17
N TRP Y 173 -20.91 50.80 125.28
CA TRP Y 173 -21.52 50.17 124.11
C TRP Y 173 -21.10 50.93 122.87
N TYR Y 174 -20.40 50.25 121.96
CA TYR Y 174 -19.84 50.87 120.77
C TYR Y 174 -19.93 49.91 119.60
N THR Y 175 -19.94 50.47 118.39
CA THR Y 175 -19.98 49.70 117.16
C THR Y 175 -18.82 50.09 116.27
N VAL Y 176 -18.13 49.11 115.73
CA VAL Y 176 -17.05 49.34 114.78
C VAL Y 176 -17.64 49.55 113.40
N TYR Y 177 -17.13 50.54 112.67
CA TYR Y 177 -17.86 51.09 111.53
C TYR Y 177 -17.66 50.33 110.23
N ASN Y 178 -16.54 49.60 110.07
CA ASN Y 178 -16.22 48.78 108.89
C ASN Y 178 -16.18 49.65 107.62
N ILE Y 179 -15.09 50.43 107.53
CA ILE Y 179 -14.87 51.50 106.55
C ILE Y 179 -14.97 51.05 105.10
N ASN Y 180 -14.88 49.75 104.82
CA ASN Y 180 -14.55 49.20 103.50
C ASN Y 180 -15.52 49.60 102.40
N ASP Y 181 -15.02 49.57 101.16
CA ASP Y 181 -15.71 50.07 100.00
C ASP Y 181 -15.84 49.01 98.92
N PRO Y 182 -17.02 48.77 98.40
CA PRO Y 182 -17.16 47.81 97.30
C PRO Y 182 -16.56 48.32 96.00
N TRP Y 183 -16.73 49.61 95.72
CA TRP Y 183 -16.10 50.13 94.51
C TRP Y 183 -14.71 50.64 94.83
N ASP Y 184 -13.84 50.58 93.83
CA ASP Y 184 -12.40 50.75 94.05
C ASP Y 184 -12.01 52.21 93.81
N GLU Y 185 -12.52 53.09 94.67
CA GLU Y 185 -12.03 54.46 94.65
C GLU Y 185 -10.69 54.55 95.36
N ASN Y 186 -10.60 53.99 96.57
CA ASN Y 186 -9.34 53.72 97.22
C ASN Y 186 -8.97 52.26 97.02
N GLY Y 187 -7.69 52.02 96.80
CA GLY Y 187 -7.18 50.66 96.82
C GLY Y 187 -7.32 50.02 98.19
N TYR Y 188 -7.17 48.69 98.19
CA TYR Y 188 -7.31 47.87 99.39
C TYR Y 188 -6.42 48.34 100.52
N LEU Y 189 -5.18 48.66 100.20
CA LEU Y 189 -4.25 49.07 101.21
C LEU Y 189 -4.54 50.46 101.75
N VAL Y 190 -5.04 51.36 100.89
CA VAL Y 190 -5.46 52.67 101.37
C VAL Y 190 -6.65 52.53 102.33
N THR Y 191 -7.58 51.63 102.00
CA THR Y 191 -8.69 51.38 102.92
C THR Y 191 -8.24 50.71 104.20
N SER Y 192 -7.20 49.88 104.14
CA SER Y 192 -6.69 49.29 105.37
C SER Y 192 -6.02 50.34 106.26
N ILE Y 193 -5.38 51.33 105.63
CA ILE Y 193 -4.84 52.46 106.39
C ILE Y 193 -5.96 53.26 107.03
N ASN Y 194 -7.05 53.50 106.30
CA ASN Y 194 -8.21 54.20 106.87
C ASN Y 194 -8.82 53.42 108.02
N LYS Y 195 -8.91 52.09 107.87
CA LYS Y 195 -9.30 51.20 108.95
C LYS Y 195 -8.43 51.38 110.19
N LEU Y 196 -7.12 51.45 110.00
CA LEU Y 196 -6.23 51.52 111.15
C LEU Y 196 -6.28 52.87 111.83
N VAL Y 197 -6.46 53.95 111.05
CA VAL Y 197 -6.59 55.28 111.66
C VAL Y 197 -7.89 55.39 112.44
N TYR Y 198 -8.99 54.87 111.89
CA TYR Y 198 -10.26 54.87 112.62
C TYR Y 198 -10.20 54.02 113.88
N LEU Y 199 -9.58 52.84 113.80
CA LEU Y 199 -9.51 51.98 114.97
C LEU Y 199 -8.58 52.55 116.04
N GLY Y 200 -7.52 53.25 115.64
CA GLY Y 200 -6.65 53.88 116.62
C GLY Y 200 -7.32 55.03 117.33
N LYS Y 201 -8.06 55.87 116.57
CA LYS Y 201 -8.79 56.96 117.20
C LYS Y 201 -9.91 56.44 118.09
N LEU Y 202 -10.57 55.35 117.68
CA LEU Y 202 -11.59 54.73 118.51
C LEU Y 202 -11.00 54.19 119.81
N PHE Y 203 -9.84 53.54 119.73
CA PHE Y 203 -9.19 52.97 120.90
C PHE Y 203 -8.79 54.06 121.89
N VAL Y 204 -8.19 55.14 121.40
CA VAL Y 204 -7.76 56.18 122.31
C VAL Y 204 -8.96 56.96 122.87
N THR Y 205 -10.05 57.07 122.11
CA THR Y 205 -11.22 57.77 122.64
C THR Y 205 -11.90 56.96 123.73
N LEU Y 206 -12.00 55.65 123.55
CA LEU Y 206 -12.59 54.80 124.58
C LEU Y 206 -11.76 54.81 125.86
N ASN Y 207 -10.43 54.72 125.75
CA ASN Y 207 -9.61 54.73 126.95
C ASN Y 207 -9.63 56.09 127.66
N GLN Y 208 -9.61 57.20 126.90
CA GLN Y 208 -9.61 58.51 127.54
C GLN Y 208 -10.95 58.81 128.21
N SER Y 209 -12.06 58.44 127.57
CA SER Y 209 -13.37 58.63 128.17
C SER Y 209 -13.52 57.77 129.42
N TRP Y 210 -12.96 56.56 129.40
CA TRP Y 210 -13.01 55.70 130.57
C TRP Y 210 -12.25 56.28 131.75
N SER Y 211 -11.00 56.67 131.53
CA SER Y 211 -10.19 57.22 132.61
C SER Y 211 -10.78 58.51 133.16
N LYS Y 212 -11.42 59.31 132.29
CA LYS Y 212 -12.09 60.52 132.73
C LYS Y 212 -13.25 60.20 133.68
N LEU Y 213 -14.11 59.25 133.31
CA LEU Y 213 -15.26 58.95 134.18
C LEU Y 213 -14.84 58.27 135.47
N GLU Y 214 -13.80 57.44 135.44
CA GLU Y 214 -13.38 56.78 136.66
C GLU Y 214 -12.73 57.76 137.64
N LYS Y 215 -11.95 58.71 137.12
CA LYS Y 215 -11.38 59.74 137.98
C LYS Y 215 -12.45 60.65 138.56
N VAL Y 216 -13.49 60.97 137.77
CA VAL Y 216 -14.58 61.80 138.27
C VAL Y 216 -15.34 61.09 139.38
N ALA Y 217 -15.61 59.78 139.20
CA ALA Y 217 -16.32 59.02 140.23
C ALA Y 217 -15.53 58.94 141.52
N MET Y 218 -14.21 58.76 141.43
CA MET Y 218 -13.40 58.69 142.66
C MET Y 218 -13.32 60.05 143.35
N SER Y 219 -13.23 61.14 142.59
CA SER Y 219 -13.21 62.47 143.19
C SER Y 219 -14.52 62.79 143.90
N GLN Y 220 -15.64 62.37 143.30
CA GLN Y 220 -16.93 62.58 143.95
C GLN Y 220 -17.07 61.76 145.23
N ILE Y 221 -16.53 60.53 145.22
CA ILE Y 221 -16.56 59.70 146.43
C ILE Y 221 -15.74 60.34 147.55
N VAL Y 222 -14.56 60.89 147.21
CA VAL Y 222 -13.73 61.54 148.23
C VAL Y 222 -14.40 62.79 148.79
N THR Y 223 -15.05 63.58 147.92
CA THR Y 223 -15.72 64.80 148.38
C THR Y 223 -16.91 64.48 149.28
N THR Y 224 -17.69 63.45 148.92
CA THR Y 224 -18.80 63.05 149.78
C THR Y 224 -18.33 62.46 151.09
N GLN Y 225 -17.18 61.77 151.12
CA GLN Y 225 -16.62 61.32 152.39
C GLN Y 225 -16.24 62.49 153.28
N ASN Y 226 -15.64 63.53 152.69
CA ASN Y 226 -15.27 64.71 153.48
C ASN Y 226 -16.49 65.38 154.08
N HIS Y 227 -17.52 65.63 153.26
CA HIS Y 227 -18.72 66.28 153.77
C HIS Y 227 -19.46 65.41 154.79
N LEU Y 228 -19.50 64.10 154.56
CA LEU Y 228 -20.29 63.24 155.42
C LEU Y 228 -19.61 63.00 156.76
N SER Y 229 -18.29 62.87 156.78
CA SER Y 229 -17.60 62.76 158.06
C SER Y 229 -17.56 64.10 158.80
N GLY Y 230 -17.49 65.22 158.06
CA GLY Y 230 -17.57 66.52 158.69
C GLY Y 230 -18.93 66.81 159.31
N HIS Y 231 -19.99 66.20 158.76
CA HIS Y 231 -21.29 66.32 159.41
C HIS Y 231 -21.48 65.31 160.53
N LEU Y 232 -20.92 64.11 160.42
CA LEU Y 232 -21.05 63.14 161.50
C LEU Y 232 -20.04 63.34 162.62
N ARG Y 233 -19.18 64.35 162.54
CA ARG Y 233 -18.22 64.62 163.61
C ARG Y 233 -18.90 65.03 164.92
N LYS Y 234 -20.11 65.60 164.86
CA LYS Y 234 -20.70 66.27 166.01
C LYS Y 234 -21.15 65.29 167.09
N ASN Y 235 -21.86 64.22 166.70
CA ASN Y 235 -22.50 63.34 167.66
C ASN Y 235 -21.47 62.48 168.38
N GLU Y 236 -21.70 62.27 169.68
CA GLU Y 236 -20.81 61.52 170.54
C GLU Y 236 -21.39 60.18 170.97
N ASN Y 237 -22.53 59.78 170.42
CA ASN Y 237 -23.11 58.50 170.75
C ASN Y 237 -22.29 57.38 170.11
N PHE Y 238 -22.44 56.16 170.67
CA PHE Y 238 -21.57 55.06 170.24
C PHE Y 238 -21.87 54.60 168.82
N ASN Y 239 -23.15 54.61 168.43
CA ASN Y 239 -23.49 54.28 167.05
C ASN Y 239 -22.92 55.30 166.08
N ALA Y 240 -22.89 56.56 166.48
CA ALA Y 240 -22.35 57.60 165.62
C ALA Y 240 -20.83 57.50 165.50
N VAL Y 241 -20.13 57.22 166.61
CA VAL Y 241 -18.68 57.12 166.50
C VAL Y 241 -18.28 55.83 165.80
N TYR Y 242 -19.11 54.79 165.88
CA TYR Y 242 -18.86 53.60 165.07
C TYR Y 242 -19.11 53.87 163.60
N SER Y 243 -20.10 54.73 163.29
CA SER Y 243 -20.28 55.18 161.91
C SER Y 243 -19.08 55.97 161.41
N GLN Y 244 -18.48 56.79 162.29
CA GLN Y 244 -17.28 57.52 161.91
C GLN Y 244 -16.12 56.58 161.64
N ARG Y 245 -15.96 55.55 162.49
CA ARG Y 245 -14.88 54.59 162.28
C ARG Y 245 -15.09 53.74 161.03
N VAL Y 246 -16.34 53.46 160.68
CA VAL Y 246 -16.61 52.70 159.46
C VAL Y 246 -16.39 53.58 158.23
N LEU Y 247 -16.95 54.78 158.24
CA LEU Y 247 -16.95 55.63 157.06
C LEU Y 247 -15.67 56.44 156.90
N GLN Y 248 -14.76 56.38 157.85
CA GLN Y 248 -13.49 57.08 157.72
C GLN Y 248 -12.51 56.35 156.82
N THR Y 249 -12.79 55.09 156.45
CA THR Y 249 -11.83 54.27 155.72
C THR Y 249 -11.59 54.82 154.31
N PRO Y 250 -10.33 55.06 153.94
CA PRO Y 250 -10.05 55.57 152.58
C PRO Y 250 -10.26 54.47 151.55
N LEU Y 251 -10.80 54.87 150.40
CA LEU Y 251 -11.26 53.93 149.40
C LEU Y 251 -10.44 54.02 148.12
N THR Y 252 -10.28 52.88 147.46
CA THR Y 252 -9.75 52.77 146.11
C THR Y 252 -10.74 51.99 145.25
N GLY Y 253 -10.48 52.03 143.94
CA GLY Y 253 -11.32 51.29 143.00
C GLY Y 253 -11.31 49.79 143.21
N GLN Y 254 -10.21 49.27 143.75
CA GLN Y 254 -10.19 47.86 144.14
C GLN Y 254 -10.89 47.62 145.46
N ARG Y 255 -10.98 48.65 146.30
CA ARG Y 255 -11.50 48.50 147.67
C ARG Y 255 -13.02 48.64 147.71
N VAL Y 256 -13.59 49.36 146.75
CA VAL Y 256 -14.98 49.83 146.81
C VAL Y 256 -16.00 48.68 146.84
N GLU Y 257 -15.65 47.52 146.29
CA GLU Y 257 -16.60 46.40 146.21
C GLU Y 257 -16.78 45.75 147.58
N SER Y 258 -15.67 45.39 148.21
CA SER Y 258 -15.70 44.86 149.56
C SER Y 258 -16.22 45.90 150.55
N PHE Y 259 -15.95 47.18 150.27
CA PHE Y 259 -16.52 48.24 151.10
C PHE Y 259 -18.04 48.31 150.95
N LEU Y 260 -18.56 48.00 149.76
CA LEU Y 260 -20.02 47.98 149.60
C LEU Y 260 -20.63 46.81 150.35
N LYS Y 261 -19.92 45.67 150.39
CA LYS Y 261 -20.42 44.55 151.19
C LYS Y 261 -20.41 44.87 152.68
N ILE Y 262 -19.32 45.47 153.16
CA ILE Y 262 -19.21 45.92 154.55
C ILE Y 262 -20.25 46.98 154.86
N ILE Y 263 -20.55 47.87 153.91
CA ILE Y 263 -21.52 48.93 154.20
C ILE Y 263 -22.94 48.39 154.14
N THR Y 264 -23.20 47.26 153.49
CA THR Y 264 -24.49 46.60 153.67
C THR Y 264 -24.60 46.00 155.07
N SER Y 265 -23.60 45.21 155.47
CA SER Y 265 -23.61 44.57 156.78
C SER Y 265 -23.56 45.58 157.93
N ASP Y 266 -23.10 46.79 157.67
CA ASP Y 266 -23.22 47.86 158.65
C ASP Y 266 -24.44 48.74 158.42
N TYR Y 267 -25.04 48.69 157.23
CA TYR Y 267 -26.33 49.32 157.01
C TYR Y 267 -27.43 48.65 157.82
N GLU Y 268 -27.18 47.41 158.25
CA GLU Y 268 -27.96 46.84 159.36
C GLU Y 268 -27.99 47.77 160.59
N ILE Y 269 -26.88 48.46 160.90
CA ILE Y 269 -26.83 49.38 162.04
C ILE Y 269 -26.75 50.86 161.61
N ILE Y 270 -26.48 51.16 160.33
CA ILE Y 270 -26.11 52.53 159.99
C ILE Y 270 -27.35 53.43 159.97
N LYS Y 271 -28.53 52.85 159.68
CA LYS Y 271 -29.77 53.60 159.74
C LYS Y 271 -30.09 53.99 161.18
N SER Y 272 -29.82 53.09 162.13
CA SER Y 272 -29.91 53.42 163.54
C SER Y 272 -28.91 54.49 163.92
N SER Y 273 -27.72 54.48 163.29
CA SER Y 273 -26.72 55.49 163.59
C SER Y 273 -27.14 56.86 163.08
N LEU Y 274 -27.81 56.91 161.94
CA LEU Y 274 -28.26 58.18 161.40
C LEU Y 274 -29.36 58.80 162.25
N GLU Y 275 -29.32 60.12 162.37
CA GLU Y 275 -30.26 60.87 163.21
C GLU Y 275 -31.68 60.84 162.67
N SER Z 7 -41.74 -13.81 118.92
CA SER Z 7 -41.43 -12.52 119.50
C SER Z 7 -41.03 -12.62 120.97
N ILE Z 8 -39.72 -12.51 121.20
CA ILE Z 8 -38.98 -12.50 122.48
C ILE Z 8 -39.54 -13.55 123.46
N PRO Z 9 -39.30 -14.84 123.22
CA PRO Z 9 -40.06 -15.88 123.90
C PRO Z 9 -39.59 -16.11 125.33
N PHE Z 10 -40.56 -16.22 126.25
CA PHE Z 10 -40.28 -16.60 127.64
C PHE Z 10 -41.43 -17.45 128.15
N ALA Z 11 -41.24 -17.98 129.36
CA ALA Z 11 -42.12 -19.00 129.94
C ALA Z 11 -43.41 -18.42 130.51
N TRP Z 12 -44.08 -19.20 131.36
CA TRP Z 12 -45.23 -18.72 132.10
C TRP Z 12 -44.80 -17.63 133.07
N LEU Z 13 -44.57 -16.43 132.56
CA LEU Z 13 -43.86 -15.39 133.28
C LEU Z 13 -44.56 -14.06 133.07
N ASP Z 14 -44.44 -13.15 134.04
CA ASP Z 14 -45.32 -12.00 134.15
C ASP Z 14 -44.93 -10.89 133.17
N ARG Z 15 -45.52 -9.71 133.34
CA ARG Z 15 -45.30 -8.59 132.45
C ARG Z 15 -44.26 -7.59 132.95
N ASP Z 16 -43.88 -7.67 134.22
CA ASP Z 16 -42.82 -6.80 134.73
C ASP Z 16 -41.45 -7.44 134.53
N LYS Z 17 -41.36 -8.74 134.77
CA LYS Z 17 -40.09 -9.42 134.67
C LYS Z 17 -39.66 -9.60 133.22
N VAL Z 18 -40.61 -9.72 132.29
CA VAL Z 18 -40.29 -9.68 130.85
C VAL Z 18 -39.61 -8.38 130.49
N GLN Z 19 -40.14 -7.25 131.00
CA GLN Z 19 -39.56 -5.95 130.71
C GLN Z 19 -38.18 -5.81 131.33
N ARG Z 20 -38.00 -6.33 132.54
CA ARG Z 20 -36.69 -6.24 133.20
C ARG Z 20 -35.66 -7.13 132.51
N LEU Z 21 -36.05 -8.33 132.08
CA LEU Z 21 -35.14 -9.21 131.34
C LEU Z 21 -34.78 -8.63 130.00
N THR Z 22 -35.76 -8.10 129.26
CA THR Z 22 -35.48 -7.52 127.96
C THR Z 22 -34.65 -6.24 128.08
N ASN Z 23 -34.85 -5.50 129.17
CA ASN Z 23 -34.02 -4.32 129.45
C ASN Z 23 -32.57 -4.72 129.70
N PHE Z 24 -32.36 -5.75 130.52
CA PHE Z 24 -31.01 -6.20 130.82
C PHE Z 24 -30.32 -6.77 129.57
N LEU Z 25 -31.02 -7.61 128.82
CA LEU Z 25 -30.42 -8.22 127.64
C LEU Z 25 -30.24 -7.23 126.50
N SER Z 26 -31.04 -6.17 126.44
CA SER Z 26 -30.80 -5.11 125.46
C SER Z 26 -29.59 -4.29 125.87
N ASN Z 27 -29.66 -3.67 127.05
CA ASN Z 27 -28.54 -2.86 127.54
C ASN Z 27 -27.57 -3.70 128.36
N LEU Z 28 -27.16 -4.84 127.79
CA LEU Z 28 -26.08 -5.63 128.33
C LEU Z 28 -24.72 -4.96 128.19
N GLU Z 29 -24.55 -4.06 127.23
CA GLU Z 29 -23.24 -3.52 126.93
C GLU Z 29 -22.81 -2.42 127.89
N ASN Z 30 -23.75 -1.78 128.58
CA ASN Z 30 -23.43 -0.54 129.28
C ASN Z 30 -23.15 -0.74 130.77
N LEU Z 31 -23.79 -1.71 131.41
CA LEU Z 31 -23.46 -1.99 132.80
C LEU Z 31 -22.12 -2.70 132.88
N GLU Z 32 -21.42 -2.49 133.99
CA GLU Z 32 -20.14 -3.13 134.19
C GLU Z 32 -20.33 -4.49 134.84
N ASN Z 33 -19.30 -5.32 134.75
CA ASN Z 33 -19.23 -6.67 135.32
C ASN Z 33 -20.38 -7.54 134.78
N VAL Z 34 -20.26 -7.86 133.50
CA VAL Z 34 -21.30 -8.45 132.66
C VAL Z 34 -21.58 -9.91 133.06
N ASP Z 35 -20.85 -10.43 134.05
CA ASP Z 35 -20.97 -11.82 134.48
C ASP Z 35 -22.34 -12.07 135.11
N LEU Z 36 -23.15 -12.81 134.34
CA LEU Z 36 -24.51 -13.19 134.75
C LEU Z 36 -24.48 -14.11 135.96
N ARG Z 37 -23.42 -14.93 136.08
CA ARG Z 37 -23.18 -15.66 137.32
C ARG Z 37 -22.99 -14.72 138.50
N GLU Z 38 -22.19 -13.67 138.30
CA GLU Z 38 -21.73 -12.89 139.45
C GLU Z 38 -22.84 -12.00 140.00
N HIS Z 39 -23.65 -11.39 139.15
CA HIS Z 39 -24.79 -10.65 139.71
C HIS Z 39 -26.02 -11.54 139.73
N PRO Z 40 -26.66 -11.72 140.88
CA PRO Z 40 -27.82 -12.64 140.97
C PRO Z 40 -29.17 -11.96 140.85
N TYR Z 41 -29.21 -10.70 140.43
CA TYR Z 41 -30.46 -9.95 140.37
C TYR Z 41 -31.37 -10.42 139.25
N VAL Z 42 -30.83 -11.14 138.27
CA VAL Z 42 -31.55 -11.57 137.09
C VAL Z 42 -32.00 -13.03 137.17
N THR Z 43 -31.07 -13.91 137.58
CA THR Z 43 -31.36 -15.33 137.62
C THR Z 43 -32.36 -15.67 138.70
N ASN Z 44 -32.26 -15.01 139.85
CA ASN Z 44 -33.27 -15.17 140.88
C ASN Z 44 -34.57 -14.46 140.49
N SER Z 45 -34.50 -13.43 139.64
CA SER Z 45 -35.71 -12.74 139.19
C SER Z 45 -36.53 -13.59 138.25
N CYS Z 46 -35.90 -14.38 137.38
CA CYS Z 46 -36.66 -15.19 136.41
C CYS Z 46 -37.23 -16.45 137.07
N VAL Z 47 -38.10 -16.23 138.06
CA VAL Z 47 -38.79 -17.28 138.78
C VAL Z 47 -40.27 -17.14 138.47
N VAL Z 48 -40.90 -18.31 138.31
CA VAL Z 48 -42.32 -18.51 138.03
C VAL Z 48 -43.26 -18.15 139.18
N ARG Z 49 -42.78 -18.45 140.39
CA ARG Z 49 -43.40 -18.29 141.72
C ARG Z 49 -44.31 -19.44 142.20
N GLU Z 50 -44.85 -19.24 143.41
CA GLU Z 50 -45.68 -20.22 144.14
C GLU Z 50 -44.89 -21.45 144.60
N GLY Z 51 -43.80 -21.20 145.33
CA GLY Z 51 -43.10 -22.26 146.01
C GLY Z 51 -42.15 -23.07 145.15
N GLU Z 52 -42.35 -24.38 145.10
CA GLU Z 52 -41.48 -25.26 144.33
C GLU Z 52 -42.28 -26.06 143.32
N ASP Z 53 -43.50 -26.44 143.71
CA ASP Z 53 -44.33 -27.35 142.92
C ASP Z 53 -44.79 -26.71 141.62
N VAL Z 54 -45.13 -25.42 141.66
CA VAL Z 54 -45.71 -24.76 140.51
C VAL Z 54 -44.65 -23.99 139.75
N ASP Z 55 -43.37 -24.19 140.09
CA ASP Z 55 -42.35 -23.55 139.27
C ASP Z 55 -41.08 -24.34 139.04
N GLU Z 56 -40.97 -25.62 139.39
CA GLU Z 56 -39.68 -26.29 139.24
C GLU Z 56 -39.32 -26.50 137.75
N LEU Z 57 -40.17 -27.24 137.03
CA LEU Z 57 -39.95 -27.45 135.60
C LEU Z 57 -40.08 -26.15 134.80
N LYS Z 58 -40.89 -25.21 135.30
CA LYS Z 58 -41.13 -23.99 134.54
C LYS Z 58 -39.98 -23.00 134.69
N THR Z 59 -39.42 -22.83 135.90
CA THR Z 59 -38.20 -22.07 136.04
C THR Z 59 -37.02 -22.76 135.39
N LEU Z 60 -37.04 -24.09 135.28
CA LEU Z 60 -35.98 -24.78 134.56
C LEU Z 60 -36.01 -24.37 133.08
N TYR Z 61 -37.20 -24.42 132.46
CA TYR Z 61 -37.33 -23.94 131.07
C TYR Z 61 -37.00 -22.46 130.94
N ASN Z 62 -37.39 -21.65 131.92
CA ASN Z 62 -37.24 -20.20 131.79
C ASN Z 62 -35.77 -19.80 131.94
N THR Z 63 -35.03 -20.44 132.86
CA THR Z 63 -33.60 -20.23 132.93
C THR Z 63 -32.86 -20.83 131.74
N PHE Z 64 -33.38 -21.89 131.14
CA PHE Z 64 -32.83 -22.39 129.89
C PHE Z 64 -32.90 -21.33 128.80
N ILE Z 65 -34.06 -20.70 128.65
CA ILE Z 65 -34.24 -19.60 127.70
C ILE Z 65 -33.32 -18.43 128.08
N LEU Z 66 -33.16 -18.17 129.37
CA LEU Z 66 -32.38 -17.03 129.82
C LEU Z 66 -30.90 -17.18 129.49
N TRP Z 67 -30.31 -18.33 129.87
CA TRP Z 67 -28.91 -18.60 129.53
C TRP Z 67 -28.70 -18.66 128.02
N LEU Z 68 -29.68 -19.22 127.29
CA LEU Z 68 -29.54 -19.36 125.85
C LEU Z 68 -29.55 -18.01 125.15
N MET Z 69 -30.44 -17.12 125.54
CA MET Z 69 -30.47 -15.83 124.89
C MET Z 69 -29.38 -14.90 125.42
N TYR Z 70 -28.86 -15.14 126.63
CA TYR Z 70 -27.67 -14.44 127.08
C TYR Z 70 -26.46 -14.79 126.22
N HIS Z 71 -26.27 -16.09 125.95
CA HIS Z 71 -25.19 -16.50 125.06
C HIS Z 71 -25.43 -16.01 123.63
N TYR Z 72 -26.69 -15.93 123.21
CA TYR Z 72 -27.01 -15.39 121.89
C TYR Z 72 -26.61 -13.92 121.78
N VAL Z 73 -26.97 -13.11 122.77
CA VAL Z 73 -26.67 -11.69 122.66
C VAL Z 73 -25.19 -11.43 122.88
N LEU Z 74 -24.49 -12.31 123.62
CA LEU Z 74 -23.03 -12.29 123.64
C LEU Z 74 -22.44 -12.47 122.24
N SER Z 75 -22.78 -13.60 121.59
CA SER Z 75 -22.23 -13.89 120.27
C SER Z 75 -22.70 -12.93 119.20
N LYS Z 76 -23.79 -12.19 119.44
CA LYS Z 76 -24.26 -11.22 118.48
C LYS Z 76 -23.65 -9.84 118.73
N ARG Z 77 -23.18 -9.56 119.94
CA ARG Z 77 -22.80 -8.20 120.29
C ARG Z 77 -21.30 -8.02 120.56
N LYS Z 78 -20.50 -9.09 120.57
CA LYS Z 78 -19.05 -8.87 120.82
C LYS Z 78 -18.36 -8.22 119.63
N PRO Z 79 -17.69 -7.08 119.81
CA PRO Z 79 -16.99 -6.43 118.70
C PRO Z 79 -15.72 -7.16 118.32
N ASP Z 80 -15.05 -6.61 117.30
CA ASP Z 80 -13.86 -7.22 116.72
C ASP Z 80 -12.61 -6.79 117.49
N TYR Z 81 -11.84 -7.76 117.96
CA TYR Z 81 -10.59 -7.52 118.66
C TYR Z 81 -9.39 -7.58 117.71
N ASN Z 82 -9.64 -8.00 116.47
CA ASN Z 82 -8.57 -8.10 115.49
C ASN Z 82 -8.07 -6.73 115.07
N ALA Z 83 -8.83 -5.67 115.35
CA ALA Z 83 -8.31 -4.31 115.21
C ALA Z 83 -7.14 -4.05 116.15
N ILE Z 84 -7.28 -4.47 117.42
CA ILE Z 84 -6.19 -4.20 118.36
C ILE Z 84 -5.03 -5.13 118.07
N TRP Z 85 -5.31 -6.32 117.51
CA TRP Z 85 -4.18 -7.12 117.09
C TRP Z 85 -3.56 -6.62 115.79
N GLN Z 86 -4.33 -5.93 114.96
CA GLN Z 86 -3.79 -5.28 113.76
C GLN Z 86 -2.83 -4.17 114.13
N ASP Z 87 -3.18 -3.38 115.14
CA ASP Z 87 -2.27 -2.35 115.64
C ASP Z 87 -1.04 -2.96 116.32
N ILE Z 88 -1.20 -4.10 116.98
CA ILE Z 88 -0.05 -4.84 117.51
C ILE Z 88 0.89 -5.26 116.38
N THR Z 89 0.33 -5.81 115.29
CA THR Z 89 1.17 -6.20 114.17
C THR Z 89 1.82 -5.00 113.50
N LYS Z 90 1.12 -3.85 113.46
CA LYS Z 90 1.70 -2.65 112.86
C LYS Z 90 2.89 -2.13 113.64
N LEU Z 91 2.73 -1.96 114.96
CA LEU Z 91 3.85 -1.50 115.79
C LEU Z 91 4.99 -2.51 115.78
N GLN Z 92 4.67 -3.77 116.11
CA GLN Z 92 5.63 -4.86 116.24
C GLN Z 92 6.43 -5.08 114.95
N ASN Z 93 5.76 -4.98 113.80
CA ASN Z 93 6.44 -5.18 112.54
C ASN Z 93 7.23 -3.95 112.14
N VAL Z 94 6.60 -2.79 112.14
CA VAL Z 94 7.19 -1.63 111.47
C VAL Z 94 8.25 -0.94 112.33
N VAL Z 95 7.99 -0.72 113.61
CA VAL Z 95 8.90 0.15 114.35
C VAL Z 95 10.10 -0.65 114.84
N ASN Z 96 9.82 -1.72 115.59
CA ASN Z 96 10.86 -2.35 116.38
C ASN Z 96 11.78 -3.20 115.52
N GLU Z 97 11.24 -3.84 114.47
CA GLU Z 97 12.12 -4.62 113.58
C GLU Z 97 13.06 -3.71 112.80
N TYR Z 98 12.54 -2.59 112.30
CA TYR Z 98 13.39 -1.64 111.58
C TYR Z 98 14.44 -1.03 112.51
N LEU Z 99 14.12 -0.88 113.80
CA LEU Z 99 15.16 -0.43 114.72
C LEU Z 99 16.19 -1.53 114.99
N LYS Z 100 15.73 -2.78 115.11
CA LYS Z 100 16.67 -3.85 115.46
C LYS Z 100 17.59 -4.19 114.30
N SER Z 101 17.12 -4.07 113.06
CA SER Z 101 17.96 -4.36 111.91
C SER Z 101 18.48 -3.10 111.23
N LYS Z 102 17.57 -2.27 110.73
CA LYS Z 102 17.97 -1.08 110.00
C LYS Z 102 18.49 0.02 110.92
N GLY Z 103 17.98 0.00 112.15
CA GLY Z 103 18.31 0.93 113.22
C GLY Z 103 19.74 0.84 113.69
N LEU Z 104 20.23 -0.41 113.67
CA LEU Z 104 21.57 -0.90 114.05
C LEU Z 104 21.81 -1.28 115.52
N ASN Z 105 23.05 -1.71 115.74
CA ASN Z 105 23.59 -2.26 117.00
C ASN Z 105 22.54 -2.95 117.86
N LYS Z 106 21.72 -3.80 117.24
CA LYS Z 106 20.86 -4.68 118.00
C LYS Z 106 20.87 -6.08 117.40
N GLY Z 107 21.50 -7.01 118.13
CA GLY Z 107 21.25 -8.44 117.98
C GLY Z 107 21.53 -9.02 116.61
N ASN Z 108 20.58 -9.81 116.12
CA ASN Z 108 20.76 -10.65 114.94
C ASN Z 108 19.37 -10.98 114.43
N PHE Z 109 19.30 -11.35 113.14
CA PHE Z 109 18.08 -11.77 112.45
C PHE Z 109 17.25 -12.85 113.15
N GLU Z 110 17.85 -14.01 113.43
CA GLU Z 110 17.07 -15.18 113.83
C GLU Z 110 16.40 -15.00 115.18
N ASN Z 111 17.07 -14.37 116.14
CA ASN Z 111 16.48 -14.29 117.48
C ASN Z 111 15.34 -13.28 117.55
N MET Z 112 15.60 -12.03 117.17
CA MET Z 112 14.64 -10.94 117.40
C MET Z 112 13.43 -11.05 116.46
N PHE Z 113 13.68 -11.23 115.16
CA PHE Z 113 12.64 -11.23 114.14
C PHE Z 113 11.69 -12.40 114.35
N THR Z 114 12.21 -13.56 114.74
CA THR Z 114 11.34 -14.67 115.07
C THR Z 114 10.76 -14.60 116.47
N ASN Z 115 11.38 -13.85 117.39
CA ASN Z 115 10.72 -13.59 118.67
C ASN Z 115 9.48 -12.73 118.51
N LYS Z 116 9.48 -11.86 117.51
CA LYS Z 116 8.27 -11.12 117.17
C LYS Z 116 7.34 -11.93 116.26
N GLU Z 117 7.91 -12.68 115.31
CA GLU Z 117 7.16 -13.38 114.27
C GLU Z 117 6.46 -14.63 114.81
N LYS Z 118 7.03 -15.25 115.83
CA LYS Z 118 6.54 -16.49 116.38
C LYS Z 118 5.26 -16.24 117.18
N PHE Z 119 4.33 -17.21 117.07
CA PHE Z 119 2.98 -17.15 117.62
C PHE Z 119 2.24 -15.89 117.17
N GLU Z 120 2.06 -15.80 115.85
CA GLU Z 120 1.07 -14.86 115.31
C GLU Z 120 -0.32 -15.21 115.80
N SER Z 121 -0.71 -16.47 115.66
CA SER Z 121 -2.01 -16.93 116.10
C SER Z 121 -1.90 -17.45 117.52
N GLN Z 122 -2.74 -16.90 118.41
CA GLN Z 122 -2.98 -17.42 119.76
C GLN Z 122 -1.71 -17.43 120.62
N PHE Z 123 -1.20 -16.24 120.90
CA PHE Z 123 -0.09 -16.10 121.86
C PHE Z 123 -0.65 -15.69 123.21
N SER Z 124 -0.16 -16.36 124.26
CA SER Z 124 -0.34 -15.93 125.64
C SER Z 124 1.01 -15.72 126.32
N ASP Z 125 2.03 -15.40 125.54
CA ASP Z 125 3.41 -15.50 125.99
C ASP Z 125 3.81 -14.28 126.82
N ILE Z 126 4.40 -14.54 127.98
CA ILE Z 126 4.82 -13.46 128.87
C ILE Z 126 6.33 -13.23 128.76
N HIS Z 127 7.10 -14.24 128.37
CA HIS Z 127 8.55 -14.11 128.31
C HIS Z 127 9.01 -13.21 127.17
N ARG Z 128 8.31 -13.25 126.03
CA ARG Z 128 8.57 -12.33 124.93
C ARG Z 128 8.32 -10.89 125.36
N ALA Z 129 7.19 -10.68 126.05
CA ALA Z 129 6.89 -9.39 126.65
C ALA Z 129 7.98 -8.94 127.59
N LEU Z 130 8.46 -9.85 128.44
CA LEU Z 130 9.54 -9.56 129.38
C LEU Z 130 10.82 -9.17 128.67
N LEU Z 131 11.09 -9.78 127.51
CA LEU Z 131 12.27 -9.38 126.75
C LEU Z 131 12.15 -7.97 126.22
N ARG Z 132 10.97 -7.59 125.71
CA ARG Z 132 10.80 -6.20 125.27
C ARG Z 132 10.81 -5.22 126.45
N LEU Z 133 10.30 -5.63 127.60
CA LEU Z 133 10.32 -4.77 128.78
C LEU Z 133 11.74 -4.60 129.30
N GLY Z 134 12.54 -5.66 129.22
CA GLY Z 134 13.96 -5.54 129.55
C GLY Z 134 14.71 -4.64 128.60
N ASN Z 135 14.37 -4.69 127.30
CA ASN Z 135 14.96 -3.77 126.32
C ASN Z 135 14.65 -2.32 126.67
N SER Z 136 13.36 -2.00 126.81
CA SER Z 136 12.96 -0.61 127.08
C SER Z 136 13.42 -0.13 128.45
N ILE Z 137 13.51 -1.04 129.43
CA ILE Z 137 14.07 -0.70 130.73
C ILE Z 137 15.56 -0.42 130.63
N ARG Z 138 16.27 -1.13 129.73
CA ARG Z 138 17.68 -0.82 129.51
C ARG Z 138 17.85 0.53 128.80
N TRP Z 139 16.91 0.87 127.90
CA TRP Z 139 16.90 2.21 127.32
C TRP Z 139 16.62 3.28 128.38
N GLY Z 140 15.77 2.95 129.34
CA GLY Z 140 15.35 3.91 130.35
C GLY Z 140 16.38 4.15 131.43
N SER Z 141 15.87 4.47 132.62
CA SER Z 141 16.72 4.93 133.71
C SER Z 141 17.22 3.76 134.56
N ASN Z 142 16.33 2.93 135.07
CA ASN Z 142 16.64 1.95 136.10
C ASN Z 142 16.73 0.54 135.54
N VAL Z 143 17.31 -0.35 136.34
CA VAL Z 143 17.55 -1.76 136.02
C VAL Z 143 16.38 -2.71 136.33
N PRO Z 144 15.73 -2.72 137.51
CA PRO Z 144 14.75 -3.79 137.78
C PRO Z 144 13.46 -3.65 136.97
N ILE Z 145 12.61 -4.67 137.09
CA ILE Z 145 11.48 -4.90 136.20
C ILE Z 145 10.19 -4.71 137.01
N ASP Z 146 10.19 -3.73 137.92
CA ASP Z 146 9.08 -3.55 138.86
C ASP Z 146 7.79 -3.15 138.14
N THR Z 147 7.77 -1.96 137.56
CA THR Z 147 6.63 -1.51 136.76
C THR Z 147 7.11 -1.41 135.32
N PRO Z 148 6.81 -2.38 134.48
CA PRO Z 148 7.41 -2.35 133.15
C PRO Z 148 6.54 -1.79 132.04
N TYR Z 149 5.22 -1.65 132.23
CA TYR Z 149 4.31 -1.40 131.11
C TYR Z 149 4.43 0.03 130.60
N VAL Z 150 4.48 1.01 131.50
CA VAL Z 150 4.81 2.37 131.09
C VAL Z 150 6.00 2.78 131.95
N ASN Z 151 7.11 2.11 131.68
CA ASN Z 151 8.34 2.28 132.44
C ASN Z 151 8.80 3.71 132.45
N LEU Z 152 9.36 4.08 133.60
CA LEU Z 152 9.90 5.39 133.98
C LEU Z 152 8.80 6.38 134.39
N THR Z 153 7.55 5.93 134.48
CA THR Z 153 6.52 6.86 134.94
C THR Z 153 5.34 6.10 135.52
N ALA Z 154 4.95 6.49 136.73
CA ALA Z 154 3.88 5.83 137.45
C ALA Z 154 2.64 6.69 137.60
N GLU Z 155 2.52 7.78 136.82
CA GLU Z 155 1.36 8.64 136.93
C GLU Z 155 0.13 8.03 136.28
N ASP Z 156 0.32 7.08 135.37
CA ASP Z 156 -0.78 6.42 134.66
C ASP Z 156 -0.96 4.95 135.04
N SER Z 157 -0.15 4.43 135.97
CA SER Z 157 -0.16 2.99 136.27
C SER Z 157 -1.49 2.56 136.88
N SER Z 158 -2.02 3.36 137.81
CA SER Z 158 -3.31 3.04 138.41
C SER Z 158 -4.44 3.12 137.40
N GLU Z 159 -4.37 4.12 136.51
CA GLU Z 159 -5.40 4.27 135.49
C GLU Z 159 -5.36 3.13 134.46
N ILE Z 160 -4.17 2.65 134.11
CA ILE Z 160 -4.08 1.57 133.14
C ILE Z 160 -4.42 0.21 133.78
N GLU Z 161 -4.08 0.00 135.05
CA GLU Z 161 -4.57 -1.19 135.74
C GLU Z 161 -6.09 -1.14 135.90
N ASN Z 162 -6.65 0.04 136.15
CA ASN Z 162 -8.09 0.21 136.20
C ASN Z 162 -8.72 -0.08 134.83
N ASN Z 163 -8.03 0.32 133.76
CA ASN Z 163 -8.53 0.04 132.41
C ASN Z 163 -8.51 -1.45 132.11
N LEU Z 164 -7.48 -2.16 132.58
CA LEU Z 164 -7.45 -3.60 132.35
C LEU Z 164 -8.50 -4.34 133.19
N GLN Z 165 -8.73 -3.87 134.42
CA GLN Z 165 -9.80 -4.47 135.22
C GLN Z 165 -11.17 -4.17 134.64
N ASP Z 166 -11.35 -2.98 134.08
CA ASP Z 166 -12.61 -2.66 133.40
C ASP Z 166 -12.77 -3.46 132.12
N ALA Z 167 -11.67 -3.81 131.46
CA ALA Z 167 -11.75 -4.70 130.30
C ALA Z 167 -12.17 -6.10 130.72
N GLU Z 168 -11.61 -6.60 131.83
CA GLU Z 168 -12.02 -7.89 132.37
C GLU Z 168 -13.49 -7.89 132.76
N LYS Z 169 -13.98 -6.77 133.29
CA LYS Z 169 -15.39 -6.70 133.66
C LYS Z 169 -16.28 -6.63 132.43
N ASN Z 170 -16.06 -5.65 131.56
CA ASN Z 170 -16.86 -5.47 130.35
C ASN Z 170 -15.91 -5.50 129.16
N MET Z 171 -15.63 -6.71 128.68
CA MET Z 171 -14.92 -6.89 127.42
C MET Z 171 -15.72 -6.46 126.20
N LEU Z 172 -17.03 -6.22 126.34
CA LEU Z 172 -17.82 -5.83 125.18
C LEU Z 172 -17.67 -4.35 124.84
N TRP Z 173 -17.47 -3.51 125.84
CA TRP Z 173 -17.25 -2.07 125.63
C TRP Z 173 -15.88 -1.72 126.17
N TYR Z 174 -14.90 -1.64 125.28
CA TYR Z 174 -13.52 -1.43 125.68
C TYR Z 174 -12.99 -0.19 124.98
N THR Z 175 -12.10 0.52 125.68
CA THR Z 175 -11.43 1.68 125.14
C THR Z 175 -9.93 1.50 125.29
N VAL Z 176 -9.17 2.12 124.40
CA VAL Z 176 -7.71 2.13 124.48
C VAL Z 176 -7.28 3.50 124.99
N TYR Z 177 -6.53 3.52 126.09
CA TYR Z 177 -6.27 4.76 126.82
C TYR Z 177 -5.41 5.75 126.03
N ASN Z 178 -4.12 5.42 125.95
CA ASN Z 178 -3.14 6.18 125.18
C ASN Z 178 -1.77 6.26 125.86
N ILE Z 179 -0.76 6.50 125.04
CA ILE Z 179 0.60 6.71 125.49
C ILE Z 179 0.67 8.20 125.21
N ASN Z 180 0.99 9.00 126.21
CA ASN Z 180 0.89 10.44 125.93
C ASN Z 180 2.10 10.93 125.15
N ASP Z 181 1.87 11.99 124.36
CA ASP Z 181 2.93 12.50 123.48
C ASP Z 181 3.97 13.37 124.18
N PRO Z 182 3.63 14.45 124.93
CA PRO Z 182 4.69 15.41 125.31
C PRO Z 182 5.65 14.90 126.39
N TRP Z 183 5.26 13.95 127.22
CA TRP Z 183 6.13 13.45 128.29
C TRP Z 183 6.50 12.00 128.03
N ASP Z 184 7.80 11.72 128.03
CA ASP Z 184 8.33 10.41 127.71
C ASP Z 184 9.78 10.31 128.17
N GLU Z 185 10.16 9.10 128.60
CA GLU Z 185 11.55 8.84 129.00
C GLU Z 185 12.48 8.80 127.79
N ASN Z 186 12.05 8.15 126.72
CA ASN Z 186 12.80 8.14 125.47
C ASN Z 186 11.80 8.44 124.37
N GLY Z 187 12.18 8.29 123.11
CA GLY Z 187 11.28 8.79 122.10
C GLY Z 187 10.29 7.80 121.52
N TYR Z 188 10.31 7.77 120.19
CA TYR Z 188 9.39 6.98 119.38
C TYR Z 188 9.50 5.50 119.69
N LEU Z 189 10.71 5.04 120.00
CA LEU Z 189 10.94 3.64 120.35
C LEU Z 189 10.24 3.25 121.65
N VAL Z 190 10.45 4.01 122.73
CA VAL Z 190 9.88 3.58 124.00
C VAL Z 190 8.38 3.80 124.02
N THR Z 191 7.86 4.77 123.24
CA THR Z 191 6.42 4.90 123.15
C THR Z 191 5.82 3.75 122.36
N SER Z 192 6.53 3.28 121.32
CA SER Z 192 6.09 2.11 120.59
C SER Z 192 6.09 0.87 121.47
N ILE Z 193 7.11 0.72 122.32
CA ILE Z 193 7.21 -0.46 123.18
C ILE Z 193 6.11 -0.45 124.24
N ASN Z 194 5.85 0.71 124.85
CA ASN Z 194 4.81 0.79 125.88
C ASN Z 194 3.43 0.54 125.27
N LYS Z 195 3.16 1.12 124.10
CA LYS Z 195 1.93 0.82 123.37
C LYS Z 195 1.81 -0.66 123.01
N LEU Z 196 2.92 -1.27 122.60
CA LEU Z 196 2.91 -2.67 122.16
C LEU Z 196 2.59 -3.60 123.32
N VAL Z 197 3.19 -3.36 124.49
CA VAL Z 197 2.96 -4.24 125.62
C VAL Z 197 1.57 -4.04 126.21
N TYR Z 198 1.09 -2.79 126.28
CA TYR Z 198 -0.27 -2.56 126.77
C TYR Z 198 -1.32 -3.15 125.83
N LEU Z 199 -1.12 -3.01 124.51
CA LEU Z 199 -2.08 -3.56 123.58
C LEU Z 199 -2.04 -5.09 123.56
N GLY Z 200 -0.87 -5.68 123.79
CA GLY Z 200 -0.80 -7.14 123.91
C GLY Z 200 -1.52 -7.65 125.13
N LYS Z 201 -1.34 -6.98 126.28
CA LYS Z 201 -2.05 -7.36 127.50
C LYS Z 201 -3.54 -7.17 127.34
N LEU Z 202 -3.96 -6.11 126.66
CA LEU Z 202 -5.38 -5.86 126.41
C LEU Z 202 -5.97 -6.95 125.52
N PHE Z 203 -5.26 -7.36 124.48
CA PHE Z 203 -5.75 -8.37 123.56
C PHE Z 203 -5.92 -9.71 124.25
N VAL Z 204 -4.90 -10.14 125.01
CA VAL Z 204 -5.01 -11.43 125.67
C VAL Z 204 -6.03 -11.37 126.81
N THR Z 205 -6.21 -10.20 127.42
CA THR Z 205 -7.23 -10.03 128.46
C THR Z 205 -8.64 -10.18 127.91
N LEU Z 206 -8.92 -9.49 126.79
CA LEU Z 206 -10.24 -9.57 126.16
C LEU Z 206 -10.56 -10.98 125.71
N ASN Z 207 -9.59 -11.66 125.09
CA ASN Z 207 -9.87 -12.99 124.58
C ASN Z 207 -10.03 -14.02 125.68
N GLN Z 208 -9.23 -13.92 126.76
CA GLN Z 208 -9.39 -14.88 127.85
C GLN Z 208 -10.70 -14.66 128.61
N SER Z 209 -11.09 -13.40 128.83
CA SER Z 209 -12.37 -13.14 129.50
C SER Z 209 -13.55 -13.60 128.64
N TRP Z 210 -13.45 -13.42 127.33
CA TRP Z 210 -14.51 -13.86 126.44
C TRP Z 210 -14.64 -15.38 126.41
N SER Z 211 -13.52 -16.09 126.30
CA SER Z 211 -13.59 -17.55 126.29
C SER Z 211 -14.07 -18.09 127.62
N LYS Z 212 -13.74 -17.40 128.72
CA LYS Z 212 -14.29 -17.74 130.03
C LYS Z 212 -15.81 -17.65 130.06
N LEU Z 213 -16.35 -16.52 129.59
CA LEU Z 213 -17.82 -16.36 129.62
C LEU Z 213 -18.52 -17.30 128.65
N GLU Z 214 -17.92 -17.58 127.51
CA GLU Z 214 -18.55 -18.47 126.54
C GLU Z 214 -18.58 -19.91 127.04
N LYS Z 215 -17.49 -20.36 127.66
CA LYS Z 215 -17.48 -21.69 128.26
C LYS Z 215 -18.45 -21.78 129.44
N VAL Z 216 -18.59 -20.69 130.20
CA VAL Z 216 -19.58 -20.64 131.29
C VAL Z 216 -21.00 -20.82 130.75
N ALA Z 217 -21.34 -20.06 129.70
CA ALA Z 217 -22.70 -20.11 129.18
C ALA Z 217 -23.01 -21.47 128.56
N MET Z 218 -22.05 -22.06 127.84
CA MET Z 218 -22.28 -23.37 127.26
C MET Z 218 -22.38 -24.45 128.33
N SER Z 219 -21.57 -24.35 129.40
CA SER Z 219 -21.67 -25.31 130.49
C SER Z 219 -23.02 -25.22 131.19
N GLN Z 220 -23.54 -24.00 131.36
CA GLN Z 220 -24.84 -23.86 132.02
C GLN Z 220 -25.98 -24.38 131.15
N ILE Z 221 -25.91 -24.17 129.84
CA ILE Z 221 -26.98 -24.66 128.96
C ILE Z 221 -26.98 -26.18 128.89
N VAL Z 222 -25.80 -26.78 128.74
CA VAL Z 222 -25.70 -28.24 128.70
C VAL Z 222 -26.05 -28.84 130.07
N THR Z 223 -25.81 -28.09 131.15
CA THR Z 223 -26.24 -28.55 132.47
C THR Z 223 -27.75 -28.58 132.58
N THR Z 224 -28.43 -27.51 132.17
CA THR Z 224 -29.88 -27.46 132.34
C THR Z 224 -30.62 -28.39 131.38
N GLN Z 225 -30.01 -28.76 130.25
CA GLN Z 225 -30.67 -29.70 129.33
C GLN Z 225 -30.92 -31.05 129.98
N ASN Z 226 -29.96 -31.56 130.76
CA ASN Z 226 -30.12 -32.88 131.36
C ASN Z 226 -31.20 -32.90 132.42
N HIS Z 227 -31.30 -31.82 133.21
CA HIS Z 227 -32.39 -31.70 134.17
C HIS Z 227 -33.73 -31.61 133.47
N LEU Z 228 -33.79 -30.84 132.39
CA LEU Z 228 -35.05 -30.66 131.66
C LEU Z 228 -35.49 -31.95 131.00
N SER Z 229 -34.52 -32.73 130.49
CA SER Z 229 -34.82 -34.02 129.89
C SER Z 229 -35.23 -35.05 130.94
N GLY Z 230 -34.59 -35.01 132.11
CA GLY Z 230 -34.95 -35.95 133.17
C GLY Z 230 -36.33 -35.70 133.72
N HIS Z 231 -36.76 -34.43 133.76
CA HIS Z 231 -38.14 -34.16 134.15
C HIS Z 231 -39.11 -34.53 133.03
N LEU Z 232 -38.76 -34.23 131.78
CA LEU Z 232 -39.73 -34.44 130.71
C LEU Z 232 -39.78 -35.86 130.16
N ARG Z 233 -38.92 -36.76 130.64
CA ARG Z 233 -38.82 -38.07 129.99
C ARG Z 233 -40.02 -38.96 130.27
N LYS Z 234 -40.70 -38.77 131.41
CA LYS Z 234 -41.59 -39.80 131.94
C LYS Z 234 -42.88 -39.94 131.15
N ASN Z 235 -43.51 -38.82 130.79
CA ASN Z 235 -44.83 -38.90 130.18
C ASN Z 235 -44.75 -39.31 128.71
N GLU Z 236 -45.85 -39.90 128.22
CA GLU Z 236 -45.86 -40.58 126.93
C GLU Z 236 -46.77 -39.93 125.90
N ASN Z 237 -47.20 -38.68 126.13
CA ASN Z 237 -47.99 -37.98 125.14
C ASN Z 237 -47.12 -37.57 123.97
N PHE Z 238 -47.76 -37.33 122.82
CA PHE Z 238 -47.00 -36.96 121.62
C PHE Z 238 -46.41 -35.56 121.73
N ASN Z 239 -47.19 -34.61 122.25
CA ASN Z 239 -46.65 -33.27 122.51
C ASN Z 239 -45.53 -33.32 123.53
N ALA Z 240 -45.65 -34.22 124.51
CA ALA Z 240 -44.59 -34.45 125.48
C ALA Z 240 -43.31 -34.91 124.81
N VAL Z 241 -43.38 -35.96 123.97
CA VAL Z 241 -42.15 -36.49 123.38
C VAL Z 241 -41.61 -35.56 122.29
N TYR Z 242 -42.46 -34.75 121.65
CA TYR Z 242 -41.93 -33.76 120.72
C TYR Z 242 -41.21 -32.65 121.45
N SER Z 243 -41.74 -32.22 122.60
CA SER Z 243 -41.02 -31.25 123.42
C SER Z 243 -39.72 -31.84 123.94
N GLN Z 244 -39.73 -33.14 124.26
CA GLN Z 244 -38.49 -33.85 124.63
C GLN Z 244 -37.46 -33.76 123.52
N ARG Z 245 -37.86 -34.01 122.27
CA ARG Z 245 -36.87 -34.02 121.20
C ARG Z 245 -36.37 -32.63 120.87
N VAL Z 246 -37.26 -31.63 120.87
CA VAL Z 246 -36.86 -30.24 120.63
C VAL Z 246 -35.91 -29.76 121.71
N LEU Z 247 -36.17 -30.12 122.95
CA LEU Z 247 -35.30 -29.71 124.05
C LEU Z 247 -34.15 -30.68 124.30
N GLN Z 248 -34.06 -31.77 123.54
CA GLN Z 248 -32.90 -32.64 123.52
C GLN Z 248 -32.07 -32.52 122.24
N THR Z 249 -32.35 -31.54 121.39
CA THR Z 249 -31.41 -31.27 120.30
C THR Z 249 -30.07 -30.82 120.87
N PRO Z 250 -28.96 -31.33 120.35
CA PRO Z 250 -27.65 -30.95 120.91
C PRO Z 250 -27.28 -29.54 120.50
N LEU Z 251 -26.59 -28.84 121.40
CA LEU Z 251 -26.27 -27.43 121.19
C LEU Z 251 -24.78 -27.18 121.23
N THR Z 252 -24.33 -26.32 120.31
CA THR Z 252 -23.03 -25.68 120.34
C THR Z 252 -23.21 -24.19 120.17
N GLY Z 253 -22.11 -23.47 120.38
CA GLY Z 253 -22.14 -22.01 120.34
C GLY Z 253 -22.53 -21.45 118.98
N GLN Z 254 -22.24 -22.19 117.93
CA GLN Z 254 -22.67 -21.80 116.59
C GLN Z 254 -23.99 -22.47 116.20
N ARG Z 255 -24.57 -23.22 117.12
CA ARG Z 255 -25.88 -23.82 116.93
C ARG Z 255 -26.96 -23.01 117.61
N VAL Z 256 -26.55 -22.15 118.56
CA VAL Z 256 -27.51 -21.50 119.46
C VAL Z 256 -28.42 -20.50 118.74
N GLU Z 257 -27.96 -19.89 117.64
CA GLU Z 257 -28.77 -18.86 116.97
C GLU Z 257 -29.92 -19.49 116.22
N SER Z 258 -29.60 -20.50 115.41
CA SER Z 258 -30.62 -21.25 114.71
C SER Z 258 -31.53 -21.98 115.67
N PHE Z 259 -31.00 -22.43 116.82
CA PHE Z 259 -31.87 -23.11 117.77
C PHE Z 259 -32.81 -22.14 118.47
N LEU Z 260 -32.38 -20.90 118.71
CA LEU Z 260 -33.31 -19.89 119.20
C LEU Z 260 -34.40 -19.59 118.19
N LYS Z 261 -34.06 -19.56 116.90
CA LYS Z 261 -35.08 -19.37 115.88
C LYS Z 261 -36.00 -20.58 115.77
N ILE Z 262 -35.52 -21.76 116.11
CA ILE Z 262 -36.36 -22.96 116.09
C ILE Z 262 -37.31 -22.97 117.27
N ILE Z 263 -36.80 -22.63 118.46
CA ILE Z 263 -37.64 -22.65 119.65
C ILE Z 263 -38.61 -21.47 119.65
N THR Z 264 -38.36 -20.45 118.83
CA THR Z 264 -39.36 -19.41 118.61
C THR Z 264 -40.63 -19.97 117.98
N SER Z 265 -40.49 -20.70 116.87
CA SER Z 265 -41.66 -21.28 116.23
C SER Z 265 -42.23 -22.44 117.02
N ASP Z 266 -41.38 -23.20 117.73
CA ASP Z 266 -41.84 -24.30 118.56
C ASP Z 266 -42.28 -23.86 119.95
N TYR Z 267 -42.33 -22.56 120.22
CA TYR Z 267 -42.79 -22.09 121.53
C TYR Z 267 -44.26 -22.43 121.78
N GLU Z 268 -45.10 -22.42 120.75
CA GLU Z 268 -46.53 -22.58 120.96
C GLU Z 268 -46.92 -24.01 121.27
N ILE Z 269 -46.06 -24.98 121.01
CA ILE Z 269 -46.39 -26.37 121.31
C ILE Z 269 -45.79 -26.83 122.63
N ILE Z 270 -44.60 -26.36 123.01
CA ILE Z 270 -44.00 -26.83 124.25
C ILE Z 270 -44.62 -26.14 125.45
N LYS Z 271 -45.23 -24.98 125.24
CA LYS Z 271 -45.97 -24.31 126.31
C LYS Z 271 -47.20 -25.12 126.71
N SER Z 272 -47.89 -25.70 125.72
CA SER Z 272 -48.96 -26.64 126.04
C SER Z 272 -48.43 -27.98 126.50
N SER Z 273 -47.22 -28.36 126.06
CA SER Z 273 -46.67 -29.64 126.45
C SER Z 273 -46.23 -29.65 127.91
N LEU Z 274 -45.83 -28.50 128.43
CA LEU Z 274 -45.61 -28.39 129.86
C LEU Z 274 -46.93 -28.50 130.59
N GLU Z 275 -46.93 -29.28 131.68
CA GLU Z 275 -48.16 -29.71 132.33
C GLU Z 275 -48.95 -28.58 132.97
N SER AA 7 -35.13 57.60 109.24
CA SER AA 7 -35.09 56.36 110.01
C SER AA 7 -35.92 55.24 109.41
N ILE AA 8 -35.65 54.80 108.18
CA ILE AA 8 -36.52 53.75 107.62
C ILE AA 8 -38.07 53.94 107.77
N PRO AA 9 -38.68 55.06 107.29
CA PRO AA 9 -40.14 55.17 107.55
C PRO AA 9 -40.99 54.04 106.93
N PHE AA 10 -40.81 53.75 105.65
CA PHE AA 10 -41.32 52.51 105.05
C PHE AA 10 -42.60 52.94 104.36
N ALA AA 11 -43.43 52.01 103.91
CA ALA AA 11 -44.81 52.44 103.73
C ALA AA 11 -45.60 52.31 105.02
N TRP AA 12 -46.91 52.23 104.86
CA TRP AA 12 -47.91 51.99 105.89
C TRP AA 12 -47.94 50.53 106.34
N LEU AA 13 -46.82 49.81 106.25
CA LEU AA 13 -46.67 48.49 106.85
C LEU AA 13 -46.81 48.55 108.36
N ASP AA 14 -47.31 47.45 108.93
CA ASP AA 14 -47.40 47.26 110.38
C ASP AA 14 -46.05 47.27 111.07
N ARG AA 15 -46.07 47.46 112.40
CA ARG AA 15 -44.83 47.46 113.17
C ARG AA 15 -44.15 46.09 113.15
N ASP AA 16 -44.95 45.01 113.12
CA ASP AA 16 -44.39 43.68 113.02
C ASP AA 16 -43.67 43.48 111.70
N LYS AA 17 -44.25 43.91 110.59
CA LYS AA 17 -43.62 43.72 109.29
C LYS AA 17 -42.40 44.60 109.12
N VAL AA 18 -42.46 45.83 109.64
CA VAL AA 18 -41.29 46.71 109.64
C VAL AA 18 -40.16 46.12 110.47
N GLN AA 19 -40.50 45.51 111.60
CA GLN AA 19 -39.50 44.85 112.42
C GLN AA 19 -38.94 43.61 111.73
N ARG AA 20 -39.75 42.92 110.94
CA ARG AA 20 -39.26 41.80 110.12
C ARG AA 20 -38.24 42.27 109.10
N LEU AA 21 -38.53 43.37 108.40
CA LEU AA 21 -37.61 43.85 107.37
C LEU AA 21 -36.32 44.38 107.98
N THR AA 22 -36.43 45.12 109.09
CA THR AA 22 -35.24 45.63 109.77
C THR AA 22 -34.40 44.49 110.36
N ASN AA 23 -35.06 43.45 110.88
CA ASN AA 23 -34.36 42.29 111.42
C ASN AA 23 -33.65 41.52 110.32
N PHE AA 24 -34.30 41.40 109.15
CA PHE AA 24 -33.66 40.71 108.02
C PHE AA 24 -32.45 41.48 107.53
N LEU AA 25 -32.56 42.79 107.38
CA LEU AA 25 -31.42 43.58 106.95
C LEU AA 25 -30.30 43.62 107.98
N SER AA 26 -30.63 43.51 109.27
CA SER AA 26 -29.57 43.48 110.27
C SER AA 26 -28.87 42.13 110.32
N ASN AA 27 -29.62 41.03 110.14
CA ASN AA 27 -29.04 39.69 110.22
C ASN AA 27 -28.79 39.09 108.84
N LEU AA 28 -28.67 39.96 107.83
CA LEU AA 28 -28.28 39.53 106.48
C LEU AA 28 -26.98 38.75 106.48
N GLU AA 29 -25.94 39.26 107.14
CA GLU AA 29 -24.66 38.56 107.13
C GLU AA 29 -24.71 37.27 107.94
N ASN AA 30 -25.64 37.16 108.88
CA ASN AA 30 -25.72 35.94 109.68
C ASN AA 30 -26.44 34.82 108.94
N LEU AA 31 -27.57 35.12 108.28
CA LEU AA 31 -28.32 34.02 107.70
C LEU AA 31 -27.72 33.60 106.36
N GLU AA 32 -27.95 32.35 106.00
CA GLU AA 32 -27.38 31.79 104.77
C GLU AA 32 -28.28 32.05 103.57
N ASN AA 33 -27.66 31.92 102.38
CA ASN AA 33 -28.29 32.02 101.07
C ASN AA 33 -28.97 33.39 100.89
N VAL AA 34 -28.11 34.40 100.85
CA VAL AA 34 -28.56 35.79 100.93
C VAL AA 34 -29.01 36.23 99.54
N ASP AA 35 -30.28 35.97 99.24
CA ASP AA 35 -30.86 36.47 98.00
C ASP AA 35 -32.36 36.69 98.23
N LEU AA 36 -32.87 37.79 97.67
CA LEU AA 36 -34.26 38.14 97.90
C LEU AA 36 -35.23 37.28 97.11
N ARG AA 37 -34.86 36.83 95.92
CA ARG AA 37 -35.69 35.81 95.26
C ARG AA 37 -35.65 34.51 96.04
N GLU AA 38 -34.53 34.25 96.70
CA GLU AA 38 -34.40 33.05 97.51
C GLU AA 38 -35.26 33.11 98.77
N HIS AA 39 -35.48 34.30 99.34
CA HIS AA 39 -36.36 34.45 100.49
C HIS AA 39 -37.63 35.20 100.08
N PRO AA 40 -38.72 34.50 99.73
CA PRO AA 40 -39.98 35.20 99.42
C PRO AA 40 -40.72 35.71 100.65
N TYR AA 41 -40.30 35.34 101.87
CA TYR AA 41 -41.01 35.81 103.05
C TYR AA 41 -40.85 37.31 103.23
N VAL AA 42 -39.72 37.86 102.81
CA VAL AA 42 -39.54 39.30 102.80
C VAL AA 42 -40.33 39.94 101.66
N THR AA 43 -40.36 39.32 100.48
CA THR AA 43 -41.05 39.89 99.33
C THR AA 43 -42.57 39.90 99.51
N ASN AA 44 -43.10 38.97 100.30
CA ASN AA 44 -44.52 38.99 100.63
C ASN AA 44 -44.80 39.55 102.01
N SER AA 45 -43.78 39.81 102.82
CA SER AA 45 -43.94 40.73 103.93
C SER AA 45 -44.01 42.17 103.43
N CYS AA 46 -43.48 42.41 102.23
CA CYS AA 46 -43.50 43.73 101.60
C CYS AA 46 -44.91 44.21 101.27
N VAL AA 47 -45.88 43.30 101.09
CA VAL AA 47 -47.17 43.68 100.54
C VAL AA 47 -48.04 44.36 101.61
N VAL AA 48 -49.02 45.14 101.16
CA VAL AA 48 -49.85 45.97 102.04
C VAL AA 48 -51.34 45.72 101.76
N ARG AA 49 -52.00 45.00 102.67
CA ARG AA 49 -53.31 44.40 102.41
C ARG AA 49 -54.46 45.39 102.47
N GLU AA 50 -55.68 44.85 102.62
CA GLU AA 50 -56.98 45.45 102.30
C GLU AA 50 -57.16 45.63 100.80
N GLY AA 51 -56.79 44.61 100.04
CA GLY AA 51 -56.94 44.58 98.60
C GLY AA 51 -55.62 44.82 97.89
N GLU AA 52 -55.61 44.49 96.60
CA GLU AA 52 -54.48 44.82 95.74
C GLU AA 52 -54.65 46.21 95.12
N ASP AA 53 -55.76 46.90 95.41
CA ASP AA 53 -55.94 48.28 94.96
C ASP AA 53 -54.90 49.20 95.58
N VAL AA 54 -54.59 49.00 96.86
CA VAL AA 54 -53.48 49.71 97.49
C VAL AA 54 -52.15 49.22 96.92
N ASP AA 55 -52.05 47.90 96.70
CA ASP AA 55 -50.80 47.25 96.31
C ASP AA 55 -50.29 47.76 94.98
N GLU AA 56 -51.21 48.03 94.04
CA GLU AA 56 -50.93 48.31 92.64
C GLU AA 56 -50.01 49.52 92.46
N LEU AA 57 -49.94 50.40 93.45
CA LEU AA 57 -48.94 51.45 93.51
C LEU AA 57 -48.00 51.32 94.70
N LYS AA 58 -48.55 51.05 95.90
CA LYS AA 58 -47.76 51.09 97.12
C LYS AA 58 -46.70 49.98 97.16
N THR AA 59 -47.04 48.78 96.68
CA THR AA 59 -46.05 47.71 96.71
C THR AA 59 -44.99 47.87 95.64
N LEU AA 60 -45.30 48.57 94.55
CA LEU AA 60 -44.23 48.96 93.64
C LEU AA 60 -43.24 49.89 94.33
N TYR AA 61 -43.78 50.88 95.06
CA TYR AA 61 -42.90 51.73 95.88
C TYR AA 61 -42.13 50.94 96.92
N ASN AA 62 -42.74 49.92 97.52
CA ASN AA 62 -42.04 49.25 98.61
C ASN AA 62 -41.05 48.20 98.12
N THR AA 63 -41.34 47.52 97.00
CA THR AA 63 -40.32 46.71 96.36
C THR AA 63 -39.13 47.58 95.95
N PHE AA 64 -39.41 48.78 95.43
CA PHE AA 64 -38.34 49.72 95.13
C PHE AA 64 -37.49 50.05 96.36
N ILE AA 65 -38.14 50.31 97.49
CA ILE AA 65 -37.43 50.63 98.73
C ILE AA 65 -36.65 49.42 99.24
N LEU AA 66 -37.23 48.22 99.16
CA LEU AA 66 -36.51 47.03 99.60
C LEU AA 66 -35.30 46.75 98.75
N TRP AA 67 -35.40 46.90 97.43
CA TRP AA 67 -34.23 46.64 96.61
C TRP AA 67 -33.15 47.71 96.83
N LEU AA 68 -33.56 48.97 97.06
CA LEU AA 68 -32.58 50.00 97.41
C LEU AA 68 -31.87 49.68 98.72
N MET AA 69 -32.63 49.30 99.75
CA MET AA 69 -32.04 49.04 101.06
C MET AA 69 -31.20 47.78 101.04
N TYR AA 70 -31.59 46.79 100.25
CA TYR AA 70 -30.80 45.57 100.11
C TYR AA 70 -29.48 45.85 99.41
N HIS AA 71 -29.52 46.67 98.35
CA HIS AA 71 -28.28 47.06 97.67
C HIS AA 71 -27.39 47.90 98.58
N TYR AA 72 -28.00 48.73 99.43
CA TYR AA 72 -27.24 49.53 100.38
C TYR AA 72 -26.57 48.65 101.44
N VAL AA 73 -27.29 47.66 101.96
CA VAL AA 73 -26.66 46.86 103.01
C VAL AA 73 -25.65 45.90 102.41
N LEU AA 74 -25.78 45.53 101.13
CA LEU AA 74 -24.69 44.81 100.46
C LEU AA 74 -23.45 45.69 100.37
N SER AA 75 -23.60 46.93 99.88
CA SER AA 75 -22.48 47.85 99.75
C SER AA 75 -21.84 48.17 101.09
N LYS AA 76 -22.61 48.16 102.16
CA LYS AA 76 -22.04 48.41 103.48
C LYS AA 76 -21.33 47.17 104.03
N ARG AA 77 -21.95 46.00 103.91
CA ARG AA 77 -21.46 44.82 104.62
C ARG AA 77 -20.46 43.99 103.84
N LYS AA 78 -20.09 44.38 102.62
CA LYS AA 78 -19.13 43.56 101.84
C LYS AA 78 -17.77 43.51 102.51
N PRO AA 79 -17.23 42.32 102.81
CA PRO AA 79 -15.86 42.23 103.29
C PRO AA 79 -14.84 42.55 102.21
N ASP AA 80 -13.57 42.39 102.56
CA ASP AA 80 -12.49 42.92 101.76
C ASP AA 80 -11.69 41.73 101.20
N TYR AA 81 -12.07 41.28 100.00
CA TYR AA 81 -11.53 40.07 99.39
C TYR AA 81 -10.11 40.25 98.89
N ASN AA 82 -9.65 41.49 98.75
CA ASN AA 82 -8.26 41.72 98.37
C ASN AA 82 -7.28 41.29 99.45
N ALA AA 83 -7.74 41.08 100.68
CA ALA AA 83 -6.90 40.42 101.67
C ALA AA 83 -6.59 38.98 101.28
N ILE AA 84 -7.52 38.29 100.60
CA ILE AA 84 -7.17 36.95 100.16
C ILE AA 84 -6.42 37.03 98.84
N TRP AA 85 -6.62 38.09 98.07
CA TRP AA 85 -5.81 38.21 96.87
C TRP AA 85 -4.39 38.63 97.19
N GLN AA 86 -4.16 39.22 98.36
CA GLN AA 86 -2.79 39.52 98.77
C GLN AA 86 -2.00 38.24 99.03
N ASP AA 87 -2.64 37.26 99.66
CA ASP AA 87 -1.99 35.96 99.81
C ASP AA 87 -1.89 35.21 98.49
N ILE AA 88 -2.83 35.44 97.56
CA ILE AA 88 -2.69 34.86 96.22
C ILE AA 88 -1.48 35.44 95.51
N THR AA 89 -1.28 36.75 95.58
CA THR AA 89 -0.09 37.34 94.98
C THR AA 89 1.17 36.90 95.69
N LYS AA 90 1.11 36.71 97.01
CA LYS AA 90 2.28 36.22 97.73
C LYS AA 90 2.66 34.82 97.29
N LEU AA 91 1.68 33.90 97.17
CA LEU AA 91 1.99 32.55 96.72
C LEU AA 91 2.46 32.53 95.28
N GLN AA 92 1.77 33.25 94.40
CA GLN AA 92 2.04 33.22 92.97
C GLN AA 92 3.37 33.88 92.65
N ASN AA 93 3.67 35.00 93.31
CA ASN AA 93 4.94 35.69 93.09
C ASN AA 93 6.08 34.94 93.74
N VAL AA 94 5.83 34.37 94.92
CA VAL AA 94 6.93 33.79 95.68
C VAL AA 94 7.29 32.41 95.17
N VAL AA 95 6.38 31.45 95.15
CA VAL AA 95 6.81 30.08 94.96
C VAL AA 95 6.84 29.71 93.48
N ASN AA 96 5.73 29.98 92.80
CA ASN AA 96 5.47 29.37 91.51
C ASN AA 96 6.36 29.93 90.41
N GLU AA 97 6.50 31.27 90.36
CA GLU AA 97 7.49 31.93 89.48
C GLU AA 97 8.87 31.37 89.71
N TYR AA 98 9.25 31.25 90.98
CA TYR AA 98 10.60 30.89 91.38
C TYR AA 98 10.97 29.48 90.98
N LEU AA 99 10.11 28.51 91.26
CA LEU AA 99 10.40 27.17 90.77
C LEU AA 99 10.32 27.10 89.25
N LYS AA 100 9.26 27.64 88.64
CA LYS AA 100 9.04 27.39 87.22
C LYS AA 100 10.11 28.03 86.34
N SER AA 101 10.58 29.22 86.70
CA SER AA 101 11.75 29.76 86.02
C SER AA 101 13.02 29.03 86.47
N LYS AA 102 13.12 28.73 87.76
CA LYS AA 102 14.34 28.19 88.35
C LYS AA 102 14.50 26.70 88.06
N GLY AA 103 13.54 25.91 88.52
CA GLY AA 103 13.69 24.47 88.48
C GLY AA 103 12.98 23.89 87.28
N LEU AA 104 13.73 23.15 86.46
CA LEU AA 104 13.44 22.61 85.13
C LEU AA 104 13.43 23.70 84.06
N ASN AA 105 13.60 24.98 84.41
CA ASN AA 105 14.04 26.02 83.47
C ASN AA 105 13.00 26.34 82.40
N LYS AA 106 11.79 25.79 82.54
CA LYS AA 106 10.75 25.47 81.53
C LYS AA 106 10.60 26.57 80.48
N GLY AA 107 10.23 27.79 80.85
CA GLY AA 107 10.07 28.81 79.83
C GLY AA 107 9.53 30.09 80.41
N ASN AA 108 9.45 31.10 79.53
CA ASN AA 108 8.63 32.27 79.82
C ASN AA 108 7.13 31.99 79.71
N PHE AA 109 6.74 30.91 79.04
CA PHE AA 109 5.36 30.71 78.61
C PHE AA 109 4.39 30.60 79.80
N GLU AA 110 4.61 29.64 80.69
CA GLU AA 110 3.69 29.43 81.80
C GLU AA 110 3.95 30.41 82.94
N ASN AA 111 5.19 30.85 83.10
CA ASN AA 111 5.52 31.91 84.06
C ASN AA 111 4.83 33.22 83.71
N MET AA 112 4.96 33.70 82.47
CA MET AA 112 4.30 34.93 82.09
C MET AA 112 2.79 34.73 82.01
N PHE AA 113 2.32 33.50 81.80
CA PHE AA 113 0.88 33.24 81.95
C PHE AA 113 0.38 33.48 83.37
N THR AA 114 1.08 32.95 84.39
CA THR AA 114 0.61 33.24 85.74
C THR AA 114 0.88 34.70 86.13
N ASN AA 115 1.83 35.36 85.46
CA ASN AA 115 2.04 36.77 85.68
C ASN AA 115 0.94 37.62 85.03
N LYS AA 116 0.34 37.11 83.96
CA LYS AA 116 -0.87 37.73 83.41
C LYS AA 116 -2.10 37.37 84.22
N GLU AA 117 -2.08 36.21 84.90
CA GLU AA 117 -3.10 35.90 85.89
C GLU AA 117 -3.07 36.91 87.03
N LYS AA 118 -1.86 37.40 87.36
CA LYS AA 118 -1.72 38.46 88.35
C LYS AA 118 -2.44 39.73 87.94
N PHE AA 119 -2.34 40.12 86.67
CA PHE AA 119 -3.14 41.21 86.17
C PHE AA 119 -4.60 40.78 86.12
N GLU AA 120 -5.51 41.75 86.10
CA GLU AA 120 -6.93 41.46 86.28
C GLU AA 120 -7.56 40.82 85.06
N SER AA 121 -7.13 39.59 84.77
CA SER AA 121 -7.69 38.72 83.75
C SER AA 121 -7.94 37.35 84.35
N GLN AA 122 -8.20 37.31 85.67
CA GLN AA 122 -8.30 36.06 86.42
C GLN AA 122 -9.49 35.24 85.96
N PHE AA 123 -10.58 35.92 85.57
CA PHE AA 123 -11.79 35.25 85.08
C PHE AA 123 -11.50 34.50 83.79
N SER AA 124 -10.74 35.13 82.89
CA SER AA 124 -10.28 34.46 81.68
C SER AA 124 -9.30 33.33 82.01
N ASP AA 125 -8.47 33.51 83.03
CA ASP AA 125 -7.30 32.66 83.18
C ASP AA 125 -7.45 31.53 84.20
N ILE AA 126 -8.63 31.36 84.80
CA ILE AA 126 -8.87 30.15 85.61
C ILE AA 126 -8.76 28.89 84.75
N HIS AA 127 -9.25 28.96 83.49
CA HIS AA 127 -9.14 27.84 82.56
C HIS AA 127 -7.69 27.52 82.24
N ARG AA 128 -6.81 28.53 82.28
CA ARG AA 128 -5.39 28.27 82.09
C ARG AA 128 -4.72 27.80 83.37
N ALA AA 129 -5.22 28.22 84.53
CA ALA AA 129 -4.74 27.69 85.81
C ALA AA 129 -5.03 26.20 85.97
N LEU AA 130 -5.98 25.69 85.19
CA LEU AA 130 -6.30 24.27 85.21
C LEU AA 130 -5.05 23.52 84.76
N LEU AA 131 -4.37 24.07 83.73
CA LEU AA 131 -3.13 23.49 83.24
C LEU AA 131 -2.06 23.33 84.32
N ARG AA 132 -1.77 24.41 85.05
CA ARG AA 132 -0.69 24.41 86.03
C ARG AA 132 -1.05 23.63 87.28
N LEU AA 133 -2.30 23.19 87.40
CA LEU AA 133 -2.59 22.06 88.29
C LEU AA 133 -1.74 20.82 87.96
N GLY AA 134 -1.39 20.63 86.69
CA GLY AA 134 -0.70 19.42 86.26
C GLY AA 134 0.69 19.24 86.86
N ASN AA 135 1.39 20.36 87.11
CA ASN AA 135 2.72 20.29 87.73
C ASN AA 135 2.64 19.73 89.14
N SER AA 136 1.67 20.19 89.91
CA SER AA 136 1.44 19.67 91.26
C SER AA 136 1.00 18.23 91.22
N ILE AA 137 0.24 17.84 90.19
CA ILE AA 137 -0.09 16.43 89.98
C ILE AA 137 1.18 15.60 89.84
N ARG AA 138 2.11 16.06 89.00
CA ARG AA 138 3.37 15.34 88.76
C ARG AA 138 4.25 15.27 90.01
N TRP AA 139 4.32 16.36 90.78
CA TRP AA 139 5.12 16.34 92.00
C TRP AA 139 4.51 15.44 93.07
N GLY AA 140 3.17 15.35 93.12
CA GLY AA 140 2.56 14.41 94.04
C GLY AA 140 2.84 12.97 93.65
N SER AA 141 2.60 12.64 92.39
CA SER AA 141 2.91 11.30 91.91
C SER AA 141 3.20 11.39 90.41
N ASN AA 142 4.18 10.61 89.97
CA ASN AA 142 4.76 10.74 88.64
C ASN AA 142 3.75 10.41 87.52
N VAL AA 143 4.20 10.65 86.28
CA VAL AA 143 3.51 10.42 85.00
C VAL AA 143 2.10 11.01 85.04
N PRO AA 144 1.96 12.34 84.80
CA PRO AA 144 0.79 13.18 85.15
C PRO AA 144 -0.54 12.68 84.60
N ILE AA 145 -1.09 11.70 85.31
CA ILE AA 145 -2.28 10.95 84.89
C ILE AA 145 -3.57 11.75 84.88
N ASP AA 146 -4.14 12.07 86.06
CA ASP AA 146 -5.36 12.85 86.17
C ASP AA 146 -5.53 13.33 87.62
N THR AA 147 -6.65 14.04 87.91
CA THR AA 147 -7.28 14.36 89.20
C THR AA 147 -8.58 15.09 88.83
N PRO AA 148 -9.58 15.08 89.72
CA PRO AA 148 -10.78 15.84 89.35
C PRO AA 148 -10.52 17.35 89.35
N TYR AA 149 -9.89 17.86 90.43
CA TYR AA 149 -9.55 19.27 90.59
C TYR AA 149 -8.61 19.54 91.78
N VAL AA 150 -8.36 18.51 92.57
CA VAL AA 150 -7.53 18.63 93.78
C VAL AA 150 -6.99 17.24 94.12
N ASN AA 151 -5.68 17.15 94.34
CA ASN AA 151 -5.01 15.95 94.80
C ASN AA 151 -4.87 15.93 96.33
N LEU AA 152 -4.40 14.79 96.85
CA LEU AA 152 -3.69 14.76 98.14
C LEU AA 152 -4.49 15.18 99.37
N THR AA 153 -5.15 14.19 100.01
CA THR AA 153 -6.22 14.21 101.02
C THR AA 153 -7.58 14.54 100.41
N ALA AA 154 -8.09 13.52 99.71
CA ALA AA 154 -9.43 13.39 99.14
C ALA AA 154 -10.58 13.91 100.00
N GLU AA 155 -10.67 13.50 101.28
CA GLU AA 155 -11.80 14.00 102.07
C GLU AA 155 -11.67 15.48 102.41
N ASP AA 156 -10.44 16.00 102.49
CA ASP AA 156 -10.32 17.44 102.61
C ASP AA 156 -10.58 18.13 101.29
N SER AA 157 -10.45 17.44 100.16
CA SER AA 157 -10.95 18.02 98.91
C SER AA 157 -12.47 18.13 98.92
N SER AA 158 -13.15 17.15 99.53
CA SER AA 158 -14.60 17.25 99.71
C SER AA 158 -14.96 18.41 100.62
N GLU AA 159 -14.18 18.61 101.68
CA GLU AA 159 -14.48 19.72 102.58
C GLU AA 159 -14.16 21.07 101.93
N ILE AA 160 -13.15 21.12 101.03
CA ILE AA 160 -12.91 22.29 100.20
C ILE AA 160 -14.13 22.62 99.36
N GLU AA 161 -14.69 21.60 98.69
CA GLU AA 161 -15.85 21.85 97.83
C GLU AA 161 -17.07 22.27 98.63
N ASN AA 162 -17.22 21.73 99.85
CA ASN AA 162 -18.26 22.18 100.75
C ASN AA 162 -18.08 23.65 101.14
N ASN AA 163 -16.84 24.05 101.44
CA ASN AA 163 -16.55 25.43 101.81
C ASN AA 163 -16.78 26.38 100.63
N LEU AA 164 -16.47 25.91 99.42
CA LEU AA 164 -16.70 26.73 98.24
C LEU AA 164 -18.19 26.94 97.99
N GLN AA 165 -18.99 25.90 98.19
CA GLN AA 165 -20.45 26.05 98.08
C GLN AA 165 -20.98 27.00 99.15
N ASP AA 166 -20.44 26.92 100.37
CA ASP AA 166 -20.91 27.81 101.44
C ASP AA 166 -20.52 29.25 101.18
N ALA AA 167 -19.34 29.50 100.60
CA ALA AA 167 -18.94 30.86 100.27
C ALA AA 167 -19.79 31.42 99.14
N GLU AA 168 -20.09 30.58 98.14
CA GLU AA 168 -20.97 31.01 97.05
C GLU AA 168 -22.38 31.30 97.53
N LYS AA 169 -22.83 30.58 98.56
CA LYS AA 169 -24.12 30.94 99.15
C LYS AA 169 -24.04 32.23 99.95
N ASN AA 170 -22.97 32.42 100.73
CA ASN AA 170 -22.84 33.62 101.56
C ASN AA 170 -21.50 34.29 101.27
N MET AA 171 -21.51 35.12 100.22
CA MET AA 171 -20.44 36.08 99.92
C MET AA 171 -20.04 36.93 101.12
N LEU AA 172 -21.00 37.32 101.96
CA LEU AA 172 -20.73 38.25 103.06
C LEU AA 172 -19.91 37.61 104.16
N TRP AA 173 -20.11 36.32 104.41
CA TRP AA 173 -19.45 35.61 105.50
C TRP AA 173 -18.73 34.40 104.94
N TYR AA 174 -17.40 34.45 104.93
CA TYR AA 174 -16.59 33.42 104.31
C TYR AA 174 -15.45 33.05 105.26
N THR AA 175 -15.05 31.79 105.23
CA THR AA 175 -13.97 31.30 106.07
C THR AA 175 -12.97 30.57 105.19
N VAL AA 176 -11.69 30.87 105.38
CA VAL AA 176 -10.62 30.16 104.68
C VAL AA 176 -10.40 28.81 105.35
N TYR AA 177 -10.30 27.75 104.54
CA TYR AA 177 -10.25 26.40 105.10
C TYR AA 177 -8.91 26.10 105.75
N ASN AA 178 -7.82 26.71 105.26
CA ASN AA 178 -6.45 26.56 105.78
C ASN AA 178 -5.98 25.11 105.68
N ILE AA 179 -5.62 24.74 104.44
CA ILE AA 179 -5.21 23.38 104.07
C ILE AA 179 -4.06 22.87 104.93
N ASN AA 180 -2.96 23.62 105.00
CA ASN AA 180 -1.66 23.02 105.26
C ASN AA 180 -1.49 22.49 106.68
N ASP AA 181 -0.73 21.42 106.80
CA ASP AA 181 -0.49 20.67 108.03
C ASP AA 181 1.00 20.50 108.26
N PRO AA 182 1.43 20.34 109.52
CA PRO AA 182 2.85 20.06 109.77
C PRO AA 182 3.31 18.71 109.25
N TRP AA 183 2.41 17.73 109.17
CA TRP AA 183 2.74 16.47 108.51
C TRP AA 183 2.91 16.71 107.03
N ASP AA 184 4.00 16.19 106.46
CA ASP AA 184 4.23 16.29 105.03
C ASP AA 184 4.48 14.90 104.46
N GLU AA 185 3.39 14.17 104.23
CA GLU AA 185 3.43 13.08 103.27
C GLU AA 185 3.55 13.64 101.86
N ASN AA 186 2.83 14.72 101.61
CA ASN AA 186 2.98 15.52 100.41
C ASN AA 186 4.20 16.41 100.55
N GLY AA 187 4.68 16.91 99.40
CA GLY AA 187 5.72 17.93 99.42
C GLY AA 187 5.20 19.27 99.88
N TYR AA 188 6.09 20.07 100.46
CA TYR AA 188 5.68 21.38 100.95
C TYR AA 188 5.34 22.32 99.80
N LEU AA 189 6.07 22.22 98.69
CA LEU AA 189 5.86 23.14 97.58
C LEU AA 189 4.53 22.85 96.89
N VAL AA 190 4.15 21.58 96.81
CA VAL AA 190 2.85 21.27 96.25
C VAL AA 190 1.72 21.54 97.25
N THR AA 191 1.97 21.50 98.57
CA THR AA 191 0.95 22.02 99.49
C THR AA 191 0.76 23.51 99.32
N SER AA 192 1.84 24.24 99.04
CA SER AA 192 1.71 25.66 98.74
C SER AA 192 1.00 25.89 97.42
N ILE AA 193 1.16 24.97 96.46
CA ILE AA 193 0.37 25.04 95.23
C ILE AA 193 -1.12 24.85 95.54
N ASN AA 194 -1.44 23.91 96.44
CA ASN AA 194 -2.84 23.70 96.85
C ASN AA 194 -3.40 24.93 97.57
N LYS AA 195 -2.57 25.59 98.38
CA LYS AA 195 -2.91 26.90 98.98
C LYS AA 195 -3.30 27.90 97.90
N LEU AA 196 -2.46 28.02 96.86
CA LEU AA 196 -2.72 28.94 95.75
C LEU AA 196 -4.01 28.60 95.01
N VAL AA 197 -4.23 27.31 94.76
CA VAL AA 197 -5.38 26.88 93.97
C VAL AA 197 -6.69 27.15 94.71
N TYR AA 198 -6.73 26.75 95.99
CA TYR AA 198 -7.95 26.98 96.78
C TYR AA 198 -8.20 28.47 97.00
N LEU AA 199 -7.16 29.25 97.26
CA LEU AA 199 -7.39 30.68 97.45
C LEU AA 199 -7.81 31.36 96.15
N GLY AA 200 -7.32 30.86 95.01
CA GLY AA 200 -7.76 31.39 93.73
C GLY AA 200 -9.23 31.10 93.47
N LYS AA 201 -9.68 29.88 93.77
CA LYS AA 201 -11.09 29.57 93.59
C LYS AA 201 -11.96 30.37 94.53
N LEU AA 202 -11.49 30.60 95.76
CA LEU AA 202 -12.28 31.38 96.71
C LEU AA 202 -12.43 32.82 96.24
N PHE AA 203 -11.35 33.42 95.74
CA PHE AA 203 -11.40 34.80 95.27
C PHE AA 203 -12.31 34.96 94.06
N VAL AA 204 -12.18 34.06 93.08
CA VAL AA 204 -12.99 34.19 91.87
C VAL AA 204 -14.47 33.89 92.16
N THR AA 205 -14.76 32.97 93.10
CA THR AA 205 -16.14 32.64 93.43
C THR AA 205 -16.82 33.77 94.16
N LEU AA 206 -16.12 34.36 95.15
CA LEU AA 206 -16.71 35.46 95.91
C LEU AA 206 -16.95 36.68 95.03
N ASN AA 207 -16.02 36.99 94.12
CA ASN AA 207 -16.22 38.16 93.26
C ASN AA 207 -17.34 37.95 92.26
N GLN AA 208 -17.42 36.76 91.65
CA GLN AA 208 -18.49 36.52 90.69
C GLN AA 208 -19.86 36.50 91.34
N SER AA 209 -19.98 35.90 92.54
CA SER AA 209 -21.28 35.86 93.20
C SER AA 209 -21.68 37.24 93.69
N TRP AA 210 -20.71 38.05 94.13
CA TRP AA 210 -21.01 39.41 94.57
C TRP AA 210 -21.53 40.27 93.43
N SER AA 211 -20.81 40.26 92.29
CA SER AA 211 -21.25 41.07 91.17
C SER AA 211 -22.56 40.56 90.60
N LYS AA 212 -22.83 39.26 90.74
CA LYS AA 212 -24.12 38.71 90.32
C LYS AA 212 -25.26 39.29 91.14
N LEU AA 213 -25.14 39.26 92.48
CA LEU AA 213 -26.21 39.84 93.30
C LEU AA 213 -26.35 41.34 93.09
N GLU AA 214 -25.23 42.05 92.95
CA GLU AA 214 -25.26 43.49 92.79
C GLU AA 214 -25.92 43.90 91.48
N LYS AA 215 -25.60 43.20 90.40
CA LYS AA 215 -26.22 43.49 89.11
C LYS AA 215 -27.70 43.14 89.11
N VAL AA 216 -28.08 42.05 89.79
CA VAL AA 216 -29.51 41.69 89.87
C VAL AA 216 -30.29 42.75 90.64
N ALA AA 217 -29.73 43.22 91.76
CA ALA AA 217 -30.39 44.26 92.55
C ALA AA 217 -30.53 45.55 91.75
N MET AA 218 -29.50 45.93 90.99
CA MET AA 218 -29.58 47.13 90.16
C MET AA 218 -30.63 47.00 89.07
N SER AA 219 -30.71 45.83 88.43
CA SER AA 219 -31.71 45.64 87.38
C SER AA 219 -33.12 45.68 87.95
N GLN AA 220 -33.32 45.10 89.14
CA GLN AA 220 -34.64 45.15 89.77
C GLN AA 220 -35.01 46.56 90.19
N ILE AA 221 -34.03 47.36 90.62
CA ILE AA 221 -34.29 48.76 90.95
C ILE AA 221 -34.74 49.53 89.72
N VAL AA 222 -34.04 49.35 88.60
CA VAL AA 222 -34.40 50.07 87.37
C VAL AA 222 -35.77 49.62 86.85
N THR AA 223 -36.08 48.33 86.99
CA THR AA 223 -37.38 47.82 86.58
C THR AA 223 -38.51 48.42 87.42
N THR AA 224 -38.33 48.44 88.75
CA THR AA 224 -39.35 49.05 89.60
C THR AA 224 -39.46 50.55 89.41
N GLN AA 225 -38.36 51.23 89.04
CA GLN AA 225 -38.46 52.63 88.65
C GLN AA 225 -39.34 52.82 87.43
N ASN AA 226 -39.16 51.98 86.41
CA ASN AA 226 -39.94 52.13 85.19
C ASN AA 226 -41.42 51.85 85.44
N HIS AA 227 -41.73 50.79 86.20
CA HIS AA 227 -43.12 50.50 86.51
C HIS AA 227 -43.74 51.58 87.40
N LEU AA 228 -42.98 52.10 88.35
CA LEU AA 228 -43.55 53.07 89.28
C LEU AA 228 -43.74 54.43 88.63
N SER AA 229 -42.83 54.83 87.74
CA SER AA 229 -43.03 56.06 86.98
C SER AA 229 -44.18 55.94 86.00
N GLY AA 230 -44.30 54.78 85.32
CA GLY AA 230 -45.42 54.57 84.42
C GLY AA 230 -46.75 54.52 85.13
N HIS AA 231 -46.75 54.08 86.39
CA HIS AA 231 -47.98 54.12 87.17
C HIS AA 231 -48.28 55.52 87.69
N LEU AA 232 -47.28 56.32 88.03
CA LEU AA 232 -47.55 57.67 88.53
C LEU AA 232 -47.66 58.73 87.44
N ARG AA 233 -47.55 58.36 86.16
CA ARG AA 233 -47.40 59.35 85.09
C ARG AA 233 -48.61 60.27 84.92
N LYS AA 234 -49.82 59.79 85.21
CA LYS AA 234 -51.01 60.47 84.71
C LYS AA 234 -51.33 61.79 85.41
N ASN AA 235 -50.97 61.94 86.69
CA ASN AA 235 -51.46 63.06 87.48
C ASN AA 235 -50.64 64.31 87.21
N GLU AA 236 -51.29 65.47 87.38
CA GLU AA 236 -50.71 66.76 87.07
C GLU AA 236 -50.51 67.62 88.33
N ASN AA 237 -51.01 67.18 89.48
CA ASN AA 237 -50.83 67.89 90.74
C ASN AA 237 -49.35 67.95 91.10
N PHE AA 238 -48.96 69.01 91.83
CA PHE AA 238 -47.56 69.32 92.02
C PHE AA 238 -46.85 68.29 92.88
N ASN AA 239 -47.52 67.80 93.92
CA ASN AA 239 -46.98 66.71 94.73
C ASN AA 239 -46.71 65.48 93.87
N ALA AA 240 -47.64 65.17 92.97
CA ALA AA 240 -47.51 64.01 92.10
C ALA AA 240 -46.35 64.17 91.13
N VAL AA 241 -46.21 65.34 90.50
CA VAL AA 241 -45.14 65.48 89.52
C VAL AA 241 -43.79 65.61 90.21
N TYR AA 242 -43.73 66.15 91.43
CA TYR AA 242 -42.47 66.16 92.17
C TYR AA 242 -42.06 64.76 92.57
N SER AA 243 -43.02 63.94 92.98
CA SER AA 243 -42.73 62.52 93.23
C SER AA 243 -42.26 61.82 91.97
N GLN AA 244 -42.85 62.15 90.81
CA GLN AA 244 -42.39 61.57 89.54
C GLN AA 244 -40.95 61.96 89.24
N ARG AA 245 -40.56 63.19 89.54
CA ARG AA 245 -39.18 63.59 89.27
C ARG AA 245 -38.19 62.91 90.21
N VAL AA 246 -38.51 62.89 91.52
CA VAL AA 246 -37.65 62.23 92.51
C VAL AA 246 -37.46 60.76 92.18
N LEU AA 247 -38.54 60.12 91.78
CA LEU AA 247 -38.47 58.74 91.32
C LEU AA 247 -37.67 58.63 90.01
N GLN AA 248 -37.83 59.63 89.14
CA GLN AA 248 -37.27 59.62 87.81
C GLN AA 248 -35.76 59.83 87.81
N THR AA 249 -35.17 60.26 88.93
CA THR AA 249 -33.73 60.44 89.02
C THR AA 249 -32.97 59.13 88.72
N PRO AA 250 -31.91 59.19 87.91
CA PRO AA 250 -31.20 57.96 87.54
C PRO AA 250 -30.35 57.43 88.68
N LEU AA 251 -30.08 56.13 88.63
CA LEU AA 251 -29.34 55.46 89.68
C LEU AA 251 -28.18 54.64 89.12
N THR AA 252 -27.05 54.71 89.82
CA THR AA 252 -25.92 53.81 89.66
C THR AA 252 -25.60 53.22 91.02
N GLY AA 253 -24.55 52.39 91.05
CA GLY AA 253 -24.13 51.81 92.31
C GLY AA 253 -23.68 52.85 93.33
N GLN AA 254 -22.87 53.83 92.88
CA GLN AA 254 -22.39 54.86 93.78
C GLN AA 254 -23.52 55.80 94.21
N ARG AA 255 -24.54 55.93 93.37
CA ARG AA 255 -25.59 56.93 93.57
C ARG AA 255 -26.52 56.56 94.72
N VAL AA 256 -26.61 55.27 95.04
CA VAL AA 256 -27.76 54.75 95.79
C VAL AA 256 -27.73 55.19 97.26
N GLU AA 257 -26.53 55.41 97.83
CA GLU AA 257 -26.45 55.82 99.22
C GLU AA 257 -26.95 57.24 99.41
N SER AA 258 -26.46 58.15 98.57
CA SER AA 258 -26.97 59.51 98.55
C SER AA 258 -28.44 59.56 98.16
N PHE AA 259 -28.88 58.65 97.29
CA PHE AA 259 -30.29 58.63 96.90
C PHE AA 259 -31.17 58.15 98.05
N LEU AA 260 -30.68 57.23 98.86
CA LEU AA 260 -31.44 56.81 100.03
C LEU AA 260 -31.53 57.92 101.04
N LYS AA 261 -30.46 58.71 101.19
CA LYS AA 261 -30.53 59.90 102.04
C LYS AA 261 -31.47 60.95 101.47
N ILE AA 262 -31.61 61.02 100.15
CA ILE AA 262 -32.54 61.97 99.52
C ILE AA 262 -33.98 61.53 99.74
N ILE AA 263 -34.27 60.24 99.54
CA ILE AA 263 -35.63 59.77 99.66
C ILE AA 263 -36.05 59.70 101.11
N THR AA 264 -35.09 59.69 102.05
CA THR AA 264 -35.44 59.85 103.46
C THR AA 264 -36.01 61.24 103.72
N SER AA 265 -35.41 62.28 103.16
CA SER AA 265 -35.92 63.64 103.35
C SER AA 265 -37.19 63.89 102.57
N ASP AA 266 -37.29 63.36 101.35
CA ASP AA 266 -38.51 63.47 100.56
C ASP AA 266 -39.56 62.43 100.89
N TYR AA 267 -39.36 61.65 101.95
CA TYR AA 267 -40.38 60.67 102.33
C TYR AA 267 -41.69 61.33 102.77
N GLU AA 268 -41.62 62.50 103.40
CA GLU AA 268 -42.81 63.11 103.95
C GLU AA 268 -43.72 63.70 102.86
N ILE AA 269 -43.15 64.01 101.70
CA ILE AA 269 -43.94 64.57 100.62
C ILE AA 269 -44.47 63.50 99.66
N ILE AA 270 -43.73 62.41 99.43
CA ILE AA 270 -44.20 61.43 98.47
C ILE AA 270 -45.22 60.49 99.08
N LYS AA 271 -45.24 60.33 100.40
CA LYS AA 271 -46.30 59.55 101.02
C LYS AA 271 -47.65 60.25 100.89
N SER AA 272 -47.67 61.57 101.10
CA SER AA 272 -48.89 62.34 100.83
C SER AA 272 -49.18 62.43 99.34
N SER AA 273 -48.14 62.34 98.51
CA SER AA 273 -48.35 62.38 97.06
C SER AA 273 -49.00 61.12 96.54
N LEU AA 274 -48.66 59.97 97.11
CA LEU AA 274 -49.35 58.74 96.75
C LEU AA 274 -50.79 58.81 97.27
N GLU AA 275 -51.73 58.52 96.38
CA GLU AA 275 -53.15 58.79 96.58
C GLU AA 275 -53.77 58.03 97.75
N SER BA 7 -50.41 27.79 114.65
CA SER BA 7 -50.62 26.52 115.33
C SER BA 7 -51.05 25.45 114.34
N ILE BA 8 -50.16 25.19 113.38
CA ILE BA 8 -50.31 24.32 112.20
C ILE BA 8 -51.71 24.45 111.59
N PRO BA 9 -52.03 25.59 110.96
CA PRO BA 9 -53.43 25.86 110.61
C PRO BA 9 -53.90 25.14 109.35
N PHE BA 10 -55.05 24.48 109.46
CA PHE BA 10 -55.64 23.70 108.39
C PHE BA 10 -57.04 24.24 108.08
N ALA BA 11 -57.40 24.18 106.80
CA ALA BA 11 -58.45 25.02 106.22
C ALA BA 11 -59.86 24.79 106.76
N TRP BA 12 -60.47 23.64 106.47
CA TRP BA 12 -61.81 23.31 106.96
C TRP BA 12 -61.83 21.81 107.27
N LEU BA 13 -61.51 21.44 108.50
CA LEU BA 13 -61.40 20.03 108.84
C LEU BA 13 -62.03 19.77 110.20
N ASP BA 14 -62.29 18.49 110.45
CA ASP BA 14 -62.67 18.04 111.78
C ASP BA 14 -61.46 18.08 112.70
N ARG BA 15 -61.72 18.20 114.00
CA ARG BA 15 -60.62 18.15 114.96
C ARG BA 15 -59.99 16.76 115.00
N ASP BA 16 -60.77 15.72 114.69
CA ASP BA 16 -60.23 14.38 114.52
C ASP BA 16 -59.25 14.32 113.36
N LYS BA 17 -59.60 14.92 112.22
CA LYS BA 17 -58.75 14.85 111.04
C LYS BA 17 -57.51 15.72 111.21
N VAL BA 18 -57.66 16.87 111.89
CA VAL BA 18 -56.51 17.69 112.24
C VAL BA 18 -55.58 16.94 113.18
N GLN BA 19 -56.13 16.19 114.13
CA GLN BA 19 -55.30 15.38 115.01
C GLN BA 19 -54.62 14.24 114.25
N ARG BA 20 -55.30 13.69 113.24
CA ARG BA 20 -54.69 12.67 112.38
C ARG BA 20 -53.48 13.22 111.64
N LEU BA 21 -53.63 14.39 111.02
CA LEU BA 21 -52.54 14.98 110.25
C LEU BA 21 -51.39 15.42 111.15
N THR BA 22 -51.72 16.00 112.31
CA THR BA 22 -50.68 16.45 113.24
C THR BA 22 -49.94 15.27 113.84
N ASN BA 23 -50.65 14.18 114.16
CA ASN BA 23 -49.99 12.98 114.66
C ASN BA 23 -49.18 12.30 113.56
N PHE BA 24 -49.63 12.37 112.32
CA PHE BA 24 -48.87 11.82 111.19
C PHE BA 24 -47.55 12.56 111.01
N LEU BA 25 -47.59 13.88 111.06
CA LEU BA 25 -46.36 14.64 110.90
C LEU BA 25 -45.49 14.63 112.15
N SER BA 26 -46.06 14.33 113.32
CA SER BA 26 -45.23 14.17 114.52
C SER BA 26 -44.58 12.80 114.57
N ASN BA 27 -45.22 11.79 114.00
CA ASN BA 27 -44.68 10.44 113.98
C ASN BA 27 -44.28 9.99 112.58
N LEU BA 28 -43.93 10.94 111.70
CA LEU BA 28 -43.50 10.60 110.35
C LEU BA 28 -42.20 9.81 110.37
N GLU BA 29 -41.28 10.16 111.27
CA GLU BA 29 -40.02 9.44 111.36
C GLU BA 29 -40.17 8.06 111.96
N ASN BA 30 -41.27 7.78 112.65
CA ASN BA 30 -41.37 6.55 113.43
C ASN BA 30 -42.06 5.42 112.68
N LEU BA 31 -43.11 5.72 111.92
CA LEU BA 31 -43.82 4.65 111.23
C LEU BA 31 -43.02 4.20 110.01
N GLU BA 32 -43.27 2.96 109.61
CA GLU BA 32 -42.61 2.44 108.42
C GLU BA 32 -43.31 2.93 107.17
N ASN BA 33 -42.64 2.75 106.03
CA ASN BA 33 -43.08 3.18 104.69
C ASN BA 33 -43.39 4.67 104.67
N VAL BA 34 -42.33 5.46 104.87
CA VAL BA 34 -42.46 6.91 104.89
C VAL BA 34 -42.59 7.37 103.45
N ASP BA 35 -43.84 7.50 102.99
CA ASP BA 35 -44.14 7.90 101.63
C ASP BA 35 -45.62 8.28 101.61
N LEU BA 36 -45.92 9.48 101.12
CA LEU BA 36 -47.27 10.00 101.24
C LEU BA 36 -48.23 9.29 100.30
N ARG BA 37 -47.73 8.80 99.16
CA ARG BA 37 -48.59 8.07 98.23
C ARG BA 37 -49.00 6.70 98.76
N GLU BA 38 -48.30 6.18 99.77
CA GLU BA 38 -48.63 4.86 100.29
C GLU BA 38 -49.80 4.88 101.26
N HIS BA 39 -50.14 6.05 101.79
CA HIS BA 39 -51.19 6.14 102.79
C HIS BA 39 -52.46 6.68 102.15
N PRO BA 40 -53.50 5.87 101.97
CA PRO BA 40 -54.74 6.39 101.40
C PRO BA 40 -55.56 7.19 102.41
N TYR BA 41 -55.47 6.81 103.68
CA TYR BA 41 -56.28 7.43 104.72
C TYR BA 41 -55.85 8.86 105.02
N VAL BA 42 -54.60 9.22 104.74
CA VAL BA 42 -54.15 10.59 104.98
C VAL BA 42 -54.78 11.54 103.98
N THR BA 43 -54.70 11.20 102.70
CA THR BA 43 -55.32 12.02 101.66
C THR BA 43 -56.84 12.01 101.78
N ASN BA 44 -57.42 10.89 102.20
CA ASN BA 44 -58.87 10.81 102.39
C ASN BA 44 -59.32 11.46 103.69
N SER BA 45 -58.39 11.70 104.63
CA SER BA 45 -58.70 12.51 105.80
C SER BA 45 -58.45 13.99 105.55
N CYS BA 46 -57.70 14.30 104.49
CA CYS BA 46 -57.49 15.67 104.06
C CYS BA 46 -58.69 16.25 103.33
N VAL BA 47 -59.70 15.43 102.99
CA VAL BA 47 -60.86 15.89 102.24
C VAL BA 47 -61.72 16.79 103.13
N VAL BA 48 -62.50 17.66 102.50
CA VAL BA 48 -63.29 18.66 103.19
C VAL BA 48 -64.75 18.19 103.20
N ARG BA 49 -65.54 18.74 104.12
CA ARG BA 49 -66.96 18.39 104.26
C ARG BA 49 -67.79 18.88 103.06
N GLU BA 50 -69.09 18.58 103.14
CA GLU BA 50 -70.15 19.00 102.19
C GLU BA 50 -69.87 18.56 100.75
N GLY BA 51 -69.08 17.52 100.53
CA GLY BA 51 -69.01 16.90 99.23
C GLY BA 51 -68.20 17.66 98.18
N GLU BA 52 -68.49 17.31 96.92
CA GLU BA 52 -67.57 17.63 95.83
C GLU BA 52 -67.58 19.12 95.47
N ASP BA 53 -68.67 19.83 95.74
CA ASP BA 53 -68.73 21.27 95.44
C ASP BA 53 -67.75 22.05 96.31
N VAL BA 54 -67.67 21.68 97.59
CA VAL BA 54 -66.66 22.25 98.48
C VAL BA 54 -65.28 21.67 98.17
N ASP BA 55 -65.23 20.38 97.81
CA ASP BA 55 -63.97 19.68 97.62
C ASP BA 55 -63.20 20.20 96.42
N GLU BA 56 -63.90 20.54 95.33
CA GLU BA 56 -63.26 20.88 94.07
C GLU BA 56 -62.43 22.15 94.16
N LEU BA 57 -62.75 23.03 95.09
CA LEU BA 57 -61.91 24.19 95.36
C LEU BA 57 -61.04 24.05 96.60
N LYS BA 58 -61.47 23.28 97.61
CA LYS BA 58 -60.79 23.34 98.89
C LYS BA 58 -59.89 22.15 99.20
N THR BA 59 -60.13 20.98 98.60
CA THR BA 59 -59.18 19.88 98.75
C THR BA 59 -57.88 20.17 98.03
N LEU BA 60 -57.92 20.98 96.97
CA LEU BA 60 -56.70 21.36 96.26
C LEU BA 60 -55.80 22.19 97.17
N TYR BA 61 -56.36 23.19 97.84
CA TYR BA 61 -55.60 23.97 98.80
C TYR BA 61 -55.22 23.16 100.04
N ASN BA 62 -56.04 22.17 100.40
CA ASN BA 62 -55.73 21.39 101.59
C ASN BA 62 -54.56 20.44 101.34
N THR BA 63 -54.58 19.74 100.21
CA THR BA 63 -53.41 18.98 99.77
C THR BA 63 -52.22 19.89 99.51
N PHE BA 64 -52.46 21.12 99.07
CA PHE BA 64 -51.37 22.07 98.88
C PHE BA 64 -50.73 22.47 100.20
N ILE BA 65 -51.49 22.48 101.29
CA ILE BA 65 -50.84 22.66 102.58
C ILE BA 65 -50.09 21.39 102.97
N LEU BA 66 -50.70 20.22 102.72
CA LEU BA 66 -50.17 18.98 103.29
C LEU BA 66 -48.88 18.56 102.60
N TRP BA 67 -48.78 18.74 101.28
CA TRP BA 67 -47.53 18.43 100.59
C TRP BA 67 -46.40 19.36 101.01
N LEU BA 68 -46.70 20.65 101.22
CA LEU BA 68 -45.68 21.58 101.69
C LEU BA 68 -45.19 21.21 103.08
N MET BA 69 -46.11 20.85 103.98
CA MET BA 69 -45.67 20.52 105.33
C MET BA 69 -44.97 19.17 105.38
N TYR BA 70 -45.35 18.25 104.50
CA TYR BA 70 -44.61 17.00 104.33
C TYR BA 70 -43.18 17.26 103.90
N HIS BA 71 -43.00 18.13 102.88
CA HIS BA 71 -41.65 18.48 102.44
C HIS BA 71 -40.89 19.26 103.50
N TYR BA 72 -41.59 20.04 104.32
CA TYR BA 72 -40.93 20.83 105.35
C TYR BA 72 -40.40 19.95 106.47
N VAL BA 73 -41.22 19.02 106.97
CA VAL BA 73 -40.70 18.12 108.00
C VAL BA 73 -39.72 17.12 107.41
N LEU BA 74 -39.81 16.85 106.10
CA LEU BA 74 -38.83 16.03 105.42
C LEU BA 74 -37.46 16.69 105.46
N SER BA 75 -37.39 17.95 105.02
CA SER BA 75 -36.11 18.67 105.04
C SER BA 75 -35.66 19.01 106.45
N LYS BA 76 -36.58 19.07 107.41
CA LYS BA 76 -36.18 19.39 108.78
C LYS BA 76 -35.62 18.19 109.52
N ARG BA 77 -36.28 17.02 109.40
CA ARG BA 77 -35.92 15.85 110.17
C ARG BA 77 -34.88 14.97 109.50
N LYS BA 78 -34.05 15.53 108.62
CA LYS BA 78 -33.06 14.74 107.92
C LYS BA 78 -31.93 14.31 108.86
N PRO BA 79 -31.66 13.02 109.00
CA PRO BA 79 -30.49 12.61 109.78
C PRO BA 79 -29.22 12.86 108.99
N ASP BA 80 -28.12 13.05 109.71
CA ASP BA 80 -26.84 13.30 109.08
C ASP BA 80 -26.28 11.98 108.56
N TYR BA 81 -26.14 11.89 107.23
CA TYR BA 81 -25.61 10.69 106.60
C TYR BA 81 -24.09 10.67 106.56
N ASN BA 82 -23.44 11.63 107.20
CA ASN BA 82 -21.99 11.68 107.14
C ASN BA 82 -21.31 10.82 108.19
N ALA BA 83 -22.03 10.39 109.23
CA ALA BA 83 -21.45 9.47 110.20
C ALA BA 83 -21.20 8.10 109.57
N ILE BA 84 -22.13 7.65 108.72
CA ILE BA 84 -21.97 6.33 108.14
C ILE BA 84 -20.93 6.37 107.01
N TRP BA 85 -20.78 7.53 106.34
CA TRP BA 85 -19.69 7.65 105.38
C TRP BA 85 -18.36 7.86 106.09
N GLN BA 86 -18.38 8.40 107.31
CA GLN BA 86 -17.18 8.48 108.11
C GLN BA 86 -16.71 7.09 108.51
N ASP BA 87 -17.65 6.20 108.84
CA ASP BA 87 -17.28 4.81 109.09
C ASP BA 87 -16.80 4.10 107.82
N ILE BA 88 -17.39 4.45 106.67
CA ILE BA 88 -16.91 3.94 105.39
C ILE BA 88 -15.46 4.35 105.15
N THR BA 89 -15.15 5.63 105.36
CA THR BA 89 -13.78 6.11 105.18
C THR BA 89 -12.85 5.52 106.23
N LYS BA 90 -13.36 5.23 107.43
CA LYS BA 90 -12.55 4.60 108.45
C LYS BA 90 -12.11 3.21 108.01
N LEU BA 91 -13.07 2.35 107.64
CA LEU BA 91 -12.73 0.99 107.20
C LEU BA 91 -11.87 1.01 105.95
N GLN BA 92 -12.30 1.78 104.95
CA GLN BA 92 -11.64 2.04 103.68
C GLN BA 92 -10.20 2.48 103.83
N ASN BA 93 -9.99 3.68 104.39
CA ASN BA 93 -8.67 4.29 104.48
C ASN BA 93 -7.76 3.52 105.43
N VAL BA 94 -8.29 3.02 106.54
CA VAL BA 94 -7.42 2.36 107.51
C VAL BA 94 -6.98 1.00 107.01
N VAL BA 95 -7.85 0.20 106.41
CA VAL BA 95 -7.56 -1.20 106.20
C VAL BA 95 -7.30 -1.52 104.73
N ASN BA 96 -8.17 -1.04 103.84
CA ASN BA 96 -8.14 -1.53 102.48
C ASN BA 96 -6.96 -0.95 101.72
N GLU BA 97 -6.46 0.21 102.12
CA GLU BA 97 -5.23 0.73 101.53
C GLU BA 97 -4.01 0.07 102.15
N TYR BA 98 -4.02 -0.09 103.47
CA TYR BA 98 -2.82 -0.54 104.17
C TYR BA 98 -2.55 -2.02 103.91
N LEU BA 99 -3.58 -2.85 103.75
CA LEU BA 99 -3.31 -4.25 103.44
C LEU BA 99 -2.83 -4.41 102.00
N LYS BA 100 -3.30 -3.57 101.09
CA LYS BA 100 -2.73 -3.59 99.74
C LYS BA 100 -1.27 -3.17 99.74
N SER BA 101 -0.91 -2.19 100.58
CA SER BA 101 0.49 -1.80 100.70
C SER BA 101 1.33 -2.88 101.37
N LYS BA 102 0.76 -3.61 102.34
CA LYS BA 102 1.51 -4.67 103.01
C LYS BA 102 1.69 -5.88 102.12
N GLY BA 103 0.60 -6.37 101.52
CA GLY BA 103 0.60 -7.53 100.66
C GLY BA 103 0.97 -7.25 99.23
N LEU BA 104 1.43 -6.04 98.90
CA LEU BA 104 2.07 -5.69 97.63
C LEU BA 104 1.14 -5.88 96.45
N ASN BA 105 -0.13 -5.50 96.61
CA ASN BA 105 -1.09 -5.58 95.52
C ASN BA 105 -1.12 -4.24 94.76
N LYS BA 106 0.04 -3.57 94.77
CA LYS BA 106 0.40 -2.31 94.09
C LYS BA 106 -0.48 -1.11 94.47
N GLY BA 107 -1.30 -1.24 95.51
CA GLY BA 107 -2.14 -0.17 96.00
C GLY BA 107 -3.11 0.41 95.00
N ASN BA 108 -4.03 -0.41 94.49
CA ASN BA 108 -5.00 0.06 93.51
C ASN BA 108 -6.00 0.99 94.20
N PHE BA 109 -6.17 2.18 93.63
CA PHE BA 109 -6.85 3.29 94.30
C PHE BA 109 -8.26 3.51 93.74
N GLU BA 110 -9.10 2.48 93.89
CA GLU BA 110 -10.50 2.63 93.52
C GLU BA 110 -11.25 3.49 94.53
N ASN BA 111 -10.85 3.38 95.79
CA ASN BA 111 -11.42 4.25 96.81
C ASN BA 111 -11.00 5.69 96.60
N MET BA 112 -9.74 5.90 96.24
CA MET BA 112 -9.27 7.24 95.84
C MET BA 112 -9.81 7.65 94.47
N PHE BA 113 -10.42 6.72 93.72
CA PHE BA 113 -11.16 7.10 92.52
C PHE BA 113 -12.52 7.67 92.89
N THR BA 114 -13.16 7.12 93.93
CA THR BA 114 -14.40 7.73 94.42
C THR BA 114 -14.15 9.11 95.05
N ASN BA 115 -13.17 9.19 95.98
CA ASN BA 115 -12.72 10.41 96.66
C ASN BA 115 -13.72 11.09 97.58
N LYS BA 116 -15.01 10.74 97.50
CA LYS BA 116 -16.08 11.67 97.88
C LYS BA 116 -17.40 10.92 97.95
N GLU BA 117 -18.34 11.46 98.74
CA GLU BA 117 -19.74 11.06 98.64
C GLU BA 117 -20.51 11.92 97.64
N LYS BA 118 -19.88 12.19 96.50
CA LYS BA 118 -20.53 12.84 95.38
C LYS BA 118 -20.80 11.85 94.27
N PHE BA 119 -20.10 10.71 94.27
CA PHE BA 119 -20.32 9.66 93.30
C PHE BA 119 -21.19 8.59 93.95
N GLU BA 120 -22.50 8.78 93.83
CA GLU BA 120 -23.45 7.72 94.12
C GLU BA 120 -23.39 6.65 93.04
N SER BA 121 -22.96 7.00 91.84
CA SER BA 121 -22.50 6.03 90.86
C SER BA 121 -21.07 5.61 91.17
N GLN BA 122 -20.55 4.69 90.35
CA GLN BA 122 -19.23 4.06 90.49
C GLN BA 122 -19.05 3.33 91.81
N PHE BA 123 -20.13 2.87 92.42
CA PHE BA 123 -20.00 2.09 93.63
C PHE BA 123 -20.06 0.60 93.36
N SER BA 124 -20.85 0.18 92.36
CA SER BA 124 -21.09 -1.25 92.14
C SER BA 124 -19.86 -1.96 91.58
N ASP BA 125 -19.10 -1.27 90.73
CA ASP BA 125 -17.85 -1.85 90.25
C ASP BA 125 -16.84 -2.01 91.38
N ILE BA 126 -16.84 -1.08 92.32
CA ILE BA 126 -15.95 -1.19 93.47
C ILE BA 126 -16.41 -2.30 94.40
N HIS BA 127 -17.72 -2.51 94.52
CA HIS BA 127 -18.18 -3.66 95.29
C HIS BA 127 -17.83 -4.98 94.61
N ARG BA 128 -17.82 -5.03 93.28
CA ARG BA 128 -17.40 -6.28 92.61
C ARG BA 128 -15.92 -6.51 92.78
N ALA BA 129 -15.12 -5.44 92.76
CA ALA BA 129 -13.70 -5.55 93.05
C ALA BA 129 -13.46 -5.97 94.49
N LEU BA 130 -14.31 -5.51 95.40
CA LEU BA 130 -14.22 -5.96 96.78
C LEU BA 130 -14.66 -7.41 96.94
N LEU BA 131 -15.60 -7.88 96.13
CA LEU BA 131 -15.91 -9.30 96.11
C LEU BA 131 -14.71 -10.12 95.69
N ARG BA 132 -13.99 -9.65 94.67
CA ARG BA 132 -12.78 -10.34 94.24
C ARG BA 132 -11.68 -10.29 95.31
N LEU BA 133 -11.55 -9.16 96.01
CA LEU BA 133 -10.58 -9.07 97.08
C LEU BA 133 -10.92 -9.97 98.25
N GLY BA 134 -12.20 -9.99 98.66
CA GLY BA 134 -12.59 -10.82 99.78
C GLY BA 134 -12.46 -12.30 99.49
N ASN BA 135 -12.79 -12.70 98.27
CA ASN BA 135 -12.61 -14.09 97.88
C ASN BA 135 -11.12 -14.42 97.74
N SER BA 136 -10.30 -13.45 97.35
CA SER BA 136 -8.87 -13.68 97.26
C SER BA 136 -8.22 -13.85 98.63
N ILE BA 137 -8.68 -13.08 99.61
CA ILE BA 137 -8.04 -13.14 100.92
C ILE BA 137 -8.60 -14.29 101.72
N ARG BA 138 -9.83 -14.73 101.43
CA ARG BA 138 -10.30 -15.95 102.07
C ARG BA 138 -9.71 -17.20 101.40
N TRP BA 139 -9.54 -17.20 100.07
CA TRP BA 139 -8.99 -18.38 99.41
C TRP BA 139 -8.04 -17.95 98.28
N GLY BA 140 -6.96 -18.70 98.12
CA GLY BA 140 -6.00 -18.43 97.06
C GLY BA 140 -6.42 -18.90 95.68
N SER BA 141 -7.62 -19.44 95.51
CA SER BA 141 -8.02 -19.98 94.23
C SER BA 141 -8.41 -18.88 93.22
N ASN BA 142 -8.96 -17.80 93.72
CA ASN BA 142 -9.29 -16.67 92.87
C ASN BA 142 -10.18 -17.08 91.72
N VAL BA 143 -11.09 -18.02 91.97
CA VAL BA 143 -12.01 -18.42 90.94
C VAL BA 143 -13.03 -17.32 91.10
N PRO BA 144 -13.23 -16.50 90.07
CA PRO BA 144 -14.20 -15.45 90.45
C PRO BA 144 -15.67 -15.87 90.59
N ILE BA 145 -16.20 -15.74 91.81
CA ILE BA 145 -17.47 -16.36 92.17
C ILE BA 145 -18.52 -15.28 92.33
N ASP BA 146 -19.76 -15.69 92.63
CA ASP BA 146 -20.92 -14.81 92.48
C ASP BA 146 -21.68 -14.66 93.80
N THR BA 147 -20.97 -14.50 94.90
CA THR BA 147 -21.64 -14.21 96.16
C THR BA 147 -22.14 -12.76 96.18
N PRO BA 148 -23.26 -12.50 96.87
CA PRO BA 148 -23.69 -11.10 97.01
C PRO BA 148 -22.86 -10.36 98.04
N TYR BA 149 -22.43 -11.06 99.08
CA TYR BA 149 -21.56 -10.51 100.12
C TYR BA 149 -20.35 -11.40 100.29
N VAL BA 150 -19.22 -10.78 100.59
CA VAL BA 150 -17.93 -11.46 100.62
C VAL BA 150 -17.80 -12.42 101.79
N ASN BA 151 -18.68 -12.27 102.76
CA ASN BA 151 -18.66 -13.07 103.99
C ASN BA 151 -18.83 -14.57 103.79
N LEU BA 152 -19.68 -14.93 102.82
CA LEU BA 152 -20.06 -16.29 102.44
C LEU BA 152 -20.97 -16.81 103.55
N THR BA 153 -21.38 -15.85 104.37
CA THR BA 153 -22.30 -16.07 105.48
C THR BA 153 -23.72 -15.87 104.97
N ALA BA 154 -24.52 -16.93 104.99
CA ALA BA 154 -25.88 -16.89 104.48
C ALA BA 154 -26.93 -16.92 105.57
N GLU BA 155 -26.53 -17.06 106.83
CA GLU BA 155 -27.50 -17.01 107.91
C GLU BA 155 -27.97 -15.59 108.23
N ASP BA 156 -27.21 -14.57 107.81
CA ASP BA 156 -27.57 -13.19 108.06
C ASP BA 156 -27.67 -12.35 106.79
N SER BA 157 -27.51 -12.93 105.61
CA SER BA 157 -27.74 -12.20 104.38
C SER BA 157 -29.20 -11.81 104.24
N SER BA 158 -30.11 -12.69 104.69
CA SER BA 158 -31.53 -12.36 104.69
C SER BA 158 -31.82 -11.22 105.67
N GLU BA 159 -31.14 -11.19 106.81
CA GLU BA 159 -31.32 -10.12 107.77
C GLU BA 159 -30.77 -8.81 107.23
N ILE BA 160 -29.66 -8.86 106.49
CA ILE BA 160 -29.11 -7.66 105.86
C ILE BA 160 -30.05 -7.14 104.77
N GLU BA 161 -30.67 -8.04 104.01
CA GLU BA 161 -31.63 -7.61 102.99
C GLU BA 161 -32.89 -7.04 103.63
N ASN BA 162 -33.33 -7.61 104.75
CA ASN BA 162 -34.44 -7.03 105.51
C ASN BA 162 -34.07 -5.64 106.02
N ASN BA 163 -32.82 -5.46 106.46
CA ASN BA 163 -32.37 -4.16 106.93
C ASN BA 163 -32.31 -3.14 105.80
N LEU BA 164 -31.92 -3.57 104.61
CA LEU BA 164 -31.86 -2.64 103.48
C LEU BA 164 -33.26 -2.27 103.00
N GLN BA 165 -34.20 -3.22 103.05
CA GLN BA 165 -35.59 -2.86 102.73
C GLN BA 165 -36.19 -1.95 103.79
N ASP BA 166 -35.80 -2.12 105.06
CA ASP BA 166 -36.22 -1.19 106.10
C ASP BA 166 -35.61 0.19 105.90
N ALA BA 167 -34.40 0.26 105.37
CA ALA BA 167 -33.82 1.55 105.02
C ALA BA 167 -34.58 2.21 103.89
N GLU BA 168 -34.95 1.43 102.87
CA GLU BA 168 -35.78 1.94 101.76
C GLU BA 168 -37.12 2.44 102.24
N LYS BA 169 -37.73 1.75 103.22
CA LYS BA 169 -39.02 2.21 103.72
C LYS BA 169 -38.87 3.43 104.61
N ASN BA 170 -37.95 3.39 105.57
CA ASN BA 170 -37.75 4.48 106.52
C ASN BA 170 -36.28 4.88 106.47
N MET BA 171 -35.95 5.74 105.51
CA MET BA 171 -34.69 6.46 105.48
C MET BA 171 -34.56 7.52 106.57
N LEU BA 172 -35.64 7.85 107.27
CA LEU BA 172 -35.52 8.80 108.37
C LEU BA 172 -34.98 8.15 109.64
N TRP BA 173 -35.29 6.87 109.86
CA TRP BA 173 -34.83 6.15 111.03
C TRP BA 173 -34.26 4.80 110.61
N TYR BA 174 -32.96 4.61 110.80
CA TYR BA 174 -32.25 3.45 110.28
C TYR BA 174 -31.42 2.80 111.38
N THR BA 175 -31.08 1.53 111.15
CA THR BA 175 -30.15 0.80 112.00
C THR BA 175 -29.05 0.19 111.13
N VAL BA 176 -27.91 -0.07 111.76
CA VAL BA 176 -26.75 -0.64 111.09
C VAL BA 176 -26.44 -1.98 111.74
N TYR BA 177 -26.17 -2.99 110.91
CA TYR BA 177 -26.12 -4.38 111.35
C TYR BA 177 -24.65 -4.81 111.47
N ASN BA 178 -24.20 -5.01 112.70
CA ASN BA 178 -22.82 -5.42 112.99
C ASN BA 178 -22.51 -6.86 112.60
N ILE BA 179 -21.31 -7.31 112.92
CA ILE BA 179 -20.84 -8.63 112.51
C ILE BA 179 -20.51 -9.51 113.72
N ASN BA 180 -20.58 -10.80 113.49
CA ASN BA 180 -20.33 -11.82 114.48
C ASN BA 180 -18.85 -12.22 114.51
N ASP BA 181 -18.46 -12.88 115.61
CA ASP BA 181 -17.07 -13.38 115.81
C ASP BA 181 -16.70 -14.84 116.29
N PRO BA 182 -17.54 -15.88 116.07
CA PRO BA 182 -17.10 -17.20 116.61
C PRO BA 182 -15.78 -17.70 115.99
N TRP BA 183 -15.75 -17.65 114.66
CA TRP BA 183 -14.58 -17.79 113.80
C TRP BA 183 -14.81 -16.91 112.59
N ASP BA 184 -13.87 -16.03 112.32
CA ASP BA 184 -14.01 -15.09 111.22
C ASP BA 184 -13.33 -15.63 109.97
N GLU BA 185 -13.98 -15.43 108.83
CA GLU BA 185 -13.33 -15.72 107.56
C GLU BA 185 -12.17 -14.78 107.34
N ASN BA 186 -12.44 -13.49 107.31
CA ASN BA 186 -11.43 -12.45 107.25
C ASN BA 186 -11.18 -11.98 108.67
N GLY BA 187 -9.92 -11.92 109.07
CA GLY BA 187 -9.55 -11.70 110.47
C GLY BA 187 -9.98 -10.35 110.98
N TYR BA 188 -9.35 -9.29 110.49
CA TYR BA 188 -9.91 -7.96 110.67
C TYR BA 188 -10.56 -7.45 109.39
N LEU BA 189 -10.34 -8.13 108.27
CA LEU BA 189 -10.81 -7.61 107.00
C LEU BA 189 -12.28 -7.85 106.77
N VAL BA 190 -12.99 -8.52 107.69
CA VAL BA 190 -14.41 -8.71 107.50
C VAL BA 190 -15.11 -7.37 107.60
N THR BA 191 -14.57 -6.46 108.41
CA THR BA 191 -14.95 -5.07 108.43
C THR BA 191 -14.79 -4.45 107.04
N SER BA 192 -13.57 -4.27 106.55
CA SER BA 192 -13.45 -3.64 105.24
C SER BA 192 -14.15 -4.38 104.07
N ILE BA 193 -13.97 -5.70 103.99
CA ILE BA 193 -14.57 -6.51 102.91
C ILE BA 193 -16.10 -6.68 102.88
N ASN BA 194 -16.68 -6.87 104.05
CA ASN BA 194 -18.11 -7.13 104.25
C ASN BA 194 -18.85 -5.90 104.73
N LYS BA 195 -18.37 -5.30 105.84
CA LYS BA 195 -18.98 -4.08 106.36
C LYS BA 195 -18.84 -2.92 105.38
N LEU BA 196 -17.77 -2.90 104.58
CA LEU BA 196 -17.63 -1.84 103.61
C LEU BA 196 -18.65 -1.97 102.48
N VAL BA 197 -18.90 -3.20 102.02
CA VAL BA 197 -19.94 -3.43 101.02
C VAL BA 197 -21.31 -3.09 101.57
N TYR BA 198 -21.60 -3.53 102.80
CA TYR BA 198 -22.90 -3.27 103.41
C TYR BA 198 -23.13 -1.79 103.67
N LEU BA 199 -22.15 -1.09 104.24
CA LEU BA 199 -22.30 0.34 104.49
C LEU BA 199 -22.36 1.14 103.21
N GLY BA 200 -21.68 0.69 102.15
CA GLY BA 200 -21.77 1.39 100.88
C GLY BA 200 -23.14 1.27 100.25
N LYS BA 201 -23.69 0.06 100.25
CA LYS BA 201 -25.05 -0.14 99.73
C LYS BA 201 -26.08 0.59 100.57
N LEU BA 202 -25.88 0.61 101.90
CA LEU BA 202 -26.76 1.34 102.80
C LEU BA 202 -26.74 2.83 102.51
N PHE BA 203 -25.55 3.40 102.34
CA PHE BA 203 -25.40 4.83 102.13
C PHE BA 203 -26.01 5.26 100.81
N VAL BA 204 -25.71 4.52 99.73
CA VAL BA 204 -26.25 4.90 98.43
C VAL BA 204 -27.75 4.66 98.38
N THR BA 205 -28.26 3.69 99.15
CA THR BA 205 -29.69 3.42 99.15
C THR BA 205 -30.44 4.50 99.92
N LEU BA 206 -29.87 4.97 101.03
CA LEU BA 206 -30.48 6.08 101.77
C LEU BA 206 -30.52 7.35 100.94
N ASN BA 207 -29.42 7.65 100.22
CA ASN BA 207 -29.41 8.88 99.42
C ASN BA 207 -30.36 8.79 98.22
N GLN BA 208 -30.46 7.61 97.59
CA GLN BA 208 -31.39 7.48 96.47
C GLN BA 208 -32.85 7.57 96.92
N SER BA 209 -33.17 6.97 98.08
CA SER BA 209 -34.53 7.09 98.61
C SER BA 209 -34.85 8.53 99.00
N TRP BA 210 -33.86 9.25 99.53
CA TRP BA 210 -34.04 10.64 99.93
C TRP BA 210 -34.32 11.54 98.73
N SER BA 211 -33.49 11.42 97.70
CA SER BA 211 -33.69 12.21 96.49
C SER BA 211 -35.01 11.85 95.81
N LYS BA 212 -35.41 10.58 95.87
CA LYS BA 212 -36.69 10.14 95.32
C LYS BA 212 -37.86 10.84 96.00
N LEU BA 213 -37.89 10.80 97.35
CA LEU BA 213 -39.02 11.40 98.06
C LEU BA 213 -39.05 12.91 97.91
N GLU BA 214 -37.87 13.55 97.91
CA GLU BA 214 -37.83 15.01 97.82
C GLU BA 214 -38.23 15.49 96.44
N LYS BA 215 -37.82 14.77 95.39
CA LYS BA 215 -38.22 15.12 94.03
C LYS BA 215 -39.73 14.91 93.83
N VAL BA 216 -40.28 13.82 94.38
CA VAL BA 216 -41.72 13.58 94.28
C VAL BA 216 -42.51 14.66 95.00
N ALA BA 217 -42.04 15.07 96.19
CA ALA BA 217 -42.73 16.13 96.94
C ALA BA 217 -42.72 17.45 96.17
N MET BA 218 -41.59 17.81 95.55
CA MET BA 218 -41.55 19.06 94.80
C MET BA 218 -42.43 19.01 93.55
N SER BA 219 -42.45 17.88 92.84
CA SER BA 219 -43.29 17.78 91.66
C SER BA 219 -44.78 17.86 92.00
N GLN BA 220 -45.17 17.25 93.13
CA GLN BA 220 -46.57 17.34 93.55
C GLN BA 220 -46.94 18.75 94.01
N ILE BA 221 -46.01 19.46 94.64
CA ILE BA 221 -46.28 20.84 95.03
C ILE BA 221 -46.47 21.74 93.81
N VAL BA 222 -45.63 21.54 92.77
CA VAL BA 222 -45.79 22.32 91.53
C VAL BA 222 -47.13 21.99 90.85
N THR BA 223 -47.54 20.72 90.90
CA THR BA 223 -48.81 20.32 90.30
C THR BA 223 -49.99 20.94 91.04
N THR BA 224 -49.94 20.96 92.38
CA THR BA 224 -51.03 21.59 93.13
C THR BA 224 -51.05 23.09 92.96
N GLN BA 225 -49.88 23.73 92.76
CA GLN BA 225 -49.86 25.15 92.39
C GLN BA 225 -50.57 25.40 91.08
N ASN BA 226 -50.30 24.55 90.08
CA ASN BA 226 -50.91 24.75 88.76
C ASN BA 226 -52.42 24.58 88.82
N HIS BA 227 -52.89 23.52 89.50
CA HIS BA 227 -54.34 23.31 89.62
C HIS BA 227 -55.01 24.40 90.45
N LEU BA 228 -54.39 24.81 91.56
CA LEU BA 228 -55.03 25.74 92.47
C LEU BA 228 -55.07 27.14 91.88
N SER BA 229 -54.00 27.56 91.19
CA SER BA 229 -54.05 28.85 90.51
C SER BA 229 -54.96 28.81 89.29
N GLY BA 230 -55.07 27.66 88.62
CA GLY BA 230 -56.01 27.54 87.52
C GLY BA 230 -57.46 27.69 87.96
N HIS BA 231 -57.77 27.21 89.17
CA HIS BA 231 -59.13 27.39 89.65
C HIS BA 231 -59.38 28.75 90.30
N LEU BA 232 -58.36 29.35 90.91
CA LEU BA 232 -58.55 30.69 91.46
C LEU BA 232 -58.29 31.80 90.45
N ARG BA 233 -58.02 31.47 89.19
CA ARG BA 233 -57.82 32.49 88.16
C ARG BA 233 -59.10 33.29 87.87
N LYS BA 234 -60.27 32.69 88.11
CA LYS BA 234 -61.52 33.28 87.64
C LYS BA 234 -61.93 34.52 88.43
N ASN BA 235 -61.70 34.52 89.74
CA ASN BA 235 -62.23 35.57 90.59
C ASN BA 235 -61.39 36.84 90.47
N GLU BA 236 -62.06 37.97 90.26
CA GLU BA 236 -61.40 39.25 90.01
C GLU BA 236 -61.51 40.22 91.19
N ASN BA 237 -61.90 39.75 92.38
CA ASN BA 237 -61.97 40.62 93.54
C ASN BA 237 -60.56 40.98 94.02
N PHE BA 238 -60.48 42.02 94.84
CA PHE BA 238 -59.18 42.58 95.24
C PHE BA 238 -58.40 41.62 96.13
N ASN BA 239 -59.04 41.11 97.18
CA ASN BA 239 -58.39 40.10 98.00
C ASN BA 239 -58.28 38.77 97.27
N ALA BA 240 -59.11 38.54 96.25
CA ALA BA 240 -58.99 37.33 95.43
C ALA BA 240 -57.71 37.35 94.60
N VAL BA 241 -57.42 38.46 93.94
CA VAL BA 241 -56.15 38.54 93.21
C VAL BA 241 -54.97 38.73 94.16
N TYR BA 242 -55.20 39.22 95.38
CA TYR BA 242 -54.15 39.15 96.41
C TYR BA 242 -53.81 37.69 96.75
N SER BA 243 -54.84 36.86 96.91
CA SER BA 243 -54.61 35.44 97.15
C SER BA 243 -53.98 34.77 95.94
N GLN BA 244 -54.30 35.25 94.73
CA GLN BA 244 -53.62 34.76 93.53
C GLN BA 244 -52.13 35.09 93.56
N ARG BA 245 -51.79 36.32 93.96
CA ARG BA 245 -50.38 36.71 94.01
C ARG BA 245 -49.64 35.99 95.13
N VAL BA 246 -50.32 35.64 96.21
CA VAL BA 246 -49.68 34.85 97.25
C VAL BA 246 -49.47 33.41 96.79
N LEU BA 247 -50.50 32.81 96.20
CA LEU BA 247 -50.48 31.39 95.89
C LEU BA 247 -49.86 31.05 94.54
N GLN BA 248 -49.52 32.06 93.73
CA GLN BA 248 -48.94 31.83 92.41
C GLN BA 248 -47.41 31.78 92.44
N THR BA 249 -46.80 32.06 93.59
CA THR BA 249 -45.35 32.20 93.69
C THR BA 249 -44.62 30.89 93.42
N PRO BA 250 -43.75 30.82 92.42
CA PRO BA 250 -43.08 29.56 92.10
C PRO BA 250 -42.07 29.18 93.17
N LEU BA 251 -41.96 27.88 93.43
CA LEU BA 251 -41.24 27.40 94.60
C LEU BA 251 -40.16 26.39 94.22
N THR BA 252 -39.01 26.54 94.86
CA THR BA 252 -37.98 25.52 94.94
C THR BA 252 -37.88 25.10 96.40
N GLY BA 253 -37.49 23.85 96.64
CA GLY BA 253 -37.31 23.23 97.95
C GLY BA 253 -36.61 24.05 99.00
N GLN BA 254 -35.68 24.89 98.55
CA GLN BA 254 -35.00 25.81 99.44
C GLN BA 254 -35.94 26.88 99.99
N ARG BA 255 -36.98 27.26 99.23
CA ARG BA 255 -37.85 28.39 99.58
C ARG BA 255 -39.08 27.99 100.38
N VAL BA 256 -39.31 26.70 100.58
CA VAL BA 256 -40.60 26.23 101.08
C VAL BA 256 -40.80 26.60 102.55
N GLU BA 257 -39.71 26.77 103.30
CA GLU BA 257 -39.82 27.13 104.71
C GLU BA 257 -40.32 28.55 104.85
N SER BA 258 -39.75 29.46 104.07
CA SER BA 258 -40.22 30.84 104.02
C SER BA 258 -41.63 30.93 103.45
N PHE BA 259 -41.97 30.06 102.50
CA PHE BA 259 -43.33 30.11 101.95
C PHE BA 259 -44.36 29.61 102.95
N LEU BA 260 -43.99 28.64 103.78
CA LEU BA 260 -44.86 28.24 104.87
C LEU BA 260 -45.01 29.35 105.90
N LYS BA 261 -43.93 30.11 106.14
CA LYS BA 261 -44.04 31.28 107.00
C LYS BA 261 -44.88 32.38 106.37
N ILE BA 262 -44.92 32.43 105.04
CA ILE BA 262 -45.85 33.35 104.37
C ILE BA 262 -47.29 32.92 104.61
N ILE BA 263 -47.59 31.64 104.36
CA ILE BA 263 -48.98 31.21 104.32
C ILE BA 263 -49.55 31.08 105.73
N THR BA 264 -48.70 31.00 106.76
CA THR BA 264 -49.19 31.11 108.13
C THR BA 264 -49.80 32.48 108.38
N SER BA 265 -49.12 33.55 107.96
CA SER BA 265 -49.64 34.89 108.16
C SER BA 265 -50.79 35.22 107.20
N ASP BA 266 -50.69 34.80 105.94
CA ASP BA 266 -51.75 35.05 104.97
C ASP BA 266 -52.91 34.06 105.06
N TYR BA 267 -52.86 33.14 106.02
CA TYR BA 267 -53.92 32.14 106.20
C TYR BA 267 -55.27 32.79 106.52
N GLU BA 268 -55.26 33.91 107.23
CA GLU BA 268 -56.52 34.50 107.69
C GLU BA 268 -57.31 35.14 106.55
N ILE BA 269 -56.62 35.67 105.53
CA ILE BA 269 -57.32 36.36 104.45
C ILE BA 269 -57.59 35.46 103.25
N ILE BA 270 -56.76 34.43 103.00
CA ILE BA 270 -57.07 33.55 101.87
C ILE BA 270 -58.17 32.58 102.24
N LYS BA 271 -58.37 32.30 103.53
CA LYS BA 271 -59.54 31.54 103.97
C LYS BA 271 -60.82 32.32 103.69
N SER BA 272 -60.78 33.63 103.86
CA SER BA 272 -61.91 34.47 103.46
C SER BA 272 -62.03 34.60 101.95
N SER BA 273 -60.89 34.58 101.24
CA SER BA 273 -60.89 34.73 99.79
C SER BA 273 -61.44 33.50 99.10
N LEU BA 274 -61.26 32.33 99.69
CA LEU BA 274 -61.94 31.14 99.21
C LEU BA 274 -63.44 31.28 99.46
N GLU BA 275 -64.23 30.83 98.49
CA GLU BA 275 -65.68 31.02 98.52
C GLU BA 275 -66.34 30.18 99.62
N LYS CA 23 -81.91 104.56 -18.36
CA LYS CA 23 -82.42 103.30 -18.87
C LYS CA 23 -81.38 102.57 -19.70
N GLU CA 24 -80.77 103.29 -20.65
CA GLU CA 24 -79.77 102.71 -21.53
C GLU CA 24 -78.57 102.21 -20.77
N GLU CA 25 -78.10 102.99 -19.79
CA GLU CA 25 -76.96 102.55 -19.00
C GLU CA 25 -77.43 102.08 -17.62
N GLU CA 26 -77.54 100.76 -17.47
CA GLU CA 26 -77.94 100.09 -16.24
C GLU CA 26 -77.70 98.61 -16.43
N LYS CA 27 -77.99 98.14 -17.64
CA LYS CA 27 -77.81 96.74 -18.00
C LYS CA 27 -76.35 96.33 -17.94
N LYS CA 28 -75.47 97.22 -18.40
CA LYS CA 28 -74.04 96.92 -18.41
C LYS CA 28 -73.50 96.87 -16.98
N LYS CA 29 -73.88 97.84 -16.15
CA LYS CA 29 -73.47 97.84 -14.75
C LYS CA 29 -73.89 96.56 -14.05
N GLN CA 30 -75.16 96.16 -14.22
CA GLN CA 30 -75.66 94.98 -13.53
C GLN CA 30 -75.01 93.70 -14.07
N GLN CA 31 -74.78 93.65 -15.38
CA GLN CA 31 -74.11 92.48 -15.96
C GLN CA 31 -72.68 92.36 -15.43
N MET CA 32 -71.97 93.47 -15.33
CA MET CA 32 -70.63 93.42 -14.75
C MET CA 32 -70.68 93.05 -13.27
N LEU CA 33 -71.73 93.48 -12.57
CA LEU CA 33 -71.86 93.11 -11.17
C LEU CA 33 -72.04 91.61 -11.00
N THR CA 34 -72.83 90.99 -11.87
CA THR CA 34 -73.00 89.54 -11.78
C THR CA 34 -71.76 88.81 -12.30
N GLY CA 35 -71.02 89.43 -13.21
CA GLY CA 35 -69.81 88.79 -13.72
C GLY CA 35 -68.67 88.83 -12.72
N VAL CA 36 -68.57 89.91 -11.95
CA VAL CA 36 -67.51 90.04 -10.95
C VAL CA 36 -67.57 88.89 -9.97
N LEU CA 37 -68.69 88.75 -9.27
CA LEU CA 37 -68.84 87.70 -8.28
C LEU CA 37 -70.22 87.06 -8.31
N GLY CA 38 -71.17 87.67 -9.00
CA GLY CA 38 -72.56 87.38 -8.70
C GLY CA 38 -73.02 88.05 -7.44
N LEU CA 39 -72.46 89.22 -7.13
CA LEU CA 39 -72.81 89.96 -5.93
C LEU CA 39 -74.30 90.25 -5.89
N GLN CA 40 -74.84 90.29 -4.70
CA GLN CA 40 -76.24 90.63 -4.52
C GLN CA 40 -76.43 92.13 -4.52
N PRO CA 41 -77.61 92.61 -4.94
CA PRO CA 41 -77.87 94.06 -4.96
C PRO CA 41 -77.61 94.71 -3.61
N THR CA 42 -77.81 93.95 -2.54
CA THR CA 42 -77.49 94.45 -1.21
C THR CA 42 -76.03 94.89 -1.12
N MET CA 43 -75.14 94.16 -1.79
CA MET CA 43 -73.74 94.58 -1.82
C MET CA 43 -73.50 95.60 -2.92
N ALA CA 44 -74.37 95.63 -3.93
CA ALA CA 44 -74.27 96.67 -4.94
C ALA CA 44 -74.52 98.04 -4.33
N ASN CA 45 -75.32 98.10 -3.27
CA ASN CA 45 -75.60 99.38 -2.61
C ASN CA 45 -74.44 99.86 -1.76
N HIS CA 46 -73.44 99.02 -1.53
CA HIS CA 46 -72.30 99.39 -0.71
C HIS CA 46 -71.54 100.54 -1.36
N PRO CA 47 -70.97 101.46 -0.57
CA PRO CA 47 -70.32 102.64 -1.18
C PRO CA 47 -69.17 102.30 -2.10
N VAL CA 48 -68.29 101.38 -1.70
CA VAL CA 48 -67.16 101.00 -2.55
C VAL CA 48 -67.67 100.48 -3.88
N LEU CA 49 -68.76 99.70 -3.86
CA LEU CA 49 -69.38 99.31 -5.11
C LEU CA 49 -70.07 100.48 -5.80
N GLY CA 50 -70.88 101.24 -5.07
CA GLY CA 50 -71.58 102.36 -5.65
C GLY CA 50 -70.70 103.35 -6.38
N VAL CA 51 -69.42 103.43 -6.01
CA VAL CA 51 -68.53 104.39 -6.67
C VAL CA 51 -67.79 103.74 -7.82
N PHE CA 52 -67.50 102.45 -7.72
CA PHE CA 52 -66.61 101.80 -8.68
C PHE CA 52 -67.34 101.08 -9.81
N LEU CA 53 -68.58 100.65 -9.58
CA LEU CA 53 -69.36 100.07 -10.67
C LEU CA 53 -69.44 100.98 -11.90
N PRO CA 54 -69.61 102.30 -11.78
CA PRO CA 54 -69.56 103.14 -12.99
C PRO CA 54 -68.23 103.12 -13.70
N LYS CA 55 -67.12 103.01 -12.97
CA LYS CA 55 -65.81 102.95 -13.63
C LYS CA 55 -65.58 101.58 -14.24
N TYR CA 56 -66.10 100.53 -13.59
CA TYR CA 56 -66.02 99.20 -14.20
C TYR CA 56 -66.97 99.07 -15.38
N ALA CA 57 -67.91 100.01 -15.52
CA ALA CA 57 -68.75 100.03 -16.71
C ALA CA 57 -67.95 100.47 -17.94
N LYS CA 58 -67.11 101.49 -17.78
CA LYS CA 58 -66.31 101.96 -18.90
C LYS CA 58 -65.07 101.09 -19.07
N GLN CA 59 -65.30 99.77 -19.02
CA GLN CA 59 -64.29 98.73 -19.24
C GLN CA 59 -64.99 97.38 -19.15
N ASN CA 60 -64.24 96.31 -19.38
CA ASN CA 60 -64.74 94.94 -19.40
C ASN CA 60 -65.56 94.70 -20.68
N GLY CA 61 -65.81 95.76 -21.43
CA GLY CA 61 -66.20 95.59 -22.81
C GLY CA 61 -65.01 95.18 -23.66
N GLY CA 62 -63.81 95.50 -23.19
CA GLY CA 62 -62.59 95.02 -23.80
C GLY CA 62 -62.27 93.61 -23.34
N ASN CA 63 -61.22 93.03 -23.92
CA ASN CA 63 -60.82 91.66 -23.63
C ASN CA 63 -60.12 91.49 -22.29
N VAL CA 64 -60.18 92.49 -21.42
CA VAL CA 64 -59.22 92.61 -20.32
C VAL CA 64 -59.18 91.35 -19.45
N ASP CA 65 -60.24 91.09 -18.68
CA ASP CA 65 -60.31 89.92 -17.81
C ASP CA 65 -61.59 89.96 -17.01
N LYS CA 66 -61.90 88.85 -16.36
CA LYS CA 66 -62.87 88.87 -15.27
C LYS CA 66 -62.20 88.82 -13.91
N THR CA 67 -61.05 88.13 -13.84
CA THR CA 67 -60.35 87.97 -12.56
C THR CA 67 -59.77 89.30 -12.07
N ALA CA 68 -59.33 90.15 -13.00
CA ALA CA 68 -58.74 91.43 -12.60
C ALA CA 68 -59.73 92.26 -11.81
N PHE CA 69 -61.01 92.21 -12.20
CA PHE CA 69 -62.01 93.00 -11.50
C PHE CA 69 -62.26 92.45 -10.10
N ARG CA 70 -62.24 91.12 -9.95
CA ARG CA 70 -62.37 90.55 -8.60
C ARG CA 70 -61.24 91.01 -7.71
N LEU CA 71 -59.99 90.91 -8.19
CA LEU CA 71 -58.87 91.34 -7.36
C LEU CA 71 -58.92 92.83 -7.08
N ASP CA 72 -59.34 93.63 -8.07
CA ASP CA 72 -59.46 95.06 -7.85
C ASP CA 72 -60.49 95.36 -6.76
N LEU CA 73 -61.65 94.71 -6.82
CA LEU CA 73 -62.64 94.89 -5.78
C LEU CA 73 -62.09 94.46 -4.43
N ILE CA 74 -61.30 93.38 -4.41
CA ILE CA 74 -60.71 92.91 -3.16
C ILE CA 74 -59.84 94.00 -2.56
N ARG CA 75 -58.89 94.51 -3.33
CA ARG CA 75 -57.94 95.46 -2.76
C ARG CA 75 -58.60 96.80 -2.46
N MET CA 76 -59.61 97.20 -3.23
CA MET CA 76 -60.30 98.45 -2.93
C MET CA 76 -61.17 98.32 -1.68
N LEU CA 77 -61.93 97.23 -1.57
CA LEU CA 77 -62.70 96.97 -0.35
C LEU CA 77 -61.78 96.92 0.85
N ALA CA 78 -60.57 96.39 0.67
CA ALA CA 78 -59.60 96.38 1.76
C ALA CA 78 -59.13 97.77 2.12
N LEU CA 79 -58.73 98.58 1.14
CA LEU CA 79 -58.37 99.98 1.38
C LEU CA 79 -59.47 100.71 2.12
N HIS CA 80 -60.73 100.41 1.80
CA HIS CA 80 -61.85 101.10 2.44
C HIS CA 80 -61.88 100.83 3.93
N ARG CA 81 -61.63 99.59 4.34
CA ARG CA 81 -61.78 99.19 5.74
C ARG CA 81 -60.43 99.21 6.44
N LEU CA 82 -59.94 100.41 6.74
CA LEU CA 82 -58.79 100.56 7.62
C LEU CA 82 -59.26 101.29 8.89
N ASN CA 83 -59.60 100.50 9.90
CA ASN CA 83 -60.09 101.03 11.17
C ASN CA 83 -59.06 101.96 11.80
N LYS DA 23 -58.81 154.80 23.65
CA LYS DA 23 -57.77 155.66 23.08
C LYS DA 23 -57.13 155.01 21.85
N GLU DA 24 -56.27 155.77 21.19
CA GLU DA 24 -55.59 155.26 19.99
C GLU DA 24 -54.70 154.07 20.31
N GLU DA 25 -54.00 154.12 21.43
CA GLU DA 25 -53.12 153.04 21.85
C GLU DA 25 -53.84 151.70 21.85
N GLU DA 26 -55.09 151.70 22.29
CA GLU DA 26 -55.89 150.48 22.34
C GLU DA 26 -55.92 149.80 20.98
N LYS DA 27 -56.01 150.59 19.91
CA LYS DA 27 -55.98 149.99 18.58
C LYS DA 27 -54.63 149.35 18.30
N LYS DA 28 -53.54 149.96 18.79
CA LYS DA 28 -52.23 149.34 18.63
C LYS DA 28 -52.15 148.02 19.39
N LYS DA 29 -52.65 148.00 20.62
CA LYS DA 29 -52.68 146.77 21.39
C LYS DA 29 -53.45 145.68 20.66
N GLN DA 30 -54.64 146.01 20.17
CA GLN DA 30 -55.47 145.00 19.51
C GLN DA 30 -54.84 144.55 18.19
N GLN DA 31 -54.24 145.47 17.45
CA GLN DA 31 -53.57 145.11 16.21
C GLN DA 31 -52.42 144.16 16.47
N MET DA 32 -51.63 144.45 17.51
CA MET DA 32 -50.54 143.54 17.86
C MET DA 32 -51.08 142.19 18.33
N LEU DA 33 -52.23 142.20 19.01
CA LEU DA 33 -52.83 140.93 19.45
C LEU DA 33 -53.22 140.07 18.26
N THR DA 34 -53.79 140.69 17.22
CA THR DA 34 -54.15 139.92 16.04
C THR DA 34 -52.93 139.54 15.22
N GLY DA 35 -51.87 140.35 15.30
CA GLY DA 35 -50.65 140.02 14.58
C GLY DA 35 -49.86 138.89 15.21
N VAL DA 36 -49.87 138.82 16.55
CA VAL DA 36 -49.15 137.77 17.25
C VAL DA 36 -49.65 136.40 16.81
N LEU DA 37 -50.94 136.13 17.00
CA LEU DA 37 -51.51 134.85 16.62
C LEU DA 37 -52.88 134.99 15.99
N GLY DA 38 -53.50 136.15 16.07
CA GLY DA 38 -54.94 136.21 15.90
C GLY DA 38 -55.67 135.72 17.11
N LEU DA 39 -55.09 135.91 18.30
CA LEU DA 39 -55.69 135.47 19.54
C LEU DA 39 -57.08 136.07 19.71
N GLN DA 40 -57.95 135.32 20.36
CA GLN DA 40 -59.29 135.80 20.64
C GLN DA 40 -59.28 136.67 21.89
N PRO DA 41 -60.21 137.62 21.99
CA PRO DA 41 -60.27 138.47 23.19
C PRO DA 41 -60.35 137.68 24.48
N THR DA 42 -60.97 136.49 24.41
CA THR DA 42 -61.00 135.61 25.56
C THR DA 42 -59.60 135.29 26.07
N MET DA 43 -58.64 135.16 25.15
CA MET DA 43 -57.26 134.96 25.57
C MET DA 43 -56.57 136.29 25.86
N ALA DA 44 -57.08 137.37 25.29
CA ALA DA 44 -56.56 138.69 25.64
C ALA DA 44 -56.81 139.00 27.11
N ASN DA 45 -57.89 138.46 27.66
CA ASN DA 45 -58.19 138.70 29.08
C ASN DA 45 -57.28 137.92 30.01
N HIS DA 46 -56.51 136.97 29.48
CA HIS DA 46 -55.64 136.15 30.31
C HIS DA 46 -54.58 137.02 30.99
N PRO DA 47 -54.18 136.71 32.22
CA PRO DA 47 -53.23 137.59 32.92
C PRO DA 47 -51.90 137.77 32.21
N VAL DA 48 -51.30 136.69 31.71
CA VAL DA 48 -50.03 136.81 31.00
C VAL DA 48 -50.18 137.74 29.81
N LEU DA 49 -51.30 137.67 29.11
CA LEU DA 49 -51.56 138.63 28.06
C LEU DA 49 -51.85 140.01 28.64
N GLY DA 50 -52.75 140.09 29.62
CA GLY DA 50 -53.10 141.37 30.21
C GLY DA 50 -51.93 142.19 30.70
N VAL DA 51 -50.81 141.53 31.05
CA VAL DA 51 -49.66 142.27 31.56
C VAL DA 51 -48.69 142.60 30.44
N PHE DA 52 -48.60 141.74 29.42
CA PHE DA 52 -47.55 141.87 28.42
C PHE DA 52 -48.00 142.61 27.17
N LEU DA 53 -49.28 142.60 26.84
CA LEU DA 53 -49.76 143.42 25.73
C LEU DA 53 -49.35 144.88 25.82
N PRO DA 54 -49.39 145.54 26.99
CA PRO DA 54 -48.88 146.92 27.05
C PRO DA 54 -47.40 147.04 26.74
N LYS DA 55 -46.58 146.05 27.10
CA LYS DA 55 -45.17 146.12 26.78
C LYS DA 55 -44.93 145.80 25.31
N TYR DA 56 -45.74 144.91 24.74
CA TYR DA 56 -45.65 144.67 23.32
C TYR DA 56 -46.21 145.83 22.51
N ALA DA 57 -46.93 146.73 23.16
CA ALA DA 57 -47.36 147.96 22.49
C ALA DA 57 -46.18 148.89 22.26
N LYS DA 58 -45.30 149.04 23.25
CA LYS DA 58 -44.15 149.91 23.09
C LYS DA 58 -43.04 149.18 22.34
N GLN DA 59 -43.43 148.53 21.24
CA GLN DA 59 -42.54 147.83 20.32
C GLN DA 59 -43.39 147.27 19.19
N ASN DA 60 -42.75 146.66 18.20
CA ASN DA 60 -43.39 146.11 17.00
C ASN DA 60 -43.79 147.24 16.08
N GLY DA 61 -43.67 148.49 16.55
CA GLY DA 61 -43.65 149.61 15.64
C GLY DA 61 -42.32 149.68 14.92
N GLY DA 62 -41.28 149.10 15.51
CA GLY DA 62 -40.01 148.93 14.86
C GLY DA 62 -40.01 147.72 13.94
N ASN DA 63 -38.93 147.54 13.21
CA ASN DA 63 -38.79 146.46 12.23
C ASN DA 63 -38.55 145.08 12.85
N VAL DA 64 -38.75 144.95 14.16
CA VAL DA 64 -38.17 143.83 14.90
C VAL DA 64 -38.55 142.47 14.32
N ASP DA 65 -39.82 142.07 14.45
CA ASP DA 65 -40.28 140.79 13.92
C ASP DA 65 -41.74 140.60 14.31
N LYS DA 66 -42.36 139.59 13.70
CA LYS DA 66 -43.62 139.07 14.24
C LYS DA 66 -43.39 137.75 14.96
N THR DA 67 -42.41 136.96 14.50
CA THR DA 67 -42.15 135.66 15.10
C THR DA 67 -41.60 135.77 16.51
N ALA DA 68 -40.79 136.81 16.76
CA ALA DA 68 -40.20 136.98 18.08
C ALA DA 68 -41.27 137.11 19.14
N PHE DA 69 -42.37 137.80 18.81
CA PHE DA 69 -43.43 137.98 19.79
C PHE DA 69 -44.16 136.68 20.07
N ARG DA 70 -44.34 135.85 19.03
CA ARG DA 70 -44.94 134.54 19.26
C ARG DA 70 -44.08 133.70 20.19
N LEU DA 71 -42.78 133.64 19.93
CA LEU DA 71 -41.92 132.84 20.81
C LEU DA 71 -41.86 133.43 22.21
N ASP DA 72 -41.86 134.76 22.33
CA ASP DA 72 -41.88 135.39 23.64
C ASP DA 72 -43.13 135.01 24.41
N LEU DA 73 -44.30 135.09 23.76
CA LEU DA 73 -45.53 134.68 24.42
C LEU DA 73 -45.47 133.22 24.80
N ILE DA 74 -44.87 132.38 23.95
CA ILE DA 74 -44.73 130.96 24.27
C ILE DA 74 -43.97 130.79 25.57
N ARG DA 75 -42.76 131.34 25.64
CA ARG DA 75 -41.93 131.10 26.82
C ARG DA 75 -42.49 131.78 28.05
N MET DA 76 -43.15 132.92 27.92
CA MET DA 76 -43.75 133.55 29.08
C MET DA 76 -44.96 132.78 29.59
N LEU DA 77 -45.85 132.36 28.69
CA LEU DA 77 -46.96 131.52 29.07
C LEU DA 77 -46.47 130.25 29.73
N ALA DA 78 -45.34 129.72 29.26
CA ALA DA 78 -44.75 128.55 29.90
C ALA DA 78 -44.24 128.85 31.30
N LEU DA 79 -43.46 129.92 31.47
CA LEU DA 79 -43.04 130.34 32.80
C LEU DA 79 -44.22 130.50 33.74
N HIS DA 80 -45.34 131.01 33.24
CA HIS DA 80 -46.50 131.22 34.09
C HIS DA 80 -47.02 129.91 34.67
N ARG DA 81 -47.06 128.86 33.86
CA ARG DA 81 -47.68 127.60 34.27
C ARG DA 81 -46.60 126.62 34.74
N LEU DA 82 -46.08 126.85 35.93
CA LEU DA 82 -45.25 125.88 36.63
C LEU DA 82 -45.98 125.41 37.87
N ASN DA 83 -46.72 124.30 37.73
CA ASN DA 83 -47.49 123.74 38.83
C ASN DA 83 -46.59 123.40 40.02
N LYS EA 23 -39.30 142.99 92.14
CA LYS EA 23 -40.09 143.38 90.97
C LYS EA 23 -39.20 143.61 89.75
N GLU EA 24 -37.91 143.82 90.00
CA GLU EA 24 -36.95 144.06 88.93
C GLU EA 24 -36.48 142.75 88.31
N GLU EA 25 -36.48 141.68 89.11
CA GLU EA 25 -36.06 140.38 88.65
C GLU EA 25 -37.00 139.84 87.58
N GLU EA 26 -38.29 140.10 87.72
CA GLU EA 26 -39.24 139.68 86.69
C GLU EA 26 -38.98 140.41 85.38
N LYS EA 27 -38.64 141.70 85.46
CA LYS EA 27 -38.32 142.43 84.24
C LYS EA 27 -37.05 141.88 83.60
N LYS EA 28 -36.08 141.46 84.41
CA LYS EA 28 -34.87 140.84 83.86
C LYS EA 28 -35.22 139.53 83.16
N LYS EA 29 -36.05 138.71 83.79
CA LYS EA 29 -36.49 137.45 83.17
C LYS EA 29 -37.17 137.71 81.84
N GLN EA 30 -38.10 138.67 81.80
CA GLN EA 30 -38.84 138.92 80.57
C GLN EA 30 -37.93 139.53 79.50
N GLN EA 31 -37.00 140.40 79.90
CA GLN EA 31 -36.07 140.98 78.95
C GLN EA 31 -35.19 139.90 78.32
N MET EA 32 -34.71 138.97 79.15
CA MET EA 32 -33.92 137.88 78.62
C MET EA 32 -34.76 136.98 77.72
N LEU EA 33 -36.04 136.81 78.05
CA LEU EA 33 -36.91 136.01 77.21
C LEU EA 33 -37.08 136.62 75.83
N THR EA 34 -37.23 137.95 75.77
CA THR EA 34 -37.34 138.60 74.46
C THR EA 34 -35.99 138.64 73.75
N GLY EA 35 -34.90 138.66 74.51
CA GLY EA 35 -33.58 138.67 73.89
C GLY EA 35 -33.20 137.33 73.30
N VAL EA 36 -33.58 136.24 73.97
CA VAL EA 36 -33.27 134.90 73.49
C VAL EA 36 -33.82 134.70 72.08
N LEU EA 37 -35.13 134.83 71.91
CA LEU EA 37 -35.75 134.64 70.62
C LEU EA 37 -36.84 135.65 70.33
N GLY EA 38 -37.28 136.39 71.34
CA GLY EA 38 -38.58 137.03 71.25
C GLY EA 38 -39.70 136.04 71.47
N LEU EA 39 -39.47 135.02 72.28
CA LEU EA 39 -40.46 134.00 72.56
C LEU EA 39 -41.74 134.62 73.12
N GLN EA 40 -42.85 134.01 72.80
CA GLN EA 40 -44.13 134.47 73.32
C GLN EA 40 -44.35 133.92 74.72
N PRO EA 41 -45.13 134.64 75.54
CA PRO EA 41 -45.39 134.16 76.91
C PRO EA 41 -45.97 132.75 76.94
N THR EA 42 -46.70 132.39 75.88
CA THR EA 42 -47.20 131.03 75.75
C THR EA 42 -46.07 130.01 75.81
N MET EA 43 -44.91 130.35 75.24
CA MET EA 43 -43.76 129.48 75.34
C MET EA 43 -43.00 129.72 76.64
N ALA EA 44 -43.15 130.90 77.23
CA ALA EA 44 -42.57 131.14 78.53
C ALA EA 44 -43.18 130.23 79.59
N ASN EA 45 -44.44 129.85 79.40
CA ASN EA 45 -45.10 128.96 80.35
C ASN EA 45 -44.62 127.52 80.22
N HIS EA 46 -43.88 127.20 79.17
CA HIS EA 46 -43.43 125.83 78.97
C HIS EA 46 -42.48 125.41 80.10
N PRO EA 47 -42.51 124.14 80.51
CA PRO EA 47 -41.69 123.74 81.67
C PRO EA 47 -40.20 123.97 81.48
N VAL EA 48 -39.64 123.61 80.32
CA VAL EA 48 -38.22 123.82 80.08
C VAL EA 48 -37.87 125.29 80.23
N LEU EA 49 -38.75 126.17 79.73
CA LEU EA 49 -38.55 127.59 79.98
C LEU EA 49 -38.79 127.95 81.44
N GLY EA 50 -39.90 127.51 82.00
CA GLY EA 50 -40.22 127.81 83.39
C GLY EA 50 -39.13 127.48 84.37
N VAL EA 51 -38.28 126.51 84.06
CA VAL EA 51 -37.23 126.10 84.99
C VAL EA 51 -35.93 126.85 84.69
N PHE EA 52 -35.69 127.18 83.43
CA PHE EA 52 -34.38 127.70 83.03
C PHE EA 52 -34.32 129.22 82.96
N LEU EA 53 -35.45 129.89 82.73
CA LEU EA 53 -35.47 131.35 82.79
C LEU EA 53 -34.89 131.90 84.09
N PRO EA 54 -35.17 131.33 85.28
CA PRO EA 54 -34.50 131.84 86.48
C PRO EA 54 -33.00 131.68 86.47
N LYS EA 55 -32.47 130.60 85.87
CA LYS EA 55 -31.03 130.45 85.80
C LYS EA 55 -30.42 131.35 84.74
N TYR EA 56 -31.16 131.62 83.66
CA TYR EA 56 -30.69 132.58 82.68
C TYR EA 56 -30.82 134.00 83.21
N ALA EA 57 -31.56 134.20 84.30
CA ALA EA 57 -31.60 135.50 84.95
C ALA EA 57 -30.27 135.79 85.64
N LYS EA 58 -29.71 134.80 86.33
CA LYS EA 58 -28.45 135.01 87.02
C LYS EA 58 -27.29 134.86 86.04
N GLN EA 59 -27.43 135.52 84.89
CA GLN EA 59 -26.42 135.59 83.83
C GLN EA 59 -26.98 136.47 82.73
N ASN EA 60 -26.18 136.72 81.69
CA ASN EA 60 -26.52 137.59 80.56
C ASN EA 60 -26.47 139.04 81.00
N GLY EA 61 -26.31 139.27 82.30
CA GLY EA 61 -25.86 140.58 82.75
C GLY EA 61 -24.37 140.76 82.47
N GLY EA 62 -23.66 139.65 82.34
CA GLY EA 62 -22.29 139.66 81.88
C GLY EA 62 -22.20 139.76 80.38
N ASN EA 63 -20.99 139.89 79.86
CA ASN EA 63 -20.74 140.06 78.43
C ASN EA 63 -20.89 138.78 77.63
N VAL EA 64 -21.48 137.74 78.21
CA VAL EA 64 -21.31 136.38 77.69
C VAL EA 64 -21.70 136.25 76.22
N ASP EA 65 -23.00 136.35 75.92
CA ASP EA 65 -23.48 136.25 74.54
C ASP EA 65 -24.99 136.32 74.53
N LYS EA 66 -25.56 136.46 73.33
CA LYS EA 66 -26.97 136.18 73.14
C LYS EA 66 -27.15 134.84 72.44
N THR EA 67 -26.22 134.48 71.56
CA THR EA 67 -26.34 133.25 70.79
C THR EA 67 -26.20 132.01 71.67
N ALA EA 68 -25.36 132.09 72.70
CA ALA EA 68 -25.16 130.96 73.58
C ALA EA 68 -26.47 130.53 74.23
N PHE EA 69 -27.30 131.49 74.59
CA PHE EA 69 -28.56 131.16 75.24
C PHE EA 69 -29.52 130.50 74.26
N ARG EA 70 -29.52 130.94 73.00
CA ARG EA 70 -30.34 130.28 72.01
C ARG EA 70 -29.93 128.83 71.83
N LEU EA 71 -28.63 128.57 71.69
CA LEU EA 71 -28.18 127.19 71.52
C LEU EA 71 -28.46 126.36 72.78
N ASP EA 72 -28.29 126.97 73.95
CA ASP EA 72 -28.59 126.26 75.19
C ASP EA 72 -30.05 125.87 75.24
N LEU EA 73 -30.95 126.80 74.93
CA LEU EA 73 -32.37 126.47 74.89
C LEU EA 73 -32.64 125.38 73.87
N ILE EA 74 -31.94 125.41 72.73
CA ILE EA 74 -32.13 124.39 71.71
C ILE EA 74 -31.80 123.02 72.29
N ARG EA 75 -30.60 122.86 72.84
CA ARG EA 75 -30.18 121.54 73.30
C ARG EA 75 -30.97 121.09 74.52
N MET EA 76 -31.39 122.02 75.38
CA MET EA 76 -32.20 121.62 76.53
C MET EA 76 -33.60 121.21 76.11
N LEU EA 77 -34.25 121.99 75.24
CA LEU EA 77 -35.54 121.60 74.70
C LEU EA 77 -35.44 120.26 74.01
N ALA EA 78 -34.31 119.99 73.35
CA ALA EA 78 -34.12 118.69 72.73
C ALA EA 78 -34.00 117.57 73.75
N LEU EA 79 -33.15 117.74 74.77
CA LEU EA 79 -33.07 116.78 75.86
C LEU EA 79 -34.43 116.49 76.47
N HIS EA 80 -35.27 117.51 76.58
CA HIS EA 80 -36.59 117.33 77.18
C HIS EA 80 -37.45 116.36 76.37
N ARG EA 81 -37.40 116.46 75.05
CA ARG EA 81 -38.29 115.68 74.20
C ARG EA 81 -37.56 114.45 73.66
N LEU EA 82 -37.38 113.45 74.52
CA LEU EA 82 -36.93 112.14 74.10
C LEU EA 82 -38.05 111.14 74.35
N ASN EA 83 -38.87 110.91 73.33
CA ASN EA 83 -40.00 110.00 73.43
C ASN EA 83 -39.55 108.60 73.81
N LYS FA 23 -47.13 76.48 117.87
CA LYS FA 23 -47.23 77.94 117.90
C LYS FA 23 -45.91 78.58 117.49
N GLU FA 24 -44.80 78.04 118.00
CA GLU FA 24 -43.49 78.56 117.68
C GLU FA 24 -43.05 78.17 116.27
N GLU FA 25 -43.52 77.03 115.80
CA GLU FA 25 -43.19 76.54 114.46
C GLU FA 25 -43.81 77.42 113.39
N GLU FA 26 -45.02 77.92 113.63
CA GLU FA 26 -45.63 78.84 112.68
C GLU FA 26 -44.86 80.13 112.58
N LYS FA 27 -44.35 80.63 113.71
CA LYS FA 27 -43.54 81.83 113.67
C LYS FA 27 -42.24 81.58 112.92
N LYS FA 28 -41.66 80.39 113.06
CA LYS FA 28 -40.46 80.07 112.29
C LYS FA 28 -40.77 80.04 110.80
N LYS FA 29 -41.88 79.41 110.42
CA LYS FA 29 -42.28 79.39 109.01
C LYS FA 29 -42.44 80.80 108.47
N GLN FA 30 -43.15 81.67 109.20
CA GLN FA 30 -43.40 83.02 108.72
C GLN FA 30 -42.11 83.83 108.67
N GLN FA 31 -41.24 83.65 109.66
CA GLN FA 31 -39.97 84.35 109.66
C GLN FA 31 -39.12 83.95 108.46
N MET FA 32 -39.08 82.65 108.17
CA MET FA 32 -38.35 82.20 106.98
C MET FA 32 -38.99 82.72 105.71
N LEU FA 33 -40.32 82.84 105.70
CA LEU FA 33 -40.99 83.38 104.52
C LEU FA 33 -40.60 84.83 104.27
N THR FA 34 -40.50 85.63 105.34
CA THR FA 34 -40.08 87.02 105.16
C THR FA 34 -38.58 87.10 104.87
N GLY FA 35 -37.81 86.13 105.35
CA GLY FA 35 -36.37 86.15 105.09
C GLY FA 35 -36.04 85.76 103.66
N VAL FA 36 -36.80 84.81 103.09
CA VAL FA 36 -36.57 84.37 101.72
C VAL FA 36 -36.65 85.54 100.76
N LEU FA 37 -37.80 86.20 100.71
CA LEU FA 37 -37.99 87.33 99.82
C LEU FA 37 -38.76 88.47 100.46
N GLY FA 38 -39.37 88.25 101.61
CA GLY FA 38 -40.45 89.12 102.03
C GLY FA 38 -41.72 88.84 101.28
N LEU FA 39 -41.93 87.58 100.88
CA LEU FA 39 -43.11 87.19 100.13
C LEU FA 39 -44.38 87.55 100.91
N GLN FA 40 -45.42 87.87 100.17
CA GLN FA 40 -46.70 88.17 100.78
C GLN FA 40 -47.46 86.89 101.08
N PRO FA 41 -48.32 86.91 102.10
CA PRO FA 41 -49.10 85.70 102.43
C PRO FA 41 -49.87 85.15 101.24
N THR FA 42 -50.27 86.04 100.33
CA THR FA 42 -50.91 85.60 99.10
C THR FA 42 -50.04 84.61 98.34
N MET FA 43 -48.72 84.82 98.36
CA MET FA 43 -47.82 83.86 97.73
C MET FA 43 -47.50 82.71 98.67
N ALA FA 44 -47.64 82.93 99.98
CA ALA FA 44 -47.47 81.83 100.93
C ALA FA 44 -48.54 80.77 100.72
N ASN FA 45 -49.72 81.17 100.23
CA ASN FA 45 -50.78 80.21 99.99
C ASN FA 45 -50.54 79.38 98.73
N HIS FA 46 -49.55 79.76 97.92
CA HIS FA 46 -49.28 79.03 96.69
C HIS FA 46 -48.84 77.60 97.00
N PRO FA 47 -49.20 76.62 96.16
CA PRO FA 47 -48.87 75.22 96.50
C PRO FA 47 -47.39 74.96 96.66
N VAL FA 48 -46.56 75.46 95.75
CA VAL FA 48 -45.11 75.25 95.85
C VAL FA 48 -44.60 75.78 97.18
N LEU FA 49 -45.11 76.94 97.60
CA LEU FA 49 -44.78 77.42 98.93
C LEU FA 49 -45.42 76.56 100.01
N GLY FA 50 -46.72 76.30 99.91
CA GLY FA 50 -47.41 75.51 100.91
C GLY FA 50 -46.76 74.18 101.22
N VAL FA 51 -46.02 73.61 100.27
CA VAL FA 51 -45.42 72.30 100.49
C VAL FA 51 -43.99 72.46 101.01
N PHE FA 52 -43.29 73.52 100.60
CA PHE FA 52 -41.87 73.62 100.88
C PHE FA 52 -41.55 74.46 102.11
N LEU FA 53 -42.42 75.39 102.51
CA LEU FA 53 -42.20 76.11 103.75
C LEU FA 53 -42.01 75.18 104.95
N PRO FA 54 -42.74 74.08 105.12
CA PRO FA 54 -42.43 73.18 106.23
C PRO FA 54 -41.04 72.56 106.15
N LYS FA 55 -40.54 72.28 104.95
CA LYS FA 55 -39.19 71.72 104.84
C LYS FA 55 -38.14 72.79 105.05
N TYR FA 56 -38.43 74.03 104.64
CA TYR FA 56 -37.53 75.13 104.93
C TYR FA 56 -37.59 75.51 106.41
N ALA FA 57 -38.60 75.04 107.12
CA ALA FA 57 -38.63 75.24 108.57
C ALA FA 57 -37.57 74.37 109.25
N LYS FA 58 -37.44 73.12 108.83
CA LYS FA 58 -36.44 72.24 109.44
C LYS FA 58 -35.07 72.51 108.83
N GLN FA 59 -34.71 73.79 108.74
CA GLN FA 59 -33.43 74.28 108.27
C GLN FA 59 -33.45 75.80 108.38
N ASN FA 60 -32.32 76.44 108.05
CA ASN FA 60 -32.13 77.89 108.14
C ASN FA 60 -32.00 78.30 109.60
N GLY FA 61 -32.23 77.35 110.52
CA GLY FA 61 -31.74 77.52 111.87
C GLY FA 61 -30.24 77.31 111.93
N GLY FA 62 -29.71 76.57 110.96
CA GLY FA 62 -28.28 76.43 110.79
C GLY FA 62 -27.71 77.62 110.06
N ASN FA 63 -26.38 77.65 109.94
CA ASN FA 63 -25.66 78.74 109.31
C ASN FA 63 -25.75 78.76 107.79
N VAL FA 64 -26.65 77.97 107.21
CA VAL FA 64 -26.54 77.59 105.80
C VAL FA 64 -26.45 78.81 104.87
N ASP FA 65 -27.54 79.56 104.72
CA ASP FA 65 -27.55 80.74 103.87
C ASP FA 65 -28.96 81.32 103.85
N LYS FA 66 -29.07 82.53 103.30
CA LYS FA 66 -30.38 83.03 102.88
C LYS FA 66 -30.54 82.95 101.37
N THR FA 67 -29.44 83.10 100.63
CA THR FA 67 -29.50 83.09 99.17
C THR FA 67 -29.86 81.71 98.63
N ALA FA 68 -29.39 80.66 99.31
CA ALA FA 68 -29.68 79.30 98.84
C ALA FA 68 -31.18 79.05 98.79
N PHE FA 69 -31.92 79.57 99.76
CA PHE FA 69 -33.35 79.36 99.77
C PHE FA 69 -34.03 80.11 98.65
N ARG FA 70 -33.56 81.31 98.32
CA ARG FA 70 -34.11 82.03 97.18
C ARG FA 70 -33.91 81.24 95.90
N LEU FA 71 -32.68 80.76 95.66
CA LEU FA 71 -32.43 80.00 94.43
C LEU FA 71 -33.24 78.70 94.42
N ASP FA 72 -33.36 78.05 95.58
CA ASP FA 72 -34.16 76.83 95.65
C ASP FA 72 -35.61 77.11 95.28
N LEU FA 73 -36.18 78.17 95.84
CA LEU FA 73 -37.55 78.53 95.48
C LEU FA 73 -37.65 78.84 94.00
N ILE FA 74 -36.62 79.49 93.44
CA ILE FA 74 -36.62 79.80 92.02
C ILE FA 74 -36.74 78.52 91.20
N ARG FA 75 -35.83 77.58 91.43
CA ARG FA 75 -35.80 76.39 90.60
C ARG FA 75 -37.00 75.49 90.85
N MET FA 76 -37.52 75.46 92.08
CA MET FA 76 -38.71 74.67 92.34
C MET FA 76 -39.95 75.27 91.70
N LEU FA 77 -40.14 76.58 91.85
CA LEU FA 77 -41.23 77.27 91.17
C LEU FA 77 -41.14 77.05 89.67
N ALA FA 78 -39.91 77.02 89.14
CA ALA FA 78 -39.75 76.74 87.72
C ALA FA 78 -40.14 75.33 87.35
N LEU FA 79 -39.65 74.33 88.09
CA LEU FA 79 -40.10 72.95 87.88
C LEU FA 79 -41.60 72.82 87.92
N HIS FA 80 -42.26 73.58 88.80
CA HIS FA 80 -43.71 73.49 88.91
C HIS FA 80 -44.41 73.91 87.62
N ARG FA 81 -43.91 74.97 86.97
CA ARG FA 81 -44.59 75.54 85.82
C ARG FA 81 -43.93 75.04 84.54
N LEU FA 82 -44.20 73.78 84.19
CA LEU FA 82 -43.86 73.26 82.87
C LEU FA 82 -45.16 72.95 82.13
N ASN FA 83 -45.63 73.91 81.34
CA ASN FA 83 -46.85 73.77 80.58
C ASN FA 83 -46.79 72.57 79.64
N LYS GA 23 -72.17 23.22 74.62
CA LYS GA 23 -72.13 23.52 76.04
C LYS GA 23 -70.71 23.76 76.53
N GLU GA 24 -69.78 22.95 76.04
CA GLU GA 24 -68.38 23.07 76.42
C GLU GA 24 -67.57 23.83 75.38
N GLU GA 25 -67.98 23.75 74.12
CA GLU GA 25 -67.30 24.43 73.04
C GLU GA 25 -67.42 25.94 73.17
N GLU GA 26 -68.59 26.41 73.64
CA GLU GA 26 -68.75 27.84 73.86
C GLU GA 26 -67.83 28.33 74.97
N LYS GA 27 -67.67 27.52 76.02
CA LYS GA 27 -66.75 27.92 77.09
C LYS GA 27 -65.32 27.94 76.57
N LYS GA 28 -64.96 27.02 75.68
CA LYS GA 28 -63.62 27.06 75.08
C LYS GA 28 -63.43 28.32 74.26
N LYS GA 29 -64.43 28.66 73.44
CA LYS GA 29 -64.36 29.89 72.67
C LYS GA 29 -64.17 31.11 73.55
N GLN GA 30 -64.97 31.21 74.62
CA GLN GA 30 -64.89 32.38 75.49
C GLN GA 30 -63.57 32.41 76.27
N GLN GA 31 -63.08 31.24 76.69
CA GLN GA 31 -61.81 31.18 77.39
C GLN GA 31 -60.68 31.63 76.47
N MET GA 32 -60.70 31.18 75.22
CA MET GA 32 -59.68 31.64 74.28
C MET GA 32 -59.82 33.13 74.00
N LEU GA 33 -61.04 33.65 74.00
CA LEU GA 33 -61.23 35.08 73.78
C LEU GA 33 -60.61 35.88 74.91
N THR GA 34 -60.77 35.43 76.15
CA THR GA 34 -60.16 36.14 77.27
C THR GA 34 -58.65 35.92 77.31
N GLY GA 35 -58.19 34.78 76.79
CA GLY GA 35 -56.76 34.52 76.77
C GLY GA 35 -56.03 35.33 75.72
N VAL GA 36 -56.67 35.54 74.57
CA VAL GA 36 -56.06 36.31 73.49
C VAL GA 36 -55.70 37.71 73.96
N LEU GA 37 -56.69 38.46 74.43
CA LEU GA 37 -56.44 39.82 74.89
C LEU GA 37 -57.23 40.16 76.13
N GLY GA 38 -58.21 39.33 76.51
CA GLY GA 38 -59.25 39.82 77.38
C GLY GA 38 -60.25 40.70 76.66
N LEU GA 39 -60.45 40.42 75.36
CA LEU GA 39 -61.37 41.20 74.55
C LEU GA 39 -62.77 41.21 75.17
N GLN GA 40 -63.47 42.30 74.97
CA GLN GA 40 -64.83 42.41 75.45
C GLN GA 40 -65.79 41.75 74.46
N PRO GA 41 -66.93 41.25 74.95
CA PRO GA 41 -67.90 40.62 74.04
C PRO GA 41 -68.31 41.54 72.89
N THR GA 42 -68.29 42.84 73.13
CA THR GA 42 -68.55 43.80 72.07
C THR GA 42 -67.60 43.60 70.90
N MET GA 43 -66.35 43.25 71.18
CA MET GA 43 -65.40 42.95 70.11
C MET GA 43 -65.54 41.50 69.66
N ALA GA 44 -66.06 40.63 70.52
CA ALA GA 44 -66.35 39.27 70.10
C ALA GA 44 -67.40 39.23 69.00
N ASN GA 45 -68.30 40.22 69.00
CA ASN GA 45 -69.34 40.26 67.97
C ASN GA 45 -68.80 40.75 66.64
N HIS GA 46 -67.57 41.25 66.59
CA HIS GA 46 -67.00 41.77 65.36
C HIS GA 46 -66.86 40.63 64.35
N PRO GA 47 -67.04 40.90 63.05
CA PRO GA 47 -67.00 39.80 62.06
C PRO GA 47 -65.69 39.04 62.03
N VAL GA 48 -64.55 39.75 62.04
CA VAL GA 48 -63.26 39.07 62.02
C VAL GA 48 -63.13 38.13 63.22
N LEU GA 49 -63.62 38.56 64.38
CA LEU GA 49 -63.68 37.65 65.51
C LEU GA 49 -64.72 36.57 65.30
N GLY GA 50 -65.94 36.95 64.92
CA GLY GA 50 -67.01 35.98 64.73
C GLY GA 50 -66.65 34.83 63.81
N VAL GA 51 -65.72 35.05 62.88
CA VAL GA 51 -65.37 33.99 61.94
C VAL GA 51 -64.18 33.18 62.45
N PHE GA 52 -63.27 33.83 63.19
CA PHE GA 52 -62.01 33.19 63.54
C PHE GA 52 -62.02 32.53 64.91
N LEU GA 53 -62.85 33.00 65.83
CA LEU GA 53 -62.96 32.32 67.12
C LEU GA 53 -63.27 30.83 66.99
N PRO GA 54 -64.14 30.37 66.08
CA PRO GA 54 -64.32 28.92 65.92
C PRO GA 54 -63.05 28.20 65.45
N LYS GA 55 -62.23 28.84 64.63
CA LYS GA 55 -60.99 28.19 64.20
C LYS GA 55 -59.95 28.22 65.31
N TYR GA 56 -59.95 29.29 66.11
CA TYR GA 56 -59.06 29.32 67.26
C TYR GA 56 -59.55 28.38 68.36
N ALA GA 57 -60.78 27.90 68.26
CA ALA GA 57 -61.26 26.87 69.18
C ALA GA 57 -60.59 25.53 68.89
N LYS GA 58 -60.46 25.17 67.61
CA LYS GA 58 -59.83 23.92 67.27
C LYS GA 58 -58.32 24.07 67.27
N GLN GA 59 -57.80 24.69 68.34
CA GLN GA 59 -56.38 24.88 68.61
C GLN GA 59 -56.26 25.60 69.95
N ASN GA 60 -55.03 25.80 70.41
CA ASN GA 60 -54.71 26.42 71.70
C ASN GA 60 -55.01 25.43 72.82
N GLY GA 61 -55.63 24.30 72.48
CA GLY GA 61 -55.59 23.17 73.38
C GLY GA 61 -54.22 22.50 73.34
N GLY GA 62 -53.50 22.70 72.23
CA GLY GA 62 -52.11 22.29 72.15
C GLY GA 62 -51.20 23.29 72.81
N ASN GA 63 -49.91 22.96 72.87
CA ASN GA 63 -48.90 23.78 73.53
C ASN GA 63 -48.49 25.01 72.73
N VAL GA 64 -49.26 25.36 71.69
CA VAL GA 64 -48.74 26.25 70.64
C VAL GA 64 -48.21 27.57 71.18
N ASP GA 65 -49.10 28.44 71.66
CA ASP GA 65 -48.71 29.73 72.22
C ASP GA 65 -49.95 30.52 72.59
N LYS GA 66 -49.74 31.62 73.32
CA LYS GA 66 -50.77 32.64 73.43
C LYS GA 66 -50.45 33.84 72.55
N THR GA 67 -49.16 34.14 72.38
CA THR GA 67 -48.75 35.29 71.59
C THR GA 67 -49.07 35.13 70.12
N ALA GA 68 -48.97 33.90 69.61
CA ALA GA 68 -49.25 33.66 68.20
C ALA GA 68 -50.66 34.07 67.84
N PHE GA 69 -51.61 33.83 68.74
CA PHE GA 69 -52.99 34.18 68.46
C PHE GA 69 -53.18 35.68 68.45
N ARG GA 70 -52.49 36.40 69.33
CA ARG GA 70 -52.55 37.86 69.31
C ARG GA 70 -52.04 38.40 67.98
N LEU GA 71 -50.88 37.93 67.54
CA LEU GA 71 -50.34 38.42 66.27
C LEU GA 71 -51.23 38.02 65.10
N ASP GA 72 -51.80 36.81 65.15
CA ASP GA 72 -52.72 36.39 64.09
C ASP GA 72 -53.92 37.31 64.02
N LEU GA 73 -54.52 37.61 65.17
CA LEU GA 73 -55.65 38.53 65.18
C LEU GA 73 -55.22 39.90 64.66
N ILE GA 74 -54.01 40.33 65.00
CA ILE GA 74 -53.52 41.61 64.51
C ILE GA 74 -53.51 41.63 62.99
N ARG GA 75 -52.83 40.66 62.39
CA ARG GA 75 -52.67 40.69 60.93
C ARG GA 75 -53.99 40.42 60.21
N MET GA 76 -54.87 39.62 60.80
CA MET GA 76 -56.17 39.40 60.16
C MET GA 76 -57.06 40.62 60.26
N LEU GA 77 -57.14 41.25 61.43
CA LEU GA 77 -57.87 42.51 61.57
C LEU GA 77 -57.32 43.55 60.62
N ALA GA 78 -56.01 43.54 60.40
CA ALA GA 78 -55.41 44.46 59.43
C ALA GA 78 -55.84 44.14 58.01
N LEU GA 79 -55.74 42.88 57.59
CA LEU GA 79 -56.24 42.48 56.28
C LEU GA 79 -57.68 42.89 56.07
N HIS GA 80 -58.50 42.81 57.12
CA HIS GA 80 -59.91 43.16 57.00
C HIS GA 80 -60.09 44.62 56.62
N ARG GA 81 -59.30 45.52 57.23
CA ARG GA 81 -59.50 46.96 57.05
C ARG GA 81 -58.53 47.48 56.00
N LEU GA 82 -58.81 47.20 54.73
CA LEU GA 82 -58.13 47.86 53.62
C LEU GA 82 -59.14 48.70 52.88
N ASN GA 83 -59.21 49.97 53.24
CA ASN GA 83 -60.14 50.92 52.63
C ASN GA 83 -59.92 51.02 51.12
N LYS HA 23 -88.25 36.41 5.56
CA LYS HA 23 -88.37 36.00 6.96
C LYS HA 23 -87.11 35.29 7.44
N GLU HA 24 -86.42 34.62 6.50
CA GLU HA 24 -85.20 33.89 6.83
C GLU HA 24 -84.01 34.84 6.96
N GLU HA 25 -84.05 35.94 6.21
CA GLU HA 25 -82.96 36.91 6.25
C GLU HA 25 -82.91 37.63 7.58
N GLU HA 26 -84.07 37.90 8.18
CA GLU HA 26 -84.09 38.53 9.50
C GLU HA 26 -83.50 37.59 10.55
N LYS HA 27 -83.80 36.29 10.44
CA LYS HA 27 -83.21 35.35 11.37
C LYS HA 27 -81.70 35.29 11.20
N LYS HA 28 -81.22 35.39 9.95
CA LYS HA 28 -79.77 35.43 9.74
C LYS HA 28 -79.15 36.66 10.37
N LYS HA 29 -79.79 37.82 10.18
CA LYS HA 29 -79.31 39.04 10.80
C LYS HA 29 -79.24 38.91 12.32
N GLN HA 30 -80.30 38.39 12.93
CA GLN HA 30 -80.33 38.28 14.39
C GLN HA 30 -79.33 37.25 14.89
N GLN HA 31 -79.17 36.14 14.16
CA GLN HA 31 -78.20 35.14 14.53
C GLN HA 31 -76.79 35.70 14.48
N MET HA 32 -76.48 36.47 13.44
CA MET HA 32 -75.16 37.09 13.36
C MET HA 32 -74.99 38.13 14.47
N LEU HA 33 -76.07 38.82 14.84
CA LEU HA 33 -75.98 39.79 15.93
C LEU HA 33 -75.63 39.11 17.24
N THR HA 34 -76.23 37.95 17.51
CA THR HA 34 -75.90 37.24 18.74
C THR HA 34 -74.53 36.58 18.64
N GLY HA 35 -74.10 36.24 17.43
CA GLY HA 35 -72.78 35.64 17.28
C GLY HA 35 -71.65 36.65 17.43
N VAL HA 36 -71.87 37.87 16.96
CA VAL HA 36 -70.86 38.92 17.06
C VAL HA 36 -70.46 39.14 18.52
N LEU HA 37 -71.42 39.50 19.35
CA LEU HA 37 -71.15 39.75 20.75
C LEU HA 37 -72.24 39.21 21.67
N GLY HA 38 -73.38 38.83 21.13
CA GLY HA 38 -74.57 38.75 21.95
C GLY HA 38 -75.15 40.10 22.25
N LEU HA 39 -74.98 41.05 21.33
CA LEU HA 39 -75.49 42.40 21.50
C LEU HA 39 -76.98 42.39 21.77
N GLN HA 40 -77.44 43.36 22.55
CA GLN HA 40 -78.85 43.50 22.83
C GLN HA 40 -79.54 44.25 21.70
N PRO HA 41 -80.83 44.00 21.48
CA PRO HA 41 -81.55 44.71 20.42
C PRO HA 41 -81.44 46.23 20.55
N THR HA 42 -81.31 46.70 21.79
CA THR HA 42 -81.10 48.13 22.01
C THR HA 42 -79.86 48.62 21.26
N MET HA 43 -78.82 47.79 21.19
CA MET HA 43 -77.65 48.16 20.40
C MET HA 43 -77.84 47.81 18.93
N ALA HA 44 -78.73 46.87 18.64
CA ALA HA 44 -79.05 46.58 17.24
C ALA HA 44 -79.71 47.78 16.58
N ASN HA 45 -80.42 48.59 17.36
CA ASN HA 45 -81.06 49.78 16.80
C ASN HA 45 -80.07 50.90 16.52
N HIS HA 46 -78.84 50.78 16.98
CA HIS HA 46 -77.84 51.82 16.78
C HIS HA 46 -77.55 51.98 15.28
N PRO HA 47 -77.28 53.20 14.81
CA PRO HA 47 -77.10 53.40 13.37
C PRO HA 47 -75.96 52.59 12.77
N VAL HA 48 -74.80 52.56 13.43
CA VAL HA 48 -73.67 51.79 12.91
C VAL HA 48 -74.05 50.32 12.76
N LEU HA 49 -74.82 49.80 13.72
CA LEU HA 49 -75.35 48.46 13.57
C LEU HA 49 -76.42 48.41 12.48
N GLY HA 50 -77.40 49.32 12.55
CA GLY HA 50 -78.48 49.33 11.57
C GLY HA 50 -78.02 49.34 10.13
N VAL HA 51 -76.83 49.86 9.85
CA VAL HA 51 -76.35 49.93 8.48
C VAL HA 51 -75.50 48.72 8.12
N PHE HA 52 -74.79 48.16 9.11
CA PHE HA 52 -73.81 47.13 8.81
C PHE HA 52 -74.32 45.71 9.00
N LEU HA 53 -75.33 45.50 9.86
CA LEU HA 53 -75.94 44.19 9.95
C LEU HA 53 -76.39 43.63 8.62
N PRO HA 54 -76.99 44.40 7.70
CA PRO HA 54 -77.31 43.82 6.38
C PRO HA 54 -76.09 43.39 5.59
N LYS HA 55 -74.96 44.10 5.72
CA LYS HA 55 -73.76 43.68 5.00
C LYS HA 55 -73.12 42.48 5.68
N TYR HA 56 -73.22 42.40 7.00
CA TYR HA 56 -72.74 41.20 7.69
C TYR HA 56 -73.66 40.02 7.46
N ALA HA 57 -74.86 40.27 6.95
CA ALA HA 57 -75.74 39.17 6.55
C ALA HA 57 -75.21 38.48 5.30
N LYS HA 58 -74.74 39.25 4.32
CA LYS HA 58 -74.22 38.66 3.10
C LYS HA 58 -72.78 38.22 3.31
N GLN HA 59 -72.54 37.54 4.42
CA GLN HA 59 -71.27 36.94 4.80
C GLN HA 59 -71.46 36.22 6.12
N ASN HA 60 -70.42 35.55 6.61
CA ASN HA 60 -70.43 34.75 7.83
C ASN HA 60 -71.20 33.46 7.58
N GLY HA 61 -71.84 33.35 6.42
CA GLY HA 61 -72.24 32.04 5.93
C GLY HA 61 -71.04 31.27 5.42
N GLY HA 62 -69.99 31.98 5.05
CA GLY HA 62 -68.71 31.39 4.71
C GLY HA 62 -67.92 31.07 5.96
N ASN HA 63 -66.78 30.42 5.76
CA ASN HA 63 -65.91 29.99 6.86
C ASN HA 63 -65.11 31.11 7.50
N VAL HA 64 -65.45 32.37 7.21
CA VAL HA 64 -64.52 33.48 7.41
C VAL HA 64 -64.00 33.56 8.85
N ASP HA 65 -64.87 33.93 9.79
CA ASP HA 65 -64.48 34.03 11.20
C ASP HA 65 -65.65 34.56 12.00
N LYS HA 66 -65.52 34.49 13.33
CA LYS HA 66 -66.39 35.27 14.19
C LYS HA 66 -65.64 36.49 14.75
N THR HA 67 -64.33 36.34 14.98
CA THR HA 67 -63.54 37.41 15.56
C THR HA 67 -63.40 38.60 14.61
N ALA HA 68 -63.33 38.32 13.31
CA ALA HA 68 -63.18 39.40 12.33
C ALA HA 68 -64.34 40.37 12.43
N PHE HA 69 -65.55 39.86 12.65
CA PHE HA 69 -66.71 40.73 12.74
C PHE HA 69 -66.68 41.58 13.99
N ARG HA 70 -66.20 41.02 15.10
CA ARG HA 70 -66.04 41.82 16.31
C ARG HA 70 -65.07 42.97 16.08
N LEU HA 71 -63.90 42.68 15.51
CA LEU HA 71 -62.94 43.75 15.27
C LEU HA 71 -63.47 44.76 14.26
N ASP HA 72 -64.19 44.30 13.25
CA ASP HA 72 -64.78 45.21 12.28
C ASP HA 72 -65.77 46.15 12.96
N LEU HA 73 -66.65 45.61 13.79
CA LEU HA 73 -67.57 46.46 14.52
C LEU HA 73 -66.82 47.43 15.42
N ILE HA 74 -65.73 46.97 16.03
CA ILE HA 74 -64.93 47.86 16.88
C ILE HA 74 -64.45 49.06 16.08
N ARG HA 75 -63.76 48.80 14.96
CA ARG HA 75 -63.15 49.90 14.23
C ARG HA 75 -64.21 50.77 13.55
N MET HA 76 -65.34 50.20 13.14
CA MET HA 76 -66.39 51.03 12.55
C MET HA 76 -67.07 51.89 13.59
N LEU HA 77 -67.43 51.32 14.75
CA LEU HA 77 -67.98 52.10 15.83
C LEU HA 77 -67.02 53.21 16.24
N ALA HA 78 -65.72 52.93 16.18
CA ALA HA 78 -64.73 53.97 16.46
C ALA HA 78 -64.74 55.06 15.42
N LEU HA 79 -64.68 54.71 14.13
CA LEU HA 79 -64.81 55.70 13.07
C LEU HA 79 -66.05 56.57 13.23
N HIS HA 80 -67.15 55.97 13.69
CA HIS HA 80 -68.38 56.72 13.85
C HIS HA 80 -68.23 57.84 14.88
N ARG HA 81 -67.55 57.56 15.99
CA ARG HA 81 -67.48 58.51 17.09
C ARG HA 81 -66.16 59.28 17.03
N LEU HA 82 -66.07 60.23 16.10
CA LEU HA 82 -65.00 61.21 16.09
C LEU HA 82 -65.59 62.58 16.36
N ASN HA 83 -65.60 62.97 17.63
CA ASN HA 83 -66.15 64.26 18.04
C ASN HA 83 -65.46 65.42 17.33
N LYS IA 23 -73.11 -72.18 59.98
CA LYS IA 23 -73.16 -73.56 60.44
C LYS IA 23 -71.91 -74.33 60.03
N GLU IA 24 -71.28 -73.88 58.95
CA GLU IA 24 -70.08 -74.53 58.43
C GLU IA 24 -68.88 -74.26 59.34
N GLU IA 25 -68.88 -73.10 60.00
CA GLU IA 25 -67.80 -72.72 60.89
C GLU IA 25 -67.77 -73.61 62.13
N GLU IA 26 -68.94 -74.00 62.63
CA GLU IA 26 -68.98 -74.92 63.77
C GLU IA 26 -68.42 -76.28 63.38
N LYS IA 27 -68.71 -76.75 62.17
CA LYS IA 27 -68.14 -78.01 61.73
C LYS IA 27 -66.63 -77.90 61.60
N LYS IA 28 -66.12 -76.75 61.15
CA LYS IA 28 -64.68 -76.56 61.10
C LYS IA 28 -64.06 -76.60 62.49
N LYS IA 29 -64.69 -75.91 63.44
CA LYS IA 29 -64.21 -75.94 64.82
C LYS IA 29 -64.16 -77.37 65.36
N GLN IA 30 -65.23 -78.12 65.16
CA GLN IA 30 -65.29 -79.48 65.70
C GLN IA 30 -64.30 -80.40 64.99
N GLN IA 31 -64.14 -80.22 63.68
CA GLN IA 31 -63.18 -81.03 62.94
C GLN IA 31 -61.76 -80.75 63.43
N MET IA 32 -61.43 -79.48 63.66
CA MET IA 32 -60.12 -79.16 64.20
C MET IA 32 -59.96 -79.70 65.61
N LEU IA 33 -61.05 -79.72 66.39
CA LEU IA 33 -60.96 -80.27 67.74
C LEU IA 33 -60.64 -81.76 67.70
N THR IA 34 -61.25 -82.50 66.78
CA THR IA 34 -60.94 -83.92 66.68
C THR IA 34 -59.57 -84.15 66.06
N GLY IA 35 -59.12 -83.21 65.22
CA GLY IA 35 -57.80 -83.36 64.61
C GLY IA 35 -56.67 -83.08 65.59
N VAL IA 36 -56.88 -82.11 66.49
CA VAL IA 36 -55.86 -81.76 67.47
C VAL IA 36 -55.48 -82.98 68.31
N LEU IA 37 -56.46 -83.55 69.00
CA LEU IA 37 -56.21 -84.71 69.84
C LEU IA 37 -57.31 -85.74 69.76
N GLY IA 38 -58.45 -85.41 69.18
CA GLY IA 38 -59.65 -86.16 69.45
C GLY IA 38 -60.23 -85.82 70.80
N LEU IA 39 -60.05 -84.59 71.24
CA LEU IA 39 -60.54 -84.15 72.53
C LEU IA 39 -62.05 -84.36 72.64
N GLN IA 40 -62.50 -84.63 73.84
CA GLN IA 40 -63.92 -84.80 74.09
C GLN IA 40 -64.58 -83.44 74.27
N PRO IA 41 -65.87 -83.34 73.95
CA PRO IA 41 -66.58 -82.06 74.12
C PRO IA 41 -66.47 -81.51 75.54
N THR IA 42 -66.35 -82.42 76.51
CA THR IA 42 -66.13 -82.00 77.90
C THR IA 42 -64.89 -81.13 78.01
N MET IA 43 -63.85 -81.44 77.23
CA MET IA 43 -62.67 -80.59 77.22
C MET IA 43 -62.83 -79.42 76.27
N ALA IA 44 -63.72 -79.56 75.28
CA ALA IA 44 -64.03 -78.43 74.42
C ALA IA 44 -64.66 -77.29 75.21
N ASN IA 45 -65.38 -77.63 76.28
CA ASN IA 45 -66.00 -76.60 77.09
C ASN IA 45 -65.00 -75.87 77.97
N HIS IA 46 -63.78 -76.36 78.07
CA HIS IA 46 -62.78 -75.73 78.92
C HIS IA 46 -62.46 -74.33 78.41
N PRO IA 47 -62.17 -73.37 79.30
CA PRO IA 47 -61.97 -71.98 78.84
C PRO IA 47 -60.83 -71.82 77.86
N VAL IA 48 -59.68 -72.45 78.12
CA VAL IA 48 -58.55 -72.34 77.21
C VAL IA 48 -58.94 -72.84 75.83
N LEU IA 49 -59.72 -73.92 75.77
CA LEU IA 49 -60.25 -74.36 74.50
C LEU IA 49 -61.30 -73.39 73.98
N GLY IA 50 -62.28 -73.03 74.82
CA GLY IA 50 -63.34 -72.13 74.39
C GLY IA 50 -62.86 -70.84 73.78
N VAL IA 51 -61.66 -70.39 74.13
CA VAL IA 51 -61.17 -69.12 73.60
C VAL IA 51 -60.32 -69.36 72.34
N PHE IA 52 -59.62 -70.49 72.28
CA PHE IA 52 -58.63 -70.70 71.22
C PHE IA 52 -59.16 -71.48 70.03
N LEU IA 53 -60.18 -72.32 70.22
CA LEU IA 53 -60.81 -72.99 69.07
C LEU IA 53 -61.23 -72.01 67.98
N PRO IA 54 -61.82 -70.84 68.27
CA PRO IA 54 -62.12 -69.90 67.18
C PRO IA 54 -60.88 -69.41 66.45
N LYS IA 55 -59.76 -69.23 67.15
CA LYS IA 55 -58.55 -68.79 66.45
C LYS IA 55 -57.92 -69.92 65.67
N TYR IA 56 -58.04 -71.16 66.18
CA TYR IA 56 -57.58 -72.30 65.41
C TYR IA 56 -58.51 -72.60 64.24
N ALA IA 57 -59.70 -72.01 64.24
CA ALA IA 57 -60.58 -72.12 63.08
C ALA IA 57 -60.03 -71.31 61.90
N LYS IA 58 -59.55 -70.09 62.17
CA LYS IA 58 -59.00 -69.26 61.10
C LYS IA 58 -57.57 -69.67 60.80
N GLN IA 59 -57.35 -70.98 60.68
CA GLN IA 59 -56.09 -71.60 60.32
C GLN IA 59 -56.31 -73.10 60.25
N ASN IA 60 -55.27 -73.84 59.86
CA ASN IA 60 -55.31 -75.30 59.68
C ASN IA 60 -56.08 -75.62 58.40
N GLY IA 61 -56.70 -74.62 57.79
CA GLY IA 61 -57.09 -74.75 56.41
C GLY IA 61 -55.89 -74.65 55.49
N GLY IA 62 -54.84 -74.01 55.97
CA GLY IA 62 -53.56 -74.00 55.29
C GLY IA 62 -52.78 -75.27 55.56
N ASN IA 63 -51.64 -75.41 54.89
CA ASN IA 63 -50.80 -76.59 54.99
C ASN IA 63 -49.99 -76.68 56.28
N VAL IA 64 -50.33 -75.86 57.27
CA VAL IA 64 -49.40 -75.57 58.36
C VAL IA 64 -48.90 -76.84 59.07
N ASP IA 65 -49.78 -77.52 59.82
CA ASP IA 65 -49.41 -78.74 60.52
C ASP IA 65 -50.60 -79.21 61.35
N LYS IA 66 -50.49 -80.43 61.86
CA LYS IA 66 -51.37 -80.86 62.95
C LYS IA 66 -50.62 -80.84 64.28
N THR IA 67 -49.32 -81.12 64.25
CA THR IA 67 -48.53 -81.19 65.48
C THR IA 67 -48.37 -79.82 66.13
N ALA IA 68 -48.28 -78.77 65.31
CA ALA IA 68 -48.11 -77.43 65.85
C ALA IA 68 -49.26 -77.06 66.76
N PHE IA 69 -50.48 -77.47 66.40
CA PHE IA 69 -51.64 -77.14 67.21
C PHE IA 69 -51.62 -77.90 68.53
N ARG IA 70 -51.16 -79.16 68.51
CA ARG IA 70 -51.03 -79.89 69.76
C ARG IA 70 -50.04 -79.19 70.69
N LEU IA 71 -48.87 -78.83 70.19
CA LEU IA 71 -47.88 -78.16 71.04
C LEU IA 71 -48.40 -76.80 71.52
N ASP IA 72 -49.11 -76.07 70.64
CA ASP IA 72 -49.68 -74.80 71.05
C ASP IA 72 -50.67 -74.98 72.18
N LEU IA 73 -51.57 -75.95 72.05
CA LEU IA 73 -52.51 -76.22 73.14
C LEU IA 73 -51.77 -76.62 74.40
N ILE IA 74 -50.68 -77.38 74.27
CA ILE IA 74 -49.88 -77.76 75.44
C ILE IA 74 -49.39 -76.53 76.17
N ARG IA 75 -48.68 -75.65 75.45
CA ARG IA 75 -48.07 -74.52 76.12
C ARG IA 75 -49.10 -73.51 76.61
N MET IA 76 -50.22 -73.37 75.90
CA MET IA 76 -51.26 -72.47 76.38
C MET IA 76 -51.96 -73.01 77.61
N LEU IA 77 -52.33 -74.29 77.60
CA LEU IA 77 -52.90 -74.93 78.78
C LEU IA 77 -51.94 -74.81 79.95
N ALA IA 78 -50.64 -74.91 79.69
CA ALA IA 78 -49.65 -74.72 80.74
C ALA IA 78 -49.64 -73.30 81.28
N LEU IA 79 -49.57 -72.30 80.39
CA LEU IA 79 -49.66 -70.91 80.82
C LEU IA 79 -50.90 -70.66 81.66
N HIS IA 80 -52.01 -71.31 81.32
CA HIS IA 80 -53.25 -71.10 82.07
C HIS IA 80 -53.10 -71.54 83.52
N ARG IA 81 -52.45 -72.67 83.76
CA ARG IA 81 -52.39 -73.25 85.10
C ARG IA 81 -51.07 -72.88 85.76
N LEU IA 82 -50.97 -71.63 86.21
CA LEU IA 82 -49.89 -71.21 87.09
C LEU IA 82 -50.48 -70.84 88.43
N ASN IA 83 -50.50 -71.80 89.35
CA ASN IA 83 -51.04 -71.61 90.68
C ASN IA 83 -50.33 -70.48 91.42
N LYS JA 23 -62.74 -18.24 109.13
CA LYS JA 23 -63.27 -19.34 108.32
C LYS JA 23 -62.33 -19.68 107.18
N GLU JA 24 -61.71 -18.66 106.60
CA GLU JA 24 -60.78 -18.86 105.49
C GLU JA 24 -59.61 -19.74 105.89
N GLU JA 25 -59.26 -19.71 107.17
CA GLU JA 25 -58.14 -20.50 107.69
C GLU JA 25 -58.48 -21.99 107.67
N GLU JA 26 -59.73 -22.34 107.96
CA GLU JA 26 -60.14 -23.74 107.89
C GLU JA 26 -60.07 -24.25 106.46
N LYS JA 27 -60.46 -23.42 105.48
CA LYS JA 27 -60.35 -23.83 104.10
C LYS JA 27 -58.89 -24.02 103.70
N LYS JA 28 -57.99 -23.17 104.22
CA LYS JA 28 -56.57 -23.35 103.95
C LYS JA 28 -56.06 -24.67 104.54
N LYS JA 29 -56.46 -24.96 105.78
CA LYS JA 29 -56.08 -26.22 106.40
C LYS JA 29 -56.55 -27.41 105.58
N GLN JA 30 -57.82 -27.39 105.16
CA GLN JA 30 -58.36 -28.52 104.41
C GLN JA 30 -57.73 -28.63 103.03
N GLN JA 31 -57.46 -27.50 102.38
CA GLN JA 31 -56.81 -27.52 101.08
C GLN JA 31 -55.41 -28.11 101.19
N MET JA 32 -54.67 -27.72 102.22
CA MET JA 32 -53.34 -28.31 102.44
C MET JA 32 -53.45 -29.79 102.76
N LEU JA 33 -54.50 -30.19 103.47
CA LEU JA 33 -54.68 -31.60 103.77
C LEU JA 33 -54.90 -32.42 102.50
N THR JA 34 -55.68 -31.89 101.56
CA THR JA 34 -55.89 -32.61 100.31
C THR JA 34 -54.65 -32.52 99.42
N GLY JA 35 -53.87 -31.45 99.56
CA GLY JA 35 -52.66 -31.33 98.76
C GLY JA 35 -51.55 -32.25 99.22
N VAL JA 36 -51.44 -32.45 100.54
CA VAL JA 36 -50.41 -33.33 101.09
C VAL JA 36 -50.52 -34.72 100.51
N LEU JA 37 -51.67 -35.36 100.70
CA LEU JA 37 -51.87 -36.71 100.19
C LEU JA 37 -53.26 -36.92 99.63
N GLY JA 38 -54.19 -36.00 99.88
CA GLY JA 38 -55.59 -36.34 99.75
C GLY JA 38 -56.06 -37.16 100.92
N LEU JA 39 -55.48 -36.93 102.10
CA LEU JA 39 -55.86 -37.66 103.31
C LEU JA 39 -57.33 -37.52 103.60
N GLN JA 40 -57.91 -38.54 104.18
CA GLN JA 40 -59.31 -38.51 104.55
C GLN JA 40 -59.46 -37.82 105.90
N PRO JA 41 -60.62 -37.19 106.15
CA PRO JA 41 -60.84 -36.51 107.44
C PRO JA 41 -60.61 -37.43 108.63
N THR JA 42 -60.86 -38.73 108.44
CA THR JA 42 -60.56 -39.71 109.47
C THR JA 42 -59.10 -39.64 109.89
N MET JA 43 -58.20 -39.39 108.93
CA MET JA 43 -56.80 -39.23 109.28
C MET JA 43 -56.51 -37.80 109.70
N ALA JA 44 -57.33 -36.85 109.29
CA ALA JA 44 -57.19 -35.49 109.76
C ALA JA 44 -57.42 -35.41 111.27
N ASN JA 45 -58.26 -36.30 111.80
CA ASN JA 45 -58.53 -36.31 113.23
C ASN JA 45 -57.37 -36.90 114.04
N HIS JA 46 -56.40 -37.51 113.38
CA HIS JA 46 -55.28 -38.12 114.07
C HIS JA 46 -54.47 -37.05 114.81
N PRO JA 47 -53.91 -37.37 115.99
CA PRO JA 47 -53.21 -36.33 116.76
C PRO JA 47 -52.04 -35.69 116.02
N VAL JA 48 -51.19 -36.49 115.38
CA VAL JA 48 -50.06 -35.93 114.65
C VAL JA 48 -50.54 -34.96 113.59
N LEU JA 49 -51.64 -35.28 112.91
CA LEU JA 49 -52.24 -34.33 112.00
C LEU JA 49 -52.87 -33.17 112.75
N GLY JA 50 -53.69 -33.45 113.77
CA GLY JA 50 -54.36 -32.40 114.52
C GLY JA 50 -53.42 -31.33 115.05
N VAL JA 51 -52.16 -31.67 115.28
CA VAL JA 51 -51.23 -30.70 115.85
C VAL JA 51 -50.46 -29.98 114.74
N PHE JA 52 -50.20 -30.66 113.62
CA PHE JA 52 -49.31 -30.12 112.61
C PHE JA 52 -50.03 -29.41 111.47
N LEU JA 53 -51.28 -29.76 111.19
CA LEU JA 53 -52.05 -29.02 110.20
C LEU JA 53 -52.06 -27.51 110.45
N PRO JA 54 -52.21 -27.03 111.70
CA PRO JA 54 -52.12 -25.57 111.90
C PRO JA 54 -50.75 -24.99 111.55
N LYS JA 55 -49.67 -25.74 111.77
CA LYS JA 55 -48.35 -25.21 111.41
C LYS JA 55 -48.13 -25.30 109.91
N TYR JA 56 -48.69 -26.32 109.26
CA TYR JA 56 -48.63 -26.38 107.81
C TYR JA 56 -49.55 -25.35 107.17
N ALA JA 57 -50.46 -24.76 107.95
CA ALA JA 57 -51.26 -23.66 107.45
C ALA JA 57 -50.42 -22.41 107.29
N LYS JA 58 -49.56 -22.11 108.26
CA LYS JA 58 -48.72 -20.93 108.17
C LYS JA 58 -47.50 -21.23 107.31
N GLN JA 59 -47.75 -21.83 106.15
CA GLN JA 59 -46.76 -22.15 105.13
C GLN JA 59 -47.49 -22.81 103.96
N ASN JA 60 -46.76 -23.10 102.89
CA ASN JA 60 -47.29 -23.68 101.65
C ASN JA 60 -48.07 -22.62 100.88
N GLY JA 61 -48.28 -21.46 101.50
CA GLY JA 61 -48.64 -20.29 100.73
C GLY JA 61 -47.44 -19.75 99.97
N GLY JA 62 -46.24 -20.07 100.46
CA GLY JA 62 -45.02 -19.79 99.75
C GLY JA 62 -44.74 -20.84 98.70
N ASN JA 63 -43.70 -20.62 97.91
CA ASN JA 63 -43.32 -21.50 96.81
C ASN JA 63 -42.66 -22.80 97.24
N VAL JA 64 -42.73 -23.13 98.53
CA VAL JA 64 -41.80 -24.10 99.11
C VAL JA 64 -41.82 -25.44 98.40
N ASP JA 65 -42.90 -26.21 98.52
CA ASP JA 65 -43.02 -27.50 97.85
C ASP JA 65 -44.33 -28.16 98.26
N LYS JA 66 -44.67 -29.23 97.56
CA LYS JA 66 -45.69 -30.15 98.06
C LYS JA 66 -45.04 -31.41 98.63
N THR JA 67 -43.92 -31.83 98.04
CA THR JA 67 -43.26 -33.06 98.47
C THR JA 67 -42.66 -32.93 99.86
N ALA JA 68 -42.17 -31.74 100.21
CA ALA JA 68 -41.57 -31.54 101.52
C ALA JA 68 -42.56 -31.84 102.62
N PHE JA 69 -43.83 -31.46 102.42
CA PHE JA 69 -44.83 -31.71 103.44
C PHE JA 69 -45.13 -33.20 103.58
N ARG JA 70 -45.15 -33.93 102.47
CA ARG JA 70 -45.33 -35.37 102.55
C ARG JA 70 -44.21 -36.01 103.36
N LEU JA 71 -42.96 -35.67 103.04
CA LEU JA 71 -41.85 -36.26 103.79
C LEU JA 71 -41.87 -35.84 105.26
N ASP JA 72 -42.24 -34.59 105.52
CA ASP JA 72 -42.34 -34.14 106.90
C ASP JA 72 -43.39 -34.94 107.66
N LEU JA 73 -44.57 -35.12 107.07
CA LEU JA 73 -45.58 -35.95 107.71
C LEU JA 73 -45.08 -37.36 107.91
N ILE JA 74 -44.33 -37.90 106.95
CA ILE JA 74 -43.77 -39.24 107.10
C ILE JA 74 -42.90 -39.33 108.34
N ARG JA 75 -41.91 -38.45 108.43
CA ARG JA 75 -40.96 -38.56 109.54
C ARG JA 75 -41.60 -38.21 110.87
N MET JA 76 -42.58 -37.30 110.89
CA MET JA 76 -43.25 -37.00 112.14
C MET JA 76 -44.15 -38.13 112.58
N LEU JA 77 -44.94 -38.68 111.67
CA LEU JA 77 -45.75 -39.86 111.99
C LEU JA 77 -44.86 -41.00 112.48
N ALA JA 78 -43.66 -41.11 111.91
CA ALA JA 78 -42.73 -42.12 112.39
C ALA JA 78 -42.23 -41.84 113.80
N LEU JA 79 -41.78 -40.62 114.07
CA LEU JA 79 -41.40 -40.22 115.42
C LEU JA 79 -42.51 -40.52 116.42
N HIS JA 80 -43.76 -40.32 116.02
CA HIS JA 80 -44.89 -40.54 116.92
C HIS JA 80 -44.96 -42.00 117.35
N ARG JA 81 -44.75 -42.93 116.43
CA ARG JA 81 -44.96 -44.35 116.71
C ARG JA 81 -43.62 -45.01 117.02
N LEU JA 82 -43.11 -44.76 118.22
CA LEU JA 82 -41.99 -45.52 118.76
C LEU JA 82 -42.47 -46.31 119.96
N ASN JA 83 -42.87 -47.56 119.72
CA ASN JA 83 -43.37 -48.44 120.76
C ASN JA 83 -42.35 -48.62 121.88
N LYS KA 23 -37.50 -33.63 175.16
CA LYS KA 23 -38.37 -33.04 174.15
C LYS KA 23 -37.56 -32.44 173.01
N GLU KA 24 -36.47 -31.78 173.34
CA GLU KA 24 -35.60 -31.15 172.34
C GLU KA 24 -34.81 -32.20 171.56
N GLU KA 25 -34.51 -33.31 172.20
CA GLU KA 25 -33.75 -34.39 171.56
C GLU KA 25 -34.57 -35.03 170.45
N GLU KA 26 -35.88 -35.17 170.64
CA GLU KA 26 -36.72 -35.72 169.58
C GLU KA 26 -36.75 -34.79 168.37
N LYS KA 27 -36.78 -33.47 168.62
CA LYS KA 27 -36.74 -32.55 167.50
C LYS KA 27 -35.41 -32.63 166.77
N LYS KA 28 -34.31 -32.84 167.51
CA LYS KA 28 -33.02 -33.02 166.85
C LYS KA 28 -33.02 -34.28 165.99
N LYS KA 29 -33.54 -35.38 166.53
CA LYS KA 29 -33.64 -36.61 165.76
C LYS KA 29 -34.44 -36.39 164.48
N GLN KA 30 -35.60 -35.75 164.58
CA GLN KA 30 -36.45 -35.57 163.41
C GLN KA 30 -35.82 -34.61 162.42
N GLN KA 31 -35.15 -33.56 162.91
CA GLN KA 31 -34.46 -32.63 162.02
C GLN KA 31 -33.35 -33.33 161.27
N MET KA 32 -32.58 -34.17 161.94
CA MET KA 32 -31.54 -34.92 161.25
C MET KA 32 -32.15 -35.91 160.27
N LEU KA 33 -33.32 -36.47 160.60
CA LEU KA 33 -33.96 -37.39 159.67
C LEU KA 33 -34.37 -36.68 158.39
N THR KA 34 -34.89 -35.46 158.49
CA THR KA 34 -35.25 -34.72 157.29
C THR KA 34 -34.01 -34.20 156.57
N GLY KA 35 -32.93 -33.96 157.30
CA GLY KA 35 -31.70 -33.49 156.66
C GLY KA 35 -30.99 -34.59 155.90
N VAL KA 36 -31.02 -35.82 156.42
CA VAL KA 36 -30.37 -36.95 155.77
C VAL KA 36 -30.91 -37.12 154.35
N LEU KA 37 -32.21 -37.35 154.23
CA LEU KA 37 -32.82 -37.56 152.93
C LEU KA 37 -34.17 -36.87 152.80
N GLY KA 38 -34.76 -36.41 153.91
CA GLY KA 38 -36.18 -36.18 153.92
C GLY KA 38 -36.96 -37.45 154.02
N LEU KA 39 -36.40 -38.45 154.70
CA LEU KA 39 -37.05 -39.74 154.85
C LEU KA 39 -38.41 -39.58 155.50
N GLN KA 40 -39.33 -40.45 155.14
CA GLN KA 40 -40.65 -40.45 155.73
C GLN KA 40 -40.64 -41.19 157.04
N PRO KA 41 -41.54 -40.84 157.97
CA PRO KA 41 -41.60 -41.53 159.26
C PRO KA 41 -41.74 -43.04 159.11
N THR KA 42 -42.40 -43.46 158.03
CA THR KA 42 -42.50 -44.89 157.73
C THR KA 42 -41.12 -45.52 157.64
N MET KA 43 -40.15 -44.81 157.10
CA MET KA 43 -38.79 -45.32 157.07
C MET KA 43 -38.06 -45.04 158.37
N ALA KA 44 -38.50 -44.03 159.12
CA ALA KA 44 -37.94 -43.79 160.44
C ALA KA 44 -38.22 -44.96 161.37
N ASN KA 45 -39.33 -45.66 161.15
CA ASN KA 45 -39.66 -46.80 161.99
C ASN KA 45 -38.82 -48.03 161.66
N HIS KA 46 -38.07 -47.99 160.56
CA HIS KA 46 -37.25 -49.14 160.17
C HIS KA 46 -36.17 -49.40 161.22
N PRO KA 47 -35.81 -50.66 161.46
CA PRO KA 47 -34.85 -50.95 162.55
C PRO KA 47 -33.49 -50.28 162.37
N VAL KA 48 -32.94 -50.33 161.16
CA VAL KA 48 -31.64 -49.70 160.93
C VAL KA 48 -31.71 -48.21 161.25
N LEU KA 49 -32.83 -47.57 160.90
CA LEU KA 49 -33.02 -46.19 161.33
C LEU KA 49 -33.27 -46.10 162.82
N GLY KA 50 -34.19 -46.91 163.35
CA GLY KA 50 -34.50 -46.87 164.76
C GLY KA 50 -33.30 -47.01 165.68
N VAL KA 51 -32.24 -47.65 165.22
CA VAL KA 51 -31.06 -47.84 166.07
C VAL KA 51 -30.05 -46.72 165.86
N PHE KA 52 -29.97 -46.19 164.63
CA PHE KA 52 -28.89 -45.27 164.30
C PHE KA 52 -29.27 -43.80 164.43
N LEU KA 53 -30.56 -43.46 164.30
CA LEU KA 53 -30.97 -42.09 164.55
C LEU KA 53 -30.50 -41.55 165.91
N PRO KA 54 -30.55 -42.31 167.02
CA PRO KA 54 -29.99 -41.79 168.27
C PRO KA 54 -28.49 -41.52 168.21
N LYS KA 55 -27.73 -42.31 167.45
CA LYS KA 55 -26.30 -42.04 167.34
C LYS KA 55 -26.04 -40.87 166.40
N TYR KA 56 -26.86 -40.71 165.38
CA TYR KA 56 -26.75 -39.54 164.53
C TYR KA 56 -27.24 -38.28 165.24
N ALA KA 57 -27.95 -38.45 166.35
CA ALA KA 57 -28.31 -37.29 167.17
C ALA KA 57 -27.09 -36.73 167.88
N LYS KA 58 -26.23 -37.59 168.43
CA LYS KA 58 -25.04 -37.11 169.11
C LYS KA 58 -23.94 -36.80 168.10
N GLN KA 59 -24.32 -36.08 167.05
CA GLN KA 59 -23.44 -35.59 165.99
C GLN KA 59 -24.28 -34.78 165.02
N ASN KA 60 -23.65 -34.20 164.02
CA ASN KA 60 -24.27 -33.32 163.02
C ASN KA 60 -24.61 -31.98 163.65
N GLY KA 61 -24.45 -31.87 164.97
CA GLY KA 61 -24.36 -30.56 165.58
C GLY KA 61 -23.01 -29.93 165.29
N GLY KA 62 -22.01 -30.77 165.00
CA GLY KA 62 -20.73 -30.30 164.53
C GLY KA 62 -20.76 -30.00 163.05
N ASN KA 63 -19.66 -29.47 162.54
CA ASN KA 63 -19.55 -29.06 161.14
C ASN KA 63 -19.38 -30.23 160.17
N VAL KA 64 -19.61 -31.46 160.62
CA VAL KA 64 -19.10 -32.63 159.93
C VAL KA 64 -19.51 -32.68 158.46
N ASP KA 65 -20.79 -32.93 158.19
CA ASP KA 65 -21.30 -32.99 156.82
C ASP KA 65 -22.78 -33.36 156.85
N LYS KA 66 -23.42 -33.24 155.69
CA LYS KA 66 -24.70 -33.89 155.49
C LYS KA 66 -24.55 -35.13 154.62
N THR KA 67 -23.60 -35.10 153.68
CA THR KA 67 -23.41 -36.21 152.75
C THR KA 67 -22.88 -37.45 153.47
N ALA KA 68 -22.04 -37.25 154.49
CA ALA KA 68 -21.48 -38.39 155.20
C ALA KA 68 -22.57 -39.24 155.81
N PHE KA 69 -23.63 -38.61 156.32
CA PHE KA 69 -24.71 -39.36 156.93
C PHE KA 69 -25.50 -40.15 155.89
N ARG KA 70 -25.69 -39.57 154.70
CA ARG KA 70 -26.34 -40.32 153.63
C ARG KA 70 -25.55 -41.56 153.28
N LEU KA 71 -24.24 -41.41 153.06
CA LEU KA 71 -23.43 -42.58 152.71
C LEU KA 71 -23.39 -43.59 153.85
N ASP KA 72 -23.34 -43.11 155.10
CA ASP KA 72 -23.36 -44.03 156.23
C ASP KA 72 -24.66 -44.83 156.27
N LEU KA 73 -25.79 -44.16 156.08
CA LEU KA 73 -27.05 -44.88 156.03
C LEU KA 73 -27.06 -45.86 154.88
N ILE KA 74 -26.47 -45.49 153.74
CA ILE KA 74 -26.40 -46.40 152.60
C ILE KA 74 -25.68 -47.68 152.98
N ARG KA 75 -24.45 -47.55 153.49
CA ARG KA 75 -23.66 -48.74 153.77
C ARG KA 75 -24.22 -49.54 154.93
N MET KA 76 -24.83 -48.89 155.91
CA MET KA 76 -25.45 -49.64 157.00
C MET KA 76 -26.69 -50.38 156.56
N LEU KA 77 -27.57 -49.71 155.81
CA LEU KA 77 -28.74 -50.38 155.25
C LEU KA 77 -28.30 -51.55 154.39
N ALA KA 78 -27.18 -51.40 153.68
CA ALA KA 78 -26.66 -52.51 152.88
C ALA KA 78 -26.18 -53.66 153.76
N LEU KA 79 -25.36 -53.38 154.77
CA LEU KA 79 -24.95 -54.41 155.72
C LEU KA 79 -26.15 -55.14 156.31
N HIS KA 80 -27.24 -54.42 156.57
CA HIS KA 80 -28.41 -55.05 157.16
C HIS KA 80 -29.00 -56.11 156.24
N ARG KA 81 -29.05 -55.85 154.94
CA ARG KA 81 -29.73 -56.74 154.01
C ARG KA 81 -28.72 -57.62 153.32
N LEU KA 82 -28.22 -58.62 154.03
CA LEU KA 82 -27.44 -59.70 153.43
C LEU KA 82 -28.22 -61.00 153.57
N ASN KA 83 -29.00 -61.32 152.54
CA ASN KA 83 -29.82 -62.53 152.53
C ASN KA 83 -28.97 -63.78 152.72
N LYS LA 23 -108.77 -63.86 -104.91
CA LYS LA 23 -108.88 -65.25 -104.50
C LYS LA 23 -107.58 -66.02 -104.77
N GLU LA 24 -106.85 -65.59 -105.79
CA GLU LA 24 -105.60 -66.22 -106.16
C GLU LA 24 -104.51 -65.97 -105.11
N GLU LA 25 -104.59 -64.81 -104.45
CA GLU LA 25 -103.62 -64.45 -103.43
C GLU LA 25 -103.74 -65.34 -102.21
N GLU LA 26 -104.97 -65.73 -101.85
CA GLU LA 26 -105.15 -66.64 -100.73
C GLU LA 26 -104.55 -68.01 -101.04
N LYS LA 27 -104.70 -68.47 -102.28
CA LYS LA 27 -104.10 -69.74 -102.66
C LYS LA 27 -102.58 -69.63 -102.61
N LYS LA 28 -102.02 -68.48 -102.99
CA LYS LA 28 -100.56 -68.31 -102.88
C LYS LA 28 -100.13 -68.36 -101.42
N LYS LA 29 -100.86 -67.67 -100.55
CA LYS LA 29 -100.55 -67.71 -99.12
C LYS LA 29 -100.56 -69.14 -98.59
N GLN LA 30 -101.62 -69.88 -98.92
CA GLN LA 30 -101.75 -71.24 -98.40
C GLN LA 30 -100.69 -72.16 -98.98
N GLN LA 31 -100.36 -71.99 -100.27
CA GLN LA 31 -99.32 -72.79 -100.89
C GLN LA 31 -97.99 -72.53 -100.24
N MET LA 32 -97.67 -71.26 -99.96
CA MET LA 32 -96.42 -70.95 -99.27
C MET LA 32 -96.44 -71.50 -97.85
N LEU LA 33 -97.61 -71.51 -97.21
CA LEU LA 33 -97.69 -72.08 -95.87
C LEU LA 33 -97.38 -73.56 -95.86
N THR LA 34 -97.88 -74.30 -96.86
CA THR LA 34 -97.57 -75.72 -96.93
C THR LA 34 -96.14 -75.96 -97.39
N GLY LA 35 -95.58 -75.02 -98.17
CA GLY LA 35 -94.21 -75.17 -98.61
C GLY LA 35 -93.20 -74.90 -97.50
N VAL LA 36 -93.50 -73.93 -96.64
CA VAL LA 36 -92.60 -73.60 -95.53
C VAL LA 36 -92.34 -74.82 -94.67
N LEU LA 37 -93.40 -75.39 -94.10
CA LEU LA 37 -93.25 -76.56 -93.24
C LEU LA 37 -94.34 -77.59 -93.46
N GLY LA 38 -95.40 -77.24 -94.18
CA GLY LA 38 -96.63 -77.99 -94.04
C GLY LA 38 -97.36 -77.65 -92.77
N LEU LA 39 -97.22 -76.42 -92.30
CA LEU LA 39 -97.87 -75.97 -91.07
C LEU LA 39 -99.38 -76.18 -91.15
N GLN LA 40 -99.97 -76.46 -90.01
CA GLN LA 40 -101.42 -76.62 -89.93
C GLN LA 40 -102.08 -75.26 -89.82
N PRO LA 41 -103.33 -75.13 -90.31
CA PRO LA 41 -104.04 -73.85 -90.20
C PRO LA 41 -104.10 -73.31 -88.78
N THR LA 42 -104.10 -74.22 -87.81
CA THR LA 42 -104.04 -73.82 -86.41
C THR LA 42 -102.82 -72.96 -86.14
N MET LA 43 -101.70 -73.27 -86.79
CA MET LA 43 -100.51 -72.43 -86.65
C MET LA 43 -100.56 -71.26 -87.61
N ALA LA 44 -101.32 -71.38 -88.70
CA ALA LA 44 -101.51 -70.24 -89.59
C ALA LA 44 -102.23 -69.11 -88.88
N ASN LA 45 -103.07 -69.44 -87.90
CA ASN LA 45 -103.79 -68.41 -87.15
C ASN LA 45 -102.90 -67.69 -86.16
N HIS LA 46 -101.69 -68.19 -85.92
CA HIS LA 46 -100.80 -67.58 -84.95
C HIS LA 46 -100.41 -66.18 -85.41
N PRO LA 47 -100.24 -65.23 -84.48
CA PRO LA 47 -99.96 -63.84 -84.90
C PRO LA 47 -98.70 -63.68 -85.75
N VAL LA 48 -97.60 -64.32 -85.35
CA VAL LA 48 -96.38 -64.20 -86.13
C VAL LA 48 -96.60 -64.70 -87.55
N LEU LA 49 -97.37 -65.77 -87.70
CA LEU LA 49 -97.76 -66.20 -89.03
C LEU LA 49 -98.74 -65.22 -89.67
N GLY LA 50 -99.80 -64.86 -88.95
CA GLY LA 50 -100.80 -63.96 -89.49
C GLY LA 50 -100.24 -62.66 -90.05
N VAL LA 51 -99.08 -62.21 -89.54
CA VAL LA 51 -98.52 -60.96 -90.02
C VAL LA 51 -97.54 -61.19 -91.15
N PHE LA 52 -96.84 -62.33 -91.13
CA PHE LA 52 -95.74 -62.54 -92.07
C PHE LA 52 -96.12 -63.31 -93.32
N LEU LA 53 -97.16 -64.14 -93.26
CA LEU LA 53 -97.65 -64.79 -94.48
C LEU LA 53 -97.94 -63.82 -95.62
N PRO LA 54 -98.55 -62.64 -95.39
CA PRO LA 54 -98.71 -61.69 -96.50
C PRO LA 54 -97.40 -61.20 -97.06
N LYS LA 55 -96.36 -61.04 -96.25
CA LYS LA 55 -95.07 -60.60 -96.79
C LYS LA 55 -94.36 -61.75 -97.50
N TYR LA 56 -94.55 -62.98 -97.02
CA TYR LA 56 -94.01 -64.12 -97.73
C TYR LA 56 -94.79 -64.40 -99.00
N ALA LA 57 -95.97 -63.80 -99.14
CA ALA LA 57 -96.70 -63.90 -100.40
C ALA LA 57 -96.02 -63.09 -101.49
N LYS LA 58 -95.56 -61.88 -101.17
CA LYS LA 58 -94.89 -61.05 -102.16
C LYS LA 58 -93.43 -61.46 -102.28
N GLN LA 59 -93.21 -62.77 -102.39
CA GLN LA 59 -91.92 -63.39 -102.60
C GLN LA 59 -92.14 -64.90 -102.71
N ASN LA 60 -91.07 -65.65 -102.97
CA ASN LA 60 -91.09 -67.10 -103.17
C ASN LA 60 -91.71 -67.42 -104.53
N GLY LA 61 -92.24 -66.40 -105.20
CA GLY LA 61 -92.47 -66.53 -106.62
C GLY LA 61 -91.17 -66.43 -107.39
N GLY LA 62 -90.17 -65.79 -106.78
CA GLY LA 62 -88.83 -65.79 -107.31
C GLY LA 62 -88.08 -67.07 -106.96
N ASN LA 63 -86.88 -67.21 -107.48
CA ASN LA 63 -86.06 -68.41 -107.30
C ASN LA 63 -85.42 -68.51 -105.92
N VAL LA 64 -85.87 -67.68 -104.96
CA VAL LA 64 -85.06 -67.42 -103.77
C VAL LA 64 -84.67 -68.68 -103.02
N ASP LA 65 -85.63 -69.35 -102.39
CA ASP LA 65 -85.35 -70.58 -101.65
C ASP LA 65 -86.64 -71.06 -100.97
N LYS LA 66 -86.59 -72.28 -100.45
CA LYS LA 66 -87.60 -72.70 -99.48
C LYS LA 66 -87.02 -72.70 -98.07
N THR LA 67 -85.72 -72.99 -97.95
CA THR LA 67 -85.08 -73.06 -96.64
C THR LA 67 -85.00 -71.70 -95.96
N ALA LA 68 -84.80 -70.65 -96.77
CA ALA LA 68 -84.69 -69.32 -96.20
C ALA LA 68 -85.94 -68.94 -95.42
N PHE LA 69 -87.11 -69.34 -95.93
CA PHE LA 69 -88.36 -69.00 -95.26
C PHE LA 69 -88.49 -69.77 -93.95
N ARG LA 70 -88.05 -71.03 -93.93
CA ARG LA 70 -88.06 -71.77 -92.67
C ARG LA 70 -87.19 -71.09 -91.62
N LEU LA 71 -85.97 -70.72 -91.99
CA LEU LA 71 -85.10 -70.07 -91.01
C LEU LA 71 -85.65 -68.71 -90.61
N ASP LA 72 -86.24 -67.97 -91.55
CA ASP LA 72 -86.85 -66.70 -91.21
C ASP LA 72 -87.97 -66.88 -90.20
N LEU LA 73 -88.86 -67.84 -90.43
CA LEU LA 73 -89.91 -68.12 -89.48
C LEU LA 73 -89.33 -68.52 -88.13
N ILE LA 74 -88.24 -69.28 -88.14
CA ILE LA 74 -87.59 -69.68 -86.89
C ILE LA 74 -87.18 -68.45 -86.10
N ARG LA 75 -86.38 -67.58 -86.73
CA ARG LA 75 -85.85 -66.45 -85.98
C ARG LA 75 -86.92 -65.44 -85.61
N MET LA 76 -87.95 -65.29 -86.44
CA MET LA 76 -89.04 -64.38 -86.08
C MET LA 76 -89.89 -64.93 -84.95
N LEU LA 77 -90.26 -66.21 -85.02
CA LEU LA 77 -90.96 -66.84 -83.91
C LEU LA 77 -90.16 -66.74 -82.63
N ALA LA 78 -88.83 -66.83 -82.75
CA ALA LA 78 -87.98 -66.67 -81.57
C ALA LA 78 -88.01 -65.25 -81.04
N LEU LA 79 -87.84 -64.25 -81.90
CA LEU LA 79 -87.97 -62.86 -81.48
C LEU LA 79 -89.30 -62.60 -80.79
N HIS LA 80 -90.36 -63.24 -81.26
CA HIS LA 80 -91.68 -63.04 -80.67
C HIS LA 80 -91.72 -63.47 -79.21
N ARG LA 81 -91.10 -64.61 -78.90
CA ARG LA 81 -91.20 -65.20 -77.57
C ARG LA 81 -89.96 -64.84 -76.75
N LEU LA 82 -89.91 -63.60 -76.29
CA LEU LA 82 -88.93 -63.19 -75.28
C LEU LA 82 -89.68 -62.81 -74.01
N ASN LA 83 -89.81 -63.78 -73.12
CA ASN LA 83 -90.52 -63.59 -71.85
C ASN LA 83 -89.89 -62.47 -71.03
N LYS MA 23 -104.66 -10.69 -55.26
CA LYS MA 23 -105.07 -11.76 -56.18
C LYS MA 23 -103.97 -12.08 -57.18
N GLU MA 24 -103.24 -11.05 -57.59
CA GLU MA 24 -102.16 -11.22 -58.56
C GLU MA 24 -101.04 -12.10 -58.00
N GLU MA 25 -100.89 -12.09 -56.68
CA GLU MA 25 -99.87 -12.90 -56.02
C GLU MA 25 -100.20 -14.38 -56.09
N GLU MA 26 -101.48 -14.74 -55.99
CA GLU MA 26 -101.86 -16.13 -56.13
C GLU MA 26 -101.59 -16.64 -57.54
N LYS MA 27 -101.84 -15.80 -58.55
CA LYS MA 27 -101.53 -16.21 -59.91
C LYS MA 27 -100.03 -16.38 -60.09
N LYS MA 28 -99.22 -15.54 -59.45
CA LYS MA 28 -97.77 -15.73 -59.51
C LYS MA 28 -97.36 -17.04 -58.86
N LYS MA 29 -97.92 -17.34 -57.69
CA LYS MA 29 -97.63 -18.61 -57.03
C LYS MA 29 -97.98 -19.79 -57.93
N GLN MA 30 -99.18 -19.77 -58.53
CA GLN MA 30 -99.61 -20.89 -59.35
C GLN MA 30 -98.78 -20.99 -60.63
N GLN MA 31 -98.42 -19.85 -61.21
CA GLN MA 31 -97.58 -19.86 -62.41
C GLN MA 31 -96.22 -20.46 -62.10
N MET MA 32 -95.63 -20.07 -60.97
CA MET MA 32 -94.36 -20.66 -60.58
C MET MA 32 -94.50 -22.14 -60.28
N LEU MA 33 -95.64 -22.55 -59.74
CA LEU MA 33 -95.86 -23.97 -59.47
C LEU MA 33 -95.89 -24.78 -60.77
N THR MA 34 -96.54 -24.24 -61.80
CA THR MA 34 -96.55 -24.95 -63.08
C THR MA 34 -95.21 -24.85 -63.79
N GLY MA 35 -94.45 -23.78 -63.52
CA GLY MA 35 -93.15 -23.65 -64.15
C GLY MA 35 -92.11 -24.57 -63.52
N VAL MA 36 -92.19 -24.79 -62.21
CA VAL MA 36 -91.25 -25.67 -61.52
C VAL MA 36 -91.27 -27.06 -62.13
N LEU MA 37 -92.43 -27.70 -62.10
CA LEU MA 37 -92.56 -29.04 -62.64
C LEU MA 37 -93.85 -29.25 -63.41
N GLY MA 38 -94.80 -28.34 -63.29
CA GLY MA 38 -96.17 -28.68 -63.62
C GLY MA 38 -96.81 -29.50 -62.53
N LEU MA 39 -96.40 -29.28 -61.28
CA LEU MA 39 -96.95 -30.02 -60.15
C LEU MA 39 -98.46 -29.87 -60.08
N GLN MA 40 -99.11 -30.90 -59.59
CA GLN MA 40 -100.55 -30.88 -59.41
C GLN MA 40 -100.90 -30.20 -58.10
N PRO MA 41 -102.07 -29.56 -58.02
CA PRO MA 41 -102.48 -28.91 -56.78
C PRO MA 41 -102.43 -29.83 -55.57
N THR MA 42 -102.64 -31.13 -55.81
CA THR MA 42 -102.50 -32.12 -54.75
C THR MA 42 -101.11 -32.06 -54.12
N MET MA 43 -100.08 -31.80 -54.93
CA MET MA 43 -98.75 -31.64 -54.39
C MET MA 43 -98.52 -30.21 -53.91
N ALA MA 44 -99.28 -29.26 -54.44
CA ALA MA 44 -99.21 -27.89 -53.93
C ALA MA 44 -99.67 -27.83 -52.48
N ASN MA 45 -100.56 -28.73 -52.08
CA ASN MA 45 -101.04 -28.74 -50.70
C ASN MA 45 -100.01 -29.34 -49.74
N HIS MA 46 -98.95 -29.95 -50.26
CA HIS MA 46 -97.94 -30.57 -49.42
C HIS MA 46 -97.26 -29.50 -48.57
N PRO MA 47 -96.86 -29.82 -47.32
CA PRO MA 47 -96.29 -28.79 -46.44
C PRO MA 47 -95.03 -28.15 -47.00
N VAL MA 48 -94.09 -28.95 -47.52
CA VAL MA 48 -92.86 -28.38 -48.07
C VAL MA 48 -93.19 -27.40 -49.19
N LEU MA 49 -94.18 -27.72 -50.02
CA LEU MA 49 -94.65 -26.76 -51.00
C LEU MA 49 -95.37 -25.60 -50.34
N GLY MA 50 -96.33 -25.90 -49.46
CA GLY MA 50 -97.10 -24.85 -48.80
C GLY MA 50 -96.26 -23.79 -48.12
N VAL MA 51 -95.03 -24.13 -47.71
CA VAL MA 51 -94.20 -23.16 -47.01
C VAL MA 51 -93.29 -22.43 -48.00
N PHE MA 52 -92.86 -23.10 -49.06
CA PHE MA 52 -91.83 -22.56 -49.93
C PHE MA 52 -92.38 -21.84 -51.16
N LEU MA 53 -93.57 -22.19 -51.63
CA LEU MA 53 -94.19 -21.43 -52.71
C LEU MA 53 -94.25 -19.93 -52.44
N PRO MA 54 -94.57 -19.45 -51.24
CA PRO MA 54 -94.50 -17.99 -51.01
C PRO MA 54 -93.11 -17.42 -51.15
N LYS MA 55 -92.07 -18.16 -50.78
CA LYS MA 55 -90.72 -17.64 -50.94
C LYS MA 55 -90.28 -17.71 -52.39
N TYR MA 56 -90.75 -18.73 -53.12
CA TYR MA 56 -90.47 -18.77 -54.56
C TYR MA 56 -91.29 -17.74 -55.32
N ALA MA 57 -92.30 -17.17 -54.67
CA ALA MA 57 -93.02 -16.05 -55.27
C ALA MA 57 -92.17 -14.79 -55.30
N LYS MA 58 -91.46 -14.51 -54.22
CA LYS MA 58 -90.61 -13.33 -54.17
C LYS MA 58 -89.28 -13.62 -54.86
N GLN MA 59 -89.36 -14.22 -56.03
CA GLN MA 59 -88.23 -14.52 -56.91
C GLN MA 59 -88.79 -15.17 -58.17
N ASN MA 60 -87.91 -15.46 -59.13
CA ASN MA 60 -88.26 -16.03 -60.44
C ASN MA 60 -88.92 -14.96 -61.30
N GLY MA 61 -89.22 -13.80 -60.71
CA GLY MA 61 -89.45 -12.62 -61.52
C GLY MA 61 -88.16 -12.09 -62.09
N GLY MA 62 -87.04 -12.41 -61.43
CA GLY MA 62 -85.74 -12.13 -61.96
C GLY MA 62 -85.31 -13.17 -62.98
N ASN MA 63 -84.16 -12.94 -63.60
CA ASN MA 63 -83.63 -13.81 -64.63
C ASN MA 63 -83.04 -15.12 -64.12
N VAL MA 64 -83.28 -15.45 -62.85
CA VAL MA 64 -82.46 -16.43 -62.15
C VAL MA 64 -82.36 -17.76 -62.88
N ASP MA 65 -83.45 -18.53 -62.93
CA ASP MA 65 -83.47 -19.81 -63.61
C ASP MA 65 -84.83 -20.48 -63.40
N LYS MA 66 -85.07 -21.54 -64.15
CA LYS MA 66 -86.14 -22.47 -63.80
C LYS MA 66 -85.58 -23.74 -63.16
N THR MA 67 -84.39 -24.15 -63.58
CA THR MA 67 -83.79 -25.38 -63.07
C THR MA 67 -83.41 -25.27 -61.61
N ALA MA 68 -82.98 -24.08 -61.18
CA ALA MA 68 -82.56 -23.88 -59.80
C ALA MA 68 -83.71 -24.19 -58.85
N PHE MA 69 -84.93 -23.82 -59.24
CA PHE MA 69 -86.08 -24.07 -58.37
C PHE MA 69 -86.39 -25.56 -58.29
N ARG MA 70 -86.24 -26.28 -59.40
CA ARG MA 70 -86.43 -27.72 -59.35
C ARG MA 70 -85.44 -28.37 -58.40
N LEU MA 71 -84.16 -28.03 -58.53
CA LEU MA 71 -83.17 -28.63 -57.63
C LEU MA 71 -83.40 -28.21 -56.18
N ASP MA 72 -83.81 -26.97 -55.96
CA ASP MA 72 -84.11 -26.52 -54.61
C ASP MA 72 -85.25 -27.33 -54.01
N LEU MA 73 -86.33 -27.52 -54.78
CA LEU MA 73 -87.43 -28.34 -54.29
C LEU MA 73 -86.96 -29.76 -54.03
N ILE MA 74 -86.07 -30.28 -54.88
CA ILE MA 74 -85.55 -31.63 -54.66
C ILE MA 74 -84.86 -31.72 -53.31
N ARG MA 75 -83.89 -30.84 -53.06
CA ARG MA 75 -83.11 -30.96 -51.83
C ARG MA 75 -83.94 -30.63 -50.60
N MET MA 76 -84.91 -29.71 -50.73
CA MET MA 76 -85.76 -29.42 -49.58
C MET MA 76 -86.72 -30.56 -49.27
N LEU MA 77 -87.36 -31.11 -50.29
CA LEU MA 77 -88.21 -32.29 -50.10
C LEU MA 77 -87.39 -33.42 -49.50
N ALA MA 78 -86.12 -33.54 -49.89
CA ALA MA 78 -85.27 -34.56 -49.29
C ALA MA 78 -84.99 -34.28 -47.83
N LEU MA 79 -84.58 -33.06 -47.49
CA LEU MA 79 -84.41 -32.68 -46.08
C LEU MA 79 -85.64 -32.98 -45.26
N HIS MA 80 -86.82 -32.78 -45.85
CA HIS MA 80 -88.06 -33.01 -45.10
C HIS MA 80 -88.21 -34.46 -44.70
N ARG MA 81 -87.86 -35.39 -45.60
CA ARG MA 81 -88.10 -36.81 -45.36
C ARG MA 81 -86.83 -37.47 -44.86
N LEU MA 82 -86.50 -37.24 -43.60
CA LEU MA 82 -85.46 -38.01 -42.91
C LEU MA 82 -86.11 -38.81 -41.79
N ASN MA 83 -86.47 -40.05 -42.10
CA ASN MA 83 -87.12 -40.93 -41.14
C ASN MA 83 -86.26 -41.13 -39.90
N LYS NA 23 -89.94 -26.80 14.57
CA LYS NA 23 -90.37 -26.99 13.19
C LYS NA 23 -89.36 -26.40 12.21
N GLU NA 24 -88.45 -25.56 12.72
CA GLU NA 24 -87.44 -24.94 11.90
C GLU NA 24 -86.54 -25.98 11.24
N GLU NA 25 -86.41 -27.14 11.89
CA GLU NA 25 -85.58 -28.21 11.36
C GLU NA 25 -86.20 -28.85 10.14
N GLU NA 26 -87.53 -28.97 10.12
CA GLU NA 26 -88.19 -29.50 8.93
C GLU NA 26 -88.02 -28.57 7.74
N LYS NA 27 -88.08 -27.25 7.99
CA LYS NA 27 -87.85 -26.32 6.90
C LYS NA 27 -86.41 -26.41 6.39
N LYS NA 28 -85.46 -26.65 7.29
CA LYS NA 28 -84.08 -26.84 6.84
C LYS NA 28 -83.96 -28.10 5.99
N LYS NA 29 -84.57 -29.19 6.43
CA LYS NA 29 -84.56 -30.43 5.65
C LYS NA 29 -85.14 -30.19 4.25
N GLN NA 30 -86.30 -29.54 4.18
CA GLN NA 30 -86.95 -29.33 2.89
C GLN NA 30 -86.15 -28.37 2.01
N GLN NA 31 -85.56 -27.34 2.62
CA GLN NA 31 -84.74 -26.42 1.85
C GLN NA 31 -83.52 -27.13 1.27
N MET NA 32 -82.87 -27.98 2.06
CA MET NA 32 -81.75 -28.75 1.54
C MET NA 32 -82.21 -29.73 0.46
N LEU NA 33 -83.42 -30.27 0.60
CA LEU NA 33 -83.92 -31.18 -0.43
C LEU NA 33 -84.10 -30.46 -1.75
N THR NA 34 -84.62 -29.23 -1.72
CA THR NA 34 -84.78 -28.48 -2.96
C THR NA 34 -83.43 -27.97 -3.47
N GLY NA 35 -82.48 -27.75 -2.57
CA GLY NA 35 -81.17 -27.30 -3.01
C GLY NA 35 -80.35 -28.40 -3.65
N VAL NA 36 -80.48 -29.63 -3.15
CA VAL NA 36 -79.74 -30.77 -3.70
C VAL NA 36 -80.05 -30.92 -5.18
N LEU NA 37 -81.32 -31.14 -5.51
CA LEU NA 37 -81.72 -31.33 -6.90
C LEU NA 37 -83.02 -30.63 -7.23
N GLY NA 38 -83.76 -30.17 -6.23
CA GLY NA 38 -85.17 -29.91 -6.44
C GLY NA 38 -85.99 -31.18 -6.48
N LEU NA 39 -85.55 -32.19 -5.73
CA LEU NA 39 -86.23 -33.47 -5.68
C LEU NA 39 -87.68 -33.30 -5.25
N GLN NA 40 -88.54 -34.16 -5.77
CA GLN NA 40 -89.94 -34.13 -5.39
C GLN NA 40 -90.14 -34.88 -4.09
N PRO NA 41 -91.16 -34.52 -3.32
CA PRO NA 41 -91.43 -35.22 -2.06
C PRO NA 41 -91.58 -36.72 -2.24
N THR NA 42 -92.06 -37.13 -3.41
CA THR NA 42 -92.13 -38.55 -3.73
C THR NA 42 -90.77 -39.22 -3.60
N MET NA 43 -89.70 -38.51 -3.98
CA MET NA 43 -88.36 -39.04 -3.80
C MET NA 43 -87.84 -38.77 -2.40
N ALA NA 44 -88.40 -37.75 -1.72
CA ALA NA 44 -88.04 -37.52 -0.33
C ALA NA 44 -88.48 -38.69 0.54
N ASN NA 45 -89.55 -39.38 0.14
CA ASN NA 45 -90.02 -40.53 0.92
C ASN NA 45 -89.14 -41.76 0.73
N HIS NA 46 -88.24 -41.73 -0.24
CA HIS NA 46 -87.38 -42.87 -0.51
C HIS NA 46 -86.49 -43.16 0.70
N PRO NA 47 -86.18 -44.44 0.99
CA PRO NA 47 -85.41 -44.73 2.21
C PRO NA 47 -84.04 -44.09 2.25
N VAL NA 48 -83.29 -44.13 1.15
CA VAL NA 48 -81.97 -43.51 1.13
C VAL NA 48 -82.07 -42.03 1.45
N LEU NA 49 -83.11 -41.37 0.92
CA LEU NA 49 -83.36 -39.99 1.31
C LEU NA 49 -83.84 -39.91 2.76
N GLY NA 50 -84.84 -40.70 3.12
CA GLY NA 50 -85.38 -40.66 4.48
C GLY NA 50 -84.33 -40.81 5.57
N VAL NA 51 -83.22 -41.47 5.27
CA VAL NA 51 -82.20 -41.67 6.31
C VAL NA 51 -81.15 -40.57 6.26
N PHE NA 52 -80.87 -40.04 5.07
CA PHE NA 52 -79.74 -39.13 4.91
C PHE NA 52 -80.12 -37.66 4.99
N LEU NA 53 -81.37 -37.30 4.67
CA LEU NA 53 -81.80 -35.92 4.85
C LEU NA 53 -81.55 -35.40 6.27
N PRO NA 54 -81.77 -36.16 7.35
CA PRO NA 54 -81.41 -35.64 8.68
C PRO NA 54 -79.93 -35.39 8.85
N LYS NA 55 -79.06 -36.20 8.22
CA LYS NA 55 -77.63 -35.95 8.35
C LYS NA 55 -77.21 -34.77 7.47
N TYR NA 56 -77.86 -34.60 6.32
CA TYR NA 56 -77.60 -33.43 5.51
C TYR NA 56 -78.18 -32.17 6.15
N ALA NA 57 -79.05 -32.33 7.14
CA ALA NA 57 -79.53 -31.18 7.88
C ALA NA 57 -78.43 -30.62 8.79
N LYS NA 58 -77.69 -31.50 9.45
CA LYS NA 58 -76.61 -31.04 10.32
C LYS NA 58 -75.37 -30.74 9.51
N GLN NA 59 -75.57 -30.01 8.40
CA GLN NA 59 -74.52 -29.53 7.51
C GLN NA 59 -75.18 -28.70 6.42
N ASN NA 60 -74.38 -28.12 5.53
CA ASN NA 60 -74.83 -27.24 4.45
C ASN NA 60 -75.25 -25.89 5.03
N GLY NA 61 -75.30 -25.80 6.35
CA GLY NA 61 -75.29 -24.48 6.97
C GLY NA 61 -73.91 -23.88 6.92
N GLY NA 62 -72.90 -24.72 6.78
CA GLY NA 62 -71.54 -24.27 6.52
C GLY NA 62 -71.33 -23.96 5.06
N ASN NA 63 -70.16 -23.44 4.73
CA ASN NA 63 -69.82 -23.03 3.37
C ASN NA 63 -69.52 -24.20 2.43
N VAL NA 64 -69.84 -25.42 2.84
CA VAL NA 64 -69.23 -26.60 2.22
C VAL NA 64 -69.41 -26.64 0.71
N ASP NA 65 -70.63 -26.88 0.23
CA ASP NA 65 -70.91 -26.93 -1.20
C ASP NA 65 -72.37 -27.28 -1.41
N LYS NA 66 -72.83 -27.13 -2.65
CA LYS NA 66 -74.07 -27.78 -3.06
C LYS NA 66 -73.80 -29.01 -3.90
N THR NA 67 -72.71 -28.99 -4.67
CA THR NA 67 -72.38 -30.11 -5.57
C THR NA 67 -71.99 -31.35 -4.78
N ALA NA 68 -71.32 -31.17 -3.64
CA ALA NA 68 -70.89 -32.32 -2.86
C ALA NA 68 -72.08 -33.16 -2.43
N PHE NA 69 -73.20 -32.51 -2.09
CA PHE NA 69 -74.38 -33.25 -1.66
C PHE NA 69 -74.99 -34.02 -2.82
N ARG NA 70 -74.99 -33.44 -4.02
CA ARG NA 70 -75.47 -34.18 -5.18
C ARG NA 70 -74.64 -35.44 -5.42
N LEU NA 71 -73.31 -35.30 -5.41
CA LEU NA 71 -72.48 -36.47 -5.64
C LEU NA 71 -72.63 -37.49 -4.52
N ASP NA 72 -72.77 -37.02 -3.27
CA ASP NA 72 -72.98 -37.93 -2.16
C ASP NA 72 -74.27 -38.72 -2.34
N LEU NA 73 -75.35 -38.03 -2.69
CA LEU NA 73 -76.61 -38.74 -2.95
C LEU NA 73 -76.44 -39.71 -4.09
N ILE NA 74 -75.68 -39.35 -5.12
CA ILE NA 74 -75.44 -40.25 -6.25
C ILE NA 74 -74.80 -41.54 -5.76
N ARG NA 75 -73.68 -41.43 -5.06
CA ARG NA 75 -72.94 -42.63 -4.67
C ARG NA 75 -73.69 -43.43 -3.62
N MET NA 76 -74.44 -42.77 -2.74
CA MET NA 76 -75.23 -43.51 -1.76
C MET NA 76 -76.41 -44.25 -2.40
N LEU NA 77 -77.15 -43.56 -3.28
CA LEU NA 77 -78.20 -44.22 -4.01
C LEU NA 77 -77.66 -45.38 -4.81
N ALA NA 78 -76.44 -45.25 -5.33
CA ALA NA 78 -75.81 -46.36 -6.03
C ALA NA 78 -75.49 -47.52 -5.11
N LEU NA 79 -74.83 -47.25 -3.97
CA LEU NA 79 -74.59 -48.29 -2.97
C LEU NA 79 -75.88 -49.01 -2.59
N HIS NA 80 -76.99 -48.28 -2.50
CA HIS NA 80 -78.25 -48.89 -2.10
C HIS NA 80 -78.70 -49.94 -3.11
N ARG NA 81 -78.54 -49.67 -4.40
CA ARG NA 81 -79.08 -50.55 -5.43
C ARG NA 81 -77.97 -51.45 -5.97
N LEU NA 82 -77.59 -52.46 -5.19
CA LEU NA 82 -76.75 -53.54 -5.66
C LEU NA 82 -77.56 -54.83 -5.66
N ASN NA 83 -78.16 -55.15 -6.80
CA ASN NA 83 -78.99 -56.33 -6.95
C ASN NA 83 -78.20 -57.60 -6.63
N LYS OA 23 -78.68 -95.10 34.18
CA LYS OA 23 -79.21 -93.75 34.23
C LYS OA 23 -78.11 -92.72 34.01
N GLU OA 24 -76.95 -92.97 34.59
CA GLU OA 24 -75.82 -92.05 34.46
C GLU OA 24 -75.18 -92.14 33.07
N GLU OA 25 -75.27 -93.32 32.46
CA GLU OA 25 -74.69 -93.54 31.14
C GLU OA 25 -75.45 -92.74 30.08
N GLU OA 26 -76.77 -92.62 30.23
CA GLU OA 26 -77.54 -91.82 29.28
C GLU OA 26 -77.15 -90.35 29.39
N LYS OA 27 -76.92 -89.87 30.61
CA LYS OA 27 -76.49 -88.49 30.77
C LYS OA 27 -75.11 -88.28 30.14
N LYS OA 28 -74.23 -89.28 30.25
CA LYS OA 28 -72.92 -89.17 29.58
C LYS OA 28 -73.09 -89.11 28.08
N LYS OA 29 -73.94 -89.98 27.52
CA LYS OA 29 -74.21 -89.94 26.08
C LYS OA 29 -74.72 -88.57 25.65
N GLN OA 30 -75.70 -88.03 26.38
CA GLN OA 30 -76.29 -86.76 25.98
C GLN OA 30 -75.29 -85.61 26.15
N GLN OA 31 -74.49 -85.65 27.21
CA GLN OA 31 -73.47 -84.63 27.41
C GLN OA 31 -72.45 -84.65 26.29
N MET OA 32 -72.02 -85.84 25.88
CA MET OA 32 -71.10 -85.93 24.75
C MET OA 32 -71.76 -85.47 23.46
N LEU OA 33 -73.06 -85.72 23.31
CA LEU OA 33 -73.75 -85.26 22.13
C LEU OA 33 -73.78 -83.74 22.05
N THR OA 34 -74.00 -83.07 23.17
CA THR OA 34 -73.99 -81.62 23.17
C THR OA 34 -72.56 -81.08 23.06
N GLY OA 35 -71.58 -81.84 23.53
CA GLY OA 35 -70.20 -81.40 23.42
C GLY OA 35 -69.65 -81.52 22.02
N VAL OA 36 -70.06 -82.56 21.30
CA VAL OA 36 -69.60 -82.77 19.91
C VAL OA 36 -69.94 -81.56 19.06
N LEU OA 37 -71.22 -81.24 18.95
CA LEU OA 37 -71.64 -80.12 18.14
C LEU OA 37 -72.76 -79.31 18.79
N GLY OA 38 -73.38 -79.84 19.84
CA GLY OA 38 -74.69 -79.35 20.21
C GLY OA 38 -75.76 -79.89 19.31
N LEU OA 39 -75.57 -81.10 18.78
CA LEU OA 39 -76.53 -81.72 17.88
C LEU OA 39 -77.90 -81.81 18.53
N GLN OA 40 -78.92 -81.72 17.72
CA GLN OA 40 -80.28 -81.85 18.20
C GLN OA 40 -80.66 -83.33 18.31
N PRO OA 41 -81.57 -83.66 19.21
CA PRO OA 41 -82.00 -85.07 19.36
C PRO OA 41 -82.47 -85.67 18.05
N THR OA 42 -83.03 -84.83 17.18
CA THR OA 42 -83.42 -85.28 15.85
C THR OA 42 -82.24 -85.90 15.11
N MET OA 43 -81.05 -85.34 15.29
CA MET OA 43 -79.87 -85.93 14.69
C MET OA 43 -79.29 -87.04 15.56
N ALA OA 44 -79.61 -87.01 16.86
CA ALA OA 44 -79.21 -88.12 17.72
C ALA OA 44 -79.89 -89.42 17.30
N ASN OA 45 -81.09 -89.31 16.73
CA ASN OA 45 -81.81 -90.50 16.27
C ASN OA 45 -81.24 -91.07 14.99
N HIS OA 46 -80.35 -90.34 14.33
CA HIS OA 46 -79.78 -90.81 13.08
C HIS OA 46 -78.97 -92.10 13.31
N PRO OA 47 -78.96 -93.03 12.36
CA PRO OA 47 -78.28 -94.31 12.60
C PRO OA 47 -76.79 -94.18 12.90
N VAL OA 48 -76.08 -93.36 12.13
CA VAL OA 48 -74.64 -93.18 12.38
C VAL OA 48 -74.42 -92.67 13.79
N LEU OA 49 -75.28 -91.77 14.26
CA LEU OA 49 -75.20 -91.36 15.65
C LEU OA 49 -75.64 -92.48 16.58
N GLY OA 50 -76.80 -93.08 16.31
CA GLY OA 50 -77.32 -94.14 17.16
C GLY OA 50 -76.34 -95.27 17.42
N VAL OA 51 -75.39 -95.49 16.50
CA VAL OA 51 -74.45 -96.60 16.69
C VAL OA 51 -73.18 -96.12 17.37
N PHE OA 52 -72.79 -94.86 17.13
CA PHE OA 52 -71.48 -94.39 17.58
C PHE OA 52 -71.52 -93.65 18.91
N LEU OA 53 -72.65 -93.05 19.27
CA LEU OA 53 -72.76 -92.45 20.59
C LEU OA 53 -72.40 -93.40 21.73
N PRO OA 54 -72.79 -94.68 21.71
CA PRO OA 54 -72.32 -95.59 22.77
C PRO OA 54 -70.82 -95.78 22.79
N LYS OA 55 -70.16 -95.77 21.63
CA LYS OA 55 -68.71 -95.91 21.62
C LYS OA 55 -68.03 -94.62 22.05
N TYR OA 56 -68.63 -93.48 21.71
CA TYR OA 56 -68.10 -92.21 22.20
C TYR OA 56 -68.39 -92.03 23.68
N ALA OA 57 -69.28 -92.85 24.24
CA ALA OA 57 -69.49 -92.84 25.68
C ALA OA 57 -68.29 -93.44 26.41
N LYS OA 58 -67.76 -94.54 25.89
CA LYS OA 58 -66.61 -95.18 26.52
C LYS OA 58 -65.33 -94.47 26.10
N GLN OA 59 -65.35 -93.14 26.16
CA GLN OA 59 -64.23 -92.27 25.88
C GLN OA 59 -64.69 -90.83 26.11
N ASN OA 60 -63.77 -89.87 25.97
CA ASN OA 60 -64.01 -88.45 26.21
C ASN OA 60 -64.12 -88.19 27.71
N GLY OA 61 -64.15 -89.26 28.50
CA GLY OA 61 -63.84 -89.11 29.92
C GLY OA 61 -62.35 -88.91 30.12
N GLY OA 62 -61.56 -89.36 29.16
CA GLY OA 62 -60.14 -89.06 29.13
C GLY OA 62 -59.87 -87.69 28.57
N ASN OA 63 -58.60 -87.28 28.60
CA ASN OA 63 -58.18 -85.96 28.15
C ASN OA 63 -58.15 -85.80 26.64
N VAL OA 64 -58.74 -86.74 25.89
CA VAL OA 64 -58.41 -86.90 24.48
C VAL OA 64 -58.60 -85.62 23.68
N ASP OA 65 -59.84 -85.18 23.47
CA ASP OA 65 -60.13 -83.96 22.73
C ASP OA 65 -61.63 -83.79 22.60
N LYS OA 66 -62.04 -82.62 22.15
CA LYS OA 66 -63.40 -82.45 21.64
C LYS OA 66 -63.40 -82.41 20.11
N THR OA 67 -62.34 -81.87 19.52
CA THR OA 67 -62.28 -81.74 18.07
C THR OA 67 -62.18 -83.09 17.37
N ALA OA 68 -61.49 -84.04 18.00
CA ALA OA 68 -61.32 -85.35 17.39
C ALA OA 68 -62.68 -86.00 17.15
N PHE OA 69 -63.61 -85.82 18.08
CA PHE OA 69 -64.93 -86.43 17.92
C PHE OA 69 -65.71 -85.77 16.79
N ARG OA 70 -65.56 -84.45 16.63
CA ARG OA 70 -66.21 -83.79 15.49
C ARG OA 70 -65.68 -84.33 14.18
N LEU OA 71 -64.36 -84.43 14.03
CA LEU OA 71 -63.81 -84.94 12.79
C LEU OA 71 -64.18 -86.41 12.57
N ASP OA 72 -64.22 -87.20 13.64
CA ASP OA 72 -64.63 -88.58 13.52
C ASP OA 72 -66.06 -88.69 13.02
N LEU OA 73 -66.97 -87.90 13.60
CA LEU OA 73 -68.35 -87.90 13.13
C LEU OA 73 -68.40 -87.46 11.68
N ILE OA 74 -67.57 -86.49 11.30
CA ILE OA 74 -67.55 -86.03 9.91
C ILE OA 74 -67.22 -87.19 8.98
N ARG OA 75 -66.09 -87.85 9.23
CA ARG OA 75 -65.66 -88.89 8.30
C ARG OA 75 -66.56 -90.11 8.34
N MET OA 76 -67.16 -90.43 9.50
CA MET OA 76 -68.08 -91.54 9.55
C MET OA 76 -69.39 -91.23 8.84
N LEU OA 77 -69.96 -90.05 9.08
CA LEU OA 77 -71.14 -89.64 8.35
C LEU OA 77 -70.87 -89.63 6.86
N ALA OA 78 -69.66 -89.27 6.46
CA ALA OA 78 -69.29 -89.32 5.05
C ALA OA 78 -69.24 -90.74 4.52
N LEU OA 79 -68.55 -91.65 5.22
CA LEU OA 79 -68.54 -93.06 4.84
C LEU OA 79 -69.96 -93.60 4.70
N HIS OA 80 -70.88 -93.16 5.56
CA HIS OA 80 -72.24 -93.66 5.51
C HIS OA 80 -72.92 -93.31 4.19
N ARG OA 81 -72.70 -92.09 3.70
CA ARG OA 81 -73.42 -91.60 2.52
C ARG OA 81 -72.54 -91.75 1.29
N LEU OA 82 -72.41 -92.97 0.80
CA LEU OA 82 -71.83 -93.23 -0.51
C LEU OA 82 -72.90 -93.81 -1.41
N ASN OA 83 -73.57 -92.92 -2.16
CA ASN OA 83 -74.64 -93.32 -3.07
C ASN OA 83 -74.16 -94.34 -4.09
N LYS PA 23 -83.78 -149.13 -14.62
CA LYS PA 23 -84.04 -147.99 -13.73
C LYS PA 23 -82.74 -147.37 -13.25
N GLU PA 24 -81.69 -148.17 -13.20
CA GLU PA 24 -80.38 -147.70 -12.74
C GLU PA 24 -79.81 -146.62 -13.66
N GLU PA 25 -80.00 -146.77 -14.96
CA GLU PA 25 -79.50 -145.81 -15.94
C GLU PA 25 -79.96 -144.39 -15.61
N GLU PA 26 -81.22 -144.25 -15.22
CA GLU PA 26 -81.77 -142.94 -14.89
C GLU PA 26 -81.09 -142.36 -13.66
N LYS PA 27 -80.79 -143.20 -12.67
CA LYS PA 27 -80.07 -142.71 -11.50
C LYS PA 27 -78.67 -142.26 -11.88
N LYS PA 28 -78.02 -142.97 -12.82
CA LYS PA 28 -76.71 -142.52 -13.29
C LYS PA 28 -76.81 -141.17 -13.98
N LYS PA 29 -77.81 -141.00 -14.85
CA LYS PA 29 -78.02 -139.72 -15.51
C LYS PA 29 -78.21 -138.59 -14.50
N GLN PA 30 -79.07 -138.82 -13.50
CA GLN PA 30 -79.36 -137.77 -12.53
C GLN PA 30 -78.15 -137.49 -11.64
N GLN PA 31 -77.40 -138.54 -11.28
CA GLN PA 31 -76.20 -138.34 -10.48
C GLN PA 31 -75.18 -137.51 -11.25
N MET PA 32 -74.99 -137.82 -12.54
CA MET PA 32 -74.07 -137.01 -13.34
C MET PA 32 -74.58 -135.59 -13.50
N LEU PA 33 -75.91 -135.41 -13.56
CA LEU PA 33 -76.45 -134.06 -13.67
C LEU PA 33 -76.14 -133.24 -12.42
N THR PA 34 -76.24 -133.86 -11.24
CA THR PA 34 -75.91 -133.13 -10.02
C THR PA 34 -74.41 -132.97 -9.87
N GLY PA 35 -73.62 -133.88 -10.44
CA GLY PA 35 -72.18 -133.76 -10.35
C GLY PA 35 -71.63 -132.68 -11.27
N VAL PA 36 -72.23 -132.52 -12.45
CA VAL PA 36 -71.78 -131.51 -13.40
C VAL PA 36 -71.83 -130.13 -12.76
N LEU PA 37 -73.01 -129.70 -12.33
CA LEU PA 37 -73.16 -128.40 -11.73
C LEU PA 37 -74.09 -128.40 -10.52
N GLY PA 38 -74.84 -129.48 -10.32
CA GLY PA 38 -76.03 -129.38 -9.50
C GLY PA 38 -77.16 -128.72 -10.24
N LEU PA 39 -77.21 -128.89 -11.56
CA LEU PA 39 -78.26 -128.29 -12.37
C LEU PA 39 -79.64 -128.71 -11.89
N GLN PA 40 -80.59 -127.83 -12.05
CA GLN PA 40 -81.96 -128.13 -11.69
C GLN PA 40 -82.65 -128.89 -12.80
N PRO PA 41 -83.64 -129.72 -12.48
CA PRO PA 41 -84.36 -130.47 -13.50
C PRO PA 41 -84.92 -129.59 -14.61
N THR PA 42 -85.26 -128.34 -14.25
CA THR PA 42 -85.70 -127.38 -15.25
C THR PA 42 -84.66 -127.20 -16.35
N MET PA 43 -83.38 -127.25 -15.98
CA MET PA 43 -82.33 -127.18 -16.99
C MET PA 43 -82.05 -128.55 -17.58
N ALA PA 44 -82.38 -129.61 -16.85
CA ALA PA 44 -82.26 -130.95 -17.40
C ALA PA 44 -83.19 -131.14 -18.59
N ASN PA 45 -84.32 -130.43 -18.58
CA ASN PA 45 -85.26 -130.54 -19.68
C ASN PA 45 -84.79 -129.79 -20.94
N HIS PA 46 -83.74 -128.98 -20.81
CA HIS PA 46 -83.25 -128.22 -21.94
C HIS PA 46 -82.74 -129.16 -23.04
N PRO PA 47 -82.91 -128.81 -24.32
CA PRO PA 47 -82.52 -129.75 -25.39
C PRO PA 47 -81.06 -130.13 -25.37
N VAL PA 48 -80.16 -129.16 -25.19
CA VAL PA 48 -78.73 -129.49 -25.16
C VAL PA 48 -78.43 -130.48 -24.05
N LEU PA 49 -79.09 -130.31 -22.91
CA LEU PA 49 -78.97 -131.32 -21.86
C LEU PA 49 -79.69 -132.61 -22.26
N GLY PA 50 -80.94 -132.52 -22.70
CA GLY PA 50 -81.69 -133.70 -23.07
C GLY PA 50 -80.98 -134.61 -24.06
N VAL PA 51 -80.09 -134.07 -24.88
CA VAL PA 51 -79.41 -134.89 -25.88
C VAL PA 51 -78.08 -135.42 -25.33
N PHE PA 52 -77.42 -134.64 -24.47
CA PHE PA 52 -76.06 -134.98 -24.07
C PHE PA 52 -75.98 -135.74 -22.75
N LEU PA 53 -76.96 -135.61 -21.87
CA LEU PA 53 -76.98 -136.43 -20.67
C LEU PA 53 -76.87 -137.93 -20.96
N PRO PA 54 -77.53 -138.50 -21.98
CA PRO PA 54 -77.30 -139.92 -22.28
C PRO PA 54 -75.87 -140.23 -22.69
N LYS PA 55 -75.19 -139.31 -23.39
CA LYS PA 55 -73.80 -139.58 -23.76
C LYS PA 55 -72.88 -139.39 -22.57
N TYR PA 56 -73.20 -138.46 -21.68
CA TYR PA 56 -72.43 -138.33 -20.45
C TYR PA 56 -72.72 -139.48 -19.49
N ALA PA 57 -73.78 -140.23 -19.73
CA ALA PA 57 -74.01 -141.44 -18.95
C ALA PA 57 -73.01 -142.53 -19.29
N LYS PA 58 -72.71 -142.70 -20.58
CA LYS PA 58 -71.74 -143.71 -20.98
C LYS PA 58 -70.32 -143.18 -20.83
N GLN PA 59 -70.07 -142.57 -19.68
CA GLN PA 59 -68.77 -142.04 -19.27
C GLN PA 59 -68.92 -141.48 -17.87
N ASN PA 60 -67.82 -141.00 -17.28
CA ASN PA 60 -67.75 -140.47 -15.92
C ASN PA 60 -67.85 -141.61 -14.92
N GLY PA 61 -68.13 -142.82 -15.41
CA GLY PA 61 -67.83 -144.01 -14.62
C GLY PA 61 -66.35 -144.29 -14.60
N GLY PA 62 -65.64 -143.79 -15.60
CA GLY PA 62 -64.18 -143.81 -15.61
C GLY PA 62 -63.61 -142.69 -14.78
N ASN PA 63 -62.29 -142.69 -14.64
CA ASN PA 63 -61.58 -141.71 -13.83
C ASN PA 63 -61.47 -140.33 -14.47
N VAL PA 64 -62.22 -140.07 -15.54
CA VAL PA 64 -61.89 -138.99 -16.46
C VAL PA 64 -61.77 -137.63 -15.75
N ASP PA 65 -62.89 -137.08 -15.28
CA ASP PA 65 -62.88 -135.80 -14.59
C ASP PA 65 -64.31 -135.40 -14.26
N LYS PA 66 -64.45 -134.37 -13.42
CA LYS PA 66 -65.72 -133.67 -13.31
C LYS PA 66 -65.68 -132.34 -14.06
N THR PA 67 -64.50 -131.70 -14.09
CA THR PA 67 -64.36 -130.40 -14.72
C THR PA 67 -64.54 -130.48 -16.23
N ALA PA 68 -64.08 -131.58 -16.83
CA ALA PA 68 -64.19 -131.74 -18.28
C ALA PA 68 -65.65 -131.66 -18.72
N PHE PA 69 -66.55 -132.24 -17.93
CA PHE PA 69 -67.95 -132.23 -18.30
C PHE PA 69 -68.53 -130.82 -18.19
N ARG PA 70 -68.11 -130.05 -17.19
CA ARG PA 70 -68.56 -128.67 -17.10
C ARG PA 70 -68.13 -127.88 -18.33
N LEU PA 71 -66.85 -127.99 -18.70
CA LEU PA 71 -66.39 -127.24 -19.86
C LEU PA 71 -67.06 -127.73 -21.15
N ASP PA 72 -67.30 -129.04 -21.25
CA ASP PA 72 -68.00 -129.56 -22.42
C ASP PA 72 -69.41 -128.98 -22.52
N LEU PA 73 -70.14 -128.97 -21.40
CA LEU PA 73 -71.46 -128.37 -21.41
C LEU PA 73 -71.39 -126.90 -21.76
N ILE PA 74 -70.35 -126.21 -21.28
CA ILE PA 74 -70.19 -124.80 -21.62
C ILE PA 74 -70.09 -124.62 -23.12
N ARG PA 75 -69.14 -125.31 -23.74
CA ARG PA 75 -68.91 -125.08 -25.17
C ARG PA 75 -70.06 -125.60 -26.02
N MET PA 76 -70.73 -126.67 -25.58
CA MET PA 76 -71.88 -127.14 -26.35
C MET PA 76 -73.07 -126.20 -26.23
N LEU PA 77 -73.38 -125.74 -25.02
CA LEU PA 77 -74.42 -124.74 -24.83
C LEU PA 77 -74.12 -123.50 -25.64
N ALA PA 78 -72.84 -123.14 -25.75
CA ALA PA 78 -72.45 -122.00 -26.57
C ALA PA 78 -72.69 -122.27 -28.05
N LEU PA 79 -72.23 -123.40 -28.57
CA LEU PA 79 -72.52 -123.79 -29.95
C LEU PA 79 -74.01 -123.73 -30.24
N HIS PA 80 -74.83 -124.13 -29.28
CA HIS PA 80 -76.28 -124.14 -29.49
C HIS PA 80 -76.82 -122.75 -29.74
N ARG PA 81 -76.33 -121.76 -29.01
CA ARG PA 81 -76.90 -120.41 -29.08
C ARG PA 81 -76.04 -119.54 -29.98
N LEU PA 82 -76.16 -119.73 -31.29
CA LEU PA 82 -75.60 -118.83 -32.28
C LEU PA 82 -76.76 -118.18 -33.04
N ASN PA 83 -77.19 -117.01 -32.56
CA ASN PA 83 -78.29 -116.29 -33.18
C ASN PA 83 -78.01 -115.97 -34.64
N LYS QA 23 -98.45 -132.64 -84.11
CA LYS QA 23 -98.44 -133.47 -82.92
C LYS QA 23 -97.02 -133.74 -82.45
N GLU QA 24 -96.20 -134.28 -83.34
CA GLU QA 24 -94.81 -134.60 -83.01
C GLU QA 24 -93.98 -133.38 -82.67
N GLU QA 25 -94.18 -132.28 -83.41
CA GLU QA 25 -93.44 -131.06 -83.17
C GLU QA 25 -93.63 -130.53 -81.74
N GLU QA 26 -94.87 -130.54 -81.27
CA GLU QA 26 -95.16 -130.06 -79.93
C GLU QA 26 -94.41 -130.87 -78.88
N LYS QA 27 -94.30 -132.18 -79.09
CA LYS QA 27 -93.53 -133.00 -78.15
C LYS QA 27 -92.06 -132.62 -78.20
N LYS QA 28 -91.54 -132.28 -79.38
CA LYS QA 28 -90.15 -131.82 -79.46
C LYS QA 28 -89.97 -130.51 -78.70
N LYS QA 29 -90.90 -129.57 -78.89
CA LYS QA 29 -90.84 -128.31 -78.15
C LYS QA 29 -90.84 -128.54 -76.65
N GLN QA 30 -91.75 -129.40 -76.16
CA GLN QA 30 -91.85 -129.62 -74.72
C GLN QA 30 -90.64 -130.37 -74.19
N GLN QA 31 -90.11 -131.32 -74.97
CA GLN QA 31 -88.92 -132.03 -74.56
C GLN QA 31 -87.73 -131.09 -74.45
N MET QA 32 -87.58 -130.20 -75.42
CA MET QA 32 -86.50 -129.21 -75.33
C MET QA 32 -86.72 -128.26 -74.15
N LEU QA 33 -87.98 -127.94 -73.85
CA LEU QA 33 -88.26 -127.08 -72.70
C LEU QA 33 -87.82 -127.73 -71.40
N THR QA 34 -88.07 -129.04 -71.26
CA THR QA 34 -87.65 -129.72 -70.04
C THR QA 34 -86.14 -129.96 -70.04
N GLY QA 35 -85.54 -130.06 -71.23
CA GLY QA 35 -84.10 -130.24 -71.29
C GLY QA 35 -83.32 -128.98 -70.98
N VAL QA 36 -83.85 -127.83 -71.40
CA VAL QA 36 -83.19 -126.55 -71.14
C VAL QA 36 -82.99 -126.35 -69.65
N LEU QA 37 -84.07 -126.34 -68.89
CA LEU QA 37 -83.99 -126.14 -67.45
C LEU QA 37 -84.93 -127.04 -66.68
N GLY QA 38 -85.88 -127.68 -67.34
CA GLY QA 38 -87.05 -128.16 -66.64
C GLY QA 38 -88.01 -127.05 -66.33
N LEU QA 39 -88.06 -126.04 -67.17
CA LEU QA 39 -88.94 -124.90 -66.96
C LEU QA 39 -90.40 -125.35 -66.84
N GLN QA 40 -91.15 -124.62 -66.06
CA GLN QA 40 -92.57 -124.91 -65.90
C GLN QA 40 -93.36 -124.30 -67.03
N PRO QA 41 -94.50 -124.89 -67.40
CA PRO QA 41 -95.32 -124.32 -68.47
C PRO QA 41 -95.67 -122.85 -68.25
N THR QA 42 -95.77 -122.46 -66.98
CA THR QA 42 -95.99 -121.06 -66.65
C THR QA 42 -94.90 -120.18 -67.26
N MET QA 43 -93.66 -120.66 -67.29
CA MET QA 43 -92.60 -119.91 -67.93
C MET QA 43 -92.57 -120.18 -69.43
N ALA QA 44 -93.12 -121.32 -69.86
CA ALA QA 44 -93.25 -121.57 -71.29
C ALA QA 44 -94.17 -120.55 -71.94
N ASN QA 45 -95.14 -120.03 -71.19
CA ASN QA 45 -96.05 -119.04 -71.74
C ASN QA 45 -95.41 -117.67 -71.86
N HIS QA 46 -94.23 -117.47 -71.29
CA HIS QA 46 -93.57 -116.18 -71.34
C HIS QA 46 -93.23 -115.82 -72.79
N PRO QA 47 -93.28 -114.53 -73.16
CA PRO QA 47 -93.06 -114.18 -74.57
C PRO QA 47 -91.70 -114.58 -75.10
N VAL QA 48 -90.63 -114.34 -74.34
CA VAL QA 48 -89.30 -114.72 -74.80
C VAL QA 48 -89.23 -116.21 -75.06
N LEU QA 49 -89.87 -117.00 -74.22
CA LEU QA 49 -89.98 -118.42 -74.49
C LEU QA 49 -90.92 -118.69 -75.67
N GLY QA 50 -92.11 -118.10 -75.65
CA GLY QA 50 -93.07 -118.32 -76.72
C GLY QA 50 -92.54 -118.05 -78.11
N VAL QA 51 -91.52 -117.20 -78.24
CA VAL QA 51 -90.99 -116.88 -79.56
C VAL QA 51 -89.81 -117.78 -79.90
N PHE QA 52 -89.04 -118.18 -78.89
CA PHE QA 52 -87.78 -118.86 -79.14
C PHE QA 52 -87.87 -120.38 -79.08
N LEU QA 53 -88.84 -120.93 -78.35
CA LEU QA 53 -89.05 -122.38 -78.38
C LEU QA 53 -89.22 -122.93 -79.79
N PRO QA 54 -89.95 -122.29 -80.71
CA PRO QA 54 -89.99 -122.82 -82.08
C PRO QA 54 -88.64 -122.81 -82.78
N LYS QA 55 -87.78 -121.84 -82.51
CA LYS QA 55 -86.46 -121.84 -83.12
C LYS QA 55 -85.54 -122.86 -82.47
N TYR QA 56 -85.71 -123.08 -81.17
CA TYR QA 56 -84.96 -124.13 -80.50
C TYR QA 56 -85.48 -125.51 -80.89
N ALA QA 57 -86.67 -125.57 -81.50
CA ALA QA 57 -87.15 -126.83 -82.04
C ALA QA 57 -86.36 -127.24 -83.27
N LYS QA 58 -86.07 -126.29 -84.16
CA LYS QA 58 -85.31 -126.61 -85.36
C LYS QA 58 -83.82 -126.63 -85.04
N GLN QA 59 -83.48 -127.31 -83.95
CA GLN QA 59 -82.12 -127.55 -83.49
C GLN QA 59 -82.19 -128.41 -82.23
N ASN QA 60 -81.04 -128.79 -81.70
CA ASN QA 60 -80.90 -129.66 -80.52
C ASN QA 60 -81.24 -131.10 -80.91
N GLY QA 61 -81.74 -131.28 -82.14
CA GLY QA 61 -81.70 -132.61 -82.73
C GLY QA 61 -80.31 -132.96 -83.17
N GLY QA 62 -79.48 -131.95 -83.41
CA GLY QA 62 -78.07 -132.13 -83.65
C GLY QA 62 -77.30 -132.31 -82.36
N ASN QA 63 -76.01 -132.60 -82.48
CA ASN QA 63 -75.15 -132.86 -81.33
C ASN QA 63 -74.75 -131.60 -80.56
N VAL QA 64 -75.41 -130.47 -80.82
CA VAL QA 64 -74.86 -129.17 -80.46
C VAL QA 64 -74.50 -129.07 -78.98
N ASP QA 65 -75.50 -129.02 -78.09
CA ASP QA 65 -75.26 -128.93 -76.66
C ASP QA 65 -76.59 -128.83 -75.94
N LYS QA 66 -76.55 -128.97 -74.61
CA LYS QA 66 -77.66 -128.54 -73.78
C LYS QA 66 -77.34 -127.22 -73.09
N THR QA 67 -76.06 -127.00 -72.76
CA THR QA 67 -75.66 -125.79 -72.04
C THR QA 67 -75.80 -124.55 -72.90
N ALA QA 68 -75.56 -124.68 -74.21
CA ALA QA 68 -75.66 -123.52 -75.10
C ALA QA 68 -77.05 -122.93 -75.06
N PHE QA 69 -78.08 -123.78 -74.97
CA PHE QA 69 -79.44 -123.29 -74.95
C PHE QA 69 -79.75 -122.57 -73.66
N ARG QA 70 -79.21 -123.07 -72.53
CA ARG QA 70 -79.39 -122.35 -71.28
C ARG QA 70 -78.77 -120.96 -71.34
N LEU QA 71 -77.53 -120.86 -71.83
CA LEU QA 71 -76.90 -119.55 -71.91
C LEU QA 71 -77.63 -118.64 -72.90
N ASP QA 72 -78.11 -119.21 -74.01
CA ASP QA 72 -78.86 -118.42 -74.97
C ASP QA 72 -80.12 -117.86 -74.34
N LEU QA 73 -80.87 -118.70 -73.62
CA LEU QA 73 -82.06 -118.21 -72.93
C LEU QA 73 -81.68 -117.15 -71.91
N ILE QA 74 -80.55 -117.31 -71.24
CA ILE QA 74 -80.11 -116.32 -70.27
C ILE QA 74 -79.94 -114.96 -70.95
N ARG QA 75 -79.12 -114.92 -72.01
CA ARG QA 75 -78.82 -113.63 -72.62
C ARG QA 75 -80.02 -113.05 -73.33
N MET QA 76 -80.90 -113.88 -73.88
CA MET QA 76 -82.09 -113.35 -74.52
C MET QA 76 -83.08 -112.80 -73.49
N LEU QA 77 -83.33 -113.55 -72.42
CA LEU QA 77 -84.17 -113.04 -71.34
C LEU QA 77 -83.60 -111.75 -70.79
N ALA QA 78 -82.28 -111.63 -70.74
CA ALA QA 78 -81.65 -110.39 -70.30
C ALA QA 78 -81.90 -109.25 -71.28
N LEU QA 79 -81.65 -109.47 -72.58
CA LEU QA 79 -81.98 -108.47 -73.59
C LEU QA 79 -83.42 -108.01 -73.49
N HIS QA 80 -84.33 -108.94 -73.17
CA HIS QA 80 -85.75 -108.57 -73.09
C HIS QA 80 -86.00 -107.55 -71.99
N ARG QA 81 -85.35 -107.71 -70.83
CA ARG QA 81 -85.64 -106.87 -69.68
C ARG QA 81 -84.59 -105.77 -69.57
N LEU QA 82 -84.72 -104.76 -70.43
CA LEU QA 82 -83.97 -103.51 -70.28
C LEU QA 82 -84.97 -102.39 -69.99
N ASN QA 83 -85.18 -102.12 -68.72
CA ASN QA 83 -86.10 -101.09 -68.27
C ASN QA 83 -85.72 -99.73 -68.85
N GLU RA 26 -116.65 -28.99 -164.53
CA GLU RA 26 -116.84 -29.47 -165.89
C GLU RA 26 -116.23 -28.48 -166.89
N LYS RA 27 -116.39 -27.19 -166.63
CA LYS RA 27 -115.78 -26.20 -167.52
C LYS RA 27 -114.26 -26.30 -167.47
N LYS RA 28 -113.69 -26.59 -166.29
CA LYS RA 28 -112.25 -26.77 -166.20
C LYS RA 28 -111.82 -27.99 -167.01
N LYS RA 29 -112.55 -29.10 -166.88
CA LYS RA 29 -112.24 -30.29 -167.67
C LYS RA 29 -112.28 -29.99 -169.16
N GLN RA 30 -113.33 -29.31 -169.62
CA GLN RA 30 -113.46 -29.05 -171.05
C GLN RA 30 -112.40 -28.07 -171.53
N GLN RA 31 -112.08 -27.06 -170.70
CA GLN RA 31 -111.03 -26.12 -171.07
C GLN RA 31 -109.69 -26.82 -171.19
N MET RA 32 -109.37 -27.72 -170.27
CA MET RA 32 -108.13 -28.47 -170.38
C MET RA 32 -108.16 -29.40 -171.58
N LEU RA 33 -109.33 -29.93 -171.93
CA LEU RA 33 -109.42 -30.78 -173.11
C LEU RA 33 -109.12 -30.00 -174.38
N THR RA 34 -109.61 -28.76 -174.48
CA THR RA 34 -109.31 -27.96 -175.65
C THR RA 34 -107.87 -27.45 -175.62
N GLY RA 35 -107.30 -27.29 -174.41
CA GLY RA 35 -105.93 -26.83 -174.31
C GLY RA 35 -104.92 -27.91 -174.67
N VAL RA 36 -105.23 -29.16 -174.31
CA VAL RA 36 -104.34 -30.28 -174.61
C VAL RA 36 -104.09 -30.38 -176.10
N LEU RA 37 -105.14 -30.55 -176.88
CA LEU RA 37 -105.01 -30.68 -178.32
C LEU RA 37 -106.10 -29.95 -179.07
N GLY RA 38 -107.16 -29.51 -178.40
CA GLY RA 38 -108.39 -29.23 -179.10
C GLY RA 38 -109.13 -30.49 -179.48
N LEU RA 39 -108.99 -31.54 -178.67
CA LEU RA 39 -109.64 -32.81 -178.94
C LEU RA 39 -111.15 -32.64 -179.07
N GLN RA 40 -111.75 -33.45 -179.90
CA GLN RA 40 -113.19 -33.43 -180.07
C GLN RA 40 -113.86 -34.24 -178.96
N PRO RA 41 -115.09 -33.89 -178.61
CA PRO RA 41 -115.81 -34.64 -177.56
C PRO RA 41 -115.87 -36.13 -177.85
N THR RA 42 -115.88 -36.48 -179.14
CA THR RA 42 -115.82 -37.89 -179.52
C THR RA 42 -114.60 -38.58 -178.94
N MET RA 43 -113.47 -37.86 -178.87
CA MET RA 43 -112.30 -38.43 -178.23
C MET RA 43 -112.34 -38.22 -176.73
N ALA RA 44 -113.09 -37.23 -176.26
CA ALA RA 44 -113.27 -37.07 -174.82
C ALA RA 44 -113.99 -38.26 -174.23
N ASN RA 45 -114.84 -38.93 -175.02
CA ASN RA 45 -115.56 -40.09 -174.54
C ASN RA 45 -114.67 -41.32 -174.45
N HIS RA 46 -113.47 -41.27 -175.01
CA HIS RA 46 -112.58 -42.42 -175.00
C HIS RA 46 -112.19 -42.77 -173.57
N PRO RA 47 -112.01 -44.06 -173.24
CA PRO RA 47 -111.73 -44.42 -171.84
C PRO RA 47 -110.47 -43.80 -171.27
N VAL RA 48 -109.37 -43.80 -172.02
CA VAL RA 48 -108.13 -43.20 -171.53
C VAL RA 48 -108.36 -41.73 -171.20
N LEU RA 49 -109.13 -41.04 -172.03
CA LEU RA 49 -109.51 -39.68 -171.69
C LEU RA 49 -110.48 -39.65 -170.53
N GLY RA 50 -111.55 -40.44 -170.59
CA GLY RA 50 -112.54 -40.46 -169.53
C GLY RA 50 -111.98 -40.66 -168.14
N VAL RA 51 -110.82 -41.32 -168.03
CA VAL RA 51 -110.25 -41.60 -166.71
C VAL RA 51 -109.27 -40.50 -166.32
N PHE RA 52 -108.57 -39.92 -167.30
CA PHE RA 52 -107.47 -39.02 -166.99
C PHE RA 52 -107.85 -37.56 -166.99
N LEU RA 53 -108.89 -37.17 -167.72
CA LEU RA 53 -109.37 -35.78 -167.64
C LEU RA 53 -109.65 -35.34 -166.21
N PRO RA 54 -110.26 -36.14 -165.32
CA PRO RA 54 -110.41 -35.69 -163.93
C PRO RA 54 -109.09 -35.47 -163.22
N LYS RA 55 -108.06 -36.25 -163.52
CA LYS RA 55 -106.77 -36.02 -162.87
C LYS RA 55 -106.06 -34.83 -163.48
N TYR RA 56 -106.25 -34.58 -164.77
CA TYR RA 56 -105.71 -33.38 -165.38
C TYR RA 56 -106.49 -32.15 -164.94
N ALA RA 57 -107.66 -32.34 -164.36
CA ALA RA 57 -108.39 -31.22 -163.78
C ALA RA 57 -107.69 -30.72 -162.51
N LYS RA 58 -107.24 -31.63 -161.66
CA LYS RA 58 -106.56 -31.23 -160.43
C LYS RA 58 -105.10 -30.91 -160.73
N GLN RA 59 -104.89 -30.12 -161.79
CA GLN RA 59 -103.59 -29.62 -162.22
C GLN RA 59 -103.81 -28.74 -163.44
N ASN RA 60 -102.74 -28.13 -163.94
CA ASN RA 60 -102.76 -27.20 -165.07
C ASN RA 60 -103.37 -25.87 -164.63
N GLY RA 61 -103.91 -25.83 -163.41
CA GLY RA 61 -104.13 -24.55 -162.76
C GLY RA 61 -102.83 -23.96 -162.28
N GLY RA 62 -101.83 -24.81 -162.07
CA GLY RA 62 -100.48 -24.36 -161.80
C GLY RA 62 -99.75 -24.00 -163.07
N ASN RA 63 -98.53 -23.47 -162.92
CA ASN RA 63 -97.72 -23.02 -164.03
C ASN RA 63 -97.10 -24.14 -164.85
N VAL RA 64 -97.54 -25.37 -164.66
CA VAL RA 64 -96.74 -26.53 -165.05
C VAL RA 64 -96.35 -26.51 -166.53
N ASP RA 65 -97.32 -26.70 -167.43
CA ASP RA 65 -97.05 -26.68 -168.87
C ASP RA 65 -98.34 -27.00 -169.62
N LYS RA 66 -98.31 -26.81 -170.93
CA LYS RA 66 -99.31 -27.41 -171.80
C LYS RA 66 -98.73 -28.61 -172.53
N THR RA 67 -97.44 -28.56 -172.86
CA THR RA 67 -96.81 -29.64 -173.61
C THR RA 67 -96.73 -30.93 -172.80
N ALA RA 68 -96.52 -30.81 -171.49
CA ALA RA 68 -96.41 -31.99 -170.65
C ALA RA 68 -97.67 -32.84 -170.73
N PHE RA 69 -98.83 -32.19 -170.79
CA PHE RA 69 -100.08 -32.93 -170.86
C PHE RA 69 -100.22 -33.64 -172.20
N ARG RA 70 -99.78 -33.01 -173.28
CA ARG RA 70 -99.82 -33.69 -174.57
C ARG RA 70 -98.94 -34.94 -174.55
N LEU RA 71 -97.71 -34.82 -174.05
CA LEU RA 71 -96.85 -36.01 -174.01
C LEU RA 71 -97.39 -37.06 -173.07
N ASP RA 72 -97.98 -36.65 -171.95
CA ASP RA 72 -98.58 -37.61 -171.03
C ASP RA 72 -99.72 -38.37 -171.70
N LEU RA 73 -100.61 -37.65 -172.41
CA LEU RA 73 -101.67 -38.32 -173.13
C LEU RA 73 -101.10 -39.25 -174.19
N ILE RA 74 -100.01 -38.85 -174.84
CA ILE RA 74 -99.37 -39.70 -175.83
C ILE RA 74 -98.95 -41.03 -175.21
N ARG RA 75 -98.16 -40.96 -174.14
CA ARG RA 75 -97.62 -42.19 -173.57
C ARG RA 75 -98.70 -43.02 -172.90
N MET RA 76 -99.72 -42.39 -172.33
CA MET RA 76 -100.81 -43.18 -171.75
C MET RA 76 -101.66 -43.85 -172.80
N LEU RA 77 -102.04 -43.12 -173.85
CA LEU RA 77 -102.75 -43.73 -174.96
C LEU RA 77 -101.94 -44.87 -175.56
N ALA RA 78 -100.62 -44.73 -175.59
CA ALA RA 78 -99.77 -45.81 -176.06
C ALA RA 78 -99.80 -47.02 -175.13
N LEU RA 79 -99.62 -46.81 -173.83
CA LEU RA 79 -99.76 -47.90 -172.86
C LEU RA 79 -101.10 -48.61 -173.00
N HIS RA 80 -102.16 -47.87 -173.30
CA HIS RA 80 -103.47 -48.48 -173.42
C HIS RA 80 -103.52 -49.49 -174.57
N ARG RA 81 -102.90 -49.16 -175.70
CA ARG RA 81 -103.02 -49.98 -176.90
C ARG RA 81 -101.79 -50.88 -177.02
N LEU RA 82 -101.73 -51.92 -176.21
CA LEU RA 82 -100.76 -53.00 -176.39
C LEU RA 82 -101.52 -54.27 -176.74
N ASN RA 83 -101.66 -54.52 -178.04
CA ASN RA 83 -102.36 -55.69 -178.53
C ASN RA 83 -101.74 -56.98 -178.01
N ARG SA 49 22.88 -11.60 -125.58
CA ARG SA 49 22.35 -12.59 -124.65
C ARG SA 49 20.98 -13.11 -125.10
N GLU SA 50 20.17 -13.54 -124.14
CA GLU SA 50 18.91 -14.23 -124.39
C GLU SA 50 17.86 -13.78 -123.38
N ASN SA 51 16.64 -13.52 -123.86
CA ASN SA 51 15.55 -13.15 -122.94
C ASN SA 51 14.31 -14.04 -122.98
N LEU SA 52 13.62 -14.03 -124.13
CA LEU SA 52 12.45 -14.84 -124.45
C LEU SA 52 11.22 -14.49 -123.60
N ARG SA 53 11.17 -13.31 -122.99
CA ARG SA 53 9.96 -12.88 -122.30
C ARG SA 53 9.37 -11.67 -123.02
N ILE SA 54 8.05 -11.56 -122.98
CA ILE SA 54 7.30 -10.60 -123.79
C ILE SA 54 6.72 -9.53 -122.88
N ALA SA 55 7.19 -8.30 -123.05
CA ALA SA 55 6.80 -7.19 -122.20
C ALA SA 55 6.15 -6.09 -123.02
N ALA SA 56 5.54 -5.14 -122.30
CA ALA SA 56 4.91 -3.98 -122.90
C ALA SA 56 5.13 -2.78 -122.00
N ARG SA 57 5.61 -1.68 -122.57
CA ARG SA 57 5.75 -0.44 -121.83
C ARG SA 57 4.39 0.24 -121.69
N VAL SA 58 4.21 0.93 -120.59
CA VAL SA 58 2.88 1.31 -120.11
C VAL SA 58 2.95 2.68 -119.45
N PHE SA 59 2.03 3.56 -119.83
CA PHE SA 59 1.87 4.84 -119.15
C PHE SA 59 0.53 4.89 -118.45
N THR SA 60 0.55 5.22 -117.15
CA THR SA 60 -0.68 5.24 -116.37
C THR SA 60 -0.52 6.37 -115.35
N PRO SA 61 -1.56 7.15 -115.08
CA PRO SA 61 -1.49 8.16 -114.01
C PRO SA 61 -1.25 7.51 -112.66
N CYS SA 62 -0.42 8.17 -111.85
CA CYS SA 62 0.15 7.58 -110.64
C CYS SA 62 -0.82 7.49 -109.47
N GLU SA 63 -2.04 8.01 -109.61
CA GLU SA 63 -2.98 7.99 -108.49
C GLU SA 63 -3.50 6.58 -108.22
N LEU SA 64 -3.64 5.77 -109.27
CA LEU SA 64 -4.32 4.49 -109.12
C LEU SA 64 -3.43 3.40 -108.56
N LEU SA 65 -2.11 3.54 -108.70
CA LEU SA 65 -1.16 2.49 -108.37
C LEU SA 65 -0.53 2.71 -106.99
N ALA SA 66 -1.36 2.74 -105.94
CA ALA SA 66 -0.87 3.30 -104.67
C ALA SA 66 0.06 2.35 -103.89
N PRO SA 67 -0.30 1.09 -103.59
CA PRO SA 67 0.75 0.21 -103.08
C PRO SA 67 1.47 -0.54 -104.17
N GLU SA 68 0.86 -0.67 -105.34
CA GLU SA 68 1.43 -1.44 -106.44
C GLU SA 68 2.61 -0.74 -107.12
N LEU SA 69 2.95 0.47 -106.69
CA LEU SA 69 4.23 1.07 -107.05
C LEU SA 69 5.37 0.61 -106.14
N GLU SA 70 5.08 -0.27 -105.19
CA GLU SA 70 6.05 -0.67 -104.19
C GLU SA 70 6.32 -2.16 -104.17
N ASN SA 71 5.33 -2.98 -104.53
CA ASN SA 71 5.46 -4.43 -104.46
C ASN SA 71 5.31 -4.98 -105.88
N LEU SA 72 6.43 -5.37 -106.47
CA LEU SA 72 6.43 -5.79 -107.86
C LEU SA 72 5.78 -7.16 -108.02
N GLY SA 73 4.93 -7.27 -109.04
CA GLY SA 73 4.20 -8.47 -109.34
C GLY SA 73 2.76 -8.36 -108.86
N MET SA 74 1.89 -7.93 -109.77
CA MET SA 74 0.47 -7.72 -109.51
C MET SA 74 -0.26 -7.93 -110.83
N LEU SA 75 -1.50 -8.35 -110.76
CA LEU SA 75 -2.30 -8.38 -111.98
C LEU SA 75 -2.73 -6.97 -112.35
N MET SA 76 -2.74 -6.69 -113.64
CA MET SA 76 -3.13 -5.39 -114.16
C MET SA 76 -4.29 -5.55 -115.11
N TYR SA 77 -5.16 -4.55 -115.13
CA TYR SA 77 -6.38 -4.58 -115.92
C TYR SA 77 -6.44 -3.39 -116.84
N ARG SA 78 -6.85 -3.64 -118.08
CA ARG SA 78 -7.13 -2.57 -119.02
C ARG SA 78 -8.57 -2.12 -118.87
N PHE SA 79 -8.79 -0.83 -118.73
CA PHE SA 79 -10.12 -0.26 -118.64
C PHE SA 79 -10.18 0.78 -119.75
N GLU SA 80 -10.88 0.46 -120.83
CA GLU SA 80 -11.08 1.46 -121.86
C GLU SA 80 -12.14 2.45 -121.41
N THR SA 81 -12.03 3.66 -121.92
CA THR SA 81 -12.82 4.77 -121.41
C THR SA 81 -13.35 5.57 -122.59
N ASP SA 82 -14.62 5.99 -122.49
CA ASP SA 82 -15.21 6.81 -123.53
C ASP SA 82 -14.59 8.21 -123.60
N VAL SA 83 -13.92 8.65 -122.54
CA VAL SA 83 -13.10 9.85 -122.60
C VAL SA 83 -11.91 9.58 -123.54
N ASP SA 84 -11.70 10.49 -124.49
CA ASP SA 84 -10.80 10.20 -125.60
C ASP SA 84 -9.33 10.47 -125.29
N ASN SA 85 -9.02 11.25 -124.25
CA ASN SA 85 -7.60 11.52 -124.04
C ASN SA 85 -6.94 10.35 -123.29
N PRO SA 86 -7.43 9.86 -122.09
CA PRO SA 86 -7.00 8.53 -121.67
C PRO SA 86 -7.90 7.44 -122.26
N LYS SA 87 -7.61 6.98 -123.47
CA LYS SA 87 -8.41 5.91 -124.07
C LYS SA 87 -8.35 4.63 -123.24
N ILE SA 88 -7.15 4.24 -122.83
CA ILE SA 88 -6.97 3.11 -121.95
C ILE SA 88 -6.47 3.62 -120.60
N LEU SA 89 -6.90 2.94 -119.54
CA LEU SA 89 -6.54 3.32 -118.18
C LEU SA 89 -6.36 2.04 -117.37
N PHE SA 90 -5.28 1.96 -116.62
CA PHE SA 90 -4.85 0.67 -116.09
C PHE SA 90 -5.11 0.57 -114.60
N VAL SA 91 -5.61 -0.59 -114.19
CA VAL SA 91 -6.35 -0.80 -112.97
C VAL SA 91 -5.64 -1.88 -112.16
N GLY SA 92 -5.45 -1.63 -110.86
CA GLY SA 92 -4.88 -2.64 -110.00
C GLY SA 92 -5.87 -3.75 -109.69
N LEU SA 93 -5.30 -4.95 -109.50
CA LEU SA 93 -6.10 -6.10 -109.09
C LEU SA 93 -6.75 -5.87 -107.73
N PHE SA 94 -5.98 -5.36 -106.77
CA PHE SA 94 -6.56 -5.03 -105.46
C PHE SA 94 -7.50 -3.84 -105.58
N PHE SA 95 -7.22 -2.93 -106.51
CA PHE SA 95 -8.09 -1.78 -106.74
C PHE SA 95 -9.47 -2.19 -107.24
N LEU SA 96 -9.56 -3.30 -107.95
CA LEU SA 96 -10.87 -3.80 -108.33
C LEU SA 96 -11.41 -4.82 -107.33
N CYS SA 97 -10.53 -5.47 -106.57
CA CYS SA 97 -10.96 -6.29 -105.44
C CYS SA 97 -11.51 -5.47 -104.29
N SER SA 98 -11.37 -4.15 -104.34
CA SER SA 98 -12.12 -3.26 -103.45
C SER SA 98 -13.62 -3.53 -103.53
N ASN SA 99 -14.21 -3.32 -104.70
CA ASN SA 99 -15.64 -3.53 -104.85
C ASN SA 99 -15.99 -4.92 -105.36
N ALA SA 100 -15.02 -5.84 -105.39
CA ALA SA 100 -15.40 -7.25 -105.39
C ALA SA 100 -16.22 -7.61 -104.15
N PHE SA 101 -17.17 -8.56 -104.29
CA PHE SA 101 -18.03 -8.90 -103.16
C PHE SA 101 -17.48 -10.00 -102.28
N ASN SA 102 -16.48 -10.75 -102.74
CA ASN SA 102 -15.90 -11.80 -101.90
C ASN SA 102 -15.19 -11.23 -100.69
N VAL SA 103 -14.57 -10.06 -100.86
CA VAL SA 103 -13.73 -9.48 -99.84
C VAL SA 103 -14.57 -9.04 -98.65
N SER SA 104 -14.17 -9.46 -97.45
CA SER SA 104 -14.85 -9.09 -96.22
C SER SA 104 -14.68 -7.60 -95.96
N ALA SA 105 -15.50 -7.09 -95.03
CA ALA SA 105 -15.60 -5.65 -94.84
C ALA SA 105 -14.32 -5.04 -94.25
N CYS SA 106 -13.62 -5.81 -93.41
CA CYS SA 106 -12.39 -5.32 -92.81
C CYS SA 106 -11.30 -5.11 -93.86
N VAL SA 107 -11.05 -6.14 -94.68
CA VAL SA 107 -10.08 -6.08 -95.75
C VAL SA 107 -10.49 -5.04 -96.79
N ARG SA 108 -11.79 -4.93 -97.04
CA ARG SA 108 -12.31 -4.00 -98.04
C ARG SA 108 -12.08 -2.55 -97.62
N THR SA 109 -12.45 -2.20 -96.39
CA THR SA 109 -12.21 -0.85 -95.91
C THR SA 109 -10.73 -0.57 -95.70
N ALA SA 110 -9.92 -1.58 -95.38
CA ALA SA 110 -8.48 -1.35 -95.21
C ALA SA 110 -7.84 -0.99 -96.55
N LEU SA 111 -8.14 -1.75 -97.59
CA LEU SA 111 -7.56 -1.35 -98.86
C LEU SA 111 -8.29 -0.18 -99.50
N THR SA 112 -9.52 0.15 -99.07
CA THR SA 112 -10.12 1.42 -99.50
C THR SA 112 -9.37 2.60 -98.91
N THR SA 113 -8.93 2.49 -97.65
CA THR SA 113 -8.04 3.49 -97.08
C THR SA 113 -6.68 3.50 -97.77
N MET SA 114 -6.24 2.36 -98.32
CA MET SA 114 -5.12 2.44 -99.24
C MET SA 114 -5.51 3.05 -100.59
N TYR SA 115 -6.80 3.12 -100.90
CA TYR SA 115 -7.33 3.50 -102.20
C TYR SA 115 -8.35 4.61 -102.08
N THR SA 116 -8.01 5.69 -101.39
CA THR SA 116 -8.89 6.85 -101.32
C THR SA 116 -8.19 8.10 -101.86
N ASN SA 117 -8.58 8.50 -103.07
CA ASN SA 117 -8.35 9.83 -103.65
C ASN SA 117 -9.49 10.11 -104.64
N SER SA 118 -9.45 11.32 -105.22
CA SER SA 118 -10.51 11.78 -106.11
C SER SA 118 -10.50 11.04 -107.44
N MET SA 119 -9.31 10.79 -108.00
CA MET SA 119 -9.20 10.12 -109.29
C MET SA 119 -9.71 8.69 -109.21
N VAL SA 120 -9.28 7.96 -108.18
CA VAL SA 120 -9.81 6.62 -107.90
C VAL SA 120 -11.31 6.65 -107.59
N ASP SA 121 -11.81 7.70 -106.93
CA ASP SA 121 -13.26 7.78 -106.70
C ASP SA 121 -14.04 7.91 -108.01
N ASN SA 122 -13.53 8.74 -108.93
CA ASN SA 122 -14.17 8.89 -110.22
C ASN SA 122 -14.06 7.62 -111.06
N VAL SA 123 -12.93 6.91 -110.99
CA VAL SA 123 -12.76 5.70 -111.78
C VAL SA 123 -13.66 4.58 -111.24
N LEU SA 124 -13.81 4.48 -109.92
CA LEU SA 124 -14.73 3.50 -109.35
C LEU SA 124 -16.17 3.82 -109.70
N SER SA 125 -16.51 5.11 -109.77
CA SER SA 125 -17.84 5.49 -110.24
C SER SA 125 -18.06 5.08 -111.69
N MET SA 126 -17.03 5.25 -112.54
CA MET SA 126 -17.13 4.84 -113.95
C MET SA 126 -17.29 3.32 -114.07
N ILE SA 127 -16.54 2.58 -113.26
CA ILE SA 127 -16.61 1.12 -113.27
C ILE SA 127 -17.99 0.65 -112.83
N ASN SA 128 -18.57 1.31 -111.82
CA ASN SA 128 -19.89 0.93 -111.36
C ASN SA 128 -20.97 1.33 -112.36
N THR SA 129 -20.81 2.45 -113.05
CA THR SA 129 -21.79 2.83 -114.06
C THR SA 129 -21.67 2.02 -115.34
N CYS SA 130 -20.54 1.36 -115.56
CA CYS SA 130 -20.49 0.33 -116.60
C CYS SA 130 -21.46 -0.80 -116.26
N LYS SA 131 -22.08 -1.36 -117.28
CA LYS SA 131 -23.21 -2.26 -117.08
C LYS SA 131 -22.76 -3.61 -116.53
N TYR SA 132 -21.97 -4.34 -117.31
CA TYR SA 132 -21.24 -5.50 -116.85
C TYR SA 132 -19.85 -5.06 -116.41
N LEU SA 133 -18.93 -6.00 -116.27
CA LEU SA 133 -17.55 -5.66 -115.95
C LEU SA 133 -16.52 -6.21 -116.95
N GLU SA 134 -16.66 -7.47 -117.35
CA GLU SA 134 -15.53 -8.26 -117.87
C GLU SA 134 -15.03 -7.84 -119.24
N ASP SA 135 -15.77 -7.04 -120.00
CA ASP SA 135 -15.29 -6.61 -121.31
C ASP SA 135 -15.28 -5.08 -121.42
N LYS SA 136 -15.50 -4.38 -120.31
CA LYS SA 136 -15.12 -2.98 -120.21
C LYS SA 136 -13.83 -2.80 -119.44
N VAL SA 137 -13.57 -3.68 -118.48
CA VAL SA 137 -12.23 -3.88 -117.96
C VAL SA 137 -11.79 -5.22 -118.50
N SER SA 138 -10.49 -5.52 -118.40
CA SER SA 138 -9.98 -6.76 -118.98
C SER SA 138 -8.65 -7.10 -118.32
N LEU SA 139 -8.31 -8.38 -118.40
CA LEU SA 139 -7.02 -8.86 -117.92
C LEU SA 139 -5.90 -8.40 -118.84
N PHE SA 140 -4.74 -8.07 -118.26
CA PHE SA 140 -3.68 -7.48 -119.07
C PHE SA 140 -2.31 -8.10 -118.85
N GLY SA 141 -2.00 -8.54 -117.64
CA GLY SA 141 -0.71 -9.16 -117.39
C GLY SA 141 -0.22 -8.87 -115.98
N VAL SA 142 1.10 -8.93 -115.83
CA VAL SA 142 1.76 -8.92 -114.52
C VAL SA 142 2.73 -7.75 -114.45
N THR SA 143 2.73 -7.06 -113.31
CA THR SA 143 3.54 -5.86 -113.11
C THR SA 143 5.02 -6.21 -112.95
N SER SA 144 5.87 -5.42 -113.60
CA SER SA 144 7.29 -5.34 -113.33
C SER SA 144 7.74 -3.95 -113.76
N LEU SA 145 8.81 -3.42 -113.12
CA LEU SA 145 9.36 -2.08 -113.41
C LEU SA 145 8.28 -1.00 -113.28
N VAL SA 146 7.99 -0.68 -112.02
CA VAL SA 146 7.40 0.62 -111.71
C VAL SA 146 8.48 1.68 -111.82
N SER SA 147 8.19 2.75 -112.55
CA SER SA 147 9.14 3.86 -112.67
C SER SA 147 8.84 5.00 -111.72
N CYS SA 148 7.55 5.26 -111.45
CA CYS SA 148 7.07 6.34 -110.59
C CYS SA 148 7.61 7.71 -111.03
N GLY SA 149 7.19 8.11 -112.24
CA GLY SA 149 7.48 9.44 -112.72
C GLY SA 149 6.32 10.36 -112.42
N SER SA 150 6.03 11.30 -113.33
CA SER SA 150 4.81 12.08 -113.21
C SER SA 150 3.61 11.25 -113.61
N SER SA 151 3.57 10.82 -114.87
CA SER SA 151 2.67 9.76 -115.32
C SER SA 151 3.51 8.49 -115.38
N CYS SA 152 3.26 7.58 -114.45
CA CYS SA 152 4.22 6.53 -114.16
C CYS SA 152 4.26 5.47 -115.28
N LEU SA 153 5.47 4.98 -115.49
CA LEU SA 153 5.77 3.97 -116.51
C LEU SA 153 5.82 2.61 -115.85
N LEU SA 154 5.12 1.65 -116.43
CA LEU SA 154 5.07 0.29 -115.96
C LEU SA 154 5.46 -0.63 -117.10
N SER SA 155 6.36 -1.56 -116.83
CA SER SA 155 6.46 -2.68 -117.77
C SER SA 155 5.39 -3.69 -117.39
N CYS SA 156 4.97 -4.49 -118.36
CA CYS SA 156 4.00 -5.54 -118.04
C CYS SA 156 4.25 -6.75 -118.91
N VAL SA 157 4.25 -7.93 -118.29
CA VAL SA 157 4.67 -9.16 -118.94
C VAL SA 157 3.45 -9.88 -119.49
N MET SA 158 3.50 -10.20 -120.79
CA MET SA 158 2.46 -10.99 -121.43
C MET SA 158 2.74 -12.48 -121.37
N GLN SA 159 4.00 -12.86 -121.55
CA GLN SA 159 4.35 -14.26 -121.65
C GLN SA 159 5.77 -14.44 -121.13
N GLY SA 160 5.98 -15.52 -120.41
CA GLY SA 160 7.26 -15.76 -119.79
C GLY SA 160 7.26 -15.35 -118.34
N ASN SA 161 8.43 -15.51 -117.73
CA ASN SA 161 8.63 -15.28 -116.32
C ASN SA 161 8.88 -13.80 -116.04
N VAL SA 162 8.53 -13.39 -114.83
CA VAL SA 162 8.41 -11.96 -114.52
C VAL SA 162 9.78 -11.45 -114.07
N TYR SA 163 10.48 -10.77 -114.99
CA TYR SA 163 11.76 -10.16 -114.65
C TYR SA 163 11.99 -8.97 -115.56
N ASP SA 164 12.52 -7.89 -114.98
CA ASP SA 164 12.89 -6.71 -115.73
C ASP SA 164 14.02 -6.99 -116.70
N ALA SA 165 15.20 -7.23 -116.15
CA ALA SA 165 16.45 -7.34 -116.88
C ALA SA 165 17.48 -7.90 -115.93
N ASN SA 166 18.52 -8.52 -116.51
CA ASN SA 166 19.67 -9.14 -115.87
C ASN SA 166 19.31 -10.40 -115.07
N LYS SA 167 18.01 -10.70 -114.99
CA LYS SA 167 17.44 -11.92 -114.39
C LYS SA 167 17.83 -12.11 -112.92
N GLU SA 168 18.14 -11.01 -112.23
CA GLU SA 168 18.15 -11.06 -110.78
C GLU SA 168 16.71 -10.87 -110.30
N ASN SA 169 16.44 -11.42 -109.10
CA ASN SA 169 15.18 -11.32 -108.30
C ASN SA 169 13.91 -11.39 -109.15
N ILE SA 170 13.76 -12.56 -109.80
CA ILE SA 170 12.59 -12.84 -110.61
C ILE SA 170 11.35 -12.84 -109.72
N HIS SA 171 10.44 -11.92 -109.99
CA HIS SA 171 9.34 -11.65 -109.10
C HIS SA 171 8.24 -12.69 -109.27
N GLY SA 172 7.16 -12.51 -108.53
CA GLY SA 172 6.06 -13.45 -108.56
C GLY SA 172 4.74 -12.75 -108.40
N LEU SA 173 3.69 -13.47 -108.79
CA LEU SA 173 2.33 -12.98 -108.68
C LEU SA 173 1.91 -12.93 -107.23
N THR SA 174 1.28 -11.83 -106.84
CA THR SA 174 0.84 -11.62 -105.47
C THR SA 174 -0.67 -11.56 -105.45
N VAL SA 175 -1.29 -12.58 -104.87
CA VAL SA 175 -2.74 -12.68 -104.79
C VAL SA 175 -3.16 -12.48 -103.35
N LEU SA 176 -4.20 -11.66 -103.15
CA LEU SA 176 -4.83 -11.50 -101.84
C LEU SA 176 -5.34 -12.84 -101.34
N LYS SA 177 -5.21 -13.07 -100.04
CA LYS SA 177 -5.49 -14.39 -99.48
C LYS SA 177 -6.99 -14.68 -99.45
N GLU SA 178 -7.82 -13.64 -99.35
CA GLU SA 178 -9.27 -13.86 -99.33
C GLU SA 178 -9.80 -14.31 -100.67
N ILE SA 179 -9.19 -13.84 -101.76
CA ILE SA 179 -9.84 -13.91 -103.06
C ILE SA 179 -9.52 -15.18 -103.84
N PHE SA 180 -8.81 -16.14 -103.27
CA PHE SA 180 -8.58 -17.37 -104.02
C PHE SA 180 -9.11 -18.58 -103.25
N LEU SA 181 -9.30 -19.66 -103.99
CA LEU SA 181 -9.73 -20.95 -103.47
C LEU SA 181 -9.42 -21.98 -104.53
N GLU SA 182 -9.08 -23.20 -104.11
CA GLU SA 182 -8.70 -24.28 -105.01
C GLU SA 182 -9.74 -25.40 -104.98
N PRO SA 183 -10.77 -25.34 -105.81
CA PRO SA 183 -11.75 -26.42 -105.80
C PRO SA 183 -11.27 -27.57 -106.67
N ASP SA 184 -10.93 -28.69 -106.04
CA ASP SA 184 -10.32 -29.80 -106.75
C ASP SA 184 -10.61 -31.06 -105.97
N TRP SA 185 -10.30 -32.19 -106.59
CA TRP SA 185 -10.54 -33.44 -105.90
C TRP SA 185 -9.49 -33.67 -104.81
N GLU SA 186 -8.23 -33.49 -105.16
CA GLU SA 186 -7.14 -33.50 -104.20
C GLU SA 186 -6.43 -32.16 -104.29
N PRO SA 187 -6.23 -31.45 -103.19
CA PRO SA 187 -5.46 -30.20 -103.26
C PRO SA 187 -3.98 -30.47 -103.48
N ARG SA 188 -3.36 -29.60 -104.29
CA ARG SA 188 -1.96 -29.64 -104.71
C ARG SA 188 -1.56 -31.02 -105.21
N GLN SA 189 -2.20 -31.48 -106.30
CA GLN SA 189 -2.39 -32.89 -106.64
C GLN SA 189 -1.11 -33.71 -106.73
N HIS SA 190 -0.28 -33.47 -107.75
CA HIS SA 190 1.03 -34.12 -107.83
C HIS SA 190 2.14 -33.09 -108.03
N SER SA 191 1.96 -32.16 -108.95
CA SER SA 191 3.02 -31.25 -109.38
C SER SA 191 2.34 -29.95 -109.81
N THR SA 192 3.07 -29.17 -110.61
CA THR SA 192 2.78 -27.78 -110.93
C THR SA 192 1.35 -27.51 -111.38
N GLN SA 193 0.77 -26.43 -110.87
CA GLN SA 193 -0.63 -26.12 -111.05
C GLN SA 193 -0.80 -24.93 -111.99
N TYR SA 194 -1.86 -24.99 -112.78
CA TYR SA 194 -2.25 -23.85 -113.59
C TYR SA 194 -3.10 -22.90 -112.75
N VAL SA 195 -2.84 -21.62 -112.89
CA VAL SA 195 -3.51 -20.59 -112.11
C VAL SA 195 -4.50 -19.89 -113.02
N TYR SA 196 -5.77 -19.87 -112.62
CA TYR SA 196 -6.79 -19.20 -113.41
C TYR SA 196 -7.39 -18.07 -112.57
N VAL SA 197 -7.92 -17.07 -113.25
CA VAL SA 197 -8.68 -15.99 -112.63
C VAL SA 197 -10.11 -16.08 -113.12
N VAL SA 198 -11.05 -16.11 -112.17
CA VAL SA 198 -12.47 -16.24 -112.47
C VAL SA 198 -13.17 -14.96 -112.01
N HIS SA 199 -13.95 -14.36 -112.90
CA HIS SA 199 -14.85 -13.28 -112.55
C HIS SA 199 -16.24 -13.88 -112.37
N VAL SA 200 -16.86 -13.62 -111.23
CA VAL SA 200 -18.16 -14.14 -110.89
C VAL SA 200 -19.04 -12.98 -110.48
N TYR SA 201 -20.26 -12.90 -111.03
CA TYR SA 201 -21.12 -11.79 -110.63
C TYR SA 201 -22.10 -12.24 -109.54
N LYS SA 202 -22.75 -11.25 -108.93
CA LYS SA 202 -23.80 -11.46 -107.93
C LYS SA 202 -24.74 -10.27 -107.99
N GLU SA 203 -25.99 -10.48 -107.62
CA GLU SA 203 -27.05 -9.49 -107.76
C GLU SA 203 -27.80 -9.40 -106.44
N VAL SA 204 -27.51 -8.36 -105.64
CA VAL SA 204 -28.29 -8.11 -104.44
C VAL SA 204 -29.39 -7.06 -104.67
N LEU SA 205 -30.41 -7.44 -105.42
CA LEU SA 205 -31.73 -6.79 -105.56
C LEU SA 205 -31.72 -5.38 -106.16
N SER SA 206 -30.60 -4.66 -106.04
CA SER SA 206 -30.46 -3.36 -106.70
C SER SA 206 -29.71 -3.49 -108.02
N LYS SA 207 -28.46 -3.96 -107.94
CA LYS SA 207 -27.50 -3.84 -109.01
C LYS SA 207 -26.73 -5.15 -109.11
N LEU SA 208 -25.66 -5.12 -109.90
CA LEU SA 208 -24.74 -6.24 -110.02
C LEU SA 208 -23.50 -5.96 -109.19
N GLN SA 209 -23.04 -6.98 -108.47
CA GLN SA 209 -21.75 -6.93 -107.78
C GLN SA 209 -20.87 -8.04 -108.33
N TYR SA 210 -19.69 -7.66 -108.79
CA TYR SA 210 -18.73 -8.60 -109.35
C TYR SA 210 -17.87 -9.17 -108.24
N GLY SA 211 -17.29 -10.33 -108.50
CA GLY SA 211 -16.44 -10.97 -107.52
C GLY SA 211 -15.25 -11.65 -108.17
N ILE SA 212 -14.09 -11.54 -107.54
CA ILE SA 212 -12.84 -11.90 -108.18
C ILE SA 212 -12.29 -13.13 -107.51
N TYR SA 213 -12.29 -14.24 -108.23
CA TYR SA 213 -11.70 -15.45 -107.67
C TYR SA 213 -10.48 -15.84 -108.48
N VAL SA 214 -9.57 -16.55 -107.81
CA VAL SA 214 -8.38 -17.12 -108.40
C VAL SA 214 -8.39 -18.60 -108.05
N VAL SA 215 -8.35 -19.45 -109.04
CA VAL SA 215 -8.28 -20.86 -108.72
C VAL SA 215 -6.93 -21.40 -109.14
N LEU SA 216 -6.46 -22.37 -108.37
CA LEU SA 216 -5.21 -23.07 -108.62
C LEU SA 216 -5.57 -24.54 -108.79
N THR SA 217 -5.21 -25.11 -109.93
CA THR SA 217 -5.65 -26.46 -110.21
C THR SA 217 -4.60 -27.22 -111.00
N SER SA 218 -4.58 -28.53 -110.79
CA SER SA 218 -3.74 -29.39 -111.60
C SER SA 218 -4.33 -29.64 -112.97
N PHE SA 219 -5.64 -29.42 -113.13
CA PHE SA 219 -6.28 -29.67 -114.41
C PHE SA 219 -5.89 -28.61 -115.43
N GLN SA 220 -5.43 -29.06 -116.59
CA GLN SA 220 -5.19 -28.14 -117.69
C GLN SA 220 -6.46 -27.91 -118.50
N ASN SA 221 -7.34 -28.90 -118.57
CA ASN SA 221 -8.47 -28.88 -119.48
C ASN SA 221 -9.53 -27.91 -118.98
N GLU SA 222 -9.88 -26.93 -119.83
CA GLU SA 222 -10.84 -25.90 -119.48
C GLU SA 222 -12.22 -26.48 -119.26
N ASP SA 223 -12.56 -27.55 -119.97
CA ASP SA 223 -13.84 -28.22 -119.76
C ASP SA 223 -13.92 -28.85 -118.38
N LEU SA 224 -12.84 -29.49 -117.94
CA LEU SA 224 -12.80 -30.06 -116.60
C LEU SA 224 -12.85 -28.96 -115.54
N VAL SA 225 -12.24 -27.82 -115.83
CA VAL SA 225 -12.24 -26.74 -114.85
C VAL SA 225 -13.61 -26.09 -114.75
N VAL SA 226 -14.30 -25.89 -115.88
CA VAL SA 226 -15.64 -25.31 -115.76
C VAL SA 226 -16.62 -26.32 -115.20
N ASP SA 227 -16.37 -27.63 -115.39
CA ASP SA 227 -17.23 -28.63 -114.77
C ASP SA 227 -17.04 -28.70 -113.27
N ILE SA 228 -15.82 -28.47 -112.76
CA ILE SA 228 -15.69 -28.43 -111.31
C ILE SA 228 -16.15 -27.07 -110.77
N LEU SA 229 -16.08 -26.01 -111.58
CA LEU SA 229 -16.53 -24.72 -111.08
C LEU SA 229 -18.04 -24.62 -111.02
N ARG SA 230 -18.79 -25.27 -111.91
CA ARG SA 230 -20.24 -25.24 -111.77
C ARG SA 230 -20.69 -25.97 -110.51
N GLN SA 231 -20.00 -27.07 -110.16
CA GLN SA 231 -20.21 -27.75 -108.90
C GLN SA 231 -19.88 -26.85 -107.71
N TYR SA 232 -18.86 -25.99 -107.85
CA TYR SA 232 -18.60 -25.04 -106.77
C TYR SA 232 -19.64 -23.92 -106.72
N PHE SA 233 -20.14 -23.49 -107.87
CA PHE SA 233 -20.87 -22.23 -107.98
C PHE SA 233 -22.35 -22.40 -108.28
N GLU SA 234 -22.94 -23.56 -108.01
CA GLU SA 234 -24.30 -23.80 -108.48
C GLU SA 234 -25.35 -22.89 -107.83
N LYS SA 235 -25.18 -22.48 -106.57
CA LYS SA 235 -26.24 -21.76 -105.85
C LYS SA 235 -26.55 -20.40 -106.46
N GLU SA 236 -25.53 -19.53 -106.52
CA GLU SA 236 -25.67 -18.22 -107.15
C GLU SA 236 -25.93 -18.35 -108.64
N ARG SA 237 -25.53 -19.47 -109.24
CA ARG SA 237 -25.89 -19.76 -110.62
C ARG SA 237 -27.40 -19.85 -110.79
N PHE SA 238 -28.09 -20.55 -109.88
CA PHE SA 238 -29.55 -20.61 -109.97
C PHE SA 238 -30.19 -19.27 -109.65
N LEU SA 239 -29.55 -18.49 -108.76
CA LEU SA 239 -29.98 -17.11 -108.55
C LEU SA 239 -29.89 -16.29 -109.84
N PHE SA 240 -28.85 -16.51 -110.64
CA PHE SA 240 -28.79 -15.80 -111.91
C PHE SA 240 -29.69 -16.39 -112.98
N LEU SA 241 -30.08 -17.66 -112.86
CA LEU SA 241 -31.09 -18.17 -113.78
C LEU SA 241 -32.42 -17.50 -113.51
N ASN SA 242 -32.64 -17.10 -112.26
CA ASN SA 242 -33.75 -16.19 -111.98
C ASN SA 242 -33.49 -14.80 -112.55
N TYR SA 243 -32.26 -14.28 -112.40
CA TYR SA 243 -32.06 -12.84 -112.61
C TYR SA 243 -31.94 -12.45 -114.08
N LEU SA 244 -31.20 -13.22 -114.88
CA LEU SA 244 -30.84 -12.81 -116.24
C LEU SA 244 -32.03 -12.65 -117.18
N ILE SA 245 -33.20 -13.16 -116.82
CA ILE SA 245 -34.38 -12.94 -117.66
C ILE SA 245 -34.94 -11.55 -117.44
N ASN SA 246 -35.17 -11.21 -116.17
CA ASN SA 246 -35.75 -9.94 -115.82
C ASN SA 246 -34.76 -8.80 -116.01
N SER SA 247 -33.47 -9.11 -116.09
CA SER SA 247 -32.47 -8.09 -116.35
C SER SA 247 -32.57 -7.60 -117.79
N ASN SA 248 -32.24 -6.32 -117.97
CA ASN SA 248 -32.10 -5.72 -119.29
C ASN SA 248 -30.69 -5.28 -119.59
N THR SA 249 -29.80 -5.32 -118.61
CA THR SA 249 -28.39 -5.03 -118.85
C THR SA 249 -27.76 -6.13 -119.70
N THR SA 250 -26.94 -5.71 -120.66
CA THR SA 250 -26.46 -6.61 -121.70
C THR SA 250 -25.33 -7.46 -121.14
N LEU SA 251 -25.70 -8.58 -120.54
CA LEU SA 251 -24.77 -9.63 -120.19
C LEU SA 251 -25.46 -10.97 -120.42
N SER SA 252 -24.66 -12.03 -120.50
CA SER SA 252 -25.21 -13.31 -120.95
C SER SA 252 -24.70 -14.52 -120.16
N TYR SA 253 -24.10 -14.33 -118.98
CA TYR SA 253 -23.42 -15.42 -118.31
C TYR SA 253 -23.34 -15.14 -116.82
N PHE SA 254 -22.87 -16.15 -116.09
CA PHE SA 254 -22.66 -16.06 -114.65
C PHE SA 254 -21.24 -15.63 -114.29
N GLY SA 255 -20.28 -16.11 -115.06
CA GLY SA 255 -18.90 -15.77 -114.81
C GLY SA 255 -18.04 -16.26 -115.94
N SER SA 256 -16.75 -15.97 -115.82
CA SER SA 256 -15.81 -16.40 -116.85
C SER SA 256 -14.46 -16.66 -116.23
N VAL SA 257 -13.80 -17.68 -116.76
CA VAL SA 257 -12.52 -18.13 -116.28
C VAL SA 257 -11.48 -17.87 -117.36
N GLN SA 258 -10.29 -17.43 -116.95
CA GLN SA 258 -9.22 -17.19 -117.91
C GLN SA 258 -7.90 -17.57 -117.27
N ARG SA 259 -7.04 -18.23 -118.04
CA ARG SA 259 -5.77 -18.71 -117.53
C ARG SA 259 -4.75 -17.59 -117.41
N ILE SA 260 -4.07 -17.53 -116.27
CA ILE SA 260 -2.90 -16.68 -116.11
C ILE SA 260 -1.66 -17.40 -116.62
N GLY SA 261 -1.43 -18.62 -116.14
CA GLY SA 261 -0.29 -19.39 -116.57
C GLY SA 261 0.12 -20.40 -115.51
N ARG SA 262 1.34 -20.90 -115.65
CA ARG SA 262 1.84 -21.97 -114.82
C ARG SA 262 2.39 -21.42 -113.51
N CYS SA 263 2.38 -22.28 -112.49
CA CYS SA 263 3.07 -22.01 -111.24
C CYS SA 263 3.93 -23.21 -110.89
N ALA SA 264 4.43 -23.28 -109.66
CA ALA SA 264 5.09 -24.47 -109.16
C ALA SA 264 4.57 -24.75 -107.75
N THR SA 265 4.42 -26.05 -107.43
CA THR SA 265 3.76 -26.43 -106.18
C THR SA 265 4.60 -26.07 -104.98
N GLU SA 266 5.91 -26.31 -105.04
CA GLU SA 266 6.79 -25.97 -103.94
C GLU SA 266 7.12 -24.48 -103.86
N ASP SA 267 6.60 -23.68 -104.79
CA ASP SA 267 6.86 -22.25 -104.83
C ASP SA 267 5.67 -21.42 -104.36
N ILE SA 268 4.70 -22.05 -103.70
CA ILE SA 268 3.61 -21.32 -103.07
C ILE SA 268 4.03 -21.00 -101.64
N LYS SA 269 4.09 -19.73 -101.29
CA LYS SA 269 4.47 -19.33 -99.94
C LYS SA 269 3.56 -18.22 -99.45
N SER SA 270 3.31 -18.22 -98.15
CA SER SA 270 2.43 -17.25 -97.54
C SER SA 270 3.18 -15.97 -97.22
N GLY SA 271 2.42 -14.94 -96.83
CA GLY SA 271 3.05 -13.74 -96.33
C GLY SA 271 2.03 -12.63 -96.17
N PHE SA 272 2.53 -11.41 -96.10
CA PHE SA 272 1.64 -10.26 -96.08
C PHE SA 272 2.30 -9.11 -96.82
N LEU SA 273 1.47 -8.20 -97.28
CA LEU SA 273 1.93 -6.92 -97.80
C LEU SA 273 1.64 -5.86 -96.74
N GLN SA 274 2.41 -4.78 -96.78
CA GLN SA 274 2.10 -3.66 -95.92
C GLN SA 274 2.43 -2.36 -96.64
N TYR SA 275 1.46 -1.46 -96.65
CA TYR SA 275 1.62 -0.11 -97.15
C TYR SA 275 0.92 0.81 -96.18
N ARG SA 276 1.66 1.77 -95.64
CA ARG SA 276 1.23 2.63 -94.54
C ARG SA 276 0.77 1.80 -93.33
N GLY SA 277 1.52 0.73 -93.04
CA GLY SA 277 1.28 -0.08 -91.87
C GLY SA 277 0.11 -1.03 -91.98
N ILE SA 278 -0.62 -1.04 -93.08
CA ILE SA 278 -1.81 -1.89 -93.20
C ILE SA 278 -1.33 -3.29 -93.58
N THR SA 279 -1.24 -4.16 -92.58
CA THR SA 279 -0.87 -5.55 -92.81
C THR SA 279 -2.00 -6.27 -93.52
N LEU SA 280 -1.67 -6.89 -94.64
CA LEU SA 280 -2.69 -7.50 -95.47
C LEU SA 280 -2.21 -8.87 -95.91
N PRO SA 281 -2.88 -9.95 -95.50
CA PRO SA 281 -2.37 -11.30 -95.77
C PRO SA 281 -2.49 -11.65 -97.23
N VAL SA 282 -1.38 -12.09 -97.84
CA VAL SA 282 -1.33 -12.48 -99.23
C VAL SA 282 -0.66 -13.84 -99.34
N ILE SA 283 -0.90 -14.48 -100.47
CA ILE SA 283 -0.26 -15.76 -100.78
C ILE SA 283 0.50 -15.57 -102.08
N LYS SA 284 1.82 -15.66 -101.98
CA LYS SA 284 2.73 -15.24 -103.04
C LYS SA 284 3.16 -16.45 -103.85
N LEU SA 285 2.72 -16.51 -105.10
CA LEU SA 285 3.27 -17.46 -106.04
C LEU SA 285 4.62 -16.92 -106.49
N GLU SA 286 5.61 -17.80 -106.62
CA GLU SA 286 6.99 -17.33 -106.73
C GLU SA 286 7.48 -17.23 -108.17
N ASN SA 287 7.34 -18.28 -108.96
CA ASN SA 287 7.85 -18.29 -110.33
C ASN SA 287 6.73 -18.71 -111.26
N ILE SA 288 6.38 -17.83 -112.19
CA ILE SA 288 5.15 -17.97 -112.98
C ILE SA 288 5.49 -17.80 -114.44
N PHE SA 289 5.28 -18.86 -115.21
CA PHE SA 289 5.33 -18.78 -116.67
C PHE SA 289 3.96 -18.30 -117.11
N VAL SA 290 3.86 -17.01 -117.43
CA VAL SA 290 2.57 -16.39 -117.73
C VAL SA 290 2.09 -16.87 -119.09
N ASP SA 291 0.92 -17.49 -119.12
CA ASP SA 291 0.37 -18.09 -120.33
C ASP SA 291 -1.11 -17.72 -120.38
N LEU SA 292 -1.43 -16.59 -121.00
CA LEU SA 292 -2.81 -16.16 -121.10
C LEU SA 292 -3.53 -16.97 -122.16
N SER SA 293 -4.78 -17.30 -121.89
CA SER SA 293 -5.63 -17.92 -122.90
C SER SA 293 -6.90 -17.11 -123.05
N GLU SA 294 -7.86 -17.64 -123.79
CA GLU SA 294 -9.10 -16.90 -124.01
C GLU SA 294 -9.99 -16.97 -122.78
N LYS SA 295 -10.91 -16.03 -122.69
CA LYS SA 295 -11.95 -16.10 -121.68
C LYS SA 295 -12.93 -17.20 -122.04
N LYS SA 296 -13.28 -18.03 -121.07
CA LYS SA 296 -14.29 -19.05 -121.25
C LYS SA 296 -15.42 -18.76 -120.27
N VAL SA 297 -16.59 -18.46 -120.79
CA VAL SA 297 -17.71 -18.05 -119.96
C VAL SA 297 -18.53 -19.28 -119.57
N PHE SA 298 -19.30 -19.12 -118.51
CA PHE SA 298 -20.25 -20.15 -118.11
C PHE SA 298 -21.43 -19.47 -117.42
N VAL SA 299 -22.60 -20.06 -117.63
CA VAL SA 299 -23.85 -19.49 -117.18
C VAL SA 299 -24.37 -20.31 -116.02
N MET TA 1 61.26 -46.85 28.58
CA MET TA 1 62.19 -46.15 27.70
C MET TA 1 62.89 -45.02 28.47
N ASN TA 2 63.35 -44.01 27.74
CA ASN TA 2 64.03 -42.87 28.37
C ASN TA 2 63.10 -42.12 29.31
N SER TA 3 61.84 -41.98 28.88
CA SER TA 3 60.73 -41.31 29.60
C SER TA 3 60.83 -39.78 29.74
N LYS TA 4 61.90 -39.29 30.33
CA LYS TA 4 62.09 -37.86 30.51
C LYS TA 4 62.17 -37.14 29.17
N SER TA 5 62.87 -37.76 28.22
CA SER TA 5 63.03 -37.18 26.89
C SER TA 5 61.70 -37.08 26.15
N SER TA 6 60.95 -38.18 26.13
CA SER TA 6 59.66 -38.21 25.45
C SER TA 6 58.68 -37.22 26.08
N ALA TA 7 58.79 -37.02 27.39
CA ALA TA 7 57.96 -36.03 28.07
C ALA TA 7 58.29 -34.62 27.59
N ARG TA 8 59.59 -34.30 27.49
CA ARG TA 8 60.00 -33.01 26.94
C ARG TA 8 59.59 -32.86 25.48
N ALA TA 9 59.62 -33.97 24.73
CA ALA TA 9 59.18 -33.92 23.33
C ALA TA 9 57.70 -33.60 23.22
N ALA TA 10 56.88 -34.19 24.09
CA ALA TA 10 55.45 -33.91 24.08
C ALA TA 10 55.17 -32.48 24.52
N ILE TA 11 55.92 -31.96 25.49
CA ILE TA 11 55.71 -30.59 25.94
C ILE TA 11 56.10 -29.59 24.86
N VAL TA 12 57.22 -29.85 24.16
CA VAL TA 12 57.61 -29.02 23.03
C VAL TA 12 56.59 -29.09 21.91
N ASP TA 13 55.99 -30.27 21.70
CA ASP TA 13 54.96 -30.42 20.68
C ASP TA 13 53.70 -29.62 21.03
N THR TA 14 53.32 -29.60 22.31
CA THR TA 14 52.16 -28.80 22.70
C THR TA 14 52.43 -27.30 22.59
N VAL TA 15 53.64 -26.87 22.98
CA VAL TA 15 53.98 -25.45 22.88
C VAL TA 15 54.04 -25.01 21.43
N GLU TA 16 54.59 -25.87 20.55
CA GLU TA 16 54.63 -25.53 19.14
C GLU TA 16 53.25 -25.57 18.50
N ALA TA 17 52.34 -26.41 18.99
CA ALA TA 17 50.97 -26.38 18.49
C ALA TA 17 50.25 -25.11 18.92
N VAL TA 18 50.54 -24.63 20.14
CA VAL TA 18 50.00 -23.35 20.57
C VAL TA 18 50.52 -22.21 19.70
N LYS TA 19 51.80 -22.27 19.33
CA LYS TA 19 52.33 -21.24 18.42
C LYS TA 19 51.74 -21.35 17.02
N LYS TA 20 51.48 -22.57 16.55
CA LYS TA 20 50.85 -22.74 15.25
C LYS TA 20 49.43 -22.18 15.23
N ARG TA 21 48.71 -22.32 16.34
CA ARG TA 21 47.40 -21.69 16.40
C ARG TA 21 47.50 -20.18 16.59
N LYS TA 22 48.58 -19.71 17.20
CA LYS TA 22 48.64 -18.30 17.58
C LYS TA 22 49.14 -17.39 16.45
N TYR TA 23 50.27 -17.73 15.85
CA TYR TA 23 50.89 -16.91 14.83
C TYR TA 23 50.68 -17.54 13.46
N ILE TA 24 50.95 -16.78 12.41
CA ILE TA 24 50.78 -17.23 11.04
C ILE TA 24 52.06 -16.97 10.28
N SER TA 25 52.56 -18.00 9.58
CA SER TA 25 53.68 -17.80 8.67
C SER TA 25 53.27 -16.93 7.51
N ILE TA 26 54.15 -16.02 7.11
CA ILE TA 26 53.87 -15.04 6.08
C ILE TA 26 54.64 -15.44 4.82
N GLU TA 27 53.92 -15.56 3.70
CA GLU TA 27 54.54 -15.82 2.42
C GLU TA 27 54.44 -14.59 1.51
N ALA TA 28 54.32 -13.41 2.10
CA ALA TA 28 54.62 -12.20 1.35
C ALA TA 28 56.11 -12.16 1.05
N GLY TA 29 56.46 -11.46 -0.04
CA GLY TA 29 57.85 -11.37 -0.48
C GLY TA 29 58.79 -10.75 0.53
N THR TA 30 58.26 -9.90 1.43
CA THR TA 30 58.87 -9.50 2.69
C THR TA 30 60.22 -8.81 2.45
N LEU TA 31 60.14 -7.67 1.77
CA LEU TA 31 61.34 -6.94 1.41
C LEU TA 31 61.78 -6.04 2.55
N ASN TA 32 63.01 -5.55 2.44
CA ASN TA 32 63.71 -4.87 3.52
C ASN TA 32 63.33 -3.41 3.68
N ASN TA 33 62.16 -3.00 3.18
CA ASN TA 33 61.79 -1.59 3.20
C ASN TA 33 61.40 -1.13 4.61
N VAL TA 34 60.70 -1.98 5.37
CA VAL TA 34 59.94 -1.49 6.52
C VAL TA 34 60.86 -1.18 7.69
N VAL TA 35 60.33 -0.39 8.62
CA VAL TA 35 60.98 -0.12 9.90
C VAL TA 35 60.93 -1.39 10.76
N GLU TA 36 61.78 -1.43 11.79
CA GLU TA 36 61.97 -2.64 12.58
C GLU TA 36 60.74 -3.00 13.40
N LYS TA 37 59.90 -2.02 13.76
CA LYS TA 37 58.68 -2.33 14.50
C LYS TA 37 57.70 -3.11 13.62
N GLU TA 38 57.49 -2.63 12.40
CA GLU TA 38 56.70 -3.38 11.44
C GLU TA 38 57.38 -4.68 11.04
N ARG TA 39 58.71 -4.72 11.08
CA ARG TA 39 59.44 -5.95 10.78
C ARG TA 39 59.12 -7.03 11.79
N LYS TA 40 59.22 -6.71 13.08
CA LYS TA 40 58.94 -7.71 14.10
C LYS TA 40 57.45 -8.03 14.18
N PHE TA 41 56.57 -7.08 13.82
CA PHE TA 41 55.17 -7.42 13.80
C PHE TA 41 54.81 -8.29 12.60
N LEU TA 42 55.50 -8.12 11.47
CA LEU TA 42 55.28 -9.01 10.35
C LEU TA 42 55.91 -10.37 10.57
N LYS TA 43 56.94 -10.46 11.42
CA LYS TA 43 57.44 -11.78 11.79
C LYS TA 43 56.49 -12.49 12.74
N GLN TA 44 55.92 -11.78 13.71
CA GLN TA 44 55.02 -12.45 14.65
C GLN TA 44 53.62 -12.63 14.06
N PHE TA 45 52.90 -11.53 13.85
CA PHE TA 45 51.60 -11.47 13.18
C PHE TA 45 50.56 -12.34 13.88
N LEU TA 46 50.12 -11.85 15.04
CA LEU TA 46 49.13 -12.52 15.85
C LEU TA 46 47.80 -12.67 15.11
N SER TA 47 47.00 -13.64 15.56
CA SER TA 47 45.57 -13.68 15.26
C SER TA 47 44.84 -14.22 16.47
N GLY TA 48 43.52 -14.02 16.48
CA GLY TA 48 42.74 -14.35 17.65
C GLY TA 48 42.25 -15.78 17.70
N ARG TA 49 43.12 -16.72 17.33
CA ARG TA 49 42.81 -18.14 17.48
C ARG TA 49 43.36 -18.70 18.78
N GLU TA 50 43.48 -17.89 19.81
CA GLU TA 50 44.17 -18.28 21.02
C GLU TA 50 43.28 -18.32 22.25
N ASN TA 51 42.39 -17.33 22.41
CA ASN TA 51 41.58 -17.29 23.61
C ASN TA 51 40.50 -18.35 23.61
N LEU TA 52 39.75 -18.44 22.51
CA LEU TA 52 38.66 -19.40 22.31
C LEU TA 52 37.55 -19.27 23.35
N ARG TA 53 37.37 -18.08 23.90
CA ARG TA 53 36.18 -17.75 24.68
C ARG TA 53 35.47 -16.60 24.01
N ILE TA 54 34.15 -16.56 24.16
CA ILE TA 54 33.30 -15.66 23.41
C ILE TA 54 32.70 -14.65 24.37
N ALA TA 55 33.04 -13.39 24.19
CA ALA TA 55 32.61 -12.35 25.09
C ALA TA 55 31.76 -11.33 24.36
N ALA TA 56 31.18 -10.43 25.13
CA ALA TA 56 30.35 -9.36 24.59
C ALA TA 56 30.52 -8.14 25.48
N ARG TA 57 30.78 -6.99 24.86
CA ARG TA 57 30.77 -5.73 25.58
C ARG TA 57 29.34 -5.26 25.77
N VAL TA 58 29.11 -4.58 26.89
CA VAL TA 58 27.77 -4.26 27.35
C VAL TA 58 27.82 -2.94 28.12
N PHE TA 59 26.88 -2.04 27.85
CA PHE TA 59 26.80 -0.78 28.57
C PHE TA 59 25.55 -0.79 29.46
N THR TA 60 25.73 -0.45 30.73
CA THR TA 60 24.61 -0.47 31.66
C THR TA 60 24.76 0.70 32.60
N PRO TA 61 23.67 1.40 32.92
CA PRO TA 61 23.71 2.41 33.98
C PRO TA 61 24.14 1.79 35.30
N CYS TA 62 25.09 2.45 35.95
CA CYS TA 62 25.81 1.87 37.07
C CYS TA 62 25.03 1.88 38.38
N GLU TA 63 23.79 2.34 38.38
CA GLU TA 63 23.00 2.27 39.60
C GLU TA 63 22.56 0.86 39.94
N LEU TA 64 22.56 -0.04 38.96
CA LEU TA 64 22.03 -1.38 39.16
C LEU TA 64 23.06 -2.38 39.65
N LEU TA 65 24.34 -2.08 39.48
CA LEU TA 65 25.40 -3.06 39.70
C LEU TA 65 26.04 -2.89 41.08
N ALA TA 66 25.28 -3.11 42.15
CA ALA TA 66 25.83 -2.71 43.45
C ALA TA 66 26.88 -3.68 44.03
N PRO TA 67 26.69 -5.01 44.10
CA PRO TA 67 27.81 -5.87 44.51
C PRO TA 67 28.66 -6.35 43.35
N GLU TA 68 28.16 -6.20 42.14
CA GLU TA 68 28.72 -6.86 40.98
C GLU TA 68 29.80 -6.05 40.31
N LEU TA 69 29.98 -4.80 40.72
CA LEU TA 69 31.18 -4.06 40.34
C LEU TA 69 32.38 -4.46 41.16
N GLU TA 70 32.17 -5.15 42.27
CA GLU TA 70 33.26 -5.60 43.12
C GLU TA 70 33.52 -7.09 43.00
N ASN TA 71 32.48 -7.90 42.86
CA ASN TA 71 32.62 -9.34 42.90
C ASN TA 71 32.48 -9.88 41.48
N LEU TA 72 33.61 -10.19 40.85
CA LEU TA 72 33.60 -10.59 39.45
C LEU TA 72 33.09 -12.01 39.30
N GLY TA 73 32.18 -12.20 38.35
CA GLY TA 73 31.55 -13.47 38.10
C GLY TA 73 30.16 -13.51 38.68
N MET TA 74 29.16 -13.23 37.84
CA MET TA 74 27.76 -13.20 38.21
C MET TA 74 26.94 -13.55 36.98
N LEU TA 75 25.76 -14.13 37.20
CA LEU TA 75 24.81 -14.23 36.11
C LEU TA 75 24.26 -12.85 35.79
N MET TA 76 24.00 -12.62 34.51
CA MET TA 76 23.42 -11.36 34.07
C MET TA 76 22.20 -11.61 33.21
N TYR TA 77 21.26 -10.67 33.27
CA TYR TA 77 19.96 -10.81 32.65
C TYR TA 77 19.69 -9.62 31.76
N ARG TA 78 19.26 -9.90 30.53
CA ARG TA 78 18.84 -8.88 29.61
C ARG TA 78 17.36 -8.61 29.79
N PHE TA 79 17.01 -7.37 30.11
CA PHE TA 79 15.64 -6.92 30.26
C PHE TA 79 15.39 -5.96 29.10
N GLU TA 80 14.59 -6.38 28.13
CA GLU TA 80 14.21 -5.43 27.09
C GLU TA 80 13.15 -4.51 27.65
N THR TA 81 13.13 -3.29 27.13
CA THR TA 81 12.33 -2.23 27.71
C THR TA 81 11.66 -1.49 26.57
N ASP TA 82 10.42 -1.04 26.80
CA ASP TA 82 9.71 -0.32 25.75
C ASP TA 82 10.26 1.08 25.54
N VAL TA 83 11.14 1.56 26.42
CA VAL TA 83 11.84 2.81 26.19
C VAL TA 83 12.72 2.67 24.98
N ASP TA 84 12.57 3.58 24.02
CA ASP TA 84 13.43 3.55 22.85
C ASP TA 84 14.88 3.89 23.22
N ASN TA 85 15.07 4.81 24.17
CA ASN TA 85 16.42 5.31 24.46
C ASN TA 85 17.36 4.20 24.86
N PRO TA 86 16.91 3.34 25.77
CA PRO TA 86 17.76 2.19 26.08
C PRO TA 86 16.86 1.06 25.67
N LYS TA 87 17.23 0.25 24.69
CA LYS TA 87 16.29 -0.81 24.36
C LYS TA 87 16.48 -2.03 25.25
N ILE TA 88 17.70 -2.33 25.65
CA ILE TA 88 17.97 -3.41 26.59
C ILE TA 88 18.64 -2.83 27.81
N LEU TA 89 18.54 -3.55 28.91
CA LEU TA 89 19.07 -3.11 30.19
C LEU TA 89 19.51 -4.35 30.93
N PHE TA 90 20.58 -4.24 31.71
CA PHE TA 90 21.18 -5.43 32.26
C PHE TA 90 21.04 -5.49 33.76
N VAL TA 91 20.91 -6.71 34.25
CA VAL TA 91 20.29 -7.02 35.53
C VAL TA 91 21.13 -8.08 36.24
N GLY TA 92 21.38 -7.87 37.53
CA GLY TA 92 22.06 -8.88 38.29
C GLY TA 92 21.15 -10.01 38.73
N LEU TA 93 21.74 -11.20 38.86
CA LEU TA 93 21.03 -12.35 39.41
C LEU TA 93 20.52 -12.07 40.81
N PHE TA 94 21.32 -11.39 41.62
CA PHE TA 94 20.86 -11.00 42.95
C PHE TA 94 19.78 -9.94 42.88
N PHE TA 95 19.90 -9.02 41.92
CA PHE TA 95 18.88 -7.99 41.70
C PHE TA 95 17.54 -8.60 41.34
N LEU TA 96 17.53 -9.75 40.71
CA LEU TA 96 16.28 -10.41 40.42
C LEU TA 96 15.89 -11.42 41.50
N CYS TA 97 16.87 -11.94 42.25
CA CYS TA 97 16.57 -12.79 43.40
C CYS TA 97 16.05 -12.02 44.60
N SER TA 98 16.08 -10.69 44.55
CA SER TA 98 15.37 -9.88 45.55
C SER TA 98 13.90 -10.23 45.58
N ASN TA 99 13.20 -10.06 44.47
CA ASN TA 99 11.78 -10.34 44.45
C ASN TA 99 11.47 -11.76 44.01
N ALA TA 100 12.48 -12.60 43.81
CA ALA TA 100 12.23 -14.03 43.84
C ALA TA 100 11.66 -14.44 45.21
N PHE TA 101 10.82 -15.49 45.20
CA PHE TA 101 10.14 -15.88 46.43
C PHE TA 101 10.90 -16.95 47.23
N ASN TA 102 11.90 -17.59 46.64
CA ASN TA 102 12.62 -18.65 47.34
C ASN TA 102 13.43 -18.08 48.50
N VAL TA 103 13.94 -16.86 48.31
CA VAL TA 103 14.82 -16.24 49.28
C VAL TA 103 14.04 -15.92 50.55
N SER TA 104 14.59 -16.32 51.70
CA SER TA 104 14.01 -15.98 52.99
C SER TA 104 14.03 -14.48 53.22
N ALA TA 105 13.26 -14.05 54.23
CA ALA TA 105 13.02 -12.63 54.43
C ALA TA 105 14.26 -11.88 54.89
N CYS TA 106 15.09 -12.52 55.70
CA CYS TA 106 16.31 -11.85 56.18
C CYS TA 106 17.28 -11.60 55.04
N VAL TA 107 17.52 -12.62 54.20
CA VAL TA 107 18.41 -12.47 53.06
C VAL TA 107 17.81 -11.52 52.04
N ARG TA 108 16.48 -11.58 51.87
CA ARG TA 108 15.79 -10.72 50.91
C ARG TA 108 15.92 -9.26 51.28
N THR TA 109 15.66 -8.92 52.55
CA THR TA 109 15.77 -7.54 53.00
C THR TA 109 17.22 -7.08 53.00
N ALA TA 110 18.12 -7.98 53.38
CA ALA TA 110 19.53 -7.63 53.42
C ALA TA 110 20.01 -7.28 52.04
N LEU TA 111 19.65 -8.09 51.05
CA LEU TA 111 20.06 -7.78 49.69
C LEU TA 111 19.38 -6.51 49.20
N THR TA 112 18.12 -6.32 49.57
CA THR TA 112 17.39 -5.14 49.13
C THR TA 112 18.08 -3.91 49.66
N THR TA 113 18.49 -3.94 50.92
CA THR TA 113 19.22 -2.81 51.49
C THR TA 113 20.52 -2.56 50.76
N MET TA 114 21.10 -3.59 50.14
CA MET TA 114 22.11 -3.30 49.13
C MET TA 114 21.49 -2.56 47.95
N TYR TA 115 20.39 -3.08 47.43
CA TYR TA 115 19.73 -2.61 46.21
C TYR TA 115 18.63 -1.61 46.51
N THR TA 116 18.89 -0.54 47.23
CA THR TA 116 17.86 0.48 47.41
C THR TA 116 18.27 1.83 46.81
N ASN TA 117 17.64 2.20 45.71
CA ASN TA 117 17.76 3.50 45.05
C ASN TA 117 16.53 3.71 44.16
N SER TA 118 16.51 4.85 43.48
CA SER TA 118 15.37 5.22 42.64
C SER TA 118 15.35 4.45 41.33
N MET TA 119 16.51 4.27 40.70
CA MET TA 119 16.59 3.54 39.44
C MET TA 119 16.18 2.08 39.62
N VAL TA 120 16.76 1.42 40.62
CA VAL TA 120 16.45 0.02 40.91
C VAL TA 120 15.00 -0.15 41.36
N ASP TA 121 14.45 0.83 42.10
CA ASP TA 121 13.03 0.76 42.46
C ASP TA 121 12.14 0.87 41.22
N ASN TA 122 12.49 1.75 40.29
CA ASN TA 122 11.68 1.88 39.07
C ASN TA 122 11.78 0.64 38.19
N VAL TA 123 12.96 0.03 38.13
CA VAL TA 123 13.13 -1.16 37.31
C VAL TA 123 12.38 -2.35 37.91
N LEU TA 124 12.39 -2.48 39.24
CA LEU TA 124 11.58 -3.53 39.86
C LEU TA 124 10.10 -3.31 39.67
N SER TA 125 9.66 -2.05 39.65
CA SER TA 125 8.27 -1.76 39.31
C SER TA 125 7.95 -2.17 37.88
N MET TA 126 8.88 -1.95 36.95
CA MET TA 126 8.67 -2.38 35.57
C MET TA 126 8.61 -3.89 35.45
N ILE TA 127 9.49 -4.59 36.17
CA ILE TA 127 9.51 -6.05 36.12
C ILE TA 127 8.24 -6.63 36.70
N ASN TA 128 7.71 -6.01 37.76
CA ASN TA 128 6.46 -6.50 38.33
C ASN TA 128 5.26 -6.18 37.43
N THR TA 129 5.28 -5.03 36.75
CA THR TA 129 4.19 -4.75 35.82
C THR TA 129 4.26 -5.57 34.55
N CYS TA 130 5.42 -6.15 34.23
CA CYS TA 130 5.48 -7.15 33.17
C CYS TA 130 4.66 -8.38 33.56
N LYS TA 131 4.12 -9.06 32.55
CA LYS TA 131 3.14 -10.10 32.81
C LYS TA 131 3.78 -11.38 33.31
N TYR TA 132 4.53 -12.05 32.47
CA TYR TA 132 5.36 -13.17 32.88
C TYR TA 132 6.75 -12.62 33.20
N LEU TA 133 7.74 -13.48 33.31
CA LEU TA 133 9.10 -13.01 33.48
C LEU TA 133 10.03 -13.48 32.38
N GLU TA 134 9.93 -14.76 31.99
CA GLU TA 134 11.01 -15.45 31.30
C GLU TA 134 11.26 -14.94 29.88
N ASP TA 135 10.32 -14.26 29.25
CA ASP TA 135 10.61 -13.71 27.92
C ASP TA 135 10.41 -12.19 27.87
N LYS TA 136 10.42 -11.53 29.02
CA LYS TA 136 10.74 -10.11 29.07
C LYS TA 136 12.09 -9.83 29.68
N VAL TA 137 12.52 -10.66 30.63
CA VAL TA 137 13.92 -10.67 31.01
C VAL TA 137 14.45 -12.07 30.67
N SER TA 138 15.75 -12.16 30.42
CA SER TA 138 16.30 -13.40 29.91
C SER TA 138 17.73 -13.57 30.37
N LEU TA 139 18.22 -14.80 30.27
CA LEU TA 139 19.57 -15.14 30.65
C LEU TA 139 20.56 -14.62 29.62
N PHE TA 140 21.73 -14.16 30.09
CA PHE TA 140 22.64 -13.49 29.17
C PHE TA 140 24.08 -14.02 29.23
N GLY TA 141 24.53 -14.41 30.40
CA GLY TA 141 25.88 -14.96 30.51
C GLY TA 141 26.49 -14.62 31.86
N VAL TA 142 27.83 -14.68 31.90
CA VAL TA 142 28.59 -14.63 33.13
C VAL TA 142 29.54 -13.44 33.07
N THR TA 143 29.68 -12.73 34.20
CA THR TA 143 30.33 -11.44 34.26
C THR TA 143 31.85 -11.56 34.32
N SER TA 144 32.54 -10.72 33.54
CA SER TA 144 33.94 -10.41 33.73
C SER TA 144 34.16 -9.00 33.23
N LEU TA 145 35.24 -8.35 33.69
CA LEU TA 145 35.61 -6.98 33.30
C LEU TA 145 34.50 -5.97 33.59
N VAL TA 146 34.32 -5.61 34.85
CA VAL TA 146 33.52 -4.44 35.18
C VAL TA 146 34.43 -3.22 35.14
N SER TA 147 34.00 -2.18 34.41
CA SER TA 147 34.80 -0.97 34.28
C SER TA 147 34.42 0.12 35.26
N CYS TA 148 33.11 0.38 35.44
CA CYS TA 148 32.54 1.38 36.34
C CYS TA 148 33.08 2.78 36.03
N GLY TA 149 32.71 3.25 34.85
CA GLY TA 149 32.90 4.64 34.51
C GLY TA 149 31.67 5.44 34.91
N SER TA 150 31.18 6.30 34.01
CA SER TA 150 29.87 6.89 34.24
C SER TA 150 28.78 5.87 33.94
N SER TA 151 28.71 5.40 32.70
CA SER TA 151 27.89 4.26 32.32
C SER TA 151 28.81 3.05 32.29
N CYS TA 152 28.59 2.11 33.20
CA CYS TA 152 29.56 1.06 33.43
C CYS TA 152 29.59 0.06 32.28
N LEU TA 153 30.81 -0.29 31.88
CA LEU TA 153 31.05 -1.27 30.83
C LEU TA 153 31.24 -2.63 31.44
N LEU TA 154 30.44 -3.58 30.99
CA LEU TA 154 30.49 -4.95 31.48
C LEU TA 154 30.86 -5.84 30.31
N SER TA 155 31.95 -6.57 30.44
CA SER TA 155 32.07 -7.68 29.51
C SER TA 155 31.26 -8.85 30.03
N CYS TA 156 30.94 -9.78 29.14
CA CYS TA 156 30.14 -10.91 29.57
C CYS TA 156 30.40 -12.10 28.67
N VAL TA 157 30.54 -13.27 29.26
CA VAL TA 157 31.00 -14.45 28.55
C VAL TA 157 29.78 -15.26 28.08
N MET TA 158 29.68 -15.48 26.78
CA MET TA 158 28.68 -16.38 26.24
C MET TA 158 29.13 -17.82 26.28
N GLN TA 159 30.40 -18.08 26.00
CA GLN TA 159 30.87 -19.46 25.87
C GLN TA 159 32.36 -19.52 26.19
N GLY TA 160 32.75 -20.52 26.96
CA GLY TA 160 34.12 -20.69 27.36
C GLY TA 160 34.32 -20.34 28.82
N ASN TA 161 35.55 -20.55 29.28
CA ASN TA 161 35.87 -20.25 30.66
C ASN TA 161 35.91 -18.74 30.87
N VAL TA 162 35.68 -18.31 32.11
CA VAL TA 162 35.46 -16.91 32.41
C VAL TA 162 36.78 -16.24 32.74
N TYR TA 163 37.28 -15.43 31.81
CA TYR TA 163 38.48 -14.64 32.03
C TYR TA 163 38.49 -13.46 31.07
N ASP TA 164 38.94 -12.32 31.56
CA ASP TA 164 39.19 -11.14 30.74
C ASP TA 164 40.28 -11.39 29.72
N ALA TA 165 41.49 -11.57 30.22
CA ALA TA 165 42.70 -11.63 29.41
C ALA TA 165 43.75 -12.22 30.31
N ASN TA 166 44.90 -12.58 29.70
CA ASN TA 166 46.11 -13.14 30.33
C ASN TA 166 45.87 -14.59 30.79
N LYS TA 167 44.62 -15.07 30.70
CA LYS TA 167 44.17 -16.37 31.21
C LYS TA 167 44.59 -16.60 32.65
N GLU TA 168 44.60 -15.54 33.44
CA GLU TA 168 44.90 -15.58 34.86
C GLU TA 168 43.60 -15.26 35.59
N ASN TA 169 43.59 -15.58 36.89
CA ASN TA 169 42.48 -15.49 37.85
C ASN TA 169 41.11 -15.72 37.21
N ILE TA 170 40.97 -16.92 36.67
CA ILE TA 170 39.78 -17.41 36.00
C ILE TA 170 38.64 -17.40 37.01
N HIS TA 171 37.70 -16.49 36.81
CA HIS TA 171 36.69 -16.26 37.81
C HIS TA 171 35.64 -17.37 37.76
N GLY TA 172 34.75 -17.37 38.73
CA GLY TA 172 33.73 -18.38 38.80
C GLY TA 172 32.36 -17.79 39.06
N LEU TA 173 31.35 -18.56 38.67
CA LEU TA 173 29.97 -18.23 38.91
C LEU TA 173 29.69 -18.22 40.41
N THR TA 174 28.99 -17.19 40.86
CA THR TA 174 28.63 -17.01 42.26
C THR TA 174 27.13 -17.12 42.41
N VAL TA 175 26.69 -18.17 43.07
CA VAL TA 175 25.29 -18.50 43.23
C VAL TA 175 24.95 -18.32 44.70
N LEU TA 176 23.81 -17.67 44.97
CA LEU TA 176 23.35 -17.44 46.32
C LEU TA 176 23.00 -18.81 46.91
N LYS TA 177 23.52 -19.09 48.10
CA LYS TA 177 23.42 -20.40 48.71
C LYS TA 177 21.98 -20.85 48.94
N GLU TA 178 21.07 -19.89 49.13
CA GLU TA 178 19.68 -20.22 49.39
C GLU TA 178 18.95 -20.67 48.12
N ILE TA 179 19.31 -20.11 46.96
CA ILE TA 179 18.47 -20.30 45.79
C ILE TA 179 18.79 -21.57 45.03
N PHE TA 180 19.81 -22.32 45.41
CA PHE TA 180 20.22 -23.45 44.61
C PHE TA 180 19.92 -24.71 45.40
N LEU TA 181 19.79 -25.82 44.69
CA LEU TA 181 19.45 -27.12 45.24
C LEU TA 181 19.70 -28.16 44.17
N GLU TA 182 20.14 -29.35 44.58
CA GLU TA 182 20.54 -30.40 43.64
C GLU TA 182 19.62 -31.62 43.71
N PRO TA 183 18.61 -31.71 42.85
CA PRO TA 183 17.73 -32.88 42.88
C PRO TA 183 18.30 -34.09 42.16
N ASP TA 184 18.76 -35.05 42.94
CA ASP TA 184 19.26 -36.34 42.45
C ASP TA 184 19.36 -37.25 43.67
N TRP TA 185 19.37 -38.56 43.45
CA TRP TA 185 19.50 -39.47 44.58
C TRP TA 185 20.89 -39.37 45.21
N GLU TA 186 21.94 -39.51 44.40
CA GLU TA 186 23.28 -39.23 44.90
C GLU TA 186 23.67 -37.85 44.42
N PRO TA 187 23.78 -36.86 45.31
CA PRO TA 187 24.41 -35.59 44.93
C PRO TA 187 25.90 -35.82 44.67
N ARG TA 188 26.39 -35.20 43.59
CA ARG TA 188 27.80 -35.24 43.17
C ARG TA 188 28.22 -36.69 42.89
N GLN TA 189 27.55 -37.24 41.87
CA GLN TA 189 27.57 -38.67 41.55
C GLN TA 189 28.96 -39.23 41.30
N HIS TA 190 29.58 -38.85 40.19
CA HIS TA 190 30.94 -39.28 39.92
C HIS TA 190 31.91 -38.14 39.63
N SER TA 191 31.54 -37.23 38.74
CA SER TA 191 32.48 -36.30 38.15
C SER TA 191 31.73 -35.02 37.86
N THR TA 192 32.27 -34.25 36.91
CA THR TA 192 31.79 -32.92 36.54
C THR TA 192 30.29 -32.88 36.27
N GLN TA 193 29.61 -31.96 36.93
CA GLN TA 193 28.17 -31.82 36.84
C GLN TA 193 27.80 -30.64 35.95
N TYR TA 194 26.59 -30.70 35.41
CA TYR TA 194 26.05 -29.62 34.60
C TYR TA 194 25.20 -28.71 35.48
N VAL TA 195 25.42 -27.41 35.38
CA VAL TA 195 24.73 -26.43 36.21
C VAL TA 195 23.60 -25.82 35.39
N TYR TA 196 22.38 -25.86 35.92
CA TYR TA 196 21.23 -25.33 35.20
C TYR TA 196 20.63 -24.17 35.99
N VAL TA 197 19.79 -23.40 35.31
CA VAL TA 197 18.98 -22.37 35.95
C VAL TA 197 17.52 -22.72 35.71
N VAL TA 198 16.74 -22.75 36.79
CA VAL TA 198 15.33 -23.09 36.74
C VAL TA 198 14.54 -21.88 37.19
N HIS TA 199 13.65 -21.39 36.34
CA HIS TA 199 12.68 -20.38 36.73
C HIS TA 199 11.36 -21.07 37.04
N VAL TA 200 10.84 -20.83 38.23
CA VAL TA 200 9.60 -21.44 38.70
C VAL TA 200 8.68 -20.33 39.13
N TYR TA 201 7.45 -20.31 38.61
CA TYR TA 201 6.51 -19.31 39.09
C TYR TA 201 5.65 -19.89 40.21
N LYS TA 202 4.93 -19.00 40.89
CA LYS TA 202 4.04 -19.31 42.01
C LYS TA 202 3.01 -18.19 42.09
N GLU TA 203 1.80 -18.50 42.59
CA GLU TA 203 0.72 -17.53 42.65
C GLU TA 203 0.13 -17.47 44.06
N VAL TA 204 0.44 -16.42 44.81
CA VAL TA 204 -0.17 -16.20 46.13
C VAL TA 204 -1.43 -15.34 46.02
N LEU TA 205 -2.50 -15.94 45.50
CA LEU TA 205 -3.89 -15.49 45.52
C LEU TA 205 -4.18 -14.22 44.71
N SER TA 206 -3.15 -13.46 44.34
CA SER TA 206 -3.36 -12.23 43.61
C SER TA 206 -2.52 -12.17 42.34
N LYS TA 207 -1.21 -12.33 42.47
CA LYS TA 207 -0.27 -12.08 41.39
C LYS TA 207 0.62 -13.29 41.24
N LEU TA 208 1.44 -13.29 40.20
CA LEU TA 208 2.46 -14.31 40.05
C LEU TA 208 3.72 -13.87 40.75
N GLN TA 209 4.37 -14.79 41.45
CA GLN TA 209 5.69 -14.56 41.99
C GLN TA 209 6.64 -15.57 41.37
N TYR TA 210 7.77 -15.08 40.89
CA TYR TA 210 8.75 -15.95 40.28
C TYR TA 210 9.72 -16.47 41.31
N GLY TA 211 10.35 -17.60 41.00
CA GLY TA 211 11.43 -18.13 41.82
C GLY TA 211 12.59 -18.57 40.97
N ILE TA 212 13.79 -18.25 41.40
CA ILE TA 212 14.98 -18.45 40.59
C ILE TA 212 15.76 -19.57 41.23
N TYR TA 213 15.82 -20.73 40.58
CA TYR TA 213 16.54 -21.83 41.16
C TYR TA 213 17.73 -22.19 40.29
N VAL TA 214 18.75 -22.76 40.91
CA VAL TA 214 19.95 -23.23 40.23
C VAL TA 214 20.15 -24.68 40.61
N VAL TA 215 20.18 -25.57 39.64
CA VAL TA 215 20.35 -26.97 40.01
C VAL TA 215 21.68 -27.48 39.46
N LEU TA 216 22.25 -28.45 40.16
CA LEU TA 216 23.49 -29.09 39.77
C LEU TA 216 23.23 -30.58 39.74
N THR TA 217 23.45 -31.19 38.59
CA THR TA 217 23.20 -32.61 38.53
C THR TA 217 24.15 -33.27 37.56
N SER TA 218 24.29 -34.58 37.71
CA SER TA 218 25.16 -35.34 36.82
C SER TA 218 24.50 -35.66 35.50
N PHE TA 219 23.19 -35.48 35.39
CA PHE TA 219 22.50 -35.82 34.16
C PHE TA 219 22.77 -34.77 33.09
N GLN TA 220 23.09 -35.22 31.89
CA GLN TA 220 23.16 -34.32 30.75
C GLN TA 220 21.81 -34.12 30.09
N ASN TA 221 20.99 -35.18 30.07
CA ASN TA 221 19.81 -35.22 29.22
C ASN TA 221 18.70 -34.37 29.82
N GLU TA 222 18.22 -33.42 29.01
CA GLU TA 222 17.24 -32.44 29.47
C GLU TA 222 15.91 -33.08 29.81
N ASP TA 223 15.54 -34.14 29.09
CA ASP TA 223 14.32 -34.88 29.42
C ASP TA 223 14.42 -35.51 30.80
N LEU TA 224 15.61 -36.04 31.13
CA LEU TA 224 15.82 -36.58 32.47
C LEU TA 224 15.75 -35.50 33.53
N VAL TA 225 16.28 -34.31 33.23
CA VAL TA 225 16.28 -33.31 34.29
C VAL TA 225 14.89 -32.68 34.46
N VAL TA 226 14.11 -32.55 33.39
CA VAL TA 226 12.75 -32.08 33.62
C VAL TA 226 11.90 -33.19 34.26
N ASP TA 227 12.26 -34.45 34.04
CA ASP TA 227 11.54 -35.53 34.71
C ASP TA 227 11.89 -35.59 36.19
N ILE TA 228 13.08 -35.17 36.58
CA ILE TA 228 13.34 -35.12 38.02
C ILE TA 228 12.76 -33.83 38.62
N LEU TA 229 12.66 -32.75 37.83
CA LEU TA 229 12.10 -31.52 38.37
C LEU TA 229 10.59 -31.55 38.47
N ARG TA 230 9.89 -32.34 37.66
CA ARG TA 230 8.45 -32.49 37.89
C ARG TA 230 8.18 -33.23 39.19
N GLN TA 231 8.95 -34.29 39.44
CA GLN TA 231 8.86 -35.00 40.71
C GLN TA 231 9.21 -34.10 41.88
N TYR TA 232 10.10 -33.13 41.67
CA TYR TA 232 10.37 -32.19 42.74
C TYR TA 232 9.25 -31.19 42.93
N PHE TA 233 8.68 -30.71 41.84
CA PHE TA 233 7.72 -29.61 41.93
C PHE TA 233 6.32 -29.99 41.73
N GLU TA 234 5.91 -31.27 42.03
CA GLU TA 234 4.59 -31.78 41.64
C GLU TA 234 3.46 -31.07 42.40
N LYS TA 235 3.69 -30.61 43.64
CA LYS TA 235 2.62 -29.97 44.38
C LYS TA 235 2.24 -28.58 43.83
N GLU TA 236 3.22 -27.71 43.68
CA GLU TA 236 2.94 -26.37 43.15
C GLU TA 236 2.53 -26.42 41.69
N ARG TA 237 3.01 -27.43 40.96
CA ARG TA 237 2.53 -27.70 39.61
C ARG TA 237 1.02 -27.88 39.61
N PHE TA 238 0.55 -28.62 40.60
CA PHE TA 238 -0.88 -28.85 40.80
C PHE TA 238 -1.61 -27.54 41.09
N LEU TA 239 -1.02 -26.68 41.94
CA LEU TA 239 -1.65 -25.40 42.22
C LEU TA 239 -1.75 -24.53 40.95
N PHE TA 240 -0.73 -24.57 40.07
CA PHE TA 240 -0.83 -23.81 38.83
C PHE TA 240 -1.81 -24.39 37.84
N LEU TA 241 -2.03 -25.70 37.89
CA LEU TA 241 -3.06 -26.30 37.05
C LEU TA 241 -4.42 -25.67 37.31
N ASN TA 242 -4.64 -25.23 38.55
CA ASN TA 242 -5.86 -24.52 38.89
C ASN TA 242 -5.75 -23.04 38.54
N TYR TA 243 -4.54 -22.47 38.62
CA TYR TA 243 -4.41 -21.03 38.40
C TYR TA 243 -4.47 -20.66 36.91
N LEU TA 244 -3.71 -21.38 36.07
CA LEU TA 244 -3.51 -21.04 34.66
C LEU TA 244 -4.77 -21.07 33.80
N ILE TA 245 -5.87 -21.59 34.30
CA ILE TA 245 -7.12 -21.54 33.56
C ILE TA 245 -7.92 -20.32 33.92
N ASN TA 246 -8.05 -20.04 35.21
CA ASN TA 246 -8.80 -18.88 35.66
C ASN TA 246 -8.05 -17.58 35.36
N SER TA 247 -6.73 -17.64 35.27
CA SER TA 247 -5.97 -16.47 34.86
C SER TA 247 -6.19 -16.18 33.39
N ASN TA 248 -5.81 -14.98 32.98
CA ASN TA 248 -5.78 -14.64 31.58
C ASN TA 248 -4.43 -14.10 31.14
N THR TA 249 -3.45 -14.08 32.03
CA THR TA 249 -2.12 -13.61 31.69
C THR TA 249 -1.42 -14.58 30.74
N THR TA 250 -0.75 -14.04 29.73
CA THR TA 250 -0.24 -14.82 28.61
C THR TA 250 1.01 -15.58 29.08
N LEU TA 251 0.77 -16.73 29.70
CA LEU TA 251 1.81 -17.71 29.93
C LEU TA 251 1.17 -19.08 29.86
N SER TA 252 2.00 -20.10 29.64
CA SER TA 252 1.46 -21.42 29.37
C SER TA 252 2.23 -22.52 30.10
N TYR TA 253 2.98 -22.20 31.12
CA TYR TA 253 3.77 -23.21 31.80
C TYR TA 253 4.00 -22.79 33.25
N PHE TA 254 4.61 -23.71 33.98
CA PHE TA 254 4.99 -23.58 35.37
C PHE TA 254 6.39 -23.03 35.51
N GLY TA 255 7.31 -23.53 34.69
CA GLY TA 255 8.67 -23.05 34.78
C GLY TA 255 9.46 -23.46 33.57
N SER TA 256 10.73 -23.10 33.59
CA SER TA 256 11.63 -23.42 32.49
C SER TA 256 13.04 -23.59 33.00
N VAL TA 257 13.76 -24.49 32.36
CA VAL TA 257 15.12 -24.82 32.71
C VAL TA 257 16.04 -24.47 31.55
N GLN TA 258 17.25 -23.99 31.85
CA GLN TA 258 18.20 -23.69 30.80
C GLN TA 258 19.61 -23.95 31.33
N ARG TA 259 20.44 -24.60 30.52
CA ARG TA 259 21.77 -24.98 30.95
C ARG TA 259 22.75 -23.80 30.92
N ILE TA 260 23.46 -23.58 32.02
CA ILE TA 260 24.57 -22.63 32.04
C ILE TA 260 25.81 -23.24 31.43
N GLY TA 261 26.21 -24.41 31.91
CA GLY TA 261 27.37 -25.08 31.38
C GLY TA 261 27.98 -26.01 32.40
N ARG TA 262 29.16 -26.49 32.07
CA ARG TA 262 29.84 -27.49 32.87
C ARG TA 262 30.43 -26.87 34.12
N CYS TA 263 30.83 -27.74 35.03
CA CYS TA 263 31.53 -27.37 36.25
C CYS TA 263 32.55 -28.46 36.53
N ALA TA 264 33.05 -28.51 37.76
CA ALA TA 264 33.80 -29.67 38.22
C ALA TA 264 33.37 -29.94 39.66
N THR TA 265 33.39 -31.22 40.04
CA THR TA 265 32.93 -31.60 41.38
C THR TA 265 33.87 -31.07 42.44
N GLU TA 266 35.17 -31.22 42.24
CA GLU TA 266 36.12 -30.70 43.22
C GLU TA 266 36.27 -29.19 43.16
N ASP TA 267 35.69 -28.53 42.17
CA ASP TA 267 35.72 -27.07 42.07
C ASP TA 267 34.47 -26.43 42.63
N ILE TA 268 33.79 -27.09 43.55
CA ILE TA 268 32.67 -26.50 44.27
C ILE TA 268 33.16 -26.16 45.67
N LYS TA 269 33.03 -24.90 46.05
CA LYS TA 269 33.46 -24.46 47.37
C LYS TA 269 32.47 -23.44 47.90
N SER TA 270 32.31 -23.44 49.22
CA SER TA 270 31.40 -22.51 49.86
C SER TA 270 32.10 -21.17 50.05
N GLY TA 271 31.35 -20.20 50.55
CA GLY TA 271 31.97 -18.95 50.95
C GLY TA 271 30.90 -17.93 51.27
N PHE TA 272 31.33 -16.67 51.40
CA PHE TA 272 30.37 -15.60 51.55
C PHE TA 272 30.89 -14.35 50.84
N LEU TA 273 29.95 -13.61 50.28
CA LEU TA 273 30.21 -12.27 49.76
C LEU TA 273 30.00 -11.26 50.86
N GLN TA 274 30.57 -10.08 50.68
CA GLN TA 274 30.21 -8.96 51.54
C GLN TA 274 30.33 -7.67 50.76
N TYR TA 275 29.23 -6.91 50.78
CA TYR TA 275 29.21 -5.58 50.19
C TYR TA 275 28.51 -4.69 51.21
N ARG TA 276 29.22 -3.63 51.63
CA ARG TA 276 28.78 -2.70 52.68
C ARG TA 276 28.50 -3.44 53.97
N GLY TA 277 29.33 -4.43 54.28
CA GLY TA 277 29.26 -5.15 55.53
C GLY TA 277 28.23 -6.25 55.60
N ILE TA 278 27.41 -6.42 54.57
CA ILE TA 278 26.35 -7.43 54.62
C ILE TA 278 26.98 -8.76 54.22
N THR TA 279 27.24 -9.62 55.20
CA THR TA 279 27.72 -10.96 54.94
C THR TA 279 26.62 -11.79 54.31
N LEU TA 280 26.95 -12.48 53.21
CA LEU TA 280 25.91 -13.11 52.42
C LEU TA 280 26.41 -14.46 51.92
N PRO TA 281 25.83 -15.58 52.35
CA PRO TA 281 26.42 -16.88 52.05
C PRO TA 281 26.18 -17.28 50.60
N VAL TA 282 27.23 -17.77 49.95
CA VAL TA 282 27.20 -18.18 48.55
C VAL TA 282 27.89 -19.52 48.41
N ILE TA 283 27.57 -20.21 47.31
CA ILE TA 283 28.30 -21.38 46.88
C ILE TA 283 29.04 -20.98 45.61
N LYS TA 284 30.35 -20.88 45.72
CA LYS TA 284 31.16 -20.38 44.63
C LYS TA 284 31.63 -21.55 43.78
N LEU TA 285 31.03 -21.71 42.61
CA LEU TA 285 31.58 -22.59 41.60
C LEU TA 285 32.85 -21.97 41.04
N GLU TA 286 33.89 -22.78 40.84
CA GLU TA 286 35.22 -22.23 40.58
C GLU TA 286 35.53 -22.07 39.09
N ASN TA 287 35.51 -23.17 38.34
CA ASN TA 287 35.86 -23.13 36.93
C ASN TA 287 34.70 -23.66 36.10
N ILE TA 288 34.18 -22.82 35.22
CA ILE TA 288 32.91 -23.08 34.53
C ILE TA 288 33.12 -22.90 33.05
N PHE TA 289 32.85 -23.95 32.28
CA PHE TA 289 32.80 -23.84 30.82
C PHE TA 289 31.37 -23.51 30.45
N VAL TA 290 31.13 -22.24 30.11
CA VAL TA 290 29.77 -21.74 29.92
C VAL TA 290 29.21 -22.25 28.60
N ASP TA 291 28.01 -22.81 28.64
CA ASP TA 291 27.39 -23.40 27.45
C ASP TA 291 25.88 -23.21 27.56
N LEU TA 292 25.36 -22.16 26.94
CA LEU TA 292 23.92 -21.88 27.02
C LEU TA 292 23.17 -22.76 26.04
N SER TA 293 22.30 -23.62 26.55
CA SER TA 293 21.40 -24.36 25.69
C SER TA 293 20.09 -23.61 25.58
N GLU TA 294 19.09 -24.22 24.96
CA GLU TA 294 17.82 -23.54 24.81
C GLU TA 294 17.00 -23.62 26.09
N LYS TA 295 16.05 -22.71 26.23
CA LYS TA 295 15.08 -22.80 27.31
C LYS TA 295 14.14 -23.96 27.04
N LYS TA 296 13.89 -24.77 28.05
CA LYS TA 296 12.96 -25.88 27.92
C LYS TA 296 11.94 -25.76 29.03
N VAL TA 297 10.69 -25.57 28.67
CA VAL TA 297 9.64 -25.28 29.64
C VAL TA 297 9.02 -26.59 30.11
N PHE TA 298 8.44 -26.53 31.30
CA PHE TA 298 7.65 -27.64 31.81
C PHE TA 298 6.46 -27.07 32.57
N VAL TA 299 5.33 -27.73 32.40
CA VAL TA 299 4.04 -27.19 32.80
C VAL TA 299 3.50 -27.90 34.02
N MET UA 1 46.63 36.81 -73.27
CA MET UA 1 47.17 36.42 -74.56
C MET UA 1 46.07 36.22 -75.59
N ASN UA 2 46.15 35.11 -76.31
CA ASN UA 2 45.16 34.79 -77.34
C ASN UA 2 43.78 34.56 -76.72
N SER UA 3 42.74 35.01 -77.41
CA SER UA 3 41.37 34.85 -76.93
C SER UA 3 41.00 33.37 -76.82
N LYS UA 4 41.42 32.58 -77.79
CA LYS UA 4 41.14 31.14 -77.79
C LYS UA 4 41.86 30.45 -76.64
N SER UA 5 42.86 31.13 -76.09
CA SER UA 5 43.64 30.59 -74.98
C SER UA 5 42.85 30.63 -73.67
N SER UA 6 42.26 31.78 -73.36
CA SER UA 6 41.44 31.88 -72.15
C SER UA 6 40.15 31.10 -72.28
N ALA UA 7 39.65 30.93 -73.51
CA ALA UA 7 38.49 30.05 -73.73
C ALA UA 7 38.82 28.61 -73.41
N ARG UA 8 40.00 28.14 -73.85
CA ARG UA 8 40.45 26.81 -73.48
C ARG UA 8 40.69 26.70 -71.98
N ALA UA 9 41.16 27.77 -71.35
CA ALA UA 9 41.32 27.77 -69.90
C ALA UA 9 39.99 27.62 -69.19
N ALA UA 10 38.96 28.31 -69.67
CA ALA UA 10 37.63 28.21 -69.09
C ALA UA 10 37.01 26.84 -69.29
N ILE UA 11 37.19 26.25 -70.47
CA ILE UA 11 36.63 24.92 -70.74
C ILE UA 11 37.34 23.86 -69.89
N VAL UA 12 38.66 23.95 -69.78
CA VAL UA 12 39.41 23.04 -68.93
C VAL UA 12 39.02 23.19 -67.46
N ASP UA 13 38.72 24.43 -67.04
CA ASP UA 13 38.25 24.61 -65.66
C ASP UA 13 36.85 24.04 -65.46
N THR UA 14 35.99 24.07 -66.48
CA THR UA 14 34.69 23.41 -66.35
C THR UA 14 34.85 21.89 -66.26
N VAL UA 15 35.75 21.33 -67.06
CA VAL UA 15 36.01 19.89 -67.03
C VAL UA 15 36.55 19.47 -65.67
N GLU UA 16 37.48 20.25 -65.12
CA GLU UA 16 38.04 19.89 -63.83
C GLU UA 16 37.07 20.17 -62.70
N ALA UA 17 36.11 21.09 -62.87
CA ALA UA 17 35.07 21.24 -61.86
C ALA UA 17 34.13 20.05 -61.86
N VAL UA 18 33.83 19.51 -63.05
CA VAL UA 18 33.05 18.28 -63.14
C VAL UA 18 33.82 17.12 -62.49
N LYS UA 19 35.13 17.07 -62.70
CA LYS UA 19 35.95 16.02 -62.09
C LYS UA 19 36.00 16.17 -60.57
N LYS UA 20 36.03 17.39 -60.06
CA LYS UA 20 35.98 17.61 -58.62
C LYS UA 20 34.64 17.20 -58.04
N ARG UA 21 33.55 17.44 -58.77
CA ARG UA 21 32.27 16.98 -58.27
C ARG UA 21 32.10 15.47 -58.40
N LYS UA 22 32.84 14.82 -59.29
CA LYS UA 22 32.61 13.40 -59.48
C LYS UA 22 33.53 12.53 -58.62
N TYR UA 23 34.83 12.78 -58.65
CA TYR UA 23 35.81 11.93 -58.01
C TYR UA 23 36.30 12.58 -56.72
N ILE UA 24 36.91 11.78 -55.85
CA ILE UA 24 37.44 12.26 -54.58
C ILE UA 24 38.88 11.78 -54.45
N SER UA 25 39.80 12.69 -54.16
CA SER UA 25 41.15 12.30 -53.81
C SER UA 25 41.17 11.65 -52.44
N ILE UA 26 41.92 10.57 -52.31
CA ILE UA 26 41.91 9.74 -51.12
C ILE UA 26 43.22 9.94 -50.36
N GLU UA 27 43.12 10.32 -49.09
CA GLU UA 27 44.29 10.53 -48.25
C GLU UA 27 44.55 9.30 -47.37
N ALA UA 28 43.87 8.19 -47.63
CA ALA UA 28 44.36 6.91 -47.13
C ALA UA 28 45.68 6.61 -47.79
N GLY UA 29 46.65 6.15 -46.98
CA GLY UA 29 48.03 6.05 -47.42
C GLY UA 29 48.24 5.08 -48.56
N THR UA 30 47.38 4.06 -48.66
CA THR UA 30 47.22 3.18 -49.83
C THR UA 30 48.53 2.48 -50.18
N LEU UA 31 48.86 1.54 -49.29
CA LEU UA 31 50.03 0.71 -49.50
C LEU UA 31 49.83 -0.25 -50.68
N ASN UA 32 50.93 -0.89 -51.05
CA ASN UA 32 51.02 -1.59 -52.32
C ASN UA 32 50.21 -2.88 -52.35
N ASN UA 33 49.80 -3.42 -51.21
CA ASN UA 33 49.16 -4.72 -51.22
C ASN UA 33 47.69 -4.62 -51.63
N VAL UA 34 47.46 -4.33 -52.92
CA VAL UA 34 46.12 -4.35 -53.50
C VAL UA 34 46.22 -5.08 -54.83
N VAL UA 35 45.07 -5.51 -55.31
CA VAL UA 35 44.95 -5.94 -56.70
C VAL UA 35 44.80 -4.70 -57.57
N GLU UA 36 45.19 -4.79 -58.84
CA GLU UA 36 45.23 -3.62 -59.70
C GLU UA 36 43.85 -3.04 -60.00
N LYS UA 37 42.81 -3.88 -59.97
CA LYS UA 37 41.46 -3.38 -60.15
C LYS UA 37 41.05 -2.51 -58.97
N GLU UA 38 41.30 -3.00 -57.77
CA GLU UA 38 41.07 -2.21 -56.57
C GLU UA 38 41.98 -0.99 -56.52
N ARG UA 39 43.19 -1.11 -57.10
CA ARG UA 39 44.09 0.03 -57.23
C ARG UA 39 43.47 1.13 -58.09
N LYS UA 40 43.01 0.78 -59.29
CA LYS UA 40 42.48 1.81 -60.18
C LYS UA 40 41.14 2.34 -59.68
N PHE UA 41 40.42 1.53 -58.91
CA PHE UA 41 39.18 2.03 -58.33
C PHE UA 41 39.47 2.97 -57.16
N LEU UA 42 40.57 2.75 -56.44
CA LEU UA 42 40.94 3.74 -55.44
C LEU UA 42 41.62 4.96 -56.04
N LYS UA 43 42.07 4.85 -57.30
CA LYS UA 43 42.50 6.07 -57.99
C LYS UA 43 41.31 6.90 -58.44
N GLN UA 44 40.25 6.26 -58.95
CA GLN UA 44 39.11 7.04 -59.42
C GLN UA 44 38.16 7.44 -58.29
N PHE UA 45 37.50 6.46 -57.66
CA PHE UA 45 36.63 6.63 -56.50
C PHE UA 45 35.47 7.60 -56.78
N LEU UA 46 34.53 7.12 -57.59
CA LEU UA 46 33.33 7.87 -57.93
C LEU UA 46 32.46 8.11 -56.69
N SER UA 47 31.70 9.21 -56.73
CA SER UA 47 30.55 9.38 -55.86
C SER UA 47 29.46 10.11 -56.63
N GLY UA 48 28.26 10.07 -56.07
CA GLY UA 48 27.08 10.48 -56.81
C GLY UA 48 26.70 11.94 -56.65
N ARG UA 49 27.69 12.82 -56.75
CA ARG UA 49 27.41 14.24 -56.88
C ARG UA 49 27.34 14.68 -58.33
N GLU UA 50 26.99 13.75 -59.22
CA GLU UA 50 27.09 13.94 -60.65
C GLU UA 50 25.74 14.02 -61.34
N ASN UA 51 24.74 13.26 -60.90
CA ASN UA 51 23.48 13.21 -61.62
C ASN UA 51 22.63 14.45 -61.37
N LEU UA 52 22.49 14.83 -60.10
CA LEU UA 52 21.69 15.98 -59.63
C LEU UA 52 20.22 15.89 -60.00
N ARG UA 53 19.71 14.70 -60.25
CA ARG UA 53 18.27 14.49 -60.36
C ARG UA 53 17.85 13.43 -59.35
N ILE UA 54 16.61 13.52 -58.91
CA ILE UA 54 16.10 12.65 -57.86
C ILE UA 54 15.05 11.74 -58.46
N ALA UA 55 15.34 10.46 -58.50
CA ALA UA 55 14.46 9.46 -59.09
C ALA UA 55 14.03 8.46 -58.03
N ALA UA 56 13.06 7.64 -58.40
CA ALA UA 56 12.49 6.70 -57.46
C ALA UA 56 12.09 5.43 -58.22
N ARG UA 57 12.48 4.28 -57.68
CA ARG UA 57 12.06 3.02 -58.26
C ARG UA 57 10.62 2.72 -57.86
N VAL UA 58 9.93 1.98 -58.71
CA VAL UA 58 8.47 1.92 -58.69
C VAL UA 58 8.02 0.53 -59.14
N PHE UA 59 7.11 -0.09 -58.41
CA PHE UA 59 6.46 -1.30 -58.88
C PHE UA 59 4.98 -1.03 -59.10
N THR UA 60 4.49 -1.44 -60.27
CA THR UA 60 3.10 -1.21 -60.62
C THR UA 60 2.68 -2.38 -61.48
N PRO UA 61 1.44 -2.85 -61.36
CA PRO UA 61 0.93 -3.84 -62.31
C PRO UA 61 0.91 -3.30 -63.73
N CYS UA 62 1.27 -4.16 -64.67
CA CYS UA 62 1.47 -3.76 -66.05
C CYS UA 62 0.18 -3.67 -66.84
N GLU UA 63 -0.94 -4.06 -66.24
CA GLU UA 63 -2.24 -3.95 -66.89
C GLU UA 63 -2.71 -2.49 -67.07
N LEU UA 64 -2.47 -1.70 -66.03
CA LEU UA 64 -2.89 -0.30 -65.98
C LEU UA 64 -2.24 0.62 -67.00
N LEU UA 65 -0.93 0.44 -67.23
CA LEU UA 65 -0.28 1.30 -68.20
C LEU UA 65 -0.23 0.64 -69.56
N ALA UA 66 -0.97 1.21 -70.50
CA ALA UA 66 -0.98 0.72 -71.88
C ALA UA 66 -0.05 1.51 -72.81
N PRO UA 67 -0.34 2.80 -73.02
CA PRO UA 67 0.40 3.79 -73.83
C PRO UA 67 1.79 4.13 -73.27
N GLU UA 68 1.87 4.22 -71.94
CA GLU UA 68 3.06 4.66 -71.22
C GLU UA 68 4.38 3.89 -71.32
N LEU UA 69 4.34 2.56 -71.30
CA LEU UA 69 5.61 1.82 -71.35
C LEU UA 69 6.36 2.12 -72.64
N GLU UA 70 5.63 2.14 -73.76
CA GLU UA 70 6.22 2.44 -75.06
C GLU UA 70 6.71 3.88 -75.21
N ASN UA 71 5.97 4.83 -74.65
CA ASN UA 71 6.26 6.25 -74.80
C ASN UA 71 6.79 6.81 -73.48
N LEU UA 72 8.08 7.17 -73.47
CA LEU UA 72 8.69 7.66 -72.25
C LEU UA 72 8.41 9.14 -72.03
N GLY UA 73 8.12 9.49 -70.78
CA GLY UA 73 7.87 10.86 -70.38
C GLY UA 73 6.38 11.11 -70.25
N MET UA 74 5.87 10.96 -69.03
CA MET UA 74 4.44 10.99 -68.71
C MET UA 74 4.28 11.33 -67.25
N LEU UA 75 3.21 12.03 -66.91
CA LEU UA 75 2.88 12.23 -65.51
C LEU UA 75 2.42 10.92 -64.89
N MET UA 76 2.61 10.80 -63.58
CA MET UA 76 2.19 9.64 -62.83
C MET UA 76 1.40 10.05 -61.59
N TYR UA 77 0.45 9.21 -61.23
CA TYR UA 77 -0.44 9.49 -60.12
C TYR UA 77 -0.42 8.36 -59.11
N ARG UA 78 -0.17 8.72 -57.86
CA ARG UA 78 -0.26 7.80 -56.75
C ARG UA 78 -1.72 7.67 -56.35
N PHE UA 79 -2.24 6.46 -56.38
CA PHE UA 79 -3.61 6.15 -55.99
C PHE UA 79 -3.49 5.20 -54.80
N GLU UA 80 -3.65 5.71 -53.59
CA GLU UA 80 -3.58 4.83 -52.44
C GLU UA 80 -4.86 4.03 -52.33
N THR UA 81 -4.76 2.88 -51.68
CA THR UA 81 -5.80 1.87 -51.73
C THR UA 81 -6.04 1.38 -50.32
N ASP UA 82 -7.29 1.09 -50.00
CA ASP UA 82 -7.53 0.47 -48.71
C ASP UA 82 -7.13 -1.00 -48.67
N VAL UA 83 -6.81 -1.61 -49.81
CA VAL UA 83 -6.23 -2.95 -49.83
C VAL UA 83 -4.83 -2.86 -49.24
N ASP UA 84 -4.55 -3.82 -48.35
CA ASP UA 84 -3.27 -4.00 -47.70
C ASP UA 84 -2.12 -4.51 -48.60
N ASN UA 85 -2.44 -5.44 -49.51
CA ASN UA 85 -1.39 -6.05 -50.35
C ASN UA 85 -0.66 -5.06 -51.25
N PRO UA 86 -1.39 -4.19 -51.94
CA PRO UA 86 -0.66 -3.18 -52.69
C PRO UA 86 -1.19 -1.93 -52.05
N LYS UA 87 -0.39 -1.15 -51.35
CA LYS UA 87 -1.01 0.03 -50.77
C LYS UA 87 -1.08 1.20 -51.71
N ILE UA 88 -0.14 1.33 -52.63
CA ILE UA 88 -0.18 2.36 -53.65
C ILE UA 88 -0.28 1.72 -55.01
N LEU UA 89 -0.94 2.41 -55.93
CA LEU UA 89 -1.11 1.95 -57.30
C LEU UA 89 -0.90 3.13 -58.21
N PHE UA 90 -0.09 2.96 -59.24
CA PHE UA 90 0.32 4.09 -60.05
C PHE UA 90 -0.44 4.14 -61.37
N VAL UA 91 -0.78 5.36 -61.72
CA VAL UA 91 -1.85 5.69 -62.64
C VAL UA 91 -1.31 6.59 -63.73
N GLY UA 92 -1.62 6.26 -64.98
CA GLY UA 92 -1.22 7.11 -66.08
C GLY UA 92 -2.03 8.39 -66.13
N LEU UA 93 -1.37 9.44 -66.63
CA LEU UA 93 -2.05 10.72 -66.89
C LEU UA 93 -3.20 10.50 -67.86
N PHE UA 94 -2.97 9.74 -68.93
CA PHE UA 94 -4.05 9.52 -69.89
C PHE UA 94 -5.11 8.59 -69.33
N PHE UA 95 -4.70 7.64 -68.48
CA PHE UA 95 -5.66 6.79 -67.79
C PHE UA 95 -6.63 7.58 -66.94
N LEU UA 96 -6.16 8.66 -66.32
CA LEU UA 96 -7.10 9.47 -65.56
C LEU UA 96 -7.77 10.53 -66.41
N CYS UA 97 -7.15 10.91 -67.53
CA CYS UA 97 -7.82 11.80 -68.48
C CYS UA 97 -8.97 11.13 -69.22
N SER UA 98 -9.07 9.81 -69.16
CA SER UA 98 -10.22 9.11 -69.74
C SER UA 98 -11.53 9.61 -69.14
N ASN UA 99 -11.65 9.55 -67.82
CA ASN UA 99 -12.85 10.09 -67.19
C ASN UA 99 -12.68 11.50 -66.68
N ALA UA 100 -11.61 12.19 -67.08
CA ALA UA 100 -11.73 13.64 -67.14
C ALA UA 100 -12.86 14.03 -68.08
N PHE UA 101 -13.56 15.12 -67.75
CA PHE UA 101 -14.74 15.48 -68.54
C PHE UA 101 -14.41 16.35 -69.74
N ASN UA 102 -13.22 16.95 -69.79
CA ASN UA 102 -12.86 17.83 -70.89
C ASN UA 102 -12.75 17.08 -72.20
N VAL UA 103 -12.30 15.82 -72.14
CA VAL UA 103 -11.93 15.08 -73.34
C VAL UA 103 -13.18 14.77 -74.15
N SER UA 104 -13.15 15.10 -75.44
CA SER UA 104 -14.25 14.86 -76.35
C SER UA 104 -14.49 13.35 -76.51
N ALA UA 105 -15.65 13.03 -77.11
CA ALA UA 105 -16.10 11.64 -77.12
C ALA UA 105 -15.25 10.77 -78.03
N CYS UA 106 -14.77 11.32 -79.16
CA CYS UA 106 -13.95 10.55 -80.06
C CYS UA 106 -12.60 10.20 -79.43
N VAL UA 107 -11.94 11.21 -78.84
CA VAL UA 107 -10.65 10.99 -78.18
C VAL UA 107 -10.83 10.10 -76.96
N ARG UA 108 -11.95 10.24 -76.27
CA ARG UA 108 -12.22 9.47 -75.07
C ARG UA 108 -12.42 7.99 -75.40
N THR UA 109 -13.25 7.71 -76.41
CA THR UA 109 -13.44 6.35 -76.86
C THR UA 109 -12.17 5.74 -77.42
N ALA UA 110 -11.37 6.56 -78.08
CA ALA UA 110 -10.10 6.09 -78.61
C ALA UA 110 -9.26 5.71 -77.41
N LEU UA 111 -9.28 6.55 -76.38
CA LEU UA 111 -8.52 6.28 -75.17
C LEU UA 111 -9.04 5.03 -74.49
N THR UA 112 -10.35 4.87 -74.46
CA THR UA 112 -10.95 3.71 -73.84
C THR UA 112 -10.54 2.42 -74.55
N THR UA 113 -10.50 2.45 -75.88
CA THR UA 113 -10.10 1.24 -76.61
C THR UA 113 -8.62 0.94 -76.43
N MET UA 114 -7.80 1.94 -76.07
CA MET UA 114 -6.49 1.60 -75.51
C MET UA 114 -6.59 1.02 -74.11
N TYR UA 115 -7.63 1.38 -73.38
CA TYR UA 115 -7.75 1.08 -71.97
C TYR UA 115 -8.91 0.17 -71.70
N THR UA 116 -9.05 -0.87 -72.49
CA THR UA 116 -10.12 -1.83 -72.26
C THR UA 116 -9.51 -3.15 -71.74
N ASN UA 117 -9.57 -3.33 -70.43
CA ASN UA 117 -9.36 -4.61 -69.76
C ASN UA 117 -10.09 -4.54 -68.42
N SER UA 118 -10.02 -5.66 -67.69
CA SER UA 118 -10.80 -5.79 -66.47
C SER UA 118 -10.17 -5.04 -65.31
N MET UA 119 -8.84 -5.11 -65.15
CA MET UA 119 -8.19 -4.39 -64.06
C MET UA 119 -8.32 -2.88 -64.21
N VAL UA 120 -8.10 -2.36 -65.42
CA VAL UA 120 -8.21 -0.93 -65.67
C VAL UA 120 -9.68 -0.47 -65.58
N ASP UA 121 -10.62 -1.33 -65.97
CA ASP UA 121 -12.03 -1.03 -65.76
C ASP UA 121 -12.37 -0.97 -64.26
N ASN UA 122 -11.80 -1.87 -63.46
CA ASN UA 122 -12.10 -1.86 -62.04
C ASN UA 122 -11.48 -0.66 -61.34
N VAL UA 123 -10.32 -0.22 -61.80
CA VAL UA 123 -9.66 0.93 -61.18
C VAL UA 123 -10.38 2.22 -61.56
N LEU UA 124 -10.90 2.30 -62.79
CA LEU UA 124 -11.78 3.42 -63.13
C LEU UA 124 -13.03 3.43 -62.28
N SER UA 125 -13.55 2.24 -61.95
CA SER UA 125 -14.70 2.18 -61.04
C SER UA 125 -14.32 2.64 -59.63
N MET UA 126 -13.11 2.32 -59.17
CA MET UA 126 -12.67 2.80 -57.86
C MET UA 126 -12.54 4.33 -57.83
N ILE UA 127 -11.92 4.90 -58.86
CA ILE UA 127 -11.75 6.36 -58.93
C ILE UA 127 -13.11 7.05 -59.05
N ASN UA 128 -14.05 6.43 -59.78
CA ASN UA 128 -15.39 7.01 -59.87
C ASN UA 128 -16.12 6.93 -58.55
N THR UA 129 -16.02 5.80 -57.83
CA THR UA 129 -16.77 5.67 -56.59
C THR UA 129 -16.14 6.43 -55.43
N CYS UA 130 -14.86 6.80 -55.51
CA CYS UA 130 -14.31 7.69 -54.49
C CYS UA 130 -14.98 9.06 -54.56
N LYS UA 131 -15.09 9.71 -53.40
CA LYS UA 131 -15.93 10.89 -53.26
C LYS UA 131 -15.37 12.09 -54.02
N TYR UA 132 -14.24 12.59 -53.57
CA TYR UA 132 -13.49 13.57 -54.33
C TYR UA 132 -12.43 12.83 -55.14
N LEU UA 133 -11.48 13.55 -55.68
CA LEU UA 133 -10.37 12.93 -56.36
C LEU UA 133 -9.01 13.28 -55.79
N GLU UA 134 -8.81 14.55 -55.41
CA GLU UA 134 -7.48 15.15 -55.36
C GLU UA 134 -6.58 14.65 -54.23
N ASP UA 135 -7.11 13.93 -53.23
CA ASP UA 135 -6.25 13.43 -52.16
C ASP UA 135 -6.41 11.93 -51.93
N LYS UA 136 -7.13 11.23 -52.81
CA LYS UA 136 -6.93 9.79 -52.91
C LYS UA 136 -5.97 9.45 -54.02
N VAL UA 137 -5.95 10.26 -55.07
CA VAL UA 137 -4.92 10.20 -56.08
C VAL UA 137 -4.10 11.47 -55.93
N SER UA 138 -2.85 11.43 -56.36
CA SER UA 138 -1.96 12.54 -56.11
C SER UA 138 -0.85 12.54 -57.14
N LEU UA 139 -0.29 13.72 -57.37
CA LEU UA 139 0.77 13.85 -58.36
C LEU UA 139 2.05 13.22 -57.86
N PHE UA 140 2.81 12.59 -58.76
CA PHE UA 140 3.98 11.85 -58.32
C PHE UA 140 5.25 12.23 -59.05
N GLY UA 141 5.17 12.50 -60.35
CA GLY UA 141 6.37 12.85 -61.10
C GLY UA 141 6.27 12.38 -62.53
N VAL UA 142 7.44 12.23 -63.15
CA VAL UA 142 7.59 12.10 -64.60
C VAL UA 142 8.31 10.80 -64.93
N THR UA 143 7.82 10.12 -65.97
CA THR UA 143 8.19 8.74 -66.26
C THR UA 143 9.51 8.65 -67.02
N SER UA 144 10.39 7.77 -66.56
CA SER UA 144 11.53 7.30 -67.34
C SER UA 144 11.90 5.92 -66.83
N LEU UA 145 12.59 5.12 -67.66
CA LEU UA 145 12.90 3.70 -67.39
C LEU UA 145 11.62 2.92 -67.08
N VAL UA 146 10.87 2.69 -68.17
CA VAL UA 146 9.92 1.59 -68.22
C VAL UA 146 10.68 0.28 -68.23
N SER UA 147 10.20 -0.69 -67.45
CA SER UA 147 10.69 -2.06 -67.51
C SER UA 147 10.00 -2.90 -68.56
N CYS UA 148 8.66 -2.87 -68.53
CA CYS UA 148 7.77 -3.84 -69.16
C CYS UA 148 8.21 -5.27 -68.84
N GLY UA 149 8.28 -5.56 -67.54
CA GLY UA 149 8.54 -6.90 -67.07
C GLY UA 149 7.29 -7.71 -66.82
N SER UA 150 7.29 -8.49 -65.74
CA SER UA 150 6.04 -9.11 -65.30
C SER UA 150 5.21 -8.13 -64.48
N SER UA 151 5.72 -7.72 -63.32
CA SER UA 151 5.20 -6.58 -62.58
C SER UA 151 6.17 -5.44 -62.82
N CYS UA 152 5.73 -4.39 -63.51
CA CYS UA 152 6.68 -3.50 -64.15
C CYS UA 152 7.34 -2.56 -63.14
N LEU UA 153 8.63 -2.35 -63.35
CA LEU UA 153 9.43 -1.36 -62.64
C LEU UA 153 9.46 -0.07 -63.44
N LEU UA 154 9.09 1.01 -62.80
CA LEU UA 154 9.18 2.33 -63.41
C LEU UA 154 10.12 3.17 -62.57
N SER UA 155 11.08 3.80 -63.21
CA SER UA 155 11.71 4.88 -62.48
C SER UA 155 10.83 6.11 -62.62
N CYS UA 156 11.04 7.07 -61.74
CA CYS UA 156 10.25 8.28 -61.83
C CYS UA 156 10.99 9.45 -61.20
N VAL UA 157 10.91 10.61 -61.84
CA VAL UA 157 11.69 11.77 -61.45
C VAL UA 157 10.88 12.65 -60.52
N MET UA 158 11.45 12.96 -59.36
CA MET UA 158 10.86 13.94 -58.47
C MET UA 158 11.33 15.35 -58.77
N GLN UA 159 12.59 15.50 -59.18
CA GLN UA 159 13.20 16.81 -59.36
C GLN UA 159 14.35 16.68 -60.33
N GLY UA 160 14.44 17.62 -61.27
CA GLY UA 160 15.52 17.63 -62.24
C GLY UA 160 15.05 17.17 -63.61
N ASN UA 161 16.02 17.12 -64.52
CA ASN UA 161 15.71 16.75 -65.89
C ASN UA 161 15.35 15.27 -65.98
N VAL UA 162 14.62 14.93 -67.03
CA VAL UA 162 14.01 13.62 -67.17
C VAL UA 162 14.98 12.74 -67.93
N TYR UA 163 15.81 11.98 -67.21
CA TYR UA 163 16.75 11.08 -67.86
C TYR UA 163 17.06 9.93 -66.93
N ASP UA 164 17.19 8.74 -67.49
CA ASP UA 164 17.57 7.55 -66.75
C ASP UA 164 19.00 7.63 -66.25
N ALA UA 165 19.92 7.54 -67.19
CA ALA UA 165 21.32 7.25 -66.96
C ALA UA 165 22.08 7.75 -68.17
N ASN UA 166 23.35 8.09 -67.93
CA ASN UA 166 24.34 8.64 -68.87
C ASN UA 166 23.93 10.02 -69.42
N LYS UA 167 22.89 10.65 -68.88
CA LYS UA 167 22.54 12.06 -69.12
C LYS UA 167 22.32 12.34 -70.58
N GLU UA 168 21.63 11.42 -71.20
CA GLU UA 168 21.56 11.29 -72.63
C GLU UA 168 20.09 11.11 -72.92
N ASN UA 169 19.68 11.56 -74.10
CA ASN UA 169 18.32 11.61 -74.67
C ASN UA 169 17.23 12.02 -73.66
N ILE UA 170 17.37 13.23 -73.09
CA ILE UA 170 16.53 13.71 -72.00
C ILE UA 170 15.07 13.83 -72.43
N HIS UA 171 14.20 13.01 -71.84
CA HIS UA 171 12.84 12.90 -72.31
C HIS UA 171 12.02 14.11 -71.90
N GLY UA 172 10.81 14.20 -72.43
CA GLY UA 172 9.98 15.35 -72.17
C GLY UA 172 8.58 14.92 -71.76
N LEU UA 173 7.92 15.81 -71.03
CA LEU UA 173 6.57 15.55 -70.59
C LEU UA 173 5.63 15.56 -71.78
N THR UA 174 4.76 14.56 -71.85
CA THR UA 174 3.80 14.43 -72.93
C THR UA 174 2.42 14.70 -72.38
N VAL UA 175 1.90 15.87 -72.70
CA VAL UA 175 0.61 16.32 -72.21
C VAL UA 175 -0.31 16.45 -73.41
N LEU UA 176 -1.52 15.90 -73.28
CA LEU UA 176 -2.46 15.76 -74.38
C LEU UA 176 -2.88 17.15 -74.86
N LYS UA 177 -3.03 17.29 -76.17
CA LYS UA 177 -3.32 18.59 -76.76
C LYS UA 177 -4.68 19.13 -76.32
N GLU UA 178 -5.64 18.25 -76.04
CA GLU UA 178 -6.98 18.71 -75.68
C GLU UA 178 -7.04 19.22 -74.26
N ILE UA 179 -6.18 18.73 -73.37
CA ILE UA 179 -6.32 19.02 -71.95
C ILE UA 179 -5.45 20.19 -71.54
N PHE UA 180 -4.76 20.82 -72.49
CA PHE UA 180 -3.94 21.95 -72.09
C PHE UA 180 -4.53 23.20 -72.72
N LEU UA 181 -4.32 24.31 -72.02
CA LEU UA 181 -4.77 25.63 -72.43
C LEU UA 181 -3.98 26.67 -71.66
N GLU UA 182 -3.68 27.79 -72.29
CA GLU UA 182 -2.78 28.79 -71.71
C GLU UA 182 -3.45 30.15 -71.55
N PRO UA 183 -4.04 30.43 -70.41
CA PRO UA 183 -4.64 31.75 -70.21
C PRO UA 183 -3.59 32.83 -69.91
N ASP UA 184 -3.36 33.70 -70.88
CA ASP UA 184 -2.39 34.77 -70.77
C ASP UA 184 -2.94 36.01 -71.44
N TRP UA 185 -2.26 37.14 -71.22
CA TRP UA 185 -2.50 38.29 -72.07
C TRP UA 185 -1.85 38.09 -73.42
N GLU UA 186 -0.59 37.66 -73.43
CA GLU UA 186 0.08 37.22 -74.65
C GLU UA 186 0.62 35.82 -74.39
N PRO UA 187 0.27 34.83 -75.21
CA PRO UA 187 0.81 33.48 -75.02
C PRO UA 187 2.28 33.43 -75.40
N ARG UA 188 3.07 32.72 -74.57
CA ARG UA 188 4.52 32.55 -74.71
C ARG UA 188 5.21 33.92 -74.72
N GLN UA 189 5.10 34.57 -73.57
CA GLN UA 189 5.34 36.00 -73.39
C GLN UA 189 6.75 36.41 -73.78
N HIS UA 190 7.76 36.00 -73.01
CA HIS UA 190 9.13 36.30 -73.40
C HIS UA 190 10.02 35.06 -73.47
N SER UA 191 9.99 34.24 -72.43
CA SER UA 191 10.97 33.19 -72.23
C SER UA 191 10.29 32.05 -71.47
N THR UA 192 11.10 31.27 -70.74
CA THR UA 192 10.74 30.00 -70.12
C THR UA 192 9.42 30.05 -69.36
N GLN UA 193 8.53 29.12 -69.70
CA GLN UA 193 7.22 29.03 -69.09
C GLN UA 193 7.21 27.92 -68.06
N TYR UA 194 6.50 28.18 -66.97
CA TYR UA 194 6.23 27.16 -65.98
C TYR UA 194 4.98 26.39 -66.38
N VAL UA 195 5.01 25.08 -66.19
CA VAL UA 195 3.91 24.20 -66.55
C VAL UA 195 3.15 23.86 -65.27
N TYR UA 196 1.84 24.13 -65.26
CA TYR UA 196 1.05 23.81 -64.07
C TYR UA 196 -0.06 22.84 -64.47
N VAL UA 197 -0.60 22.15 -63.47
CA VAL UA 197 -1.69 21.21 -63.63
C VAL UA 197 -2.85 21.69 -62.79
N VAL UA 198 -4.04 21.75 -63.40
CA VAL UA 198 -5.25 22.22 -62.73
C VAL UA 198 -6.27 21.10 -62.72
N HIS UA 199 -6.77 20.77 -61.53
CA HIS UA 199 -7.90 19.86 -61.38
C HIS UA 199 -9.16 20.67 -61.17
N VAL UA 200 -10.19 20.35 -61.95
CA VAL UA 200 -11.44 21.09 -62.01
C VAL UA 200 -12.59 20.12 -61.86
N TYR UA 201 -13.50 20.39 -60.93
CA TYR UA 201 -14.63 19.48 -60.77
C TYR UA 201 -15.81 19.93 -61.61
N LYS UA 202 -16.81 19.05 -61.73
CA LYS UA 202 -18.05 19.37 -62.42
C LYS UA 202 -19.12 18.45 -61.89
N GLU UA 203 -20.35 18.96 -61.81
CA GLU UA 203 -21.47 18.16 -61.32
C GLU UA 203 -22.58 18.12 -62.35
N VAL UA 204 -22.60 17.05 -63.15
CA VAL UA 204 -23.67 16.89 -64.12
C VAL UA 204 -24.82 16.12 -63.50
N LEU UA 205 -25.55 16.79 -62.61
CA LEU UA 205 -26.89 16.47 -62.11
C LEU UA 205 -26.97 15.22 -61.23
N SER UA 206 -25.95 14.35 -61.28
CA SER UA 206 -25.94 13.14 -60.49
C SER UA 206 -24.70 13.04 -59.61
N LYS UA 207 -23.53 13.12 -60.22
CA LYS UA 207 -22.26 12.81 -59.55
C LYS UA 207 -21.28 13.92 -59.86
N LEU UA 208 -20.04 13.73 -59.44
CA LEU UA 208 -18.98 14.67 -59.74
C LEU UA 208 -18.16 14.17 -60.92
N GLN UA 209 -17.77 15.09 -61.81
CA GLN UA 209 -16.83 14.77 -62.87
C GLN UA 209 -15.65 15.72 -62.77
N TYR UA 210 -14.47 15.15 -62.64
CA TYR UA 210 -13.27 15.96 -62.58
C TYR UA 210 -12.80 16.34 -63.98
N GLY UA 211 -12.00 17.39 -64.03
CA GLY UA 211 -11.38 17.78 -65.29
C GLY UA 211 -9.91 18.12 -65.12
N ILE UA 212 -9.09 17.64 -66.04
CA ILE UA 212 -7.65 17.75 -65.90
C ILE UA 212 -7.20 18.80 -66.89
N TYR UA 213 -6.78 19.95 -66.40
CA TYR UA 213 -6.22 20.95 -67.28
C TYR UA 213 -4.75 21.16 -66.97
N VAL UA 214 -4.01 21.47 -68.01
CA VAL UA 214 -2.60 21.81 -67.94
C VAL UA 214 -2.42 23.20 -68.50
N VAL UA 215 -1.84 24.10 -67.72
CA VAL UA 215 -1.61 25.46 -68.16
C VAL UA 215 -0.13 25.72 -68.22
N LEU UA 216 0.28 26.48 -69.22
CA LEU UA 216 1.68 26.91 -69.39
C LEU UA 216 1.68 28.41 -69.30
N THR UA 217 2.47 28.95 -68.38
CA THR UA 217 2.43 30.37 -68.15
C THR UA 217 3.81 30.90 -67.79
N SER UA 218 4.02 32.17 -68.10
CA SER UA 218 5.21 32.83 -67.61
C SER UA 218 5.08 33.25 -66.15
N PHE UA 219 3.87 33.27 -65.61
CA PHE UA 219 3.69 33.67 -64.23
C PHE UA 219 4.14 32.56 -63.30
N GLN UA 220 5.09 32.89 -62.43
CA GLN UA 220 5.55 31.95 -61.43
C GLN UA 220 4.65 31.92 -60.20
N ASN UA 221 4.07 33.06 -59.85
CA ASN UA 221 3.44 33.19 -58.55
C ASN UA 221 2.03 32.59 -58.57
N GLU UA 222 1.78 31.74 -57.58
CA GLU UA 222 0.54 30.97 -57.54
C GLU UA 222 -0.66 31.87 -57.29
N ASP UA 223 -0.46 32.99 -56.59
CA ASP UA 223 -1.52 33.96 -56.41
C ASP UA 223 -1.96 34.54 -57.75
N LEU UA 224 -0.98 34.90 -58.61
CA LEU UA 224 -1.28 35.39 -59.95
C LEU UA 224 -2.01 34.35 -60.77
N VAL UA 225 -1.61 33.09 -60.64
CA VAL UA 225 -2.18 32.10 -61.52
C VAL UA 225 -3.59 31.69 -61.08
N VAL UA 226 -3.84 31.61 -59.77
CA VAL UA 226 -5.22 31.37 -59.38
C VAL UA 226 -6.11 32.58 -59.63
N ASP UA 227 -5.53 33.79 -59.63
CA ASP UA 227 -6.32 34.96 -59.99
C ASP UA 227 -6.68 34.96 -61.47
N ILE UA 228 -5.80 34.43 -62.32
CA ILE UA 228 -6.21 34.37 -63.72
C ILE UA 228 -7.14 33.17 -63.95
N LEU UA 229 -7.03 32.12 -63.14
CA LEU UA 229 -7.88 30.96 -63.35
C LEU UA 229 -9.28 31.14 -62.82
N ARG UA 230 -9.48 31.96 -61.80
CA ARG UA 230 -10.84 32.26 -61.38
C ARG UA 230 -11.56 33.09 -62.43
N GLN UA 231 -10.84 34.01 -63.09
CA GLN UA 231 -11.39 34.73 -64.23
C GLN UA 231 -11.75 33.77 -65.34
N TYR UA 232 -10.94 32.73 -65.55
CA TYR UA 232 -11.26 31.78 -66.60
C TYR UA 232 -12.46 30.91 -66.23
N PHE UA 233 -12.58 30.53 -64.97
CA PHE UA 233 -13.62 29.59 -64.55
C PHE UA 233 -14.71 30.22 -63.72
N GLU UA 234 -15.05 31.48 -63.97
CA GLU UA 234 -16.00 32.15 -63.09
C GLU UA 234 -17.39 31.49 -63.13
N LYS UA 235 -17.89 31.15 -64.32
CA LYS UA 235 -19.27 30.64 -64.48
C LYS UA 235 -19.47 29.29 -63.77
N GLU UA 236 -18.62 28.31 -64.09
CA GLU UA 236 -18.70 26.99 -63.48
C GLU UA 236 -18.55 27.07 -61.97
N ARG UA 237 -17.66 27.97 -61.51
CA ARG UA 237 -17.45 28.21 -60.09
C ARG UA 237 -18.75 28.59 -59.41
N PHE UA 238 -19.58 29.41 -60.05
CA PHE UA 238 -20.83 29.83 -59.44
C PHE UA 238 -21.82 28.68 -59.40
N LEU UA 239 -21.87 27.87 -60.47
CA LEU UA 239 -22.70 26.66 -60.47
C LEU UA 239 -22.36 25.74 -59.30
N PHE UA 240 -21.07 25.59 -59.04
CA PHE UA 240 -20.63 24.59 -58.08
C PHE UA 240 -20.78 25.14 -56.67
N LEU UA 241 -20.80 26.47 -56.53
CA LEU UA 241 -21.16 27.06 -55.23
C LEU UA 241 -22.58 26.70 -54.85
N ASN UA 242 -23.47 26.64 -55.84
CA ASN UA 242 -24.82 26.18 -55.55
C ASN UA 242 -24.84 24.69 -55.29
N TYR UA 243 -23.92 23.95 -55.92
CA TYR UA 243 -23.90 22.51 -55.69
C TYR UA 243 -23.42 22.12 -54.30
N LEU UA 244 -22.28 22.64 -53.85
CA LEU UA 244 -21.51 22.02 -52.75
C LEU UA 244 -22.24 22.03 -51.40
N ILE UA 245 -23.16 22.96 -51.18
CA ILE UA 245 -23.89 22.97 -49.91
C ILE UA 245 -24.92 21.85 -49.88
N ASN UA 246 -25.63 21.68 -50.99
CA ASN UA 246 -26.60 20.61 -51.14
C ASN UA 246 -25.93 19.26 -51.21
N SER UA 247 -24.67 19.23 -51.65
CA SER UA 247 -23.85 18.05 -51.62
C SER UA 247 -23.51 17.69 -50.18
N ASN UA 248 -23.22 16.41 -49.95
CA ASN UA 248 -22.68 15.98 -48.68
C ASN UA 248 -21.35 15.27 -48.80
N THR UA 249 -20.83 15.10 -50.00
CA THR UA 249 -19.51 14.48 -50.17
C THR UA 249 -18.43 15.40 -49.64
N THR UA 250 -17.46 14.82 -48.93
CA THR UA 250 -16.47 15.60 -48.20
C THR UA 250 -15.45 16.14 -49.20
N LEU UA 251 -15.80 17.26 -49.84
CA LEU UA 251 -14.88 18.08 -50.60
C LEU UA 251 -15.15 19.52 -50.21
N SER UA 252 -14.21 20.42 -50.53
CA SER UA 252 -14.37 21.79 -50.07
C SER UA 252 -13.94 22.80 -51.13
N TYR UA 253 -13.81 22.38 -52.37
CA TYR UA 253 -13.25 23.29 -53.36
C TYR UA 253 -13.73 22.88 -54.74
N PHE UA 254 -13.40 23.73 -55.70
CA PHE UA 254 -13.66 23.57 -57.11
C PHE UA 254 -12.45 23.01 -57.85
N GLY UA 255 -11.26 23.38 -57.43
CA GLY UA 255 -10.09 22.88 -58.14
C GLY UA 255 -8.81 23.11 -57.37
N SER UA 256 -7.72 22.67 -57.99
CA SER UA 256 -6.40 22.89 -57.40
C SER UA 256 -5.38 23.05 -58.51
N VAL UA 257 -4.38 23.90 -58.24
CA VAL UA 257 -3.28 24.13 -59.14
C VAL UA 257 -2.02 23.58 -58.48
N GLN UA 258 -1.15 22.98 -59.30
CA GLN UA 258 0.12 22.47 -58.78
C GLN UA 258 1.18 22.55 -59.87
N ARG UA 259 2.37 22.97 -59.50
CA ARG UA 259 3.43 23.19 -60.48
C ARG UA 259 4.13 21.89 -60.87
N ILE UA 260 4.47 21.76 -62.15
CA ILE UA 260 5.17 20.60 -62.70
C ILE UA 260 6.64 20.90 -62.92
N GLY UA 261 6.93 22.02 -63.58
CA GLY UA 261 8.31 22.45 -63.61
C GLY UA 261 8.57 23.48 -64.68
N ARG UA 262 9.84 23.84 -64.78
CA ARG UA 262 10.28 24.77 -65.80
C ARG UA 262 10.29 24.10 -67.17
N CYS UA 263 10.07 24.90 -68.20
CA CYS UA 263 10.21 24.47 -69.59
C CYS UA 263 11.01 25.52 -70.36
N ALA UA 264 11.02 25.44 -71.68
CA ALA UA 264 11.60 26.49 -72.49
C ALA UA 264 10.71 26.74 -73.70
N THR UA 265 10.62 28.01 -74.09
CA THR UA 265 9.67 28.43 -75.11
C THR UA 265 10.03 27.85 -76.47
N GLU UA 266 11.31 27.83 -76.82
CA GLU UA 266 11.73 27.22 -78.06
C GLU UA 266 11.64 25.70 -78.04
N ASP UA 267 11.42 25.09 -76.87
CA ASP UA 267 11.40 23.64 -76.75
C ASP UA 267 9.99 23.09 -76.71
N ILE UA 268 8.99 23.88 -77.07
CA ILE UA 268 7.61 23.41 -77.07
C ILE UA 268 7.23 23.07 -78.51
N LYS UA 269 6.98 21.80 -78.77
CA LYS UA 269 6.62 21.38 -80.11
C LYS UA 269 5.46 20.40 -80.03
N SER UA 270 4.65 20.38 -81.07
CA SER UA 270 3.53 19.46 -81.12
C SER UA 270 3.98 18.11 -81.65
N GLY UA 271 3.03 17.18 -81.74
CA GLY UA 271 3.31 15.91 -82.34
C GLY UA 271 2.13 14.98 -82.14
N PHE UA 272 2.37 13.69 -82.38
CA PHE UA 272 1.32 12.74 -82.10
C PHE UA 272 1.94 11.43 -81.64
N LEU UA 273 1.20 10.73 -80.80
CA LEU UA 273 1.52 9.39 -80.37
C LEU UA 273 0.73 8.40 -81.17
N GLN UA 274 1.16 7.15 -81.14
CA GLN UA 274 0.34 6.07 -81.64
C GLN UA 274 0.60 4.81 -80.86
N TYR UA 275 -0.48 4.17 -80.43
CA TYR UA 275 -0.43 2.90 -79.73
C TYR UA 275 -1.52 2.04 -80.32
N ARG UA 276 -1.12 0.92 -80.94
CA ARG UA 276 -1.97 0.07 -81.78
C ARG UA 276 -2.64 0.86 -82.89
N GLY UA 277 -1.90 1.78 -83.50
CA GLY UA 277 -2.41 2.52 -84.63
C GLY UA 277 -3.35 3.65 -84.31
N ILE UA 278 -3.56 3.97 -83.03
CA ILE UA 278 -4.47 5.05 -82.67
C ILE UA 278 -3.67 6.35 -82.66
N THR UA 279 -3.80 7.12 -83.73
CA THR UA 279 -3.11 8.41 -83.85
C THR UA 279 -3.70 9.42 -82.87
N LEU UA 280 -2.84 10.05 -82.08
CA LEU UA 280 -3.35 10.88 -81.01
C LEU UA 280 -2.52 12.15 -80.85
N PRO UA 281 -3.10 13.33 -81.04
CA PRO UA 281 -2.31 14.57 -81.01
C PRO UA 281 -1.91 14.95 -79.59
N VAL UA 282 -0.61 15.19 -79.41
CA VAL UA 282 -0.04 15.57 -78.12
C VAL UA 282 0.82 16.81 -78.31
N ILE UA 283 1.09 17.48 -77.20
CA ILE UA 283 1.98 18.63 -77.15
C ILE UA 283 3.17 18.22 -76.32
N LYS UA 284 4.30 18.01 -76.96
CA LYS UA 284 5.47 17.46 -76.29
C LYS UA 284 6.40 18.59 -75.89
N LEU UA 285 6.40 18.91 -74.61
CA LEU UA 285 7.45 19.73 -74.05
C LEU UA 285 8.75 18.94 -74.09
N GLU UA 286 9.86 19.61 -74.34
CA GLU UA 286 11.08 18.84 -74.61
C GLU UA 286 11.99 18.70 -73.39
N ASN UA 287 12.45 19.79 -72.80
CA ASN UA 287 13.42 19.74 -71.72
C ASN UA 287 12.77 20.34 -70.48
N ILE UA 288 12.63 19.52 -69.43
CA ILE UA 288 11.80 19.87 -68.30
C ILE UA 288 12.60 19.68 -67.03
N PHE UA 289 12.76 20.75 -66.27
CA PHE UA 289 13.27 20.67 -64.92
C PHE UA 289 12.07 20.48 -64.01
N VAL UA 290 11.83 19.26 -63.55
CA VAL UA 290 10.62 18.96 -62.81
C VAL UA 290 10.71 19.56 -61.41
N ASP UA 291 9.67 20.27 -60.99
CA ASP UA 291 9.63 20.85 -59.66
C ASP UA 291 8.19 20.78 -59.16
N LEU UA 292 8.01 20.58 -57.86
CA LEU UA 292 6.66 20.46 -57.32
C LEU UA 292 6.51 21.46 -56.18
N SER UA 293 5.32 22.04 -56.09
CA SER UA 293 4.89 22.78 -54.91
C SER UA 293 3.68 22.08 -54.33
N GLU UA 294 3.24 22.56 -53.16
CA GLU UA 294 2.02 22.04 -52.56
C GLU UA 294 0.80 22.43 -53.39
N LYS UA 295 -0.20 21.55 -53.39
CA LYS UA 295 -1.44 21.81 -54.13
C LYS UA 295 -2.17 23.00 -53.55
N LYS UA 296 -2.44 23.99 -54.38
CA LYS UA 296 -3.12 25.19 -53.92
C LYS UA 296 -4.55 25.13 -54.42
N VAL UA 297 -5.50 25.03 -53.51
CA VAL UA 297 -6.89 24.79 -53.90
C VAL UA 297 -7.58 26.13 -54.11
N PHE UA 298 -8.63 26.11 -54.94
CA PHE UA 298 -9.43 27.31 -55.11
C PHE UA 298 -10.88 26.93 -55.35
N VAL UA 299 -11.74 27.80 -54.86
CA VAL UA 299 -13.12 27.48 -54.62
C VAL UA 299 -13.94 28.33 -55.54
N MET VA 1 63.96 97.10 -85.06
CA MET VA 1 63.47 97.04 -86.44
C MET VA 1 62.50 95.88 -86.62
N ASN VA 2 62.73 94.80 -85.88
CA ASN VA 2 61.87 93.62 -85.96
C ASN VA 2 60.46 93.93 -85.46
N SER VA 3 59.47 93.36 -86.14
CA SER VA 3 58.07 93.59 -85.78
C SER VA 3 57.76 93.05 -84.38
N LYS VA 4 58.32 91.88 -84.07
CA LYS VA 4 58.09 91.25 -82.77
C LYS VA 4 58.96 91.87 -81.67
N SER VA 5 60.15 92.32 -82.04
CA SER VA 5 61.06 92.92 -81.06
C SER VA 5 60.49 94.21 -80.48
N SER VA 6 59.92 95.07 -81.34
CA SER VA 6 59.23 96.26 -80.87
C SER VA 6 57.99 95.91 -80.06
N ALA VA 7 57.33 94.80 -80.41
CA ALA VA 7 56.19 94.31 -79.64
C ALA VA 7 56.60 93.91 -78.23
N ARG VA 8 57.68 93.12 -78.11
CA ARG VA 8 58.16 92.73 -76.79
C ARG VA 8 58.67 93.94 -76.00
N ALA VA 9 59.23 94.93 -76.70
CA ALA VA 9 59.65 96.16 -76.05
C ALA VA 9 58.47 96.90 -75.44
N ALA VA 10 57.34 96.95 -76.15
CA ALA VA 10 56.14 97.59 -75.59
C ALA VA 10 55.55 96.79 -74.44
N ILE VA 11 55.66 95.46 -74.50
CA ILE VA 11 55.23 94.61 -73.38
C ILE VA 11 56.03 94.92 -72.13
N VAL VA 12 57.35 94.99 -72.27
CA VAL VA 12 58.21 95.27 -71.13
C VAL VA 12 58.00 96.70 -70.65
N ASP VA 13 57.66 97.62 -71.55
CA ASP VA 13 57.37 99.00 -71.13
C ASP VA 13 56.10 99.08 -70.29
N THR VA 14 55.04 98.35 -70.68
CA THR VA 14 53.84 98.35 -69.85
C THR VA 14 54.06 97.62 -68.52
N VAL VA 15 54.85 96.55 -68.54
CA VAL VA 15 55.16 95.82 -67.32
C VAL VA 15 55.94 96.69 -66.34
N GLU VA 16 56.94 97.41 -66.84
CA GLU VA 16 57.71 98.29 -65.97
C GLU VA 16 56.93 99.52 -65.55
N ALA VA 17 55.95 99.96 -66.36
CA ALA VA 17 55.08 101.04 -65.91
C ALA VA 17 54.16 100.59 -64.77
N VAL VA 18 53.68 99.34 -64.84
CA VAL VA 18 52.91 98.78 -63.72
C VAL VA 18 53.79 98.67 -62.48
N LYS VA 19 55.05 98.28 -62.65
CA LYS VA 19 55.95 98.21 -61.51
C LYS VA 19 56.29 99.59 -60.96
N LYS VA 20 56.35 100.61 -61.81
CA LYS VA 20 56.53 101.98 -61.34
C LYS VA 20 55.34 102.46 -60.53
N ARG VA 21 54.13 102.15 -60.99
CA ARG VA 21 52.95 102.53 -60.21
C ARG VA 21 52.79 101.72 -58.94
N LYS VA 22 53.35 100.50 -58.90
CA LYS VA 22 53.14 99.61 -57.76
C LYS VA 22 54.19 99.81 -56.67
N TYR VA 23 55.47 99.77 -57.02
CA TYR VA 23 56.54 99.83 -56.03
C TYR VA 23 57.24 101.19 -56.11
N ILE VA 24 57.88 101.57 -55.00
CA ILE VA 24 58.54 102.87 -54.88
C ILE VA 24 60.02 102.63 -54.60
N SER VA 25 60.88 103.30 -55.36
CA SER VA 25 62.31 103.32 -55.06
C SER VA 25 62.57 104.04 -53.75
N ILE VA 26 63.39 103.46 -52.89
CA ILE VA 26 63.73 104.02 -51.59
C ILE VA 26 65.13 104.61 -51.66
N GLU VA 27 65.28 105.85 -51.18
CA GLU VA 27 66.56 106.56 -51.18
C GLU VA 27 67.11 106.69 -49.76
N ALA VA 28 66.40 106.14 -48.78
CA ALA VA 28 67.01 105.92 -47.47
C ALA VA 28 68.24 105.05 -47.63
N GLY VA 29 69.33 105.48 -46.97
CA GLY VA 29 70.65 104.93 -47.24
C GLY VA 29 70.77 103.45 -46.89
N THR VA 30 69.95 103.00 -45.95
CA THR VA 30 69.78 101.59 -45.57
C THR VA 30 71.11 100.99 -45.15
N LEU VA 31 71.66 101.47 -44.04
CA LEU VA 31 72.98 101.01 -43.64
C LEU VA 31 73.02 99.65 -42.96
N ASN VA 32 72.59 98.61 -43.67
CA ASN VA 32 72.76 97.26 -43.18
C ASN VA 32 72.34 97.02 -41.73
N ASN VA 33 71.19 97.54 -41.32
CA ASN VA 33 70.76 97.32 -39.96
C ASN VA 33 69.36 96.78 -40.08
N VAL VA 34 69.27 95.59 -40.65
CA VAL VA 34 67.99 94.95 -40.86
C VAL VA 34 68.05 93.44 -41.04
N VAL VA 35 66.88 92.86 -40.83
CA VAL VA 35 66.55 91.44 -40.96
C VAL VA 35 66.25 91.15 -42.43
N GLU VA 36 66.40 89.91 -42.88
CA GLU VA 36 66.14 89.67 -44.31
C GLU VA 36 64.68 89.87 -44.72
N LYS VA 37 63.73 89.67 -43.79
CA LYS VA 37 62.33 89.93 -44.11
C LYS VA 37 62.08 91.42 -44.30
N GLU VA 38 62.58 92.24 -43.36
CA GLU VA 38 62.49 93.68 -43.52
C GLU VA 38 63.35 94.17 -44.68
N ARG VA 39 64.43 93.45 -44.99
CA ARG VA 39 65.24 93.73 -46.17
C ARG VA 39 64.41 93.62 -47.44
N LYS VA 40 63.78 92.46 -47.65
CA LYS VA 40 63.03 92.26 -48.88
C LYS VA 40 61.77 93.11 -48.93
N PHE VA 41 61.21 93.46 -47.77
CA PHE VA 41 60.08 94.38 -47.80
C PHE VA 41 60.53 95.80 -48.15
N LEU VA 42 61.68 96.23 -47.64
CA LEU VA 42 62.17 97.56 -47.99
C LEU VA 42 62.71 97.61 -49.41
N LYS VA 43 63.06 96.47 -49.99
CA LYS VA 43 63.37 96.45 -51.41
C LYS VA 43 62.09 96.55 -52.25
N GLN VA 44 61.04 95.82 -51.87
CA GLN VA 44 59.83 95.86 -52.68
C GLN VA 44 59.03 97.13 -52.44
N PHE VA 45 58.47 97.27 -51.22
CA PHE VA 45 57.77 98.45 -50.73
C PHE VA 45 56.56 98.81 -51.62
N LEU VA 46 55.53 97.98 -51.49
CA LEU VA 46 54.26 98.21 -52.18
C LEU VA 46 53.62 99.54 -51.83
N SER VA 47 52.77 100.02 -52.73
CA SER VA 47 51.70 100.96 -52.39
C SER VA 47 50.45 100.54 -53.12
N GLY VA 48 49.33 101.14 -52.73
CA GLY VA 48 48.07 100.79 -53.33
C GLY VA 48 47.66 101.72 -54.45
N ARG VA 49 48.64 102.12 -55.27
CA ARG VA 49 48.36 102.85 -56.50
C ARG VA 49 48.17 101.88 -57.66
N GLU VA 50 47.61 100.71 -57.39
CA GLU VA 50 47.50 99.59 -58.31
C GLU VA 50 46.07 99.15 -58.54
N ASN VA 51 45.25 99.09 -57.49
CA ASN VA 51 43.90 98.57 -57.63
C ASN VA 51 43.01 99.54 -58.41
N LEU VA 52 43.02 100.81 -58.02
CA LEU VA 52 42.27 101.91 -58.66
C LEU VA 52 40.77 101.69 -58.65
N ARG VA 53 40.26 100.86 -57.74
CA ARG VA 53 38.83 100.72 -57.52
C ARG VA 53 38.52 101.15 -56.10
N ILE VA 54 37.36 101.76 -55.92
CA ILE VA 54 37.00 102.42 -54.67
C ILE VA 54 35.96 101.57 -53.98
N ALA VA 55 36.31 101.04 -52.81
CA ALA VA 55 35.46 100.13 -52.08
C ALA VA 55 35.13 100.70 -50.72
N ALA VA 56 34.17 100.06 -50.06
CA ALA VA 56 33.76 100.42 -48.71
C ALA VA 56 33.36 99.16 -47.97
N ARG VA 57 33.92 98.97 -46.78
CA ARG VA 57 33.51 97.88 -45.92
C ARG VA 57 32.18 98.22 -45.27
N VAL VA 58 31.39 97.19 -45.01
CA VAL VA 58 29.96 97.33 -44.75
C VAL VA 58 29.52 96.28 -43.74
N PHE VA 59 28.79 96.71 -42.71
CA PHE VA 59 28.18 95.77 -41.77
C PHE VA 59 26.68 95.82 -41.90
N THR VA 60 26.05 94.66 -42.08
CA THR VA 60 24.60 94.61 -42.27
C THR VA 60 24.11 93.33 -41.62
N PRO VA 61 22.97 93.35 -40.93
CA PRO VA 61 22.39 92.11 -40.42
C PRO VA 61 22.04 91.14 -41.53
N CYS VA 62 22.28 89.86 -41.28
CA CYS VA 62 22.29 88.84 -42.32
C CYS VA 62 20.91 88.39 -42.76
N GLU VA 63 19.84 88.91 -42.15
CA GLU VA 63 18.49 88.47 -42.53
C GLU VA 63 18.10 89.04 -43.89
N LEU VA 64 18.58 90.23 -44.23
CA LEU VA 64 18.09 90.91 -45.42
C LEU VA 64 18.75 90.40 -46.70
N LEU VA 65 19.92 89.79 -46.60
CA LEU VA 65 20.73 89.48 -47.78
C LEU VA 65 20.59 88.00 -48.16
N ALA VA 66 19.37 87.57 -48.46
CA ALA VA 66 19.11 86.12 -48.47
C ALA VA 66 19.64 85.42 -49.72
N PRO VA 67 19.35 85.84 -50.96
CA PRO VA 67 20.10 85.24 -52.07
C PRO VA 67 21.38 86.00 -52.40
N GLU VA 68 21.45 87.27 -52.01
CA GLU VA 68 22.59 88.12 -52.35
C GLU VA 68 23.83 87.80 -51.52
N LEU VA 69 23.76 86.84 -50.61
CA LEU VA 69 24.95 86.29 -50.00
C LEU VA 69 25.58 85.19 -50.84
N GLU VA 70 25.01 84.90 -52.00
CA GLU VA 70 25.43 83.77 -52.81
C GLU VA 70 25.86 84.18 -54.21
N ASN VA 71 25.26 85.24 -54.76
CA ASN VA 71 25.52 85.66 -56.13
C ASN VA 71 26.13 87.06 -56.07
N LEU VA 72 27.44 87.13 -56.29
CA LEU VA 72 28.15 88.39 -56.15
C LEU VA 72 27.83 89.34 -57.29
N GLY VA 73 27.59 90.59 -56.96
CA GLY VA 73 27.24 91.62 -57.91
C GLY VA 73 25.75 91.90 -57.89
N MET VA 74 25.37 92.88 -57.09
CA MET VA 74 23.99 93.30 -56.90
C MET VA 74 24.01 94.77 -56.53
N LEU VA 75 22.96 95.49 -56.87
CA LEU VA 75 22.84 96.85 -56.38
C LEU VA 75 22.47 96.82 -54.91
N MET VA 76 23.04 97.76 -54.16
CA MET VA 76 22.75 97.90 -52.74
C MET VA 76 22.22 99.29 -52.47
N TYR VA 77 21.34 99.37 -51.48
CA TYR VA 77 20.67 100.59 -51.14
C TYR VA 77 20.91 100.92 -49.67
N ARG VA 78 21.17 102.19 -49.40
CA ARG VA 78 21.22 102.68 -48.03
C ARG VA 78 19.84 103.11 -47.57
N PHE VA 79 19.42 102.61 -46.43
CA PHE VA 79 18.15 102.99 -45.82
C PHE VA 79 18.50 103.55 -44.45
N GLU VA 80 18.46 104.87 -44.32
CA GLU VA 80 18.66 105.45 -43.01
C GLU VA 80 17.37 105.26 -42.21
N THR VA 81 17.55 105.15 -40.91
CA THR VA 81 16.47 104.70 -40.04
C THR VA 81 16.49 105.57 -38.80
N ASP VA 82 15.30 105.89 -38.28
CA ASP VA 82 15.21 106.76 -37.11
C ASP VA 82 15.69 106.09 -35.83
N VAL VA 83 15.90 104.77 -35.84
CA VAL VA 83 16.61 104.13 -34.75
C VAL VA 83 18.05 104.64 -34.73
N ASP VA 84 18.60 104.84 -33.54
CA ASP VA 84 19.94 105.39 -33.43
C ASP VA 84 21.03 104.32 -33.45
N ASN VA 85 20.65 103.06 -33.35
CA ASN VA 85 21.60 101.96 -33.37
C ASN VA 85 22.21 101.86 -34.76
N PRO VA 86 21.61 101.02 -35.61
CA PRO VA 86 22.10 100.86 -36.98
C PRO VA 86 21.55 102.02 -37.81
N LYS VA 87 21.95 103.24 -37.48
CA LYS VA 87 21.45 104.40 -38.20
C LYS VA 87 21.25 104.10 -39.68
N ILE VA 88 22.15 103.32 -40.27
CA ILE VA 88 22.02 102.91 -41.66
C ILE VA 88 21.77 101.41 -41.72
N LEU VA 89 21.01 101.00 -42.74
CA LEU VA 89 20.65 99.61 -42.92
C LEU VA 89 20.58 99.35 -44.42
N PHE VA 90 21.16 98.25 -44.88
CA PHE VA 90 21.43 98.08 -46.30
C PHE VA 90 20.51 97.05 -46.93
N VAL VA 91 20.04 97.39 -48.13
CA VAL VA 91 18.85 96.82 -48.74
C VAL VA 91 19.22 96.26 -50.10
N GLY VA 92 18.76 95.04 -50.39
CA GLY VA 92 18.97 94.47 -51.70
C GLY VA 92 18.09 95.09 -52.76
N LEU VA 93 18.63 95.13 -53.98
CA LEU VA 93 17.87 95.59 -55.15
C LEU VA 93 16.63 94.74 -55.36
N PHE VA 94 16.78 93.41 -55.29
CA PHE VA 94 15.63 92.53 -55.42
C PHE VA 94 14.70 92.67 -54.22
N PHE VA 95 15.27 92.98 -53.06
CA PHE VA 95 14.47 93.16 -51.84
C PHE VA 95 13.56 94.37 -51.93
N LEU VA 96 13.95 95.36 -52.71
CA LEU VA 96 13.08 96.50 -52.95
C LEU VA 96 12.25 96.33 -54.23
N CYS VA 97 12.74 95.52 -55.17
CA CYS VA 97 11.93 95.12 -56.32
C CYS VA 97 10.79 94.18 -55.95
N SER VA 98 10.77 93.68 -54.71
CA SER VA 98 9.57 93.00 -54.19
C SER VA 98 8.35 93.89 -54.29
N ASN VA 99 8.37 95.03 -53.62
CA ASN VA 99 7.22 95.93 -53.65
C ASN VA 99 7.33 97.00 -54.73
N ALA VA 100 8.30 96.89 -55.64
CA ALA VA 100 8.16 97.60 -56.91
C ALA VA 100 6.89 97.14 -57.64
N PHE VA 101 6.27 98.05 -58.40
CA PHE VA 101 5.01 97.70 -59.08
C PHE VA 101 5.22 97.14 -60.47
N ASN VA 102 6.41 97.28 -61.05
CA ASN VA 102 6.67 96.72 -62.38
C ASN VA 102 6.63 95.21 -62.36
N VAL VA 103 7.10 94.61 -61.27
CA VAL VA 103 7.26 93.16 -61.17
C VAL VA 103 5.90 92.49 -61.17
N SER VA 104 5.74 91.49 -62.03
CA SER VA 104 4.52 90.71 -62.10
C SER VA 104 4.33 89.89 -60.83
N ALA VA 105 3.12 89.37 -60.66
CA ALA VA 105 2.74 88.73 -59.40
C ALA VA 105 3.50 87.43 -59.17
N CYS VA 106 3.82 86.70 -60.23
CA CYS VA 106 4.55 85.44 -60.08
C CYS VA 106 5.97 85.68 -59.58
N VAL VA 107 6.69 86.59 -60.23
CA VAL VA 107 8.05 86.93 -59.83
C VAL VA 107 8.05 87.58 -58.45
N ARG VA 108 7.04 88.39 -58.17
CA ARG VA 108 6.93 89.08 -56.89
C ARG VA 108 6.75 88.10 -55.74
N THR VA 109 5.81 87.16 -55.88
CA THR VA 109 5.61 86.18 -54.83
C THR VA 109 6.75 85.19 -54.73
N ALA VA 110 7.44 84.90 -55.84
CA ALA VA 110 8.59 84.00 -55.78
C ALA VA 110 9.73 84.62 -54.99
N LEU VA 111 10.06 85.87 -55.29
CA LEU VA 111 11.13 86.45 -54.48
C LEU VA 111 10.63 86.89 -53.11
N THR VA 112 9.33 87.02 -52.89
CA THR VA 112 8.85 87.20 -51.53
C THR VA 112 9.07 85.94 -50.69
N THR VA 113 8.87 84.77 -51.31
CA THR VA 113 9.23 83.52 -50.67
C THR VA 113 10.73 83.38 -50.47
N MET VA 114 11.53 84.04 -51.33
CA MET VA 114 12.94 84.20 -50.98
C MET VA 114 13.17 85.24 -49.88
N TYR VA 115 12.20 86.10 -49.63
CA TYR VA 115 12.31 87.24 -48.73
C TYR VA 115 11.20 87.24 -47.68
N THR VA 116 11.00 86.13 -46.99
CA THR VA 116 10.06 86.09 -45.86
C THR VA 116 10.76 85.75 -44.54
N ASN VA 117 10.95 86.76 -43.70
CA ASN VA 117 11.29 86.62 -42.29
C ASN VA 117 10.74 87.85 -41.56
N SER VA 118 10.91 87.86 -40.24
CA SER VA 118 10.32 88.92 -39.43
C SER VA 118 11.04 90.24 -39.61
N MET VA 119 12.37 90.19 -39.67
CA MET VA 119 13.18 91.38 -39.86
C MET VA 119 12.86 92.00 -41.21
N VAL VA 120 12.73 91.16 -42.22
CA VAL VA 120 12.42 91.62 -43.57
C VAL VA 120 11.03 92.27 -43.57
N ASP VA 121 10.10 91.65 -42.87
CA ASP VA 121 8.72 92.14 -42.79
C ASP VA 121 8.65 93.52 -42.13
N ASN VA 122 9.40 93.68 -41.05
CA ASN VA 122 9.46 94.96 -40.36
C ASN VA 122 10.11 96.04 -41.22
N VAL VA 123 11.17 95.69 -41.94
CA VAL VA 123 11.86 96.67 -42.78
C VAL VA 123 10.97 97.10 -43.94
N LEU VA 124 10.22 96.17 -44.53
CA LEU VA 124 9.29 96.54 -45.59
C LEU VA 124 8.17 97.41 -45.07
N SER VA 125 7.72 97.18 -43.83
CA SER VA 125 6.74 98.07 -43.22
C SER VA 125 7.34 99.46 -42.98
N MET VA 126 8.62 99.55 -42.62
CA MET VA 126 9.28 100.85 -42.49
C MET VA 126 9.33 101.58 -43.82
N ILE VA 127 9.67 100.86 -44.88
CA ILE VA 127 9.80 101.45 -46.22
C ILE VA 127 8.44 101.94 -46.72
N ASN VA 128 7.40 101.17 -46.44
CA ASN VA 128 6.07 101.59 -46.86
C ASN VA 128 5.56 102.76 -46.04
N THR VA 129 5.87 102.82 -44.75
CA THR VA 129 5.44 103.94 -43.95
C THR VA 129 6.26 105.20 -44.18
N CYS VA 130 7.44 105.08 -44.81
CA CYS VA 130 8.09 106.27 -45.33
C CYS VA 130 7.24 106.88 -46.44
N LYS VA 131 7.27 108.21 -46.53
CA LYS VA 131 6.32 108.93 -47.37
C LYS VA 131 6.64 108.75 -48.85
N TYR VA 132 7.80 109.23 -49.26
CA TYR VA 132 8.35 108.95 -50.57
C TYR VA 132 9.25 107.72 -50.45
N LEU VA 133 10.13 107.53 -51.42
CA LEU VA 133 11.13 106.47 -51.32
C LEU VA 133 12.55 106.97 -51.51
N GLU VA 134 12.78 107.84 -52.51
CA GLU VA 134 14.10 107.98 -53.13
C GLU VA 134 15.13 108.68 -52.26
N ASP VA 135 14.74 109.35 -51.18
CA ASP VA 135 15.74 109.98 -50.33
C ASP VA 135 15.62 109.50 -48.89
N LYS VA 136 14.81 108.49 -48.62
CA LYS VA 136 14.93 107.71 -47.40
C LYS VA 136 15.66 106.41 -47.62
N VAL VA 137 15.56 105.85 -48.83
CA VAL VA 137 16.49 104.84 -49.29
C VAL VA 137 17.30 105.53 -50.39
N SER VA 138 18.43 104.92 -50.77
CA SER VA 138 19.30 105.58 -51.74
C SER VA 138 20.20 104.54 -52.38
N LEU VA 139 20.68 104.88 -53.58
CA LEU VA 139 21.63 104.04 -54.29
C LEU VA 139 22.99 104.05 -53.60
N PHE VA 140 23.67 102.91 -53.57
CA PHE VA 140 24.89 102.84 -52.79
C PHE VA 140 26.07 102.21 -53.54
N GLY VA 141 25.82 101.26 -54.41
CA GLY VA 141 26.91 100.64 -55.16
C GLY VA 141 26.63 99.19 -55.46
N VAL VA 142 27.71 98.44 -55.71
CA VAL VA 142 27.65 97.09 -56.25
C VAL VA 142 28.31 96.12 -55.27
N THR VA 143 27.70 94.96 -55.08
CA THR VA 143 28.17 94.00 -54.10
C THR VA 143 29.42 93.26 -54.58
N SER VA 144 30.38 93.11 -53.68
CA SER VA 144 31.47 92.15 -53.80
C SER VA 144 31.88 91.78 -52.39
N LEU VA 145 32.44 90.57 -52.20
CA LEU VA 145 32.88 90.05 -50.89
C LEU VA 145 31.73 90.08 -49.88
N VAL VA 146 30.82 89.12 -50.06
CA VAL VA 146 29.99 88.70 -48.94
C VAL VA 146 30.84 87.89 -47.98
N SER VA 147 30.74 88.19 -46.68
CA SER VA 147 31.43 87.41 -45.67
C SER VA 147 30.56 86.35 -45.01
N CYS VA 148 29.29 86.66 -44.75
CA CYS VA 148 28.35 85.82 -44.01
C CYS VA 148 28.91 85.44 -42.63
N GLY VA 149 29.07 86.45 -41.79
CA GLY VA 149 29.40 86.23 -40.40
C GLY VA 149 28.14 86.22 -39.55
N SER VA 150 28.22 86.74 -38.34
CA SER VA 150 27.00 86.96 -37.56
C SER VA 150 26.25 88.17 -38.08
N SER VA 151 26.87 89.35 -37.99
CA SER VA 151 26.45 90.52 -38.74
C SER VA 151 27.38 90.62 -39.94
N CYS VA 152 26.85 90.34 -41.12
CA CYS VA 152 27.70 90.04 -42.27
C CYS VA 152 28.39 91.28 -42.81
N LEU VA 153 29.63 91.07 -43.25
CA LEU VA 153 30.48 92.10 -43.84
C LEU VA 153 30.33 92.04 -45.36
N LEU VA 154 30.10 93.18 -45.96
CA LEU VA 154 30.01 93.31 -47.41
C LEU VA 154 31.01 94.34 -47.85
N SER VA 155 31.80 94.02 -48.86
CA SER VA 155 32.46 95.11 -49.55
C SER VA 155 31.49 95.71 -50.56
N CYS VA 156 31.72 96.96 -50.92
CA CYS VA 156 30.86 97.56 -51.94
C CYS VA 156 31.65 98.56 -52.75
N VAL VA 157 31.50 98.50 -54.06
CA VAL VA 157 32.32 99.26 -54.99
C VAL VA 157 31.62 100.55 -55.37
N MET VA 158 32.30 101.67 -55.15
CA MET VA 158 31.80 102.97 -55.59
C MET VA 158 32.23 103.31 -57.01
N GLN VA 159 33.45 102.94 -57.39
CA GLN VA 159 33.98 103.33 -58.68
C GLN VA 159 35.01 102.30 -59.14
N GLY VA 160 34.98 101.98 -60.43
CA GLY VA 160 35.87 101.00 -61.00
C GLY VA 160 35.17 99.67 -61.23
N ASN VA 161 35.94 98.72 -61.76
CA ASN VA 161 35.41 97.40 -62.02
C ASN VA 161 35.23 96.64 -60.71
N VAL VA 162 34.30 95.68 -60.73
CA VAL VA 162 33.87 95.00 -59.53
C VAL VA 162 34.77 93.80 -59.30
N TYR VA 163 35.71 93.92 -58.36
CA TYR VA 163 36.57 92.79 -58.01
C TYR VA 163 37.06 92.98 -56.59
N ASP VA 164 37.07 91.87 -55.84
CA ASP VA 164 37.61 91.85 -54.49
C ASP VA 164 39.09 92.17 -54.48
N ALA VA 165 39.89 91.25 -55.01
CA ALA VA 165 41.34 91.26 -54.90
C ALA VA 165 41.86 90.22 -55.88
N ASN VA 166 43.16 90.35 -56.22
CA ASN VA 166 43.90 89.51 -57.16
C ASN VA 166 43.37 89.65 -58.59
N LYS VA 167 42.42 90.60 -58.79
CA LYS VA 167 41.81 90.95 -60.08
C LYS VA 167 41.23 89.74 -60.80
N GLU VA 168 40.69 88.81 -60.03
CA GLU VA 168 40.15 87.60 -60.62
C GLU VA 168 38.62 87.58 -60.52
N ASN VA 169 38.01 86.92 -61.52
CA ASN VA 169 36.58 86.65 -61.75
C ASN VA 169 35.74 87.89 -61.47
N ILE VA 170 36.09 88.90 -62.25
CA ILE VA 170 35.57 90.26 -62.14
C ILE VA 170 34.07 90.20 -62.35
N HIS VA 171 33.33 90.45 -61.28
CA HIS VA 171 31.91 90.14 -61.27
C HIS VA 171 31.15 91.20 -62.04
N GLY VA 172 29.85 91.01 -62.13
CA GLY VA 172 29.02 91.88 -62.92
C GLY VA 172 27.72 92.19 -62.22
N LEU VA 173 27.12 93.27 -62.66
CA LEU VA 173 25.82 93.68 -62.18
C LEU VA 173 24.77 92.70 -62.66
N THR VA 174 23.92 92.25 -61.75
CA THR VA 174 22.87 91.29 -62.05
C THR VA 174 21.54 91.99 -61.90
N VAL VA 175 20.86 92.22 -63.02
CA VAL VA 175 19.59 92.90 -63.06
C VAL VA 175 18.51 91.89 -63.37
N LEU VA 176 17.39 91.97 -62.65
CA LEU VA 176 16.22 91.17 -62.95
C LEU VA 176 15.69 91.50 -64.34
N LYS VA 177 15.23 90.47 -65.06
CA LYS VA 177 14.91 90.67 -66.47
C LYS VA 177 13.62 91.47 -66.64
N GLU VA 178 12.73 91.44 -65.65
CA GLU VA 178 11.48 92.18 -65.76
C GLU VA 178 11.70 93.68 -65.60
N ILE VA 179 12.67 94.07 -64.77
CA ILE VA 179 12.75 95.45 -64.31
C ILE VA 179 13.57 96.35 -65.21
N PHE VA 180 14.00 95.88 -66.37
CA PHE VA 180 14.73 96.78 -67.24
C PHE VA 180 14.09 96.85 -68.62
N LEU VA 181 14.41 97.94 -69.32
CA LEU VA 181 13.92 98.24 -70.66
C LEU VA 181 14.84 99.30 -71.23
N GLU VA 182 15.09 99.22 -72.54
CA GLU VA 182 15.98 100.16 -73.22
C GLU VA 182 15.19 101.00 -74.21
N PRO VA 183 14.91 102.27 -73.87
CA PRO VA 183 14.25 103.00 -74.97
C PRO VA 183 15.30 103.67 -75.89
N ASP VA 184 15.35 103.28 -77.17
CA ASP VA 184 16.33 103.84 -78.14
C ASP VA 184 15.94 103.68 -79.62
N TRP VA 185 16.62 104.40 -80.53
CA TRP VA 185 16.32 104.29 -81.96
C TRP VA 185 16.57 102.85 -82.41
N GLU VA 186 17.71 102.30 -82.00
CA GLU VA 186 18.00 100.92 -82.18
C GLU VA 186 18.53 100.47 -80.83
N PRO VA 187 18.05 99.36 -80.28
CA PRO VA 187 18.71 98.82 -79.10
C PRO VA 187 20.13 98.38 -79.46
N ARG VA 188 21.07 98.76 -78.59
CA ARG VA 188 22.49 98.50 -78.73
C ARG VA 188 23.04 99.15 -80.02
N GLN VA 189 23.03 100.48 -80.00
CA GLN VA 189 23.19 101.33 -81.17
C GLN VA 189 24.50 101.13 -81.92
N HIS VA 190 25.63 101.52 -81.33
CA HIS VA 190 26.93 101.23 -81.94
C HIS VA 190 27.86 100.50 -81.00
N SER VA 191 28.05 100.98 -79.78
CA SER VA 191 29.07 100.46 -78.88
C SER VA 191 28.56 100.64 -77.46
N THR VA 192 29.50 100.64 -76.51
CA THR VA 192 29.25 100.51 -75.07
C THR VA 192 28.19 101.49 -74.55
N GLN VA 193 27.31 100.97 -73.71
CA GLN VA 193 26.12 101.69 -73.26
C GLN VA 193 26.27 102.10 -71.81
N TYR VA 194 25.73 103.26 -71.48
CA TYR VA 194 25.62 103.68 -70.10
C TYR VA 194 24.37 103.09 -69.48
N VAL VA 195 24.51 102.57 -68.26
CA VAL VA 195 23.43 101.93 -67.55
C VAL VA 195 22.91 102.89 -66.49
N TYR VA 196 21.62 103.18 -66.52
CA TYR VA 196 21.02 104.08 -65.55
C TYR VA 196 19.95 103.32 -64.78
N VAL VA 197 19.68 103.79 -63.56
CA VAL VA 197 18.59 103.27 -62.73
C VAL VA 197 17.57 104.37 -62.54
N VAL VA 198 16.32 104.07 -62.87
CA VAL VA 198 15.23 105.03 -62.78
C VAL VA 198 14.25 104.56 -61.72
N HIS VA 199 13.91 105.44 -60.79
CA HIS VA 199 12.83 105.22 -59.85
C HIS VA 199 11.61 105.97 -60.36
N VAL VA 200 10.49 105.28 -60.48
CA VAL VA 200 9.26 105.83 -61.02
C VAL VA 200 8.14 105.52 -60.04
N TYR VA 201 7.35 106.51 -59.66
CA TYR VA 201 6.27 106.22 -58.74
C TYR VA 201 4.94 106.01 -59.47
N LYS VA 202 3.95 105.49 -58.73
CA LYS VA 202 2.61 105.25 -59.25
C LYS VA 202 1.65 105.30 -58.07
N GLU VA 203 0.41 105.74 -58.31
CA GLU VA 203 -0.56 105.99 -57.26
C GLU VA 203 -1.86 105.26 -57.60
N VAL VA 204 -2.10 104.10 -56.99
CA VAL VA 204 -3.39 103.45 -57.18
C VAL VA 204 -4.36 103.79 -56.05
N LEU VA 205 -4.81 105.05 -56.02
CA LEU VA 205 -5.96 105.60 -55.28
C LEU VA 205 -5.86 105.53 -53.75
N SER VA 206 -5.05 104.61 -53.22
CA SER VA 206 -4.80 104.59 -51.78
C SER VA 206 -3.50 105.31 -51.44
N LYS VA 207 -2.40 104.81 -51.99
CA LYS VA 207 -1.06 105.16 -51.55
C LYS VA 207 -0.19 105.35 -52.78
N LEU VA 208 1.11 105.45 -52.54
CA LEU VA 208 2.11 105.50 -53.61
C LEU VA 208 2.75 104.13 -53.75
N GLN VA 209 2.95 103.71 -54.99
CA GLN VA 209 3.72 102.52 -55.29
C GLN VA 209 4.91 102.90 -56.16
N TYR VA 210 6.10 102.57 -55.71
CA TYR VA 210 7.32 102.89 -56.42
C TYR VA 210 7.61 101.80 -57.44
N GLY VA 211 8.40 102.15 -58.44
CA GLY VA 211 8.76 101.18 -59.46
C GLY VA 211 10.19 101.37 -59.94
N ILE VA 212 10.89 100.27 -60.15
CA ILE VA 212 12.34 100.29 -60.28
C ILE VA 212 12.67 99.92 -61.72
N TYR VA 213 13.12 100.89 -62.51
CA TYR VA 213 13.50 100.56 -63.87
C TYR VA 213 15.00 100.77 -64.04
N VAL VA 214 15.56 100.02 -64.97
CA VAL VA 214 16.96 100.13 -65.37
C VAL VA 214 16.96 100.37 -66.87
N VAL VA 215 17.59 101.45 -67.30
CA VAL VA 215 17.68 101.68 -68.74
C VAL VA 215 19.12 101.53 -69.18
N LEU VA 216 19.28 101.01 -70.39
CA LEU VA 216 20.59 100.88 -71.02
C LEU VA 216 20.54 101.68 -72.30
N THR VA 217 21.47 102.60 -72.47
CA THR VA 217 21.36 103.49 -73.61
C THR VA 217 22.74 103.95 -74.06
N SER VA 218 22.81 104.28 -75.35
CA SER VA 218 24.04 104.83 -75.89
C SER VA 218 24.21 106.30 -75.55
N PHE VA 219 23.13 106.98 -75.16
CA PHE VA 219 23.20 108.40 -74.87
C PHE VA 219 23.91 108.63 -73.55
N GLN VA 220 24.91 109.50 -73.57
CA GLN VA 220 25.57 109.89 -72.33
C GLN VA 220 24.85 111.07 -71.68
N ASN VA 221 24.23 111.94 -72.47
CA ASN VA 221 23.72 113.20 -71.98
C ASN VA 221 22.41 112.97 -71.22
N GLU VA 222 22.40 113.47 -69.98
CA GLU VA 222 21.26 113.30 -69.09
C GLU VA 222 20.03 114.02 -69.61
N ASP VA 223 20.22 115.14 -70.32
CA ASP VA 223 19.10 115.85 -70.93
C ASP VA 223 18.45 115.02 -72.02
N LEU VA 224 19.26 114.35 -72.85
CA LEU VA 224 18.71 113.46 -73.87
C LEU VA 224 18.02 112.27 -73.24
N VAL VA 225 18.53 111.79 -72.12
CA VAL VA 225 17.92 110.62 -71.51
C VAL VA 225 16.61 110.98 -70.82
N VAL VA 226 16.53 112.14 -70.18
CA VAL VA 226 15.23 112.50 -69.61
C VAL VA 226 14.25 112.91 -70.70
N ASP VA 227 14.74 113.39 -71.85
CA ASP VA 227 13.84 113.65 -72.96
C ASP VA 227 13.31 112.37 -73.59
N ILE VA 228 14.10 111.31 -73.63
CA ILE VA 228 13.54 110.06 -74.14
C ILE VA 228 12.67 109.41 -73.06
N LEU VA 229 12.95 109.67 -71.78
CA LEU VA 229 12.17 109.03 -70.73
C LEU VA 229 10.82 109.68 -70.52
N ARG VA 230 10.67 110.99 -70.74
CA ARG VA 230 9.34 111.58 -70.67
C ARG VA 230 8.47 111.05 -71.80
N GLN VA 231 9.08 110.86 -72.96
CA GLN VA 231 8.42 110.21 -74.10
C GLN VA 231 7.99 108.79 -73.78
N TYR VA 232 8.79 108.06 -73.01
CA TYR VA 232 8.34 106.72 -72.63
C TYR VA 232 7.29 106.76 -71.53
N PHE VA 233 7.41 107.70 -70.58
CA PHE VA 233 6.64 107.67 -69.36
C PHE VA 233 5.51 108.67 -69.33
N GLU VA 234 5.04 109.14 -70.48
CA GLU VA 234 4.15 110.31 -70.46
C GLU VA 234 2.79 110.03 -69.84
N LYS VA 235 2.32 108.79 -69.84
CA LYS VA 235 0.94 108.51 -69.41
C LYS VA 235 0.79 108.66 -67.90
N GLU VA 236 1.57 107.89 -67.14
CA GLU VA 236 1.57 108.00 -65.69
C GLU VA 236 2.08 109.36 -65.24
N ARG VA 237 2.81 110.06 -66.11
CA ARG VA 237 3.15 111.45 -65.86
C ARG VA 237 1.91 112.35 -65.80
N PHE VA 238 0.95 112.11 -66.69
CA PHE VA 238 -0.26 112.91 -66.65
C PHE VA 238 -1.11 112.55 -65.44
N LEU VA 239 -1.11 111.25 -65.09
CA LEU VA 239 -1.77 110.82 -63.86
C LEU VA 239 -1.16 111.48 -62.62
N PHE VA 240 0.15 111.61 -62.56
CA PHE VA 240 0.72 112.28 -61.41
C PHE VA 240 0.54 113.78 -61.43
N LEU VA 241 0.20 114.33 -62.60
CA LEU VA 241 -0.16 115.72 -62.71
C LEU VA 241 -1.46 115.84 -61.90
N ASN VA 242 -2.37 114.88 -62.08
CA ASN VA 242 -3.59 114.87 -61.29
C ASN VA 242 -3.28 114.67 -59.80
N TYR VA 243 -2.27 113.85 -59.48
CA TYR VA 243 -2.16 113.42 -58.09
C TYR VA 243 -1.40 114.39 -57.19
N LEU VA 244 -0.24 114.93 -57.64
CA LEU VA 244 0.68 115.66 -56.76
C LEU VA 244 0.09 116.91 -56.11
N ILE VA 245 -1.04 117.41 -56.60
CA ILE VA 245 -1.60 118.64 -56.08
C ILE VA 245 -2.61 118.36 -54.98
N ASN VA 246 -3.42 117.32 -55.15
CA ASN VA 246 -4.27 116.85 -54.07
C ASN VA 246 -3.47 116.12 -53.01
N SER VA 247 -2.29 115.63 -53.34
CA SER VA 247 -1.43 114.97 -52.36
C SER VA 247 -0.87 115.97 -51.36
N ASN VA 248 -0.65 115.49 -50.14
CA ASN VA 248 0.03 116.26 -49.12
C ASN VA 248 1.37 115.67 -48.71
N THR VA 249 1.69 114.46 -49.19
CA THR VA 249 3.00 113.87 -48.92
C THR VA 249 4.08 114.66 -49.63
N THR VA 250 5.19 114.87 -48.93
CA THR VA 250 6.22 115.78 -49.40
C THR VA 250 7.06 115.08 -50.45
N LEU VA 251 6.57 115.13 -51.69
CA LEU VA 251 7.35 114.75 -52.86
C LEU VA 251 7.03 115.74 -53.95
N SER VA 252 7.89 115.79 -54.96
CA SER VA 252 7.78 116.86 -55.93
C SER VA 252 8.01 116.43 -57.37
N TYR VA 253 7.98 115.13 -57.66
CA TYR VA 253 8.38 114.67 -58.98
C TYR VA 253 7.70 113.34 -59.29
N PHE VA 254 7.86 112.91 -60.54
CA PHE VA 254 7.36 111.64 -61.02
C PHE VA 254 8.38 110.51 -60.90
N GLY VA 255 9.66 110.85 -61.10
CA GLY VA 255 10.70 109.86 -60.96
C GLY VA 255 12.05 110.51 -61.06
N SER VA 256 13.09 109.70 -60.89
CA SER VA 256 14.45 110.19 -60.97
C SER VA 256 15.37 109.15 -61.59
N VAL VA 257 16.31 109.62 -62.39
CA VAL VA 257 17.27 108.79 -63.07
C VAL VA 257 18.66 109.04 -62.49
N GLN VA 258 19.44 107.98 -62.33
CA GLN VA 258 20.80 108.11 -61.82
C GLN VA 258 21.71 107.10 -62.51
N ARG VA 259 22.90 107.54 -62.88
CA ARG VA 259 23.82 106.68 -63.63
C ARG VA 259 24.50 105.68 -62.71
N ILE VA 260 24.51 104.41 -63.12
CA ILE VA 260 25.36 103.41 -62.48
C ILE VA 260 26.77 103.47 -63.04
N GLY VA 261 26.89 103.40 -64.35
CA GLY VA 261 28.20 103.45 -64.98
C GLY VA 261 28.17 102.80 -66.35
N ARG VA 262 29.36 102.52 -66.85
CA ARG VA 262 29.53 102.01 -68.20
C ARG VA 262 29.33 100.50 -68.25
N CYS VA 263 28.96 100.02 -69.43
CA CYS VA 263 28.92 98.59 -69.67
C CYS VA 263 29.67 98.31 -70.97
N ALA VA 264 29.50 97.11 -71.52
CA ALA VA 264 29.98 96.80 -72.85
C ALA VA 264 28.90 96.05 -73.60
N THR VA 265 28.78 96.33 -74.89
CA THR VA 265 27.67 95.78 -75.69
C THR VA 265 27.80 94.27 -75.86
N GLU VA 266 29.00 93.79 -76.14
CA GLU VA 266 29.20 92.36 -76.30
C GLU VA 266 29.26 91.62 -74.97
N ASP VA 267 29.15 92.31 -73.85
CA ASP VA 267 29.20 91.69 -72.54
C ASP VA 267 27.83 91.58 -71.87
N ILE VA 268 26.75 91.77 -72.62
CA ILE VA 268 25.42 91.54 -72.11
C ILE VA 268 25.05 90.09 -72.40
N LYS VA 269 24.77 89.33 -71.35
CA LYS VA 269 24.42 87.93 -71.53
C LYS VA 269 23.25 87.58 -70.62
N SER VA 270 22.41 86.66 -71.09
CA SER VA 270 21.23 86.25 -70.36
C SER VA 270 21.58 85.18 -69.34
N GLY VA 271 20.60 84.84 -68.50
CA GLY VA 271 20.75 83.71 -67.62
C GLY VA 271 19.64 83.69 -66.59
N PHE VA 272 19.90 82.97 -65.50
CA PHE VA 272 18.97 82.98 -64.39
C PHE VA 272 19.75 82.80 -63.10
N LEU VA 273 19.13 83.24 -62.02
CA LEU VA 273 19.60 82.97 -60.67
C LEU VA 273 18.72 81.89 -60.08
N GLN VA 274 19.26 81.16 -59.11
CA GLN VA 274 18.44 80.23 -58.37
C GLN VA 274 18.89 80.17 -56.92
N TYR VA 275 17.93 80.36 -56.03
CA TYR VA 275 18.14 80.20 -54.60
C TYR VA 275 16.95 79.44 -54.07
N ARG VA 276 17.22 78.30 -53.44
CA ARG VA 276 16.21 77.31 -53.03
C ARG VA 276 15.35 76.87 -54.21
N GLY VA 277 15.98 76.65 -55.36
CA GLY VA 277 15.31 76.13 -56.52
C GLY VA 277 14.46 77.12 -57.29
N ILE VA 278 14.35 78.36 -56.83
CA ILE VA 278 13.49 79.34 -57.50
C ILE VA 278 14.27 79.90 -58.68
N THR VA 279 14.01 79.37 -59.87
CA THR VA 279 14.62 79.88 -61.09
C THR VA 279 14.07 81.26 -61.40
N LEU VA 280 14.96 82.22 -61.57
CA LEU VA 280 14.54 83.60 -61.75
C LEU VA 280 15.35 84.22 -62.89
N PRO VA 281 14.71 84.64 -63.98
CA PRO VA 281 15.46 85.06 -65.17
C PRO VA 281 16.11 86.42 -64.97
N VAL VA 282 17.42 86.49 -65.22
CA VAL VA 282 18.18 87.73 -65.07
C VAL VA 282 18.99 87.98 -66.34
N ILE VA 283 19.35 89.23 -66.52
CA ILE VA 283 20.22 89.65 -67.61
C ILE VA 283 21.49 90.20 -66.98
N LYS VA 284 22.59 89.51 -67.19
CA LYS VA 284 23.83 89.76 -66.47
C LYS VA 284 24.75 90.63 -67.31
N LEU VA 285 24.95 91.86 -66.86
CA LEU VA 285 26.02 92.69 -67.40
C LEU VA 285 27.32 92.17 -66.84
N GLU VA 286 28.36 92.09 -67.67
CA GLU VA 286 29.55 91.34 -67.30
C GLU VA 286 30.66 92.20 -66.70
N ASN VA 287 31.07 93.25 -67.39
CA ASN VA 287 32.15 94.11 -66.91
C ASN VA 287 31.66 95.54 -66.89
N ILE VA 288 31.71 96.16 -65.72
CA ILE VA 288 31.09 97.46 -65.47
C ILE VA 288 32.09 98.36 -64.80
N PHE VA 289 32.28 99.55 -65.37
CA PHE VA 289 33.03 100.63 -64.73
C PHE VA 289 32.00 101.50 -64.03
N VAL VA 290 31.91 101.36 -62.71
CA VAL VA 290 30.82 101.97 -61.96
C VAL VA 290 31.08 103.46 -61.83
N ASP VA 291 30.16 104.27 -62.32
CA ASP VA 291 30.32 105.72 -62.38
C ASP VA 291 29.01 106.36 -61.93
N LEU VA 292 28.91 106.66 -60.64
CA LEU VA 292 27.68 107.22 -60.10
C LEU VA 292 27.64 108.72 -60.34
N SER VA 293 26.56 109.18 -60.96
CA SER VA 293 26.33 110.61 -61.09
C SER VA 293 25.28 111.04 -60.08
N GLU VA 294 24.86 112.29 -60.17
CA GLU VA 294 23.80 112.78 -59.30
C GLU VA 294 22.45 112.27 -59.75
N LYS VA 295 21.48 112.32 -58.84
CA LYS VA 295 20.09 112.05 -59.20
C LYS VA 295 19.55 113.22 -60.02
N LYS VA 296 18.87 112.91 -61.11
CA LYS VA 296 18.20 113.93 -61.91
C LYS VA 296 16.72 113.60 -61.92
N VAL VA 297 15.91 114.50 -61.38
CA VAL VA 297 14.49 114.24 -61.23
C VAL VA 297 13.76 114.75 -62.45
N PHE VA 298 12.56 114.23 -62.67
CA PHE VA 298 11.69 114.70 -63.72
C PHE VA 298 10.25 114.44 -63.30
N VAL VA 299 9.38 115.37 -63.66
CA VAL VA 299 8.03 115.34 -63.19
C VAL VA 299 7.12 115.04 -64.37
N MET WA 1 81.30 31.16 63.61
CA MET WA 1 80.32 32.17 63.23
C MET WA 1 79.85 32.98 64.44
N ASN WA 2 80.46 32.69 65.59
CA ASN WA 2 80.16 33.37 66.85
C ASN WA 2 78.68 33.30 67.24
N SER WA 3 78.07 32.14 67.02
CA SER WA 3 76.66 31.94 67.34
C SER WA 3 76.33 30.45 67.44
N LYS WA 4 76.67 29.72 66.39
CA LYS WA 4 76.41 28.27 66.36
C LYS WA 4 77.35 27.52 67.27
N SER WA 5 78.56 28.05 67.54
CA SER WA 5 79.46 27.41 68.47
C SER WA 5 78.94 27.48 69.90
N SER WA 6 78.44 28.66 70.31
CA SER WA 6 77.79 28.77 71.61
C SER WA 6 76.52 27.94 71.69
N ALA WA 7 75.82 27.80 70.56
CA ALA WA 7 74.65 26.94 70.50
C ALA WA 7 75.01 25.47 70.76
N ARG WA 8 76.04 24.98 70.06
CA ARG WA 8 76.48 23.61 70.28
C ARG WA 8 77.03 23.41 71.69
N ALA WA 9 77.64 24.45 72.26
CA ALA WA 9 78.10 24.39 73.64
C ALA WA 9 76.94 24.23 74.60
N ALA WA 10 75.83 24.92 74.37
CA ALA WA 10 74.66 24.75 75.23
C ALA WA 10 74.00 23.39 75.04
N ILE WA 11 74.05 22.86 73.81
CA ILE WA 11 73.57 21.50 73.56
C ILE WA 11 74.34 20.48 74.38
N VAL WA 12 75.67 20.58 74.33
CA VAL WA 12 76.52 19.65 75.06
C VAL WA 12 76.36 19.85 76.56
N ASP WA 13 76.09 21.08 77.00
CA ASP WA 13 75.86 21.33 78.42
C ASP WA 13 74.57 20.66 78.91
N THR WA 14 73.49 20.72 78.12
CA THR WA 14 72.27 20.03 78.51
C THR WA 14 72.42 18.51 78.44
N VAL WA 15 73.17 18.02 77.45
CA VAL WA 15 73.41 16.59 77.33
C VAL WA 15 74.21 16.07 78.52
N GLU WA 16 75.25 16.79 78.92
CA GLU WA 16 76.06 16.36 80.05
C GLU WA 16 75.31 16.57 81.37
N ALA WA 17 74.38 17.52 81.43
CA ALA WA 17 73.55 17.62 82.63
C ALA WA 17 72.58 16.45 82.75
N VAL WA 18 72.05 15.97 81.62
CA VAL WA 18 71.23 14.76 81.64
C VAL WA 18 72.08 13.56 82.06
N LYS WA 19 73.33 13.50 81.59
CA LYS WA 19 74.20 12.41 82.01
C LYS WA 19 74.58 12.50 83.49
N LYS WA 20 74.70 13.73 84.02
CA LYS WA 20 74.95 13.89 85.45
C LYS WA 20 73.76 13.42 86.28
N ARG WA 21 72.54 13.75 85.83
CA ARG WA 21 71.37 13.26 86.56
C ARG WA 21 71.14 11.77 86.38
N LYS WA 22 71.65 11.18 85.30
CA LYS WA 22 71.38 9.77 85.02
C LYS WA 22 72.40 8.83 85.64
N TYR WA 23 73.69 9.09 85.41
CA TYR WA 23 74.74 8.18 85.87
C TYR WA 23 75.51 8.82 87.02
N ILE WA 24 76.14 7.98 87.84
CA ILE WA 24 76.85 8.41 89.03
C ILE WA 24 78.31 8.00 88.90
N SER WA 25 79.22 8.93 89.15
CA SER WA 25 80.64 8.61 89.23
C SER WA 25 80.90 7.75 90.46
N ILE WA 26 81.69 6.69 90.28
CA ILE WA 26 82.02 5.76 91.35
C ILE WA 26 83.44 6.03 91.82
N GLU WA 27 83.64 6.13 93.13
CA GLU WA 27 84.95 6.40 93.73
C GLU WA 27 85.48 5.16 94.45
N ALA WA 28 84.72 4.06 94.41
CA ALA WA 28 85.29 2.76 94.78
C ALA WA 28 86.49 2.48 93.88
N GLY WA 29 87.58 2.03 94.53
CA GLY WA 29 88.88 1.98 93.86
C GLY WA 29 88.92 1.03 92.70
N THR WA 30 88.00 0.08 92.63
CA THR WA 30 88.01 -0.76 91.44
C THR WA 30 89.36 -1.44 91.26
N LEU WA 31 89.58 -2.48 92.07
CA LEU WA 31 90.83 -3.28 92.08
C LEU WA 31 91.13 -4.15 90.84
N ASN WA 32 90.20 -4.16 89.88
CA ASN WA 32 90.34 -4.90 88.63
C ASN WA 32 89.85 -6.35 88.69
N ASN WA 33 89.36 -6.78 89.85
CA ASN WA 33 88.84 -8.13 89.97
C ASN WA 33 87.37 -8.21 89.57
N VAL WA 34 87.10 -8.03 88.29
CA VAL WA 34 85.73 -8.08 87.77
C VAL WA 34 85.66 -8.57 86.34
N VAL WA 35 84.51 -9.09 85.95
CA VAL WA 35 84.29 -9.55 84.57
C VAL WA 35 83.69 -8.38 83.80
N GLU WA 36 83.85 -8.37 82.46
CA GLU WA 36 83.61 -7.18 81.64
C GLU WA 36 82.17 -6.68 81.67
N LYS WA 37 81.20 -7.55 81.93
CA LYS WA 37 79.81 -7.10 82.07
C LYS WA 37 79.63 -6.27 83.34
N GLU WA 38 80.15 -6.76 84.47
CA GLU WA 38 80.14 -5.98 85.69
C GLU WA 38 81.04 -4.76 85.58
N ARG WA 39 82.09 -4.85 84.76
CA ARG WA 39 82.94 -3.70 84.48
C ARG WA 39 82.13 -2.57 83.84
N LYS WA 40 81.45 -2.87 82.73
CA LYS WA 40 80.73 -1.82 82.03
C LYS WA 40 79.51 -1.35 82.82
N PHE WA 41 78.93 -2.22 83.65
CA PHE WA 41 77.84 -1.74 84.50
C PHE WA 41 78.37 -0.82 85.60
N LEU WA 42 79.53 -1.13 86.18
CA LEU WA 42 80.08 -0.25 87.20
C LEU WA 42 80.66 1.02 86.61
N LYS WA 43 80.96 1.02 85.31
CA LYS WA 43 81.30 2.28 84.67
C LYS WA 43 80.06 3.12 84.42
N GLN WA 44 78.96 2.50 83.96
CA GLN WA 44 77.77 3.30 83.67
C GLN WA 44 77.02 3.67 84.95
N PHE WA 45 76.45 2.66 85.62
CA PHE WA 45 75.79 2.77 86.93
C PHE WA 45 74.62 3.77 86.89
N LEU WA 46 73.54 3.33 86.25
CA LEU WA 46 72.30 4.11 86.18
C LEU WA 46 71.72 4.40 87.56
N SER WA 47 70.91 5.46 87.62
CA SER WA 47 69.89 5.60 88.64
C SER WA 47 68.62 6.12 87.98
N GLY WA 48 67.54 6.08 88.73
CA GLY WA 48 66.27 6.51 88.20
C GLY WA 48 65.93 7.95 88.54
N ARG WA 49 66.94 8.82 88.51
CA ARG WA 49 66.71 10.26 88.62
C ARG WA 49 66.51 10.88 87.25
N GLU WA 50 65.88 10.13 86.34
CA GLU WA 50 65.75 10.47 84.94
C GLU WA 50 64.31 10.55 84.48
N ASN WA 51 63.46 9.62 84.92
CA ASN WA 51 62.09 9.56 84.43
C ASN WA 51 61.26 10.72 84.99
N LEU WA 52 61.33 10.94 86.30
CA LEU WA 52 60.65 12.01 87.03
C LEU WA 52 59.13 11.97 86.88
N ARG WA 53 58.56 10.81 86.55
CA ARG WA 53 57.12 10.60 86.56
C ARG WA 53 56.81 9.54 87.60
N ILE WA 54 55.66 9.69 88.26
CA ILE WA 54 55.32 8.87 89.41
C ILE WA 54 54.22 7.91 88.98
N ALA WA 55 54.52 6.62 89.02
CA ALA WA 55 53.61 5.60 88.54
C ALA WA 55 53.28 4.64 89.67
N ALA WA 56 52.28 3.81 89.42
CA ALA WA 56 51.85 2.77 90.35
C ALA WA 56 51.40 1.57 89.56
N ARG WA 57 51.91 0.40 89.90
CA ARG WA 57 51.43 -0.84 89.32
C ARG WA 57 50.10 -1.22 89.95
N VAL WA 58 49.26 -1.89 89.17
CA VAL WA 58 47.83 -1.99 89.46
C VAL WA 58 47.32 -3.34 88.97
N PHE WA 59 46.60 -4.06 89.82
CA PHE WA 59 45.93 -5.28 89.42
C PHE WA 59 44.42 -5.08 89.46
N THR WA 60 43.75 -5.41 88.36
CA THR WA 60 42.31 -5.20 88.28
C THR WA 60 41.75 -6.33 87.44
N PRO WA 61 40.59 -6.90 87.80
CA PRO WA 61 39.95 -7.88 86.92
C PRO WA 61 39.58 -7.29 85.57
N CYS WA 62 39.76 -8.09 84.52
CA CYS WA 62 39.74 -7.60 83.15
C CYS WA 62 38.35 -7.35 82.61
N GLU WA 63 37.28 -7.63 83.37
CA GLU WA 63 35.94 -7.43 82.86
C GLU WA 63 35.59 -5.95 82.77
N LEU WA 64 36.13 -5.14 83.67
CA LEU WA 64 35.70 -3.75 83.78
C LEU WA 64 36.36 -2.85 82.73
N LEU WA 65 37.51 -3.25 82.20
CA LEU WA 65 38.33 -2.37 81.36
C LEU WA 65 38.13 -2.67 79.88
N ALA WA 66 36.89 -2.54 79.39
CA ALA WA 66 36.56 -3.17 78.11
C ALA WA 66 37.09 -2.38 76.90
N PRO WA 67 36.85 -1.06 76.75
CA PRO WA 67 37.60 -0.36 75.69
C PRO WA 67 38.90 0.22 76.19
N GLU WA 68 39.04 0.42 77.50
CA GLU WA 68 40.22 1.06 78.07
C GLU WA 68 41.42 0.13 78.11
N LEU WA 69 41.29 -1.12 77.66
CA LEU WA 69 42.45 -1.95 77.39
C LEU WA 69 43.04 -1.70 76.02
N GLU WA 70 42.47 -0.77 75.26
CA GLU WA 70 42.86 -0.55 73.88
C GLU WA 70 43.34 0.87 73.62
N ASN WA 71 42.81 1.85 74.34
CA ASN WA 71 43.11 3.25 74.11
C ASN WA 71 43.78 3.79 75.37
N LEU WA 72 45.10 3.96 75.29
CA LEU WA 72 45.87 4.37 76.47
C LEU WA 72 45.61 5.83 76.80
N GLY WA 73 45.43 6.08 78.09
CA GLY WA 73 45.14 7.40 78.61
C GLY WA 73 43.67 7.56 78.91
N MET WA 74 43.32 7.30 80.16
CA MET WA 74 41.95 7.37 80.66
C MET WA 74 42.04 7.68 82.14
N LEU WA 75 41.02 8.35 82.67
CA LEU WA 75 40.96 8.51 84.11
C LEU WA 75 40.56 7.19 84.75
N MET WA 76 41.15 6.90 85.90
CA MET WA 76 40.83 5.72 86.65
C MET WA 76 40.35 6.10 88.04
N TYR WA 77 39.47 5.28 88.58
CA TYR WA 77 38.83 5.54 89.86
C TYR WA 77 39.07 4.36 90.79
N ARG WA 78 39.39 4.67 92.04
CA ARG WA 78 39.43 3.65 93.08
C ARG WA 78 38.06 3.49 93.71
N PHE WA 79 37.59 2.25 93.79
CA PHE WA 79 36.33 1.93 94.44
C PHE WA 79 36.67 0.94 95.53
N GLU WA 80 36.70 1.39 96.77
CA GLU WA 80 36.88 0.47 97.86
C GLU WA 80 35.58 -0.28 98.08
N THR WA 81 35.72 -1.52 98.56
CA THR WA 81 34.60 -2.44 98.57
C THR WA 81 34.64 -3.17 99.89
N ASP WA 82 33.46 -3.44 100.44
CA ASP WA 82 33.37 -4.11 101.74
C ASP WA 82 33.79 -5.58 101.70
N VAL WA 83 33.96 -6.15 100.50
CA VAL WA 83 34.61 -7.44 100.39
C VAL WA 83 36.07 -7.29 100.81
N ASP WA 84 36.60 -8.29 101.50
CA ASP WA 84 37.96 -8.20 102.00
C ASP WA 84 39.00 -8.69 100.99
N ASN WA 85 38.55 -9.31 99.92
CA ASN WA 85 39.44 -9.81 98.88
C ASN WA 85 40.04 -8.62 98.17
N PRO WA 86 39.44 -8.23 97.03
CA PRO WA 86 39.92 -7.07 96.28
C PRO WA 86 39.46 -5.82 97.00
N LYS WA 87 39.95 -5.60 98.21
CA LYS WA 87 39.52 -4.42 98.96
C LYS WA 87 39.34 -3.22 98.03
N ILE WA 88 40.21 -3.07 97.05
CA ILE WA 88 40.09 -2.00 96.07
C ILE WA 88 39.78 -2.59 94.70
N LEU WA 89 39.03 -1.83 93.92
CA LEU WA 89 38.60 -2.25 92.59
C LEU WA 89 38.56 -1.03 91.71
N PHE WA 90 39.09 -1.11 90.50
CA PHE WA 90 39.38 0.07 89.71
C PHE WA 90 38.43 0.22 88.54
N VAL WA 91 38.00 1.45 88.32
CA VAL WA 91 36.80 1.80 87.58
C VAL WA 91 37.18 2.76 86.47
N GLY WA 92 36.67 2.50 85.27
CA GLY WA 92 36.89 3.41 84.17
C GLY WA 92 36.04 4.67 84.28
N LEU WA 93 36.61 5.77 83.76
CA LEU WA 93 35.90 7.03 83.68
C LEU WA 93 34.63 6.91 82.86
N PHE WA 94 34.72 6.25 81.71
CA PHE WA 94 33.53 6.03 80.89
C PHE WA 94 32.58 5.05 81.58
N PHE WA 95 33.14 4.12 82.35
CA PHE WA 95 32.33 3.15 83.08
C PHE WA 95 31.48 3.79 84.15
N LEU WA 96 31.93 4.92 84.68
CA LEU WA 96 31.11 5.66 85.63
C LEU WA 96 30.31 6.76 84.93
N CYS WA 97 30.78 7.24 83.77
CA CYS WA 97 29.98 8.12 82.94
C CYS WA 97 28.79 7.42 82.29
N SER WA 98 28.71 6.09 82.39
CA SER WA 98 27.49 5.37 82.05
C SER WA 98 26.30 5.90 82.85
N ASN WA 99 26.36 5.80 84.16
CA ASN WA 99 25.27 6.27 84.99
C ASN WA 99 25.44 7.70 85.46
N ALA WA 100 26.41 8.43 84.94
CA ALA WA 100 26.33 9.89 85.02
C ALA WA 100 25.07 10.40 84.31
N PHE WA 101 24.50 11.50 84.82
CA PHE WA 101 23.25 12.01 84.25
C PHE WA 101 23.45 13.00 83.12
N ASN WA 102 24.66 13.53 82.95
CA ASN WA 102 24.92 14.47 81.86
C ASN WA 102 24.81 13.79 80.51
N VAL WA 103 25.24 12.52 80.45
CA VAL WA 103 25.33 11.80 79.19
C VAL WA 103 23.95 11.55 78.63
N SER WA 104 23.76 11.89 77.35
CA SER WA 104 22.49 11.66 76.67
C SER WA 104 22.25 10.16 76.49
N ALA WA 105 21.00 9.82 76.14
CA ALA WA 105 20.57 8.43 76.14
C ALA WA 105 21.26 7.62 75.06
N CYS WA 106 21.58 8.24 73.91
CA CYS WA 106 22.24 7.52 72.83
C CYS WA 106 23.66 7.12 73.22
N VAL WA 107 24.44 8.07 73.72
CA VAL WA 107 25.80 7.81 74.17
C VAL WA 107 25.81 6.87 75.35
N ARG WA 108 24.82 7.01 76.24
CA ARG WA 108 24.73 6.17 77.43
C ARG WA 108 24.47 4.72 77.07
N THR WA 109 23.49 4.46 76.19
CA THR WA 109 23.22 3.10 75.78
C THR WA 109 24.31 2.52 74.89
N ALA WA 110 25.01 3.37 74.12
CA ALA WA 110 26.11 2.88 73.30
C ALA WA 110 27.27 2.39 74.17
N LEU WA 111 27.66 3.19 75.15
CA LEU WA 111 28.73 2.69 75.99
C LEU WA 111 28.24 1.68 77.02
N THR WA 112 26.94 1.58 77.26
CA THR WA 112 26.42 0.46 78.05
C THR WA 112 26.57 -0.85 77.28
N THR WA 113 26.33 -0.80 75.97
CA THR WA 113 26.62 -1.96 75.12
C THR WA 113 28.12 -2.24 75.03
N MET WA 114 28.96 -1.23 75.21
CA MET WA 114 30.37 -1.52 75.47
C MET WA 114 30.62 -2.04 76.88
N TYR WA 115 29.68 -1.86 77.79
CA TYR WA 115 29.83 -2.16 79.22
C TYR WA 115 28.70 -3.07 79.71
N THR WA 116 28.44 -4.18 79.02
CA THR WA 116 27.47 -5.16 79.51
C THR WA 116 28.13 -6.52 79.77
N ASN WA 117 28.34 -6.84 81.04
CA ASN WA 117 28.65 -8.18 81.53
C ASN WA 117 28.14 -8.27 82.97
N SER WA 118 28.28 -9.46 83.55
CA SER WA 118 27.72 -9.69 84.88
C SER WA 118 28.51 -8.97 85.97
N MET WA 119 29.84 -8.96 85.84
CA MET WA 119 30.69 -8.33 86.84
C MET WA 119 30.46 -6.82 86.87
N VAL WA 120 30.35 -6.23 85.68
CA VAL WA 120 30.04 -4.82 85.56
C VAL WA 120 28.65 -4.53 86.11
N ASP WA 121 27.68 -5.40 85.83
CA ASP WA 121 26.33 -5.19 86.35
C ASP WA 121 26.33 -5.18 87.87
N ASN WA 122 27.08 -6.09 88.47
CA ASN WA 122 27.16 -6.17 89.93
C ASN WA 122 27.90 -4.98 90.51
N VAL WA 123 28.94 -4.49 89.83
CA VAL WA 123 29.69 -3.34 90.31
C VAL WA 123 28.85 -2.06 90.21
N LEU WA 124 28.06 -1.93 89.14
CA LEU WA 124 27.17 -0.78 89.03
C LEU WA 124 26.08 -0.81 90.08
N SER WA 125 25.60 -2.01 90.43
CA SER WA 125 24.66 -2.12 91.53
C SER WA 125 25.31 -1.74 92.86
N MET WA 126 26.58 -2.09 93.07
CA MET WA 126 27.31 -1.66 94.27
C MET WA 126 27.41 -0.14 94.33
N ILE WA 127 27.75 0.48 93.20
CA ILE WA 127 27.92 1.93 93.14
C ILE WA 127 26.61 2.64 93.40
N ASN WA 128 25.52 2.11 92.86
CA ASN WA 128 24.22 2.72 93.10
C ASN WA 128 23.74 2.52 94.54
N THR WA 129 24.04 1.37 95.13
CA THR WA 129 23.64 1.16 96.52
C THR WA 129 24.52 1.90 97.51
N CYS WA 130 25.70 2.36 97.10
CA CYS WA 130 26.42 3.34 97.90
C CYS WA 130 25.62 4.63 97.99
N LYS WA 131 25.71 5.29 99.14
CA LYS WA 131 24.82 6.40 99.45
C LYS WA 131 25.16 7.64 98.63
N TYR WA 132 26.35 8.18 98.84
CA TYR WA 132 26.92 9.20 97.98
C TYR WA 132 27.75 8.52 96.91
N LEU WA 133 28.64 9.27 96.28
CA LEU WA 133 29.59 8.68 95.35
C LEU WA 133 31.04 9.01 95.66
N GLU WA 134 31.33 10.28 95.99
CA GLU WA 134 32.66 10.84 95.81
C GLU WA 134 33.71 10.33 96.78
N ASP WA 135 33.33 9.67 97.87
CA ASP WA 135 34.33 9.14 98.78
C ASP WA 135 34.17 7.64 99.00
N LYS WA 136 33.30 6.99 98.24
CA LYS WA 136 33.36 5.56 98.07
C LYS WA 136 34.03 5.15 96.78
N VAL WA 137 33.94 5.98 95.75
CA VAL WA 137 34.83 5.92 94.61
C VAL WA 137 35.69 7.17 94.72
N SER WA 138 36.80 7.21 93.97
CA SER WA 138 37.72 8.33 94.10
C SER WA 138 38.59 8.43 92.86
N LEU WA 139 39.11 9.62 92.62
CA LEU WA 139 40.02 9.85 91.52
C LEU WA 139 41.37 9.18 91.80
N PHE WA 140 42.00 8.63 90.76
CA PHE WA 140 43.21 7.85 91.00
C PHE WA 140 44.36 8.20 90.08
N GLY WA 141 44.10 8.56 88.83
CA GLY WA 141 45.16 8.93 87.93
C GLY WA 141 44.82 8.56 86.49
N VAL WA 142 45.88 8.42 85.68
CA VAL WA 142 45.77 8.31 84.23
C VAL WA 142 46.37 6.98 83.79
N THR WA 143 45.69 6.32 82.84
CA THR WA 143 46.09 4.99 82.39
C THR WA 143 47.32 5.05 81.48
N SER WA 144 48.26 4.14 81.70
CA SER WA 144 49.30 3.79 80.76
C SER WA 144 49.67 2.33 81.04
N LEU WA 145 50.16 1.61 80.03
CA LEU WA 145 50.55 0.20 80.12
C LEU WA 145 49.38 -0.66 80.62
N VAL WA 146 48.43 -0.89 79.71
CA VAL WA 146 47.56 -2.03 79.87
C VAL WA 146 48.35 -3.29 79.54
N SER WA 147 48.24 -4.31 80.38
CA SER WA 147 48.87 -5.59 80.11
C SER WA 147 47.95 -6.61 79.48
N CYS WA 148 46.69 -6.67 79.91
CA CYS WA 148 45.69 -7.67 79.52
C CYS WA 148 46.20 -9.09 79.76
N GLY WA 149 46.39 -9.41 81.04
CA GLY WA 149 46.68 -10.76 81.44
C GLY WA 149 45.40 -11.47 81.84
N SER WA 150 45.47 -12.34 82.85
CA SER WA 150 44.25 -12.90 83.42
C SER WA 150 43.57 -11.86 84.31
N SER WA 151 44.24 -11.45 85.38
CA SER WA 151 43.88 -10.25 86.11
C SER WA 151 44.85 -9.17 85.64
N CYS WA 152 44.33 -8.20 84.88
CA CYS WA 152 45.19 -7.34 84.08
C CYS WA 152 45.96 -6.33 84.94
N LEU WA 153 47.20 -6.08 84.51
CA LEU WA 153 48.10 -5.13 85.15
C LEU WA 153 47.98 -3.80 84.43
N LEU WA 154 47.81 -2.74 85.19
CA LEU WA 154 47.76 -1.39 84.67
C LEU WA 154 48.82 -0.57 85.37
N SER WA 155 49.61 0.17 84.61
CA SER WA 155 50.35 1.24 85.27
C SER WA 155 49.42 2.44 85.38
N CYS WA 156 49.71 3.32 86.34
CA CYS WA 156 48.90 4.51 86.46
C CYS WA 156 49.76 5.66 86.97
N VAL WA 157 49.62 6.82 86.34
CA VAL WA 157 50.50 7.95 86.58
C VAL WA 157 49.87 8.89 87.60
N MET WA 158 50.60 9.17 88.67
CA MET WA 158 50.16 10.14 89.67
C MET WA 158 50.64 11.55 89.32
N GLN WA 159 51.84 11.68 88.79
CA GLN WA 159 52.42 12.99 88.55
C GLN WA 159 53.41 12.90 87.39
N GLY WA 160 53.39 13.93 86.54
CA GLY WA 160 54.26 13.97 85.37
C GLY WA 160 53.51 13.62 84.11
N ASN WA 161 54.23 13.65 82.99
CA ASN WA 161 53.64 13.31 81.72
C ASN WA 161 53.40 11.82 81.62
N VAL WA 162 52.44 11.44 80.78
CA VAL WA 162 51.95 10.07 80.72
C VAL WA 162 52.79 9.31 79.71
N TYR WA 163 53.71 8.49 80.20
CA TYR WA 163 54.51 7.65 79.32
C TYR WA 163 54.98 6.43 80.09
N ASP WA 164 54.93 5.27 79.43
CA ASP WA 164 55.43 4.03 79.99
C ASP WA 164 56.93 4.10 80.23
N ALA WA 165 57.70 4.14 79.16
CA ALA WA 165 59.14 3.99 79.17
C ALA WA 165 59.64 4.39 77.78
N ASN WA 166 60.94 4.70 77.71
CA ASN WA 166 61.67 5.15 76.51
C ASN WA 166 61.17 6.51 76.04
N LYS WA 167 60.28 7.15 76.82
CA LYS WA 167 59.70 8.48 76.58
C LYS WA 167 59.09 8.61 75.20
N GLU WA 168 58.49 7.53 74.72
CA GLU WA 168 57.91 7.55 73.38
C GLU WA 168 56.38 7.52 73.47
N ASN WA 169 55.76 8.14 72.45
CA ASN WA 169 54.33 8.29 72.16
C ASN WA 169 53.54 8.61 73.42
N ILE WA 170 53.94 9.76 73.97
CA ILE WA 170 53.48 10.27 75.26
C ILE WA 170 51.98 10.49 75.15
N HIS WA 171 51.24 9.67 75.87
CA HIS WA 171 49.81 9.58 75.66
C HIS WA 171 49.12 10.77 76.28
N GLY WA 172 47.81 10.82 76.11
CA GLY WA 172 47.04 11.95 76.57
C GLY WA 172 45.74 11.51 77.20
N LEU WA 173 45.20 12.40 78.00
CA LEU WA 173 43.91 12.20 78.61
C LEU WA 173 42.83 12.25 77.55
N THR WA 174 41.94 11.26 77.59
CA THR WA 174 40.85 11.14 76.63
C THR WA 174 39.55 11.37 77.36
N VAL WA 175 38.91 12.50 77.09
CA VAL WA 175 37.66 12.89 77.73
C VAL WA 175 36.55 12.76 76.71
N LEU WA 176 35.43 12.20 77.14
CA LEU WA 176 34.22 12.16 76.33
C LEU WA 176 33.74 13.57 76.03
N LYS WA 177 33.24 13.78 74.81
CA LYS WA 177 32.96 15.15 74.37
C LYS WA 177 31.71 15.71 75.05
N GLU WA 178 30.81 14.84 75.49
CA GLU WA 178 29.59 15.31 76.14
C GLU WA 178 29.88 15.82 77.55
N ILE WA 179 30.84 15.20 78.24
CA ILE WA 179 30.97 15.40 79.68
C ILE WA 179 31.86 16.57 80.05
N PHE WA 180 32.29 17.40 79.10
CA PHE WA 180 33.08 18.55 79.51
C PHE WA 180 32.46 19.83 78.99
N LEU WA 181 32.85 20.92 79.64
CA LEU WA 181 32.41 22.27 79.34
C LEU WA 181 33.39 23.22 80.00
N GLU WA 182 33.66 24.35 79.35
CA GLU WA 182 34.62 25.34 79.86
C GLU WA 182 33.89 26.64 80.20
N PRO WA 183 33.46 26.79 81.46
CA PRO WA 183 32.84 28.05 81.86
C PRO WA 183 33.92 29.11 82.05
N ASP WA 184 34.00 30.00 81.07
CA ASP WA 184 34.96 31.09 81.10
C ASP WA 184 34.39 32.22 80.25
N TRP WA 185 34.85 33.45 80.46
CA TRP WA 185 34.36 34.56 79.64
C TRP WA 185 34.78 34.31 78.20
N GLU WA 186 36.03 33.90 78.01
CA GLU WA 186 36.55 33.56 76.70
C GLU WA 186 37.22 32.19 76.80
N PRO WA 187 36.80 31.24 75.96
CA PRO WA 187 37.41 29.91 75.97
C PRO WA 187 38.80 29.99 75.39
N ARG WA 188 39.75 29.34 76.07
CA ARG WA 188 41.17 29.29 75.73
C ARG WA 188 41.76 30.70 75.72
N GLN WA 189 41.82 31.28 76.93
CA GLN WA 189 42.04 32.71 77.17
C GLN WA 189 43.35 33.24 76.61
N HIS WA 190 44.48 32.84 77.19
CA HIS WA 190 45.77 33.21 76.62
C HIS WA 190 46.66 32.00 76.34
N SER WA 191 46.84 31.10 77.32
CA SER WA 191 47.82 30.04 77.22
C SER WA 191 47.29 28.86 78.01
N THR WA 192 48.20 27.97 78.41
CA THR WA 192 47.92 26.64 78.94
C THR WA 192 46.90 26.63 80.08
N GLN WA 193 45.97 25.69 80.00
CA GLN WA 193 44.82 25.65 80.89
C GLN WA 193 44.96 24.52 81.90
N TYR WA 194 44.45 24.76 83.10
CA TYR WA 194 44.34 23.71 84.10
C TYR WA 194 43.05 22.94 83.87
N VAL WA 195 43.14 21.63 83.94
CA VAL WA 195 42.01 20.74 83.71
C VAL WA 195 41.52 20.23 85.06
N TYR WA 196 40.24 20.45 85.35
CA TYR WA 196 39.66 19.99 86.60
C TYR WA 196 38.55 19.00 86.29
N VAL WA 197 38.26 18.13 87.26
CA VAL WA 197 37.15 17.19 87.19
C VAL WA 197 36.17 17.55 88.30
N VAL WA 198 34.91 17.76 87.93
CA VAL WA 198 33.87 18.15 88.86
C VAL WA 198 32.84 17.03 88.93
N HIS WA 199 32.53 16.60 90.14
CA HIS WA 199 31.41 15.71 90.40
C HIS WA 199 30.24 16.54 90.89
N VAL WA 200 29.10 16.39 90.25
CA VAL WA 200 27.89 17.16 90.54
C VAL WA 200 26.75 16.18 90.72
N TYR WA 201 26.00 16.32 91.82
CA TYR WA 201 24.88 15.40 92.00
C TYR WA 201 23.56 16.02 91.53
N LYS WA 202 22.55 15.17 91.41
CA LYS WA 202 21.19 15.58 91.03
C LYS WA 202 20.21 14.57 91.61
N GLU WA 203 19.01 15.04 91.95
CA GLU WA 203 18.02 14.24 92.66
C GLU WA 203 16.70 14.28 91.91
N VAL WA 204 16.39 13.23 91.13
CA VAL WA 204 15.07 13.16 90.51
C VAL WA 204 14.10 12.34 91.35
N LEU WA 205 13.71 12.88 92.51
CA LEU WA 205 12.58 12.52 93.36
C LEU WA 205 12.63 11.11 93.96
N SER WA 206 13.38 10.20 93.36
CA SER WA 206 13.60 8.89 93.96
C SER WA 206 14.93 8.85 94.71
N LYS WA 207 16.02 9.07 93.99
CA LYS WA 207 17.36 8.77 94.46
C LYS WA 207 18.27 9.93 94.06
N LEU WA 208 19.57 9.70 94.21
CA LEU WA 208 20.59 10.65 93.75
C LEU WA 208 21.17 10.15 92.44
N GLN WA 209 21.38 11.07 91.50
CA GLN WA 209 22.11 10.77 90.28
C GLN WA 209 23.31 11.69 90.21
N TYR WA 210 24.49 11.09 90.07
CA TYR WA 210 25.73 11.82 90.00
C TYR WA 210 25.99 12.24 88.57
N GLY WA 211 26.82 13.26 88.40
CA GLY WA 211 27.16 13.73 87.08
C GLY WA 211 28.59 14.19 87.00
N ILE WA 212 29.26 13.87 85.90
CA ILE WA 212 30.71 13.94 85.81
C ILE WA 212 31.04 15.05 84.83
N TYR WA 213 31.56 16.17 85.34
CA TYR WA 213 31.96 17.22 84.43
C TYR WA 213 33.46 17.41 84.50
N VAL WA 214 34.01 17.90 83.38
CA VAL WA 214 35.42 18.25 83.27
C VAL WA 214 35.46 19.70 82.82
N VAL WA 215 36.15 20.54 83.57
CA VAL WA 215 36.28 21.93 83.15
C VAL WA 215 37.72 22.21 82.77
N LEU WA 216 37.89 23.05 81.76
CA LEU WA 216 39.19 23.51 81.33
C LEU WA 216 39.21 25.01 81.48
N THR WA 217 40.20 25.53 82.20
CA THR WA 217 40.14 26.94 82.50
C THR WA 217 41.55 27.51 82.67
N SER WA 218 41.68 28.79 82.39
CA SER WA 218 42.93 29.48 82.60
C SER WA 218 43.17 29.80 84.08
N PHE WA 219 42.10 29.81 84.88
CA PHE WA 219 42.23 30.17 86.28
C PHE WA 219 42.93 29.05 87.05
N GLN WA 220 43.98 29.41 87.80
CA GLN WA 220 44.61 28.45 88.68
C GLN WA 220 43.94 28.41 90.04
N ASN WA 221 43.39 29.54 90.49
CA ASN WA 221 42.91 29.68 91.85
C ASN WA 221 41.59 28.93 92.03
N GLU WA 222 41.58 28.04 93.02
CA GLU WA 222 40.40 27.21 93.30
C GLU WA 222 39.22 28.05 93.76
N ASP WA 223 39.47 29.17 94.44
CA ASP WA 223 38.40 30.07 94.84
C ASP WA 223 37.73 30.71 93.62
N LEU WA 224 38.53 31.13 92.65
CA LEU WA 224 37.97 31.68 91.41
C LEU WA 224 37.20 30.62 90.64
N VAL WA 225 37.67 29.38 90.68
CA VAL WA 225 36.99 28.34 89.92
C VAL WA 225 35.69 27.93 90.59
N VAL WA 226 35.64 27.87 91.93
CA VAL WA 226 34.35 27.56 92.54
C VAL WA 226 33.42 28.76 92.46
N ASP WA 227 33.96 29.98 92.37
CA ASP WA 227 33.10 31.13 92.14
C ASP WA 227 32.52 31.16 90.74
N ILE WA 228 33.26 30.69 89.73
CA ILE WA 228 32.64 30.62 88.41
C ILE WA 228 31.72 29.40 88.33
N LEU WA 229 32.00 28.36 89.11
CA LEU WA 229 31.16 27.18 89.03
C LEU WA 229 29.84 27.32 89.75
N ARG WA 230 29.77 28.10 90.83
CA ARG WA 230 28.46 28.34 91.44
C ARG WA 230 27.58 29.16 90.49
N GLN WA 231 28.20 30.10 89.78
CA GLN WA 231 27.55 30.85 88.73
C GLN WA 231 27.04 29.96 87.60
N TYR WA 232 27.79 28.92 87.25
CA TYR WA 232 27.27 28.00 86.24
C TYR WA 232 26.21 27.07 86.80
N PHE WA 233 26.34 26.63 88.05
CA PHE WA 233 25.55 25.55 88.60
C PHE WA 233 24.46 26.01 89.55
N GLU WA 234 24.04 27.28 89.47
CA GLU WA 234 23.22 27.81 90.55
C GLU WA 234 21.82 27.18 90.62
N LYS WA 235 21.29 26.65 89.53
CA LYS WA 235 19.90 26.19 89.51
C LYS WA 235 19.71 24.92 90.32
N GLU WA 236 20.45 23.86 89.93
CA GLU WA 236 20.42 22.61 90.68
C GLU WA 236 20.98 22.78 92.08
N ARG WA 237 21.76 23.84 92.30
CA ARG WA 237 22.16 24.22 93.65
C ARG WA 237 20.97 24.61 94.51
N PHE WA 238 20.01 25.35 93.93
CA PHE WA 238 18.84 25.70 94.71
C PHE WA 238 17.95 24.50 94.95
N LEU WA 239 17.88 23.61 93.93
CA LEU WA 239 17.17 22.34 94.12
C LEU WA 239 17.78 21.50 95.24
N PHE WA 240 19.10 21.46 95.30
CA PHE WA 240 19.78 20.71 96.34
C PHE WA 240 19.45 21.30 97.70
N LEU WA 241 19.32 22.63 97.76
CA LEU WA 241 19.00 23.30 99.02
C LEU WA 241 17.68 22.73 99.48
N ASN WA 242 16.74 22.56 98.56
CA ASN WA 242 15.49 21.89 98.94
C ASN WA 242 15.76 20.46 99.40
N TYR WA 243 16.73 19.78 98.79
CA TYR WA 243 16.79 18.32 99.01
C TYR WA 243 17.57 17.92 100.25
N LEU WA 244 18.75 18.50 100.50
CA LEU WA 244 19.69 18.01 101.52
C LEU WA 244 19.16 18.00 102.94
N ILE WA 245 18.06 18.70 103.20
CA ILE WA 245 17.53 18.81 104.55
C ILE WA 245 16.50 17.72 104.83
N ASN WA 246 15.64 17.46 103.84
CA ASN WA 246 14.75 16.32 103.93
C ASN WA 246 15.49 15.00 103.72
N SER WA 247 16.66 15.04 103.09
CA SER WA 247 17.45 13.84 102.91
C SER WA 247 18.04 13.36 104.22
N ASN WA 248 18.21 12.04 104.33
CA ASN WA 248 18.91 11.45 105.45
C ASN WA 248 20.21 10.76 105.05
N THR WA 249 20.50 10.65 103.75
CA THR WA 249 21.75 10.10 103.30
C THR WA 249 22.90 11.03 103.64
N THR WA 250 23.99 10.46 104.13
CA THR WA 250 25.08 11.24 104.71
C THR WA 250 25.90 11.84 103.58
N LEU WA 251 25.44 12.99 103.08
CA LEU WA 251 26.23 13.84 102.21
C LEU WA 251 25.98 15.28 102.63
N SER WA 252 26.86 16.16 102.20
CA SER WA 252 26.82 17.51 102.73
C SER WA 252 27.06 18.60 101.70
N TYR WA 253 26.98 18.29 100.41
CA TYR WA 253 27.38 19.25 99.40
C TYR WA 253 26.66 18.97 98.09
N PHE WA 254 26.82 19.90 97.15
CA PHE WA 254 26.27 19.78 95.81
C PHE WA 254 27.24 19.16 94.83
N GLY WA 255 28.53 19.43 95.00
CA GLY WA 255 29.53 18.82 94.14
C GLY WA 255 30.91 19.16 94.63
N SER WA 256 31.89 18.60 93.94
CA SER WA 256 33.28 18.84 94.31
C SER WA 256 34.17 18.89 93.08
N VAL WA 257 35.14 19.78 93.12
CA VAL WA 257 36.08 19.99 92.03
C VAL WA 257 37.47 19.52 92.47
N GLN WA 258 38.20 18.88 91.57
CA GLN WA 258 39.55 18.43 91.87
C GLN WA 258 40.42 18.56 90.64
N ARG WA 259 41.65 19.05 90.82
CA ARG WA 259 42.54 19.29 89.69
C ARG WA 259 43.15 18.00 89.18
N ILE WA 260 43.12 17.82 87.86
CA ILE WA 260 43.90 16.78 87.22
C ILE WA 260 45.32 17.24 86.98
N GLY WA 261 45.47 18.39 86.33
CA GLY WA 261 46.79 18.91 86.06
C GLY WA 261 46.75 19.86 84.87
N ARG WA 262 47.95 20.14 84.36
CA ARG WA 262 48.12 21.12 83.31
C ARG WA 262 47.85 20.52 81.94
N CYS WA 263 47.49 21.36 80.99
CA CYS WA 263 47.39 20.96 79.60
C CYS WA 263 48.14 21.97 78.76
N ALA WA 264 47.94 21.94 77.45
CA ALA WA 264 48.44 22.98 76.56
C ALA WA 264 47.34 23.36 75.60
N THR WA 265 47.24 24.66 75.28
CA THR WA 265 46.13 25.16 74.47
C THR WA 265 46.20 24.65 73.04
N GLU WA 266 47.38 24.64 72.45
CA GLU WA 266 47.53 24.15 71.09
C GLU WA 266 47.52 22.62 71.00
N ASP WA 267 47.41 21.93 72.13
CA ASP WA 267 47.41 20.47 72.14
C ASP WA 267 46.03 19.89 72.39
N ILE WA 268 44.97 20.69 72.26
CA ILE WA 268 43.61 20.18 72.32
C ILE WA 268 43.19 19.81 70.90
N LYS WA 269 42.86 18.54 70.69
CA LYS WA 269 42.43 18.11 69.38
C LYS WA 269 41.23 17.18 69.49
N SER WA 270 40.37 17.23 68.49
CA SER WA 270 39.16 16.43 68.48
C SER WA 270 39.43 15.03 67.96
N GLY WA 271 38.42 14.18 68.07
CA GLY WA 271 38.50 12.88 67.42
C GLY WA 271 37.37 12.00 67.91
N PHE WA 272 37.58 10.69 67.73
CA PHE WA 272 36.63 9.74 68.26
C PHE WA 272 37.36 8.47 68.65
N LEU WA 273 36.75 7.72 69.54
CA LEU WA 273 37.17 6.37 69.87
C LEU WA 273 36.22 5.40 69.20
N GLN WA 274 36.72 4.19 68.95
CA GLN WA 274 35.83 3.15 68.47
C GLN WA 274 36.25 1.82 69.04
N TYR WA 275 35.29 1.13 69.64
CA TYR WA 275 35.46 -0.23 70.12
C TYR WA 275 34.22 -1.00 69.71
N ARG WA 276 34.43 -2.08 68.95
CA ARG WA 276 33.37 -2.84 68.29
C ARG WA 276 32.50 -1.95 67.40
N GLY WA 277 33.16 -1.04 66.67
CA GLY WA 277 32.49 -0.19 65.71
C GLY WA 277 31.70 0.96 66.28
N ILE WA 278 31.63 1.11 67.60
CA ILE WA 278 30.83 2.17 68.21
C ILE WA 278 31.67 3.45 68.17
N THR WA 279 31.41 4.29 67.18
CA THR WA 279 32.06 5.58 67.08
C THR WA 279 31.58 6.49 68.20
N LEU WA 280 32.52 7.04 68.95
CA LEU WA 280 32.18 7.82 70.12
C LEU WA 280 33.03 9.07 70.16
N PRO WA 281 32.44 10.27 70.06
CA PRO WA 281 33.23 11.48 69.89
C PRO WA 281 33.94 11.88 71.18
N VAL WA 282 35.25 12.09 71.09
CA VAL WA 282 36.06 12.47 72.24
C VAL WA 282 36.91 13.68 71.88
N ILE WA 283 37.34 14.39 72.91
CA ILE WA 283 38.24 15.51 72.78
C ILE WA 283 39.52 15.14 73.52
N LYS WA 284 40.60 14.99 72.77
CA LYS WA 284 41.83 14.39 73.27
C LYS WA 284 42.81 15.49 73.65
N LEU WA 285 43.06 15.63 74.95
CA LEU WA 285 44.17 16.44 75.42
C LEU WA 285 45.44 15.65 75.15
N GLU WA 286 46.49 16.33 74.68
CA GLU WA 286 47.63 15.61 74.14
C GLU WA 286 48.76 15.41 75.13
N ASN WA 287 49.24 16.47 75.76
CA ASN WA 287 50.35 16.38 76.70
C ASN WA 287 49.92 17.01 78.01
N ILE WA 288 49.99 16.23 79.09
CA ILE WA 288 49.42 16.61 80.38
C ILE WA 288 50.44 16.36 81.46
N PHE WA 289 50.69 17.39 82.27
CA PHE WA 289 51.48 17.27 83.48
C PHE WA 289 50.47 17.06 84.60
N VAL WA 290 50.35 15.81 85.07
CA VAL WA 290 49.28 15.45 85.99
C VAL WA 290 49.62 15.98 87.37
N ASP WA 291 48.73 16.83 87.90
CA ASP WA 291 48.96 17.50 89.18
C ASP WA 291 47.68 17.43 90.00
N LEU WA 292 47.56 16.41 90.83
CA LEU WA 292 46.35 16.21 91.62
C LEU WA 292 46.37 17.10 92.86
N SER WA 293 45.33 17.91 93.02
CA SER WA 293 45.18 18.66 94.26
C SER WA 293 44.13 17.99 95.13
N GLU WA 294 43.75 18.63 96.23
CA GLU WA 294 42.71 18.10 97.08
C GLU WA 294 41.34 18.34 96.46
N LYS WA 295 40.35 17.58 96.95
CA LYS WA 295 38.97 17.85 96.59
C LYS WA 295 38.49 19.10 97.29
N LYS WA 296 37.83 19.98 96.55
CA LYS WA 296 37.22 21.17 97.13
C LYS WA 296 35.73 21.10 96.87
N VAL WA 297 34.95 21.03 97.94
CA VAL WA 297 33.52 20.84 97.82
C VAL WA 297 32.83 22.20 97.77
N PHE WA 298 31.62 22.20 97.25
CA PHE WA 298 30.79 23.40 97.23
C PHE WA 298 29.34 22.96 97.22
N VAL WA 299 28.52 23.73 97.93
CA VAL WA 299 27.15 23.34 98.16
C VAL WA 299 26.26 24.30 97.39
N THR XA 3 11.01 -35.84 -121.54
CA THR XA 3 11.33 -37.24 -121.81
C THR XA 3 10.97 -38.07 -120.59
N VAL XA 4 10.19 -39.13 -120.81
CA VAL XA 4 9.79 -40.05 -119.75
C VAL XA 4 10.23 -41.44 -120.18
N TYR XA 5 11.14 -42.04 -119.42
CA TYR XA 5 11.61 -43.38 -119.76
C TYR XA 5 10.73 -44.41 -119.07
N CYS XA 6 10.26 -45.39 -119.82
CA CYS XA 6 9.48 -46.49 -119.27
C CYS XA 6 10.34 -47.74 -119.20
N THR XA 7 10.22 -48.45 -118.08
CA THR XA 7 10.93 -49.72 -117.89
C THR XA 7 9.99 -50.73 -117.26
N PHE XA 8 9.78 -51.86 -117.93
CA PHE XA 8 8.77 -52.81 -117.50
C PHE XA 8 9.26 -53.78 -116.44
N ASP XA 9 10.57 -53.83 -116.17
CA ASP XA 9 11.25 -54.75 -115.27
C ASP XA 9 11.10 -56.23 -115.67
N HIS XA 10 10.60 -56.50 -116.87
CA HIS XA 10 10.32 -57.85 -117.34
C HIS XA 10 10.83 -57.96 -118.77
N LYS XA 11 11.62 -59.00 -119.05
CA LYS XA 11 12.30 -59.06 -120.33
C LYS XA 11 11.31 -59.42 -121.43
N LEU XA 12 11.36 -58.70 -122.53
CA LEU XA 12 10.43 -58.93 -123.64
C LEU XA 12 11.13 -59.70 -124.75
N SER XA 13 10.33 -60.38 -125.55
CA SER XA 13 10.86 -61.25 -126.60
C SER XA 13 11.00 -60.49 -127.91
N LEU XA 14 11.48 -61.19 -128.93
CA LEU XA 14 11.65 -60.58 -130.23
C LEU XA 14 10.31 -60.28 -130.90
N SER XA 15 9.28 -61.08 -130.63
CA SER XA 15 7.94 -60.74 -131.09
C SER XA 15 7.45 -59.46 -130.44
N ASP XA 16 7.78 -59.26 -129.16
CA ASP XA 16 7.38 -58.04 -128.48
C ASP XA 16 8.13 -56.83 -129.02
N ILE XA 17 9.42 -56.97 -129.31
CA ILE XA 17 10.14 -55.82 -129.85
C ILE XA 17 9.70 -55.55 -131.29
N SER XA 18 9.26 -56.58 -132.02
CA SER XA 18 8.70 -56.36 -133.35
C SER XA 18 7.36 -55.63 -133.28
N THR XA 19 6.54 -55.95 -132.29
CA THR XA 19 5.25 -55.28 -132.15
C THR XA 19 5.43 -53.83 -131.73
N LEU XA 20 6.40 -53.56 -130.85
CA LEU XA 20 6.66 -52.16 -130.48
C LEU XA 20 7.30 -51.36 -131.61
N CYS XA 21 8.13 -52.01 -132.44
CA CYS XA 21 8.62 -51.36 -133.65
C CYS XA 21 7.48 -51.03 -134.61
N LYS XA 22 6.48 -51.91 -134.70
CA LYS XA 22 5.27 -51.57 -135.46
C LYS XA 22 4.50 -50.43 -134.82
N LEU XA 23 4.56 -50.32 -133.48
CA LEU XA 23 3.71 -49.40 -132.74
C LEU XA 23 4.37 -48.05 -132.48
N MET XA 24 5.61 -47.83 -132.96
CA MET XA 24 6.35 -46.59 -132.76
C MET XA 24 5.59 -45.36 -133.29
N ASN XA 25 5.78 -44.23 -132.59
CA ASN XA 25 5.17 -42.90 -132.78
C ASN XA 25 3.67 -42.83 -132.52
N ILE XA 26 3.21 -43.35 -131.38
CA ILE XA 26 1.80 -43.33 -130.95
C ILE XA 26 1.67 -42.62 -129.61
N VAL XA 27 0.64 -41.77 -129.49
CA VAL XA 27 0.34 -41.10 -128.23
C VAL XA 27 -0.13 -42.11 -127.21
N ILE XA 28 0.53 -42.13 -126.06
CA ILE XA 28 0.11 -42.89 -124.90
C ILE XA 28 -0.03 -41.92 -123.74
N PRO XA 29 -1.13 -41.95 -122.99
CA PRO XA 29 -1.27 -41.02 -121.87
C PRO XA 29 -0.73 -41.62 -120.58
N ILE XA 30 -0.11 -40.76 -119.77
CA ILE XA 30 0.41 -41.19 -118.48
C ILE XA 30 -0.14 -40.26 -117.41
N PRO XA 31 -0.37 -40.73 -116.20
CA PRO XA 31 -0.84 -39.84 -115.13
C PRO XA 31 0.29 -39.34 -114.25
N ALA XA 32 1.47 -39.90 -114.45
CA ALA XA 32 2.49 -39.83 -113.41
C ALA XA 32 3.19 -38.47 -113.39
N HIS XA 33 3.57 -37.97 -114.58
CA HIS XA 33 4.45 -36.81 -114.75
C HIS XA 33 5.72 -36.96 -113.92
N HIS XA 34 6.49 -37.98 -114.25
CA HIS XA 34 7.85 -38.14 -113.74
C HIS XA 34 8.79 -38.31 -114.91
N HIS XA 35 10.09 -38.36 -114.61
CA HIS XA 35 11.04 -38.73 -115.64
C HIS XA 35 11.10 -40.23 -115.83
N LEU XA 36 10.56 -41.01 -114.90
CA LEU XA 36 10.52 -42.46 -115.02
C LEU XA 36 9.11 -42.97 -114.82
N ILE XA 37 8.70 -43.90 -115.68
CA ILE XA 37 7.50 -44.69 -115.46
C ILE XA 37 7.81 -46.14 -115.73
N GLY XA 38 6.92 -47.01 -115.27
CA GLY XA 38 7.08 -48.44 -115.43
C GLY XA 38 5.85 -49.07 -116.05
N SER XA 39 5.68 -50.36 -115.75
CA SER XA 39 4.56 -51.12 -116.30
C SER XA 39 3.24 -50.71 -115.67
N GLY XA 40 3.27 -50.22 -114.42
CA GLY XA 40 2.05 -49.97 -113.70
C GLY XA 40 1.28 -48.74 -114.14
N ASN XA 41 1.97 -47.70 -114.60
CA ASN XA 41 1.31 -46.45 -114.95
C ASN XA 41 1.23 -46.20 -116.44
N LEU XA 42 1.89 -47.03 -117.26
CA LEU XA 42 1.87 -46.83 -118.70
C LEU XA 42 0.52 -47.23 -119.26
N GLY XA 43 -0.05 -46.37 -120.10
CA GLY XA 43 -1.22 -46.74 -120.82
C GLY XA 43 -2.50 -46.51 -120.02
N LEU XA 44 -3.53 -47.22 -120.42
CA LEU XA 44 -4.86 -47.00 -119.87
C LEU XA 44 -5.40 -48.21 -119.12
N TYR XA 45 -4.70 -49.35 -119.20
CA TYR XA 45 -5.04 -50.52 -118.38
C TYR XA 45 -5.13 -50.28 -116.87
N PRO XA 46 -4.26 -49.49 -116.20
CA PRO XA 46 -4.46 -49.28 -114.75
C PRO XA 46 -5.74 -48.58 -114.35
N ILE XA 47 -6.51 -48.03 -115.29
CA ILE XA 47 -7.87 -47.62 -114.98
C ILE XA 47 -8.92 -48.53 -115.61
N VAL XA 48 -8.66 -49.13 -116.79
CA VAL XA 48 -9.76 -49.94 -117.33
C VAL XA 48 -9.69 -51.33 -116.71
N SER XA 49 -10.06 -51.37 -115.43
CA SER XA 49 -10.64 -52.48 -114.71
C SER XA 49 -11.73 -51.97 -113.78
N SER XA 50 -11.79 -50.66 -113.56
CA SER XA 50 -12.76 -50.02 -112.68
C SER XA 50 -13.98 -49.63 -113.52
N ASN XA 51 -14.93 -50.56 -113.57
CA ASN XA 51 -16.31 -50.41 -114.03
C ASN XA 51 -16.46 -50.26 -115.54
N LYS XA 52 -15.35 -50.06 -116.27
CA LYS XA 52 -15.28 -50.01 -117.74
C LYS XA 52 -16.25 -48.98 -118.34
N ASP XA 53 -16.63 -47.96 -117.59
CA ASP XA 53 -17.60 -46.99 -118.10
C ASP XA 53 -16.88 -46.08 -119.08
N TYR XA 54 -17.48 -45.93 -120.25
CA TYR XA 54 -16.88 -45.16 -121.33
C TYR XA 54 -16.70 -43.71 -120.93
N VAL XA 55 -17.69 -43.13 -120.27
CA VAL XA 55 -17.58 -41.72 -119.91
C VAL XA 55 -16.63 -41.53 -118.74
N HIS XA 56 -16.49 -42.54 -117.88
CA HIS XA 56 -15.52 -42.50 -116.80
C HIS XA 56 -14.10 -42.51 -117.35
N ILE XA 57 -13.82 -43.44 -118.28
CA ILE XA 57 -12.55 -43.43 -119.02
C ILE XA 57 -12.36 -42.11 -119.76
N ARG XA 58 -13.44 -41.53 -120.30
CA ARG XA 58 -13.34 -40.26 -121.02
C ARG XA 58 -12.96 -39.11 -120.09
N ASN XA 59 -13.51 -39.11 -118.86
CA ASN XA 59 -13.19 -38.03 -117.93
C ASN XA 59 -11.76 -38.14 -117.43
N VAL XA 60 -11.34 -39.35 -117.05
CA VAL XA 60 -9.98 -39.47 -116.54
C VAL XA 60 -8.98 -39.34 -117.69
N LEU XA 61 -9.40 -39.68 -118.90
CA LEU XA 61 -8.55 -39.49 -120.06
C LEU XA 61 -8.41 -38.00 -120.41
N ARG XA 62 -9.44 -37.20 -120.10
CA ARG XA 62 -9.26 -35.75 -120.10
C ARG XA 62 -8.25 -35.32 -119.05
N THR XA 63 -8.25 -35.98 -117.89
CA THR XA 63 -7.29 -35.59 -116.85
C THR XA 63 -5.86 -35.99 -117.16
N MET XA 64 -5.66 -37.03 -117.99
CA MET XA 64 -4.33 -37.60 -118.22
C MET XA 64 -3.37 -36.62 -118.89
N VAL XA 65 -2.10 -37.02 -118.91
CA VAL XA 65 -1.03 -36.26 -119.56
C VAL XA 65 -0.49 -37.13 -120.70
N VAL XA 66 -0.52 -36.60 -121.92
CA VAL XA 66 -0.26 -37.37 -123.13
C VAL XA 66 1.22 -37.29 -123.50
N THR XA 67 1.76 -38.40 -124.02
CA THR XA 67 3.13 -38.49 -124.48
C THR XA 67 3.13 -39.19 -125.83
N ILE XA 68 4.28 -39.18 -126.50
CA ILE XA 68 4.45 -39.81 -127.79
C ILE XA 68 5.52 -40.88 -127.67
N LEU XA 69 5.23 -42.08 -128.18
CA LEU XA 69 6.21 -43.16 -128.19
C LEU XA 69 7.38 -42.82 -129.09
N GLN XA 70 8.57 -43.21 -128.65
CA GLN XA 70 9.79 -42.95 -129.40
C GLN XA 70 10.85 -43.95 -128.93
N LYS XA 71 11.58 -44.48 -129.92
CA LYS XA 71 12.91 -45.09 -129.78
C LYS XA 71 12.94 -46.16 -128.69
N VAL XA 72 12.21 -47.24 -128.95
CA VAL XA 72 12.20 -48.32 -127.98
C VAL XA 72 13.54 -49.05 -128.08
N GLU XA 73 14.37 -48.95 -127.04
CA GLU XA 73 15.57 -49.77 -126.96
C GLU XA 73 15.30 -50.90 -125.97
N GLY XA 74 14.88 -52.02 -126.53
CA GLY XA 74 14.50 -53.22 -125.82
C GLY XA 74 13.40 -53.05 -124.77
N ASN XA 75 13.80 -53.09 -123.50
CA ASN XA 75 12.88 -52.99 -122.40
C ASN XA 75 12.64 -51.54 -122.00
N GLN XA 76 13.53 -50.65 -122.39
CA GLN XA 76 13.40 -49.23 -122.15
C GLN XA 76 12.63 -48.58 -123.29
N LEU XA 77 11.82 -47.59 -122.96
CA LEU XA 77 10.80 -47.11 -123.88
C LEU XA 77 10.67 -45.59 -123.73
N VAL XA 78 11.13 -44.82 -124.72
CA VAL XA 78 11.15 -43.38 -124.57
C VAL XA 78 9.77 -42.83 -124.86
N LEU XA 79 9.31 -41.89 -124.05
CA LEU XA 79 8.08 -41.16 -124.31
C LEU XA 79 8.40 -39.68 -124.29
N ARG XA 80 8.31 -39.02 -125.44
CA ARG XA 80 8.52 -37.59 -125.46
C ARG XA 80 7.28 -36.91 -124.92
N LYS XA 81 7.48 -35.94 -124.04
CA LYS XA 81 6.45 -35.00 -123.63
C LYS XA 81 6.39 -33.89 -124.66
N PRO XA 82 5.38 -33.85 -125.50
CA PRO XA 82 5.42 -32.96 -126.67
C PRO XA 82 4.94 -31.54 -126.35
N MET XA 83 5.75 -30.56 -126.74
CA MET XA 83 5.54 -29.19 -126.32
C MET XA 83 4.46 -28.51 -127.14
N THR XA 84 4.10 -27.30 -126.72
CA THR XA 84 2.94 -26.60 -127.27
C THR XA 84 3.23 -26.06 -128.65
N GLY XA 85 2.42 -26.47 -129.63
CA GLY XA 85 2.47 -25.93 -130.97
C GLY XA 85 3.59 -26.45 -131.84
N GLN XA 86 4.42 -27.36 -131.36
CA GLN XA 86 5.50 -27.87 -132.16
C GLN XA 86 5.02 -29.02 -133.04
N GLN XA 87 5.88 -29.42 -133.99
CA GLN XA 87 5.53 -30.41 -134.99
C GLN XA 87 5.92 -31.80 -134.51
N TYR XA 88 5.00 -32.75 -134.65
CA TYR XA 88 5.22 -34.11 -134.17
C TYR XA 88 4.57 -35.11 -135.11
N ALA XA 89 5.17 -36.29 -135.19
CA ALA XA 89 4.70 -37.35 -136.07
C ALA XA 89 3.93 -38.38 -135.25
N ILE XA 90 2.72 -38.70 -135.70
CA ILE XA 90 1.80 -39.57 -134.98
C ILE XA 90 1.39 -40.71 -135.89
N LYS XA 91 1.51 -41.93 -135.42
CA LYS XA 91 0.91 -43.07 -136.09
C LYS XA 91 -0.50 -43.24 -135.57
N ASN XA 92 -1.43 -43.51 -136.49
CA ASN XA 92 -2.83 -43.54 -136.14
C ASN XA 92 -3.28 -44.95 -135.75
N THR XA 93 -4.32 -45.00 -134.94
CA THR XA 93 -4.94 -46.26 -134.55
C THR XA 93 -6.42 -46.31 -134.83
N GLY XA 94 -7.11 -45.16 -134.89
CA GLY XA 94 -8.52 -45.13 -135.20
C GLY XA 94 -8.76 -45.58 -136.63
N PRO XA 95 -9.76 -46.42 -136.81
CA PRO XA 95 -10.04 -46.92 -138.17
C PRO XA 95 -10.68 -45.84 -139.03
N PHE XA 96 -9.88 -44.97 -139.61
CA PHE XA 96 -10.41 -43.82 -140.32
C PHE XA 96 -9.59 -43.52 -141.56
N PRO XA 97 -10.07 -42.68 -142.48
CA PRO XA 97 -9.21 -42.27 -143.61
C PRO XA 97 -8.44 -40.98 -143.43
N TRP XA 98 -8.70 -40.18 -142.39
CA TRP XA 98 -7.81 -39.12 -141.89
C TRP XA 98 -7.49 -38.05 -142.94
N GLU XA 99 -8.52 -37.31 -143.33
CA GLU XA 99 -8.31 -36.18 -144.23
C GLU XA 99 -7.52 -35.09 -143.53
N LYS XA 100 -6.54 -34.52 -144.22
CA LYS XA 100 -5.60 -33.60 -143.58
C LYS XA 100 -6.27 -32.28 -143.22
N GLY XA 101 -5.66 -31.58 -142.27
CA GLY XA 101 -6.13 -30.28 -141.84
C GLY XA 101 -7.22 -30.27 -140.80
N ASP XA 102 -7.83 -31.42 -140.50
CA ASP XA 102 -8.83 -31.44 -139.47
C ASP XA 102 -8.19 -31.44 -138.08
N THR XA 103 -8.96 -30.99 -137.10
CA THR XA 103 -8.52 -31.07 -135.72
C THR XA 103 -8.84 -32.44 -135.16
N LEU XA 104 -8.00 -32.88 -134.22
CA LEU XA 104 -8.07 -34.23 -133.69
C LEU XA 104 -8.25 -34.18 -132.18
N THR XA 105 -9.07 -35.08 -131.65
CA THR XA 105 -9.17 -35.30 -130.22
C THR XA 105 -8.74 -36.73 -129.90
N LEU XA 106 -8.74 -37.03 -128.61
CA LEU XA 106 -8.24 -38.29 -128.10
C LEU XA 106 -9.38 -38.95 -127.33
N ILE XA 107 -9.71 -40.18 -127.71
CA ILE XA 107 -10.99 -40.78 -127.36
C ILE XA 107 -10.69 -42.11 -126.67
N PRO XA 108 -11.54 -42.59 -125.78
CA PRO XA 108 -11.34 -43.92 -125.21
C PRO XA 108 -11.47 -44.99 -126.27
N PRO XA 109 -10.82 -46.14 -126.10
CA PRO XA 109 -10.85 -47.18 -127.12
C PRO XA 109 -12.22 -47.85 -127.21
N LEU XA 110 -12.87 -47.71 -128.37
CA LEU XA 110 -14.10 -48.42 -128.62
C LEU XA 110 -13.80 -49.89 -128.80
N SER XA 111 -14.37 -50.72 -127.95
CA SER XA 111 -14.04 -52.14 -127.88
C SER XA 111 -14.56 -52.84 -129.12
N THR XA 112 -13.66 -53.13 -130.05
CA THR XA 112 -14.01 -53.95 -131.20
C THR XA 112 -14.16 -55.41 -130.77
N HIS XA 113 -14.80 -56.21 -131.62
CA HIS XA 113 -15.01 -57.61 -131.30
C HIS XA 113 -13.72 -58.41 -131.36
N SER XA 114 -12.80 -58.05 -132.26
CA SER XA 114 -11.51 -58.70 -132.31
C SER XA 114 -10.64 -58.26 -131.14
N GLU XA 115 -9.92 -59.20 -130.55
CA GLU XA 115 -9.01 -58.88 -129.46
C GLU XA 115 -7.81 -58.12 -130.00
N GLU XA 116 -7.24 -57.28 -129.14
CA GLU XA 116 -6.08 -56.48 -129.50
C GLU XA 116 -4.85 -57.36 -129.65
N LYS XA 117 -3.96 -56.96 -130.55
CA LYS XA 117 -2.67 -57.61 -130.73
C LYS XA 117 -1.53 -56.73 -130.26
N LEU XA 118 -1.83 -55.68 -129.49
CA LEU XA 118 -0.80 -54.73 -129.13
C LEU XA 118 0.13 -55.33 -128.08
N LEU XA 119 -0.41 -55.66 -126.91
CA LEU XA 119 0.37 -56.29 -125.86
C LEU XA 119 -0.60 -56.94 -124.87
N LYS XA 120 -0.22 -58.13 -124.41
CA LYS XA 120 -0.87 -58.78 -123.27
C LYS XA 120 0.22 -59.58 -122.59
N LEU XA 121 0.69 -59.10 -121.44
CA LEU XA 121 1.85 -59.69 -120.79
C LEU XA 121 1.70 -59.58 -119.28
N GLY XA 122 1.47 -60.72 -118.62
CA GLY XA 122 1.46 -60.79 -117.18
C GLY XA 122 0.37 -60.00 -116.50
N ASP XA 123 -0.89 -60.31 -116.83
CA ASP XA 123 -2.09 -59.62 -116.32
C ASP XA 123 -2.04 -58.11 -116.58
N TRP XA 124 -1.39 -57.71 -117.67
CA TRP XA 124 -1.24 -56.31 -118.01
C TRP XA 124 -1.28 -56.17 -119.53
N GLU XA 125 -2.23 -55.39 -120.03
CA GLU XA 125 -2.31 -55.10 -121.45
C GLU XA 125 -1.87 -53.67 -121.68
N LEU XA 126 -1.69 -53.33 -122.95
CA LEU XA 126 -1.36 -51.97 -123.36
C LEU XA 126 -2.62 -51.41 -124.01
N THR XA 127 -3.49 -50.84 -123.19
CA THR XA 127 -4.69 -50.21 -123.68
C THR XA 127 -4.34 -48.83 -124.20
N VAL XA 128 -4.36 -48.66 -125.51
CA VAL XA 128 -4.02 -47.39 -126.14
C VAL XA 128 -5.32 -46.70 -126.53
N PRO XA 129 -5.57 -45.48 -126.07
CA PRO XA 129 -6.75 -44.75 -126.50
C PRO XA 129 -6.61 -44.30 -127.95
N LEU XA 130 -7.74 -44.18 -128.62
CA LEU XA 130 -7.71 -43.90 -130.05
C LEU XA 130 -7.60 -42.40 -130.28
N VAL XA 131 -7.25 -42.02 -131.50
CA VAL XA 131 -7.26 -40.64 -131.95
C VAL XA 131 -8.33 -40.52 -133.02
N VAL XA 132 -9.17 -39.51 -132.90
CA VAL XA 132 -10.29 -39.35 -133.84
C VAL XA 132 -10.39 -37.91 -134.27
N PRO XA 133 -11.06 -37.63 -135.38
CA PRO XA 133 -11.42 -36.26 -135.70
C PRO XA 133 -12.46 -35.72 -134.73
N THR XA 134 -12.45 -34.39 -134.61
CA THR XA 134 -13.31 -33.68 -133.67
C THR XA 134 -14.79 -33.82 -134.04
N ALA XA 135 -15.08 -33.97 -135.34
CA ALA XA 135 -16.46 -34.12 -135.77
C ALA XA 135 -17.08 -35.40 -135.24
N ILE XA 136 -16.40 -36.54 -135.43
CA ILE XA 136 -16.94 -37.79 -134.92
C ILE XA 136 -16.82 -37.87 -133.40
N ALA XA 137 -15.86 -37.14 -132.80
CA ALA XA 137 -15.79 -37.07 -131.35
C ALA XA 137 -17.03 -36.40 -130.76
N ALA XA 138 -17.40 -35.24 -131.33
CA ALA XA 138 -18.61 -34.55 -130.91
C ALA XA 138 -19.85 -35.38 -131.23
N GLU XA 139 -19.79 -36.17 -132.31
CA GLU XA 139 -20.88 -37.09 -132.64
C GLU XA 139 -21.10 -38.14 -131.56
N ILE XA 140 -20.01 -38.77 -131.11
CA ILE XA 140 -20.07 -39.73 -130.01
C ILE XA 140 -20.58 -39.08 -128.73
N ASN XA 141 -20.17 -37.83 -128.46
CA ASN XA 141 -20.61 -37.16 -127.24
C ASN XA 141 -22.10 -36.81 -127.31
N ILE XA 142 -22.58 -36.45 -128.50
CA ILE XA 142 -24.02 -36.32 -128.75
C ILE XA 142 -24.74 -37.63 -128.43
N ARG XA 143 -24.17 -38.75 -128.87
CA ARG XA 143 -24.81 -40.04 -128.65
C ARG XA 143 -24.83 -40.42 -127.17
N LEU XA 144 -23.76 -40.09 -126.45
CA LEU XA 144 -23.72 -40.31 -124.99
C LEU XA 144 -24.83 -39.54 -124.29
N LEU XA 145 -24.91 -38.23 -124.54
CA LEU XA 145 -25.94 -37.37 -123.97
C LEU XA 145 -27.34 -37.84 -124.35
N CYS XA 146 -27.49 -38.33 -125.58
CA CYS XA 146 -28.78 -38.78 -126.06
C CYS XA 146 -29.21 -40.10 -125.43
N ILE XA 147 -28.25 -41.02 -125.21
CA ILE XA 147 -28.55 -42.27 -124.51
C ILE XA 147 -29.00 -42.00 -123.08
N GLY XA 148 -28.40 -41.00 -122.43
CA GLY XA 148 -28.88 -40.63 -121.10
C GLY XA 148 -30.26 -39.99 -121.11
N LEU XA 149 -30.51 -39.13 -122.10
CA LEU XA 149 -31.84 -38.53 -122.24
C LEU XA 149 -32.92 -39.58 -122.49
N ILE XA 150 -32.58 -40.64 -123.22
CA ILE XA 150 -33.58 -41.68 -123.44
C ILE XA 150 -33.69 -42.63 -122.25
N ALA XA 151 -32.57 -42.94 -121.60
CA ALA XA 151 -32.56 -43.94 -120.53
C ALA XA 151 -32.93 -43.37 -119.16
N VAL XA 152 -33.07 -42.05 -119.03
CA VAL XA 152 -33.81 -41.50 -117.90
C VAL XA 152 -35.28 -41.87 -118.00
N HIS XA 153 -35.85 -41.77 -119.21
CA HIS XA 153 -37.16 -42.34 -119.50
C HIS XA 153 -37.11 -43.86 -119.41
N ARG XA 154 -38.18 -44.47 -118.91
CA ARG XA 154 -38.18 -45.91 -118.65
C ARG XA 154 -39.28 -46.60 -119.45
N GLU XA 155 -38.89 -47.56 -120.28
CA GLU XA 155 -39.82 -48.45 -120.94
C GLU XA 155 -39.25 -49.86 -120.88
N TYR XA 156 -40.08 -50.83 -121.26
CA TYR XA 156 -39.67 -52.22 -121.34
C TYR XA 156 -39.60 -52.62 -122.80
N ASN XA 157 -38.47 -53.23 -123.20
CA ASN XA 157 -38.17 -53.65 -124.57
C ASN XA 157 -38.17 -52.48 -125.56
N GLU XA 158 -37.93 -51.27 -125.06
CA GLU XA 158 -37.71 -50.11 -125.91
C GLU XA 158 -36.33 -49.52 -125.75
N MET XA 159 -35.65 -49.78 -124.64
CA MET XA 159 -34.25 -49.39 -124.48
C MET XA 159 -33.37 -50.02 -125.55
N GLN XA 160 -33.56 -51.33 -125.78
CA GLN XA 160 -32.85 -52.01 -126.86
C GLN XA 160 -33.26 -51.47 -128.22
N THR XA 161 -34.54 -51.12 -128.38
CA THR XA 161 -35.04 -50.59 -129.65
C THR XA 161 -34.44 -49.23 -129.98
N ILE XA 162 -34.18 -48.41 -128.97
CA ILE XA 162 -33.48 -47.16 -129.20
C ILE XA 162 -32.00 -47.41 -129.50
N ILE XA 163 -31.37 -48.27 -128.68
CA ILE XA 163 -29.91 -48.40 -128.70
C ILE XA 163 -29.42 -49.07 -129.98
N ASP XA 164 -30.12 -50.11 -130.46
CA ASP XA 164 -29.62 -50.82 -131.64
C ASP XA 164 -29.78 -49.99 -132.91
N GLU XA 165 -30.78 -49.11 -132.96
CA GLU XA 165 -30.91 -48.19 -134.08
C GLU XA 165 -29.89 -47.07 -134.00
N LEU XA 166 -29.69 -46.51 -132.79
CA LEU XA 166 -28.87 -45.32 -132.63
C LEU XA 166 -27.38 -45.62 -132.66
N CYS XA 167 -26.95 -46.77 -132.15
CA CYS XA 167 -25.57 -46.95 -131.72
C CYS XA 167 -24.62 -47.13 -132.90
N SER XA 168 -24.99 -47.98 -133.85
CA SER XA 168 -24.15 -48.22 -135.01
C SER XA 168 -24.21 -47.00 -135.93
N ILE XA 169 -23.13 -46.23 -135.96
CA ILE XA 169 -23.08 -45.02 -136.77
C ILE XA 169 -22.01 -45.21 -137.84
N GLN XA 170 -22.08 -44.37 -138.86
CA GLN XA 170 -21.16 -44.44 -139.99
C GLN XA 170 -20.63 -43.04 -140.27
N TYR XA 171 -19.30 -42.90 -140.27
CA TYR XA 171 -18.64 -41.67 -140.65
C TYR XA 171 -17.42 -42.02 -141.48
N ARG XA 172 -17.41 -41.55 -142.72
CA ARG XA 172 -16.37 -41.83 -143.72
C ARG XA 172 -16.19 -43.34 -143.92
N ASP XA 173 -17.32 -44.02 -144.19
CA ASP XA 173 -17.39 -45.44 -144.58
C ASP XA 173 -16.84 -46.35 -143.48
N VAL XA 174 -17.12 -46.00 -142.22
CA VAL XA 174 -16.61 -46.76 -141.09
C VAL XA 174 -17.74 -46.96 -140.10
N LEU XA 175 -18.04 -48.22 -139.78
CA LEU XA 175 -19.08 -48.56 -138.82
C LEU XA 175 -18.47 -48.81 -137.45
N ILE XA 176 -18.92 -48.06 -136.45
CA ILE XA 176 -18.50 -48.25 -135.06
C ILE XA 176 -19.75 -48.32 -134.20
N LYS XA 177 -19.58 -48.84 -132.97
CA LYS XA 177 -20.69 -48.94 -132.04
C LYS XA 177 -20.16 -48.96 -130.62
N LEU XA 178 -21.02 -48.55 -129.68
CA LEU XA 178 -20.64 -48.46 -128.26
C LEU XA 178 -21.58 -49.30 -127.40
N PRO XA 179 -21.18 -50.50 -127.01
CA PRO XA 179 -22.08 -51.39 -126.30
C PRO XA 179 -21.98 -51.26 -124.79
N ASP XA 180 -23.02 -51.79 -124.12
CA ASP XA 180 -23.09 -51.97 -122.67
C ASP XA 180 -22.93 -50.64 -121.92
N ILE XA 181 -23.89 -49.76 -122.13
CA ILE XA 181 -23.94 -48.51 -121.40
C ILE XA 181 -24.55 -48.77 -120.02
N VAL XA 182 -23.82 -48.42 -118.97
CA VAL XA 182 -24.23 -48.69 -117.60
C VAL XA 182 -25.35 -47.75 -117.12
N ASN XA 183 -25.60 -46.68 -117.88
CA ASN XA 183 -26.58 -45.62 -117.55
C ASN XA 183 -26.27 -45.00 -116.19
N ASP XA 184 -25.08 -44.43 -116.07
CA ASP XA 184 -24.82 -43.66 -114.89
C ASP XA 184 -25.44 -42.27 -115.02
N LYS XA 185 -25.31 -41.50 -113.96
CA LYS XA 185 -25.89 -40.18 -113.86
C LYS XA 185 -25.04 -39.11 -114.54
N GLN XA 186 -23.97 -39.55 -115.20
CA GLN XA 186 -23.08 -38.67 -115.94
C GLN XA 186 -23.81 -37.90 -117.02
N SER XA 187 -24.65 -38.61 -117.75
CA SER XA 187 -25.53 -37.97 -118.69
C SER XA 187 -26.58 -37.11 -117.98
N MET XA 188 -26.98 -37.48 -116.77
CA MET XA 188 -28.00 -36.68 -116.07
C MET XA 188 -27.48 -35.30 -115.67
N TYR XA 189 -26.24 -35.21 -115.15
CA TYR XA 189 -25.65 -33.90 -114.88
C TYR XA 189 -25.36 -33.16 -116.19
N SER XA 190 -24.73 -33.83 -117.16
CA SER XA 190 -24.32 -33.14 -118.36
C SER XA 190 -25.48 -32.84 -119.30
N MET XA 191 -26.65 -33.40 -119.01
CA MET XA 191 -27.96 -33.03 -119.52
C MET XA 191 -28.66 -32.01 -118.65
N LYS XA 192 -28.34 -31.97 -117.37
CA LYS XA 192 -29.04 -31.08 -116.45
C LYS XA 192 -28.71 -29.63 -116.74
N THR XA 193 -27.44 -29.33 -117.01
CA THR XA 193 -27.06 -27.99 -117.44
C THR XA 193 -27.58 -27.68 -118.83
N ALA XA 194 -27.74 -28.71 -119.67
CA ALA XA 194 -28.41 -28.53 -120.96
C ALA XA 194 -29.87 -28.18 -120.78
N CYS XA 195 -30.53 -28.83 -119.82
CA CYS XA 195 -31.93 -28.60 -119.51
C CYS XA 195 -32.14 -27.19 -118.99
N ILE XA 196 -31.24 -26.76 -118.10
CA ILE XA 196 -31.16 -25.39 -117.63
C ILE XA 196 -31.01 -24.42 -118.80
N SER XA 197 -30.08 -24.72 -119.71
CA SER XA 197 -29.80 -23.80 -120.81
C SER XA 197 -30.94 -23.78 -121.82
N LEU XA 198 -31.64 -24.90 -122.01
CA LEU XA 198 -32.79 -24.91 -122.90
C LEU XA 198 -33.96 -24.16 -122.28
N SER XA 199 -34.12 -24.24 -120.95
CA SER XA 199 -35.07 -23.37 -120.26
C SER XA 199 -34.73 -21.92 -120.47
N MET XA 200 -33.43 -21.59 -120.48
CA MET XA 200 -33.05 -20.21 -120.69
C MET XA 200 -33.26 -19.78 -122.13
N ILE XA 201 -33.05 -20.70 -123.08
CA ILE XA 201 -33.33 -20.41 -124.49
C ILE XA 201 -34.81 -20.11 -124.67
N THR XA 202 -35.66 -20.88 -123.98
CA THR XA 202 -37.10 -20.64 -123.98
C THR XA 202 -37.44 -19.27 -123.42
N ALA XA 203 -36.93 -18.95 -122.24
CA ALA XA 203 -37.34 -17.72 -121.57
C ALA XA 203 -36.69 -16.48 -122.19
N MET XA 204 -35.54 -16.63 -122.84
CA MET XA 204 -34.78 -15.49 -123.32
C MET XA 204 -34.79 -15.35 -124.84
N ALA XA 205 -35.44 -16.27 -125.55
CA ALA XA 205 -35.47 -16.19 -127.00
C ALA XA 205 -36.35 -15.03 -127.45
N PRO XA 206 -35.93 -14.30 -128.49
CA PRO XA 206 -36.65 -13.07 -128.85
C PRO XA 206 -38.00 -13.30 -129.50
N ASP XA 207 -38.62 -12.21 -129.93
CA ASP XA 207 -39.86 -12.29 -130.68
C ASP XA 207 -39.64 -12.40 -132.18
N ILE XA 208 -38.47 -12.02 -132.67
CA ILE XA 208 -38.19 -12.06 -134.09
C ILE XA 208 -38.11 -13.50 -134.60
N VAL XA 209 -37.58 -14.40 -133.77
CA VAL XA 209 -36.98 -15.64 -134.26
C VAL XA 209 -38.03 -16.72 -134.51
N ARG XA 210 -38.87 -17.00 -133.50
CA ARG XA 210 -39.98 -17.91 -133.72
C ARG XA 210 -41.03 -17.32 -134.65
N THR XA 211 -41.07 -15.99 -134.77
CA THR XA 211 -41.78 -15.39 -135.89
C THR XA 211 -41.06 -15.65 -137.21
N TYR XA 212 -39.71 -15.66 -137.18
CA TYR XA 212 -38.93 -15.78 -138.41
C TYR XA 212 -39.18 -17.09 -139.12
N ILE XA 213 -39.44 -18.17 -138.37
CA ILE XA 213 -39.92 -19.41 -139.01
C ILE XA 213 -41.16 -19.15 -139.85
N ASP XA 214 -42.21 -18.62 -139.20
CA ASP XA 214 -43.51 -18.49 -139.85
C ASP XA 214 -43.48 -17.47 -140.98
N ARG XA 215 -42.68 -16.42 -140.84
CA ARG XA 215 -42.57 -15.44 -141.92
C ARG XA 215 -41.81 -16.02 -143.11
N LEU XA 216 -40.72 -16.74 -142.85
CA LEU XA 216 -39.98 -17.42 -143.91
C LEU XA 216 -40.84 -18.45 -144.63
N THR XA 217 -41.62 -19.24 -143.87
CA THR XA 217 -42.45 -20.27 -144.48
C THR XA 217 -43.63 -19.67 -145.25
N LEU XA 218 -44.25 -18.62 -144.72
CA LEU XA 218 -45.39 -18.01 -145.40
C LEU XA 218 -44.94 -17.21 -146.62
N GLU XA 219 -43.71 -16.70 -146.63
CA GLU XA 219 -43.19 -16.15 -147.88
C GLU XA 219 -42.87 -17.25 -148.88
N ASP XA 220 -41.89 -18.10 -148.54
CA ASP XA 220 -41.31 -19.05 -149.47
C ASP XA 220 -41.25 -20.42 -148.82
N HIS XA 221 -40.94 -21.43 -149.62
CA HIS XA 221 -40.89 -22.78 -149.10
C HIS XA 221 -39.73 -23.55 -149.70
N SER XA 222 -39.17 -24.44 -148.90
CA SER XA 222 -38.23 -25.43 -149.37
C SER XA 222 -38.56 -26.75 -148.69
N MET XA 223 -38.04 -27.84 -149.23
CA MET XA 223 -38.43 -29.17 -148.74
C MET XA 223 -37.83 -29.48 -147.37
N LEU XA 224 -36.60 -29.06 -147.12
CA LEU XA 224 -36.05 -29.21 -145.78
C LEU XA 224 -36.77 -28.30 -144.79
N LEU XA 225 -37.29 -27.17 -145.28
CA LEU XA 225 -38.17 -26.34 -144.46
C LEU XA 225 -39.49 -27.05 -144.16
N ILE XA 226 -39.99 -27.86 -145.09
CA ILE XA 226 -41.20 -28.64 -144.82
C ILE XA 226 -40.93 -29.74 -143.78
N LYS XA 227 -39.72 -30.33 -143.82
CA LYS XA 227 -39.33 -31.26 -142.75
C LYS XA 227 -39.23 -30.54 -141.39
N CYS XA 228 -38.69 -29.32 -141.40
CA CYS XA 228 -38.64 -28.53 -140.16
C CYS XA 228 -40.03 -28.10 -139.72
N GLN XA 229 -40.96 -27.90 -140.66
CA GLN XA 229 -42.36 -27.67 -140.32
C GLN XA 229 -43.00 -28.89 -139.70
N GLU XA 230 -42.60 -30.09 -140.14
CA GLU XA 230 -43.10 -31.32 -139.53
C GLU XA 230 -42.65 -31.41 -138.07
N LEU XA 231 -41.37 -31.10 -137.81
CA LEU XA 231 -40.90 -30.98 -136.42
C LEU XA 231 -41.67 -29.91 -135.65
N LEU XA 232 -41.96 -28.78 -136.31
CA LEU XA 232 -42.69 -27.67 -135.67
C LEU XA 232 -44.10 -28.05 -135.25
N SER XA 233 -44.88 -28.64 -136.17
CA SER XA 233 -46.25 -29.01 -135.87
C SER XA 233 -46.30 -30.28 -135.04
N LEU XA 246 -45.51 -5.97 -133.87
CA LEU XA 246 -45.28 -4.65 -134.41
C LEU XA 246 -43.81 -4.29 -134.53
N HIS XA 247 -43.00 -4.67 -133.52
CA HIS XA 247 -41.54 -4.50 -133.51
C HIS XA 247 -41.14 -3.03 -133.68
N ALA XA 248 -41.53 -2.21 -132.71
CA ALA XA 248 -41.35 -0.76 -132.78
C ALA XA 248 -40.14 -0.35 -131.94
N THR XA 249 -38.95 -0.61 -132.50
CA THR XA 249 -37.64 -0.12 -132.03
C THR XA 249 -37.35 -0.58 -130.60
N ASP XA 250 -37.15 -1.88 -130.48
CA ASP XA 250 -36.64 -2.51 -129.26
C ASP XA 250 -35.30 -3.18 -129.54
N ILE XA 251 -34.47 -2.50 -130.35
CA ILE XA 251 -33.41 -3.20 -131.06
C ILE XA 251 -32.21 -3.51 -130.14
N LYS XA 252 -31.98 -2.70 -129.11
CA LYS XA 252 -30.91 -3.03 -128.17
C LYS XA 252 -31.32 -4.22 -127.31
N ASP XA 253 -32.60 -4.29 -126.96
CA ASP XA 253 -33.12 -5.47 -126.26
C ASP XA 253 -33.03 -6.71 -127.15
N GLU XA 254 -33.22 -6.54 -128.46
CA GLU XA 254 -33.06 -7.67 -129.38
C GLU XA 254 -31.62 -8.13 -129.46
N LEU XA 255 -30.67 -7.17 -129.49
CA LEU XA 255 -29.26 -7.51 -129.47
C LEU XA 255 -28.89 -8.29 -128.21
N LYS XA 256 -29.40 -7.83 -127.05
CA LYS XA 256 -29.10 -8.52 -125.80
C LYS XA 256 -29.71 -9.91 -125.75
N LYS XA 257 -30.94 -10.07 -126.23
CA LYS XA 257 -31.58 -11.38 -126.18
C LYS XA 257 -30.92 -12.36 -127.13
N ILE XA 258 -30.50 -11.89 -128.31
CA ILE XA 258 -29.80 -12.77 -129.23
C ILE XA 258 -28.42 -13.13 -128.70
N LYS XA 259 -27.76 -12.20 -128.01
CA LYS XA 259 -26.48 -12.51 -127.37
C LYS XA 259 -26.64 -13.57 -126.27
N SER XA 260 -27.72 -13.48 -125.49
CA SER XA 260 -27.97 -14.48 -124.45
C SER XA 260 -28.25 -15.85 -125.05
N VAL XA 261 -29.07 -15.91 -126.10
CA VAL XA 261 -29.37 -17.19 -126.76
C VAL XA 261 -28.11 -17.80 -127.37
N LEU XA 262 -27.26 -16.96 -127.98
CA LEU XA 262 -25.99 -17.44 -128.51
C LEU XA 262 -25.09 -17.98 -127.41
N THR XA 263 -25.07 -17.32 -126.25
CA THR XA 263 -24.26 -17.83 -125.14
C THR XA 263 -24.78 -19.17 -124.61
N MET XA 264 -26.10 -19.36 -124.61
CA MET XA 264 -26.63 -20.66 -124.20
C MET XA 264 -26.25 -21.75 -125.20
N ILE XA 265 -26.24 -21.40 -126.49
CA ILE XA 265 -25.81 -22.37 -127.49
C ILE XA 265 -24.31 -22.65 -127.37
N ASP XA 266 -23.53 -21.64 -126.97
CA ASP XA 266 -22.11 -21.87 -126.69
C ASP XA 266 -21.94 -22.82 -125.51
N GLN XA 267 -22.81 -22.70 -124.50
CA GLN XA 267 -22.72 -23.58 -123.34
C GLN XA 267 -23.06 -25.02 -123.70
N ILE XA 268 -24.15 -25.24 -124.45
CA ILE XA 268 -24.51 -26.61 -124.82
C ILE XA 268 -23.53 -27.17 -125.83
N ASN XA 269 -22.88 -26.31 -126.61
CA ASN XA 269 -21.80 -26.77 -127.48
C ASN XA 269 -20.58 -27.16 -126.67
N SER XA 270 -20.30 -26.43 -125.59
CA SER XA 270 -19.17 -26.75 -124.72
C SER XA 270 -19.39 -28.03 -123.95
N LEU XA 271 -20.65 -28.40 -123.71
CA LEU XA 271 -20.98 -29.74 -123.24
C LEU XA 271 -20.44 -30.81 -124.17
N THR XA 272 -20.96 -30.89 -125.39
CA THR XA 272 -20.68 -31.98 -126.31
C THR XA 272 -19.33 -31.85 -127.00
N ASN XA 273 -18.67 -30.71 -126.85
CA ASN XA 273 -17.39 -30.51 -127.48
C ASN XA 273 -16.32 -31.28 -126.73
N GLU XA 274 -15.31 -31.72 -127.46
CA GLU XA 274 -14.11 -32.29 -126.87
C GLU XA 274 -12.92 -31.45 -127.31
N LYS XA 275 -11.95 -31.32 -126.42
CA LYS XA 275 -10.78 -30.48 -126.66
C LYS XA 275 -9.94 -31.08 -127.78
N THR XA 276 -9.66 -30.27 -128.79
CA THR XA 276 -8.85 -30.72 -129.91
C THR XA 276 -7.41 -30.86 -129.45
N TYR XA 277 -6.81 -32.02 -129.70
CA TYR XA 277 -5.46 -32.28 -129.24
C TYR XA 277 -4.42 -32.23 -130.34
N PHE XA 278 -4.82 -32.29 -131.61
CA PHE XA 278 -3.84 -32.28 -132.69
C PHE XA 278 -4.39 -31.55 -133.91
N VAL XA 279 -3.49 -30.96 -134.68
CA VAL XA 279 -3.82 -30.27 -135.92
C VAL XA 279 -2.90 -30.79 -137.03
N VAL XA 280 -3.49 -31.44 -138.02
CA VAL XA 280 -2.74 -32.20 -139.03
C VAL XA 280 -2.28 -31.27 -140.13
N CYS XA 281 -1.03 -31.46 -140.58
CA CYS XA 281 -0.51 -30.79 -141.77
C CYS XA 281 -0.20 -31.74 -142.91
N ASP XA 282 0.65 -32.75 -142.70
CA ASP XA 282 1.08 -33.63 -143.77
C ASP XA 282 0.70 -35.06 -143.44
N VAL XA 283 0.22 -35.78 -144.44
CA VAL XA 283 -0.28 -37.14 -144.28
C VAL XA 283 0.46 -38.03 -145.27
N SER XA 284 0.95 -39.18 -144.79
CA SER XA 284 1.56 -40.16 -145.67
C SER XA 284 0.52 -40.82 -146.57
N ALA XA 285 0.99 -41.41 -147.67
CA ALA XA 285 0.08 -42.05 -148.61
C ALA XA 285 -0.52 -43.32 -148.03
N ASP XA 286 0.24 -44.04 -147.22
CA ASP XA 286 -0.29 -45.17 -146.47
C ASP XA 286 -1.27 -44.71 -145.40
N ASN XA 287 -1.14 -43.45 -144.96
CA ASN XA 287 -1.97 -42.82 -143.93
C ASN XA 287 -1.85 -43.55 -142.60
N ARG XA 288 -0.67 -44.10 -142.36
CA ARG XA 288 -0.38 -44.63 -141.04
C ARG XA 288 0.25 -43.57 -140.15
N MET XA 289 1.03 -42.66 -140.71
CA MET XA 289 1.63 -41.60 -139.93
C MET XA 289 1.26 -40.25 -140.51
N ALA XA 290 1.06 -39.27 -139.63
CA ALA XA 290 0.71 -37.92 -140.02
C ALA XA 290 1.38 -36.94 -139.09
N THR XA 291 1.64 -35.74 -139.58
CA THR XA 291 2.31 -34.72 -138.79
C THR XA 291 1.30 -33.71 -138.25
N CYS XA 292 1.59 -33.21 -137.06
CA CYS XA 292 0.75 -32.25 -136.38
C CYS XA 292 1.57 -31.09 -135.86
N ILE XA 293 0.92 -29.93 -135.74
CA ILE XA 293 1.53 -28.82 -135.02
C ILE XA 293 0.59 -28.32 -133.92
N TYR XA 294 0.60 -29.00 -132.76
CA TYR XA 294 -0.27 -28.59 -131.67
C TYR XA 294 0.08 -29.34 -130.39
N LYS XA 295 -0.02 -28.63 -129.28
CA LYS XA 295 -0.35 -29.22 -127.99
C LYS XA 295 -1.13 -28.15 -127.24
N ASN XA 296 -2.08 -28.59 -126.41
CA ASN XA 296 -2.93 -27.67 -125.68
C ASN XA 296 -2.20 -26.82 -124.65
N MET YA 1 42.78 -38.93 29.02
CA MET YA 1 41.85 -37.84 28.82
C MET YA 1 40.58 -38.31 28.11
N GLU YA 2 40.38 -37.83 26.89
CA GLU YA 2 39.20 -38.21 26.10
C GLU YA 2 39.21 -39.71 25.80
N THR YA 3 40.39 -40.24 25.48
CA THR YA 3 40.55 -41.66 25.17
C THR YA 3 40.38 -42.52 26.41
N VAL YA 4 39.72 -43.67 26.24
CA VAL YA 4 39.49 -44.60 27.33
C VAL YA 4 40.06 -45.93 26.88
N TYR YA 5 40.79 -46.60 27.74
CA TYR YA 5 41.32 -47.91 27.39
C TYR YA 5 40.56 -49.00 28.13
N CYS YA 6 39.92 -49.89 27.39
CA CYS YA 6 39.28 -51.03 28.00
C CYS YA 6 40.23 -52.21 27.98
N THR YA 7 40.40 -52.83 29.15
CA THR YA 7 41.25 -53.99 29.31
C THR YA 7 40.37 -55.11 29.85
N PHE YA 8 40.28 -56.21 29.13
CA PHE YA 8 39.43 -57.29 29.57
C PHE YA 8 40.04 -58.01 30.77
N ASP YA 9 39.19 -58.33 31.74
CA ASP YA 9 39.68 -59.12 32.88
C ASP YA 9 39.87 -60.58 32.50
N HIS YA 10 38.88 -61.18 31.86
CA HIS YA 10 38.98 -62.56 31.46
C HIS YA 10 39.72 -62.69 30.14
N LYS YA 11 40.39 -63.81 29.95
CA LYS YA 11 41.09 -64.09 28.71
C LYS YA 11 40.09 -64.38 27.59
N LEU YA 12 40.59 -64.35 26.36
CA LEU YA 12 39.75 -64.60 25.20
C LEU YA 12 40.44 -65.51 24.21
N SER YA 13 39.79 -65.66 23.06
CA SER YA 13 40.19 -66.55 22.00
C SER YA 13 40.44 -65.77 20.73
N LEU YA 14 40.96 -66.49 19.73
CA LEU YA 14 41.24 -65.85 18.46
C LEU YA 14 39.99 -65.60 17.65
N SER YA 15 38.97 -66.45 17.80
CA SER YA 15 37.66 -66.12 17.21
C SER YA 15 37.07 -64.87 17.86
N ASP YA 16 37.31 -64.70 19.16
CA ASP YA 16 36.84 -63.52 19.87
C ASP YA 16 37.57 -62.27 19.38
N ILE YA 17 38.88 -62.38 19.16
CA ILE YA 17 39.61 -61.20 18.73
C ILE YA 17 39.31 -60.91 17.27
N SER YA 18 38.94 -61.93 16.50
CA SER YA 18 38.48 -61.69 15.14
C SER YA 18 37.12 -61.01 15.13
N THR YA 19 36.25 -61.35 16.08
CA THR YA 19 34.97 -60.68 16.16
C THR YA 19 35.14 -59.22 16.58
N LEU YA 20 36.07 -58.97 17.47
CA LEU YA 20 36.34 -57.60 17.87
C LEU YA 20 37.03 -56.81 16.76
N CYS YA 21 37.76 -57.49 15.88
CA CYS YA 21 38.24 -56.78 14.69
C CYS YA 21 37.12 -56.50 13.71
N LYS YA 22 36.12 -57.39 13.65
CA LYS YA 22 34.97 -57.13 12.79
C LYS YA 22 34.11 -56.00 13.35
N LEU YA 23 34.06 -55.87 14.65
CA LEU YA 23 33.04 -55.10 15.36
C LEU YA 23 33.42 -53.63 15.49
N MET YA 24 34.34 -53.14 14.67
CA MET YA 24 34.96 -51.84 14.86
C MET YA 24 33.97 -50.72 14.51
N ASN YA 25 34.21 -49.55 15.10
CA ASN YA 25 33.42 -48.32 14.91
C ASN YA 25 31.99 -48.47 15.41
N ILE YA 26 31.83 -49.06 16.58
CA ILE YA 26 30.54 -49.26 17.20
C ILE YA 26 30.45 -48.45 18.48
N VAL YA 27 29.33 -47.75 18.65
CA VAL YA 27 29.09 -46.94 19.84
C VAL YA 27 28.80 -47.85 21.02
N ILE YA 28 29.65 -47.79 22.03
CA ILE YA 28 29.48 -48.54 23.26
C ILE YA 28 29.37 -47.52 24.39
N PRO YA 29 28.36 -47.61 25.25
CA PRO YA 29 28.24 -46.65 26.35
C PRO YA 29 28.96 -47.17 27.58
N ILE YA 30 29.53 -46.23 28.34
CA ILE YA 30 30.20 -46.58 29.58
C ILE YA 30 29.69 -45.67 30.70
N PRO YA 31 29.55 -46.19 31.91
CA PRO YA 31 29.07 -45.37 33.03
C PRO YA 31 30.17 -44.70 33.83
N ALA YA 32 31.42 -44.97 33.52
CA ALA YA 32 32.50 -44.65 34.43
C ALA YA 32 33.02 -43.22 34.28
N HIS YA 33 33.19 -42.77 33.03
CA HIS YA 33 33.89 -41.52 32.67
C HIS YA 33 35.32 -41.49 33.21
N HIS YA 34 36.00 -42.63 33.16
CA HIS YA 34 37.39 -42.75 33.59
C HIS YA 34 38.31 -42.96 32.39
N HIS YA 35 39.62 -43.02 32.66
CA HIS YA 35 40.58 -43.26 31.59
C HIS YA 35 40.89 -44.75 31.41
N LEU YA 36 40.77 -45.56 32.45
CA LEU YA 36 40.92 -47.01 32.33
C LEU YA 36 39.64 -47.71 32.75
N ILE YA 37 39.19 -48.69 31.96
CA ILE YA 37 38.06 -49.49 32.39
C ILE YA 37 38.36 -50.96 32.18
N GLY YA 38 37.65 -51.80 32.92
CA GLY YA 38 37.78 -53.23 32.76
C GLY YA 38 36.60 -53.78 32.00
N SER YA 39 36.48 -55.10 31.96
CA SER YA 39 35.32 -55.69 31.30
C SER YA 39 34.06 -55.59 32.16
N GLY YA 40 34.21 -55.27 33.44
CA GLY YA 40 33.05 -55.12 34.29
C GLY YA 40 32.21 -53.91 33.94
N ASN YA 41 32.83 -52.88 33.37
CA ASN YA 41 32.08 -51.69 33.02
C ASN YA 41 31.99 -51.44 31.53
N LEU YA 42 32.52 -52.32 30.70
CA LEU YA 42 32.32 -52.19 29.26
C LEU YA 42 30.92 -52.68 28.91
N GLY YA 43 30.22 -51.91 28.08
CA GLY YA 43 28.98 -52.41 27.53
C GLY YA 43 27.80 -52.18 28.44
N LEU YA 44 26.76 -52.99 28.23
CA LEU YA 44 25.49 -52.83 28.91
C LEU YA 44 25.07 -54.07 29.68
N TYR YA 45 25.79 -55.19 29.53
CA TYR YA 45 25.58 -56.35 30.39
C TYR YA 45 25.69 -56.11 31.89
N PRO YA 46 26.55 -55.23 32.43
CA PRO YA 46 26.50 -54.96 33.87
C PRO YA 46 25.23 -54.27 34.35
N ILE YA 47 24.34 -53.82 33.47
CA ILE YA 47 23.01 -53.49 33.94
C ILE YA 47 21.96 -54.49 33.47
N VAL YA 48 22.08 -55.10 32.28
CA VAL YA 48 21.01 -56.03 31.94
C VAL YA 48 21.33 -57.39 32.59
N SER YA 49 21.11 -57.41 33.90
CA SER YA 49 20.81 -58.54 34.72
C SER YA 49 19.75 -58.16 35.73
N SER YA 50 19.49 -56.86 35.88
CA SER YA 50 18.56 -56.30 36.85
C SER YA 50 17.21 -56.12 36.18
N ASN YA 51 16.39 -57.16 36.29
CA ASN YA 51 14.96 -57.21 35.97
C ASN YA 51 14.67 -57.16 34.47
N LYS YA 52 15.69 -56.84 33.66
CA LYS YA 52 15.64 -56.82 32.19
C LYS YA 52 14.52 -55.92 31.66
N ASP YA 53 14.12 -54.90 32.43
CA ASP YA 53 12.98 -54.07 32.08
C ASP YA 53 13.42 -53.06 31.03
N TYR YA 54 12.66 -53.00 29.93
CA TYR YA 54 13.08 -52.20 28.78
C TYR YA 54 13.08 -50.71 29.09
N VAL YA 55 12.10 -50.24 29.88
CA VAL YA 55 12.06 -48.84 30.28
C VAL YA 55 13.25 -48.50 31.17
N HIS YA 56 13.59 -49.41 32.07
CA HIS YA 56 14.72 -49.23 32.97
C HIS YA 56 16.04 -49.17 32.22
N ILE YA 57 16.23 -50.10 31.28
CA ILE YA 57 17.43 -50.10 30.44
C ILE YA 57 17.51 -48.84 29.61
N ARG YA 58 16.37 -48.35 29.12
CA ARG YA 58 16.36 -47.11 28.34
C ARG YA 58 16.72 -45.91 29.21
N ASN YA 59 16.23 -45.87 30.45
CA ASN YA 59 16.52 -44.74 31.33
C ASN YA 59 18.00 -44.69 31.68
N VAL YA 60 18.57 -45.83 32.06
CA VAL YA 60 19.98 -45.79 32.42
C VAL YA 60 20.84 -45.64 31.17
N LEU YA 61 20.36 -46.09 30.02
CA LEU YA 61 21.07 -45.84 28.79
C LEU YA 61 21.06 -44.37 28.41
N ARG YA 62 20.01 -43.65 28.80
CA ARG YA 62 20.06 -42.19 28.73
C ARG YA 62 21.10 -41.62 29.67
N THR YA 63 21.22 -42.19 30.87
CA THR YA 63 22.22 -41.68 31.81
C THR YA 63 23.65 -42.03 31.41
N MET YA 64 23.81 -43.00 30.52
CA MET YA 64 25.13 -43.45 30.11
C MET YA 64 25.90 -42.37 29.36
N VAL YA 65 27.22 -42.55 29.31
CA VAL YA 65 28.12 -41.74 28.52
C VAL YA 65 28.62 -42.60 27.38
N VAL YA 66 28.35 -42.19 26.16
CA VAL YA 66 28.61 -43.02 24.99
C VAL YA 66 30.03 -42.77 24.50
N THR YA 67 30.67 -43.82 23.98
CA THR YA 67 31.96 -43.73 23.35
C THR YA 67 31.91 -44.52 22.06
N ILE YA 68 32.95 -44.40 21.26
CA ILE YA 68 33.04 -45.08 19.97
C ILE YA 68 34.24 -46.00 20.03
N LEU YA 69 34.08 -47.24 19.56
CA LEU YA 69 35.23 -48.13 19.45
C LEU YA 69 36.22 -47.61 18.44
N GLN YA 70 37.50 -47.70 18.78
CA GLN YA 70 38.60 -47.35 17.91
C GLN YA 70 39.78 -48.24 18.25
N LYS YA 71 40.37 -48.83 17.21
CA LYS YA 71 41.71 -49.45 17.21
C LYS YA 71 41.83 -50.54 18.28
N VAL YA 72 41.23 -51.68 18.00
CA VAL YA 72 41.40 -52.85 18.85
C VAL YA 72 42.85 -53.28 18.76
N GLU YA 73 43.61 -53.25 19.87
CA GLU YA 73 45.01 -53.63 19.87
C GLU YA 73 45.35 -54.50 21.09
N GLY YA 74 45.80 -55.71 20.83
CA GLY YA 74 46.10 -56.63 21.92
C GLY YA 74 44.82 -57.04 22.62
N ASN YA 75 44.77 -56.86 23.92
CA ASN YA 75 43.58 -57.09 24.70
C ASN YA 75 43.00 -55.76 25.20
N GLN YA 76 43.73 -54.70 24.95
CA GLN YA 76 43.34 -53.31 25.10
C GLN YA 76 42.40 -52.89 23.97
N LEU YA 77 41.58 -51.90 24.22
CA LEU YA 77 40.47 -51.59 23.31
C LEU YA 77 40.14 -50.11 23.43
N VAL YA 78 40.42 -49.32 22.37
CA VAL YA 78 40.41 -47.87 22.51
C VAL YA 78 38.98 -47.36 22.37
N LEU YA 79 38.59 -46.41 23.20
CA LEU YA 79 37.27 -45.81 23.09
C LEU YA 79 37.44 -44.32 23.03
N ARG YA 80 36.99 -43.70 21.95
CA ARG YA 80 37.01 -42.24 21.88
C ARG YA 80 35.73 -41.68 22.43
N LYS YA 81 35.85 -40.70 23.33
CA LYS YA 81 34.73 -39.94 23.83
C LYS YA 81 34.43 -38.84 22.83
N PRO YA 82 33.33 -38.93 22.09
CA PRO YA 82 33.14 -38.05 20.93
C PRO YA 82 32.76 -36.63 21.30
N MET YA 83 33.42 -35.68 20.64
CA MET YA 83 33.23 -34.28 20.96
C MET YA 83 31.97 -33.73 20.28
N THR YA 84 31.58 -32.54 20.70
CA THR YA 84 30.33 -31.94 20.25
C THR YA 84 30.46 -31.37 18.85
N GLY YA 85 29.54 -31.73 17.96
CA GLY YA 85 29.48 -31.16 16.64
C GLY YA 85 30.55 -31.66 15.70
N GLN YA 86 31.31 -32.66 16.09
CA GLN YA 86 32.34 -33.18 15.20
C GLN YA 86 31.82 -34.38 14.43
N GLN YA 87 32.60 -34.81 13.46
CA GLN YA 87 32.23 -35.86 12.53
C GLN YA 87 32.92 -37.17 12.90
N TYR YA 88 32.14 -38.23 12.99
CA TYR YA 88 32.63 -39.56 13.34
C TYR YA 88 31.91 -40.59 12.48
N ALA YA 89 32.58 -41.71 12.22
CA ALA YA 89 32.00 -42.79 11.44
C ALA YA 89 31.48 -43.87 12.36
N ILE YA 90 30.26 -44.35 12.11
CA ILE YA 90 29.57 -45.29 12.98
C ILE YA 90 29.20 -46.50 12.15
N LYS YA 91 29.62 -47.67 12.59
CA LYS YA 91 29.14 -48.92 12.01
C LYS YA 91 27.80 -49.25 12.63
N ASN YA 92 26.91 -49.81 11.83
CA ASN YA 92 25.52 -49.90 12.26
C ASN YA 92 25.16 -51.32 12.70
N THR YA 93 24.21 -51.39 13.61
CA THR YA 93 23.76 -52.64 14.18
C THR YA 93 22.27 -52.84 14.09
N GLY YA 94 21.49 -51.77 14.10
CA GLY YA 94 20.05 -51.86 14.00
C GLY YA 94 19.64 -52.31 12.62
N PRO YA 95 18.73 -53.26 12.54
CA PRO YA 95 18.37 -53.84 11.24
C PRO YA 95 17.53 -52.89 10.39
N PHE YA 96 18.18 -51.93 9.74
CA PHE YA 96 17.46 -50.87 9.04
C PHE YA 96 18.25 -50.51 7.78
N PRO YA 97 17.63 -49.82 6.82
CA PRO YA 97 18.37 -49.42 5.62
C PRO YA 97 19.10 -48.09 5.69
N TRP YA 98 18.84 -47.25 6.69
CA TRP YA 98 19.69 -46.12 7.06
C TRP YA 98 19.79 -45.06 5.95
N GLU YA 99 18.64 -44.52 5.57
CA GLU YA 99 18.59 -43.40 4.63
C GLU YA 99 19.23 -42.17 5.25
N LYS YA 100 19.97 -41.41 4.44
CA LYS YA 100 20.75 -40.31 4.97
C LYS YA 100 19.86 -39.14 5.38
N GLY YA 101 20.49 -38.15 6.01
CA GLY YA 101 19.82 -36.92 6.37
C GLY YA 101 19.05 -36.96 7.67
N ASP YA 102 18.78 -38.14 8.20
CA ASP YA 102 17.93 -38.25 9.37
C ASP YA 102 18.75 -38.21 10.65
N THR YA 103 18.05 -38.01 11.76
CA THR YA 103 18.69 -38.06 13.05
C THR YA 103 18.61 -39.47 13.62
N LEU YA 104 19.53 -39.76 14.53
CA LEU YA 104 19.61 -41.08 15.13
C LEU YA 104 19.56 -40.95 16.63
N THR YA 105 18.91 -41.90 17.26
CA THR YA 105 19.00 -42.07 18.70
C THR YA 105 19.60 -43.44 18.97
N LEU YA 106 19.74 -43.72 20.25
CA LEU YA 106 20.44 -44.90 20.72
C LEU YA 106 19.52 -45.66 21.67
N ILE YA 107 19.18 -46.89 21.31
CA ILE YA 107 18.02 -47.57 21.87
C ILE YA 107 18.52 -48.87 22.52
N PRO YA 108 17.83 -49.40 23.54
CA PRO YA 108 18.23 -50.70 24.09
C PRO YA 108 18.04 -51.81 23.07
N PRO YA 109 18.74 -52.94 23.23
CA PRO YA 109 18.67 -54.00 22.22
C PRO YA 109 17.34 -54.72 22.26
N LEU YA 110 16.65 -54.73 21.13
CA LEU YA 110 15.43 -55.50 20.97
C LEU YA 110 15.82 -56.96 20.78
N SER YA 111 15.38 -57.81 21.69
CA SER YA 111 15.89 -59.19 21.78
C SER YA 111 15.33 -60.02 20.64
N THR YA 112 16.18 -60.34 19.67
CA THR YA 112 15.83 -61.28 18.61
C THR YA 112 15.89 -62.70 19.14
N HIS YA 113 15.41 -63.64 18.32
CA HIS YA 113 15.38 -65.04 18.73
C HIS YA 113 16.77 -65.66 18.75
N SER YA 114 17.58 -65.39 17.72
CA SER YA 114 18.95 -65.88 17.68
C SER YA 114 19.79 -65.14 18.70
N GLU YA 115 20.62 -65.89 19.44
CA GLU YA 115 21.56 -65.28 20.38
C GLU YA 115 22.59 -64.44 19.63
N GLU YA 116 23.13 -63.46 20.34
CA GLU YA 116 24.13 -62.59 19.75
C GLU YA 116 25.39 -63.35 19.39
N LYS YA 117 25.81 -63.18 18.15
CA LYS YA 117 27.09 -63.71 17.66
C LYS YA 117 28.20 -62.66 17.82
N LEU YA 118 28.26 -62.06 19.01
CA LEU YA 118 29.19 -60.97 19.22
C LEU YA 118 30.28 -61.37 20.21
N LEU YA 119 29.91 -61.59 21.47
CA LEU YA 119 30.90 -61.84 22.49
C LEU YA 119 30.17 -62.38 23.70
N LYS YA 120 30.47 -63.62 24.08
CA LYS YA 120 29.96 -64.21 25.31
C LYS YA 120 31.16 -64.90 25.94
N LEU YA 121 31.64 -64.36 27.05
CA LEU YA 121 32.97 -64.74 27.53
C LEU YA 121 32.97 -64.75 29.05
N GLY YA 122 32.88 -65.94 29.64
CA GLY YA 122 32.99 -66.13 31.06
C GLY YA 122 31.94 -65.42 31.88
N ASP YA 123 30.67 -65.75 31.63
CA ASP YA 123 29.50 -65.13 32.28
C ASP YA 123 29.43 -63.63 32.05
N TRP YA 124 30.03 -63.15 30.97
CA TRP YA 124 30.01 -61.74 30.61
C TRP YA 124 29.83 -61.63 29.11
N GLU YA 125 28.92 -60.77 28.68
CA GLU YA 125 28.63 -60.58 27.28
C GLU YA 125 28.91 -59.14 26.90
N LEU YA 126 28.88 -58.87 25.60
CA LEU YA 126 29.04 -57.52 25.11
C LEU YA 126 27.67 -57.05 24.62
N THR YA 127 26.90 -56.48 25.53
CA THR YA 127 25.59 -55.97 25.19
C THR YA 127 25.76 -54.59 24.56
N VAL YA 128 25.63 -54.53 23.25
CA VAL YA 128 25.74 -53.28 22.51
C VAL YA 128 24.34 -52.77 22.21
N PRO YA 129 24.00 -51.56 22.62
CA PRO YA 129 22.69 -51.01 22.29
C PRO YA 129 22.62 -50.66 20.83
N LEU YA 130 21.40 -50.68 20.28
CA LEU YA 130 21.25 -50.43 18.86
C LEU YA 130 21.25 -48.94 18.60
N VAL YA 131 21.48 -48.57 17.34
CA VAL YA 131 21.32 -47.21 16.89
C VAL YA 131 20.18 -47.20 15.89
N VAL YA 132 19.18 -46.36 16.12
CA VAL YA 132 17.97 -46.40 15.30
C VAL YA 132 17.62 -44.99 14.89
N PRO YA 133 16.80 -44.83 13.85
CA PRO YA 133 16.22 -43.51 13.57
C PRO YA 133 15.31 -43.01 14.68
N THR YA 134 15.24 -41.68 14.78
CA THR YA 134 14.52 -41.03 15.86
C THR YA 134 13.02 -41.29 15.77
N ALA YA 135 12.51 -41.43 14.54
CA ALA YA 135 11.07 -41.65 14.34
C ALA YA 135 10.63 -43.00 14.90
N ILE YA 136 11.41 -44.05 14.64
CA ILE YA 136 11.04 -45.33 15.21
C ILE YA 136 11.36 -45.39 16.70
N ALA YA 137 12.29 -44.58 17.19
CA ALA YA 137 12.48 -44.50 18.63
C ALA YA 137 11.25 -43.91 19.32
N ALA YA 138 10.71 -42.84 18.73
CA ALA YA 138 9.46 -42.27 19.21
C ALA YA 138 8.30 -43.24 19.07
N GLU YA 139 8.32 -44.06 18.01
CA GLU YA 139 7.28 -45.06 17.82
C GLU YA 139 7.30 -46.10 18.92
N ILE YA 140 8.50 -46.57 19.29
CA ILE YA 140 8.61 -47.52 20.38
C ILE YA 140 8.18 -46.91 21.70
N ASN YA 141 8.53 -45.63 21.94
CA ASN YA 141 8.12 -44.99 23.17
C ASN YA 141 6.61 -44.79 23.24
N ILE YA 142 5.97 -44.53 22.08
CA ILE YA 142 4.51 -44.53 21.99
C ILE YA 142 3.94 -45.88 22.36
N ARG YA 143 4.51 -46.96 21.81
CA ARG YA 143 3.98 -48.29 22.07
C ARG YA 143 4.08 -48.65 23.55
N LEU YA 144 5.17 -48.27 24.19
CA LEU YA 144 5.33 -48.51 25.62
C LEU YA 144 4.31 -47.73 26.45
N LEU YA 145 4.14 -46.43 26.14
CA LEU YA 145 3.16 -45.61 26.86
C LEU YA 145 1.73 -46.13 26.65
N CYS YA 146 1.48 -46.67 25.46
CA CYS YA 146 0.16 -47.19 25.13
C CYS YA 146 -0.10 -48.48 25.89
N ILE YA 147 0.92 -49.33 26.02
CA ILE YA 147 0.79 -50.55 26.82
C ILE YA 147 0.64 -50.19 28.31
N GLY YA 148 1.22 -49.08 28.74
CA GLY YA 148 0.97 -48.62 30.11
C GLY YA 148 -0.48 -48.24 30.34
N LEU YA 149 -1.02 -47.39 29.46
CA LEU YA 149 -2.43 -46.99 29.53
C LEU YA 149 -3.39 -48.16 29.39
N ILE YA 150 -3.03 -49.18 28.61
CA ILE YA 150 -3.96 -50.29 28.44
C ILE YA 150 -3.76 -51.38 29.51
N ALA YA 151 -2.54 -51.58 30.00
CA ALA YA 151 -2.32 -52.58 31.02
C ALA YA 151 -2.74 -52.11 32.41
N VAL YA 152 -3.03 -50.81 32.56
CA VAL YA 152 -3.85 -50.37 33.69
C VAL YA 152 -5.21 -51.07 33.66
N HIS YA 153 -5.81 -51.20 32.48
CA HIS YA 153 -7.07 -51.93 32.35
C HIS YA 153 -6.83 -53.41 32.52
N ARG YA 154 -6.98 -53.87 33.76
CA ARG YA 154 -6.57 -55.22 34.14
C ARG YA 154 -7.51 -56.25 33.55
N GLU YA 155 -6.96 -57.17 32.77
CA GLU YA 155 -7.77 -58.17 32.09
C GLU YA 155 -7.08 -59.51 32.10
N TYR YA 156 -7.71 -60.47 31.44
CA TYR YA 156 -7.18 -61.81 31.24
C TYR YA 156 -7.48 -62.17 29.79
N ASN YA 157 -6.40 -62.40 29.03
CA ASN YA 157 -6.31 -62.70 27.59
C ASN YA 157 -6.61 -61.49 26.72
N GLU YA 158 -7.15 -60.41 27.29
CA GLU YA 158 -7.31 -59.21 26.50
C GLU YA 158 -6.01 -58.45 26.43
N MET YA 159 -5.18 -58.55 27.48
CA MET YA 159 -3.80 -58.07 27.42
C MET YA 159 -3.06 -58.76 26.29
N GLN YA 160 -3.26 -60.08 26.14
CA GLN YA 160 -2.60 -60.82 25.07
C GLN YA 160 -3.14 -60.43 23.71
N THR YA 161 -4.47 -60.27 23.60
CA THR YA 161 -5.10 -59.90 22.34
C THR YA 161 -4.70 -58.48 21.91
N ILE YA 162 -4.38 -57.62 22.86
CA ILE YA 162 -3.84 -56.32 22.53
C ILE YA 162 -2.37 -56.42 22.12
N ILE YA 163 -1.57 -57.15 22.91
CA ILE YA 163 -0.12 -57.14 22.76
C ILE YA 163 0.30 -57.81 21.46
N ASP YA 164 -0.31 -58.94 21.10
CA ASP YA 164 0.12 -59.63 19.89
C ASP YA 164 -0.24 -58.87 18.61
N GLU YA 165 -1.30 -58.07 18.66
CA GLU YA 165 -1.60 -57.18 17.55
C GLU YA 165 -0.69 -55.97 17.56
N LEU YA 166 -0.33 -55.48 18.75
CA LEU YA 166 0.35 -54.20 18.86
C LEU YA 166 1.83 -54.30 18.52
N CYS YA 167 2.52 -55.26 19.13
CA CYS YA 167 3.96 -55.13 19.35
C CYS YA 167 4.76 -55.30 18.07
N SER YA 168 4.35 -56.20 17.19
CA SER YA 168 5.06 -56.41 15.93
C SER YA 168 4.76 -55.25 15.00
N ILE YA 169 5.75 -54.40 14.76
CA ILE YA 169 5.58 -53.22 13.92
C ILE YA 169 6.52 -53.31 12.73
N GLN YA 170 6.19 -52.56 11.69
CA GLN YA 170 6.95 -52.57 10.44
C GLN YA 170 7.31 -51.15 10.05
N TYR YA 171 8.60 -50.86 10.02
CA TYR YA 171 9.14 -49.58 9.59
C TYR YA 171 10.29 -49.86 8.65
N ARG YA 172 10.18 -49.38 7.40
CA ARG YA 172 11.14 -49.61 6.32
C ARG YA 172 11.35 -51.09 6.08
N ASP YA 173 10.22 -51.81 5.95
CA ASP YA 173 10.16 -53.23 5.54
C ASP YA 173 10.89 -54.12 6.55
N VAL YA 174 10.78 -53.80 7.84
CA VAL YA 174 11.52 -54.50 8.89
C VAL YA 174 10.56 -54.77 10.05
N LEU YA 175 10.43 -56.03 10.44
CA LEU YA 175 9.57 -56.41 11.55
C LEU YA 175 10.37 -56.53 12.83
N ILE YA 176 9.96 -55.78 13.86
CA ILE YA 176 10.59 -55.85 15.18
C ILE YA 176 9.48 -55.94 16.23
N LYS YA 177 9.84 -56.46 17.39
CA LYS YA 177 8.89 -56.61 18.48
C LYS YA 177 9.65 -56.65 19.79
N LEU YA 178 8.98 -56.27 20.86
CA LEU YA 178 9.62 -56.18 22.17
C LEU YA 178 8.81 -56.91 23.23
N PRO YA 179 9.31 -58.01 23.78
CA PRO YA 179 8.47 -58.86 24.63
C PRO YA 179 8.59 -58.49 26.10
N ASP YA 180 7.77 -59.18 26.90
CA ASP YA 180 7.93 -59.37 28.35
C ASP YA 180 7.97 -58.03 29.08
N ILE YA 181 6.88 -57.29 28.94
CA ILE YA 181 6.71 -56.03 29.63
C ILE YA 181 5.90 -56.33 30.87
N VAL YA 182 6.55 -56.33 32.03
CA VAL YA 182 5.87 -56.67 33.28
C VAL YA 182 5.06 -55.51 33.79
N ASN YA 183 5.14 -54.34 33.14
CA ASN YA 183 4.29 -53.17 33.35
C ASN YA 183 4.41 -52.65 34.78
N ASP YA 184 5.63 -52.24 35.08
CA ASP YA 184 5.96 -51.67 36.38
C ASP YA 184 5.39 -50.27 36.51
N LYS YA 185 5.50 -49.74 37.72
CA LYS YA 185 4.91 -48.44 38.03
C LYS YA 185 5.76 -47.29 37.50
N GLN YA 186 6.97 -47.57 36.99
CA GLN YA 186 7.80 -46.52 36.43
C GLN YA 186 7.21 -45.95 35.14
N SER YA 187 6.48 -46.76 34.37
CA SER YA 187 5.75 -46.22 33.23
C SER YA 187 4.51 -45.47 33.69
N MET YA 188 4.03 -45.76 34.90
CA MET YA 188 2.81 -45.12 35.37
C MET YA 188 3.05 -43.64 35.68
N TYR YA 189 4.24 -43.28 36.15
CA TYR YA 189 4.51 -41.85 36.33
C TYR YA 189 4.60 -41.14 34.99
N SER YA 190 5.31 -41.73 34.03
CA SER YA 190 5.46 -41.13 32.71
C SER YA 190 4.14 -41.07 31.96
N MET YA 191 3.16 -41.86 32.38
CA MET YA 191 1.82 -41.82 31.83
C MET YA 191 0.88 -40.88 32.58
N LYS YA 192 1.14 -40.65 33.86
CA LYS YA 192 0.33 -39.72 34.65
C LYS YA 192 0.43 -38.31 34.11
N THR YA 193 1.62 -37.91 33.66
CA THR YA 193 1.78 -36.56 33.14
C THR YA 193 1.13 -36.39 31.78
N ALA YA 194 1.08 -37.45 30.98
CA ALA YA 194 0.29 -37.40 29.75
C ALA YA 194 -1.18 -37.23 30.08
N CYS YA 195 -1.64 -37.91 31.13
CA CYS YA 195 -3.03 -37.78 31.57
C CYS YA 195 -3.35 -36.35 32.04
N ILE YA 196 -2.42 -35.74 32.78
CA ILE YA 196 -2.54 -34.33 33.21
C ILE YA 196 -2.69 -33.42 32.01
N SER YA 197 -1.82 -33.60 31.02
CA SER YA 197 -1.82 -32.70 29.89
C SER YA 197 -3.05 -32.88 29.02
N LEU YA 198 -3.61 -34.09 28.94
CA LEU YA 198 -4.84 -34.25 28.17
C LEU YA 198 -6.01 -33.58 28.88
N SER YA 199 -6.02 -33.63 30.22
CA SER YA 199 -7.04 -32.90 30.98
C SER YA 199 -6.94 -31.40 30.72
N MET YA 200 -5.72 -30.88 30.64
CA MET YA 200 -5.58 -29.44 30.47
C MET YA 200 -5.85 -28.98 29.06
N ILE YA 201 -5.50 -29.81 28.06
CA ILE YA 201 -5.88 -29.54 26.68
C ILE YA 201 -7.39 -29.44 26.56
N THR YA 202 -8.11 -30.36 27.22
CA THR YA 202 -9.56 -30.31 27.26
C THR YA 202 -10.07 -29.02 27.88
N ALA YA 203 -9.54 -28.64 29.04
CA ALA YA 203 -10.11 -27.48 29.73
C ALA YA 203 -9.73 -26.15 29.07
N MET YA 204 -8.55 -26.06 28.46
CA MET YA 204 -8.11 -24.82 27.83
C MET YA 204 -8.27 -24.84 26.32
N ALA YA 205 -8.97 -25.80 25.78
CA ALA YA 205 -9.23 -25.81 24.35
C ALA YA 205 -10.22 -24.70 24.00
N PRO YA 206 -9.92 -23.88 23.01
CA PRO YA 206 -10.79 -22.76 22.65
C PRO YA 206 -12.10 -23.17 22.00
N ASP YA 207 -12.91 -22.18 21.64
CA ASP YA 207 -14.16 -22.45 20.93
C ASP YA 207 -13.98 -22.57 19.43
N ILE YA 208 -12.83 -22.17 18.90
CA ILE YA 208 -12.65 -22.24 17.46
C ILE YA 208 -12.42 -23.68 17.02
N VAL YA 209 -11.86 -24.51 17.89
CA VAL YA 209 -11.15 -25.71 17.47
C VAL YA 209 -12.11 -26.89 17.29
N ARG YA 210 -12.89 -27.17 18.33
CA ARG YA 210 -13.94 -28.17 18.23
C ARG YA 210 -15.02 -27.74 17.23
N THR YA 211 -15.19 -26.44 17.03
CA THR YA 211 -16.03 -25.96 15.95
C THR YA 211 -15.40 -26.24 14.59
N TYR YA 212 -14.07 -26.14 14.50
CA TYR YA 212 -13.36 -26.31 13.23
C TYR YA 212 -13.54 -27.70 12.67
N ILE YA 213 -13.63 -28.72 13.54
CA ILE YA 213 -13.99 -30.06 13.03
C ILE YA 213 -15.30 -30.02 12.25
N ASP YA 214 -16.38 -29.56 12.89
CA ASP YA 214 -17.70 -29.65 12.26
C ASP YA 214 -17.81 -28.71 11.08
N ARG YA 215 -17.13 -27.56 11.15
CA ARG YA 215 -17.19 -26.59 10.07
C ARG YA 215 -16.47 -27.11 8.84
N LEU YA 216 -15.33 -27.79 9.02
CA LEU YA 216 -14.67 -28.34 7.85
C LEU YA 216 -15.39 -29.57 7.31
N THR YA 217 -16.11 -30.31 8.16
CA THR YA 217 -16.97 -31.36 7.62
C THR YA 217 -18.09 -30.79 6.77
N LEU YA 218 -18.61 -29.61 7.14
CA LEU YA 218 -19.65 -29.03 6.31
C LEU YA 218 -19.10 -28.38 5.05
N GLU YA 219 -17.90 -27.80 5.11
CA GLU YA 219 -17.35 -27.13 3.95
C GLU YA 219 -16.70 -28.11 2.96
N ASP YA 220 -15.75 -28.93 3.40
CA ASP YA 220 -15.09 -29.89 2.53
C ASP YA 220 -15.53 -31.31 2.91
N HIS YA 221 -15.13 -32.27 2.07
CA HIS YA 221 -15.55 -33.64 2.23
C HIS YA 221 -14.51 -34.59 1.65
N SER YA 222 -14.07 -35.55 2.46
CA SER YA 222 -13.03 -36.45 1.96
C SER YA 222 -13.07 -37.73 2.78
N MET YA 223 -12.55 -38.79 2.16
CA MET YA 223 -12.47 -40.11 2.78
C MET YA 223 -11.55 -40.07 3.98
N LEU YA 224 -10.45 -39.33 3.82
CA LEU YA 224 -9.42 -39.11 4.84
C LEU YA 224 -10.06 -38.37 6.00
N LEU YA 225 -10.89 -37.39 5.66
CA LEU YA 225 -11.64 -36.60 6.64
C LEU YA 225 -12.65 -37.49 7.36
N ILE YA 226 -13.19 -38.44 6.60
CA ILE YA 226 -14.17 -39.40 7.07
C ILE YA 226 -13.57 -40.28 8.16
N LYS YA 227 -12.29 -40.60 8.02
CA LYS YA 227 -11.61 -41.43 9.00
C LYS YA 227 -11.69 -40.70 10.33
N CYS YA 228 -11.51 -39.39 10.30
CA CYS YA 228 -11.63 -38.61 11.52
C CYS YA 228 -13.10 -38.47 11.96
N GLN YA 229 -14.02 -38.38 11.00
CA GLN YA 229 -15.45 -38.49 11.27
C GLN YA 229 -15.80 -39.84 11.88
N GLU YA 230 -15.10 -40.91 11.47
CA GLU YA 230 -15.34 -42.23 12.02
C GLU YA 230 -14.85 -42.34 13.45
N LEU YA 231 -13.72 -41.69 13.79
CA LEU YA 231 -13.32 -41.65 15.19
C LEU YA 231 -14.31 -40.84 16.03
N LEU YA 232 -14.71 -39.66 15.54
CA LEU YA 232 -15.63 -38.84 16.31
C LEU YA 232 -17.03 -39.45 16.37
N SER YA 233 -17.38 -40.32 15.41
CA SER YA 233 -18.63 -41.06 15.49
C SER YA 233 -18.52 -42.29 16.37
N LYS YA 234 -17.34 -42.90 16.41
CA LYS YA 234 -17.13 -44.12 17.16
C LYS YA 234 -17.05 -43.85 18.65
N ARG YA 235 -16.52 -42.68 19.03
CA ARG YA 235 -16.58 -42.29 20.44
C ARG YA 235 -17.28 -40.94 20.54
N THR YA 236 -18.34 -40.89 21.35
CA THR YA 236 -19.08 -39.66 21.60
C THR YA 236 -19.32 -39.57 23.10
N THR YA 237 -18.25 -39.83 23.86
CA THR YA 237 -18.29 -39.96 25.30
C THR YA 237 -18.08 -38.61 26.01
N LEU YA 238 -18.17 -37.49 25.28
CA LEU YA 238 -18.11 -36.18 25.91
C LEU YA 238 -19.43 -35.43 25.75
N SER YA 239 -19.85 -35.17 24.51
CA SER YA 239 -21.16 -34.64 24.12
C SER YA 239 -21.54 -33.29 24.69
N THR YA 240 -20.59 -32.57 25.33
CA THR YA 240 -20.89 -31.29 25.95
C THR YA 240 -20.71 -30.19 24.92
N GLN YA 241 -21.81 -29.79 24.30
CA GLN YA 241 -21.79 -28.74 23.29
C GLN YA 241 -21.83 -27.36 23.94
N ARG YA 242 -21.04 -26.44 23.38
CA ARG YA 242 -20.95 -25.06 23.83
C ARG YA 242 -22.15 -24.25 23.34
N CYS YA 243 -22.25 -23.03 23.84
CA CYS YA 243 -23.42 -22.18 23.58
C CYS YA 243 -23.19 -21.22 22.41
N GLY YA 244 -22.14 -20.42 22.46
CA GLY YA 244 -21.99 -19.28 21.58
C GLY YA 244 -21.07 -19.57 20.41
N GLN YA 245 -21.43 -19.03 19.25
CA GLN YA 245 -20.63 -19.16 18.05
C GLN YA 245 -20.48 -17.82 17.37
N LEU YA 246 -20.17 -16.79 18.15
CA LEU YA 246 -20.12 -15.45 17.61
C LEU YA 246 -18.71 -14.95 17.35
N HIS YA 247 -17.77 -15.29 18.24
CA HIS YA 247 -16.35 -14.92 18.14
C HIS YA 247 -16.18 -13.41 18.05
N ALA YA 248 -16.82 -12.71 18.98
CA ALA YA 248 -16.97 -11.26 18.87
C ALA YA 248 -15.74 -10.56 19.46
N THR YA 249 -14.61 -10.78 18.77
CA THR YA 249 -13.30 -10.19 19.06
C THR YA 249 -12.85 -10.52 20.49
N ASP YA 250 -12.67 -11.81 20.70
CA ASP YA 250 -12.09 -12.36 21.92
C ASP YA 250 -10.66 -12.80 21.66
N ILE YA 251 -9.97 -12.08 20.77
CA ILE YA 251 -8.91 -12.69 20.00
C ILE YA 251 -7.64 -12.84 20.84
N LYS YA 252 -7.46 -12.00 21.86
CA LYS YA 252 -6.30 -12.15 22.72
C LYS YA 252 -6.45 -13.35 23.65
N ASP YA 253 -7.67 -13.56 24.14
CA ASP YA 253 -7.98 -14.77 24.90
C ASP YA 253 -7.80 -16.00 24.03
N GLU YA 254 -8.16 -15.90 22.75
CA GLU YA 254 -7.97 -17.03 21.83
C GLU YA 254 -6.50 -17.35 21.61
N LEU YA 255 -5.68 -16.30 21.45
CA LEU YA 255 -4.23 -16.49 21.34
C LEU YA 255 -3.65 -17.14 22.58
N LYS YA 256 -4.08 -16.67 23.77
CA LYS YA 256 -3.59 -17.21 25.03
C LYS YA 256 -3.96 -18.68 25.18
N LYS YA 257 -5.19 -19.04 24.80
CA LYS YA 257 -5.62 -20.42 24.90
C LYS YA 257 -4.90 -21.33 23.91
N ILE YA 258 -4.66 -20.83 22.68
CA ILE YA 258 -3.98 -21.67 21.70
C ILE YA 258 -2.51 -21.86 22.05
N LYS YA 259 -1.88 -20.83 22.64
CA LYS YA 259 -0.53 -21.00 23.16
C LYS YA 259 -0.48 -22.05 24.26
N SER YA 260 -1.50 -22.07 25.14
CA SER YA 260 -1.55 -23.08 26.18
C SER YA 260 -1.72 -24.48 25.62
N VAL YA 261 -2.59 -24.64 24.60
CA VAL YA 261 -2.85 -25.96 24.03
C VAL YA 261 -1.61 -26.50 23.35
N LEU YA 262 -0.92 -25.64 22.58
CA LEU YA 262 0.35 -26.02 21.98
C LEU YA 262 1.38 -26.41 23.01
N THR YA 263 1.44 -25.70 24.14
CA THR YA 263 2.46 -26.01 25.13
C THR YA 263 2.18 -27.33 25.84
N MET YA 264 0.91 -27.66 26.08
CA MET YA 264 0.61 -28.98 26.66
C MET YA 264 0.96 -30.10 25.68
N ILE YA 265 0.70 -29.86 24.39
CA ILE YA 265 1.12 -30.80 23.36
C ILE YA 265 2.63 -30.96 23.35
N ASP YA 266 3.37 -29.86 23.56
CA ASP YA 266 4.82 -29.96 23.65
C ASP YA 266 5.26 -30.77 24.85
N GLN YA 267 4.50 -30.72 25.95
CA GLN YA 267 4.87 -31.52 27.11
C GLN YA 267 4.70 -33.02 26.81
N ILE YA 268 3.59 -33.38 26.15
CA ILE YA 268 3.41 -34.81 25.81
C ILE YA 268 4.46 -35.26 24.79
N ASN YA 269 4.86 -34.35 23.91
CA ASN YA 269 5.91 -34.67 22.96
C ASN YA 269 7.26 -34.82 23.66
N SER YA 270 7.50 -34.03 24.70
CA SER YA 270 8.74 -34.14 25.45
C SER YA 270 8.79 -35.43 26.26
N LEU YA 271 7.64 -35.97 26.62
CA LEU YA 271 7.58 -37.34 27.10
C LEU YA 271 8.00 -38.33 26.03
N THR YA 272 7.27 -38.32 24.91
CA THR YA 272 7.38 -39.41 23.95
C THR YA 272 8.61 -39.32 23.07
N ASN YA 273 9.34 -38.22 23.14
CA ASN YA 273 10.42 -37.92 22.21
C ASN YA 273 11.75 -38.22 22.87
N GLU YA 274 12.61 -38.95 22.17
CA GLU YA 274 13.93 -39.31 22.67
C GLU YA 274 15.01 -38.46 22.00
N LYS YA 275 16.11 -38.29 22.70
CA LYS YA 275 17.15 -37.34 22.29
C LYS YA 275 17.92 -37.84 21.08
N THR YA 276 18.04 -36.99 20.06
CA THR YA 276 18.87 -37.29 18.90
C THR YA 276 20.33 -37.35 19.32
N TYR YA 277 20.98 -38.50 19.08
CA TYR YA 277 22.40 -38.63 19.35
C TYR YA 277 23.28 -38.43 18.12
N PHE YA 278 22.76 -38.68 16.93
CA PHE YA 278 23.61 -38.64 15.75
C PHE YA 278 22.85 -38.09 14.57
N VAL YA 279 23.58 -37.43 13.68
CA VAL YA 279 23.04 -36.85 12.45
C VAL YA 279 23.83 -37.37 11.28
N VAL YA 280 23.18 -38.14 10.41
CA VAL YA 280 23.86 -38.81 9.31
C VAL YA 280 24.12 -37.81 8.20
N CYS YA 281 25.34 -37.85 7.64
CA CYS YA 281 25.65 -37.12 6.42
C CYS YA 281 25.95 -38.04 5.25
N ASP YA 282 26.88 -38.96 5.39
CA ASP YA 282 27.32 -39.80 4.29
C ASP YA 282 27.19 -41.25 4.68
N VAL YA 283 26.60 -42.04 3.80
CA VAL YA 283 26.35 -43.46 4.05
C VAL YA 283 27.17 -44.26 3.05
N SER YA 284 27.80 -45.34 3.53
CA SER YA 284 28.41 -46.29 2.63
C SER YA 284 27.36 -47.00 1.79
N ALA YA 285 27.80 -47.53 0.65
CA ALA YA 285 26.89 -48.26 -0.23
C ALA YA 285 26.45 -49.59 0.38
N ASP YA 286 27.18 -50.10 1.37
CA ASP YA 286 26.78 -51.31 2.08
C ASP YA 286 25.65 -51.05 3.05
N ASN YA 287 25.39 -49.78 3.36
CA ASN YA 287 24.59 -49.34 4.52
C ASN YA 287 25.14 -49.95 5.80
N ARG YA 288 26.46 -50.06 5.89
CA ARG YA 288 27.10 -50.70 7.02
C ARG YA 288 27.84 -49.73 7.90
N MET YA 289 28.46 -48.70 7.33
CA MET YA 289 29.06 -47.62 8.08
C MET YA 289 28.55 -46.31 7.52
N ALA YA 290 28.39 -45.32 8.40
CA ALA YA 290 27.89 -44.03 7.96
C ALA YA 290 28.47 -42.94 8.84
N THR YA 291 28.60 -41.75 8.28
CA THR YA 291 29.23 -40.67 9.01
C THR YA 291 28.17 -39.80 9.64
N CYS YA 292 28.50 -39.25 10.79
CA CYS YA 292 27.62 -38.35 11.52
C CYS YA 292 28.38 -37.10 11.93
N ILE YA 293 27.66 -35.99 12.05
CA ILE YA 293 28.29 -34.79 12.62
C ILE YA 293 27.57 -34.33 13.88
N TYR YA 294 27.61 -35.18 14.91
CA TYR YA 294 26.96 -34.86 16.18
C TYR YA 294 27.14 -36.01 17.17
N LYS YA 295 27.59 -35.68 18.38
CA LYS YA 295 27.83 -36.67 19.43
C LYS YA 295 27.16 -36.28 20.75
N ASN YA 296 25.87 -36.61 20.88
CA ASN YA 296 25.10 -36.28 22.08
C ASN YA 296 25.24 -34.81 22.48
N MET ZA 1 23.45 33.17 -67.55
CA MET ZA 1 22.06 33.61 -67.46
C MET ZA 1 21.77 34.24 -66.10
N GLU ZA 2 22.40 33.69 -65.06
CA GLU ZA 2 22.21 34.19 -63.71
C GLU ZA 2 22.68 35.63 -63.58
N THR ZA 3 23.81 35.95 -64.21
CA THR ZA 3 24.36 37.29 -64.17
C THR ZA 3 23.76 38.16 -65.26
N VAL ZA 4 23.44 39.40 -64.92
CA VAL ZA 4 22.84 40.34 -65.86
C VAL ZA 4 23.60 41.64 -65.77
N TYR ZA 5 24.14 42.10 -66.89
CA TYR ZA 5 24.89 43.34 -66.95
C TYR ZA 5 23.95 44.47 -67.32
N CYS ZA 6 23.87 45.49 -66.47
CA CYS ZA 6 23.17 46.72 -66.83
C CYS ZA 6 24.20 47.82 -67.07
N THR ZA 7 24.09 48.47 -68.22
CA THR ZA 7 24.95 49.59 -68.58
C THR ZA 7 24.05 50.76 -68.91
N PHE ZA 8 24.26 51.88 -68.23
CA PHE ZA 8 23.33 52.99 -68.29
C PHE ZA 8 23.41 53.70 -69.63
N ASP ZA 9 22.24 54.05 -70.17
CA ASP ZA 9 22.20 54.77 -71.43
C ASP ZA 9 22.62 56.23 -71.24
N HIS ZA 10 22.06 56.89 -70.24
CA HIS ZA 10 22.48 58.24 -69.91
C HIS ZA 10 23.79 58.19 -69.15
N LYS ZA 11 24.63 59.21 -69.36
CA LYS ZA 11 25.86 59.29 -68.60
C LYS ZA 11 25.58 59.66 -67.14
N LEU ZA 12 26.57 59.49 -66.29
CA LEU ZA 12 26.38 59.75 -64.86
C LEU ZA 12 27.49 60.61 -64.29
N SER ZA 13 27.45 60.84 -62.98
CA SER ZA 13 28.41 61.69 -62.29
C SER ZA 13 28.99 60.94 -61.10
N LEU ZA 14 29.98 61.56 -60.47
CA LEU ZA 14 30.69 60.92 -59.38
C LEU ZA 14 29.82 60.80 -58.14
N SER ZA 15 28.92 61.77 -57.92
CA SER ZA 15 27.94 61.64 -56.84
C SER ZA 15 26.99 60.48 -57.12
N ASP ZA 16 26.63 60.28 -58.39
CA ASP ZA 16 25.77 59.17 -58.77
C ASP ZA 16 26.45 57.85 -58.51
N ILE ZA 17 27.73 57.75 -58.89
CA ILE ZA 17 28.43 56.48 -58.72
C ILE ZA 17 28.77 56.26 -57.25
N SER ZA 18 28.86 57.34 -56.46
CA SER ZA 18 29.03 57.19 -55.02
C SER ZA 18 27.76 56.66 -54.38
N THR ZA 19 26.60 57.13 -54.85
CA THR ZA 19 25.34 56.59 -54.35
C THR ZA 19 25.18 55.13 -54.74
N LEU ZA 20 25.60 54.78 -55.95
CA LEU ZA 20 25.55 53.38 -56.37
C LEU ZA 20 26.51 52.50 -55.57
N CYS ZA 21 27.68 53.03 -55.19
CA CYS ZA 21 28.57 52.26 -54.32
C CYS ZA 21 27.99 52.10 -52.92
N LYS ZA 22 27.25 53.10 -52.45
CA LYS ZA 22 26.52 52.91 -51.20
C LYS ZA 22 25.34 51.97 -51.36
N LEU ZA 23 24.79 51.87 -52.55
CA LEU ZA 23 23.49 51.28 -52.77
C LEU ZA 23 23.56 49.77 -53.00
N MET ZA 24 24.71 49.16 -52.73
CA MET ZA 24 25.01 47.78 -53.06
C MET ZA 24 24.15 46.82 -52.25
N ASN ZA 25 23.93 45.62 -52.80
CA ASN ZA 25 23.16 44.52 -52.18
C ASN ZA 25 21.70 44.91 -51.98
N ILE ZA 26 21.13 45.51 -53.00
CA ILE ZA 26 19.72 45.87 -52.99
C ILE ZA 26 18.99 45.04 -54.03
N VAL ZA 27 17.82 44.54 -53.64
CA VAL ZA 27 16.98 43.75 -54.52
C VAL ZA 27 16.31 44.66 -55.52
N ILE ZA 28 16.60 44.46 -56.80
CA ILE ZA 28 16.04 45.25 -57.88
C ILE ZA 28 15.39 44.29 -58.87
N PRO ZA 29 14.14 44.51 -59.26
CA PRO ZA 29 13.51 43.64 -60.26
C PRO ZA 29 13.81 44.08 -61.67
N ILE ZA 30 13.89 43.09 -62.57
CA ILE ZA 30 14.00 43.34 -64.00
C ILE ZA 30 12.93 42.54 -64.72
N PRO ZA 31 12.41 43.02 -65.84
CA PRO ZA 31 11.46 42.24 -66.63
C PRO ZA 31 12.06 41.45 -67.78
N ALA ZA 32 13.32 41.72 -68.12
CA ALA ZA 32 13.84 41.34 -69.43
C ALA ZA 32 14.27 39.88 -69.50
N HIS ZA 33 14.99 39.41 -68.47
CA HIS ZA 33 15.63 38.09 -68.43
C HIS ZA 33 16.60 37.90 -69.61
N HIS ZA 34 17.44 38.91 -69.83
CA HIS ZA 34 18.49 38.86 -70.82
C HIS ZA 34 19.85 39.01 -70.13
N HIS ZA 35 20.92 38.78 -70.89
CA HIS ZA 35 22.24 38.94 -70.30
C HIS ZA 35 22.71 40.39 -70.34
N LEU ZA 36 22.24 41.18 -71.31
CA LEU ZA 36 22.61 42.58 -71.42
C LEU ZA 36 21.35 43.43 -71.42
N ILE ZA 37 21.22 44.29 -70.41
CA ILE ZA 37 20.09 45.21 -70.35
C ILE ZA 37 20.62 46.62 -70.25
N GLY ZA 38 19.74 47.58 -70.56
CA GLY ZA 38 20.08 48.98 -70.51
C GLY ZA 38 19.46 49.66 -69.30
N SER ZA 39 19.54 50.98 -69.30
CA SER ZA 39 18.93 51.74 -68.21
C SER ZA 39 17.42 51.83 -68.37
N GLY ZA 40 16.89 51.49 -69.53
CA GLY ZA 40 15.45 51.55 -69.71
C GLY ZA 40 14.73 50.44 -68.98
N ASN ZA 41 15.35 49.27 -68.86
CA ASN ZA 41 14.69 48.11 -68.30
C ASN ZA 41 15.03 47.91 -66.83
N LEU ZA 42 16.01 48.63 -66.32
CA LEU ZA 42 16.38 48.47 -64.92
C LEU ZA 42 15.37 49.21 -64.04
N GLY ZA 43 14.91 48.55 -63.00
CA GLY ZA 43 14.10 49.20 -61.99
C GLY ZA 43 12.61 49.13 -62.28
N LEU ZA 44 11.86 49.92 -61.52
CA LEU ZA 44 10.42 49.95 -61.62
C LEU ZA 44 9.89 51.24 -62.24
N TYR ZA 45 10.76 52.22 -62.45
CA TYR ZA 45 10.36 53.44 -63.16
C TYR ZA 45 9.80 53.25 -64.57
N PRO ZA 46 10.20 52.28 -65.41
CA PRO ZA 46 9.49 52.08 -66.68
C PRO ZA 46 8.04 51.64 -66.57
N ILE ZA 47 7.55 51.25 -65.40
CA ILE ZA 47 6.12 51.09 -65.24
C ILE ZA 47 5.51 52.14 -64.31
N VAL ZA 48 6.25 52.72 -63.36
CA VAL ZA 48 5.56 53.72 -62.56
C VAL ZA 48 5.60 55.07 -63.31
N SER ZA 49 4.76 55.12 -64.35
CA SER ZA 49 4.19 56.30 -64.97
C SER ZA 49 2.75 56.02 -65.35
N SER ZA 50 2.33 54.75 -65.35
CA SER ZA 50 0.99 54.33 -65.72
C SER ZA 50 0.14 54.31 -64.46
N ASN ZA 51 -0.45 55.46 -64.17
CA ASN ZA 51 -1.52 55.72 -63.19
C ASN ZA 51 -1.07 55.63 -61.74
N LYS ZA 52 0.15 55.11 -61.51
CA LYS ZA 52 0.75 54.93 -60.18
C LYS ZA 52 -0.18 54.17 -59.23
N ASP ZA 53 -0.98 53.26 -59.78
CA ASP ZA 53 -2.01 52.58 -59.01
C ASP ZA 53 -1.36 51.46 -58.22
N TYR ZA 54 -1.61 51.46 -56.90
CA TYR ZA 54 -0.84 50.61 -55.99
C TYR ZA 54 -1.13 49.14 -56.21
N VAL ZA 55 -2.38 48.80 -56.52
CA VAL ZA 55 -2.76 47.43 -56.85
C VAL ZA 55 -2.04 46.99 -58.12
N HIS ZA 56 -2.00 47.88 -59.11
CA HIS ZA 56 -1.37 47.58 -60.39
C HIS ZA 56 0.13 47.38 -60.25
N ILE ZA 57 0.77 48.23 -59.45
CA ILE ZA 57 2.21 48.13 -59.25
C ILE ZA 57 2.55 46.87 -58.48
N ARG ZA 58 1.71 46.49 -57.51
CA ARG ZA 58 1.92 45.23 -56.79
C ARG ZA 58 1.77 44.02 -57.70
N ASN ZA 59 0.79 44.07 -58.62
CA ASN ZA 59 0.59 42.97 -59.56
C ASN ZA 59 1.78 42.80 -60.49
N VAL ZA 60 2.24 43.90 -61.07
CA VAL ZA 60 3.35 43.75 -62.01
C VAL ZA 60 4.66 43.47 -61.27
N LEU ZA 61 4.78 43.92 -60.03
CA LEU ZA 61 5.95 43.57 -59.23
C LEU ZA 61 5.96 42.08 -58.91
N ARG ZA 62 4.78 41.47 -58.75
CA ARG ZA 62 4.72 40.02 -58.71
C ARG ZA 62 5.13 39.40 -60.04
N THR ZA 63 4.80 40.03 -61.17
CA THR ZA 63 5.18 39.43 -62.45
C THR ZA 63 6.68 39.56 -62.72
N MET ZA 64 7.34 40.51 -62.07
CA MET ZA 64 8.75 40.82 -62.32
C MET ZA 64 9.68 39.66 -61.92
N VAL ZA 65 10.93 39.80 -62.32
CA VAL ZA 65 12.01 38.89 -61.94
C VAL ZA 65 12.99 39.66 -61.08
N VAL ZA 66 13.18 39.21 -59.85
CA VAL ZA 66 14.01 39.93 -58.89
C VAL ZA 66 15.47 39.52 -59.06
N THR ZA 67 16.38 40.48 -58.85
CA THR ZA 67 17.82 40.23 -58.82
C THR ZA 67 18.40 41.02 -57.66
N ILE ZA 68 19.68 40.78 -57.39
CA ILE ZA 68 20.41 41.45 -56.31
C ILE ZA 68 21.57 42.20 -56.94
N LEU ZA 69 21.79 43.44 -56.50
CA LEU ZA 69 22.89 44.24 -57.01
C LEU ZA 69 24.24 43.67 -56.59
N GLN ZA 70 25.23 43.79 -57.48
CA GLN ZA 70 26.59 43.34 -57.19
C GLN ZA 70 27.56 44.10 -58.07
N LYS ZA 71 28.65 44.60 -57.46
CA LYS ZA 71 29.90 44.97 -58.10
C LYS ZA 71 29.68 46.08 -59.15
N VAL ZA 72 29.32 47.25 -58.63
CA VAL ZA 72 29.18 48.42 -59.49
C VAL ZA 72 30.57 48.84 -59.94
N GLU ZA 73 30.86 48.63 -61.22
CA GLU ZA 73 32.16 48.94 -61.78
C GLU ZA 73 32.00 49.86 -62.98
N GLY ZA 74 32.46 51.10 -62.82
CA GLY ZA 74 32.37 52.07 -63.90
C GLY ZA 74 30.92 52.37 -64.24
N ASN ZA 75 30.58 52.19 -65.51
CA ASN ZA 75 29.21 52.40 -65.95
C ASN ZA 75 28.42 51.10 -65.96
N GLN ZA 76 29.10 49.97 -65.84
CA GLN ZA 76 28.49 48.65 -65.82
C GLN ZA 76 28.02 48.31 -64.40
N LEU ZA 77 27.09 47.36 -64.29
CA LEU ZA 77 26.41 47.10 -63.02
C LEU ZA 77 25.89 45.67 -63.00
N VAL ZA 78 26.43 44.81 -62.13
CA VAL ZA 78 26.11 43.39 -62.17
C VAL ZA 78 24.85 43.11 -61.35
N LEU ZA 79 23.99 42.25 -61.87
CA LEU ZA 79 22.81 41.79 -61.14
C LEU ZA 79 22.83 40.28 -61.08
N ARG ZA 80 22.83 39.74 -59.87
CA ARG ZA 80 22.77 38.30 -59.71
C ARG ZA 80 21.33 37.85 -59.54
N LYS ZA 81 20.93 36.86 -60.35
CA LYS ZA 81 19.65 36.20 -60.19
C LYS ZA 81 19.78 35.21 -59.06
N PRO ZA 82 19.06 35.39 -57.95
CA PRO ZA 82 19.25 34.53 -56.79
C PRO ZA 82 18.62 33.16 -57.02
N MET ZA 83 19.33 32.12 -56.59
CA MET ZA 83 18.82 30.77 -56.73
C MET ZA 83 18.01 30.38 -55.50
N THR ZA 84 17.26 29.29 -55.64
CA THR ZA 84 16.31 28.87 -54.62
C THR ZA 84 17.04 28.27 -53.42
N GLY ZA 85 16.68 28.71 -52.21
CA GLY ZA 85 17.16 28.11 -51.00
C GLY ZA 85 18.58 28.48 -50.62
N GLN ZA 86 19.19 29.42 -51.32
CA GLN ZA 86 20.57 29.79 -51.02
C GLN ZA 86 20.58 30.97 -50.06
N GLN ZA 87 21.78 31.34 -49.60
CA GLN ZA 87 21.95 32.41 -48.65
C GLN ZA 87 22.49 33.65 -49.35
N TYR ZA 88 21.90 34.79 -49.05
CA TYR ZA 88 22.28 36.07 -49.63
C TYR ZA 88 22.20 37.15 -48.57
N ALA ZA 89 23.01 38.19 -48.74
CA ALA ZA 89 22.92 39.38 -47.90
C ALA ZA 89 22.16 40.48 -48.62
N ILE ZA 90 21.26 41.14 -47.91
CA ILE ZA 90 20.39 42.17 -48.46
C ILE ZA 90 20.59 43.45 -47.66
N LYS ZA 91 20.91 44.54 -48.34
CA LYS ZA 91 20.84 45.85 -47.73
C LYS ZA 91 19.38 46.27 -47.71
N ASN ZA 92 18.96 46.85 -46.60
CA ASN ZA 92 17.54 47.08 -46.43
C ASN ZA 92 17.19 48.54 -46.68
N THR ZA 93 15.95 48.76 -47.12
CA THR ZA 93 15.46 50.10 -47.41
C THR ZA 93 14.19 50.43 -46.66
N GLY ZA 94 13.39 49.44 -46.30
CA GLY ZA 94 12.15 49.66 -45.60
C GLY ZA 94 12.40 50.14 -44.19
N PRO ZA 95 11.64 51.14 -43.76
CA PRO ZA 95 11.85 51.71 -42.43
C PRO ZA 95 11.36 50.81 -41.32
N PHE ZA 96 12.15 49.81 -40.94
CA PHE ZA 96 11.76 48.83 -39.95
C PHE ZA 96 12.99 48.41 -39.17
N PRO ZA 97 12.84 47.78 -38.00
CA PRO ZA 97 14.02 47.30 -37.27
C PRO ZA 97 14.49 45.90 -37.60
N TRP ZA 98 13.69 45.10 -38.31
CA TRP ZA 98 14.12 43.86 -38.97
C TRP ZA 98 14.59 42.80 -37.98
N GLU ZA 99 13.66 42.40 -37.10
CA GLU ZA 99 13.93 41.35 -36.13
C GLU ZA 99 14.18 40.03 -36.84
N LYS ZA 100 15.19 39.29 -36.38
CA LYS ZA 100 15.67 38.15 -37.14
C LYS ZA 100 14.71 36.98 -37.05
N GLY ZA 101 14.89 36.04 -37.97
CA GLY ZA 101 14.10 34.83 -38.02
C GLY ZA 101 12.82 34.89 -38.82
N ASP ZA 102 12.40 36.08 -39.25
CA ASP ZA 102 11.09 36.23 -39.86
C ASP ZA 102 11.15 36.12 -41.38
N THR ZA 103 9.97 36.21 -41.99
CA THR ZA 103 9.88 36.20 -43.44
C THR ZA 103 9.73 37.62 -43.97
N LEU ZA 104 10.10 37.78 -45.24
CA LEU ZA 104 10.09 39.08 -45.89
C LEU ZA 104 9.41 38.95 -47.23
N THR ZA 105 8.60 39.94 -47.55
CA THR ZA 105 8.04 40.08 -48.88
C THR ZA 105 8.56 41.37 -49.49
N LEU ZA 106 8.13 41.62 -50.72
CA LEU ZA 106 8.70 42.66 -51.55
C LEU ZA 106 7.54 43.49 -52.08
N ILE ZA 107 7.50 44.76 -51.68
CA ILE ZA 107 6.28 45.56 -51.75
C ILE ZA 107 6.61 46.80 -52.60
N PRO ZA 108 5.64 47.44 -53.25
CA PRO ZA 108 5.93 48.66 -54.00
C PRO ZA 108 6.34 49.81 -53.05
N PRO ZA 109 7.07 50.78 -53.57
CA PRO ZA 109 7.56 51.86 -52.69
C PRO ZA 109 6.44 52.79 -52.26
N LEU ZA 110 6.29 52.94 -50.96
CA LEU ZA 110 5.37 53.91 -50.39
C LEU ZA 110 5.98 55.29 -50.49
N SER ZA 111 5.37 56.16 -51.29
CA SER ZA 111 5.95 57.46 -51.63
C SER ZA 111 5.90 58.38 -50.42
N THR ZA 112 7.05 58.57 -49.80
CA THR ZA 112 7.17 59.50 -48.67
C THR ZA 112 7.17 60.93 -49.17
N HIS ZA 113 7.21 61.87 -48.21
CA HIS ZA 113 7.19 63.28 -48.57
C HIS ZA 113 8.50 63.72 -49.19
N SER ZA 114 9.62 63.23 -48.67
CA SER ZA 114 10.92 63.57 -49.21
C SER ZA 114 11.17 62.81 -50.51
N GLU ZA 115 11.68 63.51 -51.53
CA GLU ZA 115 12.07 62.87 -52.77
C GLU ZA 115 13.24 61.92 -52.54
N GLU ZA 116 13.32 60.88 -53.38
CA GLU ZA 116 14.34 59.87 -53.20
C GLU ZA 116 15.71 60.44 -53.51
N LYS ZA 117 16.63 60.26 -52.57
CA LYS ZA 117 18.01 60.72 -52.71
C LYS ZA 117 18.91 59.61 -53.25
N LEU ZA 118 18.46 58.92 -54.30
CA LEU ZA 118 19.19 57.77 -54.79
C LEU ZA 118 19.70 58.01 -56.21
N LEU ZA 119 18.80 58.20 -57.16
CA LEU ZA 119 19.21 58.33 -58.55
C LEU ZA 119 18.07 58.94 -59.31
N LYS ZA 120 18.29 60.11 -59.92
CA LYS ZA 120 17.33 60.74 -60.81
C LYS ZA 120 18.13 61.26 -61.98
N LEU ZA 121 17.99 60.64 -63.15
CA LEU ZA 121 18.99 60.80 -64.19
C LEU ZA 121 18.31 60.86 -65.54
N GLY ZA 122 18.04 62.08 -66.00
CA GLY ZA 122 17.53 62.32 -67.35
C GLY ZA 122 16.19 61.69 -67.62
N ASP ZA 123 15.16 62.13 -66.90
CA ASP ZA 123 13.78 61.62 -66.98
C ASP ZA 123 13.72 60.13 -66.67
N TRP ZA 124 14.62 59.65 -65.82
CA TRP ZA 124 14.63 58.27 -65.36
C TRP ZA 124 15.15 58.23 -63.93
N GLU ZA 125 14.45 57.50 -63.07
CA GLU ZA 125 14.86 57.31 -61.70
C GLU ZA 125 15.13 55.84 -61.44
N LEU ZA 126 15.65 55.53 -60.27
CA LEU ZA 126 15.83 54.15 -59.87
C LEU ZA 126 14.74 53.86 -58.83
N THR ZA 127 13.58 53.46 -59.32
CA THR ZA 127 12.47 53.11 -58.43
C THR ZA 127 12.72 51.73 -57.86
N VAL ZA 128 13.16 51.66 -56.62
CA VAL ZA 128 13.48 50.41 -55.95
C VAL ZA 128 12.30 50.03 -55.07
N PRO ZA 129 11.68 48.88 -55.28
CA PRO ZA 129 10.63 48.41 -54.38
C PRO ZA 129 11.18 48.00 -53.03
N LEU ZA 130 10.38 48.21 -52.00
CA LEU ZA 130 10.81 48.05 -50.62
C LEU ZA 130 10.75 46.58 -50.23
N VAL ZA 131 11.47 46.24 -49.17
CA VAL ZA 131 11.42 44.90 -48.60
C VAL ZA 131 10.85 45.05 -47.20
N VAL ZA 132 9.78 44.30 -46.92
CA VAL ZA 132 9.05 44.49 -45.66
C VAL ZA 132 8.82 43.13 -45.04
N PRO ZA 133 8.49 43.09 -43.75
CA PRO ZA 133 7.94 41.86 -43.18
C PRO ZA 133 6.56 41.51 -43.74
N THR ZA 134 6.27 40.20 -43.70
CA THR ZA 134 5.05 39.66 -44.27
C THR ZA 134 3.82 40.11 -43.50
N ALA ZA 135 3.97 40.38 -42.20
CA ALA ZA 135 2.84 40.81 -41.38
C ALA ZA 135 2.33 42.18 -41.81
N ILE ZA 136 3.22 43.14 -42.03
CA ILE ZA 136 2.76 44.42 -42.50
C ILE ZA 136 2.42 44.37 -43.99
N ALA ZA 137 2.94 43.38 -44.73
CA ALA ZA 137 2.45 43.19 -46.10
C ALA ZA 137 0.98 42.79 -46.10
N ALA ZA 138 0.63 41.82 -45.24
CA ALA ZA 138 -0.76 41.43 -45.06
C ALA ZA 138 -1.59 42.59 -44.53
N GLU ZA 139 -1.00 43.43 -43.68
CA GLU ZA 139 -1.73 44.57 -43.13
C GLU ZA 139 -2.06 45.59 -44.20
N ILE ZA 140 -1.10 45.88 -45.08
CA ILE ZA 140 -1.35 46.81 -46.19
C ILE ZA 140 -2.39 46.24 -47.13
N ASN ZA 141 -2.33 44.93 -47.40
CA ASN ZA 141 -3.32 44.34 -48.30
C ASN ZA 141 -4.71 44.35 -47.68
N ILE ZA 142 -4.79 44.20 -46.34
CA ILE ZA 142 -6.06 44.37 -45.63
C ILE ZA 142 -6.58 45.79 -45.78
N ARG ZA 143 -5.69 46.78 -45.64
CA ARG ZA 143 -6.13 48.17 -45.73
C ARG ZA 143 -6.64 48.51 -47.12
N LEU ZA 144 -6.00 47.96 -48.15
CA LEU ZA 144 -6.52 48.11 -49.51
C LEU ZA 144 -7.90 47.50 -49.68
N LEU ZA 145 -8.07 46.29 -49.13
CA LEU ZA 145 -9.37 45.63 -49.23
C LEU ZA 145 -10.44 46.37 -48.45
N CYS ZA 146 -10.05 47.00 -47.35
CA CYS ZA 146 -10.99 47.73 -46.52
C CYS ZA 146 -11.38 49.05 -47.18
N ILE ZA 147 -10.42 49.73 -47.81
CA ILE ZA 147 -10.73 50.93 -48.58
C ILE ZA 147 -11.60 50.60 -49.79
N GLY ZA 148 -11.44 49.41 -50.37
CA GLY ZA 148 -12.36 48.96 -51.41
C GLY ZA 148 -13.77 48.74 -50.89
N LEU ZA 149 -13.84 48.07 -49.73
CA LEU ZA 149 -15.13 47.82 -49.08
C LEU ZA 149 -15.81 49.09 -48.58
N ILE ZA 150 -15.07 50.17 -48.40
CA ILE ZA 150 -15.64 51.46 -48.03
C ILE ZA 150 -15.97 52.31 -49.26
N ALA ZA 151 -15.21 52.14 -50.35
CA ALA ZA 151 -15.57 52.79 -51.61
C ALA ZA 151 -16.84 52.22 -52.20
N VAL ZA 152 -17.17 50.98 -51.87
CA VAL ZA 152 -18.54 50.45 -51.95
C VAL ZA 152 -19.55 51.40 -51.33
N HIS ZA 153 -19.27 51.88 -50.13
CA HIS ZA 153 -20.22 52.74 -49.41
C HIS ZA 153 -20.00 54.16 -49.91
N ARG ZA 154 -20.75 54.54 -50.93
CA ARG ZA 154 -20.51 55.81 -51.60
C ARG ZA 154 -21.01 56.95 -50.73
N GLU ZA 155 -20.11 57.87 -50.41
CA GLU ZA 155 -20.41 59.01 -49.56
C GLU ZA 155 -19.63 60.22 -50.05
N TYR ZA 156 -19.71 61.28 -49.25
CA TYR ZA 156 -18.95 62.50 -49.45
C TYR ZA 156 -18.53 62.99 -48.09
N ASN ZA 157 -17.21 63.11 -47.90
CA ASN ZA 157 -16.46 63.46 -46.69
C ASN ZA 157 -16.45 62.33 -45.66
N GLU ZA 158 -17.30 61.31 -45.83
CA GLU ZA 158 -17.18 60.15 -44.97
C GLU ZA 158 -16.05 59.27 -45.47
N MET ZA 159 -15.80 59.30 -46.78
CA MET ZA 159 -14.61 58.67 -47.33
C MET ZA 159 -13.34 59.26 -46.72
N GLN ZA 160 -13.30 60.60 -46.61
CA GLN ZA 160 -12.16 61.27 -46.00
C GLN ZA 160 -12.09 60.97 -44.51
N THR ZA 161 -13.25 60.90 -43.86
CA THR ZA 161 -13.33 60.57 -42.44
C THR ZA 161 -12.84 59.15 -42.19
N ILE ZA 162 -13.00 58.26 -43.15
CA ILE ZA 162 -12.44 56.92 -42.99
C ILE ZA 162 -10.94 56.92 -43.28
N ILE ZA 163 -10.52 57.64 -44.33
CA ILE ZA 163 -9.13 57.54 -44.79
C ILE ZA 163 -8.16 58.16 -43.80
N ASP ZA 164 -8.51 59.31 -43.21
CA ASP ZA 164 -7.58 59.94 -42.28
C ASP ZA 164 -7.43 59.18 -40.97
N GLU ZA 165 -8.43 58.37 -40.62
CA GLU ZA 165 -8.35 57.49 -39.45
C GLU ZA 165 -7.61 56.20 -39.80
N LEU ZA 166 -7.84 55.67 -40.99
CA LEU ZA 166 -7.39 54.34 -41.35
C LEU ZA 166 -5.93 54.34 -41.79
N CYS ZA 167 -5.57 55.27 -42.68
CA CYS ZA 167 -4.42 55.11 -43.55
C CYS ZA 167 -3.10 55.20 -42.80
N SER ZA 168 -3.02 56.07 -41.79
CA SER ZA 168 -1.82 56.16 -40.97
C SER ZA 168 -1.78 54.94 -40.06
N ILE ZA 169 -0.90 53.99 -40.36
CA ILE ZA 169 -0.76 52.79 -39.53
C ILE ZA 169 0.64 52.78 -38.93
N GLN ZA 170 0.75 52.09 -37.79
CA GLN ZA 170 1.98 51.99 -37.04
C GLN ZA 170 2.29 50.53 -36.83
N TYR ZA 171 3.49 50.11 -37.22
CA TYR ZA 171 4.00 48.80 -36.90
C TYR ZA 171 5.48 48.92 -36.55
N ARG ZA 172 5.85 48.41 -35.38
CA ARG ZA 172 7.21 48.47 -34.83
C ARG ZA 172 7.71 49.91 -34.72
N ASP ZA 173 6.85 50.77 -34.17
CA ASP ZA 173 7.15 52.17 -33.87
C ASP ZA 173 7.53 52.95 -35.13
N VAL ZA 174 6.83 52.68 -36.23
CA VAL ZA 174 7.10 53.35 -37.51
C VAL ZA 174 5.77 53.75 -38.14
N LEU ZA 175 5.61 55.03 -38.45
CA LEU ZA 175 4.40 55.55 -39.06
C LEU ZA 175 4.57 55.60 -40.57
N ILE ZA 176 3.62 54.97 -41.28
CA ILE ZA 176 3.56 54.98 -42.73
C ILE ZA 176 2.12 55.24 -43.12
N LYS ZA 177 1.95 55.70 -44.37
CA LYS ZA 177 0.64 55.98 -44.96
C LYS ZA 177 0.65 55.66 -46.46
N LEU ZA 178 -0.50 55.29 -47.03
CA LEU ZA 178 -0.58 54.97 -48.46
C LEU ZA 178 -1.75 55.59 -49.22
N PRO ZA 179 -1.70 56.92 -49.46
CA PRO ZA 179 -2.72 57.70 -50.18
C PRO ZA 179 -2.70 57.62 -51.71
N ASP ZA 180 -3.85 57.86 -52.34
CA ASP ZA 180 -3.98 57.88 -53.80
C ASP ZA 180 -4.49 56.53 -54.28
N ILE ZA 181 -5.42 55.95 -53.54
CA ILE ZA 181 -5.97 54.65 -53.92
C ILE ZA 181 -7.30 54.94 -54.59
N VAL ZA 182 -7.27 55.15 -55.90
CA VAL ZA 182 -8.41 55.62 -56.67
C VAL ZA 182 -9.52 54.58 -56.80
N ASN ZA 183 -9.27 53.35 -56.31
CA ASN ZA 183 -10.25 52.27 -56.14
C ASN ZA 183 -10.81 51.84 -57.48
N ASP ZA 184 -9.91 51.47 -58.39
CA ASP ZA 184 -10.29 51.03 -59.73
C ASP ZA 184 -10.98 49.67 -59.69
N LYS ZA 185 -11.44 49.27 -60.87
CA LYS ZA 185 -12.24 48.07 -61.05
C LYS ZA 185 -11.44 46.79 -60.92
N GLN ZA 186 -10.10 46.87 -60.90
CA GLN ZA 186 -9.29 45.67 -60.76
C GLN ZA 186 -9.33 45.11 -59.35
N SER ZA 187 -9.43 45.97 -58.33
CA SER ZA 187 -9.57 45.49 -56.96
C SER ZA 187 -11.00 45.05 -56.67
N MET ZA 188 -11.94 45.53 -57.48
CA MET ZA 188 -13.34 45.12 -57.34
C MET ZA 188 -13.50 43.62 -57.60
N TYR ZA 189 -12.69 43.09 -58.52
CA TYR ZA 189 -12.69 41.66 -58.78
C TYR ZA 189 -12.23 40.87 -57.57
N SER ZA 190 -11.19 41.36 -56.88
CA SER ZA 190 -10.73 40.68 -55.69
C SER ZA 190 -11.71 40.84 -54.54
N MET ZA 191 -12.50 41.91 -54.56
CA MET ZA 191 -13.53 42.10 -53.54
C MET ZA 191 -14.69 41.13 -53.73
N LYS ZA 192 -14.95 40.78 -55.00
CA LYS ZA 192 -15.99 39.82 -55.34
C LYS ZA 192 -15.78 38.49 -54.66
N THR ZA 193 -14.57 37.94 -54.78
CA THR ZA 193 -14.34 36.60 -54.24
C THR ZA 193 -14.26 36.60 -52.73
N ALA ZA 194 -13.89 37.74 -52.13
CA ALA ZA 194 -13.98 37.85 -50.67
C ALA ZA 194 -15.42 37.79 -50.21
N CYS ZA 195 -16.31 38.51 -50.90
CA CYS ZA 195 -17.75 38.47 -50.60
C CYS ZA 195 -18.31 37.06 -50.75
N ILE ZA 196 -17.84 36.34 -51.78
CA ILE ZA 196 -18.27 34.96 -52.01
C ILE ZA 196 -17.83 34.06 -50.87
N SER ZA 197 -16.59 34.20 -50.43
CA SER ZA 197 -16.08 33.29 -49.43
C SER ZA 197 -16.70 33.55 -48.06
N LEU ZA 198 -16.98 34.82 -47.72
CA LEU ZA 198 -17.74 35.09 -46.50
C LEU ZA 198 -19.17 34.58 -46.59
N SER ZA 199 -19.77 34.63 -47.78
CA SER ZA 199 -21.10 34.04 -47.95
C SER ZA 199 -21.10 32.54 -47.73
N MET ZA 200 -20.02 31.87 -48.12
CA MET ZA 200 -19.98 30.44 -47.94
C MET ZA 200 -19.67 30.03 -46.51
N ILE ZA 201 -18.85 30.83 -45.82
CA ILE ZA 201 -18.63 30.61 -44.40
C ILE ZA 201 -19.94 30.72 -43.64
N THR ZA 202 -20.72 31.75 -43.96
CA THR ZA 202 -22.08 31.92 -43.47
C THR ZA 202 -22.95 30.69 -43.71
N ALA ZA 203 -23.03 30.24 -44.95
CA ALA ZA 203 -23.98 29.17 -45.26
C ALA ZA 203 -23.53 27.81 -44.74
N MET ZA 204 -22.22 27.55 -44.70
CA MET ZA 204 -21.69 26.23 -44.37
C MET ZA 204 -21.24 26.09 -42.93
N ALA ZA 205 -21.38 27.13 -42.13
CA ALA ZA 205 -21.00 27.04 -40.72
C ALA ZA 205 -21.93 26.08 -39.99
N PRO ZA 206 -21.41 25.14 -39.22
CA PRO ZA 206 -22.26 24.19 -38.49
C PRO ZA 206 -23.05 24.79 -37.35
N ASP ZA 207 -23.80 23.95 -36.64
CA ASP ZA 207 -24.55 24.43 -35.48
C ASP ZA 207 -23.68 24.63 -34.27
N ILE ZA 208 -22.47 24.07 -34.25
CA ILE ZA 208 -21.69 24.06 -33.02
C ILE ZA 208 -21.08 25.43 -32.76
N VAL ZA 209 -20.83 26.21 -33.80
CA VAL ZA 209 -19.86 27.28 -33.73
C VAL ZA 209 -20.46 28.54 -33.09
N ARG ZA 210 -21.59 28.99 -33.62
CA ARG ZA 210 -22.35 30.07 -33.03
C ARG ZA 210 -22.85 29.71 -31.64
N THR ZA 211 -23.09 28.42 -31.41
CA THR ZA 211 -23.46 27.94 -30.09
C THR ZA 211 -22.26 27.99 -29.15
N TYR ZA 212 -21.05 27.79 -29.69
CA TYR ZA 212 -19.83 27.83 -28.87
C TYR ZA 212 -19.60 29.19 -28.27
N ILE ZA 213 -19.92 30.26 -29.02
CA ILE ZA 213 -19.89 31.60 -28.43
C ILE ZA 213 -20.74 31.66 -27.17
N ASP ZA 214 -22.00 31.24 -27.28
CA ASP ZA 214 -22.95 31.44 -26.20
C ASP ZA 214 -22.64 30.54 -25.00
N ARG ZA 215 -22.20 29.31 -25.26
CA ARG ZA 215 -21.85 28.43 -24.17
C ARG ZA 215 -20.61 28.92 -23.43
N LEU ZA 216 -19.65 29.50 -24.16
CA LEU ZA 216 -18.46 30.00 -23.48
C LEU ZA 216 -18.77 31.26 -22.70
N THR ZA 217 -19.70 32.08 -23.19
CA THR ZA 217 -20.14 33.24 -22.41
C THR ZA 217 -20.89 32.80 -21.15
N LEU ZA 218 -21.70 31.74 -21.24
CA LEU ZA 218 -22.39 31.25 -20.04
C LEU ZA 218 -21.43 30.58 -19.07
N GLU ZA 219 -20.36 29.97 -19.56
CA GLU ZA 219 -19.43 29.29 -18.68
C GLU ZA 219 -18.44 30.26 -18.05
N ASP ZA 220 -17.56 30.84 -18.86
CA ASP ZA 220 -16.41 31.58 -18.38
C ASP ZA 220 -16.62 33.05 -18.68
N HIS ZA 221 -15.67 33.89 -18.25
CA HIS ZA 221 -15.79 35.32 -18.49
C HIS ZA 221 -14.39 35.91 -18.60
N SER ZA 222 -14.12 36.64 -19.67
CA SER ZA 222 -12.78 37.15 -19.91
C SER ZA 222 -12.89 38.40 -20.75
N MET ZA 223 -11.75 39.08 -20.88
CA MET ZA 223 -11.63 40.30 -21.65
C MET ZA 223 -11.92 40.05 -23.11
N LEU ZA 224 -11.42 38.92 -23.63
CA LEU ZA 224 -11.65 38.55 -25.02
C LEU ZA 224 -13.15 38.34 -25.25
N LEU ZA 225 -13.78 37.68 -24.29
CA LEU ZA 225 -15.22 37.45 -24.32
C LEU ZA 225 -15.97 38.77 -24.24
N ILE ZA 226 -15.46 39.70 -23.42
CA ILE ZA 226 -16.11 41.00 -23.25
C ILE ZA 226 -16.20 41.82 -24.54
N LYS ZA 227 -15.14 41.83 -25.34
CA LYS ZA 227 -15.22 42.56 -26.61
C LYS ZA 227 -15.90 41.72 -27.70
N CYS ZA 228 -15.83 40.39 -27.63
CA CYS ZA 228 -16.63 39.57 -28.54
C CYS ZA 228 -18.12 39.78 -28.31
N GLN ZA 229 -18.53 39.89 -27.04
CA GLN ZA 229 -19.90 40.30 -26.75
C GLN ZA 229 -20.19 41.70 -27.25
N GLU ZA 230 -19.19 42.60 -27.24
CA GLU ZA 230 -19.40 43.94 -27.77
C GLU ZA 230 -19.68 43.92 -29.26
N LEU ZA 231 -18.91 43.13 -30.03
CA LEU ZA 231 -19.14 43.04 -31.46
C LEU ZA 231 -20.46 42.35 -31.78
N LEU ZA 232 -20.74 41.23 -31.11
CA LEU ZA 232 -21.95 40.47 -31.34
C LEU ZA 232 -23.20 41.24 -30.90
N SER ZA 233 -23.10 42.17 -29.97
CA SER ZA 233 -24.24 43.01 -29.65
C SER ZA 233 -24.31 44.24 -30.53
N LYS ZA 234 -23.16 44.73 -31.01
CA LYS ZA 234 -23.12 45.99 -31.73
C LYS ZA 234 -23.62 45.82 -33.15
N ARG ZA 235 -23.40 44.65 -33.73
CA ARG ZA 235 -24.07 44.30 -34.98
C ARG ZA 235 -25.09 43.21 -34.66
N THR ZA 236 -26.33 43.38 -35.13
CA THR ZA 236 -27.30 42.29 -35.00
C THR ZA 236 -28.27 42.25 -36.19
N THR ZA 237 -27.76 42.50 -37.39
CA THR ZA 237 -28.64 42.68 -38.54
C THR ZA 237 -29.30 41.38 -38.97
N LEU ZA 238 -28.52 40.30 -39.03
CA LEU ZA 238 -29.13 38.99 -39.23
C LEU ZA 238 -29.19 38.18 -37.96
N SER ZA 239 -28.05 37.61 -37.54
CA SER ZA 239 -27.91 36.69 -36.41
C SER ZA 239 -29.00 35.64 -36.28
N THR ZA 240 -29.35 34.97 -37.38
CA THR ZA 240 -30.42 33.96 -37.35
C THR ZA 240 -29.89 32.73 -36.64
N GLN ZA 241 -30.74 32.10 -35.84
CA GLN ZA 241 -30.40 30.85 -35.19
C GLN ZA 241 -31.18 29.70 -35.82
N ARG ZA 242 -30.46 28.75 -36.42
CA ARG ZA 242 -31.08 27.48 -36.78
C ARG ZA 242 -31.28 26.70 -35.48
N CYS ZA 243 -32.45 26.87 -34.87
CA CYS ZA 243 -32.58 26.50 -33.47
C CYS ZA 243 -32.76 24.98 -33.27
N GLY ZA 244 -33.85 24.41 -33.78
CA GLY ZA 244 -34.27 23.10 -33.30
C GLY ZA 244 -33.37 21.99 -33.82
N GLN ZA 245 -32.38 21.63 -33.02
CA GLN ZA 245 -31.43 20.58 -33.35
C GLN ZA 245 -30.79 20.06 -32.07
N LEU ZA 246 -30.34 18.80 -32.08
CA LEU ZA 246 -29.78 18.18 -30.86
C LEU ZA 246 -28.30 17.82 -30.78
N HIS ZA 247 -27.46 18.28 -31.71
CA HIS ZA 247 -26.05 17.89 -31.65
C HIS ZA 247 -25.95 16.36 -31.73
N ALA ZA 248 -26.81 15.82 -32.58
CA ALA ZA 248 -27.03 14.39 -32.87
C ALA ZA 248 -25.89 13.75 -33.64
N THR ZA 249 -25.90 12.42 -33.72
CA THR ZA 249 -24.78 11.69 -34.33
C THR ZA 249 -24.76 11.95 -35.84
N ASP ZA 250 -24.31 13.15 -36.18
CA ASP ZA 250 -24.13 13.69 -37.52
C ASP ZA 250 -22.71 14.22 -37.64
N ILE ZA 251 -21.80 13.57 -36.91
CA ILE ZA 251 -20.48 14.13 -36.63
C ILE ZA 251 -19.59 14.14 -37.87
N LYS ZA 252 -19.81 13.21 -38.80
CA LYS ZA 252 -19.07 13.24 -40.07
C LYS ZA 252 -19.46 14.45 -40.90
N ASP ZA 253 -20.75 14.78 -40.90
CA ASP ZA 253 -21.20 15.99 -41.56
C ASP ZA 253 -20.63 17.23 -40.88
N GLU ZA 254 -20.50 17.17 -39.54
CA GLU ZA 254 -19.86 18.28 -38.82
C GLU ZA 254 -18.41 18.47 -39.25
N LEU ZA 255 -17.69 17.36 -39.40
CA LEU ZA 255 -16.30 17.41 -39.88
C LEU ZA 255 -16.21 17.98 -41.28
N LYS ZA 256 -17.11 17.55 -42.18
CA LYS ZA 256 -17.14 18.03 -43.55
C LYS ZA 256 -17.37 19.53 -43.60
N LYS ZA 257 -18.30 20.01 -42.79
CA LYS ZA 257 -18.63 21.43 -42.79
C LYS ZA 257 -17.49 22.27 -42.21
N ILE ZA 258 -16.81 21.78 -41.17
CA ILE ZA 258 -15.71 22.56 -40.61
C ILE ZA 258 -14.51 22.55 -41.54
N LYS ZA 259 -14.32 21.46 -42.30
CA LYS ZA 259 -13.30 21.46 -43.36
C LYS ZA 259 -13.61 22.50 -44.41
N SER ZA 260 -14.89 22.63 -44.79
CA SER ZA 260 -15.27 23.66 -45.74
C SER ZA 260 -15.02 25.06 -45.20
N VAL ZA 261 -15.32 25.29 -43.92
CA VAL ZA 261 -15.13 26.60 -43.31
C VAL ZA 261 -13.66 26.98 -43.31
N LEU ZA 262 -12.81 26.04 -42.89
CA LEU ZA 262 -11.36 26.24 -42.94
C LEU ZA 262 -10.89 26.53 -44.36
N THR ZA 263 -11.46 25.85 -45.35
CA THR ZA 263 -11.02 26.05 -46.73
C THR ZA 263 -11.40 27.43 -47.28
N MET ZA 264 -12.58 27.94 -46.92
CA MET ZA 264 -12.92 29.29 -47.36
C MET ZA 264 -12.05 30.34 -46.68
N ILE ZA 265 -11.70 30.09 -45.41
CA ILE ZA 265 -10.78 30.97 -44.72
C ILE ZA 265 -9.40 30.92 -45.38
N ASP ZA 266 -8.98 29.73 -45.85
CA ASP ZA 266 -7.73 29.62 -46.61
C ASP ZA 266 -7.81 30.45 -47.88
N GLN ZA 267 -8.99 30.53 -48.48
CA GLN ZA 267 -9.16 31.31 -49.70
C GLN ZA 267 -9.02 32.80 -49.43
N ILE ZA 268 -9.68 33.31 -48.38
CA ILE ZA 268 -9.56 34.75 -48.07
C ILE ZA 268 -8.14 35.07 -47.63
N ASN ZA 269 -7.49 34.13 -46.97
CA ASN ZA 269 -6.12 34.33 -46.56
C ASN ZA 269 -5.17 34.30 -47.76
N SER ZA 270 -5.51 33.53 -48.79
CA SER ZA 270 -4.69 33.53 -50.00
C SER ZA 270 -4.86 34.82 -50.77
N LEU ZA 271 -6.03 35.44 -50.68
CA LEU ZA 271 -6.19 36.81 -51.18
C LEU ZA 271 -5.30 37.78 -50.42
N THR ZA 272 -5.48 37.85 -49.11
CA THR ZA 272 -4.86 38.89 -48.30
C THR ZA 272 -3.39 38.66 -48.03
N ASN ZA 273 -2.87 37.49 -48.36
CA ASN ZA 273 -1.51 37.10 -48.04
C ASN ZA 273 -0.64 37.17 -49.28
N GLU ZA 274 0.55 37.73 -49.15
CA GLU ZA 274 1.49 37.85 -50.24
C GLU ZA 274 2.58 36.76 -50.14
N LYS ZA 275 3.25 36.53 -51.27
CA LYS ZA 275 4.31 35.54 -51.32
C LYS ZA 275 5.54 36.03 -50.59
N THR ZA 276 6.03 35.25 -49.63
CA THR ZA 276 7.29 35.56 -48.96
C THR ZA 276 8.45 35.35 -49.91
N TYR ZA 277 9.32 36.36 -50.02
CA TYR ZA 277 10.49 36.27 -50.86
C TYR ZA 277 11.76 35.94 -50.10
N PHE ZA 278 11.81 36.19 -48.79
CA PHE ZA 278 13.08 35.98 -48.10
C PHE ZA 278 12.81 35.45 -46.70
N VAL ZA 279 13.80 34.77 -46.14
CA VAL ZA 279 13.76 34.29 -44.76
C VAL ZA 279 15.04 34.70 -44.07
N VAL ZA 280 14.92 35.53 -43.04
CA VAL ZA 280 16.08 36.12 -42.38
C VAL ZA 280 16.72 35.08 -41.45
N CYS ZA 281 18.05 35.04 -41.44
CA CYS ZA 281 18.78 34.37 -40.37
C CYS ZA 281 19.64 35.31 -39.55
N ASP ZA 282 20.54 36.06 -40.15
CA ASP ZA 282 21.49 36.86 -39.38
C ASP ZA 282 21.41 38.32 -39.80
N VAL ZA 283 21.28 39.20 -38.82
CA VAL ZA 283 21.19 40.63 -39.04
C VAL ZA 283 22.40 41.27 -38.39
N SER ZA 284 23.02 42.23 -39.08
CA SER ZA 284 24.07 43.03 -38.48
C SER ZA 284 23.50 43.94 -37.40
N ALA ZA 285 24.40 44.50 -36.59
CA ALA ZA 285 23.97 45.35 -35.47
C ALA ZA 285 23.38 46.67 -35.94
N ASP ZA 286 23.72 47.11 -37.15
CA ASP ZA 286 23.18 48.35 -37.69
C ASP ZA 286 21.74 48.18 -38.16
N ASN ZA 287 21.28 46.92 -38.31
CA ASN ZA 287 20.05 46.56 -39.02
C ASN ZA 287 20.06 47.14 -40.44
N ARG ZA 288 21.23 47.17 -41.06
CA ARG ZA 288 21.38 47.77 -42.37
C ARG ZA 288 21.54 46.73 -43.46
N MET ZA 289 22.20 45.61 -43.16
CA MET ZA 289 22.22 44.46 -44.04
C MET ZA 289 21.88 43.23 -43.22
N ALA ZA 290 21.18 42.28 -43.85
CA ALA ZA 290 20.78 41.06 -43.16
C ALA ZA 290 20.77 39.92 -44.15
N THR ZA 291 20.90 38.71 -43.63
CA THR ZA 291 21.07 37.56 -44.48
C THR ZA 291 19.79 36.73 -44.55
N CYS ZA 292 19.59 36.10 -45.69
CA CYS ZA 292 18.45 35.24 -45.92
C CYS ZA 292 18.93 34.03 -46.70
N ILE ZA 293 18.26 32.91 -46.51
CA ILE ZA 293 18.61 31.70 -47.22
C ILE ZA 293 17.31 31.18 -47.82
N TYR ZA 294 16.77 31.97 -48.74
CA TYR ZA 294 15.54 31.61 -49.43
C TYR ZA 294 15.40 32.28 -50.80
N LYS ZA 295 14.62 31.63 -51.65
CA LYS ZA 295 14.25 32.14 -52.95
C LYS ZA 295 12.99 31.36 -53.31
N ASN ZA 296 11.98 32.00 -53.90
CA ASN ZA 296 10.84 31.17 -54.30
C ASN ZA 296 11.14 30.17 -55.41
N MET AB 1 42.42 102.18 -75.97
CA MET AB 1 42.77 103.04 -77.10
C MET AB 1 42.00 104.35 -77.03
N GLU AB 2 42.71 105.47 -77.17
CA GLU AB 2 42.10 106.79 -77.12
C GLU AB 2 42.61 107.67 -78.26
N THR AB 3 43.06 107.04 -79.34
CA THR AB 3 43.56 107.76 -80.49
C THR AB 3 42.82 107.28 -81.73
N VAL AB 4 42.28 108.22 -82.51
CA VAL AB 4 41.49 107.89 -83.69
C VAL AB 4 42.17 108.51 -84.90
N TYR AB 5 42.55 107.68 -85.87
CA TYR AB 5 43.24 108.16 -87.06
C TYR AB 5 42.23 108.35 -88.18
N CYS AB 6 42.12 109.59 -88.67
CA CYS AB 6 41.31 109.88 -89.84
C CYS AB 6 42.19 109.91 -91.09
N THR AB 7 41.68 109.31 -92.15
CA THR AB 7 42.35 109.26 -93.44
C THR AB 7 41.34 109.68 -94.49
N PHE AB 8 41.67 110.71 -95.26
CA PHE AB 8 40.72 111.25 -96.24
C PHE AB 8 40.64 110.33 -97.45
N ASP AB 9 39.44 110.22 -98.01
CA ASP AB 9 39.27 109.44 -99.23
C ASP AB 9 39.68 110.26 -100.45
N HIS AB 10 39.28 111.52 -100.50
CA HIS AB 10 39.59 112.39 -101.63
C HIS AB 10 40.94 113.06 -101.41
N LYS AB 11 41.69 113.23 -102.50
CA LYS AB 11 42.98 113.88 -102.46
C LYS AB 11 42.84 115.36 -102.12
N LEU AB 12 43.91 115.95 -101.61
CA LEU AB 12 43.88 117.33 -101.15
C LEU AB 12 44.97 118.14 -101.84
N SER AB 13 45.09 119.40 -101.42
CA SER AB 13 46.05 120.35 -101.97
C SER AB 13 46.93 120.89 -100.86
N LEU AB 14 48.00 121.57 -101.27
CA LEU AB 14 48.96 122.07 -100.28
C LEU AB 14 48.41 123.27 -99.53
N SER AB 15 47.56 124.08 -100.17
CA SER AB 15 46.85 125.12 -99.45
C SER AB 15 45.91 124.52 -98.41
N ASP AB 16 45.31 123.37 -98.73
CA ASP AB 16 44.44 122.68 -97.79
C ASP AB 16 45.23 122.12 -96.60
N ILE AB 17 46.41 121.55 -96.87
CA ILE AB 17 47.17 120.98 -95.76
C ILE AB 17 47.78 122.10 -94.91
N SER AB 18 48.02 123.27 -95.50
CA SER AB 18 48.42 124.42 -94.70
C SER AB 18 47.27 124.93 -93.85
N THR AB 19 46.04 124.88 -94.37
CA THR AB 19 44.89 125.24 -93.56
C THR AB 19 44.69 124.26 -92.40
N LEU AB 20 44.92 122.97 -92.65
CA LEU AB 20 44.84 122.00 -91.55
C LEU AB 20 45.96 122.16 -90.55
N CYS AB 21 47.12 122.65 -90.99
CA CYS AB 21 48.15 123.01 -90.03
C CYS AB 21 47.74 124.22 -89.21
N LYS AB 22 47.00 125.15 -89.82
CA LYS AB 22 46.46 126.27 -89.04
C LYS AB 22 45.38 125.80 -88.08
N LEU AB 23 44.64 124.76 -88.42
CA LEU AB 23 43.43 124.41 -87.65
C LEU AB 23 43.60 123.49 -86.47
N MET AB 24 44.82 123.39 -85.98
CA MET AB 24 45.13 122.44 -84.90
C MET AB 24 44.43 122.81 -83.59
N ASN AB 25 44.16 121.77 -82.77
CA ASN AB 25 43.59 121.86 -81.43
C ASN AB 25 42.16 122.37 -81.44
N ILE AB 26 41.34 121.83 -82.32
CA ILE AB 26 39.92 122.17 -82.39
C ILE AB 26 39.11 120.91 -82.14
N VAL AB 27 38.05 121.04 -81.35
CA VAL AB 27 37.16 119.92 -81.05
C VAL AB 27 36.36 119.58 -82.30
N ILE AB 28 36.47 118.33 -82.74
CA ILE AB 28 35.71 117.81 -83.86
C ILE AB 28 34.94 116.60 -83.36
N PRO AB 29 33.63 116.51 -83.60
CA PRO AB 29 32.88 115.33 -83.17
C PRO AB 29 32.90 114.22 -84.20
N ILE AB 30 32.95 112.99 -83.69
CA ILE AB 30 32.82 111.81 -84.54
C ILE AB 30 31.72 110.93 -83.99
N PRO AB 31 30.93 110.27 -84.84
CA PRO AB 31 29.95 109.30 -84.34
C PRO AB 31 30.47 107.88 -84.28
N ALA AB 32 31.62 107.61 -84.88
CA ALA AB 32 31.98 106.24 -85.22
C ALA AB 32 32.46 105.43 -84.01
N HIS AB 33 33.29 106.04 -83.15
CA HIS AB 33 33.95 105.36 -82.02
C HIS AB 33 34.77 104.16 -82.50
N HIS AB 34 35.54 104.37 -83.56
CA HIS AB 34 36.47 103.38 -84.07
C HIS AB 34 37.88 103.93 -83.99
N HIS AB 35 38.86 103.01 -84.03
CA HIS AB 35 40.24 103.45 -84.09
C HIS AB 35 40.61 103.99 -85.46
N LEU AB 36 39.88 103.59 -86.51
CA LEU AB 36 40.05 104.14 -87.84
C LEU AB 36 38.74 104.75 -88.31
N ILE AB 37 38.79 106.01 -88.75
CA ILE AB 37 37.66 106.64 -89.41
C ILE AB 37 38.16 107.19 -90.73
N GLY AB 38 37.20 107.52 -91.61
CA GLY AB 38 37.49 108.15 -92.87
C GLY AB 38 37.05 109.60 -92.92
N SER AB 39 37.08 110.15 -94.12
CA SER AB 39 36.54 111.49 -94.33
C SER AB 39 35.03 111.52 -94.37
N GLY AB 40 34.38 110.36 -94.49
CA GLY AB 40 32.94 110.33 -94.55
C GLY AB 40 32.28 110.64 -93.22
N ASN AB 41 32.87 110.17 -92.13
CA ASN AB 41 32.30 110.36 -90.81
C ASN AB 41 32.95 111.50 -90.04
N LEU AB 42 33.96 112.15 -90.61
CA LEU AB 42 34.61 113.26 -89.94
C LEU AB 42 33.74 114.50 -90.02
N GLY AB 43 33.55 115.16 -88.89
CA GLY AB 43 32.87 116.43 -88.88
C GLY AB 43 31.36 116.30 -88.84
N LEU AB 44 30.70 117.40 -89.22
CA LEU AB 44 29.25 117.50 -89.13
C LEU AB 44 28.59 117.59 -90.49
N TYR AB 45 29.36 117.73 -91.57
CA TYR AB 45 28.79 117.63 -92.92
C TYR AB 45 28.01 116.35 -93.25
N PRO AB 46 28.36 115.13 -92.79
CA PRO AB 46 27.49 113.98 -93.11
C PRO AB 46 26.10 114.04 -92.50
N ILE AB 47 25.81 114.95 -91.57
CA ILE AB 47 24.44 115.20 -91.18
C ILE AB 47 23.91 116.53 -91.73
N VAL AB 48 24.74 117.57 -91.92
CA VAL AB 48 24.10 118.79 -92.42
C VAL AB 48 24.03 118.73 -93.96
N SER AB 49 23.16 117.85 -94.41
CA SER AB 49 22.49 117.88 -95.68
C SER AB 49 21.05 117.42 -95.50
N SER AB 50 20.72 116.83 -94.36
CA SER AB 50 19.39 116.35 -94.02
C SER AB 50 18.66 117.47 -93.27
N ASN AB 51 17.94 118.28 -94.04
CA ASN AB 51 16.90 119.23 -93.62
C ASN AB 51 17.42 120.49 -92.93
N LYS AB 52 18.71 120.53 -92.56
CA LYS AB 52 19.42 121.71 -92.04
C LYS AB 52 18.73 122.31 -90.79
N ASP AB 53 17.96 121.50 -90.06
CA ASP AB 53 17.22 122.03 -88.92
C ASP AB 53 18.18 122.20 -87.76
N TYR AB 54 18.17 123.40 -87.18
CA TYR AB 54 19.11 123.74 -86.11
C TYR AB 54 18.84 122.92 -84.85
N VAL AB 55 17.57 122.64 -84.57
CA VAL AB 55 17.21 121.78 -83.46
C VAL AB 55 17.72 120.36 -83.70
N HIS AB 56 17.60 119.88 -84.95
CA HIS AB 56 18.04 118.54 -85.29
C HIS AB 56 19.55 118.39 -85.19
N ILE AB 57 20.28 119.40 -85.69
CA ILE AB 57 21.73 119.42 -85.59
C ILE AB 57 22.16 119.49 -84.13
N ARG AB 58 21.41 120.25 -83.33
CA ARG AB 58 21.73 120.39 -81.91
C ARG AB 58 21.51 119.09 -81.15
N ASN AB 59 20.43 118.37 -81.46
CA ASN AB 59 20.14 117.10 -80.80
C ASN AB 59 21.18 116.04 -81.16
N VAL AB 60 21.47 115.87 -82.46
CA VAL AB 60 22.43 114.85 -82.82
C VAL AB 60 23.84 115.27 -82.44
N LEU AB 61 24.11 116.57 -82.34
CA LEU AB 61 25.37 117.05 -81.83
C LEU AB 61 25.53 116.74 -80.35
N ARG AB 62 24.42 116.77 -79.60
CA ARG AB 62 24.43 116.24 -78.24
C ARG AB 62 24.72 114.74 -78.25
N THR AB 63 24.23 114.01 -79.26
CA THR AB 63 24.52 112.58 -79.31
C THR AB 63 25.98 112.27 -79.67
N MET AB 64 26.65 113.18 -80.38
CA MET AB 64 27.97 112.91 -80.93
C MET AB 64 29.03 112.69 -79.85
N VAL AB 65 30.17 112.13 -80.27
CA VAL AB 65 31.32 111.91 -79.41
C VAL AB 65 32.43 112.85 -79.87
N VAL AB 66 32.88 113.71 -78.98
CA VAL AB 66 33.80 114.78 -79.32
C VAL AB 66 35.23 114.31 -79.17
N THR AB 67 36.10 114.82 -80.04
CA THR AB 67 37.53 114.56 -79.99
C THR AB 67 38.26 115.87 -80.22
N ILE AB 68 39.58 115.84 -80.09
CA ILE AB 68 40.43 117.02 -80.25
C ILE AB 68 41.41 116.74 -81.38
N LEU AB 69 41.54 117.70 -82.31
CA LEU AB 69 42.49 117.58 -83.40
C LEU AB 69 43.92 117.61 -82.89
N GLN AB 70 44.77 116.77 -83.49
CA GLN AB 70 46.16 116.66 -83.09
C GLN AB 70 46.98 116.04 -84.22
N LYS AB 71 48.14 116.65 -84.50
CA LYS AB 71 49.26 116.05 -85.23
C LYS AB 71 48.84 115.58 -86.63
N VAL AB 72 48.52 116.55 -87.46
CA VAL AB 72 48.24 116.24 -88.86
C VAL AB 72 49.55 115.88 -89.55
N GLU AB 73 49.66 114.64 -90.00
CA GLU AB 73 50.83 114.21 -90.76
C GLU AB 73 50.36 113.62 -92.09
N GLY AB 74 50.89 114.16 -93.19
CA GLY AB 74 50.55 113.68 -94.52
C GLY AB 74 49.08 113.89 -94.83
N ASN AB 75 48.38 112.79 -95.07
CA ASN AB 75 46.94 112.78 -95.17
C ASN AB 75 46.28 112.40 -93.85
N GLN AB 76 47.04 111.86 -92.92
CA GLN AB 76 46.51 111.30 -91.69
C GLN AB 76 46.15 112.44 -90.74
N LEU AB 77 45.32 112.13 -89.74
CA LEU AB 77 44.76 113.20 -88.90
C LEU AB 77 44.43 112.60 -87.54
N VAL AB 78 45.20 112.93 -86.50
CA VAL AB 78 44.99 112.31 -85.20
C VAL AB 78 43.87 113.04 -84.48
N LEU AB 79 43.00 112.28 -83.85
CA LEU AB 79 41.97 112.82 -82.98
C LEU AB 79 42.10 112.13 -81.64
N ARG AB 80 42.41 112.89 -80.60
CA ARG AB 80 42.47 112.31 -79.26
C ARG AB 80 41.08 112.34 -78.66
N LYS AB 81 40.65 111.22 -78.09
CA LYS AB 81 39.44 111.15 -77.29
C LYS AB 81 39.77 111.60 -75.88
N PRO AB 82 39.31 112.78 -75.47
CA PRO AB 82 39.81 113.38 -74.24
C PRO AB 82 39.08 112.88 -72.99
N MET AB 83 39.86 112.59 -71.96
CA MET AB 83 39.39 111.89 -70.78
C MET AB 83 38.74 112.85 -69.78
N THR AB 84 38.07 112.26 -68.80
CA THR AB 84 37.26 113.01 -67.86
C THR AB 84 38.11 113.78 -66.86
N GLY AB 85 37.83 115.08 -66.72
CA GLY AB 85 38.47 115.89 -65.71
C GLY AB 85 39.90 116.26 -65.97
N GLN AB 86 40.43 115.96 -67.15
CA GLN AB 86 41.81 116.29 -67.47
C GLN AB 86 41.86 117.63 -68.18
N GLN AB 87 43.08 118.10 -68.42
CA GLN AB 87 43.34 119.42 -68.97
C GLN AB 87 43.72 119.30 -70.44
N TYR AB 88 43.12 120.14 -71.26
CA TYR AB 88 43.35 120.10 -72.70
C TYR AB 88 43.37 121.53 -73.26
N ALA AB 89 44.12 121.72 -74.33
CA ALA AB 89 44.25 123.02 -74.98
C ALA AB 89 43.41 123.04 -76.25
N ILE AB 90 42.51 124.01 -76.35
CA ILE AB 90 41.53 124.08 -77.43
C ILE AB 90 41.67 125.42 -78.13
N LYS AB 91 41.81 125.38 -79.46
CA LYS AB 91 41.68 126.59 -80.27
C LYS AB 91 40.21 126.93 -80.44
N ASN AB 92 39.89 128.21 -80.38
CA ASN AB 92 38.51 128.64 -80.47
C ASN AB 92 38.13 129.02 -81.91
N THR AB 93 36.85 128.89 -82.19
CA THR AB 93 36.27 129.31 -83.46
C THR AB 93 35.10 130.25 -83.31
N GLY AB 94 34.44 130.27 -82.15
CA GLY AB 94 33.33 131.15 -81.92
C GLY AB 94 33.77 132.60 -81.83
N PRO AB 95 33.05 133.48 -82.50
CA PRO AB 95 33.42 134.90 -82.48
C PRO AB 95 33.13 135.54 -81.13
N PHE AB 96 34.03 135.38 -80.18
CA PHE AB 96 33.78 135.79 -78.80
C PHE AB 96 35.09 136.28 -78.20
N PRO AB 97 35.04 136.98 -77.07
CA PRO AB 97 36.29 137.38 -76.41
C PRO AB 97 36.83 136.42 -75.35
N TRP AB 98 36.05 135.42 -74.92
CA TRP AB 98 36.53 134.25 -74.17
C TRP AB 98 37.15 134.61 -72.82
N GLU AB 99 36.33 135.19 -71.95
CA GLU AB 99 36.78 135.48 -70.60
C GLU AB 99 36.94 134.18 -69.83
N LYS AB 100 38.01 134.10 -69.02
CA LYS AB 100 38.36 132.88 -68.34
C LYS AB 100 37.38 132.59 -67.19
N GLY AB 101 37.46 131.37 -66.68
CA GLY AB 101 36.66 130.95 -65.56
C GLY AB 101 35.26 130.47 -65.89
N ASP AB 102 34.78 130.68 -67.10
CA ASP AB 102 33.40 130.32 -67.40
C ASP AB 102 33.32 128.90 -67.95
N THR AB 103 32.11 128.36 -67.94
CA THR AB 103 31.84 127.05 -68.51
C THR AB 103 31.55 127.19 -70.00
N LEU AB 104 31.77 126.11 -70.73
CA LEU AB 104 31.60 126.14 -72.17
C LEU AB 104 30.71 124.99 -72.63
N THR AB 105 29.92 125.26 -73.65
CA THR AB 105 29.18 124.25 -74.36
C THR AB 105 29.62 124.24 -75.81
N LEU AB 106 29.02 123.31 -76.55
CA LEU AB 106 29.38 123.05 -77.93
C LEU AB 106 28.10 123.15 -78.75
N ILE AB 107 28.08 124.09 -79.68
CA ILE AB 107 26.86 124.57 -80.30
C ILE AB 107 26.97 124.25 -81.79
N PRO AB 108 25.85 124.07 -82.50
CA PRO AB 108 25.94 123.94 -83.95
C PRO AB 108 26.43 125.21 -84.59
N PRO AB 109 27.06 125.13 -85.75
CA PRO AB 109 27.58 126.34 -86.40
C PRO AB 109 26.48 127.24 -86.91
N LEU AB 110 26.33 128.39 -86.26
CA LEU AB 110 25.41 129.41 -86.73
C LEU AB 110 25.96 130.00 -88.03
N SER AB 111 25.05 130.47 -88.88
CA SER AB 111 25.45 131.10 -90.14
C SER AB 111 25.88 132.53 -89.84
N THR AB 112 27.08 132.64 -89.29
CA THR AB 112 27.61 133.91 -88.80
C THR AB 112 28.34 134.62 -89.95
N HIS AB 113 29.21 135.57 -89.62
CA HIS AB 113 29.96 136.30 -90.66
C HIS AB 113 31.07 135.50 -91.38
N SER AB 114 31.33 135.87 -92.64
CA SER AB 114 32.38 135.29 -93.51
C SER AB 114 32.37 133.81 -93.95
N GLU AB 115 32.13 133.57 -95.25
CA GLU AB 115 32.11 132.21 -95.78
C GLU AB 115 33.17 131.34 -95.11
N GLU AB 116 32.85 130.05 -95.00
CA GLU AB 116 33.76 129.11 -94.38
C GLU AB 116 34.97 128.87 -95.27
N LYS AB 117 36.16 128.88 -94.68
CA LYS AB 117 37.40 128.67 -95.39
C LYS AB 117 38.09 127.39 -94.92
N LEU AB 118 37.40 126.57 -94.12
CA LEU AB 118 38.06 125.49 -93.39
C LEU AB 118 38.51 124.38 -94.34
N LEU AB 119 37.55 123.70 -94.97
CA LEU AB 119 37.86 122.76 -96.05
C LEU AB 119 36.57 122.54 -96.83
N LYS AB 120 36.53 123.00 -98.08
CA LYS AB 120 35.53 122.52 -99.04
C LYS AB 120 36.28 121.73 -100.10
N LEU AB 121 35.96 120.44 -100.22
CA LEU AB 121 36.69 119.59 -101.16
C LEU AB 121 35.85 118.39 -101.54
N GLY AB 122 35.64 118.22 -102.84
CA GLY AB 122 35.01 117.05 -103.44
C GLY AB 122 33.64 116.68 -102.89
N ASP AB 123 32.71 117.65 -102.92
CA ASP AB 123 31.37 117.54 -102.34
C ASP AB 123 31.39 117.19 -100.86
N TRP AB 124 32.46 117.59 -100.15
CA TRP AB 124 32.58 117.35 -98.73
C TRP AB 124 33.12 118.60 -98.07
N GLU AB 125 32.50 119.01 -96.98
CA GLU AB 125 32.99 120.14 -96.22
C GLU AB 125 33.39 119.68 -94.83
N LEU AB 126 34.13 120.52 -94.14
CA LEU AB 126 34.50 120.27 -92.75
C LEU AB 126 33.65 121.20 -91.91
N THR AB 127 32.46 120.74 -91.55
CA THR AB 127 31.55 121.53 -90.74
C THR AB 127 31.95 121.36 -89.28
N VAL AB 128 32.57 122.39 -88.72
CA VAL AB 128 33.06 122.36 -87.35
C VAL AB 128 32.03 123.05 -86.46
N PRO AB 129 31.54 122.38 -85.42
CA PRO AB 129 30.63 123.06 -84.49
C PRO AB 129 31.38 124.07 -83.66
N LEU AB 130 30.67 125.13 -83.26
CA LEU AB 130 31.36 126.17 -82.53
C LEU AB 130 31.39 125.83 -81.05
N VAL AB 131 32.25 126.51 -80.31
CA VAL AB 131 32.29 126.42 -78.86
C VAL AB 131 31.87 127.77 -78.32
N VAL AB 132 30.93 127.78 -77.38
CA VAL AB 132 30.38 129.04 -76.88
C VAL AB 132 30.30 128.95 -75.36
N PRO AB 133 30.16 130.10 -74.68
CA PRO AB 133 29.79 130.06 -73.27
C PRO AB 133 28.38 129.52 -73.06
N THR AB 134 28.18 128.97 -71.87
CA THR AB 134 26.90 128.35 -71.51
C THR AB 134 25.80 129.39 -71.41
N ALA AB 135 26.15 130.64 -71.08
CA ALA AB 135 25.16 131.70 -70.99
C ALA AB 135 24.55 132.01 -72.35
N ILE AB 136 25.38 132.16 -73.38
CA ILE AB 136 24.81 132.40 -74.71
C ILE AB 136 24.24 131.12 -75.29
N ALA AB 137 24.68 129.94 -74.86
CA ALA AB 137 24.03 128.71 -75.31
C ALA AB 137 22.60 128.61 -74.80
N ALA AB 138 22.42 128.88 -73.51
CA ALA AB 138 21.08 128.96 -72.94
C ALA AB 138 20.27 130.08 -73.57
N GLU AB 139 20.92 131.19 -73.94
CA GLU AB 139 20.24 132.29 -74.61
C GLU AB 139 19.67 131.88 -75.97
N ILE AB 140 20.49 131.16 -76.75
CA ILE AB 140 20.05 130.63 -78.04
C ILE AB 140 18.91 129.65 -77.85
N ASN AB 141 18.99 128.81 -76.81
CA ASN AB 141 17.95 127.82 -76.60
C ASN AB 141 16.64 128.46 -76.15
N ILE AB 142 16.72 129.56 -75.38
CA ILE AB 142 15.54 130.38 -75.06
C ILE AB 142 14.91 130.93 -76.33
N ARG AB 143 15.75 131.40 -77.26
CA ARG AB 143 15.24 131.91 -78.54
C ARG AB 143 14.52 130.83 -79.34
N LEU AB 144 15.08 129.61 -79.38
CA LEU AB 144 14.46 128.48 -80.08
C LEU AB 144 13.09 128.15 -79.49
N LEU AB 145 13.03 128.00 -78.16
CA LEU AB 145 11.78 127.67 -77.49
C LEU AB 145 10.75 128.79 -77.66
N CYS AB 146 11.21 130.04 -77.64
CA CYS AB 146 10.30 131.17 -77.78
C CYS AB 146 9.72 131.23 -79.19
N ILE AB 147 10.54 130.97 -80.21
CA ILE AB 147 10.04 130.92 -81.59
C ILE AB 147 9.09 129.75 -81.77
N GLY AB 148 9.27 128.67 -80.99
CA GLY AB 148 8.25 127.62 -80.95
C GLY AB 148 6.90 128.13 -80.48
N LEU AB 149 6.89 128.81 -79.33
CA LEU AB 149 5.66 129.39 -78.80
C LEU AB 149 5.03 130.42 -79.74
N ILE AB 150 5.86 131.22 -80.43
CA ILE AB 150 5.32 132.26 -81.32
C ILE AB 150 4.88 131.67 -82.66
N ALA AB 151 5.58 130.65 -83.15
CA ALA AB 151 5.21 130.06 -84.43
C ALA AB 151 3.97 129.19 -84.32
N VAL AB 152 3.57 128.81 -83.09
CA VAL AB 152 2.21 128.28 -82.92
C VAL AB 152 1.16 129.35 -83.29
N HIS AB 153 1.44 130.62 -82.98
CA HIS AB 153 0.55 131.71 -83.37
C HIS AB 153 0.69 131.98 -84.87
N ARG AB 154 -0.14 131.31 -85.68
CA ARG AB 154 -0.04 131.34 -87.14
C ARG AB 154 -0.50 132.70 -87.65
N GLU AB 155 0.38 133.41 -88.36
CA GLU AB 155 0.02 134.74 -88.81
C GLU AB 155 0.52 135.05 -90.21
N TYR AB 156 0.04 136.20 -90.67
CA TYR AB 156 0.48 136.85 -91.89
C TYR AB 156 1.08 138.20 -91.51
N ASN AB 157 2.29 138.48 -92.00
CA ASN AB 157 3.07 139.70 -91.71
C ASN AB 157 3.30 139.91 -90.22
N GLU AB 158 3.40 138.84 -89.44
CA GLU AB 158 3.71 139.03 -88.03
C GLU AB 158 4.84 138.10 -87.61
N MET AB 159 4.96 136.95 -88.28
CA MET AB 159 6.12 136.08 -88.06
C MET AB 159 7.41 136.80 -88.39
N GLN AB 160 7.44 137.53 -89.52
CA GLN AB 160 8.62 138.28 -89.90
C GLN AB 160 8.90 139.41 -88.91
N THR AB 161 7.84 140.10 -88.45
CA THR AB 161 7.98 141.19 -87.51
C THR AB 161 8.51 140.72 -86.16
N ILE AB 162 8.17 139.49 -85.76
CA ILE AB 162 8.75 138.95 -84.54
C ILE AB 162 10.20 138.53 -84.76
N ILE AB 163 10.46 137.82 -85.86
CA ILE AB 163 11.75 137.16 -86.04
C ILE AB 163 12.87 138.16 -86.30
N ASP AB 164 12.60 139.21 -87.11
CA ASP AB 164 13.68 140.15 -87.44
C ASP AB 164 14.08 141.01 -86.25
N GLU AB 165 13.21 141.17 -85.26
CA GLU AB 165 13.53 141.85 -84.01
C GLU AB 165 14.21 140.91 -83.03
N LEU AB 166 13.78 139.65 -83.00
CA LEU AB 166 14.27 138.72 -82.01
C LEU AB 166 15.65 138.17 -82.34
N CYS AB 167 15.87 137.81 -83.62
CA CYS AB 167 16.93 136.88 -84.00
C CYS AB 167 18.32 137.48 -83.78
N SER AB 168 18.49 138.77 -84.03
CA SER AB 168 19.79 139.41 -83.88
C SER AB 168 19.99 139.74 -82.41
N ILE AB 169 20.94 139.05 -81.77
CA ILE AB 169 21.26 139.30 -80.37
C ILE AB 169 22.71 139.74 -80.27
N GLN AB 170 23.02 140.44 -79.19
CA GLN AB 170 24.35 140.97 -78.94
C GLN AB 170 24.82 140.50 -77.56
N TYR AB 171 25.86 139.68 -77.54
CA TYR AB 171 26.49 139.27 -76.30
C TYR AB 171 27.99 139.48 -76.45
N ARG AB 172 28.55 140.31 -75.57
CA ARG AB 172 29.98 140.67 -75.55
C ARG AB 172 30.41 141.28 -76.88
N ASP AB 173 29.66 142.28 -77.32
CA ASP AB 173 29.97 143.12 -78.49
C ASP AB 173 30.05 142.30 -79.78
N VAL AB 174 29.18 141.30 -79.91
CA VAL AB 174 29.16 140.42 -81.08
C VAL AB 174 27.71 140.22 -81.51
N LEU AB 175 27.41 140.54 -82.77
CA LEU AB 175 26.07 140.31 -83.32
C LEU AB 175 26.03 138.97 -84.02
N ILE AB 176 25.08 138.11 -83.63
CA ILE AB 176 24.85 136.83 -84.27
C ILE AB 176 23.38 136.68 -84.59
N LYS AB 177 23.08 135.85 -85.60
CA LYS AB 177 21.72 135.58 -86.04
C LYS AB 177 21.61 134.10 -86.39
N LEU AB 178 20.41 133.55 -86.21
CA LEU AB 178 20.21 132.09 -86.25
C LEU AB 178 19.04 131.68 -87.14
N PRO AB 179 19.03 132.12 -88.40
CA PRO AB 179 17.75 132.26 -89.14
C PRO AB 179 17.13 130.93 -89.55
N ASP AB 180 15.90 131.06 -90.08
CA ASP AB 180 15.12 129.98 -90.68
C ASP AB 180 14.78 128.88 -89.67
N ILE AB 181 13.97 129.25 -88.67
CA ILE AB 181 13.34 128.27 -87.80
C ILE AB 181 11.89 128.10 -88.25
N VAL AB 182 11.55 126.88 -88.67
CA VAL AB 182 10.22 126.52 -89.14
C VAL AB 182 9.37 125.84 -88.05
N ASN AB 183 9.95 125.65 -86.84
CA ASN AB 183 9.26 125.04 -85.68
C ASN AB 183 8.75 123.64 -86.01
N ASP AB 184 9.66 122.80 -86.50
CA ASP AB 184 9.32 121.42 -86.82
C ASP AB 184 8.83 120.68 -85.59
N LYS AB 185 7.90 119.74 -85.82
CA LYS AB 185 7.02 119.18 -84.79
C LYS AB 185 7.75 118.56 -83.59
N GLN AB 186 9.03 118.23 -83.75
CA GLN AB 186 9.86 117.78 -82.64
C GLN AB 186 10.00 118.83 -81.56
N SER AB 187 9.98 120.11 -81.92
CA SER AB 187 10.10 121.17 -80.93
C SER AB 187 8.79 121.45 -80.22
N MET AB 188 7.67 121.08 -80.84
CA MET AB 188 6.37 121.20 -80.16
C MET AB 188 6.30 120.32 -78.93
N TYR AB 189 6.87 119.11 -79.02
CA TYR AB 189 6.92 118.25 -77.84
C TYR AB 189 7.84 118.82 -76.78
N SER AB 190 8.98 119.38 -77.18
CA SER AB 190 9.92 119.92 -76.22
C SER AB 190 9.34 121.14 -75.50
N MET AB 191 8.45 121.86 -76.17
CA MET AB 191 7.78 123.01 -75.57
C MET AB 191 6.56 122.58 -74.76
N LYS AB 192 5.97 121.43 -75.09
CA LYS AB 192 4.77 120.96 -74.41
C LYS AB 192 5.01 120.78 -72.93
N THR AB 193 6.15 120.20 -72.55
CA THR AB 193 6.45 120.00 -71.13
C THR AB 193 6.71 121.31 -70.40
N ALA AB 194 7.16 122.36 -71.12
CA ALA AB 194 7.26 123.68 -70.50
C ALA AB 194 5.89 124.25 -70.20
N CYS AB 195 4.97 124.13 -71.16
CA CYS AB 195 3.57 124.51 -70.96
C CYS AB 195 2.96 123.78 -69.76
N ILE AB 196 3.27 122.48 -69.67
CA ILE AB 196 2.80 121.62 -68.59
C ILE AB 196 3.32 122.11 -67.23
N SER AB 197 4.62 122.37 -67.14
CA SER AB 197 5.20 122.74 -65.87
C SER AB 197 4.81 124.15 -65.46
N LEU AB 198 4.56 125.05 -66.42
CA LEU AB 198 4.03 126.36 -66.08
C LEU AB 198 2.62 126.24 -65.51
N SER AB 199 1.82 125.32 -66.05
CA SER AB 199 0.51 125.05 -65.47
C SER AB 199 0.63 124.52 -64.04
N MET AB 200 1.67 123.73 -63.76
CA MET AB 200 1.82 123.25 -62.40
C MET AB 200 2.33 124.33 -61.46
N ILE AB 201 3.17 125.25 -61.95
CA ILE AB 201 3.57 126.40 -61.14
C ILE AB 201 2.35 127.23 -60.77
N THR AB 202 1.46 127.41 -61.75
CA THR AB 202 0.16 128.06 -61.52
C THR AB 202 -0.65 127.36 -60.44
N ALA AB 203 -0.77 126.04 -60.54
CA ALA AB 203 -1.64 125.32 -59.62
C ALA AB 203 -1.04 125.16 -58.22
N MET AB 204 0.28 124.93 -58.12
CA MET AB 204 0.93 124.59 -56.87
C MET AB 204 1.60 125.77 -56.19
N ALA AB 205 1.60 126.94 -56.81
CA ALA AB 205 2.37 128.03 -56.27
C ALA AB 205 1.61 128.75 -55.15
N PRO AB 206 2.24 129.03 -54.02
CA PRO AB 206 1.49 129.30 -52.78
C PRO AB 206 0.87 130.67 -52.65
N ASP AB 207 0.34 130.92 -51.45
CA ASP AB 207 -0.32 132.19 -51.10
C ASP AB 207 0.66 133.27 -50.70
N ILE AB 208 1.90 132.90 -50.33
CA ILE AB 208 2.86 133.90 -49.88
C ILE AB 208 3.41 134.68 -51.05
N VAL AB 209 3.57 134.04 -52.20
CA VAL AB 209 4.46 134.53 -53.26
C VAL AB 209 3.80 135.65 -54.06
N ARG AB 210 2.57 135.47 -54.47
CA ARG AB 210 1.93 136.50 -55.24
C ARG AB 210 1.29 137.56 -54.36
N THR AB 211 1.18 137.27 -53.06
CA THR AB 211 1.04 138.34 -52.08
C THR AB 211 2.33 139.14 -51.99
N TYR AB 212 3.48 138.46 -52.09
CA TYR AB 212 4.79 139.09 -51.91
C TYR AB 212 5.07 140.14 -52.97
N ILE AB 213 4.54 139.95 -54.18
CA ILE AB 213 4.56 141.06 -55.17
C ILE AB 213 3.97 142.33 -54.57
N ASP AB 214 2.70 142.26 -54.14
CA ASP AB 214 1.98 143.45 -53.69
C ASP AB 214 2.57 144.01 -52.40
N ARG AB 215 3.06 143.13 -51.53
CA ARG AB 215 3.65 143.58 -50.29
C ARG AB 215 4.96 144.31 -50.56
N LEU AB 216 5.74 143.85 -51.54
CA LEU AB 216 6.96 144.57 -51.90
C LEU AB 216 6.66 145.90 -52.56
N THR AB 217 5.59 145.95 -53.38
CA THR AB 217 5.21 147.22 -54.01
C THR AB 217 4.74 148.23 -52.98
N LEU AB 218 3.97 147.79 -51.99
CA LEU AB 218 3.48 148.70 -50.97
C LEU AB 218 4.56 149.11 -49.98
N GLU AB 219 5.54 148.25 -49.71
CA GLU AB 219 6.59 148.63 -48.75
C GLU AB 219 7.72 149.41 -49.43
N ASP AB 220 8.36 148.81 -50.43
CA ASP AB 220 9.57 149.35 -51.04
C ASP AB 220 9.24 149.79 -52.46
N HIS AB 221 10.23 150.39 -53.13
CA HIS AB 221 10.05 150.90 -54.49
C HIS AB 221 11.41 150.95 -55.15
N SER AB 222 11.54 150.29 -56.31
CA SER AB 222 12.81 150.25 -57.03
C SER AB 222 12.51 150.05 -58.51
N MET AB 223 13.56 150.09 -59.33
CA MET AB 223 13.39 150.11 -60.78
C MET AB 223 12.93 148.76 -61.32
N LEU AB 224 13.52 147.67 -60.81
CA LEU AB 224 13.06 146.32 -61.13
C LEU AB 224 11.61 146.14 -60.73
N LEU AB 225 11.23 146.70 -59.59
CA LEU AB 225 9.84 146.67 -59.13
C LEU AB 225 8.93 147.46 -60.05
N ILE AB 226 9.42 148.58 -60.61
CA ILE AB 226 8.63 149.36 -61.55
C ILE AB 226 8.37 148.57 -62.82
N LYS AB 227 9.40 147.90 -63.35
CA LYS AB 227 9.20 147.11 -64.55
C LYS AB 227 8.30 145.90 -64.30
N CYS AB 228 8.39 145.30 -63.10
CA CYS AB 228 7.48 144.21 -62.76
C CYS AB 228 6.05 144.70 -62.59
N GLN AB 229 5.86 145.91 -62.06
CA GLN AB 229 4.53 146.52 -62.03
C GLN AB 229 4.02 146.80 -63.43
N GLU AB 230 4.91 147.18 -64.34
CA GLU AB 230 4.50 147.39 -65.73
C GLU AB 230 4.05 146.07 -66.36
N LEU AB 231 4.72 144.98 -66.04
CA LEU AB 231 4.26 143.66 -66.50
C LEU AB 231 2.93 143.27 -65.85
N LEU AB 232 2.77 143.55 -64.55
CA LEU AB 232 1.54 143.18 -63.86
C LEU AB 232 0.35 144.02 -64.31
N SER AB 233 0.58 145.27 -64.69
CA SER AB 233 -0.48 146.09 -65.26
C SER AB 233 -0.67 145.83 -66.73
N LYS AB 234 0.34 145.27 -67.39
CA LYS AB 234 0.26 144.99 -68.82
C LYS AB 234 -0.44 143.65 -69.08
N ARG AB 235 -0.19 142.67 -68.20
CA ARG AB 235 -0.75 141.31 -68.32
C ARG AB 235 -2.28 141.33 -68.35
N THR AB 236 -2.89 140.20 -68.67
CA THR AB 236 -4.33 140.14 -68.88
C THR AB 236 -5.09 139.99 -67.55
N THR AB 237 -4.47 140.43 -66.46
CA THR AB 237 -5.13 140.48 -65.15
C THR AB 237 -5.79 139.24 -64.54
N LEU AB 238 -5.02 138.19 -64.32
CA LEU AB 238 -5.55 136.97 -63.73
C LEU AB 238 -6.09 137.37 -62.36
N SER AB 239 -5.37 138.28 -61.70
CA SER AB 239 -5.75 138.84 -60.41
C SER AB 239 -6.02 137.87 -59.25
N THR AB 240 -5.15 136.87 -59.08
CA THR AB 240 -5.32 135.94 -57.96
C THR AB 240 -5.17 136.73 -56.67
N GLN AB 241 -6.02 136.44 -55.68
CA GLN AB 241 -5.98 137.21 -54.44
C GLN AB 241 -5.91 136.41 -53.13
N ARG AB 242 -5.31 137.06 -52.13
CA ARG AB 242 -5.14 136.53 -50.78
C ARG AB 242 -6.50 136.04 -50.25
N CYS AB 243 -6.92 134.88 -50.76
CA CYS AB 243 -8.19 134.34 -50.33
C CYS AB 243 -8.15 133.84 -48.89
N GLY AB 244 -6.98 133.40 -48.42
CA GLY AB 244 -6.79 132.98 -47.06
C GLY AB 244 -5.50 133.43 -46.38
N GLN AB 245 -5.08 134.70 -46.57
CA GLN AB 245 -3.69 135.15 -46.44
C GLN AB 245 -3.00 134.78 -45.13
N LEU AB 246 -3.77 134.58 -44.04
CA LEU AB 246 -3.24 134.69 -42.70
C LEU AB 246 -2.19 133.62 -42.41
N HIS AB 247 -2.30 132.44 -43.07
CA HIS AB 247 -1.25 131.41 -43.06
C HIS AB 247 -0.98 130.96 -41.61
N ALA AB 248 -2.00 130.35 -41.03
CA ALA AB 248 -2.07 130.21 -39.58
C ALA AB 248 -1.31 128.97 -39.12
N THR AB 249 0.02 129.06 -39.24
CA THR AB 249 0.94 127.93 -39.15
C THR AB 249 0.49 126.80 -40.09
N ASP AB 250 0.47 127.15 -41.38
CA ASP AB 250 0.30 126.22 -42.48
C ASP AB 250 1.66 125.91 -43.11
N ILE AB 251 2.70 125.96 -42.28
CA ILE AB 251 4.03 126.20 -42.79
C ILE AB 251 4.65 124.94 -43.40
N LYS AB 252 4.27 123.74 -42.95
CA LYS AB 252 4.75 122.52 -43.59
C LYS AB 252 4.14 122.36 -44.97
N ASP AB 253 2.86 122.74 -45.11
CA ASP AB 253 2.22 122.79 -46.42
C ASP AB 253 2.93 123.77 -47.34
N GLU AB 254 3.38 124.89 -46.78
CA GLU AB 254 4.06 125.88 -47.60
C GLU AB 254 5.47 125.44 -48.00
N LEU AB 255 6.16 124.74 -47.09
CA LEU AB 255 7.43 124.12 -47.45
C LEU AB 255 7.26 123.12 -48.58
N LYS AB 256 6.21 122.31 -48.51
CA LYS AB 256 5.94 121.32 -49.57
C LYS AB 256 5.62 122.02 -50.89
N LYS AB 257 4.79 123.05 -50.86
CA LYS AB 257 4.39 123.74 -52.09
C LYS AB 257 5.56 124.47 -52.73
N ILE AB 258 6.41 125.11 -51.92
CA ILE AB 258 7.56 125.81 -52.48
C ILE AB 258 8.60 124.83 -53.00
N LYS AB 259 8.72 123.65 -52.37
CA LYS AB 259 9.57 122.60 -52.94
C LYS AB 259 9.08 122.15 -54.30
N SER AB 260 7.76 122.01 -54.46
CA SER AB 260 7.21 121.61 -55.74
C SER AB 260 7.41 122.68 -56.81
N VAL AB 261 7.26 123.95 -56.43
CA VAL AB 261 7.46 125.06 -57.37
C VAL AB 261 8.91 125.12 -57.82
N LEU AB 262 9.84 124.96 -56.87
CA LEU AB 262 11.26 124.92 -57.20
C LEU AB 262 11.57 123.77 -58.15
N THR AB 263 10.95 122.61 -57.93
CA THR AB 263 11.21 121.46 -58.82
C THR AB 263 10.66 121.70 -60.23
N MET AB 264 9.53 122.40 -60.35
CA MET AB 264 9.04 122.74 -61.69
C MET AB 264 9.98 123.70 -62.41
N ILE AB 265 10.51 124.68 -61.66
CA ILE AB 265 11.47 125.59 -62.25
C ILE AB 265 12.75 124.87 -62.64
N ASP AB 266 13.14 123.85 -61.87
CA ASP AB 266 14.30 123.03 -62.24
C ASP AB 266 14.03 122.25 -63.51
N GLN AB 267 12.78 121.81 -63.71
CA GLN AB 267 12.44 121.10 -64.94
C GLN AB 267 12.55 122.02 -66.16
N ILE AB 268 11.96 123.22 -66.07
CA ILE AB 268 12.00 124.12 -67.21
C ILE AB 268 13.42 124.65 -67.44
N ASN AB 269 14.23 124.73 -66.39
CA ASN AB 269 15.64 125.05 -66.58
C ASN AB 269 16.37 123.91 -67.27
N SER AB 270 16.04 122.66 -66.94
CA SER AB 270 16.67 121.53 -67.59
C SER AB 270 16.24 121.40 -69.05
N LEU AB 271 15.11 122.00 -69.42
CA LEU AB 271 14.77 122.13 -70.83
C LEU AB 271 15.80 122.95 -71.60
N THR AB 272 16.05 124.18 -71.15
CA THR AB 272 16.88 125.11 -71.91
C THR AB 272 18.35 125.05 -71.56
N ASN AB 273 18.73 124.34 -70.51
CA ASN AB 273 20.11 124.30 -70.03
C ASN AB 273 20.88 123.26 -70.83
N GLU AB 274 21.91 123.70 -71.53
CA GLU AB 274 22.73 122.79 -72.32
C GLU AB 274 23.96 122.39 -71.52
N LYS AB 275 24.46 121.20 -71.83
CA LYS AB 275 25.49 120.56 -71.01
C LYS AB 275 26.83 121.28 -71.18
N THR AB 276 27.40 121.72 -70.06
CA THR AB 276 28.71 122.34 -70.06
C THR AB 276 29.76 121.31 -70.46
N TYR AB 277 30.48 121.58 -71.55
CA TYR AB 277 31.49 120.66 -72.05
C TYR AB 277 32.91 121.03 -71.67
N PHE AB 278 33.18 122.28 -71.30
CA PHE AB 278 34.54 122.69 -71.01
C PHE AB 278 34.55 123.77 -69.92
N VAL AB 279 35.60 123.74 -69.11
CA VAL AB 279 35.80 124.72 -68.03
C VAL AB 279 37.17 125.35 -68.21
N VAL AB 280 37.20 126.65 -68.47
CA VAL AB 280 38.40 127.37 -68.88
C VAL AB 280 39.23 127.74 -67.67
N CYS AB 281 40.56 127.57 -67.77
CA CYS AB 281 41.47 128.05 -66.73
C CYS AB 281 42.47 129.08 -67.23
N ASP AB 282 43.24 128.78 -68.26
CA ASP AB 282 44.31 129.66 -68.72
C ASP AB 282 44.07 129.99 -70.18
N VAL AB 283 44.13 131.28 -70.51
CA VAL AB 283 43.81 131.78 -71.84
C VAL AB 283 45.03 132.49 -72.40
N SER AB 284 45.33 132.24 -73.67
CA SER AB 284 46.35 133.00 -74.38
C SER AB 284 45.92 134.45 -74.55
N ALA AB 285 46.90 135.32 -74.78
CA ALA AB 285 46.64 136.75 -74.93
C ALA AB 285 45.91 137.06 -76.23
N ASP AB 286 45.96 136.16 -77.21
CA ASP AB 286 45.22 136.32 -78.44
C ASP AB 286 43.73 136.05 -78.24
N ASN AB 287 43.37 135.39 -77.15
CA ASN AB 287 42.09 134.69 -76.99
C ASN AB 287 41.86 133.73 -78.16
N ARG AB 288 42.92 133.04 -78.58
CA ARG AB 288 42.86 132.11 -79.68
C ARG AB 288 42.92 130.66 -79.23
N MET AB 289 43.71 130.36 -78.20
CA MET AB 289 43.73 129.05 -77.58
C MET AB 289 43.54 129.22 -76.08
N ALA AB 290 42.88 128.24 -75.47
CA ALA AB 290 42.70 128.28 -74.03
C ALA AB 290 42.69 126.86 -73.48
N THR AB 291 43.03 126.73 -72.22
CA THR AB 291 43.08 125.43 -71.57
C THR AB 291 41.82 125.20 -70.72
N CYS AB 292 41.41 123.93 -70.66
CA CYS AB 292 40.22 123.50 -69.95
C CYS AB 292 40.52 122.29 -69.06
N ILE AB 293 39.72 122.12 -68.01
CA ILE AB 293 39.86 120.91 -67.20
C ILE AB 293 38.55 120.15 -67.05
N TYR AB 294 38.17 119.38 -68.08
CA TYR AB 294 36.84 118.75 -68.05
C TYR AB 294 36.64 117.79 -69.22
N LYS AB 295 35.86 116.75 -68.94
CA LYS AB 295 35.05 116.04 -69.92
C LYS AB 295 33.83 115.47 -69.22
N ASN AB 296 32.69 115.48 -69.91
CA ASN AB 296 31.42 115.05 -69.34
C ASN AB 296 31.35 113.56 -68.96
N MET BB 1 62.38 28.63 79.63
CA MET BB 1 63.44 29.62 79.79
C MET BB 1 63.51 30.15 81.22
N GLU BB 2 62.35 30.21 81.88
CA GLU BB 2 62.23 30.69 83.25
C GLU BB 2 62.82 32.08 83.48
N THR BB 3 62.59 32.98 82.52
CA THR BB 3 63.10 34.34 82.60
C THR BB 3 62.32 35.27 81.68
N VAL BB 4 61.69 36.28 82.25
CA VAL BB 4 60.91 37.22 81.47
C VAL BB 4 61.64 38.57 81.48
N TYR BB 5 61.99 39.08 80.31
CA TYR BB 5 62.74 40.33 80.22
C TYR BB 5 61.79 41.50 79.97
N CYS BB 6 61.79 42.48 80.87
CA CYS BB 6 61.07 43.72 80.66
C CYS BB 6 61.97 44.75 80.03
N THR BB 7 61.41 45.46 79.06
CA THR BB 7 62.09 46.57 78.40
C THR BB 7 61.12 47.75 78.35
N PHE BB 8 61.52 48.87 78.92
CA PHE BB 8 60.61 50.00 79.00
C PHE BB 8 60.51 50.70 77.66
N ASP BB 9 59.33 51.19 77.34
CA ASP BB 9 59.16 51.96 76.11
C ASP BB 9 59.63 53.39 76.30
N HIS BB 10 59.25 54.01 77.41
CA HIS BB 10 59.67 55.37 77.70
C HIS BB 10 61.08 55.38 78.29
N LYS BB 11 61.82 56.44 78.02
CA LYS BB 11 63.13 56.63 78.59
C LYS BB 11 63.02 56.92 80.09
N LEU BB 12 64.14 56.78 80.80
CA LEU BB 12 64.15 56.96 82.24
C LEU BB 12 65.30 57.88 82.65
N SER BB 13 65.45 58.05 83.96
CA SER BB 13 66.45 58.91 84.55
C SER BB 13 67.34 58.10 85.50
N LEU BB 14 68.45 58.70 85.91
CA LEU BB 14 69.39 58.00 86.76
C LEU BB 14 68.88 57.86 88.19
N SER BB 15 68.08 58.82 88.65
CA SER BB 15 67.39 58.67 89.92
C SER BB 15 66.40 57.51 89.85
N ASP BB 16 65.76 57.33 88.68
CA ASP BB 16 64.84 56.22 88.50
C ASP BB 16 65.56 54.88 88.49
N ILE BB 17 66.73 54.81 87.84
CA ILE BB 17 67.44 53.54 87.79
C ILE BB 17 68.06 53.22 89.15
N SER BB 18 68.37 54.25 89.95
CA SER BB 18 68.80 54.00 91.32
C SER BB 18 67.64 53.53 92.18
N THR BB 19 66.43 54.03 91.93
CA THR BB 19 65.25 53.53 92.63
C THR BB 19 64.97 52.08 92.28
N LEU BB 20 65.13 51.71 91.01
CA LEU BB 20 64.95 50.32 90.62
C LEU BB 20 66.08 49.43 91.15
N CYS BB 21 67.27 49.99 91.37
CA CYS BB 21 68.29 49.24 92.09
C CYS BB 21 67.93 49.04 93.56
N LYS BB 22 67.26 50.03 94.16
CA LYS BB 22 66.75 49.84 95.52
C LYS BB 22 65.63 48.81 95.56
N LEU BB 23 64.82 48.73 94.53
CA LEU BB 23 63.58 47.93 94.63
C LEU BB 23 63.68 46.46 94.29
N MET BB 24 64.89 45.95 94.35
CA MET BB 24 65.13 44.56 93.94
C MET BB 24 64.44 43.56 94.88
N ASN BB 25 64.11 42.39 94.31
CA ASN BB 25 63.51 41.23 95.00
C ASN BB 25 62.10 41.51 95.48
N ILE BB 26 61.29 42.11 94.62
CA ILE BB 26 59.88 42.38 94.91
C ILE BB 26 59.03 41.60 93.91
N VAL BB 27 57.96 41.00 94.40
CA VAL BB 27 57.02 40.29 93.55
C VAL BB 27 56.24 41.30 92.73
N ILE BB 28 56.29 41.14 91.41
CA ILE BB 28 55.53 41.97 90.47
C ILE BB 28 54.69 41.04 89.61
N PRO BB 29 53.40 41.27 89.46
CA PRO BB 29 52.58 40.40 88.63
C PRO BB 29 52.58 40.84 87.17
N ILE BB 30 52.52 39.85 86.28
CA ILE BB 30 52.38 40.10 84.85
C ILE BB 30 51.24 39.25 84.30
N PRO BB 31 50.48 39.76 83.34
CA PRO BB 31 49.42 38.95 82.75
C PRO BB 31 49.88 38.21 81.50
N ALA BB 32 51.04 38.59 80.99
CA ALA BB 32 51.38 38.32 79.60
C ALA BB 32 51.81 36.87 79.37
N HIS BB 33 52.65 36.31 80.27
CA HIS BB 33 53.23 34.97 80.14
C HIS BB 33 54.03 34.82 78.83
N HIS BB 34 54.81 35.84 78.51
CA HIS BB 34 55.70 35.79 77.36
C HIS BB 34 57.14 35.85 77.85
N HIS BB 35 58.08 35.45 77.00
CA HIS BB 35 59.49 35.50 77.40
C HIS BB 35 60.02 36.92 77.48
N LEU BB 36 59.42 37.84 76.75
CA LEU BB 36 59.72 39.26 76.83
C LEU BB 36 58.54 39.94 77.48
N ILE BB 37 58.79 40.90 78.40
CA ILE BB 37 57.71 41.85 78.64
C ILE BB 37 58.17 43.30 78.38
N GLY BB 38 57.18 44.18 78.41
CA GLY BB 38 57.37 45.59 78.16
C GLY BB 38 56.85 46.39 79.33
N SER BB 39 56.89 47.72 79.17
CA SER BB 39 56.41 48.58 80.22
C SER BB 39 54.89 48.71 80.23
N GLY BB 40 54.21 48.32 79.15
CA GLY BB 40 52.76 48.43 79.11
C GLY BB 40 52.08 47.40 79.98
N ASN BB 41 52.62 46.19 80.04
CA ASN BB 41 52.02 45.12 80.81
C ASN BB 41 52.70 44.90 82.14
N LEU BB 42 53.78 45.63 82.43
CA LEU BB 42 54.45 45.47 83.71
C LEU BB 42 53.63 46.13 84.83
N GLY BB 43 53.45 45.41 85.92
CA GLY BB 43 52.81 45.99 87.08
C GLY BB 43 51.30 45.96 87.01
N LEU BB 44 50.69 46.80 87.85
CA LEU BB 44 49.24 46.83 88.01
C LEU BB 44 48.62 48.13 87.53
N TYR BB 45 49.42 49.13 87.18
CA TYR BB 45 48.88 50.33 86.53
C TYR BB 45 48.08 50.12 85.24
N PRO BB 46 48.36 49.15 84.34
CA PRO BB 46 47.44 48.98 83.19
C PRO BB 46 46.05 48.51 83.55
N ILE BB 47 45.78 48.08 84.79
CA ILE BB 47 44.41 47.90 85.21
C ILE BB 47 43.95 48.99 86.19
N VAL BB 48 44.81 49.57 87.02
CA VAL BB 48 44.24 50.56 87.92
C VAL BB 48 44.22 51.92 87.21
N SER BB 49 43.31 52.00 86.24
CA SER BB 49 42.66 53.19 85.73
C SER BB 49 41.21 52.90 85.44
N SER BB 50 40.83 51.62 85.42
CA SER BB 50 39.47 51.17 85.15
C SER BB 50 38.75 51.01 86.48
N ASN BB 51 38.08 52.08 86.89
CA ASN BB 51 37.08 52.18 87.96
C ASN BB 51 37.65 52.09 89.38
N LYS BB 52 38.93 51.71 89.52
CA LYS BB 52 39.70 51.74 90.79
C LYS BB 52 39.01 50.93 91.90
N ASP BB 53 38.20 49.95 91.54
CA ASP BB 53 37.46 49.20 92.54
C ASP BB 53 38.38 48.18 93.19
N TYR BB 54 38.40 48.18 94.53
CA TYR BB 54 39.31 47.32 95.27
C TYR BB 54 38.98 45.85 95.07
N VAL BB 55 37.69 45.51 94.99
CA VAL BB 55 37.28 44.14 94.72
C VAL BB 55 37.68 43.71 93.32
N HIS BB 56 37.57 44.62 92.35
CA HIS BB 56 37.95 44.34 90.98
C HIS BB 56 39.46 44.12 90.85
N ILE BB 57 40.24 44.96 91.51
CA ILE BB 57 41.70 44.81 91.52
C ILE BB 57 42.08 43.51 92.21
N ARG BB 58 41.35 43.16 93.28
CA ARG BB 58 41.62 41.91 93.99
C ARG BB 58 41.32 40.69 93.15
N ASN BB 59 40.22 40.72 92.40
CA ASN BB 59 39.87 39.60 91.53
C ASN BB 59 40.87 39.41 90.40
N VAL BB 60 41.21 40.49 89.70
CA VAL BB 60 42.14 40.33 88.60
C VAL BB 60 43.56 40.10 89.11
N LEU BB 61 43.86 40.54 90.33
CA LEU BB 61 45.14 40.23 90.94
C LEU BB 61 45.22 38.75 91.31
N ARG BB 62 44.08 38.15 91.66
CA ARG BB 62 44.02 36.71 91.76
C ARG BB 62 44.26 36.05 90.41
N THR BB 63 43.79 36.66 89.33
CA THR BB 63 44.03 36.07 88.00
C THR BB 63 45.47 36.23 87.53
N MET BB 64 46.19 37.23 88.03
CA MET BB 64 47.53 37.55 87.53
C MET BB 64 48.55 36.44 87.79
N VAL BB 65 49.66 36.52 87.08
CA VAL BB 65 50.78 35.60 87.23
C VAL BB 65 51.94 36.36 87.85
N VAL BB 66 52.39 35.91 88.99
CA VAL BB 66 53.37 36.64 89.78
C VAL BB 66 54.78 36.23 89.38
N THR BB 67 55.69 37.21 89.43
CA THR BB 67 57.12 36.99 89.17
C THR BB 67 57.91 37.74 90.23
N ILE BB 68 59.22 37.53 90.23
CA ILE BB 68 60.12 38.18 91.19
C ILE BB 68 61.13 39.01 90.40
N LEU BB 69 61.33 40.25 90.86
CA LEU BB 69 62.31 41.15 90.25
C LEU BB 69 63.73 40.64 90.46
N GLN BB 70 64.56 40.81 89.43
CA GLN BB 70 65.94 40.35 89.47
C GLN BB 70 66.74 41.07 88.39
N LYS BB 71 67.92 41.59 88.78
CA LYS BB 71 69.03 41.94 87.90
C LYS BB 71 68.63 43.00 86.86
N VAL BB 72 68.43 44.22 87.35
CA VAL BB 72 68.04 45.30 86.47
C VAL BB 72 69.25 45.85 85.73
N GLU BB 73 69.46 45.40 84.51
CA GLU BB 73 70.63 45.82 83.74
C GLU BB 73 70.19 46.77 82.65
N GLY BB 74 70.83 47.93 82.60
CA GLY BB 74 70.45 48.95 81.64
C GLY BB 74 69.04 49.46 81.86
N ASN BB 75 68.22 49.35 80.81
CA ASN BB 75 66.78 49.51 80.87
C ASN BB 75 66.07 48.17 81.03
N GLN BB 76 66.77 47.07 80.84
CA GLN BB 76 66.16 45.76 80.89
C GLN BB 76 65.90 45.38 82.35
N LEU BB 77 65.04 44.38 82.55
CA LEU BB 77 64.53 44.09 83.90
C LEU BB 77 64.14 42.62 83.96
N VAL BB 78 64.91 41.79 84.66
CA VAL BB 78 64.63 40.37 84.67
C VAL BB 78 63.51 40.09 85.67
N LEU BB 79 62.58 39.23 85.29
CA LEU BB 79 61.56 38.72 86.18
C LEU BB 79 61.61 37.21 86.13
N ARG BB 80 61.93 36.59 87.26
CA ARG BB 80 61.91 35.14 87.33
C ARG BB 80 60.51 34.68 87.68
N LYS BB 81 60.00 33.70 86.93
CA LYS BB 81 58.77 33.01 87.27
C LYS BB 81 59.09 31.93 88.29
N PRO BB 82 58.64 32.09 89.52
CA PRO BB 82 59.14 31.22 90.59
C PRO BB 82 58.38 29.91 90.68
N MET BB 83 59.13 28.82 90.85
CA MET BB 83 58.61 27.47 90.76
C MET BB 83 57.97 27.02 92.07
N THR BB 84 57.24 25.91 91.98
CA THR BB 84 56.44 25.43 93.09
C THR BB 84 57.30 24.86 94.21
N GLY BB 85 57.06 25.30 95.43
CA GLY BB 85 57.68 24.70 96.59
C GLY BB 85 59.15 25.00 96.79
N GLN BB 86 59.72 25.91 96.00
CA GLN BB 86 61.12 26.26 96.11
C GLN BB 86 61.27 27.52 96.96
N GLN BB 87 62.53 27.87 97.26
CA GLN BB 87 62.84 28.94 98.19
C GLN BB 87 63.24 30.19 97.42
N TYR BB 88 62.70 31.33 97.83
CA TYR BB 88 62.96 32.61 97.18
C TYR BB 88 63.05 33.72 98.20
N ALA BB 89 63.85 34.74 97.89
CA ALA BB 89 64.03 35.88 98.77
C ALA BB 89 63.16 37.04 98.29
N ILE BB 90 62.38 37.59 99.21
CA ILE BB 90 61.37 38.61 98.91
C ILE BB 90 61.65 39.83 99.76
N LYS BB 91 61.86 40.98 99.11
CA LYS BB 91 61.84 42.25 99.82
C LYS BB 91 60.39 42.66 100.05
N ASN BB 92 60.13 43.26 101.20
CA ASN BB 92 58.76 43.54 101.57
C ASN BB 92 58.40 45.01 101.38
N THR BB 93 57.11 45.25 101.16
CA THR BB 93 56.59 46.60 100.99
C THR BB 93 55.44 46.90 101.93
N GLY BB 94 54.75 45.89 102.44
CA GLY BB 94 53.67 46.10 103.36
C GLY BB 94 54.17 46.61 104.69
N PRO BB 95 53.54 47.64 105.21
CA PRO BB 95 54.01 48.25 106.46
C PRO BB 95 53.71 47.39 107.67
N PHE BB 96 54.50 46.36 107.94
CA PHE BB 96 54.11 45.33 108.91
C PHE BB 96 55.35 44.80 109.59
N PRO BB 97 55.20 44.10 110.72
CA PRO BB 97 56.41 43.58 111.39
C PRO BB 97 56.94 42.26 110.82
N TRP BB 98 56.10 41.44 110.17
CA TRP BB 98 56.53 40.27 109.39
C TRP BB 98 57.18 39.19 110.24
N GLU BB 99 56.45 38.75 111.27
CA GLU BB 99 56.95 37.67 112.11
C GLU BB 99 57.03 36.39 111.30
N LYS BB 100 58.10 35.62 111.53
CA LYS BB 100 58.38 34.45 110.72
C LYS BB 100 57.37 33.33 111.00
N GLY BB 101 57.40 32.32 110.13
CA GLY BB 101 56.54 31.17 110.26
C GLY BB 101 55.14 31.32 109.71
N ASP BB 102 54.70 32.53 109.38
CA ASP BB 102 53.32 32.69 108.95
C ASP BB 102 53.19 32.61 107.43
N THR BB 103 51.95 32.43 106.98
CA THR BB 103 51.65 32.37 105.55
C THR BB 103 51.36 33.76 105.03
N LEU BB 104 51.56 33.93 103.72
CA LEU BB 104 51.45 35.24 103.11
C LEU BB 104 50.51 35.20 101.91
N THR BB 105 49.75 36.26 101.74
CA THR BB 105 49.00 36.50 100.54
C THR BB 105 49.51 37.78 99.89
N LEU BB 106 48.90 38.10 98.76
CA LEU BB 106 49.29 39.21 97.92
C LEU BB 106 48.04 40.05 97.67
N ILE BB 107 48.07 41.29 98.12
CA ILE BB 107 46.89 42.12 98.32
C ILE BB 107 47.01 43.32 97.40
N PRO BB 108 45.91 43.92 96.95
CA PRO BB 108 46.02 45.18 96.21
C PRO BB 108 46.59 46.27 97.07
N PRO BB 109 47.28 47.25 96.48
CA PRO BB 109 47.93 48.29 97.28
C PRO BB 109 46.90 49.22 97.88
N LEU BB 110 47.06 49.52 99.16
CA LEU BB 110 46.05 50.34 99.82
C LEU BB 110 46.16 51.78 99.36
N SER BB 111 45.01 52.39 99.12
CA SER BB 111 44.91 53.69 98.46
C SER BB 111 44.98 54.82 99.49
N THR BB 112 45.98 54.73 100.36
CA THR BB 112 46.45 55.83 101.17
C THR BB 112 47.75 56.37 100.62
N HIS BB 113 48.14 55.93 99.42
CA HIS BB 113 49.47 56.14 98.87
C HIS BB 113 49.75 57.62 98.63
N SER BB 114 50.92 58.04 99.09
CA SER BB 114 51.40 59.40 98.91
C SER BB 114 52.76 59.30 98.23
N GLU BB 115 52.96 60.08 97.17
CA GLU BB 115 54.24 60.18 96.46
C GLU BB 115 54.74 58.89 95.83
N GLU BB 116 54.30 58.59 94.60
CA GLU BB 116 54.81 57.51 93.77
C GLU BB 116 56.34 57.58 93.63
N LYS BB 117 56.97 57.45 94.79
CA LYS BB 117 58.42 57.57 94.95
C LYS BB 117 59.23 56.54 94.19
N LEU BB 118 58.75 55.30 94.18
CA LEU BB 118 59.49 54.29 93.45
C LEU BB 118 59.50 54.67 91.98
N LEU BB 119 58.34 55.07 91.45
CA LEU BB 119 58.22 55.49 90.05
C LEU BB 119 56.98 56.30 89.67
N LYS BB 120 57.14 57.02 88.57
CA LYS BB 120 56.10 57.75 87.84
C LYS BB 120 56.78 58.33 86.60
N LEU BB 121 56.51 57.74 85.45
CA LEU BB 121 57.31 58.01 84.26
C LEU BB 121 56.42 57.96 83.02
N GLY BB 122 56.07 59.15 82.50
CA GLY BB 122 55.39 59.30 81.23
C GLY BB 122 54.01 58.68 81.19
N ASP BB 123 53.12 59.17 82.05
CA ASP BB 123 51.74 58.68 82.23
C ASP BB 123 51.71 57.19 82.60
N TRP BB 124 52.77 56.69 83.22
CA TRP BB 124 52.84 55.31 83.65
C TRP BB 124 53.49 55.27 85.02
N GLU BB 125 52.86 54.53 85.93
CA GLU BB 125 53.41 54.28 87.24
C GLU BB 125 53.65 52.78 87.38
N LEU BB 126 54.34 52.42 88.44
CA LEU BB 126 54.61 51.01 88.73
C LEU BB 126 53.76 50.67 89.94
N THR BB 127 52.55 50.21 89.69
CA THR BB 127 51.67 49.87 90.81
C THR BB 127 52.05 48.49 91.30
N VAL BB 128 52.69 48.44 92.45
CA VAL BB 128 53.16 47.20 93.04
C VAL BB 128 52.15 46.74 94.09
N PRO BB 129 51.61 45.54 93.99
CA PRO BB 129 50.71 45.05 95.03
C PRO BB 129 51.48 44.74 96.28
N LEU BB 130 50.81 44.87 97.42
CA LEU BB 130 51.52 44.60 98.66
C LEU BB 130 51.49 43.12 98.96
N VAL BB 131 52.36 42.70 99.86
CA VAL BB 131 52.34 41.35 100.40
C VAL BB 131 51.96 41.49 101.87
N VAL BB 132 51.02 40.68 102.33
CA VAL BB 132 50.52 40.79 103.70
C VAL BB 132 50.41 39.40 104.31
N PRO BB 133 50.31 39.31 105.64
CA PRO BB 133 49.88 38.06 106.26
C PRO BB 133 48.45 37.70 105.91
N THR BB 134 48.18 36.40 105.94
CA THR BB 134 46.88 35.87 105.56
C THR BB 134 45.79 36.28 106.56
N ALA BB 135 46.18 36.49 107.82
CA ALA BB 135 45.22 36.92 108.84
C ALA BB 135 44.67 38.31 108.52
N ILE BB 136 45.53 39.25 108.18
CA ILE BB 136 45.02 40.57 107.83
C ILE BB 136 44.42 40.57 106.43
N ALA BB 137 44.81 39.63 105.55
CA ALA BB 137 44.12 39.51 104.27
C ALA BB 137 42.66 39.10 104.45
N ALA BB 138 42.44 38.09 105.29
CA ALA BB 138 41.10 37.68 105.65
C ALA BB 138 40.37 38.78 106.40
N GLU BB 139 41.09 39.57 107.19
CA GLU BB 139 40.47 40.68 107.91
C GLU BB 139 39.93 41.73 106.96
N ILE BB 140 40.73 42.08 105.94
CA ILE BB 140 40.30 43.02 104.92
C ILE BB 140 39.10 42.47 104.14
N ASN BB 141 39.14 41.17 103.84
CA ASN BB 141 38.04 40.59 103.07
C ASN BB 141 36.75 40.51 103.89
N ILE BB 142 36.87 40.32 105.22
CA ILE BB 142 35.70 40.42 106.11
C ILE BB 142 35.12 41.82 106.07
N ARG BB 143 35.99 42.84 106.08
CA ARG BB 143 35.53 44.22 105.99
C ARG BB 143 34.77 44.48 104.69
N LEU BB 144 35.27 43.95 103.58
CA LEU BB 144 34.61 44.12 102.29
C LEU BB 144 33.22 43.48 102.26
N LEU BB 145 33.14 42.24 102.72
CA LEU BB 145 31.85 41.53 102.77
C LEU BB 145 30.87 42.22 103.70
N CYS BB 146 31.37 42.76 104.81
CA CYS BB 146 30.50 43.44 105.76
C CYS BB 146 30.00 44.77 105.22
N ILE BB 147 30.84 45.51 104.49
CA ILE BB 147 30.38 46.75 103.87
C ILE BB 147 29.35 46.45 102.79
N GLY BB 148 29.45 45.28 102.14
CA GLY BB 148 28.35 44.85 101.29
C GLY BB 148 27.04 44.70 102.05
N LEU BB 149 27.09 43.97 103.17
CA LEU BB 149 25.89 43.75 103.99
C LEU BB 149 25.32 45.02 104.61
N ILE BB 150 26.15 46.05 104.82
CA ILE BB 150 25.66 47.30 105.41
C ILE BB 150 25.23 48.32 104.34
N ALA BB 151 25.92 48.38 103.22
CA ALA BB 151 25.56 49.31 102.16
C ALA BB 151 24.30 48.88 101.41
N VAL BB 152 23.96 47.59 101.53
CA VAL BB 152 22.57 47.15 101.36
C VAL BB 152 21.60 48.05 102.10
N HIS BB 153 21.84 48.30 103.37
CA HIS BB 153 20.93 49.10 104.17
C HIS BB 153 21.12 50.55 103.77
N ARG BB 154 20.30 50.99 102.81
CA ARG BB 154 20.46 52.30 102.19
C ARG BB 154 20.16 53.39 103.20
N GLU BB 155 21.10 54.33 103.35
CA GLU BB 155 20.97 55.35 104.39
C GLU BB 155 21.51 56.68 103.89
N TYR BB 156 21.45 57.66 104.79
CA TYR BB 156 22.14 58.93 104.64
C TYR BB 156 22.76 59.27 105.99
N ASN BB 157 24.08 59.47 106.00
CA ASN BB 157 24.99 59.71 107.12
C ASN BB 157 25.23 58.49 108.01
N GLU BB 158 24.41 57.45 107.88
CA GLU BB 158 24.69 56.23 108.61
C GLU BB 158 25.73 55.41 107.89
N MET BB 159 25.81 55.54 106.56
CA MET BB 159 26.91 54.97 105.80
C MET BB 159 28.24 55.54 106.29
N GLN BB 160 28.30 56.86 106.46
CA GLN BB 160 29.52 57.49 106.94
C GLN BB 160 29.81 57.11 108.38
N THR BB 161 28.78 57.04 109.23
CA THR BB 161 28.94 56.67 110.63
C THR BB 161 29.43 55.23 110.78
N ILE BB 162 29.06 54.34 109.86
CA ILE BB 162 29.59 52.99 109.92
C ILE BB 162 31.01 52.92 109.36
N ILE BB 163 31.25 53.58 108.22
CA ILE BB 163 32.52 53.41 107.52
C ILE BB 163 33.68 54.04 108.29
N ASP BB 164 33.47 55.22 108.90
CA ASP BB 164 34.57 55.85 109.61
C ASP BB 164 34.93 55.11 110.91
N GLU BB 165 33.99 54.36 111.48
CA GLU BB 165 34.30 53.50 112.61
C GLU BB 165 34.98 52.22 112.16
N LEU BB 166 34.53 51.68 111.02
CA LEU BB 166 34.95 50.35 110.61
C LEU BB 166 36.33 50.34 109.97
N CYS BB 167 36.59 51.28 109.06
CA CYS BB 167 37.62 51.08 108.04
C CYS BB 167 39.02 51.13 108.61
N SER BB 168 39.28 52.01 109.55
CA SER BB 168 40.61 52.11 110.15
C SER BB 168 40.79 50.96 111.14
N ILE BB 169 41.68 50.03 110.80
CA ILE BB 169 41.94 48.87 111.65
C ILE BB 169 43.40 48.90 112.07
N GLN BB 170 43.68 48.24 113.19
CA GLN BB 170 45.03 48.16 113.73
C GLN BB 170 45.40 46.70 113.90
N TYR BB 171 46.36 46.25 113.12
CA TYR BB 171 46.92 44.92 113.30
C TYR BB 171 48.43 45.06 113.44
N ARG BB 172 48.94 44.64 114.60
CA ARG BB 172 50.36 44.66 114.93
C ARG BB 172 50.94 46.08 114.83
N ASP BB 173 50.25 47.02 115.51
CA ASP BB 173 50.68 48.41 115.74
C ASP BB 173 50.78 49.21 114.42
N VAL BB 174 49.87 48.93 113.48
CA VAL BB 174 49.86 49.62 112.20
C VAL BB 174 48.42 49.96 111.84
N LEU BB 175 48.16 51.24 111.57
CA LEU BB 175 46.86 51.72 111.15
C LEU BB 175 46.79 51.78 109.63
N ILE BB 176 45.78 51.13 109.06
CA ILE BB 176 45.52 51.17 107.63
C ILE BB 176 44.03 51.44 107.42
N LYS BB 177 43.70 51.95 106.24
CA LYS BB 177 42.32 52.17 105.89
C LYS BB 177 42.17 52.12 104.37
N LEU BB 178 40.98 51.74 103.91
CA LEU BB 178 40.73 51.58 102.48
C LEU BB 178 39.52 52.41 102.06
N PRO BB 179 39.72 53.50 101.34
CA PRO BB 179 38.63 54.45 101.09
C PRO BB 179 37.84 54.15 99.83
N ASP BB 180 36.71 54.85 99.70
CA ASP BB 180 35.97 55.04 98.45
C ASP BB 180 35.47 53.71 97.86
N ILE BB 181 34.54 53.08 98.57
CA ILE BB 181 33.90 51.87 98.08
C ILE BB 181 32.49 52.27 97.65
N VAL BB 182 32.27 52.25 96.33
CA VAL BB 182 30.98 52.63 95.76
C VAL BB 182 29.99 51.47 95.79
N ASN BB 183 30.45 50.28 96.23
CA ASN BB 183 29.63 49.10 96.52
C ASN BB 183 28.87 48.62 95.27
N ASP BB 184 29.67 48.16 94.32
CA ASP BB 184 29.16 47.71 93.03
C ASP BB 184 28.40 46.40 93.17
N LYS BB 185 27.75 46.01 92.08
CA LYS BB 185 26.87 44.85 92.07
C LYS BB 185 27.62 43.53 92.15
N GLN BB 186 28.93 43.54 91.87
CA GLN BB 186 29.71 42.31 91.93
C GLN BB 186 29.91 41.79 93.34
N SER BB 187 29.88 42.68 94.33
CA SER BB 187 29.95 42.24 95.72
C SER BB 187 28.66 41.57 96.16
N MET BB 188 27.55 41.91 95.51
CA MET BB 188 26.25 41.40 95.91
C MET BB 188 26.13 39.90 95.64
N TYR BB 189 26.67 39.45 94.50
CA TYR BB 189 26.65 38.02 94.23
C TYR BB 189 27.57 37.26 95.19
N SER BB 190 28.72 37.84 95.50
CA SER BB 190 29.66 37.20 96.42
C SER BB 190 29.06 37.08 97.82
N MET BB 191 28.22 38.03 98.22
CA MET BB 191 27.57 37.99 99.52
C MET BB 191 26.29 37.17 99.53
N LYS BB 192 25.67 36.97 98.37
CA LYS BB 192 24.43 36.20 98.28
C LYS BB 192 24.64 34.76 98.72
N THR BB 193 25.77 34.15 98.35
CA THR BB 193 26.04 32.79 98.77
C THR BB 193 26.34 32.71 100.27
N ALA BB 194 26.84 33.79 100.87
CA ALA BB 194 26.98 33.82 102.33
C ALA BB 194 25.62 33.83 103.00
N CYS BB 195 24.69 34.62 102.45
CA CYS BB 195 23.32 34.65 102.97
C CYS BB 195 22.66 33.28 102.84
N ILE BB 196 22.89 32.60 101.73
CA ILE BB 196 22.34 31.28 101.47
C ILE BB 196 22.90 30.26 102.46
N SER BB 197 24.21 30.28 102.68
CA SER BB 197 24.81 29.30 103.56
C SER BB 197 24.48 29.56 105.02
N LEU BB 198 24.29 30.82 105.41
CA LEU BB 198 23.79 31.09 106.76
C LEU BB 198 22.36 30.61 106.93
N SER BB 199 21.53 30.71 105.88
CA SER BB 199 20.20 30.12 105.93
C SER BB 199 20.25 28.61 106.11
N MET BB 200 21.23 27.96 105.48
CA MET BB 200 21.32 26.51 105.66
C MET BB 200 21.89 26.13 107.02
N ILE BB 201 22.77 26.96 107.60
CA ILE BB 201 23.22 26.73 108.98
C ILE BB 201 22.04 26.81 109.92
N THR BB 202 21.17 27.81 109.69
CA THR BB 202 19.90 27.92 110.42
C THR BB 202 19.07 26.66 110.29
N ALA BB 203 18.95 26.15 109.06
CA ALA BB 203 18.01 25.06 108.84
C ALA BB 203 18.56 23.72 109.33
N MET BB 204 19.85 23.49 109.16
CA MET BB 204 20.47 22.22 109.47
C MET BB 204 21.18 22.22 110.81
N ALA BB 205 21.06 23.28 111.58
CA ALA BB 205 21.69 23.32 112.88
C ALA BB 205 20.96 22.37 113.83
N PRO BB 206 21.67 21.46 114.48
CA PRO BB 206 21.03 20.42 115.28
C PRO BB 206 20.44 20.91 116.60
N ASP BB 207 19.86 19.98 117.35
CA ASP BB 207 19.26 20.31 118.63
C ASP BB 207 20.28 20.43 119.75
N ILE BB 208 21.49 19.90 119.54
CA ILE BB 208 22.48 19.92 120.61
C ILE BB 208 23.09 21.31 120.79
N VAL BB 209 23.21 22.07 119.72
CA VAL BB 209 24.11 23.23 119.70
C VAL BB 209 23.47 24.45 120.36
N ARG BB 210 22.25 24.79 119.95
CA ARG BB 210 21.52 25.88 120.58
C ARG BB 210 21.17 25.55 122.02
N THR BB 211 21.04 24.26 122.34
CA THR BB 211 20.92 23.85 123.74
C THR BB 211 22.26 24.01 124.47
N TYR BB 212 23.37 23.84 123.75
CA TYR BB 212 24.70 23.90 124.36
C TYR BB 212 25.02 25.29 124.87
N ILE BB 213 24.51 26.33 124.20
CA ILE BB 213 24.57 27.70 124.76
C ILE BB 213 24.04 27.73 126.18
N ASP BB 214 22.77 27.35 126.33
CA ASP BB 214 22.08 27.50 127.61
C ASP BB 214 22.65 26.56 128.64
N ARG BB 215 23.09 25.37 128.24
CA ARG BB 215 23.68 24.45 129.18
C ARG BB 215 25.03 24.95 129.69
N LEU BB 216 25.82 25.56 128.81
CA LEU BB 216 27.09 26.11 129.27
C LEU BB 216 26.87 27.31 130.18
N THR BB 217 25.85 28.14 129.88
CA THR BB 217 25.54 29.27 130.76
C THR BB 217 25.07 28.81 132.12
N LEU BB 218 24.29 27.72 132.18
CA LEU BB 218 23.81 27.23 133.46
C LEU BB 218 24.90 26.50 134.24
N GLU BB 219 25.80 25.80 133.57
CA GLU BB 219 26.82 25.04 134.28
C GLU BB 219 28.01 25.90 134.68
N ASP BB 220 28.63 26.58 133.72
CA ASP BB 220 29.87 27.31 133.93
C ASP BB 220 29.62 28.80 133.66
N HIS BB 221 30.66 29.60 133.86
CA HIS BB 221 30.54 31.05 133.73
C HIS BB 221 31.91 31.64 133.46
N SER BB 222 32.04 32.40 132.36
CA SER BB 222 33.31 33.00 131.97
C SER BB 222 33.04 34.25 131.15
N MET BB 223 34.12 34.96 130.79
CA MET BB 223 33.98 36.28 130.17
C MET BB 223 33.47 36.19 128.74
N LEU BB 224 33.99 35.22 127.98
CA LEU BB 224 33.48 34.94 126.64
C LEU BB 224 32.01 34.58 126.71
N LEU BB 225 31.63 33.80 127.71
CA LEU BB 225 30.24 33.43 127.91
C LEU BB 225 29.38 34.64 128.25
N ILE BB 226 29.93 35.61 128.98
CA ILE BB 226 29.20 36.83 129.30
C ILE BB 226 28.93 37.64 128.04
N LYS BB 227 29.95 37.82 127.20
CA LYS BB 227 29.74 38.57 125.96
C LYS BB 227 28.81 37.85 124.99
N CYS BB 228 28.84 36.52 124.99
CA CYS BB 228 27.89 35.76 124.18
C CYS BB 228 26.47 35.88 124.70
N GLN BB 229 26.30 35.91 126.02
CA GLN BB 229 25.01 36.21 126.62
C GLN BB 229 24.54 37.62 126.26
N GLU BB 230 25.48 38.57 126.18
CA GLU BB 230 25.12 39.93 125.79
C GLU BB 230 24.64 39.97 124.35
N LEU BB 231 25.29 39.21 123.47
CA LEU BB 231 24.79 39.10 122.11
C LEU BB 231 23.38 38.49 122.09
N LEU BB 232 23.20 37.33 122.73
CA LEU BB 232 21.93 36.61 122.66
C LEU BB 232 20.80 37.36 123.36
N SER BB 233 21.11 38.17 124.37
CA SER BB 233 20.10 38.98 125.04
C SER BB 233 19.80 40.24 124.27
N LYS BB 234 20.79 40.74 123.54
CA LYS BB 234 20.62 41.99 122.81
C LYS BB 234 19.81 41.78 121.53
N ARG BB 235 20.12 40.72 120.80
CA ARG BB 235 19.38 40.39 119.58
C ARG BB 235 18.13 39.63 120.01
N THR BB 236 16.97 40.01 119.47
CA THR BB 236 15.77 39.23 119.75
C THR BB 236 14.88 39.12 118.51
N THR BB 237 15.47 38.93 117.35
CA THR BB 237 14.65 38.52 116.25
C THR BB 237 14.46 36.99 116.28
N LEU BB 238 15.27 36.23 117.04
CA LEU BB 238 14.85 34.85 117.19
C LEU BB 238 14.37 34.49 118.55
N SER BB 239 13.50 33.48 118.55
CA SER BB 239 13.10 32.74 119.72
C SER BB 239 12.55 31.32 119.50
N THR BB 240 12.65 30.72 118.30
CA THR BB 240 11.86 29.51 118.01
C THR BB 240 12.30 28.30 118.84
N GLN BB 241 11.84 28.28 120.09
CA GLN BB 241 12.21 27.21 121.00
C GLN BB 241 11.51 25.91 120.64
N ARG BB 242 12.29 24.86 120.47
CA ARG BB 242 11.81 23.49 120.37
C ARG BB 242 11.88 22.90 121.77
N CYS BB 243 10.75 22.34 122.23
CA CYS BB 243 10.65 22.03 123.65
C CYS BB 243 11.45 20.79 124.03
N GLY BB 244 11.58 19.82 123.12
CA GLY BB 244 12.15 18.53 123.44
C GLY BB 244 13.54 18.34 122.88
N GLN BB 245 14.49 17.99 123.75
CA GLN BB 245 15.90 17.84 123.38
C GLN BB 245 16.48 16.53 123.90
N LEU BB 246 15.67 15.48 123.90
CA LEU BB 246 16.03 14.31 124.68
C LEU BB 246 17.12 13.48 124.02
N HIS BB 247 17.21 13.54 122.68
CA HIS BB 247 18.15 12.84 121.80
C HIS BB 247 18.18 11.33 122.06
N ALA BB 248 17.05 10.70 121.96
CA ALA BB 248 17.04 9.25 122.06
C ALA BB 248 17.28 8.66 120.68
N THR BB 249 18.41 7.97 120.52
CA THR BB 249 18.80 7.25 119.30
C THR BB 249 18.82 8.21 118.12
N ASP BB 250 19.45 9.36 118.32
CA ASP BB 250 19.50 10.35 117.25
C ASP BB 250 20.91 10.51 116.69
N ILE BB 251 21.79 9.55 116.97
CA ILE BB 251 23.23 9.82 116.92
C ILE BB 251 23.72 9.96 115.47
N LYS BB 252 23.21 9.14 114.55
CA LYS BB 252 23.67 9.20 113.17
C LYS BB 252 23.10 10.42 112.47
N ASP BB 253 21.87 10.80 112.82
CA ASP BB 253 21.28 12.03 112.32
C ASP BB 253 22.04 13.24 112.82
N GLU BB 254 22.50 13.20 114.08
CA GLU BB 254 23.28 14.31 114.63
C GLU BB 254 24.62 14.42 113.93
N LEU BB 255 25.26 13.29 113.63
CA LEU BB 255 26.50 13.29 112.88
C LEU BB 255 26.32 13.87 111.49
N LYS BB 256 25.25 13.47 110.79
CA LYS BB 256 24.97 13.97 109.45
C LYS BB 256 24.73 15.48 109.47
N LYS BB 257 23.94 15.96 110.44
CA LYS BB 257 23.63 17.38 110.53
C LYS BB 257 24.86 18.20 110.87
N ILE BB 258 25.71 17.70 111.77
CA ILE BB 258 26.91 18.46 112.14
C ILE BB 258 27.91 18.46 111.00
N LYS BB 259 27.97 17.38 110.20
CA LYS BB 259 28.81 17.39 109.00
C LYS BB 259 28.33 18.44 108.00
N SER BB 260 27.01 18.57 107.84
CA SER BB 260 26.47 19.59 106.94
C SER BB 260 26.76 20.99 107.44
N VAL BB 261 26.64 21.22 108.75
CA VAL BB 261 26.91 22.53 109.33
C VAL BB 261 28.37 22.90 109.14
N LEU BB 262 29.28 21.94 109.38
CA LEU BB 262 30.70 22.17 109.16
C LEU BB 262 30.99 22.51 107.70
N THR BB 263 30.30 21.84 106.77
CA THR BB 263 30.54 22.13 105.36
C THR BB 263 30.05 23.51 104.95
N MET BB 264 28.94 23.99 105.55
CA MET BB 264 28.51 25.37 105.25
C MET BB 264 29.49 26.38 105.80
N ILE BB 265 30.02 26.11 106.99
CA ILE BB 265 31.02 26.99 107.56
C ILE BB 265 32.29 26.99 106.71
N ASP BB 266 32.61 25.85 106.10
CA ASP BB 266 33.75 25.78 105.19
C ASP BB 266 33.49 26.60 103.94
N GLN BB 267 32.24 26.62 103.48
CA GLN BB 267 31.91 27.43 102.32
C GLN BB 267 32.10 28.91 102.60
N ILE BB 268 31.54 29.38 103.73
CA ILE BB 268 31.64 30.79 104.08
C ILE BB 268 33.09 31.18 104.39
N ASN BB 269 33.88 30.23 104.91
CA ASN BB 269 35.30 30.47 105.08
C ASN BB 269 36.00 30.58 103.73
N SER BB 270 35.60 29.75 102.76
CA SER BB 270 36.21 29.81 101.43
C SER BB 270 35.82 31.08 100.68
N LEU BB 271 34.73 31.73 101.09
CA LEU BB 271 34.45 33.08 100.59
C LEU BB 271 35.56 34.06 100.97
N THR BB 272 35.83 34.20 102.26
CA THR BB 272 36.72 35.25 102.72
C THR BB 272 38.19 34.84 102.79
N ASN BB 273 38.49 33.56 102.59
CA ASN BB 273 39.85 33.05 102.76
C ASN BB 273 40.61 33.26 101.45
N GLU BB 274 41.66 34.06 101.50
CA GLU BB 274 42.46 34.31 100.32
C GLU BB 274 43.67 33.38 100.28
N LYS BB 275 44.14 33.13 99.07
CA LYS BB 275 45.11 32.07 98.83
C LYS BB 275 46.48 32.45 99.35
N THR BB 276 47.04 31.60 100.20
CA THR BB 276 48.38 31.80 100.74
C THR BB 276 49.40 31.68 99.62
N TYR BB 277 50.14 32.76 99.34
CA TYR BB 277 51.12 32.75 98.26
C TYR BB 277 52.54 32.47 98.73
N PHE BB 278 52.85 32.69 100.01
CA PHE BB 278 54.22 32.55 100.47
C PHE BB 278 54.25 32.04 101.92
N VAL BB 279 55.30 31.28 102.24
CA VAL BB 279 55.51 30.75 103.57
C VAL BB 279 56.92 31.13 104.03
N VAL BB 280 57.00 31.93 105.08
CA VAL BB 280 58.25 32.55 105.51
C VAL BB 280 59.05 31.56 106.34
N CYS BB 281 60.37 31.50 106.12
CA CYS BB 281 61.26 30.77 107.00
C CYS BB 281 62.31 31.64 107.68
N ASP BB 282 63.11 32.39 106.92
CA ASP BB 282 64.22 33.15 107.48
C ASP BB 282 64.04 34.62 107.16
N VAL BB 283 64.13 35.46 108.19
CA VAL BB 283 63.87 36.89 108.06
C VAL BB 283 65.15 37.64 108.41
N SER BB 284 65.45 38.68 107.63
CA SER BB 284 66.52 39.60 107.96
C SER BB 284 66.16 40.40 109.22
N ALA BB 285 67.20 40.91 109.89
CA ALA BB 285 67.00 41.68 111.10
C ALA BB 285 66.30 43.01 110.85
N ASP BB 286 66.38 43.53 109.62
CA ASP BB 286 65.69 44.75 109.25
C ASP BB 286 64.18 44.54 109.10
N ASN BB 287 63.75 43.27 109.00
CA ASN BB 287 62.43 42.87 108.48
C ASN BB 287 62.19 43.48 107.11
N ARG BB 288 63.25 43.56 106.31
CA ARG BB 288 63.18 44.14 104.98
C ARG BB 288 63.18 43.10 103.87
N MET BB 289 63.92 42.02 104.05
CA MET BB 289 63.89 40.88 103.14
C MET BB 289 63.69 39.61 103.94
N ALA BB 290 62.99 38.66 103.35
CA ALA BB 290 62.73 37.40 104.03
C ALA BB 290 62.63 36.29 103.00
N THR BB 291 62.91 35.07 103.42
CA THR BB 291 62.87 33.93 102.52
C THR BB 291 61.58 33.14 102.68
N CYS BB 292 61.14 32.55 101.58
CA CYS BB 292 59.92 31.76 101.52
C CYS BB 292 60.15 30.42 100.85
N ILE BB 293 59.33 29.43 101.20
CA ILE BB 293 59.37 28.17 100.47
C ILE BB 293 58.01 27.77 99.89
N TYR BB 294 57.61 28.38 98.77
CA TYR BB 294 56.26 28.11 98.27
C TYR BB 294 56.05 28.74 96.90
N LYS BB 295 55.21 28.08 96.10
CA LYS BB 295 54.43 28.71 95.05
C LYS BB 295 53.17 27.88 94.82
N ASN BB 296 52.04 28.57 94.59
CA ASN BB 296 50.72 27.94 94.47
C ASN BB 296 50.56 26.96 93.31
N MET CB 1 9.42 -25.71 -145.71
CA MET CB 1 9.18 -26.22 -144.36
C MET CB 1 8.60 -25.12 -143.47
N GLU CB 2 9.48 -24.34 -142.85
CA GLU CB 2 9.06 -23.26 -141.97
C GLU CB 2 8.27 -22.20 -142.74
N THR CB 3 8.71 -21.90 -143.95
CA THR CB 3 8.04 -20.92 -144.79
C THR CB 3 7.30 -21.59 -145.93
N VAL CB 4 6.68 -20.79 -146.79
CA VAL CB 4 5.93 -21.32 -147.93
C VAL CB 4 6.13 -20.37 -149.10
N TYR CB 5 6.45 -20.92 -150.27
CA TYR CB 5 6.65 -20.13 -151.48
C TYR CB 5 5.45 -20.29 -152.40
N CYS CB 6 4.82 -19.19 -152.77
CA CYS CB 6 3.76 -19.22 -153.76
C CYS CB 6 4.22 -18.55 -155.06
N THR CB 7 3.84 -19.14 -156.19
CA THR CB 7 4.25 -18.65 -157.50
C THR CB 7 3.02 -18.19 -158.26
N PHE CB 8 3.00 -16.92 -158.64
CA PHE CB 8 1.88 -16.38 -159.40
C PHE CB 8 1.79 -17.02 -160.77
N ASP CB 9 0.58 -17.02 -161.32
CA ASP CB 9 0.37 -17.57 -162.67
C ASP CB 9 0.98 -16.65 -163.72
N HIS CB 10 0.69 -15.36 -163.64
CA HIS CB 10 1.15 -14.39 -164.60
C HIS CB 10 2.18 -13.47 -163.96
N LYS CB 11 2.85 -12.70 -164.82
CA LYS CB 11 3.76 -11.67 -164.35
C LYS CB 11 2.99 -10.55 -163.67
N LEU CB 12 3.71 -9.76 -162.88
CA LEU CB 12 3.10 -8.72 -162.08
C LEU CB 12 3.37 -7.35 -162.68
N SER CB 13 2.34 -6.52 -162.71
CA SER CB 13 2.49 -5.14 -163.18
C SER CB 13 3.26 -4.31 -162.15
N LEU CB 14 3.64 -3.11 -162.58
CA LEU CB 14 4.35 -2.19 -161.70
C LEU CB 14 3.44 -1.73 -160.56
N SER CB 15 2.18 -1.46 -160.87
CA SER CB 15 1.21 -1.11 -159.83
C SER CB 15 0.90 -2.32 -158.95
N ASP CB 16 0.98 -3.54 -159.49
CA ASP CB 16 0.73 -4.72 -158.67
C ASP CB 16 1.88 -4.98 -157.70
N ILE CB 17 3.11 -4.78 -158.14
CA ILE CB 17 4.26 -4.90 -157.24
C ILE CB 17 4.22 -3.78 -156.20
N SER CB 18 3.77 -2.59 -156.60
CA SER CB 18 3.57 -1.51 -155.63
C SER CB 18 2.48 -1.86 -154.62
N THR CB 19 1.44 -2.57 -155.05
CA THR CB 19 0.38 -2.98 -154.13
C THR CB 19 0.89 -4.02 -153.13
N LEU CB 20 1.67 -4.99 -153.60
CA LEU CB 20 2.28 -5.97 -152.69
C LEU CB 20 3.27 -5.32 -151.73
N CYS CB 21 4.03 -4.32 -152.19
CA CYS CB 21 4.91 -3.60 -151.29
C CYS CB 21 4.14 -2.73 -150.29
N LYS CB 22 2.95 -2.27 -150.67
CA LYS CB 22 2.08 -1.64 -149.67
C LYS CB 22 1.56 -2.66 -148.67
N LEU CB 23 1.39 -3.90 -149.09
CA LEU CB 23 0.76 -4.92 -148.25
C LEU CB 23 1.74 -5.94 -147.69
N MET CB 24 3.03 -5.59 -147.61
CA MET CB 24 4.13 -6.53 -147.30
C MET CB 24 4.00 -7.28 -145.98
N ASN CB 25 3.13 -6.86 -145.07
CA ASN CB 25 2.72 -7.69 -143.93
C ASN CB 25 1.21 -7.77 -143.92
N ILE CB 26 0.68 -8.99 -143.94
CA ILE CB 26 -0.76 -9.20 -143.88
C ILE CB 26 -0.96 -10.67 -143.50
N VAL CB 27 -2.11 -10.98 -142.96
CA VAL CB 27 -2.52 -12.36 -142.76
C VAL CB 27 -3.19 -12.86 -144.03
N ILE CB 28 -2.91 -14.11 -144.39
CA ILE CB 28 -3.45 -14.76 -145.57
C ILE CB 28 -3.86 -16.15 -145.11
N PRO CB 29 -5.12 -16.53 -145.28
CA PRO CB 29 -5.49 -17.92 -144.99
C PRO CB 29 -5.23 -18.80 -146.20
N ILE CB 30 -4.68 -19.98 -145.93
CA ILE CB 30 -4.38 -20.97 -146.95
C ILE CB 30 -5.02 -22.27 -146.49
N PRO CB 31 -5.63 -23.07 -147.37
CA PRO CB 31 -6.14 -24.37 -146.95
C PRO CB 31 -5.01 -25.35 -146.64
N ALA CB 32 -5.39 -26.52 -146.14
CA ALA CB 32 -4.41 -27.51 -145.74
C ALA CB 32 -3.68 -28.11 -146.92
N HIS CB 33 -4.35 -28.26 -148.06
CA HIS CB 33 -3.72 -28.79 -149.26
C HIS CB 33 -2.78 -27.74 -149.83
N HIS CB 34 -1.48 -28.03 -149.83
CA HIS CB 34 -0.47 -27.05 -150.22
C HIS CB 34 -0.48 -26.91 -151.72
N HIS CB 35 -1.15 -25.86 -152.20
CA HIS CB 35 -1.16 -25.53 -153.62
C HIS CB 35 -0.06 -24.52 -153.87
N LEU CB 36 0.84 -24.86 -154.78
CA LEU CB 36 2.03 -24.05 -155.04
C LEU CB 36 1.77 -22.91 -156.00
N ILE CB 37 0.58 -22.80 -156.58
CA ILE CB 37 0.28 -21.66 -157.42
C ILE CB 37 -0.17 -20.49 -156.56
N GLY CB 38 0.30 -19.30 -156.91
CA GLY CB 38 -0.03 -18.06 -156.24
C GLY CB 38 -1.33 -17.43 -156.66
N SER CB 39 -2.15 -18.18 -157.39
CA SER CB 39 -3.50 -17.75 -157.74
C SER CB 39 -4.58 -18.68 -157.21
N GLY CB 40 -4.22 -19.90 -156.79
CA GLY CB 40 -5.18 -20.85 -156.29
C GLY CB 40 -4.97 -21.09 -154.80
N ASN CB 41 -6.09 -21.09 -154.08
CA ASN CB 41 -6.17 -21.49 -152.67
C ASN CB 41 -5.30 -20.60 -151.78
N LEU CB 42 -5.44 -19.29 -152.00
CA LEU CB 42 -4.76 -18.28 -151.22
C LEU CB 42 -5.64 -17.05 -151.17
N GLY CB 43 -5.79 -16.49 -149.97
CA GLY CB 43 -6.60 -15.30 -149.76
C GLY CB 43 -8.07 -15.62 -149.67
N LEU CB 44 -8.39 -16.92 -149.76
CA LEU CB 44 -9.75 -17.47 -149.70
C LEU CB 44 -10.69 -16.99 -150.81
N TYR CB 45 -10.12 -16.64 -151.97
CA TYR CB 45 -10.92 -16.19 -153.10
C TYR CB 45 -11.80 -17.32 -153.62
N PRO CB 46 -11.23 -18.53 -153.68
CA PRO CB 46 -11.90 -19.76 -154.15
C PRO CB 46 -12.97 -20.29 -153.23
N ILE CB 47 -13.14 -19.73 -152.03
CA ILE CB 47 -14.07 -20.24 -151.06
C ILE CB 47 -15.31 -19.37 -150.95
N VAL CB 48 -15.13 -18.07 -150.79
CA VAL CB 48 -16.26 -17.17 -150.96
C VAL CB 48 -16.54 -17.04 -152.46
N SER CB 49 -17.78 -16.65 -152.79
CA SER CB 49 -18.25 -16.40 -154.15
C SER CB 49 -18.21 -17.63 -155.06
N SER CB 50 -17.93 -18.82 -154.51
CA SER CB 50 -18.03 -20.06 -155.27
C SER CB 50 -18.84 -21.07 -154.48
N ASN CB 51 -18.73 -21.01 -153.15
CA ASN CB 51 -19.46 -21.88 -152.23
C ASN CB 51 -19.76 -21.04 -150.99
N LYS CB 52 -20.95 -20.45 -150.98
CA LYS CB 52 -21.30 -19.40 -150.03
C LYS CB 52 -22.44 -19.90 -149.15
N ASP CB 53 -22.22 -19.88 -147.83
CA ASP CB 53 -23.28 -20.18 -146.86
C ASP CB 53 -23.29 -19.27 -145.63
N TYR CB 54 -22.15 -18.65 -145.28
CA TYR CB 54 -21.80 -17.84 -144.11
C TYR CB 54 -21.66 -18.67 -142.83
N VAL CB 55 -22.11 -19.91 -142.85
CA VAL CB 55 -21.65 -20.84 -141.83
C VAL CB 55 -20.49 -21.65 -142.36
N HIS CB 56 -20.55 -21.97 -143.66
CA HIS CB 56 -19.41 -22.55 -144.34
C HIS CB 56 -18.24 -21.57 -144.40
N ILE CB 57 -18.53 -20.27 -144.57
CA ILE CB 57 -17.48 -19.26 -144.59
C ILE CB 57 -16.80 -19.15 -143.24
N ARG CB 58 -17.58 -19.08 -142.17
CA ARG CB 58 -17.04 -18.98 -140.83
C ARG CB 58 -16.31 -20.27 -140.42
N ASN CB 59 -16.85 -21.42 -140.83
CA ASN CB 59 -16.23 -22.71 -140.53
C ASN CB 59 -14.88 -22.84 -141.21
N VAL CB 60 -14.83 -22.53 -142.50
CA VAL CB 60 -13.59 -22.68 -143.24
C VAL CB 60 -12.57 -21.64 -142.80
N LEU CB 61 -13.01 -20.42 -142.50
CA LEU CB 61 -12.09 -19.40 -141.98
C LEU CB 61 -11.53 -19.78 -140.61
N ARG CB 62 -12.33 -20.49 -139.80
CA ARG CB 62 -11.79 -21.05 -138.57
C ARG CB 62 -10.76 -22.13 -138.85
N THR CB 63 -11.00 -22.98 -139.85
CA THR CB 63 -10.13 -24.14 -140.05
C THR CB 63 -8.94 -23.88 -140.96
N MET CB 64 -8.84 -22.72 -141.61
CA MET CB 64 -7.73 -22.50 -142.52
C MET CB 64 -6.47 -22.12 -141.77
N VAL CB 65 -5.34 -22.36 -142.41
CA VAL CB 65 -4.02 -22.06 -141.84
C VAL CB 65 -3.73 -20.58 -142.10
N VAL CB 66 -3.66 -19.79 -141.04
CA VAL CB 66 -3.25 -18.40 -141.20
C VAL CB 66 -1.74 -18.38 -141.47
N THR CB 67 -1.30 -17.45 -142.31
CA THR CB 67 0.09 -17.37 -142.72
C THR CB 67 0.36 -15.93 -143.13
N ILE CB 68 1.43 -15.32 -142.63
CA ILE CB 68 1.64 -13.90 -142.87
C ILE CB 68 2.66 -13.70 -143.98
N LEU CB 69 2.41 -12.69 -144.81
CA LEU CB 69 3.40 -12.29 -145.81
C LEU CB 69 4.64 -11.76 -145.14
N GLN CB 70 5.81 -12.15 -145.66
CA GLN CB 70 7.05 -11.64 -145.11
C GLN CB 70 7.84 -10.82 -146.13
N LYS CB 71 8.10 -11.39 -147.30
CA LYS CB 71 8.90 -10.70 -148.31
C LYS CB 71 8.38 -11.11 -149.68
N VAL CB 72 8.41 -10.17 -150.62
CA VAL CB 72 8.02 -10.42 -152.00
C VAL CB 72 9.29 -10.47 -152.84
N GLU CB 73 9.52 -11.60 -153.50
CA GLU CB 73 10.66 -11.75 -154.38
C GLU CB 73 10.31 -11.17 -155.75
N GLY CB 74 11.15 -11.47 -156.75
CA GLY CB 74 10.85 -11.02 -158.10
C GLY CB 74 9.64 -11.69 -158.71
N ASN CB 75 9.33 -12.91 -158.28
CA ASN CB 75 8.15 -13.62 -158.78
C ASN CB 75 7.31 -14.26 -157.69
N GLN CB 76 7.84 -14.53 -156.51
CA GLN CB 76 7.19 -15.41 -155.56
C GLN CB 76 6.83 -14.67 -154.28
N LEU CB 77 5.85 -15.23 -153.58
CA LEU CB 77 5.47 -14.78 -152.26
C LEU CB 77 6.12 -15.67 -151.22
N VAL CB 78 6.81 -15.04 -150.26
CA VAL CB 78 7.34 -15.72 -149.10
C VAL CB 78 6.35 -15.54 -147.96
N LEU CB 79 5.87 -16.66 -147.44
CA LEU CB 79 4.77 -16.69 -146.50
C LEU CB 79 5.21 -17.47 -145.27
N ARG CB 80 5.42 -16.81 -144.15
CA ARG CB 80 5.85 -17.52 -142.96
C ARG CB 80 4.63 -17.85 -142.11
N LYS CB 81 4.50 -19.11 -141.76
CA LYS CB 81 3.38 -19.46 -140.92
C LYS CB 81 3.75 -19.24 -139.46
N PRO CB 82 2.82 -18.81 -138.63
CA PRO CB 82 3.17 -18.45 -137.26
C PRO CB 82 3.34 -19.66 -136.36
N MET CB 83 4.34 -19.58 -135.49
CA MET CB 83 4.49 -20.53 -134.39
C MET CB 83 3.78 -19.96 -133.18
N THR CB 84 3.11 -20.83 -132.42
CA THR CB 84 2.29 -20.37 -131.32
C THR CB 84 3.16 -19.87 -130.16
N GLY CB 85 2.76 -18.76 -129.58
CA GLY CB 85 3.47 -18.18 -128.46
C GLY CB 85 4.66 -17.31 -128.83
N GLN CB 86 4.89 -17.06 -130.11
CA GLN CB 86 6.00 -16.23 -130.54
C GLN CB 86 5.48 -14.92 -131.13
N GLN CB 87 6.40 -13.97 -131.28
CA GLN CB 87 6.06 -12.65 -131.79
C GLN CB 87 6.13 -12.61 -133.30
N TYR CB 88 5.23 -11.85 -133.90
CA TYR CB 88 5.23 -11.53 -135.32
C TYR CB 88 4.80 -10.09 -135.48
N ALA CB 89 4.77 -9.62 -136.71
CA ALA CB 89 4.37 -8.24 -136.99
C ALA CB 89 3.23 -8.25 -138.01
N ILE CB 90 2.20 -7.46 -137.74
CA ILE CB 90 1.03 -7.38 -138.59
C ILE CB 90 0.85 -5.93 -139.00
N LYS CB 91 0.85 -5.68 -140.31
CA LYS CB 91 0.41 -4.37 -140.81
C LYS CB 91 -1.12 -4.33 -140.82
N ASN CB 92 -1.65 -3.15 -140.50
CA ASN CB 92 -3.04 -2.96 -140.13
C ASN CB 92 -3.92 -2.83 -141.36
N THR CB 93 -4.95 -3.66 -141.42
CA THR CB 93 -5.85 -3.68 -142.57
C THR CB 93 -7.25 -3.24 -142.21
N GLY CB 94 -7.74 -3.63 -141.03
CA GLY CB 94 -9.06 -3.30 -140.60
C GLY CB 94 -9.26 -1.82 -140.37
N PRO CB 95 -10.51 -1.37 -140.40
CA PRO CB 95 -10.77 0.06 -140.17
C PRO CB 95 -10.66 0.46 -138.70
N PHE CB 96 -10.70 -0.48 -137.82
CA PHE CB 96 -10.85 -0.17 -136.41
C PHE CB 96 -9.50 -0.12 -135.72
N PRO CB 97 -9.24 0.88 -134.89
CA PRO CB 97 -7.88 1.08 -134.37
C PRO CB 97 -7.46 0.02 -133.36
N TRP CB 98 -6.17 -0.28 -133.38
CA TRP CB 98 -5.55 -1.26 -132.51
C TRP CB 98 -4.96 -0.56 -131.30
N GLU CB 99 -5.24 -1.08 -130.10
CA GLU CB 99 -4.59 -0.61 -128.90
C GLU CB 99 -3.93 -1.80 -128.22
N LYS CB 100 -3.10 -1.51 -127.23
CA LYS CB 100 -2.21 -2.53 -126.67
C LYS CB 100 -2.97 -3.50 -125.77
N GLY CB 101 -2.55 -4.76 -125.82
CA GLY CB 101 -3.21 -5.81 -125.06
C GLY CB 101 -4.49 -6.33 -125.65
N ASP CB 102 -4.90 -5.85 -126.82
CA ASP CB 102 -6.16 -6.28 -127.40
C ASP CB 102 -6.04 -7.66 -128.02
N THR CB 103 -7.10 -8.45 -127.87
CA THR CB 103 -7.17 -9.75 -128.52
C THR CB 103 -7.75 -9.58 -129.91
N LEU CB 104 -7.06 -10.11 -130.91
CA LEU CB 104 -7.45 -9.95 -132.30
C LEU CB 104 -7.99 -11.25 -132.86
N THR CB 105 -8.79 -11.13 -133.91
CA THR CB 105 -9.42 -12.27 -134.54
C THR CB 105 -9.71 -11.95 -135.99
N LEU CB 106 -10.10 -12.97 -136.73
CA LEU CB 106 -10.30 -12.88 -138.17
C LEU CB 106 -11.78 -13.04 -138.47
N ILE CB 107 -12.41 -11.97 -138.95
CA ILE CB 107 -13.79 -12.08 -139.41
C ILE CB 107 -13.77 -12.10 -140.94
N PRO CB 108 -14.78 -12.67 -141.61
CA PRO CB 108 -14.81 -12.59 -143.06
C PRO CB 108 -15.02 -11.16 -143.51
N PRO CB 109 -14.48 -10.77 -144.67
CA PRO CB 109 -14.57 -9.38 -145.09
C PRO CB 109 -16.00 -9.02 -145.49
N LEU CB 110 -16.42 -7.84 -145.06
CA LEU CB 110 -17.77 -7.35 -145.34
C LEU CB 110 -17.79 -6.95 -146.82
N SER CB 111 -18.05 -7.95 -147.66
CA SER CB 111 -17.65 -7.93 -149.07
C SER CB 111 -18.66 -7.17 -149.92
N THR CB 112 -18.70 -5.86 -149.72
CA THR CB 112 -19.39 -5.01 -150.67
C THR CB 112 -18.60 -4.99 -151.97
N HIS CB 113 -19.32 -4.93 -153.09
CA HIS CB 113 -18.64 -4.87 -154.39
C HIS CB 113 -18.44 -3.44 -154.86
N SER CB 114 -17.89 -2.64 -153.96
CA SER CB 114 -17.37 -1.32 -154.27
C SER CB 114 -15.92 -1.18 -153.80
N GLU CB 115 -15.34 -2.26 -153.27
CA GLU CB 115 -13.97 -2.25 -152.80
C GLU CB 115 -13.00 -2.13 -153.96
N GLU CB 116 -11.76 -1.75 -153.65
CA GLU CB 116 -10.76 -1.57 -154.68
C GLU CB 116 -10.18 -2.87 -155.19
N LYS CB 117 -10.40 -3.97 -154.47
CA LYS CB 117 -10.08 -5.34 -154.90
C LYS CB 117 -8.60 -5.49 -155.21
N LEU CB 118 -7.83 -5.45 -154.10
CA LEU CB 118 -6.39 -5.19 -154.01
C LEU CB 118 -5.53 -5.79 -155.13
N LEU CB 119 -5.71 -7.08 -155.40
CA LEU CB 119 -5.24 -7.66 -156.64
C LEU CB 119 -6.44 -8.05 -157.48
N LYS CB 120 -6.28 -7.95 -158.80
CA LYS CB 120 -7.27 -8.49 -159.72
C LYS CB 120 -6.50 -8.92 -160.96
N LEU CB 121 -6.12 -10.20 -160.99
CA LEU CB 121 -5.23 -10.76 -162.01
C LEU CB 121 -6.02 -11.81 -162.78
N GLY CB 122 -6.79 -11.36 -163.77
CA GLY CB 122 -7.52 -12.26 -164.65
C GLY CB 122 -8.54 -13.15 -163.96
N ASP CB 123 -9.63 -12.55 -163.47
CA ASP CB 123 -10.81 -13.17 -162.84
C ASP CB 123 -10.50 -13.66 -161.42
N TRP CB 124 -9.23 -13.66 -161.03
CA TRP CB 124 -8.81 -14.00 -159.68
C TRP CB 124 -8.47 -12.73 -158.93
N GLU CB 125 -8.92 -12.65 -157.68
CA GLU CB 125 -8.68 -11.47 -156.86
C GLU CB 125 -8.24 -11.94 -155.48
N LEU CB 126 -7.98 -10.98 -154.60
CA LEU CB 126 -7.46 -11.26 -153.27
C LEU CB 126 -8.32 -10.52 -152.26
N THR CB 127 -8.96 -11.27 -151.38
CA THR CB 127 -9.76 -10.72 -150.28
C THR CB 127 -9.22 -11.28 -148.98
N VAL CB 128 -8.90 -10.40 -148.03
CA VAL CB 128 -8.34 -10.85 -146.77
C VAL CB 128 -9.40 -10.79 -145.68
N PRO CB 129 -9.35 -11.70 -144.70
CA PRO CB 129 -10.20 -11.54 -143.52
C PRO CB 129 -9.75 -10.33 -142.71
N LEU CB 130 -10.71 -9.69 -142.08
CA LEU CB 130 -10.43 -8.48 -141.33
C LEU CB 130 -9.90 -8.86 -139.96
N VAL CB 131 -8.71 -8.36 -139.65
CA VAL CB 131 -8.16 -8.43 -138.29
C VAL CB 131 -8.90 -7.41 -137.44
N VAL CB 132 -9.58 -7.90 -136.41
CA VAL CB 132 -10.47 -7.02 -135.66
C VAL CB 132 -10.49 -7.47 -134.21
N PRO CB 133 -10.68 -6.57 -133.25
CA PRO CB 133 -10.86 -6.99 -131.85
C PRO CB 133 -12.12 -7.83 -131.61
N THR CB 134 -12.10 -8.53 -130.47
CA THR CB 134 -13.00 -9.63 -130.18
C THR CB 134 -14.41 -9.18 -129.85
N ALA CB 135 -14.53 -8.11 -129.05
CA ALA CB 135 -15.83 -7.53 -128.75
C ALA CB 135 -16.50 -7.03 -130.02
N ILE CB 136 -15.71 -6.48 -130.94
CA ILE CB 136 -16.24 -6.09 -132.24
C ILE CB 136 -16.69 -7.30 -133.02
N ALA CB 137 -15.95 -8.41 -132.92
CA ALA CB 137 -16.33 -9.62 -133.66
C ALA CB 137 -17.67 -10.16 -133.19
N ALA CB 138 -17.87 -10.18 -131.87
CA ALA CB 138 -19.16 -10.57 -131.31
C ALA CB 138 -20.27 -9.61 -131.74
N GLU CB 139 -19.97 -8.30 -131.73
CA GLU CB 139 -20.98 -7.30 -132.08
C GLU CB 139 -21.38 -7.39 -133.55
N ILE CB 140 -20.39 -7.52 -134.45
CA ILE CB 140 -20.67 -7.63 -135.88
C ILE CB 140 -21.40 -8.94 -136.18
N ASN CB 141 -21.06 -10.02 -135.47
CA ASN CB 141 -21.80 -11.27 -135.61
C ASN CB 141 -23.27 -11.10 -135.26
N ILE CB 142 -23.55 -10.40 -134.15
CA ILE CB 142 -24.92 -10.23 -133.72
C ILE CB 142 -25.68 -9.27 -134.63
N ARG CB 143 -25.00 -8.22 -135.13
CA ARG CB 143 -25.67 -7.30 -136.05
C ARG CB 143 -26.00 -7.96 -137.39
N LEU CB 144 -25.07 -8.78 -137.91
CA LEU CB 144 -25.35 -9.50 -139.15
C LEU CB 144 -26.49 -10.49 -138.97
N LEU CB 145 -26.54 -11.18 -137.81
CA LEU CB 145 -27.65 -12.09 -137.55
C LEU CB 145 -28.98 -11.34 -137.43
N CYS CB 146 -28.96 -10.14 -136.83
CA CYS CB 146 -30.20 -9.36 -136.72
C CYS CB 146 -30.71 -8.91 -138.09
N ILE CB 147 -29.78 -8.50 -138.97
CA ILE CB 147 -30.19 -8.09 -140.31
C ILE CB 147 -30.74 -9.28 -141.08
N GLY CB 148 -30.06 -10.44 -140.97
CA GLY CB 148 -30.54 -11.62 -141.67
C GLY CB 148 -31.85 -12.16 -141.13
N LEU CB 149 -32.15 -11.88 -139.86
CA LEU CB 149 -33.47 -12.25 -139.36
C LEU CB 149 -34.55 -11.29 -139.84
N ILE CB 150 -34.36 -9.98 -139.68
CA ILE CB 150 -35.46 -9.07 -140.01
C ILE CB 150 -35.53 -8.72 -141.47
N ALA CB 151 -34.63 -9.23 -142.32
CA ALA CB 151 -34.70 -8.93 -143.74
C ALA CB 151 -35.81 -9.68 -144.46
N VAL CB 152 -36.08 -10.91 -144.02
CA VAL CB 152 -37.14 -11.70 -144.62
C VAL CB 152 -38.51 -11.18 -144.18
N HIS CB 153 -38.56 -10.46 -143.05
CA HIS CB 153 -39.80 -10.00 -142.46
C HIS CB 153 -40.51 -8.95 -143.32
N ARG CB 154 -41.85 -9.04 -143.40
CA ARG CB 154 -42.68 -8.19 -144.24
C ARG CB 154 -43.45 -7.12 -143.45
N GLU CB 155 -44.04 -6.20 -144.23
CA GLU CB 155 -44.97 -5.12 -143.86
C GLU CB 155 -44.61 -4.31 -142.61
N TYR CB 156 -43.32 -4.06 -142.42
CA TYR CB 156 -42.87 -3.07 -141.45
C TYR CB 156 -42.65 -1.74 -142.18
N ASN CB 157 -43.37 -0.72 -141.76
CA ASN CB 157 -43.20 0.62 -142.30
C ASN CB 157 -41.95 1.31 -141.76
N GLU CB 158 -41.28 0.71 -140.79
CA GLU CB 158 -40.05 1.22 -140.21
C GLU CB 158 -38.83 0.39 -140.63
N MET CB 159 -38.98 -0.40 -141.71
CA MET CB 159 -37.97 -1.40 -142.06
C MET CB 159 -36.68 -0.75 -142.55
N GLN CB 160 -36.79 0.33 -143.33
CA GLN CB 160 -35.60 0.98 -143.86
C GLN CB 160 -34.78 1.64 -142.75
N THR CB 161 -35.46 2.33 -141.83
CA THR CB 161 -34.71 2.98 -140.76
C THR CB 161 -34.21 1.98 -139.71
N ILE CB 162 -34.87 0.83 -139.55
CA ILE CB 162 -34.32 -0.13 -138.60
C ILE CB 162 -33.14 -0.90 -139.21
N ILE CB 163 -33.14 -1.10 -140.54
CA ILE CB 163 -31.94 -1.64 -141.19
C ILE CB 163 -30.82 -0.61 -141.15
N ASP CB 164 -31.15 0.68 -141.22
CA ASP CB 164 -30.13 1.72 -141.06
C ASP CB 164 -29.53 1.71 -139.65
N GLU CB 165 -30.38 1.59 -138.63
CA GLU CB 165 -29.89 1.57 -137.25
C GLU CB 165 -29.15 0.27 -136.92
N LEU CB 166 -29.40 -0.81 -137.67
CA LEU CB 166 -28.54 -1.97 -137.50
C LEU CB 166 -27.21 -1.80 -138.23
N CYS CB 167 -27.23 -1.25 -139.45
CA CYS CB 167 -25.99 -1.14 -140.22
C CYS CB 167 -25.07 -0.04 -139.71
N SER CB 168 -25.57 0.87 -138.88
CA SER CB 168 -24.70 1.87 -138.27
C SER CB 168 -24.14 1.33 -136.96
N ILE CB 169 -22.84 1.07 -136.92
CA ILE CB 169 -22.15 0.78 -135.66
C ILE CB 169 -21.04 1.81 -135.46
N GLN CB 170 -20.57 1.92 -134.23
CA GLN CB 170 -19.47 2.83 -133.91
C GLN CB 170 -18.68 2.27 -132.74
N TYR CB 171 -17.35 2.32 -132.86
CA TYR CB 171 -16.46 1.79 -131.83
C TYR CB 171 -15.13 2.53 -131.93
N ARG CB 172 -14.81 3.31 -130.88
CA ARG CB 172 -13.64 4.19 -130.82
C ARG CB 172 -13.57 5.13 -132.01
N ASP CB 173 -14.68 5.85 -132.24
CA ASP CB 173 -14.79 6.97 -133.17
C ASP CB 173 -14.53 6.59 -134.63
N VAL CB 174 -14.64 5.31 -134.98
CA VAL CB 174 -14.53 4.86 -136.35
C VAL CB 174 -15.83 4.18 -136.73
N LEU CB 175 -16.59 4.83 -137.60
CA LEU CB 175 -17.86 4.29 -138.03
C LEU CB 175 -17.67 3.42 -139.27
N ILE CB 176 -18.55 2.43 -139.43
CA ILE CB 176 -18.63 1.69 -140.67
C ILE CB 176 -20.10 1.36 -140.90
N LYS CB 177 -20.48 1.28 -142.17
CA LYS CB 177 -21.81 0.88 -142.55
C LYS CB 177 -21.77 -0.58 -142.96
N LEU CB 178 -22.64 -1.38 -142.36
CA LEU CB 178 -22.70 -2.79 -142.70
C LEU CB 178 -23.31 -2.96 -144.08
N PRO CB 179 -22.69 -3.75 -144.97
CA PRO CB 179 -23.18 -3.84 -146.34
C PRO CB 179 -24.45 -4.65 -146.51
N ASP CB 180 -24.98 -5.24 -145.43
CA ASP CB 180 -26.23 -5.99 -145.53
C ASP CB 180 -27.41 -5.03 -145.54
N ILE CB 181 -27.56 -4.37 -146.69
CA ILE CB 181 -28.65 -3.51 -147.09
C ILE CB 181 -29.85 -4.34 -147.56
N VAL CB 182 -30.81 -3.68 -148.21
CA VAL CB 182 -32.17 -4.07 -148.58
C VAL CB 182 -32.26 -5.34 -149.46
N ASN CB 183 -31.19 -6.15 -149.49
CA ASN CB 183 -30.98 -7.45 -150.14
C ASN CB 183 -30.81 -7.35 -151.66
N ASP CB 184 -29.89 -6.48 -152.07
CA ASP CB 184 -29.28 -6.59 -153.39
C ASP CB 184 -28.61 -7.96 -153.58
N LYS CB 185 -28.10 -8.56 -152.50
CA LYS CB 185 -27.35 -9.82 -152.48
C LYS CB 185 -26.10 -9.72 -153.35
N GLN CB 186 -25.40 -8.59 -153.22
CA GLN CB 186 -24.04 -8.46 -153.74
C GLN CB 186 -23.17 -9.47 -152.99
N SER CB 187 -22.99 -9.26 -151.69
CA SER CB 187 -22.66 -10.33 -150.75
C SER CB 187 -23.50 -10.05 -149.52
N MET CB 188 -24.72 -10.58 -149.53
CA MET CB 188 -25.55 -10.55 -148.33
C MET CB 188 -25.08 -11.61 -147.34
N TYR CB 189 -24.48 -12.68 -147.87
CA TYR CB 189 -24.03 -13.94 -147.27
C TYR CB 189 -25.20 -14.87 -146.92
N SER CB 190 -26.42 -14.31 -146.93
CA SER CB 190 -27.73 -14.95 -146.96
C SER CB 190 -28.10 -15.74 -145.71
N MET CB 191 -27.10 -16.16 -144.92
CA MET CB 191 -27.15 -16.74 -143.56
C MET CB 191 -28.36 -17.62 -143.25
N LYS CB 192 -28.83 -18.36 -144.25
CA LYS CB 192 -30.13 -19.01 -144.14
C LYS CB 192 -30.06 -20.25 -143.26
N THR CB 193 -28.98 -21.02 -143.40
CA THR CB 193 -28.75 -22.16 -142.53
C THR CB 193 -28.59 -21.71 -141.08
N ALA CB 194 -27.90 -20.59 -140.87
CA ALA CB 194 -27.69 -20.04 -139.54
C ALA CB 194 -29.00 -19.61 -138.90
N CYS CB 195 -29.83 -18.87 -139.65
CA CYS CB 195 -31.06 -18.35 -139.07
C CYS CB 195 -32.09 -19.45 -138.85
N ILE CB 196 -32.18 -20.40 -139.79
CA ILE CB 196 -33.08 -21.54 -139.61
C ILE CB 196 -32.63 -22.39 -138.44
N SER CB 197 -31.32 -22.59 -138.27
CA SER CB 197 -30.84 -23.40 -137.15
C SER CB 197 -31.04 -22.70 -135.82
N LEU CB 198 -30.83 -21.37 -135.75
CA LEU CB 198 -31.12 -20.64 -134.52
C LEU CB 198 -32.59 -20.71 -134.18
N SER CB 199 -33.45 -20.66 -135.18
CA SER CB 199 -34.85 -20.69 -134.86
C SER CB 199 -35.34 -22.09 -134.58
N MET CB 200 -34.64 -23.12 -135.08
CA MET CB 200 -34.91 -24.47 -134.63
C MET CB 200 -34.49 -24.68 -133.18
N ILE CB 201 -33.39 -24.06 -132.76
CA ILE CB 201 -33.01 -24.19 -131.34
C ILE CB 201 -34.03 -23.51 -130.45
N THR CB 202 -34.36 -22.24 -130.76
CA THR CB 202 -35.36 -21.51 -130.00
C THR CB 202 -36.78 -22.06 -130.19
N ALA CB 203 -36.98 -22.95 -131.15
CA ALA CB 203 -38.23 -23.63 -131.44
C ALA CB 203 -38.36 -24.97 -130.70
N MET CB 204 -37.31 -25.78 -130.70
CA MET CB 204 -37.35 -27.11 -130.12
C MET CB 204 -37.07 -27.13 -128.64
N ALA CB 205 -36.44 -26.09 -128.09
CA ALA CB 205 -36.16 -26.01 -126.65
C ALA CB 205 -37.36 -26.21 -125.71
N PRO CB 206 -38.52 -25.52 -125.84
CA PRO CB 206 -39.50 -25.57 -124.76
C PRO CB 206 -40.22 -26.90 -124.61
N ASP CB 207 -40.48 -27.61 -125.70
CA ASP CB 207 -41.20 -28.87 -125.56
C ASP CB 207 -40.28 -30.03 -125.17
N ILE CB 208 -39.02 -29.99 -125.57
CA ILE CB 208 -38.07 -31.00 -125.08
C ILE CB 208 -37.80 -30.79 -123.60
N VAL CB 209 -37.67 -29.53 -123.15
CA VAL CB 209 -37.48 -29.31 -121.72
C VAL CB 209 -38.77 -29.57 -120.95
N ARG CB 210 -39.93 -29.47 -121.61
CA ARG CB 210 -41.18 -29.81 -120.95
C ARG CB 210 -41.32 -31.32 -120.78
N THR CB 211 -40.96 -32.08 -121.81
CA THR CB 211 -40.99 -33.53 -121.70
C THR CB 211 -39.96 -34.05 -120.70
N TYR CB 212 -38.85 -33.32 -120.48
CA TYR CB 212 -37.98 -33.77 -119.41
C TYR CB 212 -38.52 -33.41 -118.03
N ILE CB 213 -38.89 -32.13 -117.82
CA ILE CB 213 -39.30 -31.67 -116.50
C ILE CB 213 -40.65 -32.26 -116.05
N ASP CB 214 -41.45 -32.78 -116.99
CA ASP CB 214 -42.62 -33.59 -116.58
C ASP CB 214 -42.23 -35.00 -116.05
N ARG CB 215 -40.97 -35.31 -115.74
CA ARG CB 215 -40.56 -36.67 -115.42
C ARG CB 215 -39.58 -36.66 -114.26
N LEU CB 216 -39.81 -37.56 -113.31
CA LEU CB 216 -38.85 -37.97 -112.26
C LEU CB 216 -38.46 -36.81 -111.35
N THR CB 217 -39.43 -36.35 -110.57
CA THR CB 217 -39.18 -35.43 -109.47
C THR CB 217 -39.84 -35.90 -108.19
N LEU CB 218 -39.84 -37.22 -107.97
CA LEU CB 218 -40.33 -37.76 -106.70
C LEU CB 218 -39.36 -37.46 -105.57
N GLU CB 219 -38.07 -37.41 -105.87
CA GLU CB 219 -37.10 -36.86 -104.94
C GLU CB 219 -37.15 -35.34 -105.01
N ASP CB 220 -36.46 -34.70 -104.06
CA ASP CB 220 -36.33 -33.25 -104.08
C ASP CB 220 -35.17 -32.89 -105.01
N HIS CB 221 -35.50 -32.69 -106.30
CA HIS CB 221 -34.61 -31.89 -107.12
C HIS CB 221 -34.58 -30.49 -106.52
N SER CB 222 -35.69 -29.77 -106.66
CA SER CB 222 -35.98 -28.47 -106.06
C SER CB 222 -34.99 -27.37 -106.44
N MET CB 223 -34.09 -27.64 -107.38
CA MET CB 223 -33.15 -26.68 -107.94
C MET CB 223 -33.36 -26.46 -109.42
N LEU CB 224 -33.96 -27.42 -110.11
CA LEU CB 224 -34.25 -27.38 -111.52
C LEU CB 224 -35.74 -27.38 -111.81
N LEU CB 225 -36.54 -28.07 -110.98
CA LEU CB 225 -37.96 -28.27 -111.26
C LEU CB 225 -38.72 -26.95 -111.20
N ILE CB 226 -38.77 -26.35 -110.01
CA ILE CB 226 -39.53 -25.12 -109.80
C ILE CB 226 -38.87 -23.95 -110.55
N LYS CB 227 -37.55 -24.00 -110.70
CA LYS CB 227 -36.82 -23.03 -111.51
C LYS CB 227 -37.27 -23.08 -112.96
N CYS CB 228 -37.41 -24.27 -113.53
CA CYS CB 228 -37.81 -24.39 -114.92
C CYS CB 228 -39.30 -24.13 -115.08
N GLN CB 229 -40.09 -24.35 -114.03
CA GLN CB 229 -41.48 -23.91 -114.02
C GLN CB 229 -41.57 -22.39 -114.16
N GLU CB 230 -40.76 -21.66 -113.38
CA GLU CB 230 -40.72 -20.20 -113.51
C GLU CB 230 -40.18 -19.76 -114.87
N LEU CB 231 -39.13 -20.45 -115.35
CA LEU CB 231 -38.49 -20.11 -116.62
C LEU CB 231 -39.43 -20.32 -117.79
N LEU CB 232 -40.21 -21.39 -117.77
CA LEU CB 232 -41.17 -21.64 -118.83
C LEU CB 232 -42.40 -20.76 -118.69
N SER CB 233 -42.78 -20.45 -117.44
CA SER CB 233 -44.01 -19.72 -117.19
C SER CB 233 -43.87 -18.22 -117.36
N LYS CB 234 -42.64 -17.69 -117.38
CA LYS CB 234 -42.51 -16.28 -117.72
C LYS CB 234 -42.79 -16.06 -119.19
N ARG CB 235 -42.08 -16.80 -120.05
CA ARG CB 235 -42.20 -16.56 -121.49
C ARG CB 235 -43.51 -17.12 -122.04
N THR CB 236 -43.83 -18.37 -121.72
CA THR CB 236 -45.08 -18.97 -122.15
C THR CB 236 -45.95 -19.12 -120.89
N THR CB 237 -46.66 -18.04 -120.56
CA THR CB 237 -47.52 -18.05 -119.39
C THR CB 237 -48.71 -18.97 -119.59
N LEU CB 238 -49.36 -18.88 -120.75
CA LEU CB 238 -50.42 -19.81 -121.14
C LEU CB 238 -49.74 -21.00 -121.82
N SER CB 239 -49.64 -22.11 -121.09
CA SER CB 239 -48.92 -23.28 -121.56
C SER CB 239 -49.88 -24.40 -121.93
N THR CB 240 -49.73 -24.91 -123.16
CA THR CB 240 -50.33 -26.15 -123.67
C THR CB 240 -51.87 -26.08 -123.64
N GLN CB 241 -52.40 -25.20 -124.50
CA GLN CB 241 -53.84 -25.03 -124.60
C GLN CB 241 -54.50 -26.07 -125.51
N ARG CB 242 -54.18 -26.03 -126.80
CA ARG CB 242 -54.84 -26.89 -127.78
C ARG CB 242 -54.23 -28.28 -127.79
N CYS CB 243 -52.94 -28.36 -127.44
CA CYS CB 243 -52.09 -29.54 -127.22
C CYS CB 243 -51.70 -30.24 -128.51
N GLY CB 244 -52.33 -29.89 -129.63
CA GLY CB 244 -51.99 -30.45 -130.92
C GLY CB 244 -52.39 -31.90 -131.10
N GLN CB 245 -51.72 -32.78 -130.35
CA GLN CB 245 -51.92 -34.22 -130.39
C GLN CB 245 -52.61 -34.74 -129.13
N LEU CB 246 -52.81 -33.86 -128.13
CA LEU CB 246 -53.38 -34.18 -126.81
C LEU CB 246 -52.57 -35.28 -126.10
N HIS CB 247 -51.25 -35.10 -126.10
CA HIS CB 247 -50.28 -35.84 -125.30
C HIS CB 247 -50.29 -37.34 -125.59
N ALA CB 248 -49.91 -37.68 -126.81
CA ALA CB 248 -49.65 -39.07 -127.21
C ALA CB 248 -48.34 -39.09 -127.99
N THR CB 249 -47.21 -39.10 -127.29
CA THR CB 249 -45.90 -38.96 -127.91
C THR CB 249 -45.15 -40.27 -127.87
N ASP CB 250 -44.19 -40.41 -128.78
CA ASP CB 250 -43.40 -41.61 -128.91
C ASP CB 250 -42.02 -41.42 -128.29
N ILE CB 251 -41.47 -42.53 -127.77
CA ILE CB 251 -40.09 -42.55 -127.30
C ILE CB 251 -39.13 -42.24 -128.44
N LYS CB 252 -39.41 -42.82 -129.62
CA LYS CB 252 -38.62 -42.51 -130.81
C LYS CB 252 -38.84 -41.07 -131.27
N ASP CB 253 -40.02 -40.51 -131.00
CA ASP CB 253 -40.27 -39.10 -131.31
C ASP CB 253 -39.38 -38.20 -130.47
N GLU CB 254 -39.36 -38.42 -129.15
CA GLU CB 254 -38.51 -37.63 -128.27
C GLU CB 254 -37.04 -37.84 -128.58
N LEU CB 255 -36.68 -39.08 -128.95
CA LEU CB 255 -35.36 -39.40 -129.49
C LEU CB 255 -34.98 -38.50 -130.66
N LYS CB 256 -35.86 -38.42 -131.66
CA LYS CB 256 -35.54 -37.66 -132.87
C LYS CB 256 -35.49 -36.16 -132.56
N LYS CB 257 -36.33 -35.69 -131.64
CA LYS CB 257 -36.32 -34.28 -131.25
C LYS CB 257 -35.01 -33.90 -130.56
N ILE CB 258 -34.57 -34.73 -129.62
CA ILE CB 258 -33.31 -34.52 -128.91
C ILE CB 258 -32.13 -34.57 -129.87
N LYS CB 259 -32.12 -35.55 -130.78
CA LYS CB 259 -31.02 -35.71 -131.71
C LYS CB 259 -30.91 -34.53 -132.68
N SER CB 260 -32.06 -34.02 -133.14
CA SER CB 260 -32.03 -32.87 -134.05
C SER CB 260 -31.60 -31.60 -133.33
N VAL CB 261 -32.09 -31.38 -132.11
CA VAL CB 261 -31.75 -30.14 -131.42
C VAL CB 261 -30.30 -30.15 -130.95
N LEU CB 262 -29.70 -31.33 -130.75
CA LEU CB 262 -28.28 -31.39 -130.44
C LEU CB 262 -27.40 -31.41 -131.67
N THR CB 263 -27.94 -31.79 -132.83
CA THR CB 263 -27.18 -31.71 -134.06
C THR CB 263 -27.07 -30.26 -134.53
N MET CB 264 -28.15 -29.49 -134.39
CA MET CB 264 -28.13 -28.11 -134.89
C MET CB 264 -27.15 -27.21 -134.13
N ILE CB 265 -26.92 -27.50 -132.85
CA ILE CB 265 -25.94 -26.73 -132.07
C ILE CB 265 -24.53 -26.99 -132.60
N ASP CB 266 -24.20 -28.24 -132.90
CA ASP CB 266 -22.89 -28.49 -133.48
C ASP CB 266 -22.84 -28.13 -134.96
N GLN CB 267 -23.97 -27.82 -135.59
CA GLN CB 267 -23.92 -27.16 -136.88
C GLN CB 267 -23.58 -25.68 -136.73
N ILE CB 268 -24.09 -25.04 -135.68
CA ILE CB 268 -23.88 -23.60 -135.50
C ILE CB 268 -22.67 -23.39 -134.58
N ASN CB 269 -21.90 -24.45 -134.41
CA ASN CB 269 -20.53 -24.45 -133.88
C ASN CB 269 -19.64 -23.34 -134.44
N SER CB 270 -19.84 -22.95 -135.70
CA SER CB 270 -19.04 -21.89 -136.29
C SER CB 270 -19.38 -20.52 -135.72
N LEU CB 271 -20.66 -20.23 -135.52
CA LEU CB 271 -21.04 -18.98 -134.88
C LEU CB 271 -21.05 -19.06 -133.37
N THR CB 272 -20.66 -20.22 -132.81
CA THR CB 272 -20.49 -20.34 -131.36
C THR CB 272 -19.46 -19.37 -130.79
N ASN CB 273 -18.20 -19.50 -131.20
CA ASN CB 273 -17.12 -18.78 -130.58
C ASN CB 273 -16.35 -17.97 -131.60
N GLU CB 274 -15.38 -17.22 -131.09
CA GLU CB 274 -14.33 -16.61 -131.91
C GLU CB 274 -13.02 -16.76 -131.16
N LYS CB 275 -11.99 -17.19 -131.87
CA LYS CB 275 -10.71 -17.46 -131.23
C LYS CB 275 -9.78 -16.28 -131.38
N THR CB 276 -8.92 -16.09 -130.38
CA THR CB 276 -7.98 -14.99 -130.36
C THR CB 276 -6.77 -15.41 -131.18
N TYR CB 277 -6.78 -15.04 -132.47
CA TYR CB 277 -5.66 -15.37 -133.34
C TYR CB 277 -4.41 -14.60 -132.96
N PHE CB 278 -4.57 -13.40 -132.43
CA PHE CB 278 -3.42 -12.59 -132.06
C PHE CB 278 -3.71 -11.82 -130.79
N VAL CB 279 -2.70 -11.67 -129.94
CA VAL CB 279 -2.74 -10.77 -128.79
C VAL CB 279 -1.67 -9.73 -129.05
N VAL CB 280 -2.07 -8.51 -129.38
CA VAL CB 280 -1.11 -7.47 -129.72
C VAL CB 280 -0.43 -6.96 -128.45
N CYS CB 281 0.90 -6.94 -128.46
CA CYS CB 281 1.62 -6.46 -127.29
C CYS CB 281 1.79 -4.95 -127.35
N ASP CB 282 2.47 -4.44 -128.37
CA ASP CB 282 2.57 -3.01 -128.58
C ASP CB 282 2.08 -2.61 -129.96
N VAL CB 283 1.69 -1.34 -130.08
CA VAL CB 283 1.23 -0.75 -131.32
C VAL CB 283 2.27 0.26 -131.78
N SER CB 284 2.73 0.13 -133.02
CA SER CB 284 3.69 1.07 -133.57
C SER CB 284 3.04 2.43 -133.81
N ALA CB 285 3.88 3.39 -134.19
CA ALA CB 285 3.43 4.76 -134.38
C ALA CB 285 2.52 4.87 -135.59
N ASP CB 286 1.58 5.83 -135.51
CA ASP CB 286 0.60 6.22 -136.52
C ASP CB 286 -0.42 5.13 -136.84
N ASN CB 287 -0.38 4.01 -136.11
CA ASN CB 287 -1.33 2.89 -136.23
C ASN CB 287 -1.36 2.32 -137.64
N ARG CB 288 -0.18 2.04 -138.18
CA ARG CB 288 -0.08 1.40 -139.49
C ARG CB 288 0.41 -0.04 -139.40
N MET CB 289 1.19 -0.38 -138.38
CA MET CB 289 1.51 -1.78 -138.12
C MET CB 289 1.60 -1.97 -136.62
N ALA CB 290 1.73 -3.22 -136.20
CA ALA CB 290 1.75 -3.55 -134.78
C ALA CB 290 2.45 -4.88 -134.60
N THR CB 291 3.34 -4.94 -133.63
CA THR CB 291 3.98 -6.20 -133.25
C THR CB 291 3.10 -6.90 -132.25
N CYS CB 292 2.80 -8.17 -132.51
CA CYS CB 292 1.85 -8.95 -131.74
C CYS CB 292 2.45 -10.31 -131.45
N ILE CB 293 1.74 -11.12 -130.68
CA ILE CB 293 2.12 -12.51 -130.46
C ILE CB 293 1.00 -13.39 -131.01
N TYR CB 294 1.37 -14.61 -131.39
CA TYR CB 294 0.43 -15.50 -132.04
C TYR CB 294 -0.09 -16.54 -131.05
N LYS CB 295 -1.41 -16.73 -131.06
CA LYS CB 295 -2.08 -17.73 -130.25
C LYS CB 295 -3.15 -18.40 -131.09
N ASN CB 296 -3.34 -19.70 -130.86
CA ASN CB 296 -4.31 -20.56 -131.56
C ASN CB 296 -4.12 -20.52 -133.08
N GLU DB 2 34.62 -26.82 6.57
CA GLU DB 2 34.19 -27.38 5.30
C GLU DB 2 33.42 -26.34 4.51
N THR DB 3 33.76 -26.19 3.24
CA THR DB 3 33.09 -25.23 2.37
C THR DB 3 32.31 -25.94 1.26
N VAL DB 4 31.55 -25.13 0.53
CA VAL DB 4 30.65 -25.61 -0.52
C VAL DB 4 30.69 -24.63 -1.68
N TYR DB 5 30.89 -25.11 -2.90
CA TYR DB 5 30.90 -24.26 -4.08
C TYR DB 5 29.57 -24.37 -4.81
N CYS DB 6 29.02 -23.24 -5.21
CA CYS DB 6 27.82 -23.25 -6.03
C CYS DB 6 28.06 -22.51 -7.32
N THR DB 7 27.92 -23.21 -8.44
CA THR DB 7 28.05 -22.61 -9.76
C THR DB 7 26.66 -22.49 -10.36
N PHE DB 8 26.30 -21.28 -10.78
CA PHE DB 8 24.96 -21.06 -11.30
C PHE DB 8 24.75 -21.73 -12.65
N ASP DB 9 23.48 -21.88 -13.00
CA ASP DB 9 23.09 -22.67 -14.16
C ASP DB 9 22.89 -21.78 -15.38
N HIS DB 10 22.19 -20.66 -15.22
CA HIS DB 10 22.07 -19.70 -16.29
C HIS DB 10 23.17 -18.65 -16.15
N LYS DB 11 23.17 -17.71 -17.08
CA LYS DB 11 24.01 -16.53 -16.97
C LYS DB 11 23.40 -15.56 -15.98
N LEU DB 12 24.21 -14.63 -15.50
CA LEU DB 12 23.76 -13.66 -14.52
C LEU DB 12 23.97 -12.25 -15.04
N SER DB 13 23.00 -11.39 -14.78
CA SER DB 13 23.18 -10.00 -15.12
C SER DB 13 24.13 -9.34 -14.14
N LEU DB 14 24.61 -8.16 -14.53
CA LEU DB 14 25.45 -7.36 -13.64
C LEU DB 14 24.68 -6.94 -12.40
N SER DB 15 23.38 -6.64 -12.57
CA SER DB 15 22.53 -6.36 -11.43
C SER DB 15 22.35 -7.57 -10.54
N ASP DB 16 22.38 -8.77 -11.10
CA ASP DB 16 22.28 -9.98 -10.30
C ASP DB 16 23.54 -10.20 -9.49
N ILE DB 17 24.71 -9.97 -10.09
CA ILE DB 17 25.97 -10.08 -9.36
C ILE DB 17 26.06 -9.02 -8.28
N SER DB 18 25.52 -7.83 -8.55
CA SER DB 18 25.43 -6.80 -7.52
C SER DB 18 24.45 -7.18 -6.42
N THR DB 19 23.39 -7.92 -6.76
CA THR DB 19 22.47 -8.43 -5.74
C THR DB 19 23.18 -9.42 -4.83
N LEU DB 20 24.01 -10.27 -5.41
CA LEU DB 20 24.79 -11.22 -4.60
C LEU DB 20 25.80 -10.49 -3.72
N CYS DB 21 26.39 -9.42 -4.24
CA CYS DB 21 27.31 -8.65 -3.41
C CYS DB 21 26.59 -7.88 -2.33
N LYS DB 22 25.31 -7.57 -2.54
CA LYS DB 22 24.50 -7.10 -1.43
C LYS DB 22 24.19 -8.22 -0.45
N LEU DB 23 24.03 -9.44 -0.94
CA LEU DB 23 23.62 -10.56 -0.09
C LEU DB 23 24.79 -11.46 0.28
N MET DB 24 26.01 -10.92 0.37
CA MET DB 24 27.19 -11.77 0.56
C MET DB 24 27.26 -12.46 1.92
N ASN DB 25 26.40 -12.14 2.87
CA ASN DB 25 26.24 -12.95 4.08
C ASN DB 25 24.77 -13.22 4.28
N ILE DB 26 24.39 -14.49 4.28
CA ILE DB 26 23.00 -14.88 4.39
C ILE DB 26 23.00 -16.35 4.73
N VAL DB 27 21.94 -16.81 5.34
CA VAL DB 27 21.76 -18.24 5.54
C VAL DB 27 21.06 -18.81 4.33
N ILE DB 28 21.48 -19.99 3.91
CA ILE DB 28 20.86 -20.72 2.81
C ILE DB 28 20.69 -22.14 3.33
N PRO DB 29 19.51 -22.73 3.22
CA PRO DB 29 19.36 -24.14 3.53
C PRO DB 29 19.68 -24.98 2.31
N ILE DB 30 20.18 -26.18 2.59
CA ILE DB 30 20.71 -27.07 1.57
C ILE DB 30 20.22 -28.48 1.85
N PRO DB 31 19.65 -29.19 0.87
CA PRO DB 31 19.19 -30.56 1.11
C PRO DB 31 20.31 -31.57 1.36
N ALA DB 32 21.28 -31.66 0.46
CA ALA DB 32 22.30 -32.71 0.55
C ALA DB 32 23.57 -32.14 1.16
N HIS DB 33 24.06 -32.78 2.21
CA HIS DB 33 25.29 -32.36 2.86
C HIS DB 33 26.47 -32.75 1.98
N HIS DB 34 26.78 -31.90 1.01
CA HIS DB 34 27.58 -32.29 -0.14
C HIS DB 34 28.36 -31.08 -0.66
N HIS DB 35 29.48 -31.34 -1.31
CA HIS DB 35 30.46 -30.29 -1.60
C HIS DB 35 30.12 -29.45 -2.83
N LEU DB 36 29.57 -30.04 -3.89
CA LEU DB 36 29.27 -29.31 -5.10
C LEU DB 36 27.77 -29.31 -5.39
N ILE DB 37 27.15 -28.14 -5.30
CA ILE DB 37 25.71 -27.94 -5.40
C ILE DB 37 25.42 -26.94 -6.49
N GLY DB 38 24.46 -27.22 -7.34
CA GLY DB 38 24.05 -26.31 -8.38
C GLY DB 38 22.94 -25.39 -7.90
N SER DB 39 22.68 -24.35 -8.68
CA SER DB 39 21.56 -23.47 -8.36
C SER DB 39 20.21 -24.15 -8.56
N GLY DB 40 20.18 -25.29 -9.25
CA GLY DB 40 18.96 -26.08 -9.32
C GLY DB 40 18.55 -26.67 -8.00
N ASN DB 41 19.48 -26.80 -7.06
CA ASN DB 41 19.15 -27.23 -5.70
C ASN DB 41 19.59 -26.26 -4.62
N LEU DB 42 20.16 -25.13 -4.98
CA LEU DB 42 20.45 -24.10 -3.98
C LEU DB 42 19.14 -23.48 -3.51
N GLY DB 43 19.04 -23.23 -2.23
CA GLY DB 43 17.88 -22.53 -1.72
C GLY DB 43 16.76 -23.45 -1.30
N LEU DB 44 15.58 -22.84 -1.14
CA LEU DB 44 14.42 -23.52 -0.61
C LEU DB 44 13.25 -23.58 -1.57
N TYR DB 45 13.24 -22.73 -2.61
CA TYR DB 45 12.28 -22.85 -3.69
C TYR DB 45 12.23 -24.19 -4.44
N PRO DB 46 13.30 -25.00 -4.52
CA PRO DB 46 13.08 -26.37 -5.00
C PRO DB 46 12.24 -27.24 -4.08
N ILE DB 47 11.92 -26.81 -2.87
CA ILE DB 47 11.07 -27.57 -1.97
C ILE DB 47 9.72 -26.90 -1.77
N VAL DB 48 9.71 -25.64 -1.34
CA VAL DB 48 8.44 -24.92 -1.24
C VAL DB 48 7.96 -24.61 -2.65
N SER DB 49 6.65 -24.49 -2.79
CA SER DB 49 6.01 -24.12 -4.05
C SER DB 49 5.91 -25.30 -5.03
N SER DB 50 6.56 -26.40 -4.71
CA SER DB 50 6.52 -27.59 -5.56
C SER DB 50 6.08 -28.80 -4.77
N ASN DB 51 6.14 -28.68 -3.45
CA ASN DB 51 5.76 -29.76 -2.54
C ASN DB 51 4.99 -29.25 -1.34
N LYS DB 52 4.19 -30.14 -0.76
CA LYS DB 52 3.38 -29.82 0.40
C LYS DB 52 4.08 -28.67 1.11
N ASP DB 53 3.27 -27.74 1.62
CA ASP DB 53 3.80 -26.55 2.25
C ASP DB 53 3.49 -26.39 3.73
N TYR DB 54 4.35 -25.61 4.37
CA TYR DB 54 4.30 -25.21 5.79
C TYR DB 54 4.66 -26.18 6.92
N VAL DB 55 4.09 -27.37 6.93
CA VAL DB 55 4.36 -28.24 8.08
C VAL DB 55 5.43 -29.27 7.75
N HIS DB 56 5.32 -29.87 6.58
CA HIS DB 56 6.49 -30.51 5.99
C HIS DB 56 7.55 -29.45 5.68
N ILE DB 57 7.16 -28.22 5.32
CA ILE DB 57 8.15 -27.16 5.15
C ILE DB 57 8.82 -26.84 6.49
N ARG DB 58 8.06 -26.88 7.58
CA ARG DB 58 8.64 -26.58 8.89
C ARG DB 58 9.56 -27.71 9.36
N ASN DB 59 9.14 -28.96 9.12
CA ASN DB 59 9.99 -30.12 9.36
C ASN DB 59 11.24 -30.07 8.49
N VAL DB 60 11.10 -29.68 7.23
CA VAL DB 60 12.23 -29.64 6.32
C VAL DB 60 13.19 -28.53 6.70
N LEU DB 61 12.68 -27.37 7.12
CA LEU DB 61 13.56 -26.29 7.55
C LEU DB 61 14.25 -26.63 8.85
N ARG DB 62 13.63 -27.49 9.65
CA ARG DB 62 14.33 -28.06 10.78
C ARG DB 62 15.45 -28.99 10.31
N THR DB 63 15.22 -29.79 9.27
CA THR DB 63 16.13 -30.88 8.94
C THR DB 63 17.09 -30.60 7.79
N MET DB 64 17.05 -29.44 7.14
CA MET DB 64 18.01 -29.16 6.09
C MET DB 64 19.30 -28.65 6.70
N VAL DB 65 20.29 -28.40 5.85
CA VAL DB 65 21.59 -27.95 6.31
C VAL DB 65 21.64 -26.44 6.20
N VAL DB 66 21.75 -25.75 7.33
CA VAL DB 66 22.04 -24.33 7.30
C VAL DB 66 23.46 -24.13 6.78
N THR DB 67 23.64 -23.11 5.94
CA THR DB 67 24.96 -22.84 5.38
C THR DB 67 25.02 -21.37 5.01
N ILE DB 68 26.08 -20.67 5.42
CA ILE DB 68 26.10 -19.22 5.23
C ILE DB 68 27.00 -18.87 4.05
N LEU DB 69 26.61 -17.82 3.34
CA LEU DB 69 27.49 -17.24 2.33
C LEU DB 69 28.69 -16.57 2.95
N GLN DB 70 29.85 -16.81 2.36
CA GLN DB 70 31.11 -16.23 2.80
C GLN DB 70 31.66 -15.23 1.80
N LYS DB 71 31.73 -15.60 0.54
CA LYS DB 71 32.39 -14.79 -0.46
C LYS DB 71 31.87 -15.20 -1.83
N VAL DB 72 31.73 -14.23 -2.73
CA VAL DB 72 31.30 -14.50 -4.09
C VAL DB 72 32.49 -14.31 -5.01
N GLU DB 73 32.84 -15.36 -5.74
CA GLU DB 73 33.89 -15.27 -6.75
C GLU DB 73 33.39 -14.64 -8.04
N GLY DB 74 34.16 -14.89 -9.10
CA GLY DB 74 33.79 -14.41 -10.42
C GLY DB 74 32.40 -14.83 -10.84
N ASN DB 75 32.07 -16.09 -10.67
CA ASN DB 75 30.68 -16.47 -10.87
C ASN DB 75 30.23 -17.55 -9.91
N GLN DB 76 31.05 -17.90 -8.94
CA GLN DB 76 30.76 -19.01 -8.05
C GLN DB 76 30.51 -18.50 -6.64
N LEU DB 77 29.85 -19.33 -5.86
CA LEU DB 77 29.46 -19.01 -4.52
C LEU DB 77 30.25 -19.86 -3.55
N VAL DB 78 30.84 -19.21 -2.55
CA VAL DB 78 31.47 -19.90 -1.44
C VAL DB 78 30.51 -19.87 -0.26
N LEU DB 79 30.10 -21.05 0.16
CA LEU DB 79 29.20 -21.21 1.28
C LEU DB 79 29.92 -22.02 2.34
N ARG DB 80 30.15 -21.42 3.50
CA ARG DB 80 30.77 -22.16 4.59
C ARG DB 80 29.69 -22.72 5.47
N LYS DB 81 29.78 -23.99 5.76
CA LYS DB 81 28.75 -24.53 6.61
C LYS DB 81 29.17 -24.43 8.08
N PRO DB 82 28.24 -24.05 8.95
CA PRO DB 82 28.63 -23.65 10.30
C PRO DB 82 28.87 -24.81 11.22
N MET DB 83 29.87 -24.65 12.08
CA MET DB 83 30.22 -25.62 13.11
C MET DB 83 29.66 -25.18 14.44
N THR DB 84 29.27 -26.14 15.27
CA THR DB 84 28.69 -25.80 16.56
C THR DB 84 29.74 -25.26 17.51
N GLY DB 85 29.34 -24.26 18.29
CA GLY DB 85 30.20 -23.68 19.29
C GLY DB 85 31.10 -22.56 18.82
N GLN DB 86 31.06 -22.19 17.54
CA GLN DB 86 31.95 -21.15 17.05
C GLN DB 86 31.17 -19.95 16.55
N GLN DB 87 31.89 -18.85 16.39
CA GLN DB 87 31.32 -17.61 15.91
C GLN DB 87 31.19 -17.61 14.39
N TYR DB 88 30.17 -16.91 13.91
CA TYR DB 88 30.03 -16.57 12.51
C TYR DB 88 29.45 -15.17 12.43
N ALA DB 89 29.17 -14.71 11.20
CA ALA DB 89 28.61 -13.39 10.97
C ALA DB 89 27.41 -13.54 10.05
N ILE DB 90 26.30 -12.89 10.44
CA ILE DB 90 25.02 -13.02 9.75
C ILE DB 90 24.53 -11.62 9.43
N LYS DB 91 24.15 -11.38 8.17
CA LYS DB 91 23.52 -10.13 7.81
C LYS DB 91 22.03 -10.20 8.11
N ASN DB 92 21.42 -9.03 8.30
CA ASN DB 92 20.04 -8.88 8.74
C ASN DB 92 19.12 -8.69 7.54
N THR DB 93 18.43 -9.75 7.15
CA THR DB 93 17.47 -9.59 6.07
C THR DB 93 16.05 -9.38 6.58
N GLY DB 94 15.70 -10.01 7.69
CA GLY DB 94 14.35 -9.90 8.22
C GLY DB 94 14.05 -8.51 8.74
N PRO DB 95 12.76 -8.20 8.90
CA PRO DB 95 12.37 -6.84 9.29
C PRO DB 95 12.58 -6.54 10.76
N PHE DB 96 12.54 -7.51 11.60
CA PHE DB 96 12.57 -7.34 13.05
C PHE DB 96 13.99 -7.08 13.51
N PRO DB 97 14.22 -6.09 14.35
CA PRO DB 97 15.60 -5.72 14.69
C PRO DB 97 16.22 -6.69 15.69
N TRP DB 98 17.36 -7.23 15.30
CA TRP DB 98 18.21 -8.03 16.19
C TRP DB 98 18.69 -7.19 17.36
N GLU DB 99 18.78 -7.81 18.54
CA GLU DB 99 19.43 -7.22 19.69
C GLU DB 99 20.35 -8.25 20.33
N LYS DB 100 21.22 -7.78 21.21
CA LYS DB 100 22.29 -8.63 21.73
C LYS DB 100 21.74 -9.66 22.71
N GLY DB 101 22.31 -10.86 22.65
CA GLY DB 101 21.84 -11.93 23.50
C GLY DB 101 20.54 -12.58 23.09
N ASP DB 102 19.99 -12.23 21.93
CA ASP DB 102 18.79 -12.89 21.47
C ASP DB 102 19.12 -14.24 20.85
N THR DB 103 18.19 -15.18 20.95
CA THR DB 103 18.32 -16.43 20.23
C THR DB 103 17.63 -16.31 18.89
N LEU DB 104 18.17 -16.98 17.88
CA LEU DB 104 17.69 -16.83 16.51
C LEU DB 104 17.19 -18.17 15.99
N THR DB 105 16.23 -18.10 15.08
CA THR DB 105 15.68 -19.29 14.47
C THR DB 105 15.28 -19.00 13.05
N LEU DB 106 14.91 -20.05 12.32
CA LEU DB 106 14.54 -19.96 10.92
C LEU DB 106 13.05 -20.19 10.82
N ILE DB 107 12.32 -19.19 10.33
CA ILE DB 107 10.92 -19.43 10.02
C ILE DB 107 10.79 -19.45 8.49
N PRO DB 108 9.79 -20.15 7.95
CA PRO DB 108 9.57 -20.09 6.51
C PRO DB 108 9.16 -18.71 6.10
N PRO DB 109 9.45 -18.30 4.86
CA PRO DB 109 9.17 -16.93 4.46
C PRO DB 109 7.67 -16.69 4.31
N LEU DB 110 7.26 -15.48 4.65
CA LEU DB 110 5.86 -15.08 4.59
C LEU DB 110 5.54 -14.83 3.13
N SER DB 111 5.19 -15.92 2.44
CA SER DB 111 5.39 -16.02 0.99
C SER DB 111 4.31 -15.29 0.21
N THR DB 112 4.29 -13.98 0.39
CA THR DB 112 3.54 -13.13 -0.52
C THR DB 112 4.25 -13.06 -1.86
N HIS DB 113 3.48 -13.15 -2.94
CA HIS DB 113 4.09 -13.03 -4.27
C HIS DB 113 4.02 -11.59 -4.78
N SER DB 114 4.43 -10.69 -3.91
CA SER DB 114 4.79 -9.32 -4.25
C SER DB 114 6.18 -8.99 -3.77
N GLU DB 115 6.90 -9.99 -3.25
CA GLU DB 115 8.29 -9.84 -2.87
C GLU DB 115 9.15 -9.53 -4.08
N GLU DB 116 10.32 -8.94 -3.82
CA GLU DB 116 11.18 -8.53 -4.91
C GLU DB 116 11.94 -9.67 -5.56
N LYS DB 117 11.89 -10.88 -5.00
CA LYS DB 117 12.34 -12.13 -5.62
C LYS DB 117 13.83 -12.06 -5.96
N LEU DB 118 14.63 -12.02 -4.88
CA LEU DB 118 16.05 -11.68 -4.80
C LEU DB 118 16.90 -12.16 -5.97
N LEU DB 119 16.71 -13.39 -6.38
CA LEU DB 119 17.05 -13.82 -7.73
C LEU DB 119 15.83 -14.46 -8.34
N LYS DB 120 15.66 -14.28 -9.65
CA LYS DB 120 14.66 -15.04 -10.40
C LYS DB 120 15.31 -15.41 -11.72
N LEU DB 121 15.81 -16.64 -11.80
CA LEU DB 121 16.70 -17.03 -12.88
C LEU DB 121 16.07 -18.18 -13.65
N GLY DB 122 15.19 -17.84 -14.58
CA GLY DB 122 14.55 -18.80 -15.46
C GLY DB 122 13.77 -19.88 -14.74
N ASP DB 123 12.65 -19.50 -14.13
CA ASP DB 123 11.66 -20.33 -13.43
C ASP DB 123 12.18 -20.84 -12.09
N TRP DB 124 13.45 -20.61 -11.83
CA TRP DB 124 14.04 -20.81 -10.52
C TRP DB 124 14.13 -19.46 -9.82
N GLU DB 125 13.87 -19.45 -8.53
CA GLU DB 125 14.09 -18.27 -7.73
C GLU DB 125 14.75 -18.68 -6.44
N LEU DB 126 15.29 -17.70 -5.72
CA LEU DB 126 16.01 -17.95 -4.48
C LEU DB 126 15.13 -17.51 -3.33
N THR DB 127 14.83 -18.43 -2.43
CA THR DB 127 14.05 -18.16 -1.23
C THR DB 127 14.89 -18.53 -0.03
N VAL DB 128 14.96 -17.62 0.94
CA VAL DB 128 15.72 -17.87 2.15
C VAL DB 128 14.71 -17.97 3.28
N PRO DB 129 15.02 -18.64 4.38
CA PRO DB 129 14.18 -18.53 5.57
C PRO DB 129 14.51 -17.25 6.30
N LEU DB 130 13.53 -16.75 7.04
CA LEU DB 130 13.73 -15.53 7.79
C LEU DB 130 14.39 -15.89 9.10
N VAL DB 131 15.57 -15.32 9.34
CA VAL DB 131 16.15 -15.39 10.67
C VAL DB 131 15.39 -14.44 11.56
N VAL DB 132 14.91 -14.93 12.69
CA VAL DB 132 14.02 -14.13 13.52
C VAL DB 132 14.24 -14.51 14.97
N PRO DB 133 14.03 -13.61 15.93
CA PRO DB 133 14.03 -14.04 17.33
C PRO DB 133 12.94 -15.03 17.65
N THR DB 134 13.20 -15.80 18.72
CA THR DB 134 12.41 -16.98 19.04
C THR DB 134 11.01 -16.59 19.49
N ALA DB 135 10.90 -15.48 20.22
CA ALA DB 135 9.60 -15.00 20.69
C ALA DB 135 8.69 -14.65 19.53
N ILE DB 136 9.26 -13.96 18.52
CA ILE DB 136 8.46 -13.60 17.36
C ILE DB 136 8.11 -14.83 16.56
N ALA DB 137 9.00 -15.83 16.54
CA ALA DB 137 8.71 -17.05 15.81
C ALA DB 137 7.52 -17.79 16.40
N ALA DB 138 7.48 -17.87 17.72
CA ALA DB 138 6.31 -18.45 18.40
C ALA DB 138 5.06 -17.66 18.10
N GLU DB 139 5.17 -16.32 18.13
CA GLU DB 139 4.00 -15.48 17.89
C GLU DB 139 3.49 -15.62 16.47
N ILE DB 140 4.39 -15.68 15.50
CA ILE DB 140 4.03 -15.87 14.09
C ILE DB 140 3.35 -17.22 13.89
N ASN DB 141 3.89 -18.27 14.53
CA ASN DB 141 3.27 -19.60 14.42
C ASN DB 141 1.85 -19.61 14.97
N ILE DB 142 1.63 -18.95 16.11
CA ILE DB 142 0.30 -18.94 16.71
C ILE DB 142 -0.67 -18.11 15.87
N ARG DB 143 -0.22 -16.97 15.33
CA ARG DB 143 -1.09 -16.17 14.47
C ARG DB 143 -1.46 -16.90 13.19
N LEU DB 144 -0.52 -17.66 12.63
CA LEU DB 144 -0.82 -18.42 11.42
C LEU DB 144 -1.84 -19.52 11.70
N LEU DB 145 -1.70 -20.21 12.84
CA LEU DB 145 -2.69 -21.24 13.16
C LEU DB 145 -4.06 -20.64 13.44
N CYS DB 146 -4.09 -19.42 14.00
CA CYS DB 146 -5.39 -18.78 14.21
C CYS DB 146 -6.04 -18.39 12.89
N ILE DB 147 -5.26 -17.89 11.93
CA ILE DB 147 -5.78 -17.54 10.62
C ILE DB 147 -6.28 -18.79 9.90
N GLY DB 148 -5.50 -19.86 9.94
CA GLY DB 148 -5.90 -21.10 9.29
C GLY DB 148 -7.07 -21.78 9.97
N LEU DB 149 -7.31 -21.51 11.24
CA LEU DB 149 -8.52 -22.02 11.88
C LEU DB 149 -9.73 -21.20 11.47
N ILE DB 150 -9.67 -19.88 11.60
CA ILE DB 150 -10.88 -19.09 11.40
C ILE DB 150 -11.18 -18.83 9.93
N ALA DB 151 -10.29 -19.22 9.01
CA ALA DB 151 -10.60 -19.01 7.60
C ALA DB 151 -11.59 -20.02 7.07
N VAL DB 152 -11.82 -21.10 7.80
CA VAL DB 152 -12.78 -22.13 7.39
C VAL DB 152 -14.19 -21.80 7.87
N HIS DB 153 -14.33 -21.08 8.97
CA HIS DB 153 -15.66 -20.64 9.39
C HIS DB 153 -16.24 -19.66 8.39
N ARG DB 154 -17.56 -19.72 8.25
CA ARG DB 154 -18.35 -18.75 7.50
C ARG DB 154 -19.14 -17.93 8.50
N GLU DB 155 -20.00 -17.07 7.95
CA GLU DB 155 -20.99 -16.24 8.63
C GLU DB 155 -20.53 -15.57 9.92
N TYR DB 156 -19.26 -15.16 9.98
CA TYR DB 156 -18.88 -14.07 10.87
C TYR DB 156 -18.90 -12.81 10.05
N ASN DB 157 -19.68 -11.83 10.48
CA ASN DB 157 -19.79 -10.59 9.72
C ASN DB 157 -18.69 -9.61 10.07
N GLU DB 158 -17.84 -9.96 11.03
CA GLU DB 158 -16.63 -9.22 11.38
C GLU DB 158 -15.38 -9.96 10.92
N MET DB 159 -15.52 -10.82 9.91
CA MET DB 159 -14.41 -11.70 9.52
C MET DB 159 -13.26 -10.92 8.92
N GLN DB 160 -13.57 -9.83 8.21
CA GLN DB 160 -12.52 -9.02 7.63
C GLN DB 160 -11.70 -8.29 8.70
N THR DB 161 -12.37 -7.68 9.66
CA THR DB 161 -11.63 -6.98 10.70
C THR DB 161 -10.96 -7.96 11.67
N ILE DB 162 -11.48 -9.17 11.81
CA ILE DB 162 -10.82 -10.09 12.73
C ILE DB 162 -9.60 -10.73 12.06
N ILE DB 163 -9.65 -10.94 10.74
CA ILE DB 163 -8.46 -11.36 10.02
C ILE DB 163 -7.44 -10.24 9.99
N ASP DB 164 -7.89 -8.99 9.91
CA ASP DB 164 -6.95 -7.88 9.90
C ASP DB 164 -6.27 -7.71 11.26
N GLU DB 165 -7.03 -7.87 12.34
CA GLU DB 165 -6.43 -7.83 13.67
C GLU DB 165 -5.53 -9.03 13.94
N LEU DB 166 -5.74 -10.15 13.24
CA LEU DB 166 -4.73 -11.21 13.34
C LEU DB 166 -3.49 -10.89 12.52
N CYS DB 167 -3.66 -10.34 11.32
CA CYS DB 167 -2.52 -10.17 10.42
C CYS DB 167 -1.62 -9.02 10.86
N SER DB 168 -2.14 -8.05 11.60
CA SER DB 168 -1.26 -6.96 12.02
C SER DB 168 -0.59 -7.36 13.33
N ILE DB 169 0.72 -7.61 13.29
CA ILE DB 169 1.50 -7.82 14.50
C ILE DB 169 2.58 -6.75 14.58
N GLN DB 170 3.08 -6.53 15.78
CA GLN DB 170 4.09 -5.51 16.01
C GLN DB 170 5.09 -6.00 17.05
N TYR DB 171 6.37 -5.74 16.80
CA TYR DB 171 7.42 -6.20 17.70
C TYR DB 171 8.59 -5.24 17.56
N ARG DB 172 8.88 -4.49 18.63
CA ARG DB 172 9.93 -3.48 18.67
C ARG DB 172 9.80 -2.50 17.51
N ASP DB 173 8.61 -1.92 17.41
CA ASP DB 173 8.26 -0.78 16.55
C ASP DB 173 8.37 -1.09 15.07
N VAL DB 174 8.43 -2.35 14.67
CA VAL DB 174 8.42 -2.72 13.26
C VAL DB 174 7.15 -3.49 13.00
N LEU DB 175 6.21 -2.88 12.27
CA LEU DB 175 5.01 -3.61 11.93
C LEU DB 175 5.25 -4.51 10.72
N ILE DB 176 4.42 -5.55 10.62
CA ILE DB 176 4.33 -6.36 9.42
C ILE DB 176 2.92 -6.91 9.36
N LYS DB 177 2.41 -7.10 8.15
CA LYS DB 177 1.12 -7.72 7.95
C LYS DB 177 1.35 -9.14 7.48
N LEU DB 178 0.79 -10.11 8.19
CA LEU DB 178 0.94 -11.49 7.77
C LEU DB 178 0.14 -11.68 6.49
N PRO DB 179 0.79 -12.08 5.40
CA PRO DB 179 0.15 -12.06 4.08
C PRO DB 179 -0.94 -13.08 3.88
N ASP DB 180 -1.24 -13.92 4.87
CA ASP DB 180 -2.37 -14.83 4.75
C ASP DB 180 -3.67 -14.08 5.09
N ILE DB 181 -4.03 -13.19 4.16
CA ILE DB 181 -5.32 -12.50 4.07
C ILE DB 181 -6.30 -13.48 3.44
N VAL DB 182 -7.50 -13.01 3.08
CA VAL DB 182 -8.80 -13.67 2.91
C VAL DB 182 -8.84 -15.05 2.20
N ASN DB 183 -7.67 -15.72 2.08
CA ASN DB 183 -7.29 -16.88 1.25
C ASN DB 183 -7.19 -16.47 -0.20
N ASP DB 184 -6.29 -15.51 -0.44
CA ASP DB 184 -5.87 -15.13 -1.78
C ASP DB 184 -5.20 -16.28 -2.53
N LYS DB 185 -4.68 -17.28 -1.80
CA LYS DB 185 -4.07 -18.51 -2.33
C LYS DB 185 -2.79 -18.25 -3.12
N GLN DB 186 -2.15 -17.10 -2.88
CA GLN DB 186 -0.82 -16.87 -3.46
C GLN DB 186 0.19 -17.80 -2.82
N SER DB 187 0.39 -17.68 -1.52
CA SER DB 187 0.84 -18.81 -0.71
C SER DB 187 0.17 -18.65 0.65
N MET DB 188 -1.03 -19.22 0.77
CA MET DB 188 -1.71 -19.27 2.05
C MET DB 188 -1.01 -20.22 3.00
N TYR DB 189 -0.38 -21.26 2.43
CA TYR DB 189 0.26 -22.45 3.01
C TYR DB 189 -0.75 -23.45 3.55
N SER DB 190 -1.98 -23.03 3.78
CA SER DB 190 -3.19 -23.83 3.90
C SER DB 190 -3.29 -24.75 5.11
N MET DB 191 -2.16 -25.09 5.77
CA MET DB 191 -1.99 -25.63 7.13
C MET DB 191 -3.09 -26.56 7.63
N LYS DB 192 -3.63 -27.37 6.71
CA LYS DB 192 -4.92 -27.98 6.98
C LYS DB 192 -4.74 -29.19 7.87
N THR DB 193 -3.64 -29.92 7.72
CA THR DB 193 -3.31 -30.99 8.64
C THR DB 193 -2.97 -30.43 10.02
N ALA DB 194 -2.36 -29.25 10.08
CA ALA DB 194 -2.02 -28.67 11.38
C ALA DB 194 -3.26 -28.30 12.19
N CYS DB 195 -4.24 -27.66 11.57
CA CYS DB 195 -5.48 -27.37 12.30
C CYS DB 195 -6.30 -28.63 12.55
N ILE DB 196 -6.35 -29.53 11.55
CA ILE DB 196 -7.00 -30.82 11.74
C ILE DB 196 -6.38 -31.61 12.89
N SER DB 197 -5.06 -31.61 12.99
CA SER DB 197 -4.35 -32.28 14.06
C SER DB 197 -4.62 -31.66 15.41
N LEU DB 198 -4.64 -30.33 15.48
CA LEU DB 198 -4.99 -29.68 16.73
C LEU DB 198 -6.40 -30.04 17.17
N SER DB 199 -7.33 -30.13 16.23
CA SER DB 199 -8.68 -30.36 16.69
C SER DB 199 -8.96 -31.83 16.93
N MET DB 200 -8.19 -32.71 16.29
CA MET DB 200 -8.22 -34.12 16.68
C MET DB 200 -7.71 -34.31 18.09
N ILE DB 201 -6.67 -33.56 18.47
CA ILE DB 201 -6.18 -33.63 19.84
C ILE DB 201 -7.23 -33.13 20.83
N THR DB 202 -7.76 -31.93 20.59
CA THR DB 202 -8.73 -31.38 21.54
C THR DB 202 -10.07 -32.09 21.51
N ALA DB 203 -10.35 -32.94 20.53
CA ALA DB 203 -11.56 -33.74 20.57
C ALA DB 203 -11.34 -35.13 21.14
N MET DB 204 -10.18 -35.74 20.91
CA MET DB 204 -9.96 -37.10 21.41
C MET DB 204 -9.39 -37.11 22.82
N ALA DB 205 -8.92 -35.96 23.30
CA ALA DB 205 -8.43 -35.86 24.68
C ALA DB 205 -9.44 -36.24 25.76
N PRO DB 206 -10.67 -35.65 25.85
CA PRO DB 206 -11.47 -35.83 27.07
C PRO DB 206 -11.94 -37.23 27.28
N ASP DB 207 -12.23 -37.95 26.21
CA ASP DB 207 -12.75 -39.28 26.38
C ASP DB 207 -11.66 -40.29 26.66
N ILE DB 208 -10.44 -40.02 26.19
CA ILE DB 208 -9.31 -40.87 26.52
C ILE DB 208 -8.92 -40.70 27.98
N VAL DB 209 -8.87 -39.45 28.46
CA VAL DB 209 -8.56 -39.29 29.88
C VAL DB 209 -9.72 -39.77 30.74
N ARG DB 210 -10.95 -39.75 30.22
CA ARG DB 210 -12.11 -40.29 30.94
C ARG DB 210 -12.02 -41.79 31.09
N THR DB 211 -11.73 -42.50 29.99
CA THR DB 211 -11.66 -43.96 30.04
C THR DB 211 -10.47 -44.44 30.86
N TYR DB 212 -9.40 -43.65 30.93
CA TYR DB 212 -8.32 -44.03 31.83
C TYR DB 212 -8.69 -43.77 33.29
N ILE DB 213 -9.24 -42.60 33.59
CA ILE DB 213 -9.49 -42.23 34.97
C ILE DB 213 -10.66 -42.99 35.59
N ASP DB 214 -11.54 -43.61 34.79
CA ASP DB 214 -12.65 -44.37 35.36
C ASP DB 214 -12.24 -45.75 35.86
N ARG DB 215 -10.99 -45.94 36.25
CA ARG DB 215 -10.42 -47.26 36.48
C ARG DB 215 -9.22 -47.12 37.40
N LEU DB 216 -9.12 -48.02 38.37
CA LEU DB 216 -8.01 -48.10 39.33
C LEU DB 216 -7.82 -46.79 40.09
N THR DB 217 -8.79 -46.54 40.96
CA THR DB 217 -8.79 -45.43 41.89
C THR DB 217 -8.54 -45.96 43.31
N LEU DB 218 -8.62 -47.30 43.47
CA LEU DB 218 -8.40 -47.96 44.75
C LEU DB 218 -6.97 -47.74 45.20
N GLU DB 219 -6.04 -47.78 44.24
CA GLU DB 219 -4.64 -47.53 44.50
C GLU DB 219 -4.56 -46.06 44.90
N ASP DB 220 -3.64 -45.73 45.80
CA ASP DB 220 -3.55 -44.36 46.27
C ASP DB 220 -2.77 -43.40 45.37
N HIS DB 221 -3.25 -43.17 44.14
CA HIS DB 221 -2.52 -42.21 43.33
C HIS DB 221 -2.68 -40.91 44.09
N SER DB 222 -3.94 -40.55 44.33
CA SER DB 222 -4.34 -39.42 45.15
C SER DB 222 -4.28 -38.02 44.52
N MET DB 223 -3.63 -37.87 43.38
CA MET DB 223 -3.57 -36.55 42.75
C MET DB 223 -4.23 -36.51 41.38
N LEU DB 224 -3.92 -37.50 40.55
CA LEU DB 224 -4.45 -37.56 39.19
C LEU DB 224 -5.96 -37.70 39.10
N LEU DB 225 -6.55 -38.54 39.95
CA LEU DB 225 -7.99 -38.74 39.88
C LEU DB 225 -8.78 -37.48 40.20
N ILE DB 226 -8.37 -36.75 41.23
CA ILE DB 226 -9.05 -35.52 41.60
C ILE DB 226 -8.91 -34.43 40.54
N LYS DB 227 -7.70 -34.30 39.99
CA LYS DB 227 -7.42 -33.28 39.00
C LYS DB 227 -8.20 -33.42 37.70
N CYS DB 228 -8.34 -34.66 37.20
CA CYS DB 228 -9.07 -34.87 35.96
C CYS DB 228 -10.55 -34.57 36.13
N GLN DB 229 -11.16 -34.93 37.29
CA GLN DB 229 -12.57 -34.62 37.54
C GLN DB 229 -12.81 -33.12 37.47
N GLU DB 230 -11.97 -32.37 38.17
CA GLU DB 230 -12.01 -30.91 38.18
C GLU DB 230 -11.85 -30.33 36.78
N LEU DB 231 -10.78 -30.74 36.08
CA LEU DB 231 -10.41 -30.14 34.81
C LEU DB 231 -11.44 -30.46 33.73
N LEU DB 232 -12.01 -31.66 33.79
CA LEU DB 232 -12.96 -32.10 32.80
C LEU DB 232 -14.34 -31.51 33.05
N SER DB 233 -14.80 -31.52 34.31
CA SER DB 233 -16.13 -31.04 34.63
C SER DB 233 -16.21 -29.55 34.84
N LYS DB 234 -15.10 -28.82 34.79
CA LYS DB 234 -15.22 -27.37 34.73
C LYS DB 234 -15.59 -26.94 33.32
N ARG DB 235 -14.77 -27.31 32.34
CA ARG DB 235 -15.05 -26.93 30.95
C ARG DB 235 -16.25 -27.67 30.39
N THR DB 236 -16.20 -28.99 30.41
CA THR DB 236 -17.30 -29.82 29.92
C THR DB 236 -18.12 -30.15 31.16
N THR DB 237 -18.97 -29.19 31.54
CA THR DB 237 -19.66 -29.25 32.83
C THR DB 237 -20.77 -30.30 32.79
N LEU DB 238 -21.53 -30.33 31.71
CA LEU DB 238 -22.52 -31.37 31.49
C LEU DB 238 -21.84 -32.47 30.69
N SER DB 239 -21.23 -33.43 31.40
CA SER DB 239 -20.38 -34.43 30.77
C SER DB 239 -21.22 -35.66 30.41
N THR DB 240 -21.30 -35.95 29.11
CA THR DB 240 -21.70 -37.24 28.55
C THR DB 240 -23.13 -37.62 28.96
N GLN DB 241 -24.07 -36.84 28.43
CA GLN DB 241 -25.49 -37.07 28.69
C GLN DB 241 -26.06 -38.14 27.76
N ARG DB 242 -26.03 -37.88 26.45
CA ARG DB 242 -26.58 -38.81 25.47
C ARG DB 242 -25.62 -39.96 25.20
N CYS DB 243 -24.31 -39.71 25.41
CA CYS DB 243 -23.20 -40.66 25.49
C CYS DB 243 -22.78 -41.25 24.14
N GLY DB 244 -23.60 -41.04 23.12
CA GLY DB 244 -23.36 -41.60 21.80
C GLY DB 244 -23.73 -43.07 21.69
N GLN DB 245 -22.96 -43.93 22.36
CA GLN DB 245 -23.11 -45.38 22.25
C GLN DB 245 -23.48 -46.03 23.59
N LEU DB 246 -23.57 -45.22 24.67
CA LEU DB 246 -23.99 -45.65 26.01
C LEU DB 246 -23.08 -46.72 26.60
N HIS DB 247 -21.76 -46.47 26.53
CA HIS DB 247 -20.72 -47.28 27.14
C HIS DB 247 -20.75 -48.73 26.65
N ALA DB 248 -20.48 -48.84 25.34
CA ALA DB 248 -20.14 -50.09 24.65
C ALA DB 248 -18.84 -49.85 23.90
N THR DB 249 -17.71 -50.03 24.58
CA THR DB 249 -16.41 -49.81 23.98
C THR DB 249 -15.63 -51.12 23.91
N ASP DB 250 -14.72 -51.17 22.95
CA ASP DB 250 -13.77 -52.25 22.82
C ASP DB 250 -12.42 -51.81 23.38
N ILE DB 251 -11.71 -52.78 23.96
CA ILE DB 251 -10.36 -52.54 24.40
C ILE DB 251 -9.46 -52.24 23.21
N LYS DB 252 -9.74 -52.90 22.08
CA LYS DB 252 -9.07 -52.57 20.82
C LYS DB 252 -9.44 -51.16 20.34
N ASP DB 253 -10.68 -50.72 20.58
CA ASP DB 253 -11.05 -49.36 20.21
C ASP DB 253 -10.30 -48.34 21.04
N GLU DB 254 -10.17 -48.61 22.34
CA GLU DB 254 -9.40 -47.73 23.22
C GLU DB 254 -7.94 -47.71 22.81
N LEU DB 255 -7.43 -48.87 22.39
CA LEU DB 255 -6.08 -49.00 21.86
C LEU DB 255 -5.88 -48.11 20.64
N LYS DB 256 -6.87 -48.11 19.74
CA LYS DB 256 -6.75 -47.34 18.52
C LYS DB 256 -6.88 -45.84 18.80
N LYS DB 257 -7.70 -45.48 19.79
CA LYS DB 257 -7.86 -44.09 20.18
C LYS DB 257 -6.55 -43.51 20.72
N ILE DB 258 -5.94 -44.22 21.68
CA ILE DB 258 -4.68 -43.75 22.27
C ILE DB 258 -3.55 -43.76 21.24
N LYS DB 259 -3.48 -44.81 20.41
CA LYS DB 259 -2.43 -44.88 19.39
C LYS DB 259 -2.55 -43.73 18.38
N SER DB 260 -3.78 -43.40 17.97
CA SER DB 260 -3.98 -42.29 17.05
C SER DB 260 -3.61 -40.95 17.70
N VAL DB 261 -4.12 -40.72 18.93
CA VAL DB 261 -3.91 -39.44 19.59
C VAL DB 261 -2.45 -39.23 19.96
N LEU DB 262 -1.67 -40.31 20.05
CA LEU DB 262 -0.24 -40.13 20.25
C LEU DB 262 0.53 -40.04 18.95
N THR DB 263 0.01 -40.58 17.85
CA THR DB 263 0.62 -40.35 16.55
C THR DB 263 0.53 -38.87 16.17
N MET DB 264 -0.61 -38.25 16.48
CA MET DB 264 -0.84 -36.85 16.09
C MET DB 264 0.16 -35.93 16.75
N ILE DB 265 0.59 -36.23 17.96
CA ILE DB 265 1.50 -35.37 18.69
C ILE DB 265 2.92 -35.49 18.14
N ASP DB 266 3.44 -36.71 18.01
CA ASP DB 266 4.79 -36.86 17.50
C ASP DB 266 4.91 -36.59 16.01
N GLN DB 267 3.79 -36.42 15.29
CA GLN DB 267 3.84 -35.88 13.93
C GLN DB 267 3.59 -34.38 13.85
N ILE DB 268 3.02 -33.73 14.87
CA ILE DB 268 3.00 -32.26 14.94
C ILE DB 268 4.19 -31.75 15.77
N ASN DB 269 5.13 -32.66 16.06
CA ASN DB 269 6.49 -32.38 16.53
C ASN DB 269 7.17 -31.19 15.84
N SER DB 270 6.84 -30.91 14.58
CA SER DB 270 7.46 -29.79 13.89
C SER DB 270 7.02 -28.45 14.46
N LEU DB 271 5.73 -28.26 14.68
CA LEU DB 271 5.23 -27.03 15.26
C LEU DB 271 5.33 -27.03 16.76
N THR DB 272 5.71 -28.17 17.35
CA THR DB 272 5.98 -28.26 18.78
C THR DB 272 7.07 -27.28 19.22
N ASN DB 273 8.29 -27.42 18.71
CA ASN DB 273 9.43 -26.66 19.20
C ASN DB 273 10.09 -25.85 18.10
N GLU DB 274 10.85 -24.85 18.52
CA GLU DB 274 11.66 -24.02 17.65
C GLU DB 274 13.07 -23.92 18.21
N LYS DB 275 14.04 -24.46 17.50
CA LYS DB 275 15.40 -24.51 18.01
C LYS DB 275 16.13 -23.21 17.76
N THR DB 276 17.08 -22.92 18.65
CA THR DB 276 17.86 -21.69 18.56
C THR DB 276 19.03 -21.96 17.65
N TYR DB 277 18.91 -21.56 16.39
CA TYR DB 277 20.00 -21.77 15.44
C TYR DB 277 21.20 -20.87 15.73
N PHE DB 278 20.95 -19.66 16.23
CA PHE DB 278 22.04 -18.72 16.45
C PHE DB 278 21.76 -17.93 17.72
N VAL DB 279 22.81 -17.68 18.48
CA VAL DB 279 22.74 -16.78 19.63
C VAL DB 279 23.62 -15.60 19.30
N VAL DB 280 23.02 -14.46 19.03
CA VAL DB 280 23.79 -13.31 18.60
C VAL DB 280 24.46 -12.66 19.81
N CYS DB 281 25.78 -12.49 19.72
CA CYS DB 281 26.52 -11.93 20.84
C CYS DB 281 26.63 -10.41 20.71
N ASP DB 282 27.09 -9.91 19.56
CA ASP DB 282 27.04 -8.48 19.31
C ASP DB 282 26.42 -8.16 17.96
N VAL DB 283 25.92 -6.94 17.84
CA VAL DB 283 25.26 -6.44 16.64
C VAL DB 283 26.01 -5.21 16.19
N SER DB 284 26.33 -5.15 14.90
CA SER DB 284 27.07 -4.00 14.38
C SER DB 284 26.20 -2.75 14.37
N ALA DB 285 26.84 -1.62 14.10
CA ALA DB 285 26.14 -0.35 14.04
C ALA DB 285 25.21 -0.32 12.84
N ASP DB 286 24.11 0.42 13.00
CA ASP DB 286 23.02 0.61 12.04
C ASP DB 286 22.27 -0.67 11.72
N ASN DB 287 22.52 -1.75 12.47
CA ASN DB 287 21.82 -3.04 12.38
C ASN DB 287 21.93 -3.63 10.96
N ARG DB 288 23.11 -3.56 10.38
CA ARG DB 288 23.31 -4.17 9.07
C ARG DB 288 23.56 -5.67 9.23
N MET DB 289 24.56 -6.02 10.04
CA MET DB 289 24.88 -7.42 10.27
C MET DB 289 25.26 -7.56 11.74
N ALA DB 290 25.49 -8.81 12.13
CA ALA DB 290 25.78 -9.12 13.52
C ALA DB 290 26.63 -10.37 13.59
N THR DB 291 27.58 -10.39 14.50
CA THR DB 291 28.38 -11.57 14.77
C THR DB 291 27.69 -12.39 15.85
N CYS DB 292 27.39 -13.64 15.53
CA CYS DB 292 26.69 -14.53 16.44
C CYS DB 292 27.54 -15.77 16.69
N ILE DB 293 27.01 -16.69 17.49
CA ILE DB 293 27.61 -18.01 17.61
C ILE DB 293 26.57 -19.02 17.16
N TYR DB 294 27.04 -20.17 16.71
CA TYR DB 294 26.16 -21.17 16.10
C TYR DB 294 25.88 -22.31 17.06
N LYS DB 295 24.59 -22.64 17.21
CA LYS DB 295 24.16 -23.75 18.05
C LYS DB 295 23.05 -24.50 17.33
N ASN DB 296 23.02 -25.81 17.56
CA ASN DB 296 22.05 -26.75 16.97
C ASN DB 296 22.04 -26.69 15.45
N GLU EB 2 26.38 23.48 -43.63
CA GLU EB 2 26.49 23.97 -42.26
C GLU EB 2 25.96 22.96 -41.28
N THR EB 3 26.78 22.65 -40.27
CA THR EB 3 26.42 21.72 -39.21
C THR EB 3 26.22 22.47 -37.89
N VAL EB 4 25.78 21.73 -36.88
CA VAL EB 4 25.38 22.25 -35.58
C VAL EB 4 25.89 21.29 -34.52
N TYR EB 5 26.59 21.80 -33.51
CA TYR EB 5 26.98 20.95 -32.38
C TYR EB 5 26.13 21.30 -31.17
N CYS EB 6 25.51 20.29 -30.58
CA CYS EB 6 24.82 20.48 -29.30
C CYS EB 6 25.57 19.74 -28.21
N THR EB 7 25.79 20.43 -27.09
CA THR EB 7 26.44 19.81 -25.94
C THR EB 7 25.43 19.67 -24.81
N PHE EB 8 25.42 18.50 -24.17
CA PHE EB 8 24.49 18.28 -23.08
C PHE EB 8 25.01 18.90 -21.79
N ASP EB 9 24.10 19.52 -21.06
CA ASP EB 9 24.45 20.26 -19.85
C ASP EB 9 24.96 19.33 -18.76
N HIS EB 10 24.30 18.20 -18.56
CA HIS EB 10 24.53 17.34 -17.42
C HIS EB 10 25.11 16.01 -17.87
N LYS EB 11 25.28 15.12 -16.90
CA LYS EB 11 25.77 13.79 -17.20
C LYS EB 11 24.67 12.99 -17.90
N LEU EB 12 25.10 12.06 -18.75
CA LEU EB 12 24.21 11.16 -19.44
C LEU EB 12 24.46 9.72 -18.99
N SER EB 13 23.40 8.94 -18.97
CA SER EB 13 23.57 7.53 -18.69
C SER EB 13 23.95 6.78 -19.98
N LEU EB 14 24.40 5.54 -19.79
CA LEU EB 14 24.61 4.66 -20.93
C LEU EB 14 23.30 4.35 -21.62
N SER EB 15 22.21 4.31 -20.84
CA SER EB 15 20.88 4.21 -21.42
C SER EB 15 20.55 5.42 -22.28
N ASP EB 16 21.02 6.60 -21.87
CA ASP EB 16 20.79 7.81 -22.64
C ASP EB 16 21.55 7.78 -23.95
N ILE EB 17 22.81 7.34 -23.91
CA ILE EB 17 23.61 7.31 -25.13
C ILE EB 17 23.11 6.21 -26.07
N SER EB 18 22.66 5.09 -25.51
CA SER EB 18 22.04 4.06 -26.33
C SER EB 18 20.70 4.51 -26.89
N THR EB 19 20.00 5.38 -26.17
CA THR EB 19 18.77 5.96 -26.69
C THR EB 19 19.05 6.85 -27.88
N LEU EB 20 20.13 7.63 -27.79
CA LEU EB 20 20.52 8.49 -28.91
C LEU EB 20 20.99 7.68 -30.10
N CYS EB 21 21.63 6.53 -29.84
CA CYS EB 21 22.00 5.66 -30.96
C CYS EB 21 20.79 4.97 -31.56
N LYS EB 22 19.74 4.76 -30.77
CA LYS EB 22 18.48 4.35 -31.37
C LYS EB 22 17.86 5.49 -32.19
N LEU EB 23 18.09 6.73 -31.79
CA LEU EB 23 17.45 7.88 -32.43
C LEU EB 23 18.43 8.71 -33.25
N MET EB 24 19.43 8.10 -33.88
CA MET EB 24 20.46 8.86 -34.59
C MET EB 24 19.97 9.60 -35.84
N ASN EB 25 18.76 9.34 -36.32
CA ASN EB 25 18.14 10.20 -37.32
C ASN EB 25 16.76 10.62 -36.83
N ILE EB 26 16.54 11.93 -36.76
CA ILE EB 26 15.26 12.47 -36.30
C ILE EB 26 15.28 13.93 -36.70
N VAL EB 27 14.12 14.52 -36.82
CA VAL EB 27 14.03 15.97 -36.98
C VAL EB 27 14.01 16.58 -35.60
N ILE EB 28 14.64 17.73 -35.46
CA ILE EB 28 14.65 18.51 -34.22
C ILE EB 28 14.34 19.94 -34.63
N PRO EB 29 13.36 20.57 -34.01
CA PRO EB 29 13.18 22.00 -34.22
C PRO EB 29 14.10 22.78 -33.30
N ILE EB 30 14.65 23.85 -33.84
CA ILE EB 30 15.67 24.63 -33.16
C ILE EB 30 15.29 26.10 -33.30
N PRO EB 31 15.26 26.86 -32.21
CA PRO EB 31 14.87 28.28 -32.30
C PRO EB 31 15.86 29.14 -33.06
N ALA EB 32 17.15 29.04 -32.75
CA ALA EB 32 18.15 29.95 -33.30
C ALA EB 32 18.89 29.28 -34.44
N HIS EB 33 18.95 29.95 -35.58
CA HIS EB 33 19.85 29.51 -36.65
C HIS EB 33 21.26 29.81 -36.18
N HIS EB 34 21.94 28.79 -35.67
CA HIS EB 34 23.03 29.01 -34.73
C HIS EB 34 23.99 27.84 -34.83
N HIS EB 35 25.22 28.02 -34.33
CA HIS EB 35 26.17 26.96 -34.61
C HIS EB 35 26.46 26.03 -33.43
N LEU EB 36 26.69 26.57 -32.23
CA LEU EB 36 26.82 25.77 -31.01
C LEU EB 36 25.58 25.98 -30.15
N ILE EB 37 24.93 24.89 -29.74
CA ILE EB 37 23.69 24.94 -28.99
C ILE EB 37 23.84 24.08 -27.74
N GLY EB 38 23.34 24.57 -26.61
CA GLY EB 38 23.25 23.78 -25.41
C GLY EB 38 21.99 22.94 -25.37
N SER EB 39 21.97 21.99 -24.43
CA SER EB 39 20.81 21.11 -24.31
C SER EB 39 19.57 21.86 -23.81
N GLY EB 40 19.75 23.02 -23.18
CA GLY EB 40 18.61 23.80 -22.73
C GLY EB 40 17.78 24.38 -23.85
N ASN EB 41 18.38 24.63 -25.00
CA ASN EB 41 17.66 25.19 -26.13
C ASN EB 41 17.29 24.15 -27.18
N LEU EB 42 17.67 22.90 -26.96
CA LEU EB 42 17.40 21.86 -27.93
C LEU EB 42 15.94 21.42 -27.83
N GLY EB 43 15.39 21.00 -28.95
CA GLY EB 43 14.05 20.44 -28.90
C GLY EB 43 12.99 21.50 -28.86
N LEU EB 44 11.79 21.06 -28.49
CA LEU EB 44 10.60 21.89 -28.54
C LEU EB 44 10.03 22.20 -27.15
N TYR EB 45 10.52 21.52 -26.11
CA TYR EB 45 10.20 21.80 -24.70
C TYR EB 45 10.52 23.21 -24.16
N PRO EB 46 11.48 23.99 -24.67
CA PRO EB 46 11.51 25.40 -24.27
C PRO EB 46 10.31 26.22 -24.69
N ILE EB 47 9.58 25.71 -25.69
CA ILE EB 47 8.40 26.38 -26.19
C ILE EB 47 7.12 25.72 -25.72
N VAL EB 48 7.07 24.40 -25.87
CA VAL EB 48 5.90 23.65 -25.46
C VAL EB 48 5.91 23.39 -23.98
N SER EB 49 4.79 23.70 -23.35
CA SER EB 49 4.47 23.52 -21.92
C SER EB 49 5.11 24.54 -20.97
N SER EB 50 5.96 25.40 -21.51
CA SER EB 50 6.60 26.43 -20.70
C SER EB 50 6.24 27.81 -21.21
N ASN EB 51 5.75 27.86 -22.45
CA ASN EB 51 5.39 29.11 -23.08
C ASN EB 51 3.91 29.16 -23.43
N LYS EB 52 3.62 29.68 -24.62
CA LYS EB 52 2.26 29.80 -25.18
C LYS EB 52 1.69 28.43 -25.59
N ASP EB 53 0.37 28.33 -25.69
CA ASP EB 53 -0.28 27.05 -26.02
C ASP EB 53 -1.12 27.04 -27.31
N TYR EB 54 -1.07 25.90 -27.99
CA TYR EB 54 -1.74 25.65 -29.27
C TYR EB 54 -1.31 26.45 -30.49
N VAL EB 55 -2.15 27.39 -30.91
CA VAL EB 55 -1.92 28.13 -32.13
C VAL EB 55 -0.58 28.80 -32.06
N HIS EB 56 -0.21 29.30 -30.89
CA HIS EB 56 1.10 29.91 -30.76
C HIS EB 56 2.17 28.85 -31.03
N ILE EB 57 1.95 27.66 -30.49
CA ILE EB 57 2.85 26.52 -30.67
C ILE EB 57 2.87 26.12 -32.13
N ARG EB 58 1.71 26.13 -32.75
CA ARG EB 58 1.58 25.77 -34.15
C ARG EB 58 2.28 26.78 -35.04
N ASN EB 59 2.11 28.05 -34.72
CA ASN EB 59 2.75 29.11 -35.49
C ASN EB 59 4.26 29.05 -35.37
N VAL EB 60 4.74 28.81 -34.15
CA VAL EB 60 6.15 28.70 -33.83
C VAL EB 60 6.77 27.50 -34.53
N LEU EB 61 6.08 26.35 -34.53
CA LEU EB 61 6.58 25.19 -35.26
C LEU EB 61 6.64 25.45 -36.75
N ARG EB 62 5.79 26.32 -37.26
CA ARG EB 62 5.96 26.77 -38.64
C ARG EB 62 7.21 27.62 -38.81
N THR EB 63 7.56 28.42 -37.81
CA THR EB 63 8.66 29.37 -37.96
C THR EB 63 10.00 28.90 -37.41
N MET EB 64 10.11 27.71 -36.84
CA MET EB 64 11.39 27.29 -36.29
C MET EB 64 12.28 26.70 -37.40
N VAL EB 65 13.49 26.32 -37.02
CA VAL EB 65 14.41 25.69 -37.95
C VAL EB 65 14.37 24.18 -37.74
N VAL EB 66 13.92 23.44 -38.76
CA VAL EB 66 14.03 21.99 -38.71
C VAL EB 66 15.48 21.60 -38.98
N THR EB 67 15.99 20.62 -38.22
CA THR EB 67 17.39 20.25 -38.31
C THR EB 67 17.49 18.80 -37.89
N ILE EB 68 18.14 17.97 -38.70
CA ILE EB 68 18.08 16.54 -38.45
C ILE EB 68 19.36 16.09 -37.75
N LEU EB 69 19.23 15.04 -36.95
CA LEU EB 69 20.39 14.37 -36.38
C LEU EB 69 21.17 13.59 -37.42
N GLN EB 70 22.50 13.70 -37.36
CA GLN EB 70 23.37 12.97 -38.25
C GLN EB 70 24.22 11.96 -37.52
N LYS EB 71 24.86 12.37 -36.43
CA LYS EB 71 25.85 11.53 -35.78
C LYS EB 71 25.98 12.00 -34.34
N VAL EB 72 26.24 11.06 -33.44
CA VAL EB 72 26.40 11.34 -32.02
C VAL EB 72 27.87 11.19 -31.67
N GLU EB 73 28.51 12.29 -31.29
CA GLU EB 73 29.87 12.24 -30.77
C GLU EB 73 29.88 11.81 -29.31
N GLY EB 74 31.03 11.98 -28.65
CA GLY EB 74 31.23 11.38 -27.34
C GLY EB 74 30.29 11.92 -26.27
N ASN EB 75 29.97 13.22 -26.34
CA ASN EB 75 28.89 13.76 -25.53
C ASN EB 75 28.11 14.81 -26.32
N GLN EB 76 28.32 14.91 -27.63
CA GLN EB 76 27.80 15.97 -28.46
C GLN EB 76 26.86 15.40 -29.49
N LEU EB 77 26.04 16.26 -30.07
CA LEU EB 77 25.17 15.91 -31.18
C LEU EB 77 25.57 16.72 -32.40
N VAL EB 78 25.72 16.04 -33.54
CA VAL EB 78 25.87 16.70 -34.83
C VAL EB 78 24.51 16.75 -35.50
N LEU EB 79 24.05 17.95 -35.77
CA LEU EB 79 22.77 18.20 -36.40
C LEU EB 79 23.04 18.93 -37.70
N ARG EB 80 22.62 18.36 -38.81
CA ARG EB 80 22.76 19.04 -40.09
C ARG EB 80 21.44 19.70 -40.45
N LYS EB 81 21.52 20.88 -40.83
CA LYS EB 81 20.31 21.56 -41.25
C LYS EB 81 20.14 21.45 -42.76
N PRO EB 82 18.92 21.18 -43.22
CA PRO EB 82 18.72 20.82 -44.62
C PRO EB 82 18.64 22.02 -45.55
N MET EB 83 19.08 21.83 -46.77
CA MET EB 83 18.88 22.79 -47.85
C MET EB 83 17.68 22.35 -48.67
N THR EB 84 16.99 23.32 -49.25
CA THR EB 84 15.83 23.01 -50.07
C THR EB 84 16.24 22.30 -51.35
N GLY EB 85 15.48 21.28 -51.73
CA GLY EB 85 15.71 20.59 -52.97
C GLY EB 85 16.71 19.45 -52.95
N GLN EB 86 17.20 19.05 -51.79
CA GLN EB 86 18.17 17.97 -51.75
C GLN EB 86 17.63 16.79 -50.96
N GLN EB 87 18.23 15.63 -51.20
CA GLN EB 87 17.83 14.42 -50.51
C GLN EB 87 18.41 14.40 -49.10
N TYR EB 88 17.65 13.80 -48.19
CA TYR EB 88 18.08 13.51 -46.84
C TYR EB 88 17.39 12.22 -46.41
N ALA EB 89 17.60 11.85 -45.17
CA ALA EB 89 17.04 10.63 -44.62
C ALA EB 89 16.45 10.95 -43.27
N ILE EB 90 15.25 10.42 -43.01
CA ILE EB 90 14.52 10.64 -41.77
C ILE EB 90 14.13 9.28 -41.22
N LYS EB 91 14.36 9.03 -39.93
CA LYS EB 91 13.84 7.81 -39.32
C LYS EB 91 12.38 8.02 -38.91
N ASN EB 92 11.65 6.92 -38.84
CA ASN EB 92 10.20 6.91 -38.67
C ASN EB 92 9.86 6.77 -37.19
N THR EB 93 9.60 7.88 -36.53
CA THR EB 93 9.19 7.79 -35.14
C THR EB 93 7.69 7.74 -34.99
N GLY EB 94 6.97 8.48 -35.83
CA GLY EB 94 5.53 8.55 -35.73
C GLY EB 94 4.87 7.24 -36.09
N PRO EB 95 3.61 7.09 -35.67
CA PRO EB 95 2.94 5.79 -35.82
C PRO EB 95 2.46 5.48 -37.22
N PHE EB 96 2.19 6.46 -38.00
CA PHE EB 96 1.48 6.26 -39.25
C PHE EB 96 2.47 5.93 -40.35
N PRO EB 97 2.25 4.86 -41.12
CA PRO EB 97 3.32 4.32 -41.96
C PRO EB 97 3.56 5.16 -43.20
N TRP EB 98 4.81 5.51 -43.42
CA TRP EB 98 5.23 6.27 -44.58
C TRP EB 98 5.11 5.43 -45.84
N GLU EB 99 4.64 6.05 -46.91
CA GLU EB 99 4.63 5.43 -48.23
C GLU EB 99 5.24 6.39 -49.24
N LYS EB 100 5.58 5.85 -50.41
CA LYS EB 100 6.40 6.57 -51.36
C LYS EB 100 5.61 7.68 -52.05
N GLY EB 101 6.26 8.82 -52.24
CA GLY EB 101 5.61 9.96 -52.85
C GLY EB 101 4.68 10.73 -51.95
N ASP EB 102 4.65 10.44 -50.65
CA ASP EB 102 3.79 11.19 -49.75
C ASP EB 102 4.41 12.53 -49.40
N THR EB 103 3.56 13.50 -49.13
CA THR EB 103 4.02 14.77 -48.59
C THR EB 103 3.98 14.73 -47.09
N LEU EB 104 5.02 15.24 -46.45
CA LEU EB 104 5.19 15.13 -45.02
C LEU EB 104 5.16 16.50 -44.37
N THR EB 105 4.74 16.53 -43.10
CA THR EB 105 4.69 17.77 -42.36
C THR EB 105 4.88 17.46 -40.88
N LEU EB 106 4.93 18.53 -40.09
CA LEU EB 106 5.27 18.45 -38.68
C LEU EB 106 4.06 18.85 -37.86
N ILE EB 107 3.58 17.96 -37.02
CA ILE EB 107 2.51 18.37 -36.11
C ILE EB 107 3.01 18.37 -34.67
N PRO EB 108 2.44 19.19 -33.78
CA PRO EB 108 2.77 19.09 -32.39
C PRO EB 108 2.37 17.74 -31.83
N PRO EB 109 3.11 17.24 -30.80
CA PRO EB 109 2.98 15.86 -30.38
C PRO EB 109 1.73 15.60 -29.55
N LEU EB 110 1.74 14.43 -28.93
CA LEU EB 110 0.96 14.20 -27.72
C LEU EB 110 1.26 15.31 -26.69
N SER EB 111 0.23 15.68 -25.94
CA SER EB 111 0.28 16.83 -25.05
C SER EB 111 1.27 16.68 -23.90
N THR EB 112 1.00 15.75 -22.98
CA THR EB 112 1.94 15.32 -21.93
C THR EB 112 1.78 13.81 -21.80
N HIS EB 113 2.56 13.06 -22.59
CA HIS EB 113 2.50 11.61 -22.61
C HIS EB 113 3.81 11.01 -22.12
N SER EB 114 3.72 9.77 -21.61
CA SER EB 114 4.74 9.14 -20.77
C SER EB 114 5.56 8.08 -21.49
N GLU EB 115 6.06 8.36 -22.70
CA GLU EB 115 6.95 7.44 -23.40
C GLU EB 115 8.41 7.56 -22.96
N GLU EB 116 8.60 7.68 -21.63
CA GLU EB 116 9.81 8.21 -20.97
C GLU EB 116 10.20 9.60 -21.49
N LYS EB 117 9.22 10.30 -22.10
CA LYS EB 117 9.33 11.64 -22.68
C LYS EB 117 10.52 11.78 -23.64
N LEU EB 118 10.90 10.62 -24.22
CA LEU EB 118 12.11 10.25 -24.95
C LEU EB 118 13.42 10.34 -24.16
N LEU EB 119 13.46 11.23 -23.17
CA LEU EB 119 14.59 11.52 -22.29
C LEU EB 119 14.10 12.44 -21.20
N LYS EB 120 14.12 12.00 -19.95
CA LYS EB 120 14.21 13.01 -18.91
C LYS EB 120 15.68 13.27 -18.63
N LEU EB 121 16.03 14.53 -18.39
CA LEU EB 121 17.35 14.89 -17.91
C LEU EB 121 17.22 16.21 -17.18
N GLY EB 122 17.25 16.16 -15.85
CA GLY EB 122 17.25 17.35 -15.01
C GLY EB 122 16.18 18.38 -15.27
N ASP EB 123 14.91 17.99 -15.11
CA ASP EB 123 13.74 18.86 -15.36
C ASP EB 123 13.72 19.37 -16.80
N TRP EB 124 14.15 18.52 -17.72
CA TRP EB 124 14.14 18.82 -19.14
C TRP EB 124 13.78 17.54 -19.88
N GLU EB 125 12.92 17.67 -20.88
CA GLU EB 125 12.56 16.57 -21.73
C GLU EB 125 12.81 16.96 -23.18
N LEU EB 126 13.02 15.97 -24.02
CA LEU EB 126 13.26 16.20 -25.44
C LEU EB 126 11.96 15.91 -26.19
N THR EB 127 11.38 16.93 -26.79
CA THR EB 127 10.10 16.80 -27.47
C THR EB 127 10.30 17.11 -28.94
N VAL EB 128 9.88 16.18 -29.79
CA VAL EB 128 10.04 16.33 -31.22
C VAL EB 128 8.65 16.43 -31.84
N PRO EB 129 8.49 17.06 -33.00
CA PRO EB 129 7.19 17.03 -33.66
C PRO EB 129 7.02 15.71 -34.37
N LEU EB 130 5.78 15.32 -34.59
CA LEU EB 130 5.51 14.12 -35.35
C LEU EB 130 5.60 14.46 -36.83
N VAL EB 131 6.48 13.76 -37.55
CA VAL EB 131 6.39 13.73 -38.99
C VAL EB 131 5.19 12.88 -39.37
N VAL EB 132 4.32 13.44 -40.21
CA VAL EB 132 3.07 12.76 -40.52
C VAL EB 132 2.62 13.21 -41.90
N PRO EB 133 1.98 12.32 -42.68
CA PRO EB 133 1.41 12.74 -43.95
C PRO EB 133 0.33 13.80 -43.82
N THR EB 134 0.14 14.51 -44.93
CA THR EB 134 -0.55 15.79 -44.91
C THR EB 134 -2.05 15.61 -44.69
N ALA EB 135 -2.63 14.57 -45.31
CA ALA EB 135 -4.04 14.28 -45.13
C ALA EB 135 -4.36 13.96 -43.67
N ILE EB 136 -3.46 13.22 -43.02
CA ILE EB 136 -3.63 12.92 -41.61
C ILE EB 136 -3.52 14.19 -40.79
N ALA EB 137 -2.59 15.08 -41.16
CA ALA EB 137 -2.39 16.30 -40.38
C ALA EB 137 -3.61 17.20 -40.45
N ALA EB 138 -4.23 17.30 -41.62
CA ALA EB 138 -5.47 18.06 -41.75
C ALA EB 138 -6.59 17.43 -40.94
N GLU EB 139 -6.69 16.10 -40.97
CA GLU EB 139 -7.75 15.42 -40.24
C GLU EB 139 -7.60 15.59 -38.73
N ILE EB 140 -6.36 15.52 -38.24
CA ILE EB 140 -6.08 15.72 -36.82
C ILE EB 140 -6.39 17.16 -36.42
N ASN EB 141 -6.08 18.13 -37.28
CA ASN EB 141 -6.41 19.53 -36.99
C ASN EB 141 -7.92 19.73 -36.88
N ILE EB 142 -8.68 19.11 -37.78
CA ILE EB 142 -10.13 19.27 -37.75
C ILE EB 142 -10.73 18.56 -36.53
N ARG EB 143 -10.21 17.39 -36.16
CA ARG EB 143 -10.72 16.69 -34.98
C ARG EB 143 -10.42 17.47 -33.71
N LEU EB 144 -9.25 18.10 -33.63
CA LEU EB 144 -8.93 18.89 -32.45
C LEU EB 144 -9.80 20.12 -32.36
N LEU EB 145 -10.15 20.72 -33.50
CA LEU EB 145 -11.10 21.82 -33.45
C LEU EB 145 -12.48 21.36 -33.01
N CYS EB 146 -12.91 20.18 -33.45
CA CYS EB 146 -14.23 19.68 -33.06
C CYS EB 146 -14.30 19.35 -31.57
N ILE EB 147 -13.24 18.75 -31.04
CA ILE EB 147 -13.16 18.48 -29.61
C ILE EB 147 -13.12 19.77 -28.81
N GLY EB 148 -12.31 20.73 -29.27
CA GLY EB 148 -12.24 22.01 -28.59
C GLY EB 148 -13.51 22.83 -28.65
N LEU EB 149 -14.34 22.59 -29.68
CA LEU EB 149 -15.65 23.24 -29.69
C LEU EB 149 -16.62 22.56 -28.75
N ILE EB 150 -16.81 21.25 -28.89
CA ILE EB 150 -17.82 20.56 -28.08
C ILE EB 150 -17.37 20.33 -26.66
N ALA EB 151 -16.15 20.73 -26.29
CA ALA EB 151 -15.74 20.64 -24.90
C ALA EB 151 -16.49 21.62 -24.02
N VAL EB 152 -16.93 22.75 -24.59
CA VAL EB 152 -17.49 23.80 -23.78
C VAL EB 152 -18.97 23.56 -23.50
N HIS EB 153 -19.65 22.80 -24.36
CA HIS EB 153 -21.06 22.48 -24.12
C HIS EB 153 -21.21 21.58 -22.89
N ARG EB 154 -22.24 21.84 -22.11
CA ARG EB 154 -22.64 20.96 -21.01
C ARG EB 154 -24.03 20.41 -21.33
N GLU EB 155 -24.59 19.69 -20.34
CA GLU EB 155 -25.89 18.97 -20.40
C GLU EB 155 -26.09 18.22 -21.72
N TYR EB 156 -25.04 17.54 -22.16
CA TYR EB 156 -25.10 16.66 -23.31
C TYR EB 156 -24.99 15.21 -22.88
N ASN EB 157 -25.94 14.40 -23.31
CA ASN EB 157 -26.02 13.02 -22.86
C ASN EB 157 -25.13 12.08 -23.64
N GLU EB 158 -24.97 12.28 -24.95
CA GLU EB 158 -24.09 11.43 -25.74
C GLU EB 158 -22.73 12.05 -25.95
N MET EB 159 -22.30 12.88 -24.99
CA MET EB 159 -21.01 13.54 -25.07
C MET EB 159 -19.86 12.53 -24.99
N GLN EB 160 -19.96 11.56 -24.09
CA GLN EB 160 -18.86 10.61 -23.92
C GLN EB 160 -18.69 9.71 -25.13
N THR EB 161 -19.79 9.23 -25.70
CA THR EB 161 -19.65 8.42 -26.89
C THR EB 161 -19.25 9.26 -28.10
N ILE EB 162 -19.62 10.54 -28.13
CA ILE EB 162 -19.21 11.34 -29.28
C ILE EB 162 -17.75 11.77 -29.12
N ILE EB 163 -17.25 11.86 -27.89
CA ILE EB 163 -15.83 12.08 -27.65
C ILE EB 163 -15.02 10.88 -28.08
N ASP EB 164 -15.49 9.67 -27.76
CA ASP EB 164 -14.77 8.47 -28.19
C ASP EB 164 -14.76 8.36 -29.70
N GLU EB 165 -15.89 8.70 -30.35
CA GLU EB 165 -15.93 8.65 -31.81
C GLU EB 165 -14.99 9.68 -32.43
N LEU EB 166 -14.92 10.89 -31.87
CA LEU EB 166 -13.99 11.88 -32.42
C LEU EB 166 -12.54 11.49 -32.19
N CYS EB 167 -12.22 10.98 -31.01
CA CYS EB 167 -10.84 10.70 -30.69
C CYS EB 167 -10.32 9.44 -31.34
N SER EB 168 -11.19 8.55 -31.78
CA SER EB 168 -10.71 7.36 -32.48
C SER EB 168 -10.60 7.66 -33.96
N ILE EB 169 -9.38 7.70 -34.49
CA ILE EB 169 -9.17 7.84 -35.92
C ILE EB 169 -8.41 6.62 -36.44
N GLN EB 170 -8.53 6.40 -37.74
CA GLN EB 170 -7.90 5.24 -38.37
C GLN EB 170 -7.38 5.63 -39.74
N TYR EB 171 -6.15 5.23 -40.05
CA TYR EB 171 -5.52 5.61 -41.31
C TYR EB 171 -4.47 4.56 -41.67
N ARG EB 172 -4.72 3.82 -42.75
CA ARG EB 172 -3.89 2.71 -43.20
C ARG EB 172 -3.61 1.73 -42.07
N ASP EB 173 -4.70 1.35 -41.40
CA ASP EB 173 -4.79 0.29 -40.40
C ASP EB 173 -4.01 0.58 -39.13
N VAL EB 174 -3.55 1.80 -38.92
CA VAL EB 174 -2.90 2.19 -37.67
C VAL EB 174 -3.83 3.14 -36.95
N LEU EB 175 -4.45 2.65 -35.90
CA LEU EB 175 -5.35 3.50 -35.11
C LEU EB 175 -4.56 4.23 -34.05
N ILE EB 176 -5.12 5.36 -33.60
CA ILE EB 176 -4.59 6.06 -32.44
C ILE EB 176 -5.76 6.77 -31.79
N LYS EB 177 -5.67 6.96 -30.47
CA LYS EB 177 -6.63 7.78 -29.76
C LYS EB 177 -5.98 9.12 -29.45
N LEU EB 178 -6.67 10.19 -29.79
CA LEU EB 178 -6.15 11.52 -29.52
C LEU EB 178 -6.26 11.80 -28.03
N PRO EB 179 -5.25 12.42 -27.43
CA PRO EB 179 -5.20 12.51 -25.96
C PRO EB 179 -6.24 13.44 -25.39
N ASP EB 180 -6.77 14.34 -26.20
CA ASP EB 180 -7.72 15.34 -25.72
C ASP EB 180 -9.10 14.69 -25.71
N ILE EB 181 -9.35 13.93 -24.67
CA ILE EB 181 -10.71 13.62 -24.27
C ILE EB 181 -11.04 14.60 -23.16
N VAL EB 182 -12.22 15.18 -23.25
CA VAL EB 182 -12.59 16.26 -22.32
C VAL EB 182 -12.82 15.65 -20.94
N ASN EB 183 -12.54 16.45 -19.89
CA ASN EB 183 -12.60 16.24 -18.45
C ASN EB 183 -11.39 15.49 -17.88
N ASP EB 184 -10.42 15.06 -18.71
CA ASP EB 184 -9.14 14.67 -18.12
C ASP EB 184 -8.29 15.88 -17.75
N LYS EB 185 -8.12 16.80 -18.69
CA LYS EB 185 -7.35 18.04 -18.57
C LYS EB 185 -5.92 17.89 -18.05
N GLN EB 186 -5.18 16.90 -18.56
CA GLN EB 186 -3.73 16.93 -18.39
C GLN EB 186 -3.17 18.15 -19.11
N SER EB 187 -3.29 18.15 -20.43
CA SER EB 187 -2.97 19.29 -21.27
C SER EB 187 -3.82 19.13 -22.52
N MET EB 188 -4.49 20.19 -22.90
CA MET EB 188 -5.37 20.16 -24.05
C MET EB 188 -4.80 20.92 -25.23
N TYR EB 189 -3.77 21.73 -24.99
CA TYR EB 189 -3.31 22.89 -25.74
C TYR EB 189 -4.34 24.03 -25.81
N SER EB 190 -5.51 23.85 -25.17
CA SER EB 190 -6.53 24.80 -24.76
C SER EB 190 -7.38 25.43 -25.87
N MET EB 191 -6.92 25.38 -27.13
CA MET EB 191 -7.67 25.67 -28.37
C MET EB 191 -8.68 26.81 -28.36
N LYS EB 192 -8.49 27.76 -27.47
CA LYS EB 192 -9.58 28.67 -27.13
C LYS EB 192 -9.58 29.83 -28.09
N THR EB 193 -8.39 30.38 -28.36
CA THR EB 193 -8.28 31.48 -29.31
C THR EB 193 -8.63 31.00 -30.71
N ALA EB 194 -8.29 29.75 -31.02
CA ALA EB 194 -8.65 29.19 -32.32
C ALA EB 194 -10.16 29.06 -32.48
N CYS EB 195 -10.83 28.49 -31.48
CA CYS EB 195 -12.28 28.32 -31.60
C CYS EB 195 -13.03 29.64 -31.51
N ILE EB 196 -12.55 30.58 -30.68
CA ILE EB 196 -13.13 31.92 -30.61
C ILE EB 196 -12.96 32.67 -31.93
N SER EB 197 -11.79 32.55 -32.57
CA SER EB 197 -11.59 33.27 -33.82
C SER EB 197 -12.42 32.68 -34.94
N LEU EB 198 -12.55 31.35 -35.00
CA LEU EB 198 -13.46 30.72 -35.94
C LEU EB 198 -14.90 31.17 -35.72
N SER EB 199 -15.30 31.29 -34.46
CA SER EB 199 -16.71 31.58 -34.26
C SER EB 199 -17.01 33.06 -34.42
N MET EB 200 -16.03 33.92 -34.18
CA MET EB 200 -16.15 35.32 -34.55
C MET EB 200 -16.22 35.48 -36.06
N ILE EB 201 -15.49 34.66 -36.82
CA ILE EB 201 -15.63 34.70 -38.27
C ILE EB 201 -17.04 34.31 -38.68
N THR EB 202 -17.53 33.16 -38.19
CA THR EB 202 -18.84 32.68 -38.61
C THR EB 202 -19.99 33.53 -38.08
N ALA EB 203 -19.76 34.30 -37.01
CA ALA EB 203 -20.85 35.12 -36.49
C ALA EB 203 -20.79 36.56 -37.00
N MET EB 204 -19.61 37.05 -37.37
CA MET EB 204 -19.50 38.42 -37.86
C MET EB 204 -19.69 38.50 -39.36
N ALA EB 205 -19.34 37.42 -40.08
CA ALA EB 205 -19.50 37.33 -41.53
C ALA EB 205 -20.88 37.70 -42.11
N PRO EB 206 -22.03 37.21 -41.63
CA PRO EB 206 -23.26 37.39 -42.41
C PRO EB 206 -23.78 38.81 -42.44
N ASP EB 207 -23.47 39.62 -41.43
CA ASP EB 207 -23.88 41.02 -41.46
C ASP EB 207 -23.07 41.83 -42.45
N ILE EB 208 -21.75 41.73 -42.37
CA ILE EB 208 -20.83 42.37 -43.30
C ILE EB 208 -21.17 42.06 -44.75
N VAL EB 209 -21.35 40.77 -45.04
CA VAL EB 209 -21.61 40.37 -46.42
C VAL EB 209 -23.01 40.82 -46.85
N ARG EB 210 -23.98 40.81 -45.94
CA ARG EB 210 -25.32 41.33 -46.23
C ARG EB 210 -25.29 42.82 -46.54
N THR EB 211 -24.51 43.56 -45.74
CA THR EB 211 -24.39 45.00 -45.87
C THR EB 211 -23.80 45.37 -47.22
N TYR EB 212 -22.81 44.62 -47.68
CA TYR EB 212 -22.23 45.03 -48.96
C TYR EB 212 -22.98 44.46 -50.16
N ILE EB 213 -23.84 43.49 -49.91
CA ILE EB 213 -24.59 42.82 -50.96
C ILE EB 213 -25.44 43.82 -51.75
N ASP EB 214 -25.96 44.83 -51.07
CA ASP EB 214 -26.76 45.84 -51.75
C ASP EB 214 -25.93 46.56 -52.81
N ARG EB 215 -24.69 46.88 -52.47
CA ARG EB 215 -23.78 47.60 -53.38
C ARG EB 215 -22.91 46.67 -54.20
N LEU EB 216 -23.21 45.38 -54.16
CA LEU EB 216 -22.42 44.38 -54.87
C LEU EB 216 -22.41 44.55 -56.40
N THR EB 217 -21.26 44.24 -56.99
CA THR EB 217 -20.98 44.31 -58.44
C THR EB 217 -20.88 45.78 -58.94
N LEU EB 218 -20.95 45.99 -60.25
CA LEU EB 218 -20.84 47.31 -60.86
C LEU EB 218 -22.16 47.73 -61.52
N GLU EB 219 -23.26 47.20 -60.97
CA GLU EB 219 -24.67 47.39 -61.37
C GLU EB 219 -25.08 46.51 -62.55
N ASP EB 220 -24.17 45.64 -62.97
CA ASP EB 220 -24.43 44.66 -64.03
C ASP EB 220 -23.63 43.40 -63.70
N HIS EB 221 -24.28 42.40 -63.11
CA HIS EB 221 -23.56 41.41 -62.32
C HIS EB 221 -23.56 40.03 -62.95
N SER EB 222 -22.47 39.28 -62.74
CA SER EB 222 -22.44 37.84 -62.99
C SER EB 222 -22.55 37.12 -61.64
N MET EB 223 -23.77 36.66 -61.37
CA MET EB 223 -24.06 35.82 -60.23
C MET EB 223 -23.49 36.42 -58.98
N LEU EB 224 -23.54 37.74 -58.82
CA LEU EB 224 -22.99 38.21 -57.56
C LEU EB 224 -24.08 38.76 -56.65
N LEU EB 225 -25.21 39.13 -57.23
CA LEU EB 225 -26.31 39.56 -56.39
C LEU EB 225 -27.26 38.38 -56.12
N ILE EB 226 -27.70 37.70 -57.19
CA ILE EB 226 -28.65 36.58 -57.06
C ILE EB 226 -28.25 35.23 -56.44
N LYS EB 227 -27.17 34.61 -56.91
CA LYS EB 227 -26.73 33.31 -56.34
C LYS EB 227 -26.31 33.43 -54.88
N CYS EB 228 -25.56 34.51 -54.61
CA CYS EB 228 -25.03 34.91 -53.33
C CYS EB 228 -26.12 35.29 -52.34
N GLN EB 229 -27.22 35.89 -52.83
CA GLN EB 229 -28.43 36.04 -52.03
C GLN EB 229 -28.99 34.69 -51.63
N GLU EB 230 -28.97 33.74 -52.56
CA GLU EB 230 -29.49 32.40 -52.28
C GLU EB 230 -28.68 31.71 -51.21
N LEU EB 231 -27.35 31.84 -51.28
CA LEU EB 231 -26.43 31.40 -50.23
C LEU EB 231 -26.75 32.04 -48.89
N LEU EB 232 -27.06 33.35 -48.91
CA LEU EB 232 -27.37 34.03 -47.65
C LEU EB 232 -28.74 33.62 -47.12
N SER EB 233 -29.67 33.30 -48.01
CA SER EB 233 -31.04 32.97 -47.65
C SER EB 233 -31.18 31.53 -47.14
N LYS EB 234 -30.37 30.60 -47.66
CA LYS EB 234 -30.43 29.22 -47.17
C LYS EB 234 -29.97 29.15 -45.71
N ARG EB 235 -28.96 29.92 -45.35
CA ARG EB 235 -28.56 30.02 -43.94
C ARG EB 235 -29.56 30.85 -43.14
N THR EB 236 -29.93 32.03 -43.62
CA THR EB 236 -30.85 32.90 -42.87
C THR EB 236 -32.09 33.04 -43.75
N THR EB 237 -32.95 32.04 -43.68
CA THR EB 237 -34.24 32.13 -44.36
C THR EB 237 -35.12 33.13 -43.63
N LEU EB 238 -35.09 33.12 -42.31
CA LEU EB 238 -35.66 34.19 -41.52
C LEU EB 238 -34.55 35.21 -41.28
N SER EB 239 -34.56 36.28 -42.07
CA SER EB 239 -33.52 37.29 -42.09
C SER EB 239 -34.10 38.58 -41.54
N THR EB 240 -33.42 39.16 -40.54
CA THR EB 240 -33.58 40.54 -40.11
C THR EB 240 -35.00 40.79 -39.56
N GLN EB 241 -35.33 40.05 -38.49
CA GLN EB 241 -36.65 40.19 -37.87
C GLN EB 241 -36.71 41.32 -36.86
N ARG EB 242 -36.02 41.16 -35.73
CA ARG EB 242 -36.14 42.10 -34.62
C ARG EB 242 -35.23 43.31 -34.83
N CYS EB 243 -34.08 43.06 -35.47
CA CYS EB 243 -33.09 44.00 -36.01
C CYS EB 243 -32.24 44.69 -34.94
N GLY EB 244 -32.65 44.60 -33.68
CA GLY EB 244 -31.89 45.16 -32.57
C GLY EB 244 -31.84 46.67 -32.52
N GLN EB 245 -31.14 47.26 -33.50
CA GLN EB 245 -30.90 48.69 -33.57
C GLN EB 245 -31.75 49.36 -34.64
N LEU EB 246 -32.44 48.57 -35.47
CA LEU EB 246 -33.36 49.02 -36.52
C LEU EB 246 -32.65 49.87 -37.57
N HIS EB 247 -31.48 49.38 -38.01
CA HIS EB 247 -30.72 49.88 -39.16
C HIS EB 247 -30.31 51.35 -39.00
N ALA EB 248 -29.51 51.60 -37.96
CA ALA EB 248 -28.87 52.89 -37.74
C ALA EB 248 -27.38 52.61 -37.52
N THR EB 249 -26.63 52.57 -38.61
CA THR EB 249 -25.24 52.12 -38.59
C THR EB 249 -24.30 53.28 -38.85
N ASP EB 250 -23.09 53.15 -38.34
CA ASP EB 250 -22.03 54.10 -38.59
C ASP EB 250 -21.03 53.50 -39.58
N ILE EB 251 -20.47 54.39 -40.41
CA ILE EB 251 -19.42 53.98 -41.33
C ILE EB 251 -18.18 53.58 -40.55
N LYS EB 252 -17.91 54.24 -39.41
CA LYS EB 252 -16.80 53.83 -38.56
C LYS EB 252 -17.07 52.49 -37.88
N ASP EB 253 -18.33 52.22 -37.54
CA ASP EB 253 -18.68 50.94 -36.95
C ASP EB 253 -18.49 49.81 -37.96
N GLU EB 254 -18.91 50.04 -39.21
CA GLU EB 254 -18.69 49.08 -40.28
C GLU EB 254 -17.20 48.87 -40.53
N LEU EB 255 -16.43 49.96 -40.44
CA LEU EB 255 -14.98 49.92 -40.54
C LEU EB 255 -14.38 48.99 -39.51
N LYS EB 256 -14.82 49.11 -38.27
CA LYS EB 256 -14.26 48.30 -37.19
C LYS EB 256 -14.70 46.85 -37.30
N LYS EB 257 -15.92 46.61 -37.81
CA LYS EB 257 -16.40 45.26 -38.06
C LYS EB 257 -15.56 44.53 -39.10
N ILE EB 258 -15.36 45.17 -40.27
CA ILE EB 258 -14.56 44.57 -41.32
C ILE EB 258 -13.10 44.43 -40.89
N LYS EB 259 -12.60 45.39 -40.11
CA LYS EB 259 -11.21 45.34 -39.70
C LYS EB 259 -10.95 44.19 -38.72
N SER EB 260 -11.91 43.92 -37.82
CA SER EB 260 -11.81 42.74 -36.97
C SER EB 260 -11.94 41.44 -37.78
N VAL EB 261 -12.83 41.41 -38.77
CA VAL EB 261 -13.05 40.14 -39.45
C VAL EB 261 -11.89 39.82 -40.40
N LEU EB 262 -11.10 40.83 -40.78
CA LEU EB 262 -9.88 40.54 -41.52
C LEU EB 262 -8.67 40.37 -40.61
N THR EB 263 -8.76 40.88 -39.38
CA THR EB 263 -7.79 40.50 -38.35
C THR EB 263 -7.83 39.00 -38.04
N MET EB 264 -9.04 38.44 -37.92
CA MET EB 264 -9.16 37.07 -37.41
C MET EB 264 -8.62 36.05 -38.40
N ILE EB 265 -8.65 36.37 -39.69
CA ILE EB 265 -8.13 35.46 -40.70
C ILE EB 265 -6.61 35.41 -40.66
N ASP EB 266 -5.95 36.55 -40.58
CA ASP EB 266 -4.50 36.49 -40.48
C ASP EB 266 -4.02 36.04 -39.11
N GLN EB 267 -4.88 36.02 -38.11
CA GLN EB 267 -4.50 35.38 -36.86
C GLN EB 267 -4.64 33.86 -36.95
N ILE EB 268 -5.62 33.36 -37.70
CA ILE EB 268 -5.85 31.93 -37.85
C ILE EB 268 -5.10 31.41 -39.09
N ASN EB 269 -4.22 32.27 -39.62
CA ASN EB 269 -3.22 31.89 -40.63
C ASN EB 269 -2.43 30.63 -40.28
N SER EB 270 -2.21 30.36 -38.99
CA SER EB 270 -1.51 29.15 -38.61
C SER EB 270 -2.32 27.91 -38.89
N LEU EB 271 -3.61 27.95 -38.64
CA LEU EB 271 -4.46 26.81 -38.92
C LEU EB 271 -4.99 26.86 -40.34
N THR EB 272 -4.61 27.90 -41.10
CA THR EB 272 -4.86 27.92 -42.53
C THR EB 272 -4.15 26.77 -43.25
N ASN EB 273 -2.83 26.80 -43.32
CA ASN EB 273 -2.11 25.86 -44.15
C ASN EB 273 -1.23 24.93 -43.32
N GLU EB 274 -0.78 23.87 -43.99
CA GLU EB 274 0.25 22.97 -43.47
C GLU EB 274 1.24 22.72 -44.60
N LYS EB 275 2.48 23.15 -44.41
CA LYS EB 275 3.43 23.10 -45.51
C LYS EB 275 4.03 21.71 -45.65
N THR EB 276 4.37 21.36 -46.87
CA THR EB 276 5.04 20.09 -47.16
C THR EB 276 6.50 20.28 -46.80
N TYR EB 277 6.87 19.85 -45.60
CA TYR EB 277 8.29 19.88 -45.23
C TYR EB 277 9.09 18.86 -46.03
N PHE EB 278 8.50 17.73 -46.37
CA PHE EB 278 9.27 16.68 -47.02
C PHE EB 278 8.41 15.96 -48.05
N VAL EB 279 9.05 15.53 -49.13
CA VAL EB 279 8.46 14.60 -50.09
C VAL EB 279 9.31 13.34 -50.06
N VAL EB 280 8.75 12.26 -49.55
CA VAL EB 280 9.49 11.02 -49.41
C VAL EB 280 9.54 10.29 -50.75
N CYS EB 281 10.75 9.98 -51.22
CA CYS EB 281 10.90 9.36 -52.53
C CYS EB 281 10.91 7.84 -52.44
N ASP EB 282 11.73 7.28 -51.56
CA ASP EB 282 11.67 5.84 -51.30
C ASP EB 282 11.72 5.54 -49.81
N VAL EB 283 11.28 4.33 -49.46
CA VAL EB 283 11.09 3.89 -48.08
C VAL EB 283 11.96 2.67 -47.87
N SER EB 284 12.65 2.62 -46.73
CA SER EB 284 13.45 1.43 -46.42
C SER EB 284 12.54 0.24 -46.12
N ALA EB 285 13.15 -0.95 -46.18
CA ALA EB 285 12.44 -2.15 -45.79
C ALA EB 285 12.11 -2.11 -44.30
N ASP EB 286 10.94 -2.65 -43.97
CA ASP EB 286 10.37 -2.75 -42.62
C ASP EB 286 10.05 -1.39 -42.01
N ASN EB 287 10.06 -0.34 -42.84
CA ASN EB 287 9.62 1.02 -42.50
C ASN EB 287 10.34 1.58 -41.27
N ARG EB 288 11.65 1.40 -41.24
CA ARG EB 288 12.41 1.96 -40.14
C ARG EB 288 12.74 3.42 -40.42
N MET EB 289 13.20 3.71 -41.63
CA MET EB 289 13.46 5.07 -42.04
C MET EB 289 13.02 5.22 -43.48
N ALA EB 290 13.13 6.46 -43.97
CA ALA EB 290 12.83 6.78 -45.35
C ALA EB 290 13.74 7.89 -45.80
N THR EB 291 14.18 7.81 -47.05
CA THR EB 291 14.92 8.87 -47.69
C THR EB 291 13.94 9.79 -48.40
N CYS EB 292 13.97 11.07 -48.06
CA CYS EB 292 13.08 12.08 -48.63
C CYS EB 292 13.90 13.18 -49.29
N ILE EB 293 13.22 14.16 -49.85
CA ILE EB 293 13.88 15.39 -50.27
C ILE EB 293 13.28 16.50 -49.44
N TYR EB 294 14.00 17.60 -49.31
CA TYR EB 294 13.57 18.67 -48.43
C TYR EB 294 12.97 19.81 -49.24
N LYS EB 295 11.83 20.32 -48.78
CA LYS EB 295 11.19 21.47 -49.39
C LYS EB 295 10.66 22.38 -48.30
N ASN EB 296 10.71 23.68 -48.59
CA ASN EB 296 10.16 24.75 -47.75
C ASN EB 296 10.72 24.70 -46.33
N GLU FB 2 47.82 118.96 -59.25
CA GLU FB 2 48.61 120.18 -59.22
C GLU FB 2 48.30 120.96 -57.95
N THR FB 3 49.34 121.49 -57.31
CA THR FB 3 49.22 122.11 -56.00
C THR FB 3 49.27 123.63 -56.11
N VAL FB 4 49.06 124.28 -54.97
CA VAL FB 4 48.88 125.73 -54.86
C VAL FB 4 49.50 126.18 -53.55
N TYR FB 5 50.39 127.16 -53.61
CA TYR FB 5 50.96 127.73 -52.39
C TYR FB 5 50.24 129.01 -52.01
N CYS FB 6 49.89 129.13 -50.75
CA CYS FB 6 49.44 130.41 -50.20
C CYS FB 6 50.45 130.90 -49.17
N THR FB 7 51.03 132.06 -49.43
CA THR FB 7 51.85 132.75 -48.45
C THR FB 7 51.03 133.83 -47.81
N PHE FB 8 50.98 133.83 -46.48
CA PHE FB 8 50.17 134.81 -45.79
C PHE FB 8 50.78 136.20 -45.90
N ASP FB 9 49.91 137.19 -45.72
CA ASP FB 9 50.31 138.58 -45.79
C ASP FB 9 50.93 139.02 -44.49
N HIS FB 10 50.18 138.93 -43.40
CA HIS FB 10 50.62 139.46 -42.13
C HIS FB 10 51.40 138.40 -41.37
N LYS FB 11 51.91 138.77 -40.20
CA LYS FB 11 52.50 137.77 -39.33
C LYS FB 11 51.38 136.95 -38.69
N LEU FB 12 51.74 135.79 -38.16
CA LEU FB 12 50.77 134.89 -37.60
C LEU FB 12 51.07 134.63 -36.14
N SER FB 13 50.03 134.55 -35.33
CA SER FB 13 50.24 134.12 -33.97
C SER FB 13 50.46 132.62 -33.94
N LEU FB 14 51.09 132.16 -32.87
CA LEU FB 14 51.26 130.73 -32.66
C LEU FB 14 49.90 130.06 -32.44
N SER FB 15 48.96 130.79 -31.85
CA SER FB 15 47.58 130.32 -31.78
C SER FB 15 46.96 130.16 -33.16
N ASP FB 16 47.35 131.02 -34.10
CA ASP FB 16 46.82 130.90 -35.45
C ASP FB 16 47.42 129.71 -36.18
N ILE FB 17 48.72 129.46 -35.96
CA ILE FB 17 49.35 128.27 -36.52
C ILE FB 17 48.74 127.02 -35.90
N SER FB 18 48.38 127.09 -34.63
CA SER FB 18 47.64 126.01 -33.99
C SER FB 18 46.25 125.84 -34.61
N THR FB 19 45.61 126.93 -35.00
CA THR FB 19 44.31 126.82 -35.65
C THR FB 19 44.45 126.14 -37.01
N LEU FB 20 45.51 126.45 -37.74
CA LEU FB 20 45.75 125.78 -39.02
C LEU FB 20 46.04 124.30 -38.83
N CYS FB 21 46.80 123.96 -37.78
CA CYS FB 21 47.07 122.57 -37.47
C CYS FB 21 45.81 121.83 -37.01
N LYS FB 22 44.84 122.54 -36.45
CA LYS FB 22 43.52 121.95 -36.27
C LYS FB 22 42.79 121.83 -37.61
N LEU FB 23 43.08 122.71 -38.55
CA LEU FB 23 42.42 122.71 -39.84
C LEU FB 23 43.27 122.12 -40.95
N MET FB 24 44.06 121.07 -40.63
CA MET FB 24 44.82 120.29 -41.61
C MET FB 24 44.12 120.00 -42.94
N ASN FB 25 42.95 119.40 -42.90
CA ASN FB 25 42.15 119.20 -44.09
C ASN FB 25 40.89 120.02 -43.96
N ILE FB 26 40.49 120.66 -45.06
CA ILE FB 26 39.26 121.42 -45.14
C ILE FB 26 39.08 121.70 -46.61
N VAL FB 27 37.88 122.05 -47.00
CA VAL FB 27 37.68 122.59 -48.34
C VAL FB 27 37.86 124.10 -48.26
N ILE FB 28 38.39 124.67 -49.33
CA ILE FB 28 38.59 126.10 -49.50
C ILE FB 28 38.25 126.40 -50.96
N PRO FB 29 37.42 127.37 -51.24
CA PRO FB 29 37.24 127.80 -52.63
C PRO FB 29 38.26 128.87 -52.98
N ILE FB 30 38.66 128.87 -54.24
CA ILE FB 30 39.65 129.82 -54.72
C ILE FB 30 39.12 130.39 -56.04
N PRO FB 31 39.11 131.70 -56.21
CA PRO FB 31 38.54 132.30 -57.42
C PRO FB 31 39.29 131.96 -58.70
N ALA FB 32 40.61 132.05 -58.70
CA ALA FB 32 41.39 131.94 -59.91
C ALA FB 32 42.22 130.67 -59.91
N HIS FB 33 42.21 129.95 -61.03
CA HIS FB 33 43.02 128.75 -61.19
C HIS FB 33 44.45 129.21 -61.51
N HIS FB 34 45.16 129.59 -60.45
CA HIS FB 34 46.28 130.51 -60.54
C HIS FB 34 47.27 130.03 -59.48
N HIS FB 35 48.55 129.95 -59.82
CA HIS FB 35 49.40 129.06 -59.04
C HIS FB 35 49.89 129.64 -57.72
N LEU FB 36 50.17 130.93 -57.65
CA LEU FB 36 50.72 131.53 -56.43
C LEU FB 36 49.78 132.59 -55.91
N ILE FB 37 49.26 132.37 -54.72
CA ILE FB 37 48.05 133.03 -54.26
C ILE FB 37 48.29 133.69 -52.92
N GLY FB 38 47.93 134.95 -52.80
CA GLY FB 38 47.98 135.61 -51.53
C GLY FB 38 46.83 135.23 -50.62
N SER FB 39 47.05 135.45 -49.32
CA SER FB 39 46.02 135.22 -48.33
C SER FB 39 44.87 136.20 -48.46
N GLY FB 40 45.07 137.32 -49.15
CA GLY FB 40 43.96 138.18 -49.49
C GLY FB 40 43.04 137.57 -50.54
N ASN FB 41 43.54 136.63 -51.32
CA ASN FB 41 42.74 135.97 -52.34
C ASN FB 41 42.30 134.58 -51.93
N LEU FB 42 42.82 134.08 -50.83
CA LEU FB 42 42.31 132.83 -50.27
C LEU FB 42 40.89 133.02 -49.76
N GLY FB 43 40.09 131.96 -49.83
CA GLY FB 43 38.84 131.95 -49.10
C GLY FB 43 37.71 132.62 -49.82
N LEU FB 44 36.62 132.81 -49.08
CA LEU FB 44 35.36 133.27 -49.63
C LEU FB 44 34.96 134.66 -49.15
N TYR FB 45 35.59 135.13 -48.08
CA TYR FB 45 35.42 136.52 -47.65
C TYR FB 45 35.79 137.61 -48.66
N PRO FB 46 36.68 137.43 -49.65
CA PRO FB 46 36.78 138.45 -50.71
C PRO FB 46 35.52 138.65 -51.52
N ILE FB 47 34.63 137.69 -51.56
CA ILE FB 47 33.43 137.75 -52.36
C ILE FB 47 32.20 138.03 -51.52
N VAL FB 48 32.00 137.24 -50.46
CA VAL FB 48 30.92 137.55 -49.54
C VAL FB 48 31.28 138.79 -48.76
N SER FB 49 30.25 139.46 -48.23
CA SER FB 49 30.35 140.70 -47.44
C SER FB 49 31.02 141.83 -48.20
N SER FB 50 31.04 141.75 -49.52
CA SER FB 50 31.56 142.82 -50.35
C SER FB 50 30.76 143.02 -51.62
N ASN FB 51 29.76 142.19 -51.88
CA ASN FB 51 29.12 142.18 -53.18
C ASN FB 51 27.65 141.83 -53.01
N LYS FB 52 27.04 141.42 -54.13
CA LYS FB 52 25.63 141.04 -54.21
C LYS FB 52 25.39 139.82 -53.35
N ASP FB 53 24.17 139.65 -52.86
CA ASP FB 53 23.89 138.55 -51.95
C ASP FB 53 22.89 137.41 -52.27
N TYR FB 54 23.41 136.22 -51.98
CA TYR FB 54 22.80 134.90 -51.98
C TYR FB 54 22.55 134.28 -53.34
N VAL FB 55 22.24 135.06 -54.36
CA VAL FB 55 22.13 134.42 -55.67
C VAL FB 55 23.44 134.50 -56.39
N HIS FB 56 24.03 135.69 -56.32
CA HIS FB 56 25.44 135.88 -56.63
C HIS FB 56 26.32 134.94 -55.81
N ILE FB 57 26.00 134.74 -54.54
CA ILE FB 57 26.86 133.89 -53.71
C ILE FB 57 26.72 132.43 -54.09
N ARG FB 58 25.48 131.97 -54.31
CA ARG FB 58 25.26 130.59 -54.72
C ARG FB 58 25.90 130.33 -56.08
N ASN FB 59 25.81 131.29 -56.98
CA ASN FB 59 26.36 131.14 -58.33
C ASN FB 59 27.89 131.14 -58.32
N VAL FB 60 28.50 132.08 -57.60
CA VAL FB 60 29.96 132.14 -57.55
C VAL FB 60 30.51 130.93 -56.83
N LEU FB 61 29.87 130.50 -55.75
CA LEU FB 61 30.33 129.31 -55.05
C LEU FB 61 30.17 128.06 -55.90
N ARG FB 62 29.24 128.08 -56.85
CA ARG FB 62 29.22 127.02 -57.84
C ARG FB 62 30.38 127.14 -58.82
N THR FB 63 30.78 128.36 -59.18
CA THR FB 63 31.76 128.52 -60.26
C THR FB 63 33.21 128.65 -59.79
N MET FB 64 33.49 128.68 -58.50
CA MET FB 64 34.88 128.82 -58.08
C MET FB 64 35.61 127.49 -58.21
N VAL FB 65 36.91 127.51 -57.92
CA VAL FB 65 37.71 126.30 -57.94
C VAL FB 65 37.78 125.76 -56.52
N VAL FB 66 37.12 124.62 -56.27
CA VAL FB 66 37.19 123.99 -54.98
C VAL FB 66 38.58 123.39 -54.80
N THR FB 67 39.10 123.42 -53.58
CA THR FB 67 40.49 123.05 -53.34
C THR FB 67 40.64 122.62 -51.90
N ILE FB 68 41.29 121.50 -51.65
CA ILE FB 68 41.37 121.08 -50.25
C ILE FB 68 42.74 121.45 -49.71
N LEU FB 69 42.79 121.76 -48.41
CA LEU FB 69 44.07 121.91 -47.75
C LEU FB 69 44.76 120.57 -47.61
N GLN FB 70 46.07 120.55 -47.80
CA GLN FB 70 46.81 119.32 -47.61
C GLN FB 70 47.84 119.44 -46.50
N LYS FB 71 48.68 120.46 -46.52
CA LYS FB 71 49.79 120.50 -45.59
C LYS FB 71 50.09 121.94 -45.25
N VAL FB 72 50.44 122.18 -43.99
CA VAL FB 72 50.83 123.49 -43.51
C VAL FB 72 52.32 123.49 -43.25
N GLU FB 73 53.07 124.27 -44.01
CA GLU FB 73 54.48 124.49 -43.73
C GLU FB 73 54.65 125.59 -42.70
N GLY FB 74 55.86 126.14 -42.60
CA GLY FB 74 56.11 127.16 -41.60
C GLY FB 74 55.26 128.40 -41.76
N ASN FB 75 55.12 128.87 -42.98
CA ASN FB 75 54.33 130.06 -43.19
C ASN FB 75 53.44 129.95 -44.42
N GLN FB 76 53.42 128.80 -45.09
CA GLN FB 76 52.63 128.63 -46.29
C GLN FB 76 51.53 127.60 -46.06
N LEU FB 77 50.52 127.67 -46.91
CA LEU FB 77 49.50 126.65 -47.00
C LEU FB 77 49.66 125.91 -48.32
N VAL FB 78 49.75 124.59 -48.26
CA VAL FB 78 49.73 123.77 -49.46
C VAL FB 78 48.30 123.36 -49.72
N LEU FB 79 47.79 123.71 -50.89
CA LEU FB 79 46.43 123.46 -51.28
C LEU FB 79 46.46 122.58 -52.52
N ARG FB 80 45.83 121.43 -52.47
CA ARG FB 80 45.78 120.60 -53.66
C ARG FB 80 44.40 120.69 -54.28
N LYS FB 81 44.39 120.93 -55.51
CA LYS FB 81 43.08 120.96 -56.12
C LYS FB 81 42.70 119.56 -56.58
N PRO FB 82 41.45 119.17 -56.38
CA PRO FB 82 41.09 117.76 -56.54
C PRO FB 82 40.83 117.41 -57.99
N MET FB 83 41.15 116.16 -58.34
CA MET FB 83 40.85 115.60 -59.65
C MET FB 83 39.55 114.83 -59.55
N THR FB 84 38.78 114.80 -60.63
CA THR FB 84 37.50 114.11 -60.61
C THR FB 84 37.72 112.61 -60.62
N GLY FB 85 36.89 111.91 -59.86
CA GLY FB 85 36.96 110.46 -59.82
C GLY FB 85 38.01 109.88 -58.93
N GLN FB 86 38.73 110.69 -58.16
CA GLN FB 86 39.73 110.17 -57.25
C GLN FB 86 39.33 110.48 -55.81
N GLN FB 87 39.90 109.72 -54.89
CA GLN FB 87 39.61 109.89 -53.49
C GLN FB 87 40.38 111.07 -52.93
N TYR FB 88 39.76 111.75 -51.95
CA TYR FB 88 40.43 112.74 -51.11
C TYR FB 88 39.88 112.57 -49.71
N ALA FB 89 40.32 113.41 -48.78
CA ALA FB 89 39.90 113.28 -47.39
C ALA FB 89 39.51 114.64 -46.86
N ILE FB 90 38.36 114.71 -46.20
CA ILE FB 90 37.74 115.98 -45.81
C ILE FB 90 37.46 115.96 -44.32
N LYS FB 91 37.84 117.01 -43.61
CA LYS FB 91 37.46 117.10 -42.21
C LYS FB 91 36.03 117.59 -42.08
N ASN FB 92 35.43 117.29 -40.94
CA ASN FB 92 34.04 117.54 -40.66
C ASN FB 92 33.88 118.87 -39.93
N THR FB 93 33.67 119.93 -40.70
CA THR FB 93 33.41 121.21 -40.08
C THR FB 93 31.95 121.39 -39.73
N GLY FB 94 31.08 121.01 -40.63
CA GLY FB 94 29.67 121.29 -40.53
C GLY FB 94 29.01 120.54 -39.39
N PRO FB 95 27.83 121.00 -38.99
CA PRO FB 95 27.18 120.43 -37.81
C PRO FB 95 26.57 119.07 -38.04
N PHE FB 96 26.27 118.73 -39.25
CA PHE FB 96 25.45 117.56 -39.52
C PHE FB 96 26.34 116.34 -39.73
N PRO FB 97 26.07 115.23 -39.06
CA PRO FB 97 26.99 114.09 -39.12
C PRO FB 97 26.92 113.37 -40.46
N TRP FB 98 28.09 113.16 -41.05
CA TRP FB 98 28.22 112.45 -42.31
C TRP FB 98 27.92 110.97 -42.10
N GLU FB 99 27.36 110.34 -43.12
CA GLU FB 99 27.25 108.89 -43.17
C GLU FB 99 27.81 108.40 -44.49
N LYS FB 100 28.00 107.09 -44.60
CA LYS FB 100 28.66 106.52 -45.76
C LYS FB 100 27.70 106.51 -46.94
N GLY FB 101 28.25 106.66 -48.14
CA GLY FB 101 27.44 106.69 -49.32
C GLY FB 101 26.61 107.94 -49.51
N ASP FB 102 26.85 108.99 -48.74
CA ASP FB 102 26.11 110.23 -48.90
C ASP FB 102 26.74 111.07 -49.99
N THR FB 103 25.93 111.89 -50.63
CA THR FB 103 26.45 112.90 -51.53
C THR FB 103 26.67 114.19 -50.77
N LEU FB 104 27.76 114.88 -51.09
CA LEU FB 104 28.11 116.09 -50.37
C LEU FB 104 28.06 117.28 -51.29
N THR FB 105 27.80 118.45 -50.72
CA THR FB 105 27.78 119.66 -51.51
C THR FB 105 28.22 120.83 -50.65
N LEU FB 106 28.43 121.96 -51.30
CA LEU FB 106 28.94 123.16 -50.67
C LEU FB 106 27.81 124.16 -50.58
N ILE FB 107 27.48 124.58 -49.36
CA ILE FB 107 26.51 125.65 -49.21
C ILE FB 107 27.24 126.85 -48.63
N PRO FB 108 26.76 128.07 -48.87
CA PRO FB 108 27.36 129.23 -48.23
C PRO FB 108 27.15 129.16 -46.73
N PRO FB 109 28.09 129.67 -45.95
CA PRO FB 109 27.99 129.57 -44.49
C PRO FB 109 26.85 130.42 -43.95
N LEU FB 110 25.95 129.78 -43.21
CA LEU FB 110 24.69 130.44 -42.86
C LEU FB 110 24.89 131.43 -41.74
N SER FB 111 25.64 131.04 -40.70
CA SER FB 111 25.94 131.94 -39.60
C SER FB 111 27.19 132.72 -39.98
N THR FB 112 27.00 133.97 -40.36
CA THR FB 112 28.08 134.75 -40.97
C THR FB 112 28.84 135.50 -39.89
N HIS FB 113 28.15 136.37 -39.16
CA HIS FB 113 28.77 137.19 -38.15
C HIS FB 113 28.62 136.63 -36.75
N SER FB 114 27.86 135.55 -36.59
CA SER FB 114 27.82 134.85 -35.33
C SER FB 114 29.08 134.01 -35.11
N GLU FB 115 29.73 133.62 -36.20
CA GLU FB 115 30.91 132.78 -36.13
C GLU FB 115 32.06 133.52 -35.45
N GLU FB 116 32.81 132.78 -34.62
CA GLU FB 116 33.99 133.30 -33.94
C GLU FB 116 35.20 133.47 -34.84
N LYS FB 117 35.04 133.50 -36.16
CA LYS FB 117 36.05 133.97 -37.10
C LYS FB 117 37.34 133.17 -37.06
N LEU FB 118 37.30 131.94 -37.60
CA LEU FB 118 38.37 130.92 -37.63
C LEU FB 118 39.79 131.46 -37.73
N LEU FB 119 40.00 132.40 -38.65
CA LEU FB 119 41.14 133.29 -38.58
C LEU FB 119 40.63 134.70 -38.69
N LYS FB 120 41.18 135.60 -37.90
CA LYS FB 120 41.01 137.02 -38.16
C LYS FB 120 42.40 137.60 -38.26
N LEU FB 121 42.81 137.94 -39.48
CA LEU FB 121 44.14 138.47 -39.73
C LEU FB 121 43.98 139.86 -40.35
N GLY FB 122 43.77 140.85 -39.49
CA GLY FB 122 43.69 142.24 -39.91
C GLY FB 122 42.61 142.57 -40.92
N ASP FB 123 41.34 142.64 -40.47
CA ASP FB 123 40.11 142.97 -41.20
C ASP FB 123 39.68 141.83 -42.12
N TRP FB 124 40.51 140.80 -42.22
CA TRP FB 124 40.28 139.65 -43.06
C TRP FB 124 39.82 138.50 -42.18
N GLU FB 125 38.75 137.85 -42.56
CA GLU FB 125 38.40 136.58 -41.97
C GLU FB 125 38.47 135.52 -43.04
N LEU FB 126 38.52 134.27 -42.61
CA LEU FB 126 38.50 133.16 -43.54
C LEU FB 126 37.15 132.47 -43.41
N THR FB 127 36.36 132.55 -44.46
CA THR FB 127 35.05 131.92 -44.51
C THR FB 127 35.14 130.75 -45.45
N VAL FB 128 34.69 129.59 -44.98
CA VAL FB 128 34.64 128.41 -45.82
C VAL FB 128 33.17 128.14 -46.10
N PRO FB 129 32.83 127.51 -47.19
CA PRO FB 129 31.48 126.97 -47.35
C PRO FB 129 31.35 125.74 -46.50
N LEU FB 130 30.10 125.43 -46.15
CA LEU FB 130 29.83 124.25 -45.36
C LEU FB 130 29.59 123.06 -46.27
N VAL FB 131 30.38 122.01 -46.09
CA VAL FB 131 30.06 120.73 -46.69
C VAL FB 131 28.87 120.15 -45.96
N VAL FB 132 27.83 119.80 -46.71
CA VAL FB 132 26.62 119.32 -46.07
C VAL FB 132 26.00 118.27 -46.99
N PRO FB 133 25.31 117.27 -46.45
CA PRO FB 133 24.55 116.35 -47.28
C PRO FB 133 23.45 117.04 -48.07
N THR FB 134 23.07 116.36 -49.15
CA THR FB 134 22.31 117.02 -50.21
C THR FB 134 20.87 117.28 -49.79
N ALA FB 135 20.28 116.35 -49.04
CA ALA FB 135 18.91 116.53 -48.58
C ALA FB 135 18.81 117.73 -47.65
N ILE FB 136 19.82 117.91 -46.80
CA ILE FB 136 19.89 119.06 -45.94
C ILE FB 136 20.06 120.33 -46.75
N ALA FB 137 20.90 120.29 -47.78
CA ALA FB 137 21.15 121.50 -48.56
C ALA FB 137 19.90 121.99 -49.27
N ALA FB 138 19.13 121.06 -49.85
CA ALA FB 138 17.87 121.44 -50.44
C ALA FB 138 16.90 121.98 -49.41
N GLU FB 139 16.84 121.35 -48.23
CA GLU FB 139 15.92 121.79 -47.21
C GLU FB 139 16.28 123.17 -46.67
N ILE FB 140 17.58 123.43 -46.47
CA ILE FB 140 18.04 124.74 -46.03
C ILE FB 140 17.73 125.81 -47.06
N ASN FB 141 17.87 125.46 -48.34
CA ASN FB 141 17.52 126.40 -49.41
C ASN FB 141 16.05 126.78 -49.36
N ILE FB 142 15.17 125.80 -49.14
CA ILE FB 142 13.75 126.10 -49.12
C ILE FB 142 13.39 126.90 -47.86
N ARG FB 143 14.04 126.59 -46.73
CA ARG FB 143 13.79 127.37 -45.51
C ARG FB 143 14.20 128.81 -45.69
N LEU FB 144 15.33 129.05 -46.35
CA LEU FB 144 15.78 130.41 -46.57
C LEU FB 144 14.83 131.16 -47.48
N LEU FB 145 14.33 130.51 -48.54
CA LEU FB 145 13.40 131.20 -49.41
C LEU FB 145 12.08 131.50 -48.72
N CYS FB 146 11.65 130.64 -47.81
CA CYS FB 146 10.41 130.95 -47.07
C CYS FB 146 10.60 132.12 -46.11
N ILE FB 147 11.75 132.18 -45.42
CA ILE FB 147 12.01 133.31 -44.53
C ILE FB 147 12.14 134.59 -45.32
N GLY FB 148 12.86 134.53 -46.44
CA GLY FB 148 13.04 135.70 -47.27
C GLY FB 148 11.77 136.16 -47.95
N LEU FB 149 10.81 135.26 -48.15
CA LEU FB 149 9.49 135.71 -48.58
C LEU FB 149 8.72 136.36 -47.45
N ILE FB 150 8.54 135.66 -46.32
CA ILE FB 150 7.60 136.15 -45.32
C ILE FB 150 8.16 137.28 -44.47
N ALA FB 151 9.43 137.62 -44.60
CA ALA FB 151 9.94 138.77 -43.85
C ALA FB 151 9.48 140.08 -44.44
N VAL FB 152 8.96 140.07 -45.67
CA VAL FB 152 8.44 141.28 -46.27
C VAL FB 152 7.00 141.54 -45.80
N HIS FB 153 6.25 140.49 -45.52
CA HIS FB 153 4.88 140.66 -45.06
C HIS FB 153 4.84 141.21 -43.64
N ARG FB 154 3.84 142.06 -43.41
CA ARG FB 154 3.55 142.61 -42.10
C ARG FB 154 2.19 142.10 -41.63
N GLU FB 155 1.77 142.64 -40.48
CA GLU FB 155 0.54 142.34 -39.74
C GLU FB 155 0.18 140.86 -39.66
N TYR FB 156 1.19 140.00 -39.53
CA TYR FB 156 0.95 138.69 -38.95
C TYR FB 156 1.26 138.79 -37.47
N ASN FB 157 0.28 138.46 -36.64
CA ASN FB 157 0.49 138.55 -35.21
C ASN FB 157 1.29 137.36 -34.70
N GLU FB 158 1.45 136.34 -35.53
CA GLU FB 158 2.24 135.15 -35.28
C GLU FB 158 3.55 135.18 -36.04
N MET FB 159 4.03 136.38 -36.39
CA MET FB 159 5.21 136.49 -37.23
C MET FB 159 6.45 136.02 -36.49
N GLN FB 160 6.54 136.30 -35.20
CA GLN FB 160 7.72 135.88 -34.44
C GLN FB 160 7.76 134.37 -34.29
N THR FB 161 6.63 133.74 -33.99
CA THR FB 161 6.64 132.30 -33.84
C THR FB 161 6.75 131.59 -35.18
N ILE FB 162 6.29 132.19 -36.27
CA ILE FB 162 6.44 131.53 -37.56
C ILE FB 162 7.89 131.66 -38.05
N ILE FB 163 8.57 132.76 -37.73
CA ILE FB 163 9.98 132.87 -38.09
C ILE FB 163 10.81 131.92 -37.23
N ASP FB 164 10.46 131.78 -35.95
CA ASP FB 164 11.17 130.84 -35.08
C ASP FB 164 11.02 129.41 -35.56
N GLU FB 165 9.81 129.05 -35.98
CA GLU FB 165 9.59 127.71 -36.51
C GLU FB 165 10.32 127.49 -37.83
N LEU FB 166 10.42 128.52 -38.67
CA LEU FB 166 11.21 128.36 -39.89
C LEU FB 166 12.70 128.24 -39.60
N CYS FB 167 13.19 128.98 -38.61
CA CYS FB 167 14.63 128.96 -38.31
C CYS FB 167 15.06 127.66 -37.67
N SER FB 168 14.15 126.99 -36.96
CA SER FB 168 14.54 125.72 -36.34
C SER FB 168 14.45 124.61 -37.38
N ILE FB 169 15.59 124.04 -37.76
CA ILE FB 169 15.58 122.80 -38.53
C ILE FB 169 16.35 121.74 -37.76
N GLN FB 170 16.17 120.50 -38.17
CA GLN FB 170 16.73 119.37 -37.46
C GLN FB 170 17.02 118.24 -38.42
N TYR FB 171 18.17 117.59 -38.26
CA TYR FB 171 18.55 116.51 -39.16
C TYR FB 171 19.50 115.58 -38.43
N ARG FB 172 19.07 114.34 -38.21
CA ARG FB 172 19.84 113.31 -37.52
C ARG FB 172 20.35 113.82 -36.17
N ASP FB 173 19.41 114.32 -35.38
CA ASP FB 173 19.53 114.74 -33.99
C ASP FB 173 20.43 115.94 -33.77
N VAL FB 174 20.90 116.61 -34.81
CA VAL FB 174 21.60 117.87 -34.64
C VAL FB 174 20.63 118.98 -35.03
N LEU FB 175 20.14 119.72 -34.06
CA LEU FB 175 19.36 120.90 -34.39
C LEU FB 175 20.31 122.03 -34.73
N ILE FB 176 19.87 122.89 -35.62
CA ILE FB 176 20.57 124.13 -35.89
C ILE FB 176 19.51 125.20 -36.04
N LYS FB 177 19.88 126.43 -35.74
CA LYS FB 177 19.00 127.57 -35.91
C LYS FB 177 19.50 128.34 -37.11
N LEU FB 178 18.63 128.54 -38.07
CA LEU FB 178 18.97 129.42 -39.17
C LEU FB 178 19.06 130.82 -38.63
N PRO FB 179 20.20 131.49 -38.79
CA PRO FB 179 20.37 132.84 -38.26
C PRO FB 179 19.76 133.91 -39.14
N ASP FB 180 18.75 133.54 -39.92
CA ASP FB 180 18.05 134.52 -40.72
C ASP FB 180 16.90 134.94 -39.82
N ILE FB 181 16.94 136.19 -39.36
CA ILE FB 181 15.94 136.71 -38.45
C ILE FB 181 15.18 137.88 -39.07
N VAL FB 182 14.63 138.73 -38.20
CA VAL FB 182 13.88 139.88 -38.70
C VAL FB 182 14.91 140.95 -39.05
N ASN FB 183 15.68 140.63 -40.09
CA ASN FB 183 16.73 141.49 -40.63
C ASN FB 183 17.49 142.18 -39.51
N ASP FB 184 18.19 141.38 -38.72
CA ASP FB 184 19.14 141.86 -37.72
C ASP FB 184 20.52 142.12 -38.31
N LYS FB 185 20.63 142.16 -39.65
CA LYS FB 185 21.84 142.47 -40.42
C LYS FB 185 22.98 141.48 -40.22
N GLN FB 186 22.68 140.25 -39.82
CA GLN FB 186 23.72 139.23 -39.67
C GLN FB 186 23.97 138.49 -40.99
N SER FB 187 24.20 139.26 -42.05
CA SER FB 187 24.16 138.79 -43.44
C SER FB 187 22.89 137.99 -43.70
N MET FB 188 21.79 138.73 -43.61
CA MET FB 188 20.49 138.39 -44.14
C MET FB 188 20.55 137.69 -45.49
N TYR FB 189 21.41 138.22 -46.38
CA TYR FB 189 21.67 137.90 -47.79
C TYR FB 189 20.56 138.43 -48.69
N SER FB 190 19.42 138.73 -48.10
CA SER FB 190 18.32 139.56 -48.58
C SER FB 190 17.54 138.99 -49.75
N MET FB 191 18.10 138.03 -50.49
CA MET FB 191 17.50 137.10 -51.46
C MET FB 191 16.35 137.66 -52.30
N LYS FB 192 16.44 138.94 -52.60
CA LYS FB 192 15.30 139.66 -53.14
C LYS FB 192 15.17 139.37 -54.62
N THR FB 193 16.29 139.17 -55.30
CA THR FB 193 16.27 138.77 -56.70
C THR FB 193 15.58 137.42 -56.86
N ALA FB 194 15.86 136.49 -55.95
CA ALA FB 194 15.22 135.18 -56.00
C ALA FB 194 13.72 135.28 -55.72
N CYS FB 195 13.33 136.07 -54.73
CA CYS FB 195 11.93 136.16 -54.39
C CYS FB 195 11.13 136.87 -55.47
N ILE FB 196 11.69 137.94 -56.02
CA ILE FB 196 11.04 138.66 -57.13
C ILE FB 196 10.96 137.78 -58.36
N SER FB 197 11.97 136.94 -58.59
CA SER FB 197 11.95 136.04 -59.74
C SER FB 197 10.87 134.99 -59.59
N LEU FB 198 10.76 134.36 -58.42
CA LEU FB 198 9.72 133.37 -58.20
C LEU FB 198 8.33 133.98 -58.29
N SER FB 199 8.18 135.20 -57.77
CA SER FB 199 6.88 135.83 -57.85
C SER FB 199 6.53 136.24 -59.27
N MET FB 200 7.52 136.60 -60.08
CA MET FB 200 7.26 136.86 -61.50
C MET FB 200 6.85 135.60 -62.23
N ILE FB 201 7.47 134.47 -61.90
CA ILE FB 201 7.06 133.20 -62.51
C ILE FB 201 5.61 132.90 -62.19
N THR FB 202 5.27 132.92 -60.90
CA THR FB 202 3.93 132.55 -60.48
C THR FB 202 2.88 133.56 -60.88
N ALA FB 203 3.26 134.80 -61.12
CA ALA FB 203 2.24 135.73 -61.58
C ALA FB 203 2.07 135.67 -63.08
N MET FB 204 3.16 135.54 -63.83
CA MET FB 204 3.05 135.59 -65.27
C MET FB 204 2.65 134.27 -65.89
N ALA FB 205 2.66 133.18 -65.10
CA ALA FB 205 2.37 131.85 -65.67
C ALA FB 205 0.99 131.68 -66.29
N PRO FB 206 -0.15 132.03 -65.64
CA PRO FB 206 -1.44 131.68 -66.25
C PRO FB 206 -1.72 132.40 -67.54
N ASP FB 207 -1.12 133.57 -67.75
CA ASP FB 207 -1.38 134.29 -68.99
C ASP FB 207 -0.68 133.63 -70.15
N ILE FB 208 0.55 133.19 -69.94
CA ILE FB 208 1.33 132.56 -71.00
C ILE FB 208 0.73 131.21 -71.35
N VAL FB 209 0.37 130.44 -70.34
CA VAL FB 209 -0.22 129.15 -70.63
C VAL FB 209 -1.62 129.34 -71.19
N ARG FB 210 -2.31 130.43 -70.85
CA ARG FB 210 -3.64 130.67 -71.36
C ARG FB 210 -3.60 131.09 -72.81
N THR FB 211 -2.67 131.98 -73.15
CA THR FB 211 -2.52 132.43 -74.52
C THR FB 211 -2.02 131.34 -75.44
N TYR FB 212 -1.19 130.43 -74.93
CA TYR FB 212 -0.82 129.32 -75.79
C TYR FB 212 -1.97 128.33 -75.93
N ILE FB 213 -2.63 127.99 -74.84
CA ILE FB 213 -3.65 126.95 -74.85
C ILE FB 213 -4.93 127.39 -75.54
N ASP FB 214 -5.18 128.69 -75.67
CA ASP FB 214 -6.35 129.19 -76.39
C ASP FB 214 -6.18 129.14 -77.90
N ARG FB 215 -5.27 128.33 -78.42
CA ARG FB 215 -4.87 128.45 -79.81
C ARG FB 215 -4.45 127.08 -80.31
N LEU FB 216 -4.95 126.73 -81.50
CA LEU FB 216 -4.59 125.53 -82.25
C LEU FB 216 -4.87 124.25 -81.46
N THR FB 217 -6.17 123.99 -81.27
CA THR FB 217 -6.67 122.70 -80.85
C THR FB 217 -7.71 122.19 -81.84
N LEU FB 218 -7.51 122.50 -83.13
CA LEU FB 218 -8.37 121.96 -84.18
C LEU FB 218 -8.31 120.45 -84.21
N GLU FB 219 -7.12 119.89 -84.00
CA GLU FB 219 -6.91 118.46 -83.88
C GLU FB 219 -7.18 118.00 -82.46
N ASP FB 220 -6.68 116.82 -82.14
CA ASP FB 220 -6.74 116.29 -80.79
C ASP FB 220 -5.29 116.17 -80.32
N HIS FB 221 -4.79 117.31 -79.80
CA HIS FB 221 -3.63 117.25 -78.94
C HIS FB 221 -3.92 116.37 -77.74
N SER FB 222 -4.95 116.72 -76.99
CA SER FB 222 -5.72 115.82 -76.16
C SER FB 222 -4.98 115.22 -74.97
N MET FB 223 -3.71 115.49 -74.82
CA MET FB 223 -3.06 115.22 -73.55
C MET FB 223 -2.67 116.51 -72.85
N LEU FB 224 -2.68 117.61 -73.58
CA LEU FB 224 -2.23 118.90 -73.11
C LEU FB 224 -3.37 119.84 -72.78
N LEU FB 225 -4.33 119.99 -73.69
CA LEU FB 225 -5.31 121.06 -73.63
C LEU FB 225 -6.20 120.93 -72.40
N ILE FB 226 -6.87 119.78 -72.27
CA ILE FB 226 -7.77 119.56 -71.17
C ILE FB 226 -7.05 119.30 -69.86
N LYS FB 227 -5.81 118.79 -69.89
CA LYS FB 227 -5.00 118.76 -68.68
C LYS FB 227 -4.74 120.17 -68.18
N CYS FB 228 -4.44 121.07 -69.10
CA CYS FB 228 -4.23 122.45 -68.72
C CYS FB 228 -5.51 123.12 -68.25
N GLN FB 229 -6.65 122.79 -68.85
CA GLN FB 229 -7.92 123.35 -68.40
C GLN FB 229 -8.21 122.96 -66.98
N GLU FB 230 -7.98 121.68 -66.65
CA GLU FB 230 -8.16 121.20 -65.28
C GLU FB 230 -7.21 121.92 -64.33
N LEU FB 231 -5.93 121.97 -64.69
CA LEU FB 231 -4.90 122.56 -63.84
C LEU FB 231 -5.13 124.04 -63.61
N LEU FB 232 -5.46 124.78 -64.66
CA LEU FB 232 -5.58 126.22 -64.63
C LEU FB 232 -6.95 126.66 -64.12
N SER FB 233 -7.92 125.75 -64.07
CA SER FB 233 -9.22 126.12 -63.58
C SER FB 233 -9.44 125.69 -62.15
N LYS FB 234 -8.56 124.86 -61.59
CA LYS FB 234 -8.78 124.44 -60.21
C LYS FB 234 -8.50 125.59 -59.25
N ARG FB 235 -7.48 126.42 -59.52
CA ARG FB 235 -7.12 127.46 -58.57
C ARG FB 235 -8.18 128.53 -58.38
N THR FB 236 -8.30 129.46 -59.32
CA THR FB 236 -9.47 130.34 -59.29
C THR FB 236 -9.89 130.74 -60.69
N THR FB 237 -9.02 130.47 -61.68
CA THR FB 237 -9.07 130.85 -63.10
C THR FB 237 -9.72 132.20 -63.37
N LEU FB 238 -9.34 133.23 -62.60
CA LEU FB 238 -10.06 134.49 -62.59
C LEU FB 238 -9.70 135.22 -63.87
N SER FB 239 -10.53 135.02 -64.89
CA SER FB 239 -10.19 135.20 -66.29
C SER FB 239 -9.90 136.66 -66.66
N THR FB 240 -9.51 136.84 -67.91
CA THR FB 240 -8.86 137.98 -68.56
C THR FB 240 -9.70 139.23 -68.68
N GLN FB 241 -10.91 139.35 -68.17
CA GLN FB 241 -11.77 140.49 -68.50
C GLN FB 241 -11.85 141.48 -67.33
N ARG FB 242 -12.85 142.35 -67.42
CA ARG FB 242 -13.41 143.20 -66.37
C ARG FB 242 -12.53 144.42 -66.07
N CYS FB 243 -11.26 144.41 -66.49
CA CYS FB 243 -10.43 145.62 -66.53
C CYS FB 243 -9.66 145.74 -67.84
N GLY FB 244 -9.18 144.64 -68.40
CA GLY FB 244 -8.21 144.70 -69.47
C GLY FB 244 -8.47 143.87 -70.70
N GLN FB 245 -9.74 143.66 -71.03
CA GLN FB 245 -10.12 143.11 -72.32
C GLN FB 245 -10.32 144.20 -73.38
N LEU FB 246 -9.83 145.41 -73.11
CA LEU FB 246 -9.98 146.50 -74.08
C LEU FB 246 -9.06 146.33 -75.26
N HIS FB 247 -7.80 145.91 -75.03
CA HIS FB 247 -6.87 145.48 -76.06
C HIS FB 247 -6.41 144.08 -75.70
N ALA FB 248 -6.95 143.07 -76.36
CA ALA FB 248 -6.83 141.69 -75.86
C ALA FB 248 -5.46 141.08 -76.20
N THR FB 249 -4.88 141.44 -77.36
CA THR FB 249 -3.74 140.67 -77.87
C THR FB 249 -2.75 141.52 -78.65
N ASP FB 250 -1.50 141.39 -78.26
CA ASP FB 250 -0.37 142.05 -78.90
C ASP FB 250 0.84 141.13 -78.75
N ILE FB 251 1.24 140.49 -79.85
CA ILE FB 251 2.29 139.49 -79.76
C ILE FB 251 3.65 140.13 -79.55
N LYS FB 252 3.79 141.43 -79.86
CA LYS FB 252 4.92 142.22 -79.43
C LYS FB 252 5.12 142.19 -77.93
N ASP FB 253 4.03 142.16 -77.17
CA ASP FB 253 4.07 142.09 -75.71
C ASP FB 253 4.12 140.65 -75.21
N GLU FB 254 3.43 139.74 -75.91
CA GLU FB 254 3.45 138.33 -75.54
C GLU FB 254 4.87 137.77 -75.66
N LEU FB 255 5.59 138.23 -76.69
CA LEU FB 255 7.00 137.96 -76.86
C LEU FB 255 7.79 138.36 -75.63
N LYS FB 256 7.51 139.55 -75.11
CA LYS FB 256 8.20 140.08 -73.95
C LYS FB 256 7.86 139.25 -72.72
N LYS FB 257 6.62 138.77 -72.63
CA LYS FB 257 6.18 137.94 -71.52
C LYS FB 257 6.95 136.62 -71.48
N ILE FB 258 6.96 135.87 -72.59
CA ILE FB 258 7.64 134.58 -72.63
C ILE FB 258 9.15 134.75 -72.47
N LYS FB 259 9.72 135.72 -73.16
CA LYS FB 259 11.17 135.92 -73.12
C LYS FB 259 11.63 136.31 -71.72
N SER FB 260 10.86 137.17 -71.04
CA SER FB 260 11.22 137.54 -69.67
C SER FB 260 11.01 136.40 -68.70
N VAL FB 261 9.93 135.63 -68.86
CA VAL FB 261 9.65 134.56 -67.90
C VAL FB 261 10.62 133.41 -68.08
N LEU FB 262 11.26 133.28 -69.24
CA LEU FB 262 12.30 132.28 -69.37
C LEU FB 262 13.66 132.82 -69.01
N THR FB 263 13.88 134.13 -69.11
CA THR FB 263 15.13 134.69 -68.65
C THR FB 263 15.21 134.65 -67.12
N MET FB 264 14.07 134.79 -66.45
CA MET FB 264 14.05 134.66 -64.99
C MET FB 264 14.49 133.28 -64.54
N ILE FB 265 14.16 132.25 -65.32
CA ILE FB 265 14.50 130.90 -64.92
C ILE FB 265 16.00 130.66 -65.08
N ASP FB 266 16.59 131.16 -66.15
CA ASP FB 266 18.04 131.01 -66.25
C ASP FB 266 18.79 131.94 -65.31
N GLN FB 267 18.15 132.98 -64.78
CA GLN FB 267 18.78 133.66 -63.67
C GLN FB 267 18.71 132.83 -62.39
N ILE FB 268 17.64 132.07 -62.21
CA ILE FB 268 17.44 131.38 -60.95
C ILE FB 268 17.97 129.94 -61.05
N ASN FB 269 18.67 129.67 -62.15
CA ASN FB 269 19.41 128.42 -62.37
C ASN FB 269 20.31 128.00 -61.21
N SER FB 270 20.80 128.95 -60.41
CA SER FB 270 21.60 128.56 -59.26
C SER FB 270 20.74 127.93 -58.17
N LEU FB 271 19.54 128.44 -57.94
CA LEU FB 271 18.66 127.81 -56.97
C LEU FB 271 17.94 126.60 -57.55
N THR FB 272 18.06 126.41 -58.86
CA THR FB 272 17.54 125.21 -59.50
C THR FB 272 18.21 123.95 -58.96
N ASN FB 273 19.52 123.81 -59.14
CA ASN FB 273 20.20 122.57 -58.89
C ASN FB 273 21.20 122.72 -57.77
N GLU FB 274 21.52 121.61 -57.14
CA GLU FB 274 22.64 121.54 -56.23
C GLU FB 274 23.51 120.37 -56.65
N LYS FB 275 24.71 120.66 -57.10
CA LYS FB 275 25.55 119.59 -57.59
C LYS FB 275 26.29 118.93 -56.45
N THR FB 276 26.56 117.65 -56.64
CA THR FB 276 27.17 116.84 -55.60
C THR FB 276 28.67 116.87 -55.77
N TYR FB 277 29.35 117.64 -54.93
CA TYR FB 277 30.79 117.77 -55.10
C TYR FB 277 31.54 116.53 -54.61
N PHE FB 278 31.03 115.85 -53.61
CA PHE FB 278 31.77 114.73 -53.06
C PHE FB 278 30.81 113.59 -52.76
N VAL FB 279 31.29 112.37 -52.93
CA VAL FB 279 30.58 111.18 -52.52
C VAL FB 279 31.43 110.48 -51.48
N VAL FB 280 30.96 110.46 -50.24
CA VAL FB 280 31.77 109.94 -49.15
C VAL FB 280 31.71 108.43 -49.12
N CYS FB 281 32.87 107.79 -49.16
CA CYS FB 281 32.90 106.33 -49.21
C CYS FB 281 32.97 105.74 -47.80
N ASP FB 282 33.92 106.17 -46.98
CA ASP FB 282 33.88 105.79 -45.57
C ASP FB 282 34.17 106.95 -44.64
N VAL FB 283 33.66 106.84 -43.42
CA VAL FB 283 33.73 107.89 -42.43
C VAL FB 283 34.57 107.38 -41.27
N SER FB 284 35.49 108.21 -40.79
CA SER FB 284 36.36 107.79 -39.71
C SER FB 284 35.58 107.65 -38.41
N ALA FB 285 36.18 106.94 -37.46
CA ALA FB 285 35.59 106.82 -36.14
C ALA FB 285 35.65 108.17 -35.43
N ASP FB 286 34.68 108.38 -34.55
CA ASP FB 286 34.36 109.63 -33.86
C ASP FB 286 33.95 110.74 -34.80
N ASN FB 287 33.73 110.42 -36.08
CA ASN FB 287 33.21 111.33 -37.12
C ASN FB 287 34.05 112.60 -37.23
N ARG FB 288 35.37 112.43 -37.25
CA ARG FB 288 36.23 113.59 -37.36
C ARG FB 288 36.42 114.00 -38.80
N MET FB 289 36.76 113.06 -39.66
CA MET FB 289 36.95 113.34 -41.07
C MET FB 289 36.46 112.14 -41.85
N ALA FB 290 36.45 112.27 -43.17
CA ALA FB 290 35.87 111.25 -44.01
C ALA FB 290 36.63 111.19 -45.32
N THR FB 291 36.93 109.98 -45.75
CA THR FB 291 37.49 109.78 -47.07
C THR FB 291 36.34 109.77 -48.05
N CYS FB 292 36.37 110.69 -48.99
CA CYS FB 292 35.36 110.78 -50.02
C CYS FB 292 36.03 110.67 -51.36
N ILE FB 293 35.23 110.73 -52.42
CA ILE FB 293 35.76 110.84 -53.78
C ILE FB 293 35.17 112.11 -54.39
N TYR FB 294 35.90 112.69 -55.32
CA TYR FB 294 35.55 114.00 -55.85
C TYR FB 294 34.88 113.88 -57.20
N LYS FB 295 33.73 114.54 -57.36
CA LYS FB 295 33.01 114.57 -58.62
C LYS FB 295 32.48 115.97 -58.85
N ASN FB 296 32.43 116.36 -60.13
CA ASN FB 296 31.98 117.67 -60.60
C ASN FB 296 32.73 118.83 -59.92
N GLU GB 2 67.39 19.69 101.81
CA GLU GB 2 67.97 20.16 103.06
C GLU GB 2 67.60 19.24 104.21
N THR GB 3 68.57 18.91 105.06
CA THR GB 3 68.35 18.03 106.19
C THR GB 3 68.56 18.80 107.49
N VAL GB 4 68.21 18.14 108.59
CA VAL GB 4 68.22 18.71 109.93
C VAL GB 4 68.82 17.69 110.88
N TYR GB 5 69.83 18.10 111.65
CA TYR GB 5 70.43 17.23 112.65
C TYR GB 5 69.80 17.53 114.00
N CYS GB 6 69.26 16.50 114.66
CA CYS GB 6 68.76 16.64 116.01
C CYS GB 6 69.66 15.87 116.98
N THR GB 7 70.21 16.59 117.95
CA THR GB 7 71.04 16.01 118.97
C THR GB 7 70.23 15.93 120.26
N PHE GB 8 70.19 14.74 120.86
CA PHE GB 8 69.44 14.55 122.08
C PHE GB 8 70.12 15.26 123.25
N ASP GB 9 69.33 15.51 124.29
CA ASP GB 9 69.76 16.21 125.48
C ASP GB 9 70.26 15.28 126.57
N HIS GB 10 69.52 14.23 126.89
CA HIS GB 10 69.93 13.29 127.91
C HIS GB 10 70.68 12.13 127.28
N LYS GB 11 71.02 11.14 128.10
CA LYS GB 11 71.55 9.89 127.59
C LYS GB 11 70.41 9.01 127.10
N LEU GB 12 70.76 8.01 126.31
CA LEU GB 12 69.77 7.10 125.75
C LEU GB 12 70.07 5.66 126.14
N SER GB 13 69.01 4.89 126.39
CA SER GB 13 69.16 3.48 126.63
C SER GB 13 69.34 2.73 125.30
N LEU GB 14 69.82 1.50 125.40
CA LEU GB 14 69.90 0.63 124.23
C LEU GB 14 68.51 0.30 123.71
N SER GB 15 67.55 0.12 124.62
CA SER GB 15 66.16 -0.08 124.21
C SER GB 15 65.58 1.15 123.53
N ASP GB 16 66.06 2.34 123.93
CA ASP GB 16 65.63 3.56 123.26
C ASP GB 16 66.23 3.66 121.87
N ILE GB 17 67.50 3.26 121.71
CA ILE GB 17 68.12 3.23 120.39
C ILE GB 17 67.42 2.22 119.49
N SER GB 18 66.99 1.09 120.08
CA SER GB 18 66.21 0.12 119.34
C SER GB 18 64.83 0.66 118.97
N THR GB 19 64.23 1.49 119.83
CA THR GB 19 62.97 2.14 119.48
C THR GB 19 63.14 3.10 118.31
N LEU GB 20 64.23 3.86 118.30
CA LEU GB 20 64.56 4.72 117.17
C LEU GB 20 64.79 3.91 115.89
N CYS GB 21 65.42 2.75 116.02
CA CYS GB 21 65.62 1.89 114.86
C CYS GB 21 64.33 1.25 114.39
N LYS GB 22 63.37 1.06 115.29
CA LYS GB 22 62.03 0.68 114.86
C LYS GB 22 61.33 1.82 114.14
N LEU GB 23 61.57 3.04 114.59
CA LEU GB 23 60.86 4.21 114.08
C LEU GB 23 61.70 5.06 113.15
N MET GB 24 62.64 4.45 112.41
CA MET GB 24 63.55 5.22 111.56
C MET GB 24 62.87 5.96 110.41
N ASN GB 25 61.60 5.70 110.12
CA ASN GB 25 60.82 6.52 109.19
C ASN GB 25 59.52 6.90 109.88
N ILE GB 26 59.30 8.19 110.10
CA ILE GB 26 58.09 8.68 110.74
C ILE GB 26 58.00 10.16 110.41
N VAL GB 27 56.82 10.72 110.51
CA VAL GB 27 56.67 12.17 110.41
C VAL GB 27 56.86 12.75 111.80
N ILE GB 28 57.52 13.89 111.87
CA ILE GB 28 57.69 14.65 113.10
C ILE GB 28 57.39 16.10 112.72
N PRO GB 29 56.59 16.82 113.49
CA PRO GB 29 56.44 18.25 113.26
C PRO GB 29 57.54 19.02 113.97
N ILE GB 30 57.92 20.13 113.37
CA ILE GB 30 59.03 20.94 113.85
C ILE GB 30 58.61 22.40 113.82
N PRO GB 31 58.75 23.13 114.94
CA PRO GB 31 58.31 24.53 114.97
C PRO GB 31 59.14 25.47 114.13
N ALA GB 32 60.46 25.42 114.30
CA ALA GB 32 61.35 26.40 113.68
C ALA GB 32 62.07 25.76 112.49
N HIS GB 33 61.94 26.39 111.33
CA HIS GB 33 62.66 26.00 110.13
C HIS GB 33 64.13 26.38 110.33
N HIS GB 34 64.85 25.52 111.04
CA HIS GB 34 66.11 25.86 111.68
C HIS GB 34 66.97 24.61 111.68
N HIS GB 35 68.26 24.77 111.39
CA HIS GB 35 69.05 23.62 110.96
C HIS GB 35 69.51 22.74 112.11
N LEU GB 36 69.76 23.28 113.29
CA LEU GB 36 70.24 22.49 114.42
C LEU GB 36 69.24 22.61 115.57
N ILE GB 37 68.62 21.48 115.92
CA ILE GB 37 67.47 21.46 116.82
C ILE GB 37 67.75 20.51 117.96
N GLY GB 38 67.48 20.96 119.19
CA GLY GB 38 67.54 20.06 120.31
C GLY GB 38 66.29 19.21 120.44
N SER GB 39 66.45 18.08 121.13
CA SER GB 39 65.32 17.19 121.37
C SER GB 39 64.31 17.79 122.34
N GLY GB 40 64.69 18.84 123.08
CA GLY GB 40 63.70 19.57 123.84
C GLY GB 40 62.71 20.31 122.97
N ASN GB 41 63.10 20.65 121.75
CA ASN GB 41 62.20 21.29 120.79
C ASN GB 41 61.71 20.34 119.72
N LEU GB 42 62.25 19.13 119.67
CA LEU GB 42 61.72 18.12 118.76
C LEU GB 42 60.34 17.67 119.21
N GLY GB 43 59.47 17.40 118.25
CA GLY GB 43 58.19 16.78 118.53
C GLY GB 43 57.07 17.76 118.78
N LEU GB 44 55.95 17.20 119.24
CA LEU GB 44 54.72 17.95 119.44
C LEU GB 44 54.37 18.13 120.90
N TYR GB 45 54.93 17.30 121.78
CA TYR GB 45 54.77 17.47 123.23
C TYR GB 45 55.25 18.80 123.82
N PRO GB 46 56.19 19.55 123.24
CA PRO GB 46 56.36 20.94 123.72
C PRO GB 46 55.14 21.83 123.50
N ILE GB 47 54.24 21.49 122.59
CA ILE GB 47 53.07 22.29 122.31
C ILE GB 47 51.82 21.73 122.96
N VAL GB 48 51.52 20.45 122.73
CA VAL GB 48 50.43 19.82 123.47
C VAL GB 48 50.85 19.64 124.93
N SER GB 49 49.86 19.54 125.81
CA SER GB 49 50.03 19.30 127.26
C SER GB 49 50.83 20.40 127.95
N SER GB 50 50.97 21.56 127.31
CA SER GB 50 51.60 22.72 127.92
C SER GB 50 50.89 24.00 127.54
N ASN GB 51 49.85 23.94 126.72
CA ASN GB 51 49.27 25.12 126.07
C ASN GB 51 47.78 24.86 125.90
N LYS GB 52 47.15 25.62 125.00
CA LYS GB 52 45.73 25.52 124.68
C LYS GB 52 45.42 24.14 124.07
N ASP GB 53 44.14 23.80 123.95
CA ASP GB 53 43.71 22.44 123.70
C ASP GB 53 42.72 22.40 122.54
N TYR GB 54 43.14 21.75 121.46
CA TYR GB 54 42.51 21.32 120.21
C TYR GB 54 42.24 22.38 119.16
N VAL GB 55 42.05 23.63 119.51
CA VAL GB 55 41.83 24.61 118.45
C VAL GB 55 43.15 25.21 118.02
N HIS GB 56 43.90 25.69 119.02
CA HIS GB 56 45.31 26.01 118.85
C HIS GB 56 46.11 24.81 118.38
N ILE GB 57 45.74 23.59 118.81
CA ILE GB 57 46.47 22.40 118.39
C ILE GB 57 46.25 22.11 116.92
N ARG GB 58 45.01 22.23 116.44
CA ARG GB 58 44.75 22.01 115.02
C ARG GB 58 45.39 23.10 114.17
N ASN GB 59 45.35 24.34 114.65
CA ASN GB 59 46.00 25.45 113.95
C ASN GB 59 47.52 25.26 113.85
N VAL GB 60 48.15 24.92 114.97
CA VAL GB 60 49.60 24.78 115.00
C VAL GB 60 50.04 23.56 114.20
N LEU GB 61 49.28 22.46 114.28
CA LEU GB 61 49.60 21.29 113.46
C LEU GB 61 49.43 21.59 111.96
N ARG GB 62 48.54 22.51 111.62
CA ARG GB 62 48.51 23.00 110.24
C ARG GB 62 49.76 23.81 109.91
N THR GB 63 50.25 24.62 110.85
CA THR GB 63 51.29 25.59 110.51
C THR GB 63 52.72 25.12 110.77
N MET GB 64 52.94 23.97 111.39
CA MET GB 64 54.31 23.55 111.66
C MET GB 64 54.95 22.96 110.41
N VAL GB 65 56.25 22.70 110.51
CA VAL GB 65 56.99 22.10 109.40
C VAL GB 65 56.98 20.58 109.59
N VAL GB 66 56.34 19.87 108.67
CA VAL GB 66 56.42 18.41 108.69
C VAL GB 66 57.82 18.02 108.22
N THR GB 67 58.37 16.96 108.81
CA THR GB 67 59.73 16.53 108.49
C THR GB 67 59.85 15.05 108.85
N ILE GB 68 60.42 14.24 107.96
CA ILE GB 68 60.43 12.80 108.22
C ILE GB 68 61.82 12.35 108.65
N LEU GB 69 61.86 11.34 109.52
CA LEU GB 69 63.13 10.73 109.90
C LEU GB 69 63.71 9.95 108.73
N GLN GB 70 65.03 10.04 108.57
CA GLN GB 70 65.71 9.34 107.49
C GLN GB 70 66.68 8.30 108.01
N LYS GB 71 67.61 8.67 108.88
CA LYS GB 71 68.68 7.79 109.31
C LYS GB 71 69.13 8.21 110.69
N VAL GB 72 69.48 7.24 111.52
CA VAL GB 72 69.93 7.51 112.88
C VAL GB 72 71.41 7.18 112.95
N GLU GB 73 72.22 8.17 113.33
CA GLU GB 73 73.64 7.98 113.58
C GLU GB 73 73.86 7.44 114.99
N GLY GB 74 75.08 7.57 115.50
CA GLY GB 74 75.39 7.08 116.83
C GLY GB 74 74.53 7.71 117.91
N ASN GB 75 74.32 9.02 117.84
CA ASN GB 75 73.39 9.66 118.77
C ASN GB 75 72.58 10.78 118.10
N GLN GB 76 72.70 10.99 116.81
CA GLN GB 76 72.00 12.08 116.17
C GLN GB 76 70.91 11.58 115.25
N LEU GB 77 69.92 12.43 115.03
CA LEU GB 77 68.81 12.15 114.13
C LEU GB 77 68.97 12.95 112.86
N VAL GB 78 68.91 12.27 111.73
CA VAL GB 78 68.84 12.93 110.44
C VAL GB 78 67.37 13.05 110.04
N LEU GB 79 66.92 14.28 109.86
CA LEU GB 79 65.54 14.60 109.52
C LEU GB 79 65.51 15.32 108.19
N ARG GB 80 64.86 14.74 107.20
CA ARG GB 80 64.78 15.41 105.92
C ARG GB 80 63.40 16.03 105.76
N LYS GB 81 63.38 17.29 105.38
CA LYS GB 81 62.10 17.97 105.19
C LYS GB 81 61.62 17.74 103.77
N PRO GB 82 60.32 17.59 103.57
CA PRO GB 82 59.82 17.21 102.25
C PRO GB 82 59.71 18.38 101.28
N MET GB 83 60.06 18.10 100.03
CA MET GB 83 59.83 19.00 98.92
C MET GB 83 58.53 18.63 98.22
N THR GB 84 57.78 19.63 97.78
CA THR GB 84 56.50 19.36 97.14
C THR GB 84 56.70 18.77 95.76
N GLY GB 85 55.80 17.87 95.38
CA GLY GB 85 55.86 17.26 94.06
C GLY GB 85 56.82 16.10 93.93
N GLN GB 86 57.51 15.73 94.99
CA GLN GB 86 58.39 14.57 94.96
C GLN GB 86 57.88 13.53 95.94
N GLN GB 87 58.35 12.31 95.76
CA GLN GB 87 57.94 11.19 96.58
C GLN GB 87 58.74 11.23 97.88
N TYR GB 88 58.18 10.61 98.93
CA TYR GB 88 58.91 10.25 100.15
C TYR GB 88 58.37 8.91 100.63
N ALA GB 89 58.79 8.47 101.82
CA ALA GB 89 58.40 7.16 102.33
C ALA GB 89 58.05 7.23 103.81
N ILE GB 90 56.92 6.62 104.19
CA ILE GB 90 56.35 6.74 105.53
C ILE GB 90 56.09 5.35 106.10
N LYS GB 91 56.52 5.12 107.34
CA LYS GB 91 56.20 3.87 108.02
C LYS GB 91 54.85 4.00 108.72
N ASN GB 92 54.21 2.87 108.98
CA ASN GB 92 52.82 2.84 109.38
C ASN GB 92 52.62 2.80 110.88
N THR GB 93 52.45 3.98 111.48
CA THR GB 93 52.27 4.08 112.92
C THR GB 93 50.81 3.90 113.33
N GLY GB 94 49.91 4.52 112.58
CA GLY GB 94 48.50 4.51 112.91
C GLY GB 94 47.88 3.14 112.72
N PRO GB 95 46.73 2.92 113.35
CA PRO GB 95 46.10 1.60 113.24
C PRO GB 95 45.37 1.39 111.93
N PHE GB 96 44.98 2.47 111.28
CA PHE GB 96 44.10 2.40 110.13
C PHE GB 96 44.89 2.05 108.88
N PRO GB 97 44.48 1.04 108.10
CA PRO GB 97 45.33 0.51 107.03
C PRO GB 97 45.39 1.44 105.82
N TRP GB 98 46.62 1.77 105.43
CA TRP GB 98 46.90 2.50 104.21
C TRP GB 98 46.50 1.65 103.00
N GLU GB 99 45.94 2.29 101.98
CA GLU GB 99 45.71 1.66 100.69
C GLU GB 99 46.17 2.64 99.61
N LYS GB 100 46.25 2.12 98.39
CA LYS GB 100 46.85 2.88 97.30
C LYS GB 100 45.94 4.01 96.84
N GLY GB 101 46.56 5.09 96.38
CA GLY GB 101 45.82 6.24 95.89
C GLY GB 101 45.07 7.03 96.94
N ASP GB 102 45.39 6.84 98.21
CA ASP GB 102 44.68 7.55 99.27
C ASP GB 102 45.33 8.89 99.54
N THR GB 103 44.51 9.86 99.90
CA THR GB 103 45.04 11.09 100.47
C THR GB 103 45.28 10.89 101.96
N LEU GB 104 46.30 11.54 102.47
CA LEU GB 104 46.69 11.39 103.86
C LEU GB 104 46.83 12.76 104.50
N THR GB 105 46.59 12.81 105.80
CA THR GB 105 46.66 14.06 106.53
C THR GB 105 47.14 13.76 107.95
N LEU GB 106 47.33 14.83 108.71
CA LEU GB 106 47.84 14.77 110.08
C LEU GB 106 46.74 15.19 111.04
N ILE GB 107 46.35 14.28 111.92
CA ILE GB 107 45.45 14.67 113.01
C ILE GB 107 46.25 14.70 114.30
N PRO GB 108 45.85 15.50 115.29
CA PRO GB 108 46.50 15.43 116.59
C PRO GB 108 46.24 14.09 117.24
N PRO GB 109 47.17 13.58 118.04
CA PRO GB 109 47.03 12.22 118.56
C PRO GB 109 45.94 12.12 119.59
N LEU GB 110 45.33 10.95 119.63
CA LEU GB 110 44.26 10.69 120.57
C LEU GB 110 44.86 10.49 121.95
N SER GB 111 44.06 10.75 122.98
CA SER GB 111 44.52 10.75 124.36
C SER GB 111 44.77 9.34 124.84
N THR GB 112 45.95 8.80 124.57
CA THR GB 112 46.26 7.43 124.92
C THR GB 112 47.51 7.42 125.80
N HIS GB 113 47.31 7.01 127.05
CA HIS GB 113 48.41 6.86 127.99
C HIS GB 113 48.99 5.43 127.88
N SER GB 114 48.32 4.58 127.11
CA SER GB 114 48.72 3.19 126.87
C SER GB 114 49.54 3.06 125.60
N GLU GB 115 49.85 4.22 124.99
CA GLU GB 115 50.63 4.31 123.75
C GLU GB 115 52.13 4.02 123.88
N GLU GB 116 52.62 3.97 125.13
CA GLU GB 116 54.00 3.72 125.55
C GLU GB 116 54.93 4.91 125.33
N LYS GB 117 54.33 6.06 125.07
CA LYS GB 117 55.08 7.31 124.91
C LYS GB 117 56.45 7.13 124.29
N LEU GB 118 56.52 6.85 122.99
CA LEU GB 118 57.63 6.16 122.29
C LEU GB 118 59.06 6.43 122.79
N LEU GB 119 59.34 7.69 123.13
CA LEU GB 119 60.46 8.03 124.01
C LEU GB 119 59.92 8.83 125.18
N LYS GB 120 60.39 8.52 126.39
CA LYS GB 120 60.06 9.33 127.56
C LYS GB 120 61.38 9.62 128.26
N LEU GB 121 61.95 10.78 127.96
CA LEU GB 121 63.34 11.08 128.29
C LEU GB 121 63.36 12.25 129.28
N GLY GB 122 63.25 11.93 130.57
CA GLY GB 122 63.35 12.88 131.65
C GLY GB 122 62.39 14.05 131.56
N ASP GB 123 61.08 13.76 131.75
CA ASP GB 123 59.95 14.68 131.74
C ASP GB 123 59.62 15.17 130.32
N TRP GB 124 60.47 14.89 129.34
CA TRP GB 124 60.14 15.11 127.94
C TRP GB 124 59.69 13.80 127.33
N GLU GB 125 58.67 13.87 126.48
CA GLU GB 125 58.24 12.68 125.77
C GLU GB 125 58.01 13.03 124.31
N LEU GB 126 57.92 12.00 123.47
CA LEU GB 126 57.81 12.18 122.04
C LEU GB 126 56.37 11.87 121.62
N THR GB 127 55.70 12.86 121.03
CA THR GB 127 54.34 12.70 120.52
C THR GB 127 54.32 13.02 119.05
N VAL GB 128 53.67 12.16 118.26
CA VAL GB 128 53.58 12.37 116.82
C VAL GB 128 52.14 12.63 116.44
N PRO GB 129 51.88 13.35 115.36
CA PRO GB 129 50.53 13.37 114.81
C PRO GB 129 50.28 12.09 114.03
N LEU GB 130 49.02 11.70 113.96
CA LEU GB 130 48.66 10.48 113.28
C LEU GB 130 48.47 10.77 111.79
N VAL GB 131 49.21 10.06 110.96
CA VAL GB 131 48.93 10.03 109.53
C VAL GB 131 47.69 9.18 109.31
N VAL GB 132 46.69 9.76 108.67
CA VAL GB 132 45.40 9.10 108.59
C VAL GB 132 44.73 9.51 107.29
N PRO GB 133 43.94 8.64 106.67
CA PRO GB 133 43.14 9.05 105.51
C PRO GB 133 42.13 10.13 105.83
N THR GB 134 41.76 10.85 104.76
CA THR GB 134 41.05 12.11 104.88
C THR GB 134 39.60 11.90 105.33
N ALA GB 135 38.96 10.84 104.83
CA ALA GB 135 37.60 10.53 105.25
C ALA GB 135 37.52 10.20 106.73
N ILE GB 136 38.55 9.52 107.24
CA ILE GB 136 38.63 9.27 108.67
C ILE GB 136 38.86 10.56 109.42
N ALA GB 137 39.69 11.46 108.87
CA ALA GB 137 39.98 12.72 109.56
C ALA GB 137 38.73 13.56 109.74
N ALA GB 138 37.90 13.60 108.70
CA ALA GB 138 36.58 14.22 108.82
C ALA GB 138 35.71 13.51 109.84
N GLU GB 139 35.70 12.17 109.82
CA GLU GB 139 34.84 11.42 110.74
C GLU GB 139 35.29 11.59 112.20
N ILE GB 140 36.60 11.56 112.45
CA ILE GB 140 37.12 11.75 113.79
C ILE GB 140 36.86 13.15 114.29
N ASN GB 141 36.98 14.16 113.41
CA ASN GB 141 36.66 15.53 113.77
C ASN GB 141 35.21 15.66 114.19
N ILE GB 142 34.30 15.01 113.45
CA ILE GB 142 32.88 15.13 113.77
C ILE GB 142 32.54 14.38 115.05
N ARG GB 143 33.13 13.19 115.26
CA ARG GB 143 32.88 12.45 116.50
C ARG GB 143 33.40 13.19 117.71
N LEU GB 144 34.59 13.80 117.58
CA LEU GB 144 35.15 14.58 118.68
C LEU GB 144 34.27 15.76 119.02
N LEU GB 145 33.78 16.48 117.99
CA LEU GB 145 32.88 17.60 118.24
C LEU GB 145 31.57 17.15 118.87
N CYS GB 146 31.06 15.98 118.49
CA CYS GB 146 29.83 15.48 119.10
C CYS GB 146 30.03 15.14 120.57
N ILE GB 147 31.18 14.54 120.91
CA ILE GB 147 31.49 14.23 122.30
C ILE GB 147 31.62 15.52 123.11
N GLY GB 148 32.33 16.51 122.56
CA GLY GB 148 32.48 17.78 123.24
C GLY GB 148 31.22 18.59 123.36
N LEU GB 149 30.24 18.36 122.48
CA LEU GB 149 28.96 19.03 122.62
C LEU GB 149 28.09 18.34 123.66
N ILE GB 150 27.96 17.01 123.61
CA ILE GB 150 27.04 16.36 124.54
C ILE GB 150 27.64 16.10 125.91
N ALA GB 151 28.94 16.35 126.11
CA ALA GB 151 29.52 16.13 127.43
C ALA GB 151 29.09 17.18 128.45
N VAL GB 152 28.59 18.31 127.99
CA VAL GB 152 28.22 19.42 128.86
C VAL GB 152 26.79 19.29 129.34
N HIS GB 153 25.95 18.66 128.53
CA HIS GB 153 24.59 18.33 128.91
C HIS GB 153 24.53 17.35 130.08
N ARG GB 154 23.52 17.51 130.91
CA ARG GB 154 23.24 16.61 132.03
C ARG GB 154 21.93 15.89 131.84
N GLU GB 155 21.57 15.12 132.88
CA GLU GB 155 20.32 14.38 133.07
C GLU GB 155 19.78 13.66 131.84
N TYR GB 156 20.66 13.10 131.02
CA TYR GB 156 20.25 12.10 130.05
C TYR GB 156 20.54 10.74 130.62
N ASN GB 157 19.51 9.89 130.70
CA ASN GB 157 19.66 8.58 131.31
C ASN GB 157 20.34 7.59 130.38
N GLU GB 158 20.54 7.95 129.12
CA GLU GB 158 21.21 7.13 128.13
C GLU GB 158 22.60 7.66 127.80
N MET GB 159 23.18 8.47 128.71
CA MET GB 159 24.38 9.23 128.40
C MET GB 159 25.59 8.33 128.20
N GLN GB 160 25.69 7.27 129.01
CA GLN GB 160 26.84 6.37 128.91
C GLN GB 160 26.82 5.59 127.60
N THR GB 161 25.66 5.04 127.23
CA THR GB 161 25.61 4.27 126.00
C THR GB 161 25.68 5.17 124.76
N ILE GB 162 25.24 6.43 124.86
CA ILE GB 162 25.37 7.27 123.68
C ILE GB 162 26.80 7.78 123.53
N ILE GB 163 27.54 7.97 124.64
CA ILE GB 163 28.96 8.28 124.54
C ILE GB 163 29.73 7.09 124.00
N ASP GB 164 29.33 5.86 124.36
CA ASP GB 164 30.01 4.69 123.82
C ASP GB 164 29.74 4.52 122.33
N GLU GB 165 28.49 4.73 121.90
CA GLU GB 165 28.18 4.67 120.48
C GLU GB 165 28.80 5.81 119.69
N LEU GB 166 29.14 6.93 120.34
CA LEU GB 166 30.01 7.92 119.73
C LEU GB 166 31.45 7.47 119.63
N CYS GB 167 32.01 6.92 120.70
CA CYS GB 167 33.45 6.65 120.74
C CYS GB 167 33.82 5.48 119.84
N SER GB 168 32.92 4.53 119.63
CA SER GB 168 33.23 3.39 118.79
C SER GB 168 33.09 3.78 117.32
N ILE GB 169 34.21 3.85 116.61
CA ILE GB 169 34.20 4.04 115.17
C ILE GB 169 34.88 2.83 114.55
N GLN GB 170 34.54 2.53 113.31
CA GLN GB 170 35.10 1.40 112.60
C GLN GB 170 35.36 1.79 111.17
N TYR GB 171 36.51 1.40 110.64
CA TYR GB 171 36.87 1.77 109.28
C TYR GB 171 37.83 0.71 108.74
N ARG GB 172 37.35 -0.03 107.72
CA ARG GB 172 38.06 -1.16 107.11
C ARG GB 172 38.55 -2.15 108.16
N ASP GB 173 37.60 -2.60 108.98
CA ASP GB 173 37.69 -3.68 109.96
C ASP GB 173 38.62 -3.39 111.13
N VAL GB 174 39.21 -2.20 111.21
CA VAL GB 174 40.08 -1.85 112.33
C VAL GB 174 39.28 -0.93 113.24
N LEU GB 175 38.91 -1.44 114.41
CA LEU GB 175 38.19 -0.62 115.38
C LEU GB 175 39.16 0.21 116.19
N ILE GB 176 38.65 1.31 116.73
CA ILE GB 176 39.35 2.11 117.72
C ILE GB 176 38.28 2.75 118.59
N LYS GB 177 38.63 3.02 119.84
CA LYS GB 177 37.75 3.76 120.73
C LYS GB 177 38.32 5.15 120.92
N LEU GB 178 37.51 6.16 120.68
CA LEU GB 178 37.93 7.51 120.95
C LEU GB 178 38.05 7.71 122.45
N PRO GB 179 39.20 8.15 122.95
CA PRO GB 179 39.43 8.18 124.39
C PRO GB 179 38.66 9.26 125.13
N ASP GB 180 37.96 10.14 124.42
CA ASP GB 180 37.09 11.11 125.07
C ASP GB 180 35.80 10.41 125.50
N ILE GB 181 35.96 9.59 126.53
CA ILE GB 181 34.97 8.97 127.38
C ILE GB 181 34.58 10.00 128.43
N VAL GB 182 33.93 9.58 129.51
CA VAL GB 182 33.06 10.27 130.47
C VAL GB 182 33.45 11.70 130.91
N ASN GB 183 34.59 12.23 130.39
CA ASN GB 183 35.51 13.29 130.80
C ASN GB 183 36.42 12.86 131.94
N ASP GB 184 37.23 11.84 131.63
CA ASP GB 184 38.37 11.43 132.44
C ASP GB 184 39.38 12.57 132.64
N LYS GB 185 39.40 13.55 131.72
CA LYS GB 185 40.28 14.73 131.73
C LYS GB 185 41.74 14.36 131.57
N GLN GB 186 42.04 13.17 131.07
CA GLN GB 186 43.42 12.78 130.82
C GLN GB 186 44.01 13.62 129.68
N SER GB 187 43.35 13.61 128.52
CA SER GB 187 43.47 14.71 127.56
C SER GB 187 42.12 14.79 126.85
N MET GB 188 41.22 15.59 127.40
CA MET GB 188 39.93 15.74 126.76
C MET GB 188 40.04 16.60 125.50
N TYR GB 189 40.94 17.59 125.54
CA TYR GB 189 41.22 18.69 124.60
C TYR GB 189 40.12 19.75 124.64
N SER GB 190 39.01 19.45 125.31
CA SER GB 190 38.03 20.36 125.90
C SER GB 190 37.22 21.20 124.91
N MET GB 191 37.75 21.41 123.68
CA MET GB 191 37.17 22.00 122.48
C MET GB 191 36.16 23.12 122.70
N LYS GB 192 36.36 23.91 123.76
CA LYS GB 192 35.29 24.75 124.27
C LYS GB 192 35.14 25.98 123.40
N THR GB 193 36.25 26.54 122.94
CA THR GB 193 36.22 27.66 122.00
C THR GB 193 35.58 27.24 120.69
N ALA GB 194 35.87 26.02 120.23
CA ALA GB 194 35.26 25.51 119.01
C ALA GB 194 33.76 25.36 119.15
N CYS GB 195 33.30 24.81 120.28
CA CYS GB 195 31.88 24.57 120.46
C CYS GB 195 31.11 25.87 120.65
N ILE GB 196 31.69 26.82 121.40
CA ILE GB 196 31.09 28.15 121.55
C ILE GB 196 31.01 28.84 120.19
N SER GB 197 32.05 28.69 119.37
CA SER GB 197 32.05 29.35 118.06
C SER GB 197 31.00 28.77 117.13
N LEU GB 198 30.89 27.43 117.09
CA LEU GB 198 29.85 26.76 116.33
C LEU GB 198 28.46 27.18 116.76
N SER GB 199 28.24 27.30 118.07
CA SER GB 199 26.90 27.61 118.48
C SER GB 199 26.59 29.08 118.35
N MET GB 200 27.60 29.94 118.37
CA MET GB 200 27.35 31.34 118.00
C MET GB 200 27.02 31.49 116.54
N ILE GB 201 27.62 30.67 115.68
CA ILE GB 201 27.20 30.66 114.28
C ILE GB 201 25.74 30.25 114.15
N THR GB 202 25.38 29.13 114.75
CA THR GB 202 24.02 28.62 114.61
C THR GB 202 22.97 29.43 115.35
N ALA GB 203 23.37 30.31 116.27
CA ALA GB 203 22.41 31.20 116.90
C ALA GB 203 22.31 32.54 116.21
N MET GB 204 23.44 33.11 115.79
CA MET GB 204 23.42 34.45 115.21
C MET GB 204 23.05 34.46 113.75
N ALA GB 205 23.26 33.34 113.05
CA ALA GB 205 22.96 33.26 111.62
C ALA GB 205 21.52 33.60 111.21
N PRO GB 206 20.51 33.03 111.89
CA PRO GB 206 19.13 33.32 111.51
C PRO GB 206 18.75 34.80 111.66
N ASP GB 207 19.18 35.44 112.73
CA ASP GB 207 18.86 36.85 112.96
C ASP GB 207 19.48 37.78 111.92
N ILE GB 208 20.73 37.48 111.54
CA ILE GB 208 21.46 38.26 110.58
C ILE GB 208 20.88 38.04 109.19
N VAL GB 209 20.52 36.79 108.89
CA VAL GB 209 19.97 36.55 107.57
C VAL GB 209 18.58 37.18 107.49
N ARG GB 210 17.79 37.17 108.59
CA ARG GB 210 16.45 37.76 108.55
C ARG GB 210 16.50 39.27 108.40
N THR GB 211 17.45 39.92 109.07
CA THR GB 211 17.66 41.35 108.86
C THR GB 211 18.01 41.65 107.42
N TYR GB 212 18.93 40.87 106.84
CA TYR GB 212 19.27 41.02 105.43
C TYR GB 212 18.06 40.76 104.54
N ILE GB 213 17.18 39.84 104.95
CA ILE GB 213 16.02 39.46 104.15
C ILE GB 213 14.96 40.57 104.12
N ASP GB 214 15.03 41.53 105.03
CA ASP GB 214 14.08 42.64 104.92
C ASP GB 214 14.43 43.59 103.77
N ARG GB 215 15.71 43.92 103.61
CA ARG GB 215 16.15 44.89 102.62
C ARG GB 215 16.72 44.16 101.41
N LEU GB 216 16.94 44.96 100.34
CA LEU GB 216 17.44 44.52 99.01
C LEU GB 216 16.90 43.17 98.60
N THR GB 217 15.58 43.11 98.61
CA THR GB 217 14.85 42.07 97.91
C THR GB 217 13.42 42.45 97.59
N LEU GB 218 13.13 42.78 96.34
CA LEU GB 218 11.74 42.87 95.94
C LEU GB 218 11.54 42.41 94.52
N GLU GB 219 12.55 42.59 93.65
CA GLU GB 219 12.45 42.21 92.25
C GLU GB 219 13.53 41.22 91.80
N ASP GB 220 14.81 41.57 92.03
CA ASP GB 220 15.99 40.88 91.48
C ASP GB 220 16.52 39.83 92.45
N HIS GB 221 16.28 40.03 93.73
CA HIS GB 221 16.66 39.05 94.74
C HIS GB 221 15.50 38.08 94.89
N SER GB 222 15.34 37.37 93.81
CA SER GB 222 14.24 36.48 93.63
C SER GB 222 14.62 35.07 94.07
N MET GB 223 15.61 34.46 93.42
CA MET GB 223 16.22 33.20 93.83
C MET GB 223 16.73 33.20 95.25
N LEU GB 224 17.00 34.37 95.83
CA LEU GB 224 17.50 34.53 97.19
C LEU GB 224 16.40 34.59 98.24
N LEU GB 225 15.44 35.50 98.05
CA LEU GB 225 14.44 35.86 99.05
C LEU GB 225 13.62 34.67 99.49
N ILE GB 226 12.88 34.09 98.56
CA ILE GB 226 11.83 33.17 98.94
C ILE GB 226 12.41 31.80 99.23
N LYS GB 227 13.56 31.51 98.63
CA LYS GB 227 14.35 30.37 99.07
C LYS GB 227 14.78 30.55 100.52
N CYS GB 228 15.20 31.75 100.92
CA CYS GB 228 15.54 31.94 102.32
C CYS GB 228 14.31 31.95 103.21
N GLN GB 229 13.16 32.40 102.67
CA GLN GB 229 11.89 32.29 103.35
C GLN GB 229 11.57 30.84 103.65
N GLU GB 230 11.86 29.95 102.69
CA GLU GB 230 11.60 28.54 102.90
C GLU GB 230 12.59 27.91 103.86
N LEU GB 231 13.88 28.19 103.72
CA LEU GB 231 14.81 27.58 104.65
C LEU GB 231 14.53 28.05 106.07
N LEU GB 232 14.30 29.35 106.23
CA LEU GB 232 13.98 29.93 107.54
C LEU GB 232 12.62 29.46 108.06
N SER GB 233 11.65 29.40 107.15
CA SER GB 233 10.28 29.01 107.46
C SER GB 233 10.07 27.56 107.86
N LYS GB 234 10.75 26.65 107.18
CA LYS GB 234 10.60 25.22 107.44
C LYS GB 234 10.96 24.92 108.89
N ARG GB 235 12.21 25.21 109.26
CA ARG GB 235 12.67 24.93 110.62
C ARG GB 235 12.12 25.91 111.62
N THR GB 236 12.48 27.20 111.50
CA THR GB 236 12.02 28.22 112.42
C THR GB 236 10.63 28.71 112.03
N THR GB 237 9.67 27.79 112.02
CA THR GB 237 8.30 28.07 111.61
C THR GB 237 7.63 29.06 112.56
N LEU GB 238 8.05 29.09 113.82
CA LEU GB 238 7.43 29.94 114.84
C LEU GB 238 8.48 30.83 115.46
N SER GB 239 8.98 31.81 114.69
CA SER GB 239 10.04 32.69 115.18
C SER GB 239 9.42 33.97 115.70
N THR GB 240 10.28 34.88 116.16
CA THR GB 240 9.93 36.18 116.74
C THR GB 240 8.91 36.08 117.88
N GLN GB 241 9.23 35.31 118.94
CA GLN GB 241 8.27 35.16 120.03
C GLN GB 241 8.37 36.28 121.05
N ARG GB 242 9.50 36.95 121.14
CA ARG GB 242 9.63 38.13 121.99
C ARG GB 242 9.52 39.42 121.21
N CYS GB 243 8.98 39.36 120.00
CA CYS GB 243 8.96 40.50 119.10
C CYS GB 243 7.98 41.58 119.52
N GLY GB 244 7.76 42.50 118.60
CA GLY GB 244 6.94 43.67 118.82
C GLY GB 244 7.67 44.85 119.44
N GLN GB 245 8.81 44.64 120.08
CA GLN GB 245 9.58 45.73 120.65
C GLN GB 245 10.97 45.54 120.06
N LEU GB 246 10.96 44.90 118.89
CA LEU GB 246 12.17 44.40 118.24
C LEU GB 246 12.26 44.99 116.84
N HIS GB 247 12.85 44.26 115.86
CA HIS GB 247 12.89 44.54 114.40
C HIS GB 247 13.37 45.95 114.13
N ALA GB 248 14.39 46.31 114.90
CA ALA GB 248 14.99 47.62 114.89
C ALA GB 248 16.36 47.31 114.36
N THR GB 249 17.21 48.31 114.21
CA THR GB 249 18.64 48.11 114.12
C THR GB 249 19.35 49.43 114.38
N ASP GB 250 20.10 49.50 115.47
CA ASP GB 250 21.03 50.59 115.65
C ASP GB 250 22.23 50.26 114.80
N ILE GB 251 22.16 50.49 113.48
CA ILE GB 251 22.91 49.87 112.38
C ILE GB 251 24.34 49.45 112.73
N LYS GB 252 25.02 50.23 113.57
CA LYS GB 252 26.22 49.77 114.29
C LYS GB 252 26.01 48.42 115.01
N ASP GB 253 24.80 48.17 115.53
CA ASP GB 253 24.51 46.89 116.19
C ASP GB 253 24.53 45.73 115.20
N GLU GB 254 23.86 45.90 114.06
CA GLU GB 254 23.89 44.90 113.00
C GLU GB 254 25.30 44.73 112.46
N LEU GB 255 26.05 45.83 112.42
CA LEU GB 255 27.45 45.82 112.04
C LEU GB 255 28.26 44.93 112.96
N LYS GB 256 28.03 45.06 114.28
CA LYS GB 256 28.73 44.23 115.25
C LYS GB 256 28.32 42.78 115.13
N LYS GB 257 27.05 42.52 114.75
CA LYS GB 257 26.57 41.15 114.56
C LYS GB 257 27.32 40.47 113.42
N ILE GB 258 27.31 41.10 112.24
CA ILE GB 258 27.97 40.50 111.07
C ILE GB 258 29.47 40.39 111.29
N LYS GB 259 30.07 41.40 111.95
CA LYS GB 259 31.50 41.37 112.21
C LYS GB 259 31.88 40.22 113.14
N SER GB 260 31.08 39.98 114.18
CA SER GB 260 31.38 38.87 115.08
C SER GB 260 31.11 37.52 114.44
N VAL GB 261 30.03 37.41 113.66
CA VAL GB 261 29.69 36.11 113.07
C VAL GB 261 30.65 35.75 111.95
N LEU GB 262 31.31 36.74 111.34
CA LEU GB 262 32.35 36.43 110.38
C LEU GB 262 33.70 36.29 111.04
N THR GB 263 33.88 36.86 112.24
CA THR GB 263 35.06 36.58 113.03
C THR GB 263 35.12 35.12 113.44
N MET GB 264 33.97 34.57 113.88
CA MET GB 264 33.93 33.19 114.38
C MET GB 264 34.27 32.16 113.31
N ILE GB 265 33.98 32.47 112.05
CA ILE GB 265 34.26 31.52 110.97
C ILE GB 265 35.75 31.41 110.71
N ASP GB 266 36.45 32.53 110.69
CA ASP GB 266 37.90 32.44 110.57
C ASP GB 266 38.57 32.04 111.86
N GLN GB 267 37.85 32.05 112.98
CA GLN GB 267 38.39 31.37 114.16
C GLN GB 267 38.28 29.84 114.01
N ILE GB 268 37.21 29.35 113.37
CA ILE GB 268 36.96 27.91 113.24
C ILE GB 268 37.52 27.40 111.90
N ASN GB 269 38.31 28.27 111.27
CA ASN GB 269 39.14 27.92 110.11
C ASN GB 269 40.00 26.67 110.31
N SER GB 270 40.39 26.36 111.55
CA SER GB 270 41.21 25.17 111.75
C SER GB 270 40.41 23.89 111.55
N LEU GB 271 39.14 23.88 111.92
CA LEU GB 271 38.27 22.76 111.64
C LEU GB 271 37.66 22.82 110.25
N THR GB 272 37.94 23.90 109.49
CA THR GB 272 37.39 23.99 108.14
C THR GB 272 37.91 22.89 107.21
N ASN GB 273 39.21 22.91 106.90
CA ASN GB 273 39.75 22.04 105.86
C ASN GB 273 40.76 21.07 106.45
N GLU GB 274 41.05 20.00 105.71
CA GLU GB 274 42.15 19.11 106.06
C GLU GB 274 42.94 18.85 104.78
N LYS GB 275 44.14 19.43 104.74
CA LYS GB 275 44.93 19.37 103.52
C LYS GB 275 45.57 17.99 103.37
N THR GB 276 45.82 17.63 102.12
CA THR GB 276 46.40 16.33 101.79
C THR GB 276 47.90 16.48 101.90
N TYR GB 277 48.46 16.06 103.04
CA TYR GB 277 49.90 16.15 103.21
C TYR GB 277 50.62 15.13 102.34
N PHE GB 278 50.05 13.95 102.19
CA PHE GB 278 50.70 12.89 101.44
C PHE GB 278 49.68 12.17 100.58
N VAL GB 279 50.07 11.85 99.36
CA VAL GB 279 49.26 11.03 98.46
C VAL GB 279 50.03 9.74 98.26
N VAL GB 280 49.59 8.67 98.89
CA VAL GB 280 50.29 7.39 98.80
C VAL GB 280 50.01 6.73 97.47
N CYS GB 281 51.07 6.35 96.76
CA CYS GB 281 50.90 5.70 95.46
C CYS GB 281 50.96 4.18 95.58
N ASP GB 282 52.04 3.63 96.11
CA ASP GB 282 52.11 2.20 96.35
C ASP GB 282 52.32 1.91 97.82
N VAL GB 283 51.92 0.72 98.23
CA VAL GB 283 52.03 0.24 99.61
C VAL GB 283 52.83 -1.05 99.58
N SER GB 284 53.84 -1.15 100.45
CA SER GB 284 54.61 -2.37 100.55
C SER GB 284 53.78 -3.48 101.17
N ALA GB 285 54.30 -4.71 101.05
CA ALA GB 285 53.62 -5.87 101.59
C ALA GB 285 53.60 -5.83 103.12
N ASP GB 286 52.60 -6.51 103.68
CA ASP GB 286 52.30 -6.63 105.11
C ASP GB 286 51.92 -5.32 105.77
N ASN GB 287 51.75 -4.24 105.00
CA ASN GB 287 51.38 -2.90 105.47
C ASN GB 287 52.34 -2.41 106.56
N ARG GB 288 53.64 -2.47 106.26
CA ARG GB 288 54.64 -1.95 107.18
C ARG GB 288 54.98 -0.50 106.89
N MET GB 289 55.26 -0.18 105.64
CA MET GB 289 55.50 1.18 105.22
C MET GB 289 54.97 1.35 103.80
N ALA GB 290 54.86 2.61 103.40
CA ALA GB 290 54.34 2.93 102.08
C ALA GB 290 55.10 4.09 101.49
N THR GB 291 55.35 4.03 100.19
CA THR GB 291 56.00 5.12 99.49
C THR GB 291 54.94 6.03 98.90
N CYS GB 292 54.95 7.28 99.33
CA CYS GB 292 53.94 8.28 99.01
C CYS GB 292 54.59 9.41 98.23
N ILE GB 293 53.77 10.39 97.84
CA ILE GB 293 54.30 11.64 97.32
C ILE GB 293 53.82 12.75 98.23
N TYR GB 294 54.57 13.85 98.27
CA TYR GB 294 54.31 14.93 99.21
C TYR GB 294 53.63 16.10 98.52
N LYS GB 295 52.58 16.61 99.14
CA LYS GB 295 51.88 17.80 98.68
C LYS GB 295 51.52 18.68 99.86
N ASN GB 296 51.47 19.99 99.60
CA ASN GB 296 51.04 21.02 100.56
C ASN GB 296 51.87 20.99 101.84
#